data_8UEJ
#
_entry.id   8UEJ
#
_cell.length_a   1.00
_cell.length_b   1.00
_cell.length_c   1.00
_cell.angle_alpha   90.00
_cell.angle_beta   90.00
_cell.angle_gamma   90.00
#
_symmetry.space_group_name_H-M   'P 1'
#
loop_
_entity.id
_entity.type
_entity.pdbx_description
1 polymer 'Coat protein'
2 polymer 'Maturation protein'
3 non-polymer 'CALCIUM ION'
#
loop_
_entity_poly.entity_id
_entity_poly.type
_entity_poly.pdbx_seq_one_letter_code
_entity_poly.pdbx_strand_id
1 'polypeptide(L)'
;ALGDTLTITLGGSGGTAKVLRKINQDGYTSEYYLPETSSSFRAKVRHTKESVKPNQVQYERHNVEFTETVYASGSTPEFV
RQAYVVIRHKVGDVSATVSDLGEALSFYLNEALYGKLIGWES
;
AA,AB,AC,AG,AH,AI,AM,AN,AO,AS,AT,AU,AY,AZ,BA,BE,BF,BG,BK,BL,BM,BQ,BR,BS,BW,BX,BY,CC,CD,CE,CI,CJ,CK,CO,CP,CQ,CU,CV,CW,DA,DB,DC,DG,DH,DI,DM,DN,DO,DS,DT,DU,DY,DZ,EA,EE,EF,EG,EK,EL,EM,EQ,ER,ES,EW,EX,EY,FC,FD,FE,FI,FJ,FK,FO,FP,FQ,FU,FV,FW,GA,GB,GC,GG,GH,GI,GM,GN,GO,GS,GT,GU,GY,GZ,HC,HD,HE,HI,HJ,HK,HO,HP,HQ,HU,HV,HW,IA,IB,IC,IG,IH,II,IM,IN,IO,IS,IT,IU,IY,IZ,JA,JE,JF,JG,JK,JL,JM,JQ,JR,JS,JW,JX,JY,KC,KD,KE,KI,KJ,KK,KO,KP,KQ,KU,KV,KW,LA,LB,LC,LG,LH,LI,LM,LN,LO,LS,LT,LU,LY,LZ,MA,ME,MF,MG,MK,ML,MM,MQ,MR,MS,MW,MX,NA,NB,NC,NG,NH,NI,NM,NN,NO
2 'polypeptide(L)'
;MARIRNRSSIASSGMSTFYLFGTPIVNEEIIVRNTEWCSDVIGNPGDNPLDIHKQEWTIKPLSGQIIFGSGTYRSLQCPP
EYCRGASLSHLSLPSQSGLGTTALARTNPSRPAFNLPAFIGELRDLPRMFKIAGDTMLRKGANAFLSYQFGWKPLISDIS
KALDFSATVRTRSDEWHRLYSNGGLKRRINLGVDIEQKKENDVVLHSSNGFVVASHTVITVRKTWATVRWRPDAGSLPPI
TKSSSEKHARALLGLGVGGLIEGAWQLMPWSWMVDWFGNVGTFLQASNNTIGASPGLVNIMTTTTTNHQFSVKRDLSDGW
IKGGDCSATVTSKARSQSSGPTITASIPNLSGRQLSILGALGIQRVPRHLLR
;
M
#
loop_
_chem_comp.id
_chem_comp.type
_chem_comp.name
_chem_comp.formula
CA non-polymer 'CALCIUM ION' 'Ca 2'
#
# COMPACT_ATOMS: atom_id res chain seq x y z
N ALA A 1 110.11 -76.84 2.06
CA ALA A 1 110.66 -78.16 2.51
C ALA A 1 110.24 -78.48 3.94
N LEU A 2 111.17 -78.43 4.89
CA LEU A 2 110.95 -78.79 6.28
C LEU A 2 110.56 -80.26 6.45
N GLY A 3 110.61 -81.05 5.39
CA GLY A 3 110.13 -82.42 5.45
C GLY A 3 108.62 -82.48 5.57
N ASP A 4 108.03 -83.61 5.17
CA ASP A 4 106.59 -83.77 5.29
C ASP A 4 106.16 -84.26 6.67
N THR A 5 107.10 -84.51 7.58
CA THR A 5 106.78 -84.81 8.97
C THR A 5 107.46 -83.81 9.88
N LEU A 6 106.74 -83.40 10.93
CA LEU A 6 107.25 -82.49 11.95
C LEU A 6 107.20 -83.22 13.27
N THR A 7 108.34 -83.27 13.96
CA THR A 7 108.47 -84.01 15.22
C THR A 7 108.57 -83.00 16.36
N ILE A 8 107.60 -83.04 17.27
CA ILE A 8 107.59 -82.20 18.45
C ILE A 8 107.80 -83.10 19.66
N THR A 9 108.93 -82.91 20.34
CA THR A 9 109.29 -83.74 21.50
C THR A 9 108.87 -82.98 22.76
N LEU A 10 107.57 -83.01 23.04
CA LEU A 10 107.05 -82.22 24.14
C LEU A 10 107.64 -82.73 25.45
N GLY A 11 107.99 -81.79 26.33
CA GLY A 11 108.73 -82.10 27.53
C GLY A 11 110.23 -81.89 27.43
N GLY A 12 110.69 -81.17 26.40
CA GLY A 12 112.10 -80.91 26.24
C GLY A 12 112.86 -82.15 25.79
N SER A 13 114.19 -82.03 25.85
CA SER A 13 115.03 -83.14 25.44
C SER A 13 114.82 -84.34 26.36
N GLY A 14 114.69 -85.52 25.76
CA GLY A 14 114.43 -86.73 26.49
C GLY A 14 112.98 -87.03 26.77
N GLY A 15 112.04 -86.23 26.25
CA GLY A 15 110.63 -86.39 26.52
C GLY A 15 109.95 -87.33 25.54
N THR A 16 108.62 -87.30 25.57
CA THR A 16 107.81 -88.04 24.63
C THR A 16 107.84 -87.39 23.25
N ALA A 17 107.91 -88.23 22.22
CA ALA A 17 107.93 -87.77 20.84
C ALA A 17 106.55 -87.90 20.21
N LYS A 18 106.12 -86.84 19.55
CA LYS A 18 104.89 -86.83 18.75
C LYS A 18 105.24 -86.47 17.32
N VAL A 19 104.61 -87.15 16.36
CA VAL A 19 104.86 -86.95 14.94
C VAL A 19 103.62 -86.31 14.32
N LEU A 20 103.84 -85.33 13.47
CA LEU A 20 102.75 -84.64 12.79
C LEU A 20 102.94 -84.79 11.28
N ARG A 21 101.84 -84.75 10.54
CA ARG A 21 101.84 -84.94 9.09
C ARG A 21 101.33 -83.69 8.40
N LYS A 22 101.88 -83.40 7.22
CA LYS A 22 101.45 -82.25 6.44
C LYS A 22 100.03 -82.47 5.91
N ILE A 23 99.30 -81.38 5.73
CA ILE A 23 97.91 -81.45 5.30
C ILE A 23 97.75 -80.71 3.97
N ASN A 24 97.91 -79.39 4.01
CA ASN A 24 97.78 -78.53 2.85
C ASN A 24 98.92 -77.52 2.84
N GLN A 25 98.93 -76.68 1.80
CA GLN A 25 99.91 -75.61 1.69
C GLN A 25 99.25 -74.46 0.93
N ASP A 26 98.74 -73.48 1.66
CA ASP A 26 98.07 -72.33 1.06
C ASP A 26 98.64 -71.03 1.62
N GLY A 27 98.79 -70.05 0.73
CA GLY A 27 99.16 -68.71 1.15
C GLY A 27 100.47 -68.62 1.90
N TYR A 28 101.47 -69.37 1.45
CA TYR A 28 102.78 -69.37 2.11
C TYR A 28 102.63 -69.84 3.56
N THR A 29 101.77 -70.83 3.77
CA THR A 29 101.49 -71.37 5.09
C THR A 29 101.45 -72.88 5.01
N SER A 30 101.55 -73.52 6.17
CA SER A 30 101.41 -74.97 6.29
C SER A 30 100.97 -75.30 7.71
N GLU A 31 100.33 -76.45 7.87
CA GLU A 31 100.05 -76.98 9.19
C GLU A 31 100.13 -78.50 9.18
N TYR A 32 100.48 -79.06 10.35
CA TYR A 32 100.67 -80.50 10.51
C TYR A 32 99.71 -81.01 11.57
N TYR A 33 99.31 -82.29 11.46
CA TYR A 33 98.15 -82.79 12.19
C TYR A 33 98.37 -84.22 12.69
N LEU A 34 97.80 -84.52 13.87
CA LEU A 34 97.81 -85.88 14.44
C LEU A 34 96.64 -86.07 15.41
N PRO A 35 95.73 -87.02 15.16
CA PRO A 35 94.61 -87.23 16.09
C PRO A 35 94.90 -88.30 17.15
N GLU A 36 94.41 -88.03 18.36
CA GLU A 36 94.45 -88.97 19.46
C GLU A 36 93.02 -89.29 19.91
N THR A 37 92.91 -90.20 20.88
CA THR A 37 91.58 -90.56 21.38
C THR A 37 90.96 -89.45 22.21
N SER A 38 91.78 -88.69 22.96
CA SER A 38 91.27 -87.63 23.81
C SER A 38 91.79 -86.25 23.47
N SER A 39 92.62 -86.10 22.44
CA SER A 39 93.17 -84.80 22.09
C SER A 39 93.69 -84.86 20.65
N SER A 40 94.20 -83.73 20.18
CA SER A 40 94.81 -83.63 18.87
C SER A 40 95.82 -82.49 18.89
N PHE A 41 96.75 -82.51 17.93
CA PHE A 41 97.82 -81.51 17.85
C PHE A 41 97.77 -80.83 16.50
N ARG A 42 97.86 -79.50 16.50
CA ARG A 42 98.08 -78.72 15.29
C ARG A 42 99.45 -78.06 15.38
N ALA A 43 100.17 -78.02 14.27
CA ALA A 43 101.34 -77.18 14.10
C ALA A 43 101.11 -76.33 12.86
N LYS A 44 101.57 -75.08 12.88
CA LYS A 44 101.32 -74.19 11.76
C LYS A 44 102.49 -73.24 11.59
N VAL A 45 102.81 -72.93 10.34
CA VAL A 45 103.82 -71.94 9.97
C VAL A 45 103.23 -71.04 8.91
N ARG A 46 103.49 -69.73 9.01
CA ARG A 46 103.02 -68.78 8.02
C ARG A 46 104.08 -67.71 7.79
N HIS A 47 104.03 -67.06 6.62
CA HIS A 47 104.93 -65.99 6.24
C HIS A 47 104.10 -64.83 5.70
N THR A 48 104.54 -63.61 6.01
CA THR A 48 103.83 -62.43 5.55
C THR A 48 104.81 -61.32 5.19
N LYS A 49 104.34 -60.43 4.32
CA LYS A 49 105.09 -59.26 3.88
C LYS A 49 104.15 -58.05 4.00
N GLU A 50 104.51 -57.08 4.83
CA GLU A 50 103.59 -55.98 5.10
C GLU A 50 103.50 -55.03 3.91
N SER A 51 102.67 -54.00 4.10
CA SER A 51 102.34 -53.06 3.04
C SER A 51 103.55 -52.20 2.68
N VAL A 52 103.50 -51.65 1.46
CA VAL A 52 104.56 -50.80 0.94
C VAL A 52 104.05 -49.36 0.99
N LYS A 53 104.70 -48.55 1.80
CA LYS A 53 104.41 -47.12 1.92
C LYS A 53 105.36 -46.33 1.05
N PRO A 54 105.00 -45.09 0.67
CA PRO A 54 105.76 -44.42 -0.40
C PRO A 54 107.25 -44.35 -0.13
N ASN A 55 107.67 -43.72 0.97
CA ASN A 55 109.09 -43.70 1.38
C ASN A 55 109.23 -44.06 2.86
N GLN A 56 109.21 -45.37 3.13
CA GLN A 56 109.48 -45.90 4.47
C GLN A 56 110.35 -47.14 4.27
N VAL A 57 110.49 -47.95 5.32
CA VAL A 57 111.26 -49.18 5.27
C VAL A 57 110.28 -50.35 5.26
N GLN A 58 110.41 -51.22 4.26
CA GLN A 58 109.52 -52.37 4.11
C GLN A 58 110.14 -53.60 4.78
N TYR A 59 109.30 -54.34 5.51
CA TYR A 59 109.74 -55.33 6.48
C TYR A 59 109.27 -56.73 6.09
N GLU A 60 109.59 -57.70 6.94
CA GLU A 60 109.19 -59.08 6.72
C GLU A 60 109.03 -59.80 8.06
N ARG A 61 108.05 -60.71 8.15
CA ARG A 61 107.71 -61.41 9.38
C ARG A 61 107.71 -62.91 9.16
N HIS A 62 108.06 -63.66 10.22
CA HIS A 62 107.93 -65.11 10.27
C HIS A 62 107.29 -65.53 11.58
N ASN A 63 106.42 -66.54 11.51
CA ASN A 63 105.70 -67.08 12.66
C ASN A 63 105.85 -68.59 12.73
N VAL A 64 105.82 -69.12 13.95
CA VAL A 64 105.69 -70.56 14.18
C VAL A 64 104.76 -70.75 15.39
N GLU A 65 103.87 -71.74 15.28
CA GLU A 65 102.74 -71.87 16.20
C GLU A 65 102.45 -73.32 16.52
N PHE A 66 102.19 -73.61 17.80
CA PHE A 66 101.75 -74.92 18.27
C PHE A 66 100.44 -74.80 19.04
N THR A 67 99.56 -75.78 18.85
CA THR A 67 98.27 -75.84 19.55
C THR A 67 97.99 -77.27 19.99
N GLU A 68 97.41 -77.41 21.18
CA GLU A 68 96.92 -78.70 21.67
C GLU A 68 95.51 -78.49 22.21
N THR A 69 94.54 -79.24 21.69
CA THR A 69 93.15 -79.09 22.07
C THR A 69 92.68 -80.35 22.81
N VAL A 70 91.98 -80.14 23.92
CA VAL A 70 91.48 -81.22 24.75
C VAL A 70 89.97 -81.29 24.56
N TYR A 71 89.46 -82.45 24.16
CA TYR A 71 88.05 -82.61 23.87
C TYR A 71 87.23 -82.53 25.16
N ALA A 72 86.03 -81.99 25.04
CA ALA A 72 85.16 -81.82 26.20
C ALA A 72 84.70 -83.19 26.70
N SER A 73 84.80 -83.39 28.01
CA SER A 73 84.36 -84.63 28.64
C SER A 73 83.58 -84.30 29.90
N GLY A 74 82.42 -84.92 30.06
CA GLY A 74 81.59 -84.63 31.22
C GLY A 74 81.19 -83.17 31.25
N SER A 75 81.34 -82.55 32.42
CA SER A 75 81.00 -81.14 32.58
C SER A 75 82.11 -80.20 32.10
N THR A 76 83.30 -80.71 31.84
CA THR A 76 84.40 -79.86 31.40
C THR A 76 84.26 -79.55 29.91
N PRO A 77 84.20 -78.28 29.50
CA PRO A 77 84.06 -77.95 28.09
C PRO A 77 85.39 -78.02 27.36
N GLU A 78 85.38 -77.60 26.10
CA GLU A 78 86.58 -77.56 25.28
C GLU A 78 87.56 -76.53 25.84
N PHE A 79 88.86 -76.84 25.71
CA PHE A 79 89.90 -75.86 26.02
C PHE A 79 91.18 -76.25 25.30
N VAL A 80 92.11 -75.30 25.22
CA VAL A 80 93.25 -75.42 24.33
C VAL A 80 94.46 -74.73 24.96
N ARG A 81 95.65 -75.24 24.65
CA ARG A 81 96.91 -74.63 25.07
C ARG A 81 97.75 -74.32 23.85
N GLN A 82 98.39 -73.16 23.84
CA GLN A 82 99.07 -72.64 22.66
C GLN A 82 100.39 -71.99 23.05
N ALA A 83 101.32 -71.98 22.10
CA ALA A 83 102.60 -71.28 22.27
C ALA A 83 103.21 -71.03 20.89
N TYR A 84 103.64 -69.81 20.64
CA TYR A 84 104.08 -69.44 19.29
C TYR A 84 105.16 -68.36 19.37
N VAL A 85 105.85 -68.19 18.25
CA VAL A 85 106.96 -67.24 18.11
C VAL A 85 106.84 -66.50 16.79
N VAL A 86 107.34 -65.26 16.75
CA VAL A 86 107.39 -64.49 15.51
C VAL A 86 108.74 -63.79 15.39
N ILE A 87 109.27 -63.75 14.17
CA ILE A 87 110.49 -63.02 13.82
C ILE A 87 110.16 -62.06 12.68
N ARG A 88 110.54 -60.80 12.84
CA ARG A 88 110.28 -59.80 11.82
C ARG A 88 111.55 -58.99 11.55
N HIS A 89 111.88 -58.79 10.27
CA HIS A 89 113.13 -58.11 9.93
C HIS A 89 113.00 -57.53 8.53
N LYS A 90 113.91 -56.62 8.18
CA LYS A 90 113.81 -55.93 6.89
C LYS A 90 114.25 -56.86 5.75
N VAL A 91 113.84 -56.51 4.54
CA VAL A 91 113.95 -57.43 3.41
C VAL A 91 115.41 -57.71 3.10
N GLY A 92 116.22 -56.66 3.03
CA GLY A 92 117.61 -56.81 2.67
C GLY A 92 118.58 -57.02 3.81
N ASP A 93 118.08 -57.22 5.03
CA ASP A 93 118.97 -57.43 6.17
C ASP A 93 119.82 -58.68 5.95
N VAL A 94 120.73 -58.93 6.89
CA VAL A 94 121.61 -60.08 6.82
C VAL A 94 121.03 -61.21 7.67
N SER A 95 120.95 -62.40 7.10
CA SER A 95 120.25 -63.50 7.74
C SER A 95 120.94 -63.98 9.01
N ALA A 96 122.28 -63.95 9.05
CA ALA A 96 123.00 -64.58 10.14
C ALA A 96 122.76 -63.89 11.48
N THR A 97 122.79 -62.55 11.50
CA THR A 97 122.56 -61.85 12.75
C THR A 97 121.13 -62.06 13.25
N VAL A 98 120.17 -62.08 12.34
CA VAL A 98 118.79 -62.35 12.73
C VAL A 98 118.69 -63.74 13.33
N SER A 99 119.41 -64.69 12.74
CA SER A 99 119.49 -66.03 13.32
C SER A 99 120.07 -65.98 14.72
N ASP A 100 121.11 -65.16 14.93
CA ASP A 100 121.72 -65.06 16.26
C ASP A 100 120.73 -64.52 17.29
N LEU A 101 119.97 -63.49 16.92
CA LEU A 101 118.96 -62.95 17.83
C LEU A 101 117.92 -64.00 18.16
N GLY A 102 117.44 -64.72 17.15
CA GLY A 102 116.47 -65.78 17.41
C GLY A 102 117.03 -66.87 18.30
N GLU A 103 118.29 -67.25 18.08
CA GLU A 103 118.93 -68.26 18.91
C GLU A 103 119.07 -67.78 20.35
N ALA A 104 119.41 -66.52 20.55
CA ALA A 104 119.49 -65.98 21.90
C ALA A 104 118.13 -66.07 22.59
N LEU A 105 117.06 -65.68 21.89
CA LEU A 105 115.74 -65.75 22.49
C LEU A 105 115.38 -67.19 22.86
N SER A 106 115.64 -68.13 21.94
CA SER A 106 115.32 -69.53 22.22
C SER A 106 116.13 -70.05 23.41
N PHE A 107 117.41 -69.71 23.47
CA PHE A 107 118.26 -70.17 24.56
C PHE A 107 117.83 -69.60 25.90
N TYR A 108 117.31 -68.37 25.92
CA TYR A 108 116.90 -67.80 27.20
C TYR A 108 115.80 -68.63 27.83
N LEU A 109 114.83 -69.07 27.04
CA LEU A 109 113.69 -69.81 27.56
C LEU A 109 114.12 -71.20 28.03
N ASN A 110 113.72 -71.54 29.26
CA ASN A 110 114.00 -72.85 29.83
C ASN A 110 112.88 -73.16 30.82
N GLU A 111 112.97 -74.31 31.48
CA GLU A 111 111.94 -74.68 32.44
C GLU A 111 111.89 -73.72 33.61
N ALA A 112 113.05 -73.26 34.10
CA ALA A 112 113.06 -72.35 35.23
C ALA A 112 112.34 -71.04 34.88
N LEU A 113 112.68 -70.44 33.75
CA LEU A 113 112.04 -69.19 33.37
C LEU A 113 110.55 -69.39 33.15
N TYR A 114 110.16 -70.50 32.53
CA TYR A 114 108.74 -70.74 32.32
C TYR A 114 108.01 -70.89 33.64
N GLY A 115 108.61 -71.59 34.60
CA GLY A 115 108.00 -71.70 35.91
C GLY A 115 107.82 -70.37 36.59
N LYS A 116 108.83 -69.50 36.52
CA LYS A 116 108.65 -68.15 37.04
C LYS A 116 107.59 -67.37 36.28
N LEU A 117 107.52 -67.53 34.95
CA LEU A 117 106.55 -66.77 34.16
C LEU A 117 105.13 -67.13 34.57
N ILE A 118 104.85 -68.43 34.74
CA ILE A 118 103.51 -68.84 35.16
C ILE A 118 103.21 -68.30 36.55
N GLY A 119 104.23 -67.96 37.33
CA GLY A 119 104.03 -67.40 38.65
C GLY A 119 103.65 -65.93 38.63
N TRP A 120 103.36 -65.39 37.44
CA TRP A 120 103.00 -63.99 37.26
C TRP A 120 104.11 -63.05 37.71
N GLU A 121 105.35 -63.54 37.73
CA GLU A 121 106.48 -62.68 38.00
C GLU A 121 106.81 -61.84 36.77
N SER A 122 107.44 -60.69 37.02
CA SER A 122 107.79 -59.78 35.93
C SER A 122 109.21 -59.26 36.11
N ALA B 1 103.85 -80.56 -11.09
CA ALA B 1 104.80 -81.59 -10.59
C ALA B 1 106.16 -81.45 -11.27
N LEU B 2 106.59 -80.20 -11.48
CA LEU B 2 107.85 -79.92 -12.16
C LEU B 2 109.06 -80.34 -11.35
N GLY B 3 108.90 -80.63 -10.06
CA GLY B 3 110.00 -80.92 -9.18
C GLY B 3 110.05 -79.94 -8.01
N ASP B 4 110.81 -80.35 -6.99
CA ASP B 4 110.86 -79.57 -5.76
C ASP B 4 111.72 -78.32 -5.93
N THR B 5 112.84 -78.44 -6.64
CA THR B 5 113.77 -77.32 -6.82
C THR B 5 113.94 -77.01 -8.29
N LEU B 6 114.11 -75.72 -8.58
CA LEU B 6 114.30 -75.21 -9.93
C LEU B 6 115.67 -74.54 -10.01
N THR B 7 116.42 -74.86 -11.07
CA THR B 7 117.76 -74.32 -11.26
C THR B 7 117.80 -73.47 -12.52
N ILE B 8 118.40 -72.29 -12.41
CA ILE B 8 118.59 -71.39 -13.53
C ILE B 8 120.07 -71.08 -13.67
N THR B 9 120.59 -71.23 -14.88
CA THR B 9 122.01 -71.06 -15.18
C THR B 9 122.19 -69.74 -15.91
N LEU B 10 122.64 -68.72 -15.19
CA LEU B 10 122.87 -67.42 -15.80
C LEU B 10 123.93 -67.53 -16.89
N GLY B 11 123.72 -66.79 -17.97
CA GLY B 11 124.64 -66.86 -19.09
C GLY B 11 124.46 -68.06 -19.98
N GLY B 12 123.28 -68.68 -19.96
CA GLY B 12 123.06 -69.83 -20.82
C GLY B 12 123.74 -71.06 -20.29
N SER B 13 124.18 -71.92 -21.20
CA SER B 13 124.87 -73.15 -20.86
C SER B 13 126.27 -72.92 -20.30
N GLY B 14 126.70 -71.69 -20.05
CA GLY B 14 128.03 -71.43 -19.53
C GLY B 14 128.24 -71.92 -18.11
N GLY B 15 127.56 -71.30 -17.15
CA GLY B 15 127.76 -71.64 -15.76
C GLY B 15 126.99 -70.69 -14.86
N THR B 16 127.46 -70.57 -13.61
CA THR B 16 126.85 -69.67 -12.63
C THR B 16 125.38 -70.04 -12.41
N ALA B 17 125.18 -71.25 -11.88
CA ALA B 17 123.85 -71.79 -11.68
C ALA B 17 123.36 -71.55 -10.26
N LYS B 18 122.11 -71.12 -10.16
CA LYS B 18 121.42 -70.92 -8.89
C LYS B 18 120.33 -71.98 -8.74
N VAL B 19 119.95 -72.27 -7.50
CA VAL B 19 118.91 -73.26 -7.20
C VAL B 19 117.84 -72.60 -6.34
N LEU B 20 116.61 -72.60 -6.83
CA LEU B 20 115.45 -72.08 -6.12
C LEU B 20 114.63 -73.24 -5.57
N ARG B 21 113.84 -72.95 -4.55
CA ARG B 21 113.06 -73.96 -3.85
C ARG B 21 111.59 -73.58 -3.80
N LYS B 22 110.73 -74.60 -3.84
CA LYS B 22 109.29 -74.37 -3.82
C LYS B 22 108.87 -73.69 -2.54
N ILE B 23 107.99 -72.69 -2.65
CA ILE B 23 107.54 -71.93 -1.50
C ILE B 23 106.01 -71.98 -1.43
N ASN B 24 105.36 -72.20 -2.58
CA ASN B 24 103.91 -72.13 -2.64
C ASN B 24 103.41 -72.91 -3.85
N GLN B 25 102.16 -73.37 -3.77
CA GLN B 25 101.47 -73.90 -4.94
C GLN B 25 99.97 -73.70 -4.72
N ASP B 26 99.41 -72.69 -5.35
CA ASP B 26 97.99 -72.37 -5.25
C ASP B 26 97.42 -72.10 -6.63
N GLY B 27 96.21 -72.57 -6.87
CA GLY B 27 95.50 -72.28 -8.11
C GLY B 27 96.22 -72.69 -9.37
N TYR B 28 96.74 -73.91 -9.39
CA TYR B 28 97.43 -74.44 -10.56
C TYR B 28 98.70 -73.65 -10.88
N THR B 29 99.23 -72.95 -9.87
CA THR B 29 100.39 -72.08 -10.02
C THR B 29 101.46 -72.52 -9.04
N SER B 30 102.71 -72.32 -9.40
CA SER B 30 103.83 -72.65 -8.53
C SER B 30 104.90 -71.59 -8.66
N GLU B 31 105.66 -71.38 -7.58
CA GLU B 31 106.71 -70.37 -7.59
C GLU B 31 107.82 -70.78 -6.63
N TYR B 32 109.03 -70.30 -6.94
CA TYR B 32 110.26 -70.71 -6.25
C TYR B 32 111.03 -69.46 -5.83
N TYR B 33 111.92 -69.61 -4.86
CA TYR B 33 112.60 -68.45 -4.29
C TYR B 33 113.96 -68.84 -3.73
N LEU B 34 114.91 -67.90 -3.78
CA LEU B 34 116.27 -68.08 -3.27
C LEU B 34 116.88 -66.74 -2.88
N PRO B 35 117.05 -66.43 -1.59
CA PRO B 35 117.71 -65.17 -1.22
C PRO B 35 119.22 -65.33 -1.24
N GLU B 36 119.89 -64.19 -1.39
CA GLU B 36 121.35 -64.16 -1.47
C GLU B 36 121.84 -62.95 -0.68
N THR B 37 123.12 -62.63 -0.80
CA THR B 37 123.68 -61.53 0.02
C THR B 37 123.18 -60.18 -0.47
N SER B 38 123.06 -59.99 -1.79
CA SER B 38 122.70 -58.69 -2.34
C SER B 38 121.62 -58.75 -3.40
N SER B 39 121.06 -59.92 -3.68
CA SER B 39 119.94 -60.01 -4.62
C SER B 39 119.16 -61.27 -4.33
N SER B 40 117.96 -61.35 -4.90
CA SER B 40 117.07 -62.48 -4.71
C SER B 40 116.64 -63.00 -6.07
N PHE B 41 116.30 -64.29 -6.12
CA PHE B 41 115.81 -64.92 -7.33
C PHE B 41 114.43 -65.51 -7.07
N ARG B 42 113.50 -65.29 -8.00
CA ARG B 42 112.15 -65.78 -7.90
C ARG B 42 111.71 -66.29 -9.26
N ALA B 43 110.90 -67.35 -9.25
CA ALA B 43 110.35 -67.92 -10.48
C ALA B 43 108.90 -68.30 -10.23
N LYS B 44 108.05 -68.08 -11.24
CA LYS B 44 106.64 -68.38 -11.16
C LYS B 44 106.20 -69.15 -12.40
N VAL B 45 105.29 -70.09 -12.21
CA VAL B 45 104.66 -70.82 -13.30
C VAL B 45 103.18 -70.95 -13.00
N ARG B 46 102.33 -70.63 -13.98
CA ARG B 46 100.89 -70.80 -13.81
C ARG B 46 100.21 -70.87 -15.17
N HIS B 47 99.02 -71.47 -15.15
CA HIS B 47 98.21 -71.71 -16.33
C HIS B 47 96.84 -71.05 -16.15
N THR B 48 96.14 -70.84 -17.26
CA THR B 48 94.88 -70.11 -17.23
C THR B 48 93.94 -70.62 -18.32
N LYS B 49 92.64 -70.51 -18.05
CA LYS B 49 91.59 -70.74 -19.02
C LYS B 49 91.00 -69.39 -19.40
N GLU B 50 90.95 -69.10 -20.70
CA GLU B 50 90.42 -67.83 -21.17
C GLU B 50 88.90 -67.78 -21.02
N SER B 51 88.37 -66.56 -20.95
CA SER B 51 86.93 -66.37 -20.81
C SER B 51 86.21 -66.92 -22.04
N VAL B 52 85.04 -67.51 -21.81
CA VAL B 52 84.25 -68.13 -22.87
C VAL B 52 83.30 -67.10 -23.44
N LYS B 53 83.27 -67.00 -24.78
CA LYS B 53 82.33 -66.18 -25.51
C LYS B 53 81.32 -67.08 -26.23
N PRO B 54 80.09 -66.60 -26.46
CA PRO B 54 79.03 -67.52 -26.87
C PRO B 54 79.30 -68.30 -28.15
N ASN B 55 79.94 -67.69 -29.14
CA ASN B 55 80.00 -68.28 -30.48
C ASN B 55 81.39 -68.16 -31.10
N GLN B 56 82.44 -68.45 -30.34
CA GLN B 56 83.78 -68.56 -30.92
C GLN B 56 84.69 -69.34 -29.98
N VAL B 57 85.86 -69.71 -30.52
CA VAL B 57 86.75 -70.69 -29.93
C VAL B 57 87.34 -70.19 -28.62
N GLN B 58 87.91 -71.10 -27.83
CA GLN B 58 88.55 -70.77 -26.57
C GLN B 58 89.97 -71.33 -26.52
N TYR B 59 90.82 -70.66 -25.75
CA TYR B 59 92.27 -70.82 -25.81
C TYR B 59 92.82 -71.12 -24.42
N GLU B 60 94.06 -71.61 -24.38
CA GLU B 60 94.78 -71.86 -23.14
C GLU B 60 96.07 -71.06 -23.11
N ARG B 61 96.44 -70.57 -21.93
CA ARG B 61 97.62 -69.72 -21.75
C ARG B 61 98.52 -70.31 -20.68
N HIS B 62 99.76 -70.60 -21.06
CA HIS B 62 100.76 -71.18 -20.17
C HIS B 62 101.96 -70.27 -20.12
N ASN B 63 102.24 -69.74 -18.93
CA ASN B 63 103.22 -68.67 -18.74
C ASN B 63 104.35 -69.13 -17.83
N VAL B 64 105.56 -68.65 -18.11
CA VAL B 64 106.74 -68.90 -17.27
C VAL B 64 107.50 -67.59 -17.13
N GLU B 65 107.95 -67.31 -15.92
CA GLU B 65 108.45 -65.99 -15.54
C GLU B 65 109.62 -66.12 -14.58
N PHE B 66 110.63 -65.28 -14.79
CA PHE B 66 111.77 -65.11 -13.89
C PHE B 66 111.84 -63.67 -13.44
N THR B 67 112.30 -63.47 -12.20
CA THR B 67 112.49 -62.14 -11.62
C THR B 67 113.78 -62.11 -10.81
N GLU B 68 114.53 -61.02 -10.93
CA GLU B 68 115.73 -60.77 -10.14
C GLU B 68 115.67 -59.35 -9.60
N THR B 69 115.89 -59.18 -8.29
CA THR B 69 115.80 -57.88 -7.64
C THR B 69 117.07 -57.58 -6.87
N VAL B 70 117.47 -56.31 -6.92
CA VAL B 70 118.73 -55.83 -6.35
C VAL B 70 118.41 -54.84 -5.25
N TYR B 71 118.92 -55.09 -4.05
CA TYR B 71 118.59 -54.24 -2.91
C TYR B 71 119.25 -52.88 -3.04
N ALA B 72 118.63 -51.89 -2.38
CA ALA B 72 119.13 -50.53 -2.41
C ALA B 72 120.51 -50.47 -1.79
N SER B 73 121.43 -49.81 -2.48
CA SER B 73 122.81 -49.68 -2.02
C SER B 73 123.23 -48.23 -2.23
N GLY B 74 123.80 -47.63 -1.19
CA GLY B 74 124.15 -46.22 -1.26
C GLY B 74 122.91 -45.38 -1.53
N SER B 75 123.01 -44.49 -2.51
CA SER B 75 121.88 -43.65 -2.90
C SER B 75 121.05 -44.26 -4.02
N THR B 76 121.48 -45.37 -4.60
CA THR B 76 120.71 -46.04 -5.65
C THR B 76 119.52 -46.78 -5.06
N PRO B 77 118.29 -46.55 -5.53
CA PRO B 77 117.14 -47.28 -4.99
C PRO B 77 117.05 -48.70 -5.54
N GLU B 78 116.03 -49.41 -5.07
CA GLU B 78 115.78 -50.79 -5.50
C GLU B 78 115.32 -50.83 -6.95
N PHE B 79 115.71 -51.90 -7.65
CA PHE B 79 115.23 -52.14 -9.01
C PHE B 79 115.27 -53.63 -9.29
N VAL B 80 114.64 -54.02 -10.40
CA VAL B 80 114.38 -55.43 -10.71
C VAL B 80 114.78 -55.72 -12.15
N ARG B 81 114.99 -57.00 -12.43
CA ARG B 81 115.11 -57.52 -13.79
C ARG B 81 114.17 -58.70 -13.95
N GLN B 82 113.57 -58.80 -15.13
CA GLN B 82 112.46 -59.71 -15.36
C GLN B 82 112.49 -60.18 -16.81
N ALA B 83 111.95 -61.37 -17.04
CA ALA B 83 111.90 -61.94 -18.38
C ALA B 83 110.94 -63.13 -18.36
N TYR B 84 109.96 -63.15 -19.25
CA TYR B 84 108.95 -64.20 -19.23
C TYR B 84 108.54 -64.59 -20.65
N VAL B 85 107.93 -65.78 -20.75
CA VAL B 85 107.38 -66.29 -22.00
C VAL B 85 105.98 -66.84 -21.74
N VAL B 86 105.15 -66.84 -22.79
CA VAL B 86 103.79 -67.36 -22.73
C VAL B 86 103.49 -68.11 -24.03
N ILE B 87 102.59 -69.10 -23.95
CA ILE B 87 102.15 -69.86 -25.10
C ILE B 87 100.62 -69.87 -25.12
N ARG B 88 100.03 -69.61 -26.29
CA ARG B 88 98.57 -69.58 -26.45
C ARG B 88 98.18 -70.51 -27.60
N HIS B 89 97.21 -71.38 -27.34
CA HIS B 89 96.72 -72.36 -28.31
C HIS B 89 95.31 -72.76 -27.94
N LYS B 90 94.56 -73.27 -28.92
CA LYS B 90 93.17 -73.64 -28.65
C LYS B 90 93.12 -74.89 -27.79
N VAL B 91 92.09 -75.01 -26.96
CA VAL B 91 91.86 -76.25 -26.24
C VAL B 91 91.57 -77.35 -27.25
N GLY B 92 92.31 -78.45 -27.16
CA GLY B 92 92.13 -79.57 -28.05
C GLY B 92 93.02 -79.59 -29.28
N ASP B 93 94.09 -78.80 -29.30
CA ASP B 93 95.00 -78.80 -30.44
C ASP B 93 95.90 -80.04 -30.38
N VAL B 94 96.87 -80.10 -31.29
CA VAL B 94 97.87 -81.16 -31.32
C VAL B 94 99.12 -80.64 -30.62
N SER B 95 99.59 -81.39 -29.61
CA SER B 95 100.66 -80.90 -28.75
C SER B 95 101.95 -80.68 -29.53
N ALA B 96 102.24 -81.55 -30.49
CA ALA B 96 103.52 -81.49 -31.18
C ALA B 96 103.72 -80.16 -31.90
N THR B 97 102.69 -79.68 -32.59
CA THR B 97 102.84 -78.44 -33.36
C THR B 97 102.96 -77.23 -32.46
N VAL B 98 102.12 -77.15 -31.41
CA VAL B 98 102.19 -76.01 -30.50
C VAL B 98 103.50 -76.04 -29.73
N SER B 99 104.15 -77.20 -29.67
CA SER B 99 105.49 -77.27 -29.10
C SER B 99 106.54 -76.80 -30.09
N ASP B 100 106.42 -77.25 -31.35
CA ASP B 100 107.40 -76.86 -32.36
C ASP B 100 107.45 -75.36 -32.52
N LEU B 101 106.28 -74.72 -32.54
CA LEU B 101 106.23 -73.31 -32.23
C LEU B 101 106.56 -73.13 -30.75
N GLY B 102 107.38 -72.13 -30.44
CA GLY B 102 107.96 -72.06 -29.13
C GLY B 102 109.35 -72.67 -29.10
N GLU B 103 109.52 -73.91 -29.58
CA GLU B 103 110.86 -74.43 -29.76
C GLU B 103 111.63 -73.60 -30.77
N ALA B 104 110.97 -73.23 -31.87
CA ALA B 104 111.57 -72.32 -32.83
C ALA B 104 111.94 -70.98 -32.19
N LEU B 105 111.03 -70.42 -31.39
CA LEU B 105 111.31 -69.16 -30.72
C LEU B 105 112.51 -69.26 -29.80
N SER B 106 112.60 -70.35 -29.05
CA SER B 106 113.73 -70.56 -28.16
C SER B 106 115.03 -70.67 -28.93
N PHE B 107 115.02 -71.38 -30.07
CA PHE B 107 116.24 -71.49 -30.86
C PHE B 107 116.65 -70.14 -31.45
N TYR B 108 115.68 -69.33 -31.87
CA TYR B 108 116.01 -68.04 -32.48
C TYR B 108 116.73 -67.12 -31.50
N LEU B 109 116.21 -67.02 -30.27
CA LEU B 109 116.77 -66.09 -29.31
C LEU B 109 118.14 -66.58 -28.84
N ASN B 110 119.10 -65.67 -28.84
CA ASN B 110 120.47 -65.96 -28.41
C ASN B 110 121.13 -64.64 -28.08
N GLU B 111 122.37 -64.70 -27.58
CA GLU B 111 123.01 -63.51 -27.04
C GLU B 111 123.02 -62.37 -28.05
N ALA B 112 123.27 -62.68 -29.32
CA ALA B 112 123.30 -61.64 -30.33
C ALA B 112 121.97 -60.93 -30.44
N LEU B 113 120.86 -61.68 -30.45
CA LEU B 113 119.55 -61.05 -30.56
C LEU B 113 119.26 -60.19 -29.34
N TYR B 114 119.61 -60.68 -28.15
CA TYR B 114 119.38 -59.85 -26.96
C TYR B 114 120.18 -58.56 -27.02
N GLY B 115 121.44 -58.65 -27.46
CA GLY B 115 122.23 -57.45 -27.63
C GLY B 115 121.59 -56.48 -28.63
N LYS B 116 121.04 -57.01 -29.72
CA LYS B 116 120.33 -56.17 -30.67
C LYS B 116 119.15 -55.47 -30.01
N LEU B 117 118.28 -56.23 -29.34
CA LEU B 117 117.08 -55.64 -28.76
C LEU B 117 117.43 -54.60 -27.71
N ILE B 118 118.44 -54.87 -26.88
CA ILE B 118 118.82 -53.91 -25.85
C ILE B 118 119.22 -52.59 -26.48
N GLY B 119 119.73 -52.64 -27.71
CA GLY B 119 120.08 -51.43 -28.43
C GLY B 119 118.92 -50.75 -29.13
N TRP B 120 117.69 -51.06 -28.71
CA TRP B 120 116.46 -50.47 -29.26
C TRP B 120 116.29 -50.73 -30.74
N GLU B 121 117.10 -51.60 -31.31
CA GLU B 121 116.92 -51.98 -32.70
C GLU B 121 115.59 -52.69 -32.88
N SER B 122 114.91 -52.40 -33.98
CA SER B 122 113.65 -53.05 -34.29
C SER B 122 113.74 -53.76 -35.63
N ALA C 1 99.70 -85.23 1.49
CA ALA C 1 101.09 -85.75 1.67
C ALA C 1 101.22 -87.16 1.10
N LEU C 2 100.30 -87.51 0.20
CA LEU C 2 100.32 -88.85 -0.38
C LEU C 2 101.61 -89.08 -1.15
N GLY C 3 102.02 -88.11 -1.96
CA GLY C 3 103.22 -88.23 -2.77
C GLY C 3 103.04 -87.46 -4.06
N ASP C 4 104.07 -87.52 -4.90
CA ASP C 4 104.10 -86.77 -6.14
C ASP C 4 103.70 -87.62 -7.35
N THR C 5 103.34 -88.89 -7.14
CA THR C 5 102.85 -89.71 -8.24
C THR C 5 101.90 -90.76 -7.70
N LEU C 6 100.88 -91.08 -8.50
CA LEU C 6 99.91 -92.12 -8.21
C LEU C 6 99.84 -93.05 -9.40
N THR C 7 99.79 -94.34 -9.12
CA THR C 7 99.74 -95.37 -10.15
C THR C 7 98.37 -96.04 -10.14
N ILE C 8 97.74 -96.13 -11.31
CA ILE C 8 96.50 -96.86 -11.48
C ILE C 8 96.79 -98.02 -12.41
N THR C 9 96.50 -99.23 -11.93
CA THR C 9 96.74 -100.46 -12.68
C THR C 9 95.37 -100.95 -13.19
N LEU C 10 95.03 -100.54 -14.41
CA LEU C 10 93.77 -100.98 -15.00
C LEU C 10 93.76 -102.50 -15.08
N GLY C 11 92.65 -103.10 -14.67
CA GLY C 11 92.55 -104.54 -14.65
C GLY C 11 93.09 -105.22 -13.42
N GLY C 12 93.23 -104.48 -12.31
CA GLY C 12 93.69 -105.10 -11.08
C GLY C 12 95.15 -105.50 -11.16
N SER C 13 95.51 -106.49 -10.35
CA SER C 13 96.88 -106.97 -10.31
C SER C 13 97.28 -107.56 -11.66
N GLY C 14 98.52 -107.29 -12.06
CA GLY C 14 99.04 -107.79 -13.32
C GLY C 14 98.56 -107.06 -14.55
N GLY C 15 97.94 -105.89 -14.40
CA GLY C 15 97.38 -105.17 -15.51
C GLY C 15 98.32 -104.13 -16.09
N THR C 16 97.72 -103.15 -16.75
CA THR C 16 98.45 -102.03 -17.35
C THR C 16 98.49 -100.87 -16.37
N ALA C 17 99.68 -100.31 -16.16
CA ALA C 17 99.87 -99.24 -15.19
C ALA C 17 99.83 -97.89 -15.87
N LYS C 18 99.02 -96.98 -15.32
CA LYS C 18 98.98 -95.58 -15.72
C LYS C 18 99.57 -94.74 -14.61
N VAL C 19 100.45 -93.81 -14.97
CA VAL C 19 101.14 -92.95 -14.01
C VAL C 19 100.53 -91.56 -14.09
N LEU C 20 99.91 -91.12 -13.00
CA LEU C 20 99.33 -89.79 -12.90
C LEU C 20 100.35 -88.81 -12.32
N ARG C 21 100.17 -87.54 -12.64
CA ARG C 21 101.03 -86.45 -12.19
C ARG C 21 100.23 -85.50 -11.31
N LYS C 22 100.80 -85.08 -10.19
CA LYS C 22 100.10 -84.12 -9.33
C LYS C 22 100.07 -82.75 -9.99
N ILE C 23 98.93 -82.09 -9.88
CA ILE C 23 98.73 -80.80 -10.52
C ILE C 23 98.14 -79.73 -9.60
N ASN C 24 97.53 -80.08 -8.48
CA ASN C 24 97.06 -79.05 -7.56
C ASN C 24 96.59 -79.67 -6.25
N GLN C 25 96.65 -78.87 -5.18
CA GLN C 25 96.00 -79.21 -3.92
C GLN C 25 95.92 -77.93 -3.08
N ASP C 26 94.70 -77.44 -2.81
CA ASP C 26 94.55 -76.23 -2.01
C ASP C 26 93.72 -76.43 -0.75
N GLY C 27 92.47 -76.87 -0.87
CA GLY C 27 91.57 -76.88 0.27
C GLY C 27 91.44 -78.23 0.95
N TYR C 28 92.56 -78.75 1.44
CA TYR C 28 92.64 -80.10 1.98
C TYR C 28 92.38 -81.15 0.90
N THR C 29 92.41 -80.76 -0.37
CA THR C 29 92.07 -81.63 -1.48
C THR C 29 93.24 -81.66 -2.46
N SER C 30 93.31 -82.71 -3.27
CA SER C 30 94.33 -82.84 -4.29
C SER C 30 93.76 -83.54 -5.51
N GLU C 31 94.33 -83.27 -6.68
CA GLU C 31 93.92 -83.94 -7.91
C GLU C 31 95.12 -84.16 -8.82
N TYR C 32 95.12 -85.32 -9.49
CA TYR C 32 96.18 -85.74 -10.39
C TYR C 32 95.61 -85.94 -11.79
N TYR C 33 96.43 -85.76 -12.81
CA TYR C 33 95.94 -85.74 -14.19
C TYR C 33 96.98 -86.30 -15.14
N LEU C 34 96.51 -86.86 -16.27
CA LEU C 34 97.37 -87.46 -17.29
C LEU C 34 96.70 -87.45 -18.66
N PRO C 35 97.27 -86.79 -19.66
CA PRO C 35 96.69 -86.85 -21.01
C PRO C 35 97.07 -88.12 -21.76
N GLU C 36 96.31 -88.39 -22.82
CA GLU C 36 96.49 -89.57 -23.65
C GLU C 36 96.02 -89.23 -25.07
N THR C 37 96.31 -90.14 -26.00
CA THR C 37 95.98 -89.86 -27.40
C THR C 37 94.47 -89.82 -27.62
N SER C 38 93.73 -90.75 -27.01
CA SER C 38 92.29 -90.85 -27.21
C SER C 38 91.50 -90.79 -25.92
N SER C 39 92.13 -90.53 -24.78
CA SER C 39 91.44 -90.42 -23.51
C SER C 39 92.32 -89.63 -22.55
N SER C 40 91.94 -89.64 -21.27
CA SER C 40 92.72 -89.00 -20.23
C SER C 40 92.28 -89.55 -18.89
N PHE C 41 93.17 -89.47 -17.90
CA PHE C 41 92.91 -90.02 -16.57
C PHE C 41 93.08 -88.93 -15.53
N ARG C 42 92.23 -88.96 -14.51
CA ARG C 42 92.23 -87.96 -13.46
C ARG C 42 91.75 -88.59 -12.17
N ALA C 43 92.33 -88.17 -11.05
CA ALA C 43 91.98 -88.65 -9.72
C ALA C 43 91.88 -87.47 -8.78
N LYS C 44 91.08 -87.63 -7.72
CA LYS C 44 90.83 -86.56 -6.78
C LYS C 44 90.69 -87.14 -5.38
N VAL C 45 91.03 -86.33 -4.38
CA VAL C 45 90.90 -86.71 -2.97
C VAL C 45 90.36 -85.50 -2.21
N ARG C 46 89.35 -85.74 -1.36
CA ARG C 46 88.80 -84.69 -0.50
C ARG C 46 88.79 -85.14 0.95
N HIS C 47 88.85 -84.17 1.86
CA HIS C 47 88.60 -84.38 3.29
C HIS C 47 87.64 -83.30 3.78
N THR C 48 86.61 -83.71 4.51
CA THR C 48 85.59 -82.79 4.99
C THR C 48 85.07 -83.25 6.34
N LYS C 49 84.48 -82.32 7.07
CA LYS C 49 83.79 -82.59 8.33
C LYS C 49 82.36 -82.08 8.20
N GLU C 50 81.39 -82.93 8.57
CA GLU C 50 79.99 -82.60 8.34
C GLU C 50 79.51 -81.52 9.30
N SER C 51 78.36 -80.95 8.98
CA SER C 51 77.84 -79.81 9.71
C SER C 51 77.60 -80.19 11.17
N VAL C 52 77.92 -79.25 12.06
CA VAL C 52 77.73 -79.50 13.48
C VAL C 52 76.25 -79.31 13.83
N LYS C 53 75.81 -80.02 14.86
CA LYS C 53 74.45 -79.95 15.38
C LYS C 53 74.54 -79.76 16.88
N PRO C 54 73.48 -79.22 17.51
CA PRO C 54 73.66 -78.64 18.85
C PRO C 54 74.14 -79.62 19.92
N ASN C 55 73.71 -80.90 19.89
CA ASN C 55 73.98 -81.79 21.01
C ASN C 55 74.59 -83.15 20.63
N GLN C 56 74.36 -83.62 19.41
CA GLN C 56 74.79 -84.95 19.04
C GLN C 56 76.21 -84.94 18.46
N VAL C 57 76.68 -86.14 18.10
CA VAL C 57 78.11 -86.36 17.86
C VAL C 57 78.58 -85.70 16.56
N GLN C 58 79.90 -85.63 16.42
CA GLN C 58 80.55 -85.08 15.24
C GLN C 58 81.17 -86.20 14.40
N TYR C 59 81.16 -86.01 13.08
CA TYR C 59 81.62 -87.01 12.12
C TYR C 59 82.50 -86.34 11.07
N GLU C 60 83.22 -87.16 10.31
CA GLU C 60 84.02 -86.69 9.19
C GLU C 60 84.01 -87.74 8.07
N ARG C 61 84.16 -87.26 6.84
CA ARG C 61 84.07 -88.09 5.64
C ARG C 61 85.34 -87.96 4.81
N HIS C 62 85.81 -89.09 4.26
CA HIS C 62 86.94 -89.12 3.33
C HIS C 62 86.52 -89.78 2.03
N ASN C 63 86.87 -89.16 0.90
CA ASN C 63 86.37 -89.52 -0.41
C ASN C 63 87.50 -89.66 -1.42
N VAL C 64 87.33 -90.57 -2.38
CA VAL C 64 88.32 -90.82 -3.43
C VAL C 64 87.61 -91.15 -4.72
N GLU C 65 87.99 -90.46 -5.81
CA GLU C 65 87.38 -90.68 -7.11
C GLU C 65 88.42 -91.08 -8.16
N PHE C 66 88.02 -91.99 -9.06
CA PHE C 66 88.75 -92.32 -10.28
C PHE C 66 87.88 -91.92 -11.46
N THR C 67 88.43 -91.14 -12.39
CA THR C 67 87.67 -90.66 -13.53
C THR C 67 88.42 -90.95 -14.83
N GLU C 68 87.66 -91.34 -15.85
CA GLU C 68 88.21 -91.68 -17.16
C GLU C 68 87.23 -91.19 -18.22
N THR C 69 87.68 -90.28 -19.07
CA THR C 69 86.85 -89.68 -20.11
C THR C 69 87.43 -89.98 -21.48
N VAL C 70 86.56 -90.32 -22.43
CA VAL C 70 86.95 -90.65 -23.80
C VAL C 70 86.40 -89.56 -24.70
N TYR C 71 87.27 -88.93 -25.48
CA TYR C 71 86.86 -87.81 -26.30
C TYR C 71 85.93 -88.25 -27.41
N ALA C 72 85.06 -87.33 -27.83
CA ALA C 72 84.10 -87.62 -28.88
C ALA C 72 84.82 -88.00 -30.16
N SER C 73 84.36 -89.07 -30.79
CA SER C 73 84.95 -89.58 -32.03
C SER C 73 83.82 -89.83 -33.02
N GLY C 74 83.84 -89.10 -34.13
CA GLY C 74 82.78 -89.24 -35.12
C GLY C 74 81.43 -88.89 -34.53
N SER C 75 80.43 -89.72 -34.83
CA SER C 75 79.07 -89.44 -34.37
C SER C 75 78.95 -89.59 -32.85
N THR C 76 79.65 -90.55 -32.27
CA THR C 76 79.56 -90.81 -30.85
C THR C 76 80.08 -89.61 -30.04
N PRO C 77 79.30 -89.06 -29.11
CA PRO C 77 79.76 -87.91 -28.34
C PRO C 77 80.72 -88.33 -27.23
N GLU C 78 81.10 -87.35 -26.42
CA GLU C 78 82.03 -87.58 -25.32
C GLU C 78 81.29 -88.16 -24.11
N PHE C 79 81.93 -89.13 -23.46
CA PHE C 79 81.36 -89.77 -22.28
C PHE C 79 82.49 -90.13 -21.31
N VAL C 80 82.09 -90.57 -20.11
CA VAL C 80 83.03 -90.75 -19.00
C VAL C 80 82.73 -92.07 -18.28
N ARG C 81 83.74 -92.55 -17.57
CA ARG C 81 83.60 -93.66 -16.63
C ARG C 81 84.20 -93.26 -15.29
N GLN C 82 83.51 -93.65 -14.21
CA GLN C 82 83.81 -93.13 -12.88
C GLN C 82 83.71 -94.25 -11.86
N ALA C 83 84.39 -94.06 -10.72
CA ALA C 83 84.28 -94.97 -9.59
C ALA C 83 84.89 -94.34 -8.35
N TYR C 84 84.16 -94.31 -7.23
CA TYR C 84 84.62 -93.60 -6.06
C TYR C 84 84.11 -94.28 -4.79
N VAL C 85 84.80 -94.00 -3.68
CA VAL C 85 84.52 -94.59 -2.39
C VAL C 85 84.54 -93.51 -1.31
N VAL C 86 83.66 -93.65 -0.32
CA VAL C 86 83.53 -92.70 0.77
C VAL C 86 83.51 -93.44 2.09
N ILE C 87 84.13 -92.85 3.11
CA ILE C 87 84.21 -93.43 4.44
C ILE C 87 83.77 -92.39 5.46
N ARG C 88 82.93 -92.80 6.41
CA ARG C 88 82.37 -91.90 7.41
C ARG C 88 82.58 -92.49 8.80
N HIS C 89 83.22 -91.73 9.69
CA HIS C 89 83.43 -92.19 11.06
C HIS C 89 83.54 -90.98 11.98
N LYS C 90 83.29 -91.20 13.27
CA LYS C 90 83.23 -90.12 14.25
C LYS C 90 84.63 -89.62 14.59
N VAL C 91 84.70 -88.37 15.03
CA VAL C 91 85.95 -87.81 15.52
C VAL C 91 86.31 -88.48 16.85
N GLY C 92 87.60 -88.74 17.02
CA GLY C 92 88.09 -89.38 18.22
C GLY C 92 87.94 -90.89 18.28
N ASP C 93 87.60 -91.54 17.17
CA ASP C 93 87.45 -92.98 17.15
C ASP C 93 88.82 -93.66 16.99
N VAL C 94 88.82 -94.98 17.15
CA VAL C 94 90.04 -95.78 16.95
C VAL C 94 90.19 -96.05 15.46
N SER C 95 91.37 -95.73 14.92
CA SER C 95 91.57 -95.83 13.47
C SER C 95 91.63 -97.26 12.99
N ALA C 96 92.09 -98.18 13.84
CA ALA C 96 92.27 -99.57 13.41
C ALA C 96 90.95 -100.21 13.00
N THR C 97 89.88 -99.98 13.77
CA THR C 97 88.60 -100.60 13.45
C THR C 97 88.03 -100.04 12.15
N VAL C 98 88.10 -98.73 11.95
CA VAL C 98 87.64 -98.16 10.68
C VAL C 98 88.44 -98.74 9.53
N SER C 99 89.75 -98.88 9.72
CA SER C 99 90.59 -99.47 8.67
C SER C 99 90.18 -100.90 8.38
N ASP C 100 89.83 -101.66 9.41
CA ASP C 100 89.40 -103.04 9.20
C ASP C 100 88.09 -103.12 8.43
N LEU C 101 87.14 -102.24 8.76
CA LEU C 101 85.89 -102.20 7.99
C LEU C 101 86.18 -101.85 6.53
N GLY C 102 87.10 -100.91 6.31
CA GLY C 102 87.49 -100.58 4.94
C GLY C 102 88.13 -101.75 4.23
N GLU C 103 88.98 -102.51 4.93
CA GLU C 103 89.56 -103.71 4.35
C GLU C 103 88.50 -104.70 3.95
N ALA C 104 87.49 -104.89 4.81
CA ALA C 104 86.40 -105.79 4.47
C ALA C 104 85.70 -105.34 3.20
N LEU C 105 85.36 -104.05 3.11
CA LEU C 105 84.67 -103.56 1.91
C LEU C 105 85.53 -103.75 0.67
N SER C 106 86.81 -103.39 0.75
CA SER C 106 87.68 -103.51 -0.41
C SER C 106 87.84 -104.96 -0.83
N PHE C 107 87.99 -105.87 0.13
CA PHE C 107 88.22 -107.27 -0.20
C PHE C 107 86.96 -107.93 -0.74
N TYR C 108 85.78 -107.50 -0.31
CA TYR C 108 84.56 -108.07 -0.85
C TYR C 108 84.44 -107.80 -2.35
N LEU C 109 84.71 -106.57 -2.77
CA LEU C 109 84.59 -106.23 -4.19
C LEU C 109 85.60 -107.03 -4.99
N ASN C 110 85.16 -107.55 -6.14
CA ASN C 110 85.96 -108.51 -6.88
C ASN C 110 85.50 -108.49 -8.34
N GLU C 111 86.29 -109.11 -9.20
CA GLU C 111 85.94 -109.18 -10.62
C GLU C 111 84.60 -109.87 -10.82
N ALA C 112 84.39 -111.03 -10.19
CA ALA C 112 83.12 -111.72 -10.33
C ALA C 112 81.99 -110.88 -9.74
N LEU C 113 82.22 -110.26 -8.60
CA LEU C 113 81.20 -109.39 -8.01
C LEU C 113 80.86 -108.24 -8.94
N TYR C 114 81.88 -107.60 -9.51
CA TYR C 114 81.63 -106.49 -10.42
C TYR C 114 80.85 -106.96 -11.65
N GLY C 115 81.21 -108.13 -12.19
CA GLY C 115 80.48 -108.66 -13.32
C GLY C 115 79.01 -108.90 -12.99
N LYS C 116 78.75 -109.48 -11.83
CA LYS C 116 77.35 -109.70 -11.43
C LYS C 116 76.63 -108.37 -11.20
N LEU C 117 77.32 -107.40 -10.60
CA LEU C 117 76.68 -106.16 -10.20
C LEU C 117 76.35 -105.28 -11.40
N ILE C 118 77.20 -105.28 -12.43
CA ILE C 118 76.86 -104.56 -13.65
C ILE C 118 75.58 -105.11 -14.26
N GLY C 119 75.27 -106.36 -13.98
CA GLY C 119 74.09 -107.00 -14.53
C GLY C 119 72.79 -106.68 -13.79
N TRP C 120 72.75 -105.59 -13.04
CA TRP C 120 71.55 -105.15 -12.33
C TRP C 120 71.09 -106.14 -11.27
N GLU C 121 71.94 -107.10 -10.91
CA GLU C 121 71.59 -108.08 -9.89
C GLU C 121 71.42 -107.39 -8.54
N SER C 122 70.56 -107.97 -7.69
CA SER C 122 70.31 -107.43 -6.36
C SER C 122 69.90 -108.54 -5.40
N ALA D 1 118.54 -53.06 -38.47
CA ALA D 1 119.28 -54.35 -38.48
C ALA D 1 118.29 -55.52 -38.56
N LEU D 2 118.76 -56.72 -38.21
CA LEU D 2 117.96 -57.94 -38.36
C LEU D 2 117.74 -58.29 -39.82
N GLY D 3 118.31 -57.51 -40.75
CA GLY D 3 118.18 -57.80 -42.15
C GLY D 3 116.78 -57.52 -42.66
N ASP D 4 116.60 -57.74 -43.96
CA ASP D 4 115.29 -57.60 -44.57
C ASP D 4 114.44 -58.86 -44.41
N THR D 5 115.05 -59.98 -44.04
CA THR D 5 114.34 -61.24 -43.90
C THR D 5 114.58 -61.85 -42.52
N LEU D 6 113.57 -62.54 -42.01
CA LEU D 6 113.58 -63.18 -40.70
C LEU D 6 113.31 -64.66 -40.91
N THR D 7 114.11 -65.51 -40.25
CA THR D 7 114.03 -66.95 -40.45
C THR D 7 113.43 -67.61 -39.22
N ILE D 8 112.40 -68.42 -39.44
CA ILE D 8 111.78 -69.23 -38.40
C ILE D 8 112.02 -70.69 -38.76
N THR D 9 112.59 -71.45 -37.82
CA THR D 9 112.91 -72.85 -38.02
C THR D 9 111.96 -73.67 -37.14
N LEU D 10 110.80 -74.01 -37.70
CA LEU D 10 109.83 -74.78 -36.94
C LEU D 10 110.44 -76.10 -36.49
N GLY D 11 110.16 -76.49 -35.25
CA GLY D 11 110.75 -77.70 -34.71
C GLY D 11 112.17 -77.56 -34.24
N GLY D 12 112.61 -76.35 -33.90
CA GLY D 12 113.94 -76.20 -33.36
C GLY D 12 115.02 -76.46 -34.41
N SER D 13 116.19 -76.84 -33.91
CA SER D 13 117.30 -77.14 -34.80
C SER D 13 116.96 -78.32 -35.72
N GLY D 14 117.32 -78.18 -36.99
CA GLY D 14 117.16 -79.24 -37.96
C GLY D 14 115.79 -79.39 -38.59
N GLY D 15 114.84 -78.50 -38.28
CA GLY D 15 113.49 -78.61 -38.77
C GLY D 15 113.27 -77.86 -40.08
N THR D 16 111.99 -77.63 -40.37
CA THR D 16 111.61 -76.87 -41.55
C THR D 16 111.93 -75.40 -41.35
N ALA D 17 112.47 -74.77 -42.39
CA ALA D 17 112.83 -73.36 -42.35
C ALA D 17 111.83 -72.53 -43.14
N LYS D 18 111.38 -71.44 -42.56
CA LYS D 18 110.48 -70.50 -43.20
C LYS D 18 111.14 -69.12 -43.21
N VAL D 19 111.05 -68.42 -44.33
CA VAL D 19 111.67 -67.11 -44.50
C VAL D 19 110.58 -66.05 -44.56
N LEU D 20 110.66 -65.09 -43.64
CA LEU D 20 109.76 -63.94 -43.62
C LEU D 20 110.44 -62.74 -44.25
N ARG D 21 109.65 -61.72 -44.56
CA ARG D 21 110.15 -60.49 -45.18
C ARG D 21 109.57 -59.28 -44.48
N LYS D 22 110.37 -58.22 -44.38
CA LYS D 22 109.89 -57.01 -43.72
C LYS D 22 108.85 -56.29 -44.60
N ILE D 23 107.88 -55.66 -43.95
CA ILE D 23 106.75 -55.02 -44.61
C ILE D 23 106.62 -53.56 -44.19
N ASN D 24 106.61 -53.31 -42.89
CA ASN D 24 106.22 -52.00 -42.35
C ASN D 24 107.13 -51.65 -41.19
N GLN D 25 107.09 -50.38 -40.79
CA GLN D 25 107.86 -49.92 -39.63
C GLN D 25 107.21 -48.64 -39.11
N ASP D 26 106.52 -48.74 -37.98
CA ASP D 26 105.89 -47.58 -37.34
C ASP D 26 106.05 -47.68 -35.84
N GLY D 27 106.31 -46.53 -35.21
CA GLY D 27 106.28 -46.44 -33.77
C GLY D 27 107.21 -47.38 -33.05
N TYR D 28 108.47 -47.47 -33.51
CA TYR D 28 109.46 -48.37 -32.89
C TYR D 28 108.95 -49.81 -32.92
N THR D 29 108.34 -50.20 -34.04
CA THR D 29 107.86 -51.56 -34.23
C THR D 29 108.24 -52.01 -35.63
N SER D 30 108.25 -53.33 -35.83
CA SER D 30 108.59 -53.92 -37.10
C SER D 30 107.73 -55.16 -37.32
N GLU D 31 107.43 -55.44 -38.58
CA GLU D 31 106.54 -56.54 -38.95
C GLU D 31 107.17 -57.35 -40.08
N TYR D 32 106.89 -58.65 -40.08
CA TYR D 32 107.32 -59.56 -41.13
C TYR D 32 106.15 -60.45 -41.51
N TYR D 33 106.13 -60.93 -42.76
CA TYR D 33 104.98 -61.67 -43.26
C TYR D 33 105.42 -62.69 -44.28
N LEU D 34 104.59 -63.73 -44.46
CA LEU D 34 104.77 -64.74 -45.50
C LEU D 34 103.46 -65.48 -45.75
N PRO D 35 102.85 -65.35 -46.93
CA PRO D 35 101.61 -66.09 -47.20
C PRO D 35 101.84 -67.41 -47.92
N GLU D 36 100.87 -68.30 -47.74
CA GLU D 36 100.87 -69.62 -48.36
C GLU D 36 99.42 -70.07 -48.48
N THR D 37 99.22 -71.24 -49.12
CA THR D 37 97.87 -71.65 -49.49
C THR D 37 96.98 -71.84 -48.26
N SER D 38 97.50 -72.50 -47.22
CA SER D 38 96.67 -72.93 -46.10
C SER D 38 96.85 -72.11 -44.83
N SER D 39 97.89 -71.29 -44.73
CA SER D 39 98.16 -70.60 -43.47
C SER D 39 98.93 -69.32 -43.77
N SER D 40 99.47 -68.69 -42.72
CA SER D 40 100.25 -67.48 -42.83
C SER D 40 101.15 -67.35 -41.61
N PHE D 41 102.23 -66.60 -41.78
CA PHE D 41 103.21 -66.36 -40.72
C PHE D 41 103.42 -64.87 -40.55
N ARG D 42 103.35 -64.40 -39.30
CA ARG D 42 103.64 -63.01 -38.96
C ARG D 42 104.62 -62.99 -37.80
N ALA D 43 105.66 -62.17 -37.91
CA ALA D 43 106.59 -61.92 -36.83
C ALA D 43 106.60 -60.42 -36.55
N LYS D 44 106.52 -60.04 -35.27
CA LYS D 44 106.20 -58.68 -34.87
C LYS D 44 107.07 -58.29 -33.69
N VAL D 45 107.59 -57.06 -33.70
CA VAL D 45 108.52 -56.59 -32.67
C VAL D 45 108.08 -55.20 -32.21
N ARG D 46 108.14 -54.97 -30.90
CA ARG D 46 107.90 -53.65 -30.32
C ARG D 46 108.99 -53.28 -29.32
N HIS D 47 109.11 -51.97 -29.09
CA HIS D 47 109.79 -51.41 -27.92
C HIS D 47 108.94 -50.29 -27.34
N THR D 48 109.11 -50.05 -26.04
CA THR D 48 108.33 -49.02 -25.37
C THR D 48 109.03 -48.61 -24.07
N LYS D 49 108.60 -47.49 -23.53
CA LYS D 49 109.21 -46.86 -22.36
C LYS D 49 108.11 -46.25 -21.51
N GLU D 50 108.08 -46.58 -20.22
CA GLU D 50 107.02 -46.08 -19.36
C GLU D 50 107.21 -44.59 -19.06
N SER D 51 106.13 -43.94 -18.66
CA SER D 51 106.15 -42.50 -18.43
C SER D 51 107.01 -42.17 -17.20
N VAL D 52 107.55 -40.95 -17.21
CA VAL D 52 108.42 -40.48 -16.14
C VAL D 52 107.57 -39.94 -15.00
N LYS D 53 107.82 -40.42 -13.79
CA LYS D 53 107.12 -39.97 -12.60
C LYS D 53 108.12 -39.62 -11.52
N PRO D 54 107.80 -38.63 -10.67
CA PRO D 54 108.80 -38.15 -9.71
C PRO D 54 109.19 -39.22 -8.71
N ASN D 55 110.48 -39.28 -8.41
CA ASN D 55 111.07 -40.18 -7.41
C ASN D 55 110.53 -41.62 -7.56
N GLN D 56 110.52 -42.10 -8.80
CA GLN D 56 110.47 -43.53 -9.07
C GLN D 56 111.37 -43.83 -10.26
N VAL D 57 111.77 -45.10 -10.36
CA VAL D 57 112.68 -45.52 -11.43
C VAL D 57 111.93 -45.57 -12.75
N GLN D 58 112.69 -45.61 -13.84
CA GLN D 58 112.15 -45.65 -15.19
C GLN D 58 112.69 -46.86 -15.92
N TYR D 59 111.82 -47.53 -16.69
CA TYR D 59 112.10 -48.87 -17.20
C TYR D 59 111.92 -48.91 -18.71
N GLU D 60 112.35 -50.02 -19.31
CA GLU D 60 112.17 -50.28 -20.73
C GLU D 60 111.72 -51.71 -20.96
N ARG D 61 110.90 -51.92 -21.99
CA ARG D 61 110.36 -53.22 -22.33
C ARG D 61 110.72 -53.57 -23.77
N HIS D 62 111.11 -54.83 -24.00
CA HIS D 62 111.32 -55.38 -25.33
C HIS D 62 110.45 -56.62 -25.52
N ASN D 63 109.84 -56.74 -26.69
CA ASN D 63 108.87 -57.80 -26.95
C ASN D 63 109.06 -58.37 -28.35
N VAL D 64 108.86 -59.69 -28.48
CA VAL D 64 108.94 -60.38 -29.76
C VAL D 64 107.77 -61.35 -29.85
N GLU D 65 107.05 -61.33 -30.97
CA GLU D 65 105.83 -62.11 -31.15
C GLU D 65 105.95 -63.00 -32.38
N PHE D 66 105.64 -64.29 -32.22
CA PHE D 66 105.47 -65.22 -33.33
C PHE D 66 104.00 -65.66 -33.39
N THR D 67 103.42 -65.62 -34.58
CA THR D 67 102.01 -65.90 -34.77
C THR D 67 101.81 -66.74 -36.01
N GLU D 68 100.88 -67.68 -35.93
CA GLU D 68 100.50 -68.53 -37.07
C GLU D 68 98.98 -68.55 -37.18
N THR D 69 98.47 -68.21 -38.35
CA THR D 69 97.04 -68.11 -38.60
C THR D 69 96.65 -69.12 -39.67
N VAL D 70 95.63 -69.92 -39.40
CA VAL D 70 95.17 -70.97 -40.31
C VAL D 70 93.79 -70.59 -40.82
N TYR D 71 93.63 -70.52 -42.14
CA TYR D 71 92.36 -70.13 -42.72
C TYR D 71 91.29 -71.19 -42.47
N ALA D 72 90.06 -70.73 -42.30
CA ALA D 72 88.95 -71.63 -42.02
C ALA D 72 88.73 -72.61 -43.16
N SER D 73 88.54 -73.89 -42.82
CA SER D 73 88.28 -74.93 -43.79
C SER D 73 87.11 -75.77 -43.32
N GLY D 74 86.19 -76.05 -44.23
CA GLY D 74 85.00 -76.82 -43.85
C GLY D 74 84.25 -76.14 -42.74
N SER D 75 83.83 -76.92 -41.75
CA SER D 75 83.10 -76.38 -40.61
C SER D 75 84.02 -75.85 -39.51
N THR D 76 85.32 -76.07 -39.61
CA THR D 76 86.25 -75.62 -38.59
C THR D 76 86.57 -74.14 -38.77
N PRO D 77 86.32 -73.28 -37.78
CA PRO D 77 86.68 -71.87 -37.92
C PRO D 77 88.17 -71.65 -37.80
N GLU D 78 88.60 -70.48 -38.27
CA GLU D 78 90.01 -70.14 -38.23
C GLU D 78 90.47 -69.91 -36.80
N PHE D 79 91.70 -70.31 -36.53
CA PHE D 79 92.28 -70.13 -35.21
C PHE D 79 93.76 -69.81 -35.37
N VAL D 80 94.45 -69.65 -34.25
CA VAL D 80 95.77 -69.03 -34.22
C VAL D 80 96.68 -69.75 -33.26
N ARG D 81 97.98 -69.76 -33.57
CA ARG D 81 99.02 -70.19 -32.65
C ARG D 81 99.93 -69.00 -32.38
N GLN D 82 100.24 -68.76 -31.11
CA GLN D 82 100.96 -67.57 -30.69
C GLN D 82 102.01 -67.93 -29.65
N ALA D 83 103.09 -67.15 -29.62
CA ALA D 83 104.16 -67.33 -28.64
C ALA D 83 105.07 -66.11 -28.67
N TYR D 84 105.30 -65.50 -27.50
CA TYR D 84 106.05 -64.24 -27.47
C TYR D 84 106.82 -64.11 -26.17
N VAL D 85 107.78 -63.16 -26.19
CA VAL D 85 108.71 -62.93 -25.09
C VAL D 85 108.67 -61.45 -24.71
N VAL D 86 108.97 -61.16 -23.45
CA VAL D 86 109.04 -59.80 -22.93
C VAL D 86 110.24 -59.69 -22.02
N ILE D 87 110.91 -58.54 -22.06
CA ILE D 87 112.08 -58.26 -21.23
C ILE D 87 111.92 -56.87 -20.64
N ARG D 88 112.18 -56.72 -19.34
CA ARG D 88 112.04 -55.45 -18.66
C ARG D 88 113.30 -55.18 -17.83
N HIS D 89 113.88 -53.99 -18.01
CA HIS D 89 115.12 -53.64 -17.33
C HIS D 89 115.20 -52.13 -17.24
N LYS D 90 116.07 -51.64 -16.36
CA LYS D 90 116.16 -50.22 -16.08
C LYS D 90 116.92 -49.51 -17.21
N VAL D 91 116.70 -48.19 -17.31
CA VAL D 91 117.22 -47.43 -18.45
C VAL D 91 118.74 -47.44 -18.45
N GLY D 92 119.35 -47.20 -17.29
CA GLY D 92 120.79 -47.14 -17.19
C GLY D 92 121.49 -48.47 -16.93
N ASP D 93 120.75 -49.57 -16.88
CA ASP D 93 121.34 -50.85 -16.51
C ASP D 93 122.36 -51.30 -17.54
N VAL D 94 123.27 -52.18 -17.09
CA VAL D 94 124.27 -52.77 -17.98
C VAL D 94 123.61 -53.85 -18.82
N SER D 95 124.07 -53.97 -20.07
CA SER D 95 123.44 -54.89 -21.01
C SER D 95 123.83 -56.34 -20.74
N ALA D 96 125.05 -56.58 -20.26
CA ALA D 96 125.55 -57.95 -20.13
C ALA D 96 124.69 -58.79 -19.20
N THR D 97 124.33 -58.23 -18.03
CA THR D 97 123.54 -58.98 -17.07
C THR D 97 122.14 -59.30 -17.60
N VAL D 98 121.49 -58.31 -18.23
CA VAL D 98 120.17 -58.57 -18.80
C VAL D 98 120.26 -59.66 -19.86
N SER D 99 121.31 -59.59 -20.68
CA SER D 99 121.50 -60.60 -21.72
C SER D 99 121.70 -61.98 -21.11
N ASP D 100 122.46 -62.05 -20.00
CA ASP D 100 122.67 -63.34 -19.35
C ASP D 100 121.37 -63.91 -18.79
N LEU D 101 120.54 -63.06 -18.19
CA LEU D 101 119.26 -63.54 -17.68
C LEU D 101 118.38 -64.05 -18.83
N GLY D 102 118.36 -63.32 -19.94
CA GLY D 102 117.60 -63.78 -21.09
C GLY D 102 118.12 -65.09 -21.64
N GLU D 103 119.44 -65.24 -21.70
CA GLU D 103 120.04 -66.48 -22.18
C GLU D 103 119.68 -67.64 -21.27
N ALA D 104 119.66 -67.40 -19.96
CA ALA D 104 119.23 -68.44 -19.03
C ALA D 104 117.78 -68.85 -19.31
N LEU D 105 116.90 -67.86 -19.49
CA LEU D 105 115.50 -68.19 -19.75
C LEU D 105 115.36 -69.01 -21.02
N SER D 106 116.07 -68.61 -22.08
CA SER D 106 116.00 -69.35 -23.33
C SER D 106 116.55 -70.76 -23.17
N PHE D 107 117.63 -70.92 -22.39
CA PHE D 107 118.25 -72.23 -22.23
C PHE D 107 117.37 -73.17 -21.42
N TYR D 108 116.57 -72.62 -20.49
CA TYR D 108 115.65 -73.46 -19.73
C TYR D 108 114.59 -74.10 -20.62
N LEU D 109 113.97 -73.31 -21.50
CA LEU D 109 112.85 -73.79 -22.30
C LEU D 109 113.38 -74.64 -23.45
N ASN D 110 113.05 -75.94 -23.44
CA ASN D 110 113.58 -76.87 -24.43
C ASN D 110 112.50 -77.86 -24.82
N GLU D 111 112.93 -78.97 -25.43
CA GLU D 111 112.00 -79.99 -25.90
C GLU D 111 111.13 -80.54 -24.78
N ALA D 112 111.74 -81.06 -23.72
CA ALA D 112 110.99 -81.79 -22.72
C ALA D 112 110.07 -80.88 -21.91
N LEU D 113 110.56 -79.71 -21.52
CA LEU D 113 109.78 -78.85 -20.63
C LEU D 113 108.47 -78.42 -21.28
N TYR D 114 108.47 -78.20 -22.59
CA TYR D 114 107.24 -77.80 -23.27
C TYR D 114 106.15 -78.85 -23.14
N GLY D 115 106.52 -80.13 -23.23
CA GLY D 115 105.55 -81.18 -23.03
C GLY D 115 104.91 -81.12 -21.65
N LYS D 116 105.69 -80.72 -20.64
CA LYS D 116 105.15 -80.62 -19.30
C LYS D 116 104.18 -79.46 -19.17
N LEU D 117 104.51 -78.30 -19.73
CA LEU D 117 103.58 -77.16 -19.67
C LEU D 117 102.27 -77.48 -20.36
N ILE D 118 102.34 -78.06 -21.56
CA ILE D 118 101.11 -78.37 -22.28
C ILE D 118 100.29 -79.41 -21.54
N GLY D 119 100.90 -80.11 -20.59
CA GLY D 119 100.21 -81.07 -19.74
C GLY D 119 99.66 -80.51 -18.44
N TRP D 120 99.60 -79.18 -18.30
CA TRP D 120 99.05 -78.51 -17.12
C TRP D 120 99.82 -78.83 -15.85
N GLU D 121 101.05 -79.34 -15.98
CA GLU D 121 101.94 -79.44 -14.83
C GLU D 121 102.38 -78.05 -14.40
N SER D 122 102.29 -77.77 -13.10
CA SER D 122 102.68 -76.47 -12.57
C SER D 122 103.94 -76.60 -11.71
N ALA E 1 116.63 -40.49 -46.94
CA ALA E 1 117.45 -41.67 -47.36
C ALA E 1 118.94 -41.42 -47.12
N LEU E 2 119.26 -40.83 -45.96
CA LEU E 2 120.65 -40.52 -45.65
C LEU E 2 121.49 -41.79 -45.55
N GLY E 3 120.94 -42.84 -44.94
CA GLY E 3 121.67 -44.08 -44.73
C GLY E 3 121.34 -44.70 -43.39
N ASP E 4 121.63 -45.99 -43.24
CA ASP E 4 121.26 -46.69 -42.02
C ASP E 4 122.04 -46.17 -40.82
N THR E 5 123.34 -45.90 -40.99
CA THR E 5 124.20 -45.45 -39.92
C THR E 5 124.56 -43.98 -40.10
N LEU E 6 124.46 -43.21 -39.02
CA LEU E 6 124.87 -41.82 -38.99
C LEU E 6 126.02 -41.69 -37.99
N THR E 7 127.10 -41.03 -38.41
CA THR E 7 128.32 -40.95 -37.62
C THR E 7 128.47 -39.57 -37.00
N ILE E 8 128.78 -39.54 -35.71
CA ILE E 8 129.05 -38.31 -34.98
C ILE E 8 130.50 -38.37 -34.49
N THR E 9 131.31 -37.41 -34.94
CA THR E 9 132.72 -37.33 -34.57
C THR E 9 132.85 -36.27 -33.48
N LEU E 10 132.69 -36.70 -32.22
CA LEU E 10 132.62 -35.75 -31.13
C LEU E 10 133.94 -35.00 -30.99
N GLY E 11 133.84 -33.73 -30.60
CA GLY E 11 135.01 -32.90 -30.46
C GLY E 11 135.55 -32.32 -31.74
N GLY E 12 134.76 -32.34 -32.83
CA GLY E 12 135.21 -31.74 -34.07
C GLY E 12 135.82 -32.74 -35.03
N SER E 13 136.84 -32.32 -35.74
CA SER E 13 137.55 -33.18 -36.69
C SER E 13 138.65 -34.01 -36.02
N GLY E 14 138.83 -33.89 -34.71
CA GLY E 14 139.87 -34.64 -34.03
C GLY E 14 139.67 -36.14 -34.08
N GLY E 15 138.63 -36.63 -33.42
CA GLY E 15 138.36 -38.06 -33.37
C GLY E 15 137.10 -38.39 -32.57
N THR E 16 137.11 -39.51 -31.86
CA THR E 16 135.98 -39.92 -31.02
C THR E 16 134.72 -40.06 -31.86
N ALA E 17 134.77 -41.01 -32.79
CA ALA E 17 133.67 -41.25 -33.71
C ALA E 17 132.67 -42.25 -33.12
N LYS E 18 131.41 -41.85 -33.09
CA LYS E 18 130.32 -42.71 -32.65
C LYS E 18 129.45 -43.06 -33.84
N VAL E 19 128.98 -44.30 -33.90
CA VAL E 19 128.13 -44.79 -34.98
C VAL E 19 126.73 -44.98 -34.43
N LEU E 20 125.75 -44.36 -35.07
CA LEU E 20 124.37 -44.34 -34.61
C LEU E 20 123.51 -45.17 -35.55
N ARG E 21 122.64 -46.00 -34.98
CA ARG E 21 121.78 -46.88 -35.75
C ARG E 21 120.41 -46.24 -35.98
N LYS E 22 119.76 -46.62 -37.07
CA LYS E 22 118.41 -46.14 -37.37
C LYS E 22 117.38 -46.99 -36.63
N ILE E 23 116.32 -46.32 -36.15
CA ILE E 23 115.29 -46.96 -35.36
C ILE E 23 113.92 -46.78 -36.00
N ASN E 24 113.51 -45.52 -36.19
CA ASN E 24 112.15 -45.20 -36.57
C ASN E 24 112.18 -44.22 -37.75
N GLN E 25 111.16 -44.31 -38.62
CA GLN E 25 110.97 -43.32 -39.68
C GLN E 25 109.47 -43.14 -39.90
N ASP E 26 108.93 -42.02 -39.41
CA ASP E 26 107.53 -41.70 -39.61
C ASP E 26 107.39 -40.22 -39.94
N GLY E 27 106.54 -39.91 -40.91
CA GLY E 27 106.18 -38.55 -41.21
C GLY E 27 107.34 -37.67 -41.64
N TYR E 28 108.15 -38.16 -42.58
CA TYR E 28 109.29 -37.40 -43.07
C TYR E 28 110.24 -37.03 -41.93
N THR E 29 110.38 -37.94 -40.97
CA THR E 29 111.25 -37.74 -39.82
C THR E 29 112.05 -39.02 -39.60
N SER E 30 113.26 -38.86 -39.05
CA SER E 30 114.14 -39.99 -38.76
C SER E 30 114.76 -39.82 -37.38
N GLU E 31 115.12 -40.95 -36.78
CA GLU E 31 115.72 -40.96 -35.44
C GLU E 31 116.84 -41.98 -35.41
N TYR E 32 117.88 -41.67 -34.62
CA TYR E 32 119.05 -42.52 -34.46
C TYR E 32 119.35 -42.68 -32.98
N TYR E 33 119.98 -43.80 -32.60
CA TYR E 33 120.23 -44.05 -31.19
C TYR E 33 121.48 -44.92 -31.03
N LEU E 34 122.16 -44.77 -29.88
CA LEU E 34 123.29 -45.59 -29.50
C LEU E 34 123.50 -45.55 -27.99
N PRO E 35 123.40 -46.67 -27.27
CA PRO E 35 123.66 -46.65 -25.84
C PRO E 35 125.09 -47.01 -25.48
N GLU E 36 125.54 -46.44 -24.36
CA GLU E 36 126.89 -46.68 -23.84
C GLU E 36 126.80 -47.00 -22.36
N THR E 37 127.95 -47.05 -21.67
CA THR E 37 127.94 -47.35 -20.25
C THR E 37 127.36 -46.19 -19.43
N SER E 38 127.73 -44.95 -19.76
CA SER E 38 127.34 -43.81 -18.96
C SER E 38 126.54 -42.76 -19.71
N SER E 39 126.30 -42.93 -21.01
CA SER E 39 125.48 -42.00 -21.76
C SER E 39 125.01 -42.68 -23.04
N SER E 40 124.14 -42.00 -23.76
CA SER E 40 123.65 -42.48 -25.05
C SER E 40 123.47 -41.28 -25.97
N PHE E 41 123.54 -41.53 -27.27
CA PHE E 41 123.45 -40.48 -28.28
C PHE E 41 122.21 -40.68 -29.13
N ARG E 42 121.55 -39.58 -29.45
CA ARG E 42 120.31 -39.58 -30.22
C ARG E 42 120.38 -38.45 -31.24
N ALA E 43 119.87 -38.71 -32.44
CA ALA E 43 119.84 -37.72 -33.51
C ALA E 43 118.50 -37.80 -34.23
N LYS E 44 117.92 -36.65 -34.54
CA LYS E 44 116.65 -36.60 -35.26
C LYS E 44 116.73 -35.63 -36.43
N VAL E 45 115.97 -35.94 -37.47
CA VAL E 45 115.82 -35.10 -38.65
C VAL E 45 114.33 -34.95 -38.92
N ARG E 46 113.86 -33.71 -39.11
CA ARG E 46 112.47 -33.48 -39.45
C ARG E 46 112.34 -32.39 -40.50
N HIS E 47 111.34 -32.53 -41.35
CA HIS E 47 110.93 -31.52 -42.32
C HIS E 47 109.46 -31.18 -42.08
N THR E 48 109.12 -29.90 -42.22
CA THR E 48 107.75 -29.44 -42.01
C THR E 48 107.42 -28.35 -43.02
N LYS E 49 106.13 -28.03 -43.11
CA LYS E 49 105.62 -26.97 -43.97
C LYS E 49 104.75 -26.06 -43.12
N GLU E 50 105.09 -24.77 -43.09
CA GLU E 50 104.35 -23.84 -42.26
C GLU E 50 102.90 -23.70 -42.73
N SER E 51 102.07 -23.16 -41.85
CA SER E 51 100.65 -23.04 -42.11
C SER E 51 100.39 -22.07 -43.26
N VAL E 52 99.36 -22.37 -44.05
CA VAL E 52 98.98 -21.56 -45.19
C VAL E 52 98.10 -20.42 -44.74
N LYS E 53 98.33 -19.24 -45.31
CA LYS E 53 97.50 -18.06 -45.08
C LYS E 53 96.99 -17.57 -46.43
N PRO E 54 95.86 -16.87 -46.46
CA PRO E 54 95.25 -16.55 -47.76
C PRO E 54 96.15 -15.75 -48.69
N ASN E 55 96.93 -14.80 -48.18
CA ASN E 55 97.68 -13.87 -49.02
C ASN E 55 99.08 -13.65 -48.49
N GLN E 56 99.78 -14.74 -48.12
CA GLN E 56 101.15 -14.67 -47.65
C GLN E 56 101.99 -15.72 -48.35
N VAL E 57 103.31 -15.62 -48.19
CA VAL E 57 104.24 -16.55 -48.82
C VAL E 57 104.31 -17.84 -48.00
N GLN E 58 104.60 -18.94 -48.68
CA GLN E 58 104.65 -20.26 -48.07
C GLN E 58 106.10 -20.62 -47.78
N TYR E 59 106.38 -21.06 -46.56
CA TYR E 59 107.72 -21.34 -46.10
C TYR E 59 107.88 -22.81 -45.72
N GLU E 60 109.09 -23.33 -45.95
CA GLU E 60 109.49 -24.64 -45.46
C GLU E 60 110.40 -24.47 -44.25
N ARG E 61 110.87 -25.59 -43.70
CA ARG E 61 111.71 -25.55 -42.52
C ARG E 61 112.38 -26.91 -42.37
N HIS E 62 113.69 -26.90 -42.10
CA HIS E 62 114.46 -28.12 -41.89
C HIS E 62 115.30 -27.98 -40.63
N ASN E 63 115.43 -29.07 -39.87
CA ASN E 63 116.09 -29.03 -38.58
C ASN E 63 116.81 -30.33 -38.30
N VAL E 64 118.02 -30.21 -37.74
CA VAL E 64 118.84 -31.36 -37.35
C VAL E 64 119.33 -31.11 -35.93
N GLU E 65 119.18 -32.12 -35.06
CA GLU E 65 119.50 -31.98 -33.64
C GLU E 65 120.37 -33.14 -33.18
N PHE E 66 121.20 -32.87 -32.17
CA PHE E 66 121.98 -33.89 -31.48
C PHE E 66 121.69 -33.79 -29.98
N THR E 67 121.54 -34.95 -29.33
CA THR E 67 121.22 -34.97 -27.91
C THR E 67 122.05 -36.05 -27.21
N GLU E 68 122.61 -35.69 -26.05
CA GLU E 68 123.38 -36.60 -25.22
C GLU E 68 122.86 -36.55 -23.79
N THR E 69 122.52 -37.71 -23.24
CA THR E 69 121.96 -37.82 -21.89
C THR E 69 122.91 -38.62 -21.00
N VAL E 70 123.16 -38.12 -19.80
CA VAL E 70 124.11 -38.72 -18.87
C VAL E 70 123.33 -39.31 -17.71
N TYR E 71 123.46 -40.62 -17.50
CA TYR E 71 122.71 -41.28 -16.45
C TYR E 71 123.13 -40.78 -15.08
N ALA E 72 122.16 -40.72 -14.17
CA ALA E 72 122.39 -40.18 -12.84
C ALA E 72 123.36 -41.07 -12.08
N SER E 73 124.21 -40.44 -11.28
CA SER E 73 125.23 -41.13 -10.51
C SER E 73 125.45 -40.39 -9.20
N GLY E 74 125.62 -41.15 -8.13
CA GLY E 74 125.75 -40.54 -6.82
C GLY E 74 124.54 -39.70 -6.49
N SER E 75 124.78 -38.50 -5.96
CA SER E 75 123.70 -37.56 -5.69
C SER E 75 123.36 -36.68 -6.88
N THR E 76 124.15 -36.72 -7.95
CA THR E 76 123.87 -35.93 -9.14
C THR E 76 122.71 -36.54 -9.91
N PRO E 77 121.65 -35.78 -10.23
CA PRO E 77 120.54 -36.36 -10.98
C PRO E 77 120.79 -36.38 -12.48
N GLU E 78 119.75 -36.77 -13.24
CA GLU E 78 119.82 -36.81 -14.69
C GLU E 78 120.01 -35.41 -15.26
N PHE E 79 120.71 -35.34 -16.39
CA PHE E 79 120.80 -34.09 -17.16
C PHE E 79 121.19 -34.46 -18.59
N VAL E 80 121.16 -33.46 -19.47
CA VAL E 80 121.22 -33.70 -20.91
C VAL E 80 121.93 -32.54 -21.59
N ARG E 81 122.60 -32.86 -22.69
CA ARG E 81 123.16 -31.86 -23.60
C ARG E 81 122.54 -32.01 -24.98
N GLN E 82 122.38 -30.88 -25.66
CA GLN E 82 121.59 -30.81 -26.88
C GLN E 82 122.09 -29.64 -27.73
N ALA E 83 121.88 -29.75 -29.04
CA ALA E 83 122.21 -28.66 -29.95
C ALA E 83 121.60 -28.96 -31.32
N TYR E 84 120.95 -27.97 -31.92
CA TYR E 84 120.26 -28.20 -33.18
C TYR E 84 120.31 -26.96 -34.07
N VAL E 85 120.02 -27.17 -35.36
CA VAL E 85 120.02 -26.13 -36.38
C VAL E 85 118.69 -26.16 -37.10
N VAL E 86 118.27 -24.99 -37.61
CA VAL E 86 117.02 -24.86 -38.37
C VAL E 86 117.32 -24.07 -39.63
N ILE E 87 116.70 -24.46 -40.74
CA ILE E 87 116.81 -23.75 -42.01
C ILE E 87 115.40 -23.39 -42.47
N ARG E 88 115.19 -22.12 -42.81
CA ARG E 88 113.89 -21.63 -43.24
C ARG E 88 114.04 -20.90 -44.57
N HIS E 89 113.27 -21.31 -45.57
CA HIS E 89 113.30 -20.69 -46.88
C HIS E 89 111.98 -20.95 -47.58
N LYS E 90 111.60 -20.06 -48.50
CA LYS E 90 110.29 -20.14 -49.10
C LYS E 90 110.26 -21.22 -50.19
N VAL E 91 109.05 -21.68 -50.50
CA VAL E 91 108.88 -22.73 -51.49
C VAL E 91 109.30 -22.23 -52.86
N GLY E 92 109.96 -23.09 -53.62
CA GLY E 92 110.39 -22.73 -54.95
C GLY E 92 111.57 -21.79 -55.01
N ASP E 93 112.25 -21.59 -53.90
CA ASP E 93 113.41 -20.70 -53.86
C ASP E 93 114.57 -21.42 -54.55
N VAL E 94 115.68 -20.72 -54.75
CA VAL E 94 116.85 -21.29 -55.42
C VAL E 94 117.67 -22.05 -54.40
N SER E 95 117.98 -23.31 -54.71
CA SER E 95 118.58 -24.20 -53.72
C SER E 95 119.98 -23.74 -53.33
N ALA E 96 120.82 -23.41 -54.30
CA ALA E 96 122.21 -23.07 -54.00
C ALA E 96 122.30 -21.81 -53.15
N THR E 97 121.47 -20.81 -53.45
CA THR E 97 121.44 -19.60 -52.64
C THR E 97 121.09 -19.92 -51.19
N VAL E 98 120.08 -20.78 -50.99
CA VAL E 98 119.67 -21.13 -49.64
C VAL E 98 120.78 -21.89 -48.93
N SER E 99 121.50 -22.74 -49.66
CA SER E 99 122.59 -23.50 -49.06
C SER E 99 123.75 -22.60 -48.66
N ASP E 100 124.00 -21.53 -49.42
CA ASP E 100 125.11 -20.63 -49.10
C ASP E 100 124.97 -20.07 -47.69
N LEU E 101 123.77 -19.58 -47.35
CA LEU E 101 123.39 -19.47 -45.95
C LEU E 101 123.27 -20.87 -45.39
N GLY E 102 123.70 -21.05 -44.16
CA GLY E 102 123.88 -22.38 -43.63
C GLY E 102 125.31 -22.83 -43.79
N GLU E 103 125.82 -22.82 -45.02
CA GLU E 103 127.26 -23.06 -45.20
C GLU E 103 128.07 -21.99 -44.47
N ALA E 104 127.64 -20.73 -44.59
CA ALA E 104 128.31 -19.64 -43.89
C ALA E 104 128.22 -19.82 -42.38
N LEU E 105 127.04 -20.21 -41.88
CA LEU E 105 126.89 -20.44 -40.44
C LEU E 105 127.81 -21.54 -39.97
N SER E 106 127.91 -22.63 -40.73
CA SER E 106 128.78 -23.72 -40.34
C SER E 106 130.24 -23.28 -40.32
N PHE E 107 130.66 -22.49 -41.31
CA PHE E 107 132.03 -21.99 -41.30
C PHE E 107 132.29 -21.05 -40.11
N TYR E 108 131.33 -20.19 -39.78
CA TYR E 108 131.54 -19.20 -38.74
C TYR E 108 131.73 -19.87 -37.38
N LEU E 109 130.98 -20.93 -37.11
CA LEU E 109 131.03 -21.58 -35.81
C LEU E 109 132.36 -22.32 -35.63
N ASN E 110 133.03 -22.07 -34.52
CA ASN E 110 134.38 -22.54 -34.29
C ASN E 110 134.62 -22.82 -32.80
N GLU E 111 135.81 -23.32 -32.51
CA GLU E 111 136.24 -23.52 -31.12
C GLU E 111 136.02 -22.26 -30.30
N ALA E 112 136.70 -21.18 -30.68
CA ALA E 112 136.67 -19.96 -29.88
C ALA E 112 135.27 -19.38 -29.80
N LEU E 113 134.52 -19.41 -30.91
CA LEU E 113 133.16 -18.88 -30.88
C LEU E 113 132.29 -19.63 -29.88
N TYR E 114 132.41 -20.96 -29.85
CA TYR E 114 131.68 -21.73 -28.84
C TYR E 114 132.14 -21.37 -27.43
N GLY E 115 133.44 -21.19 -27.23
CA GLY E 115 133.91 -20.78 -25.91
C GLY E 115 133.29 -19.46 -25.48
N LYS E 116 133.28 -18.47 -26.37
CA LYS E 116 132.69 -17.18 -26.05
C LYS E 116 131.20 -17.31 -25.76
N LEU E 117 130.47 -18.07 -26.58
CA LEU E 117 129.04 -18.22 -26.35
C LEU E 117 128.79 -18.83 -24.97
N ILE E 118 129.58 -19.82 -24.59
CA ILE E 118 129.45 -20.38 -23.24
C ILE E 118 129.81 -19.33 -22.20
N GLY E 119 130.65 -18.36 -22.57
CA GLY E 119 131.01 -17.29 -21.66
C GLY E 119 129.92 -16.26 -21.39
N TRP E 120 128.77 -16.35 -22.04
CA TRP E 120 127.66 -15.39 -22.00
C TRP E 120 128.01 -14.09 -22.72
N GLU E 121 129.17 -13.99 -23.34
CA GLU E 121 129.53 -12.79 -24.08
C GLU E 121 128.64 -12.61 -25.29
N SER E 122 128.13 -11.39 -25.47
CA SER E 122 127.24 -11.08 -26.59
C SER E 122 127.96 -10.32 -27.69
N ALA F 1 111.66 -55.08 -48.10
CA ALA F 1 111.47 -53.72 -48.66
C ALA F 1 112.02 -53.65 -50.08
N LEU F 2 111.59 -52.66 -50.84
CA LEU F 2 111.95 -52.54 -52.25
C LEU F 2 113.36 -52.03 -52.46
N GLY F 3 113.97 -51.42 -51.46
CA GLY F 3 115.28 -50.81 -51.59
C GLY F 3 115.23 -49.32 -51.34
N ASP F 4 116.42 -48.74 -51.20
CA ASP F 4 116.52 -47.33 -50.85
C ASP F 4 116.36 -46.42 -52.06
N THR F 5 116.60 -46.92 -53.27
CA THR F 5 116.49 -46.11 -54.47
C THR F 5 115.64 -46.82 -55.52
N LEU F 6 114.84 -46.03 -56.23
CA LEU F 6 113.97 -46.50 -57.31
C LEU F 6 114.40 -45.80 -58.58
N THR F 7 114.56 -46.57 -59.65
CA THR F 7 115.07 -46.06 -60.91
C THR F 7 113.98 -46.08 -61.98
N ILE F 8 113.85 -44.98 -62.70
CA ILE F 8 112.93 -44.86 -63.82
C ILE F 8 113.75 -44.61 -65.08
N THR F 9 113.51 -45.40 -66.12
CA THR F 9 114.17 -45.27 -67.42
C THR F 9 113.11 -44.83 -68.43
N LEU F 10 112.90 -43.52 -68.55
CA LEU F 10 111.90 -43.03 -69.48
C LEU F 10 112.31 -43.35 -70.91
N GLY F 11 111.33 -43.70 -71.72
CA GLY F 11 111.58 -44.17 -73.07
C GLY F 11 111.89 -45.64 -73.19
N GLY F 12 111.61 -46.44 -72.16
CA GLY F 12 111.83 -47.86 -72.24
C GLY F 12 113.31 -48.21 -72.18
N SER F 13 113.62 -49.39 -72.69
CA SER F 13 115.00 -49.85 -72.72
C SER F 13 115.86 -48.91 -73.56
N GLY F 14 117.05 -48.61 -73.06
CA GLY F 14 118.00 -47.75 -73.77
C GLY F 14 117.80 -46.27 -73.57
N GLY F 15 116.87 -45.85 -72.71
CA GLY F 15 116.59 -44.43 -72.51
C GLY F 15 117.43 -43.81 -71.42
N THR F 16 117.11 -42.55 -71.12
CA THR F 16 117.76 -41.86 -70.02
C THR F 16 117.25 -42.40 -68.69
N ALA F 17 118.13 -42.43 -67.69
CA ALA F 17 117.82 -43.00 -66.40
C ALA F 17 117.65 -41.89 -65.36
N LYS F 18 116.68 -42.08 -64.47
CA LYS F 18 116.46 -41.19 -63.33
C LYS F 18 116.33 -42.05 -62.07
N VAL F 19 116.95 -41.61 -60.97
CA VAL F 19 117.00 -42.38 -59.73
C VAL F 19 116.30 -41.58 -58.64
N LEU F 20 115.16 -42.06 -58.18
CA LEU F 20 114.44 -41.44 -57.08
C LEU F 20 114.91 -42.02 -55.76
N ARG F 21 114.74 -41.24 -54.69
CA ARG F 21 115.19 -41.61 -53.36
C ARG F 21 114.00 -41.82 -52.44
N LYS F 22 114.09 -42.81 -51.56
CA LYS F 22 113.02 -43.06 -50.61
C LYS F 22 112.95 -41.93 -49.59
N ILE F 23 111.73 -41.55 -49.23
CA ILE F 23 111.49 -40.49 -48.26
C ILE F 23 110.68 -40.97 -47.06
N ASN F 24 109.57 -41.69 -47.30
CA ASN F 24 108.67 -42.03 -46.21
C ASN F 24 107.97 -43.35 -46.52
N GLN F 25 107.50 -44.00 -45.45
CA GLN F 25 106.64 -45.16 -45.57
C GLN F 25 106.00 -45.44 -44.22
N ASP F 26 104.70 -45.15 -44.09
CA ASP F 26 103.99 -45.35 -42.83
C ASP F 26 102.87 -46.38 -42.96
N GLY F 27 101.91 -46.17 -43.86
CA GLY F 27 100.75 -47.04 -43.93
C GLY F 27 100.87 -48.11 -44.97
N TYR F 28 101.84 -49.02 -44.80
CA TYR F 28 102.01 -50.14 -45.72
C TYR F 28 102.33 -49.65 -47.13
N THR F 29 102.85 -48.43 -47.23
CA THR F 29 103.03 -47.74 -48.50
C THR F 29 104.33 -46.96 -48.50
N SER F 30 104.92 -46.81 -49.68
CA SER F 30 106.17 -46.08 -49.86
C SER F 30 105.95 -44.79 -50.63
N GLU F 31 107.03 -44.09 -50.93
CA GLU F 31 107.00 -42.91 -51.80
C GLU F 31 108.42 -42.46 -52.13
N TYR F 32 108.69 -42.20 -53.42
CA TYR F 32 110.01 -41.85 -53.90
C TYR F 32 109.94 -40.47 -54.55
N TYR F 33 111.03 -39.71 -54.48
CA TYR F 33 111.04 -38.31 -54.87
C TYR F 33 112.38 -37.93 -55.50
N LEU F 34 112.33 -36.99 -56.45
CA LEU F 34 113.51 -36.47 -57.13
C LEU F 34 113.26 -35.06 -57.68
N PRO F 35 114.00 -34.05 -57.26
CA PRO F 35 113.82 -32.70 -57.83
C PRO F 35 114.73 -32.41 -59.01
N GLU F 36 114.30 -31.43 -59.81
CA GLU F 36 115.07 -30.96 -60.96
C GLU F 36 114.72 -29.50 -61.22
N THR F 37 115.38 -28.92 -62.23
CA THR F 37 115.21 -27.49 -62.51
C THR F 37 113.82 -27.17 -63.02
N SER F 38 113.31 -27.95 -63.99
CA SER F 38 112.03 -27.65 -64.61
C SER F 38 110.96 -28.69 -64.30
N SER F 39 111.27 -29.73 -63.54
CA SER F 39 110.28 -30.75 -63.23
C SER F 39 110.78 -31.57 -62.04
N SER F 40 109.99 -32.55 -61.65
CA SER F 40 110.32 -33.43 -60.55
C SER F 40 109.55 -34.73 -60.72
N PHE F 41 109.98 -35.77 -60.01
CA PHE F 41 109.44 -37.12 -60.17
C PHE F 41 109.00 -37.66 -58.83
N ARG F 42 107.86 -38.36 -58.82
CA ARG F 42 107.34 -39.04 -57.64
C ARG F 42 106.98 -40.47 -58.02
N ALA F 43 107.07 -41.37 -57.05
CA ALA F 43 106.63 -42.75 -57.23
C ALA F 43 106.34 -43.35 -55.86
N LYS F 44 105.23 -44.07 -55.77
CA LYS F 44 104.80 -44.65 -54.50
C LYS F 44 104.04 -45.95 -54.74
N VAL F 45 104.04 -46.79 -53.71
CA VAL F 45 103.39 -48.10 -53.72
C VAL F 45 102.47 -48.19 -52.51
N ARG F 46 101.32 -48.85 -52.68
CA ARG F 46 100.42 -49.10 -51.57
C ARG F 46 99.79 -50.47 -51.70
N HIS F 47 99.36 -51.03 -50.56
CA HIS F 47 98.64 -52.29 -50.50
C HIS F 47 97.37 -52.11 -49.68
N THR F 48 96.34 -52.91 -49.97
CA THR F 48 95.06 -52.79 -49.28
C THR F 48 94.30 -54.10 -49.31
N LYS F 49 93.64 -54.42 -48.20
CA LYS F 49 92.64 -55.48 -48.11
C LYS F 49 91.26 -54.86 -48.30
N GLU F 50 90.46 -55.44 -49.19
CA GLU F 50 89.17 -54.85 -49.54
C GLU F 50 88.16 -55.00 -48.40
N SER F 51 87.10 -54.20 -48.47
CA SER F 51 86.00 -54.34 -47.54
C SER F 51 85.42 -55.74 -47.64
N VAL F 52 84.60 -56.09 -46.66
CA VAL F 52 84.12 -57.45 -46.49
C VAL F 52 82.63 -57.44 -46.23
N LYS F 53 81.92 -58.44 -46.76
CA LYS F 53 80.62 -58.78 -46.22
C LYS F 53 80.64 -60.26 -45.85
N PRO F 54 79.78 -60.70 -44.93
CA PRO F 54 80.08 -61.94 -44.18
C PRO F 54 80.22 -63.21 -45.03
N ASN F 55 79.84 -63.20 -46.30
CA ASN F 55 79.84 -64.42 -47.10
C ASN F 55 80.36 -64.18 -48.51
N GLN F 56 81.49 -63.49 -48.64
CA GLN F 56 82.09 -63.24 -49.95
C GLN F 56 83.59 -63.49 -49.86
N VAL F 57 84.19 -63.83 -51.00
CA VAL F 57 85.61 -64.17 -51.03
C VAL F 57 86.47 -62.97 -50.63
N GLN F 58 87.50 -63.23 -49.82
CA GLN F 58 88.40 -62.20 -49.34
C GLN F 58 89.36 -61.80 -50.46
N TYR F 59 89.26 -60.56 -50.94
CA TYR F 59 90.06 -60.08 -52.06
C TYR F 59 91.18 -59.15 -51.59
N GLU F 60 92.00 -58.73 -52.55
CA GLU F 60 93.21 -57.95 -52.29
C GLU F 60 93.56 -57.12 -53.52
N ARG F 61 94.24 -56.00 -53.30
CA ARG F 61 94.69 -55.14 -54.40
C ARG F 61 96.10 -54.64 -54.15
N HIS F 62 96.86 -54.49 -55.24
CA HIS F 62 98.19 -53.88 -55.21
C HIS F 62 98.24 -52.78 -56.25
N ASN F 63 98.95 -51.68 -55.93
CA ASN F 63 98.92 -50.48 -56.75
C ASN F 63 100.30 -49.85 -56.84
N VAL F 64 100.62 -49.31 -58.02
CA VAL F 64 101.87 -48.61 -58.28
C VAL F 64 101.59 -47.48 -59.27
N GLU F 65 102.16 -46.30 -59.02
CA GLU F 65 101.92 -45.15 -59.87
C GLU F 65 103.21 -44.39 -60.09
N PHE F 66 103.35 -43.80 -61.28
CA PHE F 66 104.39 -42.85 -61.60
C PHE F 66 103.76 -41.49 -61.90
N THR F 67 104.38 -40.42 -61.40
CA THR F 67 103.88 -39.07 -61.60
C THR F 67 105.03 -38.16 -62.00
N GLU F 68 104.77 -37.28 -62.98
CA GLU F 68 105.75 -36.30 -63.45
C GLU F 68 105.05 -34.96 -63.57
N THR F 69 105.61 -33.93 -62.92
CA THR F 69 105.01 -32.61 -62.85
C THR F 69 105.94 -31.58 -63.48
N VAL F 70 105.36 -30.64 -64.22
CA VAL F 70 106.10 -29.58 -64.89
C VAL F 70 105.65 -28.25 -64.30
N TYR F 71 106.62 -27.43 -63.90
CA TYR F 71 106.30 -26.16 -63.26
C TYR F 71 105.85 -25.14 -64.29
N ALA F 72 105.15 -24.11 -63.79
CA ALA F 72 104.63 -23.07 -64.66
C ALA F 72 105.78 -22.33 -65.34
N SER F 73 105.60 -22.03 -66.62
CA SER F 73 106.62 -21.38 -67.45
C SER F 73 105.96 -20.19 -68.14
N GLY F 74 106.03 -19.04 -67.50
CA GLY F 74 105.39 -17.86 -68.05
C GLY F 74 103.87 -18.04 -68.09
N SER F 75 103.30 -17.89 -69.29
CA SER F 75 101.85 -17.97 -69.43
C SER F 75 101.34 -19.37 -69.10
N THR F 76 102.06 -20.40 -69.52
CA THR F 76 101.57 -21.77 -69.36
C THR F 76 101.52 -22.15 -67.88
N PRO F 77 100.38 -22.62 -67.38
CA PRO F 77 100.33 -23.09 -65.99
C PRO F 77 100.91 -24.49 -65.84
N GLU F 78 101.09 -24.87 -64.58
CA GLU F 78 101.66 -26.19 -64.28
C GLU F 78 100.70 -27.30 -64.67
N PHE F 79 101.27 -28.44 -65.03
CA PHE F 79 100.49 -29.62 -65.39
C PHE F 79 101.30 -30.86 -65.06
N VAL F 80 100.62 -32.01 -65.02
CA VAL F 80 101.17 -33.25 -64.49
C VAL F 80 100.94 -34.36 -65.50
N ARG F 81 101.76 -35.42 -65.39
CA ARG F 81 101.59 -36.66 -66.13
C ARG F 81 101.67 -37.83 -65.16
N GLN F 82 100.81 -38.83 -65.37
CA GLN F 82 100.67 -39.94 -64.44
C GLN F 82 100.53 -41.24 -65.23
N ALA F 83 100.81 -42.36 -64.55
CA ALA F 83 100.60 -43.68 -65.12
C ALA F 83 100.72 -44.70 -64.01
N TYR F 84 99.68 -45.52 -63.82
CA TYR F 84 99.63 -46.43 -62.67
C TYR F 84 99.01 -47.76 -63.09
N VAL F 85 99.29 -48.79 -62.27
CA VAL F 85 98.80 -50.14 -62.50
C VAL F 85 98.22 -50.67 -61.20
N VAL F 86 97.25 -51.60 -61.32
CA VAL F 86 96.61 -52.21 -60.16
C VAL F 86 96.49 -53.72 -60.42
N ILE F 87 96.73 -54.51 -59.39
CA ILE F 87 96.60 -55.97 -59.44
C ILE F 87 95.63 -56.40 -58.34
N ARG F 88 94.69 -57.28 -58.69
CA ARG F 88 93.65 -57.70 -57.76
C ARG F 88 93.49 -59.21 -57.80
N HIS F 89 93.56 -59.85 -56.64
CA HIS F 89 93.41 -61.30 -56.52
C HIS F 89 92.95 -61.60 -55.10
N LYS F 90 92.52 -62.83 -54.87
CA LYS F 90 91.95 -63.18 -53.58
C LYS F 90 93.04 -63.66 -52.63
N VAL F 91 92.74 -63.60 -51.34
CA VAL F 91 93.69 -64.08 -50.33
C VAL F 91 93.87 -65.58 -50.46
N GLY F 92 95.13 -66.02 -50.45
CA GLY F 92 95.45 -67.42 -50.49
C GLY F 92 95.62 -68.02 -51.87
N ASP F 93 95.54 -67.22 -52.93
CA ASP F 93 95.68 -67.75 -54.27
C ASP F 93 97.15 -68.09 -54.56
N VAL F 94 97.37 -68.79 -55.68
CA VAL F 94 98.72 -69.18 -56.08
C VAL F 94 99.43 -67.96 -56.66
N SER F 95 100.60 -67.64 -56.10
CA SER F 95 101.27 -66.39 -56.43
C SER F 95 101.74 -66.34 -57.88
N ALA F 96 102.36 -67.43 -58.36
CA ALA F 96 102.93 -67.42 -59.70
C ALA F 96 101.85 -67.26 -60.77
N THR F 97 100.72 -67.95 -60.61
CA THR F 97 99.62 -67.81 -61.56
C THR F 97 99.15 -66.37 -61.62
N VAL F 98 99.02 -65.73 -60.45
CA VAL F 98 98.59 -64.32 -60.42
C VAL F 98 99.62 -63.47 -61.15
N SER F 99 100.90 -63.74 -60.93
CA SER F 99 101.94 -62.96 -61.58
C SER F 99 101.91 -63.12 -63.09
N ASP F 100 101.45 -64.28 -63.58
CA ASP F 100 101.42 -64.51 -65.03
C ASP F 100 100.53 -63.50 -65.74
N LEU F 101 99.35 -63.21 -65.18
CA LEU F 101 98.44 -62.25 -65.81
C LEU F 101 99.08 -60.88 -65.91
N GLY F 102 99.68 -60.39 -64.82
CA GLY F 102 100.30 -59.08 -64.85
C GLY F 102 101.48 -59.03 -65.80
N GLU F 103 102.25 -60.12 -65.85
CA GLU F 103 103.38 -60.17 -66.77
C GLU F 103 102.90 -60.13 -68.22
N ALA F 104 101.83 -60.85 -68.53
CA ALA F 104 101.24 -60.79 -69.86
C ALA F 104 100.79 -59.37 -70.19
N LEU F 105 100.13 -58.71 -69.24
CA LEU F 105 99.69 -57.34 -69.45
C LEU F 105 100.89 -56.44 -69.76
N SER F 106 101.98 -56.63 -69.00
CA SER F 106 103.18 -55.83 -69.24
C SER F 106 103.75 -56.09 -70.62
N PHE F 107 103.77 -57.35 -71.05
CA PHE F 107 104.27 -57.67 -72.38
C PHE F 107 103.42 -57.03 -73.48
N TYR F 108 102.10 -57.03 -73.32
CA TYR F 108 101.23 -56.52 -74.37
C TYR F 108 101.47 -55.03 -74.61
N LEU F 109 101.60 -54.25 -73.54
CA LEU F 109 101.70 -52.80 -73.66
C LEU F 109 103.09 -52.43 -74.14
N ASN F 110 103.19 -51.97 -75.38
CA ASN F 110 104.45 -51.46 -75.93
C ASN F 110 104.22 -50.11 -76.59
N GLU F 111 105.22 -49.60 -77.30
CA GLU F 111 105.15 -48.24 -77.83
C GLU F 111 103.98 -48.09 -78.80
N ALA F 112 103.80 -49.07 -79.69
CA ALA F 112 102.72 -48.96 -80.66
C ALA F 112 101.36 -48.88 -79.98
N LEU F 113 101.14 -49.74 -78.98
CA LEU F 113 99.88 -49.68 -78.25
C LEU F 113 99.69 -48.34 -77.57
N TYR F 114 100.75 -47.80 -76.96
CA TYR F 114 100.62 -46.53 -76.28
C TYR F 114 100.27 -45.42 -77.28
N GLY F 115 100.90 -45.42 -78.45
CA GLY F 115 100.53 -44.45 -79.47
C GLY F 115 99.08 -44.57 -79.89
N LYS F 116 98.62 -45.80 -80.12
CA LYS F 116 97.23 -46.00 -80.51
C LYS F 116 96.28 -45.51 -79.41
N LEU F 117 96.57 -45.84 -78.16
CA LEU F 117 95.71 -45.40 -77.06
C LEU F 117 95.68 -43.88 -76.97
N ILE F 118 96.82 -43.23 -77.16
CA ILE F 118 96.84 -41.78 -77.20
C ILE F 118 96.03 -41.27 -78.38
N GLY F 119 95.92 -42.07 -79.44
CA GLY F 119 95.13 -41.74 -80.61
C GLY F 119 93.64 -41.96 -80.49
N TRP F 120 93.14 -42.36 -79.33
CA TRP F 120 91.72 -42.61 -79.08
C TRP F 120 91.18 -43.80 -79.86
N GLU F 121 92.05 -44.65 -80.41
CA GLU F 121 91.59 -45.88 -81.03
C GLU F 121 90.96 -46.79 -79.98
N SER F 122 89.88 -47.47 -80.37
CA SER F 122 89.20 -48.38 -79.45
C SER F 122 88.87 -49.69 -80.17
N ALA G 1 131.59 -8.51 -25.70
CA ALA G 1 132.79 -8.70 -26.58
C ALA G 1 132.37 -9.16 -27.97
N LEU G 2 132.96 -10.26 -28.46
CA LEU G 2 132.75 -10.81 -29.80
C LEU G 2 133.26 -9.89 -30.90
N GLY G 3 133.81 -8.74 -30.57
CA GLY G 3 134.21 -7.77 -31.58
C GLY G 3 133.06 -6.85 -31.96
N ASP G 4 133.41 -5.76 -32.65
CA ASP G 4 132.40 -4.80 -33.08
C ASP G 4 131.80 -5.19 -34.44
N THR G 5 132.62 -5.71 -35.35
CA THR G 5 132.17 -6.08 -36.68
C THR G 5 132.11 -7.60 -36.82
N LEU G 6 130.97 -8.11 -37.27
CA LEU G 6 130.77 -9.53 -37.50
C LEU G 6 130.86 -9.80 -38.99
N THR G 7 131.61 -10.85 -39.36
CA THR G 7 131.89 -11.17 -40.75
C THR G 7 131.11 -12.40 -41.18
N ILE G 8 130.39 -12.29 -42.29
CA ILE G 8 129.61 -13.39 -42.85
C ILE G 8 130.11 -13.64 -44.26
N THR G 9 130.46 -14.88 -44.56
CA THR G 9 131.09 -15.27 -45.82
C THR G 9 130.17 -16.22 -46.56
N LEU G 10 129.37 -15.71 -47.49
CA LEU G 10 128.46 -16.56 -48.24
C LEU G 10 129.26 -17.57 -49.07
N GLY G 11 128.73 -18.79 -49.17
CA GLY G 11 129.37 -19.84 -49.91
C GLY G 11 130.50 -20.54 -49.18
N GLY G 12 130.64 -20.33 -47.88
CA GLY G 12 131.67 -21.02 -47.13
C GLY G 12 133.04 -20.43 -47.38
N SER G 13 134.06 -21.26 -47.16
CA SER G 13 135.43 -20.83 -47.32
C SER G 13 135.68 -20.33 -48.74
N GLY G 14 136.38 -19.20 -48.85
CA GLY G 14 136.72 -18.64 -50.14
C GLY G 14 135.58 -17.98 -50.89
N GLY G 15 134.56 -17.51 -50.19
CA GLY G 15 133.39 -16.93 -50.81
C GLY G 15 133.39 -15.42 -50.83
N THR G 16 132.18 -14.84 -50.80
CA THR G 16 131.99 -13.40 -50.78
C THR G 16 131.79 -12.95 -49.33
N ALA G 17 132.46 -11.87 -48.94
CA ALA G 17 132.46 -11.40 -47.56
C ALA G 17 131.55 -10.21 -47.37
N LYS G 18 130.74 -10.26 -46.32
CA LYS G 18 129.96 -9.11 -45.86
C LYS G 18 130.39 -8.79 -44.44
N VAL G 19 130.44 -7.50 -44.10
CA VAL G 19 130.94 -7.04 -42.81
C VAL G 19 129.78 -6.33 -42.10
N LEU G 20 129.15 -7.03 -41.18
CA LEU G 20 128.06 -6.44 -40.41
C LEU G 20 128.63 -5.43 -39.41
N ARG G 21 127.74 -4.68 -38.76
CA ARG G 21 128.15 -3.67 -37.79
C ARG G 21 127.18 -3.66 -36.61
N LYS G 22 127.71 -3.32 -35.44
CA LYS G 22 126.91 -3.29 -34.22
C LYS G 22 125.95 -2.12 -34.22
N ILE G 23 124.72 -2.36 -33.74
CA ILE G 23 123.70 -1.32 -33.60
C ILE G 23 123.36 -1.06 -32.14
N ASN G 24 122.84 -2.07 -31.42
CA ASN G 24 122.55 -1.89 -30.00
C ASN G 24 122.66 -3.23 -29.28
N GLN G 25 122.68 -3.14 -27.94
CA GLN G 25 122.70 -4.32 -27.06
C GLN G 25 121.68 -4.11 -25.95
N ASP G 26 120.69 -5.01 -25.87
CA ASP G 26 119.62 -4.94 -24.88
C ASP G 26 119.34 -6.33 -24.33
N GLY G 27 119.12 -6.41 -23.02
CA GLY G 27 118.76 -7.65 -22.37
C GLY G 27 119.52 -8.87 -22.84
N TYR G 28 120.84 -8.86 -22.66
CA TYR G 28 121.69 -9.99 -23.02
C TYR G 28 121.49 -10.38 -24.49
N THR G 29 121.38 -9.37 -25.35
CA THR G 29 121.12 -9.60 -26.76
C THR G 29 121.75 -8.49 -27.57
N SER G 30 122.31 -8.86 -28.73
CA SER G 30 122.90 -7.90 -29.65
C SER G 30 122.62 -8.32 -31.08
N GLU G 31 122.55 -7.35 -31.98
CA GLU G 31 122.42 -7.62 -33.40
C GLU G 31 123.29 -6.68 -34.21
N TYR G 32 123.71 -7.17 -35.39
CA TYR G 32 124.55 -6.42 -36.30
C TYR G 32 123.79 -6.27 -37.61
N TYR G 33 123.88 -5.08 -38.24
CA TYR G 33 123.04 -4.78 -39.39
C TYR G 33 123.89 -4.17 -40.50
N LEU G 34 123.47 -4.40 -41.75
CA LEU G 34 124.16 -3.90 -42.94
C LEU G 34 123.18 -3.72 -44.10
N PRO G 35 123.03 -2.52 -44.67
CA PRO G 35 122.13 -2.33 -45.80
C PRO G 35 122.82 -2.35 -47.15
N GLU G 36 122.02 -2.59 -48.19
CA GLU G 36 122.45 -2.48 -49.58
C GLU G 36 121.21 -2.21 -50.42
N THR G 37 121.41 -2.12 -51.74
CA THR G 37 120.33 -1.61 -52.61
C THR G 37 119.12 -2.54 -52.61
N SER G 38 119.32 -3.82 -52.88
CA SER G 38 118.22 -4.76 -53.08
C SER G 38 118.01 -5.72 -51.91
N SER G 39 118.76 -5.61 -50.83
CA SER G 39 118.61 -6.52 -49.71
C SER G 39 119.25 -5.91 -48.46
N SER G 40 119.35 -6.72 -47.42
CA SER G 40 119.98 -6.32 -46.16
C SER G 40 120.38 -7.58 -45.41
N PHE G 41 121.25 -7.42 -44.42
CA PHE G 41 121.71 -8.52 -43.58
C PHE G 41 121.60 -8.13 -42.11
N ARG G 42 121.10 -9.07 -41.30
CA ARG G 42 121.05 -8.91 -39.85
C ARG G 42 121.50 -10.20 -39.20
N ALA G 43 122.04 -10.07 -37.99
CA ALA G 43 122.45 -11.22 -37.18
C ALA G 43 122.14 -10.92 -35.73
N LYS G 44 121.63 -11.91 -35.01
CA LYS G 44 121.24 -11.75 -33.61
C LYS G 44 121.85 -12.84 -32.75
N VAL G 45 122.17 -12.48 -31.51
CA VAL G 45 122.65 -13.41 -30.49
C VAL G 45 121.82 -13.20 -29.23
N ARG G 46 121.39 -14.28 -28.61
CA ARG G 46 120.61 -14.22 -27.38
C ARG G 46 121.14 -15.21 -26.35
N HIS G 47 120.99 -14.85 -25.08
CA HIS G 47 121.21 -15.74 -23.95
C HIS G 47 119.97 -15.75 -23.07
N THR G 48 119.56 -16.94 -22.63
CA THR G 48 118.34 -17.11 -21.86
C THR G 48 118.58 -18.09 -20.72
N LYS G 49 117.85 -17.88 -19.62
CA LYS G 49 117.93 -18.70 -18.42
C LYS G 49 116.54 -19.17 -18.03
N GLU G 50 116.41 -20.47 -17.77
CA GLU G 50 115.13 -21.01 -17.30
C GLU G 50 114.97 -20.80 -15.80
N SER G 51 113.72 -20.62 -15.38
CA SER G 51 113.42 -20.32 -13.99
C SER G 51 113.73 -21.53 -13.10
N VAL G 52 114.04 -21.24 -11.84
CA VAL G 52 114.41 -22.29 -10.89
C VAL G 52 113.14 -22.93 -10.33
N LYS G 53 113.06 -24.25 -10.44
CA LYS G 53 111.96 -25.05 -9.94
C LYS G 53 112.44 -25.91 -8.78
N PRO G 54 111.53 -26.33 -7.88
CA PRO G 54 111.96 -26.90 -6.60
C PRO G 54 113.01 -28.01 -6.70
N ASN G 55 112.71 -29.10 -7.42
CA ASN G 55 113.66 -30.21 -7.59
C ASN G 55 113.77 -30.56 -9.09
N GLN G 56 114.59 -29.80 -9.80
CA GLN G 56 114.81 -29.98 -11.22
C GLN G 56 116.15 -29.36 -11.58
N VAL G 57 116.66 -29.72 -12.76
CA VAL G 57 117.96 -29.25 -13.22
C VAL G 57 117.77 -27.93 -13.96
N GLN G 58 118.34 -26.86 -13.41
CA GLN G 58 118.23 -25.55 -14.03
C GLN G 58 119.16 -25.47 -15.25
N TYR G 59 118.67 -24.90 -16.34
CA TYR G 59 119.35 -24.94 -17.62
C TYR G 59 119.54 -23.54 -18.18
N GLU G 60 120.37 -23.45 -19.22
CA GLU G 60 120.62 -22.21 -19.95
C GLU G 60 120.71 -22.49 -21.45
N ARG G 61 120.42 -21.45 -22.24
CA ARG G 61 120.27 -21.58 -23.69
C ARG G 61 121.02 -20.45 -24.39
N HIS G 62 121.74 -20.78 -25.46
CA HIS G 62 122.45 -19.80 -26.29
C HIS G 62 122.05 -19.95 -27.75
N ASN G 63 121.81 -18.82 -28.41
CA ASN G 63 121.23 -18.79 -29.75
C ASN G 63 121.95 -17.77 -30.62
N VAL G 64 122.05 -18.08 -31.92
CA VAL G 64 122.58 -17.15 -32.92
C VAL G 64 121.89 -17.42 -34.25
N GLU G 65 121.56 -16.36 -34.98
CA GLU G 65 120.82 -16.47 -36.23
C GLU G 65 121.40 -15.54 -37.29
N PHE G 66 121.29 -15.95 -38.54
CA PHE G 66 121.59 -15.12 -39.70
C PHE G 66 120.30 -14.98 -40.52
N THR G 67 119.92 -13.75 -40.84
CA THR G 67 118.75 -13.50 -41.66
C THR G 67 119.07 -12.42 -42.69
N GLU G 68 118.52 -12.58 -43.90
CA GLU G 68 118.65 -11.60 -44.96
C GLU G 68 117.31 -11.39 -45.62
N THR G 69 116.93 -10.14 -45.83
CA THR G 69 115.65 -9.79 -46.44
C THR G 69 115.87 -9.33 -47.88
N VAL G 70 115.08 -9.89 -48.80
CA VAL G 70 115.11 -9.50 -50.20
C VAL G 70 113.93 -8.55 -50.44
N TYR G 71 114.24 -7.30 -50.77
CA TYR G 71 113.21 -6.29 -50.93
C TYR G 71 112.28 -6.63 -52.09
N ALA G 72 111.01 -6.31 -51.92
CA ALA G 72 110.00 -6.63 -52.93
C ALA G 72 110.24 -5.83 -54.20
N SER G 73 110.10 -6.50 -55.34
CA SER G 73 110.24 -5.86 -56.64
C SER G 73 109.19 -6.42 -57.58
N GLY G 74 108.52 -5.53 -58.31
CA GLY G 74 107.47 -5.97 -59.21
C GLY G 74 106.36 -6.67 -58.46
N SER G 75 105.93 -7.81 -59.01
CA SER G 75 104.84 -8.57 -58.39
C SER G 75 105.31 -9.34 -57.16
N THR G 76 106.55 -9.81 -57.17
CA THR G 76 107.04 -10.66 -56.08
C THR G 76 107.09 -9.87 -54.77
N PRO G 77 106.43 -10.32 -53.71
CA PRO G 77 106.42 -9.55 -52.46
C PRO G 77 107.65 -9.78 -51.60
N GLU G 78 107.63 -9.23 -50.38
CA GLU G 78 108.71 -9.41 -49.43
C GLU G 78 108.90 -10.88 -49.10
N PHE G 79 110.15 -11.29 -48.92
CA PHE G 79 110.45 -12.62 -48.42
C PHE G 79 111.85 -12.61 -47.82
N VAL G 80 112.14 -13.64 -47.01
CA VAL G 80 113.32 -13.69 -46.16
C VAL G 80 113.98 -15.06 -46.26
N ARG G 81 115.29 -15.07 -45.97
CA ARG G 81 116.05 -16.30 -45.77
C ARG G 81 116.72 -16.24 -44.41
N GLN G 82 116.69 -17.35 -43.68
CA GLN G 82 117.08 -17.37 -42.28
C GLN G 82 117.79 -18.68 -41.97
N ALA G 83 118.62 -18.66 -40.93
CA ALA G 83 119.33 -19.86 -40.49
C ALA G 83 119.95 -19.59 -39.12
N TYR G 84 119.75 -20.52 -38.19
CA TYR G 84 120.14 -20.28 -36.80
C TYR G 84 120.45 -21.60 -36.10
N VAL G 85 121.12 -21.48 -34.96
CA VAL G 85 121.49 -22.63 -34.12
C VAL G 85 121.16 -22.27 -32.67
N VAL G 86 121.24 -23.26 -31.79
CA VAL G 86 121.06 -23.02 -30.36
C VAL G 86 121.72 -24.15 -29.58
N ILE G 87 122.20 -23.83 -28.39
CA ILE G 87 122.91 -24.77 -27.52
C ILE G 87 122.21 -24.78 -26.16
N ARG G 88 122.00 -25.97 -25.60
CA ARG G 88 121.29 -26.11 -24.33
C ARG G 88 122.09 -27.02 -23.41
N HIS G 89 122.45 -26.52 -22.23
CA HIS G 89 123.19 -27.30 -21.25
C HIS G 89 122.98 -26.70 -19.88
N LYS G 90 123.28 -27.50 -18.85
CA LYS G 90 122.95 -27.11 -17.48
C LYS G 90 123.97 -26.11 -16.94
N VAL G 91 123.65 -25.54 -15.76
CA VAL G 91 124.31 -24.33 -15.30
C VAL G 91 125.80 -24.56 -15.09
N GLY G 92 126.16 -25.60 -14.34
CA GLY G 92 127.54 -25.78 -13.95
C GLY G 92 128.31 -26.81 -14.74
N ASP G 93 127.79 -27.19 -15.91
CA ASP G 93 128.42 -28.23 -16.70
C ASP G 93 129.84 -27.78 -17.11
N VAL G 94 130.60 -28.73 -17.62
CA VAL G 94 131.97 -28.48 -18.05
C VAL G 94 131.94 -27.90 -19.46
N SER G 95 132.67 -26.80 -19.66
CA SER G 95 132.54 -26.04 -20.91
C SER G 95 133.03 -26.83 -22.12
N ALA G 96 134.20 -27.46 -22.00
CA ALA G 96 134.81 -28.11 -23.17
C ALA G 96 133.94 -29.25 -23.69
N THR G 97 133.40 -30.07 -22.79
CA THR G 97 132.53 -31.15 -23.22
C THR G 97 131.31 -30.61 -23.94
N VAL G 98 130.70 -29.54 -23.43
CA VAL G 98 129.55 -28.93 -24.08
C VAL G 98 129.93 -28.45 -25.47
N SER G 99 131.10 -27.82 -25.59
CA SER G 99 131.51 -27.27 -26.88
C SER G 99 131.79 -28.37 -27.89
N ASP G 100 132.23 -29.56 -27.44
CA ASP G 100 132.55 -30.63 -28.37
C ASP G 100 131.33 -31.06 -29.19
N LEU G 101 130.16 -31.13 -28.55
CA LEU G 101 128.95 -31.54 -29.27
C LEU G 101 128.65 -30.58 -30.41
N GLY G 102 128.66 -29.28 -30.13
CA GLY G 102 128.39 -28.31 -31.16
C GLY G 102 129.47 -28.29 -32.24
N GLU G 103 130.72 -28.51 -31.82
CA GLU G 103 131.81 -28.56 -32.79
C GLU G 103 131.60 -29.71 -33.77
N ALA G 104 131.22 -30.88 -33.25
CA ALA G 104 130.90 -32.01 -34.12
C ALA G 104 129.71 -31.70 -35.02
N LEU G 105 128.69 -31.02 -34.48
CA LEU G 105 127.54 -30.67 -35.31
C LEU G 105 127.96 -29.78 -36.48
N SER G 106 128.80 -28.80 -36.20
CA SER G 106 129.29 -27.92 -37.26
C SER G 106 130.13 -28.70 -38.27
N PHE G 107 130.94 -29.64 -37.79
CA PHE G 107 131.76 -30.44 -38.70
C PHE G 107 130.87 -31.30 -39.61
N TYR G 108 129.76 -31.81 -39.08
CA TYR G 108 128.87 -32.66 -39.86
C TYR G 108 128.21 -31.91 -41.00
N LEU G 109 127.68 -30.71 -40.73
CA LEU G 109 126.95 -29.96 -41.76
C LEU G 109 127.93 -29.38 -42.77
N ASN G 110 127.76 -29.77 -44.03
CA ASN G 110 128.57 -29.29 -45.14
C ASN G 110 127.67 -29.11 -46.34
N GLU G 111 128.28 -28.79 -47.49
CA GLU G 111 127.50 -28.47 -48.68
C GLU G 111 126.69 -29.68 -49.15
N ALA G 112 127.32 -30.85 -49.19
CA ALA G 112 126.61 -32.04 -49.68
C ALA G 112 125.44 -32.39 -48.78
N LEU G 113 125.62 -32.31 -47.46
CA LEU G 113 124.52 -32.60 -46.55
C LEU G 113 123.38 -31.60 -46.74
N TYR G 114 123.71 -30.32 -46.89
CA TYR G 114 122.67 -29.32 -47.13
C TYR G 114 121.92 -29.61 -48.43
N GLY G 115 122.66 -29.98 -49.48
CA GLY G 115 122.01 -30.29 -50.74
C GLY G 115 121.05 -31.46 -50.62
N LYS G 116 121.49 -32.53 -49.95
CA LYS G 116 120.60 -33.67 -49.75
C LYS G 116 119.41 -33.29 -48.88
N LEU G 117 119.64 -32.51 -47.83
CA LEU G 117 118.57 -32.15 -46.90
C LEU G 117 117.49 -31.32 -47.58
N ILE G 118 117.89 -30.39 -48.44
CA ILE G 118 116.89 -29.62 -49.19
C ILE G 118 116.04 -30.55 -50.05
N GLY G 119 116.58 -31.71 -50.40
CA GLY G 119 115.83 -32.69 -51.17
C GLY G 119 114.83 -33.50 -50.35
N TRP G 120 114.51 -33.05 -49.15
CA TRP G 120 113.52 -33.69 -48.29
C TRP G 120 113.94 -35.09 -47.86
N GLU G 121 115.23 -35.39 -47.96
CA GLU G 121 115.76 -36.65 -47.46
C GLU G 121 115.65 -36.68 -45.94
N SER G 122 115.55 -37.88 -45.39
CA SER G 122 115.46 -38.03 -43.94
C SER G 122 115.84 -39.44 -43.53
N ALA H 1 132.16 5.17 -19.61
CA ALA H 1 131.86 3.88 -18.93
C ALA H 1 133.06 3.42 -18.11
N LEU H 2 132.81 2.48 -17.20
CA LEU H 2 133.89 1.99 -16.34
C LEU H 2 134.97 1.27 -17.13
N GLY H 3 134.59 0.63 -18.24
CA GLY H 3 135.52 -0.14 -19.04
C GLY H 3 134.96 -1.49 -19.42
N ASP H 4 135.60 -2.10 -20.41
CA ASP H 4 135.13 -3.39 -20.92
C ASP H 4 135.25 -4.47 -19.86
N THR H 5 136.34 -4.47 -19.10
CA THR H 5 136.59 -5.51 -18.11
C THR H 5 136.86 -4.89 -16.74
N LEU H 6 136.53 -5.67 -15.70
CA LEU H 6 136.70 -5.29 -14.31
C LEU H 6 137.54 -6.36 -13.63
N THR H 7 138.30 -5.95 -12.62
CA THR H 7 139.22 -6.85 -11.94
C THR H 7 138.86 -6.93 -10.46
N ILE H 8 138.65 -8.15 -9.97
CA ILE H 8 138.41 -8.42 -8.56
C ILE H 8 139.63 -9.17 -8.04
N THR H 9 140.32 -8.59 -7.07
CA THR H 9 141.49 -9.20 -6.45
C THR H 9 141.06 -9.77 -5.10
N LEU H 10 140.77 -11.07 -5.07
CA LEU H 10 140.28 -11.68 -3.85
C LEU H 10 141.35 -11.62 -2.76
N GLY H 11 140.90 -11.46 -1.51
CA GLY H 11 141.82 -11.29 -0.41
C GLY H 11 142.42 -9.90 -0.31
N GLY H 12 141.80 -8.90 -0.93
CA GLY H 12 142.30 -7.54 -0.86
C GLY H 12 143.40 -7.29 -1.86
N SER H 13 144.46 -6.61 -1.41
CA SER H 13 145.60 -6.30 -2.25
C SER H 13 146.57 -7.46 -2.38
N GLY H 14 146.23 -8.64 -1.85
CA GLY H 14 147.13 -9.77 -1.91
C GLY H 14 147.39 -10.25 -3.33
N GLY H 15 146.37 -10.81 -3.96
CA GLY H 15 146.52 -11.34 -5.31
C GLY H 15 145.27 -12.09 -5.73
N THR H 16 145.48 -13.08 -6.60
CA THR H 16 144.40 -13.93 -7.11
C THR H 16 143.34 -13.07 -7.79
N ALA H 17 143.78 -12.40 -8.86
CA ALA H 17 142.93 -11.47 -9.58
C ALA H 17 142.04 -12.20 -10.59
N LYS H 18 140.75 -11.88 -10.57
CA LYS H 18 139.78 -12.39 -11.52
C LYS H 18 139.36 -11.24 -12.44
N VAL H 19 139.28 -11.51 -13.74
CA VAL H 19 138.96 -10.48 -14.73
C VAL H 19 137.53 -10.72 -15.19
N LEU H 20 136.60 -9.96 -14.60
CA LEU H 20 135.22 -9.93 -15.05
C LEU H 20 135.12 -9.20 -16.39
N ARG H 21 134.06 -9.50 -17.14
CA ARG H 21 133.90 -9.00 -18.50
C ARG H 21 132.49 -8.46 -18.70
N LYS H 22 132.35 -7.44 -19.55
CA LYS H 22 131.04 -6.84 -19.78
C LYS H 22 130.09 -7.83 -20.47
N ILE H 23 128.84 -7.85 -20.00
CA ILE H 23 127.79 -8.67 -20.59
C ILE H 23 126.64 -7.83 -21.09
N ASN H 24 126.16 -6.90 -20.28
CA ASN H 24 124.90 -6.20 -20.52
C ASN H 24 125.03 -4.77 -20.05
N GLN H 25 124.19 -3.90 -20.61
CA GLN H 25 124.18 -2.49 -20.21
C GLN H 25 122.82 -1.92 -20.57
N ASP H 26 121.98 -1.68 -19.57
CA ASP H 26 120.62 -1.23 -19.82
C ASP H 26 120.11 -0.46 -18.62
N GLY H 27 119.31 0.56 -18.89
CA GLY H 27 118.66 1.31 -17.81
C GLY H 27 119.63 1.90 -16.82
N TYR H 28 120.73 2.49 -17.32
CA TYR H 28 121.71 3.17 -16.47
C TYR H 28 122.42 2.19 -15.53
N THR H 29 122.56 0.94 -15.96
CA THR H 29 123.16 -0.12 -15.17
C THR H 29 124.12 -0.92 -16.04
N SER H 30 125.03 -1.65 -15.38
CA SER H 30 126.00 -2.49 -16.06
C SER H 30 126.16 -3.80 -15.31
N GLU H 31 126.57 -4.84 -16.03
CA GLU H 31 126.77 -6.15 -15.43
C GLU H 31 128.01 -6.82 -16.03
N TYR H 32 128.68 -7.63 -15.21
CA TYR H 32 129.86 -8.38 -15.60
C TYR H 32 129.72 -9.83 -15.15
N TYR H 33 130.42 -10.74 -15.83
CA TYR H 33 130.33 -12.15 -15.50
C TYR H 33 131.62 -12.86 -15.89
N LEU H 34 131.86 -14.02 -15.26
CA LEU H 34 133.02 -14.86 -15.54
C LEU H 34 132.76 -16.30 -15.06
N PRO H 35 132.80 -17.31 -15.94
CA PRO H 35 132.62 -18.69 -15.48
C PRO H 35 133.91 -19.28 -14.94
N GLU H 36 133.76 -20.39 -14.21
CA GLU H 36 134.89 -21.08 -13.60
C GLU H 36 134.46 -22.52 -13.35
N THR H 37 135.46 -23.38 -13.11
CA THR H 37 135.20 -24.81 -13.07
C THR H 37 134.19 -25.18 -11.97
N SER H 38 134.37 -24.63 -10.77
CA SER H 38 133.46 -24.90 -9.66
C SER H 38 132.80 -23.63 -9.13
N SER H 39 132.87 -22.52 -9.86
CA SER H 39 132.27 -21.28 -9.41
C SER H 39 132.13 -20.35 -10.61
N SER H 40 131.75 -19.11 -10.32
CA SER H 40 131.58 -18.07 -11.32
C SER H 40 131.38 -16.74 -10.60
N PHE H 41 131.84 -15.66 -11.22
CA PHE H 41 131.77 -14.34 -10.62
C PHE H 41 130.95 -13.41 -11.50
N ARG H 42 130.24 -12.48 -10.86
CA ARG H 42 129.53 -11.43 -11.57
C ARG H 42 129.51 -10.19 -10.69
N ALA H 43 129.30 -9.03 -11.33
CA ALA H 43 129.23 -7.75 -10.64
C ALA H 43 128.16 -6.89 -11.32
N LYS H 44 127.58 -5.98 -10.55
CA LYS H 44 126.53 -5.09 -11.07
C LYS H 44 126.71 -3.69 -10.50
N VAL H 45 126.28 -2.70 -11.29
CA VAL H 45 126.27 -1.29 -10.91
C VAL H 45 124.96 -0.68 -11.35
N ARG H 46 124.42 0.23 -10.53
CA ARG H 46 123.18 0.90 -10.89
C ARG H 46 123.11 2.27 -10.24
N HIS H 47 122.25 3.12 -10.82
CA HIS H 47 121.96 4.46 -10.31
C HIS H 47 120.45 4.70 -10.38
N THR H 48 119.94 5.55 -9.48
CA THR H 48 118.50 5.76 -9.39
C THR H 48 118.20 7.12 -8.78
N LYS H 49 116.96 7.57 -8.98
CA LYS H 49 116.40 8.74 -8.31
C LYS H 49 115.22 8.33 -7.44
N GLU H 50 115.09 8.95 -6.28
CA GLU H 50 113.93 8.71 -5.44
C GLU H 50 112.71 9.43 -6.01
N SER H 51 111.53 8.83 -5.81
CA SER H 51 110.31 9.39 -6.35
C SER H 51 110.08 10.79 -5.81
N VAL H 52 109.76 11.72 -6.71
CA VAL H 52 109.62 13.13 -6.34
C VAL H 52 108.22 13.37 -5.80
N LYS H 53 108.13 13.92 -4.61
CA LYS H 53 106.91 14.39 -3.99
C LYS H 53 107.05 15.87 -3.66
N PRO H 54 105.94 16.59 -3.51
CA PRO H 54 106.03 18.03 -3.27
C PRO H 54 106.76 18.34 -1.96
N ASN H 55 107.22 19.58 -1.87
CA ASN H 55 107.79 20.18 -0.66
C ASN H 55 108.65 19.21 0.14
N GLN H 56 109.56 18.52 -0.54
CA GLN H 56 110.53 17.64 0.11
C GLN H 56 111.88 17.77 -0.58
N VAL H 57 112.92 17.33 0.11
CA VAL H 57 114.23 17.20 -0.52
C VAL H 57 114.24 15.94 -1.37
N GLN H 58 114.92 16.00 -2.52
CA GLN H 58 114.99 14.88 -3.44
C GLN H 58 116.42 14.37 -3.54
N TYR H 59 116.58 13.04 -3.44
CA TYR H 59 117.87 12.42 -3.21
C TYR H 59 118.29 11.55 -4.38
N GLU H 60 119.56 11.14 -4.34
CA GLU H 60 120.21 10.31 -5.35
C GLU H 60 120.90 9.14 -4.67
N ARG H 61 120.96 8.01 -5.37
CA ARG H 61 121.45 6.75 -4.79
C ARG H 61 122.41 6.09 -5.77
N HIS H 62 123.59 5.70 -5.29
CA HIS H 62 124.56 4.94 -6.07
C HIS H 62 124.84 3.61 -5.38
N ASN H 63 124.99 2.55 -6.18
CA ASN H 63 125.18 1.19 -5.68
C ASN H 63 126.19 0.43 -6.54
N VAL H 64 127.01 -0.39 -5.90
CA VAL H 64 127.98 -1.24 -6.57
C VAL H 64 128.04 -2.58 -5.86
N GLU H 65 128.06 -3.68 -6.64
CA GLU H 65 127.69 -4.99 -6.12
C GLU H 65 128.59 -6.10 -6.65
N PHE H 66 129.02 -6.98 -5.72
CA PHE H 66 129.71 -8.21 -6.07
C PHE H 66 128.95 -9.41 -5.51
N THR H 67 129.06 -10.56 -6.20
CA THR H 67 128.46 -11.79 -5.72
C THR H 67 129.27 -12.98 -6.23
N GLU H 68 129.02 -14.13 -5.61
CA GLU H 68 129.79 -15.34 -5.88
C GLU H 68 128.92 -16.54 -5.57
N THR H 69 128.86 -17.48 -6.51
CA THR H 69 128.02 -18.66 -6.40
C THR H 69 128.84 -19.90 -6.71
N VAL H 70 128.72 -20.93 -5.88
CA VAL H 70 129.45 -22.19 -6.01
C VAL H 70 128.45 -23.28 -6.28
N TYR H 71 128.69 -24.09 -7.31
CA TYR H 71 127.71 -25.09 -7.70
C TYR H 71 127.66 -26.25 -6.71
N ALA H 72 126.50 -26.91 -6.68
CA ALA H 72 126.27 -27.99 -5.72
C ALA H 72 127.21 -29.15 -5.95
N SER H 73 127.73 -29.70 -4.85
CA SER H 73 128.63 -30.84 -4.87
C SER H 73 128.21 -31.82 -3.80
N GLY H 74 128.06 -33.09 -4.18
CA GLY H 74 127.62 -34.09 -3.22
C GLY H 74 126.26 -33.73 -2.65
N SER H 75 126.11 -33.94 -1.34
CA SER H 75 124.86 -33.61 -0.66
C SER H 75 124.70 -32.13 -0.38
N THR H 76 125.74 -31.33 -0.55
CA THR H 76 125.66 -29.89 -0.26
C THR H 76 124.98 -29.16 -1.41
N PRO H 77 123.89 -28.43 -1.16
CA PRO H 77 123.29 -27.63 -2.23
C PRO H 77 124.11 -26.39 -2.52
N GLU H 78 123.81 -25.78 -3.66
CA GLU H 78 124.52 -24.59 -4.09
C GLU H 78 124.17 -23.41 -3.20
N PHE H 79 125.15 -22.52 -3.03
CA PHE H 79 124.94 -21.29 -2.26
C PHE H 79 125.84 -20.20 -2.83
N VAL H 80 125.63 -18.98 -2.33
CA VAL H 80 126.25 -17.78 -2.88
C VAL H 80 126.94 -17.01 -1.76
N ARG H 81 127.89 -16.15 -2.15
CA ARG H 81 128.45 -15.12 -1.27
C ARG H 81 128.37 -13.77 -1.97
N GLN H 82 127.99 -12.74 -1.21
CA GLN H 82 127.58 -11.46 -1.77
C GLN H 82 128.06 -10.33 -0.86
N ALA H 83 128.28 -9.15 -1.44
CA ALA H 83 128.68 -7.98 -0.67
C ALA H 83 128.55 -6.73 -1.51
N TYR H 84 128.00 -5.65 -0.95
CA TYR H 84 127.76 -4.44 -1.73
C TYR H 84 127.71 -3.21 -0.85
N VAL H 85 127.77 -2.03 -1.50
CA VAL H 85 127.72 -0.73 -0.86
C VAL H 85 126.83 0.21 -1.65
N VAL H 86 126.21 1.16 -0.96
CA VAL H 86 125.38 2.20 -1.58
C VAL H 86 125.70 3.56 -0.96
N ILE H 87 125.67 4.60 -1.80
CA ILE H 87 125.85 5.99 -1.38
C ILE H 87 124.56 6.74 -1.68
N ARG H 88 124.09 7.54 -0.72
CA ARG H 88 122.85 8.30 -0.86
C ARG H 88 123.13 9.76 -0.52
N HIS H 89 122.76 10.67 -1.42
CA HIS H 89 122.98 12.09 -1.19
C HIS H 89 122.01 12.91 -2.03
N LYS H 90 121.80 14.14 -1.62
CA LYS H 90 120.88 15.03 -2.32
C LYS H 90 121.51 15.55 -3.60
N VAL H 91 120.68 15.72 -4.63
CA VAL H 91 121.16 16.11 -5.94
C VAL H 91 121.56 17.57 -5.95
N GLY H 92 122.67 17.86 -6.62
CA GLY H 92 123.26 19.18 -6.60
C GLY H 92 124.21 19.45 -5.45
N ASP H 93 124.46 18.45 -4.61
CA ASP H 93 125.42 18.60 -3.53
C ASP H 93 126.83 18.55 -4.08
N VAL H 94 127.77 19.04 -3.27
CA VAL H 94 129.17 19.08 -3.69
C VAL H 94 129.71 17.66 -3.74
N SER H 95 130.35 17.31 -4.86
CA SER H 95 130.81 15.94 -5.05
C SER H 95 131.93 15.59 -4.09
N ALA H 96 132.78 16.55 -3.74
CA ALA H 96 133.96 16.26 -2.94
C ALA H 96 133.58 15.69 -1.57
N THR H 97 132.66 16.34 -0.87
CA THR H 97 132.30 15.87 0.46
C THR H 97 131.60 14.52 0.41
N VAL H 98 130.68 14.34 -0.54
CA VAL H 98 129.95 13.07 -0.63
C VAL H 98 130.88 11.94 -1.01
N SER H 99 131.97 12.24 -1.70
CA SER H 99 133.00 11.22 -1.94
C SER H 99 133.85 10.98 -0.70
N ASP H 100 134.18 12.06 0.01
CA ASP H 100 135.08 11.97 1.17
C ASP H 100 134.46 11.09 2.24
N LEU H 101 133.19 11.34 2.57
CA LEU H 101 132.38 10.30 3.18
C LEU H 101 132.11 9.22 2.15
N GLY H 102 132.15 7.99 2.59
CA GLY H 102 132.28 6.88 1.65
C GLY H 102 133.72 6.43 1.51
N GLU H 103 134.62 7.36 1.18
CA GLU H 103 136.03 7.01 1.19
C GLU H 103 136.49 6.69 2.61
N ALA H 104 136.01 7.46 3.60
CA ALA H 104 136.30 7.12 4.99
C ALA H 104 135.79 5.72 5.33
N LEU H 105 134.56 5.42 4.91
CA LEU H 105 133.97 4.12 5.23
C LEU H 105 134.78 2.99 4.61
N SER H 106 135.19 3.16 3.36
CA SER H 106 136.02 2.15 2.70
C SER H 106 137.36 1.99 3.41
N PHE H 107 137.95 3.11 3.84
CA PHE H 107 139.22 3.05 4.56
C PHE H 107 139.08 2.30 5.88
N TYR H 108 137.95 2.48 6.57
CA TYR H 108 137.75 1.85 7.87
C TYR H 108 137.66 0.34 7.75
N LEU H 109 136.92 -0.17 6.77
CA LEU H 109 136.75 -1.61 6.64
C LEU H 109 138.05 -2.26 6.21
N ASN H 110 138.42 -3.33 6.89
CA ASN H 110 139.65 -4.08 6.59
C ASN H 110 139.46 -5.50 7.10
N GLU H 111 140.56 -6.26 7.15
CA GLU H 111 140.47 -7.65 7.56
C GLU H 111 139.93 -7.78 8.98
N ALA H 112 140.42 -6.95 9.89
CA ALA H 112 140.03 -7.11 11.29
C ALA H 112 138.54 -6.89 11.48
N LEU H 113 137.99 -5.80 10.93
CA LEU H 113 136.56 -5.56 11.10
C LEU H 113 135.74 -6.64 10.43
N TYR H 114 136.12 -7.07 9.23
CA TYR H 114 135.36 -8.14 8.59
C TYR H 114 135.34 -9.37 9.48
N GLY H 115 136.50 -9.78 10.01
CA GLY H 115 136.54 -10.92 10.90
C GLY H 115 135.67 -10.74 12.13
N LYS H 116 135.72 -9.57 12.75
CA LYS H 116 134.92 -9.34 13.96
C LYS H 116 133.42 -9.36 13.66
N LEU H 117 132.99 -8.71 12.58
CA LEU H 117 131.58 -8.73 12.23
C LEU H 117 131.11 -10.16 11.98
N ILE H 118 131.89 -10.96 11.26
CA ILE H 118 131.44 -12.32 11.02
C ILE H 118 131.43 -13.12 12.33
N GLY H 119 131.94 -12.51 13.40
CA GLY H 119 131.77 -13.02 14.75
C GLY H 119 130.48 -12.62 15.46
N TRP H 120 129.61 -11.81 14.85
CA TRP H 120 128.31 -11.42 15.38
C TRP H 120 128.33 -10.44 16.55
N GLU H 121 129.49 -10.04 17.02
CA GLU H 121 129.57 -9.10 18.13
C GLU H 121 129.34 -7.65 17.69
N SER H 122 128.72 -6.87 18.57
CA SER H 122 128.58 -5.44 18.37
C SER H 122 128.65 -4.71 19.71
N ALA I 1 127.92 2.09 -31.53
CA ALA I 1 129.20 1.61 -32.15
C ALA I 1 130.16 2.78 -32.43
N LEU I 2 129.84 3.95 -31.88
CA LEU I 2 130.62 5.15 -32.17
C LEU I 2 131.89 5.25 -31.33
N GLY I 3 131.85 4.81 -30.08
CA GLY I 3 133.01 4.89 -29.23
C GLY I 3 132.65 5.19 -27.79
N ASP I 4 133.62 5.03 -26.89
CA ASP I 4 133.34 5.24 -25.47
C ASP I 4 133.27 6.72 -25.11
N THR I 5 133.90 7.59 -25.89
CA THR I 5 133.90 9.02 -25.61
C THR I 5 133.57 9.82 -26.86
N LEU I 6 132.94 10.98 -26.63
CA LEU I 6 132.59 11.94 -27.67
C LEU I 6 133.30 13.25 -27.36
N THR I 7 133.92 13.84 -28.37
CA THR I 7 134.69 15.08 -28.20
C THR I 7 134.04 16.21 -28.99
N ILE I 8 133.75 17.31 -28.30
CA ILE I 8 133.17 18.50 -28.91
C ILE I 8 134.11 19.67 -28.62
N THR I 9 134.47 20.40 -29.67
CA THR I 9 135.44 21.49 -29.58
C THR I 9 134.68 22.81 -29.71
N LEU I 10 134.46 23.49 -28.59
CA LEU I 10 133.79 24.79 -28.64
C LEU I 10 134.61 25.75 -29.46
N GLY I 11 133.95 26.41 -30.42
CA GLY I 11 134.63 27.30 -31.34
C GLY I 11 135.20 26.63 -32.57
N GLY I 12 134.77 25.41 -32.88
CA GLY I 12 135.28 24.76 -34.07
C GLY I 12 136.75 24.43 -33.92
N SER I 13 137.44 24.40 -35.06
CA SER I 13 138.87 24.12 -35.06
C SER I 13 139.61 25.17 -34.26
N GLY I 14 140.58 24.73 -33.47
CA GLY I 14 141.41 25.61 -32.68
C GLY I 14 140.83 26.06 -31.36
N GLY I 15 139.69 25.53 -30.94
CA GLY I 15 139.01 25.97 -29.74
C GLY I 15 139.33 25.12 -28.52
N THR I 16 138.40 25.16 -27.56
CA THR I 16 138.52 24.41 -26.32
C THR I 16 137.86 23.05 -26.46
N ALA I 17 138.55 22.01 -26.00
CA ALA I 17 138.06 20.66 -26.12
C ALA I 17 137.31 20.22 -24.87
N LYS I 18 136.25 19.44 -25.09
CA LYS I 18 135.44 18.86 -24.02
C LYS I 18 135.22 17.39 -24.36
N VAL I 19 135.42 16.51 -23.38
CA VAL I 19 135.33 15.07 -23.60
C VAL I 19 134.15 14.54 -22.78
N LEU I 20 133.15 13.99 -23.47
CA LEU I 20 132.03 13.34 -22.84
C LEU I 20 132.22 11.82 -22.89
N ARG I 21 131.50 11.11 -22.02
CA ARG I 21 131.63 9.67 -21.90
C ARG I 21 130.26 9.01 -22.01
N LYS I 22 130.23 7.82 -22.60
CA LYS I 22 128.97 7.12 -22.80
C LYS I 22 128.36 6.72 -21.46
N ILE I 23 127.03 6.73 -21.41
CA ILE I 23 126.27 6.39 -20.21
C ILE I 23 125.30 5.25 -20.46
N ASN I 24 124.51 5.32 -21.52
CA ASN I 24 123.46 4.34 -21.73
C ASN I 24 123.07 4.31 -23.20
N GLN I 25 122.56 3.17 -23.64
CA GLN I 25 121.94 3.07 -24.96
C GLN I 25 121.00 1.87 -24.96
N ASP I 26 119.70 2.12 -25.07
CA ASP I 26 118.71 1.05 -25.07
C ASP I 26 117.97 0.94 -26.39
N GLY I 27 117.31 2.00 -26.85
CA GLY I 27 116.45 1.91 -28.02
C GLY I 27 117.10 2.40 -29.29
N TYR I 28 118.29 1.90 -29.59
CA TYR I 28 119.09 2.37 -30.73
C TYR I 28 119.57 3.80 -30.54
N THR I 29 119.41 4.34 -29.34
CA THR I 29 119.79 5.72 -29.03
C THR I 29 120.92 5.71 -28.02
N SER I 30 121.86 6.63 -28.17
CA SER I 30 123.01 6.73 -27.30
C SER I 30 122.83 7.88 -26.30
N GLU I 31 123.87 8.11 -25.48
CA GLU I 31 123.80 9.10 -24.40
C GLU I 31 125.21 9.41 -23.91
N TYR I 32 125.55 10.70 -23.83
CA TYR I 32 126.85 11.15 -23.34
C TYR I 32 126.63 12.29 -22.35
N TYR I 33 127.50 12.34 -21.33
CA TYR I 33 127.31 13.27 -20.23
C TYR I 33 128.64 13.63 -19.58
N LEU I 34 128.77 14.89 -19.18
CA LEU I 34 129.99 15.40 -18.56
C LEU I 34 129.68 16.60 -17.67
N PRO I 35 129.79 16.50 -16.35
CA PRO I 35 129.50 17.64 -15.49
C PRO I 35 130.72 18.50 -15.18
N GLU I 36 130.43 19.77 -14.86
CA GLU I 36 131.42 20.73 -14.37
C GLU I 36 130.80 21.44 -13.17
N THR I 37 131.53 22.41 -12.61
CA THR I 37 131.03 23.08 -11.42
C THR I 37 129.83 23.96 -11.73
N SER I 38 129.85 24.66 -12.87
CA SER I 38 128.80 25.59 -13.24
C SER I 38 127.93 25.11 -14.39
N SER I 39 128.32 24.06 -15.11
CA SER I 39 127.50 23.57 -16.20
C SER I 39 127.88 22.12 -16.48
N SER I 40 127.03 21.47 -17.26
CA SER I 40 127.23 20.08 -17.68
C SER I 40 126.87 19.95 -19.15
N PHE I 41 127.48 18.97 -19.80
CA PHE I 41 127.32 18.78 -21.24
C PHE I 41 126.68 17.42 -21.50
N ARG I 42 125.73 17.40 -22.44
CA ARG I 42 124.98 16.20 -22.77
C ARG I 42 124.87 16.08 -24.28
N ALA I 43 124.85 14.85 -24.77
CA ALA I 43 124.70 14.57 -26.19
C ALA I 43 123.88 13.31 -26.38
N LYS I 44 123.08 13.28 -27.45
CA LYS I 44 122.21 12.16 -27.76
C LYS I 44 122.31 11.82 -29.24
N VAL I 45 122.00 10.57 -29.55
CA VAL I 45 121.89 10.10 -30.93
C VAL I 45 120.64 9.23 -31.03
N ARG I 46 119.86 9.42 -32.09
CA ARG I 46 118.62 8.67 -32.27
C ARG I 46 118.53 8.15 -33.70
N HIS I 47 117.81 7.03 -33.84
CA HIS I 47 117.51 6.42 -35.12
C HIS I 47 116.06 5.96 -35.08
N THR I 48 115.32 6.18 -36.16
CA THR I 48 113.89 5.87 -36.16
C THR I 48 113.41 5.59 -37.56
N LYS I 49 112.26 4.91 -37.64
CA LYS I 49 111.59 4.62 -38.90
C LYS I 49 110.13 5.06 -38.79
N GLU I 50 109.65 5.78 -39.80
CA GLU I 50 108.27 6.27 -39.77
C GLU I 50 107.28 5.13 -39.97
N SER I 51 106.02 5.42 -39.64
CA SER I 51 104.95 4.44 -39.80
C SER I 51 104.72 4.15 -41.28
N VAL I 52 104.38 2.90 -41.56
CA VAL I 52 104.20 2.44 -42.94
C VAL I 52 102.78 2.75 -43.38
N LYS I 53 102.63 3.04 -44.66
CA LYS I 53 101.33 3.14 -45.31
C LYS I 53 101.33 2.27 -46.56
N PRO I 54 100.17 1.72 -46.94
CA PRO I 54 100.19 0.58 -47.88
C PRO I 54 100.90 0.84 -49.20
N ASN I 55 100.72 2.03 -49.78
CA ASN I 55 101.23 2.33 -51.12
C ASN I 55 102.03 3.63 -51.12
N GLN I 56 102.95 3.76 -50.18
CA GLN I 56 103.80 4.94 -50.10
C GLN I 56 105.24 4.53 -49.79
N VAL I 57 106.17 5.42 -50.13
CA VAL I 57 107.59 5.16 -49.86
C VAL I 57 107.84 5.17 -48.36
N GLN I 58 108.84 4.39 -47.93
CA GLN I 58 109.18 4.25 -46.52
C GLN I 58 110.46 5.03 -46.25
N TYR I 59 110.46 5.83 -45.19
CA TYR I 59 111.56 6.74 -44.88
C TYR I 59 112.18 6.40 -43.53
N GLU I 60 113.26 7.13 -43.20
CA GLU I 60 113.99 6.95 -41.96
C GLU I 60 114.71 8.24 -41.59
N ARG I 61 114.96 8.42 -40.29
CA ARG I 61 115.54 9.65 -39.76
C ARG I 61 116.82 9.33 -39.00
N HIS I 62 117.76 10.28 -39.01
CA HIS I 62 118.98 10.21 -38.20
C HIS I 62 119.17 11.54 -37.50
N ASN I 63 119.06 11.54 -36.18
CA ASN I 63 119.07 12.76 -35.37
C ASN I 63 120.31 12.79 -34.50
N VAL I 64 120.90 13.98 -34.36
CA VAL I 64 122.06 14.22 -33.50
C VAL I 64 121.83 15.53 -32.77
N GLU I 65 122.17 15.57 -31.49
CA GLU I 65 121.76 16.67 -30.62
C GLU I 65 122.82 16.94 -29.56
N PHE I 66 123.12 18.22 -29.36
CA PHE I 66 123.93 18.71 -28.26
C PHE I 66 123.12 19.64 -27.38
N THR I 67 123.42 19.61 -26.08
CA THR I 67 122.72 20.43 -25.08
C THR I 67 123.72 20.95 -24.06
N GLU I 68 123.49 22.18 -23.62
CA GLU I 68 124.25 22.78 -22.53
C GLU I 68 123.28 23.47 -21.59
N THR I 69 123.46 23.26 -20.29
CA THR I 69 122.57 23.82 -19.27
C THR I 69 123.39 24.55 -18.23
N VAL I 70 122.92 25.74 -17.84
CA VAL I 70 123.60 26.57 -16.85
C VAL I 70 122.76 26.55 -15.58
N TYR I 71 123.36 26.15 -14.47
CA TYR I 71 122.64 26.03 -13.22
C TYR I 71 122.28 27.41 -12.67
N ALA I 72 121.21 27.44 -11.88
CA ALA I 72 120.73 28.70 -11.34
C ALA I 72 121.78 29.33 -10.45
N SER I 73 121.94 30.65 -10.58
CA SER I 73 122.94 31.41 -9.84
C SER I 73 122.21 32.58 -9.15
N GLY I 74 121.77 32.34 -7.93
CA GLY I 74 121.05 33.37 -7.20
C GLY I 74 119.73 33.69 -7.87
N SER I 75 119.52 34.97 -8.19
CA SER I 75 118.25 35.41 -8.75
C SER I 75 117.98 34.76 -10.10
N THR I 76 119.00 34.68 -10.95
CA THR I 76 118.83 34.17 -12.31
C THR I 76 118.46 32.69 -12.30
N PRO I 77 117.36 32.28 -12.90
CA PRO I 77 117.04 30.86 -12.95
C PRO I 77 117.86 30.11 -14.00
N GLU I 78 117.82 28.79 -13.89
CA GLU I 78 118.58 27.93 -14.79
C GLU I 78 117.99 27.98 -16.21
N PHE I 79 118.86 27.75 -17.18
CA PHE I 79 118.45 27.72 -18.59
C PHE I 79 119.41 26.82 -19.34
N VAL I 80 119.17 26.68 -20.64
CA VAL I 80 119.82 25.67 -21.48
C VAL I 80 120.25 26.29 -22.80
N ARG I 81 121.06 25.53 -23.53
CA ARG I 81 121.46 25.90 -24.89
C ARG I 81 121.72 24.62 -25.67
N GLN I 82 120.99 24.44 -26.78
CA GLN I 82 121.06 23.21 -27.56
C GLN I 82 121.03 23.53 -29.05
N ALA I 83 121.43 22.55 -29.85
CA ALA I 83 121.39 22.64 -31.30
C ALA I 83 121.46 21.24 -31.88
N TYR I 84 120.68 20.97 -32.92
CA TYR I 84 120.57 19.61 -33.42
C TYR I 84 120.37 19.62 -34.93
N VAL I 85 120.72 18.49 -35.56
CA VAL I 85 120.58 18.27 -36.99
C VAL I 85 119.92 16.92 -37.20
N VAL I 86 119.18 16.77 -38.31
CA VAL I 86 118.59 15.50 -38.68
C VAL I 86 118.75 15.28 -40.18
N ILE I 87 118.63 14.02 -40.59
CA ILE I 87 118.75 13.60 -41.98
C ILE I 87 117.61 12.64 -42.28
N ARG I 88 116.91 12.85 -43.40
CA ARG I 88 115.83 11.97 -43.82
C ARG I 88 116.09 11.51 -45.24
N HIS I 89 115.94 10.21 -45.47
CA HIS I 89 116.12 9.64 -46.80
C HIS I 89 115.43 8.28 -46.83
N LYS I 90 115.08 7.83 -48.03
CA LYS I 90 114.28 6.64 -48.17
C LYS I 90 115.14 5.39 -48.13
N VAL I 91 114.50 4.26 -47.83
CA VAL I 91 115.22 3.00 -47.60
C VAL I 91 115.74 2.48 -48.92
N GLY I 92 117.00 2.04 -48.92
CA GLY I 92 117.64 1.56 -50.12
C GLY I 92 118.35 2.61 -50.94
N ASP I 93 118.30 3.88 -50.53
CA ASP I 93 118.98 4.93 -51.27
C ASP I 93 120.49 4.77 -51.15
N VAL I 94 121.19 5.21 -52.20
CA VAL I 94 122.65 5.20 -52.17
C VAL I 94 123.13 6.22 -51.14
N SER I 95 124.03 5.77 -50.26
CA SER I 95 124.46 6.62 -49.15
C SER I 95 125.37 7.76 -49.59
N ALA I 96 126.03 7.62 -50.75
CA ALA I 96 126.95 8.67 -51.18
C ALA I 96 126.23 9.99 -51.40
N THR I 97 125.07 9.97 -52.04
CA THR I 97 124.33 11.21 -52.30
C THR I 97 123.85 11.86 -51.00
N VAL I 98 123.36 11.05 -50.06
CA VAL I 98 122.91 11.61 -48.78
C VAL I 98 124.09 12.23 -48.06
N SER I 99 125.25 11.56 -48.11
CA SER I 99 126.45 12.11 -47.49
C SER I 99 126.84 13.43 -48.15
N ASP I 100 126.73 13.51 -49.47
CA ASP I 100 127.07 14.76 -50.16
C ASP I 100 126.15 15.89 -49.73
N LEU I 101 124.85 15.63 -49.63
CA LEU I 101 123.93 16.66 -49.17
C LEU I 101 124.27 17.10 -47.75
N GLY I 102 124.56 16.14 -46.86
CA GLY I 102 124.92 16.49 -45.50
C GLY I 102 126.18 17.34 -45.43
N GLU I 103 127.20 16.98 -46.22
CA GLU I 103 128.42 17.77 -46.22
C GLU I 103 128.19 19.16 -46.79
N ALA I 104 127.33 19.28 -47.80
CA ALA I 104 126.96 20.60 -48.28
C ALA I 104 126.36 21.44 -47.16
N LEU I 105 125.40 20.88 -46.42
CA LEU I 105 124.78 21.61 -45.32
C LEU I 105 125.83 22.00 -44.29
N SER I 106 126.71 21.07 -43.93
CA SER I 106 127.72 21.36 -42.91
C SER I 106 128.66 22.47 -43.36
N PHE I 107 129.07 22.43 -44.64
CA PHE I 107 130.02 23.40 -45.15
C PHE I 107 129.41 24.79 -45.25
N TYR I 108 128.12 24.89 -45.60
CA TYR I 108 127.50 26.20 -45.73
C TYR I 108 127.45 26.92 -44.39
N LEU I 109 127.12 26.22 -43.32
CA LEU I 109 127.05 26.85 -42.01
C LEU I 109 128.46 27.19 -41.50
N ASN I 110 128.59 28.38 -40.94
CA ASN I 110 129.85 28.90 -40.43
C ASN I 110 129.52 30.06 -39.49
N GLU I 111 130.57 30.73 -39.00
CA GLU I 111 130.38 31.71 -37.94
C GLU I 111 129.50 32.86 -38.40
N ALA I 112 129.78 33.42 -39.58
CA ALA I 112 129.02 34.57 -40.06
C ALA I 112 127.55 34.22 -40.26
N LEU I 113 127.27 33.04 -40.83
CA LEU I 113 125.88 32.63 -40.98
C LEU I 113 125.19 32.54 -39.63
N TYR I 114 125.85 31.95 -38.63
CA TYR I 114 125.24 31.85 -37.32
C TYR I 114 124.97 33.24 -36.73
N GLY I 115 125.92 34.15 -36.89
CA GLY I 115 125.69 35.52 -36.44
C GLY I 115 124.45 36.13 -37.09
N LYS I 116 124.30 35.90 -38.40
CA LYS I 116 123.10 36.38 -39.08
C LYS I 116 121.84 35.73 -38.52
N LEU I 117 121.88 34.41 -38.28
CA LEU I 117 120.69 33.72 -37.79
C LEU I 117 120.25 34.28 -36.44
N ILE I 118 121.20 34.44 -35.50
CA ILE I 118 120.86 35.10 -34.24
C ILE I 118 120.49 36.55 -34.48
N GLY I 119 120.88 37.11 -35.62
CA GLY I 119 120.44 38.44 -35.98
C GLY I 119 118.99 38.54 -36.46
N TRP I 120 118.25 37.43 -36.48
CA TRP I 120 116.86 37.43 -36.95
C TRP I 120 116.77 37.84 -38.42
N GLU I 121 117.80 37.53 -39.19
CA GLU I 121 117.80 37.81 -40.62
C GLU I 121 117.10 36.66 -41.36
N SER I 122 116.07 36.99 -42.12
CA SER I 122 115.34 35.99 -42.88
C SER I 122 115.84 35.90 -44.31
N ALA J 1 132.07 -5.80 21.81
CA ALA J 1 133.44 -5.24 21.66
C ALA J 1 133.40 -3.93 20.86
N LEU J 2 134.22 -3.82 19.82
CA LEU J 2 134.34 -2.62 18.98
C LEU J 2 134.85 -1.41 19.76
N GLY J 3 135.27 -1.58 21.01
CA GLY J 3 135.67 -0.46 21.83
C GLY J 3 134.49 0.39 22.26
N ASP J 4 134.74 1.25 23.24
CA ASP J 4 133.70 2.16 23.70
C ASP J 4 133.49 3.30 22.71
N THR J 5 134.46 3.57 21.85
CA THR J 5 134.35 4.64 20.87
C THR J 5 134.77 4.16 19.48
N LEU J 6 134.12 4.74 18.47
CA LEU J 6 134.36 4.45 17.06
C LEU J 6 134.96 5.68 16.41
N THR J 7 136.02 5.49 15.64
CA THR J 7 136.75 6.59 15.02
C THR J 7 136.58 6.54 13.51
N ILE J 8 136.17 7.66 12.92
CA ILE J 8 136.07 7.83 11.47
C ILE J 8 136.97 8.99 11.06
N THR J 9 137.77 8.75 10.03
CA THR J 9 138.71 9.74 9.50
C THR J 9 138.18 10.20 8.14
N LEU J 10 137.46 11.32 8.13
CA LEU J 10 136.94 11.82 6.86
C LEU J 10 138.10 12.07 5.90
N GLY J 11 137.92 11.61 4.67
CA GLY J 11 138.98 11.69 3.69
C GLY J 11 139.98 10.56 3.72
N GLY J 12 139.60 9.41 4.27
CA GLY J 12 140.53 8.30 4.32
C GLY J 12 141.74 8.62 5.17
N SER J 13 142.88 8.06 4.79
CA SER J 13 144.10 8.24 5.56
C SER J 13 144.58 9.68 5.48
N GLY J 14 145.02 10.20 6.62
CA GLY J 14 145.60 11.53 6.69
C GLY J 14 144.61 12.67 6.91
N GLY J 15 143.31 12.38 6.98
CA GLY J 15 142.31 13.41 7.12
C GLY J 15 141.95 13.69 8.57
N THR J 16 140.89 14.47 8.74
CA THR J 16 140.39 14.81 10.06
C THR J 16 139.73 13.61 10.71
N ALA J 17 139.92 13.47 12.03
CA ALA J 17 139.44 12.33 12.78
C ALA J 17 138.28 12.73 13.69
N LYS J 18 137.22 11.94 13.67
CA LYS J 18 136.06 12.16 14.51
C LYS J 18 135.80 10.92 15.35
N VAL J 19 135.53 11.12 16.64
CA VAL J 19 135.33 10.02 17.59
C VAL J 19 133.85 9.97 17.96
N LEU J 20 133.27 8.78 17.87
CA LEU J 20 131.87 8.56 18.21
C LEU J 20 131.78 7.77 19.51
N ARG J 21 130.74 8.03 20.31
CA ARG J 21 130.56 7.40 21.62
C ARG J 21 129.39 6.42 21.57
N LYS J 22 129.55 5.29 22.25
CA LYS J 22 128.46 4.33 22.33
C LYS J 22 127.33 4.88 23.20
N ILE J 23 126.09 4.55 22.81
CA ILE J 23 124.91 5.12 23.41
C ILE J 23 123.95 4.01 23.84
N ASN J 24 123.54 3.18 22.88
CA ASN J 24 122.48 2.21 23.08
C ASN J 24 122.88 0.91 22.41
N GLN J 25 122.29 -0.19 22.88
CA GLN J 25 122.60 -1.51 22.33
C GLN J 25 121.39 -2.41 22.57
N ASP J 26 120.52 -2.51 21.56
CA ASP J 26 119.32 -3.33 21.65
C ASP J 26 119.10 -4.08 20.34
N GLY J 27 118.50 -5.26 20.45
CA GLY J 27 118.16 -6.00 19.25
C GLY J 27 119.33 -6.29 18.35
N TYR J 28 120.46 -6.69 18.93
CA TYR J 28 121.63 -7.10 18.14
C TYR J 28 122.17 -5.98 17.27
N THR J 29 122.00 -4.73 17.71
CA THR J 29 122.55 -3.58 16.99
C THR J 29 123.21 -2.64 17.99
N SER J 30 124.15 -1.85 17.50
CA SER J 30 124.82 -0.85 18.32
C SER J 30 124.95 0.42 17.51
N GLU J 31 124.94 1.56 18.21
CA GLU J 31 124.96 2.85 17.53
C GLU J 31 125.79 3.84 18.33
N TYR J 32 126.42 4.75 17.60
CA TYR J 32 127.37 5.72 18.15
C TYR J 32 126.95 7.12 17.71
N TYR J 33 127.32 8.12 18.50
CA TYR J 33 126.79 9.47 18.30
C TYR J 33 127.83 10.52 18.67
N LEU J 34 127.75 11.68 17.99
CA LEU J 34 128.60 12.84 18.28
C LEU J 34 127.95 14.11 17.71
N PRO J 35 127.58 15.09 18.54
CA PRO J 35 127.04 16.33 18.00
C PRO J 35 128.06 17.44 17.85
N GLU J 36 127.68 18.42 17.02
CA GLU J 36 128.48 19.62 16.77
C GLU J 36 127.53 20.81 16.72
N THR J 37 128.04 21.97 16.29
CA THR J 37 127.20 23.15 16.18
C THR J 37 126.25 23.08 15.00
N SER J 38 126.74 22.61 13.84
CA SER J 38 125.93 22.60 12.63
C SER J 38 125.68 21.22 12.06
N SER J 39 126.15 20.14 12.69
CA SER J 39 125.90 18.81 12.18
C SER J 39 126.05 17.79 13.31
N SER J 40 125.73 16.54 13.00
CA SER J 40 125.87 15.44 13.94
C SER J 40 126.20 14.18 13.17
N PHE J 41 126.80 13.22 13.88
CA PHE J 41 127.35 12.01 13.28
C PHE J 41 126.76 10.79 13.97
N ARG J 42 126.35 9.79 13.17
CA ARG J 42 125.77 8.56 13.65
C ARG J 42 126.45 7.38 12.97
N ALA J 43 126.73 6.31 13.73
CA ALA J 43 127.23 5.07 13.15
C ALA J 43 126.52 3.89 13.80
N LYS J 44 126.01 2.97 12.98
CA LYS J 44 125.13 1.89 13.42
C LYS J 44 125.60 0.57 12.84
N VAL J 45 125.40 -0.50 13.61
CA VAL J 45 125.69 -1.87 13.18
C VAL J 45 124.48 -2.74 13.48
N ARG J 46 124.14 -3.63 12.54
CA ARG J 46 123.10 -4.62 12.74
C ARG J 46 123.60 -6.00 12.36
N HIS J 47 122.98 -7.01 12.97
CA HIS J 47 123.03 -8.38 12.48
C HIS J 47 121.61 -8.94 12.45
N THR J 48 121.35 -9.81 11.49
CA THR J 48 120.03 -10.40 11.34
C THR J 48 120.17 -11.80 10.76
N LYS J 49 119.15 -12.62 11.01
CA LYS J 49 119.03 -13.95 10.45
C LYS J 49 117.59 -14.15 10.00
N GLU J 50 117.39 -14.64 8.78
CA GLU J 50 116.04 -14.76 8.25
C GLU J 50 115.33 -15.98 8.83
N SER J 51 114.06 -16.12 8.46
CA SER J 51 113.23 -17.19 8.98
C SER J 51 113.69 -18.53 8.44
N VAL J 52 113.47 -19.57 9.23
CA VAL J 52 113.81 -20.94 8.82
C VAL J 52 112.71 -21.46 7.91
N LYS J 53 113.10 -21.99 6.76
CA LYS J 53 112.19 -22.50 5.76
C LYS J 53 112.49 -23.98 5.52
N PRO J 54 111.52 -24.76 5.02
CA PRO J 54 111.66 -26.21 5.03
C PRO J 54 112.92 -26.78 4.39
N ASN J 55 113.09 -26.66 3.07
CA ASN J 55 114.26 -27.21 2.38
C ASN J 55 114.92 -26.13 1.50
N GLN J 56 115.70 -25.27 2.15
CA GLN J 56 116.43 -24.17 1.53
C GLN J 56 117.62 -23.83 2.41
N VAL J 57 118.49 -22.97 1.91
CA VAL J 57 119.71 -22.58 2.61
C VAL J 57 119.42 -21.33 3.42
N GLN J 58 119.74 -21.36 4.73
CA GLN J 58 119.48 -20.22 5.59
C GLN J 58 120.71 -19.32 5.71
N TYR J 59 120.48 -18.01 5.67
CA TYR J 59 121.52 -17.00 5.49
C TYR J 59 121.48 -16.00 6.64
N GLU J 60 122.45 -15.08 6.62
CA GLU J 60 122.56 -14.05 7.64
C GLU J 60 123.22 -12.80 7.06
N ARG J 61 122.76 -11.63 7.51
CA ARG J 61 123.14 -10.33 6.97
C ARG J 61 123.81 -9.51 8.05
N HIS J 62 124.96 -8.93 7.76
CA HIS J 62 125.67 -8.02 8.66
C HIS J 62 125.82 -6.67 8.00
N ASN J 63 125.36 -5.60 8.67
CA ASN J 63 125.22 -4.29 8.06
C ASN J 63 125.94 -3.24 8.91
N VAL J 64 126.54 -2.26 8.24
CA VAL J 64 127.18 -1.12 8.90
C VAL J 64 126.92 0.13 8.06
N GLU J 65 126.57 1.24 8.73
CA GLU J 65 126.19 2.45 8.02
C GLU J 65 126.83 3.66 8.69
N PHE J 66 127.10 4.68 7.90
CA PHE J 66 127.51 5.99 8.40
C PHE J 66 126.50 7.03 7.93
N THR J 67 126.13 7.93 8.82
CA THR J 67 125.11 8.93 8.52
C THR J 67 125.60 10.31 8.92
N GLU J 68 125.24 11.31 8.11
CA GLU J 68 125.61 12.70 8.33
C GLU J 68 124.37 13.56 8.17
N THR J 69 124.03 14.33 9.20
CA THR J 69 122.90 15.25 9.13
C THR J 69 123.40 16.68 9.28
N VAL J 70 122.83 17.58 8.49
CA VAL J 70 123.14 19.00 8.53
C VAL J 70 121.86 19.73 8.90
N TYR J 71 121.90 20.50 9.98
CA TYR J 71 120.71 21.22 10.45
C TYR J 71 120.33 22.30 9.45
N ALA J 72 119.02 22.54 9.37
CA ALA J 72 118.49 23.52 8.44
C ALA J 72 119.02 24.92 8.78
N SER J 73 119.48 25.64 7.77
CA SER J 73 120.00 26.99 7.92
C SER J 73 119.28 27.90 6.95
N GLY J 74 118.42 28.78 7.47
CA GLY J 74 117.71 29.70 6.60
C GLY J 74 116.85 28.96 5.60
N SER J 75 117.02 29.30 4.31
CA SER J 75 116.20 28.69 3.27
C SER J 75 116.49 27.20 3.14
N THR J 76 117.76 26.80 3.27
CA THR J 76 118.12 25.39 3.10
C THR J 76 117.50 24.54 4.20
N PRO J 77 116.73 23.50 3.87
CA PRO J 77 116.13 22.66 4.91
C PRO J 77 117.07 21.54 5.36
N GLU J 78 116.52 20.61 6.16
CA GLU J 78 117.30 19.46 6.60
C GLU J 78 117.73 18.60 5.42
N PHE J 79 118.93 18.02 5.51
CA PHE J 79 119.37 17.02 4.56
C PHE J 79 120.50 16.22 5.18
N VAL J 80 120.75 15.03 4.63
CA VAL J 80 121.63 14.05 5.24
C VAL J 80 122.58 13.49 4.19
N ARG J 81 123.67 12.91 4.68
CA ARG J 81 124.58 12.10 3.86
C ARG J 81 124.83 10.77 4.54
N GLN J 82 124.83 9.70 3.76
CA GLN J 82 124.82 8.35 4.31
C GLN J 82 125.50 7.41 3.32
N ALA J 83 125.98 6.27 3.85
CA ALA J 83 126.56 5.22 3.04
C ALA J 83 126.74 3.99 3.91
N TYR J 84 126.32 2.82 3.41
CA TYR J 84 126.34 1.61 4.23
C TYR J 84 126.66 0.39 3.38
N VAL J 85 127.13 -0.66 4.08
CA VAL J 85 127.59 -1.90 3.47
C VAL J 85 126.91 -3.07 4.16
N VAL J 86 126.72 -4.17 3.42
CA VAL J 86 126.18 -5.40 3.99
C VAL J 86 126.95 -6.59 3.44
N ILE J 87 126.90 -7.70 4.17
CA ILE J 87 127.55 -8.95 3.79
C ILE J 87 126.56 -10.09 4.04
N ARG J 88 126.48 -11.03 3.10
CA ARG J 88 125.52 -12.13 3.21
C ARG J 88 126.20 -13.46 2.87
N HIS J 89 126.09 -14.42 3.78
CA HIS J 89 126.65 -15.76 3.61
C HIS J 89 125.96 -16.70 4.60
N LYS J 90 126.15 -18.00 4.40
CA LYS J 90 125.39 -18.94 5.21
C LYS J 90 126.05 -19.16 6.56
N VAL J 91 125.30 -19.82 7.46
CA VAL J 91 125.77 -19.99 8.83
C VAL J 91 127.05 -20.81 8.87
N GLY J 92 127.16 -21.82 8.01
CA GLY J 92 128.27 -22.75 8.09
C GLY J 92 129.38 -22.48 7.10
N ASP J 93 129.44 -21.27 6.56
CA ASP J 93 130.48 -20.92 5.62
C ASP J 93 131.82 -20.74 6.33
N VAL J 94 132.88 -20.69 5.53
CA VAL J 94 134.23 -20.54 6.07
C VAL J 94 134.47 -19.07 6.37
N SER J 95 135.25 -18.81 7.42
CA SER J 95 135.47 -17.43 7.84
C SER J 95 136.35 -16.65 6.87
N ALA J 96 137.53 -17.17 6.57
CA ALA J 96 138.48 -16.41 5.76
C ALA J 96 137.96 -16.18 4.35
N THR J 97 137.31 -17.20 3.77
CA THR J 97 136.80 -17.07 2.41
C THR J 97 135.79 -15.94 2.31
N VAL J 98 134.83 -15.89 3.23
CA VAL J 98 133.82 -14.84 3.18
C VAL J 98 134.45 -13.49 3.50
N SER J 99 135.49 -13.47 4.34
CA SER J 99 136.21 -12.23 4.58
C SER J 99 136.88 -11.70 3.31
N ASP J 100 137.35 -12.61 2.46
CA ASP J 100 138.16 -12.21 1.31
C ASP J 100 137.35 -11.39 0.31
N LEU J 101 136.09 -11.77 0.06
CA LEU J 101 135.27 -11.03 -0.89
C LEU J 101 135.06 -9.59 -0.43
N GLY J 102 134.73 -9.40 0.85
CA GLY J 102 134.57 -8.06 1.36
C GLY J 102 135.87 -7.27 1.33
N GLU J 103 136.99 -7.94 1.60
CA GLU J 103 138.28 -7.25 1.53
C GLU J 103 138.54 -6.77 0.11
N ALA J 104 138.23 -7.61 -0.88
CA ALA J 104 138.36 -7.20 -2.28
C ALA J 104 137.48 -6.00 -2.59
N LEU J 105 136.23 -6.04 -2.12
CA LEU J 105 135.31 -4.93 -2.40
C LEU J 105 135.85 -3.63 -1.80
N SER J 106 136.40 -3.72 -0.59
CA SER J 106 136.99 -2.53 0.03
C SER J 106 138.20 -2.03 -0.76
N PHE J 107 139.06 -2.94 -1.21
CA PHE J 107 140.27 -2.54 -1.92
C PHE J 107 139.92 -1.88 -3.26
N TYR J 108 138.88 -2.37 -3.94
CA TYR J 108 138.48 -1.81 -5.22
C TYR J 108 138.00 -0.37 -5.10
N LEU J 109 137.34 -0.02 -4.00
CA LEU J 109 136.77 1.32 -3.86
C LEU J 109 137.85 2.32 -3.46
N ASN J 110 137.91 3.43 -4.19
CA ASN J 110 138.87 4.48 -3.91
C ASN J 110 138.25 5.81 -4.34
N GLU J 111 138.91 6.90 -3.97
CA GLU J 111 138.34 8.23 -4.16
C GLU J 111 138.08 8.49 -5.64
N ALA J 112 139.01 8.07 -6.51
CA ALA J 112 138.82 8.27 -7.94
C ALA J 112 137.57 7.54 -8.44
N LEU J 113 137.40 6.28 -8.04
CA LEU J 113 136.22 5.54 -8.45
C LEU J 113 134.95 6.14 -7.84
N TYR J 114 135.04 6.66 -6.62
CA TYR J 114 133.88 7.32 -6.02
C TYR J 114 133.47 8.54 -6.84
N GLY J 115 134.46 9.36 -7.24
CA GLY J 115 134.15 10.49 -8.09
C GLY J 115 133.54 10.06 -9.41
N LYS J 116 134.07 8.99 -10.00
CA LYS J 116 133.53 8.51 -11.27
C LYS J 116 132.09 8.02 -11.10
N LEU J 117 131.81 7.29 -10.02
CA LEU J 117 130.44 6.87 -9.73
C LEU J 117 129.51 8.07 -9.59
N ILE J 118 129.95 9.10 -8.86
CA ILE J 118 129.17 10.35 -8.83
C ILE J 118 129.04 10.92 -10.24
N GLY J 119 129.96 10.55 -11.14
CA GLY J 119 129.90 10.99 -12.52
C GLY J 119 128.91 10.24 -13.40
N TRP J 120 128.19 9.24 -12.87
CA TRP J 120 127.19 8.46 -13.60
C TRP J 120 127.75 7.46 -14.60
N GLU J 121 129.06 7.31 -14.74
CA GLU J 121 129.52 6.42 -15.78
C GLU J 121 129.22 4.97 -15.40
N SER J 122 128.85 4.18 -16.40
CA SER J 122 128.57 2.77 -16.18
C SER J 122 128.99 1.93 -17.38
N ALA K 1 126.35 -7.92 34.59
CA ALA K 1 127.72 -7.42 34.87
C ALA K 1 128.69 -8.57 35.06
N LEU K 2 128.39 -9.70 34.42
CA LEU K 2 129.30 -10.85 34.49
C LEU K 2 130.64 -10.54 33.83
N GLY K 3 130.64 -9.67 32.82
CA GLY K 3 131.83 -9.35 32.06
C GLY K 3 131.62 -9.59 30.57
N ASP K 4 132.57 -9.05 29.81
CA ASP K 4 132.45 -9.09 28.35
C ASP K 4 132.54 -10.51 27.81
N THR K 5 133.13 -11.43 28.58
CA THR K 5 133.36 -12.79 28.12
C THR K 5 132.86 -13.80 29.15
N LEU K 6 132.52 -14.99 28.64
CA LEU K 6 132.12 -16.13 29.43
C LEU K 6 132.94 -17.33 28.99
N THR K 7 133.36 -18.15 29.93
CA THR K 7 134.27 -19.26 29.66
C THR K 7 133.59 -20.59 29.95
N ILE K 8 133.64 -21.50 28.98
CA ILE K 8 133.14 -22.86 29.12
C ILE K 8 134.30 -23.81 28.91
N THR K 9 134.58 -24.66 29.90
CA THR K 9 135.64 -25.65 29.83
C THR K 9 135.00 -27.03 29.73
N LEU K 10 135.01 -27.62 28.54
CA LEU K 10 134.46 -28.96 28.37
C LEU K 10 135.36 -29.97 29.06
N GLY K 11 134.74 -30.88 29.82
CA GLY K 11 135.49 -31.74 30.70
C GLY K 11 135.56 -31.25 32.13
N GLY K 12 134.63 -30.40 32.55
CA GLY K 12 134.63 -29.88 33.91
C GLY K 12 135.91 -29.15 34.23
N SER K 13 136.73 -29.74 35.08
CA SER K 13 138.05 -29.22 35.41
C SER K 13 139.13 -29.75 34.48
N GLY K 14 138.75 -30.51 33.45
CA GLY K 14 139.71 -31.05 32.51
C GLY K 14 140.44 -29.97 31.74
N GLY K 15 139.75 -29.31 30.82
CA GLY K 15 140.33 -28.25 30.03
C GLY K 15 139.51 -27.91 28.79
N THR K 16 140.18 -27.58 27.70
CA THR K 16 139.53 -27.22 26.44
C THR K 16 138.52 -26.08 26.66
N ALA K 17 139.09 -24.94 27.05
CA ALA K 17 138.29 -23.77 27.38
C ALA K 17 137.80 -23.06 26.12
N LYS K 18 136.59 -22.51 26.20
CA LYS K 18 135.96 -21.75 25.12
C LYS K 18 135.62 -20.37 25.64
N VAL K 19 135.85 -19.35 24.82
CA VAL K 19 135.66 -17.95 25.22
C VAL K 19 134.52 -17.36 24.40
N LEU K 20 133.37 -17.17 25.04
CA LEU K 20 132.21 -16.56 24.41
C LEU K 20 132.28 -15.04 24.56
N ARG K 21 131.68 -14.33 23.61
CA ARG K 21 131.65 -12.87 23.60
C ARG K 21 130.22 -12.38 23.73
N LYS K 22 130.04 -11.26 24.44
CA LYS K 22 128.71 -10.74 24.67
C LYS K 22 128.09 -10.23 23.37
N ILE K 23 126.77 -10.37 23.27
CA ILE K 23 126.01 -9.98 22.08
C ILE K 23 124.93 -8.99 22.52
N ASN K 24 124.11 -9.40 23.49
CA ASN K 24 122.93 -8.67 23.88
C ASN K 24 122.93 -8.39 25.38
N GLN K 25 122.12 -7.41 25.76
CA GLN K 25 121.68 -7.28 27.15
C GLN K 25 120.32 -6.57 27.12
N ASP K 26 119.24 -7.34 27.11
CA ASP K 26 117.90 -6.81 26.98
C ASP K 26 116.93 -7.59 27.85
N GLY K 27 116.02 -6.87 28.50
CA GLY K 27 114.98 -7.51 29.30
C GLY K 27 115.55 -8.35 30.40
N TYR K 28 116.64 -7.89 31.02
CA TYR K 28 117.26 -8.60 32.13
C TYR K 28 117.74 -9.98 31.68
N THR K 29 118.31 -10.04 30.47
CA THR K 29 118.87 -11.25 29.91
C THR K 29 120.25 -10.96 29.35
N SER K 30 120.90 -11.98 28.79
CA SER K 30 122.22 -11.77 28.20
C SER K 30 122.49 -12.86 27.18
N GLU K 31 123.50 -12.61 26.33
CA GLU K 31 123.81 -13.48 25.21
C GLU K 31 125.32 -13.53 25.01
N TYR K 32 125.84 -14.73 24.80
CA TYR K 32 127.26 -14.94 24.51
C TYR K 32 127.38 -15.93 23.35
N TYR K 33 128.36 -15.71 22.48
CA TYR K 33 128.45 -16.47 21.23
C TYR K 33 129.91 -16.64 20.82
N LEU K 34 130.18 -17.73 20.10
CA LEU K 34 131.47 -17.95 19.49
C LEU K 34 131.34 -19.00 18.38
N PRO K 35 131.72 -18.71 17.14
CA PRO K 35 131.66 -19.74 16.09
C PRO K 35 132.99 -20.48 15.92
N GLU K 36 132.88 -21.68 15.35
CA GLU K 36 134.02 -22.57 15.14
C GLU K 36 133.99 -23.02 13.68
N THR K 37 134.88 -23.95 13.33
CA THR K 37 134.89 -24.48 11.97
C THR K 37 133.69 -25.39 11.72
N SER K 38 133.30 -26.19 12.73
CA SER K 38 132.20 -27.14 12.57
C SER K 38 131.24 -27.12 13.76
N SER K 39 131.28 -26.09 14.59
CA SER K 39 130.35 -25.99 15.70
C SER K 39 130.29 -24.54 16.16
N SER K 40 129.29 -24.27 17.01
CA SER K 40 129.10 -22.94 17.58
C SER K 40 128.73 -23.09 19.05
N PHE K 41 129.03 -22.06 19.84
CA PHE K 41 128.74 -22.07 21.27
C PHE K 41 127.97 -20.82 21.63
N ARG K 42 126.87 -21.00 22.36
CA ARG K 42 125.97 -19.91 22.75
C ARG K 42 125.59 -20.08 24.21
N ALA K 43 125.44 -18.96 24.92
CA ALA K 43 125.08 -18.96 26.34
C ALA K 43 124.07 -17.86 26.62
N LYS K 44 123.09 -18.16 27.48
CA LYS K 44 122.05 -17.23 27.89
C LYS K 44 122.01 -17.15 29.41
N VAL K 45 121.73 -15.95 29.92
CA VAL K 45 121.38 -15.74 31.33
C VAL K 45 120.07 -14.94 31.34
N ARG K 46 119.10 -15.40 32.14
CA ARG K 46 117.76 -14.84 32.10
C ARG K 46 117.15 -14.78 33.50
N HIS K 47 116.34 -13.74 33.73
CA HIS K 47 115.63 -13.50 34.98
C HIS K 47 114.19 -13.11 34.68
N THR K 48 113.27 -13.44 35.59
CA THR K 48 111.89 -12.99 35.46
C THR K 48 111.16 -13.21 36.77
N LYS K 49 109.96 -12.63 36.85
CA LYS K 49 109.09 -12.73 38.02
C LYS K 49 107.79 -13.41 37.61
N GLU K 50 107.39 -14.44 38.34
CA GLU K 50 106.21 -15.20 37.93
C GLU K 50 104.93 -14.39 38.12
N SER K 51 103.91 -14.76 37.34
CA SER K 51 102.66 -14.02 37.34
C SER K 51 102.03 -14.01 38.72
N VAL K 52 101.50 -12.86 39.11
CA VAL K 52 100.86 -12.70 40.41
C VAL K 52 99.43 -13.22 40.34
N LYS K 53 98.97 -13.80 41.45
CA LYS K 53 97.63 -14.31 41.59
C LYS K 53 97.15 -13.79 42.94
N PRO K 54 95.89 -13.36 43.05
CA PRO K 54 95.56 -12.41 44.13
C PRO K 54 95.91 -12.87 45.54
N ASN K 55 95.78 -14.15 45.87
CA ASN K 55 96.01 -14.61 47.24
C ASN K 55 97.05 -15.72 47.29
N GLN K 56 98.18 -15.54 46.62
CA GLN K 56 99.26 -16.50 46.60
C GLN K 56 100.61 -15.78 46.68
N VAL K 57 101.65 -16.55 47.01
CA VAL K 57 102.99 -16.00 47.22
C VAL K 57 103.65 -15.72 45.88
N GLN K 58 104.31 -14.56 45.78
CA GLN K 58 105.07 -14.20 44.59
C GLN K 58 106.42 -14.90 44.59
N TYR K 59 106.90 -15.25 43.39
CA TYR K 59 108.10 -16.07 43.22
C TYR K 59 109.03 -15.43 42.20
N GLU K 60 110.32 -15.72 42.35
CA GLU K 60 111.32 -15.42 41.31
C GLU K 60 111.74 -16.71 40.60
N ARG K 61 112.61 -16.56 39.60
CA ARG K 61 113.08 -17.68 38.80
C ARG K 61 114.34 -17.25 38.04
N HIS K 62 115.43 -18.01 38.16
CA HIS K 62 116.68 -17.71 37.46
C HIS K 62 117.10 -18.91 36.63
N ASN K 63 117.63 -18.65 35.43
CA ASN K 63 117.91 -19.67 34.43
C ASN K 63 119.29 -19.44 33.82
N VAL K 64 119.95 -20.53 33.44
CA VAL K 64 121.25 -20.49 32.75
C VAL K 64 121.40 -21.74 31.90
N GLU K 65 121.74 -21.56 30.62
CA GLU K 65 121.82 -22.68 29.69
C GLU K 65 123.06 -22.58 28.81
N PHE K 66 123.60 -23.74 28.43
CA PHE K 66 124.62 -23.84 27.40
C PHE K 66 124.07 -24.63 26.22
N THR K 67 124.37 -24.16 25.01
CA THR K 67 123.87 -24.76 23.78
C THR K 67 125.02 -24.91 22.80
N GLU K 68 125.10 -26.05 22.15
CA GLU K 68 126.13 -26.35 21.17
C GLU K 68 125.47 -26.82 19.88
N THR K 69 125.87 -26.22 18.76
CA THR K 69 125.23 -26.46 17.47
C THR K 69 126.26 -27.07 16.53
N VAL K 70 125.86 -28.12 15.83
CA VAL K 70 126.74 -28.85 14.92
C VAL K 70 126.14 -28.76 13.52
N TYR K 71 126.92 -28.22 12.58
CA TYR K 71 126.40 -28.01 11.23
C TYR K 71 126.33 -29.33 10.45
N ALA K 72 125.47 -29.34 9.45
CA ALA K 72 125.24 -30.55 8.67
C ALA K 72 126.50 -30.95 7.91
N SER K 73 126.63 -32.26 7.69
CA SER K 73 127.81 -32.81 7.03
C SER K 73 127.42 -34.11 6.36
N GLY K 74 127.79 -34.25 5.10
CA GLY K 74 127.39 -35.44 4.36
C GLY K 74 125.87 -35.55 4.33
N SER K 75 125.37 -36.73 4.69
CA SER K 75 123.94 -36.95 4.80
C SER K 75 123.40 -36.66 6.19
N THR K 76 124.25 -36.35 7.15
CA THR K 76 123.81 -36.09 8.51
C THR K 76 123.23 -34.69 8.63
N PRO K 77 121.97 -34.53 9.02
CA PRO K 77 121.36 -33.20 9.05
C PRO K 77 121.80 -32.40 10.28
N GLU K 78 121.14 -31.26 10.46
CA GLU K 78 121.41 -30.41 11.61
C GLU K 78 120.95 -31.08 12.89
N PHE K 79 121.66 -30.81 13.98
CA PHE K 79 121.22 -31.20 15.31
C PHE K 79 121.98 -30.34 16.33
N VAL K 80 121.56 -30.44 17.60
CA VAL K 80 122.01 -29.52 18.63
C VAL K 80 122.24 -30.27 19.93
N ARG K 81 123.03 -29.65 20.81
CA ARG K 81 123.17 -30.09 22.20
C ARG K 81 122.91 -28.91 23.11
N GLN K 82 122.29 -29.18 24.26
CA GLN K 82 121.85 -28.13 25.16
C GLN K 82 121.81 -28.70 26.58
N ALA K 83 121.92 -27.81 27.56
CA ALA K 83 121.84 -28.21 28.95
C ALA K 83 121.68 -26.97 29.81
N TYR K 84 120.67 -26.96 30.69
CA TYR K 84 120.35 -25.75 31.42
C TYR K 84 119.96 -26.07 32.86
N VAL K 85 120.00 -25.03 33.70
CA VAL K 85 119.57 -25.09 35.09
C VAL K 85 118.66 -23.90 35.36
N VAL K 86 117.78 -24.05 36.35
CA VAL K 86 116.90 -22.96 36.75
C VAL K 86 116.74 -23.01 38.27
N ILE K 87 116.57 -21.84 38.87
CA ILE K 87 116.34 -21.69 40.30
C ILE K 87 115.06 -20.90 40.51
N ARG K 88 114.18 -21.38 41.38
CA ARG K 88 112.95 -20.68 41.74
C ARG K 88 112.79 -20.68 43.24
N HIS K 89 112.50 -19.49 43.79
CA HIS K 89 112.42 -19.29 45.23
C HIS K 89 111.47 -18.13 45.50
N LYS K 90 111.22 -17.85 46.77
CA LYS K 90 110.20 -16.89 47.17
C LYS K 90 110.78 -15.48 47.25
N VAL K 91 109.94 -14.50 46.95
CA VAL K 91 110.37 -13.10 47.00
C VAL K 91 110.71 -12.75 48.44
N GLY K 92 111.89 -12.16 48.62
CA GLY K 92 112.32 -11.77 49.95
C GLY K 92 112.85 -12.90 50.80
N ASP K 93 112.99 -14.10 50.24
CA ASP K 93 113.57 -15.20 51.00
C ASP K 93 115.04 -14.92 51.29
N VAL K 94 115.61 -15.73 52.17
CA VAL K 94 116.99 -15.51 52.61
C VAL K 94 117.92 -16.00 51.51
N SER K 95 118.77 -15.09 51.01
CA SER K 95 119.60 -15.42 49.86
C SER K 95 120.57 -16.55 50.17
N ALA K 96 121.17 -16.54 51.36
CA ALA K 96 122.13 -17.57 51.71
C ALA K 96 121.47 -18.95 51.77
N THR K 97 120.27 -19.03 52.35
CA THR K 97 119.58 -20.32 52.41
C THR K 97 119.25 -20.83 51.01
N VAL K 98 118.74 -19.96 50.14
CA VAL K 98 118.41 -20.38 48.78
C VAL K 98 119.67 -20.83 48.05
N SER K 99 120.79 -20.13 48.28
CA SER K 99 122.05 -20.54 47.68
C SER K 99 122.57 -21.85 48.24
N ASP K 100 122.22 -22.18 49.48
CA ASP K 100 122.66 -23.46 50.04
C ASP K 100 122.18 -24.62 49.18
N LEU K 101 120.88 -24.64 48.86
CA LEU K 101 120.37 -25.50 47.81
C LEU K 101 120.87 -24.97 46.46
N GLY K 102 120.94 -25.86 45.48
CA GLY K 102 121.48 -25.49 44.19
C GLY K 102 122.95 -25.87 44.07
N GLU K 103 123.80 -25.34 44.96
CA GLU K 103 125.18 -25.81 44.96
C GLU K 103 125.27 -27.27 45.37
N ALA K 104 124.35 -27.74 46.21
CA ALA K 104 124.28 -29.17 46.51
C ALA K 104 123.97 -29.96 45.26
N LEU K 105 123.00 -29.50 44.46
CA LEU K 105 122.68 -30.17 43.20
C LEU K 105 123.87 -30.16 42.27
N SER K 106 124.59 -29.04 42.20
CA SER K 106 125.77 -28.98 41.35
C SER K 106 126.82 -29.99 41.81
N PHE K 107 127.04 -30.08 43.12
CA PHE K 107 128.00 -31.04 43.65
C PHE K 107 127.58 -32.48 43.39
N TYR K 108 126.28 -32.76 43.44
CA TYR K 108 125.81 -34.13 43.18
C TYR K 108 126.12 -34.58 41.76
N LEU K 109 125.89 -33.71 40.78
CA LEU K 109 126.09 -34.09 39.39
C LEU K 109 127.58 -34.25 39.11
N ASN K 110 127.92 -35.32 38.39
CA ASN K 110 129.31 -35.62 38.04
C ASN K 110 129.31 -36.58 36.86
N GLU K 111 130.48 -37.13 36.56
CA GLU K 111 130.60 -38.05 35.43
C GLU K 111 129.62 -39.21 35.56
N ALA K 112 129.64 -39.88 36.73
CA ALA K 112 128.84 -41.08 36.90
C ALA K 112 127.36 -40.78 36.77
N LEU K 113 126.89 -39.68 37.37
CA LEU K 113 125.47 -39.38 37.29
C LEU K 113 125.05 -39.14 35.85
N TYR K 114 125.86 -38.41 35.09
CA TYR K 114 125.51 -38.18 33.69
C TYR K 114 125.48 -39.48 32.91
N GLY K 115 126.45 -40.37 33.16
CA GLY K 115 126.41 -41.69 32.52
C GLY K 115 125.13 -42.45 32.85
N LYS K 116 124.73 -42.42 34.11
CA LYS K 116 123.49 -43.10 34.50
C LYS K 116 122.27 -42.48 33.83
N LEU K 117 122.21 -41.14 33.77
CA LEU K 117 121.06 -40.48 33.16
C LEU K 117 120.92 -40.83 31.69
N ILE K 118 122.04 -40.77 30.94
CA ILE K 118 122.00 -41.29 29.57
C ILE K 118 121.74 -42.78 29.58
N GLY K 119 121.85 -43.44 30.74
CA GLY K 119 121.41 -44.82 30.84
C GLY K 119 119.91 -45.01 30.88
N TRP K 120 119.12 -43.96 31.07
CA TRP K 120 117.66 -44.00 31.22
C TRP K 120 117.23 -44.60 32.55
N GLU K 121 118.12 -45.14 33.37
CA GLU K 121 117.70 -45.67 34.66
C GLU K 121 117.52 -44.55 35.66
N SER K 122 116.45 -44.63 36.44
CA SER K 122 116.12 -43.60 37.42
C SER K 122 115.96 -44.22 38.80
N ALA L 1 127.54 2.91 28.15
CA ALA L 1 128.92 3.38 27.84
C ALA L 1 129.48 4.17 29.02
N LEU L 2 128.92 3.92 30.21
CA LEU L 2 129.28 4.64 31.41
C LEU L 2 130.10 3.82 32.39
N GLY L 3 130.08 2.49 32.30
CA GLY L 3 130.82 1.65 33.21
C GLY L 3 129.95 0.59 33.86
N ASP L 4 130.49 -0.61 34.03
CA ASP L 4 129.72 -1.69 34.63
C ASP L 4 129.40 -1.45 36.10
N THR L 5 130.14 -0.56 36.77
CA THR L 5 129.88 -0.25 38.16
C THR L 5 129.66 1.25 38.34
N LEU L 6 128.78 1.59 39.27
CA LEU L 6 128.44 2.97 39.62
C LEU L 6 128.60 3.12 41.12
N THR L 7 129.66 3.77 41.54
CA THR L 7 129.97 3.90 42.96
C THR L 7 129.46 5.22 43.51
N ILE L 8 128.85 5.18 44.69
CA ILE L 8 128.37 6.36 45.38
C ILE L 8 128.94 6.35 46.79
N THR L 9 129.48 7.50 47.21
CA THR L 9 130.08 7.66 48.52
C THR L 9 129.02 8.28 49.44
N LEU L 10 128.21 7.43 50.04
CA LEU L 10 127.11 7.93 50.87
C LEU L 10 127.69 8.78 51.99
N GLY L 11 127.02 9.90 52.28
CA GLY L 11 127.53 10.82 53.26
C GLY L 11 128.54 11.82 52.73
N GLY L 12 128.55 12.06 51.43
CA GLY L 12 129.46 13.03 50.87
C GLY L 12 130.86 12.50 50.72
N SER L 13 131.79 13.43 50.53
CA SER L 13 133.19 13.06 50.40
C SER L 13 133.71 12.44 51.69
N GLY L 14 134.49 11.37 51.55
CA GLY L 14 135.06 10.70 52.71
C GLY L 14 134.09 9.85 53.50
N GLY L 15 133.00 9.42 52.89
CA GLY L 15 131.95 8.67 53.55
C GLY L 15 132.09 7.17 53.32
N THR L 16 130.94 6.49 53.31
CA THR L 16 130.88 5.05 53.11
C THR L 16 130.61 4.76 51.65
N ALA L 17 131.39 3.84 51.08
CA ALA L 17 131.28 3.50 49.66
C ALA L 17 130.25 2.40 49.44
N LYS L 18 129.45 2.58 48.39
CA LYS L 18 128.56 1.55 47.87
C LYS L 18 128.87 1.37 46.39
N VAL L 19 128.93 0.12 45.94
CA VAL L 19 129.32 -0.20 44.57
C VAL L 19 128.12 -0.85 43.90
N LEU L 20 127.33 -0.06 43.20
CA LEU L 20 126.22 -0.60 42.42
C LEU L 20 126.76 -1.38 41.22
N ARG L 21 125.91 -2.24 40.67
CA ARG L 21 126.25 -3.04 39.49
C ARG L 21 125.21 -2.81 38.41
N LYS L 22 125.66 -2.83 37.15
CA LYS L 22 124.76 -2.57 36.04
C LYS L 22 123.78 -3.73 35.83
N ILE L 23 122.59 -3.39 35.33
CA ILE L 23 121.56 -4.37 35.00
C ILE L 23 121.10 -4.19 33.57
N ASN L 24 120.74 -2.95 33.20
CA ASN L 24 120.00 -2.71 31.96
C ASN L 24 120.56 -1.51 31.22
N GLN L 25 120.25 -1.48 29.92
CA GLN L 25 120.27 -0.24 29.15
C GLN L 25 119.56 -0.54 27.82
N ASP L 26 118.29 -0.14 27.71
CA ASP L 26 117.51 -0.41 26.52
C ASP L 26 117.06 0.86 25.80
N GLY L 27 116.34 1.75 26.49
CA GLY L 27 115.86 2.97 25.88
C GLY L 27 116.74 4.16 26.14
N TYR L 28 118.03 4.06 25.80
CA TYR L 28 119.01 5.07 26.16
C TYR L 28 119.03 5.28 27.66
N THR L 29 118.77 4.19 28.39
CA THR L 29 118.56 4.23 29.83
C THR L 29 119.67 3.41 30.49
N SER L 30 119.72 3.44 31.82
CA SER L 30 120.68 2.63 32.56
C SER L 30 120.06 2.28 33.90
N GLU L 31 120.50 1.15 34.46
CA GLU L 31 119.90 0.61 35.67
C GLU L 31 120.98 -0.05 36.50
N TYR L 32 121.05 0.32 37.77
CA TYR L 32 122.03 -0.20 38.70
C TYR L 32 121.31 -0.70 39.94
N TYR L 33 121.83 -1.77 40.56
CA TYR L 33 121.13 -2.36 41.70
C TYR L 33 122.14 -3.01 42.65
N LEU L 34 121.76 -3.13 43.92
CA LEU L 34 122.55 -3.77 44.96
C LEU L 34 121.66 -4.18 46.12
N PRO L 35 121.57 -5.47 46.47
CA PRO L 35 120.85 -5.86 47.68
C PRO L 35 121.76 -5.86 48.91
N GLU L 36 121.13 -5.82 50.07
CA GLU L 36 121.82 -5.99 51.34
C GLU L 36 120.80 -6.44 52.39
N THR L 37 121.21 -6.47 53.65
CA THR L 37 120.37 -7.05 54.69
C THR L 37 119.09 -6.25 54.90
N SER L 38 119.21 -4.93 55.08
CA SER L 38 118.07 -4.10 55.47
C SER L 38 117.72 -3.03 54.44
N SER L 39 118.31 -3.07 53.25
CA SER L 39 117.97 -2.09 52.22
C SER L 39 118.52 -2.57 50.89
N SER L 40 118.34 -1.74 49.87
CA SER L 40 118.86 -2.00 48.54
C SER L 40 118.91 -0.68 47.78
N PHE L 41 119.89 -0.57 46.89
CA PHE L 41 120.19 0.69 46.24
C PHE L 41 119.99 0.56 44.73
N ARG L 42 119.38 1.59 44.14
CA ARG L 42 119.15 1.64 42.71
C ARG L 42 119.64 2.99 42.21
N ALA L 43 120.08 3.01 40.96
CA ALA L 43 120.49 4.24 40.30
C ALA L 43 120.12 4.11 38.84
N LYS L 44 119.48 5.15 38.31
CA LYS L 44 119.02 5.16 36.93
C LYS L 44 119.44 6.46 36.26
N VAL L 45 119.66 6.38 34.94
CA VAL L 45 120.02 7.52 34.11
C VAL L 45 119.13 7.46 32.87
N ARG L 46 118.60 8.60 32.42
CA ARG L 46 117.83 8.59 31.18
C ARG L 46 118.17 9.82 30.35
N HIS L 47 117.93 9.71 29.04
CA HIS L 47 117.89 10.85 28.12
C HIS L 47 116.61 10.78 27.29
N THR L 48 116.10 11.94 26.90
CA THR L 48 114.88 11.98 26.11
C THR L 48 114.78 13.30 25.35
N LYS L 49 113.91 13.31 24.33
CA LYS L 49 113.57 14.51 23.57
C LYS L 49 112.15 14.93 23.96
N GLU L 50 111.95 16.23 24.18
CA GLU L 50 110.61 16.72 24.50
C GLU L 50 109.75 16.79 23.24
N SER L 51 108.47 17.06 23.45
CA SER L 51 107.53 17.14 22.35
C SER L 51 107.93 18.23 21.37
N VAL L 52 107.59 18.02 20.10
CA VAL L 52 107.92 18.95 19.03
C VAL L 52 106.80 19.98 18.89
N LYS L 53 107.16 21.17 18.43
CA LYS L 53 106.20 22.19 18.05
C LYS L 53 106.56 22.71 16.66
N PRO L 54 105.57 23.24 15.92
CA PRO L 54 105.81 23.50 14.49
C PRO L 54 106.97 24.42 14.18
N ASN L 55 107.16 25.50 14.95
CA ASN L 55 108.19 26.50 14.65
C ASN L 55 108.86 26.99 15.93
N GLN L 56 109.19 26.07 16.83
CA GLN L 56 109.81 26.41 18.11
C GLN L 56 111.10 25.62 18.28
N VAL L 57 111.96 26.13 19.18
CA VAL L 57 113.30 25.57 19.34
C VAL L 57 113.24 24.22 20.05
N GLN L 58 113.99 23.26 19.52
CA GLN L 58 114.04 21.92 20.08
C GLN L 58 114.97 21.83 21.30
N TYR L 59 114.65 20.93 22.23
CA TYR L 59 115.31 20.82 23.52
C TYR L 59 115.59 19.35 23.82
N GLU L 60 116.45 19.11 24.82
CA GLU L 60 116.68 17.75 25.32
C GLU L 60 116.74 17.74 26.84
N ARG L 61 116.33 16.62 27.43
CA ARG L 61 116.33 16.40 28.88
C ARG L 61 117.27 15.27 29.25
N HIS L 62 118.07 15.49 30.31
CA HIS L 62 118.92 14.46 30.89
C HIS L 62 118.60 14.34 32.38
N ASN L 63 118.40 13.11 32.86
CA ASN L 63 117.92 12.89 34.22
C ASN L 63 118.76 11.85 34.94
N VAL L 64 118.97 12.07 36.24
CA VAL L 64 119.71 11.15 37.10
C VAL L 64 119.02 11.10 38.45
N GLU L 65 118.89 9.90 39.03
CA GLU L 65 118.20 9.73 40.30
C GLU L 65 118.88 8.64 41.13
N PHE L 66 118.87 8.84 42.45
CA PHE L 66 119.28 7.81 43.41
C PHE L 66 118.07 7.45 44.25
N THR L 67 117.86 6.16 44.49
CA THR L 67 116.74 5.67 45.28
C THR L 67 117.25 4.64 46.28
N GLU L 68 116.81 4.77 47.53
CA GLU L 68 117.16 3.85 48.61
C GLU L 68 115.89 3.43 49.32
N THR L 69 115.70 2.12 49.48
CA THR L 69 114.49 1.57 50.07
C THR L 69 114.87 0.76 51.30
N VAL L 70 114.10 0.91 52.37
CA VAL L 70 114.29 0.17 53.62
C VAL L 70 113.14 -0.80 53.79
N TYR L 71 113.47 -2.04 54.13
CA TYR L 71 112.45 -3.08 54.23
C TYR L 71 111.62 -2.90 55.50
N ALA L 72 110.37 -3.36 55.44
CA ALA L 72 109.48 -3.22 56.57
C ALA L 72 109.99 -4.03 57.75
N SER L 73 109.97 -3.43 58.94
CA SER L 73 110.47 -4.04 60.16
C SER L 73 109.38 -3.99 61.21
N GLY L 74 108.69 -5.11 61.39
CA GLY L 74 107.62 -5.17 62.38
C GLY L 74 106.50 -4.21 62.03
N SER L 75 106.13 -3.36 62.99
CA SER L 75 104.99 -2.47 62.80
C SER L 75 105.24 -1.47 61.69
N THR L 76 106.44 -0.92 61.61
CA THR L 76 106.72 0.16 60.66
C THR L 76 106.72 -0.37 59.23
N PRO L 77 105.90 0.19 58.33
CA PRO L 77 105.96 -0.25 56.94
C PRO L 77 107.19 0.27 56.23
N GLU L 78 107.50 -0.37 55.10
CA GLU L 78 108.64 0.01 54.29
C GLU L 78 108.45 1.41 53.71
N PHE L 79 109.57 2.08 53.43
CA PHE L 79 109.53 3.38 52.79
C PHE L 79 110.83 3.56 51.99
N VAL L 80 110.97 4.74 51.38
CA VAL L 80 111.99 5.00 50.38
C VAL L 80 112.68 6.32 50.72
N ARG L 81 113.89 6.49 50.16
CA ARG L 81 114.57 7.77 50.17
C ARG L 81 115.16 8.01 48.78
N GLN L 82 114.76 9.10 48.15
CA GLN L 82 115.00 9.34 46.74
C GLN L 82 115.56 10.74 46.54
N ALA L 83 116.32 10.92 45.46
CA ALA L 83 116.88 12.21 45.12
C ALA L 83 117.34 12.16 43.66
N TYR L 84 117.01 13.21 42.91
CA TYR L 84 117.30 13.22 41.48
C TYR L 84 117.59 14.63 40.99
N VAL L 85 118.28 14.70 39.85
CA VAL L 85 118.55 15.95 39.15
C VAL L 85 118.23 15.75 37.68
N VAL L 86 117.94 16.86 36.99
CA VAL L 86 117.70 16.84 35.55
C VAL L 86 118.29 18.10 34.95
N ILE L 87 118.71 18.01 33.69
CA ILE L 87 119.27 19.13 32.95
C ILE L 87 118.59 19.21 31.59
N ARG L 88 118.19 20.41 31.18
CA ARG L 88 117.62 20.62 29.85
C ARG L 88 118.24 21.85 29.20
N HIS L 89 118.52 21.74 27.91
CA HIS L 89 119.03 22.85 27.12
C HIS L 89 118.73 22.57 25.66
N LYS L 90 118.81 23.61 24.84
CA LYS L 90 118.39 23.50 23.45
C LYS L 90 119.41 22.70 22.63
N VAL L 91 118.92 22.12 21.54
CA VAL L 91 119.77 21.29 20.68
C VAL L 91 120.83 22.15 20.01
N GLY L 92 122.05 21.63 19.95
CA GLY L 92 123.13 22.31 19.26
C GLY L 92 123.81 23.40 20.05
N ASP L 93 123.53 23.53 21.34
CA ASP L 93 124.15 24.57 22.15
C ASP L 93 125.63 24.25 22.37
N VAL L 94 126.29 25.08 23.17
CA VAL L 94 127.69 24.87 23.52
C VAL L 94 127.72 24.06 24.81
N SER L 95 128.46 22.95 24.79
CA SER L 95 128.43 22.01 25.91
C SER L 95 129.00 22.65 27.17
N ALA L 96 130.13 23.35 27.04
CA ALA L 96 130.83 23.86 28.22
C ALA L 96 129.98 24.87 28.99
N THR L 97 129.20 25.69 28.28
CA THR L 97 128.39 26.69 28.97
C THR L 97 127.37 26.02 29.89
N VAL L 98 126.59 25.07 29.38
CA VAL L 98 125.62 24.40 30.24
C VAL L 98 126.34 23.61 31.32
N SER L 99 127.51 23.08 31.01
CA SER L 99 128.29 22.41 32.04
C SER L 99 128.64 23.37 33.17
N ASP L 100 128.88 24.64 32.85
CA ASP L 100 129.18 25.61 33.91
C ASP L 100 127.99 25.83 34.84
N LEU L 101 126.78 25.95 34.28
CA LEU L 101 125.59 26.05 35.11
C LEU L 101 125.43 24.80 35.97
N GLY L 102 125.69 23.63 35.39
CA GLY L 102 125.56 22.39 36.15
C GLY L 102 126.54 22.31 37.30
N GLU L 103 127.80 22.68 37.05
CA GLU L 103 128.78 22.70 38.13
C GLU L 103 128.43 23.73 39.18
N ALA L 104 127.87 24.87 38.78
CA ALA L 104 127.42 25.85 39.77
C ALA L 104 126.35 25.28 40.66
N LEU L 105 125.35 24.62 40.07
CA LEU L 105 124.29 24.00 40.88
C LEU L 105 124.88 22.94 41.81
N SER L 106 125.82 22.13 41.30
CA SER L 106 126.45 21.13 42.14
C SER L 106 127.21 21.77 43.29
N PHE L 107 127.90 22.87 43.01
CA PHE L 107 128.70 23.55 44.03
C PHE L 107 127.83 24.17 45.12
N TYR L 108 126.69 24.74 44.72
CA TYR L 108 125.84 25.41 45.70
C TYR L 108 125.34 24.44 46.77
N LEU L 109 124.94 23.24 46.36
CA LEU L 109 124.35 22.28 47.28
C LEU L 109 125.45 21.67 48.15
N ASN L 110 125.40 21.95 49.44
CA ASN L 110 126.30 21.36 50.43
C ASN L 110 125.48 20.89 51.63
N GLU L 111 126.16 20.37 52.65
CA GLU L 111 125.44 19.80 53.78
C GLU L 111 124.60 20.85 54.50
N ALA L 112 125.15 22.04 54.73
CA ALA L 112 124.39 23.05 55.46
C ALA L 112 123.14 23.45 54.69
N LEU L 113 123.27 23.66 53.37
CA LEU L 113 122.10 24.00 52.57
C LEU L 113 121.08 22.86 52.59
N TYR L 114 121.54 21.62 52.53
CA TYR L 114 120.62 20.50 52.58
C TYR L 114 119.86 20.47 53.90
N GLY L 115 120.56 20.71 55.01
CA GLY L 115 119.87 20.81 56.29
C GLY L 115 118.83 21.92 56.30
N LYS L 116 119.19 23.07 55.74
CA LYS L 116 118.25 24.18 55.68
C LYS L 116 117.01 23.81 54.86
N LEU L 117 117.21 23.16 53.70
CA LEU L 117 116.07 22.75 52.89
C LEU L 117 115.19 21.77 53.63
N ILE L 118 115.79 20.80 54.32
CA ILE L 118 115.00 19.92 55.19
C ILE L 118 114.28 20.75 56.24
N GLY L 119 114.81 21.93 56.55
CA GLY L 119 114.21 22.83 57.51
C GLY L 119 112.97 23.57 57.05
N TRP L 120 112.58 23.48 55.79
CA TRP L 120 111.38 24.13 55.24
C TRP L 120 111.49 25.66 55.14
N GLU L 121 112.61 26.27 55.53
CA GLU L 121 112.73 27.70 55.34
C GLU L 121 113.00 28.01 53.87
N SER L 122 112.28 29.00 53.34
CA SER L 122 112.38 29.37 51.94
C SER L 122 112.88 30.81 51.82
N ALA M 1 76.17 -63.29 88.01
CA ALA M 1 77.57 -63.61 87.62
C ALA M 1 77.69 -65.05 87.10
N LEU M 2 77.50 -66.02 87.99
CA LEU M 2 77.59 -67.43 87.65
C LEU M 2 78.98 -67.81 87.13
N GLY M 3 79.97 -66.96 87.36
CA GLY M 3 81.29 -67.17 86.80
C GLY M 3 81.34 -66.82 85.33
N ASP M 4 82.54 -66.91 84.77
CA ASP M 4 82.73 -66.59 83.37
C ASP M 4 82.36 -67.77 82.47
N THR M 5 82.18 -68.96 83.04
CA THR M 5 81.94 -70.16 82.23
C THR M 5 80.80 -70.98 82.81
N LEU M 6 80.04 -71.59 81.91
CA LEU M 6 78.97 -72.53 82.23
C LEU M 6 79.31 -73.88 81.63
N THR M 7 79.12 -74.94 82.40
CA THR M 7 79.47 -76.29 81.99
C THR M 7 78.20 -77.06 81.67
N ILE M 8 78.04 -77.46 80.40
CA ILE M 8 76.92 -78.29 79.97
C ILE M 8 77.46 -79.71 79.81
N THR M 9 76.91 -80.63 80.59
CA THR M 9 77.34 -82.02 80.60
C THR M 9 76.27 -82.83 79.86
N LEU M 10 76.43 -82.94 78.54
CA LEU M 10 75.47 -83.69 77.75
C LEU M 10 75.41 -85.13 78.24
N GLY M 11 74.20 -85.68 78.29
CA GLY M 11 74.03 -87.03 78.78
C GLY M 11 73.95 -87.13 80.29
N GLY M 12 73.63 -86.04 80.98
CA GLY M 12 73.53 -86.10 82.41
C GLY M 12 74.89 -86.32 83.05
N SER M 13 74.87 -86.83 84.27
CA SER M 13 76.10 -87.09 84.99
C SER M 13 76.95 -88.11 84.26
N GLY M 14 78.26 -87.83 84.19
CA GLY M 14 79.22 -88.76 83.62
C GLY M 14 79.43 -88.67 82.12
N GLY M 15 78.75 -87.76 81.43
CA GLY M 15 78.87 -87.64 79.99
C GLY M 15 79.94 -86.65 79.56
N THR M 16 79.87 -86.30 78.27
CA THR M 16 80.77 -85.30 77.72
C THR M 16 80.53 -83.93 78.37
N ALA M 17 81.59 -83.15 78.47
CA ALA M 17 81.53 -81.82 79.07
C ALA M 17 81.84 -80.75 78.04
N LYS M 18 81.03 -79.70 78.02
CA LYS M 18 81.23 -78.53 77.16
C LYS M 18 81.24 -77.29 78.04
N VAL M 19 82.18 -76.40 77.81
CA VAL M 19 82.34 -75.17 78.59
C VAL M 19 82.15 -73.97 77.67
N LEU M 20 81.19 -73.11 78.00
CA LEU M 20 80.91 -71.91 77.23
C LEU M 20 81.52 -70.68 77.89
N ARG M 21 81.69 -69.63 77.10
CA ARG M 21 82.27 -68.37 77.53
C ARG M 21 81.21 -67.27 77.53
N LYS M 22 81.27 -66.38 78.52
CA LYS M 22 80.38 -65.22 78.52
C LYS M 22 80.77 -64.26 77.42
N ILE M 23 79.76 -63.74 76.72
CA ILE M 23 80.01 -62.88 75.56
C ILE M 23 79.21 -61.58 75.58
N ASN M 24 78.17 -61.44 76.39
CA ASN M 24 77.32 -60.25 76.34
C ASN M 24 76.56 -60.12 77.65
N GLN M 25 75.99 -58.95 77.86
CA GLN M 25 75.09 -58.72 78.99
C GLN M 25 74.29 -57.45 78.73
N ASP M 26 73.00 -57.59 78.47
CA ASP M 26 72.14 -56.46 78.17
C ASP M 26 70.76 -56.71 78.77
N GLY M 27 70.22 -55.71 79.45
CA GLY M 27 68.86 -55.79 79.93
C GLY M 27 68.61 -56.93 80.89
N TYR M 28 69.45 -57.08 81.92
CA TYR M 28 69.29 -58.14 82.91
C TYR M 28 69.33 -59.51 82.25
N THR M 29 70.13 -59.65 81.20
CA THR M 29 70.24 -60.87 80.44
C THR M 29 71.71 -61.23 80.28
N SER M 30 72.01 -62.53 80.26
CA SER M 30 73.38 -63.01 80.11
C SER M 30 73.41 -64.10 79.05
N GLU M 31 74.52 -64.15 78.30
CA GLU M 31 74.63 -64.96 77.11
C GLU M 31 75.97 -65.67 77.10
N TYR M 32 75.99 -66.94 76.69
CA TYR M 32 77.19 -67.76 76.68
C TYR M 32 77.26 -68.54 75.38
N TYR M 33 78.47 -68.69 74.82
CA TYR M 33 78.61 -69.21 73.47
C TYR M 33 79.80 -70.17 73.38
N LEU M 34 79.74 -71.06 72.38
CA LEU M 34 80.84 -71.97 72.03
C LEU M 34 80.69 -72.46 70.59
N PRO M 35 81.72 -72.34 69.75
CA PRO M 35 81.61 -72.84 68.37
C PRO M 35 82.14 -74.26 68.19
N GLU M 36 81.74 -74.85 67.06
CA GLU M 36 82.22 -76.16 66.64
C GLU M 36 82.34 -76.15 65.12
N THR M 37 82.90 -77.24 64.57
CA THR M 37 83.00 -77.34 63.12
C THR M 37 81.65 -77.59 62.47
N SER M 38 80.76 -78.31 63.15
CA SER M 38 79.47 -78.69 62.59
C SER M 38 78.30 -78.22 63.43
N SER M 39 78.52 -77.55 64.55
CA SER M 39 77.43 -77.10 65.40
C SER M 39 77.91 -75.95 66.28
N SER M 40 77.09 -75.59 67.26
CA SER M 40 77.42 -74.52 68.18
C SER M 40 76.54 -74.67 69.42
N PHE M 41 77.01 -74.13 70.53
CA PHE M 41 76.28 -74.15 71.80
C PHE M 41 76.07 -72.72 72.29
N ARG M 42 74.84 -72.45 72.72
CA ARG M 42 74.39 -71.13 73.16
C ARG M 42 73.64 -71.31 74.47
N ALA M 43 73.76 -70.32 75.36
CA ALA M 43 72.99 -70.33 76.60
C ALA M 43 72.63 -68.90 76.98
N LYS M 44 71.39 -68.72 77.42
CA LYS M 44 70.83 -67.41 77.73
C LYS M 44 70.18 -67.48 79.10
N VAL M 45 70.38 -66.42 79.90
CA VAL M 45 69.70 -66.25 81.18
C VAL M 45 69.03 -64.89 81.18
N ARG M 46 67.75 -64.85 81.55
CA ARG M 46 66.96 -63.64 81.50
C ARG M 46 66.09 -63.52 82.74
N HIS M 47 65.80 -62.28 83.15
CA HIS M 47 64.91 -61.98 84.26
C HIS M 47 63.89 -60.94 83.81
N THR M 48 62.66 -61.05 84.32
CA THR M 48 61.62 -60.09 83.99
C THR M 48 60.74 -59.85 85.22
N LYS M 49 60.18 -58.65 85.28
CA LYS M 49 59.26 -58.23 86.34
C LYS M 49 58.01 -57.66 85.67
N GLU M 50 56.84 -58.14 86.09
CA GLU M 50 55.60 -57.68 85.49
C GLU M 50 55.31 -56.23 85.89
N SER M 51 54.53 -55.56 85.05
CA SER M 51 54.20 -54.17 85.28
C SER M 51 53.26 -54.03 86.48
N VAL M 52 53.34 -52.88 87.14
CA VAL M 52 52.52 -52.64 88.32
C VAL M 52 51.06 -52.48 87.90
N LYS M 53 50.16 -52.96 88.75
CA LYS M 53 48.73 -52.89 88.52
C LYS M 53 48.06 -52.32 89.76
N PRO M 54 46.87 -51.74 89.62
CA PRO M 54 46.28 -50.99 90.75
C PRO M 54 46.15 -51.80 92.03
N ASN M 55 45.44 -52.94 91.99
CA ASN M 55 45.18 -53.69 93.21
C ASN M 55 45.37 -55.20 92.99
N GLN M 56 46.39 -55.59 92.25
CA GLN M 56 46.73 -56.98 92.00
C GLN M 56 48.11 -57.30 92.57
N VAL M 57 48.57 -58.53 92.35
CA VAL M 57 49.79 -59.04 92.97
C VAL M 57 50.94 -58.92 91.98
N GLN M 58 52.05 -58.36 92.44
CA GLN M 58 53.21 -58.15 91.59
C GLN M 58 54.04 -59.43 91.52
N TYR M 59 54.54 -59.75 90.33
CA TYR M 59 55.22 -61.01 90.05
C TYR M 59 56.53 -60.74 89.31
N GLU M 60 57.43 -61.71 89.42
CA GLU M 60 58.68 -61.70 88.68
C GLU M 60 58.97 -63.13 88.19
N ARG M 61 59.72 -63.22 87.10
CA ARG M 61 59.87 -64.48 86.36
C ARG M 61 61.33 -64.69 86.04
N HIS M 62 61.81 -65.93 86.22
CA HIS M 62 63.16 -66.32 85.85
C HIS M 62 63.15 -67.54 84.94
N ASN M 63 63.92 -67.46 83.86
CA ASN M 63 63.98 -68.46 82.80
C ASN M 63 65.43 -68.81 82.50
N VAL M 64 65.68 -70.08 82.15
CA VAL M 64 67.01 -70.53 81.77
C VAL M 64 66.87 -71.43 80.54
N GLU M 65 67.75 -71.22 79.55
CA GLU M 65 67.56 -71.77 78.21
C GLU M 65 68.84 -72.36 77.65
N PHE M 66 68.74 -73.59 77.13
CA PHE M 66 69.79 -74.24 76.36
C PHE M 66 69.34 -74.43 74.91
N THR M 67 70.20 -74.05 73.96
CA THR M 67 69.92 -74.23 72.56
C THR M 67 71.13 -74.87 71.88
N GLU M 68 70.87 -75.64 70.82
CA GLU M 68 71.93 -76.29 70.06
C GLU M 68 71.57 -76.19 68.58
N THR M 69 72.48 -75.66 67.77
CA THR M 69 72.26 -75.47 66.34
C THR M 69 73.19 -76.36 65.53
N VAL M 70 72.64 -77.02 64.51
CA VAL M 70 73.40 -77.86 63.60
C VAL M 70 73.34 -77.22 62.22
N TYR M 71 74.50 -76.90 61.65
CA TYR M 71 74.54 -76.23 60.35
C TYR M 71 74.04 -77.14 59.24
N ALA M 72 73.60 -76.53 58.16
CA ALA M 72 73.11 -77.28 57.02
C ALA M 72 74.23 -78.10 56.41
N SER M 73 73.85 -79.25 55.85
CA SER M 73 74.81 -80.17 55.24
C SER M 73 74.11 -80.91 54.12
N GLY M 74 74.53 -80.67 52.89
CA GLY M 74 73.87 -81.29 51.75
C GLY M 74 72.42 -80.83 51.66
N SER M 75 71.51 -81.79 51.57
CA SER M 75 70.09 -81.46 51.46
C SER M 75 69.51 -81.01 52.80
N THR M 76 70.12 -81.42 53.91
CA THR M 76 69.55 -81.14 55.22
C THR M 76 69.68 -79.66 55.57
N PRO M 77 68.59 -78.95 55.87
CA PRO M 77 68.71 -77.54 56.21
C PRO M 77 69.01 -77.29 57.68
N GLU M 78 68.95 -76.03 58.10
CA GLU M 78 69.17 -75.69 59.50
C GLU M 78 68.09 -76.31 60.39
N PHE M 79 68.50 -76.69 61.61
CA PHE M 79 67.55 -77.09 62.64
C PHE M 79 68.25 -77.00 63.98
N VAL M 80 67.45 -77.02 65.04
CA VAL M 80 67.93 -76.73 66.39
C VAL M 80 67.39 -77.77 67.37
N ARG M 81 68.08 -77.87 68.51
CA ARG M 81 67.58 -78.60 69.67
C ARG M 81 67.65 -77.67 70.87
N GLN M 82 66.52 -77.52 71.56
CA GLN M 82 66.33 -76.45 72.53
C GLN M 82 65.70 -77.02 73.79
N ALA M 83 65.86 -76.29 74.90
CA ALA M 83 65.21 -76.64 76.15
C ALA M 83 65.43 -75.51 77.15
N TYR M 84 64.41 -75.18 77.93
CA TYR M 84 64.53 -74.08 78.88
C TYR M 84 63.54 -74.30 80.02
N VAL M 85 63.77 -73.58 81.12
CA VAL M 85 62.95 -73.67 82.33
C VAL M 85 62.60 -72.25 82.78
N VAL M 86 61.37 -72.08 83.27
CA VAL M 86 60.87 -70.78 83.70
C VAL M 86 60.40 -70.90 85.14
N ILE M 87 60.63 -69.84 85.92
CA ILE M 87 60.17 -69.73 87.30
C ILE M 87 59.51 -68.37 87.49
N ARG M 88 58.30 -68.37 88.05
CA ARG M 88 57.59 -67.13 88.37
C ARG M 88 56.99 -67.25 89.77
N HIS M 89 57.14 -66.18 90.55
CA HIS M 89 56.66 -66.17 91.93
C HIS M 89 56.62 -64.73 92.41
N LYS M 90 56.02 -64.51 93.57
CA LYS M 90 55.78 -63.15 94.04
C LYS M 90 57.06 -62.51 94.57
N VAL M 91 56.97 -61.20 94.78
CA VAL M 91 58.14 -60.38 95.11
C VAL M 91 58.69 -60.76 96.48
N GLY M 92 57.87 -60.66 97.51
CA GLY M 92 58.33 -60.81 98.88
C GLY M 92 58.24 -62.19 99.49
N ASP M 93 57.91 -63.23 98.73
CA ASP M 93 57.76 -64.56 99.32
C ASP M 93 59.12 -65.06 99.84
N VAL M 94 59.11 -66.26 100.40
CA VAL M 94 60.31 -66.85 101.01
C VAL M 94 61.09 -67.58 99.92
N SER M 95 62.40 -67.27 99.84
CA SER M 95 63.21 -67.82 98.76
C SER M 95 63.35 -69.34 98.87
N ALA M 96 63.55 -69.86 100.08
CA ALA M 96 63.81 -71.27 100.25
C ALA M 96 62.63 -72.12 99.79
N THR M 97 61.41 -71.74 100.19
CA THR M 97 60.24 -72.50 99.76
C THR M 97 60.06 -72.43 98.25
N VAL M 98 60.29 -71.27 97.65
CA VAL M 98 60.17 -71.16 96.20
C VAL M 98 61.17 -72.09 95.52
N SER M 99 62.38 -72.18 96.08
CA SER M 99 63.38 -73.08 95.53
C SER M 99 63.01 -74.55 95.71
N ASP M 100 62.22 -74.86 96.74
CA ASP M 100 61.84 -76.25 96.97
C ASP M 100 61.05 -76.82 95.80
N LEU M 101 60.12 -76.04 95.23
CA LEU M 101 59.39 -76.50 94.06
C LEU M 101 60.34 -76.80 92.91
N GLY M 102 61.31 -75.93 92.68
CA GLY M 102 62.25 -76.16 91.60
C GLY M 102 63.07 -77.41 91.80
N GLU M 103 63.51 -77.65 93.04
CA GLU M 103 64.25 -78.88 93.32
C GLU M 103 63.38 -80.11 93.10
N ALA M 104 62.12 -80.06 93.53
CA ALA M 104 61.20 -81.16 93.24
C ALA M 104 61.11 -81.42 91.74
N LEU M 105 60.91 -80.36 90.96
CA LEU M 105 60.76 -80.52 89.52
C LEU M 105 62.02 -81.10 88.89
N SER M 106 63.19 -80.60 89.31
CA SER M 106 64.45 -81.10 88.76
C SER M 106 64.65 -82.56 89.11
N PHE M 107 64.30 -82.94 90.34
CA PHE M 107 64.48 -84.32 90.78
C PHE M 107 63.53 -85.25 90.03
N TYR M 108 62.32 -84.77 89.71
CA TYR M 108 61.35 -85.60 89.01
C TYR M 108 61.81 -85.96 87.59
N LEU M 109 62.38 -85.00 86.86
CA LEU M 109 62.87 -85.30 85.52
C LEU M 109 64.10 -86.21 85.57
N ASN M 110 64.18 -87.10 84.59
CA ASN M 110 65.28 -88.06 84.47
C ASN M 110 65.14 -88.76 83.13
N GLU M 111 66.00 -89.76 82.89
CA GLU M 111 66.01 -90.45 81.61
C GLU M 111 64.63 -91.02 81.27
N ALA M 112 64.08 -91.86 82.14
CA ALA M 112 62.86 -92.57 81.80
C ALA M 112 61.73 -91.61 81.47
N LEU M 113 61.59 -90.53 82.24
CA LEU M 113 60.53 -89.56 81.98
C LEU M 113 60.70 -88.91 80.62
N TYR M 114 61.91 -88.50 80.26
CA TYR M 114 62.13 -87.94 78.94
C TYR M 114 61.77 -88.95 77.85
N GLY M 115 62.15 -90.22 78.04
CA GLY M 115 61.76 -91.24 77.08
C GLY M 115 60.26 -91.35 76.93
N LYS M 116 59.54 -91.26 78.04
CA LYS M 116 58.08 -91.30 78.00
C LYS M 116 57.51 -90.10 77.24
N LEU M 117 57.98 -88.90 77.55
CA LEU M 117 57.45 -87.71 76.89
C LEU M 117 57.73 -87.73 75.40
N ILE M 118 58.92 -88.18 74.99
CA ILE M 118 59.21 -88.24 73.55
C ILE M 118 58.25 -89.20 72.86
N GLY M 119 57.71 -90.16 73.62
CA GLY M 119 56.74 -91.10 73.07
C GLY M 119 55.31 -90.62 73.09
N TRP M 120 55.10 -89.32 73.26
CA TRP M 120 53.76 -88.71 73.31
C TRP M 120 52.91 -89.28 74.43
N GLU M 121 53.51 -90.01 75.37
CA GLU M 121 52.77 -90.55 76.50
C GLU M 121 52.38 -89.43 77.44
N SER M 122 51.11 -89.39 77.81
CA SER M 122 50.60 -88.35 78.69
C SER M 122 49.41 -88.86 79.49
N ALA N 1 83.60 -50.46 86.59
CA ALA N 1 84.93 -50.93 87.04
C ALA N 1 85.04 -50.88 88.55
N LEU N 2 83.96 -50.48 89.23
CA LEU N 2 83.96 -50.36 90.67
C LEU N 2 84.08 -51.72 91.37
N GLY N 3 83.90 -52.80 90.64
CA GLY N 3 83.84 -54.14 91.23
C GLY N 3 82.44 -54.71 91.19
N ASP N 4 82.36 -56.03 91.07
CA ASP N 4 81.07 -56.69 90.94
C ASP N 4 80.23 -56.61 92.20
N THR N 5 80.81 -56.25 93.34
CA THR N 5 80.10 -56.14 94.60
C THR N 5 80.24 -54.74 95.17
N LEU N 6 79.15 -54.29 95.80
CA LEU N 6 79.10 -52.97 96.43
C LEU N 6 78.65 -53.17 97.87
N THR N 7 79.30 -52.46 98.78
CA THR N 7 79.04 -52.60 100.21
C THR N 7 78.41 -51.32 100.74
N ILE N 8 77.31 -51.47 101.49
CA ILE N 8 76.65 -50.36 102.16
C ILE N 8 76.61 -50.68 103.64
N THR N 9 77.01 -49.72 104.47
CA THR N 9 77.13 -49.89 105.91
C THR N 9 76.06 -49.03 106.58
N LEU N 10 74.97 -49.66 106.99
CA LEU N 10 73.87 -48.93 107.61
C LEU N 10 74.34 -48.30 108.92
N GLY N 11 73.83 -47.10 109.19
CA GLY N 11 74.21 -46.40 110.40
C GLY N 11 75.57 -45.74 110.36
N GLY N 12 76.16 -45.57 109.17
CA GLY N 12 77.44 -44.90 109.07
C GLY N 12 78.59 -45.89 109.14
N SER N 13 79.66 -45.49 109.82
CA SER N 13 80.82 -46.35 110.02
C SER N 13 80.65 -47.30 111.19
N GLY N 14 79.49 -47.29 111.86
CA GLY N 14 79.25 -48.15 112.99
C GLY N 14 79.31 -49.63 112.67
N GLY N 15 78.34 -50.11 111.88
CA GLY N 15 78.25 -51.51 111.53
C GLY N 15 77.12 -51.79 110.56
N THR N 16 76.55 -52.99 110.61
CA THR N 16 75.40 -53.35 109.77
C THR N 16 75.74 -53.20 108.28
N ALA N 17 76.70 -54.02 107.85
CA ALA N 17 77.19 -53.98 106.48
C ALA N 17 76.42 -54.96 105.61
N LYS N 18 75.97 -54.49 104.45
CA LYS N 18 75.28 -55.32 103.46
C LYS N 18 76.09 -55.34 102.17
N VAL N 19 76.02 -56.46 101.46
CA VAL N 19 76.78 -56.66 100.22
C VAL N 19 75.79 -56.77 99.08
N LEU N 20 76.01 -55.98 98.03
CA LEU N 20 75.13 -55.95 96.87
C LEU N 20 75.88 -56.51 95.66
N ARG N 21 75.15 -57.24 94.81
CA ARG N 21 75.73 -57.91 93.65
C ARG N 21 75.36 -57.18 92.38
N LYS N 22 76.27 -57.16 91.42
CA LYS N 22 75.99 -56.50 90.15
C LYS N 22 74.97 -57.33 89.37
N ILE N 23 73.95 -56.65 88.83
CA ILE N 23 72.85 -57.29 88.13
C ILE N 23 72.91 -56.96 86.66
N ASN N 24 73.42 -55.77 86.34
CA ASN N 24 73.28 -55.22 85.00
C ASN N 24 74.35 -54.17 84.77
N GLN N 25 74.60 -53.87 83.49
CA GLN N 25 75.49 -52.78 83.12
C GLN N 25 75.18 -52.41 81.67
N ASP N 26 74.72 -51.19 81.45
CA ASP N 26 74.42 -50.73 80.10
C ASP N 26 74.48 -49.21 80.05
N GLY N 27 75.06 -48.69 78.97
CA GLY N 27 75.02 -47.27 78.72
C GLY N 27 75.63 -46.45 79.85
N TYR N 28 76.82 -46.86 80.30
CA TYR N 28 77.50 -46.16 81.39
C TYR N 28 76.62 -46.13 82.64
N THR N 29 76.02 -47.28 82.94
CA THR N 29 75.14 -47.42 84.09
C THR N 29 75.47 -48.72 84.80
N SER N 30 75.03 -48.83 86.06
CA SER N 30 75.29 -50.02 86.85
C SER N 30 74.11 -50.29 87.77
N GLU N 31 73.93 -51.56 88.12
CA GLU N 31 72.83 -52.01 88.97
C GLU N 31 73.36 -52.96 90.03
N TYR N 32 72.94 -52.76 91.27
CA TYR N 32 73.27 -53.64 92.38
C TYR N 32 72.00 -54.01 93.12
N TYR N 33 71.92 -55.24 93.63
CA TYR N 33 70.69 -55.71 94.24
C TYR N 33 71.00 -56.75 95.32
N LEU N 34 70.09 -56.85 96.30
CA LEU N 34 70.14 -57.90 97.32
C LEU N 34 68.77 -58.05 97.97
N PRO N 35 68.10 -59.19 97.83
CA PRO N 35 66.81 -59.38 98.50
C PRO N 35 66.95 -59.94 99.91
N GLU N 36 66.18 -59.37 100.83
CA GLU N 36 66.13 -59.79 102.22
C GLU N 36 64.82 -60.50 102.52
N THR N 37 64.64 -60.89 103.79
CA THR N 37 63.40 -61.53 104.20
C THR N 37 62.23 -60.56 104.19
N SER N 38 62.41 -59.39 104.80
CA SER N 38 61.35 -58.39 104.90
C SER N 38 61.68 -57.09 104.17
N SER N 39 62.77 -57.04 103.41
CA SER N 39 63.12 -55.83 102.68
C SER N 39 64.07 -56.20 101.54
N SER N 40 64.69 -55.17 100.96
CA SER N 40 65.54 -55.34 99.79
C SER N 40 66.41 -54.11 99.63
N PHE N 41 67.55 -54.30 98.98
CA PHE N 41 68.50 -53.22 98.73
C PHE N 41 68.86 -53.16 97.26
N ARG N 42 69.06 -51.93 96.76
CA ARG N 42 69.39 -51.68 95.37
C ARG N 42 70.26 -50.44 95.32
N ALA N 43 71.33 -50.50 94.52
CA ALA N 43 72.21 -49.35 94.29
C ALA N 43 72.41 -49.17 92.79
N LYS N 44 72.27 -47.92 92.34
CA LYS N 44 72.26 -47.59 90.92
C LYS N 44 73.24 -46.45 90.70
N VAL N 45 73.96 -46.48 89.56
CA VAL N 45 74.97 -45.49 89.23
C VAL N 45 74.80 -45.06 87.78
N ARG N 46 74.85 -43.75 87.53
CA ARG N 46 74.74 -43.23 86.16
C ARG N 46 75.73 -42.10 85.93
N HIS N 47 76.16 -41.96 84.68
CA HIS N 47 76.87 -40.79 84.17
C HIS N 47 76.08 -40.22 82.98
N THR N 48 76.18 -38.91 82.78
CA THR N 48 75.50 -38.32 81.62
C THR N 48 76.09 -36.97 81.25
N LYS N 49 75.74 -36.52 80.04
CA LYS N 49 76.13 -35.23 79.49
C LYS N 49 74.87 -34.50 79.03
N GLU N 50 74.74 -33.21 79.38
CA GLU N 50 73.55 -32.44 79.00
C GLU N 50 73.39 -32.32 77.49
N SER N 51 72.24 -31.80 77.10
CA SER N 51 72.03 -31.32 75.74
C SER N 51 73.01 -30.18 75.42
N VAL N 52 73.53 -30.19 74.20
CA VAL N 52 74.46 -29.16 73.76
C VAL N 52 73.66 -27.95 73.28
N LYS N 53 74.15 -26.75 73.59
CA LYS N 53 73.55 -25.51 73.12
C LYS N 53 74.67 -24.67 72.51
N PRO N 54 74.49 -24.14 71.30
CA PRO N 54 75.66 -23.62 70.55
C PRO N 54 76.47 -22.56 71.29
N ASN N 55 75.84 -21.69 72.08
CA ASN N 55 76.54 -20.51 72.60
C ASN N 55 76.54 -20.47 74.13
N GLN N 56 76.84 -21.60 74.77
CA GLN N 56 77.34 -21.58 76.15
C GLN N 56 77.93 -22.95 76.48
N VAL N 57 78.37 -23.09 77.73
CA VAL N 57 79.32 -24.12 78.10
C VAL N 57 78.63 -25.47 78.30
N GLN N 58 79.29 -26.53 77.83
CA GLN N 58 78.87 -27.89 78.13
C GLN N 58 79.29 -28.30 79.54
N TYR N 59 78.54 -29.24 80.12
CA TYR N 59 78.72 -29.63 81.51
C TYR N 59 78.76 -31.15 81.60
N GLU N 60 78.99 -31.67 82.81
CA GLU N 60 78.82 -33.09 83.10
C GLU N 60 78.03 -33.28 84.40
N ARG N 61 77.37 -34.43 84.51
CA ARG N 61 76.63 -34.83 85.71
C ARG N 61 77.02 -36.26 86.09
N HIS N 62 77.13 -36.51 87.39
CA HIS N 62 77.21 -37.88 87.91
C HIS N 62 76.38 -37.99 89.17
N ASN N 63 75.86 -39.19 89.43
CA ASN N 63 74.96 -39.40 90.56
C ASN N 63 74.99 -40.86 91.00
N VAL N 64 74.59 -41.08 92.24
CA VAL N 64 74.45 -42.42 92.82
C VAL N 64 73.18 -42.49 93.65
N GLU N 65 72.52 -43.65 93.61
CA GLU N 65 71.23 -43.88 94.24
C GLU N 65 71.34 -45.03 95.24
N PHE N 66 70.84 -44.82 96.46
CA PHE N 66 70.54 -45.90 97.38
C PHE N 66 69.03 -45.99 97.56
N THR N 67 68.47 -47.16 97.34
CA THR N 67 67.03 -47.39 97.48
C THR N 67 66.80 -48.67 98.26
N GLU N 68 65.90 -48.61 99.24
CA GLU N 68 65.59 -49.73 100.13
C GLU N 68 64.08 -49.87 100.24
N THR N 69 63.56 -51.05 99.92
CA THR N 69 62.13 -51.28 99.88
C THR N 69 61.73 -52.28 100.96
N VAL N 70 60.59 -52.04 101.57
CA VAL N 70 60.02 -52.90 102.61
C VAL N 70 58.67 -53.40 102.13
N TYR N 71 58.46 -54.71 102.22
CA TYR N 71 57.24 -55.30 101.70
C TYR N 71 56.06 -55.05 102.64
N ALA N 72 54.87 -55.13 102.07
CA ALA N 72 53.66 -54.83 102.81
C ALA N 72 53.40 -55.92 103.85
N SER N 73 53.12 -55.50 105.08
CA SER N 73 52.80 -56.40 106.17
C SER N 73 51.54 -55.91 106.86
N GLY N 74 50.64 -56.83 107.18
CA GLY N 74 49.37 -56.45 107.76
C GLY N 74 48.59 -55.55 106.82
N SER N 75 48.01 -54.49 107.39
CA SER N 75 47.24 -53.53 106.60
C SER N 75 48.09 -52.43 106.00
N THR N 76 49.37 -52.34 106.37
CA THR N 76 50.22 -51.27 105.89
C THR N 76 50.77 -51.61 104.51
N PRO N 77 50.57 -50.75 103.50
CA PRO N 77 51.14 -51.04 102.18
C PRO N 77 52.64 -50.83 102.16
N GLU N 78 53.25 -51.35 101.10
CA GLU N 78 54.70 -51.24 100.93
C GLU N 78 55.10 -49.79 100.64
N PHE N 79 56.34 -49.47 100.99
CA PHE N 79 56.85 -48.12 100.81
C PHE N 79 58.37 -48.18 100.68
N VAL N 80 58.95 -47.10 100.18
CA VAL N 80 60.35 -47.06 99.81
C VAL N 80 61.01 -45.83 100.41
N ARG N 81 62.32 -45.94 100.59
CA ARG N 81 63.15 -44.91 101.20
C ARG N 81 64.40 -44.74 100.34
N GLN N 82 64.61 -43.53 99.86
CA GLN N 82 65.59 -43.25 98.81
C GLN N 82 66.52 -42.14 99.27
N ALA N 83 67.78 -42.22 98.81
CA ALA N 83 68.78 -41.21 99.11
C ALA N 83 69.81 -41.17 98.00
N TYR N 84 70.06 -39.98 97.45
CA TYR N 84 70.98 -39.86 96.32
C TYR N 84 71.66 -38.49 96.31
N VAL N 85 72.80 -38.44 95.64
CA VAL N 85 73.59 -37.23 95.48
C VAL N 85 73.96 -37.07 94.01
N VAL N 86 74.04 -35.83 93.55
CA VAL N 86 74.30 -35.49 92.16
C VAL N 86 75.48 -34.53 92.12
N ILE N 87 76.45 -34.80 91.25
CA ILE N 87 77.62 -33.94 91.08
C ILE N 87 77.68 -33.52 89.61
N ARG N 88 77.79 -32.21 89.38
CA ARG N 88 77.82 -31.69 88.02
C ARG N 88 78.88 -30.59 87.93
N HIS N 89 79.68 -30.62 86.86
CA HIS N 89 80.76 -29.67 86.68
C HIS N 89 80.98 -29.42 85.20
N LYS N 90 81.66 -28.30 84.91
CA LYS N 90 81.93 -27.93 83.52
C LYS N 90 82.83 -28.98 82.86
N VAL N 91 82.57 -29.25 81.58
CA VAL N 91 83.35 -30.26 80.87
C VAL N 91 84.77 -29.76 80.70
N GLY N 92 85.74 -30.65 80.92
CA GLY N 92 87.14 -30.30 80.81
C GLY N 92 87.74 -29.67 82.03
N ASP N 93 86.95 -29.43 83.08
CA ASP N 93 87.44 -28.75 84.27
C ASP N 93 88.49 -29.61 84.98
N VAL N 94 89.17 -28.99 85.94
CA VAL N 94 90.18 -29.70 86.73
C VAL N 94 89.47 -30.52 87.80
N SER N 95 89.84 -31.80 87.90
CA SER N 95 89.08 -32.73 88.71
C SER N 95 89.22 -32.45 90.20
N ALA N 96 90.38 -31.93 90.63
CA ALA N 96 90.65 -31.82 92.06
C ALA N 96 89.66 -30.88 92.75
N THR N 97 89.33 -29.75 92.13
CA THR N 97 88.37 -28.85 92.76
C THR N 97 86.98 -29.46 92.79
N VAL N 98 86.58 -30.14 91.72
CA VAL N 98 85.27 -30.77 91.69
C VAL N 98 85.21 -31.85 92.77
N SER N 99 86.36 -32.43 93.09
CA SER N 99 86.42 -33.39 94.18
C SER N 99 86.40 -32.72 95.55
N ASP N 100 87.01 -31.54 95.66
CA ASP N 100 86.95 -30.80 96.92
C ASP N 100 85.51 -30.38 97.22
N LEU N 101 84.81 -29.86 96.21
CA LEU N 101 83.37 -29.84 96.26
C LEU N 101 82.87 -31.28 96.21
N GLY N 102 81.67 -31.50 96.72
CA GLY N 102 81.24 -32.88 96.94
C GLY N 102 81.86 -33.52 98.17
N GLU N 103 83.19 -33.53 98.26
CA GLU N 103 83.84 -34.01 99.49
C GLU N 103 83.53 -33.10 100.67
N ALA N 104 83.53 -31.79 100.45
CA ALA N 104 83.10 -30.86 101.50
C ALA N 104 81.70 -31.19 101.97
N LEU N 105 80.79 -31.40 101.01
CA LEU N 105 79.41 -31.72 101.35
C LEU N 105 79.33 -33.02 102.13
N SER N 106 80.06 -34.05 101.68
CA SER N 106 80.05 -35.32 102.39
C SER N 106 80.54 -35.16 103.82
N PHE N 107 81.51 -34.27 104.04
CA PHE N 107 81.93 -33.99 105.41
C PHE N 107 80.84 -33.28 106.20
N TYR N 108 80.09 -32.38 105.56
CA TYR N 108 79.06 -31.64 106.29
C TYR N 108 77.94 -32.56 106.78
N LEU N 109 77.50 -33.49 105.93
CA LEU N 109 76.35 -34.34 106.25
C LEU N 109 76.78 -35.41 107.25
N ASN N 110 76.33 -35.27 108.49
CA ASN N 110 76.54 -36.24 109.55
C ASN N 110 75.20 -36.58 110.19
N GLU N 111 75.26 -37.36 111.28
CA GLU N 111 74.04 -37.79 111.95
C GLU N 111 73.24 -36.60 112.48
N ALA N 112 73.90 -35.68 113.19
CA ALA N 112 73.17 -34.59 113.83
C ALA N 112 72.47 -33.72 112.80
N LEU N 113 73.15 -33.41 111.70
CA LEU N 113 72.53 -32.60 110.66
C LEU N 113 71.36 -33.32 110.02
N TYR N 114 71.45 -34.64 109.86
CA TYR N 114 70.29 -35.40 109.40
C TYR N 114 69.14 -35.28 110.39
N GLY N 115 69.43 -35.36 111.68
CA GLY N 115 68.39 -35.21 112.68
C GLY N 115 67.69 -33.88 112.59
N LYS N 116 68.46 -32.80 112.44
CA LYS N 116 67.82 -31.50 112.22
C LYS N 116 67.03 -31.48 110.92
N LEU N 117 67.60 -32.03 109.85
CA LEU N 117 66.96 -31.91 108.54
C LEU N 117 65.60 -32.58 108.53
N ILE N 118 65.48 -33.75 109.17
CA ILE N 118 64.17 -34.39 109.28
C ILE N 118 63.21 -33.50 110.06
N GLY N 119 63.74 -32.69 110.97
CA GLY N 119 62.89 -31.81 111.76
C GLY N 119 62.36 -30.60 111.01
N TRP N 120 62.66 -30.51 109.70
CA TRP N 120 62.12 -29.46 108.85
C TRP N 120 62.71 -28.08 109.13
N GLU N 121 63.62 -27.96 110.09
CA GLU N 121 64.27 -26.67 110.29
C GLU N 121 65.14 -26.34 109.10
N SER N 122 65.00 -25.11 108.62
CA SER N 122 65.68 -24.68 107.40
C SER N 122 66.82 -23.72 107.74
N ALA O 1 84.20 -61.03 78.24
CA ALA O 1 84.87 -60.76 79.56
C ALA O 1 86.36 -61.00 79.47
N LEU O 2 87.07 -60.09 78.80
CA LEU O 2 88.53 -60.15 78.72
C LEU O 2 89.15 -59.94 80.09
N GLY O 3 88.54 -59.11 80.92
CA GLY O 3 89.10 -58.72 82.19
C GLY O 3 88.68 -57.32 82.56
N ASP O 4 88.84 -57.00 83.84
CA ASP O 4 88.37 -55.71 84.34
C ASP O 4 89.27 -54.56 83.86
N THR O 5 90.56 -54.83 83.67
CA THR O 5 91.49 -53.81 83.22
C THR O 5 92.31 -54.31 82.04
N LEU O 6 92.67 -53.38 81.17
CA LEU O 6 93.44 -53.63 79.96
C LEU O 6 94.78 -52.93 80.10
N THR O 7 95.86 -53.64 79.82
CA THR O 7 97.20 -53.13 80.01
C THR O 7 97.86 -52.86 78.66
N ILE O 8 98.33 -51.63 78.48
CA ILE O 8 99.05 -51.21 77.29
C ILE O 8 100.44 -50.78 77.71
N THR O 9 101.45 -51.29 77.02
CA THR O 9 102.86 -51.00 77.32
C THR O 9 103.44 -50.21 76.15
N LEU O 10 103.39 -48.89 76.25
CA LEU O 10 103.94 -48.05 75.19
C LEU O 10 105.42 -48.38 75.01
N GLY O 11 105.84 -48.47 73.75
CA GLY O 11 107.21 -48.81 73.45
C GLY O 11 107.54 -50.27 73.55
N GLY O 12 106.54 -51.15 73.45
CA GLY O 12 106.79 -52.57 73.43
C GLY O 12 107.20 -53.12 74.79
N SER O 13 107.72 -54.34 74.75
CA SER O 13 108.08 -55.03 75.98
C SER O 13 109.13 -54.25 76.75
N GLY O 14 108.91 -54.12 78.06
CA GLY O 14 109.80 -53.38 78.92
C GLY O 14 109.60 -51.88 78.92
N GLY O 15 108.56 -51.36 78.26
CA GLY O 15 108.35 -49.93 78.16
C GLY O 15 107.57 -49.36 79.34
N THR O 16 106.75 -48.37 79.04
CA THR O 16 105.89 -47.72 80.04
C THR O 16 104.51 -48.35 79.97
N ALA O 17 103.97 -48.74 81.13
CA ALA O 17 102.71 -49.45 81.21
C ALA O 17 101.60 -48.52 81.69
N LYS O 18 100.49 -48.51 80.95
CA LYS O 18 99.28 -47.78 81.34
C LYS O 18 98.13 -48.79 81.48
N VAL O 19 97.34 -48.64 82.53
CA VAL O 19 96.29 -49.58 82.88
C VAL O 19 94.94 -48.96 82.56
N LEU O 20 94.22 -49.56 81.61
CA LEU O 20 92.87 -49.14 81.26
C LEU O 20 91.84 -49.79 82.20
N ARG O 21 90.58 -49.40 82.01
CA ARG O 21 89.47 -49.80 82.87
C ARG O 21 88.22 -49.93 82.02
N LYS O 22 87.35 -50.87 82.35
CA LYS O 22 86.09 -50.98 81.63
C LYS O 22 85.18 -49.81 81.97
N ILE O 23 84.53 -49.25 80.95
CA ILE O 23 83.60 -48.14 81.14
C ILE O 23 82.23 -48.51 80.57
N ASN O 24 82.18 -49.37 79.57
CA ASN O 24 80.90 -49.73 78.97
C ASN O 24 81.10 -50.86 77.98
N GLN O 25 80.06 -51.66 77.82
CA GLN O 25 80.06 -52.75 76.83
C GLN O 25 78.63 -53.23 76.66
N ASP O 26 78.02 -52.90 75.51
CA ASP O 26 76.63 -53.26 75.27
C ASP O 26 76.46 -54.21 74.09
N GLY O 27 76.87 -53.82 72.89
CA GLY O 27 76.55 -54.59 71.70
C GLY O 27 77.64 -55.54 71.25
N TYR O 28 77.99 -56.50 72.10
CA TYR O 28 79.09 -57.42 71.80
C TYR O 28 80.41 -56.68 71.64
N THR O 29 80.48 -55.46 72.17
CA THR O 29 81.67 -54.62 72.08
C THR O 29 82.06 -54.16 73.47
N SER O 30 83.36 -53.94 73.66
CA SER O 30 83.89 -53.49 74.94
C SER O 30 84.59 -52.16 74.77
N GLU O 31 84.63 -51.38 75.85
CA GLU O 31 85.18 -50.03 75.82
C GLU O 31 86.06 -49.83 77.04
N TYR O 32 87.24 -49.26 76.83
CA TYR O 32 88.16 -48.91 77.90
C TYR O 32 88.52 -47.44 77.78
N TYR O 33 88.79 -46.79 78.90
CA TYR O 33 89.13 -45.38 78.89
C TYR O 33 89.99 -45.05 80.11
N LEU O 34 90.87 -44.06 79.96
CA LEU O 34 91.75 -43.62 81.03
C LEU O 34 92.24 -42.20 80.80
N PRO O 35 91.92 -41.25 81.68
CA PRO O 35 92.43 -39.89 81.51
C PRO O 35 93.70 -39.62 82.30
N GLU O 36 94.44 -38.60 81.86
CA GLU O 36 95.67 -38.16 82.50
C GLU O 36 95.83 -36.66 82.26
N THR O 37 96.99 -36.12 82.64
CA THR O 37 97.13 -34.67 82.71
C THR O 37 97.09 -34.02 81.34
N SER O 38 97.75 -34.61 80.35
CA SER O 38 97.94 -33.97 79.05
C SER O 38 97.47 -34.83 77.88
N SER O 39 96.75 -35.91 78.13
CA SER O 39 96.27 -36.78 77.06
C SER O 39 95.25 -37.74 77.66
N SER O 40 94.89 -38.76 76.90
CA SER O 40 93.93 -39.77 77.35
C SER O 40 94.07 -41.01 76.49
N PHE O 41 93.80 -42.16 77.11
CA PHE O 41 93.87 -43.46 76.45
C PHE O 41 92.51 -44.13 76.45
N ARG O 42 92.21 -44.81 75.35
CA ARG O 42 90.89 -45.42 75.14
C ARG O 42 91.10 -46.65 74.25
N ALA O 43 90.44 -47.75 74.59
CA ALA O 43 90.56 -48.99 73.82
C ALA O 43 89.18 -49.56 73.57
N LYS O 44 88.95 -50.03 72.33
CA LYS O 44 87.64 -50.46 71.88
C LYS O 44 87.79 -51.77 71.11
N VAL O 45 86.78 -52.63 71.22
CA VAL O 45 86.75 -53.94 70.56
C VAL O 45 85.37 -54.13 69.95
N ARG O 46 85.31 -54.68 68.72
CA ARG O 46 84.04 -55.01 68.11
C ARG O 46 84.05 -56.43 67.55
N HIS O 47 82.91 -57.11 67.68
CA HIS O 47 82.62 -58.36 66.99
C HIS O 47 81.36 -58.13 66.16
N THR O 48 81.37 -58.61 64.92
CA THR O 48 80.22 -58.42 64.05
C THR O 48 80.13 -59.59 63.08
N LYS O 49 78.94 -59.75 62.50
CA LYS O 49 78.69 -60.74 61.47
C LYS O 49 78.41 -60.04 60.15
N GLU O 50 79.11 -60.44 59.09
CA GLU O 50 79.00 -59.75 57.81
C GLU O 50 77.64 -59.98 57.17
N SER O 51 77.30 -59.08 56.26
CA SER O 51 75.98 -59.09 55.63
C SER O 51 75.78 -60.40 54.89
N VAL O 52 74.57 -60.96 54.99
CA VAL O 52 74.22 -62.18 54.26
C VAL O 52 74.00 -61.86 52.80
N LYS O 53 74.44 -62.78 51.94
CA LYS O 53 74.10 -62.78 50.53
C LYS O 53 73.64 -64.19 50.18
N PRO O 54 72.60 -64.38 49.37
CA PRO O 54 71.94 -65.69 49.40
C PRO O 54 72.76 -66.89 48.97
N ASN O 55 73.87 -66.68 48.25
CA ASN O 55 74.59 -67.82 47.71
C ASN O 55 76.09 -67.83 48.02
N GLN O 56 76.55 -67.19 49.11
CA GLN O 56 77.99 -67.07 49.32
C GLN O 56 78.35 -67.40 50.77
N VAL O 57 79.62 -67.77 50.98
CA VAL O 57 80.09 -68.18 52.30
C VAL O 57 79.86 -67.04 53.30
N GLN O 58 79.49 -67.41 54.52
CA GLN O 58 79.23 -66.41 55.56
C GLN O 58 80.50 -66.18 56.38
N TYR O 59 80.83 -64.92 56.62
CA TYR O 59 82.08 -64.53 57.26
C TYR O 59 81.82 -63.76 58.55
N GLU O 60 82.83 -63.71 59.42
CA GLU O 60 82.78 -62.92 60.64
C GLU O 60 84.06 -62.09 60.79
N ARG O 61 83.91 -60.92 61.42
CA ARG O 61 84.98 -59.93 61.54
C ARG O 61 85.23 -59.64 63.01
N HIS O 62 86.50 -59.63 63.42
CA HIS O 62 86.89 -59.22 64.77
C HIS O 62 87.93 -58.13 64.69
N ASN O 63 87.74 -57.06 65.47
CA ASN O 63 88.55 -55.86 65.42
C ASN O 63 88.88 -55.38 66.84
N VAL O 64 90.09 -54.87 67.00
CA VAL O 64 90.48 -54.18 68.23
C VAL O 64 91.24 -52.91 67.85
N GLU O 65 90.97 -51.83 68.58
CA GLU O 65 91.46 -50.50 68.24
C GLU O 65 92.05 -49.83 69.46
N PHE O 66 93.14 -49.09 69.25
CA PHE O 66 93.75 -48.23 70.25
C PHE O 66 93.80 -46.80 69.72
N THR O 67 93.42 -45.84 70.54
CA THR O 67 93.51 -44.43 70.18
C THR O 67 94.14 -43.66 71.33
N GLU O 68 94.79 -42.54 70.99
CA GLU O 68 95.44 -41.68 71.97
C GLU O 68 95.22 -40.23 71.55
N THR O 69 94.60 -39.44 72.43
CA THR O 69 94.27 -38.05 72.14
C THR O 69 95.18 -37.12 72.94
N VAL O 70 95.66 -36.08 72.28
CA VAL O 70 96.52 -35.08 72.88
C VAL O 70 95.74 -33.78 72.99
N TYR O 71 95.62 -33.26 74.20
CA TYR O 71 94.85 -32.04 74.42
C TYR O 71 95.51 -30.85 73.75
N ALA O 72 94.69 -29.98 73.17
CA ALA O 72 95.20 -28.79 72.49
C ALA O 72 95.93 -27.91 73.49
N SER O 73 97.13 -27.47 73.12
CA SER O 73 97.94 -26.58 73.93
C SER O 73 98.46 -25.46 73.04
N GLY O 74 98.30 -24.22 73.49
CA GLY O 74 98.70 -23.09 72.68
C GLY O 74 97.94 -23.07 71.37
N SER O 75 98.65 -22.79 70.28
CA SER O 75 98.03 -22.75 68.97
C SER O 75 97.75 -24.14 68.42
N THR O 76 98.41 -25.16 68.92
CA THR O 76 98.21 -26.52 68.42
C THR O 76 96.82 -27.01 68.80
N PRO O 77 95.99 -27.44 67.86
CA PRO O 77 94.68 -27.98 68.24
C PRO O 77 94.75 -29.43 68.67
N GLU O 78 93.60 -30.06 68.85
CA GLU O 78 93.54 -31.47 69.19
C GLU O 78 94.09 -32.32 68.05
N PHE O 79 94.78 -33.40 68.39
CA PHE O 79 95.19 -34.39 67.39
C PHE O 79 95.31 -35.74 68.08
N VAL O 80 95.23 -36.81 67.28
CA VAL O 80 95.07 -38.16 67.80
C VAL O 80 96.03 -39.12 67.11
N ARG O 81 96.28 -40.26 67.77
CA ARG O 81 96.99 -41.39 67.18
C ARG O 81 96.16 -42.65 67.36
N GLN O 82 96.19 -43.53 66.37
CA GLN O 82 95.36 -44.73 66.37
C GLN O 82 96.12 -45.89 65.74
N ALA O 83 95.68 -47.11 66.03
CA ALA O 83 96.21 -48.31 65.40
C ALA O 83 95.27 -49.47 65.70
N TYR O 84 94.89 -50.26 64.69
CA TYR O 84 93.89 -51.30 64.89
C TYR O 84 94.10 -52.45 63.92
N VAL O 85 93.49 -53.58 64.26
CA VAL O 85 93.60 -54.82 63.50
C VAL O 85 92.21 -55.43 63.31
N VAL O 86 92.07 -56.26 62.27
CA VAL O 86 90.82 -56.95 61.97
C VAL O 86 91.13 -58.36 61.49
N ILE O 87 90.24 -59.30 61.82
CA ILE O 87 90.35 -60.70 61.38
C ILE O 87 89.07 -61.05 60.61
N ARG O 88 89.23 -61.68 59.45
CA ARG O 88 88.12 -62.25 58.70
C ARG O 88 88.34 -63.75 58.51
N HIS O 89 87.30 -64.53 58.82
CA HIS O 89 87.34 -65.97 58.65
C HIS O 89 85.93 -66.48 58.49
N LYS O 90 85.79 -67.60 57.79
CA LYS O 90 84.48 -68.17 57.53
C LYS O 90 83.91 -68.80 58.80
N VAL O 91 82.58 -68.79 58.90
CA VAL O 91 81.93 -69.34 60.08
C VAL O 91 82.19 -70.83 60.17
N GLY O 92 82.50 -71.30 61.38
CA GLY O 92 82.78 -72.70 61.59
C GLY O 92 84.13 -73.16 61.11
N ASP O 93 85.11 -72.25 61.00
CA ASP O 93 86.44 -72.60 60.55
C ASP O 93 87.27 -73.15 61.73
N VAL O 94 88.44 -73.69 61.40
CA VAL O 94 89.36 -74.17 62.41
C VAL O 94 90.02 -72.98 63.09
N SER O 95 89.91 -72.91 64.41
CA SER O 95 90.36 -71.73 65.14
C SER O 95 91.87 -71.57 65.09
N ALA O 96 92.61 -72.67 65.31
CA ALA O 96 94.06 -72.56 65.40
C ALA O 96 94.67 -72.07 64.09
N THR O 97 94.22 -72.60 62.96
CA THR O 97 94.75 -72.16 61.68
C THR O 97 94.50 -70.68 61.45
N VAL O 98 93.29 -70.21 61.78
CA VAL O 98 92.99 -68.80 61.61
C VAL O 98 93.90 -67.96 62.49
N SER O 99 94.11 -68.38 63.74
CA SER O 99 94.97 -67.61 64.64
C SER O 99 96.42 -67.59 64.16
N ASP O 100 96.84 -68.62 63.42
CA ASP O 100 98.22 -68.66 62.96
C ASP O 100 98.54 -67.48 62.04
N LEU O 101 97.63 -67.14 61.13
CA LEU O 101 97.87 -66.00 60.24
C LEU O 101 98.02 -64.71 61.03
N GLY O 102 97.13 -64.49 62.01
CA GLY O 102 97.23 -63.29 62.82
C GLY O 102 98.52 -63.25 63.61
N GLU O 103 98.94 -64.39 64.16
CA GLU O 103 100.21 -64.43 64.89
C GLU O 103 101.37 -64.10 63.96
N ALA O 104 101.36 -64.63 62.75
CA ALA O 104 102.43 -64.32 61.81
C ALA O 104 102.47 -62.83 61.50
N LEU O 105 101.31 -62.23 61.25
CA LEU O 105 101.27 -60.80 60.97
C LEU O 105 101.80 -60.01 62.16
N SER O 106 101.45 -60.43 63.38
CA SER O 106 101.94 -59.73 64.56
C SER O 106 103.44 -59.88 64.73
N PHE O 107 103.97 -61.07 64.41
CA PHE O 107 105.40 -61.32 64.54
C PHE O 107 106.20 -60.53 63.51
N TYR O 108 105.63 -60.34 62.31
CA TYR O 108 106.32 -59.59 61.26
C TYR O 108 106.58 -58.15 61.67
N LEU O 109 105.58 -57.49 62.23
CA LEU O 109 105.70 -56.07 62.56
C LEU O 109 106.63 -55.88 63.74
N ASN O 110 107.51 -54.89 63.64
CA ASN O 110 108.49 -54.61 64.69
C ASN O 110 109.03 -53.20 64.47
N GLU O 111 110.16 -52.89 65.11
CA GLU O 111 110.76 -51.57 65.00
C GLU O 111 110.99 -51.19 63.55
N ALA O 112 111.69 -52.06 62.80
CA ALA O 112 112.10 -51.70 61.45
C ALA O 112 110.88 -51.47 60.55
N LEU O 113 109.90 -52.38 60.59
CA LEU O 113 108.75 -52.23 59.72
C LEU O 113 107.94 -50.98 60.06
N TYR O 114 107.73 -50.72 61.35
CA TYR O 114 106.96 -49.54 61.72
C TYR O 114 107.67 -48.27 61.28
N GLY O 115 109.00 -48.21 61.51
CA GLY O 115 109.75 -47.05 61.07
C GLY O 115 109.71 -46.85 59.57
N LYS O 116 109.89 -47.94 58.82
CA LYS O 116 109.90 -47.83 57.36
C LYS O 116 108.53 -47.44 56.81
N LEU O 117 107.46 -48.00 57.37
CA LEU O 117 106.12 -47.59 56.95
C LEU O 117 105.88 -46.12 57.25
N ILE O 118 106.31 -45.64 58.42
CA ILE O 118 106.20 -44.23 58.72
C ILE O 118 107.01 -43.42 57.71
N GLY O 119 108.03 -44.03 57.12
CA GLY O 119 108.83 -43.42 56.07
C GLY O 119 108.24 -43.46 54.69
N TRP O 120 107.00 -43.92 54.53
CA TRP O 120 106.31 -44.03 53.25
C TRP O 120 106.95 -45.08 52.33
N GLU O 121 107.86 -45.88 52.85
CA GLU O 121 108.46 -46.95 52.06
C GLU O 121 107.39 -47.94 51.62
N SER O 122 107.46 -48.35 50.36
CA SER O 122 106.49 -49.29 49.80
C SER O 122 107.13 -50.19 48.77
N ALA P 1 65.82 -23.40 113.05
CA ALA P 1 67.17 -22.99 113.55
C ALA P 1 68.24 -23.26 112.49
N LEU P 2 69.10 -24.26 112.72
CA LEU P 2 70.23 -24.60 111.85
C LEU P 2 71.36 -23.60 111.96
N GLY P 3 71.21 -22.53 112.75
CA GLY P 3 72.25 -21.52 112.85
C GLY P 3 72.25 -20.58 111.68
N ASP P 4 72.45 -19.29 111.95
CA ASP P 4 72.52 -18.31 110.86
C ASP P 4 73.81 -18.44 110.06
N THR P 5 74.88 -18.98 110.66
CA THR P 5 76.13 -19.18 109.94
C THR P 5 76.26 -20.64 109.50
N LEU P 6 76.68 -20.83 108.26
CA LEU P 6 76.87 -22.14 107.65
C LEU P 6 78.33 -22.25 107.23
N THR P 7 79.05 -23.22 107.79
CA THR P 7 80.48 -23.35 107.56
C THR P 7 80.75 -24.61 106.74
N ILE P 8 81.46 -24.44 105.62
CA ILE P 8 81.87 -25.54 104.77
C ILE P 8 83.38 -25.46 104.59
N THR P 9 84.04 -26.61 104.71
CA THR P 9 85.49 -26.68 104.59
C THR P 9 85.82 -27.35 103.26
N LEU P 10 86.23 -26.56 102.28
CA LEU P 10 86.59 -27.11 100.98
C LEU P 10 87.71 -28.13 101.14
N GLY P 11 87.62 -29.22 100.38
CA GLY P 11 88.60 -30.28 100.49
C GLY P 11 88.45 -31.17 101.70
N GLY P 12 87.26 -31.28 102.26
CA GLY P 12 87.05 -32.15 103.39
C GLY P 12 87.68 -31.62 104.66
N SER P 13 87.87 -32.53 105.61
CA SER P 13 88.39 -32.16 106.92
C SER P 13 89.81 -31.61 106.80
N GLY P 14 90.11 -30.59 107.60
CA GLY P 14 91.43 -29.99 107.60
C GLY P 14 91.70 -29.02 106.47
N GLY P 15 90.67 -28.61 105.73
CA GLY P 15 90.84 -27.80 104.55
C GLY P 15 90.67 -26.32 104.81
N THR P 16 90.25 -25.61 103.76
CA THR P 16 90.02 -24.17 103.83
C THR P 16 88.61 -23.92 104.33
N ALA P 17 88.49 -23.25 105.47
CA ALA P 17 87.20 -22.98 106.07
C ALA P 17 86.55 -21.78 105.39
N LYS P 18 85.29 -21.93 105.00
CA LYS P 18 84.50 -20.87 104.38
C LYS P 18 83.19 -20.73 105.14
N VAL P 19 82.84 -19.51 105.51
CA VAL P 19 81.68 -19.23 106.36
C VAL P 19 80.62 -18.54 105.52
N LEU P 20 79.39 -19.03 105.62
CA LEU P 20 78.25 -18.43 104.93
C LEU P 20 77.32 -17.76 105.93
N ARG P 21 76.56 -16.77 105.46
CA ARG P 21 75.63 -16.01 106.27
C ARG P 21 74.21 -16.16 105.71
N LYS P 22 73.22 -16.21 106.60
CA LYS P 22 71.83 -16.27 106.17
C LYS P 22 71.39 -14.93 105.61
N ILE P 23 70.65 -14.97 104.50
CA ILE P 23 70.15 -13.75 103.88
C ILE P 23 68.67 -13.80 103.53
N ASN P 24 68.04 -14.97 103.47
CA ASN P 24 66.64 -15.05 103.10
C ASN P 24 66.06 -16.33 103.69
N GLN P 25 64.73 -16.36 103.81
CA GLN P 25 64.04 -17.55 104.30
C GLN P 25 62.58 -17.45 103.85
N ASP P 26 62.22 -18.21 102.83
CA ASP P 26 60.85 -18.19 102.31
C ASP P 26 60.44 -19.59 101.88
N GLY P 27 59.16 -19.88 102.06
CA GLY P 27 58.59 -21.11 101.53
C GLY P 27 59.29 -22.37 102.00
N TYR P 28 59.55 -22.47 103.31
CA TYR P 28 60.28 -23.59 103.87
C TYR P 28 61.66 -23.73 103.21
N THR P 29 62.28 -22.60 102.89
CA THR P 29 63.58 -22.57 102.23
C THR P 29 64.50 -21.67 103.04
N SER P 30 65.81 -21.87 102.85
CA SER P 30 66.81 -20.99 103.44
C SER P 30 67.87 -20.67 102.39
N GLU P 31 68.51 -19.52 102.56
CA GLU P 31 69.49 -19.00 101.63
C GLU P 31 70.76 -18.61 102.38
N TYR P 32 71.90 -18.93 101.77
CA TYR P 32 73.22 -18.58 102.30
C TYR P 32 74.07 -18.01 101.17
N TYR P 33 74.86 -16.99 101.48
CA TYR P 33 75.65 -16.31 100.45
C TYR P 33 76.99 -15.84 101.03
N LEU P 34 77.97 -15.69 100.15
CA LEU P 34 79.27 -15.11 100.51
C LEU P 34 80.00 -14.63 99.26
N PRO P 35 80.24 -13.33 99.10
CA PRO P 35 80.93 -12.86 97.90
C PRO P 35 82.45 -12.84 98.07
N GLU P 36 83.14 -12.93 96.92
CA GLU P 36 84.59 -12.86 96.87
C GLU P 36 85.00 -12.02 95.67
N THR P 37 86.31 -11.77 95.57
CA THR P 37 86.81 -10.93 94.48
C THR P 37 86.57 -11.58 93.12
N SER P 38 86.81 -12.89 93.02
CA SER P 38 86.67 -13.61 91.76
C SER P 38 85.54 -14.63 91.77
N SER P 39 84.81 -14.78 92.87
CA SER P 39 83.76 -15.80 92.95
C SER P 39 82.81 -15.45 94.08
N SER P 40 81.83 -16.33 94.30
CA SER P 40 80.85 -16.20 95.36
C SER P 40 80.33 -17.59 95.69
N PHE P 41 79.81 -17.74 96.90
CA PHE P 41 79.30 -19.01 97.39
C PHE P 41 77.82 -18.87 97.74
N ARG P 42 77.04 -19.90 97.42
CA ARG P 42 75.62 -19.94 97.74
C ARG P 42 75.26 -21.33 98.22
N ALA P 43 74.37 -21.39 99.21
CA ALA P 43 73.90 -22.67 99.73
C ALA P 43 72.43 -22.57 100.06
N LYS P 44 71.66 -23.54 99.58
CA LYS P 44 70.22 -23.57 99.75
C LYS P 44 69.81 -24.89 100.40
N VAL P 45 68.75 -24.82 101.19
CA VAL P 45 68.06 -26.01 101.70
C VAL P 45 66.59 -25.86 101.36
N ARG P 46 65.96 -26.92 100.89
CA ARG P 46 64.53 -26.93 100.63
C ARG P 46 63.89 -28.18 101.20
N HIS P 47 62.63 -28.02 101.61
CA HIS P 47 61.76 -29.11 102.02
C HIS P 47 60.45 -29.01 101.27
N THR P 48 59.90 -30.17 100.91
CA THR P 48 58.60 -30.24 100.28
C THR P 48 57.90 -31.51 100.74
N LYS P 49 56.57 -31.53 100.55
CA LYS P 49 55.77 -32.72 100.79
C LYS P 49 54.85 -32.92 99.59
N GLU P 50 54.82 -34.13 99.06
CA GLU P 50 54.02 -34.40 97.87
C GLU P 50 52.56 -34.59 98.26
N SER P 51 51.67 -34.31 97.32
CA SER P 51 50.26 -34.13 97.67
C SER P 51 49.57 -35.49 97.86
N VAL P 52 48.29 -35.40 98.23
CA VAL P 52 47.50 -36.57 98.64
C VAL P 52 46.54 -36.92 97.50
N LYS P 53 46.98 -37.78 96.59
CA LYS P 53 46.02 -38.57 95.83
C LYS P 53 45.38 -39.61 96.73
N PRO P 54 44.17 -40.05 96.40
CA PRO P 54 43.53 -41.10 97.19
C PRO P 54 44.34 -42.38 97.12
N ASN P 55 44.24 -43.18 98.19
CA ASN P 55 44.73 -44.55 98.25
C ASN P 55 46.14 -44.72 97.70
N GLN P 56 47.00 -43.72 97.91
CA GLN P 56 48.42 -43.82 97.62
C GLN P 56 49.21 -43.20 98.77
N VAL P 57 50.44 -43.69 98.95
CA VAL P 57 51.27 -43.22 100.05
C VAL P 57 51.67 -41.77 99.81
N GLN P 58 51.68 -40.97 100.87
CA GLN P 58 52.13 -39.60 100.79
C GLN P 58 53.59 -39.56 101.22
N TYR P 59 54.43 -38.92 100.42
CA TYR P 59 55.87 -38.99 100.57
C TYR P 59 56.42 -37.65 101.03
N GLU P 60 57.66 -37.69 101.53
CA GLU P 60 58.36 -36.52 102.01
C GLU P 60 59.72 -36.44 101.34
N ARG P 61 60.15 -35.22 101.01
CA ARG P 61 61.37 -35.00 100.24
C ARG P 61 62.17 -33.87 100.88
N HIS P 62 63.49 -34.02 100.89
CA HIS P 62 64.39 -32.95 101.31
C HIS P 62 65.55 -32.84 100.34
N ASN P 63 66.10 -31.63 100.24
CA ASN P 63 67.14 -31.31 99.26
C ASN P 63 68.15 -30.37 99.90
N VAL P 64 69.42 -30.57 99.56
CA VAL P 64 70.51 -29.70 99.98
C VAL P 64 71.48 -29.55 98.82
N GLU P 65 71.85 -28.32 98.50
CA GLU P 65 72.70 -28.05 97.34
C GLU P 65 73.80 -27.09 97.72
N PHE P 66 74.96 -27.25 97.08
CA PHE P 66 76.09 -26.36 97.22
C PHE P 66 76.41 -25.79 95.85
N THR P 67 76.59 -24.48 95.76
CA THR P 67 76.81 -23.82 94.47
C THR P 67 78.11 -23.01 94.51
N GLU P 68 78.90 -23.15 93.46
CA GLU P 68 80.16 -22.42 93.30
C GLU P 68 80.13 -21.73 91.94
N THR P 69 80.14 -20.41 91.93
CA THR P 69 80.13 -19.63 90.69
C THR P 69 81.46 -18.88 90.57
N VAL P 70 82.03 -18.91 89.38
CA VAL P 70 83.28 -18.23 89.08
C VAL P 70 83.02 -17.18 88.01
N TYR P 71 83.40 -15.94 88.31
CA TYR P 71 83.10 -14.83 87.41
C TYR P 71 83.91 -14.95 86.13
N ALA P 72 83.30 -14.52 85.03
CA ALA P 72 83.96 -14.61 83.73
C ALA P 72 85.20 -13.73 83.73
N SER P 73 86.31 -14.28 83.25
CA SER P 73 87.57 -13.57 83.16
C SER P 73 88.15 -13.75 81.77
N GLY P 74 88.48 -12.65 81.11
CA GLY P 74 89.02 -12.74 79.76
C GLY P 74 88.04 -13.42 78.83
N SER P 75 88.56 -14.36 78.03
CA SER P 75 87.72 -15.07 77.08
C SER P 75 86.79 -16.07 77.76
N THR P 76 87.23 -16.64 78.87
CA THR P 76 86.44 -17.67 79.54
C THR P 76 85.15 -17.08 80.09
N PRO P 77 83.98 -17.64 79.73
CA PRO P 77 82.72 -17.08 80.25
C PRO P 77 82.37 -17.59 81.63
N GLU P 78 81.17 -17.26 82.08
CA GLU P 78 80.70 -17.73 83.38
C GLU P 78 80.60 -19.24 83.41
N PHE P 79 80.88 -19.83 84.57
CA PHE P 79 80.66 -21.26 84.77
C PHE P 79 80.50 -21.51 86.26
N VAL P 80 79.86 -22.64 86.58
CA VAL P 80 79.42 -22.93 87.94
C VAL P 80 79.82 -24.36 88.30
N ARG P 81 79.84 -24.64 89.61
CA ARG P 81 80.00 -25.98 90.13
C ARG P 81 78.96 -26.19 91.21
N GLN P 82 78.24 -27.31 91.16
CA GLN P 82 77.20 -27.60 92.14
C GLN P 82 77.34 -29.04 92.62
N ALA P 83 76.81 -29.28 93.82
CA ALA P 83 76.80 -30.62 94.41
C ALA P 83 75.64 -30.66 95.40
N TYR P 84 74.65 -31.52 95.15
CA TYR P 84 73.45 -31.52 95.97
C TYR P 84 73.01 -32.94 96.29
N VAL P 85 72.28 -33.07 97.40
CA VAL P 85 71.77 -34.35 97.89
C VAL P 85 70.28 -34.22 98.13
N VAL P 86 69.58 -35.36 98.07
CA VAL P 86 68.14 -35.43 98.27
C VAL P 86 67.81 -36.66 99.11
N ILE P 87 66.86 -36.50 100.03
CA ILE P 87 66.37 -37.59 100.89
C ILE P 87 64.86 -37.65 100.74
N ARG P 88 64.33 -38.86 100.53
CA ARG P 88 62.90 -39.05 100.38
C ARG P 88 62.44 -40.22 101.23
N HIS P 89 61.33 -40.04 101.95
CA HIS P 89 60.84 -41.05 102.88
C HIS P 89 59.37 -40.79 103.16
N LYS P 90 58.73 -41.75 103.84
CA LYS P 90 57.31 -41.67 104.13
C LYS P 90 57.05 -40.66 105.25
N VAL P 91 55.83 -40.11 105.25
CA VAL P 91 55.50 -39.01 106.16
C VAL P 91 55.58 -39.46 107.61
N GLY P 92 55.00 -40.62 107.91
CA GLY P 92 54.97 -41.12 109.27
C GLY P 92 56.11 -42.05 109.64
N ASP P 93 57.10 -42.22 108.77
CA ASP P 93 58.17 -43.16 109.04
C ASP P 93 58.98 -42.71 110.26
N VAL P 94 59.85 -43.60 110.73
CA VAL P 94 60.71 -43.30 111.86
C VAL P 94 61.94 -42.56 111.36
N SER P 95 62.37 -41.54 112.11
CA SER P 95 63.47 -40.68 111.66
C SER P 95 64.83 -41.37 111.74
N ALA P 96 65.06 -42.23 112.74
CA ALA P 96 66.42 -42.67 113.06
C ALA P 96 67.00 -43.61 111.99
N THR P 97 66.22 -44.58 111.49
CA THR P 97 66.74 -45.46 110.44
C THR P 97 66.97 -44.69 109.15
N VAL P 98 66.13 -43.69 108.86
CA VAL P 98 66.38 -42.81 107.73
C VAL P 98 67.70 -42.07 107.92
N SER P 99 67.96 -41.64 109.17
CA SER P 99 69.26 -41.06 109.47
C SER P 99 70.38 -42.06 109.21
N ASP P 100 70.14 -43.33 109.54
CA ASP P 100 71.14 -44.37 109.31
C ASP P 100 71.44 -44.53 107.82
N LEU P 101 70.39 -44.55 107.00
CA LEU P 101 70.59 -44.65 105.56
C LEU P 101 71.39 -43.46 105.03
N GLY P 102 71.03 -42.25 105.49
CA GLY P 102 71.77 -41.07 105.06
C GLY P 102 73.23 -41.14 105.48
N GLU P 103 73.48 -41.62 106.70
CA GLU P 103 74.85 -41.74 107.19
C GLU P 103 75.62 -42.76 106.38
N ALA P 104 74.99 -43.85 105.99
CA ALA P 104 75.65 -44.80 105.11
C ALA P 104 76.03 -44.15 103.79
N LEU P 105 75.11 -43.40 103.18
CA LEU P 105 75.42 -42.74 101.92
C LEU P 105 76.58 -41.77 102.08
N SER P 106 76.58 -41.00 103.17
CA SER P 106 77.65 -40.04 103.41
C SER P 106 78.99 -40.77 103.60
N PHE P 107 78.98 -41.86 104.36
CA PHE P 107 80.21 -42.58 104.68
C PHE P 107 80.82 -43.23 103.45
N TYR P 108 79.98 -43.80 102.57
CA TYR P 108 80.50 -44.44 101.37
C TYR P 108 81.18 -43.45 100.44
N LEU P 109 80.68 -42.22 100.39
CA LEU P 109 81.14 -41.23 99.43
C LEU P 109 82.38 -40.56 100.01
N ASN P 110 83.55 -40.88 99.45
CA ASN P 110 84.80 -40.26 99.88
C ASN P 110 85.62 -39.78 98.69
N GLU P 111 86.83 -39.31 98.96
CA GLU P 111 87.66 -38.71 97.92
C GLU P 111 88.00 -39.73 96.84
N ALA P 112 88.39 -40.94 97.25
CA ALA P 112 88.74 -41.95 96.26
C ALA P 112 87.56 -42.29 95.36
N LEU P 113 86.37 -42.48 95.95
CA LEU P 113 85.18 -42.73 95.14
C LEU P 113 84.87 -41.56 94.24
N TYR P 114 85.07 -40.33 94.72
CA TYR P 114 84.90 -39.16 93.86
C TYR P 114 85.85 -39.21 92.67
N GLY P 115 87.10 -39.61 92.90
CA GLY P 115 88.03 -39.76 91.79
C GLY P 115 87.56 -40.80 90.80
N LYS P 116 87.08 -41.94 91.30
CA LYS P 116 86.56 -42.95 90.38
C LYS P 116 85.39 -42.39 89.58
N LEU P 117 84.49 -41.65 90.24
CA LEU P 117 83.33 -41.12 89.54
C LEU P 117 83.76 -40.17 88.42
N ILE P 118 84.70 -39.28 88.70
CA ILE P 118 85.23 -38.43 87.64
C ILE P 118 85.92 -39.28 86.58
N GLY P 119 86.34 -40.49 86.93
CA GLY P 119 86.91 -41.39 85.95
C GLY P 119 85.94 -41.87 84.87
N TRP P 120 84.65 -41.65 85.06
CA TRP P 120 83.54 -42.10 84.21
C TRP P 120 83.32 -43.61 84.24
N GLU P 121 84.09 -44.37 85.01
CA GLU P 121 83.78 -45.79 85.15
C GLU P 121 82.53 -45.97 85.99
N SER P 122 81.63 -46.82 85.51
CA SER P 122 80.34 -47.03 86.15
C SER P 122 80.34 -48.32 86.95
N ALA Q 1 58.31 -12.24 115.87
CA ALA Q 1 59.35 -11.96 116.91
C ALA Q 1 58.96 -12.59 118.24
N LEU Q 2 58.03 -13.54 118.21
CA LEU Q 2 57.60 -14.20 119.44
C LEU Q 2 58.75 -14.96 120.09
N GLY Q 3 59.57 -15.64 119.28
CA GLY Q 3 60.68 -16.40 119.80
C GLY Q 3 60.99 -17.59 118.92
N ASP Q 4 62.17 -18.19 119.09
CA ASP Q 4 62.55 -19.29 118.23
C ASP Q 4 61.81 -20.57 118.58
N THR Q 5 61.42 -20.73 119.84
CA THR Q 5 60.71 -21.90 120.30
C THR Q 5 59.37 -21.52 120.92
N LEU Q 6 58.39 -22.39 120.71
CA LEU Q 6 57.04 -22.27 121.25
C LEU Q 6 56.75 -23.50 122.06
N THR Q 7 56.18 -23.31 123.25
CA THR Q 7 55.97 -24.40 124.20
C THR Q 7 54.48 -24.66 124.36
N ILE Q 8 54.09 -25.93 124.23
CA ILE Q 8 52.72 -26.38 124.46
C ILE Q 8 52.73 -27.33 125.64
N THR Q 9 51.95 -27.00 126.67
CA THR Q 9 51.86 -27.79 127.90
C THR Q 9 50.52 -28.48 127.93
N LEU Q 10 50.47 -29.70 127.42
CA LEU Q 10 49.23 -30.44 127.33
C LEU Q 10 48.65 -30.65 128.73
N GLY Q 11 47.32 -30.57 128.83
CA GLY Q 11 46.66 -30.73 130.09
C GLY Q 11 46.69 -29.51 131.00
N GLY Q 12 46.98 -28.33 130.45
CA GLY Q 12 46.97 -27.13 131.25
C GLY Q 12 48.31 -26.89 131.93
N SER Q 13 48.22 -26.28 133.11
CA SER Q 13 49.42 -26.01 133.90
C SER Q 13 50.00 -27.26 134.53
N GLY Q 14 49.34 -28.41 134.40
CA GLY Q 14 49.81 -29.64 134.98
C GLY Q 14 51.22 -30.03 134.55
N GLY Q 15 51.40 -30.34 133.28
CA GLY Q 15 52.68 -30.78 132.76
C GLY Q 15 52.63 -31.20 131.31
N THR Q 16 53.45 -32.18 130.93
CA THR Q 16 53.48 -32.73 129.57
C THR Q 16 53.77 -31.61 128.57
N ALA Q 17 54.97 -31.06 128.68
CA ALA Q 17 55.38 -29.92 127.88
C ALA Q 17 56.03 -30.38 126.57
N LYS Q 18 55.70 -29.67 125.49
CA LYS Q 18 56.30 -29.88 124.18
C LYS Q 18 56.95 -28.59 123.71
N VAL Q 19 57.97 -28.72 122.86
CA VAL Q 19 58.69 -27.58 122.30
C VAL Q 19 58.70 -27.69 120.78
N LEU Q 20 58.31 -26.59 120.12
CA LEU Q 20 58.28 -26.51 118.67
C LEU Q 20 59.23 -25.42 118.19
N ARG Q 21 59.66 -25.54 116.93
CA ARG Q 21 60.69 -24.69 116.35
C ARG Q 21 60.14 -23.91 115.17
N LYS Q 22 60.69 -22.72 114.91
CA LYS Q 22 60.34 -22.01 113.69
C LYS Q 22 60.65 -22.87 112.48
N ILE Q 23 59.76 -22.82 111.50
CA ILE Q 23 60.00 -23.47 110.21
C ILE Q 23 59.87 -22.43 109.12
N ASN Q 24 59.11 -21.37 109.36
CA ASN Q 24 58.79 -20.42 108.30
C ASN Q 24 58.32 -19.11 108.90
N GLN Q 25 58.45 -18.04 108.12
CA GLN Q 25 57.79 -16.77 108.45
C GLN Q 25 57.59 -16.01 107.14
N ASP Q 26 56.35 -16.02 106.64
CA ASP Q 26 56.00 -15.34 105.40
C ASP Q 26 54.70 -14.55 105.59
N GLY Q 27 54.65 -13.38 104.98
CA GLY Q 27 53.43 -12.58 104.95
C GLY Q 27 52.88 -12.26 106.32
N TYR Q 28 53.76 -11.87 107.24
CA TYR Q 28 53.39 -11.62 108.63
C TYR Q 28 52.80 -12.87 109.29
N THR Q 29 53.07 -14.04 108.71
CA THR Q 29 52.56 -15.31 109.20
C THR Q 29 53.72 -16.26 109.45
N SER Q 30 53.74 -16.88 110.62
CA SER Q 30 54.78 -17.81 111.00
C SER Q 30 54.17 -19.02 111.70
N GLU Q 31 54.91 -20.12 111.73
CA GLU Q 31 54.40 -21.36 112.29
C GLU Q 31 55.52 -22.17 112.91
N TYR Q 32 55.15 -23.16 113.72
CA TYR Q 32 56.08 -24.00 114.45
C TYR Q 32 55.73 -25.45 114.19
N TYR Q 33 56.71 -26.34 114.39
CA TYR Q 33 56.50 -27.76 114.09
C TYR Q 33 57.33 -28.63 115.04
N LEU Q 34 56.87 -29.87 115.25
CA LEU Q 34 57.63 -30.85 116.02
C LEU Q 34 57.16 -32.28 115.70
N PRO Q 35 58.00 -33.13 115.12
CA PRO Q 35 57.61 -34.53 114.91
C PRO Q 35 58.03 -35.43 116.05
N GLU Q 36 57.27 -36.52 116.22
CA GLU Q 36 57.50 -37.47 117.29
C GLU Q 36 57.27 -38.87 116.72
N THR Q 37 57.22 -39.88 117.60
CA THR Q 37 57.12 -41.25 117.11
C THR Q 37 55.73 -41.55 116.55
N SER Q 38 54.66 -41.15 117.26
CA SER Q 38 53.31 -41.50 116.87
C SER Q 38 52.41 -40.30 116.61
N SER Q 39 52.91 -39.09 116.78
CA SER Q 39 52.15 -37.89 116.42
C SER Q 39 53.13 -36.75 116.24
N SER Q 40 52.59 -35.59 115.86
CA SER Q 40 53.42 -34.41 115.63
C SER Q 40 52.58 -33.17 115.91
N PHE Q 41 53.28 -32.06 116.14
CA PHE Q 41 52.66 -30.82 116.57
C PHE Q 41 52.97 -29.70 115.59
N ARG Q 42 52.01 -28.79 115.43
CA ARG Q 42 52.18 -27.64 114.56
C ARG Q 42 51.40 -26.48 115.14
N ALA Q 43 51.95 -25.27 115.01
CA ALA Q 43 51.30 -24.06 115.48
C ALA Q 43 51.40 -22.99 114.41
N LYS Q 44 50.36 -22.14 114.33
CA LYS Q 44 50.31 -21.08 113.34
C LYS Q 44 49.85 -19.80 114.01
N VAL Q 45 50.36 -18.67 113.53
CA VAL Q 45 49.87 -17.34 113.90
C VAL Q 45 49.79 -16.50 112.63
N ARG Q 46 48.68 -15.79 112.45
CA ARG Q 46 48.45 -15.04 111.22
C ARG Q 46 47.86 -13.67 111.53
N HIS Q 47 47.97 -12.77 110.56
CA HIS Q 47 47.45 -11.42 110.65
C HIS Q 47 46.89 -10.99 109.30
N THR Q 48 45.90 -10.10 109.33
CA THR Q 48 45.22 -9.67 108.13
C THR Q 48 44.42 -8.41 108.40
N LYS Q 49 44.08 -7.67 107.34
CA LYS Q 49 43.19 -6.52 107.42
C LYS Q 49 42.13 -6.60 106.34
N GLU Q 50 40.87 -6.38 106.73
CA GLU Q 50 39.78 -6.27 105.77
C GLU Q 50 39.79 -4.90 105.09
N SER Q 51 39.27 -4.87 103.86
CA SER Q 51 39.23 -3.63 103.09
C SER Q 51 38.30 -2.61 103.76
N VAL Q 52 38.72 -1.34 103.69
CA VAL Q 52 37.93 -0.28 104.31
C VAL Q 52 36.64 -0.06 103.53
N LYS Q 53 35.63 0.49 104.21
CA LYS Q 53 34.31 0.70 103.64
C LYS Q 53 33.86 2.12 103.89
N PRO Q 54 32.85 2.60 103.14
CA PRO Q 54 32.48 4.01 103.23
C PRO Q 54 32.18 4.50 104.64
N ASN Q 55 31.89 3.62 105.59
CA ASN Q 55 31.65 4.06 106.96
C ASN Q 55 32.91 4.63 107.61
N GLN Q 56 34.08 4.45 106.99
CA GLN Q 56 35.37 4.98 107.39
C GLN Q 56 36.01 4.17 108.53
N VAL Q 57 35.33 3.15 109.07
CA VAL Q 57 35.98 2.24 110.01
C VAL Q 57 36.59 1.08 109.25
N GLN Q 58 37.60 0.46 109.85
CA GLN Q 58 38.32 -0.64 109.23
C GLN Q 58 38.66 -1.64 110.32
N TYR Q 59 38.67 -2.91 109.98
CA TYR Q 59 38.72 -3.98 110.96
C TYR Q 59 39.97 -4.82 110.74
N GLU Q 60 40.48 -5.39 111.83
CA GLU Q 60 41.71 -6.15 111.85
C GLU Q 60 41.45 -7.51 112.51
N ARG Q 61 42.21 -8.53 112.10
CA ARG Q 61 41.97 -9.89 112.56
C ARG Q 61 43.29 -10.56 112.93
N HIS Q 62 43.31 -11.21 114.10
CA HIS Q 62 44.47 -11.98 114.57
C HIS Q 62 44.03 -13.41 114.87
N ASN Q 63 44.89 -14.38 114.54
CA ASN Q 63 44.57 -15.80 114.67
C ASN Q 63 45.74 -16.58 115.26
N VAL Q 64 45.42 -17.54 116.14
CA VAL Q 64 46.41 -18.47 116.69
C VAL Q 64 45.79 -19.86 116.71
N GLU Q 65 46.57 -20.88 116.33
CA GLU Q 65 46.04 -22.21 116.04
C GLU Q 65 47.00 -23.29 116.52
N PHE Q 66 46.43 -24.39 117.02
CA PHE Q 66 47.17 -25.60 117.37
C PHE Q 66 46.59 -26.80 116.63
N THR Q 67 47.48 -27.71 116.20
CA THR Q 67 47.10 -28.89 115.45
C THR Q 67 47.78 -30.13 116.03
N GLU Q 68 47.05 -31.23 116.04
CA GLU Q 68 47.57 -32.54 116.45
C GLU Q 68 47.16 -33.57 115.40
N THR Q 69 48.13 -34.23 114.80
CA THR Q 69 47.89 -35.26 113.79
C THR Q 69 48.43 -36.59 114.29
N VAL Q 70 47.61 -37.63 114.18
CA VAL Q 70 47.92 -38.97 114.68
C VAL Q 70 48.04 -39.90 113.47
N TYR Q 71 49.20 -40.54 113.33
CA TYR Q 71 49.43 -41.35 112.14
C TYR Q 71 48.59 -42.62 112.16
N ALA Q 72 48.42 -43.19 110.98
CA ALA Q 72 47.63 -44.40 110.83
C ALA Q 72 48.28 -45.56 111.57
N SER Q 73 47.44 -46.42 112.13
CA SER Q 73 47.92 -47.56 112.90
C SER Q 73 46.94 -48.70 112.70
N GLY Q 74 47.41 -49.79 112.10
CA GLY Q 74 46.53 -50.89 111.78
C GLY Q 74 45.43 -50.43 110.83
N SER Q 75 44.20 -50.85 111.10
CA SER Q 75 43.08 -50.48 110.24
C SER Q 75 42.64 -49.04 110.43
N THR Q 76 42.96 -48.44 111.57
CA THR Q 76 42.51 -47.09 111.87
C THR Q 76 43.24 -46.06 111.00
N PRO Q 77 42.54 -45.22 110.25
CA PRO Q 77 43.22 -44.19 109.44
C PRO Q 77 43.66 -43.02 110.29
N GLU Q 78 44.41 -42.12 109.66
CA GLU Q 78 44.93 -40.95 110.34
C GLU Q 78 43.81 -39.93 110.60
N PHE Q 79 44.00 -39.12 111.63
CA PHE Q 79 43.03 -38.08 111.96
C PHE Q 79 43.75 -36.94 112.67
N VAL Q 80 43.00 -35.88 112.97
CA VAL Q 80 43.55 -34.61 113.42
C VAL Q 80 42.75 -34.11 114.62
N ARG Q 81 43.41 -33.26 115.41
CA ARG Q 81 42.74 -32.44 116.43
C ARG Q 81 43.21 -31.01 116.27
N GLN Q 82 42.30 -30.06 116.50
CA GLN Q 82 42.60 -28.65 116.36
C GLN Q 82 41.98 -27.86 117.50
N ALA Q 83 42.48 -26.65 117.71
CA ALA Q 83 41.89 -25.67 118.61
C ALA Q 83 42.51 -24.31 118.29
N TYR Q 84 41.66 -23.30 118.07
CA TYR Q 84 42.16 -21.99 117.70
C TYR Q 84 41.20 -20.91 118.19
N VAL Q 85 41.71 -19.68 118.22
CA VAL Q 85 40.93 -18.50 118.57
C VAL Q 85 41.19 -17.41 117.54
N VAL Q 86 40.24 -16.48 117.44
CA VAL Q 86 40.36 -15.32 116.57
C VAL Q 86 39.92 -14.10 117.37
N ILE Q 87 40.70 -13.02 117.28
CA ILE Q 87 40.36 -11.74 117.89
C ILE Q 87 40.28 -10.68 116.81
N ARG Q 88 39.20 -9.90 116.82
CA ARG Q 88 38.90 -8.92 115.77
C ARG Q 88 38.55 -7.61 116.46
N HIS Q 89 39.10 -6.50 115.99
CA HIS Q 89 38.80 -5.21 116.60
C HIS Q 89 39.03 -4.08 115.61
N LYS Q 90 38.40 -2.94 115.90
CA LYS Q 90 38.49 -1.76 115.05
C LYS Q 90 39.87 -1.12 115.19
N VAL Q 91 40.40 -0.66 114.05
CA VAL Q 91 41.78 -0.19 114.01
C VAL Q 91 41.89 1.10 114.80
N GLY Q 92 42.83 1.13 115.74
CA GLY Q 92 43.01 2.29 116.59
C GLY Q 92 42.26 2.24 117.91
N ASP Q 93 41.43 1.22 118.13
CA ASP Q 93 40.71 1.10 119.39
C ASP Q 93 41.69 0.77 120.51
N VAL Q 94 41.28 1.08 121.74
CA VAL Q 94 42.19 0.94 122.87
C VAL Q 94 42.57 -0.52 123.07
N SER Q 95 43.87 -0.77 123.21
CA SER Q 95 44.36 -2.14 123.29
C SER Q 95 43.93 -2.82 124.59
N ALA Q 96 43.94 -2.09 125.70
CA ALA Q 96 43.71 -2.73 126.99
C ALA Q 96 42.33 -3.37 127.05
N THR Q 97 41.31 -2.68 126.54
CA THR Q 97 39.97 -3.28 126.52
C THR Q 97 39.92 -4.48 125.60
N VAL Q 98 40.57 -4.39 124.44
CA VAL Q 98 40.54 -5.49 123.47
C VAL Q 98 41.22 -6.71 124.07
N SER Q 99 42.18 -6.51 124.97
CA SER Q 99 42.77 -7.65 125.66
C SER Q 99 41.91 -8.13 126.82
N ASP Q 100 41.25 -7.22 127.55
CA ASP Q 100 40.36 -7.61 128.62
C ASP Q 100 39.27 -8.53 128.09
N LEU Q 101 38.66 -8.13 126.98
CA LEU Q 101 37.96 -9.09 126.14
C LEU Q 101 38.99 -10.02 125.53
N GLY Q 102 38.64 -11.29 125.39
CA GLY Q 102 39.65 -12.26 125.03
C GLY Q 102 40.24 -12.89 126.27
N GLU Q 103 40.76 -12.08 127.19
CA GLU Q 103 41.23 -12.63 128.45
C GLU Q 103 40.08 -13.15 129.31
N ALA Q 104 38.93 -12.46 129.26
CA ALA Q 104 37.76 -12.98 129.95
C ALA Q 104 37.37 -14.34 129.39
N LEU Q 105 37.40 -14.48 128.06
CA LEU Q 105 37.12 -15.76 127.44
C LEU Q 105 38.13 -16.82 127.89
N SER Q 106 39.40 -16.44 127.96
CA SER Q 106 40.42 -17.38 128.39
C SER Q 106 40.16 -17.87 129.80
N PHE Q 107 39.76 -16.96 130.69
CA PHE Q 107 39.44 -17.36 132.06
C PHE Q 107 38.19 -18.24 132.12
N TYR Q 108 37.20 -17.96 131.28
CA TYR Q 108 35.96 -18.73 131.32
C TYR Q 108 36.19 -20.20 130.98
N LEU Q 109 36.91 -20.46 129.89
CA LEU Q 109 37.15 -21.83 129.48
C LEU Q 109 38.12 -22.51 130.44
N ASN Q 110 37.75 -23.71 130.87
CA ASN Q 110 38.57 -24.50 131.78
C ASN Q 110 38.22 -25.97 131.57
N GLU Q 111 38.65 -26.83 132.50
CA GLU Q 111 38.39 -28.25 132.36
C GLU Q 111 36.91 -28.56 132.26
N ALA Q 112 36.11 -27.99 133.16
CA ALA Q 112 34.69 -28.33 133.21
C ALA Q 112 33.98 -27.92 131.92
N LEU Q 113 34.28 -26.74 131.39
CA LEU Q 113 33.61 -26.29 130.17
C LEU Q 113 33.91 -27.21 129.01
N TYR Q 114 35.19 -27.54 128.80
CA TYR Q 114 35.54 -28.46 127.72
C TYR Q 114 34.93 -29.83 127.93
N GLY Q 115 34.96 -30.34 129.16
CA GLY Q 115 34.36 -31.65 129.42
C GLY Q 115 32.89 -31.66 129.07
N LYS Q 116 32.15 -30.63 129.51
CA LYS Q 116 30.75 -30.53 129.18
C LYS Q 116 30.55 -30.26 127.69
N LEU Q 117 31.28 -29.29 127.16
CA LEU Q 117 31.02 -28.81 125.81
C LEU Q 117 31.17 -29.90 124.75
N ILE Q 118 31.92 -30.96 125.06
CA ILE Q 118 32.00 -32.09 124.14
C ILE Q 118 30.65 -32.80 124.04
N GLY Q 119 29.79 -32.60 125.03
CA GLY Q 119 28.52 -33.29 125.10
C GLY Q 119 27.38 -32.70 124.32
N TRP Q 120 27.65 -31.75 123.42
CA TRP Q 120 26.64 -31.09 122.59
C TRP Q 120 25.63 -30.30 123.40
N GLU Q 121 25.90 -30.01 124.67
CA GLU Q 121 24.96 -29.22 125.44
C GLU Q 121 24.90 -27.80 124.89
N SER Q 122 23.76 -27.15 125.10
CA SER Q 122 23.57 -25.79 124.61
C SER Q 122 23.06 -24.91 125.75
N ALA R 1 69.46 -11.36 108.75
CA ALA R 1 70.26 -11.93 109.86
C ALA R 1 70.67 -10.84 110.85
N LEU R 2 70.12 -9.64 110.66
CA LEU R 2 70.49 -8.52 111.53
C LEU R 2 70.16 -8.84 112.99
N GLY R 3 68.99 -9.41 113.23
CA GLY R 3 68.54 -9.68 114.59
C GLY R 3 67.07 -9.38 114.75
N ASP R 4 66.49 -9.86 115.85
CA ASP R 4 65.05 -9.67 116.07
C ASP R 4 64.69 -8.26 116.48
N THR R 5 65.62 -7.52 117.09
CA THR R 5 65.34 -6.18 117.59
C THR R 5 66.43 -5.21 117.15
N LEU R 6 66.02 -3.97 116.98
CA LEU R 6 66.89 -2.87 116.55
C LEU R 6 66.68 -1.71 117.50
N THR R 7 67.77 -1.07 117.91
CA THR R 7 67.72 0.03 118.86
C THR R 7 67.90 1.35 118.13
N ILE R 8 66.98 2.27 118.37
CA ILE R 8 67.00 3.59 117.75
C ILE R 8 67.17 4.60 118.86
N THR R 9 68.21 5.42 118.78
CA THR R 9 68.53 6.39 119.82
C THR R 9 68.29 7.78 119.25
N LEU R 10 67.10 8.32 119.48
CA LEU R 10 66.82 9.69 119.10
C LEU R 10 67.81 10.62 119.79
N GLY R 11 68.34 11.57 119.03
CA GLY R 11 69.28 12.52 119.59
C GLY R 11 70.71 12.05 119.67
N GLY R 12 71.08 11.02 118.92
CA GLY R 12 72.45 10.58 118.93
C GLY R 12 72.85 9.98 120.27
N SER R 13 74.15 10.06 120.54
CA SER R 13 74.71 9.47 121.75
C SER R 13 74.05 10.07 123.00
N GLY R 14 73.71 9.21 123.95
CA GLY R 14 73.15 9.64 125.21
C GLY R 14 71.66 9.92 125.21
N GLY R 15 70.96 9.65 124.12
CA GLY R 15 69.58 10.02 123.97
C GLY R 15 68.62 8.96 124.49
N THR R 16 67.34 9.17 124.18
CA THR R 16 66.30 8.22 124.52
C THR R 16 66.37 7.03 123.56
N ALA R 17 66.33 5.82 124.12
CA ALA R 17 66.47 4.60 123.33
C ALA R 17 65.11 3.98 123.07
N LYS R 18 64.84 3.64 121.81
CA LYS R 18 63.62 2.96 121.40
C LYS R 18 64.00 1.61 120.80
N VAL R 19 63.25 0.57 121.15
CA VAL R 19 63.50 -0.79 120.66
C VAL R 19 62.37 -1.17 119.72
N LEU R 20 62.74 -1.55 118.50
CA LEU R 20 61.78 -2.02 117.50
C LEU R 20 61.84 -3.54 117.38
N ARG R 21 60.69 -4.14 117.09
CA ARG R 21 60.55 -5.59 117.01
C ARG R 21 60.42 -6.02 115.56
N LYS R 22 61.05 -7.14 115.20
CA LYS R 22 60.94 -7.64 113.84
C LYS R 22 59.58 -8.27 113.59
N ILE R 23 59.06 -8.07 112.38
CA ILE R 23 57.73 -8.56 112.02
C ILE R 23 57.71 -9.37 110.73
N ASN R 24 58.65 -9.19 109.81
CA ASN R 24 58.58 -9.93 108.56
C ASN R 24 59.87 -9.71 107.76
N GLN R 25 60.14 -10.66 106.85
CA GLN R 25 61.16 -10.47 105.83
C GLN R 25 60.98 -11.56 104.78
N ASP R 26 60.63 -11.16 103.55
CA ASP R 26 60.42 -12.12 102.47
C ASP R 26 61.37 -11.93 101.30
N GLY R 27 61.39 -10.75 100.69
CA GLY R 27 62.17 -10.55 99.47
C GLY R 27 63.53 -9.94 99.72
N TYR R 28 64.34 -10.58 100.55
CA TYR R 28 65.64 -10.07 100.97
C TYR R 28 65.51 -8.75 101.74
N THR R 29 64.31 -8.40 102.17
CA THR R 29 64.03 -7.17 102.89
C THR R 29 63.39 -7.53 104.22
N SER R 30 63.67 -6.73 105.26
CA SER R 30 63.06 -6.91 106.56
C SER R 30 62.57 -5.57 107.07
N GLU R 31 61.48 -5.59 107.85
CA GLU R 31 60.93 -4.39 108.44
C GLU R 31 60.60 -4.63 109.91
N TYR R 32 60.79 -3.60 110.72
CA TYR R 32 60.60 -3.67 112.17
C TYR R 32 59.57 -2.61 112.56
N TYR R 33 58.77 -2.88 113.59
CA TYR R 33 57.66 -1.99 113.93
C TYR R 33 57.56 -1.81 115.44
N LEU R 34 57.16 -0.59 115.86
CA LEU R 34 56.93 -0.26 117.26
C LEU R 34 55.93 0.89 117.41
N PRO R 35 54.73 0.64 117.92
CA PRO R 35 53.77 1.73 118.13
C PRO R 35 53.83 2.35 119.51
N GLU R 36 53.29 3.57 119.61
CA GLU R 36 53.25 4.32 120.86
C GLU R 36 51.86 4.92 121.06
N THR R 37 51.69 5.74 122.10
CA THR R 37 50.41 6.39 122.32
C THR R 37 50.10 7.41 121.24
N SER R 38 51.11 8.14 120.77
CA SER R 38 50.90 9.22 119.80
C SER R 38 51.82 9.14 118.59
N SER R 39 52.61 8.08 118.45
CA SER R 39 53.46 7.93 117.28
C SER R 39 53.81 6.45 117.11
N SER R 40 54.26 6.12 115.90
CA SER R 40 54.63 4.76 115.54
C SER R 40 55.96 4.79 114.82
N PHE R 41 56.91 3.98 115.28
CA PHE R 41 58.24 3.94 114.71
C PHE R 41 58.42 2.67 113.90
N ARG R 42 59.11 2.79 112.76
CA ARG R 42 59.18 1.73 111.77
C ARG R 42 60.51 1.83 111.05
N ALA R 43 61.06 0.68 110.65
CA ALA R 43 62.33 0.64 109.94
C ALA R 43 62.30 -0.50 108.94
N LYS R 44 63.10 -0.35 107.88
CA LYS R 44 63.20 -1.33 106.81
C LYS R 44 64.64 -1.43 106.33
N VAL R 45 64.98 -2.59 105.77
CA VAL R 45 66.27 -2.82 105.12
C VAL R 45 65.98 -3.49 103.78
N ARG R 46 66.63 -3.03 102.72
CA ARG R 46 66.35 -3.52 101.38
C ARG R 46 67.64 -3.78 100.61
N HIS R 47 67.65 -4.88 99.86
CA HIS R 47 68.75 -5.25 98.97
C HIS R 47 68.21 -5.45 97.56
N THR R 48 69.01 -5.07 96.56
CA THR R 48 68.60 -5.22 95.17
C THR R 48 69.83 -5.29 94.28
N LYS R 49 69.63 -5.83 93.09
CA LYS R 49 70.68 -5.97 92.08
C LYS R 49 70.16 -5.45 90.75
N GLU R 50 70.97 -4.64 90.07
CA GLU R 50 70.50 -3.89 88.91
C GLU R 50 70.26 -4.80 87.71
N SER R 51 69.83 -4.18 86.61
CA SER R 51 69.56 -4.90 85.38
C SER R 51 70.86 -5.41 84.76
N VAL R 52 70.71 -6.40 83.88
CA VAL R 52 71.84 -7.01 83.18
C VAL R 52 71.91 -6.43 81.77
N LYS R 53 73.10 -5.99 81.37
CA LYS R 53 73.33 -5.48 80.03
C LYS R 53 74.57 -6.13 79.45
N PRO R 54 74.65 -6.27 78.12
CA PRO R 54 75.68 -7.13 77.54
C PRO R 54 77.11 -6.76 77.91
N ASN R 55 77.45 -5.46 77.93
CA ASN R 55 78.84 -5.03 78.04
C ASN R 55 78.97 -3.87 79.03
N GLN R 56 78.33 -3.99 80.18
CA GLN R 56 78.41 -2.98 81.23
C GLN R 56 78.66 -3.68 82.57
N VAL R 57 79.26 -2.95 83.50
CA VAL R 57 79.60 -3.51 84.80
C VAL R 57 78.34 -3.68 85.64
N GLN R 58 78.15 -4.87 86.20
CA GLN R 58 77.04 -5.12 87.10
C GLN R 58 77.27 -4.42 88.45
N TYR R 59 76.19 -3.92 89.05
CA TYR R 59 76.25 -3.07 90.22
C TYR R 59 75.36 -3.61 91.32
N GLU R 60 75.40 -2.95 92.49
CA GLU R 60 74.64 -3.38 93.65
C GLU R 60 74.29 -2.17 94.53
N ARG R 61 73.09 -2.19 95.12
CA ARG R 61 72.60 -1.12 96.00
C ARG R 61 72.19 -1.70 97.35
N HIS R 62 72.35 -0.89 98.40
CA HIS R 62 71.85 -1.20 99.74
C HIS R 62 71.11 0.00 100.29
N ASN R 63 69.95 -0.23 100.91
CA ASN R 63 69.06 0.83 101.37
C ASN R 63 68.58 0.53 102.79
N VAL R 64 68.37 1.57 103.59
CA VAL R 64 67.85 1.43 104.94
C VAL R 64 67.21 2.75 105.36
N GLU R 65 65.96 2.69 105.82
CA GLU R 65 65.20 3.90 106.13
C GLU R 65 64.52 3.83 107.50
N PHE R 66 64.40 5.00 108.12
CA PHE R 66 63.68 5.18 109.38
C PHE R 66 62.50 6.10 109.11
N THR R 67 61.32 5.73 109.60
CA THR R 67 60.11 6.53 109.43
C THR R 67 59.36 6.58 110.75
N GLU R 68 58.85 7.76 111.09
CA GLU R 68 57.99 7.92 112.26
C GLU R 68 56.77 8.72 111.85
N THR R 69 55.59 8.27 112.28
CA THR R 69 54.34 8.92 111.95
C THR R 69 53.69 9.46 113.22
N VAL R 70 53.21 10.69 113.15
CA VAL R 70 52.48 11.33 114.24
C VAL R 70 51.01 11.33 113.88
N TYR R 71 50.17 10.78 114.76
CA TYR R 71 48.76 10.66 114.47
C TYR R 71 48.09 12.03 114.48
N ALA R 72 47.02 12.13 113.68
CA ALA R 72 46.28 13.38 113.59
C ALA R 72 45.70 13.77 114.94
N SER R 73 45.78 15.06 115.26
CA SER R 73 45.25 15.61 116.51
C SER R 73 44.44 16.85 116.17
N GLY R 74 43.12 16.72 116.14
CA GLY R 74 42.28 17.85 115.80
C GLY R 74 42.52 18.31 114.38
N SER R 75 42.76 19.62 114.22
CA SER R 75 42.91 20.19 112.89
C SER R 75 44.13 19.62 112.18
N THR R 76 45.22 19.40 112.90
CA THR R 76 46.47 18.94 112.29
C THR R 76 46.28 17.54 111.69
N PRO R 77 46.52 17.35 110.39
CA PRO R 77 46.40 16.00 109.82
C PRO R 77 47.63 15.14 110.02
N GLU R 78 47.64 13.96 109.38
CA GLU R 78 48.75 13.03 109.48
C GLU R 78 50.02 13.60 108.84
N PHE R 79 51.17 13.26 109.42
CA PHE R 79 52.45 13.63 108.83
C PHE R 79 53.53 12.69 109.33
N VAL R 80 54.65 12.67 108.60
CA VAL R 80 55.71 11.69 108.80
C VAL R 80 57.05 12.41 108.82
N ARG R 81 58.06 11.72 109.36
CA ARG R 81 59.45 12.17 109.32
C ARG R 81 60.32 11.00 108.92
N GLN R 82 61.12 11.19 107.87
CA GLN R 82 61.84 10.10 107.21
C GLN R 82 63.30 10.49 107.00
N ALA R 83 64.16 9.48 106.99
CA ALA R 83 65.58 9.70 106.73
C ALA R 83 66.25 8.36 106.44
N TYR R 84 66.96 8.26 105.32
CA TYR R 84 67.54 7.01 104.89
C TYR R 84 68.82 7.26 104.11
N VAL R 85 69.63 6.20 103.97
CA VAL R 85 70.90 6.23 103.25
C VAL R 85 70.95 5.04 102.31
N VAL R 86 71.64 5.21 101.19
CA VAL R 86 71.77 4.21 100.15
C VAL R 86 73.23 4.13 99.71
N ILE R 87 73.71 2.90 99.47
CA ILE R 87 75.09 2.66 99.07
C ILE R 87 75.09 1.86 97.78
N ARG R 88 75.89 2.29 96.81
CA ARG R 88 75.93 1.67 95.49
C ARG R 88 77.36 1.35 95.10
N HIS R 89 77.59 0.14 94.59
CA HIS R 89 78.92 -0.28 94.13
C HIS R 89 78.75 -1.46 93.19
N LYS R 90 79.87 -2.05 92.77
CA LYS R 90 79.87 -3.07 91.73
C LYS R 90 80.19 -4.44 92.30
N VAL R 91 79.77 -5.48 91.58
CA VAL R 91 79.95 -6.84 92.05
C VAL R 91 81.42 -7.20 91.99
N GLY R 92 81.90 -7.89 93.02
CA GLY R 92 83.28 -8.30 93.10
C GLY R 92 84.21 -7.27 93.69
N ASP R 93 83.74 -6.07 93.99
CA ASP R 93 84.60 -5.04 94.55
C ASP R 93 84.94 -5.37 95.99
N VAL R 94 86.16 -5.01 96.40
CA VAL R 94 86.59 -5.23 97.77
C VAL R 94 85.75 -4.37 98.70
N SER R 95 85.24 -4.97 99.78
CA SER R 95 84.32 -4.27 100.66
C SER R 95 85.01 -3.22 101.52
N ALA R 96 86.33 -3.29 101.65
CA ALA R 96 87.04 -2.37 102.54
C ALA R 96 86.87 -0.93 102.09
N THR R 97 87.04 -0.66 100.80
CA THR R 97 86.92 0.72 100.31
C THR R 97 85.49 1.21 100.43
N VAL R 98 84.51 0.35 100.17
CA VAL R 98 83.12 0.77 100.30
C VAL R 98 82.81 1.13 101.74
N SER R 99 83.27 0.30 102.67
CA SER R 99 83.11 0.61 104.08
C SER R 99 83.82 1.91 104.43
N ASP R 100 84.97 2.16 103.82
CA ASP R 100 85.72 3.39 104.05
C ASP R 100 84.89 4.61 103.66
N LEU R 101 84.33 4.59 102.45
CA LEU R 101 83.52 5.72 101.99
C LEU R 101 82.29 5.89 102.86
N GLY R 102 81.63 4.79 103.22
CA GLY R 102 80.45 4.89 104.07
C GLY R 102 80.79 5.46 105.44
N GLU R 103 81.91 5.03 106.02
CA GLU R 103 82.32 5.57 107.30
C GLU R 103 82.61 7.05 107.20
N ALA R 104 83.26 7.47 106.12
CA ALA R 104 83.51 8.90 105.92
C ALA R 104 82.20 9.67 105.90
N LEU R 105 81.23 9.21 105.10
CA LEU R 105 79.96 9.92 105.00
C LEU R 105 79.27 9.97 106.36
N SER R 106 79.27 8.86 107.09
CA SER R 106 78.64 8.85 108.41
C SER R 106 79.32 9.84 109.35
N PHE R 107 80.65 9.89 109.30
CA PHE R 107 81.38 10.79 110.20
C PHE R 107 81.09 12.26 109.88
N TYR R 108 80.96 12.59 108.59
CA TYR R 108 80.67 13.97 108.23
C TYR R 108 79.40 14.47 108.90
N LEU R 109 78.31 13.71 108.79
CA LEU R 109 77.02 14.17 109.28
C LEU R 109 77.04 14.21 110.80
N ASN R 110 76.63 15.34 111.38
CA ASN R 110 76.64 15.54 112.82
C ASN R 110 75.64 16.64 113.14
N GLU R 111 75.64 17.09 114.39
CA GLU R 111 74.63 18.05 114.83
C GLU R 111 74.69 19.34 114.02
N ALA R 112 75.89 19.94 113.92
CA ALA R 112 76.02 21.20 113.22
C ALA R 112 75.63 21.07 111.76
N LEU R 113 76.03 19.98 111.11
CA LEU R 113 75.70 19.80 109.71
C LEU R 113 74.20 19.69 109.51
N TYR R 114 73.51 18.92 110.35
CA TYR R 114 72.06 18.83 110.21
C TYR R 114 71.39 20.17 110.47
N GLY R 115 71.86 20.90 111.49
CA GLY R 115 71.30 22.21 111.75
C GLY R 115 71.44 23.13 110.56
N LYS R 116 72.64 23.17 109.96
CA LYS R 116 72.84 24.02 108.79
C LYS R 116 72.01 23.55 107.61
N LEU R 117 71.97 22.24 107.39
CA LEU R 117 71.31 21.69 106.21
C LEU R 117 69.79 21.90 106.25
N ILE R 118 69.19 21.87 107.44
CA ILE R 118 67.78 22.22 107.55
C ILE R 118 67.58 23.70 107.23
N GLY R 119 68.60 24.52 107.50
CA GLY R 119 68.51 25.94 107.27
C GLY R 119 68.70 26.36 105.82
N TRP R 120 68.80 25.39 104.90
CA TRP R 120 68.95 25.68 103.47
C TRP R 120 70.22 26.45 103.17
N GLU R 121 71.36 25.86 103.49
CA GLU R 121 72.64 26.38 103.03
C GLU R 121 73.21 25.48 101.95
N SER R 122 73.56 26.08 100.83
CA SER R 122 74.16 25.35 99.73
C SER R 122 75.59 25.82 99.56
N ALA S 1 24.00 -28.06 129.64
CA ALA S 1 22.95 -27.10 130.08
C ALA S 1 23.55 -25.73 130.31
N LEU S 2 24.63 -25.67 131.09
CA LEU S 2 25.35 -24.46 131.45
C LEU S 2 24.53 -23.51 132.33
N GLY S 3 23.29 -23.86 132.66
CA GLY S 3 22.43 -22.97 133.42
C GLY S 3 21.81 -21.89 132.54
N ASP S 4 20.92 -21.12 133.15
CA ASP S 4 20.20 -20.07 132.44
C ASP S 4 20.93 -18.73 132.47
N THR S 5 22.08 -18.64 133.14
CA THR S 5 22.90 -17.44 133.14
C THR S 5 24.34 -17.79 132.84
N LEU S 6 25.04 -16.86 132.19
CA LEU S 6 26.43 -17.03 131.80
C LEU S 6 27.20 -15.82 132.30
N THR S 7 28.32 -16.06 132.99
CA THR S 7 29.07 -15.02 133.67
C THR S 7 30.34 -14.70 132.88
N ILE S 8 30.51 -13.42 132.54
CA ILE S 8 31.68 -12.94 131.84
C ILE S 8 32.41 -11.99 132.78
N THR S 9 33.69 -12.25 133.01
CA THR S 9 34.51 -11.47 133.94
C THR S 9 35.54 -10.68 133.13
N LEU S 10 35.15 -9.48 132.72
CA LEU S 10 36.04 -8.66 131.89
C LEU S 10 37.32 -8.38 132.66
N GLY S 11 38.44 -8.46 131.95
CA GLY S 11 39.74 -8.29 132.59
C GLY S 11 40.28 -9.50 133.30
N GLY S 12 39.75 -10.68 133.04
CA GLY S 12 40.25 -11.87 133.67
C GLY S 12 39.84 -11.96 135.14
N SER S 13 40.63 -12.73 135.89
CA SER S 13 40.34 -12.94 137.30
C SER S 13 40.33 -11.62 138.07
N GLY S 14 39.34 -11.46 138.93
CA GLY S 14 39.25 -10.30 139.79
C GLY S 14 38.67 -9.04 139.15
N GLY S 15 38.20 -9.12 137.91
CA GLY S 15 37.69 -7.95 137.20
C GLY S 15 36.20 -7.76 137.39
N THR S 16 35.64 -6.91 136.52
CA THR S 16 34.21 -6.67 136.53
C THR S 16 33.45 -7.90 136.04
N ALA S 17 32.34 -8.20 136.71
CA ALA S 17 31.51 -9.35 136.38
C ALA S 17 30.22 -8.89 135.72
N LYS S 18 29.88 -9.51 134.59
CA LYS S 18 28.62 -9.29 133.91
C LYS S 18 27.87 -10.62 133.82
N VAL S 19 26.55 -10.57 133.92
CA VAL S 19 25.71 -11.78 133.99
C VAL S 19 24.81 -11.77 132.76
N LEU S 20 25.26 -12.43 131.70
CA LEU S 20 24.41 -12.69 130.55
C LEU S 20 23.33 -13.71 130.92
N ARG S 21 22.22 -13.70 130.18
CA ARG S 21 21.11 -14.60 130.44
C ARG S 21 20.59 -15.21 129.15
N LYS S 22 20.06 -16.42 129.26
CA LYS S 22 19.58 -17.15 128.10
C LYS S 22 18.36 -16.48 127.50
N ILE S 23 18.32 -16.43 126.16
CA ILE S 23 17.21 -15.84 125.41
C ILE S 23 16.53 -16.86 124.51
N ASN S 24 17.33 -17.58 123.70
CA ASN S 24 16.78 -18.43 122.66
C ASN S 24 17.67 -19.65 122.51
N GLN S 25 17.08 -20.73 121.98
CA GLN S 25 17.82 -21.96 121.75
C GLN S 25 17.24 -22.62 120.50
N ASP S 26 17.93 -22.49 119.37
CA ASP S 26 17.48 -23.10 118.13
C ASP S 26 18.67 -23.69 117.37
N GLY S 27 18.40 -24.75 116.64
CA GLY S 27 19.39 -25.29 115.71
C GLY S 27 20.71 -25.63 116.36
N TYR S 28 20.66 -26.33 117.50
CA TYR S 28 21.87 -26.78 118.18
C TYR S 28 22.73 -25.60 118.61
N THR S 29 22.08 -24.49 118.95
CA THR S 29 22.75 -23.27 119.38
C THR S 29 21.96 -22.63 120.51
N SER S 30 22.62 -21.75 121.25
CA SER S 30 22.00 -20.97 122.32
C SER S 30 22.16 -19.48 122.01
N GLU S 31 21.77 -18.64 122.96
CA GLU S 31 21.89 -17.19 122.80
C GLU S 31 21.73 -16.51 124.15
N TYR S 32 22.70 -15.69 124.53
CA TYR S 32 22.72 -15.03 125.83
C TYR S 32 22.88 -13.53 125.62
N TYR S 33 22.11 -12.72 126.35
CA TYR S 33 22.03 -11.30 126.07
C TYR S 33 21.99 -10.51 127.37
N LEU S 34 22.52 -9.27 127.32
CA LEU S 34 22.41 -8.32 128.42
C LEU S 34 22.55 -6.89 127.90
N PRO S 35 21.49 -6.07 127.98
CA PRO S 35 21.58 -4.69 127.48
C PRO S 35 22.03 -3.70 128.54
N GLU S 36 22.62 -2.61 128.06
CA GLU S 36 23.11 -1.54 128.92
C GLU S 36 22.89 -0.21 128.21
N THR S 37 23.10 0.89 128.95
CA THR S 37 22.83 2.21 128.40
C THR S 37 23.72 2.53 127.21
N SER S 38 25.01 2.23 127.31
CA SER S 38 25.98 2.64 126.30
C SER S 38 26.40 1.53 125.35
N SER S 39 26.15 0.27 125.68
CA SER S 39 26.59 -0.84 124.84
C SER S 39 25.74 -2.07 125.14
N SER S 40 26.16 -3.22 124.61
CA SER S 40 25.40 -4.45 124.76
C SER S 40 26.37 -5.63 124.75
N PHE S 41 25.91 -6.75 125.28
CA PHE S 41 26.71 -7.96 125.38
C PHE S 41 25.92 -9.14 124.85
N ARG S 42 26.57 -9.98 124.05
CA ARG S 42 25.92 -11.10 123.40
C ARG S 42 26.89 -12.27 123.39
N ALA S 43 26.41 -13.46 123.74
CA ALA S 43 27.20 -14.68 123.69
C ALA S 43 26.37 -15.77 123.04
N LYS S 44 26.99 -16.50 122.12
CA LYS S 44 26.28 -17.51 121.36
C LYS S 44 27.17 -18.74 121.29
N VAL S 45 26.57 -19.93 121.30
CA VAL S 45 27.33 -21.18 121.22
C VAL S 45 26.74 -22.03 120.12
N ARG S 46 27.60 -22.75 119.40
CA ARG S 46 27.16 -23.53 118.25
C ARG S 46 27.81 -24.91 118.26
N HIS S 47 27.06 -25.89 117.72
CA HIS S 47 27.55 -27.22 117.43
C HIS S 47 27.18 -27.57 116.00
N THR S 48 28.06 -28.28 115.29
CA THR S 48 27.83 -28.61 113.90
C THR S 48 28.56 -29.89 113.53
N LYS S 49 28.02 -30.57 112.53
CA LYS S 49 28.55 -31.85 112.04
C LYS S 49 28.84 -31.70 110.55
N GLU S 50 30.10 -31.88 110.16
CA GLU S 50 30.49 -31.60 108.79
C GLU S 50 29.91 -32.62 107.81
N SER S 51 30.00 -32.28 106.53
CA SER S 51 29.33 -33.05 105.49
C SER S 51 29.90 -34.46 105.41
N VAL S 52 29.02 -35.41 105.12
CA VAL S 52 29.39 -36.82 105.05
C VAL S 52 30.05 -37.10 103.71
N LYS S 53 31.04 -37.99 103.74
CA LYS S 53 31.81 -38.41 102.59
C LYS S 53 31.85 -39.93 102.57
N PRO S 54 32.04 -40.54 101.39
CA PRO S 54 31.87 -42.00 101.31
C PRO S 54 32.91 -42.80 102.09
N ASN S 55 34.19 -42.46 102.00
CA ASN S 55 35.24 -43.24 102.66
C ASN S 55 36.26 -42.34 103.35
N GLN S 56 35.77 -41.33 104.07
CA GLN S 56 36.62 -40.40 104.81
C GLN S 56 36.16 -40.30 106.26
N VAL S 57 37.01 -39.69 107.09
CA VAL S 57 36.72 -39.57 108.52
C VAL S 57 35.65 -38.51 108.75
N GLN S 58 34.77 -38.78 109.69
CA GLN S 58 33.68 -37.88 110.03
C GLN S 58 33.99 -37.13 111.31
N TYR S 59 33.71 -35.82 111.30
CA TYR S 59 34.22 -34.89 112.31
C TYR S 59 33.10 -34.09 112.96
N GLU S 60 33.43 -33.49 114.11
CA GLU S 60 32.55 -32.61 114.85
C GLU S 60 33.27 -31.29 115.16
N ARG S 61 32.50 -30.21 115.21
CA ARG S 61 33.02 -28.86 115.45
C ARG S 61 32.21 -28.17 116.54
N HIS S 62 32.89 -27.50 117.47
CA HIS S 62 32.25 -26.72 118.52
C HIS S 62 32.81 -25.30 118.54
N ASN S 63 31.97 -24.34 118.92
CA ASN S 63 32.35 -22.93 118.87
C ASN S 63 31.68 -22.16 119.99
N VAL S 64 32.41 -21.17 120.52
CA VAL S 64 31.91 -20.27 121.57
C VAL S 64 32.35 -18.86 121.22
N GLU S 65 31.42 -17.90 121.29
CA GLU S 65 31.63 -16.57 120.73
C GLU S 65 31.15 -15.49 121.70
N PHE S 66 31.97 -14.46 121.89
CA PHE S 66 31.63 -13.28 122.67
C PHE S 66 31.66 -12.05 121.78
N THR S 67 30.66 -11.18 121.93
CA THR S 67 30.55 -9.96 121.13
C THR S 67 30.13 -8.80 122.00
N GLU S 68 30.75 -7.64 121.76
CA GLU S 68 30.40 -6.39 122.43
C GLU S 68 30.21 -5.32 121.37
N THR S 69 29.04 -4.69 121.37
CA THR S 69 28.67 -3.70 120.37
C THR S 69 28.54 -2.35 121.05
N VAL S 70 29.21 -1.34 120.49
CA VAL S 70 29.20 0.01 121.02
C VAL S 70 28.28 0.86 120.16
N TYR S 71 27.20 1.35 120.75
CA TYR S 71 26.24 2.16 120.01
C TYR S 71 26.89 3.45 119.53
N ALA S 72 26.44 3.92 118.37
CA ALA S 72 26.95 5.16 117.81
C ALA S 72 26.58 6.33 118.70
N SER S 73 27.56 7.19 118.96
CA SER S 73 27.34 8.40 119.74
C SER S 73 28.13 9.53 119.13
N GLY S 74 27.48 10.69 119.00
CA GLY S 74 28.14 11.81 118.35
C GLY S 74 28.54 11.45 116.93
N SER S 75 29.77 11.78 116.58
CA SER S 75 30.27 11.48 115.23
C SER S 75 30.69 10.03 115.07
N THR S 76 30.91 9.31 116.15
CA THR S 76 31.43 7.94 116.07
C THR S 76 30.35 6.97 115.63
N PRO S 77 30.56 6.19 114.56
CA PRO S 77 29.54 5.21 114.15
C PRO S 77 29.63 3.91 114.93
N GLU S 78 28.78 2.94 114.55
CA GLU S 78 28.74 1.66 115.23
C GLU S 78 30.04 0.88 115.03
N PHE S 79 30.44 0.13 116.05
CA PHE S 79 31.57 -0.78 115.91
C PHE S 79 31.47 -1.84 117.01
N VAL S 80 32.14 -2.97 116.76
CA VAL S 80 31.98 -4.17 117.58
C VAL S 80 33.34 -4.75 117.96
N ARG S 81 33.35 -5.50 119.05
CA ARG S 81 34.52 -6.26 119.51
C ARG S 81 34.10 -7.73 119.64
N GLN S 82 34.92 -8.63 119.11
CA GLN S 82 34.56 -10.03 118.97
C GLN S 82 35.72 -10.92 119.39
N ALA S 83 35.40 -12.14 119.83
CA ALA S 83 36.41 -13.11 120.21
C ALA S 83 35.74 -14.47 120.36
N TYR S 84 36.25 -15.48 119.64
CA TYR S 84 35.61 -16.79 119.64
C TYR S 84 36.63 -17.90 119.53
N VAL S 85 36.19 -19.12 119.86
CA VAL S 85 37.01 -20.32 119.87
C VAL S 85 36.35 -21.39 119.00
N VAL S 86 37.16 -22.31 118.50
CA VAL S 86 36.70 -23.43 117.70
C VAL S 86 37.44 -24.69 118.11
N ILE S 87 36.71 -25.79 118.27
CA ILE S 87 37.29 -27.09 118.57
C ILE S 87 36.80 -28.09 117.53
N ARG S 88 37.69 -28.97 117.08
CA ARG S 88 37.31 -29.97 116.10
C ARG S 88 38.02 -31.28 116.41
N HIS S 89 37.28 -32.38 116.37
CA HIS S 89 37.81 -33.70 116.67
C HIS S 89 36.91 -34.74 116.01
N LYS S 90 37.24 -36.01 116.22
CA LYS S 90 36.53 -37.10 115.57
C LYS S 90 35.15 -37.30 116.23
N VAL S 91 34.41 -38.26 115.70
CA VAL S 91 33.06 -38.53 116.20
C VAL S 91 33.11 -39.50 117.39
N GLY S 92 34.11 -40.36 117.45
CA GLY S 92 34.26 -41.27 118.56
C GLY S 92 35.60 -41.17 119.28
N ASP S 93 36.17 -39.97 119.31
CA ASP S 93 37.48 -39.78 119.93
C ASP S 93 37.39 -39.97 121.43
N VAL S 94 38.49 -39.69 122.12
CA VAL S 94 38.56 -39.70 123.57
C VAL S 94 38.42 -38.27 124.07
N SER S 95 37.46 -38.04 124.96
CA SER S 95 37.17 -36.67 125.40
C SER S 95 38.35 -36.07 126.16
N ALA S 96 39.03 -36.88 126.96
CA ALA S 96 40.06 -36.35 127.85
C ALA S 96 41.19 -35.68 127.06
N THR S 97 41.60 -36.27 125.93
CA THR S 97 42.72 -35.71 125.18
C THR S 97 42.34 -34.38 124.55
N VAL S 98 41.16 -34.29 123.96
CA VAL S 98 40.70 -33.03 123.39
C VAL S 98 40.61 -31.97 124.48
N SER S 99 40.11 -32.38 125.66
CA SER S 99 40.05 -31.46 126.78
C SER S 99 41.43 -30.97 127.18
N ASP S 100 42.41 -31.87 127.19
CA ASP S 100 43.76 -31.49 127.57
C ASP S 100 44.35 -30.50 126.57
N LEU S 101 44.15 -30.73 125.28
CA LEU S 101 44.64 -29.81 124.27
C LEU S 101 43.98 -28.44 124.42
N GLY S 102 42.67 -28.42 124.67
CA GLY S 102 41.99 -27.15 124.87
C GLY S 102 42.49 -26.40 126.09
N GLU S 103 42.73 -27.12 127.18
CA GLU S 103 43.27 -26.48 128.37
C GLU S 103 44.66 -25.94 128.12
N ALA S 104 45.46 -26.66 127.32
CA ALA S 104 46.77 -26.13 126.93
C ALA S 104 46.62 -24.81 126.19
N LEU S 105 45.74 -24.77 125.20
CA LEU S 105 45.55 -23.54 124.44
C LEU S 105 45.08 -22.40 125.33
N SER S 106 44.16 -22.69 126.25
CA SER S 106 43.69 -21.65 127.16
C SER S 106 44.81 -21.17 128.07
N PHE S 107 45.64 -22.08 128.57
CA PHE S 107 46.74 -21.70 129.45
C PHE S 107 47.76 -20.84 128.73
N TYR S 108 48.02 -21.12 127.45
CA TYR S 108 49.00 -20.34 126.71
C TYR S 108 48.59 -18.87 126.65
N LEU S 109 47.31 -18.62 126.39
CA LEU S 109 46.81 -17.26 126.15
C LEU S 109 46.73 -16.51 127.48
N ASN S 110 47.53 -15.47 127.64
CA ASN S 110 47.52 -14.60 128.80
C ASN S 110 47.53 -13.14 128.34
N GLU S 111 47.60 -12.22 129.31
CA GLU S 111 47.57 -10.81 128.97
C GLU S 111 48.81 -10.41 128.17
N ALA S 112 49.99 -10.88 128.58
CA ALA S 112 51.20 -10.49 127.86
C ALA S 112 51.14 -10.95 126.41
N LEU S 113 50.70 -12.19 126.16
CA LEU S 113 50.62 -12.68 124.79
C LEU S 113 49.58 -11.91 123.98
N TYR S 114 48.46 -11.53 124.59
CA TYR S 114 47.49 -10.70 123.88
C TYR S 114 48.10 -9.35 123.50
N GLY S 115 48.83 -8.74 124.42
CA GLY S 115 49.54 -7.51 124.08
C GLY S 115 50.52 -7.72 122.95
N LYS S 116 51.18 -8.88 122.93
CA LYS S 116 52.10 -9.21 121.85
C LYS S 116 51.36 -9.28 120.52
N LEU S 117 50.22 -9.97 120.50
CA LEU S 117 49.44 -10.09 119.26
C LEU S 117 48.99 -8.73 118.75
N ILE S 118 48.59 -7.84 119.66
CA ILE S 118 48.20 -6.51 119.22
C ILE S 118 49.38 -5.80 118.57
N GLY S 119 50.60 -6.27 118.79
CA GLY S 119 51.79 -5.68 118.18
C GLY S 119 52.06 -6.08 116.75
N TRP S 120 51.24 -6.92 116.14
CA TRP S 120 51.40 -7.48 114.79
C TRP S 120 52.62 -8.38 114.66
N GLU S 121 53.40 -8.60 115.71
CA GLU S 121 54.61 -9.40 115.57
C GLU S 121 54.25 -10.88 115.49
N SER S 122 54.64 -11.49 114.38
CA SER S 122 54.32 -12.89 114.13
C SER S 122 55.17 -13.81 115.00
N ALA T 1 7.51 -30.74 127.93
CA ALA T 1 7.74 -30.47 129.37
C ALA T 1 8.08 -31.75 130.13
N LEU T 2 8.55 -32.78 129.42
CA LEU T 2 8.87 -34.04 130.08
C LEU T 2 9.97 -33.84 131.13
N GLY T 3 11.00 -33.07 130.79
CA GLY T 3 12.10 -32.83 131.70
C GLY T 3 13.42 -32.66 130.96
N ASP T 4 14.43 -32.15 131.66
CA ASP T 4 15.72 -31.94 131.01
C ASP T 4 16.51 -33.23 130.82
N THR T 5 16.34 -34.21 131.72
CA THR T 5 17.05 -35.48 131.63
C THR T 5 16.08 -36.62 131.39
N LEU T 6 16.44 -37.50 130.45
CA LEU T 6 15.66 -38.70 130.11
C LEU T 6 16.47 -39.91 130.53
N THR T 7 15.82 -40.84 131.23
CA THR T 7 16.49 -42.02 131.76
C THR T 7 16.10 -43.25 130.96
N ILE T 8 17.11 -44.04 130.57
CA ILE T 8 16.91 -45.30 129.89
C ILE T 8 17.53 -46.40 130.74
N THR T 9 16.76 -47.45 131.01
CA THR T 9 17.21 -48.59 131.80
C THR T 9 17.30 -49.80 130.87
N LEU T 10 18.51 -50.11 130.42
CA LEU T 10 18.69 -51.23 129.51
C LEU T 10 18.30 -52.53 130.20
N GLY T 11 17.76 -53.45 129.40
CA GLY T 11 17.30 -54.71 129.95
C GLY T 11 16.09 -54.61 130.84
N GLY T 12 15.13 -53.74 130.50
CA GLY T 12 13.90 -53.66 131.26
C GLY T 12 14.10 -53.00 132.62
N SER T 13 13.50 -53.59 133.65
CA SER T 13 13.61 -53.08 135.01
C SER T 13 14.85 -53.59 135.73
N GLY T 14 15.69 -54.36 135.07
CA GLY T 14 16.86 -54.95 135.71
C GLY T 14 17.81 -53.93 136.31
N GLY T 15 18.44 -53.13 135.46
CA GLY T 15 19.42 -52.17 135.91
C GLY T 15 20.11 -51.49 134.75
N THR T 16 21.36 -51.05 134.97
CA THR T 16 22.15 -50.39 133.92
C THR T 16 21.41 -49.18 133.37
N ALA T 17 21.17 -48.21 134.25
CA ALA T 17 20.42 -47.01 133.91
C ALA T 17 21.34 -45.94 133.33
N LYS T 18 20.95 -45.39 132.20
CA LYS T 18 21.66 -44.29 131.55
C LYS T 18 20.81 -43.02 131.61
N VAL T 19 21.47 -41.87 131.70
CA VAL T 19 20.80 -40.57 131.75
C VAL T 19 21.28 -39.74 130.57
N LEU T 20 20.33 -39.22 129.80
CA LEU T 20 20.61 -38.37 128.66
C LEU T 20 20.21 -36.93 128.98
N ARG T 21 20.82 -35.99 128.27
CA ARG T 21 20.61 -34.57 128.49
C ARG T 21 19.93 -33.94 127.28
N LYS T 22 19.05 -32.97 127.53
CA LYS T 22 18.40 -32.28 126.42
C LYS T 22 19.42 -31.49 125.63
N ILE T 23 19.28 -31.52 124.30
CA ILE T 23 20.25 -30.91 123.39
C ILE T 23 19.55 -29.86 122.53
N ASN T 24 18.26 -30.02 122.31
CA ASN T 24 17.54 -29.16 121.38
C ASN T 24 16.04 -29.24 121.63
N GLN T 25 15.32 -28.24 121.14
CA GLN T 25 13.86 -28.23 121.18
C GLN T 25 13.36 -27.35 120.02
N ASP T 26 13.03 -28.00 118.90
CA ASP T 26 12.51 -27.31 117.72
C ASP T 26 11.26 -28.00 117.19
N GLY T 27 10.28 -27.20 116.81
CA GLY T 27 9.11 -27.69 116.11
C GLY T 27 8.30 -28.73 116.86
N TYR T 28 8.04 -28.51 118.14
CA TYR T 28 7.38 -29.51 118.97
C TYR T 28 8.16 -30.82 118.97
N THR T 29 9.49 -30.71 119.09
CA THR T 29 10.36 -31.87 119.09
C THR T 29 11.44 -31.67 120.14
N SER T 30 12.13 -32.75 120.46
CA SER T 30 13.17 -32.74 121.48
C SER T 30 14.40 -33.51 121.01
N GLU T 31 15.50 -33.28 121.71
CA GLU T 31 16.76 -34.02 121.58
C GLU T 31 17.20 -34.48 122.96
N TYR T 32 17.77 -35.69 123.01
CA TYR T 32 18.49 -36.18 124.17
C TYR T 32 19.73 -36.90 123.68
N TYR T 33 20.84 -36.79 124.43
CA TYR T 33 22.09 -37.36 123.96
C TYR T 33 22.99 -37.69 125.14
N LEU T 34 23.88 -38.67 124.93
CA LEU T 34 24.90 -39.05 125.89
C LEU T 34 26.00 -39.84 125.19
N PRO T 35 27.25 -39.43 125.25
CA PRO T 35 28.35 -40.23 124.69
C PRO T 35 29.05 -41.08 125.73
N GLU T 36 29.68 -42.15 125.26
CA GLU T 36 30.37 -43.11 126.10
C GLU T 36 31.69 -43.47 125.43
N THR T 37 32.34 -44.52 125.93
CA THR T 37 33.64 -44.90 125.37
C THR T 37 33.50 -45.52 123.99
N SER T 38 32.57 -46.47 123.83
CA SER T 38 32.42 -47.20 122.58
C SER T 38 31.05 -47.04 121.94
N SER T 39 30.16 -46.23 122.50
CA SER T 39 28.86 -46.02 121.90
C SER T 39 28.25 -44.74 122.44
N SER T 40 27.11 -44.36 121.88
CA SER T 40 26.39 -43.16 122.29
C SER T 40 24.90 -43.43 122.23
N PHE T 41 24.15 -42.69 123.04
CA PHE T 41 22.70 -42.84 123.13
C PHE T 41 22.01 -41.52 122.82
N ARG T 42 20.91 -41.62 122.06
CA ARG T 42 20.13 -40.48 121.62
C ARG T 42 18.65 -40.81 121.76
N ALA T 43 17.82 -39.80 122.04
CA ALA T 43 16.38 -39.99 122.07
C ALA T 43 15.68 -38.80 121.43
N LYS T 44 14.57 -39.08 120.75
CA LYS T 44 13.74 -38.08 120.08
C LYS T 44 12.30 -38.19 120.58
N VAL T 45 11.59 -37.07 120.56
CA VAL T 45 10.14 -37.05 120.71
C VAL T 45 9.60 -36.05 119.70
N ARG T 46 8.67 -36.47 118.86
CA ARG T 46 8.12 -35.63 117.81
C ARG T 46 6.60 -35.72 117.79
N HIS T 47 5.95 -34.58 117.53
CA HIS T 47 4.51 -34.51 117.34
C HIS T 47 4.20 -33.95 115.96
N THR T 48 3.06 -34.37 115.40
CA THR T 48 2.70 -34.01 114.03
C THR T 48 1.19 -34.07 113.85
N LYS T 49 0.70 -33.32 112.86
CA LYS T 49 -0.69 -33.37 112.41
C LYS T 49 -0.71 -33.76 110.95
N GLU T 50 -1.52 -34.76 110.61
CA GLU T 50 -1.60 -35.24 109.23
C GLU T 50 -2.04 -34.13 108.29
N SER T 51 -1.80 -34.34 107.00
CA SER T 51 -2.20 -33.38 105.98
C SER T 51 -3.72 -33.29 105.93
N VAL T 52 -4.22 -32.09 105.64
CA VAL T 52 -5.65 -31.83 105.60
C VAL T 52 -6.18 -32.17 104.22
N LYS T 53 -7.23 -32.99 104.17
CA LYS T 53 -7.95 -33.30 102.94
C LYS T 53 -9.42 -33.01 103.19
N PRO T 54 -10.13 -32.42 102.22
CA PRO T 54 -11.43 -31.78 102.55
C PRO T 54 -12.47 -32.70 103.19
N ASN T 55 -12.59 -33.95 102.75
CA ASN T 55 -13.70 -34.80 103.17
C ASN T 55 -13.22 -36.09 103.85
N GLN T 56 -12.30 -35.96 104.80
CA GLN T 56 -11.88 -37.09 105.63
C GLN T 56 -11.56 -36.59 107.02
N VAL T 57 -11.43 -37.53 107.96
CA VAL T 57 -11.18 -37.18 109.35
C VAL T 57 -9.75 -36.69 109.51
N GLN T 58 -9.57 -35.75 110.43
CA GLN T 58 -8.25 -35.18 110.71
C GLN T 58 -7.58 -35.98 111.82
N TYR T 59 -6.26 -36.15 111.71
CA TYR T 59 -5.55 -37.14 112.49
C TYR T 59 -4.28 -36.56 113.10
N GLU T 60 -3.73 -37.28 114.10
CA GLU T 60 -2.54 -36.88 114.82
C GLU T 60 -1.60 -38.07 115.00
N ARG T 61 -0.30 -37.79 115.10
CA ARG T 61 0.72 -38.80 115.31
C ARG T 61 1.63 -38.40 116.47
N HIS T 62 2.01 -39.36 117.30
CA HIS T 62 2.99 -39.16 118.37
C HIS T 62 3.95 -40.34 118.38
N ASN T 63 5.26 -40.05 118.37
CA ASN T 63 6.31 -41.06 118.25
C ASN T 63 7.47 -40.79 119.22
N VAL T 64 8.13 -41.87 119.62
CA VAL T 64 9.34 -41.78 120.44
C VAL T 64 10.26 -42.94 120.06
N GLU T 65 11.56 -42.65 119.92
CA GLU T 65 12.52 -43.64 119.46
C GLU T 65 13.77 -43.63 120.33
N PHE T 66 14.36 -44.81 120.49
CA PHE T 66 15.66 -44.99 121.13
C PHE T 66 16.60 -45.56 120.08
N THR T 67 17.80 -44.98 119.94
CA THR T 67 18.77 -45.49 118.99
C THR T 67 20.16 -45.50 119.61
N GLU T 68 20.94 -46.52 119.26
CA GLU T 68 22.30 -46.70 119.78
C GLU T 68 23.24 -46.93 118.60
N THR T 69 24.34 -46.17 118.57
CA THR T 69 25.38 -46.33 117.56
C THR T 69 26.67 -46.80 118.23
N VAL T 70 27.33 -47.76 117.60
CA VAL T 70 28.54 -48.38 118.13
C VAL T 70 29.69 -48.03 117.20
N TYR T 71 30.73 -47.41 117.76
CA TYR T 71 31.84 -46.93 116.94
C TYR T 71 32.64 -48.10 116.38
N ALA T 72 33.19 -47.89 115.18
CA ALA T 72 33.89 -48.96 114.49
C ALA T 72 35.18 -49.32 115.22
N SER T 73 35.53 -50.61 115.16
CA SER T 73 36.74 -51.11 115.76
C SER T 73 37.28 -52.23 114.89
N GLY T 74 38.59 -52.23 114.67
CA GLY T 74 39.18 -53.22 113.78
C GLY T 74 38.60 -53.10 112.39
N SER T 75 38.27 -54.24 111.80
CA SER T 75 37.70 -54.26 110.45
C SER T 75 36.18 -54.09 110.44
N THR T 76 35.53 -54.12 111.60
CA THR T 76 34.08 -54.02 111.64
C THR T 76 33.64 -52.57 111.52
N PRO T 77 32.83 -52.22 110.51
CA PRO T 77 32.43 -50.81 110.34
C PRO T 77 31.36 -50.37 111.33
N GLU T 78 30.87 -49.13 111.15
CA GLU T 78 29.84 -48.58 112.01
C GLU T 78 28.54 -49.36 111.86
N PHE T 79 27.75 -49.38 112.93
CA PHE T 79 26.37 -49.88 112.86
C PHE T 79 25.59 -49.31 114.03
N VAL T 80 24.27 -49.52 113.99
CA VAL T 80 23.35 -48.82 114.89
C VAL T 80 22.23 -49.79 115.26
N ARG T 81 21.61 -49.52 116.41
CA ARG T 81 20.39 -50.20 116.82
C ARG T 81 19.34 -49.17 117.22
N GLN T 82 18.08 -49.46 116.94
CA GLN T 82 17.00 -48.57 117.35
C GLN T 82 15.69 -49.33 117.36
N ALA T 83 14.73 -48.79 118.12
CA ALA T 83 13.38 -49.31 118.13
C ALA T 83 12.46 -48.19 118.62
N TYR T 84 11.30 -48.04 117.98
CA TYR T 84 10.46 -46.89 118.26
C TYR T 84 8.99 -47.25 118.18
N VAL T 85 8.15 -46.39 118.78
CA VAL T 85 6.70 -46.55 118.79
C VAL T 85 6.06 -45.28 118.27
N VAL T 86 4.83 -45.42 117.79
CA VAL T 86 4.02 -44.29 117.35
C VAL T 86 2.59 -44.47 117.86
N ILE T 87 1.93 -43.36 118.15
CA ILE T 87 0.49 -43.31 118.38
C ILE T 87 -0.12 -42.44 117.29
N ARG T 88 -1.25 -42.89 116.72
CA ARG T 88 -1.75 -42.38 115.45
C ARG T 88 -3.28 -42.41 115.55
N HIS T 89 -3.88 -41.30 115.97
CA HIS T 89 -5.30 -41.28 116.31
C HIS T 89 -5.92 -39.95 115.92
N LYS T 90 -7.24 -39.93 115.88
CA LYS T 90 -7.97 -38.77 115.34
C LYS T 90 -8.01 -37.63 116.36
N VAL T 91 -8.31 -36.44 115.84
CA VAL T 91 -8.39 -35.24 116.66
C VAL T 91 -9.71 -35.24 117.43
N GLY T 92 -9.65 -34.80 118.67
CA GLY T 92 -10.84 -34.71 119.50
C GLY T 92 -11.33 -36.03 120.05
N ASP T 93 -10.56 -37.11 119.92
CA ASP T 93 -10.98 -38.41 120.44
C ASP T 93 -10.88 -38.40 121.97
N VAL T 94 -11.33 -39.48 122.59
CA VAL T 94 -11.28 -39.60 124.04
C VAL T 94 -9.88 -40.00 124.46
N SER T 95 -9.31 -39.26 125.42
CA SER T 95 -7.91 -39.46 125.78
C SER T 95 -7.68 -40.82 126.40
N ALA T 96 -8.49 -41.19 127.38
CA ALA T 96 -8.25 -42.45 128.11
C ALA T 96 -8.41 -43.65 127.18
N THR T 97 -9.40 -43.61 126.29
CA THR T 97 -9.60 -44.73 125.37
C THR T 97 -8.38 -44.92 124.49
N VAL T 98 -7.82 -43.83 123.96
CA VAL T 98 -6.63 -43.94 123.13
C VAL T 98 -5.44 -44.42 123.96
N SER T 99 -5.34 -43.94 125.20
CA SER T 99 -4.26 -44.40 126.07
C SER T 99 -4.36 -45.89 126.35
N ASP T 100 -5.57 -46.45 126.33
CA ASP T 100 -5.73 -47.89 126.56
C ASP T 100 -4.91 -48.70 125.56
N LEU T 101 -5.10 -48.44 124.27
CA LEU T 101 -4.17 -48.92 123.27
C LEU T 101 -2.82 -48.26 123.52
N GLY T 102 -1.78 -48.82 122.91
CA GLY T 102 -0.44 -48.32 123.19
C GLY T 102 0.08 -48.92 124.48
N GLU T 103 -0.59 -48.66 125.61
CA GLU T 103 -0.15 -49.33 126.83
C GLU T 103 -0.47 -50.81 126.80
N ALA T 104 -1.57 -51.21 126.14
CA ALA T 104 -1.77 -52.64 125.90
C ALA T 104 -0.61 -53.24 125.11
N LEU T 105 -0.19 -52.54 124.05
CA LEU T 105 0.94 -53.02 123.25
C LEU T 105 2.19 -53.13 124.09
N SER T 106 2.45 -52.14 124.95
CA SER T 106 3.65 -52.17 125.78
C SER T 106 3.61 -53.36 126.73
N PHE T 107 2.43 -53.65 127.30
CA PHE T 107 2.29 -54.84 128.14
C PHE T 107 2.55 -56.11 127.36
N TYR T 108 2.11 -56.17 126.10
CA TYR T 108 2.27 -57.40 125.33
C TYR T 108 3.75 -57.71 125.12
N LEU T 109 4.57 -56.69 124.91
CA LEU T 109 5.99 -56.86 124.63
C LEU T 109 6.78 -57.18 125.90
N ASN T 110 7.75 -58.08 125.78
CA ASN T 110 8.59 -58.50 126.89
C ASN T 110 9.74 -59.34 126.33
N GLU T 111 10.49 -60.01 127.21
CA GLU T 111 11.65 -60.77 126.77
C GLU T 111 11.27 -61.88 125.80
N ALA T 112 10.32 -62.73 126.20
CA ALA T 112 10.01 -63.91 125.39
C ALA T 112 9.52 -63.50 124.01
N LEU T 113 8.61 -62.52 123.95
CA LEU T 113 8.07 -62.11 122.67
C LEU T 113 9.13 -61.43 121.81
N TYR T 114 10.05 -60.69 122.43
CA TYR T 114 11.12 -60.08 121.65
C TYR T 114 12.04 -61.13 121.04
N GLY T 115 12.39 -62.15 121.82
CA GLY T 115 13.16 -63.25 121.26
C GLY T 115 12.41 -63.93 120.13
N LYS T 116 11.12 -64.15 120.31
CA LYS T 116 10.30 -64.75 119.27
C LYS T 116 10.28 -63.87 118.02
N LEU T 117 10.10 -62.57 118.19
CA LEU T 117 10.03 -61.66 117.04
C LEU T 117 11.32 -61.65 116.26
N ILE T 118 12.48 -61.55 116.94
CA ILE T 118 13.73 -61.69 116.21
C ILE T 118 13.86 -63.11 115.67
N GLY T 119 13.03 -64.03 116.15
CA GLY T 119 12.95 -65.36 115.59
C GLY T 119 12.47 -65.43 114.15
N TRP T 120 11.99 -64.31 113.58
CA TRP T 120 11.55 -64.30 112.19
C TRP T 120 10.28 -65.10 111.93
N GLU T 121 9.61 -65.60 112.96
CA GLU T 121 8.34 -66.27 112.71
C GLU T 121 7.22 -65.24 112.68
N SER T 122 6.02 -65.70 112.32
CA SER T 122 4.90 -64.80 112.10
C SER T 122 3.61 -65.39 112.67
N ALA U 1 13.44 -18.63 129.76
CA ALA U 1 14.00 -18.60 131.15
C ALA U 1 12.90 -18.40 132.18
N LEU U 2 11.64 -18.39 131.72
CA LEU U 2 10.52 -18.27 132.65
C LEU U 2 10.42 -19.49 133.56
N GLY U 3 10.64 -20.68 133.00
CA GLY U 3 10.50 -21.94 133.68
C GLY U 3 9.73 -22.91 132.82
N ASP U 4 9.27 -24.00 133.43
CA ASP U 4 8.51 -25.02 132.71
C ASP U 4 7.01 -24.86 132.94
N THR U 5 6.59 -24.50 134.15
CA THR U 5 5.18 -24.33 134.47
C THR U 5 4.83 -22.86 134.58
N LEU U 6 3.71 -22.48 133.97
CA LEU U 6 3.13 -21.14 134.04
C LEU U 6 1.79 -21.24 134.75
N THR U 7 1.59 -20.39 135.75
CA THR U 7 0.40 -20.47 136.60
C THR U 7 -0.54 -19.31 136.30
N ILE U 8 -1.79 -19.64 136.01
CA ILE U 8 -2.87 -18.67 135.83
C ILE U 8 -3.84 -18.82 136.99
N THR U 9 -4.18 -17.70 137.63
CA THR U 9 -5.10 -17.67 138.75
C THR U 9 -6.39 -17.01 138.28
N LEU U 10 -7.31 -17.82 137.76
CA LEU U 10 -8.60 -17.29 137.34
C LEU U 10 -9.31 -16.63 138.51
N GLY U 11 -9.88 -15.46 138.27
CA GLY U 11 -10.59 -14.75 139.31
C GLY U 11 -9.74 -13.94 140.26
N GLY U 12 -8.52 -13.58 139.85
CA GLY U 12 -7.67 -12.80 140.72
C GLY U 12 -7.11 -13.60 141.88
N SER U 13 -6.68 -12.88 142.91
CA SER U 13 -6.10 -13.52 144.08
C SER U 13 -7.14 -14.41 144.77
N GLY U 14 -6.67 -15.56 145.26
CA GLY U 14 -7.53 -16.48 145.99
C GLY U 14 -8.41 -17.36 145.12
N GLY U 15 -8.20 -17.38 143.82
CA GLY U 15 -9.05 -18.12 142.91
C GLY U 15 -8.52 -19.51 142.63
N THR U 16 -9.00 -20.07 141.52
CA THR U 16 -8.57 -21.37 141.05
C THR U 16 -7.30 -21.24 140.22
N ALA U 17 -6.36 -22.15 140.44
CA ALA U 17 -5.06 -22.10 139.78
C ALA U 17 -4.99 -23.15 138.69
N LYS U 18 -4.53 -22.73 137.51
CA LYS U 18 -4.20 -23.63 136.41
C LYS U 18 -2.73 -23.45 136.07
N VAL U 19 -2.04 -24.58 135.87
CA VAL U 19 -0.60 -24.59 135.64
C VAL U 19 -0.38 -25.11 134.22
N LEU U 20 0.00 -24.23 133.30
CA LEU U 20 0.23 -24.66 131.93
C LEU U 20 1.66 -25.15 131.76
N ARG U 21 1.85 -26.04 130.80
CA ARG U 21 3.12 -26.69 130.51
C ARG U 21 3.77 -26.05 129.29
N LYS U 22 5.09 -25.89 129.32
CA LYS U 22 5.80 -25.44 128.13
C LYS U 22 5.80 -26.52 127.06
N ILE U 23 5.58 -26.11 125.82
CA ILE U 23 5.53 -27.02 124.68
C ILE U 23 6.62 -26.69 123.65
N ASN U 24 6.78 -25.41 123.30
CA ASN U 24 7.64 -25.04 122.19
C ASN U 24 8.40 -23.77 122.53
N GLN U 25 9.57 -23.61 121.89
CA GLN U 25 10.31 -22.36 121.96
C GLN U 25 11.24 -22.36 120.74
N ASP U 26 10.85 -21.62 119.69
CA ASP U 26 11.59 -21.66 118.42
C ASP U 26 12.04 -20.30 117.93
N GLY U 27 11.20 -19.29 118.03
CA GLY U 27 11.61 -17.94 117.72
C GLY U 27 12.23 -17.30 118.94
N TYR U 28 12.03 -16.00 119.09
CA TYR U 28 12.24 -15.34 120.36
C TYR U 28 10.93 -15.34 121.17
N THR U 29 10.31 -16.52 121.21
CA THR U 29 8.95 -16.66 121.71
C THR U 29 8.80 -18.03 122.37
N SER U 30 7.79 -18.15 123.21
CA SER U 30 7.45 -19.43 123.83
C SER U 30 5.96 -19.45 124.11
N GLU U 31 5.40 -20.66 124.20
CA GLU U 31 3.98 -20.82 124.42
C GLU U 31 3.72 -22.02 125.33
N TYR U 32 2.61 -21.96 126.05
CA TYR U 32 2.24 -22.94 127.06
C TYR U 32 0.85 -23.48 126.73
N TYR U 33 0.52 -24.66 127.27
CA TYR U 33 -0.73 -25.31 126.90
C TYR U 33 -1.21 -26.21 128.02
N LEU U 34 -2.54 -26.37 128.11
CA LEU U 34 -3.18 -27.27 129.07
C LEU U 34 -4.55 -27.73 128.58
N PRO U 35 -4.75 -29.02 128.35
CA PRO U 35 -6.06 -29.51 127.93
C PRO U 35 -6.96 -29.88 129.10
N GLU U 36 -8.27 -29.89 128.83
CA GLU U 36 -9.27 -30.25 129.81
C GLU U 36 -10.47 -30.87 129.10
N THR U 37 -11.46 -31.30 129.89
CA THR U 37 -12.61 -32.00 129.33
C THR U 37 -13.48 -31.08 128.47
N SER U 38 -13.79 -29.89 128.99
CA SER U 38 -14.72 -28.99 128.31
C SER U 38 -14.05 -27.71 127.81
N SER U 39 -12.76 -27.52 128.05
CA SER U 39 -12.09 -26.30 127.64
C SER U 39 -10.59 -26.57 127.56
N SER U 40 -9.83 -25.53 127.24
CA SER U 40 -8.38 -25.62 127.15
C SER U 40 -7.78 -24.24 127.39
N PHE U 41 -6.49 -24.22 127.71
CA PHE U 41 -5.80 -22.98 128.04
C PHE U 41 -4.49 -22.91 127.25
N ARG U 42 -4.09 -21.68 126.93
CA ARG U 42 -2.91 -21.45 126.09
C ARG U 42 -2.38 -20.05 126.38
N ALA U 43 -1.05 -19.92 126.34
CA ALA U 43 -0.39 -18.64 126.57
C ALA U 43 0.81 -18.52 125.63
N LYS U 44 1.19 -17.28 125.33
CA LYS U 44 2.32 -17.01 124.45
C LYS U 44 3.04 -15.76 124.91
N VAL U 45 4.33 -15.69 124.59
CA VAL U 45 5.17 -14.51 124.83
C VAL U 45 5.98 -14.26 123.58
N ARG U 46 6.17 -12.98 123.23
CA ARG U 46 6.84 -12.66 121.98
C ARG U 46 7.67 -11.39 122.11
N HIS U 47 8.72 -11.31 121.30
CA HIS U 47 9.58 -10.14 121.21
C HIS U 47 9.88 -9.88 119.73
N THR U 48 10.04 -8.61 119.37
CA THR U 48 10.38 -8.24 117.99
C THR U 48 10.69 -6.76 117.93
N LYS U 49 11.28 -6.35 116.80
CA LYS U 49 11.56 -4.94 116.50
C LYS U 49 10.58 -4.42 115.47
N GLU U 50 10.21 -3.16 115.58
CA GLU U 50 9.51 -2.51 114.48
C GLU U 50 10.49 -2.25 113.34
N SER U 51 9.94 -1.97 112.16
CA SER U 51 10.79 -1.81 110.97
C SER U 51 11.83 -0.72 111.22
N VAL U 52 13.06 -1.00 110.82
CA VAL U 52 14.18 -0.10 111.06
C VAL U 52 14.32 0.88 109.90
N LYS U 53 14.35 2.16 110.22
CA LYS U 53 14.54 3.25 109.28
C LYS U 53 15.49 4.27 109.88
N PRO U 54 16.20 5.03 109.05
CA PRO U 54 17.43 5.69 109.53
C PRO U 54 17.22 6.80 110.55
N ASN U 55 16.40 7.81 110.23
CA ASN U 55 16.46 9.07 110.97
C ASN U 55 15.74 9.03 112.31
N GLN U 56 15.01 7.96 112.63
CA GLN U 56 14.20 7.91 113.84
C GLN U 56 14.74 6.90 114.84
N VAL U 57 14.13 6.90 116.03
CA VAL U 57 14.52 6.05 117.13
C VAL U 57 14.13 4.61 116.84
N GLN U 58 14.78 3.68 117.53
CA GLN U 58 14.54 2.24 117.38
C GLN U 58 13.77 1.73 118.59
N TYR U 59 12.70 0.97 118.35
CA TYR U 59 11.80 0.49 119.39
C TYR U 59 11.69 -1.02 119.35
N GLU U 60 11.37 -1.61 120.51
CA GLU U 60 11.17 -3.05 120.62
C GLU U 60 9.83 -3.34 121.30
N ARG U 61 9.30 -4.52 121.02
CA ARG U 61 7.96 -4.92 121.43
C ARG U 61 8.05 -6.06 122.43
N HIS U 62 7.22 -5.99 123.47
CA HIS U 62 7.07 -7.07 124.44
C HIS U 62 5.58 -7.38 124.57
N ASN U 63 5.22 -8.66 124.43
CA ASN U 63 3.81 -9.04 124.31
C ASN U 63 3.53 -10.27 125.17
N VAL U 64 2.34 -10.30 125.75
CA VAL U 64 1.84 -11.44 126.52
C VAL U 64 0.35 -11.58 126.24
N GLU U 65 -0.10 -12.83 126.04
CA GLU U 65 -1.50 -13.10 125.73
C GLU U 65 -1.96 -14.34 126.48
N PHE U 66 -3.23 -14.33 126.87
CA PHE U 66 -3.90 -15.50 127.46
C PHE U 66 -5.09 -15.84 126.60
N THR U 67 -5.30 -17.13 126.34
CA THR U 67 -6.41 -17.58 125.51
C THR U 67 -7.11 -18.78 126.16
N GLU U 68 -8.44 -18.74 126.16
CA GLU U 68 -9.28 -19.83 126.64
C GLU U 68 -10.23 -20.23 125.53
N THR U 69 -10.48 -21.53 125.39
CA THR U 69 -11.33 -22.05 124.33
C THR U 69 -12.35 -23.01 124.90
N VAL U 70 -13.61 -22.83 124.51
CA VAL U 70 -14.70 -23.69 124.93
C VAL U 70 -15.16 -24.50 123.72
N TYR U 71 -15.10 -25.82 123.81
CA TYR U 71 -15.50 -26.67 122.70
C TYR U 71 -17.00 -26.54 122.43
N ALA U 72 -17.37 -26.82 121.19
CA ALA U 72 -18.78 -26.75 120.82
C ALA U 72 -19.59 -27.78 121.61
N SER U 73 -20.77 -27.35 122.06
CA SER U 73 -21.68 -28.20 122.83
C SER U 73 -23.05 -28.12 122.18
N GLY U 74 -23.44 -29.17 121.46
CA GLY U 74 -24.72 -29.17 120.79
C GLY U 74 -24.79 -28.08 119.74
N SER U 75 -25.84 -27.25 119.83
CA SER U 75 -26.02 -26.18 118.87
C SER U 75 -24.92 -25.13 118.99
N THR U 76 -24.49 -24.83 120.22
CA THR U 76 -23.51 -23.78 120.43
C THR U 76 -22.18 -24.12 119.76
N PRO U 77 -21.65 -23.26 118.88
CA PRO U 77 -20.39 -23.59 118.21
C PRO U 77 -19.15 -23.15 118.99
N GLU U 78 -17.98 -23.32 118.36
CA GLU U 78 -16.72 -22.95 119.00
C GLU U 78 -16.65 -21.44 119.24
N PHE U 79 -16.07 -21.05 120.37
CA PHE U 79 -15.80 -19.66 120.66
C PHE U 79 -14.68 -19.59 121.69
N VAL U 80 -14.02 -18.43 121.75
CA VAL U 80 -12.81 -18.26 122.53
C VAL U 80 -12.89 -16.97 123.35
N ARG U 81 -12.04 -16.89 124.36
CA ARG U 81 -11.86 -15.68 125.16
C ARG U 81 -10.37 -15.39 125.24
N GLN U 82 -10.00 -14.12 125.07
CA GLN U 82 -8.60 -13.71 124.97
C GLN U 82 -8.35 -12.45 125.78
N ALA U 83 -7.10 -12.26 126.19
CA ALA U 83 -6.66 -11.03 126.82
C ALA U 83 -5.14 -10.96 126.72
N TYR U 84 -4.62 -9.82 126.28
CA TYR U 84 -3.18 -9.70 126.03
C TYR U 84 -2.70 -8.28 126.27
N VAL U 85 -1.41 -8.16 126.54
CA VAL U 85 -0.77 -6.90 126.90
C VAL U 85 0.54 -6.76 126.14
N VAL U 86 0.87 -5.54 125.72
CA VAL U 86 2.08 -5.26 124.98
C VAL U 86 2.73 -3.98 125.49
N ILE U 87 4.04 -3.87 125.28
CA ILE U 87 4.84 -2.76 125.80
C ILE U 87 5.78 -2.27 124.71
N ARG U 88 6.01 -0.96 124.66
CA ARG U 88 6.91 -0.33 123.70
C ARG U 88 7.88 0.61 124.42
N HIS U 89 9.15 0.56 124.02
CA HIS U 89 10.16 1.51 124.50
C HIS U 89 11.36 1.42 123.57
N LYS U 90 12.24 2.42 123.66
CA LYS U 90 13.40 2.44 122.77
C LYS U 90 14.55 1.66 123.38
N VAL U 91 15.53 1.35 122.52
CA VAL U 91 16.70 0.62 122.97
C VAL U 91 17.62 1.55 123.76
N GLY U 92 18.08 1.08 124.91
CA GLY U 92 18.96 1.86 125.76
C GLY U 92 18.28 2.65 126.86
N ASP U 93 16.97 2.50 127.03
CA ASP U 93 16.26 3.22 128.07
C ASP U 93 16.49 2.55 129.43
N VAL U 94 16.10 3.26 130.49
CA VAL U 94 16.21 2.73 131.85
C VAL U 94 15.12 1.71 132.08
N SER U 95 15.50 0.53 132.58
CA SER U 95 14.54 -0.54 132.79
C SER U 95 13.49 -0.17 133.84
N ALA U 96 13.91 0.43 134.95
CA ALA U 96 12.99 0.70 136.04
C ALA U 96 11.89 1.67 135.61
N THR U 97 12.27 2.72 134.88
CA THR U 97 11.27 3.69 134.45
C THR U 97 10.23 3.06 133.54
N VAL U 98 10.66 2.21 132.60
CA VAL U 98 9.72 1.52 131.74
C VAL U 98 8.81 0.61 132.57
N SER U 99 9.39 -0.07 133.55
CA SER U 99 8.60 -1.00 134.37
C SER U 99 7.56 -0.27 135.19
N ASP U 100 7.85 0.96 135.62
CA ASP U 100 6.90 1.70 136.46
C ASP U 100 5.59 1.97 135.74
N LEU U 101 5.67 2.33 134.45
CA LEU U 101 4.45 2.58 133.68
C LEU U 101 3.58 1.32 133.62
N GLY U 102 4.19 0.17 133.36
CA GLY U 102 3.44 -1.07 133.34
C GLY U 102 2.86 -1.43 134.69
N GLU U 103 3.61 -1.18 135.76
CA GLU U 103 3.07 -1.43 137.09
C GLU U 103 1.85 -0.57 137.36
N ALA U 104 1.91 0.70 136.94
CA ALA U 104 0.74 1.58 137.09
C ALA U 104 -0.44 1.04 136.30
N LEU U 105 -0.20 0.62 135.06
CA LEU U 105 -1.30 0.08 134.25
C LEU U 105 -1.92 -1.13 134.94
N SER U 106 -1.08 -2.05 135.43
CA SER U 106 -1.61 -3.23 136.09
C SER U 106 -2.42 -2.87 137.32
N PHE U 107 -1.91 -1.91 138.12
CA PHE U 107 -2.61 -1.54 139.34
C PHE U 107 -3.97 -0.89 139.03
N TYR U 108 -4.03 -0.10 137.96
CA TYR U 108 -5.29 0.53 137.58
C TYR U 108 -6.37 -0.50 137.28
N LEU U 109 -6.03 -1.53 136.51
CA LEU U 109 -7.02 -2.51 136.09
C LEU U 109 -7.45 -3.40 137.24
N ASN U 110 -8.54 -3.02 137.89
CA ASN U 110 -9.18 -3.80 138.94
C ASN U 110 -10.49 -4.39 138.42
N GLU U 111 -11.07 -5.29 139.21
CA GLU U 111 -12.31 -5.94 138.80
C GLU U 111 -13.38 -4.94 138.39
N ALA U 112 -13.50 -3.84 139.14
CA ALA U 112 -14.50 -2.84 138.83
C ALA U 112 -14.26 -2.25 137.44
N LEU U 113 -12.99 -2.02 137.09
CA LEU U 113 -12.70 -1.45 135.78
C LEU U 113 -13.09 -2.40 134.67
N TYR U 114 -12.84 -3.70 134.83
CA TYR U 114 -13.26 -4.66 133.81
C TYR U 114 -14.77 -4.73 133.71
N GLY U 115 -15.46 -4.68 134.85
CA GLY U 115 -16.91 -4.62 134.79
C GLY U 115 -17.39 -3.43 133.98
N LYS U 116 -16.78 -2.27 134.22
CA LYS U 116 -17.14 -1.06 133.46
C LYS U 116 -16.88 -1.25 131.97
N LEU U 117 -15.71 -1.79 131.61
CA LEU U 117 -15.40 -1.97 130.19
C LEU U 117 -16.37 -2.94 129.52
N ILE U 118 -16.68 -4.06 130.18
CA ILE U 118 -17.64 -5.00 129.61
C ILE U 118 -19.01 -4.35 129.48
N GLY U 119 -19.35 -3.46 130.42
CA GLY U 119 -20.60 -2.73 130.35
C GLY U 119 -20.61 -1.56 129.38
N TRP U 120 -19.54 -1.35 128.62
CA TRP U 120 -19.39 -0.33 127.59
C TRP U 120 -19.27 1.08 128.16
N GLU U 121 -19.18 1.25 129.48
CA GLU U 121 -18.99 2.58 130.04
C GLU U 121 -17.66 3.15 129.58
N SER U 122 -17.66 4.41 129.18
CA SER U 122 -16.47 5.03 128.63
C SER U 122 -16.49 6.54 128.83
N ALA V 1 6.03 -70.44 116.38
CA ALA V 1 4.91 -70.13 115.45
C ALA V 1 4.01 -69.04 116.05
N LEU V 2 4.36 -68.57 117.24
CA LEU V 2 3.80 -67.36 117.81
C LEU V 2 2.38 -67.56 118.36
N GLY V 3 1.82 -68.74 118.16
CA GLY V 3 0.52 -69.05 118.70
C GLY V 3 -0.61 -68.78 117.71
N ASP V 4 -1.71 -69.53 117.89
CA ASP V 4 -2.86 -69.40 117.01
C ASP V 4 -3.92 -68.45 117.55
N THR V 5 -3.83 -68.07 118.81
CA THR V 5 -4.61 -66.97 119.34
C THR V 5 -3.68 -65.93 119.92
N LEU V 6 -3.96 -64.67 119.60
CA LEU V 6 -3.25 -63.52 120.12
C LEU V 6 -4.17 -62.78 121.07
N THR V 7 -3.69 -62.55 122.28
CA THR V 7 -4.52 -61.98 123.33
C THR V 7 -4.10 -60.54 123.56
N ILE V 8 -5.04 -59.62 123.35
CA ILE V 8 -4.83 -58.19 123.52
C ILE V 8 -5.66 -57.75 124.71
N THR V 9 -5.02 -57.17 125.71
CA THR V 9 -5.64 -56.89 127.00
C THR V 9 -5.67 -55.38 127.20
N LEU V 10 -6.78 -54.75 126.80
CA LEU V 10 -6.90 -53.31 126.94
C LEU V 10 -6.83 -52.92 128.41
N GLY V 11 -6.15 -51.82 128.69
CA GLY V 11 -6.02 -51.32 130.03
C GLY V 11 -4.84 -51.86 130.82
N GLY V 12 -3.91 -52.55 130.17
CA GLY V 12 -2.78 -53.10 130.89
C GLY V 12 -3.18 -54.28 131.76
N SER V 13 -2.34 -54.58 132.73
CA SER V 13 -2.58 -55.72 133.61
C SER V 13 -3.88 -55.54 134.39
N GLY V 14 -4.70 -56.58 134.40
CA GLY V 14 -5.97 -56.54 135.10
C GLY V 14 -7.11 -55.87 134.37
N GLY V 15 -7.01 -55.69 133.06
CA GLY V 15 -8.05 -55.04 132.27
C GLY V 15 -8.96 -56.02 131.57
N THR V 16 -9.50 -55.57 130.45
CA THR V 16 -10.40 -56.37 129.62
C THR V 16 -9.59 -57.15 128.57
N ALA V 17 -9.92 -58.43 128.41
CA ALA V 17 -9.21 -59.30 127.48
C ALA V 17 -10.02 -59.50 126.20
N LYS V 18 -9.31 -59.47 125.06
CA LYS V 18 -9.87 -59.79 123.76
C LYS V 18 -8.96 -60.81 123.08
N VAL V 19 -9.55 -61.70 122.28
CA VAL V 19 -8.82 -62.81 121.66
C VAL V 19 -8.96 -62.70 120.15
N LEU V 20 -7.81 -62.69 119.45
CA LEU V 20 -7.77 -62.78 118.00
C LEU V 20 -7.38 -64.20 117.60
N ARG V 21 -7.13 -64.40 116.29
CA ARG V 21 -6.99 -65.74 115.73
C ARG V 21 -6.43 -65.57 114.32
N LYS V 22 -5.57 -66.48 113.86
CA LYS V 22 -4.95 -66.22 112.56
C LYS V 22 -5.99 -66.26 111.46
N ILE V 23 -5.73 -65.52 110.40
CA ILE V 23 -6.57 -65.50 109.22
C ILE V 23 -5.68 -65.92 108.05
N ASN V 24 -4.58 -65.19 107.86
CA ASN V 24 -3.73 -65.35 106.69
C ASN V 24 -2.27 -65.37 107.10
N GLN V 25 -1.43 -65.91 106.23
CA GLN V 25 0.03 -65.82 106.39
C GLN V 25 0.68 -65.81 105.02
N ASP V 26 0.98 -64.61 104.51
CA ASP V 26 1.61 -64.46 103.21
C ASP V 26 2.76 -63.46 103.29
N GLY V 27 3.86 -63.80 102.63
CA GLY V 27 4.99 -62.89 102.49
C GLY V 27 5.61 -62.46 103.81
N TYR V 28 5.84 -63.42 104.71
CA TYR V 28 6.42 -63.11 106.02
C TYR V 28 5.55 -62.14 106.80
N THR V 29 4.23 -62.34 106.73
CA THR V 29 3.27 -61.51 107.44
C THR V 29 2.18 -62.40 108.02
N SER V 30 1.49 -61.89 109.03
CA SER V 30 0.38 -62.64 109.61
C SER V 30 -0.67 -61.68 110.14
N GLU V 31 -1.92 -62.16 110.16
CA GLU V 31 -3.08 -61.39 110.57
C GLU V 31 -3.81 -62.10 111.70
N TYR V 32 -4.26 -61.33 112.67
CA TYR V 32 -5.19 -61.82 113.69
C TYR V 32 -6.39 -60.89 113.70
N TYR V 33 -7.60 -61.47 113.66
CA TYR V 33 -8.81 -60.67 113.48
C TYR V 33 -9.88 -61.12 114.46
N LEU V 34 -10.80 -60.21 114.77
CA LEU V 34 -11.91 -60.49 115.67
C LEU V 34 -13.09 -59.56 115.38
N PRO V 35 -14.24 -60.07 114.95
CA PRO V 35 -15.37 -59.19 114.64
C PRO V 35 -16.26 -58.91 115.84
N GLU V 36 -16.86 -57.72 115.82
CA GLU V 36 -17.77 -57.27 116.87
C GLU V 36 -18.79 -56.33 116.23
N THR V 37 -19.95 -56.21 116.88
CA THR V 37 -21.08 -55.54 116.26
C THR V 37 -20.78 -54.07 115.95
N SER V 38 -20.19 -53.35 116.89
CA SER V 38 -19.91 -51.93 116.72
C SER V 38 -18.45 -51.62 116.39
N SER V 39 -17.58 -52.62 116.34
CA SER V 39 -16.18 -52.37 116.06
C SER V 39 -15.51 -53.70 115.65
N SER V 40 -14.21 -53.63 115.40
CA SER V 40 -13.43 -54.79 115.01
C SER V 40 -12.00 -54.61 115.51
N PHE V 41 -11.28 -55.72 115.60
CA PHE V 41 -9.90 -55.73 116.06
C PHE V 41 -9.04 -56.49 115.06
N ARG V 42 -7.87 -55.93 114.74
CA ARG V 42 -6.93 -56.56 113.82
C ARG V 42 -5.51 -56.39 114.35
N ALA V 43 -4.66 -57.36 114.05
CA ALA V 43 -3.23 -57.25 114.34
C ALA V 43 -2.44 -57.83 113.18
N LYS V 44 -1.40 -57.09 112.77
CA LYS V 44 -0.52 -57.47 111.67
C LYS V 44 0.89 -57.54 112.20
N VAL V 45 1.62 -58.58 111.78
CA VAL V 45 3.04 -58.68 112.03
C VAL V 45 3.74 -58.77 110.69
N ARG V 46 4.81 -58.00 110.52
CA ARG V 46 5.58 -57.97 109.29
C ARG V 46 7.07 -58.05 109.59
N HIS V 47 7.79 -58.72 108.69
CA HIS V 47 9.25 -58.77 108.67
C HIS V 47 9.75 -58.32 107.31
N THR V 48 10.88 -57.63 107.27
CA THR V 48 11.47 -57.20 106.00
C THR V 48 12.98 -57.14 106.13
N LYS V 49 13.66 -57.21 104.99
CA LYS V 49 15.11 -57.13 104.89
C LYS V 49 15.47 -56.04 103.89
N GLU V 50 16.42 -55.19 104.25
CA GLU V 50 16.81 -54.09 103.38
C GLU V 50 17.57 -54.59 102.15
N SER V 51 17.57 -53.76 101.11
CA SER V 51 18.20 -54.14 99.85
C SER V 51 19.72 -54.24 100.01
N VAL V 52 20.31 -55.20 99.31
CA VAL V 52 21.75 -55.44 99.41
C VAL V 52 22.47 -54.48 98.47
N LYS V 53 23.30 -53.62 99.04
CA LYS V 53 24.14 -52.73 98.26
C LYS V 53 25.59 -52.79 98.70
N PRO V 54 26.51 -52.55 97.76
CA PRO V 54 27.92 -52.89 97.99
C PRO V 54 28.50 -52.16 99.19
N ASN V 55 29.42 -52.85 99.88
CA ASN V 55 30.24 -52.30 100.96
C ASN V 55 29.47 -51.28 101.81
N GLN V 56 28.29 -51.68 102.30
CA GLN V 56 27.72 -51.09 103.49
C GLN V 56 26.92 -52.15 104.25
N VAL V 57 26.73 -51.90 105.54
CA VAL V 57 25.97 -52.82 106.38
C VAL V 57 24.58 -53.01 105.79
N GLN V 58 24.05 -54.21 105.98
CA GLN V 58 22.72 -54.58 105.51
C GLN V 58 21.81 -54.77 106.71
N TYR V 59 20.67 -54.07 106.70
CA TYR V 59 19.81 -53.99 107.88
C TYR V 59 18.50 -54.72 107.66
N GLU V 60 17.83 -54.98 108.77
CA GLU V 60 16.67 -55.86 108.80
C GLU V 60 15.72 -55.39 109.90
N ARG V 61 14.42 -55.58 109.66
CA ARG V 61 13.36 -54.86 110.38
C ARG V 61 12.31 -55.82 110.92
N HIS V 62 11.70 -55.46 112.05
CA HIS V 62 10.54 -56.18 112.61
C HIS V 62 9.51 -55.17 113.08
N ASN V 63 8.23 -55.41 112.75
CA ASN V 63 7.14 -54.48 113.03
C ASN V 63 5.93 -55.22 113.60
N VAL V 64 5.25 -54.58 114.56
CA VAL V 64 4.07 -55.15 115.22
C VAL V 64 2.99 -54.08 115.31
N GLU V 65 1.78 -54.41 114.83
CA GLU V 65 0.71 -53.44 114.59
C GLU V 65 -0.53 -53.82 115.40
N PHE V 66 -1.18 -52.82 116.01
CA PHE V 66 -2.52 -52.95 116.57
C PHE V 66 -3.46 -51.96 115.90
N THR V 67 -4.62 -52.45 115.49
CA THR V 67 -5.64 -51.67 114.79
C THR V 67 -6.98 -51.89 115.47
N GLU V 68 -7.72 -50.80 115.68
CA GLU V 68 -9.08 -50.88 116.19
C GLU V 68 -9.95 -49.97 115.34
N THR V 69 -11.02 -50.53 114.79
CA THR V 69 -11.86 -49.83 113.82
C THR V 69 -13.26 -49.68 114.38
N VAL V 70 -13.81 -48.46 114.26
CA VAL V 70 -15.13 -48.12 114.78
C VAL V 70 -16.05 -47.86 113.60
N TYR V 71 -17.08 -48.69 113.44
CA TYR V 71 -18.00 -48.55 112.33
C TYR V 71 -18.73 -47.23 112.38
N ALA V 72 -18.94 -46.62 111.22
CA ALA V 72 -19.63 -45.35 111.14
C ALA V 72 -21.07 -45.50 111.62
N SER V 73 -21.49 -44.60 112.51
CA SER V 73 -22.85 -44.58 113.03
C SER V 73 -23.35 -43.15 113.06
N GLY V 74 -24.61 -42.97 112.68
CA GLY V 74 -25.17 -41.63 112.61
C GLY V 74 -24.38 -40.78 111.63
N SER V 75 -24.11 -39.53 112.02
CA SER V 75 -23.36 -38.62 111.17
C SER V 75 -21.86 -38.80 111.27
N THR V 76 -21.38 -39.54 112.27
CA THR V 76 -19.94 -39.72 112.45
C THR V 76 -19.41 -40.72 111.43
N PRO V 77 -18.45 -40.35 110.58
CA PRO V 77 -17.94 -41.31 109.60
C PRO V 77 -16.94 -42.29 110.19
N GLU V 78 -16.42 -43.17 109.35
CA GLU V 78 -15.54 -44.23 109.78
C GLU V 78 -14.23 -43.66 110.35
N PHE V 79 -13.72 -44.30 111.39
CA PHE V 79 -12.41 -43.93 111.90
C PHE V 79 -11.80 -45.11 112.65
N VAL V 80 -10.49 -45.01 112.89
CA VAL V 80 -9.66 -46.13 113.32
C VAL V 80 -8.73 -45.64 114.43
N ARG V 81 -8.17 -46.59 115.18
CA ARG V 81 -7.09 -46.32 116.12
C ARG V 81 -5.92 -47.27 115.86
N GLN V 82 -4.70 -46.74 115.96
CA GLN V 82 -3.48 -47.44 115.59
C GLN V 82 -2.45 -47.30 116.70
N ALA V 83 -1.54 -48.27 116.79
CA ALA V 83 -0.39 -48.16 117.69
C ALA V 83 0.56 -49.30 117.36
N TYR V 84 1.83 -49.00 117.07
CA TYR V 84 2.74 -50.06 116.63
C TYR V 84 4.19 -49.72 116.94
N VAL V 85 5.03 -50.77 116.88
CA VAL V 85 6.46 -50.71 117.17
C VAL V 85 7.22 -51.21 115.95
N VAL V 86 8.53 -50.94 115.93
CA VAL V 86 9.41 -51.49 114.91
C VAL V 86 10.84 -51.48 115.44
N ILE V 87 11.66 -52.41 114.96
CA ILE V 87 13.04 -52.61 115.43
C ILE V 87 13.95 -52.71 114.23
N ARG V 88 15.14 -52.11 114.32
CA ARG V 88 16.19 -52.26 113.31
C ARG V 88 17.46 -52.76 113.99
N HIS V 89 18.10 -53.75 113.38
CA HIS V 89 19.42 -54.20 113.79
C HIS V 89 20.03 -55.02 112.67
N LYS V 90 21.35 -55.15 112.69
CA LYS V 90 22.07 -55.77 111.58
C LYS V 90 21.97 -57.30 111.66
N VAL V 91 22.36 -57.96 110.57
CA VAL V 91 22.04 -59.37 110.38
C VAL V 91 22.66 -60.22 111.49
N GLY V 92 23.94 -60.04 111.73
CA GLY V 92 24.62 -60.92 112.66
C GLY V 92 24.82 -60.32 114.04
N ASP V 93 24.06 -59.28 114.36
CA ASP V 93 24.16 -58.66 115.67
C ASP V 93 23.82 -59.69 116.76
N VAL V 94 24.01 -59.27 118.01
CA VAL V 94 23.74 -60.14 119.15
C VAL V 94 22.29 -59.95 119.57
N SER V 95 21.59 -61.07 119.78
CA SER V 95 20.16 -61.03 120.04
C SER V 95 19.85 -60.32 121.36
N ALA V 96 20.51 -60.74 122.44
CA ALA V 96 20.14 -60.25 123.75
C ALA V 96 20.36 -58.76 123.88
N THR V 97 21.38 -58.23 123.20
CA THR V 97 21.65 -56.79 123.30
C THR V 97 20.47 -55.99 122.77
N VAL V 98 19.99 -56.31 121.56
CA VAL V 98 18.86 -55.56 121.02
C VAL V 98 17.61 -55.83 121.84
N SER V 99 17.47 -57.06 122.37
CA SER V 99 16.34 -57.32 123.24
C SER V 99 16.36 -56.43 124.47
N ASP V 100 17.56 -56.10 124.97
CA ASP V 100 17.65 -55.22 126.14
C ASP V 100 17.17 -53.81 125.82
N LEU V 101 17.56 -53.28 124.66
CA LEU V 101 17.04 -51.99 124.24
C LEU V 101 15.53 -52.04 124.08
N GLY V 102 15.02 -53.14 123.54
CA GLY V 102 13.57 -53.27 123.38
C GLY V 102 12.85 -53.28 124.72
N GLU V 103 13.37 -54.03 125.68
CA GLU V 103 12.78 -54.02 127.01
C GLU V 103 12.87 -52.64 127.66
N ALA V 104 13.97 -51.92 127.42
CA ALA V 104 14.08 -50.56 127.94
C ALA V 104 12.97 -49.68 127.38
N LEU V 105 12.77 -49.72 126.06
CA LEU V 105 11.70 -48.92 125.46
C LEU V 105 10.34 -49.33 126.00
N SER V 106 10.10 -50.64 126.10
CA SER V 106 8.79 -51.11 126.57
C SER V 106 8.54 -50.68 128.01
N PHE V 107 9.58 -50.76 128.85
CA PHE V 107 9.44 -50.43 130.27
C PHE V 107 9.27 -48.93 130.47
N TYR V 108 9.86 -48.12 129.59
CA TYR V 108 9.72 -46.68 129.72
C TYR V 108 8.26 -46.25 129.56
N LEU V 109 7.55 -46.87 128.62
CA LEU V 109 6.18 -46.48 128.31
C LEU V 109 5.25 -46.94 129.43
N ASN V 110 4.58 -45.99 130.08
CA ASN V 110 3.62 -46.29 131.13
C ASN V 110 2.43 -45.37 130.99
N GLU V 111 1.41 -45.59 131.81
CA GLU V 111 0.15 -44.87 131.63
C GLU V 111 0.35 -43.37 131.84
N ALA V 112 1.10 -43.00 132.87
CA ALA V 112 1.36 -41.58 133.10
C ALA V 112 2.11 -40.97 131.92
N LEU V 113 3.07 -41.70 131.35
CA LEU V 113 3.82 -41.18 130.22
C LEU V 113 2.92 -41.01 129.00
N TYR V 114 2.02 -41.97 128.75
CA TYR V 114 1.07 -41.78 127.65
C TYR V 114 0.19 -40.56 127.90
N GLY V 115 -0.29 -40.39 129.12
CA GLY V 115 -1.08 -39.21 129.43
C GLY V 115 -0.33 -37.93 129.13
N LYS V 116 0.96 -37.89 129.49
CA LYS V 116 1.76 -36.72 129.18
C LYS V 116 1.93 -36.52 127.68
N LEU V 117 2.22 -37.60 126.95
CA LEU V 117 2.46 -37.45 125.51
C LEU V 117 1.23 -36.93 124.78
N ILE V 118 0.06 -37.45 125.12
CA ILE V 118 -1.15 -37.00 124.45
C ILE V 118 -1.35 -35.51 124.68
N GLY V 119 -0.77 -34.97 125.75
CA GLY V 119 -0.88 -33.55 126.05
C GLY V 119 0.07 -32.66 125.27
N TRP V 120 0.69 -33.18 124.22
CA TRP V 120 1.59 -32.42 123.34
C TRP V 120 2.84 -31.95 124.05
N GLU V 121 3.14 -32.51 125.23
CA GLU V 121 4.43 -32.26 125.86
C GLU V 121 5.53 -32.98 125.09
N SER V 122 6.76 -32.52 125.29
CA SER V 122 7.90 -33.11 124.62
C SER V 122 9.14 -33.07 125.51
N ALA W 1 1.92 -80.35 104.52
CA ALA W 1 2.29 -79.89 105.88
C ALA W 1 3.35 -80.80 106.50
N LEU W 2 4.62 -80.44 106.30
CA LEU W 2 5.70 -81.20 106.91
C LEU W 2 5.65 -81.17 108.44
N GLY W 3 5.15 -80.09 109.02
CA GLY W 3 5.14 -79.90 110.45
C GLY W 3 5.64 -78.53 110.84
N ASP W 4 5.48 -78.23 112.13
CA ASP W 4 5.92 -76.93 112.63
C ASP W 4 7.44 -76.84 112.62
N THR W 5 8.13 -77.94 112.89
CA THR W 5 9.58 -77.95 113.01
C THR W 5 10.20 -79.03 112.12
N LEU W 6 11.37 -78.70 111.57
CA LEU W 6 12.17 -79.63 110.78
C LEU W 6 13.54 -79.74 111.43
N THR W 7 14.00 -80.97 111.65
CA THR W 7 15.24 -81.23 112.37
C THR W 7 16.34 -81.66 111.42
N ILE W 8 17.50 -81.02 111.54
CA ILE W 8 18.70 -81.35 110.77
C ILE W 8 19.77 -81.80 111.74
N THR W 9 20.38 -82.95 111.46
CA THR W 9 21.40 -83.55 112.31
C THR W 9 22.72 -83.47 111.55
N LEU W 10 23.53 -82.47 111.87
CA LEU W 10 24.80 -82.31 111.18
C LEU W 10 25.69 -83.53 111.43
N GLY W 11 26.40 -83.94 110.39
CA GLY W 11 27.21 -85.14 110.49
C GLY W 11 26.42 -86.43 110.40
N GLY W 12 25.23 -86.40 109.80
CA GLY W 12 24.46 -87.62 109.60
C GLY W 12 23.79 -88.10 110.88
N SER W 13 23.83 -89.40 111.12
CA SER W 13 23.24 -89.99 112.31
C SER W 13 24.11 -89.83 113.55
N GLY W 14 25.20 -89.06 113.47
CA GLY W 14 26.04 -88.84 114.62
C GLY W 14 25.38 -88.03 115.71
N GLY W 15 25.11 -86.76 115.45
CA GLY W 15 24.55 -85.89 116.46
C GLY W 15 24.46 -84.47 115.96
N THR W 16 24.46 -83.53 116.90
CA THR W 16 24.40 -82.10 116.60
C THR W 16 23.14 -81.76 115.79
N ALA W 17 22.00 -81.94 116.46
CA ALA W 17 20.71 -81.73 115.84
C ALA W 17 20.23 -80.30 116.06
N LYS W 18 19.80 -79.65 114.98
CA LYS W 18 19.22 -78.33 115.02
C LYS W 18 17.76 -78.40 114.58
N VAL W 19 16.94 -77.52 115.13
CA VAL W 19 15.50 -77.48 114.85
C VAL W 19 15.18 -76.19 114.12
N LEU W 20 14.46 -76.30 113.00
CA LEU W 20 14.15 -75.16 112.16
C LEU W 20 12.66 -74.86 112.24
N ARG W 21 12.32 -73.59 112.45
CA ARG W 21 10.93 -73.16 112.62
C ARG W 21 10.31 -72.84 111.27
N LYS W 22 9.00 -73.08 111.16
CA LYS W 22 8.28 -72.65 109.97
C LYS W 22 8.24 -71.12 109.94
N ILE W 23 8.51 -70.55 108.76
CA ILE W 23 8.67 -69.11 108.65
C ILE W 23 7.75 -68.55 107.57
N ASN W 24 7.31 -69.40 106.64
CA ASN W 24 6.55 -68.89 105.50
C ASN W 24 5.90 -70.05 104.76
N GLN W 25 4.83 -69.72 104.03
CA GLN W 25 4.13 -70.67 103.17
C GLN W 25 3.43 -69.89 102.07
N ASP W 26 3.90 -70.06 100.83
CA ASP W 26 3.31 -69.36 99.70
C ASP W 26 3.57 -70.13 98.42
N GLY W 27 2.53 -70.28 97.62
CA GLY W 27 2.68 -70.87 96.30
C GLY W 27 3.28 -72.27 96.34
N TYR W 28 2.80 -73.12 97.23
CA TYR W 28 3.22 -74.51 97.38
C TYR W 28 4.64 -74.63 97.92
N THR W 29 5.26 -73.51 98.28
CA THR W 29 6.65 -73.46 98.74
C THR W 29 6.68 -73.29 100.26
N SER W 30 7.68 -73.88 100.90
CA SER W 30 7.85 -73.83 102.34
C SER W 30 9.26 -73.38 102.69
N GLU W 31 9.40 -72.73 103.83
CA GLU W 31 10.70 -72.22 104.28
C GLU W 31 10.83 -72.40 105.78
N TYR W 32 12.04 -72.73 106.22
CA TYR W 32 12.37 -72.86 107.64
C TYR W 32 13.67 -72.10 107.90
N TYR W 33 13.87 -71.67 109.15
CA TYR W 33 15.02 -70.83 109.45
C TYR W 33 15.40 -70.97 110.91
N LEU W 34 16.65 -70.64 111.23
CA LEU W 34 17.10 -70.53 112.62
C LEU W 34 18.43 -69.78 112.70
N PRO W 35 18.56 -68.75 113.52
CA PRO W 35 19.85 -68.09 113.70
C PRO W 35 20.60 -68.61 114.92
N GLU W 36 21.91 -68.33 114.93
CA GLU W 36 22.80 -68.72 116.03
C GLU W 36 23.79 -67.58 116.24
N THR W 37 24.75 -67.81 117.14
CA THR W 37 25.73 -66.77 117.44
C THR W 37 26.59 -66.45 116.24
N SER W 38 27.05 -67.47 115.52
CA SER W 38 27.98 -67.28 114.41
C SER W 38 27.42 -67.64 113.06
N SER W 39 26.28 -68.32 112.98
CA SER W 39 25.75 -68.75 111.69
C SER W 39 24.24 -68.88 111.78
N SER W 40 23.64 -69.36 110.69
CA SER W 40 22.20 -69.50 110.57
C SER W 40 21.91 -70.68 109.64
N PHE W 41 20.71 -71.22 109.78
CA PHE W 41 20.27 -72.35 108.97
C PHE W 41 18.93 -72.03 108.31
N ARG W 42 18.72 -72.58 107.12
CA ARG W 42 17.52 -72.33 106.34
C ARG W 42 17.20 -73.58 105.53
N ALA W 43 15.91 -73.91 105.41
CA ALA W 43 15.47 -75.04 104.60
C ALA W 43 14.25 -74.63 103.78
N LYS W 44 14.23 -75.03 102.52
CA LYS W 44 13.18 -74.62 101.58
C LYS W 44 12.72 -75.83 100.76
N VAL W 45 11.44 -75.84 100.38
CA VAL W 45 10.84 -76.91 99.58
C VAL W 45 9.94 -76.29 98.53
N ARG W 46 10.00 -76.81 97.30
CA ARG W 46 9.16 -76.30 96.21
C ARG W 46 8.54 -77.44 95.42
N HIS W 47 7.44 -77.11 94.73
CA HIS W 47 6.79 -77.99 93.76
C HIS W 47 6.34 -77.15 92.57
N THR W 48 6.25 -77.78 91.39
CA THR W 48 5.86 -77.06 90.19
C THR W 48 5.72 -78.02 89.00
N LYS W 49 4.89 -77.60 88.03
CA LYS W 49 4.94 -78.16 86.69
C LYS W 49 6.10 -77.56 85.88
N GLU W 50 6.37 -78.19 84.74
CA GLU W 50 7.05 -77.53 83.64
C GLU W 50 6.01 -77.08 82.61
N SER W 51 6.41 -76.10 81.79
CA SER W 51 5.46 -75.51 80.85
C SER W 51 4.97 -76.56 79.88
N VAL W 52 3.66 -76.58 79.67
CA VAL W 52 3.05 -77.55 78.77
C VAL W 52 3.25 -77.07 77.34
N LYS W 53 3.73 -77.96 76.49
CA LYS W 53 3.94 -77.71 75.07
C LYS W 53 3.08 -78.65 74.26
N PRO W 54 2.83 -78.31 72.99
CA PRO W 54 2.07 -79.21 72.13
C PRO W 54 2.75 -80.57 72.00
N ASN W 55 1.92 -81.59 71.87
CA ASN W 55 2.28 -82.95 71.46
C ASN W 55 3.61 -83.44 72.01
N GLN W 56 3.80 -83.38 73.33
CA GLN W 56 4.83 -84.19 73.97
C GLN W 56 4.56 -84.24 75.46
N VAL W 57 5.20 -85.22 76.12
CA VAL W 57 4.91 -85.54 77.51
C VAL W 57 5.25 -84.36 78.43
N GLN W 58 4.50 -84.25 79.52
CA GLN W 58 4.61 -83.14 80.46
C GLN W 58 4.98 -83.70 81.83
N TYR W 59 5.98 -83.08 82.47
CA TYR W 59 6.59 -83.62 83.68
C TYR W 59 6.24 -82.77 84.90
N GLU W 60 6.80 -83.15 86.05
CA GLU W 60 6.73 -82.37 87.26
C GLU W 60 8.02 -82.54 88.05
N ARG W 61 8.32 -81.57 88.91
CA ARG W 61 9.61 -81.47 89.58
C ARG W 61 9.41 -81.24 91.06
N HIS W 62 10.23 -81.91 91.88
CA HIS W 62 10.26 -81.72 93.33
C HIS W 62 11.70 -81.50 93.77
N ASN W 63 11.90 -80.68 94.81
CA ASN W 63 13.25 -80.41 95.29
C ASN W 63 13.22 -80.00 96.75
N VAL W 64 14.37 -80.21 97.39
CA VAL W 64 14.60 -79.87 98.80
C VAL W 64 16.00 -79.25 98.89
N GLU W 65 16.10 -78.15 99.63
CA GLU W 65 17.30 -77.32 99.61
C GLU W 65 17.72 -76.99 101.04
N PHE W 66 19.02 -77.08 101.30
CA PHE W 66 19.60 -76.69 102.57
C PHE W 66 20.72 -75.68 102.30
N THR W 67 20.80 -74.65 103.14
CA THR W 67 21.85 -73.65 103.03
C THR W 67 22.32 -73.25 104.41
N GLU W 68 23.57 -72.79 104.48
CA GLU W 68 24.20 -72.38 105.73
C GLU W 68 25.08 -71.16 105.45
N THR W 69 24.86 -70.08 106.20
CA THR W 69 25.57 -68.83 106.00
C THR W 69 26.41 -68.53 107.24
N VAL W 70 27.66 -68.11 107.01
CA VAL W 70 28.60 -67.80 108.08
C VAL W 70 28.91 -66.32 108.04
N TYR W 71 28.59 -65.61 109.11
CA TYR W 71 28.73 -64.15 109.11
C TYR W 71 30.19 -63.74 109.01
N ALA W 72 30.42 -62.62 108.33
CA ALA W 72 31.77 -62.13 108.13
C ALA W 72 32.44 -61.83 109.45
N SER W 73 33.70 -62.28 109.58
CA SER W 73 34.50 -62.06 110.77
C SER W 73 35.89 -61.63 110.35
N GLY W 74 36.42 -60.61 111.02
CA GLY W 74 37.72 -60.08 110.64
C GLY W 74 37.71 -59.61 109.20
N SER W 75 38.77 -59.97 108.46
CA SER W 75 38.85 -59.62 107.05
C SER W 75 38.13 -60.62 106.16
N THR W 76 37.72 -61.76 106.69
CA THR W 76 37.03 -62.77 105.88
C THR W 76 35.59 -62.33 105.65
N PRO W 77 35.14 -62.23 104.40
CA PRO W 77 33.77 -61.79 104.14
C PRO W 77 32.76 -62.90 104.44
N GLU W 78 31.50 -62.60 104.18
CA GLU W 78 30.42 -63.56 104.37
C GLU W 78 30.44 -64.61 103.27
N PHE W 79 30.08 -65.85 103.63
CA PHE W 79 29.98 -66.92 102.66
C PHE W 79 28.99 -67.96 103.18
N VAL W 80 28.54 -68.83 102.29
CA VAL W 80 27.46 -69.75 102.56
C VAL W 80 27.85 -71.17 102.16
N ARG W 81 27.14 -72.14 102.74
CA ARG W 81 27.20 -73.53 102.31
C ARG W 81 25.80 -74.01 101.96
N GLN W 82 25.69 -74.75 100.87
CA GLN W 82 24.40 -75.11 100.30
C GLN W 82 24.50 -76.50 99.67
N ALA W 83 23.40 -77.24 99.75
CA ALA W 83 23.31 -78.56 99.12
C ALA W 83 21.85 -78.93 98.91
N TYR W 84 21.51 -79.42 97.73
CA TYR W 84 20.10 -79.69 97.42
C TYR W 84 19.99 -80.83 96.41
N VAL W 85 18.79 -81.41 96.36
CA VAL W 85 18.46 -82.52 95.48
C VAL W 85 17.14 -82.20 94.79
N VAL W 86 16.93 -82.82 93.62
CA VAL W 86 15.71 -82.64 92.84
C VAL W 86 15.16 -84.01 92.46
N ILE W 87 13.89 -84.03 92.08
CA ILE W 87 13.24 -85.20 91.51
C ILE W 87 12.38 -84.74 90.33
N ARG W 88 12.47 -85.44 89.21
CA ARG W 88 11.68 -85.14 88.03
C ARG W 88 11.09 -86.44 87.50
N HIS W 89 9.78 -86.46 87.27
CA HIS W 89 9.14 -87.66 86.78
C HIS W 89 7.86 -87.29 86.03
N LYS W 90 7.39 -88.21 85.20
CA LYS W 90 6.16 -87.99 84.46
C LYS W 90 4.95 -87.98 85.39
N VAL W 91 3.98 -87.12 85.06
CA VAL W 91 2.77 -87.00 85.86
C VAL W 91 1.89 -88.20 85.60
N GLY W 92 1.33 -88.79 86.67
CA GLY W 92 0.59 -90.03 86.55
C GLY W 92 1.45 -91.27 86.46
N ASP W 93 2.74 -91.15 86.80
CA ASP W 93 3.63 -92.29 86.84
C ASP W 93 3.45 -93.03 88.17
N VAL W 94 4.01 -94.23 88.26
CA VAL W 94 3.88 -95.01 89.47
C VAL W 94 4.77 -94.42 90.56
N SER W 95 4.18 -94.20 91.74
CA SER W 95 4.88 -93.47 92.79
C SER W 95 6.05 -94.26 93.36
N ALA W 96 5.82 -95.54 93.67
CA ALA W 96 6.87 -96.34 94.32
C ALA W 96 8.08 -96.49 93.41
N THR W 97 7.86 -96.71 92.11
CA THR W 97 8.98 -96.80 91.18
C THR W 97 9.77 -95.50 91.15
N VAL W 98 9.07 -94.37 91.13
CA VAL W 98 9.76 -93.08 91.13
C VAL W 98 10.55 -92.91 92.43
N SER W 99 10.02 -93.44 93.53
CA SER W 99 10.68 -93.30 94.82
C SER W 99 11.95 -94.13 94.90
N ASP W 100 11.91 -95.35 94.35
CA ASP W 100 13.06 -96.25 94.46
C ASP W 100 14.30 -95.62 93.85
N LEU W 101 14.17 -95.05 92.66
CA LEU W 101 15.15 -94.08 92.19
C LEU W 101 15.04 -92.82 93.04
N GLY W 102 16.17 -92.28 93.42
CA GLY W 102 16.17 -91.25 94.46
C GLY W 102 16.46 -91.83 95.82
N GLU W 103 15.72 -92.86 96.24
CA GLU W 103 16.13 -93.60 97.43
C GLU W 103 17.48 -94.25 97.20
N ALA W 104 17.69 -94.80 96.00
CA ALA W 104 18.99 -95.34 95.66
C ALA W 104 20.07 -94.27 95.73
N LEU W 105 19.77 -93.07 95.23
CA LEU W 105 20.73 -91.98 95.29
C LEU W 105 21.08 -91.65 96.72
N SER W 106 20.08 -91.60 97.60
CA SER W 106 20.34 -91.34 99.01
C SER W 106 21.23 -92.41 99.62
N PHE W 107 20.96 -93.67 99.30
CA PHE W 107 21.79 -94.76 99.82
C PHE W 107 23.22 -94.66 99.32
N TYR W 108 23.41 -94.30 98.05
CA TYR W 108 24.75 -94.28 97.46
C TYR W 108 25.63 -93.21 98.10
N LEU W 109 25.08 -92.04 98.39
CA LEU W 109 25.83 -90.96 99.01
C LEU W 109 26.13 -91.29 100.46
N ASN W 110 27.36 -90.99 100.90
CA ASN W 110 27.81 -91.27 102.25
C ASN W 110 29.10 -90.51 102.48
N GLU W 111 29.73 -90.72 103.65
CA GLU W 111 30.96 -90.01 103.98
C GLU W 111 32.05 -90.24 102.94
N ALA W 112 32.33 -91.50 102.62
CA ALA W 112 33.42 -91.80 101.70
C ALA W 112 33.21 -91.09 100.37
N LEU W 113 32.00 -91.18 99.83
CA LEU W 113 31.71 -90.52 98.55
C LEU W 113 31.82 -89.01 98.65
N TYR W 114 31.31 -88.41 99.72
CA TYR W 114 31.38 -86.96 99.83
C TYR W 114 32.81 -86.48 99.90
N GLY W 115 33.63 -87.13 100.72
CA GLY W 115 35.03 -86.79 100.78
C GLY W 115 35.73 -86.99 99.45
N LYS W 116 35.34 -88.03 98.71
CA LYS W 116 35.99 -88.32 97.45
C LYS W 116 35.57 -87.33 96.38
N LEU W 117 34.31 -86.89 96.41
CA LEU W 117 33.80 -85.96 95.41
C LEU W 117 34.36 -84.56 95.62
N ILE W 118 34.43 -84.10 96.87
CA ILE W 118 34.94 -82.75 97.10
C ILE W 118 36.40 -82.65 96.67
N GLY W 119 37.05 -83.78 96.42
CA GLY W 119 38.40 -83.82 95.87
C GLY W 119 38.48 -83.70 94.37
N TRP W 120 37.39 -83.36 93.69
CA TRP W 120 37.31 -83.17 92.24
C TRP W 120 37.52 -84.47 91.47
N GLU W 121 37.45 -85.62 92.13
CA GLU W 121 37.57 -86.89 91.42
C GLU W 121 36.36 -87.13 90.53
N SER W 122 36.57 -87.90 89.47
CA SER W 122 35.50 -88.27 88.55
C SER W 122 35.78 -89.62 87.92
N ALA X 1 -6.97 -71.09 110.41
CA ALA X 1 -6.53 -71.89 111.59
C ALA X 1 -7.38 -73.15 111.77
N LEU X 2 -7.87 -73.70 110.65
CA LEU X 2 -8.72 -74.88 110.74
C LEU X 2 -7.95 -76.06 111.31
N GLY X 3 -6.73 -76.27 110.82
CA GLY X 3 -5.93 -77.42 111.17
C GLY X 3 -5.26 -78.02 109.95
N ASP X 4 -4.18 -78.76 110.22
CA ASP X 4 -3.37 -79.29 109.14
C ASP X 4 -4.05 -80.43 108.40
N THR X 5 -5.07 -81.05 108.98
CA THR X 5 -5.77 -82.15 108.35
C THR X 5 -7.27 -81.94 108.40
N LEU X 6 -7.94 -82.39 107.34
CA LEU X 6 -9.38 -82.32 107.18
C LEU X 6 -9.90 -83.74 107.01
N THR X 7 -11.02 -84.05 107.66
CA THR X 7 -11.57 -85.40 107.66
C THR X 7 -12.89 -85.40 106.89
N ILE X 8 -12.98 -86.28 105.90
CA ILE X 8 -14.20 -86.52 105.13
C ILE X 8 -14.65 -87.95 105.40
N THR X 9 -15.89 -88.09 105.87
CA THR X 9 -16.48 -89.38 106.18
C THR X 9 -17.58 -89.65 105.15
N LEU X 10 -17.22 -90.35 104.08
CA LEU X 10 -18.19 -90.67 103.05
C LEU X 10 -19.31 -91.52 103.65
N GLY X 11 -20.55 -91.20 103.26
CA GLY X 11 -21.69 -91.90 103.81
C GLY X 11 -22.15 -91.42 105.16
N GLY X 12 -21.78 -90.20 105.55
CA GLY X 12 -22.26 -89.68 106.82
C GLY X 12 -21.73 -90.46 108.00
N SER X 13 -22.52 -90.51 109.06
CA SER X 13 -22.09 -91.18 110.28
C SER X 13 -21.87 -92.66 110.05
N GLY X 14 -20.78 -93.19 110.59
CA GLY X 14 -20.49 -94.61 110.51
C GLY X 14 -19.86 -95.07 109.21
N GLY X 15 -19.46 -94.16 108.33
CA GLY X 15 -18.96 -94.52 107.02
C GLY X 15 -17.45 -94.65 106.96
N THR X 16 -16.93 -94.52 105.76
CA THR X 16 -15.49 -94.63 105.50
C THR X 16 -14.84 -93.27 105.70
N ALA X 17 -13.71 -93.26 106.41
CA ALA X 17 -13.03 -92.02 106.74
C ALA X 17 -11.88 -91.76 105.76
N LYS X 18 -11.71 -90.48 105.42
CA LYS X 18 -10.62 -90.01 104.60
C LYS X 18 -9.96 -88.85 105.32
N VAL X 19 -8.62 -88.82 105.31
CA VAL X 19 -7.86 -87.82 106.05
C VAL X 19 -7.11 -86.98 105.02
N LEU X 20 -7.71 -85.86 104.63
CA LEU X 20 -7.04 -84.92 103.74
C LEU X 20 -5.92 -84.20 104.49
N ARG X 21 -4.86 -83.86 103.76
CA ARG X 21 -3.73 -83.11 104.31
C ARG X 21 -3.80 -81.67 103.84
N LYS X 22 -3.09 -80.78 104.55
CA LYS X 22 -2.97 -79.40 104.13
C LYS X 22 -1.75 -79.21 103.25
N ILE X 23 -1.91 -78.42 102.18
CA ILE X 23 -0.86 -78.19 101.21
C ILE X 23 -0.53 -76.70 101.09
N ASN X 24 -1.55 -75.86 100.97
CA ASN X 24 -1.35 -74.46 100.64
C ASN X 24 -2.43 -73.61 101.28
N GLN X 25 -2.12 -72.31 101.43
CA GLN X 25 -3.11 -71.32 101.81
C GLN X 25 -2.59 -69.95 101.42
N ASP X 26 -3.37 -69.21 100.63
CA ASP X 26 -2.95 -67.90 100.15
C ASP X 26 -4.18 -67.02 100.02
N GLY X 27 -3.94 -65.73 99.85
CA GLY X 27 -5.04 -64.78 99.86
C GLY X 27 -5.78 -64.91 101.17
N TYR X 28 -6.96 -65.51 101.14
CA TYR X 28 -7.68 -65.89 102.34
C TYR X 28 -8.29 -67.28 102.19
N THR X 29 -7.63 -68.16 101.44
CA THR X 29 -8.18 -69.45 101.06
C THR X 29 -7.33 -70.58 101.63
N SER X 30 -7.84 -71.80 101.50
CA SER X 30 -7.16 -72.99 101.99
C SER X 30 -7.46 -74.14 101.04
N GLU X 31 -6.56 -75.12 101.03
CA GLU X 31 -6.62 -76.24 100.10
C GLU X 31 -6.10 -77.50 100.77
N TYR X 32 -6.81 -78.60 100.55
CA TYR X 32 -6.43 -79.90 101.11
C TYR X 32 -6.49 -80.93 99.99
N TYR X 33 -5.59 -81.89 100.01
CA TYR X 33 -5.54 -82.87 98.93
C TYR X 33 -4.95 -84.18 99.43
N LEU X 34 -5.34 -85.27 98.75
CA LEU X 34 -4.97 -86.64 99.09
C LEU X 34 -5.07 -87.55 97.88
N PRO X 35 -4.00 -88.25 97.51
CA PRO X 35 -4.05 -89.14 96.35
C PRO X 35 -4.49 -90.57 96.65
N GLU X 36 -4.96 -91.24 95.59
CA GLU X 36 -5.43 -92.61 95.64
C GLU X 36 -5.09 -93.31 94.33
N THR X 37 -5.20 -94.64 94.33
CA THR X 37 -4.87 -95.42 93.15
C THR X 37 -5.87 -95.20 92.01
N SER X 38 -7.15 -95.05 92.36
CA SER X 38 -8.20 -94.90 91.37
C SER X 38 -8.91 -93.55 91.41
N SER X 39 -8.61 -92.70 92.39
CA SER X 39 -9.31 -91.43 92.51
C SER X 39 -8.43 -90.45 93.28
N SER X 40 -9.03 -89.34 93.71
CA SER X 40 -8.35 -88.33 94.49
C SER X 40 -9.42 -87.48 95.17
N PHE X 41 -9.00 -86.77 96.22
CA PHE X 41 -9.90 -85.89 96.96
C PHE X 41 -9.28 -84.51 97.14
N ARG X 42 -10.10 -83.48 96.92
CA ARG X 42 -9.72 -82.08 97.00
C ARG X 42 -10.72 -81.36 97.88
N ALA X 43 -10.24 -80.40 98.68
CA ALA X 43 -11.11 -79.59 99.53
C ALA X 43 -10.59 -78.16 99.56
N LYS X 44 -11.52 -77.20 99.52
CA LYS X 44 -11.17 -75.79 99.45
C LYS X 44 -12.09 -74.99 100.35
N VAL X 45 -11.54 -73.90 100.92
CA VAL X 45 -12.28 -72.95 101.73
C VAL X 45 -11.90 -71.55 101.27
N ARG X 46 -12.89 -70.68 101.10
CA ARG X 46 -12.64 -69.32 100.64
C ARG X 46 -13.49 -68.31 101.40
N HIS X 47 -12.98 -67.09 101.50
CA HIS X 47 -13.69 -65.94 102.05
C HIS X 47 -13.51 -64.75 101.11
N THR X 48 -14.56 -63.94 100.98
CA THR X 48 -14.55 -62.81 100.06
C THR X 48 -15.43 -61.69 100.59
N LYS X 49 -15.22 -60.50 100.05
CA LYS X 49 -16.04 -59.33 100.35
C LYS X 49 -16.64 -58.85 99.03
N GLU X 50 -17.97 -58.71 99.01
CA GLU X 50 -18.66 -58.46 97.74
C GLU X 50 -18.51 -57.01 97.29
N SER X 51 -18.50 -56.83 95.97
CA SER X 51 -18.42 -55.49 95.40
C SER X 51 -19.67 -54.71 95.74
N VAL X 52 -19.50 -53.45 96.14
CA VAL X 52 -20.60 -52.65 96.67
C VAL X 52 -20.58 -51.29 95.97
N LYS X 53 -21.68 -50.96 95.32
CA LYS X 53 -21.91 -49.62 94.83
C LYS X 53 -22.33 -48.71 95.98
N PRO X 54 -22.20 -47.38 95.83
CA PRO X 54 -22.38 -46.48 96.98
C PRO X 54 -23.69 -46.69 97.73
N ASN X 55 -23.80 -46.06 98.90
CA ASN X 55 -24.99 -46.04 99.74
C ASN X 55 -25.78 -47.34 99.71
N GLN X 56 -25.08 -48.46 99.92
CA GLN X 56 -25.74 -49.76 100.10
C GLN X 56 -24.96 -50.59 101.11
N VAL X 57 -25.66 -51.56 101.71
CA VAL X 57 -25.09 -52.35 102.78
C VAL X 57 -23.89 -53.17 102.27
N GLN X 58 -23.06 -53.61 103.22
CA GLN X 58 -21.84 -54.34 102.89
C GLN X 58 -22.04 -55.82 103.20
N TYR X 59 -21.76 -56.67 102.21
CA TYR X 59 -21.98 -58.11 102.31
C TYR X 59 -20.68 -58.87 102.10
N GLU X 60 -20.58 -60.03 102.74
CA GLU X 60 -19.44 -60.93 102.56
C GLU X 60 -19.91 -62.37 102.47
N ARG X 61 -19.14 -63.20 101.76
CA ARG X 61 -19.53 -64.54 101.34
C ARG X 61 -18.56 -65.57 101.90
N HIS X 62 -19.10 -66.66 102.43
CA HIS X 62 -18.32 -67.80 102.92
C HIS X 62 -18.64 -69.02 102.08
N ASN X 63 -17.61 -69.71 101.60
CA ASN X 63 -17.75 -70.83 100.68
C ASN X 63 -16.88 -71.99 101.14
N VAL X 64 -17.34 -73.21 100.86
CA VAL X 64 -16.56 -74.41 101.12
C VAL X 64 -17.06 -75.51 100.18
N GLU X 65 -16.14 -76.28 99.60
CA GLU X 65 -16.47 -77.22 98.55
C GLU X 65 -15.67 -78.50 98.71
N PHE X 66 -16.29 -79.62 98.33
CA PHE X 66 -15.65 -80.91 98.19
C PHE X 66 -15.63 -81.30 96.73
N THR X 67 -14.55 -81.95 96.30
CA THR X 67 -14.39 -82.37 94.92
C THR X 67 -13.76 -83.76 94.89
N GLU X 68 -14.23 -84.59 93.96
CA GLU X 68 -13.71 -85.94 93.78
C GLU X 68 -13.56 -86.21 92.28
N THR X 69 -12.43 -86.83 91.91
CA THR X 69 -12.15 -87.14 90.51
C THR X 69 -11.77 -88.60 90.38
N VAL X 70 -12.16 -89.18 89.25
CA VAL X 70 -11.86 -90.57 88.91
C VAL X 70 -11.08 -90.56 87.60
N TYR X 71 -9.88 -91.14 87.61
CA TYR X 71 -9.05 -91.12 86.42
C TYR X 71 -9.63 -92.03 85.34
N ALA X 72 -9.28 -91.71 84.10
CA ALA X 72 -9.78 -92.47 82.96
C ALA X 72 -9.36 -93.93 83.08
N SER X 73 -10.30 -94.84 82.83
CA SER X 73 -10.07 -96.28 82.93
C SER X 73 -10.50 -96.91 81.61
N GLY X 74 -9.62 -96.90 80.63
CA GLY X 74 -9.96 -97.45 79.32
C GLY X 74 -10.83 -96.50 78.54
N SER X 75 -11.96 -97.02 78.06
CA SER X 75 -12.84 -96.24 77.19
C SER X 75 -13.44 -95.04 77.93
N THR X 76 -13.85 -95.24 79.18
CA THR X 76 -14.49 -94.17 79.93
C THR X 76 -13.50 -93.06 80.25
N PRO X 77 -13.77 -91.81 79.90
CA PRO X 77 -12.84 -90.73 80.23
C PRO X 77 -12.98 -90.29 81.67
N GLU X 78 -12.04 -89.44 82.09
CA GLU X 78 -12.03 -88.90 83.43
C GLU X 78 -13.27 -88.03 83.68
N PHE X 79 -13.79 -88.12 84.89
CA PHE X 79 -14.93 -87.29 85.30
C PHE X 79 -14.77 -86.92 86.77
N VAL X 80 -15.68 -86.07 87.26
CA VAL X 80 -15.52 -85.38 88.53
C VAL X 80 -16.83 -85.43 89.30
N ARG X 81 -16.75 -85.04 90.58
CA ARG X 81 -17.92 -84.88 91.44
C ARG X 81 -17.64 -83.79 92.47
N GLN X 82 -18.64 -82.96 92.75
CA GLN X 82 -18.51 -81.86 93.70
C GLN X 82 -19.76 -81.76 94.56
N ALA X 83 -19.63 -80.99 95.64
CA ALA X 83 -20.77 -80.58 96.47
C ALA X 83 -20.32 -79.46 97.41
N TYR X 84 -20.99 -78.30 97.37
CA TYR X 84 -20.51 -77.13 98.09
C TYR X 84 -21.67 -76.32 98.64
N VAL X 85 -21.35 -75.38 99.54
CA VAL X 85 -22.31 -74.51 100.18
C VAL X 85 -21.77 -73.08 100.16
N VAL X 86 -22.68 -72.12 100.36
CA VAL X 86 -22.35 -70.71 100.37
C VAL X 86 -23.18 -70.02 101.45
N ILE X 87 -22.58 -69.05 102.13
CA ILE X 87 -23.22 -68.29 103.20
C ILE X 87 -22.95 -66.82 102.95
N ARG X 88 -24.02 -66.01 102.86
CA ARG X 88 -23.89 -64.59 102.58
C ARG X 88 -24.68 -63.81 103.63
N HIS X 89 -24.04 -62.80 104.21
CA HIS X 89 -24.65 -62.01 105.28
C HIS X 89 -23.88 -60.70 105.44
N LYS X 90 -24.54 -59.72 106.07
CA LYS X 90 -23.99 -58.38 106.15
C LYS X 90 -23.00 -58.25 107.30
N VAL X 91 -22.23 -57.18 107.25
CA VAL X 91 -21.17 -56.94 108.22
C VAL X 91 -21.77 -56.42 109.51
N GLY X 92 -21.29 -56.96 110.63
CA GLY X 92 -21.75 -56.53 111.94
C GLY X 92 -22.97 -57.28 112.46
N ASP X 93 -23.55 -58.18 111.67
CA ASP X 93 -24.73 -58.91 112.10
C ASP X 93 -24.35 -59.89 113.21
N VAL X 94 -25.35 -60.31 113.99
CA VAL X 94 -25.11 -61.23 115.09
C VAL X 94 -24.74 -62.59 114.53
N SER X 95 -23.63 -63.16 115.02
CA SER X 95 -23.11 -64.40 114.44
C SER X 95 -24.07 -65.57 114.68
N ALA X 96 -24.63 -65.67 115.88
CA ALA X 96 -25.44 -66.84 116.22
C ALA X 96 -26.66 -66.95 115.31
N THR X 97 -27.32 -65.83 115.04
CA THR X 97 -28.49 -65.87 114.18
C THR X 97 -28.12 -66.36 112.78
N VAL X 98 -27.00 -65.88 112.24
CA VAL X 98 -26.56 -66.33 110.94
C VAL X 98 -26.27 -67.83 110.97
N SER X 99 -25.66 -68.30 112.06
CA SER X 99 -25.34 -69.71 112.16
C SER X 99 -26.58 -70.58 112.22
N ASP X 100 -27.65 -70.09 112.84
CA ASP X 100 -28.86 -70.90 112.99
C ASP X 100 -29.44 -71.29 111.64
N LEU X 101 -29.42 -70.37 110.67
CA LEU X 101 -29.92 -70.69 109.33
C LEU X 101 -29.11 -71.82 108.72
N GLY X 102 -27.79 -71.78 108.86
CA GLY X 102 -26.97 -72.85 108.31
C GLY X 102 -27.21 -74.18 108.98
N GLU X 103 -27.39 -74.17 110.31
CA GLU X 103 -27.72 -75.41 111.00
C GLU X 103 -29.04 -75.97 110.52
N ALA X 104 -30.04 -75.12 110.34
CA ALA X 104 -31.32 -75.59 109.81
C ALA X 104 -31.14 -76.22 108.44
N LEU X 105 -30.39 -75.56 107.56
CA LEU X 105 -30.14 -76.13 106.23
C LEU X 105 -29.47 -77.49 106.33
N SER X 106 -28.42 -77.60 107.15
CA SER X 106 -27.69 -78.85 107.23
C SER X 106 -28.57 -79.97 107.79
N PHE X 107 -29.38 -79.64 108.79
CA PHE X 107 -30.26 -80.65 109.39
C PHE X 107 -31.35 -81.08 108.42
N TYR X 108 -31.81 -80.17 107.56
CA TYR X 108 -32.82 -80.51 106.57
C TYR X 108 -32.32 -81.53 105.56
N LEU X 109 -31.11 -81.34 105.04
CA LEU X 109 -30.56 -82.27 104.07
C LEU X 109 -30.15 -83.58 104.75
N ASN X 110 -30.50 -84.70 104.12
CA ASN X 110 -30.31 -86.03 104.71
C ASN X 110 -30.55 -87.08 103.62
N GLU X 111 -30.34 -88.34 103.99
CA GLU X 111 -30.33 -89.46 103.04
C GLU X 111 -31.49 -89.45 102.05
N ALA X 112 -32.71 -89.59 102.57
CA ALA X 112 -33.87 -89.69 101.68
C ALA X 112 -34.00 -88.45 100.83
N LEU X 113 -33.63 -87.29 101.38
CA LEU X 113 -33.80 -86.05 100.65
C LEU X 113 -32.80 -85.95 99.50
N TYR X 114 -31.54 -86.35 99.73
CA TYR X 114 -30.59 -86.37 98.63
C TYR X 114 -31.05 -87.34 97.55
N GLY X 115 -31.52 -88.52 97.97
CA GLY X 115 -32.04 -89.46 96.99
C GLY X 115 -33.17 -88.87 96.18
N LYS X 116 -34.05 -88.11 96.83
CA LYS X 116 -35.19 -87.53 96.12
C LYS X 116 -34.76 -86.43 95.16
N LEU X 117 -33.81 -85.58 95.58
CA LEU X 117 -33.36 -84.52 94.68
C LEU X 117 -32.62 -85.06 93.47
N ILE X 118 -31.81 -86.11 93.65
CA ILE X 118 -31.08 -86.63 92.50
C ILE X 118 -32.05 -87.15 91.45
N GLY X 119 -33.28 -87.46 91.84
CA GLY X 119 -34.28 -87.86 90.88
C GLY X 119 -34.96 -86.72 90.14
N TRP X 120 -34.34 -85.55 90.08
CA TRP X 120 -34.89 -84.38 89.40
C TRP X 120 -36.25 -83.95 89.97
N GLU X 121 -36.62 -84.49 91.12
CA GLU X 121 -37.92 -84.21 91.72
C GLU X 121 -37.95 -82.78 92.25
N SER X 122 -38.47 -81.86 91.43
CA SER X 122 -38.52 -80.45 91.78
C SER X 122 -39.69 -80.17 92.72
N ALA Y 1 38.77 -90.73 89.62
CA ALA Y 1 38.80 -92.21 89.91
C ALA Y 1 37.38 -92.78 89.90
N LEU Y 2 36.77 -92.91 91.08
CA LEU Y 2 35.39 -93.36 91.21
C LEU Y 2 35.22 -94.80 90.71
N GLY Y 3 36.32 -95.48 90.39
CA GLY Y 3 36.27 -96.84 89.89
C GLY Y 3 35.87 -96.91 88.43
N ASP Y 4 36.08 -98.09 87.86
CA ASP Y 4 35.68 -98.34 86.48
C ASP Y 4 34.20 -98.68 86.36
N THR Y 5 33.53 -98.99 87.47
CA THR Y 5 32.12 -99.31 87.46
C THR Y 5 31.42 -98.65 88.63
N LEU Y 6 30.13 -98.35 88.42
CA LEU Y 6 29.24 -97.82 89.45
C LEU Y 6 28.05 -98.76 89.60
N THR Y 7 27.62 -98.98 90.84
CA THR Y 7 26.49 -99.83 91.15
C THR Y 7 25.35 -99.02 91.73
N ILE Y 8 24.17 -99.15 91.12
CA ILE Y 8 22.95 -98.49 91.60
C ILE Y 8 22.04 -99.57 92.15
N THR Y 9 21.63 -99.41 93.41
CA THR Y 9 20.74 -100.35 94.07
C THR Y 9 19.35 -99.73 94.12
N LEU Y 10 18.52 -100.06 93.14
CA LEU Y 10 17.15 -99.55 93.12
C LEU Y 10 16.42 -100.04 94.36
N GLY Y 11 15.68 -99.14 95.00
CA GLY Y 11 14.97 -99.48 96.21
C GLY Y 11 15.80 -99.41 97.47
N GLY Y 12 16.89 -98.66 97.46
CA GLY Y 12 17.68 -98.52 98.66
C GLY Y 12 18.44 -99.80 98.97
N SER Y 13 18.85 -99.91 100.24
CA SER Y 13 19.62 -101.06 100.67
C SER Y 13 18.79 -102.34 100.56
N GLY Y 14 19.45 -103.41 100.12
CA GLY Y 14 18.78 -104.70 99.97
C GLY Y 14 17.97 -104.87 98.71
N GLY Y 15 18.11 -103.98 97.74
CA GLY Y 15 17.31 -104.02 96.52
C GLY Y 15 17.97 -104.75 95.38
N THR Y 16 17.63 -104.33 94.16
CA THR Y 16 18.19 -104.88 92.94
C THR Y 16 19.36 -104.03 92.49
N ALA Y 17 20.49 -104.67 92.20
CA ALA Y 17 21.72 -103.97 91.85
C ALA Y 17 21.87 -103.87 90.34
N LYS Y 18 22.14 -102.66 89.85
CA LYS Y 18 22.50 -102.42 88.46
C LYS Y 18 23.93 -101.86 88.42
N VAL Y 19 24.77 -102.42 87.56
CA VAL Y 19 26.17 -102.07 87.47
C VAL Y 19 26.42 -101.35 86.14
N LEU Y 20 26.94 -100.13 86.21
CA LEU Y 20 27.26 -99.36 85.01
C LEU Y 20 28.77 -99.29 84.84
N ARG Y 21 29.19 -98.87 83.64
CA ARG Y 21 30.59 -98.91 83.26
C ARG Y 21 30.97 -97.62 82.54
N LYS Y 22 32.24 -97.24 82.65
CA LYS Y 22 32.70 -96.01 82.03
C LYS Y 22 32.66 -96.10 80.51
N ILE Y 23 32.27 -95.00 79.88
CA ILE Y 23 32.29 -94.91 78.42
C ILE Y 23 32.98 -93.65 77.91
N ASN Y 24 33.22 -92.64 78.74
CA ASN Y 24 33.84 -91.40 78.30
C ASN Y 24 34.30 -90.64 79.54
N GLN Y 25 35.17 -89.66 79.32
CA GLN Y 25 35.58 -88.77 80.40
C GLN Y 25 36.14 -87.49 79.78
N ASP Y 26 35.34 -86.43 79.77
CA ASP Y 26 35.71 -85.19 79.11
C ASP Y 26 35.32 -84.00 79.98
N GLY Y 27 36.18 -82.98 79.98
CA GLY Y 27 35.85 -81.72 80.62
C GLY Y 27 35.51 -81.83 82.09
N TYR Y 28 36.28 -82.60 82.85
CA TYR Y 28 36.02 -82.81 84.27
C TYR Y 28 34.66 -83.43 84.49
N THR Y 29 34.20 -84.24 83.53
CA THR Y 29 32.92 -84.92 83.61
C THR Y 29 33.13 -86.40 83.30
N SER Y 30 32.35 -87.25 83.96
CA SER Y 30 32.39 -88.68 83.72
C SER Y 30 30.96 -89.20 83.67
N GLU Y 31 30.74 -90.22 82.85
CA GLU Y 31 29.42 -90.84 82.80
C GLU Y 31 29.53 -92.34 82.64
N TYR Y 32 28.46 -93.02 83.04
CA TYR Y 32 28.39 -94.47 83.11
C TYR Y 32 27.19 -94.92 82.29
N TYR Y 33 27.23 -96.15 81.75
CA TYR Y 33 26.16 -96.64 80.91
C TYR Y 33 25.90 -98.12 81.15
N LEU Y 34 24.64 -98.53 80.91
CA LEU Y 34 24.20 -99.92 80.98
C LEU Y 34 22.91 -100.10 80.19
N PRO Y 35 22.91 -100.85 79.10
CA PRO Y 35 21.67 -101.05 78.34
C PRO Y 35 20.91 -102.32 78.73
N GLU Y 36 19.61 -102.29 78.47
CA GLU Y 36 18.72 -103.44 78.64
C GLU Y 36 17.77 -103.49 77.45
N THR Y 37 16.84 -104.44 77.48
CA THR Y 37 15.89 -104.58 76.37
C THR Y 37 14.82 -103.48 76.39
N SER Y 38 14.28 -103.16 77.57
CA SER Y 38 13.20 -102.20 77.67
C SER Y 38 13.62 -100.88 78.29
N SER Y 39 14.85 -100.76 78.78
CA SER Y 39 15.29 -99.53 79.45
C SER Y 39 16.81 -99.47 79.43
N SER Y 40 17.34 -98.36 79.92
CA SER Y 40 18.78 -98.16 80.00
C SER Y 40 19.08 -97.15 81.09
N PHE Y 41 20.30 -97.24 81.64
CA PHE Y 41 20.70 -96.46 82.80
C PHE Y 41 21.95 -95.66 82.48
N ARG Y 42 21.94 -94.39 82.86
CA ARG Y 42 23.10 -93.51 82.73
C ARG Y 42 23.32 -92.79 84.05
N ALA Y 43 24.60 -92.57 84.38
CA ALA Y 43 24.99 -91.76 85.52
C ALA Y 43 26.09 -90.82 85.08
N LYS Y 44 26.02 -89.57 85.54
CA LYS Y 44 26.98 -88.54 85.16
C LYS Y 44 27.51 -87.84 86.39
N VAL Y 45 28.78 -87.44 86.33
CA VAL Y 45 29.42 -86.64 87.37
C VAL Y 45 30.03 -85.41 86.71
N ARG Y 46 29.81 -84.24 87.31
CA ARG Y 46 30.30 -82.98 86.76
C ARG Y 46 30.96 -82.17 87.87
N HIS Y 47 32.02 -81.43 87.49
CA HIS Y 47 32.65 -80.44 88.36
C HIS Y 47 32.81 -79.14 87.56
N THR Y 48 32.68 -78.01 88.25
CA THR Y 48 32.85 -76.72 87.57
C THR Y 48 32.93 -75.61 88.62
N LYS Y 49 33.35 -74.44 88.15
CA LYS Y 49 33.37 -73.21 88.92
C LYS Y 49 32.82 -72.06 88.07
N GLU Y 50 32.06 -71.17 88.68
CA GLU Y 50 31.36 -70.13 87.92
C GLU Y 50 32.33 -69.04 87.48
N SER Y 51 31.81 -68.08 86.72
CA SER Y 51 32.61 -66.98 86.23
C SER Y 51 33.18 -66.17 87.39
N VAL Y 52 34.49 -65.86 87.32
CA VAL Y 52 35.11 -65.04 88.35
C VAL Y 52 34.73 -63.59 88.14
N LYS Y 53 34.43 -62.89 89.23
CA LYS Y 53 34.10 -61.48 89.19
C LYS Y 53 35.06 -60.73 90.11
N PRO Y 54 35.46 -59.50 89.77
CA PRO Y 54 36.47 -58.79 90.56
C PRO Y 54 36.54 -59.05 92.06
N ASN Y 55 35.50 -58.77 92.85
CA ASN Y 55 35.67 -58.70 94.31
C ASN Y 55 34.56 -59.36 95.14
N GLN Y 56 34.67 -60.66 95.32
CA GLN Y 56 34.00 -61.40 96.39
C GLN Y 56 34.41 -62.86 96.26
N VAL Y 57 33.88 -63.69 97.17
CA VAL Y 57 34.28 -65.10 97.20
C VAL Y 57 33.97 -65.77 95.87
N GLN Y 58 34.69 -66.86 95.62
CA GLN Y 58 34.51 -67.68 94.42
C GLN Y 58 34.18 -69.11 94.85
N TYR Y 59 33.16 -69.69 94.23
CA TYR Y 59 32.64 -70.99 94.62
C TYR Y 59 32.95 -72.04 93.56
N GLU Y 60 32.77 -73.31 93.93
CA GLU Y 60 32.81 -74.41 92.99
C GLU Y 60 31.60 -75.33 93.23
N ARG Y 61 31.22 -76.05 92.17
CA ARG Y 61 29.94 -76.74 92.11
C ARG Y 61 30.19 -78.20 91.80
N HIS Y 62 29.64 -79.08 92.64
CA HIS Y 62 29.74 -80.53 92.45
C HIS Y 62 28.34 -81.09 92.23
N ASN Y 63 28.18 -81.93 91.20
CA ASN Y 63 26.88 -82.45 90.79
C ASN Y 63 26.95 -83.94 90.54
N VAL Y 64 25.88 -84.64 90.90
CA VAL Y 64 25.73 -86.08 90.63
C VAL Y 64 24.32 -86.34 90.14
N GLU Y 65 24.19 -87.09 89.04
CA GLU Y 65 22.92 -87.25 88.34
C GLU Y 65 22.66 -88.70 87.99
N PHE Y 66 21.40 -89.11 88.12
CA PHE Y 66 20.94 -90.46 87.75
C PHE Y 66 19.83 -90.30 86.72
N THR Y 67 19.86 -91.13 85.67
CA THR Y 67 18.84 -91.09 84.63
C THR Y 67 18.39 -92.51 84.29
N GLU Y 68 17.09 -92.70 84.11
CA GLU Y 68 16.50 -93.95 83.65
C GLU Y 68 15.49 -93.63 82.56
N THR Y 69 15.65 -94.24 81.39
CA THR Y 69 14.80 -93.97 80.24
C THR Y 69 14.09 -95.25 79.80
N VAL Y 70 12.84 -95.09 79.39
CA VAL Y 70 12.01 -96.20 78.91
C VAL Y 70 11.67 -95.94 77.46
N TYR Y 71 12.06 -96.87 76.58
CA TYR Y 71 11.76 -96.74 75.16
C TYR Y 71 10.27 -96.81 74.91
N ALA Y 72 9.83 -96.08 73.88
CA ALA Y 72 8.43 -96.03 73.51
C ALA Y 72 7.95 -97.43 73.15
N SER Y 73 6.78 -97.81 73.69
CA SER Y 73 6.17 -99.10 73.42
C SER Y 73 4.70 -98.86 73.06
N GLY Y 74 4.33 -99.25 71.85
CA GLY Y 74 2.95 -99.02 71.41
C GLY Y 74 2.62 -97.54 71.42
N SER Y 75 1.48 -97.21 72.03
CA SER Y 75 1.03 -95.82 72.06
C SER Y 75 1.89 -94.98 72.99
N THR Y 76 2.43 -95.58 74.05
CA THR Y 76 3.18 -94.82 75.04
C THR Y 76 4.47 -94.27 74.43
N PRO Y 77 4.73 -92.97 74.51
CA PRO Y 77 5.98 -92.43 73.95
C PRO Y 77 7.15 -92.48 74.93
N GLU Y 78 8.27 -91.88 74.54
CA GLU Y 78 9.46 -91.84 75.36
C GLU Y 78 9.21 -91.06 76.65
N PHE Y 79 9.86 -91.49 77.73
CA PHE Y 79 9.89 -90.72 78.96
C PHE Y 79 11.04 -91.21 79.82
N VAL Y 80 11.41 -90.39 80.81
CA VAL Y 80 12.60 -90.61 81.62
C VAL Y 80 12.29 -90.37 83.09
N ARG Y 81 13.12 -90.94 83.95
CA ARG Y 81 13.10 -90.66 85.39
C ARG Y 81 14.49 -90.21 85.80
N GLN Y 82 14.54 -89.12 86.57
CA GLN Y 82 15.79 -88.43 86.86
C GLN Y 82 15.85 -88.11 88.35
N ALA Y 83 17.07 -87.93 88.86
CA ALA Y 83 17.27 -87.47 90.23
C ALA Y 83 18.72 -87.09 90.47
N TYR Y 84 18.99 -85.85 90.89
CA TYR Y 84 20.36 -85.40 91.01
C TYR Y 84 20.52 -84.45 92.18
N VAL Y 85 21.77 -84.35 92.66
CA VAL Y 85 22.15 -83.52 93.80
C VAL Y 85 23.35 -82.69 93.39
N VAL Y 86 23.46 -81.50 93.98
CA VAL Y 86 24.60 -80.62 93.73
C VAL Y 86 25.05 -80.03 95.06
N ILE Y 87 26.32 -79.63 95.12
CA ILE Y 87 26.91 -79.02 96.32
C ILE Y 87 27.72 -77.80 95.89
N ARG Y 88 27.63 -76.73 96.68
CA ARG Y 88 28.31 -75.48 96.39
C ARG Y 88 28.98 -74.97 97.66
N HIS Y 89 30.29 -74.75 97.59
CA HIS Y 89 31.09 -74.26 98.71
C HIS Y 89 32.33 -73.60 98.13
N LYS Y 90 32.99 -72.79 98.96
CA LYS Y 90 34.05 -71.94 98.47
C LYS Y 90 35.38 -72.69 98.41
N VAL Y 91 36.37 -72.06 97.77
CA VAL Y 91 37.57 -72.77 97.34
C VAL Y 91 38.38 -73.27 98.53
N GLY Y 92 38.62 -72.40 99.51
CA GLY Y 92 39.51 -72.76 100.60
C GLY Y 92 38.80 -73.24 101.85
N ASP Y 93 37.53 -73.61 101.71
CA ASP Y 93 36.75 -74.02 102.86
C ASP Y 93 37.22 -75.36 103.38
N VAL Y 94 36.84 -75.66 104.64
CA VAL Y 94 37.18 -76.94 105.24
C VAL Y 94 36.30 -78.03 104.64
N SER Y 95 36.92 -79.14 104.26
CA SER Y 95 36.21 -80.19 103.53
C SER Y 95 35.22 -80.93 104.43
N ALA Y 96 35.65 -81.32 105.63
CA ALA Y 96 34.80 -82.15 106.47
C ALA Y 96 33.50 -81.44 106.85
N THR Y 97 33.59 -80.15 107.18
CA THR Y 97 32.39 -79.40 107.48
C THR Y 97 31.43 -79.39 106.29
N VAL Y 98 31.97 -79.22 105.09
CA VAL Y 98 31.13 -79.26 103.89
C VAL Y 98 30.46 -80.61 103.77
N SER Y 99 31.21 -81.69 104.01
CA SER Y 99 30.64 -83.02 103.89
C SER Y 99 29.54 -83.25 104.93
N ASP Y 100 29.64 -82.60 106.09
CA ASP Y 100 28.64 -82.83 107.14
C ASP Y 100 27.25 -82.40 106.69
N LEU Y 101 27.15 -81.25 106.01
CA LEU Y 101 25.84 -80.78 105.54
C LEU Y 101 25.24 -81.78 104.55
N GLY Y 102 26.04 -82.24 103.59
CA GLY Y 102 25.53 -83.20 102.62
C GLY Y 102 25.16 -84.51 103.25
N GLU Y 103 25.93 -84.95 104.24
CA GLU Y 103 25.59 -86.18 104.95
C GLU Y 103 24.26 -86.04 105.66
N ALA Y 104 24.04 -84.89 106.29
CA ALA Y 104 22.74 -84.63 106.92
C ALA Y 104 21.62 -84.67 105.90
N LEU Y 105 21.83 -84.05 104.73
CA LEU Y 105 20.80 -84.07 103.70
C LEU Y 105 20.49 -85.48 103.27
N SER Y 106 21.52 -86.31 103.11
CA SER Y 106 21.30 -87.71 102.74
C SER Y 106 20.53 -88.45 103.82
N PHE Y 107 20.87 -88.19 105.09
CA PHE Y 107 20.22 -88.92 106.19
C PHE Y 107 18.76 -88.52 106.33
N TYR Y 108 18.44 -87.25 106.09
CA TYR Y 108 17.06 -86.78 106.21
C TYR Y 108 16.14 -87.49 105.21
N LEU Y 109 16.57 -87.60 103.96
CA LEU Y 109 15.74 -88.20 102.92
C LEU Y 109 15.61 -89.71 103.13
N ASN Y 110 14.42 -90.24 102.88
CA ASN Y 110 14.16 -91.67 102.99
C ASN Y 110 12.81 -91.96 102.34
N GLU Y 111 12.39 -93.22 102.43
CA GLU Y 111 11.11 -93.63 101.83
C GLU Y 111 9.95 -92.76 102.29
N ALA Y 112 9.85 -92.50 103.59
CA ALA Y 112 8.74 -91.69 104.08
C ALA Y 112 8.74 -90.33 103.41
N LEU Y 113 9.89 -89.65 103.40
CA LEU Y 113 9.96 -88.32 102.81
C LEU Y 113 9.69 -88.36 101.30
N TYR Y 114 10.23 -89.35 100.59
CA TYR Y 114 9.97 -89.42 99.16
C TYR Y 114 8.49 -89.60 98.87
N GLY Y 115 7.87 -90.60 99.51
CA GLY Y 115 6.46 -90.82 99.28
C GLY Y 115 5.62 -89.61 99.66
N LYS Y 116 6.04 -88.89 100.70
CA LYS Y 116 5.27 -87.76 101.18
C LYS Y 116 5.42 -86.55 100.26
N LEU Y 117 6.62 -86.35 99.69
CA LEU Y 117 6.82 -85.28 98.72
C LEU Y 117 6.07 -85.56 97.43
N ILE Y 118 6.14 -86.80 96.93
CA ILE Y 118 5.44 -87.14 95.70
C ILE Y 118 3.95 -86.82 95.83
N GLY Y 119 3.44 -86.79 97.05
CA GLY Y 119 2.05 -86.43 97.29
C GLY Y 119 1.79 -84.94 97.37
N TRP Y 120 2.72 -84.12 96.90
CA TRP Y 120 2.62 -82.66 96.88
C TRP Y 120 2.36 -82.07 98.26
N GLU Y 121 2.63 -82.82 99.32
CA GLU Y 121 2.44 -82.32 100.68
C GLU Y 121 3.67 -81.52 101.12
N SER Y 122 3.49 -80.21 101.30
CA SER Y 122 4.59 -79.35 101.71
C SER Y 122 4.27 -78.69 103.06
N ALA Z 1 49.52 -91.90 79.63
CA ALA Z 1 49.61 -93.23 80.30
C ALA Z 1 50.71 -93.24 81.36
N LEU Z 2 50.82 -92.14 82.11
CA LEU Z 2 51.77 -92.07 83.21
C LEU Z 2 51.24 -92.75 84.47
N GLY Z 3 50.00 -93.18 84.47
CA GLY Z 3 49.35 -93.70 85.65
C GLY Z 3 48.46 -92.66 86.31
N ASP Z 4 47.44 -93.13 87.02
CA ASP Z 4 46.47 -92.24 87.65
C ASP Z 4 47.06 -91.45 88.83
N THR Z 5 48.28 -91.76 89.25
CA THR Z 5 48.92 -91.09 90.36
C THR Z 5 50.23 -90.45 89.93
N LEU Z 6 50.46 -89.23 90.39
CA LEU Z 6 51.70 -88.49 90.17
C LEU Z 6 52.21 -88.04 91.53
N THR Z 7 53.52 -88.15 91.75
CA THR Z 7 54.12 -87.84 93.03
C THR Z 7 55.06 -86.66 92.91
N ILE Z 8 54.95 -85.72 93.85
CA ILE Z 8 55.84 -84.58 93.96
C ILE Z 8 56.51 -84.63 95.33
N THR Z 9 57.83 -84.58 95.35
CA THR Z 9 58.62 -84.62 96.59
C THR Z 9 59.26 -83.24 96.77
N LEU Z 10 58.70 -82.45 97.68
CA LEU Z 10 59.23 -81.11 97.90
C LEU Z 10 60.63 -81.20 98.51
N GLY Z 11 61.46 -80.22 98.18
CA GLY Z 11 62.83 -80.23 98.64
C GLY Z 11 63.72 -81.25 97.96
N GLY Z 12 63.44 -81.59 96.71
CA GLY Z 12 64.25 -82.55 96.00
C GLY Z 12 64.11 -83.95 96.55
N SER Z 13 65.24 -84.58 96.84
CA SER Z 13 65.26 -85.94 97.37
C SER Z 13 65.07 -85.97 98.89
N GLY Z 14 64.88 -84.82 99.53
CA GLY Z 14 64.70 -84.78 100.96
C GLY Z 14 63.49 -85.54 101.46
N GLY Z 15 62.30 -85.03 101.17
CA GLY Z 15 61.08 -85.67 101.67
C GLY Z 15 59.85 -84.85 101.32
N THR Z 16 58.84 -84.96 102.17
CA THR Z 16 57.58 -84.23 102.00
C THR Z 16 56.93 -84.57 100.65
N ALA Z 17 56.58 -85.85 100.52
CA ALA Z 17 55.99 -86.34 99.28
C ALA Z 17 54.51 -85.98 99.20
N LYS Z 18 54.09 -85.57 98.00
CA LYS Z 18 52.71 -85.23 97.71
C LYS Z 18 52.20 -86.13 96.59
N VAL Z 19 50.97 -86.61 96.73
CA VAL Z 19 50.41 -87.60 95.81
C VAL Z 19 49.23 -86.95 95.10
N LEU Z 20 49.48 -86.47 93.88
CA LEU Z 20 48.40 -85.96 93.04
C LEU Z 20 47.67 -87.12 92.38
N ARG Z 21 46.41 -86.88 92.02
CA ARG Z 21 45.57 -87.89 91.38
C ARG Z 21 45.01 -87.36 90.07
N LYS Z 22 44.82 -88.27 89.11
CA LYS Z 22 44.31 -87.84 87.82
C LYS Z 22 42.90 -87.28 87.95
N ILE Z 23 42.67 -86.17 87.26
CA ILE Z 23 41.41 -85.43 87.32
C ILE Z 23 40.77 -85.23 85.97
N ASN Z 24 41.53 -85.25 84.89
CA ASN Z 24 41.01 -84.97 83.56
C ASN Z 24 42.03 -85.46 82.54
N GLN Z 25 41.57 -85.65 81.30
CA GLN Z 25 42.49 -85.99 80.22
C GLN Z 25 41.78 -85.65 78.90
N ASP Z 26 42.28 -84.66 78.18
CA ASP Z 26 41.69 -84.29 76.90
C ASP Z 26 42.76 -83.70 75.99
N GLY Z 27 42.68 -84.03 74.70
CA GLY Z 27 43.55 -83.43 73.72
C GLY Z 27 45.03 -83.66 73.99
N TYR Z 28 45.38 -84.91 74.29
CA TYR Z 28 46.77 -85.26 74.59
C TYR Z 28 47.28 -84.46 75.78
N THR Z 29 46.41 -84.21 76.76
CA THR Z 29 46.72 -83.43 77.94
C THR Z 29 46.30 -84.21 79.17
N SER Z 30 47.03 -84.05 80.26
CA SER Z 30 46.70 -84.69 81.52
C SER Z 30 46.90 -83.67 82.64
N GLU Z 31 46.16 -83.88 83.72
CA GLU Z 31 46.13 -82.92 84.80
C GLU Z 31 45.92 -83.66 86.12
N TYR Z 32 46.60 -83.20 87.17
CA TYR Z 32 46.55 -83.83 88.48
C TYR Z 32 46.27 -82.77 89.53
N TYR Z 33 45.64 -83.17 90.64
CA TYR Z 33 45.20 -82.20 91.64
C TYR Z 33 45.15 -82.86 93.01
N LEU Z 34 45.41 -82.06 94.04
CA LEU Z 34 45.28 -82.47 95.44
C LEU Z 34 45.13 -81.26 96.35
N PRO Z 35 44.00 -81.10 97.05
CA PRO Z 35 43.87 -80.00 97.99
C PRO Z 35 44.27 -80.36 99.42
N GLU Z 36 44.59 -79.33 100.18
CA GLU Z 36 44.95 -79.45 101.60
C GLU Z 36 44.26 -78.32 102.35
N THR Z 37 44.67 -78.11 103.61
CA THR Z 37 44.02 -77.09 104.43
C THR Z 37 44.27 -75.68 103.88
N SER Z 38 45.54 -75.35 103.64
CA SER Z 38 45.90 -73.98 103.28
C SER Z 38 46.52 -73.85 101.90
N SER Z 39 46.75 -74.94 101.18
CA SER Z 39 47.29 -74.87 99.83
C SER Z 39 46.92 -76.13 99.08
N SER Z 40 47.09 -76.07 97.76
CA SER Z 40 46.74 -77.17 96.88
C SER Z 40 47.84 -77.34 95.84
N PHE Z 41 47.88 -78.53 95.24
CA PHE Z 41 48.87 -78.85 94.23
C PHE Z 41 48.20 -79.28 92.93
N ARG Z 42 48.84 -78.94 91.82
CA ARG Z 42 48.30 -79.17 90.49
C ARG Z 42 49.45 -79.44 89.54
N ALA Z 43 49.27 -80.42 88.64
CA ALA Z 43 50.26 -80.76 87.65
C ALA Z 43 49.58 -80.97 86.30
N LYS Z 44 50.25 -80.54 85.23
CA LYS Z 44 49.72 -80.65 83.88
C LYS Z 44 50.81 -81.17 82.95
N VAL Z 45 50.42 -81.93 81.94
CA VAL Z 45 51.33 -82.44 80.92
C VAL Z 45 50.73 -82.13 79.56
N ARG Z 46 51.53 -81.53 78.67
CA ARG Z 46 51.04 -81.11 77.36
C ARG Z 46 52.02 -81.52 76.26
N HIS Z 47 51.46 -81.88 75.11
CA HIS Z 47 52.19 -82.09 73.87
C HIS Z 47 51.55 -81.25 72.77
N THR Z 48 52.35 -80.84 71.79
CA THR Z 48 51.86 -79.95 70.76
C THR Z 48 52.63 -80.15 69.46
N LYS Z 49 51.98 -79.79 68.35
CA LYS Z 49 52.58 -79.78 67.01
C LYS Z 49 52.07 -78.54 66.29
N GLU Z 50 52.96 -77.63 65.94
CA GLU Z 50 52.52 -76.35 65.39
C GLU Z 50 52.06 -76.49 63.94
N SER Z 51 51.35 -75.47 63.47
CA SER Z 51 50.92 -75.42 62.07
C SER Z 51 52.13 -75.50 61.13
N VAL Z 52 51.99 -76.29 60.07
CA VAL Z 52 53.08 -76.49 59.12
C VAL Z 52 53.14 -75.30 58.16
N LYS Z 53 54.35 -74.95 57.74
CA LYS Z 53 54.56 -73.96 56.70
C LYS Z 53 55.38 -74.59 55.58
N PRO Z 54 55.20 -74.14 54.33
CA PRO Z 54 55.96 -74.73 53.23
C PRO Z 54 57.45 -74.47 53.36
N ASN Z 55 58.25 -75.37 52.79
CA ASN Z 55 59.71 -75.29 52.80
C ASN Z 55 60.26 -74.96 54.19
N GLN Z 56 59.57 -75.43 55.23
CA GLN Z 56 60.00 -75.26 56.61
C GLN Z 56 59.84 -76.58 57.34
N VAL Z 57 60.64 -76.76 58.38
CA VAL Z 57 60.72 -78.02 59.09
C VAL Z 57 59.69 -78.07 60.20
N GLN Z 58 58.98 -79.20 60.32
CA GLN Z 58 58.02 -79.38 61.39
C GLN Z 58 58.74 -79.70 62.70
N TYR Z 59 58.14 -79.28 63.81
CA TYR Z 59 58.74 -79.34 65.14
C TYR Z 59 57.72 -79.90 66.13
N GLU Z 60 58.22 -80.38 67.28
CA GLU Z 60 57.34 -80.78 68.37
C GLU Z 60 57.80 -80.11 69.67
N ARG Z 61 56.84 -79.86 70.55
CA ARG Z 61 57.08 -79.32 71.88
C ARG Z 61 56.49 -80.26 72.91
N HIS Z 62 57.20 -80.46 74.02
CA HIS Z 62 56.69 -81.17 75.17
C HIS Z 62 56.86 -80.30 76.41
N ASN Z 63 55.77 -80.12 77.17
CA ASN Z 63 55.74 -79.20 78.29
C ASN Z 63 55.25 -79.91 79.53
N VAL Z 64 55.81 -79.54 80.69
CA VAL Z 64 55.39 -80.06 81.99
C VAL Z 64 55.24 -78.88 82.94
N GLU Z 65 54.12 -78.83 83.65
CA GLU Z 65 53.75 -77.69 84.48
C GLU Z 65 53.55 -78.14 85.92
N PHE Z 66 54.13 -77.39 86.86
CA PHE Z 66 53.81 -77.53 88.29
C PHE Z 66 53.20 -76.23 88.78
N THR Z 67 52.16 -76.34 89.60
CA THR Z 67 51.40 -75.20 90.09
C THR Z 67 51.08 -75.40 91.57
N GLU Z 68 51.16 -74.31 92.33
CA GLU Z 68 50.83 -74.33 93.75
C GLU Z 68 50.16 -73.00 94.12
N THR Z 69 49.02 -73.08 94.80
CA THR Z 69 48.27 -71.90 95.20
C THR Z 69 48.10 -71.88 96.71
N VAL Z 70 48.22 -70.70 97.29
CA VAL Z 70 48.12 -70.49 98.74
C VAL Z 70 46.90 -69.61 98.99
N TYR Z 71 45.96 -70.10 99.79
CA TYR Z 71 44.73 -69.37 100.04
C TYR Z 71 44.98 -68.15 100.91
N ALA Z 72 44.07 -67.18 100.79
CA ALA Z 72 44.21 -65.92 101.50
C ALA Z 72 44.06 -66.13 103.00
N SER Z 73 44.62 -65.19 103.76
CA SER Z 73 44.54 -65.23 105.22
C SER Z 73 44.86 -63.84 105.73
N GLY Z 74 43.97 -63.28 106.55
CA GLY Z 74 44.12 -61.91 106.97
C GLY Z 74 44.06 -60.97 105.77
N SER Z 75 44.99 -60.03 105.72
CA SER Z 75 45.05 -59.07 104.62
C SER Z 75 45.86 -59.58 103.42
N THR Z 76 46.44 -60.76 103.52
CA THR Z 76 47.21 -61.33 102.41
C THR Z 76 46.27 -61.86 101.34
N PRO Z 77 46.33 -61.37 100.09
CA PRO Z 77 45.48 -61.93 99.04
C PRO Z 77 46.01 -63.24 98.47
N GLU Z 78 45.40 -63.70 97.39
CA GLU Z 78 45.81 -64.93 96.74
C GLU Z 78 47.19 -64.79 96.11
N PHE Z 79 47.90 -65.92 96.01
CA PHE Z 79 49.12 -65.98 95.20
C PHE Z 79 49.45 -67.44 94.94
N VAL Z 80 50.32 -67.66 93.95
CA VAL Z 80 50.61 -68.98 93.43
C VAL Z 80 52.12 -69.14 93.33
N ARG Z 81 52.57 -70.39 93.13
CA ARG Z 81 53.94 -70.70 92.77
C ARG Z 81 53.94 -71.71 91.63
N GLN Z 82 54.87 -71.55 90.69
CA GLN Z 82 54.92 -72.34 89.47
C GLN Z 82 56.34 -72.85 89.24
N ALA Z 83 56.45 -73.85 88.37
CA ALA Z 83 57.73 -74.31 87.83
C ALA Z 83 57.44 -75.22 86.65
N TYR Z 84 58.03 -74.96 85.48
CA TYR Z 84 57.75 -75.78 84.31
C TYR Z 84 58.97 -75.86 83.41
N VAL Z 85 58.94 -76.85 82.51
CA VAL Z 85 59.98 -77.09 81.53
C VAL Z 85 59.35 -77.45 80.19
N VAL Z 86 60.05 -77.12 79.11
CA VAL Z 86 59.62 -77.48 77.77
C VAL Z 86 60.78 -78.08 76.98
N ILE Z 87 60.49 -79.15 76.22
CA ILE Z 87 61.40 -79.72 75.24
C ILE Z 87 60.88 -79.35 73.86
N ARG Z 88 61.78 -79.03 72.93
CA ARG Z 88 61.42 -78.31 71.71
C ARG Z 88 62.34 -78.81 70.61
N HIS Z 89 61.87 -79.74 69.78
CA HIS Z 89 62.75 -80.42 68.84
C HIS Z 89 61.97 -80.83 67.59
N LYS Z 90 62.73 -81.21 66.55
CA LYS Z 90 62.16 -81.45 65.23
C LYS Z 90 61.66 -82.88 65.09
N VAL Z 91 60.83 -83.10 64.06
CA VAL Z 91 60.20 -84.40 63.85
C VAL Z 91 61.23 -85.37 63.30
N GLY Z 92 61.17 -86.61 63.74
CA GLY Z 92 62.05 -87.63 63.24
C GLY Z 92 63.45 -87.61 63.79
N ASP Z 93 63.74 -86.75 64.76
CA ASP Z 93 65.08 -86.69 65.34
C ASP Z 93 65.35 -87.92 66.20
N VAL Z 94 66.61 -88.09 66.57
CA VAL Z 94 67.02 -89.22 67.39
C VAL Z 94 66.69 -88.90 68.85
N SER Z 95 65.93 -89.79 69.49
CA SER Z 95 65.45 -89.51 70.84
C SER Z 95 66.60 -89.48 71.85
N ALA Z 96 67.67 -90.22 71.60
CA ALA Z 96 68.78 -90.26 72.55
C ALA Z 96 69.38 -88.88 72.76
N THR Z 97 69.69 -88.18 71.67
CA THR Z 97 70.27 -86.85 71.78
C THR Z 97 69.28 -85.86 72.38
N VAL Z 98 68.02 -85.93 71.96
CA VAL Z 98 67.01 -85.01 72.47
C VAL Z 98 66.80 -85.20 73.96
N SER Z 99 67.05 -86.41 74.46
CA SER Z 99 66.95 -86.63 75.90
C SER Z 99 68.23 -86.19 76.62
N ASP Z 100 69.39 -86.47 76.03
CA ASP Z 100 70.65 -86.05 76.64
C ASP Z 100 70.67 -84.54 76.84
N LEU Z 101 70.37 -83.79 75.79
CA LEU Z 101 69.94 -82.42 75.98
C LEU Z 101 68.60 -82.43 76.69
N GLY Z 102 68.41 -81.50 77.61
CA GLY Z 102 67.28 -81.60 78.51
C GLY Z 102 67.66 -82.27 79.81
N GLU Z 103 68.19 -83.50 79.75
CA GLU Z 103 68.65 -84.12 80.98
C GLU Z 103 69.92 -83.43 81.49
N ALA Z 104 70.74 -82.88 80.58
CA ALA Z 104 71.85 -82.04 81.04
C ALA Z 104 71.33 -80.84 81.82
N LEU Z 105 70.29 -80.18 81.30
CA LEU Z 105 69.69 -79.06 82.00
C LEU Z 105 69.16 -79.51 83.36
N SER Z 106 68.54 -80.68 83.41
CA SER Z 106 68.05 -81.20 84.68
C SER Z 106 69.19 -81.41 85.67
N PHE Z 107 70.31 -81.97 85.20
CA PHE Z 107 71.44 -82.23 86.08
C PHE Z 107 72.04 -80.92 86.59
N TYR Z 108 72.11 -79.90 85.73
CA TYR Z 108 72.68 -78.62 86.11
C TYR Z 108 71.85 -77.92 87.19
N LEU Z 109 70.53 -77.88 87.02
CA LEU Z 109 69.69 -77.15 87.96
C LEU Z 109 69.73 -77.80 89.33
N ASN Z 110 69.94 -76.98 90.36
CA ASN Z 110 70.07 -77.46 91.73
C ASN Z 110 69.79 -76.27 92.65
N GLU Z 111 69.80 -76.53 93.96
CA GLU Z 111 69.27 -75.54 94.89
C GLU Z 111 70.11 -74.27 94.91
N ALA Z 112 71.44 -74.39 94.81
CA ALA Z 112 72.29 -73.21 94.84
C ALA Z 112 72.08 -72.35 93.61
N LEU Z 113 71.95 -72.97 92.44
CA LEU Z 113 71.60 -72.21 91.24
C LEU Z 113 70.25 -71.54 91.40
N TYR Z 114 69.29 -72.24 92.01
CA TYR Z 114 67.99 -71.64 92.26
C TYR Z 114 68.12 -70.42 93.18
N GLY Z 115 68.98 -70.51 94.19
CA GLY Z 115 69.22 -69.37 95.06
C GLY Z 115 69.81 -68.20 94.30
N LYS Z 116 70.81 -68.46 93.46
CA LYS Z 116 71.37 -67.40 92.62
C LYS Z 116 70.31 -66.80 91.69
N LEU Z 117 69.44 -67.64 91.13
CA LEU Z 117 68.39 -67.13 90.26
C LEU Z 117 67.44 -66.21 91.03
N ILE Z 118 67.02 -66.64 92.22
CA ILE Z 118 66.15 -65.79 93.04
C ILE Z 118 66.86 -64.50 93.41
N GLY Z 119 68.18 -64.56 93.55
CA GLY Z 119 68.95 -63.36 93.77
C GLY Z 119 69.10 -62.47 92.55
N TRP Z 120 68.50 -62.84 91.42
CA TRP Z 120 68.66 -62.09 90.18
C TRP Z 120 70.08 -62.15 89.66
N GLU Z 121 70.95 -62.89 90.35
CA GLU Z 121 72.33 -62.99 89.93
C GLU Z 121 72.42 -63.66 88.56
N SER Z 122 72.91 -62.92 87.58
CA SER Z 122 73.02 -63.42 86.22
C SER Z 122 74.33 -62.97 85.59
N ALA AA 1 38.02 -97.65 79.20
CA ALA AA 1 37.71 -98.78 80.12
C ALA AA 1 38.42 -100.06 79.71
N LEU AA 2 38.91 -100.13 78.47
CA LEU AA 2 39.63 -101.31 78.03
C LEU AA 2 40.88 -101.55 78.87
N GLY AA 3 41.62 -100.50 79.15
CA GLY AA 3 42.84 -100.59 79.94
C GLY AA 3 43.91 -99.66 79.40
N ASP AA 4 44.93 -99.44 80.22
CA ASP AA 4 46.00 -98.51 79.84
C ASP AA 4 46.91 -99.06 78.77
N THR AA 5 46.86 -100.37 78.49
CA THR AA 5 47.71 -100.97 77.48
C THR AA 5 46.90 -101.91 76.60
N LEU AA 6 47.33 -101.99 75.33
CA LEU AA 6 46.73 -102.88 74.34
C LEU AA 6 47.82 -103.73 73.74
N THR AA 7 47.61 -105.04 73.72
CA THR AA 7 48.61 -106.00 73.26
C THR AA 7 48.21 -106.55 71.90
N ILE AA 8 49.11 -106.43 70.94
CA ILE AA 8 48.93 -106.96 69.59
C ILE AA 8 50.02 -108.00 69.34
N THR AA 9 49.61 -109.18 68.90
CA THR AA 9 50.52 -110.30 68.65
C THR AA 9 50.55 -110.56 67.15
N LEU AA 10 51.60 -110.11 66.48
CA LEU AA 10 51.68 -110.29 65.04
C LEU AA 10 51.75 -111.77 64.69
N GLY AA 11 51.15 -112.12 63.55
CA GLY AA 11 51.14 -113.50 63.11
C GLY AA 11 50.37 -114.44 64.00
N GLY AA 12 49.23 -113.99 64.52
CA GLY AA 12 48.41 -114.88 65.30
C GLY AA 12 49.08 -115.28 66.60
N SER AA 13 48.61 -116.40 67.15
CA SER AA 13 49.12 -116.89 68.42
C SER AA 13 50.58 -117.31 68.30
N GLY AA 14 51.35 -117.03 69.36
CA GLY AA 14 52.73 -117.46 69.44
C GLY AA 14 53.75 -116.56 68.79
N GLY AA 15 53.34 -115.42 68.23
CA GLY AA 15 54.24 -114.55 67.51
C GLY AA 15 54.88 -113.48 68.38
N THR AA 16 55.41 -112.46 67.72
CA THR AA 16 55.96 -111.31 68.42
C THR AA 16 54.85 -110.50 69.08
N ALA AA 17 55.13 -110.00 70.28
CA ALA AA 17 54.19 -109.21 71.05
C ALA AA 17 54.62 -107.76 71.08
N LYS AA 18 53.68 -106.85 70.82
CA LYS AA 18 53.89 -105.42 70.95
C LYS AA 18 52.89 -104.88 71.97
N VAL AA 19 53.33 -103.91 72.77
CA VAL AA 19 52.51 -103.35 73.85
C VAL AA 19 52.37 -101.85 73.59
N LEU AA 20 51.23 -101.45 73.03
CA LEU AA 20 50.94 -100.03 72.86
C LEU AA 20 50.46 -99.43 74.17
N ARG AA 21 50.45 -98.10 74.22
CA ARG AA 21 50.10 -97.35 75.42
C ARG AA 21 48.95 -96.38 75.10
N LYS AA 22 48.12 -96.12 76.10
CA LYS AA 22 47.01 -95.19 75.91
C LYS AA 22 47.53 -93.78 75.67
N ILE AA 23 46.81 -93.03 74.85
CA ILE AA 23 47.19 -91.66 74.51
C ILE AA 23 46.05 -90.70 74.86
N ASN AA 24 44.88 -90.94 74.30
CA ASN AA 24 43.78 -89.98 74.44
C ASN AA 24 42.46 -90.72 74.33
N GLN AA 25 41.41 -90.07 74.86
CA GLN AA 25 40.05 -90.59 74.74
C GLN AA 25 39.08 -89.44 75.00
N ASP AA 26 38.49 -88.91 73.93
CA ASP AA 26 37.60 -87.76 74.03
C ASP AA 26 36.18 -88.07 73.61
N GLY AA 27 35.97 -88.57 72.39
CA GLY AA 27 34.64 -88.66 71.82
C GLY AA 27 34.06 -90.05 71.80
N TYR AA 28 34.18 -90.79 72.90
CA TYR AA 28 33.85 -92.21 72.92
C TYR AA 28 34.82 -93.01 72.06
N THR AA 29 35.99 -92.42 71.81
CA THR AA 29 37.03 -93.02 71.00
C THR AA 29 38.30 -93.12 71.83
N SER AA 30 39.17 -94.06 71.44
CA SER AA 30 40.45 -94.24 72.10
C SER AA 30 41.50 -94.58 71.06
N GLU AA 31 42.75 -94.26 71.36
CA GLU AA 31 43.85 -94.68 70.51
C GLU AA 31 45.07 -95.00 71.35
N TYR AA 32 45.88 -95.93 70.84
CA TYR AA 32 47.12 -96.37 71.47
C TYR AA 32 48.27 -96.13 70.49
N TYR AA 33 49.45 -95.82 71.01
CA TYR AA 33 50.60 -95.52 70.16
C TYR AA 33 51.85 -96.19 70.72
N LEU AA 34 52.79 -96.48 69.83
CA LEU AA 34 54.09 -97.05 70.19
C LEU AA 34 55.10 -96.75 69.10
N PRO AA 35 56.11 -95.92 69.35
CA PRO AA 35 57.09 -95.65 68.30
C PRO AA 35 58.21 -96.68 68.28
N GLU AA 36 58.68 -96.96 67.07
CA GLU AA 36 59.80 -97.87 66.85
C GLU AA 36 60.74 -97.26 65.83
N THR AA 37 61.99 -97.74 65.82
CA THR AA 37 63.03 -97.11 65.02
C THR AA 37 62.65 -97.07 63.54
N SER AA 38 62.28 -98.22 62.98
CA SER AA 38 61.92 -98.32 61.57
C SER AA 38 60.44 -98.15 61.28
N SER AA 39 59.59 -98.10 62.31
CA SER AA 39 58.15 -98.06 62.10
C SER AA 39 57.47 -97.64 63.39
N SER AA 40 56.14 -97.65 63.36
CA SER AA 40 55.33 -97.29 64.52
C SER AA 40 54.02 -98.05 64.44
N PHE AA 41 53.37 -98.19 65.59
CA PHE AA 41 52.10 -98.90 65.69
C PHE AA 41 51.06 -98.02 66.36
N ARG AA 42 49.86 -97.97 65.76
CA ARG AA 42 48.75 -97.17 66.25
C ARG AA 42 47.47 -97.98 66.12
N ALA AA 43 46.56 -97.78 67.08
CA ALA AA 43 45.27 -98.45 67.08
C ALA AA 43 44.22 -97.46 67.57
N LYS AA 44 43.03 -97.51 66.96
CA LYS AA 44 41.91 -96.66 67.33
C LYS AA 44 40.66 -97.49 67.52
N VAL AA 45 39.81 -97.06 68.45
CA VAL AA 45 38.48 -97.66 68.68
C VAL AA 45 37.46 -96.53 68.64
N ARG AA 46 36.31 -96.79 68.03
CA ARG AA 46 35.30 -95.74 67.86
C ARG AA 46 33.89 -96.31 67.94
N HIS AA 47 32.97 -95.47 68.41
CA HIS AA 47 31.54 -95.77 68.49
C HIS AA 47 30.75 -94.60 67.92
N THR AA 48 29.54 -94.86 67.41
CA THR AA 48 28.74 -93.80 66.82
C THR AA 48 27.25 -94.14 66.84
N LYS AA 49 26.44 -93.07 66.78
CA LYS AA 49 25.02 -93.14 66.42
C LYS AA 49 24.88 -92.88 64.93
N GLU AA 50 24.17 -93.74 64.23
CA GLU AA 50 23.78 -93.46 62.86
C GLU AA 50 22.59 -92.49 62.84
N SER AA 51 22.37 -91.88 61.68
CA SER AA 51 21.40 -90.78 61.58
C SER AA 51 19.99 -91.25 61.93
N VAL AA 52 19.25 -90.39 62.63
CA VAL AA 52 17.88 -90.68 63.02
C VAL AA 52 16.95 -90.38 61.86
N LYS AA 53 15.96 -91.25 61.65
CA LYS AA 53 14.93 -91.06 60.65
C LYS AA 53 13.56 -91.31 61.26
N PRO AA 54 12.53 -90.57 60.84
CA PRO AA 54 11.21 -90.78 61.42
C PRO AA 54 10.70 -92.19 61.15
N ASN AA 55 10.12 -92.80 62.18
CA ASN AA 55 9.48 -94.12 62.12
C ASN AA 55 10.25 -95.10 61.22
N GLN AA 56 11.56 -95.20 61.48
CA GLN AA 56 12.34 -96.38 61.11
C GLN AA 56 13.20 -96.79 62.29
N VAL AA 57 13.74 -98.01 62.21
CA VAL AA 57 14.58 -98.51 63.30
C VAL AA 57 15.86 -97.69 63.41
N GLN AA 58 16.50 -97.78 64.58
CA GLN AA 58 17.72 -97.03 64.88
C GLN AA 58 18.86 -98.01 65.07
N TYR AA 59 20.01 -97.71 64.47
CA TYR AA 59 21.14 -98.62 64.41
C TYR AA 59 22.36 -97.99 65.05
N GLU AA 60 23.28 -98.84 65.52
CA GLU AA 60 24.52 -98.40 66.14
C GLU AA 60 25.70 -99.19 65.60
N ARG AA 61 26.84 -98.52 65.47
CA ARG AA 61 28.00 -99.03 64.75
C ARG AA 61 29.22 -98.99 65.67
N HIS AA 62 30.00 -100.07 65.68
CA HIS AA 62 31.15 -100.21 66.55
C HIS AA 62 32.36 -100.63 65.72
N ASN AA 63 33.45 -99.89 65.85
CA ASN AA 63 34.58 -99.99 64.91
C ASN AA 63 35.90 -100.13 65.65
N VAL AA 64 36.81 -100.90 65.07
CA VAL AA 64 38.15 -101.11 65.60
C VAL AA 64 39.13 -101.25 64.43
N GLU AA 65 40.31 -100.64 64.56
CA GLU AA 65 41.27 -100.61 63.46
C GLU AA 65 42.69 -100.78 63.99
N PHE AA 66 43.52 -101.48 63.23
CA PHE AA 66 44.96 -101.57 63.45
C PHE AA 66 45.68 -100.98 62.25
N THR AA 67 46.74 -100.22 62.50
CA THR AA 67 47.53 -99.62 61.44
C THR AA 67 48.97 -99.45 61.91
N GLU AA 68 49.92 -99.69 61.00
CA GLU AA 68 51.33 -99.50 61.27
C GLU AA 68 52.00 -98.86 60.07
N THR AA 69 52.94 -97.95 60.33
CA THR AA 69 53.62 -97.20 59.28
C THR AA 69 55.11 -97.52 59.30
N VAL AA 70 55.71 -97.63 58.12
CA VAL AA 70 57.14 -97.87 57.97
C VAL AA 70 57.75 -96.63 57.34
N TYR AA 71 58.80 -96.12 57.97
CA TYR AA 71 59.36 -94.83 57.56
C TYR AA 71 60.09 -94.95 56.23
N ALA AA 72 60.17 -93.81 55.53
CA ALA AA 72 60.83 -93.77 54.24
C ALA AA 72 62.30 -94.16 54.38
N SER AA 73 62.78 -94.98 53.44
CA SER AA 73 64.14 -95.45 53.45
C SER AA 73 64.67 -95.47 52.02
N GLY AA 74 65.85 -94.88 51.82
CA GLY AA 74 66.39 -94.79 50.48
C GLY AA 74 65.44 -94.05 49.57
N SER AA 75 65.24 -94.59 48.37
CA SER AA 75 64.30 -94.01 47.42
C SER AA 75 62.86 -94.42 47.69
N THR AA 76 62.64 -95.41 48.55
CA THR AA 76 61.28 -95.88 48.84
C THR AA 76 60.54 -94.87 49.70
N PRO AA 77 59.39 -94.35 49.27
CA PRO AA 77 58.65 -93.40 50.09
C PRO AA 77 57.91 -94.09 51.22
N GLU AA 78 57.38 -93.28 52.14
CA GLU AA 78 56.63 -93.79 53.27
C GLU AA 78 55.33 -94.46 52.80
N PHE AA 79 55.00 -95.58 53.41
CA PHE AA 79 53.76 -96.29 53.09
C PHE AA 79 53.25 -97.00 54.33
N VAL AA 80 51.97 -97.37 54.30
CA VAL AA 80 51.26 -97.81 55.49
C VAL AA 80 50.56 -99.13 55.23
N ARG AA 81 50.39 -99.92 56.28
CA ARG AA 81 49.52 -101.09 56.26
C ARG AA 81 48.50 -100.96 57.38
N GLN AA 82 47.25 -101.34 57.09
CA GLN AA 82 46.18 -101.23 58.09
C GLN AA 82 45.12 -102.27 57.81
N ALA AA 83 44.30 -102.52 58.83
CA ALA AA 83 43.20 -103.47 58.76
C ALA AA 83 42.22 -103.16 59.88
N TYR AA 84 40.92 -103.13 59.57
CA TYR AA 84 39.94 -102.73 60.56
C TYR AA 84 38.63 -103.48 60.36
N VAL AA 85 37.83 -103.50 61.42
CA VAL AA 85 36.57 -104.23 61.47
C VAL AA 85 35.50 -103.31 62.07
N VAL AA 86 34.24 -103.64 61.79
CA VAL AA 86 33.10 -102.86 62.28
C VAL AA 86 31.87 -103.77 62.31
N ILE AA 87 30.99 -103.51 63.27
CA ILE AA 87 29.76 -104.30 63.46
C ILE AA 87 28.59 -103.35 63.64
N ARG AA 88 27.43 -103.72 63.10
CA ARG AA 88 26.26 -102.87 63.12
C ARG AA 88 25.04 -103.69 63.56
N HIS AA 89 24.26 -103.14 64.48
CA HIS AA 89 23.06 -103.80 64.96
C HIS AA 89 22.13 -102.75 65.56
N LYS AA 90 20.85 -103.10 65.66
CA LYS AA 90 19.84 -102.14 66.08
C LYS AA 90 19.82 -101.99 67.61
N VAL AA 91 19.31 -100.83 68.05
CA VAL AA 91 19.30 -100.50 69.47
C VAL AA 91 18.35 -101.44 70.21
N GLY AA 92 18.80 -101.90 71.39
CA GLY AA 92 18.00 -102.75 72.22
C GLY AA 92 18.06 -104.23 71.90
N ASP AA 93 18.83 -104.63 70.88
CA ASP AA 93 18.90 -106.02 70.49
C ASP AA 93 19.62 -106.83 71.58
N VAL AA 94 19.55 -108.15 71.45
CA VAL AA 94 20.19 -109.05 72.41
C VAL AA 94 21.68 -109.13 72.10
N SER AA 95 22.51 -108.95 73.13
CA SER AA 95 23.95 -108.85 72.93
C SER AA 95 24.54 -110.16 72.42
N ALA AA 96 24.09 -111.30 72.97
CA ALA AA 96 24.76 -112.56 72.69
C ALA AA 96 24.70 -112.92 71.21
N THR AA 97 23.58 -112.65 70.55
CA THR AA 97 23.48 -112.97 69.13
C THR AA 97 24.47 -112.15 68.31
N VAL AA 98 24.60 -110.87 68.60
CA VAL AA 98 25.56 -110.04 67.88
C VAL AA 98 26.98 -110.54 68.16
N SER AA 99 27.24 -110.95 69.40
CA SER AA 99 28.56 -111.50 69.72
C SER AA 99 28.83 -112.75 68.90
N ASP AA 100 27.84 -113.63 68.77
CA ASP AA 100 28.03 -114.84 67.98
C ASP AA 100 28.24 -114.52 66.50
N LEU AA 101 27.50 -113.54 65.97
CA LEU AA 101 27.69 -113.16 64.58
C LEU AA 101 29.10 -112.60 64.37
N GLY AA 102 29.60 -111.82 65.32
CA GLY AA 102 30.98 -111.32 65.21
C GLY AA 102 31.98 -112.45 65.31
N GLU AA 103 31.78 -113.37 66.24
CA GLU AA 103 32.67 -114.51 66.39
C GLU AA 103 32.63 -115.42 65.17
N ALA AA 104 31.56 -115.37 64.38
CA ALA AA 104 31.56 -116.08 63.11
C ALA AA 104 32.70 -115.59 62.22
N LEU AA 105 32.78 -114.28 62.00
CA LEU AA 105 33.91 -113.72 61.27
C LEU AA 105 35.23 -114.04 61.98
N SER AA 106 35.23 -113.91 63.30
CA SER AA 106 36.45 -114.16 64.06
C SER AA 106 37.01 -115.54 63.77
N PHE AA 107 36.14 -116.55 63.75
CA PHE AA 107 36.58 -117.91 63.44
C PHE AA 107 36.89 -118.10 61.96
N TYR AA 108 36.13 -117.45 61.09
CA TYR AA 108 36.27 -117.70 59.65
C TYR AA 108 37.65 -117.29 59.15
N LEU AA 109 38.16 -116.15 59.62
CA LEU AA 109 39.42 -115.60 59.12
C LEU AA 109 40.60 -116.28 59.80
N ASN AA 110 41.45 -116.92 59.01
CA ASN AA 110 42.67 -117.55 59.50
C ASN AA 110 43.77 -117.32 58.46
N GLU AA 111 44.95 -117.91 58.72
CA GLU AA 111 46.09 -117.65 57.85
C GLU AA 111 45.86 -118.14 56.44
N ALA AA 112 45.33 -119.36 56.29
CA ALA AA 112 45.11 -119.90 54.94
C ALA AA 112 44.07 -119.07 54.19
N LEU AA 113 42.97 -118.73 54.86
CA LEU AA 113 41.97 -117.89 54.21
C LEU AA 113 42.51 -116.49 53.93
N TYR AA 114 43.37 -115.96 54.82
CA TYR AA 114 43.97 -114.67 54.53
C TYR AA 114 44.86 -114.75 53.30
N GLY AA 115 45.61 -115.84 53.16
CA GLY AA 115 46.43 -116.01 51.96
C GLY AA 115 45.60 -116.08 50.70
N LYS AA 116 44.50 -116.84 50.73
CA LYS AA 116 43.62 -116.89 49.57
C LYS AA 116 42.95 -115.55 49.30
N LEU AA 117 42.59 -114.82 50.35
CA LEU AA 117 41.84 -113.58 50.16
C LEU AA 117 42.67 -112.58 49.35
N ILE AA 118 43.96 -112.45 49.69
CA ILE AA 118 44.87 -111.68 48.86
C ILE AA 118 45.25 -112.50 47.62
N GLY AA 119 45.57 -111.79 46.55
CA GLY AA 119 45.68 -112.41 45.24
C GLY AA 119 44.43 -112.28 44.40
N TRP AA 120 43.37 -111.69 44.94
CA TRP AA 120 42.15 -111.30 44.24
C TRP AA 120 41.26 -112.48 43.88
N GLU AA 121 41.61 -113.70 44.26
CA GLU AA 121 40.79 -114.85 43.91
C GLU AA 121 39.54 -114.90 44.77
N SER AA 122 38.38 -114.74 44.14
CA SER AA 122 37.11 -114.64 44.84
C SER AA 122 36.29 -115.92 44.69
N ALA BA 1 -79.89 56.04 -92.08
CA ALA BA 1 -81.26 56.11 -92.67
C ALA BA 1 -81.79 54.72 -92.98
N LEU BA 2 -81.83 54.35 -94.27
CA LEU BA 2 -82.25 53.01 -94.68
C LEU BA 2 -83.71 52.77 -94.31
N GLY BA 3 -84.41 53.82 -93.88
CA GLY BA 3 -85.80 53.70 -93.47
C GLY BA 3 -85.93 53.36 -91.99
N ASP BA 4 -87.14 53.60 -91.47
CA ASP BA 4 -87.48 53.24 -90.10
C ASP BA 4 -87.97 51.81 -90.02
N THR BA 5 -88.68 51.34 -91.04
CA THR BA 5 -89.18 49.98 -91.12
C THR BA 5 -88.58 49.23 -92.31
N LEU BA 6 -88.12 48.02 -92.06
CA LEU BA 6 -87.64 47.11 -93.09
C LEU BA 6 -88.69 46.04 -93.33
N THR BA 7 -88.96 45.73 -94.59
CA THR BA 7 -89.92 44.72 -94.97
C THR BA 7 -89.22 43.50 -95.57
N ILE BA 8 -89.59 42.32 -95.09
CA ILE BA 8 -89.13 41.05 -95.65
C ILE BA 8 -90.30 40.40 -96.36
N THR BA 9 -90.16 40.17 -97.67
CA THR BA 9 -91.20 39.50 -98.45
C THR BA 9 -90.88 38.01 -98.45
N LEU BA 10 -91.17 37.37 -97.31
CA LEU BA 10 -90.78 35.99 -97.13
C LEU BA 10 -91.39 35.13 -98.23
N GLY BA 11 -90.58 34.23 -98.77
CA GLY BA 11 -91.00 33.41 -99.89
C GLY BA 11 -90.81 34.03 -101.24
N GLY BA 12 -90.04 35.10 -101.35
CA GLY BA 12 -89.79 35.73 -102.63
C GLY BA 12 -90.91 36.65 -103.05
N SER BA 13 -90.77 37.16 -104.27
CA SER BA 13 -91.75 38.10 -104.79
C SER BA 13 -93.13 37.47 -104.82
N GLY BA 14 -94.12 38.22 -104.34
CA GLY BA 14 -95.49 37.73 -104.26
C GLY BA 14 -95.85 36.96 -103.01
N GLY BA 15 -94.93 36.79 -102.07
CA GLY BA 15 -95.18 36.02 -100.87
C GLY BA 15 -95.78 36.84 -99.75
N THR BA 16 -95.82 36.25 -98.57
CA THR BA 16 -96.23 36.96 -97.37
C THR BA 16 -95.20 38.03 -97.02
N ALA BA 17 -95.67 39.07 -96.34
CA ALA BA 17 -94.84 40.22 -96.01
C ALA BA 17 -94.81 40.44 -94.50
N LYS BA 18 -93.61 40.73 -93.98
CA LYS BA 18 -93.40 41.05 -92.59
C LYS BA 18 -92.73 42.42 -92.50
N VAL BA 19 -92.96 43.13 -91.39
CA VAL BA 19 -92.42 44.47 -91.20
C VAL BA 19 -91.59 44.47 -89.92
N LEU BA 20 -90.36 44.97 -90.02
CA LEU BA 20 -89.48 45.12 -88.88
C LEU BA 20 -89.27 46.60 -88.58
N ARG BA 21 -89.07 46.91 -87.30
CA ARG BA 21 -88.87 48.27 -86.82
C ARG BA 21 -87.42 48.44 -86.39
N LYS BA 22 -86.91 49.68 -86.41
CA LYS BA 22 -85.64 49.96 -85.75
C LYS BA 22 -85.76 49.71 -84.25
N ILE BA 23 -84.71 49.12 -83.69
CA ILE BA 23 -84.71 48.71 -82.29
C ILE BA 23 -83.49 49.23 -81.53
N ASN BA 24 -82.39 49.53 -82.20
CA ASN BA 24 -81.14 49.98 -81.59
C ASN BA 24 -80.19 50.37 -82.70
N GLN BA 25 -79.18 51.18 -82.35
CA GLN BA 25 -78.15 51.54 -83.34
C GLN BA 25 -76.87 51.88 -82.59
N ASP BA 26 -75.93 50.93 -82.55
CA ASP BA 26 -74.66 51.14 -81.88
C ASP BA 26 -73.53 50.57 -82.72
N GLY BA 27 -72.37 51.20 -82.64
CA GLY BA 27 -71.16 50.68 -83.27
C GLY BA 27 -71.28 50.44 -84.76
N TYR BA 28 -71.87 51.40 -85.48
CA TYR BA 28 -72.04 51.28 -86.93
C TYR BA 28 -72.85 50.04 -87.28
N THR BA 29 -73.80 49.68 -86.42
CA THR BA 29 -74.68 48.55 -86.65
C THR BA 29 -76.10 49.00 -86.36
N SER BA 30 -77.07 48.25 -86.89
CA SER BA 30 -78.46 48.49 -86.56
C SER BA 30 -79.17 47.15 -86.40
N GLU BA 31 -80.23 47.15 -85.61
CA GLU BA 31 -81.01 45.96 -85.32
C GLU BA 31 -82.48 46.20 -85.64
N TYR BA 32 -83.12 45.18 -86.21
CA TYR BA 32 -84.53 45.20 -86.58
C TYR BA 32 -85.23 44.02 -85.90
N TYR BA 33 -86.47 44.23 -85.43
CA TYR BA 33 -87.13 43.18 -84.64
C TYR BA 33 -88.64 43.22 -84.80
N LEU BA 34 -89.28 42.05 -84.62
CA LEU BA 34 -90.73 41.86 -84.66
C LEU BA 34 -91.13 40.58 -83.91
N PRO BA 35 -91.98 40.64 -82.89
CA PRO BA 35 -92.37 39.43 -82.17
C PRO BA 35 -93.63 38.77 -82.74
N GLU BA 36 -93.74 37.46 -82.49
CA GLU BA 36 -94.92 36.68 -82.87
C GLU BA 36 -95.29 35.76 -81.73
N THR BA 37 -96.45 35.11 -81.86
CA THR BA 37 -96.91 34.18 -80.83
C THR BA 37 -96.00 32.95 -80.74
N SER BA 38 -95.58 32.42 -81.89
CA SER BA 38 -94.77 31.21 -81.92
C SER BA 38 -93.42 31.38 -82.58
N SER BA 39 -93.04 32.59 -82.99
CA SER BA 39 -91.76 32.79 -83.66
C SER BA 39 -91.34 34.25 -83.49
N SER BA 40 -90.26 34.61 -84.17
CA SER BA 40 -89.72 35.97 -84.11
C SER BA 40 -88.84 36.21 -85.32
N PHE BA 41 -88.62 37.50 -85.63
CA PHE BA 41 -87.81 37.91 -86.77
C PHE BA 41 -86.83 38.99 -86.34
N ARG BA 42 -85.58 38.85 -86.78
CA ARG BA 42 -84.52 39.80 -86.47
C ARG BA 42 -83.68 40.02 -87.73
N ALA BA 43 -83.15 41.24 -87.88
CA ALA BA 43 -82.21 41.55 -88.95
C ALA BA 43 -81.19 42.54 -88.44
N LYS BA 44 -79.94 42.37 -88.88
CA LYS BA 44 -78.81 43.17 -88.40
C LYS BA 44 -77.99 43.64 -89.59
N VAL BA 45 -77.53 44.89 -89.53
CA VAL BA 45 -76.64 45.48 -90.52
C VAL BA 45 -75.41 45.99 -89.79
N ARG BA 46 -74.22 45.62 -90.26
CA ARG BA 46 -72.98 46.05 -89.66
C ARG BA 46 -71.97 46.42 -90.73
N HIS BA 47 -71.02 47.28 -90.35
CA HIS BA 47 -69.90 47.70 -91.19
C HIS BA 47 -68.60 47.57 -90.42
N THR BA 48 -67.51 47.30 -91.14
CA THR BA 48 -66.22 47.13 -90.51
C THR BA 48 -65.13 47.61 -91.45
N LYS BA 49 -64.04 48.12 -90.88
CA LYS BA 49 -62.88 48.58 -91.63
C LYS BA 49 -61.63 48.06 -90.96
N GLU BA 50 -60.80 47.31 -91.69
CA GLU BA 50 -59.63 46.69 -91.10
C GLU BA 50 -58.56 47.73 -90.77
N SER BA 51 -57.63 47.33 -89.91
CA SER BA 51 -56.60 48.22 -89.42
C SER BA 51 -55.60 48.54 -90.53
N VAL BA 52 -54.77 49.55 -90.27
CA VAL BA 52 -53.77 50.00 -91.24
C VAL BA 52 -52.43 49.36 -90.90
N LYS BA 53 -51.82 48.74 -91.89
CA LYS BA 53 -50.51 48.10 -91.81
C LYS BA 53 -49.53 48.84 -92.69
N PRO BA 54 -48.22 48.72 -92.44
CA PRO BA 54 -47.24 49.52 -93.19
C PRO BA 54 -47.40 49.40 -94.70
N ASN BA 55 -47.29 48.20 -95.26
CA ASN BA 55 -47.41 47.99 -96.71
C ASN BA 55 -48.40 46.86 -97.01
N GLN BA 56 -49.69 47.24 -97.05
CA GLN BA 56 -50.77 46.34 -97.41
C GLN BA 56 -51.97 47.16 -97.86
N VAL BA 57 -52.93 46.49 -98.48
CA VAL BA 57 -54.15 47.14 -98.96
C VAL BA 57 -55.18 47.18 -97.83
N GLN BA 58 -55.61 48.38 -97.45
CA GLN BA 58 -56.67 48.51 -96.46
C GLN BA 58 -58.02 48.14 -97.08
N TYR BA 59 -58.84 47.45 -96.29
CA TYR BA 59 -60.08 46.87 -96.80
C TYR BA 59 -61.24 47.28 -95.91
N GLU BA 60 -62.44 47.28 -96.49
CA GLU BA 60 -63.68 47.54 -95.77
C GLU BA 60 -64.71 46.49 -96.11
N ARG BA 61 -65.62 46.23 -95.17
CA ARG BA 61 -66.49 45.06 -95.20
C ARG BA 61 -67.90 45.47 -94.83
N HIS BA 62 -68.89 45.00 -95.57
CA HIS BA 62 -70.31 45.12 -95.20
C HIS BA 62 -70.97 43.76 -95.14
N ASN BA 63 -71.85 43.59 -94.16
CA ASN BA 63 -72.56 42.34 -93.93
C ASN BA 63 -74.02 42.63 -93.62
N VAL BA 64 -74.91 41.73 -94.06
CA VAL BA 64 -76.33 41.82 -93.78
C VAL BA 64 -76.84 40.41 -93.51
N GLU BA 65 -77.66 40.25 -92.47
CA GLU BA 65 -78.13 38.94 -92.06
C GLU BA 65 -79.63 38.98 -91.76
N PHE BA 66 -80.28 37.84 -91.99
CA PHE BA 66 -81.67 37.62 -91.62
C PHE BA 66 -81.73 36.42 -90.68
N THR BA 67 -82.51 36.54 -89.61
CA THR BA 67 -82.64 35.46 -88.63
C THR BA 67 -84.11 35.24 -88.30
N GLU BA 68 -84.48 33.97 -88.17
CA GLU BA 68 -85.83 33.56 -87.81
C GLU BA 68 -85.71 32.56 -86.66
N THR BA 69 -86.40 32.83 -85.56
CA THR BA 69 -86.32 32.03 -84.35
C THR BA 69 -87.65 31.34 -84.09
N VAL BA 70 -87.59 30.07 -83.76
CA VAL BA 70 -88.79 29.27 -83.45
C VAL BA 70 -88.69 28.81 -82.01
N TYR BA 71 -89.68 29.20 -81.20
CA TYR BA 71 -89.66 28.87 -79.79
C TYR BA 71 -89.88 27.38 -79.57
N ALA BA 72 -89.29 26.86 -78.50
CA ALA BA 72 -89.40 25.44 -78.20
C ALA BA 72 -90.83 25.10 -77.82
N SER BA 73 -91.36 24.05 -78.44
CA SER BA 73 -92.71 23.57 -78.18
C SER BA 73 -92.68 22.09 -77.89
N GLY BA 74 -93.25 21.70 -76.76
CA GLY BA 74 -93.25 20.29 -76.39
C GLY BA 74 -91.83 19.76 -76.28
N SER BA 75 -91.58 18.61 -76.91
CA SER BA 75 -90.26 18.00 -76.85
C SER BA 75 -89.26 18.73 -77.74
N THR BA 76 -89.72 19.31 -78.86
CA THR BA 76 -88.81 19.96 -79.79
C THR BA 76 -88.12 21.16 -79.12
N PRO BA 77 -86.79 21.22 -79.14
CA PRO BA 77 -86.10 22.38 -78.56
C PRO BA 77 -86.11 23.58 -79.50
N GLU BA 78 -85.59 24.70 -79.00
CA GLU BA 78 -85.52 25.92 -79.78
C GLU BA 78 -84.48 25.81 -80.89
N PHE BA 79 -84.80 26.37 -82.06
CA PHE BA 79 -83.88 26.39 -83.18
C PHE BA 79 -84.17 27.62 -84.03
N VAL BA 80 -83.23 27.93 -84.93
CA VAL BA 80 -83.27 29.17 -85.70
C VAL BA 80 -82.93 28.87 -87.16
N ARG BA 81 -83.32 29.80 -88.03
CA ARG BA 81 -82.89 29.81 -89.43
C ARG BA 81 -82.25 31.17 -89.74
N GLN BA 82 -81.18 31.13 -90.53
CA GLN BA 82 -80.35 32.30 -90.78
C GLN BA 82 -79.96 32.35 -92.26
N ALA BA 83 -79.57 33.54 -92.72
CA ALA BA 83 -79.02 33.71 -94.06
C ALA BA 83 -78.43 35.11 -94.16
N TYR BA 84 -77.19 35.23 -94.65
CA TYR BA 84 -76.54 36.53 -94.67
C TYR BA 84 -75.56 36.64 -95.84
N VAL BA 85 -75.20 37.88 -96.17
CA VAL BA 85 -74.28 38.21 -97.26
C VAL BA 85 -73.21 39.18 -96.75
N VAL BA 86 -72.05 39.16 -97.40
CA VAL BA 86 -70.98 40.12 -97.10
C VAL BA 86 -70.52 40.76 -98.40
N ILE BA 87 -69.83 41.90 -98.26
CA ILE BA 87 -69.12 42.54 -99.37
C ILE BA 87 -67.78 43.05 -98.85
N ARG BA 88 -66.71 42.81 -99.62
CA ARG BA 88 -65.39 43.31 -99.26
C ARG BA 88 -64.72 43.90 -100.50
N HIS BA 89 -64.13 45.09 -100.33
CA HIS BA 89 -63.46 45.81 -101.42
C HIS BA 89 -62.56 46.87 -100.79
N LYS BA 90 -61.91 47.66 -101.64
CA LYS BA 90 -60.89 48.60 -101.17
C LYS BA 90 -61.55 49.77 -100.45
N VAL BA 91 -60.73 50.73 -100.01
CA VAL BA 91 -61.25 51.87 -99.27
C VAL BA 91 -61.63 53.01 -100.21
N GLY BA 92 -60.98 53.11 -101.37
CA GLY BA 92 -61.32 54.13 -102.33
C GLY BA 92 -61.62 53.59 -103.71
N ASP BA 93 -62.28 52.44 -103.78
CA ASP BA 93 -62.57 51.79 -105.04
C ASP BA 93 -63.72 52.51 -105.73
N VAL BA 94 -64.14 52.04 -106.91
CA VAL BA 94 -65.28 52.58 -107.63
C VAL BA 94 -66.51 51.78 -107.21
N SER BA 95 -67.55 52.50 -106.77
CA SER BA 95 -68.74 51.84 -106.22
C SER BA 95 -69.49 51.05 -107.28
N ALA BA 96 -69.49 51.53 -108.52
CA ALA BA 96 -70.32 50.91 -109.55
C ALA BA 96 -69.92 49.46 -109.80
N THR BA 97 -68.61 49.18 -109.86
CA THR BA 97 -68.16 47.83 -110.18
C THR BA 97 -68.53 46.84 -109.06
N VAL BA 98 -68.30 47.24 -107.81
CA VAL BA 98 -68.63 46.35 -106.70
C VAL BA 98 -70.14 46.14 -106.63
N SER BA 99 -70.92 47.18 -106.92
CA SER BA 99 -72.37 47.02 -107.00
C SER BA 99 -72.73 46.03 -108.09
N ASP BA 100 -72.05 46.10 -109.24
CA ASP BA 100 -72.34 45.19 -110.34
C ASP BA 100 -72.06 43.75 -109.94
N LEU BA 101 -70.94 43.52 -109.25
CA LEU BA 101 -70.63 42.18 -108.77
C LEU BA 101 -71.70 41.68 -107.80
N GLY BA 102 -72.12 42.54 -106.87
CA GLY BA 102 -73.17 42.14 -105.96
C GLY BA 102 -74.47 41.81 -106.66
N GLU BA 103 -74.83 42.61 -107.67
CA GLU BA 103 -76.05 42.34 -108.44
C GLU BA 103 -75.95 41.02 -109.18
N ALA BA 104 -74.78 40.71 -109.74
CA ALA BA 104 -74.58 39.40 -110.34
C ALA BA 104 -74.81 38.29 -109.33
N LEU BA 105 -74.25 38.44 -108.13
CA LEU BA 105 -74.44 37.41 -107.10
C LEU BA 105 -75.91 37.25 -106.75
N SER BA 106 -76.62 38.36 -106.56
CA SER BA 106 -78.04 38.28 -106.22
C SER BA 106 -78.83 37.62 -107.35
N PHE BA 107 -78.52 37.97 -108.60
CA PHE BA 107 -79.25 37.42 -109.73
C PHE BA 107 -79.01 35.93 -109.89
N TYR BA 108 -77.80 35.47 -109.57
CA TYR BA 108 -77.52 34.03 -109.68
C TYR BA 108 -78.35 33.22 -108.69
N LEU BA 109 -78.35 33.61 -107.41
CA LEU BA 109 -79.11 32.86 -106.40
C LEU BA 109 -80.58 32.87 -106.78
N ASN BA 110 -81.11 31.70 -107.14
CA ASN BA 110 -82.48 31.55 -107.56
C ASN BA 110 -83.11 30.39 -106.82
N GLU BA 111 -84.44 30.33 -106.84
CA GLU BA 111 -85.15 29.29 -106.09
C GLU BA 111 -84.72 27.90 -106.55
N ALA BA 112 -84.61 27.71 -107.86
CA ALA BA 112 -84.13 26.43 -108.39
C ALA BA 112 -82.71 26.16 -107.91
N LEU BA 113 -81.85 27.18 -107.93
CA LEU BA 113 -80.50 27.03 -107.42
C LEU BA 113 -80.53 26.64 -105.94
N TYR BA 114 -81.42 27.25 -105.16
CA TYR BA 114 -81.54 26.89 -103.76
C TYR BA 114 -81.95 25.43 -103.61
N GLY BA 115 -82.86 24.97 -104.48
CA GLY BA 115 -83.23 23.57 -104.46
C GLY BA 115 -82.05 22.66 -104.72
N LYS BA 116 -81.22 23.00 -105.72
CA LYS BA 116 -80.02 22.20 -105.95
C LYS BA 116 -79.10 22.24 -104.73
N LEU BA 117 -78.94 23.42 -104.15
CA LEU BA 117 -77.97 23.61 -103.06
C LEU BA 117 -78.36 22.81 -101.83
N ILE BA 118 -79.64 22.78 -101.47
CA ILE BA 118 -80.07 22.01 -100.31
C ILE BA 118 -79.80 20.53 -100.56
N GLY BA 119 -79.75 20.11 -101.82
CA GLY BA 119 -79.48 18.73 -102.16
C GLY BA 119 -78.02 18.33 -102.12
N TRP BA 120 -77.18 19.15 -101.49
CA TRP BA 120 -75.75 18.90 -101.35
C TRP BA 120 -75.01 18.83 -102.68
N GLU BA 121 -75.66 19.22 -103.77
CA GLU BA 121 -74.97 19.32 -105.04
C GLU BA 121 -73.91 20.40 -104.98
N SER BA 122 -72.80 20.16 -105.65
CA SER BA 122 -71.66 21.05 -105.59
C SER BA 122 -71.20 21.41 -107.00
N ALA CA 1 -80.34 65.03 -82.15
CA ALA CA 1 -81.54 65.68 -82.74
C ALA CA 1 -81.13 66.78 -83.73
N LEU CA 2 -79.85 66.76 -84.12
CA LEU CA 2 -79.30 67.82 -84.96
C LEU CA 2 -79.98 67.85 -86.33
N GLY CA 3 -80.27 66.68 -86.90
CA GLY CA 3 -80.78 66.58 -88.25
C GLY CA 3 -80.46 65.28 -88.97
N ASP CA 4 -81.23 65.01 -90.03
CA ASP CA 4 -80.95 63.84 -90.86
C ASP CA 4 -79.69 63.98 -91.72
N THR CA 5 -79.36 65.16 -92.22
CA THR CA 5 -78.14 65.39 -92.97
C THR CA 5 -77.42 66.60 -92.44
N LEU CA 6 -76.11 66.66 -92.77
CA LEU CA 6 -75.25 67.81 -92.50
C LEU CA 6 -74.75 68.33 -93.84
N THR CA 7 -74.61 69.65 -93.94
CA THR CA 7 -74.18 70.28 -95.18
C THR CA 7 -72.85 71.00 -94.98
N ILE CA 8 -71.92 70.78 -95.90
CA ILE CA 8 -70.64 71.49 -95.93
C ILE CA 8 -70.59 72.28 -97.22
N THR CA 9 -70.44 73.60 -97.10
CA THR CA 9 -70.33 74.50 -98.24
C THR CA 9 -68.89 74.93 -98.32
N LEU CA 10 -68.10 74.20 -99.11
CA LEU CA 10 -66.68 74.51 -99.22
C LEU CA 10 -66.50 75.89 -99.83
N GLY CA 11 -65.53 76.63 -99.30
CA GLY CA 11 -65.32 77.99 -99.76
C GLY CA 11 -66.26 79.02 -99.16
N GLY CA 12 -66.82 78.75 -97.99
CA GLY CA 12 -67.68 79.73 -97.35
C GLY CA 12 -69.08 79.74 -97.91
N SER CA 13 -69.63 80.92 -98.13
CA SER CA 13 -70.95 81.06 -98.73
C SER CA 13 -70.91 81.02 -100.25
N GLY CA 14 -69.75 80.76 -100.85
CA GLY CA 14 -69.64 80.71 -102.29
C GLY CA 14 -70.48 79.63 -102.94
N GLY CA 15 -70.14 78.37 -102.69
CA GLY CA 15 -70.86 77.26 -103.29
C GLY CA 15 -70.26 75.92 -102.93
N THR CA 16 -70.37 74.94 -103.84
CA THR CA 16 -69.78 73.62 -103.69
C THR CA 16 -70.29 72.95 -102.39
N ALA CA 17 -71.60 72.72 -102.38
CA ALA CA 17 -72.24 72.12 -101.22
C ALA CA 17 -72.08 70.60 -101.20
N LYS CA 18 -71.79 70.06 -100.01
CA LYS CA 18 -71.71 68.63 -99.78
C LYS CA 18 -72.69 68.25 -98.67
N VAL CA 19 -73.29 67.07 -98.77
CA VAL CA 19 -74.35 66.64 -97.84
C VAL CA 19 -73.93 65.32 -97.21
N LEU CA 20 -73.74 65.33 -95.88
CA LEU CA 20 -73.40 64.13 -95.12
C LEU CA 20 -74.63 63.55 -94.42
N ARG CA 21 -74.47 62.33 -93.91
CA ARG CA 21 -75.53 61.56 -93.28
C ARG CA 21 -74.94 60.88 -92.05
N LYS CA 22 -75.68 60.70 -90.96
CA LYS CA 22 -75.03 60.05 -89.82
C LYS CA 22 -74.86 58.58 -90.18
N ILE CA 23 -73.79 57.97 -89.65
CA ILE CA 23 -73.59 56.55 -89.85
C ILE CA 23 -73.65 55.88 -88.48
N ASN CA 24 -73.48 56.68 -87.42
CA ASN CA 24 -73.43 56.13 -86.07
C ASN CA 24 -73.81 57.22 -85.08
N GLN CA 25 -74.24 56.80 -83.89
CA GLN CA 25 -74.47 57.75 -82.80
C GLN CA 25 -74.31 56.98 -81.49
N ASP CA 26 -73.30 57.33 -80.69
CA ASP CA 26 -73.03 56.63 -79.45
C ASP CA 26 -72.48 57.60 -78.40
N GLY CA 27 -72.95 57.46 -77.17
CA GLY CA 27 -72.35 58.16 -76.05
C GLY CA 27 -72.32 59.67 -76.19
N TYR CA 28 -73.45 60.28 -76.55
CA TYR CA 28 -73.52 61.72 -76.79
C TYR CA 28 -72.62 62.14 -77.95
N THR CA 29 -72.34 61.23 -78.88
CA THR CA 29 -71.49 61.49 -80.02
C THR CA 29 -72.24 61.18 -81.31
N SER CA 30 -72.08 62.04 -82.30
CA SER CA 30 -72.67 61.85 -83.62
C SER CA 30 -71.60 62.06 -84.67
N GLU CA 31 -71.78 61.41 -85.82
CA GLU CA 31 -70.76 61.34 -86.85
C GLU CA 31 -71.42 61.19 -88.21
N TYR CA 32 -70.89 61.90 -89.20
CA TYR CA 32 -71.42 61.93 -90.55
C TYR CA 32 -70.37 61.47 -91.54
N TYR CA 33 -70.81 61.10 -92.74
CA TYR CA 33 -69.87 60.62 -93.75
C TYR CA 33 -70.46 60.80 -95.14
N LEU CA 34 -69.57 60.82 -96.15
CA LEU CA 34 -69.96 60.84 -97.56
C LEU CA 34 -68.78 60.42 -98.45
N PRO CA 35 -68.95 59.43 -99.33
CA PRO CA 35 -67.88 59.07 -100.25
C PRO CA 35 -67.98 59.77 -101.60
N GLU CA 36 -66.83 59.90 -102.26
CA GLU CA 36 -66.72 60.57 -103.54
C GLU CA 36 -65.91 59.68 -104.49
N THR CA 37 -65.69 60.17 -105.70
CA THR CA 37 -64.88 59.42 -106.66
C THR CA 37 -63.42 59.40 -106.25
N SER CA 38 -62.90 60.51 -105.71
CA SER CA 38 -61.50 60.60 -105.30
C SER CA 38 -61.36 61.35 -103.99
N SER CA 39 -62.37 61.29 -103.13
CA SER CA 39 -62.33 62.00 -101.86
C SER CA 39 -63.39 61.43 -100.93
N SER CA 40 -63.34 61.88 -99.68
CA SER CA 40 -64.32 61.48 -98.69
C SER CA 40 -64.46 62.60 -97.67
N PHE CA 41 -65.66 62.75 -97.12
CA PHE CA 41 -65.95 63.76 -96.12
C PHE CA 41 -66.52 63.10 -94.88
N ARG CA 42 -66.06 63.57 -93.72
CA ARG CA 42 -66.47 63.00 -92.45
C ARG CA 42 -66.53 64.13 -91.43
N ALA CA 43 -67.47 64.02 -90.50
CA ALA CA 43 -67.67 65.05 -89.50
C ALA CA 43 -67.97 64.41 -88.16
N LYS CA 44 -67.49 65.04 -87.11
CA LYS CA 44 -67.63 64.54 -85.75
C LYS CA 44 -68.10 65.68 -84.86
N VAL CA 45 -68.99 65.36 -83.92
CA VAL CA 45 -69.44 66.28 -82.88
C VAL CA 45 -69.43 65.53 -81.56
N ARG CA 46 -68.81 66.10 -80.52
CA ARG CA 46 -68.76 65.39 -79.26
C ARG CA 46 -69.10 66.35 -78.12
N HIS CA 47 -69.53 65.76 -76.99
CA HIS CA 47 -69.66 66.48 -75.73
C HIS CA 47 -69.04 65.66 -74.60
N THR CA 48 -68.44 66.35 -73.64
CA THR CA 48 -67.77 65.69 -72.52
C THR CA 48 -67.80 66.60 -71.30
N LYS CA 49 -67.68 65.98 -70.12
CA LYS CA 49 -67.50 66.68 -68.86
C LYS CA 49 -66.14 66.31 -68.29
N GLU CA 50 -65.35 67.31 -67.94
CA GLU CA 50 -63.99 67.05 -67.49
C GLU CA 50 -63.99 66.35 -66.13
N SER CA 51 -62.80 65.86 -65.75
CA SER CA 51 -62.67 65.07 -64.53
C SER CA 51 -63.02 65.91 -63.30
N VAL CA 52 -63.65 65.27 -62.33
CA VAL CA 52 -64.00 65.92 -61.08
C VAL CA 52 -62.79 65.97 -60.16
N LYS CA 53 -62.69 67.03 -59.37
CA LYS CA 53 -61.63 67.26 -58.41
C LYS CA 53 -62.26 67.68 -57.09
N PRO CA 54 -61.54 67.51 -55.98
CA PRO CA 54 -62.16 67.81 -54.67
C PRO CA 54 -62.62 69.26 -54.54
N ASN CA 55 -61.78 70.23 -54.86
CA ASN CA 55 -62.10 71.64 -54.59
C ASN CA 55 -61.70 72.53 -55.77
N GLN CA 56 -62.05 72.10 -56.98
CA GLN CA 56 -61.85 72.90 -58.18
C GLN CA 56 -63.16 73.05 -58.93
N VAL CA 57 -63.21 74.05 -59.82
CA VAL CA 57 -64.42 74.34 -60.58
C VAL CA 57 -64.57 73.32 -61.71
N GLN CA 58 -65.75 72.72 -61.80
CA GLN CA 58 -66.03 71.72 -62.83
C GLN CA 58 -66.37 72.42 -64.15
N TYR CA 59 -65.98 71.78 -65.26
CA TYR CA 59 -66.04 72.40 -66.58
C TYR CA 59 -66.67 71.45 -67.59
N GLU CA 60 -67.20 72.04 -68.68
CA GLU CA 60 -67.68 71.29 -69.83
C GLU CA 60 -66.82 71.58 -71.06
N ARG CA 61 -67.11 70.86 -72.14
CA ARG CA 61 -66.32 70.92 -73.36
C ARG CA 61 -67.20 70.48 -74.53
N HIS CA 62 -67.33 71.32 -75.55
CA HIS CA 62 -68.03 70.95 -76.78
C HIS CA 62 -67.08 71.08 -77.96
N ASN CA 63 -67.08 70.08 -78.83
CA ASN CA 63 -66.10 69.96 -79.90
C ASN CA 63 -66.78 69.67 -81.22
N VAL CA 64 -66.27 70.26 -82.29
CA VAL CA 64 -66.78 70.05 -83.65
C VAL CA 64 -65.59 69.91 -84.58
N GLU CA 65 -65.71 68.99 -85.55
CA GLU CA 65 -64.57 68.55 -86.35
C GLU CA 65 -65.00 68.23 -87.78
N PHE CA 66 -64.20 68.66 -88.74
CA PHE CA 66 -64.30 68.23 -90.13
C PHE CA 66 -63.00 67.59 -90.56
N THR CA 67 -63.10 66.58 -91.42
CA THR CA 67 -61.94 65.86 -91.94
C THR CA 67 -62.16 65.58 -93.41
N GLU CA 68 -61.10 65.73 -94.20
CA GLU CA 68 -61.12 65.44 -95.63
C GLU CA 68 -59.95 64.54 -95.95
N THR CA 69 -60.21 63.41 -96.62
CA THR CA 69 -59.19 62.44 -96.97
C THR CA 69 -59.07 62.33 -98.48
N VAL CA 70 -57.84 62.34 -98.99
CA VAL CA 70 -57.54 62.27 -100.41
C VAL CA 70 -56.85 60.94 -100.68
N TYR CA 71 -57.46 60.13 -101.54
CA TYR CA 71 -56.93 58.80 -101.81
C TYR CA 71 -55.61 58.88 -102.57
N ALA CA 72 -54.75 57.89 -102.31
CA ALA CA 72 -53.46 57.84 -102.96
C ALA CA 72 -53.62 57.67 -104.47
N SER CA 73 -52.94 58.51 -105.24
CA SER CA 73 -52.97 58.44 -106.69
C SER CA 73 -51.54 58.51 -107.22
N GLY CA 74 -51.25 57.69 -108.21
CA GLY CA 74 -49.89 57.61 -108.71
C GLY CA 74 -48.93 57.20 -107.61
N SER CA 75 -47.82 57.92 -107.50
CA SER CA 75 -46.83 57.68 -106.46
C SER CA 75 -47.10 58.46 -105.19
N THR CA 76 -48.06 59.37 -105.18
CA THR CA 76 -48.35 60.18 -104.01
C THR CA 76 -49.18 59.38 -103.01
N PRO CA 77 -48.72 59.24 -101.76
CA PRO CA 77 -49.55 58.55 -100.76
C PRO CA 77 -50.72 59.43 -100.31
N GLU CA 78 -51.69 58.77 -99.66
CA GLU CA 78 -52.88 59.46 -99.20
C GLU CA 78 -52.56 60.41 -98.05
N PHE CA 79 -53.38 61.44 -97.92
CA PHE CA 79 -53.23 62.42 -96.85
C PHE CA 79 -54.60 62.97 -96.50
N VAL CA 80 -54.66 63.82 -95.48
CA VAL CA 80 -55.91 64.32 -94.94
C VAL CA 80 -55.84 65.82 -94.74
N ARG CA 81 -57.00 66.47 -94.83
CA ARG CA 81 -57.18 67.84 -94.36
C ARG CA 81 -58.18 67.85 -93.22
N GLN CA 82 -57.82 68.53 -92.14
CA GLN CA 82 -58.60 68.52 -90.91
C GLN CA 82 -58.62 69.93 -90.32
N ALA CA 83 -59.72 70.26 -89.63
CA ALA CA 83 -59.86 71.56 -89.01
C ALA CA 83 -61.01 71.49 -88.01
N TYR CA 84 -60.78 71.90 -86.77
CA TYR CA 84 -61.76 71.69 -85.72
C TYR CA 84 -61.72 72.82 -84.70
N VAL CA 85 -62.84 72.99 -84.01
CA VAL CA 85 -63.01 73.98 -82.95
C VAL CA 85 -63.53 73.28 -81.71
N VAL CA 86 -63.27 73.89 -80.56
CA VAL CA 86 -63.74 73.35 -79.28
C VAL CA 86 -63.94 74.52 -78.31
N ILE CA 87 -64.90 74.35 -77.41
CA ILE CA 87 -65.30 75.38 -76.46
C ILE CA 87 -65.50 74.75 -75.10
N ARG CA 88 -65.06 75.46 -74.05
CA ARG CA 88 -65.25 75.00 -72.68
C ARG CA 88 -65.70 76.17 -71.82
N HIS CA 89 -66.55 75.86 -70.83
CA HIS CA 89 -67.16 76.89 -70.00
C HIS CA 89 -67.55 76.26 -68.66
N LYS CA 90 -67.80 77.12 -67.69
CA LYS CA 90 -68.16 76.65 -66.35
C LYS CA 90 -69.55 76.02 -66.37
N VAL CA 91 -69.75 75.08 -65.42
CA VAL CA 91 -71.02 74.37 -65.34
C VAL CA 91 -72.08 75.31 -64.79
N GLY CA 92 -73.22 75.38 -65.47
CA GLY CA 92 -74.29 76.25 -65.04
C GLY CA 92 -74.10 77.72 -65.39
N ASP CA 93 -73.12 78.02 -66.24
CA ASP CA 93 -72.85 79.40 -66.62
C ASP CA 93 -73.93 79.92 -67.55
N VAL CA 94 -73.94 81.23 -67.74
CA VAL CA 94 -74.95 81.87 -68.59
C VAL CA 94 -74.65 81.54 -70.04
N SER CA 95 -75.65 81.01 -70.74
CA SER CA 95 -75.41 80.44 -72.07
C SER CA 95 -75.12 81.52 -73.11
N ALA CA 96 -75.89 82.61 -73.11
CA ALA CA 96 -75.73 83.62 -74.14
C ALA CA 96 -74.34 84.26 -74.07
N THR CA 97 -73.87 84.57 -72.87
CA THR CA 97 -72.52 85.08 -72.71
C THR CA 97 -71.50 84.08 -73.22
N VAL CA 98 -71.71 82.79 -72.94
CA VAL CA 98 -70.79 81.75 -73.39
C VAL CA 98 -70.75 81.71 -74.92
N SER CA 99 -71.88 81.96 -75.57
CA SER CA 99 -71.92 81.91 -77.02
C SER CA 99 -71.30 83.15 -77.67
N ASP CA 100 -71.47 84.32 -77.04
CA ASP CA 100 -70.95 85.55 -77.63
C ASP CA 100 -69.44 85.45 -77.88
N LEU CA 101 -68.69 85.02 -76.86
CA LEU CA 101 -67.37 84.48 -77.09
C LEU CA 101 -67.52 83.13 -77.78
N GLY CA 102 -66.62 82.85 -78.72
CA GLY CA 102 -66.86 81.76 -79.65
C GLY CA 102 -67.48 82.30 -80.92
N GLU CA 103 -68.58 83.04 -80.80
CA GLU CA 103 -69.12 83.72 -81.98
C GLU CA 103 -68.20 84.83 -82.45
N ALA CA 104 -67.56 85.55 -81.54
CA ALA CA 104 -66.57 86.55 -81.93
C ALA CA 104 -65.40 85.90 -82.66
N LEU CA 105 -64.93 84.76 -82.15
CA LEU CA 105 -63.86 84.03 -82.83
C LEU CA 105 -64.29 83.62 -84.23
N SER CA 106 -65.50 83.08 -84.34
CA SER CA 106 -65.99 82.66 -85.66
C SER CA 106 -66.06 83.84 -86.63
N PHE CA 107 -66.53 84.99 -86.15
CA PHE CA 107 -66.62 86.17 -87.01
C PHE CA 107 -65.24 86.67 -87.41
N TYR CA 108 -64.26 86.56 -86.50
CA TYR CA 108 -62.91 87.01 -86.80
C TYR CA 108 -62.29 86.22 -87.95
N LEU CA 109 -62.42 84.90 -87.91
CA LEU CA 109 -61.76 84.05 -88.90
C LEU CA 109 -62.40 84.28 -90.26
N ASN CA 110 -61.57 84.42 -91.29
CA ASN CA 110 -62.04 84.68 -92.64
C ASN CA 110 -60.91 84.32 -93.61
N GLU CA 111 -61.10 84.67 -94.88
CA GLU CA 111 -60.15 84.27 -95.92
C GLU CA 111 -58.77 84.88 -95.65
N ALA CA 112 -58.72 86.19 -95.37
CA ALA CA 112 -57.44 86.87 -95.25
C ALA CA 112 -56.62 86.30 -94.10
N LEU CA 113 -57.25 86.08 -92.94
CA LEU CA 113 -56.50 85.55 -91.82
C LEU CA 113 -56.02 84.13 -92.08
N TYR CA 114 -56.82 83.34 -92.78
CA TYR CA 114 -56.37 82.01 -93.16
C TYR CA 114 -55.13 82.09 -94.06
N GLY CA 115 -55.16 83.01 -95.03
CA GLY CA 115 -53.99 83.22 -95.86
C GLY CA 115 -52.76 83.60 -95.06
N LYS CA 116 -52.92 84.50 -94.09
CA LYS CA 116 -51.78 84.85 -93.23
C LYS CA 116 -51.30 83.64 -92.44
N LEU CA 117 -52.21 82.91 -91.81
CA LEU CA 117 -51.80 81.81 -90.93
C LEU CA 117 -51.05 80.73 -91.68
N ILE CA 118 -51.58 80.32 -92.84
CA ILE CA 118 -50.89 79.27 -93.58
C ILE CA 118 -49.53 79.77 -94.06
N GLY CA 119 -49.30 81.08 -94.03
CA GLY CA 119 -48.01 81.67 -94.26
C GLY CA 119 -47.11 81.75 -93.05
N TRP CA 120 -47.49 81.13 -91.94
CA TRP CA 120 -46.70 81.08 -90.70
C TRP CA 120 -46.57 82.44 -90.03
N GLU CA 121 -47.37 83.42 -90.42
CA GLU CA 121 -47.40 84.69 -89.72
C GLU CA 121 -48.01 84.51 -88.34
N SER CA 122 -47.67 85.42 -87.43
CA SER CA 122 -48.17 85.36 -86.06
C SER CA 122 -48.36 86.76 -85.50
N ALA DA 1 -87.01 54.30 -81.99
CA ALA DA 1 -87.76 54.77 -83.19
C ALA DA 1 -88.96 55.60 -82.79
N LEU DA 2 -88.95 56.09 -81.54
CA LEU DA 2 -90.05 56.92 -81.07
C LEU DA 2 -90.13 58.22 -81.87
N GLY DA 3 -88.98 58.83 -82.14
CA GLY DA 3 -88.91 60.09 -82.84
C GLY DA 3 -87.81 60.95 -82.25
N ASP DA 4 -87.38 61.95 -83.03
CA ASP DA 4 -86.29 62.80 -82.59
C ASP DA 4 -86.68 63.73 -81.45
N THR DA 5 -87.97 63.94 -81.22
CA THR DA 5 -88.41 64.85 -80.18
C THR DA 5 -89.66 64.30 -79.50
N LEU DA 6 -89.87 64.77 -78.27
CA LEU DA 6 -90.99 64.32 -77.45
C LEU DA 6 -91.65 65.53 -76.81
N THR DA 7 -92.96 65.49 -76.71
CA THR DA 7 -93.76 66.58 -76.18
C THR DA 7 -94.34 66.18 -74.83
N ILE DA 8 -94.11 67.02 -73.83
CA ILE DA 8 -94.67 66.83 -72.49
C ILE DA 8 -95.61 68.01 -72.22
N THR DA 9 -96.87 67.71 -72.01
CA THR DA 9 -97.90 68.73 -71.79
C THR DA 9 -98.28 68.71 -70.31
N LEU DA 10 -97.64 69.59 -69.53
CA LEU DA 10 -98.00 69.75 -68.14
C LEU DA 10 -99.45 70.20 -68.03
N GLY DA 11 -100.16 69.65 -67.04
CA GLY DA 11 -101.56 69.96 -66.89
C GLY DA 11 -102.49 69.14 -67.77
N GLY DA 12 -102.04 67.98 -68.24
CA GLY DA 12 -102.91 67.16 -69.06
C GLY DA 12 -103.21 67.83 -70.38
N SER DA 13 -104.41 67.54 -70.90
CA SER DA 13 -104.86 68.18 -72.12
C SER DA 13 -105.09 69.67 -71.89
N GLY DA 14 -104.67 70.48 -72.87
CA GLY DA 14 -104.91 71.90 -72.84
C GLY DA 14 -103.97 72.73 -71.99
N GLY DA 15 -102.85 72.17 -71.55
CA GLY DA 15 -101.92 72.87 -70.68
C GLY DA 15 -100.72 73.43 -71.39
N THR DA 16 -99.61 73.49 -70.66
CA THR DA 16 -98.34 74.02 -71.17
C THR DA 16 -97.54 72.89 -71.80
N ALA DA 17 -97.03 73.12 -73.01
CA ALA DA 17 -96.32 72.10 -73.76
C ALA DA 17 -94.82 72.35 -73.72
N LYS DA 18 -94.07 71.32 -73.36
CA LYS DA 18 -92.61 71.34 -73.35
C LYS DA 18 -92.12 70.26 -74.31
N VAL DA 19 -91.22 70.64 -75.22
CA VAL DA 19 -90.80 69.77 -76.31
C VAL DA 19 -89.33 69.42 -76.10
N LEU DA 20 -89.05 68.21 -75.62
CA LEU DA 20 -87.70 67.75 -75.38
C LEU DA 20 -87.05 67.34 -76.70
N ARG DA 21 -85.74 67.07 -76.64
CA ARG DA 21 -84.95 66.71 -77.81
C ARG DA 21 -84.12 65.48 -77.52
N LYS DA 22 -83.86 64.67 -78.55
CA LYS DA 22 -83.05 63.48 -78.38
C LYS DA 22 -81.57 63.82 -78.41
N ILE DA 23 -80.83 63.32 -77.41
CA ILE DA 23 -79.40 63.59 -77.32
C ILE DA 23 -78.59 62.29 -77.35
N ASN DA 24 -79.20 61.17 -76.92
CA ASN DA 24 -78.48 59.91 -76.91
C ASN DA 24 -79.45 58.74 -76.84
N GLN DA 25 -78.99 57.58 -77.32
CA GLN DA 25 -79.69 56.32 -77.10
C GLN DA 25 -78.75 55.19 -77.53
N ASP DA 26 -78.25 54.42 -76.57
CA ASP DA 26 -77.30 53.35 -76.86
C ASP DA 26 -77.79 51.96 -76.45
N GLY DA 27 -78.10 51.75 -75.17
CA GLY DA 27 -78.34 50.41 -74.68
C GLY DA 27 -79.79 50.02 -74.67
N TYR DA 28 -80.40 49.94 -75.86
CA TYR DA 28 -81.82 49.61 -75.98
C TYR DA 28 -82.69 50.60 -75.21
N THR DA 29 -82.15 51.80 -75.01
CA THR DA 29 -82.81 52.84 -74.23
C THR DA 29 -82.57 54.17 -74.92
N SER DA 30 -83.45 55.14 -74.65
CA SER DA 30 -83.30 56.47 -75.22
C SER DA 30 -83.60 57.49 -74.15
N GLU DA 31 -83.08 58.70 -74.33
CA GLU DA 31 -83.18 59.72 -73.29
C GLU DA 31 -83.12 61.10 -73.92
N TYR DA 32 -83.99 61.99 -73.44
CA TYR DA 32 -84.24 63.29 -74.05
C TYR DA 32 -83.95 64.39 -73.03
N TYR DA 33 -83.63 65.59 -73.51
CA TYR DA 33 -83.24 66.68 -72.62
C TYR DA 33 -83.90 67.99 -73.05
N LEU DA 34 -84.09 68.88 -72.06
CA LEU DA 34 -84.48 70.26 -72.31
C LEU DA 34 -84.08 71.16 -71.14
N PRO DA 35 -83.15 72.08 -71.32
CA PRO DA 35 -82.85 73.04 -70.25
C PRO DA 35 -83.57 74.37 -70.41
N GLU DA 36 -83.71 75.06 -69.29
CA GLU DA 36 -84.30 76.40 -69.22
C GLU DA 36 -83.73 77.09 -67.99
N THR DA 37 -84.28 78.26 -67.66
CA THR DA 37 -83.63 79.14 -66.68
C THR DA 37 -83.54 78.49 -65.30
N SER DA 38 -84.67 78.02 -64.76
CA SER DA 38 -84.73 77.56 -63.39
C SER DA 38 -85.08 76.09 -63.27
N SER DA 39 -85.07 75.33 -64.37
CA SER DA 39 -85.46 73.93 -64.32
C SER DA 39 -84.89 73.19 -65.52
N SER DA 40 -85.00 71.87 -65.47
CA SER DA 40 -84.59 71.01 -66.58
C SER DA 40 -85.60 69.88 -66.72
N PHE DA 41 -85.76 69.38 -67.93
CA PHE DA 41 -86.64 68.25 -68.22
C PHE DA 41 -85.85 67.12 -68.88
N ARG DA 42 -86.00 65.91 -68.35
CA ARG DA 42 -85.38 64.71 -68.89
C ARG DA 42 -86.43 63.61 -68.97
N ALA DA 43 -86.41 62.84 -70.05
CA ALA DA 43 -87.29 61.69 -70.24
C ALA DA 43 -86.44 60.46 -70.51
N LYS DA 44 -86.82 59.33 -69.91
CA LYS DA 44 -86.06 58.09 -70.03
C LYS DA 44 -86.97 56.99 -70.58
N VAL DA 45 -86.41 56.13 -71.42
CA VAL DA 45 -87.10 54.94 -71.91
C VAL DA 45 -86.14 53.75 -71.85
N ARG DA 46 -86.55 52.70 -71.16
CA ARG DA 46 -85.71 51.53 -70.95
C ARG DA 46 -86.47 50.25 -71.27
N HIS DA 47 -85.76 49.26 -71.81
CA HIS DA 47 -86.28 47.93 -72.09
C HIS DA 47 -85.31 46.90 -71.55
N THR DA 48 -85.85 45.76 -71.11
CA THR DA 48 -85.00 44.72 -70.54
C THR DA 48 -85.80 43.43 -70.38
N LYS DA 49 -85.07 42.34 -70.17
CA LYS DA 49 -85.63 41.04 -69.84
C LYS DA 49 -84.99 40.50 -68.58
N GLU DA 50 -85.78 39.85 -67.73
CA GLU DA 50 -85.27 39.33 -66.47
C GLU DA 50 -84.39 38.10 -66.70
N SER DA 51 -83.69 37.71 -65.64
CA SER DA 51 -82.78 36.57 -65.72
C SER DA 51 -83.55 35.31 -66.09
N VAL DA 52 -82.97 34.52 -66.99
CA VAL DA 52 -83.57 33.27 -67.42
C VAL DA 52 -83.26 32.18 -66.40
N LYS DA 53 -84.24 31.30 -66.17
CA LYS DA 53 -84.05 30.14 -65.32
C LYS DA 53 -84.65 28.91 -66.00
N PRO DA 54 -84.11 27.73 -65.72
CA PRO DA 54 -84.58 26.53 -66.42
C PRO DA 54 -86.06 26.30 -66.17
N ASN DA 55 -86.77 25.87 -67.20
CA ASN DA 55 -88.17 25.49 -67.07
C ASN DA 55 -89.00 26.45 -66.21
N GLN DA 56 -88.89 27.74 -66.50
CA GLN DA 56 -89.80 28.75 -65.94
C GLN DA 56 -90.06 29.82 -66.99
N VAL DA 57 -91.18 30.53 -66.82
CA VAL DA 57 -91.63 31.47 -67.85
C VAL DA 57 -90.69 32.67 -67.90
N GLN DA 58 -90.64 33.30 -69.08
CA GLN DA 58 -89.78 34.45 -69.33
C GLN DA 58 -90.60 35.73 -69.42
N TYR DA 59 -90.06 36.79 -68.85
CA TYR DA 59 -90.73 38.09 -68.75
C TYR DA 59 -89.84 39.19 -69.32
N GLU DA 60 -90.48 40.27 -69.76
CA GLU DA 60 -89.77 41.48 -70.16
C GLU DA 60 -90.46 42.70 -69.57
N ARG DA 61 -89.67 43.73 -69.28
CA ARG DA 61 -90.16 44.95 -68.65
C ARG DA 61 -89.93 46.14 -69.56
N HIS DA 62 -90.92 47.02 -69.64
CA HIS DA 62 -90.81 48.29 -70.37
C HIS DA 62 -91.11 49.43 -69.41
N ASN DA 63 -90.19 50.38 -69.33
CA ASN DA 63 -90.23 51.43 -68.33
C ASN DA 63 -90.19 52.80 -69.01
N VAL DA 64 -90.91 53.76 -68.42
CA VAL DA 64 -90.91 55.14 -68.88
C VAL DA 64 -90.83 56.05 -67.67
N GLU DA 65 -90.03 57.10 -67.76
CA GLU DA 65 -89.70 57.96 -66.62
C GLU DA 65 -89.65 59.42 -67.04
N PHE DA 66 -90.26 60.28 -66.23
CA PHE DA 66 -90.15 61.73 -66.34
C PHE DA 66 -89.46 62.28 -65.11
N THR DA 67 -88.54 63.22 -65.32
CA THR DA 67 -87.82 63.89 -64.24
C THR DA 67 -87.90 65.39 -64.44
N GLU DA 68 -88.09 66.13 -63.35
CA GLU DA 68 -88.04 67.58 -63.35
C GLU DA 68 -87.04 68.03 -62.30
N THR DA 69 -86.11 68.89 -62.70
CA THR DA 69 -85.02 69.34 -61.84
C THR DA 69 -85.18 70.82 -61.56
N VAL DA 70 -84.97 71.21 -60.30
CA VAL DA 70 -85.08 72.60 -59.87
C VAL DA 70 -83.75 73.01 -59.27
N TYR DA 71 -83.15 74.07 -59.81
CA TYR DA 71 -81.85 74.52 -59.34
C TYR DA 71 -81.97 75.24 -58.00
N ALA DA 72 -80.85 75.29 -57.29
CA ALA DA 72 -80.81 75.92 -55.98
C ALA DA 72 -81.09 77.42 -56.11
N SER DA 73 -81.68 77.97 -55.06
CA SER DA 73 -82.05 79.39 -55.03
C SER DA 73 -82.03 79.85 -53.58
N GLY DA 74 -80.99 80.59 -53.21
CA GLY DA 74 -80.84 81.01 -51.83
C GLY DA 74 -80.69 79.82 -50.91
N SER DA 75 -81.44 79.83 -49.81
CA SER DA 75 -81.33 78.75 -48.83
C SER DA 75 -81.85 77.43 -49.36
N THR DA 76 -82.82 77.48 -50.27
CA THR DA 76 -83.44 76.25 -50.77
C THR DA 76 -82.43 75.44 -51.59
N PRO DA 77 -82.13 74.20 -51.22
CA PRO DA 77 -81.16 73.43 -52.00
C PRO DA 77 -81.78 72.74 -53.22
N GLU DA 78 -80.98 71.91 -53.88
CA GLU DA 78 -81.43 71.18 -55.05
C GLU DA 78 -82.54 70.20 -54.68
N PHE DA 79 -83.53 70.06 -55.57
CA PHE DA 79 -84.58 69.06 -55.41
C PHE DA 79 -85.24 68.85 -56.76
N VAL DA 80 -85.89 67.69 -56.90
CA VAL DA 80 -86.40 67.21 -58.18
C VAL DA 80 -87.81 66.66 -58.01
N ARG DA 81 -88.49 66.48 -59.13
CA ARG DA 81 -89.76 65.77 -59.18
C ARG DA 81 -89.74 64.71 -60.26
N GLN DA 82 -90.31 63.54 -59.96
CA GLN DA 82 -90.22 62.36 -60.82
C GLN DA 82 -91.57 61.67 -60.91
N ALA DA 83 -91.73 60.87 -61.98
CA ALA DA 83 -92.93 60.05 -62.16
C ALA DA 83 -92.65 59.04 -63.26
N TYR DA 84 -92.89 57.77 -62.99
CA TYR DA 84 -92.55 56.72 -63.95
C TYR DA 84 -93.53 55.57 -63.86
N VAL DA 85 -93.62 54.82 -64.96
CA VAL DA 85 -94.50 53.65 -65.08
C VAL DA 85 -93.67 52.46 -65.54
N VAL DA 86 -94.16 51.26 -65.23
CA VAL DA 86 -93.51 50.01 -65.58
C VAL DA 86 -94.55 49.03 -66.09
N ILE DA 87 -94.17 48.20 -67.07
CA ILE DA 87 -95.04 47.17 -67.63
C ILE DA 87 -94.28 45.84 -67.63
N ARG DA 88 -94.95 44.77 -67.20
CA ARG DA 88 -94.35 43.45 -67.09
C ARG DA 88 -95.28 42.41 -67.70
N HIS DA 89 -94.76 41.62 -68.63
CA HIS DA 89 -95.53 40.55 -69.27
C HIS DA 89 -94.56 39.57 -69.92
N LYS DA 90 -95.08 38.38 -70.24
CA LYS DA 90 -94.20 37.29 -70.67
C LYS DA 90 -93.86 37.42 -72.16
N VAL DA 91 -92.87 36.64 -72.58
CA VAL DA 91 -92.51 36.56 -73.99
C VAL DA 91 -93.58 35.79 -74.73
N GLY DA 92 -94.01 36.32 -75.87
CA GLY DA 92 -94.96 35.66 -76.72
C GLY DA 92 -96.41 35.88 -76.38
N ASP DA 93 -96.72 36.74 -75.41
CA ASP DA 93 -98.11 37.00 -75.05
C ASP DA 93 -98.82 37.75 -76.18
N VAL DA 94 -100.12 37.96 -75.99
CA VAL DA 94 -100.92 38.75 -76.91
C VAL DA 94 -100.77 40.21 -76.54
N SER DA 95 -100.29 41.02 -77.49
CA SER DA 95 -99.99 42.42 -77.20
C SER DA 95 -101.26 43.20 -76.84
N ALA DA 96 -102.38 42.85 -77.48
CA ALA DA 96 -103.60 43.63 -77.29
C ALA DA 96 -104.05 43.63 -75.83
N THR DA 97 -103.96 42.47 -75.16
CA THR DA 97 -104.40 42.39 -73.77
C THR DA 97 -103.53 43.27 -72.86
N VAL DA 98 -102.21 43.23 -73.06
CA VAL DA 98 -101.32 44.07 -72.25
C VAL DA 98 -101.64 45.54 -72.50
N SER DA 99 -101.88 45.89 -73.75
CA SER DA 99 -102.27 47.27 -74.05
C SER DA 99 -103.55 47.64 -73.34
N ASP DA 100 -104.52 46.72 -73.31
CA ASP DA 100 -105.78 47.00 -72.65
C ASP DA 100 -105.59 47.25 -71.16
N LEU DA 101 -104.77 46.43 -70.52
CA LEU DA 101 -104.46 46.64 -69.11
C LEU DA 101 -103.81 48.01 -68.89
N GLY DA 102 -102.86 48.37 -69.75
CA GLY DA 102 -102.22 49.66 -69.62
C GLY DA 102 -103.19 50.81 -69.80
N GLU DA 103 -104.10 50.69 -70.76
CA GLU DA 103 -105.12 51.72 -70.96
C GLU DA 103 -106.00 51.84 -69.73
N ALA DA 104 -106.37 50.71 -69.13
CA ALA DA 104 -107.15 50.76 -67.89
C ALA DA 104 -106.40 51.55 -66.82
N LEU DA 105 -105.10 51.24 -66.64
CA LEU DA 105 -104.33 51.92 -65.61
C LEU DA 105 -104.25 53.41 -65.89
N SER DA 106 -104.02 53.79 -67.14
CA SER DA 106 -103.92 55.20 -67.50
C SER DA 106 -105.26 55.92 -67.29
N PHE DA 107 -106.36 55.28 -67.67
CA PHE DA 107 -107.68 55.91 -67.55
C PHE DA 107 -108.08 56.09 -66.09
N TYR DA 108 -107.70 55.13 -65.23
CA TYR DA 108 -107.98 55.27 -63.81
C TYR DA 108 -107.32 56.52 -63.23
N LEU DA 109 -106.04 56.74 -63.53
CA LEU DA 109 -105.34 57.90 -62.98
C LEU DA 109 -105.89 59.19 -63.58
N ASN DA 110 -106.11 60.18 -62.73
CA ASN DA 110 -106.58 61.49 -63.16
C ASN DA 110 -106.30 62.50 -62.04
N GLU DA 111 -106.86 63.70 -62.19
CA GLU DA 111 -106.56 64.79 -61.27
C GLU DA 111 -106.99 64.44 -59.85
N ALA DA 112 -108.25 64.04 -59.66
CA ALA DA 112 -108.75 63.76 -58.33
C ALA DA 112 -107.97 62.63 -57.68
N LEU DA 113 -107.67 61.57 -58.44
CA LEU DA 113 -106.89 60.47 -57.90
C LEU DA 113 -105.52 60.93 -57.44
N TYR DA 114 -104.86 61.78 -58.25
CA TYR DA 114 -103.54 62.27 -57.86
C TYR DA 114 -103.61 63.13 -56.60
N GLY DA 115 -104.63 63.99 -56.49
CA GLY DA 115 -104.81 64.72 -55.25
C GLY DA 115 -104.98 63.80 -54.06
N LYS DA 116 -105.80 62.75 -54.23
CA LYS DA 116 -106.01 61.79 -53.16
C LYS DA 116 -104.69 61.13 -52.75
N LEU DA 117 -103.90 60.71 -53.73
CA LEU DA 117 -102.63 60.06 -53.43
C LEU DA 117 -101.70 61.00 -52.68
N ILE DA 118 -101.60 62.26 -53.14
CA ILE DA 118 -100.74 63.21 -52.44
C ILE DA 118 -101.28 63.50 -51.05
N GLY DA 119 -102.55 63.21 -50.82
CA GLY DA 119 -103.12 63.35 -49.48
C GLY DA 119 -102.74 62.27 -48.49
N TRP DA 120 -102.00 61.24 -48.93
CA TRP DA 120 -101.61 60.07 -48.14
C TRP DA 120 -102.77 59.16 -47.79
N GLU DA 121 -104.00 59.50 -48.18
CA GLU DA 121 -105.14 58.67 -47.81
C GLU DA 121 -105.17 57.41 -48.68
N SER DA 122 -105.17 56.25 -48.02
CA SER DA 122 -105.15 54.96 -48.69
C SER DA 122 -106.38 54.15 -48.32
N ALA EA 1 -46.56 88.98 -89.78
CA ALA EA 1 -46.88 90.30 -89.15
C ALA EA 1 -48.15 90.22 -88.31
N LEU EA 2 -49.30 90.18 -88.98
CA LEU EA 2 -50.62 90.06 -88.35
C LEU EA 2 -51.09 91.34 -87.68
N GLY EA 3 -50.29 92.40 -87.69
CA GLY EA 3 -50.69 93.64 -87.05
C GLY EA 3 -50.28 93.70 -85.60
N ASP EA 4 -50.09 94.93 -85.11
CA ASP EA 4 -49.70 95.11 -83.72
C ASP EA 4 -50.87 94.92 -82.76
N THR EA 5 -52.08 95.31 -83.17
CA THR EA 5 -53.26 95.20 -82.34
C THR EA 5 -54.24 94.19 -82.91
N LEU EA 6 -54.72 93.31 -82.03
CA LEU EA 6 -55.72 92.29 -82.33
C LEU EA 6 -57.05 92.77 -81.77
N THR EA 7 -58.07 92.83 -82.63
CA THR EA 7 -59.38 93.32 -82.24
C THR EA 7 -60.39 92.18 -82.30
N ILE EA 8 -61.17 92.03 -81.23
CA ILE EA 8 -62.24 91.04 -81.15
C ILE EA 8 -63.54 91.79 -80.87
N THR EA 9 -64.57 91.49 -81.66
CA THR EA 9 -65.88 92.12 -81.50
C THR EA 9 -66.74 91.13 -80.70
N LEU EA 10 -66.65 91.21 -79.38
CA LEU EA 10 -67.45 90.34 -78.53
C LEU EA 10 -68.92 90.49 -78.88
N GLY EA 11 -69.59 89.37 -79.06
CA GLY EA 11 -70.98 89.39 -79.50
C GLY EA 11 -71.18 89.33 -80.99
N GLY EA 12 -70.15 89.01 -81.76
CA GLY EA 12 -70.31 88.91 -83.20
C GLY EA 12 -70.29 90.28 -83.86
N SER EA 13 -70.75 90.29 -85.11
CA SER EA 13 -70.86 91.54 -85.84
C SER EA 13 -71.81 92.50 -85.12
N GLY EA 14 -71.39 93.75 -84.99
CA GLY EA 14 -72.19 94.78 -84.35
C GLY EA 14 -72.13 94.80 -82.84
N GLY EA 15 -71.30 93.97 -82.21
CA GLY EA 15 -71.22 93.89 -80.77
C GLY EA 15 -70.23 94.87 -80.19
N THR EA 16 -69.77 94.54 -78.98
CA THR EA 16 -68.78 95.34 -78.28
C THR EA 16 -67.38 95.03 -78.80
N ALA EA 17 -66.59 96.07 -79.03
CA ALA EA 17 -65.24 95.91 -79.55
C ALA EA 17 -64.21 95.96 -78.43
N LYS EA 18 -63.23 95.06 -78.50
CA LYS EA 18 -62.11 95.02 -77.58
C LYS EA 18 -60.82 95.05 -78.38
N VAL EA 19 -59.80 95.71 -77.84
CA VAL EA 19 -58.50 95.86 -78.49
C VAL EA 19 -57.45 95.20 -77.62
N LEU EA 20 -56.61 94.36 -78.23
CA LEU EA 20 -55.56 93.66 -77.51
C LEU EA 20 -54.20 94.12 -78.03
N ARG EA 21 -53.21 94.16 -77.14
CA ARG EA 21 -51.86 94.63 -77.46
C ARG EA 21 -50.87 93.47 -77.42
N LYS EA 22 -49.91 93.48 -78.34
CA LYS EA 22 -48.85 92.49 -78.31
C LYS EA 22 -47.89 92.77 -77.16
N ILE EA 23 -47.43 91.69 -76.51
CA ILE EA 23 -46.61 91.82 -75.31
C ILE EA 23 -45.38 90.92 -75.38
N ASN EA 24 -45.39 89.97 -76.30
CA ASN EA 24 -44.32 88.98 -76.37
C ASN EA 24 -44.46 88.20 -77.67
N GLN EA 25 -43.37 87.56 -78.07
CA GLN EA 25 -43.40 86.68 -79.23
C GLN EA 25 -42.20 85.73 -79.12
N ASP EA 26 -42.45 84.50 -78.71
CA ASP EA 26 -41.42 83.49 -78.50
C ASP EA 26 -41.82 82.20 -79.20
N GLY EA 27 -40.83 81.43 -79.63
CA GLY EA 27 -41.08 80.07 -80.08
C GLY EA 27 -42.15 79.98 -81.13
N TYR EA 28 -42.10 80.87 -82.13
CA TYR EA 28 -43.05 80.87 -83.24
C TYR EA 28 -44.47 81.16 -82.77
N THR EA 29 -44.63 81.75 -81.59
CA THR EA 29 -45.95 82.05 -81.05
C THR EA 29 -45.94 83.46 -80.46
N SER EA 30 -47.13 84.06 -80.42
CA SER EA 30 -47.30 85.39 -79.87
C SER EA 30 -48.61 85.44 -79.11
N GLU EA 31 -48.72 86.41 -78.18
CA GLU EA 31 -49.94 86.58 -77.42
C GLU EA 31 -50.22 88.06 -77.24
N TYR EA 32 -51.51 88.37 -77.04
CA TYR EA 32 -51.99 89.72 -76.85
C TYR EA 32 -52.73 89.78 -75.52
N TYR EA 33 -52.75 90.95 -74.89
CA TYR EA 33 -53.28 91.07 -73.54
C TYR EA 33 -54.01 92.41 -73.38
N LEU EA 34 -54.94 92.45 -72.43
CA LEU EA 34 -55.68 93.68 -72.10
C LEU EA 34 -56.26 93.58 -70.69
N PRO EA 35 -55.92 94.49 -69.77
CA PRO EA 35 -56.52 94.44 -68.44
C PRO EA 35 -57.76 95.32 -68.29
N GLU EA 36 -58.69 94.90 -67.43
CA GLU EA 36 -59.82 95.73 -67.04
C GLU EA 36 -60.17 95.41 -65.59
N THR EA 37 -61.16 96.14 -65.06
CA THR EA 37 -61.38 96.14 -63.61
C THR EA 37 -61.73 94.76 -63.07
N SER EA 38 -62.63 94.04 -63.74
CA SER EA 38 -63.15 92.79 -63.22
C SER EA 38 -62.74 91.56 -64.01
N SER EA 39 -61.94 91.73 -65.07
CA SER EA 39 -61.51 90.59 -65.87
C SER EA 39 -60.34 91.03 -66.74
N SER EA 40 -59.97 90.19 -67.70
CA SER EA 40 -58.89 90.48 -68.62
C SER EA 40 -59.04 89.59 -69.84
N PHE EA 41 -58.44 90.01 -70.95
CA PHE EA 41 -58.55 89.29 -72.22
C PHE EA 41 -57.16 88.92 -72.70
N ARG EA 42 -57.02 87.68 -73.19
CA ARG EA 42 -55.76 87.19 -73.74
C ARG EA 42 -56.04 86.46 -75.03
N ALA EA 43 -55.13 86.59 -75.98
CA ALA EA 43 -55.19 85.86 -77.24
C ALA EA 43 -53.80 85.35 -77.58
N LYS EA 44 -53.74 84.14 -78.11
CA LYS EA 44 -52.47 83.48 -78.41
C LYS EA 44 -52.54 82.87 -79.80
N VAL EA 45 -51.42 82.91 -80.52
CA VAL EA 45 -51.29 82.26 -81.82
C VAL EA 45 -50.06 81.36 -81.78
N ARG EA 46 -50.22 80.11 -82.22
CA ARG EA 46 -49.16 79.12 -82.19
C ARG EA 46 -48.99 78.46 -83.55
N HIS EA 47 -47.78 77.99 -83.81
CA HIS EA 47 -47.47 77.14 -84.95
C HIS EA 47 -46.62 75.98 -84.47
N THR EA 48 -46.78 74.82 -85.11
CA THR EA 48 -46.02 73.64 -84.71
C THR EA 48 -45.88 72.71 -85.90
N LYS EA 49 -44.86 71.86 -85.83
CA LYS EA 49 -44.55 70.90 -86.87
C LYS EA 49 -44.26 69.56 -86.19
N GLU EA 50 -44.95 68.51 -86.61
CA GLU EA 50 -44.76 67.22 -85.95
C GLU EA 50 -43.42 66.60 -86.34
N SER EA 51 -42.99 65.64 -85.53
CA SER EA 51 -41.70 65.01 -85.74
C SER EA 51 -41.70 64.20 -87.03
N VAL EA 52 -40.53 64.14 -87.67
CA VAL EA 52 -40.37 63.40 -88.92
C VAL EA 52 -40.31 61.91 -88.61
N LYS EA 53 -40.79 61.11 -89.54
CA LYS EA 53 -40.82 59.66 -89.45
C LYS EA 53 -40.31 59.09 -90.77
N PRO EA 54 -39.79 57.84 -90.76
CA PRO EA 54 -39.06 57.35 -91.93
C PRO EA 54 -39.82 57.41 -93.25
N ASN EA 55 -40.98 56.75 -93.35
CA ASN EA 55 -41.81 56.77 -94.57
C ASN EA 55 -43.25 57.14 -94.22
N GLN EA 56 -43.51 58.44 -94.10
CA GLN EA 56 -44.83 58.97 -93.76
C GLN EA 56 -44.91 60.40 -94.24
N VAL EA 57 -46.13 60.92 -94.29
CA VAL EA 57 -46.40 62.27 -94.81
C VAL EA 57 -46.29 63.27 -93.66
N GLN EA 58 -45.55 64.35 -93.89
CA GLN EA 58 -45.26 65.31 -92.84
C GLN EA 58 -46.29 66.44 -92.83
N TYR EA 59 -46.65 66.91 -91.63
CA TYR EA 59 -47.75 67.84 -91.45
C TYR EA 59 -47.27 69.07 -90.71
N GLU EA 60 -48.15 70.07 -90.61
CA GLU EA 60 -47.98 71.15 -89.66
C GLU EA 60 -49.35 71.63 -89.18
N ARG EA 61 -49.36 72.21 -87.97
CA ARG EA 61 -50.57 72.67 -87.30
C ARG EA 61 -50.54 74.19 -87.14
N HIS EA 62 -51.72 74.81 -87.19
CA HIS EA 62 -51.90 76.20 -86.78
C HIS EA 62 -53.03 76.28 -85.76
N ASN EA 63 -52.82 77.08 -84.71
CA ASN EA 63 -53.74 77.17 -83.57
C ASN EA 63 -54.02 78.63 -83.23
N VAL EA 64 -55.27 78.92 -82.86
CA VAL EA 64 -55.69 80.24 -82.42
C VAL EA 64 -56.74 80.10 -81.33
N GLU EA 65 -56.58 80.85 -80.23
CA GLU EA 65 -57.45 80.72 -79.07
C GLU EA 65 -57.74 82.10 -78.46
N PHE EA 66 -58.96 82.24 -77.95
CA PHE EA 66 -59.39 83.40 -77.16
C PHE EA 66 -59.73 82.96 -75.75
N THR EA 67 -59.30 83.75 -74.77
CA THR EA 67 -59.46 83.41 -73.36
C THR EA 67 -59.93 84.62 -72.58
N GLU EA 68 -60.91 84.42 -71.71
CA GLU EA 68 -61.42 85.46 -70.81
C GLU EA 68 -61.48 84.90 -69.41
N THR EA 69 -60.83 85.57 -68.46
CA THR EA 69 -60.76 85.12 -67.07
C THR EA 69 -61.44 86.15 -66.18
N VAL EA 70 -62.26 85.65 -65.25
CA VAL EA 70 -63.00 86.51 -64.33
C VAL EA 70 -62.41 86.36 -62.94
N TYR EA 71 -61.97 87.47 -62.35
CA TYR EA 71 -61.36 87.43 -61.04
C TYR EA 71 -62.37 87.04 -59.97
N ALA EA 72 -61.89 86.37 -58.94
CA ALA EA 72 -62.75 85.95 -57.85
C ALA EA 72 -63.39 87.16 -57.18
N SER EA 73 -64.70 87.08 -56.95
CA SER EA 73 -65.44 88.13 -56.28
C SER EA 73 -66.27 87.49 -55.18
N GLY EA 74 -66.10 87.98 -53.95
CA GLY EA 74 -66.82 87.40 -52.84
C GLY EA 74 -66.51 85.92 -52.70
N SER EA 75 -67.56 85.12 -52.46
CA SER EA 75 -67.37 83.69 -52.26
C SER EA 75 -67.01 82.98 -53.57
N THR EA 76 -67.54 83.47 -54.70
CA THR EA 76 -67.33 82.78 -55.97
C THR EA 76 -65.85 82.79 -56.34
N PRO EA 77 -65.24 81.64 -56.61
CA PRO EA 77 -63.84 81.63 -57.03
C PRO EA 77 -63.69 82.05 -58.49
N GLU EA 78 -62.44 82.31 -58.86
CA GLU EA 78 -62.14 82.72 -60.23
C GLU EA 78 -62.38 81.57 -61.21
N PHE EA 79 -62.70 81.92 -62.44
CA PHE EA 79 -62.92 80.94 -63.51
C PHE EA 79 -62.54 81.60 -64.83
N VAL EA 80 -62.56 80.80 -65.90
CA VAL EA 80 -62.08 81.22 -67.21
C VAL EA 80 -63.08 80.81 -68.27
N ARG EA 81 -62.99 81.48 -69.42
CA ARG EA 81 -63.81 81.17 -70.58
C ARG EA 81 -62.91 81.18 -71.82
N GLN EA 82 -62.93 80.09 -72.58
CA GLN EA 82 -61.93 79.84 -73.61
C GLN EA 82 -62.59 79.14 -74.79
N ALA EA 83 -62.06 79.42 -75.99
CA ALA EA 83 -62.51 78.76 -77.21
C ALA EA 83 -61.43 78.91 -78.28
N TYR EA 84 -61.17 77.83 -79.01
CA TYR EA 84 -60.03 77.82 -79.92
C TYR EA 84 -60.27 76.86 -81.08
N VAL EA 85 -59.52 77.10 -82.16
CA VAL EA 85 -59.61 76.31 -83.39
C VAL EA 85 -58.20 76.04 -83.89
N VAL EA 86 -57.99 74.87 -84.50
CA VAL EA 86 -56.69 74.50 -85.05
C VAL EA 86 -56.89 73.95 -86.46
N ILE EA 87 -55.81 73.98 -87.24
CA ILE EA 87 -55.79 73.47 -88.60
C ILE EA 87 -54.50 72.70 -88.81
N ARG EA 88 -54.60 71.54 -89.47
CA ARG EA 88 -53.43 70.73 -89.79
C ARG EA 88 -53.51 70.27 -91.24
N HIS EA 89 -52.38 70.35 -91.94
CA HIS EA 89 -52.29 69.92 -93.33
C HIS EA 89 -50.83 69.68 -93.68
N LYS EA 90 -50.62 68.99 -94.79
CA LYS EA 90 -49.28 68.55 -95.16
C LYS EA 90 -48.47 69.70 -95.76
N VAL EA 91 -47.15 69.55 -95.71
CA VAL EA 91 -46.26 70.70 -95.93
C VAL EA 91 -46.45 71.27 -97.33
N GLY EA 92 -46.49 70.40 -98.33
CA GLY EA 92 -46.57 70.85 -99.71
C GLY EA 92 -47.96 71.13 -100.24
N ASP EA 93 -49.01 70.96 -99.44
CA ASP EA 93 -50.36 71.11 -99.94
C ASP EA 93 -50.63 72.54 -100.40
N VAL EA 94 -51.56 72.67 -101.34
CA VAL EA 94 -51.94 73.99 -101.83
C VAL EA 94 -52.78 74.71 -100.78
N SER EA 95 -52.59 76.02 -100.67
CA SER EA 95 -53.23 76.79 -99.61
C SER EA 95 -54.72 77.01 -99.86
N ALA EA 96 -55.12 77.09 -101.13
CA ALA EA 96 -56.50 77.46 -101.45
C ALA EA 96 -57.49 76.46 -100.87
N THR EA 97 -57.22 75.15 -101.01
CA THR EA 97 -58.14 74.15 -100.51
C THR EA 97 -58.24 74.20 -98.98
N VAL EA 98 -57.11 74.34 -98.29
CA VAL EA 98 -57.14 74.40 -96.84
C VAL EA 98 -57.95 75.62 -96.40
N SER EA 99 -57.74 76.75 -97.05
CA SER EA 99 -58.48 77.95 -96.72
C SER EA 99 -59.96 77.77 -96.99
N ASP EA 100 -60.30 77.06 -98.07
CA ASP EA 100 -61.71 76.83 -98.39
C ASP EA 100 -62.38 75.99 -97.31
N LEU EA 101 -61.70 74.93 -96.85
CA LEU EA 101 -62.26 74.10 -95.79
C LEU EA 101 -62.41 74.90 -94.50
N GLY EA 102 -61.42 75.73 -94.17
CA GLY EA 102 -61.55 76.59 -93.00
C GLY EA 102 -62.70 77.56 -93.12
N GLU EA 103 -62.90 78.13 -94.31
CA GLU EA 103 -64.02 79.00 -94.55
C GLU EA 103 -65.34 78.27 -94.32
N ALA EA 104 -65.43 77.03 -94.80
CA ALA EA 104 -66.62 76.22 -94.55
C ALA EA 104 -66.87 76.08 -93.05
N LEU EA 105 -65.83 75.73 -92.30
CA LEU EA 105 -66.00 75.50 -90.87
C LEU EA 105 -66.46 76.78 -90.18
N SER EA 106 -65.87 77.91 -90.56
CA SER EA 106 -66.28 79.19 -89.97
C SER EA 106 -67.71 79.54 -90.33
N PHE EA 107 -68.10 79.29 -91.58
CA PHE EA 107 -69.44 79.67 -92.05
C PHE EA 107 -70.51 78.84 -91.38
N TYR EA 108 -70.23 77.58 -91.08
CA TYR EA 108 -71.23 76.72 -90.45
C TYR EA 108 -71.62 77.23 -89.06
N LEU EA 109 -70.64 77.63 -88.26
CA LEU EA 109 -70.93 78.05 -86.89
C LEU EA 109 -71.63 79.40 -86.87
N ASN EA 110 -72.62 79.52 -86.00
CA ASN EA 110 -73.39 80.75 -85.85
C ASN EA 110 -74.18 80.64 -84.54
N GLU EA 111 -75.14 81.54 -84.35
CA GLU EA 111 -75.92 81.52 -83.12
C GLU EA 111 -76.65 80.21 -82.92
N ALA EA 112 -77.26 79.69 -83.98
CA ALA EA 112 -78.06 78.48 -83.86
C ALA EA 112 -77.22 77.31 -83.36
N LEU EA 113 -76.09 77.05 -84.01
CA LEU EA 113 -75.29 75.89 -83.65
C LEU EA 113 -74.76 76.01 -82.24
N TYR EA 114 -74.36 77.20 -81.84
CA TYR EA 114 -73.85 77.37 -80.49
C TYR EA 114 -74.95 77.13 -79.46
N GLY EA 115 -76.16 77.60 -79.75
CA GLY EA 115 -77.28 77.31 -78.87
C GLY EA 115 -77.57 75.83 -78.76
N LYS EA 116 -77.47 75.10 -79.88
CA LYS EA 116 -77.67 73.66 -79.84
C LYS EA 116 -76.57 72.96 -79.04
N LEU EA 117 -75.31 73.32 -79.30
CA LEU EA 117 -74.21 72.64 -78.63
C LEU EA 117 -74.25 72.87 -77.12
N ILE EA 118 -74.48 74.11 -76.70
CA ILE EA 118 -74.62 74.37 -75.27
C ILE EA 118 -75.82 73.63 -74.70
N GLY EA 119 -76.76 73.24 -75.57
CA GLY EA 119 -77.89 72.42 -75.19
C GLY EA 119 -77.63 70.93 -75.23
N TRP EA 120 -76.39 70.51 -75.45
CA TRP EA 120 -75.98 69.11 -75.48
C TRP EA 120 -76.59 68.34 -76.64
N GLU EA 121 -77.09 69.03 -77.65
CA GLU EA 121 -77.48 68.36 -78.88
C GLU EA 121 -76.26 67.77 -79.56
N SER EA 122 -76.49 66.77 -80.41
CA SER EA 122 -75.40 66.06 -81.06
C SER EA 122 -75.89 65.42 -82.36
N ALA FA 1 -33.05 94.24 -86.03
CA ALA FA 1 -33.77 95.48 -86.47
C ALA FA 1 -33.52 95.75 -87.94
N LEU FA 2 -33.22 94.70 -88.70
CA LEU FA 2 -32.94 94.87 -90.13
C LEU FA 2 -34.16 95.39 -90.86
N GLY FA 3 -35.34 94.90 -90.50
CA GLY FA 3 -36.57 95.30 -91.16
C GLY FA 3 -37.59 94.18 -91.11
N ASP FA 4 -38.85 94.55 -91.28
CA ASP FA 4 -39.93 93.57 -91.17
C ASP FA 4 -39.90 92.54 -92.30
N THR FA 5 -39.22 92.83 -93.41
CA THR FA 5 -39.13 91.90 -94.52
C THR FA 5 -37.72 91.92 -95.10
N LEU FA 6 -37.33 90.79 -95.68
CA LEU FA 6 -36.01 90.61 -96.28
C LEU FA 6 -36.21 90.18 -97.72
N THR FA 7 -35.40 90.75 -98.61
CA THR FA 7 -35.57 90.57 -100.05
C THR FA 7 -34.43 89.74 -100.61
N ILE FA 8 -34.79 88.66 -101.32
CA ILE FA 8 -33.84 87.81 -102.01
C ILE FA 8 -34.09 87.95 -103.50
N THR FA 9 -33.06 88.38 -104.23
CA THR FA 9 -33.16 88.61 -105.68
C THR FA 9 -32.37 87.52 -106.37
N LEU FA 10 -33.06 86.45 -106.78
CA LEU FA 10 -32.39 85.37 -107.47
C LEU FA 10 -31.84 85.86 -108.80
N GLY FA 11 -30.69 85.31 -109.18
CA GLY FA 11 -29.99 85.80 -110.36
C GLY FA 11 -29.10 87.00 -110.13
N GLY FA 12 -28.85 87.37 -108.89
CA GLY FA 12 -27.96 88.47 -108.59
C GLY FA 12 -28.67 89.80 -108.72
N SER FA 13 -28.21 90.63 -109.65
CA SER FA 13 -28.86 91.89 -109.97
C SER FA 13 -29.85 91.75 -111.12
N GLY FA 14 -30.09 90.53 -111.59
CA GLY FA 14 -31.01 90.32 -112.69
C GLY FA 14 -32.45 90.65 -112.36
N GLY FA 15 -33.07 89.84 -111.50
CA GLY FA 15 -34.46 90.04 -111.16
C GLY FA 15 -35.02 88.95 -110.26
N THR FA 16 -36.28 88.59 -110.48
CA THR FA 16 -36.96 87.54 -109.70
C THR FA 16 -36.84 87.83 -108.21
N ALA FA 17 -37.41 88.96 -107.80
CA ALA FA 17 -37.31 89.40 -106.41
C ALA FA 17 -38.32 88.69 -105.54
N LYS FA 18 -37.89 88.29 -104.35
CA LYS FA 18 -38.72 87.60 -103.38
C LYS FA 18 -38.70 88.32 -102.05
N VAL FA 19 -39.86 88.42 -101.41
CA VAL FA 19 -40.03 89.04 -100.11
C VAL FA 19 -40.27 87.95 -99.08
N LEU FA 20 -39.51 87.97 -98.00
CA LEU FA 20 -39.62 87.00 -96.91
C LEU FA 20 -40.17 87.71 -95.68
N ARG FA 21 -41.15 87.09 -95.00
CA ARG FA 21 -41.81 87.72 -93.87
C ARG FA 21 -41.22 87.25 -92.54
N LYS FA 22 -41.17 88.18 -91.59
CA LYS FA 22 -40.63 87.89 -90.26
C LYS FA 22 -41.42 86.79 -89.59
N ILE FA 23 -40.73 85.84 -88.96
CA ILE FA 23 -41.38 84.67 -88.37
C ILE FA 23 -41.05 84.47 -86.89
N ASN FA 24 -39.89 84.94 -86.44
CA ASN FA 24 -39.45 84.55 -85.10
C ASN FA 24 -38.27 85.41 -84.67
N GLN FA 25 -38.10 85.52 -83.35
CA GLN FA 25 -36.83 85.97 -82.76
C GLN FA 25 -36.69 85.39 -81.37
N ASP FA 26 -35.67 84.56 -81.17
CA ASP FA 26 -35.27 84.16 -79.84
C ASP FA 26 -33.76 84.19 -79.78
N GLY FA 27 -33.23 84.65 -78.65
CA GLY FA 27 -31.83 84.51 -78.37
C GLY FA 27 -30.92 85.20 -79.37
N TYR FA 28 -31.22 86.45 -79.68
CA TYR FA 28 -30.37 87.26 -80.56
C TYR FA 28 -30.35 86.71 -81.99
N THR FA 29 -31.46 86.12 -82.43
CA THR FA 29 -31.58 85.56 -83.76
C THR FA 29 -32.91 86.01 -84.37
N SER FA 30 -32.99 85.93 -85.69
CA SER FA 30 -34.22 86.26 -86.41
C SER FA 30 -34.34 85.36 -87.62
N GLU FA 31 -35.57 85.15 -88.06
CA GLU FA 31 -35.88 84.19 -89.09
C GLU FA 31 -36.90 84.79 -90.05
N TYR FA 32 -36.89 84.32 -91.29
CA TYR FA 32 -37.76 84.83 -92.34
C TYR FA 32 -38.23 83.66 -93.20
N TYR FA 33 -39.44 83.76 -93.76
CA TYR FA 33 -40.03 82.63 -94.47
C TYR FA 33 -41.02 83.10 -95.52
N LEU FA 34 -41.19 82.28 -96.57
CA LEU FA 34 -42.22 82.51 -97.60
C LEU FA 34 -42.50 81.23 -98.37
N PRO FA 35 -43.75 80.76 -98.44
CA PRO FA 35 -44.06 79.59 -99.28
C PRO FA 35 -44.57 79.95 -100.66
N GLU FA 36 -44.42 78.99 -101.57
CA GLU FA 36 -44.91 79.10 -102.95
C GLU FA 36 -45.53 77.77 -103.34
N THR FA 37 -45.83 77.62 -104.63
CA THR FA 37 -46.49 76.41 -105.10
C THR FA 37 -45.59 75.18 -104.98
N SER FA 38 -44.34 75.28 -105.44
CA SER FA 38 -43.46 74.12 -105.51
C SER FA 38 -42.16 74.30 -104.74
N SER FA 39 -42.02 75.36 -103.96
CA SER FA 39 -40.87 75.52 -103.09
C SER FA 39 -41.17 76.62 -102.09
N SER FA 40 -40.25 76.81 -101.15
CA SER FA 40 -40.41 77.82 -100.12
C SER FA 40 -39.03 78.34 -99.76
N PHE FA 41 -39.00 79.54 -99.18
CA PHE FA 41 -37.77 80.30 -99.01
C PHE FA 41 -37.64 80.69 -97.54
N ARG FA 42 -36.44 80.53 -96.98
CA ARG FA 42 -36.24 80.69 -95.55
C ARG FA 42 -34.87 81.32 -95.31
N ALA FA 43 -34.77 82.17 -94.28
CA ALA FA 43 -33.52 82.86 -93.97
C ALA FA 43 -33.34 82.96 -92.46
N LYS FA 44 -32.09 82.86 -92.03
CA LYS FA 44 -31.72 82.96 -90.62
C LYS FA 44 -30.49 83.85 -90.48
N VAL FA 45 -30.40 84.53 -89.34
CA VAL FA 45 -29.22 85.30 -88.96
C VAL FA 45 -28.96 85.02 -87.49
N ARG FA 46 -27.70 84.83 -87.13
CA ARG FA 46 -27.36 84.53 -85.74
C ARG FA 46 -26.12 85.30 -85.33
N HIS FA 47 -26.11 85.73 -84.07
CA HIS FA 47 -24.94 86.33 -83.43
C HIS FA 47 -24.56 85.49 -82.23
N THR FA 48 -23.26 85.33 -81.98
CA THR FA 48 -22.81 84.58 -80.82
C THR FA 48 -21.36 84.91 -80.51
N LYS FA 49 -20.94 84.54 -79.30
CA LYS FA 49 -19.55 84.66 -78.85
C LYS FA 49 -19.10 83.34 -78.24
N GLU FA 50 -17.88 82.93 -78.56
CA GLU FA 50 -17.37 81.64 -78.10
C GLU FA 50 -17.05 81.68 -76.60
N SER FA 51 -17.03 80.51 -75.99
CA SER FA 51 -16.77 80.41 -74.56
C SER FA 51 -15.38 80.91 -74.23
N VAL FA 52 -15.30 81.68 -73.16
CA VAL FA 52 -14.03 82.24 -72.71
C VAL FA 52 -13.16 81.12 -72.14
N LYS FA 53 -11.87 81.17 -72.45
CA LYS FA 53 -10.89 80.29 -71.84
C LYS FA 53 -9.86 81.12 -71.09
N PRO FA 54 -9.21 80.56 -70.07
CA PRO FA 54 -8.25 81.35 -69.29
C PRO FA 54 -7.14 81.90 -70.19
N ASN FA 55 -6.81 83.18 -69.98
CA ASN FA 55 -5.71 83.86 -70.64
C ASN FA 55 -5.57 83.52 -72.13
N GLN FA 56 -6.71 83.46 -72.83
CA GLN FA 56 -6.75 83.48 -74.29
C GLN FA 56 -7.71 84.58 -74.75
N VAL FA 57 -7.59 84.94 -76.02
CA VAL FA 57 -8.33 86.06 -76.60
C VAL FA 57 -9.75 85.61 -76.94
N GLN FA 58 -10.71 86.53 -76.79
CA GLN FA 58 -12.11 86.26 -77.05
C GLN FA 58 -12.49 86.69 -78.46
N TYR FA 59 -13.45 85.98 -79.05
CA TYR FA 59 -13.88 86.21 -80.43
C TYR FA 59 -15.40 86.30 -80.48
N GLU FA 60 -15.91 86.89 -81.56
CA GLU FA 60 -17.33 86.93 -81.85
C GLU FA 60 -17.58 86.48 -83.29
N ARG FA 61 -18.74 85.85 -83.50
CA ARG FA 61 -19.06 85.23 -84.79
C ARG FA 61 -20.42 85.75 -85.26
N HIS FA 62 -20.53 86.00 -86.57
CA HIS FA 62 -21.79 86.41 -87.17
C HIS FA 62 -22.00 85.69 -88.49
N ASN FA 63 -23.19 85.15 -88.71
CA ASN FA 63 -23.49 84.40 -89.92
C ASN FA 63 -24.89 84.73 -90.42
N VAL FA 64 -25.07 84.58 -91.73
CA VAL FA 64 -26.38 84.74 -92.38
C VAL FA 64 -26.55 83.60 -93.38
N GLU FA 65 -27.75 83.05 -93.44
CA GLU FA 65 -28.01 81.77 -94.09
C GLU FA 65 -29.26 81.84 -94.97
N PHE FA 66 -29.14 81.32 -96.18
CA PHE FA 66 -30.28 81.11 -97.08
C PHE FA 66 -30.44 79.62 -97.37
N THR FA 67 -31.69 79.18 -97.50
CA THR FA 67 -31.98 77.80 -97.84
C THR FA 67 -33.18 77.76 -98.77
N GLU FA 68 -33.24 76.72 -99.60
CA GLU FA 68 -34.38 76.44 -100.47
C GLU FA 68 -34.74 74.96 -100.32
N THR FA 69 -36.03 74.66 -100.22
CA THR FA 69 -36.51 73.28 -100.24
C THR FA 69 -37.48 73.12 -101.42
N VAL FA 70 -37.27 72.05 -102.19
CA VAL FA 70 -38.08 71.72 -103.35
C VAL FA 70 -38.93 70.52 -102.97
N TYR FA 71 -40.24 70.66 -103.05
CA TYR FA 71 -41.13 69.61 -102.58
C TYR FA 71 -41.06 68.37 -103.46
N ALA FA 72 -41.37 67.23 -102.86
CA ALA FA 72 -41.29 65.96 -103.56
C ALA FA 72 -42.26 65.95 -104.73
N SER FA 73 -41.85 65.32 -105.83
CA SER FA 73 -42.64 65.25 -107.04
C SER FA 73 -42.25 64.01 -107.82
N GLY FA 74 -43.26 63.29 -108.31
CA GLY FA 74 -43.00 62.06 -109.03
C GLY FA 74 -42.21 61.08 -108.15
N SER FA 75 -41.17 60.50 -108.73
CA SER FA 75 -40.30 59.58 -108.01
C SER FA 75 -39.16 60.27 -107.28
N THR FA 76 -38.95 61.57 -107.52
CA THR FA 76 -37.85 62.30 -106.90
C THR FA 76 -38.28 62.81 -105.53
N PRO FA 77 -37.57 62.48 -104.45
CA PRO FA 77 -37.92 63.04 -103.14
C PRO FA 77 -37.56 64.51 -103.03
N GLU FA 78 -37.90 65.11 -101.89
CA GLU FA 78 -37.60 66.51 -101.66
C GLU FA 78 -36.10 66.70 -101.41
N PHE FA 79 -35.60 67.88 -101.74
CA PHE FA 79 -34.19 68.21 -101.52
C PHE FA 79 -34.09 69.72 -101.33
N VAL FA 80 -32.89 70.17 -100.96
CA VAL FA 80 -32.70 71.54 -100.49
C VAL FA 80 -31.48 72.17 -101.15
N ARG FA 81 -31.48 73.50 -101.18
CA ARG FA 81 -30.33 74.29 -101.61
C ARG FA 81 -30.02 75.35 -100.57
N GLN FA 82 -28.75 75.45 -100.16
CA GLN FA 82 -28.33 76.30 -99.06
C GLN FA 82 -27.14 77.15 -99.48
N ALA FA 83 -26.89 78.22 -98.72
CA ALA FA 83 -25.73 79.07 -98.91
C ALA FA 83 -25.57 80.04 -97.73
N TYR FA 84 -24.42 80.04 -97.06
CA TYR FA 84 -24.23 80.88 -95.89
C TYR FA 84 -22.80 81.34 -95.78
N VAL FA 85 -22.62 82.46 -95.06
CA VAL FA 85 -21.32 83.08 -94.80
C VAL FA 85 -21.19 83.30 -93.29
N VAL FA 86 -19.94 83.38 -92.83
CA VAL FA 86 -19.63 83.55 -91.42
C VAL FA 86 -18.53 84.59 -91.28
N ILE FA 87 -18.58 85.36 -90.20
CA ILE FA 87 -17.57 86.37 -89.87
C ILE FA 87 -17.13 86.16 -88.43
N ARG FA 88 -15.80 86.04 -88.22
CA ARG FA 88 -15.23 85.92 -86.89
C ARG FA 88 -14.20 87.03 -86.69
N HIS FA 89 -14.30 87.72 -85.56
CA HIS FA 89 -13.33 88.76 -85.21
C HIS FA 89 -13.27 88.90 -83.70
N LYS FA 90 -12.14 89.44 -83.22
CA LYS FA 90 -11.91 89.58 -81.80
C LYS FA 90 -12.85 90.61 -81.18
N VAL FA 91 -13.14 90.43 -79.89
CA VAL FA 91 -13.94 91.40 -79.15
C VAL FA 91 -13.22 92.74 -79.12
N GLY FA 92 -13.91 93.80 -79.52
CA GLY FA 92 -13.35 95.12 -79.46
C GLY FA 92 -12.51 95.55 -80.65
N ASP FA 93 -12.51 94.78 -81.73
CA ASP FA 93 -11.69 95.13 -82.89
C ASP FA 93 -12.20 96.41 -83.55
N VAL FA 94 -11.45 96.88 -84.54
CA VAL FA 94 -11.85 98.03 -85.34
C VAL FA 94 -12.83 97.55 -86.41
N SER FA 95 -14.02 98.14 -86.43
CA SER FA 95 -15.10 97.61 -87.26
C SER FA 95 -14.81 97.77 -88.75
N ALA FA 96 -14.17 98.87 -89.14
CA ALA FA 96 -13.98 99.16 -90.55
C ALA FA 96 -13.15 98.06 -91.24
N THR FA 97 -12.07 97.62 -90.59
CA THR FA 97 -11.25 96.57 -91.18
C THR FA 97 -12.00 95.25 -91.26
N VAL FA 98 -12.72 94.90 -90.19
CA VAL FA 98 -13.49 93.66 -90.20
C VAL FA 98 -14.54 93.71 -91.29
N SER FA 99 -15.00 94.90 -91.67
CA SER FA 99 -15.93 95.01 -92.77
C SER FA 99 -15.22 94.86 -94.11
N ASP FA 100 -14.08 95.53 -94.29
CA ASP FA 100 -13.36 95.46 -95.55
C ASP FA 100 -12.96 94.02 -95.88
N LEU FA 101 -12.48 93.29 -94.89
CA LEU FA 101 -12.49 91.84 -94.99
C LEU FA 101 -13.92 91.36 -94.89
N GLY FA 102 -14.28 90.38 -95.71
CA GLY FA 102 -15.68 90.06 -95.88
C GLY FA 102 -16.25 90.80 -97.07
N GLU FA 103 -16.04 92.12 -97.12
CA GLU FA 103 -16.41 92.87 -98.31
C GLU FA 103 -15.60 92.41 -99.51
N ALA FA 104 -14.31 92.18 -99.32
CA ALA FA 104 -13.48 91.65 -100.39
C ALA FA 104 -14.00 90.29 -100.86
N LEU FA 105 -14.38 89.43 -99.91
CA LEU FA 105 -14.92 88.12 -100.26
C LEU FA 105 -16.19 88.27 -101.08
N SER FA 106 -17.06 89.22 -100.69
CA SER FA 106 -18.28 89.46 -101.45
C SER FA 106 -17.95 89.91 -102.86
N PHE FA 107 -16.93 90.77 -103.02
CA PHE FA 107 -16.54 91.21 -104.35
C PHE FA 107 -16.03 90.03 -105.19
N TYR FA 108 -15.28 89.13 -104.56
CA TYR FA 108 -14.64 88.04 -105.31
C TYR FA 108 -15.66 87.11 -105.94
N LEU FA 109 -16.72 86.77 -105.22
CA LEU FA 109 -17.69 85.76 -105.66
C LEU FA 109 -18.59 86.31 -106.77
N ASN FA 110 -18.80 85.51 -107.82
CA ASN FA 110 -19.59 85.92 -108.98
C ASN FA 110 -19.91 84.68 -109.83
N GLU FA 111 -20.48 84.90 -111.02
CA GLU FA 111 -20.89 83.78 -111.87
C GLU FA 111 -19.72 82.90 -112.26
N ALA FA 112 -18.63 83.49 -112.76
CA ALA FA 112 -17.55 82.67 -113.28
C ALA FA 112 -16.96 81.80 -112.17
N LEU FA 113 -16.70 82.41 -111.01
CA LEU FA 113 -16.13 81.67 -109.91
C LEU FA 113 -17.11 80.62 -109.38
N TYR FA 114 -18.40 80.96 -109.29
CA TYR FA 114 -19.37 79.96 -108.85
C TYR FA 114 -19.44 78.78 -109.81
N GLY FA 115 -19.43 79.05 -111.12
CA GLY FA 115 -19.48 77.97 -112.08
C GLY FA 115 -18.27 77.07 -112.01
N LYS FA 116 -17.08 77.66 -111.95
CA LYS FA 116 -15.87 76.84 -111.78
C LYS FA 116 -15.88 76.09 -110.45
N LEU FA 117 -16.35 76.73 -109.38
CA LEU FA 117 -16.37 76.09 -108.08
C LEU FA 117 -17.29 74.87 -108.08
N ILE FA 118 -18.47 74.99 -108.71
CA ILE FA 118 -19.34 73.84 -108.86
C ILE FA 118 -18.68 72.81 -109.76
N GLY FA 119 -17.88 73.27 -110.73
CA GLY FA 119 -17.12 72.35 -111.57
C GLY FA 119 -16.02 71.62 -110.83
N TRP FA 120 -15.89 71.87 -109.52
CA TRP FA 120 -14.92 71.28 -108.60
C TRP FA 120 -13.52 71.88 -108.78
N GLU FA 121 -13.32 72.77 -109.75
CA GLU FA 121 -12.00 73.36 -109.94
C GLU FA 121 -11.55 74.08 -108.68
N SER FA 122 -10.28 73.87 -108.32
CA SER FA 122 -9.69 74.55 -107.16
C SER FA 122 -8.27 74.99 -107.50
N ALA GA 1 -43.21 95.72 -78.36
CA ALA GA 1 -43.86 96.48 -79.47
C ALA GA 1 -43.80 97.98 -79.20
N LEU GA 2 -42.76 98.42 -78.48
CA LEU GA 2 -42.54 99.85 -78.32
C LEU GA 2 -42.17 100.51 -79.64
N GLY GA 3 -41.39 99.82 -80.46
CA GLY GA 3 -40.86 100.38 -81.71
C GLY GA 3 -39.46 99.85 -81.94
N ASP GA 4 -39.10 99.73 -83.22
CA ASP GA 4 -37.79 99.19 -83.57
C ASP GA 4 -36.64 100.09 -83.12
N THR GA 5 -36.91 101.38 -82.86
CA THR GA 5 -35.88 102.29 -82.39
C THR GA 5 -36.37 103.08 -81.19
N LEU GA 6 -35.44 103.41 -80.30
CA LEU GA 6 -35.70 104.17 -79.08
C LEU GA 6 -34.76 105.36 -79.07
N THR GA 7 -35.30 106.56 -78.82
CA THR GA 7 -34.54 107.79 -78.86
C THR GA 7 -34.36 108.32 -77.44
N ILE GA 8 -33.12 108.62 -77.08
CA ILE GA 8 -32.79 109.25 -75.80
C ILE GA 8 -32.03 110.53 -76.10
N THR GA 9 -32.46 111.63 -75.51
CA THR GA 9 -31.87 112.95 -75.76
C THR GA 9 -31.14 113.37 -74.49
N LEU GA 10 -29.81 113.22 -74.50
CA LEU GA 10 -29.03 113.65 -73.35
C LEU GA 10 -29.23 115.14 -73.12
N GLY GA 11 -29.47 115.52 -71.88
CA GLY GA 11 -29.76 116.89 -71.54
C GLY GA 11 -31.23 117.26 -71.56
N GLY GA 12 -32.12 116.27 -71.59
CA GLY GA 12 -33.54 116.58 -71.62
C GLY GA 12 -33.92 117.25 -72.92
N SER GA 13 -34.89 118.16 -72.84
CA SER GA 13 -35.36 118.86 -74.02
C SER GA 13 -34.26 119.72 -74.62
N GLY GA 14 -34.19 119.73 -75.95
CA GLY GA 14 -33.20 120.54 -76.64
C GLY GA 14 -31.78 120.03 -76.55
N GLY GA 15 -31.59 118.73 -76.32
CA GLY GA 15 -30.30 118.14 -76.06
C GLY GA 15 -29.69 117.46 -77.27
N THR GA 16 -28.85 116.47 -77.01
CA THR GA 16 -28.21 115.67 -78.05
C THR GA 16 -28.94 114.34 -78.17
N ALA GA 17 -29.37 114.02 -79.40
CA ALA GA 17 -30.20 112.84 -79.63
C ALA GA 17 -29.34 111.62 -79.92
N LYS GA 18 -29.73 110.49 -79.32
CA LYS GA 18 -29.13 109.19 -79.58
C LYS GA 18 -30.27 108.20 -79.84
N VAL GA 19 -30.17 107.43 -80.92
CA VAL GA 19 -31.23 106.53 -81.35
C VAL GA 19 -30.73 105.10 -81.19
N LEU GA 20 -31.35 104.35 -80.28
CA LEU GA 20 -30.99 102.97 -80.06
C LEU GA 20 -31.86 102.07 -80.93
N ARG GA 21 -31.35 100.86 -81.19
CA ARG GA 21 -32.00 99.88 -82.07
C ARG GA 21 -32.38 98.65 -81.28
N LYS GA 22 -33.56 98.10 -81.56
CA LYS GA 22 -33.97 96.86 -80.89
C LYS GA 22 -33.07 95.70 -81.31
N ILE GA 23 -32.81 94.81 -80.36
CA ILE GA 23 -31.92 93.67 -80.56
C ILE GA 23 -32.62 92.34 -80.24
N ASN GA 24 -33.29 92.27 -79.09
CA ASN GA 24 -33.86 91.01 -78.64
C ASN GA 24 -34.97 91.29 -77.64
N GLN GA 25 -35.91 90.35 -77.55
CA GLN GA 25 -36.98 90.44 -76.56
C GLN GA 25 -37.66 89.08 -76.46
N ASP GA 26 -37.44 88.37 -75.35
CA ASP GA 26 -37.99 87.03 -75.19
C ASP GA 26 -38.98 86.92 -74.03
N GLY GA 27 -38.55 87.23 -72.80
CA GLY GA 27 -39.38 86.99 -71.64
C GLY GA 27 -40.15 88.20 -71.16
N TYR GA 28 -40.97 88.78 -72.03
CA TYR GA 28 -41.65 90.04 -71.74
C TYR GA 28 -40.65 91.16 -71.46
N THR GA 29 -39.46 91.06 -72.04
CA THR GA 29 -38.38 92.00 -71.81
C THR GA 29 -37.86 92.48 -73.16
N SER GA 30 -37.25 93.66 -73.18
CA SER GA 30 -36.79 94.27 -74.42
C SER GA 30 -35.35 94.79 -74.26
N GLU GA 31 -34.66 94.86 -75.40
CA GLU GA 31 -33.26 95.24 -75.45
C GLU GA 31 -33.04 96.29 -76.54
N TYR GA 32 -32.27 97.33 -76.22
CA TYR GA 32 -31.82 98.32 -77.19
C TYR GA 32 -30.33 98.55 -76.98
N TYR GA 33 -29.58 98.73 -78.08
CA TYR GA 33 -28.13 98.81 -78.00
C TYR GA 33 -27.60 99.76 -79.07
N LEU GA 34 -26.45 100.39 -78.80
CA LEU GA 34 -25.76 101.22 -79.77
C LEU GA 34 -24.29 101.40 -79.40
N PRO GA 35 -23.34 100.97 -80.23
CA PRO GA 35 -21.93 101.26 -79.96
C PRO GA 35 -21.43 102.54 -80.61
N GLU GA 36 -20.40 103.12 -80.01
CA GLU GA 36 -19.80 104.36 -80.49
C GLU GA 36 -18.29 104.18 -80.51
N THR GA 37 -17.58 105.25 -80.89
CA THR GA 37 -16.13 105.17 -80.96
C THR GA 37 -15.52 104.99 -79.57
N SER GA 38 -16.06 105.66 -78.56
CA SER GA 38 -15.52 105.61 -77.21
C SER GA 38 -16.53 105.23 -76.14
N SER GA 39 -17.73 104.82 -76.52
CA SER GA 39 -18.76 104.49 -75.53
C SER GA 39 -19.81 103.59 -76.19
N SER GA 40 -20.69 103.07 -75.35
CA SER GA 40 -21.82 102.25 -75.78
C SER GA 40 -23.06 102.68 -75.02
N PHE GA 41 -24.22 102.46 -75.63
CA PHE GA 41 -25.51 102.74 -75.01
C PHE GA 41 -26.35 101.49 -75.00
N ARG GA 42 -27.08 101.28 -73.91
CA ARG GA 42 -27.95 100.12 -73.74
C ARG GA 42 -29.19 100.55 -72.98
N ALA GA 43 -30.35 100.06 -73.41
CA ALA GA 43 -31.60 100.27 -72.71
C ALA GA 43 -32.35 98.95 -72.59
N LYS GA 44 -32.94 98.71 -71.42
CA LYS GA 44 -33.61 97.46 -71.10
C LYS GA 44 -35.00 97.79 -70.55
N VAL GA 45 -35.94 96.88 -70.78
CA VAL GA 45 -37.31 97.02 -70.26
C VAL GA 45 -37.75 95.67 -69.72
N ARG GA 46 -38.26 95.66 -68.49
CA ARG GA 46 -38.72 94.43 -67.85
C ARG GA 46 -40.11 94.62 -67.25
N HIS GA 47 -40.91 93.56 -67.34
CA HIS GA 47 -42.11 93.36 -66.56
C HIS GA 47 -41.98 92.04 -65.81
N THR GA 48 -42.57 91.95 -64.62
CA THR GA 48 -42.45 90.73 -63.84
C THR GA 48 -43.62 90.61 -62.90
N LYS GA 49 -43.88 89.36 -62.50
CA LYS GA 49 -44.98 89.03 -61.62
C LYS GA 49 -44.42 88.49 -60.31
N GLU GA 50 -44.98 88.95 -59.19
CA GLU GA 50 -44.38 88.68 -57.89
C GLU GA 50 -44.97 87.44 -57.22
N SER GA 51 -44.26 86.96 -56.20
CA SER GA 51 -44.63 85.76 -55.47
C SER GA 51 -45.97 85.95 -54.78
N VAL GA 52 -46.77 84.89 -54.77
CA VAL GA 52 -48.08 84.90 -54.12
C VAL GA 52 -48.02 84.00 -52.89
N LYS GA 53 -48.61 84.46 -51.78
CA LYS GA 53 -48.82 83.58 -50.65
C LYS GA 53 -50.25 83.82 -50.20
N PRO GA 54 -50.92 82.85 -49.58
CA PRO GA 54 -52.39 82.88 -49.60
C PRO GA 54 -52.96 84.19 -49.06
N ASN GA 55 -54.21 84.46 -49.48
CA ASN GA 55 -55.10 85.52 -49.02
C ASN GA 55 -54.44 86.88 -48.80
N GLN GA 56 -53.90 87.45 -49.87
CA GLN GA 56 -53.39 88.81 -49.83
C GLN GA 56 -53.69 89.52 -51.14
N VAL GA 57 -53.40 90.82 -51.18
CA VAL GA 57 -53.47 91.56 -52.43
C VAL GA 57 -52.32 91.13 -53.33
N GLN GA 58 -52.62 90.96 -54.62
CA GLN GA 58 -51.67 90.42 -55.57
C GLN GA 58 -51.21 91.55 -56.47
N TYR GA 59 -49.90 91.64 -56.69
CA TYR GA 59 -49.28 92.87 -57.15
C TYR GA 59 -48.54 92.66 -58.47
N GLU GA 60 -48.11 93.79 -59.04
CA GLU GA 60 -47.40 93.85 -60.30
C GLU GA 60 -46.19 94.78 -60.19
N ARG GA 61 -45.24 94.62 -61.12
CA ARG GA 61 -44.01 95.40 -61.14
C ARG GA 61 -43.68 95.80 -62.57
N HIS GA 62 -43.24 97.05 -62.74
CA HIS GA 62 -42.69 97.55 -64.00
C HIS GA 62 -41.33 98.17 -63.73
N ASN GA 63 -40.38 97.98 -64.65
CA ASN GA 63 -39.02 98.47 -64.48
C ASN GA 63 -38.47 98.95 -65.81
N VAL GA 64 -37.68 100.03 -65.78
CA VAL GA 64 -36.99 100.55 -66.97
C VAL GA 64 -35.67 101.15 -66.53
N GLU GA 65 -34.58 100.81 -67.25
CA GLU GA 65 -33.24 101.27 -66.90
C GLU GA 65 -32.50 101.75 -68.13
N PHE GA 66 -31.59 102.70 -67.94
CA PHE GA 66 -30.61 103.10 -68.93
C PHE GA 66 -29.21 102.82 -68.40
N THR GA 67 -28.33 102.32 -69.26
CA THR GA 67 -26.95 102.02 -68.91
C THR GA 67 -26.01 102.62 -69.95
N GLU GA 68 -24.90 103.16 -69.48
CA GLU GA 68 -23.88 103.75 -70.34
C GLU GA 68 -22.51 103.26 -69.89
N THR GA 69 -21.67 102.85 -70.84
CA THR GA 69 -20.33 102.35 -70.56
C THR GA 69 -19.31 103.12 -71.39
N VAL GA 70 -18.16 103.39 -70.79
CA VAL GA 70 -17.05 104.09 -71.45
C VAL GA 70 -15.83 103.18 -71.38
N TYR GA 71 -15.26 102.87 -72.54
CA TYR GA 71 -14.20 101.89 -72.61
C TYR GA 71 -12.92 102.41 -71.96
N ALA GA 72 -12.15 101.49 -71.40
CA ALA GA 72 -10.93 101.86 -70.68
C ALA GA 72 -9.93 102.48 -71.63
N SER GA 73 -9.33 103.58 -71.19
CA SER GA 73 -8.31 104.30 -71.96
C SER GA 73 -7.13 104.58 -71.04
N GLY GA 74 -5.94 104.15 -71.46
CA GLY GA 74 -4.76 104.34 -70.64
C GLY GA 74 -4.94 103.65 -69.30
N SER GA 75 -4.62 104.38 -68.22
CA SER GA 75 -4.72 103.81 -66.88
C SER GA 75 -6.17 103.72 -66.39
N THR GA 76 -7.05 104.58 -66.88
CA THR GA 76 -8.44 104.59 -66.41
C THR GA 76 -9.15 103.32 -66.84
N PRO GA 77 -9.69 102.52 -65.92
CA PRO GA 77 -10.35 101.27 -66.30
C PRO GA 77 -11.79 101.50 -66.71
N GLU GA 78 -12.51 100.39 -66.89
CA GLU GA 78 -13.92 100.44 -67.25
C GLU GA 78 -14.76 101.02 -66.11
N PHE GA 79 -15.75 101.83 -66.48
CA PHE GA 79 -16.78 102.27 -65.54
C PHE GA 79 -18.03 102.64 -66.33
N VAL GA 80 -19.16 102.66 -65.63
CA VAL GA 80 -20.47 102.74 -66.25
C VAL GA 80 -21.31 103.78 -65.52
N ARG GA 81 -22.39 104.22 -66.18
CA ARG GA 81 -23.43 105.03 -65.56
C ARG GA 81 -24.79 104.41 -65.84
N GLN GA 82 -25.68 104.52 -64.85
CA GLN GA 82 -26.97 103.85 -64.88
C GLN GA 82 -28.03 104.77 -64.29
N ALA GA 83 -29.28 104.50 -64.61
CA ALA GA 83 -30.41 105.18 -63.99
C ALA GA 83 -31.68 104.44 -64.36
N TYR GA 84 -32.50 104.09 -63.36
CA TYR GA 84 -33.66 103.26 -63.65
C TYR GA 84 -34.79 103.57 -62.66
N VAL GA 85 -36.00 103.20 -63.06
CA VAL GA 85 -37.22 103.44 -62.30
C VAL GA 85 -38.02 102.14 -62.26
N VAL GA 86 -38.94 102.06 -61.29
CA VAL GA 86 -39.88 100.94 -61.22
C VAL GA 86 -41.25 101.46 -60.84
N ILE GA 87 -42.26 100.59 -60.97
CA ILE GA 87 -43.63 100.89 -60.58
C ILE GA 87 -44.22 99.65 -59.93
N ARG GA 88 -44.97 99.86 -58.85
CA ARG GA 88 -45.57 98.79 -58.07
C ARG GA 88 -47.06 99.09 -57.87
N HIS GA 89 -47.92 98.14 -58.24
CA HIS GA 89 -49.35 98.34 -58.04
C HIS GA 89 -50.06 97.00 -58.18
N LYS GA 90 -51.22 96.90 -57.53
CA LYS GA 90 -51.96 95.65 -57.46
C LYS GA 90 -52.74 95.40 -58.75
N VAL GA 91 -53.08 94.13 -58.97
CA VAL GA 91 -53.82 93.74 -60.16
C VAL GA 91 -55.24 94.29 -60.10
N GLY GA 92 -55.70 94.86 -61.21
CA GLY GA 92 -57.04 95.37 -61.31
C GLY GA 92 -57.23 96.80 -60.84
N ASP GA 93 -56.15 97.54 -60.63
CA ASP GA 93 -56.26 98.92 -60.22
C ASP GA 93 -56.69 99.79 -61.40
N VAL GA 94 -56.83 101.09 -61.15
CA VAL GA 94 -57.13 102.05 -62.20
C VAL GA 94 -55.82 102.56 -62.77
N SER GA 95 -55.66 102.46 -64.09
CA SER GA 95 -54.40 102.86 -64.72
C SER GA 95 -54.12 104.33 -64.52
N ALA GA 96 -55.17 105.17 -64.61
CA ALA GA 96 -54.96 106.61 -64.63
C ALA GA 96 -54.32 107.10 -63.33
N THR GA 97 -54.71 106.55 -62.19
CA THR GA 97 -54.15 107.02 -60.93
C THR GA 97 -52.66 106.70 -60.84
N VAL GA 98 -52.28 105.46 -61.17
CA VAL GA 98 -50.88 105.11 -61.06
C VAL GA 98 -50.06 105.91 -62.07
N SER GA 99 -50.65 106.18 -63.24
CA SER GA 99 -49.99 107.05 -64.21
C SER GA 99 -49.84 108.46 -63.66
N ASP GA 100 -50.83 108.95 -62.93
CA ASP GA 100 -50.75 110.29 -62.35
C ASP GA 100 -49.63 110.37 -61.33
N LEU GA 101 -49.51 109.34 -60.48
CA LEU GA 101 -48.43 109.29 -59.52
C LEU GA 101 -47.08 109.24 -60.23
N GLY GA 102 -46.99 108.43 -61.30
CA GLY GA 102 -45.74 108.32 -62.02
C GLY GA 102 -45.32 109.64 -62.64
N GLU GA 103 -46.25 110.34 -63.29
CA GLU GA 103 -45.91 111.63 -63.87
C GLU GA 103 -45.63 112.67 -62.80
N ALA GA 104 -46.26 112.56 -61.62
CA ALA GA 104 -45.88 113.41 -60.52
C ALA GA 104 -44.42 113.22 -60.15
N LEU GA 105 -44.00 111.96 -60.00
CA LEU GA 105 -42.59 111.68 -59.68
C LEU GA 105 -41.68 112.19 -60.78
N SER GA 106 -42.08 112.01 -62.05
CA SER GA 106 -41.28 112.50 -63.16
C SER GA 106 -41.14 114.02 -63.11
N PHE GA 107 -42.23 114.72 -62.82
CA PHE GA 107 -42.19 116.18 -62.77
C PHE GA 107 -41.32 116.67 -61.63
N TYR GA 108 -41.33 115.97 -60.49
CA TYR GA 108 -40.48 116.39 -59.37
C TYR GA 108 -39.01 116.32 -59.75
N LEU GA 109 -38.57 115.22 -60.37
CA LEU GA 109 -37.16 115.07 -60.73
C LEU GA 109 -36.78 116.15 -61.74
N ASN GA 110 -35.79 116.95 -61.38
CA ASN GA 110 -35.46 118.15 -62.14
C ASN GA 110 -33.95 118.34 -62.14
N GLU GA 111 -33.49 119.32 -62.92
CA GLU GA 111 -32.06 119.62 -62.98
C GLU GA 111 -31.51 119.98 -61.61
N ALA GA 112 -32.06 121.03 -60.99
CA ALA GA 112 -31.54 121.49 -59.71
C ALA GA 112 -31.65 120.40 -58.66
N LEU GA 113 -32.74 119.63 -58.69
CA LEU GA 113 -32.87 118.50 -57.77
C LEU GA 113 -31.72 117.52 -57.94
N TYR GA 114 -31.37 117.22 -59.19
CA TYR GA 114 -30.30 116.26 -59.43
C TYR GA 114 -28.96 116.83 -58.98
N GLY GA 115 -28.73 118.13 -59.21
CA GLY GA 115 -27.54 118.76 -58.67
C GLY GA 115 -27.44 118.62 -57.16
N LYS GA 116 -28.56 118.82 -56.46
CA LYS GA 116 -28.57 118.61 -55.02
C LYS GA 116 -28.32 117.15 -54.65
N LEU GA 117 -28.97 116.23 -55.36
CA LEU GA 117 -28.85 114.82 -55.01
C LEU GA 117 -27.42 114.33 -55.16
N ILE GA 118 -26.73 114.74 -56.23
CA ILE GA 118 -25.34 114.36 -56.40
C ILE GA 118 -24.51 114.89 -55.23
N GLY GA 119 -24.95 115.99 -54.62
CA GLY GA 119 -24.26 116.58 -53.50
C GLY GA 119 -24.52 115.91 -52.16
N TRP GA 120 -25.02 114.67 -52.16
CA TRP GA 120 -25.29 113.93 -50.94
C TRP GA 120 -26.22 114.68 -50.00
N GLU GA 121 -27.08 115.52 -50.54
CA GLU GA 121 -28.04 116.23 -49.72
C GLU GA 121 -29.19 115.29 -49.33
N SER GA 122 -29.72 115.50 -48.14
CA SER GA 122 -30.82 114.69 -47.64
C SER GA 122 -31.66 115.51 -46.67
N ALA HA 1 -8.32 74.36 -111.93
CA ALA HA 1 -7.77 75.59 -112.55
C ALA HA 1 -7.61 76.70 -111.49
N LEU HA 2 -8.53 77.67 -111.51
CA LEU HA 2 -8.55 78.80 -110.58
C LEU HA 2 -7.35 79.74 -110.75
N GLY HA 3 -6.45 79.47 -111.68
CA GLY HA 3 -5.27 80.29 -111.87
C GLY HA 3 -4.19 79.99 -110.86
N ASP HA 4 -2.98 80.47 -111.17
CA ASP HA 4 -1.86 80.30 -110.26
C ASP HA 4 -2.00 81.23 -109.06
N THR HA 5 -2.39 82.47 -109.29
CA THR HA 5 -2.49 83.49 -108.25
C THR HA 5 -3.94 83.88 -108.01
N LEU HA 6 -4.25 84.17 -106.74
CA LEU HA 6 -5.57 84.60 -106.31
C LEU HA 6 -5.46 86.02 -105.78
N THR HA 7 -6.34 86.89 -106.23
CA THR HA 7 -6.27 88.32 -105.91
C THR HA 7 -7.34 88.69 -104.89
N ILE HA 8 -6.91 89.33 -103.80
CA ILE HA 8 -7.79 89.82 -102.75
C ILE HA 8 -7.71 91.34 -102.76
N THR HA 9 -8.87 91.98 -102.85
CA THR HA 9 -8.98 93.44 -102.87
C THR HA 9 -9.70 93.89 -101.59
N LEU HA 10 -8.94 94.30 -100.58
CA LEU HA 10 -9.55 94.75 -99.34
C LEU HA 10 -10.40 95.98 -99.61
N GLY HA 11 -11.55 96.04 -98.94
CA GLY HA 11 -12.46 97.15 -99.11
C GLY HA 11 -13.30 97.11 -100.36
N GLY HA 12 -13.45 95.94 -100.96
CA GLY HA 12 -14.27 95.83 -102.15
C GLY HA 12 -13.58 96.44 -103.36
N SER HA 13 -14.38 96.72 -104.38
CA SER HA 13 -13.86 97.26 -105.62
C SER HA 13 -13.20 98.61 -105.38
N GLY HA 14 -12.06 98.84 -106.04
CA GLY HA 14 -11.36 100.09 -105.93
C GLY HA 14 -10.45 100.23 -104.72
N GLY HA 15 -10.19 99.15 -104.00
CA GLY HA 15 -9.37 99.19 -102.80
C GLY HA 15 -7.93 98.81 -103.04
N THR HA 16 -7.31 98.23 -102.02
CA THR HA 16 -5.92 97.78 -102.09
C THR HA 16 -5.88 96.33 -102.56
N ALA HA 17 -4.98 96.05 -103.50
CA ALA HA 17 -4.90 94.74 -104.13
C ALA HA 17 -3.71 93.95 -103.57
N LYS HA 18 -3.96 92.68 -103.25
CA LYS HA 18 -2.94 91.74 -102.82
C LYS HA 18 -3.02 90.49 -103.70
N VAL HA 19 -1.86 89.91 -104.00
CA VAL HA 19 -1.75 88.79 -104.94
C VAL HA 19 -1.23 87.58 -104.17
N LEU HA 20 -2.15 86.69 -103.77
CA LEU HA 20 -1.77 85.43 -103.15
C LEU HA 20 -1.19 84.49 -104.22
N ARG HA 21 -0.48 83.47 -103.76
CA ARG HA 21 0.18 82.52 -104.65
C ARG HA 21 -0.03 81.09 -104.16
N LYS HA 22 -0.14 80.16 -105.11
CA LYS HA 22 -0.39 78.77 -104.77
C LYS HA 22 0.86 78.13 -104.16
N ILE HA 23 0.66 77.32 -103.11
CA ILE HA 23 1.77 76.69 -102.42
C ILE HA 23 1.55 75.21 -102.14
N ASN HA 24 0.33 74.70 -102.20
CA ASN HA 24 0.06 73.29 -101.94
C ASN HA 24 -1.24 72.90 -102.61
N GLN HA 25 -1.44 71.59 -102.76
CA GLN HA 25 -2.69 71.06 -103.31
C GLN HA 25 -2.81 69.60 -102.85
N ASP HA 26 -3.64 69.36 -101.84
CA ASP HA 26 -3.82 68.03 -101.28
C ASP HA 26 -5.30 67.75 -101.04
N GLY HA 27 -5.75 66.56 -101.42
CA GLY HA 27 -7.08 66.09 -101.06
C GLY HA 27 -8.21 67.01 -101.49
N TYR HA 28 -8.25 67.36 -102.78
CA TYR HA 28 -9.30 68.22 -103.31
C TYR HA 28 -9.32 69.56 -102.58
N THR HA 29 -8.14 70.06 -102.23
CA THR HA 29 -8.01 71.31 -101.50
C THR HA 29 -6.84 72.10 -102.08
N SER HA 30 -6.94 73.43 -102.00
CA SER HA 30 -5.91 74.32 -102.49
C SER HA 30 -5.59 75.35 -101.41
N GLU HA 31 -4.35 75.82 -101.40
CA GLU HA 31 -3.88 76.77 -100.40
C GLU HA 31 -3.15 77.91 -101.09
N TYR HA 32 -3.36 79.13 -100.58
CA TYR HA 32 -2.75 80.33 -101.13
C TYR HA 32 -2.17 81.15 -99.98
N TYR HA 33 -0.96 81.67 -100.15
CA TYR HA 33 -0.24 82.31 -99.05
C TYR HA 33 0.52 83.54 -99.53
N LEU HA 34 0.73 84.49 -98.62
CA LEU HA 34 1.51 85.70 -98.89
C LEU HA 34 2.03 86.31 -97.60
N PRO HA 35 3.34 86.46 -97.42
CA PRO HA 35 3.87 87.05 -96.19
C PRO HA 35 4.15 88.54 -96.31
N GLU HA 36 4.21 89.19 -95.14
CA GLU HA 36 4.65 90.57 -95.03
C GLU HA 36 5.14 90.78 -93.58
N THR HA 37 5.62 91.99 -93.29
CA THR HA 37 6.34 92.21 -92.03
C THR HA 37 5.45 91.97 -90.82
N SER HA 38 4.27 92.59 -90.78
CA SER HA 38 3.44 92.57 -89.59
C SER HA 38 2.21 91.66 -89.69
N SER HA 39 2.02 90.96 -90.81
CA SER HA 39 0.89 90.05 -90.95
C SER HA 39 1.15 89.11 -92.11
N SER HA 40 0.10 88.43 -92.56
CA SER HA 40 0.18 87.49 -93.68
C SER HA 40 -1.23 87.25 -94.19
N PHE HA 41 -1.32 86.69 -95.39
CA PHE HA 41 -2.60 86.35 -96.01
C PHE HA 41 -2.58 84.89 -96.43
N ARG HA 42 -3.66 84.18 -96.10
CA ARG HA 42 -3.82 82.77 -96.42
C ARG HA 42 -5.22 82.56 -96.98
N ALA HA 43 -5.33 81.69 -97.99
CA ALA HA 43 -6.64 81.33 -98.54
C ALA HA 43 -6.66 79.86 -98.89
N LYS HA 44 -7.77 79.19 -98.54
CA LYS HA 44 -7.95 77.76 -98.74
C LYS HA 44 -9.26 77.52 -99.48
N VAL HA 45 -9.27 76.52 -100.36
CA VAL HA 45 -10.48 76.11 -101.07
C VAL HA 45 -10.66 74.61 -100.86
N ARG HA 46 -11.85 74.21 -100.43
CA ARG HA 46 -12.11 72.81 -100.07
C ARG HA 46 -13.39 72.31 -100.73
N HIS HA 47 -13.38 71.02 -101.10
CA HIS HA 47 -14.55 70.30 -101.54
C HIS HA 47 -14.66 69.00 -100.74
N THR HA 48 -15.89 68.52 -100.57
CA THR HA 48 -16.16 67.34 -99.77
C THR HA 48 -17.43 66.67 -100.27
N LYS HA 49 -17.63 65.43 -99.82
CA LYS HA 49 -18.81 64.65 -100.18
C LYS HA 49 -19.16 63.75 -99.00
N GLU HA 50 -20.33 63.97 -98.41
CA GLU HA 50 -20.65 63.29 -97.15
C GLU HA 50 -20.90 61.80 -97.37
N SER HA 51 -21.08 61.08 -96.27
CA SER HA 51 -21.26 59.64 -96.31
C SER HA 51 -22.55 59.27 -97.04
N VAL HA 52 -22.53 58.10 -97.68
CA VAL HA 52 -23.67 57.59 -98.43
C VAL HA 52 -24.30 56.47 -97.62
N LYS HA 53 -25.54 56.69 -97.19
CA LYS HA 53 -26.34 55.68 -96.52
C LYS HA 53 -27.70 55.57 -97.18
N PRO HA 54 -28.38 54.44 -96.98
CA PRO HA 54 -29.31 53.94 -98.01
C PRO HA 54 -30.49 54.87 -98.29
N ASN HA 55 -31.00 54.73 -99.52
CA ASN HA 55 -32.25 55.31 -100.01
C ASN HA 55 -32.56 56.68 -99.43
N GLN HA 56 -31.55 57.55 -99.37
CA GLN HA 56 -31.79 58.97 -99.14
C GLN HA 56 -30.80 59.76 -99.98
N VAL HA 57 -31.08 61.05 -100.12
CA VAL HA 57 -30.35 61.89 -101.07
C VAL HA 57 -28.90 62.05 -100.63
N GLN HA 58 -28.08 62.51 -101.58
CA GLN HA 58 -26.64 62.70 -101.40
C GLN HA 58 -26.26 64.10 -101.84
N TYR HA 59 -25.48 64.79 -101.01
CA TYR HA 59 -25.15 66.19 -101.22
C TYR HA 59 -23.67 66.39 -101.42
N GLU HA 60 -23.33 67.57 -101.93
CA GLU HA 60 -21.94 68.03 -102.05
C GLU HA 60 -21.80 69.41 -101.43
N ARG HA 61 -20.66 69.63 -100.78
CA ARG HA 61 -20.38 70.85 -100.03
C ARG HA 61 -19.14 71.52 -100.60
N HIS HA 62 -19.17 72.85 -100.69
CA HIS HA 62 -18.01 73.64 -101.11
C HIS HA 62 -17.79 74.79 -100.14
N ASN HA 63 -16.53 75.09 -99.83
CA ASN HA 63 -16.19 76.10 -98.85
C ASN HA 63 -15.04 76.96 -99.36
N VAL HA 64 -15.08 78.24 -99.00
CA VAL HA 64 -14.01 79.19 -99.32
C VAL HA 64 -13.83 80.11 -98.12
N GLU HA 65 -12.58 80.31 -97.71
CA GLU HA 65 -12.29 81.10 -96.52
C GLU HA 65 -11.14 82.06 -96.78
N PHE HA 66 -11.15 83.17 -96.06
CA PHE HA 66 -10.06 84.14 -96.02
C PHE HA 66 -9.53 84.24 -94.60
N THR HA 67 -8.22 84.39 -94.47
CA THR HA 67 -7.55 84.48 -93.18
C THR HA 67 -6.65 85.71 -93.14
N GLU HA 68 -6.60 86.38 -92.00
CA GLU HA 68 -5.73 87.53 -91.79
C GLU HA 68 -4.99 87.32 -90.47
N THR HA 69 -3.74 86.89 -90.53
CA THR HA 69 -2.94 86.60 -89.35
C THR HA 69 -2.02 87.79 -89.08
N VAL HA 70 -2.13 88.35 -87.88
CA VAL HA 70 -1.34 89.51 -87.47
C VAL HA 70 -0.46 89.10 -86.30
N TYR HA 71 0.84 89.37 -86.41
CA TYR HA 71 1.80 88.87 -85.43
C TYR HA 71 1.77 89.69 -84.16
N ALA HA 72 2.12 89.03 -83.05
CA ALA HA 72 2.09 89.66 -81.74
C ALA HA 72 3.13 90.78 -81.67
N SER HA 73 2.78 91.82 -80.91
CA SER HA 73 3.69 92.94 -80.71
C SER HA 73 3.32 93.61 -79.39
N GLY HA 74 4.34 94.01 -78.64
CA GLY HA 74 4.09 94.60 -77.33
C GLY HA 74 3.34 93.63 -76.44
N SER HA 75 2.35 94.15 -75.73
CA SER HA 75 1.53 93.33 -74.84
C SER HA 75 0.36 92.67 -75.57
N THR HA 76 0.07 93.05 -76.81
CA THR HA 76 -1.06 92.49 -77.54
C THR HA 76 -0.70 91.11 -78.07
N PRO HA 77 -1.43 90.06 -77.71
CA PRO HA 77 -1.11 88.73 -78.23
C PRO HA 77 -1.52 88.57 -79.68
N GLU HA 78 -1.06 87.47 -80.26
CA GLU HA 78 -1.39 87.15 -81.65
C GLU HA 78 -2.87 86.87 -81.81
N PHE HA 79 -3.47 87.38 -82.89
CA PHE HA 79 -4.89 87.15 -83.15
C PHE HA 79 -5.09 87.09 -84.66
N VAL HA 80 -6.33 86.82 -85.08
CA VAL HA 80 -6.66 86.50 -86.46
C VAL HA 80 -7.97 87.15 -86.85
N ARG HA 81 -8.17 87.31 -88.16
CA ARG HA 81 -9.44 87.73 -88.74
C ARG HA 81 -9.73 86.83 -89.93
N GLN HA 82 -10.96 86.30 -90.01
CA GLN HA 82 -11.34 85.36 -91.04
C GLN HA 82 -12.69 85.74 -91.63
N ALA HA 83 -12.99 85.13 -92.79
CA ALA HA 83 -14.34 85.18 -93.34
C ALA HA 83 -14.50 84.13 -94.43
N TYR HA 84 -15.54 83.29 -94.33
CA TYR HA 84 -15.69 82.16 -95.23
C TYR HA 84 -17.15 81.94 -95.59
N VAL HA 85 -17.36 81.25 -96.71
CA VAL HA 85 -18.68 80.93 -97.24
C VAL HA 85 -18.75 79.43 -97.54
N VAL HA 86 -19.97 78.91 -97.59
CA VAL HA 86 -20.24 77.49 -97.86
C VAL HA 86 -21.40 77.37 -98.83
N ILE HA 87 -21.32 76.39 -99.73
CA ILE HA 87 -22.39 76.10 -100.68
C ILE HA 87 -22.70 74.61 -100.60
N ARG HA 88 -23.98 74.26 -100.44
CA ARG HA 88 -24.40 72.86 -100.34
C ARG HA 88 -25.59 72.62 -101.26
N HIS HA 89 -25.48 71.57 -102.07
CA HIS HA 89 -26.48 71.21 -103.07
C HIS HA 89 -26.33 69.71 -103.34
N LYS HA 90 -27.26 69.16 -104.12
CA LYS HA 90 -27.30 67.72 -104.35
C LYS HA 90 -26.48 67.35 -105.60
N VAL HA 91 -26.05 66.09 -105.64
CA VAL HA 91 -24.99 65.67 -106.57
C VAL HA 91 -25.43 65.91 -108.01
N GLY HA 92 -26.66 65.54 -108.34
CA GLY HA 92 -27.15 65.66 -109.70
C GLY HA 92 -27.86 66.97 -110.02
N ASP HA 93 -27.86 67.94 -109.13
CA ASP HA 93 -28.61 69.18 -109.35
C ASP HA 93 -28.19 69.86 -110.65
N VAL HA 94 -28.92 70.93 -110.99
CA VAL HA 94 -28.61 71.78 -112.13
C VAL HA 94 -27.78 72.96 -111.64
N SER HA 95 -26.73 73.29 -112.39
CA SER HA 95 -25.74 74.25 -111.91
C SER HA 95 -26.30 75.66 -111.84
N ALA HA 96 -27.12 76.06 -112.81
CA ALA HA 96 -27.49 77.46 -112.94
C ALA HA 96 -28.24 77.96 -111.71
N THR HA 97 -29.19 77.18 -111.19
CA THR HA 97 -29.95 77.63 -110.04
C THR HA 97 -29.08 77.72 -108.79
N VAL HA 98 -28.20 76.73 -108.59
CA VAL HA 98 -27.36 76.78 -107.40
C VAL HA 98 -26.41 77.96 -107.50
N SER HA 99 -26.04 78.38 -108.72
CA SER HA 99 -25.26 79.60 -108.88
C SER HA 99 -26.12 80.85 -108.67
N ASP HA 100 -27.39 80.81 -109.05
CA ASP HA 100 -28.25 81.97 -108.88
C ASP HA 100 -28.51 82.25 -107.41
N LEU HA 101 -28.68 81.20 -106.61
CA LEU HA 101 -28.79 81.38 -105.17
C LEU HA 101 -27.53 82.04 -104.62
N GLY HA 102 -26.37 81.62 -105.11
CA GLY HA 102 -25.12 82.18 -104.65
C GLY HA 102 -24.99 83.65 -105.02
N GLU HA 103 -25.35 84.00 -106.25
CA GLU HA 103 -25.37 85.41 -106.64
C GLU HA 103 -26.35 86.22 -105.79
N ALA HA 104 -27.50 85.63 -105.44
CA ALA HA 104 -28.41 86.30 -104.50
C ALA HA 104 -27.69 86.60 -103.19
N LEU HA 105 -27.04 85.60 -102.59
CA LEU HA 105 -26.38 85.81 -101.31
C LEU HA 105 -25.28 86.85 -101.45
N SER HA 106 -24.51 86.78 -102.53
CA SER HA 106 -23.40 87.72 -102.74
C SER HA 106 -23.91 89.15 -102.92
N PHE HA 107 -24.97 89.33 -103.68
CA PHE HA 107 -25.53 90.66 -103.91
C PHE HA 107 -26.12 91.25 -102.64
N TYR HA 108 -26.72 90.41 -101.79
CA TYR HA 108 -27.32 90.93 -100.56
C TYR HA 108 -26.27 91.54 -99.66
N LEU HA 109 -25.10 90.91 -99.54
CA LEU HA 109 -24.06 91.38 -98.64
C LEU HA 109 -23.34 92.59 -99.24
N ASN HA 110 -23.18 93.64 -98.43
CA ASN HA 110 -22.39 94.81 -98.81
C ASN HA 110 -21.96 95.52 -97.53
N GLU HA 111 -21.10 96.52 -97.70
CA GLU HA 111 -20.52 97.20 -96.54
C GLU HA 111 -21.60 97.73 -95.62
N ALA HA 112 -22.60 98.39 -96.19
CA ALA HA 112 -23.67 98.97 -95.39
C ALA HA 112 -24.40 97.92 -94.56
N LEU HA 113 -24.33 96.65 -94.95
CA LEU HA 113 -24.97 95.58 -94.19
C LEU HA 113 -24.00 94.87 -93.26
N TYR HA 114 -22.72 94.78 -93.63
CA TYR HA 114 -21.73 94.30 -92.68
C TYR HA 114 -21.66 95.22 -91.46
N GLY HA 115 -21.81 96.52 -91.68
CA GLY HA 115 -21.94 97.43 -90.54
C GLY HA 115 -23.11 97.05 -89.65
N LYS HA 116 -24.24 96.72 -90.26
CA LYS HA 116 -25.41 96.30 -89.50
C LYS HA 116 -25.11 95.08 -88.66
N LEU HA 117 -24.49 94.05 -89.27
CA LEU HA 117 -24.16 92.86 -88.50
C LEU HA 117 -23.21 93.16 -87.36
N ILE HA 118 -22.16 93.94 -87.60
CA ILE HA 118 -21.29 94.31 -86.49
C ILE HA 118 -22.07 95.09 -85.45
N GLY HA 119 -23.22 95.65 -85.83
CA GLY HA 119 -24.12 96.27 -84.86
C GLY HA 119 -24.89 95.28 -83.98
N TRP HA 120 -24.82 93.98 -84.26
CA TRP HA 120 -25.46 92.89 -83.53
C TRP HA 120 -26.97 92.81 -83.67
N GLU HA 121 -27.63 93.74 -84.36
CA GLU HA 121 -29.08 93.66 -84.44
C GLU HA 121 -29.48 92.53 -85.37
N SER HA 122 -30.23 91.56 -84.82
CA SER HA 122 -30.61 90.36 -85.55
C SER HA 122 -31.80 90.63 -86.47
N ALA IA 1 2.28 65.28 -115.11
CA ALA IA 1 2.98 65.97 -116.22
C ALA IA 1 2.28 65.74 -117.56
N LEU IA 2 1.20 64.94 -117.54
CA LEU IA 2 0.46 64.67 -118.76
C LEU IA 2 -0.24 65.92 -119.29
N GLY IA 3 -0.53 66.89 -118.44
CA GLY IA 3 -1.26 68.08 -118.84
C GLY IA 3 -2.44 68.36 -117.93
N ASP IA 4 -2.93 69.60 -117.93
CA ASP IA 4 -4.03 69.96 -117.05
C ASP IA 4 -5.36 69.41 -117.55
N THR IA 5 -5.54 69.29 -118.86
CA THR IA 5 -6.78 68.82 -119.44
C THR IA 5 -6.59 67.48 -120.14
N LEU IA 6 -7.51 66.56 -119.88
CA LEU IA 6 -7.50 65.22 -120.46
C LEU IA 6 -8.71 65.09 -121.38
N THR IA 7 -8.49 64.61 -122.60
CA THR IA 7 -9.52 64.56 -123.63
C THR IA 7 -9.97 63.12 -123.86
N ILE IA 8 -11.28 62.92 -123.88
CA ILE IA 8 -11.89 61.63 -124.20
C ILE IA 8 -12.75 61.82 -125.45
N THR IA 9 -12.55 60.97 -126.45
CA THR IA 9 -13.29 61.02 -127.71
C THR IA 9 -14.16 59.76 -127.78
N LEU IA 10 -15.41 59.89 -127.35
CA LEU IA 10 -16.30 58.73 -127.31
C LEU IA 10 -16.53 58.20 -128.72
N GLY IA 11 -16.62 56.88 -128.82
CA GLY IA 11 -16.78 56.24 -130.11
C GLY IA 11 -15.49 56.02 -130.88
N GLY IA 12 -14.34 56.24 -130.26
CA GLY IA 12 -13.07 56.02 -130.93
C GLY IA 12 -12.58 57.31 -131.59
N SER IA 13 -12.20 57.20 -132.86
CA SER IA 13 -11.79 58.35 -133.65
C SER IA 13 -12.96 59.04 -134.33
N GLY IA 14 -14.19 58.61 -134.08
CA GLY IA 14 -15.36 59.23 -134.67
C GLY IA 14 -15.54 60.68 -134.31
N GLY IA 15 -15.79 60.95 -133.02
CA GLY IA 15 -16.01 62.32 -132.59
C GLY IA 15 -16.47 62.36 -131.15
N THR IA 16 -17.30 63.37 -130.84
CA THR IA 16 -17.85 63.56 -129.50
C THR IA 16 -16.72 63.70 -128.46
N ALA IA 17 -15.94 64.76 -128.65
CA ALA IA 17 -14.82 65.03 -127.77
C ALA IA 17 -15.28 65.68 -126.48
N LYS IA 18 -14.72 65.22 -125.37
CA LYS IA 18 -14.97 65.78 -124.05
C LYS IA 18 -13.65 66.05 -123.35
N VAL IA 19 -13.60 67.14 -122.59
CA VAL IA 19 -12.37 67.60 -121.94
C VAL IA 19 -12.57 67.56 -120.44
N LEU IA 20 -11.64 66.90 -119.74
CA LEU IA 20 -11.68 66.78 -118.30
C LEU IA 20 -10.63 67.70 -117.68
N ARG IA 21 -10.95 68.23 -116.50
CA ARG IA 21 -10.07 69.14 -115.78
C ARG IA 21 -9.41 68.43 -114.61
N LYS IA 22 -8.13 68.73 -114.38
CA LYS IA 22 -7.45 68.16 -113.23
C LYS IA 22 -8.09 68.67 -111.94
N ILE IA 23 -8.29 67.76 -111.00
CA ILE IA 23 -8.96 68.04 -109.74
C ILE IA 23 -8.08 67.73 -108.54
N ASN IA 24 -7.13 66.81 -108.71
CA ASN IA 24 -6.36 66.36 -107.56
C ASN IA 24 -5.09 65.68 -108.06
N GLN IA 25 -4.03 65.79 -107.25
CA GLN IA 25 -2.78 65.11 -107.57
C GLN IA 25 -2.10 64.79 -106.24
N ASP IA 26 -2.16 63.52 -105.84
CA ASP IA 26 -1.56 63.10 -104.58
C ASP IA 26 -1.12 61.65 -104.70
N GLY IA 27 0.01 61.33 -104.07
CA GLY IA 27 0.50 59.97 -104.01
C GLY IA 27 0.76 59.36 -105.38
N TYR IA 28 1.38 60.11 -106.27
CA TYR IA 28 1.77 59.61 -107.59
C TYR IA 28 0.53 59.27 -108.43
N THR IA 29 -0.54 60.04 -108.25
CA THR IA 29 -1.83 59.78 -108.88
C THR IA 29 -2.42 61.08 -109.41
N SER IA 30 -3.34 60.97 -110.36
CA SER IA 30 -4.05 62.13 -110.89
C SER IA 30 -5.52 61.79 -111.09
N GLU IA 31 -6.34 62.84 -111.06
CA GLU IA 31 -7.79 62.71 -111.26
C GLU IA 31 -8.27 63.83 -112.18
N TYR IA 32 -9.25 63.49 -113.01
CA TYR IA 32 -9.82 64.40 -114.00
C TYR IA 32 -11.34 64.27 -113.93
N TYR IA 33 -12.06 65.37 -114.15
CA TYR IA 33 -13.50 65.37 -113.94
C TYR IA 33 -14.17 66.41 -114.83
N LEU IA 34 -15.46 66.18 -115.14
CA LEU IA 34 -16.29 67.10 -115.92
C LEU IA 34 -17.77 66.83 -115.67
N PRO IA 35 -18.55 67.78 -115.15
CA PRO IA 35 -19.97 67.54 -114.95
C PRO IA 35 -20.82 67.88 -116.16
N GLU IA 36 -21.98 67.22 -116.22
CA GLU IA 36 -22.94 67.40 -117.31
C GLU IA 36 -24.35 67.37 -116.73
N THR IA 37 -25.34 67.54 -117.61
CA THR IA 37 -26.74 67.59 -117.17
C THR IA 37 -27.26 66.21 -116.80
N SER IA 38 -26.99 65.20 -117.64
CA SER IA 38 -27.51 63.86 -117.43
C SER IA 38 -26.47 62.87 -116.95
N SER IA 39 -25.19 63.22 -116.96
CA SER IA 39 -24.14 62.29 -116.54
C SER IA 39 -22.90 63.09 -116.16
N SER IA 40 -21.78 62.39 -115.98
CA SER IA 40 -20.51 63.00 -115.62
C SER IA 40 -19.38 62.08 -116.06
N PHE IA 41 -18.19 62.65 -116.14
CA PHE IA 41 -17.01 61.90 -116.56
C PHE IA 41 -15.88 62.09 -115.56
N ARG IA 42 -15.13 61.02 -115.34
CA ARG IA 42 -14.02 61.00 -114.40
C ARG IA 42 -12.90 60.16 -115.00
N ALA IA 43 -11.67 60.60 -114.81
CA ALA IA 43 -10.51 59.84 -115.27
C ALA IA 43 -9.44 59.82 -114.19
N LYS IA 44 -8.75 58.69 -114.10
CA LYS IA 44 -7.83 58.36 -113.03
C LYS IA 44 -6.54 57.78 -113.58
N VAL IA 45 -5.41 58.14 -112.97
CA VAL IA 45 -4.11 57.56 -113.28
C VAL IA 45 -3.44 57.19 -111.96
N ARG IA 46 -2.97 55.95 -111.86
CA ARG IA 46 -2.21 55.50 -110.70
C ARG IA 46 -0.98 54.73 -111.14
N HIS IA 47 0.11 54.88 -110.37
CA HIS IA 47 1.28 54.02 -110.45
C HIS IA 47 1.54 53.42 -109.07
N THR IA 48 2.14 52.24 -109.03
CA THR IA 48 2.40 51.59 -107.75
C THR IA 48 3.56 50.60 -107.86
N LYS IA 49 4.12 50.27 -106.70
CA LYS IA 49 5.20 49.30 -106.55
C LYS IA 49 4.78 48.26 -105.51
N GLU IA 50 4.86 46.98 -105.85
CA GLU IA 50 4.41 45.93 -104.93
C GLU IA 50 5.22 45.91 -103.64
N SER IA 51 4.67 45.22 -102.65
CA SER IA 51 5.42 44.85 -101.47
C SER IA 51 6.59 43.95 -101.84
N VAL IA 52 7.68 44.10 -101.12
CA VAL IA 52 8.89 43.32 -101.37
C VAL IA 52 8.91 42.14 -100.42
N LYS IA 53 9.15 40.95 -100.96
CA LYS IA 53 9.34 39.74 -100.19
C LYS IA 53 10.74 39.22 -100.45
N PRO IA 54 11.24 38.34 -99.57
CA PRO IA 54 12.62 37.86 -99.73
C PRO IA 54 12.81 37.19 -101.09
N ASN IA 55 13.99 37.42 -101.66
CA ASN IA 55 14.55 36.68 -102.79
C ASN IA 55 13.53 36.26 -103.84
N GLN IA 56 12.84 37.21 -104.46
CA GLN IA 56 12.24 37.00 -105.77
C GLN IA 56 12.07 38.36 -106.46
N VAL IA 57 11.69 38.30 -107.74
CA VAL IA 57 11.70 39.50 -108.58
C VAL IA 57 10.75 40.55 -108.01
N GLN IA 58 11.08 41.81 -108.26
CA GLN IA 58 10.24 42.93 -107.86
C GLN IA 58 9.68 43.63 -109.11
N TYR IA 59 8.38 43.94 -109.08
CA TYR IA 59 7.60 44.26 -110.27
C TYR IA 59 7.03 45.67 -110.17
N GLU IA 60 6.34 46.10 -111.23
CA GLU IA 60 5.80 47.45 -111.35
C GLU IA 60 4.43 47.38 -112.04
N ARG IA 61 3.55 48.34 -111.72
CA ARG IA 61 2.22 48.41 -112.34
C ARG IA 61 1.86 49.85 -112.68
N HIS IA 62 1.22 50.05 -113.84
CA HIS IA 62 0.54 51.29 -114.16
C HIS IA 62 -0.83 50.99 -114.76
N ASN IA 63 -1.79 51.87 -114.49
CA ASN IA 63 -3.17 51.67 -114.93
C ASN IA 63 -3.88 53.00 -115.12
N VAL IA 64 -4.86 53.00 -116.04
CA VAL IA 64 -5.67 54.17 -116.33
C VAL IA 64 -7.13 53.74 -116.39
N GLU IA 65 -8.02 54.57 -115.83
CA GLU IA 65 -9.42 54.19 -115.61
C GLU IA 65 -10.33 55.29 -116.10
N PHE IA 66 -11.40 54.90 -116.79
CA PHE IA 66 -12.47 55.80 -117.20
C PHE IA 66 -13.78 55.36 -116.54
N THR IA 67 -14.54 56.33 -116.05
CA THR IA 67 -15.84 56.06 -115.45
C THR IA 67 -16.85 57.08 -115.95
N GLU IA 68 -18.09 56.63 -116.17
CA GLU IA 68 -19.19 57.50 -116.54
C GLU IA 68 -20.39 57.14 -115.69
N THR IA 69 -20.98 58.15 -115.04
CA THR IA 69 -22.11 57.95 -114.13
C THR IA 69 -23.36 58.60 -114.72
N VAL IA 70 -24.46 57.86 -114.72
CA VAL IA 70 -25.73 58.32 -115.27
C VAL IA 70 -26.74 58.44 -114.14
N TYR IA 71 -27.26 59.65 -113.94
CA TYR IA 71 -28.06 59.96 -112.77
C TYR IA 71 -29.45 59.35 -112.89
N ALA IA 72 -30.06 59.09 -111.73
CA ALA IA 72 -31.35 58.43 -111.70
C ALA IA 72 -32.42 59.33 -112.30
N SER IA 73 -33.30 58.73 -113.10
CA SER IA 73 -34.37 59.45 -113.76
C SER IA 73 -35.63 58.58 -113.69
N GLY IA 74 -36.69 59.13 -113.13
CA GLY IA 74 -37.91 58.36 -112.97
C GLY IA 74 -37.68 57.16 -112.06
N SER IA 75 -38.16 55.99 -112.51
CA SER IA 75 -38.01 54.79 -111.70
C SER IA 75 -36.58 54.25 -111.71
N THR IA 76 -35.86 54.44 -112.80
CA THR IA 76 -34.55 53.81 -112.95
C THR IA 76 -33.54 54.47 -112.02
N PRO IA 77 -32.85 53.70 -111.18
CA PRO IA 77 -31.80 54.28 -110.32
C PRO IA 77 -30.52 54.56 -111.11
N GLU IA 78 -29.60 55.22 -110.44
CA GLU IA 78 -28.33 55.59 -111.06
C GLU IA 78 -27.43 54.37 -111.24
N PHE IA 79 -26.55 54.46 -112.23
CA PHE IA 79 -25.62 53.38 -112.55
C PHE IA 79 -24.42 53.97 -113.26
N VAL IA 80 -23.35 53.17 -113.37
CA VAL IA 80 -22.05 53.65 -113.81
C VAL IA 80 -21.54 52.74 -114.93
N ARG IA 81 -20.60 53.27 -115.70
CA ARG IA 81 -19.84 52.50 -116.68
C ARG IA 81 -18.36 52.75 -116.49
N GLN IA 82 -17.56 51.69 -116.63
CA GLN IA 82 -16.13 51.76 -116.39
C GLN IA 82 -15.38 50.96 -117.45
N ALA IA 83 -14.10 51.28 -117.61
CA ALA IA 83 -13.22 50.53 -118.51
C ALA IA 83 -11.78 50.95 -118.19
N TYR IA 84 -10.91 49.98 -117.91
CA TYR IA 84 -9.57 50.31 -117.44
C TYR IA 84 -8.58 49.22 -117.87
N VAL IA 85 -7.32 49.62 -118.00
CA VAL IA 85 -6.23 48.73 -118.39
C VAL IA 85 -5.15 48.77 -117.31
N VAL IA 86 -4.36 47.70 -117.27
CA VAL IA 86 -3.25 47.55 -116.33
C VAL IA 86 -2.04 47.04 -117.11
N ILE IA 87 -0.88 47.65 -116.85
CA ILE IA 87 0.39 47.22 -117.43
C ILE IA 87 1.31 46.84 -116.29
N ARG IA 88 1.96 45.68 -116.39
CA ARG IA 88 2.81 45.21 -115.30
C ARG IA 88 4.09 44.64 -115.87
N HIS IA 89 5.23 45.05 -115.32
CA HIS IA 89 6.53 44.60 -115.79
C HIS IA 89 7.52 44.68 -114.64
N LYS IA 90 8.63 43.95 -114.78
CA LYS IA 90 9.61 43.88 -113.71
C LYS IA 90 10.44 45.16 -113.63
N VAL IA 91 10.94 45.45 -112.44
CA VAL IA 91 11.74 46.65 -112.22
C VAL IA 91 13.03 46.55 -113.01
N GLY IA 92 13.37 47.64 -113.71
CA GLY IA 92 14.59 47.70 -114.49
C GLY IA 92 14.49 47.11 -115.88
N ASP IA 93 13.33 46.63 -116.29
CA ASP IA 93 13.20 46.04 -117.61
C ASP IA 93 13.27 47.10 -118.70
N VAL IA 94 13.56 46.64 -119.92
CA VAL IA 94 13.65 47.53 -121.06
C VAL IA 94 12.27 48.08 -121.39
N SER IA 95 12.20 49.37 -121.73
CA SER IA 95 10.92 50.04 -121.92
C SER IA 95 10.27 49.69 -123.25
N ALA IA 96 11.06 49.55 -124.32
CA ALA IA 96 10.50 49.39 -125.65
C ALA IA 96 9.64 48.13 -125.76
N THR IA 97 10.14 47.00 -125.25
CA THR IA 97 9.40 45.75 -125.38
C THR IA 97 8.13 45.78 -124.52
N VAL IA 98 8.24 46.29 -123.30
CA VAL IA 98 7.06 46.35 -122.44
C VAL IA 98 6.04 47.31 -123.03
N SER IA 99 6.48 48.25 -123.86
CA SER IA 99 5.55 49.11 -124.58
C SER IA 99 4.89 48.37 -125.75
N ASP IA 100 5.67 47.61 -126.51
CA ASP IA 100 5.13 46.87 -127.64
C ASP IA 100 4.07 45.88 -127.18
N LEU IA 101 4.33 45.18 -126.08
CA LEU IA 101 3.23 44.58 -125.34
C LEU IA 101 2.44 45.71 -124.69
N GLY IA 102 1.13 45.61 -124.74
CA GLY IA 102 0.29 46.76 -124.46
C GLY IA 102 -0.11 47.48 -125.73
N GLU IA 103 0.87 47.85 -126.57
CA GLU IA 103 0.54 48.40 -127.87
C GLU IA 103 -0.21 47.36 -128.71
N ALA IA 104 0.25 46.11 -128.67
CA ALA IA 104 -0.45 45.03 -129.37
C ALA IA 104 -1.86 44.86 -128.85
N LEU IA 105 -2.03 44.91 -127.52
CA LEU IA 105 -3.36 44.79 -126.93
C LEU IA 105 -4.26 45.93 -127.40
N SER IA 106 -3.73 47.15 -127.42
CA SER IA 106 -4.52 48.29 -127.86
C SER IA 106 -4.93 48.15 -129.33
N PHE IA 107 -4.01 47.67 -130.17
CA PHE IA 107 -4.35 47.44 -131.57
C PHE IA 107 -5.39 46.34 -131.73
N TYR IA 108 -5.30 45.28 -130.93
CA TYR IA 108 -6.21 44.14 -131.07
C TYR IA 108 -7.65 44.53 -130.80
N LEU IA 109 -7.88 45.36 -129.79
CA LEU IA 109 -9.24 45.73 -129.41
C LEU IA 109 -9.82 46.69 -130.44
N ASN IA 110 -11.01 46.37 -130.95
CA ASN IA 110 -11.69 47.23 -131.91
C ASN IA 110 -13.20 47.10 -131.68
N GLU IA 111 -13.97 47.76 -132.54
CA GLU IA 111 -15.42 47.80 -132.36
C GLU IA 111 -16.03 46.40 -132.46
N ALA IA 112 -15.61 45.62 -133.47
CA ALA IA 112 -16.21 44.31 -133.66
C ALA IA 112 -15.93 43.39 -132.47
N LEU IA 113 -14.69 43.40 -131.97
CA LEU IA 113 -14.38 42.54 -130.84
C LEU IA 113 -15.06 43.03 -129.57
N TYR IA 114 -15.23 44.34 -129.42
CA TYR IA 114 -15.98 44.84 -128.27
C TYR IA 114 -17.42 44.37 -128.33
N GLY IA 115 -18.02 44.38 -129.53
CA GLY IA 115 -19.36 43.86 -129.67
C GLY IA 115 -19.43 42.38 -129.37
N LYS IA 116 -18.42 41.62 -129.78
CA LYS IA 116 -18.37 40.20 -129.43
C LYS IA 116 -18.30 40.01 -127.92
N LEU IA 117 -17.38 40.72 -127.26
CA LEU IA 117 -17.19 40.53 -125.82
C LEU IA 117 -18.43 40.92 -125.03
N ILE IA 118 -19.00 42.09 -125.34
CA ILE IA 118 -20.15 42.55 -124.59
C ILE IA 118 -21.27 41.53 -124.67
N GLY IA 119 -21.21 40.63 -125.66
CA GLY IA 119 -22.15 39.56 -125.85
C GLY IA 119 -21.80 38.20 -125.25
N TRP IA 120 -20.89 38.11 -124.27
CA TRP IA 120 -20.65 36.84 -123.59
C TRP IA 120 -19.91 35.84 -124.48
N GLU IA 121 -19.66 36.22 -125.73
CA GLU IA 121 -19.00 35.32 -126.66
C GLU IA 121 -17.52 35.23 -126.34
N SER IA 122 -16.97 34.02 -126.44
CA SER IA 122 -15.58 33.79 -126.07
C SER IA 122 -14.95 32.72 -126.96
N ALA JA 1 4.45 75.75 -107.43
CA ALA JA 1 4.03 76.75 -108.45
C ALA JA 1 5.19 77.08 -109.38
N LEU JA 2 6.28 76.32 -109.28
CA LEU JA 2 7.44 76.57 -110.13
C LEU JA 2 7.11 76.31 -111.59
N GLY JA 3 6.43 75.20 -111.88
CA GLY JA 3 6.09 74.85 -113.23
C GLY JA 3 6.16 73.35 -113.48
N ASP JA 4 5.65 72.93 -114.64
CA ASP JA 4 5.54 71.50 -114.91
C ASP JA 4 6.86 70.85 -115.28
N THR JA 5 7.86 71.62 -115.70
CA THR JA 5 9.16 71.08 -116.06
C THR JA 5 10.27 71.93 -115.47
N LEU JA 6 11.40 71.27 -115.20
CA LEU JA 6 12.59 71.91 -114.64
C LEU JA 6 13.76 71.58 -115.54
N THR JA 7 14.63 72.57 -115.76
CA THR JA 7 15.78 72.42 -116.64
C THR JA 7 17.06 72.61 -115.85
N ILE JA 8 17.98 71.65 -115.97
CA ILE JA 8 19.31 71.74 -115.39
C ILE JA 8 20.32 71.61 -116.50
N THR JA 9 21.25 72.56 -116.58
CA THR JA 9 22.25 72.61 -117.64
C THR JA 9 23.59 72.15 -117.06
N LEU JA 10 23.91 70.88 -117.26
CA LEU JA 10 25.16 70.35 -116.74
C LEU JA 10 26.34 71.12 -117.32
N GLY JA 11 27.34 71.35 -116.48
CA GLY JA 11 28.48 72.14 -116.91
C GLY JA 11 28.26 73.63 -116.88
N GLY JA 12 27.28 74.12 -116.14
CA GLY JA 12 27.05 75.54 -116.07
C GLY JA 12 26.46 76.07 -117.37
N SER JA 13 26.55 77.40 -117.52
CA SER JA 13 26.01 78.05 -118.70
C SER JA 13 26.69 77.55 -119.96
N GLY JA 14 25.89 77.34 -121.00
CA GLY JA 14 26.39 76.89 -122.29
C GLY JA 14 26.64 75.41 -122.42
N GLY JA 15 26.18 74.60 -121.47
CA GLY JA 15 26.45 73.17 -121.47
C GLY JA 15 25.33 72.34 -122.03
N THR JA 16 25.16 71.15 -121.46
CA THR JA 16 24.16 70.19 -121.90
C THR JA 16 22.88 70.37 -121.09
N ALA JA 17 21.74 70.46 -121.79
CA ALA JA 17 20.47 70.72 -121.13
C ALA JA 17 19.70 69.42 -120.86
N LYS JA 18 19.21 69.30 -119.64
CA LYS JA 18 18.38 68.17 -119.22
C LYS JA 18 17.06 68.70 -118.70
N VAL JA 19 15.94 68.12 -119.13
CA VAL JA 19 14.61 68.62 -118.84
C VAL JA 19 13.86 67.58 -118.01
N LEU JA 20 13.51 67.93 -116.78
CA LEU JA 20 12.76 67.06 -115.89
C LEU JA 20 11.26 67.35 -116.03
N ARG JA 21 10.45 66.83 -115.10
CA ARG JA 21 9.01 67.03 -115.16
C ARG JA 21 8.41 66.64 -113.82
N LYS JA 22 7.38 67.38 -113.39
CA LYS JA 22 6.76 67.08 -112.12
C LYS JA 22 6.17 65.69 -112.12
N ILE JA 23 6.29 65.01 -110.97
CA ILE JA 23 5.73 63.69 -110.78
C ILE JA 23 4.84 63.69 -109.54
N ASN JA 24 5.12 64.56 -108.57
CA ASN JA 24 4.33 64.54 -107.35
C ASN JA 24 4.69 65.74 -106.48
N GLN JA 25 3.73 66.18 -105.67
CA GLN JA 25 3.99 67.14 -104.61
C GLN JA 25 2.86 67.01 -103.60
N ASP JA 26 3.18 66.59 -102.37
CA ASP JA 26 2.14 66.44 -101.35
C ASP JA 26 2.36 67.35 -100.15
N GLY JA 27 3.47 67.21 -99.44
CA GLY JA 27 3.64 67.92 -98.19
C GLY JA 27 4.39 69.22 -98.30
N TYR JA 28 3.88 70.15 -99.09
CA TYR JA 28 4.54 71.43 -99.36
C TYR JA 28 5.84 71.24 -100.14
N THR JA 29 6.07 70.04 -100.66
CA THR JA 29 7.32 69.66 -101.32
C THR JA 29 7.00 69.21 -102.73
N SER JA 30 7.90 69.52 -103.68
CA SER JA 30 7.80 69.04 -105.05
C SER JA 30 9.00 68.16 -105.37
N GLU JA 31 8.96 67.50 -106.53
CA GLU JA 31 10.06 66.65 -106.94
C GLU JA 31 9.94 66.32 -108.42
N TYR JA 32 11.09 66.05 -109.04
CA TYR JA 32 11.22 65.88 -110.49
C TYR JA 32 11.97 64.59 -110.77
N TYR JA 33 11.81 64.06 -111.99
CA TYR JA 33 12.52 62.84 -112.36
C TYR JA 33 12.59 62.74 -113.88
N LEU JA 34 13.65 62.09 -114.37
CA LEU JA 34 13.85 61.88 -115.80
C LEU JA 34 14.70 60.63 -116.01
N PRO JA 35 14.22 59.62 -116.75
CA PRO JA 35 15.04 58.43 -116.97
C PRO JA 35 16.02 58.59 -118.13
N GLU JA 36 17.10 57.81 -118.06
CA GLU JA 36 18.09 57.73 -119.13
C GLU JA 36 18.47 56.27 -119.34
N THR JA 37 19.06 55.99 -120.50
CA THR JA 37 19.49 54.63 -120.79
C THR JA 37 20.58 54.17 -119.83
N SER JA 38 21.39 55.10 -119.31
CA SER JA 38 22.52 54.76 -118.46
C SER JA 38 22.45 55.35 -117.06
N SER JA 39 21.55 56.29 -116.79
CA SER JA 39 21.49 56.96 -115.50
C SER JA 39 20.08 57.50 -115.29
N SER JA 40 19.93 58.38 -114.30
CA SER JA 40 18.66 59.00 -113.98
C SER JA 40 18.93 60.34 -113.30
N PHE JA 41 17.96 61.23 -113.39
CA PHE JA 41 18.01 62.53 -112.71
C PHE JA 41 16.77 62.72 -111.86
N ARG JA 42 16.95 63.38 -110.72
CA ARG JA 42 15.87 63.64 -109.78
C ARG JA 42 16.15 64.94 -109.06
N ALA JA 43 15.11 65.76 -108.88
CA ALA JA 43 15.20 67.01 -108.15
C ALA JA 43 14.04 67.10 -107.18
N LYS JA 44 14.30 67.70 -106.01
CA LYS JA 44 13.31 67.83 -104.95
C LYS JA 44 13.41 69.22 -104.36
N VAL JA 45 12.26 69.77 -103.96
CA VAL JA 45 12.20 71.06 -103.27
C VAL JA 45 11.38 70.88 -102.00
N ARG JA 46 11.84 71.47 -100.90
CA ARG JA 46 11.23 71.28 -99.60
C ARG JA 46 11.15 72.60 -98.85
N HIS JA 47 10.13 72.72 -97.99
CA HIS JA 47 9.95 73.82 -97.07
C HIS JA 47 9.60 73.27 -95.69
N THR JA 48 10.03 73.97 -94.64
CA THR JA 48 9.78 73.51 -93.28
C THR JA 48 9.83 74.68 -92.32
N LYS JA 49 9.26 74.47 -91.13
CA LYS JA 49 9.31 75.42 -90.03
C LYS JA 49 9.90 74.74 -88.81
N GLU JA 50 10.85 75.40 -88.15
CA GLU JA 50 11.48 74.81 -86.97
C GLU JA 50 10.50 74.77 -85.80
N SER JA 51 10.82 73.91 -84.84
CA SER JA 51 9.94 73.70 -83.70
C SER JA 51 9.79 74.97 -82.88
N VAL JA 52 8.60 75.16 -82.33
CA VAL JA 52 8.30 76.35 -81.52
C VAL JA 52 8.80 76.12 -80.10
N LYS JA 53 9.53 77.10 -79.58
CA LYS JA 53 9.94 77.13 -78.18
C LYS JA 53 9.45 78.42 -77.54
N PRO JA 54 9.26 78.42 -76.22
CA PRO JA 54 8.73 79.61 -75.56
C PRO JA 54 9.62 80.83 -75.81
N ASN JA 55 8.99 81.97 -76.06
CA ASN JA 55 9.64 83.27 -76.16
C ASN JA 55 11.04 83.18 -76.78
N GLN JA 56 11.14 82.59 -77.97
CA GLN JA 56 12.33 82.70 -78.82
C GLN JA 56 11.88 82.91 -80.26
N VAL JA 57 12.77 83.50 -81.05
CA VAL JA 57 12.44 83.83 -82.43
C VAL JA 57 12.12 82.55 -83.21
N GLN JA 58 11.22 82.67 -84.17
CA GLN JA 58 10.77 81.55 -84.99
C GLN JA 58 11.40 81.60 -86.37
N TYR JA 59 11.83 80.44 -86.87
CA TYR JA 59 12.59 80.34 -88.12
C TYR JA 59 11.89 79.40 -89.08
N GLU JA 60 12.18 79.56 -90.37
CA GLU JA 60 11.72 78.65 -91.41
C GLU JA 60 12.82 78.44 -92.43
N ARG JA 61 12.82 77.25 -93.04
CA ARG JA 61 13.96 76.75 -93.80
C ARG JA 61 13.52 76.39 -95.22
N HIS JA 62 14.33 76.76 -96.20
CA HIS JA 62 14.12 76.37 -97.60
C HIS JA 62 15.29 75.54 -98.10
N ASN JA 63 14.98 74.47 -98.84
CA ASN JA 63 15.95 73.49 -99.28
C ASN JA 63 15.75 73.15 -100.75
N VAL JA 64 16.85 72.93 -101.46
CA VAL JA 64 16.84 72.51 -102.86
C VAL JA 64 17.94 71.47 -103.07
N GLU JA 65 17.66 70.46 -103.88
CA GLU JA 65 18.48 69.26 -103.94
C GLU JA 65 18.45 68.64 -105.33
N PHE JA 66 19.62 68.28 -105.85
CA PHE JA 66 19.76 67.50 -107.08
C PHE JA 66 20.46 66.17 -106.79
N THR JA 67 20.11 65.15 -107.57
CA THR JA 67 20.78 63.85 -107.50
C THR JA 67 20.70 63.18 -108.86
N GLU JA 68 21.81 62.56 -109.27
CA GLU JA 68 21.85 61.74 -110.47
C GLU JA 68 22.40 60.37 -110.08
N THR JA 69 21.73 59.31 -110.52
CA THR JA 69 22.11 57.94 -110.18
C THR JA 69 22.64 57.23 -111.41
N VAL JA 70 23.74 56.49 -111.22
CA VAL JA 70 24.41 55.75 -112.28
C VAL JA 70 24.19 54.27 -112.02
N TYR JA 71 23.58 53.58 -112.98
CA TYR JA 71 23.23 52.19 -112.79
C TYR JA 71 24.47 51.30 -112.79
N ALA JA 72 24.42 50.25 -111.97
CA ALA JA 72 25.56 49.35 -111.84
C ALA JA 72 25.85 48.69 -113.18
N SER JA 73 27.12 48.70 -113.56
CA SER JA 73 27.59 48.12 -114.82
C SER JA 73 28.69 47.11 -114.51
N GLY JA 74 28.41 45.83 -114.75
CA GLY JA 74 29.39 44.81 -114.45
C GLY JA 74 29.75 44.79 -112.97
N SER JA 75 31.05 44.82 -112.69
CA SER JA 75 31.51 44.74 -111.30
C SER JA 75 31.17 46.02 -110.54
N THR JA 76 31.21 47.17 -111.21
CA THR JA 76 30.99 48.44 -110.51
C THR JA 76 29.58 48.49 -109.92
N PRO JA 77 29.42 48.75 -108.63
CA PRO JA 77 28.08 48.82 -108.05
C PRO JA 77 27.42 50.17 -108.24
N GLU JA 78 26.25 50.36 -107.61
CA GLU JA 78 25.55 51.63 -107.68
C GLU JA 78 26.32 52.74 -106.97
N PHE JA 79 26.14 53.96 -107.44
CA PHE JA 79 26.63 55.14 -106.73
C PHE JA 79 25.89 56.36 -107.25
N VAL JA 80 25.95 57.44 -106.46
CA VAL JA 80 25.12 58.62 -106.65
C VAL JA 80 26.00 59.86 -106.62
N ARG JA 81 25.40 60.99 -107.03
CA ARG JA 81 26.04 62.29 -106.92
C ARG JA 81 24.95 63.31 -106.57
N GLN JA 82 25.17 64.05 -105.49
CA GLN JA 82 24.19 65.01 -104.99
C GLN JA 82 24.83 66.36 -104.76
N ALA JA 83 23.98 67.38 -104.64
CA ALA JA 83 24.41 68.73 -104.27
C ALA JA 83 23.17 69.52 -103.91
N TYR JA 84 23.14 70.11 -102.72
CA TYR JA 84 21.93 70.74 -102.23
C TYR JA 84 22.24 72.01 -101.48
N VAL JA 85 21.22 72.86 -101.36
CA VAL JA 85 21.32 74.17 -100.71
C VAL JA 85 20.22 74.30 -99.67
N VAL JA 86 20.54 75.01 -98.58
CA VAL JA 86 19.61 75.27 -97.49
C VAL JA 86 19.69 76.75 -97.13
N ILE JA 87 18.54 77.36 -96.85
CA ILE JA 87 18.45 78.75 -96.43
C ILE JA 87 17.63 78.82 -95.15
N ARG JA 88 18.10 79.62 -94.19
CA ARG JA 88 17.42 79.82 -92.92
C ARG JA 88 17.28 81.30 -92.64
N HIS JA 89 16.12 81.70 -92.10
CA HIS JA 89 15.89 83.07 -91.71
C HIS JA 89 14.65 83.11 -90.81
N LYS JA 90 14.49 84.22 -90.10
CA LYS JA 90 13.43 84.35 -89.13
C LYS JA 90 12.13 84.80 -89.79
N VAL JA 91 11.01 84.43 -89.17
CA VAL JA 91 9.70 84.74 -89.72
C VAL JA 91 9.50 86.24 -89.77
N GLY JA 92 8.96 86.73 -90.89
CA GLY JA 92 8.64 88.12 -91.04
C GLY JA 92 9.78 89.02 -91.46
N ASP JA 93 10.93 88.46 -91.81
CA ASP JA 93 12.07 89.27 -92.22
C ASP JA 93 11.87 89.82 -93.63
N VAL JA 94 12.76 90.73 -94.02
CA VAL JA 94 12.68 91.36 -95.33
C VAL JA 94 13.27 90.41 -96.37
N SER JA 95 12.52 90.19 -97.45
CA SER JA 95 12.93 89.21 -98.45
C SER JA 95 14.22 89.64 -99.17
N ALA JA 96 14.36 90.94 -99.42
CA ALA JA 96 15.46 91.40 -100.26
C ALA JA 96 16.82 91.08 -99.66
N THR JA 97 16.96 91.21 -98.34
CA THR JA 97 18.25 90.94 -97.71
C THR JA 97 18.63 89.47 -97.84
N VAL JA 98 17.67 88.57 -97.57
CA VAL JA 98 17.95 87.15 -97.70
C VAL JA 98 18.30 86.82 -99.15
N SER JA 99 17.58 87.41 -100.09
CA SER JA 99 17.90 87.20 -101.49
C SER JA 99 19.31 87.66 -101.82
N ASP JA 100 19.72 88.81 -101.28
CA ASP JA 100 21.06 89.31 -101.56
C ASP JA 100 22.13 88.39 -101.00
N LEU JA 101 21.92 87.87 -99.78
CA LEU JA 101 22.88 86.92 -99.22
C LEU JA 101 22.96 85.67 -100.08
N GLY JA 102 21.81 85.14 -100.50
CA GLY JA 102 21.83 83.97 -101.36
C GLY JA 102 22.52 84.22 -102.68
N GLU JA 103 22.29 85.40 -103.27
CA GLU JA 103 22.93 85.74 -104.53
C GLU JA 103 24.44 85.84 -104.35
N ALA JA 104 24.89 86.41 -103.23
CA ALA JA 104 26.32 86.44 -102.95
C ALA JA 104 26.89 85.02 -102.88
N LEU JA 105 26.20 84.14 -102.15
CA LEU JA 105 26.69 82.77 -102.02
C LEU JA 105 26.75 82.07 -103.37
N SER JA 106 25.72 82.26 -104.19
CA SER JA 106 25.70 81.63 -105.50
C SER JA 106 26.80 82.18 -106.41
N PHE JA 107 27.00 83.49 -106.38
CA PHE JA 107 27.98 84.11 -107.28
C PHE JA 107 29.41 83.74 -106.89
N TYR JA 108 29.68 83.65 -105.59
CA TYR JA 108 31.03 83.34 -105.14
C TYR JA 108 31.45 81.93 -105.55
N LEU JA 109 30.55 80.96 -105.43
CA LEU JA 109 30.87 79.59 -105.79
C LEU JA 109 30.81 79.45 -107.32
N ASN JA 110 31.94 79.15 -107.92
CA ASN JA 110 32.07 79.16 -109.38
C ASN JA 110 32.95 77.97 -109.79
N GLU JA 111 33.38 77.98 -111.05
CA GLU JA 111 34.16 76.86 -111.58
C GLU JA 111 35.40 76.58 -110.74
N ALA JA 112 36.32 77.54 -110.71
CA ALA JA 112 37.63 77.28 -110.11
C ALA JA 112 37.51 76.84 -108.67
N LEU JA 113 36.56 77.41 -107.92
CA LEU JA 113 36.44 77.05 -106.51
C LEU JA 113 36.04 75.60 -106.33
N TYR JA 114 35.22 75.05 -107.22
CA TYR JA 114 34.82 73.66 -107.08
C TYR JA 114 36.02 72.73 -107.12
N GLY JA 115 37.03 73.06 -107.91
CA GLY JA 115 38.24 72.25 -107.93
C GLY JA 115 38.89 72.14 -106.57
N LYS JA 116 38.95 73.24 -105.83
CA LYS JA 116 39.63 73.21 -104.53
C LYS JA 116 38.86 72.37 -103.51
N LEU JA 117 37.54 72.53 -103.44
CA LEU JA 117 36.78 71.75 -102.46
C LEU JA 117 36.90 70.26 -102.72
N ILE JA 118 36.82 69.84 -103.99
CA ILE JA 118 37.00 68.43 -104.29
C ILE JA 118 38.47 68.04 -104.14
N GLY JA 119 39.38 69.01 -104.11
CA GLY JA 119 40.77 68.76 -103.77
C GLY JA 119 41.07 68.75 -102.29
N TRP JA 120 40.06 68.88 -101.43
CA TRP JA 120 40.18 68.87 -99.97
C TRP JA 120 40.84 70.12 -99.42
N GLU JA 121 41.12 71.13 -100.24
CA GLU JA 121 41.65 72.38 -99.74
C GLU JA 121 40.65 73.04 -98.80
N SER JA 122 41.16 73.54 -97.67
CA SER JA 122 40.30 74.18 -96.67
C SER JA 122 40.78 75.61 -96.42
N ALA KA 1 -17.28 30.85 -129.68
CA ALA KA 1 -16.43 30.87 -130.89
C ALA KA 1 -15.23 31.81 -130.69
N LEU KA 2 -15.31 33.03 -131.22
CA LEU KA 2 -14.22 34.00 -131.18
C LEU KA 2 -13.00 33.56 -131.99
N GLY KA 3 -13.12 32.48 -132.75
CA GLY KA 3 -11.98 31.96 -133.49
C GLY KA 3 -11.09 31.10 -132.64
N ASP KA 4 -10.69 29.93 -133.17
CA ASP KA 4 -9.82 29.04 -132.42
C ASP KA 4 -8.42 29.63 -132.25
N THR KA 5 -7.92 30.35 -133.26
CA THR KA 5 -6.59 30.94 -133.22
C THR KA 5 -6.68 32.44 -132.96
N LEU KA 6 -5.92 32.91 -131.98
CA LEU KA 6 -5.87 34.32 -131.61
C LEU KA 6 -4.51 34.88 -132.01
N THR KA 7 -4.53 36.04 -132.67
CA THR KA 7 -3.33 36.62 -133.27
C THR KA 7 -2.89 37.84 -132.48
N ILE KA 8 -1.62 37.86 -132.10
CA ILE KA 8 -1.01 38.99 -131.40
C ILE KA 8 0.05 39.58 -132.32
N THR KA 9 -0.08 40.88 -132.62
CA THR KA 9 0.86 41.58 -133.50
C THR KA 9 1.70 42.51 -132.63
N LEU KA 10 2.83 42.00 -132.14
CA LEU KA 10 3.67 42.79 -131.26
C LEU KA 10 4.17 44.02 -132.00
N GLY KA 11 4.07 45.18 -131.35
CA GLY KA 11 4.51 46.42 -131.96
C GLY KA 11 3.46 47.15 -132.76
N GLY KA 12 2.18 46.88 -132.51
CA GLY KA 12 1.14 47.57 -133.24
C GLY KA 12 1.07 47.12 -134.69
N SER KA 13 0.43 47.96 -135.51
CA SER KA 13 0.28 47.64 -136.93
C SER KA 13 1.64 47.58 -137.61
N GLY KA 14 1.80 46.60 -138.48
CA GLY KA 14 3.07 46.41 -139.18
C GLY KA 14 4.16 45.76 -138.35
N GLY KA 15 3.80 45.03 -137.30
CA GLY KA 15 4.74 44.41 -136.40
C GLY KA 15 5.01 42.95 -136.72
N THR KA 16 5.29 42.17 -135.67
CA THR KA 16 5.51 40.74 -135.78
C THR KA 16 4.27 40.01 -135.29
N ALA KA 17 3.84 39.01 -136.05
CA ALA KA 17 2.60 38.30 -135.78
C ALA KA 17 2.88 36.97 -135.08
N LYS KA 18 2.13 36.71 -134.01
CA LYS KA 18 2.17 35.44 -133.30
C LYS KA 18 0.77 34.84 -133.30
N VAL KA 19 0.66 33.55 -133.63
CA VAL KA 19 -0.63 32.89 -133.74
C VAL KA 19 -0.82 31.88 -132.63
N LEU KA 20 -1.56 32.26 -131.59
CA LEU KA 20 -1.88 31.33 -130.51
C LEU KA 20 -2.98 30.36 -130.94
N ARG KA 21 -3.15 29.29 -130.17
CA ARG KA 21 -4.16 28.29 -130.44
C ARG KA 21 -4.95 27.98 -129.17
N LYS KA 22 -6.21 27.56 -129.35
CA LYS KA 22 -7.07 27.28 -128.21
C LYS KA 22 -6.65 25.99 -127.52
N ILE KA 23 -6.76 25.98 -126.19
CA ILE KA 23 -6.32 24.84 -125.38
C ILE KA 23 -7.50 24.33 -124.57
N ASN KA 24 -8.06 25.19 -123.72
CA ASN KA 24 -9.05 24.81 -122.73
C ASN KA 24 -10.19 25.81 -122.72
N GLN KA 25 -11.34 25.37 -122.21
CA GLN KA 25 -12.50 26.25 -122.09
C GLN KA 25 -13.39 25.72 -120.96
N ASP KA 26 -13.33 26.37 -119.80
CA ASP KA 26 -14.16 26.02 -118.67
C ASP KA 26 -14.64 27.28 -117.98
N GLY KA 27 -15.81 27.20 -117.34
CA GLY KA 27 -16.30 28.28 -116.51
C GLY KA 27 -16.42 29.61 -117.22
N TYR KA 28 -17.00 29.62 -118.42
CA TYR KA 28 -17.18 30.84 -119.18
C TYR KA 28 -15.85 31.52 -119.45
N THR KA 29 -14.80 30.71 -119.61
CA THR KA 29 -13.43 31.20 -119.68
C THR KA 29 -12.70 30.44 -120.78
N SER KA 30 -11.82 31.14 -121.49
CA SER KA 30 -11.09 30.57 -122.62
C SER KA 30 -9.61 30.90 -122.50
N GLU KA 31 -8.77 30.06 -123.09
CA GLU KA 31 -7.32 30.20 -122.98
C GLU KA 31 -6.66 29.82 -124.30
N TYR KA 32 -5.61 30.58 -124.64
CA TYR KA 32 -4.81 30.35 -125.83
C TYR KA 32 -3.35 30.20 -125.42
N TYR KA 33 -2.58 29.40 -126.18
CA TYR KA 33 -1.21 29.10 -125.82
C TYR KA 33 -0.31 29.08 -127.06
N LEU KA 34 0.98 29.34 -126.84
CA LEU KA 34 2.01 29.19 -127.86
C LEU KA 34 3.37 29.07 -127.21
N PRO KA 35 4.11 27.96 -127.40
CA PRO KA 35 5.45 27.87 -126.80
C PRO KA 35 6.57 28.30 -127.73
N GLU KA 36 7.72 28.64 -127.15
CA GLU KA 36 8.91 29.03 -127.89
C GLU KA 36 10.13 28.43 -127.23
N THR KA 37 11.30 28.59 -127.85
CA THR KA 37 12.53 28.06 -127.28
C THR KA 37 12.88 28.75 -125.97
N SER KA 38 12.75 30.08 -125.91
CA SER KA 38 13.12 30.84 -124.73
C SER KA 38 11.94 31.55 -124.07
N SER KA 39 10.73 31.42 -124.59
CA SER KA 39 9.57 32.07 -124.00
C SER KA 39 8.31 31.36 -124.47
N SER KA 40 7.16 31.93 -124.12
CA SER KA 40 5.87 31.40 -124.55
C SER KA 40 4.82 32.49 -124.37
N PHE KA 41 3.69 32.31 -125.05
CA PHE KA 41 2.59 33.27 -125.05
C PHE KA 41 1.30 32.62 -124.60
N ARG KA 42 0.53 33.36 -123.80
CA ARG KA 42 -0.79 32.91 -123.34
C ARG KA 42 -1.77 34.07 -123.42
N ALA KA 43 -3.02 33.75 -123.78
CA ALA KA 43 -4.12 34.70 -123.73
C ALA KA 43 -5.28 34.03 -123.00
N LYS KA 44 -5.87 34.75 -122.05
CA LYS KA 44 -6.84 34.19 -121.12
C LYS KA 44 -8.03 35.14 -121.04
N VAL KA 45 -9.23 34.63 -121.33
CA VAL KA 45 -10.43 35.45 -121.44
C VAL KA 45 -11.47 34.95 -120.45
N ARG KA 46 -12.02 35.86 -119.64
CA ARG KA 46 -12.90 35.52 -118.54
C ARG KA 46 -14.20 36.31 -118.65
N HIS KA 47 -15.28 35.73 -118.12
CA HIS KA 47 -16.53 36.45 -117.88
C HIS KA 47 -17.08 36.08 -116.51
N THR KA 48 -17.76 37.03 -115.87
CA THR KA 48 -18.27 36.83 -114.53
C THR KA 48 -19.50 37.70 -114.32
N LYS KA 49 -20.46 37.17 -113.57
CA LYS KA 49 -21.59 37.94 -113.08
C LYS KA 49 -21.19 38.57 -111.74
N GLU KA 50 -22.08 39.33 -111.12
CA GLU KA 50 -21.85 39.88 -109.78
C GLU KA 50 -22.95 39.41 -108.85
N SER KA 51 -22.60 39.24 -107.58
CA SER KA 51 -23.52 38.67 -106.60
C SER KA 51 -24.81 39.48 -106.53
N VAL KA 52 -25.94 38.77 -106.58
CA VAL KA 52 -27.24 39.45 -106.50
C VAL KA 52 -27.40 40.08 -105.14
N LYS KA 53 -28.06 41.24 -105.11
CA LYS KA 53 -28.31 42.01 -103.91
C LYS KA 53 -29.80 42.32 -103.85
N PRO KA 54 -30.33 42.65 -102.66
CA PRO KA 54 -31.77 42.93 -102.56
C PRO KA 54 -32.24 44.05 -103.46
N ASN KA 55 -31.68 45.26 -103.32
CA ASN KA 55 -32.17 46.43 -104.05
C ASN KA 55 -31.01 47.22 -104.64
N GLN KA 56 -30.04 46.53 -105.25
CA GLN KA 56 -28.91 47.16 -105.91
C GLN KA 56 -28.82 46.66 -107.34
N VAL KA 57 -28.33 47.51 -108.24
CA VAL KA 57 -28.22 47.14 -109.64
C VAL KA 57 -27.25 45.97 -109.78
N GLN KA 58 -27.55 45.07 -110.70
CA GLN KA 58 -26.73 43.89 -110.94
C GLN KA 58 -25.77 44.19 -112.07
N TYR KA 59 -24.47 44.03 -111.83
CA TYR KA 59 -23.42 44.52 -112.69
C TYR KA 59 -22.77 43.36 -113.45
N GLU KA 60 -21.74 43.69 -114.24
CA GLU KA 60 -21.14 42.75 -115.18
C GLU KA 60 -19.67 43.06 -115.35
N ARG KA 61 -18.87 42.05 -115.69
CA ARG KA 61 -17.45 42.23 -115.98
C ARG KA 61 -17.02 41.33 -117.13
N HIS KA 62 -16.16 41.88 -118.02
CA HIS KA 62 -15.39 41.10 -118.97
C HIS KA 62 -13.91 41.46 -118.84
N ASN KA 63 -13.04 40.46 -119.07
CA ASN KA 63 -11.61 40.59 -118.87
C ASN KA 63 -10.85 39.98 -120.03
N VAL KA 64 -9.73 40.60 -120.40
CA VAL KA 64 -8.80 40.06 -121.41
C VAL KA 64 -7.38 40.42 -120.98
N GLU KA 65 -6.47 39.44 -121.05
CA GLU KA 65 -5.08 39.65 -120.63
C GLU KA 65 -4.13 39.01 -121.63
N PHE KA 66 -2.95 39.60 -121.74
CA PHE KA 66 -1.85 39.07 -122.53
C PHE KA 66 -0.66 38.87 -121.59
N THR KA 67 0.08 37.78 -121.77
CA THR KA 67 1.20 37.49 -120.89
C THR KA 67 2.23 36.64 -121.60
N GLU KA 68 3.50 36.99 -121.42
CA GLU KA 68 4.64 36.26 -121.93
C GLU KA 68 5.61 35.99 -120.79
N THR KA 69 6.23 34.81 -120.80
CA THR KA 69 7.17 34.39 -119.78
C THR KA 69 8.52 34.08 -120.41
N VAL KA 70 9.58 34.53 -119.77
CA VAL KA 70 10.96 34.29 -120.20
C VAL KA 70 11.58 33.31 -119.22
N TYR KA 71 12.01 32.15 -119.72
CA TYR KA 71 12.56 31.14 -118.84
C TYR KA 71 13.89 31.58 -118.26
N ALA KA 72 14.17 31.08 -117.05
CA ALA KA 72 15.39 31.47 -116.35
C ALA KA 72 16.61 31.00 -117.13
N SER KA 73 17.58 31.90 -117.30
CA SER KA 73 18.82 31.59 -118.00
C SER KA 73 19.97 32.17 -117.19
N GLY KA 74 20.99 31.35 -116.95
CA GLY KA 74 22.12 31.80 -116.15
C GLY KA 74 21.65 32.21 -114.76
N SER KA 75 22.12 33.38 -114.32
CA SER KA 75 21.73 33.89 -113.00
C SER KA 75 20.33 34.47 -113.00
N THR KA 76 19.89 35.05 -114.12
CA THR KA 76 18.57 35.69 -114.18
C THR KA 76 17.47 34.65 -114.00
N PRO KA 77 16.55 34.83 -113.06
CA PRO KA 77 15.46 33.87 -112.88
C PRO KA 77 14.33 34.12 -113.88
N GLU KA 78 13.25 33.38 -113.69
CA GLU KA 78 12.05 33.54 -114.51
C GLU KA 78 11.36 34.87 -114.22
N PHE KA 79 10.78 35.46 -115.25
CA PHE KA 79 9.96 36.65 -115.07
C PHE KA 79 8.97 36.76 -116.22
N VAL KA 80 7.94 37.59 -116.02
CA VAL KA 80 6.80 37.66 -116.92
C VAL KA 80 6.49 39.13 -117.21
N ARG KA 81 5.93 39.37 -118.39
CA ARG KA 81 5.34 40.66 -118.74
C ARG KA 81 3.88 40.47 -119.15
N GLN KA 82 3.02 41.34 -118.63
CA GLN KA 82 1.58 41.15 -118.64
C GLN KA 82 0.90 42.43 -119.10
N ALA KA 83 -0.36 42.30 -119.53
CA ALA KA 83 -1.16 43.47 -119.89
C ALA KA 83 -2.61 43.03 -120.03
N TYR KA 84 -3.53 43.67 -119.30
CA TYR KA 84 -4.92 43.25 -119.30
C TYR KA 84 -5.85 44.45 -119.19
N VAL KA 85 -7.09 44.25 -119.62
CA VAL KA 85 -8.14 45.27 -119.59
C VAL KA 85 -9.40 44.63 -119.03
N VAL KA 86 -10.29 45.48 -118.50
CA VAL KA 86 -11.56 45.04 -117.95
C VAL KA 86 -12.66 45.99 -118.38
N ILE KA 87 -13.85 45.45 -118.65
CA ILE KA 87 -15.04 46.22 -119.02
C ILE KA 87 -16.13 45.89 -118.01
N ARG KA 88 -16.78 46.92 -117.47
CA ARG KA 88 -17.80 46.74 -116.44
C ARG KA 88 -19.02 47.58 -116.77
N HIS KA 89 -20.20 46.98 -116.68
CA HIS KA 89 -21.45 47.67 -116.97
C HIS KA 89 -22.58 46.92 -116.28
N LYS KA 90 -23.81 47.25 -116.62
CA LYS KA 90 -24.99 46.65 -116.00
C LYS KA 90 -25.71 45.73 -116.98
N VAL KA 91 -26.50 44.81 -116.42
CA VAL KA 91 -27.02 43.69 -117.20
C VAL KA 91 -27.90 44.19 -118.35
N GLY KA 92 -28.76 45.16 -118.08
CA GLY KA 92 -29.70 45.62 -119.07
C GLY KA 92 -29.26 46.80 -119.90
N ASP KA 93 -27.98 47.20 -119.81
CA ASP KA 93 -27.52 48.39 -120.49
C ASP KA 93 -27.61 48.20 -122.02
N VAL KA 94 -27.27 49.26 -122.74
CA VAL KA 94 -27.22 49.23 -124.20
C VAL KA 94 -25.80 48.87 -124.64
N SER KA 95 -25.69 48.02 -125.66
CA SER KA 95 -24.38 47.52 -126.06
C SER KA 95 -23.52 48.61 -126.68
N ALA KA 96 -24.10 49.39 -127.60
CA ALA KA 96 -23.29 50.33 -128.38
C ALA KA 96 -22.69 51.43 -127.49
N THR KA 97 -23.49 51.97 -126.58
CA THR KA 97 -22.97 53.01 -125.69
C THR KA 97 -21.84 52.46 -124.82
N VAL KA 98 -21.97 51.23 -124.36
CA VAL KA 98 -20.91 50.61 -123.55
C VAL KA 98 -19.66 50.45 -124.41
N SER KA 99 -19.83 50.06 -125.67
CA SER KA 99 -18.68 49.83 -126.54
C SER KA 99 -17.97 51.12 -126.87
N ASP KA 100 -18.69 52.24 -126.95
CA ASP KA 100 -18.05 53.50 -127.34
C ASP KA 100 -16.97 53.92 -126.34
N LEU KA 101 -17.24 53.77 -125.05
CA LEU KA 101 -16.25 54.14 -124.05
C LEU KA 101 -15.00 53.27 -124.17
N GLY KA 102 -15.17 51.97 -124.40
CA GLY KA 102 -14.03 51.11 -124.59
C GLY KA 102 -13.22 51.49 -125.82
N GLU KA 103 -13.90 51.82 -126.92
CA GLU KA 103 -13.17 52.28 -128.10
C GLU KA 103 -12.42 53.57 -127.82
N ALA KA 104 -13.03 54.48 -127.06
CA ALA KA 104 -12.32 55.70 -126.67
C ALA KA 104 -11.05 55.37 -125.89
N LEU KA 105 -11.15 54.46 -124.93
CA LEU KA 105 -9.98 54.10 -124.14
C LEU KA 105 -8.89 53.48 -125.01
N SER KA 106 -9.30 52.61 -125.95
CA SER KA 106 -8.32 52.00 -126.85
C SER KA 106 -7.65 53.03 -127.73
N PHE KA 107 -8.42 53.99 -128.24
CA PHE KA 107 -7.86 55.04 -129.09
C PHE KA 107 -6.92 55.95 -128.31
N TYR KA 108 -7.20 56.19 -127.03
CA TYR KA 108 -6.35 57.06 -126.23
C TYR KA 108 -4.93 56.50 -126.16
N LEU KA 109 -4.80 55.20 -125.88
CA LEU KA 109 -3.49 54.60 -125.62
C LEU KA 109 -2.65 54.59 -126.90
N ASN KA 110 -1.36 54.89 -126.73
CA ASN KA 110 -0.45 55.02 -127.86
C ASN KA 110 0.96 54.67 -127.42
N GLU KA 111 1.88 54.69 -128.38
CA GLU KA 111 3.31 54.60 -128.05
C GLU KA 111 3.72 55.71 -127.10
N ALA KA 112 3.34 56.95 -127.42
CA ALA KA 112 3.73 58.07 -126.57
C ALA KA 112 3.14 57.94 -125.18
N LEU KA 113 1.86 57.62 -125.09
CA LEU KA 113 1.24 57.46 -123.77
C LEU KA 113 1.90 56.35 -122.98
N TYR KA 114 2.19 55.22 -123.63
CA TYR KA 114 2.77 54.08 -122.91
C TYR KA 114 4.16 54.43 -122.42
N GLY KA 115 4.97 55.06 -123.27
CA GLY KA 115 6.31 55.46 -122.85
C GLY KA 115 6.28 56.45 -121.71
N LYS KA 116 5.41 57.46 -121.80
CA LYS KA 116 5.32 58.45 -120.74
C LYS KA 116 4.83 57.81 -119.45
N LEU KA 117 3.87 56.89 -119.54
CA LEU KA 117 3.42 56.16 -118.36
C LEU KA 117 4.59 55.45 -117.69
N ILE KA 118 5.43 54.80 -118.49
CA ILE KA 118 6.64 54.22 -117.93
C ILE KA 118 7.52 55.32 -117.36
N GLY KA 119 7.32 56.57 -117.79
CA GLY KA 119 8.01 57.71 -117.20
C GLY KA 119 7.57 58.09 -115.80
N TRP KA 120 6.50 57.49 -115.27
CA TRP KA 120 6.08 57.66 -113.87
C TRP KA 120 5.52 59.04 -113.57
N GLU KA 121 4.91 59.74 -114.52
CA GLU KA 121 4.21 60.96 -114.13
C GLU KA 121 2.81 60.60 -113.68
N SER KA 122 2.29 61.40 -112.74
CA SER KA 122 0.91 61.23 -112.31
C SER KA 122 0.01 61.64 -113.46
N ALA LA 1 -22.08 17.46 -129.14
CA ALA LA 1 -21.69 17.92 -130.50
C ALA LA 1 -22.90 18.41 -131.29
N LEU LA 2 -23.82 19.10 -130.62
CA LEU LA 2 -25.04 19.57 -131.28
C LEU LA 2 -24.69 20.55 -132.39
N GLY LA 3 -23.75 21.46 -132.14
CA GLY LA 3 -23.38 22.46 -133.13
C GLY LA 3 -22.93 23.73 -132.46
N ASP LA 4 -22.37 24.66 -133.25
CA ASP LA 4 -21.89 25.91 -132.69
C ASP LA 4 -23.04 26.82 -132.31
N THR LA 5 -24.07 26.88 -133.15
CA THR LA 5 -25.23 27.74 -132.92
C THR LA 5 -26.52 26.92 -132.93
N LEU LA 6 -27.48 27.38 -132.13
CA LEU LA 6 -28.78 26.75 -131.97
C LEU LA 6 -29.86 27.78 -132.29
N THR LA 7 -30.84 27.39 -133.10
CA THR LA 7 -31.87 28.30 -133.56
C THR LA 7 -33.18 28.02 -132.82
N ILE LA 8 -33.80 29.09 -132.32
CA ILE LA 8 -35.09 29.02 -131.65
C ILE LA 8 -36.11 29.73 -132.54
N THR LA 9 -37.11 29.00 -133.01
CA THR LA 9 -38.13 29.54 -133.91
C THR LA 9 -39.41 29.74 -133.10
N LEU LA 10 -39.62 30.96 -132.63
CA LEU LA 10 -40.77 31.23 -131.77
C LEU LA 10 -42.07 31.03 -132.55
N GLY LA 11 -43.09 30.58 -131.83
CA GLY LA 11 -44.36 30.28 -132.47
C GLY LA 11 -44.31 29.06 -133.37
N GLY LA 12 -43.55 28.03 -132.98
CA GLY LA 12 -43.50 26.82 -133.78
C GLY LA 12 -42.92 27.10 -135.15
N SER LA 13 -43.49 26.41 -136.14
CA SER LA 13 -43.07 26.58 -137.53
C SER LA 13 -43.48 27.93 -138.11
N GLY LA 14 -44.06 28.82 -137.32
CA GLY LA 14 -44.47 30.13 -137.82
C GLY LA 14 -43.31 30.97 -138.32
N GLY LA 15 -42.43 31.38 -137.41
CA GLY LA 15 -41.31 32.23 -137.79
C GLY LA 15 -40.59 32.77 -136.58
N THR LA 16 -40.08 33.99 -136.71
CA THR LA 16 -39.39 34.70 -135.62
C THR LA 16 -38.24 33.85 -135.08
N ALA LA 17 -37.27 33.62 -135.97
CA ALA LA 17 -36.14 32.76 -135.67
C ALA LA 17 -35.08 33.54 -134.89
N LYS LA 18 -34.63 32.97 -133.77
CA LYS LA 18 -33.54 33.51 -132.98
C LYS LA 18 -32.37 32.53 -133.01
N VAL LA 19 -31.15 33.07 -132.99
CA VAL LA 19 -29.93 32.27 -133.06
C VAL LA 19 -29.15 32.45 -131.77
N LEU LA 20 -28.88 31.35 -131.08
CA LEU LA 20 -28.03 31.36 -129.89
C LEU LA 20 -26.62 30.93 -130.26
N ARG LA 21 -25.66 31.38 -129.47
CA ARG LA 21 -24.25 31.06 -129.67
C ARG LA 21 -23.71 30.31 -128.46
N LYS LA 22 -22.77 29.40 -128.70
CA LYS LA 22 -22.23 28.59 -127.62
C LYS LA 22 -21.30 29.41 -126.73
N ILE LA 23 -21.46 29.26 -125.43
CA ILE LA 23 -20.65 30.00 -124.45
C ILE LA 23 -19.99 29.12 -123.41
N ASN LA 24 -20.42 27.88 -123.22
CA ASN LA 24 -19.81 27.04 -122.19
C ASN LA 24 -20.03 25.57 -122.53
N GLN LA 25 -19.16 24.74 -121.98
CA GLN LA 25 -19.31 23.28 -122.07
C GLN LA 25 -18.55 22.68 -120.90
N ASP LA 26 -19.28 22.20 -119.90
CA ASP LA 26 -18.67 21.70 -118.68
C ASP LA 26 -19.52 20.56 -118.13
N GLY LA 27 -18.84 19.50 -117.68
CA GLY LA 27 -19.52 18.41 -117.01
C GLY LA 27 -20.59 17.77 -117.86
N TYR LA 28 -20.30 17.55 -119.15
CA TYR LA 28 -21.21 16.86 -120.06
C TYR LA 28 -22.47 17.68 -120.31
N THR LA 29 -22.36 19.00 -120.20
CA THR LA 29 -23.48 19.94 -120.29
C THR LA 29 -23.17 20.98 -121.36
N SER LA 30 -24.10 21.92 -121.56
CA SER LA 30 -23.90 23.00 -122.52
C SER LA 30 -24.72 24.21 -122.10
N GLU LA 31 -24.50 25.33 -122.80
CA GLU LA 31 -25.22 26.57 -122.51
C GLU LA 31 -25.05 27.51 -123.70
N TYR LA 32 -26.16 28.03 -124.20
CA TYR LA 32 -26.16 28.96 -125.33
C TYR LA 32 -26.86 30.24 -124.90
N TYR LA 33 -26.50 31.36 -125.54
CA TYR LA 33 -26.99 32.66 -125.08
C TYR LA 33 -27.13 33.62 -126.25
N LEU LA 34 -28.00 34.63 -126.06
CA LEU LA 34 -28.11 35.77 -126.96
C LEU LA 34 -28.82 36.92 -126.27
N PRO LA 35 -28.25 38.12 -126.21
CA PRO LA 35 -28.94 39.26 -125.62
C PRO LA 35 -29.68 40.11 -126.65
N GLU LA 36 -30.63 40.91 -126.15
CA GLU LA 36 -31.43 41.80 -126.98
C GLU LA 36 -31.61 43.12 -126.25
N THR LA 37 -32.35 44.03 -126.87
CA THR LA 37 -32.59 45.33 -126.26
C THR LA 37 -33.38 45.20 -124.96
N SER LA 38 -34.43 44.38 -124.95
CA SER LA 38 -35.27 44.21 -123.79
C SER LA 38 -35.48 42.77 -123.39
N SER LA 39 -34.75 41.82 -124.00
CA SER LA 39 -34.92 40.42 -123.66
C SER LA 39 -33.60 39.69 -123.87
N SER LA 40 -33.53 38.48 -123.32
CA SER LA 40 -32.41 37.58 -123.52
C SER LA 40 -32.90 36.16 -123.71
N PHE LA 41 -32.14 35.38 -124.47
CA PHE LA 41 -32.45 33.99 -124.72
C PHE LA 41 -31.29 33.11 -124.25
N ARG LA 42 -31.61 32.06 -123.50
CA ARG LA 42 -30.63 31.14 -122.95
C ARG LA 42 -31.16 29.72 -123.11
N ALA LA 43 -30.27 28.79 -123.45
CA ALA LA 43 -30.61 27.39 -123.61
C ALA LA 43 -29.57 26.53 -122.90
N LYS LA 44 -30.03 25.42 -122.32
CA LYS LA 44 -29.16 24.50 -121.59
C LYS LA 44 -29.43 23.07 -122.01
N VAL LA 45 -28.40 22.23 -121.94
CA VAL LA 45 -28.51 20.80 -122.17
C VAL LA 45 -27.69 20.08 -121.11
N ARG LA 46 -28.30 19.09 -120.46
CA ARG LA 46 -27.66 18.40 -119.34
C ARG LA 46 -27.88 16.90 -119.45
N HIS LA 47 -26.96 16.15 -118.83
CA HIS LA 47 -27.01 14.70 -118.76
C HIS LA 47 -26.49 14.25 -117.40
N THR LA 48 -27.06 13.17 -116.85
CA THR LA 48 -26.53 12.63 -115.61
C THR LA 48 -27.30 11.35 -115.24
N LYS LA 49 -26.68 10.56 -114.36
CA LYS LA 49 -27.24 9.34 -113.78
C LYS LA 49 -27.46 9.52 -112.29
N GLU LA 50 -28.47 8.84 -111.75
CA GLU LA 50 -28.74 8.87 -110.33
C GLU LA 50 -27.72 8.05 -109.55
N SER LA 51 -27.57 8.38 -108.28
CA SER LA 51 -26.71 7.61 -107.39
C SER LA 51 -27.25 6.19 -107.24
N VAL LA 52 -26.34 5.21 -107.29
CA VAL LA 52 -26.73 3.81 -107.34
C VAL LA 52 -26.86 3.28 -105.92
N LYS LA 53 -27.87 2.45 -105.72
CA LYS LA 53 -28.15 1.73 -104.49
C LYS LA 53 -28.07 0.24 -104.76
N PRO LA 54 -27.86 -0.59 -103.74
CA PRO LA 54 -27.75 -2.02 -104.00
C PRO LA 54 -29.04 -2.59 -104.58
N ASN LA 55 -28.88 -3.64 -105.38
CA ASN LA 55 -29.94 -4.44 -105.98
C ASN LA 55 -31.18 -3.63 -106.40
N GLN LA 56 -30.99 -2.59 -107.22
CA GLN LA 56 -32.09 -2.02 -107.98
C GLN LA 56 -31.56 -1.55 -109.33
N VAL LA 57 -32.49 -1.32 -110.25
CA VAL LA 57 -32.13 -0.80 -111.56
C VAL LA 57 -31.62 0.63 -111.43
N GLN LA 58 -30.75 1.04 -112.35
CA GLN LA 58 -30.25 2.40 -112.38
C GLN LA 58 -30.55 3.04 -113.73
N TYR LA 59 -30.98 4.29 -113.70
CA TYR LA 59 -31.61 4.98 -114.81
C TYR LA 59 -30.69 6.07 -115.35
N GLU LA 60 -31.09 6.65 -116.48
CA GLU LA 60 -30.46 7.85 -117.03
C GLU LA 60 -31.54 8.91 -117.19
N ARG LA 61 -31.13 10.18 -117.17
CA ARG LA 61 -32.06 11.28 -117.42
C ARG LA 61 -31.44 12.25 -118.40
N HIS LA 62 -32.25 12.71 -119.36
CA HIS LA 62 -31.87 13.77 -120.28
C HIS LA 62 -32.81 14.96 -120.10
N ASN LA 63 -32.25 16.16 -120.21
CA ASN LA 63 -32.97 17.39 -119.91
C ASN LA 63 -32.62 18.46 -120.94
N VAL LA 64 -33.62 19.23 -121.34
CA VAL LA 64 -33.44 20.32 -122.30
C VAL LA 64 -34.30 21.50 -121.84
N GLU LA 65 -33.72 22.70 -121.90
CA GLU LA 65 -34.28 23.86 -121.21
C GLU LA 65 -34.17 25.12 -122.05
N PHE LA 66 -35.25 25.87 -122.13
CA PHE LA 66 -35.26 27.24 -122.63
C PHE LA 66 -35.72 28.18 -121.53
N THR LA 67 -35.20 29.40 -121.56
CA THR LA 67 -35.54 30.42 -120.58
C THR LA 67 -35.43 31.78 -121.26
N GLU LA 68 -36.26 32.73 -120.82
CA GLU LA 68 -36.27 34.07 -121.37
C GLU LA 68 -36.32 35.08 -120.23
N THR LA 69 -35.54 36.15 -120.33
CA THR LA 69 -35.52 37.20 -119.33
C THR LA 69 -36.01 38.51 -119.93
N VAL LA 70 -36.81 39.25 -119.16
CA VAL LA 70 -37.32 40.56 -119.55
C VAL LA 70 -36.83 41.57 -118.53
N TYR LA 71 -36.04 42.55 -118.98
CA TYR LA 71 -35.49 43.54 -118.07
C TYR LA 71 -36.57 44.48 -117.55
N ALA LA 72 -36.34 45.00 -116.35
CA ALA LA 72 -37.31 45.89 -115.72
C ALA LA 72 -37.47 47.16 -116.53
N SER LA 73 -38.70 47.67 -116.55
CA SER LA 73 -39.00 48.92 -117.26
C SER LA 73 -40.15 49.60 -116.52
N GLY LA 74 -39.85 50.72 -115.87
CA GLY LA 74 -40.84 51.43 -115.08
C GLY LA 74 -40.97 50.84 -113.69
N SER LA 75 -42.20 50.48 -113.30
CA SER LA 75 -42.47 49.87 -112.01
C SER LA 75 -42.53 48.35 -112.07
N THR LA 76 -42.36 47.75 -113.25
CA THR LA 76 -42.42 46.31 -113.40
C THR LA 76 -41.04 45.71 -113.21
N PRO LA 77 -40.82 44.87 -112.19
CA PRO LA 77 -39.48 44.29 -112.00
C PRO LA 77 -39.19 43.11 -112.91
N GLU LA 78 -38.06 42.46 -112.66
CA GLU LA 78 -37.61 41.33 -113.47
C GLU LA 78 -38.63 40.21 -113.44
N PHE LA 79 -38.76 39.52 -114.57
CA PHE LA 79 -39.52 38.27 -114.63
C PHE LA 79 -39.07 37.50 -115.86
N VAL LA 80 -39.37 36.20 -115.87
CA VAL LA 80 -38.83 35.29 -116.89
C VAL LA 80 -39.92 34.41 -117.45
N ARG LA 81 -39.57 33.70 -118.52
CA ARG LA 81 -40.43 32.68 -119.14
C ARG LA 81 -39.58 31.48 -119.53
N GLN LA 82 -39.92 30.33 -118.95
CA GLN LA 82 -39.12 29.12 -118.97
C GLN LA 82 -39.96 27.93 -119.41
N ALA LA 83 -39.31 26.94 -120.03
CA ALA LA 83 -39.98 25.73 -120.45
C ALA LA 83 -38.94 24.66 -120.72
N TYR LA 84 -39.12 23.45 -120.16
CA TYR LA 84 -38.10 22.41 -120.24
C TYR LA 84 -38.74 21.04 -120.35
N VAL LA 85 -37.95 20.09 -120.85
CA VAL LA 85 -38.38 18.70 -121.02
C VAL LA 85 -37.34 17.78 -120.38
N VAL LA 86 -37.81 16.65 -119.86
CA VAL LA 86 -36.97 15.65 -119.22
C VAL LA 86 -37.34 14.27 -119.77
N ILE LA 87 -36.33 13.43 -119.94
CA ILE LA 87 -36.51 12.04 -120.38
C ILE LA 87 -35.78 11.14 -119.40
N ARG LA 88 -36.43 10.06 -118.94
CA ARG LA 88 -35.79 9.11 -118.04
C ARG LA 88 -36.04 7.69 -118.52
N HIS LA 89 -34.98 6.89 -118.53
CA HIS LA 89 -35.03 5.50 -118.96
C HIS LA 89 -33.81 4.77 -118.40
N LYS LA 90 -33.92 3.44 -118.37
CA LYS LA 90 -32.87 2.63 -117.75
C LYS LA 90 -31.69 2.47 -118.69
N VAL LA 91 -30.52 2.22 -118.10
CA VAL LA 91 -29.31 2.02 -118.89
C VAL LA 91 -29.46 0.75 -119.71
N GLY LA 92 -29.01 0.82 -120.97
CA GLY LA 92 -29.05 -0.33 -121.85
C GLY LA 92 -30.39 -0.60 -122.51
N ASP LA 93 -31.38 0.27 -122.30
CA ASP LA 93 -32.68 0.06 -122.92
C ASP LA 93 -32.59 0.34 -124.42
N VAL LA 94 -33.59 -0.12 -125.15
CA VAL LA 94 -33.61 0.06 -126.60
C VAL LA 94 -33.92 1.51 -126.92
N SER LA 95 -33.09 2.12 -127.78
CA SER LA 95 -33.18 3.56 -128.02
C SER LA 95 -34.48 3.93 -128.72
N ALA LA 96 -34.92 3.09 -129.67
CA ALA LA 96 -36.04 3.49 -130.52
C ALA LA 96 -37.33 3.62 -129.71
N THR LA 97 -37.58 2.70 -128.79
CA THR LA 97 -38.80 2.78 -127.99
C THR LA 97 -38.78 4.01 -127.09
N VAL LA 98 -37.66 4.25 -126.42
CA VAL LA 98 -37.57 5.41 -125.54
C VAL LA 98 -37.58 6.70 -126.32
N SER LA 99 -37.33 6.64 -127.63
CA SER LA 99 -37.49 7.82 -128.47
C SER LA 99 -38.94 8.00 -128.90
N ASP LA 100 -39.62 6.90 -129.25
CA ASP LA 100 -41.03 6.98 -129.62
C ASP LA 100 -41.86 7.52 -128.48
N LEU LA 101 -41.58 7.06 -127.27
CA LEU LA 101 -41.99 7.82 -126.09
C LEU LA 101 -41.16 9.08 -126.02
N GLY LA 102 -41.80 10.20 -125.76
CA GLY LA 102 -41.14 11.47 -126.02
C GLY LA 102 -41.55 12.03 -127.36
N GLU LA 103 -41.45 11.22 -128.42
CA GLU LA 103 -42.01 11.62 -129.70
C GLU LA 103 -43.52 11.82 -129.59
N ALA LA 104 -44.19 10.89 -128.92
CA ALA LA 104 -45.62 11.04 -128.70
C ALA LA 104 -45.93 12.31 -127.93
N LEU LA 105 -45.14 12.60 -126.88
CA LEU LA 105 -45.37 13.80 -126.08
C LEU LA 105 -45.16 15.05 -126.92
N SER LA 106 -44.11 15.06 -127.75
CA SER LA 106 -43.86 16.21 -128.60
C SER LA 106 -45.00 16.44 -129.58
N PHE LA 107 -45.51 15.37 -130.19
CA PHE LA 107 -46.63 15.50 -131.11
C PHE LA 107 -47.92 15.92 -130.41
N TYR LA 108 -48.08 15.54 -129.14
CA TYR LA 108 -49.34 15.80 -128.46
C TYR LA 108 -49.50 17.28 -128.10
N LEU LA 109 -48.42 17.94 -127.71
CA LEU LA 109 -48.47 19.34 -127.32
C LEU LA 109 -48.55 20.24 -128.55
N ASN LA 110 -49.39 21.27 -128.48
CA ASN LA 110 -49.55 22.24 -129.57
C ASN LA 110 -50.34 23.42 -129.01
N GLU LA 111 -50.76 24.32 -129.90
CA GLU LA 111 -51.44 25.56 -129.49
C GLU LA 111 -52.58 25.33 -128.51
N ALA LA 112 -53.56 24.51 -128.91
CA ALA LA 112 -54.77 24.36 -128.09
C ALA LA 112 -54.43 23.85 -126.70
N LEU LA 113 -53.54 22.86 -126.62
CA LEU LA 113 -53.20 22.29 -125.31
C LEU LA 113 -52.52 23.32 -124.42
N TYR LA 114 -51.59 24.10 -124.98
CA TYR LA 114 -50.94 25.13 -124.16
C TYR LA 114 -51.96 26.16 -123.69
N GLY LA 115 -52.86 26.57 -124.58
CA GLY LA 115 -53.91 27.49 -124.18
C GLY LA 115 -54.75 26.95 -123.05
N LYS LA 116 -55.09 25.65 -123.11
CA LYS LA 116 -55.81 25.03 -122.02
C LYS LA 116 -54.98 25.06 -120.74
N LEU LA 117 -53.70 24.71 -120.83
CA LEU LA 117 -52.89 24.60 -119.62
C LEU LA 117 -52.76 25.93 -118.90
N ILE LA 118 -52.59 27.03 -119.65
CA ILE LA 118 -52.54 28.33 -118.99
C ILE LA 118 -53.85 28.59 -118.25
N GLY LA 119 -54.94 28.02 -118.74
CA GLY LA 119 -56.23 28.21 -118.10
C GLY LA 119 -56.50 27.32 -116.90
N TRP LA 120 -55.44 26.77 -116.28
CA TRP LA 120 -55.58 25.90 -115.12
C TRP LA 120 -56.60 24.78 -115.36
N GLU LA 121 -56.76 24.40 -116.62
CA GLU LA 121 -57.72 23.36 -117.00
C GLU LA 121 -57.08 22.00 -116.82
N SER LA 122 -57.39 21.33 -115.73
CA SER LA 122 -56.81 20.02 -115.44
C SER LA 122 -57.32 19.00 -116.47
N ALA MA 1 -9.01 21.54 -129.57
CA ALA MA 1 -9.20 22.25 -130.86
C ALA MA 1 -9.08 21.28 -132.05
N LEU MA 2 -9.03 19.99 -131.76
CA LEU MA 2 -8.92 19.01 -132.85
C LEU MA 2 -10.16 19.07 -133.75
N GLY MA 3 -11.34 19.21 -133.17
CA GLY MA 3 -12.58 19.21 -133.90
C GLY MA 3 -13.62 18.33 -133.23
N ASP MA 4 -14.86 18.50 -133.69
CA ASP MA 4 -15.99 17.79 -133.10
C ASP MA 4 -16.13 16.37 -133.63
N THR MA 5 -15.31 15.94 -134.58
CA THR MA 5 -15.35 14.58 -135.08
C THR MA 5 -13.93 14.01 -135.16
N LEU MA 6 -13.83 12.71 -134.89
CA LEU MA 6 -12.58 11.97 -134.94
C LEU MA 6 -12.86 10.65 -135.62
N THR MA 7 -12.17 10.39 -136.73
CA THR MA 7 -12.44 9.22 -137.56
C THR MA 7 -11.43 8.12 -137.28
N ILE MA 8 -11.93 6.93 -136.94
CA ILE MA 8 -11.12 5.75 -136.73
C ILE MA 8 -11.40 4.79 -137.87
N THR MA 9 -10.35 4.41 -138.59
CA THR MA 9 -10.45 3.49 -139.73
C THR MA 9 -9.88 2.14 -139.28
N LEU MA 10 -10.76 1.28 -138.78
CA LEU MA 10 -10.31 -0.03 -138.33
C LEU MA 10 -9.65 -0.80 -139.46
N GLY MA 11 -8.57 -1.50 -139.14
CA GLY MA 11 -7.83 -2.22 -140.14
C GLY MA 11 -6.87 -1.38 -140.94
N GLY MA 12 -6.45 -0.23 -140.42
CA GLY MA 12 -5.50 0.59 -141.14
C GLY MA 12 -6.13 1.24 -142.36
N SER MA 13 -5.25 1.64 -143.28
CA SER MA 13 -5.70 2.28 -144.51
C SER MA 13 -6.56 1.33 -145.33
N GLY MA 14 -7.59 1.88 -145.96
CA GLY MA 14 -8.50 1.09 -146.78
C GLY MA 14 -9.55 0.32 -146.01
N GLY MA 15 -9.73 0.60 -144.73
CA GLY MA 15 -10.63 -0.16 -143.88
C GLY MA 15 -12.02 0.45 -143.77
N THR MA 16 -12.64 0.23 -142.62
CA THR MA 16 -13.98 0.74 -142.33
C THR MA 16 -13.88 1.96 -141.41
N ALA MA 17 -14.60 3.02 -141.77
CA ALA MA 17 -14.53 4.26 -141.02
C ALA MA 17 -15.57 4.30 -139.91
N LYS MA 18 -15.16 4.81 -138.76
CA LYS MA 18 -16.04 5.08 -137.63
C LYS MA 18 -15.88 6.55 -137.25
N VAL MA 19 -16.99 7.28 -137.21
CA VAL MA 19 -16.94 8.71 -136.92
C VAL MA 19 -17.34 8.97 -135.48
N LEU MA 20 -16.35 9.06 -134.60
CA LEU MA 20 -16.60 9.42 -133.22
C LEU MA 20 -17.04 10.89 -133.15
N ARG MA 21 -17.74 11.24 -132.08
CA ARG MA 21 -18.25 12.60 -131.88
C ARG MA 21 -17.80 13.13 -130.52
N LYS MA 22 -17.41 14.40 -130.49
CA LYS MA 22 -16.97 14.99 -129.22
C LYS MA 22 -18.13 15.10 -128.25
N ILE MA 23 -17.84 14.83 -126.98
CA ILE MA 23 -18.81 14.87 -125.89
C ILE MA 23 -18.46 15.96 -124.87
N ASN MA 24 -17.23 15.92 -124.34
CA ASN MA 24 -16.88 16.84 -123.27
C ASN MA 24 -15.37 16.98 -123.21
N GLN MA 25 -14.93 18.12 -122.69
CA GLN MA 25 -13.50 18.40 -122.55
C GLN MA 25 -13.33 19.54 -121.54
N ASP MA 26 -12.82 19.22 -120.35
CA ASP MA 26 -12.66 20.22 -119.29
C ASP MA 26 -11.22 20.39 -118.86
N GLY MA 27 -10.52 19.34 -118.45
CA GLY MA 27 -9.21 19.48 -117.84
C GLY MA 27 -8.07 19.30 -118.82
N TYR MA 28 -8.06 20.09 -119.90
CA TYR MA 28 -7.11 19.92 -120.98
C TYR MA 28 -7.22 18.54 -121.61
N THR MA 29 -8.32 17.83 -121.35
CA THR MA 29 -8.57 16.50 -121.87
C THR MA 29 -9.83 16.52 -122.71
N SER MA 30 -9.85 15.70 -123.76
CA SER MA 30 -11.01 15.58 -124.64
C SER MA 30 -11.34 14.11 -124.84
N GLU MA 31 -12.63 13.81 -124.97
CA GLU MA 31 -13.06 12.44 -125.25
C GLU MA 31 -14.17 12.45 -126.29
N TYR MA 32 -14.17 11.42 -127.13
CA TYR MA 32 -15.14 11.24 -128.20
C TYR MA 32 -15.82 9.90 -127.98
N TYR MA 33 -17.11 9.79 -128.34
CA TYR MA 33 -17.88 8.58 -128.06
C TYR MA 33 -18.84 8.26 -129.20
N LEU MA 34 -19.14 6.96 -129.35
CA LEU MA 34 -20.07 6.46 -130.36
C LEU MA 34 -20.64 5.09 -129.97
N PRO MA 35 -21.95 4.91 -129.88
CA PRO MA 35 -22.52 3.58 -129.62
C PRO MA 35 -22.98 2.86 -130.87
N GLU MA 36 -23.12 1.54 -130.73
CA GLU MA 36 -23.62 0.68 -131.79
C GLU MA 36 -24.42 -0.45 -131.14
N THR MA 37 -24.86 -1.42 -131.96
CA THR MA 37 -25.70 -2.48 -131.42
C THR MA 37 -24.94 -3.38 -130.44
N SER MA 38 -23.76 -3.85 -130.83
CA SER MA 38 -23.01 -4.80 -130.02
C SER MA 38 -21.73 -4.22 -129.42
N SER MA 39 -21.40 -2.98 -129.73
CA SER MA 39 -20.18 -2.38 -129.21
C SER MA 39 -20.29 -0.86 -129.30
N SER MA 40 -19.35 -0.20 -128.65
CA SER MA 40 -19.26 1.25 -128.67
C SER MA 40 -17.80 1.66 -128.75
N PHE MA 41 -17.55 2.80 -129.37
CA PHE MA 41 -16.21 3.32 -129.53
C PHE MA 41 -16.04 4.59 -128.71
N ARG MA 42 -14.91 4.70 -128.03
CA ARG MA 42 -14.61 5.88 -127.22
C ARG MA 42 -13.13 6.20 -127.36
N ALA MA 43 -12.82 7.48 -127.49
CA ALA MA 43 -11.45 7.93 -127.63
C ALA MA 43 -11.21 9.13 -126.71
N LYS MA 44 -9.99 9.21 -126.17
CA LYS MA 44 -9.60 10.25 -125.24
C LYS MA 44 -8.29 10.89 -125.69
N VAL MA 45 -8.07 12.13 -125.25
CA VAL MA 45 -6.79 12.82 -125.40
C VAL MA 45 -6.46 13.50 -124.08
N ARG MA 46 -5.21 13.40 -123.65
CA ARG MA 46 -4.77 13.99 -122.39
C ARG MA 46 -3.45 14.72 -122.57
N HIS MA 47 -3.27 15.79 -121.79
CA HIS MA 47 -2.00 16.51 -121.68
C HIS MA 47 -1.68 16.71 -120.20
N THR MA 48 -0.41 16.65 -119.85
CA THR MA 48 -0.03 16.89 -118.46
C THR MA 48 1.44 17.26 -118.35
N LYS MA 49 1.79 17.80 -117.19
CA LYS MA 49 3.15 18.16 -116.82
C LYS MA 49 3.52 17.39 -115.56
N GLU MA 50 4.64 16.65 -115.60
CA GLU MA 50 5.04 15.94 -114.40
C GLU MA 50 5.45 16.89 -113.29
N SER MA 51 5.56 16.34 -112.08
CA SER MA 51 5.79 17.13 -110.89
C SER MA 51 7.12 17.88 -110.96
N VAL MA 52 7.10 19.11 -110.43
CA VAL MA 52 8.30 19.93 -110.32
C VAL MA 52 9.10 19.44 -109.12
N LYS MA 53 10.28 18.87 -109.37
CA LYS MA 53 11.16 18.54 -108.26
C LYS MA 53 12.25 19.61 -108.27
N PRO MA 54 12.85 19.97 -107.14
CA PRO MA 54 13.81 21.06 -107.19
C PRO MA 54 14.90 20.82 -108.22
N ASN MA 55 15.29 21.91 -108.90
CA ASN MA 55 16.48 22.04 -109.74
C ASN MA 55 16.90 20.89 -110.65
N GLN MA 56 16.00 20.44 -111.51
CA GLN MA 56 16.37 19.69 -112.72
C GLN MA 56 15.41 20.05 -113.83
N VAL MA 57 15.55 19.39 -114.98
CA VAL MA 57 14.72 19.75 -116.12
C VAL MA 57 13.24 19.50 -115.81
N GLN MA 58 12.39 20.21 -116.53
CA GLN MA 58 10.96 20.03 -116.48
C GLN MA 58 10.48 19.34 -117.75
N TYR MA 59 9.54 18.40 -117.62
CA TYR MA 59 9.08 17.56 -118.72
C TYR MA 59 7.59 17.71 -118.93
N GLU MA 60 7.11 17.26 -120.09
CA GLU MA 60 5.68 17.19 -120.37
C GLU MA 60 5.34 15.90 -121.10
N ARG MA 61 4.10 15.44 -120.93
CA ARG MA 61 3.60 14.16 -121.43
C ARG MA 61 2.34 14.38 -122.26
N HIS MA 62 2.23 13.69 -123.39
CA HIS MA 62 1.02 13.70 -124.22
C HIS MA 62 0.55 12.28 -124.49
N ASN MA 63 -0.74 12.04 -124.27
CA ASN MA 63 -1.32 10.70 -124.31
C ASN MA 63 -2.57 10.68 -125.19
N VAL MA 64 -2.76 9.58 -125.90
CA VAL MA 64 -3.95 9.34 -126.71
C VAL MA 64 -4.36 7.88 -126.57
N GLU MA 65 -5.66 7.62 -126.49
CA GLU MA 65 -6.18 6.31 -126.13
C GLU MA 65 -7.40 5.96 -126.98
N PHE MA 66 -7.46 4.71 -127.43
CA PHE MA 66 -8.63 4.15 -128.11
C PHE MA 66 -9.16 2.99 -127.28
N THR MA 67 -10.46 2.96 -127.04
CA THR MA 67 -11.12 1.90 -126.29
C THR MA 67 -12.30 1.36 -127.08
N GLU MA 68 -12.44 0.04 -127.08
CA GLU MA 68 -13.54 -0.66 -127.74
C GLU MA 68 -14.09 -1.71 -126.78
N THR MA 69 -15.40 -1.68 -126.54
CA THR MA 69 -16.04 -2.55 -125.57
C THR MA 69 -17.13 -3.37 -126.25
N VAL MA 70 -17.19 -4.65 -125.93
CA VAL MA 70 -18.15 -5.58 -126.48
C VAL MA 70 -19.11 -5.98 -125.37
N TYR MA 71 -20.40 -5.69 -125.54
CA TYR MA 71 -21.36 -5.97 -124.49
C TYR MA 71 -21.51 -7.47 -124.27
N ALA MA 72 -21.90 -7.82 -123.04
CA ALA MA 72 -22.12 -9.21 -122.69
C ALA MA 72 -23.18 -9.82 -123.59
N SER MA 73 -22.91 -11.03 -124.07
CA SER MA 73 -23.80 -11.74 -124.98
C SER MA 73 -23.92 -13.17 -124.48
N GLY MA 74 -25.07 -13.52 -123.90
CA GLY MA 74 -25.23 -14.84 -123.35
C GLY MA 74 -24.23 -15.08 -122.23
N SER MA 75 -23.54 -16.23 -122.30
CA SER MA 75 -22.59 -16.59 -121.26
C SER MA 75 -21.37 -15.68 -121.26
N THR MA 76 -20.93 -15.25 -122.44
CA THR MA 76 -19.68 -14.48 -122.54
C THR MA 76 -19.84 -13.15 -121.82
N PRO MA 77 -18.99 -12.84 -120.84
CA PRO MA 77 -19.18 -11.59 -120.08
C PRO MA 77 -18.54 -10.39 -120.76
N GLU MA 78 -18.59 -9.24 -120.11
CA GLU MA 78 -18.07 -8.00 -120.67
C GLU MA 78 -16.55 -8.10 -120.85
N PHE MA 79 -16.05 -7.50 -121.92
CA PHE MA 79 -14.61 -7.39 -122.14
C PHE MA 79 -14.35 -6.19 -123.04
N VAL MA 80 -13.09 -5.75 -123.04
CA VAL MA 80 -12.71 -4.48 -123.62
C VAL MA 80 -11.47 -4.67 -124.49
N ARG MA 81 -11.29 -3.74 -125.43
CA ARG MA 81 -10.07 -3.63 -126.22
C ARG MA 81 -9.56 -2.20 -126.14
N GLN MA 82 -8.24 -2.05 -126.13
CA GLN MA 82 -7.62 -0.78 -125.78
C GLN MA 82 -6.27 -0.67 -126.50
N ALA MA 83 -5.85 0.58 -126.72
CA ALA MA 83 -4.54 0.86 -127.31
C ALA MA 83 -4.22 2.35 -127.21
N TYR MA 84 -3.03 2.69 -126.70
CA TYR MA 84 -2.73 4.08 -126.40
C TYR MA 84 -1.26 4.37 -126.65
N VAL MA 85 -0.94 5.65 -126.78
CA VAL MA 85 0.42 6.12 -127.06
C VAL MA 85 0.74 7.28 -126.13
N VAL MA 86 2.01 7.37 -125.73
CA VAL MA 86 2.49 8.43 -124.84
C VAL MA 86 3.77 9.02 -125.44
N ILE MA 87 3.90 10.34 -125.36
CA ILE MA 87 5.07 11.06 -125.83
C ILE MA 87 5.58 11.93 -124.69
N ARG MA 88 6.88 11.87 -124.41
CA ARG MA 88 7.46 12.57 -123.26
C ARG MA 88 8.72 13.29 -123.72
N HIS MA 89 8.81 14.59 -123.39
CA HIS MA 89 9.95 15.41 -123.78
C HIS MA 89 9.98 16.65 -122.89
N LYS MA 90 11.15 17.29 -122.83
CA LYS MA 90 11.38 18.37 -121.88
C LYS MA 90 10.82 19.69 -122.41
N VAL MA 91 10.54 20.59 -121.46
CA VAL MA 91 9.98 21.89 -121.81
C VAL MA 91 11.01 22.69 -122.58
N GLY MA 92 10.54 23.42 -123.59
CA GLY MA 92 11.40 24.25 -124.41
C GLY MA 92 12.15 23.51 -125.50
N ASP MA 93 11.97 22.20 -125.62
CA ASP MA 93 12.66 21.44 -126.65
C ASP MA 93 12.22 21.92 -128.03
N VAL MA 94 12.81 21.31 -129.06
CA VAL MA 94 12.49 21.66 -130.45
C VAL MA 94 11.40 20.72 -130.93
N SER MA 95 10.34 21.29 -131.51
CA SER MA 95 9.15 20.51 -131.84
C SER MA 95 9.45 19.44 -132.90
N ALA MA 96 10.14 19.83 -133.97
CA ALA MA 96 10.33 18.92 -135.10
C ALA MA 96 11.15 17.69 -134.70
N THR MA 97 12.22 17.90 -133.92
CA THR MA 97 13.03 16.75 -133.49
C THR MA 97 12.20 15.79 -132.64
N VAL MA 98 11.42 16.32 -131.69
CA VAL MA 98 10.58 15.46 -130.87
C VAL MA 98 9.60 14.69 -131.75
N SER MA 99 9.05 15.37 -132.76
CA SER MA 99 8.07 14.72 -133.63
C SER MA 99 8.72 13.63 -134.49
N ASP MA 100 10.01 13.77 -134.81
CA ASP MA 100 10.66 12.78 -135.65
C ASP MA 100 10.67 11.39 -134.99
N LEU MA 101 10.93 11.34 -133.69
CA LEU MA 101 10.92 10.07 -132.98
C LEU MA 101 9.56 9.41 -133.06
N GLY MA 102 8.50 10.18 -132.84
CA GLY MA 102 7.16 9.62 -132.93
C GLY MA 102 6.82 9.15 -134.33
N GLU MA 103 7.25 9.90 -135.35
CA GLU MA 103 7.00 9.47 -136.71
C GLU MA 103 7.70 8.16 -137.01
N ALA MA 104 8.95 8.02 -136.55
CA ALA MA 104 9.66 6.77 -136.73
C ALA MA 104 8.93 5.62 -136.04
N LEU MA 105 8.47 5.85 -134.81
CA LEU MA 105 7.74 4.81 -134.11
C LEU MA 105 6.49 4.40 -134.87
N SER MA 106 5.74 5.39 -135.38
CA SER MA 106 4.52 5.08 -136.12
C SER MA 106 4.86 4.31 -137.40
N PHE MA 107 5.96 4.65 -138.05
CA PHE MA 107 6.33 3.97 -139.29
C PHE MA 107 6.78 2.54 -139.02
N TYR MA 108 7.38 2.29 -137.86
CA TYR MA 108 7.80 0.93 -137.52
C TYR MA 108 6.62 -0.01 -137.35
N LEU MA 109 5.59 0.40 -136.60
CA LEU MA 109 4.48 -0.48 -136.29
C LEU MA 109 3.62 -0.69 -137.54
N ASN MA 110 3.35 -1.95 -137.87
CA ASN MA 110 2.54 -2.29 -139.03
C ASN MA 110 1.91 -3.67 -138.80
N GLU MA 111 1.31 -4.21 -139.84
CA GLU MA 111 0.55 -5.46 -139.76
C GLU MA 111 1.39 -6.60 -139.22
N ALA MA 112 2.48 -6.93 -139.94
CA ALA MA 112 3.30 -8.06 -139.56
C ALA MA 112 3.86 -7.90 -138.16
N LEU MA 113 4.34 -6.69 -137.83
CA LEU MA 113 4.86 -6.47 -136.49
C LEU MA 113 3.79 -6.67 -135.43
N TYR MA 114 2.59 -6.15 -135.67
CA TYR MA 114 1.52 -6.32 -134.69
C TYR MA 114 1.19 -7.79 -134.49
N GLY MA 115 1.08 -8.55 -135.58
CA GLY MA 115 0.77 -9.96 -135.44
C GLY MA 115 1.86 -10.71 -134.69
N LYS MA 116 3.11 -10.48 -135.08
CA LYS MA 116 4.21 -11.17 -134.42
C LYS MA 116 4.34 -10.75 -132.96
N LEU MA 117 3.98 -9.52 -132.64
CA LEU MA 117 4.04 -9.06 -131.26
C LEU MA 117 2.93 -9.69 -130.42
N ILE MA 118 1.75 -9.83 -131.00
CA ILE MA 118 0.70 -10.62 -130.34
C ILE MA 118 1.17 -12.05 -130.15
N GLY MA 119 2.05 -12.52 -131.03
CA GLY MA 119 2.64 -13.84 -130.88
C GLY MA 119 3.58 -14.02 -129.70
N TRP MA 120 3.72 -13.00 -128.85
CA TRP MA 120 4.58 -13.02 -127.66
C TRP MA 120 6.07 -13.03 -127.99
N GLU MA 121 6.44 -12.88 -129.25
CA GLU MA 121 7.85 -12.84 -129.60
C GLU MA 121 8.52 -11.63 -128.95
N SER MA 122 9.69 -11.85 -128.36
CA SER MA 122 10.45 -10.79 -127.74
C SER MA 122 11.80 -10.66 -128.45
N ALA NA 1 -61.96 20.26 -117.50
CA ALA NA 1 -62.48 19.50 -118.66
C ALA NA 1 -61.36 18.72 -119.34
N LEU NA 2 -60.90 19.18 -120.51
CA LEU NA 2 -59.85 18.50 -121.28
C LEU NA 2 -60.30 17.16 -121.84
N GLY NA 3 -61.58 16.83 -121.73
CA GLY NA 3 -62.08 15.54 -122.14
C GLY NA 3 -61.77 14.47 -121.11
N ASP NA 4 -62.42 13.32 -121.29
CA ASP NA 4 -62.21 12.17 -120.44
C ASP NA 4 -61.41 11.05 -121.10
N THR NA 5 -61.00 11.23 -122.35
CA THR NA 5 -60.08 10.31 -123.01
C THR NA 5 -58.92 11.09 -123.63
N LEU NA 6 -57.72 10.56 -123.45
CA LEU NA 6 -56.50 11.13 -124.00
C LEU NA 6 -55.81 10.08 -124.85
N THR NA 7 -55.34 10.49 -126.02
CA THR NA 7 -54.77 9.58 -127.00
C THR NA 7 -53.26 9.74 -127.05
N ILE NA 8 -52.57 8.60 -127.01
CA ILE NA 8 -51.11 8.56 -127.12
C ILE NA 8 -50.80 7.86 -128.42
N THR NA 9 -50.12 8.55 -129.33
CA THR NA 9 -49.72 7.97 -130.60
C THR NA 9 -48.21 7.72 -130.51
N LEU NA 10 -47.83 6.51 -130.11
CA LEU NA 10 -46.42 6.20 -129.97
C LEU NA 10 -45.71 6.37 -131.30
N GLY NA 11 -44.51 6.94 -131.24
CA GLY NA 11 -43.77 7.21 -132.46
C GLY NA 11 -44.26 8.40 -133.24
N GLY NA 12 -44.83 9.40 -132.58
CA GLY NA 12 -45.26 10.59 -133.29
C GLY NA 12 -46.41 10.30 -134.24
N SER NA 13 -46.49 11.10 -135.29
CA SER NA 13 -47.59 10.97 -136.24
C SER NA 13 -47.51 9.64 -136.97
N GLY NA 14 -48.67 9.07 -137.27
CA GLY NA 14 -48.77 7.85 -138.03
C GLY NA 14 -48.55 6.57 -137.25
N GLY NA 15 -48.43 6.64 -135.93
CA GLY NA 15 -48.08 5.50 -135.11
C GLY NA 15 -49.29 4.77 -134.57
N THR NA 16 -49.02 3.90 -133.59
CA THR NA 16 -50.08 3.17 -132.90
C THR NA 16 -50.74 4.07 -131.86
N ALA NA 17 -52.06 3.98 -131.75
CA ALA NA 17 -52.84 4.83 -130.86
C ALA NA 17 -53.19 4.08 -129.59
N LYS NA 18 -53.02 4.76 -128.45
CA LYS NA 18 -53.39 4.23 -127.14
C LYS NA 18 -54.34 5.22 -126.49
N VAL NA 19 -55.44 4.71 -125.93
CA VAL NA 19 -56.49 5.53 -125.32
C VAL NA 19 -56.47 5.28 -123.82
N LEU NA 20 -56.45 6.36 -123.05
CA LEU NA 20 -56.48 6.29 -121.59
C LEU NA 20 -57.76 6.90 -121.06
N ARG NA 21 -58.29 6.32 -119.97
CA ARG NA 21 -59.55 6.74 -119.37
C ARG NA 21 -59.29 7.48 -118.07
N LYS NA 22 -60.11 8.50 -117.79
CA LYS NA 22 -59.96 9.24 -116.54
C LYS NA 22 -60.34 8.39 -115.34
N ILE NA 23 -59.67 8.64 -114.23
CA ILE NA 23 -59.75 7.80 -113.04
C ILE NA 23 -60.22 8.64 -111.86
N ASN NA 24 -59.42 9.64 -111.50
CA ASN NA 24 -59.67 10.46 -110.32
C ASN NA 24 -59.24 11.89 -110.61
N GLN NA 25 -59.67 12.82 -109.76
CA GLN NA 25 -59.31 14.23 -109.90
C GLN NA 25 -59.20 14.83 -108.49
N ASP NA 26 -57.97 15.07 -108.06
CA ASP NA 26 -57.71 15.62 -106.72
C ASP NA 26 -56.63 16.67 -106.79
N GLY NA 27 -56.79 17.73 -106.00
CA GLY NA 27 -55.74 18.72 -105.82
C GLY NA 27 -55.27 19.38 -107.11
N TYR NA 28 -56.20 19.82 -107.94
CA TYR NA 28 -55.88 20.40 -109.24
C TYR NA 28 -55.05 19.43 -110.08
N THR NA 29 -55.33 18.13 -109.94
CA THR NA 29 -54.60 17.09 -110.65
C THR NA 29 -55.59 16.12 -111.27
N SER NA 30 -55.23 15.59 -112.44
CA SER NA 30 -56.03 14.58 -113.13
C SER NA 30 -55.09 13.48 -113.60
N GLU NA 31 -55.59 12.24 -113.65
CA GLU NA 31 -54.80 11.15 -114.20
C GLU NA 31 -55.69 10.22 -115.01
N TYR NA 32 -55.11 9.68 -116.08
CA TYR NA 32 -55.77 8.79 -117.02
C TYR NA 32 -55.03 7.45 -116.99
N TYR NA 33 -55.76 6.34 -117.16
CA TYR NA 33 -55.14 5.03 -117.00
C TYR NA 33 -55.61 4.07 -118.09
N LEU NA 34 -54.85 3.00 -118.29
CA LEU NA 34 -55.11 1.97 -119.30
C LEU NA 34 -54.47 0.63 -118.92
N PRO NA 35 -55.25 -0.43 -118.67
CA PRO NA 35 -54.64 -1.73 -118.39
C PRO NA 35 -54.05 -2.38 -119.64
N GLU NA 36 -53.17 -3.34 -119.40
CA GLU NA 36 -52.51 -4.09 -120.46
C GLU NA 36 -51.95 -5.38 -119.87
N THR NA 37 -51.70 -6.37 -120.74
CA THR NA 37 -51.22 -7.66 -120.27
C THR NA 37 -49.80 -7.57 -119.74
N SER NA 38 -48.90 -6.90 -120.47
CA SER NA 38 -47.49 -6.87 -120.13
C SER NA 38 -46.99 -5.52 -119.65
N SER NA 39 -47.75 -4.44 -119.86
CA SER NA 39 -47.31 -3.11 -119.49
C SER NA 39 -48.53 -2.33 -118.98
N SER NA 40 -48.38 -1.01 -118.93
CA SER NA 40 -49.47 -0.13 -118.48
C SER NA 40 -49.11 1.30 -118.85
N PHE NA 41 -50.13 2.09 -119.19
CA PHE NA 41 -49.96 3.50 -119.49
C PHE NA 41 -50.73 4.36 -118.50
N ARG NA 42 -50.08 5.41 -118.00
CA ARG NA 42 -50.70 6.38 -117.12
C ARG NA 42 -50.31 7.78 -117.58
N ALA NA 43 -51.12 8.76 -117.21
CA ALA NA 43 -50.81 10.17 -117.42
C ALA NA 43 -51.17 10.95 -116.17
N LYS NA 44 -50.45 12.07 -115.96
CA LYS NA 44 -50.73 13.00 -114.89
C LYS NA 44 -50.79 14.40 -115.48
N VAL NA 45 -51.68 15.23 -114.93
CA VAL NA 45 -51.61 16.67 -115.16
C VAL NA 45 -51.69 17.34 -113.80
N ARG NA 46 -50.70 18.16 -113.48
CA ARG NA 46 -50.67 18.85 -112.21
C ARG NA 46 -50.53 20.34 -112.44
N HIS NA 47 -51.20 21.11 -111.58
CA HIS NA 47 -51.00 22.53 -111.44
C HIS NA 47 -50.66 22.84 -110.00
N THR NA 48 -49.74 23.78 -109.82
CA THR NA 48 -49.23 24.09 -108.49
C THR NA 48 -48.99 25.58 -108.43
N LYS NA 49 -48.96 26.11 -107.20
CA LYS NA 49 -48.79 27.54 -106.97
C LYS NA 49 -47.78 27.72 -105.86
N GLU NA 50 -46.84 28.64 -106.07
CA GLU NA 50 -45.84 28.96 -105.07
C GLU NA 50 -46.38 30.02 -104.10
N SER NA 51 -45.74 30.09 -102.93
CA SER NA 51 -46.21 30.96 -101.87
C SER NA 51 -46.02 32.43 -102.22
N VAL NA 52 -46.80 33.27 -101.55
CA VAL NA 52 -46.68 34.72 -101.70
C VAL NA 52 -45.56 35.23 -100.81
N LYS NA 53 -44.76 36.15 -101.34
CA LYS NA 53 -43.72 36.83 -100.59
C LYS NA 53 -43.95 38.33 -100.67
N PRO NA 54 -43.53 39.07 -99.65
CA PRO NA 54 -43.84 40.52 -99.61
C PRO NA 54 -43.23 41.31 -100.75
N ASN NA 55 -42.03 40.97 -101.21
CA ASN NA 55 -41.29 41.80 -102.14
C ASN NA 55 -40.67 40.99 -103.27
N GLN NA 56 -41.40 39.98 -103.76
CA GLN NA 56 -40.91 39.14 -104.85
C GLN NA 56 -42.05 38.94 -105.85
N VAL NA 57 -41.67 38.62 -107.08
CA VAL NA 57 -42.66 38.48 -108.17
C VAL NA 57 -43.37 37.13 -108.01
N GLN NA 58 -44.64 37.07 -108.40
CA GLN NA 58 -45.49 35.94 -108.02
C GLN NA 58 -45.70 35.02 -109.22
N TYR NA 59 -45.55 33.72 -109.01
CA TYR NA 59 -45.44 32.74 -110.09
C TYR NA 59 -46.46 31.63 -109.97
N GLU NA 60 -46.61 30.88 -111.07
CA GLU NA 60 -47.33 29.60 -111.09
C GLU NA 60 -46.72 28.68 -112.14
N ARG NA 61 -46.92 27.37 -111.98
CA ARG NA 61 -46.24 26.33 -112.73
C ARG NA 61 -47.22 25.27 -113.23
N HIS NA 62 -46.99 24.74 -114.44
CA HIS NA 62 -47.74 23.62 -115.01
C HIS NA 62 -46.81 22.48 -115.38
N ASN NA 63 -47.26 21.24 -115.14
CA ASN NA 63 -46.46 20.04 -115.34
C ASN NA 63 -47.27 18.93 -115.99
N VAL NA 64 -46.61 18.10 -116.79
CA VAL NA 64 -47.22 16.94 -117.47
C VAL NA 64 -46.16 15.88 -117.70
N GLU NA 65 -46.47 14.62 -117.38
CA GLU NA 65 -45.58 13.51 -117.69
C GLU NA 65 -46.37 12.27 -118.12
N PHE NA 66 -45.75 11.49 -119.00
CA PHE NA 66 -46.25 10.19 -119.44
C PHE NA 66 -45.41 9.10 -118.78
N THR NA 67 -46.06 8.08 -118.24
CA THR NA 67 -45.39 6.97 -117.57
C THR NA 67 -45.77 5.66 -118.24
N GLU NA 68 -44.79 4.76 -118.36
CA GLU NA 68 -45.00 3.45 -118.98
C GLU NA 68 -44.24 2.42 -118.16
N THR NA 69 -44.97 1.50 -117.53
CA THR NA 69 -44.37 0.48 -116.68
C THR NA 69 -44.46 -0.87 -117.36
N VAL NA 70 -43.37 -1.64 -117.32
CA VAL NA 70 -43.31 -2.97 -117.89
C VAL NA 70 -43.21 -3.97 -116.74
N TYR NA 71 -44.15 -4.90 -116.69
CA TYR NA 71 -44.22 -5.83 -115.57
C TYR NA 71 -43.02 -6.77 -115.56
N ALA NA 72 -42.58 -7.14 -114.36
CA ALA NA 72 -41.43 -8.03 -114.22
C ALA NA 72 -41.71 -9.36 -114.90
N SER NA 73 -40.75 -9.82 -115.70
CA SER NA 73 -40.86 -11.08 -116.42
C SER NA 73 -39.56 -11.85 -116.24
N GLY NA 74 -39.66 -13.06 -115.69
CA GLY NA 74 -38.47 -13.88 -115.49
C GLY NA 74 -37.49 -13.18 -114.57
N SER NA 75 -36.21 -13.20 -114.96
CA SER NA 75 -35.17 -12.59 -114.14
C SER NA 75 -35.21 -11.07 -114.21
N THR NA 76 -35.65 -10.52 -115.33
CA THR NA 76 -35.67 -9.07 -115.49
C THR NA 76 -36.67 -8.44 -114.52
N PRO NA 77 -36.25 -7.50 -113.66
CA PRO NA 77 -37.21 -6.91 -112.72
C PRO NA 77 -38.09 -5.83 -113.34
N GLU NA 78 -38.84 -5.15 -112.51
CA GLU NA 78 -39.70 -4.05 -112.96
C GLU NA 78 -38.85 -2.92 -113.51
N PHE NA 79 -39.36 -2.23 -114.54
CA PHE NA 79 -38.71 -1.01 -115.01
C PHE NA 79 -39.74 -0.16 -115.73
N VAL NA 80 -39.44 1.14 -115.83
CA VAL NA 80 -40.40 2.13 -116.29
C VAL NA 80 -39.71 3.12 -117.24
N ARG NA 81 -40.52 3.77 -118.06
CA ARG NA 81 -40.08 4.91 -118.87
C ARG NA 81 -41.00 6.10 -118.66
N GLN NA 82 -40.39 7.30 -118.68
CA GLN NA 82 -41.10 8.56 -118.48
C GLN NA 82 -40.68 9.58 -119.55
N ALA NA 83 -41.43 10.68 -119.62
CA ALA NA 83 -41.07 11.83 -120.43
C ALA NA 83 -42.00 12.98 -120.07
N TYR NA 84 -41.45 14.13 -119.67
CA TYR NA 84 -42.31 15.17 -119.13
C TYR NA 84 -41.84 16.57 -119.50
N VAL NA 85 -42.77 17.50 -119.43
CA VAL NA 85 -42.54 18.93 -119.69
C VAL NA 85 -43.11 19.74 -118.55
N VAL NA 86 -42.54 20.92 -118.33
CA VAL NA 86 -43.00 21.85 -117.29
C VAL NA 86 -42.96 23.26 -117.87
N ILE NA 87 -43.86 24.12 -117.41
CA ILE NA 87 -43.93 25.52 -117.82
C ILE NA 87 -44.17 26.38 -116.59
N ARG NA 88 -43.47 27.50 -116.51
CA ARG NA 88 -43.63 28.43 -115.40
C ARG NA 88 -43.52 29.88 -115.89
N HIS NA 89 -44.38 30.72 -115.31
CA HIS NA 89 -44.50 32.13 -115.68
C HIS NA 89 -45.33 32.83 -114.63
N LYS NA 90 -45.32 34.16 -114.65
CA LYS NA 90 -45.96 34.92 -113.59
C LYS NA 90 -47.47 34.90 -113.76
N VAL NA 91 -48.17 35.32 -112.71
CA VAL NA 91 -49.62 35.17 -112.65
C VAL NA 91 -50.29 36.08 -113.68
N GLY NA 92 -49.83 37.32 -113.78
CA GLY NA 92 -50.46 38.31 -114.63
C GLY NA 92 -49.97 38.38 -116.06
N ASP NA 93 -49.11 37.46 -116.48
CA ASP NA 93 -48.55 37.54 -117.82
C ASP NA 93 -49.61 37.29 -118.87
N VAL NA 94 -49.25 37.57 -120.12
CA VAL NA 94 -50.13 37.31 -121.26
C VAL NA 94 -49.84 35.90 -121.78
N SER NA 95 -50.91 35.17 -122.10
CA SER NA 95 -50.76 33.75 -122.41
C SER NA 95 -50.16 33.53 -123.80
N ALA NA 96 -50.30 34.50 -124.71
CA ALA NA 96 -49.86 34.29 -126.08
C ALA NA 96 -48.35 34.04 -126.16
N THR NA 97 -47.56 34.86 -125.46
CA THR NA 97 -46.11 34.70 -125.52
C THR NA 97 -45.68 33.39 -124.88
N VAL NA 98 -46.32 33.00 -123.77
CA VAL NA 98 -45.99 31.73 -123.14
C VAL NA 98 -46.29 30.58 -124.09
N SER NA 99 -47.43 30.64 -124.77
CA SER NA 99 -47.77 29.60 -125.73
C SER NA 99 -46.75 29.56 -126.87
N ASP NA 100 -46.29 30.73 -127.32
CA ASP NA 100 -45.30 30.76 -128.39
C ASP NA 100 -44.00 30.09 -127.95
N LEU NA 101 -43.54 30.39 -126.73
CA LEU NA 101 -42.33 29.75 -126.22
C LEU NA 101 -42.50 28.23 -126.13
N GLY NA 102 -43.63 27.78 -125.58
CA GLY NA 102 -43.87 26.35 -125.49
C GLY NA 102 -43.94 25.69 -126.85
N GLU NA 103 -44.59 26.36 -127.81
CA GLU NA 103 -44.69 25.84 -129.16
C GLU NA 103 -43.32 25.72 -129.81
N ALA NA 104 -42.45 26.71 -129.59
CA ALA NA 104 -41.09 26.62 -130.10
C ALA NA 104 -40.38 25.41 -129.50
N LEU NA 105 -40.49 25.21 -128.19
CA LEU NA 105 -39.83 24.08 -127.56
C LEU NA 105 -40.36 22.77 -128.14
N SER NA 106 -41.67 22.68 -128.34
CA SER NA 106 -42.25 21.47 -128.93
C SER NA 106 -41.75 21.25 -130.35
N PHE NA 107 -41.66 22.32 -131.13
CA PHE NA 107 -41.26 22.20 -132.54
C PHE NA 107 -39.79 21.82 -132.66
N TYR NA 108 -38.96 22.21 -131.69
CA TYR NA 108 -37.55 21.85 -131.72
C TYR NA 108 -37.37 20.34 -131.65
N LEU NA 109 -38.06 19.69 -130.72
CA LEU NA 109 -37.85 18.26 -130.49
C LEU NA 109 -38.42 17.44 -131.64
N ASN NA 110 -37.69 16.38 -132.00
CA ASN NA 110 -38.08 15.51 -133.12
C ASN NA 110 -37.25 14.23 -133.02
N GLU NA 111 -37.32 13.39 -134.04
CA GLU NA 111 -36.59 12.13 -134.02
C GLU NA 111 -35.08 12.36 -134.06
N ALA NA 112 -34.62 13.25 -134.94
CA ALA NA 112 -33.17 13.44 -135.08
C ALA NA 112 -32.56 13.93 -133.77
N LEU NA 113 -33.17 14.94 -133.16
CA LEU NA 113 -32.62 15.47 -131.92
C LEU NA 113 -32.69 14.44 -130.80
N TYR NA 114 -33.79 13.69 -130.74
CA TYR NA 114 -33.94 12.70 -129.67
C TYR NA 114 -32.87 11.62 -129.80
N GLY NA 115 -32.64 11.15 -131.02
CA GLY NA 115 -31.58 10.17 -131.24
C GLY NA 115 -30.21 10.72 -130.87
N LYS NA 116 -29.93 11.96 -131.25
CA LYS NA 116 -28.64 12.54 -130.91
C LYS NA 116 -28.48 12.68 -129.40
N LEU NA 117 -29.55 13.11 -128.72
CA LEU NA 117 -29.48 13.29 -127.27
C LEU NA 117 -29.25 11.96 -126.55
N ILE NA 118 -29.91 10.89 -127.02
CA ILE NA 118 -29.64 9.58 -126.43
C ILE NA 118 -28.18 9.20 -126.62
N GLY NA 119 -27.54 9.76 -127.64
CA GLY NA 119 -26.13 9.49 -127.89
C GLY NA 119 -25.17 10.35 -127.10
N TRP NA 120 -25.65 10.99 -126.02
CA TRP NA 120 -24.80 11.80 -125.15
C TRP NA 120 -24.18 12.99 -125.88
N GLU NA 121 -24.85 13.49 -126.91
CA GLU NA 121 -24.43 14.71 -127.58
C GLU NA 121 -24.97 15.91 -126.82
N SER NA 122 -24.08 16.85 -126.49
CA SER NA 122 -24.48 18.03 -125.72
C SER NA 122 -24.03 19.31 -126.41
N ALA OA 1 -72.59 18.76 -108.81
CA ALA OA 1 -73.23 18.30 -110.07
C ALA OA 1 -74.04 19.42 -110.72
N LEU OA 2 -73.64 20.67 -110.45
CA LEU OA 2 -74.33 21.82 -111.03
C LEU OA 2 -74.00 22.00 -112.50
N GLY OA 3 -72.90 21.42 -112.98
CA GLY OA 3 -72.46 21.65 -114.34
C GLY OA 3 -70.99 22.07 -114.42
N ASP OA 4 -70.35 21.76 -115.55
CA ASP OA 4 -68.92 22.02 -115.71
C ASP OA 4 -68.62 23.44 -116.17
N THR OA 5 -69.63 24.25 -116.48
CA THR OA 5 -69.45 25.68 -116.68
C THR OA 5 -70.42 26.44 -115.77
N LEU OA 6 -69.89 27.44 -115.06
CA LEU OA 6 -70.68 28.34 -114.23
C LEU OA 6 -70.68 29.71 -114.88
N THR OA 7 -71.87 30.27 -115.10
CA THR OA 7 -72.04 31.51 -115.81
C THR OA 7 -72.38 32.62 -114.83
N ILE OA 8 -71.60 33.70 -114.85
CA ILE OA 8 -71.81 34.87 -114.02
C ILE OA 8 -72.06 36.06 -114.94
N THR OA 9 -73.12 36.81 -114.66
CA THR OA 9 -73.51 37.96 -115.46
C THR OA 9 -73.28 39.22 -114.64
N LEU OA 10 -72.17 39.91 -114.90
CA LEU OA 10 -71.86 41.13 -114.17
C LEU OA 10 -72.90 42.20 -114.48
N GLY OA 11 -73.11 43.08 -113.52
CA GLY OA 11 -74.15 44.11 -113.67
C GLY OA 11 -75.56 43.54 -113.70
N GLY OA 12 -75.86 42.60 -112.82
CA GLY OA 12 -77.22 42.11 -112.73
C GLY OA 12 -77.63 41.36 -113.99
N SER OA 13 -78.89 41.59 -114.38
CA SER OA 13 -79.45 40.94 -115.56
C SER OA 13 -79.16 41.72 -116.84
N GLY OA 14 -78.41 42.80 -116.77
CA GLY OA 14 -78.11 43.59 -117.94
C GLY OA 14 -77.37 42.82 -119.02
N GLY OA 15 -76.13 42.43 -118.74
CA GLY OA 15 -75.31 41.72 -119.70
C GLY OA 15 -73.95 41.38 -119.15
N THR OA 16 -72.94 41.31 -120.03
CA THR OA 16 -71.56 41.04 -119.64
C THR OA 16 -71.45 39.68 -118.94
N ALA OA 17 -71.78 38.64 -119.70
CA ALA OA 17 -71.75 37.27 -119.19
C ALA OA 17 -70.34 36.68 -119.31
N LYS OA 18 -69.90 36.05 -118.22
CA LYS OA 18 -68.61 35.36 -118.16
C LYS OA 18 -68.85 33.90 -117.81
N VAL OA 19 -68.14 33.00 -118.49
CA VAL OA 19 -68.33 31.57 -118.34
C VAL OA 19 -67.06 30.99 -117.74
N LEU OA 20 -67.14 30.54 -116.48
CA LEU OA 20 -66.00 29.90 -115.85
C LEU OA 20 -66.00 28.41 -116.17
N ARG OA 21 -64.85 27.78 -115.95
CA ARG OA 21 -64.65 26.35 -116.17
C ARG OA 21 -64.31 25.69 -114.84
N LYS OA 22 -64.83 24.47 -114.65
CA LYS OA 22 -64.46 23.72 -113.46
C LYS OA 22 -63.01 23.28 -113.53
N ILE OA 23 -62.30 23.44 -112.41
CA ILE OA 23 -60.89 23.05 -112.34
C ILE OA 23 -60.58 22.14 -111.17
N ASN OA 24 -61.45 22.01 -110.17
CA ASN OA 24 -61.21 21.12 -109.05
C ASN OA 24 -62.54 20.70 -108.44
N GLN OA 25 -62.52 19.55 -107.76
CA GLN OA 25 -63.68 19.13 -106.96
C GLN OA 25 -63.18 18.15 -105.90
N ASP OA 26 -63.10 18.61 -104.66
CA ASP OA 26 -62.63 17.79 -103.54
C ASP OA 26 -63.50 18.05 -102.33
N GLY OA 27 -63.97 16.97 -101.69
CA GLY OA 27 -64.63 17.10 -100.40
C GLY OA 27 -65.91 17.91 -100.40
N TYR OA 28 -66.82 17.63 -101.33
CA TYR OA 28 -68.08 18.35 -101.41
C TYR OA 28 -67.85 19.84 -101.67
N THR OA 29 -66.89 20.13 -102.53
CA THR OA 29 -66.52 21.50 -102.87
C THR OA 29 -66.29 21.58 -104.38
N SER OA 30 -66.49 22.76 -104.94
CA SER OA 30 -66.31 22.97 -106.37
C SER OA 30 -65.54 24.26 -106.59
N GLU OA 31 -64.85 24.33 -107.71
CA GLU OA 31 -63.94 25.43 -108.02
C GLU OA 31 -64.06 25.76 -109.49
N TYR OA 32 -64.27 27.04 -109.80
CA TYR OA 32 -64.41 27.54 -111.16
C TYR OA 32 -63.46 28.71 -111.36
N TYR OA 33 -62.89 28.83 -112.56
CA TYR OA 33 -61.86 29.84 -112.79
C TYR OA 33 -61.87 30.27 -114.25
N LEU OA 34 -61.53 31.54 -114.51
CA LEU OA 34 -61.42 32.07 -115.86
C LEU OA 34 -60.48 33.29 -115.89
N PRO OA 35 -59.38 33.24 -116.65
CA PRO OA 35 -58.47 34.38 -116.69
C PRO OA 35 -58.77 35.33 -117.85
N GLU OA 36 -58.41 36.59 -117.65
CA GLU OA 36 -58.55 37.62 -118.68
C GLU OA 36 -57.26 38.45 -118.75
N THR OA 37 -57.26 39.49 -119.58
CA THR OA 37 -56.04 40.29 -119.73
C THR OA 37 -55.71 41.05 -118.46
N SER OA 38 -56.70 41.73 -117.86
CA SER OA 38 -56.45 42.55 -116.69
C SER OA 38 -57.02 41.98 -115.39
N SER OA 39 -57.77 40.88 -115.45
CA SER OA 39 -58.29 40.27 -114.24
C SER OA 39 -58.62 38.81 -114.53
N SER OA 40 -58.97 38.08 -113.48
CA SER OA 40 -59.40 36.71 -113.57
C SER OA 40 -60.59 36.49 -112.66
N PHE OA 41 -61.37 35.45 -112.97
CA PHE OA 41 -62.64 35.19 -112.30
C PHE OA 41 -62.56 33.85 -111.58
N ARG OA 42 -63.07 33.80 -110.36
CA ARG OA 42 -63.04 32.58 -109.56
C ARG OA 42 -64.35 32.44 -108.81
N ALA OA 43 -64.88 31.21 -108.76
CA ALA OA 43 -66.12 30.92 -108.05
C ALA OA 43 -66.00 29.53 -107.43
N LYS OA 44 -66.50 29.38 -106.21
CA LYS OA 44 -66.29 28.14 -105.48
C LYS OA 44 -67.43 27.94 -104.49
N VAL OA 45 -67.69 26.68 -104.14
CA VAL OA 45 -68.88 26.28 -103.36
C VAL OA 45 -68.48 25.27 -102.30
N ARG OA 46 -69.07 25.39 -101.10
CA ARG OA 46 -68.85 24.41 -100.03
C ARG OA 46 -70.16 24.02 -99.36
N HIS OA 47 -70.14 22.81 -98.77
CA HIS OA 47 -71.14 22.34 -97.82
C HIS OA 47 -70.41 21.78 -96.60
N THR OA 48 -70.95 21.99 -95.40
CA THR OA 48 -70.28 21.52 -94.20
C THR OA 48 -71.30 21.15 -93.12
N LYS OA 49 -70.80 20.38 -92.15
CA LYS OA 49 -71.53 20.01 -90.93
C LYS OA 49 -70.89 20.70 -89.74
N GLU OA 50 -71.70 21.36 -88.92
CA GLU OA 50 -71.20 22.03 -87.74
C GLU OA 50 -70.82 21.02 -86.66
N SER OA 51 -69.90 21.42 -85.79
CA SER OA 51 -69.38 20.51 -84.78
C SER OA 51 -70.50 20.04 -83.87
N VAL OA 52 -70.68 18.73 -83.78
CA VAL OA 52 -71.72 18.17 -82.93
C VAL OA 52 -71.31 18.30 -81.46
N LYS OA 53 -72.29 18.63 -80.62
CA LYS OA 53 -72.08 18.68 -79.17
C LYS OA 53 -73.27 18.02 -78.49
N PRO OA 54 -73.08 17.47 -77.30
CA PRO OA 54 -74.18 16.79 -76.61
C PRO OA 54 -75.28 17.75 -76.19
N ASN OA 55 -76.51 17.26 -76.26
CA ASN OA 55 -77.69 17.93 -75.71
C ASN OA 55 -78.00 19.25 -76.43
N GLN OA 56 -77.61 19.39 -77.70
CA GLN OA 56 -78.15 20.48 -78.51
C GLN OA 56 -78.13 20.08 -79.97
N VAL OA 57 -78.98 20.78 -80.75
CA VAL OA 57 -79.28 20.39 -82.12
C VAL OA 57 -78.06 20.54 -83.02
N GLN OA 58 -78.04 19.76 -84.10
CA GLN OA 58 -76.96 19.75 -85.06
C GLN OA 58 -77.38 20.53 -86.30
N TYR OA 59 -76.53 21.44 -86.75
CA TYR OA 59 -76.86 22.36 -87.84
C TYR OA 59 -76.09 22.00 -89.10
N GLU OA 60 -76.55 22.53 -90.22
CA GLU OA 60 -75.91 22.35 -91.52
C GLU OA 60 -75.68 23.72 -92.15
N ARG OA 61 -74.58 23.84 -92.92
CA ARG OA 61 -74.19 25.10 -93.51
C ARG OA 61 -73.88 24.93 -94.99
N HIS OA 62 -74.18 25.95 -95.77
CA HIS OA 62 -73.81 26.02 -97.18
C HIS OA 62 -73.27 27.40 -97.49
N ASN OA 63 -72.46 27.49 -98.55
CA ASN OA 63 -71.77 28.74 -98.88
C ASN OA 63 -71.43 28.76 -100.36
N VAL OA 64 -71.40 29.97 -100.93
CA VAL OA 64 -70.94 30.20 -102.30
C VAL OA 64 -70.20 31.53 -102.35
N GLU OA 65 -69.15 31.59 -103.17
CA GLU OA 65 -68.27 32.76 -103.25
C GLU OA 65 -68.03 33.17 -104.70
N PHE OA 66 -67.95 34.48 -104.93
CA PHE OA 66 -67.35 35.06 -106.12
C PHE OA 66 -66.21 35.97 -105.73
N THR OA 67 -65.23 36.09 -106.64
CA THR OA 67 -64.03 36.88 -106.35
C THR OA 67 -63.52 37.52 -107.63
N GLU OA 68 -63.03 38.75 -107.52
CA GLU OA 68 -62.43 39.49 -108.63
C GLU OA 68 -61.04 39.94 -108.21
N THR OA 69 -60.01 39.58 -108.98
CA THR OA 69 -58.65 40.04 -108.73
C THR OA 69 -58.17 40.87 -109.91
N VAL OA 70 -57.73 42.09 -109.63
CA VAL OA 70 -57.28 43.04 -110.65
C VAL OA 70 -55.77 43.15 -110.52
N TYR OA 71 -55.06 42.76 -111.59
CA TYR OA 71 -53.61 42.69 -111.51
C TYR OA 71 -53.00 44.08 -111.34
N ALA OA 72 -51.89 44.12 -110.62
CA ALA OA 72 -51.23 45.38 -110.32
C ALA OA 72 -50.74 46.04 -111.59
N SER OA 73 -50.96 47.35 -111.69
CA SER OA 73 -50.60 48.12 -112.87
C SER OA 73 -50.01 49.45 -112.43
N GLY OA 74 -48.92 49.84 -113.09
CA GLY OA 74 -48.25 51.08 -112.71
C GLY OA 74 -47.84 51.02 -111.26
N SER OA 75 -48.17 52.09 -110.52
CA SER OA 75 -47.90 52.14 -109.09
C SER OA 75 -49.00 51.50 -108.25
N THR OA 76 -50.13 51.15 -108.85
CA THR OA 76 -51.24 50.57 -108.11
C THR OA 76 -50.95 49.11 -107.80
N PRO OA 77 -50.96 48.69 -106.53
CA PRO OA 77 -50.66 47.29 -106.21
C PRO OA 77 -51.84 46.35 -106.44
N GLU OA 78 -51.68 45.09 -106.03
CA GLU OA 78 -52.72 44.09 -106.17
C GLU OA 78 -53.91 44.42 -105.29
N PHE OA 79 -55.10 44.07 -105.76
CA PHE OA 79 -56.30 44.14 -104.91
C PHE OA 79 -57.36 43.22 -105.51
N VAL OA 80 -58.41 42.96 -104.72
CA VAL OA 80 -59.38 41.91 -105.00
C VAL OA 80 -60.77 42.39 -104.58
N ARG OA 81 -61.80 41.82 -105.21
CA ARG OA 81 -63.18 42.01 -104.79
C ARG OA 81 -63.85 40.67 -104.62
N GLN OA 82 -64.82 40.58 -103.71
CA GLN OA 82 -65.54 39.34 -103.50
C GLN OA 82 -66.86 39.63 -102.81
N ALA OA 83 -67.76 38.65 -102.87
CA ALA OA 83 -69.07 38.73 -102.24
C ALA OA 83 -69.61 37.33 -102.09
N TYR OA 84 -70.11 36.98 -100.90
CA TYR OA 84 -70.56 35.62 -100.66
C TYR OA 84 -71.75 35.60 -99.71
N VAL OA 85 -72.48 34.49 -99.76
CA VAL OA 85 -73.66 34.24 -98.96
C VAL OA 85 -73.55 32.83 -98.37
N VAL OA 86 -74.18 32.63 -97.21
CA VAL OA 86 -74.23 31.29 -96.60
C VAL OA 86 -75.65 31.05 -96.12
N ILE OA 87 -75.97 29.77 -95.92
CA ILE OA 87 -77.28 29.34 -95.41
C ILE OA 87 -77.05 28.36 -94.28
N ARG OA 88 -77.74 28.58 -93.16
CA ARG OA 88 -77.60 27.74 -91.98
C ARG OA 88 -78.98 27.29 -91.51
N HIS OA 89 -79.16 25.98 -91.36
CA HIS OA 89 -80.40 25.46 -90.80
C HIS OA 89 -80.10 24.12 -90.14
N LYS OA 90 -81.00 23.71 -89.25
CA LYS OA 90 -80.83 22.45 -88.53
C LYS OA 90 -81.06 21.26 -89.46
N VAL OA 91 -80.39 20.15 -89.14
CA VAL OA 91 -80.52 18.94 -89.93
C VAL OA 91 -81.94 18.40 -89.85
N GLY OA 92 -82.50 18.03 -90.99
CA GLY OA 92 -83.83 17.46 -91.05
C GLY OA 92 -84.96 18.46 -91.16
N ASP OA 93 -84.66 19.75 -91.23
CA ASP OA 93 -85.71 20.75 -91.35
C ASP OA 93 -86.39 20.66 -92.73
N VAL OA 94 -87.47 21.40 -92.89
CA VAL OA 94 -88.22 21.40 -94.14
C VAL OA 94 -87.51 22.31 -95.13
N SER OA 95 -87.26 21.79 -96.34
CA SER OA 95 -86.43 22.50 -97.30
C SER OA 95 -87.14 23.71 -97.89
N ALA OA 96 -88.46 23.62 -98.09
CA ALA OA 96 -89.18 24.69 -98.78
C ALA OA 96 -89.13 26.00 -98.01
N THR OA 97 -89.40 25.95 -96.70
CA THR OA 97 -89.33 27.18 -95.91
C THR OA 97 -87.90 27.71 -95.83
N VAL OA 98 -86.93 26.80 -95.74
CA VAL OA 98 -85.54 27.22 -95.67
C VAL OA 98 -85.14 27.90 -96.97
N SER OA 99 -85.72 27.48 -98.09
CA SER OA 99 -85.43 28.13 -99.36
C SER OA 99 -86.12 29.48 -99.44
N ASP OA 100 -87.38 29.55 -99.00
CA ASP OA 100 -88.13 30.80 -99.03
C ASP OA 100 -87.39 31.89 -98.24
N LEU OA 101 -86.90 31.53 -97.07
CA LEU OA 101 -85.84 32.33 -96.46
C LEU OA 101 -84.56 32.15 -97.27
N GLY OA 102 -83.86 33.24 -97.51
CA GLY OA 102 -82.75 33.21 -98.45
C GLY OA 102 -83.20 33.66 -99.83
N GLU OA 103 -84.30 33.12 -100.34
CA GLU OA 103 -84.91 33.68 -101.54
C GLU OA 103 -85.45 35.08 -101.27
N ALA OA 104 -86.01 35.28 -100.08
CA ALA OA 104 -86.40 36.61 -99.65
C ALA OA 104 -85.21 37.56 -99.64
N LEU OA 105 -84.09 37.10 -99.07
CA LEU OA 105 -82.88 37.93 -99.04
C LEU OA 105 -82.42 38.25 -100.45
N SER OA 106 -82.49 37.27 -101.35
CA SER OA 106 -82.09 37.49 -102.73
C SER OA 106 -82.94 38.58 -103.36
N PHE OA 107 -84.25 38.57 -103.11
CA PHE OA 107 -85.10 39.65 -103.62
C PHE OA 107 -84.74 40.99 -102.99
N TYR OA 108 -84.37 41.00 -101.71
CA TYR OA 108 -84.10 42.28 -101.05
C TYR OA 108 -82.94 43.01 -101.69
N LEU OA 109 -81.85 42.31 -102.00
CA LEU OA 109 -80.62 42.96 -102.44
C LEU OA 109 -80.76 43.35 -103.91
N ASN OA 110 -80.59 44.63 -104.19
CA ASN OA 110 -80.67 45.15 -105.55
C ASN OA 110 -79.74 46.36 -105.66
N GLU OA 111 -79.89 47.12 -106.75
CA GLU OA 111 -79.00 48.26 -107.00
C GLU OA 111 -79.02 49.22 -105.81
N ALA OA 112 -80.22 49.64 -105.40
CA ALA OA 112 -80.33 50.68 -104.39
C ALA OA 112 -79.65 50.27 -103.11
N LEU OA 113 -79.94 49.06 -102.61
CA LEU OA 113 -79.38 48.64 -101.34
C LEU OA 113 -77.86 48.59 -101.40
N TYR OA 114 -77.32 48.07 -102.50
CA TYR OA 114 -75.87 48.00 -102.61
C TYR OA 114 -75.26 49.40 -102.54
N GLY OA 115 -75.88 50.37 -103.22
CA GLY OA 115 -75.38 51.73 -103.17
C GLY OA 115 -75.40 52.30 -101.75
N LYS OA 116 -76.54 52.16 -101.08
CA LYS OA 116 -76.67 52.75 -99.74
C LYS OA 116 -75.76 52.04 -98.75
N LEU OA 117 -75.54 50.73 -98.92
CA LEU OA 117 -74.59 50.03 -98.06
C LEU OA 117 -73.18 50.58 -98.26
N ILE OA 118 -72.78 50.79 -99.51
CA ILE OA 118 -71.49 51.39 -99.77
C ILE OA 118 -71.44 52.80 -99.18
N GLY OA 119 -72.61 53.39 -98.93
CA GLY OA 119 -72.66 54.63 -98.16
C GLY OA 119 -72.28 54.50 -96.69
N TRP OA 120 -72.11 53.28 -96.20
CA TRP OA 120 -71.83 52.92 -94.80
C TRP OA 120 -73.02 53.12 -93.87
N GLU OA 121 -74.14 53.67 -94.33
CA GLU OA 121 -75.19 54.01 -93.38
C GLU OA 121 -76.03 52.78 -93.04
N SER OA 122 -76.16 52.53 -91.74
CA SER OA 122 -76.86 51.36 -91.22
C SER OA 122 -78.37 51.58 -91.13
N ALA PA 1 -65.72 8.54 -113.89
CA ALA PA 1 -66.01 8.81 -115.33
C ALA PA 1 -67.30 8.13 -115.77
N LEU PA 2 -68.07 7.63 -114.80
CA LEU PA 2 -69.33 6.99 -115.14
C LEU PA 2 -70.30 7.98 -115.77
N GLY PA 3 -70.39 9.18 -115.21
CA GLY PA 3 -71.34 10.17 -115.68
C GLY PA 3 -71.89 10.98 -114.54
N ASP PA 4 -72.60 12.07 -114.85
CA ASP PA 4 -73.12 12.93 -113.79
C ASP PA 4 -74.29 12.29 -113.07
N THR PA 5 -75.12 11.54 -113.79
CA THR PA 5 -76.33 10.96 -113.23
C THR PA 5 -76.25 9.43 -113.28
N LEU PA 6 -76.71 8.80 -112.20
CA LEU PA 6 -76.80 7.35 -112.09
C LEU PA 6 -78.28 6.98 -111.91
N THR PA 7 -78.73 6.00 -112.67
CA THR PA 7 -80.13 5.63 -112.70
C THR PA 7 -80.35 4.30 -111.98
N ILE PA 8 -81.29 4.28 -111.05
CA ILE PA 8 -81.68 3.09 -110.31
C ILE PA 8 -83.14 2.79 -110.63
N THR PA 9 -83.41 1.57 -111.06
CA THR PA 9 -84.75 1.13 -111.44
C THR PA 9 -85.21 0.05 -110.46
N LEU PA 10 -85.93 0.46 -109.42
CA LEU PA 10 -86.50 -0.51 -108.49
C LEU PA 10 -87.43 -1.44 -109.24
N GLY PA 11 -87.41 -2.72 -108.86
CA GLY PA 11 -88.24 -3.71 -109.51
C GLY PA 11 -87.71 -4.25 -110.81
N GLY PA 12 -86.43 -4.03 -111.11
CA GLY PA 12 -85.87 -4.54 -112.35
C GLY PA 12 -86.36 -3.78 -113.56
N SER PA 13 -86.30 -4.46 -114.71
CA SER PA 13 -86.75 -3.86 -115.95
C SER PA 13 -88.23 -3.49 -115.87
N GLY PA 14 -88.55 -2.29 -116.36
CA GLY PA 14 -89.92 -1.84 -116.42
C GLY PA 14 -90.48 -1.26 -115.14
N GLY PA 15 -89.66 -1.09 -114.10
CA GLY PA 15 -90.12 -0.63 -112.81
C GLY PA 15 -90.00 0.88 -112.64
N THR PA 16 -90.10 1.29 -111.38
CA THR PA 16 -89.97 2.70 -111.02
C THR PA 16 -88.53 3.17 -111.22
N ALA PA 17 -88.35 4.34 -111.81
CA ALA PA 17 -87.04 4.88 -112.12
C ALA PA 17 -86.68 6.01 -111.17
N LYS PA 18 -85.42 6.02 -110.73
CA LYS PA 18 -84.86 7.08 -109.90
C LYS PA 18 -83.56 7.56 -110.53
N VAL PA 19 -83.24 8.83 -110.31
CA VAL PA 19 -82.02 9.45 -110.82
C VAL PA 19 -81.23 10.00 -109.65
N LEU PA 20 -79.93 9.68 -109.62
CA LEU PA 20 -79.04 10.10 -108.54
C LEU PA 20 -77.94 10.99 -109.11
N ARG PA 21 -77.67 12.10 -108.43
CA ARG PA 21 -76.70 13.08 -108.87
C ARG PA 21 -75.37 12.85 -108.18
N LYS PA 22 -74.27 12.97 -108.92
CA LYS PA 22 -72.95 12.80 -108.32
C LYS PA 22 -72.67 13.92 -107.33
N ILE PA 23 -72.07 13.56 -106.20
CA ILE PA 23 -71.76 14.50 -105.14
C ILE PA 23 -70.25 14.68 -104.96
N ASN PA 24 -69.49 13.59 -104.99
CA ASN PA 24 -68.07 13.68 -104.68
C ASN PA 24 -67.33 12.46 -105.20
N GLN PA 25 -66.03 12.62 -105.39
CA GLN PA 25 -65.14 11.51 -105.68
C GLN PA 25 -63.72 11.96 -105.39
N ASP PA 26 -63.09 11.38 -104.36
CA ASP PA 26 -61.71 11.72 -104.02
C ASP PA 26 -60.76 10.55 -104.18
N GLY PA 27 -61.01 9.43 -103.51
CA GLY PA 27 -60.07 8.32 -103.52
C GLY PA 27 -60.44 7.22 -104.49
N TYR PA 28 -60.51 7.52 -105.78
CA TYR PA 28 -60.94 6.54 -106.77
C TYR PA 28 -62.32 6.00 -106.41
N THR PA 29 -63.09 6.78 -105.65
CA THR PA 29 -64.36 6.34 -105.08
C THR PA 29 -65.39 7.45 -105.27
N SER PA 30 -66.42 7.17 -106.05
CA SER PA 30 -67.45 8.15 -106.35
C SER PA 30 -68.64 8.00 -105.39
N GLU PA 31 -69.59 8.92 -105.50
CA GLU PA 31 -70.72 8.97 -104.60
C GLU PA 31 -71.88 9.68 -105.28
N TYR PA 32 -73.08 9.14 -105.11
CA TYR PA 32 -74.30 9.71 -105.67
C TYR PA 32 -75.34 9.79 -104.56
N TYR PA 33 -76.23 10.78 -104.63
CA TYR PA 33 -77.17 11.02 -103.55
C TYR PA 33 -78.47 11.62 -104.09
N LEU PA 34 -79.56 11.35 -103.38
CA LEU PA 34 -80.87 11.91 -103.70
C LEU PA 34 -81.79 11.87 -102.49
N PRO PA 35 -82.23 13.01 -101.95
CA PRO PA 35 -83.23 12.98 -100.88
C PRO PA 35 -84.66 12.99 -101.39
N GLU PA 36 -85.56 12.54 -100.53
CA GLU PA 36 -86.99 12.49 -100.85
C GLU PA 36 -87.76 12.80 -99.57
N THR PA 37 -89.09 12.69 -99.64
CA THR PA 37 -89.92 13.03 -98.49
C THR PA 37 -89.74 12.04 -97.34
N SER PA 38 -89.73 10.74 -97.63
CA SER PA 38 -89.68 9.72 -96.58
C SER PA 38 -88.53 8.73 -96.75
N SER PA 39 -87.62 8.98 -97.68
CA SER PA 39 -86.50 8.09 -97.89
C SER PA 39 -85.43 8.84 -98.69
N SER PA 40 -84.30 8.18 -98.88
CA SER PA 40 -83.20 8.74 -99.65
C SER PA 40 -82.43 7.60 -100.29
N PHE PA 41 -81.72 7.92 -101.36
CA PHE PA 41 -80.94 6.94 -102.11
C PHE PA 41 -79.50 7.40 -102.22
N ARG PA 42 -78.58 6.45 -102.18
CA ARG PA 42 -77.16 6.73 -102.21
C ARG PA 42 -76.42 5.55 -102.81
N ALA PA 43 -75.49 5.83 -103.73
CA ALA PA 43 -74.73 4.80 -104.41
C ALA PA 43 -73.25 5.17 -104.36
N LYS PA 44 -72.40 4.14 -104.26
CA LYS PA 44 -70.96 4.34 -104.16
C LYS PA 44 -70.24 3.30 -105.02
N VAL PA 45 -69.07 3.66 -105.51
CA VAL PA 45 -68.19 2.77 -106.26
C VAL PA 45 -66.77 2.94 -105.72
N ARG PA 46 -66.05 1.84 -105.54
CA ARG PA 46 -64.70 1.90 -105.00
C ARG PA 46 -63.81 0.92 -105.75
N HIS PA 47 -62.50 1.22 -105.76
CA HIS PA 47 -61.47 0.34 -106.27
C HIS PA 47 -60.31 0.29 -105.28
N THR PA 48 -59.65 -0.86 -105.17
CA THR PA 48 -58.58 -1.03 -104.21
C THR PA 48 -57.61 -2.12 -104.64
N LYS PA 49 -56.36 -2.00 -104.17
CA LYS PA 49 -55.30 -2.97 -104.36
C LYS PA 49 -54.90 -3.52 -103.00
N GLU PA 50 -54.78 -4.84 -102.86
CA GLU PA 50 -54.32 -5.40 -101.59
C GLU PA 50 -52.88 -5.01 -101.31
N SER PA 51 -52.52 -5.05 -100.03
CA SER PA 51 -51.13 -4.85 -99.64
C SER PA 51 -50.24 -5.88 -100.33
N VAL PA 52 -49.05 -5.42 -100.73
CA VAL PA 52 -48.13 -6.27 -101.48
C VAL PA 52 -47.44 -7.23 -100.51
N LYS PA 53 -47.54 -8.52 -100.79
CA LYS PA 53 -46.82 -9.55 -100.07
C LYS PA 53 -45.67 -10.06 -100.92
N PRO PA 54 -44.61 -10.56 -100.31
CA PRO PA 54 -43.49 -11.07 -101.08
C PRO PA 54 -43.83 -12.39 -101.76
N ASN PA 55 -43.18 -12.60 -102.92
CA ASN PA 55 -43.33 -13.78 -103.77
C ASN PA 55 -44.75 -14.34 -103.78
N GLN PA 56 -45.73 -13.47 -104.01
CA GLN PA 56 -47.12 -13.86 -104.17
C GLN PA 56 -47.78 -13.01 -105.26
N VAL PA 57 -48.90 -13.51 -105.78
CA VAL PA 57 -49.60 -12.82 -106.85
C VAL PA 57 -50.31 -11.58 -106.32
N GLN PA 58 -50.61 -10.66 -107.23
CA GLN PA 58 -51.29 -9.40 -106.91
C GLN PA 58 -52.66 -9.32 -107.54
N TYR PA 59 -53.61 -8.75 -106.80
CA TYR PA 59 -55.03 -8.80 -107.10
C TYR PA 59 -55.61 -7.39 -107.08
N GLU PA 60 -56.78 -7.21 -107.68
CA GLU PA 60 -57.53 -5.96 -107.57
C GLU PA 60 -59.01 -6.23 -107.37
N ARG PA 61 -59.67 -5.37 -106.58
CA ARG PA 61 -61.07 -5.51 -106.24
C ARG PA 61 -61.87 -4.30 -106.72
N HIS PA 62 -63.02 -4.55 -107.36
CA HIS PA 62 -63.99 -3.51 -107.70
C HIS PA 62 -65.25 -3.72 -106.86
N ASN PA 63 -65.81 -2.63 -106.34
CA ASN PA 63 -66.94 -2.69 -105.43
C ASN PA 63 -68.04 -1.73 -105.86
N VAL PA 64 -69.29 -2.19 -105.75
CA VAL PA 64 -70.48 -1.40 -106.05
C VAL PA 64 -71.53 -1.66 -104.99
N GLU PA 65 -72.20 -0.59 -104.54
CA GLU PA 65 -73.12 -0.65 -103.39
C GLU PA 65 -74.33 0.25 -103.64
N PHE PA 66 -75.51 -0.24 -103.26
CA PHE PA 66 -76.72 0.56 -103.20
C PHE PA 66 -77.23 0.58 -101.76
N THR PA 67 -77.68 1.75 -101.31
CA THR PA 67 -78.16 1.94 -99.95
C THR PA 67 -79.44 2.76 -99.96
N GLU PA 68 -80.43 2.30 -99.22
CA GLU PA 68 -81.72 2.97 -99.10
C GLU PA 68 -82.05 3.10 -97.61
N THR PA 69 -82.43 4.30 -97.19
CA THR PA 69 -82.70 4.59 -95.78
C THR PA 69 -84.09 5.15 -95.64
N VAL PA 70 -84.80 4.71 -94.60
CA VAL PA 70 -86.15 5.16 -94.28
C VAL PA 70 -86.09 5.93 -92.97
N TYR PA 71 -86.59 7.16 -92.99
CA TYR PA 71 -86.53 7.99 -91.79
C TYR PA 71 -87.48 7.48 -90.72
N ALA PA 72 -87.17 7.82 -89.48
CA ALA PA 72 -88.02 7.43 -88.37
C ALA PA 72 -89.41 8.02 -88.54
N SER PA 73 -90.42 7.18 -88.33
CA SER PA 73 -91.83 7.57 -88.47
C SER PA 73 -92.54 7.19 -87.19
N GLY PA 74 -92.73 8.16 -86.30
CA GLY PA 74 -93.35 7.88 -85.03
C GLY PA 74 -92.51 6.91 -84.21
N SER PA 75 -93.16 5.86 -83.70
CA SER PA 75 -92.49 4.93 -82.81
C SER PA 75 -91.39 4.15 -83.54
N THR PA 76 -91.65 3.76 -84.78
CA THR PA 76 -90.70 2.92 -85.53
C THR PA 76 -89.41 3.68 -85.81
N PRO PA 77 -88.25 3.16 -85.40
CA PRO PA 77 -86.99 3.87 -85.65
C PRO PA 77 -86.54 3.75 -87.10
N GLU PA 78 -85.54 4.54 -87.44
CA GLU PA 78 -85.01 4.56 -88.80
C GLU PA 78 -84.25 3.28 -89.12
N PHE PA 79 -84.29 2.87 -90.38
CA PHE PA 79 -83.59 1.67 -90.81
C PHE PA 79 -83.15 1.84 -92.26
N VAL PA 80 -82.35 0.89 -92.74
CA VAL PA 80 -81.71 0.96 -94.04
C VAL PA 80 -81.95 -0.34 -94.79
N ARG PA 81 -81.81 -0.25 -96.12
CA ARG PA 81 -81.71 -1.43 -96.97
C ARG PA 81 -80.47 -1.28 -97.84
N GLN PA 82 -79.70 -2.36 -97.97
CA GLN PA 82 -78.39 -2.30 -98.58
C GLN PA 82 -78.18 -3.51 -99.48
N ALA PA 83 -77.35 -3.34 -100.50
CA ALA PA 83 -77.02 -4.42 -101.42
C ALA PA 83 -75.77 -4.01 -102.21
N TYR PA 84 -74.75 -4.86 -102.22
CA TYR PA 84 -73.48 -4.50 -102.83
C TYR PA 84 -72.83 -5.72 -103.49
N VAL PA 85 -71.89 -5.45 -104.39
CA VAL PA 85 -71.18 -6.47 -105.14
C VAL PA 85 -69.68 -6.17 -105.13
N VAL PA 86 -68.88 -7.24 -105.10
CA VAL PA 86 -67.43 -7.14 -105.14
C VAL PA 86 -66.90 -8.16 -106.13
N ILE PA 87 -65.95 -7.73 -106.97
CA ILE PA 87 -65.31 -8.57 -107.96
C ILE PA 87 -63.80 -8.38 -107.87
N ARG PA 88 -63.05 -9.49 -107.87
CA ARG PA 88 -61.61 -9.43 -107.68
C ARG PA 88 -60.89 -10.37 -108.63
N HIS PA 89 -59.78 -9.89 -109.21
CA HIS PA 89 -59.02 -10.63 -110.22
C HIS PA 89 -57.57 -10.15 -110.14
N LYS PA 90 -56.69 -10.91 -110.80
CA LYS PA 90 -55.27 -10.59 -110.71
C LYS PA 90 -54.89 -9.50 -111.71
N VAL PA 91 -53.77 -8.84 -111.44
CA VAL PA 91 -53.30 -7.74 -112.27
C VAL PA 91 -52.74 -8.31 -113.57
N GLY PA 92 -53.26 -7.84 -114.69
CA GLY PA 92 -52.83 -8.31 -115.99
C GLY PA 92 -53.68 -9.39 -116.60
N ASP PA 93 -54.79 -9.76 -115.96
CA ASP PA 93 -55.67 -10.78 -116.50
C ASP PA 93 -56.46 -10.25 -117.69
N VAL PA 94 -57.01 -11.19 -118.47
CA VAL PA 94 -57.80 -10.82 -119.63
C VAL PA 94 -59.15 -10.30 -119.18
N SER PA 95 -59.54 -9.12 -119.69
CA SER PA 95 -60.72 -8.43 -119.18
C SER PA 95 -62.00 -9.21 -119.48
N ALA PA 96 -62.13 -9.73 -120.70
CA ALA PA 96 -63.38 -10.36 -121.10
C ALA PA 96 -63.69 -11.58 -120.24
N THR PA 97 -62.68 -12.40 -119.95
CA THR PA 97 -62.90 -13.58 -119.12
C THR PA 97 -63.40 -13.17 -117.73
N VAL PA 98 -62.78 -12.15 -117.14
CA VAL PA 98 -63.21 -11.69 -115.82
C VAL PA 98 -64.65 -11.19 -115.90
N SER PA 99 -64.99 -10.50 -116.99
CA SER PA 99 -66.36 -10.01 -117.14
C SER PA 99 -67.36 -11.14 -117.28
N ASP PA 100 -66.95 -12.26 -117.85
CA ASP PA 100 -67.89 -13.36 -118.07
C ASP PA 100 -68.43 -13.91 -116.76
N LEU PA 101 -67.57 -14.05 -115.75
CA LEU PA 101 -68.02 -14.57 -114.47
C LEU PA 101 -69.04 -13.64 -113.83
N GLY PA 102 -68.78 -12.33 -113.85
CA GLY PA 102 -69.73 -11.39 -113.29
C GLY PA 102 -71.03 -11.36 -114.06
N GLU PA 103 -70.96 -11.48 -115.38
CA GLU PA 103 -72.17 -11.55 -116.19
C GLU PA 103 -73.00 -12.78 -115.82
N ALA PA 104 -72.33 -13.92 -115.62
CA ALA PA 104 -73.04 -15.13 -115.19
C ALA PA 104 -73.69 -14.93 -113.83
N LEU PA 105 -72.99 -14.30 -112.89
CA LEU PA 105 -73.57 -14.05 -111.58
C LEU PA 105 -74.79 -13.16 -111.69
N SER PA 106 -74.71 -12.11 -112.51
CA SER PA 106 -75.85 -11.22 -112.70
C SER PA 106 -77.03 -11.96 -113.33
N PHE PA 107 -76.76 -12.81 -114.31
CA PHE PA 107 -77.83 -13.57 -114.97
C PHE PA 107 -78.47 -14.56 -114.01
N TYR PA 108 -77.67 -15.13 -113.10
CA TYR PA 108 -78.18 -16.14 -112.17
C TYR PA 108 -79.25 -15.56 -111.27
N LEU PA 109 -79.00 -14.37 -110.71
CA LEU PA 109 -79.90 -13.77 -109.74
C LEU PA 109 -81.13 -13.19 -110.42
N ASN PA 110 -82.29 -13.42 -109.81
CA ASN PA 110 -83.54 -12.85 -110.30
C ASN PA 110 -84.56 -12.93 -109.16
N GLU PA 111 -85.82 -12.62 -109.48
CA GLU PA 111 -86.85 -12.50 -108.46
C GLU PA 111 -86.95 -13.77 -107.62
N ALA PA 112 -87.03 -14.94 -108.29
CA ALA PA 112 -87.22 -16.18 -107.57
C ALA PA 112 -86.07 -16.42 -106.59
N LEU PA 113 -84.83 -16.27 -107.05
CA LEU PA 113 -83.69 -16.53 -106.17
C LEU PA 113 -83.66 -15.54 -105.03
N TYR PA 114 -83.98 -14.27 -105.29
CA TYR PA 114 -83.99 -13.30 -104.21
C TYR PA 114 -85.02 -13.64 -103.15
N GLY PA 115 -86.22 -14.06 -103.58
CA GLY PA 115 -87.21 -14.50 -102.62
C GLY PA 115 -86.74 -15.69 -101.80
N LYS PA 116 -86.13 -16.67 -102.47
CA LYS PA 116 -85.61 -17.83 -101.74
C LYS PA 116 -84.54 -17.43 -100.73
N LEU PA 117 -83.62 -16.55 -101.14
CA LEU PA 117 -82.58 -16.11 -100.20
C LEU PA 117 -83.20 -15.42 -98.99
N ILE PA 118 -84.22 -14.59 -99.22
CA ILE PA 118 -84.95 -14.02 -98.09
C ILE PA 118 -85.60 -15.12 -97.27
N GLY PA 119 -85.91 -16.26 -97.89
CA GLY PA 119 -86.48 -17.38 -97.18
C GLY PA 119 -85.51 -18.29 -96.43
N TRP PA 120 -84.22 -17.99 -96.43
CA TRP PA 120 -83.18 -18.83 -95.82
C TRP PA 120 -83.03 -20.18 -96.48
N GLU PA 121 -83.54 -20.36 -97.70
CA GLU PA 121 -83.25 -21.57 -98.44
C GLU PA 121 -81.77 -21.61 -98.82
N SER PA 122 -81.12 -22.73 -98.55
CA SER PA 122 -79.69 -22.86 -98.74
C SER PA 122 -79.36 -24.13 -99.53
N ALA QA 1 -116.12 54.36 -37.15
CA ALA QA 1 -116.62 55.30 -38.20
C ALA QA 1 -116.10 56.73 -37.96
N LEU QA 2 -116.91 57.56 -37.30
CA LEU QA 2 -116.63 58.98 -37.10
C LEU QA 2 -116.49 59.74 -38.41
N GLY QA 3 -116.87 59.13 -39.53
CA GLY QA 3 -116.70 59.76 -40.83
C GLY QA 3 -115.27 59.66 -41.32
N ASP QA 4 -115.11 59.89 -42.63
CA ASP QA 4 -113.77 59.93 -43.20
C ASP QA 4 -113.07 61.23 -42.85
N THR QA 5 -113.83 62.29 -42.60
CA THR QA 5 -113.28 63.61 -42.35
C THR QA 5 -113.41 64.00 -40.89
N LEU QA 6 -112.36 64.61 -40.34
CA LEU QA 6 -112.36 65.18 -39.01
C LEU QA 6 -112.03 66.65 -39.12
N THR QA 7 -112.75 67.48 -38.38
CA THR QA 7 -112.64 68.93 -38.51
C THR QA 7 -112.10 69.53 -37.22
N ILE QA 8 -111.05 70.35 -37.36
CA ILE QA 8 -110.47 71.10 -36.25
C ILE QA 8 -110.68 72.58 -36.55
N THR QA 9 -111.31 73.29 -35.62
CA THR QA 9 -111.56 74.72 -35.76
C THR QA 9 -110.61 75.43 -34.81
N LEU QA 10 -109.41 75.74 -35.28
CA LEU QA 10 -108.44 76.43 -34.44
C LEU QA 10 -109.04 77.74 -33.95
N GLY QA 11 -108.81 78.04 -32.68
CA GLY QA 11 -109.37 79.23 -32.07
C GLY QA 11 -110.79 79.06 -31.55
N GLY QA 12 -111.27 77.83 -31.43
CA GLY QA 12 -112.61 77.61 -30.94
C GLY QA 12 -113.66 77.92 -31.98
N SER QA 13 -114.87 78.20 -31.51
CA SER QA 13 -115.98 78.46 -32.41
C SER QA 13 -115.74 79.73 -33.21
N GLY QA 14 -116.05 79.67 -34.51
CA GLY QA 14 -115.92 80.80 -35.40
C GLY QA 14 -114.53 81.03 -35.95
N GLY QA 15 -113.57 80.16 -35.67
CA GLY QA 15 -112.20 80.34 -36.10
C GLY QA 15 -111.91 79.72 -37.45
N THR QA 16 -110.62 79.63 -37.75
CA THR QA 16 -110.17 78.97 -38.98
C THR QA 16 -110.50 77.48 -38.93
N ALA QA 17 -110.90 76.93 -40.07
CA ALA QA 17 -111.30 75.54 -40.18
C ALA QA 17 -110.20 74.72 -40.84
N LYS QA 18 -109.98 73.51 -40.32
CA LYS QA 18 -109.04 72.56 -40.87
C LYS QA 18 -109.72 71.22 -41.06
N VAL QA 19 -109.45 70.57 -42.20
CA VAL QA 19 -110.09 69.31 -42.57
C VAL QA 19 -109.01 68.26 -42.76
N LEU QA 20 -109.15 67.14 -42.07
CA LEU QA 20 -108.15 66.08 -42.11
C LEU QA 20 -108.61 64.92 -42.98
N ARG QA 21 -107.70 63.99 -43.21
CA ARG QA 21 -107.93 62.82 -44.06
C ARG QA 21 -107.68 61.56 -43.25
N LYS QA 22 -108.57 60.57 -43.35
CA LYS QA 22 -108.30 59.28 -42.73
C LYS QA 22 -107.28 58.52 -43.57
N ILE QA 23 -106.24 58.02 -42.92
CA ILE QA 23 -105.12 57.41 -43.62
C ILE QA 23 -104.78 56.02 -43.13
N ASN QA 24 -105.15 55.65 -41.90
CA ASN QA 24 -104.77 54.35 -41.36
C ASN QA 24 -105.77 53.95 -40.27
N GLN QA 25 -105.79 52.65 -39.96
CA GLN QA 25 -106.62 52.15 -38.87
C GLN QA 25 -106.07 50.78 -38.47
N ASP QA 26 -105.39 50.72 -37.33
CA ASP QA 26 -104.82 49.49 -36.82
C ASP QA 26 -104.89 49.46 -35.31
N GLY QA 27 -105.19 48.28 -34.77
CA GLY QA 27 -105.18 48.06 -33.34
C GLY QA 27 -106.14 48.95 -32.55
N TYR QA 28 -107.38 49.06 -33.02
CA TYR QA 28 -108.37 49.91 -32.36
C TYR QA 28 -107.88 51.35 -32.27
N THR QA 29 -107.20 51.81 -33.33
CA THR QA 29 -106.67 53.15 -33.41
C THR QA 29 -107.03 53.76 -34.75
N SER QA 30 -107.02 55.09 -34.81
CA SER QA 30 -107.29 55.81 -36.05
C SER QA 30 -106.34 56.99 -36.16
N GLU QA 31 -106.04 57.36 -37.40
CA GLU QA 31 -105.15 58.48 -37.70
C GLU QA 31 -105.76 59.37 -38.77
N TYR QA 32 -105.62 60.67 -38.59
CA TYR QA 32 -106.07 61.68 -39.53
C TYR QA 32 -104.89 62.60 -39.86
N TYR QA 33 -104.77 63.04 -41.11
CA TYR QA 33 -103.60 63.79 -41.53
C TYR QA 33 -103.99 64.90 -42.52
N LEU QA 34 -103.13 65.92 -42.60
CA LEU QA 34 -103.25 67.02 -43.54
C LEU QA 34 -101.92 67.73 -43.70
N PRO QA 35 -101.25 67.63 -44.86
CA PRO QA 35 -99.94 68.29 -45.00
C PRO QA 35 -100.09 69.76 -45.35
N GLU QA 36 -99.02 70.50 -45.04
CA GLU QA 36 -98.97 71.94 -45.31
C GLU QA 36 -97.55 72.33 -45.67
N THR QA 37 -97.42 73.51 -46.27
CA THR QA 37 -96.11 74.00 -46.68
C THR QA 37 -95.21 74.23 -45.48
N SER QA 38 -95.75 74.80 -44.40
CA SER QA 38 -94.96 75.12 -43.22
C SER QA 38 -95.32 74.28 -41.99
N SER QA 39 -96.35 73.44 -42.06
CA SER QA 39 -96.81 72.71 -40.89
C SER QA 39 -97.44 71.39 -41.32
N SER QA 40 -98.01 70.69 -40.34
CA SER QA 40 -98.74 69.44 -40.59
C SER QA 40 -99.65 69.20 -39.41
N PHE QA 41 -100.87 68.74 -39.68
CA PHE QA 41 -101.85 68.44 -38.65
C PHE QA 41 -102.10 66.94 -38.61
N ARG QA 42 -102.06 66.37 -37.41
CA ARG QA 42 -102.29 64.95 -37.21
C ARG QA 42 -103.24 64.78 -36.03
N ALA QA 43 -104.17 63.84 -36.14
CA ALA QA 43 -105.07 63.50 -35.05
C ALA QA 43 -105.17 61.99 -34.92
N LYS QA 44 -105.05 61.48 -33.70
CA LYS QA 44 -105.02 60.06 -33.41
C LYS QA 44 -106.06 59.73 -32.36
N VAL QA 45 -106.61 58.53 -32.42
CA VAL QA 45 -107.59 58.04 -31.45
C VAL QA 45 -107.19 56.63 -31.04
N ARG QA 46 -107.29 56.33 -29.74
CA ARG QA 46 -106.94 55.02 -29.22
C ARG QA 46 -108.01 54.51 -28.26
N HIS QA 47 -108.12 53.18 -28.18
CA HIS QA 47 -108.90 52.49 -27.17
C HIS QA 47 -108.07 51.35 -26.60
N THR QA 48 -108.31 51.02 -25.33
CA THR QA 48 -107.60 49.92 -24.69
C THR QA 48 -108.30 49.55 -23.39
N LYS QA 49 -107.95 48.37 -22.88
CA LYS QA 49 -108.47 47.88 -21.60
C LYS QA 49 -107.34 47.21 -20.84
N GLU QA 50 -107.34 47.35 -19.51
CA GLU QA 50 -106.32 46.74 -18.68
C GLU QA 50 -106.51 45.23 -18.60
N SER QA 51 -105.43 44.55 -18.23
CA SER QA 51 -105.47 43.10 -18.10
C SER QA 51 -106.36 42.69 -16.93
N VAL QA 52 -106.69 41.41 -16.88
CA VAL QA 52 -107.60 40.87 -15.88
C VAL QA 52 -106.78 40.15 -14.82
N LYS QA 53 -106.95 40.57 -13.58
CA LYS QA 53 -106.42 39.94 -12.39
C LYS QA 53 -107.54 39.42 -11.51
N PRO QA 54 -107.24 38.42 -10.67
CA PRO QA 54 -108.31 37.59 -10.10
C PRO QA 54 -109.42 38.36 -9.38
N ASN QA 55 -109.08 39.35 -8.57
CA ASN QA 55 -110.07 40.01 -7.70
C ASN QA 55 -109.85 41.52 -7.67
N GLN QA 56 -110.44 42.21 -8.64
CA GLN QA 56 -110.56 43.67 -8.63
C GLN QA 56 -111.28 44.10 -9.91
N VAL QA 57 -111.76 45.34 -9.89
CA VAL QA 57 -112.55 45.87 -11.00
C VAL QA 57 -111.68 46.00 -12.24
N GLN QA 58 -112.23 45.62 -13.39
CA GLN QA 58 -111.55 45.74 -14.67
C GLN QA 58 -111.94 47.05 -15.36
N TYR QA 59 -110.95 47.75 -15.89
CA TYR QA 59 -111.11 49.11 -16.37
C TYR QA 59 -110.78 49.18 -17.86
N GLU QA 60 -111.21 50.27 -18.49
CA GLU QA 60 -110.86 50.54 -19.88
C GLU QA 60 -110.79 52.05 -20.10
N ARG QA 61 -110.00 52.45 -21.10
CA ARG QA 61 -109.64 53.85 -21.31
C ARG QA 61 -109.95 54.27 -22.74
N HIS QA 62 -110.40 55.51 -22.90
CA HIS QA 62 -110.52 56.16 -24.20
C HIS QA 62 -109.60 57.37 -24.25
N ASN QA 63 -109.04 57.65 -25.43
CA ASN QA 63 -108.08 58.72 -25.61
C ASN QA 63 -108.36 59.46 -26.92
N VAL QA 64 -108.22 60.78 -26.89
CA VAL QA 64 -108.33 61.61 -28.09
C VAL QA 64 -107.15 62.58 -28.12
N GLU QA 65 -106.40 62.56 -29.23
CA GLU QA 65 -105.07 63.13 -29.35
C GLU QA 65 -105.07 64.15 -30.47
N PHE QA 66 -104.48 65.33 -30.22
CA PHE QA 66 -104.28 66.35 -31.24
C PHE QA 66 -102.83 66.76 -31.24
N THR QA 67 -102.25 66.90 -32.44
CA THR QA 67 -100.84 67.24 -32.58
C THR QA 67 -100.67 68.23 -33.73
N GLU QA 68 -99.66 69.09 -33.63
CA GLU QA 68 -99.32 70.04 -34.68
C GLU QA 68 -97.80 70.21 -34.72
N THR QA 69 -97.21 70.01 -35.89
CA THR QA 69 -95.75 70.09 -36.06
C THR QA 69 -95.39 71.16 -37.09
N VAL QA 70 -94.37 71.95 -36.76
CA VAL QA 70 -93.84 72.99 -37.66
C VAL QA 70 -92.43 72.60 -38.08
N TYR QA 71 -92.15 72.67 -39.38
CA TYR QA 71 -90.85 72.26 -39.88
C TYR QA 71 -89.78 73.29 -39.54
N ALA QA 72 -88.53 72.82 -39.48
CA ALA QA 72 -87.41 73.68 -39.13
C ALA QA 72 -87.24 74.76 -40.20
N SER QA 73 -87.02 76.00 -39.75
CA SER QA 73 -86.81 77.14 -40.63
C SER QA 73 -85.63 77.94 -40.12
N GLY QA 74 -84.64 78.16 -40.97
CA GLY QA 74 -83.45 78.89 -40.55
C GLY QA 74 -82.77 78.19 -39.40
N SER QA 75 -82.42 78.96 -38.36
CA SER QA 75 -81.74 78.40 -37.21
C SER QA 75 -82.69 77.65 -36.27
N THR QA 76 -83.95 78.04 -36.23
CA THR QA 76 -84.89 77.45 -35.27
C THR QA 76 -85.21 76.01 -35.63
N PRO QA 77 -84.99 75.04 -34.74
CA PRO QA 77 -85.33 73.65 -35.06
C PRO QA 77 -86.83 73.42 -35.00
N GLU QA 78 -87.25 72.29 -35.58
CA GLU QA 78 -88.66 71.92 -35.60
C GLU QA 78 -89.16 71.64 -34.17
N PHE QA 79 -90.42 71.98 -33.93
CA PHE QA 79 -91.05 71.75 -32.63
C PHE QA 79 -92.53 71.44 -32.87
N VAL QA 80 -93.24 71.20 -31.78
CA VAL QA 80 -94.62 70.71 -31.85
C VAL QA 80 -95.49 71.37 -30.78
N ARG QA 81 -96.77 71.54 -31.11
CA ARG QA 81 -97.81 71.85 -30.13
C ARG QA 81 -98.84 70.72 -30.18
N GLN QA 82 -99.23 70.25 -29.00
CA GLN QA 82 -99.83 68.93 -28.87
C GLN QA 82 -100.71 68.91 -27.63
N ALA QA 83 -101.91 68.34 -27.75
CA ALA QA 83 -102.88 68.35 -26.65
C ALA QA 83 -103.81 67.14 -26.78
N TYR QA 84 -104.23 66.57 -25.64
CA TYR QA 84 -105.03 65.34 -25.69
C TYR QA 84 -105.82 65.14 -24.41
N VAL QA 85 -106.83 64.27 -24.51
CA VAL QA 85 -107.73 63.93 -23.41
C VAL QA 85 -107.86 62.41 -23.36
N VAL QA 86 -108.03 61.87 -22.15
CA VAL QA 86 -108.27 60.45 -21.98
C VAL QA 86 -109.39 60.26 -20.97
N ILE QA 87 -110.15 59.18 -21.13
CA ILE QA 87 -111.29 58.84 -20.27
C ILE QA 87 -111.17 57.38 -19.86
N ARG QA 88 -111.36 57.10 -18.57
CA ARG QA 88 -111.31 55.75 -18.05
C ARG QA 88 -112.47 55.50 -17.10
N HIS QA 89 -113.06 54.31 -17.20
CA HIS QA 89 -114.19 53.93 -16.35
C HIS QA 89 -114.34 52.41 -16.42
N LYS QA 90 -115.14 51.87 -15.51
CA LYS QA 90 -115.32 50.42 -15.48
C LYS QA 90 -116.14 49.96 -16.68
N VAL QA 91 -115.84 48.75 -17.14
CA VAL QA 91 -116.33 48.30 -18.45
C VAL QA 91 -117.86 48.24 -18.43
N GLY QA 92 -118.43 47.83 -17.32
CA GLY QA 92 -119.85 47.61 -17.20
C GLY QA 92 -120.66 48.81 -16.76
N ASP QA 93 -120.11 50.01 -16.81
CA ASP QA 93 -120.81 51.18 -16.30
C ASP QA 93 -121.97 51.57 -17.21
N VAL QA 94 -122.80 52.49 -16.71
CA VAL QA 94 -123.78 53.18 -17.54
C VAL QA 94 -123.07 54.31 -18.29
N SER QA 95 -123.42 54.49 -19.56
CA SER QA 95 -122.66 55.40 -20.42
C SER QA 95 -122.95 56.86 -20.07
N ALA QA 96 -124.20 57.21 -19.80
CA ALA QA 96 -124.55 58.62 -19.62
C ALA QA 96 -123.85 59.22 -18.41
N THR QA 97 -123.77 58.47 -17.31
CA THR QA 97 -123.11 59.00 -16.12
C THR QA 97 -121.66 59.33 -16.39
N VAL QA 98 -120.93 58.43 -17.04
CA VAL QA 98 -119.53 58.70 -17.33
C VAL QA 98 -119.40 59.82 -18.36
N SER QA 99 -120.39 59.94 -19.24
CA SER QA 99 -120.36 61.03 -20.21
C SER QA 99 -120.50 62.40 -19.54
N ASP QA 100 -121.31 62.48 -18.47
CA ASP QA 100 -121.52 63.77 -17.83
C ASP QA 100 -120.23 64.36 -17.27
N LEU QA 101 -119.35 63.52 -16.73
CA LEU QA 101 -118.08 64.02 -16.22
C LEU QA 101 -117.27 64.68 -17.34
N GLY QA 102 -117.21 64.03 -18.51
CA GLY QA 102 -116.50 64.62 -19.63
C GLY QA 102 -117.14 65.90 -20.11
N GLU QA 103 -118.47 65.94 -20.13
CA GLU QA 103 -119.17 67.17 -20.51
C GLU QA 103 -118.79 68.31 -19.57
N ALA QA 104 -118.76 68.04 -18.26
CA ALA QA 104 -118.34 69.07 -17.32
C ALA QA 104 -116.91 69.51 -17.57
N LEU QA 105 -116.01 68.56 -17.82
CA LEU QA 105 -114.62 68.91 -18.08
C LEU QA 105 -114.51 69.82 -19.29
N SER QA 106 -115.25 69.49 -20.36
CA SER QA 106 -115.21 70.32 -21.57
C SER QA 106 -115.78 71.71 -21.30
N PHE QA 107 -116.87 71.78 -20.54
CA PHE QA 107 -117.47 73.08 -20.23
C PHE QA 107 -116.55 73.97 -19.41
N TYR QA 108 -115.78 73.37 -18.50
CA TYR QA 108 -114.92 74.16 -17.63
C TYR QA 108 -113.85 74.89 -18.43
N LEU QA 109 -113.30 74.24 -19.45
CA LEU QA 109 -112.13 74.74 -20.15
C LEU QA 109 -112.53 75.88 -21.10
N ASN QA 110 -111.69 76.89 -21.19
CA ASN QA 110 -111.95 78.01 -22.09
C ASN QA 110 -110.69 78.86 -22.22
N GLU QA 111 -110.85 79.99 -22.92
CA GLU QA 111 -109.74 80.91 -23.10
C GLU QA 111 -109.23 81.44 -21.77
N ALA QA 112 -110.15 81.84 -20.89
CA ALA QA 112 -109.74 82.39 -19.61
C ALA QA 112 -108.93 81.39 -18.82
N LEU QA 113 -109.44 80.17 -18.66
CA LEU QA 113 -108.72 79.17 -17.88
C LEU QA 113 -107.40 78.79 -18.54
N TYR QA 114 -107.34 78.77 -19.87
CA TYR QA 114 -106.09 78.48 -20.54
C TYR QA 114 -105.06 79.57 -20.26
N GLY QA 115 -105.49 80.84 -20.28
CA GLY QA 115 -104.59 81.91 -19.88
C GLY QA 115 -104.10 81.73 -18.46
N LYS QA 116 -105.00 81.37 -17.54
CA LYS QA 116 -104.59 81.14 -16.16
C LYS QA 116 -103.56 80.01 -16.07
N LEU QA 117 -103.80 78.90 -16.78
CA LEU QA 117 -102.87 77.78 -16.74
C LEU QA 117 -101.51 78.16 -17.28
N ILE QA 118 -101.47 78.86 -18.42
CA ILE QA 118 -100.19 79.33 -18.95
C ILE QA 118 -99.55 80.29 -17.98
N GLY QA 119 -100.36 80.94 -17.13
CA GLY QA 119 -99.84 81.76 -16.06
C GLY QA 119 -99.24 80.98 -14.90
N TRP QA 120 -99.35 79.67 -14.88
CA TRP QA 120 -98.79 78.76 -13.87
C TRP QA 120 -99.56 78.81 -12.57
N GLU QA 121 -100.56 79.69 -12.42
CA GLU QA 121 -101.29 79.75 -11.17
C GLU QA 121 -102.17 78.53 -11.02
N SER QA 122 -102.15 77.94 -9.82
CA SER QA 122 -102.84 76.68 -9.59
C SER QA 122 -103.81 76.81 -8.43
N ALA RA 1 -115.87 43.86 -49.04
CA ALA RA 1 -116.21 43.90 -47.58
C ALA RA 1 -117.73 43.86 -47.39
N LEU RA 2 -118.16 43.44 -46.20
CA LEU RA 2 -119.56 43.04 -46.02
C LEU RA 2 -120.49 44.23 -46.16
N GLY RA 3 -120.13 45.35 -45.53
CA GLY RA 3 -121.01 46.46 -45.27
C GLY RA 3 -120.64 47.15 -43.96
N ASP RA 4 -121.11 48.39 -43.83
CA ASP RA 4 -120.66 49.20 -42.71
C ASP RA 4 -121.23 48.70 -41.39
N THR RA 5 -122.33 47.96 -41.42
CA THR RA 5 -122.89 47.43 -40.19
C THR RA 5 -123.23 45.96 -40.36
N LEU RA 6 -123.21 45.25 -39.24
CA LEU RA 6 -123.59 43.84 -39.17
C LEU RA 6 -124.84 43.73 -38.32
N THR RA 7 -125.77 42.90 -38.76
CA THR RA 7 -127.06 42.77 -38.08
C THR RA 7 -127.29 41.31 -37.70
N ILE RA 8 -127.72 41.09 -36.45
CA ILE RA 8 -128.06 39.77 -35.97
C ILE RA 8 -129.43 39.84 -35.31
N THR RA 9 -130.30 38.90 -35.65
CA THR RA 9 -131.67 38.85 -35.14
C THR RA 9 -131.77 37.66 -34.19
N LEU RA 10 -131.90 37.96 -32.89
CA LEU RA 10 -132.03 36.89 -31.90
C LEU RA 10 -133.35 36.15 -32.10
N GLY RA 11 -133.32 34.84 -31.90
CA GLY RA 11 -134.50 34.02 -32.08
C GLY RA 11 -134.79 33.64 -33.51
N GLY RA 12 -133.88 33.90 -34.45
CA GLY RA 12 -134.11 33.52 -35.83
C GLY RA 12 -134.89 34.56 -36.59
N SER RA 13 -135.84 34.11 -37.41
CA SER RA 13 -136.68 34.99 -38.19
C SER RA 13 -137.70 35.75 -37.34
N GLY RA 14 -137.78 35.45 -36.04
CA GLY RA 14 -138.75 36.11 -35.19
C GLY RA 14 -138.61 37.62 -35.15
N GLY RA 15 -137.55 38.10 -34.50
CA GLY RA 15 -137.34 39.52 -34.34
C GLY RA 15 -136.14 39.84 -33.48
N THR RA 16 -136.18 40.98 -32.78
CA THR RA 16 -135.11 41.39 -31.88
C THR RA 16 -133.78 41.54 -32.63
N ALA RA 17 -133.77 42.49 -33.56
CA ALA RA 17 -132.60 42.75 -34.37
C ALA RA 17 -131.60 43.64 -33.63
N LYS RA 18 -130.33 43.28 -33.73
CA LYS RA 18 -129.24 44.03 -33.11
C LYS RA 18 -128.27 44.44 -34.22
N VAL RA 19 -127.75 45.67 -34.13
CA VAL RA 19 -126.86 46.21 -35.15
C VAL RA 19 -125.52 46.52 -34.52
N LEU RA 20 -124.45 45.99 -35.13
CA LEU RA 20 -123.09 46.16 -34.63
C LEU RA 20 -122.26 47.00 -35.59
N ARG RA 21 -121.32 47.74 -35.00
CA ARG RA 21 -120.41 48.65 -35.69
C ARG RA 21 -119.04 47.99 -35.80
N LYS RA 22 -118.29 48.31 -36.86
CA LYS RA 22 -116.93 47.79 -36.93
C LYS RA 22 -116.03 48.57 -35.99
N ILE RA 23 -115.01 47.90 -35.44
CA ILE RA 23 -114.20 48.50 -34.39
C ILE RA 23 -112.71 48.46 -34.69
N ASN RA 24 -112.25 47.59 -35.60
CA ASN RA 24 -110.86 47.36 -35.97
C ASN RA 24 -110.89 46.52 -37.24
N GLN RA 25 -109.77 46.50 -37.96
CA GLN RA 25 -109.64 45.53 -39.05
C GLN RA 25 -108.17 45.29 -39.31
N ASP RA 26 -107.72 44.06 -39.12
CA ASP RA 26 -106.30 43.74 -39.20
C ASP RA 26 -106.11 42.34 -39.73
N GLY RA 27 -105.16 42.18 -40.66
CA GLY RA 27 -104.73 40.87 -41.10
C GLY RA 27 -105.84 40.01 -41.66
N TYR RA 28 -106.68 40.58 -42.53
CA TYR RA 28 -107.78 39.86 -43.16
C TYR RA 28 -108.84 39.43 -42.16
N THR RA 29 -108.90 40.09 -41.00
CA THR RA 29 -109.88 39.79 -39.97
C THR RA 29 -110.65 41.05 -39.64
N SER RA 30 -111.94 40.90 -39.33
CA SER RA 30 -112.80 42.00 -38.95
C SER RA 30 -113.66 41.58 -37.77
N GLU RA 31 -114.02 42.54 -36.92
CA GLU RA 31 -114.85 42.24 -35.76
C GLU RA 31 -115.73 43.45 -35.44
N TYR RA 32 -116.82 43.17 -34.71
CA TYR RA 32 -117.87 44.15 -34.45
C TYR RA 32 -118.10 44.25 -32.95
N TYR RA 33 -118.74 45.34 -32.53
CA TYR RA 33 -119.07 45.50 -31.12
C TYR RA 33 -120.33 46.33 -30.97
N LEU RA 34 -120.99 46.18 -29.81
CA LEU RA 34 -122.16 46.97 -29.44
C LEU RA 34 -122.38 46.87 -27.93
N PRO RA 35 -122.41 47.97 -27.20
CA PRO RA 35 -122.72 47.90 -25.77
C PRO RA 35 -124.19 48.24 -25.48
N GLU RA 36 -124.65 47.77 -24.32
CA GLU RA 36 -126.03 47.98 -23.88
C GLU RA 36 -126.00 48.18 -22.37
N THR RA 37 -127.18 48.22 -21.74
CA THR RA 37 -127.24 48.46 -20.31
C THR RA 37 -126.68 47.29 -19.51
N SER RA 38 -127.11 46.08 -19.82
CA SER RA 38 -126.76 44.91 -19.03
C SER RA 38 -126.00 43.84 -19.83
N SER RA 39 -125.64 44.12 -21.07
CA SER RA 39 -124.92 43.14 -21.88
C SER RA 39 -124.29 43.86 -23.06
N SER RA 40 -123.48 43.13 -23.81
CA SER RA 40 -122.80 43.65 -24.98
C SER RA 40 -122.71 42.55 -26.04
N PHE RA 41 -122.52 42.96 -27.29
CA PHE RA 41 -122.44 42.04 -28.40
C PHE RA 41 -121.17 42.28 -29.19
N ARG RA 42 -120.63 41.20 -29.75
CA ARG RA 42 -119.36 41.23 -30.47
C ARG RA 42 -119.34 40.09 -31.47
N ALA RA 43 -118.68 40.34 -32.60
CA ALA RA 43 -118.56 39.36 -33.68
C ALA RA 43 -117.19 39.51 -34.32
N LYS RA 44 -116.68 38.40 -34.85
CA LYS RA 44 -115.43 38.40 -35.59
C LYS RA 44 -115.58 37.58 -36.87
N VAL RA 45 -114.82 37.97 -37.89
CA VAL RA 45 -114.62 37.18 -39.10
C VAL RA 45 -113.13 37.19 -39.41
N ARG RA 46 -112.56 36.02 -39.66
CA ARG RA 46 -111.15 35.90 -39.98
C ARG RA 46 -110.94 34.81 -41.01
N HIS RA 47 -109.84 34.91 -41.75
CA HIS RA 47 -109.43 33.91 -42.72
C HIS RA 47 -107.98 33.54 -42.50
N THR RA 48 -107.62 32.31 -42.84
CA THR RA 48 -106.28 31.80 -42.63
C THR RA 48 -105.95 30.78 -43.70
N LYS RA 49 -104.64 30.60 -43.92
CA LYS RA 49 -104.11 29.57 -44.81
C LYS RA 49 -103.27 28.61 -43.98
N GLU RA 50 -103.56 27.32 -44.06
CA GLU RA 50 -102.88 26.36 -43.21
C GLU RA 50 -101.42 26.20 -43.62
N SER RA 51 -100.64 25.65 -42.69
CA SER RA 51 -99.21 25.46 -42.92
C SER RA 51 -98.99 24.50 -44.09
N VAL RA 52 -97.93 24.76 -44.85
CA VAL RA 52 -97.63 24.02 -46.07
C VAL RA 52 -96.44 23.11 -45.81
N LYS RA 53 -96.58 21.85 -46.19
CA LYS RA 53 -95.52 20.85 -46.10
C LYS RA 53 -95.41 20.19 -47.47
N PRO RA 54 -94.25 19.62 -47.80
CA PRO RA 54 -94.07 19.07 -49.14
C PRO RA 54 -95.08 17.98 -49.44
N ASN RA 55 -95.29 17.76 -50.75
CA ASN RA 55 -96.11 16.70 -51.32
C ASN RA 55 -97.34 16.39 -50.47
N GLN RA 56 -98.13 17.42 -50.15
CA GLN RA 56 -99.45 17.23 -49.58
C GLN RA 56 -100.29 18.46 -49.89
N VAL RA 57 -101.61 18.28 -49.86
CA VAL RA 57 -102.56 19.31 -50.27
C VAL RA 57 -102.60 20.47 -49.28
N GLN RA 58 -103.06 21.62 -49.75
CA GLN RA 58 -103.06 22.86 -48.99
C GLN RA 58 -104.48 23.40 -48.90
N TYR RA 59 -104.84 23.92 -47.73
CA TYR RA 59 -106.23 24.18 -47.39
C TYR RA 59 -106.44 25.61 -46.92
N GLU RA 60 -107.68 26.08 -47.04
CA GLU RA 60 -108.12 27.37 -46.54
C GLU RA 60 -109.21 27.18 -45.49
N ARG RA 61 -109.23 28.08 -44.50
CA ARG RA 61 -110.15 27.97 -43.37
C ARG RA 61 -110.89 29.28 -43.17
N HIS RA 62 -112.22 29.25 -43.29
CA HIS RA 62 -113.07 30.41 -43.01
C HIS RA 62 -114.06 30.09 -41.91
N ASN RA 63 -114.08 30.94 -40.88
CA ASN RA 63 -114.98 30.75 -39.74
C ASN RA 63 -115.45 32.09 -39.23
N VAL RA 64 -116.62 32.08 -38.57
CA VAL RA 64 -117.24 33.28 -38.03
C VAL RA 64 -117.87 32.95 -36.68
N GLU RA 65 -117.82 33.90 -35.75
CA GLU RA 65 -118.28 33.68 -34.38
C GLU RA 65 -119.16 34.82 -33.89
N PHE RA 66 -120.15 34.47 -33.06
CA PHE RA 66 -120.94 35.42 -32.29
C PHE RA 66 -120.66 35.21 -30.81
N THR RA 67 -120.45 36.30 -30.09
CA THR RA 67 -120.12 36.25 -28.66
C THR RA 67 -121.05 37.20 -27.90
N GLU RA 68 -121.58 36.73 -26.79
CA GLU RA 68 -122.52 37.49 -25.97
C GLU RA 68 -122.06 37.40 -24.52
N THR RA 69 -122.04 38.55 -23.84
CA THR RA 69 -121.52 38.66 -22.48
C THR RA 69 -122.56 39.32 -21.57
N VAL RA 70 -122.69 38.80 -20.36
CA VAL RA 70 -123.68 39.26 -19.39
C VAL RA 70 -122.91 39.79 -18.18
N TYR RA 71 -123.19 41.04 -17.82
CA TYR RA 71 -122.48 41.66 -16.71
C TYR RA 71 -122.90 41.07 -15.37
N ALA RA 72 -121.99 41.13 -14.41
CA ALA RA 72 -122.22 40.56 -13.09
C ALA RA 72 -123.24 41.40 -12.33
N SER RA 73 -124.25 40.74 -11.78
CA SER RA 73 -125.29 41.39 -10.99
C SER RA 73 -125.45 40.64 -9.68
N GLY RA 74 -125.42 41.37 -8.57
CA GLY RA 74 -125.54 40.73 -7.28
C GLY RA 74 -124.43 39.72 -7.06
N SER RA 75 -124.80 38.53 -6.59
CA SER RA 75 -123.81 37.49 -6.33
C SER RA 75 -123.35 36.79 -7.60
N THR RA 76 -124.19 36.74 -8.63
CA THR RA 76 -123.81 36.04 -9.86
C THR RA 76 -122.63 36.75 -10.53
N PRO RA 77 -121.56 36.03 -10.86
CA PRO RA 77 -120.42 36.68 -11.53
C PRO RA 77 -120.60 36.79 -13.03
N GLU RA 78 -119.54 37.19 -13.74
CA GLU RA 78 -119.57 37.30 -15.19
C GLU RA 78 -119.74 35.94 -15.84
N PHE RA 79 -120.37 35.94 -17.01
CA PHE RA 79 -120.45 34.75 -17.86
C PHE RA 79 -120.84 35.19 -19.27
N VAL RA 80 -120.61 34.30 -20.24
CA VAL RA 80 -120.73 34.64 -21.65
C VAL RA 80 -121.46 33.52 -22.38
N ARG RA 81 -121.99 33.87 -23.55
CA ARG RA 81 -122.49 32.91 -24.53
C ARG RA 81 -121.76 33.12 -25.85
N GLN RA 82 -121.61 32.03 -26.61
CA GLN RA 82 -120.74 32.04 -27.78
C GLN RA 82 -121.17 30.94 -28.73
N ALA RA 83 -120.91 31.15 -30.02
CA ALA RA 83 -121.23 30.16 -31.04
C ALA RA 83 -120.54 30.54 -32.35
N TYR RA 84 -119.91 29.57 -33.00
CA TYR RA 84 -119.15 29.86 -34.20
C TYR RA 84 -119.11 28.63 -35.11
N VAL RA 85 -118.80 28.88 -36.39
CA VAL RA 85 -118.77 27.84 -37.41
C VAL RA 85 -117.48 27.97 -38.22
N VAL RA 86 -116.97 26.83 -38.67
CA VAL RA 86 -115.70 26.74 -39.39
C VAL RA 86 -115.91 26.00 -40.70
N ILE RA 87 -115.22 26.45 -41.74
CA ILE RA 87 -115.27 25.84 -43.07
C ILE RA 87 -113.83 25.58 -43.51
N ARG RA 88 -113.55 24.36 -44.00
CA ARG RA 88 -112.23 24.03 -44.52
C ARG RA 88 -112.36 23.36 -45.88
N HIS RA 89 -111.60 23.86 -46.85
CA HIS RA 89 -111.59 23.33 -48.21
C HIS RA 89 -110.24 23.64 -48.84
N LYS RA 90 -109.88 22.87 -49.85
CA LYS RA 90 -108.55 22.99 -50.44
C LYS RA 90 -108.45 24.22 -51.33
N VAL RA 91 -107.21 24.63 -51.61
CA VAL RA 91 -106.99 25.75 -52.51
C VAL RA 91 -107.41 25.36 -53.92
N GLY RA 92 -108.12 26.26 -54.59
CA GLY RA 92 -108.53 26.05 -55.96
C GLY RA 92 -109.72 25.13 -56.16
N ASP RA 93 -110.45 24.80 -55.10
CA ASP RA 93 -111.64 23.97 -55.24
C ASP RA 93 -112.78 24.77 -55.84
N VAL RA 94 -113.82 24.06 -56.28
CA VAL RA 94 -114.99 24.70 -56.85
C VAL RA 94 -115.82 25.33 -55.73
N SER RA 95 -116.17 26.60 -55.91
CA SER RA 95 -116.80 27.35 -54.82
C SER RA 95 -118.21 26.85 -54.53
N ALA RA 96 -119.01 26.61 -55.56
CA ALA RA 96 -120.42 26.24 -55.34
C ALA RA 96 -120.53 24.93 -54.58
N THR RA 97 -119.72 23.94 -54.94
CA THR RA 97 -119.74 22.68 -54.22
C THR RA 97 -119.36 22.87 -52.76
N VAL RA 98 -118.34 23.67 -52.49
CA VAL RA 98 -117.91 23.89 -51.11
C VAL RA 98 -119.00 24.62 -50.33
N SER RA 99 -119.79 25.46 -50.99
CA SER RA 99 -120.86 26.16 -50.30
C SER RA 99 -122.05 25.24 -50.02
N ASP RA 100 -122.35 24.32 -50.93
CA ASP RA 100 -123.49 23.43 -50.75
C ASP RA 100 -123.36 22.65 -49.44
N LEU RA 101 -122.21 22.04 -49.21
CA LEU RA 101 -121.80 21.67 -47.87
C LEU RA 101 -121.54 22.96 -47.10
N GLY RA 102 -121.92 22.97 -45.83
CA GLY RA 102 -122.00 24.23 -45.13
C GLY RA 102 -123.43 24.75 -45.15
N GLU RA 103 -123.99 24.92 -46.35
CA GLU RA 103 -125.40 25.29 -46.42
C GLU RA 103 -126.29 24.16 -45.90
N ALA RA 104 -125.93 22.91 -46.19
CA ALA RA 104 -126.70 21.79 -45.63
C ALA RA 104 -126.65 21.81 -44.10
N LEU RA 105 -125.48 22.06 -43.53
CA LEU RA 105 -125.37 22.13 -42.07
C LEU RA 105 -126.20 23.28 -41.51
N SER RA 106 -126.15 24.44 -42.16
CA SER RA 106 -126.93 25.58 -41.70
C SER RA 106 -128.42 25.28 -41.76
N PHE RA 107 -128.87 24.64 -42.84
CA PHE RA 107 -130.29 24.31 -42.98
C PHE RA 107 -130.72 23.24 -41.98
N TYR RA 108 -129.83 22.29 -41.68
CA TYR RA 108 -130.18 21.21 -40.77
C TYR RA 108 -130.42 21.75 -39.36
N LEU RA 109 -129.59 22.66 -38.89
CA LEU RA 109 -129.74 23.23 -37.56
C LEU RA 109 -131.02 24.05 -37.50
N ASN RA 110 -131.74 23.94 -36.38
CA ASN RA 110 -132.98 24.68 -36.18
C ASN RA 110 -133.36 24.59 -34.70
N GLU RA 111 -134.56 25.08 -34.37
CA GLU RA 111 -134.99 25.07 -32.97
C GLU RA 111 -135.04 23.67 -32.41
N ALA RA 112 -135.58 22.71 -33.17
CA ALA RA 112 -135.73 21.36 -32.64
C ALA RA 112 -134.39 20.76 -32.27
N LEU RA 113 -133.41 20.84 -33.17
CA LEU RA 113 -132.10 20.28 -32.87
C LEU RA 113 -131.42 21.02 -31.73
N TYR RA 114 -131.51 22.35 -31.72
CA TYR RA 114 -130.88 23.12 -30.66
C TYR RA 114 -131.46 22.75 -29.30
N GLY RA 115 -132.78 22.62 -29.22
CA GLY RA 115 -133.40 22.20 -27.97
C GLY RA 115 -132.99 20.79 -27.58
N LYS RA 116 -133.00 19.86 -28.53
CA LYS RA 116 -132.56 18.50 -28.23
C LYS RA 116 -131.08 18.47 -27.88
N LEU RA 117 -130.26 19.23 -28.59
CA LEU RA 117 -128.82 19.06 -28.49
C LEU RA 117 -128.28 19.60 -27.17
N ILE RA 118 -128.85 20.72 -26.70
CA ILE RA 118 -128.37 21.31 -25.45
C ILE RA 118 -128.61 20.37 -24.28
N GLY RA 119 -129.53 19.41 -24.42
CA GLY RA 119 -129.77 18.43 -23.38
C GLY RA 119 -128.82 17.26 -23.42
N TRP RA 120 -127.62 17.45 -23.98
CA TRP RA 120 -126.59 16.40 -23.96
C TRP RA 120 -127.02 15.19 -24.76
N GLU RA 121 -128.17 15.29 -25.44
CA GLU RA 121 -128.66 14.21 -26.28
C GLU RA 121 -127.74 14.01 -27.48
N SER RA 122 -127.57 12.76 -27.88
CA SER RA 122 -126.69 12.43 -29.00
C SER RA 122 -127.37 11.46 -29.96
N ALA SA 1 -109.43 55.05 -47.27
CA ALA SA 1 -110.29 56.22 -47.57
C ALA SA 1 -110.68 56.24 -49.05
N LEU SA 2 -110.03 55.41 -49.86
CA LEU SA 2 -110.34 55.37 -51.29
C LEU SA 2 -111.80 54.94 -51.52
N GLY SA 3 -112.26 53.95 -50.76
CA GLY SA 3 -113.61 53.44 -50.94
C GLY SA 3 -113.69 51.95 -50.73
N ASP SA 4 -114.91 51.44 -50.52
CA ASP SA 4 -115.07 50.01 -50.24
C ASP SA 4 -114.76 49.16 -51.46
N THR SA 5 -114.90 49.71 -52.67
CA THR SA 5 -114.66 48.94 -53.88
C THR SA 5 -113.89 49.80 -54.87
N LEU SA 6 -113.25 49.14 -55.83
CA LEU SA 6 -112.48 49.77 -56.89
C LEU SA 6 -112.93 49.23 -58.23
N THR SA 7 -112.82 50.05 -59.26
CA THR SA 7 -113.27 49.70 -60.60
C THR SA 7 -112.11 49.77 -61.57
N ILE SA 8 -111.92 48.69 -62.34
CA ILE SA 8 -110.94 48.63 -63.41
C ILE SA 8 -111.70 48.41 -64.71
N THR SA 9 -111.50 49.31 -65.67
CA THR SA 9 -112.16 49.23 -66.98
C THR SA 9 -111.12 48.80 -68.01
N LEU SA 10 -111.06 47.49 -68.29
CA LEU SA 10 -110.10 46.99 -69.25
C LEU SA 10 -110.37 47.62 -70.62
N GLY SA 11 -109.30 48.07 -71.26
CA GLY SA 11 -109.45 48.71 -72.56
C GLY SA 11 -109.77 50.18 -72.52
N GLY SA 12 -109.49 50.85 -71.41
CA GLY SA 12 -109.74 52.27 -71.35
C GLY SA 12 -111.23 52.58 -71.33
N SER SA 13 -111.56 53.77 -71.82
CA SER SA 13 -112.95 54.22 -71.83
C SER SA 13 -113.78 53.31 -72.73
N GLY SA 14 -115.00 53.02 -72.28
CA GLY SA 14 -115.92 52.23 -73.07
C GLY SA 14 -115.60 50.75 -73.11
N GLY SA 15 -114.86 50.24 -72.15
CA GLY SA 15 -114.42 48.85 -72.13
C GLY SA 15 -115.24 47.99 -71.19
N THR SA 16 -114.60 46.93 -70.70
CA THR SA 16 -115.21 45.99 -69.76
C THR SA 16 -114.82 46.38 -68.34
N ALA SA 17 -115.81 46.47 -67.46
CA ALA SA 17 -115.60 46.94 -66.10
C ALA SA 17 -115.53 45.75 -65.13
N LYS SA 18 -114.49 45.75 -64.29
CA LYS SA 18 -114.34 44.80 -63.20
C LYS SA 18 -114.37 45.54 -61.88
N VAL SA 19 -115.13 45.02 -60.92
CA VAL SA 19 -115.33 45.71 -59.65
C VAL SA 19 -114.62 44.95 -58.52
N LEU SA 20 -113.40 45.36 -58.20
CA LEU SA 20 -112.67 44.74 -57.10
C LEU SA 20 -113.21 45.22 -55.76
N ARG SA 21 -112.99 44.43 -54.71
CA ARG SA 21 -113.53 44.68 -53.39
C ARG SA 21 -112.42 44.67 -52.34
N LYS SA 22 -112.56 45.51 -51.32
CA LYS SA 22 -111.51 45.67 -50.32
C LYS SA 22 -111.42 44.44 -49.41
N ILE SA 23 -110.21 44.20 -48.91
CA ILE SA 23 -109.95 43.12 -47.98
C ILE SA 23 -109.27 43.66 -46.73
N ASN SA 24 -108.11 44.30 -46.90
CA ASN SA 24 -107.22 44.62 -45.80
C ASN SA 24 -106.56 45.97 -46.03
N GLN SA 25 -106.20 46.63 -44.93
CA GLN SA 25 -105.40 47.86 -44.99
C GLN SA 25 -104.78 48.07 -43.61
N ASP SA 26 -103.52 47.69 -43.45
CA ASP SA 26 -102.84 47.75 -42.16
C ASP SA 26 -101.63 48.68 -42.18
N GLY SA 27 -100.67 48.47 -43.08
CA GLY SA 27 -99.45 49.25 -43.07
C GLY SA 27 -99.49 50.41 -44.03
N TYR SA 28 -100.46 51.31 -43.84
CA TYR SA 28 -100.63 52.46 -44.73
C TYR SA 28 -100.87 52.02 -46.17
N THR SA 29 -101.38 50.80 -46.35
CA THR SA 29 -101.57 50.19 -47.67
C THR SA 29 -103.00 49.68 -47.80
N SER SA 30 -103.34 49.24 -49.01
CA SER SA 30 -104.71 48.81 -49.30
C SER SA 30 -104.71 47.57 -50.18
N GLU SA 31 -105.82 46.85 -50.11
CA GLU SA 31 -106.01 45.58 -50.78
C GLU SA 31 -107.36 45.58 -51.50
N TYR SA 32 -107.36 45.15 -52.76
CA TYR SA 32 -108.59 44.96 -53.52
C TYR SA 32 -108.48 43.66 -54.32
N TYR SA 33 -109.55 42.87 -54.37
CA TYR SA 33 -109.47 41.54 -54.97
C TYR SA 33 -110.78 41.19 -55.66
N LEU SA 34 -110.68 40.31 -56.67
CA LEU SA 34 -111.86 39.78 -57.36
C LEU SA 34 -111.50 38.46 -58.04
N PRO SA 35 -112.08 37.33 -57.64
CA PRO SA 35 -111.82 36.07 -58.35
C PRO SA 35 -112.80 35.83 -59.49
N GLU SA 36 -112.32 35.06 -60.48
CA GLU SA 36 -113.10 34.71 -61.66
C GLU SA 36 -112.91 33.23 -61.92
N THR SA 37 -113.45 32.74 -63.04
CA THR SA 37 -113.31 31.32 -63.36
C THR SA 37 -111.90 31.00 -63.80
N SER SA 38 -111.26 31.89 -64.58
CA SER SA 38 -109.94 31.62 -65.15
C SER SA 38 -108.91 32.69 -64.81
N SER SA 39 -109.26 33.66 -63.97
CA SER SA 39 -108.31 34.69 -63.58
C SER SA 39 -108.83 35.41 -62.35
N SER SA 40 -108.00 36.26 -61.78
CA SER SA 40 -108.36 37.08 -60.64
C SER SA 40 -107.64 38.42 -60.76
N PHE SA 41 -108.20 39.44 -60.11
CA PHE SA 41 -107.67 40.79 -60.17
C PHE SA 41 -107.35 41.28 -58.78
N ARG SA 42 -106.13 41.78 -58.58
CA ARG SA 42 -105.70 42.37 -57.32
C ARG SA 42 -105.15 43.77 -57.57
N ALA SA 43 -105.31 44.64 -56.58
CA ALA SA 43 -104.74 45.98 -56.60
C ALA SA 43 -104.04 46.26 -55.29
N LYS SA 44 -102.86 46.87 -55.37
CA LYS SA 44 -102.09 47.27 -54.20
C LYS SA 44 -102.02 48.78 -54.22
N VAL SA 45 -102.17 49.41 -53.06
CA VAL SA 45 -101.82 50.81 -52.89
C VAL SA 45 -100.85 50.92 -51.73
N ARG SA 46 -99.76 51.66 -51.93
CA ARG SA 46 -98.68 51.73 -50.96
C ARG SA 46 -98.19 53.18 -50.87
N HIS SA 47 -98.01 53.67 -49.65
CA HIS SA 47 -97.35 54.94 -49.41
C HIS SA 47 -96.15 54.72 -48.50
N THR SA 48 -95.00 55.24 -48.90
CA THR SA 48 -93.77 55.05 -48.14
C THR SA 48 -93.03 56.37 -47.97
N LYS SA 49 -92.23 56.43 -46.91
CA LYS SA 49 -91.44 57.59 -46.54
C LYS SA 49 -89.97 57.22 -46.58
N GLU SA 50 -89.20 57.96 -47.36
CA GLU SA 50 -87.81 57.60 -47.65
C GLU SA 50 -86.92 57.81 -46.42
N SER SA 51 -85.84 57.03 -46.36
CA SER SA 51 -84.97 57.04 -45.20
C SER SA 51 -84.29 58.39 -45.03
N VAL SA 52 -84.05 58.76 -43.78
CA VAL SA 52 -83.41 60.03 -43.46
C VAL SA 52 -81.90 59.85 -43.49
N LYS SA 53 -81.18 60.85 -43.98
CA LYS SA 53 -79.77 61.00 -43.68
C LYS SA 53 -79.55 62.48 -43.41
N PRO SA 54 -78.69 62.84 -42.46
CA PRO SA 54 -78.55 64.26 -42.11
C PRO SA 54 -78.47 65.16 -43.33
N ASN SA 55 -78.87 66.42 -43.11
CA ASN SA 55 -78.72 67.54 -44.04
C ASN SA 55 -78.94 67.17 -45.50
N GLN SA 56 -80.12 66.62 -45.81
CA GLN SA 56 -80.60 66.50 -47.18
C GLN SA 56 -82.12 66.60 -47.18
N VAL SA 57 -82.67 66.71 -48.39
CA VAL SA 57 -84.10 66.94 -48.56
C VAL SA 57 -84.88 65.68 -48.18
N GLN SA 58 -86.09 65.88 -47.68
CA GLN SA 58 -86.98 64.79 -47.28
C GLN SA 58 -87.93 64.46 -48.41
N TYR SA 59 -88.20 63.15 -48.61
CA TYR SA 59 -88.89 62.68 -49.79
C TYR SA 59 -89.97 61.66 -49.43
N GLU SA 60 -90.94 61.53 -50.32
CA GLU SA 60 -92.04 60.58 -50.17
C GLU SA 60 -92.35 59.91 -51.50
N ARG SA 61 -92.82 58.65 -51.42
CA ARG SA 61 -93.13 57.83 -52.59
C ARG SA 61 -94.56 57.31 -52.49
N HIS SA 62 -95.29 57.36 -53.61
CA HIS SA 62 -96.63 56.79 -53.73
C HIS SA 62 -96.69 55.84 -54.91
N ASN SA 63 -97.22 54.64 -54.67
CA ASN SA 63 -97.19 53.56 -55.64
C ASN SA 63 -98.60 52.99 -55.86
N VAL SA 64 -98.89 52.59 -57.09
CA VAL SA 64 -100.15 51.93 -57.43
C VAL SA 64 -99.87 50.78 -58.38
N GLU SA 65 -100.45 49.62 -58.11
CA GLU SA 65 -100.15 48.38 -58.81
C GLU SA 65 -101.42 47.68 -59.27
N PHE SA 66 -101.44 47.23 -60.52
CA PHE SA 66 -102.46 46.32 -61.04
C PHE SA 66 -101.82 45.00 -61.41
N THR SA 67 -102.39 43.90 -60.92
CA THR SA 67 -101.88 42.55 -61.14
C THR SA 67 -103.01 41.68 -61.66
N GLU SA 68 -102.71 40.85 -62.66
CA GLU SA 68 -103.68 39.92 -63.24
C GLU SA 68 -103.01 38.56 -63.41
N THR SA 69 -103.66 37.52 -62.91
CA THR SA 69 -103.11 36.16 -62.94
C THR SA 69 -104.02 35.24 -63.73
N VAL SA 70 -103.41 34.37 -64.54
CA VAL SA 70 -104.12 33.39 -65.35
C VAL SA 70 -103.78 32.01 -64.82
N TYR SA 71 -104.81 31.24 -64.47
CA TYR SA 71 -104.58 29.92 -63.90
C TYR SA 71 -104.12 28.95 -64.97
N ALA SA 72 -103.43 27.90 -64.51
CA ALA SA 72 -102.83 26.94 -65.43
C ALA SA 72 -103.91 26.20 -66.21
N SER SA 73 -103.58 25.85 -67.45
CA SER SA 73 -104.50 25.17 -68.35
C SER SA 73 -103.68 24.26 -69.26
N GLY SA 74 -103.71 22.96 -68.98
CA GLY SA 74 -102.93 22.04 -69.76
C GLY SA 74 -101.44 22.31 -69.63
N SER SA 75 -100.76 22.43 -70.76
CA SER SA 75 -99.32 22.65 -70.74
C SER SA 75 -98.97 24.01 -70.15
N THR SA 76 -99.75 25.03 -70.46
CA THR SA 76 -99.41 26.40 -70.06
C THR SA 76 -99.51 26.57 -68.55
N PRO SA 77 -98.44 26.98 -67.86
CA PRO SA 77 -98.52 27.16 -66.40
C PRO SA 77 -99.05 28.52 -66.00
N GLU SA 78 -98.93 28.85 -64.71
CA GLU SA 78 -99.35 30.15 -64.21
C GLU SA 78 -98.52 31.27 -64.83
N PHE SA 79 -99.18 32.37 -65.17
CA PHE SA 79 -98.48 33.58 -65.59
C PHE SA 79 -99.28 34.82 -65.20
N VAL SA 80 -98.58 35.94 -65.12
CA VAL SA 80 -99.09 37.18 -64.55
C VAL SA 80 -98.93 38.32 -65.56
N ARG SA 81 -99.93 39.20 -65.59
CA ARG SA 81 -99.82 40.50 -66.23
C ARG SA 81 -99.92 41.58 -65.16
N GLN SA 82 -99.00 42.54 -65.20
CA GLN SA 82 -98.85 43.51 -64.12
C GLN SA 82 -98.57 44.89 -64.71
N ALA SA 83 -98.89 45.93 -63.95
CA ALA SA 83 -98.62 47.30 -64.38
C ALA SA 83 -98.75 48.25 -63.20
N TYR SA 84 -97.75 49.11 -62.99
CA TYR SA 84 -97.75 50.00 -61.83
C TYR SA 84 -97.11 51.33 -62.18
N VAL SA 85 -97.41 52.33 -61.35
CA VAL SA 85 -96.85 53.68 -61.45
C VAL SA 85 -96.34 54.11 -60.08
N VAL SA 86 -95.36 55.02 -60.08
CA VAL SA 86 -94.75 55.53 -58.86
C VAL SA 86 -94.61 57.04 -58.99
N ILE SA 87 -94.80 57.75 -57.87
CA ILE SA 87 -94.66 59.20 -57.80
C ILE SA 87 -93.70 59.51 -56.66
N ARG SA 88 -92.69 60.34 -56.93
CA ARG SA 88 -91.71 60.72 -55.91
C ARG SA 88 -91.57 62.23 -55.89
N HIS SA 89 -91.66 62.81 -54.69
CA HIS SA 89 -91.51 64.25 -54.49
C HIS SA 89 -90.98 64.46 -53.07
N LYS SA 90 -90.96 65.72 -52.63
CA LYS SA 90 -90.37 66.08 -51.35
C LYS SA 90 -91.42 66.63 -50.40
N VAL SA 91 -91.09 66.57 -49.10
CA VAL SA 91 -92.03 66.98 -48.06
C VAL SA 91 -92.25 68.49 -48.15
N GLY SA 92 -93.51 68.89 -48.04
CA GLY SA 92 -93.86 70.30 -48.03
C GLY SA 92 -94.03 70.93 -49.40
N ASP SA 93 -93.85 70.16 -50.49
CA ASP SA 93 -93.97 70.72 -51.82
C ASP SA 93 -95.42 71.13 -52.10
N VAL SA 94 -95.59 71.90 -53.16
CA VAL SA 94 -96.93 72.32 -53.59
C VAL SA 94 -97.60 71.15 -54.30
N SER SA 95 -98.83 70.84 -53.88
CA SER SA 95 -99.51 69.64 -54.35
C SER SA 95 -99.91 69.76 -55.82
N ALA SA 96 -100.42 70.92 -56.23
CA ALA SA 96 -100.92 71.08 -57.58
C ALA SA 96 -99.81 70.87 -58.61
N THR SA 97 -98.64 71.48 -58.38
CA THR SA 97 -97.57 71.33 -59.35
C THR SA 97 -97.07 69.90 -59.41
N VAL SA 98 -96.94 69.22 -58.26
CA VAL SA 98 -96.43 67.86 -58.30
C VAL SA 98 -97.42 66.96 -59.01
N SER SA 99 -98.72 67.21 -58.86
CA SER SA 99 -99.70 66.48 -59.68
C SER SA 99 -99.47 66.78 -61.16
N ASP SA 100 -99.22 68.05 -61.49
CA ASP SA 100 -99.09 68.46 -62.88
C ASP SA 100 -98.30 67.44 -63.70
N LEU SA 101 -97.12 67.04 -63.21
CA LEU SA 101 -96.30 66.08 -63.93
C LEU SA 101 -97.01 64.74 -64.04
N GLY SA 102 -97.72 64.33 -62.97
CA GLY SA 102 -98.37 63.04 -62.98
C GLY SA 102 -99.45 62.95 -64.03
N GLU SA 103 -100.36 63.93 -64.07
CA GLU SA 103 -101.37 63.86 -65.12
C GLU SA 103 -100.79 64.16 -66.50
N ALA SA 104 -99.67 64.86 -66.60
CA ALA SA 104 -99.00 64.95 -67.89
C ALA SA 104 -98.58 63.56 -68.38
N LEU SA 105 -97.95 62.79 -67.49
CA LEU SA 105 -97.55 61.43 -67.86
C LEU SA 105 -98.76 60.58 -68.20
N SER SA 106 -99.83 60.70 -67.42
CA SER SA 106 -101.04 59.93 -67.71
C SER SA 106 -101.61 60.27 -69.08
N PHE SA 107 -101.60 61.56 -69.43
CA PHE SA 107 -102.12 61.98 -70.73
C PHE SA 107 -101.23 61.49 -71.87
N TYR SA 108 -99.91 61.44 -71.64
CA TYR SA 108 -99.00 60.92 -72.67
C TYR SA 108 -99.28 59.46 -72.97
N LEU SA 109 -99.49 58.64 -71.95
CA LEU SA 109 -99.72 57.21 -72.16
C LEU SA 109 -101.08 57.00 -72.80
N ASN SA 110 -101.10 56.24 -73.90
CA ASN SA 110 -102.34 55.93 -74.61
C ASN SA 110 -102.10 54.69 -75.47
N GLU SA 111 -103.05 54.41 -76.37
CA GLU SA 111 -103.01 53.21 -77.19
C GLU SA 111 -101.73 53.07 -78.01
N ALA SA 112 -101.48 54.03 -78.90
CA ALA SA 112 -100.37 53.88 -79.83
C ALA SA 112 -99.04 53.79 -79.11
N LEU SA 113 -98.85 54.56 -78.04
CA LEU SA 113 -97.59 54.49 -77.30
C LEU SA 113 -97.43 53.12 -76.65
N TYR SA 114 -98.49 52.57 -76.06
CA TYR SA 114 -98.39 51.24 -75.49
C TYR SA 114 -98.08 50.19 -76.55
N GLY SA 115 -98.70 50.32 -77.73
CA GLY SA 115 -98.37 49.40 -78.81
C GLY SA 115 -96.91 49.48 -79.20
N LYS SA 116 -96.39 50.69 -79.37
CA LYS SA 116 -94.99 50.83 -79.74
C LYS SA 116 -94.07 50.32 -78.64
N LEU SA 117 -94.41 50.57 -77.37
CA LEU SA 117 -93.61 50.05 -76.28
C LEU SA 117 -93.55 48.53 -76.30
N ILE SA 118 -94.70 47.88 -76.50
CA ILE SA 118 -94.70 46.43 -76.61
C ILE SA 118 -93.91 46.01 -77.84
N GLY SA 119 -93.80 46.89 -78.83
CA GLY SA 119 -92.94 46.64 -79.97
C GLY SA 119 -91.45 46.73 -79.69
N TRP SA 120 -91.05 47.01 -78.45
CA TRP SA 120 -89.66 47.17 -78.02
C TRP SA 120 -89.01 48.42 -78.62
N GLU SA 121 -89.75 49.24 -79.35
CA GLU SA 121 -89.17 50.44 -79.92
C GLU SA 121 -88.60 51.33 -78.82
N SER SA 122 -87.38 51.80 -79.02
CA SER SA 122 -86.70 52.64 -78.05
C SER SA 122 -86.15 53.89 -78.72
N ALA TA 1 -131.05 10.59 -28.63
CA ALA TA 1 -131.73 9.79 -29.71
C ALA TA 1 -131.27 10.24 -31.10
N LEU TA 2 -131.90 11.30 -31.64
CA LEU TA 2 -131.64 11.78 -32.99
C LEU TA 2 -131.93 10.74 -34.05
N GLY TA 3 -132.62 9.65 -33.71
CA GLY TA 3 -132.93 8.62 -34.68
C GLY TA 3 -131.70 7.85 -35.11
N ASP TA 4 -131.94 6.65 -35.63
CA ASP TA 4 -130.84 5.83 -36.14
C ASP TA 4 -130.30 6.36 -37.46
N THR TA 5 -131.03 7.24 -38.14
CA THR TA 5 -130.60 7.79 -39.41
C THR TA 5 -130.57 9.31 -39.36
N LEU TA 6 -129.58 9.88 -40.05
CA LEU TA 6 -129.36 11.32 -40.13
C LEU TA 6 -129.43 11.73 -41.59
N THR TA 7 -130.27 12.70 -41.90
CA THR TA 7 -130.47 13.16 -43.27
C THR TA 7 -129.72 14.47 -43.49
N ILE TA 8 -128.90 14.49 -44.54
CA ILE TA 8 -128.16 15.67 -44.98
C ILE TA 8 -128.64 16.01 -46.38
N THR TA 9 -129.02 17.27 -46.59
CA THR TA 9 -129.57 17.72 -47.87
C THR TA 9 -128.58 18.70 -48.49
N LEU TA 10 -127.67 18.18 -49.31
CA LEU TA 10 -126.75 19.04 -50.03
C LEU TA 10 -127.53 20.00 -50.91
N GLY TA 11 -127.05 21.24 -50.97
CA GLY TA 11 -127.72 22.27 -51.74
C GLY TA 11 -128.84 22.98 -51.02
N GLY TA 12 -129.00 22.76 -49.71
CA GLY TA 12 -130.07 23.41 -49.01
C GLY TA 12 -131.42 22.79 -49.33
N SER TA 13 -132.47 23.56 -49.05
CA SER TA 13 -133.83 23.08 -49.29
C SER TA 13 -134.04 22.76 -50.77
N GLY TA 14 -134.66 21.62 -51.03
CA GLY TA 14 -134.96 21.19 -52.38
C GLY TA 14 -133.85 20.46 -53.11
N GLY TA 15 -132.70 20.26 -52.47
CA GLY TA 15 -131.56 19.65 -53.12
C GLY TA 15 -131.54 18.14 -52.97
N THR TA 16 -130.39 17.57 -53.30
CA THR TA 16 -130.17 16.14 -53.15
C THR TA 16 -130.06 15.77 -51.67
N ALA TA 17 -130.61 14.61 -51.31
CA ALA TA 17 -130.61 14.14 -49.94
C ALA TA 17 -129.82 12.84 -49.81
N LYS TA 18 -128.95 12.79 -48.82
CA LYS TA 18 -128.24 11.59 -48.42
C LYS TA 18 -128.68 11.20 -47.02
N VAL TA 19 -128.72 9.89 -46.75
CA VAL TA 19 -129.20 9.36 -45.48
C VAL TA 19 -128.04 8.65 -44.78
N LEU TA 20 -127.48 9.29 -43.75
CA LEU TA 20 -126.45 8.68 -42.94
C LEU TA 20 -127.07 7.70 -41.95
N ARG TA 21 -126.22 6.83 -41.39
CA ARG TA 21 -126.67 5.81 -40.45
C ARG TA 21 -125.74 5.75 -39.25
N LYS TA 22 -126.30 5.35 -38.11
CA LYS TA 22 -125.51 5.23 -36.89
C LYS TA 22 -124.68 3.96 -36.92
N ILE TA 23 -123.41 4.08 -36.50
CA ILE TA 23 -122.45 2.99 -36.64
C ILE TA 23 -121.80 2.70 -35.29
N ASN TA 24 -121.72 3.71 -34.43
CA ASN TA 24 -120.92 3.63 -33.21
C ASN TA 24 -121.41 4.67 -32.22
N GLN TA 25 -120.96 4.53 -30.98
CA GLN TA 25 -121.18 5.56 -29.96
C GLN TA 25 -120.20 5.34 -28.83
N ASP TA 26 -119.37 6.34 -28.54
CA ASP TA 26 -118.36 6.23 -27.51
C ASP TA 26 -118.12 7.59 -26.87
N GLY TA 27 -117.97 7.59 -25.55
CA GLY TA 27 -117.50 8.77 -24.85
C GLY TA 27 -118.33 10.00 -25.10
N TYR TA 28 -119.65 9.86 -25.03
CA TYR TA 28 -120.58 10.98 -25.21
C TYR TA 28 -120.51 11.53 -26.64
N THR TA 29 -120.03 10.72 -27.57
CA THR TA 29 -119.90 11.10 -28.96
C THR TA 29 -120.64 10.09 -29.82
N SER TA 30 -121.21 10.57 -30.92
CA SER TA 30 -121.90 9.71 -31.88
C SER TA 30 -121.43 10.06 -33.28
N GLU TA 31 -121.34 9.04 -34.14
CA GLU TA 31 -120.86 9.22 -35.49
C GLU TA 31 -121.71 8.42 -36.45
N TYR TA 32 -121.87 8.96 -37.66
CA TYR TA 32 -122.66 8.36 -38.72
C TYR TA 32 -121.80 8.20 -39.96
N TYR TA 33 -122.16 7.27 -40.83
CA TYR TA 33 -121.35 7.00 -42.02
C TYR TA 33 -122.24 6.53 -43.17
N LEU TA 34 -121.73 6.70 -44.40
CA LEU TA 34 -122.39 6.25 -45.62
C LEU TA 34 -121.37 6.02 -46.73
N PRO TA 35 -121.34 4.83 -47.36
CA PRO TA 35 -120.39 4.62 -48.45
C PRO TA 35 -120.95 5.01 -49.81
N GLU TA 36 -120.02 5.29 -50.73
CA GLU TA 36 -120.36 5.70 -52.09
C GLU TA 36 -119.23 5.31 -53.01
N THR TA 37 -119.53 5.17 -54.30
CA THR TA 37 -118.56 4.57 -55.23
C THR TA 37 -117.29 5.40 -55.32
N SER TA 38 -117.40 6.73 -55.40
CA SER TA 38 -116.25 7.61 -55.50
C SER TA 38 -116.03 8.48 -54.27
N SER TA 39 -116.84 8.36 -53.24
CA SER TA 39 -116.67 9.15 -52.03
C SER TA 39 -117.40 8.47 -50.88
N SER TA 40 -117.57 9.20 -49.79
CA SER TA 40 -118.29 8.71 -48.62
C SER TA 40 -118.61 9.91 -47.73
N PHE TA 41 -119.59 9.73 -46.87
CA PHE TA 41 -120.05 10.79 -45.98
C PHE TA 41 -119.96 10.34 -44.53
N ARG TA 42 -119.53 11.25 -43.66
CA ARG TA 42 -119.38 10.97 -42.23
C ARG TA 42 -119.86 12.18 -41.44
N ALA TA 43 -120.57 11.92 -40.34
CA ALA TA 43 -121.03 12.95 -39.43
C ALA TA 43 -120.73 12.52 -38.00
N LYS TA 44 -120.36 13.49 -37.17
CA LYS TA 44 -119.97 13.24 -35.79
C LYS TA 44 -120.64 14.26 -34.89
N VAL TA 45 -121.03 13.83 -33.69
CA VAL TA 45 -121.56 14.71 -32.65
C VAL TA 45 -120.75 14.46 -31.38
N ARG TA 46 -120.36 15.53 -30.70
CA ARG TA 46 -119.52 15.41 -29.53
C ARG TA 46 -120.01 16.34 -28.42
N HIS TA 47 -119.83 15.90 -27.17
CA HIS TA 47 -120.01 16.73 -25.99
C HIS TA 47 -118.80 16.55 -25.08
N THR TA 48 -118.46 17.61 -24.33
CA THR TA 48 -117.34 17.56 -23.41
C THR TA 48 -117.55 18.61 -22.31
N LYS TA 49 -117.16 18.26 -21.09
CA LYS TA 49 -117.20 19.17 -19.95
C LYS TA 49 -115.83 19.81 -19.75
N GLU TA 50 -115.84 21.08 -19.37
CA GLU TA 50 -114.59 21.82 -19.20
C GLU TA 50 -114.04 21.63 -17.79
N SER TA 51 -112.72 21.72 -17.68
CA SER TA 51 -112.04 21.41 -16.43
C SER TA 51 -112.46 22.39 -15.33
N VAL TA 52 -112.69 21.85 -14.15
CA VAL TA 52 -113.15 22.65 -13.01
C VAL TA 52 -112.00 23.45 -12.45
N LYS TA 53 -112.23 24.74 -12.26
CA LYS TA 53 -111.29 25.66 -11.65
C LYS TA 53 -111.74 26.00 -10.23
N PRO TA 54 -110.82 26.47 -9.37
CA PRO TA 54 -111.20 26.66 -7.96
C PRO TA 54 -112.42 27.54 -7.77
N ASN TA 55 -112.35 28.81 -8.20
CA ASN TA 55 -113.48 29.75 -8.06
C ASN TA 55 -113.72 30.42 -9.42
N GLN TA 56 -114.50 29.77 -10.26
CA GLN TA 56 -114.84 30.30 -11.59
C GLN TA 56 -116.19 29.73 -11.99
N VAL TA 57 -116.58 29.95 -13.25
CA VAL TA 57 -117.84 29.47 -13.79
C VAL TA 57 -117.56 28.25 -14.67
N GLN TA 58 -118.40 27.23 -14.54
CA GLN TA 58 -118.17 25.96 -15.20
C GLN TA 58 -119.03 25.91 -16.46
N TYR TA 59 -118.42 25.46 -17.57
CA TYR TA 59 -119.00 25.63 -18.90
C TYR TA 59 -119.20 24.28 -19.58
N GLU TA 60 -120.08 24.28 -20.59
CA GLU TA 60 -120.24 23.17 -21.51
C GLU TA 60 -120.11 23.67 -22.95
N ARG TA 61 -119.54 22.83 -23.81
CA ARG TA 61 -119.47 23.09 -25.24
C ARG TA 61 -120.00 21.90 -26.02
N HIS TA 62 -120.77 22.18 -27.07
CA HIS TA 62 -121.31 21.15 -27.96
C HIS TA 62 -120.90 21.41 -29.40
N ASN TA 63 -120.47 20.35 -30.09
CA ASN TA 63 -119.90 20.43 -31.42
C ASN TA 63 -120.64 19.51 -32.38
N VAL TA 64 -120.77 19.94 -33.63
CA VAL TA 64 -121.32 19.14 -34.72
C VAL TA 64 -120.42 19.28 -35.93
N GLU TA 65 -120.16 18.17 -36.62
CA GLU TA 65 -119.17 18.13 -37.69
C GLU TA 65 -119.70 17.33 -38.87
N PHE TA 66 -119.50 17.88 -40.07
CA PHE TA 66 -119.79 17.20 -41.34
C PHE TA 66 -118.50 17.05 -42.13
N THR TA 67 -118.27 15.86 -42.68
CA THR TA 67 -117.07 15.57 -43.44
C THR TA 67 -117.44 14.83 -44.72
N GLU TA 68 -116.82 15.24 -45.83
CA GLU TA 68 -116.99 14.59 -47.12
C GLU TA 68 -115.60 14.37 -47.70
N THR TA 69 -115.25 13.13 -47.98
CA THR TA 69 -113.92 12.75 -48.41
C THR TA 69 -113.99 12.16 -49.82
N VAL TA 70 -113.06 12.58 -50.68
CA VAL TA 70 -113.02 12.16 -52.07
C VAL TA 70 -111.76 11.33 -52.27
N TYR TA 71 -111.92 10.13 -52.84
CA TYR TA 71 -110.79 9.25 -53.07
C TYR TA 71 -109.93 9.75 -54.22
N ALA TA 72 -108.77 9.14 -54.38
CA ALA TA 72 -107.80 9.56 -55.39
C ALA TA 72 -108.14 8.90 -56.72
N SER TA 73 -108.20 9.71 -57.77
CA SER TA 73 -108.37 9.24 -59.14
C SER TA 73 -107.24 9.81 -59.98
N GLY TA 74 -106.51 8.94 -60.67
CA GLY TA 74 -105.36 9.38 -61.42
C GLY TA 74 -104.33 10.00 -60.50
N SER TA 75 -103.82 11.18 -60.90
CA SER TA 75 -102.80 11.86 -60.12
C SER TA 75 -103.36 12.58 -58.90
N THR TA 76 -104.62 13.00 -58.96
CA THR TA 76 -105.19 13.79 -57.86
C THR TA 76 -105.27 12.96 -56.59
N PRO TA 77 -104.68 13.43 -55.47
CA PRO TA 77 -104.76 12.66 -54.23
C PRO TA 77 -106.06 12.91 -53.46
N GLU TA 78 -106.17 12.32 -52.28
CA GLU TA 78 -107.39 12.46 -51.48
C GLU TA 78 -107.55 13.90 -50.99
N PHE TA 79 -108.79 14.30 -50.76
CA PHE TA 79 -109.08 15.58 -50.14
C PHE TA 79 -110.44 15.52 -49.48
N VAL TA 80 -110.68 16.46 -48.56
CA VAL TA 80 -111.83 16.45 -47.68
C VAL TA 80 -112.52 17.80 -47.71
N ARG TA 81 -113.83 17.79 -47.47
CA ARG TA 81 -114.60 19.00 -47.22
C ARG TA 81 -115.24 18.90 -45.84
N GLN TA 82 -115.09 19.95 -45.05
CA GLN TA 82 -115.58 19.98 -43.68
C GLN TA 82 -116.44 21.23 -43.47
N ALA TA 83 -117.32 21.15 -42.48
CA ALA TA 83 -118.06 22.32 -41.99
C ALA TA 83 -118.63 21.96 -40.63
N TYR TA 84 -118.23 22.69 -39.58
CA TYR TA 84 -118.62 22.31 -38.23
C TYR TA 84 -118.95 23.56 -37.42
N VAL TA 85 -119.76 23.37 -36.38
CA VAL TA 85 -120.21 24.43 -35.50
C VAL TA 85 -120.06 23.96 -34.05
N VAL TA 86 -119.93 24.92 -33.13
CA VAL TA 86 -119.88 24.63 -31.71
C VAL TA 86 -120.68 25.69 -30.94
N ILE TA 87 -121.17 25.30 -29.77
CA ILE TA 87 -121.90 26.20 -28.87
C ILE TA 87 -121.30 26.06 -27.48
N ARG TA 88 -121.08 27.18 -26.80
CA ARG TA 88 -120.52 27.18 -25.45
C ARG TA 88 -121.43 27.96 -24.53
N HIS TA 89 -121.77 27.37 -23.37
CA HIS TA 89 -122.58 28.04 -22.37
C HIS TA 89 -122.31 27.40 -21.02
N LYS TA 90 -122.89 28.00 -19.98
CA LYS TA 90 -122.59 27.61 -18.61
C LYS TA 90 -123.61 26.59 -18.09
N VAL TA 91 -123.29 25.97 -16.94
CA VAL TA 91 -123.99 24.77 -16.52
C VAL TA 91 -125.47 25.05 -16.33
N GLY TA 92 -125.81 26.14 -15.65
CA GLY TA 92 -127.18 26.39 -15.26
C GLY TA 92 -127.89 27.45 -16.07
N ASP TA 93 -127.38 27.77 -17.26
CA ASP TA 93 -127.99 28.82 -18.06
C ASP TA 93 -129.36 28.37 -18.56
N VAL TA 94 -130.16 29.33 -19.02
CA VAL TA 94 -131.47 29.04 -19.59
C VAL TA 94 -131.28 28.59 -21.04
N SER TA 95 -131.95 27.50 -21.41
CA SER TA 95 -131.74 26.90 -22.72
C SER TA 95 -132.27 27.79 -23.84
N ALA TA 96 -133.39 28.48 -23.62
CA ALA TA 96 -134.04 29.20 -24.69
C ALA TA 96 -133.15 30.30 -25.26
N THR TA 97 -132.41 31.00 -24.41
CA THR TA 97 -131.52 32.05 -24.91
C THR TA 97 -130.43 31.46 -25.78
N VAL TA 98 -129.84 30.34 -25.36
CA VAL TA 98 -128.80 29.72 -26.18
C VAL TA 98 -129.38 29.27 -27.51
N SER TA 99 -130.60 28.75 -27.48
CA SER TA 99 -131.26 28.34 -28.71
C SER TA 99 -131.51 29.55 -29.62
N ASP TA 100 -131.93 30.67 -29.04
CA ASP TA 100 -132.14 31.88 -29.85
C ASP TA 100 -130.86 32.37 -30.49
N LEU TA 101 -129.75 32.36 -29.74
CA LEU TA 101 -128.47 32.74 -30.34
C LEU TA 101 -128.10 31.78 -31.46
N GLY TA 102 -128.35 30.48 -31.25
CA GLY TA 102 -128.11 29.51 -32.30
C GLY TA 102 -128.95 29.79 -33.54
N GLU TA 103 -130.22 30.13 -33.35
CA GLU TA 103 -131.07 30.45 -34.49
C GLU TA 103 -130.56 31.69 -35.21
N ALA TA 104 -130.09 32.69 -34.47
CA ALA TA 104 -129.52 33.87 -35.10
C ALA TA 104 -128.35 33.50 -35.99
N LEU TA 105 -127.40 32.71 -35.47
CA LEU TA 105 -126.25 32.31 -36.27
C LEU TA 105 -126.69 31.51 -37.49
N SER TA 106 -127.62 30.57 -37.29
CA SER TA 106 -128.08 29.74 -38.41
C SER TA 106 -128.75 30.58 -39.48
N PHE TA 107 -129.56 31.54 -39.07
CA PHE TA 107 -130.27 32.39 -40.02
C PHE TA 107 -129.32 33.30 -40.78
N TYR TA 108 -128.26 33.78 -40.12
CA TYR TA 108 -127.41 34.77 -40.76
C TYR TA 108 -126.75 34.19 -42.01
N LEU TA 109 -126.36 32.92 -41.96
CA LEU TA 109 -125.65 32.29 -43.06
C LEU TA 109 -126.62 31.89 -44.17
N ASN TA 110 -126.15 31.95 -45.42
CA ASN TA 110 -126.92 31.53 -46.58
C ASN TA 110 -126.01 31.54 -47.80
N GLU TA 111 -126.62 31.41 -48.99
CA GLU TA 111 -125.85 31.37 -50.22
C GLU TA 111 -125.02 32.63 -50.40
N ALA TA 112 -125.63 33.81 -50.26
CA ALA TA 112 -124.91 35.05 -50.53
C ALA TA 112 -123.73 35.20 -49.58
N LEU TA 113 -123.96 35.01 -48.28
CA LEU TA 113 -122.88 35.18 -47.31
C LEU TA 113 -121.77 34.18 -47.55
N TYR TA 114 -122.11 32.93 -47.86
CA TYR TA 114 -121.08 31.92 -48.07
C TYR TA 114 -120.25 32.26 -49.30
N GLY TA 115 -120.91 32.68 -50.38
CA GLY TA 115 -120.18 33.10 -51.56
C GLY TA 115 -119.25 34.27 -51.27
N LYS TA 116 -119.73 35.25 -50.50
CA LYS TA 116 -118.88 36.38 -50.15
C LYS TA 116 -117.70 35.94 -49.29
N LEU TA 117 -117.93 35.02 -48.36
CA LEU TA 117 -116.87 34.60 -47.46
C LEU TA 117 -115.79 33.81 -48.18
N ILE TA 118 -116.19 32.96 -49.14
CA ILE TA 118 -115.18 32.25 -49.94
C ILE TA 118 -114.34 33.26 -50.71
N GLY TA 119 -114.88 34.44 -50.96
CA GLY TA 119 -114.15 35.49 -51.65
C GLY TA 119 -113.20 36.29 -50.79
N TRP TA 120 -112.87 35.78 -49.59
CA TRP TA 120 -111.94 36.44 -48.68
C TRP TA 120 -112.42 37.82 -48.26
N GLU TA 121 -113.72 38.08 -48.35
CA GLU TA 121 -114.31 39.34 -47.91
C GLU TA 121 -114.41 39.32 -46.39
N SER TA 122 -113.43 39.91 -45.73
CA SER TA 122 -113.38 39.90 -44.27
C SER TA 122 -114.38 40.88 -43.68
N ALA UA 1 -129.81 -3.28 -22.09
CA ALA UA 1 -131.09 -3.28 -22.86
C ALA UA 1 -132.25 -2.86 -21.96
N LEU UA 2 -131.93 -2.11 -20.91
CA LEU UA 2 -132.93 -1.72 -19.93
C LEU UA 2 -133.97 -0.81 -20.55
N GLY UA 3 -133.61 -0.06 -21.59
CA GLY UA 3 -134.55 0.82 -22.25
C GLY UA 3 -133.95 2.16 -22.60
N ASP UA 4 -134.59 2.89 -23.52
CA ASP UA 4 -134.09 4.20 -23.91
C ASP UA 4 -134.37 5.27 -22.87
N THR UA 5 -135.31 5.04 -21.95
CA THR UA 5 -135.69 6.04 -20.98
C THR UA 5 -136.01 5.38 -19.64
N LEU UA 6 -135.70 6.09 -18.56
CA LEU UA 6 -135.99 5.68 -17.20
C LEU UA 6 -136.89 6.72 -16.54
N THR UA 7 -137.81 6.24 -15.71
CA THR UA 7 -138.73 7.12 -14.99
C THR UA 7 -138.39 7.10 -13.52
N ILE UA 8 -138.12 8.29 -12.97
CA ILE UA 8 -137.87 8.46 -11.54
C ILE UA 8 -139.08 9.17 -10.96
N THR UA 9 -139.81 8.48 -10.08
CA THR UA 9 -141.04 8.99 -9.47
C THR UA 9 -140.71 9.45 -8.06
N LEU UA 10 -140.44 10.75 -7.91
CA LEU UA 10 -140.05 11.27 -6.61
C LEU UA 10 -141.22 11.17 -5.63
N GLY UA 11 -140.87 10.85 -4.38
CA GLY UA 11 -141.86 10.65 -3.34
C GLY UA 11 -142.47 9.27 -3.29
N GLY UA 12 -142.01 8.33 -4.10
CA GLY UA 12 -142.53 6.98 -4.05
C GLY UA 12 -143.59 6.74 -5.10
N SER UA 13 -144.70 6.13 -4.69
CA SER UA 13 -145.81 5.89 -5.59
C SER UA 13 -146.72 7.11 -5.74
N GLY UA 14 -146.44 8.20 -5.04
CA GLY UA 14 -147.25 9.39 -5.12
C GLY UA 14 -147.38 9.95 -6.52
N GLY UA 15 -146.27 10.46 -7.07
CA GLY UA 15 -146.32 11.07 -8.38
C GLY UA 15 -144.99 11.74 -8.71
N THR UA 16 -145.07 12.84 -9.45
CA THR UA 16 -143.89 13.65 -9.78
C THR UA 16 -142.86 12.81 -10.54
N ALA UA 17 -143.28 12.37 -11.72
CA ALA UA 17 -142.52 11.43 -12.53
C ALA UA 17 -141.63 12.16 -13.52
N LYS UA 18 -140.36 11.77 -13.57
CA LYS UA 18 -139.37 12.36 -14.46
C LYS UA 18 -138.84 11.31 -15.42
N VAL UA 19 -138.72 11.68 -16.69
CA VAL UA 19 -138.24 10.78 -17.74
C VAL UA 19 -136.82 11.21 -18.12
N LEU UA 20 -135.83 10.39 -17.73
CA LEU UA 20 -134.46 10.60 -18.19
C LEU UA 20 -134.25 9.87 -19.51
N ARG UA 21 -133.21 10.27 -20.23
CA ARG UA 21 -132.89 9.72 -21.54
C ARG UA 21 -131.44 9.28 -21.61
N LYS UA 22 -131.18 8.24 -22.38
CA LYS UA 22 -129.82 7.71 -22.49
C LYS UA 22 -128.90 8.71 -23.19
N ILE UA 23 -127.68 8.84 -22.66
CA ILE UA 23 -126.67 9.69 -23.27
C ILE UA 23 -125.35 8.99 -23.51
N ASN UA 24 -125.06 7.88 -22.84
CA ASN UA 24 -123.80 7.17 -23.04
C ASN UA 24 -123.98 5.72 -22.63
N GLN UA 25 -123.23 4.84 -23.27
CA GLN UA 25 -123.25 3.41 -22.95
C GLN UA 25 -121.91 2.83 -23.37
N ASP UA 26 -121.05 2.54 -22.41
CA ASP UA 26 -119.72 2.01 -22.69
C ASP UA 26 -119.29 1.07 -21.58
N GLY UA 27 -118.66 -0.04 -21.97
CA GLY UA 27 -118.02 -0.92 -21.01
C GLY UA 27 -118.96 -1.49 -19.95
N TYR UA 28 -120.07 -2.09 -20.37
CA TYR UA 28 -121.03 -2.67 -19.45
C TYR UA 28 -121.57 -1.61 -18.48
N THR UA 29 -121.79 -0.40 -19.00
CA THR UA 29 -122.26 0.72 -18.20
C THR UA 29 -123.18 1.58 -19.07
N SER UA 30 -124.14 2.23 -18.43
CA SER UA 30 -125.07 3.12 -19.10
C SER UA 30 -125.35 4.32 -18.21
N GLU UA 31 -125.69 5.44 -18.84
CA GLU UA 31 -125.97 6.68 -18.13
C GLU UA 31 -127.20 7.35 -18.73
N TYR UA 32 -127.95 8.04 -17.87
CA TYR UA 32 -129.19 8.70 -18.25
C TYR UA 32 -129.22 10.09 -17.63
N TYR UA 33 -129.67 11.07 -18.40
CA TYR UA 33 -129.61 12.47 -17.99
C TYR UA 33 -130.89 13.21 -18.36
N LEU UA 34 -131.15 14.31 -17.64
CA LEU UA 34 -132.27 15.22 -17.90
C LEU UA 34 -132.00 16.60 -17.30
N PRO UA 35 -131.82 17.65 -18.10
CA PRO UA 35 -131.66 18.98 -17.52
C PRO UA 35 -133.01 19.64 -17.22
N GLU UA 36 -132.98 20.55 -16.25
CA GLU UA 36 -134.18 21.18 -15.72
C GLU UA 36 -133.79 22.55 -15.18
N THR UA 37 -134.79 23.42 -15.05
CA THR UA 37 -134.54 24.83 -14.74
C THR UA 37 -133.64 24.99 -13.52
N SER UA 38 -133.99 24.34 -12.42
CA SER UA 38 -133.30 24.55 -11.15
C SER UA 38 -132.52 23.34 -10.66
N SER UA 39 -132.45 22.26 -11.42
CA SER UA 39 -131.65 21.11 -11.03
C SER UA 39 -131.51 20.19 -12.23
N SER UA 40 -130.84 19.06 -12.04
CA SER UA 40 -130.65 18.08 -13.10
C SER UA 40 -130.61 16.69 -12.49
N PHE UA 41 -130.88 15.70 -13.32
CA PHE UA 41 -131.10 14.32 -12.88
C PHE UA 41 -130.18 13.41 -13.68
N ARG UA 42 -129.42 12.57 -12.98
CA ARG UA 42 -128.43 11.72 -13.61
C ARG UA 42 -128.47 10.36 -12.92
N ALA UA 43 -128.63 9.30 -13.72
CA ALA UA 43 -128.65 7.92 -13.22
C ALA UA 43 -127.80 7.07 -14.14
N LYS UA 44 -126.93 6.25 -13.56
CA LYS UA 44 -126.11 5.32 -14.32
C LYS UA 44 -126.00 3.99 -13.57
N VAL UA 45 -125.75 2.93 -14.35
CA VAL UA 45 -125.79 1.53 -13.89
C VAL UA 45 -124.49 0.88 -14.31
N ARG UA 46 -123.87 0.12 -13.41
CA ARG UA 46 -122.59 -0.52 -13.72
C ARG UA 46 -122.67 -2.01 -13.41
N HIS UA 47 -121.89 -2.79 -14.16
CA HIS UA 47 -121.58 -4.18 -13.82
C HIS UA 47 -120.08 -4.37 -13.81
N THR UA 48 -119.58 -5.09 -12.80
CA THR UA 48 -118.15 -5.32 -12.65
C THR UA 48 -117.89 -6.73 -12.14
N LYS UA 49 -116.72 -7.26 -12.44
CA LYS UA 49 -116.29 -8.57 -12.00
C LYS UA 49 -115.08 -8.39 -11.09
N GLU UA 50 -115.15 -8.95 -9.88
CA GLU UA 50 -114.05 -8.80 -8.94
C GLU UA 50 -112.81 -9.55 -9.42
N SER UA 51 -111.65 -9.08 -8.99
CA SER UA 51 -110.39 -9.65 -9.43
C SER UA 51 -110.25 -11.08 -8.92
N VAL UA 52 -109.68 -11.94 -9.77
CA VAL UA 52 -109.44 -13.33 -9.38
C VAL UA 52 -108.14 -13.40 -8.60
N LYS UA 53 -108.15 -14.19 -7.53
CA LYS UA 53 -106.97 -14.50 -6.74
C LYS UA 53 -106.85 -16.01 -6.62
N PRO UA 54 -105.64 -16.51 -6.36
CA PRO UA 54 -105.48 -17.96 -6.19
C PRO UA 54 -106.34 -18.48 -5.05
N ASN UA 55 -106.86 -19.69 -5.24
CA ASN UA 55 -107.71 -20.39 -4.28
C ASN UA 55 -108.64 -19.42 -3.54
N GLN UA 56 -109.38 -18.62 -4.28
CA GLN UA 56 -110.41 -17.74 -3.73
C GLN UA 56 -111.65 -17.83 -4.59
N VAL UA 57 -112.78 -17.36 -4.05
CA VAL UA 57 -114.07 -17.40 -4.73
C VAL UA 57 -114.23 -16.13 -5.55
N GLN UA 58 -114.74 -16.29 -6.78
CA GLN UA 58 -115.02 -15.14 -7.63
C GLN UA 58 -116.40 -14.58 -7.32
N TYR UA 59 -116.49 -13.26 -7.22
CA TYR UA 59 -117.71 -12.56 -6.86
C TYR UA 59 -118.12 -11.61 -7.98
N GLU UA 60 -119.37 -11.17 -7.94
CA GLU UA 60 -119.89 -10.18 -8.87
C GLU UA 60 -120.67 -9.12 -8.14
N ARG UA 61 -120.64 -7.89 -8.65
CA ARG UA 61 -121.35 -6.76 -8.08
C ARG UA 61 -122.17 -6.07 -9.15
N HIS UA 62 -123.33 -5.54 -8.76
CA HIS UA 62 -124.19 -4.77 -9.65
C HIS UA 62 -124.63 -3.51 -8.92
N ASN UA 63 -124.37 -2.34 -9.52
CA ASN UA 63 -124.54 -1.07 -8.86
C ASN UA 63 -125.49 -0.18 -9.65
N VAL UA 64 -126.27 0.63 -8.94
CA VAL UA 64 -127.21 1.57 -9.54
C VAL UA 64 -127.36 2.77 -8.61
N GLU UA 65 -127.29 3.97 -9.18
CA GLU UA 65 -127.34 5.20 -8.38
C GLU UA 65 -128.29 6.20 -9.03
N PHE UA 66 -128.89 7.03 -8.19
CA PHE UA 66 -129.60 8.24 -8.59
C PHE UA 66 -128.89 9.44 -7.98
N THR UA 67 -128.84 10.54 -8.73
CA THR UA 67 -128.06 11.71 -8.33
C THR UA 67 -128.82 12.97 -8.69
N GLU UA 68 -128.71 13.99 -7.83
CA GLU UA 68 -129.31 15.29 -8.07
C GLU UA 68 -128.29 16.37 -7.75
N THR UA 69 -128.10 17.31 -8.68
CA THR UA 69 -127.33 18.53 -8.46
C THR UA 69 -128.27 19.72 -8.49
N VAL UA 70 -128.13 20.60 -7.51
CA VAL UA 70 -128.91 21.83 -7.42
C VAL UA 70 -127.98 23.00 -7.71
N TYR UA 71 -128.34 23.82 -8.69
CA TYR UA 71 -127.46 24.92 -9.09
C TYR UA 71 -127.38 25.98 -8.01
N ALA UA 72 -126.29 26.74 -8.05
CA ALA UA 72 -126.07 27.79 -7.08
C ALA UA 72 -127.11 28.89 -7.23
N SER UA 73 -127.44 29.52 -6.10
CA SER UA 73 -128.42 30.59 -6.08
C SER UA 73 -128.15 31.46 -4.86
N GLY UA 74 -128.12 32.78 -5.07
CA GLY UA 74 -127.76 33.68 -3.99
C GLY UA 74 -126.37 33.37 -3.49
N SER UA 75 -126.20 33.39 -2.17
CA SER UA 75 -124.91 33.09 -1.55
C SER UA 75 -124.72 31.60 -1.29
N THR UA 76 -125.75 30.78 -1.48
CA THR UA 76 -125.63 29.35 -1.22
C THR UA 76 -125.00 28.64 -2.41
N PRO UA 77 -123.88 27.94 -2.23
CA PRO UA 77 -123.24 27.26 -3.36
C PRO UA 77 -124.04 26.04 -3.80
N GLU UA 78 -123.69 25.54 -4.97
CA GLU UA 78 -124.31 24.34 -5.51
C GLU UA 78 -123.93 23.11 -4.70
N PHE UA 79 -124.88 22.18 -4.59
CA PHE UA 79 -124.68 20.92 -3.86
C PHE UA 79 -125.33 19.78 -4.64
N VAL UA 80 -125.33 18.60 -4.03
CA VAL UA 80 -125.70 17.36 -4.71
C VAL UA 80 -126.45 16.48 -3.72
N ARG UA 81 -127.37 15.67 -4.26
CA ARG UA 81 -127.99 14.57 -3.51
C ARG UA 81 -127.86 13.30 -4.33
N GLN UA 82 -127.67 12.18 -3.64
CA GLN UA 82 -127.32 10.93 -4.30
C GLN UA 82 -127.81 9.77 -3.45
N ALA UA 83 -128.00 8.63 -4.09
CA ALA UA 83 -128.41 7.42 -3.39
C ALA UA 83 -128.24 6.22 -4.32
N TYR UA 84 -127.58 5.19 -3.82
CA TYR UA 84 -127.22 4.04 -4.64
C TYR UA 84 -127.28 2.76 -3.83
N VAL UA 85 -127.51 1.65 -4.54
CA VAL UA 85 -127.53 0.32 -3.94
C VAL UA 85 -126.65 -0.58 -4.81
N VAL UA 86 -126.10 -1.62 -4.18
CA VAL UA 86 -125.23 -2.56 -4.86
C VAL UA 86 -125.49 -3.96 -4.30
N ILE UA 87 -125.44 -4.95 -5.20
CA ILE UA 87 -125.56 -6.36 -4.85
C ILE UA 87 -124.19 -6.99 -4.94
N ARG UA 88 -123.97 -8.08 -4.22
CA ARG UA 88 -122.66 -8.71 -4.14
C ARG UA 88 -122.87 -10.21 -3.94
N HIS UA 89 -122.53 -11.00 -4.95
CA HIS UA 89 -122.79 -12.45 -4.92
C HIS UA 89 -121.76 -13.17 -5.79
N LYS UA 90 -121.62 -14.47 -5.54
CA LYS UA 90 -120.59 -15.24 -6.22
C LYS UA 90 -121.01 -15.57 -7.65
N VAL UA 91 -120.05 -16.07 -8.42
CA VAL UA 91 -120.28 -16.49 -9.80
C VAL UA 91 -120.92 -17.86 -9.77
N GLY UA 92 -121.95 -18.03 -10.61
CA GLY UA 92 -122.65 -19.29 -10.69
C GLY UA 92 -123.66 -19.56 -9.60
N ASP UA 93 -123.90 -18.60 -8.70
CA ASP UA 93 -124.90 -18.77 -7.66
C ASP UA 93 -126.29 -18.90 -8.29
N VAL UA 94 -127.28 -19.15 -7.43
CA VAL UA 94 -128.66 -19.29 -7.88
C VAL UA 94 -129.28 -17.91 -7.94
N SER UA 95 -129.85 -17.55 -9.10
CA SER UA 95 -130.32 -16.19 -9.32
C SER UA 95 -131.49 -15.84 -8.41
N ALA UA 96 -132.43 -16.77 -8.22
CA ALA UA 96 -133.64 -16.45 -7.48
C ALA UA 96 -133.33 -16.06 -6.04
N THR UA 97 -132.42 -16.79 -5.39
CA THR UA 97 -132.10 -16.48 -3.99
C THR UA 97 -131.37 -15.13 -3.87
N VAL UA 98 -130.39 -14.88 -4.74
CA VAL UA 98 -129.66 -13.63 -4.68
C VAL UA 98 -130.58 -12.47 -5.01
N SER UA 99 -131.65 -12.73 -5.76
CA SER UA 99 -132.65 -11.68 -6.01
C SER UA 99 -133.54 -11.48 -4.78
N ASP UA 100 -133.95 -12.58 -4.16
CA ASP UA 100 -134.81 -12.53 -2.98
C ASP UA 100 -134.16 -11.73 -1.86
N LEU UA 101 -132.88 -12.00 -1.60
CA LEU UA 101 -132.06 -11.02 -0.91
C LEU UA 101 -131.85 -9.85 -1.84
N GLY UA 102 -131.96 -8.65 -1.31
CA GLY UA 102 -132.13 -7.48 -2.17
C GLY UA 102 -133.59 -7.10 -2.29
N GLU UA 103 -134.45 -8.04 -2.66
CA GLU UA 103 -135.89 -7.75 -2.63
C GLU UA 103 -136.34 -7.48 -1.21
N ALA UA 104 -135.85 -8.28 -0.25
CA ALA UA 104 -136.18 -8.03 1.15
C ALA UA 104 -135.70 -6.65 1.58
N LEU UA 105 -134.48 -6.27 1.19
CA LEU UA 105 -133.96 -4.96 1.55
C LEU UA 105 -134.81 -3.85 0.95
N SER UA 106 -135.19 -4.00 -0.31
CA SER UA 106 -136.04 -3.00 -0.96
C SER UA 106 -137.37 -2.86 -0.23
N PHE UA 107 -137.97 -3.98 0.17
CA PHE UA 107 -139.21 -3.94 0.93
C PHE UA 107 -139.01 -3.28 2.30
N TYR UA 108 -137.85 -3.49 2.92
CA TYR UA 108 -137.64 -2.97 4.26
C TYR UA 108 -137.65 -1.45 4.27
N LEU UA 109 -136.93 -0.83 3.32
CA LEU UA 109 -136.80 0.62 3.31
C LEU UA 109 -138.10 1.28 2.86
N ASN UA 110 -138.52 2.31 3.58
CA ASN UA 110 -139.73 3.06 3.26
C ASN UA 110 -139.61 4.44 3.91
N GLU UA 111 -140.72 5.17 3.96
CA GLU UA 111 -140.71 6.53 4.51
C GLU UA 111 -140.11 6.57 5.91
N ALA UA 112 -140.64 5.73 6.81
CA ALA UA 112 -140.28 5.85 8.22
C ALA UA 112 -138.80 5.59 8.43
N LEU UA 113 -138.27 4.57 7.76
CA LEU UA 113 -136.86 4.23 7.94
C LEU UA 113 -135.95 5.34 7.45
N TYR UA 114 -136.29 5.96 6.31
CA TYR UA 114 -135.50 7.08 5.84
C TYR UA 114 -135.57 8.24 6.83
N GLY UA 115 -136.75 8.47 7.42
CA GLY UA 115 -136.85 9.49 8.45
C GLY UA 115 -135.96 9.22 9.63
N LYS UA 116 -135.98 8.00 10.15
CA LYS UA 116 -135.11 7.66 11.28
C LYS UA 116 -133.64 7.77 10.90
N LEU UA 117 -133.27 7.29 9.71
CA LEU UA 117 -131.86 7.38 9.31
C LEU UA 117 -131.40 8.83 9.26
N ILE UA 118 -132.23 9.72 8.70
CA ILE UA 118 -131.89 11.14 8.74
C ILE UA 118 -131.85 11.63 10.19
N GLY UA 119 -132.61 10.96 11.07
CA GLY UA 119 -132.59 11.28 12.49
C GLY UA 119 -131.31 10.89 13.21
N TRP UA 120 -130.42 10.14 12.56
CA TRP UA 120 -129.14 9.66 13.07
C TRP UA 120 -129.30 8.54 14.09
N GLU UA 121 -130.51 8.12 14.42
CA GLU UA 121 -130.69 7.05 15.39
C GLU UA 121 -130.52 5.70 14.71
N SER UA 122 -129.61 4.89 15.23
CA SER UA 122 -129.32 3.58 14.66
C SER UA 122 -130.31 2.55 15.17
N ALA VA 1 -127.36 -0.22 -34.11
CA ALA VA 1 -128.18 -0.01 -35.35
C ALA VA 1 -129.03 -1.23 -35.65
N LEU VA 2 -128.50 -2.43 -35.36
CA LEU VA 2 -129.25 -3.65 -35.61
C LEU VA 2 -130.51 -3.70 -34.75
N GLY VA 3 -130.39 -3.33 -33.48
CA GLY VA 3 -131.53 -3.38 -32.56
C GLY VA 3 -131.14 -3.91 -31.20
N ASP VA 4 -131.98 -3.68 -30.20
CA ASP VA 4 -131.66 -4.09 -28.84
C ASP VA 4 -131.80 -5.58 -28.62
N THR VA 5 -132.51 -6.29 -29.50
CA THR VA 5 -132.69 -7.73 -29.38
C THR VA 5 -132.43 -8.41 -30.71
N LEU VA 6 -131.78 -9.57 -30.63
CA LEU VA 6 -131.44 -10.39 -31.79
C LEU VA 6 -132.03 -11.77 -31.57
N THR VA 7 -132.73 -12.28 -32.59
CA THR VA 7 -133.44 -13.55 -32.50
C THR VA 7 -132.69 -14.61 -33.29
N ILE VA 8 -132.43 -15.76 -32.67
CA ILE VA 8 -131.82 -16.90 -33.32
C ILE VA 8 -132.76 -18.09 -33.18
N THR VA 9 -133.04 -18.75 -34.29
CA THR VA 9 -133.97 -19.89 -34.34
C THR VA 9 -133.12 -21.15 -34.53
N LEU VA 10 -132.94 -21.92 -33.47
CA LEU VA 10 -132.17 -23.15 -33.57
C LEU VA 10 -132.88 -24.12 -34.50
N GLY VA 11 -132.09 -24.88 -35.26
CA GLY VA 11 -132.66 -25.81 -36.21
C GLY VA 11 -133.24 -25.19 -37.46
N GLY VA 12 -132.75 -24.02 -37.86
CA GLY VA 12 -133.25 -23.42 -39.08
C GLY VA 12 -134.68 -22.92 -38.91
N SER VA 13 -135.38 -22.86 -40.03
CA SER VA 13 -136.76 -22.39 -40.03
C SER VA 13 -137.67 -23.36 -39.29
N GLY VA 14 -138.64 -22.80 -38.58
CA GLY VA 14 -139.65 -23.58 -37.89
C GLY VA 14 -139.23 -24.15 -36.55
N GLY VA 15 -138.02 -23.85 -36.07
CA GLY VA 15 -137.51 -24.40 -34.84
C GLY VA 15 -137.83 -23.53 -33.63
N THR VA 16 -137.15 -23.84 -32.53
CA THR VA 16 -137.29 -23.05 -31.31
C THR VA 16 -136.61 -21.70 -31.48
N ALA VA 17 -137.19 -20.68 -30.87
CA ALA VA 17 -136.69 -19.32 -30.95
C ALA VA 17 -136.05 -18.91 -29.62
N LYS VA 18 -134.92 -18.20 -29.73
CA LYS VA 18 -134.23 -17.65 -28.57
C LYS VA 18 -134.01 -16.16 -28.80
N VAL VA 19 -134.19 -15.37 -27.75
CA VAL VA 19 -134.06 -13.92 -27.82
C VAL VA 19 -132.81 -13.52 -27.07
N LEU VA 20 -131.87 -12.88 -27.76
CA LEU VA 20 -130.65 -12.38 -27.14
C LEU VA 20 -130.81 -10.89 -26.85
N ARG VA 21 -130.10 -10.42 -25.83
CA ARG VA 21 -130.19 -9.05 -25.36
C ARG VA 21 -128.86 -8.32 -25.56
N LYS VA 22 -128.94 -7.05 -25.98
CA LYS VA 22 -127.73 -6.28 -26.20
C LYS VA 22 -127.07 -5.93 -24.86
N ILE VA 23 -125.74 -5.92 -24.86
CA ILE VA 23 -124.94 -5.64 -23.67
C ILE VA 23 -124.18 -4.32 -23.83
N ASN VA 24 -123.29 -4.24 -24.82
CA ASN VA 24 -122.51 -3.03 -25.03
C ASN VA 24 -122.03 -2.99 -26.47
N GLN VA 25 -121.36 -1.89 -26.81
CA GLN VA 25 -120.68 -1.76 -28.10
C GLN VA 25 -119.75 -0.57 -28.04
N ASP VA 26 -118.44 -0.80 -28.19
CA ASP VA 26 -117.47 0.28 -28.09
C ASP VA 26 -116.71 0.51 -29.38
N GLY VA 27 -115.98 -0.48 -29.88
CA GLY VA 27 -115.14 -0.28 -31.05
C GLY VA 27 -115.75 -0.72 -32.36
N TYR VA 28 -116.92 -0.20 -32.70
CA TYR VA 28 -117.68 -0.67 -33.85
C TYR VA 28 -118.08 -2.13 -33.69
N THR VA 29 -118.11 -2.61 -32.45
CA THR VA 29 -118.37 -4.01 -32.14
C THR VA 29 -119.56 -4.08 -31.21
N SER VA 30 -120.31 -5.18 -31.28
CA SER VA 30 -121.48 -5.37 -30.43
C SER VA 30 -121.56 -6.82 -29.99
N GLU VA 31 -122.25 -7.05 -28.86
CA GLU VA 31 -122.47 -8.40 -28.37
C GLU VA 31 -123.85 -8.52 -27.74
N TYR VA 32 -124.36 -9.75 -27.73
CA TYR VA 32 -125.65 -10.07 -27.13
C TYR VA 32 -125.47 -11.25 -26.18
N TYR VA 33 -126.36 -11.38 -25.20
CA TYR VA 33 -126.18 -12.41 -24.18
C TYR VA 33 -127.54 -12.82 -23.61
N LEU VA 34 -127.66 -14.11 -23.23
CA LEU VA 34 -128.87 -14.65 -22.64
C LEU VA 34 -128.55 -15.92 -21.83
N PRO VA 35 -128.65 -15.88 -20.50
CA PRO VA 35 -128.37 -17.10 -19.71
C PRO VA 35 -129.60 -17.98 -19.52
N GLU VA 36 -129.33 -19.29 -19.51
CA GLU VA 36 -130.33 -20.32 -19.21
C GLU VA 36 -129.82 -21.16 -18.05
N THR VA 37 -130.63 -22.16 -17.68
CA THR VA 37 -130.26 -23.03 -16.57
C THR VA 37 -129.13 -23.98 -16.96
N SER VA 38 -129.22 -24.58 -18.15
CA SER VA 38 -128.26 -25.60 -18.57
C SER VA 38 -127.25 -25.09 -19.59
N SER VA 39 -127.44 -23.90 -20.15
CA SER VA 39 -126.52 -23.37 -21.14
C SER VA 39 -126.72 -21.86 -21.24
N SER VA 40 -125.96 -21.23 -22.12
CA SER VA 40 -126.05 -19.80 -22.36
C SER VA 40 -125.80 -19.52 -23.84
N PHE VA 41 -126.24 -18.36 -24.29
CA PHE VA 41 -126.07 -17.93 -25.67
C PHE VA 41 -125.43 -16.55 -25.71
N ARG VA 42 -124.64 -16.33 -26.77
CA ARG VA 42 -123.90 -15.09 -26.94
C ARG VA 42 -123.67 -14.86 -28.43
N ALA VA 43 -123.76 -13.60 -28.86
CA ALA VA 43 -123.54 -13.25 -30.26
C ALA VA 43 -122.57 -12.07 -30.33
N LYS VA 44 -121.76 -12.06 -31.39
CA LYS VA 44 -120.73 -11.05 -31.60
C LYS VA 44 -120.82 -10.54 -33.03
N VAL VA 45 -120.56 -9.25 -33.22
CA VAL VA 45 -120.44 -8.64 -34.54
C VAL VA 45 -119.25 -7.69 -34.50
N ARG VA 46 -118.41 -7.72 -35.54
CA ARG VA 46 -117.23 -6.85 -35.56
C ARG VA 46 -116.91 -6.42 -36.99
N HIS VA 47 -116.33 -5.22 -37.10
CA HIS VA 47 -115.88 -4.63 -38.36
C HIS VA 47 -114.43 -4.20 -38.23
N THR VA 48 -113.68 -4.22 -39.34
CA THR VA 48 -112.25 -3.91 -39.29
C THR VA 48 -111.72 -3.38 -40.62
N LYS VA 49 -110.59 -2.67 -40.53
CA LYS VA 49 -109.66 -2.39 -41.64
C LYS VA 49 -108.44 -3.31 -41.56
N GLU VA 50 -108.03 -3.85 -42.69
CA GLU VA 50 -106.70 -4.45 -42.78
C GLU VA 50 -105.63 -3.36 -42.85
N SER VA 51 -104.39 -3.76 -42.60
CA SER VA 51 -103.27 -2.82 -42.66
C SER VA 51 -103.15 -2.22 -44.05
N VAL VA 52 -102.86 -0.93 -44.10
CA VAL VA 52 -102.68 -0.22 -45.37
C VAL VA 52 -101.23 -0.36 -45.78
N LYS VA 53 -101.01 -0.63 -47.06
CA LYS VA 53 -99.68 -0.69 -47.65
C LYS VA 53 -99.54 0.34 -48.76
N PRO VA 54 -98.34 0.82 -49.02
CA PRO VA 54 -98.15 1.73 -50.16
C PRO VA 54 -98.68 1.10 -51.44
N ASN VA 55 -99.28 1.93 -52.29
CA ASN VA 55 -99.72 1.56 -53.64
C ASN VA 55 -100.23 0.13 -53.71
N GLN VA 56 -101.14 -0.23 -52.81
CA GLN VA 56 -101.79 -1.53 -52.81
C GLN VA 56 -103.27 -1.34 -52.49
N VAL VA 57 -104.10 -2.29 -52.93
CA VAL VA 57 -105.54 -2.18 -52.76
C VAL VA 57 -105.89 -2.30 -51.29
N GLN VA 58 -106.77 -1.42 -50.82
CA GLN VA 58 -107.22 -1.45 -49.43
C GLN VA 58 -108.55 -2.20 -49.32
N TYR VA 59 -108.67 -3.03 -48.29
CA TYR VA 59 -109.74 -4.01 -48.20
C TYR VA 59 -110.61 -3.76 -46.96
N GLU VA 60 -111.78 -4.41 -46.93
CA GLU VA 60 -112.73 -4.32 -45.84
C GLU VA 60 -113.20 -5.72 -45.46
N ARG VA 61 -113.41 -5.94 -44.15
CA ARG VA 61 -113.73 -7.25 -43.61
C ARG VA 61 -114.87 -7.11 -42.61
N HIS VA 62 -115.82 -8.04 -42.63
CA HIS VA 62 -116.86 -8.11 -41.59
C HIS VA 62 -116.96 -9.52 -41.06
N ASN VA 63 -117.36 -9.63 -39.78
CA ASN VA 63 -117.41 -10.90 -39.07
C ASN VA 63 -118.68 -10.97 -38.24
N VAL VA 64 -119.33 -12.13 -38.26
CA VAL VA 64 -120.51 -12.40 -37.43
C VAL VA 64 -120.34 -13.77 -36.80
N GLU VA 65 -120.61 -13.87 -35.50
CA GLU VA 65 -120.22 -15.02 -34.70
C GLU VA 65 -121.33 -15.41 -33.73
N PHE VA 66 -121.55 -16.72 -33.59
CA PHE VA 66 -122.47 -17.28 -32.60
C PHE VA 66 -121.71 -18.28 -31.73
N THR VA 67 -122.03 -18.31 -30.44
CA THR VA 67 -121.48 -19.32 -29.54
C THR VA 67 -122.50 -19.62 -28.45
N GLU VA 68 -122.45 -20.84 -27.93
CA GLU VA 68 -123.23 -21.25 -26.77
C GLU VA 68 -122.37 -22.12 -25.88
N THR VA 69 -122.51 -21.98 -24.57
CA THR VA 69 -121.72 -22.70 -23.59
C THR VA 69 -122.62 -23.59 -22.75
N VAL VA 70 -122.18 -24.82 -22.52
CA VAL VA 70 -122.89 -25.78 -21.69
C VAL VA 70 -122.11 -25.94 -20.40
N TYR VA 71 -122.74 -25.63 -19.27
CA TYR VA 71 -122.04 -25.69 -17.99
C TYR VA 71 -121.69 -27.12 -17.61
N ALA VA 72 -120.59 -27.26 -16.89
CA ALA VA 72 -120.12 -28.58 -16.48
C ALA VA 72 -121.14 -29.24 -15.57
N SER VA 73 -121.43 -30.51 -15.85
CA SER VA 73 -122.39 -31.29 -15.10
C SER VA 73 -121.72 -32.60 -14.67
N GLY VA 74 -121.32 -32.66 -13.41
CA GLY VA 74 -120.67 -33.87 -12.90
C GLY VA 74 -119.35 -34.11 -13.61
N SER VA 75 -119.18 -35.32 -14.15
CA SER VA 75 -117.91 -35.68 -14.77
C SER VA 75 -117.61 -34.81 -15.98
N THR VA 76 -118.63 -34.52 -16.79
CA THR VA 76 -118.42 -33.80 -18.04
C THR VA 76 -117.98 -32.36 -17.77
N PRO VA 77 -116.84 -31.90 -18.29
CA PRO VA 77 -116.42 -30.52 -18.06
C PRO VA 77 -117.06 -29.53 -19.03
N GLU VA 78 -116.60 -28.28 -18.99
CA GLU VA 78 -117.13 -27.25 -19.86
C GLU VA 78 -116.85 -27.55 -21.33
N PHE VA 79 -117.79 -27.19 -22.18
CA PHE VA 79 -117.56 -27.22 -23.62
C PHE VA 79 -118.53 -26.29 -24.30
N VAL VA 80 -118.17 -25.86 -25.51
CA VAL VA 80 -118.87 -24.79 -26.23
C VAL VA 80 -119.12 -25.25 -27.66
N ARG VA 81 -120.03 -24.55 -28.32
CA ARG VA 81 -120.27 -24.70 -29.75
C ARG VA 81 -120.29 -23.33 -30.39
N GLN VA 82 -119.62 -23.21 -31.53
CA GLN VA 82 -119.45 -21.94 -32.23
C GLN VA 82 -119.77 -22.13 -33.70
N ALA VA 83 -120.06 -21.01 -34.37
CA ALA VA 83 -120.25 -20.99 -35.82
C ALA VA 83 -120.21 -19.54 -36.26
N TYR VA 84 -119.32 -19.20 -37.20
CA TYR VA 84 -119.19 -17.82 -37.59
C TYR VA 84 -118.81 -17.69 -39.06
N VAL VA 85 -119.17 -16.55 -39.63
CA VAL VA 85 -118.95 -16.23 -41.04
C VAL VA 85 -118.17 -14.93 -41.15
N VAL VA 86 -117.43 -14.79 -42.24
CA VAL VA 86 -116.62 -13.60 -42.51
C VAL VA 86 -116.81 -13.23 -43.97
N ILE VA 87 -116.92 -11.93 -44.25
CA ILE VA 87 -117.06 -11.41 -45.61
C ILE VA 87 -115.97 -10.38 -45.84
N ARG VA 88 -115.34 -10.43 -47.02
CA ARG VA 88 -114.21 -9.56 -47.34
C ARG VA 88 -114.38 -8.98 -48.73
N HIS VA 89 -114.21 -7.67 -48.86
CA HIS VA 89 -114.30 -7.00 -50.16
C HIS VA 89 -113.53 -5.70 -50.08
N LYS VA 90 -113.20 -5.15 -51.25
CA LYS VA 90 -112.35 -3.97 -51.31
C LYS VA 90 -113.16 -2.71 -51.05
N VAL VA 91 -112.44 -1.65 -50.64
CA VAL VA 91 -113.10 -0.40 -50.28
C VAL VA 91 -113.65 0.27 -51.53
N GLY VA 92 -114.89 0.72 -51.44
CA GLY VA 92 -115.51 1.39 -52.56
C GLY VA 92 -116.06 0.49 -53.63
N ASP VA 93 -116.23 -0.80 -53.35
CA ASP VA 93 -116.79 -1.72 -54.33
C ASP VA 93 -118.29 -1.50 -54.45
N VAL VA 94 -118.94 -2.32 -55.27
CA VAL VA 94 -120.38 -2.26 -55.45
C VAL VA 94 -121.02 -3.22 -54.45
N SER VA 95 -121.86 -2.68 -53.56
CA SER VA 95 -122.42 -3.48 -52.48
C SER VA 95 -123.28 -4.63 -53.02
N ALA VA 96 -123.95 -4.42 -54.15
CA ALA VA 96 -124.88 -5.43 -54.65
C ALA VA 96 -124.16 -6.74 -54.95
N THR VA 97 -122.98 -6.68 -55.57
CA THR VA 97 -122.26 -7.90 -55.92
C THR VA 97 -121.80 -8.66 -54.68
N VAL VA 98 -121.27 -7.94 -53.69
CA VAL VA 98 -120.83 -8.60 -52.46
C VAL VA 98 -122.03 -9.27 -51.79
N SER VA 99 -123.15 -8.57 -51.74
CA SER VA 99 -124.36 -9.16 -51.18
C SER VA 99 -124.82 -10.37 -51.99
N ASP VA 100 -124.65 -10.32 -53.32
CA ASP VA 100 -125.04 -11.43 -54.17
C ASP VA 100 -124.24 -12.67 -53.85
N LEU VA 101 -122.92 -12.50 -53.68
CA LEU VA 101 -122.06 -13.62 -53.28
C LEU VA 101 -122.46 -14.13 -51.91
N GLY VA 102 -122.79 -13.22 -50.98
CA GLY VA 102 -123.21 -13.65 -49.66
C GLY VA 102 -124.48 -14.50 -49.70
N GLU VA 103 -125.46 -14.07 -50.50
CA GLU VA 103 -126.67 -14.89 -50.66
C GLU VA 103 -126.33 -16.25 -51.25
N ALA VA 104 -125.41 -16.27 -52.22
CA ALA VA 104 -124.98 -17.56 -52.78
C ALA VA 104 -124.48 -18.48 -51.67
N LEU VA 105 -123.55 -17.97 -50.85
CA LEU VA 105 -122.97 -18.80 -49.80
C LEU VA 105 -124.03 -19.27 -48.81
N SER VA 106 -124.96 -18.37 -48.46
CA SER VA 106 -126.02 -18.73 -47.51
C SER VA 106 -126.94 -19.79 -48.09
N PHE VA 107 -127.30 -19.67 -49.38
CA PHE VA 107 -128.23 -20.61 -50.00
C PHE VA 107 -127.60 -21.99 -50.17
N TYR VA 108 -126.32 -22.04 -50.53
CA TYR VA 108 -125.68 -23.35 -50.70
C TYR VA 108 -125.74 -24.17 -49.42
N LEU VA 109 -125.46 -23.55 -48.28
CA LEU VA 109 -125.26 -24.26 -47.03
C LEU VA 109 -126.61 -24.58 -46.39
N ASN VA 110 -126.87 -25.86 -46.16
CA ASN VA 110 -128.13 -26.31 -45.57
C ASN VA 110 -127.87 -27.55 -44.71
N GLU VA 111 -128.94 -28.28 -44.39
CA GLU VA 111 -128.83 -29.41 -43.48
C GLU VA 111 -127.92 -30.50 -44.03
N ALA VA 112 -128.15 -30.91 -45.28
CA ALA VA 112 -127.41 -32.04 -45.82
C ALA VA 112 -125.91 -31.72 -45.89
N LEU VA 113 -125.57 -30.51 -46.33
CA LEU VA 113 -124.16 -30.15 -46.38
C LEU VA 113 -123.53 -30.15 -45.00
N TYR VA 114 -124.26 -29.66 -43.99
CA TYR VA 114 -123.71 -29.62 -42.65
C TYR VA 114 -123.51 -31.03 -42.09
N GLY VA 115 -124.44 -31.94 -42.36
CA GLY VA 115 -124.20 -33.34 -42.03
C GLY VA 115 -122.97 -33.88 -42.72
N LYS VA 116 -122.78 -33.54 -44.00
CA LYS VA 116 -121.59 -33.97 -44.73
C LYS VA 116 -120.32 -33.47 -44.05
N LEU VA 117 -120.27 -32.17 -43.73
CA LEU VA 117 -119.07 -31.61 -43.11
C LEU VA 117 -118.80 -32.25 -41.75
N ILE VA 118 -119.85 -32.49 -40.96
CA ILE VA 118 -119.65 -33.15 -39.67
C ILE VA 118 -119.15 -34.58 -39.88
N GLY VA 119 -119.52 -35.19 -41.00
CA GLY VA 119 -119.04 -36.52 -41.32
C GLY VA 119 -117.64 -36.55 -41.91
N TRP VA 120 -116.95 -35.41 -41.90
CA TRP VA 120 -115.62 -35.23 -42.48
C TRP VA 120 -115.59 -35.41 -43.99
N GLU VA 121 -116.75 -35.49 -44.64
CA GLU VA 121 -116.79 -35.68 -46.08
C GLU VA 121 -116.09 -34.52 -46.77
N SER VA 122 -114.95 -34.79 -47.41
CA SER VA 122 -114.16 -33.75 -48.05
C SER VA 122 -114.22 -33.86 -49.56
N ALA WA 1 -132.79 4.24 18.19
CA ALA WA 1 -134.11 3.55 18.27
C ALA WA 1 -134.14 2.33 17.36
N LEU WA 2 -135.08 2.29 16.41
CA LEU WA 2 -135.28 1.17 15.50
C LEU WA 2 -135.69 -0.11 16.22
N GLY WA 3 -135.92 -0.04 17.53
CA GLY WA 3 -136.24 -1.23 18.30
C GLY WA 3 -135.01 -2.09 18.54
N ASP WA 4 -135.13 -3.07 19.43
CA ASP WA 4 -134.06 -4.02 19.67
C ASP WA 4 -134.15 -5.25 18.78
N THR WA 5 -135.14 -5.32 17.89
CA THR WA 5 -135.23 -6.38 16.90
C THR WA 5 -135.43 -5.79 15.52
N LEU WA 6 -134.82 -6.42 14.53
CA LEU WA 6 -134.94 -6.04 13.13
C LEU WA 6 -135.39 -7.25 12.33
N THR WA 7 -136.33 -7.04 11.42
CA THR WA 7 -137.00 -8.12 10.70
C THR WA 7 -136.59 -8.11 9.24
N ILE WA 8 -136.09 -9.24 8.75
CA ILE WA 8 -135.79 -9.43 7.33
C ILE WA 8 -136.80 -10.43 6.80
N THR WA 9 -137.62 -9.99 5.84
CA THR WA 9 -138.66 -10.81 5.24
C THR WA 9 -138.19 -11.22 3.85
N LEU WA 10 -137.48 -12.34 3.77
CA LEU WA 10 -136.96 -12.78 2.49
C LEU WA 10 -138.11 -12.99 1.50
N GLY WA 11 -137.92 -12.49 0.29
CA GLY WA 11 -138.94 -12.58 -0.73
C GLY WA 11 -139.92 -11.42 -0.72
N GLY WA 12 -139.54 -10.28 -0.16
CA GLY WA 12 -140.46 -9.17 -0.12
C GLY WA 12 -141.71 -9.50 0.66
N SER WA 13 -142.84 -8.99 0.18
CA SER WA 13 -144.10 -9.17 0.88
C SER WA 13 -144.57 -10.62 0.82
N GLY WA 14 -145.12 -11.10 1.94
CA GLY WA 14 -145.69 -12.44 1.99
C GLY WA 14 -144.68 -13.56 1.97
N GLY WA 15 -143.43 -13.31 2.36
CA GLY WA 15 -142.38 -14.29 2.31
C GLY WA 15 -142.10 -14.93 3.65
N THR WA 16 -140.85 -15.34 3.84
CA THR WA 16 -140.37 -15.94 5.09
C THR WA 16 -139.77 -14.85 5.96
N ALA WA 17 -140.15 -14.82 7.23
CA ALA WA 17 -139.73 -13.79 8.16
C ALA WA 17 -138.61 -14.29 9.06
N LYS WA 18 -137.53 -13.52 9.14
CA LYS WA 18 -136.43 -13.77 10.06
C LYS WA 18 -136.26 -12.56 10.97
N VAL WA 19 -135.94 -12.82 12.25
CA VAL WA 19 -135.82 -11.78 13.26
C VAL WA 19 -134.38 -11.74 13.76
N LEU WA 20 -133.83 -10.54 13.84
CA LEU WA 20 -132.48 -10.31 14.32
C LEU WA 20 -132.52 -9.52 15.63
N ARG WA 21 -131.54 -9.78 16.49
CA ARG WA 21 -131.43 -9.16 17.81
C ARG WA 21 -130.22 -8.26 17.88
N LYS WA 22 -130.32 -7.18 18.66
CA LYS WA 22 -129.19 -6.28 18.84
C LYS WA 22 -128.12 -6.95 19.69
N ILE WA 23 -126.87 -6.84 19.24
CA ILE WA 23 -125.76 -7.52 19.90
C ILE WA 23 -124.77 -6.49 20.44
N ASN WA 24 -124.70 -5.33 19.80
CA ASN WA 24 -123.65 -4.36 20.09
C ASN WA 24 -124.07 -3.01 19.56
N GLN WA 25 -123.38 -1.97 20.03
CA GLN WA 25 -123.57 -0.62 19.49
C GLN WA 25 -122.33 0.20 19.83
N ASP WA 26 -121.52 0.50 18.82
CA ASP WA 26 -120.32 1.29 19.02
C ASP WA 26 -120.11 2.22 17.83
N GLY WA 27 -119.68 3.45 18.11
CA GLY WA 27 -119.25 4.37 17.07
C GLY WA 27 -120.32 4.74 16.07
N TYR WA 28 -121.49 5.14 16.56
CA TYR WA 28 -122.59 5.55 15.69
C TYR WA 28 -123.06 4.40 14.81
N THR WA 29 -122.83 3.17 15.25
CA THR WA 29 -123.09 1.98 14.46
C THR WA 29 -123.83 0.95 15.30
N SER WA 30 -124.74 0.21 14.68
CA SER WA 30 -125.49 -0.85 15.33
C SER WA 30 -125.35 -2.14 14.53
N GLU WA 31 -125.46 -3.27 15.22
CA GLU WA 31 -125.30 -4.58 14.61
C GLU WA 31 -126.39 -5.52 15.11
N TYR WA 32 -126.82 -6.43 14.23
CA TYR WA 32 -127.83 -7.43 14.54
C TYR WA 32 -127.35 -8.80 14.04
N TYR WA 33 -127.74 -9.87 14.74
CA TYR WA 33 -127.29 -11.21 14.41
C TYR WA 33 -128.40 -12.23 14.66
N LEU WA 34 -128.27 -13.40 14.03
CA LEU WA 34 -129.12 -14.55 14.29
C LEU WA 34 -128.42 -15.83 13.83
N PRO WA 35 -128.04 -16.72 14.75
CA PRO WA 35 -127.34 -17.95 14.33
C PRO WA 35 -128.30 -19.00 13.79
N GLU WA 36 -127.75 -19.89 12.96
CA GLU WA 36 -128.52 -20.93 12.31
C GLU WA 36 -127.57 -22.06 11.93
N THR WA 37 -128.14 -23.26 11.79
CA THR WA 37 -127.30 -24.46 11.64
C THR WA 37 -126.41 -24.38 10.40
N SER WA 38 -126.99 -24.03 9.25
CA SER WA 38 -126.24 -24.00 8.00
C SER WA 38 -125.91 -22.59 7.53
N SER WA 39 -126.35 -21.55 8.23
CA SER WA 39 -126.09 -20.19 7.79
C SER WA 39 -126.28 -19.24 8.98
N SER WA 40 -126.31 -17.95 8.69
CA SER WA 40 -126.46 -16.92 9.70
C SER WA 40 -126.95 -15.65 9.02
N PHE WA 41 -127.47 -14.73 9.83
CA PHE WA 41 -127.96 -13.45 9.33
C PHE WA 41 -127.30 -12.33 10.13
N ARG WA 42 -126.80 -11.32 9.44
CA ARG WA 42 -126.12 -10.19 10.06
C ARG WA 42 -126.62 -8.92 9.40
N ALA WA 43 -126.93 -7.92 10.24
CA ALA WA 43 -127.33 -6.60 9.76
C ALA WA 43 -126.64 -5.55 10.60
N LYS WA 44 -126.04 -4.58 9.92
CA LYS WA 44 -125.16 -3.59 10.54
C LYS WA 44 -125.48 -2.23 9.93
N VAL WA 45 -125.54 -1.19 10.76
CA VAL WA 45 -125.97 0.14 10.31
C VAL WA 45 -124.92 1.18 10.69
N ARG WA 46 -124.60 2.06 9.76
CA ARG WA 46 -123.52 3.03 9.91
C ARG WA 46 -124.03 4.45 9.73
N HIS WA 47 -123.42 5.40 10.46
CA HIS WA 47 -123.51 6.82 10.18
C HIS WA 47 -122.11 7.43 10.22
N THR WA 48 -121.81 8.31 9.28
CA THR WA 48 -120.51 8.95 9.20
C THR WA 48 -120.67 10.41 8.80
N LYS WA 49 -119.63 11.19 9.06
CA LYS WA 49 -119.61 12.62 8.74
C LYS WA 49 -118.28 12.93 8.06
N GLU WA 50 -118.34 13.44 6.84
CA GLU WA 50 -117.15 13.62 6.03
C GLU WA 50 -116.26 14.71 6.63
N SER WA 51 -114.98 14.66 6.27
CA SER WA 51 -114.02 15.62 6.81
C SER WA 51 -114.35 17.02 6.32
N VAL WA 52 -114.28 17.98 7.24
CA VAL WA 52 -114.56 19.36 6.90
C VAL WA 52 -113.35 19.97 6.22
N LYS WA 53 -113.59 20.77 5.20
CA LYS WA 53 -112.56 21.47 4.46
C LYS WA 53 -112.93 22.94 4.33
N PRO WA 54 -111.96 23.82 4.17
CA PRO WA 54 -112.28 25.25 4.01
C PRO WA 54 -113.18 25.46 2.80
N ASN WA 55 -114.10 26.41 2.94
CA ASN WA 55 -114.95 26.88 1.85
C ASN WA 55 -115.51 25.76 0.98
N GLN WA 56 -115.87 24.64 1.60
CA GLN WA 56 -116.51 23.53 0.90
C GLN WA 56 -117.66 23.01 1.74
N VAL WA 57 -118.73 22.59 1.05
CA VAL WA 57 -119.95 22.17 1.73
C VAL WA 57 -119.72 20.86 2.48
N GLN WA 58 -120.28 20.78 3.69
CA GLN WA 58 -120.13 19.61 4.52
C GLN WA 58 -121.27 18.62 4.27
N TYR WA 59 -120.95 17.32 4.36
CA TYR WA 59 -121.84 16.26 3.91
C TYR WA 59 -121.99 15.19 4.98
N GLU WA 60 -123.08 14.42 4.87
CA GLU WA 60 -123.34 13.29 5.74
C GLU WA 60 -123.72 12.07 4.91
N ARG WA 61 -123.38 10.88 5.42
CA ARG WA 61 -123.63 9.62 4.74
C ARG WA 61 -124.29 8.65 5.71
N HIS WA 62 -125.29 7.90 5.22
CA HIS WA 62 -125.90 6.80 5.96
C HIS WA 62 -125.86 5.52 5.13
N ASN WA 63 -125.62 4.40 5.79
CA ASN WA 63 -125.44 3.10 5.14
C ASN WA 63 -126.18 2.03 5.91
N VAL WA 64 -126.65 1.00 5.19
CA VAL WA 64 -127.28 -0.17 5.80
C VAL WA 64 -127.04 -1.37 4.88
N GLU WA 65 -126.75 -2.53 5.49
CA GLU WA 65 -126.34 -3.71 4.74
C GLU WA 65 -127.01 -4.96 5.30
N PHE WA 66 -127.25 -5.92 4.41
CA PHE WA 66 -127.67 -7.27 4.77
C PHE WA 66 -126.60 -8.26 4.30
N THR WA 67 -126.25 -9.19 5.18
CA THR WA 67 -125.22 -10.18 4.90
C THR WA 67 -125.75 -11.56 5.20
N GLU WA 68 -125.37 -12.54 4.37
CA GLU WA 68 -125.82 -13.92 4.50
C GLU WA 68 -124.61 -14.83 4.31
N THR WA 69 -124.25 -15.59 5.34
CA THR WA 69 -123.08 -16.47 5.30
C THR WA 69 -123.53 -17.92 5.28
N VAL WA 70 -122.94 -18.69 4.38
CA VAL WA 70 -123.20 -20.12 4.24
C VAL WA 70 -121.93 -20.86 4.61
N TYR WA 71 -121.99 -21.65 5.68
CA TYR WA 71 -120.79 -22.34 6.16
C TYR WA 71 -120.33 -23.38 5.15
N ALA WA 72 -119.02 -23.62 5.14
CA ALA WA 72 -118.43 -24.58 4.22
C ALA WA 72 -118.98 -25.97 4.50
N SER WA 73 -119.22 -26.72 3.43
CA SER WA 73 -119.71 -28.09 3.55
C SER WA 73 -119.20 -28.88 2.36
N GLY WA 74 -118.55 -30.00 2.64
CA GLY WA 74 -117.97 -30.79 1.57
C GLY WA 74 -116.92 -29.99 0.82
N SER WA 75 -116.95 -30.08 -0.50
CA SER WA 75 -115.95 -29.40 -1.33
C SER WA 75 -116.20 -27.91 -1.40
N THR WA 76 -117.45 -27.48 -1.34
CA THR WA 76 -117.79 -26.07 -1.47
C THR WA 76 -117.26 -25.28 -0.27
N PRO WA 77 -116.43 -24.25 -0.47
CA PRO WA 77 -115.96 -23.46 0.66
C PRO WA 77 -117.01 -22.46 1.13
N GLU WA 78 -116.73 -21.83 2.25
CA GLU WA 78 -117.62 -20.81 2.80
C GLU WA 78 -117.72 -19.63 1.86
N PHE WA 79 -118.94 -19.12 1.68
CA PHE WA 79 -119.18 -17.95 0.85
C PHE WA 79 -120.28 -17.11 1.48
N VAL WA 80 -120.53 -15.94 0.88
CA VAL WA 80 -121.38 -14.91 1.46
C VAL WA 80 -122.31 -14.35 0.41
N ARG WA 81 -123.44 -13.80 0.87
CA ARG WA 81 -124.34 -13.01 0.05
C ARG WA 81 -124.63 -11.71 0.77
N GLN WA 82 -124.44 -10.58 0.07
CA GLN WA 82 -124.44 -9.27 0.69
C GLN WA 82 -125.25 -8.31 -0.19
N ALA WA 83 -125.77 -7.26 0.44
CA ALA WA 83 -126.51 -6.23 -0.29
C ALA WA 83 -126.70 -5.01 0.62
N TYR WA 84 -126.41 -3.82 0.10
CA TYR WA 84 -126.47 -2.62 0.93
C TYR WA 84 -126.80 -1.39 0.09
N VAL WA 85 -127.32 -0.36 0.77
CA VAL WA 85 -127.67 0.92 0.18
C VAL WA 85 -127.01 2.03 0.98
N VAL WA 86 -126.82 3.17 0.33
CA VAL WA 86 -126.17 4.35 0.92
C VAL WA 86 -126.98 5.59 0.57
N ILE WA 87 -127.01 6.56 1.49
CA ILE WA 87 -127.68 7.84 1.29
C ILE WA 87 -126.70 8.95 1.65
N ARG WA 88 -126.60 9.97 0.78
CA ARG WA 88 -125.64 11.07 0.95
C ARG WA 88 -126.33 12.40 0.71
N HIS WA 89 -126.11 13.37 1.61
CA HIS WA 89 -126.67 14.71 1.50
C HIS WA 89 -125.89 15.62 2.44
N LYS WA 90 -126.25 16.91 2.44
CA LYS WA 90 -125.51 17.88 3.24
C LYS WA 90 -126.04 17.94 4.66
N VAL WA 91 -125.24 18.53 5.56
CA VAL WA 91 -125.54 18.47 6.98
C VAL WA 91 -126.90 19.10 7.26
N GLY WA 92 -127.18 20.26 6.67
CA GLY WA 92 -128.37 21.01 6.99
C GLY WA 92 -129.54 20.87 6.04
N ASP WA 93 -129.49 19.98 5.07
CA ASP WA 93 -130.55 19.92 4.06
C ASP WA 93 -131.90 19.62 4.70
N VAL WA 94 -132.95 19.88 3.94
CA VAL WA 94 -134.31 19.52 4.32
C VAL WA 94 -134.45 18.01 4.20
N SER WA 95 -135.12 17.41 5.18
CA SER WA 95 -135.22 15.96 5.25
C SER WA 95 -136.13 15.40 4.16
N ALA WA 96 -137.26 16.07 3.90
CA ALA WA 96 -138.30 15.46 3.08
C ALA WA 96 -137.82 15.18 1.66
N THR WA 97 -137.01 16.07 1.08
CA THR WA 97 -136.59 15.85 -0.30
C THR WA 97 -135.66 14.65 -0.42
N VAL WA 98 -134.66 14.54 0.46
CA VAL WA 98 -133.79 13.36 0.39
C VAL WA 98 -134.59 12.11 0.69
N SER WA 99 -135.59 12.22 1.56
CA SER WA 99 -136.48 11.08 1.79
C SER WA 99 -137.21 10.69 0.52
N ASP WA 100 -137.70 11.67 -0.23
CA ASP WA 100 -138.42 11.38 -1.47
C ASP WA 100 -137.49 10.73 -2.50
N LEU WA 101 -136.25 11.22 -2.58
CA LEU WA 101 -135.29 10.59 -3.48
C LEU WA 101 -135.05 9.13 -3.08
N GLY WA 102 -134.89 8.89 -1.78
CA GLY WA 102 -134.66 7.53 -1.32
C GLY WA 102 -135.84 6.63 -1.57
N GLU WA 103 -137.05 7.13 -1.34
CA GLU WA 103 -138.25 6.34 -1.61
C GLU WA 103 -138.41 6.09 -3.10
N ALA WA 104 -138.02 7.04 -3.94
CA ALA WA 104 -138.02 6.78 -5.38
C ALA WA 104 -137.06 5.65 -5.72
N LEU WA 105 -135.86 5.68 -5.16
CA LEU WA 105 -134.92 4.59 -5.39
C LEU WA 105 -135.50 3.27 -4.91
N SER WA 106 -136.11 3.26 -3.72
CA SER WA 106 -136.68 2.04 -3.17
C SER WA 106 -137.81 1.51 -4.05
N PHE WA 107 -138.64 2.41 -4.56
CA PHE WA 107 -139.76 2.01 -5.41
C PHE WA 107 -139.30 1.44 -6.74
N TYR WA 108 -138.25 2.01 -7.32
CA TYR WA 108 -137.81 1.55 -8.63
C TYR WA 108 -137.41 0.07 -8.59
N LEU WA 109 -136.73 -0.35 -7.53
CA LEU WA 109 -136.23 -1.72 -7.47
C LEU WA 109 -137.36 -2.70 -7.24
N ASN WA 110 -137.41 -3.74 -8.08
CA ASN WA 110 -138.42 -4.79 -8.01
C ASN WA 110 -137.77 -6.10 -8.40
N GLU WA 111 -138.54 -7.19 -8.24
CA GLU WA 111 -138.03 -8.49 -8.65
C GLU WA 111 -137.71 -8.52 -10.13
N ALA WA 112 -138.59 -7.92 -10.96
CA ALA WA 112 -138.34 -7.91 -12.39
C ALA WA 112 -137.02 -7.21 -12.72
N LEU WA 113 -136.81 -6.03 -12.13
CA LEU WA 113 -135.57 -5.30 -12.39
C LEU WA 113 -134.36 -6.05 -11.86
N TYR WA 114 -134.50 -6.71 -10.71
CA TYR WA 114 -133.39 -7.52 -10.22
C TYR WA 114 -133.06 -8.66 -11.17
N GLY WA 115 -134.09 -9.29 -11.74
CA GLY WA 115 -133.84 -10.31 -12.74
C GLY WA 115 -133.10 -9.78 -13.95
N LYS WA 116 -133.49 -8.60 -14.42
CA LYS WA 116 -132.75 -7.97 -15.52
C LYS WA 116 -131.32 -7.64 -15.10
N LEU WA 117 -131.13 -7.14 -13.87
CA LEU WA 117 -129.79 -6.76 -13.43
C LEU WA 117 -128.85 -7.96 -13.40
N ILE WA 118 -129.34 -9.09 -12.89
CA ILE WA 118 -128.50 -10.31 -12.93
C ILE WA 118 -128.22 -10.71 -14.37
N GLY WA 119 -129.00 -10.19 -15.31
CA GLY WA 119 -128.80 -10.52 -16.71
C GLY WA 119 -127.65 -9.80 -17.38
N TRP WA 120 -126.89 -9.00 -16.62
CA TRP WA 120 -125.73 -8.29 -17.18
C TRP WA 120 -126.13 -7.42 -18.36
N GLU WA 121 -127.29 -6.77 -18.27
CA GLU WA 121 -127.69 -5.76 -19.24
C GLU WA 121 -127.81 -4.43 -18.53
N SER WA 122 -126.99 -3.47 -18.95
CA SER WA 122 -126.99 -2.14 -18.35
C SER WA 122 -128.20 -1.36 -18.83
N ALA XA 1 -127.26 5.20 32.16
CA ALA XA 1 -128.59 4.86 31.56
C ALA XA 1 -129.69 5.75 32.11
N LEU XA 2 -129.68 7.03 31.70
CA LEU XA 2 -130.66 7.99 32.17
C LEU XA 2 -132.03 7.78 31.56
N GLY XA 3 -132.12 7.07 30.43
CA GLY XA 3 -133.35 6.98 29.69
C GLY XA 3 -133.11 7.16 28.20
N ASP XA 4 -134.02 6.60 27.39
CA ASP XA 4 -133.90 6.72 25.94
C ASP XA 4 -134.05 8.15 25.45
N THR XA 5 -134.77 8.99 26.18
CA THR XA 5 -134.93 10.39 25.80
C THR XA 5 -134.45 11.29 26.92
N LEU XA 6 -133.88 12.41 26.52
CA LEU XA 6 -133.47 13.48 27.42
C LEU XA 6 -134.23 14.73 26.98
N THR XA 7 -134.86 15.40 27.92
CA THR XA 7 -135.74 16.52 27.61
C THR XA 7 -135.10 17.82 28.06
N ILE XA 8 -135.00 18.77 27.14
CA ILE XA 8 -134.46 20.10 27.41
C ILE XA 8 -135.56 21.11 27.15
N THR XA 9 -135.77 21.99 28.12
CA THR XA 9 -136.83 22.99 28.07
C THR XA 9 -136.16 24.37 27.98
N LEU XA 10 -136.10 24.92 26.77
CA LEU XA 10 -135.42 26.19 26.58
C LEU XA 10 -136.14 27.29 27.36
N GLY XA 11 -135.36 28.20 27.92
CA GLY XA 11 -135.92 29.26 28.74
C GLY XA 11 -136.23 28.88 30.16
N GLY XA 12 -135.75 27.73 30.64
CA GLY XA 12 -136.00 27.33 32.00
C GLY XA 12 -137.25 26.48 32.12
N SER XA 13 -138.10 26.80 33.09
CA SER XA 13 -139.37 26.10 33.27
C SER XA 13 -140.48 26.68 32.40
N GLY XA 14 -140.18 27.69 31.58
CA GLY XA 14 -141.18 28.30 30.73
C GLY XA 14 -141.87 27.32 29.79
N GLY XA 15 -141.11 26.78 28.84
CA GLY XA 15 -141.69 25.89 27.84
C GLY XA 15 -140.69 25.59 26.74
N THR XA 16 -141.22 25.28 25.56
CA THR XA 16 -140.40 24.98 24.39
C THR XA 16 -139.48 23.78 24.67
N ALA XA 17 -140.12 22.65 24.92
CA ALA XA 17 -139.41 21.43 25.24
C ALA XA 17 -139.00 20.69 23.98
N LYS XA 18 -137.82 20.07 24.03
CA LYS XA 18 -137.29 19.28 22.93
C LYS XA 18 -136.90 17.89 23.44
N VAL XA 19 -136.93 16.91 22.55
CA VAL XA 19 -136.75 15.51 22.90
C VAL XA 19 -135.54 14.97 22.14
N LEU XA 20 -134.48 14.60 22.87
CA LEU XA 20 -133.26 14.09 22.26
C LEU XA 20 -133.16 12.57 22.45
N ARG XA 21 -132.52 11.89 21.48
CA ARG XA 21 -132.47 10.43 21.39
C ARG XA 21 -131.02 9.97 21.54
N LYS XA 22 -130.78 8.72 21.98
CA LYS XA 22 -129.37 8.31 22.03
C LYS XA 22 -128.79 8.29 20.63
N ILE XA 23 -127.49 8.53 20.54
CA ILE XA 23 -126.72 8.16 19.37
C ILE XA 23 -125.75 7.07 19.78
N ASN XA 24 -124.98 7.31 20.83
CA ASN XA 24 -123.96 6.37 21.28
C ASN XA 24 -124.02 6.15 22.78
N GLN XA 25 -123.42 5.03 23.21
CA GLN XA 25 -123.03 4.83 24.60
C GLN XA 25 -121.67 4.12 24.55
N ASP XA 26 -120.59 4.89 24.62
CA ASP XA 26 -119.24 4.36 24.53
C ASP XA 26 -118.36 4.98 25.60
N GLY XA 27 -117.50 4.15 26.20
CA GLY XA 27 -116.52 4.65 27.15
C GLY XA 27 -117.11 5.42 28.31
N TYR XA 28 -118.21 4.93 28.87
CA TYR XA 28 -118.90 5.63 29.95
C TYR XA 28 -119.28 7.04 29.51
N THR XA 29 -119.64 7.18 28.24
CA THR XA 29 -120.02 8.46 27.66
C THR XA 29 -121.29 8.26 26.85
N SER XA 30 -122.19 9.23 26.91
CA SER XA 30 -123.45 9.17 26.19
C SER XA 30 -123.73 10.53 25.56
N GLU XA 31 -124.53 10.51 24.49
CA GLU XA 31 -124.87 11.74 23.79
C GLU XA 31 -126.27 11.60 23.20
N TYR XA 32 -126.90 12.74 22.97
CA TYR XA 32 -128.27 12.77 22.48
C TYR XA 32 -128.35 13.79 21.33
N TYR XA 33 -129.33 13.63 20.45
CA TYR XA 33 -129.40 14.48 19.27
C TYR XA 33 -130.84 14.64 18.79
N LEU XA 34 -131.12 15.78 18.15
CA LEU XA 34 -132.40 16.07 17.51
C LEU XA 34 -132.24 17.14 16.43
N PRO XA 35 -132.49 16.84 15.16
CA PRO XA 35 -132.38 17.87 14.12
C PRO XA 35 -133.73 18.51 13.81
N GLU XA 36 -133.66 19.71 13.23
CA GLU XA 36 -134.85 20.45 12.83
C GLU XA 36 -134.49 21.28 11.61
N THR XA 37 -135.39 22.21 11.24
CA THR XA 37 -135.24 22.95 9.99
C THR XA 37 -134.04 23.88 10.02
N SER XA 38 -133.90 24.67 11.09
CA SER XA 38 -132.95 25.78 11.10
C SER XA 38 -131.80 25.61 12.08
N SER XA 39 -131.81 24.57 12.92
CA SER XA 39 -130.75 24.38 13.89
C SER XA 39 -130.67 22.89 14.23
N SER XA 40 -129.89 22.59 15.27
CA SER XA 40 -129.74 21.23 15.77
C SER XA 40 -129.51 21.27 17.28
N PHE XA 41 -129.81 20.15 17.94
CA PHE XA 41 -129.60 20.00 19.37
C PHE XA 41 -128.74 18.78 19.65
N ARG XA 42 -127.77 18.94 20.55
CA ARG XA 42 -126.82 17.89 20.89
C ARG XA 42 -126.54 17.95 22.39
N ALA XA 43 -126.30 16.78 22.99
CA ALA XA 43 -125.92 16.69 24.39
C ALA XA 43 -124.84 15.62 24.54
N LYS XA 44 -123.97 15.81 25.54
CA LYS XA 44 -122.95 14.84 25.87
C LYS XA 44 -122.97 14.63 27.38
N VAL XA 45 -122.70 13.39 27.82
CA VAL XA 45 -122.47 13.09 29.22
C VAL XA 45 -121.18 12.28 29.31
N ARG XA 46 -120.30 12.65 30.22
CA ARG XA 46 -119.00 12.00 30.32
C ARG XA 46 -118.58 11.86 31.78
N HIS XA 47 -117.89 10.75 32.06
CA HIS XA 47 -117.27 10.49 33.35
C HIS XA 47 -115.79 10.19 33.14
N THR XA 48 -114.95 10.58 34.09
CA THR XA 48 -113.53 10.36 33.96
C THR XA 48 -112.88 10.21 35.33
N LYS XA 49 -111.79 9.45 35.39
CA LYS XA 49 -110.97 9.28 36.57
C LYS XA 49 -109.58 9.85 36.27
N GLU XA 50 -109.17 10.84 37.04
CA GLU XA 50 -107.90 11.53 36.76
C GLU XA 50 -106.72 10.61 37.05
N SER XA 51 -105.55 11.03 36.54
CA SER XA 51 -104.36 10.20 36.58
C SER XA 51 -103.90 9.96 38.02
N VAL XA 52 -103.11 8.92 38.21
CA VAL XA 52 -102.63 8.50 39.52
C VAL XA 52 -101.18 8.95 39.69
N LYS XA 53 -100.93 9.76 40.71
CA LYS XA 53 -99.58 10.08 41.16
C LYS XA 53 -99.34 9.41 42.51
N PRO XA 54 -98.11 8.99 42.81
CA PRO XA 54 -97.88 8.24 44.06
C PRO XA 54 -98.25 9.02 45.31
N ASN XA 55 -98.06 10.33 45.32
CA ASN XA 55 -98.15 11.13 46.54
C ASN XA 55 -99.39 12.02 46.59
N GLN XA 56 -100.32 11.87 45.64
CA GLN XA 56 -101.49 12.74 45.55
C GLN XA 56 -102.75 11.90 45.64
N VAL XA 57 -103.84 12.52 46.13
CA VAL XA 57 -105.12 11.82 46.21
C VAL XA 57 -105.70 11.64 44.80
N GLN XA 58 -106.70 10.77 44.70
CA GLN XA 58 -107.33 10.43 43.44
C GLN XA 58 -108.64 11.17 43.32
N TYR XA 59 -108.85 11.84 42.18
CA TYR XA 59 -109.99 12.70 41.96
C TYR XA 59 -110.88 12.14 40.86
N GLU XA 60 -112.18 12.42 40.96
CA GLU XA 60 -113.17 11.96 40.00
C GLU XA 60 -113.88 13.17 39.40
N ARG XA 61 -114.00 13.19 38.08
CA ARG XA 61 -114.57 14.31 37.35
C ARG XA 61 -115.83 13.87 36.62
N HIS XA 62 -116.85 14.74 36.63
CA HIS XA 62 -118.07 14.53 35.86
C HIS XA 62 -118.40 15.78 35.06
N ASN XA 63 -118.90 15.57 33.84
CA ASN XA 63 -119.16 16.65 32.89
C ASN XA 63 -120.52 16.48 32.24
N VAL XA 64 -121.18 17.61 31.98
CA VAL XA 64 -122.46 17.62 31.29
C VAL XA 64 -122.47 18.79 30.30
N GLU XA 65 -122.99 18.53 29.10
CA GLU XA 65 -122.75 19.37 27.93
C GLU XA 65 -124.05 19.69 27.19
N PHE XA 66 -124.19 20.94 26.76
CA PHE XA 66 -125.26 21.35 25.85
C PHE XA 66 -124.67 22.21 24.74
N THR XA 67 -125.17 22.01 23.52
CA THR XA 67 -124.67 22.68 22.33
C THR XA 67 -125.82 23.03 21.40
N GLU XA 68 -125.70 24.16 20.71
CA GLU XA 68 -126.65 24.59 19.69
C GLU XA 68 -125.88 24.86 18.40
N THR XA 69 -126.44 24.41 17.27
CA THR XA 69 -125.84 24.63 15.96
C THR XA 69 -126.86 25.34 15.08
N VAL XA 70 -126.50 26.52 14.59
CA VAL XA 70 -127.38 27.35 13.76
C VAL XA 70 -126.76 27.45 12.36
N TYR XA 71 -127.48 26.94 11.37
CA TYR XA 71 -126.90 26.78 10.04
C TYR XA 71 -126.76 28.13 9.33
N ALA XA 72 -125.78 28.19 8.43
CA ALA XA 72 -125.49 29.43 7.72
C ALA XA 72 -126.67 29.83 6.85
N SER XA 73 -127.02 31.11 6.92
CA SER XA 73 -128.15 31.67 6.18
C SER XA 73 -127.70 32.96 5.53
N GLY XA 74 -127.97 33.11 4.24
CA GLY XA 74 -127.52 34.29 3.53
C GLY XA 74 -126.02 34.40 3.61
N SER XA 75 -125.53 35.59 3.98
CA SER XA 75 -124.10 35.80 4.13
C SER XA 75 -123.59 35.50 5.53
N THR XA 76 -124.47 35.21 6.49
CA THR XA 76 -124.05 34.91 7.85
C THR XA 76 -123.56 33.47 7.93
N PRO XA 77 -122.32 33.22 8.36
CA PRO XA 77 -121.81 31.86 8.40
C PRO XA 77 -122.37 31.07 9.57
N GLU XA 78 -122.03 29.78 9.58
CA GLU XA 78 -122.45 28.88 10.64
C GLU XA 78 -121.83 29.30 11.98
N PHE XA 79 -122.60 29.15 13.05
CA PHE XA 79 -122.10 29.39 14.40
C PHE XA 79 -122.88 28.51 15.37
N VAL XA 80 -122.37 28.43 16.60
CA VAL XA 80 -122.88 27.50 17.60
C VAL XA 80 -123.03 28.22 18.93
N ARG XA 81 -123.82 27.61 19.82
CA ARG XA 81 -123.92 28.03 21.21
C ARG XA 81 -123.75 26.80 22.10
N GLN XA 82 -123.30 27.05 23.33
CA GLN XA 82 -122.80 25.98 24.18
C GLN XA 82 -123.00 26.36 25.65
N ALA XA 83 -123.01 25.36 26.51
CA ALA XA 83 -123.10 25.59 27.95
C ALA XA 83 -122.88 24.27 28.68
N TYR XA 84 -121.89 24.22 29.57
CA TYR XA 84 -121.55 22.98 30.24
C TYR XA 84 -121.06 23.24 31.66
N VAL XA 85 -121.18 22.22 32.50
CA VAL XA 85 -120.75 22.24 33.90
C VAL XA 85 -119.96 20.97 34.15
N VAL XA 86 -119.09 21.00 35.17
CA VAL XA 86 -118.41 19.78 35.62
C VAL XA 86 -118.42 19.74 37.14
N ILE XA 87 -118.23 18.53 37.67
CA ILE XA 87 -118.09 18.29 39.10
C ILE XA 87 -116.82 17.47 39.30
N ARG XA 88 -116.01 17.84 40.29
CA ARG XA 88 -114.85 17.02 40.63
C ARG XA 88 -114.75 16.88 42.15
N HIS XA 89 -114.42 15.67 42.60
CA HIS XA 89 -114.26 15.38 44.01
C HIS XA 89 -113.42 14.11 44.14
N LYS XA 90 -112.81 13.95 45.31
CA LYS XA 90 -111.89 12.83 45.50
C LYS XA 90 -112.66 11.52 45.67
N VAL XA 91 -112.01 10.43 45.27
CA VAL XA 91 -112.65 9.12 45.28
C VAL XA 91 -112.98 8.72 46.71
N GLY XA 92 -114.18 8.19 46.91
CA GLY XA 92 -114.60 7.72 48.22
C GLY XA 92 -115.21 8.76 49.13
N ASP XA 93 -115.48 9.96 48.62
CA ASP XA 93 -116.06 11.01 49.46
C ASP XA 93 -117.55 10.72 49.70
N VAL XA 94 -118.14 11.53 50.57
CA VAL XA 94 -119.56 11.41 50.90
C VAL XA 94 -120.38 12.05 49.78
N SER XA 95 -121.35 11.30 49.26
CA SER XA 95 -122.11 11.77 48.10
C SER XA 95 -122.97 12.99 48.43
N ALA XA 96 -123.57 13.02 49.63
CA ALA XA 96 -124.52 14.06 49.96
C ALA XA 96 -123.88 15.45 49.88
N THR XA 97 -122.69 15.61 50.47
CA THR XA 97 -122.06 16.92 50.49
C THR XA 97 -121.63 17.35 49.09
N VAL XA 98 -121.04 16.43 48.32
CA VAL XA 98 -120.58 16.79 46.99
C VAL XA 98 -121.76 17.11 46.08
N SER XA 99 -122.94 16.55 46.38
CA SER XA 99 -124.14 16.93 45.64
C SER XA 99 -124.64 18.29 46.10
N ASP XA 100 -124.61 18.53 47.41
CA ASP XA 100 -125.11 19.77 47.99
C ASP XA 100 -124.36 20.96 47.42
N LEU XA 101 -123.03 20.87 47.39
CA LEU XA 101 -122.26 21.69 46.45
C LEU XA 101 -122.56 21.23 45.04
N GLY XA 102 -122.70 22.17 44.14
CA GLY XA 102 -123.28 21.86 42.83
C GLY XA 102 -124.76 22.16 42.80
N GLU XA 103 -125.52 21.60 43.75
CA GLU XA 103 -126.92 22.01 43.88
C GLU XA 103 -127.01 23.48 44.26
N ALA XA 104 -126.13 23.94 45.14
CA ALA XA 104 -126.07 25.37 45.44
C ALA XA 104 -125.76 26.19 44.19
N LEU XA 105 -124.82 25.71 43.38
CA LEU XA 105 -124.49 26.40 42.14
C LEU XA 105 -125.72 26.50 41.23
N SER XA 106 -126.44 25.39 41.10
CA SER XA 106 -127.62 25.38 40.25
C SER XA 106 -128.67 26.36 40.76
N PHE XA 107 -128.87 26.42 42.08
CA PHE XA 107 -129.83 27.37 42.64
C PHE XA 107 -129.41 28.81 42.42
N TYR XA 108 -128.11 29.09 42.53
CA TYR XA 108 -127.64 30.47 42.45
C TYR XA 108 -127.72 31.03 41.04
N LEU XA 109 -127.65 30.19 40.01
CA LEU XA 109 -127.74 30.66 38.64
C LEU XA 109 -129.20 30.88 38.26
N ASN XA 110 -129.51 32.06 37.74
CA ASN XA 110 -130.85 32.43 37.33
C ASN XA 110 -130.75 33.41 36.18
N GLU XA 111 -131.91 33.86 35.68
CA GLU XA 111 -131.93 34.68 34.47
C GLU XA 111 -131.16 35.98 34.67
N ALA XA 112 -131.38 36.66 35.80
CA ALA XA 112 -130.73 37.95 36.01
C ALA XA 112 -129.22 37.80 36.05
N LEU XA 113 -128.73 36.77 36.73
CA LEU XA 113 -127.30 36.51 36.74
C LEU XA 113 -126.78 36.22 35.35
N TYR XA 114 -127.53 35.46 34.54
CA TYR XA 114 -127.10 35.21 33.18
C TYR XA 114 -127.00 36.50 32.38
N GLY XA 115 -127.96 37.41 32.57
CA GLY XA 115 -127.86 38.71 31.93
C GLY XA 115 -126.62 39.46 32.35
N LYS XA 116 -126.32 39.44 33.64
CA LYS XA 116 -125.11 40.10 34.13
C LYS XA 116 -123.86 39.49 33.50
N LEU XA 117 -123.77 38.16 33.47
CA LEU XA 117 -122.57 37.50 32.93
C LEU XA 117 -122.41 37.80 31.45
N ILE XA 118 -123.49 37.70 30.69
CA ILE XA 118 -123.42 38.06 29.27
C ILE XA 118 -123.11 39.53 29.10
N GLY XA 119 -123.33 40.34 30.14
CA GLY XA 119 -122.95 41.73 30.12
C GLY XA 119 -121.53 42.05 30.59
N TRP XA 120 -120.66 41.05 30.75
CA TRP XA 120 -119.29 41.24 31.22
C TRP XA 120 -119.20 41.82 32.62
N GLU XA 121 -120.29 41.85 33.37
CA GLU XA 121 -120.31 42.43 34.71
C GLU XA 121 -119.72 41.42 35.69
N SER XA 122 -118.50 41.69 36.15
CA SER XA 122 -117.87 40.83 37.14
C SER XA 122 -118.18 41.30 38.56
N ALA YA 1 -128.88 -5.92 25.07
CA ALA YA 1 -130.20 -6.45 24.62
C ALA YA 1 -130.96 -7.10 25.78
N LEU YA 2 -130.23 -7.40 26.87
CA LEU YA 2 -130.86 -8.11 27.98
C LEU YA 2 -131.96 -7.26 28.60
N GLY YA 3 -131.66 -5.99 28.85
CA GLY YA 3 -132.60 -5.06 29.44
C GLY YA 3 -131.84 -3.99 30.20
N ASP YA 4 -132.57 -2.99 30.67
CA ASP YA 4 -131.95 -1.79 31.19
C ASP YA 4 -131.45 -1.97 32.62
N THR YA 5 -132.06 -2.84 33.41
CA THR YA 5 -131.62 -3.09 34.77
C THR YA 5 -131.55 -4.60 35.03
N LEU YA 6 -130.62 -4.95 35.92
CA LEU YA 6 -130.35 -6.33 36.29
C LEU YA 6 -130.68 -6.47 37.77
N THR YA 7 -131.43 -7.51 38.11
CA THR YA 7 -131.86 -7.75 39.49
C THR YA 7 -131.22 -9.04 39.99
N ILE YA 8 -130.52 -8.95 41.11
CA ILE YA 8 -129.97 -10.11 41.79
C ILE YA 8 -130.63 -10.20 43.16
N THR YA 9 -131.19 -11.38 43.46
CA THR YA 9 -131.87 -11.64 44.73
C THR YA 9 -130.93 -12.45 45.61
N LEU YA 10 -130.23 -11.78 46.52
CA LEU YA 10 -129.32 -12.47 47.41
C LEU YA 10 -130.07 -13.49 48.25
N GLY YA 11 -129.47 -14.66 48.43
CA GLY YA 11 -130.10 -15.72 49.19
C GLY YA 11 -131.12 -16.53 48.42
N GLY YA 12 -131.10 -16.48 47.09
CA GLY YA 12 -132.04 -17.25 46.32
C GLY YA 12 -133.44 -16.66 46.40
N SER YA 13 -134.41 -17.47 45.98
CA SER YA 13 -135.80 -17.01 45.94
C SER YA 13 -136.28 -16.64 47.34
N GLY YA 14 -136.99 -15.52 47.43
CA GLY YA 14 -137.55 -15.04 48.68
C GLY YA 14 -136.66 -14.10 49.47
N GLY YA 15 -135.42 -13.87 49.04
CA GLY YA 15 -134.49 -13.04 49.78
C GLY YA 15 -134.58 -11.57 49.42
N THR YA 16 -133.60 -10.82 49.89
CA THR YA 16 -133.47 -9.41 49.55
C THR YA 16 -133.09 -9.25 48.08
N ALA YA 17 -133.43 -8.08 47.52
CA ALA YA 17 -133.25 -7.81 46.11
C ALA YA 17 -132.37 -6.58 45.91
N LYS YA 18 -131.48 -6.66 44.92
CA LYS YA 18 -130.61 -5.57 44.53
C LYS YA 18 -130.81 -5.30 43.04
N VAL YA 19 -130.91 -4.03 42.66
CA VAL YA 19 -131.28 -3.63 41.31
C VAL YA 19 -130.13 -2.84 40.71
N LEU YA 20 -129.33 -3.47 39.85
CA LEU YA 20 -128.19 -2.83 39.22
C LEU YA 20 -128.65 -2.00 38.00
N ARG YA 21 -127.71 -1.58 37.15
CA ARG YA 21 -128.04 -0.72 36.03
C ARG YA 21 -126.85 -0.63 35.08
N LYS YA 22 -127.12 -0.65 33.79
CA LYS YA 22 -126.04 -0.52 32.81
C LYS YA 22 -125.24 0.74 33.07
N ILE YA 23 -123.92 0.61 32.91
CA ILE YA 23 -123.02 1.74 32.99
C ILE YA 23 -122.32 1.90 31.64
N ASN YA 24 -122.13 0.79 30.94
CA ASN YA 24 -121.33 0.81 29.73
C ASN YA 24 -121.48 -0.53 29.01
N GLN YA 25 -121.17 -0.53 27.71
CA GLN YA 25 -121.08 -1.76 26.93
C GLN YA 25 -120.49 -1.44 25.57
N ASP YA 26 -119.26 -1.89 25.31
CA ASP YA 26 -118.56 -1.58 24.07
C ASP YA 26 -118.24 -2.80 23.24
N GLY YA 27 -117.45 -3.74 23.76
CA GLY YA 27 -116.88 -4.80 22.94
C GLY YA 27 -117.64 -6.11 23.01
N TYR YA 28 -118.92 -6.09 22.67
CA TYR YA 28 -119.80 -7.25 22.79
C TYR YA 28 -120.04 -7.63 24.25
N THR YA 29 -119.59 -6.80 25.18
CA THR YA 29 -119.64 -7.08 26.62
C THR YA 29 -120.43 -5.98 27.32
N SER YA 30 -121.20 -6.38 28.34
CA SER YA 30 -122.00 -5.46 29.14
C SER YA 30 -121.44 -5.39 30.56
N GLU YA 31 -122.05 -4.53 31.39
CA GLU YA 31 -121.57 -4.39 32.76
C GLU YA 31 -122.56 -3.54 33.54
N TYR YA 32 -122.74 -3.88 34.81
CA TYR YA 32 -123.67 -3.19 35.70
C TYR YA 32 -122.92 -2.76 36.96
N TYR YA 33 -123.44 -1.73 37.63
CA TYR YA 33 -122.82 -1.26 38.86
C TYR YA 33 -123.89 -0.71 39.80
N LEU YA 34 -123.59 -0.78 41.10
CA LEU YA 34 -124.50 -0.30 42.13
C LEU YA 34 -123.74 0.08 43.40
N PRO YA 35 -123.78 1.34 43.83
CA PRO YA 35 -123.11 1.71 45.08
C PRO YA 35 -124.04 1.75 46.29
N GLU YA 36 -123.44 1.51 47.46
CA GLU YA 36 -124.14 1.60 48.74
C GLU YA 36 -123.13 1.98 49.80
N THR YA 37 -123.62 2.15 51.04
CA THR YA 37 -122.80 2.78 52.07
C THR YA 37 -121.56 1.95 52.42
N SER YA 38 -121.71 0.63 52.56
CA SER YA 38 -120.63 -0.21 53.05
C SER YA 38 -120.08 -1.16 52.00
N SER YA 39 -120.60 -1.16 50.79
CA SER YA 39 -120.12 -2.04 49.74
C SER YA 39 -120.66 -1.54 48.41
N SER YA 40 -120.54 -2.38 47.38
CA SER YA 40 -120.96 -2.03 46.03
C SER YA 40 -121.09 -3.32 45.24
N PHE YA 41 -122.03 -3.33 44.29
CA PHE YA 41 -122.31 -4.50 43.47
C PHE YA 41 -121.97 -4.20 42.01
N ARG YA 42 -121.43 -5.21 41.33
CA ARG YA 42 -121.02 -5.09 39.95
C ARG YA 42 -121.30 -6.41 39.25
N ALA YA 43 -121.82 -6.33 38.02
CA ALA YA 43 -122.07 -7.50 37.20
C ALA YA 43 -121.59 -7.21 35.79
N LYS YA 44 -121.04 -8.23 35.13
CA LYS YA 44 -120.49 -8.04 33.80
C LYS YA 44 -120.87 -9.24 32.95
N VAL YA 45 -120.99 -9.02 31.64
CA VAL YA 45 -121.27 -10.10 30.69
C VAL YA 45 -120.28 -10.01 29.54
N ARG YA 46 -119.87 -11.17 29.02
CA ARG YA 46 -118.89 -11.24 27.95
C ARG YA 46 -119.29 -12.30 26.95
N HIS YA 47 -118.82 -12.11 25.71
CA HIS YA 47 -118.85 -13.14 24.68
C HIS YA 47 -117.50 -13.16 23.99
N THR YA 48 -117.07 -14.34 23.56
CA THR YA 48 -115.76 -14.46 22.94
C THR YA 48 -115.75 -15.65 21.99
N LYS YA 49 -114.84 -15.59 21.02
CA LYS YA 49 -114.68 -16.59 19.98
C LYS YA 49 -113.23 -17.03 19.95
N GLU YA 50 -112.99 -18.34 20.13
CA GLU YA 50 -111.63 -18.82 20.32
C GLU YA 50 -110.83 -18.81 19.02
N SER YA 51 -109.53 -18.99 19.16
CA SER YA 51 -108.60 -18.91 18.04
C SER YA 51 -108.80 -20.06 17.06
N VAL YA 52 -108.40 -19.83 15.82
CA VAL YA 52 -108.54 -20.79 14.74
C VAL YA 52 -107.20 -21.42 14.43
N LYS YA 53 -107.20 -22.74 14.23
CA LYS YA 53 -106.09 -23.48 13.67
C LYS YA 53 -106.61 -24.26 12.47
N PRO YA 54 -105.73 -24.74 11.61
CA PRO YA 54 -106.15 -25.04 10.23
C PRO YA 54 -107.36 -25.97 10.10
N ASN YA 55 -107.54 -26.96 10.99
CA ASN YA 55 -108.46 -28.06 10.65
C ASN YA 55 -109.54 -28.40 11.68
N GLN YA 56 -109.38 -28.03 12.95
CA GLN YA 56 -110.25 -28.60 13.96
C GLN YA 56 -111.64 -27.97 13.88
N VAL YA 57 -112.50 -28.38 14.81
CA VAL YA 57 -113.81 -27.76 14.95
C VAL YA 57 -113.68 -26.44 15.71
N GLN YA 58 -114.49 -25.47 15.31
CA GLN YA 58 -114.37 -24.10 15.75
C GLN YA 58 -115.50 -23.81 16.75
N TYR YA 59 -115.17 -23.13 17.84
CA TYR YA 59 -116.02 -23.09 19.03
C TYR YA 59 -116.42 -21.66 19.37
N GLU YA 60 -117.34 -21.52 20.33
CA GLU YA 60 -117.68 -20.23 20.91
C GLU YA 60 -117.89 -20.37 22.42
N ARG YA 61 -117.70 -19.26 23.13
CA ARG YA 61 -117.71 -19.21 24.59
C ARG YA 61 -118.60 -18.06 25.08
N HIS YA 62 -119.32 -18.28 26.18
CA HIS YA 62 -120.03 -17.22 26.90
C HIS YA 62 -119.70 -17.28 28.38
N ASN YA 63 -119.76 -16.10 29.04
CA ASN YA 63 -119.33 -15.95 30.42
C ASN YA 63 -120.24 -14.97 31.15
N VAL YA 64 -120.47 -15.22 32.45
CA VAL YA 64 -121.25 -14.33 33.32
C VAL YA 64 -120.67 -14.39 34.72
N GLU YA 65 -120.72 -13.26 35.44
CA GLU YA 65 -120.10 -13.17 36.75
C GLU YA 65 -120.79 -12.10 37.59
N PHE YA 66 -120.83 -12.34 38.91
CA PHE YA 66 -121.15 -11.31 39.90
C PHE YA 66 -119.95 -11.10 40.81
N THR YA 67 -119.76 -9.84 41.23
CA THR YA 67 -118.64 -9.48 42.08
C THR YA 67 -119.14 -8.52 43.16
N GLU YA 68 -118.64 -8.72 44.38
CA GLU YA 68 -118.98 -7.88 45.52
C GLU YA 68 -117.71 -7.53 46.26
N THR YA 69 -117.59 -6.27 46.68
CA THR YA 69 -116.42 -5.78 47.40
C THR YA 69 -116.87 -5.04 48.64
N VAL YA 70 -116.16 -5.25 49.75
CA VAL YA 70 -116.48 -4.65 51.03
C VAL YA 70 -115.36 -3.66 51.36
N TYR YA 71 -115.76 -2.42 51.66
CA TYR YA 71 -114.78 -1.37 51.91
C TYR YA 71 -114.07 -1.60 53.24
N ALA YA 72 -112.78 -1.28 53.26
CA ALA YA 72 -111.96 -1.52 54.44
C ALA YA 72 -112.50 -0.74 55.62
N SER YA 73 -112.61 -1.42 56.77
CA SER YA 73 -113.12 -0.82 57.99
C SER YA 73 -112.10 -1.06 59.09
N GLY YA 74 -111.45 0.01 59.54
CA GLY YA 74 -110.43 -0.13 60.56
C GLY YA 74 -109.30 -1.04 60.09
N SER YA 75 -108.96 -2.02 60.91
CA SER YA 75 -107.86 -2.92 60.58
C SER YA 75 -108.17 -3.76 59.34
N THR YA 76 -109.42 -4.20 59.20
CA THR YA 76 -109.77 -5.09 58.09
C THR YA 76 -109.53 -4.38 56.75
N PRO YA 77 -108.78 -5.00 55.84
CA PRO YA 77 -108.56 -4.35 54.54
C PRO YA 77 -109.64 -4.69 53.53
N GLU YA 78 -109.42 -4.33 52.27
CA GLU YA 78 -110.38 -4.62 51.21
C GLU YA 78 -110.47 -6.13 50.97
N PHE YA 79 -111.67 -6.58 50.64
CA PHE YA 79 -111.86 -7.96 50.20
C PHE YA 79 -113.14 -8.02 49.37
N VAL YA 80 -113.23 -9.07 48.55
CA VAL YA 80 -114.29 -9.19 47.56
C VAL YA 80 -114.92 -10.58 47.65
N ARG YA 81 -116.14 -10.69 47.14
CA ARG YA 81 -116.80 -11.98 46.92
C ARG YA 81 -117.24 -12.05 45.47
N GLN YA 82 -116.94 -13.17 44.82
CA GLN YA 82 -117.10 -13.34 43.38
C GLN YA 82 -117.74 -14.68 43.09
N ALA YA 83 -118.38 -14.78 41.92
CA ALA YA 83 -118.97 -16.04 41.47
C ALA YA 83 -119.33 -15.90 40.01
N TYR YA 84 -118.80 -16.78 39.15
CA TYR YA 84 -118.96 -16.65 37.71
C TYR YA 84 -119.18 -18.01 37.06
N VAL YA 85 -119.81 -17.98 35.89
CA VAL YA 85 -120.10 -19.18 35.11
C VAL YA 85 -119.79 -18.90 33.65
N VAL YA 86 -119.42 -19.95 32.91
CA VAL YA 86 -119.15 -19.86 31.48
C VAL YA 86 -119.85 -21.00 30.76
N ILE YA 87 -120.00 -20.83 29.44
CA ILE YA 87 -120.57 -21.85 28.55
C ILE YA 87 -119.74 -21.89 27.28
N ARG YA 88 -119.43 -23.09 26.79
CA ARG YA 88 -118.66 -23.24 25.56
C ARG YA 88 -119.29 -24.34 24.72
N HIS YA 89 -119.49 -24.06 23.44
CA HIS YA 89 -120.07 -25.03 22.52
C HIS YA 89 -119.68 -24.65 21.10
N LYS YA 90 -119.78 -25.62 20.19
CA LYS YA 90 -119.29 -25.42 18.84
C LYS YA 90 -120.27 -24.60 18.02
N VAL YA 91 -119.74 -23.95 16.98
CA VAL YA 91 -120.52 -23.04 16.16
C VAL YA 91 -121.53 -23.84 15.35
N GLY YA 92 -122.77 -23.37 15.33
CA GLY YA 92 -123.81 -24.02 14.57
C GLY YA 92 -124.48 -25.19 15.28
N ASP YA 93 -124.19 -25.42 16.55
CA ASP YA 93 -124.85 -26.47 17.29
C ASP YA 93 -126.31 -26.13 17.52
N VAL YA 94 -127.04 -27.04 18.15
CA VAL YA 94 -128.45 -26.84 18.43
C VAL YA 94 -128.57 -26.20 19.82
N SER YA 95 -129.13 -24.99 19.86
CA SER YA 95 -129.15 -24.23 21.11
C SER YA 95 -129.96 -24.95 22.18
N ALA YA 96 -130.95 -25.75 21.78
CA ALA YA 96 -131.79 -26.43 22.74
C ALA YA 96 -130.96 -27.32 23.66
N THR YA 97 -130.03 -28.10 23.09
CA THR YA 97 -129.22 -29.01 23.90
C THR YA 97 -128.24 -28.26 24.81
N VAL YA 98 -127.64 -27.19 24.32
CA VAL YA 98 -126.72 -26.44 25.17
C VAL YA 98 -127.47 -25.87 26.36
N SER YA 99 -128.66 -25.31 26.11
CA SER YA 99 -129.47 -24.83 27.21
C SER YA 99 -129.89 -26.00 28.11
N ASP YA 100 -130.08 -27.18 27.54
CA ASP YA 100 -130.38 -28.36 28.34
C ASP YA 100 -129.27 -28.63 29.35
N LEU YA 101 -128.01 -28.69 28.89
CA LEU YA 101 -126.91 -28.94 29.80
C LEU YA 101 -126.77 -27.81 30.82
N GLY YA 102 -126.95 -26.56 30.39
CA GLY YA 102 -126.86 -25.46 31.31
C GLY YA 102 -127.92 -25.50 32.39
N GLU YA 103 -129.16 -25.82 32.00
CA GLU YA 103 -130.25 -25.93 32.96
C GLU YA 103 -129.99 -27.07 33.93
N ALA YA 104 -129.44 -28.18 33.43
CA ALA YA 104 -129.04 -29.26 34.32
C ALA YA 104 -128.06 -28.75 35.38
N LEU YA 105 -127.01 -28.07 34.94
CA LEU YA 105 -125.98 -27.61 35.87
C LEU YA 105 -126.55 -26.63 36.88
N SER YA 106 -127.41 -25.73 36.42
CA SER YA 106 -128.04 -24.77 37.34
C SER YA 106 -128.92 -25.47 38.36
N PHE YA 107 -129.68 -26.48 37.91
CA PHE YA 107 -130.61 -27.16 38.81
C PHE YA 107 -129.85 -27.98 39.87
N TYR YA 108 -128.71 -28.56 39.51
CA TYR YA 108 -127.97 -29.36 40.47
C TYR YA 108 -127.49 -28.51 41.65
N LEU YA 109 -126.98 -27.31 41.37
CA LEU YA 109 -126.49 -26.44 42.44
C LEU YA 109 -127.65 -25.95 43.31
N ASN YA 110 -127.40 -25.85 44.60
CA ASN YA 110 -128.41 -25.40 45.56
C ASN YA 110 -127.70 -25.05 46.87
N GLU YA 111 -128.49 -24.70 47.88
CA GLU YA 111 -127.92 -24.28 49.16
C GLU YA 111 -127.05 -25.37 49.75
N ALA YA 112 -127.58 -26.59 49.84
CA ALA YA 112 -126.86 -27.66 50.51
C ALA YA 112 -125.54 -27.93 49.83
N LEU YA 113 -125.55 -28.07 48.50
CA LEU YA 113 -124.31 -28.33 47.79
C LEU YA 113 -123.30 -27.21 47.96
N TYR YA 114 -123.76 -25.96 47.94
CA TYR YA 114 -122.85 -24.86 48.20
C TYR YA 114 -122.17 -25.03 49.55
N GLY YA 115 -122.95 -25.32 50.59
CA GLY YA 115 -122.36 -25.59 51.88
C GLY YA 115 -121.37 -26.73 51.84
N LYS YA 116 -121.67 -27.77 51.07
CA LYS YA 116 -120.73 -28.88 50.89
C LYS YA 116 -119.41 -28.36 50.31
N LEU YA 117 -119.50 -27.50 49.30
CA LEU YA 117 -118.30 -27.02 48.61
C LEU YA 117 -117.43 -26.16 49.51
N ILE YA 118 -118.02 -25.16 50.19
CA ILE YA 118 -117.20 -24.34 51.08
C ILE YA 118 -116.54 -25.19 52.15
N GLY YA 119 -117.03 -26.40 52.38
CA GLY YA 119 -116.38 -27.30 53.32
C GLY YA 119 -115.16 -28.01 52.77
N TRP YA 120 -114.67 -27.61 51.59
CA TRP YA 120 -113.54 -28.28 50.94
C TRP YA 120 -113.81 -29.75 50.65
N GLU YA 121 -115.07 -30.13 50.58
CA GLU YA 121 -115.44 -31.53 50.39
C GLU YA 121 -115.31 -31.95 48.94
N SER YA 122 -114.11 -32.35 48.54
CA SER YA 122 -113.86 -32.75 47.17
C SER YA 122 -114.80 -33.86 46.73
N ALA ZA 1 -119.83 45.78 38.95
CA ALA ZA 1 -120.27 45.67 40.37
C ALA ZA 1 -120.55 44.22 40.74
N LEU ZA 2 -121.74 43.73 40.41
CA LEU ZA 2 -122.19 42.38 40.72
C LEU ZA 2 -122.34 42.15 42.22
N GLY ZA 3 -122.33 43.21 43.02
CA GLY ZA 3 -122.37 43.07 44.47
C GLY ZA 3 -121.00 42.74 45.05
N ASP ZA 4 -120.74 43.21 46.26
CA ASP ZA 4 -119.46 42.96 46.91
C ASP ZA 4 -119.47 41.77 47.86
N THR ZA 5 -120.64 41.33 48.33
CA THR ZA 5 -120.77 40.07 49.02
C THR ZA 5 -121.55 39.08 48.17
N LEU ZA 6 -121.02 37.87 48.06
CA LEU ZA 6 -121.61 36.78 47.30
C LEU ZA 6 -122.14 35.75 48.29
N THR ZA 7 -123.38 35.31 48.08
CA THR ZA 7 -124.04 34.39 48.99
C THR ZA 7 -124.05 32.99 48.39
N ILE ZA 8 -123.66 32.00 49.18
CA ILE ZA 8 -123.69 30.60 48.79
C ILE ZA 8 -124.67 29.90 49.72
N THR ZA 9 -125.70 29.28 49.15
CA THR ZA 9 -126.71 28.58 49.93
C THR ZA 9 -126.51 27.08 49.71
N LEU ZA 10 -125.67 26.47 50.54
CA LEU ZA 10 -125.44 25.04 50.43
C LEU ZA 10 -126.76 24.31 50.66
N GLY ZA 11 -127.04 23.35 49.79
CA GLY ZA 11 -128.28 22.59 49.89
C GLY ZA 11 -129.45 23.18 49.13
N GLY ZA 12 -129.19 24.02 48.13
CA GLY ZA 12 -130.29 24.60 47.41
C GLY ZA 12 -131.08 25.54 48.31
N SER ZA 13 -132.32 25.78 47.92
CA SER ZA 13 -133.17 26.69 48.67
C SER ZA 13 -133.43 26.15 50.08
N GLY ZA 14 -133.44 27.06 51.05
CA GLY ZA 14 -133.71 26.68 52.42
C GLY ZA 14 -132.57 25.99 53.14
N GLY ZA 15 -131.34 26.19 52.69
CA GLY ZA 15 -130.18 25.57 53.29
C GLY ZA 15 -129.42 26.47 54.23
N THR ZA 16 -128.10 26.33 54.23
CA THR ZA 16 -127.21 27.15 55.04
C THR ZA 16 -126.56 28.20 54.17
N ALA ZA 17 -126.54 29.44 54.66
CA ALA ZA 17 -126.05 30.58 53.88
C ALA ZA 17 -124.63 30.93 54.31
N LYS ZA 18 -123.73 31.00 53.34
CA LYS ZA 18 -122.37 31.49 53.53
C LYS ZA 18 -122.19 32.77 52.73
N VAL ZA 19 -121.61 33.80 53.35
CA VAL ZA 19 -121.48 35.11 52.72
C VAL ZA 19 -120.01 35.41 52.44
N LEU ZA 20 -119.57 35.18 51.21
CA LEU ZA 20 -118.20 35.52 50.85
C LEU ZA 20 -118.06 37.03 50.62
N ARG ZA 21 -116.82 37.48 50.56
CA ARG ZA 21 -116.51 38.90 50.35
C ARG ZA 21 -115.45 39.03 49.27
N LYS ZA 22 -115.54 40.10 48.49
CA LYS ZA 22 -114.55 40.32 47.43
C LYS ZA 22 -113.23 40.76 48.02
N ILE ZA 23 -112.14 40.24 47.45
CA ILE ZA 23 -110.80 40.55 47.93
C ILE ZA 23 -109.89 41.09 46.83
N ASN ZA 24 -110.22 40.91 45.56
CA ASN ZA 24 -109.34 41.33 44.47
C ASN ZA 24 -110.17 41.48 43.20
N GLN ZA 25 -109.59 42.15 42.21
CA GLN ZA 25 -110.19 42.22 40.88
C GLN ZA 25 -109.07 42.54 39.88
N ASP ZA 26 -108.74 41.58 39.02
CA ASP ZA 26 -107.70 41.81 38.03
C ASP ZA 26 -108.04 41.04 36.76
N GLY ZA 27 -107.57 41.58 35.64
CA GLY ZA 27 -107.63 40.87 34.38
C GLY ZA 27 -109.03 40.43 33.97
N TYR ZA 28 -110.02 41.30 34.14
CA TYR ZA 28 -111.41 40.95 33.87
C TYR ZA 28 -111.84 39.76 34.73
N THR ZA 29 -111.30 39.69 35.95
CA THR ZA 29 -111.57 38.58 36.85
C THR ZA 29 -111.84 39.12 38.25
N SER ZA 30 -112.53 38.31 39.05
CA SER ZA 30 -112.86 38.67 40.42
C SER ZA 30 -112.97 37.39 41.24
N GLU ZA 31 -112.75 37.52 42.55
CA GLU ZA 31 -112.93 36.39 43.46
C GLU ZA 31 -113.41 36.87 44.82
N TYR ZA 32 -114.07 35.96 45.54
CA TYR ZA 32 -114.60 36.20 46.87
C TYR ZA 32 -114.04 35.14 47.80
N TYR ZA 33 -113.90 35.45 49.10
CA TYR ZA 33 -113.24 34.51 50.01
C TYR ZA 33 -113.93 34.55 51.37
N LEU ZA 34 -113.80 33.44 52.11
CA LEU ZA 34 -114.33 33.31 53.47
C LEU ZA 34 -113.59 32.22 54.25
N PRO ZA 35 -112.96 32.54 55.40
CA PRO ZA 35 -112.27 31.49 56.16
C PRO ZA 35 -113.11 30.87 57.28
N GLU ZA 36 -112.79 29.62 57.64
CA GLU ZA 36 -113.36 28.95 58.80
C GLU ZA 36 -112.23 28.31 59.58
N THR ZA 37 -112.58 27.55 60.62
CA THR ZA 37 -111.57 26.84 61.39
C THR ZA 37 -111.05 25.61 60.65
N SER ZA 38 -111.93 24.88 59.97
CA SER ZA 38 -111.55 23.65 59.30
C SER ZA 38 -111.69 23.72 57.78
N SER ZA 39 -112.20 24.81 57.22
CA SER ZA 39 -112.37 24.90 55.78
C SER ZA 39 -112.46 26.38 55.38
N SER ZA 40 -112.51 26.61 54.08
CA SER ZA 40 -112.59 27.95 53.54
C SER ZA 40 -113.37 27.91 52.23
N PHE ZA 41 -114.10 28.99 51.97
CA PHE ZA 41 -114.84 29.15 50.72
C PHE ZA 41 -114.19 30.19 49.83
N ARG ZA 42 -114.14 29.89 48.53
CA ARG ZA 42 -113.49 30.74 47.55
C ARG ZA 42 -114.20 30.58 46.22
N ALA ZA 43 -114.68 31.68 45.65
CA ALA ZA 43 -115.34 31.70 44.36
C ALA ZA 43 -114.64 32.67 43.44
N LYS ZA 44 -114.63 32.35 42.15
CA LYS ZA 44 -113.92 33.15 41.15
C LYS ZA 44 -114.84 33.34 39.95
N VAL ZA 45 -114.64 34.45 39.23
CA VAL ZA 45 -115.35 34.72 37.99
C VAL ZA 45 -114.34 35.18 36.95
N ARG ZA 46 -114.42 34.61 35.75
CA ARG ZA 46 -113.50 34.91 34.67
C ARG ZA 46 -114.27 35.22 33.40
N HIS ZA 47 -113.69 36.11 32.58
CA HIS ZA 47 -114.17 36.43 31.24
C HIS ZA 47 -113.00 36.36 30.27
N THR ZA 48 -113.28 35.97 29.02
CA THR ZA 48 -112.22 35.82 28.03
C THR ZA 48 -112.79 35.97 26.61
N LYS ZA 49 -111.96 36.50 25.71
CA LYS ZA 49 -112.28 36.61 24.29
C LYS ZA 49 -111.22 35.84 23.51
N GLU ZA 50 -111.66 34.99 22.59
CA GLU ZA 50 -110.72 34.14 21.84
C GLU ZA 50 -109.96 34.97 20.81
N SER ZA 51 -108.78 34.46 20.42
CA SER ZA 51 -107.90 35.17 19.51
C SER ZA 51 -108.57 35.40 18.15
N VAL ZA 52 -107.89 36.16 17.29
CA VAL ZA 52 -108.42 36.55 15.99
C VAL ZA 52 -107.49 36.11 14.87
N LYS ZA 53 -108.09 35.50 13.85
CA LYS ZA 53 -107.51 35.21 12.54
C LYS ZA 53 -108.59 35.46 11.48
N PRO ZA 54 -108.23 35.47 10.18
CA PRO ZA 54 -109.09 36.16 9.20
C PRO ZA 54 -110.53 35.68 9.08
N ASN ZA 55 -110.79 34.38 9.11
CA ASN ZA 55 -111.96 33.81 8.43
C ASN ZA 55 -112.75 32.85 9.31
N GLN ZA 56 -113.17 33.30 10.50
CA GLN ZA 56 -114.10 32.48 11.27
C GLN ZA 56 -115.09 33.40 11.98
N VAL ZA 57 -116.03 32.77 12.69
CA VAL ZA 57 -116.78 33.46 13.73
C VAL ZA 57 -115.86 33.78 14.91
N GLN ZA 58 -116.05 34.96 15.51
CA GLN ZA 58 -115.32 35.34 16.72
C GLN ZA 58 -116.19 35.07 17.93
N TYR ZA 59 -115.64 34.36 18.91
CA TYR ZA 59 -116.42 33.77 20.00
C TYR ZA 59 -116.10 34.44 21.33
N GLU ZA 60 -116.87 34.06 22.36
CA GLU ZA 60 -116.74 34.61 23.71
C GLU ZA 60 -117.08 33.53 24.72
N ARG ZA 61 -116.43 33.55 25.88
CA ARG ZA 61 -116.63 32.57 26.93
C ARG ZA 61 -116.80 33.26 28.27
N HIS ZA 62 -117.69 32.71 29.11
CA HIS ZA 62 -117.83 33.12 30.50
C HIS ZA 62 -117.82 31.91 31.41
N ASN ZA 63 -117.26 32.08 32.61
CA ASN ZA 63 -117.04 30.98 33.53
C ASN ZA 63 -117.25 31.46 34.96
N VAL ZA 64 -117.77 30.57 35.82
CA VAL ZA 64 -117.93 30.83 37.24
C VAL ZA 64 -117.72 29.52 37.99
N GLU ZA 65 -117.08 29.59 39.16
CA GLU ZA 65 -116.70 28.39 39.90
C GLU ZA 65 -116.88 28.61 41.39
N PHE ZA 66 -117.07 27.51 42.11
CA PHE ZA 66 -117.00 27.45 43.56
C PHE ZA 66 -115.95 26.41 43.96
N THR ZA 67 -115.26 26.67 45.07
CA THR ZA 67 -114.22 25.78 45.55
C THR ZA 67 -114.36 25.60 47.05
N GLU ZA 68 -114.30 24.35 47.50
CA GLU ZA 68 -114.34 23.99 48.90
C GLU ZA 68 -113.04 23.26 49.25
N THR ZA 69 -112.33 23.76 50.26
CA THR ZA 69 -111.07 23.17 50.67
C THR ZA 69 -111.12 22.85 52.16
N VAL ZA 70 -110.58 21.69 52.52
CA VAL ZA 70 -110.55 21.22 53.91
C VAL ZA 70 -109.11 21.02 54.31
N TYR ZA 71 -108.70 21.64 55.41
CA TYR ZA 71 -107.34 21.52 55.89
C TYR ZA 71 -107.06 20.12 56.40
N ALA ZA 72 -105.81 19.70 56.27
CA ALA ZA 72 -105.42 18.37 56.69
C ALA ZA 72 -105.59 18.21 58.19
N SER ZA 73 -106.15 17.07 58.60
CA SER ZA 73 -106.30 16.73 60.00
C SER ZA 73 -105.85 15.29 60.20
N GLY ZA 74 -104.96 15.07 61.15
CA GLY ZA 74 -104.43 13.73 61.36
C GLY ZA 74 -103.75 13.22 60.10
N SER ZA 75 -104.04 11.98 59.73
CA SER ZA 75 -103.43 11.37 58.57
C SER ZA 75 -104.06 11.81 57.25
N THR ZA 76 -105.25 12.41 57.30
CA THR ZA 76 -105.94 12.82 56.08
C THR ZA 76 -105.27 14.06 55.50
N PRO ZA 77 -104.78 14.02 54.26
CA PRO ZA 77 -104.11 15.20 53.70
C PRO ZA 77 -105.09 16.22 53.15
N GLU ZA 78 -104.57 17.24 52.48
CA GLU ZA 78 -105.41 18.27 51.89
C GLU ZA 78 -106.27 17.67 50.77
N PHE ZA 79 -107.50 18.15 50.67
CA PHE ZA 79 -108.36 17.79 49.55
C PHE ZA 79 -109.42 18.87 49.39
N VAL ZA 80 -109.91 19.01 48.15
CA VAL ZA 80 -110.79 20.10 47.77
C VAL ZA 80 -111.99 19.54 47.03
N ARG ZA 81 -113.09 20.29 47.08
CA ARG ZA 81 -114.25 20.06 46.24
C ARG ZA 81 -114.61 21.34 45.51
N GLN ZA 82 -114.97 21.22 44.23
CA GLN ZA 82 -115.26 22.40 43.42
C GLN ZA 82 -116.21 22.02 42.30
N ALA ZA 83 -116.86 23.04 41.74
CA ALA ZA 83 -117.80 22.85 40.64
C ALA ZA 83 -117.93 24.16 39.88
N TYR ZA 84 -117.95 24.09 38.55
CA TYR ZA 84 -117.96 25.30 37.74
C TYR ZA 84 -118.72 25.08 36.46
N VAL ZA 85 -119.22 26.18 35.89
CA VAL ZA 85 -119.95 26.20 34.63
C VAL ZA 85 -119.30 27.20 33.69
N VAL ZA 86 -119.45 26.97 32.39
CA VAL ZA 86 -118.88 27.81 31.35
C VAL ZA 86 -119.94 28.07 30.30
N ILE ZA 87 -119.99 29.30 29.79
CA ILE ZA 87 -120.91 29.70 28.73
C ILE ZA 87 -120.09 30.22 27.55
N ARG ZA 88 -120.41 29.74 26.35
CA ARG ZA 88 -119.67 30.11 25.15
C ARG ZA 88 -120.65 30.51 24.06
N HIS ZA 89 -120.38 31.62 23.39
CA HIS ZA 89 -121.26 32.17 22.38
C HIS ZA 89 -120.45 33.12 21.50
N LYS ZA 90 -121.08 33.59 20.42
CA LYS ZA 90 -120.42 34.51 19.51
C LYS ZA 90 -120.66 35.96 19.94
N VAL ZA 91 -119.79 36.85 19.43
CA VAL ZA 91 -119.70 38.21 19.97
C VAL ZA 91 -121.00 38.97 19.74
N GLY ZA 92 -121.53 38.91 18.53
CA GLY ZA 92 -122.70 39.69 18.19
C GLY ZA 92 -124.01 38.95 18.33
N ASP ZA 93 -124.01 37.87 19.10
CA ASP ZA 93 -125.21 37.06 19.25
C ASP ZA 93 -126.30 37.86 19.96
N VAL ZA 94 -127.44 37.21 20.20
CA VAL ZA 94 -128.54 37.80 20.96
C VAL ZA 94 -128.47 37.28 22.39
N SER ZA 95 -128.53 38.20 23.35
CA SER ZA 95 -128.34 37.82 24.75
C SER ZA 95 -129.44 36.89 25.25
N ALA ZA 96 -130.69 37.15 24.85
CA ALA ZA 96 -131.81 36.43 25.44
C ALA ZA 96 -131.75 34.93 25.15
N THR ZA 97 -131.34 34.55 23.93
CA THR ZA 97 -131.26 33.13 23.60
C THR ZA 97 -130.20 32.43 24.43
N VAL ZA 98 -129.04 33.06 24.60
CA VAL ZA 98 -127.99 32.47 25.42
C VAL ZA 98 -128.50 32.32 26.86
N SER ZA 99 -129.23 33.34 27.34
CA SER ZA 99 -129.82 33.26 28.67
C SER ZA 99 -130.79 32.09 28.77
N ASP ZA 100 -131.59 31.87 27.74
CA ASP ZA 100 -132.55 30.78 27.76
C ASP ZA 100 -131.85 29.42 27.81
N LEU ZA 101 -130.79 29.26 27.02
CA LEU ZA 101 -130.02 28.02 27.08
C LEU ZA 101 -129.42 27.81 28.47
N GLY ZA 102 -128.87 28.87 29.06
CA GLY ZA 102 -128.31 28.75 30.39
C GLY ZA 102 -129.35 28.38 31.43
N GLU ZA 103 -130.52 29.01 31.36
CA GLU ZA 103 -131.59 28.68 32.30
C GLU ZA 103 -132.07 27.25 32.10
N ALA ZA 104 -132.10 26.78 30.85
CA ALA ZA 104 -132.44 25.38 30.60
C ALA ZA 104 -131.44 24.45 31.28
N LEU ZA 105 -130.14 24.73 31.12
CA LEU ZA 105 -129.13 23.88 31.73
C LEU ZA 105 -129.25 23.89 33.25
N SER ZA 106 -129.51 25.06 33.82
CA SER ZA 106 -129.68 25.14 35.28
C SER ZA 106 -130.91 24.39 35.74
N PHE ZA 107 -132.02 24.50 35.01
CA PHE ZA 107 -133.25 23.84 35.41
C PHE ZA 107 -133.15 22.32 35.33
N TYR ZA 108 -132.47 21.81 34.29
CA TYR ZA 108 -132.33 20.36 34.18
C TYR ZA 108 -131.66 19.78 35.41
N LEU ZA 109 -130.63 20.45 35.92
CA LEU ZA 109 -129.84 19.93 37.02
C LEU ZA 109 -130.62 20.07 38.33
N ASN ZA 110 -130.70 18.98 39.08
CA ASN ZA 110 -131.34 18.98 40.39
C ASN ZA 110 -130.68 17.93 41.25
N GLU ZA 111 -131.17 17.77 42.49
CA GLU ZA 111 -130.53 16.86 43.42
C GLU ZA 111 -130.62 15.41 42.93
N ALA ZA 112 -131.75 15.01 42.36
CA ALA ZA 112 -131.89 13.65 41.89
C ALA ZA 112 -130.92 13.33 40.76
N LEU ZA 113 -130.78 14.24 39.80
CA LEU ZA 113 -129.84 14.01 38.72
C LEU ZA 113 -128.41 13.96 39.24
N TYR ZA 114 -128.07 14.80 40.22
CA TYR ZA 114 -126.76 14.71 40.84
C TYR ZA 114 -126.56 13.36 41.53
N GLY ZA 115 -127.58 12.87 42.22
CA GLY ZA 115 -127.47 11.56 42.84
C GLY ZA 115 -127.20 10.47 41.82
N LYS ZA 116 -127.93 10.52 40.70
CA LYS ZA 116 -127.69 9.52 39.65
C LYS ZA 116 -126.31 9.69 39.03
N LEU ZA 117 -125.88 10.93 38.81
CA LEU ZA 117 -124.66 11.19 38.08
C LEU ZA 117 -123.43 10.81 38.90
N ILE ZA 118 -123.44 11.06 40.21
CA ILE ZA 118 -122.34 10.61 41.06
C ILE ZA 118 -122.24 9.10 41.03
N GLY ZA 119 -123.35 8.42 40.74
CA GLY ZA 119 -123.33 6.98 40.53
C GLY ZA 119 -122.71 6.51 39.24
N TRP ZA 120 -121.99 7.40 38.54
CA TRP ZA 120 -121.38 7.15 37.23
C TRP ZA 120 -122.42 6.95 36.14
N GLU ZA 121 -123.70 7.16 36.44
CA GLU ZA 121 -124.75 6.92 35.46
C GLU ZA 121 -124.42 7.64 34.15
N SER ZA 122 -124.44 6.89 33.06
CA SER ZA 122 -124.11 7.44 31.75
C SER ZA 122 -125.37 7.80 30.98
N ALA AB 1 -112.42 56.95 42.90
CA ALA AB 1 -112.41 56.91 41.41
C ALA AB 1 -113.60 57.67 40.84
N LEU AB 2 -113.76 57.61 39.52
CA LEU AB 2 -114.76 58.43 38.84
C LEU AB 2 -116.18 58.01 39.14
N GLY AB 3 -116.41 56.81 39.65
CA GLY AB 3 -117.74 56.32 39.94
C GLY AB 3 -117.98 54.94 39.34
N ASP AB 4 -119.10 54.35 39.77
CA ASP AB 4 -119.44 53.00 39.34
C ASP AB 4 -119.92 52.97 37.89
N THR AB 5 -120.57 54.03 37.42
CA THR AB 5 -121.06 54.09 36.06
C THR AB 5 -120.58 55.37 35.38
N LEU AB 6 -120.38 55.26 34.07
CA LEU AB 6 -119.98 56.36 33.21
C LEU AB 6 -121.07 56.59 32.18
N THR AB 7 -121.46 57.84 32.00
CA THR AB 7 -122.55 58.19 31.10
C THR AB 7 -122.00 58.90 29.87
N ILE AB 8 -122.47 58.47 28.70
CA ILE AB 8 -122.13 59.09 27.42
C ILE AB 8 -123.42 59.59 26.80
N THR AB 9 -123.42 60.86 26.39
CA THR AB 9 -124.59 61.49 25.78
C THR AB 9 -124.30 61.72 24.30
N LEU AB 10 -124.78 60.82 23.45
CA LEU AB 10 -124.53 60.93 22.02
C LEU AB 10 -125.15 62.21 21.47
N GLY AB 11 -124.43 62.81 20.52
CA GLY AB 11 -124.91 64.04 19.90
C GLY AB 11 -124.74 65.28 20.73
N GLY AB 12 -123.90 65.24 21.77
CA GLY AB 12 -123.64 66.43 22.55
C GLY AB 12 -124.58 66.57 23.72
N SER AB 13 -124.91 67.81 24.08
CA SER AB 13 -125.83 68.08 25.18
C SER AB 13 -127.28 67.79 24.80
N GLY AB 14 -127.55 67.34 23.58
CA GLY AB 14 -128.92 67.09 23.16
C GLY AB 14 -129.63 66.00 23.95
N GLY AB 15 -129.16 64.76 23.82
CA GLY AB 15 -129.78 63.63 24.50
C GLY AB 15 -129.12 62.31 24.16
N THR AB 16 -129.91 61.23 24.12
CA THR AB 16 -129.41 59.90 23.77
C THR AB 16 -128.30 59.48 24.73
N ALA AB 17 -128.69 59.34 26.00
CA ALA AB 17 -127.74 59.02 27.06
C ALA AB 17 -127.53 57.52 27.16
N LYS AB 18 -126.27 57.10 27.20
CA LYS AB 18 -125.89 55.71 27.42
C LYS AB 18 -125.09 55.62 28.72
N VAL AB 19 -125.27 54.52 29.45
CA VAL AB 19 -124.66 54.33 30.76
C VAL AB 19 -123.69 53.16 30.67
N LEU AB 20 -122.43 53.41 31.01
CA LEU AB 20 -121.42 52.36 31.05
C LEU AB 20 -121.18 51.89 32.49
N ARG AB 21 -120.54 50.74 32.61
CA ARG AB 21 -120.29 50.11 33.89
C ARG AB 21 -118.81 49.72 33.97
N LYS AB 22 -118.24 49.76 35.17
CA LYS AB 22 -116.87 49.30 35.34
C LYS AB 22 -116.74 47.82 35.00
N ILE AB 23 -115.67 47.48 34.28
CA ILE AB 23 -115.31 46.09 34.00
C ILE AB 23 -113.94 45.74 34.51
N ASN AB 24 -113.06 46.70 34.79
CA ASN AB 24 -111.68 46.36 35.10
C ASN AB 24 -110.98 47.58 35.66
N GLN AB 25 -109.87 47.33 36.35
CA GLN AB 25 -108.99 48.39 36.85
C GLN AB 25 -107.62 47.79 37.06
N ASP AB 26 -106.67 48.13 36.18
CA ASP AB 26 -105.31 47.59 36.26
C ASP AB 26 -104.32 48.70 35.98
N GLY AB 27 -103.32 48.84 36.83
CA GLY AB 27 -102.22 49.75 36.57
C GLY AB 27 -102.65 51.17 36.33
N TYR AB 28 -103.52 51.70 37.21
CA TYR AB 28 -103.95 53.09 37.15
C TYR AB 28 -104.78 53.38 35.90
N THR AB 29 -105.50 52.37 35.41
CA THR AB 29 -106.36 52.49 34.24
C THR AB 29 -107.72 51.92 34.59
N SER AB 30 -108.75 52.38 33.88
CA SER AB 30 -110.11 51.89 34.06
C SER AB 30 -110.76 51.69 32.70
N GLU AB 31 -111.73 50.78 32.66
CA GLU AB 31 -112.43 50.43 31.43
C GLU AB 31 -113.92 50.28 31.72
N TYR AB 32 -114.73 50.64 30.74
CA TYR AB 32 -116.18 50.59 30.86
C TYR AB 32 -116.75 49.97 29.60
N TYR AB 33 -117.97 49.42 29.70
CA TYR AB 33 -118.52 48.68 28.57
C TYR AB 33 -120.04 48.61 28.69
N LEU AB 34 -120.71 48.58 27.53
CA LEU AB 34 -122.15 48.32 27.48
C LEU AB 34 -122.51 47.85 26.06
N PRO AB 35 -123.11 46.66 25.90
CA PRO AB 35 -123.48 46.21 24.55
C PRO AB 35 -124.94 46.47 24.19
N GLU AB 36 -125.23 46.43 22.88
CA GLU AB 36 -126.58 46.62 22.36
C GLU AB 36 -126.92 45.53 21.36
N THR AB 37 -128.05 45.68 20.66
CA THR AB 37 -128.41 44.72 19.63
C THR AB 37 -127.42 44.76 18.46
N SER AB 38 -127.01 45.96 18.04
CA SER AB 38 -126.16 46.12 16.88
C SER AB 38 -124.83 46.83 17.15
N SER AB 39 -124.61 47.36 18.35
CA SER AB 39 -123.34 48.03 18.64
C SER AB 39 -123.07 47.97 20.13
N SER AB 40 -121.84 48.30 20.50
CA SER AB 40 -121.39 48.29 21.88
C SER AB 40 -120.56 49.53 22.16
N PHE AB 41 -120.54 49.93 23.42
CA PHE AB 41 -119.81 51.12 23.87
C PHE AB 41 -118.74 50.73 24.89
N ARG AB 42 -117.55 51.30 24.72
CA ARG AB 42 -116.40 51.04 25.57
C ARG AB 42 -115.73 52.36 25.88
N ALA AB 43 -115.30 52.55 27.12
CA ALA AB 43 -114.60 53.75 27.54
C ALA AB 43 -113.35 53.36 28.33
N LYS AB 44 -112.25 54.06 28.07
CA LYS AB 44 -110.98 53.75 28.71
C LYS AB 44 -110.33 55.04 29.20
N VAL AB 45 -109.70 54.96 30.36
CA VAL AB 45 -108.93 56.08 30.94
C VAL AB 45 -107.57 55.53 31.33
N ARG AB 46 -106.52 56.32 31.14
CA ARG AB 46 -105.18 55.84 31.40
C ARG AB 46 -104.29 56.98 31.86
N HIS AB 47 -103.29 56.65 32.69
CA HIS AB 47 -102.29 57.59 33.16
C HIS AB 47 -100.91 56.96 33.00
N THR AB 48 -99.88 57.79 32.86
CA THR AB 48 -98.53 57.26 32.76
C THR AB 48 -97.53 58.40 32.91
N LYS AB 49 -96.27 58.01 33.12
CA LYS AB 49 -95.14 58.93 33.27
C LYS AB 49 -94.07 58.54 32.25
N GLU AB 50 -93.57 59.52 31.50
CA GLU AB 50 -92.55 59.24 30.50
C GLU AB 50 -91.23 58.84 31.17
N SER AB 51 -90.48 57.98 30.47
CA SER AB 51 -89.23 57.46 31.02
C SER AB 51 -88.26 58.62 31.28
N VAL AB 52 -87.64 58.59 32.46
CA VAL AB 52 -86.75 59.67 32.84
C VAL AB 52 -85.43 59.55 32.08
N LYS AB 53 -84.85 60.70 31.77
CA LYS AB 53 -83.56 60.83 31.10
C LYS AB 53 -82.68 61.74 31.92
N PRO AB 54 -81.37 61.60 31.82
CA PRO AB 54 -80.48 62.48 32.59
C PRO AB 54 -80.67 63.93 32.16
N ASN AB 55 -80.55 64.83 33.14
CA ASN AB 55 -80.58 66.28 32.92
C ASN AB 55 -81.63 66.69 31.89
N GLN AB 56 -82.84 66.15 32.04
CA GLN AB 56 -83.97 66.50 31.19
C GLN AB 56 -85.22 66.54 32.06
N VAL AB 57 -86.22 67.30 31.60
CA VAL AB 57 -87.47 67.39 32.35
C VAL AB 57 -88.30 66.12 32.17
N GLN AB 58 -89.17 65.87 33.13
CA GLN AB 58 -90.01 64.68 33.15
C GLN AB 58 -91.48 65.07 33.10
N TYR AB 59 -92.21 64.48 32.15
CA TYR AB 59 -93.60 64.79 31.87
C TYR AB 59 -94.51 63.65 32.31
N GLU AB 60 -95.75 63.99 32.65
CA GLU AB 60 -96.82 63.02 32.79
C GLU AB 60 -97.72 63.06 31.55
N ARG AB 61 -98.74 62.22 31.55
CA ARG AB 61 -99.61 62.07 30.39
C ARG AB 61 -100.93 61.46 30.83
N HIS AB 62 -102.03 62.19 30.62
CA HIS AB 62 -103.38 61.68 30.88
C HIS AB 62 -104.14 61.53 29.57
N ASN AB 63 -104.86 60.43 29.45
CA ASN AB 63 -105.56 60.07 28.23
C ASN AB 63 -106.97 59.60 28.53
N VAL AB 64 -107.89 59.92 27.63
CA VAL AB 64 -109.30 59.53 27.74
C VAL AB 64 -109.79 59.09 26.37
N GLU AB 65 -110.62 58.04 26.34
CA GLU AB 65 -110.92 57.31 25.12
C GLU AB 65 -112.34 56.77 25.14
N PHE AB 66 -113.06 56.95 24.04
CA PHE AB 66 -114.33 56.27 23.78
C PHE AB 66 -114.22 55.39 22.54
N THR AB 67 -115.07 54.37 22.48
CA THR AB 67 -115.11 53.43 21.36
C THR AB 67 -116.54 53.04 21.07
N GLU AB 68 -116.88 52.89 19.79
CA GLU AB 68 -118.20 52.45 19.37
C GLU AB 68 -118.04 51.54 18.16
N THR AB 69 -118.55 50.31 18.27
CA THR AB 69 -118.37 49.30 17.24
C THR AB 69 -119.71 48.74 16.81
N VAL AB 70 -119.87 48.52 15.50
CA VAL AB 70 -121.09 47.98 14.92
C VAL AB 70 -120.76 46.63 14.29
N TYR AB 71 -121.54 45.61 14.64
CA TYR AB 71 -121.25 44.26 14.17
C TYR AB 71 -121.61 44.11 12.70
N ALA AB 72 -120.97 43.14 12.05
CA ALA AB 72 -121.17 42.92 10.64
C ALA AB 72 -122.62 42.59 10.33
N SER AB 73 -123.12 43.17 9.24
CA SER AB 73 -124.47 42.92 8.77
C SER AB 73 -124.43 42.81 7.25
N GLY AB 74 -125.08 41.79 6.71
CA GLY AB 74 -125.05 41.57 5.28
C GLY AB 74 -123.62 41.36 4.80
N SER AB 75 -123.24 42.10 3.77
CA SER AB 75 -121.89 42.03 3.20
C SER AB 75 -120.95 43.07 3.78
N THR AB 76 -121.43 43.91 4.72
CA THR AB 76 -120.60 44.95 5.31
C THR AB 76 -119.86 44.39 6.51
N PRO AB 77 -118.51 44.40 6.52
CA PRO AB 77 -117.79 43.91 7.70
C PRO AB 77 -117.93 44.82 8.91
N GLU AB 78 -117.25 44.46 9.99
CA GLU AB 78 -117.30 45.24 11.22
C GLU AB 78 -116.40 46.46 11.12
N PHE AB 79 -116.80 47.52 11.82
CA PHE AB 79 -115.99 48.73 11.88
C PHE AB 79 -116.31 49.46 13.18
N VAL AB 80 -115.39 50.31 13.59
CA VAL AB 80 -115.41 50.95 14.91
C VAL AB 80 -115.33 52.46 14.75
N ARG AB 81 -115.75 53.17 15.79
CA ARG AB 81 -115.63 54.63 15.87
C ARG AB 81 -114.87 55.01 17.14
N GLN AB 82 -114.09 56.08 17.06
CA GLN AB 82 -113.08 56.42 18.06
C GLN AB 82 -113.14 57.90 18.39
N ALA AB 83 -112.68 58.25 19.58
CA ALA AB 83 -112.45 59.65 19.95
C ALA AB 83 -111.70 59.65 21.28
N TYR AB 84 -110.52 60.26 21.32
CA TYR AB 84 -109.73 60.28 22.55
C TYR AB 84 -109.01 61.62 22.70
N VAL AB 85 -108.58 61.90 23.93
CA VAL AB 85 -107.86 63.13 24.28
C VAL AB 85 -106.58 62.77 25.01
N VAL AB 86 -105.57 63.64 24.91
CA VAL AB 86 -104.30 63.48 25.61
C VAL AB 86 -103.91 64.81 26.22
N ILE AB 87 -103.23 64.76 27.37
CA ILE AB 87 -102.73 65.94 28.06
C ILE AB 87 -101.32 65.61 28.54
N ARG AB 88 -100.37 66.53 28.32
CA ARG AB 88 -99.01 66.32 28.77
C ARG AB 88 -98.46 67.59 29.38
N HIS AB 89 -97.73 67.44 30.49
CA HIS AB 89 -97.22 68.55 31.28
C HIS AB 89 -96.23 68.00 32.29
N LYS AB 90 -95.34 68.87 32.77
CA LYS AB 90 -94.27 68.42 33.63
C LYS AB 90 -94.80 68.10 35.02
N VAL AB 91 -94.09 67.22 35.72
CA VAL AB 91 -94.44 66.88 37.09
C VAL AB 91 -94.18 68.09 37.98
N GLY AB 92 -95.14 68.40 38.85
CA GLY AB 92 -95.00 69.54 39.72
C GLY AB 92 -95.44 70.86 39.13
N ASP AB 93 -96.01 70.86 37.94
CA ASP AB 93 -96.54 72.08 37.36
C ASP AB 93 -97.79 72.52 38.12
N VAL AB 94 -98.27 73.73 37.80
CA VAL AB 94 -99.48 74.25 38.42
C VAL AB 94 -100.68 73.65 37.72
N SER AB 95 -101.59 73.06 38.51
CA SER AB 95 -102.71 72.32 37.93
C SER AB 95 -103.66 73.23 37.17
N ALA AB 96 -103.90 74.43 37.70
CA ALA AB 96 -104.95 75.28 37.12
C ALA AB 96 -104.63 75.67 35.69
N THR AB 97 -103.37 76.03 35.40
CA THR AB 97 -103.02 76.43 34.04
C THR AB 97 -103.14 75.26 33.08
N VAL AB 98 -102.67 74.09 33.48
CA VAL AB 98 -102.72 72.94 32.59
C VAL AB 98 -104.15 72.45 32.43
N SER AB 99 -105.05 72.84 33.33
CA SER AB 99 -106.47 72.59 33.10
C SER AB 99 -107.07 73.62 32.15
N ASP AB 100 -106.71 74.90 32.32
CA ASP AB 100 -107.23 75.95 31.47
C ASP AB 100 -106.86 75.70 30.01
N LEU AB 101 -105.60 75.39 29.76
CA LEU AB 101 -105.23 74.80 28.48
C LEU AB 101 -105.72 73.36 28.48
N GLY AB 102 -106.39 72.97 27.42
CA GLY AB 102 -107.20 71.77 27.45
C GLY AB 102 -108.68 72.06 27.59
N GLU AB 103 -109.08 72.83 28.61
CA GLU AB 103 -110.46 73.27 28.68
C GLU AB 103 -110.76 74.25 27.55
N ALA AB 104 -109.80 75.13 27.23
CA ALA AB 104 -109.95 76.00 26.09
C ALA AB 104 -110.13 75.17 24.81
N LEU AB 105 -109.34 74.12 24.66
CA LEU AB 105 -109.47 73.24 23.50
C LEU AB 105 -110.85 72.58 23.47
N SER AB 106 -111.33 72.11 24.61
CA SER AB 106 -112.64 71.48 24.67
C SER AB 106 -113.73 72.46 24.26
N PHE AB 107 -113.63 73.71 24.72
CA PHE AB 107 -114.56 74.75 24.29
C PHE AB 107 -114.45 75.03 22.81
N TYR AB 108 -113.23 74.95 22.25
CA TYR AB 108 -113.04 75.27 20.84
C TYR AB 108 -113.77 74.29 19.93
N LEU AB 109 -113.75 73.00 20.26
CA LEU AB 109 -114.37 71.98 19.43
C LEU AB 109 -115.89 72.06 19.55
N ASN AB 110 -116.57 72.11 18.41
CA ASN AB 110 -118.02 72.18 18.37
C ASN AB 110 -118.51 71.48 17.11
N GLU AB 111 -119.83 71.44 16.93
CA GLU AB 111 -120.41 70.66 15.85
C GLU AB 111 -119.90 71.11 14.49
N ALA AB 112 -119.97 72.42 14.23
CA ALA AB 112 -119.52 72.93 12.93
C ALA AB 112 -118.05 72.61 12.71
N LEU AB 113 -117.24 72.66 13.77
CA LEU AB 113 -115.83 72.35 13.61
C LEU AB 113 -115.61 70.89 13.27
N TYR AB 114 -116.37 69.98 13.90
CA TYR AB 114 -116.23 68.57 13.54
C TYR AB 114 -116.67 68.35 12.09
N GLY AB 115 -117.75 69.00 11.67
CA GLY AB 115 -118.16 68.88 10.28
C GLY AB 115 -117.08 69.34 9.32
N LYS AB 116 -116.47 70.48 9.61
CA LYS AB 116 -115.37 70.94 8.76
C LYS AB 116 -114.21 69.96 8.76
N LEU AB 117 -113.87 69.41 9.93
CA LEU AB 117 -112.75 68.46 9.98
C LEU AB 117 -113.03 67.24 9.11
N ILE AB 118 -114.25 66.72 9.17
CA ILE AB 118 -114.62 65.64 8.26
C ILE AB 118 -114.56 66.13 6.82
N GLY AB 119 -114.75 67.43 6.61
CA GLY AB 119 -114.64 68.02 5.28
C GLY AB 119 -113.23 68.02 4.70
N TRP AB 120 -112.22 67.69 5.49
CA TRP AB 120 -110.80 67.65 5.17
C TRP AB 120 -110.20 69.04 5.02
N GLU AB 121 -110.97 70.11 5.18
CA GLU AB 121 -110.41 71.44 5.07
C GLU AB 121 -109.58 71.77 6.30
N SER AB 122 -108.32 72.13 6.07
CA SER AB 122 -107.41 72.51 7.16
C SER AB 122 -106.87 73.91 6.90
N ALA BB 1 -112.50 46.54 49.31
CA ALA BB 1 -113.95 46.54 49.63
C ALA BB 1 -114.22 47.53 50.76
N LEU BB 2 -113.17 48.25 51.17
CA LEU BB 2 -113.29 49.14 52.33
C LEU BB 2 -114.24 50.30 52.05
N GLY BB 3 -114.22 50.83 50.83
CA GLY BB 3 -115.02 51.98 50.47
C GLY BB 3 -114.23 52.89 49.56
N ASP BB 4 -114.93 53.81 48.89
CA ASP BB 4 -114.35 54.65 47.85
C ASP BB 4 -113.58 55.85 48.39
N THR BB 5 -113.69 56.13 49.68
CA THR BB 5 -112.91 57.17 50.32
C THR BB 5 -112.34 56.66 51.63
N LEU BB 6 -111.15 57.14 51.96
CA LEU BB 6 -110.47 56.86 53.22
C LEU BB 6 -110.29 58.19 53.93
N THR BB 7 -110.70 58.25 55.20
CA THR BB 7 -110.67 59.48 55.97
C THR BB 7 -109.55 59.43 56.99
N ILE BB 8 -108.68 60.43 56.96
CA ILE BB 8 -107.59 60.56 57.92
C ILE BB 8 -107.83 61.85 58.69
N THR BB 9 -107.91 61.75 60.01
CA THR BB 9 -108.14 62.87 60.91
C THR BB 9 -106.83 63.15 61.63
N LEU BB 10 -106.02 64.06 61.09
CA LEU BB 10 -104.79 64.42 61.76
C LEU BB 10 -105.10 65.00 63.13
N GLY BB 11 -104.35 64.56 64.14
CA GLY BB 11 -104.63 64.96 65.50
C GLY BB 11 -105.69 64.14 66.19
N GLY BB 12 -106.06 62.98 65.65
CA GLY BB 12 -107.04 62.14 66.30
C GLY BB 12 -108.42 62.76 66.28
N SER BB 13 -109.24 62.37 67.26
CA SER BB 13 -110.62 62.83 67.30
C SER BB 13 -110.68 64.35 67.40
N GLY BB 14 -111.64 64.93 66.69
CA GLY BB 14 -111.80 66.38 66.68
C GLY BB 14 -110.74 67.12 65.92
N GLY BB 15 -110.04 66.46 65.00
CA GLY BB 15 -108.95 67.06 64.25
C GLY BB 15 -109.37 67.58 62.90
N THR BB 16 -108.42 67.57 61.96
CA THR BB 16 -108.64 68.02 60.60
C THR BB 16 -108.81 66.82 59.70
N ALA BB 17 -109.91 66.80 58.93
CA ALA BB 17 -110.23 65.66 58.10
C ALA BB 17 -109.54 65.75 56.75
N LYS BB 18 -109.03 64.61 56.27
CA LYS BB 18 -108.39 64.50 54.96
C LYS BB 18 -108.95 63.26 54.28
N VAL BB 19 -109.70 63.44 53.20
CA VAL BB 19 -110.42 62.37 52.53
C VAL BB 19 -109.64 61.97 51.28
N LEU BB 20 -108.95 60.83 51.35
CA LEU BB 20 -108.27 60.29 50.19
C LEU BB 20 -109.28 59.61 49.25
N ARG BB 21 -108.77 59.12 48.12
CA ARG BB 21 -109.60 58.54 47.07
C ARG BB 21 -108.90 57.30 46.52
N LYS BB 22 -109.65 56.27 46.10
CA LYS BB 22 -108.98 55.16 45.43
C LYS BB 22 -108.42 55.57 44.09
N ILE BB 23 -107.25 55.02 43.77
CA ILE BB 23 -106.58 55.29 42.52
C ILE BB 23 -106.30 53.97 41.80
N ASN BB 24 -105.91 52.94 42.55
CA ASN BB 24 -105.49 51.67 41.98
C ASN BB 24 -105.61 50.58 43.04
N GLN BB 25 -105.74 49.33 42.58
CA GLN BB 25 -105.58 48.18 43.46
C GLN BB 25 -105.51 46.92 42.61
N ASP BB 26 -104.35 46.28 42.57
CA ASP BB 26 -104.16 45.09 41.72
C ASP BB 26 -103.79 43.84 42.50
N GLY BB 27 -102.71 43.86 43.28
CA GLY BB 27 -102.18 42.63 43.85
C GLY BB 27 -102.62 42.36 45.27
N TYR BB 28 -103.93 42.27 45.48
CA TYR BB 28 -104.53 42.16 46.81
C TYR BB 28 -104.24 43.38 47.67
N THR BB 29 -103.74 44.45 47.06
CA THR BB 29 -103.37 45.68 47.76
C THR BB 29 -104.17 46.83 47.17
N SER BB 30 -104.60 47.73 48.03
CA SER BB 30 -105.34 48.92 47.62
C SER BB 30 -104.66 50.14 48.23
N GLU BB 31 -104.70 51.25 47.52
CA GLU BB 31 -103.91 52.42 47.90
C GLU BB 31 -104.58 53.68 47.38
N TYR BB 32 -104.49 54.75 48.17
CA TYR BB 32 -105.26 55.97 48.02
C TYR BB 32 -104.32 57.15 47.86
N TYR BB 33 -104.78 58.23 47.23
CA TYR BB 33 -103.91 59.39 47.02
C TYR BB 33 -104.71 60.68 47.14
N LEU BB 34 -104.02 61.76 47.56
CA LEU BB 34 -104.61 63.10 47.63
C LEU BB 34 -103.50 64.16 47.64
N PRO BB 35 -103.48 65.11 46.67
CA PRO BB 35 -102.44 66.14 46.69
C PRO BB 35 -102.87 67.44 47.36
N GLU BB 36 -101.89 68.26 47.75
CA GLU BB 36 -102.13 69.60 48.28
C GLU BB 36 -101.17 70.56 47.61
N THR BB 37 -101.17 71.82 48.06
CA THR BB 37 -100.24 72.80 47.51
C THR BB 37 -98.80 72.48 47.90
N SER BB 38 -98.58 72.02 49.14
CA SER BB 38 -97.24 71.72 49.63
C SER BB 38 -97.12 70.31 50.21
N SER BB 39 -98.16 69.50 50.09
CA SER BB 39 -98.14 68.15 50.66
C SER BB 39 -99.11 67.26 49.92
N SER BB 40 -98.93 65.96 50.10
CA SER BB 40 -99.79 64.97 49.48
C SER BB 40 -99.84 63.74 50.37
N PHE BB 41 -101.04 63.16 50.52
CA PHE BB 41 -101.25 62.03 51.41
C PHE BB 41 -101.50 60.76 50.60
N ARG BB 42 -100.93 59.66 51.08
CA ARG BB 42 -101.02 58.37 50.42
C ARG BB 42 -101.18 57.28 51.49
N ALA BB 43 -101.88 56.22 51.14
CA ALA BB 43 -102.09 55.08 52.03
C ALA BB 43 -101.90 53.79 51.24
N LYS BB 44 -101.48 52.74 51.94
CA LYS BB 44 -101.32 51.41 51.36
C LYS BB 44 -102.09 50.42 52.23
N VAL BB 45 -102.51 49.31 51.63
CA VAL BB 45 -102.95 48.14 52.38
C VAL BB 45 -102.40 46.92 51.66
N ARG BB 46 -101.86 45.98 52.42
CA ARG BB 46 -101.17 44.83 51.86
C ARG BB 46 -101.56 43.57 52.62
N HIS BB 47 -101.62 42.45 51.88
CA HIS BB 47 -101.78 41.12 52.45
C HIS BB 47 -100.75 40.20 51.84
N THR BB 48 -100.20 39.29 52.65
CA THR BB 48 -99.17 38.36 52.15
C THR BB 48 -99.27 37.02 52.86
N LYS BB 49 -98.92 35.96 52.12
CA LYS BB 49 -98.78 34.61 52.63
C LYS BB 49 -97.30 34.32 52.83
N GLU BB 50 -96.90 34.02 54.05
CA GLU BB 50 -95.49 33.77 54.33
C GLU BB 50 -95.04 32.43 53.77
N SER BB 51 -93.72 32.29 53.61
CA SER BB 51 -93.14 31.09 53.03
C SER BB 51 -93.44 29.87 53.90
N VAL BB 52 -93.58 28.72 53.25
CA VAL BB 52 -94.02 27.48 53.89
C VAL BB 52 -92.82 26.56 53.95
N LYS BB 53 -92.11 26.55 55.09
CA LYS BB 53 -91.14 25.49 55.31
C LYS BB 53 -91.89 24.22 55.69
N PRO BB 54 -91.58 23.06 55.09
CA PRO BB 54 -92.51 21.95 55.22
C PRO BB 54 -92.73 21.56 56.68
N ASN BB 55 -93.92 21.04 56.96
CA ASN BB 55 -94.37 20.61 58.29
C ASN BB 55 -94.05 21.64 59.38
N GLN BB 56 -94.57 22.85 59.21
CA GLN BB 56 -94.66 23.82 60.28
C GLN BB 56 -95.95 24.62 60.12
N VAL BB 57 -96.22 25.46 61.11
CA VAL BB 57 -97.43 26.28 61.07
C VAL BB 57 -97.31 27.33 59.97
N GLN BB 58 -98.46 27.75 59.45
CA GLN BB 58 -98.52 28.75 58.39
C GLN BB 58 -99.15 30.03 58.92
N TYR BB 59 -98.57 31.17 58.54
CA TYR BB 59 -98.96 32.46 59.10
C TYR BB 59 -99.43 33.42 58.00
N GLU BB 60 -100.04 34.51 58.44
CA GLU BB 60 -100.45 35.60 57.57
C GLU BB 60 -99.98 36.92 58.16
N ARG BB 61 -99.83 37.92 57.29
CA ARG BB 61 -99.43 39.28 57.67
C ARG BB 61 -100.43 40.26 57.07
N HIS BB 62 -100.89 41.21 57.88
CA HIS BB 62 -101.69 42.34 57.39
C HIS BB 62 -101.02 43.65 57.78
N ASN BB 63 -100.83 44.53 56.79
CA ASN BB 63 -100.07 45.77 56.94
C ASN BB 63 -100.88 46.95 56.43
N VAL BB 64 -100.78 48.07 57.13
CA VAL BB 64 -101.39 49.33 56.71
C VAL BB 64 -100.50 50.49 57.15
N GLU BB 65 -100.27 51.46 56.24
CA GLU BB 65 -99.37 52.56 56.54
C GLU BB 65 -99.99 53.87 56.07
N PHE BB 66 -99.57 54.96 56.72
CA PHE BB 66 -99.85 56.32 56.25
C PHE BB 66 -98.54 56.99 55.92
N THR BB 67 -98.45 57.59 54.72
CA THR BB 67 -97.24 58.24 54.25
C THR BB 67 -97.55 59.70 53.95
N GLU BB 68 -96.67 60.59 54.40
CA GLU BB 68 -96.79 62.02 54.16
C GLU BB 68 -95.46 62.55 53.66
N THR BB 69 -95.50 63.36 52.62
CA THR BB 69 -94.30 63.92 52.00
C THR BB 69 -94.45 65.44 51.89
N VAL BB 70 -93.38 66.16 52.19
CA VAL BB 70 -93.36 67.61 52.11
C VAL BB 70 -92.43 68.01 50.97
N TYR BB 71 -92.92 68.85 50.07
CA TYR BB 71 -92.15 69.18 48.89
C TYR BB 71 -91.00 70.12 49.23
N ALA BB 72 -89.97 70.08 48.39
CA ALA BB 72 -88.78 70.90 48.61
C ALA BB 72 -89.15 72.38 48.56
N SER BB 73 -88.65 73.12 49.54
CA SER BB 73 -88.94 74.55 49.66
C SER BB 73 -87.63 75.28 49.96
N GLY BB 74 -87.10 75.97 48.96
CA GLY BB 74 -85.83 76.65 49.13
C GLY BB 74 -84.72 75.67 49.42
N SER BB 75 -83.91 75.96 50.44
CA SER BB 75 -82.77 75.11 50.76
C SER BB 75 -83.22 73.73 51.25
N THR BB 76 -84.29 73.68 52.03
CA THR BB 76 -84.73 72.42 52.63
C THR BB 76 -85.16 71.44 51.54
N PRO BB 77 -84.59 70.25 51.48
CA PRO BB 77 -84.96 69.29 50.44
C PRO BB 77 -86.25 68.55 50.82
N GLU BB 78 -86.65 67.63 49.95
CA GLU BB 78 -87.84 66.83 50.19
C GLU BB 78 -87.59 65.84 51.33
N PHE BB 79 -88.65 65.59 52.11
CA PHE BB 79 -88.61 64.59 53.17
C PHE BB 79 -90.02 64.08 53.40
N VAL BB 80 -90.13 62.99 54.15
CA VAL BB 80 -91.37 62.23 54.26
C VAL BB 80 -91.67 61.99 55.74
N ARG BB 81 -92.93 61.64 56.01
CA ARG BB 81 -93.36 61.11 57.28
C ARG BB 81 -94.20 59.86 57.04
N GLN BB 82 -94.14 58.92 57.99
CA GLN BB 82 -94.67 57.59 57.78
C GLN BB 82 -95.16 57.04 59.10
N ALA BB 83 -96.04 56.03 59.03
CA ALA BB 83 -96.51 55.33 60.21
C ALA BB 83 -97.30 54.11 59.76
N TYR BB 84 -97.00 52.94 60.32
CA TYR BB 84 -97.64 51.72 59.85
C TYR BB 84 -97.69 50.68 60.96
N VAL BB 85 -98.59 49.70 60.79
CA VAL BB 85 -98.76 48.60 61.73
C VAL BB 85 -98.87 47.30 60.95
N VAL BB 86 -98.55 46.21 61.63
CA VAL BB 86 -98.57 44.86 61.07
C VAL BB 86 -99.21 43.90 62.07
N ILE BB 87 -100.03 43.00 61.55
CA ILE BB 87 -100.68 41.97 62.36
C ILE BB 87 -100.35 40.61 61.76
N ARG BB 88 -99.84 39.69 62.58
CA ARG BB 88 -99.46 38.36 62.12
C ARG BB 88 -100.08 37.30 63.02
N HIS BB 89 -100.73 36.32 62.39
CA HIS BB 89 -101.32 35.19 63.10
C HIS BB 89 -101.38 33.99 62.17
N LYS BB 90 -101.54 32.81 62.75
CA LYS BB 90 -101.52 31.58 61.98
C LYS BB 90 -102.83 31.37 61.23
N VAL BB 91 -102.74 30.65 60.10
CA VAL BB 91 -103.91 30.41 59.27
C VAL BB 91 -104.89 29.52 60.02
N GLY BB 92 -106.18 29.88 59.96
CA GLY BB 92 -107.21 29.13 60.61
C GLY BB 92 -107.49 29.51 62.04
N ASP BB 93 -106.78 30.49 62.58
CA ASP BB 93 -106.98 30.91 63.97
C ASP BB 93 -108.37 31.53 64.13
N VAL BB 94 -108.71 31.90 65.35
CA VAL BB 94 -110.00 32.50 65.67
C VAL BB 94 -109.87 34.00 65.50
N SER BB 95 -110.79 34.60 64.72
CA SER BB 95 -110.63 35.99 64.32
C SER BB 95 -110.71 36.93 65.53
N ALA BB 96 -111.67 36.72 66.42
CA ALA BB 96 -111.89 37.66 67.52
C ALA BB 96 -110.69 37.73 68.46
N THR BB 97 -110.10 36.58 68.79
CA THR BB 97 -108.94 36.59 69.66
C THR BB 97 -107.77 37.35 69.03
N VAL BB 98 -107.52 37.11 67.75
CA VAL BB 98 -106.47 37.86 67.06
C VAL BB 98 -106.78 39.34 67.10
N SER BB 99 -108.06 39.70 66.95
CA SER BB 99 -108.44 41.11 66.94
C SER BB 99 -108.22 41.77 68.28
N ASP BB 100 -108.39 41.02 69.38
CA ASP BB 100 -108.27 41.62 70.71
C ASP BB 100 -106.88 42.19 70.94
N LEU BB 101 -105.84 41.47 70.51
CA LEU BB 101 -104.48 41.95 70.70
C LEU BB 101 -104.28 43.29 70.00
N GLY BB 102 -104.73 43.40 68.75
CA GLY BB 102 -104.60 44.65 68.03
C GLY BB 102 -105.40 45.77 68.67
N GLU BB 103 -106.60 45.46 69.17
CA GLU BB 103 -107.38 46.48 69.85
C GLU BB 103 -106.65 46.99 71.09
N ALA BB 104 -106.06 46.08 71.86
CA ALA BB 104 -105.27 46.49 73.02
C ALA BB 104 -104.11 47.37 72.60
N LEU BB 105 -103.40 46.99 71.53
CA LEU BB 105 -102.28 47.79 71.07
C LEU BB 105 -102.74 49.18 70.68
N SER BB 106 -103.87 49.27 69.98
CA SER BB 106 -104.39 50.57 69.58
C SER BB 106 -104.76 51.42 70.79
N PHE BB 107 -105.38 50.81 71.80
CA PHE BB 107 -105.73 51.56 73.01
C PHE BB 107 -104.50 52.04 73.76
N TYR BB 108 -103.43 51.23 73.79
CA TYR BB 108 -102.24 51.64 74.52
C TYR BB 108 -101.65 52.91 73.94
N LEU BB 109 -101.61 53.02 72.62
CA LEU BB 109 -101.10 54.22 71.96
C LEU BB 109 -102.04 55.39 72.19
N ASN BB 110 -101.45 56.54 72.52
CA ASN BB 110 -102.21 57.76 72.75
C ASN BB 110 -101.24 58.93 72.74
N GLU BB 111 -101.73 60.12 73.08
CA GLU BB 111 -100.90 61.32 72.96
C GLU BB 111 -99.70 61.24 73.90
N ALA BB 112 -99.93 60.88 75.16
CA ALA BB 112 -98.84 60.86 76.13
C ALA BB 112 -97.77 59.85 75.73
N LEU BB 113 -98.19 58.64 75.34
CA LEU BB 113 -97.22 57.62 74.97
C LEU BB 113 -96.44 58.04 73.74
N TYR BB 114 -97.10 58.66 72.76
CA TYR BB 114 -96.38 59.14 71.59
C TYR BB 114 -95.37 60.22 71.98
N GLY BB 115 -95.76 61.14 72.86
CA GLY BB 115 -94.85 62.18 73.28
C GLY BB 115 -93.63 61.62 73.98
N LYS BB 116 -93.84 60.62 74.83
CA LYS BB 116 -92.69 59.99 75.49
C LYS BB 116 -91.84 59.20 74.51
N LEU BB 117 -92.48 58.52 73.55
CA LEU BB 117 -91.77 57.61 72.66
C LEU BB 117 -90.89 58.39 71.68
N ILE BB 118 -91.39 59.52 71.17
CA ILE BB 118 -90.57 60.30 70.24
C ILE BB 118 -89.32 60.81 70.94
N GLY BB 119 -89.34 60.87 72.28
CA GLY BB 119 -88.21 61.35 73.05
C GLY BB 119 -87.11 60.34 73.29
N TRP BB 120 -87.04 59.29 72.47
CA TRP BB 120 -86.00 58.27 72.56
C TRP BB 120 -86.00 57.56 73.92
N GLU BB 121 -87.13 57.59 74.62
CA GLU BB 121 -87.24 56.87 75.87
C GLU BB 121 -87.22 55.37 75.61
N SER BB 122 -86.75 54.62 76.60
CA SER BB 122 -86.72 53.17 76.51
C SER BB 122 -86.95 52.54 77.88
N ALA CB 1 -109.49 75.53 5.17
CA ALA CB 1 -110.33 76.75 5.40
C ALA CB 1 -110.21 77.19 6.85
N LEU CB 2 -111.34 77.27 7.56
CA LEU CB 2 -111.33 77.66 8.96
C LEU CB 2 -110.84 79.09 9.15
N GLY CB 3 -110.61 79.81 8.04
CA GLY CB 3 -110.07 81.14 8.11
C GLY CB 3 -108.56 81.13 8.30
N ASP CB 4 -107.97 82.32 8.19
CA ASP CB 4 -106.54 82.48 8.40
C ASP CB 4 -106.18 82.78 9.84
N THR CB 5 -107.17 82.96 10.73
CA THR CB 5 -106.92 83.19 12.14
C THR CB 5 -107.65 82.15 12.97
N LEU CB 6 -106.96 81.61 13.97
CA LEU CB 6 -107.52 80.66 14.93
C LEU CB 6 -107.46 81.29 16.31
N THR CB 7 -108.56 81.22 17.04
CA THR CB 7 -108.67 81.86 18.35
C THR CB 7 -108.68 80.80 19.44
N ILE CB 8 -107.82 80.98 20.44
CA ILE CB 8 -107.75 80.10 21.60
C ILE CB 8 -108.13 80.92 22.82
N THR CB 9 -109.18 80.49 23.52
CA THR CB 9 -109.68 81.21 24.69
C THR CB 9 -109.24 80.44 25.94
N LEU CB 10 -108.10 80.82 26.50
CA LEU CB 10 -107.60 80.15 27.69
C LEU CB 10 -108.63 80.26 28.81
N GLY CB 11 -108.82 79.14 29.51
CA GLY CB 11 -109.79 79.11 30.59
C GLY CB 11 -111.22 78.89 30.15
N GLY CB 12 -111.44 78.32 28.98
CA GLY CB 12 -112.78 78.06 28.54
C GLY CB 12 -113.54 79.35 28.27
N SER CB 13 -114.87 79.25 28.38
CA SER CB 13 -115.73 80.38 28.09
C SER CB 13 -115.47 81.53 29.04
N GLY CB 14 -115.47 82.75 28.51
CA GLY CB 14 -115.32 83.94 29.32
C GLY CB 14 -113.89 84.30 29.70
N GLY CB 15 -112.90 83.62 29.13
CA GLY CB 15 -111.51 83.81 29.50
C GLY CB 15 -110.79 84.84 28.67
N THR CB 16 -109.49 84.62 28.50
CA THR CB 16 -108.62 85.48 27.71
C THR CB 16 -108.44 84.87 26.33
N ALA CB 17 -108.58 85.68 25.29
CA ALA CB 17 -108.51 85.23 23.91
C ALA CB 17 -107.13 85.54 23.33
N LYS CB 18 -106.53 84.54 22.69
CA LYS CB 18 -105.30 84.69 21.94
C LYS CB 18 -105.57 84.41 20.48
N VAL CB 19 -105.08 85.27 19.60
CA VAL CB 19 -105.28 85.14 18.16
C VAL CB 19 -104.03 84.58 17.52
N LEU CB 20 -104.20 83.52 16.74
CA LEU CB 20 -103.10 82.84 16.07
C LEU CB 20 -103.21 83.08 14.56
N ARG CB 21 -102.05 83.22 13.91
CA ARG CB 21 -101.97 83.54 12.49
C ARG CB 21 -101.44 82.34 11.71
N LYS CB 22 -101.99 82.12 10.51
CA LYS CB 22 -101.51 81.03 9.67
C LYS CB 22 -100.10 81.32 9.18
N ILE CB 23 -99.30 80.26 9.05
CA ILE CB 23 -97.89 80.34 8.70
C ILE CB 23 -97.61 79.61 7.39
N ASN CB 24 -97.91 78.32 7.35
CA ASN CB 24 -97.56 77.45 6.24
C ASN CB 24 -98.67 76.43 6.06
N GLN CB 25 -98.69 75.78 4.90
CA GLN CB 25 -99.62 74.69 4.63
C GLN CB 25 -98.93 73.67 3.74
N ASP CB 26 -98.54 72.54 4.33
CA ASP CB 26 -97.87 71.47 3.61
C ASP CB 26 -98.51 70.13 3.95
N GLY CB 27 -98.41 69.18 3.04
CA GLY CB 27 -98.70 67.79 3.39
C GLY CB 27 -100.03 67.60 4.09
N TYR CB 28 -101.08 68.28 3.61
CA TYR CB 28 -102.41 68.15 4.18
C TYR CB 28 -102.42 68.55 5.66
N THR CB 29 -101.57 69.52 6.02
CA THR CB 29 -101.54 70.05 7.38
C THR CB 29 -101.27 71.55 7.33
N SER CB 30 -101.75 72.24 8.36
CA SER CB 30 -101.57 73.68 8.49
C SER CB 30 -101.25 74.00 9.94
N GLU CB 31 -100.54 75.11 10.16
CA GLU CB 31 -100.18 75.50 11.51
C GLU CB 31 -100.38 77.00 11.67
N TYR CB 32 -100.62 77.41 12.92
CA TYR CB 32 -100.85 78.79 13.30
C TYR CB 32 -99.87 79.13 14.41
N TYR CB 33 -99.38 80.38 14.45
CA TYR CB 33 -98.32 80.74 15.38
C TYR CB 33 -98.52 82.17 15.90
N LEU CB 34 -97.89 82.47 17.04
CA LEU CB 34 -97.96 83.77 17.70
C LEU CB 34 -96.77 84.02 18.63
N PRO CB 35 -95.98 85.08 18.44
CA PRO CB 35 -94.90 85.36 19.40
C PRO CB 35 -95.41 86.02 20.68
N GLU CB 36 -94.58 85.97 21.71
CA GLU CB 36 -94.86 86.62 22.98
C GLU CB 36 -93.55 86.73 23.75
N THR CB 37 -93.49 87.67 24.69
CA THR CB 37 -92.22 88.01 25.33
C THR CB 37 -91.65 86.83 26.11
N SER CB 38 -92.47 86.14 26.90
CA SER CB 38 -91.99 85.06 27.74
C SER CB 38 -92.44 83.68 27.28
N SER CB 39 -93.39 83.59 26.36
CA SER CB 39 -93.94 82.31 25.95
C SER CB 39 -94.31 82.40 24.46
N SER CB 40 -95.04 81.41 23.99
CA SER CB 40 -95.40 81.32 22.58
C SER CB 40 -96.59 80.38 22.43
N PHE CB 41 -97.41 80.65 21.42
CA PHE CB 41 -98.58 79.83 21.12
C PHE CB 41 -98.52 79.33 19.69
N ARG CB 42 -98.96 78.08 19.50
CA ARG CB 42 -98.89 77.41 18.22
C ARG CB 42 -100.05 76.43 18.15
N ALA CB 43 -100.51 76.15 16.94
CA ALA CB 43 -101.57 75.17 16.72
C ALA CB 43 -101.31 74.49 15.38
N LYS CB 44 -101.65 73.21 15.28
CA LYS CB 44 -101.40 72.46 14.06
C LYS CB 44 -102.58 71.52 13.80
N VAL CB 45 -102.77 71.18 12.52
CA VAL CB 45 -103.84 70.29 12.06
C VAL CB 45 -103.23 69.36 11.03
N ARG CB 46 -103.60 68.08 11.05
CA ARG CB 46 -103.19 67.16 10.01
C ARG CB 46 -104.36 66.26 9.63
N HIS CB 47 -104.28 65.68 8.41
CA HIS CB 47 -105.16 64.60 7.99
C HIS CB 47 -104.34 63.48 7.39
N THR CB 48 -104.69 62.24 7.71
CA THR CB 48 -103.94 61.08 7.25
C THR CB 48 -104.89 59.96 6.84
N LYS CB 49 -104.37 59.10 5.95
CA LYS CB 49 -105.08 57.94 5.44
C LYS CB 49 -104.15 56.74 5.56
N GLU CB 50 -104.58 55.71 6.30
CA GLU CB 50 -103.73 54.56 6.53
C GLU CB 50 -103.65 53.69 5.27
N SER CB 51 -102.62 52.85 5.23
CA SER CB 51 -102.24 52.16 4.00
C SER CB 51 -103.33 51.19 3.55
N VAL CB 52 -103.40 51.01 2.23
CA VAL CB 52 -104.37 50.13 1.60
C VAL CB 52 -103.82 48.72 1.59
N LYS CB 53 -104.31 47.89 2.51
CA LYS CB 53 -103.91 46.50 2.62
C LYS CB 53 -105.08 45.60 2.22
N PRO CB 54 -104.79 44.36 1.79
CA PRO CB 54 -105.55 43.77 0.66
C PRO CB 54 -107.08 43.87 0.72
N ASN CB 55 -107.75 43.16 1.65
CA ASN CB 55 -109.22 43.10 1.58
C ASN CB 55 -109.73 43.30 3.01
N GLN CB 56 -109.86 44.56 3.41
CA GLN CB 56 -110.30 44.96 4.74
C GLN CB 56 -110.72 46.42 4.68
N VAL CB 57 -111.34 46.88 5.75
CA VAL CB 57 -111.93 48.21 5.80
C VAL CB 57 -110.83 49.27 5.80
N GLN CB 58 -111.02 50.33 5.02
CA GLN CB 58 -110.08 51.44 5.01
C GLN CB 58 -110.55 52.56 5.96
N TYR CB 59 -109.58 53.25 6.57
CA TYR CB 59 -109.84 54.28 7.57
C TYR CB 59 -109.18 55.59 7.19
N GLU CB 60 -109.62 56.67 7.84
CA GLU CB 60 -108.90 57.94 7.81
C GLU CB 60 -108.97 58.59 9.19
N ARG CB 61 -107.98 59.45 9.46
CA ARG CB 61 -107.74 59.99 10.80
C ARG CB 61 -107.60 61.51 10.76
N HIS CB 62 -108.06 62.19 11.82
CA HIS CB 62 -107.84 63.62 12.03
C HIS CB 62 -107.25 63.90 13.40
N ASN CB 63 -106.42 64.95 13.49
CA ASN CB 63 -105.66 65.33 14.68
C ASN CB 63 -105.63 66.85 14.84
N VAL CB 64 -105.49 67.29 16.10
CA VAL CB 64 -105.54 68.72 16.47
C VAL CB 64 -104.88 68.87 17.84
N GLU CB 65 -103.84 69.69 17.92
CA GLU CB 65 -103.20 70.00 19.21
C GLU CB 65 -103.08 71.50 19.43
N PHE CB 66 -103.17 71.88 20.70
CA PHE CB 66 -102.72 73.19 21.17
C PHE CB 66 -101.39 73.01 21.91
N THR CB 67 -100.43 73.88 21.59
CA THR CB 67 -99.10 73.81 22.17
C THR CB 67 -98.71 75.17 22.74
N GLU CB 68 -98.05 75.16 23.89
CA GLU CB 68 -97.63 76.38 24.59
C GLU CB 68 -96.24 76.16 25.14
N THR CB 69 -95.28 77.00 24.73
CA THR CB 69 -93.89 76.89 25.17
C THR CB 69 -93.51 78.09 26.02
N VAL CB 70 -92.81 77.83 27.13
CA VAL CB 70 -92.29 78.87 28.00
C VAL CB 70 -90.78 78.88 27.90
N TYR CB 71 -90.22 80.00 27.45
CA TYR CB 71 -88.78 80.11 27.26
C TYR CB 71 -88.05 79.93 28.58
N ALA CB 72 -86.88 79.31 28.51
CA ALA CB 72 -86.07 79.08 29.69
C ALA CB 72 -85.71 80.39 30.36
N SER CB 73 -85.90 80.45 31.67
CA SER CB 73 -85.64 81.64 32.47
C SER CB 73 -84.82 81.25 33.69
N GLY CB 74 -83.65 81.84 33.83
CA GLY CB 74 -82.79 81.52 34.97
C GLY CB 74 -82.46 80.05 35.00
N SER CB 75 -82.60 79.45 36.18
CA SER CB 75 -82.30 78.03 36.34
C SER CB 75 -83.30 77.15 35.60
N THR CB 76 -84.58 77.53 35.62
CA THR CB 76 -85.61 76.70 35.01
C THR CB 76 -85.37 76.56 33.51
N PRO CB 77 -85.29 75.33 32.97
CA PRO CB 77 -85.07 75.19 31.53
C PRO CB 77 -86.35 75.26 30.73
N GLU CB 78 -86.26 74.91 29.44
CA GLU CB 78 -87.41 74.87 28.56
C GLU CB 78 -88.41 73.84 29.05
N PHE CB 79 -89.70 74.18 28.95
CA PHE CB 79 -90.75 73.20 29.17
C PHE CB 79 -92.01 73.70 28.45
N VAL CB 80 -92.85 72.75 28.04
CA VAL CB 80 -93.98 73.06 27.18
C VAL CB 80 -95.26 72.43 27.73
N ARG CB 81 -96.40 72.89 27.20
CA ARG CB 81 -97.71 72.31 27.47
C ARG CB 81 -98.39 71.93 26.18
N GLN CB 82 -99.20 70.87 26.23
CA GLN CB 82 -99.88 70.36 25.05
C GLN CB 82 -101.28 69.88 25.42
N ALA CB 83 -102.10 69.69 24.39
CA ALA CB 83 -103.42 69.06 24.53
C ALA CB 83 -103.99 68.77 23.15
N TYR CB 84 -104.39 67.52 22.87
CA TYR CB 84 -104.79 67.19 21.50
C TYR CB 84 -105.84 66.09 21.48
N VAL CB 85 -106.55 66.00 20.34
CA VAL CB 85 -107.59 65.02 20.08
C VAL CB 85 -107.32 64.36 18.73
N VAL CB 86 -107.91 63.19 18.53
CA VAL CB 86 -107.75 62.44 17.28
C VAL CB 86 -109.06 61.74 16.95
N ILE CB 87 -109.44 61.77 15.67
CA ILE CB 87 -110.66 61.13 15.18
C ILE CB 87 -110.28 60.23 14.01
N ARG CB 88 -110.65 58.94 14.09
CA ARG CB 88 -110.46 58.01 12.98
C ARG CB 88 -111.75 57.22 12.76
N HIS CB 89 -112.08 57.00 11.49
CA HIS CB 89 -113.32 56.33 11.11
C HIS CB 89 -113.19 55.86 9.66
N LYS CB 90 -114.21 55.15 9.18
CA LYS CB 90 -114.12 54.53 7.87
C LYS CB 90 -114.26 55.57 6.76
N VAL CB 91 -113.72 55.23 5.59
CA VAL CB 91 -113.58 56.21 4.52
C VAL CB 91 -114.93 56.66 4.00
N GLY CB 92 -115.89 55.75 3.90
CA GLY CB 92 -117.19 56.09 3.34
C GLY CB 92 -118.25 56.27 4.42
N ASP CB 93 -117.82 56.55 5.64
CA ASP CB 93 -118.73 56.61 6.78
C ASP CB 93 -119.77 57.71 6.58
N VAL CB 94 -120.67 57.83 7.54
CA VAL CB 94 -121.67 58.90 7.54
C VAL CB 94 -121.16 60.02 8.43
N SER CB 95 -121.05 61.22 7.87
CA SER CB 95 -120.42 62.32 8.59
C SER CB 95 -121.20 62.71 9.85
N ALA CB 96 -122.52 62.72 9.78
CA ALA CB 96 -123.33 63.17 10.92
C ALA CB 96 -123.12 62.26 12.12
N THR CB 97 -123.12 60.94 11.91
CA THR CB 97 -122.96 60.03 13.03
C THR CB 97 -121.59 60.17 13.68
N VAL CB 98 -120.53 60.29 12.87
CA VAL CB 98 -119.19 60.40 13.43
C VAL CB 98 -119.09 61.62 14.33
N SER CB 99 -119.83 62.67 14.01
CA SER CB 99 -119.76 63.89 14.79
C SER CB 99 -120.29 63.70 16.21
N ASP CB 100 -121.23 62.78 16.40
CA ASP CB 100 -121.86 62.63 17.71
C ASP CB 100 -120.86 62.23 18.78
N LEU CB 101 -119.99 61.27 18.48
CA LEU CB 101 -118.97 60.90 19.45
C LEU CB 101 -118.11 62.11 19.83
N GLY CB 102 -117.74 62.92 18.84
CA GLY CB 102 -116.94 64.09 19.12
C GLY CB 102 -117.64 65.07 20.04
N GLU CB 103 -118.93 65.35 19.75
CA GLU CB 103 -119.66 66.27 20.61
C GLU CB 103 -119.82 65.71 22.01
N ALA CB 104 -120.07 64.40 22.14
CA ALA CB 104 -120.17 63.80 23.46
C ALA CB 104 -118.85 63.93 24.22
N LEU CB 105 -117.73 63.67 23.54
CA LEU CB 105 -116.44 63.79 24.21
C LEU CB 105 -116.18 65.22 24.65
N SER CB 106 -116.46 66.19 23.77
CA SER CB 106 -116.23 67.59 24.13
C SER CB 106 -117.14 68.02 25.29
N PHE CB 107 -118.39 67.57 25.26
CA PHE CB 107 -119.33 67.90 26.32
C PHE CB 107 -118.94 67.27 27.65
N TYR CB 108 -118.39 66.06 27.61
CA TYR CB 108 -117.98 65.37 28.83
C TYR CB 108 -116.89 66.14 29.56
N LEU CB 109 -115.82 66.48 28.84
CA LEU CB 109 -114.66 67.10 29.47
C LEU CB 109 -115.01 68.50 29.94
N ASN CB 110 -114.66 68.81 31.18
CA ASN CB 110 -114.89 70.13 31.73
C ASN CB 110 -113.93 70.34 32.91
N GLU CB 111 -114.18 71.37 33.72
CA GLU CB 111 -113.32 71.64 34.87
C GLU CB 111 -113.19 70.41 35.77
N ALA CB 112 -114.32 69.76 36.08
CA ALA CB 112 -114.29 68.66 37.04
C ALA CB 112 -113.44 67.51 36.54
N LEU CB 113 -113.65 67.06 35.29
CA LEU CB 113 -112.90 65.93 34.79
C LEU CB 113 -111.41 66.25 34.73
N TYR CB 114 -111.05 67.47 34.34
CA TYR CB 114 -109.65 67.83 34.28
C TYR CB 114 -109.03 67.86 35.67
N GLY CB 115 -109.77 68.37 36.66
CA GLY CB 115 -109.30 68.31 38.03
C GLY CB 115 -109.06 66.89 38.50
N LYS CB 116 -109.98 65.98 38.16
CA LYS CB 116 -109.81 64.58 38.52
C LYS CB 116 -108.58 63.98 37.85
N LEU CB 117 -108.42 64.21 36.55
CA LEU CB 117 -107.32 63.61 35.81
C LEU CB 117 -105.98 64.12 36.34
N ILE CB 118 -105.86 65.42 36.59
CA ILE CB 118 -104.62 65.95 37.15
C ILE CB 118 -104.38 65.31 38.51
N GLY CB 119 -105.43 64.92 39.20
CA GLY CB 119 -105.33 64.21 40.46
C GLY CB 119 -105.02 62.73 40.36
N TRP CB 120 -104.77 62.22 39.15
CA TRP CB 120 -104.47 60.81 38.91
C TRP CB 120 -105.62 59.90 39.27
N GLU CB 121 -106.80 60.44 39.55
CA GLU CB 121 -107.97 59.63 39.89
C GLU CB 121 -108.51 58.98 38.62
N SER CB 122 -108.09 57.74 38.36
CA SER CB 122 -108.53 57.02 37.18
C SER CB 122 -109.99 56.60 37.31
N ALA DB 1 -103.80 80.29 -7.73
CA ALA DB 1 -104.58 81.56 -7.60
C ALA DB 1 -105.97 81.43 -8.24
N LEU DB 2 -106.38 80.21 -8.55
CA LEU DB 2 -107.70 79.98 -9.11
C LEU DB 2 -108.82 80.30 -8.13
N GLY DB 3 -108.51 80.40 -6.84
CA GLY DB 3 -109.51 80.64 -5.81
C GLY DB 3 -109.66 79.45 -4.88
N ASP DB 4 -110.20 79.73 -3.69
CA ASP DB 4 -110.34 78.71 -2.67
C ASP DB 4 -111.46 77.71 -2.96
N THR DB 5 -112.29 77.96 -3.97
CA THR DB 5 -113.34 77.02 -4.35
C THR DB 5 -113.31 76.79 -5.86
N LEU DB 6 -113.73 75.59 -6.24
CA LEU DB 6 -113.88 75.19 -7.64
C LEU DB 6 -115.28 74.63 -7.82
N THR DB 7 -115.88 74.91 -8.97
CA THR DB 7 -117.25 74.48 -9.26
C THR DB 7 -117.23 73.58 -10.48
N ILE DB 8 -117.87 72.41 -10.36
CA ILE DB 8 -118.03 71.47 -11.47
C ILE DB 8 -119.52 71.30 -11.71
N THR DB 9 -119.93 71.43 -12.96
CA THR DB 9 -121.34 71.31 -13.36
C THR DB 9 -121.50 70.00 -14.12
N LEU DB 10 -121.95 68.97 -13.43
CA LEU DB 10 -122.14 67.68 -14.08
C LEU DB 10 -123.21 67.79 -15.15
N GLY DB 11 -123.03 67.00 -16.21
CA GLY DB 11 -123.94 67.06 -17.34
C GLY DB 11 -123.84 68.36 -18.13
N GLY DB 12 -122.62 68.84 -18.37
CA GLY DB 12 -122.47 70.02 -19.19
C GLY DB 12 -123.03 71.26 -18.52
N SER DB 13 -123.57 72.16 -19.33
CA SER DB 13 -124.12 73.41 -18.84
C SER DB 13 -125.55 73.29 -18.35
N GLY DB 14 -126.11 72.08 -18.33
CA GLY DB 14 -127.46 71.88 -17.84
C GLY DB 14 -127.64 72.33 -16.40
N GLY DB 15 -127.01 71.62 -15.47
CA GLY DB 15 -127.15 71.93 -14.06
C GLY DB 15 -126.30 71.04 -13.17
N THR DB 16 -126.76 70.80 -11.95
CA THR DB 16 -126.07 69.92 -10.99
C THR DB 16 -124.66 70.45 -10.70
N ALA DB 17 -124.64 71.64 -10.09
CA ALA DB 17 -123.38 72.29 -9.74
C ALA DB 17 -122.91 71.83 -8.36
N LYS DB 18 -121.65 71.43 -8.28
CA LYS DB 18 -121.03 71.01 -7.02
C LYS DB 18 -119.91 71.98 -6.68
N VAL DB 19 -119.89 72.45 -5.44
CA VAL DB 19 -118.84 73.35 -4.96
C VAL DB 19 -117.76 72.51 -4.31
N LEU DB 20 -116.53 72.62 -4.82
CA LEU DB 20 -115.44 71.73 -4.46
C LEU DB 20 -114.36 72.58 -3.79
N ARG DB 21 -113.97 72.19 -2.58
CA ARG DB 21 -113.16 73.05 -1.71
C ARG DB 21 -111.67 72.72 -1.83
N LYS DB 22 -110.83 73.76 -1.74
CA LYS DB 22 -109.39 73.53 -1.74
C LYS DB 22 -108.94 72.87 -0.44
N ILE DB 23 -107.95 71.98 -0.55
CA ILE DB 23 -107.46 71.22 0.59
C ILE DB 23 -105.97 71.50 0.81
N ASN DB 24 -105.26 71.81 -0.25
CA ASN DB 24 -103.81 71.74 -0.15
C ASN DB 24 -103.16 72.29 -1.42
N GLN DB 25 -101.92 72.75 -1.27
CA GLN DB 25 -101.15 73.34 -2.37
C GLN DB 25 -99.68 73.08 -2.11
N ASP DB 26 -99.02 72.36 -3.02
CA ASP DB 26 -97.61 72.06 -2.84
C ASP DB 26 -96.95 71.85 -4.19
N GLY DB 27 -95.77 72.45 -4.36
CA GLY DB 27 -94.97 72.21 -5.56
C GLY DB 27 -95.65 72.60 -6.84
N TYR DB 28 -96.27 73.77 -6.89
CA TYR DB 28 -96.99 74.23 -8.08
C TYR DB 28 -98.15 73.30 -8.42
N THR DB 29 -98.79 72.75 -7.40
CA THR DB 29 -99.94 71.89 -7.57
C THR DB 29 -101.04 72.29 -6.59
N SER DB 30 -102.28 71.96 -6.94
CA SER DB 30 -103.42 72.25 -6.09
C SER DB 30 -104.44 71.13 -6.25
N GLU DB 31 -105.23 70.91 -5.20
CA GLU DB 31 -106.28 69.90 -5.23
C GLU DB 31 -107.41 70.30 -4.29
N TYR DB 32 -108.62 69.85 -4.65
CA TYR DB 32 -109.86 70.23 -3.99
C TYR DB 32 -110.62 68.95 -3.64
N TYR DB 33 -111.52 69.02 -2.65
CA TYR DB 33 -112.22 67.80 -2.23
C TYR DB 33 -113.64 68.14 -1.77
N LEU DB 34 -114.56 67.17 -1.90
CA LEU DB 34 -115.93 67.29 -1.40
C LEU DB 34 -116.58 65.91 -1.23
N PRO DB 35 -116.96 65.52 -0.02
CA PRO DB 35 -117.61 64.21 0.15
C PRO DB 35 -119.13 64.31 0.15
N GLU DB 36 -119.76 63.23 -0.32
CA GLU DB 36 -121.21 63.11 -0.37
C GLU DB 36 -121.63 61.85 0.38
N THR DB 37 -122.93 61.56 0.36
CA THR DB 37 -123.44 60.37 1.04
C THR DB 37 -122.95 59.09 0.37
N SER DB 38 -122.96 59.04 -0.96
CA SER DB 38 -122.52 57.87 -1.69
C SER DB 38 -121.35 58.14 -2.64
N SER DB 39 -120.75 59.32 -2.58
CA SER DB 39 -119.57 59.59 -3.40
C SER DB 39 -118.83 60.80 -2.85
N SER DB 40 -117.65 61.03 -3.40
CA SER DB 40 -116.82 62.17 -3.05
C SER DB 40 -116.16 62.71 -4.30
N PHE DB 41 -115.85 64.01 -4.29
CA PHE DB 41 -115.39 64.69 -5.49
C PHE DB 41 -114.02 65.29 -5.23
N ARG DB 42 -113.12 65.14 -6.20
CA ARG DB 42 -111.73 65.55 -6.06
C ARG DB 42 -111.21 66.09 -7.39
N ALA DB 43 -110.33 67.08 -7.31
CA ALA DB 43 -109.62 67.60 -8.48
C ALA DB 43 -108.15 67.77 -8.13
N LYS DB 44 -107.30 67.70 -9.17
CA LYS DB 44 -105.86 67.87 -9.06
C LYS DB 44 -105.45 68.91 -10.09
N VAL DB 45 -104.36 69.62 -9.83
CA VAL DB 45 -103.73 70.48 -10.84
C VAL DB 45 -102.23 70.38 -10.66
N ARG DB 46 -101.51 70.22 -11.77
CA ARG DB 46 -100.07 69.99 -11.71
C ARG DB 46 -99.37 70.77 -12.80
N HIS DB 47 -98.09 71.07 -12.55
CA HIS DB 47 -97.19 71.74 -13.48
C HIS DB 47 -95.85 71.04 -13.44
N THR DB 48 -95.19 70.90 -14.60
CA THR DB 48 -93.95 70.14 -14.66
C THR DB 48 -93.01 70.73 -15.71
N LYS DB 49 -91.75 70.29 -15.64
CA LYS DB 49 -90.74 70.54 -16.66
C LYS DB 49 -90.32 69.21 -17.25
N GLU DB 50 -90.20 69.14 -18.58
CA GLU DB 50 -89.59 67.98 -19.21
C GLU DB 50 -88.08 67.96 -18.93
N SER DB 51 -87.52 66.75 -18.91
CA SER DB 51 -86.12 66.59 -18.56
C SER DB 51 -85.23 67.29 -19.59
N VAL DB 52 -84.14 67.89 -19.10
CA VAL DB 52 -83.20 68.63 -19.94
C VAL DB 52 -81.98 67.76 -20.25
N LYS DB 53 -81.62 67.72 -21.53
CA LYS DB 53 -80.32 67.20 -21.94
C LYS DB 53 -79.87 68.08 -23.11
N PRO DB 54 -78.67 67.90 -23.68
CA PRO DB 54 -78.06 69.03 -24.41
C PRO DB 54 -78.90 69.65 -25.52
N ASN DB 55 -79.35 68.88 -26.52
CA ASN DB 55 -79.66 69.47 -27.82
C ASN DB 55 -81.04 69.05 -28.33
N GLN DB 56 -82.06 69.19 -27.50
CA GLN DB 56 -83.43 69.30 -27.97
C GLN DB 56 -84.14 70.44 -27.28
N VAL DB 57 -85.29 70.79 -27.85
CA VAL DB 57 -86.08 71.90 -27.33
C VAL DB 57 -86.61 71.56 -25.96
N GLN DB 58 -86.75 72.57 -25.12
CA GLN DB 58 -87.26 72.42 -23.77
C GLN DB 58 -88.77 72.64 -23.76
N TYR DB 59 -89.49 71.70 -23.17
CA TYR DB 59 -90.95 71.71 -23.15
C TYR DB 59 -91.48 71.90 -21.74
N GLU DB 60 -92.71 72.39 -21.65
CA GLU DB 60 -93.45 72.47 -20.41
C GLU DB 60 -94.84 71.88 -20.62
N ARG DB 61 -95.42 71.37 -19.54
CA ARG DB 61 -96.60 70.54 -19.62
C ARG DB 61 -97.61 70.96 -18.56
N HIS DB 62 -98.89 70.94 -18.91
CA HIS DB 62 -99.97 71.31 -18.01
C HIS DB 62 -100.97 70.17 -17.91
N ASN DB 63 -101.75 70.15 -16.83
CA ASN DB 63 -102.65 69.04 -16.57
C ASN DB 63 -103.82 69.51 -15.70
N VAL DB 64 -105.00 68.93 -15.96
CA VAL DB 64 -106.17 69.11 -15.12
C VAL DB 64 -106.89 67.77 -15.01
N GLU DB 65 -107.28 67.40 -13.79
CA GLU DB 65 -107.77 66.07 -13.47
C GLU DB 65 -109.13 66.19 -12.79
N PHE DB 66 -110.07 65.34 -13.19
CA PHE DB 66 -111.31 65.12 -12.44
C PHE DB 66 -111.43 63.64 -12.14
N THR DB 67 -111.89 63.31 -10.93
CA THR DB 67 -112.08 61.91 -10.54
C THR DB 67 -113.32 61.80 -9.67
N GLU DB 68 -114.02 60.68 -9.81
CA GLU DB 68 -115.24 60.39 -9.04
C GLU DB 68 -115.09 58.99 -8.46
N THR DB 69 -115.42 58.83 -7.18
CA THR DB 69 -115.35 57.54 -6.51
C THR DB 69 -116.68 57.24 -5.82
N VAL DB 70 -117.17 56.01 -6.01
CA VAL DB 70 -118.45 55.58 -5.47
C VAL DB 70 -118.16 54.45 -4.50
N TYR DB 71 -118.60 54.61 -3.25
CA TYR DB 71 -118.27 53.62 -2.23
C TYR DB 71 -119.03 52.31 -2.47
N ALA DB 72 -118.43 51.23 -1.98
CA ALA DB 72 -118.98 49.91 -2.23
C ALA DB 72 -120.33 49.76 -1.55
N SER DB 73 -121.25 49.09 -2.24
CA SER DB 73 -122.60 48.87 -1.74
C SER DB 73 -123.04 47.48 -2.17
N GLY DB 74 -123.62 46.74 -1.24
CA GLY DB 74 -123.99 45.36 -1.54
C GLY DB 74 -122.77 44.55 -1.94
N SER DB 75 -122.90 43.83 -3.06
CA SER DB 75 -121.78 43.05 -3.57
C SER DB 75 -120.88 43.85 -4.50
N THR DB 76 -121.26 45.07 -4.84
CA THR DB 76 -120.50 45.86 -5.81
C THR DB 76 -119.30 46.52 -5.13
N PRO DB 77 -118.07 46.22 -5.54
CA PRO DB 77 -116.90 46.83 -4.88
C PRO DB 77 -116.63 48.26 -5.32
N GLU DB 78 -115.50 48.80 -4.85
CA GLU DB 78 -115.13 50.18 -5.13
C GLU DB 78 -114.93 50.37 -6.63
N PHE DB 79 -115.27 51.57 -7.11
CA PHE DB 79 -114.89 51.96 -8.47
C PHE DB 79 -114.92 53.48 -8.57
N VAL DB 80 -114.23 53.99 -9.59
CA VAL DB 80 -113.97 55.42 -9.75
C VAL DB 80 -114.21 55.82 -11.19
N ARG DB 81 -114.42 57.13 -11.40
CA ARG DB 81 -114.48 57.71 -12.74
C ARG DB 81 -113.56 58.92 -12.82
N GLN DB 82 -112.75 58.99 -13.88
CA GLN DB 82 -111.73 60.02 -14.06
C GLN DB 82 -111.85 60.62 -15.46
N ALA DB 83 -111.39 61.87 -15.60
CA ALA DB 83 -111.30 62.50 -16.92
C ALA DB 83 -110.31 63.65 -16.83
N TYR DB 84 -109.31 63.68 -17.72
CA TYR DB 84 -108.26 64.69 -17.61
C TYR DB 84 -107.70 65.04 -18.98
N VAL DB 85 -107.06 66.20 -19.03
CA VAL DB 85 -106.47 66.76 -20.24
C VAL DB 85 -105.08 67.29 -19.91
N VAL DB 86 -104.21 67.34 -20.91
CA VAL DB 86 -102.87 67.90 -20.75
C VAL DB 86 -102.59 68.85 -21.91
N ILE DB 87 -101.61 69.71 -21.71
CA ILE DB 87 -101.13 70.65 -22.72
C ILE DB 87 -99.61 70.64 -22.69
N ARG DB 88 -98.98 70.48 -23.85
CA ARG DB 88 -97.52 70.53 -23.95
C ARG DB 88 -97.13 71.48 -25.06
N HIS DB 89 -96.15 72.33 -24.77
CA HIS DB 89 -95.64 73.27 -25.76
C HIS DB 89 -94.24 73.72 -25.32
N LYS DB 90 -93.48 74.20 -26.29
CA LYS DB 90 -92.10 74.61 -26.03
C LYS DB 90 -92.07 75.93 -25.26
N VAL DB 91 -91.04 76.07 -24.43
CA VAL DB 91 -90.91 77.25 -23.58
C VAL DB 91 -90.66 78.48 -24.45
N GLY DB 92 -91.31 79.58 -24.10
CA GLY DB 92 -91.19 80.81 -24.85
C GLY DB 92 -92.09 80.91 -26.05
N ASP DB 93 -92.99 79.95 -26.26
CA ASP DB 93 -93.90 80.00 -27.39
C ASP DB 93 -94.99 81.03 -27.11
N VAL DB 94 -95.75 81.39 -28.14
CA VAL DB 94 -96.78 82.40 -28.01
C VAL DB 94 -98.00 81.79 -27.34
N SER DB 95 -98.59 82.52 -26.38
CA SER DB 95 -99.67 81.98 -25.57
C SER DB 95 -100.94 81.76 -26.39
N ALA DB 96 -101.30 82.72 -27.24
CA ALA DB 96 -102.58 82.64 -27.94
C ALA DB 96 -102.63 81.45 -28.89
N THR DB 97 -101.54 81.22 -29.63
CA THR DB 97 -101.53 80.12 -30.58
C THR DB 97 -101.59 78.78 -29.87
N VAL DB 98 -100.96 78.66 -28.70
CA VAL DB 98 -101.01 77.40 -27.97
C VAL DB 98 -102.34 77.24 -27.24
N SER DB 99 -103.09 78.34 -27.04
CA SER DB 99 -104.43 78.22 -26.49
C SER DB 99 -105.46 77.80 -27.53
N ASP DB 100 -105.33 78.33 -28.75
CA ASP DB 100 -106.29 78.02 -29.80
C ASP DB 100 -106.32 76.53 -30.10
N LEU DB 101 -105.14 75.93 -30.25
CA LEU DB 101 -105.02 74.49 -30.01
C LEU DB 101 -105.27 74.25 -28.53
N GLY DB 102 -106.07 73.25 -28.24
CA GLY DB 102 -106.63 73.11 -26.90
C GLY DB 102 -108.07 73.55 -26.87
N GLU DB 103 -108.36 74.80 -27.26
CA GLU DB 103 -109.77 75.17 -27.38
C GLU DB 103 -110.43 74.47 -28.57
N ALA DB 104 -109.65 74.17 -29.62
CA ALA DB 104 -110.17 73.30 -30.67
C ALA DB 104 -110.66 71.98 -30.09
N LEU DB 105 -109.83 71.34 -29.25
CA LEU DB 105 -110.23 70.10 -28.59
C LEU DB 105 -111.48 70.32 -27.76
N SER DB 106 -111.50 71.40 -26.98
CA SER DB 106 -112.62 71.64 -26.07
C SER DB 106 -113.93 71.80 -26.83
N PHE DB 107 -113.92 72.54 -27.93
CA PHE DB 107 -115.11 72.67 -28.78
C PHE DB 107 -115.49 71.36 -29.43
N TYR DB 108 -114.50 70.55 -29.83
CA TYR DB 108 -114.80 69.28 -30.46
C TYR DB 108 -115.55 68.33 -29.53
N LEU DB 109 -115.12 68.24 -28.28
CA LEU DB 109 -115.69 67.27 -27.35
C LEU DB 109 -117.08 67.74 -26.93
N ASN DB 110 -118.09 66.93 -27.22
CA ASN DB 110 -119.47 67.27 -26.88
C ASN DB 110 -120.24 65.98 -26.63
N GLU DB 111 -121.56 66.06 -26.61
CA GLU DB 111 -122.41 64.93 -26.27
C GLU DB 111 -122.19 63.76 -27.21
N ALA DB 112 -122.46 63.96 -28.50
CA ALA DB 112 -122.45 62.86 -29.45
C ALA DB 112 -121.06 62.24 -29.59
N LEU DB 113 -120.01 63.05 -29.57
CA LEU DB 113 -118.67 62.49 -29.65
C LEU DB 113 -118.40 61.56 -28.48
N TYR DB 114 -118.80 61.97 -27.27
CA TYR DB 114 -118.63 61.10 -26.11
C TYR DB 114 -119.46 59.83 -26.23
N GLY DB 115 -120.71 59.97 -26.67
CA GLY DB 115 -121.56 58.81 -26.83
C GLY DB 115 -120.97 57.79 -27.79
N LYS DB 116 -120.38 58.28 -28.88
CA LYS DB 116 -119.76 57.37 -29.84
C LYS DB 116 -118.43 56.82 -29.34
N LEU DB 117 -117.67 57.63 -28.59
CA LEU DB 117 -116.37 57.16 -28.11
C LEU DB 117 -116.53 56.04 -27.10
N ILE DB 118 -117.53 56.15 -26.22
CA ILE DB 118 -117.72 55.10 -25.21
C ILE DB 118 -118.07 53.78 -25.89
N GLY DB 119 -118.75 53.85 -27.03
CA GLY DB 119 -118.98 52.66 -27.82
C GLY DB 119 -117.74 52.13 -28.53
N TRP DB 120 -116.56 52.65 -28.17
CA TRP DB 120 -115.30 52.18 -28.74
C TRP DB 120 -115.16 52.61 -30.20
N GLU DB 121 -116.19 53.26 -30.73
CA GLU DB 121 -116.20 53.58 -32.15
C GLU DB 121 -115.15 54.63 -32.47
N SER DB 122 -114.48 54.44 -33.61
CA SER DB 122 -113.49 55.39 -34.09
C SER DB 122 -113.65 55.56 -35.60
N ALA EB 1 -99.84 84.23 4.77
CA ALA EB 1 -101.18 84.85 4.97
C ALA EB 1 -101.23 86.25 4.38
N LEU EB 2 -100.23 86.59 3.58
CA LEU EB 2 -100.18 87.92 2.99
C LEU EB 2 -101.37 88.14 2.07
N GLY EB 3 -101.72 87.15 1.25
CA GLY EB 3 -102.82 87.25 0.32
C GLY EB 3 -102.43 86.77 -1.07
N ASP EB 4 -103.45 86.58 -1.89
CA ASP EB 4 -103.25 86.02 -3.22
C ASP EB 4 -102.78 87.06 -4.23
N THR EB 5 -102.88 88.35 -3.91
CA THR EB 5 -102.48 89.41 -4.81
C THR EB 5 -101.41 90.28 -4.16
N LEU EB 6 -100.38 90.59 -4.96
CA LEU EB 6 -99.30 91.47 -4.56
C LEU EB 6 -99.14 92.55 -5.61
N THR EB 7 -99.11 93.80 -5.19
CA THR EB 7 -99.06 94.95 -6.10
C THR EB 7 -97.71 95.65 -6.00
N ILE EB 8 -97.08 95.86 -7.16
CA ILE EB 8 -95.84 96.64 -7.26
C ILE EB 8 -96.16 97.88 -8.08
N THR EB 9 -95.85 99.05 -7.52
CA THR EB 9 -96.04 100.33 -8.19
C THR EB 9 -94.66 100.83 -8.61
N LEU EB 10 -94.24 100.48 -9.82
CA LEU EB 10 -92.96 100.96 -10.31
C LEU EB 10 -92.94 102.48 -10.30
N GLY EB 11 -91.82 103.05 -9.87
CA GLY EB 11 -91.71 104.49 -9.76
C GLY EB 11 -92.26 105.05 -8.47
N GLY EB 12 -92.49 104.22 -7.45
CA GLY EB 12 -92.98 104.73 -6.19
C GLY EB 12 -94.44 105.12 -6.24
N SER EB 13 -94.82 106.00 -5.33
CA SER EB 13 -96.21 106.45 -5.25
C SER EB 13 -96.65 107.10 -6.55
N GLY EB 14 -97.86 106.77 -6.98
CA GLY EB 14 -98.43 107.35 -8.19
C GLY EB 14 -97.87 106.80 -9.48
N GLY EB 15 -97.22 105.64 -9.44
CA GLY EB 15 -96.55 105.09 -10.59
C GLY EB 15 -97.39 104.08 -11.36
N THR EB 16 -96.69 103.24 -12.12
CA THR EB 16 -97.32 102.20 -12.91
C THR EB 16 -97.59 100.98 -12.03
N ALA EB 17 -98.82 100.49 -12.05
CA ALA EB 17 -99.22 99.40 -11.17
C ALA EB 17 -99.08 98.06 -11.88
N LYS EB 18 -98.55 97.08 -11.14
CA LYS EB 18 -98.44 95.70 -11.59
C LYS EB 18 -99.05 94.80 -10.53
N VAL EB 19 -99.76 93.77 -10.95
CA VAL EB 19 -100.51 92.90 -10.04
C VAL EB 19 -99.90 91.51 -10.11
N LEU EB 20 -99.02 91.21 -9.15
CA LEU EB 20 -98.48 89.87 -8.99
C LEU EB 20 -99.47 88.98 -8.24
N ARG EB 21 -99.49 87.70 -8.58
CA ARG EB 21 -100.43 86.73 -8.03
C ARG EB 21 -99.69 85.55 -7.41
N LYS EB 22 -100.25 84.98 -6.35
CA LYS EB 22 -99.61 83.86 -5.68
C LYS EB 22 -99.56 82.63 -6.56
N ILE EB 23 -98.44 81.92 -6.51
CA ILE EB 23 -98.25 80.71 -7.30
C ILE EB 23 -98.02 79.51 -6.38
N ASN EB 24 -97.34 79.74 -5.25
CA ASN EB 24 -96.89 78.61 -4.44
C ASN EB 24 -96.25 79.05 -3.14
N GLN EB 25 -96.29 78.19 -2.13
CA GLN EB 25 -95.60 78.46 -0.86
C GLN EB 25 -95.51 77.15 -0.09
N ASP EB 26 -94.29 76.62 0.08
CA ASP EB 26 -94.09 75.35 0.76
C ASP EB 26 -93.29 75.47 2.04
N GLY EB 27 -92.05 75.96 1.98
CA GLY EB 27 -91.19 75.96 3.15
C GLY EB 27 -91.19 77.26 3.92
N TYR EB 28 -92.35 77.70 4.38
CA TYR EB 28 -92.53 79.00 5.02
C TYR EB 28 -92.20 80.15 4.07
N THR EB 29 -92.10 79.89 2.78
CA THR EB 29 -91.74 80.88 1.79
C THR EB 29 -92.85 80.98 0.75
N SER EB 30 -93.03 82.18 0.20
CA SER EB 30 -94.04 82.44 -0.81
C SER EB 30 -93.44 83.19 -1.99
N GLU EB 31 -93.99 82.97 -3.17
CA GLU EB 31 -93.50 83.65 -4.37
C GLU EB 31 -94.66 83.95 -5.31
N TYR EB 32 -94.48 84.97 -6.15
CA TYR EB 32 -95.48 85.47 -7.06
C TYR EB 32 -94.87 85.58 -8.45
N TYR EB 33 -95.70 85.49 -9.49
CA TYR EB 33 -95.22 85.57 -10.87
C TYR EB 33 -96.22 86.29 -11.74
N LEU EB 34 -95.72 87.00 -12.76
CA LEU EB 34 -96.56 87.66 -13.76
C LEU EB 34 -95.79 87.81 -15.08
N PRO EB 35 -96.17 87.11 -16.14
CA PRO EB 35 -95.47 87.27 -17.43
C PRO EB 35 -96.08 88.38 -18.28
N GLU EB 36 -95.27 88.88 -19.21
CA GLU EB 36 -95.69 89.91 -20.14
C GLU EB 36 -94.99 89.66 -21.48
N THR EB 37 -95.12 90.63 -22.39
CA THR EB 37 -94.59 90.45 -23.74
C THR EB 37 -93.06 90.50 -23.74
N SER EB 38 -92.48 91.49 -23.06
CA SER EB 38 -91.04 91.71 -23.11
C SER EB 38 -90.32 91.38 -21.80
N SER EB 39 -91.04 91.17 -20.71
CA SER EB 39 -90.41 90.96 -19.42
C SER EB 39 -91.38 90.23 -18.50
N SER EB 40 -90.86 89.78 -17.36
CA SER EB 40 -91.65 89.08 -16.37
C SER EB 40 -91.27 89.60 -14.99
N PHE EB 41 -92.24 89.60 -14.09
CA PHE EB 41 -92.06 90.05 -12.71
C PHE EB 41 -92.28 88.87 -11.77
N ARG EB 42 -91.40 88.74 -10.79
CA ARG EB 42 -91.49 87.69 -9.78
C ARG EB 42 -91.19 88.30 -8.42
N ALA EB 43 -91.72 87.69 -7.36
CA ALA EB 43 -91.43 88.10 -6.00
C ALA EB 43 -91.33 86.87 -5.11
N LYS EB 44 -90.61 87.00 -4.00
CA LYS EB 44 -90.45 85.93 -3.04
C LYS EB 44 -90.46 86.51 -1.63
N VAL EB 45 -90.96 85.73 -0.68
CA VAL EB 45 -90.87 86.03 0.75
C VAL EB 45 -90.40 84.76 1.45
N ARG EB 46 -89.41 84.90 2.33
CA ARG EB 46 -88.85 83.75 3.04
C ARG EB 46 -88.56 84.11 4.49
N HIS EB 47 -88.64 83.11 5.36
CA HIS EB 47 -88.39 83.25 6.79
C HIS EB 47 -87.42 82.15 7.22
N THR EB 48 -86.56 82.45 8.20
CA THR EB 48 -85.62 81.43 8.65
C THR EB 48 -85.05 81.80 10.01
N LYS EB 49 -84.61 80.77 10.73
CA LYS EB 49 -83.92 80.89 12.02
C LYS EB 49 -82.53 80.31 11.88
N GLU EB 50 -81.51 81.09 12.27
CA GLU EB 50 -80.14 80.64 12.11
C GLU EB 50 -79.83 79.46 13.02
N SER EB 51 -78.72 78.78 12.71
CA SER EB 51 -78.41 77.51 13.38
C SER EB 51 -78.29 77.68 14.88
N VAL EB 52 -78.79 76.68 15.61
CA VAL EB 52 -78.70 76.69 17.07
C VAL EB 52 -77.28 76.39 17.49
N LYS EB 53 -76.69 77.28 18.29
CA LYS EB 53 -75.32 77.12 18.77
C LYS EB 53 -75.28 77.49 20.25
N PRO EB 54 -74.52 76.76 21.06
CA PRO EB 54 -74.75 76.76 22.50
C PRO EB 54 -74.56 78.11 23.16
N ASN EB 55 -75.22 78.26 24.31
CA ASN EB 55 -75.06 79.34 25.28
C ASN EB 55 -74.79 80.70 24.66
N GLN EB 56 -75.57 81.06 23.64
CA GLN EB 56 -75.50 82.40 23.03
C GLN EB 56 -76.87 82.75 22.46
N VAL EB 57 -77.04 84.04 22.17
CA VAL EB 57 -78.36 84.55 21.81
C VAL EB 57 -78.86 83.89 20.52
N GLN EB 58 -80.19 83.82 20.39
CA GLN EB 58 -80.83 83.23 19.23
C GLN EB 58 -81.50 84.31 18.39
N TYR EB 59 -81.42 84.16 17.06
CA TYR EB 59 -81.84 85.18 16.11
C TYR EB 59 -82.73 84.56 15.03
N GLU EB 60 -83.55 85.40 14.39
CA GLU EB 60 -84.29 85.02 13.21
C GLU EB 60 -84.12 86.08 12.13
N ARG EB 61 -84.19 85.66 10.87
CA ARG EB 61 -83.90 86.51 9.72
C ARG EB 61 -85.12 86.58 8.81
N HIS EB 62 -85.46 87.78 8.36
CA HIS EB 62 -86.63 88.02 7.53
C HIS EB 62 -86.21 88.77 6.28
N ASN EB 63 -86.44 88.16 5.12
CA ASN EB 63 -85.99 88.69 3.84
C ASN EB 63 -87.12 88.71 2.83
N VAL EB 64 -87.10 89.70 1.95
CA VAL EB 64 -88.05 89.81 0.84
C VAL EB 64 -87.33 90.46 -0.33
N GLU EB 65 -87.61 89.96 -1.54
CA GLU EB 65 -86.85 90.34 -2.72
C GLU EB 65 -87.78 90.50 -3.92
N PHE EB 66 -87.32 91.29 -4.89
CA PHE EB 66 -87.98 91.47 -6.18
C PHE EB 66 -87.02 91.14 -7.32
N THR EB 67 -87.57 90.63 -8.42
CA THR EB 67 -86.83 90.37 -9.64
C THR EB 67 -87.59 90.98 -10.81
N GLU EB 68 -86.86 91.39 -11.85
CA GLU EB 68 -87.44 91.84 -13.11
C GLU EB 68 -86.49 91.41 -14.23
N THR EB 69 -86.92 90.45 -15.04
CA THR EB 69 -86.07 89.86 -16.06
C THR EB 69 -86.57 90.25 -17.45
N VAL EB 70 -85.62 90.54 -18.34
CA VAL EB 70 -85.92 90.96 -19.71
C VAL EB 70 -85.37 89.91 -20.66
N TYR EB 71 -86.22 89.42 -21.56
CA TYR EB 71 -85.83 88.37 -22.48
C TYR EB 71 -84.89 88.94 -23.55
N ALA EB 72 -84.13 88.03 -24.16
CA ALA EB 72 -83.17 88.44 -25.18
C ALA EB 72 -83.89 89.07 -26.36
N SER EB 73 -83.33 90.16 -26.87
CA SER EB 73 -83.91 90.92 -27.97
C SER EB 73 -82.81 91.15 -29.00
N GLY EB 74 -82.83 90.36 -30.07
CA GLY EB 74 -81.78 90.47 -31.07
C GLY EB 74 -80.42 90.15 -30.48
N SER EB 75 -79.47 91.05 -30.69
CA SER EB 75 -78.10 90.82 -30.24
C SER EB 75 -77.99 90.85 -28.72
N THR EB 76 -78.74 91.74 -28.07
CA THR EB 76 -78.62 91.90 -26.62
C THR EB 76 -79.12 90.66 -25.90
N PRO EB 77 -78.34 90.06 -25.01
CA PRO EB 77 -78.81 88.89 -24.26
C PRO EB 77 -79.74 89.28 -23.13
N GLU EB 78 -80.36 88.27 -22.53
CA GLU EB 78 -81.25 88.48 -21.42
C GLU EB 78 -80.49 88.91 -20.17
N PHE EB 79 -81.15 89.72 -19.34
CA PHE EB 79 -80.56 90.20 -18.10
C PHE EB 79 -81.68 90.46 -17.10
N VAL EB 80 -81.31 90.74 -15.86
CA VAL EB 80 -82.24 90.79 -14.74
C VAL EB 80 -81.99 92.04 -13.91
N ARG EB 81 -82.97 92.37 -13.07
CA ARG EB 81 -82.84 93.42 -12.06
C ARG EB 81 -83.44 92.92 -10.75
N GLN EB 82 -82.88 93.41 -9.65
CA GLN EB 82 -83.20 92.89 -8.32
C GLN EB 82 -83.18 94.01 -7.30
N ALA EB 83 -83.85 93.77 -6.17
CA ALA EB 83 -83.82 94.68 -5.03
C ALA EB 83 -84.49 94.01 -3.83
N TYR EB 84 -83.78 93.89 -2.71
CA TYR EB 84 -84.30 93.10 -1.59
C TYR EB 84 -83.84 93.69 -0.28
N VAL EB 85 -84.54 93.31 0.79
CA VAL EB 85 -84.25 93.76 2.14
C VAL EB 85 -84.26 92.55 3.07
N VAL EB 86 -83.54 92.67 4.18
CA VAL EB 86 -83.39 91.60 5.16
C VAL EB 86 -83.54 92.20 6.55
N ILE EB 87 -84.20 91.48 7.45
CA ILE EB 87 -84.37 91.90 8.83
C ILE EB 87 -84.02 90.73 9.74
N ARG EB 88 -83.12 90.97 10.69
CA ARG EB 88 -82.76 89.97 11.68
C ARG EB 88 -82.80 90.58 13.07
N HIS EB 89 -83.37 89.83 14.02
CA HIS EB 89 -83.64 90.35 15.35
C HIS EB 89 -83.67 89.18 16.33
N LYS EB 90 -83.62 89.50 17.62
CA LYS EB 90 -83.52 88.47 18.63
C LYS EB 90 -84.89 87.87 18.93
N VAL EB 91 -84.89 86.59 19.28
CA VAL EB 91 -86.14 85.89 19.58
C VAL EB 91 -86.73 86.45 20.85
N GLY EB 92 -88.02 86.77 20.82
CA GLY EB 92 -88.69 87.36 21.95
C GLY EB 92 -88.52 88.85 22.09
N ASP EB 93 -87.87 89.51 21.13
CA ASP EB 93 -87.70 90.94 21.19
C ASP EB 93 -89.02 91.66 20.93
N VAL EB 94 -89.09 92.92 21.36
CA VAL EB 94 -90.31 93.70 21.19
C VAL EB 94 -90.50 94.02 19.71
N SER EB 95 -91.70 93.74 19.19
CA SER EB 95 -91.93 93.85 17.76
C SER EB 95 -91.86 95.30 17.28
N ALA EB 96 -92.46 96.23 18.03
CA ALA EB 96 -92.53 97.61 17.56
C ALA EB 96 -91.14 98.25 17.46
N THR EB 97 -90.29 98.00 18.46
CA THR EB 97 -88.93 98.55 18.41
C THR EB 97 -88.17 98.01 17.21
N VAL EB 98 -88.28 96.71 16.95
CA VAL EB 98 -87.60 96.12 15.80
C VAL EB 98 -88.13 96.74 14.52
N SER EB 99 -89.44 96.97 14.44
CA SER EB 99 -90.02 97.54 13.25
C SER EB 99 -89.58 98.99 13.03
N ASP EB 100 -89.27 99.71 14.11
CA ASP EB 100 -88.88 101.12 13.97
C ASP EB 100 -87.64 101.28 13.11
N LEU EB 101 -86.66 100.39 13.28
CA LEU EB 101 -85.44 100.47 12.47
C LEU EB 101 -85.78 100.32 10.99
N GLY EB 102 -86.63 99.35 10.64
CA GLY EB 102 -86.99 99.17 9.25
C GLY EB 102 -87.79 100.34 8.70
N GLU EB 103 -88.66 100.92 9.53
CA GLU EB 103 -89.39 102.11 9.09
C GLU EB 103 -88.44 103.25 8.80
N ALA EB 104 -87.44 103.46 9.67
CA ALA EB 104 -86.45 104.50 9.43
C ALA EB 104 -85.70 104.23 8.12
N LEU EB 105 -85.29 102.98 7.91
CA LEU EB 105 -84.54 102.65 6.69
C LEU EB 105 -85.38 102.91 5.45
N SER EB 106 -86.67 102.55 5.50
CA SER EB 106 -87.55 102.81 4.37
C SER EB 106 -87.71 104.30 4.13
N PHE EB 107 -87.86 105.08 5.19
CA PHE EB 107 -88.00 106.53 5.03
C PHE EB 107 -86.74 107.14 4.43
N TYR EB 108 -85.56 106.64 4.82
CA TYR EB 108 -84.32 107.22 4.32
C TYR EB 108 -84.20 107.08 2.80
N LEU EB 109 -84.46 105.89 2.28
CA LEU EB 109 -84.31 105.66 0.86
C LEU EB 109 -85.41 106.39 0.09
N ASN EB 110 -85.03 107.07 -0.99
CA ASN EB 110 -85.96 107.86 -1.79
C ASN EB 110 -85.29 108.17 -3.11
N GLU EB 111 -85.90 109.06 -3.90
CA GLU EB 111 -85.38 109.40 -5.22
C GLU EB 111 -83.90 109.79 -5.13
N ALA EB 112 -83.59 110.78 -4.29
CA ALA EB 112 -82.25 111.33 -4.26
C ALA EB 112 -81.22 110.29 -3.84
N LEU EB 113 -81.52 109.50 -2.81
CA LEU EB 113 -80.55 108.51 -2.35
C LEU EB 113 -80.27 107.47 -3.42
N TYR EB 114 -81.33 106.98 -4.08
CA TYR EB 114 -81.13 106.00 -5.14
C TYR EB 114 -80.35 106.60 -6.30
N GLY EB 115 -80.64 107.84 -6.66
CA GLY EB 115 -79.90 108.48 -7.74
C GLY EB 115 -78.43 108.63 -7.41
N LYS EB 116 -78.12 109.12 -6.21
CA LYS EB 116 -76.73 109.23 -5.80
C LYS EB 116 -76.10 107.86 -5.63
N LEU EB 117 -76.80 106.91 -5.01
CA LEU EB 117 -76.18 105.64 -4.66
C LEU EB 117 -75.76 104.87 -5.92
N ILE EB 118 -76.54 104.99 -7.00
CA ILE EB 118 -76.16 104.33 -8.24
C ILE EB 118 -74.85 104.91 -8.78
N GLY EB 119 -74.56 106.16 -8.45
CA GLY EB 119 -73.34 106.79 -8.94
C GLY EB 119 -72.10 106.46 -8.13
N TRP EB 120 -72.09 105.34 -7.42
CA TRP EB 120 -70.96 104.90 -6.62
C TRP EB 120 -70.54 105.91 -5.57
N GLU EB 121 -71.39 106.89 -5.27
CA GLU EB 121 -71.12 107.81 -4.17
C GLU EB 121 -71.02 107.02 -2.86
N SER EB 122 -69.99 107.31 -2.08
CA SER EB 122 -69.77 106.64 -0.81
C SER EB 122 -69.31 107.64 0.24
N ALA FB 1 -12.65 -131.78 -25.85
CA ALA FB 1 -13.93 -132.43 -26.27
C ALA FB 1 -14.99 -132.29 -25.18
N LEU FB 2 -15.06 -133.26 -24.26
CA LEU FB 2 -15.98 -133.31 -23.14
C LEU FB 2 -17.41 -133.62 -23.58
N GLY FB 3 -17.67 -133.68 -24.87
CA GLY FB 3 -18.99 -134.02 -25.38
C GLY FB 3 -19.79 -132.80 -25.79
N ASP FB 4 -20.65 -132.99 -26.79
CA ASP FB 4 -21.44 -131.87 -27.30
C ASP FB 4 -22.58 -131.53 -26.34
N THR FB 5 -23.22 -132.53 -25.74
CA THR FB 5 -24.35 -132.34 -24.86
C THR FB 5 -24.00 -132.74 -23.44
N LEU FB 6 -24.31 -131.87 -22.48
CA LEU FB 6 -24.07 -132.10 -21.07
C LEU FB 6 -25.39 -132.47 -20.39
N THR FB 7 -25.38 -133.56 -19.63
CA THR FB 7 -26.59 -134.11 -19.03
C THR FB 7 -26.57 -133.84 -17.53
N ILE FB 8 -27.68 -133.31 -17.02
CA ILE FB 8 -27.88 -133.06 -15.60
C ILE FB 8 -29.01 -133.97 -15.12
N THR FB 9 -28.74 -134.79 -14.12
CA THR FB 9 -29.71 -135.73 -13.57
C THR FB 9 -30.12 -135.24 -12.18
N LEU FB 10 -31.20 -134.46 -12.12
CA LEU FB 10 -31.64 -133.93 -10.84
C LEU FB 10 -32.07 -135.06 -9.91
N GLY FB 11 -31.70 -134.91 -8.64
CA GLY FB 11 -32.01 -135.91 -7.64
C GLY FB 11 -31.15 -137.15 -7.73
N GLY FB 12 -29.93 -137.02 -8.21
CA GLY FB 12 -29.01 -138.13 -8.23
C GLY FB 12 -29.45 -139.23 -9.18
N SER FB 13 -28.90 -140.41 -8.96
CA SER FB 13 -29.16 -141.54 -9.83
C SER FB 13 -30.64 -141.92 -9.76
N GLY FB 14 -31.21 -142.22 -10.93
CA GLY FB 14 -32.61 -142.60 -11.01
C GLY FB 14 -33.60 -141.45 -11.01
N GLY FB 15 -33.13 -140.20 -11.10
CA GLY FB 15 -34.00 -139.05 -11.09
C GLY FB 15 -34.36 -138.59 -12.50
N THR FB 16 -34.87 -137.37 -12.57
CA THR FB 16 -35.19 -136.73 -13.84
C THR FB 16 -33.93 -136.31 -14.56
N ALA FB 17 -33.95 -136.41 -15.89
CA ALA FB 17 -32.78 -136.13 -16.72
C ALA FB 17 -33.03 -134.89 -17.57
N LYS FB 18 -32.05 -133.99 -17.57
CA LYS FB 18 -31.99 -132.85 -18.48
C LYS FB 18 -30.75 -132.97 -19.35
N VAL FB 19 -30.89 -132.68 -20.64
CA VAL FB 19 -29.78 -132.72 -21.59
C VAL FB 19 -29.61 -131.33 -22.20
N LEU FB 20 -28.51 -130.65 -21.86
CA LEU FB 20 -28.22 -129.34 -22.40
C LEU FB 20 -27.51 -129.47 -23.74
N ARG FB 21 -27.19 -128.33 -24.35
CA ARG FB 21 -26.52 -128.28 -25.64
C ARG FB 21 -25.45 -127.19 -25.60
N LYS FB 22 -24.41 -127.35 -26.41
CA LYS FB 22 -23.35 -126.35 -26.48
C LYS FB 22 -23.76 -125.20 -27.38
N ILE FB 23 -23.49 -123.98 -26.94
CA ILE FB 23 -23.83 -122.79 -27.71
C ILE FB 23 -22.67 -121.84 -27.90
N ASN FB 24 -21.62 -121.88 -27.08
CA ASN FB 24 -20.53 -120.92 -27.22
C ASN FB 24 -19.32 -121.45 -26.46
N GLN FB 25 -18.15 -120.93 -26.84
CA GLN FB 25 -16.91 -121.24 -26.12
C GLN FB 25 -15.85 -120.24 -26.54
N ASP FB 26 -15.32 -119.49 -25.57
CA ASP FB 26 -14.26 -118.53 -25.85
C ASP FB 26 -13.39 -118.36 -24.61
N GLY FB 27 -12.10 -118.17 -24.83
CA GLY FB 27 -11.18 -117.93 -23.74
C GLY FB 27 -11.11 -119.08 -22.76
N TYR FB 28 -10.96 -120.30 -23.26
CA TYR FB 28 -10.86 -121.49 -22.42
C TYR FB 28 -12.09 -121.61 -21.53
N THR FB 29 -13.26 -121.58 -22.18
CA THR FB 29 -14.53 -121.59 -21.49
C THR FB 29 -15.57 -122.26 -22.38
N SER FB 30 -16.63 -122.78 -21.76
CA SER FB 30 -17.69 -123.45 -22.49
C SER FB 30 -19.04 -123.07 -21.91
N GLU FB 31 -20.07 -123.17 -22.76
CA GLU FB 31 -21.43 -122.76 -22.44
C GLU FB 31 -22.38 -123.91 -22.75
N TYR FB 32 -23.36 -124.12 -21.88
CA TYR FB 32 -24.39 -125.14 -22.07
C TYR FB 32 -25.71 -124.52 -21.66
N TYR FB 33 -26.78 -124.78 -22.42
CA TYR FB 33 -28.03 -124.07 -22.20
C TYR FB 33 -29.22 -124.94 -22.54
N LEU FB 34 -30.37 -124.64 -21.92
CA LEU FB 34 -31.64 -125.31 -22.21
C LEU FB 34 -32.82 -124.47 -21.73
N PRO FB 35 -33.81 -124.16 -22.59
CA PRO FB 35 -34.93 -123.33 -22.14
C PRO FB 35 -36.16 -124.11 -21.70
N GLU FB 36 -36.98 -123.48 -20.85
CA GLU FB 36 -38.23 -124.06 -20.38
C GLU FB 36 -39.29 -122.95 -20.36
N THR FB 37 -40.53 -123.34 -20.05
CA THR FB 37 -41.61 -122.36 -19.99
C THR FB 37 -41.42 -121.38 -18.85
N SER FB 38 -40.99 -121.85 -17.68
CA SER FB 38 -40.84 -121.00 -16.51
C SER FB 38 -39.42 -120.95 -15.96
N SER FB 39 -38.44 -121.52 -16.64
CA SER FB 39 -37.07 -121.50 -16.17
C SER FB 39 -36.14 -121.77 -17.35
N SER FB 40 -34.84 -121.73 -17.07
CA SER FB 40 -33.82 -121.98 -18.07
C SER FB 40 -32.60 -122.56 -17.36
N PHE FB 41 -31.78 -123.27 -18.11
CA PHE FB 41 -30.66 -124.02 -17.55
C PHE FB 41 -29.37 -123.56 -18.20
N ARG FB 42 -28.32 -123.45 -17.40
CA ARG FB 42 -27.01 -122.98 -17.85
C ARG FB 42 -25.92 -123.86 -17.25
N ALA FB 43 -24.79 -123.92 -17.94
CA ALA FB 43 -23.60 -124.58 -17.40
C ALA FB 43 -22.35 -123.92 -17.97
N LYS FB 44 -21.43 -123.56 -17.09
CA LYS FB 44 -20.16 -122.93 -17.43
C LYS FB 44 -19.01 -123.83 -16.99
N VAL FB 45 -18.00 -123.94 -17.84
CA VAL FB 45 -16.74 -124.61 -17.51
C VAL FB 45 -15.61 -123.64 -17.80
N ARG FB 46 -14.79 -123.37 -16.79
CA ARG FB 46 -13.71 -122.39 -16.90
C ARG FB 46 -12.37 -123.07 -16.66
N HIS FB 47 -11.34 -122.53 -17.30
CA HIS FB 47 -9.96 -122.89 -17.02
C HIS FB 47 -9.13 -121.61 -16.96
N THR FB 48 -8.31 -121.49 -15.93
CA THR FB 48 -7.49 -120.30 -15.73
C THR FB 48 -6.08 -120.70 -15.30
N LYS FB 49 -5.20 -119.70 -15.27
CA LYS FB 49 -3.82 -119.89 -14.84
C LYS FB 49 -3.37 -118.61 -14.16
N GLU FB 50 -3.10 -118.67 -12.85
CA GLU FB 50 -2.80 -117.46 -12.10
C GLU FB 50 -1.49 -116.83 -12.57
N SER FB 51 -1.25 -115.60 -12.11
CA SER FB 51 -0.14 -114.80 -12.58
C SER FB 51 1.19 -115.45 -12.22
N VAL FB 52 2.26 -114.91 -12.78
CA VAL FB 52 3.62 -115.41 -12.60
C VAL FB 52 4.40 -114.40 -11.77
N LYS FB 53 5.05 -114.89 -10.71
CA LYS FB 53 5.88 -114.06 -9.86
C LYS FB 53 7.33 -114.48 -10.01
N PRO FB 54 8.29 -113.69 -9.53
CA PRO FB 54 9.71 -114.05 -9.72
C PRO FB 54 10.03 -115.45 -9.23
N ASN FB 55 9.82 -115.73 -7.94
CA ASN FB 55 10.11 -117.05 -7.35
C ASN FB 55 8.90 -117.54 -6.52
N GLN FB 56 7.96 -118.17 -7.19
CA GLN FB 56 6.74 -118.69 -6.57
C GLN FB 56 6.31 -119.95 -7.32
N VAL FB 57 5.35 -120.66 -6.75
CA VAL FB 57 4.79 -121.85 -7.39
C VAL FB 57 3.67 -121.42 -8.33
N GLN FB 58 3.71 -121.90 -9.56
CA GLN FB 58 2.71 -121.54 -10.55
C GLN FB 58 1.56 -122.54 -10.50
N TYR FB 59 0.34 -122.02 -10.49
CA TYR FB 59 -0.86 -122.77 -10.17
C TYR FB 59 -1.87 -122.70 -11.31
N GLU FB 60 -2.69 -123.74 -11.41
CA GLU FB 60 -3.82 -123.78 -12.33
C GLU FB 60 -5.11 -123.98 -11.55
N ARG FB 61 -6.22 -123.53 -12.13
CA ARG FB 61 -7.51 -123.53 -11.47
C ARG FB 61 -8.57 -123.98 -12.47
N HIS FB 62 -9.53 -124.79 -12.01
CA HIS FB 62 -10.66 -125.22 -12.82
C HIS FB 62 -11.97 -125.01 -12.05
N ASN FB 63 -13.05 -124.75 -12.79
CA ASN FB 63 -14.35 -124.43 -12.22
C ASN FB 63 -15.46 -125.09 -13.05
N VAL FB 64 -16.50 -125.56 -12.37
CA VAL FB 64 -17.68 -126.13 -13.01
C VAL FB 64 -18.92 -125.54 -12.36
N GLU FB 65 -19.84 -125.04 -13.17
CA GLU FB 65 -20.92 -124.17 -12.71
C GLU FB 65 -22.27 -124.73 -13.16
N PHE FB 66 -23.23 -124.79 -12.23
CA PHE FB 66 -24.64 -124.99 -12.57
C PHE FB 66 -25.44 -123.80 -12.06
N THR FB 67 -26.33 -123.28 -12.90
CA THR FB 67 -27.18 -122.14 -12.57
C THR FB 67 -28.62 -122.50 -12.89
N GLU FB 68 -29.55 -121.98 -12.09
CA GLU FB 68 -30.97 -122.28 -12.22
C GLU FB 68 -31.75 -120.98 -12.04
N THR FB 69 -32.25 -120.41 -13.13
CA THR FB 69 -33.02 -119.18 -13.08
C THR FB 69 -34.50 -119.49 -13.26
N VAL FB 70 -35.33 -118.86 -12.42
CA VAL FB 70 -36.77 -119.03 -12.45
C VAL FB 70 -37.39 -117.68 -12.76
N TYR FB 71 -38.19 -117.64 -13.82
CA TYR FB 71 -38.74 -116.37 -14.29
C TYR FB 71 -39.77 -115.85 -13.29
N ALA FB 72 -39.80 -114.52 -13.14
CA ALA FB 72 -40.68 -113.91 -12.16
C ALA FB 72 -42.14 -114.14 -12.54
N SER FB 73 -42.93 -114.55 -11.56
CA SER FB 73 -44.35 -114.82 -11.74
C SER FB 73 -45.12 -114.15 -10.60
N GLY FB 74 -46.20 -113.46 -10.95
CA GLY FB 74 -46.95 -112.75 -9.94
C GLY FB 74 -46.09 -111.74 -9.21
N SER FB 75 -46.24 -111.68 -7.89
CA SER FB 75 -45.46 -110.74 -7.09
C SER FB 75 -44.02 -111.21 -6.89
N THR FB 76 -43.78 -112.51 -6.97
CA THR FB 76 -42.46 -113.05 -6.69
C THR FB 76 -41.47 -112.60 -7.76
N PRO FB 77 -40.38 -111.91 -7.41
CA PRO FB 77 -39.43 -111.48 -8.44
C PRO FB 77 -38.50 -112.58 -8.90
N GLU FB 78 -37.54 -112.21 -9.75
CA GLU FB 78 -36.53 -113.16 -10.22
C GLU FB 78 -35.65 -113.64 -9.06
N PHE FB 79 -35.26 -114.91 -9.13
CA PHE FB 79 -34.24 -115.44 -8.23
C PHE FB 79 -33.56 -116.60 -8.95
N VAL FB 80 -32.56 -117.19 -8.28
CA VAL FB 80 -31.65 -118.12 -8.94
C VAL FB 80 -31.16 -119.13 -7.90
N ARG FB 81 -30.92 -120.35 -8.36
CA ARG FB 81 -30.22 -121.37 -7.60
C ARG FB 81 -28.88 -121.66 -8.26
N GLN FB 82 -27.88 -122.02 -7.46
CA GLN FB 82 -26.52 -122.14 -7.97
C GLN FB 82 -25.73 -123.16 -7.17
N ALA FB 83 -24.85 -123.87 -7.85
CA ALA FB 83 -23.95 -124.82 -7.21
C ALA FB 83 -22.73 -125.03 -8.11
N TYR FB 84 -21.52 -124.93 -7.54
CA TYR FB 84 -20.33 -125.07 -8.36
C TYR FB 84 -19.15 -125.58 -7.52
N VAL FB 85 -18.12 -126.05 -8.23
CA VAL FB 85 -16.92 -126.62 -7.63
C VAL FB 85 -15.70 -126.01 -8.32
N VAL FB 86 -14.57 -126.01 -7.61
CA VAL FB 86 -13.32 -125.45 -8.11
C VAL FB 86 -12.19 -126.39 -7.72
N ILE FB 87 -11.14 -126.45 -8.56
CA ILE FB 87 -9.96 -127.26 -8.30
C ILE FB 87 -8.72 -126.44 -8.62
N ARG FB 88 -7.69 -126.54 -7.78
CA ARG FB 88 -6.41 -125.89 -8.03
C ARG FB 88 -5.26 -126.79 -7.63
N HIS FB 89 -4.14 -126.65 -8.34
CA HIS FB 89 -2.96 -127.50 -8.18
C HIS FB 89 -1.86 -126.91 -9.05
N LYS FB 90 -0.62 -127.36 -8.84
CA LYS FB 90 0.48 -126.79 -9.59
C LYS FB 90 0.51 -127.33 -11.02
N VAL FB 91 1.33 -126.69 -11.86
CA VAL FB 91 1.34 -127.01 -13.28
C VAL FB 91 1.85 -128.44 -13.50
N GLY FB 92 2.94 -128.81 -12.84
CA GLY FB 92 3.57 -130.09 -13.10
C GLY FB 92 3.20 -131.17 -12.12
N ASP FB 93 2.09 -131.00 -11.40
CA ASP FB 93 1.67 -131.99 -10.42
C ASP FB 93 1.35 -133.31 -11.11
N VAL FB 94 0.94 -134.29 -10.31
CA VAL FB 94 0.55 -135.59 -10.84
C VAL FB 94 -0.97 -135.65 -10.88
N SER FB 95 -1.51 -136.03 -12.04
CA SER FB 95 -2.95 -135.96 -12.25
C SER FB 95 -3.71 -136.91 -11.33
N ALA FB 96 -3.17 -138.12 -11.12
CA ALA FB 96 -3.91 -139.14 -10.37
C ALA FB 96 -4.22 -138.69 -8.95
N THR FB 97 -3.26 -138.05 -8.28
CA THR FB 97 -3.51 -137.61 -6.90
C THR FB 97 -4.60 -136.54 -6.84
N VAL FB 98 -4.57 -135.57 -7.76
CA VAL FB 98 -5.60 -134.54 -7.79
C VAL FB 98 -6.95 -135.18 -8.04
N SER FB 99 -7.00 -136.16 -8.95
CA SER FB 99 -8.24 -136.86 -9.23
C SER FB 99 -8.74 -137.59 -7.98
N ASP FB 100 -7.83 -138.22 -7.23
CA ASP FB 100 -8.24 -138.91 -6.01
C ASP FB 100 -8.81 -137.94 -4.98
N LEU FB 101 -8.17 -136.78 -4.81
CA LEU FB 101 -8.69 -135.80 -3.86
C LEU FB 101 -10.07 -135.31 -4.28
N GLY FB 102 -10.25 -134.99 -5.57
CA GLY FB 102 -11.55 -134.55 -6.04
C GLY FB 102 -12.60 -135.63 -5.88
N GLU FB 103 -12.21 -136.89 -6.13
CA GLU FB 103 -13.13 -138.00 -5.97
C GLU FB 103 -13.56 -138.17 -4.53
N ALA FB 104 -12.62 -138.01 -3.59
CA ALA FB 104 -12.97 -138.02 -2.17
C ALA FB 104 -13.97 -136.91 -1.85
N LEU FB 105 -13.72 -135.70 -2.37
CA LEU FB 105 -14.63 -134.59 -2.08
C LEU FB 105 -16.02 -134.88 -2.63
N SER FB 106 -16.11 -135.41 -3.85
CA SER FB 106 -17.40 -135.73 -4.43
C SER FB 106 -18.10 -136.82 -3.63
N PHE FB 107 -17.37 -137.84 -3.20
CA PHE FB 107 -17.97 -138.93 -2.42
C PHE FB 107 -18.49 -138.44 -1.08
N TYR FB 108 -17.77 -137.53 -0.43
CA TYR FB 108 -18.20 -137.05 0.88
C TYR FB 108 -19.54 -136.34 0.80
N LEU FB 109 -19.74 -135.53 -0.24
CA LEU FB 109 -20.99 -134.80 -0.39
C LEU FB 109 -22.12 -135.78 -0.64
N ASN FB 110 -23.24 -135.58 0.06
CA ASN FB 110 -24.31 -136.55 0.05
C ASN FB 110 -25.62 -135.89 0.47
N GLU FB 111 -26.73 -136.57 0.17
CA GLU FB 111 -28.04 -136.02 0.51
C GLU FB 111 -28.19 -135.82 2.01
N ALA FB 112 -27.81 -136.81 2.81
CA ALA FB 112 -27.86 -136.62 4.26
C ALA FB 112 -26.98 -135.45 4.68
N LEU FB 113 -25.74 -135.41 4.17
CA LEU FB 113 -24.84 -134.31 4.48
C LEU FB 113 -25.40 -132.99 3.96
N TYR FB 114 -26.01 -133.01 2.78
CA TYR FB 114 -26.57 -131.77 2.24
C TYR FB 114 -27.70 -131.25 3.11
N GLY FB 115 -28.59 -132.14 3.56
CA GLY FB 115 -29.66 -131.71 4.46
C GLY FB 115 -29.12 -131.15 5.76
N LYS FB 116 -28.10 -131.80 6.33
CA LYS FB 116 -27.46 -131.24 7.52
C LYS FB 116 -26.81 -129.90 7.23
N LEU FB 117 -26.22 -129.74 6.05
CA LEU FB 117 -25.52 -128.52 5.71
C LEU FB 117 -26.48 -127.34 5.59
N ILE FB 118 -27.63 -127.55 4.95
CA ILE FB 118 -28.61 -126.47 4.83
C ILE FB 118 -29.17 -126.11 6.20
N GLY FB 119 -29.05 -127.00 7.18
CA GLY FB 119 -29.50 -126.72 8.53
C GLY FB 119 -28.58 -125.80 9.32
N TRP FB 120 -27.62 -125.15 8.65
CA TRP FB 120 -26.70 -124.23 9.31
C TRP FB 120 -25.94 -124.91 10.44
N GLU FB 121 -25.43 -126.10 10.19
CA GLU FB 121 -24.61 -126.81 11.16
C GLU FB 121 -23.14 -126.57 10.83
N SER FB 122 -22.40 -125.99 11.77
CA SER FB 122 -20.99 -125.70 11.54
C SER FB 122 -20.13 -126.88 11.96
N ALA GB 1 -11.20 -125.59 -39.20
CA ALA GB 1 -11.92 -126.82 -39.60
C ALA GB 1 -10.95 -127.99 -39.79
N LEU GB 2 -9.74 -127.85 -39.24
CA LEU GB 2 -8.75 -128.92 -39.39
C LEU GB 2 -9.23 -130.20 -38.73
N GLY GB 3 -9.93 -130.09 -37.60
CA GLY GB 3 -10.42 -131.22 -36.83
C GLY GB 3 -10.29 -130.94 -35.35
N ASP GB 4 -10.60 -131.94 -34.53
CA ASP GB 4 -10.55 -131.79 -33.09
C ASP GB 4 -9.31 -132.42 -32.46
N THR GB 5 -8.56 -133.24 -33.20
CA THR GB 5 -7.30 -133.78 -32.73
C THR GB 5 -6.21 -133.51 -33.75
N LEU GB 6 -5.02 -133.20 -33.23
CA LEU GB 6 -3.84 -132.90 -34.03
C LEU GB 6 -2.75 -133.90 -33.63
N THR GB 7 -2.12 -134.53 -34.62
CA THR GB 7 -1.12 -135.55 -34.38
C THR GB 7 0.27 -134.97 -34.65
N ILE GB 8 1.16 -135.10 -33.66
CA ILE GB 8 2.56 -134.73 -33.79
C ILE GB 8 3.38 -136.01 -33.70
N THR GB 9 4.15 -136.31 -34.75
CA THR GB 9 4.94 -137.52 -34.87
C THR GB 9 6.41 -137.15 -34.66
N LEU GB 10 6.89 -137.30 -33.42
CA LEU GB 10 8.27 -136.95 -33.12
C LEU GB 10 9.23 -137.80 -33.93
N GLY GB 11 10.33 -137.17 -34.37
CA GLY GB 11 11.32 -137.88 -35.14
C GLY GB 11 10.93 -138.17 -36.57
N GLY GB 12 10.11 -137.33 -37.17
CA GLY GB 12 9.71 -137.55 -38.54
C GLY GB 12 8.73 -138.70 -38.65
N SER GB 13 8.74 -139.34 -39.81
CA SER GB 13 7.87 -140.49 -40.06
C SER GB 13 8.32 -141.74 -39.31
N GLY GB 14 9.27 -141.65 -38.39
CA GLY GB 14 9.75 -142.82 -37.66
C GLY GB 14 8.72 -143.39 -36.70
N GLY GB 15 8.39 -142.64 -35.65
CA GLY GB 15 7.46 -143.13 -34.67
C GLY GB 15 7.19 -142.08 -33.61
N THR GB 16 6.76 -142.54 -32.44
CA THR GB 16 6.51 -141.67 -31.29
C THR GB 16 5.47 -140.60 -31.64
N ALA GB 17 4.25 -141.07 -31.90
CA ALA GB 17 3.15 -140.20 -32.28
C ALA GB 17 2.36 -139.78 -31.05
N LYS GB 18 2.21 -138.46 -30.87
CA LYS GB 18 1.38 -137.89 -29.82
C LYS GB 18 0.13 -137.27 -30.47
N VAL GB 19 -0.97 -137.27 -29.72
CA VAL GB 19 -2.24 -136.73 -30.19
C VAL GB 19 -2.71 -135.68 -29.20
N LEU GB 20 -2.91 -134.45 -29.68
CA LEU GB 20 -3.46 -133.38 -28.86
C LEU GB 20 -4.94 -133.22 -29.14
N ARG GB 21 -5.60 -132.45 -28.28
CA ARG GB 21 -7.05 -132.25 -28.33
C ARG GB 21 -7.35 -130.76 -28.40
N LYS GB 22 -8.39 -130.40 -29.15
CA LYS GB 22 -8.78 -129.00 -29.24
C LYS GB 22 -9.24 -128.49 -27.88
N ILE GB 23 -8.80 -127.27 -27.56
CA ILE GB 23 -9.11 -126.64 -26.28
C ILE GB 23 -9.74 -125.27 -26.41
N ASN GB 24 -9.48 -124.53 -27.49
CA ASN GB 24 -9.99 -123.17 -27.64
C ASN GB 24 -10.02 -122.86 -29.13
N GLN GB 25 -10.86 -121.91 -29.51
CA GLN GB 25 -10.84 -121.44 -30.88
C GLN GB 25 -11.46 -120.04 -30.91
N ASP GB 26 -10.62 -119.03 -31.03
CA ASP GB 26 -11.04 -117.64 -30.99
C ASP GB 26 -10.25 -116.83 -32.01
N GLY GB 27 -10.88 -115.78 -32.53
CA GLY GB 27 -10.17 -114.85 -33.40
C GLY GB 27 -9.52 -115.49 -34.61
N TYR GB 28 -10.24 -116.40 -35.28
CA TYR GB 28 -9.73 -117.03 -36.49
C TYR GB 28 -8.50 -117.89 -36.21
N THR GB 29 -8.31 -118.31 -34.96
CA THR GB 29 -7.13 -119.06 -34.55
C THR GB 29 -7.54 -120.30 -33.79
N SER GB 30 -6.73 -121.35 -33.88
CA SER GB 30 -6.91 -122.56 -33.09
C SER GB 30 -5.63 -122.90 -32.34
N GLU GB 31 -5.73 -123.88 -31.44
CA GLU GB 31 -4.69 -124.15 -30.46
C GLU GB 31 -5.02 -125.46 -29.74
N TYR GB 32 -4.00 -126.28 -29.53
CA TYR GB 32 -4.18 -127.64 -29.02
C TYR GB 32 -3.25 -127.85 -27.82
N TYR GB 33 -3.54 -128.87 -27.03
CA TYR GB 33 -2.76 -129.14 -25.83
C TYR GB 33 -2.82 -130.62 -25.46
N LEU GB 34 -1.77 -131.09 -24.79
CA LEU GB 34 -1.68 -132.46 -24.28
C LEU GB 34 -0.66 -132.54 -23.14
N PRO GB 35 -1.07 -132.87 -21.92
CA PRO GB 35 -0.10 -133.01 -20.83
C PRO GB 35 0.37 -134.43 -20.60
N GLU GB 36 1.54 -134.53 -19.96
CA GLU GB 36 2.13 -135.81 -19.58
C GLU GB 36 2.90 -135.61 -18.27
N THR GB 37 3.65 -136.65 -17.86
CA THR GB 37 4.33 -136.60 -16.57
C THR GB 37 5.44 -135.56 -16.55
N SER GB 38 6.34 -135.59 -17.54
CA SER GB 38 7.54 -134.78 -17.52
C SER GB 38 7.57 -133.69 -18.58
N SER GB 39 6.61 -133.66 -19.50
CA SER GB 39 6.58 -132.64 -20.52
C SER GB 39 5.17 -132.50 -21.06
N SER GB 40 4.91 -131.38 -21.72
CA SER GB 40 3.60 -131.04 -22.26
C SER GB 40 3.75 -130.60 -23.70
N PHE GB 41 2.73 -130.88 -24.51
CA PHE GB 41 2.72 -130.51 -25.92
C PHE GB 41 1.62 -129.49 -26.19
N ARG GB 42 1.95 -128.51 -27.02
CA ARG GB 42 1.06 -127.42 -27.39
C ARG GB 42 1.29 -127.08 -28.86
N ALA GB 43 0.21 -126.81 -29.58
CA ALA GB 43 0.27 -126.45 -31.00
C ALA GB 43 -0.85 -125.47 -31.29
N LYS GB 44 -0.60 -124.54 -32.22
CA LYS GB 44 -1.63 -123.56 -32.54
C LYS GB 44 -1.48 -123.08 -33.97
N VAL GB 45 -2.60 -122.63 -34.53
CA VAL GB 45 -2.68 -122.07 -35.87
C VAL GB 45 -3.39 -120.74 -35.79
N ARG GB 46 -2.84 -119.72 -36.45
CA ARG GB 46 -3.45 -118.41 -36.51
C ARG GB 46 -3.39 -117.87 -37.94
N HIS GB 47 -4.29 -116.93 -38.23
CA HIS GB 47 -4.32 -116.23 -39.51
C HIS GB 47 -4.52 -114.75 -39.25
N THR GB 48 -3.99 -113.90 -40.14
CA THR GB 48 -4.15 -112.45 -39.96
C THR GB 48 -3.89 -111.72 -41.27
N LYS GB 49 -4.31 -110.45 -41.27
CA LYS GB 49 -4.11 -109.52 -42.39
C LYS GB 49 -3.22 -108.38 -41.92
N GLU GB 50 -2.20 -108.04 -42.70
CA GLU GB 50 -1.25 -107.02 -42.28
C GLU GB 50 -1.90 -105.64 -42.32
N SER GB 51 -1.41 -104.75 -41.47
CA SER GB 51 -2.00 -103.41 -41.36
C SER GB 51 -1.91 -102.68 -42.69
N VAL GB 52 -3.05 -102.17 -43.15
CA VAL GB 52 -3.08 -101.48 -44.44
C VAL GB 52 -2.23 -100.22 -44.37
N LYS GB 53 -1.48 -99.96 -45.45
CA LYS GB 53 -0.69 -98.76 -45.59
C LYS GB 53 -0.99 -98.20 -46.97
N PRO GB 54 -1.21 -96.89 -47.10
CA PRO GB 54 -1.83 -96.38 -48.33
C PRO GB 54 -1.04 -96.76 -49.59
N ASN GB 55 -1.74 -96.76 -50.72
CA ASN GB 55 -1.22 -96.96 -52.06
C ASN GB 55 -0.09 -97.98 -52.11
N GLN GB 56 -0.32 -99.17 -51.56
CA GLN GB 56 0.60 -100.29 -51.72
C GLN GB 56 -0.15 -101.60 -51.52
N VAL GB 57 0.49 -102.70 -51.91
CA VAL GB 57 -0.14 -104.01 -51.99
C VAL GB 57 -0.49 -104.53 -50.60
N GLN GB 58 -1.42 -105.49 -50.54
CA GLN GB 58 -1.88 -106.09 -49.30
C GLN GB 58 -1.47 -107.56 -49.26
N TYR GB 59 -0.99 -108.01 -48.10
CA TYR GB 59 -0.48 -109.36 -47.95
C TYR GB 59 -1.29 -110.13 -46.91
N GLU GB 60 -1.27 -111.44 -47.03
CA GLU GB 60 -1.98 -112.35 -46.13
C GLU GB 60 -0.99 -113.30 -45.48
N ARG GB 61 -1.08 -113.47 -44.17
CA ARG GB 61 -0.07 -114.17 -43.38
C ARG GB 61 -0.68 -115.39 -42.71
N HIS GB 62 0.08 -116.50 -42.69
CA HIS GB 62 -0.30 -117.71 -41.98
C HIS GB 62 0.87 -118.21 -41.16
N ASN GB 63 0.59 -118.69 -39.95
CA ASN GB 63 1.63 -119.18 -39.05
C ASN GB 63 1.12 -120.41 -38.30
N VAL GB 64 2.06 -121.26 -37.89
CA VAL GB 64 1.75 -122.47 -37.12
C VAL GB 64 3.00 -122.88 -36.35
N GLU GB 65 2.82 -123.31 -35.10
CA GLU GB 65 3.95 -123.61 -34.23
C GLU GB 65 3.69 -124.90 -33.44
N PHE GB 66 4.77 -125.59 -33.11
CA PHE GB 66 4.80 -126.61 -32.06
C PHE GB 66 5.69 -126.14 -30.92
N THR GB 67 5.30 -126.49 -29.70
CA THR GB 67 5.99 -126.05 -28.49
C THR GB 67 6.13 -127.21 -27.54
N GLU GB 68 7.27 -127.26 -26.83
CA GLU GB 68 7.53 -128.26 -25.81
C GLU GB 68 7.96 -127.56 -24.53
N THR GB 69 7.47 -128.06 -23.39
CA THR GB 69 7.88 -127.57 -22.08
C THR GB 69 8.33 -128.75 -21.23
N VAL GB 70 9.46 -128.59 -20.55
CA VAL GB 70 10.04 -129.62 -19.69
C VAL GB 70 10.02 -129.10 -18.27
N TYR GB 71 9.36 -129.84 -17.37
CA TYR GB 71 9.20 -129.38 -16.01
C TYR GB 71 10.52 -129.40 -15.26
N ALA GB 72 10.61 -128.56 -14.24
CA ALA GB 72 11.81 -128.48 -13.42
C ALA GB 72 12.07 -129.81 -12.74
N SER GB 73 13.34 -130.22 -12.74
CA SER GB 73 13.76 -131.46 -12.10
C SER GB 73 15.08 -131.19 -11.39
N GLY GB 74 15.14 -131.48 -10.10
CA GLY GB 74 16.33 -131.16 -9.32
C GLY GB 74 16.55 -129.65 -9.31
N SER GB 75 17.78 -129.25 -9.63
CA SER GB 75 18.13 -127.84 -9.70
C SER GB 75 17.97 -127.25 -11.10
N THR GB 76 17.63 -128.07 -12.09
CA THR GB 76 17.43 -127.57 -13.45
C THR GB 76 16.11 -126.80 -13.55
N PRO GB 77 16.11 -125.54 -13.99
CA PRO GB 77 14.85 -124.82 -14.11
C PRO GB 77 14.09 -125.17 -15.38
N GLU GB 78 13.01 -124.43 -15.65
CA GLU GB 78 12.16 -124.69 -16.80
C GLU GB 78 12.88 -124.32 -18.09
N PHE GB 79 12.51 -125.01 -19.17
CA PHE GB 79 12.96 -124.63 -20.51
C PHE GB 79 12.02 -125.24 -21.54
N VAL GB 80 12.04 -124.68 -22.74
CA VAL GB 80 11.07 -125.02 -23.78
C VAL GB 80 11.81 -125.34 -25.08
N ARG GB 81 11.05 -125.91 -26.03
CA ARG GB 81 11.56 -126.23 -27.36
C ARG GB 81 10.45 -125.96 -28.38
N GLN GB 82 10.68 -124.99 -29.26
CA GLN GB 82 9.65 -124.45 -30.13
C GLN GB 82 10.17 -124.37 -31.56
N ALA GB 83 9.27 -124.54 -32.53
CA ALA GB 83 9.61 -124.44 -33.94
C ALA GB 83 8.36 -124.09 -34.73
N TYR GB 84 8.44 -123.06 -35.57
CA TYR GB 84 7.26 -122.53 -36.25
C TYR GB 84 7.62 -122.09 -37.66
N VAL GB 85 6.57 -121.98 -38.50
CA VAL GB 85 6.70 -121.54 -39.88
C VAL GB 85 5.69 -120.43 -40.13
N VAL GB 86 6.03 -119.53 -41.06
CA VAL GB 86 5.18 -118.39 -41.41
C VAL GB 86 5.17 -118.25 -42.92
N ILE GB 87 4.00 -117.96 -43.48
CA ILE GB 87 3.82 -117.77 -44.92
C ILE GB 87 3.06 -116.47 -45.14
N ARG GB 88 3.56 -115.63 -46.06
CA ARG GB 88 2.91 -114.37 -46.38
C ARG GB 88 2.88 -114.19 -47.89
N HIS GB 89 1.73 -113.78 -48.42
CA HIS GB 89 1.57 -113.57 -49.86
C HIS GB 89 0.47 -112.53 -50.09
N LYS GB 90 0.46 -111.95 -51.28
CA LYS GB 90 -0.46 -110.86 -51.55
C LYS GB 90 -1.90 -111.37 -51.59
N VAL GB 91 -2.82 -110.51 -51.19
CA VAL GB 91 -4.24 -110.85 -51.26
C VAL GB 91 -4.63 -111.08 -52.72
N GLY GB 92 -5.15 -112.27 -53.00
CA GLY GB 92 -5.62 -112.58 -54.34
C GLY GB 92 -4.61 -113.25 -55.25
N ASP GB 93 -3.52 -113.78 -54.71
CA ASP GB 93 -2.54 -114.48 -55.52
C ASP GB 93 -3.04 -115.87 -55.88
N VAL GB 94 -2.30 -116.55 -56.75
CA VAL GB 94 -2.65 -117.90 -57.17
C VAL GB 94 -2.22 -118.89 -56.09
N SER GB 95 -3.16 -119.69 -55.61
CA SER GB 95 -2.91 -120.49 -54.41
C SER GB 95 -1.88 -121.58 -54.65
N ALA GB 96 -1.98 -122.29 -55.78
CA ALA GB 96 -1.16 -123.49 -55.98
C ALA GB 96 0.31 -123.14 -56.14
N THR GB 97 0.61 -122.11 -56.95
CA THR GB 97 1.99 -121.65 -57.07
C THR GB 97 2.53 -121.20 -55.72
N VAL GB 98 1.71 -120.48 -54.94
CA VAL GB 98 2.15 -120.04 -53.61
C VAL GB 98 2.43 -121.25 -52.73
N SER GB 99 1.68 -122.33 -52.91
CA SER GB 99 1.94 -123.55 -52.15
C SER GB 99 3.24 -124.22 -52.58
N ASP GB 100 3.55 -124.16 -53.87
CA ASP GB 100 4.75 -124.81 -54.38
C ASP GB 100 5.99 -124.30 -53.63
N LEU GB 101 6.10 -122.98 -53.51
CA LEU GB 101 6.97 -122.42 -52.49
C LEU GB 101 6.35 -122.70 -51.13
N GLY GB 102 7.20 -122.99 -50.16
CA GLY GB 102 6.71 -123.54 -48.92
C GLY GB 102 6.75 -125.05 -48.94
N GLU GB 103 6.14 -125.67 -49.96
CA GLU GB 103 6.34 -127.11 -50.13
C GLU GB 103 7.79 -127.42 -50.44
N ALA GB 104 8.43 -126.59 -51.25
CA ALA GB 104 9.86 -126.73 -51.50
C ALA GB 104 10.66 -126.58 -50.21
N LEU GB 105 10.29 -125.61 -49.36
CA LEU GB 105 10.96 -125.43 -48.09
C LEU GB 105 10.82 -126.67 -47.22
N SER GB 106 9.62 -127.24 -47.18
CA SER GB 106 9.41 -128.47 -46.42
C SER GB 106 10.28 -129.60 -46.94
N PHE GB 107 10.39 -129.72 -48.26
CA PHE GB 107 11.20 -130.79 -48.84
C PHE GB 107 12.68 -130.59 -48.53
N TYR GB 108 13.15 -129.34 -48.53
CA TYR GB 108 14.56 -129.07 -48.30
C TYR GB 108 15.00 -129.50 -46.91
N LEU GB 109 14.27 -129.06 -45.88
CA LEU GB 109 14.67 -129.32 -44.51
C LEU GB 109 14.49 -130.81 -44.21
N ASN GB 110 15.50 -131.43 -43.64
CA ASN GB 110 15.45 -132.85 -43.29
C ASN GB 110 16.45 -133.10 -42.17
N GLU GB 111 16.63 -134.39 -41.83
CA GLU GB 111 17.39 -134.75 -40.63
C GLU GB 111 18.82 -134.22 -40.69
N ALA GB 112 19.48 -134.39 -41.83
CA ALA GB 112 20.89 -134.01 -41.93
C ALA GB 112 21.08 -132.51 -41.70
N LEU GB 113 20.22 -131.68 -42.29
CA LEU GB 113 20.45 -130.25 -42.26
C LEU GB 113 20.10 -129.62 -40.91
N TYR GB 114 19.15 -130.20 -40.17
CA TYR GB 114 18.88 -129.68 -38.84
C TYR GB 114 20.12 -129.77 -37.96
N GLY GB 115 20.91 -130.83 -38.12
CA GLY GB 115 22.15 -130.92 -37.37
C GLY GB 115 23.10 -129.77 -37.68
N LYS GB 116 23.23 -129.43 -38.97
CA LYS GB 116 24.11 -128.32 -39.34
C LYS GB 116 23.61 -127.00 -38.77
N LEU GB 117 22.30 -126.76 -38.82
CA LEU GB 117 21.77 -125.55 -38.17
C LEU GB 117 22.06 -125.55 -36.67
N ILE GB 118 21.95 -126.71 -36.02
CA ILE GB 118 22.28 -126.79 -34.60
C ILE GB 118 23.74 -126.47 -34.38
N GLY GB 119 24.59 -126.83 -35.33
CA GLY GB 119 26.01 -126.56 -35.26
C GLY GB 119 26.45 -125.17 -35.65
N TRP GB 120 25.52 -124.23 -35.85
CA TRP GB 120 25.77 -122.86 -36.29
C TRP GB 120 26.37 -122.81 -37.68
N GLU GB 121 26.45 -123.92 -38.40
CA GLU GB 121 26.98 -123.92 -39.75
C GLU GB 121 26.05 -123.17 -40.69
N SER GB 122 26.64 -122.40 -41.61
CA SER GB 122 25.87 -121.64 -42.58
C SER GB 122 26.40 -121.88 -43.99
N ALA HB 1 -22.65 -125.45 -32.83
CA ALA HB 1 -22.78 -126.92 -32.69
C ALA HB 1 -23.49 -127.52 -33.91
N LEU HB 2 -23.55 -126.76 -35.01
CA LEU HB 2 -24.14 -127.30 -36.23
C LEU HB 2 -23.26 -128.37 -36.84
N GLY HB 3 -21.96 -128.13 -36.90
CA GLY HB 3 -21.03 -129.06 -37.54
C GLY HB 3 -20.03 -128.32 -38.39
N ASP HB 4 -18.84 -128.92 -38.60
CA ASP HB 4 -17.80 -128.21 -39.32
C ASP HB 4 -18.09 -128.05 -40.81
N THR HB 5 -19.13 -128.71 -41.34
CA THR HB 5 -19.52 -128.52 -42.74
C THR HB 5 -20.98 -128.10 -42.82
N LEU HB 6 -21.25 -127.06 -43.60
CA LEU HB 6 -22.60 -126.61 -43.92
C LEU HB 6 -22.81 -126.74 -45.42
N THR HB 7 -23.89 -127.40 -45.82
CA THR HB 7 -24.12 -127.73 -47.23
C THR HB 7 -25.20 -126.81 -47.80
N ILE HB 8 -24.88 -126.20 -48.94
CA ILE HB 8 -25.82 -125.37 -49.69
C ILE HB 8 -26.01 -126.01 -51.06
N THR HB 9 -27.27 -126.25 -51.44
CA THR HB 9 -27.62 -126.83 -52.73
C THR HB 9 -28.24 -125.73 -53.59
N LEU HB 10 -27.44 -125.13 -54.45
CA LEU HB 10 -27.97 -124.11 -55.35
C LEU HB 10 -29.04 -124.71 -56.24
N GLY HB 11 -30.13 -123.97 -56.41
CA GLY HB 11 -31.24 -124.46 -57.19
C GLY HB 11 -32.19 -125.37 -56.46
N GLY HB 12 -32.16 -125.37 -55.13
CA GLY HB 12 -33.08 -126.20 -54.38
C GLY HB 12 -32.73 -127.68 -54.51
N SER HB 13 -33.74 -128.50 -54.29
CA SER HB 13 -33.55 -129.94 -54.36
C SER HB 13 -33.10 -130.37 -55.75
N GLY HB 14 -32.15 -131.29 -55.81
CA GLY HB 14 -31.65 -131.81 -57.07
C GLY HB 14 -30.62 -130.95 -57.75
N GLY HB 15 -30.07 -129.94 -57.08
CA GLY HB 15 -29.14 -129.00 -57.68
C GLY HB 15 -27.69 -129.38 -57.50
N THR HB 16 -26.84 -128.36 -57.51
CA THR HB 16 -25.40 -128.51 -57.28
C THR HB 16 -25.10 -128.19 -55.82
N ALA HB 17 -24.31 -129.05 -55.18
CA ALA HB 17 -24.03 -128.91 -53.76
C ALA HB 17 -22.69 -128.21 -53.54
N LYS HB 18 -22.67 -127.33 -52.55
CA LYS HB 18 -21.45 -126.64 -52.12
C LYS HB 18 -21.29 -126.86 -50.62
N VAL HB 19 -20.08 -127.21 -50.20
CA VAL HB 19 -19.81 -127.59 -48.82
C VAL HB 19 -18.92 -126.52 -48.19
N LEU HB 20 -19.53 -125.62 -47.42
CA LEU HB 20 -18.78 -124.62 -46.69
C LEU HB 20 -18.13 -125.23 -45.45
N ARG HB 21 -17.06 -124.61 -45.00
CA ARG HB 21 -16.27 -125.09 -43.88
C ARG HB 21 -16.33 -124.09 -42.72
N LYS HB 22 -16.45 -124.59 -41.49
CA LYS HB 22 -16.42 -123.70 -40.35
C LYS HB 22 -15.05 -123.07 -40.21
N ILE HB 23 -15.03 -121.78 -39.87
CA ILE HB 23 -13.77 -121.05 -39.74
C ILE HB 23 -13.64 -120.46 -38.34
N ASN HB 24 -14.77 -120.11 -37.72
CA ASN HB 24 -14.72 -119.35 -36.48
C ASN HB 24 -16.12 -119.14 -35.94
N GLN HB 25 -16.20 -118.91 -34.64
CA GLN HB 25 -17.44 -118.56 -33.97
C GLN HB 25 -17.12 -118.01 -32.58
N ASP HB 26 -17.41 -116.73 -32.36
CA ASP HB 26 -17.06 -116.07 -31.10
C ASP HB 26 -18.28 -115.60 -30.32
N GLY HB 27 -19.12 -114.75 -30.89
CA GLY HB 27 -20.17 -114.11 -30.12
C GLY HB 27 -21.52 -114.78 -30.25
N TYR HB 28 -21.57 -116.09 -30.00
CA TYR HB 28 -22.74 -116.92 -30.29
C TYR HB 28 -23.02 -117.02 -31.78
N THR HB 29 -22.13 -116.52 -32.62
CA THR HB 29 -22.34 -116.44 -34.06
C THR HB 29 -21.37 -117.35 -34.78
N SER HB 30 -21.88 -118.25 -35.60
CA SER HB 30 -21.05 -119.06 -36.47
C SER HB 30 -20.95 -118.43 -37.87
N GLU HB 31 -19.93 -118.85 -38.62
CA GLU HB 31 -19.82 -118.45 -40.02
C GLU HB 31 -18.91 -119.42 -40.75
N TYR HB 32 -19.28 -119.72 -42.01
CA TYR HB 32 -18.59 -120.70 -42.84
C TYR HB 32 -18.02 -120.01 -44.07
N TYR HB 33 -17.06 -120.65 -44.73
CA TYR HB 33 -16.43 -120.06 -45.91
C TYR HB 33 -16.05 -121.15 -46.88
N LEU HB 34 -16.01 -120.80 -48.15
CA LEU HB 34 -15.51 -121.68 -49.20
C LEU HB 34 -14.98 -120.86 -50.37
N PRO HB 35 -13.68 -120.94 -50.66
CA PRO HB 35 -13.14 -120.21 -51.80
C PRO HB 35 -13.21 -120.97 -53.11
N GLU HB 36 -13.13 -120.22 -54.21
CA GLU HB 36 -13.35 -120.75 -55.54
C GLU HB 36 -12.77 -119.75 -56.54
N THR HB 37 -12.40 -120.25 -57.73
CA THR HB 37 -11.58 -119.46 -58.64
C THR HB 37 -12.32 -118.23 -59.17
N SER HB 38 -13.63 -118.33 -59.39
CA SER HB 38 -14.42 -117.23 -59.90
C SER HB 38 -15.33 -116.58 -58.85
N SER HB 39 -15.56 -117.24 -57.73
CA SER HB 39 -16.40 -116.67 -56.69
C SER HB 39 -16.04 -117.35 -55.37
N SER HB 40 -16.88 -117.13 -54.35
CA SER HB 40 -16.66 -117.67 -53.01
C SER HB 40 -17.98 -117.63 -52.25
N PHE HB 41 -18.20 -118.63 -51.40
CA PHE HB 41 -19.41 -118.73 -50.61
C PHE HB 41 -19.11 -118.54 -49.14
N ARG HB 42 -19.97 -117.77 -48.48
CA ARG HB 42 -19.77 -117.40 -47.09
C ARG HB 42 -21.12 -117.32 -46.40
N ALA HB 43 -21.26 -118.04 -45.29
CA ALA HB 43 -22.51 -118.09 -44.54
C ALA HB 43 -22.26 -117.72 -43.08
N LYS HB 44 -23.28 -117.17 -42.43
CA LYS HB 44 -23.22 -116.75 -41.04
C LYS HB 44 -24.47 -117.19 -40.30
N VAL HB 45 -24.34 -117.35 -38.99
CA VAL HB 45 -25.46 -117.57 -38.08
C VAL HB 45 -25.24 -116.70 -36.84
N ARG HB 46 -26.33 -116.16 -36.30
CA ARG HB 46 -26.23 -115.25 -35.16
C ARG HB 46 -27.46 -115.41 -34.27
N HIS HB 47 -27.26 -115.15 -32.97
CA HIS HB 47 -28.35 -115.02 -32.01
C HIS HB 47 -28.09 -113.80 -31.12
N THR HB 48 -29.17 -113.21 -30.63
CA THR HB 48 -29.13 -112.04 -29.75
C THR HB 48 -30.45 -111.93 -29.01
N LYS HB 49 -30.47 -111.08 -27.99
CA LYS HB 49 -31.70 -110.71 -27.30
C LYS HB 49 -31.72 -109.20 -27.07
N GLU HB 50 -32.93 -108.64 -27.00
CA GLU HB 50 -33.08 -107.20 -26.89
C GLU HB 50 -32.84 -106.73 -25.46
N SER HB 51 -32.70 -105.42 -25.31
CA SER HB 51 -32.47 -104.83 -24.00
C SER HB 51 -33.69 -104.98 -23.11
N VAL HB 52 -33.44 -105.11 -21.81
CA VAL HB 52 -34.52 -105.27 -20.84
C VAL HB 52 -35.05 -103.90 -20.45
N LYS HB 53 -36.36 -103.73 -20.57
CA LYS HB 53 -37.03 -102.50 -20.16
C LYS HB 53 -38.07 -102.81 -19.12
N PRO HB 54 -38.39 -101.85 -18.24
CA PRO HB 54 -39.43 -102.08 -17.24
C PRO HB 54 -40.77 -102.36 -17.89
N ASN HB 55 -41.53 -103.26 -17.27
CA ASN HB 55 -42.88 -103.62 -17.69
C ASN HB 55 -43.03 -103.71 -19.20
N GLN HB 56 -42.05 -104.34 -19.85
CA GLN HB 56 -42.12 -104.65 -21.28
C GLN HB 56 -41.75 -106.11 -21.49
N VAL HB 57 -42.26 -106.69 -22.56
CA VAL HB 57 -42.00 -108.08 -22.90
C VAL HB 57 -40.63 -108.20 -23.55
N GLN HB 58 -39.83 -109.17 -23.10
CA GLN HB 58 -38.48 -109.36 -23.61
C GLN HB 58 -38.49 -110.36 -24.77
N TYR HB 59 -37.77 -110.04 -25.83
CA TYR HB 59 -37.78 -110.80 -27.07
C TYR HB 59 -36.36 -111.23 -27.43
N GLU HB 60 -36.27 -112.18 -28.36
CA GLU HB 60 -34.99 -112.65 -28.89
C GLU HB 60 -35.07 -112.80 -30.40
N ARG HB 61 -33.93 -112.57 -31.06
CA ARG HB 61 -33.82 -112.59 -32.52
C ARG HB 61 -32.86 -113.69 -32.93
N HIS HB 62 -33.27 -114.52 -33.88
CA HIS HB 62 -32.38 -115.44 -34.58
C HIS HB 62 -32.30 -115.06 -36.05
N ASN HB 63 -31.11 -115.20 -36.62
CA ASN HB 63 -30.82 -114.74 -37.98
C ASN HB 63 -29.99 -115.78 -38.70
N VAL HB 64 -30.17 -115.88 -40.01
CA VAL HB 64 -29.39 -116.77 -40.86
C VAL HB 64 -29.12 -116.06 -42.19
N GLU HB 65 -27.90 -116.15 -42.69
CA GLU HB 65 -27.45 -115.33 -43.79
C GLU HB 65 -26.54 -116.11 -44.73
N PHE HB 66 -26.79 -115.97 -46.03
CA PHE HB 66 -25.94 -116.50 -47.09
C PHE HB 66 -25.41 -115.34 -47.92
N THR HB 67 -24.21 -115.51 -48.46
CA THR HB 67 -23.56 -114.48 -49.28
C THR HB 67 -22.81 -115.13 -50.43
N GLU HB 68 -22.92 -114.53 -51.62
CA GLU HB 68 -22.16 -114.95 -52.80
C GLU HB 68 -21.57 -113.71 -53.45
N THR HB 69 -20.28 -113.73 -53.73
CA THR HB 69 -19.57 -112.60 -54.31
C THR HB 69 -18.79 -113.06 -55.54
N VAL HB 70 -18.83 -112.26 -56.60
CA VAL HB 70 -18.16 -112.57 -57.86
C VAL HB 70 -17.04 -111.55 -58.02
N TYR HB 71 -15.82 -112.05 -58.21
CA TYR HB 71 -14.67 -111.18 -58.30
C TYR HB 71 -14.68 -110.39 -59.59
N ALA HB 72 -14.06 -109.21 -59.55
CA ALA HB 72 -14.06 -108.32 -60.69
C ALA HB 72 -13.38 -108.99 -61.88
N SER HB 73 -13.97 -108.82 -63.06
CA SER HB 73 -13.46 -109.42 -64.28
C SER HB 73 -13.58 -108.39 -65.40
N GLY HB 74 -12.45 -107.90 -65.88
CA GLY HB 74 -12.46 -106.88 -66.91
C GLY HB 74 -13.09 -105.59 -66.39
N SER HB 75 -14.03 -105.05 -67.14
CA SER HB 75 -14.65 -103.78 -66.77
C SER HB 75 -15.62 -103.94 -65.60
N THR HB 76 -16.27 -105.10 -65.51
CA THR HB 76 -17.27 -105.32 -64.47
C THR HB 76 -16.61 -105.36 -63.10
N PRO HB 77 -17.02 -104.52 -62.15
CA PRO HB 77 -16.43 -104.56 -60.81
C PRO HB 77 -17.03 -105.69 -59.97
N GLU HB 78 -16.66 -105.70 -58.69
CA GLU HB 78 -17.16 -106.70 -57.77
C GLU HB 78 -18.65 -106.48 -57.46
N PHE HB 79 -19.38 -107.58 -57.29
CA PHE HB 79 -20.75 -107.49 -56.79
C PHE HB 79 -21.10 -108.79 -56.08
N VAL HB 80 -22.12 -108.70 -55.23
CA VAL HB 80 -22.47 -109.78 -54.30
C VAL HB 80 -23.94 -110.16 -54.49
N ARG HB 81 -24.33 -111.23 -53.82
CA ARG HB 81 -25.73 -111.66 -53.78
C ARG HB 81 -26.07 -112.12 -52.36
N GLN HB 82 -27.18 -111.62 -51.84
CA GLN HB 82 -27.55 -111.78 -50.44
C GLN HB 82 -28.81 -112.62 -50.32
N ALA HB 83 -29.01 -113.22 -49.15
CA ALA HB 83 -30.29 -113.85 -48.81
C ALA HB 83 -30.25 -114.22 -47.34
N TYR HB 84 -31.16 -113.69 -46.54
CA TYR HB 84 -31.16 -113.96 -45.11
C TYR HB 84 -32.58 -113.92 -44.56
N VAL HB 85 -32.76 -114.56 -43.40
CA VAL HB 85 -34.04 -114.65 -42.71
C VAL HB 85 -33.85 -114.27 -41.24
N VAL HB 86 -34.96 -113.97 -40.59
CA VAL HB 86 -34.97 -113.59 -39.18
C VAL HB 86 -36.25 -114.13 -38.53
N ILE HB 87 -36.16 -114.48 -37.25
CA ILE HB 87 -37.28 -115.01 -36.50
C ILE HB 87 -37.30 -114.32 -35.13
N ARG HB 88 -38.49 -113.94 -34.66
CA ARG HB 88 -38.63 -113.27 -33.37
C ARG HB 88 -39.75 -113.95 -32.58
N HIS HB 89 -39.50 -114.16 -31.29
CA HIS HB 89 -40.54 -114.64 -30.39
C HIS HB 89 -40.10 -114.35 -28.96
N LYS HB 90 -41.08 -114.24 -28.06
CA LYS HB 90 -40.80 -113.78 -26.71
C LYS HB 90 -40.11 -114.89 -25.91
N VAL HB 91 -39.58 -114.50 -24.76
CA VAL HB 91 -38.81 -115.42 -23.92
C VAL HB 91 -39.78 -116.31 -23.16
N GLY HB 92 -39.61 -117.61 -23.30
CA GLY HB 92 -40.49 -118.58 -22.65
C GLY HB 92 -41.63 -119.08 -23.50
N ASP HB 93 -41.65 -118.75 -24.79
CA ASP HB 93 -42.72 -119.20 -25.66
C ASP HB 93 -42.61 -120.71 -25.90
N VAL HB 94 -43.55 -121.25 -26.67
CA VAL HB 94 -43.55 -122.66 -27.04
C VAL HB 94 -42.82 -122.80 -28.37
N SER HB 95 -41.85 -123.73 -28.42
CA SER HB 95 -41.04 -123.87 -29.62
C SER HB 95 -41.85 -124.38 -30.80
N ALA HB 96 -42.84 -125.25 -30.54
CA ALA HB 96 -43.55 -125.91 -31.62
C ALA HB 96 -44.28 -124.91 -32.51
N THR HB 97 -44.97 -123.94 -31.91
CA THR HB 97 -45.74 -123.00 -32.72
C THR HB 97 -44.84 -122.07 -33.53
N VAL HB 98 -43.74 -121.62 -32.94
CA VAL HB 98 -42.80 -120.78 -33.68
C VAL HB 98 -42.21 -121.56 -34.84
N SER HB 99 -41.85 -122.81 -34.60
CA SER HB 99 -41.35 -123.65 -35.67
C SER HB 99 -42.41 -123.84 -36.76
N ASP HB 100 -43.67 -123.95 -36.37
CA ASP HB 100 -44.73 -124.09 -37.35
C ASP HB 100 -44.85 -122.86 -38.23
N LEU HB 101 -44.78 -121.67 -37.62
CA LEU HB 101 -44.81 -120.44 -38.40
C LEU HB 101 -43.63 -120.38 -39.36
N GLY HB 102 -42.44 -120.73 -38.89
CA GLY HB 102 -41.28 -120.72 -39.75
C GLY HB 102 -41.39 -121.70 -40.90
N GLU HB 103 -41.91 -122.90 -40.62
CA GLU HB 103 -42.11 -123.88 -41.68
C GLU HB 103 -43.13 -123.40 -42.70
N ALA HB 104 -44.18 -122.73 -42.24
CA ALA HB 104 -45.14 -122.13 -43.16
C ALA HB 104 -44.44 -121.13 -44.07
N LEU HB 105 -43.62 -120.26 -43.50
CA LEU HB 105 -42.91 -119.28 -44.31
C LEU HB 105 -42.01 -119.95 -45.32
N SER HB 106 -41.27 -120.97 -44.90
CA SER HB 106 -40.37 -121.67 -45.82
C SER HB 106 -41.15 -122.38 -46.93
N PHE HB 107 -42.31 -122.95 -46.59
CA PHE HB 107 -43.11 -123.68 -47.56
C PHE HB 107 -43.74 -122.73 -48.58
N TYR HB 108 -44.08 -121.51 -48.15
CA TYR HB 108 -44.63 -120.53 -49.09
C TYR HB 108 -43.61 -120.21 -50.18
N LEU HB 109 -42.38 -119.89 -49.77
CA LEU HB 109 -41.38 -119.38 -50.72
C LEU HB 109 -40.89 -120.52 -51.61
N ASN HB 110 -41.07 -120.38 -52.91
CA ASN HB 110 -40.64 -121.40 -53.86
C ASN HB 110 -40.26 -120.72 -55.17
N GLU HB 111 -40.11 -121.51 -56.23
CA GLU HB 111 -39.63 -120.98 -57.51
C GLU HB 111 -40.55 -119.90 -58.06
N ALA HB 112 -41.85 -120.19 -58.14
CA ALA HB 112 -42.77 -119.28 -58.79
C ALA HB 112 -42.80 -117.93 -58.09
N LEU HB 113 -42.86 -117.95 -56.75
CA LEU HB 113 -42.92 -116.68 -56.03
C LEU HB 113 -41.63 -115.90 -56.17
N TYR HB 114 -40.50 -116.59 -56.18
CA TYR HB 114 -39.22 -115.90 -56.41
C TYR HB 114 -39.22 -115.22 -57.78
N GLY HB 115 -39.66 -115.95 -58.81
CA GLY HB 115 -39.72 -115.36 -60.14
C GLY HB 115 -40.62 -114.13 -60.17
N LYS HB 116 -41.79 -114.23 -59.55
CA LYS HB 116 -42.69 -113.08 -59.52
C LYS HB 116 -42.09 -111.92 -58.74
N LEU HB 117 -41.48 -112.21 -57.59
CA LEU HB 117 -40.96 -111.16 -56.72
C LEU HB 117 -39.82 -110.40 -57.38
N ILE HB 118 -38.93 -111.10 -58.09
CA ILE HB 118 -37.87 -110.41 -58.81
C ILE HB 118 -38.48 -109.46 -59.83
N GLY HB 119 -39.70 -109.74 -60.27
CA GLY HB 119 -40.40 -108.88 -61.22
C GLY HB 119 -41.08 -107.66 -60.60
N TRP HB 120 -40.72 -107.32 -59.36
CA TRP HB 120 -41.23 -106.15 -58.65
C TRP HB 120 -42.73 -106.21 -58.40
N GLU HB 121 -43.37 -107.36 -58.63
CA GLU HB 121 -44.78 -107.51 -58.33
C GLU HB 121 -45.02 -107.38 -56.83
N SER HB 122 -46.05 -106.63 -56.47
CA SER HB 122 -46.38 -106.42 -55.06
C SER HB 122 -47.84 -106.77 -54.80
N ALA IB 1 30.63 -123.75 -44.02
CA ALA IB 1 30.50 -124.59 -45.25
C ALA IB 1 29.07 -124.57 -45.78
N LEU IB 2 28.34 -125.68 -45.63
CA LEU IB 2 26.99 -125.84 -46.13
C LEU IB 2 26.92 -125.85 -47.66
N GLY IB 3 28.07 -125.86 -48.33
CA GLY IB 3 28.10 -125.82 -49.78
C GLY IB 3 27.87 -124.42 -50.31
N ASP IB 4 28.48 -124.10 -51.45
CA ASP IB 4 28.35 -122.79 -52.06
C ASP IB 4 27.19 -122.69 -53.05
N THR IB 5 26.42 -123.76 -53.25
CA THR IB 5 25.19 -123.70 -54.01
C THR IB 5 24.06 -124.35 -53.21
N LEU IB 6 22.87 -123.77 -53.32
CA LEU IB 6 21.66 -124.27 -52.67
C LEU IB 6 20.61 -124.53 -53.74
N THR IB 7 19.97 -125.69 -53.68
CA THR IB 7 19.02 -126.12 -54.69
C THR IB 7 17.60 -126.01 -54.13
N ILE IB 8 16.77 -125.24 -54.81
CA ILE IB 8 15.36 -125.09 -54.46
C ILE IB 8 14.55 -125.83 -55.51
N THR IB 9 13.79 -126.83 -55.08
CA THR IB 9 12.98 -127.65 -55.97
C THR IB 9 11.53 -127.23 -55.77
N LEU IB 10 11.04 -126.33 -56.63
CA LEU IB 10 9.69 -125.83 -56.48
C LEU IB 10 8.69 -126.97 -56.63
N GLY IB 11 7.65 -126.94 -55.80
CA GLY IB 11 6.65 -127.99 -55.82
C GLY IB 11 7.11 -129.32 -55.25
N GLY IB 12 8.04 -129.29 -54.31
CA GLY IB 12 8.48 -130.53 -53.70
C GLY IB 12 9.26 -131.38 -54.69
N SER IB 13 9.32 -132.68 -54.40
CA SER IB 13 10.05 -133.60 -55.25
C SER IB 13 9.42 -133.67 -56.63
N GLY IB 14 10.27 -133.82 -57.64
CA GLY IB 14 9.83 -133.95 -59.01
C GLY IB 14 9.55 -132.65 -59.73
N GLY IB 15 9.82 -131.50 -59.13
CA GLY IB 15 9.52 -130.21 -59.71
C GLY IB 15 10.70 -129.59 -60.44
N THR IB 16 10.64 -128.26 -60.55
CA THR IB 16 11.71 -127.48 -61.16
C THR IB 16 12.78 -127.16 -60.12
N ALA IB 17 14.04 -127.28 -60.53
CA ALA IB 17 15.17 -127.04 -59.64
C ALA IB 17 15.82 -125.71 -59.97
N LYS IB 18 15.98 -124.87 -58.94
CA LYS IB 18 16.69 -123.60 -59.05
C LYS IB 18 17.91 -123.64 -58.14
N VAL IB 19 19.06 -123.24 -58.68
CA VAL IB 19 20.34 -123.30 -57.96
C VAL IB 19 20.80 -121.89 -57.66
N LEU IB 20 21.00 -121.58 -56.38
CA LEU IB 20 21.44 -120.25 -55.96
C LEU IB 20 22.91 -120.30 -55.56
N ARG IB 21 23.59 -119.16 -55.70
CA ARG IB 21 25.02 -119.04 -55.43
C ARG IB 21 25.25 -118.16 -54.20
N LYS IB 22 26.30 -118.48 -53.44
CA LYS IB 22 26.65 -117.65 -52.29
C LYS IB 22 27.30 -116.36 -52.75
N ILE IB 23 26.87 -115.24 -52.15
CA ILE IB 23 27.29 -113.92 -52.61
C ILE IB 23 27.72 -113.02 -51.46
N ASN IB 24 27.43 -113.43 -50.22
CA ASN IB 24 27.81 -112.63 -49.07
C ASN IB 24 27.89 -113.52 -47.83
N GLN IB 25 28.52 -113.00 -46.78
CA GLN IB 25 28.58 -113.70 -45.50
C GLN IB 25 28.96 -112.68 -44.43
N ASP IB 26 28.00 -112.33 -43.57
CA ASP IB 26 28.23 -111.36 -42.51
C ASP IB 26 27.38 -111.73 -41.30
N GLY IB 27 27.81 -111.24 -40.13
CA GLY IB 27 27.04 -111.39 -38.92
C GLY IB 27 26.38 -112.75 -38.74
N TYR IB 28 27.15 -113.82 -38.94
CA TYR IB 28 26.64 -115.17 -38.77
C TYR IB 28 25.50 -115.45 -39.75
N THR IB 29 25.61 -114.85 -40.94
CA THR IB 29 24.55 -114.87 -41.94
C THR IB 29 25.13 -115.31 -43.27
N SER IB 30 24.26 -115.79 -44.15
CA SER IB 30 24.67 -116.25 -45.48
C SER IB 30 23.58 -115.94 -46.47
N GLU IB 31 23.94 -115.27 -47.56
CA GLU IB 31 22.98 -114.78 -48.56
C GLU IB 31 23.26 -115.42 -49.90
N TYR IB 32 22.24 -116.03 -50.49
CA TYR IB 32 22.31 -116.61 -51.83
C TYR IB 32 21.40 -115.83 -52.78
N TYR IB 33 21.57 -116.06 -54.08
CA TYR IB 33 20.87 -115.22 -55.06
C TYR IB 33 20.93 -115.87 -56.43
N LEU IB 34 19.94 -115.56 -57.27
CA LEU IB 34 19.87 -116.04 -58.65
C LEU IB 34 19.15 -115.02 -59.52
N PRO IB 35 19.81 -114.38 -60.48
CA PRO IB 35 19.12 -113.41 -61.33
C PRO IB 35 18.17 -114.07 -62.31
N GLU IB 36 17.09 -113.35 -62.62
CA GLU IB 36 16.07 -113.81 -63.55
C GLU IB 36 15.50 -112.63 -64.30
N THR IB 37 14.96 -112.91 -65.48
CA THR IB 37 14.42 -111.84 -66.32
C THR IB 37 13.16 -111.22 -65.71
N SER IB 38 12.22 -112.06 -65.28
CA SER IB 38 10.96 -111.57 -64.73
C SER IB 38 10.86 -111.69 -63.22
N SER IB 39 11.77 -112.41 -62.57
CA SER IB 39 11.72 -112.62 -61.13
C SER IB 39 13.15 -112.65 -60.59
N SER IB 40 13.31 -113.15 -59.37
CA SER IB 40 14.62 -113.32 -58.76
C SER IB 40 14.46 -114.20 -57.53
N PHE IB 41 15.50 -114.99 -57.23
CA PHE IB 41 15.49 -115.91 -56.09
C PHE IB 41 16.55 -115.51 -55.08
N ARG IB 42 16.17 -115.52 -53.81
CA ARG IB 42 17.05 -115.14 -52.71
C ARG IB 42 16.82 -116.12 -51.57
N ALA IB 43 17.90 -116.59 -50.96
CA ALA IB 43 17.85 -117.47 -49.80
C ALA IB 43 18.78 -116.94 -48.72
N LYS IB 44 18.29 -116.90 -47.49
CA LYS IB 44 18.98 -116.24 -46.38
C LYS IB 44 18.95 -117.14 -45.16
N VAL IB 45 20.06 -117.19 -44.43
CA VAL IB 45 20.16 -117.94 -43.19
C VAL IB 45 20.77 -117.06 -42.12
N ARG IB 46 20.26 -117.18 -40.90
CA ARG IB 46 20.72 -116.41 -39.75
C ARG IB 46 20.93 -117.32 -38.55
N HIS IB 47 21.82 -116.88 -37.65
CA HIS IB 47 21.92 -117.39 -36.29
C HIS IB 47 22.06 -116.21 -35.34
N THR IB 48 21.48 -116.33 -34.15
CA THR IB 48 21.53 -115.23 -33.20
C THR IB 48 21.32 -115.76 -31.79
N LYS IB 49 21.69 -114.94 -30.81
CA LYS IB 49 21.56 -115.26 -29.40
C LYS IB 49 20.85 -114.11 -28.70
N GLU IB 50 19.88 -114.42 -27.84
CA GLU IB 50 19.17 -113.37 -27.13
C GLU IB 50 20.06 -112.73 -26.06
N SER IB 51 19.59 -111.58 -25.55
CA SER IB 51 20.37 -110.82 -24.59
C SER IB 51 20.50 -111.59 -23.28
N VAL IB 52 21.69 -111.50 -22.68
CA VAL IB 52 21.95 -112.19 -21.42
C VAL IB 52 21.13 -111.53 -20.32
N LYS IB 53 20.59 -112.35 -19.42
CA LYS IB 53 19.74 -111.85 -18.35
C LYS IB 53 20.22 -112.39 -17.01
N PRO IB 54 19.96 -111.66 -15.90
CA PRO IB 54 20.66 -111.97 -14.63
C PRO IB 54 20.45 -113.41 -14.19
N ASN IB 55 19.23 -113.85 -13.99
CA ASN IB 55 18.95 -115.24 -13.67
C ASN IB 55 17.83 -115.74 -14.57
N GLN IB 56 18.19 -116.21 -15.76
CA GLN IB 56 17.24 -116.80 -16.69
C GLN IB 56 17.99 -117.76 -17.60
N VAL IB 57 17.23 -118.48 -18.41
CA VAL IB 57 17.79 -119.48 -19.32
C VAL IB 57 18.25 -118.80 -20.60
N GLN IB 58 19.48 -119.09 -21.03
CA GLN IB 58 19.96 -118.62 -22.32
C GLN IB 58 19.33 -119.41 -23.45
N TYR IB 59 19.21 -118.75 -24.60
CA TYR IB 59 18.49 -119.32 -25.74
C TYR IB 59 19.19 -118.90 -27.04
N GLU IB 60 18.88 -119.64 -28.11
CA GLU IB 60 19.38 -119.29 -29.43
C GLU IB 60 18.31 -119.63 -30.47
N ARG IB 61 18.32 -118.87 -31.56
CA ARG IB 61 17.34 -119.02 -32.64
C ARG IB 61 18.05 -119.31 -33.95
N HIS IB 62 17.46 -120.19 -34.75
CA HIS IB 62 17.94 -120.50 -36.10
C HIS IB 62 16.81 -120.29 -37.08
N ASN IB 63 17.10 -119.53 -38.15
CA ASN IB 63 16.09 -119.06 -39.08
C ASN IB 63 16.53 -119.35 -40.51
N VAL IB 64 15.57 -119.66 -41.38
CA VAL IB 64 15.82 -119.88 -42.79
C VAL IB 64 14.69 -119.25 -43.59
N GLU IB 65 15.05 -118.52 -44.66
CA GLU IB 65 14.09 -117.73 -45.43
C GLU IB 65 14.23 -118.04 -46.92
N PHE IB 66 13.10 -118.18 -47.59
CA PHE IB 66 13.02 -118.21 -49.05
C PHE IB 66 12.16 -117.05 -49.51
N THR IB 67 12.56 -116.39 -50.60
CA THR IB 67 11.83 -115.22 -51.09
C THR IB 67 11.83 -115.20 -52.61
N GLU IB 68 10.70 -114.79 -53.18
CA GLU IB 68 10.56 -114.53 -54.60
C GLU IB 68 10.09 -113.11 -54.81
N THR IB 69 10.79 -112.38 -55.68
CA THR IB 69 10.40 -111.03 -56.08
C THR IB 69 10.01 -111.05 -57.55
N VAL IB 70 8.83 -110.54 -57.86
CA VAL IB 70 8.33 -110.48 -59.23
C VAL IB 70 8.37 -109.01 -59.66
N TYR IB 71 9.14 -108.73 -60.71
CA TYR IB 71 9.32 -107.37 -61.16
C TYR IB 71 8.01 -106.79 -61.69
N ALA IB 72 7.84 -105.49 -61.47
CA ALA IB 72 6.61 -104.82 -61.90
C ALA IB 72 6.53 -104.80 -63.41
N SER IB 73 5.37 -105.20 -63.94
CA SER IB 73 5.10 -105.17 -65.37
C SER IB 73 3.73 -104.54 -65.58
N GLY IB 74 3.67 -103.57 -66.49
CA GLY IB 74 2.41 -102.86 -66.71
C GLY IB 74 1.98 -102.16 -65.44
N SER IB 75 0.67 -102.28 -65.13
CA SER IB 75 0.13 -101.60 -63.95
C SER IB 75 0.50 -102.31 -62.66
N THR IB 76 0.75 -103.62 -62.69
CA THR IB 76 0.98 -104.38 -61.48
C THR IB 76 2.28 -103.95 -60.83
N PRO IB 77 2.28 -103.51 -59.57
CA PRO IB 77 3.52 -103.09 -58.91
C PRO IB 77 4.32 -104.30 -58.41
N GLU IB 78 5.41 -104.00 -57.71
CA GLU IB 78 6.27 -105.02 -57.13
C GLU IB 78 5.52 -105.77 -56.04
N PHE IB 79 5.78 -107.08 -55.93
CA PHE IB 79 5.20 -107.87 -54.85
C PHE IB 79 6.11 -109.06 -54.56
N VAL IB 80 5.98 -109.59 -53.35
CA VAL IB 80 6.91 -110.59 -52.82
C VAL IB 80 6.11 -111.71 -52.17
N ARG IB 81 6.75 -112.87 -52.05
CA ARG IB 81 6.12 -114.05 -51.47
C ARG IB 81 7.20 -114.90 -50.82
N GLN IB 82 7.17 -115.04 -49.49
CA GLN IB 82 8.24 -115.75 -48.78
C GLN IB 82 7.67 -116.76 -47.80
N ALA IB 83 8.52 -117.74 -47.45
CA ALA IB 83 8.21 -118.78 -46.49
C ALA IB 83 9.46 -119.05 -45.65
N TYR IB 84 9.33 -118.99 -44.33
CA TYR IB 84 10.48 -119.12 -43.44
C TYR IB 84 10.11 -119.87 -42.17
N VAL IB 85 11.13 -120.46 -41.53
CA VAL IB 85 10.97 -121.28 -40.34
C VAL IB 85 11.98 -120.85 -39.29
N VAL IB 86 11.62 -120.99 -38.01
CA VAL IB 86 12.46 -120.61 -36.89
C VAL IB 86 12.53 -121.78 -35.91
N ILE IB 87 13.67 -121.94 -35.26
CA ILE IB 87 13.88 -122.94 -34.23
C ILE IB 87 14.52 -122.26 -33.02
N ARG IB 88 13.97 -122.52 -31.83
CA ARG IB 88 14.45 -121.89 -30.61
C ARG IB 88 14.62 -122.93 -29.52
N HIS IB 89 15.80 -122.94 -28.89
CA HIS IB 89 16.16 -123.92 -27.87
C HIS IB 89 17.36 -123.39 -27.10
N LYS IB 90 17.59 -123.98 -25.92
CA LYS IB 90 18.58 -123.45 -25.00
C LYS IB 90 19.99 -123.92 -25.38
N VAL IB 91 20.99 -123.26 -24.79
CA VAL IB 91 22.35 -123.37 -25.28
C VAL IB 91 22.90 -124.78 -25.07
N GLY IB 92 22.73 -125.34 -23.88
CA GLY IB 92 23.31 -126.61 -23.54
C GLY IB 92 22.46 -127.82 -23.86
N ASP IB 93 21.35 -127.66 -24.55
CA ASP IB 93 20.40 -128.74 -24.74
C ASP IB 93 20.99 -129.82 -25.66
N VAL IB 94 20.32 -130.97 -25.68
CA VAL IB 94 20.72 -132.07 -26.55
C VAL IB 94 20.23 -131.79 -27.96
N SER IB 95 21.05 -132.16 -28.95
CA SER IB 95 20.75 -131.81 -30.34
C SER IB 95 19.70 -132.73 -30.96
N ALA IB 96 19.73 -134.02 -30.59
CA ALA IB 96 18.89 -135.00 -31.25
C ALA IB 96 17.41 -134.72 -31.04
N THR IB 97 17.02 -134.34 -29.82
CA THR IB 97 15.61 -134.07 -29.55
C THR IB 97 15.11 -132.88 -30.36
N VAL IB 98 15.91 -131.83 -30.45
CA VAL IB 98 15.54 -130.66 -31.24
C VAL IB 98 15.40 -131.07 -32.71
N SER IB 99 16.32 -131.90 -33.18
CA SER IB 99 16.22 -132.42 -34.54
C SER IB 99 14.93 -133.19 -34.75
N ASP IB 100 14.54 -134.01 -33.76
CA ASP IB 100 13.32 -134.79 -33.88
C ASP IB 100 12.10 -133.90 -33.97
N LEU IB 101 12.05 -132.85 -33.14
CA LEU IB 101 10.94 -131.90 -33.22
C LEU IB 101 10.90 -131.23 -34.59
N GLY IB 102 12.06 -130.82 -35.11
CA GLY IB 102 12.09 -130.21 -36.42
C GLY IB 102 11.63 -131.14 -37.51
N GLU IB 103 12.06 -132.40 -37.47
CA GLU IB 103 11.61 -133.37 -38.46
C GLU IB 103 10.11 -133.60 -38.36
N ALA IB 104 9.57 -133.62 -37.14
CA ALA IB 104 8.12 -133.71 -36.99
C ALA IB 104 7.42 -132.55 -37.69
N LEU IB 105 7.90 -131.33 -37.46
CA LEU IB 105 7.27 -130.17 -38.08
C LEU IB 105 7.35 -130.26 -39.60
N SER IB 106 8.51 -130.67 -40.12
CA SER IB 106 8.66 -130.80 -41.57
C SER IB 106 7.72 -131.87 -42.13
N PHE IB 107 7.60 -132.99 -41.44
CA PHE IB 107 6.77 -134.10 -41.92
C PHE IB 107 5.29 -133.73 -41.89
N TYR IB 108 4.87 -132.92 -40.92
CA TYR IB 108 3.46 -132.54 -40.85
C TYR IB 108 3.03 -131.73 -42.06
N LEU IB 109 3.82 -130.74 -42.46
CA LEU IB 109 3.42 -129.81 -43.51
C LEU IB 109 3.56 -130.48 -44.88
N ASN IB 110 2.49 -130.44 -45.66
CA ASN IB 110 2.48 -130.97 -47.02
C ASN IB 110 1.50 -130.15 -47.84
N GLU IB 111 1.27 -130.57 -49.08
CA GLU IB 111 0.48 -129.75 -50.00
C GLU IB 111 -0.95 -129.59 -49.51
N ALA IB 112 -1.56 -130.67 -49.02
CA ALA IB 112 -2.95 -130.60 -48.60
C ALA IB 112 -3.12 -129.61 -47.44
N LEU IB 113 -2.25 -129.69 -46.43
CA LEU IB 113 -2.33 -128.75 -45.33
C LEU IB 113 -2.11 -127.33 -45.81
N TYR IB 114 -1.23 -127.14 -46.80
CA TYR IB 114 -0.99 -125.80 -47.32
C TYR IB 114 -2.25 -125.25 -47.99
N GLY IB 115 -2.96 -126.09 -48.74
CA GLY IB 115 -4.24 -125.68 -49.28
C GLY IB 115 -5.23 -125.33 -48.20
N LYS IB 116 -5.29 -126.14 -47.14
CA LYS IB 116 -6.18 -125.82 -46.02
C LYS IB 116 -5.85 -124.47 -45.40
N LEU IB 117 -4.56 -124.21 -45.19
CA LEU IB 117 -4.15 -122.92 -44.63
C LEU IB 117 -4.56 -121.77 -45.53
N ILE IB 118 -4.37 -121.93 -46.85
CA ILE IB 118 -4.83 -120.91 -47.78
C ILE IB 118 -6.35 -120.78 -47.68
N GLY IB 119 -7.04 -121.83 -47.25
CA GLY IB 119 -8.48 -121.78 -47.05
C GLY IB 119 -8.93 -121.10 -45.77
N TRP IB 120 -8.02 -120.64 -44.93
CA TRP IB 120 -8.29 -119.99 -43.65
C TRP IB 120 -8.81 -120.97 -42.61
N GLU IB 121 -8.78 -122.27 -42.88
CA GLU IB 121 -9.15 -123.24 -41.87
C GLU IB 121 -8.16 -123.21 -40.72
N SER IB 122 -8.63 -122.89 -39.53
CA SER IB 122 -7.78 -122.85 -38.35
C SER IB 122 -7.88 -124.16 -37.60
N ALA JB 1 42.92 -116.82 -44.77
CA ALA JB 1 42.77 -118.03 -45.64
C ALA JB 1 43.39 -119.28 -45.01
N LEU JB 2 43.26 -119.41 -43.68
CA LEU JB 2 43.84 -120.56 -43.00
C LEU JB 2 43.22 -121.85 -43.49
N GLY JB 3 41.90 -121.88 -43.65
CA GLY JB 3 41.19 -123.07 -44.08
C GLY JB 3 39.85 -123.17 -43.38
N ASP JB 4 38.97 -123.98 -43.95
CA ASP JB 4 37.61 -124.12 -43.41
C ASP JB 4 37.64 -124.76 -42.02
N THR JB 5 38.49 -125.74 -41.81
CA THR JB 5 38.58 -126.44 -40.53
C THR JB 5 39.81 -126.01 -39.74
N LEU JB 6 39.72 -126.17 -38.42
CA LEU JB 6 40.78 -125.85 -37.48
C LEU JB 6 40.85 -126.97 -36.45
N THR JB 7 42.00 -127.61 -36.33
CA THR JB 7 42.17 -128.79 -35.49
C THR JB 7 42.91 -128.42 -34.21
N ILE JB 8 42.35 -128.82 -33.07
CA ILE JB 8 42.95 -128.61 -31.77
C ILE JB 8 43.22 -129.99 -31.16
N THR JB 9 44.48 -130.23 -30.81
CA THR JB 9 44.92 -131.51 -30.23
C THR JB 9 45.20 -131.29 -28.77
N LEU JB 10 44.27 -131.70 -27.91
CA LEU JB 10 44.43 -131.49 -26.48
C LEU JB 10 45.57 -132.35 -25.94
N GLY JB 11 46.20 -131.86 -24.87
CA GLY JB 11 47.34 -132.54 -24.31
C GLY JB 11 48.55 -132.57 -25.24
N GLY JB 12 48.83 -131.44 -25.89
CA GLY JB 12 50.00 -131.40 -26.75
C GLY JB 12 49.87 -132.32 -27.94
N SER JB 13 50.99 -132.92 -28.32
CA SER JB 13 51.03 -133.87 -29.42
C SER JB 13 50.51 -135.25 -29.03
N GLY JB 14 49.94 -135.40 -27.83
CA GLY JB 14 49.41 -136.67 -27.40
C GLY JB 14 48.29 -137.19 -28.27
N GLY JB 15 47.15 -136.51 -28.24
CA GLY JB 15 45.98 -136.93 -28.99
C GLY JB 15 44.75 -136.09 -28.71
N THR JB 16 43.57 -136.71 -28.79
CA THR JB 16 42.31 -136.03 -28.51
C THR JB 16 42.13 -134.83 -29.45
N ALA JB 17 42.07 -135.14 -30.73
CA ALA JB 17 41.93 -134.12 -31.76
C ALA JB 17 40.47 -133.68 -31.90
N LYS JB 18 40.25 -132.38 -31.94
CA LYS JB 18 38.93 -131.79 -32.11
C LYS JB 18 38.95 -130.91 -33.35
N VAL JB 19 37.95 -131.05 -34.22
CA VAL JB 19 37.92 -130.34 -35.49
C VAL JB 19 36.85 -129.26 -35.48
N LEU JB 20 37.25 -128.01 -35.27
CA LEU JB 20 36.31 -126.90 -35.33
C LEU JB 20 36.04 -126.52 -36.78
N ARG JB 21 34.93 -125.80 -36.99
CA ARG JB 21 34.51 -125.39 -38.33
C ARG JB 21 34.26 -123.90 -38.38
N LYS JB 22 34.55 -123.29 -39.52
CA LYS JB 22 34.38 -121.84 -39.66
C LYS JB 22 32.92 -121.47 -39.68
N ILE JB 23 32.59 -120.38 -38.98
CA ILE JB 23 31.21 -119.93 -38.85
C ILE JB 23 31.02 -118.46 -39.20
N ASN JB 24 32.08 -117.64 -39.15
CA ASN JB 24 31.95 -116.24 -39.51
C ASN JB 24 33.33 -115.60 -39.60
N GLN JB 25 33.48 -114.65 -40.51
CA GLN JB 25 34.71 -113.88 -40.59
C GLN JB 25 34.42 -112.50 -41.17
N ASP JB 26 34.74 -111.46 -40.41
CA ASP JB 26 34.50 -110.07 -40.77
C ASP JB 26 35.62 -109.21 -40.20
N GLY JB 27 35.98 -108.16 -40.94
CA GLY JB 27 36.97 -107.22 -40.46
C GLY JB 27 38.32 -107.86 -40.17
N TYR JB 28 38.80 -108.70 -41.08
CA TYR JB 28 40.09 -109.37 -40.90
C TYR JB 28 40.09 -110.21 -39.63
N THR JB 29 38.96 -110.87 -39.36
CA THR JB 29 38.77 -111.69 -38.17
C THR JB 29 38.11 -113.00 -38.60
N SER JB 30 38.28 -114.04 -37.78
CA SER JB 30 37.73 -115.35 -38.10
C SER JB 30 37.37 -116.05 -36.80
N GLU JB 31 36.39 -116.96 -36.89
CA GLU JB 31 35.88 -117.66 -35.72
C GLU JB 31 35.52 -119.10 -36.09
N TYR JB 32 35.86 -120.04 -35.21
CA TYR JB 32 35.62 -121.46 -35.41
C TYR JB 32 34.85 -121.99 -34.20
N TYR JB 33 33.94 -122.95 -34.42
CA TYR JB 33 33.07 -123.40 -33.34
C TYR JB 33 32.75 -124.88 -33.53
N LEU JB 34 32.52 -125.58 -32.40
CA LEU JB 34 32.22 -127.01 -32.40
C LEU JB 34 31.50 -127.43 -31.11
N PRO JB 35 30.24 -127.87 -31.19
CA PRO JB 35 29.53 -128.29 -29.98
C PRO JB 35 29.61 -129.79 -29.71
N GLU JB 36 29.48 -130.13 -28.43
CA GLU JB 36 29.51 -131.52 -27.96
C GLU JB 36 28.50 -131.65 -26.83
N THR JB 37 28.51 -132.81 -26.17
CA THR JB 37 27.51 -133.07 -25.14
C THR JB 37 27.68 -132.16 -23.92
N SER JB 38 28.92 -132.02 -23.44
CA SER JB 38 29.16 -131.34 -22.17
C SER JB 38 30.03 -130.10 -22.28
N SER JB 39 30.64 -129.82 -23.43
CA SER JB 39 31.43 -128.61 -23.59
C SER JB 39 31.44 -128.21 -25.06
N SER JB 40 31.86 -126.97 -25.30
CA SER JB 40 31.91 -126.39 -26.63
C SER JB 40 33.28 -125.77 -26.85
N PHE JB 41 33.73 -125.77 -28.11
CA PHE JB 41 35.04 -125.26 -28.49
C PHE JB 41 34.91 -124.08 -29.42
N ARG JB 42 35.77 -123.08 -29.24
CA ARG JB 42 35.72 -121.86 -30.03
C ARG JB 42 37.12 -121.30 -30.18
N ALA JB 43 37.41 -120.72 -31.35
CA ALA JB 43 38.71 -120.12 -31.63
C ALA JB 43 38.51 -118.87 -32.49
N LYS JB 44 39.26 -117.81 -32.17
CA LYS JB 44 39.20 -116.55 -32.91
C LYS JB 44 40.60 -116.15 -33.37
N VAL JB 45 40.67 -115.53 -34.55
CA VAL JB 45 41.88 -114.96 -35.09
C VAL JB 45 41.61 -113.50 -35.43
N ARG JB 46 42.48 -112.60 -35.00
CA ARG JB 46 42.25 -111.17 -35.14
C ARG JB 46 43.53 -110.43 -35.45
N HIS JB 47 43.44 -109.44 -36.34
CA HIS JB 47 44.53 -108.53 -36.65
C HIS JB 47 44.06 -107.09 -36.38
N THR JB 48 45.03 -106.21 -36.11
CA THR JB 48 44.69 -104.86 -35.68
C THR JB 48 45.82 -103.90 -36.02
N LYS JB 49 45.47 -102.61 -36.07
CA LYS JB 49 46.42 -101.51 -36.20
C LYS JB 49 46.18 -100.54 -35.05
N GLU JB 50 47.21 -100.23 -34.28
CA GLU JB 50 47.05 -99.27 -33.19
C GLU JB 50 46.82 -97.86 -33.75
N SER JB 51 46.31 -96.99 -32.88
CA SER JB 51 45.95 -95.65 -33.29
C SER JB 51 47.16 -94.90 -33.83
N VAL JB 52 46.95 -94.16 -34.91
CA VAL JB 52 48.03 -93.40 -35.54
C VAL JB 52 48.18 -92.08 -34.79
N LYS JB 53 49.38 -91.81 -34.31
CA LYS JB 53 49.67 -90.60 -33.57
C LYS JB 53 50.90 -89.92 -34.16
N PRO JB 54 50.99 -88.60 -34.04
CA PRO JB 54 52.03 -87.86 -34.79
C PRO JB 54 53.43 -88.30 -34.41
N ASN JB 55 54.30 -88.35 -35.40
CA ASN JB 55 55.75 -88.53 -35.23
C ASN JB 55 56.09 -89.51 -34.10
N GLN JB 56 55.48 -90.68 -34.16
CA GLN JB 56 55.93 -91.84 -33.37
C GLN JB 56 55.73 -93.10 -34.21
N VAL JB 57 56.37 -94.18 -33.76
CA VAL JB 57 56.38 -95.41 -34.55
C VAL JB 57 54.97 -96.00 -34.64
N GLN JB 58 54.70 -96.67 -35.76
CA GLN JB 58 53.42 -97.32 -36.02
C GLN JB 58 53.57 -98.82 -35.83
N TYR JB 59 52.63 -99.42 -35.11
CA TYR JB 59 52.72 -100.81 -34.69
C TYR JB 59 51.59 -101.64 -35.29
N GLU JB 60 51.85 -102.94 -35.42
CA GLU JB 60 50.83 -103.93 -35.73
C GLU JB 60 50.55 -104.77 -34.49
N ARG JB 61 49.64 -105.74 -34.64
CA ARG JB 61 49.26 -106.57 -33.50
C ARG JB 61 48.50 -107.77 -34.01
N HIS JB 62 48.73 -108.92 -33.39
CA HIS JB 62 48.01 -110.14 -33.73
C HIS JB 62 47.79 -110.96 -32.46
N ASN JB 63 46.75 -111.80 -32.48
CA ASN JB 63 46.45 -112.64 -31.32
C ASN JB 63 45.60 -113.82 -31.75
N VAL JB 64 45.67 -114.89 -30.97
CA VAL JB 64 44.90 -116.11 -31.20
C VAL JB 64 44.45 -116.63 -29.85
N GLU JB 65 43.17 -117.01 -29.75
CA GLU JB 65 42.58 -117.40 -28.47
C GLU JB 65 41.79 -118.70 -28.63
N PHE JB 66 41.83 -119.50 -27.56
CA PHE JB 66 41.03 -120.72 -27.43
C PHE JB 66 40.13 -120.57 -26.21
N THR JB 67 38.88 -121.01 -26.34
CA THR JB 67 37.91 -120.91 -25.27
C THR JB 67 37.22 -122.24 -25.07
N GLU JB 68 36.87 -122.55 -23.83
CA GLU JB 68 36.33 -123.87 -23.46
C GLU JB 68 35.17 -123.63 -22.51
N THR JB 69 33.94 -123.80 -22.99
CA THR JB 69 32.75 -123.57 -22.17
C THR JB 69 32.22 -124.90 -21.67
N VAL JB 70 31.96 -124.98 -20.37
CA VAL JB 70 31.50 -126.21 -19.72
C VAL JB 70 30.11 -125.94 -19.17
N TYR JB 71 29.13 -126.70 -19.66
CA TYR JB 71 27.74 -126.45 -19.30
C TYR JB 71 27.48 -126.79 -17.84
N ALA JB 72 26.60 -126.02 -17.21
CA ALA JB 72 26.32 -126.19 -15.78
C ALA JB 72 25.67 -127.54 -15.52
N SER JB 73 26.12 -128.19 -14.46
CA SER JB 73 25.56 -129.46 -14.02
C SER JB 73 25.41 -129.43 -12.50
N GLY JB 74 24.33 -130.03 -12.02
CA GLY JB 74 24.06 -130.01 -10.58
C GLY JB 74 23.92 -128.59 -10.09
N SER JB 75 24.59 -128.28 -8.99
CA SER JB 75 24.61 -126.93 -8.43
C SER JB 75 25.79 -126.11 -8.93
N THR JB 76 26.66 -126.68 -9.74
CA THR JB 76 27.81 -125.96 -10.26
C THR JB 76 27.40 -125.10 -11.44
N PRO JB 77 27.62 -123.78 -11.40
CA PRO JB 77 27.21 -122.93 -12.53
C PRO JB 77 28.14 -123.07 -13.73
N GLU JB 78 27.93 -122.21 -14.73
CA GLU JB 78 28.80 -122.17 -15.90
C GLU JB 78 30.20 -121.71 -15.50
N PHE JB 79 31.19 -122.19 -16.24
CA PHE JB 79 32.55 -121.66 -16.14
C PHE JB 79 33.27 -122.01 -17.43
N VAL JB 80 34.39 -121.34 -17.68
CA VAL JB 80 35.05 -121.38 -18.97
C VAL JB 80 36.56 -121.44 -18.77
N ARG JB 81 37.26 -122.08 -19.70
CA ARG JB 81 38.71 -122.07 -19.74
C ARG JB 81 39.17 -121.40 -21.03
N GLN JB 82 40.19 -120.55 -20.92
CA GLN JB 82 40.64 -119.70 -22.01
C GLN JB 82 42.16 -119.66 -22.06
N ALA JB 83 42.70 -119.36 -23.23
CA ALA JB 83 44.14 -119.21 -23.40
C ALA JB 83 44.43 -118.52 -24.73
N TYR JB 84 45.20 -117.44 -24.70
CA TYR JB 84 45.45 -116.66 -25.90
C TYR JB 84 46.87 -116.09 -25.89
N VAL JB 85 47.35 -115.76 -27.09
CA VAL JB 85 48.69 -115.19 -27.30
C VAL JB 85 48.55 -113.95 -28.16
N VAL JB 86 49.53 -113.05 -28.06
CA VAL JB 86 49.57 -111.80 -28.82
C VAL JB 86 50.97 -111.57 -29.37
N ILE JB 87 51.05 -110.99 -30.56
CA ILE JB 87 52.32 -110.60 -31.18
C ILE JB 87 52.23 -109.13 -31.58
N ARG JB 88 53.27 -108.36 -31.27
CA ARG JB 88 53.28 -106.93 -31.58
C ARG JB 88 54.64 -106.54 -32.14
N HIS JB 89 54.63 -105.84 -33.27
CA HIS JB 89 55.86 -105.37 -33.91
C HIS JB 89 55.52 -104.22 -34.85
N LYS JB 90 56.54 -103.48 -35.25
CA LYS JB 90 56.33 -102.28 -36.03
C LYS JB 90 56.08 -102.62 -37.50
N VAL JB 91 55.53 -101.67 -38.23
CA VAL JB 91 55.21 -101.86 -39.64
C VAL JB 91 56.50 -101.83 -40.45
N GLY JB 92 56.64 -102.78 -41.37
CA GLY JB 92 57.80 -102.84 -42.22
C GLY JB 92 59.00 -103.54 -41.64
N ASP JB 93 58.87 -104.16 -40.47
CA ASP JB 93 59.99 -104.87 -39.87
C ASP JB 93 60.22 -106.18 -40.62
N VAL JB 94 61.36 -106.82 -40.34
CA VAL JB 94 61.72 -108.06 -41.02
C VAL JB 94 60.89 -109.20 -40.45
N SER JB 95 60.28 -110.00 -41.33
CA SER JB 95 59.31 -111.00 -40.90
C SER JB 95 59.97 -112.12 -40.10
N ALA JB 96 61.09 -112.65 -40.59
CA ALA JB 96 61.71 -113.79 -39.92
C ALA JB 96 62.23 -113.40 -38.54
N THR JB 97 62.82 -112.21 -38.42
CA THR JB 97 63.34 -111.77 -37.14
C THR JB 97 62.22 -111.67 -36.10
N VAL JB 98 61.08 -111.10 -36.48
CA VAL JB 98 59.97 -110.99 -35.55
C VAL JB 98 59.29 -112.33 -35.33
N SER JB 99 59.47 -113.28 -36.25
CA SER JB 99 58.89 -114.61 -36.05
C SER JB 99 59.69 -115.42 -35.05
N ASP JB 100 61.03 -115.32 -35.10
CA ASP JB 100 61.88 -116.09 -34.20
C ASP JB 100 61.58 -115.77 -32.74
N LEU JB 101 61.43 -114.49 -32.42
CA LEU JB 101 60.75 -114.12 -31.19
C LEU JB 101 59.28 -114.40 -31.35
N GLY JB 102 58.69 -115.07 -30.35
CA GLY JB 102 57.39 -115.68 -30.52
C GLY JB 102 57.50 -117.16 -30.83
N GLU JB 103 58.40 -117.55 -31.73
CA GLU JB 103 58.68 -118.96 -31.92
C GLU JB 103 59.49 -119.53 -30.77
N ALA JB 104 60.30 -118.69 -30.12
CA ALA JB 104 60.96 -119.10 -28.89
C ALA JB 104 59.94 -119.39 -27.79
N LEU JB 105 58.89 -118.57 -27.71
CA LEU JB 105 57.85 -118.77 -26.70
C LEU JB 105 57.26 -120.17 -26.78
N SER JB 106 56.97 -120.64 -27.99
CA SER JB 106 56.37 -121.97 -28.13
C SER JB 106 57.28 -123.05 -27.54
N PHE JB 107 58.58 -122.96 -27.84
CA PHE JB 107 59.52 -123.93 -27.28
C PHE JB 107 59.59 -123.84 -25.75
N TYR JB 108 59.50 -122.63 -25.21
CA TYR JB 108 59.65 -122.47 -23.77
C TYR JB 108 58.52 -123.17 -22.99
N LEU JB 109 57.29 -123.08 -23.47
CA LEU JB 109 56.15 -123.62 -22.75
C LEU JB 109 55.99 -125.12 -22.99
N ASN JB 110 55.62 -125.86 -21.94
CA ASN JB 110 55.45 -127.30 -21.99
C ASN JB 110 54.71 -127.74 -20.73
N GLU JB 111 54.75 -129.05 -20.44
CA GLU JB 111 54.14 -129.59 -19.24
C GLU JB 111 54.62 -128.87 -17.98
N ALA JB 112 55.93 -128.97 -17.70
CA ALA JB 112 56.43 -128.52 -16.42
C ALA JB 112 56.18 -127.04 -16.20
N LEU JB 113 56.41 -126.22 -17.23
CA LEU JB 113 56.19 -124.80 -17.09
C LEU JB 113 54.73 -124.48 -16.79
N TYR JB 114 53.81 -125.11 -17.53
CA TYR JB 114 52.39 -124.85 -17.29
C TYR JB 114 51.99 -125.27 -15.88
N GLY JB 115 52.45 -126.46 -15.45
CA GLY JB 115 52.15 -126.90 -14.10
C GLY JB 115 52.67 -125.94 -13.05
N LYS JB 116 53.89 -125.42 -13.25
CA LYS JB 116 54.47 -124.47 -12.31
C LYS JB 116 53.68 -123.18 -12.28
N LEU JB 117 53.34 -122.64 -13.46
CA LEU JB 117 52.60 -121.39 -13.51
C LEU JB 117 51.25 -121.53 -12.81
N ILE JB 118 50.59 -122.67 -12.99
CA ILE JB 118 49.31 -122.89 -12.32
C ILE JB 118 49.49 -122.86 -10.81
N GLY JB 119 50.67 -123.25 -10.33
CA GLY JB 119 50.93 -123.29 -8.90
C GLY JB 119 51.32 -121.97 -8.29
N TRP JB 120 51.09 -120.87 -8.99
CA TRP JB 120 51.45 -119.52 -8.56
C TRP JB 120 52.96 -119.36 -8.36
N GLU JB 121 53.76 -120.24 -8.93
CA GLU JB 121 55.20 -120.19 -8.75
C GLU JB 121 55.78 -119.08 -9.62
N SER JB 122 56.02 -117.92 -9.02
CA SER JB 122 56.58 -116.79 -9.75
C SER JB 122 57.91 -117.16 -10.41
N ALA KB 1 32.69 -116.08 -53.39
CA ALA KB 1 32.42 -117.41 -54.02
C ALA KB 1 33.44 -117.71 -55.12
N LEU KB 2 34.24 -116.71 -55.49
CA LEU KB 2 35.22 -116.91 -56.54
C LEU KB 2 36.23 -117.98 -56.14
N GLY KB 3 36.69 -117.93 -54.91
CA GLY KB 3 37.66 -118.89 -54.41
C GLY KB 3 38.55 -118.25 -53.37
N ASP KB 4 39.25 -119.09 -52.63
CA ASP KB 4 40.14 -118.60 -51.58
C ASP KB 4 41.43 -118.01 -52.13
N THR KB 5 41.86 -118.40 -53.33
CA THR KB 5 43.09 -117.89 -53.91
C THR KB 5 42.84 -117.33 -55.31
N LEU KB 6 43.62 -116.32 -55.65
CA LEU KB 6 43.53 -115.61 -56.93
C LEU KB 6 44.90 -115.62 -57.56
N THR KB 7 44.99 -116.05 -58.82
CA THR KB 7 46.26 -116.14 -59.54
C THR KB 7 46.28 -115.11 -60.65
N ILE KB 8 47.37 -114.37 -60.74
CA ILE KB 8 47.58 -113.40 -61.82
C ILE KB 8 48.94 -113.69 -62.45
N THR KB 9 48.96 -113.73 -63.78
CA THR KB 9 50.16 -114.03 -64.55
C THR KB 9 50.63 -112.74 -65.22
N LEU KB 10 51.62 -112.08 -64.61
CA LEU KB 10 52.16 -110.87 -65.21
C LEU KB 10 52.72 -111.18 -66.59
N GLY KB 11 52.43 -110.30 -67.54
CA GLY KB 11 52.89 -110.51 -68.90
C GLY KB 11 52.01 -111.40 -69.74
N GLY KB 12 50.75 -111.56 -69.36
CA GLY KB 12 49.86 -112.38 -70.16
C GLY KB 12 50.17 -113.86 -70.03
N SER KB 13 49.69 -114.62 -71.02
CA SER KB 13 49.90 -116.06 -71.01
C SER KB 13 51.38 -116.38 -71.14
N GLY KB 14 51.82 -117.41 -70.41
CA GLY KB 14 53.20 -117.83 -70.44
C GLY KB 14 54.15 -117.00 -69.60
N GLY KB 15 53.64 -116.15 -68.72
CA GLY KB 15 54.46 -115.24 -67.93
C GLY KB 15 54.76 -115.76 -66.55
N THR KB 16 54.98 -114.82 -65.63
CA THR KB 16 55.30 -115.13 -64.24
C THR KB 16 54.00 -115.16 -63.43
N ALA KB 17 53.82 -116.22 -62.65
CA ALA KB 17 52.59 -116.40 -61.89
C ALA KB 17 52.75 -115.88 -60.46
N LYS KB 18 51.74 -115.14 -60.01
CA LYS KB 18 51.60 -114.70 -58.63
C LYS KB 18 50.25 -115.16 -58.10
N VAL KB 19 50.24 -115.73 -56.90
CA VAL KB 19 49.03 -116.28 -56.29
C VAL KB 19 48.73 -115.48 -55.04
N LEU KB 20 47.65 -114.70 -55.08
CA LEU KB 20 47.17 -114.00 -53.91
C LEU KB 20 46.18 -114.86 -53.15
N ARG KB 21 45.95 -114.51 -51.89
CA ARG KB 21 45.12 -115.30 -50.99
C ARG KB 21 44.12 -114.41 -50.27
N LYS KB 22 42.90 -114.91 -50.10
CA LYS KB 22 41.81 -114.06 -49.61
C LYS KB 22 42.06 -113.61 -48.18
N ILE KB 23 41.64 -112.38 -47.88
CA ILE KB 23 41.88 -111.77 -46.57
C ILE KB 23 40.56 -111.40 -45.91
N ASN KB 24 39.55 -111.05 -46.72
CA ASN KB 24 38.34 -110.48 -46.14
C ASN KB 24 37.29 -110.28 -47.23
N GLN KB 25 36.02 -110.25 -46.81
CA GLN KB 25 34.93 -109.87 -47.69
C GLN KB 25 33.71 -109.59 -46.82
N ASP KB 26 33.29 -108.32 -46.77
CA ASP KB 26 32.13 -107.95 -45.96
C ASP KB 26 30.98 -107.39 -46.78
N GLY KB 27 31.18 -106.30 -47.51
CA GLY KB 27 30.07 -105.62 -48.17
C GLY KB 27 29.90 -106.04 -49.62
N TYR KB 28 29.59 -107.31 -49.86
CA TYR KB 28 29.45 -107.82 -51.22
C TYR KB 28 30.74 -107.66 -52.03
N THR KB 29 31.86 -107.45 -51.34
CA THR KB 29 33.15 -107.20 -51.96
C THR KB 29 34.20 -108.10 -51.33
N SER KB 30 35.22 -108.44 -52.10
CA SER KB 30 36.27 -109.35 -51.65
C SER KB 30 37.61 -108.61 -51.64
N GLU KB 31 38.67 -109.33 -51.25
CA GLU KB 31 40.00 -108.76 -51.16
C GLU KB 31 41.03 -109.89 -51.12
N TYR KB 32 42.13 -109.69 -51.86
CA TYR KB 32 43.24 -110.64 -51.91
C TYR KB 32 44.54 -109.88 -51.67
N TYR KB 33 45.53 -110.56 -51.08
CA TYR KB 33 46.77 -109.89 -50.73
C TYR KB 33 47.95 -110.85 -50.88
N LEU KB 34 49.13 -110.27 -51.11
CA LEU KB 34 50.39 -111.02 -51.10
C LEU KB 34 51.57 -110.09 -50.85
N PRO KB 35 52.37 -110.31 -49.81
CA PRO KB 35 53.57 -109.50 -49.61
C PRO KB 35 54.84 -110.21 -50.12
N GLU KB 36 55.85 -109.38 -50.39
CA GLU KB 36 57.14 -109.84 -50.89
C GLU KB 36 58.21 -108.88 -50.39
N THR KB 37 59.46 -109.12 -50.81
CA THR KB 37 60.59 -108.34 -50.27
C THR KB 37 60.52 -106.88 -50.71
N SER KB 38 60.36 -106.64 -52.01
CA SER KB 38 60.39 -105.28 -52.55
C SER KB 38 59.04 -104.80 -53.05
N SER KB 39 58.01 -105.64 -53.02
CA SER KB 39 56.71 -105.25 -53.52
C SER KB 39 55.64 -106.15 -52.93
N SER KB 40 54.39 -105.73 -53.09
CA SER KB 40 53.24 -106.51 -52.65
C SER KB 40 52.12 -106.34 -53.67
N PHE KB 41 51.25 -107.35 -53.75
CA PHE KB 41 50.15 -107.38 -54.71
C PHE KB 41 48.83 -107.44 -53.96
N ARG KB 42 47.79 -106.84 -54.56
CA ARG KB 42 46.47 -106.76 -53.96
C ARG KB 42 45.43 -106.74 -55.06
N ALA KB 43 44.30 -107.42 -54.81
CA ALA KB 43 43.19 -107.46 -55.76
C ALA KB 43 41.88 -107.35 -54.98
N LYS KB 44 40.91 -106.64 -55.56
CA LYS KB 44 39.64 -106.39 -54.90
C LYS KB 44 38.51 -106.54 -55.91
N VAL KB 45 37.33 -106.91 -55.43
CA VAL KB 45 36.14 -107.05 -56.25
C VAL KB 45 34.97 -106.37 -55.55
N ARG KB 46 34.16 -105.62 -56.31
CA ARG KB 46 33.03 -104.89 -55.77
C ARG KB 46 31.79 -105.13 -56.63
N HIS KB 47 30.63 -105.01 -55.98
CA HIS KB 47 29.32 -105.05 -56.64
C HIS KB 47 28.43 -104.01 -55.99
N THR KB 48 27.60 -103.35 -56.79
CA THR KB 48 26.74 -102.29 -56.27
C THR KB 48 25.57 -102.04 -57.22
N LYS KB 49 24.57 -101.31 -56.71
CA LYS KB 49 23.45 -100.82 -57.50
C LYS KB 49 23.40 -99.31 -57.39
N GLU KB 50 23.26 -98.64 -58.53
CA GLU KB 50 23.22 -97.17 -58.52
C GLU KB 50 21.90 -96.67 -57.95
N SER KB 51 21.92 -95.42 -57.49
CA SER KB 51 20.71 -94.80 -56.98
C SER KB 51 19.68 -94.66 -58.08
N VAL KB 52 18.41 -94.68 -57.69
CA VAL KB 52 17.30 -94.70 -58.63
C VAL KB 52 16.37 -93.53 -58.34
N LYS KB 53 15.90 -92.89 -59.39
CA LYS KB 53 14.90 -91.85 -59.35
C LYS KB 53 13.56 -92.40 -59.80
N PRO KB 54 12.48 -91.64 -59.64
CA PRO KB 54 11.18 -92.13 -60.11
C PRO KB 54 11.23 -92.47 -61.59
N ASN KB 55 10.53 -93.54 -61.96
CA ASN KB 55 10.41 -94.03 -63.34
C ASN KB 55 11.71 -93.88 -64.12
N GLN KB 56 12.81 -94.37 -63.56
CA GLN KB 56 14.11 -94.41 -64.24
C GLN KB 56 14.63 -95.84 -64.18
N VAL KB 57 15.39 -96.24 -65.22
CA VAL KB 57 15.91 -97.59 -65.27
C VAL KB 57 16.90 -97.82 -64.13
N GLN KB 58 16.95 -99.07 -63.65
CA GLN KB 58 17.85 -99.49 -62.59
C GLN KB 58 19.07 -100.17 -63.20
N TYR KB 59 20.25 -99.83 -62.69
CA TYR KB 59 21.52 -100.28 -63.26
C TYR KB 59 22.39 -100.91 -62.19
N GLU KB 60 23.24 -101.85 -62.61
CA GLU KB 60 24.22 -102.49 -61.74
C GLU KB 60 25.63 -102.25 -62.26
N ARG KB 61 26.58 -102.17 -61.34
CA ARG KB 61 28.00 -101.99 -61.65
C ARG KB 61 28.80 -103.16 -61.11
N HIS KB 62 29.78 -103.62 -61.90
CA HIS KB 62 30.74 -104.63 -61.45
C HIS KB 62 32.15 -104.13 -61.71
N ASN KB 63 33.00 -104.18 -60.68
CA ASN KB 63 34.33 -103.60 -60.72
C ASN KB 63 35.36 -104.61 -60.21
N VAL KB 64 36.51 -104.66 -60.88
CA VAL KB 64 37.65 -105.47 -60.46
C VAL KB 64 38.93 -104.68 -60.72
N GLU KB 65 39.85 -104.71 -59.76
CA GLU KB 65 41.05 -103.89 -59.83
C GLU KB 65 42.27 -104.69 -59.34
N PHE KB 66 43.40 -104.46 -60.00
CA PHE KB 66 44.71 -104.92 -59.54
C PHE KB 66 45.55 -103.72 -59.13
N THR KB 67 46.22 -103.82 -57.99
CA THR KB 67 47.09 -102.78 -57.48
C THR KB 67 48.45 -103.37 -57.14
N GLU KB 68 49.50 -102.63 -57.47
CA GLU KB 68 50.87 -103.01 -57.20
C GLU KB 68 51.59 -101.83 -56.59
N THR KB 69 52.37 -102.07 -55.54
CA THR KB 69 53.08 -101.02 -54.84
C THR KB 69 54.54 -101.40 -54.67
N VAL KB 70 55.43 -100.43 -54.83
CA VAL KB 70 56.86 -100.62 -54.65
C VAL KB 70 57.30 -99.73 -53.50
N TYR KB 71 57.94 -100.33 -52.50
CA TYR KB 71 58.35 -99.58 -51.31
C TYR KB 71 59.56 -98.70 -51.62
N ALA KB 72 59.70 -97.65 -50.83
CA ALA KB 72 60.77 -96.69 -51.06
C ALA KB 72 62.13 -97.36 -50.93
N SER KB 73 63.05 -96.98 -51.81
CA SER KB 73 64.41 -97.51 -51.83
C SER KB 73 65.37 -96.32 -51.82
N GLY KB 74 65.67 -95.81 -50.63
CA GLY KB 74 66.54 -94.67 -50.49
C GLY KB 74 65.91 -93.37 -50.99
N SER KB 75 66.44 -92.82 -52.08
CA SER KB 75 65.95 -91.55 -52.59
C SER KB 75 64.57 -91.70 -53.23
N THR KB 76 64.35 -92.79 -53.97
CA THR KB 76 63.10 -92.97 -54.70
C THR KB 76 61.95 -93.23 -53.73
N PRO KB 77 60.88 -92.44 -53.75
CA PRO KB 77 59.72 -92.73 -52.89
C PRO KB 77 58.89 -93.88 -53.44
N GLU KB 78 57.86 -94.23 -52.68
CA GLU KB 78 56.96 -95.30 -53.07
C GLU KB 78 56.02 -94.85 -54.19
N PHE KB 79 55.60 -95.81 -55.01
CA PHE KB 79 54.64 -95.54 -56.08
C PHE KB 79 53.86 -96.81 -56.35
N VAL KB 80 52.82 -96.68 -57.18
CA VAL KB 80 51.84 -97.74 -57.38
C VAL KB 80 51.63 -97.97 -58.88
N ARG KB 81 51.01 -99.12 -59.19
CA ARG KB 81 50.54 -99.42 -60.52
C ARG KB 81 49.17 -100.07 -60.42
N GLN KB 82 48.20 -99.54 -61.17
CA GLN KB 82 46.81 -99.95 -61.08
C GLN KB 82 46.27 -100.32 -62.46
N ALA KB 83 45.22 -101.14 -62.46
CA ALA KB 83 44.50 -101.47 -63.70
C ALA KB 83 43.17 -102.09 -63.31
N TYR KB 84 42.06 -101.45 -63.69
CA TYR KB 84 40.75 -101.90 -63.25
C TYR KB 84 39.75 -101.83 -64.41
N VAL KB 85 38.65 -102.59 -64.24
CA VAL KB 85 37.59 -102.70 -65.22
C VAL KB 85 36.25 -102.52 -64.53
N VAL KB 86 35.31 -101.88 -65.23
CA VAL KB 86 33.96 -101.63 -64.72
C VAL KB 86 32.95 -102.03 -65.78
N ILE KB 87 31.88 -102.70 -65.36
CA ILE KB 87 30.83 -103.17 -66.25
C ILE KB 87 29.49 -102.67 -65.72
N ARG KB 88 28.64 -102.15 -66.60
CA ARG KB 88 27.34 -101.61 -66.21
C ARG KB 88 26.26 -102.14 -67.15
N HIS KB 89 25.16 -102.59 -66.58
CA HIS KB 89 24.03 -103.09 -67.37
C HIS KB 89 22.76 -102.97 -66.53
N LYS KB 90 21.62 -103.05 -67.20
CA LYS KB 90 20.34 -102.88 -66.54
C LYS KB 90 19.94 -104.15 -65.78
N VAL KB 91 19.07 -103.96 -64.78
CA VAL KB 91 18.59 -105.08 -63.98
C VAL KB 91 17.68 -105.95 -64.82
N GLY KB 92 17.93 -107.25 -64.84
CA GLY KB 92 17.11 -108.19 -65.57
C GLY KB 92 17.50 -108.37 -67.03
N ASP KB 93 18.61 -107.80 -67.47
CA ASP KB 93 19.03 -107.98 -68.84
C ASP KB 93 19.57 -109.40 -69.05
N VAL KB 94 19.76 -109.78 -70.31
CA VAL KB 94 20.28 -111.10 -70.65
C VAL KB 94 21.77 -111.13 -70.39
N SER KB 95 22.23 -112.18 -69.70
CA SER KB 95 23.61 -112.21 -69.23
C SER KB 95 24.60 -112.41 -70.36
N ALA KB 96 24.29 -113.32 -71.30
CA ALA KB 96 25.25 -113.65 -72.35
C ALA KB 96 25.55 -112.45 -73.24
N THR KB 97 24.51 -111.73 -73.64
CA THR KB 97 24.72 -110.56 -74.49
C THR KB 97 25.56 -109.51 -73.77
N VAL KB 98 25.34 -109.34 -72.46
CA VAL KB 98 26.14 -108.39 -71.71
C VAL KB 98 27.60 -108.84 -71.65
N SER KB 99 27.83 -110.14 -71.45
CA SER KB 99 29.19 -110.65 -71.37
C SER KB 99 29.91 -110.54 -72.71
N ASP KB 100 29.17 -110.53 -73.81
CA ASP KB 100 29.81 -110.45 -75.13
C ASP KB 100 30.58 -109.14 -75.28
N LEU KB 101 30.04 -108.03 -74.78
CA LEU KB 101 30.74 -106.76 -74.87
C LEU KB 101 32.06 -106.81 -74.11
N GLY KB 102 32.04 -107.40 -72.91
CA GLY KB 102 33.27 -107.53 -72.15
C GLY KB 102 34.28 -108.43 -72.84
N GLU KB 103 33.80 -109.51 -73.46
CA GLU KB 103 34.69 -110.38 -74.21
C GLU KB 103 35.36 -109.63 -75.35
N ALA KB 104 34.58 -108.81 -76.07
CA ALA KB 104 35.15 -108.00 -77.15
C ALA KB 104 36.19 -107.03 -76.62
N LEU KB 105 35.89 -106.35 -75.51
CA LEU KB 105 36.86 -105.42 -74.93
C LEU KB 105 38.14 -106.13 -74.54
N SER KB 106 38.02 -107.30 -73.91
CA SER KB 106 39.21 -108.05 -73.50
C SER KB 106 40.02 -108.49 -74.72
N PHE KB 107 39.35 -108.92 -75.78
CA PHE KB 107 40.06 -109.29 -77.00
C PHE KB 107 40.77 -108.09 -77.63
N TYR KB 108 40.14 -106.91 -77.59
CA TYR KB 108 40.75 -105.74 -78.21
C TYR KB 108 42.03 -105.32 -77.49
N LEU KB 109 42.00 -105.26 -76.16
CA LEU KB 109 43.18 -104.87 -75.40
C LEU KB 109 44.28 -105.91 -75.62
N ASN KB 110 45.40 -105.47 -76.18
CA ASN KB 110 46.48 -106.36 -76.59
C ASN KB 110 47.81 -105.71 -76.27
N GLU KB 111 48.87 -106.52 -76.30
CA GLU KB 111 50.21 -106.01 -76.02
C GLU KB 111 50.52 -104.79 -76.87
N ALA KB 112 50.32 -104.90 -78.18
CA ALA KB 112 50.58 -103.78 -79.07
C ALA KB 112 49.70 -102.59 -78.73
N LEU KB 113 48.43 -102.85 -78.43
CA LEU KB 113 47.52 -101.75 -78.10
C LEU KB 113 47.92 -101.07 -76.80
N TYR KB 114 48.35 -101.85 -75.79
CA TYR KB 114 48.86 -101.23 -74.58
C TYR KB 114 50.08 -100.38 -74.89
N GLY KB 115 50.95 -100.87 -75.76
CA GLY KB 115 52.11 -100.08 -76.15
C GLY KB 115 51.73 -98.74 -76.75
N LYS KB 116 50.76 -98.75 -77.67
CA LYS KB 116 50.33 -97.50 -78.28
C LYS KB 116 49.66 -96.58 -77.26
N LEU KB 117 48.82 -97.14 -76.37
CA LEU KB 117 48.15 -96.28 -75.39
C LEU KB 117 49.13 -95.63 -74.43
N ILE KB 118 50.14 -96.37 -73.97
CA ILE KB 118 51.10 -95.78 -73.04
C ILE KB 118 51.87 -94.67 -73.73
N GLY KB 119 52.04 -94.77 -75.05
CA GLY KB 119 52.68 -93.73 -75.83
C GLY KB 119 51.80 -92.53 -76.17
N TRP KB 120 50.68 -92.38 -75.47
CA TRP KB 120 49.76 -91.26 -75.64
C TRP KB 120 49.14 -91.18 -77.03
N GLU KB 121 49.25 -92.23 -77.83
CA GLU KB 121 48.65 -92.23 -79.15
C GLU KB 121 47.13 -92.21 -79.05
N SER KB 122 46.52 -91.05 -79.26
CA SER KB 122 45.09 -90.88 -79.07
C SER KB 122 44.31 -91.29 -80.32
N ALA LB 1 59.79 -120.55 -7.17
CA ALA LB 1 61.20 -120.73 -7.65
C ALA LB 1 61.31 -120.35 -9.13
N LEU LB 2 61.18 -121.33 -10.03
CA LEU LB 2 61.34 -121.16 -11.46
C LEU LB 2 62.79 -120.92 -11.86
N GLY LB 3 63.72 -120.96 -10.90
CA GLY LB 3 65.11 -120.66 -11.16
C GLY LB 3 65.38 -119.17 -11.13
N ASP LB 4 66.67 -118.82 -11.17
CA ASP LB 4 67.09 -117.43 -11.21
C ASP LB 4 67.51 -116.98 -12.60
N THR LB 5 67.78 -117.90 -13.51
CA THR LB 5 68.16 -117.58 -14.87
C THR LB 5 67.18 -118.23 -15.84
N LEU LB 6 66.68 -117.44 -16.78
CA LEU LB 6 65.71 -117.86 -17.77
C LEU LB 6 66.38 -117.89 -19.14
N THR LB 7 66.14 -118.96 -19.89
CA THR LB 7 66.79 -119.19 -21.17
C THR LB 7 65.82 -118.89 -22.31
N ILE LB 8 66.25 -118.06 -23.25
CA ILE LB 8 65.50 -117.77 -24.47
C ILE LB 8 66.31 -118.29 -25.64
N THR LB 9 65.70 -119.16 -26.44
CA THR LB 9 66.33 -119.75 -27.62
C THR LB 9 65.64 -119.16 -28.84
N LEU LB 10 66.17 -118.05 -29.35
CA LEU LB 10 65.60 -117.44 -30.54
C LEU LB 10 65.65 -118.42 -31.70
N GLY LB 11 64.57 -118.48 -32.46
CA GLY LB 11 64.47 -119.40 -33.58
C GLY LB 11 64.08 -120.81 -33.21
N GLY LB 12 63.49 -121.03 -32.04
CA GLY LB 12 63.06 -122.35 -31.68
C GLY LB 12 64.22 -123.25 -31.27
N SER LB 13 63.95 -124.55 -31.27
CA SER LB 13 64.97 -125.52 -30.91
C SER LB 13 66.16 -125.44 -31.85
N GLY LB 14 67.36 -125.54 -31.28
CA GLY LB 14 68.58 -125.47 -32.08
C GLY LB 14 69.01 -124.09 -32.49
N GLY LB 15 68.54 -123.05 -31.81
CA GLY LB 15 68.84 -121.68 -32.18
C GLY LB 15 69.92 -121.05 -31.33
N THR LB 16 69.82 -119.73 -31.18
CA THR LB 16 70.77 -118.95 -30.40
C THR LB 16 70.25 -118.82 -28.97
N ALA LB 17 71.11 -119.12 -28.00
CA ALA LB 17 70.72 -119.14 -26.61
C ALA LB 17 71.07 -117.82 -25.93
N LYS LB 18 70.13 -117.32 -25.12
CA LYS LB 18 70.33 -116.13 -24.30
C LYS LB 18 69.95 -116.46 -22.87
N VAL LB 19 70.78 -116.09 -21.92
CA VAL LB 19 70.55 -116.39 -20.50
C VAL LB 19 70.23 -115.09 -19.78
N LEU LB 20 69.00 -114.98 -19.30
CA LEU LB 20 68.56 -113.80 -18.55
C LEU LB 20 68.94 -113.97 -17.08
N ARG LB 21 68.62 -112.95 -16.28
CA ARG LB 21 69.00 -112.94 -14.87
C ARG LB 21 67.94 -112.23 -14.05
N LYS LB 22 67.58 -112.78 -12.89
CA LYS LB 22 66.57 -112.17 -12.06
C LYS LB 22 67.05 -110.84 -11.50
N ILE LB 23 66.14 -109.86 -11.49
CA ILE LB 23 66.48 -108.51 -11.05
C ILE LB 23 65.61 -108.09 -9.88
N ASN LB 24 64.41 -108.65 -9.78
CA ASN LB 24 63.43 -108.15 -8.82
C ASN LB 24 62.33 -109.18 -8.61
N GLN LB 25 61.54 -108.96 -7.56
CA GLN LB 25 60.33 -109.75 -7.31
C GLN LB 25 59.42 -108.91 -6.42
N ASP LB 26 58.41 -108.29 -7.03
CA ASP LB 26 57.45 -107.48 -6.30
C ASP LB 26 56.04 -107.74 -6.81
N GLY LB 27 55.07 -107.69 -5.90
CA GLY LB 27 53.67 -107.75 -6.26
C GLY LB 27 53.30 -108.98 -7.06
N TYR LB 28 53.77 -110.14 -6.62
CA TYR LB 28 53.48 -111.41 -7.31
C TYR LB 28 54.00 -111.40 -8.74
N THR LB 29 55.03 -110.60 -8.98
CA THR LB 29 55.60 -110.39 -10.30
C THR LB 29 57.12 -110.41 -10.21
N SER LB 30 57.77 -111.09 -11.15
CA SER LB 30 59.22 -111.13 -11.23
C SER LB 30 59.66 -110.98 -12.67
N GLU LB 31 60.85 -110.40 -12.87
CA GLU LB 31 61.34 -110.13 -14.21
C GLU LB 31 62.83 -110.42 -14.30
N TYR LB 32 63.29 -110.60 -15.53
CA TYR LB 32 64.67 -110.96 -15.83
C TYR LB 32 65.22 -109.98 -16.86
N TYR LB 33 66.55 -109.83 -16.91
CA TYR LB 33 67.16 -108.80 -17.75
C TYR LB 33 68.51 -109.24 -18.26
N LEU LB 34 68.95 -108.61 -19.37
CA LEU LB 34 70.26 -108.87 -19.98
C LEU LB 34 70.70 -107.70 -20.86
N PRO LB 35 71.79 -107.01 -20.54
CA PRO LB 35 72.28 -105.95 -21.43
C PRO LB 35 72.92 -106.49 -22.70
N GLU LB 36 72.89 -105.66 -23.74
CA GLU LB 36 73.64 -105.89 -24.96
C GLU LB 36 74.13 -104.56 -25.49
N THR LB 37 74.99 -104.60 -26.50
CA THR LB 37 75.57 -103.37 -27.05
C THR LB 37 74.52 -102.56 -27.80
N SER LB 38 73.72 -103.22 -28.64
CA SER LB 38 72.73 -102.55 -29.46
C SER LB 38 71.29 -102.88 -29.10
N SER LB 39 71.07 -103.71 -28.08
CA SER LB 39 69.72 -104.10 -27.72
C SER LB 39 69.72 -104.59 -26.27
N SER LB 40 68.62 -105.22 -25.86
CA SER LB 40 68.51 -105.80 -24.54
C SER LB 40 67.35 -106.79 -24.54
N PHE LB 41 67.35 -107.69 -23.56
CA PHE LB 41 66.29 -108.66 -23.37
C PHE LB 41 65.72 -108.53 -21.97
N ARG LB 42 64.39 -108.60 -21.87
CA ARG LB 42 63.70 -108.55 -20.59
C ARG LB 42 62.52 -109.52 -20.64
N ALA LB 43 62.22 -110.14 -19.51
CA ALA LB 43 61.09 -111.05 -19.37
C ALA LB 43 60.40 -110.77 -18.05
N LYS LB 44 59.08 -110.95 -18.03
CA LYS LB 44 58.28 -110.70 -16.84
C LYS LB 44 57.24 -111.82 -16.69
N VAL LB 45 56.85 -112.11 -15.45
CA VAL LB 45 55.83 -113.09 -15.14
C VAL LB 45 54.90 -112.49 -14.10
N ARG LB 46 53.60 -112.62 -14.31
CA ARG LB 46 52.59 -112.04 -13.43
C ARG LB 46 51.51 -113.06 -13.09
N HIS LB 47 51.00 -112.95 -11.87
CA HIS LB 47 49.80 -113.66 -11.42
C HIS LB 47 48.82 -112.65 -10.84
N THR LB 48 47.53 -112.84 -11.11
CA THR LB 48 46.51 -111.89 -10.69
C THR LB 48 45.23 -112.61 -10.32
N LYS LB 49 44.57 -112.12 -9.27
CA LYS LB 49 43.24 -112.55 -8.87
C LYS LB 49 42.22 -111.50 -9.26
N GLU LB 50 41.01 -111.94 -9.55
CA GLU LB 50 39.90 -111.04 -9.87
C GLU LB 50 39.05 -110.79 -8.63
N SER LB 51 38.47 -109.59 -8.58
CA SER LB 51 37.76 -109.17 -7.39
C SER LB 51 36.58 -110.07 -7.09
N VAL LB 52 36.32 -110.28 -5.79
CA VAL LB 52 35.16 -111.04 -5.38
C VAL LB 52 33.89 -110.32 -5.83
N LYS LB 53 32.80 -111.08 -5.92
CA LYS LB 53 31.53 -110.57 -6.42
C LYS LB 53 30.50 -111.50 -5.78
N PRO LB 54 29.37 -110.98 -5.26
CA PRO LB 54 28.59 -111.79 -4.30
C PRO LB 54 28.37 -113.23 -4.73
N ASN LB 55 27.77 -113.48 -5.90
CA ASN LB 55 27.62 -114.85 -6.43
C ASN LB 55 28.00 -114.91 -7.91
N GLN LB 56 29.30 -115.05 -8.19
CA GLN LB 56 29.77 -115.31 -9.53
C GLN LB 56 31.11 -116.04 -9.46
N VAL LB 57 31.42 -116.77 -10.54
CA VAL LB 57 32.66 -117.54 -10.59
C VAL LB 57 33.86 -116.61 -10.43
N GLN LB 58 34.84 -117.05 -9.65
CA GLN LB 58 36.07 -116.30 -9.42
C GLN LB 58 37.20 -116.96 -10.19
N TYR LB 59 37.95 -116.17 -10.94
CA TYR LB 59 38.93 -116.68 -11.90
C TYR LB 59 40.34 -116.24 -11.55
N GLU LB 60 41.31 -116.80 -12.27
CA GLU LB 60 42.72 -116.47 -12.13
C GLU LB 60 43.31 -116.18 -13.49
N ARG LB 61 44.42 -115.43 -13.49
CA ARG LB 61 45.12 -115.06 -14.72
C ARG LB 61 46.61 -115.26 -14.52
N HIS LB 62 47.25 -116.01 -15.41
CA HIS LB 62 48.71 -116.13 -15.47
C HIS LB 62 49.22 -115.59 -16.78
N ASN LB 63 50.23 -114.72 -16.71
CA ASN LB 63 50.76 -114.01 -17.88
C ASN LB 63 52.27 -114.22 -17.95
N VAL LB 64 52.76 -114.48 -19.17
CA VAL LB 64 54.20 -114.58 -19.45
C VAL LB 64 54.51 -113.71 -20.65
N GLU LB 65 55.57 -112.89 -20.55
CA GLU LB 65 55.84 -111.85 -21.53
C GLU LB 65 57.32 -111.79 -21.86
N PHE LB 66 57.63 -111.63 -23.15
CA PHE LB 66 58.98 -111.42 -23.66
C PHE LB 66 59.03 -110.08 -24.39
N THR LB 67 60.08 -109.30 -24.15
CA THR LB 67 60.30 -108.05 -24.87
C THR LB 67 61.78 -107.93 -25.24
N GLU LB 68 62.03 -107.21 -26.33
CA GLU LB 68 63.38 -106.98 -26.83
C GLU LB 68 63.43 -105.60 -27.46
N THR LB 69 64.28 -104.73 -26.92
CA THR LB 69 64.36 -103.34 -27.37
C THR LB 69 65.67 -103.11 -28.11
N VAL LB 70 65.58 -102.29 -29.16
CA VAL LB 70 66.72 -101.94 -30.00
C VAL LB 70 66.97 -100.45 -29.82
N TYR LB 71 68.17 -100.10 -29.35
CA TYR LB 71 68.49 -98.70 -29.09
C TYR LB 71 68.52 -97.91 -30.39
N ALA LB 72 68.07 -96.66 -30.32
CA ALA LB 72 68.04 -95.82 -31.50
C ALA LB 72 69.45 -95.59 -32.04
N SER LB 73 69.62 -95.76 -33.34
CA SER LB 73 70.90 -95.52 -34.01
C SER LB 73 70.64 -94.69 -35.26
N GLY LB 74 71.36 -93.58 -35.39
CA GLY LB 74 71.16 -92.72 -36.54
C GLY LB 74 69.74 -92.18 -36.59
N SER LB 75 69.13 -92.30 -37.77
CA SER LB 75 67.79 -91.74 -37.95
C SER LB 75 66.72 -92.60 -37.30
N THR LB 76 66.88 -93.93 -37.33
CA THR LB 76 65.85 -94.83 -36.83
C THR LB 76 65.66 -94.63 -35.33
N PRO LB 77 64.45 -94.34 -34.85
CA PRO LB 77 64.24 -94.15 -33.42
C PRO LB 77 64.02 -95.45 -32.66
N GLU LB 78 63.70 -95.32 -31.37
CA GLU LB 78 63.48 -96.49 -30.53
C GLU LB 78 62.29 -97.31 -31.01
N PHE LB 79 62.41 -98.63 -30.93
CA PHE LB 79 61.31 -99.53 -31.24
C PHE LB 79 61.56 -100.87 -30.55
N VAL LB 80 60.48 -101.64 -30.40
CA VAL LB 80 60.49 -102.84 -29.56
C VAL LB 80 59.83 -103.99 -30.29
N ARG LB 81 59.99 -105.19 -29.73
CA ARG LB 81 59.26 -106.39 -30.14
C ARG LB 81 58.73 -107.10 -28.91
N GLN LB 82 57.53 -107.68 -29.04
CA GLN LB 82 56.81 -108.27 -27.92
C GLN LB 82 56.32 -109.67 -28.28
N ALA LB 83 56.08 -110.47 -27.25
CA ALA LB 83 55.35 -111.73 -27.40
C ALA LB 83 54.95 -112.26 -26.02
N TYR LB 84 53.66 -112.53 -25.81
CA TYR LB 84 53.19 -112.93 -24.49
C TYR LB 84 51.96 -113.81 -24.62
N VAL LB 85 51.71 -114.60 -23.56
CA VAL LB 85 50.57 -115.50 -23.48
C VAL LB 85 49.88 -115.28 -22.12
N VAL LB 86 48.59 -115.62 -22.09
CA VAL LB 86 47.76 -115.47 -20.90
C VAL LB 86 46.90 -116.71 -20.74
N ILE LB 87 46.76 -117.19 -19.50
CA ILE LB 87 45.96 -118.36 -19.17
C ILE LB 87 44.96 -117.95 -18.09
N ARG LB 88 43.68 -118.29 -18.30
CA ARG LB 88 42.63 -117.91 -17.36
C ARG LB 88 41.76 -119.12 -17.04
N HIS LB 89 41.50 -119.32 -15.75
CA HIS LB 89 40.74 -120.48 -15.26
C HIS LB 89 40.26 -120.17 -13.85
N LYS LB 90 39.29 -120.95 -13.39
CA LYS LB 90 38.65 -120.67 -12.12
C LYS LB 90 39.48 -121.24 -10.96
N VAL LB 91 39.22 -120.72 -9.76
CA VAL LB 91 40.14 -120.92 -8.64
C VAL LB 91 40.27 -122.39 -8.29
N GLY LB 92 39.15 -123.10 -8.24
CA GLY LB 92 39.16 -124.50 -7.86
C GLY LB 92 39.29 -125.50 -8.98
N ASP LB 93 39.52 -125.05 -10.21
CA ASP LB 93 39.55 -125.97 -11.34
C ASP LB 93 40.69 -126.96 -11.22
N VAL LB 94 40.54 -128.08 -11.94
CA VAL LB 94 41.60 -129.07 -12.02
C VAL LB 94 42.70 -128.57 -12.95
N SER LB 95 43.96 -128.84 -12.58
CA SER LB 95 45.10 -128.28 -13.28
C SER LB 95 45.42 -129.01 -14.59
N ALA LB 96 45.21 -130.32 -14.65
CA ALA LB 96 45.64 -131.08 -15.81
C ALA LB 96 44.92 -130.64 -17.07
N THR LB 97 43.62 -130.38 -16.99
CA THR LB 97 42.87 -130.00 -18.18
C THR LB 97 43.33 -128.65 -18.72
N VAL LB 98 43.53 -127.66 -17.85
CA VAL LB 98 44.00 -126.36 -18.30
C VAL LB 98 45.40 -126.48 -18.88
N SER LB 99 46.23 -127.34 -18.29
CA SER LB 99 47.56 -127.59 -18.84
C SER LB 99 47.46 -128.17 -20.25
N ASP LB 100 46.52 -129.10 -20.45
CA ASP LB 100 46.37 -129.70 -21.77
C ASP LB 100 45.91 -128.67 -22.80
N LEU LB 101 44.99 -127.79 -22.41
CA LEU LB 101 44.54 -126.74 -23.33
C LEU LB 101 45.70 -125.82 -23.70
N GLY LB 102 46.49 -125.41 -22.71
CA GLY LB 102 47.63 -124.56 -23.00
C GLY LB 102 48.66 -125.25 -23.89
N GLU LB 103 48.88 -126.53 -23.64
CA GLU LB 103 49.82 -127.30 -24.47
C GLU LB 103 49.31 -127.41 -25.90
N ALA LB 104 48.00 -127.58 -26.08
CA ALA LB 104 47.43 -127.56 -27.42
C ALA LB 104 47.69 -126.23 -28.11
N LEU LB 105 47.49 -125.13 -27.40
CA LEU LB 105 47.76 -123.81 -27.98
C LEU LB 105 49.22 -123.69 -28.38
N SER LB 106 50.13 -124.15 -27.51
CA SER LB 106 51.56 -124.05 -27.81
C SER LB 106 51.94 -124.92 -29.02
N PHE LB 107 51.41 -126.14 -29.07
CA PHE LB 107 51.73 -127.05 -30.18
C PHE LB 107 51.15 -126.56 -31.50
N TYR LB 108 50.02 -125.86 -31.47
CA TYR LB 108 49.44 -125.35 -32.71
C TYR LB 108 50.37 -124.34 -33.36
N LEU LB 109 50.99 -123.48 -32.57
CA LEU LB 109 51.80 -122.38 -33.07
C LEU LB 109 53.18 -122.92 -33.46
N ASN LB 110 53.43 -123.00 -34.76
CA ASN LB 110 54.73 -123.35 -35.31
C ASN LB 110 55.17 -122.24 -36.27
N GLU LB 111 56.34 -122.44 -36.89
CA GLU LB 111 56.89 -121.39 -37.75
C GLU LB 111 55.96 -121.09 -38.93
N ALA LB 112 55.41 -122.13 -39.56
CA ALA LB 112 54.57 -121.91 -40.72
C ALA LB 112 53.33 -121.08 -40.37
N LEU LB 113 52.69 -121.39 -39.25
CA LEU LB 113 51.53 -120.62 -38.84
C LEU LB 113 51.91 -119.17 -38.56
N TYR LB 114 53.09 -118.95 -37.98
CA TYR LB 114 53.56 -117.59 -37.79
C TYR LB 114 53.75 -116.87 -39.12
N GLY LB 115 54.26 -117.57 -40.13
CA GLY LB 115 54.37 -116.95 -41.44
C GLY LB 115 53.01 -116.55 -42.00
N LYS LB 116 52.04 -117.46 -41.94
CA LYS LB 116 50.70 -117.11 -42.39
C LYS LB 116 50.15 -115.93 -41.61
N LEU LB 117 50.33 -115.93 -40.29
CA LEU LB 117 49.80 -114.86 -39.46
C LEU LB 117 50.40 -113.52 -39.83
N ILE LB 118 51.72 -113.47 -40.04
CA ILE LB 118 52.33 -112.23 -40.53
C ILE LB 118 51.75 -111.87 -41.88
N GLY LB 119 51.34 -112.88 -42.66
CA GLY LB 119 50.69 -112.62 -43.93
C GLY LB 119 49.31 -111.99 -43.83
N TRP LB 120 48.84 -111.73 -42.62
CA TRP LB 120 47.54 -111.12 -42.34
C TRP LB 120 46.38 -112.05 -42.67
N GLU LB 121 46.65 -113.33 -42.95
CA GLU LB 121 45.58 -114.29 -43.13
C GLU LB 121 44.85 -114.54 -41.81
N SER LB 122 43.57 -114.85 -41.92
CA SER LB 122 42.75 -115.12 -40.74
C SER LB 122 41.99 -116.43 -40.89
N ALA MB 1 64.88 -114.76 5.81
CA ALA MB 1 65.61 -115.84 5.09
C ALA MB 1 65.34 -117.19 5.74
N LEU MB 2 64.05 -117.52 5.92
CA LEU MB 2 63.63 -118.80 6.47
C LEU MB 2 63.85 -119.95 5.51
N GLY MB 3 63.98 -119.69 4.21
CA GLY MB 3 64.10 -120.73 3.21
C GLY MB 3 63.01 -120.59 2.15
N ASP MB 4 63.25 -121.27 1.03
CA ASP MB 4 62.36 -121.17 -0.11
C ASP MB 4 61.13 -122.07 -0.01
N THR MB 5 61.11 -123.03 0.92
CA THR MB 5 59.93 -123.84 1.16
C THR MB 5 59.69 -123.98 2.66
N LEU MB 6 58.42 -123.96 3.04
CA LEU MB 6 57.98 -124.08 4.42
C LEU MB 6 57.08 -125.30 4.53
N THR MB 7 57.32 -126.15 5.53
CA THR MB 7 56.65 -127.43 5.66
C THR MB 7 55.66 -127.39 6.82
N ILE MB 8 54.48 -127.94 6.58
CA ILE MB 8 53.42 -128.06 7.59
C ILE MB 8 53.07 -129.52 7.72
N THR MB 9 53.14 -130.04 8.95
CA THR MB 9 52.81 -131.43 9.25
C THR MB 9 51.49 -131.45 9.99
N LEU MB 10 50.40 -131.66 9.26
CA LEU MB 10 49.08 -131.66 9.89
C LEU MB 10 48.99 -132.81 10.89
N GLY MB 11 48.38 -132.52 12.04
CA GLY MB 11 48.29 -133.50 13.10
C GLY MB 11 49.48 -133.54 14.04
N GLY MB 12 50.36 -132.54 14.01
CA GLY MB 12 51.45 -132.50 14.96
C GLY MB 12 52.65 -133.30 14.52
N SER MB 13 53.20 -134.10 15.42
CA SER MB 13 54.33 -134.96 15.10
C SER MB 13 53.90 -136.27 14.42
N GLY MB 14 52.61 -136.48 14.21
CA GLY MB 14 52.14 -137.69 13.58
C GLY MB 14 52.62 -137.88 12.15
N GLY MB 15 52.12 -137.05 11.23
CA GLY MB 15 52.48 -137.16 9.84
C GLY MB 15 51.76 -136.16 8.96
N THR MB 16 51.45 -136.54 7.72
CA THR MB 16 50.72 -135.70 6.78
C THR MB 16 51.44 -134.37 6.55
N ALA MB 17 52.63 -134.48 5.98
CA ALA MB 17 53.52 -133.35 5.78
C ALA MB 17 53.27 -132.73 4.41
N LYS MB 18 52.96 -131.44 4.39
CA LYS MB 18 52.85 -130.66 3.17
C LYS MB 18 54.07 -129.74 3.04
N VAL MB 19 54.38 -129.37 1.79
CA VAL MB 19 55.53 -128.53 1.49
C VAL MB 19 55.02 -127.31 0.74
N LEU MB 20 54.95 -126.17 1.43
CA LEU MB 20 54.62 -124.92 0.75
C LEU MB 20 55.83 -124.39 0.00
N ARG MB 21 55.57 -123.52 -0.97
CA ARG MB 21 56.61 -122.85 -1.72
C ARG MB 21 56.44 -121.34 -1.61
N LYS MB 22 57.57 -120.61 -1.64
CA LYS MB 22 57.51 -119.16 -1.59
C LYS MB 22 57.01 -118.60 -2.91
N ILE MB 23 56.11 -117.62 -2.82
CA ILE MB 23 55.53 -117.01 -4.01
C ILE MB 23 55.61 -115.49 -4.01
N ASN MB 24 55.79 -114.84 -2.86
CA ASN MB 24 55.90 -113.39 -2.81
C ASN MB 24 56.69 -112.99 -1.57
N GLN MB 25 57.47 -111.92 -1.69
CA GLN MB 25 58.19 -111.35 -0.54
C GLN MB 25 58.27 -109.84 -0.74
N ASP MB 26 57.61 -109.08 0.14
CA ASP MB 26 57.63 -107.62 0.07
C ASP MB 26 57.43 -107.05 1.46
N GLY MB 27 58.18 -105.99 1.76
CA GLY MB 27 57.97 -105.22 2.97
C GLY MB 27 58.11 -106.00 4.27
N TYR MB 28 59.19 -106.77 4.39
CA TYR MB 28 59.41 -107.58 5.59
C TYR MB 28 58.26 -108.57 5.79
N THR MB 29 57.76 -109.12 4.68
CA THR MB 29 56.64 -110.05 4.70
C THR MB 29 56.91 -111.16 3.69
N SER MB 30 56.37 -112.35 3.97
CA SER MB 30 56.58 -113.50 3.12
C SER MB 30 55.27 -114.24 2.90
N GLU MB 31 55.23 -114.98 1.79
CA GLU MB 31 54.05 -115.73 1.37
C GLU MB 31 54.45 -117.15 1.00
N TYR MB 32 53.63 -118.12 1.41
CA TYR MB 32 53.79 -119.53 1.04
C TYR MB 32 52.44 -120.08 0.61
N TYR MB 33 52.42 -120.99 -0.35
CA TYR MB 33 51.17 -121.47 -0.93
C TYR MB 33 51.36 -122.84 -1.56
N LEU MB 34 50.25 -123.59 -1.69
CA LEU MB 34 50.28 -124.90 -2.34
C LEU MB 34 48.85 -125.37 -2.63
N PRO MB 35 48.50 -125.66 -3.88
CA PRO MB 35 47.15 -126.14 -4.17
C PRO MB 35 47.07 -127.66 -4.27
N GLU MB 36 45.87 -128.18 -4.00
CA GLU MB 36 45.60 -129.62 -4.06
C GLU MB 36 44.26 -129.81 -4.76
N THR MB 37 43.76 -131.06 -4.76
CA THR MB 37 42.53 -131.38 -5.48
C THR MB 37 41.32 -130.68 -4.87
N SER MB 38 41.21 -130.68 -3.55
CA SER MB 38 40.04 -130.13 -2.88
C SER MB 38 40.40 -129.13 -1.79
N SER MB 39 41.63 -128.62 -1.78
CA SER MB 39 42.00 -127.58 -0.81
C SER MB 39 43.34 -127.00 -1.23
N SER MB 40 43.76 -125.97 -0.51
CA SER MB 40 45.04 -125.32 -0.71
C SER MB 40 45.50 -124.76 0.62
N PHE MB 41 46.82 -124.64 0.78
CA PHE MB 41 47.42 -124.17 2.02
C PHE MB 41 48.15 -122.87 1.77
N ARG MB 42 48.14 -121.98 2.77
CA ARG MB 42 48.76 -120.67 2.67
C ARG MB 42 49.36 -120.28 4.01
N ALA MB 43 50.53 -119.64 3.98
CA ALA MB 43 51.20 -119.16 5.17
C ALA MB 43 51.75 -117.75 4.96
N LYS MB 44 51.69 -116.93 6.01
CA LYS MB 44 52.12 -115.54 5.97
C LYS MB 44 52.97 -115.25 7.20
N VAL MB 45 54.00 -114.41 7.04
CA VAL MB 45 54.83 -113.94 8.14
C VAL MB 45 55.01 -112.44 8.00
N ARG MB 46 54.79 -111.70 9.09
CA ARG MB 46 54.90 -110.26 9.08
C ARG MB 46 55.68 -109.77 10.28
N HIS MB 47 56.41 -108.67 10.10
CA HIS MB 47 57.06 -107.94 11.18
C HIS MB 47 56.69 -106.46 11.07
N THR MB 48 56.44 -105.82 12.21
CA THR MB 48 55.98 -104.43 12.20
C THR MB 48 56.42 -103.72 13.48
N LYS MB 49 56.40 -102.40 13.41
CA LYS MB 49 56.65 -101.52 14.54
C LYS MB 49 55.42 -100.66 14.78
N GLU MB 50 54.91 -100.67 16.02
CA GLU MB 50 53.76 -99.83 16.34
C GLU MB 50 54.18 -98.36 16.37
N SER MB 51 53.20 -97.49 16.13
CA SER MB 51 53.49 -96.08 15.94
C SER MB 51 54.14 -95.48 17.17
N VAL MB 52 55.08 -94.57 16.94
CA VAL MB 52 55.76 -93.85 18.01
C VAL MB 52 54.87 -92.72 18.49
N LYS MB 53 54.77 -92.58 19.80
CA LYS MB 53 54.02 -91.52 20.46
C LYS MB 53 54.93 -90.79 21.42
N PRO MB 54 54.62 -89.53 21.74
CA PRO MB 54 55.47 -88.78 22.67
C PRO MB 54 55.59 -89.51 24.00
N ASN MB 55 56.79 -89.45 24.58
CA ASN MB 55 57.10 -89.96 25.92
C ASN MB 55 56.36 -91.26 26.25
N GLN MB 56 56.39 -92.23 25.34
CA GLN MB 56 55.90 -93.58 25.57
C GLN MB 56 56.86 -94.58 24.95
N VAL MB 57 56.88 -95.80 25.51
CA VAL MB 57 57.79 -96.83 24.99
C VAL MB 57 57.32 -97.32 23.63
N GLN MB 58 58.25 -97.94 22.90
CA GLN MB 58 58.00 -98.43 21.55
C GLN MB 58 58.24 -99.94 21.47
N TYR MB 59 57.34 -100.63 20.76
CA TYR MB 59 57.29 -102.08 20.70
C TYR MB 59 57.50 -102.59 19.28
N GLU MB 60 57.90 -103.87 19.17
CA GLU MB 60 57.87 -104.59 17.91
C GLU MB 60 56.92 -105.79 18.01
N ARG MB 61 56.27 -106.12 16.89
CA ARG MB 61 55.26 -107.16 16.83
C ARG MB 61 55.59 -108.11 15.69
N HIS MB 62 55.68 -109.41 15.99
CA HIS MB 62 55.96 -110.44 15.01
C HIS MB 62 54.80 -111.42 14.92
N ASN MB 63 54.43 -111.80 13.70
CA ASN MB 63 53.20 -112.54 13.42
C ASN MB 63 53.48 -113.68 12.44
N VAL MB 64 52.74 -114.77 12.60
CA VAL MB 64 52.78 -115.89 11.67
C VAL MB 64 51.44 -116.63 11.72
N GLU MB 65 50.94 -117.04 10.55
CA GLU MB 65 49.60 -117.60 10.42
C GLU MB 65 49.60 -118.77 9.45
N PHE MB 66 48.71 -119.71 9.70
CA PHE MB 66 48.36 -120.77 8.77
C PHE MB 66 46.91 -120.59 8.35
N THR MB 67 46.63 -120.82 7.06
CA THR MB 67 45.29 -120.63 6.52
C THR MB 67 44.93 -121.83 5.66
N GLU MB 68 43.70 -122.30 5.80
CA GLU MB 68 43.20 -123.47 5.09
C GLU MB 68 41.86 -123.12 4.45
N THR MB 69 41.71 -123.46 3.17
CA THR MB 69 40.50 -123.16 2.41
C THR MB 69 40.01 -124.42 1.71
N VAL MB 70 38.72 -124.68 1.78
CA VAL MB 70 38.10 -125.89 1.26
C VAL MB 70 37.17 -125.47 0.14
N TYR MB 71 37.47 -125.90 -1.09
CA TYR MB 71 36.68 -125.49 -2.24
C TYR MB 71 35.23 -125.93 -2.09
N ALA MB 72 34.32 -125.02 -2.42
CA ALA MB 72 32.89 -125.29 -2.26
C ALA MB 72 32.46 -126.46 -3.13
N SER MB 73 31.69 -127.37 -2.55
CA SER MB 73 31.21 -128.55 -3.23
C SER MB 73 29.73 -128.74 -2.93
N GLY MB 74 29.00 -129.23 -3.94
CA GLY MB 74 27.57 -129.43 -3.77
C GLY MB 74 26.89 -128.13 -3.40
N SER MB 75 26.02 -128.19 -2.39
CA SER MB 75 25.36 -127.01 -1.87
C SER MB 75 26.15 -126.31 -0.76
N THR MB 76 27.28 -126.88 -0.34
CA THR MB 76 28.08 -126.29 0.71
C THR MB 76 28.89 -125.10 0.17
N PRO MB 77 28.76 -123.90 0.74
CA PRO MB 77 29.54 -122.77 0.23
C PRO MB 77 31.01 -122.82 0.62
N GLU MB 78 31.74 -121.75 0.31
CA GLU MB 78 33.16 -121.66 0.61
C GLU MB 78 33.39 -121.39 2.08
N PHE MB 79 34.43 -122.01 2.65
CA PHE MB 79 34.82 -121.70 4.02
C PHE MB 79 36.30 -122.04 4.20
N VAL MB 80 36.89 -121.44 5.23
CA VAL MB 80 38.34 -121.47 5.45
C VAL MB 80 38.62 -121.77 6.92
N ARG MB 81 39.89 -122.10 7.21
CA ARG MB 81 40.39 -122.18 8.57
C ARG MB 81 41.69 -121.42 8.71
N GLN MB 82 41.93 -120.89 9.90
CA GLN MB 82 43.11 -120.08 10.18
C GLN MB 82 43.60 -120.41 11.59
N ALA MB 83 44.83 -119.98 11.88
CA ALA MB 83 45.36 -120.05 13.24
C ALA MB 83 46.70 -119.31 13.26
N TYR MB 84 46.82 -118.28 14.08
CA TYR MB 84 48.02 -117.44 14.03
C TYR MB 84 48.44 -117.00 15.43
N VAL MB 85 49.71 -116.59 15.53
CA VAL MB 85 50.32 -116.15 16.78
C VAL MB 85 50.93 -114.77 16.56
N VAL MB 86 51.20 -114.08 17.67
CA VAL MB 86 52.00 -112.86 17.64
C VAL MB 86 52.85 -112.79 18.90
N ILE MB 87 53.89 -111.96 18.83
CA ILE MB 87 54.79 -111.67 19.95
C ILE MB 87 55.01 -110.17 19.98
N ARG MB 88 54.78 -109.53 21.12
CA ARG MB 88 54.95 -108.09 21.22
C ARG MB 88 55.90 -107.79 22.38
N HIS MB 89 56.98 -107.07 22.09
CA HIS MB 89 58.02 -106.76 23.07
C HIS MB 89 58.68 -105.45 22.70
N LYS MB 90 59.22 -104.75 23.71
CA LYS MB 90 59.79 -103.43 23.46
C LYS MB 90 61.09 -103.54 22.68
N VAL MB 91 61.39 -102.50 21.90
CA VAL MB 91 62.64 -102.45 21.17
C VAL MB 91 63.79 -102.34 22.15
N GLY MB 92 64.81 -103.18 21.96
CA GLY MB 92 65.94 -103.21 22.86
C GLY MB 92 65.83 -104.20 24.01
N ASP MB 93 64.76 -104.97 24.08
CA ASP MB 93 64.61 -105.96 25.13
C ASP MB 93 65.56 -107.13 24.92
N VAL MB 94 65.73 -107.93 25.96
CA VAL MB 94 66.56 -109.13 25.89
C VAL MB 94 65.78 -110.22 25.17
N SER MB 95 66.44 -110.85 24.19
CA SER MB 95 65.74 -111.78 23.30
C SER MB 95 65.39 -113.09 24.01
N ALA MB 96 66.24 -113.56 24.91
CA ALA MB 96 66.03 -114.88 25.51
C ALA MB 96 64.73 -114.92 26.31
N THR MB 97 64.48 -113.89 27.12
CA THR MB 97 63.24 -113.87 27.90
C THR MB 97 62.02 -113.79 27.00
N VAL MB 98 62.09 -112.94 25.96
CA VAL MB 98 60.98 -112.83 25.03
C VAL MB 98 60.69 -114.17 24.38
N SER MB 99 61.75 -114.92 24.07
CA SER MB 99 61.58 -116.23 23.46
C SER MB 99 60.94 -117.21 24.43
N ASP MB 100 61.41 -117.22 25.69
CA ASP MB 100 60.85 -118.13 26.68
C ASP MB 100 59.37 -117.85 26.92
N LEU MB 101 58.99 -116.58 26.97
CA LEU MB 101 57.58 -116.21 26.96
C LEU MB 101 57.07 -116.35 25.55
N GLY MB 102 56.42 -117.47 25.26
CA GLY MB 102 56.06 -117.85 23.91
C GLY MB 102 56.50 -119.27 23.69
N GLU MB 103 57.68 -119.61 24.22
CA GLU MB 103 58.06 -121.01 24.35
C GLU MB 103 57.09 -121.71 25.30
N ALA MB 104 56.76 -121.06 26.40
CA ALA MB 104 55.76 -121.58 27.32
C ALA MB 104 54.40 -121.72 26.63
N LEU MB 105 54.02 -120.71 25.85
CA LEU MB 105 52.74 -120.76 25.13
C LEU MB 105 52.71 -121.94 24.19
N SER MB 106 53.78 -122.15 23.44
CA SER MB 106 53.84 -123.27 22.50
C SER MB 106 53.78 -124.60 23.25
N PHE MB 107 54.46 -124.70 24.39
CA PHE MB 107 54.44 -125.93 25.17
C PHE MB 107 53.05 -126.22 25.71
N TYR MB 108 52.31 -125.18 26.10
CA TYR MB 108 51.02 -125.38 26.75
C TYR MB 108 50.02 -126.04 25.82
N LEU MB 109 49.96 -125.57 24.56
CA LEU MB 109 48.92 -126.02 23.64
C LEU MB 109 49.19 -127.43 23.17
N ASN MB 110 48.15 -128.26 23.16
CA ASN MB 110 48.27 -129.65 22.73
C ASN MB 110 46.87 -130.19 22.47
N GLU MB 111 46.74 -131.52 22.54
CA GLU MB 111 45.44 -132.16 22.30
C GLU MB 111 44.34 -131.54 23.14
N ALA MB 112 44.53 -131.56 24.47
CA ALA MB 112 43.44 -131.25 25.38
C ALA MB 112 43.00 -129.79 25.27
N LEU MB 113 43.95 -128.86 25.23
CA LEU MB 113 43.57 -127.46 25.20
C LEU MB 113 42.77 -127.13 23.95
N TYR MB 114 43.22 -127.62 22.79
CA TYR MB 114 42.48 -127.36 21.56
C TYR MB 114 41.10 -128.01 21.61
N GLY MB 115 41.05 -129.27 22.06
CA GLY MB 115 39.77 -129.95 22.12
C GLY MB 115 38.77 -129.24 23.00
N LYS MB 116 39.23 -128.73 24.14
CA LYS MB 116 38.33 -128.03 25.06
C LYS MB 116 38.01 -126.61 24.58
N LEU MB 117 38.93 -125.95 23.89
CA LEU MB 117 38.63 -124.64 23.34
C LEU MB 117 37.51 -124.74 22.30
N ILE MB 118 37.55 -125.76 21.46
CA ILE MB 118 36.43 -125.97 20.54
C ILE MB 118 35.15 -126.22 21.33
N GLY MB 119 35.27 -126.75 22.54
CA GLY MB 119 34.11 -127.00 23.39
C GLY MB 119 33.56 -125.78 24.10
N TRP MB 120 34.11 -124.60 23.81
CA TRP MB 120 33.76 -123.33 24.45
C TRP MB 120 34.10 -123.31 25.93
N GLU MB 121 34.83 -124.31 26.42
CA GLU MB 121 35.23 -124.32 27.83
C GLU MB 121 36.14 -123.14 28.12
N SER MB 122 36.01 -122.58 29.31
CA SER MB 122 36.83 -121.43 29.72
C SER MB 122 37.20 -121.55 31.19
N ALA NB 1 70.06 -111.35 -7.61
CA ALA NB 1 70.31 -112.80 -7.38
C ALA NB 1 71.65 -113.03 -6.69
N LEU NB 2 72.02 -112.12 -5.78
CA LEU NB 2 73.28 -112.26 -5.07
C LEU NB 2 73.28 -113.51 -4.19
N GLY NB 3 72.17 -113.77 -3.50
CA GLY NB 3 72.08 -114.89 -2.60
C GLY NB 3 71.47 -114.49 -1.28
N ASP NB 4 71.03 -115.48 -0.49
CA ASP NB 4 70.33 -115.18 0.76
C ASP NB 4 71.27 -114.80 1.89
N THR NB 5 72.57 -115.08 1.77
CA THR NB 5 73.52 -114.77 2.82
C THR NB 5 74.71 -114.01 2.26
N LEU NB 6 75.20 -113.06 3.04
CA LEU NB 6 76.32 -112.20 2.68
C LEU NB 6 77.38 -112.33 3.74
N THR NB 7 78.63 -112.54 3.33
CA THR NB 7 79.74 -112.74 4.24
C THR NB 7 80.71 -111.57 4.13
N ILE NB 8 80.98 -110.91 5.26
CA ILE NB 8 81.95 -109.84 5.33
C ILE NB 8 83.00 -110.23 6.36
N THR NB 9 84.27 -110.12 5.98
CA THR NB 9 85.40 -110.53 6.81
C THR NB 9 86.09 -109.27 7.31
N LEU NB 10 85.76 -108.86 8.54
CA LEU NB 10 86.40 -107.68 9.11
C LEU NB 10 87.91 -107.87 9.15
N GLY NB 11 88.63 -106.81 8.82
CA GLY NB 11 90.07 -106.88 8.81
C GLY NB 11 90.68 -107.50 7.56
N GLY NB 12 89.96 -107.48 6.44
CA GLY NB 12 90.53 -108.00 5.22
C GLY NB 12 90.64 -109.52 5.26
N SER NB 13 91.43 -110.04 4.33
CA SER NB 13 91.62 -111.48 4.24
C SER NB 13 92.29 -112.00 5.51
N GLY NB 14 91.79 -113.14 6.00
CA GLY NB 14 92.33 -113.76 7.19
C GLY NB 14 91.74 -113.27 8.50
N GLY NB 15 90.73 -112.40 8.47
CA GLY NB 15 90.18 -111.81 9.67
C GLY NB 15 88.99 -112.57 10.22
N THR NB 16 88.17 -111.85 10.99
CA THR NB 16 86.96 -112.41 11.57
C THR NB 16 85.83 -112.40 10.54
N ALA NB 17 85.14 -113.53 10.42
CA ALA NB 17 84.04 -113.65 9.46
C ALA NB 17 82.71 -113.36 10.13
N LYS NB 18 81.82 -112.72 9.38
CA LYS NB 18 80.46 -112.40 9.82
C LYS NB 18 79.50 -112.76 8.72
N VAL NB 19 78.35 -113.34 9.08
CA VAL NB 19 77.35 -113.80 8.13
C VAL NB 19 76.06 -113.03 8.37
N LEU NB 20 75.57 -112.36 7.32
CA LEU NB 20 74.29 -111.67 7.36
C LEU NB 20 73.28 -112.41 6.50
N ARG NB 21 72.00 -112.26 6.84
CA ARG NB 21 70.91 -112.90 6.14
C ARG NB 21 70.04 -111.87 5.43
N LYS NB 22 69.53 -112.23 4.25
CA LYS NB 22 68.67 -111.33 3.51
C LYS NB 22 67.38 -111.07 4.28
N ILE NB 23 66.88 -109.83 4.21
CA ILE NB 23 65.68 -109.44 4.93
C ILE NB 23 64.63 -108.91 3.98
N ASN NB 24 65.04 -108.27 2.88
CA ASN NB 24 64.07 -107.60 2.05
C ASN NB 24 64.74 -107.11 0.77
N GLN NB 25 63.96 -107.16 -0.33
CA GLN NB 25 64.40 -106.57 -1.60
C GLN NB 25 63.15 -106.23 -2.39
N ASP NB 26 62.83 -104.94 -2.51
CA ASP NB 26 61.62 -104.53 -3.22
C ASP NB 26 61.91 -103.64 -4.42
N GLY NB 27 62.62 -102.53 -4.24
CA GLY NB 27 62.79 -101.58 -5.33
C GLY NB 27 64.10 -101.72 -6.07
N TYR NB 28 64.39 -102.91 -6.58
CA TYR NB 28 65.67 -103.23 -7.21
C TYR NB 28 66.82 -103.18 -6.22
N THR NB 29 66.52 -103.13 -4.92
CA THR NB 29 67.51 -103.00 -3.86
C THR NB 29 67.45 -104.23 -2.96
N SER NB 30 68.50 -104.42 -2.17
CA SER NB 30 68.56 -105.54 -1.24
C SER NB 30 69.13 -105.07 0.09
N GLU NB 31 68.80 -105.80 1.16
CA GLU NB 31 69.22 -105.48 2.51
C GLU NB 31 69.58 -106.75 3.25
N TYR NB 32 70.63 -106.67 4.06
CA TYR NB 32 71.07 -107.77 4.91
C TYR NB 32 71.26 -107.26 6.33
N TYR NB 33 71.03 -108.13 7.32
CA TYR NB 33 71.08 -107.73 8.71
C TYR NB 33 71.62 -108.85 9.57
N LEU NB 34 72.21 -108.47 10.71
CA LEU NB 34 72.71 -109.42 11.70
C LEU NB 34 72.85 -108.72 13.06
N PRO NB 35 72.03 -109.07 14.05
CA PRO NB 35 72.15 -108.43 15.35
C PRO NB 35 73.15 -109.13 16.27
N GLU NB 36 73.67 -108.35 17.22
CA GLU NB 36 74.75 -108.78 18.09
C GLU NB 36 74.58 -108.07 19.42
N THR NB 37 75.21 -108.63 20.46
CA THR NB 37 74.92 -108.17 21.82
C THR NB 37 75.24 -106.68 21.99
N SER NB 38 76.38 -106.23 21.47
CA SER NB 38 76.77 -104.83 21.57
C SER NB 38 76.81 -104.13 20.22
N SER NB 39 76.40 -104.78 19.14
CA SER NB 39 76.39 -104.16 17.83
C SER NB 39 75.47 -104.95 16.90
N SER NB 40 75.45 -104.52 15.64
CA SER NB 40 74.71 -105.21 14.60
C SER NB 40 75.28 -104.78 13.25
N PHE NB 41 75.18 -105.68 12.28
CA PHE NB 41 75.76 -105.45 10.96
C PHE NB 41 74.66 -105.39 9.92
N ARG NB 42 74.72 -104.37 9.05
CA ARG NB 42 73.75 -104.16 7.99
C ARG NB 42 74.50 -103.97 6.68
N ALA NB 43 74.07 -104.67 5.64
CA ALA NB 43 74.63 -104.51 4.30
C ALA NB 43 73.51 -104.20 3.33
N LYS NB 44 73.78 -103.26 2.42
CA LYS NB 44 72.75 -102.61 1.60
C LYS NB 44 73.21 -102.57 0.15
N VAL NB 45 72.27 -102.72 -0.78
CA VAL NB 45 72.54 -102.63 -2.20
C VAL NB 45 71.44 -101.80 -2.87
N ARG NB 46 71.84 -100.85 -3.72
CA ARG NB 46 70.90 -100.06 -4.52
C ARG NB 46 71.22 -100.21 -6.01
N HIS NB 47 70.29 -99.71 -6.83
CA HIS NB 47 70.47 -99.58 -8.27
C HIS NB 47 69.63 -98.41 -8.74
N THR NB 48 70.08 -97.71 -9.78
CA THR NB 48 69.36 -96.53 -10.23
C THR NB 48 69.73 -96.18 -11.67
N LYS NB 49 68.80 -95.54 -12.35
CA LYS NB 49 69.00 -94.94 -13.66
C LYS NB 49 68.79 -93.43 -13.55
N GLU NB 50 69.80 -92.67 -13.98
CA GLU NB 50 69.71 -91.21 -13.86
C GLU NB 50 68.68 -90.63 -14.82
N SER NB 51 68.16 -89.46 -14.47
CA SER NB 51 67.11 -88.83 -15.26
C SER NB 51 67.61 -88.54 -16.68
N VAL NB 52 66.77 -88.83 -17.66
CA VAL NB 52 67.11 -88.64 -19.06
C VAL NB 52 66.71 -87.23 -19.47
N LYS NB 53 67.48 -86.66 -20.38
CA LYS NB 53 67.24 -85.34 -20.95
C LYS NB 53 67.38 -85.42 -22.46
N PRO NB 54 66.82 -84.44 -23.19
CA PRO NB 54 66.90 -84.51 -24.64
C PRO NB 54 68.34 -84.57 -25.12
N ASN NB 55 68.55 -85.31 -26.21
CA ASN NB 55 69.82 -85.41 -26.93
C ASN NB 55 71.01 -85.34 -25.98
N GLN NB 56 70.97 -86.14 -24.92
CA GLN NB 56 72.08 -86.26 -23.98
C GLN NB 56 72.24 -87.72 -23.58
N VAL NB 57 73.45 -88.08 -23.19
CA VAL NB 57 73.76 -89.45 -22.80
C VAL NB 57 73.24 -89.70 -21.39
N GLN NB 58 72.59 -90.86 -21.19
CA GLN NB 58 72.09 -91.25 -19.88
C GLN NB 58 72.97 -92.34 -19.28
N TYR NB 59 73.21 -92.21 -17.98
CA TYR NB 59 74.12 -93.05 -17.23
C TYR NB 59 73.35 -93.89 -16.21
N GLU NB 60 73.98 -94.96 -15.74
CA GLU NB 60 73.47 -95.73 -14.62
C GLU NB 60 74.26 -95.41 -13.35
N ARG NB 61 73.96 -96.12 -12.27
CA ARG NB 61 74.57 -95.87 -10.98
C ARG NB 61 74.35 -97.11 -10.11
N HIS NB 62 75.44 -97.73 -9.65
CA HIS NB 62 75.36 -98.84 -8.71
C HIS NB 62 76.09 -98.48 -7.42
N ASN NB 63 75.51 -98.90 -6.30
CA ASN NB 63 75.97 -98.51 -4.97
C ASN NB 63 76.00 -99.74 -4.07
N VAL NB 64 77.03 -99.84 -3.24
CA VAL NB 64 77.16 -100.89 -2.24
C VAL NB 64 77.62 -100.26 -0.93
N GLU NB 65 77.03 -100.69 0.18
CA GLU NB 65 77.17 -99.98 1.45
C GLU NB 65 77.19 -100.95 2.62
N PHE NB 66 78.15 -100.78 3.52
CA PHE NB 66 78.22 -101.49 4.78
C PHE NB 66 78.11 -100.51 5.94
N THR NB 67 77.40 -100.92 7.00
CA THR NB 67 77.20 -100.08 8.17
C THR NB 67 77.37 -100.92 9.43
N GLU NB 68 77.94 -100.30 10.47
CA GLU NB 68 78.09 -100.94 11.76
C GLU NB 68 77.76 -99.91 12.84
N THR NB 69 76.83 -100.26 13.73
CA THR NB 69 76.35 -99.37 14.78
C THR NB 69 76.63 -99.97 16.15
N VAL NB 70 77.18 -99.16 17.04
CA VAL NB 70 77.55 -99.59 18.39
C VAL NB 70 76.54 -98.99 19.36
N TYR NB 71 75.87 -99.83 20.13
CA TYR NB 71 74.81 -99.35 20.99
C TYR NB 71 75.37 -98.53 22.16
N ALA NB 72 74.52 -97.65 22.68
CA ALA NB 72 74.93 -96.80 23.79
C ALA NB 72 75.27 -97.64 25.00
N SER NB 73 76.30 -97.20 25.74
CA SER NB 73 76.77 -97.94 26.91
C SER NB 73 77.23 -96.90 27.93
N GLY NB 74 76.35 -96.51 28.83
CA GLY NB 74 76.70 -95.50 29.83
C GLY NB 74 76.57 -94.10 29.25
N SER NB 75 77.56 -93.25 29.54
CA SER NB 75 77.48 -91.86 29.11
C SER NB 75 77.52 -91.75 27.59
N THR NB 76 78.37 -92.54 26.94
CA THR NB 76 78.61 -92.37 25.51
C THR NB 76 77.39 -92.80 24.69
N PRO NB 77 76.85 -91.94 23.83
CA PRO NB 77 75.71 -92.35 23.00
C PRO NB 77 76.13 -93.28 21.87
N GLU NB 78 75.13 -93.88 21.23
CA GLU NB 78 75.37 -94.77 20.11
C GLU NB 78 75.93 -93.99 18.92
N PHE NB 79 76.70 -94.70 18.09
CA PHE NB 79 77.33 -94.12 16.90
C PHE NB 79 77.38 -95.18 15.80
N VAL NB 80 77.91 -94.80 14.65
CA VAL NB 80 77.89 -95.63 13.45
C VAL NB 80 79.27 -95.61 12.79
N ARG NB 81 79.57 -96.69 12.07
CA ARG NB 81 80.69 -96.73 11.13
C ARG NB 81 80.16 -97.18 9.78
N GLN NB 82 80.59 -96.47 8.72
CA GLN NB 82 79.99 -96.62 7.40
C GLN NB 82 81.10 -96.66 6.35
N ALA NB 83 80.83 -97.34 5.24
CA ALA NB 83 81.76 -97.36 4.11
C ALA NB 83 81.03 -97.87 2.89
N TYR NB 84 81.16 -97.17 1.76
CA TYR NB 84 80.40 -97.51 0.56
C TYR NB 84 81.15 -97.10 -0.70
N VAL NB 85 80.78 -97.73 -1.81
CA VAL NB 85 81.37 -97.48 -3.12
C VAL NB 85 80.25 -97.21 -4.11
N VAL NB 86 80.58 -96.51 -5.20
CA VAL NB 86 79.65 -96.15 -6.26
C VAL NB 86 80.32 -96.37 -7.60
N ILE NB 87 79.53 -96.79 -8.59
CA ILE NB 87 79.99 -97.01 -9.95
C ILE NB 87 79.05 -96.29 -10.89
N ARG NB 88 79.61 -95.57 -11.86
CA ARG NB 88 78.82 -94.82 -12.83
C ARG NB 88 79.35 -95.09 -14.23
N HIS NB 89 78.44 -95.41 -15.16
CA HIS NB 89 78.79 -95.68 -16.54
C HIS NB 89 77.53 -95.57 -17.39
N LYS NB 90 77.72 -95.53 -18.70
CA LYS NB 90 76.66 -95.22 -19.64
C LYS NB 90 76.00 -96.48 -20.17
N VAL NB 91 74.73 -96.33 -20.56
CA VAL NB 91 73.96 -97.46 -21.06
C VAL NB 91 74.60 -97.98 -22.34
N GLY NB 92 74.63 -99.30 -22.48
CA GLY NB 92 75.19 -99.92 -23.66
C GLY NB 92 76.70 -99.99 -23.69
N ASP NB 93 77.38 -99.59 -22.63
CA ASP NB 93 78.84 -99.62 -22.60
C ASP NB 93 79.32 -101.07 -22.56
N VAL NB 94 80.64 -101.23 -22.51
CA VAL NB 94 81.26 -102.55 -22.43
C VAL NB 94 81.55 -102.85 -20.97
N SER NB 95 81.01 -103.97 -20.47
CA SER NB 95 81.11 -104.29 -19.05
C SER NB 95 82.55 -104.54 -18.63
N ALA NB 96 83.36 -105.11 -19.52
CA ALA NB 96 84.71 -105.51 -19.15
C ALA NB 96 85.54 -104.30 -18.73
N THR NB 97 85.44 -103.18 -19.48
CA THR NB 97 86.27 -102.03 -19.18
C THR NB 97 85.89 -101.39 -17.84
N VAL NB 98 84.59 -101.23 -17.60
CA VAL NB 98 84.16 -100.67 -16.32
C VAL NB 98 84.56 -101.59 -15.19
N SER NB 99 84.50 -102.90 -15.41
CA SER NB 99 84.95 -103.84 -14.39
C SER NB 99 86.44 -103.68 -14.12
N ASP NB 100 87.23 -103.46 -15.17
CA ASP NB 100 88.66 -103.25 -14.99
C ASP NB 100 88.93 -102.00 -14.16
N LEU NB 101 88.24 -100.90 -14.47
CA LEU NB 101 88.41 -99.69 -13.67
C LEU NB 101 88.03 -99.94 -12.22
N GLY NB 102 86.89 -100.61 -11.99
CA GLY NB 102 86.45 -100.83 -10.63
C GLY NB 102 87.40 -101.68 -9.83
N GLU NB 103 87.89 -102.77 -10.43
CA GLU NB 103 88.80 -103.64 -9.70
C GLU NB 103 90.18 -102.98 -9.54
N ALA NB 104 90.57 -102.10 -10.46
CA ALA NB 104 91.78 -101.31 -10.23
C ALA NB 104 91.62 -100.44 -8.99
N LEU NB 105 90.47 -99.77 -8.88
CA LEU NB 105 90.19 -98.97 -7.69
C LEU NB 105 90.23 -99.83 -6.44
N SER NB 106 89.64 -101.02 -6.52
CA SER NB 106 89.63 -101.92 -5.37
C SER NB 106 91.04 -102.31 -4.97
N PHE NB 107 91.88 -102.62 -5.96
CA PHE NB 107 93.27 -103.03 -5.71
C PHE NB 107 94.09 -101.90 -5.12
N TYR NB 108 93.77 -100.64 -5.48
CA TYR NB 108 94.55 -99.51 -4.97
C TYR NB 108 94.44 -99.41 -3.45
N LEU NB 109 93.24 -99.59 -2.91
CA LEU NB 109 93.02 -99.39 -1.48
C LEU NB 109 93.67 -100.51 -0.67
N ASN NB 110 94.49 -100.12 0.32
CA ASN NB 110 95.18 -101.05 1.19
C ASN NB 110 95.21 -100.48 2.60
N GLU NB 111 95.86 -101.21 3.50
CA GLU NB 111 95.96 -100.76 4.89
C GLU NB 111 96.65 -99.39 4.97
N ALA NB 112 97.76 -99.24 4.26
CA ALA NB 112 98.50 -97.98 4.31
C ALA NB 112 97.62 -96.81 3.87
N LEU NB 113 96.89 -97.00 2.77
CA LEU NB 113 96.05 -95.91 2.26
C LEU NB 113 94.93 -95.56 3.23
N TYR NB 114 94.28 -96.57 3.81
CA TYR NB 114 93.24 -96.25 4.79
C TYR NB 114 93.82 -95.49 5.97
N GLY NB 115 95.00 -95.90 6.45
CA GLY NB 115 95.65 -95.15 7.50
C GLY NB 115 95.93 -93.71 7.11
N LYS NB 116 96.44 -93.51 5.90
CA LYS NB 116 96.75 -92.15 5.44
C LYS NB 116 95.50 -91.30 5.39
N LEU NB 117 94.41 -91.84 4.83
CA LEU NB 117 93.16 -91.07 4.78
C LEU NB 117 92.65 -90.75 6.18
N ILE NB 118 92.71 -91.71 7.10
CA ILE NB 118 92.32 -91.39 8.48
C ILE NB 118 93.26 -90.33 9.06
N GLY NB 119 94.46 -90.21 8.50
CA GLY NB 119 95.38 -89.16 8.91
C GLY NB 119 95.13 -87.79 8.31
N TRP NB 120 94.09 -87.63 7.50
CA TRP NB 120 93.74 -86.37 6.83
C TRP NB 120 94.73 -85.94 5.77
N GLU NB 121 95.65 -86.82 5.37
CA GLU NB 121 96.62 -86.46 4.34
C GLU NB 121 95.94 -86.36 2.99
N SER NB 122 96.25 -85.28 2.26
CA SER NB 122 95.65 -85.03 0.96
C SER NB 122 96.74 -84.82 -0.08
N ALA OB 1 35.23 -125.82 32.08
CA ALA OB 1 36.11 -126.13 33.25
C ALA OB 1 37.44 -125.38 33.15
N LEU OB 2 38.47 -126.03 32.60
CA LEU OB 2 39.81 -125.49 32.47
C LEU OB 2 40.56 -125.46 33.80
N GLY OB 3 39.96 -125.96 34.87
CA GLY OB 3 40.64 -126.05 36.15
C GLY OB 3 40.64 -124.74 36.92
N ASP OB 4 41.01 -124.85 38.20
CA ASP OB 4 41.13 -123.69 39.07
C ASP OB 4 42.50 -123.04 38.99
N THR OB 5 43.48 -123.68 38.36
CA THR OB 5 44.81 -123.11 38.22
C THR OB 5 45.34 -123.31 36.81
N LEU OB 6 46.06 -122.29 36.33
CA LEU OB 6 46.73 -122.30 35.03
C LEU OB 6 48.23 -122.34 35.28
N THR OB 7 48.90 -123.31 34.67
CA THR OB 7 50.34 -123.49 34.85
C THR OB 7 51.08 -122.95 33.64
N ILE OB 8 52.02 -122.04 33.89
CA ILE OB 8 52.89 -121.49 32.87
C ILE OB 8 54.31 -121.94 33.19
N THR OB 9 55.00 -122.48 32.20
CA THR OB 9 56.38 -122.95 32.35
C THR OB 9 57.27 -122.14 31.41
N LEU OB 10 57.80 -121.04 31.92
CA LEU OB 10 58.73 -120.24 31.13
C LEU OB 10 59.92 -121.10 30.71
N GLY OB 11 60.32 -120.96 29.46
CA GLY OB 11 61.41 -121.75 28.92
C GLY OB 11 61.03 -123.10 28.38
N GLY OB 12 59.74 -123.35 28.16
CA GLY OB 12 59.31 -124.63 27.64
C GLY OB 12 59.40 -125.72 28.68
N SER OB 13 59.43 -126.96 28.18
CA SER OB 13 59.54 -128.11 29.07
C SER OB 13 60.85 -128.07 29.84
N GLY OB 14 60.78 -128.39 31.13
CA GLY OB 14 61.94 -128.40 31.99
C GLY OB 14 62.31 -127.06 32.61
N GLY OB 15 61.54 -126.01 32.37
CA GLY OB 15 61.85 -124.69 32.90
C GLY OB 15 61.25 -124.47 34.27
N THR OB 16 61.25 -123.20 34.67
CA THR OB 16 60.61 -122.78 35.91
C THR OB 16 59.10 -122.73 35.73
N ALA OB 17 58.37 -123.19 36.74
CA ALA OB 17 56.93 -123.32 36.66
C ALA OB 17 56.24 -122.37 37.63
N LYS OB 18 55.26 -121.64 37.12
CA LYS OB 18 54.43 -120.73 37.91
C LYS OB 18 52.97 -121.12 37.73
N VAL OB 19 52.16 -120.90 38.77
CA VAL OB 19 50.76 -121.29 38.79
C VAL OB 19 49.90 -120.05 39.02
N LEU OB 20 48.97 -119.79 38.12
CA LEU OB 20 48.04 -118.67 38.24
C LEU OB 20 46.68 -119.13 38.75
N ARG OB 21 46.02 -118.26 39.48
CA ARG OB 21 44.72 -118.51 40.10
C ARG OB 21 43.63 -117.78 39.31
N LYS OB 22 42.45 -118.40 39.22
CA LYS OB 22 41.34 -117.73 38.55
C LYS OB 22 40.70 -116.70 39.48
N ILE OB 23 40.45 -115.50 38.94
CA ILE OB 23 39.94 -114.41 39.74
C ILE OB 23 38.60 -113.87 39.24
N ASN OB 24 38.17 -114.20 38.02
CA ASN OB 24 36.93 -113.65 37.49
C ASN OB 24 36.45 -114.52 36.34
N GLN OB 25 35.19 -114.32 35.97
CA GLN OB 25 34.61 -115.04 34.82
C GLN OB 25 33.40 -114.23 34.35
N ASP OB 26 33.52 -113.61 33.18
CA ASP OB 26 32.45 -112.76 32.67
C ASP OB 26 32.51 -112.74 31.15
N GLY OB 27 31.32 -112.60 30.55
CA GLY OB 27 31.25 -112.47 29.10
C GLY OB 27 31.89 -113.60 28.35
N TYR OB 28 31.70 -114.84 28.81
CA TYR OB 28 32.27 -116.01 28.17
C TYR OB 28 33.79 -115.99 28.22
N THR OB 29 34.33 -115.30 29.23
CA THR OB 29 35.77 -115.14 29.39
C THR OB 29 36.19 -115.65 30.77
N SER OB 30 37.47 -116.01 30.89
CA SER OB 30 38.06 -116.41 32.16
C SER OB 30 39.40 -115.70 32.33
N GLU OB 31 39.73 -115.37 33.58
CA GLU OB 31 40.91 -114.58 33.90
C GLU OB 31 41.74 -115.31 34.94
N TYR OB 32 43.07 -115.20 34.84
CA TYR OB 32 44.00 -115.76 35.80
C TYR OB 32 45.00 -114.70 36.22
N TYR OB 33 45.46 -114.76 37.47
CA TYR OB 33 46.35 -113.73 38.00
C TYR OB 33 47.38 -114.34 38.95
N LEU OB 34 48.52 -113.65 39.07
CA LEU OB 34 49.54 -113.98 40.07
C LEU OB 34 50.43 -112.76 40.36
N PRO OB 35 50.51 -112.29 41.60
CA PRO OB 35 51.40 -111.17 41.92
C PRO OB 35 52.79 -111.63 42.37
N GLU OB 36 53.74 -110.68 42.30
CA GLU OB 36 55.10 -110.90 42.76
C GLU OB 36 55.66 -109.59 43.29
N THR OB 37 56.93 -109.62 43.71
CA THR OB 37 57.56 -108.44 44.28
C THR OB 37 57.95 -107.42 43.21
N SER OB 38 58.36 -107.88 42.02
CA SER OB 38 58.81 -106.99 40.97
C SER OB 38 57.99 -107.08 39.68
N SER OB 39 57.11 -108.06 39.55
CA SER OB 39 56.30 -108.21 38.35
C SER OB 39 54.99 -108.89 38.71
N SER OB 40 54.20 -109.24 37.69
CA SER OB 40 52.98 -109.99 37.88
C SER OB 40 52.65 -110.71 36.58
N PHE OB 41 51.81 -111.74 36.70
CA PHE OB 41 51.40 -112.56 35.56
C PHE OB 41 49.88 -112.61 35.47
N ARG OB 42 49.39 -112.63 34.23
CA ARG OB 42 47.98 -112.67 33.91
C ARG OB 42 47.79 -113.51 32.66
N ALA OB 43 46.60 -114.10 32.54
CA ALA OB 43 46.22 -114.84 31.34
C ALA OB 43 44.74 -114.62 31.09
N LYS OB 44 44.40 -114.33 29.84
CA LYS OB 44 43.02 -114.08 29.43
C LYS OB 44 42.57 -115.29 28.64
N VAL OB 45 41.29 -115.63 28.73
CA VAL OB 45 40.66 -116.60 27.84
C VAL OB 45 39.34 -116.02 27.37
N ARG OB 46 39.16 -115.94 26.06
CA ARG OB 46 37.97 -115.32 25.47
C ARG OB 46 37.41 -116.20 24.36
N HIS OB 47 36.10 -116.09 24.16
CA HIS OB 47 35.38 -116.73 23.07
C HIS OB 47 34.52 -115.69 22.39
N THR OB 48 34.22 -115.91 21.11
CA THR OB 48 33.43 -114.93 20.37
C THR OB 48 32.75 -115.61 19.19
N LYS OB 49 31.63 -115.02 18.77
CA LYS OB 49 30.90 -115.41 17.57
C LYS OB 49 30.76 -114.20 16.66
N GLU OB 50 31.09 -114.37 15.38
CA GLU OB 50 31.03 -113.26 14.44
C GLU OB 50 29.59 -112.90 14.11
N SER OB 51 29.43 -111.71 13.53
CA SER OB 51 28.10 -111.17 13.27
C SER OB 51 27.37 -111.99 12.21
N VAL OB 52 26.05 -112.10 12.38
CA VAL OB 52 25.22 -112.84 11.43
C VAL OB 52 24.90 -111.95 10.23
N LYS OB 53 24.84 -112.58 9.06
CA LYS OB 53 24.52 -111.91 7.82
C LYS OB 53 23.56 -112.79 7.03
N PRO OB 54 22.78 -112.22 6.10
CA PRO OB 54 21.67 -112.97 5.51
C PRO OB 54 22.04 -114.30 4.88
N ASN OB 55 22.93 -114.32 3.88
CA ASN OB 55 23.33 -115.54 3.19
C ASN OB 55 24.86 -115.65 3.17
N GLN OB 56 25.41 -116.14 4.29
CA GLN OB 56 26.84 -116.25 4.48
C GLN OB 56 27.10 -117.30 5.57
N VAL OB 57 28.35 -117.69 5.69
CA VAL OB 57 28.77 -118.71 6.65
C VAL OB 57 29.05 -118.05 8.00
N GLN OB 58 28.70 -118.75 9.08
CA GLN OB 58 28.95 -118.25 10.43
C GLN OB 58 30.27 -118.80 10.96
N TYR OB 59 31.05 -117.91 11.55
CA TYR OB 59 32.40 -118.23 12.01
C TYR OB 59 32.52 -118.00 13.50
N GLU OB 60 33.49 -118.68 14.11
CA GLU OB 60 33.66 -118.69 15.56
C GLU OB 60 35.14 -118.63 15.91
N ARG OB 61 35.47 -117.84 16.93
CA ARG OB 61 36.85 -117.52 17.27
C ARG OB 61 37.12 -117.84 18.74
N HIS OB 62 38.28 -118.44 19.02
CA HIS OB 62 38.75 -118.65 20.39
C HIS OB 62 40.14 -118.05 20.56
N ASN OB 63 40.34 -117.27 21.62
CA ASN OB 63 41.59 -116.56 21.85
C ASN OB 63 42.10 -116.81 23.25
N VAL OB 64 43.43 -116.91 23.38
CA VAL OB 64 44.10 -117.05 24.67
C VAL OB 64 45.42 -116.31 24.60
N GLU OB 65 45.79 -115.61 25.69
CA GLU OB 65 47.00 -114.81 25.71
C GLU OB 65 47.77 -115.04 26.99
N PHE OB 66 49.07 -114.80 26.93
CA PHE OB 66 49.93 -114.67 28.09
C PHE OB 66 50.53 -113.27 28.10
N THR OB 67 50.45 -112.59 29.25
CA THR OB 67 50.96 -111.23 29.37
C THR OB 67 51.82 -111.11 30.61
N GLU OB 68 52.85 -110.28 30.52
CA GLU OB 68 53.84 -110.11 31.58
C GLU OB 68 54.07 -108.63 31.80
N THR OB 69 53.84 -108.13 33.01
CA THR OB 69 54.09 -106.74 33.34
C THR OB 69 55.29 -106.62 34.28
N VAL OB 70 56.16 -105.65 33.98
CA VAL OB 70 57.32 -105.36 34.80
C VAL OB 70 57.14 -103.97 35.39
N TYR OB 71 57.18 -103.89 36.72
CA TYR OB 71 56.93 -102.63 37.41
C TYR OB 71 58.06 -101.64 37.17
N ALA OB 72 57.72 -100.36 37.18
CA ALA OB 72 58.70 -99.31 36.95
C ALA OB 72 59.75 -99.33 38.06
N SER OB 73 61.01 -99.20 37.67
CA SER OB 73 62.12 -99.17 38.61
C SER OB 73 63.11 -98.08 38.18
N GLY OB 74 63.29 -97.09 39.03
CA GLY OB 74 64.21 -96.01 38.72
C GLY OB 74 63.80 -95.28 37.46
N SER OB 75 64.79 -94.98 36.61
CA SER OB 75 64.52 -94.20 35.40
C SER OB 75 63.63 -94.97 34.43
N THR OB 76 63.85 -96.27 34.29
CA THR OB 76 63.12 -97.05 33.29
C THR OB 76 61.65 -97.14 33.65
N PRO OB 77 60.74 -96.74 32.75
CA PRO OB 77 59.32 -96.88 33.05
C PRO OB 77 58.86 -98.32 32.92
N GLU OB 78 57.64 -98.57 33.40
CA GLU OB 78 57.06 -99.89 33.36
C GLU OB 78 56.80 -100.34 31.92
N PHE OB 79 56.97 -101.64 31.68
CA PHE OB 79 56.71 -102.21 30.36
C PHE OB 79 56.12 -103.60 30.56
N VAL OB 80 55.73 -104.23 29.44
CA VAL OB 80 55.01 -105.49 29.46
C VAL OB 80 55.48 -106.41 28.33
N ARG OB 81 55.17 -107.70 28.47
CA ARG OB 81 55.34 -108.69 27.41
C ARG OB 81 54.04 -109.48 27.22
N GLN OB 82 53.75 -109.84 25.96
CA GLN OB 82 52.57 -110.64 25.62
C GLN OB 82 52.91 -111.68 24.55
N ALA OB 83 52.02 -112.66 24.41
CA ALA OB 83 52.07 -113.63 23.31
C ALA OB 83 50.76 -114.41 23.29
N TYR OB 84 50.03 -114.39 22.18
CA TYR OB 84 48.67 -114.94 22.18
C TYR OB 84 48.36 -115.64 20.87
N VAL OB 85 47.31 -116.47 20.91
CA VAL OB 85 46.84 -117.24 19.76
C VAL OB 85 45.33 -117.11 19.67
N VAL OB 86 44.81 -117.29 18.46
CA VAL OB 86 43.37 -117.35 18.23
C VAL OB 86 43.11 -118.36 17.13
N ILE OB 87 41.96 -119.03 17.21
CA ILE OB 87 41.55 -120.06 16.27
C ILE OB 87 40.22 -119.64 15.66
N ARG OB 88 40.09 -119.77 14.34
CA ARG OB 88 38.90 -119.33 13.63
C ARG OB 88 38.42 -120.46 12.73
N HIS OB 89 37.15 -120.85 12.89
CA HIS OB 89 36.57 -121.90 12.07
C HIS OB 89 35.05 -121.79 12.10
N LYS OB 90 34.41 -122.46 11.15
CA LYS OB 90 32.96 -122.37 10.98
C LYS OB 90 32.24 -123.14 12.08
N VAL OB 91 30.96 -122.82 12.26
CA VAL OB 91 30.23 -123.29 13.44
C VAL OB 91 30.07 -124.81 13.41
N GLY OB 92 29.77 -125.37 12.24
CA GLY OB 92 29.50 -126.79 12.13
C GLY OB 92 30.66 -127.68 11.79
N ASP OB 93 31.90 -127.19 11.87
CA ASP OB 93 33.05 -127.94 11.39
C ASP OB 93 33.28 -129.19 12.24
N VAL OB 94 34.12 -130.08 11.72
CA VAL OB 94 34.59 -131.22 12.50
C VAL OB 94 35.68 -130.75 13.45
N SER OB 95 35.55 -131.10 14.72
CA SER OB 95 36.47 -130.57 15.74
C SER OB 95 37.89 -131.07 15.53
N ALA OB 96 38.06 -132.35 15.20
CA ALA OB 96 39.39 -132.93 15.11
C ALA OB 96 40.21 -132.27 14.01
N THR OB 97 39.61 -132.05 12.84
CA THR OB 97 40.34 -131.40 11.76
C THR OB 97 40.76 -129.99 12.16
N VAL OB 98 39.87 -129.25 12.80
CA VAL OB 98 40.21 -127.89 13.24
C VAL OB 98 41.38 -127.94 14.21
N SER OB 99 41.37 -128.92 15.11
CA SER OB 99 42.47 -129.06 16.06
C SER OB 99 43.78 -129.43 15.36
N ASP OB 100 43.70 -130.14 14.23
CA ASP OB 100 44.92 -130.61 13.56
C ASP OB 100 45.80 -129.44 13.13
N LEU OB 101 45.20 -128.39 12.59
CA LEU OB 101 45.97 -127.25 12.11
C LEU OB 101 46.71 -126.59 13.28
N GLY OB 102 46.05 -126.44 14.42
CA GLY OB 102 46.70 -125.85 15.58
C GLY OB 102 47.79 -126.73 16.13
N GLU OB 103 47.59 -128.05 16.09
CA GLU OB 103 48.66 -128.96 16.50
C GLU OB 103 49.90 -128.77 15.63
N ALA OB 104 49.70 -128.66 14.32
CA ALA OB 104 50.82 -128.41 13.42
C ALA OB 104 51.49 -127.08 13.73
N LEU OB 105 50.70 -126.02 13.96
CA LEU OB 105 51.28 -124.72 14.25
C LEU OB 105 52.12 -124.76 15.53
N SER OB 106 51.62 -125.44 16.56
CA SER OB 106 52.37 -125.58 17.79
C SER OB 106 53.66 -126.37 17.58
N PHE OB 107 53.59 -127.43 16.79
CA PHE OB 107 54.79 -128.24 16.52
C PHE OB 107 55.85 -127.42 15.77
N TYR OB 108 55.43 -126.60 14.82
CA TYR OB 108 56.40 -125.91 13.96
C TYR OB 108 57.19 -124.88 14.77
N LEU OB 109 56.51 -124.12 15.64
CA LEU OB 109 57.20 -123.09 16.38
C LEU OB 109 58.04 -123.70 17.50
N ASN OB 110 59.30 -123.29 17.56
CA ASN OB 110 60.26 -123.85 18.49
C ASN OB 110 61.37 -122.81 18.68
N GLU OB 111 62.48 -123.23 19.31
CA GLU OB 111 63.51 -122.28 19.68
C GLU OB 111 64.07 -121.57 18.45
N ALA OB 112 64.39 -122.32 17.41
CA ALA OB 112 64.99 -121.72 16.22
C ALA OB 112 64.04 -120.71 15.58
N LEU OB 113 62.76 -121.04 15.48
CA LEU OB 113 61.83 -120.11 14.85
C LEU OB 113 61.75 -118.81 15.64
N TYR OB 114 61.70 -118.90 16.96
CA TYR OB 114 61.62 -117.68 17.76
C TYR OB 114 62.89 -116.86 17.63
N GLY OB 115 64.04 -117.53 17.60
CA GLY OB 115 65.29 -116.81 17.38
C GLY OB 115 65.29 -116.08 16.04
N LYS OB 116 64.89 -116.76 14.98
CA LYS OB 116 64.85 -116.13 13.66
C LYS OB 116 63.87 -114.96 13.65
N LEU OB 117 62.68 -115.14 14.24
CA LEU OB 117 61.71 -114.05 14.23
C LEU OB 117 62.24 -112.83 14.96
N ILE OB 118 62.89 -113.03 16.10
CA ILE OB 118 63.55 -111.91 16.76
C ILE OB 118 64.65 -111.33 15.87
N GLY OB 119 65.23 -112.16 15.02
CA GLY OB 119 66.20 -111.67 14.06
C GLY OB 119 65.61 -110.96 12.86
N TRP OB 120 64.29 -110.93 12.72
CA TRP OB 120 63.58 -110.34 11.59
C TRP OB 120 63.75 -111.13 10.30
N GLU OB 121 64.12 -112.41 10.37
CA GLU OB 121 64.07 -113.26 9.19
C GLU OB 121 62.61 -113.53 8.82
N SER OB 122 62.36 -113.56 7.51
CA SER OB 122 61.00 -113.77 7.00
C SER OB 122 60.99 -114.91 6.00
N ALA PB 1 24.85 -122.67 41.06
CA ALA PB 1 25.45 -123.66 42.00
C ALA PB 1 24.83 -125.04 41.78
N LEU PB 2 24.42 -125.29 40.54
CA LEU PB 2 23.89 -126.61 40.18
C LEU PB 2 24.99 -127.66 40.04
N GLY PB 3 26.20 -127.24 39.67
CA GLY PB 3 27.27 -128.17 39.34
C GLY PB 3 27.90 -127.88 38.00
N ASP PB 4 29.14 -128.34 37.82
CA ASP PB 4 29.87 -128.07 36.58
C ASP PB 4 29.23 -128.80 35.39
N THR PB 5 28.51 -129.89 35.65
CA THR PB 5 27.86 -130.66 34.59
C THR PB 5 26.36 -130.73 34.85
N LEU PB 6 25.57 -130.50 33.81
CA LEU PB 6 24.13 -130.67 33.82
C LEU PB 6 23.75 -131.74 32.82
N THR PB 7 22.81 -132.59 33.20
CA THR PB 7 22.48 -133.77 32.42
C THR PB 7 21.09 -133.62 31.79
N ILE PB 8 20.98 -134.02 30.53
CA ILE PB 8 19.72 -134.05 29.80
C ILE PB 8 19.52 -135.48 29.29
N THR PB 9 18.39 -136.08 29.61
CA THR PB 9 18.07 -137.45 29.23
C THR PB 9 16.97 -137.42 28.18
N LEU PB 10 17.34 -137.63 26.92
CA LEU PB 10 16.37 -137.58 25.84
C LEU PB 10 15.35 -138.71 26.00
N GLY PB 11 14.09 -138.40 25.69
CA GLY PB 11 13.04 -139.37 25.82
C GLY PB 11 12.62 -139.66 27.24
N GLY PB 12 12.78 -138.69 28.15
CA GLY PB 12 12.36 -138.91 29.52
C GLY PB 12 13.36 -139.75 30.26
N SER PB 13 12.87 -140.82 30.89
CA SER PB 13 13.70 -141.76 31.63
C SER PB 13 14.22 -142.90 30.77
N GLY PB 14 13.96 -142.87 29.46
CA GLY PB 14 14.40 -143.93 28.58
C GLY PB 14 15.90 -144.13 28.57
N GLY PB 15 16.64 -143.08 28.22
CA GLY PB 15 18.09 -143.16 28.12
C GLY PB 15 18.62 -142.01 27.29
N THR PB 16 19.76 -142.26 26.65
CA THR PB 16 20.41 -141.28 25.77
C THR PB 16 20.71 -139.99 26.55
N ALA PB 17 21.54 -140.14 27.57
CA ALA PB 17 21.90 -139.02 28.42
C ALA PB 17 22.98 -138.17 27.78
N LYS PB 18 22.84 -136.85 27.90
CA LYS PB 18 23.81 -135.88 27.44
C LYS PB 18 24.28 -135.04 28.61
N VAL PB 19 25.57 -134.71 28.61
CA VAL PB 19 26.18 -133.92 29.68
C VAL PB 19 26.65 -132.59 29.11
N LEU PB 20 26.24 -131.50 29.75
CA LEU PB 20 26.60 -130.16 29.32
C LEU PB 20 27.47 -129.49 30.37
N ARG PB 21 28.39 -128.64 29.93
CA ARG PB 21 29.38 -128.00 30.79
C ARG PB 21 29.03 -126.53 30.98
N LYS PB 22 29.29 -125.99 32.17
CA LYS PB 22 29.07 -124.57 32.35
C LYS PB 22 29.97 -123.76 31.44
N ILE PB 23 29.41 -122.68 30.89
CA ILE PB 23 30.14 -121.84 29.94
C ILE PB 23 30.21 -120.42 30.48
N ASN PB 24 29.22 -120.03 31.28
CA ASN PB 24 29.10 -118.64 31.71
C ASN PB 24 28.28 -118.58 32.98
N GLN PB 25 28.41 -117.44 33.68
CA GLN PB 25 27.57 -117.14 34.84
C GLN PB 25 27.60 -115.63 35.04
N ASP PB 26 26.50 -114.96 34.67
CA ASP PB 26 26.42 -113.51 34.83
C ASP PB 26 25.00 -113.11 35.16
N GLY PB 27 24.84 -112.20 36.11
CA GLY PB 27 23.54 -111.64 36.43
C GLY PB 27 22.54 -112.67 36.90
N TYR PB 28 22.95 -113.52 37.84
CA TYR PB 28 22.05 -114.53 38.40
C TYR PB 28 21.54 -115.48 37.32
N THR PB 29 22.40 -115.78 36.36
CA THR PB 29 22.09 -116.65 35.24
C THR PB 29 23.21 -117.68 35.10
N SER PB 30 22.96 -118.68 34.26
CA SER PB 30 23.98 -119.68 33.96
C SER PB 30 23.63 -120.36 32.66
N GLU PB 31 24.67 -120.84 31.96
CA GLU PB 31 24.52 -121.42 30.63
C GLU PB 31 25.33 -122.70 30.55
N TYR PB 32 24.84 -123.63 29.74
CA TYR PB 32 25.44 -124.95 29.57
C TYR PB 32 25.50 -125.26 28.07
N TYR PB 33 26.56 -125.94 27.63
CA TYR PB 33 26.74 -126.22 26.21
C TYR PB 33 27.42 -127.57 26.00
N LEU PB 34 27.10 -128.20 24.87
CA LEU PB 34 27.76 -129.43 24.43
C LEU PB 34 27.59 -129.62 22.92
N PRO PB 35 28.66 -129.64 22.13
CA PRO PB 35 28.51 -129.90 20.70
C PRO PB 35 28.67 -131.36 20.34
N GLU PB 36 28.15 -131.71 19.15
CA GLU PB 36 28.28 -133.05 18.59
C GLU PB 36 28.56 -132.91 17.10
N THR PB 37 28.48 -134.03 16.38
CA THR PB 37 28.79 -134.02 14.95
C THR PB 37 27.75 -133.24 14.15
N SER PB 38 26.46 -133.52 14.37
CA SER PB 38 25.40 -132.91 13.58
C SER PB 38 24.43 -132.08 14.40
N SER PB 39 24.70 -131.86 15.68
CA SER PB 39 23.88 -130.95 16.46
C SER PB 39 24.61 -130.63 17.76
N SER PB 40 24.02 -129.71 18.53
CA SER PB 40 24.59 -129.26 19.78
C SER PB 40 23.47 -128.97 20.77
N PHE PB 41 23.80 -129.06 22.05
CA PHE PB 41 22.82 -128.90 23.12
C PHE PB 41 23.21 -127.74 24.01
N ARG PB 42 22.20 -126.97 24.43
CA ARG PB 42 22.41 -125.76 25.21
C ARG PB 42 21.32 -125.67 26.27
N ALA PB 43 21.69 -125.18 27.46
CA ALA PB 43 20.73 -124.97 28.54
C ALA PB 43 21.07 -123.66 29.25
N LYS PB 44 20.03 -122.94 29.65
CA LYS PB 44 20.17 -121.66 30.32
C LYS PB 44 19.22 -121.59 31.49
N VAL PB 45 19.70 -121.05 32.61
CA VAL PB 45 18.90 -120.84 33.82
C VAL PB 45 19.00 -119.37 34.17
N ARG PB 46 17.84 -118.74 34.43
CA ARG PB 46 17.78 -117.31 34.66
C ARG PB 46 16.81 -117.01 35.79
N HIS PB 47 17.07 -115.93 36.52
CA HIS PB 47 16.19 -115.43 37.56
C HIS PB 47 15.94 -113.95 37.34
N THR PB 48 14.77 -113.47 37.77
CA THR PB 48 14.41 -112.07 37.56
C THR PB 48 13.42 -111.60 38.62
N LYS PB 49 13.50 -110.31 38.93
CA LYS PB 49 12.55 -109.63 39.81
C LYS PB 49 11.74 -108.66 38.97
N GLU PB 50 10.42 -108.73 39.07
CA GLU PB 50 9.55 -107.91 38.24
C GLU PB 50 9.65 -106.44 38.63
N SER PB 51 9.30 -105.57 37.68
CA SER PB 51 9.35 -104.14 37.92
C SER PB 51 8.41 -103.75 39.05
N VAL PB 52 8.91 -102.90 39.95
CA VAL PB 52 8.15 -102.50 41.13
C VAL PB 52 7.33 -101.27 40.77
N LYS PB 53 6.03 -101.34 41.02
CA LYS PB 53 5.11 -100.23 40.83
C LYS PB 53 4.50 -99.83 42.15
N PRO PB 54 4.01 -98.60 42.27
CA PRO PB 54 3.42 -98.16 43.54
C PRO PB 54 2.24 -99.04 43.92
N ASN PB 55 2.06 -99.20 45.23
CA ASN PB 55 0.91 -99.87 45.83
C ASN PB 55 0.47 -101.09 45.03
N GLN PB 56 1.43 -101.88 44.58
CA GLN PB 56 1.16 -103.10 43.82
C GLN PB 56 2.08 -104.21 44.34
N VAL PB 57 1.67 -105.45 44.09
CA VAL PB 57 2.37 -106.61 44.63
C VAL PB 57 3.63 -106.88 43.81
N GLN PB 58 4.76 -107.04 44.51
CA GLN PB 58 6.00 -107.43 43.86
C GLN PB 58 6.00 -108.93 43.57
N TYR PB 59 6.66 -109.32 42.48
CA TYR PB 59 6.64 -110.70 42.01
C TYR PB 59 8.04 -111.16 41.64
N GLU PB 60 8.25 -112.47 41.70
CA GLU PB 60 9.47 -113.11 41.21
C GLU PB 60 9.18 -113.84 39.90
N ARG PB 61 10.22 -114.45 39.33
CA ARG PB 61 10.05 -115.20 38.08
C ARG PB 61 11.26 -116.09 37.91
N HIS PB 62 11.04 -117.41 37.88
CA HIS PB 62 12.10 -118.37 37.57
C HIS PB 62 11.74 -119.14 36.30
N ASN PB 63 12.75 -119.29 35.43
CA ASN PB 63 12.59 -119.87 34.11
C ASN PB 63 13.82 -120.71 33.77
N VAL PB 64 13.60 -121.81 33.05
CA VAL PB 64 14.68 -122.64 32.53
C VAL PB 64 14.34 -123.04 31.11
N GLU PB 65 15.39 -123.38 30.34
CA GLU PB 65 15.26 -123.51 28.89
C GLU PB 65 16.21 -124.58 28.36
N PHE PB 66 15.70 -125.40 27.44
CA PHE PB 66 16.49 -126.32 26.64
C PHE PB 66 16.41 -125.92 25.17
N THR PB 67 17.53 -126.05 24.47
CA THR PB 67 17.60 -125.73 23.05
C THR PB 67 18.42 -126.79 22.34
N GLU PB 68 18.00 -127.16 21.13
CA GLU PB 68 18.70 -128.13 20.30
C GLU PB 68 18.74 -127.62 18.87
N THR PB 69 19.94 -127.34 18.37
CA THR PB 69 20.13 -126.81 17.03
C THR PB 69 20.82 -127.85 16.16
N VAL PB 70 20.30 -128.03 14.94
CA VAL PB 70 20.80 -129.03 14.01
C VAL PB 70 21.40 -128.31 12.81
N TYR PB 71 22.65 -128.65 12.49
CA TYR PB 71 23.36 -127.92 11.44
C TYR PB 71 22.80 -128.24 10.07
N ALA PB 72 22.87 -127.25 9.18
CA ALA PB 72 22.34 -127.38 7.84
C ALA PB 72 23.09 -128.46 7.07
N SER PB 73 22.33 -129.25 6.31
CA SER PB 73 22.92 -130.29 5.48
C SER PB 73 22.08 -130.42 4.23
N GLY PB 74 22.75 -130.72 3.11
CA GLY PB 74 22.05 -130.75 1.84
C GLY PB 74 21.43 -129.40 1.54
N SER PB 75 20.15 -129.41 1.19
CA SER PB 75 19.40 -128.19 0.95
C SER PB 75 18.61 -127.71 2.17
N THR PB 76 18.67 -128.44 3.28
CA THR PB 76 17.93 -128.07 4.47
C THR PB 76 18.67 -126.98 5.23
N PRO PB 77 18.05 -125.81 5.49
CA PRO PB 77 18.73 -124.79 6.28
C PRO PB 77 18.82 -125.11 7.77
N GLU PB 78 19.25 -124.13 8.56
CA GLU PB 78 19.30 -124.29 10.00
C GLU PB 78 17.89 -124.28 10.60
N PHE PB 79 17.70 -125.05 11.66
CA PHE PB 79 16.48 -124.94 12.46
C PHE PB 79 16.74 -125.52 13.84
N VAL PB 80 15.87 -125.17 14.78
CA VAL PB 80 16.09 -125.40 16.19
C VAL PB 80 14.87 -126.06 16.83
N ARG PB 81 15.10 -126.71 17.97
CA ARG PB 81 14.04 -127.25 18.81
C ARG PB 81 14.23 -126.73 20.22
N GLN PB 82 13.18 -126.12 20.78
CA GLN PB 82 13.25 -125.45 22.07
C GLN PB 82 12.11 -125.91 22.96
N ALA PB 83 12.31 -125.79 24.27
CA ALA PB 83 11.27 -126.12 25.24
C ALA PB 83 11.66 -125.51 26.58
N TYR PB 84 10.72 -124.81 27.22
CA TYR PB 84 11.03 -124.10 28.45
C TYR PB 84 9.79 -123.96 29.32
N VAL PB 85 10.04 -123.66 30.60
CA VAL PB 85 9.00 -123.47 31.61
C VAL PB 85 9.31 -122.19 32.37
N VAL PB 86 8.27 -121.59 32.94
CA VAL PB 86 8.38 -120.35 33.70
C VAL PB 86 7.56 -120.47 34.97
N ILE PB 87 8.08 -119.93 36.06
CA ILE PB 87 7.41 -119.92 37.37
C ILE PB 87 7.32 -118.48 37.86
N ARG PB 88 6.13 -118.08 38.29
CA ARG PB 88 5.91 -116.73 38.81
C ARG PB 88 5.12 -116.82 40.11
N HIS PB 89 5.60 -116.10 41.13
CA HIS PB 89 4.94 -116.14 42.43
C HIS PB 89 5.25 -114.88 43.21
N LYS PB 90 4.45 -114.65 44.25
CA LYS PB 90 4.55 -113.42 45.02
C LYS PB 90 5.81 -113.43 45.89
N VAL PB 91 6.43 -112.26 46.03
CA VAL PB 91 7.63 -112.14 46.85
C VAL PB 91 7.27 -112.41 48.29
N GLY PB 92 7.97 -113.35 48.92
CA GLY PB 92 7.69 -113.73 50.28
C GLY PB 92 6.60 -114.75 50.46
N ASP PB 93 6.13 -115.37 49.38
CA ASP PB 93 5.12 -116.41 49.49
C ASP PB 93 5.71 -117.65 50.16
N VAL PB 94 4.85 -118.64 50.39
CA VAL PB 94 5.28 -119.90 50.99
C VAL PB 94 5.86 -120.78 49.89
N SER PB 95 7.12 -121.21 50.06
CA SER PB 95 7.80 -121.95 49.00
C SER PB 95 7.15 -123.30 48.74
N ALA PB 96 6.63 -123.95 49.78
CA ALA PB 96 6.09 -125.29 49.63
C ALA PB 96 4.97 -125.32 48.60
N THR PB 97 3.98 -124.44 48.74
CA THR PB 97 2.86 -124.43 47.80
C THR PB 97 3.27 -123.92 46.43
N VAL PB 98 4.21 -122.97 46.38
CA VAL PB 98 4.66 -122.45 45.09
C VAL PB 98 5.33 -123.57 44.29
N SER PB 99 6.02 -124.48 44.98
CA SER PB 99 6.58 -125.64 44.30
C SER PB 99 5.50 -126.67 43.98
N ASP PB 100 4.53 -126.83 44.88
CA ASP PB 100 3.42 -127.76 44.65
C ASP PB 100 2.73 -127.48 43.32
N LEU PB 101 2.34 -126.23 43.11
CA LEU PB 101 2.05 -125.77 41.76
C LEU PB 101 3.36 -125.74 40.99
N GLY PB 102 3.33 -126.22 39.77
CA GLY PB 102 4.57 -126.52 39.07
C GLY PB 102 4.96 -127.98 39.13
N GLU PB 103 5.02 -128.55 40.34
CA GLU PB 103 5.15 -130.00 40.44
C GLU PB 103 3.94 -130.69 39.83
N ALA PB 104 2.74 -130.16 40.10
CA ALA PB 104 1.55 -130.70 39.46
C ALA PB 104 1.66 -130.63 37.94
N LEU PB 105 2.14 -129.49 37.42
CA LEU PB 105 2.30 -129.34 35.98
C LEU PB 105 3.27 -130.37 35.43
N SER PB 106 4.41 -130.55 36.11
CA SER PB 106 5.41 -131.50 35.63
C SER PB 106 4.83 -132.91 35.59
N PHE PB 107 4.05 -133.28 36.61
CA PHE PB 107 3.42 -134.60 36.60
C PHE PB 107 2.40 -134.72 35.48
N TYR PB 108 1.66 -133.64 35.19
CA TYR PB 108 0.62 -133.73 34.16
C TYR PB 108 1.21 -134.07 32.80
N LEU PB 109 2.28 -133.39 32.41
CA LEU PB 109 2.82 -133.55 31.07
C LEU PB 109 3.47 -134.92 30.90
N ASN PB 110 3.25 -135.52 29.74
CA ASN PB 110 3.84 -136.81 29.41
C ASN PB 110 3.78 -136.99 27.90
N GLU PB 111 4.08 -138.21 27.44
CA GLU PB 111 4.17 -138.47 26.01
C GLU PB 111 2.85 -138.17 25.30
N ALA PB 112 1.73 -138.62 25.87
CA ALA PB 112 0.45 -138.44 25.22
C ALA PB 112 0.10 -136.95 25.07
N LEU PB 113 0.35 -136.15 26.12
CA LEU PB 113 0.04 -134.73 26.02
C LEU PB 113 0.87 -134.06 24.93
N TYR PB 114 2.17 -134.37 24.86
CA TYR PB 114 3.00 -133.80 23.82
C TYR PB 114 2.54 -134.24 22.43
N GLY PB 115 2.18 -135.51 22.28
CA GLY PB 115 1.68 -135.96 20.99
C GLY PB 115 0.43 -135.22 20.56
N LYS PB 116 -0.52 -135.08 21.49
CA LYS PB 116 -1.75 -134.35 21.17
C LYS PB 116 -1.46 -132.89 20.85
N LEU PB 117 -0.57 -132.26 21.62
CA LEU PB 117 -0.25 -130.86 21.37
C LEU PB 117 0.37 -130.68 19.99
N ILE PB 118 1.29 -131.58 19.61
CA ILE PB 118 1.83 -131.54 18.24
C ILE PB 118 0.72 -131.77 17.24
N GLY PB 119 -0.30 -132.53 17.63
CA GLY PB 119 -1.47 -132.72 16.79
C GLY PB 119 -2.40 -131.52 16.71
N TRP PB 120 -2.06 -130.40 17.34
CA TRP PB 120 -2.88 -129.19 17.40
C TRP PB 120 -4.18 -129.41 18.16
N GLU PB 121 -4.33 -130.57 18.80
CA GLU PB 121 -5.50 -130.81 19.65
C GLU PB 121 -5.54 -129.81 20.79
N SER PB 122 -6.72 -129.27 21.06
CA SER PB 122 -6.88 -128.31 22.15
C SER PB 122 -8.21 -128.53 22.86
N ALA QB 1 36.94 -119.07 43.15
CA ALA QB 1 38.06 -119.91 43.68
C ALA QB 1 37.73 -120.46 45.07
N LEU QB 2 37.09 -119.63 45.89
CA LEU QB 2 36.81 -120.03 47.27
C LEU QB 2 35.89 -121.24 47.33
N GLY QB 3 35.04 -121.47 46.34
CA GLY QB 3 34.17 -122.62 46.34
C GLY QB 3 32.70 -122.28 46.22
N ASP QB 4 31.90 -123.28 45.85
CA ASP QB 4 30.47 -123.09 45.67
C ASP QB 4 29.70 -123.01 46.98
N THR QB 5 30.32 -123.37 48.11
CA THR QB 5 29.68 -123.27 49.40
C THR QB 5 30.58 -122.54 50.40
N LEU QB 6 29.95 -121.81 51.31
CA LEU QB 6 30.63 -121.08 52.38
C LEU QB 6 29.93 -121.42 53.69
N THR QB 7 30.71 -121.82 54.69
CA THR QB 7 30.16 -122.30 55.95
C THR QB 7 30.36 -121.26 57.05
N ILE QB 8 29.29 -120.96 57.78
CA ILE QB 8 29.32 -120.01 58.88
C ILE QB 8 28.93 -120.76 60.15
N THR QB 9 29.83 -120.77 61.14
CA THR QB 9 29.59 -121.40 62.44
C THR QB 9 29.42 -120.28 63.46
N LEU QB 10 28.16 -119.92 63.73
CA LEU QB 10 27.90 -118.77 64.58
C LEU QB 10 28.29 -119.08 66.02
N GLY QB 11 28.79 -118.07 66.72
CA GLY QB 11 29.26 -118.30 68.08
C GLY QB 11 30.60 -119.00 68.16
N GLY QB 12 31.50 -118.75 67.21
CA GLY QB 12 32.82 -119.32 67.28
C GLY QB 12 32.82 -120.82 67.06
N SER QB 13 33.91 -121.45 67.48
CA SER QB 13 34.02 -122.89 67.37
C SER QB 13 32.96 -123.58 68.22
N GLY QB 14 32.46 -124.71 67.72
CA GLY QB 14 31.52 -125.53 68.46
C GLY QB 14 30.05 -125.19 68.28
N GLY QB 15 29.70 -124.18 67.48
CA GLY QB 15 28.32 -123.78 67.32
C GLY QB 15 27.64 -124.48 66.17
N THR QB 16 26.41 -124.03 65.88
CA THR QB 16 25.66 -124.59 64.78
C THR QB 16 26.22 -124.12 63.45
N ALA QB 17 26.15 -124.98 62.43
CA ALA QB 17 26.75 -124.72 61.14
C ALA QB 17 25.68 -124.23 60.17
N LYS QB 18 25.99 -123.16 59.44
CA LYS QB 18 25.16 -122.63 58.37
C LYS QB 18 25.93 -122.71 57.07
N VAL QB 19 25.33 -123.35 56.05
CA VAL QB 19 26.03 -123.59 54.79
C VAL QB 19 25.48 -122.70 53.68
N LEU QB 20 26.13 -121.56 53.47
CA LEU QB 20 25.77 -120.67 52.38
C LEU QB 20 26.15 -121.30 51.03
N ARG QB 21 25.65 -120.68 49.94
CA ARG QB 21 25.87 -121.17 48.59
C ARG QB 21 26.04 -120.01 47.61
N LYS QB 22 26.82 -120.23 46.56
CA LYS QB 22 27.08 -119.16 45.60
C LYS QB 22 25.88 -118.87 44.71
N ILE QB 23 25.80 -117.62 44.26
CA ILE QB 23 24.71 -117.13 43.42
C ILE QB 23 25.29 -116.50 42.15
N ASN QB 24 26.12 -115.47 42.31
CA ASN QB 24 26.67 -114.76 41.16
C ASN QB 24 28.04 -114.21 41.50
N GLN QB 25 28.79 -113.87 40.45
CA GLN QB 25 30.08 -113.22 40.62
C GLN QB 25 30.44 -112.51 39.31
N ASP QB 26 30.39 -111.18 39.31
CA ASP QB 26 30.66 -110.39 38.11
C ASP QB 26 31.86 -109.47 38.28
N GLY QB 27 31.84 -108.58 39.26
CA GLY QB 27 32.86 -107.54 39.35
C GLY QB 27 33.99 -107.89 40.29
N TYR QB 28 34.71 -108.98 40.02
CA TYR QB 28 35.72 -109.48 40.94
C TYR QB 28 35.10 -109.65 42.32
N THR QB 29 33.83 -110.03 42.34
CA THR QB 29 33.00 -110.04 43.54
C THR QB 29 32.22 -111.33 43.59
N SER QB 30 31.82 -111.74 44.79
CA SER QB 30 31.04 -112.94 44.97
C SER QB 30 30.07 -112.73 46.10
N GLU QB 31 28.91 -113.40 46.02
CA GLU QB 31 27.94 -113.37 47.11
C GLU QB 31 27.41 -114.77 47.33
N TYR QB 32 27.12 -115.09 48.58
CA TYR QB 32 26.52 -116.36 48.98
C TYR QB 32 25.21 -116.04 49.68
N TYR QB 33 24.20 -116.90 49.52
CA TYR QB 33 22.87 -116.61 50.03
C TYR QB 33 22.21 -117.90 50.54
N LEU QB 34 21.30 -117.73 51.50
CA LEU QB 34 20.55 -118.86 52.06
C LEU QB 34 19.31 -118.39 52.80
N PRO QB 35 18.11 -118.82 52.40
CA PRO QB 35 16.90 -118.45 53.15
C PRO QB 35 16.47 -119.53 54.13
N GLU QB 36 15.70 -119.10 55.13
CA GLU QB 36 15.18 -119.97 56.17
C GLU QB 36 13.76 -119.50 56.49
N THR QB 37 13.13 -120.15 57.49
CA THR QB 37 11.76 -119.80 57.83
C THR QB 37 11.64 -118.38 58.36
N SER QB 38 12.56 -117.97 59.25
CA SER QB 38 12.45 -116.68 59.94
C SER QB 38 13.66 -115.78 59.73
N SER QB 39 14.60 -116.17 58.88
CA SER QB 39 15.77 -115.35 58.62
C SER QB 39 16.47 -115.91 57.38
N SER QB 40 17.52 -115.20 56.95
CA SER QB 40 18.31 -115.61 55.81
C SER QB 40 19.70 -115.00 55.95
N PHE QB 41 20.67 -115.61 55.26
CA PHE QB 41 22.06 -115.22 55.38
C PHE QB 41 22.61 -114.83 54.02
N ARG QB 42 23.43 -113.78 54.02
CA ARG QB 42 24.08 -113.28 52.82
C ARG QB 42 25.52 -112.95 53.15
N ALA QB 43 26.44 -113.41 52.29
CA ALA QB 43 27.87 -113.12 52.43
C ALA QB 43 28.39 -112.59 51.11
N LYS QB 44 29.23 -111.56 51.17
CA LYS QB 44 29.78 -110.93 49.98
C LYS QB 44 31.30 -110.81 50.12
N VAL QB 45 32.01 -111.01 49.02
CA VAL QB 45 33.45 -110.80 48.94
C VAL QB 45 33.73 -109.90 47.74
N ARG QB 46 34.50 -108.83 47.96
CA ARG QB 46 34.78 -107.87 46.91
C ARG QB 46 36.24 -107.43 46.96
N HIS QB 47 36.75 -107.00 45.80
CA HIS QB 47 38.11 -106.51 45.63
C HIS QB 47 38.08 -105.26 44.78
N THR QB 48 38.98 -104.31 45.07
CA THR QB 48 39.02 -103.04 44.35
C THR QB 48 40.47 -102.60 44.15
N LYS QB 49 40.65 -101.74 43.15
CA LYS QB 49 41.91 -101.07 42.87
C LYS QB 49 41.67 -99.56 43.01
N GLU QB 50 42.23 -98.96 44.05
CA GLU QB 50 41.87 -97.59 44.41
C GLU QB 50 42.38 -96.57 43.39
N SER QB 51 41.85 -95.36 43.52
CA SER QB 51 42.20 -94.25 42.65
C SER QB 51 43.69 -93.92 42.75
N VAL QB 52 44.29 -93.58 41.62
CA VAL QB 52 45.73 -93.38 41.51
C VAL QB 52 45.99 -91.88 41.43
N LYS QB 53 46.17 -91.23 42.59
CA LYS QB 53 46.59 -89.84 42.57
C LYS QB 53 48.02 -89.78 42.04
N PRO QB 54 48.34 -88.85 41.15
CA PRO QB 54 49.64 -88.92 40.46
C PRO QB 54 50.80 -88.95 41.45
N ASN QB 55 51.88 -89.57 41.01
CA ASN QB 55 53.14 -89.70 41.76
C ASN QB 55 52.91 -89.92 43.25
N GLN QB 56 52.10 -90.94 43.57
CA GLN QB 56 51.94 -91.45 44.92
C GLN QB 56 51.83 -92.97 44.88
N VAL QB 57 51.94 -93.59 46.06
CA VAL QB 57 51.88 -95.04 46.15
C VAL QB 57 50.49 -95.55 45.73
N GLN QB 58 50.46 -96.78 45.24
CA GLN QB 58 49.21 -97.45 44.86
C GLN QB 58 48.85 -98.54 45.87
N TYR QB 59 47.57 -98.59 46.22
CA TYR QB 59 47.07 -99.38 47.34
C TYR QB 59 45.96 -100.30 46.87
N GLU QB 60 45.87 -101.46 47.50
CA GLU QB 60 44.78 -102.41 47.25
C GLU QB 60 43.94 -102.59 48.51
N ARG QB 61 42.64 -102.77 48.30
CA ARG QB 61 41.67 -102.93 49.37
C ARG QB 61 40.97 -104.26 49.17
N HIS QB 62 40.78 -105.01 50.24
CA HIS QB 62 39.89 -106.17 50.22
C HIS QB 62 38.90 -106.09 51.36
N ASN QB 63 37.66 -106.49 51.07
CA ASN QB 63 36.54 -106.43 52.00
C ASN QB 63 35.82 -107.77 52.00
N VAL QB 64 35.33 -108.17 53.17
CA VAL QB 64 34.47 -109.35 53.31
C VAL QB 64 33.40 -109.02 54.34
N GLU QB 65 32.15 -109.36 54.04
CA GLU QB 65 31.01 -108.92 54.82
C GLU QB 65 30.05 -110.07 55.08
N PHE QB 66 29.48 -110.09 56.28
CA PHE QB 66 28.43 -111.02 56.68
C PHE QB 66 27.18 -110.21 57.02
N THR QB 67 26.02 -110.74 56.69
CA THR QB 67 24.75 -110.05 56.92
C THR QB 67 23.68 -111.06 57.29
N GLU QB 68 22.86 -110.71 58.28
CA GLU QB 68 21.70 -111.51 58.68
C GLU QB 68 20.47 -110.62 58.79
N THR QB 69 19.38 -111.05 58.16
CA THR QB 69 18.14 -110.28 58.13
C THR QB 69 17.02 -111.09 58.79
N VAL QB 70 16.23 -110.42 59.62
CA VAL QB 70 15.13 -111.05 60.36
C VAL QB 70 13.83 -110.48 59.83
N TYR QB 71 12.95 -111.36 59.35
CA TYR QB 71 11.69 -110.91 58.77
C TYR QB 71 10.79 -110.30 59.85
N ALA QB 72 9.98 -109.34 59.44
CA ALA QB 72 9.08 -108.66 60.35
C ALA QB 72 7.96 -109.59 60.77
N SER QB 73 7.67 -109.62 62.06
CA SER QB 73 6.60 -110.44 62.61
C SER QB 73 5.79 -109.59 63.57
N GLY QB 74 4.51 -109.40 63.27
CA GLY QB 74 3.67 -108.59 64.12
C GLY QB 74 4.10 -107.14 64.09
N SER QB 75 4.18 -106.52 65.28
CA SER QB 75 4.52 -105.10 65.36
C SER QB 75 5.96 -104.85 64.92
N THR QB 76 6.88 -105.73 65.27
CA THR QB 76 8.30 -105.50 65.01
C THR QB 76 8.57 -105.49 63.51
N PRO QB 77 9.16 -104.44 62.96
CA PRO QB 77 9.46 -104.41 61.53
C PRO QB 77 10.76 -105.16 61.23
N GLU QB 78 11.21 -105.02 59.98
CA GLU QB 78 12.44 -105.64 59.53
C GLU QB 78 13.64 -105.04 60.28
N PHE QB 79 14.62 -105.89 60.57
CA PHE QB 79 15.90 -105.40 61.08
C PHE QB 79 16.98 -106.42 60.75
N VAL QB 80 18.22 -105.93 60.71
CA VAL QB 80 19.34 -106.67 60.12
C VAL QB 80 20.53 -106.60 61.06
N ARG QB 81 21.38 -107.62 60.99
CA ARG QB 81 22.65 -107.66 61.69
C ARG QB 81 23.77 -107.84 60.68
N GLN QB 82 24.85 -107.08 60.86
CA GLN QB 82 25.92 -106.99 59.87
C GLN QB 82 27.27 -107.01 60.57
N ALA QB 83 28.29 -107.41 59.82
CA ALA QB 83 29.67 -107.39 60.28
C ALA QB 83 30.58 -107.64 59.09
N TYR QB 84 31.62 -106.82 58.94
CA TYR QB 84 32.51 -106.96 57.80
C TYR QB 84 33.92 -106.51 58.18
N VAL QB 85 34.90 -106.98 57.40
CA VAL QB 85 36.31 -106.69 57.60
C VAL QB 85 36.90 -106.17 56.30
N VAL QB 86 37.99 -105.40 56.42
CA VAL QB 86 38.70 -104.89 55.26
C VAL QB 86 40.20 -104.98 55.51
N ILE QB 87 40.97 -105.07 54.43
CA ILE QB 87 42.43 -105.06 54.48
C ILE QB 87 42.94 -104.04 53.47
N ARG QB 88 43.92 -103.24 53.88
CA ARG QB 88 44.51 -102.19 53.04
C ARG QB 88 46.01 -102.44 52.95
N HIS QB 89 46.54 -102.54 51.73
CA HIS QB 89 47.98 -102.67 51.53
C HIS QB 89 48.37 -102.18 50.14
N LYS QB 90 49.63 -101.81 50.01
CA LYS QB 90 50.16 -101.24 48.78
C LYS QB 90 50.43 -102.34 47.75
N VAL QB 91 50.41 -101.94 46.47
CA VAL QB 91 50.64 -102.89 45.39
C VAL QB 91 52.07 -103.41 45.46
N GLY QB 92 52.22 -104.72 45.30
CA GLY QB 92 53.52 -105.35 45.31
C GLY QB 92 54.08 -105.65 46.67
N ASP QB 93 53.37 -105.34 47.75
CA ASP QB 93 53.90 -105.56 49.09
C ASP QB 93 53.99 -107.05 49.40
N VAL QB 94 54.84 -107.38 50.36
CA VAL QB 94 55.09 -108.76 50.73
C VAL QB 94 53.85 -109.34 51.42
N SER QB 95 53.55 -110.60 51.11
CA SER QB 95 52.33 -111.23 51.61
C SER QB 95 52.39 -111.52 53.11
N ALA QB 96 53.54 -111.98 53.61
CA ALA QB 96 53.61 -112.49 54.96
C ALA QB 96 53.28 -111.42 56.00
N THR QB 97 53.77 -110.19 55.81
CA THR QB 97 53.57 -109.15 56.81
C THR QB 97 52.10 -108.79 56.95
N VAL QB 98 51.43 -108.52 55.83
CA VAL QB 98 50.02 -108.14 55.90
C VAL QB 98 49.19 -109.31 56.39
N SER QB 99 49.56 -110.54 56.02
CA SER QB 99 48.83 -111.70 56.52
C SER QB 99 48.97 -111.79 58.04
N ASP QB 100 50.16 -111.53 58.57
CA ASP QB 100 50.37 -111.59 60.00
C ASP QB 100 49.60 -110.50 60.72
N LEU QB 101 49.54 -109.30 60.14
CA LEU QB 101 48.74 -108.23 60.74
C LEU QB 101 47.27 -108.62 60.80
N GLY QB 102 46.73 -109.17 59.71
CA GLY QB 102 45.34 -109.60 59.72
C GLY QB 102 45.09 -110.71 60.71
N GLU QB 103 46.04 -111.65 60.82
CA GLU QB 103 45.90 -112.73 61.79
C GLU QB 103 45.90 -112.20 63.21
N ALA QB 104 46.74 -111.20 63.49
CA ALA QB 104 46.71 -110.57 64.81
C ALA QB 104 45.35 -109.94 65.08
N LEU QB 105 44.81 -109.21 64.10
CA LEU QB 105 43.49 -108.61 64.29
C LEU QB 105 42.44 -109.68 64.56
N SER QB 106 42.55 -110.81 63.87
CA SER QB 106 41.61 -111.91 64.10
C SER QB 106 41.73 -112.45 65.52
N PHE QB 107 42.96 -112.65 66.00
CA PHE QB 107 43.16 -113.22 67.32
C PHE QB 107 42.71 -112.27 68.43
N TYR QB 108 42.88 -110.97 68.25
CA TYR QB 108 42.51 -110.04 69.31
C TYR QB 108 41.03 -110.12 69.63
N LEU QB 109 40.18 -110.18 68.61
CA LEU QB 109 38.74 -110.20 68.81
C LEU QB 109 38.31 -111.58 69.26
N ASN QB 110 37.53 -111.63 70.35
CA ASN QB 110 36.99 -112.89 70.87
C ASN QB 110 35.71 -112.56 71.65
N GLU QB 111 35.22 -113.53 72.41
CA GLU QB 111 34.05 -113.31 73.25
C GLU QB 111 34.17 -112.01 74.04
N ALA QB 112 35.23 -111.89 74.85
CA ALA QB 112 35.31 -110.78 75.79
C ALA QB 112 35.34 -109.43 75.07
N LEU QB 113 36.15 -109.32 74.01
CA LEU QB 113 36.23 -108.04 73.31
C LEU QB 113 34.89 -107.65 72.72
N TYR QB 114 34.17 -108.62 72.15
CA TYR QB 114 32.85 -108.32 71.59
C TYR QB 114 31.89 -107.87 72.69
N GLY QB 115 31.95 -108.52 73.85
CA GLY QB 115 31.12 -108.10 74.96
C GLY QB 115 31.41 -106.68 75.39
N LYS QB 116 32.70 -106.33 75.54
CA LYS QB 116 33.04 -104.96 75.89
C LYS QB 116 32.58 -103.97 74.82
N LEU QB 117 32.80 -104.30 73.54
CA LEU QB 117 32.42 -103.37 72.48
C LEU QB 117 30.93 -103.11 72.49
N ILE QB 118 30.11 -104.16 72.63
CA ILE QB 118 28.68 -103.96 72.75
C ILE QB 118 28.37 -103.19 74.03
N GLY QB 119 29.27 -103.26 75.01
CA GLY QB 119 29.15 -102.49 76.24
C GLY QB 119 29.47 -101.01 76.15
N TRP QB 120 29.85 -100.49 74.98
CA TRP QB 120 30.23 -99.09 74.78
C TRP QB 120 31.54 -98.70 75.46
N GLU QB 121 32.32 -99.65 75.95
CA GLU QB 121 33.60 -99.32 76.54
C GLU QB 121 34.58 -98.82 75.49
N SER QB 122 35.30 -97.76 75.83
CA SER QB 122 36.28 -97.15 74.94
C SER QB 122 37.58 -96.85 75.67
N ALA RB 1 -9.88 -131.38 21.92
CA ALA RB 1 -10.65 -132.43 22.62
C ALA RB 1 -10.13 -132.63 24.04
N LEU RB 2 -9.18 -133.56 24.23
CA LEU RB 2 -8.52 -133.79 25.51
C LEU RB 2 -9.47 -134.24 26.60
N GLY RB 3 -10.72 -134.54 26.28
CA GLY RB 3 -11.63 -135.09 27.27
C GLY RB 3 -12.69 -134.11 27.75
N ASP RB 4 -13.72 -134.69 28.36
CA ASP RB 4 -14.77 -133.88 28.98
C ASP RB 4 -14.20 -132.98 30.08
N THR RB 5 -13.18 -133.44 30.80
CA THR RB 5 -12.60 -132.62 31.86
C THR RB 5 -11.09 -132.78 31.91
N LEU RB 6 -10.45 -131.84 32.59
CA LEU RB 6 -9.01 -131.83 32.86
C LEU RB 6 -8.79 -131.88 34.36
N THR RB 7 -7.94 -132.80 34.81
CA THR RB 7 -7.63 -132.99 36.22
C THR RB 7 -6.18 -132.66 36.50
N ILE RB 8 -5.94 -131.89 37.56
CA ILE RB 8 -4.60 -131.55 38.02
C ILE RB 8 -4.44 -132.08 39.44
N THR RB 9 -3.39 -132.86 39.66
CA THR RB 9 -3.15 -133.51 40.96
C THR RB 9 -2.21 -132.62 41.75
N LEU RB 10 -2.76 -131.61 42.40
CA LEU RB 10 -1.93 -130.73 43.23
C LEU RB 10 -1.21 -131.57 44.28
N GLY RB 11 0.11 -131.58 44.21
CA GLY RB 11 0.91 -132.51 44.98
C GLY RB 11 1.56 -133.60 44.18
N GLY RB 12 1.64 -133.47 42.86
CA GLY RB 12 2.28 -134.50 42.08
C GLY RB 12 1.46 -135.77 42.10
N SER RB 13 2.15 -136.88 41.85
CA SER RB 13 1.52 -138.18 42.04
C SER RB 13 1.12 -138.34 43.51
N GLY RB 14 -0.13 -138.74 43.74
CA GLY RB 14 -0.62 -138.98 45.07
C GLY RB 14 -1.12 -137.77 45.83
N GLY RB 15 -1.19 -136.60 45.20
CA GLY RB 15 -1.57 -135.37 45.89
C GLY RB 15 -3.06 -135.10 45.83
N THR RB 16 -3.41 -133.87 46.20
CA THR RB 16 -4.79 -133.41 46.09
C THR RB 16 -5.21 -133.36 44.63
N ALA RB 17 -6.49 -133.61 44.39
CA ALA RB 17 -7.04 -133.70 43.04
C ALA RB 17 -8.06 -132.60 42.80
N LYS RB 18 -7.95 -131.95 41.64
CA LYS RB 18 -8.88 -130.92 41.20
C LYS RB 18 -9.29 -131.20 39.76
N VAL RB 19 -10.51 -130.81 39.40
CA VAL RB 19 -11.10 -131.11 38.10
C VAL RB 19 -11.60 -129.81 37.47
N LEU RB 20 -11.28 -129.60 36.19
CA LEU RB 20 -11.68 -128.39 35.48
C LEU RB 20 -12.53 -128.74 34.26
N ARG RB 21 -13.33 -127.76 33.82
CA ARG RB 21 -14.35 -127.94 32.79
C ARG RB 21 -14.19 -126.86 31.72
N LYS RB 22 -14.38 -127.18 30.43
CA LYS RB 22 -14.27 -126.10 29.45
C LYS RB 22 -15.50 -125.21 29.50
N ILE RB 23 -15.30 -123.91 29.39
CA ILE RB 23 -16.40 -122.97 29.28
C ILE RB 23 -16.22 -122.06 28.06
N ASN RB 24 -15.16 -122.26 27.29
CA ASN RB 24 -14.97 -121.42 26.11
C ASN RB 24 -14.13 -122.16 25.08
N GLN RB 25 -14.21 -121.69 23.83
CA GLN RB 25 -13.25 -122.09 22.80
C GLN RB 25 -13.23 -121.01 21.72
N ASP RB 26 -12.14 -120.25 21.65
CA ASP RB 26 -11.96 -119.23 20.63
C ASP RB 26 -10.50 -119.15 20.21
N GLY RB 27 -10.28 -118.84 18.94
CA GLY RB 27 -8.93 -118.54 18.49
C GLY RB 27 -7.94 -119.66 18.71
N TYR RB 28 -8.34 -120.89 18.43
CA TYR RB 28 -7.49 -122.07 18.58
C TYR RB 28 -7.07 -122.29 20.03
N THR RB 29 -7.79 -121.69 20.97
CA THR RB 29 -7.48 -121.73 22.38
C THR RB 29 -8.57 -122.46 23.15
N SER RB 30 -8.23 -122.90 24.35
CA SER RB 30 -9.17 -123.54 25.26
C SER RB 30 -8.98 -122.96 26.65
N GLU RB 31 -10.02 -123.04 27.47
CA GLU RB 31 -9.99 -122.46 28.81
C GLU RB 31 -10.87 -123.28 29.73
N TYR RB 32 -10.28 -123.76 30.83
CA TYR RB 32 -10.98 -124.55 31.84
C TYR RB 32 -10.98 -123.77 33.15
N TYR RB 33 -11.94 -124.07 34.03
CA TYR RB 33 -12.19 -123.20 35.18
C TYR RB 33 -12.75 -124.01 36.34
N LEU RB 34 -12.64 -123.43 37.54
CA LEU RB 34 -13.29 -123.94 38.74
C LEU RB 34 -13.28 -122.88 39.84
N PRO RB 35 -14.43 -122.55 40.45
CA PRO RB 35 -14.41 -121.58 41.56
C PRO RB 35 -14.32 -122.25 42.93
N GLU RB 36 -13.87 -121.49 43.93
CA GLU RB 36 -13.84 -121.95 45.32
C GLU RB 36 -14.29 -120.80 46.21
N THR RB 37 -14.42 -121.10 47.51
CA THR RB 37 -14.80 -120.06 48.46
C THR RB 37 -13.72 -119.00 48.57
N SER RB 38 -12.46 -119.41 48.59
CA SER RB 38 -11.35 -118.48 48.77
C SER RB 38 -10.37 -118.46 47.61
N SER RB 39 -10.59 -119.25 46.56
CA SER RB 39 -9.68 -119.25 45.43
C SER RB 39 -10.39 -119.81 44.20
N SER RB 40 -9.62 -120.04 43.14
CA SER RB 40 -10.15 -120.58 41.89
C SER RB 40 -8.99 -121.11 41.08
N PHE RB 41 -9.31 -121.95 40.09
CA PHE RB 41 -8.33 -122.55 39.21
C PHE RB 41 -8.76 -122.42 37.75
N ARG RB 42 -7.80 -122.09 36.89
CA ARG RB 42 -8.04 -121.97 35.45
C ARG RB 42 -6.89 -122.64 34.72
N ALA RB 43 -7.19 -123.11 33.51
CA ALA RB 43 -6.19 -123.71 32.62
C ALA RB 43 -6.39 -123.17 31.21
N LYS RB 44 -5.29 -122.88 30.52
CA LYS RB 44 -5.31 -122.32 29.18
C LYS RB 44 -4.48 -123.20 28.26
N VAL RB 45 -4.89 -123.28 26.99
CA VAL RB 45 -4.08 -123.91 25.95
C VAL RB 45 -4.11 -123.01 24.72
N ARG RB 46 -2.93 -122.71 24.17
CA ARG RB 46 -2.80 -121.85 23.00
C ARG RB 46 -1.98 -122.55 21.93
N HIS RB 47 -2.31 -122.26 20.67
CA HIS RB 47 -1.50 -122.59 19.50
C HIS RB 47 -1.39 -121.37 18.59
N THR RB 48 -0.19 -121.14 18.05
CA THR RB 48 0.05 -120.02 17.16
C THR RB 48 1.06 -120.43 16.10
N LYS RB 49 1.13 -119.61 15.04
CA LYS RB 49 2.08 -119.77 13.96
C LYS RB 49 2.79 -118.45 13.73
N GLU RB 50 4.13 -118.49 13.66
CA GLU RB 50 4.91 -117.27 13.49
C GLU RB 50 4.71 -116.69 12.09
N SER RB 51 4.90 -115.37 11.99
CA SER RB 51 4.64 -114.67 10.74
C SER RB 51 5.55 -115.19 9.64
N VAL RB 52 5.00 -115.30 8.43
CA VAL RB 52 5.75 -115.78 7.28
C VAL RB 52 6.63 -114.65 6.75
N LYS RB 53 7.84 -115.00 6.32
CA LYS RB 53 8.83 -114.07 5.78
C LYS RB 53 9.37 -114.81 4.57
N PRO RB 54 9.68 -114.09 3.47
CA PRO RB 54 9.86 -114.76 2.16
C PRO RB 54 10.72 -116.03 2.18
N ASN RB 55 11.97 -115.96 2.64
CA ASN RB 55 12.87 -117.14 2.60
C ASN RB 55 13.48 -117.41 3.97
N GLN RB 56 12.73 -118.12 4.81
CA GLN RB 56 13.17 -118.48 6.14
C GLN RB 56 12.37 -119.68 6.62
N VAL RB 57 12.84 -120.30 7.69
CA VAL RB 57 12.15 -121.45 8.28
C VAL RB 57 10.94 -120.96 9.07
N GLN RB 58 9.81 -121.65 8.89
CA GLN RB 58 8.55 -121.22 9.49
C GLN RB 58 8.26 -122.08 10.71
N TYR RB 59 7.97 -121.43 11.83
CA TYR RB 59 7.83 -122.08 13.13
C TYR RB 59 6.39 -121.97 13.64
N GLU RB 60 6.07 -122.85 14.60
CA GLU RB 60 4.80 -122.76 15.32
C GLU RB 60 5.07 -123.00 16.81
N ARG RB 61 4.15 -122.51 17.63
CA ARG RB 61 4.33 -122.45 19.08
C ARG RB 61 3.14 -123.08 19.79
N HIS RB 62 3.40 -123.90 20.81
CA HIS RB 62 2.37 -124.43 21.69
C HIS RB 62 2.63 -123.97 23.11
N ASN RB 63 1.54 -123.75 23.86
CA ASN RB 63 1.61 -123.21 25.21
C ASN RB 63 0.60 -123.92 26.10
N VAL RB 64 0.97 -124.12 27.36
CA VAL RB 64 0.08 -124.67 28.39
C VAL RB 64 0.30 -123.89 29.68
N GLU RB 65 -0.79 -123.54 30.36
CA GLU RB 65 -0.75 -122.57 31.45
C GLU RB 65 -1.69 -123.00 32.57
N PHE RB 66 -1.20 -122.97 33.80
CA PHE RB 66 -2.00 -123.20 35.00
C PHE RB 66 -2.03 -121.92 35.84
N THR RB 67 -3.20 -121.59 36.39
CA THR RB 67 -3.40 -120.36 37.14
C THR RB 67 -4.34 -120.62 38.30
N GLU RB 68 -4.07 -119.96 39.44
CA GLU RB 68 -4.99 -119.94 40.56
C GLU RB 68 -5.09 -118.50 41.05
N THR RB 69 -6.22 -118.18 41.68
CA THR RB 69 -6.42 -116.85 42.24
C THR RB 69 -6.83 -116.96 43.70
N VAL RB 70 -6.33 -116.05 44.52
CA VAL RB 70 -6.66 -115.96 45.94
C VAL RB 70 -7.30 -114.61 46.18
N TYR RB 71 -8.58 -114.63 46.55
CA TYR RB 71 -9.30 -113.38 46.73
C TYR RB 71 -8.78 -112.60 47.94
N ALA RB 72 -8.99 -111.29 47.90
CA ALA RB 72 -8.52 -110.43 48.97
C ALA RB 72 -9.16 -110.84 50.30
N SER RB 73 -8.37 -110.83 51.36
CA SER RB 73 -8.83 -111.19 52.69
C SER RB 73 -8.21 -110.22 53.68
N GLY RB 74 -9.05 -109.41 54.31
CA GLY RB 74 -8.54 -108.38 55.20
C GLY RB 74 -7.67 -107.41 54.44
N SER RB 75 -6.49 -107.12 54.98
CA SER RB 75 -5.57 -106.18 54.36
C SER RB 75 -4.79 -106.79 53.20
N THR RB 76 -4.75 -108.11 53.09
CA THR RB 76 -3.97 -108.75 52.03
C THR RB 76 -4.68 -108.61 50.69
N PRO RB 77 -4.07 -107.97 49.68
CA PRO RB 77 -4.76 -107.78 48.41
C PRO RB 77 -4.69 -109.00 47.50
N GLU RB 78 -5.10 -108.83 46.24
CA GLU RB 78 -5.07 -109.91 45.27
C GLU RB 78 -3.65 -110.35 44.97
N PHE RB 79 -3.50 -111.64 44.67
CA PHE RB 79 -2.22 -112.18 44.19
C PHE RB 79 -2.50 -113.53 43.54
N VAL RB 80 -1.52 -114.02 42.78
CA VAL RB 80 -1.69 -115.19 41.91
C VAL RB 80 -0.44 -116.06 42.00
N ARG RB 81 -0.56 -117.26 41.44
CA ARG RB 81 0.59 -118.12 41.13
C ARG RB 81 0.42 -118.67 39.72
N GLN RB 82 1.56 -118.89 39.06
CA GLN RB 82 1.61 -119.19 37.63
C GLN RB 82 2.51 -120.40 37.41
N ALA RB 83 2.31 -121.07 36.28
CA ALA RB 83 3.24 -122.07 35.79
C ALA RB 83 2.85 -122.51 34.38
N TYR RB 84 3.77 -122.40 33.42
CA TYR RB 84 3.41 -122.69 32.04
C TYR RB 84 4.62 -123.17 31.25
N VAL RB 85 4.34 -123.86 30.14
CA VAL RB 85 5.36 -124.46 29.29
C VAL RB 85 5.10 -124.04 27.85
N VAL RB 86 6.18 -123.83 27.09
CA VAL RB 86 6.11 -123.46 25.68
C VAL RB 86 6.94 -124.43 24.87
N ILE RB 87 6.52 -124.67 23.62
CA ILE RB 87 7.21 -125.57 22.69
C ILE RB 87 7.24 -124.90 21.33
N ARG RB 88 8.40 -124.94 20.68
CA ARG RB 88 8.63 -124.24 19.42
C ARG RB 88 9.39 -125.17 18.49
N HIS RB 89 8.87 -125.35 17.27
CA HIS RB 89 9.50 -126.24 16.30
C HIS RB 89 8.90 -126.00 14.93
N LYS RB 90 9.63 -126.43 13.90
CA LYS RB 90 9.23 -126.14 12.52
C LYS RB 90 8.08 -127.05 12.10
N VAL RB 91 7.32 -126.57 11.11
CA VAL RB 91 6.05 -127.22 10.77
C VAL RB 91 6.30 -128.63 10.24
N GLY RB 92 7.31 -128.78 9.40
CA GLY RB 92 7.62 -130.06 8.79
C GLY RB 92 8.46 -131.00 9.62
N ASP RB 93 8.74 -130.66 10.87
CA ASP RB 93 9.58 -131.50 11.70
C ASP RB 93 8.89 -132.83 12.00
N VAL RB 94 9.63 -133.72 12.65
CA VAL RB 94 9.09 -134.99 13.11
C VAL RB 94 8.61 -134.83 14.55
N SER RB 95 7.43 -135.37 14.84
CA SER RB 95 6.83 -135.17 16.16
C SER RB 95 7.58 -135.93 17.25
N ALA RB 96 8.14 -137.11 16.91
CA ALA RB 96 8.73 -137.96 17.95
C ALA RB 96 9.88 -137.27 18.65
N THR RB 97 10.75 -136.59 17.89
CA THR RB 97 11.90 -135.92 18.50
C THR RB 97 11.45 -134.79 19.43
N VAL RB 98 10.45 -134.01 19.01
CA VAL RB 98 9.97 -132.93 19.86
C VAL RB 98 9.36 -133.51 21.14
N SER RB 99 8.64 -134.62 21.02
CA SER RB 99 8.09 -135.27 22.20
C SER RB 99 9.20 -135.75 23.12
N ASP RB 100 10.29 -136.28 22.54
CA ASP RB 100 11.40 -136.74 23.35
C ASP RB 100 12.03 -135.59 24.11
N LEU RB 101 12.24 -134.46 23.45
CA LEU RB 101 12.78 -133.28 24.14
C LEU RB 101 11.85 -132.83 25.26
N GLY RB 102 10.55 -132.81 24.99
CA GLY RB 102 9.60 -132.40 26.02
C GLY RB 102 9.62 -133.33 27.22
N GLU RB 103 9.68 -134.64 26.97
CA GLU RB 103 9.75 -135.60 28.08
C GLU RB 103 11.04 -135.43 28.87
N ALA RB 104 12.16 -135.16 28.18
CA ALA RB 104 13.40 -134.88 28.90
C ALA RB 104 13.22 -133.70 29.84
N LEU RB 105 12.68 -132.59 29.32
CA LEU RB 105 12.51 -131.40 30.14
C LEU RB 105 11.57 -131.67 31.31
N SER RB 106 10.49 -132.42 31.06
CA SER RB 106 9.55 -132.73 32.13
C SER RB 106 10.19 -133.60 33.21
N PHE RB 107 10.90 -134.65 32.80
CA PHE RB 107 11.49 -135.57 33.75
C PHE RB 107 12.61 -134.92 34.56
N TYR RB 108 13.32 -133.96 33.98
CA TYR RB 108 14.35 -133.25 34.73
C TYR RB 108 13.74 -132.50 35.91
N LEU RB 109 12.63 -131.81 35.68
CA LEU RB 109 11.98 -131.04 36.73
C LEU RB 109 11.41 -131.96 37.80
N ASN RB 110 11.60 -131.59 39.07
CA ASN RB 110 11.03 -132.31 40.19
C ASN RB 110 11.08 -131.41 41.41
N GLU RB 111 10.71 -131.98 42.57
CA GLU RB 111 10.60 -131.17 43.78
C GLU RB 111 11.94 -130.55 44.15
N ALA RB 112 13.03 -131.31 44.03
CA ALA RB 112 14.33 -130.79 44.42
C ALA RB 112 14.70 -129.56 43.59
N LEU RB 113 14.50 -129.63 42.28
CA LEU RB 113 14.83 -128.50 41.41
C LEU RB 113 13.98 -127.29 41.72
N TYR RB 114 12.68 -127.50 41.98
CA TYR RB 114 11.83 -126.39 42.35
C TYR RB 114 12.29 -125.75 43.64
N GLY RB 115 12.66 -126.56 44.63
CA GLY RB 115 13.20 -126.01 45.86
C GLY RB 115 14.45 -125.20 45.63
N LYS RB 116 15.35 -125.69 44.78
CA LYS RB 116 16.57 -124.95 44.46
C LYS RB 116 16.23 -123.63 43.79
N LEU RB 117 15.32 -123.64 42.81
CA LEU RB 117 15.01 -122.43 42.07
C LEU RB 117 14.38 -121.38 42.97
N ILE RB 118 13.44 -121.78 43.84
CA ILE RB 118 12.88 -120.81 44.77
C ILE RB 118 13.98 -120.21 45.63
N GLY RB 119 15.08 -120.93 45.80
CA GLY RB 119 16.24 -120.44 46.51
C GLY RB 119 17.17 -119.54 45.73
N TRP RB 120 16.83 -119.16 44.50
CA TRP RB 120 17.68 -118.31 43.66
C TRP RB 120 19.03 -118.96 43.36
N GLU RB 121 19.12 -120.28 43.45
CA GLU RB 121 20.33 -121.00 43.12
C GLU RB 121 20.51 -121.10 41.61
N SER RB 122 21.12 -120.10 40.99
CA SER RB 122 21.36 -120.11 39.55
C SER RB 122 22.17 -121.34 39.16
N ALA SB 1 -21.74 -129.17 14.55
CA ALA SB 1 -22.62 -130.31 14.95
C ALA SB 1 -22.39 -131.52 14.05
N LEU SB 2 -21.54 -131.36 13.04
CA LEU SB 2 -21.29 -132.45 12.09
C LEU SB 2 -20.61 -133.65 12.74
N GLY SB 3 -20.03 -133.47 13.92
CA GLY SB 3 -19.26 -134.52 14.57
C GLY SB 3 -17.85 -134.08 14.86
N ASP SB 4 -17.23 -134.66 15.90
CA ASP SB 4 -15.91 -134.21 16.31
C ASP SB 4 -14.87 -134.55 15.24
N THR SB 5 -14.97 -135.73 14.65
CA THR SB 5 -14.00 -136.21 13.67
C THR SB 5 -14.61 -136.25 12.28
N LEU SB 6 -13.87 -135.76 11.30
CA LEU SB 6 -14.27 -135.78 9.90
C LEU SB 6 -13.39 -136.75 9.15
N THR SB 7 -13.98 -137.52 8.25
CA THR SB 7 -13.30 -138.60 7.55
C THR SB 7 -13.19 -138.28 6.07
N ILE SB 8 -11.99 -138.46 5.51
CA ILE SB 8 -11.73 -138.27 4.09
C ILE SB 8 -11.20 -139.60 3.56
N THR SB 9 -11.81 -140.10 2.49
CA THR SB 9 -11.42 -141.36 1.86
C THR SB 9 -10.85 -141.04 0.48
N LEU SB 10 -9.52 -140.99 0.39
CA LEU SB 10 -8.89 -140.65 -0.88
C LEU SB 10 -9.14 -141.74 -1.91
N GLY SB 11 -9.18 -141.33 -3.17
CA GLY SB 11 -9.47 -142.27 -4.24
C GLY SB 11 -10.93 -142.62 -4.39
N GLY SB 12 -11.84 -141.89 -3.74
CA GLY SB 12 -13.25 -142.19 -3.86
C GLY SB 12 -13.71 -143.15 -2.79
N SER SB 13 -14.52 -144.12 -3.17
CA SER SB 13 -14.97 -145.15 -2.26
C SER SB 13 -14.00 -146.33 -2.19
N GLY SB 14 -12.86 -146.25 -2.87
CA GLY SB 14 -11.90 -147.33 -2.86
C GLY SB 14 -11.34 -147.66 -1.49
N GLY SB 15 -10.57 -146.74 -0.92
CA GLY SB 15 -9.95 -146.96 0.38
C GLY SB 15 -9.10 -145.79 0.84
N THR SB 16 -8.07 -146.08 1.63
CA THR SB 16 -7.15 -145.05 2.14
C THR SB 16 -7.92 -143.98 2.92
N ALA SB 17 -8.53 -144.40 4.02
CA ALA SB 17 -9.29 -143.50 4.86
C ALA SB 17 -8.39 -142.73 5.81
N LYS SB 18 -8.70 -141.44 5.98
CA LYS SB 18 -8.00 -140.57 6.92
C LYS SB 18 -9.02 -139.84 7.77
N VAL SB 19 -8.67 -139.58 9.02
CA VAL SB 19 -9.57 -138.98 10.00
C VAL SB 19 -8.99 -137.65 10.43
N LEU SB 20 -9.75 -136.58 10.26
CA LEU SB 20 -9.41 -135.29 10.81
C LEU SB 20 -10.09 -135.11 12.17
N ARG SB 21 -9.61 -134.13 12.93
CA ARG SB 21 -10.15 -133.85 14.26
C ARG SB 21 -10.36 -132.35 14.43
N LYS SB 22 -11.44 -131.98 15.12
CA LYS SB 22 -11.74 -130.56 15.28
C LYS SB 22 -10.71 -129.88 16.15
N ILE SB 23 -10.32 -128.67 15.75
CA ILE SB 23 -9.29 -127.92 16.44
C ILE SB 23 -9.82 -126.55 16.84
N ASN SB 24 -10.91 -126.12 16.19
CA ASN SB 24 -11.48 -124.81 16.45
C ASN SB 24 -12.92 -124.78 15.95
N GLN SB 25 -13.68 -123.81 16.46
CA GLN SB 25 -15.00 -123.52 15.93
C GLN SB 25 -15.38 -122.09 16.31
N ASP SB 26 -15.63 -121.24 15.32
CA ASP SB 26 -15.98 -119.85 15.60
C ASP SB 26 -16.79 -119.29 14.44
N GLY SB 27 -17.78 -118.45 14.79
CA GLY SB 27 -18.54 -117.72 13.80
C GLY SB 27 -19.22 -118.59 12.77
N TYR SB 28 -19.86 -119.67 13.22
CA TYR SB 28 -20.50 -120.63 12.33
C TYR SB 28 -19.50 -121.21 11.34
N THR SB 29 -18.25 -121.36 11.77
CA THR SB 29 -17.20 -121.94 10.95
C THR SB 29 -16.47 -123.01 11.76
N SER SB 30 -15.96 -124.02 11.07
CA SER SB 30 -15.27 -125.13 11.71
C SER SB 30 -14.16 -125.62 10.81
N GLU SB 31 -13.15 -126.24 11.42
CA GLU SB 31 -12.10 -126.86 10.64
C GLU SB 31 -11.51 -128.04 11.39
N TYR SB 32 -11.01 -129.02 10.63
CA TYR SB 32 -10.42 -130.24 11.15
C TYR SB 32 -9.01 -130.37 10.60
N TYR SB 33 -8.11 -130.97 11.37
CA TYR SB 33 -6.68 -131.04 11.02
C TYR SB 33 -6.09 -132.40 11.36
N LEU SB 34 -5.06 -132.79 10.60
CA LEU SB 34 -4.28 -133.99 10.91
C LEU SB 34 -2.92 -133.95 10.22
N PRO SB 35 -1.80 -133.94 10.95
CA PRO SB 35 -0.49 -134.01 10.31
C PRO SB 35 -0.02 -135.45 10.10
N GLU SB 36 0.92 -135.60 9.18
CA GLU SB 36 1.49 -136.90 8.84
C GLU SB 36 3.00 -136.72 8.65
N THR SB 37 3.66 -137.74 8.13
CA THR SB 37 5.12 -137.68 7.98
C THR SB 37 5.52 -136.65 6.94
N SER SB 38 4.91 -136.68 5.75
CA SER SB 38 5.32 -135.81 4.65
C SER SB 38 4.20 -134.92 4.14
N SER SB 39 3.06 -134.85 4.81
CA SER SB 39 1.98 -133.96 4.38
C SER SB 39 0.99 -133.80 5.52
N SER SB 40 -0.05 -132.99 5.26
CA SER SB 40 -1.04 -132.64 6.26
C SER SB 40 -2.38 -132.47 5.57
N PHE SB 41 -3.45 -132.67 6.35
CA PHE SB 41 -4.82 -132.56 5.85
C PHE SB 41 -5.61 -131.59 6.71
N ARG SB 42 -6.37 -130.72 6.04
CA ARG SB 42 -7.19 -129.73 6.70
C ARG SB 42 -8.50 -129.60 5.95
N ALA SB 43 -9.61 -129.51 6.68
CA ALA SB 43 -10.94 -129.36 6.12
C ALA SB 43 -11.66 -128.26 6.86
N LYS SB 44 -12.32 -127.37 6.12
CA LYS SB 44 -12.98 -126.20 6.68
C LYS SB 44 -14.42 -126.13 6.18
N VAL SB 45 -15.30 -125.66 7.05
CA VAL SB 45 -16.71 -125.44 6.75
C VAL SB 45 -17.09 -124.06 7.23
N ARG SB 46 -17.84 -123.32 6.41
CA ARG SB 46 -18.28 -121.98 6.76
C ARG SB 46 -19.70 -121.71 6.29
N HIS SB 47 -20.36 -120.79 7.00
CA HIS SB 47 -21.67 -120.24 6.63
C HIS SB 47 -21.59 -118.73 6.64
N THR SB 48 -22.23 -118.08 5.65
CA THR SB 48 -22.29 -116.63 5.62
C THR SB 48 -23.56 -116.14 4.94
N LYS SB 49 -23.93 -114.90 5.28
CA LYS SB 49 -25.11 -114.22 4.75
C LYS SB 49 -24.63 -113.00 3.98
N GLU SB 50 -24.95 -112.93 2.68
CA GLU SB 50 -24.52 -111.79 1.89
C GLU SB 50 -25.24 -110.51 2.31
N SER SB 51 -24.77 -109.39 1.78
CA SER SB 51 -25.19 -108.08 2.24
C SER SB 51 -26.66 -107.83 1.91
N VAL SB 52 -27.30 -107.01 2.75
CA VAL SB 52 -28.68 -106.61 2.54
C VAL SB 52 -28.73 -105.45 1.56
N LYS SB 53 -29.71 -105.48 0.66
CA LYS SB 53 -29.95 -104.42 -0.31
C LYS SB 53 -31.40 -104.00 -0.22
N PRO SB 54 -31.71 -102.73 -0.55
CA PRO SB 54 -33.07 -102.24 -0.32
C PRO SB 54 -34.17 -103.00 -1.03
N ASN SB 55 -33.97 -103.38 -2.29
CA ASN SB 55 -35.04 -103.94 -3.11
C ASN SB 55 -34.55 -105.13 -3.92
N GLN SB 56 -33.76 -106.01 -3.30
CA GLN SB 56 -33.26 -107.22 -3.94
C GLN SB 56 -33.46 -108.42 -3.02
N VAL SB 57 -33.62 -109.60 -3.62
CA VAL SB 57 -33.88 -110.81 -2.84
C VAL SB 57 -32.65 -111.19 -2.02
N GLN SB 58 -32.90 -111.82 -0.87
CA GLN SB 58 -31.86 -112.16 0.09
C GLN SB 58 -31.41 -113.60 -0.13
N TYR SB 59 -30.09 -113.83 -0.06
CA TYR SB 59 -29.51 -115.14 -0.36
C TYR SB 59 -28.67 -115.65 0.79
N GLU SB 60 -28.29 -116.94 0.71
CA GLU SB 60 -27.33 -117.52 1.64
C GLU SB 60 -26.42 -118.50 0.87
N ARG SB 61 -25.18 -118.64 1.35
CA ARG SB 61 -24.20 -119.50 0.72
C ARG SB 61 -23.56 -120.43 1.75
N HIS SB 62 -23.22 -121.63 1.31
CA HIS SB 62 -22.49 -122.60 2.13
C HIS SB 62 -21.28 -123.13 1.38
N ASN SB 63 -20.15 -123.26 2.10
CA ASN SB 63 -18.85 -123.56 1.52
C ASN SB 63 -18.19 -124.71 2.27
N VAL SB 64 -17.51 -125.59 1.52
CA VAL SB 64 -16.77 -126.72 2.07
C VAL SB 64 -15.49 -126.90 1.26
N GLU SB 65 -14.37 -127.19 1.93
CA GLU SB 65 -13.08 -127.34 1.27
C GLU SB 65 -12.25 -128.45 1.90
N PHE SB 66 -11.45 -129.12 1.06
CA PHE SB 66 -10.35 -129.97 1.50
C PHE SB 66 -9.03 -129.38 1.01
N THR SB 67 -8.05 -129.30 1.91
CA THR SB 67 -6.72 -128.78 1.58
C THR SB 67 -5.67 -129.78 2.01
N GLU SB 68 -4.62 -129.90 1.19
CA GLU SB 68 -3.54 -130.86 1.44
C GLU SB 68 -2.22 -130.20 1.08
N THR SB 69 -1.32 -130.05 2.06
CA THR SB 69 -0.04 -129.41 1.87
C THR SB 69 1.08 -130.44 1.92
N VAL SB 70 2.03 -130.31 1.00
CA VAL SB 70 3.16 -131.22 0.89
C VAL SB 70 4.42 -130.46 1.26
N TYR SB 71 5.15 -130.97 2.24
CA TYR SB 71 6.33 -130.27 2.74
C TYR SB 71 7.46 -130.29 1.72
N ALA SB 72 8.34 -129.30 1.84
CA ALA SB 72 9.46 -129.17 0.92
C ALA SB 72 10.40 -130.35 1.06
N SER SB 73 10.80 -130.92 -0.07
CA SER SB 73 11.74 -132.03 -0.12
C SER SB 73 12.78 -131.76 -1.19
N GLY SB 74 14.05 -131.94 -0.84
CA GLY SB 74 15.11 -131.66 -1.79
C GLY SB 74 15.08 -130.21 -2.21
N SER SB 75 15.22 -129.98 -3.52
CA SER SB 75 15.19 -128.62 -4.06
C SER SB 75 13.78 -128.15 -4.39
N THR SB 76 12.79 -129.04 -4.33
CA THR SB 76 11.42 -128.67 -4.67
C THR SB 76 10.72 -128.05 -3.46
N PRO SB 77 10.22 -126.82 -3.54
CA PRO SB 77 9.57 -126.21 -2.38
C PRO SB 77 8.22 -126.84 -2.10
N GLU SB 78 7.63 -126.43 -0.98
CA GLU SB 78 6.33 -126.95 -0.59
C GLU SB 78 5.23 -126.41 -1.51
N PHE SB 79 4.12 -127.14 -1.53
CA PHE SB 79 2.95 -126.76 -2.33
C PHE SB 79 1.72 -127.38 -1.70
N VAL SB 80 0.56 -127.06 -2.28
CA VAL SB 80 -0.73 -127.38 -1.69
C VAL SB 80 -1.64 -127.97 -2.76
N ARG SB 81 -2.63 -128.74 -2.30
CA ARG SB 81 -3.73 -129.21 -3.13
C ARG SB 81 -5.04 -128.92 -2.42
N GLN SB 82 -6.05 -128.50 -3.19
CA GLN SB 82 -7.28 -127.95 -2.63
C GLN SB 82 -8.45 -128.35 -3.51
N ALA SB 83 -9.64 -128.29 -2.92
CA ALA SB 83 -10.88 -128.54 -3.65
C ALA SB 83 -12.04 -128.13 -2.76
N TYR SB 84 -12.93 -127.27 -3.28
CA TYR SB 84 -14.02 -126.75 -2.47
C TYR SB 84 -15.30 -126.66 -3.30
N VAL SB 85 -16.43 -126.66 -2.59
CA VAL SB 85 -17.76 -126.60 -3.19
C VAL SB 85 -18.59 -125.57 -2.43
N VAL SB 86 -19.43 -124.84 -3.17
CA VAL SB 86 -20.32 -123.84 -2.58
C VAL SB 86 -21.71 -123.98 -3.17
N ILE SB 87 -22.72 -123.73 -2.34
CA ILE SB 87 -24.13 -123.71 -2.74
C ILE SB 87 -24.68 -122.34 -2.41
N ARG SB 88 -25.35 -121.69 -3.37
CA ARG SB 88 -25.91 -120.36 -3.17
C ARG SB 88 -27.38 -120.39 -3.53
N HIS SB 89 -28.25 -119.98 -2.61
CA HIS SB 89 -29.69 -120.01 -2.85
C HIS SB 89 -30.35 -118.96 -1.95
N LYS SB 90 -31.60 -118.63 -2.30
CA LYS SB 90 -32.28 -117.54 -1.62
C LYS SB 90 -32.86 -118.00 -0.29
N VAL SB 91 -33.12 -117.03 0.59
CA VAL SB 91 -33.65 -117.31 1.91
C VAL SB 91 -35.12 -117.71 1.81
N GLY SB 92 -35.48 -118.79 2.49
CA GLY SB 92 -36.85 -119.25 2.52
C GLY SB 92 -37.21 -120.29 1.48
N ASP SB 93 -36.28 -120.69 0.62
CA ASP SB 93 -36.56 -121.67 -0.40
C ASP SB 93 -36.87 -123.02 0.25
N VAL SB 94 -37.25 -123.99 -0.57
CA VAL SB 94 -37.54 -125.34 -0.09
C VAL SB 94 -36.25 -126.15 -0.10
N SER SB 95 -36.00 -126.86 1.01
CA SER SB 95 -34.70 -127.49 1.21
C SER SB 95 -34.43 -128.58 0.17
N ALA SB 96 -35.43 -129.40 -0.13
CA ALA SB 96 -35.20 -130.57 -0.99
C ALA SB 96 -34.80 -130.14 -2.39
N THR SB 97 -35.49 -129.14 -2.95
CA THR SB 97 -35.17 -128.69 -4.30
C THR SB 97 -33.74 -128.16 -4.38
N VAL SB 98 -33.33 -127.36 -3.40
CA VAL SB 98 -32.00 -126.80 -3.43
C VAL SB 98 -30.96 -127.90 -3.22
N SER SB 99 -31.28 -128.92 -2.43
CA SER SB 99 -30.35 -130.03 -2.27
C SER SB 99 -30.24 -130.84 -3.56
N ASP SB 100 -31.29 -130.86 -4.37
CA ASP SB 100 -31.25 -131.55 -5.65
C ASP SB 100 -30.11 -131.01 -6.52
N LEU SB 101 -29.97 -129.69 -6.58
CA LEU SB 101 -28.69 -129.11 -6.92
C LEU SB 101 -27.71 -129.38 -5.80
N GLY SB 102 -26.46 -129.65 -6.16
CA GLY SB 102 -25.56 -130.27 -5.22
C GLY SB 102 -25.58 -131.76 -5.39
N GLU SB 103 -26.76 -132.39 -5.29
CA GLU SB 103 -26.84 -133.82 -5.54
C GLU SB 103 -26.44 -134.13 -6.97
N ALA SB 104 -27.02 -133.40 -7.93
CA ALA SB 104 -26.69 -133.63 -9.33
C ALA SB 104 -25.23 -133.35 -9.62
N LEU SB 105 -24.69 -132.27 -9.05
CA LEU SB 105 -23.28 -131.95 -9.24
C LEU SB 105 -22.39 -133.07 -8.73
N SER SB 106 -22.69 -133.58 -7.54
CA SER SB 106 -21.88 -134.66 -6.98
C SER SB 106 -21.97 -135.92 -7.83
N PHE SB 107 -23.17 -136.24 -8.34
CA PHE SB 107 -23.31 -137.39 -9.21
C PHE SB 107 -22.52 -137.23 -10.50
N TYR SB 108 -22.49 -136.01 -11.04
CA TYR SB 108 -21.81 -135.78 -12.32
C TYR SB 108 -20.31 -135.95 -12.21
N LEU SB 109 -19.68 -135.41 -11.16
CA LEU SB 109 -18.23 -135.44 -11.03
C LEU SB 109 -17.80 -136.86 -10.68
N ASN SB 110 -17.05 -137.49 -11.58
CA ASN SB 110 -16.55 -138.84 -11.35
C ASN SB 110 -15.10 -138.96 -11.80
N GLU SB 111 -14.55 -140.17 -11.78
CA GLU SB 111 -13.14 -140.36 -12.11
C GLU SB 111 -12.85 -139.94 -13.55
N ALA SB 112 -13.63 -140.45 -14.50
CA ALA SB 112 -13.37 -140.14 -15.90
C ALA SB 112 -13.50 -138.65 -16.17
N LEU SB 113 -14.54 -138.01 -15.60
CA LEU SB 113 -14.72 -136.59 -15.80
C LEU SB 113 -13.55 -135.80 -15.25
N TYR SB 114 -13.06 -136.16 -14.07
CA TYR SB 114 -11.91 -135.47 -13.52
C TYR SB 114 -10.68 -135.66 -14.42
N GLY SB 115 -10.52 -136.88 -14.94
CA GLY SB 115 -9.39 -137.12 -15.83
C GLY SB 115 -9.44 -136.24 -17.07
N LYS SB 116 -10.62 -136.08 -17.66
CA LYS SB 116 -10.74 -135.17 -18.79
C LYS SB 116 -10.55 -133.72 -18.37
N LEU SB 117 -11.12 -133.32 -17.24
CA LEU SB 117 -11.12 -131.92 -16.85
C LEU SB 117 -9.70 -131.44 -16.57
N ILE SB 118 -8.90 -132.28 -15.91
CA ILE SB 118 -7.53 -131.88 -15.60
C ILE SB 118 -6.73 -131.67 -16.87
N GLY SB 119 -7.15 -132.28 -17.98
CA GLY SB 119 -6.50 -132.07 -19.26
C GLY SB 119 -6.90 -130.80 -19.98
N TRP SB 120 -7.44 -129.84 -19.22
CA TRP SB 120 -7.81 -128.51 -19.73
C TRP SB 120 -8.90 -128.56 -20.78
N GLU SB 121 -9.59 -129.68 -20.94
CA GLU SB 121 -10.70 -129.75 -21.87
C GLU SB 121 -11.86 -128.89 -21.37
N SER SB 122 -12.86 -128.73 -22.23
CA SER SB 122 -14.03 -127.91 -21.92
C SER SB 122 -15.22 -128.36 -22.74
N ALA TB 1 -19.63 -126.43 27.66
CA ALA TB 1 -20.00 -127.60 26.82
C ALA TB 1 -21.15 -128.40 27.44
N LEU TB 2 -22.37 -127.93 27.24
CA LEU TB 2 -23.53 -128.65 27.75
C LEU TB 2 -23.68 -130.00 27.06
N GLY TB 3 -23.48 -130.03 25.75
CA GLY TB 3 -23.65 -131.23 24.97
C GLY TB 3 -23.89 -130.90 23.52
N ASP TB 4 -23.79 -131.93 22.68
CA ASP TB 4 -23.93 -131.70 21.24
C ASP TB 4 -25.36 -131.29 20.89
N THR TB 5 -26.36 -131.93 21.49
CA THR TB 5 -27.75 -131.65 21.20
C THR TB 5 -28.52 -131.36 22.49
N LEU TB 6 -29.47 -130.44 22.38
CA LEU TB 6 -30.31 -130.01 23.49
C LEU TB 6 -31.75 -130.41 23.20
N THR TB 7 -32.38 -131.10 24.14
CA THR TB 7 -33.74 -131.60 23.97
C THR TB 7 -34.72 -130.75 24.76
N ILE TB 8 -35.82 -130.38 24.12
CA ILE TB 8 -36.89 -129.60 24.73
C ILE TB 8 -38.19 -130.36 24.53
N THR TB 9 -38.95 -130.55 25.61
CA THR TB 9 -40.19 -131.31 25.60
C THR TB 9 -41.35 -130.34 25.81
N LEU TB 10 -42.04 -130.00 24.73
CA LEU TB 10 -43.18 -129.09 24.82
C LEU TB 10 -44.27 -129.74 25.64
N GLY TB 11 -44.96 -128.93 26.45
CA GLY TB 11 -46.05 -129.44 27.27
C GLY TB 11 -45.63 -130.20 28.49
N GLY TB 12 -44.43 -129.94 29.02
CA GLY TB 12 -44.02 -130.60 30.24
C GLY TB 12 -43.74 -132.08 30.00
N SER TB 13 -43.80 -132.82 31.10
CA SER TB 13 -43.48 -134.25 31.05
C SER TB 13 -44.47 -135.00 30.18
N GLY TB 14 -43.95 -135.95 29.39
CA GLY TB 14 -44.79 -136.79 28.57
C GLY TB 14 -45.25 -136.18 27.26
N GLY TB 15 -44.68 -135.06 26.84
CA GLY TB 15 -45.11 -134.36 25.65
C GLY TB 15 -44.34 -134.73 24.40
N THR TB 16 -44.23 -133.77 23.49
CA THR TB 16 -43.48 -133.94 22.25
C THR TB 16 -42.05 -133.45 22.45
N ALA TB 17 -41.09 -134.24 21.96
CA ALA TB 17 -39.68 -133.94 22.13
C ALA TB 17 -39.09 -133.37 20.85
N LYS TB 18 -38.45 -132.21 20.96
CA LYS TB 18 -37.72 -131.59 19.87
C LYS TB 18 -36.25 -131.53 20.26
N VAL TB 19 -35.36 -131.92 19.34
CA VAL TB 19 -33.93 -132.01 19.61
C VAL TB 19 -33.26 -130.87 18.85
N LEU TB 20 -32.87 -129.82 19.56
CA LEU TB 20 -32.05 -128.79 18.94
C LEU TB 20 -30.60 -129.25 18.86
N ARG TB 21 -29.83 -128.58 18.01
CA ARG TB 21 -28.45 -128.96 17.75
C ARG TB 21 -27.55 -127.74 17.87
N LYS TB 22 -26.31 -127.97 18.31
CA LYS TB 22 -25.38 -126.88 18.50
C LYS TB 22 -24.95 -126.29 17.15
N ILE TB 23 -24.99 -124.97 17.04
CA ILE TB 23 -24.58 -124.29 15.82
C ILE TB 23 -23.41 -123.35 16.07
N ASN TB 24 -23.31 -122.78 17.27
CA ASN TB 24 -22.22 -121.85 17.50
C ASN TB 24 -22.10 -121.50 18.98
N GLN TB 25 -20.87 -121.19 19.38
CA GLN TB 25 -20.61 -120.64 20.71
C GLN TB 25 -19.23 -120.00 20.68
N ASP TB 26 -19.17 -118.68 20.77
CA ASP TB 26 -17.89 -117.96 20.76
C ASP TB 26 -17.64 -117.21 22.07
N GLY TB 27 -18.53 -116.31 22.46
CA GLY TB 27 -18.29 -115.47 23.62
C GLY TB 27 -18.90 -116.00 24.90
N TYR TB 28 -18.44 -117.17 25.37
CA TYR TB 28 -18.93 -117.79 26.59
C TYR TB 28 -20.42 -118.13 26.48
N THR TB 29 -20.95 -118.09 25.26
CA THR TB 29 -22.38 -118.13 24.98
C THR TB 29 -22.65 -119.26 24.00
N SER TB 30 -23.67 -120.07 24.29
CA SER TB 30 -24.04 -121.19 23.43
C SER TB 30 -25.43 -120.97 22.86
N GLU TB 31 -25.66 -121.51 21.66
CA GLU TB 31 -26.90 -121.31 20.95
C GLU TB 31 -27.22 -122.55 20.13
N TYR TB 32 -28.49 -122.97 20.15
CA TYR TB 32 -28.96 -124.16 19.46
C TYR TB 32 -30.07 -123.73 18.52
N TYR TB 33 -30.20 -124.44 17.39
CA TYR TB 33 -31.17 -124.07 16.35
C TYR TB 33 -31.75 -125.32 15.71
N LEU TB 34 -32.96 -125.20 15.20
CA LEU TB 34 -33.64 -126.31 14.53
C LEU TB 34 -34.78 -125.79 13.64
N PRO TB 35 -34.74 -125.98 12.34
CA PRO TB 35 -35.84 -125.56 11.47
C PRO TB 35 -36.85 -126.67 11.19
N GLU TB 36 -38.08 -126.24 10.91
CA GLU TB 36 -39.17 -127.15 10.56
C GLU TB 36 -40.01 -126.51 9.47
N THR TB 37 -41.09 -127.19 9.08
CA THR TB 37 -41.88 -126.72 7.94
C THR TB 37 -42.53 -125.38 8.21
N SER TB 38 -43.09 -125.20 9.42
CA SER TB 38 -43.82 -123.97 9.74
C SER TB 38 -43.25 -123.25 10.97
N SER TB 39 -42.17 -123.75 11.56
CA SER TB 39 -41.58 -123.12 12.72
C SER TB 39 -40.15 -123.56 12.87
N SER TB 40 -39.41 -122.84 13.71
CA SER TB 40 -38.03 -123.14 14.01
C SER TB 40 -37.78 -122.88 15.49
N PHE TB 41 -36.98 -123.74 16.12
CA PHE TB 41 -36.69 -123.65 17.54
C PHE TB 41 -35.25 -123.22 17.75
N ARG TB 42 -35.04 -122.35 18.73
CA ARG TB 42 -33.71 -121.79 18.99
C ARG TB 42 -33.56 -121.59 20.49
N ALA TB 43 -32.45 -122.09 21.04
CA ALA TB 43 -32.12 -121.99 22.45
C ALA TB 43 -30.75 -121.34 22.60
N LYS TB 44 -30.60 -120.48 23.62
CA LYS TB 44 -29.39 -119.67 23.74
C LYS TB 44 -29.10 -119.42 25.22
N VAL TB 45 -27.81 -119.46 25.57
CA VAL TB 45 -27.35 -119.42 26.97
C VAL TB 45 -26.20 -118.43 27.09
N ARG TB 46 -26.23 -117.58 28.12
CA ARG TB 46 -25.17 -116.61 28.38
C ARG TB 46 -24.68 -116.67 29.82
N HIS TB 47 -23.44 -116.21 30.01
CA HIS TB 47 -22.86 -115.91 31.33
C HIS TB 47 -22.19 -114.56 31.27
N THR TB 48 -22.26 -113.78 32.36
CA THR TB 48 -21.76 -112.41 32.33
C THR TB 48 -21.32 -111.96 33.72
N LYS TB 49 -20.47 -110.93 33.74
CA LYS TB 49 -19.92 -110.32 34.94
C LYS TB 49 -20.46 -108.89 35.08
N GLU TB 50 -20.91 -108.54 36.28
CA GLU TB 50 -21.52 -107.23 36.50
C GLU TB 50 -20.49 -106.10 36.45
N SER TB 51 -20.97 -104.90 36.16
CA SER TB 51 -20.11 -103.73 36.15
C SER TB 51 -19.65 -103.42 37.57
N VAL TB 52 -18.47 -102.82 37.67
CA VAL TB 52 -17.82 -102.56 38.95
C VAL TB 52 -17.79 -101.07 39.19
N LYS TB 53 -18.26 -100.66 40.37
CA LYS TB 53 -18.00 -99.35 40.93
C LYS TB 53 -17.42 -99.56 42.33
N PRO TB 54 -16.55 -98.66 42.83
CA PRO TB 54 -15.63 -99.09 43.88
C PRO TB 54 -16.31 -99.77 45.07
N ASN TB 55 -15.53 -100.61 45.74
CA ASN TB 55 -15.78 -101.20 47.07
C ASN TB 55 -17.21 -101.72 47.28
N GLN TB 56 -17.61 -102.72 46.49
CA GLN TB 56 -18.91 -103.34 46.63
C GLN TB 56 -18.77 -104.85 46.61
N VAL TB 57 -19.88 -105.54 46.88
CA VAL TB 57 -19.98 -106.93 46.48
C VAL TB 57 -20.25 -106.99 44.99
N GLN TB 58 -19.52 -107.85 44.29
CA GLN TB 58 -19.64 -107.97 42.85
C GLN TB 58 -20.41 -109.24 42.56
N TYR TB 59 -21.31 -109.19 41.57
CA TYR TB 59 -22.27 -110.24 41.32
C TYR TB 59 -22.02 -110.90 39.97
N GLU TB 60 -22.81 -111.94 39.67
CA GLU TB 60 -22.75 -112.61 38.38
C GLU TB 60 -24.16 -112.88 37.88
N ARG TB 61 -24.29 -113.03 36.56
CA ARG TB 61 -25.56 -113.34 35.91
C ARG TB 61 -25.43 -114.64 35.14
N HIS TB 62 -26.46 -115.48 35.24
CA HIS TB 62 -26.62 -116.65 34.38
C HIS TB 62 -28.01 -116.60 33.75
N ASN TB 63 -28.09 -116.91 32.46
CA ASN TB 63 -29.30 -116.71 31.69
C ASN TB 63 -29.50 -117.84 30.70
N VAL TB 64 -30.76 -118.18 30.44
CA VAL TB 64 -31.13 -119.15 29.42
C VAL TB 64 -32.51 -118.79 28.88
N GLU TB 65 -32.71 -118.98 27.57
CA GLU TB 65 -33.96 -118.61 26.92
C GLU TB 65 -34.36 -119.68 25.91
N PHE TB 66 -35.66 -119.76 25.66
CA PHE TB 66 -36.23 -120.54 24.56
C PHE TB 66 -37.02 -119.61 23.66
N THR TB 67 -36.98 -119.86 22.35
CA THR TB 67 -37.64 -119.00 21.37
C THR TB 67 -38.28 -119.85 20.29
N GLU TB 68 -39.54 -119.53 19.96
CA GLU TB 68 -40.28 -120.20 18.90
C GLU TB 68 -40.93 -119.15 18.01
N THR TB 69 -40.77 -119.30 16.70
CA THR TB 69 -41.28 -118.36 15.72
C THR TB 69 -42.10 -119.10 14.67
N VAL TB 70 -43.23 -118.51 14.29
CA VAL TB 70 -44.13 -119.08 13.29
C VAL TB 70 -44.05 -118.19 12.04
N TYR TB 71 -43.76 -118.80 10.90
CA TYR TB 71 -43.58 -118.02 9.69
C TYR TB 71 -44.91 -117.45 9.20
N ALA TB 72 -44.82 -116.30 8.54
CA ALA TB 72 -46.01 -115.60 8.08
C ALA TB 72 -46.75 -116.47 7.07
N SER TB 73 -48.08 -116.56 7.23
CA SER TB 73 -48.92 -117.35 6.34
C SER TB 73 -50.16 -116.53 6.01
N GLY TB 74 -50.39 -116.32 4.72
CA GLY TB 74 -51.55 -115.55 4.31
C GLY TB 74 -51.51 -114.14 4.89
N SER TB 75 -52.65 -113.69 5.40
CA SER TB 75 -52.73 -112.35 5.97
C SER TB 75 -51.94 -112.24 7.27
N THR TB 76 -51.90 -113.31 8.06
CA THR TB 76 -51.25 -113.27 9.36
C THR TB 76 -49.75 -113.11 9.22
N PRO TB 77 -49.14 -112.09 9.83
CA PRO TB 77 -47.68 -111.98 9.79
C PRO TB 77 -47.02 -112.92 10.79
N GLU TB 78 -45.69 -112.97 10.71
CA GLU TB 78 -44.92 -113.82 11.60
C GLU TB 78 -44.88 -113.25 13.01
N PHE TB 79 -44.77 -114.14 14.00
CA PHE TB 79 -44.66 -113.74 15.39
C PHE TB 79 -43.81 -114.76 16.12
N VAL TB 80 -43.52 -114.47 17.39
CA VAL TB 80 -42.53 -115.21 18.16
C VAL TB 80 -43.08 -115.49 19.56
N ARG TB 81 -42.59 -116.58 20.16
CA ARG TB 81 -42.86 -116.89 21.56
C ARG TB 81 -41.55 -117.14 22.28
N GLN TB 82 -41.42 -116.61 23.49
CA GLN TB 82 -40.17 -116.61 24.23
C GLN TB 82 -40.44 -117.04 25.66
N ALA TB 83 -39.38 -117.48 26.34
CA ALA TB 83 -39.45 -117.79 27.76
C ALA TB 83 -38.03 -117.97 28.29
N TYR TB 84 -37.64 -117.16 29.27
CA TYR TB 84 -36.25 -117.15 29.73
C TYR TB 84 -36.21 -116.91 31.24
N VAL TB 85 -35.07 -117.26 31.83
CA VAL TB 85 -34.83 -117.09 33.26
C VAL TB 85 -33.44 -116.48 33.45
N VAL TB 86 -33.26 -115.79 34.57
CA VAL TB 86 -31.97 -115.20 34.94
C VAL TB 86 -31.70 -115.48 36.42
N ILE TB 87 -30.44 -115.73 36.75
CA ILE TB 87 -30.01 -115.96 38.13
C ILE TB 87 -28.88 -114.99 38.46
N ARG TB 88 -28.92 -114.42 39.66
CA ARG TB 88 -27.90 -113.48 40.13
C ARG TB 88 -27.35 -113.97 41.45
N HIS TB 89 -26.02 -113.91 41.61
CA HIS TB 89 -25.41 -114.26 42.89
C HIS TB 89 -24.01 -113.65 42.94
N LYS TB 90 -23.46 -113.63 44.14
CA LYS TB 90 -22.10 -113.11 44.34
C LYS TB 90 -21.06 -114.21 44.14
N VAL TB 91 -19.86 -113.79 43.72
CA VAL TB 91 -18.77 -114.72 43.50
C VAL TB 91 -18.18 -115.15 44.84
N GLY TB 92 -17.85 -116.43 44.94
CA GLY TB 92 -17.42 -117.02 46.19
C GLY TB 92 -18.56 -117.47 47.07
N ASP TB 93 -19.80 -117.36 46.60
CA ASP TB 93 -20.94 -117.84 47.36
C ASP TB 93 -21.05 -119.35 47.21
N VAL TB 94 -21.69 -119.98 48.19
CA VAL TB 94 -21.90 -121.42 48.13
C VAL TB 94 -22.96 -121.72 47.07
N SER TB 95 -22.65 -122.70 46.22
CA SER TB 95 -23.54 -122.99 45.09
C SER TB 95 -24.82 -123.68 45.53
N ALA TB 96 -24.77 -124.44 46.64
CA ALA TB 96 -25.92 -125.22 47.05
C ALA TB 96 -27.14 -124.34 47.33
N THR TB 97 -26.95 -123.24 48.04
CA THR TB 97 -28.08 -122.38 48.36
C THR TB 97 -28.66 -121.73 47.11
N VAL TB 98 -27.80 -121.25 46.20
CA VAL TB 98 -28.29 -120.66 44.96
C VAL TB 98 -29.10 -121.69 44.18
N SER TB 99 -28.58 -122.92 44.10
CA SER TB 99 -29.29 -123.98 43.42
C SER TB 99 -30.64 -124.25 44.08
N ASP TB 100 -30.68 -124.24 45.40
CA ASP TB 100 -31.94 -124.49 46.11
C ASP TB 100 -32.96 -123.40 45.79
N LEU TB 101 -32.54 -122.14 45.79
CA LEU TB 101 -33.47 -121.05 45.48
C LEU TB 101 -33.98 -121.17 44.05
N GLY TB 102 -33.07 -121.38 43.10
CA GLY TB 102 -33.50 -121.49 41.71
C GLY TB 102 -34.40 -122.70 41.48
N GLU TB 103 -34.09 -123.81 42.14
CA GLU TB 103 -34.90 -125.01 42.01
C GLU TB 103 -36.28 -124.82 42.63
N ALA TB 104 -36.34 -124.08 43.75
CA ALA TB 104 -37.63 -123.72 44.32
C ALA TB 104 -38.46 -122.89 43.33
N LEU TB 105 -37.82 -121.91 42.69
CA LEU TB 105 -38.51 -121.11 41.68
C LEU TB 105 -39.04 -122.02 40.57
N SER TB 106 -38.20 -122.96 40.12
CA SER TB 106 -38.61 -123.88 39.07
C SER TB 106 -39.80 -124.73 39.50
N PHE TB 107 -39.78 -125.21 40.74
CA PHE TB 107 -40.88 -126.02 41.25
C PHE TB 107 -42.18 -125.23 41.34
N TYR TB 108 -42.09 -123.96 41.78
CA TYR TB 108 -43.30 -123.19 41.97
C TYR TB 108 -44.07 -123.02 40.66
N LEU TB 109 -43.38 -122.67 39.58
CA LEU TB 109 -44.05 -122.49 38.31
C LEU TB 109 -44.69 -123.81 37.88
N ASN TB 110 -45.93 -123.73 37.42
CA ASN TB 110 -46.72 -124.92 37.16
C ASN TB 110 -47.81 -124.60 36.14
N GLU TB 111 -48.58 -125.62 35.78
CA GLU TB 111 -49.68 -125.42 34.84
C GLU TB 111 -50.63 -124.33 35.33
N ALA TB 112 -51.09 -124.45 36.57
CA ALA TB 112 -52.04 -123.47 37.09
C ALA TB 112 -51.43 -122.09 37.15
N LEU TB 113 -50.18 -121.99 37.62
CA LEU TB 113 -49.57 -120.67 37.72
C LEU TB 113 -49.42 -120.04 36.34
N TYR TB 114 -49.02 -120.83 35.34
CA TYR TB 114 -48.91 -120.31 34.00
C TYR TB 114 -50.26 -119.83 33.48
N GLY TB 115 -51.30 -120.63 33.70
CA GLY TB 115 -52.63 -120.21 33.28
C GLY TB 115 -53.05 -118.89 33.90
N LYS TB 116 -52.81 -118.73 35.20
CA LYS TB 116 -53.21 -117.49 35.87
C LYS TB 116 -52.34 -116.31 35.44
N LEU TB 117 -51.05 -116.53 35.22
CA LEU TB 117 -50.21 -115.43 34.73
C LEU TB 117 -50.67 -114.96 33.36
N ILE TB 118 -51.01 -115.89 32.46
CA ILE TB 118 -51.57 -115.47 31.18
C ILE TB 118 -52.89 -114.75 31.38
N GLY TB 119 -53.56 -115.01 32.49
CA GLY TB 119 -54.84 -114.38 32.79
C GLY TB 119 -54.75 -112.98 33.38
N TRP TB 120 -53.55 -112.41 33.44
CA TRP TB 120 -53.31 -111.08 34.00
C TRP TB 120 -53.63 -110.98 35.49
N GLU TB 121 -53.75 -112.12 36.17
CA GLU TB 121 -54.03 -112.12 37.60
C GLU TB 121 -52.89 -111.43 38.35
N SER TB 122 -53.25 -110.62 39.34
CA SER TB 122 -52.26 -109.90 40.14
C SER TB 122 -52.81 -109.56 41.52
N ALA UB 1 -60.13 -101.88 -64.67
CA ALA UB 1 -59.49 -103.21 -64.88
C ALA UB 1 -58.34 -103.10 -65.90
N LEU UB 2 -58.67 -103.20 -67.18
CA LEU UB 2 -57.76 -103.08 -68.32
C LEU UB 2 -56.84 -104.29 -68.46
N GLY UB 3 -56.92 -105.28 -67.56
CA GLY UB 3 -56.09 -106.46 -67.65
C GLY UB 3 -54.88 -106.39 -66.74
N ASP UB 4 -54.24 -107.54 -66.55
CA ASP UB 4 -53.06 -107.64 -65.70
C ASP UB 4 -51.78 -107.51 -66.50
N THR UB 5 -51.72 -108.13 -67.68
CA THR UB 5 -50.54 -108.08 -68.53
C THR UB 5 -50.83 -107.22 -69.76
N LEU UB 6 -49.91 -106.31 -70.06
CA LEU UB 6 -49.99 -105.45 -71.23
C LEU UB 6 -48.90 -105.86 -72.22
N THR UB 7 -49.26 -105.97 -73.48
CA THR UB 7 -48.36 -106.44 -74.53
C THR UB 7 -47.93 -105.28 -75.41
N ILE UB 8 -46.63 -105.10 -75.56
CA ILE UB 8 -46.05 -104.11 -76.44
C ILE UB 8 -45.36 -104.86 -77.58
N THR UB 9 -45.86 -104.66 -78.80
CA THR UB 9 -45.35 -105.35 -79.98
C THR UB 9 -44.50 -104.37 -80.79
N LEU UB 10 -43.21 -104.33 -80.48
CA LEU UB 10 -42.31 -103.41 -81.19
C LEU UB 10 -42.33 -103.73 -82.67
N GLY UB 11 -42.41 -102.69 -83.49
CA GLY UB 11 -42.48 -102.86 -84.93
C GLY UB 11 -43.86 -103.12 -85.46
N GLY UB 12 -44.90 -102.74 -84.71
CA GLY UB 12 -46.25 -102.94 -85.20
C GLY UB 12 -46.62 -104.41 -85.23
N SER UB 13 -47.69 -104.71 -85.98
CA SER UB 13 -48.18 -106.07 -86.09
C SER UB 13 -47.13 -106.97 -86.72
N GLY UB 14 -46.98 -108.17 -86.17
CA GLY UB 14 -46.01 -109.13 -86.65
C GLY UB 14 -44.62 -108.99 -86.06
N GLY UB 15 -44.41 -108.06 -85.12
CA GLY UB 15 -43.10 -107.82 -84.56
C GLY UB 15 -42.83 -108.66 -83.32
N THR UB 16 -41.79 -108.25 -82.60
CA THR UB 16 -41.41 -108.90 -81.34
C THR UB 16 -42.34 -108.44 -80.22
N ALA UB 17 -42.73 -109.37 -79.36
CA ALA UB 17 -43.70 -109.11 -78.30
C ALA UB 17 -43.02 -109.06 -76.94
N LYS UB 18 -43.30 -107.99 -76.19
CA LYS UB 18 -42.80 -107.82 -74.82
C LYS UB 18 -44.01 -107.73 -73.90
N VAL UB 19 -43.98 -108.46 -72.79
CA VAL UB 19 -45.11 -108.57 -71.87
C VAL UB 19 -44.78 -107.85 -70.58
N LEU UB 20 -45.69 -106.97 -70.16
CA LEU UB 20 -45.53 -106.17 -68.95
C LEU UB 20 -46.43 -106.69 -67.82
N ARG UB 21 -46.09 -106.27 -66.60
CA ARG UB 21 -46.78 -106.70 -65.38
C ARG UB 21 -47.16 -105.47 -64.57
N LYS UB 22 -48.22 -105.57 -63.77
CA LYS UB 22 -48.57 -104.50 -62.86
C LYS UB 22 -47.60 -104.41 -61.68
N ILE UB 23 -47.37 -103.19 -61.24
CA ILE UB 23 -46.52 -102.89 -60.09
C ILE UB 23 -47.37 -102.22 -59.02
N ASN UB 24 -47.93 -101.05 -59.37
CA ASN UB 24 -48.56 -100.18 -58.38
C ASN UB 24 -49.86 -99.62 -58.94
N GLN UB 25 -50.59 -98.91 -58.08
CA GLN UB 25 -51.82 -98.25 -58.50
C GLN UB 25 -52.09 -97.11 -57.50
N ASP UB 26 -51.77 -95.88 -57.90
CA ASP UB 26 -51.96 -94.72 -57.05
C ASP UB 26 -52.54 -93.58 -57.86
N GLY UB 27 -53.42 -92.80 -57.22
CA GLY UB 27 -53.92 -91.57 -57.82
C GLY UB 27 -54.57 -91.75 -59.17
N TYR UB 28 -55.40 -92.78 -59.33
CA TYR UB 28 -56.03 -93.09 -60.61
C TYR UB 28 -54.98 -93.35 -61.69
N THR UB 29 -53.83 -93.88 -61.30
CA THR UB 29 -52.76 -94.17 -62.24
C THR UB 29 -52.32 -95.62 -62.09
N SER UB 30 -51.75 -96.17 -63.16
CA SER UB 30 -51.12 -97.48 -63.13
C SER UB 30 -49.84 -97.42 -63.97
N GLU UB 31 -48.80 -98.12 -63.52
CA GLU UB 31 -47.59 -98.27 -64.30
C GLU UB 31 -47.14 -99.72 -64.30
N TYR UB 32 -46.52 -100.13 -65.41
CA TYR UB 32 -46.15 -101.51 -65.66
C TYR UB 32 -44.65 -101.56 -65.88
N TYR UB 33 -44.00 -102.66 -65.47
CA TYR UB 33 -42.54 -102.72 -65.56
C TYR UB 33 -42.09 -104.11 -65.98
N LEU UB 34 -40.90 -104.16 -66.61
CA LEU UB 34 -40.27 -105.38 -67.11
C LEU UB 34 -38.75 -105.21 -67.18
N PRO UB 35 -37.97 -105.98 -66.42
CA PRO UB 35 -36.52 -105.81 -66.45
C PRO UB 35 -35.85 -106.59 -67.58
N GLU UB 36 -34.63 -106.15 -67.91
CA GLU UB 36 -33.85 -106.77 -68.98
C GLU UB 36 -32.37 -106.61 -68.66
N THR UB 37 -31.55 -107.38 -69.35
CA THR UB 37 -30.11 -107.35 -69.07
C THR UB 37 -29.48 -106.03 -69.48
N SER UB 38 -30.02 -105.36 -70.50
CA SER UB 38 -29.44 -104.12 -70.98
C SER UB 38 -30.47 -103.00 -71.18
N SER UB 39 -31.72 -103.20 -70.81
CA SER UB 39 -32.74 -102.18 -71.00
C SER UB 39 -33.85 -102.38 -69.97
N SER UB 40 -34.87 -101.53 -70.06
CA SER UB 40 -36.03 -101.61 -69.19
C SER UB 40 -37.24 -101.07 -69.94
N PHE UB 41 -38.38 -101.73 -69.77
CA PHE UB 41 -39.63 -101.29 -70.35
C PHE UB 41 -40.59 -100.88 -69.25
N ARG UB 42 -41.21 -99.72 -69.42
CA ARG UB 42 -42.14 -99.16 -68.45
C ARG UB 42 -43.28 -98.48 -69.20
N ALA UB 43 -44.51 -98.75 -68.76
CA ALA UB 43 -45.69 -98.09 -69.29
C ALA UB 43 -46.51 -97.57 -68.13
N LYS UB 44 -47.19 -96.44 -68.35
CA LYS UB 44 -47.95 -95.80 -67.28
C LYS UB 44 -49.23 -95.23 -67.87
N VAL UB 45 -50.28 -95.21 -67.06
CA VAL UB 45 -51.58 -94.67 -67.44
C VAL UB 45 -52.06 -93.75 -66.33
N ARG UB 46 -52.60 -92.59 -66.70
CA ARG UB 46 -53.07 -91.62 -65.73
C ARG UB 46 -54.38 -91.00 -66.20
N HIS UB 47 -55.18 -90.52 -65.25
CA HIS UB 47 -56.42 -89.82 -65.53
C HIS UB 47 -56.47 -88.56 -64.68
N THR UB 48 -56.90 -87.44 -65.28
CA THR UB 48 -56.98 -86.18 -64.56
C THR UB 48 -58.23 -85.42 -64.96
N LYS UB 49 -58.65 -84.52 -64.07
CA LYS UB 49 -59.80 -83.65 -64.29
C LYS UB 49 -59.43 -82.23 -63.83
N GLU UB 50 -59.70 -81.24 -64.69
CA GLU UB 50 -59.38 -79.87 -64.34
C GLU UB 50 -60.31 -79.35 -63.24
N SER UB 51 -59.82 -78.35 -62.51
CA SER UB 51 -60.60 -77.78 -61.42
C SER UB 51 -61.82 -77.04 -61.97
N VAL UB 52 -62.82 -76.86 -61.10
CA VAL UB 52 -64.04 -76.18 -61.49
C VAL UB 52 -63.83 -74.68 -61.39
N LYS UB 53 -64.10 -73.98 -62.48
CA LYS UB 53 -63.98 -72.53 -62.55
C LYS UB 53 -65.37 -71.89 -62.61
N PRO UB 54 -65.49 -70.61 -62.25
CA PRO UB 54 -66.82 -70.00 -62.09
C PRO UB 54 -67.81 -70.31 -63.21
N ASN UB 55 -67.55 -69.83 -64.44
CA ASN UB 55 -68.45 -70.07 -65.58
C ASN UB 55 -67.65 -70.51 -66.82
N GLN UB 56 -67.34 -71.80 -66.88
CA GLN UB 56 -66.51 -72.36 -67.92
C GLN UB 56 -66.80 -73.85 -68.04
N VAL UB 57 -66.34 -74.44 -69.14
CA VAL UB 57 -66.56 -75.86 -69.39
C VAL UB 57 -65.56 -76.69 -68.60
N GLN UB 58 -66.01 -77.83 -68.10
CA GLN UB 58 -65.17 -78.76 -67.35
C GLN UB 58 -64.72 -79.90 -68.27
N TYR UB 59 -63.43 -80.23 -68.21
CA TYR UB 59 -62.81 -81.16 -69.16
C TYR UB 59 -62.14 -82.32 -68.43
N GLU UB 60 -61.84 -83.37 -69.21
CA GLU UB 60 -61.11 -84.54 -68.72
C GLU UB 60 -60.00 -84.90 -69.70
N ARG UB 61 -58.90 -85.44 -69.17
CA ARG UB 61 -57.73 -85.82 -69.96
C ARG UB 61 -57.41 -87.28 -69.70
N HIS UB 62 -57.11 -88.03 -70.76
CA HIS UB 62 -56.54 -89.37 -70.64
C HIS UB 62 -55.24 -89.46 -71.43
N ASN UB 63 -54.18 -89.87 -70.74
CA ASN UB 63 -52.82 -89.94 -71.28
C ASN UB 63 -52.29 -91.35 -71.13
N VAL UB 64 -51.54 -91.81 -72.13
CA VAL UB 64 -50.89 -93.12 -72.10
C VAL UB 64 -49.50 -92.96 -72.68
N GLU UB 65 -48.49 -93.55 -72.03
CA GLU UB 65 -47.11 -93.34 -72.41
C GLU UB 65 -46.35 -94.65 -72.40
N PHE UB 66 -45.37 -94.75 -73.30
CA PHE UB 66 -44.42 -95.85 -73.35
C PHE UB 66 -43.02 -95.29 -73.15
N THR UB 67 -42.19 -96.02 -72.40
CA THR UB 67 -40.84 -95.56 -72.10
C THR UB 67 -39.89 -96.74 -72.13
N GLU UB 68 -38.72 -96.55 -72.75
CA GLU UB 68 -37.65 -97.52 -72.78
C GLU UB 68 -36.34 -96.86 -72.36
N THR UB 69 -35.59 -97.51 -71.48
CA THR UB 69 -34.33 -97.00 -70.97
C THR UB 69 -33.21 -97.97 -71.29
N VAL UB 70 -32.06 -97.43 -71.70
CA VAL UB 70 -30.87 -98.21 -72.01
C VAL UB 70 -29.78 -97.78 -71.05
N TYR UB 71 -29.25 -98.72 -70.28
CA TYR UB 71 -28.28 -98.39 -69.25
C TYR UB 71 -26.94 -98.00 -69.87
N ALA UB 72 -26.18 -97.20 -69.11
CA ALA UB 72 -24.88 -96.74 -69.58
C ALA UB 72 -23.94 -97.92 -69.77
N SER UB 73 -23.22 -97.90 -70.89
CA SER UB 73 -22.24 -98.92 -71.20
C SER UB 73 -21.06 -98.25 -71.87
N GLY UB 74 -19.89 -98.35 -71.25
CA GLY UB 74 -18.72 -97.65 -71.77
C GLY UB 74 -18.89 -96.15 -71.65
N SER UB 75 -18.61 -95.44 -72.75
CA SER UB 75 -18.68 -93.98 -72.73
C SER UB 75 -20.11 -93.47 -72.78
N THR UB 76 -21.00 -94.16 -73.47
CA THR UB 76 -22.36 -93.68 -73.67
C THR UB 76 -23.11 -93.62 -72.33
N PRO UB 77 -23.66 -92.47 -71.93
CA PRO UB 77 -24.43 -92.41 -70.69
C PRO UB 77 -25.88 -92.84 -70.84
N GLU UB 78 -26.67 -92.62 -69.81
CA GLU UB 78 -28.08 -92.99 -69.81
C GLU UB 78 -28.83 -92.26 -70.93
N PHE UB 79 -29.82 -92.95 -71.52
CA PHE UB 79 -30.73 -92.29 -72.45
C PHE UB 79 -32.00 -93.13 -72.55
N VAL UB 80 -33.07 -92.48 -73.00
CA VAL UB 80 -34.41 -93.05 -72.97
C VAL UB 80 -35.09 -92.84 -74.32
N ARG UB 81 -36.13 -93.66 -74.58
CA ARG UB 81 -37.05 -93.44 -75.67
C ARG UB 81 -38.47 -93.46 -75.13
N GLN UB 82 -39.29 -92.52 -75.62
CA GLN UB 82 -40.61 -92.24 -75.04
C GLN UB 82 -41.61 -92.03 -76.17
N ALA UB 83 -42.89 -92.26 -75.85
CA ALA UB 83 -43.97 -91.99 -76.80
C ALA UB 83 -45.32 -92.06 -76.09
N TYR UB 84 -46.16 -91.04 -76.25
CA TYR UB 84 -47.40 -90.95 -75.49
C TYR UB 84 -48.44 -90.14 -76.26
N VAL UB 85 -49.70 -90.30 -75.84
CA VAL UB 85 -50.83 -89.60 -76.43
C VAL UB 85 -51.73 -89.08 -75.31
N VAL UB 86 -52.56 -88.09 -75.66
CA VAL UB 86 -53.48 -87.46 -74.72
C VAL UB 86 -54.84 -87.28 -75.41
N ILE UB 87 -55.91 -87.48 -74.63
CA ILE UB 87 -57.28 -87.32 -75.11
C ILE UB 87 -57.99 -86.35 -74.18
N ARG UB 88 -58.57 -85.28 -74.75
CA ARG UB 88 -59.23 -84.25 -73.96
C ARG UB 88 -60.63 -84.00 -74.51
N HIS UB 89 -61.62 -83.96 -73.62
CA HIS UB 89 -63.01 -83.75 -74.00
C HIS UB 89 -63.79 -83.28 -72.77
N LYS UB 90 -65.07 -83.00 -72.97
CA LYS UB 90 -65.91 -82.49 -71.90
C LYS UB 90 -66.45 -83.64 -71.05
N VAL UB 91 -66.90 -83.31 -69.85
CA VAL UB 91 -67.23 -84.35 -68.87
C VAL UB 91 -68.44 -85.16 -69.32
N GLY UB 92 -69.48 -84.48 -69.82
CA GLY UB 92 -70.70 -85.17 -70.17
C GLY UB 92 -70.79 -85.51 -71.64
N ASP UB 93 -69.64 -85.67 -72.30
CA ASP UB 93 -69.62 -85.83 -73.74
C ASP UB 93 -70.34 -87.11 -74.16
N VAL UB 94 -70.35 -87.35 -75.47
CA VAL UB 94 -70.71 -88.64 -76.02
C VAL UB 94 -69.42 -89.37 -76.32
N SER UB 95 -69.27 -90.58 -75.76
CA SER UB 95 -68.01 -91.30 -75.86
C SER UB 95 -67.69 -91.73 -77.29
N ALA UB 96 -68.70 -92.08 -78.08
CA ALA UB 96 -68.46 -92.69 -79.38
C ALA UB 96 -67.72 -91.76 -80.33
N THR UB 97 -68.11 -90.47 -80.40
CA THR UB 97 -67.42 -89.56 -81.31
C THR UB 97 -65.97 -89.35 -80.89
N VAL UB 98 -65.73 -89.26 -79.58
CA VAL UB 98 -64.37 -89.14 -79.07
C VAL UB 98 -63.55 -90.34 -79.48
N SER UB 99 -64.13 -91.54 -79.34
CA SER UB 99 -63.46 -92.75 -79.79
C SER UB 99 -63.17 -92.68 -81.28
N ASP UB 100 -64.07 -92.09 -82.05
CA ASP UB 100 -63.88 -91.99 -83.49
C ASP UB 100 -62.71 -91.07 -83.83
N LEU UB 101 -62.59 -89.94 -83.13
CA LEU UB 101 -61.45 -89.06 -83.34
C LEU UB 101 -60.14 -89.76 -82.98
N GLY UB 102 -60.14 -90.48 -81.85
CA GLY UB 102 -58.95 -91.24 -81.51
C GLY UB 102 -58.60 -92.29 -82.55
N GLU UB 103 -59.62 -92.95 -83.10
CA GLU UB 103 -59.40 -93.94 -84.15
C GLU UB 103 -58.76 -93.29 -85.37
N ALA UB 104 -59.26 -92.11 -85.77
CA ALA UB 104 -58.67 -91.42 -86.90
C ALA UB 104 -57.20 -91.08 -86.64
N LEU UB 105 -56.90 -90.57 -85.44
CA LEU UB 105 -55.52 -90.20 -85.14
C LEU UB 105 -54.62 -91.43 -85.19
N SER UB 106 -55.08 -92.55 -84.62
CA SER UB 106 -54.28 -93.77 -84.67
C SER UB 106 -54.08 -94.27 -86.10
N PHE UB 107 -55.14 -94.20 -86.91
CA PHE UB 107 -55.04 -94.66 -88.29
C PHE UB 107 -54.08 -93.81 -89.11
N TYR UB 108 -54.05 -92.51 -88.87
CA TYR UB 108 -53.20 -91.64 -89.68
C TYR UB 108 -51.73 -92.03 -89.56
N LEU UB 109 -51.28 -92.34 -88.34
CA LEU UB 109 -49.87 -92.60 -88.09
C LEU UB 109 -49.49 -93.99 -88.60
N ASN UB 110 -48.36 -94.09 -89.28
CA ASN UB 110 -47.84 -95.36 -89.76
C ASN UB 110 -46.37 -95.17 -90.13
N GLU UB 111 -45.76 -96.20 -90.71
CA GLU UB 111 -44.33 -96.18 -91.00
C GLU UB 111 -43.94 -94.95 -91.81
N ALA UB 112 -44.65 -94.71 -92.93
CA ALA UB 112 -44.28 -93.60 -93.79
C ALA UB 112 -44.36 -92.28 -93.04
N LEU UB 113 -45.44 -92.08 -92.28
CA LEU UB 113 -45.58 -90.83 -91.53
C LEU UB 113 -44.45 -90.66 -90.52
N TYR UB 114 -44.10 -91.74 -89.80
CA TYR UB 114 -43.03 -91.63 -88.82
C TYR UB 114 -41.69 -91.33 -89.50
N GLY UB 115 -41.43 -91.95 -90.64
CA GLY UB 115 -40.20 -91.64 -91.37
C GLY UB 115 -40.14 -90.19 -91.79
N LYS UB 116 -41.23 -89.68 -92.38
CA LYS UB 116 -41.26 -88.27 -92.78
C LYS UB 116 -41.11 -87.36 -91.57
N LEU UB 117 -41.77 -87.69 -90.46
CA LEU UB 117 -41.71 -86.86 -89.28
C LEU UB 117 -40.31 -86.80 -88.70
N ILE UB 118 -39.61 -87.94 -88.69
CA ILE UB 118 -38.22 -87.94 -88.26
C ILE UB 118 -37.37 -87.13 -89.24
N GLY UB 119 -37.76 -87.13 -90.51
CA GLY UB 119 -37.06 -86.32 -91.50
C GLY UB 119 -37.27 -84.82 -91.35
N TRP UB 120 -37.97 -84.39 -90.30
CA TRP UB 120 -38.28 -82.98 -90.02
C TRP UB 120 -39.19 -82.36 -91.07
N GLU UB 121 -39.87 -83.18 -91.87
CA GLU UB 121 -40.90 -82.65 -92.76
C GLU UB 121 -42.06 -82.08 -91.95
N SER UB 122 -42.61 -80.98 -92.43
CA SER UB 122 -43.71 -80.31 -91.73
C SER UB 122 -44.88 -80.08 -92.67
N ALA VB 1 -60.97 -105.85 -50.65
CA ALA VB 1 -61.11 -107.15 -51.38
C ALA VB 1 -62.57 -107.55 -51.58
N LEU VB 2 -63.43 -106.56 -51.83
CA LEU VB 2 -64.81 -106.85 -52.21
C LEU VB 2 -64.94 -107.32 -53.65
N GLY VB 3 -63.99 -107.02 -54.50
CA GLY VB 3 -64.01 -107.41 -55.89
C GLY VB 3 -64.01 -106.21 -56.82
N ASP VB 4 -63.73 -106.51 -58.09
CA ASP VB 4 -63.61 -105.48 -59.12
C ASP VB 4 -64.95 -104.92 -59.58
N THR VB 5 -66.06 -105.61 -59.31
CA THR VB 5 -67.39 -105.16 -59.71
C THR VB 5 -68.25 -104.93 -58.49
N LEU VB 6 -68.88 -103.76 -58.42
CA LEU VB 6 -69.87 -103.43 -57.40
C LEU VB 6 -71.19 -103.14 -58.09
N THR VB 7 -72.25 -103.78 -57.63
CA THR VB 7 -73.55 -103.74 -58.29
C THR VB 7 -74.54 -102.92 -57.47
N ILE VB 8 -75.23 -102.00 -58.13
CA ILE VB 8 -76.27 -101.19 -57.51
C ILE VB 8 -77.58 -101.51 -58.23
N THR VB 9 -78.57 -102.00 -57.49
CA THR VB 9 -79.87 -102.35 -58.04
C THR VB 9 -80.86 -101.25 -57.64
N LEU VB 10 -81.13 -100.33 -58.57
CA LEU VB 10 -82.00 -99.21 -58.25
C LEU VB 10 -83.43 -99.68 -58.00
N GLY VB 11 -84.13 -98.91 -57.17
CA GLY VB 11 -85.49 -99.28 -56.81
C GLY VB 11 -85.58 -100.52 -55.98
N GLY VB 12 -84.69 -100.68 -55.00
CA GLY VB 12 -84.77 -101.83 -54.14
C GLY VB 12 -84.46 -103.11 -54.90
N SER VB 13 -85.08 -104.19 -54.42
CA SER VB 13 -84.90 -105.50 -55.05
C SER VB 13 -85.66 -105.62 -56.36
N GLY VB 14 -86.30 -104.56 -56.85
CA GLY VB 14 -87.04 -104.60 -58.08
C GLY VB 14 -86.20 -105.01 -59.28
N GLY VB 15 -85.27 -104.15 -59.68
CA GLY VB 15 -84.43 -104.41 -60.84
C GLY VB 15 -83.51 -103.25 -61.16
N THR VB 16 -83.19 -103.08 -62.44
CA THR VB 16 -82.36 -101.97 -62.91
C THR VB 16 -80.99 -102.01 -62.23
N ALA VB 17 -80.26 -103.07 -62.52
CA ALA VB 17 -78.94 -103.30 -61.95
C ALA VB 17 -77.86 -102.61 -62.78
N LYS VB 18 -77.00 -101.86 -62.12
CA LYS VB 18 -75.88 -101.18 -62.75
C LYS VB 18 -74.59 -101.78 -62.21
N VAL VB 19 -73.57 -101.89 -63.06
CA VAL VB 19 -72.32 -102.54 -62.70
C VAL VB 19 -71.22 -101.49 -62.68
N LEU VB 20 -70.61 -101.30 -61.51
CA LEU VB 20 -69.51 -100.38 -61.37
C LEU VB 20 -68.17 -101.12 -61.49
N ARG VB 21 -67.11 -100.36 -61.73
CA ARG VB 21 -65.77 -100.89 -61.90
C ARG VB 21 -64.84 -100.21 -60.91
N LYS VB 22 -63.84 -100.95 -60.42
CA LYS VB 22 -62.83 -100.33 -59.57
C LYS VB 22 -61.91 -99.43 -60.40
N ILE VB 23 -61.72 -98.20 -59.93
CA ILE VB 23 -60.95 -97.18 -60.64
C ILE VB 23 -59.74 -96.83 -59.80
N ASN VB 24 -59.85 -97.01 -58.49
CA ASN VB 24 -58.82 -96.53 -57.57
C ASN VB 24 -58.93 -97.31 -56.27
N GLN VB 25 -57.79 -97.46 -55.60
CA GLN VB 25 -57.80 -98.07 -54.26
C GLN VB 25 -56.57 -97.55 -53.52
N ASP VB 26 -56.78 -96.59 -52.63
CA ASP VB 26 -55.69 -95.99 -51.87
C ASP VB 26 -56.15 -95.67 -50.46
N GLY VB 27 -55.20 -95.68 -49.53
CA GLY VB 27 -55.46 -95.23 -48.18
C GLY VB 27 -56.56 -96.00 -47.48
N TYR VB 28 -56.62 -97.32 -47.67
CA TYR VB 28 -57.64 -98.16 -47.06
C TYR VB 28 -59.03 -97.75 -47.53
N THR VB 29 -59.14 -97.27 -48.76
CA THR VB 29 -60.39 -96.78 -49.34
C THR VB 29 -60.55 -97.39 -50.71
N SER VB 30 -61.69 -97.12 -51.36
CA SER VB 30 -61.93 -97.65 -52.69
C SER VB 30 -62.85 -96.74 -53.47
N GLU VB 31 -62.83 -96.89 -54.79
CA GLU VB 31 -63.59 -96.07 -55.73
C GLU VB 31 -64.23 -96.98 -56.77
N TYR VB 32 -65.47 -96.67 -57.13
CA TYR VB 32 -66.17 -97.34 -58.21
C TYR VB 32 -66.85 -96.28 -59.09
N TYR VB 33 -66.98 -96.57 -60.38
CA TYR VB 33 -67.48 -95.58 -61.33
C TYR VB 33 -68.13 -96.25 -62.53
N LEU VB 34 -69.07 -95.54 -63.16
CA LEU VB 34 -69.68 -95.94 -64.43
C LEU VB 34 -70.35 -94.75 -65.11
N PRO VB 35 -69.91 -94.35 -66.33
CA PRO VB 35 -70.60 -93.26 -67.02
C PRO VB 35 -71.65 -93.74 -68.02
N GLU VB 36 -72.58 -92.87 -68.36
CA GLU VB 36 -73.66 -93.18 -69.30
C GLU VB 36 -74.03 -91.91 -70.06
N THR VB 37 -75.15 -91.96 -70.79
CA THR VB 37 -75.51 -90.83 -71.64
C THR VB 37 -75.83 -89.59 -70.82
N SER VB 38 -76.70 -89.70 -69.81
CA SER VB 38 -77.16 -88.53 -69.07
C SER VB 38 -76.82 -88.55 -67.58
N SER VB 39 -76.17 -89.59 -67.10
CA SER VB 39 -75.75 -89.61 -65.70
C SER VB 39 -74.62 -90.62 -65.55
N SER VB 40 -73.96 -90.53 -64.39
CA SER VB 40 -72.86 -91.41 -64.04
C SER VB 40 -73.06 -91.90 -62.61
N PHE VB 41 -72.41 -93.01 -62.29
CA PHE VB 41 -72.57 -93.67 -61.00
C PHE VB 41 -71.21 -93.81 -60.33
N ARG VB 42 -71.16 -93.52 -59.03
CA ARG VB 42 -69.93 -93.57 -58.25
C ARG VB 42 -70.23 -94.18 -56.90
N ALA VB 43 -69.26 -94.90 -56.32
CA ALA VB 43 -69.40 -95.50 -55.01
C ALA VB 43 -68.06 -95.47 -54.28
N LYS VB 44 -68.10 -95.17 -52.98
CA LYS VB 44 -66.91 -95.01 -52.16
C LYS VB 44 -67.03 -95.82 -50.88
N VAL VB 45 -65.90 -96.33 -50.40
CA VAL VB 45 -65.82 -97.02 -49.11
C VAL VB 45 -64.58 -96.53 -48.38
N ARG VB 46 -64.72 -96.16 -47.11
CA ARG VB 46 -63.60 -95.69 -46.32
C ARG VB 46 -63.61 -96.35 -44.94
N HIS VB 47 -62.40 -96.50 -44.39
CA HIS VB 47 -62.19 -96.92 -43.01
C HIS VB 47 -61.19 -95.98 -42.36
N THR VB 48 -61.42 -95.60 -41.10
CA THR VB 48 -60.51 -94.71 -40.41
C THR VB 48 -60.56 -94.96 -38.90
N LYS VB 49 -59.57 -94.41 -38.21
CA LYS VB 49 -59.42 -94.54 -36.76
C LYS VB 49 -59.35 -93.15 -36.15
N GLU VB 50 -60.23 -92.87 -35.18
CA GLU VB 50 -60.23 -91.56 -34.55
C GLU VB 50 -58.97 -91.36 -33.73
N SER VB 51 -58.61 -90.09 -33.53
CA SER VB 51 -57.36 -89.76 -32.86
C SER VB 51 -57.35 -90.29 -31.44
N VAL VB 52 -56.18 -90.70 -30.99
CA VAL VB 52 -55.99 -91.24 -29.65
C VAL VB 52 -55.78 -90.08 -28.68
N LYS VB 53 -56.57 -90.06 -27.61
CA LYS VB 53 -56.39 -89.11 -26.52
C LYS VB 53 -56.21 -89.85 -25.21
N PRO VB 54 -55.52 -89.24 -24.24
CA PRO VB 54 -55.30 -89.91 -22.96
C PRO VB 54 -56.61 -90.26 -22.27
N ASN VB 55 -56.63 -91.44 -21.66
CA ASN VB 55 -57.78 -92.02 -20.96
C ASN VB 55 -59.14 -91.68 -21.58
N GLN VB 56 -59.26 -91.82 -22.91
CA GLN VB 56 -60.57 -91.98 -23.54
C GLN VB 56 -60.52 -93.22 -24.43
N VAL VB 57 -61.69 -93.79 -24.70
CA VAL VB 57 -61.75 -95.02 -25.47
C VAL VB 57 -61.36 -94.75 -26.93
N GLN VB 58 -60.88 -95.81 -27.59
CA GLN VB 58 -60.52 -95.77 -29.00
C GLN VB 58 -61.66 -96.32 -29.84
N TYR VB 59 -61.98 -95.62 -30.93
CA TYR VB 59 -63.17 -95.91 -31.72
C TYR VB 59 -62.80 -96.19 -33.18
N GLU VB 60 -63.62 -97.01 -33.83
CA GLU VB 60 -63.50 -97.31 -35.25
C GLU VB 60 -64.72 -96.77 -35.99
N ARG VB 61 -64.50 -96.37 -37.25
CA ARG VB 61 -65.54 -95.75 -38.07
C ARG VB 61 -65.46 -96.30 -39.48
N HIS VB 62 -66.61 -96.69 -40.05
CA HIS VB 62 -66.68 -97.12 -41.44
C HIS VB 62 -67.84 -96.43 -42.15
N ASN VB 63 -67.70 -96.27 -43.47
CA ASN VB 63 -68.65 -95.52 -44.28
C ASN VB 63 -68.74 -96.11 -45.68
N VAL VB 64 -69.95 -96.05 -46.25
CA VAL VB 64 -70.19 -96.46 -47.64
C VAL VB 64 -71.23 -95.52 -48.24
N GLU VB 65 -71.01 -95.08 -49.48
CA GLU VB 65 -71.88 -94.09 -50.10
C GLU VB 65 -72.13 -94.43 -51.56
N PHE VB 66 -73.31 -94.03 -52.04
CA PHE VB 66 -73.68 -94.03 -53.45
C PHE VB 66 -74.00 -92.61 -53.88
N THR VB 67 -73.65 -92.26 -55.12
CA THR VB 67 -73.71 -90.89 -55.58
C THR VB 67 -74.27 -90.84 -56.99
N GLU VB 68 -75.02 -89.77 -57.28
CA GLU VB 68 -75.65 -89.55 -58.57
C GLU VB 68 -75.23 -88.18 -59.11
N THR VB 69 -75.04 -88.08 -60.42
CA THR VB 69 -74.80 -86.80 -61.08
C THR VB 69 -75.60 -86.76 -62.37
N VAL VB 70 -76.42 -85.73 -62.53
CA VAL VB 70 -77.28 -85.57 -63.71
C VAL VB 70 -76.70 -84.41 -64.52
N TYR VB 71 -76.36 -84.68 -65.77
CA TYR VB 71 -75.72 -83.66 -66.60
C TYR VB 71 -76.69 -82.54 -66.93
N ALA VB 72 -76.15 -81.33 -67.05
CA ALA VB 72 -76.97 -80.15 -67.28
C ALA VB 72 -77.55 -80.21 -68.68
N SER VB 73 -78.84 -79.90 -68.77
CA SER VB 73 -79.54 -79.84 -70.05
C SER VB 73 -80.42 -78.59 -70.06
N GLY VB 74 -80.45 -77.92 -71.21
CA GLY VB 74 -81.22 -76.69 -71.29
C GLY VB 74 -80.70 -75.67 -70.29
N SER VB 75 -81.62 -75.03 -69.57
CA SER VB 75 -81.25 -74.07 -68.54
C SER VB 75 -81.00 -74.73 -67.19
N THR VB 76 -81.26 -76.01 -67.06
CA THR VB 76 -81.07 -76.70 -65.79
C THR VB 76 -79.60 -77.03 -65.58
N PRO VB 77 -78.98 -76.56 -64.50
CA PRO VB 77 -77.55 -76.82 -64.29
C PRO VB 77 -77.33 -78.22 -63.72
N GLU VB 78 -76.09 -78.47 -63.30
CA GLU VB 78 -75.73 -79.75 -62.72
C GLU VB 78 -76.33 -79.91 -61.32
N PHE VB 79 -76.67 -81.15 -60.97
CA PHE VB 79 -77.04 -81.47 -59.61
C PHE VB 79 -76.81 -82.96 -59.36
N VAL VB 80 -76.73 -83.31 -58.08
CA VAL VB 80 -76.31 -84.65 -57.66
C VAL VB 80 -77.29 -85.19 -56.63
N ARG VB 81 -77.34 -86.52 -56.52
CA ARG VB 81 -78.03 -87.19 -55.43
C ARG VB 81 -77.08 -88.19 -54.78
N GLN VB 82 -77.19 -88.33 -53.46
CA GLN VB 82 -76.19 -89.03 -52.68
C GLN VB 82 -76.84 -89.60 -51.43
N ALA VB 83 -76.23 -90.66 -50.89
CA ALA VB 83 -76.75 -91.29 -49.68
C ALA VB 83 -75.67 -92.20 -49.11
N TYR VB 84 -75.38 -92.05 -47.82
CA TYR VB 84 -74.25 -92.74 -47.22
C TYR VB 84 -74.62 -93.22 -45.82
N VAL VB 85 -73.90 -94.25 -45.36
CA VAL VB 85 -74.09 -94.86 -44.05
C VAL VB 85 -72.76 -94.90 -43.32
N VAL VB 86 -72.79 -94.54 -42.03
CA VAL VB 86 -71.61 -94.52 -41.18
C VAL VB 86 -71.86 -95.41 -39.97
N ILE VB 87 -70.88 -96.25 -39.62
CA ILE VB 87 -70.97 -97.18 -38.50
C ILE VB 87 -69.79 -96.88 -37.57
N ARG VB 88 -70.07 -96.83 -36.26
CA ARG VB 88 -69.03 -96.47 -35.28
C ARG VB 88 -69.12 -97.37 -34.06
N HIS VB 89 -67.98 -97.93 -33.66
CA HIS VB 89 -67.89 -98.80 -32.49
C HIS VB 89 -66.46 -98.78 -31.98
N LYS VB 90 -66.27 -99.24 -30.74
CA LYS VB 90 -64.94 -99.14 -30.16
C LYS VB 90 -64.02 -100.20 -30.75
N VAL VB 91 -62.73 -100.04 -30.47
CA VAL VB 91 -61.72 -101.00 -30.90
C VAL VB 91 -61.81 -102.22 -30.00
N GLY VB 92 -61.90 -103.40 -30.60
CA GLY VB 92 -61.96 -104.63 -29.84
C GLY VB 92 -63.34 -105.10 -29.44
N ASP VB 93 -64.40 -104.48 -29.97
CA ASP VB 93 -65.75 -104.89 -29.61
C ASP VB 93 -66.13 -106.19 -30.32
N VAL VB 94 -67.26 -106.77 -29.89
CA VAL VB 94 -67.74 -108.00 -30.48
C VAL VB 94 -68.40 -107.71 -31.81
N SER VB 95 -67.98 -108.43 -32.85
CA SER VB 95 -68.41 -108.10 -34.21
C SER VB 95 -69.91 -108.32 -34.39
N ALA VB 96 -70.43 -109.46 -33.91
CA ALA VB 96 -71.83 -109.77 -34.13
C ALA VB 96 -72.73 -108.73 -33.46
N THR VB 97 -72.35 -108.29 -32.26
CA THR VB 97 -73.15 -107.29 -31.56
C THR VB 97 -73.22 -105.99 -32.36
N VAL VB 98 -72.08 -105.49 -32.81
CA VAL VB 98 -72.08 -104.22 -33.53
C VAL VB 98 -72.81 -104.37 -34.87
N SER VB 99 -72.78 -105.58 -35.44
CA SER VB 99 -73.49 -105.82 -36.69
C SER VB 99 -75.00 -105.82 -36.49
N ASP VB 100 -75.48 -106.35 -35.36
CA ASP VB 100 -76.92 -106.40 -35.10
C ASP VB 100 -77.54 -105.01 -35.19
N LEU VB 101 -76.94 -104.04 -34.49
CA LEU VB 101 -77.14 -102.65 -34.82
C LEU VB 101 -76.51 -102.40 -36.19
N GLY VB 102 -77.15 -101.57 -36.98
CA GLY VB 102 -76.77 -101.48 -38.39
C GLY VB 102 -77.64 -102.39 -39.24
N GLU VB 103 -77.67 -103.69 -38.94
CA GLU VB 103 -78.64 -104.55 -39.60
C GLU VB 103 -80.06 -104.12 -39.24
N ALA VB 104 -80.28 -103.73 -37.99
CA ALA VB 104 -81.57 -103.20 -37.60
C ALA VB 104 -81.94 -101.96 -38.41
N LEU VB 105 -80.97 -101.04 -38.56
CA LEU VB 105 -81.22 -99.83 -39.35
C LEU VB 105 -81.56 -100.18 -40.79
N SER VB 106 -80.81 -101.13 -41.37
CA SER VB 106 -81.08 -101.52 -42.75
C SER VB 106 -82.50 -102.09 -42.89
N PHE VB 107 -82.91 -102.93 -41.94
CA PHE VB 107 -84.26 -103.47 -41.98
C PHE VB 107 -85.32 -102.37 -41.83
N TYR VB 108 -85.06 -101.39 -40.95
CA TYR VB 108 -86.07 -100.36 -40.68
C TYR VB 108 -86.38 -99.53 -41.92
N LEU VB 109 -85.35 -99.13 -42.66
CA LEU VB 109 -85.55 -98.24 -43.79
C LEU VB 109 -86.20 -98.99 -44.95
N ASN VB 110 -87.26 -98.41 -45.49
CA ASN VB 110 -88.01 -99.02 -46.59
C ASN VB 110 -88.74 -97.92 -47.34
N GLU VB 111 -89.68 -98.31 -48.21
CA GLU VB 111 -90.34 -97.35 -49.10
C GLU VB 111 -91.05 -96.25 -48.31
N ALA VB 112 -91.98 -96.64 -47.43
CA ALA VB 112 -92.83 -95.66 -46.78
C ALA VB 112 -92.04 -94.70 -45.91
N LEU VB 113 -91.04 -95.20 -45.19
CA LEU VB 113 -90.20 -94.33 -44.38
C LEU VB 113 -89.49 -93.30 -45.26
N TYR VB 114 -88.96 -93.73 -46.39
CA TYR VB 114 -88.30 -92.80 -47.30
C TYR VB 114 -89.28 -91.76 -47.82
N GLY VB 115 -90.48 -92.19 -48.21
CA GLY VB 115 -91.47 -91.25 -48.67
C GLY VB 115 -91.82 -90.20 -47.63
N LYS VB 116 -91.97 -90.61 -46.38
CA LYS VB 116 -92.26 -89.66 -45.31
C LYS VB 116 -91.06 -88.77 -45.00
N LEU VB 117 -89.84 -89.32 -45.04
CA LEU VB 117 -88.66 -88.52 -44.75
C LEU VB 117 -88.51 -87.41 -45.77
N ILE VB 118 -88.72 -87.72 -47.05
CA ILE VB 118 -88.58 -86.71 -48.09
C ILE VB 118 -89.56 -85.57 -47.84
N GLY VB 119 -90.74 -85.89 -47.31
CA GLY VB 119 -91.70 -84.85 -46.97
C GLY VB 119 -91.38 -84.11 -45.68
N TRP VB 120 -90.14 -84.23 -45.20
CA TRP VB 120 -89.70 -83.53 -44.00
C TRP VB 120 -90.40 -84.05 -42.75
N GLU VB 121 -91.31 -85.01 -42.90
CA GLU VB 121 -92.12 -85.46 -41.78
C GLU VB 121 -91.23 -86.06 -40.70
N SER VB 122 -91.31 -85.49 -39.51
CA SER VB 122 -90.46 -85.90 -38.40
C SER VB 122 -91.13 -86.96 -37.55
N ALA WB 1 -49.69 -107.60 -58.34
CA ALA WB 1 -50.33 -108.59 -59.25
C ALA WB 1 -50.28 -109.97 -58.61
N LEU WB 2 -49.94 -110.01 -57.32
CA LEU WB 2 -49.76 -111.29 -56.63
C LEU WB 2 -51.05 -112.08 -56.60
N GLY WB 3 -52.19 -111.39 -56.50
CA GLY WB 3 -53.47 -112.01 -56.36
C GLY WB 3 -54.31 -111.24 -55.36
N ASP WB 4 -55.48 -111.78 -55.04
CA ASP WB 4 -56.35 -111.14 -54.07
C ASP WB 4 -56.25 -111.80 -52.70
N THR WB 5 -56.16 -113.13 -52.65
CA THR WB 5 -56.10 -113.89 -51.41
C THR WB 5 -54.80 -114.68 -51.34
N LEU WB 6 -54.22 -114.70 -50.15
CA LEU WB 6 -52.97 -115.41 -49.87
C LEU WB 6 -53.22 -116.44 -48.78
N THR WB 7 -52.77 -117.66 -49.02
CA THR WB 7 -52.98 -118.77 -48.09
C THR WB 7 -51.71 -119.01 -47.28
N ILE WB 8 -51.86 -119.14 -45.97
CA ILE WB 8 -50.78 -119.49 -45.07
C ILE WB 8 -51.10 -120.87 -44.48
N THR WB 9 -50.20 -121.82 -44.69
CA THR WB 9 -50.36 -123.19 -44.21
C THR WB 9 -49.49 -123.35 -42.97
N LEU WB 10 -50.04 -122.99 -41.82
CA LEU WB 10 -49.27 -123.09 -40.57
C LEU WB 10 -48.82 -124.53 -40.37
N GLY WB 11 -47.57 -124.68 -39.95
CA GLY WB 11 -47.01 -126.01 -39.75
C GLY WB 11 -46.49 -126.68 -41.00
N GLY WB 12 -46.12 -125.90 -42.02
CA GLY WB 12 -45.59 -126.48 -43.24
C GLY WB 12 -46.66 -127.17 -44.05
N SER WB 13 -46.18 -127.95 -45.03
CA SER WB 13 -47.09 -128.68 -45.90
C SER WB 13 -47.96 -129.64 -45.10
N GLY WB 14 -49.24 -129.71 -45.45
CA GLY WB 14 -50.18 -130.60 -44.80
C GLY WB 14 -50.77 -130.08 -43.51
N GLY WB 15 -50.52 -128.83 -43.15
CA GLY WB 15 -50.98 -128.25 -41.90
C GLY WB 15 -52.32 -127.56 -42.03
N THR WB 16 -52.51 -126.55 -41.18
CA THR WB 16 -53.74 -125.77 -41.15
C THR WB 16 -53.62 -124.59 -42.12
N ALA WB 17 -54.65 -124.38 -42.94
CA ALA WB 17 -54.64 -123.33 -43.94
C ALA WB 17 -55.36 -122.09 -43.43
N LYS WB 18 -54.74 -120.94 -43.64
CA LYS WB 18 -55.32 -119.63 -43.32
C LYS WB 18 -55.24 -118.75 -44.55
N VAL WB 19 -56.35 -118.11 -44.91
CA VAL WB 19 -56.46 -117.29 -46.12
C VAL WB 19 -56.63 -115.83 -45.72
N LEU WB 20 -55.75 -114.97 -46.21
CA LEU WB 20 -55.76 -113.55 -45.88
C LEU WB 20 -56.32 -112.75 -47.05
N ARG WB 21 -56.94 -111.61 -46.72
CA ARG WB 21 -57.59 -110.76 -47.71
C ARG WB 21 -56.75 -109.49 -47.90
N LYS WB 22 -56.61 -109.06 -49.16
CA LYS WB 22 -55.89 -107.82 -49.43
C LYS WB 22 -56.71 -106.62 -48.99
N ILE WB 23 -56.04 -105.61 -48.44
CA ILE WB 23 -56.74 -104.43 -47.91
C ILE WB 23 -56.06 -103.13 -48.33
N ASN WB 24 -54.82 -103.20 -48.79
CA ASN WB 24 -54.13 -101.95 -49.16
C ASN WB 24 -52.84 -102.26 -49.90
N GLN WB 25 -52.48 -101.36 -50.81
CA GLN WB 25 -51.14 -101.33 -51.39
C GLN WB 25 -50.94 -99.98 -52.03
N ASP WB 26 -50.00 -99.18 -51.52
CA ASP WB 26 -49.75 -97.85 -52.05
C ASP WB 26 -48.35 -97.67 -52.62
N GLY WB 27 -47.30 -97.89 -51.83
CA GLY WB 27 -45.95 -97.58 -52.27
C GLY WB 27 -45.20 -98.77 -52.82
N TYR WB 28 -45.77 -99.46 -53.79
CA TYR WB 28 -45.21 -100.70 -54.31
C TYR WB 28 -45.22 -101.80 -53.26
N THR WB 29 -45.98 -101.61 -52.18
CA THR WB 29 -46.02 -102.53 -51.06
C THR WB 29 -47.45 -102.97 -50.83
N SER WB 30 -47.63 -104.20 -50.37
CA SER WB 30 -48.95 -104.78 -50.15
C SER WB 30 -49.20 -105.04 -48.66
N GLU WB 31 -50.39 -105.55 -48.36
CA GLU WB 31 -50.81 -105.79 -46.98
C GLU WB 31 -52.02 -106.70 -46.95
N TYR WB 32 -51.90 -107.85 -46.28
CA TYR WB 32 -52.99 -108.80 -46.12
C TYR WB 32 -53.30 -108.95 -44.63
N TYR WB 33 -54.55 -109.28 -44.30
CA TYR WB 33 -54.95 -109.23 -42.90
C TYR WB 33 -56.16 -110.14 -42.67
N LEU WB 34 -56.22 -110.72 -41.47
CA LEU WB 34 -57.33 -111.58 -41.07
C LEU WB 34 -57.48 -111.63 -39.55
N PRO WB 35 -58.63 -111.23 -39.00
CA PRO WB 35 -58.83 -111.34 -37.55
C PRO WB 35 -59.62 -112.58 -37.15
N GLU WB 36 -59.42 -113.04 -35.91
CA GLU WB 36 -60.23 -114.09 -35.29
C GLU WB 36 -60.24 -113.85 -33.79
N THR WB 37 -60.83 -114.78 -33.03
CA THR WB 37 -61.15 -114.50 -31.63
C THR WB 37 -59.91 -114.24 -30.80
N SER WB 38 -58.87 -115.07 -30.93
CA SER WB 38 -57.70 -114.97 -30.08
C SER WB 38 -56.48 -114.37 -30.76
N SER WB 39 -56.50 -114.23 -32.08
CA SER WB 39 -55.35 -113.71 -32.80
C SER WB 39 -55.79 -113.13 -34.14
N SER WB 40 -54.83 -112.55 -34.83
CA SER WB 40 -55.02 -112.03 -36.17
C SER WB 40 -53.75 -112.24 -36.97
N PHE WB 41 -53.89 -112.54 -38.26
CA PHE WB 41 -52.76 -112.76 -39.14
C PHE WB 41 -52.62 -111.59 -40.11
N ARG WB 42 -51.38 -111.17 -40.35
CA ARG WB 42 -51.10 -110.03 -41.20
C ARG WB 42 -49.83 -110.32 -42.00
N ALA WB 43 -49.82 -109.92 -43.27
CA ALA WB 43 -48.70 -110.16 -44.17
C ALA WB 43 -48.37 -108.88 -44.93
N LYS WB 44 -47.09 -108.70 -45.22
CA LYS WB 44 -46.57 -107.53 -45.92
C LYS WB 44 -45.62 -107.95 -47.04
N VAL WB 45 -45.62 -107.16 -48.12
CA VAL WB 45 -44.64 -107.29 -49.19
C VAL WB 45 -44.13 -105.88 -49.52
N ARG WB 46 -42.82 -105.75 -49.68
CA ARG WB 46 -42.19 -104.46 -49.91
C ARG WB 46 -41.12 -104.56 -51.01
N HIS WB 47 -40.87 -103.42 -51.66
CA HIS WB 47 -39.78 -103.29 -52.62
C HIS WB 47 -39.13 -101.92 -52.43
N THR WB 48 -37.86 -101.82 -52.81
CA THR WB 48 -37.17 -100.53 -52.74
C THR WB 48 -35.84 -100.64 -53.48
N LYS WB 49 -35.26 -99.48 -53.78
CA LYS WB 49 -33.99 -99.35 -54.48
C LYS WB 49 -33.12 -98.34 -53.75
N GLU WB 50 -31.84 -98.66 -53.55
CA GLU WB 50 -30.97 -97.75 -52.82
C GLU WB 50 -30.60 -96.55 -53.68
N SER WB 51 -30.25 -95.45 -53.02
CA SER WB 51 -29.92 -94.21 -53.72
C SER WB 51 -28.71 -94.42 -54.61
N VAL WB 52 -28.80 -93.93 -55.84
CA VAL WB 52 -27.69 -94.04 -56.78
C VAL WB 52 -26.55 -93.15 -56.32
N LYS WB 53 -25.33 -93.67 -56.37
CA LYS WB 53 -24.15 -92.97 -55.93
C LYS WB 53 -23.06 -93.09 -57.00
N PRO WB 54 -22.11 -92.15 -57.01
CA PRO WB 54 -21.11 -92.16 -58.08
C PRO WB 54 -20.25 -93.43 -58.05
N ASN WB 55 -19.84 -93.84 -59.24
CA ASN WB 55 -18.89 -94.93 -59.48
C ASN WB 55 -19.05 -96.08 -58.48
N GLN WB 56 -20.29 -96.53 -58.26
CA GLN WB 56 -20.55 -97.73 -57.48
C GLN WB 56 -21.79 -98.41 -58.05
N VAL WB 57 -21.90 -99.72 -57.81
CA VAL WB 57 -23.03 -100.49 -58.31
C VAL WB 57 -24.29 -100.15 -57.50
N GLN WB 58 -25.44 -100.41 -58.11
CA GLN WB 58 -26.73 -100.09 -57.49
C GLN WB 58 -27.54 -101.36 -57.31
N TYR WB 59 -28.15 -101.50 -56.13
CA TYR WB 59 -28.86 -102.70 -55.72
C TYR WB 59 -30.34 -102.41 -55.52
N GLU WB 60 -31.12 -103.50 -55.52
CA GLU WB 60 -32.54 -103.45 -55.22
C GLU WB 60 -32.90 -104.64 -54.34
N ARG WB 61 -33.79 -104.41 -53.36
CA ARG WB 61 -34.09 -105.40 -52.34
C ARG WB 61 -35.58 -105.67 -52.27
N HIS WB 62 -35.93 -106.94 -52.08
CA HIS WB 62 -37.31 -107.38 -51.85
C HIS WB 62 -37.43 -107.99 -50.46
N ASN WB 63 -38.59 -107.77 -49.84
CA ASN WB 63 -38.84 -108.17 -48.46
C ASN WB 63 -40.22 -108.80 -48.35
N VAL WB 64 -40.34 -109.82 -47.49
CA VAL WB 64 -41.61 -110.47 -47.20
C VAL WB 64 -41.67 -110.79 -45.71
N GLU WB 65 -42.82 -110.53 -45.08
CA GLU WB 65 -42.95 -110.59 -43.63
C GLU WB 65 -44.28 -111.23 -43.24
N PHE WB 66 -44.25 -112.14 -42.27
CA PHE WB 66 -45.43 -112.61 -41.57
C PHE WB 66 -45.35 -112.20 -40.11
N THR WB 67 -46.50 -111.81 -39.54
CA THR WB 67 -46.59 -111.47 -38.13
C THR WB 67 -47.86 -112.10 -37.57
N GLU WB 68 -47.82 -112.41 -36.27
CA GLU WB 68 -48.95 -113.05 -35.60
C GLU WB 68 -48.98 -112.54 -34.16
N THR WB 69 -50.11 -111.94 -33.77
CA THR WB 69 -50.26 -111.32 -32.47
C THR WB 69 -51.40 -111.99 -31.70
N VAL WB 70 -51.21 -112.14 -30.40
CA VAL WB 70 -52.17 -112.79 -29.52
C VAL WB 70 -52.68 -111.75 -28.54
N TYR WB 71 -53.99 -111.58 -28.49
CA TYR WB 71 -54.58 -110.55 -27.62
C TYR WB 71 -54.38 -110.89 -26.16
N ALA WB 72 -54.28 -109.85 -25.34
CA ALA WB 72 -54.06 -110.02 -23.92
C ALA WB 72 -55.21 -110.79 -23.30
N SER WB 73 -54.88 -111.82 -22.52
CA SER WB 73 -55.86 -112.67 -21.85
C SER WB 73 -55.44 -112.84 -20.40
N GLY WB 74 -56.32 -112.45 -19.48
CA GLY WB 74 -55.97 -112.49 -18.08
C GLY WB 74 -54.80 -111.55 -17.79
N SER WB 75 -53.80 -112.05 -17.07
CA SER WB 75 -52.64 -111.24 -16.72
C SER WB 75 -51.67 -111.07 -17.88
N THR WB 76 -51.62 -112.02 -18.79
CA THR WB 76 -50.60 -112.00 -19.84
C THR WB 76 -50.79 -110.84 -20.81
N PRO WB 77 -49.75 -110.03 -21.08
CA PRO WB 77 -49.90 -108.89 -22.00
C PRO WB 77 -49.91 -109.29 -23.47
N GLU WB 78 -49.87 -108.30 -24.35
CA GLU WB 78 -49.75 -108.57 -25.77
C GLU WB 78 -48.38 -109.16 -26.10
N PHE WB 79 -48.35 -110.01 -27.12
CA PHE WB 79 -47.07 -110.43 -27.69
C PHE WB 79 -47.30 -110.95 -29.10
N VAL WB 80 -46.22 -111.01 -29.87
CA VAL WB 80 -46.27 -111.18 -31.31
C VAL WB 80 -45.28 -112.27 -31.73
N ARG WB 81 -45.48 -112.78 -32.95
CA ARG WB 81 -44.52 -113.68 -33.59
C ARG WB 81 -44.34 -113.26 -35.05
N GLN WB 82 -43.09 -113.12 -35.46
CA GLN WB 82 -42.72 -112.59 -36.76
C GLN WB 82 -41.82 -113.58 -37.50
N ALA WB 83 -41.76 -113.43 -38.82
CA ALA WB 83 -40.83 -114.21 -39.65
C ALA WB 83 -40.75 -113.54 -41.02
N TYR WB 84 -39.55 -113.19 -41.46
CA TYR WB 84 -39.42 -112.39 -42.67
C TYR WB 84 -38.12 -112.74 -43.42
N VAL WB 85 -38.09 -112.36 -44.70
CA VAL WB 85 -36.94 -112.60 -45.56
C VAL WB 85 -36.58 -111.31 -46.30
N VAL WB 86 -35.36 -111.27 -46.82
CA VAL WB 86 -34.87 -110.18 -47.65
C VAL WB 86 -34.00 -110.76 -48.75
N ILE WB 87 -34.10 -110.20 -49.96
CA ILE WB 87 -33.29 -110.60 -51.09
C ILE WB 87 -32.69 -109.34 -51.71
N ARG WB 88 -31.37 -109.34 -51.90
CA ARG WB 88 -30.66 -108.19 -52.43
C ARG WB 88 -29.78 -108.63 -53.60
N HIS WB 89 -29.87 -107.90 -54.70
CA HIS WB 89 -29.12 -108.24 -55.90
C HIS WB 89 -28.97 -107.01 -56.77
N LYS WB 90 -28.01 -107.06 -57.69
CA LYS WB 90 -27.65 -105.91 -58.49
C LYS WB 90 -28.64 -105.69 -59.63
N VAL WB 91 -28.84 -104.42 -59.97
CA VAL WB 91 -29.78 -104.07 -61.03
C VAL WB 91 -29.30 -104.65 -62.35
N GLY WB 92 -30.21 -105.30 -63.07
CA GLY WB 92 -29.86 -105.89 -64.34
C GLY WB 92 -29.26 -107.28 -64.26
N ASP WB 93 -29.27 -107.91 -63.09
CA ASP WB 93 -28.70 -109.24 -62.95
C ASP WB 93 -29.61 -110.29 -63.59
N VAL WB 94 -29.07 -111.49 -63.75
CA VAL WB 94 -29.84 -112.59 -64.31
C VAL WB 94 -30.77 -113.12 -63.23
N SER WB 95 -32.06 -113.21 -63.55
CA SER WB 95 -33.07 -113.51 -62.53
C SER WB 95 -32.92 -114.93 -62.00
N ALA WB 96 -32.69 -115.90 -62.88
CA ALA WB 96 -32.65 -117.29 -62.45
C ALA WB 96 -31.51 -117.53 -61.47
N THR WB 97 -30.33 -116.95 -61.75
CA THR WB 97 -29.19 -117.14 -60.86
C THR WB 97 -29.49 -116.61 -59.47
N VAL WB 98 -30.05 -115.41 -59.38
CA VAL WB 98 -30.35 -114.84 -58.07
C VAL WB 98 -31.43 -115.67 -57.38
N SER WB 99 -32.39 -116.21 -58.13
CA SER WB 99 -33.44 -117.01 -57.52
C SER WB 99 -32.91 -118.33 -56.99
N ASP WB 100 -31.85 -118.87 -57.61
CA ASP WB 100 -31.31 -120.15 -57.15
C ASP WB 100 -30.83 -120.06 -55.70
N LEU WB 101 -30.18 -118.96 -55.34
CA LEU WB 101 -29.72 -118.78 -53.96
C LEU WB 101 -30.90 -118.81 -52.99
N GLY WB 102 -31.99 -118.11 -53.32
CA GLY WB 102 -33.15 -118.11 -52.46
C GLY WB 102 -33.78 -119.47 -52.33
N GLU WB 103 -33.87 -120.20 -53.46
CA GLU WB 103 -34.43 -121.54 -53.40
C GLU WB 103 -33.57 -122.46 -52.54
N ALA WB 104 -32.24 -122.32 -52.63
CA ALA WB 104 -31.35 -123.08 -51.78
C ALA WB 104 -31.59 -122.76 -50.31
N LEU WB 105 -31.72 -121.47 -49.99
CA LEU WB 105 -31.98 -121.09 -48.60
C LEU WB 105 -33.29 -121.68 -48.10
N SER WB 106 -34.34 -121.62 -48.93
CA SER WB 106 -35.62 -122.19 -48.53
C SER WB 106 -35.51 -123.69 -48.32
N PHE WB 107 -34.78 -124.38 -49.20
CA PHE WB 107 -34.63 -125.83 -49.09
C PHE WB 107 -33.86 -126.19 -47.82
N TYR WB 108 -32.85 -125.39 -47.46
CA TYR WB 108 -32.04 -125.71 -46.29
C TYR WB 108 -32.87 -125.62 -45.02
N LEU WB 109 -33.70 -124.58 -44.89
CA LEU WB 109 -34.49 -124.39 -43.69
C LEU WB 109 -35.59 -125.44 -43.63
N ASN WB 110 -35.63 -126.18 -42.52
CA ASN WB 110 -36.64 -127.20 -42.30
C ASN WB 110 -36.84 -127.34 -40.80
N GLU WB 111 -37.77 -128.22 -40.43
CA GLU WB 111 -38.29 -128.23 -39.06
C GLU WB 111 -37.18 -128.39 -38.03
N ALA WB 112 -36.31 -129.39 -38.23
CA ALA WB 112 -35.26 -129.63 -37.25
C ALA WB 112 -34.33 -128.44 -37.13
N LEU WB 113 -33.99 -127.80 -38.24
CA LEU WB 113 -33.11 -126.64 -38.18
C LEU WB 113 -33.76 -125.49 -37.45
N TYR WB 114 -35.07 -125.27 -37.65
CA TYR WB 114 -35.76 -124.29 -36.82
C TYR WB 114 -35.71 -124.67 -35.35
N GLY WB 115 -35.88 -125.95 -35.03
CA GLY WB 115 -35.78 -126.36 -33.64
C GLY WB 115 -34.42 -126.02 -33.04
N LYS WB 116 -33.36 -126.34 -33.77
CA LYS WB 116 -32.02 -126.02 -33.29
C LYS WB 116 -31.83 -124.51 -33.15
N LEU WB 117 -32.31 -123.73 -34.12
CA LEU WB 117 -32.18 -122.29 -34.03
C LEU WB 117 -32.88 -121.74 -32.80
N ILE WB 118 -34.10 -122.20 -32.54
CA ILE WB 118 -34.83 -121.76 -31.36
C ILE WB 118 -34.08 -122.19 -30.10
N GLY WB 119 -33.43 -123.34 -30.15
CA GLY WB 119 -32.62 -123.79 -29.03
C GLY WB 119 -31.28 -123.06 -28.88
N TRP WB 120 -31.09 -121.94 -29.57
CA TRP WB 120 -29.86 -121.16 -29.52
C TRP WB 120 -28.64 -121.92 -30.00
N GLU WB 121 -28.80 -123.09 -30.58
CA GLU WB 121 -27.67 -123.86 -31.07
C GLU WB 121 -27.03 -123.14 -32.25
N SER WB 122 -25.87 -122.52 -32.03
CA SER WB 122 -25.22 -121.73 -33.06
C SER WB 122 -24.18 -122.58 -33.80
N ALA XB 1 -94.44 -86.81 -37.80
CA ALA XB 1 -95.10 -87.67 -36.77
C ALA XB 1 -94.35 -88.99 -36.61
N LEU XB 2 -94.40 -89.82 -37.65
CA LEU XB 2 -93.76 -91.13 -37.68
C LEU XB 2 -94.33 -92.09 -36.63
N GLY XB 3 -95.45 -91.74 -36.01
CA GLY XB 3 -95.99 -92.53 -34.92
C GLY XB 3 -95.41 -92.12 -33.57
N ASP XB 4 -96.14 -92.48 -32.51
CA ASP XB 4 -95.70 -92.13 -31.16
C ASP XB 4 -94.56 -93.03 -30.69
N THR XB 5 -94.56 -94.30 -31.10
CA THR XB 5 -93.54 -95.25 -30.69
C THR XB 5 -92.72 -95.71 -31.89
N LEU XB 6 -91.40 -95.76 -31.70
CA LEU XB 6 -90.45 -96.19 -32.73
C LEU XB 6 -89.89 -97.54 -32.30
N THR XB 7 -89.94 -98.52 -33.20
CA THR XB 7 -89.52 -99.88 -32.90
C THR XB 7 -88.29 -100.24 -33.72
N ILE XB 8 -87.32 -100.87 -33.07
CA ILE XB 8 -86.13 -101.38 -33.72
C ILE XB 8 -85.95 -102.83 -33.33
N THR XB 9 -85.65 -103.68 -34.32
CA THR XB 9 -85.44 -105.11 -34.12
C THR XB 9 -83.95 -105.39 -34.31
N LEU XB 10 -83.23 -105.60 -33.22
CA LEU XB 10 -81.81 -105.90 -33.33
C LEU XB 10 -81.61 -107.23 -34.04
N GLY XB 11 -80.56 -107.28 -34.86
CA GLY XB 11 -80.30 -108.48 -35.64
C GLY XB 11 -81.14 -108.64 -36.89
N GLY XB 12 -81.80 -107.58 -37.34
CA GLY XB 12 -82.60 -107.65 -38.54
C GLY XB 12 -83.95 -108.30 -38.29
N SER XB 13 -84.53 -108.88 -39.33
CA SER XB 13 -85.84 -109.50 -39.20
C SER XB 13 -85.80 -110.70 -38.26
N GLY XB 14 -86.84 -110.83 -37.44
CA GLY XB 14 -86.99 -111.96 -36.55
C GLY XB 14 -86.19 -111.88 -35.26
N GLY XB 15 -85.59 -110.73 -34.95
CA GLY XB 15 -84.76 -110.60 -33.76
C GLY XB 15 -85.50 -110.00 -32.58
N THR XB 16 -84.72 -109.70 -31.55
CA THR XB 16 -85.25 -109.01 -30.38
C THR XB 16 -85.78 -107.64 -30.78
N ALA XB 17 -86.96 -107.30 -30.26
CA ALA XB 17 -87.63 -106.06 -30.61
C ALA XB 17 -87.70 -105.13 -29.40
N LYS XB 18 -87.28 -103.88 -29.59
CA LYS XB 18 -87.38 -102.84 -28.59
C LYS XB 18 -88.26 -101.72 -29.11
N VAL XB 19 -88.99 -101.06 -28.20
CA VAL XB 19 -89.93 -100.00 -28.55
C VAL XB 19 -89.48 -98.71 -27.89
N LEU XB 20 -89.18 -97.71 -28.71
CA LEU XB 20 -88.78 -96.41 -28.20
C LEU XB 20 -90.01 -95.48 -28.19
N ARG XB 21 -89.96 -94.47 -27.32
CA ARG XB 21 -91.05 -93.52 -27.13
C ARG XB 21 -90.56 -92.10 -27.39
N LYS XB 22 -91.41 -91.28 -28.01
CA LYS XB 22 -91.03 -89.90 -28.26
C LYS XB 22 -90.96 -89.12 -26.96
N ILE XB 23 -89.96 -88.25 -26.85
CA ILE XB 23 -89.70 -87.52 -25.62
C ILE XB 23 -89.78 -86.02 -25.89
N ASN XB 24 -89.48 -85.60 -27.11
CA ASN XB 24 -89.34 -84.19 -27.41
C ASN XB 24 -89.38 -83.99 -28.92
N GLN XB 25 -89.60 -82.74 -29.33
CA GLN XB 25 -89.65 -82.37 -30.75
C GLN XB 25 -89.32 -80.89 -30.85
N ASP XB 26 -88.09 -80.58 -31.27
CA ASP XB 26 -87.63 -79.21 -31.37
C ASP XB 26 -86.73 -79.04 -32.60
N GLY XB 27 -86.83 -77.88 -33.23
CA GLY XB 27 -85.94 -77.52 -34.32
C GLY XB 27 -85.95 -78.50 -35.47
N TYR XB 28 -87.15 -78.95 -35.86
CA TYR XB 28 -87.29 -79.95 -36.92
C TYR XB 28 -86.52 -81.22 -36.57
N THR XB 29 -86.47 -81.54 -35.27
CA THR XB 29 -85.77 -82.73 -34.78
C THR XB 29 -86.72 -83.53 -33.92
N SER XB 30 -86.45 -84.83 -33.80
CA SER XB 30 -87.27 -85.74 -33.00
C SER XB 30 -86.37 -86.64 -32.16
N GLU XB 31 -86.84 -86.98 -30.97
CA GLU XB 31 -86.12 -87.83 -30.04
C GLU XB 31 -87.01 -88.99 -29.59
N TYR XB 32 -86.41 -90.18 -29.52
CA TYR XB 32 -87.05 -91.38 -29.02
C TYR XB 32 -86.12 -92.01 -27.99
N TYR XB 33 -86.68 -92.63 -26.94
CA TYR XB 33 -85.87 -93.05 -25.81
C TYR XB 33 -86.44 -94.33 -25.18
N LEU XB 34 -85.56 -95.10 -24.52
CA LEU XB 34 -85.94 -96.23 -23.68
C LEU XB 34 -84.82 -96.56 -22.69
N PRO XB 35 -85.06 -96.53 -21.38
CA PRO XB 35 -84.03 -96.92 -20.42
C PRO XB 35 -84.13 -98.38 -20.00
N GLU XB 36 -83.01 -98.91 -19.52
CA GLU XB 36 -82.93 -100.27 -19.00
C GLU XB 36 -81.93 -100.27 -17.85
N THR XB 37 -81.65 -101.47 -17.32
CA THR XB 37 -80.77 -101.58 -16.17
C THR XB 37 -79.31 -101.36 -16.53
N SER XB 38 -78.84 -101.91 -17.65
CA SER XB 38 -77.44 -101.86 -18.03
C SER XB 38 -77.16 -101.02 -19.26
N SER XB 39 -78.19 -100.55 -19.97
CA SER XB 39 -77.97 -99.78 -21.19
C SER XB 39 -79.25 -99.00 -21.51
N SER XB 40 -79.19 -98.23 -22.61
CA SER XB 40 -80.31 -97.43 -23.05
C SER XB 40 -80.21 -97.25 -24.56
N PHE XB 41 -81.33 -96.94 -25.19
CA PHE XB 41 -81.40 -96.72 -26.62
C PHE XB 41 -82.11 -95.40 -26.91
N ARG XB 42 -81.58 -94.66 -27.88
CA ARG XB 42 -82.12 -93.37 -28.29
C ARG XB 42 -82.14 -93.28 -29.80
N ALA XB 43 -82.96 -92.37 -30.34
CA ALA XB 43 -83.02 -92.13 -31.77
C ALA XB 43 -83.19 -90.65 -32.06
N LYS XB 44 -82.56 -90.19 -33.14
CA LYS XB 44 -82.60 -88.82 -33.61
C LYS XB 44 -83.10 -88.78 -35.05
N VAL XB 45 -83.87 -87.75 -35.38
CA VAL XB 45 -84.23 -87.43 -36.76
C VAL XB 45 -84.01 -85.94 -36.94
N ARG XB 46 -83.29 -85.57 -38.00
CA ARG XB 46 -82.99 -84.17 -38.25
C ARG XB 46 -83.17 -83.83 -39.73
N HIS XB 47 -83.69 -82.63 -39.99
CA HIS XB 47 -83.81 -82.07 -41.33
C HIS XB 47 -83.13 -80.70 -41.35
N THR XB 48 -82.45 -80.38 -42.45
CA THR XB 48 -81.71 -79.13 -42.53
C THR XB 48 -81.68 -78.59 -43.94
N LYS XB 49 -81.40 -77.29 -44.05
CA LYS XB 49 -81.25 -76.56 -45.30
C LYS XB 49 -79.90 -75.84 -45.29
N GLU XB 50 -79.11 -76.04 -46.34
CA GLU XB 50 -77.71 -75.62 -46.34
C GLU XB 50 -77.57 -74.12 -46.60
N SER XB 51 -76.32 -73.67 -46.63
CA SER XB 51 -76.01 -72.27 -46.88
C SER XB 51 -76.49 -71.87 -48.26
N VAL XB 52 -76.98 -70.64 -48.39
CA VAL XB 52 -77.43 -70.10 -49.67
C VAL XB 52 -76.40 -69.10 -50.18
N LYS XB 53 -75.97 -69.29 -51.43
CA LYS XB 53 -75.14 -68.35 -52.18
C LYS XB 53 -75.90 -67.91 -53.43
N PRO XB 54 -75.58 -66.73 -53.97
CA PRO XB 54 -76.40 -66.18 -55.06
C PRO XB 54 -76.55 -67.13 -56.25
N ASN XB 55 -75.53 -67.95 -56.54
CA ASN XB 55 -75.52 -68.86 -57.71
C ASN XB 55 -75.03 -70.29 -57.39
N GLN XB 56 -75.96 -71.19 -57.06
CA GLN XB 56 -75.72 -72.63 -57.14
C GLN XB 56 -77.04 -73.34 -56.86
N VAL XB 57 -77.10 -74.64 -57.16
CA VAL XB 57 -78.29 -75.42 -56.80
C VAL XB 57 -78.54 -75.32 -55.30
N GLN XB 58 -79.79 -75.54 -54.90
CA GLN XB 58 -80.17 -75.54 -53.50
C GLN XB 58 -80.57 -76.96 -53.10
N TYR XB 59 -80.09 -77.40 -51.93
CA TYR XB 59 -80.11 -78.81 -51.54
C TYR XB 59 -80.72 -78.95 -50.15
N GLU XB 60 -81.02 -80.20 -49.77
CA GLU XB 60 -81.51 -80.50 -48.44
C GLU XB 60 -80.98 -81.84 -47.95
N ARG XB 61 -80.83 -81.95 -46.63
CA ARG XB 61 -80.28 -83.13 -45.98
C ARG XB 61 -81.33 -83.77 -45.09
N HIS XB 62 -81.45 -85.09 -45.14
CA HIS XB 62 -82.24 -85.86 -44.19
C HIS XB 62 -81.34 -86.88 -43.50
N ASN XB 63 -81.45 -86.96 -42.16
CA ASN XB 63 -80.56 -87.78 -41.35
C ASN XB 63 -81.34 -88.49 -40.25
N VAL XB 64 -81.00 -89.75 -40.01
CA VAL XB 64 -81.56 -90.55 -38.92
C VAL XB 64 -80.45 -91.42 -38.36
N GLU XB 65 -80.39 -91.55 -37.03
CA GLU XB 65 -79.33 -92.30 -36.37
C GLU XB 65 -79.91 -93.16 -35.26
N PHE XB 66 -79.24 -94.27 -35.00
CA PHE XB 66 -79.51 -95.12 -33.83
C PHE XB 66 -78.26 -95.13 -32.95
N THR XB 67 -78.44 -94.90 -31.65
CA THR XB 67 -77.33 -94.92 -30.71
C THR XB 67 -77.73 -95.71 -29.46
N GLU XB 68 -76.77 -96.44 -28.91
CA GLU XB 68 -76.98 -97.22 -27.69
C GLU XB 68 -75.81 -96.98 -26.74
N THR XB 69 -76.11 -96.79 -25.46
CA THR XB 69 -75.10 -96.52 -24.45
C THR XB 69 -75.11 -97.60 -23.40
N VAL XB 70 -73.91 -98.01 -22.98
CA VAL XB 70 -73.71 -98.99 -21.93
C VAL XB 70 -72.99 -98.31 -20.78
N TYR XB 71 -73.61 -98.33 -19.60
CA TYR XB 71 -73.06 -97.64 -18.45
C TYR XB 71 -71.81 -98.37 -17.94
N ALA XB 72 -70.92 -97.59 -17.33
CA ALA XB 72 -69.67 -98.14 -16.83
C ALA XB 72 -69.94 -99.14 -15.73
N SER XB 73 -69.33 -100.31 -15.83
CA SER XB 73 -69.43 -101.36 -14.82
C SER XB 73 -68.03 -101.79 -14.43
N GLY XB 74 -67.72 -101.69 -13.14
CA GLY XB 74 -66.38 -102.04 -12.69
C GLY XB 74 -65.33 -101.17 -13.34
N SER XB 75 -64.26 -101.81 -13.84
CA SER XB 75 -63.16 -101.07 -14.43
C SER XB 75 -63.52 -100.49 -15.79
N THR XB 76 -64.29 -101.23 -16.58
CA THR XB 76 -64.60 -100.80 -17.95
C THR XB 76 -65.43 -99.53 -17.96
N PRO XB 77 -65.01 -98.47 -18.63
CA PRO XB 77 -65.82 -97.25 -18.69
C PRO XB 77 -66.95 -97.36 -19.71
N GLU XB 78 -67.85 -96.38 -19.66
CA GLU XB 78 -69.01 -96.38 -20.52
C GLU XB 78 -68.61 -96.20 -21.98
N PHE XB 79 -69.40 -96.78 -22.88
CA PHE XB 79 -69.12 -96.72 -24.30
C PHE XB 79 -70.42 -96.79 -25.08
N VAL XB 80 -70.37 -96.36 -26.33
CA VAL XB 80 -71.55 -96.19 -27.17
C VAL XB 80 -71.38 -96.99 -28.45
N ARG XB 81 -72.51 -97.29 -29.09
CA ARG XB 81 -72.55 -97.80 -30.46
C ARG XB 81 -73.59 -97.02 -31.25
N GLN XB 82 -73.23 -96.62 -32.46
CA GLN XB 82 -74.01 -95.72 -33.29
C GLN XB 82 -74.10 -96.26 -34.71
N ALA XB 83 -75.08 -95.75 -35.45
CA ALA XB 83 -75.23 -96.07 -36.87
C ALA XB 83 -76.25 -95.13 -37.47
N TYR XB 84 -75.86 -94.39 -38.53
CA TYR XB 84 -76.76 -93.40 -39.09
C TYR XB 84 -76.66 -93.40 -40.61
N VAL XB 85 -77.68 -92.81 -41.24
CA VAL XB 85 -77.74 -92.60 -42.68
C VAL XB 85 -78.12 -91.15 -42.95
N VAL XB 86 -77.71 -90.65 -44.12
CA VAL XB 86 -77.95 -89.26 -44.52
C VAL XB 86 -78.37 -89.27 -45.99
N ILE XB 87 -79.24 -88.33 -46.35
CA ILE XB 87 -79.73 -88.17 -47.72
C ILE XB 87 -79.52 -86.73 -48.15
N ARG XB 88 -79.04 -86.54 -49.38
CA ARG XB 88 -78.97 -85.21 -49.98
C ARG XB 88 -79.65 -85.26 -51.34
N HIS XB 89 -80.49 -84.25 -51.63
CA HIS XB 89 -81.13 -84.16 -52.94
C HIS XB 89 -81.68 -82.76 -53.12
N LYS XB 90 -81.97 -82.42 -54.38
CA LYS XB 90 -82.40 -81.07 -54.72
C LYS XB 90 -83.80 -80.79 -54.22
N VAL XB 91 -84.08 -79.51 -53.97
CA VAL XB 91 -85.33 -79.13 -53.30
C VAL XB 91 -86.53 -79.48 -54.18
N GLY XB 92 -86.44 -79.21 -55.48
CA GLY XB 92 -87.58 -79.45 -56.35
C GLY XB 92 -87.50 -80.75 -57.13
N ASP XB 93 -86.67 -81.68 -56.65
CA ASP XB 93 -86.44 -82.94 -57.35
C ASP XB 93 -87.69 -83.82 -57.28
N VAL XB 94 -87.59 -85.00 -57.89
CA VAL XB 94 -88.67 -85.98 -57.88
C VAL XB 94 -88.43 -86.96 -56.73
N SER XB 95 -89.48 -87.22 -55.95
CA SER XB 95 -89.32 -87.99 -54.72
C SER XB 95 -88.99 -89.46 -55.00
N ALA XB 96 -89.67 -90.08 -55.97
CA ALA XB 96 -89.51 -91.50 -56.19
C ALA XB 96 -88.10 -91.84 -56.63
N THR XB 97 -87.53 -91.04 -57.54
CA THR XB 97 -86.17 -91.31 -58.01
C THR XB 97 -85.18 -91.23 -56.86
N VAL XB 98 -85.28 -90.21 -56.02
CA VAL XB 98 -84.34 -90.08 -54.92
C VAL XB 98 -84.54 -91.21 -53.92
N SER XB 99 -85.77 -91.67 -53.76
CA SER XB 99 -86.03 -92.80 -52.87
C SER XB 99 -85.45 -94.09 -53.40
N ASP XB 100 -85.37 -94.25 -54.73
CA ASP XB 100 -84.82 -95.48 -55.29
C ASP XB 100 -83.36 -95.68 -54.89
N LEU XB 101 -82.58 -94.60 -54.87
CA LEU XB 101 -81.19 -94.70 -54.44
C LEU XB 101 -81.10 -95.22 -53.02
N GLY XB 102 -81.90 -94.67 -52.12
CA GLY XB 102 -81.88 -95.13 -50.74
C GLY XB 102 -82.34 -96.57 -50.60
N GLU XB 103 -83.36 -96.96 -51.37
CA GLU XB 103 -83.80 -98.35 -51.36
C GLU XB 103 -82.67 -99.27 -51.78
N ALA XB 104 -81.94 -98.90 -52.84
CA ALA XB 104 -80.81 -99.70 -53.28
C ALA XB 104 -79.74 -99.79 -52.20
N LEU XB 105 -79.44 -98.66 -51.55
CA LEU XB 105 -78.43 -98.69 -50.49
C LEU XB 105 -78.86 -99.62 -49.36
N SER XB 106 -80.13 -99.57 -48.98
CA SER XB 106 -80.63 -100.44 -47.93
C SER XB 106 -80.55 -101.91 -48.34
N PHE XB 107 -80.90 -102.20 -49.59
CA PHE XB 107 -80.87 -103.59 -50.07
C PHE XB 107 -79.43 -104.13 -50.10
N TYR XB 108 -78.47 -103.29 -50.51
CA TYR XB 108 -77.10 -103.76 -50.61
C TYR XB 108 -76.54 -104.16 -49.25
N LEU XB 109 -76.80 -103.36 -48.22
CA LEU XB 109 -76.25 -103.63 -46.91
C LEU XB 109 -76.98 -104.82 -46.27
N ASN XB 110 -76.22 -105.81 -45.85
CA ASN XB 110 -76.76 -106.98 -45.15
C ASN XB 110 -75.69 -107.54 -44.23
N GLU XB 111 -75.96 -108.70 -43.64
CA GLU XB 111 -75.03 -109.27 -42.67
C GLU XB 111 -73.65 -109.48 -43.27
N ALA XB 112 -73.59 -110.03 -44.48
CA ALA XB 112 -72.29 -110.32 -45.08
C ALA XB 112 -71.48 -109.04 -45.28
N LEU XB 113 -72.12 -107.98 -45.80
CA LEU XB 113 -71.40 -106.73 -46.00
C LEU XB 113 -70.92 -106.16 -44.67
N TYR XB 114 -71.77 -106.22 -43.64
CA TYR XB 114 -71.37 -105.68 -42.34
C TYR XB 114 -70.18 -106.45 -41.78
N GLY XB 115 -70.20 -107.78 -41.89
CA GLY XB 115 -69.05 -108.56 -41.47
C GLY XB 115 -67.79 -108.18 -42.22
N LYS XB 116 -67.91 -107.99 -43.54
CA LYS XB 116 -66.76 -107.61 -44.33
C LYS XB 116 -66.21 -106.25 -43.91
N LEU XB 117 -67.10 -105.27 -43.71
CA LEU XB 117 -66.65 -103.94 -43.31
C LEU XB 117 -65.96 -103.97 -41.95
N ILE XB 118 -66.52 -104.73 -41.00
CA ILE XB 118 -65.88 -104.83 -39.69
C ILE XB 118 -64.49 -105.42 -39.83
N GLY XB 119 -64.27 -106.21 -40.88
CA GLY XB 119 -62.96 -106.79 -41.12
C GLY XB 119 -62.01 -105.87 -41.87
N TRP XB 120 -62.29 -104.57 -41.88
CA TRP XB 120 -61.44 -103.58 -42.57
C TRP XB 120 -61.21 -103.95 -44.03
N GLU XB 121 -62.12 -104.70 -44.63
CA GLU XB 121 -62.02 -105.11 -46.02
C GLU XB 121 -62.68 -104.06 -46.90
N SER XB 122 -61.96 -103.61 -47.92
CA SER XB 122 -62.43 -102.55 -48.80
C SER XB 122 -62.23 -102.89 -50.26
N ALA YB 1 -103.55 -76.33 -30.58
CA ALA YB 1 -103.81 -77.78 -30.78
C ALA YB 1 -104.80 -78.00 -31.92
N LEU YB 2 -104.46 -77.48 -33.10
CA LEU YB 2 -105.35 -77.59 -34.24
C LEU YB 2 -105.52 -79.05 -34.67
N GLY YB 3 -104.47 -79.85 -34.54
CA GLY YB 3 -104.47 -81.23 -34.98
C GLY YB 3 -103.26 -81.56 -35.83
N ASP YB 4 -103.15 -82.86 -36.16
CA ASP YB 4 -101.99 -83.35 -36.90
C ASP YB 4 -102.05 -82.94 -38.36
N THR YB 5 -103.23 -82.62 -38.88
CA THR YB 5 -103.38 -82.23 -40.28
C THR YB 5 -104.18 -80.94 -40.37
N LEU YB 6 -103.84 -80.13 -41.38
CA LEU YB 6 -104.56 -78.91 -41.69
C LEU YB 6 -104.98 -78.97 -43.15
N THR YB 7 -106.24 -78.64 -43.41
CA THR YB 7 -106.78 -78.67 -44.76
C THR YB 7 -106.85 -77.26 -45.32
N ILE YB 8 -106.31 -77.09 -46.52
CA ILE YB 8 -106.40 -75.85 -47.27
C ILE YB 8 -107.13 -76.16 -48.58
N THR YB 9 -108.18 -75.40 -48.87
CA THR YB 9 -109.04 -75.63 -50.02
C THR YB 9 -108.88 -74.46 -50.99
N LEU YB 10 -108.05 -74.65 -52.00
CA LEU YB 10 -107.84 -73.60 -53.00
C LEU YB 10 -109.14 -73.34 -53.74
N GLY YB 11 -109.30 -72.09 -54.18
CA GLY YB 11 -110.53 -71.69 -54.84
C GLY YB 11 -111.75 -71.66 -53.96
N GLY YB 12 -111.61 -71.21 -52.70
CA GLY YB 12 -112.77 -71.10 -51.85
C GLY YB 12 -113.33 -72.46 -51.49
N SER YB 13 -114.65 -72.52 -51.38
CA SER YB 13 -115.34 -73.77 -51.09
C SER YB 13 -115.59 -74.61 -52.33
N GLY YB 14 -115.07 -74.21 -53.49
CA GLY YB 14 -115.32 -74.97 -54.70
C GLY YB 14 -114.75 -76.38 -54.64
N GLY YB 15 -113.49 -76.50 -54.22
CA GLY YB 15 -112.84 -77.79 -54.19
C GLY YB 15 -111.34 -77.63 -54.07
N THR YB 16 -110.62 -78.65 -54.56
CA THR YB 16 -109.16 -78.67 -54.55
C THR YB 16 -108.61 -78.59 -53.11
N ALA YB 17 -108.96 -79.62 -52.35
CA ALA YB 17 -108.52 -79.69 -50.96
C ALA YB 17 -107.12 -80.29 -50.87
N LYS YB 18 -106.33 -79.75 -49.95
CA LYS YB 18 -104.96 -80.22 -49.70
C LYS YB 18 -104.73 -80.27 -48.20
N VAL YB 19 -104.11 -81.35 -47.74
CA VAL YB 19 -103.91 -81.59 -46.31
C VAL YB 19 -102.43 -81.42 -45.97
N LEU YB 20 -102.15 -80.55 -45.01
CA LEU YB 20 -100.78 -80.26 -44.61
C LEU YB 20 -100.49 -80.90 -43.25
N ARG YB 21 -99.36 -81.59 -43.16
CA ARG YB 21 -98.93 -82.29 -41.96
C ARG YB 21 -98.13 -81.36 -41.06
N LYS YB 22 -98.13 -81.66 -39.76
CA LYS YB 22 -97.27 -80.93 -38.84
C LYS YB 22 -95.79 -81.20 -39.11
N ILE YB 23 -94.98 -80.17 -38.91
CA ILE YB 23 -93.53 -80.27 -39.09
C ILE YB 23 -92.73 -79.76 -37.89
N ASN YB 24 -93.28 -78.92 -37.04
CA ASN YB 24 -92.47 -78.26 -36.02
C ASN YB 24 -93.42 -77.59 -35.03
N GLN YB 25 -92.92 -77.33 -33.82
CA GLN YB 25 -93.66 -76.54 -32.84
C GLN YB 25 -92.66 -75.99 -31.83
N ASP YB 26 -92.54 -74.67 -31.78
CA ASP YB 26 -91.59 -74.03 -30.88
C ASP YB 26 -92.10 -72.65 -30.50
N GLY YB 27 -92.14 -72.38 -29.19
CA GLY YB 27 -92.49 -71.05 -28.72
C GLY YB 27 -93.87 -70.57 -29.12
N TYR YB 28 -94.89 -71.41 -28.92
CA TYR YB 28 -96.27 -71.03 -29.23
C TYR YB 28 -96.48 -70.81 -30.72
N THR YB 29 -95.64 -71.43 -31.53
CA THR YB 29 -95.68 -71.29 -32.98
C THR YB 29 -95.76 -72.67 -33.61
N SER YB 30 -96.50 -72.78 -34.72
CA SER YB 30 -96.61 -74.02 -35.45
C SER YB 30 -96.33 -73.77 -36.93
N GLU YB 31 -95.90 -74.83 -37.63
CA GLU YB 31 -95.58 -74.77 -39.04
C GLU YB 31 -96.06 -76.06 -39.70
N TYR YB 32 -96.60 -75.93 -40.91
CA TYR YB 32 -97.14 -77.06 -41.65
C TYR YB 32 -96.52 -77.08 -43.03
N TYR YB 33 -96.49 -78.26 -43.66
CA TYR YB 33 -95.81 -78.40 -44.94
C TYR YB 33 -96.42 -79.54 -45.75
N LEU YB 34 -96.23 -79.46 -47.07
CA LEU YB 34 -96.65 -80.48 -48.03
C LEU YB 34 -95.97 -80.24 -49.38
N PRO YB 35 -95.29 -81.23 -49.95
CA PRO YB 35 -94.71 -81.06 -51.28
C PRO YB 35 -95.58 -81.63 -52.40
N GLU YB 36 -95.31 -81.15 -53.61
CA GLU YB 36 -96.00 -81.57 -54.82
C GLU YB 36 -94.98 -81.71 -55.95
N THR YB 37 -95.43 -82.16 -57.11
CA THR YB 37 -94.52 -82.35 -58.24
C THR YB 37 -93.97 -81.03 -58.75
N SER YB 38 -94.77 -79.95 -58.72
CA SER YB 38 -94.30 -78.66 -59.20
C SER YB 38 -94.55 -77.54 -58.20
N SER YB 39 -94.89 -77.86 -56.95
CA SER YB 39 -95.09 -76.83 -55.94
C SER YB 39 -95.08 -77.50 -54.57
N SER YB 40 -95.18 -76.66 -53.55
CA SER YB 40 -95.24 -77.12 -52.17
C SER YB 40 -96.02 -76.11 -51.35
N PHE YB 41 -96.84 -76.61 -50.42
CA PHE YB 41 -97.69 -75.76 -49.59
C PHE YB 41 -97.24 -75.78 -48.14
N ARG YB 42 -97.10 -74.58 -47.57
CA ARG YB 42 -96.57 -74.40 -46.23
C ARG YB 42 -97.44 -73.42 -45.49
N ALA YB 43 -97.68 -73.69 -44.20
CA ALA YB 43 -98.49 -72.83 -43.37
C ALA YB 43 -97.83 -72.63 -42.01
N LYS YB 44 -98.12 -71.47 -41.40
CA LYS YB 44 -97.57 -71.04 -40.12
C LYS YB 44 -98.68 -70.50 -39.25
N VAL YB 45 -98.56 -70.71 -37.93
CA VAL YB 45 -99.39 -70.04 -36.94
C VAL YB 45 -98.48 -69.53 -35.84
N ARG YB 46 -98.65 -68.27 -35.44
CA ARG YB 46 -97.79 -67.64 -34.45
C ARG YB 46 -98.62 -66.83 -33.46
N HIS YB 47 -98.15 -66.77 -32.21
CA HIS YB 47 -98.70 -65.91 -31.17
C HIS YB 47 -97.58 -65.08 -30.55
N THR YB 48 -97.91 -63.89 -30.07
CA THR YB 48 -96.91 -62.99 -29.51
C THR YB 48 -97.55 -61.95 -28.60
N LYS YB 49 -96.74 -61.43 -27.67
CA LYS YB 49 -97.10 -60.32 -26.80
C LYS YB 49 -96.04 -59.22 -26.97
N GLU YB 50 -96.48 -57.98 -27.19
CA GLU YB 50 -95.52 -56.90 -27.35
C GLU YB 50 -94.75 -56.64 -26.07
N SER YB 51 -93.67 -55.86 -26.21
CA SER YB 51 -92.90 -55.42 -25.05
C SER YB 51 -93.75 -54.54 -24.15
N VAL YB 52 -93.60 -54.74 -22.84
CA VAL YB 52 -94.29 -53.90 -21.87
C VAL YB 52 -93.53 -52.59 -21.73
N LYS YB 53 -94.28 -51.51 -21.60
CA LYS YB 53 -93.72 -50.18 -21.37
C LYS YB 53 -94.43 -49.56 -20.18
N PRO YB 54 -93.78 -48.65 -19.46
CA PRO YB 54 -94.44 -48.01 -18.32
C PRO YB 54 -95.71 -47.29 -18.75
N ASN YB 55 -96.77 -47.48 -17.96
CA ASN YB 55 -98.07 -46.85 -18.10
C ASN YB 55 -98.56 -46.67 -19.54
N GLN YB 56 -98.46 -47.75 -20.34
CA GLN YB 56 -99.30 -47.95 -21.52
C GLN YB 56 -99.97 -49.32 -21.41
N VAL YB 57 -101.03 -49.51 -22.20
CA VAL YB 57 -101.79 -50.75 -22.15
C VAL YB 57 -101.07 -51.88 -22.87
N GLN YB 58 -101.10 -53.07 -22.27
CA GLN YB 58 -100.49 -54.25 -22.87
C GLN YB 58 -101.44 -54.93 -23.87
N TYR YB 59 -100.84 -55.54 -24.90
CA TYR YB 59 -101.55 -56.02 -26.09
C TYR YB 59 -101.05 -57.41 -26.47
N GLU YB 60 -101.80 -58.08 -27.35
CA GLU YB 60 -101.35 -59.35 -27.94
C GLU YB 60 -101.75 -59.41 -29.42
N ARG YB 61 -100.98 -60.20 -30.18
CA ARG YB 61 -101.16 -60.33 -31.63
C ARG YB 61 -101.42 -61.79 -31.99
N HIS YB 62 -102.24 -62.02 -33.02
CA HIS YB 62 -102.37 -63.33 -33.66
C HIS YB 62 -102.38 -63.18 -35.18
N ASN YB 63 -101.80 -64.18 -35.86
CA ASN YB 63 -101.72 -64.15 -37.32
C ASN YB 63 -101.55 -65.57 -37.84
N VAL YB 64 -101.98 -65.78 -39.09
CA VAL YB 64 -101.80 -67.05 -39.79
C VAL YB 64 -101.31 -66.76 -41.20
N GLU YB 65 -100.30 -67.52 -41.65
CA GLU YB 65 -99.63 -67.29 -42.92
C GLU YB 65 -99.81 -68.49 -43.83
N PHE YB 66 -100.21 -68.24 -45.07
CA PHE YB 66 -100.16 -69.24 -46.15
C PHE YB 66 -99.16 -68.79 -47.20
N THR YB 67 -98.31 -69.72 -47.62
CA THR YB 67 -97.27 -69.46 -48.62
C THR YB 67 -97.27 -70.57 -49.64
N GLU YB 68 -97.13 -70.20 -50.91
CA GLU YB 68 -97.07 -71.14 -52.03
C GLU YB 68 -95.91 -70.76 -52.94
N THR YB 69 -95.05 -71.73 -53.23
CA THR YB 69 -93.84 -71.50 -54.00
C THR YB 69 -93.81 -72.42 -55.21
N VAL YB 70 -93.45 -71.87 -56.36
CA VAL YB 70 -93.43 -72.58 -57.63
C VAL YB 70 -91.98 -72.74 -58.07
N TYR YB 71 -91.56 -73.97 -58.32
CA TYR YB 71 -90.17 -74.21 -58.67
C TYR YB 71 -89.84 -73.67 -60.06
N ALA YB 72 -88.57 -73.29 -60.22
CA ALA YB 72 -88.12 -72.71 -61.47
C ALA YB 72 -88.26 -73.70 -62.61
N SER YB 73 -88.77 -73.21 -63.74
CA SER YB 73 -88.94 -74.02 -64.94
C SER YB 73 -88.50 -73.19 -66.14
N GLY YB 74 -87.75 -73.84 -67.04
CA GLY YB 74 -87.24 -73.13 -68.19
C GLY YB 74 -86.39 -71.95 -67.75
N SER YB 75 -86.62 -70.79 -68.39
CA SER YB 75 -85.92 -69.57 -68.01
C SER YB 75 -86.62 -68.81 -66.89
N THR YB 76 -87.82 -69.22 -66.48
CA THR YB 76 -88.55 -68.53 -65.44
C THR YB 76 -88.00 -68.91 -64.07
N PRO YB 77 -87.54 -67.95 -63.26
CA PRO YB 77 -87.07 -68.31 -61.91
C PRO YB 77 -88.24 -68.64 -60.98
N GLU YB 78 -87.90 -69.24 -59.85
CA GLU YB 78 -88.90 -69.59 -58.86
C GLU YB 78 -89.50 -68.35 -58.22
N PHE YB 79 -90.73 -68.48 -57.76
CA PHE YB 79 -91.44 -67.38 -57.11
C PHE YB 79 -92.45 -67.96 -56.13
N VAL YB 80 -93.09 -67.08 -55.37
CA VAL YB 80 -93.97 -67.47 -54.26
C VAL YB 80 -95.27 -66.68 -54.34
N ARG YB 81 -96.31 -67.25 -53.75
CA ARG YB 81 -97.58 -66.57 -53.51
C ARG YB 81 -97.90 -66.69 -52.02
N GLN YB 82 -98.24 -65.55 -51.40
CA GLN YB 82 -98.37 -65.45 -49.96
C GLN YB 82 -99.64 -64.69 -49.61
N ALA YB 83 -100.21 -65.01 -48.44
CA ALA YB 83 -101.41 -64.33 -47.96
C ALA YB 83 -101.56 -64.61 -46.47
N TYR YB 84 -101.80 -63.56 -45.67
CA TYR YB 84 -101.84 -63.73 -44.23
C TYR YB 84 -102.73 -62.66 -43.62
N VAL YB 85 -103.16 -62.92 -42.38
CA VAL YB 85 -104.01 -62.02 -41.60
C VAL YB 85 -103.38 -61.85 -40.23
N VAL YB 86 -103.69 -60.72 -39.59
CA VAL YB 86 -103.15 -60.37 -38.27
C VAL YB 86 -104.27 -59.79 -37.41
N ILE YB 87 -104.16 -59.99 -36.11
CA ILE YB 87 -105.11 -59.46 -35.13
C ILE YB 87 -104.32 -58.90 -33.97
N ARG YB 88 -104.69 -57.70 -33.49
CA ARG YB 88 -104.11 -57.16 -32.28
C ARG YB 88 -105.20 -56.55 -31.40
N HIS YB 89 -105.16 -56.89 -30.12
CA HIS YB 89 -106.13 -56.41 -29.15
C HIS YB 89 -105.48 -56.41 -27.77
N LYS YB 90 -106.05 -55.61 -26.88
CA LYS YB 90 -105.49 -55.46 -25.54
C LYS YB 90 -105.62 -56.75 -24.73
N VAL YB 91 -104.64 -57.01 -23.88
CA VAL YB 91 -104.69 -58.19 -23.02
C VAL YB 91 -105.87 -58.08 -22.07
N GLY YB 92 -106.64 -59.16 -21.95
CA GLY YB 92 -107.75 -59.23 -21.04
C GLY YB 92 -109.08 -58.75 -21.57
N ASP YB 93 -109.17 -58.35 -22.84
CA ASP YB 93 -110.43 -57.86 -23.38
C ASP YB 93 -111.42 -59.01 -23.59
N VAL YB 94 -112.70 -58.65 -23.65
CA VAL YB 94 -113.74 -59.64 -23.93
C VAL YB 94 -113.53 -60.23 -25.31
N SER YB 95 -113.57 -61.56 -25.40
CA SER YB 95 -113.20 -62.24 -26.64
C SER YB 95 -114.28 -62.16 -27.70
N ALA YB 96 -115.54 -62.03 -27.31
CA ALA YB 96 -116.63 -62.07 -28.29
C ALA YB 96 -116.52 -60.93 -29.30
N THR YB 97 -116.27 -59.72 -28.83
CA THR YB 97 -116.15 -58.59 -29.75
C THR YB 97 -114.88 -58.69 -30.58
N VAL YB 98 -113.77 -59.12 -29.97
CA VAL YB 98 -112.53 -59.28 -30.72
C VAL YB 98 -112.71 -60.33 -31.81
N SER YB 99 -113.65 -61.26 -31.63
CA SER YB 99 -113.95 -62.23 -32.66
C SER YB 99 -114.87 -61.66 -33.74
N ASP YB 100 -115.92 -60.95 -33.32
CA ASP YB 100 -116.86 -60.39 -34.29
C ASP YB 100 -116.15 -59.42 -35.23
N LEU YB 101 -115.30 -58.56 -34.69
CA LEU YB 101 -114.29 -57.93 -35.50
C LEU YB 101 -113.27 -58.99 -35.91
N GLY YB 102 -112.87 -58.97 -37.16
CA GLY YB 102 -112.14 -60.11 -37.72
C GLY YB 102 -113.07 -61.05 -38.46
N GLU YB 103 -114.15 -61.49 -37.82
CA GLU YB 103 -115.16 -62.23 -38.56
C GLU YB 103 -115.80 -61.34 -39.63
N ALA YB 104 -116.03 -60.07 -39.30
CA ALA YB 104 -116.51 -59.12 -40.29
C ALA YB 104 -115.52 -59.00 -41.45
N LEU YB 105 -114.24 -58.90 -41.13
CA LEU YB 105 -113.22 -58.82 -42.19
C LEU YB 105 -113.28 -60.04 -43.09
N SER YB 106 -113.37 -61.23 -42.49
CA SER YB 106 -113.43 -62.45 -43.28
C SER YB 106 -114.67 -62.46 -44.17
N PHE YB 107 -115.80 -62.00 -43.63
CA PHE YB 107 -117.03 -61.96 -44.41
C PHE YB 107 -116.91 -60.99 -45.58
N TYR YB 108 -116.25 -59.85 -45.36
CA TYR YB 108 -116.15 -58.83 -46.41
C TYR YB 108 -115.38 -59.35 -47.61
N LEU YB 109 -114.22 -59.97 -47.36
CA LEU YB 109 -113.37 -60.44 -48.44
C LEU YB 109 -114.05 -61.57 -49.21
N ASN YB 110 -113.98 -61.50 -50.53
CA ASN YB 110 -114.60 -62.52 -51.39
C ASN YB 110 -113.95 -62.43 -52.77
N GLU YB 111 -114.38 -63.32 -53.67
CA GLU YB 111 -113.72 -63.41 -54.97
C GLU YB 111 -113.85 -62.10 -55.75
N ALA YB 112 -115.04 -61.51 -55.76
CA ALA YB 112 -115.23 -60.27 -56.49
C ALA YB 112 -114.30 -59.18 -55.99
N LEU YB 113 -114.29 -58.96 -54.67
CA LEU YB 113 -113.43 -57.94 -54.10
C LEU YB 113 -111.96 -58.28 -54.31
N TYR YB 114 -111.60 -59.56 -54.21
CA TYR YB 114 -110.21 -59.95 -54.41
C TYR YB 114 -109.75 -59.58 -55.82
N GLY YB 115 -110.52 -59.99 -56.83
CA GLY YB 115 -110.16 -59.67 -58.19
C GLY YB 115 -110.16 -58.19 -58.46
N LYS YB 116 -111.12 -57.47 -57.87
CA LYS YB 116 -111.21 -56.03 -58.06
C LYS YB 116 -110.13 -55.27 -57.31
N LEU YB 117 -109.48 -55.93 -56.34
CA LEU YB 117 -108.41 -55.31 -55.55
C LEU YB 117 -107.04 -55.56 -56.16
N ILE YB 118 -106.81 -56.74 -56.72
CA ILE YB 118 -105.51 -56.98 -57.36
C ILE YB 118 -105.33 -56.05 -58.55
N GLY YB 119 -106.41 -55.41 -59.01
CA GLY YB 119 -106.30 -54.44 -60.08
C GLY YB 119 -105.83 -53.06 -59.65
N TRP YB 120 -105.24 -52.95 -58.47
CA TRP YB 120 -104.71 -51.69 -57.91
C TRP YB 120 -105.81 -50.69 -57.63
N GLU YB 121 -107.08 -51.09 -57.74
CA GLU YB 121 -108.19 -50.23 -57.35
C GLU YB 121 -108.12 -49.93 -55.86
N SER YB 122 -108.35 -48.67 -55.50
CA SER YB 122 -108.35 -48.26 -54.10
C SER YB 122 -109.68 -47.62 -53.73
N ALA ZB 1 -95.38 -87.05 -25.19
CA ALA ZB 1 -96.20 -88.18 -25.72
C ALA ZB 1 -97.45 -88.40 -24.87
N LEU ZB 2 -97.67 -87.51 -23.88
CA LEU ZB 2 -98.85 -87.66 -23.03
C LEU ZB 2 -100.13 -87.54 -23.85
N GLY ZB 3 -100.18 -86.57 -24.75
CA GLY ZB 3 -101.38 -86.32 -25.54
C GLY ZB 3 -101.73 -84.85 -25.53
N ASP ZB 4 -102.42 -84.41 -26.58
CA ASP ZB 4 -102.77 -82.99 -26.71
C ASP ZB 4 -103.86 -82.57 -25.74
N THR ZB 5 -104.61 -83.51 -25.17
CA THR ZB 5 -105.69 -83.21 -24.25
C THR ZB 5 -105.38 -83.78 -22.88
N LEU ZB 6 -105.43 -82.93 -21.86
CA LEU ZB 6 -105.22 -83.32 -20.48
C LEU ZB 6 -106.48 -83.02 -19.69
N THR ZB 7 -107.00 -84.02 -19.01
CA THR ZB 7 -108.26 -83.90 -18.27
C THR ZB 7 -107.99 -83.85 -16.78
N ILE ZB 8 -108.51 -82.82 -16.14
CA ILE ZB 8 -108.43 -82.65 -14.69
C ILE ZB 8 -109.85 -82.76 -14.15
N THR ZB 9 -110.08 -83.74 -13.27
CA THR ZB 9 -111.41 -83.98 -12.70
C THR ZB 9 -111.46 -83.29 -11.36
N LEU ZB 10 -111.75 -81.98 -11.40
CA LEU ZB 10 -111.79 -81.16 -10.20
C LEU ZB 10 -112.89 -81.69 -9.28
N GLY ZB 11 -112.50 -82.35 -8.19
CA GLY ZB 11 -113.45 -82.99 -7.31
C GLY ZB 11 -113.21 -84.47 -7.12
N GLY ZB 12 -112.03 -84.95 -7.50
CA GLY ZB 12 -111.74 -86.37 -7.38
C GLY ZB 12 -112.71 -87.16 -8.24
N SER ZB 13 -113.27 -88.22 -7.66
CA SER ZB 13 -114.25 -89.03 -8.37
C SER ZB 13 -115.61 -88.33 -8.35
N GLY ZB 14 -116.26 -88.31 -9.51
CA GLY ZB 14 -117.55 -87.65 -9.61
C GLY ZB 14 -117.52 -86.15 -9.48
N GLY ZB 15 -116.39 -85.51 -9.77
CA GLY ZB 15 -116.25 -84.08 -9.65
C GLY ZB 15 -116.64 -83.36 -10.94
N THR ZB 16 -116.28 -82.07 -10.99
CA THR ZB 16 -116.45 -81.27 -12.19
C THR ZB 16 -115.27 -81.53 -13.13
N ALA ZB 17 -115.59 -81.83 -14.39
CA ALA ZB 17 -114.57 -82.18 -15.37
C ALA ZB 17 -114.19 -80.96 -16.20
N LYS ZB 18 -112.88 -80.69 -16.28
CA LYS ZB 18 -112.35 -79.63 -17.13
C LYS ZB 18 -111.34 -80.24 -18.09
N VAL ZB 19 -111.25 -79.67 -19.29
CA VAL ZB 19 -110.37 -80.18 -20.34
C VAL ZB 19 -109.29 -79.14 -20.61
N LEU ZB 20 -108.04 -79.58 -20.57
CA LEU ZB 20 -106.88 -78.74 -20.87
C LEU ZB 20 -106.32 -79.13 -22.23
N ARG ZB 21 -105.84 -78.14 -22.98
CA ARG ZB 21 -105.36 -78.32 -24.34
C ARG ZB 21 -103.88 -78.01 -24.42
N LYS ZB 22 -103.14 -78.85 -25.14
CA LYS ZB 22 -101.70 -78.61 -25.33
C LYS ZB 22 -101.48 -77.32 -26.11
N ILE ZB 23 -100.50 -76.53 -25.69
CA ILE ZB 23 -100.15 -75.31 -26.42
C ILE ZB 23 -98.66 -75.16 -26.66
N ASN ZB 24 -97.78 -75.84 -25.94
CA ASN ZB 24 -96.36 -75.73 -26.20
C ASN ZB 24 -95.61 -76.81 -25.42
N GLN ZB 25 -94.50 -77.26 -25.99
CA GLN ZB 25 -93.59 -78.18 -25.30
C GLN ZB 25 -92.27 -78.20 -26.06
N ASP ZB 26 -91.23 -77.57 -25.51
CA ASP ZB 26 -89.97 -77.40 -26.22
C ASP ZB 26 -88.80 -78.07 -25.53
N GLY ZB 27 -88.51 -77.72 -24.27
CA GLY ZB 27 -87.31 -78.21 -23.63
C GLY ZB 27 -87.54 -79.39 -22.71
N TYR ZB 28 -88.02 -80.50 -23.27
CA TYR ZB 28 -88.34 -81.70 -22.51
C TYR ZB 28 -89.50 -81.46 -21.54
N THR ZB 29 -90.22 -80.36 -21.72
CA THR ZB 29 -91.29 -79.94 -20.83
C THR ZB 29 -92.55 -79.70 -21.65
N SER ZB 30 -93.70 -79.86 -21.02
CA SER ZB 30 -94.98 -79.62 -21.68
C SER ZB 30 -95.92 -78.90 -20.72
N GLU ZB 31 -96.89 -78.17 -21.30
CA GLU ZB 31 -97.81 -77.40 -20.49
C GLU ZB 31 -99.11 -77.17 -21.24
N TYR ZB 32 -100.19 -76.98 -20.48
CA TYR ZB 32 -101.55 -76.91 -21.01
C TYR ZB 32 -102.22 -75.64 -20.49
N TYR ZB 33 -103.26 -75.19 -21.20
CA TYR ZB 33 -103.94 -73.95 -20.86
C TYR ZB 33 -105.42 -74.05 -21.21
N LEU ZB 34 -106.26 -73.37 -20.41
CA LEU ZB 34 -107.69 -73.27 -20.65
C LEU ZB 34 -108.28 -72.06 -19.93
N PRO ZB 35 -108.80 -71.05 -20.64
CA PRO ZB 35 -109.41 -69.91 -19.96
C PRO ZB 35 -110.91 -70.07 -19.72
N GLU ZB 36 -111.39 -69.33 -18.72
CA GLU ZB 36 -112.81 -69.27 -18.39
C GLU ZB 36 -113.16 -67.81 -18.12
N THR ZB 37 -114.38 -67.57 -17.65
CA THR ZB 37 -114.83 -66.20 -17.42
C THR ZB 37 -114.00 -65.51 -16.35
N SER ZB 38 -113.75 -66.19 -15.22
CA SER ZB 38 -113.13 -65.55 -14.07
C SER ZB 38 -111.85 -66.24 -13.59
N SER ZB 39 -111.45 -67.34 -14.22
CA SER ZB 39 -110.25 -68.04 -13.79
C SER ZB 39 -109.72 -68.85 -14.97
N SER ZB 40 -108.51 -69.36 -14.81
CA SER ZB 40 -107.83 -70.09 -15.86
C SER ZB 40 -107.06 -71.24 -15.23
N PHE ZB 41 -106.81 -72.27 -16.04
CA PHE ZB 41 -106.08 -73.45 -15.60
C PHE ZB 41 -104.83 -73.65 -16.45
N ARG ZB 42 -103.76 -74.08 -15.79
CA ARG ZB 42 -102.49 -74.35 -16.44
C ARG ZB 42 -101.91 -75.61 -15.83
N ALA ZB 43 -101.31 -76.46 -16.67
CA ALA ZB 43 -100.62 -77.66 -16.22
C ALA ZB 43 -99.19 -77.61 -16.75
N LYS ZB 44 -98.26 -78.11 -15.95
CA LYS ZB 44 -96.85 -78.15 -16.30
C LYS ZB 44 -96.35 -79.58 -16.08
N VAL ZB 45 -95.49 -80.05 -16.98
CA VAL ZB 45 -94.77 -81.30 -16.79
C VAL ZB 45 -93.31 -81.05 -17.11
N ARG ZB 46 -92.43 -81.36 -16.17
CA ARG ZB 46 -91.00 -81.13 -16.33
C ARG ZB 46 -90.24 -82.39 -15.98
N HIS ZB 47 -89.13 -82.61 -16.70
CA HIS ZB 47 -88.13 -83.62 -16.37
C HIS ZB 47 -86.76 -82.96 -16.37
N THR ZB 48 -85.93 -83.33 -15.41
CA THR ZB 48 -84.61 -82.72 -15.28
C THR ZB 48 -83.60 -83.76 -14.82
N LYS ZB 49 -82.33 -83.38 -14.94
CA LYS ZB 49 -81.19 -84.20 -14.54
C LYS ZB 49 -80.34 -83.39 -13.58
N GLU ZB 50 -80.10 -83.92 -12.39
CA GLU ZB 50 -79.35 -83.17 -11.39
C GLU ZB 50 -77.89 -83.02 -11.78
N SER ZB 51 -77.22 -82.07 -11.13
CA SER ZB 51 -75.84 -81.77 -11.48
C SER ZB 51 -74.96 -82.99 -11.31
N VAL ZB 52 -74.14 -83.26 -12.33
CA VAL ZB 52 -73.23 -84.40 -12.27
C VAL ZB 52 -72.03 -84.04 -11.40
N LYS ZB 53 -71.59 -85.01 -10.61
CA LYS ZB 53 -70.42 -84.85 -9.75
C LYS ZB 53 -69.52 -86.07 -9.89
N PRO ZB 54 -68.21 -85.92 -9.67
CA PRO ZB 54 -67.33 -87.07 -9.72
C PRO ZB 54 -67.68 -88.05 -8.62
N ASN ZB 55 -67.36 -89.33 -8.86
CA ASN ZB 55 -67.50 -90.42 -7.91
C ASN ZB 55 -68.74 -90.28 -7.03
N GLN ZB 56 -69.90 -90.05 -7.66
CA GLN ZB 56 -71.17 -89.97 -6.97
C GLN ZB 56 -72.25 -90.65 -7.81
N VAL ZB 57 -73.35 -91.03 -7.16
CA VAL ZB 57 -74.51 -91.57 -7.85
C VAL ZB 57 -75.28 -90.45 -8.52
N GLN ZB 58 -75.89 -90.77 -9.65
CA GLN ZB 58 -76.48 -89.80 -10.55
C GLN ZB 58 -78.01 -89.96 -10.55
N TYR ZB 59 -78.72 -88.84 -10.42
CA TYR ZB 59 -80.15 -88.84 -10.11
C TYR ZB 59 -80.96 -88.15 -11.20
N GLU ZB 60 -82.24 -88.53 -11.28
CA GLU ZB 60 -83.21 -87.91 -12.18
C GLU ZB 60 -84.44 -87.45 -11.39
N ARG ZB 61 -84.99 -86.30 -11.80
CA ARG ZB 61 -86.11 -85.66 -11.12
C ARG ZB 61 -87.23 -85.39 -12.11
N HIS ZB 62 -88.47 -85.67 -11.70
CA HIS ZB 62 -89.66 -85.36 -12.49
C HIS ZB 62 -90.63 -84.55 -11.65
N ASN ZB 63 -91.31 -83.58 -12.28
CA ASN ZB 63 -92.18 -82.66 -11.58
C ASN ZB 63 -93.49 -82.50 -12.34
N VAL ZB 64 -94.60 -82.38 -11.60
CA VAL ZB 64 -95.93 -82.16 -12.15
C VAL ZB 64 -96.62 -81.08 -11.32
N GLU ZB 65 -97.24 -80.11 -11.99
CA GLU ZB 65 -97.76 -78.92 -11.33
C GLU ZB 65 -99.13 -78.54 -11.88
N PHE ZB 66 -100.02 -78.11 -10.98
CA PHE ZB 66 -101.32 -77.57 -11.33
C PHE ZB 66 -101.43 -76.15 -10.78
N THR ZB 67 -101.95 -75.24 -11.58
CA THR ZB 67 -102.10 -73.84 -11.20
C THR ZB 67 -103.51 -73.36 -11.51
N GLU ZB 68 -104.04 -72.49 -10.66
CA GLU ZB 68 -105.33 -71.85 -10.88
C GLU ZB 68 -105.27 -70.41 -10.42
N THR ZB 69 -105.51 -69.48 -11.36
CA THR ZB 69 -105.46 -68.05 -11.07
C THR ZB 69 -106.86 -67.47 -11.24
N VAL ZB 70 -107.24 -66.59 -10.30
CA VAL ZB 70 -108.54 -65.94 -10.31
C VAL ZB 70 -108.34 -64.45 -10.52
N TYR ZB 71 -108.99 -63.91 -11.54
CA TYR ZB 71 -108.79 -62.52 -11.91
C TYR ZB 71 -109.36 -61.58 -10.85
N ALA ZB 72 -108.73 -60.40 -10.76
CA ALA ZB 72 -109.10 -59.45 -9.74
C ALA ZB 72 -110.53 -58.98 -9.93
N SER ZB 73 -111.25 -58.81 -8.81
CA SER ZB 73 -112.63 -58.37 -8.82
C SER ZB 73 -112.85 -57.41 -7.66
N GLY ZB 74 -113.31 -56.21 -7.96
CA GLY ZB 74 -113.54 -55.23 -6.91
C GLY ZB 74 -112.24 -54.92 -6.18
N SER ZB 75 -112.32 -54.91 -4.85
CA SER ZB 75 -111.15 -54.58 -4.04
C SER ZB 75 -110.16 -55.74 -3.99
N THR ZB 76 -110.62 -56.97 -4.11
CA THR ZB 76 -109.76 -58.13 -3.95
C THR ZB 76 -108.82 -58.29 -5.14
N PRO ZB 77 -107.50 -58.26 -4.95
CA PRO ZB 77 -106.59 -58.49 -6.07
C PRO ZB 77 -106.55 -59.96 -6.47
N GLU ZB 78 -106.02 -60.19 -7.68
CA GLU ZB 78 -105.88 -61.55 -8.18
C GLU ZB 78 -104.90 -62.35 -7.34
N PHE ZB 79 -105.18 -63.65 -7.20
CA PHE ZB 79 -104.35 -64.57 -6.45
C PHE ZB 79 -104.34 -65.90 -7.18
N VAL ZB 80 -103.69 -66.91 -6.59
CA VAL ZB 80 -103.42 -68.17 -7.29
C VAL ZB 80 -103.61 -69.33 -6.32
N ARG ZB 81 -103.90 -70.50 -6.89
CA ARG ZB 81 -103.90 -71.76 -6.14
C ARG ZB 81 -103.07 -72.77 -6.92
N GLN ZB 82 -102.20 -73.49 -6.21
CA GLN ZB 82 -101.16 -74.31 -6.82
C GLN ZB 82 -101.08 -75.65 -6.10
N ALA ZB 83 -100.57 -76.66 -6.79
CA ALA ZB 83 -100.31 -77.96 -6.18
C ALA ZB 83 -99.45 -78.79 -7.13
N TYR ZB 84 -98.32 -79.29 -6.62
CA TYR ZB 84 -97.37 -80.02 -7.46
C TYR ZB 84 -96.69 -81.12 -6.67
N VAL ZB 85 -96.11 -82.06 -7.42
CA VAL ZB 85 -95.40 -83.21 -6.86
C VAL ZB 85 -94.06 -83.36 -7.56
N VAL ZB 86 -93.14 -84.07 -6.89
CA VAL ZB 86 -91.83 -84.37 -7.42
C VAL ZB 86 -91.47 -85.79 -7.05
N ILE ZB 87 -90.94 -86.56 -8.02
CA ILE ZB 87 -90.48 -87.91 -7.80
C ILE ZB 87 -89.01 -87.97 -8.19
N ARG ZB 88 -88.18 -88.53 -7.32
CA ARG ZB 88 -86.73 -88.47 -7.48
C ARG ZB 88 -86.15 -89.87 -7.28
N HIS ZB 89 -85.34 -90.31 -8.24
CA HIS ZB 89 -84.76 -91.65 -8.22
C HIS ZB 89 -83.51 -91.67 -9.08
N LYS ZB 90 -82.63 -92.63 -8.80
CA LYS ZB 90 -81.33 -92.69 -9.43
C LYS ZB 90 -81.40 -93.36 -10.80
N VAL ZB 91 -80.42 -93.06 -11.64
CA VAL ZB 91 -80.39 -93.57 -13.00
C VAL ZB 91 -80.23 -95.08 -12.97
N GLY ZB 92 -80.96 -95.77 -13.86
CA GLY ZB 92 -80.87 -97.20 -13.96
C GLY ZB 92 -81.73 -97.98 -12.98
N ASP ZB 93 -82.46 -97.30 -12.10
CA ASP ZB 93 -83.27 -98.00 -11.11
C ASP ZB 93 -84.42 -98.75 -11.76
N VAL ZB 94 -84.96 -99.71 -11.02
CA VAL ZB 94 -86.11 -100.49 -11.49
C VAL ZB 94 -87.37 -99.63 -11.36
N SER ZB 95 -88.15 -99.57 -12.43
CA SER ZB 95 -89.25 -98.61 -12.51
C SER ZB 95 -90.39 -98.97 -11.57
N ALA ZB 96 -90.72 -100.25 -11.47
CA ALA ZB 96 -91.88 -100.65 -10.67
C ALA ZB 96 -91.71 -100.25 -9.22
N THR ZB 97 -90.53 -100.51 -8.65
CA THR ZB 97 -90.29 -100.17 -7.26
C THR ZB 97 -90.44 -98.67 -7.03
N VAL ZB 98 -89.87 -97.84 -7.91
CA VAL ZB 98 -89.94 -96.40 -7.70
C VAL ZB 98 -91.37 -95.92 -7.84
N SER ZB 99 -92.12 -96.44 -8.81
CA SER ZB 99 -93.52 -96.06 -8.91
C SER ZB 99 -94.30 -96.46 -7.67
N ASP ZB 100 -93.89 -97.55 -7.02
CA ASP ZB 100 -94.57 -98.00 -5.82
C ASP ZB 100 -94.61 -96.92 -4.73
N LEU ZB 101 -93.49 -96.23 -4.50
CA LEU ZB 101 -93.47 -95.20 -3.47
C LEU ZB 101 -94.42 -94.05 -3.80
N GLY ZB 102 -94.43 -93.64 -5.08
CA GLY ZB 102 -95.32 -92.55 -5.45
C GLY ZB 102 -96.78 -92.95 -5.33
N GLU ZB 103 -97.08 -94.20 -5.69
CA GLU ZB 103 -98.43 -94.72 -5.53
C GLU ZB 103 -98.85 -94.77 -4.07
N ALA ZB 104 -97.91 -95.12 -3.18
CA ALA ZB 104 -98.16 -95.05 -1.74
C ALA ZB 104 -98.50 -93.62 -1.30
N LEU ZB 105 -97.70 -92.65 -1.75
CA LEU ZB 105 -98.00 -91.25 -1.47
C LEU ZB 105 -99.38 -90.86 -1.97
N SER ZB 106 -99.72 -91.27 -3.19
CA SER ZB 106 -101.01 -90.92 -3.76
C SER ZB 106 -102.17 -91.52 -2.96
N PHE ZB 107 -102.02 -92.79 -2.53
CA PHE ZB 107 -103.06 -93.41 -1.72
C PHE ZB 107 -103.20 -92.74 -0.37
N TYR ZB 108 -102.08 -92.30 0.22
CA TYR ZB 108 -102.15 -91.68 1.53
C TYR ZB 108 -102.94 -90.36 1.49
N LEU ZB 109 -102.70 -89.54 0.47
CA LEU ZB 109 -103.37 -88.25 0.37
C LEU ZB 109 -104.82 -88.45 -0.08
N ASN ZB 110 -105.75 -87.90 0.70
CA ASN ZB 110 -107.17 -87.97 0.39
C ASN ZB 110 -107.85 -86.73 0.97
N GLU ZB 111 -109.17 -86.69 0.89
CA GLU ZB 111 -109.90 -85.51 1.33
C GLU ZB 111 -109.63 -85.19 2.80
N ALA ZB 112 -109.76 -86.19 3.66
CA ALA ZB 112 -109.60 -85.94 5.09
C ALA ZB 112 -108.20 -85.44 5.42
N LEU ZB 113 -107.17 -86.06 4.82
CA LEU ZB 113 -105.80 -85.63 5.08
C LEU ZB 113 -105.58 -84.21 4.60
N TYR ZB 114 -106.12 -83.85 3.43
CA TYR ZB 114 -106.02 -82.46 2.98
C TYR ZB 114 -106.68 -81.53 3.99
N GLY ZB 115 -107.84 -81.92 4.53
CA GLY ZB 115 -108.45 -81.13 5.56
C GLY ZB 115 -107.54 -80.92 6.76
N LYS ZB 116 -106.84 -81.99 7.18
CA LYS ZB 116 -105.91 -81.85 8.29
C LYS ZB 116 -104.80 -80.88 7.94
N LEU ZB 117 -104.19 -81.03 6.76
CA LEU ZB 117 -103.05 -80.20 6.39
C LEU ZB 117 -103.43 -78.72 6.34
N ILE ZB 118 -104.58 -78.40 5.76
CA ILE ZB 118 -105.00 -77.00 5.77
C ILE ZB 118 -105.21 -76.50 7.19
N GLY ZB 119 -105.38 -77.43 8.14
CA GLY ZB 119 -105.58 -77.08 9.54
C GLY ZB 119 -104.33 -76.79 10.34
N TRP ZB 120 -103.15 -76.82 9.72
CA TRP ZB 120 -101.88 -76.56 10.43
C TRP ZB 120 -101.62 -77.60 11.51
N GLU ZB 121 -101.80 -78.87 11.16
CA GLU ZB 121 -101.47 -79.97 12.05
C GLU ZB 121 -100.12 -80.56 11.67
N SER ZB 122 -99.25 -80.73 12.66
CA SER ZB 122 -97.92 -81.27 12.43
C SER ZB 122 -97.84 -82.67 12.99
N ALA AC 1 -112.21 -47.04 -58.14
CA ALA AC 1 -113.51 -46.64 -57.57
C ALA AC 1 -113.68 -47.16 -56.14
N LEU AC 2 -114.16 -48.39 -56.01
CA LEU AC 2 -114.40 -49.05 -54.73
C LEU AC 2 -115.65 -48.52 -54.02
N GLY AC 3 -116.39 -47.59 -54.63
CA GLY AC 3 -117.59 -47.06 -54.03
C GLY AC 3 -117.31 -45.96 -53.02
N ASP AC 4 -118.26 -45.04 -52.85
CA ASP AC 4 -118.09 -43.98 -51.85
C ASP AC 4 -118.32 -44.51 -50.44
N THR AC 5 -119.13 -45.56 -50.28
CA THR AC 5 -119.44 -46.11 -48.98
C THR AC 5 -118.96 -47.55 -48.88
N LEU AC 6 -118.49 -47.90 -47.68
CA LEU AC 6 -117.99 -49.23 -47.36
C LEU AC 6 -118.81 -49.77 -46.20
N THR AC 7 -119.27 -51.01 -46.32
CA THR AC 7 -120.13 -51.63 -45.33
C THR AC 7 -119.40 -52.76 -44.62
N ILE AC 8 -119.33 -52.68 -43.30
CA ILE AC 8 -118.77 -53.74 -42.47
C ILE AC 8 -119.85 -54.20 -41.50
N THR AC 9 -120.07 -55.51 -41.44
CA THR AC 9 -121.11 -56.11 -40.61
C THR AC 9 -120.43 -56.83 -39.44
N LEU AC 10 -120.46 -56.22 -38.26
CA LEU AC 10 -119.88 -56.85 -37.09
C LEU AC 10 -120.58 -58.16 -36.81
N GLY AC 11 -119.80 -59.19 -36.52
CA GLY AC 11 -120.35 -60.50 -36.25
C GLY AC 11 -120.68 -61.32 -37.47
N GLY AC 12 -120.13 -60.98 -38.63
CA GLY AC 12 -120.37 -61.75 -39.82
C GLY AC 12 -121.76 -61.53 -40.39
N SER AC 13 -122.17 -62.46 -41.24
CA SER AC 13 -123.45 -62.35 -41.91
C SER AC 13 -124.59 -62.28 -40.90
N GLY AC 14 -125.52 -61.36 -41.14
CA GLY AC 14 -126.68 -61.20 -40.29
C GLY AC 14 -126.48 -60.35 -39.06
N GLY AC 15 -125.35 -59.65 -38.95
CA GLY AC 15 -125.02 -58.89 -37.76
C GLY AC 15 -125.41 -57.42 -37.86
N THR AC 16 -124.69 -56.61 -37.08
CA THR AC 16 -124.90 -55.17 -37.03
C THR AC 16 -124.12 -54.49 -38.16
N ALA AC 17 -124.79 -53.63 -38.92
CA ALA AC 17 -124.20 -53.01 -40.09
C ALA AC 17 -123.69 -51.61 -39.78
N LYS AC 18 -122.49 -51.30 -40.29
CA LYS AC 18 -121.88 -49.99 -40.19
C LYS AC 18 -121.43 -49.57 -41.59
N VAL AC 19 -121.59 -48.28 -41.91
CA VAL AC 19 -121.34 -47.77 -43.25
C VAL AC 19 -120.36 -46.61 -43.16
N LEU AC 20 -119.17 -46.78 -43.73
CA LEU AC 20 -118.15 -45.74 -43.76
C LEU AC 20 -118.18 -45.01 -45.09
N ARG AC 21 -117.56 -43.83 -45.12
CA ARG AC 21 -117.57 -42.95 -46.28
C ARG AC 21 -116.18 -42.39 -46.53
N LYS AC 22 -115.89 -42.07 -47.79
CA LYS AC 22 -114.56 -41.61 -48.16
C LYS AC 22 -114.24 -40.26 -47.54
N ILE AC 23 -112.99 -40.09 -47.13
CA ILE AC 23 -112.51 -38.85 -46.55
C ILE AC 23 -111.22 -38.36 -47.19
N ASN AC 24 -110.44 -39.22 -47.84
CA ASN AC 24 -109.17 -38.82 -48.42
C ASN AC 24 -108.71 -39.90 -49.38
N GLN AC 25 -107.78 -39.53 -50.27
CA GLN AC 25 -107.12 -40.53 -51.11
C GLN AC 25 -105.75 -39.96 -51.50
N ASP AC 26 -104.70 -40.45 -50.85
CA ASP AC 26 -103.33 -40.00 -51.06
C ASP AC 26 -102.41 -41.19 -51.23
N GLY AC 27 -101.46 -41.07 -52.17
CA GLY AC 27 -100.42 -42.06 -52.33
C GLY AC 27 -100.94 -43.47 -52.55
N TYR AC 28 -101.93 -43.63 -53.41
CA TYR AC 28 -102.51 -44.93 -53.72
C TYR AC 28 -103.21 -45.54 -52.51
N THR AC 29 -103.47 -44.75 -51.48
CA THR AC 29 -104.13 -45.23 -50.27
C THR AC 29 -105.49 -44.56 -50.15
N SER AC 30 -106.45 -45.30 -49.62
CA SER AC 30 -107.77 -44.75 -49.34
C SER AC 30 -108.15 -45.09 -47.91
N GLU AC 31 -108.77 -44.13 -47.23
CA GLU AC 31 -109.11 -44.25 -45.82
C GLU AC 31 -110.53 -43.79 -45.59
N TYR AC 32 -111.27 -44.57 -44.79
CA TYR AC 32 -112.68 -44.33 -44.52
C TYR AC 32 -112.86 -44.09 -43.02
N TYR AC 33 -113.97 -43.47 -42.64
CA TYR AC 33 -114.15 -43.06 -41.25
C TYR AC 33 -115.63 -42.95 -40.92
N LEU AC 34 -115.95 -43.07 -39.63
CA LEU AC 34 -117.30 -42.82 -39.12
C LEU AC 34 -117.26 -42.64 -37.61
N PRO AC 35 -117.79 -41.54 -37.06
CA PRO AC 35 -117.73 -41.33 -35.61
C PRO AC 35 -118.97 -41.79 -34.85
N GLU AC 36 -118.79 -42.07 -33.56
CA GLU AC 36 -119.87 -42.41 -32.65
C GLU AC 36 -119.70 -41.62 -31.36
N THR AC 37 -120.66 -41.78 -30.45
CA THR AC 37 -120.57 -41.09 -29.17
C THR AC 37 -119.45 -41.67 -28.32
N SER AC 38 -119.20 -42.98 -28.41
CA SER AC 38 -118.16 -43.62 -27.61
C SER AC 38 -117.19 -44.46 -28.45
N SER AC 39 -117.27 -44.40 -29.77
CA SER AC 39 -116.36 -45.16 -30.61
C SER AC 39 -116.31 -44.52 -32.00
N SER AC 40 -115.50 -45.11 -32.87
CA SER AC 40 -115.36 -44.65 -34.24
C SER AC 40 -114.78 -45.80 -35.07
N PHE AC 41 -115.09 -45.80 -36.37
CA PHE AC 41 -114.64 -46.86 -37.27
C PHE AC 41 -113.87 -46.25 -38.42
N ARG AC 42 -112.69 -46.80 -38.70
CA ARG AC 42 -111.87 -46.39 -39.83
C ARG AC 42 -111.41 -47.63 -40.60
N ALA AC 43 -111.33 -47.49 -41.92
CA ALA AC 43 -110.84 -48.53 -42.80
C ALA AC 43 -109.88 -47.91 -43.80
N LYS AC 44 -108.76 -48.59 -44.06
CA LYS AC 44 -107.75 -48.07 -44.96
C LYS AC 44 -107.35 -49.15 -45.95
N VAL AC 45 -107.05 -48.74 -47.18
CA VAL AC 45 -106.57 -49.60 -48.24
C VAL AC 45 -105.30 -49.00 -48.79
N ARG AC 46 -104.27 -49.84 -48.98
CA ARG AC 46 -102.99 -49.36 -49.50
C ARG AC 46 -102.51 -50.30 -50.60
N HIS AC 47 -101.67 -49.74 -51.48
CA HIS AC 47 -100.92 -50.51 -52.47
C HIS AC 47 -99.48 -50.03 -52.48
N THR AC 48 -98.54 -50.97 -52.63
CA THR AC 48 -97.12 -50.65 -52.71
C THR AC 48 -96.41 -51.66 -53.61
N LYS AC 49 -95.30 -51.21 -54.18
CA LYS AC 49 -94.47 -52.01 -55.08
C LYS AC 49 -93.01 -51.86 -54.65
N GLU AC 50 -92.31 -52.98 -54.50
CA GLU AC 50 -90.91 -52.93 -54.09
C GLU AC 50 -90.01 -52.48 -55.24
N SER AC 51 -88.83 -51.97 -54.87
CA SER AC 51 -87.94 -51.35 -55.84
C SER AC 51 -87.29 -52.40 -56.73
N VAL AC 52 -86.90 -51.97 -57.93
CA VAL AC 52 -86.23 -52.86 -58.88
C VAL AC 52 -84.75 -52.92 -58.54
N LYS AC 53 -84.27 -54.11 -58.20
CA LYS AC 53 -82.87 -54.33 -57.89
C LYS AC 53 -82.36 -55.45 -58.76
N PRO AC 54 -81.05 -55.51 -59.00
CA PRO AC 54 -80.57 -56.03 -60.29
C PRO AC 54 -81.25 -57.29 -60.83
N ASN AC 55 -81.19 -58.43 -60.12
CA ASN AC 55 -81.68 -59.71 -60.68
C ASN AC 55 -82.52 -60.50 -59.67
N GLN AC 56 -83.83 -60.22 -59.62
CA GLN AC 56 -84.77 -60.93 -58.78
C GLN AC 56 -86.17 -60.73 -59.34
N VAL AC 57 -87.15 -61.43 -58.77
CA VAL AC 57 -88.53 -61.31 -59.22
C VAL AC 57 -89.16 -60.09 -58.56
N GLN AC 58 -89.79 -59.25 -59.36
CA GLN AC 58 -90.37 -58.01 -58.86
C GLN AC 58 -91.77 -58.27 -58.30
N TYR AC 59 -92.05 -57.66 -57.16
CA TYR AC 59 -93.20 -57.99 -56.32
C TYR AC 59 -94.01 -56.75 -55.99
N GLU AC 60 -95.26 -56.99 -55.58
CA GLU AC 60 -96.11 -55.93 -55.03
C GLU AC 60 -97.04 -56.56 -54.00
N ARG AC 61 -97.43 -55.77 -53.00
CA ARG AC 61 -98.20 -56.26 -51.87
C ARG AC 61 -99.48 -55.45 -51.71
N HIS AC 62 -100.57 -56.13 -51.35
CA HIS AC 62 -101.88 -55.53 -51.19
C HIS AC 62 -102.38 -55.77 -49.77
N ASN AC 63 -102.81 -54.72 -49.08
CA ASN AC 63 -103.27 -54.85 -47.71
C ASN AC 63 -104.49 -53.97 -47.44
N VAL AC 64 -105.37 -54.44 -46.57
CA VAL AC 64 -106.55 -53.70 -46.13
C VAL AC 64 -106.77 -53.96 -44.64
N GLU AC 65 -107.18 -52.93 -43.91
CA GLU AC 65 -107.27 -53.01 -42.45
C GLU AC 65 -108.58 -52.39 -41.97
N PHE AC 66 -109.11 -52.96 -40.88
CA PHE AC 66 -110.17 -52.36 -40.09
C PHE AC 66 -109.62 -51.96 -38.73
N THR AC 67 -110.11 -50.84 -38.20
CA THR AC 67 -109.65 -50.34 -36.91
C THR AC 67 -110.85 -49.81 -36.12
N GLU AC 68 -110.89 -50.11 -34.83
CA GLU AC 68 -111.90 -49.58 -33.92
C GLU AC 68 -111.19 -48.98 -32.71
N THR AC 69 -111.66 -47.81 -32.27
CA THR AC 69 -111.08 -47.11 -31.13
C THR AC 69 -112.19 -46.77 -30.14
N VAL AC 70 -111.87 -46.91 -28.85
CA VAL AC 70 -112.79 -46.60 -27.76
C VAL AC 70 -112.19 -45.46 -26.97
N TYR AC 71 -112.93 -44.36 -26.83
CA TYR AC 71 -112.42 -43.22 -26.09
C TYR AC 71 -112.38 -43.50 -24.61
N ALA AC 72 -111.42 -42.87 -23.93
CA ALA AC 72 -111.23 -43.11 -22.52
C ALA AC 72 -112.45 -42.68 -21.72
N SER AC 73 -112.87 -43.52 -20.79
CA SER AC 73 -114.01 -43.23 -19.93
C SER AC 73 -113.63 -43.61 -18.50
N GLY AC 74 -113.79 -42.67 -17.58
CA GLY AC 74 -113.39 -42.93 -16.20
C GLY AC 74 -111.91 -43.23 -16.13
N SER AC 75 -111.57 -44.28 -15.37
CA SER AC 75 -110.17 -44.67 -15.22
C SER AC 75 -109.61 -45.39 -16.44
N THR AC 76 -110.46 -46.10 -17.17
CA THR AC 76 -109.99 -46.88 -18.31
C THR AC 76 -109.44 -45.96 -19.40
N PRO AC 77 -108.19 -46.14 -19.86
CA PRO AC 77 -107.62 -45.22 -20.85
C PRO AC 77 -107.98 -45.60 -22.29
N GLU AC 78 -107.35 -44.92 -23.24
CA GLU AC 78 -107.59 -45.18 -24.66
C GLU AC 78 -107.17 -46.61 -25.01
N PHE AC 79 -107.90 -47.21 -25.95
CA PHE AC 79 -107.50 -48.51 -26.49
C PHE AC 79 -108.22 -48.71 -27.83
N VAL AC 80 -107.66 -49.60 -28.64
CA VAL AC 80 -108.08 -49.76 -30.04
C VAL AC 80 -108.16 -51.25 -30.36
N ARG AC 81 -108.83 -51.55 -31.46
CA ARG AC 81 -108.84 -52.89 -32.05
C ARG AC 81 -108.64 -52.79 -33.56
N GLN AC 82 -107.98 -53.80 -34.11
CA GLN AC 82 -107.68 -53.83 -35.54
C GLN AC 82 -107.69 -55.26 -36.04
N ALA AC 83 -107.79 -55.40 -37.36
CA ALA AC 83 -107.62 -56.68 -38.04
C ALA AC 83 -107.36 -56.41 -39.52
N TYR AC 84 -106.29 -56.99 -40.07
CA TYR AC 84 -105.87 -56.64 -41.43
C TYR AC 84 -105.32 -57.87 -42.15
N VAL AC 85 -105.38 -57.82 -43.47
CA VAL AC 85 -104.90 -58.89 -44.34
C VAL AC 85 -103.98 -58.28 -45.39
N VAL AC 86 -102.94 -59.04 -45.77
CA VAL AC 86 -101.96 -58.60 -46.75
C VAL AC 86 -101.77 -59.71 -47.78
N ILE AC 87 -101.57 -59.33 -49.04
CA ILE AC 87 -101.32 -60.27 -50.14
C ILE AC 87 -100.10 -59.81 -50.91
N ARG AC 88 -99.23 -60.75 -51.27
CA ARG AC 88 -98.01 -60.46 -52.01
C ARG AC 88 -97.86 -61.46 -53.15
N HIS AC 89 -97.56 -60.94 -54.34
CA HIS AC 89 -97.39 -61.74 -55.55
C HIS AC 89 -96.63 -60.91 -56.57
N LYS AC 90 -96.14 -61.57 -57.61
CA LYS AC 90 -95.28 -60.92 -58.59
C LYS AC 90 -96.09 -60.13 -59.60
N VAL AC 91 -95.40 -59.24 -60.32
CA VAL AC 91 -96.07 -58.25 -61.15
C VAL AC 91 -96.79 -58.93 -62.31
N GLY AC 92 -96.13 -59.85 -62.98
CA GLY AC 92 -96.71 -60.47 -64.15
C GLY AC 92 -97.45 -61.76 -63.87
N ASP AC 93 -97.79 -62.00 -62.61
CA ASP AC 93 -98.46 -63.24 -62.22
C ASP AC 93 -99.85 -63.30 -62.85
N VAL AC 94 -100.59 -64.35 -62.51
CA VAL AC 94 -101.97 -64.53 -62.94
C VAL AC 94 -102.89 -64.21 -61.78
N SER AC 95 -103.88 -63.35 -62.02
CA SER AC 95 -104.74 -62.88 -60.95
C SER AC 95 -105.62 -63.98 -60.38
N ALA AC 96 -106.11 -64.89 -61.23
CA ALA AC 96 -107.09 -65.88 -60.79
C ALA AC 96 -106.53 -66.79 -59.70
N THR AC 97 -105.27 -67.23 -59.85
CA THR AC 97 -104.67 -68.09 -58.84
C THR AC 97 -104.53 -67.38 -57.50
N VAL AC 98 -104.10 -66.12 -57.54
CA VAL AC 98 -103.98 -65.35 -56.30
C VAL AC 98 -105.35 -65.20 -55.65
N SER AC 99 -106.38 -64.96 -56.46
CA SER AC 99 -107.72 -64.85 -55.91
C SER AC 99 -108.17 -66.16 -55.28
N ASP AC 100 -107.82 -67.29 -55.90
CA ASP AC 100 -108.17 -68.58 -55.31
C ASP AC 100 -107.48 -68.79 -53.97
N LEU AC 101 -106.20 -68.42 -53.87
CA LEU AC 101 -105.50 -68.55 -52.60
C LEU AC 101 -106.14 -67.68 -51.52
N GLY AC 102 -106.48 -66.43 -51.88
CA GLY AC 102 -107.15 -65.57 -50.93
C GLY AC 102 -108.52 -66.11 -50.53
N GLU AC 103 -109.21 -66.71 -51.49
CA GLU AC 103 -110.51 -67.33 -51.21
C GLU AC 103 -110.36 -68.45 -50.19
N ALA AC 104 -109.34 -69.28 -50.35
CA ALA AC 104 -109.05 -70.32 -49.37
C ALA AC 104 -108.80 -69.72 -48.00
N LEU AC 105 -107.96 -68.70 -47.92
CA LEU AC 105 -107.67 -68.10 -46.62
C LEU AC 105 -108.93 -67.54 -45.97
N SER AC 106 -109.75 -66.83 -46.74
CA SER AC 106 -110.97 -66.24 -46.18
C SER AC 106 -111.95 -67.33 -45.73
N PHE AC 107 -112.14 -68.35 -46.55
CA PHE AC 107 -113.11 -69.40 -46.24
C PHE AC 107 -112.64 -70.25 -45.05
N TYR AC 108 -111.33 -70.34 -44.84
CA TYR AC 108 -110.80 -71.08 -43.70
C TYR AC 108 -111.19 -70.45 -42.37
N LEU AC 109 -111.09 -69.13 -42.27
CA LEU AC 109 -111.34 -68.46 -40.98
C LEU AC 109 -112.81 -68.57 -40.62
N ASN AC 110 -113.07 -68.88 -39.34
CA ASN AC 110 -114.42 -69.08 -38.84
C ASN AC 110 -114.49 -68.66 -37.39
N GLU AC 111 -115.70 -68.43 -36.91
CA GLU AC 111 -115.88 -67.96 -35.54
C GLU AC 111 -115.27 -68.93 -34.54
N ALA AC 112 -115.47 -70.23 -34.74
CA ALA AC 112 -114.86 -71.21 -33.86
C ALA AC 112 -113.34 -71.11 -33.91
N LEU AC 113 -112.78 -70.94 -35.10
CA LEU AC 113 -111.34 -70.81 -35.23
C LEU AC 113 -110.83 -69.52 -34.60
N TYR AC 114 -111.55 -68.41 -34.76
CA TYR AC 114 -111.12 -67.19 -34.08
C TYR AC 114 -111.14 -67.39 -32.57
N GLY AC 115 -112.18 -68.05 -32.06
CA GLY AC 115 -112.23 -68.35 -30.63
C GLY AC 115 -111.07 -69.24 -30.18
N LYS AC 116 -110.64 -70.16 -31.03
CA LYS AC 116 -109.47 -70.98 -30.71
C LYS AC 116 -108.21 -70.13 -30.64
N LEU AC 117 -107.95 -69.31 -31.65
CA LEU AC 117 -106.71 -68.51 -31.63
C LEU AC 117 -106.68 -67.55 -30.45
N ILE AC 118 -107.80 -66.89 -30.15
CA ILE AC 118 -107.81 -66.03 -28.99
C ILE AC 118 -107.52 -66.84 -27.74
N GLY AC 119 -107.64 -68.16 -27.81
CA GLY AC 119 -107.27 -69.05 -26.74
C GLY AC 119 -105.80 -69.44 -26.69
N TRP AC 120 -104.95 -68.82 -27.52
CA TRP AC 120 -103.50 -68.99 -27.39
C TRP AC 120 -103.04 -70.40 -27.75
N GLU AC 121 -103.96 -71.26 -28.20
CA GLU AC 121 -103.55 -72.56 -28.69
C GLU AC 121 -102.91 -72.41 -30.06
N SER AC 122 -101.74 -73.02 -30.23
CA SER AC 122 -100.97 -72.89 -31.46
C SER AC 122 -101.31 -74.00 -32.46
N ALA BC 1 -110.81 -33.60 -63.37
CA ALA BC 1 -112.19 -34.17 -63.30
C ALA BC 1 -112.63 -34.66 -64.68
N LEU BC 2 -111.73 -35.40 -65.35
CA LEU BC 2 -112.00 -35.91 -66.68
C LEU BC 2 -112.94 -37.10 -66.68
N GLY BC 3 -113.22 -37.69 -65.51
CA GLY BC 3 -113.98 -38.92 -65.43
C GLY BC 3 -113.18 -40.01 -64.75
N ASP BC 4 -113.87 -40.97 -64.12
CA ASP BC 4 -113.19 -42.03 -63.39
C ASP BC 4 -112.61 -43.09 -64.32
N THR BC 5 -112.97 -43.10 -65.60
CA THR BC 5 -112.42 -44.04 -66.55
C THR BC 5 -111.97 -43.33 -67.80
N LEU BC 6 -110.92 -43.87 -68.43
CA LEU BC 6 -110.34 -43.32 -69.65
C LEU BC 6 -110.30 -44.43 -70.69
N THR BC 7 -110.53 -44.07 -71.95
CA THR BC 7 -110.64 -45.04 -73.03
C THR BC 7 -109.50 -44.83 -74.02
N ILE BC 8 -108.82 -45.92 -74.38
CA ILE BC 8 -107.77 -45.91 -75.38
C ILE BC 8 -108.16 -46.89 -76.47
N THR BC 9 -108.27 -46.39 -77.70
CA THR BC 9 -108.66 -47.20 -78.86
C THR BC 9 -107.43 -47.42 -79.72
N LEU BC 10 -106.79 -48.57 -79.57
CA LEU BC 10 -105.59 -48.85 -80.35
C LEU BC 10 -105.92 -48.97 -81.82
N GLY BC 11 -104.99 -48.51 -82.66
CA GLY BC 11 -105.21 -48.47 -84.08
C GLY BC 11 -105.97 -47.27 -84.59
N GLY BC 12 -106.20 -46.27 -83.75
CA GLY BC 12 -106.90 -45.07 -84.18
C GLY BC 12 -108.39 -45.20 -84.00
N SER BC 13 -109.12 -45.08 -85.10
CA SER BC 13 -110.56 -45.25 -85.10
C SER BC 13 -111.01 -46.67 -85.39
N GLY BC 14 -110.06 -47.60 -85.58
CA GLY BC 14 -110.39 -48.97 -85.91
C GLY BC 14 -111.17 -49.68 -84.82
N GLY BC 15 -110.51 -49.95 -83.68
CA GLY BC 15 -111.18 -50.69 -82.62
C GLY BC 15 -110.21 -51.03 -81.51
N THR BC 16 -110.52 -52.12 -80.81
CA THR BC 16 -109.71 -52.60 -79.69
C THR BC 16 -109.58 -51.52 -78.60
N ALA BC 17 -110.73 -51.20 -77.99
CA ALA BC 17 -110.77 -50.18 -76.96
C ALA BC 17 -110.36 -50.76 -75.60
N LYS BC 18 -109.52 -50.02 -74.89
CA LYS BC 18 -109.12 -50.35 -73.53
C LYS BC 18 -109.72 -49.34 -72.57
N VAL BC 19 -110.32 -49.83 -71.49
CA VAL BC 19 -110.94 -48.97 -70.49
C VAL BC 19 -110.08 -49.04 -69.23
N LEU BC 20 -109.32 -47.98 -68.98
CA LEU BC 20 -108.52 -47.89 -67.77
C LEU BC 20 -109.35 -47.27 -66.65
N ARG BC 21 -108.84 -47.40 -65.42
CA ARG BC 21 -109.55 -46.94 -64.24
C ARG BC 21 -108.66 -46.06 -63.40
N LYS BC 22 -109.24 -45.02 -62.81
CA LYS BC 22 -108.46 -44.10 -61.99
C LYS BC 22 -107.93 -44.82 -60.75
N ILE BC 23 -106.67 -44.56 -60.42
CA ILE BC 23 -106.06 -45.16 -59.24
C ILE BC 23 -105.42 -44.15 -58.30
N ASN BC 24 -105.15 -42.91 -58.72
CA ASN BC 24 -104.53 -41.95 -57.83
C ASN BC 24 -104.76 -40.55 -58.35
N GLN BC 25 -104.71 -39.58 -57.43
CA GLN BC 25 -104.79 -38.16 -57.79
C GLN BC 25 -104.12 -37.36 -56.68
N ASP BC 26 -102.99 -36.74 -56.99
CA ASP BC 26 -102.28 -35.91 -56.03
C ASP BC 26 -101.47 -34.85 -56.77
N GLY BC 27 -101.43 -33.65 -56.22
CA GLY BC 27 -100.64 -32.58 -56.79
C GLY BC 27 -101.08 -32.21 -58.19
N TYR BC 28 -102.40 -32.10 -58.41
CA TYR BC 28 -102.93 -31.72 -59.71
C TYR BC 28 -102.52 -32.72 -60.79
N THR BC 29 -102.45 -34.00 -60.42
CA THR BC 29 -102.07 -35.07 -61.34
C THR BC 29 -103.08 -36.19 -61.22
N SER BC 30 -103.17 -37.00 -62.27
CA SER BC 30 -104.07 -38.15 -62.28
C SER BC 30 -103.49 -39.25 -63.15
N GLU BC 31 -103.86 -40.49 -62.85
CA GLU BC 31 -103.38 -41.62 -63.62
C GLU BC 31 -104.43 -42.73 -63.62
N TYR BC 32 -104.35 -43.58 -64.64
CA TYR BC 32 -105.30 -44.67 -64.86
C TYR BC 32 -104.53 -45.96 -65.13
N TYR BC 33 -105.09 -47.10 -64.73
CA TYR BC 33 -104.39 -48.38 -64.87
C TYR BC 33 -105.36 -49.49 -65.29
N LEU BC 34 -104.84 -50.47 -66.04
CA LEU BC 34 -105.60 -51.63 -66.49
C LEU BC 34 -104.68 -52.82 -66.77
N PRO BC 35 -104.74 -53.89 -65.99
CA PRO BC 35 -103.90 -55.05 -66.27
C PRO BC 35 -104.60 -56.12 -67.09
N GLU BC 36 -103.79 -56.91 -67.79
CA GLU BC 36 -104.29 -58.01 -68.62
C GLU BC 36 -103.25 -59.13 -68.63
N THR BC 37 -103.47 -60.13 -69.47
CA THR BC 37 -102.74 -61.39 -69.34
C THR BC 37 -101.24 -61.25 -69.65
N SER BC 38 -100.88 -60.46 -70.67
CA SER BC 38 -99.50 -60.34 -71.08
C SER BC 38 -98.99 -58.90 -71.14
N SER BC 39 -99.73 -57.96 -70.58
CA SER BC 39 -99.30 -56.56 -70.55
C SER BC 39 -100.26 -55.79 -69.65
N SER BC 40 -100.13 -54.47 -69.68
CA SER BC 40 -101.00 -53.57 -68.94
C SER BC 40 -100.90 -52.19 -69.57
N PHE BC 41 -101.86 -51.34 -69.25
CA PHE BC 41 -101.89 -49.98 -69.78
C PHE BC 41 -101.96 -48.98 -68.64
N ARG BC 42 -101.17 -47.93 -68.75
CA ARG BC 42 -101.14 -46.85 -67.77
C ARG BC 42 -101.09 -45.52 -68.49
N ALA BC 43 -101.84 -44.55 -67.96
CA ALA BC 43 -101.90 -43.20 -68.52
C ALA BC 43 -101.81 -42.20 -67.39
N LYS BC 44 -101.06 -41.12 -67.61
CA LYS BC 44 -100.89 -40.07 -66.62
C LYS BC 44 -101.22 -38.72 -67.23
N VAL BC 45 -101.75 -37.82 -66.39
CA VAL BC 45 -102.04 -36.44 -66.76
C VAL BC 45 -101.43 -35.53 -65.70
N ARG BC 46 -100.63 -34.57 -66.13
CA ARG BC 46 -99.92 -33.69 -65.21
C ARG BC 46 -100.07 -32.24 -65.65
N HIS BC 47 -100.10 -31.34 -64.67
CA HIS BC 47 -100.09 -29.90 -64.88
C HIS BC 47 -98.97 -29.29 -64.04
N THR BC 48 -98.38 -28.20 -64.53
CA THR BC 48 -97.33 -27.54 -63.77
C THR BC 48 -97.16 -26.11 -64.28
N LYS BC 49 -96.50 -25.30 -63.47
CA LYS BC 49 -96.19 -23.91 -63.79
C LYS BC 49 -94.71 -23.66 -63.54
N GLU BC 50 -94.06 -22.93 -64.43
CA GLU BC 50 -92.63 -22.70 -64.32
C GLU BC 50 -92.32 -21.77 -63.16
N SER BC 51 -91.11 -21.90 -62.62
CA SER BC 51 -90.67 -21.04 -61.53
C SER BC 51 -90.54 -19.59 -62.01
N VAL BC 52 -91.02 -18.66 -61.17
CA VAL BC 52 -90.98 -17.26 -61.52
C VAL BC 52 -89.54 -16.74 -61.50
N LYS BC 53 -89.24 -15.84 -62.42
CA LYS BC 53 -87.93 -15.21 -62.52
C LYS BC 53 -88.29 -13.74 -62.61
N PRO BC 54 -87.59 -12.85 -61.89
CA PRO BC 54 -88.10 -11.48 -61.74
C PRO BC 54 -88.33 -10.74 -63.04
N ASN BC 55 -87.55 -11.00 -64.08
CA ASN BC 55 -87.50 -10.11 -65.24
C ASN BC 55 -87.73 -10.84 -66.56
N GLN BC 56 -88.74 -11.71 -66.62
CA GLN BC 56 -89.38 -12.04 -67.89
C GLN BC 56 -90.65 -12.83 -67.60
N VAL BC 57 -91.36 -13.17 -68.69
CA VAL BC 57 -92.69 -13.75 -68.59
C VAL BC 57 -92.63 -15.10 -67.86
N GLN BC 58 -93.79 -15.53 -67.38
CA GLN BC 58 -93.96 -16.80 -66.69
C GLN BC 58 -94.81 -17.72 -67.56
N TYR BC 59 -94.42 -18.98 -67.65
CA TYR BC 59 -95.01 -19.93 -68.58
C TYR BC 59 -95.77 -21.02 -67.82
N GLU BC 60 -96.60 -21.75 -68.57
CA GLU BC 60 -97.43 -22.81 -68.04
C GLU BC 60 -97.36 -24.02 -68.97
N ARG BC 61 -97.37 -25.22 -68.38
CA ARG BC 61 -97.10 -26.45 -69.12
C ARG BC 61 -98.13 -27.52 -68.76
N HIS BC 62 -98.55 -28.29 -69.77
CA HIS BC 62 -99.38 -29.48 -69.58
C HIS BC 62 -98.88 -30.61 -70.47
N ASN BC 63 -99.12 -31.85 -70.04
CA ASN BC 63 -98.69 -33.02 -70.79
C ASN BC 63 -99.50 -34.24 -70.37
N VAL BC 64 -99.63 -35.19 -71.29
CA VAL BC 64 -100.34 -36.45 -71.06
C VAL BC 64 -99.60 -37.57 -71.81
N GLU BC 65 -99.56 -38.76 -71.20
CA GLU BC 65 -98.79 -39.87 -71.72
C GLU BC 65 -99.57 -41.18 -71.69
N PHE BC 66 -99.27 -42.05 -72.67
CA PHE BC 66 -99.72 -43.43 -72.69
C PHE BC 66 -98.50 -44.34 -72.64
N THR BC 67 -98.56 -45.34 -71.75
CA THR BC 67 -97.47 -46.29 -71.54
C THR BC 67 -98.02 -47.72 -71.68
N GLU BC 68 -97.22 -48.59 -72.28
CA GLU BC 68 -97.57 -50.00 -72.46
C GLU BC 68 -96.34 -50.85 -72.14
N THR BC 69 -96.46 -51.68 -71.11
CA THR BC 69 -95.38 -52.54 -70.66
C THR BC 69 -95.71 -53.99 -71.00
N VAL BC 70 -94.73 -54.71 -71.55
CA VAL BC 70 -94.89 -56.09 -71.99
C VAL BC 70 -94.08 -56.97 -71.05
N TYR BC 71 -94.72 -57.96 -70.45
CA TYR BC 71 -94.08 -58.77 -69.43
C TYR BC 71 -93.06 -59.72 -70.05
N ALA BC 72 -92.09 -60.12 -69.23
CA ALA BC 72 -91.02 -60.98 -69.69
C ALA BC 72 -91.56 -62.34 -70.13
N SER BC 73 -90.96 -62.89 -71.18
CA SER BC 73 -91.42 -64.14 -71.75
C SER BC 73 -90.21 -64.86 -72.34
N GLY BC 74 -89.98 -66.10 -71.90
CA GLY BC 74 -88.84 -66.84 -72.39
C GLY BC 74 -87.55 -66.11 -72.09
N SER BC 75 -86.68 -66.02 -73.10
CA SER BC 75 -85.41 -65.33 -72.95
C SER BC 75 -85.52 -63.82 -73.19
N THR BC 76 -86.65 -63.36 -73.73
CA THR BC 76 -86.82 -61.93 -73.99
C THR BC 76 -87.25 -61.20 -72.72
N PRO BC 77 -86.48 -60.23 -72.23
CA PRO BC 77 -86.90 -59.51 -71.02
C PRO BC 77 -88.09 -58.60 -71.26
N GLU BC 78 -88.50 -57.86 -70.24
CA GLU BC 78 -89.63 -56.96 -70.37
C GLU BC 78 -89.20 -55.64 -71.01
N PHE BC 79 -90.17 -54.96 -71.62
CA PHE BC 79 -89.92 -53.69 -72.29
C PHE BC 79 -91.23 -52.90 -72.31
N VAL BC 80 -91.11 -51.60 -72.61
CA VAL BC 80 -92.23 -50.69 -72.53
C VAL BC 80 -92.37 -49.94 -73.84
N ARG BC 81 -93.57 -49.42 -74.08
CA ARG BC 81 -93.85 -48.50 -75.18
C ARG BC 81 -94.56 -47.28 -74.63
N GLN BC 82 -94.14 -46.10 -75.10
CA GLN BC 82 -94.57 -44.83 -74.52
C GLN BC 82 -94.84 -43.83 -75.64
N ALA BC 83 -95.65 -42.82 -75.31
CA ALA BC 83 -95.95 -41.75 -76.25
C ALA BC 83 -96.69 -40.62 -75.53
N TYR BC 84 -96.18 -39.38 -75.61
CA TYR BC 84 -96.76 -38.31 -74.84
C TYR BC 84 -96.60 -36.98 -75.58
N VAL BC 85 -97.43 -36.00 -75.17
CA VAL BC 85 -97.44 -34.68 -75.77
C VAL BC 85 -97.32 -33.64 -74.65
N VAL BC 86 -96.88 -32.44 -75.04
CA VAL BC 86 -96.69 -31.33 -74.11
C VAL BC 86 -97.22 -30.06 -74.76
N ILE BC 87 -97.83 -29.20 -73.94
CA ILE BC 87 -98.31 -27.89 -74.38
C ILE BC 87 -97.69 -26.82 -73.47
N ARG BC 88 -97.07 -25.81 -74.07
CA ARG BC 88 -96.44 -24.72 -73.31
C ARG BC 88 -96.94 -23.39 -73.83
N HIS BC 89 -97.42 -22.55 -72.93
CA HIS BC 89 -97.91 -21.21 -73.27
C HIS BC 89 -97.85 -20.34 -72.03
N LYS BC 90 -97.85 -19.03 -72.23
CA LYS BC 90 -97.66 -18.12 -71.11
C LYS BC 90 -98.92 -18.07 -70.26
N VAL BC 91 -98.76 -17.59 -69.03
CA VAL BC 91 -99.90 -17.38 -68.16
C VAL BC 91 -100.73 -16.23 -68.70
N GLY BC 92 -102.04 -16.45 -68.84
CA GLY BC 92 -102.96 -15.44 -69.28
C GLY BC 92 -103.18 -15.35 -70.77
N ASP BC 93 -102.56 -16.20 -71.58
CA ASP BC 93 -102.75 -16.14 -73.01
C ASP BC 93 -104.15 -16.59 -73.40
N VAL BC 94 -104.58 -16.19 -74.59
CA VAL BC 94 -105.90 -16.56 -75.08
C VAL BC 94 -105.94 -18.06 -75.36
N SER BC 95 -106.98 -18.73 -74.87
CA SER BC 95 -107.02 -20.19 -74.90
C SER BC 95 -107.29 -20.72 -76.30
N ALA BC 96 -108.09 -20.01 -77.10
CA ALA BC 96 -108.46 -20.55 -78.41
C ALA BC 96 -107.26 -20.73 -79.32
N THR BC 97 -106.37 -19.74 -79.36
CA THR BC 97 -105.17 -19.87 -80.20
C THR BC 97 -104.24 -20.96 -79.68
N VAL BC 98 -104.05 -21.00 -78.36
CA VAL BC 98 -103.18 -22.02 -77.79
C VAL BC 98 -103.73 -23.41 -78.08
N SER BC 99 -105.05 -23.50 -78.23
CA SER BC 99 -105.66 -24.79 -78.58
C SER BC 99 -105.49 -25.10 -80.06
N ASP BC 100 -105.69 -24.11 -80.93
CA ASP BC 100 -105.54 -24.33 -82.36
C ASP BC 100 -104.13 -24.79 -82.70
N LEU BC 101 -103.13 -24.17 -82.10
CA LEU BC 101 -101.84 -24.83 -81.98
C LEU BC 101 -101.99 -26.01 -81.03
N GLY BC 102 -101.41 -27.12 -81.38
CA GLY BC 102 -101.76 -28.37 -80.72
C GLY BC 102 -102.80 -29.15 -81.49
N GLU BC 103 -103.92 -28.51 -81.83
CA GLU BC 103 -104.90 -29.18 -82.68
C GLU BC 103 -104.33 -29.42 -84.07
N ALA BC 104 -103.57 -28.45 -84.59
CA ALA BC 104 -102.90 -28.65 -85.87
C ALA BC 104 -101.92 -29.81 -85.79
N LEU BC 105 -101.13 -29.89 -84.72
CA LEU BC 105 -100.19 -31.00 -84.57
C LEU BC 105 -100.93 -32.33 -84.51
N SER BC 106 -102.04 -32.38 -83.76
CA SER BC 106 -102.81 -33.61 -83.67
C SER BC 106 -103.34 -34.02 -85.04
N PHE BC 107 -103.82 -33.05 -85.82
CA PHE BC 107 -104.29 -33.34 -87.17
C PHE BC 107 -103.18 -33.86 -88.07
N TYR BC 108 -101.98 -33.30 -87.94
CA TYR BC 108 -100.89 -33.70 -88.82
C TYR BC 108 -100.56 -35.18 -88.63
N LEU BC 109 -100.40 -35.62 -87.39
CA LEU BC 109 -99.99 -36.99 -87.12
C LEU BC 109 -101.06 -37.97 -87.58
N ASN BC 110 -100.64 -39.06 -88.20
CA ASN BC 110 -101.55 -40.06 -88.76
C ASN BC 110 -100.76 -41.32 -89.12
N GLU BC 111 -101.42 -42.23 -89.85
CA GLU BC 111 -100.80 -43.51 -90.21
C GLU BC 111 -99.45 -43.31 -90.89
N ALA BC 112 -99.46 -42.79 -92.12
CA ALA BC 112 -98.26 -42.77 -92.94
C ALA BC 112 -97.17 -41.95 -92.26
N LEU BC 113 -97.56 -40.86 -91.61
CA LEU BC 113 -96.58 -39.93 -91.06
C LEU BC 113 -95.80 -40.56 -89.91
N TYR BC 114 -96.48 -41.29 -89.02
CA TYR BC 114 -95.76 -42.17 -88.10
C TYR BC 114 -94.97 -43.23 -88.85
N GLY BC 115 -95.53 -43.73 -89.95
CA GLY BC 115 -94.85 -44.78 -90.67
C GLY BC 115 -93.45 -44.37 -91.08
N LYS BC 116 -93.31 -43.11 -91.51
CA LYS BC 116 -92.01 -42.65 -91.99
C LYS BC 116 -91.02 -42.41 -90.85
N LEU BC 117 -91.45 -41.76 -89.75
CA LEU BC 117 -90.47 -41.48 -88.70
C LEU BC 117 -89.94 -42.73 -88.03
N ILE BC 118 -90.68 -43.84 -88.06
CA ILE BC 118 -90.10 -45.08 -87.54
C ILE BC 118 -88.85 -45.44 -88.33
N GLY BC 119 -88.81 -45.02 -89.60
CA GLY BC 119 -87.65 -45.21 -90.44
C GLY BC 119 -86.57 -44.14 -90.34
N TRP BC 120 -86.53 -43.36 -89.25
CA TRP BC 120 -85.50 -42.35 -89.03
C TRP BC 120 -85.53 -41.24 -90.07
N GLU BC 121 -86.66 -41.07 -90.76
CA GLU BC 121 -86.82 -40.00 -91.74
C GLU BC 121 -86.74 -38.63 -91.07
N SER BC 122 -86.45 -37.59 -91.85
CA SER BC 122 -86.44 -36.22 -91.35
C SER BC 122 -86.69 -35.22 -92.46
N ALA CC 1 -115.58 -37.00 -50.45
CA ALA CC 1 -116.02 -36.94 -51.87
C ALA CC 1 -117.37 -36.27 -52.01
N LEU CC 2 -117.37 -34.93 -52.13
CA LEU CC 2 -118.62 -34.21 -52.35
C LEU CC 2 -119.20 -34.52 -53.72
N GLY CC 3 -118.36 -34.56 -54.74
CA GLY CC 3 -118.78 -34.74 -56.11
C GLY CC 3 -117.86 -33.97 -57.04
N ASP CC 4 -117.85 -34.38 -58.32
CA ASP CC 4 -116.93 -33.78 -59.27
C ASP CC 4 -117.28 -32.34 -59.61
N THR CC 5 -118.52 -31.91 -59.39
CA THR CC 5 -118.93 -30.55 -59.70
C THR CC 5 -119.66 -29.91 -58.51
N LEU CC 6 -119.44 -28.60 -58.36
CA LEU CC 6 -120.05 -27.81 -57.31
C LEU CC 6 -120.76 -26.64 -57.97
N THR CC 7 -122.06 -26.52 -57.76
CA THR CC 7 -122.88 -25.49 -58.38
C THR CC 7 -123.17 -24.40 -57.35
N ILE CC 8 -122.73 -23.17 -57.66
CA ILE CC 8 -123.03 -22.00 -56.84
C ILE CC 8 -123.96 -21.11 -57.63
N THR CC 9 -125.10 -20.76 -57.04
CA THR CC 9 -126.13 -19.95 -57.68
C THR CC 9 -126.00 -18.53 -57.15
N LEU CC 10 -125.25 -17.70 -57.87
CA LEU CC 10 -125.02 -16.34 -57.41
C LEU CC 10 -126.36 -15.62 -57.25
N GLY CC 11 -126.55 -15.00 -56.09
CA GLY CC 11 -127.81 -14.35 -55.81
C GLY CC 11 -128.86 -15.21 -55.14
N GLY CC 12 -128.46 -16.25 -54.41
CA GLY CC 12 -129.45 -17.06 -53.73
C GLY CC 12 -130.32 -17.83 -54.71
N SER CC 13 -131.53 -18.14 -54.25
CA SER CC 13 -132.46 -18.89 -55.07
C SER CC 13 -132.89 -18.08 -56.28
N GLY CC 14 -132.98 -18.74 -57.43
CA GLY CC 14 -133.46 -18.11 -58.65
C GLY CC 14 -132.45 -17.25 -59.38
N GLY CC 15 -131.17 -17.36 -59.04
CA GLY CC 15 -130.13 -16.53 -59.63
C GLY CC 15 -129.45 -17.17 -60.82
N THR CC 16 -128.19 -16.80 -61.01
CA THR CC 16 -127.35 -17.36 -62.06
C THR CC 16 -126.50 -18.50 -61.48
N ALA CC 17 -126.44 -19.62 -62.20
CA ALA CC 17 -125.73 -20.80 -61.75
C ALA CC 17 -124.35 -20.87 -62.39
N LYS CC 18 -123.35 -21.22 -61.58
CA LYS CC 18 -121.98 -21.42 -62.04
C LYS CC 18 -121.52 -22.79 -61.58
N VAL CC 19 -120.98 -23.59 -62.49
CA VAL CC 19 -120.64 -24.98 -62.18
C VAL CC 19 -119.13 -25.14 -62.05
N LEU CC 20 -118.64 -25.19 -60.81
CA LEU CC 20 -117.22 -25.45 -60.59
C LEU CC 20 -116.90 -26.92 -60.87
N ARG CC 21 -115.61 -27.19 -61.09
CA ARG CC 21 -115.12 -28.53 -61.38
C ARG CC 21 -114.04 -28.92 -60.38
N LYS CC 22 -114.04 -30.19 -59.96
CA LYS CC 22 -113.02 -30.65 -59.03
C LYS CC 22 -111.66 -30.71 -59.72
N ILE CC 23 -110.62 -30.26 -59.03
CA ILE CC 23 -109.27 -30.23 -59.59
C ILE CC 23 -108.30 -31.03 -58.75
N ASN CC 24 -108.54 -31.12 -57.44
CA ASN CC 24 -107.54 -31.69 -56.55
C ASN CC 24 -108.13 -31.88 -55.16
N GLN CC 25 -107.55 -32.83 -54.42
CA GLN CC 25 -107.88 -33.02 -53.01
C GLN CC 25 -106.86 -33.97 -52.40
N ASP CC 26 -106.02 -33.46 -51.49
CA ASP CC 26 -104.95 -34.27 -50.91
C ASP CC 26 -105.07 -34.42 -49.40
N GLY CC 27 -105.07 -33.32 -48.65
CA GLY CC 27 -105.00 -33.40 -47.20
C GLY CC 27 -106.31 -33.16 -46.47
N TYR CC 28 -107.31 -34.01 -46.75
CA TYR CC 28 -108.65 -33.80 -46.19
C TYR CC 28 -109.26 -32.49 -46.70
N THR CC 29 -108.75 -31.97 -47.81
CA THR CC 29 -109.22 -30.73 -48.40
C THR CC 29 -109.59 -30.95 -49.85
N SER CC 30 -110.41 -30.05 -50.39
CA SER CC 30 -110.91 -30.17 -51.76
C SER CC 30 -110.59 -28.93 -52.55
N GLU CC 31 -110.73 -29.07 -53.86
CA GLU CC 31 -110.35 -28.05 -54.84
C GLU CC 31 -111.39 -27.97 -55.94
N TYR CC 32 -111.91 -26.77 -56.18
CA TYR CC 32 -112.83 -26.50 -57.28
C TYR CC 32 -112.43 -25.20 -57.96
N TYR CC 33 -112.59 -25.14 -59.28
CA TYR CC 33 -112.14 -23.96 -60.03
C TYR CC 33 -112.89 -23.86 -61.35
N LEU CC 34 -112.94 -22.63 -61.88
CA LEU CC 34 -113.56 -22.36 -63.18
C LEU CC 34 -113.10 -21.00 -63.72
N PRO CC 35 -112.56 -20.92 -64.93
CA PRO CC 35 -112.17 -19.62 -65.49
C PRO CC 35 -113.23 -18.97 -66.35
N GLU CC 36 -113.10 -17.65 -66.49
CA GLU CC 36 -114.02 -16.84 -67.29
C GLU CC 36 -113.21 -15.78 -68.02
N THR CC 37 -113.88 -15.09 -68.94
CA THR CC 37 -113.22 -14.05 -69.72
C THR CC 37 -112.79 -12.89 -68.84
N SER CC 38 -113.66 -12.46 -67.92
CA SER CC 38 -113.38 -11.30 -67.09
C SER CC 38 -113.12 -11.65 -65.63
N SER CC 39 -113.30 -12.89 -65.21
CA SER CC 39 -113.14 -13.26 -63.81
C SER CC 39 -112.80 -14.74 -63.71
N SER CC 40 -112.79 -15.26 -62.50
CA SER CC 40 -112.51 -16.66 -62.23
C SER CC 40 -113.22 -17.05 -60.95
N PHE CC 41 -113.48 -18.35 -60.80
CA PHE CC 41 -114.22 -18.90 -59.67
C PHE CC 41 -113.45 -20.06 -59.07
N ARG CC 42 -113.34 -20.06 -57.74
CA ARG CC 42 -112.48 -20.98 -57.01
C ARG CC 42 -113.09 -21.23 -55.64
N ALA CC 43 -112.96 -22.46 -55.13
CA ALA CC 43 -113.53 -22.83 -53.86
C ALA CC 43 -112.56 -23.73 -53.10
N LYS CC 44 -112.73 -23.81 -51.78
CA LYS CC 44 -111.96 -24.71 -50.92
C LYS CC 44 -112.91 -25.41 -49.96
N VAL CC 45 -112.54 -26.61 -49.55
CA VAL CC 45 -113.08 -27.27 -48.36
C VAL CC 45 -111.92 -27.88 -47.60
N ARG CC 46 -111.88 -27.66 -46.28
CA ARG CC 46 -110.81 -28.19 -45.47
C ARG CC 46 -111.33 -28.63 -44.11
N HIS CC 47 -110.66 -29.63 -43.53
CA HIS CC 47 -110.94 -30.14 -42.20
C HIS CC 47 -109.64 -30.24 -41.43
N THR CC 48 -109.68 -29.86 -40.15
CA THR CC 48 -108.48 -29.84 -39.32
C THR CC 48 -108.80 -30.34 -37.92
N LYS CC 49 -107.75 -30.72 -37.20
CA LYS CC 49 -107.83 -31.13 -35.79
C LYS CC 49 -106.95 -30.20 -34.98
N GLU CC 50 -107.55 -29.47 -34.04
CA GLU CC 50 -106.79 -28.47 -33.30
C GLU CC 50 -105.79 -29.13 -32.36
N SER CC 51 -104.85 -28.33 -31.88
CA SER CC 51 -103.73 -28.86 -31.11
C SER CC 51 -104.23 -29.59 -29.86
N VAL CC 52 -103.57 -30.69 -29.54
CA VAL CC 52 -103.91 -31.49 -28.38
C VAL CC 52 -103.19 -30.92 -27.16
N LYS CC 53 -103.91 -30.80 -26.05
CA LYS CC 53 -103.35 -30.31 -24.80
C LYS CC 53 -103.68 -31.28 -23.67
N PRO CC 54 -102.84 -31.34 -22.64
CA PRO CC 54 -103.11 -32.26 -21.52
C PRO CC 54 -104.43 -31.93 -20.84
N ASN CC 55 -105.13 -32.97 -20.41
CA ASN CC 55 -106.36 -32.89 -19.62
C ASN CC 55 -107.22 -31.67 -20.00
N GLN CC 56 -107.42 -31.49 -21.31
CA GLN CC 56 -108.37 -30.51 -21.84
C GLN CC 56 -109.21 -31.16 -22.92
N VAL CC 57 -110.37 -30.56 -23.19
CA VAL CC 57 -111.31 -31.13 -24.14
C VAL CC 57 -110.72 -31.13 -25.56
N GLN CC 58 -111.16 -32.08 -26.37
CA GLN CC 58 -110.68 -32.24 -27.75
C GLN CC 58 -111.71 -31.67 -28.71
N TYR CC 59 -111.25 -30.80 -29.61
CA TYR CC 59 -112.13 -30.03 -30.50
C TYR CC 59 -111.87 -30.36 -31.96
N GLU CC 60 -112.87 -30.00 -32.78
CA GLU CC 60 -112.86 -30.24 -34.21
C GLU CC 60 -113.29 -28.98 -34.95
N ARG CC 61 -112.74 -28.77 -36.15
CA ARG CC 61 -112.98 -27.55 -36.92
C ARG CC 61 -113.28 -27.91 -38.37
N HIS CC 62 -114.28 -27.26 -38.95
CA HIS CC 62 -114.55 -27.33 -40.39
C HIS CC 62 -114.63 -25.93 -40.98
N ASN CC 63 -114.29 -25.81 -42.25
CA ASN CC 63 -114.28 -24.52 -42.94
C ASN CC 63 -114.65 -24.69 -44.40
N VAL CC 64 -115.16 -23.62 -45.01
CA VAL CC 64 -115.44 -23.56 -46.44
C VAL CC 64 -115.23 -22.13 -46.92
N GLU CC 65 -114.76 -21.99 -48.17
CA GLU CC 65 -114.32 -20.72 -48.74
C GLU CC 65 -114.94 -20.52 -50.11
N PHE CC 66 -115.42 -19.31 -50.38
CA PHE CC 66 -115.65 -18.83 -51.74
C PHE CC 66 -114.82 -17.58 -51.98
N THR CC 67 -114.26 -17.47 -53.18
CA THR CC 67 -113.51 -16.28 -53.57
C THR CC 67 -113.73 -15.99 -55.04
N GLU CC 68 -113.82 -14.70 -55.38
CA GLU CC 68 -113.99 -14.24 -56.74
C GLU CC 68 -112.79 -13.39 -57.14
N THR CC 69 -112.25 -13.62 -58.34
CA THR CC 69 -111.10 -12.87 -58.84
C THR CC 69 -111.48 -12.15 -60.11
N VAL CC 70 -111.17 -10.85 -60.18
CA VAL CC 70 -111.43 -10.01 -61.34
C VAL CC 70 -110.09 -9.52 -61.87
N TYR CC 71 -109.84 -9.79 -63.15
CA TYR CC 71 -108.53 -9.51 -63.74
C TYR CC 71 -108.34 -8.01 -63.94
N ALA CC 72 -107.09 -7.59 -63.86
CA ALA CC 72 -106.77 -6.17 -63.99
C ALA CC 72 -107.17 -5.67 -65.37
N SER CC 73 -107.84 -4.52 -65.41
CA SER CC 73 -108.33 -3.93 -66.64
C SER CC 73 -108.04 -2.44 -66.62
N GLY CC 74 -107.28 -1.98 -67.60
CA GLY CC 74 -106.93 -0.56 -67.65
C GLY CC 74 -106.17 -0.15 -66.40
N SER CC 75 -106.56 1.01 -65.85
CA SER CC 75 -105.89 1.51 -64.66
C SER CC 75 -106.22 0.70 -63.42
N THR CC 76 -107.42 0.13 -63.36
CA THR CC 76 -107.86 -0.61 -62.19
C THR CC 76 -107.10 -1.93 -62.06
N PRO CC 77 -106.42 -2.19 -60.95
CA PRO CC 77 -105.74 -3.47 -60.78
C PRO CC 77 -106.72 -4.56 -60.39
N GLU CC 78 -106.21 -5.79 -60.36
CA GLU CC 78 -107.01 -6.94 -59.98
C GLU CC 78 -107.38 -6.89 -58.51
N PHE CC 79 -108.54 -7.46 -58.19
CA PHE CC 79 -108.99 -7.55 -56.81
C PHE CC 79 -109.84 -8.82 -56.66
N VAL CC 80 -110.21 -9.12 -55.42
CA VAL CC 80 -110.87 -10.38 -55.10
C VAL CC 80 -112.06 -10.11 -54.18
N ARG CC 81 -113.02 -11.04 -54.19
CA ARG CC 81 -114.11 -11.07 -53.23
C ARG CC 81 -114.22 -12.46 -52.62
N GLN CC 82 -114.28 -12.52 -51.29
CA GLN CC 82 -114.21 -13.77 -50.55
C GLN CC 82 -115.44 -13.90 -49.65
N ALA CC 83 -115.71 -15.13 -49.20
CA ALA CC 83 -116.79 -15.36 -48.23
C ALA CC 83 -116.62 -16.75 -47.62
N TYR CC 84 -116.50 -16.84 -46.29
CA TYR CC 84 -116.25 -18.13 -45.66
C TYR CC 84 -116.87 -18.21 -44.29
N VAL CC 85 -117.12 -19.46 -43.86
CA VAL CC 85 -117.71 -19.75 -42.55
C VAL CC 85 -117.02 -20.98 -41.98
N VAL CC 86 -117.00 -21.08 -40.65
CA VAL CC 86 -116.39 -22.24 -39.98
C VAL CC 86 -117.40 -22.84 -39.02
N ILE CC 87 -117.12 -24.07 -38.59
CA ILE CC 87 -117.88 -24.74 -37.54
C ILE CC 87 -116.88 -25.39 -36.58
N ARG CC 88 -117.05 -25.14 -35.29
CA ARG CC 88 -116.14 -25.66 -34.27
C ARG CC 88 -116.96 -26.39 -33.22
N HIS CC 89 -116.56 -27.63 -32.91
CA HIS CC 89 -117.26 -28.42 -31.91
C HIS CC 89 -116.31 -29.47 -31.35
N LYS CC 90 -116.67 -30.02 -30.19
CA LYS CC 90 -115.84 -30.99 -29.51
C LYS CC 90 -116.01 -32.39 -30.12
N VAL CC 91 -114.96 -33.20 -29.98
CA VAL CC 91 -114.98 -34.54 -30.55
C VAL CC 91 -115.99 -35.40 -29.82
N GLY CC 92 -116.73 -36.21 -30.58
CA GLY CC 92 -117.71 -37.09 -30.01
C GLY CC 92 -119.05 -36.45 -29.68
N ASP CC 93 -119.26 -35.20 -30.08
CA ASP CC 93 -120.51 -34.52 -29.77
C ASP CC 93 -121.61 -35.03 -30.70
N VAL CC 94 -122.84 -34.63 -30.43
CA VAL CC 94 -123.99 -35.08 -31.22
C VAL CC 94 -124.13 -34.19 -32.44
N SER CC 95 -124.23 -34.82 -33.62
CA SER CC 95 -124.20 -34.07 -34.87
C SER CC 95 -125.43 -33.17 -35.01
N ALA CC 96 -126.58 -33.62 -34.53
CA ALA CC 96 -127.82 -32.90 -34.76
C ALA CC 96 -127.78 -31.50 -34.16
N THR CC 97 -127.22 -31.36 -32.96
CA THR CC 97 -127.19 -30.05 -32.31
C THR CC 97 -126.29 -29.08 -33.06
N VAL CC 98 -125.10 -29.53 -33.45
CA VAL CC 98 -124.21 -28.66 -34.22
C VAL CC 98 -124.88 -28.27 -35.53
N SER CC 99 -125.59 -29.22 -36.14
CA SER CC 99 -126.32 -28.91 -37.36
C SER CC 99 -127.37 -27.84 -37.11
N ASP CC 100 -128.08 -27.93 -35.98
CA ASP CC 100 -129.12 -26.95 -35.69
C ASP CC 100 -128.54 -25.55 -35.51
N LEU CC 101 -127.42 -25.45 -34.78
CA LEU CC 101 -126.78 -24.14 -34.61
C LEU CC 101 -126.35 -23.58 -35.95
N GLY CC 102 -125.76 -24.42 -36.80
CA GLY CC 102 -125.35 -23.97 -38.12
C GLY CC 102 -126.53 -23.55 -38.98
N GLU CC 103 -127.63 -24.29 -38.91
CA GLU CC 103 -128.84 -23.92 -39.65
C GLU CC 103 -129.38 -22.58 -39.17
N ALA CC 104 -129.34 -22.34 -37.86
CA ALA CC 104 -129.74 -21.03 -37.35
C ALA CC 104 -128.89 -19.93 -37.96
N LEU CC 105 -127.57 -20.10 -37.94
CA LEU CC 105 -126.69 -19.09 -38.51
C LEU CC 105 -126.99 -18.88 -39.99
N SER CC 106 -127.22 -19.96 -40.72
CA SER CC 106 -127.51 -19.86 -42.14
C SER CC 106 -128.83 -19.12 -42.40
N PHE CC 107 -129.86 -19.42 -41.62
CA PHE CC 107 -131.16 -18.77 -41.80
C PHE CC 107 -131.09 -17.29 -41.46
N TYR CC 108 -130.33 -16.92 -40.42
CA TYR CC 108 -130.26 -15.52 -40.02
C TYR CC 108 -129.74 -14.64 -41.15
N LEU CC 109 -128.68 -15.09 -41.84
CA LEU CC 109 -128.12 -14.29 -42.91
C LEU CC 109 -129.07 -14.29 -44.11
N ASN CC 110 -129.34 -13.10 -44.64
CA ASN CC 110 -130.16 -12.92 -45.82
C ASN CC 110 -129.76 -11.61 -46.48
N GLU CC 111 -130.51 -11.19 -47.50
CA GLU CC 111 -130.13 -9.98 -48.23
C GLU CC 111 -130.14 -8.76 -47.34
N ALA CC 112 -131.20 -8.58 -46.54
CA ALA CC 112 -131.28 -7.38 -45.71
C ALA CC 112 -130.13 -7.32 -44.71
N LEU CC 113 -129.82 -8.44 -44.06
CA LEU CC 113 -128.70 -8.46 -43.12
C LEU CC 113 -127.39 -8.16 -43.83
N TYR CC 114 -127.18 -8.72 -45.02
CA TYR CC 114 -125.96 -8.45 -45.76
C TYR CC 114 -125.84 -6.96 -46.10
N GLY CC 115 -126.94 -6.35 -46.53
CA GLY CC 115 -126.92 -4.92 -46.77
C GLY CC 115 -126.58 -4.13 -45.53
N LYS CC 116 -127.10 -4.56 -44.37
CA LYS CC 116 -126.73 -3.91 -43.12
C LYS CC 116 -125.25 -4.05 -42.84
N LEU CC 117 -124.72 -5.27 -42.95
CA LEU CC 117 -123.31 -5.49 -42.61
C LEU CC 117 -122.39 -4.69 -43.51
N ILE CC 118 -122.69 -4.64 -44.80
CA ILE CC 118 -121.87 -3.85 -45.71
C ILE CC 118 -121.90 -2.38 -45.30
N GLY CC 119 -123.00 -1.95 -44.69
CA GLY CC 119 -123.15 -0.56 -44.27
C GLY CC 119 -122.62 -0.24 -42.89
N TRP CC 120 -121.75 -1.09 -42.35
CA TRP CC 120 -121.12 -0.91 -41.04
C TRP CC 120 -122.10 -0.81 -39.88
N GLU CC 121 -123.34 -1.23 -40.03
CA GLU CC 121 -124.25 -1.24 -38.89
C GLU CC 121 -123.77 -2.23 -37.84
N SER CC 122 -123.68 -1.77 -36.60
CA SER CC 122 -123.14 -2.58 -35.52
C SER CC 122 -123.99 -2.47 -34.26
N ALA DC 1 -86.77 -38.86 -96.43
CA ALA DC 1 -87.50 -37.89 -97.31
C ALA DC 1 -88.30 -36.90 -96.47
N LEU DC 2 -89.58 -37.19 -96.21
CA LEU DC 2 -90.49 -36.34 -95.46
C LEU DC 2 -90.93 -35.11 -96.25
N GLY DC 3 -90.46 -34.94 -97.48
CA GLY DC 3 -90.81 -33.78 -98.28
C GLY DC 3 -89.90 -32.59 -98.01
N ASP DC 4 -89.97 -31.61 -98.91
CA ASP DC 4 -89.23 -30.37 -98.73
C ASP DC 4 -90.05 -29.26 -98.10
N THR DC 5 -91.38 -29.32 -98.18
CA THR DC 5 -92.25 -28.35 -97.56
C THR DC 5 -93.17 -29.03 -96.55
N LEU DC 6 -93.25 -28.44 -95.36
CA LEU DC 6 -94.07 -28.94 -94.27
C LEU DC 6 -95.29 -28.04 -94.12
N THR DC 7 -96.47 -28.64 -94.08
CA THR DC 7 -97.73 -27.89 -94.04
C THR DC 7 -98.32 -27.92 -92.63
N ILE DC 8 -98.61 -26.73 -92.09
CA ILE DC 8 -99.24 -26.58 -90.79
C ILE DC 8 -100.59 -25.94 -91.01
N THR DC 9 -101.64 -26.57 -90.50
CA THR DC 9 -103.02 -26.10 -90.64
C THR DC 9 -103.53 -25.69 -89.27
N LEU DC 10 -103.49 -24.40 -88.98
CA LEU DC 10 -103.93 -23.92 -87.67
C LEU DC 10 -105.41 -24.24 -87.47
N GLY DC 11 -105.77 -24.49 -86.22
CA GLY DC 11 -107.15 -24.79 -85.89
C GLY DC 11 -107.66 -26.08 -86.49
N GLY DC 12 -106.81 -27.10 -86.55
CA GLY DC 12 -107.27 -28.38 -87.04
C GLY DC 12 -107.62 -28.33 -88.52
N SER DC 13 -108.49 -29.26 -88.92
CA SER DC 13 -108.90 -29.35 -90.31
C SER DC 13 -109.73 -28.14 -90.71
N GLY DC 14 -109.52 -27.68 -91.95
CA GLY DC 14 -110.32 -26.61 -92.52
C GLY DC 14 -109.90 -25.20 -92.15
N GLY DC 15 -108.83 -25.03 -91.38
CA GLY DC 15 -108.39 -23.72 -90.96
C GLY DC 15 -107.39 -23.09 -91.91
N THR DC 16 -106.73 -22.05 -91.42
CA THR DC 16 -105.68 -21.40 -92.18
C THR DC 16 -104.51 -22.35 -92.40
N ALA DC 17 -103.94 -22.31 -93.59
CA ALA DC 17 -102.84 -23.19 -93.97
C ALA DC 17 -101.57 -22.36 -94.13
N LYS DC 18 -100.51 -22.78 -93.44
CA LYS DC 18 -99.20 -22.18 -93.57
C LYS DC 18 -98.23 -23.22 -94.14
N VAL DC 19 -97.33 -22.77 -95.01
CA VAL DC 19 -96.36 -23.64 -95.68
C VAL DC 19 -94.97 -23.32 -95.13
N LEU DC 20 -94.32 -24.33 -94.57
CA LEU DC 20 -92.96 -24.22 -94.07
C LEU DC 20 -91.99 -24.74 -95.12
N ARG DC 21 -90.73 -24.29 -95.03
CA ARG DC 21 -89.69 -24.65 -95.98
C ARG DC 21 -88.47 -25.18 -95.25
N LYS DC 22 -87.84 -26.21 -95.80
CA LYS DC 22 -86.63 -26.76 -95.19
C LYS DC 22 -85.46 -25.81 -95.38
N ILE DC 23 -84.71 -25.58 -94.31
CA ILE DC 23 -83.58 -24.67 -94.34
C ILE DC 23 -82.27 -25.30 -93.85
N ASN DC 24 -82.33 -26.36 -93.05
CA ASN DC 24 -81.10 -26.97 -92.54
C ASN DC 24 -81.42 -28.36 -92.02
N GLN DC 25 -80.38 -29.19 -91.95
CA GLN DC 25 -80.49 -30.51 -91.35
C GLN DC 25 -79.11 -30.97 -90.91
N ASP DC 26 -78.97 -31.33 -89.64
CA ASP DC 26 -77.69 -31.76 -89.10
C ASP DC 26 -77.93 -32.74 -87.97
N GLY DC 27 -77.13 -33.80 -87.93
CA GLY DC 27 -77.18 -34.73 -86.82
C GLY DC 27 -78.55 -35.37 -86.66
N TYR DC 28 -79.11 -35.88 -87.74
CA TYR DC 28 -80.41 -36.56 -87.71
C TYR DC 28 -81.52 -35.59 -87.28
N THR DC 29 -81.39 -34.32 -87.63
CA THR DC 29 -82.36 -33.30 -87.29
C THR DC 29 -82.70 -32.50 -88.55
N SER DC 30 -83.93 -32.01 -88.62
CA SER DC 30 -84.39 -31.19 -89.74
C SER DC 30 -85.03 -29.91 -89.21
N GLU DC 31 -84.93 -28.86 -90.01
CA GLU DC 31 -85.37 -27.52 -89.62
C GLU DC 31 -86.32 -26.97 -90.68
N TYR DC 32 -87.37 -26.30 -90.22
CA TYR DC 32 -88.35 -25.67 -91.09
C TYR DC 32 -88.62 -24.27 -90.57
N TYR DC 33 -88.79 -23.30 -91.47
CA TYR DC 33 -88.93 -21.91 -91.05
C TYR DC 33 -89.89 -21.18 -91.99
N LEU DC 34 -90.53 -20.13 -91.47
CA LEU DC 34 -91.37 -19.25 -92.28
C LEU DC 34 -91.57 -17.92 -91.57
N PRO DC 35 -91.00 -16.81 -92.08
CA PRO DC 35 -91.20 -15.52 -91.41
C PRO DC 35 -92.39 -14.73 -91.95
N GLU DC 36 -92.97 -13.89 -91.10
CA GLU DC 36 -94.01 -12.95 -91.51
C GLU DC 36 -93.83 -11.68 -90.69
N THR DC 37 -94.80 -10.76 -90.78
CA THR DC 37 -94.58 -9.42 -90.25
C THR DC 37 -94.36 -9.43 -88.74
N SER DC 38 -95.22 -10.14 -88.00
CA SER DC 38 -95.20 -10.08 -86.55
C SER DC 38 -94.93 -11.41 -85.85
N SER DC 39 -94.66 -12.47 -86.59
CA SER DC 39 -94.34 -13.75 -85.96
C SER DC 39 -93.52 -14.61 -86.92
N SER DC 40 -93.27 -15.85 -86.51
CA SER DC 40 -92.51 -16.80 -87.30
C SER DC 40 -93.01 -18.20 -86.99
N PHE DC 41 -92.80 -19.12 -87.94
CA PHE DC 41 -93.09 -20.53 -87.75
C PHE DC 41 -91.82 -21.36 -87.88
N ARG DC 42 -91.65 -22.30 -86.96
CA ARG DC 42 -90.48 -23.17 -86.88
C ARG DC 42 -90.95 -24.60 -86.65
N ALA DC 43 -90.25 -25.56 -87.24
CA ALA DC 43 -90.53 -26.97 -86.98
C ALA DC 43 -89.20 -27.74 -86.87
N LYS DC 44 -89.10 -28.57 -85.84
CA LYS DC 44 -87.94 -29.41 -85.57
C LYS DC 44 -88.37 -30.86 -85.70
N VAL DC 45 -87.56 -31.67 -86.38
CA VAL DC 45 -87.71 -33.13 -86.36
C VAL DC 45 -86.39 -33.70 -85.86
N ARG DC 46 -86.46 -34.51 -84.81
CA ARG DC 46 -85.27 -35.00 -84.13
C ARG DC 46 -85.37 -36.50 -83.91
N HIS DC 47 -84.23 -37.18 -83.99
CA HIS DC 47 -84.11 -38.58 -83.63
C HIS DC 47 -82.89 -38.76 -82.74
N THR DC 48 -82.94 -39.75 -81.87
CA THR DC 48 -81.83 -39.99 -80.95
C THR DC 48 -81.90 -41.42 -80.46
N LYS DC 49 -80.80 -41.88 -79.88
CA LYS DC 49 -80.57 -43.28 -79.54
C LYS DC 49 -79.86 -43.32 -78.19
N GLU DC 50 -80.42 -44.03 -77.22
CA GLU DC 50 -79.87 -43.99 -75.87
C GLU DC 50 -78.55 -44.75 -75.77
N SER DC 51 -77.79 -44.44 -74.72
CA SER DC 51 -76.47 -45.04 -74.53
C SER DC 51 -76.58 -46.54 -74.32
N VAL DC 52 -75.60 -47.27 -74.86
CA VAL DC 52 -75.58 -48.73 -74.77
C VAL DC 52 -75.07 -49.13 -73.39
N LYS DC 53 -75.84 -49.96 -72.70
CA LYS DC 53 -75.52 -50.45 -71.37
C LYS DC 53 -75.13 -51.92 -71.43
N PRO DC 54 -74.42 -52.44 -70.43
CA PRO DC 54 -73.95 -53.83 -70.50
C PRO DC 54 -75.08 -54.83 -70.75
N ASN DC 55 -76.08 -54.91 -69.86
CA ASN DC 55 -77.21 -55.83 -70.01
C ASN DC 55 -78.55 -55.14 -69.76
N GLN DC 56 -79.10 -54.54 -70.82
CA GLN DC 56 -80.38 -53.85 -70.72
C GLN DC 56 -80.97 -53.73 -72.12
N VAL DC 57 -82.25 -53.32 -72.18
CA VAL DC 57 -82.93 -53.13 -73.45
C VAL DC 57 -82.58 -51.77 -74.03
N GLN DC 58 -82.44 -51.75 -75.35
CA GLN DC 58 -81.98 -50.58 -76.09
C GLN DC 58 -83.17 -49.91 -76.77
N TYR DC 59 -83.21 -48.58 -76.74
CA TYR DC 59 -84.40 -47.80 -77.05
C TYR DC 59 -84.11 -46.73 -78.10
N GLU DC 60 -85.16 -46.32 -78.81
CA GLU DC 60 -85.11 -45.21 -79.76
C GLU DC 60 -86.20 -44.19 -79.47
N ARG DC 61 -85.88 -42.90 -79.71
CA ARG DC 61 -86.81 -41.79 -79.47
C ARG DC 61 -86.96 -40.96 -80.73
N HIS DC 62 -88.21 -40.58 -81.06
CA HIS DC 62 -88.50 -39.61 -82.11
C HIS DC 62 -89.34 -38.48 -81.55
N ASN DC 63 -89.04 -37.25 -81.98
CA ASN DC 63 -89.66 -36.05 -81.43
C ASN DC 63 -90.08 -35.11 -82.55
N VAL DC 64 -91.14 -34.35 -82.32
CA VAL DC 64 -91.65 -33.37 -83.27
C VAL DC 64 -92.07 -32.10 -82.52
N GLU DC 65 -91.67 -30.94 -83.02
CA GLU DC 65 -91.87 -29.66 -82.35
C GLU DC 65 -92.60 -28.70 -83.27
N PHE DC 66 -93.60 -27.98 -82.73
CA PHE DC 66 -94.18 -26.81 -83.37
C PHE DC 66 -93.97 -25.62 -82.45
N THR DC 67 -93.43 -24.53 -82.99
CA THR DC 67 -93.10 -23.33 -82.23
C THR DC 67 -93.63 -22.11 -82.97
N GLU DC 68 -94.11 -21.12 -82.22
CA GLU DC 68 -94.61 -19.88 -82.80
C GLU DC 68 -94.13 -18.73 -81.92
N THR DC 69 -93.29 -17.86 -82.47
CA THR DC 69 -92.76 -16.71 -81.76
C THR DC 69 -93.35 -15.43 -82.34
N VAL DC 70 -93.75 -14.51 -81.45
CA VAL DC 70 -94.28 -13.21 -81.84
C VAL DC 70 -93.31 -12.15 -81.37
N TYR DC 71 -92.90 -11.27 -82.28
CA TYR DC 71 -91.95 -10.22 -81.92
C TYR DC 71 -92.58 -9.22 -80.97
N ALA DC 72 -91.75 -8.70 -80.06
CA ALA DC 72 -92.23 -7.79 -79.03
C ALA DC 72 -92.81 -6.53 -79.66
N SER DC 73 -93.89 -6.03 -79.06
CA SER DC 73 -94.52 -4.79 -79.51
C SER DC 73 -95.06 -4.06 -78.29
N GLY DC 74 -94.97 -2.73 -78.33
CA GLY DC 74 -95.39 -1.94 -77.18
C GLY DC 74 -94.61 -2.32 -75.93
N SER DC 75 -95.33 -2.47 -74.82
CA SER DC 75 -94.73 -2.90 -73.56
C SER DC 75 -94.73 -4.40 -73.38
N THR DC 76 -95.35 -5.15 -74.29
CA THR DC 76 -95.41 -6.60 -74.18
C THR DC 76 -94.11 -7.22 -74.69
N PRO DC 77 -93.38 -7.98 -73.87
CA PRO DC 77 -92.15 -8.60 -74.36
C PRO DC 77 -92.42 -9.72 -75.35
N GLU DC 78 -91.34 -10.22 -75.93
CA GLU DC 78 -91.40 -11.36 -76.83
C GLU DC 78 -91.78 -12.62 -76.06
N PHE DC 79 -92.72 -13.39 -76.61
CA PHE DC 79 -93.12 -14.64 -76.00
C PHE DC 79 -93.39 -15.66 -77.10
N VAL DC 80 -93.57 -16.91 -76.68
CA VAL DC 80 -93.63 -18.06 -77.57
C VAL DC 80 -94.69 -19.02 -77.07
N ARG DC 81 -95.24 -19.80 -77.98
CA ARG DC 81 -96.17 -20.88 -77.65
C ARG DC 81 -95.79 -22.10 -78.49
N GLN DC 82 -95.76 -23.28 -77.87
CA GLN DC 82 -95.19 -24.45 -78.53
C GLN DC 82 -95.89 -25.72 -78.05
N ALA DC 83 -95.74 -26.78 -78.85
CA ALA DC 83 -96.31 -28.08 -78.56
C ALA DC 83 -95.52 -29.16 -79.30
N TYR DC 84 -95.30 -30.31 -78.64
CA TYR DC 84 -94.50 -31.37 -79.22
C TYR DC 84 -94.95 -32.74 -78.74
N VAL DC 85 -94.54 -33.77 -79.50
CA VAL DC 85 -94.81 -35.18 -79.19
C VAL DC 85 -93.52 -35.96 -79.36
N VAL DC 86 -93.41 -37.07 -78.61
CA VAL DC 86 -92.26 -37.96 -78.70
C VAL DC 86 -92.75 -39.41 -78.71
N ILE DC 87 -91.91 -40.31 -79.24
CA ILE DC 87 -92.21 -41.73 -79.34
C ILE DC 87 -91.00 -42.50 -78.87
N ARG DC 88 -91.21 -43.47 -77.98
CA ARG DC 88 -90.13 -44.24 -77.39
C ARG DC 88 -90.45 -45.72 -77.52
N HIS DC 89 -89.55 -46.48 -78.14
CA HIS DC 89 -89.79 -47.90 -78.37
C HIS DC 89 -88.46 -48.60 -78.55
N LYS DC 90 -88.52 -49.94 -78.58
CA LYS DC 90 -87.32 -50.76 -78.62
C LYS DC 90 -86.76 -50.81 -80.05
N VAL DC 91 -85.51 -51.25 -80.18
CA VAL DC 91 -84.81 -51.17 -81.47
C VAL DC 91 -85.38 -52.18 -82.45
N GLY DC 92 -85.58 -53.42 -82.02
CA GLY DC 92 -86.07 -54.45 -82.91
C GLY DC 92 -87.56 -54.65 -82.88
N ASP DC 93 -88.28 -53.75 -82.23
CA ASP DC 93 -89.72 -53.92 -82.05
C ASP DC 93 -90.44 -53.96 -83.40
N VAL DC 94 -91.74 -54.19 -83.34
CA VAL DC 94 -92.59 -54.20 -84.52
C VAL DC 94 -93.16 -52.80 -84.73
N SER DC 95 -93.07 -52.31 -85.97
CA SER DC 95 -93.49 -50.95 -86.26
C SER DC 95 -94.99 -50.76 -86.10
N ALA DC 96 -95.78 -51.76 -86.52
CA ALA DC 96 -97.23 -51.58 -86.59
C ALA DC 96 -97.83 -51.27 -85.22
N THR DC 97 -97.38 -51.98 -84.17
CA THR DC 97 -97.94 -51.74 -82.85
C THR DC 97 -97.60 -50.34 -82.33
N VAL DC 98 -96.37 -49.89 -82.53
CA VAL DC 98 -96.02 -48.53 -82.13
C VAL DC 98 -96.88 -47.53 -82.87
N SER DC 99 -97.08 -47.75 -84.17
CA SER DC 99 -97.92 -46.85 -84.94
C SER DC 99 -99.35 -46.85 -84.41
N ASP DC 100 -99.86 -48.02 -84.02
CA ASP DC 100 -101.22 -48.06 -83.45
C ASP DC 100 -101.31 -47.30 -82.14
N LEU DC 101 -100.30 -47.42 -81.28
CA LEU DC 101 -100.31 -46.66 -80.03
C LEU DC 101 -100.29 -45.16 -80.31
N GLY DC 102 -99.46 -44.73 -81.27
CA GLY DC 102 -99.44 -43.32 -81.63
C GLY DC 102 -100.75 -42.86 -82.22
N GLU DC 103 -101.38 -43.71 -83.04
CA GLU DC 103 -102.69 -43.40 -83.59
C GLU DC 103 -103.72 -43.22 -82.49
N ALA DC 104 -103.70 -44.09 -81.48
CA ALA DC 104 -104.61 -43.92 -80.35
C ALA DC 104 -104.38 -42.60 -79.64
N LEU DC 105 -103.12 -42.26 -79.35
CA LEU DC 105 -102.83 -40.98 -78.73
C LEU DC 105 -103.38 -39.84 -79.58
N SER DC 106 -103.15 -39.89 -80.89
CA SER DC 106 -103.59 -38.81 -81.77
C SER DC 106 -105.11 -38.71 -81.81
N PHE DC 107 -105.78 -39.87 -81.82
CA PHE DC 107 -107.24 -39.88 -81.85
C PHE DC 107 -107.85 -39.32 -80.58
N TYR DC 108 -107.23 -39.61 -79.42
CA TYR DC 108 -107.79 -39.12 -78.17
C TYR DC 108 -107.80 -37.60 -78.12
N LEU DC 109 -106.73 -36.96 -78.59
CA LEU DC 109 -106.63 -35.51 -78.51
C LEU DC 109 -107.53 -34.86 -79.56
N ASN DC 110 -108.28 -33.85 -79.13
CA ASN DC 110 -109.15 -33.08 -80.02
C ASN DC 110 -109.50 -31.77 -79.33
N GLU DC 111 -110.30 -30.95 -80.01
CA GLU DC 111 -110.58 -29.62 -79.50
C GLU DC 111 -111.26 -29.68 -78.14
N ALA DC 112 -112.23 -30.58 -77.98
CA ALA DC 112 -112.95 -30.65 -76.71
C ALA DC 112 -112.01 -30.94 -75.56
N LEU DC 113 -111.15 -31.95 -75.72
CA LEU DC 113 -110.22 -32.30 -74.65
C LEU DC 113 -109.20 -31.18 -74.41
N TYR DC 114 -108.68 -30.59 -75.49
CA TYR DC 114 -107.74 -29.49 -75.33
C TYR DC 114 -108.36 -28.35 -74.53
N GLY DC 115 -109.58 -27.94 -74.89
CA GLY DC 115 -110.24 -26.92 -74.10
C GLY DC 115 -110.43 -27.36 -72.66
N LYS DC 116 -110.74 -28.64 -72.47
CA LYS DC 116 -110.87 -29.17 -71.12
C LYS DC 116 -109.54 -29.13 -70.36
N LEU DC 117 -108.43 -29.40 -71.06
CA LEU DC 117 -107.14 -29.45 -70.38
C LEU DC 117 -106.68 -28.08 -69.90
N ILE DC 118 -106.84 -27.04 -70.72
CA ILE DC 118 -106.34 -25.72 -70.34
C ILE DC 118 -107.00 -25.23 -69.06
N GLY DC 119 -108.15 -25.79 -68.71
CA GLY DC 119 -108.82 -25.43 -67.47
C GLY DC 119 -108.26 -26.09 -66.22
N TRP DC 120 -107.05 -26.65 -66.31
CA TRP DC 120 -106.37 -27.35 -65.23
C TRP DC 120 -107.15 -28.58 -64.77
N GLU DC 121 -108.17 -29.01 -65.51
CA GLU DC 121 -108.88 -30.23 -65.19
C GLU DC 121 -107.97 -31.43 -65.41
N SER DC 122 -107.96 -32.35 -64.45
CA SER DC 122 -107.15 -33.56 -64.55
C SER DC 122 -108.03 -34.80 -64.49
N ALA EC 1 -73.95 -35.76 -102.69
CA ALA EC 1 -75.18 -35.50 -103.50
C ALA EC 1 -75.19 -36.40 -104.73
N LEU EC 2 -74.99 -37.70 -104.51
CA LEU EC 2 -74.96 -38.69 -105.58
C LEU EC 2 -76.28 -39.44 -105.71
N GLY EC 3 -77.33 -38.97 -105.04
CA GLY EC 3 -78.62 -39.61 -105.14
C GLY EC 3 -79.36 -39.49 -103.82
N ASP EC 4 -80.54 -40.11 -103.78
CA ASP EC 4 -81.35 -40.18 -102.59
C ASP EC 4 -81.47 -41.60 -102.04
N THR EC 5 -81.55 -42.60 -102.91
CA THR EC 5 -81.70 -43.98 -102.51
C THR EC 5 -80.57 -44.83 -103.09
N LEU EC 6 -80.06 -45.76 -102.28
CA LEU EC 6 -79.03 -46.70 -102.67
C LEU EC 6 -79.66 -48.08 -102.80
N THR EC 7 -79.37 -48.78 -103.89
CA THR EC 7 -79.91 -50.11 -104.13
C THR EC 7 -78.83 -51.15 -103.82
N ILE EC 8 -78.98 -51.83 -102.69
CA ILE EC 8 -78.09 -52.93 -102.33
C ILE EC 8 -78.70 -54.21 -102.88
N THR EC 9 -78.05 -54.79 -103.89
CA THR EC 9 -78.49 -56.03 -104.52
C THR EC 9 -77.69 -57.17 -103.92
N LEU EC 10 -78.24 -57.77 -102.86
CA LEU EC 10 -77.55 -58.87 -102.19
C LEU EC 10 -77.40 -60.05 -103.13
N GLY EC 11 -76.25 -60.70 -103.07
CA GLY EC 11 -75.98 -61.81 -103.96
C GLY EC 11 -75.52 -61.42 -105.35
N GLY EC 12 -75.05 -60.18 -105.52
CA GLY EC 12 -74.55 -59.76 -106.81
C GLY EC 12 -75.63 -59.21 -107.70
N SER EC 13 -75.70 -59.67 -108.94
CA SER EC 13 -76.74 -59.28 -109.87
C SER EC 13 -77.90 -60.25 -109.89
N GLY EC 14 -77.90 -61.25 -109.01
CA GLY EC 14 -78.98 -62.22 -109.00
C GLY EC 14 -80.33 -61.60 -108.66
N GLY EC 15 -80.37 -60.79 -107.61
CA GLY EC 15 -81.61 -60.17 -107.18
C GLY EC 15 -81.53 -59.74 -105.72
N THR EC 16 -82.69 -59.70 -105.08
CA THR EC 16 -82.81 -59.31 -103.68
C THR EC 16 -82.28 -57.88 -103.49
N ALA EC 17 -82.96 -56.94 -104.12
CA ALA EC 17 -82.55 -55.53 -104.06
C ALA EC 17 -83.25 -54.84 -102.90
N LYS EC 18 -82.46 -54.19 -102.05
CA LYS EC 18 -82.94 -53.39 -100.94
C LYS EC 18 -82.74 -51.92 -101.24
N VAL EC 19 -83.69 -51.08 -100.84
CA VAL EC 19 -83.62 -49.65 -101.13
C VAL EC 19 -83.32 -48.87 -99.85
N LEU EC 20 -82.04 -48.59 -99.62
CA LEU EC 20 -81.65 -47.68 -98.57
C LEU EC 20 -82.08 -46.25 -98.92
N ARG EC 21 -82.35 -45.45 -97.90
CA ARG EC 21 -82.86 -44.10 -98.09
C ARG EC 21 -82.03 -43.13 -97.25
N LYS EC 22 -81.84 -41.91 -97.77
CA LYS EC 22 -80.98 -40.95 -97.11
C LYS EC 22 -81.54 -40.56 -95.75
N ILE EC 23 -80.66 -40.51 -94.75
CA ILE EC 23 -81.03 -40.05 -93.41
C ILE EC 23 -80.21 -38.86 -92.95
N ASN EC 24 -79.03 -38.59 -93.52
CA ASN EC 24 -78.16 -37.59 -92.92
C ASN EC 24 -77.11 -37.15 -93.93
N GLN EC 25 -76.53 -35.99 -93.64
CA GLN EC 25 -75.50 -35.37 -94.48
C GLN EC 25 -74.73 -34.41 -93.61
N ASP EC 26 -73.49 -34.77 -93.26
CA ASP EC 26 -72.69 -33.93 -92.38
C ASP EC 26 -71.22 -34.11 -92.69
N GLY EC 27 -70.49 -32.99 -92.73
CA GLY EC 27 -69.05 -33.04 -92.78
C GLY EC 27 -68.52 -33.88 -93.93
N TYR EC 28 -69.11 -33.67 -95.11
CA TYR EC 28 -68.65 -34.32 -96.34
C TYR EC 28 -68.93 -35.82 -96.31
N THR EC 29 -69.95 -36.24 -95.56
CA THR EC 29 -70.26 -37.65 -95.32
C THR EC 29 -71.75 -37.88 -95.54
N SER EC 30 -72.11 -39.14 -95.82
CA SER EC 30 -73.50 -39.51 -96.05
C SER EC 30 -73.81 -40.84 -95.37
N GLU EC 31 -75.08 -41.03 -95.01
CA GLU EC 31 -75.55 -42.27 -94.41
C GLU EC 31 -76.92 -42.60 -94.95
N TYR EC 32 -77.22 -43.89 -95.05
CA TYR EC 32 -78.51 -44.39 -95.51
C TYR EC 32 -78.95 -45.52 -94.61
N TYR EC 33 -80.27 -45.70 -94.45
CA TYR EC 33 -80.80 -46.66 -93.48
C TYR EC 33 -82.07 -47.31 -94.03
N LEU EC 34 -82.34 -48.54 -93.59
CA LEU EC 34 -83.57 -49.25 -93.92
C LEU EC 34 -83.87 -50.34 -92.90
N PRO EC 35 -84.95 -50.24 -92.12
CA PRO EC 35 -85.26 -51.29 -91.15
C PRO EC 35 -86.26 -52.32 -91.68
N GLU EC 36 -86.16 -53.52 -91.13
CA GLU EC 36 -87.01 -54.64 -91.53
C GLU EC 36 -87.41 -55.40 -90.28
N THR EC 37 -88.08 -56.55 -90.46
CA THR EC 37 -88.59 -57.29 -89.31
C THR EC 37 -87.46 -57.91 -88.49
N SER EC 38 -86.54 -58.62 -89.15
CA SER EC 38 -85.48 -59.34 -88.45
C SER EC 38 -84.09 -58.75 -88.67
N SER EC 39 -83.95 -57.74 -89.53
CA SER EC 39 -82.67 -57.05 -89.65
C SER EC 39 -82.89 -55.73 -90.36
N SER EC 40 -81.81 -54.99 -90.56
CA SER EC 40 -81.85 -53.65 -91.13
C SER EC 40 -80.54 -53.37 -91.83
N PHE EC 41 -80.54 -52.34 -92.67
CA PHE EC 41 -79.40 -52.06 -93.53
C PHE EC 41 -78.94 -50.62 -93.31
N ARG EC 42 -77.64 -50.40 -93.52
CA ARG EC 42 -77.03 -49.10 -93.32
C ARG EC 42 -75.84 -48.97 -94.26
N ALA EC 43 -75.66 -47.77 -94.82
CA ALA EC 43 -74.56 -47.48 -95.71
C ALA EC 43 -73.98 -46.11 -95.39
N LYS EC 44 -72.66 -45.99 -95.47
CA LYS EC 44 -71.96 -44.75 -95.18
C LYS EC 44 -70.96 -44.46 -96.29
N VAL EC 45 -70.80 -43.18 -96.63
CA VAL EC 45 -69.79 -42.73 -97.58
C VAL EC 45 -69.04 -41.57 -96.92
N ARG EC 46 -67.70 -41.64 -96.94
CA ARG EC 46 -66.89 -40.63 -96.29
C ARG EC 46 -65.71 -40.25 -97.16
N HIS EC 47 -65.27 -39.00 -97.00
CA HIS EC 47 -64.07 -38.47 -97.64
C HIS EC 47 -63.23 -37.77 -96.60
N THR EC 48 -61.90 -37.85 -96.75
CA THR EC 48 -60.99 -37.18 -95.83
C THR EC 48 -59.72 -36.77 -96.56
N LYS EC 49 -59.02 -35.80 -95.97
CA LYS EC 49 -57.73 -35.33 -96.45
C LYS EC 49 -56.73 -35.45 -95.31
N GLU EC 50 -55.68 -36.23 -95.50
CA GLU EC 50 -54.72 -36.47 -94.43
C GLU EC 50 -53.98 -35.18 -94.07
N SER EC 51 -53.59 -35.08 -92.80
CA SER EC 51 -52.99 -33.85 -92.28
C SER EC 51 -51.67 -33.57 -92.97
N VAL EC 52 -51.36 -32.27 -93.09
CA VAL EC 52 -50.12 -31.83 -93.72
C VAL EC 52 -48.97 -31.95 -92.73
N LYS EC 53 -47.87 -32.51 -93.19
CA LYS EC 53 -46.60 -32.50 -92.49
C LYS EC 53 -45.54 -31.91 -93.42
N PRO EC 54 -44.43 -31.44 -92.85
CA PRO EC 54 -43.42 -30.77 -93.69
C PRO EC 54 -42.92 -31.68 -94.81
N ASN EC 55 -42.68 -31.08 -95.97
CA ASN EC 55 -41.96 -31.65 -97.10
C ASN EC 55 -42.24 -33.14 -97.32
N GLN EC 56 -43.52 -33.51 -97.47
CA GLN EC 56 -43.86 -34.81 -98.01
C GLN EC 56 -45.25 -34.74 -98.65
N VAL EC 57 -45.56 -35.78 -99.44
CA VAL EC 57 -46.72 -35.74 -100.35
C VAL EC 57 -48.04 -35.63 -99.58
N GLN EC 58 -49.07 -35.17 -100.28
CA GLN EC 58 -50.42 -35.02 -99.73
C GLN EC 58 -51.32 -36.10 -100.32
N TYR EC 59 -52.10 -36.75 -99.45
CA TYR EC 59 -52.93 -37.89 -99.84
C TYR EC 59 -54.37 -37.64 -99.40
N GLU EC 60 -55.32 -38.34 -100.05
CA GLU EC 60 -56.71 -38.27 -99.65
C GLU EC 60 -57.35 -39.65 -99.75
N ARG EC 61 -58.36 -39.88 -98.89
CA ARG EC 61 -59.01 -41.18 -98.77
C ARG EC 61 -60.49 -41.05 -99.06
N HIS EC 62 -61.04 -42.05 -99.77
CA HIS EC 62 -62.47 -42.19 -99.99
C HIS EC 62 -62.90 -43.59 -99.54
N ASN EC 63 -63.98 -43.65 -98.74
CA ASN EC 63 -64.41 -44.86 -98.06
C ASN EC 63 -65.88 -45.12 -98.32
N VAL EC 64 -66.23 -46.39 -98.52
CA VAL EC 64 -67.61 -46.83 -98.69
C VAL EC 64 -67.79 -48.15 -97.95
N GLU EC 65 -68.90 -48.28 -97.21
CA GLU EC 65 -69.12 -49.45 -96.37
C GLU EC 65 -70.60 -49.83 -96.38
N PHE EC 66 -70.86 -51.13 -96.20
CA PHE EC 66 -72.18 -51.66 -95.90
C PHE EC 66 -72.15 -52.36 -94.56
N THR EC 67 -73.23 -52.24 -93.80
CA THR EC 67 -73.33 -52.82 -92.47
C THR EC 67 -74.65 -53.58 -92.37
N GLU EC 68 -74.61 -54.71 -91.66
CA GLU EC 68 -75.78 -55.54 -91.44
C GLU EC 68 -75.86 -55.91 -89.97
N THR EC 69 -77.03 -55.73 -89.37
CA THR EC 69 -77.25 -56.06 -87.96
C THR EC 69 -78.46 -56.99 -87.86
N VAL EC 70 -78.31 -58.04 -87.05
CA VAL EC 70 -79.35 -59.05 -86.88
C VAL EC 70 -79.79 -58.99 -85.42
N TYR EC 71 -81.07 -58.75 -85.18
CA TYR EC 71 -81.55 -58.60 -83.81
C TYR EC 71 -81.53 -59.94 -83.09
N ALA EC 72 -81.36 -59.85 -81.77
CA ALA EC 72 -81.25 -61.05 -80.94
C ALA EC 72 -82.55 -61.85 -81.00
N SER EC 73 -82.40 -63.16 -81.15
CA SER EC 73 -83.52 -64.08 -81.18
C SER EC 73 -83.19 -65.28 -80.30
N GLY EC 74 -84.12 -65.65 -79.43
CA GLY EC 74 -83.87 -66.74 -78.50
C GLY EC 74 -82.67 -66.41 -77.62
N SER EC 75 -81.74 -67.36 -77.51
CA SER EC 75 -80.54 -67.15 -76.72
C SER EC 75 -79.43 -66.46 -77.50
N THR EC 76 -79.51 -66.43 -78.82
CA THR EC 76 -78.44 -65.85 -79.63
C THR EC 76 -78.40 -64.34 -79.43
N PRO EC 77 -77.24 -63.75 -79.10
CA PRO EC 77 -77.20 -62.30 -78.88
C PRO EC 77 -77.03 -61.50 -80.16
N GLU EC 78 -76.84 -60.19 -80.01
CA GLU EC 78 -76.65 -59.31 -81.16
C GLU EC 78 -75.34 -59.62 -81.88
N PHE EC 79 -75.37 -59.49 -83.21
CA PHE EC 79 -74.18 -59.61 -84.03
C PHE EC 79 -74.42 -58.89 -85.34
N VAL EC 80 -73.32 -58.52 -86.01
CA VAL EC 80 -73.38 -57.68 -87.20
C VAL EC 80 -72.51 -58.29 -88.29
N ARG EC 81 -72.76 -57.83 -89.52
CA ARG EC 81 -71.89 -58.08 -90.65
C ARG EC 81 -71.59 -56.76 -91.34
N GLN EC 82 -70.39 -56.65 -91.89
CA GLN EC 82 -69.93 -55.38 -92.44
C GLN EC 82 -68.89 -55.64 -93.53
N ALA EC 83 -68.78 -54.69 -94.45
CA ALA EC 83 -67.79 -54.74 -95.52
C ALA EC 83 -67.56 -53.33 -96.03
N TYR EC 84 -66.31 -53.01 -96.37
CA TYR EC 84 -65.99 -51.64 -96.76
C TYR EC 84 -64.77 -51.63 -97.67
N VAL EC 85 -64.58 -50.50 -98.36
CA VAL EC 85 -63.48 -50.30 -99.29
C VAL EC 85 -62.89 -48.90 -99.08
N VAL EC 86 -61.59 -48.77 -99.32
CA VAL EC 86 -60.85 -47.52 -99.17
C VAL EC 86 -59.98 -47.32 -100.40
N ILE EC 87 -59.93 -46.08 -100.89
CA ILE EC 87 -59.08 -45.70 -102.02
C ILE EC 87 -58.17 -44.57 -101.56
N ARG EC 88 -56.89 -44.62 -101.92
CA ARG EC 88 -55.95 -43.59 -101.50
C ARG EC 88 -55.00 -43.25 -102.64
N HIS EC 89 -54.86 -41.95 -102.90
CA HIS EC 89 -53.96 -41.44 -103.93
C HIS EC 89 -53.58 -40.02 -103.56
N LYS EC 90 -52.55 -39.51 -104.21
CA LYS EC 90 -52.04 -38.19 -103.87
C LYS EC 90 -52.94 -37.10 -104.43
N VAL EC 91 -52.84 -35.91 -103.83
CA VAL EC 91 -53.66 -34.78 -104.24
C VAL EC 91 -53.21 -34.33 -105.63
N GLY EC 92 -54.19 -34.17 -106.52
CA GLY EC 92 -53.92 -33.68 -107.86
C GLY EC 92 -53.58 -34.75 -108.89
N ASP EC 93 -53.55 -36.02 -108.50
CA ASP EC 93 -53.18 -37.07 -109.44
C ASP EC 93 -54.25 -37.24 -110.52
N VAL EC 94 -53.84 -37.87 -111.62
CA VAL EC 94 -54.76 -38.15 -112.72
C VAL EC 94 -55.81 -39.15 -112.25
N SER EC 95 -57.08 -38.87 -112.54
CA SER EC 95 -58.18 -39.65 -111.97
C SER EC 95 -58.37 -40.99 -112.67
N ALA EC 96 -58.08 -41.07 -113.97
CA ALA EC 96 -58.34 -42.30 -114.72
C ALA EC 96 -57.53 -43.47 -114.17
N THR EC 97 -56.24 -43.25 -113.93
CA THR EC 97 -55.41 -44.32 -113.40
C THR EC 97 -55.87 -44.73 -112.00
N VAL EC 98 -56.22 -43.76 -111.17
CA VAL EC 98 -56.69 -44.08 -109.83
C VAL EC 98 -57.96 -44.92 -109.90
N SER EC 99 -58.85 -44.59 -110.84
CA SER EC 99 -60.07 -45.38 -110.99
C SER EC 99 -59.76 -46.80 -111.43
N ASP EC 100 -58.84 -46.95 -112.40
CA ASP EC 100 -58.49 -48.28 -112.87
C ASP EC 100 -57.91 -49.13 -111.76
N LEU EC 101 -57.05 -48.54 -110.94
CA LEU EC 101 -56.56 -49.20 -109.73
C LEU EC 101 -57.67 -49.12 -108.68
N GLY EC 102 -58.44 -50.19 -108.58
CA GLY EC 102 -59.61 -50.24 -107.72
C GLY EC 102 -60.77 -50.81 -108.50
N GLU EC 103 -60.88 -50.42 -109.77
CA GLU EC 103 -61.80 -51.12 -110.66
C GLU EC 103 -61.29 -52.51 -110.96
N ALA EC 104 -59.97 -52.67 -111.09
CA ALA EC 104 -59.38 -53.99 -111.17
C ALA EC 104 -59.68 -54.80 -109.91
N LEU EC 105 -59.57 -54.17 -108.74
CA LEU EC 105 -59.90 -54.83 -107.49
C LEU EC 105 -61.35 -55.32 -107.49
N SER EC 106 -62.26 -54.46 -107.99
CA SER EC 106 -63.66 -54.86 -108.06
C SER EC 106 -63.85 -56.06 -108.98
N PHE EC 107 -63.15 -56.07 -110.12
CA PHE EC 107 -63.24 -57.23 -111.02
C PHE EC 107 -62.70 -58.50 -110.36
N TYR EC 108 -61.60 -58.38 -109.60
CA TYR EC 108 -60.97 -59.56 -109.03
C TYR EC 108 -61.89 -60.27 -108.04
N LEU EC 109 -62.58 -59.51 -107.18
CA LEU EC 109 -63.41 -60.12 -106.16
C LEU EC 109 -64.67 -60.70 -106.78
N ASN EC 110 -64.96 -61.96 -106.49
CA ASN EC 110 -66.14 -62.63 -107.00
C ASN EC 110 -66.44 -63.83 -106.10
N GLU EC 111 -67.35 -64.69 -106.56
CA GLU EC 111 -67.80 -65.84 -105.78
C GLU EC 111 -66.66 -66.75 -105.34
N ALA EC 112 -65.90 -67.29 -106.30
CA ALA EC 112 -64.86 -68.25 -105.94
C ALA EC 112 -63.83 -67.62 -105.01
N LEU EC 113 -63.46 -66.36 -105.27
CA LEU EC 113 -62.49 -65.71 -104.41
C LEU EC 113 -63.02 -65.59 -102.99
N TYR EC 114 -64.28 -65.20 -102.83
CA TYR EC 114 -64.85 -65.11 -101.49
C TYR EC 114 -64.91 -66.47 -100.83
N GLY EC 115 -65.18 -67.53 -101.62
CA GLY EC 115 -65.18 -68.86 -101.07
C GLY EC 115 -63.82 -69.26 -100.51
N LYS EC 116 -62.75 -68.98 -101.25
CA LYS EC 116 -61.42 -69.24 -100.72
C LYS EC 116 -61.14 -68.36 -99.50
N LEU EC 117 -61.48 -67.09 -99.59
CA LEU EC 117 -61.08 -66.13 -98.55
C LEU EC 117 -61.75 -66.44 -97.22
N ILE EC 118 -63.03 -66.83 -97.24
CA ILE EC 118 -63.68 -67.21 -95.99
C ILE EC 118 -63.05 -68.45 -95.38
N GLY EC 119 -62.34 -69.24 -96.18
CA GLY EC 119 -61.70 -70.44 -95.71
C GLY EC 119 -60.31 -70.27 -95.13
N TRP EC 120 -59.91 -69.03 -94.83
CA TRP EC 120 -58.60 -68.69 -94.28
C TRP EC 120 -57.46 -68.99 -95.25
N GLU EC 121 -57.78 -69.24 -96.52
CA GLU EC 121 -56.75 -69.42 -97.53
C GLU EC 121 -56.01 -68.11 -97.74
N SER EC 122 -54.73 -68.23 -98.10
CA SER EC 122 -53.88 -67.07 -98.32
C SER EC 122 -53.05 -67.25 -99.58
N ALA FC 1 -82.62 -25.23 -99.63
CA ALA FC 1 -83.45 -26.17 -100.45
C ALA FC 1 -83.48 -25.77 -101.92
N LEU FC 2 -82.38 -25.18 -102.40
CA LEU FC 2 -82.26 -24.86 -103.81
C LEU FC 2 -82.30 -26.11 -104.66
N GLY FC 3 -81.59 -27.16 -104.24
CA GLY FC 3 -81.53 -28.39 -104.99
C GLY FC 3 -80.15 -29.02 -104.93
N ASP FC 4 -80.00 -30.21 -105.51
CA ASP FC 4 -78.72 -30.91 -105.47
C ASP FC 4 -77.71 -30.36 -106.47
N THR FC 5 -78.14 -29.55 -107.43
CA THR FC 5 -77.25 -29.02 -108.46
C THR FC 5 -77.52 -27.54 -108.68
N LEU FC 6 -76.49 -26.85 -109.15
CA LEU FC 6 -76.54 -25.42 -109.46
C LEU FC 6 -75.95 -25.20 -110.84
N THR FC 7 -76.66 -24.43 -111.66
CA THR FC 7 -76.24 -24.18 -113.04
C THR FC 7 -75.66 -22.78 -113.16
N ILE FC 8 -74.45 -22.70 -113.71
CA ILE FC 8 -73.75 -21.44 -113.96
C ILE FC 8 -73.47 -21.35 -115.45
N THR FC 9 -73.85 -20.21 -116.06
CA THR FC 9 -73.68 -19.97 -117.49
C THR FC 9 -72.68 -18.84 -117.68
N LEU FC 10 -71.44 -19.19 -118.00
CA LEU FC 10 -70.43 -18.16 -118.20
C LEU FC 10 -70.79 -17.28 -119.38
N GLY FC 11 -70.47 -15.99 -119.27
CA GLY FC 11 -70.79 -15.07 -120.33
C GLY FC 11 -72.25 -14.66 -120.41
N GLY FC 12 -72.98 -14.79 -119.30
CA GLY FC 12 -74.37 -14.38 -119.31
C GLY FC 12 -75.22 -15.35 -120.12
N SER FC 13 -76.40 -14.86 -120.49
CA SER FC 13 -77.33 -15.68 -121.26
C SER FC 13 -76.75 -16.06 -122.60
N GLY FC 14 -76.98 -17.31 -123.01
CA GLY FC 14 -76.52 -17.81 -124.28
C GLY FC 14 -75.09 -18.31 -124.33
N GLY FC 15 -74.38 -18.30 -123.20
CA GLY FC 15 -72.99 -18.71 -123.17
C GLY FC 15 -72.80 -20.19 -122.93
N THR FC 16 -71.68 -20.52 -122.29
CA THR FC 16 -71.35 -21.90 -121.96
C THR FC 16 -71.91 -22.26 -120.60
N ALA FC 17 -72.47 -23.46 -120.49
CA ALA FC 17 -73.15 -23.89 -119.28
C ALA FC 17 -72.30 -24.91 -118.52
N LYS FC 18 -72.29 -24.78 -117.19
CA LYS FC 18 -71.66 -25.73 -116.30
C LYS FC 18 -72.69 -26.10 -115.22
N VAL FC 19 -72.57 -27.30 -114.68
CA VAL FC 19 -73.55 -27.82 -113.72
C VAL FC 19 -72.80 -28.20 -112.45
N LEU FC 20 -72.69 -27.27 -111.51
CA LEU FC 20 -72.09 -27.60 -110.22
C LEU FC 20 -73.02 -28.51 -109.43
N ARG FC 21 -72.44 -29.23 -108.47
CA ARG FC 21 -73.16 -30.25 -107.70
C ARG FC 21 -72.96 -30.03 -106.21
N LYS FC 22 -74.02 -30.23 -105.43
CA LYS FC 22 -73.93 -30.06 -103.98
C LYS FC 22 -72.99 -31.11 -103.38
N ILE FC 23 -72.22 -30.69 -102.39
CA ILE FC 23 -71.27 -31.55 -101.71
C ILE FC 23 -71.54 -31.59 -100.22
N ASN FC 24 -72.06 -30.49 -99.67
CA ASN FC 24 -72.16 -30.39 -98.23
C ASN FC 24 -72.94 -29.15 -97.84
N GLN FC 25 -73.60 -29.22 -96.69
CA GLN FC 25 -74.29 -28.07 -96.11
C GLN FC 25 -74.56 -28.38 -94.65
N ASP FC 26 -73.93 -27.63 -93.74
CA ASP FC 26 -74.11 -27.85 -92.31
C ASP FC 26 -74.70 -26.65 -91.59
N GLY FC 27 -74.06 -25.49 -91.66
CA GLY FC 27 -74.46 -24.37 -90.82
C GLY FC 27 -75.33 -23.33 -91.50
N TYR FC 28 -76.46 -23.74 -92.05
CA TYR FC 28 -77.28 -22.86 -92.89
C TYR FC 28 -76.54 -22.42 -94.14
N THR FC 29 -75.46 -23.11 -94.49
CA THR FC 29 -74.63 -22.77 -95.63
C THR FC 29 -74.55 -23.98 -96.56
N SER FC 30 -74.23 -23.72 -97.82
CA SER FC 30 -74.17 -24.76 -98.83
C SER FC 30 -72.91 -24.58 -99.66
N GLU FC 31 -72.43 -25.69 -100.22
CA GLU FC 31 -71.24 -25.68 -101.07
C GLU FC 31 -71.50 -26.54 -102.30
N TYR FC 32 -70.96 -26.11 -103.43
CA TYR FC 32 -71.05 -26.83 -104.69
C TYR FC 32 -69.65 -26.92 -105.29
N TYR FC 33 -69.47 -27.87 -106.22
CA TYR FC 33 -68.12 -28.09 -106.76
C TYR FC 33 -68.20 -28.87 -108.06
N LEU FC 34 -67.22 -28.62 -108.94
CA LEU FC 34 -67.09 -29.33 -110.21
C LEU FC 34 -65.68 -29.20 -110.79
N PRO FC 35 -64.96 -30.30 -111.08
CA PRO FC 35 -63.60 -30.18 -111.62
C PRO FC 35 -63.50 -30.27 -113.15
N GLU FC 36 -62.46 -29.66 -113.71
CA GLU FC 36 -62.07 -29.79 -115.11
C GLU FC 36 -60.60 -30.17 -115.19
N THR FC 37 -60.11 -30.32 -116.43
CA THR FC 37 -58.70 -30.62 -116.62
C THR FC 37 -57.81 -29.46 -116.19
N SER FC 38 -58.20 -28.22 -116.54
CA SER FC 38 -57.37 -27.06 -116.24
C SER FC 38 -57.99 -26.10 -115.24
N SER FC 39 -59.16 -26.40 -114.69
CA SER FC 39 -59.76 -25.52 -113.69
C SER FC 39 -60.88 -26.27 -112.97
N SER FC 40 -61.54 -25.56 -112.07
CA SER FC 40 -62.62 -26.12 -111.26
C SER FC 40 -63.51 -24.97 -110.82
N PHE FC 41 -64.77 -25.30 -110.51
CA PHE FC 41 -65.75 -24.31 -110.07
C PHE FC 41 -66.29 -24.70 -108.69
N ARG FC 42 -66.51 -23.69 -107.86
CA ARG FC 42 -66.97 -23.91 -106.49
C ARG FC 42 -67.86 -22.75 -106.10
N ALA FC 43 -69.11 -23.04 -105.69
CA ALA FC 43 -70.07 -22.04 -105.29
C ALA FC 43 -70.47 -22.26 -103.83
N LYS FC 44 -70.76 -21.16 -103.14
CA LYS FC 44 -71.07 -21.17 -101.72
C LYS FC 44 -72.28 -20.29 -101.45
N VAL FC 45 -73.07 -20.68 -100.46
CA VAL FC 45 -74.22 -19.90 -100.00
C VAL FC 45 -74.21 -19.83 -98.49
N ARG FC 46 -74.50 -18.66 -97.94
CA ARG FC 46 -74.44 -18.43 -96.50
C ARG FC 46 -75.59 -17.55 -96.06
N HIS FC 47 -76.02 -17.75 -94.81
CA HIS FC 47 -76.91 -16.84 -94.10
C HIS FC 47 -76.35 -16.57 -92.71
N THR FC 48 -76.69 -15.41 -92.16
CA THR FC 48 -76.15 -15.02 -90.87
C THR FC 48 -77.08 -14.01 -90.20
N LYS FC 49 -77.05 -13.99 -88.87
CA LYS FC 49 -77.73 -12.99 -88.07
C LYS FC 49 -76.66 -12.14 -87.38
N GLU FC 50 -76.72 -10.83 -87.57
CA GLU FC 50 -75.68 -9.96 -87.04
C GLU FC 50 -75.79 -9.83 -85.52
N SER FC 51 -74.72 -9.31 -84.92
CA SER FC 51 -74.63 -9.22 -83.47
C SER FC 51 -75.76 -8.35 -82.92
N VAL FC 52 -76.32 -8.81 -81.80
CA VAL FC 52 -77.39 -8.05 -81.14
C VAL FC 52 -76.80 -6.90 -80.36
N LYS FC 53 -77.52 -5.78 -80.35
CA LYS FC 53 -77.16 -4.60 -79.58
C LYS FC 53 -78.37 -4.14 -78.77
N PRO FC 54 -78.15 -3.57 -77.59
CA PRO FC 54 -79.29 -3.17 -76.75
C PRO FC 54 -80.15 -2.12 -77.46
N ASN FC 55 -81.46 -2.22 -77.26
CA ASN FC 55 -82.42 -1.22 -77.72
C ASN FC 55 -82.17 -0.78 -79.16
N GLN FC 56 -81.70 -1.70 -80.01
CA GLN FC 56 -81.42 -1.40 -81.40
C GLN FC 56 -82.00 -2.50 -82.29
N VAL FC 57 -82.28 -2.13 -83.53
CA VAL FC 57 -82.92 -3.05 -84.47
C VAL FC 57 -81.96 -4.18 -84.82
N GLN FC 58 -82.53 -5.34 -85.16
CA GLN FC 58 -81.74 -6.52 -85.49
C GLN FC 58 -81.72 -6.73 -87.00
N TYR FC 59 -80.54 -7.04 -87.53
CA TYR FC 59 -80.33 -7.14 -88.98
C TYR FC 59 -79.85 -8.53 -89.36
N GLU FC 60 -80.16 -8.93 -90.59
CA GLU FC 60 -79.75 -10.21 -91.14
C GLU FC 60 -79.19 -10.02 -92.54
N ARG FC 61 -78.22 -10.86 -92.91
CA ARG FC 61 -77.52 -10.73 -94.18
C ARG FC 61 -77.47 -12.08 -94.90
N HIS FC 62 -77.57 -12.04 -96.22
CA HIS FC 62 -77.39 -13.21 -97.09
C HIS FC 62 -76.28 -12.93 -98.09
N ASN FC 63 -75.50 -13.98 -98.38
CA ASN FC 63 -74.31 -13.87 -99.21
C ASN FC 63 -74.28 -15.02 -100.21
N VAL FC 64 -73.77 -14.73 -101.40
CA VAL FC 64 -73.59 -15.74 -102.45
C VAL FC 64 -72.24 -15.48 -103.11
N GLU FC 65 -71.44 -16.53 -103.28
CA GLU FC 65 -70.08 -16.41 -103.80
C GLU FC 65 -69.86 -17.41 -104.92
N PHE FC 66 -69.22 -16.95 -106.00
CA PHE FC 66 -68.70 -17.81 -107.06
C PHE FC 66 -67.18 -17.70 -107.09
N THR FC 67 -66.51 -18.82 -107.33
CA THR FC 67 -65.05 -18.86 -107.31
C THR FC 67 -64.56 -19.78 -108.42
N GLU FC 68 -63.51 -19.36 -109.12
CA GLU FC 68 -62.90 -20.13 -110.20
C GLU FC 68 -61.39 -20.13 -110.03
N THR FC 69 -60.78 -21.31 -110.04
CA THR FC 69 -59.35 -21.46 -109.81
C THR FC 69 -58.70 -22.12 -111.02
N VAL FC 70 -57.53 -21.60 -111.40
CA VAL FC 70 -56.76 -22.12 -112.53
C VAL FC 70 -55.48 -22.74 -111.98
N TYR FC 71 -55.27 -24.02 -112.29
CA TYR FC 71 -54.09 -24.71 -111.81
C TYR FC 71 -52.82 -24.16 -112.46
N ALA FC 72 -51.73 -24.19 -111.70
CA ALA FC 72 -50.47 -23.65 -112.18
C ALA FC 72 -49.98 -24.43 -113.39
N SER FC 73 -49.52 -23.70 -114.40
CA SER FC 73 -48.94 -24.30 -115.60
C SER FC 73 -47.63 -23.59 -115.90
N GLY FC 74 -46.57 -24.37 -116.10
CA GLY FC 74 -45.27 -23.77 -116.32
C GLY FC 74 -44.87 -22.90 -115.13
N SER FC 75 -44.35 -21.72 -115.44
CA SER FC 75 -43.92 -20.80 -114.39
C SER FC 75 -45.08 -20.06 -113.73
N THR FC 76 -46.24 -20.00 -114.37
CA THR FC 76 -47.38 -19.27 -113.81
C THR FC 76 -47.93 -20.02 -112.61
N PRO FC 77 -48.00 -19.41 -111.43
CA PRO FC 77 -48.58 -20.09 -110.27
C PRO FC 77 -50.10 -20.11 -110.35
N GLU FC 78 -50.69 -20.76 -109.35
CA GLU FC 78 -52.14 -20.84 -109.26
C GLU FC 78 -52.74 -19.46 -109.01
N PHE FC 79 -53.85 -19.17 -109.68
CA PHE FC 79 -54.61 -17.96 -109.39
C PHE FC 79 -56.09 -18.27 -109.53
N VAL FC 80 -56.92 -17.44 -108.89
CA VAL FC 80 -58.34 -17.69 -108.71
C VAL FC 80 -59.11 -16.44 -109.11
N ARG FC 81 -60.38 -16.63 -109.48
CA ARG FC 81 -61.31 -15.55 -109.73
C ARG FC 81 -62.56 -15.75 -108.89
N GLN FC 82 -63.09 -14.65 -108.34
CA GLN FC 82 -64.30 -14.72 -107.54
C GLN FC 82 -65.24 -13.57 -107.89
N ALA FC 83 -66.50 -13.73 -107.52
CA ALA FC 83 -67.53 -12.71 -107.70
C ALA FC 83 -68.67 -13.04 -106.74
N TYR FC 84 -69.05 -12.09 -105.89
CA TYR FC 84 -70.01 -12.39 -104.84
C TYR FC 84 -70.91 -11.18 -104.57
N VAL FC 85 -72.05 -11.46 -103.92
CA VAL FC 85 -73.03 -10.44 -103.56
C VAL FC 85 -73.39 -10.57 -102.09
N VAL FC 86 -73.94 -9.48 -101.54
CA VAL FC 86 -74.42 -9.44 -100.16
C VAL FC 86 -75.68 -8.61 -100.11
N ILE FC 87 -76.64 -9.04 -99.30
CA ILE FC 87 -77.91 -8.34 -99.09
C ILE FC 87 -78.12 -8.19 -97.59
N ARG FC 88 -78.51 -6.98 -97.16
CA ARG FC 88 -78.72 -6.69 -95.74
C ARG FC 88 -80.07 -6.01 -95.56
N HIS FC 89 -80.88 -6.53 -94.65
CA HIS FC 89 -82.21 -5.99 -94.36
C HIS FC 89 -82.61 -6.41 -92.95
N LYS FC 90 -83.55 -5.66 -92.38
CA LYS FC 90 -83.93 -5.90 -90.99
C LYS FC 90 -84.83 -7.13 -90.88
N VAL FC 91 -84.84 -7.72 -89.68
CA VAL FC 91 -85.71 -8.85 -89.40
C VAL FC 91 -87.16 -8.37 -89.40
N GLY FC 92 -88.01 -9.12 -90.09
CA GLY FC 92 -89.42 -8.79 -90.15
C GLY FC 92 -89.81 -7.80 -91.23
N ASP FC 93 -88.92 -7.50 -92.17
CA ASP FC 93 -89.23 -6.54 -93.22
C ASP FC 93 -90.17 -7.17 -94.26
N VAL FC 94 -90.60 -6.36 -95.22
CA VAL FC 94 -91.40 -6.85 -96.33
C VAL FC 94 -90.46 -7.43 -97.39
N SER FC 95 -90.71 -8.67 -97.79
CA SER FC 95 -89.80 -9.37 -98.68
C SER FC 95 -89.75 -8.71 -100.07
N ALA FC 96 -90.91 -8.36 -100.61
CA ALA FC 96 -90.94 -7.85 -101.98
C ALA FC 96 -90.17 -6.56 -102.13
N THR FC 97 -90.21 -5.69 -101.11
CA THR FC 97 -89.47 -4.43 -101.19
C THR FC 97 -87.97 -4.68 -101.32
N VAL FC 98 -87.42 -5.56 -100.47
CA VAL FC 98 -85.99 -5.86 -100.57
C VAL FC 98 -85.69 -6.53 -101.90
N SER FC 99 -86.58 -7.40 -102.36
CA SER FC 99 -86.38 -8.04 -103.65
C SER FC 99 -86.34 -7.03 -104.77
N ASP FC 100 -87.07 -5.93 -104.64
CA ASP FC 100 -87.06 -4.89 -105.68
C ASP FC 100 -85.70 -4.22 -105.76
N LEU FC 101 -85.12 -3.86 -104.62
CA LEU FC 101 -83.76 -3.32 -104.61
C LEU FC 101 -82.78 -4.34 -105.18
N GLY FC 102 -82.95 -5.62 -104.84
CA GLY FC 102 -82.06 -6.64 -105.36
C GLY FC 102 -82.15 -6.75 -106.87
N GLU FC 103 -83.36 -6.78 -107.42
CA GLU FC 103 -83.53 -6.82 -108.87
C GLU FC 103 -82.94 -5.57 -109.52
N ALA FC 104 -83.10 -4.41 -108.88
CA ALA FC 104 -82.52 -3.20 -109.44
C ALA FC 104 -81.00 -3.30 -109.51
N LEU FC 105 -80.36 -3.75 -108.43
CA LEU FC 105 -78.90 -3.89 -108.43
C LEU FC 105 -78.46 -4.89 -109.47
N SER FC 106 -79.18 -6.01 -109.57
CA SER FC 106 -78.84 -7.02 -110.57
C SER FC 106 -78.98 -6.47 -111.98
N PHE FC 107 -80.01 -5.66 -112.21
CA PHE FC 107 -80.30 -5.14 -113.54
C PHE FC 107 -79.29 -4.07 -113.93
N TYR FC 108 -78.79 -3.29 -112.98
CA TYR FC 108 -77.84 -2.24 -113.30
C TYR FC 108 -76.55 -2.84 -113.87
N LEU FC 109 -76.04 -3.89 -113.23
CA LEU FC 109 -74.78 -4.50 -113.64
C LEU FC 109 -74.96 -5.19 -114.99
N ASN FC 110 -74.18 -4.77 -115.97
CA ASN FC 110 -74.30 -5.25 -117.34
C ASN FC 110 -72.90 -5.46 -117.91
N GLU FC 111 -72.84 -6.02 -119.13
CA GLU FC 111 -71.54 -6.29 -119.75
C GLU FC 111 -70.71 -5.01 -119.87
N ALA FC 112 -71.29 -3.97 -120.47
CA ALA FC 112 -70.54 -2.75 -120.68
C ALA FC 112 -70.09 -2.14 -119.37
N LEU FC 113 -70.98 -2.14 -118.36
CA LEU FC 113 -70.61 -1.61 -117.06
C LEU FC 113 -69.49 -2.42 -116.43
N TYR FC 114 -69.54 -3.75 -116.55
CA TYR FC 114 -68.45 -4.57 -116.04
C TYR FC 114 -67.13 -4.21 -116.71
N GLY FC 115 -67.17 -4.03 -118.04
CA GLY FC 115 -65.97 -3.59 -118.74
C GLY FC 115 -65.45 -2.26 -118.22
N LYS FC 116 -66.35 -1.32 -117.95
CA LYS FC 116 -65.93 -0.02 -117.42
C LYS FC 116 -65.32 -0.17 -116.04
N LEU FC 117 -65.92 -1.01 -115.18
CA LEU FC 117 -65.35 -1.22 -113.85
C LEU FC 117 -63.94 -1.80 -113.93
N ILE FC 118 -63.73 -2.80 -114.79
CA ILE FC 118 -62.39 -3.35 -114.96
C ILE FC 118 -61.43 -2.26 -115.43
N GLY FC 119 -61.95 -1.17 -115.99
CA GLY FC 119 -61.14 -0.04 -116.40
C GLY FC 119 -60.75 0.90 -115.27
N TRP FC 120 -61.16 0.58 -114.03
CA TRP FC 120 -60.75 1.36 -112.85
C TRP FC 120 -61.39 2.74 -112.80
N GLU FC 121 -62.19 3.09 -113.80
CA GLU FC 121 -62.77 4.43 -113.84
C GLU FC 121 -63.92 4.54 -112.84
N SER FC 122 -63.69 5.26 -111.75
CA SER FC 122 -64.66 5.36 -110.67
C SER FC 122 -65.75 6.36 -110.99
N ALA GC 1 -54.61 -72.39 -100.21
CA ALA GC 1 -53.94 -72.44 -101.55
C ALA GC 1 -53.97 -71.07 -102.22
N LEU GC 2 -55.02 -70.79 -102.99
CA LEU GC 2 -55.24 -69.54 -103.73
C LEU GC 2 -54.28 -69.38 -104.90
N GLY GC 3 -53.30 -70.27 -105.06
CA GLY GC 3 -52.34 -70.16 -106.15
C GLY GC 3 -51.14 -69.30 -105.78
N ASP GC 4 -50.11 -69.41 -106.61
CA ASP GC 4 -48.87 -68.67 -106.41
C ASP GC 4 -48.72 -67.48 -107.34
N THR GC 5 -49.58 -67.35 -108.36
CA THR GC 5 -49.60 -66.19 -109.23
C THR GC 5 -50.93 -65.46 -109.07
N LEU GC 6 -50.85 -64.17 -108.74
CA LEU GC 6 -52.03 -63.32 -108.58
C LEU GC 6 -52.06 -62.35 -109.76
N THR GC 7 -53.18 -62.32 -110.47
CA THR GC 7 -53.32 -61.56 -111.70
C THR GC 7 -54.17 -60.32 -111.46
N ILE GC 8 -53.63 -59.16 -111.79
CA ILE GC 8 -54.33 -57.88 -111.68
C ILE GC 8 -54.55 -57.36 -113.09
N THR GC 9 -55.80 -57.10 -113.44
CA THR GC 9 -56.16 -56.57 -114.75
C THR GC 9 -56.50 -55.10 -114.57
N LEU GC 10 -55.49 -54.23 -114.72
CA LEU GC 10 -55.72 -52.81 -114.58
C LEU GC 10 -56.77 -52.36 -115.60
N GLY GC 11 -57.74 -51.58 -115.13
CA GLY GC 11 -58.82 -51.14 -115.99
C GLY GC 11 -59.96 -52.13 -116.11
N GLY GC 12 -60.13 -53.02 -115.14
CA GLY GC 12 -61.25 -53.94 -115.20
C GLY GC 12 -61.13 -54.92 -116.36
N SER GC 13 -62.28 -55.45 -116.75
CA SER GC 13 -62.29 -56.49 -117.77
C SER GC 13 -61.76 -55.94 -119.09
N GLY GC 14 -60.99 -56.78 -119.79
CA GLY GC 14 -60.41 -56.40 -121.06
C GLY GC 14 -59.22 -55.48 -120.96
N GLY GC 15 -58.63 -55.31 -119.77
CA GLY GC 15 -57.54 -54.36 -119.59
C GLY GC 15 -56.16 -54.95 -119.81
N THR GC 16 -55.20 -54.50 -119.02
CA THR GC 16 -53.83 -54.97 -119.08
C THR GC 16 -53.58 -55.90 -117.89
N ALA GC 17 -53.05 -57.09 -118.16
CA ALA GC 17 -52.86 -58.10 -117.13
C ALA GC 17 -51.43 -58.05 -116.61
N LYS GC 18 -51.30 -57.97 -115.28
CA LYS GC 18 -50.00 -58.05 -114.61
C LYS GC 18 -50.02 -59.26 -113.70
N VAL GC 19 -48.95 -60.06 -113.75
CA VAL GC 19 -48.92 -61.34 -113.04
C VAL GC 19 -47.90 -61.29 -111.89
N LEU GC 20 -48.39 -61.08 -110.67
CA LEU GC 20 -47.51 -61.06 -109.52
C LEU GC 20 -47.15 -62.49 -109.11
N ARG GC 21 -46.09 -62.62 -108.32
CA ARG GC 21 -45.59 -63.92 -107.88
C ARG GC 21 -45.55 -63.97 -106.36
N LYS GC 22 -45.80 -65.16 -105.81
CA LYS GC 22 -45.74 -65.33 -104.36
C LYS GC 22 -44.29 -65.33 -103.90
N ILE GC 23 -44.01 -64.61 -102.81
CA ILE GC 23 -42.64 -64.44 -102.34
C ILE GC 23 -42.48 -64.62 -100.84
N ASN GC 24 -43.55 -64.66 -100.05
CA ASN GC 24 -43.44 -64.83 -98.60
C ASN GC 24 -44.74 -65.42 -98.07
N GLN GC 25 -44.67 -65.97 -96.85
CA GLN GC 25 -45.87 -66.42 -96.15
C GLN GC 25 -45.55 -66.43 -94.65
N ASP GC 26 -46.03 -65.42 -93.93
CA ASP GC 26 -45.85 -65.33 -92.48
C ASP GC 26 -47.11 -64.76 -91.85
N GLY GC 27 -47.34 -65.15 -90.60
CA GLY GC 27 -48.40 -64.55 -89.82
C GLY GC 27 -49.77 -64.68 -90.44
N TYR GC 28 -50.05 -65.81 -91.10
CA TYR GC 28 -51.34 -66.05 -91.73
C TYR GC 28 -51.59 -65.06 -92.88
N THR GC 29 -50.51 -64.50 -93.43
CA THR GC 29 -50.58 -63.47 -94.46
C THR GC 29 -49.87 -63.98 -95.70
N SER GC 30 -49.87 -63.16 -96.75
CA SER GC 30 -49.18 -63.50 -97.99
C SER GC 30 -48.69 -62.24 -98.68
N GLU GC 31 -47.68 -62.42 -99.53
CA GLU GC 31 -47.07 -61.33 -100.30
C GLU GC 31 -46.96 -61.75 -101.76
N TYR GC 32 -47.38 -60.86 -102.66
CA TYR GC 32 -47.22 -61.03 -104.09
C TYR GC 32 -46.49 -59.81 -104.64
N TYR GC 33 -45.57 -60.02 -105.58
CA TYR GC 33 -44.70 -58.94 -106.03
C TYR GC 33 -44.45 -59.03 -107.53
N LEU GC 34 -44.13 -57.87 -108.13
CA LEU GC 34 -43.72 -57.78 -109.53
C LEU GC 34 -42.92 -56.50 -109.77
N PRO GC 35 -41.68 -56.58 -110.24
CA PRO GC 35 -40.89 -55.36 -110.47
C PRO GC 35 -41.01 -54.82 -111.89
N GLU GC 36 -40.73 -53.52 -112.01
CA GLU GC 36 -40.75 -52.82 -113.29
C GLU GC 36 -39.63 -51.80 -113.32
N THR GC 37 -39.38 -51.25 -114.51
CA THR GC 37 -38.33 -50.25 -114.66
C THR GC 37 -38.65 -48.98 -113.87
N SER GC 38 -39.90 -48.53 -113.89
CA SER GC 38 -40.29 -47.28 -113.25
C SER GC 38 -41.33 -47.44 -112.16
N SER GC 39 -41.84 -48.65 -111.91
CA SER GC 39 -42.84 -48.86 -110.88
C SER GC 39 -42.70 -50.28 -110.34
N SER GC 40 -43.65 -50.67 -109.49
CA SER GC 40 -43.67 -52.00 -108.92
C SER GC 40 -45.10 -52.33 -108.51
N PHE GC 41 -45.43 -53.62 -108.53
CA PHE GC 41 -46.75 -54.11 -108.15
C PHE GC 41 -46.62 -55.05 -106.97
N ARG GC 42 -47.45 -54.83 -105.94
CA ARG GC 42 -47.40 -55.58 -104.70
C ARG GC 42 -48.82 -55.84 -104.22
N ALA GC 43 -49.07 -57.04 -103.70
CA ALA GC 43 -50.37 -57.40 -103.16
C ALA GC 43 -50.20 -58.12 -101.83
N LYS GC 44 -51.13 -57.88 -100.92
CA LYS GC 44 -51.07 -58.38 -99.55
C LYS GC 44 -52.42 -59.00 -99.17
N VAL GC 45 -52.37 -60.06 -98.37
CA VAL GC 45 -53.56 -60.70 -97.81
C VAL GC 45 -53.29 -61.05 -96.35
N ARG GC 46 -54.26 -60.78 -95.48
CA ARG GC 46 -54.12 -61.03 -94.06
C ARG GC 46 -55.41 -61.62 -93.51
N HIS GC 47 -55.28 -62.36 -92.41
CA HIS GC 47 -56.41 -62.84 -91.61
C HIS GC 47 -56.15 -62.54 -90.15
N THR GC 48 -57.23 -62.36 -89.38
CA THR GC 48 -57.10 -62.01 -87.98
C THR GC 48 -58.35 -62.44 -87.22
N LYS GC 49 -58.16 -62.89 -85.99
CA LYS GC 49 -59.23 -63.20 -85.05
C LYS GC 49 -59.10 -62.25 -83.87
N GLU GC 50 -60.18 -61.52 -83.57
CA GLU GC 50 -60.10 -60.50 -82.53
C GLU GC 50 -59.96 -61.16 -81.15
N SER GC 51 -59.35 -60.41 -80.23
CA SER GC 51 -59.02 -60.95 -78.92
C SER GC 51 -60.27 -61.39 -78.17
N VAL GC 52 -60.16 -62.53 -77.47
CA VAL GC 52 -61.31 -63.08 -76.76
C VAL GC 52 -61.71 -62.16 -75.63
N LYS GC 53 -63.02 -62.08 -75.41
CA LYS GC 53 -63.63 -61.26 -74.36
C LYS GC 53 -64.54 -62.16 -73.55
N PRO GC 54 -64.82 -61.80 -72.30
CA PRO GC 54 -65.62 -62.70 -71.46
C PRO GC 54 -67.06 -62.89 -71.93
N ASN GC 55 -67.87 -61.82 -72.11
CA ASN GC 55 -69.21 -61.95 -72.67
C ASN GC 55 -69.37 -60.96 -73.83
N GLN GC 56 -68.92 -61.40 -75.01
CA GLN GC 56 -69.17 -60.71 -76.27
C GLN GC 56 -69.04 -61.72 -77.40
N VAL GC 57 -69.46 -61.29 -78.59
CA VAL GC 57 -69.35 -62.11 -79.79
C VAL GC 57 -67.93 -62.05 -80.32
N GLN GC 58 -67.34 -63.21 -80.58
CA GLN GC 58 -66.00 -63.30 -81.13
C GLN GC 58 -66.05 -63.09 -82.64
N TYR GC 59 -65.18 -62.22 -83.14
CA TYR GC 59 -65.28 -61.71 -84.51
C TYR GC 59 -64.03 -62.08 -85.30
N GLU GC 60 -64.19 -62.13 -86.62
CA GLU GC 60 -63.12 -62.51 -87.53
C GLU GC 60 -63.08 -61.54 -88.71
N ARG GC 61 -61.88 -61.07 -89.04
CA ARG GC 61 -61.68 -60.05 -90.06
C ARG GC 61 -60.91 -60.61 -91.24
N HIS GC 62 -61.03 -59.95 -92.40
CA HIS GC 62 -60.27 -60.31 -93.59
C HIS GC 62 -59.86 -59.03 -94.31
N ASN GC 63 -58.73 -59.07 -95.01
CA ASN GC 63 -58.19 -57.90 -95.68
C ASN GC 63 -57.55 -58.30 -97.00
N VAL GC 64 -57.67 -57.43 -98.01
CA VAL GC 64 -56.99 -57.57 -99.29
C VAL GC 64 -56.50 -56.20 -99.74
N GLU GC 65 -55.26 -56.14 -100.23
CA GLU GC 65 -54.59 -54.87 -100.53
C GLU GC 65 -53.91 -54.94 -101.89
N PHE GC 66 -54.04 -53.86 -102.66
CA PHE GC 66 -53.23 -53.62 -103.84
C PHE GC 66 -52.46 -52.32 -103.66
N THR GC 67 -51.18 -52.34 -104.01
CA THR GC 67 -50.30 -51.19 -103.86
C THR GC 67 -49.54 -50.96 -105.16
N GLU GC 68 -49.34 -49.69 -105.50
CA GLU GC 68 -48.60 -49.30 -106.70
C GLU GC 68 -47.66 -48.16 -106.35
N THR GC 69 -46.35 -48.40 -106.47
CA THR GC 69 -45.34 -47.41 -106.15
C THR GC 69 -44.63 -46.97 -107.42
N VAL GC 70 -44.38 -45.66 -107.51
CA VAL GC 70 -43.69 -45.06 -108.65
C VAL GC 70 -42.39 -44.44 -108.14
N TYR GC 71 -41.27 -44.87 -108.71
CA TYR GC 71 -39.97 -44.38 -108.25
C TYR GC 71 -39.79 -42.90 -108.58
N ALA GC 72 -39.01 -42.23 -107.75
CA ALA GC 72 -38.79 -40.80 -107.93
C ALA GC 72 -38.11 -40.53 -109.25
N SER GC 73 -38.65 -39.56 -110.00
CA SER GC 73 -38.10 -39.14 -111.27
C SER GC 73 -38.02 -37.62 -111.27
N GLY GC 74 -36.84 -37.09 -111.60
CA GLY GC 74 -36.66 -35.65 -111.57
C GLY GC 74 -36.92 -35.12 -110.18
N SER GC 75 -37.66 -34.00 -110.12
CA SER GC 75 -37.96 -33.37 -108.84
C SER GC 75 -39.10 -34.04 -108.10
N THR GC 76 -39.91 -34.84 -108.79
CA THR GC 76 -41.07 -35.47 -108.16
C THR GC 76 -40.61 -36.62 -107.27
N PRO GC 77 -40.93 -36.61 -105.97
CA PRO GC 77 -40.51 -37.73 -105.12
C PRO GC 77 -41.35 -38.97 -105.34
N GLU GC 78 -41.09 -40.02 -104.56
CA GLU GC 78 -41.86 -41.25 -104.64
C GLU GC 78 -43.31 -41.00 -104.24
N PHE GC 79 -44.23 -41.70 -104.88
CA PHE GC 79 -45.62 -41.68 -104.45
C PHE GC 79 -46.28 -43.01 -104.83
N VAL GC 80 -47.34 -43.35 -104.10
CA VAL GC 80 -47.92 -44.68 -104.08
C VAL GC 80 -49.42 -44.58 -104.29
N ARG GC 81 -49.98 -45.54 -105.02
CA ARG GC 81 -51.42 -45.70 -105.17
C ARG GC 81 -51.84 -47.07 -104.68
N GLN GC 82 -52.90 -47.14 -103.87
CA GLN GC 82 -53.35 -48.42 -103.35
C GLN GC 82 -54.85 -48.42 -103.19
N ALA GC 83 -55.43 -49.62 -103.15
CA ALA GC 83 -56.85 -49.79 -102.88
C ALA GC 83 -57.05 -51.15 -102.21
N TYR GC 84 -57.96 -51.20 -101.24
CA TYR GC 84 -58.12 -52.40 -100.42
C TYR GC 84 -59.57 -52.56 -99.98
N VAL GC 85 -59.89 -53.79 -99.58
CA VAL GC 85 -61.20 -54.17 -99.07
C VAL GC 85 -61.02 -54.97 -97.78
N VAL GC 86 -62.03 -54.92 -96.91
CA VAL GC 86 -62.01 -55.61 -95.64
C VAL GC 86 -63.37 -56.26 -95.40
N ILE GC 87 -63.37 -57.43 -94.78
CA ILE GC 87 -64.59 -58.14 -94.41
C ILE GC 87 -64.45 -58.62 -92.97
N ARG GC 88 -65.50 -58.44 -92.17
CA ARG GC 88 -65.52 -58.91 -90.78
C ARG GC 88 -66.86 -59.52 -90.46
N HIS GC 89 -66.84 -60.60 -89.67
CA HIS GC 89 -68.05 -61.30 -89.26
C HIS GC 89 -67.71 -62.20 -88.09
N LYS GC 90 -68.74 -62.85 -87.53
CA LYS GC 90 -68.54 -63.71 -86.38
C LYS GC 90 -68.07 -65.10 -86.82
N VAL GC 91 -67.49 -65.83 -85.86
CA VAL GC 91 -66.71 -67.02 -86.21
C VAL GC 91 -67.63 -68.11 -86.76
N GLY GC 92 -68.81 -68.28 -86.17
CA GLY GC 92 -69.65 -69.41 -86.52
C GLY GC 92 -70.80 -69.09 -87.47
N ASP GC 93 -70.65 -68.03 -88.26
CA ASP GC 93 -71.75 -67.58 -89.11
C ASP GC 93 -71.85 -68.49 -90.33
N VAL GC 94 -72.76 -68.20 -91.25
CA VAL GC 94 -72.92 -68.95 -92.49
C VAL GC 94 -72.14 -68.24 -93.59
N SER GC 95 -71.36 -69.03 -94.35
CA SER GC 95 -70.50 -68.45 -95.38
C SER GC 95 -71.31 -67.76 -96.47
N ALA GC 96 -72.42 -68.37 -96.88
CA ALA GC 96 -73.14 -67.89 -98.06
C ALA GC 96 -73.63 -66.46 -97.87
N THR GC 97 -74.11 -66.10 -96.68
CA THR GC 97 -74.60 -64.75 -96.46
C THR GC 97 -73.48 -63.72 -96.57
N VAL GC 98 -72.33 -64.01 -95.95
CA VAL GC 98 -71.20 -63.07 -96.04
C VAL GC 98 -70.76 -62.94 -97.49
N SER GC 99 -70.76 -64.05 -98.22
CA SER GC 99 -70.42 -64.00 -99.64
C SER GC 99 -71.44 -63.17 -100.41
N ASP GC 100 -72.71 -63.24 -100.04
CA ASP GC 100 -73.74 -62.45 -100.72
C ASP GC 100 -73.52 -60.96 -100.48
N LEU GC 101 -73.21 -60.58 -99.22
CA LEU GC 101 -72.94 -59.18 -98.92
C LEU GC 101 -71.69 -58.69 -99.66
N GLY GC 102 -70.65 -59.52 -99.73
CA GLY GC 102 -69.47 -59.15 -100.51
C GLY GC 102 -69.78 -59.01 -101.98
N GLU GC 103 -70.62 -59.90 -102.51
CA GLU GC 103 -71.08 -59.78 -103.89
C GLU GC 103 -71.77 -58.44 -104.10
N ALA GC 104 -72.61 -58.04 -103.14
CA ALA GC 104 -73.29 -56.75 -103.22
C ALA GC 104 -72.30 -55.60 -103.30
N LEU GC 105 -71.35 -55.56 -102.37
CA LEU GC 105 -70.39 -54.44 -102.36
C LEU GC 105 -69.58 -54.41 -103.65
N SER GC 106 -69.15 -55.59 -104.12
CA SER GC 106 -68.37 -55.65 -105.35
C SER GC 106 -69.19 -55.18 -106.54
N PHE GC 107 -70.46 -55.58 -106.60
CA PHE GC 107 -71.30 -55.22 -107.75
C PHE GC 107 -71.66 -53.75 -107.75
N TYR GC 108 -71.80 -53.14 -106.57
CA TYR GC 108 -72.12 -51.72 -106.51
C TYR GC 108 -71.03 -50.88 -107.18
N LEU GC 109 -69.77 -51.18 -106.90
CA LEU GC 109 -68.67 -50.34 -107.35
C LEU GC 109 -68.36 -50.60 -108.82
N ASN GC 110 -68.32 -49.53 -109.62
CA ASN GC 110 -67.95 -49.62 -111.03
C ASN GC 110 -67.17 -48.37 -111.40
N GLU GC 111 -66.81 -48.26 -112.68
CA GLU GC 111 -66.03 -47.11 -113.13
C GLU GC 111 -66.80 -45.81 -112.96
N ALA GC 112 -68.09 -45.82 -113.30
CA ALA GC 112 -68.89 -44.61 -113.17
C ALA GC 112 -68.94 -44.14 -111.71
N LEU GC 113 -69.15 -45.08 -110.79
CA LEU GC 113 -69.22 -44.70 -109.39
C LEU GC 113 -67.86 -44.21 -108.89
N TYR GC 114 -66.78 -44.80 -109.38
CA TYR GC 114 -65.45 -44.31 -109.00
C TYR GC 114 -65.22 -42.88 -109.49
N GLY GC 115 -65.60 -42.60 -110.74
CA GLY GC 115 -65.48 -41.23 -111.22
C GLY GC 115 -66.31 -40.26 -110.41
N LYS GC 116 -67.54 -40.65 -110.08
CA LYS GC 116 -68.39 -39.82 -109.23
C LYS GC 116 -67.75 -39.59 -107.86
N LEU GC 117 -67.16 -40.64 -107.28
CA LEU GC 117 -66.59 -40.55 -105.94
C LEU GC 117 -65.37 -39.64 -105.91
N ILE GC 118 -64.54 -39.70 -106.94
CA ILE GC 118 -63.34 -38.85 -106.97
C ILE GC 118 -63.73 -37.38 -106.92
N GLY GC 119 -64.96 -37.06 -107.33
CA GLY GC 119 -65.45 -35.69 -107.27
C GLY GC 119 -65.92 -35.24 -105.89
N TRP GC 120 -65.59 -35.98 -104.84
CA TRP GC 120 -65.99 -35.63 -103.48
C TRP GC 120 -67.51 -35.55 -103.34
N GLU GC 121 -68.26 -36.31 -104.13
CA GLU GC 121 -69.72 -36.33 -104.03
C GLU GC 121 -70.09 -37.25 -102.87
N SER GC 122 -70.03 -36.68 -101.66
CA SER GC 122 -70.31 -37.43 -100.44
C SER GC 122 -71.63 -38.19 -100.54
N ALA HC 1 -43.14 -80.75 -96.01
CA ALA HC 1 -43.41 -81.18 -97.42
C ALA HC 1 -44.40 -82.34 -97.44
N LEU HC 2 -45.27 -82.37 -96.41
CA LEU HC 2 -46.26 -83.43 -96.29
C LEU HC 2 -47.29 -83.38 -97.39
N GLY HC 3 -47.48 -82.22 -98.01
CA GLY HC 3 -48.52 -82.01 -99.01
C GLY HC 3 -49.31 -80.74 -98.74
N ASP HC 4 -50.24 -80.47 -99.66
CA ASP HC 4 -51.10 -79.30 -99.57
C ASP HC 4 -52.46 -79.61 -98.95
N THR HC 5 -52.85 -80.88 -98.94
CA THR HC 5 -54.05 -81.32 -98.25
C THR HC 5 -53.71 -82.45 -97.30
N LEU HC 6 -54.53 -82.55 -96.25
CA LEU HC 6 -54.42 -83.55 -95.22
C LEU HC 6 -55.81 -84.10 -94.99
N THR HC 7 -55.91 -85.42 -94.91
CA THR HC 7 -57.19 -86.10 -94.81
C THR HC 7 -57.33 -86.71 -93.42
N ILE HC 8 -58.45 -86.43 -92.77
CA ILE HC 8 -58.79 -87.00 -91.48
C ILE HC 8 -60.01 -87.89 -91.69
N THR HC 9 -59.85 -89.17 -91.45
CA THR HC 9 -60.89 -90.17 -91.69
C THR HC 9 -61.54 -90.49 -90.34
N LEU HC 10 -62.64 -89.80 -90.04
CA LEU HC 10 -63.27 -89.98 -88.75
C LEU HC 10 -63.76 -91.41 -88.57
N GLY HC 11 -63.64 -91.90 -87.35
CA GLY HC 11 -64.00 -93.28 -87.07
C GLY HC 11 -63.06 -94.30 -87.67
N GLY HC 12 -61.76 -94.01 -87.70
CA GLY HC 12 -60.80 -95.00 -88.14
C GLY HC 12 -60.90 -95.26 -89.63
N SER HC 13 -60.60 -96.51 -90.00
CA SER HC 13 -60.66 -96.92 -91.41
C SER HC 13 -62.08 -97.03 -91.93
N GLY HC 14 -63.09 -96.64 -91.15
CA GLY HC 14 -64.47 -96.72 -91.60
C GLY HC 14 -64.77 -95.82 -92.78
N GLY HC 15 -64.75 -94.51 -92.56
CA GLY HC 15 -65.07 -93.56 -93.60
C GLY HC 15 -65.10 -92.12 -93.09
N THR HC 16 -65.94 -91.28 -93.69
CA THR HC 16 -66.13 -89.89 -93.26
C THR HC 16 -64.80 -89.13 -93.33
N ALA HC 17 -64.31 -89.00 -94.55
CA ALA HC 17 -63.05 -88.30 -94.78
C ALA HC 17 -63.27 -86.79 -94.83
N LYS HC 18 -62.36 -86.05 -94.19
CA LYS HC 18 -62.38 -84.59 -94.17
C LYS HC 18 -61.03 -84.08 -94.66
N VAL HC 19 -61.05 -83.09 -95.55
CA VAL HC 19 -59.84 -82.60 -96.21
C VAL HC 19 -59.52 -81.20 -95.70
N LEU HC 20 -58.32 -81.03 -95.17
CA LEU HC 20 -57.81 -79.72 -94.77
C LEU HC 20 -56.73 -79.24 -95.73
N ARG HC 21 -56.31 -77.99 -95.55
CA ARG HC 21 -55.38 -77.32 -96.45
C ARG HC 21 -54.31 -76.62 -95.59
N LYS HC 22 -53.19 -76.16 -96.18
CA LYS HC 22 -52.36 -75.22 -95.43
C LYS HC 22 -53.11 -73.92 -95.20
N ILE HC 23 -52.94 -73.37 -93.99
CA ILE HC 23 -53.28 -71.99 -93.68
C ILE HC 23 -52.03 -71.18 -93.36
N ASN HC 24 -51.06 -71.78 -92.67
CA ASN HC 24 -49.85 -71.09 -92.25
C ASN HC 24 -48.70 -72.08 -92.26
N GLN HC 25 -47.47 -71.57 -92.34
CA GLN HC 25 -46.31 -72.43 -92.15
C GLN HC 25 -45.16 -71.54 -91.68
N ASP HC 26 -44.86 -71.61 -90.38
CA ASP HC 26 -43.84 -70.77 -89.78
C ASP HC 26 -43.07 -71.55 -88.72
N GLY HC 27 -41.77 -71.32 -88.67
CA GLY HC 27 -40.94 -71.85 -87.61
C GLY HC 27 -40.94 -73.36 -87.49
N TYR HC 28 -40.80 -74.05 -88.62
CA TYR HC 28 -40.72 -75.52 -88.64
C TYR HC 28 -42.02 -76.17 -88.18
N THR HC 29 -43.13 -75.46 -88.36
CA THR HC 29 -44.45 -75.92 -87.95
C THR HC 29 -45.42 -75.75 -89.10
N SER HC 30 -46.55 -76.45 -89.01
CA SER HC 30 -47.61 -76.31 -89.99
C SER HC 30 -48.96 -76.41 -89.29
N GLU HC 31 -49.97 -75.81 -89.91
CA GLU HC 31 -51.32 -75.77 -89.33
C GLU HC 31 -52.31 -75.85 -90.48
N TYR HC 32 -53.38 -76.63 -90.29
CA TYR HC 32 -54.36 -76.87 -91.33
C TYR HC 32 -55.75 -76.55 -90.79
N TYR HC 33 -56.70 -76.28 -91.69
CA TYR HC 33 -58.03 -75.85 -91.28
C TYR HC 33 -59.08 -76.28 -92.28
N LEU HC 34 -60.31 -76.45 -91.78
CA LEU HC 34 -61.51 -76.66 -92.60
C LEU HC 34 -62.75 -76.25 -91.83
N PRO HC 35 -63.50 -75.24 -92.27
CA PRO HC 35 -64.74 -74.88 -91.57
C PRO HC 35 -65.98 -75.52 -92.21
N GLU HC 36 -67.00 -75.71 -91.38
CA GLU HC 36 -68.27 -76.30 -91.81
C GLU HC 36 -69.39 -75.61 -91.03
N THR HC 37 -70.59 -76.18 -91.12
CA THR HC 37 -71.77 -75.54 -90.53
C THR HC 37 -71.68 -75.51 -89.01
N SER HC 38 -71.42 -76.67 -88.38
CA SER HC 38 -71.51 -76.78 -86.93
C SER HC 38 -70.20 -77.09 -86.24
N SER HC 39 -69.14 -77.41 -86.98
CA SER HC 39 -67.84 -77.65 -86.36
C SER HC 39 -66.75 -77.40 -87.40
N SER HC 40 -65.52 -77.27 -86.90
CA SER HC 40 -64.38 -76.98 -87.75
C SER HC 40 -63.26 -77.95 -87.41
N PHE HC 41 -62.42 -78.22 -88.40
CA PHE HC 41 -61.33 -79.19 -88.30
C PHE HC 41 -60.01 -78.47 -88.42
N ARG HC 42 -59.08 -78.75 -87.50
CA ARG HC 42 -57.79 -78.09 -87.45
C ARG HC 42 -56.73 -79.13 -87.08
N ALA HC 43 -55.58 -79.07 -87.74
CA ALA HC 43 -54.46 -79.97 -87.46
C ALA HC 43 -53.17 -79.18 -87.41
N LYS HC 44 -52.23 -79.63 -86.57
CA LYS HC 44 -50.96 -78.97 -86.37
C LYS HC 44 -49.83 -79.98 -86.43
N VAL HC 45 -48.66 -79.51 -86.86
CA VAL HC 45 -47.42 -80.28 -86.79
C VAL HC 45 -46.31 -79.35 -86.30
N ARG HC 46 -45.51 -79.84 -85.36
CA ARG HC 46 -44.50 -79.01 -84.72
C ARG HC 46 -43.24 -79.81 -84.43
N HIS HC 47 -42.10 -79.13 -84.48
CA HIS HC 47 -40.80 -79.69 -84.11
C HIS HC 47 -40.05 -78.67 -83.27
N THR HC 48 -39.25 -79.16 -82.31
CA THR HC 48 -38.40 -78.30 -81.49
C THR HC 48 -37.29 -79.11 -80.85
N LYS HC 49 -36.27 -78.38 -80.36
CA LYS HC 49 -35.17 -78.94 -79.59
C LYS HC 49 -35.31 -78.44 -78.15
N GLU HC 50 -35.18 -79.33 -77.18
CA GLU HC 50 -35.15 -78.88 -75.79
C GLU HC 50 -33.83 -78.20 -75.46
N SER HC 51 -33.84 -77.41 -74.39
CA SER HC 51 -32.71 -76.55 -74.07
C SER HC 51 -31.44 -77.35 -73.86
N VAL HC 52 -30.33 -76.79 -74.32
CA VAL HC 52 -29.00 -77.35 -74.11
C VAL HC 52 -28.47 -76.85 -72.79
N LYS HC 53 -27.88 -77.75 -71.99
CA LYS HC 53 -27.18 -77.33 -70.79
C LYS HC 53 -25.91 -78.15 -70.70
N PRO HC 54 -24.99 -77.83 -69.77
CA PRO HC 54 -23.72 -78.54 -69.74
C PRO HC 54 -23.90 -80.05 -69.57
N ASN HC 55 -23.02 -80.80 -70.25
CA ASN HC 55 -22.80 -82.23 -70.06
C ASN HC 55 -24.07 -83.03 -69.76
N GLN HC 56 -25.04 -82.99 -70.66
CA GLN HC 56 -26.17 -83.91 -70.64
C GLN HC 56 -26.62 -84.21 -72.06
N VAL HC 57 -27.41 -85.27 -72.19
CA VAL HC 57 -27.81 -85.75 -73.51
C VAL HC 57 -28.74 -84.74 -74.18
N GLN HC 58 -28.67 -84.69 -75.50
CA GLN HC 58 -29.48 -83.77 -76.30
C GLN HC 58 -30.64 -84.53 -76.92
N TYR HC 59 -31.85 -83.99 -76.76
CA TYR HC 59 -33.08 -84.65 -77.18
C TYR HC 59 -33.80 -83.78 -78.21
N GLU HC 60 -34.70 -84.40 -78.98
CA GLU HC 60 -35.62 -83.65 -79.83
C GLU HC 60 -37.02 -84.25 -79.69
N ARG HC 61 -38.03 -83.37 -79.63
CA ARG HC 61 -39.42 -83.78 -79.50
C ARG HC 61 -40.19 -83.47 -80.77
N HIS HC 62 -41.16 -84.32 -81.09
CA HIS HC 62 -42.06 -84.13 -82.22
C HIS HC 62 -43.49 -84.36 -81.76
N ASN HC 63 -44.42 -83.63 -82.37
CA ASN HC 63 -45.81 -83.63 -81.93
C ASN HC 63 -46.75 -83.51 -83.12
N VAL HC 64 -47.83 -84.27 -83.08
CA VAL HC 64 -48.89 -84.23 -84.09
C VAL HC 64 -50.22 -84.15 -83.38
N GLU HC 65 -51.04 -83.16 -83.75
CA GLU HC 65 -52.16 -82.73 -82.93
C GLU HC 65 -53.39 -82.51 -83.79
N PHE HC 66 -54.53 -83.02 -83.32
CA PHE HC 66 -55.84 -82.76 -83.91
C PHE HC 66 -56.75 -82.07 -82.90
N THR HC 67 -57.66 -81.26 -83.43
CA THR HC 67 -58.57 -80.49 -82.59
C THR HC 67 -59.89 -80.34 -83.32
N GLU HC 68 -60.98 -80.22 -82.56
CA GLU HC 68 -62.32 -80.03 -83.12
C GLU HC 68 -63.11 -79.12 -82.20
N THR HC 69 -63.75 -78.08 -82.76
CA THR HC 69 -64.57 -77.17 -81.99
C THR HC 69 -65.99 -77.15 -82.53
N VAL HC 70 -66.96 -77.06 -81.62
CA VAL HC 70 -68.38 -77.07 -81.94
C VAL HC 70 -68.97 -75.74 -81.50
N TYR HC 71 -69.61 -75.03 -82.43
CA TYR HC 71 -70.15 -73.72 -82.11
C TYR HC 71 -71.38 -73.84 -81.21
N ALA HC 72 -71.60 -72.80 -80.41
CA ALA HC 72 -72.65 -72.83 -79.40
C ALA HC 72 -74.02 -72.97 -80.05
N SER HC 73 -74.86 -73.79 -79.43
CA SER HC 73 -76.24 -74.01 -79.86
C SER HC 73 -77.14 -73.96 -78.64
N GLY HC 74 -78.24 -73.22 -78.75
CA GLY HC 74 -79.13 -73.09 -77.61
C GLY HC 74 -78.40 -72.45 -76.44
N SER HC 75 -78.48 -73.08 -75.27
CA SER HC 75 -77.82 -72.62 -74.07
C SER HC 75 -76.48 -73.29 -73.81
N THR HC 76 -76.02 -74.17 -74.71
CA THR HC 76 -74.80 -74.92 -74.49
C THR HC 76 -73.63 -74.18 -75.12
N PRO HC 77 -72.63 -73.74 -74.34
CA PRO HC 77 -71.50 -73.01 -74.94
C PRO HC 77 -70.59 -73.90 -75.79
N GLU HC 78 -69.57 -73.29 -76.39
CA GLU HC 78 -68.64 -74.02 -77.24
C GLU HC 78 -67.79 -74.98 -76.42
N PHE HC 79 -67.28 -76.01 -77.07
CA PHE HC 79 -66.32 -76.92 -76.45
C PHE HC 79 -65.43 -77.52 -77.54
N VAL HC 80 -64.38 -78.23 -77.12
CA VAL HC 80 -63.40 -78.80 -78.02
C VAL HC 80 -63.20 -80.28 -77.72
N ARG HC 81 -62.73 -81.01 -78.72
CA ARG HC 81 -62.45 -82.44 -78.63
C ARG HC 81 -61.13 -82.73 -79.30
N GLN HC 82 -60.10 -82.95 -78.48
CA GLN HC 82 -58.71 -82.78 -78.89
C GLN HC 82 -57.94 -84.08 -78.64
N ALA HC 83 -56.96 -84.36 -79.49
CA ALA HC 83 -56.10 -85.53 -79.31
C ALA HC 83 -54.79 -85.30 -80.03
N TYR HC 84 -53.67 -85.68 -79.39
CA TYR HC 84 -52.35 -85.42 -79.95
C TYR HC 84 -51.37 -86.51 -79.52
N VAL HC 85 -50.23 -86.55 -80.21
CA VAL HC 85 -49.15 -87.49 -79.90
C VAL HC 85 -47.83 -86.71 -79.82
N VAL HC 86 -46.93 -87.15 -78.93
CA VAL HC 86 -45.60 -86.56 -78.78
C VAL HC 86 -44.56 -87.69 -78.75
N ILE HC 87 -43.41 -87.44 -79.38
CA ILE HC 87 -42.30 -88.39 -79.43
C ILE HC 87 -41.03 -87.68 -79.01
N ARG HC 88 -40.23 -88.34 -78.17
CA ARG HC 88 -38.92 -87.81 -77.75
C ARG HC 88 -37.86 -88.87 -78.00
N HIS HC 89 -36.68 -88.43 -78.47
CA HIS HC 89 -35.54 -89.31 -78.64
C HIS HC 89 -34.30 -88.47 -78.84
N LYS HC 90 -33.14 -89.06 -78.50
CA LYS HC 90 -31.90 -88.31 -78.47
C LYS HC 90 -31.43 -87.97 -79.87
N VAL HC 91 -30.66 -86.87 -79.97
CA VAL HC 91 -30.13 -86.45 -81.25
C VAL HC 91 -29.14 -87.50 -81.76
N GLY HC 92 -29.30 -87.89 -83.02
CA GLY HC 92 -28.42 -88.86 -83.64
C GLY HC 92 -28.80 -90.31 -83.43
N ASP HC 93 -29.96 -90.60 -82.83
CA ASP HC 93 -30.37 -91.97 -82.61
C ASP HC 93 -30.73 -92.65 -83.93
N VAL HC 94 -30.89 -93.97 -83.88
CA VAL HC 94 -31.25 -94.74 -85.07
C VAL HC 94 -32.73 -94.54 -85.37
N SER HC 95 -33.02 -94.16 -86.61
CA SER HC 95 -34.39 -93.80 -86.97
C SER HC 95 -35.32 -95.00 -86.85
N ALA HC 96 -34.87 -96.18 -87.28
CA ALA HC 96 -35.78 -97.31 -87.39
C ALA HC 96 -36.34 -97.72 -86.03
N THR HC 97 -35.51 -97.73 -84.99
CA THR HC 97 -35.99 -98.12 -83.67
C THR HC 97 -36.96 -97.09 -83.10
N VAL HC 98 -36.64 -95.80 -83.23
CA VAL HC 98 -37.53 -94.79 -82.67
C VAL HC 98 -38.82 -94.72 -83.47
N SER HC 99 -38.81 -95.20 -84.72
CA SER HC 99 -40.06 -95.39 -85.45
C SER HC 99 -40.84 -96.60 -84.91
N ASP HC 100 -40.15 -97.72 -84.69
CA ASP HC 100 -40.80 -98.94 -84.21
C ASP HC 100 -41.46 -98.70 -82.87
N LEU HC 101 -40.77 -98.04 -81.95
CA LEU HC 101 -41.43 -97.43 -80.81
C LEU HC 101 -42.24 -96.24 -81.33
N GLY HC 102 -43.45 -96.10 -80.85
CA GLY HC 102 -44.38 -95.20 -81.53
C GLY HC 102 -45.27 -95.96 -82.48
N GLU HC 103 -44.69 -96.74 -83.40
CA GLU HC 103 -45.52 -97.61 -84.23
C GLU HC 103 -46.20 -98.68 -83.38
N ALA HC 104 -45.48 -99.21 -82.38
CA ALA HC 104 -46.10 -100.15 -81.45
C ALA HC 104 -47.27 -99.50 -80.72
N LEU HC 105 -47.08 -98.26 -80.26
CA LEU HC 105 -48.15 -97.53 -79.59
C LEU HC 105 -49.34 -97.35 -80.52
N SER HC 106 -49.08 -96.99 -81.77
CA SER HC 106 -50.17 -96.81 -82.73
C SER HC 106 -50.93 -98.11 -82.93
N PHE HC 107 -50.21 -99.24 -83.03
CA PHE HC 107 -50.88 -100.53 -83.18
C PHE HC 107 -51.71 -100.88 -81.95
N TYR HC 108 -51.21 -100.55 -80.76
CA TYR HC 108 -51.89 -100.93 -79.53
C TYR HC 108 -53.26 -100.27 -79.43
N LEU HC 109 -53.35 -98.97 -79.72
CA LEU HC 109 -54.59 -98.24 -79.49
C LEU HC 109 -55.63 -98.62 -80.53
N ASN HC 110 -56.85 -98.86 -80.08
CA ASN HC 110 -57.96 -99.23 -80.95
C ASN HC 110 -59.26 -98.79 -80.27
N GLU HC 111 -60.39 -99.21 -80.82
CA GLU HC 111 -61.67 -98.76 -80.29
C GLU HC 111 -61.87 -99.20 -78.85
N ALA HC 112 -61.55 -100.46 -78.55
CA ALA HC 112 -61.80 -100.96 -77.20
C ALA HC 112 -60.96 -100.21 -76.17
N LEU HC 113 -59.69 -99.96 -76.48
CA LEU HC 113 -58.87 -99.21 -75.54
C LEU HC 113 -59.44 -97.82 -75.30
N TYR HC 114 -59.87 -97.14 -76.37
CA TYR HC 114 -60.44 -95.80 -76.19
C TYR HC 114 -61.70 -95.86 -75.34
N GLY HC 115 -62.56 -96.85 -75.57
CA GLY HC 115 -63.74 -96.99 -74.72
C GLY HC 115 -63.37 -97.18 -73.27
N LYS HC 116 -62.40 -98.06 -73.00
CA LYS HC 116 -61.97 -98.28 -71.62
C LYS HC 116 -61.42 -97.01 -70.99
N LEU HC 117 -60.59 -96.27 -71.73
CA LEU HC 117 -60.04 -95.04 -71.19
C LEU HC 117 -61.14 -94.03 -70.87
N ILE HC 118 -62.12 -93.89 -71.76
CA ILE HC 118 -63.25 -93.02 -71.46
C ILE HC 118 -63.99 -93.53 -70.22
N GLY HC 119 -63.94 -94.84 -69.99
CA GLY HC 119 -64.50 -95.41 -68.77
C GLY HC 119 -63.72 -95.15 -67.50
N TRP HC 120 -62.57 -94.48 -67.59
CA TRP HC 120 -61.66 -94.18 -66.48
C TRP HC 120 -60.94 -95.41 -65.95
N GLU HC 121 -61.11 -96.56 -66.58
CA GLU HC 121 -60.38 -97.77 -66.18
C GLU HC 121 -58.88 -97.62 -66.40
N SER HC 122 -58.12 -97.61 -65.31
CA SER HC 122 -56.66 -97.48 -65.39
C SER HC 122 -56.03 -98.77 -65.91
N ALA IC 1 -41.19 -69.54 -103.90
CA ALA IC 1 -42.15 -70.32 -104.74
C ALA IC 1 -41.40 -71.20 -105.74
N LEU IC 2 -40.25 -71.73 -105.32
CA LEU IC 2 -39.46 -72.58 -106.21
C LEU IC 2 -40.18 -73.89 -106.50
N GLY IC 3 -40.82 -74.46 -105.49
CA GLY IC 3 -41.39 -75.78 -105.58
C GLY IC 3 -41.33 -76.45 -104.21
N ASP IC 4 -41.48 -77.77 -104.20
CA ASP IC 4 -41.40 -78.53 -102.97
C ASP IC 4 -40.12 -79.33 -102.83
N THR IC 5 -39.50 -79.72 -103.94
CA THR IC 5 -38.28 -80.51 -103.93
C THR IC 5 -37.22 -79.86 -104.81
N LEU IC 6 -36.00 -79.78 -104.29
CA LEU IC 6 -34.85 -79.26 -105.01
C LEU IC 6 -33.89 -80.41 -105.30
N THR IC 7 -33.45 -80.52 -106.54
CA THR IC 7 -32.64 -81.65 -106.99
C THR IC 7 -31.19 -81.23 -107.15
N ILE IC 8 -30.29 -81.98 -106.52
CA ILE IC 8 -28.85 -81.76 -106.61
C ILE IC 8 -28.24 -82.97 -107.30
N THR IC 9 -27.58 -82.76 -108.42
CA THR IC 9 -26.95 -83.81 -109.21
C THR IC 9 -25.44 -83.71 -108.99
N LEU IC 10 -24.94 -84.46 -108.01
CA LEU IC 10 -23.51 -84.46 -107.74
C LEU IC 10 -22.75 -84.93 -108.98
N GLY IC 11 -21.70 -84.20 -109.33
CA GLY IC 11 -20.93 -84.52 -110.51
C GLY IC 11 -21.45 -83.89 -111.79
N GLY IC 12 -22.25 -82.84 -111.69
CA GLY IC 12 -22.72 -82.17 -112.89
C GLY IC 12 -23.72 -83.01 -113.67
N SER IC 13 -23.81 -82.73 -114.96
CA SER IC 13 -24.74 -83.44 -115.82
C SER IC 13 -24.41 -84.92 -115.87
N GLY IC 14 -25.46 -85.75 -115.81
CA GLY IC 14 -25.28 -87.19 -115.85
C GLY IC 14 -24.76 -87.79 -114.57
N GLY IC 15 -24.93 -87.12 -113.44
CA GLY IC 15 -24.40 -87.55 -112.16
C GLY IC 15 -25.37 -88.38 -111.35
N THR IC 16 -25.26 -88.27 -110.04
CA THR IC 16 -26.13 -88.96 -109.10
C THR IC 16 -27.16 -87.97 -108.56
N ALA IC 17 -28.44 -88.35 -108.65
CA ALA IC 17 -29.51 -87.43 -108.28
C ALA IC 17 -29.78 -87.46 -106.78
N LYS IC 18 -30.01 -86.29 -106.21
CA LYS IC 18 -30.39 -86.15 -104.80
C LYS IC 18 -31.56 -85.18 -104.72
N VAL IC 19 -32.69 -85.64 -104.20
CA VAL IC 19 -33.91 -84.84 -104.11
C VAL IC 19 -34.07 -84.36 -102.68
N LEU IC 20 -34.12 -83.04 -102.50
CA LEU IC 20 -34.27 -82.43 -101.18
C LEU IC 20 -35.76 -82.13 -100.92
N ARG IC 21 -36.06 -81.75 -99.68
CA ARG IC 21 -37.42 -81.45 -99.24
C ARG IC 21 -37.45 -80.10 -98.55
N LYS IC 22 -38.49 -79.30 -98.82
CA LYS IC 22 -38.61 -78.03 -98.14
C LYS IC 22 -39.00 -78.25 -96.68
N ILE IC 23 -38.37 -77.49 -95.79
CA ILE IC 23 -38.56 -77.65 -94.35
C ILE IC 23 -39.16 -76.37 -93.77
N ASN IC 24 -38.81 -75.22 -94.34
CA ASN IC 24 -39.18 -73.95 -93.71
C ASN IC 24 -38.90 -72.80 -94.67
N GLN IC 25 -39.58 -71.69 -94.41
CA GLN IC 25 -39.34 -70.43 -95.12
C GLN IC 25 -40.11 -69.33 -94.41
N ASP IC 26 -39.39 -68.40 -93.76
CA ASP IC 26 -40.05 -67.31 -93.05
C ASP IC 26 -39.67 -65.94 -93.60
N GLY IC 27 -38.39 -65.58 -93.61
CA GLY IC 27 -37.99 -64.22 -93.89
C GLY IC 27 -37.51 -63.98 -95.30
N TYR IC 28 -38.36 -64.24 -96.29
CA TYR IC 28 -37.94 -64.25 -97.69
C TYR IC 28 -36.85 -65.27 -97.94
N THR IC 29 -36.70 -66.24 -97.02
CA THR IC 29 -35.66 -67.24 -97.07
C THR IC 29 -36.30 -68.62 -97.17
N SER IC 30 -35.64 -69.55 -97.86
CA SER IC 30 -36.12 -70.92 -97.96
C SER IC 30 -34.95 -71.88 -97.82
N GLU IC 31 -35.19 -73.03 -97.18
CA GLU IC 31 -34.16 -74.01 -96.98
C GLU IC 31 -34.73 -75.40 -97.21
N TYR IC 32 -33.86 -76.32 -97.65
CA TYR IC 32 -34.22 -77.69 -97.98
C TYR IC 32 -33.31 -78.61 -97.18
N TYR IC 33 -33.80 -79.80 -96.79
CA TYR IC 33 -33.00 -80.71 -95.98
C TYR IC 33 -33.21 -82.15 -96.42
N LEU IC 34 -32.20 -82.99 -96.13
CA LEU IC 34 -32.25 -84.44 -96.31
C LEU IC 34 -31.23 -85.12 -95.42
N PRO IC 35 -31.63 -86.08 -94.57
CA PRO IC 35 -30.64 -86.87 -93.84
C PRO IC 35 -30.24 -88.15 -94.56
N GLU IC 36 -29.11 -88.69 -94.11
CA GLU IC 36 -28.47 -89.83 -94.77
C GLU IC 36 -27.76 -90.67 -93.72
N THR IC 37 -27.37 -91.89 -94.11
CA THR IC 37 -26.70 -92.78 -93.16
C THR IC 37 -25.31 -92.30 -92.80
N SER IC 38 -24.59 -91.68 -93.74
CA SER IC 38 -23.22 -91.22 -93.49
C SER IC 38 -22.99 -89.75 -93.77
N SER IC 39 -23.99 -89.01 -94.24
CA SER IC 39 -23.82 -87.59 -94.52
C SER IC 39 -25.18 -86.90 -94.37
N SER IC 40 -25.27 -85.66 -94.83
CA SER IC 40 -26.51 -84.90 -94.77
C SER IC 40 -26.41 -83.73 -95.73
N PHE IC 41 -27.53 -83.38 -96.35
CA PHE IC 41 -27.58 -82.34 -97.37
C PHE IC 41 -28.53 -81.23 -96.94
N ARG IC 42 -28.18 -80.00 -97.29
CA ARG IC 42 -28.95 -78.83 -96.90
C ARG IC 42 -28.75 -77.74 -97.95
N ALA IC 43 -29.81 -76.97 -98.20
CA ALA IC 43 -29.76 -75.84 -99.11
C ALA IC 43 -30.53 -74.67 -98.48
N LYS IC 44 -30.16 -73.46 -98.89
CA LYS IC 44 -30.77 -72.25 -98.37
C LYS IC 44 -30.85 -71.23 -99.49
N VAL IC 45 -31.79 -70.29 -99.36
CA VAL IC 45 -31.90 -69.15 -100.26
C VAL IC 45 -32.24 -67.91 -99.43
N ARG IC 46 -31.62 -66.78 -99.76
CA ARG IC 46 -31.86 -65.54 -99.04
C ARG IC 46 -31.99 -64.37 -100.02
N HIS IC 47 -32.67 -63.33 -99.56
CA HIS IC 47 -32.80 -62.05 -100.25
C HIS IC 47 -32.73 -60.95 -99.19
N THR IC 48 -32.27 -59.76 -99.59
CA THR IC 48 -32.13 -58.68 -98.62
C THR IC 48 -31.91 -57.35 -99.34
N LYS IC 49 -32.32 -56.27 -98.68
CA LYS IC 49 -31.94 -54.92 -99.09
C LYS IC 49 -30.57 -54.59 -98.55
N GLU IC 50 -29.77 -53.88 -99.33
CA GLU IC 50 -28.59 -53.24 -98.76
C GLU IC 50 -28.97 -51.92 -98.10
N SER IC 51 -28.13 -51.48 -97.16
CA SER IC 51 -28.46 -50.30 -96.38
C SER IC 51 -28.54 -49.07 -97.28
N VAL IC 52 -29.44 -48.15 -96.93
CA VAL IC 52 -29.66 -46.95 -97.71
C VAL IC 52 -28.68 -45.88 -97.25
N LYS IC 53 -27.93 -45.33 -98.19
CA LYS IC 53 -27.00 -44.24 -97.92
C LYS IC 53 -27.56 -42.95 -98.52
N PRO IC 54 -27.51 -41.82 -97.81
CA PRO IC 54 -28.15 -40.60 -98.33
C PRO IC 54 -27.63 -40.18 -99.69
N ASN IC 55 -28.51 -40.21 -100.71
CA ASN IC 55 -28.20 -39.70 -102.04
C ASN IC 55 -27.20 -40.58 -102.79
N GLN IC 56 -27.36 -41.91 -102.68
CA GLN IC 56 -26.57 -42.85 -103.45
C GLN IC 56 -27.48 -43.94 -103.98
N VAL IC 57 -26.97 -44.71 -104.95
CA VAL IC 57 -27.76 -45.75 -105.57
C VAL IC 57 -28.13 -46.83 -104.55
N GLN IC 58 -29.27 -47.48 -104.79
CA GLN IC 58 -29.82 -48.49 -103.89
C GLN IC 58 -29.68 -49.86 -104.55
N TYR IC 59 -29.07 -50.80 -103.84
CA TYR IC 59 -28.71 -52.11 -104.37
C TYR IC 59 -29.43 -53.21 -103.60
N GLU IC 60 -29.58 -54.37 -104.24
CA GLU IC 60 -30.17 -55.54 -103.62
C GLU IC 60 -29.42 -56.80 -104.06
N ARG IC 61 -29.49 -57.83 -103.21
CA ARG IC 61 -28.64 -59.01 -103.31
C ARG IC 61 -29.50 -60.27 -103.36
N HIS IC 62 -29.06 -61.25 -104.15
CA HIS IC 62 -29.61 -62.59 -104.14
C HIS IC 62 -28.51 -63.59 -103.84
N ASN IC 63 -28.80 -64.52 -102.93
CA ASN IC 63 -27.80 -65.46 -102.42
C ASN IC 63 -28.37 -66.86 -102.43
N VAL IC 64 -27.50 -67.84 -102.65
CA VAL IC 64 -27.88 -69.26 -102.60
C VAL IC 64 -26.64 -70.08 -102.27
N GLU IC 65 -26.81 -71.07 -101.40
CA GLU IC 65 -25.69 -71.86 -100.90
C GLU IC 65 -26.07 -73.34 -100.84
N PHE IC 66 -25.06 -74.20 -101.00
CA PHE IC 66 -25.15 -75.63 -100.75
C PHE IC 66 -24.21 -75.99 -99.62
N THR IC 67 -24.66 -76.89 -98.74
CA THR IC 67 -23.86 -77.35 -97.60
C THR IC 67 -23.91 -78.86 -97.51
N GLU IC 68 -22.78 -79.47 -97.17
CA GLU IC 68 -22.66 -80.92 -97.02
C GLU IC 68 -21.90 -81.25 -95.75
N THR IC 69 -22.48 -82.11 -94.92
CA THR IC 69 -21.88 -82.49 -93.64
C THR IC 69 -21.63 -83.99 -93.61
N VAL IC 70 -20.48 -84.36 -93.05
CA VAL IC 70 -20.10 -85.76 -92.85
C VAL IC 70 -19.90 -85.98 -91.36
N TYR IC 71 -20.63 -86.93 -90.80
CA TYR IC 71 -20.59 -87.14 -89.35
C TYR IC 71 -19.26 -87.75 -88.92
N ALA IC 72 -18.92 -87.51 -87.65
CA ALA IC 72 -17.69 -88.04 -87.10
C ALA IC 72 -17.69 -89.56 -87.15
N SER IC 73 -16.58 -90.13 -87.62
CA SER IC 73 -16.42 -91.58 -87.74
C SER IC 73 -15.09 -91.97 -87.13
N GLY IC 74 -15.14 -92.57 -85.95
CA GLY IC 74 -13.91 -92.94 -85.27
C GLY IC 74 -13.07 -91.72 -84.93
N SER IC 75 -11.80 -91.76 -85.33
CA SER IC 75 -10.90 -90.66 -85.01
C SER IC 75 -11.32 -89.37 -85.71
N THR IC 76 -11.76 -89.48 -86.96
CA THR IC 76 -12.06 -88.28 -87.76
C THR IC 76 -13.24 -87.52 -87.18
N PRO IC 77 -13.10 -86.22 -86.87
CA PRO IC 77 -14.24 -85.45 -86.37
C PRO IC 77 -15.13 -84.92 -87.47
N GLU IC 78 -16.08 -84.05 -87.11
CA GLU IC 78 -16.99 -83.46 -88.06
C GLU IC 78 -16.24 -82.63 -89.10
N PHE IC 79 -16.69 -82.65 -90.35
CA PHE IC 79 -16.20 -81.71 -91.35
C PHE IC 79 -17.27 -81.54 -92.41
N VAL IC 80 -17.18 -80.42 -93.14
CA VAL IC 80 -18.28 -79.90 -93.95
C VAL IC 80 -17.75 -79.42 -95.30
N ARG IC 81 -18.66 -79.40 -96.29
CA ARG IC 81 -18.38 -78.78 -97.59
C ARG IC 81 -19.47 -77.78 -97.94
N GLN IC 82 -19.10 -76.77 -98.71
CA GLN IC 82 -20.03 -75.71 -99.11
C GLN IC 82 -19.71 -75.28 -100.54
N ALA IC 83 -20.68 -74.60 -101.16
CA ALA IC 83 -20.47 -73.87 -102.42
C ALA IC 83 -21.66 -72.94 -102.59
N TYR IC 84 -21.41 -71.65 -102.77
CA TYR IC 84 -22.49 -70.68 -102.84
C TYR IC 84 -22.13 -69.56 -103.81
N VAL IC 85 -23.17 -68.85 -104.26
CA VAL IC 85 -23.02 -67.73 -105.20
C VAL IC 85 -23.87 -66.58 -104.70
N VAL IC 86 -23.50 -65.36 -105.14
CA VAL IC 86 -24.19 -64.13 -104.78
C VAL IC 86 -24.36 -63.27 -106.03
N ILE IC 87 -25.48 -62.57 -106.11
CA ILE IC 87 -25.78 -61.63 -107.18
C ILE IC 87 -26.16 -60.29 -106.57
N ARG IC 88 -25.62 -59.20 -107.14
CA ARG IC 88 -25.92 -57.86 -106.67
C ARG IC 88 -26.11 -56.92 -107.85
N HIS IC 89 -27.11 -56.05 -107.76
CA HIS IC 89 -27.41 -55.06 -108.79
C HIS IC 89 -28.41 -54.08 -108.20
N LYS IC 90 -28.67 -53.00 -108.94
CA LYS IC 90 -29.47 -51.90 -108.43
C LYS IC 90 -30.95 -52.09 -108.77
N VAL IC 91 -31.80 -51.46 -107.97
CA VAL IC 91 -33.24 -51.55 -108.20
C VAL IC 91 -33.60 -50.88 -109.52
N GLY IC 92 -34.55 -51.47 -110.22
CA GLY IC 92 -34.99 -50.94 -111.49
C GLY IC 92 -34.16 -51.36 -112.69
N ASP IC 93 -33.10 -52.14 -112.49
CA ASP IC 93 -32.27 -52.55 -113.61
C ASP IC 93 -33.01 -53.57 -114.48
N VAL IC 94 -32.46 -53.80 -115.67
CA VAL IC 94 -33.03 -54.77 -116.60
C VAL IC 94 -32.57 -56.17 -116.18
N SER IC 95 -33.53 -57.06 -115.95
CA SER IC 95 -33.21 -58.38 -115.40
C SER IC 95 -32.40 -59.24 -116.38
N ALA IC 96 -32.63 -59.10 -117.68
CA ALA IC 96 -32.08 -60.04 -118.65
C ALA IC 96 -30.56 -59.95 -118.80
N THR IC 97 -30.01 -58.72 -118.85
CA THR IC 97 -28.56 -58.56 -118.89
C THR IC 97 -27.92 -59.15 -117.63
N VAL IC 98 -28.57 -58.96 -116.47
CA VAL IC 98 -28.07 -59.54 -115.23
C VAL IC 98 -28.08 -61.06 -115.31
N SER IC 99 -29.16 -61.62 -115.84
CA SER IC 99 -29.19 -63.05 -116.11
C SER IC 99 -28.03 -63.43 -117.01
N ASP IC 100 -27.70 -62.57 -117.97
CA ASP IC 100 -26.62 -62.88 -118.90
C ASP IC 100 -25.27 -62.95 -118.19
N LEU IC 101 -25.02 -62.01 -117.28
CA LEU IC 101 -23.78 -62.04 -116.51
C LEU IC 101 -23.71 -63.30 -115.65
N GLY IC 102 -24.82 -63.67 -115.02
CA GLY IC 102 -24.84 -64.92 -114.27
C GLY IC 102 -24.59 -66.11 -115.16
N GLU IC 103 -25.14 -66.09 -116.37
CA GLU IC 103 -24.93 -67.15 -117.33
C GLU IC 103 -23.46 -67.30 -117.69
N ALA IC 104 -22.79 -66.17 -117.93
CA ALA IC 104 -21.36 -66.19 -118.21
C ALA IC 104 -20.58 -66.80 -117.04
N LEU IC 105 -20.84 -66.32 -115.82
CA LEU IC 105 -20.12 -66.86 -114.66
C LEU IC 105 -20.33 -68.36 -114.54
N SER IC 106 -21.57 -68.81 -114.69
CA SER IC 106 -21.86 -70.24 -114.57
C SER IC 106 -21.17 -71.04 -115.67
N PHE IC 107 -21.15 -70.52 -116.89
CA PHE IC 107 -20.52 -71.22 -117.99
C PHE IC 107 -19.00 -71.31 -117.84
N TYR IC 108 -18.37 -70.29 -117.25
CA TYR IC 108 -16.93 -70.34 -117.07
C TYR IC 108 -16.52 -71.56 -116.24
N LEU IC 109 -17.17 -71.76 -115.10
CA LEU IC 109 -16.74 -72.81 -114.18
C LEU IC 109 -17.14 -74.18 -114.73
N ASN IC 110 -16.20 -75.11 -114.68
CA ASN IC 110 -16.45 -76.47 -115.16
C ASN IC 110 -15.35 -77.38 -114.62
N GLU IC 111 -15.28 -78.60 -115.17
CA GLU IC 111 -14.27 -79.58 -114.78
C GLU IC 111 -12.90 -78.93 -114.58
N ALA IC 112 -12.32 -78.42 -115.67
CA ALA IC 112 -10.94 -77.96 -115.63
C ALA IC 112 -10.77 -76.79 -114.67
N LEU IC 113 -11.70 -75.84 -114.71
CA LEU IC 113 -11.53 -74.66 -113.85
C LEU IC 113 -11.55 -75.05 -112.38
N TYR IC 114 -12.47 -75.93 -111.98
CA TYR IC 114 -12.49 -76.37 -110.59
C TYR IC 114 -11.22 -77.14 -110.24
N GLY IC 115 -10.78 -78.01 -111.15
CA GLY IC 115 -9.59 -78.80 -110.87
C GLY IC 115 -8.36 -77.92 -110.66
N LYS IC 116 -8.20 -76.89 -111.48
CA LYS IC 116 -7.06 -76.00 -111.34
C LYS IC 116 -7.22 -75.06 -110.16
N LEU IC 117 -8.44 -74.61 -109.89
CA LEU IC 117 -8.67 -73.66 -108.81
C LEU IC 117 -8.42 -74.29 -107.45
N ILE IC 118 -8.81 -75.56 -107.28
CA ILE IC 118 -8.55 -76.23 -106.01
C ILE IC 118 -7.05 -76.41 -105.79
N GLY IC 119 -6.25 -76.32 -106.84
CA GLY IC 119 -4.80 -76.45 -106.73
C GLY IC 119 -4.09 -75.17 -106.37
N TRP IC 120 -4.84 -74.17 -105.88
CA TRP IC 120 -4.30 -72.89 -105.41
C TRP IC 120 -3.70 -72.06 -106.53
N GLU IC 121 -3.98 -72.42 -107.78
CA GLU IC 121 -3.52 -71.60 -108.90
C GLU IC 121 -4.20 -70.24 -108.86
N SER IC 122 -3.43 -69.19 -109.14
CA SER IC 122 -3.96 -67.83 -109.14
C SER IC 122 -3.63 -67.13 -110.45
N ALA JC 1 64.43 103.65 58.06
CA ALA JC 1 65.04 105.00 57.84
C ALA JC 1 65.43 105.15 56.37
N LEU JC 2 66.68 105.53 56.09
CA LEU JC 2 67.21 105.74 54.76
C LEU JC 2 66.52 106.89 54.03
N GLY JC 3 65.70 107.68 54.75
CA GLY JC 3 65.11 108.87 54.16
C GLY JC 3 63.94 108.59 53.25
N ASP JC 4 63.09 109.60 53.03
CA ASP JC 4 62.01 109.46 52.07
C ASP JC 4 62.51 109.59 50.64
N THR JC 5 63.57 110.37 50.42
CA THR JC 5 64.14 110.59 49.11
C THR JC 5 65.52 109.94 48.98
N LEU JC 6 65.79 109.42 47.78
CA LEU JC 6 67.07 108.83 47.42
C LEU JC 6 67.67 109.63 46.27
N THR JC 7 68.95 109.98 46.41
CA THR JC 7 69.64 110.79 45.42
C THR JC 7 70.52 109.90 44.54
N ILE JC 8 70.34 110.00 43.23
CA ILE JC 8 71.20 109.34 42.25
C ILE JC 8 71.97 110.44 41.54
N THR JC 9 73.30 110.44 41.72
CA THR JC 9 74.18 111.38 41.02
C THR JC 9 74.69 110.71 39.76
N LEU JC 10 73.86 110.74 38.72
CA LEU JC 10 74.19 110.06 37.48
C LEU JC 10 75.51 110.58 36.94
N GLY JC 11 76.37 109.65 36.51
CA GLY JC 11 77.68 110.00 36.01
C GLY JC 11 78.76 110.13 37.05
N GLY JC 12 78.58 109.53 38.22
CA GLY JC 12 79.59 109.58 39.26
C GLY JC 12 79.58 110.91 39.99
N SER JC 13 80.66 111.13 40.74
CA SER JC 13 80.79 112.34 41.53
C SER JC 13 80.78 113.57 40.61
N GLY JC 14 80.07 114.61 41.04
CA GLY JC 14 79.99 115.82 40.26
C GLY JC 14 79.11 115.72 39.03
N GLY JC 15 78.20 114.76 38.99
CA GLY JC 15 77.35 114.54 37.83
C GLY JC 15 76.01 115.22 37.95
N THR JC 16 75.01 114.64 37.31
CA THR JC 16 73.64 115.14 37.34
C THR JC 16 72.88 114.45 38.47
N ALA JC 17 72.16 115.23 39.26
CA ALA JC 17 71.46 114.72 40.43
C ALA JC 17 70.01 114.41 40.10
N LYS JC 18 69.58 113.20 40.44
CA LYS JC 18 68.19 112.79 40.32
C LYS JC 18 67.66 112.45 41.72
N VAL JC 19 66.50 113.00 42.06
CA VAL JC 19 65.95 112.83 43.41
C VAL JC 19 64.73 111.91 43.37
N LEU JC 20 64.96 110.62 43.63
CA LEU JC 20 63.88 109.65 43.67
C LEU JC 20 63.02 109.87 44.91
N ARG JC 21 61.79 109.37 44.86
CA ARG JC 21 60.84 109.54 45.94
C ARG JC 21 60.23 108.20 46.31
N LYS JC 22 59.88 108.06 47.59
CA LYS JC 22 59.34 106.80 48.10
C LYS JC 22 57.85 106.70 47.82
N ILE JC 23 57.42 105.55 47.32
CA ILE JC 23 56.02 105.34 46.96
C ILE JC 23 55.42 104.09 47.62
N ASN JC 24 56.21 103.11 48.02
CA ASN JC 24 55.67 101.87 48.55
C ASN JC 24 56.77 101.14 49.32
N GLN JC 25 56.35 100.20 50.18
CA GLN JC 25 57.28 99.26 50.78
C GLN JC 25 56.47 98.11 51.37
N ASP JC 26 56.65 96.91 50.83
CA ASP JC 26 55.96 95.72 51.33
C ASP JC 26 56.92 94.54 51.34
N GLY JC 27 56.68 93.61 52.28
CA GLY JC 27 57.43 92.38 52.34
C GLY JC 27 58.93 92.57 52.45
N TYR JC 28 59.36 93.45 53.34
CA TYR JC 28 60.79 93.68 53.59
C TYR JC 28 61.51 94.29 52.38
N THR JC 29 60.81 95.08 51.58
CA THR JC 29 61.45 95.76 50.46
C THR JC 29 60.82 97.14 50.26
N SER JC 30 61.57 98.00 49.57
CA SER JC 30 61.14 99.38 49.32
C SER JC 30 61.32 99.70 47.84
N GLU JC 31 60.53 100.68 47.38
CA GLU JC 31 60.49 101.06 45.97
C GLU JC 31 60.51 102.58 45.87
N TYR JC 32 61.35 103.11 44.99
CA TYR JC 32 61.51 104.55 44.80
C TYR JC 32 61.28 104.87 43.34
N TYR JC 33 60.77 106.07 43.07
CA TYR JC 33 60.31 106.34 41.71
C TYR JC 33 60.46 107.82 41.38
N LEU JC 34 60.63 108.11 40.07
CA LEU JC 34 60.72 109.46 39.52
C LEU JC 34 60.39 109.45 38.02
N PRO JC 35 59.41 110.22 37.56
CA PRO JC 35 59.09 110.25 36.12
C PRO JC 35 59.78 111.37 35.36
N GLU JC 36 59.87 111.17 34.05
CA GLU JC 36 60.39 112.17 33.12
C GLU JC 36 59.53 112.15 31.86
N THR JC 37 59.84 113.07 30.93
CA THR JC 37 59.08 113.14 29.69
C THR JC 37 59.38 111.97 28.76
N SER JC 38 60.61 111.46 28.79
CA SER JC 38 61.01 110.39 27.89
C SER JC 38 61.65 109.19 28.60
N SER JC 39 61.68 109.20 29.93
CA SER JC 39 62.27 108.09 30.68
C SER JC 39 61.73 108.12 32.10
N SER JC 40 62.23 107.20 32.92
CA SER JC 40 61.84 107.12 34.33
C SER JC 40 62.91 106.36 35.09
N PHE JC 41 62.90 106.51 36.40
CA PHE JC 41 63.86 105.84 37.28
C PHE JC 41 63.12 105.11 38.40
N ARG JC 42 63.58 103.90 38.72
CA ARG JC 42 63.10 103.13 39.86
C ARG JC 42 64.29 102.72 40.71
N ALA JC 43 64.04 102.52 42.01
CA ALA JC 43 65.05 101.95 42.91
C ALA JC 43 64.38 100.96 43.84
N LYS JC 44 64.98 99.77 43.96
CA LYS JC 44 64.43 98.64 44.69
C LYS JC 44 65.41 98.23 45.78
N VAL JC 45 64.91 97.98 46.98
CA VAL JC 45 65.71 97.46 48.09
C VAL JC 45 64.99 96.27 48.68
N ARG JC 46 65.70 95.16 48.87
CA ARG JC 46 65.11 93.90 49.27
C ARG JC 46 66.01 93.21 50.29
N HIS JC 47 65.40 92.48 51.22
CA HIS JC 47 66.12 91.64 52.17
C HIS JC 47 65.42 90.28 52.29
N THR JC 48 66.20 89.22 52.53
CA THR JC 48 65.64 87.88 52.60
C THR JC 48 66.45 86.98 53.52
N LYS JC 49 65.79 85.94 54.02
CA LYS JC 49 66.40 84.71 54.50
C LYS JC 49 66.33 83.67 53.39
N GLU JC 50 67.01 82.54 53.60
CA GLU JC 50 66.65 81.34 52.87
C GLU JC 50 65.88 80.39 53.81
N SER JC 51 65.44 79.25 53.28
CA SER JC 51 64.77 78.26 54.09
C SER JC 51 65.72 77.65 55.12
N VAL JC 52 65.16 77.29 56.28
CA VAL JC 52 65.94 76.70 57.36
C VAL JC 52 66.21 75.24 57.01
N LYS JC 53 67.37 74.74 57.39
CA LYS JC 53 67.78 73.37 57.12
C LYS JC 53 68.24 72.73 58.41
N PRO JC 54 68.16 71.40 58.52
CA PRO JC 54 68.41 70.77 59.83
C PRO JC 54 69.77 71.10 60.42
N ASN JC 55 70.86 70.76 59.72
CA ASN JC 55 72.22 71.10 60.16
C ASN JC 55 73.03 71.73 59.01
N GLN JC 56 72.85 73.05 58.86
CA GLN JC 56 73.63 73.84 57.92
C GLN JC 56 73.87 75.21 58.56
N VAL JC 57 74.20 76.18 57.74
CA VAL JC 57 74.40 77.56 58.18
C VAL JC 57 73.27 78.42 57.61
N GLN JC 58 72.63 79.19 58.47
CA GLN JC 58 71.65 80.17 58.01
C GLN JC 58 72.37 81.36 57.41
N TYR JC 59 72.00 81.72 56.19
CA TYR JC 59 72.63 82.81 55.45
C TYR JC 59 71.64 83.95 55.30
N GLU JC 60 72.16 85.11 54.89
CA GLU JC 60 71.40 86.35 54.83
C GLU JC 60 71.79 87.11 53.58
N ARG JC 61 70.81 87.46 52.75
CA ARG JC 61 71.05 88.05 51.44
C ARG JC 61 70.38 89.42 51.35
N HIS JC 62 71.17 90.43 50.95
CA HIS JC 62 70.70 91.80 50.79
C HIS JC 62 70.94 92.27 49.37
N ASN JC 63 70.07 93.15 48.87
CA ASN JC 63 70.09 93.54 47.47
C ASN JC 63 69.62 94.98 47.32
N VAL JC 64 70.26 95.71 46.41
CA VAL JC 64 69.92 97.10 46.12
C VAL JC 64 70.05 97.32 44.61
N GLU JC 65 69.03 97.93 43.99
CA GLU JC 65 68.84 97.87 42.55
C GLU JC 65 68.47 99.22 41.95
N PHE JC 66 69.07 99.53 40.78
CA PHE JC 66 68.79 100.74 40.03
C PHE JC 66 68.35 100.34 38.62
N THR JC 67 67.30 100.99 38.11
CA THR JC 67 66.92 100.84 36.72
C THR JC 67 66.41 102.15 36.15
N GLU JC 68 66.52 102.29 34.82
CA GLU JC 68 65.96 103.42 34.10
C GLU JC 68 65.38 102.88 32.79
N THR JC 69 64.15 103.27 32.48
CA THR JC 69 63.49 102.81 31.26
C THR JC 69 63.28 103.98 30.30
N VAL JC 70 63.38 103.69 29.01
CA VAL JC 70 63.18 104.67 27.95
C VAL JC 70 61.96 104.24 27.15
N TYR JC 71 60.97 105.13 27.04
CA TYR JC 71 59.77 104.84 26.29
C TYR JC 71 60.05 104.78 24.80
N ALA JC 72 59.31 103.94 24.10
CA ALA JC 72 59.52 103.73 22.68
C ALA JC 72 59.18 104.99 21.90
N SER JC 73 60.04 105.34 20.94
CA SER JC 73 59.83 106.48 20.06
C SER JC 73 60.17 106.06 18.64
N GLY JC 74 59.31 106.40 17.69
CA GLY JC 74 59.54 106.00 16.32
C GLY JC 74 59.56 104.49 16.19
N SER JC 75 60.56 103.97 15.47
CA SER JC 75 60.69 102.54 15.27
C SER JC 75 61.44 101.84 16.40
N THR JC 76 62.07 102.58 17.31
CA THR JC 76 62.79 101.96 18.41
C THR JC 76 61.82 101.46 19.47
N PRO JC 77 61.84 100.17 19.82
CA PRO JC 77 60.93 99.69 20.87
C PRO JC 77 61.38 100.06 22.27
N GLU JC 78 60.67 99.54 23.26
CA GLU JC 78 61.05 99.69 24.66
C GLU JC 78 62.35 98.92 24.96
N PHE JC 79 63.16 99.47 25.87
CA PHE JC 79 64.37 98.80 26.33
C PHE JC 79 64.70 99.37 27.71
N VAL JC 80 65.70 98.78 28.37
CA VAL JC 80 65.94 99.10 29.78
C VAL JC 80 67.40 98.86 30.14
N ARG JC 81 67.92 99.72 31.02
CA ARG JC 81 69.29 99.68 31.52
C ARG JC 81 69.26 99.46 33.02
N GLN JC 82 70.12 98.56 33.51
CA GLN JC 82 69.96 98.02 34.86
C GLN JC 82 71.30 97.69 35.48
N ALA JC 83 71.33 97.72 36.82
CA ALA JC 83 72.51 97.36 37.59
C ALA JC 83 72.14 97.21 39.06
N TYR JC 84 72.60 96.14 39.71
CA TYR JC 84 72.35 95.91 41.13
C TYR JC 84 73.49 95.13 41.77
N VAL JC 85 73.53 95.15 43.11
CA VAL JC 85 74.54 94.46 43.90
C VAL JC 85 73.85 93.61 44.96
N VAL JC 86 74.54 92.55 45.40
CA VAL JC 86 74.03 91.62 46.41
C VAL JC 86 75.15 91.32 47.41
N ILE JC 87 74.75 90.97 48.63
CA ILE JC 87 75.68 90.63 49.72
C ILE JC 87 75.09 89.47 50.50
N ARG JC 88 75.89 88.43 50.75
CA ARG JC 88 75.40 87.25 51.46
C ARG JC 88 76.36 86.86 52.57
N HIS JC 89 75.81 86.64 53.76
CA HIS JC 89 76.57 86.30 54.96
C HIS JC 89 75.59 85.70 55.96
N LYS JC 90 76.13 85.10 57.02
CA LYS JC 90 75.27 84.36 57.95
C LYS JC 90 74.39 85.32 58.74
N VAL JC 91 73.59 84.75 59.64
CA VAL JC 91 72.73 85.55 60.49
C VAL JC 91 73.54 86.32 61.53
N GLY JC 92 74.55 85.68 62.13
CA GLY JC 92 75.25 86.25 63.26
C GLY JC 92 76.64 86.77 63.01
N ASP JC 93 77.05 86.97 61.76
CA ASP JC 93 78.41 87.39 61.50
C ASP JC 93 78.63 88.82 62.02
N VAL JC 94 79.90 89.18 62.17
CA VAL JC 94 80.26 90.53 62.57
C VAL JC 94 80.06 91.48 61.39
N SER JC 95 79.49 92.65 61.68
CA SER JC 95 79.07 93.56 60.61
C SER JC 95 80.27 94.25 59.96
N ALA JC 96 81.23 94.70 60.76
CA ALA JC 96 82.33 95.48 60.22
C ALA JC 96 83.10 94.71 59.16
N THR JC 97 83.33 93.41 59.38
CA THR JC 97 84.06 92.62 58.41
C THR JC 97 83.34 92.54 57.08
N VAL JC 98 82.02 92.33 57.10
CA VAL JC 98 81.27 92.29 55.85
C VAL JC 98 81.32 93.64 55.16
N SER JC 99 81.16 94.71 55.94
CA SER JC 99 81.22 96.04 55.35
C SER JC 99 82.58 96.29 54.71
N ASP JC 100 83.64 95.67 55.25
CA ASP JC 100 84.96 95.86 54.66
C ASP JC 100 85.03 95.26 53.25
N LEU JC 101 84.50 94.05 53.08
CA LEU JC 101 84.47 93.45 51.75
C LEU JC 101 83.57 94.25 50.81
N GLY JC 102 82.47 94.77 51.32
CA GLY JC 102 81.63 95.64 50.51
C GLY JC 102 82.37 96.90 50.06
N GLU JC 103 83.12 97.50 50.97
CA GLU JC 103 83.93 98.67 50.62
C GLU JC 103 84.97 98.32 49.56
N ALA JC 104 85.60 97.15 49.68
CA ALA JC 104 86.57 96.73 48.67
C ALA JC 104 85.91 96.62 47.30
N LEU JC 105 84.75 95.96 47.23
CA LEU JC 105 84.05 95.86 45.96
C LEU JC 105 83.69 97.23 45.42
N SER JC 106 83.21 98.12 46.29
CA SER JC 106 82.85 99.46 45.85
C SER JC 106 84.04 100.22 45.30
N PHE JC 107 85.19 100.09 45.96
CA PHE JC 107 86.40 100.81 45.52
C PHE JC 107 86.94 100.25 44.21
N TYR JC 108 86.86 98.93 44.02
CA TYR JC 108 87.48 98.34 42.84
C TYR JC 108 86.85 98.87 41.56
N LEU JC 109 85.53 99.07 41.57
CA LEU JC 109 84.82 99.54 40.39
C LEU JC 109 85.03 101.03 40.17
N ASN JC 110 85.23 101.41 38.91
CA ASN JC 110 85.43 102.81 38.52
C ASN JC 110 85.23 102.90 37.00
N GLU JC 111 85.48 104.08 36.44
CA GLU JC 111 85.24 104.29 35.01
C GLU JC 111 86.03 103.32 34.17
N ALA JC 112 87.34 103.23 34.41
CA ALA JC 112 88.20 102.43 33.54
C ALA JC 112 87.77 100.98 33.54
N LEU JC 113 87.45 100.43 34.71
CA LEU JC 113 87.04 99.03 34.79
C LEU JC 113 85.70 98.81 34.10
N TYR JC 114 84.76 99.74 34.25
CA TYR JC 114 83.48 99.61 33.54
C TYR JC 114 83.67 99.64 32.03
N GLY JC 115 84.52 100.54 31.54
CA GLY JC 115 84.82 100.56 30.13
C GLY JC 115 85.43 99.25 29.66
N LYS JC 116 86.37 98.72 30.43
CA LYS JC 116 86.98 97.44 30.07
C LYS JC 116 85.96 96.31 30.07
N LEU JC 117 85.07 96.29 31.07
CA LEU JC 117 84.04 95.25 31.11
C LEU JC 117 83.14 95.33 29.90
N ILE JC 118 82.70 96.53 29.53
CA ILE JC 118 81.95 96.69 28.29
C ILE JC 118 82.81 96.22 27.12
N GLY JC 119 84.13 96.28 27.26
CA GLY JC 119 85.03 95.77 26.24
C GLY JC 119 85.09 94.26 26.13
N TRP JC 120 84.44 93.52 27.03
CA TRP JC 120 84.36 92.05 27.04
C TRP JC 120 85.65 91.37 27.47
N GLU JC 121 86.71 92.09 27.78
CA GLU JC 121 87.96 91.43 28.11
C GLU JC 121 87.87 90.81 29.51
N SER JC 122 88.08 89.50 29.57
CA SER JC 122 87.87 88.74 30.80
C SER JC 122 89.17 88.48 31.54
N ALA KC 1 51.43 103.62 63.44
CA ALA KC 1 51.93 105.01 63.53
C ALA KC 1 52.58 105.26 64.89
N LEU KC 2 53.12 104.21 65.50
CA LEU KC 2 53.83 104.37 66.76
C LEU KC 2 55.15 105.11 66.58
N GLY KC 3 55.76 105.04 65.41
CA GLY KC 3 57.05 105.65 65.15
C GLY KC 3 58.03 104.64 64.57
N ASP KC 4 59.12 105.19 64.04
CA ASP KC 4 60.14 104.36 63.40
C ASP KC 4 61.05 103.67 64.40
N THR KC 5 61.00 104.04 65.68
CA THR KC 5 61.80 103.40 66.71
C THR KC 5 60.94 102.97 67.89
N LEU KC 6 61.39 101.92 68.56
CA LEU KC 6 60.71 101.31 69.70
C LEU KC 6 61.76 101.08 70.78
N THR KC 7 61.44 101.39 72.02
CA THR KC 7 62.38 101.30 73.13
C THR KC 7 62.02 100.13 74.03
N ILE KC 8 62.99 99.27 74.29
CA ILE KC 8 62.86 98.16 75.22
C ILE KC 8 63.86 98.38 76.34
N THR KC 9 63.38 98.45 77.57
CA THR KC 9 64.22 98.66 78.75
C THR KC 9 64.23 97.38 79.57
N LEU KC 10 65.27 96.57 79.39
CA LEU KC 10 65.36 95.30 80.08
C LEU KC 10 65.47 95.52 81.58
N GLY KC 11 64.88 94.62 82.35
CA GLY KC 11 64.89 94.74 83.79
C GLY KC 11 63.97 95.79 84.35
N GLY KC 12 62.90 96.13 83.66
CA GLY KC 12 61.99 97.14 84.16
C GLY KC 12 62.52 98.54 83.93
N SER KC 13 62.19 99.44 84.87
CA SER KC 13 62.63 100.82 84.80
C SER KC 13 64.08 101.02 85.24
N GLY KC 14 64.78 99.93 85.56
CA GLY KC 14 66.16 100.02 85.99
C GLY KC 14 67.09 100.62 84.94
N GLY KC 15 67.31 99.89 83.86
CA GLY KC 15 68.26 100.35 82.86
C GLY KC 15 68.31 99.39 81.69
N THR KC 16 69.46 99.40 81.00
CA THR KC 16 69.66 98.56 79.81
C THR KC 16 68.61 98.88 78.75
N ALA KC 17 68.65 100.11 78.26
CA ALA KC 17 67.70 100.60 77.28
C ALA KC 17 68.18 100.23 75.87
N LYS KC 18 67.26 99.73 75.06
CA LYS KC 18 67.55 99.34 73.69
C LYS KC 18 66.63 100.09 72.74
N VAL KC 19 67.17 100.53 71.61
CA VAL KC 19 66.41 101.29 70.63
C VAL KC 19 66.11 100.40 69.43
N LEU KC 20 64.90 99.85 69.39
CA LEU KC 20 64.54 98.85 68.41
C LEU KC 20 63.84 99.55 67.25
N ARG KC 21 64.27 99.26 66.02
CA ARG KC 21 63.87 100.06 64.86
C ARG KC 21 62.95 99.28 63.93
N LYS KC 22 62.02 100.02 63.30
CA LYS KC 22 61.05 99.42 62.40
C LYS KC 22 61.71 98.93 61.12
N ILE KC 23 61.22 97.80 60.60
CA ILE KC 23 61.73 97.26 59.35
C ILE KC 23 60.60 97.02 58.36
N ASN KC 24 59.39 96.77 58.86
CA ASN KC 24 58.30 96.37 57.97
C ASN KC 24 56.96 96.77 58.56
N GLN KC 25 55.95 96.84 57.68
CA GLN KC 25 54.58 97.10 58.08
C GLN KC 25 53.67 96.66 56.93
N ASP KC 26 52.85 95.64 57.17
CA ASP KC 26 51.97 95.08 56.15
C ASP KC 26 50.73 94.50 56.82
N GLY KC 27 49.59 94.64 56.15
CA GLY KC 27 48.36 94.00 56.58
C GLY KC 27 47.96 94.33 58.00
N TYR KC 28 47.99 95.61 58.37
CA TYR KC 28 47.69 96.02 59.75
C TYR KC 28 48.65 95.41 60.75
N THR KC 29 49.92 95.20 60.38
CA THR KC 29 50.92 94.62 61.26
C THR KC 29 52.26 95.30 61.04
N SER KC 30 53.01 95.53 62.13
CA SER KC 30 54.35 96.10 62.03
C SER KC 30 55.27 95.39 63.00
N GLU KC 31 56.58 95.46 62.72
CA GLU KC 31 57.56 94.78 63.54
C GLU KC 31 58.86 95.56 63.54
N TYR KC 32 59.62 95.40 64.62
CA TYR KC 32 60.86 96.12 64.87
C TYR KC 32 61.97 95.14 65.16
N TYR KC 33 63.22 95.51 64.84
CA TYR KC 33 64.32 94.56 64.87
C TYR KC 33 65.61 95.29 65.22
N LEU KC 34 66.52 94.60 65.93
CA LEU KC 34 67.84 95.16 66.26
C LEU KC 34 68.85 94.04 66.49
N PRO KC 35 69.92 93.96 65.71
CA PRO KC 35 70.95 92.94 65.94
C PRO KC 35 72.12 93.45 66.78
N GLU KC 36 72.83 92.49 67.36
CA GLU KC 36 74.04 92.77 68.15
C GLU KC 36 74.97 91.57 68.02
N THR KC 37 76.02 91.54 68.85
CA THR KC 37 77.08 90.55 68.67
C THR KC 37 76.58 89.12 68.93
N SER KC 38 75.90 88.90 70.04
CA SER KC 38 75.58 87.55 70.47
C SER KC 38 74.09 87.22 70.48
N SER KC 39 73.22 88.18 70.19
CA SER KC 39 71.78 87.91 70.19
C SER KC 39 71.09 88.96 69.32
N SER KC 40 69.76 88.98 69.36
CA SER KC 40 68.96 89.87 68.52
C SER KC 40 67.60 90.08 69.17
N PHE KC 41 67.01 91.23 68.89
CA PHE KC 41 65.74 91.64 69.47
C PHE KC 41 64.71 91.86 68.37
N ARG KC 42 63.48 91.44 68.62
CA ARG KC 42 62.40 91.61 67.64
C ARG KC 42 61.10 91.79 68.39
N ALA KC 43 60.22 92.63 67.85
CA ALA KC 43 58.93 92.92 68.48
C ALA KC 43 57.94 93.30 67.41
N LYS KC 44 56.73 92.74 67.48
CA LYS KC 44 55.73 93.01 66.48
C LYS KC 44 54.35 93.11 67.12
N VAL KC 45 53.50 93.90 66.47
CA VAL KC 45 52.14 94.16 66.93
C VAL KC 45 51.19 93.85 65.78
N ARG KC 46 49.99 93.39 66.11
CA ARG KC 46 49.03 93.08 65.05
C ARG KC 46 47.61 93.27 65.56
N HIS KC 47 46.69 93.45 64.62
CA HIS KC 47 45.27 93.59 64.91
C HIS KC 47 44.52 92.69 63.93
N THR KC 48 43.32 92.28 64.33
CA THR KC 48 42.50 91.42 63.47
C THR KC 48 41.11 91.26 64.06
N LYS KC 49 40.20 90.72 63.24
CA LYS KC 49 38.85 90.38 63.64
C LYS KC 49 38.69 88.86 63.59
N GLU KC 50 37.67 88.35 64.28
CA GLU KC 50 37.30 86.96 64.13
C GLU KC 50 36.39 86.76 62.93
N SER KC 51 36.29 85.51 62.48
CA SER KC 51 35.41 85.19 61.37
C SER KC 51 33.96 85.47 61.75
N VAL KC 52 33.19 85.96 60.78
CA VAL KC 52 31.84 86.45 61.03
C VAL KC 52 30.85 85.36 60.66
N LYS KC 53 29.96 85.03 61.58
CA LYS KC 53 28.84 84.15 61.32
C LYS KC 53 27.58 84.81 61.86
N PRO KC 54 26.40 84.44 61.34
CA PRO KC 54 25.26 85.36 61.43
C PRO KC 54 24.88 85.79 62.84
N ASN KC 55 24.99 84.91 63.85
CA ASN KC 55 24.25 85.13 65.10
C ASN KC 55 25.10 85.23 66.37
N GLN KC 56 26.09 86.12 66.41
CA GLN KC 56 26.76 86.41 67.66
C GLN KC 56 27.33 87.82 67.61
N VAL KC 57 27.94 88.24 68.71
CA VAL KC 57 28.65 89.51 68.76
C VAL KC 57 30.02 89.35 68.13
N GLN KC 58 30.47 90.39 67.44
CA GLN KC 58 31.75 90.37 66.75
C GLN KC 58 32.83 90.90 67.68
N TYR KC 59 34.02 90.31 67.59
CA TYR KC 59 35.15 90.70 68.42
C TYR KC 59 36.33 91.15 67.57
N GLU KC 60 37.28 91.77 68.25
CA GLU KC 60 38.61 91.97 67.71
C GLU KC 60 39.64 91.80 68.83
N ARG KC 61 40.86 91.47 68.42
CA ARG KC 61 41.91 91.11 69.36
C ARG KC 61 43.09 92.04 69.12
N HIS KC 62 43.86 92.31 70.16
CA HIS KC 62 45.03 93.17 70.08
C HIS KC 62 46.17 92.35 70.62
N ASN KC 63 47.34 92.42 69.97
CA ASN KC 63 48.45 91.55 70.34
C ASN KC 63 49.75 92.31 70.24
N VAL KC 64 50.67 92.02 71.17
CA VAL KC 64 52.03 92.55 71.13
C VAL KC 64 52.97 91.54 71.77
N GLU KC 65 54.16 91.36 71.19
CA GLU KC 65 55.09 90.33 71.60
C GLU KC 65 56.51 90.89 71.66
N PHE KC 66 57.31 90.33 72.57
CA PHE KC 66 58.76 90.49 72.56
C PHE KC 66 59.42 89.14 72.35
N THR KC 67 60.49 89.13 71.56
CA THR KC 67 61.22 87.92 71.21
C THR KC 67 62.70 88.15 71.42
N GLU KC 68 63.38 87.14 71.98
CA GLU KC 68 64.81 87.16 72.22
C GLU KC 68 65.45 85.94 71.59
N THR KC 69 66.44 86.14 70.73
CA THR KC 69 67.11 85.04 70.04
C THR KC 69 68.60 85.07 70.36
N VAL KC 70 69.14 83.91 70.73
CA VAL KC 70 70.56 83.76 71.05
C VAL KC 70 71.15 82.73 70.10
N TYR KC 71 72.24 83.12 69.43
CA TYR KC 71 72.81 82.26 68.40
C TYR KC 71 73.56 81.09 69.02
N ALA KC 72 73.67 80.02 68.25
CA ALA KC 72 74.36 78.83 68.73
C ALA KC 72 75.82 79.15 69.01
N SER KC 73 76.31 78.68 70.16
CA SER KC 73 77.68 78.91 70.58
C SER KC 73 78.25 77.60 71.10
N GLY KC 74 79.42 77.22 70.61
CA GLY KC 74 80.00 75.96 71.01
C GLY KC 74 79.06 74.81 70.68
N SER KC 75 78.88 73.90 71.64
CA SER KC 75 77.95 72.80 71.45
C SER KC 75 76.51 73.19 71.74
N THR KC 76 76.28 74.33 72.37
CA THR KC 76 74.93 74.76 72.71
C THR KC 76 74.20 75.27 71.46
N PRO KC 77 73.06 74.72 71.10
CA PRO KC 77 72.32 75.23 69.93
C PRO KC 77 71.57 76.50 70.26
N GLU KC 78 71.03 77.13 69.22
CA GLU KC 78 70.29 78.36 69.38
C GLU KC 78 68.97 78.10 70.11
N PHE KC 79 68.52 79.12 70.84
CA PHE KC 79 67.26 79.05 71.58
C PHE KC 79 66.67 80.45 71.69
N VAL KC 80 65.41 80.52 72.11
CA VAL KC 80 64.63 81.74 72.03
C VAL KC 80 63.85 81.95 73.32
N ARG KC 81 63.73 83.22 73.73
CA ARG KC 81 62.86 83.64 74.83
C ARG KC 81 61.77 84.55 74.30
N GLN KC 82 60.55 84.39 74.79
CA GLN KC 82 59.39 85.03 74.22
C GLN KC 82 58.43 85.47 75.32
N ALA KC 83 57.60 86.46 75.01
CA ALA KC 83 56.61 86.97 75.95
C ALA KC 83 55.64 87.86 75.18
N TYR KC 84 54.34 87.58 75.25
CA TYR KC 84 53.37 88.39 74.53
C TYR KC 84 52.04 88.41 75.27
N VAL KC 85 51.26 89.46 75.03
CA VAL KC 85 49.97 89.67 75.66
C VAL KC 85 48.96 90.04 74.59
N VAL KC 86 47.70 89.63 74.76
CA VAL KC 86 46.66 89.95 73.78
C VAL KC 86 45.42 90.50 74.48
N ILE KC 87 44.77 91.46 73.81
CA ILE KC 87 43.56 92.11 74.30
C ILE KC 87 42.46 91.89 73.26
N ARG KC 88 41.31 91.36 73.69
CA ARG KC 88 40.19 91.22 72.78
C ARG KC 88 38.88 91.62 73.46
N HIS KC 89 38.03 92.30 72.70
CA HIS KC 89 36.81 92.90 73.25
C HIS KC 89 35.78 93.03 72.13
N LYS KC 90 34.59 93.48 72.51
CA LYS KC 90 33.50 93.61 71.56
C LYS KC 90 33.72 94.81 70.63
N VAL KC 91 33.23 94.67 69.39
CA VAL KC 91 33.34 95.76 68.43
C VAL KC 91 32.48 96.94 68.88
N GLY KC 92 33.05 98.14 68.83
CA GLY KC 92 32.33 99.34 69.19
C GLY KC 92 32.22 99.57 70.68
N ASP KC 93 32.83 98.74 71.50
CA ASP KC 93 32.74 98.87 72.94
C ASP KC 93 33.49 100.12 73.41
N VAL KC 94 33.12 100.62 74.59
CA VAL KC 94 33.77 101.79 75.15
C VAL KC 94 35.25 101.47 75.40
N SER KC 95 36.12 102.38 74.97
CA SER KC 95 37.56 102.14 75.07
C SER KC 95 38.07 102.33 76.50
N ALA KC 96 37.42 103.20 77.28
CA ALA KC 96 37.93 103.49 78.62
C ALA KC 96 37.90 102.26 79.51
N THR KC 97 36.81 101.49 79.46
CA THR KC 97 36.72 100.30 80.29
C THR KC 97 37.77 99.26 79.88
N VAL KC 98 37.94 99.05 78.58
CA VAL KC 98 38.95 98.11 78.11
C VAL KC 98 40.33 98.56 78.58
N SER KC 99 40.62 99.85 78.47
CA SER KC 99 41.92 100.36 78.88
C SER KC 99 42.14 100.16 80.37
N ASP KC 100 41.12 100.44 81.19
CA ASP KC 100 41.26 100.23 82.62
C ASP KC 100 41.45 98.76 82.93
N LEU KC 101 40.91 97.87 82.09
CA LEU KC 101 41.33 96.48 82.11
C LEU KC 101 42.66 96.32 81.37
N GLY KC 102 43.32 95.21 81.60
CA GLY KC 102 44.63 94.99 80.99
C GLY KC 102 45.75 95.76 81.64
N GLU KC 103 45.55 97.06 81.87
CA GLU KC 103 46.51 97.81 82.67
C GLU KC 103 46.57 97.29 84.10
N ALA KC 104 45.44 96.81 84.63
CA ALA KC 104 45.46 96.14 85.92
C ALA KC 104 46.31 94.88 85.88
N LEU KC 105 46.20 94.12 84.78
CA LEU KC 105 47.06 92.95 84.61
C LEU KC 105 48.53 93.35 84.60
N SER KC 106 48.86 94.41 83.86
CA SER KC 106 50.25 94.83 83.80
C SER KC 106 50.76 95.24 85.18
N PHE KC 107 49.93 95.95 85.94
CA PHE KC 107 50.32 96.37 87.28
C PHE KC 107 50.46 95.16 88.20
N TYR KC 108 49.63 94.13 88.01
CA TYR KC 108 49.73 92.92 88.82
C TYR KC 108 51.08 92.24 88.63
N LEU KC 109 51.52 92.11 87.39
CA LEU KC 109 52.78 91.42 87.10
C LEU KC 109 53.95 92.31 87.50
N ASN KC 110 54.91 91.74 88.22
CA ASN KC 110 56.13 92.43 88.62
C ASN KC 110 57.14 91.38 89.06
N GLU KC 111 58.26 91.85 89.62
CA GLU KC 111 59.37 90.98 89.97
C GLU KC 111 58.91 89.74 90.75
N ALA KC 112 58.22 89.94 91.86
CA ALA KC 112 57.83 88.81 92.70
C ALA KC 112 56.90 87.85 91.96
N LEU KC 113 55.90 88.39 91.26
CA LEU KC 113 54.96 87.54 90.55
C LEU KC 113 55.68 86.71 89.49
N TYR KC 114 56.58 87.33 88.71
CA TYR KC 114 57.33 86.58 87.72
C TYR KC 114 58.20 85.51 88.37
N GLY KC 115 58.88 85.87 89.46
CA GLY KC 115 59.74 84.92 90.13
C GLY KC 115 58.97 83.69 90.58
N LYS KC 116 57.79 83.89 91.16
CA LYS KC 116 56.97 82.76 91.56
C LYS KC 116 56.43 82.00 90.35
N LEU KC 117 56.05 82.70 89.30
CA LEU KC 117 55.45 82.04 88.14
C LEU KC 117 56.45 81.11 87.45
N ILE KC 118 57.72 81.51 87.37
CA ILE KC 118 58.72 80.61 86.81
C ILE KC 118 58.82 79.34 87.66
N GLY KC 119 58.50 79.44 88.94
CA GLY KC 119 58.61 78.31 89.84
C GLY KC 119 57.47 77.31 89.77
N TRP KC 120 56.72 77.32 88.67
CA TRP KC 120 55.64 76.36 88.40
C TRP KC 120 54.53 76.42 89.44
N GLU KC 121 54.52 77.43 90.30
CA GLU KC 121 53.44 77.59 91.27
C GLU KC 121 52.15 77.96 90.55
N SER KC 122 51.06 77.28 90.92
CA SER KC 122 49.77 77.49 90.27
C SER KC 122 48.76 78.06 91.24
N ALA LC 1 54.30 108.24 51.96
CA ALA LC 1 55.27 109.37 51.93
C ALA LC 1 54.62 110.72 52.21
N LEU LC 2 53.28 110.79 52.21
CA LEU LC 2 52.61 112.05 52.54
C LEU LC 2 52.93 112.46 53.97
N GLY LC 3 52.87 111.53 54.89
CA GLY LC 3 53.12 111.84 56.29
C GLY LC 3 52.31 110.93 57.19
N ASP LC 4 52.69 110.93 58.47
CA ASP LC 4 52.08 110.02 59.43
C ASP LC 4 50.68 110.48 59.88
N THR LC 5 50.40 111.78 59.82
CA THR LC 5 49.10 112.33 60.22
C THR LC 5 48.55 113.17 59.09
N LEU LC 6 47.22 113.19 58.98
CA LEU LC 6 46.54 114.02 57.99
C LEU LC 6 45.44 114.80 58.69
N THR LC 7 45.42 116.11 58.47
CA THR LC 7 44.49 117.00 59.16
C THR LC 7 43.37 117.40 58.20
N ILE LC 8 42.13 117.27 58.66
CA ILE LC 8 40.96 117.67 57.89
C ILE LC 8 40.21 118.73 58.68
N THR LC 9 39.89 119.84 58.01
CA THR LC 9 39.22 120.98 58.64
C THR LC 9 37.79 121.05 58.11
N LEU LC 10 36.84 120.60 58.91
CA LEU LC 10 35.44 120.59 58.48
C LEU LC 10 34.96 122.02 58.25
N GLY LC 11 34.12 122.17 57.23
CA GLY LC 11 33.60 123.48 56.87
C GLY LC 11 34.64 124.42 56.29
N GLY LC 12 35.56 123.89 55.48
CA GLY LC 12 36.51 124.75 54.81
C GLY LC 12 37.49 125.40 55.78
N SER LC 13 38.12 126.46 55.30
CA SER LC 13 39.08 127.19 56.11
C SER LC 13 38.42 127.81 57.32
N GLY LC 14 39.14 127.79 58.45
CA GLY LC 14 38.68 128.38 59.69
C GLY LC 14 37.83 127.50 60.58
N GLY LC 15 37.55 126.26 60.17
CA GLY LC 15 36.67 125.39 60.91
C GLY LC 15 37.40 124.45 61.88
N THR LC 16 36.64 123.51 62.42
CA THR LC 16 37.19 122.51 63.32
C THR LC 16 38.14 121.58 62.58
N ALA LC 17 39.24 121.21 63.24
CA ALA LC 17 40.29 120.39 62.66
C ALA LC 17 40.33 119.03 63.33
N LYS LC 18 40.43 117.98 62.52
CA LYS LC 18 40.60 116.62 62.98
C LYS LC 18 41.89 116.05 62.40
N VAL LC 19 42.67 115.36 63.22
CA VAL LC 19 43.98 114.84 62.82
C VAL LC 19 43.90 113.32 62.78
N LEU LC 20 43.65 112.77 61.60
CA LEU LC 20 43.68 111.33 61.40
C LEU LC 20 45.10 110.79 61.53
N ARG LC 21 45.21 109.52 61.90
CA ARG LC 21 46.49 108.86 62.07
C ARG LC 21 46.69 107.78 61.00
N LYS LC 22 47.93 107.63 60.53
CA LYS LC 22 48.21 106.60 59.54
C LYS LC 22 48.07 105.22 60.16
N ILE LC 23 47.60 104.26 59.34
CA ILE LC 23 47.29 102.92 59.78
C ILE LC 23 48.01 101.87 58.93
N ASN LC 24 47.85 101.93 57.61
CA ASN LC 24 48.39 100.90 56.75
C ASN LC 24 48.59 101.46 55.35
N GLN LC 25 49.48 100.82 54.59
CA GLN LC 25 49.54 101.02 53.15
C GLN LC 25 50.32 99.87 52.54
N ASP LC 26 49.68 99.10 51.64
CA ASP LC 26 50.33 97.97 51.01
C ASP LC 26 50.48 98.15 49.50
N GLY LC 27 49.38 98.33 48.76
CA GLY LC 27 49.44 98.37 47.32
C GLY LC 27 49.39 99.76 46.74
N TYR LC 28 50.31 100.62 47.13
CA TYR LC 28 50.30 102.03 46.75
C TYR LC 28 49.09 102.77 47.31
N THR LC 29 48.36 102.16 48.23
CA THR LC 29 47.16 102.72 48.82
C THR LC 29 47.40 102.98 50.29
N SER LC 30 47.11 104.21 50.73
CA SER LC 30 47.29 104.60 52.12
C SER LC 30 45.94 104.71 52.82
N GLU LC 31 45.89 104.32 54.09
CA GLU LC 31 44.67 104.34 54.88
C GLU LC 31 44.93 105.09 56.18
N TYR LC 32 44.13 106.12 56.44
CA TYR LC 32 44.22 106.92 57.65
C TYR LC 32 42.91 106.80 58.41
N TYR LC 33 42.98 106.83 59.74
CA TYR LC 33 41.82 106.52 60.57
C TYR LC 33 41.85 107.34 61.86
N LEU LC 34 40.65 107.51 62.46
CA LEU LC 34 40.47 108.24 63.70
C LEU LC 34 39.19 107.80 64.42
N PRO LC 35 39.27 107.24 65.62
CA PRO LC 35 38.04 106.90 66.36
C PRO LC 35 37.42 108.12 67.04
N GLU LC 36 36.11 108.00 67.31
CA GLU LC 36 35.34 109.08 67.93
C GLU LC 36 34.13 108.46 68.60
N THR LC 37 33.56 109.21 69.56
CA THR LC 37 32.49 108.65 70.39
C THR LC 37 31.24 108.33 69.58
N SER LC 38 30.82 109.25 68.70
CA SER LC 38 29.59 109.08 67.93
C SER LC 38 29.84 108.92 66.43
N SER LC 39 31.10 108.90 66.00
CA SER LC 39 31.43 108.72 64.60
C SER LC 39 32.89 108.26 64.52
N SER LC 40 33.46 108.33 63.33
CA SER LC 40 34.85 108.00 63.09
C SER LC 40 35.22 108.43 61.69
N PHE LC 41 36.44 108.94 61.52
CA PHE LC 41 36.89 109.48 60.24
C PHE LC 41 37.92 108.56 59.61
N ARG LC 42 37.82 108.39 58.29
CA ARG LC 42 38.72 107.53 57.53
C ARG LC 42 39.03 108.19 56.20
N ALA LC 43 40.32 108.42 55.93
CA ALA LC 43 40.78 108.95 54.66
C ALA LC 43 41.60 107.89 53.93
N LYS LC 44 41.47 107.84 52.61
CA LYS LC 44 42.12 106.82 51.80
C LYS LC 44 42.65 107.44 50.52
N VAL LC 45 43.79 106.94 50.05
CA VAL LC 45 44.40 107.38 48.80
C VAL LC 45 44.71 106.15 47.96
N ARG LC 46 44.62 106.30 46.63
CA ARG LC 46 44.92 105.20 45.73
C ARG LC 46 45.61 105.70 44.47
N HIS LC 47 46.34 104.79 43.84
CA HIS LC 47 46.98 104.99 42.55
C HIS LC 47 46.77 103.71 41.73
N THR LC 48 46.68 103.86 40.41
CA THR LC 48 46.41 102.69 39.56
C THR LC 48 46.80 102.97 38.12
N LYS LC 49 47.56 102.04 37.53
CA LYS LC 49 47.84 102.09 36.10
C LYS LC 49 46.68 101.45 35.35
N GLU LC 50 46.22 102.09 34.26
CA GLU LC 50 45.09 101.57 33.52
C GLU LC 50 45.46 100.31 32.73
N SER LC 51 44.42 99.55 32.37
CA SER LC 51 44.61 98.34 31.59
C SER LC 51 45.19 98.64 30.21
N VAL LC 52 46.09 97.78 29.76
CA VAL LC 52 46.76 98.00 28.48
C VAL LC 52 45.85 97.58 27.33
N LYS LC 53 45.94 98.31 26.22
CA LYS LC 53 45.36 97.91 24.95
C LYS LC 53 46.44 97.94 23.87
N PRO LC 54 46.31 97.14 22.81
CA PRO LC 54 47.49 96.87 21.97
C PRO LC 54 48.09 98.09 21.29
N ASN LC 55 47.33 99.15 21.03
CA ASN LC 55 47.85 100.31 20.31
C ASN LC 55 47.46 101.65 20.94
N GLN LC 56 46.44 101.71 21.79
CA GLN LC 56 46.01 102.97 22.36
C GLN LC 56 46.97 103.47 23.44
N VAL LC 57 46.92 104.78 23.67
CA VAL LC 57 47.77 105.40 24.67
C VAL LC 57 47.41 104.89 26.07
N GLN LC 58 48.37 105.01 27.00
CA GLN LC 58 48.24 104.48 28.34
C GLN LC 58 47.83 105.59 29.31
N TYR LC 59 46.92 105.28 30.23
CA TYR LC 59 46.50 106.23 31.26
C TYR LC 59 46.74 105.66 32.65
N GLU LC 60 46.83 106.55 33.63
CA GLU LC 60 46.82 106.18 35.04
C GLU LC 60 46.00 107.20 35.80
N ARG LC 61 45.40 106.75 36.91
CA ARG LC 61 44.48 107.59 37.66
C ARG LC 61 44.86 107.61 39.13
N HIS LC 62 44.56 108.73 39.78
CA HIS LC 62 44.78 108.92 41.21
C HIS LC 62 43.46 109.24 41.88
N ASN LC 63 43.23 108.63 43.04
CA ASN LC 63 41.97 108.71 43.76
C ASN LC 63 42.21 109.11 45.20
N VAL LC 64 41.29 109.92 45.74
CA VAL LC 64 41.35 110.36 47.14
C VAL LC 64 39.92 110.38 47.69
N GLU LC 65 39.70 109.67 48.79
CA GLU LC 65 38.35 109.47 49.33
C GLU LC 65 38.30 109.86 50.80
N PHE LC 66 37.27 110.63 51.16
CA PHE LC 66 36.90 110.89 52.55
C PHE LC 66 35.55 110.28 52.82
N THR LC 67 35.39 109.61 53.96
CA THR LC 67 34.12 109.00 54.33
C THR LC 67 33.86 109.16 55.82
N GLU LC 68 32.60 109.42 56.17
CA GLU LC 68 32.16 109.62 57.53
C GLU LC 68 31.05 108.64 57.85
N THR LC 69 31.15 107.97 58.99
CA THR LC 69 30.20 106.95 59.42
C THR LC 69 29.71 107.28 60.81
N VAL LC 70 28.39 107.23 61.01
CA VAL LC 70 27.75 107.60 62.26
C VAL LC 70 27.10 106.34 62.84
N TYR LC 71 27.48 105.98 64.06
CA TYR LC 71 26.99 104.74 64.65
C TYR LC 71 25.49 104.82 64.93
N ALA LC 72 24.85 103.66 64.84
CA ALA LC 72 23.40 103.60 65.02
C ALA LC 72 23.02 104.00 66.43
N SER LC 73 22.02 104.86 66.53
CA SER LC 73 21.52 105.36 67.80
C SER LC 73 20.00 105.27 67.80
N GLY LC 74 19.43 104.71 68.86
CA GLY LC 74 18.00 104.50 68.89
C GLY LC 74 17.57 103.60 67.75
N SER LC 75 16.51 104.00 67.05
CA SER LC 75 16.02 103.22 65.91
C SER LC 75 16.73 103.55 64.61
N THR LC 76 17.53 104.60 64.56
CA THR LC 76 18.22 104.98 63.34
C THR LC 76 19.37 104.02 63.06
N PRO LC 77 19.41 103.34 61.91
CA PRO LC 77 20.54 102.48 61.59
C PRO LC 77 21.76 103.29 61.18
N GLU LC 78 22.89 102.60 61.08
CA GLU LC 78 24.13 103.22 60.68
C GLU LC 78 24.03 103.74 59.24
N PHE LC 79 24.64 104.89 58.98
CA PHE LC 79 24.71 105.45 57.64
C PHE LC 79 26.08 106.11 57.48
N VAL LC 80 26.39 106.50 56.24
CA VAL LC 80 27.73 106.94 55.89
C VAL LC 80 27.65 108.18 55.01
N ARG LC 81 28.70 109.00 55.07
CA ARG LC 81 28.89 110.14 54.18
C ARG LC 81 30.25 110.02 53.52
N GLN LC 82 30.28 110.16 52.19
CA GLN LC 82 31.47 109.92 51.38
C GLN LC 82 31.67 111.06 50.41
N ALA LC 83 32.93 111.28 50.01
CA ALA LC 83 33.25 112.29 49.00
C ALA LC 83 34.67 112.03 48.51
N TYR LC 84 34.86 111.94 47.18
CA TYR LC 84 36.16 111.58 46.65
C TYR LC 84 36.38 112.23 45.29
N VAL LC 85 37.65 112.27 44.87
CA VAL LC 85 38.06 112.91 43.62
C VAL LC 85 38.91 111.92 42.83
N VAL LC 86 38.87 112.05 41.50
CA VAL LC 86 39.66 111.21 40.60
C VAL LC 86 40.30 112.11 39.55
N ILE LC 87 41.56 111.84 39.21
CA ILE LC 87 42.30 112.55 38.18
C ILE LC 87 42.87 111.52 37.22
N ARG LC 88 42.71 111.74 35.92
CA ARG LC 88 43.11 110.77 34.91
C ARG LC 88 43.91 111.47 33.82
N HIS LC 89 45.07 110.91 33.47
CA HIS LC 89 45.94 111.50 32.47
C HIS LC 89 46.92 110.45 31.96
N LYS LC 90 47.54 110.74 30.83
CA LYS LC 90 48.46 109.81 30.18
C LYS LC 90 49.85 109.88 30.82
N VAL LC 91 50.69 108.89 30.47
CA VAL LC 91 52.04 108.82 31.00
C VAL LC 91 52.95 109.77 30.23
N GLY LC 92 53.95 110.31 30.93
CA GLY LC 92 54.90 111.19 30.31
C GLY LC 92 54.41 112.61 30.09
N ASP LC 93 53.21 112.94 30.58
CA ASP LC 93 52.61 114.23 30.31
C ASP LC 93 53.16 115.27 31.29
N VAL LC 94 53.07 116.54 30.91
CA VAL LC 94 53.63 117.62 31.71
C VAL LC 94 52.84 117.74 33.00
N SER LC 95 53.56 117.75 34.13
CA SER LC 95 52.89 117.72 35.43
C SER LC 95 52.12 119.01 35.71
N ALA LC 96 52.72 120.16 35.39
CA ALA LC 96 52.09 121.43 35.75
C ALA LC 96 50.75 121.61 35.02
N THR LC 97 50.71 121.27 33.74
CA THR LC 97 49.47 121.40 32.98
C THR LC 97 48.37 120.53 33.58
N VAL LC 98 48.72 119.29 33.95
CA VAL LC 98 47.73 118.41 34.55
C VAL LC 98 47.27 118.95 35.90
N SER LC 99 48.19 119.49 36.68
CA SER LC 99 47.84 120.03 37.99
C SER LC 99 46.92 121.23 37.88
N ASP LC 100 47.06 122.01 36.80
CA ASP LC 100 46.22 123.21 36.65
C ASP LC 100 44.74 122.86 36.59
N LEU LC 101 44.39 121.78 35.88
CA LEU LC 101 42.99 121.42 35.75
C LEU LC 101 42.38 121.02 37.09
N GLY LC 102 43.10 120.21 37.86
CA GLY LC 102 42.60 119.84 39.18
C GLY LC 102 42.52 121.03 40.12
N GLU LC 103 43.50 121.94 40.02
CA GLU LC 103 43.46 123.15 40.83
C GLU LC 103 42.24 124.00 40.49
N ALA LC 104 41.93 124.12 39.19
CA ALA LC 104 40.74 124.86 38.78
C ALA LC 104 39.47 124.18 39.28
N LEU LC 105 39.41 122.85 39.19
CA LEU LC 105 38.23 122.14 39.68
C LEU LC 105 38.05 122.39 41.18
N SER LC 106 39.14 122.38 41.94
CA SER LC 106 39.05 122.71 43.36
C SER LC 106 38.56 124.14 43.56
N PHE LC 107 39.07 125.08 42.76
CA PHE LC 107 38.69 126.48 42.92
C PHE LC 107 37.20 126.67 42.64
N TYR LC 108 36.65 125.94 41.66
CA TYR LC 108 35.23 126.05 41.35
C TYR LC 108 34.38 125.67 42.56
N LEU LC 109 34.62 124.49 43.12
CA LEU LC 109 33.77 123.99 44.20
C LEU LC 109 33.85 124.91 45.40
N ASN LC 110 32.70 125.25 45.95
CA ASN LC 110 32.62 126.09 47.14
C ASN LC 110 31.24 125.90 47.77
N GLU LC 111 30.98 126.63 48.85
CA GLU LC 111 29.79 126.36 49.66
C GLU LC 111 28.51 126.58 48.87
N ALA LC 112 28.45 127.66 48.10
CA ALA LC 112 27.23 127.94 47.34
C ALA LC 112 26.94 126.83 46.34
N LEU LC 113 27.97 126.41 45.59
CA LEU LC 113 27.76 125.35 44.62
C LEU LC 113 27.46 124.02 45.30
N TYR LC 114 28.09 123.75 46.44
CA TYR LC 114 27.80 122.53 47.16
C TYR LC 114 26.33 122.48 47.57
N GLY LC 115 25.82 123.59 48.11
CA GLY LC 115 24.41 123.64 48.46
C GLY LC 115 23.50 123.50 47.26
N LYS LC 116 23.86 124.15 46.15
CA LYS LC 116 23.05 124.01 44.94
C LYS LC 116 23.00 122.55 44.49
N LEU LC 117 24.14 121.87 44.50
CA LEU LC 117 24.16 120.46 44.10
C LEU LC 117 23.31 119.61 45.05
N ILE LC 118 23.42 119.86 46.35
CA ILE LC 118 22.56 119.15 47.30
C ILE LC 118 21.09 119.44 46.98
N GLY LC 119 20.83 120.59 46.36
CA GLY LC 119 19.49 120.94 45.93
C GLY LC 119 19.01 120.30 44.65
N TRP LC 120 19.79 119.40 44.04
CA TRP LC 120 19.46 118.73 42.78
C TRP LC 120 19.45 119.70 41.60
N GLU LC 121 20.10 120.86 41.75
CA GLU LC 121 20.10 121.92 40.73
C GLU LC 121 21.05 121.54 39.60
N SER LC 122 20.57 120.69 38.71
CA SER LC 122 21.38 120.24 37.58
C SER LC 122 21.62 121.39 36.61
N ALA MC 1 51.06 77.78 94.97
CA ALA MC 1 50.89 78.77 96.06
C ALA MC 1 50.10 79.98 95.57
N LEU MC 2 50.79 81.11 95.35
CA LEU MC 2 50.19 82.37 94.92
C LEU MC 2 49.22 82.94 95.95
N GLY MC 3 49.11 82.34 97.12
CA GLY MC 3 48.17 82.81 98.12
C GLY MC 3 46.74 82.40 97.80
N ASP MC 4 45.93 82.22 98.83
CA ASP MC 4 44.53 81.85 98.61
C ASP MC 4 43.77 82.97 97.90
N THR MC 5 44.07 84.23 98.24
CA THR MC 5 43.35 85.37 97.70
C THR MC 5 44.17 86.06 96.62
N LEU MC 6 43.51 86.41 95.52
CA LEU MC 6 44.10 87.21 94.45
C LEU MC 6 43.36 88.54 94.38
N THR MC 7 44.12 89.63 94.32
CA THR MC 7 43.55 90.97 94.26
C THR MC 7 43.82 91.57 92.88
N ILE MC 8 42.77 92.10 92.26
CA ILE MC 8 42.87 92.82 91.00
C ILE MC 8 42.39 94.25 91.25
N THR MC 9 43.19 95.22 90.84
CA THR MC 9 42.87 96.62 91.03
C THR MC 9 42.61 97.24 89.65
N LEU MC 10 41.34 97.29 89.26
CA LEU MC 10 40.98 97.95 88.02
C LEU MC 10 41.36 99.42 88.09
N GLY MC 11 41.89 99.93 86.98
CA GLY MC 11 42.39 101.30 86.97
C GLY MC 11 43.80 101.46 87.47
N GLY MC 12 44.50 100.36 87.73
CA GLY MC 12 45.89 100.44 88.17
C GLY MC 12 46.00 100.94 89.60
N SER MC 13 47.15 101.53 89.90
CA SER MC 13 47.40 102.05 91.24
C SER MC 13 46.35 103.10 91.60
N GLY MC 14 45.81 102.98 92.81
CA GLY MC 14 44.79 103.91 93.29
C GLY MC 14 43.40 103.66 92.77
N GLY MC 15 43.16 102.52 92.13
CA GLY MC 15 41.89 102.24 91.49
C GLY MC 15 40.95 101.44 92.37
N THR MC 16 39.99 100.77 91.72
CA THR MC 16 39.01 99.94 92.39
C THR MC 16 39.54 98.52 92.51
N ALA MC 17 39.47 97.96 93.71
CA ALA MC 17 40.06 96.67 94.02
C ALA MC 17 38.99 95.62 94.22
N LYS MC 18 39.17 94.45 93.58
CA LYS MC 18 38.30 93.30 93.72
C LYS MC 18 39.13 92.12 94.23
N VAL MC 19 38.48 91.19 94.91
CA VAL MC 19 39.15 90.06 95.57
C VAL MC 19 38.60 88.75 95.02
N LEU MC 20 39.50 87.78 94.83
CA LEU MC 20 39.15 86.46 94.34
C LEU MC 20 39.70 85.41 95.31
N ARG MC 21 39.20 84.18 95.20
CA ARG MC 21 39.71 83.10 96.04
C ARG MC 21 39.54 81.75 95.36
N LYS MC 22 40.29 80.77 95.86
CA LYS MC 22 40.36 79.45 95.26
C LYS MC 22 39.01 78.75 95.23
N ILE MC 23 38.74 78.06 94.12
CA ILE MC 23 37.58 77.19 93.99
C ILE MC 23 37.97 75.76 93.63
N ASN MC 24 38.94 75.58 92.74
CA ASN MC 24 39.40 74.23 92.42
C ASN MC 24 40.81 74.33 91.85
N GLN MC 25 41.54 73.21 91.94
CA GLN MC 25 42.88 73.10 91.37
C GLN MC 25 43.05 71.71 90.76
N ASP MC 26 43.70 71.65 89.60
CA ASP MC 26 43.94 70.37 88.95
C ASP MC 26 44.93 70.56 87.80
N GLY MC 27 45.82 69.59 87.63
CA GLY MC 27 46.71 69.55 86.48
C GLY MC 27 47.57 70.79 86.32
N TYR MC 28 48.15 71.29 87.42
CA TYR MC 28 48.95 72.50 87.41
C TYR MC 28 48.15 73.74 87.02
N THR MC 29 46.82 73.66 87.08
CA THR MC 29 45.95 74.78 86.76
C THR MC 29 45.08 75.12 87.96
N SER MC 30 44.96 76.40 88.25
CA SER MC 30 44.08 76.88 89.31
C SER MC 30 43.35 78.12 88.80
N GLU MC 31 42.11 78.31 89.28
CA GLU MC 31 41.33 79.45 88.83
C GLU MC 31 40.29 79.78 89.89
N TYR MC 32 39.81 81.03 89.85
CA TYR MC 32 39.01 81.63 90.89
C TYR MC 32 37.71 82.16 90.31
N TYR MC 33 36.79 82.57 91.18
CA TYR MC 33 35.48 83.08 90.74
C TYR MC 33 34.97 84.13 91.71
N LEU MC 34 34.30 85.16 91.16
CA LEU MC 34 33.65 86.22 91.94
C LEU MC 34 32.31 86.53 91.29
N PRO MC 35 31.22 86.58 92.05
CA PRO MC 35 29.94 87.01 91.47
C PRO MC 35 29.64 88.49 91.71
N GLU MC 36 28.95 89.08 90.74
CA GLU MC 36 28.54 90.47 90.80
C GLU MC 36 27.22 90.62 90.06
N THR MC 37 26.49 91.70 90.40
CA THR MC 37 25.12 91.85 89.90
C THR MC 37 25.07 91.88 88.38
N SER MC 38 25.86 92.76 87.76
CA SER MC 38 25.82 92.96 86.31
C SER MC 38 26.97 92.29 85.59
N SER MC 39 27.86 91.60 86.31
CA SER MC 39 29.00 90.96 85.67
C SER MC 39 29.58 89.92 86.63
N SER MC 40 30.75 89.39 86.27
CA SER MC 40 31.48 88.44 87.10
C SER MC 40 32.92 88.41 86.64
N PHE MC 41 33.79 87.85 87.48
CA PHE MC 41 35.22 87.80 87.21
C PHE MC 41 35.74 86.37 87.25
N ARG MC 42 36.68 86.07 86.35
CA ARG MC 42 37.33 84.77 86.27
C ARG MC 42 38.83 85.01 86.29
N ALA MC 43 39.56 84.23 87.09
CA ALA MC 43 41.02 84.26 87.09
C ALA MC 43 41.54 82.85 86.92
N LYS MC 44 42.48 82.66 85.99
CA LYS MC 44 43.03 81.35 85.65
C LYS MC 44 44.56 81.44 85.62
N VAL MC 45 45.21 80.37 86.07
CA VAL MC 45 46.65 80.22 85.96
C VAL MC 45 46.95 78.79 85.52
N ARG MC 46 47.79 78.65 84.50
CA ARG MC 46 48.09 77.35 83.91
C ARG MC 46 49.58 77.24 83.64
N HIS MC 47 50.08 76.01 83.62
CA HIS MC 47 51.44 75.71 83.19
C HIS MC 47 51.42 74.50 82.27
N THR MC 48 52.40 74.45 81.37
CA THR MC 48 52.47 73.40 80.36
C THR MC 48 53.91 73.21 79.92
N LYS MC 49 54.23 72.00 79.47
CA LYS MC 49 55.55 71.66 78.95
C LYS MC 49 55.39 70.98 77.60
N GLU MC 50 56.09 71.48 76.59
CA GLU MC 50 55.95 70.95 75.24
C GLU MC 50 56.53 69.54 75.15
N SER MC 51 56.05 68.79 74.17
CA SER MC 51 56.39 67.37 74.05
C SER MC 51 57.84 67.21 73.63
N VAL MC 52 58.40 66.06 74.01
CA VAL MC 52 59.81 65.80 73.75
C VAL MC 52 59.97 65.27 72.33
N LYS MC 53 60.92 65.83 71.59
CA LYS MC 53 61.25 65.42 70.24
C LYS MC 53 62.72 65.07 70.15
N PRO MC 54 63.10 64.24 69.18
CA PRO MC 54 64.49 63.74 69.15
C PRO MC 54 65.55 64.83 69.17
N ASN MC 55 65.50 65.80 68.26
CA ASN MC 55 66.58 66.77 68.09
C ASN MC 55 66.03 68.20 67.90
N GLN MC 56 65.65 68.82 69.01
CA GLN MC 56 65.57 70.27 69.11
C GLN MC 56 65.18 70.60 70.55
N VAL MC 57 65.40 71.85 70.92
CA VAL MC 57 65.29 72.27 72.32
C VAL MC 57 63.85 72.21 72.77
N GLN MC 58 63.64 71.69 73.98
CA GLN MC 58 62.31 71.61 74.56
C GLN MC 58 61.98 72.89 75.32
N TYR MC 59 60.71 73.28 75.27
CA TYR MC 59 60.25 74.53 75.86
C TYR MC 59 59.11 74.27 76.84
N GLU MC 60 58.85 75.27 77.69
CA GLU MC 60 57.79 75.22 78.69
C GLU MC 60 57.13 76.57 78.80
N ARG MC 61 55.80 76.57 78.95
CA ARG MC 61 54.96 77.77 78.77
C ARG MC 61 54.11 78.01 80.00
N HIS MC 62 54.07 79.27 80.45
CA HIS MC 62 53.24 79.70 81.58
C HIS MC 62 52.24 80.75 81.12
N ASN MC 63 51.00 80.65 81.60
CA ASN MC 63 49.91 81.48 81.12
C ASN MC 63 49.02 81.92 82.28
N VAL MC 64 48.56 83.17 82.23
CA VAL MC 64 47.61 83.72 83.18
C VAL MC 64 46.54 84.48 82.41
N GLU MC 65 45.31 84.49 82.94
CA GLU MC 65 44.17 84.99 82.18
C GLU MC 65 43.18 85.69 83.10
N PHE MC 66 42.79 86.90 82.71
CA PHE MC 66 41.69 87.64 83.32
C PHE MC 66 40.56 87.80 82.31
N THR MC 67 39.33 87.67 82.78
CA THR MC 67 38.17 87.94 81.94
C THR MC 67 36.96 88.25 82.81
N GLU MC 68 36.11 89.14 82.30
CA GLU MC 68 34.89 89.53 82.96
C GLU MC 68 33.75 89.42 81.96
N THR MC 69 32.62 88.91 82.42
CA THR MC 69 31.44 88.75 81.59
C THR MC 69 30.32 89.62 82.13
N VAL MC 70 29.72 90.41 81.24
CA VAL MC 70 28.62 91.30 81.58
C VAL MC 70 27.32 90.60 81.18
N TYR MC 71 26.47 90.33 82.16
CA TYR MC 71 25.22 89.63 81.88
C TYR MC 71 24.38 90.42 80.88
N ALA MC 72 23.77 89.68 79.94
CA ALA MC 72 22.96 90.31 78.92
C ALA MC 72 21.81 91.08 79.55
N SER MC 73 21.61 92.32 79.10
CA SER MC 73 20.54 93.18 79.60
C SER MC 73 19.72 93.67 78.41
N GLY MC 74 18.43 93.40 78.42
CA GLY MC 74 17.57 93.88 77.36
C GLY MC 74 18.01 93.37 76.00
N SER MC 75 18.07 94.29 75.04
CA SER MC 75 18.47 93.91 73.68
C SER MC 75 19.92 93.43 73.64
N THR MC 76 20.79 94.04 74.44
CA THR MC 76 22.22 93.71 74.39
C THR MC 76 22.44 92.28 74.84
N PRO MC 77 23.05 91.42 74.01
CA PRO MC 77 23.30 90.04 74.45
C PRO MC 77 24.54 89.90 75.31
N GLU MC 78 24.92 88.67 75.64
CA GLU MC 78 26.10 88.44 76.47
C GLU MC 78 27.37 88.80 75.71
N PHE MC 79 28.36 89.30 76.44
CA PHE MC 79 29.67 89.57 75.86
C PHE MC 79 30.70 89.60 76.97
N VAL MC 80 31.97 89.50 76.59
CA VAL MC 80 33.07 89.32 77.54
C VAL MC 80 34.20 90.28 77.19
N ARG MC 81 35.08 90.50 78.17
CA ARG MC 81 36.34 91.21 77.96
C ARG MC 81 37.44 90.47 78.72
N GLN MC 82 38.48 90.07 77.99
CA GLN MC 82 39.55 89.26 78.55
C GLN MC 82 40.91 89.74 78.07
N ALA MC 83 41.93 89.44 78.88
CA ALA MC 83 43.32 89.73 78.55
C ALA MC 83 44.22 88.70 79.23
N TYR MC 84 45.22 88.20 78.50
CA TYR MC 84 46.11 87.19 79.05
C TYR MC 84 47.50 87.36 78.45
N VAL MC 85 48.51 86.95 79.23
CA VAL MC 85 49.91 87.00 78.82
C VAL MC 85 50.53 85.63 79.09
N VAL MC 86 51.49 85.26 78.25
CA VAL MC 86 52.17 83.97 78.35
C VAL MC 86 53.67 84.21 78.24
N ILE MC 87 54.45 83.34 78.89
CA ILE MC 87 55.90 83.38 78.83
C ILE MC 87 56.42 82.02 78.41
N ARG MC 88 57.26 82.00 77.38
CA ARG MC 88 57.82 80.78 76.82
C ARG MC 88 59.34 80.87 76.87
N HIS MC 89 59.99 79.83 77.40
CA HIS MC 89 61.43 79.81 77.48
C HIS MC 89 61.89 78.39 77.76
N LYS MC 90 63.18 78.13 77.51
CA LYS MC 90 63.69 76.77 77.57
C LYS MC 90 63.78 76.29 79.02
N VAL MC 91 64.01 74.99 79.17
CA VAL MC 91 63.90 74.34 80.47
C VAL MC 91 65.04 74.79 81.39
N GLY MC 92 66.25 74.94 80.85
CA GLY MC 92 67.41 75.21 81.66
C GLY MC 92 67.90 76.64 81.73
N ASP MC 93 67.31 77.56 80.98
CA ASP MC 93 67.86 78.91 80.91
C ASP MC 93 67.76 79.60 82.26
N VAL MC 94 68.51 80.70 82.40
CA VAL MC 94 68.55 81.43 83.66
C VAL MC 94 67.23 82.15 83.88
N SER MC 95 66.82 82.22 85.15
CA SER MC 95 65.54 82.83 85.49
C SER MC 95 65.58 84.34 85.45
N ALA MC 96 66.72 84.95 85.79
CA ALA MC 96 66.80 86.40 85.88
C ALA MC 96 66.53 87.06 84.53
N THR MC 97 67.05 86.49 83.44
CA THR MC 97 66.83 87.08 82.13
C THR MC 97 65.35 87.06 81.75
N VAL MC 98 64.68 85.93 81.99
CA VAL MC 98 63.27 85.84 81.68
C VAL MC 98 62.48 86.83 82.51
N SER MC 99 62.83 86.95 83.79
CA SER MC 99 62.18 87.92 84.65
C SER MC 99 62.37 89.33 84.12
N ASP MC 100 63.58 89.64 83.65
CA ASP MC 100 63.85 90.98 83.12
C ASP MC 100 63.01 91.26 81.88
N LEU MC 101 62.90 90.28 80.99
CA LEU MC 101 62.09 90.47 79.80
C LEU MC 101 60.63 90.71 80.16
N GLY MC 102 60.11 89.93 81.12
CA GLY MC 102 58.75 90.15 81.57
C GLY MC 102 58.55 91.52 82.21
N GLU MC 103 59.52 91.97 83.00
CA GLU MC 103 59.44 93.29 83.60
C GLU MC 103 59.44 94.38 82.54
N ALA MC 104 60.24 94.19 81.49
CA ALA MC 104 60.22 95.15 80.39
C ALA MC 104 58.85 95.20 79.74
N LEU MC 105 58.25 94.04 79.50
CA LEU MC 105 56.92 94.02 78.89
C LEU MC 105 55.92 94.73 79.79
N SER MC 106 55.97 94.47 81.10
CA SER MC 106 55.04 95.11 82.03
C SER MC 106 55.22 96.62 82.05
N PHE MC 107 56.47 97.09 82.06
CA PHE MC 107 56.71 98.52 82.13
C PHE MC 107 56.35 99.23 80.84
N TYR MC 108 56.51 98.57 79.69
CA TYR MC 108 56.22 99.21 78.42
C TYR MC 108 54.74 99.56 78.29
N LEU MC 109 53.86 98.68 78.73
CA LEU MC 109 52.42 98.84 78.52
C LEU MC 109 51.85 99.74 79.62
N ASN MC 110 51.24 100.86 79.21
CA ASN MC 110 50.58 101.78 80.13
C ASN MC 110 49.26 102.22 79.54
N GLU MC 111 48.58 103.14 80.24
CA GLU MC 111 47.24 103.56 79.83
C GLU MC 111 47.24 104.20 78.45
N ALA MC 112 48.13 105.18 78.23
CA ALA MC 112 48.13 105.88 76.95
C ALA MC 112 48.43 104.92 75.82
N LEU MC 113 49.35 103.97 76.03
CA LEU MC 113 49.69 103.04 74.97
C LEU MC 113 48.55 102.03 74.75
N TYR MC 114 47.82 101.66 75.80
CA TYR MC 114 46.60 100.90 75.61
C TYR MC 114 45.61 101.65 74.72
N GLY MC 115 45.42 102.94 74.98
CA GLY MC 115 44.54 103.72 74.12
C GLY MC 115 45.03 103.76 72.68
N LYS MC 116 46.33 103.95 72.49
CA LYS MC 116 46.88 103.98 71.15
C LYS MC 116 46.65 102.66 70.42
N LEU MC 117 46.83 101.52 71.10
CA LEU MC 117 46.51 100.25 70.44
C LEU MC 117 45.03 100.15 70.12
N ILE MC 118 44.15 100.64 71.01
CA ILE MC 118 42.74 100.71 70.63
C ILE MC 118 42.56 101.62 69.41
N GLY MC 119 43.55 102.47 69.13
CA GLY MC 119 43.50 103.33 67.96
C GLY MC 119 43.74 102.62 66.63
N TRP MC 120 44.14 101.35 66.65
CA TRP MC 120 44.36 100.48 65.49
C TRP MC 120 45.67 100.77 64.76
N GLU MC 121 46.44 101.79 65.14
CA GLU MC 121 47.69 102.05 64.43
C GLU MC 121 48.77 101.08 64.89
N SER MC 122 49.52 100.54 63.93
CA SER MC 122 50.56 99.55 64.21
C SER MC 122 51.88 100.23 64.52
N ALA NC 1 48.48 65.98 103.41
CA ALA NC 1 48.56 67.05 104.44
C ALA NC 1 49.95 67.10 105.06
N LEU NC 2 50.96 66.73 104.28
CA LEU NC 2 52.33 66.76 104.78
C LEU NC 2 52.77 68.19 105.06
N GLY NC 3 52.18 69.17 104.37
CA GLY NC 3 52.58 70.55 104.49
C GLY NC 3 52.88 71.16 103.13
N ASP NC 4 52.82 72.49 103.03
CA ASP NC 4 53.09 73.14 101.76
C ASP NC 4 54.54 72.98 101.31
N THR NC 5 55.44 72.60 102.21
CA THR NC 5 56.85 72.45 101.88
C THR NC 5 57.39 71.14 102.42
N LEU NC 6 58.41 70.62 101.74
CA LEU NC 6 59.10 69.39 102.09
C LEU NC 6 60.59 69.66 102.08
N THR NC 7 61.31 69.08 103.04
CA THR NC 7 62.74 69.35 103.21
C THR NC 7 63.54 68.12 102.82
N ILE NC 8 64.54 68.33 101.97
CA ILE NC 8 65.44 67.28 101.50
C ILE NC 8 66.83 67.64 102.01
N THR NC 9 67.41 66.78 102.83
CA THR NC 9 68.74 67.01 103.40
C THR NC 9 69.70 66.04 102.71
N LEU NC 10 70.37 66.52 101.67
CA LEU NC 10 71.31 65.68 100.95
C LEU NC 10 72.47 65.30 101.86
N GLY NC 11 73.00 64.10 101.64
CA GLY NC 11 74.09 63.61 102.46
C GLY NC 11 73.70 63.32 103.89
N GLY NC 12 72.49 62.82 104.11
CA GLY NC 12 72.07 62.45 105.45
C GLY NC 12 71.83 63.68 106.32
N SER NC 13 72.12 63.51 107.62
CA SER NC 13 71.91 64.59 108.58
C SER NC 13 72.97 65.69 108.47
N GLY NC 14 73.97 65.52 107.61
CA GLY NC 14 75.02 66.50 107.46
C GLY NC 14 74.51 67.91 107.23
N GLY NC 15 73.87 68.15 106.08
CA GLY NC 15 73.37 69.48 105.78
C GLY NC 15 72.85 69.57 104.37
N THR NC 16 73.04 70.74 103.76
CA THR NC 16 72.61 71.02 102.39
C THR NC 16 71.11 70.78 102.24
N ALA NC 17 70.35 71.59 102.99
CA ALA NC 17 68.91 71.46 103.01
C ALA NC 17 68.29 72.15 101.80
N LYS NC 18 67.44 71.42 101.09
CA LYS NC 18 66.63 71.97 100.00
C LYS NC 18 65.17 71.95 100.43
N VAL NC 19 64.43 72.97 100.03
CA VAL NC 19 63.02 73.12 100.38
C VAL NC 19 62.19 73.03 99.11
N LEU NC 20 61.34 72.01 99.02
CA LEU NC 20 60.44 71.83 97.90
C LEU NC 20 59.09 72.48 98.20
N ARG NC 21 58.35 72.77 97.13
CA ARG NC 21 57.06 73.46 97.23
C ARG NC 21 55.98 72.64 96.56
N LYS NC 22 54.76 72.71 97.09
CA LYS NC 22 53.65 71.97 96.50
C LYS NC 22 53.28 72.53 95.13
N ILE NC 23 52.97 71.62 94.19
CA ILE NC 23 52.63 72.00 92.83
C ILE NC 23 51.26 71.43 92.45
N ASN NC 24 51.12 70.10 92.47
CA ASN NC 24 49.92 69.45 91.96
C ASN NC 24 49.34 68.50 93.00
N GLN NC 25 48.01 68.42 93.04
CA GLN NC 25 47.29 67.53 93.95
C GLN NC 25 46.07 66.98 93.23
N ASP NC 26 46.04 65.67 93.02
CA ASP NC 26 44.88 65.05 92.39
C ASP NC 26 44.95 63.53 92.54
N GLY NC 27 43.83 62.92 92.93
CA GLY NC 27 43.73 61.48 93.00
C GLY NC 27 44.68 60.82 93.96
N TYR NC 28 44.76 61.34 95.19
CA TYR NC 28 45.68 60.82 96.19
C TYR NC 28 47.13 60.84 95.69
N THR NC 29 47.47 61.88 94.94
CA THR NC 29 48.82 62.04 94.39
C THR NC 29 49.30 63.46 94.68
N SER NC 30 50.59 63.58 94.98
CA SER NC 30 51.20 64.88 95.23
C SER NC 30 52.60 64.89 94.63
N GLU NC 31 53.07 66.07 94.24
CA GLU NC 31 54.41 66.21 93.70
C GLU NC 31 54.89 67.63 93.95
N TYR NC 32 56.18 67.76 94.27
CA TYR NC 32 56.79 69.02 94.65
C TYR NC 32 57.97 69.30 93.73
N TYR NC 33 58.35 70.57 93.59
CA TYR NC 33 59.35 70.97 92.60
C TYR NC 33 60.13 72.18 93.09
N LEU NC 34 61.38 72.28 92.66
CA LEU NC 34 62.27 73.40 92.98
C LEU NC 34 63.37 73.54 91.93
N PRO NC 35 63.44 74.65 91.19
CA PRO NC 35 64.54 74.84 90.25
C PRO NC 35 65.76 75.51 90.87
N GLU NC 36 66.91 75.27 90.24
CA GLU NC 36 68.19 75.82 90.68
C GLU NC 36 68.98 76.21 89.43
N THR NC 37 70.23 76.63 89.64
CA THR NC 37 71.04 77.09 88.52
C THR NC 37 71.39 75.95 87.57
N SER NC 38 71.83 74.80 88.10
CA SER NC 38 72.31 73.70 87.27
C SER NC 38 71.57 72.39 87.48
N SER NC 39 70.51 72.37 88.30
CA SER NC 39 69.81 71.14 88.58
C SER NC 39 68.41 71.48 89.10
N SER NC 40 67.56 70.45 89.16
CA SER NC 40 66.20 70.60 89.64
C SER NC 40 65.85 69.43 90.55
N PHE NC 41 65.08 69.72 91.59
CA PHE NC 41 64.62 68.71 92.55
C PHE NC 41 63.13 68.50 92.42
N ARG NC 42 62.69 67.25 92.61
CA ARG NC 42 61.28 66.91 92.48
C ARG NC 42 60.99 65.68 93.33
N ALA NC 43 59.78 65.63 93.89
CA ALA NC 43 59.30 64.50 94.68
C ALA NC 43 57.88 64.14 94.26
N LYS NC 44 57.47 62.91 94.56
CA LYS NC 44 56.14 62.43 94.20
C LYS NC 44 55.67 61.41 95.22
N VAL NC 45 54.35 61.40 95.45
CA VAL NC 45 53.71 60.46 96.37
C VAL NC 45 52.47 59.89 95.68
N ARG NC 46 52.27 58.58 95.81
CA ARG NC 46 51.14 57.93 95.13
C ARG NC 46 50.54 56.86 96.02
N HIS NC 47 49.27 56.55 95.75
CA HIS NC 47 48.51 55.52 96.45
C HIS NC 47 47.60 54.82 95.45
N THR NC 48 47.40 53.50 95.64
CA THR NC 48 46.53 52.75 94.74
C THR NC 48 46.33 51.33 95.26
N LYS NC 49 45.45 50.59 94.57
CA LYS NC 49 45.23 49.17 94.80
C LYS NC 49 45.77 48.39 93.61
N GLU NC 50 45.85 47.07 93.77
CA GLU NC 50 46.24 46.22 92.66
C GLU NC 50 45.01 45.74 91.90
N SER NC 51 45.25 45.08 90.76
CA SER NC 51 44.20 44.41 90.02
C SER NC 51 43.96 43.04 90.65
N VAL NC 52 42.72 42.80 91.10
CA VAL NC 52 42.41 41.59 91.84
C VAL NC 52 42.55 40.36 90.93
N LYS NC 53 43.29 39.37 91.42
CA LYS NC 53 43.37 38.06 90.79
C LYS NC 53 42.37 37.12 91.48
N PRO NC 54 41.52 36.38 90.75
CA PRO NC 54 40.28 35.87 91.35
C PRO NC 54 40.46 34.91 92.54
N ASN NC 55 41.68 34.73 93.03
CA ASN NC 55 41.95 33.92 94.21
C ASN NC 55 42.88 34.67 95.15
N GLN NC 56 42.65 35.98 95.33
CA GLN NC 56 43.66 36.86 95.90
C GLN NC 56 43.04 37.80 96.91
N VAL NC 57 43.75 38.02 98.02
CA VAL NC 57 43.35 38.98 99.03
C VAL NC 57 43.87 40.36 98.65
N GLN NC 58 43.03 41.38 98.78
CA GLN NC 58 43.39 42.70 98.30
C GLN NC 58 44.58 43.26 99.06
N TYR NC 59 45.36 44.08 98.37
CA TYR NC 59 46.53 44.75 98.93
C TYR NC 59 46.42 46.24 98.69
N GLU NC 60 47.29 46.98 99.36
CA GLU NC 60 47.50 48.39 99.07
C GLU NC 60 49.00 48.65 99.00
N ARG NC 61 49.39 49.54 98.10
CA ARG NC 61 50.79 49.78 97.80
C ARG NC 61 51.09 51.26 97.97
N HIS NC 62 52.22 51.56 98.61
CA HIS NC 62 52.60 52.92 98.94
C HIS NC 62 54.02 53.17 98.46
N ASN NC 63 54.24 54.31 97.79
CA ASN NC 63 55.57 54.60 97.26
C ASN NC 63 55.82 56.10 97.32
N VAL NC 64 57.10 56.46 97.38
CA VAL NC 64 57.54 57.85 97.30
C VAL NC 64 58.92 57.87 96.66
N GLU NC 65 59.16 58.89 95.83
CA GLU NC 65 60.36 58.94 95.02
C GLU NC 65 60.99 60.33 95.07
N PHE NC 66 62.31 60.37 94.87
CA PHE NC 66 63.06 61.60 94.70
C PHE NC 66 63.75 61.54 93.34
N THR NC 67 63.74 62.66 92.63
CA THR NC 67 64.34 62.76 91.30
C THR NC 67 65.25 63.98 91.25
N GLU NC 68 66.35 63.85 90.50
CA GLU NC 68 67.33 64.92 90.35
C GLU NC 68 67.75 64.99 88.89
N THR NC 69 67.43 66.10 88.23
CA THR NC 69 67.75 66.30 86.82
C THR NC 69 68.87 67.31 86.69
N VAL NC 70 69.88 66.97 85.91
CA VAL NC 70 71.04 67.83 85.68
C VAL NC 70 71.04 68.26 84.23
N TYR NC 71 71.01 69.57 84.00
CA TYR NC 71 70.91 70.10 82.64
C TYR NC 71 72.18 69.86 81.86
N ALA NC 72 72.02 69.75 80.55
CA ALA NC 72 73.15 69.47 79.67
C ALA NC 72 74.16 70.61 79.75
N SER NC 73 75.44 70.22 79.82
CA SER NC 73 76.54 71.17 79.81
C SER NC 73 77.66 70.62 78.95
N GLY NC 74 78.35 71.52 78.26
CA GLY NC 74 79.40 71.09 77.34
C GLY NC 74 78.84 70.14 76.31
N SER NC 75 79.57 69.04 76.08
CA SER NC 75 79.14 68.00 75.16
C SER NC 75 78.40 66.86 75.85
N THR NC 76 78.21 66.93 77.17
CA THR NC 76 77.56 65.86 77.91
C THR NC 76 76.05 66.10 77.97
N PRO NC 77 75.23 65.18 77.49
CA PRO NC 77 73.77 65.40 77.54
C PRO NC 77 73.25 65.31 78.96
N GLU NC 78 72.01 65.77 79.13
CA GLU NC 78 71.37 65.76 80.44
C GLU NC 78 71.03 64.33 80.86
N PHE NC 79 70.96 64.13 82.17
CA PHE NC 79 70.64 62.83 82.75
C PHE NC 79 69.87 63.08 84.05
N VAL NC 80 69.56 62.00 84.77
CA VAL NC 80 68.69 62.10 85.94
C VAL NC 80 69.15 61.10 87.00
N ARG NC 81 68.99 61.49 88.26
CA ARG NC 81 69.23 60.62 89.40
C ARG NC 81 67.93 60.50 90.19
N GLN NC 82 67.55 59.27 90.56
CA GLN NC 82 66.37 59.09 91.38
C GLN NC 82 66.58 57.96 92.37
N ALA NC 83 65.76 57.94 93.41
CA ALA NC 83 65.75 56.88 94.40
C ALA NC 83 64.39 56.87 95.07
N TYR NC 84 63.74 55.70 95.13
CA TYR NC 84 62.36 55.62 95.58
C TYR NC 84 62.17 54.36 96.41
N VAL NC 85 61.09 54.34 97.19
CA VAL NC 85 60.74 53.24 98.07
C VAL NC 85 59.26 52.93 97.88
N VAL NC 86 58.88 51.66 98.13
CA VAL NC 86 57.49 51.25 98.09
C VAL NC 86 57.20 50.25 99.20
N ILE NC 87 55.94 50.19 99.63
CA ILE NC 87 55.48 49.33 100.71
C ILE NC 87 54.18 48.66 100.27
N ARG NC 88 54.00 47.39 100.63
CA ARG NC 88 52.82 46.64 100.20
C ARG NC 88 52.33 45.72 101.31
N HIS NC 89 51.01 45.67 101.50
CA HIS NC 89 50.38 44.83 102.50
C HIS NC 89 48.90 44.70 102.17
N LYS NC 90 48.22 43.79 102.86
CA LYS NC 90 46.81 43.55 102.54
C LYS NC 90 45.97 44.76 102.95
N VAL NC 91 44.73 44.78 102.47
CA VAL NC 91 43.77 45.78 102.92
C VAL NC 91 43.25 45.38 104.29
N GLY NC 92 43.28 46.33 105.23
CA GLY NC 92 42.79 46.06 106.57
C GLY NC 92 43.77 45.35 107.49
N ASP NC 93 45.06 45.38 107.19
CA ASP NC 93 46.05 44.79 108.09
C ASP NC 93 46.29 45.70 109.29
N VAL NC 94 46.92 45.13 110.32
CA VAL NC 94 47.33 45.94 111.47
C VAL NC 94 48.42 46.91 111.04
N SER NC 95 48.23 48.19 111.35
CA SER NC 95 49.18 49.20 110.92
C SER NC 95 50.48 49.14 111.71
N ALA NC 96 50.41 48.70 112.98
CA ALA NC 96 51.59 48.71 113.83
C ALA NC 96 52.70 47.85 113.24
N THR NC 97 52.39 46.60 112.89
CA THR NC 97 53.42 45.69 112.39
C THR NC 97 53.91 46.11 111.01
N VAL NC 98 53.00 46.56 110.14
CA VAL NC 98 53.40 46.99 108.81
C VAL NC 98 54.37 48.16 108.93
N SER NC 99 54.06 49.13 109.80
CA SER NC 99 54.99 50.22 110.03
C SER NC 99 56.30 49.72 110.59
N ASP NC 100 56.23 48.83 111.58
CA ASP NC 100 57.44 48.28 112.19
C ASP NC 100 58.39 47.75 111.14
N LEU NC 101 57.86 47.00 110.17
CA LEU NC 101 58.64 46.68 109.00
C LEU NC 101 58.79 47.94 108.14
N GLY NC 102 60.03 48.26 107.78
CA GLY NC 102 60.31 49.50 107.09
C GLY NC 102 61.31 50.37 107.83
N GLU NC 103 61.13 50.53 109.14
CA GLU NC 103 62.18 51.17 109.91
C GLU NC 103 63.42 50.31 109.94
N ALA NC 104 63.27 48.99 109.90
CA ALA NC 104 64.43 48.11 109.77
C ALA NC 104 65.15 48.37 108.45
N LEU NC 105 64.41 48.52 107.36
CA LEU NC 105 65.04 48.82 106.08
C LEU NC 105 65.75 50.17 106.12
N SER NC 106 65.12 51.17 106.72
CA SER NC 106 65.76 52.47 106.84
C SER NC 106 67.05 52.38 107.65
N PHE NC 107 67.02 51.64 108.75
CA PHE NC 107 68.21 51.50 109.59
C PHE NC 107 69.32 50.74 108.87
N TYR NC 108 68.96 49.75 108.07
CA TYR NC 108 69.97 48.97 107.33
C TYR NC 108 70.71 49.86 106.34
N LEU NC 109 70.00 50.72 105.63
CA LEU NC 109 70.64 51.58 104.64
C LEU NC 109 71.42 52.70 105.32
N ASN NC 110 72.65 52.91 104.86
CA ASN NC 110 73.53 53.96 105.40
C ASN NC 110 74.66 54.19 104.41
N GLU NC 111 75.64 55.01 104.81
CA GLU NC 111 76.76 55.34 103.94
C GLU NC 111 77.46 54.08 103.44
N ALA NC 112 77.86 53.21 104.37
CA ALA NC 112 78.68 52.06 104.01
C ALA NC 112 77.92 51.11 103.08
N LEU NC 113 76.67 50.80 103.40
CA LEU NC 113 75.91 49.88 102.57
C LEU NC 113 75.65 50.46 101.19
N TYR NC 114 75.37 51.76 101.11
CA TYR NC 114 75.23 52.39 99.80
C TYR NC 114 76.53 52.28 99.01
N GLY NC 115 77.66 52.47 99.69
CA GLY NC 115 78.94 52.26 99.03
C GLY NC 115 79.11 50.86 98.49
N LYS NC 116 78.68 49.86 99.26
CA LYS NC 116 78.75 48.49 98.76
C LYS NC 116 77.84 48.31 97.55
N LEU NC 117 76.61 48.80 97.63
CA LEU NC 117 75.64 48.58 96.55
C LEU NC 117 76.15 49.20 95.25
N ILE NC 118 76.70 50.41 95.32
CA ILE NC 118 77.20 51.05 94.11
C ILE NC 118 78.34 50.25 93.49
N GLY NC 119 78.94 49.33 94.23
CA GLY NC 119 80.02 48.50 93.74
C GLY NC 119 79.59 47.21 93.04
N TRP NC 120 78.31 47.04 92.76
CA TRP NC 120 77.77 45.84 92.13
C TRP NC 120 78.03 44.59 92.98
N GLU NC 121 78.22 44.77 94.28
CA GLU NC 121 78.44 43.65 95.19
C GLU NC 121 77.10 43.17 95.74
N SER NC 122 76.74 41.93 95.40
CA SER NC 122 75.48 41.36 95.86
C SER NC 122 75.66 40.67 97.20
N ALA OC 1 80.07 40.36 97.86
CA ALA OC 1 80.50 40.43 99.29
C ALA OC 1 79.29 40.54 100.21
N LEU OC 2 79.19 41.63 100.98
CA LEU OC 2 78.11 41.93 101.91
C LEU OC 2 78.06 40.95 103.09
N GLY OC 3 79.02 40.03 103.20
CA GLY OC 3 78.99 39.06 104.28
C GLY OC 3 78.11 37.86 103.96
N ASP OC 4 78.06 36.94 104.92
CA ASP OC 4 77.26 35.74 104.79
C ASP OC 4 75.90 35.86 105.48
N THR OC 5 75.83 36.55 106.61
CA THR OC 5 74.59 36.70 107.37
C THR OC 5 74.16 38.17 107.34
N LEU OC 6 72.89 38.39 107.02
CA LEU OC 6 72.29 39.71 106.99
C LEU OC 6 71.33 39.84 108.17
N THR OC 7 71.50 40.91 108.95
CA THR OC 7 70.73 41.13 110.17
C THR OC 7 69.74 42.26 109.95
N ILE OC 8 68.47 42.01 110.24
CA ILE OC 8 67.42 43.03 110.19
C ILE OC 8 66.89 43.22 111.60
N THR OC 9 66.99 44.45 112.11
CA THR OC 9 66.58 44.78 113.47
C THR OC 9 65.15 45.31 113.42
N LEU OC 10 64.20 44.38 113.38
CA LEU OC 10 62.81 44.74 113.20
C LEU OC 10 62.36 45.69 114.30
N GLY OC 11 61.72 46.78 113.91
CA GLY OC 11 61.37 47.83 114.85
C GLY OC 11 62.37 48.96 114.93
N GLY OC 12 63.21 49.14 113.92
CA GLY OC 12 64.17 50.22 113.96
C GLY OC 12 65.26 49.96 114.97
N SER OC 13 65.95 51.04 115.33
CA SER OC 13 67.05 50.93 116.28
C SER OC 13 66.56 50.38 117.60
N GLY OC 14 67.31 49.42 118.16
CA GLY OC 14 66.98 48.84 119.44
C GLY OC 14 65.88 47.79 119.43
N GLY OC 15 65.50 47.29 118.26
CA GLY OC 15 64.40 46.34 118.15
C GLY OC 15 64.85 44.91 118.29
N THR OC 16 64.01 43.99 117.81
CA THR OC 16 64.32 42.58 117.80
C THR OC 16 65.18 42.24 116.58
N ALA OC 17 66.28 41.54 116.81
CA ALA OC 17 67.21 41.21 115.73
C ALA OC 17 66.97 39.81 115.21
N LYS OC 18 67.01 39.66 113.88
CA LYS OC 18 66.93 38.39 113.19
C LYS OC 18 68.18 38.24 112.32
N VAL OC 19 68.64 37.00 112.14
CA VAL OC 19 69.81 36.74 111.31
C VAL OC 19 69.46 35.90 110.09
N LEU OC 20 69.22 36.55 108.95
CA LEU OC 20 69.09 35.84 107.69
C LEU OC 20 70.42 35.19 107.33
N ARG OC 21 70.34 34.14 106.50
CA ARG OC 21 71.55 33.41 106.09
C ARG OC 21 71.55 33.24 104.58
N LYS OC 22 72.75 33.28 103.98
CA LYS OC 22 72.83 33.18 102.52
C LYS OC 22 72.56 31.75 102.06
N ILE OC 23 71.77 31.62 101.00
CA ILE OC 23 71.34 30.32 100.51
C ILE OC 23 71.55 30.11 99.02
N ASN OC 24 71.67 31.17 98.21
CA ASN OC 24 71.84 31.01 96.77
C ASN OC 24 72.38 32.32 96.20
N GLN OC 25 72.90 32.23 94.97
CA GLN OC 25 73.41 33.42 94.28
C GLN OC 25 73.41 33.15 92.78
N ASP OC 26 72.54 33.84 92.05
CA ASP OC 26 72.46 33.69 90.60
C ASP OC 26 72.18 35.03 89.95
N GLY OC 27 72.67 35.20 88.73
CA GLY OC 27 72.30 36.31 87.88
C GLY OC 27 72.51 37.67 88.52
N TYR OC 28 73.66 37.86 89.16
CA TYR OC 28 73.95 39.11 89.87
C TYR OC 28 72.94 39.35 90.98
N THR OC 29 72.35 38.27 91.49
CA THR OC 29 71.34 38.33 92.54
C THR OC 29 71.73 37.41 93.69
N SER OC 30 71.33 37.79 94.90
CA SER OC 30 71.57 36.99 96.09
C SER OC 30 70.35 37.04 96.98
N GLU OC 31 69.95 35.89 97.51
CA GLU OC 31 68.80 35.80 98.40
C GLU OC 31 69.15 35.06 99.68
N TYR OC 32 68.68 35.58 100.80
CA TYR OC 32 68.97 35.08 102.15
C TYR OC 32 67.67 34.65 102.80
N TYR OC 33 67.68 33.57 103.59
CA TYR OC 33 66.43 33.00 104.10
C TYR OC 33 66.56 32.64 105.58
N LEU OC 34 65.41 32.55 106.25
CA LEU OC 34 65.30 32.13 107.64
C LEU OC 34 63.96 31.46 107.89
N PRO OC 35 63.90 30.15 108.20
CA PRO OC 35 62.61 29.53 108.51
C PRO OC 35 62.10 29.91 109.89
N GLU OC 36 60.78 29.88 110.02
CA GLU OC 36 60.11 30.20 111.27
C GLU OC 36 58.93 29.24 111.44
N THR OC 37 58.50 29.07 112.69
CA THR OC 37 57.45 28.10 112.97
C THR OC 37 56.13 28.48 112.33
N SER OC 38 55.79 29.78 112.34
CA SER OC 38 54.52 30.25 111.83
C SER OC 38 54.66 31.30 110.73
N SER OC 39 55.88 31.69 110.38
CA SER OC 39 56.10 32.69 109.35
C SER OC 39 57.38 32.32 108.60
N SER OC 40 57.86 33.23 107.76
CA SER OC 40 59.11 33.02 107.06
C SER OC 40 59.69 34.37 106.67
N PHE OC 41 61.01 34.44 106.60
CA PHE OC 41 61.70 35.69 106.32
C PHE OC 41 62.66 35.47 105.15
N ARG OC 42 62.82 36.52 104.33
CA ARG OC 42 63.60 36.43 103.10
C ARG OC 42 64.07 37.83 102.73
N ALA OC 43 65.26 37.90 102.11
CA ALA OC 43 65.80 39.14 101.59
C ALA OC 43 66.50 38.87 100.27
N LYS OC 44 66.41 39.82 99.34
CA LYS OC 44 66.99 39.68 98.00
C LYS OC 44 67.74 40.96 97.64
N VAL OC 45 68.79 40.80 96.84
CA VAL OC 45 69.54 41.91 96.27
C VAL OC 45 69.72 41.66 94.78
N ARG OC 46 69.50 42.69 93.97
CA ARG OC 46 69.49 42.56 92.51
C ARG OC 46 70.20 43.74 91.85
N HIS OC 47 70.90 43.47 90.76
CA HIS OC 47 71.57 44.47 89.93
C HIS OC 47 71.21 44.25 88.46
N THR OC 48 71.07 45.34 87.71
CA THR OC 48 70.64 45.23 86.32
C THR OC 48 71.23 46.37 85.49
N LYS OC 49 71.41 46.11 84.20
CA LYS OC 49 71.84 47.11 83.22
C LYS OC 49 70.91 47.09 82.01
N GLU OC 50 70.38 48.25 81.67
CA GLU OC 50 69.37 48.39 80.63
C GLU OC 50 69.97 48.18 79.24
N SER OC 51 69.08 48.05 78.26
CA SER OC 51 69.51 47.78 76.90
C SER OC 51 70.18 49.01 76.31
N VAL OC 52 71.09 48.77 75.38
CA VAL OC 52 71.82 49.84 74.72
C VAL OC 52 71.00 50.35 73.55
N LYS OC 53 70.89 51.68 73.43
CA LYS OC 53 70.12 52.31 72.38
C LYS OC 53 71.07 53.30 71.71
N PRO OC 54 71.08 53.40 70.36
CA PRO OC 54 72.24 54.00 69.68
C PRO OC 54 72.86 55.22 70.35
N ASN OC 55 72.09 56.30 70.53
CA ASN OC 55 72.63 57.56 71.07
C ASN OC 55 71.73 58.09 72.21
N GLN OC 56 71.97 57.55 73.40
CA GLN OC 56 71.21 57.88 74.61
C GLN OC 56 72.06 57.53 75.83
N VAL OC 57 71.67 58.06 76.98
CA VAL OC 57 72.42 57.83 78.21
C VAL OC 57 72.16 56.40 78.69
N GLN OC 58 73.22 55.72 79.13
CA GLN OC 58 73.13 54.35 79.62
C GLN OC 58 72.97 54.36 81.13
N TYR OC 59 72.05 53.53 81.64
CA TYR OC 59 71.65 53.55 83.03
C TYR OC 59 71.75 52.17 83.65
N GLU OC 60 71.84 52.14 84.98
CA GLU OC 60 71.87 50.89 85.73
C GLU OC 60 71.04 51.03 87.00
N ARG OC 61 70.58 49.88 87.52
CA ARG OC 61 69.56 49.82 88.56
C ARG OC 61 69.99 48.86 89.65
N HIS OC 62 69.84 49.28 90.92
CA HIS OC 62 70.09 48.43 92.08
C HIS OC 62 68.82 48.34 92.92
N ASN OC 63 68.49 47.13 93.37
CA ASN OC 63 67.25 46.86 94.08
C ASN OC 63 67.52 46.02 95.32
N VAL OC 64 66.86 46.38 96.42
CA VAL OC 64 66.94 45.65 97.68
C VAL OC 64 65.55 45.57 98.28
N GLU OC 65 65.13 44.36 98.69
CA GLU OC 65 63.78 44.15 99.17
C GLU OC 65 63.78 43.26 100.42
N PHE OC 66 62.83 43.54 101.31
CA PHE OC 66 62.50 42.66 102.43
C PHE OC 66 61.06 42.23 102.26
N THR OC 67 60.80 40.92 102.32
CA THR OC 67 59.45 40.40 102.20
C THR OC 67 59.17 39.40 103.33
N GLU OC 68 57.96 39.47 103.86
CA GLU OC 68 57.53 38.68 105.01
C GLU OC 68 56.33 37.83 104.60
N THR OC 69 56.32 36.57 105.03
CA THR OC 69 55.27 35.63 104.69
C THR OC 69 54.69 35.00 105.95
N VAL OC 70 53.37 34.87 105.99
CA VAL OC 70 52.65 34.31 107.13
C VAL OC 70 51.79 33.15 106.62
N TYR OC 71 51.97 31.98 107.21
CA TYR OC 71 51.26 30.80 106.74
C TYR OC 71 49.78 30.88 107.08
N ALA OC 72 48.95 30.34 106.19
CA ALA OC 72 47.50 30.39 106.36
C ALA OC 72 47.08 29.54 107.54
N SER OC 73 46.22 30.10 108.38
CA SER OC 73 45.71 29.42 109.57
C SER OC 73 44.20 29.61 109.64
N GLY OC 74 43.49 28.52 109.88
CA GLY OC 74 42.03 28.60 109.94
C GLY OC 74 41.45 29.07 108.62
N SER OC 75 40.57 30.07 108.69
CA SER OC 75 39.95 30.62 107.50
C SER OC 75 40.89 31.53 106.72
N THR OC 76 41.74 32.27 107.41
CA THR OC 76 42.57 33.26 106.74
C THR OC 76 43.54 32.58 105.77
N PRO OC 77 43.61 33.02 104.50
CA PRO OC 77 44.56 32.41 103.54
C PRO OC 77 45.98 32.92 103.72
N GLU OC 78 46.85 32.58 102.77
CA GLU OC 78 48.21 33.08 102.80
C GLU OC 78 48.24 34.59 102.54
N PHE OC 79 49.25 35.25 103.10
CA PHE OC 79 49.50 36.65 102.78
C PHE OC 79 50.93 37.01 103.17
N VAL OC 80 51.39 38.15 102.67
CA VAL OC 80 52.78 38.57 102.81
C VAL OC 80 52.86 40.06 103.13
N ARG OC 81 54.06 40.48 103.55
CA ARG OC 81 54.44 41.88 103.62
C ARG OC 81 55.74 42.10 102.85
N GLN OC 82 55.90 43.31 102.30
CA GLN OC 82 57.05 43.65 101.48
C GLN OC 82 57.46 45.10 101.72
N ALA OC 83 58.72 45.40 101.47
CA ALA OC 83 59.20 46.78 101.44
C ALA OC 83 60.56 46.81 100.77
N TYR OC 84 60.69 47.54 99.65
CA TYR OC 84 61.93 47.53 98.89
C TYR OC 84 62.23 48.92 98.34
N VAL OC 85 63.52 49.17 98.11
CA VAL OC 85 63.98 50.43 97.56
C VAL OC 85 64.67 50.16 96.22
N VAL OC 86 64.97 51.24 95.49
CA VAL OC 86 65.63 51.15 94.19
C VAL OC 86 66.49 52.39 93.99
N ILE OC 87 67.60 52.23 93.27
CA ILE OC 87 68.49 53.33 92.92
C ILE OC 87 68.77 53.26 91.42
N ARG OC 88 68.65 54.39 90.73
CA ARG OC 88 68.88 54.51 89.30
C ARG OC 88 69.89 55.63 89.08
N HIS OC 89 70.93 55.37 88.28
CA HIS OC 89 71.94 56.41 88.03
C HIS OC 89 72.71 56.08 86.76
N LYS OC 90 73.49 57.06 86.30
CA LYS OC 90 74.29 56.91 85.10
C LYS OC 90 75.49 56.02 85.35
N VAL OC 91 75.93 55.33 84.30
CA VAL OC 91 76.97 54.30 84.44
C VAL OC 91 78.26 54.92 84.94
N GLY OC 92 78.69 56.02 84.32
CA GLY OC 92 79.92 56.68 84.67
C GLY OC 92 79.78 57.77 85.72
N ASP OC 93 78.63 57.88 86.37
CA ASP OC 93 78.39 58.96 87.31
C ASP OC 93 79.39 58.89 88.47
N VAL OC 94 79.31 59.89 89.35
CA VAL OC 94 80.14 59.96 90.55
C VAL OC 94 79.39 59.28 91.69
N SER OC 95 80.10 58.44 92.45
CA SER OC 95 79.47 57.63 93.48
C SER OC 95 78.98 58.47 94.65
N ALA OC 96 79.75 59.49 95.04
CA ALA OC 96 79.44 60.23 96.26
C ALA OC 96 78.08 60.92 96.18
N THR OC 97 77.75 61.52 95.03
CA THR OC 97 76.51 62.29 94.93
C THR OC 97 75.29 61.38 95.00
N VAL OC 98 75.30 60.26 94.28
CA VAL OC 98 74.17 59.34 94.35
C VAL OC 98 74.08 58.74 95.74
N SER OC 99 75.22 58.50 96.39
CA SER OC 99 75.16 58.02 97.76
C SER OC 99 74.51 59.05 98.67
N ASP OC 100 74.83 60.33 98.47
CA ASP OC 100 74.19 61.36 99.28
C ASP OC 100 72.69 61.42 99.04
N LEU OC 101 72.26 61.27 97.78
CA LEU OC 101 70.82 61.23 97.50
C LEU OC 101 70.16 60.06 98.23
N GLY OC 102 70.79 58.88 98.19
CA GLY OC 102 70.22 57.74 98.88
C GLY OC 102 70.16 57.94 100.39
N GLU OC 103 71.21 58.54 100.95
CA GLU OC 103 71.23 58.82 102.39
C GLU OC 103 70.13 59.82 102.76
N ALA OC 104 69.90 60.81 101.90
CA ALA OC 104 68.81 61.76 102.14
C ALA OC 104 67.47 61.03 102.16
N LEU OC 105 67.25 60.15 101.19
CA LEU OC 105 65.99 59.40 101.16
C LEU OC 105 65.86 58.56 102.43
N SER OC 106 66.95 57.92 102.85
CA SER OC 106 66.93 57.11 104.06
C SER OC 106 66.61 57.95 105.29
N PHE OC 107 67.24 59.12 105.39
CA PHE OC 107 67.05 59.97 106.56
C PHE OC 107 65.63 60.51 106.63
N TYR OC 108 65.04 60.86 105.49
CA TYR OC 108 63.67 61.38 105.52
C TYR OC 108 62.73 60.37 106.14
N LEU OC 109 62.92 59.09 105.86
CA LEU OC 109 62.04 58.05 106.38
C LEU OC 109 62.27 57.86 107.88
N ASN OC 110 61.19 57.90 108.64
CA ASN OC 110 61.24 57.66 110.08
C ASN OC 110 59.84 57.32 110.56
N GLU OC 111 59.77 56.79 111.78
CA GLU OC 111 58.52 56.27 112.34
C GLU OC 111 57.32 57.15 112.01
N ALA OC 112 57.38 58.42 112.39
CA ALA OC 112 56.23 59.30 112.21
C ALA OC 112 55.81 59.36 110.75
N LEU OC 113 56.78 59.32 109.83
CA LEU OC 113 56.43 59.45 108.42
C LEU OC 113 55.69 58.22 107.92
N TYR OC 114 56.16 57.01 108.27
CA TYR OC 114 55.36 55.84 107.93
C TYR OC 114 53.99 55.89 108.59
N GLY OC 115 53.92 56.37 109.83
CA GLY OC 115 52.64 56.46 110.50
C GLY OC 115 51.66 57.33 109.72
N LYS OC 116 52.11 58.49 109.28
CA LYS OC 116 51.24 59.35 108.46
C LYS OC 116 50.94 58.70 107.11
N LEU OC 117 51.94 58.12 106.46
CA LEU OC 117 51.78 57.65 105.09
C LEU OC 117 50.78 56.50 105.02
N ILE OC 118 50.86 55.56 105.97
CA ILE OC 118 49.96 54.42 105.94
C ILE OC 118 48.53 54.83 106.21
N GLY OC 119 48.31 56.02 106.76
CA GLY OC 119 46.96 56.50 106.98
C GLY OC 119 46.34 57.12 105.75
N TRP OC 120 46.90 56.81 104.57
CA TRP OC 120 46.38 57.33 103.31
C TRP OC 120 46.36 58.86 103.29
N GLU OC 121 47.35 59.46 103.93
CA GLU OC 121 47.52 60.90 103.94
C GLU OC 121 48.57 61.29 102.92
N SER OC 122 48.14 61.97 101.85
CA SER OC 122 49.03 62.35 100.77
C SER OC 122 49.58 63.76 100.99
N ALA PC 1 86.89 28.23 93.19
CA ALA PC 1 86.81 29.38 94.14
C ALA PC 1 88.18 29.98 94.39
N LEU PC 2 88.69 30.76 93.43
CA LEU PC 2 89.99 31.40 93.60
C LEU PC 2 90.02 32.32 94.81
N GLY PC 3 88.87 32.88 95.20
CA GLY PC 3 88.82 33.82 96.30
C GLY PC 3 87.89 34.98 96.00
N ASP PC 4 87.36 35.61 97.05
CA ASP PC 4 86.40 36.69 96.86
C ASP PC 4 87.04 37.94 96.27
N THR PC 5 88.38 38.03 96.23
CA THR PC 5 89.05 39.15 95.59
C THR PC 5 90.11 38.65 94.61
N LEU PC 6 90.32 39.43 93.56
CA LEU PC 6 91.31 39.16 92.53
C LEU PC 6 92.15 40.41 92.36
N THR PC 7 93.47 40.22 92.24
CA THR PC 7 94.42 41.33 92.20
C THR PC 7 94.97 41.50 90.80
N ILE PC 8 94.96 42.74 90.31
CA ILE PC 8 95.61 43.12 89.06
C ILE PC 8 96.69 44.13 89.41
N THR PC 9 97.93 43.83 89.03
CA THR PC 9 99.07 44.71 89.29
C THR PC 9 99.55 45.29 87.96
N LEU PC 10 99.04 46.47 87.62
CA LEU PC 10 99.45 47.12 86.39
C LEU PC 10 100.93 47.47 86.44
N GLY PC 11 101.57 47.40 85.28
CA GLY PC 11 103.01 47.57 85.24
C GLY PC 11 103.79 46.35 85.69
N GLY PC 12 103.38 45.16 85.26
CA GLY PC 12 104.18 44.01 85.62
C GLY PC 12 104.17 43.76 87.13
N SER PC 13 105.31 43.29 87.63
CA SER PC 13 105.58 43.26 89.06
C SER PC 13 105.93 44.63 89.61
N GLY PC 14 105.64 45.68 88.85
CA GLY PC 14 106.02 47.04 89.20
C GLY PC 14 105.26 47.61 90.39
N GLY PC 15 103.97 47.89 90.21
CA GLY PC 15 103.18 48.51 91.25
C GLY PC 15 101.73 48.66 90.85
N THR PC 16 101.04 49.64 91.46
CA THR PC 16 99.69 50.01 91.07
C THR PC 16 98.74 48.80 91.12
N ALA PC 17 98.57 48.27 92.34
CA ALA PC 17 97.74 47.09 92.53
C ALA PC 17 96.27 47.47 92.61
N LYS PC 18 95.44 46.76 91.86
CA LYS PC 18 93.99 46.92 91.86
C LYS PC 18 93.35 45.64 92.39
N VAL PC 19 92.35 45.78 93.25
CA VAL PC 19 91.74 44.62 93.90
C VAL PC 19 90.28 44.46 93.49
N LEU PC 20 90.02 43.61 92.51
CA LEU PC 20 88.66 43.36 92.10
C LEU PC 20 87.92 42.55 93.17
N ARG PC 21 86.59 42.56 93.08
CA ARG PC 21 85.72 41.81 93.98
C ARG PC 21 84.80 40.91 93.17
N LYS PC 22 84.49 39.73 93.71
CA LYS PC 22 83.60 38.81 93.01
C LYS PC 22 82.17 39.32 93.01
N ILE PC 23 81.48 39.16 91.89
CA ILE PC 23 80.11 39.62 91.76
C ILE PC 23 79.17 38.58 91.18
N ASN PC 24 79.64 37.55 90.50
CA ASN PC 24 78.75 36.57 89.92
C ASN PC 24 79.46 35.24 89.76
N GLN PC 25 78.70 34.16 89.92
CA GLN PC 25 79.22 32.78 89.82
C GLN PC 25 78.08 31.91 89.29
N ASP PC 26 78.12 31.61 88.00
CA ASP PC 26 77.04 30.86 87.36
C ASP PC 26 77.60 30.04 86.21
N GLY PC 27 77.22 28.76 86.19
CA GLY PC 27 77.57 27.89 85.10
C GLY PC 27 79.06 27.79 84.83
N TYR PC 28 79.84 27.57 85.89
CA TYR PC 28 81.27 27.32 85.76
C TYR PC 28 82.01 28.54 85.22
N THR PC 29 81.55 29.73 85.60
CA THR PC 29 82.15 31.00 85.17
C THR PC 29 82.21 31.94 86.36
N SER PC 30 83.09 32.93 86.27
CA SER PC 30 83.33 33.86 87.37
C SER PC 30 83.42 35.28 86.85
N GLU PC 31 83.10 36.23 87.72
CA GLU PC 31 83.07 37.64 87.39
C GLU PC 31 83.75 38.42 88.50
N TYR PC 32 84.56 39.40 88.13
CA TYR PC 32 85.19 40.33 89.07
C TYR PC 32 85.06 41.73 88.51
N TYR PC 33 84.92 42.73 89.39
CA TYR PC 33 84.63 44.08 88.93
C TYR PC 33 85.07 45.11 89.96
N LEU PC 34 85.36 46.32 89.50
CA LEU PC 34 85.73 47.44 90.37
C LEU PC 34 85.59 48.77 89.64
N PRO PC 35 84.77 49.72 90.12
CA PRO PC 35 84.68 51.03 89.46
C PRO PC 35 85.59 52.09 90.08
N GLU PC 36 85.92 53.12 89.30
CA GLU PC 36 86.70 54.25 89.77
C GLU PC 36 86.17 55.51 89.10
N THR PC 37 86.89 56.62 89.26
CA THR PC 37 86.43 57.89 88.71
C THR PC 37 86.49 57.90 87.19
N SER PC 38 87.62 57.50 86.61
CA SER PC 38 87.80 57.60 85.18
C SER PC 38 87.72 56.27 84.44
N SER PC 39 87.78 55.15 85.14
CA SER PC 39 87.71 53.85 84.47
C SER PC 39 87.27 52.80 85.48
N SER PC 40 86.96 51.61 84.95
CA SER PC 40 86.58 50.46 85.76
C SER PC 40 87.29 49.23 85.21
N PHE PC 41 87.52 48.27 86.10
CA PHE PC 41 88.18 47.02 85.76
C PHE PC 41 87.23 45.84 85.95
N ARG PC 42 87.35 44.86 85.06
CA ARG PC 42 86.51 43.68 85.10
C ARG PC 42 87.36 42.49 84.68
N ALA PC 43 87.22 41.38 85.39
CA ALA PC 43 87.92 40.15 85.07
C ALA PC 43 86.93 39.01 84.98
N LYS PC 44 87.14 38.15 83.98
CA LYS PC 44 86.18 37.12 83.61
C LYS PC 44 86.93 35.80 83.47
N VAL PC 45 86.24 34.69 83.78
CA VAL PC 45 86.81 33.36 83.68
C VAL PC 45 85.77 32.41 83.10
N ARG PC 46 86.21 31.53 82.20
CA ARG PC 46 85.34 30.53 81.59
C ARG PC 46 86.03 29.16 81.49
N HIS PC 47 85.23 28.10 81.66
CA HIS PC 47 85.59 26.72 81.34
C HIS PC 47 84.51 26.14 80.43
N THR PC 48 84.91 25.35 79.43
CA THR PC 48 83.93 24.85 78.48
C THR PC 48 84.44 23.60 77.77
N LYS PC 49 83.50 22.71 77.46
CA LYS PC 49 83.69 21.55 76.59
C LYS PC 49 83.60 21.99 75.13
N GLU PC 50 83.92 21.07 74.23
CA GLU PC 50 83.70 21.28 72.80
C GLU PC 50 82.76 20.22 72.26
N SER PC 51 81.89 20.63 71.34
CA SER PC 51 80.95 19.69 70.74
C SER PC 51 81.71 18.54 70.08
N VAL PC 52 81.23 17.33 70.29
CA VAL PC 52 81.93 16.12 69.87
C VAL PC 52 81.07 15.38 68.86
N LYS PC 53 81.68 15.03 67.73
CA LYS PC 53 81.13 14.12 66.75
C LYS PC 53 81.79 12.75 66.90
N PRO PC 54 81.15 11.69 66.41
CA PRO PC 54 81.61 10.33 66.74
C PRO PC 54 83.01 10.06 66.21
N ASN PC 55 83.67 9.09 66.84
CA ASN PC 55 84.99 8.58 66.43
C ASN PC 55 86.01 9.70 66.26
N GLN PC 56 85.97 10.68 67.16
CA GLN PC 56 86.99 11.73 67.20
C GLN PC 56 87.13 12.21 68.63
N VAL PC 57 88.33 12.69 68.97
CA VAL PC 57 88.62 13.12 70.33
C VAL PC 57 87.93 14.44 70.65
N GLN PC 58 87.68 14.67 71.93
CA GLN PC 58 87.14 15.92 72.42
C GLN PC 58 88.12 16.59 73.38
N TYR PC 59 88.03 17.92 73.45
CA TYR PC 59 89.04 18.74 74.11
C TYR PC 59 88.39 19.59 75.19
N GLU PC 60 89.20 20.04 76.14
CA GLU PC 60 88.79 21.03 77.13
C GLU PC 60 89.49 22.35 76.84
N ARG PC 61 88.73 23.45 76.95
CA ARG PC 61 89.20 24.78 76.58
C ARG PC 61 89.07 25.70 77.79
N HIS PC 62 90.17 26.33 78.19
CA HIS PC 62 90.26 27.08 79.43
C HIS PC 62 90.66 28.52 79.13
N ASN PC 63 89.93 29.49 79.69
CA ASN PC 63 90.03 30.88 79.26
C ASN PC 63 90.03 31.83 80.44
N VAL PC 64 90.82 32.90 80.33
CA VAL PC 64 90.88 33.99 81.30
C VAL PC 64 90.98 35.32 80.57
N GLU PC 65 90.33 36.35 81.12
CA GLU PC 65 90.07 37.60 80.40
C GLU PC 65 90.10 38.80 81.33
N PHE PC 66 90.70 39.91 80.87
CA PHE PC 66 90.63 41.22 81.51
C PHE PC 66 90.11 42.27 80.55
N THR PC 67 89.38 43.25 81.10
CA THR PC 67 88.90 44.40 80.35
C THR PC 67 89.11 45.66 81.18
N GLU PC 68 89.39 46.78 80.51
CA GLU PC 68 89.51 48.09 81.13
C GLU PC 68 88.72 49.08 80.28
N THR PC 69 87.72 49.73 80.87
CA THR PC 69 86.89 50.67 80.16
C THR PC 69 87.12 52.10 80.67
N VAL PC 70 87.21 53.03 79.73
CA VAL PC 70 87.46 54.44 80.02
C VAL PC 70 86.23 55.22 79.56
N TYR PC 71 85.60 55.93 80.51
CA TYR PC 71 84.37 56.64 80.19
C TYR PC 71 84.63 57.82 79.27
N ALA PC 72 83.59 58.20 78.52
CA ALA PC 72 83.71 59.27 77.55
C ALA PC 72 84.01 60.59 78.24
N SER PC 73 84.83 61.41 77.59
CA SER PC 73 85.21 62.71 78.12
C SER PC 73 85.45 63.65 76.94
N GLY PC 74 84.94 64.87 77.06
CA GLY PC 74 85.04 65.82 75.96
C GLY PC 74 84.37 65.25 74.73
N SER PC 75 85.07 65.31 73.60
CA SER PC 75 84.60 64.75 72.35
C SER PC 75 85.00 63.28 72.17
N THR PC 76 85.79 62.73 73.08
CA THR PC 76 86.24 61.35 72.96
C THR PC 76 85.15 60.41 73.45
N PRO PC 77 84.66 59.48 72.62
CA PRO PC 77 83.59 58.57 73.07
C PRO PC 77 84.11 57.42 73.92
N GLU PC 78 83.25 56.44 74.18
CA GLU PC 78 83.63 55.26 74.93
C GLU PC 78 84.65 54.42 74.18
N PHE PC 79 85.56 53.79 74.93
CA PHE PC 79 86.47 52.81 74.36
C PHE PC 79 86.99 51.93 75.49
N VAL PC 80 87.49 50.75 75.11
CA VAL PC 80 87.85 49.71 76.05
C VAL PC 80 89.23 49.16 75.71
N ARG PC 81 89.86 48.54 76.71
CA ARG PC 81 91.06 47.74 76.53
C ARG PC 81 90.82 46.34 77.09
N GLN PC 82 91.32 45.34 76.38
CA GLN PC 82 91.05 43.94 76.68
C GLN PC 82 92.30 43.10 76.44
N ALA PC 83 92.30 41.90 77.03
CA ALA PC 83 93.37 40.92 76.80
C ALA PC 83 92.99 39.59 77.45
N TYR PC 84 93.02 38.50 76.70
CA TYR PC 84 92.64 37.20 77.24
C TYR PC 84 93.48 36.09 76.62
N VAL PC 85 93.60 35.00 77.38
CA VAL PC 85 94.38 33.82 77.01
C VAL PC 85 93.46 32.61 77.06
N VAL PC 86 93.81 31.57 76.32
CA VAL PC 86 93.05 30.32 76.37
C VAL PC 86 94.00 29.13 76.24
N ILE PC 87 93.61 28.02 76.86
CA ILE PC 87 94.37 26.77 76.84
C ILE PC 87 93.46 25.68 76.30
N ARG PC 88 93.96 24.89 75.35
CA ARG PC 88 93.16 23.85 74.70
C ARG PC 88 93.93 22.55 74.74
N HIS PC 89 93.29 21.50 75.27
CA HIS PC 89 93.93 20.19 75.41
C HIS PC 89 92.83 19.13 75.45
N LYS PC 90 93.23 17.88 75.21
CA LYS PC 90 92.26 16.79 75.18
C LYS PC 90 91.87 16.37 76.59
N VAL PC 91 90.68 15.75 76.69
CA VAL PC 91 90.26 15.18 77.96
C VAL PC 91 91.21 14.07 78.35
N GLY PC 92 91.67 14.10 79.60
CA GLY PC 92 92.51 13.05 80.13
C GLY PC 92 94.00 13.21 79.95
N ASP PC 93 94.45 14.29 79.31
CA ASP PC 93 95.87 14.48 79.11
C ASP PC 93 96.57 14.77 80.44
N VAL PC 94 97.89 14.57 80.44
CA VAL PC 94 98.69 14.83 81.64
C VAL PC 94 98.78 16.33 81.86
N SER PC 95 98.53 16.75 83.11
CA SER PC 95 98.40 18.18 83.40
C SER PC 95 99.76 18.89 83.41
N ALA PC 96 100.84 18.20 83.78
CA ALA PC 96 102.12 18.87 83.94
C ALA PC 96 102.60 19.47 82.61
N THR PC 97 102.54 18.68 81.54
CA THR PC 97 102.96 19.19 80.23
C THR PC 97 102.01 20.28 79.74
N VAL PC 98 100.71 20.11 79.95
CA VAL PC 98 99.75 21.12 79.53
C VAL PC 98 100.04 22.43 80.25
N SER PC 99 100.54 22.35 81.47
CA SER PC 99 100.90 23.56 82.20
C SER PC 99 102.19 24.17 81.66
N ASP PC 100 103.20 23.34 81.43
CA ASP PC 100 104.48 23.84 80.93
C ASP PC 100 104.31 24.55 79.59
N LEU PC 101 103.53 23.96 78.70
CA LEU PC 101 103.07 24.71 77.54
C LEU PC 101 101.98 25.68 77.99
N GLY PC 102 102.21 26.96 77.78
CA GLY PC 102 101.39 27.99 78.40
C GLY PC 102 102.19 28.73 79.45
N GLU PC 103 102.89 28.02 80.32
CA GLU PC 103 103.88 28.68 81.18
C GLU PC 103 105.02 29.23 80.34
N ALA PC 104 105.42 28.49 79.30
CA ALA PC 104 106.41 28.99 78.36
C ALA PC 104 105.91 30.27 77.69
N LEU PC 105 104.65 30.27 77.26
CA LEU PC 105 104.06 31.47 76.67
C LEU PC 105 104.10 32.64 77.64
N SER PC 106 103.71 32.40 78.89
CA SER PC 106 103.73 33.47 79.88
C SER PC 106 105.14 34.00 80.07
N PHE PC 107 106.14 33.13 80.05
CA PHE PC 107 107.53 33.58 80.13
C PHE PC 107 107.92 34.42 78.92
N TYR PC 108 107.47 34.02 77.72
CA TYR PC 108 107.92 34.69 76.51
C TYR PC 108 107.34 36.11 76.41
N LEU PC 109 106.06 36.27 76.70
CA LEU PC 109 105.43 37.58 76.59
C LEU PC 109 106.07 38.55 77.59
N ASN PC 110 106.66 39.61 77.06
CA ASN PC 110 107.45 40.56 77.84
C ASN PC 110 107.17 41.97 77.33
N GLU PC 111 107.65 42.96 78.08
CA GLU PC 111 107.42 44.35 77.70
C GLU PC 111 107.87 44.62 76.27
N ALA PC 112 109.10 44.21 75.94
CA ALA PC 112 109.63 44.48 74.61
C ALA PC 112 108.79 43.81 73.53
N LEU PC 113 108.39 42.55 73.75
CA LEU PC 113 107.52 41.89 72.79
C LEU PC 113 106.22 42.66 72.61
N TYR PC 114 105.64 43.15 73.71
CA TYR PC 114 104.39 43.89 73.61
C TYR PC 114 104.59 45.16 72.77
N GLY PC 115 105.71 45.85 72.98
CA GLY PC 115 106.00 47.01 72.15
C GLY PC 115 106.13 46.66 70.68
N LYS PC 116 106.87 45.59 70.37
CA LYS PC 116 107.03 45.19 68.98
C LYS PC 116 105.70 44.75 68.36
N LEU PC 117 104.86 44.06 69.12
CA LEU PC 117 103.56 43.67 68.62
C LEU PC 117 102.71 44.90 68.29
N ILE PC 118 102.72 45.90 69.18
CA ILE PC 118 102.03 47.15 68.88
C ILE PC 118 102.65 47.80 67.65
N GLY PC 119 103.94 47.53 67.40
CA GLY PC 119 104.60 48.02 66.20
C GLY PC 119 104.23 47.32 64.92
N TRP PC 120 103.34 46.33 64.98
CA TRP PC 120 102.86 45.54 63.84
C TRP PC 120 103.92 44.58 63.28
N GLU PC 121 105.11 44.54 63.85
CA GLU PC 121 106.12 43.61 63.37
C GLU PC 121 105.67 42.17 63.63
N SER PC 122 105.86 41.32 62.63
CA SER PC 122 105.49 39.91 62.72
C SER PC 122 106.72 39.03 62.53
N ALA QC 1 76.14 28.17 101.99
CA ALA QC 1 77.02 28.84 102.98
C ALA QC 1 77.94 27.82 103.66
N LEU QC 2 78.10 26.67 103.02
CA LEU QC 2 78.89 25.60 103.63
C LEU QC 2 80.36 26.02 103.77
N GLY QC 3 80.91 26.67 102.74
CA GLY QC 3 82.31 27.02 102.71
C GLY QC 3 82.94 26.63 101.39
N ASP QC 4 84.07 27.27 101.11
CA ASP QC 4 84.73 27.08 99.82
C ASP QC 4 85.44 25.73 99.71
N THR QC 5 85.67 25.03 100.82
CA THR QC 5 86.31 23.73 100.80
C THR QC 5 85.53 22.75 101.66
N LEU QC 6 85.43 21.52 101.16
CA LEU QC 6 84.75 20.41 101.83
C LEU QC 6 85.76 19.33 102.13
N THR QC 7 85.75 18.83 103.36
CA THR QC 7 86.73 17.85 103.81
C THR QC 7 86.08 16.48 103.95
N ILE QC 8 86.67 15.49 103.30
CA ILE QC 8 86.24 14.09 103.40
C ILE QC 8 87.36 13.32 104.08
N THR QC 9 87.03 12.64 105.18
CA THR QC 9 87.99 11.89 105.97
C THR QC 9 87.67 10.40 105.80
N LEU QC 10 88.28 9.78 104.79
CA LEU QC 10 88.05 8.36 104.56
C LEU QC 10 88.47 7.56 105.78
N GLY QC 11 87.62 6.61 106.18
CA GLY QC 11 87.88 5.82 107.37
C GLY QC 11 87.39 6.44 108.66
N GLY QC 12 86.44 7.35 108.60
CA GLY QC 12 85.93 7.94 109.81
C GLY QC 12 87.01 8.73 110.53
N SER QC 13 86.80 8.89 111.84
CA SER QC 13 87.75 9.64 112.65
C SER QC 13 89.11 8.97 112.65
N GLY QC 14 90.16 9.77 112.52
CA GLY QC 14 91.52 9.28 112.53
C GLY QC 14 92.01 8.70 111.21
N GLY QC 15 91.31 8.93 110.11
CA GLY QC 15 91.65 8.36 108.82
C GLY QC 15 92.42 9.30 107.92
N THR QC 16 92.25 9.09 106.62
CA THR QC 16 92.90 9.89 105.59
C THR QC 16 92.00 11.05 105.19
N ALA QC 17 92.56 12.25 105.13
CA ALA QC 17 91.80 13.47 104.87
C ALA QC 17 91.97 13.92 103.43
N LYS QC 18 90.84 14.26 102.79
CA LYS QC 18 90.83 14.87 101.46
C LYS QC 18 90.03 16.17 101.54
N VAL QC 19 90.51 17.20 100.84
CA VAL QC 19 89.89 18.52 100.88
C VAL QC 19 89.39 18.84 99.47
N LEU QC 20 88.07 18.84 99.29
CA LEU QC 20 87.48 19.21 98.01
C LEU QC 20 87.43 20.73 97.86
N ARG QC 21 87.17 21.17 96.63
CA ARG QC 21 87.12 22.59 96.29
C ARG QC 21 85.77 22.91 95.66
N LYS QC 22 85.25 24.10 95.97
CA LYS QC 22 83.98 24.54 95.41
C LYS QC 22 84.11 24.80 93.91
N ILE QC 23 83.07 24.44 93.15
CA ILE QC 23 83.05 24.59 91.71
C ILE QC 23 81.87 25.45 91.26
N ASN QC 24 80.65 25.06 91.62
CA ASN QC 24 79.46 25.74 91.12
C ASN QC 24 78.33 25.59 92.13
N GLN QC 25 77.40 26.54 92.06
CA GLN QC 25 76.14 26.41 92.80
C GLN QC 25 75.14 27.38 92.18
N ASP QC 26 74.24 26.86 91.36
CA ASP QC 26 73.24 27.68 90.67
C ASP QC 26 71.83 27.35 91.11
N GLY QC 27 71.40 26.09 91.01
CA GLY QC 27 70.03 25.76 91.31
C GLY QC 27 69.82 25.31 92.75
N TYR QC 28 70.07 26.19 93.70
CA TYR QC 28 69.88 25.88 95.11
C TYR QC 28 70.73 24.70 95.57
N THR QC 29 71.71 24.31 94.76
CA THR QC 29 72.53 23.12 94.97
C THR QC 29 74.00 23.51 94.91
N SER QC 30 74.86 22.65 95.45
CA SER QC 30 76.29 22.90 95.47
C SER QC 30 77.04 21.68 94.99
N GLU QC 31 78.26 21.91 94.48
CA GLU QC 31 79.04 20.87 93.85
C GLU QC 31 80.50 21.10 94.21
N TYR QC 32 81.20 20.04 94.59
CA TYR QC 32 82.62 20.11 94.92
C TYR QC 32 83.38 19.08 94.08
N TYR QC 33 84.66 19.35 93.85
CA TYR QC 33 85.44 18.49 92.98
C TYR QC 33 86.89 18.45 93.44
N LEU QC 34 87.57 17.37 93.06
CA LEU QC 34 89.00 17.23 93.24
C LEU QC 34 89.55 16.18 92.27
N PRO QC 35 90.45 16.53 91.35
CA PRO QC 35 91.05 15.52 90.49
C PRO QC 35 92.29 14.88 91.13
N GLU QC 36 92.59 13.69 90.64
CA GLU QC 36 93.70 12.90 91.15
C GLU QC 36 94.09 11.92 90.05
N THR QC 37 95.34 11.46 90.09
CA THR QC 37 95.89 10.69 88.97
C THR QC 37 95.05 9.46 88.65
N SER QC 38 94.67 8.68 89.66
CA SER QC 38 93.94 7.46 89.46
C SER QC 38 92.45 7.55 89.81
N SER QC 39 92.00 8.67 90.34
CA SER QC 39 90.60 8.79 90.75
C SER QC 39 90.25 10.27 90.87
N SER QC 40 88.98 10.54 91.21
CA SER QC 40 88.50 11.88 91.45
C SER QC 40 87.37 11.80 92.46
N PHE QC 41 87.27 12.81 93.32
CA PHE QC 41 86.23 12.88 94.33
C PHE QC 41 85.25 14.01 94.02
N ARG QC 42 83.95 13.69 94.16
CA ARG QC 42 82.90 14.62 93.80
C ARG QC 42 81.80 14.54 94.87
N ALA QC 43 81.29 15.71 95.25
CA ALA QC 43 80.21 15.82 96.21
C ALA QC 43 79.15 16.77 95.68
N LYS QC 44 77.91 16.54 96.11
CA LYS QC 44 76.78 17.37 95.74
C LYS QC 44 75.92 17.65 96.96
N VAL QC 45 75.13 18.72 96.88
CA VAL QC 45 74.08 19.01 97.86
C VAL QC 45 72.89 19.59 97.09
N ARG QC 46 71.67 19.19 97.47
CA ARG QC 46 70.47 19.64 96.79
C ARG QC 46 69.35 19.92 97.78
N HIS QC 47 68.40 20.75 97.36
CA HIS QC 47 67.21 21.06 98.15
C HIS QC 47 66.04 21.26 97.18
N THR QC 48 64.86 20.74 97.53
CA THR QC 48 63.71 20.79 96.63
C THR QC 48 62.39 20.63 97.40
N LYS QC 49 61.29 20.92 96.71
CA LYS QC 49 59.93 20.56 97.10
C LYS QC 49 59.56 19.24 96.44
N GLU QC 50 58.38 18.72 96.78
CA GLU QC 50 57.71 17.76 95.91
C GLU QC 50 56.54 18.43 95.21
N SER QC 51 55.76 17.65 94.48
CA SER QC 51 54.53 18.18 93.88
C SER QC 51 53.61 18.69 94.97
N VAL QC 52 53.08 19.90 94.77
CA VAL QC 52 52.17 20.50 95.73
C VAL QC 52 50.77 19.95 95.50
N LYS QC 53 50.06 19.66 96.60
CA LYS QC 53 48.71 19.12 96.54
C LYS QC 53 47.80 20.03 97.36
N PRO QC 54 46.76 20.61 96.77
CA PRO QC 54 45.91 21.53 97.55
C PRO QC 54 45.27 20.81 98.74
N ASN QC 55 45.15 21.54 99.85
CA ASN QC 55 44.55 21.01 101.07
C ASN QC 55 45.26 19.76 101.56
N GLN QC 56 46.57 19.70 101.39
CA GLN QC 56 47.34 18.53 101.79
C GLN QC 56 48.74 18.97 102.22
N VAL QC 57 49.40 18.12 103.00
CA VAL QC 57 50.72 18.46 103.51
C VAL QC 57 51.70 18.55 102.36
N GLN QC 58 52.64 19.49 102.46
CA GLN QC 58 53.72 19.64 101.51
C GLN QC 58 55.06 19.57 102.24
N TYR QC 59 55.98 18.79 101.70
CA TYR QC 59 57.24 18.46 102.34
C TYR QC 59 58.38 19.13 101.58
N GLU QC 60 59.58 19.02 102.15
CA GLU QC 60 60.80 19.46 101.51
C GLU QC 60 61.90 18.42 101.69
N ARG QC 61 62.68 18.25 100.62
CA ARG QC 61 63.68 17.20 100.51
C ARG QC 61 65.08 17.81 100.61
N HIS QC 62 65.93 17.20 101.43
CA HIS QC 62 67.34 17.55 101.49
C HIS QC 62 68.17 16.33 101.15
N ASN QC 63 69.20 16.51 100.33
CA ASN QC 63 69.99 15.42 99.79
C ASN QC 63 71.46 15.75 99.89
N VAL QC 64 72.26 14.72 100.21
CA VAL QC 64 73.72 14.83 100.23
C VAL QC 64 74.30 13.56 99.62
N GLU QC 65 75.43 13.70 98.92
CA GLU QC 65 75.94 12.64 98.07
C GLU QC 65 77.45 12.77 97.90
N PHE QC 66 78.18 11.66 98.07
CA PHE QC 66 79.56 11.54 97.65
C PHE QC 66 79.72 10.47 96.58
N THR QC 67 80.69 10.68 95.69
CA THR QC 67 80.97 9.75 94.60
C THR QC 67 82.48 9.68 94.40
N GLU QC 68 82.98 8.47 94.14
CA GLU QC 68 84.38 8.25 93.85
C GLU QC 68 84.47 7.42 92.58
N THR QC 69 85.26 7.90 91.61
CA THR QC 69 85.39 7.25 90.31
C THR QC 69 86.85 6.87 90.08
N VAL QC 70 87.07 5.69 89.51
CA VAL QC 70 88.39 5.15 89.25
C VAL QC 70 88.58 5.07 87.74
N TYR QC 71 89.61 5.74 87.24
CA TYR QC 71 89.84 5.78 85.80
C TYR QC 71 90.21 4.38 85.28
N ALA QC 72 89.68 4.06 84.10
CA ALA QC 72 89.88 2.73 83.53
C ALA QC 72 91.36 2.44 83.37
N SER QC 73 91.77 1.25 83.81
CA SER QC 73 93.16 0.81 83.74
C SER QC 73 93.21 -0.57 83.14
N GLY QC 74 94.04 -0.76 82.13
CA GLY QC 74 94.13 -2.05 81.48
C GLY QC 74 92.80 -2.47 80.91
N SER QC 75 92.42 -3.73 81.16
CA SER QC 75 91.14 -4.24 80.69
C SER QC 75 89.97 -3.82 81.58
N THR QC 76 90.23 -3.39 82.80
CA THR QC 76 89.16 -3.01 83.71
C THR QC 76 88.55 -1.69 83.29
N PRO QC 77 87.25 -1.62 82.99
CA PRO QC 77 86.66 -0.34 82.57
C PRO QC 77 86.34 0.57 83.75
N GLU QC 78 85.67 1.69 83.45
CA GLU QC 78 85.31 2.66 84.47
C GLU QC 78 84.31 2.06 85.47
N PHE QC 79 84.42 2.48 86.72
CA PHE QC 79 83.42 2.16 87.73
C PHE QC 79 83.53 3.19 88.85
N VAL QC 80 82.45 3.32 89.62
CA VAL QC 80 82.31 4.39 90.59
C VAL QC 80 81.80 3.81 91.91
N ARG QC 81 81.91 4.63 92.97
CA ARG QC 81 81.31 4.35 94.26
C ARG QC 81 80.53 5.56 94.73
N GLN QC 82 79.34 5.32 95.29
CA GLN QC 82 78.43 6.38 95.70
C GLN QC 82 77.89 6.08 97.08
N ALA QC 83 77.44 7.14 97.75
CA ALA QC 83 76.80 7.02 99.07
C ALA QC 83 76.08 8.33 99.35
N TYR QC 84 74.78 8.26 99.58
CA TYR QC 84 73.98 9.47 99.69
C TYR QC 84 72.91 9.33 100.78
N VAL QC 85 72.49 10.49 101.30
CA VAL QC 85 71.49 10.58 102.35
C VAL QC 85 70.46 11.62 101.92
N VAL QC 86 69.19 11.39 102.26
CA VAL QC 86 68.16 12.38 102.05
C VAL QC 86 67.27 12.46 103.29
N ILE QC 87 66.54 13.57 103.41
CA ILE QC 87 65.69 13.84 104.56
C ILE QC 87 64.37 14.43 104.06
N ARG QC 88 63.29 14.11 104.77
CA ARG QC 88 61.98 14.67 104.48
C ARG QC 88 61.32 15.12 105.78
N HIS QC 89 60.69 16.30 105.77
CA HIS QC 89 59.90 16.73 106.91
C HIS QC 89 59.02 17.90 106.50
N LYS QC 90 57.99 18.15 107.31
CA LYS QC 90 56.96 19.09 106.93
C LYS QC 90 57.39 20.54 107.18
N VAL QC 91 56.78 21.46 106.43
CA VAL QC 91 57.04 22.87 106.60
C VAL QC 91 56.66 23.31 108.01
N GLY QC 92 57.52 24.14 108.61
CA GLY QC 92 57.25 24.66 109.93
C GLY QC 92 57.52 23.69 111.05
N ASP QC 93 58.09 22.53 110.74
CA ASP QC 93 58.38 21.55 111.77
C ASP QC 93 59.50 22.06 112.66
N VAL QC 94 59.62 21.45 113.84
CA VAL QC 94 60.62 21.87 114.81
C VAL QC 94 61.97 21.32 114.35
N SER QC 95 62.95 22.20 114.18
CA SER QC 95 64.22 21.80 113.57
C SER QC 95 64.95 20.76 114.42
N ALA QC 96 64.96 20.96 115.74
CA ALA QC 96 65.69 20.03 116.61
C ALA QC 96 65.08 18.63 116.53
N THR QC 97 63.75 18.53 116.53
CA THR QC 97 63.10 17.23 116.47
C THR QC 97 63.46 16.50 115.18
N VAL QC 98 63.39 17.20 114.04
CA VAL QC 98 63.70 16.54 112.78
C VAL QC 98 65.18 16.16 112.73
N SER QC 99 66.05 16.97 113.32
CA SER QC 99 67.46 16.59 113.39
C SER QC 99 67.65 15.31 114.19
N ASP QC 100 66.97 15.20 115.33
CA ASP QC 100 67.21 14.08 116.23
C ASP QC 100 67.21 12.75 115.47
N LEU QC 101 66.27 12.57 114.55
CA LEU QC 101 66.26 11.38 113.73
C LEU QC 101 67.53 11.27 112.90
N GLY QC 102 68.02 12.40 112.39
CA GLY QC 102 69.22 12.37 111.56
C GLY QC 102 70.44 11.91 112.31
N GLU QC 103 70.71 12.52 113.48
CA GLU QC 103 71.84 12.03 114.25
C GLU QC 103 71.62 10.62 114.80
N ALA QC 104 70.36 10.23 115.05
CA ALA QC 104 70.11 8.84 115.42
C ALA QC 104 70.57 7.89 114.31
N LEU QC 105 70.17 8.17 113.08
CA LEU QC 105 70.58 7.33 111.95
C LEU QC 105 72.09 7.35 111.78
N SER QC 106 72.70 8.53 111.94
CA SER QC 106 74.15 8.64 111.77
C SER QC 106 74.88 7.79 112.81
N PHE QC 107 74.42 7.81 114.05
CA PHE QC 107 75.02 6.99 115.09
C PHE QC 107 74.78 5.50 114.84
N TYR QC 108 73.62 5.15 114.27
CA TYR QC 108 73.35 3.73 114.04
C TYR QC 108 74.34 3.13 113.07
N LEU QC 109 74.66 3.84 111.99
CA LEU QC 109 75.60 3.32 111.00
C LEU QC 109 77.01 3.25 111.61
N ASN QC 110 77.64 2.10 111.49
CA ASN QC 110 79.00 1.90 111.98
C ASN QC 110 79.75 1.04 110.98
N GLU QC 111 81.08 1.00 111.13
CA GLU QC 111 81.88 0.19 110.22
C GLU QC 111 81.44 -1.27 110.25
N ALA QC 112 81.24 -1.82 111.45
CA ALA QC 112 80.76 -3.20 111.56
C ALA QC 112 79.40 -3.34 110.88
N LEU QC 113 78.50 -2.38 111.11
CA LEU QC 113 77.18 -2.47 110.51
C LEU QC 113 77.26 -2.31 109.00
N TYR QC 114 78.15 -1.45 108.52
CA TYR QC 114 78.35 -1.34 107.08
C TYR QC 114 78.82 -2.67 106.50
N GLY QC 115 79.73 -3.34 107.20
CA GLY QC 115 80.14 -4.68 106.77
C GLY QC 115 78.99 -5.65 106.74
N LYS QC 116 78.09 -5.56 107.73
CA LYS QC 116 76.88 -6.37 107.70
C LYS QC 116 76.08 -6.12 106.42
N LEU QC 117 75.83 -4.85 106.10
CA LEU QC 117 75.02 -4.56 104.91
C LEU QC 117 75.69 -5.06 103.64
N ILE QC 118 77.01 -4.91 103.52
CA ILE QC 118 77.69 -5.38 102.33
C ILE QC 118 77.55 -6.89 102.18
N GLY QC 119 77.29 -7.60 103.27
CA GLY QC 119 77.16 -9.05 103.23
C GLY QC 119 75.79 -9.55 102.78
N TRP QC 120 74.96 -8.68 102.23
CA TRP QC 120 73.60 -9.03 101.80
C TRP QC 120 72.75 -9.51 102.97
N GLU QC 121 73.09 -9.08 104.18
CA GLU QC 121 72.33 -9.43 105.36
C GLU QC 121 71.07 -8.58 105.42
N SER QC 122 69.90 -9.23 105.35
CA SER QC 122 68.63 -8.53 105.41
C SER QC 122 68.08 -8.52 106.83
N ALA RC 1 110.22 42.45 61.47
CA ALA RC 1 111.36 42.05 62.36
C ALA RC 1 110.98 40.83 63.20
N LEU RC 2 111.05 40.96 64.53
CA LEU RC 2 110.76 39.89 65.47
C LEU RC 2 111.85 38.82 65.50
N GLY RC 3 112.90 38.96 64.72
CA GLY RC 3 113.95 37.96 64.69
C GLY RC 3 113.63 36.81 63.76
N ASP RC 4 114.68 36.24 63.17
CA ASP RC 4 114.51 35.10 62.29
C ASP RC 4 114.28 33.80 63.05
N THR RC 5 114.66 33.72 64.32
CA THR RC 5 114.50 32.52 65.12
C THR RC 5 113.72 32.84 66.39
N LEU RC 6 112.76 31.97 66.70
CA LEU RC 6 111.90 32.08 67.87
C LEU RC 6 112.23 30.92 68.80
N THR RC 7 112.46 31.22 70.07
CA THR RC 7 112.84 30.21 71.05
C THR RC 7 111.72 30.03 72.07
N ILE RC 8 111.34 28.77 72.30
CA ILE RC 8 110.33 28.41 73.29
C ILE RC 8 111.04 27.62 74.39
N THR RC 9 110.90 28.08 75.63
CA THR RC 9 111.48 27.42 76.80
C THR RC 9 110.33 26.76 77.55
N LEU RC 10 110.17 25.45 77.36
CA LEU RC 10 109.08 24.74 78.02
C LEU RC 10 109.24 24.79 79.53
N GLY RC 11 108.11 24.88 80.22
CA GLY RC 11 108.14 24.95 81.67
C GLY RC 11 108.72 26.24 82.22
N GLY RC 12 108.52 27.36 81.54
CA GLY RC 12 109.00 28.62 82.07
C GLY RC 12 110.52 28.68 82.00
N SER RC 13 111.06 29.63 82.76
CA SER RC 13 112.51 29.82 82.78
C SER RC 13 113.20 28.60 83.37
N GLY RC 14 114.37 28.27 82.80
CA GLY RC 14 115.19 27.19 83.31
C GLY RC 14 114.97 25.83 82.69
N GLY RC 15 113.97 25.68 81.83
CA GLY RC 15 113.67 24.38 81.23
C GLY RC 15 114.43 24.13 79.94
N THR RC 16 113.99 23.08 79.24
CA THR RC 16 114.54 22.79 77.92
C THR RC 16 114.22 23.93 76.96
N ALA RC 17 115.14 24.17 76.03
CA ALA RC 17 115.06 25.32 75.13
C ALA RC 17 115.00 24.84 73.70
N LYS RC 18 114.01 25.33 72.95
CA LYS RC 18 113.73 24.90 71.60
C LYS RC 18 113.74 26.11 70.67
N VAL RC 19 114.11 25.87 69.41
CA VAL RC 19 114.27 26.94 68.42
C VAL RC 19 113.43 26.62 67.19
N LEU RC 20 112.67 27.62 66.71
CA LEU RC 20 111.89 27.51 65.50
C LEU RC 20 112.40 28.53 64.48
N ARG RC 21 112.16 28.25 63.20
CA ARG RC 21 112.65 29.08 62.10
C ARG RC 21 111.49 29.61 61.26
N LYS RC 22 111.66 30.82 60.72
CA LYS RC 22 110.64 31.40 59.87
C LYS RC 22 110.50 30.62 58.57
N ILE RC 23 109.25 30.44 58.13
CA ILE RC 23 108.95 29.61 56.97
C ILE RC 23 108.26 30.44 55.89
N ASN RC 24 107.53 31.48 56.30
CA ASN RC 24 106.69 32.21 55.37
C ASN RC 24 106.26 33.52 56.02
N GLN RC 25 105.86 34.48 55.20
CA GLN RC 25 105.34 35.76 55.67
C GLN RC 25 104.30 36.25 54.67
N ASP RC 26 103.02 35.99 54.96
CA ASP RC 26 101.92 36.41 54.11
C ASP RC 26 100.85 37.10 54.94
N GLY RC 27 100.21 38.10 54.34
CA GLY RC 27 99.02 38.70 54.94
C GLY RC 27 99.23 39.21 56.34
N TYR RC 28 100.36 39.88 56.59
CA TYR RC 28 100.67 40.42 57.91
C TYR RC 28 100.79 39.31 58.95
N THR RC 29 101.10 38.10 58.52
CA THR RC 29 101.23 36.95 59.40
C THR RC 29 102.59 36.32 59.20
N SER RC 30 103.08 35.67 60.27
CA SER RC 30 104.33 34.94 60.22
C SER RC 30 104.20 33.67 61.04
N GLU RC 31 104.95 32.63 60.66
CA GLU RC 31 104.96 31.41 61.44
C GLU RC 31 106.37 30.83 61.49
N TYR RC 32 106.67 30.18 62.61
CA TYR RC 32 107.93 29.50 62.87
C TYR RC 32 107.68 28.01 63.05
N TYR RC 33 108.67 27.18 62.74
CA TYR RC 33 108.44 25.74 62.66
C TYR RC 33 109.67 24.98 63.12
N LEU RC 34 109.45 23.75 63.64
CA LEU RC 34 110.52 22.88 64.14
C LEU RC 34 110.07 21.42 64.11
N PRO RC 35 110.69 20.58 63.30
CA PRO RC 35 110.34 19.15 63.30
C PRO RC 35 111.10 18.34 64.33
N GLU RC 36 110.53 17.18 64.67
CA GLU RC 36 111.14 16.22 65.57
C GLU RC 36 110.73 14.81 65.13
N THR RC 37 111.23 13.80 65.84
CA THR RC 37 110.89 12.42 65.49
C THR RC 37 109.45 12.09 65.83
N SER RC 38 108.99 12.48 67.03
CA SER RC 38 107.63 12.17 67.45
C SER RC 38 106.68 13.36 67.43
N SER RC 39 107.17 14.57 67.24
CA SER RC 39 106.28 15.73 67.23
C SER RC 39 106.85 16.81 66.30
N SER RC 40 106.17 17.95 66.26
CA SER RC 40 106.63 19.12 65.54
C SER RC 40 106.03 20.35 66.21
N PHE RC 41 106.73 21.46 66.07
CA PHE RC 41 106.42 22.70 66.79
C PHE RC 41 106.14 23.81 65.79
N ARG RC 42 105.10 24.59 66.07
CA ARG RC 42 104.70 25.68 65.20
C ARG RC 42 104.24 26.86 66.04
N ALA RC 43 104.44 28.06 65.51
CA ALA RC 43 103.99 29.29 66.14
C ALA RC 43 103.58 30.27 65.05
N LYS RC 44 102.51 31.02 65.28
CA LYS RC 44 101.98 31.95 64.30
C LYS RC 44 101.72 33.30 64.97
N VAL RC 45 101.88 34.37 64.20
CA VAL RC 45 101.57 35.73 64.62
C VAL RC 45 100.68 36.36 63.56
N ARG RC 46 99.59 37.01 63.99
CA ARG RC 46 98.69 37.68 63.07
C ARG RC 46 98.33 39.05 63.60
N HIS RC 47 98.11 39.99 62.68
CA HIS RC 47 97.60 41.33 62.98
C HIS RC 47 96.36 41.60 62.13
N THR RC 48 95.33 42.19 62.74
CA THR RC 48 94.10 42.51 62.03
C THR RC 48 93.48 43.77 62.61
N LYS RC 49 92.61 44.39 61.82
CA LYS RC 49 91.88 45.57 62.21
C LYS RC 49 90.50 45.55 61.59
N GLU RC 50 89.48 45.93 62.36
CA GLU RC 50 88.11 45.90 61.89
C GLU RC 50 87.86 47.00 60.85
N SER RC 51 86.95 46.72 59.93
CA SER RC 51 86.62 47.68 58.88
C SER RC 51 85.98 48.93 59.46
N VAL RC 52 86.19 50.05 58.79
CA VAL RC 52 85.63 51.32 59.25
C VAL RC 52 84.10 51.28 59.13
N LYS RC 53 83.45 51.88 60.11
CA LYS RC 53 82.00 51.91 60.23
C LYS RC 53 81.53 53.36 60.30
N PRO RC 54 80.27 53.65 59.95
CA PRO RC 54 79.85 55.04 59.76
C PRO RC 54 80.18 55.94 60.94
N ASN RC 55 79.72 55.59 62.14
CA ASN RC 55 80.00 56.40 63.33
C ASN RC 55 80.20 55.48 64.53
N GLN RC 56 81.44 55.04 64.74
CA GLN RC 56 81.86 54.35 65.95
C GLN RC 56 83.32 53.95 65.81
N VAL RC 57 83.97 53.71 66.94
CA VAL RC 57 85.42 53.51 66.97
C VAL RC 57 85.80 52.22 66.26
N GLN RC 58 87.00 52.20 65.71
CA GLN RC 58 87.59 51.00 65.12
C GLN RC 58 88.77 50.54 65.96
N TYR RC 59 88.93 49.22 66.04
CA TYR RC 59 89.84 48.57 66.97
C TYR RC 59 90.95 47.84 66.22
N GLU RC 60 92.05 47.61 66.94
CA GLU RC 60 93.22 46.92 66.41
C GLU RC 60 93.49 45.67 67.25
N ARG RC 61 93.75 44.55 66.59
CA ARG RC 61 93.79 43.24 67.22
C ARG RC 61 95.10 42.54 66.89
N HIS RC 62 95.77 41.97 67.90
CA HIS RC 62 96.95 41.14 67.69
C HIS RC 62 96.85 39.88 68.53
N ASN RC 63 97.41 38.78 67.99
CA ASN RC 63 97.41 37.51 68.69
C ASN RC 63 98.63 36.69 68.28
N VAL RC 64 99.04 35.79 69.18
CA VAL RC 64 100.11 34.82 68.91
C VAL RC 64 99.77 33.51 69.58
N GLU RC 65 100.08 32.40 68.93
CA GLU RC 65 99.69 31.07 69.40
C GLU RC 65 100.87 30.12 69.41
N PHE RC 66 100.85 29.21 70.38
CA PHE RC 66 101.76 28.07 70.41
C PHE RC 66 100.91 26.82 70.25
N THR RC 67 101.23 26.01 69.23
CA THR RC 67 100.45 24.82 68.94
C THR RC 67 101.34 23.59 69.00
N GLU RC 68 100.72 22.49 69.41
CA GLU RC 68 101.39 21.24 69.76
C GLU RC 68 100.74 20.14 68.91
N THR RC 69 101.54 19.40 68.16
CA THR RC 69 101.04 18.22 67.45
C THR RC 69 101.89 17.00 67.79
N VAL RC 70 101.22 15.92 68.18
CA VAL RC 70 101.85 14.63 68.47
C VAL RC 70 101.34 13.63 67.45
N TYR RC 71 102.28 12.99 66.74
CA TYR RC 71 101.92 12.07 65.68
C TYR RC 71 101.25 10.82 66.25
N ALA RC 72 100.35 10.24 65.45
CA ALA RC 72 99.63 9.05 65.89
C ALA RC 72 100.60 7.90 66.11
N SER RC 73 100.39 7.19 67.22
CA SER RC 73 101.24 6.07 67.60
C SER RC 73 100.35 4.92 68.07
N GLY RC 74 100.39 3.82 67.34
CA GLY RC 74 99.57 2.67 67.71
C GLY RC 74 98.10 3.02 67.71
N SER RC 75 97.39 2.57 68.75
CA SER RC 75 95.95 2.80 68.82
C SER RC 75 95.63 4.27 68.99
N THR RC 76 96.40 4.98 69.79
CA THR RC 76 96.10 6.38 70.08
C THR RC 76 96.27 7.23 68.83
N PRO RC 77 95.26 7.99 68.42
CA PRO RC 77 95.42 8.85 67.24
C PRO RC 77 96.12 10.17 67.58
N GLU RC 78 96.45 10.91 66.53
CA GLU RC 78 97.15 12.18 66.70
C GLU RC 78 96.27 13.19 67.43
N PHE RC 79 96.92 14.01 68.27
CA PHE RC 79 96.19 15.02 69.04
C PHE RC 79 97.02 16.29 69.07
N VAL RC 80 96.41 17.35 69.61
CA VAL RC 80 96.95 18.70 69.53
C VAL RC 80 96.79 19.39 70.87
N ARG RC 81 97.80 20.18 71.23
CA ARG RC 81 97.73 21.10 72.36
C ARG RC 81 98.02 22.50 71.83
N GLN RC 82 97.39 23.52 72.43
CA GLN RC 82 97.53 24.88 71.97
C GLN RC 82 97.47 25.84 73.15
N ALA RC 83 97.97 27.06 72.94
CA ALA RC 83 97.83 28.13 73.93
C ALA RC 83 98.21 29.45 73.28
N TYR RC 84 97.31 30.43 73.33
CA TYR RC 84 97.51 31.67 72.59
C TYR RC 84 96.92 32.84 73.35
N VAL RC 85 97.38 34.04 72.97
CA VAL RC 85 96.93 35.30 73.57
C VAL RC 85 96.63 36.29 72.46
N VAL RC 86 95.68 37.18 72.73
CA VAL RC 86 95.24 38.20 71.78
C VAL RC 86 95.13 39.53 72.51
N ILE RC 87 95.53 40.62 71.85
CA ILE RC 87 95.42 41.98 72.37
C ILE RC 87 94.56 42.79 71.41
N ARG RC 88 93.61 43.55 71.95
CA ARG RC 88 92.80 44.44 71.13
C ARG RC 88 92.67 45.79 71.82
N HIS RC 89 92.86 46.85 71.04
CA HIS RC 89 92.82 48.23 71.54
C HIS RC 89 92.56 49.17 70.39
N LYS RC 90 92.26 50.43 70.72
CA LYS RC 90 91.91 51.40 69.70
C LYS RC 90 93.13 51.80 68.88
N VAL RC 91 92.87 52.33 67.69
CA VAL RC 91 93.94 52.55 66.72
C VAL RC 91 94.94 53.58 67.24
N GLY RC 92 94.45 54.67 67.82
CA GLY RC 92 95.33 55.76 68.20
C GLY RC 92 95.72 55.79 69.66
N ASP RC 93 95.65 54.65 70.35
CA ASP RC 93 95.89 54.63 71.78
C ASP RC 93 97.33 55.00 72.11
N VAL RC 94 97.60 55.15 73.40
CA VAL RC 94 98.97 55.26 73.90
C VAL RC 94 99.53 53.85 74.03
N SER RC 95 100.71 53.63 73.46
CA SER RC 95 101.27 52.28 73.42
C SER RC 95 101.62 51.76 74.80
N ALA RC 96 102.26 52.60 75.63
CA ALA RC 96 102.75 52.15 76.92
C ALA RC 96 101.59 51.67 77.81
N THR RC 97 100.52 52.45 77.88
CA THR RC 97 99.41 52.08 78.76
C THR RC 97 98.74 50.80 78.30
N VAL RC 98 98.57 50.60 77.00
CA VAL RC 98 97.92 49.39 76.53
C VAL RC 98 98.80 48.18 76.82
N SER RC 99 100.12 48.33 76.71
CA SER RC 99 101.00 47.24 77.10
C SER RC 99 101.00 47.00 78.61
N ASP RC 100 100.64 48.01 79.40
CA ASP RC 100 100.56 47.85 80.85
C ASP RC 100 99.65 46.68 81.23
N LEU RC 101 98.45 46.62 80.66
CA LEU RC 101 97.53 45.55 80.99
C LEU RC 101 98.09 44.20 80.55
N GLY RC 102 98.78 44.17 79.42
CA GLY RC 102 99.37 42.93 78.97
C GLY RC 102 100.45 42.42 79.90
N GLU RC 103 101.35 43.30 80.34
CA GLU RC 103 102.35 42.90 81.33
C GLU RC 103 101.69 42.44 82.62
N ALA RC 104 100.64 43.12 83.06
CA ALA RC 104 99.92 42.66 84.24
C ALA RC 104 99.40 41.24 84.05
N LEU RC 105 98.76 41.00 82.91
CA LEU RC 105 98.19 39.68 82.65
C LEU RC 105 99.27 38.61 82.61
N SER RC 106 100.41 38.91 81.97
CA SER RC 106 101.50 37.95 81.91
C SER RC 106 102.05 37.67 83.30
N PHE RC 107 102.13 38.71 84.14
CA PHE RC 107 102.65 38.53 85.50
C PHE RC 107 101.71 37.67 86.34
N TYR RC 108 100.39 37.81 86.13
CA TYR RC 108 99.43 37.07 86.95
C TYR RC 108 99.56 35.56 86.73
N LEU RC 109 99.56 35.12 85.47
CA LEU RC 109 99.58 33.69 85.20
C LEU RC 109 100.93 33.08 85.58
N ASN RC 110 100.88 31.96 86.29
CA ASN RC 110 102.08 31.26 86.73
C ASN RC 110 101.71 29.80 86.99
N GLU RC 111 102.61 29.07 87.65
CA GLU RC 111 102.37 27.66 87.92
C GLU RC 111 101.07 27.46 88.69
N ALA RC 112 100.88 28.21 89.77
CA ALA RC 112 99.72 27.99 90.62
C ALA RC 112 98.42 28.21 89.86
N LEU RC 113 98.34 29.29 89.08
CA LEU RC 113 97.12 29.58 88.35
C LEU RC 113 96.85 28.51 87.28
N TYR RC 114 97.90 28.07 86.59
CA TYR RC 114 97.71 27.04 85.57
C TYR RC 114 97.24 25.74 86.20
N GLY RC 115 97.82 25.38 87.34
CA GLY RC 115 97.37 24.20 88.06
C GLY RC 115 95.92 24.30 88.49
N LYS RC 116 95.53 25.46 89.01
CA LYS RC 116 94.13 25.66 89.41
C LYS RC 116 93.20 25.53 88.21
N LEU RC 117 93.51 26.22 87.11
CA LEU RC 117 92.63 26.21 85.96
C LEU RC 117 92.50 24.79 85.38
N ILE RC 118 93.62 24.06 85.28
CA ILE RC 118 93.54 22.69 84.79
C ILE RC 118 92.85 21.81 85.83
N GLY RC 119 92.82 22.26 87.07
CA GLY RC 119 92.03 21.62 88.11
C GLY RC 119 90.57 21.97 88.06
N TRP RC 120 90.12 22.60 86.98
CA TRP RC 120 88.72 22.88 86.68
C TRP RC 120 88.19 23.94 87.65
N GLU RC 121 89.05 24.53 88.47
CA GLU RC 121 88.69 25.32 89.64
C GLU RC 121 88.48 26.78 89.26
N SER RC 122 87.22 27.21 89.17
CA SER RC 122 86.92 28.60 88.85
C SER RC 122 87.05 29.50 90.07
N ALA SC 1 114.12 43.90 48.20
CA ALA SC 1 115.46 43.81 48.84
C ALA SC 1 115.96 45.18 49.27
N LEU SC 2 115.03 46.09 49.55
CA LEU SC 2 115.41 47.44 49.95
C LEU SC 2 116.13 47.46 51.29
N GLY SC 3 115.88 46.47 52.14
CA GLY SC 3 116.35 46.47 53.51
C GLY SC 3 115.20 46.49 54.50
N ASP SC 4 115.49 46.02 55.71
CA ASP SC 4 114.45 45.86 56.72
C ASP SC 4 113.88 47.20 57.18
N THR SC 5 114.59 48.30 56.96
CA THR SC 5 114.12 49.62 57.36
C THR SC 5 114.24 50.59 56.19
N LEU SC 6 113.32 51.55 56.16
CA LEU SC 6 113.27 52.59 55.16
C LEU SC 6 113.29 53.94 55.86
N THR SC 7 114.09 54.87 55.35
CA THR SC 7 114.27 56.17 55.98
C THR SC 7 113.48 57.22 55.23
N ILE SC 8 112.70 58.00 55.96
CA ILE SC 8 111.94 59.13 55.42
C ILE SC 8 112.43 60.37 56.15
N THR SC 9 112.88 61.36 55.40
CA THR SC 9 113.43 62.61 55.95
C THR SC 9 112.51 63.76 55.57
N LEU SC 10 111.68 64.19 56.53
CA LEU SC 10 110.79 65.31 56.28
C LEU SC 10 111.58 66.59 56.07
N GLY SC 11 111.09 67.45 55.18
CA GLY SC 11 111.78 68.69 54.89
C GLY SC 11 112.98 68.51 53.99
N GLY SC 12 112.98 67.52 53.11
CA GLY SC 12 114.10 67.33 52.21
C GLY SC 12 115.32 66.89 52.98
N SER SC 13 116.40 67.65 52.85
CA SER SC 13 117.67 67.35 53.51
C SER SC 13 117.83 68.04 54.85
N GLY SC 14 116.78 68.70 55.35
CA GLY SC 14 116.90 69.41 56.61
C GLY SC 14 117.16 68.47 57.78
N GLY SC 15 116.40 67.40 57.88
CA GLY SC 15 116.51 66.50 59.01
C GLY SC 15 115.18 65.81 59.27
N THR SC 16 114.93 65.51 60.54
CA THR SC 16 113.69 64.87 61.00
C THR SC 16 113.50 63.52 60.30
N ALA SC 17 114.46 62.63 60.56
CA ALA SC 17 114.45 61.32 59.94
C ALA SC 17 113.47 60.37 60.65
N LYS SC 18 112.83 59.52 59.86
CA LYS SC 18 111.92 58.49 60.35
C LYS SC 18 112.31 57.17 59.71
N VAL SC 19 112.33 56.10 60.51
CA VAL SC 19 112.77 54.78 60.06
C VAL SC 19 111.59 53.84 60.19
N LEU SC 20 110.87 53.60 59.09
CA LEU SC 20 109.77 52.66 59.10
C LEU SC 20 110.29 51.23 59.04
N ARG SC 21 109.51 50.30 59.60
CA ARG SC 21 109.85 48.89 59.61
C ARG SC 21 109.00 48.12 58.60
N LYS SC 22 109.60 47.11 57.97
CA LYS SC 22 108.86 46.27 57.04
C LYS SC 22 107.78 45.50 57.78
N ILE SC 23 106.62 45.37 57.14
CA ILE SC 23 105.46 44.74 57.77
C ILE SC 23 104.95 43.58 56.93
N ASN SC 24 105.16 43.65 55.62
CA ASN SC 24 104.57 42.65 54.74
C ASN SC 24 105.31 42.62 53.42
N GLN SC 25 105.12 41.53 52.68
CA GLN SC 25 105.67 41.39 51.33
C GLN SC 25 104.84 40.34 50.60
N ASP SC 26 103.99 40.79 49.68
CA ASP SC 26 103.17 39.88 48.90
C ASP SC 26 103.04 40.40 47.48
N GLY SC 27 103.13 39.49 46.52
CA GLY SC 27 102.88 39.83 45.13
C GLY SC 27 103.80 40.90 44.58
N TYR SC 28 105.09 40.77 44.85
CA TYR SC 28 106.08 41.74 44.37
C TYR SC 28 105.84 43.12 44.94
N THR SC 29 105.30 43.19 46.15
CA THR SC 29 105.00 44.44 46.83
C THR SC 29 105.70 44.46 48.18
N SER SC 30 105.77 45.64 48.79
CA SER SC 30 106.36 45.79 50.11
C SER SC 30 105.68 46.94 50.83
N GLU SC 31 105.65 46.85 52.16
CA GLU SC 31 104.95 47.82 52.99
C GLU SC 31 105.78 48.11 54.24
N TYR SC 32 105.82 49.38 54.62
CA TYR SC 32 106.59 49.84 55.77
C TYR SC 32 105.67 50.66 56.68
N TYR SC 33 105.93 50.61 57.99
CA TYR SC 33 105.04 51.27 58.95
C TYR SC 33 105.84 51.78 60.14
N LEU SC 34 105.30 52.82 60.79
CA LEU SC 34 105.86 53.37 62.02
C LEU SC 34 104.81 54.20 62.77
N PRO SC 35 104.54 53.92 64.04
CA PRO SC 35 103.59 54.74 64.79
C PRO SC 35 104.25 55.82 65.64
N GLU SC 36 103.44 56.82 66.01
CA GLU SC 36 103.87 57.91 66.87
C GLU SC 36 102.74 58.25 67.83
N THR SC 37 102.98 59.26 68.67
CA THR SC 37 101.97 59.67 69.66
C THR SC 37 100.73 60.22 68.99
N SER SC 38 100.89 61.12 68.01
CA SER SC 38 99.77 61.79 67.38
C SER SC 38 99.66 61.50 65.89
N SER SC 39 100.50 60.64 65.33
CA SER SC 39 100.45 60.36 63.91
C SER SC 39 101.16 59.05 63.62
N SER SC 40 101.11 58.65 62.35
CA SER SC 40 101.75 57.42 61.89
C SER SC 40 102.31 57.64 60.50
N PHE SC 41 103.29 56.82 60.14
CA PHE SC 41 103.91 56.85 58.82
C PHE SC 41 103.84 55.47 58.18
N ARG SC 42 103.72 55.45 56.86
CA ARG SC 42 103.56 54.22 56.11
C ARG SC 42 104.12 54.43 54.71
N ALA SC 43 104.73 53.38 54.14
CA ALA SC 43 105.24 53.40 52.79
C ALA SC 43 104.95 52.08 52.10
N LYS SC 44 104.66 52.15 50.80
CA LYS SC 44 104.33 50.97 50.01
C LYS SC 44 105.07 51.04 48.67
N VAL SC 45 105.49 49.88 48.18
CA VAL SC 45 106.10 49.74 46.86
C VAL SC 45 105.42 48.58 46.14
N ARG SC 46 105.04 48.80 44.88
CA ARG SC 46 104.37 47.76 44.11
C ARG SC 46 104.89 47.74 42.69
N HIS SC 47 104.82 46.56 42.06
CA HIS SC 47 105.18 46.38 40.65
C HIS SC 47 104.05 45.64 39.95
N THR SC 48 103.87 45.91 38.66
CA THR SC 48 102.76 45.28 37.95
C THR SC 48 102.99 45.32 36.44
N LYS SC 49 102.25 44.45 35.75
CA LYS SC 49 102.16 44.40 34.29
C LYS SC 49 100.70 44.35 33.89
N GLU SC 50 100.29 45.24 32.99
CA GLU SC 50 98.89 45.30 32.59
C GLU SC 50 98.66 44.48 31.31
N SER SC 51 97.40 44.46 30.86
CA SER SC 51 97.03 43.65 29.70
C SER SC 51 97.72 44.15 28.44
N VAL SC 52 97.63 43.34 27.38
CA VAL SC 52 98.27 43.69 26.12
C VAL SC 52 97.51 44.84 25.46
N LYS SC 53 98.25 45.88 25.07
CA LYS SC 53 97.68 47.04 24.42
C LYS SC 53 97.53 46.78 22.93
N PRO SC 54 96.85 47.69 22.20
CA PRO SC 54 96.71 47.51 20.75
C PRO SC 54 98.05 47.19 20.09
N ASN SC 55 98.01 46.58 18.90
CA ASN SC 55 99.20 45.97 18.31
C ASN SC 55 99.65 44.91 19.30
N GLN SC 56 100.92 44.87 19.71
CA GLN SC 56 101.35 43.88 20.69
C GLN SC 56 102.40 44.47 21.66
N VAL SC 57 102.31 45.76 21.96
CA VAL SC 57 103.25 46.40 22.86
C VAL SC 57 102.87 46.10 24.30
N GLN SC 58 103.87 45.88 25.16
CA GLN SC 58 103.64 45.53 26.55
C GLN SC 58 104.46 46.45 27.45
N TYR SC 59 103.86 46.87 28.57
CA TYR SC 59 104.41 47.91 29.41
C TYR SC 59 104.63 47.38 30.83
N GLU SC 60 105.42 48.13 31.60
CA GLU SC 60 105.58 47.90 33.03
C GLU SC 60 105.40 49.21 33.79
N ARG SC 61 104.92 49.09 35.04
CA ARG SC 61 104.60 50.24 35.87
C ARG SC 61 105.26 50.06 37.23
N HIS SC 62 105.91 51.12 37.72
CA HIS SC 62 106.54 51.14 39.03
C HIS SC 62 106.05 52.36 39.81
N ASN SC 63 105.56 52.11 41.03
CA ASN SC 63 104.91 53.13 41.84
C ASN SC 63 105.47 53.10 43.26
N VAL SC 64 105.40 54.26 43.93
CA VAL SC 64 105.91 54.40 45.29
C VAL SC 64 104.99 55.36 46.06
N GLU SC 65 104.69 55.00 47.31
CA GLU SC 65 103.68 55.69 48.12
C GLU SC 65 104.28 56.11 49.46
N PHE SC 66 104.11 57.37 49.82
CA PHE SC 66 104.18 57.82 51.22
C PHE SC 66 102.80 58.26 51.67
N THR SC 67 102.43 57.88 52.89
CA THR SC 67 101.15 58.24 53.47
C THR SC 67 101.35 58.66 54.92
N GLU SC 68 100.62 59.69 55.34
CA GLU SC 68 100.74 60.24 56.70
C GLU SC 68 99.34 60.51 57.24
N THR SC 69 99.03 59.99 58.42
CA THR SC 69 97.72 60.11 59.02
C THR SC 69 97.83 60.76 60.40
N VAL SC 70 96.87 61.63 60.70
CA VAL SC 70 96.84 62.38 61.96
C VAL SC 70 95.59 61.97 62.73
N TYR SC 71 95.79 61.51 63.97
CA TYR SC 71 94.67 61.07 64.78
C TYR SC 71 93.81 62.24 65.23
N ALA SC 72 92.51 61.97 65.35
CA ALA SC 72 91.55 63.02 65.69
C ALA SC 72 91.82 63.57 67.08
N SER SC 73 91.59 64.88 67.23
CA SER SC 73 91.76 65.54 68.52
C SER SC 73 90.74 66.67 68.60
N GLY SC 74 90.09 66.78 69.75
CA GLY SC 74 89.04 67.78 69.89
C GLY SC 74 87.90 67.51 68.92
N SER SC 75 87.44 68.56 68.26
CA SER SC 75 86.38 68.41 67.26
C SER SC 75 86.92 68.03 65.88
N THR SC 76 88.22 68.11 65.66
CA THR SC 76 88.80 67.82 64.35
C THR SC 76 88.81 66.31 64.10
N PRO SC 77 88.23 65.83 63.00
CA PRO SC 77 88.26 64.39 62.72
C PRO SC 77 89.57 63.98 62.06
N GLU SC 78 89.60 62.74 61.57
CA GLU SC 78 90.77 62.19 60.92
C GLU SC 78 91.02 62.87 59.57
N PHE SC 79 92.28 62.90 59.17
CA PHE SC 79 92.66 63.30 57.81
C PHE SC 79 94.03 62.72 57.50
N VAL SC 80 94.40 62.77 56.23
CA VAL SC 80 95.58 62.08 55.72
C VAL SC 80 96.35 63.01 54.80
N ARG SC 81 97.68 62.91 54.85
CA ARG SC 81 98.56 63.54 53.87
C ARG SC 81 99.25 62.46 53.07
N GLN SC 82 99.18 62.56 51.75
CA GLN SC 82 99.65 61.52 50.83
C GLN SC 82 100.52 62.15 49.75
N ALA SC 83 101.43 61.35 49.19
CA ALA SC 83 102.25 61.79 48.08
C ALA SC 83 102.92 60.57 47.45
N TYR SC 84 102.82 60.44 46.12
CA TYR SC 84 103.25 59.23 45.46
C TYR SC 84 103.68 59.51 44.02
N VAL SC 85 104.57 58.65 43.52
CA VAL SC 85 105.14 58.78 42.19
C VAL SC 85 105.05 57.42 41.50
N VAL SC 86 105.05 57.44 40.16
CA VAL SC 86 104.92 56.23 39.38
C VAL SC 86 105.62 56.42 38.03
N ILE SC 87 106.11 55.32 37.48
CA ILE SC 87 106.86 55.30 36.22
C ILE SC 87 106.28 54.23 35.31
N ARG SC 88 106.21 54.52 34.02
CA ARG SC 88 105.69 53.59 33.03
C ARG SC 88 106.64 53.55 31.85
N HIS SC 89 107.03 52.33 31.44
CA HIS SC 89 107.93 52.15 30.31
C HIS SC 89 107.69 50.77 29.71
N LYS SC 90 108.07 50.62 28.44
CA LYS SC 90 107.81 49.37 27.73
C LYS SC 90 108.78 48.28 28.16
N VAL SC 91 108.37 47.03 27.94
CA VAL SC 91 109.21 45.89 28.29
C VAL SC 91 110.40 45.83 27.34
N GLY SC 92 111.58 45.67 27.91
CA GLY SC 92 112.80 45.55 27.13
C GLY SC 92 113.47 46.85 26.77
N ASP SC 93 112.94 47.99 27.20
CA ASP SC 93 113.55 49.26 26.89
C ASP SC 93 114.87 49.43 27.65
N VAL SC 94 115.71 50.34 27.16
CA VAL SC 94 117.00 50.58 27.79
C VAL SC 94 116.78 51.36 29.08
N SER SC 95 117.30 50.81 30.19
CA SER SC 95 116.97 51.35 31.51
C SER SC 95 117.61 52.72 31.75
N ALA SC 96 118.72 53.03 31.10
CA ALA SC 96 119.41 54.29 31.37
C ALA SC 96 118.52 55.48 31.04
N THR SC 97 117.96 55.51 29.84
CA THR SC 97 117.09 56.62 29.47
C THR SC 97 115.80 56.61 30.28
N VAL SC 98 115.28 55.42 30.58
CA VAL SC 98 114.04 55.33 31.35
C VAL SC 98 114.25 55.94 32.73
N SER SC 99 115.45 55.80 33.29
CA SER SC 99 115.75 56.42 34.57
C SER SC 99 116.01 57.92 34.43
N ASP SC 100 116.73 58.31 33.37
CA ASP SC 100 117.01 59.73 33.16
C ASP SC 100 115.71 60.52 33.07
N LEU SC 101 114.75 60.05 32.28
CA LEU SC 101 113.37 60.45 32.48
C LEU SC 101 112.88 59.88 33.80
N GLY SC 102 112.06 60.64 34.51
CA GLY SC 102 111.78 60.28 35.88
C GLY SC 102 112.72 61.00 36.82
N GLU SC 103 114.04 60.84 36.63
CA GLU SC 103 114.97 61.60 37.44
C GLU SC 103 114.96 63.08 37.07
N ALA SC 104 114.70 63.40 35.80
CA ALA SC 104 114.49 64.79 35.42
C ALA SC 104 113.30 65.38 36.18
N LEU SC 105 112.20 64.63 36.28
CA LEU SC 105 111.06 65.07 37.08
C LEU SC 105 111.46 65.29 38.54
N SER SC 106 112.21 64.32 39.09
CA SER SC 106 112.61 64.43 40.50
C SER SC 106 113.45 65.68 40.73
N PHE SC 107 114.38 65.97 39.82
CA PHE SC 107 115.18 67.18 39.94
C PHE SC 107 114.33 68.43 39.79
N TYR SC 108 113.34 68.40 38.89
CA TYR SC 108 112.47 69.56 38.69
C TYR SC 108 111.69 69.86 39.97
N LEU SC 109 111.11 68.84 40.59
CA LEU SC 109 110.30 69.08 41.78
C LEU SC 109 111.16 69.71 42.87
N ASN SC 110 110.64 70.76 43.48
CA ASN SC 110 111.43 71.57 44.40
C ASN SC 110 110.47 72.26 45.37
N GLU SC 111 111.03 72.80 46.45
CA GLU SC 111 110.20 73.45 47.46
C GLU SC 111 109.40 74.59 46.85
N ALA SC 112 110.04 75.42 46.01
CA ALA SC 112 109.32 76.51 45.38
C ALA SC 112 108.21 76.01 44.48
N LEU SC 113 108.48 74.94 43.71
CA LEU SC 113 107.43 74.40 42.85
C LEU SC 113 106.28 73.84 43.69
N TYR SC 114 106.58 73.21 44.81
CA TYR SC 114 105.51 72.75 45.70
C TYR SC 114 104.70 73.91 46.24
N GLY SC 115 105.37 75.00 46.61
CA GLY SC 115 104.66 76.19 47.07
C GLY SC 115 103.77 76.77 45.98
N LYS SC 116 104.22 76.72 44.74
CA LYS SC 116 103.38 77.16 43.63
C LYS SC 116 102.18 76.23 43.45
N LEU SC 117 102.41 74.93 43.41
CA LEU SC 117 101.34 73.98 43.13
C LEU SC 117 100.28 74.01 44.22
N ILE SC 118 100.71 74.10 45.49
CA ILE SC 118 99.76 74.09 46.59
C ILE SC 118 98.83 75.29 46.50
N GLY SC 119 99.25 76.34 45.78
CA GLY SC 119 98.42 77.52 45.62
C GLY SC 119 97.49 77.47 44.43
N TRP SC 120 97.25 76.28 43.87
CA TRP SC 120 96.34 76.03 42.76
C TRP SC 120 96.82 76.67 41.45
N GLU SC 121 97.98 77.30 41.43
CA GLU SC 121 98.54 77.81 40.18
C GLU SC 121 98.80 76.66 39.22
N SER SC 122 98.52 76.89 37.93
CA SER SC 122 98.79 75.91 36.90
C SER SC 122 99.83 76.45 35.92
N ALA TC 1 114.11 32.06 54.87
CA ALA TC 1 115.14 32.56 55.82
C ALA TC 1 116.55 32.40 55.24
N LEU TC 2 116.61 32.11 53.93
CA LEU TC 2 117.90 31.91 53.29
C LEU TC 2 118.74 33.18 53.32
N GLY TC 3 118.13 34.33 53.06
CA GLY TC 3 118.88 35.57 53.04
C GLY TC 3 118.58 36.44 51.83
N ASP TC 4 118.86 37.74 51.96
CA ASP TC 4 118.61 38.69 50.89
C ASP TC 4 119.50 38.48 49.67
N THR TC 5 120.65 37.83 49.82
CA THR TC 5 121.55 37.55 48.71
C THR TC 5 121.67 36.04 48.49
N LEU TC 6 121.61 35.65 47.22
CA LEU TC 6 121.90 34.28 46.78
C LEU TC 6 122.97 34.35 45.72
N THR TC 7 124.06 33.63 45.93
CA THR TC 7 125.25 33.72 45.08
C THR TC 7 125.40 32.46 44.25
N ILE TC 8 125.59 32.63 42.95
CA ILE TC 8 125.82 31.53 42.02
C ILE TC 8 127.13 31.79 41.29
N THR TC 9 128.00 30.78 41.26
CA THR TC 9 129.31 30.85 40.63
C THR TC 9 129.36 29.83 39.50
N LEU TC 10 129.25 30.31 38.26
CA LEU TC 10 129.17 29.43 37.11
C LEU TC 10 130.50 28.70 36.91
N GLY TC 11 130.41 27.41 36.57
CA GLY TC 11 131.60 26.60 36.41
C GLY TC 11 132.23 26.07 37.69
N GLY TC 12 131.50 26.12 38.80
CA GLY TC 12 132.04 25.61 40.06
C GLY TC 12 133.04 26.55 40.70
N SER TC 13 134.03 25.98 41.38
CA SER TC 13 134.98 26.79 42.14
C SER TC 13 135.82 27.67 41.22
N GLY TC 14 136.12 28.87 41.70
CA GLY TC 14 137.00 29.78 40.99
C GLY TC 14 136.40 30.51 39.81
N GLY TC 15 135.07 30.57 39.69
CA GLY TC 15 134.41 31.18 38.55
C GLY TC 15 133.90 32.58 38.86
N THR TC 16 133.19 33.13 37.87
CA THR TC 16 132.60 34.46 38.05
C THR TC 16 131.41 34.37 38.99
N ALA TC 17 131.21 35.43 39.77
CA ALA TC 17 130.16 35.47 40.79
C ALA TC 17 129.00 36.31 40.30
N LYS TC 18 127.78 35.81 40.52
CA LYS TC 18 126.56 36.55 40.27
C LYS TC 18 125.79 36.63 41.59
N VAL TC 19 125.13 37.77 41.82
CA VAL TC 19 124.53 38.07 43.12
C VAL TC 19 123.03 38.28 42.91
N LEU TC 20 122.25 37.23 43.14
CA LEU TC 20 120.80 37.31 43.04
C LEU TC 20 120.20 38.00 44.26
N ARG TC 21 118.98 38.52 44.08
CA ARG TC 21 118.27 39.28 45.09
C ARG TC 21 116.89 38.67 45.30
N LYS TC 22 116.35 38.79 46.52
CA LYS TC 22 114.98 38.36 46.72
C LYS TC 22 114.02 39.33 46.05
N ILE TC 23 113.02 38.79 45.36
CA ILE TC 23 111.98 39.61 44.75
C ILE TC 23 110.63 39.31 45.41
N ASN TC 24 110.43 38.07 45.84
CA ASN TC 24 109.13 37.71 46.37
C ASN TC 24 109.21 36.34 47.03
N GLN TC 25 108.34 36.11 48.01
CA GLN TC 25 108.14 34.77 48.55
C GLN TC 25 106.78 34.78 49.23
N ASP TC 26 105.82 34.00 48.72
CA ASP TC 26 104.50 33.94 49.32
C ASP TC 26 104.12 32.55 49.79
N GLY TC 27 104.10 31.55 48.91
CA GLY TC 27 103.50 30.28 49.24
C GLY TC 27 104.49 29.22 49.68
N TYR TC 28 105.25 29.49 50.73
CA TYR TC 28 106.34 28.62 51.16
C TYR TC 28 107.41 28.51 50.08
N THR TC 29 107.42 29.44 49.14
CA THR TC 29 108.33 29.43 48.01
C THR TC 29 109.08 30.75 47.96
N SER TC 30 110.28 30.72 47.40
CA SER TC 30 111.13 31.89 47.26
C SER TC 30 111.67 31.94 45.85
N GLU TC 31 111.88 33.15 45.35
CA GLU TC 31 112.39 33.31 44.00
C GLU TC 31 113.28 34.54 43.92
N TYR TC 32 114.29 34.47 43.04
CA TYR TC 32 115.33 35.47 42.91
C TYR TC 32 115.42 35.91 41.45
N TYR TC 33 116.00 37.09 41.22
CA TYR TC 33 116.11 37.62 39.87
C TYR TC 33 117.34 38.51 39.75
N LEU TC 34 117.87 38.61 38.52
CA LEU TC 34 118.91 39.59 38.20
C LEU TC 34 119.03 39.75 36.69
N PRO TC 35 118.83 40.96 36.13
CA PRO TC 35 118.99 41.14 34.67
C PRO TC 35 120.38 41.61 34.25
N GLU TC 36 120.74 41.33 33.00
CA GLU TC 36 122.00 41.81 32.44
C GLU TC 36 121.76 42.40 31.06
N THR TC 37 122.83 42.73 30.34
CA THR TC 37 122.68 43.29 29.00
C THR TC 37 122.00 42.30 28.05
N SER TC 38 122.41 41.02 28.10
CA SER TC 38 121.91 40.04 27.16
C SER TC 38 121.50 38.74 27.85
N SER TC 39 121.36 38.73 29.16
CA SER TC 39 120.96 37.52 29.87
C SER TC 39 120.36 37.90 31.22
N SER TC 40 119.51 37.01 31.73
CA SER TC 40 118.84 37.20 33.00
C SER TC 40 118.97 35.91 33.82
N PHE TC 41 119.12 36.07 35.13
CA PHE TC 41 119.26 34.95 36.05
C PHE TC 41 118.10 34.94 37.02
N ARG TC 42 117.51 33.76 37.23
CA ARG TC 42 116.36 33.60 38.11
C ARG TC 42 116.52 32.31 38.88
N ALA TC 43 116.24 32.35 40.17
CA ALA TC 43 116.34 31.18 41.05
C ALA TC 43 115.08 31.07 41.87
N LYS TC 44 114.58 29.85 42.02
CA LYS TC 44 113.35 29.57 42.75
C LYS TC 44 113.57 28.43 43.72
N VAL TC 45 112.91 28.51 44.87
CA VAL TC 45 112.92 27.46 45.89
C VAL TC 45 111.48 27.11 46.23
N ARG TC 46 111.16 25.82 46.26
CA ARG TC 46 109.80 25.35 46.46
C ARG TC 46 109.76 24.22 47.48
N HIS TC 47 108.68 24.18 48.26
CA HIS TC 47 108.41 23.11 49.21
C HIS TC 47 106.96 22.68 49.05
N THR TC 48 106.67 21.43 49.45
CA THR TC 48 105.31 20.92 49.39
C THR TC 48 105.26 19.56 50.08
N LYS TC 49 104.04 19.06 50.27
CA LYS TC 49 103.78 17.72 50.75
C LYS TC 49 102.79 17.05 49.80
N GLU TC 50 103.04 15.77 49.48
CA GLU TC 50 102.23 15.08 48.48
C GLU TC 50 100.83 14.80 49.02
N SER TC 51 99.93 14.45 48.10
CA SER TC 51 98.52 14.30 48.45
C SER TC 51 98.31 13.14 49.41
N VAL TC 52 97.29 13.26 50.24
CA VAL TC 52 97.01 12.29 51.29
C VAL TC 52 96.24 11.12 50.72
N LYS TC 53 96.68 9.91 51.07
CA LYS TC 53 95.98 8.66 50.85
C LYS TC 53 95.77 7.97 52.19
N PRO TC 54 94.74 7.13 52.31
CA PRO TC 54 94.44 6.51 53.60
C PRO TC 54 95.33 5.30 53.90
N ASN TC 55 95.73 5.18 55.17
CA ASN TC 55 96.62 4.14 55.73
C ASN TC 55 97.79 3.80 54.82
N GLN TC 56 98.40 4.84 54.22
CA GLN TC 56 99.75 4.75 53.66
C GLN TC 56 100.59 5.89 54.24
N VAL TC 57 101.90 5.79 54.00
CA VAL TC 57 102.83 6.78 54.53
C VAL TC 57 102.65 8.14 53.84
N GLN TC 58 103.21 9.17 54.46
CA GLN TC 58 103.20 10.53 53.92
C GLN TC 58 104.62 10.96 53.60
N TYR TC 59 104.78 11.67 52.47
CA TYR TC 59 106.07 12.07 51.95
C TYR TC 59 106.15 13.59 51.83
N GLU TC 60 107.35 14.12 52.03
CA GLU TC 60 107.65 15.53 51.80
C GLU TC 60 108.66 15.69 50.68
N ARG TC 61 108.52 16.78 49.92
CA ARG TC 61 109.30 17.03 48.72
C ARG TC 61 109.91 18.42 48.79
N HIS TC 62 111.17 18.55 48.37
CA HIS TC 62 111.82 19.84 48.25
C HIS TC 62 112.47 19.96 46.88
N ASN TC 63 112.49 21.19 46.36
CA ASN TC 63 112.91 21.48 45.00
C ASN TC 63 113.74 22.75 44.99
N VAL TC 64 114.81 22.76 44.19
CA VAL TC 64 115.63 23.94 43.97
C VAL TC 64 115.92 24.05 42.47
N GLU TC 65 115.67 25.24 41.91
CA GLU TC 65 115.65 25.43 40.47
C GLU TC 65 116.50 26.63 40.07
N PHE TC 66 117.26 26.48 38.99
CA PHE TC 66 118.07 27.55 38.43
C PHE TC 66 117.74 27.68 36.94
N THR TC 67 117.79 28.91 36.43
CA THR TC 67 117.51 29.15 35.02
C THR TC 67 118.18 30.44 34.57
N GLU TC 68 118.53 30.49 33.29
CA GLU TC 68 118.98 31.71 32.64
C GLU TC 68 118.33 31.84 31.28
N THR TC 69 117.99 33.06 30.88
CA THR TC 69 117.36 33.35 29.60
C THR TC 69 118.29 34.24 28.79
N VAL TC 70 118.42 33.93 27.50
CA VAL TC 70 119.25 34.70 26.58
C VAL TC 70 118.35 35.42 25.61
N TYR TC 71 118.40 36.76 25.61
CA TYR TC 71 117.47 37.53 24.80
C TYR TC 71 117.74 37.33 23.32
N ALA TC 72 116.67 37.37 22.53
CA ALA TC 72 116.77 37.10 21.10
C ALA TC 72 117.68 38.13 20.44
N SER TC 73 118.60 37.64 19.61
CA SER TC 73 119.52 38.49 18.89
C SER TC 73 119.53 38.07 17.42
N GLY TC 74 119.37 39.04 16.52
CA GLY TC 74 119.32 38.72 15.11
C GLY TC 74 118.20 37.76 14.81
N SER TC 75 118.51 36.76 13.97
CA SER TC 75 117.51 35.78 13.58
C SER TC 75 117.27 34.73 14.65
N THR TC 76 118.22 34.52 15.55
CA THR TC 76 118.12 33.45 16.54
C THR TC 76 117.11 33.81 17.62
N PRO TC 77 116.06 33.02 17.82
CA PRO TC 77 115.12 33.34 18.90
C PRO TC 77 115.70 33.05 20.26
N GLU TC 78 115.09 33.67 21.27
CA GLU TC 78 115.52 33.50 22.64
C GLU TC 78 115.35 32.05 23.08
N PHE TC 79 116.29 31.58 23.91
CA PHE TC 79 116.24 30.23 24.48
C PHE TC 79 116.62 30.32 25.95
N VAL TC 80 116.66 29.17 26.61
CA VAL TC 80 116.75 29.11 28.06
C VAL TC 80 117.65 27.94 28.44
N ARG TC 81 118.34 28.09 29.58
CA ARG TC 81 119.07 26.99 30.22
C ARG TC 81 118.58 26.86 31.65
N GLN TC 82 118.37 25.61 32.07
CA GLN TC 82 117.72 25.30 33.34
C GLN TC 82 118.44 24.14 34.00
N ALA TC 83 118.26 24.02 35.32
CA ALA TC 83 118.82 22.91 36.07
C ALA TC 83 118.23 22.92 37.47
N TYR TC 84 117.71 21.78 37.93
CA TYR TC 84 117.03 21.73 39.21
C TYR TC 84 117.16 20.36 39.84
N VAL TC 85 116.97 20.31 41.15
CA VAL TC 85 117.05 19.09 41.95
C VAL TC 85 115.78 18.93 42.78
N VAL TC 86 115.55 17.72 43.25
CA VAL TC 86 114.41 17.39 44.09
C VAL TC 86 114.84 16.39 45.15
N ILE TC 87 114.28 16.50 46.34
CA ILE TC 87 114.54 15.60 47.45
C ILE TC 87 113.20 15.09 47.96
N ARG TC 88 113.10 13.77 48.19
CA ARG TC 88 111.88 13.15 48.67
C ARG TC 88 112.18 12.33 49.92
N HIS TC 89 111.41 12.54 50.97
CA HIS TC 89 111.57 11.79 52.20
C HIS TC 89 110.27 11.83 52.99
N LYS TC 90 110.02 10.77 53.75
CA LYS TC 90 108.78 10.64 54.51
C LYS TC 90 108.79 11.57 55.72
N VAL TC 91 107.57 11.89 56.19
CA VAL TC 91 107.43 12.81 57.32
C VAL TC 91 108.06 12.20 58.56
N GLY TC 92 108.78 13.02 59.31
CA GLY TC 92 109.36 12.59 60.56
C GLY TC 92 110.68 11.83 60.45
N ASP TC 93 111.21 11.66 59.25
CA ASP TC 93 112.44 10.91 59.09
C ASP TC 93 113.62 11.68 59.69
N VAL TC 94 114.69 10.95 59.98
CA VAL TC 94 115.89 11.57 60.50
C VAL TC 94 116.56 12.39 59.42
N SER TC 95 116.89 13.64 59.73
CA SER TC 95 117.40 14.55 58.72
C SER TC 95 118.78 14.14 58.22
N ALA TC 96 119.61 13.58 59.11
CA ALA TC 96 121.01 13.34 58.77
C ALA TC 96 121.14 12.34 57.62
N THR TC 97 120.31 11.30 57.59
CA THR TC 97 120.45 10.28 56.55
C THR TC 97 120.12 10.86 55.18
N VAL TC 98 118.99 11.55 55.07
CA VAL TC 98 118.62 12.14 53.77
C VAL TC 98 119.64 13.18 53.37
N SER TC 99 120.18 13.91 54.35
CA SER TC 99 121.24 14.87 54.06
C SER TC 99 122.47 14.17 53.51
N ASP TC 100 122.82 13.02 54.06
CA ASP TC 100 123.97 12.25 53.57
C ASP TC 100 123.73 11.80 52.13
N LEU TC 101 122.51 11.33 51.84
CA LEU TC 101 122.19 10.94 50.47
C LEU TC 101 122.33 12.12 49.52
N GLY TC 102 121.84 13.30 49.94
CA GLY TC 102 121.97 14.47 49.10
C GLY TC 102 123.42 14.87 48.88
N GLU TC 103 124.23 14.80 49.93
CA GLU TC 103 125.65 15.10 49.77
C GLU TC 103 126.32 14.12 48.82
N ALA TC 104 125.92 12.84 48.89
CA ALA TC 104 126.43 11.88 47.94
C ALA TC 104 126.07 12.26 46.50
N LEU TC 105 124.80 12.63 46.27
CA LEU TC 105 124.39 13.05 44.93
C LEU TC 105 125.19 14.24 44.46
N SER TC 106 125.37 15.24 45.34
CA SER TC 106 126.14 16.43 44.97
C SER TC 106 127.58 16.07 44.64
N PHE TC 107 128.17 15.15 45.41
CA PHE TC 107 129.56 14.78 45.19
C PHE TC 107 129.74 14.02 43.88
N TYR TC 108 128.77 13.17 43.52
CA TYR TC 108 128.89 12.41 42.28
C TYR TC 108 128.92 13.32 41.06
N LEU TC 109 127.99 14.28 41.00
CA LEU TC 109 127.90 15.16 39.83
C LEU TC 109 129.16 16.02 39.75
N ASN TC 110 129.88 15.91 38.63
CA ASN TC 110 131.16 16.58 38.45
C ASN TC 110 131.26 17.08 37.02
N GLU TC 111 132.34 17.82 36.75
CA GLU TC 111 132.57 18.33 35.40
C GLU TC 111 132.65 17.19 34.38
N ALA TC 112 133.43 16.17 34.67
CA ALA TC 112 133.57 15.05 33.73
C ALA TC 112 132.25 14.32 33.56
N LEU TC 113 131.53 14.08 34.65
CA LEU TC 113 130.23 13.44 34.55
C LEU TC 113 129.27 14.29 33.73
N TYR TC 114 129.33 15.61 33.91
CA TYR TC 114 128.49 16.48 33.10
C TYR TC 114 128.84 16.38 31.62
N GLY TC 115 130.13 16.34 31.30
CA GLY TC 115 130.55 16.17 29.92
C GLY TC 115 130.04 14.86 29.33
N LYS TC 116 130.11 13.78 30.11
CA LYS TC 116 129.55 12.52 29.64
C LYS TC 116 128.05 12.62 29.42
N LEU TC 117 127.33 13.25 30.37
CA LEU TC 117 125.88 13.30 30.27
C LEU TC 117 125.44 14.05 29.03
N ILE TC 118 126.10 15.19 28.75
CA ILE TC 118 125.73 15.96 27.56
C ILE TC 118 125.99 15.16 26.29
N GLY TC 119 126.97 14.26 26.33
CA GLY TC 119 127.29 13.44 25.17
C GLY TC 119 126.31 12.30 24.92
N TRP TC 120 125.20 12.28 25.66
CA TRP TC 120 124.17 11.25 25.61
C TRP TC 120 124.67 9.90 26.10
N GLU TC 121 125.81 9.86 26.78
CA GLU TC 121 126.32 8.59 27.28
C GLU TC 121 125.40 8.04 28.37
N SER TC 122 125.16 6.74 28.32
CA SER TC 122 124.29 6.08 29.28
C SER TC 122 125.05 4.97 30.00
N ALA UC 1 100.58 81.83 36.54
CA ALA UC 1 102.03 82.10 36.74
C ALA UC 1 102.84 80.88 36.32
N LEU UC 2 103.97 80.64 36.98
CA LEU UC 2 104.88 79.51 36.76
C LEU UC 2 105.69 79.65 35.49
N GLY UC 3 105.47 80.68 34.69
CA GLY UC 3 106.27 80.92 33.51
C GLY UC 3 105.67 80.36 32.24
N ASP UC 4 106.05 80.95 31.11
CA ASP UC 4 105.58 80.47 29.82
C ASP UC 4 106.34 79.22 29.39
N THR UC 5 107.62 79.14 29.71
CA THR UC 5 108.46 78.01 29.31
C THR UC 5 108.75 77.10 30.49
N LEU UC 6 108.72 75.79 30.22
CA LEU UC 6 109.02 74.75 31.20
C LEU UC 6 110.28 74.02 30.75
N THR UC 7 111.23 73.88 31.65
CA THR UC 7 112.54 73.30 31.34
C THR UC 7 112.64 71.90 31.94
N ILE UC 8 112.87 70.91 31.10
CA ILE UC 8 113.14 69.53 31.52
C ILE UC 8 114.61 69.25 31.25
N THR UC 9 115.33 68.84 32.29
CA THR UC 9 116.77 68.61 32.20
C THR UC 9 117.01 67.10 32.34
N LEU UC 10 117.07 66.40 31.21
CA LEU UC 10 117.34 64.97 31.26
C LEU UC 10 118.71 64.72 31.88
N GLY UC 11 118.78 63.72 32.74
CA GLY UC 11 120.02 63.38 33.41
C GLY UC 11 120.29 64.13 34.69
N GLY UC 12 119.28 64.79 35.26
CA GLY UC 12 119.50 65.56 36.46
C GLY UC 12 120.40 66.75 36.22
N SER UC 13 121.06 67.20 37.28
CA SER UC 13 121.92 68.38 37.18
C SER UC 13 123.08 68.13 36.25
N GLY UC 14 123.37 69.10 35.39
CA GLY UC 14 124.46 69.02 34.46
C GLY UC 14 124.18 68.28 33.17
N GLY UC 15 122.93 67.90 32.91
CA GLY UC 15 122.58 67.11 31.74
C GLY UC 15 122.06 67.94 30.59
N THR UC 16 121.35 67.27 29.69
CA THR UC 16 120.76 67.90 28.52
C THR UC 16 119.48 68.64 28.91
N ALA UC 17 119.35 69.87 28.42
CA ALA UC 17 118.22 70.73 28.76
C ALA UC 17 117.30 70.89 27.56
N LYS UC 18 116.00 70.84 27.81
CA LYS UC 18 114.98 71.02 26.79
C LYS UC 18 113.96 72.03 27.30
N VAL UC 19 113.47 72.89 26.41
CA VAL UC 19 112.63 74.02 26.78
C VAL UC 19 111.29 73.86 26.08
N LEU UC 20 110.27 73.42 26.82
CA LEU UC 20 108.92 73.36 26.29
C LEU UC 20 108.25 74.73 26.34
N ARG UC 21 107.07 74.82 25.74
CA ARG UC 21 106.35 76.07 25.61
C ARG UC 21 104.86 75.84 25.85
N LYS UC 22 104.19 76.85 26.41
CA LYS UC 22 102.77 76.71 26.70
C LYS UC 22 101.96 76.68 25.40
N ILE UC 23 100.96 75.79 25.37
CA ILE UC 23 100.15 75.55 24.19
C ILE UC 23 98.69 75.84 24.52
N ASN UC 24 98.23 75.35 25.67
CA ASN UC 24 96.81 75.32 25.98
C ASN UC 24 96.60 75.54 27.47
N GLN UC 25 95.39 75.95 27.83
CA GLN UC 25 95.02 76.17 29.23
C GLN UC 25 93.51 75.99 29.35
N ASP UC 26 93.09 74.85 29.89
CA ASP UC 26 91.67 74.54 30.05
C ASP UC 26 91.44 73.77 31.33
N GLY UC 27 90.29 74.01 31.95
CA GLY UC 27 89.84 73.19 33.07
C GLY UC 27 90.83 73.12 34.22
N TYR UC 28 91.43 74.23 34.59
CA TYR UC 28 92.43 74.27 35.66
C TYR UC 28 93.65 73.41 35.30
N THR UC 29 93.94 73.27 34.00
CA THR UC 29 95.05 72.46 33.52
C THR UC 29 95.91 73.29 32.57
N SER UC 30 97.17 72.91 32.45
CA SER UC 30 98.09 73.54 31.51
C SER UC 30 98.89 72.47 30.78
N GLU UC 31 99.37 72.81 29.58
CA GLU UC 31 100.09 71.89 28.72
C GLU UC 31 101.31 72.56 28.13
N TYR UC 32 102.39 71.80 27.97
CA TYR UC 32 103.62 72.26 27.35
C TYR UC 32 104.04 71.25 26.29
N TYR UC 33 104.68 71.73 25.22
CA TYR UC 33 104.92 70.86 24.08
C TYR UC 33 106.20 71.30 23.36
N LEU UC 34 106.88 70.32 22.74
CA LEU UC 34 108.10 70.57 21.96
C LEU UC 34 108.32 69.47 20.93
N PRO UC 35 108.41 69.81 19.64
CA PRO UC 35 108.67 68.80 18.61
C PRO UC 35 110.13 68.70 18.21
N GLU UC 36 110.46 67.59 17.54
CA GLU UC 36 111.77 67.33 16.96
C GLU UC 36 111.59 66.23 15.92
N THR UC 37 112.70 65.79 15.30
CA THR UC 37 112.60 64.93 14.11
C THR UC 37 111.93 63.60 14.42
N SER UC 38 112.40 62.92 15.47
CA SER UC 38 111.94 61.57 15.77
C SER UC 38 111.16 61.45 17.08
N SER UC 39 110.85 62.56 17.75
CA SER UC 39 110.14 62.48 19.01
C SER UC 39 109.50 63.83 19.31
N SER UC 40 108.90 63.92 20.50
CA SER UC 40 108.29 65.14 20.99
C SER UC 40 108.19 65.05 22.50
N PHE UC 41 108.05 66.21 23.15
CA PHE UC 41 108.00 66.29 24.60
C PHE UC 41 106.77 67.07 25.02
N ARG UC 42 106.01 66.50 25.95
CA ARG UC 42 104.78 67.11 26.46
C ARG UC 42 104.82 67.09 27.99
N ALA UC 43 104.32 68.16 28.59
CA ALA UC 43 104.17 68.25 30.04
C ALA UC 43 102.83 68.88 30.36
N LYS UC 44 102.10 68.28 31.30
CA LYS UC 44 100.75 68.74 31.62
C LYS UC 44 100.58 68.78 33.13
N VAL UC 45 99.80 69.74 33.59
CA VAL UC 45 99.54 69.94 35.02
C VAL UC 45 98.04 69.99 35.25
N ARG UC 46 97.59 69.34 36.32
CA ARG UC 46 96.17 69.27 36.65
C ARG UC 46 95.95 69.66 38.09
N HIS UC 47 94.77 70.22 38.36
CA HIS UC 47 94.26 70.44 39.71
C HIS UC 47 92.79 70.02 39.74
N THR UC 48 92.36 69.41 40.84
CA THR UC 48 90.97 68.97 40.93
C THR UC 48 90.56 68.84 42.39
N LYS UC 49 89.25 68.91 42.62
CA LYS UC 49 88.64 68.74 43.93
C LYS UC 49 87.47 67.78 43.78
N GLU UC 50 87.42 66.75 44.61
CA GLU UC 50 86.41 65.71 44.47
C GLU UC 50 85.06 66.19 45.03
N SER UC 51 84.02 65.38 44.81
CA SER UC 51 82.68 65.75 45.20
C SER UC 51 82.53 65.86 46.71
N VAL UC 52 81.67 66.78 47.14
CA VAL UC 52 81.42 66.99 48.56
C VAL UC 52 80.43 65.96 49.05
N LYS UC 53 80.58 65.56 50.32
CA LYS UC 53 79.79 64.49 50.91
C LYS UC 53 79.44 65.02 52.30
N PRO UC 54 78.18 64.91 52.73
CA PRO UC 54 77.70 65.82 53.79
C PRO UC 54 78.54 65.87 55.07
N ASN UC 55 79.02 64.74 55.60
CA ASN UC 55 79.91 64.74 56.77
C ASN UC 55 81.16 63.92 56.48
N GLN UC 56 82.13 64.54 55.81
CA GLN UC 56 83.39 63.90 55.47
C GLN UC 56 84.41 65.00 55.21
N VAL UC 57 85.67 64.60 55.12
CA VAL UC 57 86.76 65.53 54.85
C VAL UC 57 87.00 65.56 53.34
N GLN UC 58 87.01 66.76 52.76
CA GLN UC 58 87.24 66.92 51.32
C GLN UC 58 88.69 67.27 51.05
N TYR UC 59 89.26 66.61 50.05
CA TYR UC 59 90.65 66.77 49.67
C TYR UC 59 90.75 67.43 48.30
N GLU UC 60 91.98 67.69 47.86
CA GLU UC 60 92.23 68.12 46.49
C GLU UC 60 93.59 67.60 46.06
N ARG UC 61 93.71 67.32 44.76
CA ARG UC 61 94.86 66.63 44.20
C ARG UC 61 95.56 67.50 43.18
N HIS UC 62 96.89 67.56 43.27
CA HIS UC 62 97.73 68.23 42.28
C HIS UC 62 98.62 67.18 41.61
N ASN UC 63 98.63 67.19 40.28
CA ASN UC 63 99.34 66.19 39.49
C ASN UC 63 100.15 66.86 38.40
N VAL UC 64 101.36 66.37 38.19
CA VAL UC 64 102.25 66.86 37.14
C VAL UC 64 102.86 65.67 36.42
N GLU UC 65 102.99 65.79 35.10
CA GLU UC 65 103.27 64.63 34.25
C GLU UC 65 104.24 64.99 33.13
N PHE UC 66 105.18 64.08 32.87
CA PHE UC 66 106.11 64.17 31.75
C PHE UC 66 105.89 62.97 30.83
N THR UC 67 105.83 63.23 29.52
CA THR UC 67 105.64 62.18 28.52
C THR UC 67 106.66 62.36 27.40
N GLU UC 68 107.27 61.26 26.98
CA GLU UC 68 108.14 61.23 25.82
C GLU UC 68 107.61 60.17 24.86
N THR UC 69 107.45 60.53 23.59
CA THR UC 69 106.90 59.62 22.58
C THR UC 69 107.85 59.53 21.41
N VAL UC 70 108.08 58.30 20.93
CA VAL UC 70 108.96 58.03 19.80
C VAL UC 70 108.09 57.50 18.67
N TYR UC 71 108.13 58.18 17.52
CA TYR UC 71 107.29 57.77 16.40
C TYR UC 71 107.75 56.44 15.83
N ALA UC 72 106.81 55.75 15.20
CA ALA UC 72 107.10 54.43 14.63
C ALA UC 72 108.14 54.55 13.53
N SER UC 73 109.07 53.60 13.51
CA SER UC 73 110.13 53.56 12.51
C SER UC 73 110.40 52.11 12.16
N GLY UC 74 110.50 51.83 10.86
CA GLY UC 74 110.69 50.46 10.43
C GLY UC 74 109.51 49.61 10.86
N SER UC 75 109.81 48.50 11.54
CA SER UC 75 108.77 47.61 12.06
C SER UC 75 108.37 47.93 13.49
N THR UC 76 109.20 48.65 14.23
CA THR UC 76 108.90 48.96 15.62
C THR UC 76 107.78 49.98 15.71
N PRO UC 77 106.68 49.70 16.39
CA PRO UC 77 105.57 50.65 16.45
C PRO UC 77 105.87 51.81 17.40
N GLU UC 78 104.96 52.77 17.41
CA GLU UC 78 105.09 53.95 18.26
C GLU UC 78 105.00 53.55 19.73
N PHE UC 79 105.77 54.24 20.57
CA PHE UC 79 105.72 54.00 22.01
C PHE UC 79 106.09 55.28 22.74
N VAL UC 80 105.98 55.24 24.07
CA VAL UC 80 106.13 56.41 24.92
C VAL UC 80 106.90 56.04 26.19
N ARG UC 81 107.43 57.06 26.85
CA ARG UC 81 107.96 56.93 28.20
C ARG UC 81 107.35 58.02 29.07
N GLN UC 82 106.96 57.64 30.29
CA GLN UC 82 106.07 58.46 31.11
C GLN UC 82 106.57 58.50 32.55
N ALA UC 83 106.18 59.55 33.26
CA ALA UC 83 106.50 59.69 34.68
C ALA UC 83 105.73 60.85 35.31
N TYR UC 84 105.07 60.62 36.45
CA TYR UC 84 104.28 61.68 37.08
C TYR UC 84 104.20 61.45 38.59
N VAL UC 85 103.85 62.53 39.29
CA VAL UC 85 103.69 62.55 40.73
C VAL UC 85 102.34 63.17 41.08
N VAL UC 86 101.78 62.77 42.21
CA VAL UC 86 100.47 63.23 42.67
C VAL UC 86 100.55 63.55 44.15
N ILE UC 87 99.95 64.68 44.54
CA ILE UC 87 99.91 65.15 45.92
C ILE UC 87 98.45 65.32 46.31
N ARG UC 88 98.08 64.76 47.48
CA ARG UC 88 96.70 64.81 47.95
C ARG UC 88 96.70 65.26 49.41
N HIS UC 89 95.82 66.21 49.73
CA HIS UC 89 95.79 66.79 51.07
C HIS UC 89 94.46 67.50 51.24
N LYS UC 90 94.14 67.83 52.49
CA LYS UC 90 92.85 68.41 52.82
C LYS UC 90 92.83 69.92 52.56
N VAL UC 91 91.62 70.46 52.43
CA VAL UC 91 91.46 71.81 51.89
C VAL UC 91 92.10 72.84 52.81
N GLY UC 92 91.87 72.72 54.11
CA GLY UC 92 92.36 73.68 55.08
C GLY UC 92 93.72 73.39 55.68
N ASP UC 93 94.47 72.43 55.15
CA ASP UC 93 95.73 72.03 55.79
C ASP UC 93 96.73 73.19 55.78
N VAL UC 94 97.90 72.92 56.36
CA VAL UC 94 98.99 73.89 56.40
C VAL UC 94 99.93 73.61 55.24
N SER UC 95 100.29 74.66 54.49
CA SER UC 95 101.03 74.46 53.25
C SER UC 95 102.42 73.88 53.50
N ALA UC 96 103.13 74.40 54.51
CA ALA UC 96 104.51 73.99 54.72
C ALA UC 96 104.61 72.51 55.07
N THR UC 97 103.71 72.02 55.93
CA THR UC 97 103.77 70.62 56.33
C THR UC 97 103.53 69.71 55.13
N VAL UC 98 102.54 70.04 54.29
CA VAL UC 98 102.30 69.21 53.12
C VAL UC 98 103.47 69.28 52.16
N SER UC 99 104.13 70.43 52.07
CA SER UC 99 105.30 70.56 51.19
C SER UC 99 106.47 69.72 51.68
N ASP UC 100 106.61 69.57 53.00
CA ASP UC 100 107.74 68.82 53.52
C ASP UC 100 107.72 67.37 53.08
N LEU UC 101 106.53 66.76 53.03
CA LEU UC 101 106.41 65.39 52.54
C LEU UC 101 106.89 65.28 51.10
N GLY UC 102 106.50 66.24 50.26
CA GLY UC 102 106.93 66.21 48.87
C GLY UC 102 108.43 66.38 48.74
N GLU UC 103 109.02 67.28 49.52
CA GLU UC 103 110.47 67.43 49.48
C GLU UC 103 111.16 66.14 49.90
N ALA UC 104 110.64 65.47 50.93
CA ALA UC 104 111.20 64.18 51.33
C ALA UC 104 111.14 63.18 50.19
N LEU UC 105 109.98 63.07 49.53
CA LEU UC 105 109.84 62.10 48.46
C LEU UC 105 110.80 62.40 47.32
N SER UC 106 110.95 63.68 46.97
CA SER UC 106 111.87 64.06 45.91
C SER UC 106 113.32 63.76 46.29
N PHE UC 107 113.67 64.04 47.55
CA PHE UC 107 115.04 63.84 47.99
C PHE UC 107 115.40 62.35 48.04
N TYR UC 108 114.43 61.50 48.36
CA TYR UC 108 114.68 60.06 48.41
C TYR UC 108 115.01 59.51 47.03
N LEU UC 109 114.35 60.00 45.98
CA LEU UC 109 114.53 59.44 44.65
C LEU UC 109 115.88 59.88 44.06
N ASN UC 110 116.55 58.96 43.36
CA ASN UC 110 117.84 59.29 42.77
C ASN UC 110 118.33 58.14 41.90
N GLU UC 111 119.48 58.37 41.26
CA GLU UC 111 120.05 57.40 40.31
C GLU UC 111 119.99 55.98 40.83
N ALA UC 112 120.61 55.71 41.98
CA ALA UC 112 120.71 54.33 42.45
C ALA UC 112 119.34 53.74 42.72
N LEU UC 113 118.45 54.52 43.34
CA LEU UC 113 117.14 54.00 43.68
C LEU UC 113 116.33 53.66 42.43
N TYR UC 114 116.31 54.54 41.42
CA TYR UC 114 115.65 54.16 40.18
C TYR UC 114 116.27 52.92 39.58
N GLY UC 115 117.60 52.92 39.38
CA GLY UC 115 118.22 51.76 38.77
C GLY UC 115 117.86 50.48 39.48
N LYS UC 116 117.82 50.52 40.81
CA LYS UC 116 117.41 49.35 41.58
C LYS UC 116 115.93 49.02 41.37
N LEU UC 117 115.10 50.04 41.08
CA LEU UC 117 113.66 49.81 41.00
C LEU UC 117 113.26 49.11 39.69
N ILE UC 118 113.89 49.49 38.57
CA ILE UC 118 113.55 48.85 37.30
C ILE UC 118 113.84 47.37 37.35
N GLY UC 119 114.69 46.93 38.27
CA GLY UC 119 114.98 45.53 38.39
C GLY UC 119 113.95 44.72 39.16
N TRP UC 120 112.68 45.16 39.15
CA TRP UC 120 111.60 44.45 39.83
C TRP UC 120 111.95 44.14 41.28
N GLU UC 121 112.80 44.96 41.87
CA GLU UC 121 113.25 44.80 43.24
C GLU UC 121 112.37 45.64 44.17
N SER UC 122 111.75 45.00 45.15
CA SER UC 122 110.92 45.70 46.13
C SER UC 122 111.36 45.34 47.54
N ALA VC 1 91.71 89.86 29.94
CA ALA VC 1 93.02 90.57 29.78
C ALA VC 1 93.20 91.70 30.78
N LEU VC 2 92.53 91.59 31.93
CA LEU VC 2 92.64 92.64 32.94
C LEU VC 2 94.02 92.65 33.58
N GLY VC 3 94.70 91.51 33.61
CA GLY VC 3 95.99 91.40 34.26
C GLY VC 3 96.09 90.10 35.04
N ASP VC 4 97.32 89.60 35.17
CA ASP VC 4 97.56 88.35 35.89
C ASP VC 4 97.31 88.49 37.39
N THR VC 5 97.23 89.71 37.92
CA THR VC 5 96.85 89.93 39.30
C THR VC 5 95.72 90.93 39.41
N LEU VC 6 94.92 90.75 40.46
CA LEU VC 6 93.98 91.74 40.95
C LEU VC 6 94.33 92.04 42.39
N THR VC 7 94.11 93.28 42.79
CA THR VC 7 94.37 93.72 44.15
C THR VC 7 93.05 94.01 44.84
N ILE VC 8 92.84 93.40 46.00
CA ILE VC 8 91.65 93.58 46.81
C ILE VC 8 92.08 94.27 48.08
N THR VC 9 91.63 95.51 48.26
CA THR VC 9 92.02 96.35 49.39
C THR VC 9 90.87 96.37 50.38
N LEU VC 10 90.93 95.48 51.37
CA LEU VC 10 89.84 95.37 52.33
C LEU VC 10 89.76 96.67 53.14
N GLY VC 11 88.52 97.08 53.43
CA GLY VC 11 88.30 98.31 54.15
C GLY VC 11 88.37 99.57 53.31
N GLY VC 12 88.36 99.47 51.99
CA GLY VC 12 88.30 100.65 51.15
C GLY VC 12 89.66 101.17 50.75
N SER VC 13 89.87 102.47 50.95
CA SER VC 13 91.15 103.09 50.65
C SER VC 13 92.14 102.97 51.81
N GLY VC 14 91.77 102.28 52.89
CA GLY VC 14 92.64 102.13 54.03
C GLY VC 14 93.89 101.32 53.73
N GLY VC 15 93.74 100.02 53.51
CA GLY VC 15 94.90 99.18 53.25
C GLY VC 15 94.52 97.72 53.17
N THR VC 16 95.46 96.86 53.59
CA THR VC 16 95.27 95.40 53.59
C THR VC 16 94.95 94.89 52.18
N ALA VC 17 95.95 94.98 51.31
CA ALA VC 17 95.81 94.57 49.91
C ALA VC 17 96.15 93.09 49.75
N LYS VC 18 95.26 92.36 49.07
CA LYS VC 18 95.46 90.96 48.72
C LYS VC 18 95.67 90.84 47.22
N VAL VC 19 96.57 89.95 46.81
CA VAL VC 19 96.96 89.80 45.41
C VAL VC 19 96.62 88.40 44.95
N LEU VC 20 95.66 88.30 44.02
CA LEU VC 20 95.26 87.04 43.43
C LEU VC 20 95.93 86.86 42.07
N ARG VC 21 95.92 85.61 41.60
CA ARG VC 21 96.59 85.21 40.37
C ARG VC 21 95.57 84.48 39.51
N LYS VC 22 95.76 84.45 38.19
CA LYS VC 22 94.83 83.66 37.41
C LYS VC 22 95.09 82.19 37.68
N ILE VC 23 94.01 81.42 37.78
CA ILE VC 23 94.08 79.97 37.85
C ILE VC 23 93.24 79.31 36.79
N ASN VC 24 92.29 80.02 36.17
CA ASN VC 24 91.45 79.46 35.14
C ASN VC 24 90.99 80.57 34.20
N GLN VC 25 90.81 80.23 32.92
CA GLN VC 25 90.16 81.14 31.99
C GLN VC 25 89.54 80.32 30.86
N ASP VC 26 88.24 80.13 30.92
CA ASP VC 26 87.50 79.38 29.90
C ASP VC 26 86.20 80.11 29.59
N GLY VC 27 85.82 80.14 28.32
CA GLY VC 27 84.53 80.65 27.91
C GLY VC 27 84.25 82.09 28.29
N TYR VC 28 85.18 82.99 27.99
CA TYR VC 28 85.01 84.41 28.31
C TYR VC 28 84.78 84.59 29.82
N THR VC 29 85.44 83.77 30.63
CA THR VC 29 85.35 83.82 32.08
C THR VC 29 86.73 83.61 32.67
N SER VC 30 87.04 84.38 33.71
CA SER VC 30 88.33 84.27 34.39
C SER VC 30 88.11 84.09 35.88
N GLU VC 31 89.08 83.47 36.54
CA GLU VC 31 88.99 83.13 37.95
C GLU VC 31 90.30 83.49 38.65
N TYR VC 32 90.19 83.92 39.90
CA TYR VC 32 91.34 84.35 40.68
C TYR VC 32 91.28 83.71 42.07
N TYR VC 33 92.45 83.37 42.62
CA TYR VC 33 92.52 82.66 43.88
C TYR VC 33 93.76 83.08 44.67
N LEU VC 34 93.68 82.93 46.00
CA LEU VC 34 94.81 83.17 46.90
C LEU VC 34 94.57 82.51 48.25
N PRO VC 35 95.37 81.51 48.64
CA PRO VC 35 95.18 80.88 49.95
C PRO VC 35 96.00 81.51 51.07
N GLU VC 36 95.46 81.43 52.28
CA GLU VC 36 96.09 81.99 53.47
C GLU VC 36 95.95 80.98 54.60
N THR VC 37 96.33 81.40 55.82
CA THR VC 37 96.34 80.46 56.94
C THR VC 37 94.93 80.06 57.36
N SER VC 38 94.03 81.03 57.54
CA SER VC 38 92.70 80.75 58.05
C SER VC 38 91.58 81.07 57.07
N SER VC 39 91.89 81.57 55.87
CA SER VC 39 90.85 81.88 54.90
C SER VC 39 91.47 81.89 53.52
N SER VC 40 90.60 81.86 52.50
CA SER VC 40 91.00 81.95 51.12
C SER VC 40 90.11 82.95 50.40
N PHE VC 41 90.69 83.65 49.43
CA PHE VC 41 90.00 84.67 48.66
C PHE VC 41 89.87 84.21 47.22
N ARG VC 42 88.68 84.39 46.64
CA ARG VC 42 88.44 84.01 45.25
C ARG VC 42 87.61 85.08 44.58
N ALA VC 43 87.89 85.33 43.30
CA ALA VC 43 87.21 86.34 42.51
C ALA VC 43 87.16 85.89 41.07
N LYS VC 44 85.99 85.97 40.45
CA LYS VC 44 85.83 85.54 39.06
C LYS VC 44 84.96 86.53 38.31
N VAL VC 45 85.13 86.55 36.99
CA VAL VC 45 84.44 87.49 36.11
C VAL VC 45 83.77 86.70 35.00
N ARG VC 46 82.54 87.07 34.65
CA ARG VC 46 81.80 86.40 33.59
C ARG VC 46 81.16 87.40 32.65
N HIS VC 47 81.08 87.01 31.37
CA HIS VC 47 80.29 87.72 30.36
C HIS VC 47 79.31 86.74 29.75
N THR VC 48 78.17 87.25 29.30
CA THR VC 48 77.11 86.38 28.78
C THR VC 48 76.21 87.13 27.81
N LYS VC 49 75.79 86.43 26.76
CA LYS VC 49 74.76 86.92 25.84
C LYS VC 49 73.48 86.16 26.11
N GLU VC 50 72.46 86.87 26.60
CA GLU VC 50 71.20 86.21 26.94
C GLU VC 50 70.47 85.78 25.67
N SER VC 51 69.54 84.84 25.85
CA SER VC 51 68.97 84.10 24.73
C SER VC 51 68.18 85.02 23.80
N VAL VC 52 68.11 84.63 22.53
CA VAL VC 52 67.37 85.38 21.52
C VAL VC 52 65.96 84.84 21.43
N LYS VC 53 64.98 85.71 21.60
CA LYS VC 53 63.57 85.39 21.44
C LYS VC 53 63.02 86.16 20.26
N PRO VC 54 61.98 85.64 19.61
CA PRO VC 54 61.49 86.27 18.38
C PRO VC 54 61.03 87.69 18.63
N ASN VC 55 61.19 88.53 17.62
CA ASN VC 55 60.68 89.89 17.58
C ASN VC 55 60.76 90.61 18.92
N GLN VC 56 61.90 90.47 19.61
CA GLN VC 56 62.17 91.26 20.80
C GLN VC 56 63.67 91.44 20.94
N VAL VC 57 64.05 92.47 21.69
CA VAL VC 57 65.42 92.99 21.67
C VAL VC 57 66.32 92.16 22.58
N GLN VC 58 67.58 92.00 22.15
CA GLN VC 58 68.57 91.27 22.91
C GLN VC 58 69.18 92.12 24.01
N TYR VC 59 69.92 91.46 24.90
CA TYR VC 59 70.57 92.14 26.02
C TYR VC 59 71.91 91.47 26.28
N GLU VC 60 72.78 92.21 26.97
CA GLU VC 60 74.09 91.72 27.38
C GLU VC 60 74.25 91.87 28.89
N ARG VC 61 75.03 90.96 29.48
CA ARG VC 61 75.17 90.89 30.93
C ARG VC 61 76.64 90.72 31.29
N HIS VC 62 77.10 91.50 32.27
CA HIS VC 62 78.42 91.32 32.89
C HIS VC 62 78.28 91.39 34.41
N ASN VC 63 79.19 90.71 35.10
CA ASN VC 63 79.16 90.64 36.55
C ASN VC 63 80.54 90.28 37.09
N VAL VC 64 80.82 90.70 38.31
CA VAL VC 64 82.05 90.35 39.01
C VAL VC 64 81.74 90.13 40.48
N GLU VC 65 82.41 89.14 41.09
CA GLU VC 65 82.13 88.73 42.46
C GLU VC 65 83.43 88.60 43.25
N PHE VC 66 83.35 88.88 44.55
CA PHE VC 66 84.41 88.59 45.50
C PHE VC 66 83.88 87.62 46.54
N THR VC 67 84.64 86.55 46.80
CA THR VC 67 84.28 85.53 47.77
C THR VC 67 85.47 85.22 48.64
N GLU VC 68 85.23 85.01 49.94
CA GLU VC 68 86.27 84.57 50.85
C GLU VC 68 85.67 83.57 51.82
N THR VC 69 86.36 82.45 52.04
CA THR VC 69 85.86 81.35 52.84
C THR VC 69 86.76 81.17 54.06
N VAL VC 70 86.15 80.99 55.23
CA VAL VC 70 86.86 80.84 56.49
C VAL VC 70 86.79 79.38 56.91
N TYR VC 71 87.96 78.76 57.11
CA TYR VC 71 88.01 77.35 57.42
C TYR VC 71 87.43 77.06 58.80
N ALA VC 72 86.95 75.83 58.97
CA ALA VC 72 86.35 75.42 60.23
C ALA VC 72 87.38 75.48 61.35
N SER VC 73 86.97 76.06 62.47
CA SER VC 73 87.81 76.18 63.65
C SER VC 73 86.99 75.86 64.87
N GLY VC 74 87.54 75.04 65.77
CA GLY VC 74 86.79 74.60 66.93
C GLY VC 74 85.53 73.87 66.50
N SER VC 75 84.42 74.19 67.15
CA SER VC 75 83.14 73.56 66.85
C SER VC 75 82.34 74.31 65.78
N THR VC 76 82.77 75.51 65.38
CA THR VC 76 82.05 76.27 64.37
C THR VC 76 82.45 75.80 62.98
N PRO VC 77 81.50 75.37 62.14
CA PRO VC 77 81.86 74.93 60.79
C PRO VC 77 82.26 76.10 59.90
N GLU VC 78 82.68 75.75 58.68
CA GLU VC 78 83.13 76.77 57.74
C GLU VC 78 81.94 77.53 57.15
N PHE VC 79 82.24 78.71 56.62
CA PHE VC 79 81.23 79.61 56.09
C PHE VC 79 81.89 80.51 55.07
N VAL VC 80 81.07 81.31 54.37
CA VAL VC 80 81.54 82.10 53.22
C VAL VC 80 80.98 83.52 53.33
N ARG VC 81 81.59 84.42 52.56
CA ARG VC 81 81.11 85.78 52.38
C ARG VC 81 81.24 86.14 50.91
N GLN VC 82 80.20 86.74 50.35
CA GLN VC 82 80.18 87.08 48.92
C GLN VC 82 79.61 88.48 48.73
N ALA VC 83 79.92 89.06 47.57
CA ALA VC 83 79.39 90.36 47.19
C ALA VC 83 79.66 90.54 45.70
N TYR VC 84 78.60 90.75 44.90
CA TYR VC 84 78.73 90.76 43.46
C TYR VC 84 77.82 91.81 42.83
N VAL VC 85 78.21 92.29 41.65
CA VAL VC 85 77.47 93.28 40.89
C VAL VC 85 77.20 92.75 39.50
N VAL VC 86 76.17 93.30 38.84
CA VAL VC 86 75.85 92.97 37.45
C VAL VC 86 75.57 94.25 36.68
N ILE VC 87 75.74 94.17 35.36
CA ILE VC 87 75.41 95.25 34.44
C ILE VC 87 74.60 94.63 33.30
N ARG VC 88 73.39 95.14 33.08
CA ARG VC 88 72.52 94.64 32.02
C ARG VC 88 72.16 95.80 31.11
N HIS VC 89 72.45 95.67 29.82
CA HIS VC 89 72.23 96.76 28.88
C HIS VC 89 71.93 96.19 27.49
N LYS VC 90 71.38 97.05 26.64
CA LYS VC 90 70.95 96.62 25.31
C LYS VC 90 72.17 96.39 24.41
N VAL VC 91 72.06 95.37 23.55
CA VAL VC 91 73.13 95.09 22.60
C VAL VC 91 73.21 96.22 21.59
N GLY VC 92 74.42 96.72 21.34
CA GLY VC 92 74.60 97.86 20.47
C GLY VC 92 74.37 99.20 21.13
N ASP VC 93 74.09 99.23 22.44
CA ASP VC 93 73.85 100.47 23.14
C ASP VC 93 75.13 101.29 23.25
N VAL VC 94 74.98 102.57 23.57
CA VAL VC 94 76.14 103.44 23.71
C VAL VC 94 76.85 103.12 25.02
N SER VC 95 78.16 102.89 24.96
CA SER VC 95 78.89 102.38 26.11
C SER VC 95 79.11 103.45 27.17
N ALA VC 96 79.34 104.71 26.77
CA ALA VC 96 79.66 105.74 27.75
C ALA VC 96 78.48 106.02 28.70
N THR VC 97 77.24 105.99 28.21
CA THR VC 97 76.09 106.18 29.11
C THR VC 97 75.92 105.00 30.07
N VAL VC 98 76.02 103.79 29.54
CA VAL VC 98 75.86 102.64 30.42
C VAL VC 98 76.95 102.66 31.47
N SER VC 99 78.12 103.17 31.09
CA SER VC 99 79.20 103.40 32.04
C SER VC 99 78.89 104.57 32.98
N ASP VC 100 78.05 105.52 32.55
CA ASP VC 100 77.63 106.58 33.44
C ASP VC 100 76.81 106.02 34.60
N LEU VC 101 75.93 105.05 34.31
CA LEU VC 101 75.47 104.19 35.38
C LEU VC 101 76.60 103.27 35.86
N GLY VC 102 76.30 102.48 36.88
CA GLY VC 102 77.29 101.62 37.48
C GLY VC 102 78.19 102.38 38.43
N GLU VC 103 78.87 103.40 37.91
CA GLU VC 103 79.73 104.20 38.76
C GLU VC 103 78.90 105.07 39.71
N ALA VC 104 77.70 105.46 39.30
CA ALA VC 104 76.78 106.13 40.22
C ALA VC 104 76.41 105.23 41.38
N LEU VC 105 76.09 103.96 41.09
CA LEU VC 105 75.79 103.01 42.15
C LEU VC 105 76.98 102.82 43.06
N SER VC 106 78.18 102.73 42.48
CA SER VC 106 79.38 102.56 43.28
C SER VC 106 79.59 103.74 44.22
N PHE VC 107 79.37 104.96 43.73
CA PHE VC 107 79.50 106.14 44.59
C PHE VC 107 78.45 106.13 45.69
N TYR VC 108 77.23 105.71 45.38
CA TYR VC 108 76.18 105.67 46.39
C TYR VC 108 76.55 104.68 47.50
N LEU VC 109 77.17 103.57 47.14
CA LEU VC 109 77.48 102.51 48.10
C LEU VC 109 78.75 102.88 48.87
N ASN VC 110 78.61 103.18 50.16
CA ASN VC 110 79.73 103.51 51.02
C ASN VC 110 79.54 102.84 52.38
N GLU VC 111 80.51 103.05 53.26
CA GLU VC 111 80.51 102.36 54.54
C GLU VC 111 79.29 102.74 55.38
N ALA VC 112 78.97 104.03 55.44
CA ALA VC 112 77.82 104.45 56.23
C ALA VC 112 76.54 103.81 55.73
N LEU VC 113 76.35 103.77 54.41
CA LEU VC 113 75.17 103.12 53.84
C LEU VC 113 75.18 101.63 54.13
N TYR VC 114 76.33 100.98 53.98
CA TYR VC 114 76.41 99.56 54.31
C TYR VC 114 76.02 99.29 55.75
N GLY VC 115 76.39 100.19 56.65
CA GLY VC 115 76.06 100.04 58.05
C GLY VC 115 74.57 99.82 58.25
N LYS VC 116 73.75 100.69 57.67
CA LYS VC 116 72.31 100.51 57.79
C LYS VC 116 71.81 99.35 56.95
N LEU VC 117 72.40 99.14 55.76
CA LEU VC 117 71.89 98.12 54.85
C LEU VC 117 72.01 96.73 55.47
N ILE VC 118 73.14 96.44 56.12
CA ILE VC 118 73.30 95.15 56.78
C ILE VC 118 72.31 95.02 57.94
N GLY VC 119 71.77 96.14 58.42
CA GLY VC 119 70.86 96.13 59.55
C GLY VC 119 69.38 95.89 59.24
N TRP VC 120 69.05 95.44 58.03
CA TRP VC 120 67.69 95.15 57.60
C TRP VC 120 66.83 96.40 57.41
N GLU VC 121 67.38 97.59 57.63
CA GLU VC 121 66.70 98.81 57.24
C GLU VC 121 66.44 98.82 55.75
N SER VC 122 65.28 99.34 55.35
CA SER VC 122 64.92 99.45 53.95
C SER VC 122 64.21 100.77 53.68
N ALA WC 1 100.05 81.31 23.66
CA ALA WC 1 100.77 82.36 24.43
C ALA WC 1 101.51 83.31 23.50
N LEU WC 2 100.80 83.81 22.48
CA LEU WC 2 101.41 84.79 21.58
C LEU WC 2 101.73 86.08 22.32
N GLY WC 3 100.85 86.51 23.21
CA GLY WC 3 101.01 87.75 23.93
C GLY WC 3 99.67 88.32 24.32
N ASP WC 4 99.72 89.27 25.26
CA ASP WC 4 98.47 89.83 25.77
C ASP WC 4 97.75 90.67 24.72
N THR WC 5 98.50 91.43 23.91
CA THR WC 5 97.91 92.27 22.88
C THR WC 5 98.58 92.02 21.53
N LEU WC 6 97.78 92.18 20.49
CA LEU WC 6 98.21 92.00 19.11
C LEU WC 6 98.01 93.31 18.36
N THR WC 7 99.04 93.79 17.68
CA THR WC 7 98.99 95.07 16.98
C THR WC 7 98.94 94.82 15.49
N ILE WC 8 97.99 95.44 14.81
CA ILE WC 8 97.88 95.38 13.36
C ILE WC 8 97.97 96.81 12.83
N THR WC 9 98.84 97.00 11.84
CA THR WC 9 99.11 98.31 11.27
C THR WC 9 98.43 98.37 9.91
N LEU WC 10 97.21 98.88 9.87
CA LEU WC 10 96.55 99.09 8.59
C LEU WC 10 97.35 100.11 7.79
N GLY WC 11 97.46 99.87 6.50
CA GLY WC 11 98.33 100.70 5.67
C GLY WC 11 99.75 100.19 5.57
N GLY WC 12 99.98 98.92 5.88
CA GLY WC 12 101.30 98.36 5.74
C GLY WC 12 102.25 98.91 6.79
N SER WC 13 103.53 98.79 6.48
CA SER WC 13 104.55 99.43 7.30
C SER WC 13 104.38 100.95 7.23
N GLY WC 14 104.44 101.59 8.40
CA GLY WC 14 104.30 103.03 8.49
C GLY WC 14 102.88 103.54 8.49
N GLY WC 15 101.88 102.66 8.54
CA GLY WC 15 100.49 103.06 8.53
C GLY WC 15 99.93 103.39 9.90
N THR WC 16 98.63 103.14 10.07
CA THR WC 16 97.92 103.38 11.32
C THR WC 16 97.87 102.09 12.13
N ALA WC 17 98.11 102.22 13.44
CA ALA WC 17 98.21 101.06 14.33
C ALA WC 17 96.94 100.89 15.15
N LYS WC 18 96.47 99.64 15.22
CA LYS WC 18 95.35 99.26 16.06
C LYS WC 18 95.82 98.16 17.01
N VAL WC 19 95.41 98.24 18.27
CA VAL WC 19 95.89 97.34 19.32
C VAL WC 19 94.72 96.47 19.75
N LEU WC 20 94.72 95.22 19.28
CA LEU WC 20 93.73 94.25 19.74
C LEU WC 20 94.10 93.72 21.13
N ARG WC 21 93.12 93.12 21.80
CA ARG WC 21 93.31 92.57 23.14
C ARG WC 21 92.76 91.15 23.22
N LYS WC 22 93.46 90.30 23.97
CA LYS WC 22 93.04 88.91 24.10
C LYS WC 22 91.74 88.81 24.87
N ILE WC 23 90.82 87.99 24.36
CA ILE WC 23 89.48 87.89 24.92
C ILE WC 23 89.18 86.46 25.35
N ASN WC 24 89.77 85.47 24.67
CA ASN WC 24 89.49 84.08 25.00
C ASN WC 24 90.41 83.17 24.20
N GLN WC 25 90.74 82.03 24.80
CA GLN WC 25 91.47 80.98 24.09
C GLN WC 25 91.23 79.67 24.84
N ASP WC 26 90.52 78.73 24.22
CA ASP WC 26 90.19 77.47 24.89
C ASP WC 26 90.76 76.25 24.17
N GLY WC 27 90.43 76.03 22.91
CA GLY WC 27 90.77 74.78 22.25
C GLY WC 27 91.92 74.88 21.27
N TYR WC 28 93.11 75.22 21.75
CA TYR WC 28 94.27 75.46 20.90
C TYR WC 28 94.06 76.67 19.99
N THR WC 29 93.03 77.47 20.25
CA THR WC 29 92.68 78.62 19.45
C THR WC 29 92.71 79.86 20.33
N SER WC 30 92.93 81.02 19.71
CA SER WC 30 93.01 82.29 20.42
C SER WC 30 92.17 83.32 19.69
N GLU WC 31 91.72 84.34 20.43
CA GLU WC 31 90.85 85.36 19.89
C GLU WC 31 91.21 86.72 20.46
N TYR WC 32 91.14 87.75 19.62
CA TYR WC 32 91.41 89.13 20.00
C TYR WC 32 90.29 90.01 19.48
N TYR WC 33 90.02 91.12 20.17
CA TYR WC 33 88.86 91.94 19.82
C TYR WC 33 89.10 93.39 20.24
N LEU WC 34 88.42 94.31 19.52
CA LEU WC 34 88.49 95.74 19.82
C LEU WC 34 87.33 96.47 19.14
N PRO WC 35 86.49 97.20 19.87
CA PRO WC 35 85.40 97.94 19.24
C PRO WC 35 85.74 99.38 18.92
N GLU WC 36 85.06 99.91 17.91
CA GLU WC 36 85.22 101.28 17.44
C GLU WC 36 83.85 101.94 17.37
N THR WC 37 83.84 103.23 17.04
CA THR WC 37 82.58 103.96 16.91
C THR WC 37 81.75 103.42 15.73
N SER WC 38 82.39 103.14 14.60
CA SER WC 38 81.68 102.69 13.41
C SER WC 38 82.18 101.35 12.88
N SER WC 39 83.06 100.66 13.60
CA SER WC 39 83.61 99.39 13.12
C SER WC 39 84.11 98.59 14.32
N SER WC 40 84.75 97.47 14.02
CA SER WC 40 85.33 96.61 15.05
C SER WC 40 86.39 95.73 14.40
N PHE WC 41 87.47 95.47 15.13
CA PHE WC 41 88.56 94.61 14.67
C PHE WC 41 88.63 93.37 15.53
N ARG WC 42 88.90 92.23 14.90
CA ARG WC 42 88.95 90.95 15.57
C ARG WC 42 89.99 90.08 14.88
N ALA WC 43 90.78 89.36 15.68
CA ALA WC 43 91.83 88.47 15.18
C ALA WC 43 91.72 87.14 15.91
N LYS WC 44 92.04 86.06 15.20
CA LYS WC 44 91.81 84.72 15.71
C LYS WC 44 92.81 83.75 15.10
N VAL WC 45 93.26 82.80 15.92
CA VAL WC 45 94.24 81.80 15.51
C VAL WC 45 93.68 80.41 15.79
N ARG WC 46 93.97 79.46 14.91
CA ARG WC 46 93.57 78.07 15.08
C ARG WC 46 94.74 77.13 14.83
N HIS WC 47 94.69 75.96 15.47
CA HIS WC 47 95.57 74.85 15.18
C HIS WC 47 94.75 73.57 15.11
N THR WC 48 95.11 72.67 14.19
CA THR WC 48 94.30 71.48 13.93
C THR WC 48 95.17 70.35 13.40
N LYS WC 49 94.67 69.12 13.57
CA LYS WC 49 95.28 67.92 13.00
C LYS WC 49 94.27 67.23 12.11
N GLU WC 50 94.65 66.97 10.86
CA GLU WC 50 93.73 66.33 9.92
C GLU WC 50 93.48 64.87 10.29
N SER WC 51 92.42 64.31 9.71
CA SER WC 51 91.98 62.98 10.07
C SER WC 51 93.09 61.95 9.81
N VAL WC 52 93.27 61.04 10.76
CA VAL WC 52 94.30 60.01 10.65
C VAL WC 52 93.75 58.83 9.87
N LYS WC 53 94.49 58.39 8.86
CA LYS WC 53 94.12 57.24 8.06
C LYS WC 53 95.25 56.20 8.13
N PRO WC 54 94.92 54.90 8.14
CA PRO WC 54 95.98 53.90 8.31
C PRO WC 54 97.06 54.03 7.24
N ASN WC 55 98.29 53.76 7.65
CA ASN WC 55 99.48 53.72 6.79
C ASN WC 55 99.46 54.75 5.66
N GLN WC 56 99.15 56.00 5.99
CA GLN WC 56 99.39 57.16 5.13
C GLN WC 56 100.00 58.29 5.95
N VAL WC 57 100.69 59.19 5.26
CA VAL WC 57 101.34 60.31 5.94
C VAL WC 57 100.29 61.15 6.65
N GLN WC 58 100.65 61.69 7.81
CA GLN WC 58 99.76 62.50 8.62
C GLN WC 58 100.26 63.94 8.65
N TYR WC 59 99.36 64.89 8.42
CA TYR WC 59 99.70 66.29 8.18
C TYR WC 59 99.23 67.18 9.33
N GLU WC 60 99.67 68.45 9.27
CA GLU WC 60 99.34 69.44 10.28
C GLU WC 60 98.98 70.76 9.59
N ARG WC 61 98.03 71.49 10.18
CA ARG WC 61 97.45 72.69 9.58
C ARG WC 61 97.42 73.81 10.60
N HIS WC 62 97.76 75.02 10.15
CA HIS WC 62 97.63 76.23 10.97
C HIS WC 62 96.96 77.33 10.17
N ASN WC 63 96.27 78.24 10.88
CA ASN WC 63 95.43 79.25 10.26
C ASN WC 63 95.50 80.54 11.07
N VAL WC 64 95.51 81.67 10.37
CA VAL WC 64 95.45 82.99 10.98
C VAL WC 64 94.46 83.83 10.18
N GLU WC 65 93.59 84.58 10.88
CA GLU WC 65 92.49 85.28 10.23
C GLU WC 65 92.32 86.68 10.82
N PHE WC 66 92.09 87.66 9.95
CA PHE WC 66 91.70 89.00 10.34
C PHE WC 66 90.32 89.29 9.76
N THR WC 67 89.44 89.89 10.57
CA THR WC 67 88.13 90.31 10.09
C THR WC 67 87.86 91.73 10.56
N GLU WC 68 87.12 92.48 9.74
CA GLU WC 68 86.76 93.86 10.03
C GLU WC 68 85.31 94.08 9.61
N THR WC 69 84.48 94.54 10.54
CA THR WC 69 83.06 94.72 10.29
C THR WC 69 82.67 96.18 10.48
N VAL WC 70 81.70 96.62 9.68
CA VAL WC 70 81.19 97.98 9.70
C VAL WC 70 79.69 97.93 9.96
N TYR WC 71 79.25 98.63 11.00
CA TYR WC 71 77.84 98.58 11.37
C TYR WC 71 76.97 99.26 10.34
N ALA WC 72 75.74 98.78 10.22
CA ALA WC 72 74.79 99.34 9.26
C ALA WC 72 74.50 100.79 9.60
N SER WC 73 74.47 101.63 8.55
CA SER WC 73 74.20 103.05 8.71
C SER WC 73 73.26 103.47 7.59
N GLY WC 74 72.07 103.95 7.96
CA GLY WC 74 71.11 104.36 6.95
C GLY WC 74 70.73 103.19 6.06
N SER WC 75 70.72 103.45 4.75
CA SER WC 75 70.32 102.43 3.79
C SER WC 75 71.30 101.27 3.75
N THR WC 76 72.60 101.55 3.83
CA THR WC 76 73.61 100.52 3.62
C THR WC 76 73.64 99.54 4.80
N PRO WC 77 73.48 98.24 4.58
CA PRO WC 77 73.57 97.28 5.68
C PRO WC 77 75.02 96.98 6.03
N GLU WC 78 75.18 96.20 7.10
CA GLU WC 78 76.52 95.86 7.58
C GLU WC 78 77.22 94.87 6.64
N PHE WC 79 78.54 94.93 6.64
CA PHE WC 79 79.38 94.08 5.80
C PHE WC 79 80.74 93.88 6.49
N VAL WC 80 81.48 92.89 5.99
CA VAL WC 80 82.71 92.44 6.62
C VAL WC 80 83.84 92.41 5.60
N ARG WC 81 85.07 92.42 6.12
CA ARG WC 81 86.28 92.21 5.33
C ARG WC 81 87.16 91.20 6.05
N GLN WC 82 87.73 90.25 5.30
CA GLN WC 82 88.50 89.15 5.84
C GLN WC 82 89.90 89.15 5.25
N ALA WC 83 90.81 88.45 5.90
CA ALA WC 83 92.10 88.12 5.29
C ALA WC 83 92.74 87.02 6.13
N TYR WC 84 93.01 85.86 5.53
CA TYR WC 84 93.53 84.75 6.30
C TYR WC 84 94.53 83.95 5.49
N VAL WC 85 95.37 83.19 6.20
CA VAL WC 85 96.41 82.35 5.63
C VAL WC 85 96.31 80.96 6.25
N VAL WC 86 96.81 79.96 5.52
CA VAL WC 86 96.83 78.57 5.99
C VAL WC 86 98.16 77.93 5.60
N ILE WC 87 98.70 77.09 6.50
CA ILE WC 87 99.97 76.41 6.30
C ILE WC 87 99.75 74.91 6.53
N ARG WC 88 100.30 74.07 5.65
CA ARG WC 88 100.21 72.62 5.79
C ARG WC 88 101.59 71.98 5.64
N HIS WC 89 101.85 70.96 6.46
CA HIS WC 89 103.12 70.25 6.49
C HIS WC 89 102.93 68.96 7.29
N LYS WC 90 103.86 68.03 7.11
CA LYS WC 90 103.71 66.75 7.78
C LYS WC 90 104.19 66.83 9.22
N VAL WC 91 103.79 65.83 10.01
CA VAL WC 91 104.30 65.71 11.38
C VAL WC 91 105.77 65.32 11.32
N GLY WC 92 106.60 66.04 12.08
CA GLY WC 92 108.01 65.75 12.17
C GLY WC 92 108.87 66.30 11.06
N ASP WC 93 108.38 67.25 10.27
CA ASP WC 93 109.17 67.85 9.21
C ASP WC 93 110.22 68.79 9.80
N VAL WC 94 110.97 69.44 8.93
CA VAL WC 94 111.94 70.46 9.33
C VAL WC 94 111.26 71.81 9.34
N SER WC 95 111.37 72.53 10.46
CA SER WC 95 110.67 73.80 10.60
C SER WC 95 111.21 74.85 9.64
N ALA WC 96 112.53 74.84 9.41
CA ALA WC 96 113.15 75.90 8.62
C ALA WC 96 112.58 75.97 7.21
N THR WC 97 112.40 74.81 6.57
CA THR WC 97 111.89 74.80 5.20
C THR WC 97 110.47 75.34 5.13
N VAL WC 98 109.61 74.90 6.06
CA VAL WC 98 108.22 75.35 6.05
C VAL WC 98 108.18 76.85 6.26
N SER WC 99 109.00 77.35 7.18
CA SER WC 99 109.09 78.80 7.33
C SER WC 99 109.49 79.43 6.00
N ASP WC 100 110.57 78.95 5.40
CA ASP WC 100 111.07 79.56 4.16
C ASP WC 100 109.94 79.71 3.15
N LEU WC 101 109.15 78.65 2.97
CA LEU WC 101 108.00 78.75 2.07
C LEU WC 101 107.03 79.84 2.54
N GLY WC 102 106.79 79.90 3.85
CA GLY WC 102 105.84 80.89 4.36
C GLY WC 102 106.25 82.32 4.08
N GLU WC 103 107.48 82.69 4.44
CA GLU WC 103 107.87 84.07 4.16
C GLU WC 103 108.15 84.31 2.68
N ALA WC 104 108.39 83.28 1.88
CA ALA WC 104 108.35 83.48 0.43
C ALA WC 104 106.96 83.97 0.00
N LEU WC 105 105.92 83.26 0.45
CA LEU WC 105 104.56 83.67 0.13
C LEU WC 105 104.30 85.09 0.61
N SER WC 106 104.74 85.42 1.82
CA SER WC 106 104.49 86.77 2.34
C SER WC 106 105.22 87.83 1.51
N PHE WC 107 106.46 87.54 1.13
CA PHE WC 107 107.25 88.50 0.36
C PHE WC 107 106.64 88.76 -1.01
N TYR WC 108 106.03 87.74 -1.62
CA TYR WC 108 105.43 87.94 -2.94
C TYR WC 108 104.32 88.97 -2.90
N LEU WC 109 103.48 88.94 -1.87
CA LEU WC 109 102.29 89.77 -1.83
C LEU WC 109 102.63 91.21 -1.42
N ASN WC 110 101.96 92.17 -2.05
CA ASN WC 110 102.17 93.59 -1.79
C ASN WC 110 101.07 94.37 -2.50
N GLU WC 111 101.21 95.70 -2.51
CA GLU WC 111 100.20 96.54 -3.15
C GLU WC 111 100.02 96.17 -4.61
N ALA WC 112 101.11 95.95 -5.34
CA ALA WC 112 100.99 95.64 -6.76
C ALA WC 112 100.15 94.38 -6.95
N LEU WC 113 100.53 93.29 -6.27
CA LEU WC 113 99.80 92.04 -6.46
C LEU WC 113 98.38 92.15 -5.94
N TYR WC 114 98.18 92.84 -4.81
CA TYR WC 114 96.83 92.95 -4.27
C TYR WC 114 95.92 93.72 -5.22
N GLY WC 115 96.41 94.81 -5.79
CA GLY WC 115 95.64 95.54 -6.77
C GLY WC 115 95.32 94.70 -7.99
N LYS WC 116 96.28 93.89 -8.44
CA LYS WC 116 95.99 92.97 -9.53
C LYS WC 116 94.88 92.00 -9.15
N LEU WC 117 94.95 91.42 -7.95
CA LEU WC 117 93.97 90.42 -7.55
C LEU WC 117 92.57 91.03 -7.45
N ILE WC 118 92.46 92.23 -6.89
CA ILE WC 118 91.16 92.88 -6.78
C ILE WC 118 90.59 93.16 -8.16
N GLY WC 119 91.45 93.34 -9.15
CA GLY WC 119 91.01 93.58 -10.51
C GLY WC 119 90.60 92.32 -11.27
N TRP WC 120 90.46 91.20 -10.55
CA TRP WC 120 90.11 89.91 -11.12
C TRP WC 120 91.18 89.38 -12.07
N GLU WC 121 92.36 89.98 -12.10
CA GLU WC 121 93.40 89.53 -12.99
C GLU WC 121 93.77 88.08 -12.70
N SER WC 122 93.93 87.29 -13.76
CA SER WC 122 94.30 85.89 -13.63
C SER WC 122 95.66 85.63 -14.28
N ALA XC 1 9.21 132.36 30.39
CA ALA XC 1 9.71 130.99 30.70
C ALA XC 1 9.20 130.51 32.06
N LEU XC 2 8.35 131.31 32.69
CA LEU XC 2 7.69 131.02 33.96
C LEU XC 2 8.63 131.16 35.16
N GLY XC 3 9.92 131.37 34.95
CA GLY XC 3 10.87 131.48 36.04
C GLY XC 3 11.43 130.13 36.46
N ASP XC 4 12.48 130.20 37.28
CA ASP XC 4 13.18 129.00 37.75
C ASP XC 4 12.91 128.67 39.21
N THR XC 5 12.20 129.52 39.94
CA THR XC 5 11.70 129.19 41.27
C THR XC 5 10.19 129.35 41.31
N LEU XC 6 9.53 128.46 42.03
CA LEU XC 6 8.08 128.44 42.16
C LEU XC 6 7.74 128.47 43.64
N THR XC 7 6.84 129.37 44.01
CA THR XC 7 6.51 129.61 45.42
C THR XC 7 5.14 129.01 45.73
N ILE XC 8 5.08 128.18 46.77
CA ILE XC 8 3.85 127.58 47.24
C ILE XC 8 3.61 128.07 48.65
N THR XC 9 2.45 128.69 48.89
CA THR XC 9 2.11 129.28 50.18
C THR XC 9 1.03 128.43 50.82
N LEU XC 10 1.42 127.51 51.70
CA LEU XC 10 0.45 126.64 52.36
C LEU XC 10 -0.56 127.48 53.14
N GLY XC 11 -1.84 127.16 52.98
CA GLY XC 11 -2.88 127.89 53.66
C GLY XC 11 -3.28 129.20 53.04
N GLY XC 12 -2.97 129.41 51.75
CA GLY XC 12 -3.42 130.62 51.08
C GLY XC 12 -2.73 131.86 51.61
N SER XC 13 -3.44 132.98 51.52
CA SER XC 13 -2.86 134.26 51.90
C SER XC 13 -2.42 134.26 53.36
N GLY XC 14 -1.23 134.80 53.62
CA GLY XC 14 -0.72 134.90 54.96
C GLY XC 14 -0.14 133.63 55.55
N GLY XC 15 0.10 132.61 54.73
CA GLY XC 15 0.55 131.32 55.21
C GLY XC 15 2.05 131.18 55.26
N THR XC 16 2.51 129.94 55.13
CA THR XC 16 3.93 129.62 55.12
C THR XC 16 4.40 129.43 53.68
N ALA XC 17 5.52 130.06 53.34
CA ALA XC 17 6.05 130.01 51.98
C ALA XC 17 7.06 128.88 51.82
N LYS XC 18 6.98 128.19 50.69
CA LYS XC 18 7.95 127.19 50.29
C LYS XC 18 8.50 127.59 48.92
N VAL XC 19 9.82 127.60 48.79
CA VAL XC 19 10.44 128.02 47.53
C VAL XC 19 11.01 126.81 46.79
N LEU XC 20 10.24 126.30 45.83
CA LEU XC 20 10.70 125.22 44.97
C LEU XC 20 11.73 125.77 43.97
N ARG XC 21 12.55 124.86 43.43
CA ARG XC 21 13.58 125.22 42.46
C ARG XC 21 13.49 124.30 41.25
N LYS XC 22 13.71 124.86 40.06
CA LYS XC 22 13.64 124.07 38.84
C LYS XC 22 14.77 123.05 38.80
N ILE XC 23 14.44 121.85 38.28
CA ILE XC 23 15.38 120.73 38.27
C ILE XC 23 15.59 120.28 36.83
N ASN XC 24 14.51 119.84 36.18
CA ASN XC 24 14.59 119.20 34.87
C ASN XC 24 13.55 119.82 33.95
N GLN XC 25 13.75 119.62 32.64
CA GLN XC 25 12.79 120.11 31.64
C GLN XC 25 12.88 119.21 30.42
N ASP XC 26 11.93 118.27 30.28
CA ASP XC 26 11.85 117.38 29.14
C ASP XC 26 10.41 117.25 28.67
N GLY XC 27 10.23 117.15 27.35
CA GLY XC 27 8.95 116.82 26.76
C GLY XC 27 7.83 117.81 27.08
N TYR XC 28 8.09 119.10 26.91
CA TYR XC 28 7.12 120.14 27.27
C TYR XC 28 6.67 119.96 28.72
N THR XC 29 7.60 119.60 29.59
CA THR XC 29 7.33 119.39 30.99
C THR XC 29 8.40 120.08 31.83
N SER XC 30 8.03 120.50 33.03
CA SER XC 30 8.94 121.12 33.97
C SER XC 30 8.76 120.48 35.34
N GLU XC 31 9.86 120.35 36.08
CA GLU XC 31 9.85 119.77 37.41
C GLU XC 31 10.46 120.75 38.41
N TYR XC 32 9.87 120.84 39.59
CA TYR XC 32 10.32 121.72 40.66
C TYR XC 32 10.38 120.89 41.94
N TYR XC 33 11.48 121.01 42.70
CA TYR XC 33 11.72 120.15 43.86
C TYR XC 33 12.25 120.96 45.04
N LEU XC 34 12.00 120.44 46.25
CA LEU XC 34 12.55 121.00 47.48
C LEU XC 34 12.65 119.94 48.56
N PRO XC 35 13.84 119.62 49.08
CA PRO XC 35 13.96 118.58 50.09
C PRO XC 35 13.71 119.06 51.51
N GLU XC 36 13.31 118.11 52.36
CA GLU XC 36 13.00 118.36 53.75
C GLU XC 36 13.32 117.11 54.57
N THR XC 37 13.48 117.32 55.88
CA THR XC 37 13.85 116.22 56.77
C THR XC 37 12.77 115.15 56.84
N SER XC 38 11.50 115.56 56.95
CA SER XC 38 10.41 114.64 57.11
C SER XC 38 9.41 114.65 55.96
N SER XC 39 9.64 115.44 54.91
CA SER XC 39 8.72 115.52 53.79
C SER XC 39 9.48 116.00 52.57
N SER XC 40 8.73 116.28 51.50
CA SER XC 40 9.31 116.82 50.27
C SER XC 40 8.19 117.45 49.46
N PHE XC 41 8.59 118.32 48.52
CA PHE XC 41 7.66 119.00 47.64
C PHE XC 41 8.07 118.83 46.19
N ARG XC 42 7.10 118.52 45.35
CA ARG XC 42 7.28 118.38 43.91
C ARG XC 42 6.15 119.10 43.20
N ALA XC 43 6.48 119.78 42.10
CA ALA XC 43 5.49 120.42 41.25
C ALA XC 43 5.85 120.18 39.80
N LYS XC 44 4.86 119.83 38.99
CA LYS XC 44 5.07 119.47 37.59
C LYS XC 44 4.10 120.25 36.72
N VAL XC 45 4.58 120.69 35.57
CA VAL XC 45 3.77 121.40 34.59
C VAL XC 45 3.88 120.65 33.26
N ARG XC 46 2.74 120.27 32.70
CA ARG XC 46 2.72 119.53 31.43
C ARG XC 46 1.75 120.16 30.45
N HIS XC 47 2.06 120.00 29.16
CA HIS XC 47 1.22 120.42 28.06
C HIS XC 47 1.12 119.26 27.07
N THR XC 48 -0.03 119.11 26.42
CA THR XC 48 -0.20 118.06 25.42
C THR XC 48 -1.22 118.49 24.37
N LYS XC 49 -1.08 117.90 23.19
CA LYS XC 49 -2.01 118.10 22.07
C LYS XC 49 -2.64 116.76 21.75
N GLU XC 50 -3.97 116.71 21.69
CA GLU XC 50 -4.66 115.45 21.49
C GLU XC 50 -4.49 114.94 20.06
N SER XC 51 -4.79 113.66 19.87
CA SER XC 51 -4.58 112.99 18.60
C SER XC 51 -5.46 113.57 17.50
N VAL XC 52 -4.93 113.56 16.28
CA VAL XC 52 -5.65 114.09 15.13
C VAL XC 52 -6.57 113.03 14.58
N LYS XC 53 -7.78 113.45 14.26
CA LYS XC 53 -8.79 112.61 13.63
C LYS XC 53 -9.30 113.35 12.40
N PRO XC 54 -9.72 112.61 11.37
CA PRO XC 54 -9.83 113.23 10.05
C PRO XC 54 -10.75 114.45 9.94
N ASN XC 55 -12.01 114.44 10.40
CA ASN XC 55 -12.81 115.68 10.48
C ASN XC 55 -13.40 115.82 11.88
N GLN XC 56 -12.63 116.47 12.75
CA GLN XC 56 -13.07 116.85 14.09
C GLN XC 56 -12.25 118.03 14.57
N VAL XC 57 -12.67 118.60 15.69
CA VAL XC 57 -11.96 119.72 16.30
C VAL XC 57 -10.70 119.23 17.00
N GLN XC 58 -9.58 119.89 16.72
CA GLN XC 58 -8.34 119.62 17.44
C GLN XC 58 -8.36 120.35 18.78
N TYR XC 59 -7.92 119.65 19.83
CA TYR XC 59 -8.00 120.19 21.18
C TYR XC 59 -6.61 120.26 21.80
N GLU XC 60 -6.50 121.10 22.84
CA GLU XC 60 -5.26 121.38 23.55
C GLU XC 60 -5.50 121.24 25.04
N ARG XC 61 -4.53 120.65 25.76
CA ARG XC 61 -4.71 120.32 27.16
C ARG XC 61 -3.54 120.86 27.97
N HIS XC 62 -3.83 121.46 29.13
CA HIS XC 62 -2.83 121.93 30.08
C HIS XC 62 -3.09 121.32 31.45
N ASN XC 63 -2.01 120.96 32.14
CA ASN XC 63 -2.08 120.30 33.44
C ASN XC 63 -1.08 120.91 34.40
N VAL XC 64 -1.47 121.03 35.66
CA VAL XC 64 -0.59 121.53 36.72
C VAL XC 64 -0.91 120.78 38.00
N GLU XC 65 0.14 120.27 38.67
CA GLU XC 65 -0.04 119.42 39.85
C GLU XC 65 0.91 119.83 40.96
N PHE XC 66 0.44 119.67 42.21
CA PHE XC 66 1.24 119.84 43.41
C PHE XC 66 1.27 118.51 44.15
N THR XC 67 2.46 118.06 44.56
CA THR XC 67 2.60 116.79 45.26
C THR XC 67 3.40 117.01 46.54
N GLU XC 68 2.91 116.45 47.64
CA GLU XC 68 3.58 116.50 48.93
C GLU XC 68 3.75 115.07 49.44
N THR XC 69 4.99 114.69 49.73
CA THR XC 69 5.32 113.32 50.12
C THR XC 69 5.86 113.31 51.53
N VAL XC 70 5.39 112.36 52.34
CA VAL XC 70 5.81 112.22 53.73
C VAL XC 70 6.47 110.86 53.88
N TYR XC 71 7.73 110.85 54.32
CA TYR XC 71 8.46 109.61 54.45
C TYR XC 71 7.92 108.78 55.60
N ALA XC 72 8.12 107.47 55.49
CA ALA XC 72 7.62 106.53 56.50
C ALA XC 72 8.31 106.78 57.82
N SER XC 73 7.51 106.82 58.90
CA SER XC 73 8.02 107.00 60.25
C SER XC 73 7.35 105.99 61.16
N GLY XC 74 8.16 105.25 61.90
CA GLY XC 74 7.61 104.21 62.77
C GLY XC 74 6.85 103.18 61.97
N SER XC 75 5.65 102.84 62.44
CA SER XC 75 4.83 101.84 61.76
C SER XC 75 4.00 102.43 60.62
N THR XC 76 3.94 103.75 60.51
CA THR XC 76 3.16 104.37 59.44
C THR XC 76 3.90 104.26 58.12
N PRO XC 77 3.31 103.68 57.08
CA PRO XC 77 4.02 103.54 55.80
C PRO XC 77 4.06 104.83 55.01
N GLU XC 78 4.56 104.74 53.77
CA GLU XC 78 4.67 105.90 52.90
C GLU XC 78 3.27 106.38 52.52
N PHE XC 79 3.12 107.69 52.36
CA PHE XC 79 1.88 108.26 51.85
C PHE XC 79 2.15 109.64 51.28
N VAL XC 80 1.23 110.11 50.44
CA VAL XC 80 1.42 111.32 49.65
C VAL XC 80 0.11 112.08 49.53
N ARG XC 81 0.22 113.35 49.13
CA ARG XC 81 -0.93 114.22 48.87
C ARG XC 81 -0.72 114.99 47.57
N GLN XC 82 -1.79 115.13 46.80
CA GLN XC 82 -1.74 115.86 45.54
C GLN XC 82 -2.95 116.79 45.42
N ALA XC 83 -2.84 117.74 44.50
CA ALA XC 83 -3.98 118.52 44.02
C ALA XC 83 -3.55 119.15 42.69
N TYR XC 84 -4.26 118.82 41.61
CA TYR XC 84 -3.79 119.20 40.28
C TYR XC 84 -4.95 119.64 39.41
N VAL XC 85 -4.62 120.34 38.32
CA VAL XC 85 -5.60 121.01 37.48
C VAL XC 85 -5.36 120.66 36.02
N VAL XC 86 -6.43 120.75 35.23
CA VAL XC 86 -6.39 120.52 33.79
C VAL XC 86 -7.22 121.61 33.10
N ILE XC 87 -6.78 122.01 31.90
CA ILE XC 87 -7.51 122.98 31.07
C ILE XC 87 -7.49 122.48 29.62
N ARG XC 88 -8.64 122.54 28.95
CA ARG XC 88 -8.72 122.20 27.54
C ARG XC 88 -9.47 123.29 26.76
N HIS XC 89 -8.99 123.56 25.55
CA HIS XC 89 -9.64 124.47 24.61
C HIS XC 89 -9.14 124.12 23.22
N LYS XC 90 -9.48 124.93 22.22
CA LYS XC 90 -9.16 124.59 20.83
C LYS XC 90 -7.69 124.92 20.55
N VAL XC 91 -7.29 124.76 19.28
CA VAL XC 91 -5.94 125.13 18.87
C VAL XC 91 -5.86 126.60 18.47
N GLY XC 92 -7.00 127.26 18.27
CA GLY XC 92 -6.98 128.67 17.93
C GLY XC 92 -8.05 129.48 18.63
N ASP XC 93 -8.42 129.10 19.85
CA ASP XC 93 -9.47 129.80 20.57
C ASP XC 93 -8.99 131.19 20.98
N VAL XC 94 -9.82 131.88 21.77
CA VAL XC 94 -9.50 133.21 22.29
C VAL XC 94 -8.99 133.04 23.71
N SER XC 95 -7.79 133.56 23.96
CA SER XC 95 -7.12 133.31 25.23
C SER XC 95 -7.87 133.94 26.40
N ALA XC 96 -8.38 135.15 26.21
CA ALA XC 96 -8.97 135.90 27.32
C ALA XC 96 -10.18 135.17 27.92
N THR XC 97 -11.06 134.62 27.08
CA THR XC 97 -12.23 133.94 27.60
C THR XC 97 -11.86 132.68 28.36
N VAL XC 98 -10.88 131.92 27.86
CA VAL XC 98 -10.41 130.75 28.59
C VAL XC 98 -9.85 131.16 29.93
N SER XC 99 -9.09 132.26 29.96
CA SER XC 99 -8.57 132.77 31.22
C SER XC 99 -9.70 133.15 32.17
N ASP XC 100 -10.76 133.77 31.63
CA ASP XC 100 -11.90 134.15 32.46
C ASP XC 100 -12.54 132.92 33.10
N LEU XC 101 -12.75 131.87 32.32
CA LEU XC 101 -13.30 130.63 32.87
C LEU XC 101 -12.41 130.08 33.97
N GLY XC 102 -11.11 130.00 33.70
CA GLY XC 102 -10.20 129.43 34.68
C GLY XC 102 -10.18 130.23 35.97
N GLU XC 103 -10.14 131.56 35.87
CA GLU XC 103 -10.08 132.37 37.08
C GLU XC 103 -11.40 132.34 37.83
N ALA XC 104 -12.53 132.19 37.12
CA ALA XC 104 -13.80 131.97 37.81
C ALA XC 104 -13.77 130.68 38.61
N LEU XC 105 -13.25 129.60 38.01
CA LEU XC 105 -13.13 128.34 38.75
C LEU XC 105 -12.27 128.53 39.99
N SER XC 106 -11.13 129.20 39.82
CA SER XC 106 -10.24 129.41 40.96
C SER XC 106 -10.93 130.24 42.05
N PHE XC 107 -11.68 131.27 41.65
CA PHE XC 107 -12.36 132.12 42.60
C PHE XC 107 -13.45 131.38 43.35
N TYR XC 108 -14.10 130.41 42.71
CA TYR XC 108 -15.10 129.61 43.40
C TYR XC 108 -14.50 128.87 44.58
N LEU XC 109 -13.35 128.23 44.39
CA LEU XC 109 -12.79 127.36 45.41
C LEU XC 109 -12.25 128.19 46.57
N ASN XC 110 -12.55 127.78 47.79
CA ASN XC 110 -12.00 128.44 48.97
C ASN XC 110 -12.09 127.49 50.16
N GLU XC 111 -11.89 128.03 51.36
CA GLU XC 111 -11.86 127.19 52.56
C GLU XC 111 -13.19 126.48 52.79
N ALA XC 112 -14.30 127.22 52.72
CA ALA XC 112 -15.60 126.62 53.04
C ALA XC 112 -15.92 125.49 52.08
N LEU XC 113 -15.72 125.71 50.78
CA LEU XC 113 -15.99 124.68 49.80
C LEU XC 113 -15.11 123.45 50.03
N TYR XC 114 -13.83 123.66 50.34
CA TYR XC 114 -12.97 122.53 50.64
C TYR XC 114 -13.47 121.77 51.86
N GLY XC 115 -13.94 122.49 52.88
CA GLY XC 115 -14.52 121.83 54.03
C GLY XC 115 -15.71 120.97 53.67
N LYS XC 116 -16.58 121.47 52.79
CA LYS XC 116 -17.73 120.67 52.38
C LYS XC 116 -17.28 119.43 51.62
N LEU XC 117 -16.38 119.58 50.65
CA LEU XC 117 -15.92 118.41 49.90
C LEU XC 117 -15.26 117.38 50.81
N ILE XC 118 -14.54 117.81 51.84
CA ILE XC 118 -14.04 116.84 52.82
C ILE XC 118 -15.20 116.16 53.53
N GLY XC 119 -16.35 116.84 53.62
CA GLY XC 119 -17.55 116.30 54.23
C GLY XC 119 -18.42 115.43 53.35
N TRP XC 120 -17.96 115.06 52.15
CA TRP XC 120 -18.74 114.25 51.20
C TRP XC 120 -20.06 114.91 50.80
N GLU XC 121 -20.21 116.22 51.04
CA GLU XC 121 -21.37 116.94 50.52
C GLU XC 121 -21.35 116.93 49.00
N SER XC 122 -22.54 116.82 48.41
CA SER XC 122 -22.67 116.79 46.96
C SER XC 122 -23.77 117.72 46.50
N ALA YC 1 23.14 127.75 23.50
CA ALA YC 1 22.54 128.79 24.38
C ALA YC 1 22.26 130.08 23.62
N LEU YC 2 21.50 129.97 22.53
CA LEU YC 2 21.17 131.15 21.75
C LEU YC 2 20.37 132.17 22.57
N GLY YC 3 19.62 131.68 23.55
CA GLY YC 3 18.81 132.56 24.38
C GLY YC 3 17.38 132.07 24.51
N ASP YC 4 16.67 132.56 25.52
CA ASP YC 4 15.30 132.12 25.76
C ASP YC 4 14.31 132.72 24.78
N THR YC 5 14.63 133.86 24.17
CA THR YC 5 13.75 134.53 23.22
C THR YC 5 14.44 134.68 21.88
N LEU YC 6 13.70 134.36 20.81
CA LEU YC 6 14.18 134.46 19.44
C LEU YC 6 13.30 135.45 18.70
N THR YC 7 13.92 136.42 18.03
CA THR YC 7 13.21 137.53 17.39
C THR YC 7 13.34 137.43 15.88
N ILE YC 8 12.21 137.55 15.19
CA ILE YC 8 12.16 137.54 13.74
C ILE YC 8 11.39 138.76 13.28
N THR YC 9 11.95 139.49 12.32
CA THR YC 9 11.38 140.73 11.82
C THR YC 9 10.82 140.46 10.42
N LEU YC 10 9.50 140.43 10.29
CA LEU YC 10 8.89 140.19 9.00
C LEU YC 10 9.14 141.38 8.08
N GLY YC 11 9.44 141.10 6.82
CA GLY YC 11 9.84 142.14 5.90
C GLY YC 11 11.30 142.51 5.98
N GLY YC 12 12.12 141.66 6.58
CA GLY YC 12 13.55 141.92 6.64
C GLY YC 12 13.89 143.02 7.62
N SER YC 13 14.74 143.95 7.18
CA SER YC 13 15.08 145.11 7.99
C SER YC 13 13.93 146.10 8.12
N GLY YC 14 12.83 145.88 7.40
CA GLY YC 14 11.69 146.76 7.45
C GLY YC 14 11.14 146.95 8.86
N GLY YC 15 10.58 145.89 9.43
CA GLY YC 15 9.98 146.01 10.76
C GLY YC 15 9.21 144.76 11.13
N THR YC 16 8.14 144.97 11.90
CA THR YC 16 7.22 143.88 12.28
C THR YC 16 7.96 142.77 13.03
N ALA YC 17 8.45 143.13 14.21
CA ALA YC 17 9.22 142.19 15.03
C ALA YC 17 8.29 141.30 15.85
N LYS YC 18 8.48 139.99 15.75
CA LYS YC 18 7.80 139.01 16.58
C LYS YC 18 8.81 138.37 17.52
N VAL YC 19 8.44 138.19 18.78
CA VAL YC 19 9.35 137.66 19.80
C VAL YC 19 8.83 136.31 20.26
N LEU YC 20 9.61 135.26 20.01
CA LEU YC 20 9.26 133.91 20.40
C LEU YC 20 9.80 133.60 21.79
N ARG YC 21 9.28 132.52 22.38
CA ARG YC 21 9.69 132.08 23.71
C ARG YC 21 10.05 130.60 23.68
N LYS YC 22 11.06 130.23 24.46
CA LYS YC 22 11.49 128.84 24.50
C LYS YC 22 10.46 128.00 25.22
N ILE YC 23 10.11 126.85 24.63
CA ILE YC 23 9.06 125.99 25.16
C ILE YC 23 9.66 124.64 25.51
N ASN YC 24 10.75 124.27 24.84
CA ASN YC 24 11.28 122.91 24.94
C ASN YC 24 12.78 122.92 24.66
N GLN YC 25 13.45 121.88 25.14
CA GLN YC 25 14.85 121.65 24.75
C GLN YC 25 15.18 120.18 25.04
N ASP YC 26 15.27 119.37 23.99
CA ASP YC 26 15.68 117.97 24.11
C ASP YC 26 16.68 117.64 23.01
N GLY YC 27 17.63 116.76 23.35
CA GLY YC 27 18.47 116.13 22.34
C GLY YC 27 19.22 117.10 21.45
N TYR YC 28 19.88 118.09 22.05
CA TYR YC 28 20.61 119.10 21.29
C TYR YC 28 19.68 119.88 20.36
N THR YC 29 18.44 120.07 20.78
CA THR YC 29 17.42 120.75 19.97
C THR YC 29 16.68 121.76 20.84
N SER YC 30 16.10 122.75 20.19
CA SER YC 30 15.34 123.79 20.87
C SER YC 30 14.15 124.20 20.01
N GLU YC 31 13.15 124.81 20.65
CA GLU YC 31 11.91 125.16 19.97
C GLU YC 31 11.28 126.36 20.66
N TYR YC 32 10.78 127.30 19.86
CA TYR YC 32 10.18 128.54 20.35
C TYR YC 32 8.78 128.68 19.77
N TYR YC 33 7.91 129.42 20.46
CA TYR YC 33 6.52 129.50 20.03
C TYR YC 33 5.85 130.75 20.60
N LEU YC 34 4.84 131.26 19.87
CA LEU YC 34 4.09 132.47 20.21
C LEU YC 34 2.71 132.45 19.53
N PRO YC 35 1.61 132.50 20.27
CA PRO YC 35 0.30 132.55 19.64
C PRO YC 35 -0.25 133.97 19.51
N GLU YC 36 -1.22 134.12 18.60
CA GLU YC 36 -1.88 135.40 18.34
C GLU YC 36 -3.35 135.10 18.05
N THR YC 37 -4.07 136.11 17.54
CA THR YC 37 -5.50 135.91 17.27
C THR YC 37 -5.74 135.00 16.07
N SER YC 38 -5.06 135.27 14.94
CA SER YC 38 -5.32 134.54 13.71
C SER YC 38 -4.16 133.70 13.21
N SER YC 39 -3.01 133.74 13.85
CA SER YC 39 -1.89 132.90 13.45
C SER YC 39 -0.95 132.74 14.64
N SER YC 40 -0.04 131.79 14.53
CA SER YC 40 0.94 131.51 15.56
C SER YC 40 2.30 131.30 14.91
N PHE YC 41 3.36 131.62 15.65
CA PHE YC 41 4.72 131.52 15.17
C PHE YC 41 5.46 130.43 15.91
N ARG YC 42 6.36 129.74 15.19
CA ARG YC 42 7.12 128.61 15.73
C ARG YC 42 8.51 128.62 15.13
N ALA YC 43 9.50 128.19 15.91
CA ALA YC 43 10.88 128.08 15.44
C ALA YC 43 11.53 126.86 16.06
N LYS YC 44 12.39 126.21 15.28
CA LYS YC 44 13.08 124.99 15.70
C LYS YC 44 14.55 125.10 15.32
N VAL YC 45 15.41 124.48 16.13
CA VAL YC 45 16.84 124.36 15.83
C VAL YC 45 17.25 122.93 16.15
N ARG YC 46 17.99 122.29 15.24
CA ARG YC 46 18.35 120.89 15.40
C ARG YC 46 19.80 120.67 14.98
N HIS YC 47 20.42 119.65 15.58
CA HIS YC 47 21.78 119.23 15.28
C HIS YC 47 21.84 117.72 15.18
N THR YC 48 22.59 117.20 14.20
CA THR YC 48 22.67 115.78 13.96
C THR YC 48 24.03 115.40 13.38
N LYS YC 49 24.35 114.11 13.50
CA LYS YC 49 25.53 113.52 12.87
C LYS YC 49 25.11 112.28 12.11
N GLU YC 50 25.49 112.19 10.83
CA GLU YC 50 25.04 111.09 10.00
C GLU YC 50 25.73 109.79 10.39
N SER YC 51 25.16 108.68 9.91
CA SER YC 51 25.63 107.36 10.29
C SER YC 51 27.07 107.13 9.86
N VAL YC 52 27.81 106.42 10.70
CA VAL YC 52 29.20 106.08 10.40
C VAL YC 52 29.22 104.81 9.56
N LYS YC 53 29.99 104.83 8.48
CA LYS YC 53 30.20 103.67 7.64
C LYS YC 53 31.70 103.51 7.37
N PRO YC 54 32.17 102.28 7.10
CA PRO YC 54 33.60 102.11 6.85
C PRO YC 54 34.07 102.88 5.64
N ASN YC 55 35.30 103.39 5.74
CA ASN YC 55 35.98 104.12 4.67
C ASN YC 55 35.04 105.04 3.89
N GLN YC 56 34.25 105.82 4.64
CA GLN YC 56 33.58 107.02 4.12
C GLN YC 56 33.66 108.12 5.17
N VAL YC 57 33.71 109.36 4.69
CA VAL YC 57 33.93 110.51 5.57
C VAL YC 57 32.73 110.75 6.48
N GLN YC 58 33.00 111.27 7.67
CA GLN YC 58 31.95 111.61 8.63
C GLN YC 58 31.49 113.04 8.39
N TYR YC 59 30.18 113.20 8.20
CA TYR YC 59 29.59 114.49 7.87
C TYR YC 59 28.71 114.97 9.02
N GLU YC 60 28.49 116.29 9.06
CA GLU YC 60 27.73 116.92 10.13
C GLU YC 60 26.67 117.82 9.52
N ARG YC 61 25.51 117.91 10.17
CA ARG YC 61 24.36 118.63 9.64
C ARG YC 61 23.77 119.58 10.70
N HIS YC 62 23.45 120.79 10.26
CA HIS YC 62 22.74 121.78 11.08
C HIS YC 62 21.50 122.24 10.34
N ASN YC 63 20.47 122.63 11.09
CA ASN YC 63 19.17 122.95 10.52
C ASN YC 63 18.48 124.04 11.32
N VAL YC 64 17.80 124.94 10.63
CA VAL YC 64 16.98 126.00 11.22
C VAL YC 64 15.73 126.18 10.36
N GLU YC 65 14.59 126.41 11.01
CA GLU YC 65 13.33 126.54 10.28
C GLU YC 65 12.39 127.49 10.99
N PHE YC 66 11.57 128.20 10.21
CA PHE YC 66 10.46 129.00 10.69
C PHE YC 66 9.17 128.42 10.14
N THR YC 67 8.11 128.45 10.94
CA THR YC 67 6.83 127.88 10.54
C THR YC 67 5.71 128.84 10.92
N GLU YC 68 4.75 129.02 10.01
CA GLU YC 68 3.62 129.92 10.22
C GLU YC 68 2.34 129.17 9.86
N THR YC 69 1.36 129.23 10.76
CA THR YC 69 0.08 128.55 10.58
C THR YC 69 -1.06 129.57 10.71
N VAL YC 70 -1.99 129.53 9.77
CA VAL YC 70 -3.13 130.44 9.73
C VAL YC 70 -4.38 129.63 10.04
N TYR YC 71 -5.11 130.05 11.08
CA TYR YC 71 -6.28 129.29 11.50
C TYR YC 71 -7.40 129.35 10.47
N ALA YC 72 -8.15 128.26 10.39
CA ALA YC 72 -9.22 128.16 9.40
C ALA YC 72 -10.31 129.18 9.67
N SER YC 73 -10.77 129.83 8.61
CA SER YC 73 -11.81 130.85 8.70
C SER YC 73 -12.80 130.63 7.57
N GLY YC 74 -14.09 130.69 7.90
CA GLY YC 74 -15.11 130.48 6.89
C GLY YC 74 -14.96 129.13 6.22
N SER YC 75 -14.99 129.11 4.90
CA SER YC 75 -14.79 127.89 4.14
C SER YC 75 -13.32 127.54 3.92
N THR YC 76 -12.41 128.45 4.24
CA THR YC 76 -10.99 128.19 4.04
C THR YC 76 -10.46 127.31 5.16
N PRO YC 77 -9.87 126.14 4.85
CA PRO YC 77 -9.32 125.29 5.92
C PRO YC 77 -7.95 125.76 6.38
N GLU YC 78 -7.28 124.95 7.19
CA GLU YC 78 -5.95 125.27 7.68
C GLU YC 78 -4.95 125.29 6.53
N PHE YC 79 -3.90 126.11 6.68
CA PHE YC 79 -2.74 126.03 5.81
C PHE YC 79 -1.54 126.63 6.53
N VAL YC 80 -0.35 126.21 6.11
CA VAL YC 80 0.88 126.45 6.86
C VAL YC 80 1.96 126.98 5.94
N ARG YC 81 2.80 127.86 6.48
CA ARG YC 81 3.86 128.51 5.73
C ARG YC 81 5.19 128.27 6.43
N GLN YC 82 6.14 127.70 5.69
CA GLN YC 82 7.38 127.18 6.25
C GLN YC 82 8.56 127.69 5.44
N ALA YC 83 9.73 127.74 6.08
CA ALA YC 83 10.97 128.11 5.39
C ALA YC 83 12.13 127.66 6.25
N TYR YC 84 13.02 126.82 5.72
CA TYR YC 84 14.11 126.25 6.49
C TYR YC 84 15.38 126.17 5.64
N VAL YC 85 16.52 126.15 6.32
CA VAL YC 85 17.83 126.03 5.70
C VAL YC 85 18.65 125.02 6.50
N VAL YC 86 19.64 124.40 5.85
CA VAL YC 86 20.53 123.46 6.54
C VAL YC 86 21.96 123.71 6.12
N ILE YC 87 22.91 123.28 6.95
CA ILE YC 87 24.34 123.38 6.68
C ILE YC 87 24.96 122.00 6.89
N ARG YC 88 25.75 121.56 5.92
CA ARG YC 88 26.38 120.25 5.96
C ARG YC 88 27.87 120.40 5.69
N HIS YC 89 28.71 119.88 6.58
CA HIS YC 89 30.15 119.96 6.41
C HIS YC 89 30.81 118.80 7.16
N LYS YC 90 32.02 118.46 6.73
CA LYS YC 90 32.72 117.33 7.32
C LYS YC 90 33.22 117.67 8.72
N VAL YC 91 33.49 116.63 9.49
CA VAL YC 91 33.89 116.77 10.88
C VAL YC 91 35.33 117.25 10.96
N GLY YC 92 35.58 118.28 11.74
CA GLY YC 92 36.92 118.80 11.92
C GLY YC 92 37.38 119.80 10.87
N ASP YC 93 36.52 120.19 9.94
CA ASP YC 93 36.91 121.12 8.90
C ASP YC 93 36.96 122.55 9.47
N VAL YC 94 37.63 123.44 8.73
CA VAL YC 94 37.81 124.81 9.19
C VAL YC 94 36.48 125.51 9.26
N SER YC 95 36.19 126.17 10.39
CA SER YC 95 34.88 126.74 10.63
C SER YC 95 34.61 127.93 9.72
N ALA YC 96 35.59 128.84 9.60
CA ALA YC 96 35.37 130.06 8.84
C ALA YC 96 35.11 129.75 7.36
N THR YC 97 35.85 128.79 6.81
CA THR YC 97 35.62 128.40 5.42
C THR YC 97 34.20 127.89 5.22
N VAL YC 98 33.72 127.07 6.14
CA VAL YC 98 32.36 126.56 6.03
C VAL YC 98 31.35 127.70 6.17
N SER YC 99 31.64 128.67 7.04
CA SER YC 99 30.70 129.76 7.26
C SER YC 99 30.57 130.65 6.03
N ASP YC 100 31.70 130.92 5.35
CA ASP YC 100 31.68 131.80 4.19
C ASP YC 100 30.66 131.33 3.17
N LEU YC 101 30.70 130.05 2.83
CA LEU YC 101 29.55 129.41 2.19
C LEU YC 101 28.43 129.32 3.21
N GLY YC 102 27.20 129.56 2.75
CA GLY YC 102 26.12 129.78 3.67
C GLY YC 102 25.92 131.26 3.92
N GLU YC 103 26.98 131.96 4.31
CA GLU YC 103 26.88 133.42 4.35
C GLU YC 103 26.67 133.98 2.95
N ALA YC 104 27.34 133.40 1.97
CA ALA YC 104 27.09 133.78 0.58
C ALA YC 104 25.65 133.51 0.17
N LEU YC 105 25.12 132.36 0.57
CA LEU YC 105 23.72 132.04 0.28
C LEU YC 105 22.80 133.08 0.90
N SER YC 106 23.07 133.47 2.15
CA SER YC 106 22.25 134.49 2.80
C SER YC 106 22.31 135.81 2.04
N PHE YC 107 23.51 136.20 1.57
CA PHE YC 107 23.62 137.41 0.77
C PHE YC 107 22.84 137.32 -0.52
N TYR YC 108 22.90 136.17 -1.20
CA TYR YC 108 22.27 136.05 -2.51
C TYR YC 108 20.76 136.26 -2.43
N LEU YC 109 20.13 135.71 -1.39
CA LEU YC 109 18.68 135.71 -1.28
C LEU YC 109 18.19 137.09 -0.87
N ASN YC 110 17.24 137.63 -1.64
CA ASN YC 110 16.64 138.92 -1.34
C ASN YC 110 15.22 138.93 -1.89
N GLU YC 111 14.57 140.09 -1.83
CA GLU YC 111 13.17 140.18 -2.23
C GLU YC 111 12.98 139.82 -3.70
N ALA YC 112 13.81 140.38 -4.57
CA ALA YC 112 13.61 140.17 -6.00
C ALA YC 112 13.78 138.70 -6.39
N LEU YC 113 14.83 138.06 -5.87
CA LEU YC 113 15.04 136.66 -6.19
C LEU YC 113 13.90 135.80 -5.66
N TYR YC 114 13.40 136.13 -4.46
CA TYR YC 114 12.24 135.42 -3.93
C TYR YC 114 11.03 135.58 -4.85
N GLY YC 115 10.80 136.80 -5.34
CA GLY YC 115 9.70 137.02 -6.26
C GLY YC 115 9.83 136.19 -7.52
N LYS YC 116 11.03 136.14 -8.10
CA LYS YC 116 11.23 135.29 -9.27
C LYS YC 116 11.03 133.81 -8.94
N LEU YC 117 11.50 133.36 -7.78
CA LEU YC 117 11.32 131.96 -7.42
C LEU YC 117 9.83 131.61 -7.34
N ILE YC 118 9.03 132.49 -6.75
CA ILE YC 118 7.59 132.24 -6.69
C ILE YC 118 7.03 132.13 -8.10
N GLY YC 119 7.63 132.82 -9.07
CA GLY YC 119 7.16 132.77 -10.44
C GLY YC 119 7.56 131.54 -11.23
N TRP YC 120 8.18 130.56 -10.56
CA TRP YC 120 8.67 129.32 -11.15
C TRP YC 120 9.82 129.54 -12.13
N GLU YC 121 10.43 130.72 -12.11
CA GLU YC 121 11.65 130.93 -12.89
C GLU YC 121 12.72 129.94 -12.49
N SER YC 122 13.38 129.35 -13.49
CA SER YC 122 14.40 128.35 -13.24
C SER YC 122 15.78 128.89 -13.58
N ALA ZC 1 19.95 124.51 35.96
CA ALA ZC 1 19.60 125.68 36.81
C ALA ZC 1 20.84 126.51 37.12
N LEU ZC 2 22.00 125.98 36.76
CA LEU ZC 2 23.25 126.70 37.03
C LEU ZC 2 23.30 128.01 36.27
N GLY ZC 3 22.89 128.00 35.01
CA GLY ZC 3 22.97 129.18 34.17
C GLY ZC 3 23.37 128.82 32.75
N ASP ZC 4 23.31 129.79 31.84
CA ASP ZC 4 23.66 129.50 30.46
C ASP ZC 4 25.16 129.36 30.25
N THR ZC 5 25.97 130.04 31.04
CA THR ZC 5 27.42 130.01 30.90
C THR ZC 5 28.10 129.68 32.22
N LEU ZC 6 29.25 129.01 32.12
CA LEU ZC 6 30.03 128.54 33.25
C LEU ZC 6 31.49 128.92 33.05
N THR ZC 7 32.15 129.31 34.13
CA THR ZC 7 33.54 129.74 34.08
C THR ZC 7 34.42 128.74 34.80
N ILE ZC 8 35.50 128.31 34.15
CA ILE ZC 8 36.57 127.56 34.77
C ILE ZC 8 37.85 128.36 34.61
N THR ZC 9 38.57 128.54 35.70
CA THR ZC 9 39.81 129.32 35.71
C THR ZC 9 40.97 128.34 35.80
N LEU ZC 10 41.51 127.98 34.64
CA LEU ZC 10 42.68 127.10 34.62
C LEU ZC 10 43.81 127.75 35.43
N GLY ZC 11 44.46 126.95 36.26
CA GLY ZC 11 45.51 127.46 37.11
C GLY ZC 11 45.03 128.13 38.39
N GLY ZC 12 43.79 127.91 38.78
CA GLY ZC 12 43.28 128.49 40.01
C GLY ZC 12 43.01 129.97 39.88
N SER ZC 13 42.73 130.58 41.03
CA SER ZC 13 42.41 132.00 41.05
C SER ZC 13 43.57 132.81 40.49
N GLY ZC 14 43.25 133.80 39.67
CA GLY ZC 14 44.25 134.59 38.98
C GLY ZC 14 44.77 133.99 37.68
N GLY ZC 15 44.20 132.88 37.22
CA GLY ZC 15 44.64 132.21 36.02
C GLY ZC 15 43.91 132.67 34.77
N THR ZC 16 43.84 131.77 33.78
CA THR ZC 16 43.14 132.03 32.53
C THR ZC 16 41.71 131.51 32.62
N ALA ZC 17 40.75 132.35 32.22
CA ALA ZC 17 39.34 131.99 32.30
C ALA ZC 17 38.82 131.50 30.95
N LYS ZC 18 37.91 130.53 30.99
CA LYS ZC 18 37.24 129.99 29.81
C LYS ZC 18 35.75 129.93 30.08
N VAL ZC 19 34.94 130.24 29.07
CA VAL ZC 19 33.49 130.31 29.21
C VAL ZC 19 32.88 129.14 28.45
N LEU ZC 20 32.10 128.32 29.14
CA LEU ZC 20 31.44 127.18 28.53
C LEU ZC 20 29.94 127.41 28.47
N ARG ZC 21 29.35 127.00 27.36
CA ARG ZC 21 27.97 127.29 27.02
C ARG ZC 21 27.11 126.06 27.20
N LYS ZC 22 25.82 126.28 27.48
CA LYS ZC 22 24.90 125.17 27.59
C LYS ZC 22 24.67 124.52 26.23
N ILE ZC 23 24.64 123.19 26.21
CA ILE ZC 23 24.36 122.45 24.98
C ILE ZC 23 23.13 121.58 25.18
N ASN ZC 24 22.88 121.13 26.41
CA ASN ZC 24 21.82 120.15 26.61
C ASN ZC 24 21.60 119.91 28.09
N GLN ZC 25 20.41 119.42 28.41
CA GLN ZC 25 20.12 118.91 29.75
C GLN ZC 25 18.86 118.05 29.62
N ASP ZC 26 19.02 116.73 29.65
CA ASP ZC 26 17.90 115.82 29.48
C ASP ZC 26 17.63 114.97 30.71
N GLY ZC 27 18.58 114.16 31.15
CA GLY ZC 27 18.31 113.18 32.18
C GLY ZC 27 18.71 113.61 33.57
N TYR ZC 28 18.19 114.75 34.04
CA TYR ZC 28 18.61 115.34 35.31
C TYR ZC 28 20.08 115.74 35.26
N THR ZC 29 20.61 115.88 34.04
CA THR ZC 29 22.02 116.15 33.79
C THR ZC 29 22.17 117.49 33.09
N SER ZC 30 23.42 117.84 32.81
CA SER ZC 30 23.74 119.03 32.03
C SER ZC 30 25.18 118.92 31.57
N GLU ZC 31 25.46 119.29 30.31
CA GLU ZC 31 26.84 119.34 29.85
C GLU ZC 31 27.06 120.62 29.06
N TYR ZC 32 28.28 121.14 29.13
CA TYR ZC 32 28.66 122.40 28.51
C TYR ZC 32 29.80 122.12 27.55
N TYR ZC 33 30.03 123.01 26.59
CA TYR ZC 33 31.00 122.72 25.55
C TYR ZC 33 31.65 123.99 25.03
N LEU ZC 34 32.88 123.86 24.52
CA LEU ZC 34 33.62 124.94 23.88
C LEU ZC 34 34.64 124.38 22.91
N PRO ZC 35 34.63 124.79 21.64
CA PRO ZC 35 35.71 124.42 20.72
C PRO ZC 35 36.79 125.49 20.63
N GLU ZC 36 37.96 125.08 20.14
CA GLU ZC 36 39.10 125.96 19.94
C GLU ZC 36 40.00 125.33 18.87
N THR ZC 37 40.98 126.10 18.41
CA THR ZC 37 41.83 125.64 17.32
C THR ZC 37 42.56 124.35 17.67
N SER ZC 38 43.08 124.27 18.90
CA SER ZC 38 43.91 123.14 19.30
C SER ZC 38 43.35 122.31 20.45
N SER ZC 39 42.27 122.74 21.09
CA SER ZC 39 41.73 122.02 22.23
C SER ZC 39 40.25 122.31 22.38
N SER ZC 40 39.58 121.47 23.17
CA SER ZC 40 38.15 121.57 23.39
C SER ZC 40 37.87 121.39 24.88
N PHE ZC 41 36.91 122.17 25.39
CA PHE ZC 41 36.53 122.13 26.79
C PHE ZC 41 35.07 121.72 26.92
N ARG ZC 42 34.82 120.74 27.79
CA ARG ZC 42 33.49 120.18 28.00
C ARG ZC 42 33.30 119.97 29.49
N ALA ZC 43 32.08 120.18 29.97
CA ALA ZC 43 31.73 119.95 31.37
C ALA ZC 43 30.42 119.17 31.43
N LYS ZC 44 30.26 118.39 32.49
CA LYS ZC 44 29.06 117.57 32.67
C LYS ZC 44 28.66 117.59 34.15
N VAL ZC 45 27.34 117.61 34.38
CA VAL ZC 45 26.79 117.53 35.73
C VAL ZC 45 25.68 116.48 35.71
N ARG ZC 46 25.67 115.60 36.71
CA ARG ZC 46 24.71 114.51 36.76
C ARG ZC 46 24.20 114.32 38.19
N HIS ZC 47 22.95 113.86 38.27
CA HIS ZC 47 22.33 113.43 39.53
C HIS ZC 47 21.70 112.07 39.31
N THR ZC 48 21.68 111.26 40.37
CA THR ZC 48 21.11 109.92 40.28
C THR ZC 48 20.81 109.40 41.68
N LYS ZC 49 19.96 108.37 41.73
CA LYS ZC 49 19.54 107.73 42.96
C LYS ZC 49 19.97 106.28 42.91
N GLU ZC 50 20.67 105.82 43.95
CA GLU ZC 50 21.28 104.50 43.90
C GLU ZC 50 20.20 103.42 44.02
N SER ZC 51 20.59 102.18 43.69
CA SER ZC 51 19.64 101.09 43.62
C SER ZC 51 18.91 100.92 44.95
N VAL ZC 52 17.60 100.71 44.87
CA VAL ZC 52 16.78 100.61 46.07
C VAL ZC 52 16.82 99.17 46.58
N LYS ZC 53 17.24 99.01 47.84
CA LYS ZC 53 17.31 97.74 48.52
C LYS ZC 53 16.27 97.69 49.64
N PRO ZC 54 15.66 96.54 49.91
CA PRO ZC 54 14.67 96.47 50.99
C PRO ZC 54 15.32 96.73 52.34
N ASN ZC 55 14.52 97.27 53.26
CA ASN ZC 55 14.89 97.48 54.66
C ASN ZC 55 16.34 97.94 54.82
N GLN ZC 56 16.78 98.84 53.95
CA GLN ZC 56 18.12 99.41 54.03
C GLN ZC 56 18.06 100.88 53.67
N VAL ZC 57 19.07 101.62 54.09
CA VAL ZC 57 19.14 103.03 53.74
C VAL ZC 57 19.31 103.19 52.24
N GLN ZC 58 18.94 104.37 51.75
CA GLN ZC 58 18.99 104.69 50.34
C GLN ZC 58 19.72 106.01 50.13
N TYR ZC 59 20.50 106.10 49.06
CA TYR ZC 59 21.42 107.20 48.84
C TYR ZC 59 21.21 107.79 47.45
N GLU ZC 60 21.78 108.98 47.23
CA GLU ZC 60 21.86 109.57 45.91
C GLU ZC 60 23.24 110.17 45.69
N ARG ZC 61 23.66 110.20 44.43
CA ARG ZC 61 24.98 110.67 44.03
C ARG ZC 61 24.88 111.97 43.23
N HIS ZC 62 25.77 112.91 43.52
CA HIS ZC 62 25.97 114.10 42.70
C HIS ZC 62 27.38 114.10 42.14
N ASN ZC 63 27.51 114.31 40.83
CA ASN ZC 63 28.77 114.21 40.12
C ASN ZC 63 29.04 115.48 39.33
N VAL ZC 64 30.30 115.92 39.33
CA VAL ZC 64 30.75 117.07 38.55
C VAL ZC 64 32.05 116.68 37.86
N GLU ZC 65 32.13 116.94 36.55
CA GLU ZC 65 33.22 116.43 35.71
C GLU ZC 65 33.77 117.51 34.80
N PHE ZC 66 35.10 117.60 34.74
CA PHE ZC 66 35.81 118.41 33.75
C PHE ZC 66 36.71 117.50 32.92
N THR ZC 67 36.85 117.84 31.64
CA THR ZC 67 37.73 117.09 30.76
C THR ZC 67 38.23 117.98 29.64
N GLU ZC 68 39.48 117.78 29.25
CA GLU ZC 68 40.13 118.52 28.16
C GLU ZC 68 40.63 117.54 27.12
N THR ZC 69 40.48 117.91 25.85
CA THR ZC 69 40.92 117.08 24.74
C THR ZC 69 41.91 117.85 23.88
N VAL ZC 70 42.96 117.17 23.45
CA VAL ZC 70 43.98 117.73 22.56
C VAL ZC 70 43.94 116.96 21.26
N TYR ZC 71 43.81 117.67 20.15
CA TYR ZC 71 43.67 117.02 18.86
C TYR ZC 71 45.00 116.44 18.39
N ALA ZC 72 44.90 115.47 17.49
CA ALA ZC 72 46.09 114.85 16.92
C ALA ZC 72 46.91 115.90 16.17
N SER ZC 73 48.22 115.86 16.37
CA SER ZC 73 49.16 116.78 15.72
C SER ZC 73 50.32 115.95 15.18
N GLY ZC 74 50.24 115.59 13.90
CA GLY ZC 74 51.28 114.77 13.31
C GLY ZC 74 51.34 113.40 13.96
N SER ZC 75 52.52 113.04 14.46
CA SER ZC 75 52.71 111.71 15.03
C SER ZC 75 51.85 111.52 16.28
N THR ZC 76 51.76 112.53 17.13
CA THR ZC 76 51.07 112.40 18.42
C THR ZC 76 49.58 112.16 18.19
N PRO ZC 77 48.99 111.10 18.77
CA PRO ZC 77 47.55 110.88 18.60
C PRO ZC 77 46.71 111.60 19.64
N GLU ZC 78 45.40 111.33 19.62
CA GLU ZC 78 44.46 111.97 20.54
C GLU ZC 78 44.71 111.53 21.98
N PHE ZC 79 44.50 112.46 22.92
CA PHE ZC 79 44.57 112.15 24.34
C PHE ZC 79 43.80 113.21 25.10
N VAL ZC 80 43.50 112.92 26.37
CA VAL ZC 80 42.60 113.74 27.17
C VAL ZC 80 43.21 114.01 28.53
N ARG ZC 81 42.66 115.02 29.22
CA ARG ZC 81 43.00 115.34 30.59
C ARG ZC 81 41.70 115.60 31.35
N GLN ZC 82 41.39 114.71 32.30
CA GLN ZC 82 40.06 114.58 32.88
C GLN ZC 82 40.16 114.59 34.41
N ALA ZC 83 39.14 115.16 35.05
CA ALA ZC 83 39.10 115.19 36.52
C ALA ZC 83 37.66 115.42 36.98
N TYR ZC 84 37.18 114.59 37.91
CA TYR ZC 84 35.79 114.63 38.35
C TYR ZC 84 35.69 114.38 39.85
N VAL ZC 85 34.59 114.87 40.43
CA VAL ZC 85 34.29 114.70 41.85
C VAL ZC 85 32.84 114.25 42.00
N VAL ZC 86 32.59 113.41 43.01
CA VAL ZC 86 31.25 112.90 43.28
C VAL ZC 86 31.03 112.80 44.79
N ILE ZC 87 29.75 112.84 45.19
CA ILE ZC 87 29.34 112.89 46.59
C ILE ZC 87 28.21 111.90 46.81
N ARG ZC 88 28.23 111.23 47.97
CA ARG ZC 88 27.17 110.31 48.37
C ARG ZC 88 26.67 110.68 49.76
N HIS ZC 89 25.34 110.71 49.92
CA HIS ZC 89 24.72 110.88 51.22
C HIS ZC 89 23.28 110.42 51.12
N LYS ZC 90 22.69 110.13 52.27
CA LYS ZC 90 21.33 109.60 52.30
C LYS ZC 90 20.31 110.73 52.19
N VAL ZC 91 19.10 110.36 51.80
CA VAL ZC 91 18.02 111.32 51.69
C VAL ZC 91 17.50 111.68 53.08
N GLY ZC 92 17.14 112.95 53.25
CA GLY ZC 92 16.65 113.45 54.52
C GLY ZC 92 17.69 113.94 55.47
N ASP ZC 93 18.97 113.96 55.07
CA ASP ZC 93 20.03 114.44 55.93
C ASP ZC 93 20.08 115.97 55.92
N VAL ZC 94 20.90 116.52 56.82
CA VAL ZC 94 21.08 117.96 56.91
C VAL ZC 94 22.02 118.43 55.82
N SER ZC 95 21.59 119.44 55.05
CA SER ZC 95 22.37 119.89 53.90
C SER ZC 95 23.70 120.49 54.33
N ALA ZC 96 23.69 121.33 55.37
CA ALA ZC 96 24.90 122.02 55.76
C ALA ZC 96 25.99 121.06 56.23
N THR ZC 97 25.61 120.05 57.02
CA THR ZC 97 26.59 119.08 57.50
C THR ZC 97 27.22 118.33 56.35
N VAL ZC 98 26.42 117.92 55.36
CA VAL ZC 98 26.99 117.27 54.18
C VAL ZC 98 27.92 118.21 53.46
N SER ZC 99 27.53 119.48 53.34
CA SER ZC 99 28.35 120.44 52.61
C SER ZC 99 29.70 120.67 53.28
N ASP ZC 100 29.74 120.57 54.61
CA ASP ZC 100 31.00 120.85 55.31
C ASP ZC 100 32.09 119.85 54.93
N LEU ZC 101 31.73 118.58 54.77
CA LEU ZC 101 32.72 117.58 54.35
C LEU ZC 101 33.28 117.92 52.98
N GLY ZC 102 32.42 118.31 52.04
CA GLY ZC 102 32.89 118.70 50.73
C GLY ZC 102 33.78 119.93 50.79
N GLU ZC 103 33.42 120.90 51.62
CA GLU ZC 103 34.26 122.10 51.75
C GLU ZC 103 35.63 121.72 52.30
N ALA ZC 104 35.68 120.82 53.28
CA ALA ZC 104 36.98 120.38 53.80
C ALA ZC 104 37.79 119.69 52.71
N LEU ZC 105 37.16 118.82 51.93
CA LEU ZC 105 37.88 118.12 50.87
C LEU ZC 105 38.42 119.11 49.85
N SER ZC 106 37.62 120.10 49.48
CA SER ZC 106 38.06 121.11 48.51
C SER ZC 106 39.22 121.92 49.08
N PHE ZC 107 39.13 122.30 50.36
CA PHE ZC 107 40.16 123.15 50.96
C PHE ZC 107 41.47 122.38 51.10
N TYR ZC 108 41.40 121.08 51.35
CA TYR ZC 108 42.61 120.28 51.53
C TYR ZC 108 43.43 120.24 50.24
N LEU ZC 109 42.78 120.07 49.10
CA LEU ZC 109 43.48 119.98 47.83
C LEU ZC 109 44.07 121.34 47.44
N ASN ZC 110 45.30 121.32 46.92
CA ASN ZC 110 45.96 122.55 46.50
C ASN ZC 110 47.18 122.16 45.66
N GLU ZC 111 47.99 123.17 45.34
CA GLU ZC 111 49.01 123.00 44.30
C GLU ZC 111 49.94 121.83 44.60
N ALA ZC 112 50.52 121.81 45.80
CA ALA ZC 112 51.58 120.84 46.07
C ALA ZC 112 51.00 119.44 46.27
N LEU ZC 113 49.79 119.34 46.81
CA LEU ZC 113 49.18 118.02 46.99
C LEU ZC 113 48.89 117.37 45.63
N TYR ZC 114 48.39 118.14 44.66
CA TYR ZC 114 48.25 117.58 43.31
C TYR ZC 114 49.59 117.17 42.72
N GLY ZC 115 50.65 117.95 42.95
CA GLY ZC 115 51.97 117.53 42.48
C GLY ZC 115 52.40 116.22 43.11
N LYS ZC 116 52.20 116.09 44.42
CA LYS ZC 116 52.52 114.84 45.10
C LYS ZC 116 51.73 113.67 44.52
N LEU ZC 117 50.44 113.88 44.24
CA LEU ZC 117 49.65 112.79 43.65
C LEU ZC 117 50.19 112.40 42.27
N ILE ZC 118 50.48 113.39 41.42
CA ILE ZC 118 51.04 113.08 40.11
C ILE ZC 118 52.37 112.36 40.27
N GLY ZC 119 53.06 112.62 41.38
CA GLY ZC 119 54.33 111.95 41.64
C GLY ZC 119 54.19 110.55 42.22
N TRP ZC 120 52.96 110.02 42.27
CA TRP ZC 120 52.66 108.72 42.85
C TRP ZC 120 52.95 108.68 44.34
N GLU ZC 121 53.21 109.82 44.96
CA GLU ZC 121 53.48 109.87 46.39
C GLU ZC 121 52.26 109.41 47.16
N SER ZC 122 52.39 108.30 47.90
CA SER ZC 122 51.28 107.74 48.65
C SER ZC 122 51.56 107.77 50.14
N ALA AD 1 13.98 132.24 -17.03
CA ALA AD 1 14.80 133.46 -16.87
C ALA AD 1 15.92 133.22 -15.85
N LEU AD 2 16.02 134.06 -14.83
CA LEU AD 2 17.04 133.97 -13.80
C LEU AD 2 18.43 134.31 -14.32
N GLY AD 3 18.54 134.79 -15.57
CA GLY AD 3 19.84 135.09 -16.15
C GLY AD 3 20.50 133.86 -16.72
N ASP AD 4 21.70 134.08 -17.26
CA ASP AD 4 22.55 133.01 -17.78
C ASP AD 4 23.72 132.70 -16.88
N THR AD 5 24.28 133.71 -16.21
CA THR AD 5 25.37 133.53 -15.27
C THR AD 5 24.89 133.80 -13.85
N LEU AD 6 25.21 132.87 -12.94
CA LEU AD 6 24.88 132.98 -11.53
C LEU AD 6 26.14 133.38 -10.77
N THR AD 7 26.02 134.37 -9.89
CA THR AD 7 27.16 134.92 -9.16
C THR AD 7 27.09 134.51 -7.70
N ILE AD 8 28.20 134.02 -7.17
CA ILE AD 8 28.35 133.71 -5.75
C ILE AD 8 29.50 134.54 -5.20
N THR AD 9 29.26 135.25 -4.11
CA THR AD 9 30.29 136.05 -3.43
C THR AD 9 30.59 135.36 -2.11
N LEU AD 10 31.61 134.49 -2.12
CA LEU AD 10 31.99 133.80 -0.89
C LEU AD 10 32.34 134.81 0.19
N GLY AD 11 31.92 134.53 1.41
CA GLY AD 11 32.17 135.44 2.52
C GLY AD 11 31.20 136.60 2.62
N GLY AD 12 30.07 136.55 1.91
CA GLY AD 12 29.13 137.64 1.99
C GLY AD 12 29.55 138.82 1.14
N SER AD 13 29.03 140.00 1.49
CA SER AD 13 29.36 141.20 0.75
C SER AD 13 30.84 141.51 0.86
N GLY AD 14 31.43 141.95 -0.25
CA GLY AD 14 32.83 142.33 -0.29
C GLY AD 14 33.82 141.19 -0.40
N GLY AD 15 33.37 139.99 -0.74
CA GLY AD 15 34.23 138.81 -0.78
C GLY AD 15 34.71 138.46 -2.17
N THR AD 16 35.09 137.19 -2.32
CA THR AD 16 35.56 136.67 -3.60
C THR AD 16 34.37 136.32 -4.48
N ALA AD 17 34.40 136.79 -5.72
CA ALA AD 17 33.30 136.59 -6.65
C ALA AD 17 33.58 135.43 -7.59
N LYS AD 18 32.56 134.59 -7.79
CA LYS AD 18 32.62 133.49 -8.73
C LYS AD 18 31.41 133.58 -9.66
N VAL AD 19 31.60 133.17 -10.91
CA VAL AD 19 30.58 133.29 -11.95
C VAL AD 19 30.37 131.91 -12.56
N LEU AD 20 29.25 131.27 -12.24
CA LEU AD 20 28.91 130.00 -12.83
C LEU AD 20 28.08 130.21 -14.09
N ARG AD 21 28.19 129.27 -15.03
CA ARG AD 21 27.50 129.33 -16.31
C ARG AD 21 26.40 128.26 -16.34
N LYS AD 22 25.27 128.60 -16.96
CA LYS AD 22 24.21 127.62 -17.13
C LYS AD 22 24.62 126.56 -18.14
N ILE AD 23 24.38 125.29 -17.80
CA ILE AD 23 24.79 124.18 -18.64
C ILE AD 23 23.67 123.21 -18.98
N ASN AD 24 22.57 123.20 -18.25
CA ASN AD 24 21.47 122.30 -18.54
C ASN AD 24 20.19 122.85 -17.94
N GLN AD 25 19.05 122.34 -18.42
CA GLN AD 25 17.74 122.71 -17.86
C GLN AD 25 16.78 121.58 -18.18
N ASP AD 26 16.41 120.80 -17.17
CA ASP AD 26 15.48 119.70 -17.35
C ASP AD 26 14.56 119.58 -16.13
N GLY AD 27 13.29 119.29 -16.40
CA GLY AD 27 12.35 118.97 -15.34
C GLY AD 27 12.16 120.05 -14.29
N TYR AD 28 11.94 121.29 -14.71
CA TYR AD 28 11.80 122.42 -13.79
C TYR AD 28 13.04 122.55 -12.91
N THR AD 29 14.21 122.26 -13.46
CA THR AD 29 15.46 122.32 -12.74
C THR AD 29 16.50 123.04 -13.58
N SER AD 30 17.46 123.67 -12.92
CA SER AD 30 18.53 124.42 -13.60
C SER AD 30 19.89 124.00 -13.05
N GLU AD 31 20.90 124.16 -13.90
CA GLU AD 31 22.28 123.83 -13.56
C GLU AD 31 23.16 125.05 -13.74
N TYR AD 32 24.08 125.25 -12.79
CA TYR AD 32 25.18 126.19 -12.92
C TYR AD 32 26.44 125.49 -12.46
N TYR AD 33 27.55 125.71 -13.17
CA TYR AD 33 28.77 124.96 -12.93
C TYR AD 33 29.98 125.84 -13.20
N LEU AD 34 31.10 125.54 -12.52
CA LEU AD 34 32.36 126.24 -12.74
C LEU AD 34 33.55 125.37 -12.34
N PRO AD 35 34.44 125.01 -13.26
CA PRO AD 35 35.61 124.21 -12.90
C PRO AD 35 36.78 125.06 -12.41
N GLU AD 36 37.67 124.40 -11.65
CA GLU AD 36 38.90 125.04 -11.20
C GLU AD 36 39.97 123.96 -11.05
N THR AD 37 41.20 124.40 -10.76
CA THR AD 37 42.33 123.48 -10.70
C THR AD 37 42.19 122.49 -9.54
N SER AD 38 41.74 122.96 -8.37
CA SER AD 38 41.65 122.11 -7.19
C SER AD 38 40.25 122.00 -6.62
N SER AD 39 39.24 122.58 -7.25
CA SER AD 39 37.88 122.53 -6.72
C SER AD 39 36.90 122.78 -7.87
N SER AD 40 35.62 122.82 -7.52
CA SER AD 40 34.56 123.09 -8.49
C SER AD 40 33.36 123.63 -7.74
N PHE AD 41 32.45 124.26 -8.50
CA PHE AD 41 31.24 124.85 -7.94
C PHE AD 41 30.05 124.40 -8.75
N ARG AD 42 28.93 124.14 -8.07
CA ARG AD 42 27.67 123.81 -8.73
C ARG AD 42 26.53 124.45 -7.96
N ALA AD 43 25.45 124.77 -8.69
CA ALA AD 43 24.23 125.28 -8.07
C ALA AD 43 23.03 124.55 -8.65
N LYS AD 44 22.05 124.28 -7.80
CA LYS AD 44 20.87 123.51 -8.16
C LYS AD 44 19.67 124.42 -7.90
N VAL AD 45 18.70 124.45 -8.81
CA VAL AD 45 17.43 125.12 -8.56
C VAL AD 45 16.30 124.18 -8.99
N ARG AD 46 15.34 123.97 -8.09
CA ARG AD 46 14.27 123.02 -8.34
C ARG AD 46 12.92 123.60 -7.92
N HIS AD 47 11.88 123.17 -8.63
CA HIS AD 47 10.48 123.42 -8.26
C HIS AD 47 9.73 122.10 -8.27
N THR AD 48 8.77 121.95 -7.36
CA THR AD 48 7.96 120.73 -7.29
C THR AD 48 6.57 121.07 -6.76
N LYS AD 49 5.60 120.24 -7.14
CA LYS AD 49 4.21 120.38 -6.72
C LYS AD 49 3.70 119.02 -6.29
N GLU AD 50 3.00 118.96 -5.17
CA GLU AD 50 2.48 117.68 -4.67
C GLU AD 50 1.26 117.23 -5.45
N SER AD 51 0.94 115.94 -5.31
CA SER AD 51 -0.16 115.34 -6.05
C SER AD 51 -1.51 115.75 -5.49
N VAL AD 52 -2.53 115.67 -6.33
CA VAL AD 52 -3.88 116.07 -5.97
C VAL AD 52 -4.53 114.96 -5.15
N LYS AD 53 -5.01 115.32 -3.96
CA LYS AD 53 -5.57 114.40 -2.98
C LYS AD 53 -6.86 115.04 -2.48
N PRO AD 54 -7.99 114.31 -2.48
CA PRO AD 54 -9.25 114.99 -2.79
C PRO AD 54 -9.61 116.12 -1.84
N ASN AD 55 -9.63 115.88 -0.51
CA ASN AD 55 -9.88 116.96 0.45
C ASN AD 55 -8.75 117.10 1.48
N GLN AD 56 -7.66 117.67 1.01
CA GLN AD 56 -6.67 118.37 1.82
C GLN AD 56 -6.14 119.51 0.94
N VAL AD 57 -4.99 120.05 1.31
CA VAL AD 57 -4.41 121.23 0.71
C VAL AD 57 -3.31 120.83 -0.27
N GLN AD 58 -3.31 121.45 -1.44
CA GLN AD 58 -2.21 121.34 -2.38
C GLN AD 58 -1.07 122.27 -1.98
N TYR AD 59 0.17 121.83 -2.17
CA TYR AD 59 1.33 122.57 -1.69
C TYR AD 59 2.40 122.66 -2.77
N GLU AD 60 3.27 123.65 -2.65
CA GLU AD 60 4.31 123.95 -3.63
C GLU AD 60 5.60 124.29 -2.92
N ARG AD 61 6.72 123.81 -3.46
CA ARG AD 61 8.03 123.90 -2.80
C ARG AD 61 9.05 124.52 -3.74
N HIS AD 62 9.98 125.31 -3.19
CA HIS AD 62 11.13 125.81 -3.92
C HIS AD 62 12.41 125.51 -3.15
N ASN AD 63 13.47 125.15 -3.89
CA ASN AD 63 14.75 124.72 -3.31
C ASN AD 63 15.88 125.43 -4.04
N VAL AD 64 16.89 125.86 -3.28
CA VAL AD 64 18.11 126.44 -3.83
C VAL AD 64 19.30 125.88 -3.06
N GLU AD 65 20.31 125.40 -3.78
CA GLU AD 65 21.40 124.62 -3.18
C GLU AD 65 22.74 125.07 -3.72
N PHE AD 66 23.72 125.19 -2.83
CA PHE AD 66 25.10 125.53 -3.19
C PHE AD 66 26.02 124.42 -2.70
N THR AD 67 26.98 124.03 -3.55
CA THR AD 67 27.93 122.98 -3.20
C THR AD 67 29.28 123.29 -3.83
N GLU AD 68 30.35 122.83 -3.16
CA GLU AD 68 31.69 122.87 -3.71
C GLU AD 68 32.40 121.57 -3.39
N THR AD 69 33.08 121.01 -4.39
CA THR AD 69 33.77 119.73 -4.25
C THR AD 69 35.26 119.97 -4.26
N VAL AD 70 35.97 119.37 -3.30
CA VAL AD 70 37.42 119.47 -3.19
C VAL AD 70 38.01 118.13 -3.57
N TYR AD 71 38.77 118.10 -4.67
CA TYR AD 71 39.32 116.84 -5.16
C TYR AD 71 40.32 116.26 -4.18
N ALA AD 72 40.43 114.93 -4.20
CA ALA AD 72 41.34 114.24 -3.30
C ALA AD 72 42.78 114.64 -3.60
N SER AD 73 43.56 114.88 -2.55
CA SER AD 73 44.96 115.24 -2.67
C SER AD 73 45.77 114.38 -1.71
N GLY AD 74 46.62 113.53 -2.26
CA GLY AD 74 47.41 112.66 -1.42
C GLY AD 74 46.52 111.76 -0.57
N SER AD 75 46.82 111.70 0.72
CA SER AD 75 46.08 110.81 1.62
C SER AD 75 44.63 111.28 1.80
N THR AD 76 44.41 112.59 1.85
CA THR AD 76 43.08 113.12 2.14
C THR AD 76 42.10 112.79 1.03
N PRO AD 77 40.99 112.12 1.31
CA PRO AD 77 40.01 111.85 0.25
C PRO AD 77 39.13 113.06 -0.02
N GLU AD 78 38.42 112.99 -1.14
CA GLU AD 78 37.58 114.10 -1.56
C GLU AD 78 36.36 114.24 -0.65
N PHE AD 79 35.89 115.49 -0.51
CA PHE AD 79 34.75 115.79 0.33
C PHE AD 79 34.05 117.02 -0.25
N VAL AD 80 32.91 117.37 0.34
CA VAL AD 80 32.03 118.40 -0.22
C VAL AD 80 31.48 119.27 0.90
N ARG AD 81 31.20 120.53 0.56
CA ARG AD 81 30.52 121.45 1.46
C ARG AD 81 29.32 122.04 0.73
N GLN AD 82 28.15 121.98 1.34
CA GLN AD 82 26.95 122.48 0.68
C GLN AD 82 25.96 123.04 1.70
N ALA AD 83 25.06 123.89 1.22
CA ALA AD 83 24.03 124.52 2.04
C ALA AD 83 22.86 124.89 1.14
N TYR AD 84 21.63 124.69 1.62
CA TYR AD 84 20.45 124.93 0.79
C TYR AD 84 19.27 125.38 1.64
N VAL AD 85 18.31 126.01 0.94
CA VAL AD 85 17.09 126.55 1.53
C VAL AD 85 15.88 125.96 0.81
N VAL AD 86 14.78 125.84 1.54
CA VAL AD 86 13.52 125.32 1.00
C VAL AD 86 12.38 126.23 1.44
N ILE AD 87 11.47 126.53 0.50
CA ILE AD 87 10.30 127.37 0.76
C ILE AD 87 9.07 126.55 0.39
N ARG AD 88 8.07 126.52 1.28
CA ARG AD 88 6.85 125.76 1.04
C ARG AD 88 5.64 126.60 1.41
N HIS AD 89 4.68 126.69 0.49
CA HIS AD 89 3.52 127.55 0.64
C HIS AD 89 2.39 127.01 -0.22
N LYS AD 90 1.18 127.51 0.05
CA LYS AD 90 -0.01 127.00 -0.60
C LYS AD 90 -0.10 127.51 -2.05
N VAL AD 91 -0.75 126.73 -2.90
CA VAL AD 91 -0.70 126.99 -4.34
C VAL AD 91 -1.30 128.35 -4.67
N GLY AD 92 -2.45 128.65 -4.08
CA GLY AD 92 -3.15 129.88 -4.37
C GLY AD 92 -2.84 131.04 -3.44
N ASP AD 93 -1.80 130.93 -2.63
CA ASP AD 93 -1.49 131.97 -1.65
C ASP AD 93 -1.04 133.25 -2.34
N VAL AD 94 -0.73 134.26 -1.52
CA VAL AD 94 -0.19 135.53 -1.99
C VAL AD 94 1.33 135.47 -1.90
N SER AD 95 2.01 135.86 -2.99
CA SER AD 95 3.46 135.73 -3.05
C SER AD 95 4.19 136.70 -2.12
N ALA AD 96 3.60 137.85 -1.81
CA ALA AD 96 4.35 138.91 -1.15
C ALA AD 96 4.65 138.61 0.32
N THR AD 97 3.64 138.19 1.09
CA THR AD 97 3.89 137.82 2.48
C THR AD 97 4.85 136.63 2.58
N VAL AD 98 4.73 135.68 1.66
CA VAL AD 98 5.65 134.54 1.70
C VAL AD 98 7.08 135.01 1.42
N SER AD 99 7.24 135.96 0.50
CA SER AD 99 8.55 136.54 0.29
C SER AD 99 9.02 137.27 1.54
N ASP AD 100 8.09 137.89 2.27
CA ASP AD 100 8.46 138.59 3.50
C ASP AD 100 9.02 137.61 4.52
N LEU AD 101 8.35 136.47 4.70
CA LEU AD 101 8.87 135.43 5.58
C LEU AD 101 10.24 134.95 5.13
N GLY AD 102 10.40 134.71 3.83
CA GLY AD 102 11.68 134.23 3.34
C GLY AD 102 12.81 135.22 3.61
N GLU AD 103 12.56 136.49 3.33
CA GLU AD 103 13.60 137.48 3.54
C GLU AD 103 13.82 137.77 5.03
N ALA AD 104 12.79 137.55 5.86
CA ALA AD 104 13.02 137.60 7.30
C ALA AD 104 14.00 136.51 7.73
N LEU AD 105 13.82 135.29 7.23
CA LEU AD 105 14.78 134.22 7.49
C LEU AD 105 16.16 134.61 7.00
N SER AD 106 16.24 135.20 5.81
CA SER AD 106 17.53 135.62 5.26
C SER AD 106 18.18 136.68 6.14
N PHE AD 107 17.40 137.64 6.63
CA PHE AD 107 17.94 138.71 7.45
C PHE AD 107 18.40 138.20 8.81
N TYR AD 108 17.75 137.15 9.33
CA TYR AD 108 18.15 136.59 10.61
C TYR AD 108 19.58 136.04 10.55
N LEU AD 109 19.90 135.30 9.50
CA LEU AD 109 21.17 134.59 9.42
C LEU AD 109 22.30 135.54 9.07
N ASN AD 110 23.37 135.50 9.86
CA ASN AD 110 24.54 136.32 9.62
C ASN AD 110 25.76 135.61 10.22
N GLU AD 111 26.88 136.31 10.26
CA GLU AD 111 28.14 135.67 10.66
C GLU AD 111 28.03 135.09 12.07
N ALA AD 112 27.50 135.87 13.01
CA ALA AD 112 27.42 135.41 14.39
C ALA AD 112 26.56 134.15 14.50
N LEU AD 113 25.41 134.14 13.82
CA LEU AD 113 24.56 132.96 13.87
C LEU AD 113 25.27 131.73 13.34
N TYR AD 114 25.97 131.88 12.21
CA TYR AD 114 26.66 130.73 11.64
C TYR AD 114 27.76 130.23 12.57
N GLY AD 115 28.50 131.14 13.20
CA GLY AD 115 29.49 130.72 14.19
C GLY AD 115 28.87 129.95 15.33
N LYS AD 116 27.75 130.46 15.85
CA LYS AD 116 27.06 129.80 16.95
C LYS AD 116 26.58 128.41 16.54
N LEU AD 117 26.00 128.29 15.34
CA LEU AD 117 25.54 126.98 14.89
C LEU AD 117 26.70 126.00 14.76
N ILE AD 118 27.82 126.45 14.18
CA ILE AD 118 28.99 125.59 14.10
C ILE AD 118 29.46 125.22 15.50
N GLY AD 119 29.21 126.09 16.48
CA GLY AD 119 29.55 125.82 17.86
C GLY AD 119 28.59 124.91 18.61
N TRP AD 120 27.56 124.40 17.94
CA TRP AD 120 26.56 123.49 18.51
C TRP AD 120 25.64 124.18 19.51
N GLU AD 121 25.64 125.50 19.56
CA GLU AD 121 24.79 126.25 20.49
C GLU AD 121 23.36 126.21 19.98
N SER AD 122 22.55 125.29 20.50
CA SER AD 122 21.18 125.12 20.06
C SER AD 122 20.28 126.22 20.61
N ALA BD 1 12.33 127.52 -30.29
CA ALA BD 1 12.78 128.80 -29.67
C ALA BD 1 11.96 129.98 -30.16
N LEU BD 2 10.72 130.09 -29.67
CA LEU BD 2 9.88 131.25 -29.99
C LEU BD 2 10.36 132.51 -29.28
N GLY BD 3 11.02 132.36 -28.13
CA GLY BD 3 11.43 133.49 -27.32
C GLY BD 3 11.21 133.21 -25.85
N ASP BD 4 11.89 134.02 -25.03
CA ASP BD 4 11.81 133.82 -23.59
C ASP BD 4 10.44 134.23 -23.04
N THR BD 5 9.72 135.08 -23.76
CA THR BD 5 8.41 135.56 -23.32
C THR BD 5 7.36 135.30 -24.39
N LEU BD 6 6.19 134.83 -23.96
CA LEU BD 6 5.04 134.58 -24.82
C LEU BD 6 3.91 135.50 -24.40
N THR BD 7 3.33 136.20 -25.38
CA THR BD 7 2.28 137.18 -25.11
C THR BD 7 0.93 136.60 -25.51
N ILE BD 8 -0.04 136.70 -24.61
CA ILE BD 8 -1.41 136.26 -24.85
C ILE BD 8 -2.32 137.46 -24.60
N THR BD 9 -3.17 137.77 -25.58
CA THR BD 9 -4.04 138.94 -25.53
C THR BD 9 -5.48 138.46 -25.40
N LEU BD 10 -6.04 138.54 -24.19
CA LEU BD 10 -7.41 138.11 -23.98
C LEU BD 10 -8.37 139.04 -24.71
N GLY BD 11 -9.45 138.47 -25.23
CA GLY BD 11 -10.40 139.25 -26.00
C GLY BD 11 -9.93 139.61 -27.39
N GLY BD 12 -9.10 138.78 -28.00
CA GLY BD 12 -8.68 139.01 -29.36
C GLY BD 12 -7.73 140.19 -29.49
N SER BD 13 -7.97 141.04 -30.48
CA SER BD 13 -7.13 142.22 -30.72
C SER BD 13 -7.53 143.41 -29.86
N GLY BD 14 -8.48 143.25 -28.95
CA GLY BD 14 -8.91 144.35 -28.10
C GLY BD 14 -7.83 144.85 -27.17
N GLY BD 15 -7.45 144.03 -26.20
CA GLY BD 15 -6.43 144.41 -25.23
C GLY BD 15 -6.21 143.36 -24.17
N THR BD 16 -5.86 143.78 -22.95
CA THR BD 16 -5.67 142.90 -21.82
C THR BD 16 -4.61 141.83 -22.13
N ALA BD 17 -3.40 142.32 -22.38
CA ALA BD 17 -2.28 141.45 -22.74
C ALA BD 17 -1.57 140.94 -21.49
N LYS BD 18 -1.23 139.66 -21.51
CA LYS BD 18 -0.46 139.00 -20.45
C LYS BD 18 0.81 138.43 -21.06
N VAL BD 19 1.88 138.44 -20.29
CA VAL BD 19 3.19 137.97 -20.76
C VAL BD 19 3.59 136.77 -19.92
N LEU BD 20 3.55 135.58 -20.53
CA LEU BD 20 4.02 134.37 -19.88
C LEU BD 20 5.50 134.17 -20.18
N ARG BD 21 6.19 133.44 -19.30
CA ARG BD 21 7.63 133.29 -19.36
C ARG BD 21 8.00 131.82 -19.48
N LYS BD 22 9.11 131.55 -20.17
CA LYS BD 22 9.60 130.19 -20.29
C LYS BD 22 9.84 129.58 -18.92
N ILE BD 23 9.37 128.35 -18.75
CA ILE BD 23 9.57 127.62 -17.50
C ILE BD 23 10.17 126.24 -17.70
N ASN BD 24 10.11 125.65 -18.90
CA ASN BD 24 10.62 124.31 -19.08
C ASN BD 24 10.74 124.02 -20.57
N GLN BD 25 11.57 123.02 -20.89
CA GLN BD 25 11.71 122.53 -22.25
C GLN BD 25 12.24 121.11 -22.18
N ASP BD 26 11.45 120.14 -22.65
CA ASP BD 26 11.84 118.74 -22.59
C ASP BD 26 11.13 117.99 -23.71
N GLY BD 27 11.90 117.23 -24.49
CA GLY BD 27 11.36 116.42 -25.56
C GLY BD 27 10.71 117.20 -26.68
N TYR BD 28 11.35 118.27 -27.16
CA TYR BD 28 10.81 119.07 -28.25
C TYR BD 28 9.47 119.71 -27.86
N THR BD 29 9.32 120.05 -26.58
CA THR BD 29 8.13 120.68 -26.02
C THR BD 29 8.54 121.87 -25.16
N SER BD 30 7.60 122.78 -24.94
CA SER BD 30 7.85 124.01 -24.20
C SER BD 30 6.70 124.30 -23.25
N GLU BD 31 6.97 125.17 -22.28
CA GLU BD 31 6.02 125.53 -21.25
C GLU BD 31 6.19 127.00 -20.89
N TYR BD 32 5.08 127.66 -20.64
CA TYR BD 32 5.06 129.04 -20.18
C TYR BD 32 4.07 129.17 -19.03
N TYR BD 33 4.35 130.10 -18.11
CA TYR BD 33 3.50 130.26 -16.93
C TYR BD 33 3.56 131.71 -16.44
N LEU BD 34 2.52 132.11 -15.71
CA LEU BD 34 2.41 133.45 -15.13
C LEU BD 34 1.36 133.48 -14.04
N PRO BD 35 1.69 133.83 -12.80
CA PRO BD 35 0.67 133.92 -11.75
C PRO BD 35 0.16 135.33 -11.53
N GLU BD 36 -1.07 135.41 -11.00
CA GLU BD 36 -1.73 136.67 -10.70
C GLU BD 36 -2.39 136.54 -9.33
N THR BD 37 -3.16 137.57 -8.94
CA THR BD 37 -3.74 137.59 -7.60
C THR BD 37 -4.74 136.46 -7.40
N SER BD 38 -5.60 136.21 -8.40
CA SER BD 38 -6.58 135.14 -8.29
C SER BD 38 -6.62 134.26 -9.53
N SER BD 39 -5.52 134.19 -10.28
CA SER BD 39 -5.47 133.29 -11.43
C SER BD 39 -4.02 133.14 -11.88
N SER BD 40 -3.81 132.18 -12.78
CA SER BD 40 -2.52 131.91 -13.36
C SER BD 40 -2.75 131.41 -14.78
N PHE BD 41 -1.80 131.70 -15.67
CA PHE BD 41 -1.91 131.32 -17.06
C PHE BD 41 -0.79 130.35 -17.42
N ARG BD 42 -1.11 129.38 -18.26
CA ARG BD 42 -0.16 128.35 -18.67
C ARG BD 42 -0.30 128.12 -20.17
N ALA BD 43 0.81 127.74 -20.81
CA ALA BD 43 0.84 127.49 -22.24
C ALA BD 43 1.77 126.33 -22.54
N LYS BD 44 1.37 125.51 -23.49
CA LYS BD 44 2.17 124.39 -23.95
C LYS BD 44 2.31 124.44 -25.46
N VAL BD 45 3.45 123.96 -25.94
CA VAL BD 45 3.63 123.60 -27.34
C VAL BD 45 4.23 122.20 -27.38
N ARG BD 46 3.69 121.34 -28.24
CA ARG BD 46 4.16 119.96 -28.34
C ARG BD 46 4.18 119.51 -29.78
N HIS BD 47 5.18 118.69 -30.11
CA HIS BD 47 5.35 118.07 -31.42
C HIS BD 47 5.50 116.56 -31.25
N THR BD 48 4.99 115.78 -32.21
CA THR BD 48 5.04 114.33 -32.11
C THR BD 48 4.97 113.72 -33.51
N LYS BD 49 5.54 112.52 -33.62
CA LYS BD 49 5.46 111.68 -34.82
C LYS BD 49 4.78 110.38 -34.44
N GLU BD 50 3.78 109.97 -35.21
CA GLU BD 50 3.05 108.75 -34.92
C GLU BD 50 3.91 107.52 -35.26
N SER BD 51 3.52 106.38 -34.68
CA SER BD 51 4.27 105.15 -34.85
C SER BD 51 4.24 104.69 -36.31
N VAL BD 52 5.34 104.11 -36.75
CA VAL BD 52 5.45 103.61 -38.12
C VAL BD 52 4.90 102.19 -38.17
N LYS BD 53 3.99 101.95 -39.11
CA LYS BD 53 3.42 100.64 -39.38
C LYS BD 53 3.79 100.20 -40.80
N PRO BD 54 3.78 98.91 -41.07
CA PRO BD 54 4.17 98.44 -42.41
C PRO BD 54 3.28 99.04 -43.49
N ASN BD 55 3.90 99.30 -44.64
CA ASN BD 55 3.22 99.67 -45.89
C ASN BD 55 2.02 100.60 -45.65
N GLN BD 56 2.29 101.70 -44.94
CA GLN BD 56 1.33 102.80 -44.85
C GLN BD 56 2.09 104.07 -44.50
N VAL BD 57 1.43 105.21 -44.70
CA VAL BD 57 2.09 106.52 -44.69
C VAL BD 57 2.38 106.97 -43.26
N GLN BD 58 3.25 107.97 -43.13
CA GLN BD 58 3.64 108.53 -41.85
C GLN BD 58 3.09 109.95 -41.72
N TYR BD 59 3.04 110.44 -40.47
CA TYR BD 59 2.36 111.70 -40.18
C TYR BD 59 3.12 112.46 -39.09
N GLU BD 60 2.96 113.78 -39.10
CA GLU BD 60 3.34 114.65 -38.00
C GLU BD 60 2.11 115.32 -37.39
N ARG BD 61 2.24 115.70 -36.13
CA ARG BD 61 1.15 116.31 -35.37
C ARG BD 61 1.71 117.45 -34.54
N HIS BD 62 1.24 118.67 -34.78
CA HIS BD 62 1.56 119.82 -33.96
C HIS BD 62 0.31 120.38 -33.29
N ASN BD 63 0.45 120.82 -32.05
CA ASN BD 63 -0.68 121.30 -31.25
C ASN BD 63 -0.21 122.38 -30.30
N VAL BD 64 -1.14 123.25 -29.91
CA VAL BD 64 -0.89 124.34 -28.98
C VAL BD 64 -2.07 124.46 -28.03
N GLU BD 65 -1.78 124.67 -26.75
CA GLU BD 65 -2.78 124.69 -25.69
C GLU BD 65 -2.63 125.95 -24.85
N PHE BD 66 -3.75 126.60 -24.57
CA PHE BD 66 -3.85 127.64 -23.54
C PHE BD 66 -4.79 127.17 -22.45
N THR BD 67 -4.38 127.36 -21.19
CA THR BD 67 -5.17 126.94 -20.04
C THR BD 67 -5.16 128.03 -18.99
N GLU BD 68 -6.32 128.27 -18.37
CA GLU BD 68 -6.47 129.27 -17.33
C GLU BD 68 -7.18 128.65 -16.14
N THR BD 69 -6.62 128.79 -14.95
CA THR BD 69 -7.17 128.18 -13.74
C THR BD 69 -7.54 129.27 -12.75
N VAL BD 70 -8.72 129.14 -12.15
CA VAL BD 70 -9.27 130.14 -11.25
C VAL BD 70 -9.27 129.55 -9.84
N TYR BD 71 -8.54 130.21 -8.93
CA TYR BD 71 -8.40 129.68 -7.58
C TYR BD 71 -9.74 129.70 -6.85
N ALA BD 72 -9.98 128.62 -6.09
CA ALA BD 72 -11.26 128.46 -5.42
C ALA BD 72 -11.46 129.55 -4.38
N SER BD 73 -12.68 130.10 -4.37
CA SER BD 73 -13.04 131.18 -3.46
C SER BD 73 -14.40 130.89 -2.86
N GLY BD 74 -14.57 131.23 -1.58
CA GLY BD 74 -15.83 130.97 -0.92
C GLY BD 74 -16.17 129.49 -0.94
N SER BD 75 -17.42 129.19 -1.29
CA SER BD 75 -17.86 127.81 -1.43
C SER BD 75 -17.65 127.23 -2.83
N THR BD 76 -17.19 128.04 -3.79
CA THR BD 76 -16.99 127.56 -5.16
C THR BD 76 -15.73 126.71 -5.27
N PRO BD 77 -15.81 125.48 -5.77
CA PRO BD 77 -14.60 124.67 -5.91
C PRO BD 77 -13.66 125.24 -6.98
N GLU BD 78 -12.54 124.54 -7.15
CA GLU BD 78 -11.60 124.86 -8.23
C GLU BD 78 -12.18 124.49 -9.58
N PHE BD 79 -11.87 125.30 -10.59
CA PHE BD 79 -12.19 124.93 -11.97
C PHE BD 79 -11.18 125.59 -12.90
N VAL BD 80 -11.33 125.29 -14.21
CA VAL BD 80 -10.32 125.64 -15.20
C VAL BD 80 -11.00 125.89 -16.53
N ARG BD 81 -10.37 126.73 -17.35
CA ARG BD 81 -10.78 126.95 -18.74
C ARG BD 81 -9.62 126.63 -19.66
N GLN BD 82 -9.92 126.05 -20.83
CA GLN BD 82 -8.91 125.48 -21.70
C GLN BD 82 -9.29 125.72 -23.16
N ALA BD 83 -8.29 125.74 -24.03
CA ALA BD 83 -8.50 125.93 -25.46
C ALA BD 83 -7.24 125.53 -26.21
N TYR BD 84 -7.37 124.68 -27.23
CA TYR BD 84 -6.19 124.17 -27.93
C TYR BD 84 -6.55 123.76 -29.36
N VAL BD 85 -5.52 123.73 -30.21
CA VAL BD 85 -5.66 123.40 -31.63
C VAL BD 85 -4.65 122.32 -31.99
N VAL BD 86 -4.95 121.57 -33.05
CA VAL BD 86 -4.10 120.47 -33.52
C VAL BD 86 -4.01 120.52 -35.05
N ILE BD 87 -2.84 120.19 -35.58
CA ILE BD 87 -2.61 120.07 -37.02
C ILE BD 87 -1.91 118.74 -37.29
N ARG BD 88 -2.40 118.00 -38.27
CA ARG BD 88 -1.78 116.72 -38.64
C ARG BD 88 -1.66 116.61 -40.15
N HIS BD 89 -0.46 116.21 -40.60
CA HIS BD 89 -0.11 116.14 -42.02
C HIS BD 89 1.00 115.12 -42.20
N LYS BD 90 1.15 114.62 -43.42
CA LYS BD 90 2.11 113.57 -43.68
C LYS BD 90 3.52 114.14 -43.90
N VAL BD 91 4.52 113.27 -43.73
CA VAL BD 91 5.91 113.70 -43.87
C VAL BD 91 6.17 114.13 -45.30
N GLY BD 92 6.98 115.18 -45.45
CA GLY BD 92 7.38 115.63 -46.77
C GLY BD 92 6.33 116.35 -47.58
N ASP BD 93 5.24 116.80 -46.95
CA ASP BD 93 4.22 117.54 -47.66
C ASP BD 93 4.66 119.01 -47.82
N VAL BD 94 4.00 119.71 -48.73
CA VAL BD 94 4.37 121.08 -49.05
C VAL BD 94 3.93 122.00 -47.91
N SER BD 95 4.86 122.84 -47.45
CA SER BD 95 4.61 123.63 -46.24
C SER BD 95 3.48 124.63 -46.45
N ALA BD 96 3.50 125.38 -47.56
CA ALA BD 96 2.52 126.43 -47.74
C ALA BD 96 1.10 125.87 -47.81
N THR BD 97 0.93 124.74 -48.48
CA THR BD 97 -0.39 124.14 -48.60
C THR BD 97 -0.92 123.71 -47.23
N VAL BD 98 -0.10 123.03 -46.43
CA VAL BD 98 -0.58 122.58 -45.12
C VAL BD 98 -0.83 123.78 -44.22
N SER BD 99 -0.12 124.89 -44.45
CA SER BD 99 -0.36 126.10 -43.66
C SER BD 99 -1.69 126.76 -44.03
N ASP BD 100 -2.01 126.79 -45.33
CA ASP BD 100 -3.23 127.47 -45.78
C ASP BD 100 -4.47 126.85 -45.14
N LEU BD 101 -4.55 125.52 -45.13
CA LEU BD 101 -5.43 124.86 -44.20
C LEU BD 101 -4.87 125.03 -42.80
N GLY BD 102 -5.74 125.33 -41.85
CA GLY BD 102 -5.28 125.83 -40.57
C GLY BD 102 -5.34 127.34 -40.51
N GLU BD 103 -4.75 128.02 -41.48
CA GLU BD 103 -4.97 129.46 -41.59
C GLU BD 103 -6.45 129.73 -41.88
N ALA BD 104 -7.06 128.90 -42.73
CA ALA BD 104 -8.50 129.02 -42.98
C ALA BD 104 -9.29 128.85 -41.69
N LEU BD 105 -8.92 127.85 -40.89
CA LEU BD 105 -9.62 127.63 -39.63
C LEU BD 105 -9.46 128.82 -38.69
N SER BD 106 -8.26 129.37 -38.62
CA SER BD 106 -8.03 130.54 -37.78
C SER BD 106 -8.88 131.73 -38.24
N PHE BD 107 -8.95 131.95 -39.55
CA PHE BD 107 -9.79 133.03 -40.07
C PHE BD 107 -11.26 132.80 -39.75
N TYR BD 108 -11.73 131.54 -39.89
CA TYR BD 108 -13.15 131.25 -39.73
C TYR BD 108 -13.63 131.56 -38.32
N LEU BD 109 -12.85 131.16 -37.32
CA LEU BD 109 -13.27 131.31 -35.93
C LEU BD 109 -13.26 132.79 -35.53
N ASN BD 110 -14.26 133.19 -34.75
CA ASN BD 110 -14.37 134.57 -34.29
C ASN BD 110 -15.33 134.61 -33.12
N GLU BD 111 -15.60 135.82 -32.64
CA GLU BD 111 -16.40 135.99 -31.42
C GLU BD 111 -17.82 135.47 -31.60
N ALA BD 112 -18.47 135.85 -32.71
CA ALA BD 112 -19.87 135.48 -32.90
C ALA BD 112 -20.02 133.96 -32.95
N LEU BD 113 -19.15 133.29 -33.69
CA LEU BD 113 -19.26 131.85 -33.78
C LEU BD 113 -18.87 131.18 -32.47
N TYR BD 114 -17.96 131.78 -31.71
CA TYR BD 114 -17.65 131.24 -30.38
C TYR BD 114 -18.90 131.28 -29.49
N GLY BD 115 -19.60 132.41 -29.48
CA GLY BD 115 -20.83 132.49 -28.73
C GLY BD 115 -21.86 131.48 -29.21
N LYS BD 116 -21.99 131.33 -30.52
CA LYS BD 116 -22.93 130.36 -31.06
C LYS BD 116 -22.57 128.94 -30.64
N LEU BD 117 -21.28 128.59 -30.68
CA LEU BD 117 -20.88 127.26 -30.24
C LEU BD 117 -21.21 127.05 -28.78
N ILE BD 118 -20.98 128.07 -27.95
CA ILE BD 118 -21.42 127.99 -26.56
C ILE BD 118 -22.93 127.79 -26.50
N GLY BD 119 -23.64 128.24 -27.53
CA GLY BD 119 -25.08 128.06 -27.60
C GLY BD 119 -25.54 126.62 -27.82
N TRP BD 120 -24.63 125.70 -28.09
CA TRP BD 120 -24.86 124.27 -28.32
C TRP BD 120 -25.47 123.98 -29.69
N GLU BD 121 -25.76 124.97 -30.51
CA GLU BD 121 -26.29 124.68 -31.84
C GLU BD 121 -25.14 124.34 -32.79
N SER BD 122 -25.31 123.24 -33.53
CA SER BD 122 -24.32 122.81 -34.51
C SER BD 122 -24.75 123.22 -35.90
N ALA CD 1 23.88 127.11 -23.38
CA ALA CD 1 23.97 128.60 -23.31
C ALA CD 1 24.63 129.18 -24.55
N LEU CD 2 24.75 128.35 -25.60
CA LEU CD 2 25.39 128.82 -26.83
C LEU CD 2 24.60 129.97 -27.44
N GLY CD 3 23.29 129.86 -27.48
CA GLY CD 3 22.43 130.86 -28.09
C GLY CD 3 21.32 130.20 -28.87
N ASP CD 4 20.24 130.95 -29.09
CA ASP CD 4 19.08 130.40 -29.77
C ASP CD 4 19.34 130.13 -31.26
N THR CD 5 20.36 130.74 -31.86
CA THR CD 5 20.68 130.53 -33.25
C THR CD 5 22.17 130.25 -33.42
N LEU CD 6 22.48 129.34 -34.34
CA LEU CD 6 23.85 128.95 -34.66
C LEU CD 6 24.06 129.17 -36.15
N THR CD 7 25.18 129.77 -36.52
CA THR CD 7 25.44 130.18 -37.90
C THR CD 7 26.47 129.26 -38.53
N ILE CD 8 26.19 128.79 -39.75
CA ILE CD 8 27.13 128.03 -40.55
C ILE CD 8 27.35 128.80 -41.86
N THR CD 9 28.61 129.02 -42.19
CA THR CD 9 29.01 129.74 -43.40
C THR CD 9 29.71 128.74 -44.32
N LEU CD 10 28.93 128.11 -45.20
CA LEU CD 10 29.50 127.11 -46.10
C LEU CD 10 30.59 127.74 -46.95
N GLY CD 11 31.68 127.00 -47.13
CA GLY CD 11 32.81 127.51 -47.89
C GLY CD 11 33.75 128.41 -47.11
N GLY CD 12 33.74 128.32 -45.79
CA GLY CD 12 34.64 129.13 -45.00
C GLY CD 12 34.21 130.59 -44.95
N SER CD 13 35.19 131.44 -44.66
CA SER CD 13 34.93 132.87 -44.56
C SER CD 13 34.48 133.42 -45.92
N GLY CD 14 33.53 134.35 -45.89
CA GLY CD 14 33.03 134.98 -47.09
C GLY CD 14 32.05 134.16 -47.90
N GLY CD 15 31.53 133.06 -47.34
CA GLY CD 15 30.66 132.15 -48.06
C GLY CD 15 29.19 132.42 -47.85
N THR CD 16 28.38 131.41 -48.15
CA THR CD 16 26.94 131.47 -47.96
C THR CD 16 26.61 131.20 -46.50
N ALA CD 17 25.78 132.06 -45.91
CA ALA CD 17 25.45 131.95 -44.50
C ALA CD 17 24.13 131.20 -44.31
N LYS CD 18 24.13 130.31 -43.32
CA LYS CD 18 22.94 129.57 -42.91
C LYS CD 18 22.76 129.77 -41.41
N VAL CD 19 21.51 129.89 -40.97
CA VAL CD 19 21.20 130.23 -39.58
C VAL CD 19 20.42 129.06 -39.00
N LEU CD 20 21.09 128.22 -38.21
CA LEU CD 20 20.41 127.15 -37.51
C LEU CD 20 19.67 127.71 -36.30
N ARG CD 21 18.63 126.99 -35.87
CA ARG CD 21 17.79 127.42 -34.75
C ARG CD 21 17.65 126.32 -33.72
N LYS CD 22 17.63 126.70 -32.44
CA LYS CD 22 17.49 125.73 -31.37
C LYS CD 22 16.12 125.07 -31.41
N ILE CD 23 16.08 123.75 -31.23
CA ILE CD 23 14.85 123.00 -31.08
C ILE CD 23 14.78 122.27 -29.74
N ASN CD 24 15.88 121.68 -29.28
CA ASN CD 24 15.83 120.90 -28.06
C ASN CD 24 17.22 120.76 -27.47
N GLN CD 25 17.27 120.62 -26.15
CA GLN CD 25 18.51 120.31 -25.44
C GLN CD 25 18.13 119.79 -24.05
N ASP CD 26 18.35 118.49 -23.81
CA ASP CD 26 17.94 117.85 -22.57
C ASP CD 26 19.10 117.27 -21.78
N GLY CD 27 19.88 116.37 -22.37
CA GLY CD 27 20.92 115.67 -21.63
C GLY CD 27 22.30 116.25 -21.82
N TYR CD 28 22.49 117.48 -21.37
CA TYR CD 28 23.78 118.18 -21.50
C TYR CD 28 24.17 118.35 -22.96
N THR CD 29 23.19 118.25 -23.87
CA THR CD 29 23.42 118.31 -25.30
C THR CD 29 22.36 119.18 -25.94
N SER CD 30 22.70 119.79 -27.08
CA SER CD 30 21.79 120.68 -27.78
C SER CD 30 21.77 120.34 -29.27
N GLU CD 31 20.68 120.70 -29.93
CA GLU CD 31 20.48 120.39 -31.34
C GLU CD 31 19.80 121.56 -32.04
N TYR CD 32 20.19 121.80 -33.30
CA TYR CD 32 19.72 122.93 -34.08
C TYR CD 32 19.25 122.41 -35.43
N TYR CD 33 18.24 123.06 -36.03
CA TYR CD 33 17.64 122.54 -37.26
C TYR CD 33 17.06 123.65 -38.12
N LEU CD 34 17.13 123.44 -39.45
CA LEU CD 34 16.62 124.36 -40.48
C LEU CD 34 16.32 123.62 -41.77
N PRO CD 35 15.07 123.64 -42.29
CA PRO CD 35 14.81 122.93 -43.56
C PRO CD 35 14.93 123.79 -44.80
N GLU CD 36 15.13 123.15 -45.96
CA GLU CD 36 15.15 123.80 -47.26
C GLU CD 36 14.23 123.08 -48.23
N THR CD 37 14.21 123.51 -49.50
CA THR CD 37 13.42 122.83 -50.50
C THR CD 37 13.98 121.43 -50.80
N SER CD 38 15.30 121.31 -50.92
CA SER CD 38 15.92 120.04 -51.30
C SER CD 38 16.96 119.55 -50.31
N SER CD 39 17.19 120.24 -49.21
CA SER CD 39 18.18 119.80 -48.23
C SER CD 39 17.82 120.37 -46.87
N SER CD 40 18.47 119.82 -45.83
CA SER CD 40 18.27 120.26 -44.47
C SER CD 40 19.60 120.27 -43.74
N PHE CD 41 19.69 121.11 -42.72
CA PHE CD 41 20.89 121.24 -41.91
C PHE CD 41 20.56 120.99 -40.44
N ARG CD 42 21.47 120.31 -39.75
CA ARG CD 42 21.23 119.89 -38.37
C ARG CD 42 22.57 119.79 -37.65
N ALA CD 43 22.63 120.35 -36.45
CA ALA CD 43 23.86 120.36 -35.66
C ALA CD 43 23.56 119.94 -34.23
N LYS CD 44 24.51 119.24 -33.60
CA LYS CD 44 24.40 118.84 -32.21
C LYS CD 44 25.70 119.14 -31.47
N VAL CD 45 25.58 119.34 -30.15
CA VAL CD 45 26.72 119.46 -29.25
C VAL CD 45 26.50 118.50 -28.08
N ARG CD 46 27.55 117.79 -27.69
CA ARG CD 46 27.47 116.76 -26.67
C ARG CD 46 28.62 116.89 -25.68
N HIS CD 47 28.33 116.62 -24.40
CA HIS CD 47 29.33 116.58 -23.35
C HIS CD 47 29.19 115.25 -22.59
N THR CD 48 30.31 114.72 -22.11
CA THR CD 48 30.28 113.47 -21.37
C THR CD 48 31.61 113.27 -20.65
N LYS CD 49 31.60 112.38 -19.65
CA LYS CD 49 32.79 111.94 -18.96
C LYS CD 49 32.83 110.41 -18.91
N GLU CD 50 34.02 109.84 -19.09
CA GLU CD 50 34.15 108.39 -19.21
C GLU CD 50 33.88 107.70 -17.88
N SER CD 51 33.65 106.39 -17.98
CA SER CD 51 33.37 105.59 -16.79
C SER CD 51 34.51 105.67 -15.79
N VAL CD 52 34.15 105.76 -14.51
CA VAL CD 52 35.14 105.87 -13.45
C VAL CD 52 35.75 104.50 -13.18
N LYS CD 53 37.08 104.43 -13.27
CA LYS CD 53 37.83 103.23 -12.95
C LYS CD 53 38.71 103.47 -11.72
N PRO CD 54 38.98 102.44 -10.92
CA PRO CD 54 39.79 102.63 -9.72
C PRO CD 54 41.20 103.07 -10.07
N ASN CD 55 41.77 103.95 -9.24
CA ASN CD 55 43.14 104.44 -9.34
C ASN CD 55 43.63 104.61 -10.78
N GLN CD 56 42.77 105.16 -11.65
CA GLN CD 56 43.14 105.71 -12.95
C GLN CD 56 42.63 107.14 -13.06
N VAL CD 57 42.92 107.77 -14.20
CA VAL CD 57 42.63 109.18 -14.39
C VAL CD 57 41.21 109.35 -14.92
N GLN CD 58 40.63 110.52 -14.65
CA GLN CD 58 39.30 110.87 -15.10
C GLN CD 58 39.39 111.74 -16.35
N TYR CD 59 38.61 111.39 -17.37
CA TYR CD 59 38.67 112.03 -18.67
C TYR CD 59 37.28 112.48 -19.10
N GLU CD 60 37.24 113.56 -19.89
CA GLU CD 60 35.99 114.10 -20.42
C GLU CD 60 36.12 114.40 -21.91
N ARG CD 61 34.99 114.24 -22.63
CA ARG CD 61 34.95 114.39 -24.08
C ARG CD 61 33.94 115.46 -24.46
N HIS CD 62 34.27 116.27 -25.46
CA HIS CD 62 33.34 117.22 -26.05
C HIS CD 62 33.27 117.00 -27.56
N ASN CD 63 32.06 117.01 -28.10
CA ASN CD 63 31.82 116.64 -29.48
C ASN CD 63 30.91 117.66 -30.16
N VAL CD 64 31.21 117.97 -31.43
CA VAL CD 64 30.44 118.91 -32.23
C VAL CD 64 30.38 118.38 -33.66
N GLU CD 65 29.16 118.25 -34.20
CA GLU CD 65 28.98 117.67 -35.53
C GLU CD 65 28.09 118.56 -36.38
N PHE CD 66 28.33 118.50 -37.69
CA PHE CD 66 27.47 119.13 -38.70
C PHE CD 66 26.97 118.05 -39.64
N THR CD 67 25.69 118.14 -40.03
CA THR CD 67 25.09 117.17 -40.94
C THR CD 67 24.24 117.90 -41.97
N GLU CD 68 24.35 117.47 -43.22
CA GLU CD 68 23.53 117.96 -44.32
C GLU CD 68 22.82 116.80 -44.98
N THR CD 69 21.50 116.89 -45.11
CA THR CD 69 20.67 115.85 -45.68
C THR CD 69 20.16 116.32 -47.03
N VAL CD 70 20.29 115.47 -48.06
CA VAL CD 70 19.83 115.76 -49.40
C VAL CD 70 18.73 114.76 -49.75
N TYR CD 71 17.54 115.26 -50.04
CA TYR CD 71 16.38 114.39 -50.23
C TYR CD 71 16.48 113.64 -51.55
N ALA CD 72 15.78 112.50 -51.60
CA ALA CD 72 15.79 111.67 -52.79
C ALA CD 72 15.17 112.41 -53.96
N SER CD 73 15.70 112.16 -55.15
CA SER CD 73 15.26 112.84 -56.37
C SER CD 73 15.35 111.83 -57.52
N GLY CD 74 14.20 111.34 -57.96
CA GLY CD 74 14.19 110.36 -59.03
C GLY CD 74 14.93 109.10 -58.64
N SER CD 75 15.82 108.64 -59.53
CA SER CD 75 16.55 107.40 -59.28
C SER CD 75 17.47 107.53 -58.07
N THR CD 76 18.14 108.67 -57.93
CA THR CD 76 19.12 108.84 -56.87
C THR CD 76 18.46 108.83 -55.51
N PRO CD 77 18.84 107.92 -54.61
CA PRO CD 77 18.21 107.87 -53.28
C PRO CD 77 18.76 108.93 -52.34
N GLU CD 78 18.16 108.99 -51.16
CA GLU CD 78 18.61 109.90 -50.11
C GLU CD 78 20.04 109.57 -49.67
N PHE CD 79 20.81 110.61 -49.39
CA PHE CD 79 22.15 110.46 -48.84
C PHE CD 79 22.44 111.65 -47.94
N VAL CD 80 23.64 111.66 -47.33
CA VAL CD 80 23.95 112.59 -46.26
C VAL CD 80 25.41 113.00 -46.37
N ARG CD 81 25.71 114.18 -45.81
CA ARG CD 81 27.08 114.62 -45.57
C ARG CD 81 27.23 115.05 -44.12
N GLN CD 82 28.38 114.73 -43.54
CA GLN CD 82 28.58 114.84 -42.10
C GLN CD 82 30.03 115.23 -41.82
N ALA CD 83 30.25 115.80 -40.64
CA ALA CD 83 31.60 116.13 -40.18
C ALA CD 83 31.54 116.55 -38.72
N TYR CD 84 32.45 116.04 -37.90
CA TYR CD 84 32.42 116.33 -36.48
C TYR CD 84 33.83 116.40 -35.91
N VAL CD 85 33.94 117.00 -34.73
CA VAL CD 85 35.19 117.17 -34.01
C VAL CD 85 35.00 116.71 -32.57
N VAL CD 86 36.06 116.14 -31.99
CA VAL CD 86 36.04 115.64 -30.61
C VAL CD 86 37.25 116.17 -29.87
N ILE CD 87 37.06 116.55 -28.61
CA ILE CD 87 38.13 117.02 -27.73
C ILE CD 87 38.14 116.15 -26.47
N ARG CD 88 39.32 115.71 -26.06
CA ARG CD 88 39.47 114.84 -24.89
C ARG CD 88 40.63 115.32 -24.03
N HIS CD 89 40.36 115.51 -22.74
CA HIS CD 89 41.41 115.85 -21.79
C HIS CD 89 40.94 115.49 -20.39
N LYS CD 90 41.88 115.43 -19.46
CA LYS CD 90 41.62 114.96 -18.11
C LYS CD 90 41.04 116.06 -17.23
N VAL CD 91 40.36 115.64 -16.17
CA VAL CD 91 39.71 116.59 -15.26
C VAL CD 91 40.74 117.40 -14.52
N GLY CD 92 40.41 118.66 -14.26
CA GLY CD 92 41.29 119.57 -13.57
C GLY CD 92 42.41 120.15 -14.40
N ASP CD 93 42.44 119.88 -15.70
CA ASP CD 93 43.53 120.36 -16.54
C ASP CD 93 43.44 121.88 -16.71
N VAL CD 94 44.48 122.44 -17.31
CA VAL CD 94 44.53 123.87 -17.60
C VAL CD 94 43.78 124.13 -18.91
N SER CD 95 42.81 125.05 -18.86
CA SER CD 95 41.93 125.24 -20.02
C SER CD 95 42.69 125.75 -21.23
N ALA CD 96 43.54 126.76 -21.03
CA ALA CD 96 44.22 127.39 -22.16
C ALA CD 96 45.12 126.40 -22.87
N THR CD 97 45.84 125.56 -22.12
CA THR CD 97 46.71 124.58 -22.75
C THR CD 97 45.92 123.64 -23.64
N VAL CD 98 44.77 123.18 -23.17
CA VAL CD 98 43.94 122.28 -23.98
C VAL CD 98 43.44 123.01 -25.22
N SER CD 99 43.00 124.26 -25.06
CA SER CD 99 42.49 125.01 -26.22
C SER CD 99 43.58 125.25 -27.27
N ASP CD 100 44.84 125.29 -26.85
CA ASP CD 100 45.92 125.54 -27.80
C ASP CD 100 45.99 124.41 -28.84
N LEU CD 101 45.86 123.16 -28.40
CA LEU CD 101 45.90 122.04 -29.33
C LEU CD 101 44.74 122.12 -30.32
N GLY CD 102 43.56 122.52 -29.84
CA GLY CD 102 42.43 122.68 -30.73
C GLY CD 102 42.66 123.75 -31.77
N GLU CD 103 43.25 124.88 -31.36
CA GLU CD 103 43.58 125.92 -32.33
C GLU CD 103 44.58 125.41 -33.36
N ALA CD 104 45.55 124.60 -32.92
CA ALA CD 104 46.50 124.01 -33.87
C ALA CD 104 45.77 123.15 -34.90
N LEU CD 105 44.88 122.27 -34.45
CA LEU CD 105 44.15 121.41 -35.37
C LEU CD 105 43.31 122.25 -36.33
N SER CD 106 42.65 123.29 -35.81
CA SER CD 106 41.82 124.13 -36.67
C SER CD 106 42.63 124.86 -37.72
N PHE CD 107 43.80 125.39 -37.33
CA PHE CD 107 44.65 126.09 -38.28
C PHE CD 107 45.20 125.15 -39.35
N TYR CD 108 45.51 123.90 -38.96
CA TYR CD 108 46.06 122.96 -39.94
C TYR CD 108 45.05 122.66 -41.04
N LEU CD 109 43.78 122.54 -40.68
CA LEU CD 109 42.75 122.20 -41.67
C LEU CD 109 42.38 123.43 -42.49
N ASN CD 110 42.35 123.26 -43.80
CA ASN CD 110 42.07 124.36 -44.73
C ASN CD 110 41.71 123.77 -46.08
N GLU CD 111 41.68 124.64 -47.11
CA GLU CD 111 41.28 124.22 -48.45
C GLU CD 111 42.12 123.04 -48.94
N ALA CD 112 43.42 123.26 -49.12
CA ALA CD 112 44.25 122.27 -49.77
C ALA CD 112 44.24 120.95 -49.02
N LEU CD 113 44.31 121.00 -47.68
CA LEU CD 113 44.39 119.76 -46.91
C LEU CD 113 43.10 118.95 -47.02
N TYR CD 114 41.94 119.62 -46.99
CA TYR CD 114 40.70 118.89 -47.24
C TYR CD 114 40.71 118.27 -48.63
N GLY CD 115 41.26 118.98 -49.62
CA GLY CD 115 41.41 118.37 -50.93
C GLY CD 115 42.24 117.10 -50.89
N LYS CD 116 43.39 117.14 -50.22
CA LYS CD 116 44.24 115.97 -50.16
C LYS CD 116 43.54 114.82 -49.44
N LEU CD 117 42.86 115.12 -48.33
CA LEU CD 117 42.16 114.07 -47.61
C LEU CD 117 41.11 113.40 -48.49
N ILE CD 118 40.35 114.19 -49.24
CA ILE CD 118 39.38 113.58 -50.16
C ILE CD 118 40.11 112.79 -51.23
N GLY CD 119 41.36 113.16 -51.53
CA GLY CD 119 42.15 112.43 -52.50
C GLY CD 119 42.73 111.10 -52.02
N TRP CD 120 42.38 110.66 -50.82
CA TRP CD 120 42.90 109.41 -50.24
C TRP CD 120 44.42 109.44 -50.09
N GLU CD 121 44.99 110.61 -49.85
CA GLU CD 121 46.42 110.70 -49.64
C GLU CD 121 46.77 110.40 -48.19
N SER CD 122 47.63 109.41 -47.99
CA SER CD 122 48.04 109.01 -46.66
C SER CD 122 49.46 109.50 -46.38
N ALA DD 1 -28.66 125.57 -35.63
CA ALA DD 1 -28.62 126.56 -36.75
C ALA DD 1 -27.28 126.49 -37.45
N LEU DD 2 -26.52 127.59 -37.45
CA LEU DD 2 -25.19 127.63 -38.05
C LEU DD 2 -25.29 127.68 -39.57
N GLY DD 3 -26.51 127.67 -40.12
CA GLY DD 3 -26.69 127.77 -41.55
C GLY DD 3 -26.65 126.42 -42.24
N ASP DD 4 -27.21 126.38 -43.44
CA ASP DD 4 -27.20 125.17 -44.24
C ASP DD 4 -25.91 125.00 -45.04
N THR DD 5 -25.10 126.04 -45.16
CA THR DD 5 -23.84 125.96 -45.87
C THR DD 5 -22.72 126.59 -45.06
N LEU DD 6 -21.52 126.02 -45.22
CA LEU DD 6 -20.31 126.42 -44.51
C LEU DD 6 -19.31 126.90 -45.55
N THR DD 7 -18.73 128.07 -45.33
CA THR DD 7 -17.76 128.65 -46.25
C THR DD 7 -16.36 128.54 -45.66
N ILE DD 8 -15.47 127.88 -46.38
CA ILE DD 8 -14.06 127.73 -46.01
C ILE DD 8 -13.25 128.54 -47.01
N THR DD 9 -12.36 129.39 -46.51
CA THR DD 9 -11.51 130.24 -47.34
C THR DD 9 -10.07 129.77 -47.17
N LEU DD 10 -9.63 128.90 -48.08
CA LEU DD 10 -8.25 128.42 -48.03
C LEU DD 10 -7.30 129.60 -48.14
N GLY DD 11 -6.22 129.55 -47.37
CA GLY DD 11 -5.23 130.61 -47.42
C GLY DD 11 -5.60 131.88 -46.70
N GLY DD 12 -6.54 131.83 -45.77
CA GLY DD 12 -6.89 133.01 -45.02
C GLY DD 12 -7.72 133.99 -45.84
N SER DD 13 -7.81 135.21 -45.32
CA SER DD 13 -8.60 136.25 -45.97
C SER DD 13 -8.05 136.54 -47.37
N GLY DD 14 -8.95 136.71 -48.33
CA GLY DD 14 -8.57 137.02 -49.70
C GLY DD 14 -8.23 135.83 -50.55
N GLY DD 15 -8.40 134.61 -50.06
CA GLY DD 15 -8.00 133.41 -50.78
C GLY DD 15 -9.12 132.79 -51.58
N THR DD 16 -9.03 131.48 -51.75
CA THR DD 16 -10.00 130.70 -52.52
C THR DD 16 -11.10 130.21 -51.59
N ALA DD 17 -12.35 130.37 -52.00
CA ALA DD 17 -13.51 130.03 -51.19
C ALA DD 17 -14.14 128.75 -51.69
N LYS DD 18 -14.40 127.82 -50.77
CA LYS DD 18 -15.19 126.63 -51.04
C LYS DD 18 -16.44 126.67 -50.17
N VAL DD 19 -17.55 126.14 -50.72
CA VAL DD 19 -18.85 126.19 -50.05
C VAL DD 19 -19.28 124.77 -49.75
N LEU DD 20 -19.08 124.34 -48.51
CA LEU DD 20 -19.56 123.05 -48.06
C LEU DD 20 -21.08 123.07 -47.88
N ARG DD 21 -21.68 121.88 -47.81
CA ARG DD 21 -23.11 121.73 -47.66
C ARG DD 21 -23.44 120.73 -46.57
N LYS DD 22 -24.44 121.03 -45.75
CA LYS DD 22 -24.85 120.10 -44.69
C LYS DD 22 -25.56 118.89 -45.28
N ILE DD 23 -25.29 117.72 -44.70
CA ILE DD 23 -25.78 116.47 -45.27
C ILE DD 23 -26.40 115.55 -44.20
N ASN DD 24 -26.18 115.86 -42.93
CA ASN DD 24 -26.63 114.96 -41.86
C ASN DD 24 -26.55 115.68 -40.53
N GLN DD 25 -27.10 115.03 -39.50
CA GLN DD 25 -26.97 115.50 -38.12
C GLN DD 25 -27.43 114.39 -37.19
N ASP DD 26 -26.52 113.91 -36.33
CA ASP DD 26 -26.82 112.83 -35.41
C ASP DD 26 -26.10 113.07 -34.09
N GLY DD 27 -26.84 112.96 -32.99
CA GLY DD 27 -26.26 113.00 -31.66
C GLY DD 27 -25.40 114.24 -31.40
N TYR DD 28 -26.01 115.42 -31.50
CA TYR DD 28 -25.30 116.68 -31.26
C TYR DD 28 -24.12 116.84 -32.20
N THR DD 29 -24.26 116.31 -33.42
CA THR DD 29 -23.20 116.34 -34.42
C THR DD 29 -23.75 116.87 -35.73
N SER DD 30 -22.88 117.54 -36.49
CA SER DD 30 -23.22 118.03 -37.81
C SER DD 30 -21.99 117.93 -38.70
N GLU DD 31 -22.19 117.48 -39.95
CA GLU DD 31 -21.10 117.43 -40.90
C GLU DD 31 -21.54 117.98 -42.25
N TYR DD 32 -20.58 118.52 -42.98
CA TYR DD 32 -20.79 119.08 -44.32
C TYR DD 32 -19.86 118.35 -45.29
N TYR DD 33 -20.22 118.36 -46.58
CA TYR DD 33 -19.42 117.64 -47.58
C TYR DD 33 -19.42 118.41 -48.89
N LEU DD 34 -18.39 118.16 -49.70
CA LEU DD 34 -18.25 118.74 -51.04
C LEU DD 34 -17.36 117.86 -51.93
N PRO DD 35 -17.87 117.29 -53.01
CA PRO DD 35 -17.03 116.46 -53.88
C PRO DD 35 -16.24 117.30 -54.89
N GLU DD 36 -15.16 116.68 -55.36
CA GLU DD 36 -14.28 117.30 -56.36
C GLU DD 36 -13.56 116.18 -57.09
N THR DD 37 -13.20 116.44 -58.35
CA THR DD 37 -12.75 115.36 -59.23
C THR DD 37 -11.42 114.76 -58.80
N SER DD 38 -10.63 115.47 -57.99
CA SER DD 38 -9.35 114.97 -57.51
C SER DD 38 -9.20 115.00 -55.99
N SER DD 39 -10.14 115.58 -55.26
CA SER DD 39 -10.07 115.58 -53.80
C SER DD 39 -11.48 115.80 -53.26
N SER DD 40 -11.58 116.02 -51.95
CA SER DD 40 -12.86 116.23 -51.30
C SER DD 40 -12.66 117.08 -50.05
N PHE DD 41 -13.75 117.69 -49.60
CA PHE DD 41 -13.73 118.53 -48.40
C PHE DD 41 -14.85 118.09 -47.46
N ARG DD 42 -14.53 118.06 -46.18
CA ARG DD 42 -15.48 117.63 -45.15
C ARG DD 42 -15.23 118.44 -43.89
N ALA DD 43 -16.30 118.75 -43.16
CA ALA DD 43 -16.21 119.47 -41.90
C ALA DD 43 -17.19 118.85 -40.92
N LYS DD 44 -16.77 118.74 -39.66
CA LYS DD 44 -17.58 118.09 -38.63
C LYS DD 44 -17.58 118.92 -37.36
N VAL DD 45 -18.68 118.86 -36.62
CA VAL DD 45 -18.87 119.58 -35.37
C VAL DD 45 -19.48 118.62 -34.35
N ARG DD 46 -19.05 118.72 -33.09
CA ARG DD 46 -19.52 117.85 -32.03
C ARG DD 46 -19.62 118.59 -30.71
N HIS DD 47 -20.49 118.08 -29.84
CA HIS DD 47 -20.62 118.55 -28.46
C HIS DD 47 -20.73 117.36 -27.52
N THR DD 48 -20.14 117.49 -26.33
CA THR DD 48 -20.20 116.43 -25.32
C THR DD 48 -20.04 117.04 -23.94
N LYS DD 49 -20.48 116.27 -22.93
CA LYS DD 49 -20.21 116.57 -21.53
C LYS DD 49 -19.81 115.28 -20.82
N GLU DD 50 -18.86 115.40 -19.88
CA GLU DD 50 -18.38 114.23 -19.17
C GLU DD 50 -19.39 113.77 -18.12
N SER DD 51 -19.22 112.53 -17.66
CA SER DD 51 -20.14 111.94 -16.70
C SER DD 51 -20.04 112.63 -15.34
N VAL DD 52 -21.15 112.67 -14.62
CA VAL DD 52 -21.21 113.30 -13.31
C VAL DD 52 -20.75 112.31 -12.24
N LYS DD 53 -19.98 112.80 -11.28
CA LYS DD 53 -19.67 112.09 -10.05
C LYS DD 53 -19.71 113.08 -8.90
N PRO DD 54 -19.99 112.62 -7.68
CA PRO DD 54 -20.49 113.56 -6.65
C PRO DD 54 -19.49 114.63 -6.22
N ASN DD 55 -18.19 114.43 -6.36
CA ASN DD 55 -17.21 115.37 -5.81
C ASN DD 55 -16.36 116.05 -6.87
N GLN DD 56 -16.75 115.98 -8.14
CA GLN DD 56 -15.97 116.54 -9.23
C GLN DD 56 -16.79 117.58 -9.99
N VAL DD 57 -16.11 118.66 -10.40
CA VAL DD 57 -16.77 119.69 -11.19
C VAL DD 57 -17.17 119.12 -12.55
N GLN DD 58 -18.35 119.51 -13.03
CA GLN DD 58 -18.92 118.95 -14.24
C GLN DD 58 -18.71 119.90 -15.42
N TYR DD 59 -18.14 119.36 -16.50
CA TYR DD 59 -17.63 120.17 -17.61
C TYR DD 59 -18.35 119.79 -18.90
N GLU DD 60 -18.27 120.67 -19.89
CA GLU DD 60 -18.71 120.33 -21.25
C GLU DD 60 -17.65 120.78 -22.26
N ARG DD 61 -17.64 120.12 -23.41
CA ARG DD 61 -16.57 120.26 -24.39
C ARG DD 61 -17.17 120.54 -25.77
N HIS DD 62 -16.53 121.41 -26.55
CA HIS DD 62 -16.93 121.67 -27.94
C HIS DD 62 -15.75 121.41 -28.87
N ASN DD 63 -16.05 120.81 -30.04
CA ASN DD 63 -15.04 120.44 -31.02
C ASN DD 63 -15.50 120.83 -32.42
N VAL DD 64 -14.55 121.19 -33.27
CA VAL DD 64 -14.80 121.46 -34.68
C VAL DD 64 -13.53 121.17 -35.48
N GLU DD 65 -13.69 120.54 -36.65
CA GLU DD 65 -12.55 120.12 -37.44
C GLU DD 65 -12.79 120.37 -38.92
N PHE DD 66 -11.71 120.61 -39.64
CA PHE DD 66 -11.67 120.61 -41.10
C PHE DD 66 -10.84 119.41 -41.55
N THR DD 67 -11.25 118.77 -42.64
CA THR DD 67 -10.56 117.61 -43.17
C THR DD 67 -10.46 117.72 -44.68
N GLU DD 68 -9.29 117.37 -45.22
CA GLU DD 68 -9.05 117.35 -46.66
C GLU DD 68 -8.46 116.01 -47.04
N THR DD 69 -9.01 115.38 -48.09
CA THR DD 69 -8.57 114.07 -48.55
C THR DD 69 -8.19 114.14 -50.01
N VAL DD 70 -7.10 113.46 -50.38
CA VAL DD 70 -6.62 113.39 -51.75
C VAL DD 70 -6.65 111.95 -52.20
N TYR DD 71 -7.29 111.70 -53.34
CA TYR DD 71 -7.42 110.34 -53.85
C TYR DD 71 -6.09 109.85 -54.42
N ALA DD 72 -5.95 108.52 -54.48
CA ALA DD 72 -4.71 107.91 -54.91
C ALA DD 72 -4.56 108.07 -56.42
N SER DD 73 -3.47 108.72 -56.83
CA SER DD 73 -3.15 108.89 -58.25
C SER DD 73 -1.79 108.27 -58.52
N GLY DD 74 -1.72 107.39 -59.51
CA GLY DD 74 -0.47 106.72 -59.81
C GLY DD 74 0.02 105.91 -58.63
N SER DD 75 1.31 106.04 -58.34
CA SER DD 75 1.92 105.25 -57.26
C SER DD 75 1.55 105.80 -55.88
N THR DD 76 1.38 107.10 -55.76
CA THR DD 76 1.12 107.71 -54.46
C THR DD 76 -0.23 107.23 -53.92
N PRO DD 77 -0.29 106.72 -52.69
CA PRO DD 77 -1.59 106.35 -52.10
C PRO DD 77 -2.34 107.56 -51.56
N GLU DD 78 -3.52 107.28 -51.04
CA GLU DD 78 -4.37 108.32 -50.47
C GLU DD 78 -3.71 108.94 -49.24
N PHE DD 79 -3.94 110.24 -49.05
CA PHE DD 79 -3.48 110.91 -47.83
C PHE DD 79 -4.39 112.09 -47.57
N VAL DD 80 -4.39 112.55 -46.32
CA VAL DD 80 -5.41 113.47 -45.80
C VAL DD 80 -4.75 114.58 -45.00
N ARG DD 81 -5.49 115.68 -44.84
CA ARG DD 81 -5.10 116.78 -43.97
C ARG DD 81 -6.26 117.19 -43.09
N GLN DD 82 -5.95 117.57 -41.85
CA GLN DD 82 -6.93 118.07 -40.89
C GLN DD 82 -6.40 119.30 -40.18
N ALA DD 83 -7.31 119.99 -39.50
CA ALA DD 83 -6.97 121.01 -38.51
C ALA DD 83 -8.20 121.24 -37.66
N TYR DD 84 -8.08 121.10 -36.33
CA TYR DD 84 -9.24 121.16 -35.47
C TYR DD 84 -8.90 121.86 -34.16
N VAL DD 85 -9.94 122.32 -33.48
CA VAL DD 85 -9.82 123.03 -32.21
C VAL DD 85 -10.85 122.47 -31.23
N VAL DD 86 -10.56 122.59 -29.94
CA VAL DD 86 -11.43 122.08 -28.88
C VAL DD 86 -11.52 123.11 -27.78
N ILE DD 87 -12.70 123.26 -27.19
CA ILE DD 87 -12.96 124.19 -26.09
C ILE DD 87 -13.62 123.43 -24.96
N ARG DD 88 -13.16 123.64 -23.74
CA ARG DD 88 -13.68 122.94 -22.56
C ARG DD 88 -13.89 123.94 -21.45
N HIS DD 89 -15.09 123.93 -20.85
CA HIS DD 89 -15.41 124.85 -19.76
C HIS DD 89 -16.59 124.29 -18.98
N LYS DD 90 -16.77 124.81 -17.77
CA LYS DD 90 -17.78 124.26 -16.88
C LYS DD 90 -19.16 124.78 -17.25
N VAL DD 91 -20.19 124.04 -16.83
CA VAL DD 91 -21.52 124.21 -17.38
C VAL DD 91 -22.09 125.59 -17.02
N GLY DD 92 -21.89 126.01 -15.78
CA GLY DD 92 -22.41 127.29 -15.32
C GLY DD 92 -21.51 128.49 -15.55
N ASP DD 93 -20.41 128.33 -16.29
CA ASP DD 93 -19.48 129.43 -16.50
C ASP DD 93 -20.15 130.60 -17.21
N VAL DD 94 -19.39 131.69 -17.34
CA VAL DD 94 -19.84 132.86 -18.09
C VAL DD 94 -19.34 132.74 -19.52
N SER DD 95 -20.25 132.94 -20.48
CA SER DD 95 -19.92 132.68 -21.87
C SER DD 95 -18.88 133.66 -22.41
N ALA DD 96 -18.98 134.93 -22.03
CA ALA DD 96 -18.14 135.95 -22.64
C ALA DD 96 -16.65 135.70 -22.37
N THR DD 97 -16.30 135.31 -21.14
CA THR DD 97 -14.90 135.06 -20.82
C THR DD 97 -14.36 133.88 -21.62
N VAL DD 98 -15.16 132.81 -21.76
CA VAL DD 98 -14.73 131.68 -22.56
C VAL DD 98 -14.55 132.10 -24.01
N SER DD 99 -15.45 132.94 -24.51
CA SER DD 99 -15.29 133.45 -25.87
C SER DD 99 -14.00 134.25 -26.01
N ASP DD 100 -13.67 135.04 -24.99
CA ASP DD 100 -12.46 135.84 -25.03
C ASP DD 100 -11.22 134.95 -25.06
N LEU DD 101 -11.19 133.92 -24.21
CA LEU DD 101 -10.06 132.99 -24.23
C LEU DD 101 -9.97 132.27 -25.57
N GLY DD 102 -11.12 131.95 -26.19
CA GLY DD 102 -11.09 131.36 -27.51
C GLY DD 102 -10.55 132.29 -28.57
N GLU DD 103 -10.97 133.55 -28.54
CA GLU DD 103 -10.45 134.54 -29.48
C GLU DD 103 -8.98 134.81 -29.28
N ALA DD 104 -8.46 134.52 -28.08
CA ALA DD 104 -7.03 134.65 -27.84
C ALA DD 104 -6.23 133.78 -28.83
N LEU DD 105 -6.59 132.50 -28.92
CA LEU DD 105 -5.90 131.61 -29.86
C LEU DD 105 -6.08 132.10 -31.29
N SER DD 106 -7.30 132.47 -31.66
CA SER DD 106 -7.56 132.88 -33.03
C SER DD 106 -6.70 134.08 -33.40
N PHE DD 107 -6.54 135.03 -32.50
CA PHE DD 107 -5.70 136.19 -32.80
C PHE DD 107 -4.22 135.82 -32.83
N TYR DD 108 -3.81 134.87 -31.98
CA TYR DD 108 -2.41 134.51 -31.88
C TYR DD 108 -1.89 133.70 -33.07
N LEU DD 109 -2.75 132.97 -33.78
CA LEU DD 109 -2.31 132.10 -34.86
C LEU DD 109 -2.35 132.84 -36.19
N ASN DD 110 -1.23 132.82 -36.91
CA ASN DD 110 -1.14 133.43 -38.23
C ASN DD 110 -0.17 132.62 -39.08
N GLU DD 111 0.15 133.14 -40.27
CA GLU DD 111 0.97 132.38 -41.20
C GLU DD 111 2.38 132.15 -40.67
N ALA DD 112 3.00 133.20 -40.10
CA ALA DD 112 4.37 133.07 -39.65
C ALA DD 112 4.50 132.00 -38.57
N LEU DD 113 3.57 131.99 -37.61
CA LEU DD 113 3.64 130.99 -36.55
C LEU DD 113 3.39 129.60 -37.10
N TYR DD 114 2.46 129.44 -38.05
CA TYR DD 114 2.28 128.14 -38.67
C TYR DD 114 3.56 127.69 -39.36
N GLY DD 115 4.29 128.62 -39.97
CA GLY DD 115 5.59 128.30 -40.53
C GLY DD 115 6.58 127.84 -39.48
N LYS DD 116 6.59 128.50 -38.31
CA LYS DD 116 7.46 128.05 -37.23
C LYS DD 116 7.12 126.63 -36.80
N LEU DD 117 5.84 126.35 -36.58
CA LEU DD 117 5.46 125.01 -36.11
C LEU DD 117 5.80 123.95 -37.15
N ILE DD 118 5.52 124.21 -38.43
CA ILE DD 118 5.90 123.26 -39.46
C ILE DD 118 7.41 123.17 -39.61
N GLY DD 119 8.15 124.20 -39.19
CA GLY DD 119 9.58 124.12 -39.11
C GLY DD 119 10.09 123.36 -37.91
N TRP DD 120 9.18 122.70 -37.20
CA TRP DD 120 9.46 121.77 -36.11
C TRP DD 120 9.91 122.54 -34.87
N GLU DD 121 9.91 123.87 -34.93
CA GLU DD 121 10.43 124.75 -33.88
C GLU DD 121 9.44 124.94 -32.74
N SER DD 122 9.59 124.12 -31.69
CA SER DD 122 8.79 124.29 -30.46
C SER DD 122 9.03 125.66 -29.84
N ALA ED 1 -41.49 118.81 -38.05
CA ALA ED 1 -40.75 120.10 -38.17
C ALA ED 1 -41.62 121.26 -37.69
N LEU ED 2 -41.63 121.48 -36.36
CA LEU ED 2 -42.40 122.57 -35.78
C LEU ED 2 -41.82 123.93 -36.14
N GLY ED 3 -40.53 124.01 -36.43
CA GLY ED 3 -39.86 125.28 -36.65
C GLY ED 3 -38.49 125.30 -36.00
N ASP ED 4 -37.59 126.13 -36.53
CA ASP ED 4 -36.23 126.18 -36.01
C ASP ED 4 -36.16 126.79 -34.61
N THR ED 5 -37.20 127.47 -34.15
CA THR ED 5 -37.25 127.99 -32.80
C THR ED 5 -38.59 127.63 -32.16
N LEU ED 6 -38.54 127.42 -30.84
CA LEU ED 6 -39.72 127.12 -30.04
C LEU ED 6 -39.75 128.10 -28.89
N THR ED 7 -40.90 128.74 -28.68
CA THR ED 7 -41.03 129.84 -27.74
C THR ED 7 -41.92 129.43 -26.58
N ILE ED 8 -41.45 129.69 -25.36
CA ILE ED 8 -42.22 129.43 -24.15
C ILE ED 8 -42.31 130.73 -23.35
N THR ED 9 -43.52 131.07 -22.92
CA THR ED 9 -43.80 132.33 -22.23
C THR ED 9 -44.06 132.03 -20.76
N LEU ED 10 -43.09 132.34 -19.91
CA LEU ED 10 -43.26 132.12 -18.48
C LEU ED 10 -44.37 133.00 -17.94
N GLY ED 11 -45.15 132.45 -17.02
CA GLY ED 11 -46.29 133.17 -16.48
C GLY ED 11 -47.54 133.15 -17.33
N GLY ED 12 -47.64 132.22 -18.27
CA GLY ED 12 -48.85 132.11 -19.08
C GLY ED 12 -48.80 133.06 -20.27
N SER ED 13 -49.87 133.82 -20.46
CA SER ED 13 -49.95 134.82 -21.50
C SER ED 13 -49.43 136.18 -21.04
N GLY ED 14 -48.86 136.26 -19.84
CA GLY ED 14 -48.34 137.51 -19.33
C GLY ED 14 -47.19 138.06 -20.15
N GLY ED 15 -46.05 137.37 -20.14
CA GLY ED 15 -44.89 137.85 -20.85
C GLY ED 15 -43.66 137.02 -20.51
N THR ED 16 -42.49 137.62 -20.70
CA THR ED 16 -41.21 136.98 -20.40
C THR ED 16 -41.06 135.68 -21.20
N ALA ED 17 -41.02 135.85 -22.52
CA ALA ED 17 -40.88 134.73 -23.42
C ALA ED 17 -39.41 134.46 -23.71
N LYS ED 18 -39.09 133.18 -23.90
CA LYS ED 18 -37.75 132.71 -24.23
C LYS ED 18 -37.77 132.02 -25.58
N VAL ED 19 -36.68 132.13 -26.34
CA VAL ED 19 -36.61 131.55 -27.67
C VAL ED 19 -35.59 130.42 -27.72
N LEU ED 20 -36.07 129.19 -27.59
CA LEU ED 20 -35.24 128.01 -27.64
C LEU ED 20 -34.73 127.75 -29.07
N ARG ED 21 -33.75 126.86 -29.18
CA ARG ED 21 -33.12 126.55 -30.45
C ARG ED 21 -32.97 125.04 -30.64
N LYS ED 22 -32.96 124.61 -31.89
CA LYS ED 22 -32.73 123.19 -32.18
C LYS ED 22 -31.36 122.75 -31.69
N ILE ED 23 -31.31 121.50 -31.23
CA ILE ED 23 -30.04 120.84 -30.89
C ILE ED 23 -29.95 119.57 -31.72
N ASN ED 24 -30.99 118.73 -31.65
CA ASN ED 24 -31.00 117.47 -32.39
C ASN ED 24 -32.36 117.21 -33.00
N GLN ED 25 -32.37 116.29 -33.96
CA GLN ED 25 -33.57 115.53 -34.32
C GLN ED 25 -33.09 114.11 -34.61
N ASP ED 26 -33.47 113.17 -33.76
CA ASP ED 26 -33.09 111.77 -33.93
C ASP ED 26 -34.21 110.88 -33.43
N GLY ED 27 -34.56 109.87 -34.21
CA GLY ED 27 -35.56 108.89 -33.80
C GLY ED 27 -36.93 109.46 -33.55
N TYR ED 28 -37.43 110.30 -34.46
CA TYR ED 28 -38.73 110.94 -34.30
C TYR ED 28 -38.81 111.72 -32.99
N THR ED 29 -37.70 112.35 -32.61
CA THR ED 29 -37.63 113.17 -31.42
C THR ED 29 -36.97 114.51 -31.77
N SER ED 30 -37.28 115.53 -30.98
CA SER ED 30 -36.69 116.84 -31.16
C SER ED 30 -36.31 117.39 -29.79
N GLU ED 31 -35.22 118.19 -29.76
CA GLU ED 31 -34.65 118.68 -28.53
C GLU ED 31 -34.38 120.17 -28.68
N TYR ED 32 -34.72 120.96 -27.67
CA TYR ED 32 -34.50 122.39 -27.70
C TYR ED 32 -33.68 122.80 -26.48
N TYR ED 33 -32.86 123.84 -26.64
CA TYR ED 33 -32.00 124.31 -25.56
C TYR ED 33 -31.78 125.81 -25.65
N LEU ED 34 -31.46 126.42 -24.51
CA LEU ED 34 -31.09 127.84 -24.43
C LEU ED 34 -30.30 128.11 -23.15
N PRO ED 35 -29.05 128.57 -23.24
CA PRO ED 35 -28.31 128.89 -22.02
C PRO ED 35 -28.58 130.31 -21.54
N GLU ED 36 -28.31 130.52 -20.26
CA GLU ED 36 -28.57 131.79 -19.58
C GLU ED 36 -27.66 131.86 -18.37
N THR ED 37 -27.49 133.08 -17.84
CA THR ED 37 -26.47 133.30 -16.81
C THR ED 37 -26.68 132.40 -15.60
N SER ED 38 -27.91 132.35 -15.08
CA SER ED 38 -28.20 131.63 -13.85
C SER ED 38 -29.10 130.42 -14.03
N SER ED 39 -29.52 130.10 -15.24
CA SER ED 39 -30.39 128.96 -15.46
C SER ED 39 -30.34 128.55 -16.92
N SER ED 40 -31.08 127.51 -17.25
CA SER ED 40 -31.19 127.01 -18.61
C SER ED 40 -32.63 126.58 -18.87
N PHE ED 41 -32.99 126.55 -20.15
CA PHE ED 41 -34.30 126.06 -20.57
C PHE ED 41 -34.11 124.98 -21.62
N ARG ED 42 -34.91 123.92 -21.53
CA ARG ED 42 -34.79 122.79 -22.44
C ARG ED 42 -36.18 122.21 -22.68
N ALA ED 43 -36.41 121.71 -23.90
CA ALA ED 43 -37.67 121.12 -24.28
C ALA ED 43 -37.44 119.94 -25.19
N LYS ED 44 -38.17 118.86 -24.97
CA LYS ED 44 -38.07 117.64 -25.78
C LYS ED 44 -39.46 117.23 -26.27
N VAL ED 45 -39.50 116.69 -27.49
CA VAL ED 45 -40.72 116.15 -28.07
C VAL ED 45 -40.44 114.71 -28.49
N ARG ED 46 -41.30 113.79 -28.08
CA ARG ED 46 -41.10 112.37 -28.36
C ARG ED 46 -42.40 111.74 -28.84
N HIS ED 47 -42.26 110.74 -29.71
CA HIS ED 47 -43.36 109.88 -30.15
C HIS ED 47 -42.91 108.43 -30.07
N THR ED 48 -43.86 107.52 -29.90
CA THR ED 48 -43.51 106.10 -29.88
C THR ED 48 -44.77 105.26 -30.08
N LYS ED 49 -44.56 103.99 -30.39
CA LYS ED 49 -45.61 102.99 -30.52
C LYS ED 49 -45.38 101.90 -29.49
N GLU ED 50 -46.45 101.50 -28.80
CA GLU ED 50 -46.33 100.49 -27.77
C GLU ED 50 -46.07 99.11 -28.38
N SER ED 51 -45.48 98.23 -27.55
CA SER ED 51 -45.17 96.89 -28.00
C SER ED 51 -46.45 96.13 -28.35
N VAL ED 52 -46.42 95.42 -29.46
CA VAL ED 52 -47.59 94.71 -29.97
C VAL ED 52 -47.58 93.29 -29.44
N LYS ED 53 -48.73 92.85 -28.95
CA LYS ED 53 -48.97 91.47 -28.56
C LYS ED 53 -50.12 90.92 -29.39
N PRO ED 54 -50.17 89.60 -29.58
CA PRO ED 54 -51.05 89.04 -30.63
C PRO ED 54 -52.53 89.32 -30.46
N ASN ED 55 -53.03 89.46 -29.23
CA ASN ED 55 -54.47 89.43 -28.97
C ASN ED 55 -54.96 90.70 -28.27
N GLN ED 56 -54.49 91.86 -28.72
CA GLN ED 56 -55.02 93.12 -28.18
C GLN ED 56 -54.72 94.24 -29.16
N VAL ED 57 -55.37 95.37 -28.94
CA VAL ED 57 -55.15 96.57 -29.75
C VAL ED 57 -53.89 97.28 -29.31
N GLN ED 58 -53.13 97.80 -30.26
CA GLN ED 58 -51.88 98.49 -29.99
C GLN ED 58 -52.09 100.00 -30.01
N TYR ED 59 -51.39 100.69 -29.11
CA TYR ED 59 -51.56 102.12 -28.88
C TYR ED 59 -50.33 102.88 -29.39
N GLU ED 60 -50.44 104.21 -29.39
CA GLU ED 60 -49.32 105.09 -29.66
C GLU ED 60 -49.35 106.26 -28.69
N ARG ED 61 -48.16 106.76 -28.36
CA ARG ED 61 -47.98 107.67 -27.24
C ARG ED 61 -47.20 108.90 -27.68
N HIS ED 62 -47.66 110.09 -27.30
CA HIS ED 62 -47.00 111.35 -27.62
C HIS ED 62 -46.71 112.12 -26.33
N ASN ED 63 -45.50 112.70 -26.26
CA ASN ED 63 -44.99 113.32 -25.05
C ASN ED 63 -44.26 114.61 -25.39
N VAL ED 64 -44.42 115.62 -24.53
CA VAL ED 64 -43.71 116.89 -24.65
C VAL ED 64 -43.47 117.45 -23.24
N GLU ED 65 -42.26 117.96 -23.01
CA GLU ED 65 -41.81 118.35 -21.68
C GLU ED 65 -41.06 119.68 -21.71
N PHE ED 66 -41.15 120.41 -20.60
CA PHE ED 66 -40.36 121.60 -20.36
C PHE ED 66 -39.50 121.36 -19.12
N THR ED 67 -38.20 121.66 -19.22
CA THR ED 67 -37.28 121.51 -18.10
C THR ED 67 -36.41 122.76 -18.01
N GLU ED 68 -36.19 123.23 -16.79
CA GLU ED 68 -35.29 124.36 -16.54
C GLU ED 68 -34.43 124.04 -15.33
N THR ED 69 -33.14 124.33 -15.43
CA THR ED 69 -32.16 124.01 -14.40
C THR ED 69 -31.58 125.29 -13.82
N VAL ED 70 -31.38 125.28 -12.50
CA VAL ED 70 -30.79 126.39 -11.77
C VAL ED 70 -29.42 125.95 -11.28
N TYR ED 71 -28.38 126.70 -11.64
CA TYR ED 71 -27.02 126.33 -11.28
C TYR ED 71 -26.79 126.48 -9.79
N ALA ED 72 -25.77 125.77 -9.30
CA ALA ED 72 -25.42 125.83 -7.90
C ALA ED 72 -24.98 127.23 -7.52
N SER ED 73 -25.30 127.63 -6.30
CA SER ED 73 -24.94 128.95 -5.80
C SER ED 73 -24.82 128.89 -4.28
N GLY ED 74 -23.70 129.40 -3.76
CA GLY ED 74 -23.49 129.36 -2.32
C GLY ED 74 -23.50 127.93 -1.80
N SER ED 75 -24.19 127.72 -0.69
CA SER ED 75 -24.30 126.41 -0.09
C SER ED 75 -25.43 125.57 -0.68
N THR ED 76 -26.27 126.15 -1.53
CA THR ED 76 -27.40 125.43 -2.11
C THR ED 76 -26.98 124.78 -3.42
N PRO ED 77 -27.07 123.45 -3.56
CA PRO ED 77 -26.68 122.81 -4.82
C PRO ED 77 -27.65 123.11 -5.94
N GLU ED 78 -27.39 122.58 -7.13
CA GLU ED 78 -28.26 122.80 -8.27
C GLU ED 78 -29.52 121.93 -8.16
N PHE ED 79 -30.59 122.40 -8.77
CA PHE ED 79 -31.87 121.69 -8.75
C PHE ED 79 -32.66 122.08 -9.99
N VAL ED 80 -33.67 121.27 -10.31
CA VAL ED 80 -34.36 121.37 -11.58
C VAL ED 80 -35.87 121.52 -11.36
N ARG ED 81 -36.52 122.08 -12.38
CA ARG ED 81 -37.98 122.10 -12.49
C ARG ED 81 -38.38 121.46 -13.81
N GLN ED 82 -39.54 120.81 -13.82
CA GLN ED 82 -39.99 120.07 -14.99
C GLN ED 82 -41.51 120.05 -15.02
N ALA ED 83 -42.06 119.77 -16.20
CA ALA ED 83 -43.48 119.62 -16.38
C ALA ED 83 -43.73 119.08 -17.79
N TYR ED 84 -44.54 118.02 -17.89
CA TYR ED 84 -44.73 117.39 -19.19
C TYR ED 84 -46.11 116.74 -19.25
N VAL ED 85 -46.52 116.40 -20.47
CA VAL ED 85 -47.81 115.80 -20.75
C VAL ED 85 -47.63 114.57 -21.63
N VAL ED 86 -48.63 113.70 -21.61
CA VAL ED 86 -48.63 112.46 -22.38
C VAL ED 86 -50.02 112.25 -22.99
N ILE ED 87 -50.05 111.86 -24.26
CA ILE ED 87 -51.28 111.52 -24.97
C ILE ED 87 -51.17 110.06 -25.41
N ARG ED 88 -52.18 109.25 -25.08
CA ARG ED 88 -52.20 107.85 -25.48
C ARG ED 88 -53.54 107.53 -26.11
N HIS ED 89 -53.52 106.93 -27.29
CA HIS ED 89 -54.75 106.56 -27.98
C HIS ED 89 -54.45 105.46 -28.97
N LYS ED 90 -55.48 104.71 -29.34
CA LYS ED 90 -55.28 103.56 -30.23
C LYS ED 90 -54.92 104.04 -31.64
N VAL ED 91 -54.31 103.14 -32.40
CA VAL ED 91 -53.90 103.44 -33.76
C VAL ED 91 -55.13 103.41 -34.66
N GLY ED 92 -55.27 104.44 -35.48
CA GLY ED 92 -56.39 104.55 -36.38
C GLY ED 92 -57.63 105.21 -35.79
N ASP ED 93 -57.53 105.81 -34.61
CA ASP ED 93 -58.66 106.48 -34.02
C ASP ED 93 -58.94 107.78 -34.77
N VAL ED 94 -60.00 108.48 -34.37
CA VAL ED 94 -60.39 109.73 -35.01
C VAL ED 94 -59.65 110.88 -34.35
N SER ED 95 -58.99 111.71 -35.17
CA SER ED 95 -58.05 112.69 -34.65
C SER ED 95 -58.76 113.78 -33.84
N ALA ED 96 -59.90 114.25 -34.32
CA ALA ED 96 -60.52 115.44 -33.72
C ALA ED 96 -60.94 115.19 -32.27
N THR ED 97 -61.58 114.05 -32.01
CA THR ED 97 -62.01 113.72 -30.65
C THR ED 97 -60.80 113.49 -29.74
N VAL ED 98 -59.79 112.79 -30.24
CA VAL ED 98 -58.57 112.59 -29.47
C VAL ED 98 -57.95 113.94 -29.11
N SER ED 99 -58.14 114.93 -29.98
CA SER ED 99 -57.63 116.26 -29.69
C SER ED 99 -58.49 116.96 -28.64
N ASP ED 100 -59.81 116.85 -28.77
CA ASP ED 100 -60.72 117.48 -27.82
C ASP ED 100 -60.46 116.98 -26.41
N LEU ED 101 -60.28 115.67 -26.25
CA LEU ED 101 -59.63 115.17 -25.06
C LEU ED 101 -58.17 115.61 -25.10
N GLY ED 102 -57.66 116.07 -23.99
CA GLY ED 102 -56.38 116.76 -24.00
C GLY ED 102 -56.55 118.27 -24.09
N GLU ED 103 -57.33 118.73 -25.06
CA GLU ED 103 -57.66 120.16 -25.09
C GLU ED 103 -58.49 120.53 -23.87
N ALA ED 104 -59.39 119.64 -23.45
CA ALA ED 104 -60.11 119.85 -22.20
C ALA ED 104 -59.17 119.97 -21.02
N LEU ED 105 -58.17 119.09 -20.95
CA LEU ED 105 -57.20 119.12 -19.86
C LEU ED 105 -56.43 120.43 -19.87
N SER ED 106 -56.03 120.89 -21.06
CA SER ED 106 -55.33 122.17 -21.16
C SER ED 106 -56.20 123.32 -20.69
N PHE ED 107 -57.49 123.30 -21.04
CA PHE ED 107 -58.39 124.36 -20.58
C PHE ED 107 -58.56 124.31 -19.06
N TYR ED 108 -58.63 123.11 -18.48
CA TYR ED 108 -58.87 123.00 -17.04
C TYR ED 108 -57.74 123.63 -16.24
N LEU ED 109 -56.49 123.37 -16.64
CA LEU ED 109 -55.34 123.85 -15.89
C LEU ED 109 -55.27 125.38 -15.97
N ASN ED 110 -55.13 126.03 -14.83
CA ASN ED 110 -55.08 127.49 -14.77
C ASN ED 110 -54.36 127.89 -13.48
N GLU ED 111 -54.46 129.16 -13.12
CA GLU ED 111 -53.75 129.66 -11.93
C GLU ED 111 -54.20 128.92 -10.68
N ALA ED 112 -55.50 128.93 -10.41
CA ALA ED 112 -55.99 128.45 -9.12
C ALA ED 112 -55.70 126.97 -8.91
N LEU ED 113 -55.91 126.15 -9.95
CA LEU ED 113 -55.69 124.72 -9.79
C LEU ED 113 -54.23 124.42 -9.51
N TYR ED 114 -53.32 125.09 -10.22
CA TYR ED 114 -51.89 124.91 -9.93
C TYR ED 114 -51.55 125.38 -8.52
N GLY ED 115 -52.13 126.50 -8.10
CA GLY ED 115 -51.89 126.95 -6.74
C GLY ED 115 -52.33 125.93 -5.70
N LYS ED 116 -53.52 125.35 -5.91
CA LYS ED 116 -54.01 124.35 -4.96
C LYS ED 116 -53.22 123.04 -5.07
N LEU ED 117 -52.91 122.61 -6.30
CA LEU ED 117 -52.23 121.34 -6.47
C LEU ED 117 -50.88 121.31 -5.76
N ILE ED 118 -50.22 122.46 -5.65
CA ILE ED 118 -48.95 122.51 -4.92
C ILE ED 118 -49.18 122.25 -3.43
N GLY ED 119 -50.35 122.61 -2.92
CA GLY ED 119 -50.67 122.39 -1.53
C GLY ED 119 -51.09 120.97 -1.20
N TRP ED 120 -50.67 120.00 -2.01
CA TRP ED 120 -51.01 118.59 -1.83
C TRP ED 120 -52.51 118.32 -1.88
N GLU ED 121 -53.32 119.30 -2.25
CA GLU ED 121 -54.76 119.10 -2.31
C GLU ED 121 -55.11 117.96 -3.27
N SER ED 122 -56.11 117.17 -2.89
CA SER ED 122 -56.58 116.09 -3.74
C SER ED 122 -58.10 116.03 -3.70
N ALA FD 1 -31.00 119.09 -45.72
CA ALA FD 1 -30.60 120.17 -46.67
C ALA FD 1 -31.67 120.39 -47.72
N LEU FD 2 -32.46 119.35 -48.01
CA LEU FD 2 -33.44 119.44 -49.08
C LEU FD 2 -34.47 120.53 -48.80
N GLY FD 3 -34.97 120.59 -47.57
CA GLY FD 3 -35.97 121.58 -47.20
C GLY FD 3 -36.97 121.04 -46.19
N ASP FD 4 -37.75 121.93 -45.58
CA ASP FD 4 -38.67 121.51 -44.53
C ASP FD 4 -39.84 120.71 -45.10
N THR FD 5 -40.35 121.09 -46.26
CA THR FD 5 -41.52 120.46 -46.85
C THR FD 5 -41.24 120.03 -48.29
N LEU FD 6 -41.92 118.96 -48.69
CA LEU FD 6 -41.84 118.40 -50.04
C LEU FD 6 -43.22 118.50 -50.67
N THR FD 7 -43.28 118.98 -51.91
CA THR FD 7 -44.54 119.13 -52.62
C THR FD 7 -44.64 118.10 -53.74
N ILE FD 8 -45.74 117.36 -53.74
CA ILE FD 8 -46.06 116.41 -54.80
C ILE FD 8 -47.27 116.94 -55.54
N THR FD 9 -47.14 117.12 -56.85
CA THR FD 9 -48.23 117.62 -57.68
C THR FD 9 -48.83 116.42 -58.42
N LEU FD 10 -49.76 115.74 -57.75
CA LEU FD 10 -50.41 114.59 -58.36
C LEU FD 10 -51.08 115.02 -59.66
N GLY FD 11 -50.90 114.22 -60.71
CA GLY FD 11 -51.37 114.61 -62.02
C GLY FD 11 -50.37 115.40 -62.82
N GLY FD 12 -49.10 115.37 -62.46
CA GLY FD 12 -48.10 116.07 -63.23
C GLY FD 12 -48.27 117.58 -63.10
N SER FD 13 -47.77 118.27 -64.11
CA SER FD 13 -47.88 119.73 -64.13
C SER FD 13 -49.33 120.14 -64.26
N GLY FD 14 -49.72 121.15 -63.46
CA GLY FD 14 -51.08 121.66 -63.48
C GLY FD 14 -52.08 120.88 -62.65
N GLY FD 15 -51.65 119.85 -61.94
CA GLY FD 15 -52.56 119.01 -61.16
C GLY FD 15 -52.75 119.49 -59.74
N THR FD 16 -53.26 118.58 -58.91
CA THR FD 16 -53.43 118.84 -57.48
C THR FD 16 -52.10 118.73 -56.77
N ALA FD 17 -51.87 119.63 -55.82
CA ALA FD 17 -50.63 119.69 -55.06
C ALA FD 17 -50.86 119.23 -53.63
N LYS FD 18 -49.99 118.33 -53.16
CA LYS FD 18 -49.99 117.87 -51.79
C LYS FD 18 -48.61 118.15 -51.19
N VAL FD 19 -48.59 118.71 -49.98
CA VAL FD 19 -47.35 119.13 -49.34
C VAL FD 19 -47.09 118.21 -48.14
N LEU FD 20 -45.95 117.53 -48.15
CA LEU FD 20 -45.56 116.69 -47.03
C LEU FD 20 -44.75 117.52 -46.01
N ARG FD 21 -44.45 116.90 -44.88
CA ARG FD 21 -43.69 117.52 -43.79
C ARG FD 21 -42.52 116.64 -43.41
N LYS FD 22 -41.38 117.24 -43.07
CA LYS FD 22 -40.23 116.46 -42.64
C LYS FD 22 -40.49 115.85 -41.27
N ILE FD 23 -40.11 114.58 -41.12
CA ILE FD 23 -40.31 113.86 -39.87
C ILE FD 23 -39.02 113.30 -39.28
N ASN FD 24 -38.05 112.90 -40.08
CA ASN FD 24 -36.86 112.26 -39.53
C ASN FD 24 -35.80 112.17 -40.61
N GLN FD 25 -34.54 112.27 -40.18
CA GLN FD 25 -33.41 112.06 -41.08
C GLN FD 25 -32.18 111.80 -40.21
N ASP FD 26 -31.73 110.55 -40.17
CA ASP FD 26 -30.62 110.17 -39.31
C ASP FD 26 -29.43 109.62 -40.08
N GLY FD 27 -29.62 108.59 -40.89
CA GLY FD 27 -28.50 107.93 -41.55
C GLY FD 27 -28.31 108.33 -42.99
N TYR FD 28 -28.10 109.63 -43.24
CA TYR FD 28 -28.05 110.16 -44.60
C TYR FD 28 -29.36 109.90 -45.33
N THR FD 29 -30.43 109.72 -44.56
CA THR FD 29 -31.75 109.36 -45.08
C THR FD 29 -32.72 110.44 -44.62
N SER FD 30 -33.81 110.61 -45.37
CA SER FD 30 -34.80 111.63 -45.07
C SER FD 30 -36.20 111.05 -45.19
N GLU FD 31 -37.14 111.64 -44.46
CA GLU FD 31 -38.49 111.12 -44.37
C GLU FD 31 -39.50 112.26 -44.38
N TYR FD 32 -40.58 112.07 -45.15
CA TYR FD 32 -41.69 113.01 -45.24
C TYR FD 32 -42.98 112.23 -45.10
N TYR FD 33 -44.00 112.84 -44.49
CA TYR FD 33 -45.24 112.11 -44.23
C TYR FD 33 -46.41 113.08 -44.23
N LEU FD 34 -47.60 112.55 -44.53
CA LEU FD 34 -48.83 113.33 -44.48
C LEU FD 34 -50.05 112.41 -44.38
N PRO FD 35 -50.85 112.49 -43.32
CA PRO FD 35 -52.06 111.67 -43.24
C PRO FD 35 -53.29 112.39 -43.78
N GLU FD 36 -54.29 111.58 -44.16
CA GLU FD 36 -55.54 112.10 -44.69
C GLU FD 36 -56.66 111.12 -44.36
N THR FD 37 -57.87 111.45 -44.82
CA THR FD 37 -59.05 110.67 -44.42
C THR FD 37 -59.01 109.27 -45.00
N SER FD 38 -58.68 109.13 -46.29
CA SER FD 38 -58.74 107.84 -46.97
C SER FD 38 -57.40 107.44 -47.57
N SER FD 39 -56.33 108.19 -47.30
CA SER FD 39 -55.02 107.84 -47.82
C SER FD 39 -53.95 108.53 -46.97
N SER FD 40 -52.71 108.06 -47.14
CA SER FD 40 -51.56 108.64 -46.46
C SER FD 40 -50.42 108.75 -47.46
N PHE FD 41 -49.56 109.75 -47.24
CA PHE FD 41 -48.50 110.09 -48.17
C PHE FD 41 -47.17 110.11 -47.44
N ARG FD 42 -46.18 109.44 -48.01
CA ARG FD 42 -44.84 109.41 -47.45
C ARG FD 42 -43.84 109.61 -48.57
N ALA FD 43 -42.74 110.29 -48.27
CA ALA FD 43 -41.64 110.43 -49.21
C ALA FD 43 -40.32 110.22 -48.48
N LYS FD 44 -39.44 109.45 -49.10
CA LYS FD 44 -38.17 109.04 -48.51
C LYS FD 44 -37.03 109.29 -49.48
N VAL FD 45 -35.86 109.58 -48.91
CA VAL FD 45 -34.62 109.72 -49.68
C VAL FD 45 -33.52 108.96 -48.96
N ARG FD 46 -32.70 108.25 -49.71
CA ARG FD 46 -31.53 107.56 -49.18
C ARG FD 46 -30.29 107.91 -49.99
N HIS FD 47 -29.14 107.78 -49.32
CA HIS FD 47 -27.82 107.77 -49.96
C HIS FD 47 -27.03 106.60 -49.40
N THR FD 48 -26.27 105.92 -50.27
CA THR FD 48 -25.55 104.73 -49.83
C THR FD 48 -24.26 104.62 -50.62
N LYS FD 49 -23.30 103.91 -50.02
CA LYS FD 49 -22.00 103.60 -50.62
C LYS FD 49 -21.88 102.10 -50.76
N GLU FD 50 -21.61 101.62 -51.97
CA GLU FD 50 -21.59 100.19 -52.23
C GLU FD 50 -20.34 99.55 -51.63
N SER FD 51 -20.39 98.22 -51.50
CA SER FD 51 -19.31 97.49 -50.88
C SER FD 51 -18.01 97.65 -51.67
N VAL FD 52 -16.90 97.74 -50.95
CA VAL FD 52 -15.59 97.95 -51.55
C VAL FD 52 -14.96 96.59 -51.85
N LYS FD 53 -14.27 96.50 -52.98
CA LYS FD 53 -13.52 95.31 -53.37
C LYS FD 53 -12.08 95.70 -53.69
N PRO FD 54 -11.15 94.75 -53.58
CA PRO FD 54 -9.76 95.08 -53.92
C PRO FD 54 -9.62 95.51 -55.37
N ASN FD 55 -8.76 96.51 -55.59
CA ASN FD 55 -8.34 96.98 -56.91
C ASN FD 55 -9.49 96.98 -57.91
N GLN FD 56 -10.65 97.48 -57.49
CA GLN FD 56 -11.80 97.65 -58.37
C GLN FD 56 -12.29 99.09 -58.27
N VAL FD 57 -12.95 99.58 -59.32
CA VAL FD 57 -13.64 100.85 -59.21
C VAL FD 57 -14.72 100.72 -58.14
N GLN FD 58 -14.83 101.73 -57.30
CA GLN FD 58 -15.80 101.75 -56.22
C GLN FD 58 -16.87 102.81 -56.50
N TYR FD 59 -18.13 102.45 -56.25
CA TYR FD 59 -19.28 103.16 -56.78
C TYR FD 59 -20.11 103.82 -55.68
N GLU FD 60 -21.13 104.56 -56.11
CA GLU FD 60 -22.01 105.31 -55.21
C GLU FD 60 -23.43 105.27 -55.78
N ARG FD 61 -24.43 105.32 -54.88
CA ARG FD 61 -25.83 105.25 -55.27
C ARG FD 61 -26.64 106.37 -54.62
N HIS FD 62 -27.71 106.79 -55.29
CA HIS FD 62 -28.77 107.60 -54.69
C HIS FD 62 -30.13 107.01 -55.02
N ASN FD 63 -31.12 107.34 -54.19
CA ASN FD 63 -32.45 106.74 -54.29
C ASN FD 63 -33.50 107.73 -53.79
N VAL FD 64 -34.69 107.66 -54.38
CA VAL FD 64 -35.85 108.42 -53.88
C VAL FD 64 -37.11 107.68 -54.30
N GLU FD 65 -38.11 107.65 -53.40
CA GLU FD 65 -39.32 106.88 -53.60
C GLU FD 65 -40.54 107.67 -53.16
N PHE FD 66 -41.66 107.44 -53.85
CA PHE FD 66 -42.99 107.86 -53.40
C PHE FD 66 -43.85 106.64 -53.19
N THR FD 67 -44.72 106.67 -52.17
CA THR FD 67 -45.64 105.57 -51.92
C THR FD 67 -46.97 106.12 -51.41
N GLU FD 68 -48.06 105.45 -51.80
CA GLU FD 68 -49.41 105.84 -51.41
C GLU FD 68 -50.11 104.66 -50.75
N THR FD 69 -50.68 104.89 -49.58
CA THR FD 69 -51.39 103.85 -48.83
C THR FD 69 -52.87 104.21 -48.75
N VAL FD 70 -53.72 103.21 -49.00
CA VAL FD 70 -55.17 103.38 -48.98
C VAL FD 70 -55.73 102.44 -47.91
N TYR FD 71 -56.45 103.00 -46.95
CA TYR FD 71 -56.94 102.21 -45.82
C TYR FD 71 -58.03 101.25 -46.28
N ALA FD 72 -58.09 100.11 -45.59
CA ALA FD 72 -59.06 99.08 -45.93
C ALA FD 72 -60.48 99.59 -45.71
N SER FD 73 -61.35 99.35 -46.68
CA SER FD 73 -62.74 99.77 -46.63
C SER FD 73 -63.63 98.59 -46.98
N GLY FD 74 -64.52 98.23 -46.07
CA GLY FD 74 -65.41 97.10 -46.33
C GLY FD 74 -64.63 95.84 -46.57
N SER FD 75 -64.99 95.13 -47.65
CA SER FD 75 -64.30 93.90 -47.99
C SER FD 75 -62.88 94.17 -48.49
N THR FD 76 -62.68 95.28 -49.19
CA THR FD 76 -61.39 95.60 -49.78
C THR FD 76 -60.34 95.77 -48.69
N PRO FD 77 -59.22 95.05 -48.74
CA PRO FD 77 -58.18 95.20 -47.72
C PRO FD 77 -57.23 96.35 -48.07
N GLU FD 78 -56.14 96.41 -47.31
CA GLU FD 78 -55.11 97.42 -47.52
C GLU FD 78 -54.37 97.16 -48.84
N PHE FD 79 -53.93 98.25 -49.47
CA PHE FD 79 -53.05 98.15 -50.64
C PHE FD 79 -52.29 99.46 -50.78
N VAL FD 80 -51.28 99.47 -51.65
CA VAL FD 80 -50.29 100.53 -51.70
C VAL FD 80 -49.88 100.77 -53.14
N ARG FD 81 -49.51 102.00 -53.45
CA ARG FD 81 -48.89 102.37 -54.71
C ARG FD 81 -47.49 102.91 -54.41
N GLN FD 82 -46.55 102.63 -55.31
CA GLN FD 82 -45.15 102.99 -55.10
C GLN FD 82 -44.53 103.39 -56.44
N ALA FD 83 -43.44 104.13 -56.37
CA ALA FD 83 -42.65 104.47 -57.54
C ALA FD 83 -41.34 105.13 -57.11
N TYR FD 84 -40.20 104.61 -57.58
CA TYR FD 84 -38.92 105.13 -57.10
C TYR FD 84 -37.87 105.07 -58.21
N VAL FD 85 -36.80 105.83 -58.01
CA VAL FD 85 -35.69 105.94 -58.95
C VAL FD 85 -34.38 105.84 -58.17
N VAL FD 86 -33.33 105.37 -58.84
CA VAL FD 86 -31.99 105.35 -58.27
C VAL FD 86 -30.99 105.72 -59.35
N ILE FD 87 -29.78 106.12 -58.93
CA ILE FD 87 -28.71 106.55 -59.82
C ILE FD 87 -27.40 105.95 -59.33
N ARG FD 88 -26.54 105.52 -60.25
CA ARG FD 88 -25.24 105.00 -59.91
C ARG FD 88 -24.17 105.78 -60.67
N HIS FD 89 -23.04 106.05 -60.01
CA HIS FD 89 -21.90 106.67 -60.68
C HIS FD 89 -20.67 106.57 -59.79
N LYS FD 90 -19.50 106.55 -60.42
CA LYS FD 90 -18.25 106.43 -59.68
C LYS FD 90 -17.85 107.78 -59.09
N VAL FD 91 -17.14 107.70 -57.98
CA VAL FD 91 -16.71 108.91 -57.27
C VAL FD 91 -15.65 109.61 -58.10
N GLY FD 92 -15.72 110.94 -58.14
CA GLY FD 92 -14.80 111.75 -58.92
C GLY FD 92 -15.22 111.98 -60.36
N ASP FD 93 -16.33 111.38 -60.79
CA ASP FD 93 -16.81 111.62 -62.13
C ASP FD 93 -17.51 112.97 -62.19
N VAL FD 94 -17.64 113.51 -63.40
CA VAL FD 94 -18.17 114.86 -63.55
C VAL FD 94 -19.65 114.84 -63.21
N SER FD 95 -20.07 115.78 -62.36
CA SER FD 95 -21.45 115.80 -61.89
C SER FD 95 -22.43 116.09 -63.01
N ALA FD 96 -22.11 117.05 -63.89
CA ALA FD 96 -23.03 117.41 -64.95
C ALA FD 96 -23.30 116.23 -65.88
N THR FD 97 -22.26 115.48 -66.24
CA THR FD 97 -22.45 114.31 -67.10
C THR FD 97 -23.37 113.30 -66.45
N VAL FD 98 -23.17 113.03 -65.15
CA VAL FD 98 -24.02 112.07 -64.45
C VAL FD 98 -25.46 112.56 -64.44
N SER FD 99 -25.65 113.85 -64.19
CA SER FD 99 -27.00 114.41 -64.17
C SER FD 99 -27.66 114.32 -65.54
N ASP FD 100 -26.86 114.37 -66.61
CA ASP FD 100 -27.44 114.40 -67.95
C ASP FD 100 -28.23 113.14 -68.26
N LEU FD 101 -27.68 111.97 -67.94
CA LEU FD 101 -28.38 110.72 -68.23
C LEU FD 101 -29.70 110.63 -67.46
N GLY FD 102 -29.69 111.00 -66.18
CA GLY FD 102 -30.92 110.96 -65.40
C GLY FD 102 -31.95 111.95 -65.92
N GLU FD 103 -31.50 113.14 -66.31
CA GLU FD 103 -32.41 114.13 -66.87
C GLU FD 103 -33.04 113.60 -68.16
N ALA FD 104 -32.23 112.94 -68.99
CA ALA FD 104 -32.77 112.30 -70.19
C ALA FD 104 -33.83 111.27 -69.84
N LEU FD 105 -33.56 110.44 -68.83
CA LEU FD 105 -34.54 109.46 -68.40
C LEU FD 105 -35.83 110.14 -67.97
N SER FD 106 -35.71 111.23 -67.22
CA SER FD 106 -36.89 111.95 -66.75
C SER FD 106 -37.69 112.52 -67.93
N PHE FD 107 -37.00 113.11 -68.91
CA PHE FD 107 -37.69 113.68 -70.06
C PHE FD 107 -38.36 112.59 -70.90
N TYR FD 108 -37.72 111.43 -71.04
CA TYR FD 108 -38.30 110.39 -71.89
C TYR FD 108 -39.63 109.89 -71.34
N LEU FD 109 -39.62 109.33 -70.13
CA LEU FD 109 -40.81 108.68 -69.61
C LEU FD 109 -41.92 109.69 -69.39
N ASN FD 110 -43.13 109.35 -69.84
CA ASN FD 110 -44.22 110.30 -70.01
C ASN FD 110 -45.55 109.58 -69.79
N GLU FD 111 -46.64 110.33 -69.92
CA GLU FD 111 -47.97 109.74 -69.73
C GLU FD 111 -48.27 108.70 -70.81
N ALA FD 112 -47.92 109.00 -72.06
CA ALA FD 112 -48.12 108.00 -73.12
C ALA FD 112 -47.33 106.73 -72.82
N LEU FD 113 -46.04 106.89 -72.50
CA LEU FD 113 -45.23 105.73 -72.17
C LEU FD 113 -45.71 105.06 -70.89
N TYR FD 114 -46.16 105.85 -69.91
CA TYR FD 114 -46.69 105.26 -68.69
C TYR FD 114 -47.89 104.39 -68.99
N GLY FD 115 -48.79 104.87 -69.86
CA GLY FD 115 -49.93 104.08 -70.25
C GLY FD 115 -49.54 102.80 -70.95
N LYS FD 116 -48.57 102.87 -71.86
CA LYS FD 116 -48.11 101.63 -72.50
C LYS FD 116 -47.48 100.69 -71.48
N LEU FD 117 -46.64 101.22 -70.58
CA LEU FD 117 -45.93 100.37 -69.64
C LEU FD 117 -46.91 99.63 -68.74
N ILE FD 118 -47.93 100.32 -68.24
CA ILE FD 118 -48.91 99.67 -67.40
C ILE FD 118 -49.60 98.54 -68.16
N GLY FD 119 -49.74 98.70 -69.48
CA GLY FD 119 -50.37 97.69 -70.30
C GLY FD 119 -49.45 96.57 -70.78
N TRP FD 120 -48.39 96.27 -70.02
CA TRP FD 120 -47.48 95.17 -70.34
C TRP FD 120 -46.91 95.29 -71.75
N GLU FD 121 -46.76 96.52 -72.23
CA GLU FD 121 -46.25 96.76 -73.58
C GLU FD 121 -44.73 96.75 -73.54
N SER FD 122 -44.13 95.69 -74.09
CA SER FD 122 -42.69 95.53 -74.08
C SER FD 122 -42.11 95.60 -75.48
N ALA GD 1 -58.98 119.69 -1.22
CA ALA GD 1 -60.22 120.43 -1.56
C ALA GD 1 -60.74 120.00 -2.94
N LEU GD 2 -60.65 120.90 -3.92
CA LEU GD 2 -61.08 120.66 -5.30
C LEU GD 2 -62.58 120.45 -5.44
N GLY GD 3 -63.34 120.58 -4.35
CA GLY GD 3 -64.79 120.39 -4.42
C GLY GD 3 -65.17 118.92 -4.49
N ASP GD 4 -66.48 118.69 -4.60
CA ASP GD 4 -67.00 117.34 -4.73
C ASP GD 4 -67.23 116.95 -6.19
N THR GD 5 -67.46 117.93 -7.07
CA THR GD 5 -67.70 117.67 -8.48
C THR GD 5 -66.61 118.30 -9.34
N LEU GD 6 -66.14 117.52 -10.32
CA LEU GD 6 -65.09 117.92 -11.25
C LEU GD 6 -65.69 117.98 -12.64
N THR GD 7 -65.48 119.09 -13.33
CA THR GD 7 -66.07 119.32 -14.65
C THR GD 7 -65.03 119.19 -15.74
N ILE GD 8 -65.31 118.35 -16.73
CA ILE GD 8 -64.52 118.23 -17.94
C ILE GD 8 -65.34 118.81 -19.09
N THR GD 9 -64.78 119.79 -19.78
CA THR GD 9 -65.43 120.43 -20.93
C THR GD 9 -64.71 119.93 -22.19
N LEU GD 10 -65.24 118.88 -22.78
CA LEU GD 10 -64.64 118.34 -23.99
C LEU GD 10 -64.68 119.38 -25.10
N GLY GD 11 -63.66 119.36 -25.95
CA GLY GD 11 -63.55 120.34 -26.99
C GLY GD 11 -63.12 121.72 -26.55
N GLY GD 12 -62.38 121.80 -25.44
CA GLY GD 12 -61.91 123.09 -24.99
C GLY GD 12 -63.06 123.96 -24.50
N SER GD 13 -62.80 125.27 -24.50
CA SER GD 13 -63.81 126.22 -24.06
C SER GD 13 -65.02 126.21 -24.99
N GLY GD 14 -66.21 126.27 -24.39
CA GLY GD 14 -67.45 126.35 -25.14
C GLY GD 14 -68.03 125.02 -25.60
N GLY GD 15 -67.41 123.89 -25.25
CA GLY GD 15 -67.86 122.59 -25.70
C GLY GD 15 -68.84 121.94 -24.73
N THR GD 16 -69.12 120.68 -25.01
CA THR GD 16 -69.99 119.89 -24.13
C THR GD 16 -69.34 119.72 -22.76
N ALA GD 17 -70.16 119.73 -21.72
CA ALA GD 17 -69.69 119.68 -20.34
C ALA GD 17 -70.14 118.38 -19.67
N LYS GD 18 -69.21 117.76 -18.96
CA LYS GD 18 -69.48 116.59 -18.12
C LYS GD 18 -69.13 116.92 -16.68
N VAL GD 19 -69.87 116.33 -15.75
CA VAL GD 19 -69.72 116.62 -14.32
C VAL GD 19 -69.41 115.31 -13.61
N LEU GD 20 -68.13 115.10 -13.29
CA LEU GD 20 -67.73 113.95 -12.49
C LEU GD 20 -68.04 114.20 -11.01
N ARG GD 21 -68.08 113.11 -10.24
CA ARG GD 21 -68.37 113.17 -8.81
C ARG GD 21 -67.32 112.39 -8.02
N LYS GD 22 -66.97 112.88 -6.84
CA LYS GD 22 -65.96 112.19 -6.03
C LYS GD 22 -66.56 110.92 -5.44
N ILE GD 23 -65.79 109.83 -5.49
CA ILE GD 23 -66.27 108.53 -5.04
C ILE GD 23 -65.31 107.84 -4.08
N ASN GD 24 -64.03 108.18 -4.07
CA ASN GD 24 -63.07 107.54 -3.18
C ASN GD 24 -61.81 108.38 -3.13
N GLN GD 25 -61.03 108.18 -2.06
CA GLN GD 25 -59.76 108.89 -1.90
C GLN GD 25 -58.90 108.14 -0.89
N ASP GD 26 -57.70 107.74 -1.31
CA ASP GD 26 -56.81 106.98 -0.45
C ASP GD 26 -55.37 107.31 -0.81
N GLY GD 27 -54.51 107.34 0.20
CA GLY GD 27 -53.09 107.49 -0.04
C GLY GD 27 -52.76 108.75 -0.82
N TYR GD 28 -53.35 109.88 -0.43
CA TYR GD 28 -53.13 111.15 -1.10
C TYR GD 28 -53.58 111.07 -2.56
N THR GD 29 -54.65 110.32 -2.81
CA THR GD 29 -55.21 110.14 -4.15
C THR GD 29 -56.72 110.34 -4.07
N SER GD 30 -57.33 110.58 -5.23
CA SER GD 30 -58.77 110.81 -5.29
C SER GD 30 -59.33 110.28 -6.60
N GLU GD 31 -60.63 110.02 -6.60
CA GLU GD 31 -61.34 109.44 -7.73
C GLU GD 31 -62.57 110.28 -8.04
N TYR GD 32 -62.82 110.50 -9.33
CA TYR GD 32 -64.05 111.14 -9.80
C TYR GD 32 -64.62 110.27 -10.91
N TYR GD 33 -65.91 109.94 -10.84
CA TYR GD 33 -66.49 108.97 -11.77
C TYR GD 33 -67.80 109.47 -12.36
N LEU GD 34 -68.15 108.95 -13.54
CA LEU GD 34 -69.44 109.17 -14.19
C LEU GD 34 -69.70 108.09 -15.23
N PRO GD 35 -70.79 107.34 -15.14
CA PRO GD 35 -71.09 106.33 -16.16
C PRO GD 35 -72.04 106.83 -17.25
N GLU GD 36 -71.98 106.16 -18.39
CA GLU GD 36 -72.82 106.46 -19.55
C GLU GD 36 -73.19 105.15 -20.23
N THR GD 37 -74.08 105.24 -21.23
CA THR GD 37 -74.53 104.03 -21.91
C THR GD 37 -73.38 103.36 -22.67
N SER GD 38 -72.59 104.14 -23.39
CA SER GD 38 -71.54 103.60 -24.24
C SER GD 38 -70.13 103.93 -23.77
N SER GD 39 -69.96 104.70 -22.70
CA SER GD 39 -68.63 105.05 -22.23
C SER GD 39 -68.71 105.46 -20.76
N SER GD 40 -67.54 105.79 -20.21
CA SER GD 40 -67.43 106.24 -18.84
C SER GD 40 -66.28 107.23 -18.73
N PHE GD 41 -66.35 108.06 -17.70
CA PHE GD 41 -65.32 109.08 -17.46
C PHE GD 41 -64.83 108.98 -16.02
N ARG GD 42 -63.51 108.94 -15.86
CA ARG GD 42 -62.86 108.90 -14.55
C ARG GD 42 -61.79 109.97 -14.51
N ALA GD 43 -61.57 110.55 -13.34
CA ALA GD 43 -60.45 111.46 -13.11
C ALA GD 43 -59.71 111.07 -11.84
N LYS GD 44 -58.38 110.96 -11.94
CA LYS GD 44 -57.51 110.48 -10.88
C LYS GD 44 -56.50 111.58 -10.56
N VAL GD 45 -56.12 111.73 -9.29
CA VAL GD 45 -55.09 112.67 -8.88
C VAL GD 45 -54.14 111.95 -7.92
N ARG GD 46 -52.84 112.22 -8.05
CA ARG GD 46 -51.82 111.62 -7.21
C ARG GD 46 -50.85 112.67 -6.69
N HIS GD 47 -50.33 112.44 -5.49
CA HIS GD 47 -49.18 113.17 -4.96
C HIS GD 47 -48.19 112.16 -4.41
N THR GD 48 -46.90 112.43 -4.61
CA THR GD 48 -45.87 111.48 -4.17
C THR GD 48 -44.57 112.21 -3.85
N LYS GD 49 -43.81 111.62 -2.94
CA LYS GD 49 -42.52 112.12 -2.51
C LYS GD 49 -41.46 111.07 -2.79
N GLU GD 50 -40.42 111.46 -3.53
CA GLU GD 50 -39.43 110.47 -3.96
C GLU GD 50 -38.61 109.98 -2.78
N SER GD 51 -37.91 108.87 -3.01
CA SER GD 51 -37.19 108.20 -1.93
C SER GD 51 -36.09 109.11 -1.37
N VAL GD 52 -35.95 109.06 -0.04
CA VAL GD 52 -34.93 109.86 0.62
C VAL GD 52 -33.55 109.31 0.26
N LYS GD 53 -32.59 110.21 0.08
CA LYS GD 53 -31.23 109.86 -0.30
C LYS GD 53 -30.26 110.53 0.64
N PRO GD 54 -29.05 109.96 0.83
CA PRO GD 54 -28.14 110.48 1.85
C PRO GD 54 -27.79 111.95 1.67
N ASN GD 55 -27.18 112.33 0.54
CA ASN GD 55 -26.84 113.74 0.26
C ASN GD 55 -27.33 114.11 -1.14
N GLN GD 56 -28.60 114.45 -1.24
CA GLN GD 56 -29.22 114.86 -2.49
C GLN GD 56 -30.49 115.62 -2.16
N VAL GD 57 -31.01 116.33 -3.17
CA VAL GD 57 -32.25 117.08 -3.01
C VAL GD 57 -33.42 116.11 -3.06
N GLN GD 58 -34.45 116.39 -2.27
CA GLN GD 58 -35.65 115.57 -2.24
C GLN GD 58 -36.81 116.31 -2.90
N TYR GD 59 -37.51 115.61 -3.80
CA TYR GD 59 -38.41 116.22 -4.77
C TYR GD 59 -39.85 115.83 -4.46
N GLU GD 60 -40.77 116.46 -5.18
CA GLU GD 60 -42.18 116.09 -5.17
C GLU GD 60 -42.73 116.00 -6.58
N ARG GD 61 -43.72 115.13 -6.76
CA ARG GD 61 -44.42 114.96 -8.03
C ARG GD 61 -45.92 115.12 -7.79
N HIS GD 62 -46.58 115.90 -8.66
CA HIS GD 62 -48.03 116.00 -8.67
C HIS GD 62 -48.54 115.64 -10.06
N ASN GD 63 -49.56 114.78 -10.13
CA ASN GD 63 -50.05 114.23 -11.39
C ASN GD 63 -51.56 114.44 -11.49
N VAL GD 64 -52.04 114.71 -12.69
CA VAL GD 64 -53.47 114.89 -12.94
C VAL GD 64 -53.83 114.14 -14.21
N GLU GD 65 -54.84 113.27 -14.11
CA GLU GD 65 -55.08 112.16 -15.03
C GLU GD 65 -56.52 112.23 -15.53
N PHE GD 66 -56.70 112.19 -16.86
CA PHE GD 66 -58.00 112.04 -17.48
C PHE GD 66 -58.02 110.81 -18.36
N THR GD 67 -59.11 110.05 -18.29
CA THR GD 67 -59.29 108.85 -19.09
C THR GD 67 -60.76 108.69 -19.44
N GLU GD 68 -61.03 107.98 -20.54
CA GLU GD 68 -62.39 107.63 -20.93
C GLU GD 68 -62.38 106.26 -21.58
N THR GD 69 -63.26 105.37 -21.11
CA THR GD 69 -63.37 104.01 -21.62
C THR GD 69 -64.62 103.86 -22.48
N VAL GD 70 -64.48 103.12 -23.58
CA VAL GD 70 -65.57 102.81 -24.49
C VAL GD 70 -65.78 101.30 -24.47
N TYR GD 71 -66.96 100.87 -24.04
CA TYR GD 71 -67.25 99.44 -23.94
C TYR GD 71 -67.31 98.80 -25.32
N ALA GD 72 -66.94 97.52 -25.36
CA ALA GD 72 -66.92 96.79 -26.61
C ALA GD 72 -68.32 96.71 -27.19
N SER GD 73 -68.39 96.87 -28.52
CA SER GD 73 -69.67 96.77 -29.23
C SER GD 73 -69.41 96.14 -30.59
N GLY GD 74 -70.10 95.04 -30.87
CA GLY GD 74 -69.85 94.32 -32.10
C GLY GD 74 -68.46 93.71 -32.09
N SER GD 75 -67.86 93.63 -33.28
CA SER GD 75 -66.52 93.07 -33.40
C SER GD 75 -65.46 93.95 -32.77
N THR GD 76 -65.79 95.20 -32.48
CA THR GD 76 -64.82 96.13 -31.90
C THR GD 76 -64.61 95.84 -30.43
N PRO GD 77 -63.38 95.56 -29.98
CA PRO GD 77 -63.16 95.31 -28.56
C PRO GD 77 -63.13 96.61 -27.76
N GLU GD 78 -62.97 96.46 -26.44
CA GLU GD 78 -62.83 97.60 -25.56
C GLU GD 78 -61.52 98.34 -25.84
N PHE GD 79 -61.57 99.67 -25.78
CA PHE GD 79 -60.38 100.49 -25.94
C PHE GD 79 -60.53 101.72 -25.07
N VAL GD 80 -59.48 102.55 -25.00
CA VAL GD 80 -59.44 103.67 -24.07
C VAL GD 80 -58.60 104.80 -24.68
N ARG GD 81 -58.94 106.02 -24.29
CA ARG GD 81 -58.24 107.23 -24.72
C ARG GD 81 -57.95 108.06 -23.47
N GLN GD 82 -56.71 108.50 -23.30
CA GLN GD 82 -56.21 108.86 -21.98
C GLN GD 82 -55.06 109.85 -22.11
N ALA GD 83 -55.02 110.83 -21.20
CA ALA GD 83 -54.08 111.95 -21.30
C ALA GD 83 -53.85 112.56 -19.91
N TYR GD 84 -52.61 112.96 -19.62
CA TYR GD 84 -52.26 113.38 -18.27
C TYR GD 84 -51.06 114.32 -18.25
N VAL GD 85 -50.85 114.95 -17.09
CA VAL GD 85 -49.76 115.88 -16.83
C VAL GD 85 -49.19 115.61 -15.44
N VAL GD 86 -47.89 115.83 -15.27
CA VAL GD 86 -47.23 115.70 -13.97
C VAL GD 86 -46.24 116.85 -13.78
N ILE GD 87 -46.01 117.23 -12.53
CA ILE GD 87 -45.13 118.32 -12.16
C ILE GD 87 -44.09 117.78 -11.20
N ARG GD 88 -42.82 118.15 -11.38
CA ARG GD 88 -41.74 117.69 -10.51
C ARG GD 88 -40.96 118.91 -10.03
N HIS GD 89 -40.82 119.03 -8.71
CA HIS GD 89 -40.14 120.19 -8.12
C HIS GD 89 -39.71 119.84 -6.71
N LYS GD 90 -38.80 120.64 -6.16
CA LYS GD 90 -38.19 120.31 -4.89
C LYS GD 90 -39.01 120.90 -3.74
N VAL GD 91 -38.78 120.34 -2.56
CA VAL GD 91 -39.68 120.54 -1.44
C VAL GD 91 -39.65 122.00 -0.96
N GLY GD 92 -38.48 122.63 -1.02
CA GLY GD 92 -38.38 124.00 -0.55
C GLY GD 92 -38.65 125.08 -1.58
N ASP GD 93 -38.84 124.73 -2.84
CA ASP GD 93 -38.90 125.72 -3.90
C ASP GD 93 -40.10 126.64 -3.71
N VAL GD 94 -39.99 127.83 -4.25
CA VAL GD 94 -41.08 128.78 -4.23
C VAL GD 94 -42.14 128.35 -5.23
N SER GD 95 -43.41 128.42 -4.84
CA SER GD 95 -44.49 127.89 -5.66
C SER GD 95 -44.74 128.75 -6.89
N ALA GD 96 -44.46 130.06 -6.82
CA ALA GD 96 -44.82 130.95 -7.91
C ALA GD 96 -44.07 130.60 -9.19
N THR GD 97 -42.77 130.31 -9.11
CA THR GD 97 -42.02 130.01 -10.32
C THR GD 97 -42.49 128.71 -10.97
N VAL GD 98 -42.68 127.66 -10.18
CA VAL GD 98 -43.14 126.41 -10.76
C VAL GD 98 -44.54 126.58 -11.34
N SER GD 99 -45.37 127.40 -10.70
CA SER GD 99 -46.70 127.66 -11.24
C SER GD 99 -46.61 128.40 -12.57
N ASP GD 100 -45.69 129.35 -12.68
CA ASP GD 100 -45.52 130.07 -13.94
C ASP GD 100 -45.05 129.13 -15.04
N LEU GD 101 -44.15 128.22 -14.72
CA LEU GD 101 -43.74 127.22 -15.72
C LEU GD 101 -44.94 126.38 -16.15
N GLY GD 102 -45.79 126.00 -15.19
CA GLY GD 102 -46.99 125.26 -15.54
C GLY GD 102 -47.92 126.04 -16.44
N GLU GD 103 -48.12 127.33 -16.15
CA GLU GD 103 -48.95 128.16 -17.03
C GLU GD 103 -48.36 128.22 -18.43
N ALA GD 104 -47.04 128.37 -18.53
CA ALA GD 104 -46.41 128.38 -19.84
C ALA GD 104 -46.69 127.09 -20.59
N LEU GD 105 -46.53 125.95 -19.92
CA LEU GD 105 -46.78 124.67 -20.56
C LEU GD 105 -48.21 124.58 -21.05
N SER GD 106 -49.17 124.94 -20.20
CA SER GD 106 -50.58 124.85 -20.59
C SER GD 106 -50.88 125.79 -21.75
N PHE GD 107 -50.32 127.00 -21.72
CA PHE GD 107 -50.61 127.99 -22.74
C PHE GD 107 -50.04 127.59 -24.09
N TYR GD 108 -48.90 126.90 -24.10
CA TYR GD 108 -48.31 126.45 -25.35
C TYR GD 108 -49.21 125.46 -26.07
N LEU GD 109 -49.79 124.52 -25.35
CA LEU GD 109 -50.65 123.50 -25.96
C LEU GD 109 -51.96 124.11 -26.42
N ASN GD 110 -52.40 123.74 -27.63
CA ASN GD 110 -53.70 124.17 -28.14
C ASN GD 110 -54.10 123.24 -29.28
N GLU GD 111 -55.26 123.51 -29.87
CA GLU GD 111 -55.84 122.59 -30.84
C GLU GD 111 -54.93 122.37 -32.05
N ALA GD 112 -54.41 123.46 -32.64
CA ALA GD 112 -53.56 123.28 -33.81
C ALA GD 112 -52.34 122.43 -33.47
N LEU GD 113 -51.71 122.69 -32.33
CA LEU GD 113 -50.53 121.93 -31.95
C LEU GD 113 -50.88 120.49 -31.60
N TYR GD 114 -52.03 120.27 -30.95
CA TYR GD 114 -52.51 118.90 -30.81
C TYR GD 114 -52.66 118.22 -32.17
N GLY GD 115 -53.13 118.96 -33.18
CA GLY GD 115 -53.23 118.37 -34.51
C GLY GD 115 -51.87 117.95 -35.05
N LYS GD 116 -50.87 118.81 -34.91
CA LYS GD 116 -49.54 118.48 -35.41
C LYS GD 116 -48.96 117.27 -34.68
N LEU GD 117 -49.14 117.21 -33.35
CA LEU GD 117 -48.68 116.03 -32.62
C LEU GD 117 -49.36 114.76 -33.11
N ILE GD 118 -50.69 114.77 -33.25
CA ILE GD 118 -51.38 113.60 -33.78
C ILE GD 118 -50.84 113.27 -35.17
N GLY GD 119 -50.33 114.27 -35.88
CA GLY GD 119 -49.76 114.03 -37.18
C GLY GD 119 -48.34 113.47 -37.18
N TRP GD 120 -47.80 113.11 -36.02
CA TRP GD 120 -46.42 112.65 -35.85
C TRP GD 120 -45.39 113.66 -36.29
N GLU GD 121 -45.78 114.89 -36.59
CA GLU GD 121 -44.82 115.94 -36.90
C GLU GD 121 -44.09 116.36 -35.63
N SER GD 122 -42.84 115.95 -35.48
CA SER GD 122 -42.09 116.21 -34.26
C SER GD 122 -41.68 117.68 -34.19
N ALA HD 1 -64.46 113.43 10.87
CA ALA HD 1 -65.69 114.23 11.14
C ALA HD 1 -65.35 115.51 11.90
N LEU HD 2 -64.05 115.74 12.09
CA LEU HD 2 -63.57 116.90 12.81
C LEU HD 2 -63.65 118.19 12.00
N GLY HD 3 -63.92 118.10 10.71
CA GLY HD 3 -63.95 119.24 9.82
C GLY HD 3 -62.89 119.13 8.74
N ASP HD 4 -62.95 120.07 7.80
CA ASP HD 4 -62.04 120.08 6.67
C ASP HD 4 -60.80 120.92 6.92
N THR HD 5 -60.88 121.92 7.80
CA THR HD 5 -59.75 122.76 8.13
C THR HD 5 -59.45 122.69 9.62
N LEU HD 6 -58.17 122.66 9.95
CA LEU HD 6 -57.67 122.59 11.32
C LEU HD 6 -56.91 123.87 11.61
N THR HD 7 -57.14 124.46 12.78
CA THR HD 7 -56.53 125.72 13.17
C THR HD 7 -55.48 125.50 14.24
N ILE HD 8 -54.30 126.05 14.03
CA ILE HD 8 -53.23 126.08 15.02
C ILE HD 8 -52.96 127.55 15.34
N THR HD 9 -53.03 127.90 16.61
CA THR HD 9 -52.77 129.26 17.08
C THR HD 9 -51.45 129.26 17.84
N LEU HD 10 -50.37 129.64 17.16
CA LEU HD 10 -49.07 129.71 17.80
C LEU HD 10 -49.09 130.73 18.93
N GLY HD 11 -48.39 130.42 20.01
CA GLY HD 11 -48.38 131.29 21.17
C GLY HD 11 -49.59 131.20 22.06
N GLY HD 12 -50.37 130.13 21.95
CA GLY HD 12 -51.54 129.97 22.81
C GLY HD 12 -52.71 130.73 22.26
N SER HD 13 -53.32 131.58 23.09
CA SER HD 13 -54.41 132.44 22.67
C SER HD 13 -53.92 133.79 22.17
N GLY HD 14 -52.61 133.98 22.02
CA GLY HD 14 -52.09 135.27 21.60
C GLY HD 14 -52.53 135.64 20.20
N GLY HD 15 -52.41 134.71 19.26
CA GLY HD 15 -52.70 134.98 17.87
C GLY HD 15 -51.86 134.10 16.98
N THR HD 16 -51.57 134.61 15.78
CA THR HD 16 -50.77 133.91 14.78
C THR HD 16 -51.41 132.55 14.44
N ALA HD 17 -52.62 132.65 13.91
CA ALA HD 17 -53.40 131.48 13.56
C ALA HD 17 -53.03 130.98 12.16
N LYS HD 18 -52.93 129.66 12.02
CA LYS HD 18 -52.69 129.02 10.75
C LYS HD 18 -53.86 128.09 10.44
N VAL HD 19 -54.19 127.96 9.16
CA VAL HD 19 -55.33 127.16 8.72
C VAL HD 19 -54.79 125.96 7.96
N LEU HD 20 -54.69 124.83 8.64
CA LEU HD 20 -54.35 123.58 7.97
C LEU HD 20 -55.54 123.07 7.16
N ARG HD 21 -55.23 122.28 6.14
CA ARG HD 21 -56.23 121.72 5.23
C ARG HD 21 -56.23 120.21 5.34
N LYS HD 22 -57.42 119.60 5.23
CA LYS HD 22 -57.49 118.15 5.15
C LYS HD 22 -56.76 117.66 3.91
N ILE HD 23 -55.97 116.60 4.07
CA ILE HD 23 -55.17 116.09 2.97
C ILE HD 23 -55.33 114.59 2.77
N ASN HD 24 -55.73 113.82 3.77
CA ASN HD 24 -55.84 112.37 3.65
C ASN HD 24 -56.64 111.83 4.82
N GLN HD 25 -57.24 110.66 4.63
CA GLN HD 25 -57.99 110.00 5.69
C GLN HD 25 -58.07 108.51 5.39
N ASP HD 26 -57.25 107.72 6.06
CA ASP HD 26 -57.23 106.28 5.88
C ASP HD 26 -57.07 105.58 7.23
N GLY HD 27 -57.68 104.41 7.35
CA GLY HD 27 -57.49 103.56 8.51
C GLY HD 27 -57.80 104.25 9.82
N TYR HD 28 -58.93 104.96 9.88
CA TYR HD 28 -59.39 105.66 11.07
C TYR HD 28 -58.42 106.77 11.49
N THR HD 29 -57.57 107.23 10.57
CA THR HD 29 -56.60 108.29 10.84
C THR HD 29 -56.79 109.39 9.81
N SER HD 30 -56.34 110.60 10.16
CA SER HD 30 -56.41 111.73 9.25
C SER HD 30 -55.24 112.66 9.52
N GLU HD 31 -54.87 113.43 8.51
CA GLU HD 31 -53.74 114.33 8.62
C GLU HD 31 -54.02 115.59 7.80
N TYR HD 32 -53.40 116.69 8.22
CA TYR HD 32 -53.57 117.99 7.60
C TYR HD 32 -52.20 118.55 7.23
N TYR HD 33 -52.16 119.46 6.25
CA TYR HD 33 -50.90 119.99 5.76
C TYR HD 33 -51.07 121.46 5.34
N LEU HD 34 -49.98 122.21 5.41
CA LEU HD 34 -49.95 123.60 4.92
C LEU HD 34 -48.52 124.04 4.63
N PRO HD 35 -48.16 124.32 3.37
CA PRO HD 35 -46.82 124.86 3.08
C PRO HD 35 -46.76 126.37 3.24
N GLU HD 36 -45.53 126.86 3.45
CA GLU HD 36 -45.27 128.28 3.62
C GLU HD 36 -43.93 128.60 2.99
N THR HD 37 -43.52 129.87 3.08
CA THR HD 37 -42.32 130.32 2.40
C THR HD 37 -41.06 129.74 3.04
N SER HD 38 -40.99 129.71 4.37
CA SER HD 38 -39.80 129.25 5.07
C SER HD 38 -40.06 128.10 6.02
N SER HD 39 -41.27 127.55 6.06
CA SER HD 39 -41.55 126.40 6.90
C SER HD 39 -42.87 125.77 6.45
N SER HD 40 -43.32 124.78 7.22
CA SER HD 40 -44.51 124.02 6.87
C SER HD 40 -45.16 123.54 8.16
N PHE HD 41 -46.45 123.20 8.06
CA PHE HD 41 -47.22 122.72 9.19
C PHE HD 41 -47.93 121.42 8.81
N ARG HD 42 -48.08 120.53 9.79
CA ARG HD 42 -48.68 119.22 9.58
C ARG HD 42 -49.31 118.77 10.89
N ALA HD 43 -50.44 118.08 10.79
CA ALA HD 43 -51.14 117.55 11.96
C ALA HD 43 -51.64 116.15 11.64
N LYS HD 44 -51.59 115.28 12.64
CA LYS HD 44 -52.02 113.90 12.49
C LYS HD 44 -52.88 113.50 13.67
N VAL HD 45 -53.94 112.74 13.38
CA VAL HD 45 -54.86 112.22 14.40
C VAL HD 45 -55.05 110.73 14.13
N ARG HD 46 -54.89 109.90 15.16
CA ARG HD 46 -55.00 108.46 15.01
C ARG HD 46 -55.68 107.85 16.24
N HIS HD 47 -56.35 106.71 16.03
CA HIS HD 47 -56.93 105.90 17.09
C HIS HD 47 -56.48 104.46 16.92
N THR HD 48 -56.34 103.73 18.02
CA THR HD 48 -55.92 102.33 17.93
C THR HD 48 -56.36 101.53 19.15
N LYS HD 49 -56.36 100.21 18.97
CA LYS HD 49 -56.74 99.22 19.98
C LYS HD 49 -55.64 98.17 20.07
N GLU HD 50 -55.12 97.90 21.27
CA GLU HD 50 -54.03 96.93 21.38
C GLU HD 50 -54.50 95.52 21.06
N SER HD 51 -53.52 94.62 20.90
CA SER HD 51 -53.78 93.20 20.69
C SER HD 51 -54.43 92.60 21.93
N VAL HD 52 -55.01 91.42 21.76
CA VAL HD 52 -55.72 90.72 22.83
C VAL HD 52 -54.96 89.44 23.17
N LYS HD 53 -54.65 89.24 24.45
CA LYS HD 53 -54.33 87.91 24.93
C LYS HD 53 -54.96 87.74 26.30
N PRO HD 54 -55.17 86.49 26.73
CA PRO HD 54 -56.51 86.09 27.21
C PRO HD 54 -57.11 86.88 28.37
N ASN HD 55 -56.34 87.33 29.35
CA ASN HD 55 -56.87 87.52 30.70
C ASN HD 55 -56.58 88.92 31.22
N GLN HD 56 -56.89 89.94 30.42
CA GLN HD 56 -56.70 91.33 30.82
C GLN HD 56 -57.87 92.19 30.38
N VAL HD 57 -57.98 93.37 31.00
CA VAL HD 57 -58.78 94.45 30.45
C VAL HD 57 -58.21 94.85 29.09
N GLN HD 58 -59.09 95.37 28.25
CA GLN HD 58 -58.74 95.79 26.90
C GLN HD 58 -58.78 97.31 26.76
N TYR HD 59 -57.82 97.86 26.02
CA TYR HD 59 -57.50 99.28 26.04
C TYR HD 59 -57.59 99.87 24.63
N GLU HD 60 -57.76 101.19 24.57
CA GLU HD 60 -57.54 101.93 23.33
C GLU HD 60 -56.76 103.21 23.62
N ARG HD 61 -56.08 103.71 22.58
CA ARG HD 61 -55.25 104.89 22.66
C ARG HD 61 -55.73 105.95 21.68
N HIS HD 62 -55.81 107.19 22.13
CA HIS HD 62 -56.05 108.33 21.26
C HIS HD 62 -54.89 109.30 21.33
N ASN HD 63 -54.37 109.66 20.16
CA ASN HD 63 -53.19 110.49 20.01
C ASN HD 63 -53.46 111.59 18.99
N VAL HD 64 -52.88 112.76 19.24
CA VAL HD 64 -53.01 113.92 18.36
C VAL HD 64 -51.65 114.61 18.30
N GLU HD 65 -51.26 115.02 17.09
CA GLU HD 65 -49.87 115.34 16.78
C GLU HD 65 -49.77 116.63 15.98
N PHE HD 66 -48.79 117.47 16.35
CA PHE HD 66 -48.41 118.65 15.58
C PHE HD 66 -46.94 118.56 15.19
N THR HD 67 -46.63 119.04 13.99
CA THR HD 67 -45.26 119.08 13.52
C THR HD 67 -45.10 120.24 12.56
N GLU HD 68 -43.93 120.88 12.60
CA GLU HD 68 -43.57 121.90 11.63
C GLU HD 68 -42.10 121.74 11.28
N THR HD 69 -41.75 121.90 10.00
CA THR HD 69 -40.39 121.80 9.54
C THR HD 69 -39.92 123.12 8.94
N VAL HD 70 -38.64 123.44 9.16
CA VAL HD 70 -38.02 124.64 8.60
C VAL HD 70 -36.99 124.20 7.56
N TYR HD 71 -37.07 124.78 6.37
CA TYR HD 71 -36.20 124.40 5.27
C TYR HD 71 -34.77 124.89 5.50
N ALA HD 72 -33.82 124.11 5.01
CA ALA HD 72 -32.41 124.42 5.23
C ALA HD 72 -32.06 125.75 4.60
N SER HD 73 -31.32 126.57 5.36
CA SER HD 73 -30.85 127.87 4.89
C SER HD 73 -29.38 128.01 5.24
N GLY HD 74 -28.60 128.51 4.29
CA GLY HD 74 -27.16 128.64 4.52
C GLY HD 74 -26.55 127.28 4.77
N SER HD 75 -25.75 127.20 5.83
CA SER HD 75 -25.13 125.94 6.23
C SER HD 75 -26.00 125.11 7.17
N THR HD 76 -27.01 125.71 7.79
CA THR HD 76 -27.87 124.97 8.72
C THR HD 76 -28.73 123.98 7.95
N PRO HD 77 -28.71 122.69 8.31
CA PRO HD 77 -29.55 121.72 7.58
C PRO HD 77 -30.98 121.70 8.08
N GLU HD 78 -31.75 120.73 7.60
CA GLU HD 78 -33.14 120.59 7.98
C GLU HD 78 -33.25 120.26 9.46
N PHE HD 79 -34.31 120.78 10.09
CA PHE HD 79 -34.69 120.32 11.42
C PHE HD 79 -36.16 120.66 11.64
N VAL HD 80 -36.77 119.98 12.62
CA VAL HD 80 -38.19 120.05 12.85
C VAL HD 80 -38.47 120.30 14.33
N ARG HD 81 -39.72 120.67 14.61
CA ARG HD 81 -40.21 120.83 15.98
C ARG HD 81 -41.56 120.12 16.11
N GLN HD 82 -41.70 119.28 17.14
CA GLN HD 82 -42.75 118.29 17.24
C GLN HD 82 -43.22 118.19 18.69
N ALA HD 83 -44.49 117.78 18.86
CA ALA HD 83 -45.04 117.55 20.20
C ALA HD 83 -46.40 116.88 20.06
N TYR HD 84 -46.63 115.79 20.80
CA TYR HD 84 -47.87 115.03 20.71
C TYR HD 84 -48.29 114.52 22.08
N VAL HD 85 -49.58 114.16 22.19
CA VAL HD 85 -50.17 113.67 23.43
C VAL HD 85 -50.90 112.36 23.15
N VAL HD 86 -50.95 111.50 24.17
CA VAL HD 86 -51.56 110.18 24.06
C VAL HD 86 -52.49 109.97 25.24
N ILE HD 87 -53.65 109.36 24.99
CA ILE HD 87 -54.65 109.06 26.00
C ILE HD 87 -54.88 107.55 25.95
N ARG HD 88 -54.82 106.87 27.10
CA ARG HD 88 -55.00 105.42 27.11
C ARG HD 88 -55.99 105.06 28.20
N HIS HD 89 -56.98 104.25 27.84
CA HIS HD 89 -58.00 103.80 28.80
C HIS HD 89 -58.71 102.58 28.22
N LYS HD 90 -59.40 101.85 29.10
CA LYS HD 90 -59.95 100.56 28.67
C LYS HD 90 -61.04 100.78 27.63
N VAL HD 91 -61.58 99.67 27.14
CA VAL HD 91 -62.74 99.69 26.25
C VAL HD 91 -64.00 99.69 27.11
N GLY HD 92 -64.86 100.68 26.90
CA GLY HD 92 -66.10 100.77 27.63
C GLY HD 92 -66.03 101.45 28.97
N ASP HD 93 -64.98 102.22 29.23
CA ASP HD 93 -64.88 102.98 30.47
C ASP HD 93 -65.89 104.12 30.46
N VAL HD 94 -65.93 104.87 31.56
CA VAL HD 94 -66.78 106.05 31.64
C VAL HD 94 -66.06 107.21 30.97
N SER HD 95 -66.71 107.83 29.99
CA SER HD 95 -66.05 108.84 29.16
C SER HD 95 -65.69 110.09 29.95
N ALA HD 96 -66.59 110.52 30.85
CA ALA HD 96 -66.41 111.82 31.51
C ALA HD 96 -65.15 111.83 32.37
N THR HD 97 -64.93 110.79 33.16
CA THR HD 97 -63.75 110.78 34.02
C THR HD 97 -62.46 110.70 33.22
N VAL HD 98 -62.45 109.90 32.15
CA VAL HD 98 -61.25 109.78 31.34
C VAL HD 98 -60.98 111.06 30.57
N SER HD 99 -62.01 111.86 30.30
CA SER HD 99 -61.77 113.17 29.71
C SER HD 99 -61.25 114.15 30.74
N ASP HD 100 -61.81 114.09 31.96
CA ASP HD 100 -61.37 114.98 33.03
C ASP HD 100 -59.89 114.77 33.33
N LEU HD 101 -59.46 113.52 33.43
CA LEU HD 101 -58.05 113.22 33.23
C LEU HD 101 -57.70 113.49 31.77
N GLY HD 102 -56.51 114.03 31.54
CA GLY HD 102 -56.22 114.58 30.23
C GLY HD 102 -56.56 116.06 30.18
N GLU HD 103 -57.80 116.42 30.52
CA GLU HD 103 -58.14 117.83 30.60
C GLU HD 103 -57.40 118.52 31.74
N ALA HD 104 -57.21 117.82 32.86
CA ALA HD 104 -56.39 118.37 33.94
C ALA HD 104 -54.96 118.59 33.47
N LEU HD 105 -54.41 117.64 32.72
CA LEU HD 105 -53.05 117.79 32.18
C LEU HD 105 -52.98 119.00 31.26
N SER HD 106 -54.00 119.18 30.42
CA SER HD 106 -54.04 120.35 29.54
C SER HD 106 -54.03 121.64 30.34
N PHE HD 107 -54.82 121.68 31.42
CA PHE HD 107 -54.84 122.87 32.27
C PHE HD 107 -53.50 123.10 32.96
N TYR HD 108 -52.82 122.03 33.36
CA TYR HD 108 -51.57 122.15 34.09
C TYR HD 108 -50.48 122.81 33.26
N LEU HD 109 -50.34 122.38 31.99
CA LEU HD 109 -49.26 122.87 31.16
C LEU HD 109 -49.53 124.32 30.76
N ASN HD 110 -48.58 125.20 31.02
CA ASN HD 110 -48.72 126.61 30.67
C ASN HD 110 -47.33 127.20 30.50
N GLU HD 111 -47.30 128.48 30.11
CA GLU HD 111 -46.06 129.09 29.61
C GLU HD 111 -44.90 128.89 30.57
N ALA HD 112 -45.10 129.25 31.85
CA ALA HD 112 -44.00 129.17 32.80
C ALA HD 112 -43.51 127.74 32.96
N LEU HD 113 -44.43 126.77 32.95
CA LEU HD 113 -43.98 125.39 33.09
C LEU HD 113 -43.26 124.90 31.85
N TYR HD 114 -43.64 125.36 30.66
CA TYR HD 114 -42.83 125.04 29.48
C TYR HD 114 -41.44 125.66 29.59
N GLY HD 115 -41.36 126.90 30.08
CA GLY HD 115 -40.05 127.51 30.27
C GLY HD 115 -39.19 126.73 31.25
N LYS HD 116 -39.78 126.31 32.36
CA LYS HD 116 -39.07 125.45 33.30
C LYS HD 116 -38.65 124.14 32.65
N LEU HD 117 -39.55 123.51 31.91
CA LEU HD 117 -39.27 122.18 31.37
C LEU HD 117 -38.16 122.24 30.34
N ILE HD 118 -38.08 123.32 29.57
CA ILE HD 118 -36.98 123.44 28.60
C ILE HD 118 -35.65 123.49 29.33
N GLY HD 119 -35.64 123.97 30.56
CA GLY HD 119 -34.43 124.05 31.35
C GLY HD 119 -33.97 122.73 31.95
N TRP HD 120 -34.47 121.61 31.43
CA TRP HD 120 -34.11 120.27 31.89
C TRP HD 120 -34.43 120.04 33.36
N GLU HD 121 -35.23 120.90 33.97
CA GLU HD 121 -35.61 120.71 35.36
C GLU HD 121 -36.56 119.52 35.48
N SER HD 122 -36.75 119.05 36.71
CA SER HD 122 -37.61 117.91 36.98
C SER HD 122 -38.23 118.04 38.36
N ALA ID 1 -68.70 111.09 -0.29
CA ALA ID 1 -69.56 111.92 -1.19
C ALA ID 1 -70.91 112.22 -0.56
N LEU ID 2 -71.43 111.27 0.22
CA LEU ID 2 -72.74 111.46 0.82
C LEU ID 2 -72.73 112.65 1.77
N GLY ID 3 -71.68 112.78 2.57
CA GLY ID 3 -71.58 113.84 3.55
C GLY ID 3 -70.97 113.34 4.84
N ASP ID 4 -70.54 114.30 5.65
CA ASP ID 4 -69.86 113.97 6.90
C ASP ID 4 -70.80 113.40 7.95
N THR ID 5 -72.11 113.66 7.85
CA THR ID 5 -73.08 113.22 8.83
C THR ID 5 -74.25 112.53 8.15
N LEU ID 6 -74.84 111.58 8.87
CA LEU ID 6 -75.97 110.79 8.41
C LEU ID 6 -77.06 110.85 9.47
N THR ID 7 -78.30 111.03 9.03
CA THR ID 7 -79.44 111.22 9.92
C THR ID 7 -80.34 110.00 9.86
N ILE ID 8 -80.70 109.49 11.04
CA ILE ID 8 -81.61 108.35 11.19
C ILE ID 8 -82.79 108.83 12.01
N THR ID 9 -83.99 108.68 11.47
CA THR ID 9 -85.23 109.07 12.15
C THR ID 9 -85.94 107.78 12.58
N LEU ID 10 -85.66 107.34 13.81
CA LEU ID 10 -86.24 106.09 14.30
C LEU ID 10 -87.76 106.21 14.35
N GLY ID 11 -88.43 105.11 14.01
CA GLY ID 11 -89.88 105.11 14.03
C GLY ID 11 -90.53 105.73 12.81
N GLY ID 12 -89.83 105.78 11.69
CA GLY ID 12 -90.39 106.34 10.48
C GLY ID 12 -90.49 107.85 10.53
N SER ID 13 -91.24 108.39 9.58
CA SER ID 13 -91.42 109.84 9.50
C SER ID 13 -92.06 110.36 10.78
N GLY ID 14 -91.59 111.52 11.24
CA GLY ID 14 -92.13 112.16 12.41
C GLY ID 14 -91.63 111.64 13.75
N GLY ID 15 -90.61 110.79 13.75
CA GLY ID 15 -90.13 110.14 14.94
C GLY ID 15 -88.98 110.87 15.62
N THR ID 16 -88.11 110.10 16.27
CA THR ID 16 -86.95 110.64 16.96
C THR ID 16 -85.75 110.68 16.01
N ALA ID 17 -85.00 111.77 16.07
CA ALA ID 17 -83.86 111.97 15.17
C ALA ID 17 -82.57 111.53 15.82
N LYS ID 18 -81.75 110.80 15.06
CA LYS ID 18 -80.41 110.40 15.46
C LYS ID 18 -79.43 110.83 14.37
N VAL ID 19 -78.26 111.32 14.79
CA VAL ID 19 -77.26 111.86 13.87
C VAL ID 19 -75.99 111.04 14.00
N LEU ID 20 -75.49 110.52 12.88
CA LEU ID 20 -74.23 109.81 12.83
C LEU ID 20 -73.14 110.72 12.27
N ARG ID 21 -71.90 110.43 12.62
CA ARG ID 21 -70.73 111.13 12.09
C ARG ID 21 -69.90 110.18 11.23
N LYS ID 22 -69.30 110.72 10.19
CA LYS ID 22 -68.40 109.90 9.37
C LYS ID 22 -67.15 109.55 10.17
N ILE ID 23 -66.70 108.30 10.00
CA ILE ID 23 -65.61 107.76 10.79
C ILE ID 23 -64.49 107.20 9.91
N ASN ID 24 -64.83 106.72 8.71
CA ASN ID 24 -63.80 106.11 7.87
C ASN ID 24 -64.43 105.72 6.54
N GLN ID 25 -63.61 105.74 5.50
CA GLN ID 25 -64.00 105.22 4.19
C GLN ID 25 -62.75 104.98 3.36
N ASP ID 26 -62.42 103.71 3.11
CA ASP ID 26 -61.21 103.34 2.38
C ASP ID 26 -61.51 102.60 1.09
N GLY ID 27 -62.20 101.47 1.16
CA GLY ID 27 -62.35 100.63 -0.01
C GLY ID 27 -63.64 100.89 -0.77
N TYR ID 28 -63.83 102.13 -1.21
CA TYR ID 28 -65.05 102.54 -1.90
C TYR ID 28 -66.28 102.39 -1.01
N THR ID 29 -66.05 102.19 0.28
CA THR ID 29 -67.10 101.99 1.26
C THR ID 29 -66.95 103.05 2.34
N SER ID 30 -68.07 103.48 2.90
CA SER ID 30 -68.04 104.44 4.01
C SER ID 30 -68.99 103.96 5.09
N GLU ID 31 -68.69 104.38 6.32
CA GLU ID 31 -69.44 103.89 7.47
C GLU ID 31 -69.33 104.90 8.60
N TYR ID 32 -70.41 104.97 9.38
CA TYR ID 32 -70.60 106.02 10.38
C TYR ID 32 -70.73 105.36 11.76
N TYR ID 33 -70.67 106.17 12.81
CA TYR ID 33 -70.78 105.65 14.16
C TYR ID 33 -71.30 106.73 15.09
N LEU ID 34 -71.87 106.31 16.21
CA LEU ID 34 -72.33 107.23 17.24
C LEU ID 34 -72.55 106.49 18.56
N PRO ID 35 -71.86 106.86 19.64
CA PRO ID 35 -72.11 106.22 20.93
C PRO ID 35 -73.09 106.99 21.80
N GLU ID 36 -73.72 106.23 22.70
CA GLU ID 36 -74.60 106.79 23.73
C GLU ID 36 -74.56 105.85 24.94
N THR ID 37 -75.32 106.21 25.97
CA THR ID 37 -75.19 105.54 27.26
C THR ID 37 -75.57 104.06 27.17
N SER ID 38 -76.74 103.76 26.61
CA SER ID 38 -77.28 102.40 26.64
C SER ID 38 -77.04 101.63 25.36
N SER ID 39 -76.61 102.28 24.29
CA SER ID 39 -76.48 101.62 22.99
C SER ID 39 -75.51 102.42 22.13
N SER ID 40 -75.47 102.08 20.84
CA SER ID 40 -74.63 102.78 19.88
C SER ID 40 -75.11 102.45 18.48
N PHE ID 41 -75.07 103.44 17.60
CA PHE ID 41 -75.53 103.30 16.23
C PHE ID 41 -74.35 103.37 15.27
N ARG ID 42 -74.44 102.60 14.18
CA ARG ID 42 -73.45 102.66 13.13
C ARG ID 42 -74.13 102.27 11.81
N ALA ID 43 -73.63 102.84 10.72
CA ALA ID 43 -74.12 102.56 9.38
C ALA ID 43 -72.93 102.31 8.47
N LYS ID 44 -73.15 101.48 7.46
CA LYS ID 44 -72.11 101.14 6.49
C LYS ID 44 -72.70 101.24 5.09
N VAL ID 45 -71.91 101.75 4.15
CA VAL ID 45 -72.28 101.78 2.74
C VAL ID 45 -71.11 101.21 1.94
N ARG ID 46 -71.41 100.33 0.99
CA ARG ID 46 -70.36 99.71 0.20
C ARG ID 46 -70.85 99.45 -1.22
N HIS ID 47 -69.89 99.39 -2.14
CA HIS ID 47 -70.14 99.07 -3.53
C HIS ID 47 -69.19 97.95 -3.95
N THR ID 48 -69.62 97.12 -4.90
CA THR ID 48 -68.76 96.03 -5.36
C THR ID 48 -69.16 95.63 -6.77
N LYS ID 49 -68.26 94.88 -7.41
CA LYS ID 49 -68.44 94.38 -8.78
C LYS ID 49 -68.18 92.88 -8.77
N GLU ID 50 -69.09 92.12 -9.36
CA GLU ID 50 -68.91 90.67 -9.43
C GLU ID 50 -67.82 90.31 -10.44
N SER ID 51 -67.36 89.07 -10.34
CA SER ID 51 -66.21 88.62 -11.12
C SER ID 51 -66.52 88.55 -12.61
N VAL ID 52 -65.47 88.62 -13.41
CA VAL ID 52 -65.56 88.53 -14.85
C VAL ID 52 -65.52 87.06 -15.26
N LYS ID 53 -66.58 86.61 -15.90
CA LYS ID 53 -66.60 85.29 -16.51
C LYS ID 53 -67.02 85.35 -17.98
N PRO ID 54 -66.45 84.45 -18.78
CA PRO ID 54 -66.30 84.72 -20.22
C PRO ID 54 -67.63 84.89 -20.94
N ASN ID 55 -67.61 85.74 -21.96
CA ASN ID 55 -68.72 85.92 -22.92
C ASN ID 55 -70.08 85.86 -22.23
N GLN ID 56 -70.17 86.56 -21.11
CA GLN ID 56 -71.39 86.77 -20.36
C GLN ID 56 -71.39 88.15 -19.71
N VAL ID 57 -72.59 88.65 -19.45
CA VAL ID 57 -72.79 90.03 -18.99
C VAL ID 57 -72.12 90.26 -17.64
N GLN ID 58 -71.96 91.54 -17.29
CA GLN ID 58 -71.35 91.97 -16.04
C GLN ID 58 -72.38 92.69 -15.19
N TYR ID 59 -72.26 92.54 -13.87
CA TYR ID 59 -73.19 93.14 -12.92
C TYR ID 59 -72.40 93.88 -11.85
N GLU ID 60 -73.06 94.81 -11.17
CA GLU ID 60 -72.49 95.46 -10.00
C GLU ID 60 -73.53 95.54 -8.89
N ARG ID 61 -73.04 95.43 -7.65
CA ARG ID 61 -73.87 95.26 -6.46
C ARG ID 61 -73.76 96.49 -5.59
N HIS ID 62 -74.87 96.91 -4.99
CA HIS ID 62 -74.88 98.01 -4.03
C HIS ID 62 -75.60 97.57 -2.77
N ASN ID 63 -75.09 97.98 -1.61
CA ASN ID 63 -75.61 97.56 -0.32
C ASN ID 63 -75.56 98.69 0.69
N VAL ID 64 -76.56 98.73 1.57
CA VAL ID 64 -76.64 99.67 2.67
C VAL ID 64 -77.23 98.96 3.88
N GLU ID 65 -76.71 99.26 5.07
CA GLU ID 65 -77.14 98.55 6.28
C GLU ID 65 -77.16 99.50 7.47
N PHE ID 66 -78.13 99.29 8.35
CA PHE ID 66 -78.21 99.94 9.66
C PHE ID 66 -78.06 98.88 10.74
N THR ID 67 -77.33 99.22 11.80
CA THR ID 67 -77.07 98.31 12.90
C THR ID 67 -77.30 99.03 14.22
N GLU ID 68 -77.89 98.33 15.18
CA GLU ID 68 -78.17 98.85 16.51
C GLU ID 68 -77.76 97.81 17.54
N THR ID 69 -76.87 98.20 18.46
CA THR ID 69 -76.34 97.28 19.46
C THR ID 69 -76.60 97.86 20.85
N VAL ID 70 -77.10 97.02 21.76
CA VAL ID 70 -77.42 97.41 23.12
C VAL ID 70 -76.46 96.70 24.07
N TYR ID 71 -75.84 97.45 24.96
CA TYR ID 71 -74.85 96.89 25.86
C TYR ID 71 -75.47 95.91 26.84
N ALA ID 72 -74.77 94.83 27.11
CA ALA ID 72 -75.27 93.80 28.02
C ALA ID 72 -75.50 94.41 29.41
N SER ID 73 -76.67 94.11 29.97
CA SER ID 73 -77.06 94.63 31.27
C SER ID 73 -77.47 93.47 32.17
N GLY ID 74 -76.83 93.37 33.33
CA GLY ID 74 -77.18 92.30 34.25
C GLY ID 74 -77.02 90.95 33.61
N SER ID 75 -78.04 90.10 33.77
CA SER ID 75 -77.98 88.77 33.18
C SER ID 75 -78.15 88.81 31.67
N THR ID 76 -78.88 89.78 31.14
CA THR ID 76 -79.11 89.86 29.71
C THR ID 76 -77.78 90.06 28.98
N PRO ID 77 -77.44 89.22 28.00
CA PRO ID 77 -76.17 89.41 27.28
C PRO ID 77 -76.28 90.46 26.19
N GLU ID 78 -75.24 90.55 25.36
CA GLU ID 78 -75.23 91.49 24.25
C GLU ID 78 -76.15 91.00 23.13
N PHE ID 79 -76.84 91.94 22.50
CA PHE ID 79 -77.57 91.65 21.27
C PHE ID 79 -77.79 92.96 20.52
N VAL ID 80 -78.06 92.83 19.22
CA VAL ID 80 -78.07 93.97 18.30
C VAL ID 80 -79.27 93.86 17.38
N ARG ID 81 -79.62 94.98 16.73
CA ARG ID 81 -80.61 95.00 15.66
C ARG ID 81 -79.96 95.53 14.39
N GLN ID 82 -80.25 94.88 13.26
CA GLN ID 82 -79.63 95.21 11.98
C GLN ID 82 -80.71 95.21 10.89
N ALA ID 83 -80.46 95.96 9.81
CA ALA ID 83 -81.36 96.02 8.67
C ALA ID 83 -80.58 96.57 7.47
N TYR ID 84 -80.70 95.91 6.32
CA TYR ID 84 -79.88 96.27 5.16
C TYR ID 84 -80.64 96.00 3.87
N VAL ID 85 -80.20 96.66 2.80
CA VAL ID 85 -80.76 96.50 1.46
C VAL ID 85 -79.63 96.27 0.47
N VAL ID 86 -80.00 95.74 -0.69
CA VAL ID 86 -79.05 95.41 -1.75
C VAL ID 86 -79.70 95.70 -3.10
N ILE ID 87 -78.89 96.14 -4.06
CA ILE ID 87 -79.33 96.32 -5.44
C ILE ID 87 -78.24 95.80 -6.37
N ARG ID 88 -78.65 95.29 -7.53
CA ARG ID 88 -77.69 94.91 -8.55
C ARG ID 88 -78.34 95.08 -9.93
N HIS ID 89 -77.48 95.35 -10.91
CA HIS ID 89 -77.91 95.53 -12.29
C HIS ID 89 -76.64 95.58 -13.14
N LYS ID 90 -76.81 95.44 -14.45
CA LYS ID 90 -75.66 95.38 -15.33
C LYS ID 90 -74.98 96.75 -15.39
N VAL ID 91 -73.86 96.80 -16.11
CA VAL ID 91 -73.09 98.03 -16.25
C VAL ID 91 -73.62 98.81 -17.44
N GLY ID 92 -73.93 100.08 -17.22
CA GLY ID 92 -74.42 100.93 -18.30
C GLY ID 92 -75.92 100.91 -18.51
N ASP ID 93 -76.70 100.41 -17.55
CA ASP ID 93 -78.14 100.40 -17.68
C ASP ID 93 -78.71 101.80 -17.48
N VAL ID 94 -79.97 101.99 -17.88
CA VAL ID 94 -80.65 103.27 -17.67
C VAL ID 94 -80.92 103.44 -16.18
N SER ID 95 -80.41 104.54 -15.62
CA SER ID 95 -80.41 104.70 -14.17
C SER ID 95 -81.82 104.86 -13.61
N ALA ID 96 -82.67 105.64 -14.29
CA ALA ID 96 -84.00 105.92 -13.74
C ALA ID 96 -84.83 104.65 -13.59
N THR ID 97 -84.77 103.76 -14.58
CA THR ID 97 -85.53 102.51 -14.48
C THR ID 97 -85.06 101.68 -13.30
N VAL ID 98 -83.75 101.56 -13.11
CA VAL ID 98 -83.23 100.80 -11.98
C VAL ID 98 -83.67 101.44 -10.68
N SER ID 99 -83.71 102.77 -10.65
CA SER ID 99 -84.18 103.47 -9.46
C SER ID 99 -85.64 103.20 -9.18
N ASP ID 100 -86.45 103.00 -10.22
CA ASP ID 100 -87.88 102.79 -10.02
C ASP ID 100 -88.15 101.53 -9.21
N LEU ID 101 -87.38 100.46 -9.44
CA LEU ID 101 -87.57 99.23 -8.66
C LEU ID 101 -87.32 99.49 -7.17
N GLY ID 102 -86.24 100.21 -6.85
CA GLY ID 102 -85.98 100.52 -5.46
C GLY ID 102 -87.04 101.43 -4.86
N GLU ID 103 -87.54 102.38 -5.66
CA GLU ID 103 -88.67 103.20 -5.21
C GLU ID 103 -89.86 102.33 -4.85
N ALA ID 104 -90.17 101.35 -5.71
CA ALA ID 104 -91.29 100.45 -5.44
C ALA ID 104 -91.06 99.67 -4.16
N LEU ID 105 -89.84 99.14 -3.98
CA LEU ID 105 -89.55 98.39 -2.77
C LEU ID 105 -89.73 99.26 -1.53
N SER ID 106 -89.22 100.49 -1.56
CA SER ID 106 -89.34 101.38 -0.43
C SER ID 106 -90.80 101.72 -0.15
N PHE ID 107 -91.59 101.93 -1.20
CA PHE ID 107 -93.00 102.25 -1.02
C PHE ID 107 -93.78 101.08 -0.45
N TYR ID 108 -93.48 99.86 -0.89
CA TYR ID 108 -94.22 98.70 -0.40
C TYR ID 108 -94.04 98.53 1.11
N LEU ID 109 -92.81 98.67 1.60
CA LEU ID 109 -92.51 98.49 3.01
C LEU ID 109 -93.07 99.66 3.81
N ASN ID 110 -93.90 99.35 4.81
CA ASN ID 110 -94.47 100.36 5.69
C ASN ID 110 -94.77 99.70 7.02
N GLU ID 111 -95.49 100.41 7.89
CA GLU ID 111 -95.76 99.90 9.23
C GLU ID 111 -96.46 98.55 9.17
N ALA ID 112 -97.56 98.47 8.41
CA ALA ID 112 -98.39 97.28 8.41
C ALA ID 112 -97.62 96.07 7.89
N LEU ID 113 -96.92 96.24 6.76
CA LEU ID 113 -96.16 95.11 6.21
C LEU ID 113 -95.07 94.66 7.17
N TYR ID 114 -94.41 95.60 7.85
CA TYR ID 114 -93.41 95.21 8.82
C TYR ID 114 -94.03 94.42 9.96
N GLY ID 115 -95.20 94.83 10.41
CA GLY ID 115 -95.91 94.04 11.41
C GLY ID 115 -96.24 92.65 10.92
N LYS ID 116 -96.62 92.52 9.65
CA LYS ID 116 -96.89 91.20 9.09
C LYS ID 116 -95.62 90.35 9.07
N LEU ID 117 -94.52 90.89 8.54
CA LEU ID 117 -93.31 90.11 8.41
C LEU ID 117 -92.78 89.66 9.76
N ILE ID 118 -92.76 90.56 10.76
CA ILE ID 118 -92.24 90.17 12.06
C ILE ID 118 -93.13 89.11 12.70
N GLY ID 119 -94.33 88.90 12.16
CA GLY ID 119 -95.25 87.88 12.63
C GLY ID 119 -95.10 86.52 11.99
N TRP ID 120 -94.04 86.30 11.21
CA TRP ID 120 -93.71 85.03 10.56
C TRP ID 120 -94.68 84.66 9.45
N GLU ID 121 -95.59 85.55 9.05
CA GLU ID 121 -96.49 85.24 7.98
C GLU ID 121 -95.75 85.20 6.65
N SER ID 122 -95.99 84.15 5.86
CA SER ID 122 -95.34 84.00 4.57
C SER ID 122 -96.39 84.00 3.45
N ALA JD 1 -36.36 122.14 39.58
CA ALA JD 1 -37.04 122.58 40.83
C ALA JD 1 -38.53 122.19 40.80
N LEU JD 2 -39.36 123.02 40.15
CA LEU JD 2 -40.80 122.81 40.05
C LEU JD 2 -41.50 122.82 41.40
N GLY JD 3 -40.76 122.94 42.50
CA GLY JD 3 -41.25 122.70 43.83
C GLY JD 3 -41.35 121.23 44.17
N ASP JD 4 -41.74 121.00 45.42
CA ASP JD 4 -41.85 119.65 45.96
C ASP JD 4 -43.28 119.14 46.08
N THR JD 5 -44.28 119.97 45.79
CA THR JD 5 -45.67 119.54 45.68
C THR JD 5 -46.17 119.80 44.28
N LEU JD 6 -46.70 118.75 43.64
CA LEU JD 6 -47.28 118.82 42.31
C LEU JD 6 -48.79 118.69 42.46
N THR JD 7 -49.53 119.66 41.94
CA THR JD 7 -50.96 119.74 42.12
C THR JD 7 -51.68 119.32 40.85
N ILE JD 8 -52.57 118.35 40.96
CA ILE JD 8 -53.41 117.92 39.86
C ILE JD 8 -54.84 118.33 40.19
N THR JD 9 -55.43 119.14 39.32
CA THR JD 9 -56.76 119.71 39.52
C THR JD 9 -57.72 119.03 38.55
N LEU JD 10 -58.26 117.89 38.96
CA LEU JD 10 -59.20 117.18 38.10
C LEU JD 10 -60.42 118.06 37.86
N GLY JD 11 -60.82 118.16 36.60
CA GLY JD 11 -61.95 118.98 36.22
C GLY JD 11 -61.59 120.33 35.64
N GLY JD 12 -60.34 120.56 35.27
CA GLY JD 12 -59.98 121.85 34.78
C GLY JD 12 -60.04 122.88 35.91
N SER JD 13 -60.09 124.14 35.52
CA SER JD 13 -60.14 125.21 36.50
C SER JD 13 -61.42 125.12 37.33
N GLY JD 14 -61.26 125.24 38.65
CA GLY JD 14 -62.39 125.18 39.56
C GLY JD 14 -62.76 123.78 40.03
N GLY JD 15 -61.96 122.77 39.76
CA GLY JD 15 -62.28 121.40 40.11
C GLY JD 15 -61.69 120.97 41.44
N THR JD 16 -61.62 119.65 41.61
CA THR JD 16 -61.00 119.05 42.79
C THR JD 16 -59.48 119.02 42.62
N ALA JD 17 -58.75 119.33 43.69
CA ALA JD 17 -57.30 119.39 43.66
C ALA JD 17 -56.69 118.21 44.41
N LYS JD 18 -55.66 117.61 43.81
CA LYS JD 18 -54.88 116.55 44.41
C LYS JD 18 -53.41 116.96 44.40
N VAL JD 19 -52.74 116.82 45.54
CA VAL JD 19 -51.39 117.34 45.73
C VAL JD 19 -50.44 116.15 45.87
N LEU JD 20 -49.61 115.92 44.85
CA LEU JD 20 -48.59 114.89 44.94
C LEU JD 20 -47.27 115.47 45.46
N ARG JD 21 -46.43 114.58 45.96
CA ARG JD 21 -45.17 114.91 46.62
C ARG JD 21 -44.02 114.26 45.86
N LYS JD 22 -42.86 114.90 45.80
CA LYS JD 22 -41.68 114.15 45.36
C LYS JD 22 -41.38 113.01 46.29
N ILE JD 23 -41.11 111.86 45.68
CA ILE JD 23 -40.66 110.66 46.38
C ILE JD 23 -39.33 110.13 45.91
N ASN JD 24 -38.85 110.47 44.70
CA ASN JD 24 -37.58 109.92 44.27
C ASN JD 24 -36.98 110.84 43.21
N GLN JD 25 -35.74 110.54 42.81
CA GLN JD 25 -35.07 111.30 41.76
C GLN JD 25 -33.94 110.43 41.22
N ASP JD 26 -34.11 109.91 40.00
CA ASP JD 26 -33.13 109.03 39.37
C ASP JD 26 -33.14 109.27 37.87
N GLY JD 27 -31.96 109.22 37.27
CA GLY JD 27 -31.86 109.25 35.82
C GLY JD 27 -32.52 110.45 35.19
N TYR JD 28 -32.32 111.64 35.77
CA TYR JD 28 -32.89 112.88 35.25
C TYR JD 28 -34.41 112.87 35.28
N THR JD 29 -34.99 111.99 36.09
CA THR JD 29 -36.43 111.83 36.20
C THR JD 29 -36.87 112.19 37.61
N SER JD 30 -38.16 112.51 37.75
CA SER JD 30 -38.75 112.84 39.04
C SER JD 30 -40.03 112.03 39.23
N GLU JD 31 -40.24 111.60 40.48
CA GLU JD 31 -41.39 110.77 40.84
C GLU JD 31 -42.28 111.55 41.79
N TYR JD 32 -43.59 111.47 41.58
CA TYR JD 32 -44.59 112.00 42.49
C TYR JD 32 -45.66 110.93 42.73
N TYR JD 33 -46.07 110.78 43.99
CA TYR JD 33 -46.98 109.72 44.37
C TYR JD 33 -47.98 110.26 45.39
N LEU JD 34 -49.14 109.58 45.48
CA LEU JD 34 -50.15 109.84 46.50
C LEU JD 34 -51.03 108.60 46.70
N PRO JD 35 -51.19 108.09 47.92
CA PRO JD 35 -52.06 106.93 48.11
C PRO JD 35 -53.49 107.28 48.50
N GLU JD 36 -54.40 106.36 48.18
CA GLU JD 36 -55.81 106.50 48.51
C GLU JD 36 -56.36 105.13 48.88
N THR JD 37 -57.60 105.13 49.39
CA THR JD 37 -58.21 103.88 49.84
C THR JD 37 -58.45 102.93 48.67
N SER JD 38 -58.94 103.44 47.54
CA SER JD 38 -59.26 102.60 46.39
C SER JD 38 -58.39 102.87 45.17
N SER JD 39 -57.55 103.90 45.20
CA SER JD 39 -56.78 104.28 44.02
C SER JD 39 -55.47 104.92 44.46
N SER JD 40 -54.77 105.53 43.50
CA SER JD 40 -53.52 106.22 43.78
C SER JD 40 -53.25 107.17 42.63
N PHE JD 41 -52.39 108.16 42.89
CA PHE JD 41 -51.99 109.16 41.91
C PHE JD 41 -50.49 109.12 41.75
N ARG JD 42 -50.03 109.10 40.50
CA ARG JD 42 -48.60 109.07 40.18
C ARG JD 42 -48.33 110.02 39.04
N ALA JD 43 -47.17 110.68 39.07
CA ALA JD 43 -46.69 111.44 37.93
C ALA JD 43 -45.20 111.21 37.75
N LYS JD 44 -44.76 111.26 36.49
CA LYS JD 44 -43.39 110.99 36.11
C LYS JD 44 -42.88 112.24 35.41
N VAL JD 45 -41.57 112.44 35.40
CA VAL JD 45 -40.96 113.39 34.47
C VAL JD 45 -39.66 112.77 33.97
N ARG JD 46 -39.44 112.84 32.65
CA ARG JD 46 -38.29 112.21 32.03
C ARG JD 46 -37.64 113.14 31.01
N HIS JD 47 -36.31 113.15 31.00
CA HIS JD 47 -35.53 113.81 29.96
C HIS JD 47 -34.56 112.81 29.35
N THR JD 48 -34.34 112.93 28.04
CA THR JD 48 -33.44 112.02 27.33
C THR JD 48 -32.86 112.72 26.11
N LYS JD 49 -31.62 112.34 25.78
CA LYS JD 49 -30.94 112.78 24.58
C LYS JD 49 -30.77 111.59 23.64
N GLU JD 50 -31.31 111.70 22.43
CA GLU JD 50 -31.34 110.56 21.54
C GLU JD 50 -29.95 110.24 21.02
N SER JD 51 -29.84 109.08 20.36
CA SER JD 51 -28.53 108.56 19.97
C SER JD 51 -27.85 109.49 19.00
N VAL JD 52 -26.53 109.60 19.13
CA VAL JD 52 -25.73 110.45 18.27
C VAL JD 52 -25.33 109.65 17.04
N LYS JD 53 -25.27 110.33 15.89
CA LYS JD 53 -24.93 109.66 14.65
C LYS JD 53 -24.02 110.68 13.95
N PRO JD 54 -22.95 110.24 13.25
CA PRO JD 54 -21.89 111.17 12.84
C PRO JD 54 -22.35 112.53 12.33
N ASN JD 55 -23.21 112.57 11.29
CA ASN JD 55 -23.62 113.83 10.65
C ASN JD 55 -25.14 113.91 10.56
N GLN JD 56 -25.77 114.35 11.65
CA GLN JD 56 -27.21 114.57 11.73
C GLN JD 56 -27.44 115.67 12.75
N VAL JD 57 -28.69 115.86 13.17
CA VAL JD 57 -29.05 116.90 14.13
C VAL JD 57 -29.31 116.25 15.47
N GLN JD 58 -28.69 116.80 16.52
CA GLN JD 58 -28.90 116.29 17.87
C GLN JD 58 -30.30 116.63 18.35
N TYR JD 59 -31.00 115.62 18.85
CA TYR JD 59 -32.37 115.77 19.32
C TYR JD 59 -32.51 115.26 20.74
N GLU JD 60 -33.44 115.86 21.48
CA GLU JD 60 -33.73 115.44 22.84
C GLU JD 60 -35.24 115.46 23.06
N ARG JD 61 -35.70 114.55 23.93
CA ARG JD 61 -37.11 114.38 24.21
C ARG JD 61 -37.41 114.85 25.63
N HIS JD 62 -38.59 115.43 25.83
CA HIS JD 62 -39.10 115.75 27.15
C HIS JD 62 -40.50 115.16 27.28
N ASN JD 63 -40.78 114.50 28.41
CA ASN JD 63 -42.03 113.76 28.61
C ASN JD 63 -42.66 114.16 29.93
N VAL JD 64 -43.99 114.21 29.96
CA VAL JD 64 -44.74 114.52 31.17
C VAL JD 64 -45.92 113.55 31.28
N GLU JD 65 -46.04 112.91 32.44
CA GLU JD 65 -46.84 111.70 32.64
C GLU JD 65 -47.84 111.87 33.76
N PHE JD 66 -49.09 111.47 33.49
CA PHE JD 66 -50.16 111.41 34.48
C PHE JD 66 -50.74 110.01 34.43
N THR JD 67 -50.84 109.36 35.59
CA THR JD 67 -51.34 107.98 35.63
C THR JD 67 -52.28 107.82 36.81
N GLU JD 68 -53.28 106.94 36.64
CA GLU JD 68 -54.30 106.70 37.65
C GLU JD 68 -54.59 105.20 37.71
N THR JD 69 -54.35 104.58 38.87
CA THR JD 69 -54.59 103.14 39.04
C THR JD 69 -55.64 102.92 40.12
N VAL JD 70 -56.54 101.97 39.88
CA VAL JD 70 -57.61 101.63 40.82
C VAL JD 70 -57.49 100.17 41.18
N TYR JD 71 -57.54 99.87 42.48
CA TYR JD 71 -57.30 98.52 42.96
C TYR JD 71 -58.52 97.64 42.70
N ALA JD 72 -58.27 96.34 42.57
CA ALA JD 72 -59.32 95.41 42.19
C ALA JD 72 -60.44 95.41 43.23
N SER JD 73 -61.68 95.45 42.75
CA SER JD 73 -62.86 95.44 43.59
C SER JD 73 -63.83 94.40 43.05
N GLY JD 74 -64.31 93.52 43.92
CA GLY JD 74 -65.21 92.47 43.48
C GLY JD 74 -64.56 91.63 42.41
N SER JD 75 -65.33 91.33 41.36
CA SER JD 75 -64.81 90.56 40.23
C SER JD 75 -64.05 91.43 39.22
N THR JD 76 -64.13 92.75 39.35
CA THR JD 76 -63.47 93.64 38.39
C THR JD 76 -62.00 93.77 38.73
N PRO JD 77 -61.08 93.39 37.83
CA PRO JD 77 -59.66 93.49 38.15
C PRO JD 77 -59.18 94.93 38.18
N GLU JD 78 -57.99 95.12 38.76
CA GLU JD 78 -57.39 96.44 38.81
C GLU JD 78 -57.04 96.92 37.40
N PHE JD 79 -57.11 98.24 37.21
CA PHE JD 79 -56.83 98.84 35.91
C PHE JD 79 -56.25 100.23 36.14
N VAL JD 80 -55.91 100.89 35.03
CA VAL JD 80 -55.23 102.17 35.08
C VAL JD 80 -55.89 103.14 34.11
N ARG JD 81 -55.70 104.43 34.39
CA ARG JD 81 -56.00 105.50 33.46
C ARG JD 81 -54.78 106.40 33.34
N GLN JD 82 -54.34 106.63 32.11
CA GLN JD 82 -53.02 107.16 31.78
C GLN JD 82 -53.18 108.27 30.77
N ALA JD 83 -52.24 109.22 30.77
CA ALA JD 83 -52.29 110.31 29.80
C ALA JD 83 -50.98 111.09 29.87
N TYR JD 84 -50.34 111.32 28.72
CA TYR JD 84 -49.01 111.92 28.72
C TYR JD 84 -48.78 112.73 27.44
N VAL JD 85 -47.82 113.64 27.52
CA VAL JD 85 -47.41 114.49 26.40
C VAL JD 85 -45.89 114.43 26.30
N VAL JD 86 -45.37 114.75 25.10
CA VAL JD 86 -43.93 114.81 24.85
C VAL JD 86 -43.61 116.03 24.01
N ILE JD 87 -42.38 116.52 24.13
CA ILE JD 87 -41.85 117.60 23.31
C ILE JD 87 -40.47 117.22 22.81
N ARG JD 88 -40.22 117.43 21.52
CA ARG JD 88 -38.96 117.08 20.91
C ARG JD 88 -38.49 118.19 19.98
N HIS JD 89 -37.24 118.60 20.16
CA HIS JD 89 -36.62 119.68 19.38
C HIS JD 89 -35.11 119.50 19.48
N LYS JD 90 -34.37 120.39 18.85
CA LYS JD 90 -32.93 120.25 18.73
C LYS JD 90 -32.21 121.08 19.80
N VAL JD 91 -30.94 120.72 20.05
CA VAL JD 91 -30.24 121.23 21.21
C VAL JD 91 -30.06 122.74 21.13
N GLY JD 92 -29.68 123.24 19.96
CA GLY JD 92 -29.39 124.65 19.80
C GLY JD 92 -30.55 125.51 19.36
N ASP JD 93 -31.78 125.00 19.43
CA ASP JD 93 -32.94 125.77 19.00
C ASP JD 93 -33.19 126.94 19.93
N VAL JD 94 -34.28 127.66 19.69
CA VAL JD 94 -34.70 128.79 20.51
C VAL JD 94 -35.84 128.33 21.42
N SER JD 95 -35.74 128.66 22.71
CA SER JD 95 -36.71 128.16 23.69
C SER JD 95 -38.11 128.72 23.43
N ALA JD 96 -38.21 130.01 23.09
CA ALA JD 96 -39.51 130.66 23.02
C ALA JD 96 -40.39 130.04 21.93
N THR JD 97 -39.80 129.67 20.79
CA THR JD 97 -40.60 129.09 19.71
C THR JD 97 -41.17 127.73 20.12
N VAL JD 98 -40.35 126.88 20.74
CA VAL JD 98 -40.84 125.59 21.19
C VAL JD 98 -41.94 125.81 22.24
N SER JD 99 -41.73 126.81 23.10
CA SER JD 99 -42.76 127.15 24.07
C SER JD 99 -44.07 127.53 23.40
N ASP JD 100 -43.99 128.31 22.31
CA ASP JD 100 -45.20 128.70 21.60
C ASP JD 100 -45.90 127.51 20.95
N LEU JD 101 -45.13 126.60 20.36
CA LEU JD 101 -45.74 125.42 19.75
C LEU JD 101 -46.46 124.58 20.79
N GLY JD 102 -45.82 124.35 21.94
CA GLY JD 102 -46.49 123.64 23.01
C GLY JD 102 -47.69 124.41 23.53
N GLU JD 103 -47.58 125.73 23.54
CA GLU JD 103 -48.66 126.59 24.01
C GLU JD 103 -49.90 126.38 23.14
N ALA JD 104 -49.70 126.35 21.81
CA ALA JD 104 -50.78 126.08 20.88
C ALA JD 104 -51.36 124.69 21.09
N LEU JD 105 -50.49 123.68 21.25
CA LEU JD 105 -51.02 122.32 21.41
C LEU JD 105 -51.87 122.21 22.67
N SER JD 106 -51.42 122.83 23.76
CA SER JD 106 -52.19 122.83 24.99
C SER JD 106 -53.51 123.58 24.83
N PHE JD 107 -53.46 124.74 24.16
CA PHE JD 107 -54.68 125.56 24.00
C PHE JD 107 -55.69 124.88 23.09
N TYR JD 108 -55.24 124.09 22.11
CA TYR JD 108 -56.17 123.39 21.24
C TYR JD 108 -57.07 122.44 22.02
N LEU JD 109 -56.48 121.66 22.91
CA LEU JD 109 -57.21 120.61 23.61
C LEU JD 109 -58.10 121.22 24.68
N ASN JD 110 -59.35 120.80 24.73
CA ASN JD 110 -60.29 121.22 25.76
C ASN JD 110 -61.32 120.11 25.95
N GLU JD 111 -62.28 120.37 26.83
CA GLU JD 111 -63.25 119.33 27.17
C GLU JD 111 -64.08 118.93 25.96
N ALA JD 112 -64.52 119.92 25.17
CA ALA JD 112 -65.32 119.61 23.99
C ALA JD 112 -64.53 118.77 23.00
N LEU JD 113 -63.28 119.15 22.73
CA LEU JD 113 -62.47 118.36 21.82
C LEU JD 113 -62.19 116.97 22.37
N TYR JD 114 -62.01 116.85 23.69
CA TYR JD 114 -61.79 115.53 24.26
C TYR JD 114 -63.03 114.66 24.08
N GLY JD 115 -64.22 115.23 24.28
CA GLY JD 115 -65.44 114.50 23.98
C GLY JD 115 -65.50 114.05 22.53
N LYS JD 116 -65.11 114.94 21.61
CA LYS JD 116 -65.04 114.55 20.21
C LYS JD 116 -64.08 113.37 20.02
N LEU JD 117 -62.87 113.49 20.57
CA LEU JD 117 -61.82 112.52 20.29
C LEU JD 117 -62.20 111.13 20.80
N ILE JD 118 -62.81 111.06 21.99
CA ILE JD 118 -63.20 109.74 22.50
C ILE JD 118 -64.19 109.08 21.55
N GLY JD 119 -64.86 109.86 20.71
CA GLY JD 119 -65.80 109.32 19.74
C GLY JD 119 -65.16 108.70 18.51
N TRP JD 120 -63.84 108.54 18.50
CA TRP JD 120 -63.14 107.86 17.41
C TRP JD 120 -63.08 108.71 16.15
N GLU JD 121 -63.71 109.89 16.17
CA GLU JD 121 -63.72 110.74 14.99
C GLU JD 121 -62.36 111.37 14.79
N SER JD 122 -61.80 111.20 13.59
CA SER JD 122 -60.48 111.72 13.27
C SER JD 122 -60.58 112.97 12.43
N ALA KD 1 -25.30 118.51 49.43
CA ALA KD 1 -26.00 119.49 50.32
C ALA KD 1 -25.53 120.91 50.05
N LEU KD 2 -24.85 121.10 48.92
CA LEU KD 2 -24.30 122.43 48.61
C LEU KD 2 -25.42 123.45 48.47
N GLY KD 3 -26.52 123.07 47.85
CA GLY KD 3 -27.64 123.95 47.63
C GLY KD 3 -28.27 123.69 46.27
N ASP KD 4 -29.51 124.15 46.12
CA ASP KD 4 -30.23 123.95 44.87
C ASP KD 4 -29.65 124.76 43.72
N THR KD 5 -28.89 125.81 44.00
CA THR KD 5 -28.32 126.66 42.97
C THR KD 5 -26.82 126.80 43.13
N LEU KD 6 -26.14 126.95 42.00
CA LEU KD 6 -24.70 127.15 41.93
C LEU KD 6 -24.43 128.40 41.11
N THR KD 7 -23.41 129.15 41.51
CA THR KD 7 -23.10 130.44 40.90
C THR KD 7 -21.73 130.38 40.25
N ILE KD 8 -21.66 130.79 38.99
CA ILE KD 8 -20.41 130.93 38.26
C ILE KD 8 -20.25 132.41 37.93
N THR KD 9 -19.14 133.00 38.36
CA THR KD 9 -18.84 134.41 38.12
C THR KD 9 -17.71 134.49 37.10
N LEU KD 10 -18.07 134.55 35.83
CA LEU KD 10 -17.06 134.58 34.78
C LEU KD 10 -16.22 135.84 34.91
N GLY KD 11 -14.94 135.71 34.57
CA GLY KD 11 -14.02 136.81 34.77
C GLY KD 11 -13.59 136.99 36.21
N GLY KD 12 -13.57 135.92 37.00
CA GLY KD 12 -13.11 136.03 38.36
C GLY KD 12 -14.06 136.85 39.22
N SER KD 13 -13.49 137.52 40.21
CA SER KD 13 -14.26 138.39 41.10
C SER KD 13 -14.77 139.65 40.41
N GLY KD 14 -14.57 139.80 39.11
CA GLY KD 14 -15.02 140.98 38.39
C GLY KD 14 -16.53 141.09 38.31
N GLY KD 15 -17.17 140.19 37.57
CA GLY KD 15 -18.60 140.23 37.38
C GLY KD 15 -19.13 139.08 36.54
N THR KD 16 -20.21 139.32 35.79
CA THR KD 16 -20.79 138.31 34.91
C THR KD 16 -21.20 137.07 35.70
N ALA KD 17 -22.15 137.27 36.62
CA ALA KD 17 -22.63 136.18 37.45
C ALA KD 17 -23.66 135.34 36.71
N LYS KD 18 -23.48 134.03 36.74
CA LYS KD 18 -24.35 133.09 36.06
C LYS KD 18 -24.85 132.07 37.08
N VAL KD 19 -26.10 131.63 36.94
CA VAL KD 19 -26.77 130.81 37.94
C VAL KD 19 -27.12 129.46 37.33
N LEU KD 20 -26.82 128.39 38.06
CA LEU KD 20 -27.13 127.02 37.66
C LEU KD 20 -28.12 126.37 38.61
N ARG KD 21 -28.86 125.40 38.09
CA ARG KD 21 -29.90 124.67 38.80
C ARG KD 21 -29.56 123.19 38.84
N LYS KD 22 -29.91 122.51 39.94
CA LYS KD 22 -29.71 121.06 39.97
C LYS KD 22 -30.66 120.37 39.00
N ILE KD 23 -30.17 119.31 38.35
CA ILE KD 23 -30.95 118.55 37.38
C ILE KD 23 -30.81 117.06 37.64
N ASN KD 24 -29.86 116.66 38.47
CA ASN KD 24 -29.67 115.25 38.80
C ASN KD 24 -28.92 115.14 40.11
N GLN KD 25 -29.08 114.00 40.77
CA GLN KD 25 -28.25 113.67 41.93
C GLN KD 25 -28.31 112.16 42.14
N ASP KD 26 -27.20 111.47 41.86
CA ASP KD 26 -27.16 110.04 42.02
C ASP KD 26 -25.75 109.59 42.35
N GLY KD 27 -25.63 108.65 43.29
CA GLY KD 27 -24.35 108.03 43.59
C GLY KD 27 -23.30 109.01 44.04
N TYR KD 28 -23.65 109.89 44.98
CA TYR KD 28 -22.72 110.88 45.51
C TYR KD 28 -22.19 111.81 44.42
N THR KD 29 -23.04 112.11 43.43
CA THR KD 29 -22.68 112.99 42.33
C THR KD 29 -23.80 113.99 42.10
N SER KD 30 -23.42 115.20 41.69
CA SER KD 30 -24.37 116.26 41.39
C SER KD 30 -24.02 116.90 40.06
N GLU KD 31 -25.06 117.35 39.36
CA GLU KD 31 -24.91 118.04 38.08
C GLU KD 31 -25.76 119.30 38.08
N TYR KD 32 -25.26 120.32 37.39
CA TYR KD 32 -25.93 121.61 37.30
C TYR KD 32 -25.93 122.04 35.85
N TYR KD 33 -26.97 122.76 35.42
CA TYR KD 33 -27.13 123.11 34.01
C TYR KD 33 -27.86 124.44 33.86
N LEU KD 34 -27.59 125.12 32.75
CA LEU KD 34 -28.29 126.34 32.34
C LEU KD 34 -28.12 126.60 30.85
N PRO KD 35 -29.20 126.56 30.06
CA PRO KD 35 -29.08 126.86 28.63
C PRO KD 35 -29.28 128.34 28.32
N GLU KD 36 -28.66 128.77 27.23
CA GLU KD 36 -28.69 130.17 26.80
C GLU KD 36 -28.74 130.20 25.28
N THR KD 37 -28.78 131.41 24.73
CA THR KD 37 -28.95 131.56 23.28
C THR KD 37 -27.76 131.00 22.51
N SER KD 38 -26.53 131.24 22.97
CA SER KD 38 -25.34 130.90 22.22
C SER KD 38 -24.42 129.92 22.94
N SER KD 39 -24.66 129.61 24.20
CA SER KD 39 -23.82 128.67 24.93
C SER KD 39 -24.61 128.04 26.07
N SER KD 40 -24.01 127.04 26.71
CA SER KD 40 -24.64 126.29 27.79
C SER KD 40 -23.72 126.29 28.98
N PHE KD 41 -24.31 126.27 30.18
CA PHE KD 41 -23.56 126.32 31.42
C PHE KD 41 -23.82 125.02 32.19
N ARG KD 42 -22.76 124.31 32.55
CA ARG KD 42 -22.89 123.01 33.20
C ARG KD 42 -21.79 122.84 34.24
N ALA KD 43 -22.16 122.32 35.42
CA ALA KD 43 -21.22 122.05 36.50
C ALA KD 43 -21.53 120.67 37.10
N LYS KD 44 -20.48 120.01 37.61
CA LYS KD 44 -20.56 118.64 38.10
C LYS KD 44 -19.70 118.48 39.35
N VAL KD 45 -20.10 117.55 40.23
CA VAL KD 45 -19.31 117.15 41.39
C VAL KD 45 -19.35 115.64 41.49
N ARG KD 46 -18.19 115.03 41.79
CA ARG KD 46 -18.05 113.57 41.73
C ARG KD 46 -17.13 113.08 42.85
N HIS KD 47 -17.70 112.35 43.81
CA HIS KD 47 -16.95 111.67 44.87
C HIS KD 47 -16.67 110.22 44.47
N THR KD 48 -15.73 109.57 45.16
CA THR KD 48 -15.40 108.19 44.82
C THR KD 48 -14.53 107.53 45.88
N LYS KD 49 -14.60 106.19 45.97
CA LYS KD 49 -13.63 105.36 46.67
C LYS KD 49 -12.83 104.59 45.61
N GLU KD 50 -11.51 104.76 45.61
CA GLU KD 50 -10.69 103.98 44.68
C GLU KD 50 -10.33 102.62 45.27
N SER KD 51 -10.13 101.65 44.38
CA SER KD 51 -10.08 100.25 44.78
C SER KD 51 -8.93 100.01 45.76
N VAL KD 52 -9.05 98.90 46.48
CA VAL KD 52 -8.12 98.54 47.55
C VAL KD 52 -7.28 97.36 47.09
N LYS KD 53 -5.97 97.50 47.20
CA LYS KD 53 -4.97 96.46 47.06
C LYS KD 53 -4.47 96.06 48.44
N PRO KD 54 -4.31 94.78 48.76
CA PRO KD 54 -3.98 94.41 50.14
C PRO KD 54 -2.68 95.04 50.60
N ASN KD 55 -2.50 95.05 51.93
CA ASN KD 55 -1.33 95.54 52.64
C ASN KD 55 -0.81 96.87 52.08
N GLN KD 56 -1.71 97.74 51.64
CA GLN KD 56 -1.34 99.12 51.35
C GLN KD 56 -2.54 100.04 51.53
N VAL KD 57 -2.25 101.33 51.63
CA VAL KD 57 -3.15 102.34 52.18
C VAL KD 57 -4.33 102.63 51.26
N GLN KD 58 -5.30 103.40 51.75
CA GLN KD 58 -6.49 103.79 51.01
C GLN KD 58 -6.59 105.31 50.90
N TYR KD 59 -7.01 105.79 49.73
CA TYR KD 59 -6.98 107.20 49.40
C TYR KD 59 -8.36 107.68 48.97
N GLU KD 60 -8.54 109.00 49.00
CA GLU KD 60 -9.78 109.67 48.63
C GLU KD 60 -9.64 110.30 47.25
N ARG KD 61 -10.77 110.56 46.59
CA ARG KD 61 -10.73 111.43 45.42
C ARG KD 61 -11.95 112.33 45.42
N HIS KD 62 -11.73 113.64 45.25
CA HIS KD 62 -12.78 114.65 45.16
C HIS KD 62 -12.59 115.43 43.87
N ASN KD 63 -13.68 115.66 43.13
CA ASN KD 63 -13.58 116.23 41.79
C ASN KD 63 -14.66 117.28 41.60
N VAL KD 64 -14.32 118.35 40.89
CA VAL KD 64 -15.25 119.38 40.46
C VAL KD 64 -14.82 119.88 39.09
N GLU KD 65 -15.79 120.28 38.26
CA GLU KD 65 -15.47 120.66 36.89
C GLU KD 65 -16.49 121.69 36.38
N PHE KD 66 -16.03 122.52 35.44
CA PHE KD 66 -16.88 123.34 34.59
C PHE KD 66 -16.61 123.04 33.12
N THR KD 67 -17.68 123.06 32.32
CA THR KD 67 -17.61 122.82 30.89
C THR KD 67 -18.54 123.76 30.16
N GLU KD 68 -18.17 124.08 28.91
CA GLU KD 68 -18.86 125.06 28.09
C GLU KD 68 -19.15 124.42 26.75
N THR KD 69 -20.37 124.55 26.24
CA THR KD 69 -20.65 124.25 24.85
C THR KD 69 -21.10 125.51 24.12
N VAL KD 70 -20.55 125.72 22.93
CA VAL KD 70 -20.91 126.82 22.05
C VAL KD 70 -21.49 126.20 20.78
N TYR KD 71 -22.74 126.54 20.46
CA TYR KD 71 -23.41 125.90 19.35
C TYR KD 71 -22.84 126.37 18.01
N ALA KD 72 -22.91 125.49 17.02
CA ALA KD 72 -22.37 125.79 15.71
C ALA KD 72 -23.08 126.98 15.08
N SER KD 73 -22.30 127.84 14.42
CA SER KD 73 -22.84 129.01 13.73
C SER KD 73 -22.11 129.13 12.39
N GLY KD 74 -22.87 129.07 11.30
CA GLY KD 74 -22.28 129.08 9.98
C GLY KD 74 -21.45 127.84 9.70
N SER KD 75 -20.20 128.03 9.27
CA SER KD 75 -19.32 126.92 8.95
C SER KD 75 -18.44 126.50 10.13
N THR KD 76 -18.64 127.08 11.30
CA THR KD 76 -17.82 126.77 12.47
C THR KD 76 -18.50 125.69 13.29
N PRO KD 77 -17.94 124.48 13.41
CA PRO KD 77 -18.57 123.46 14.24
C PRO KD 77 -18.52 123.81 15.71
N GLU KD 78 -19.42 123.21 16.47
CA GLU KD 78 -19.46 123.43 17.91
C GLU KD 78 -18.23 122.85 18.58
N PHE KD 79 -17.84 123.46 19.70
CA PHE KD 79 -16.65 123.06 20.44
C PHE KD 79 -16.93 123.24 21.93
N VAL KD 80 -15.96 122.88 22.76
CA VAL KD 80 -16.15 122.86 24.21
C VAL KD 80 -15.01 123.60 24.91
N ARG KD 81 -15.28 124.03 26.13
CA ARG KD 81 -14.28 124.60 27.03
C ARG KD 81 -14.54 124.06 28.42
N GLN KD 82 -13.51 123.46 29.04
CA GLN KD 82 -13.66 122.76 30.31
C GLN KD 82 -12.50 123.11 31.24
N ALA KD 83 -12.74 122.96 32.55
CA ALA KD 83 -11.73 123.19 33.57
C ALA KD 83 -12.16 122.44 34.83
N TYR KD 84 -11.26 121.62 35.38
CA TYR KD 84 -11.61 120.79 36.52
C TYR KD 84 -10.41 120.65 37.46
N VAL KD 85 -10.71 120.31 38.72
CA VAL KD 85 -9.68 120.10 39.73
C VAL KD 85 -10.04 118.88 40.56
N VAL KD 86 -9.02 118.20 41.07
CA VAL KD 86 -9.18 116.96 41.82
C VAL KD 86 -8.22 116.95 43.01
N ILE KD 87 -8.68 116.39 44.14
CA ILE KD 87 -7.88 116.27 45.35
C ILE KD 87 -7.88 114.82 45.81
N ARG KD 88 -6.72 114.33 46.25
CA ARG KD 88 -6.56 112.95 46.68
C ARG KD 88 -5.73 112.90 47.95
N HIS KD 89 -6.24 112.20 48.96
CA HIS KD 89 -5.55 112.05 50.24
C HIS KD 89 -6.02 110.74 50.89
N LYS KD 90 -5.27 110.28 51.89
CA LYS KD 90 -5.57 108.98 52.45
C LYS KD 90 -6.90 109.00 53.19
N VAL KD 91 -7.41 107.80 53.47
CA VAL KD 91 -8.60 107.67 54.29
C VAL KD 91 -8.23 107.96 55.74
N GLY KD 92 -8.97 108.89 56.35
CA GLY KD 92 -8.72 109.25 57.74
C GLY KD 92 -7.64 110.28 57.96
N ASP KD 93 -7.18 110.97 56.92
CA ASP KD 93 -6.18 112.01 57.08
C ASP KD 93 -6.75 113.15 57.92
N VAL KD 94 -5.91 114.17 58.16
CA VAL KD 94 -6.34 115.37 58.87
C VAL KD 94 -6.88 116.37 57.87
N SER KD 95 -8.10 116.85 58.11
CA SER KD 95 -8.81 117.64 57.11
C SER KD 95 -8.12 118.97 56.85
N ALA KD 96 -7.68 119.66 57.91
CA ALA KD 96 -7.24 121.04 57.76
C ALA KD 96 -6.03 121.15 56.84
N THR KD 97 -5.05 120.25 56.99
CA THR KD 97 -3.88 120.33 56.14
C THR KD 97 -4.23 120.00 54.70
N VAL KD 98 -5.10 119.01 54.50
CA VAL KD 98 -5.46 118.62 53.14
C VAL KD 98 -6.23 119.75 52.47
N SER KD 99 -6.91 120.58 53.26
CA SER KD 99 -7.52 121.79 52.71
C SER KD 99 -6.47 122.85 52.41
N ASP KD 100 -5.49 123.01 53.32
CA ASP KD 100 -4.45 124.03 53.14
C ASP KD 100 -3.68 123.79 51.85
N LEU KD 101 -3.29 122.54 51.62
CA LEU KD 101 -2.97 122.10 50.28
C LEU KD 101 -4.26 122.11 49.46
N GLY KD 102 -4.19 122.58 48.24
CA GLY KD 102 -5.41 122.91 47.54
C GLY KD 102 -5.75 124.38 47.64
N GLU KD 103 -5.84 124.90 48.87
CA GLU KD 103 -5.98 126.35 49.01
C GLU KD 103 -4.75 127.08 48.48
N ALA KD 104 -3.56 126.53 48.76
CA ALA KD 104 -2.35 127.13 48.20
C ALA KD 104 -2.43 127.17 46.68
N LEU KD 105 -2.82 126.06 46.06
CA LEU KD 105 -2.93 126.01 44.61
C LEU KD 105 -3.97 127.01 44.11
N SER KD 106 -5.10 127.13 44.82
CA SER KD 106 -6.13 128.07 44.42
C SER KD 106 -5.59 129.49 44.42
N PHE KD 107 -4.81 129.83 45.45
CA PHE KD 107 -4.21 131.17 45.50
C PHE KD 107 -3.17 131.36 44.40
N TYR KD 108 -2.43 130.30 44.04
CA TYR KD 108 -1.37 130.46 43.06
C TYR KD 108 -1.92 130.88 41.70
N LEU KD 109 -3.04 130.29 41.29
CA LEU KD 109 -3.58 130.54 39.96
C LEU KD 109 -4.30 131.88 39.91
N ASN KD 110 -4.01 132.65 38.86
CA ASN KD 110 -4.60 133.96 38.64
C ASN KD 110 -4.44 134.30 37.17
N GLU KD 111 -4.74 135.54 36.79
CA GLU KD 111 -4.74 135.92 35.38
C GLU KD 111 -3.41 135.59 34.72
N ALA KD 112 -2.29 136.03 35.31
CA ALA KD 112 -1.00 135.87 34.67
C ALA KD 112 -0.68 134.40 34.45
N LEU KD 113 -1.01 133.55 35.42
CA LEU KD 113 -0.68 132.14 35.28
C LEU KD 113 -1.44 131.51 34.12
N TYR KD 114 -2.74 131.78 34.00
CA TYR KD 114 -3.48 131.25 32.87
C TYR KD 114 -2.95 131.80 31.55
N GLY KD 115 -2.60 133.09 31.50
CA GLY KD 115 -2.01 133.63 30.29
C GLY KD 115 -0.75 132.88 29.89
N LYS KD 116 0.13 132.64 30.86
CA LYS KD 116 1.37 131.93 30.55
C LYS KD 116 1.10 130.48 30.14
N LEU KD 117 0.22 129.79 30.86
CA LEU KD 117 -0.07 128.41 30.50
C LEU KD 117 -0.62 128.30 29.09
N ILE KD 118 -1.44 129.27 28.68
CA ILE KD 118 -1.86 129.33 27.29
C ILE KD 118 -0.66 129.60 26.38
N GLY KD 119 0.32 130.36 26.89
CA GLY KD 119 1.53 130.60 26.13
C GLY KD 119 2.44 129.40 25.96
N TRP KD 120 2.14 128.28 26.65
CA TRP KD 120 2.85 127.01 26.64
C TRP KD 120 4.14 127.04 27.45
N GLU KD 121 4.56 128.17 27.99
CA GLU KD 121 5.84 128.21 28.69
C GLU KD 121 5.71 127.59 30.07
N SER KD 122 6.64 126.70 30.40
CA SER KD 122 6.63 125.97 31.67
C SER KD 122 7.82 126.37 32.51
N ALA LD 1 -38.65 113.69 50.24
CA ALA LD 1 -38.08 115.06 50.46
C ALA LD 1 -38.28 115.53 51.90
N LEU LD 2 -37.61 114.86 52.85
CA LEU LD 2 -37.65 115.31 54.23
C LEU LD 2 -36.97 116.66 54.38
N GLY LD 3 -35.86 116.87 53.69
CA GLY LD 3 -35.06 118.07 53.83
C GLY LD 3 -33.59 117.77 53.71
N ASP LD 4 -32.77 118.81 53.51
CA ASP LD 4 -31.34 118.58 53.31
C ASP LD 4 -30.63 118.18 54.60
N THR LD 5 -31.15 118.58 55.76
CA THR LD 5 -30.50 118.33 57.03
C THR LD 5 -31.45 117.61 57.97
N LEU LD 6 -30.88 116.75 58.82
CA LEU LD 6 -31.63 115.98 59.80
C LEU LD 6 -31.02 116.25 61.17
N THR LD 7 -31.86 116.53 62.15
CA THR LD 7 -31.42 116.93 63.48
C THR LD 7 -31.62 115.77 64.45
N ILE LD 8 -30.55 115.41 65.16
CA ILE LD 8 -30.59 114.42 66.21
C ILE LD 8 -30.25 115.11 67.52
N THR LD 9 -31.14 115.02 68.49
CA THR LD 9 -30.94 115.61 69.81
C THR LD 9 -30.59 114.47 70.77
N LEU LD 10 -29.30 114.16 70.87
CA LEU LD 10 -28.87 113.11 71.78
C LEU LD 10 -29.30 113.44 73.20
N GLY LD 11 -29.86 112.46 73.88
CA GLY LD 11 -30.38 112.68 75.21
C GLY LD 11 -31.81 113.19 75.25
N GLY LD 12 -32.57 113.00 74.18
CA GLY LD 12 -33.98 113.39 74.19
C GLY LD 12 -34.14 114.90 74.28
N SER LD 13 -35.26 115.31 74.86
CA SER LD 13 -35.58 116.73 74.96
C SER LD 13 -34.55 117.46 75.80
N GLY LD 14 -34.19 118.66 75.36
CA GLY LD 14 -33.23 119.47 76.09
C GLY LD 14 -31.80 118.96 76.02
N GLY LD 15 -31.47 118.15 75.02
CA GLY LD 15 -30.18 117.51 74.93
C GLY LD 15 -29.18 118.30 74.11
N THR LD 16 -28.27 117.57 73.48
CA THR LD 16 -27.27 118.14 72.58
C THR LD 16 -27.73 117.90 71.15
N ALA LD 17 -27.71 118.96 70.33
CA ALA LD 17 -28.23 118.88 68.97
C ALA LD 17 -27.11 118.56 68.00
N LYS LD 18 -27.32 117.51 67.20
CA LYS LD 18 -26.43 117.13 66.11
C LYS LD 18 -27.19 117.30 64.80
N VAL LD 19 -26.53 117.92 63.82
CA VAL LD 19 -27.16 118.27 62.55
C VAL LD 19 -26.52 117.43 61.45
N LEU LD 20 -27.19 116.35 61.08
CA LEU LD 20 -26.79 115.58 59.90
C LEU LD 20 -27.13 116.36 58.62
N ARG LD 21 -26.47 115.98 57.53
CA ARG LD 21 -26.65 116.61 56.23
C ARG LD 21 -26.84 115.54 55.17
N LYS LD 22 -27.66 115.84 54.15
CA LYS LD 22 -27.96 114.86 53.13
C LYS LD 22 -26.76 114.64 52.21
N ILE LD 23 -26.63 113.40 51.73
CA ILE LD 23 -25.53 112.99 50.86
C ILE LD 23 -26.04 112.42 49.55
N ASN LD 24 -26.94 111.43 49.62
CA ASN LD 24 -27.31 110.67 48.44
C ASN LD 24 -28.71 110.10 48.64
N GLN LD 25 -29.38 109.84 47.51
CA GLN LD 25 -30.66 109.14 47.53
C GLN LD 25 -30.98 108.69 46.11
N ASP LD 26 -30.87 107.38 45.86
CA ASP LD 26 -31.10 106.81 44.55
C ASP LD 26 -32.25 105.81 44.53
N GLY LD 27 -32.20 104.78 45.37
CA GLY LD 27 -33.20 103.73 45.35
C GLY LD 27 -34.30 103.94 46.36
N TYR LD 28 -35.05 105.03 46.24
CA TYR LD 28 -36.14 105.36 47.15
C TYR LD 28 -35.64 105.61 48.56
N THR LD 29 -34.32 105.71 48.74
CA THR LD 29 -33.66 105.64 50.04
C THR LD 29 -32.87 106.92 50.27
N SER LD 30 -33.03 107.52 51.45
CA SER LD 30 -32.31 108.75 51.80
C SER LD 30 -31.39 108.49 52.98
N GLU LD 31 -30.20 109.09 52.92
CA GLU LD 31 -29.20 108.88 53.96
C GLU LD 31 -28.39 110.16 54.19
N TYR LD 32 -27.96 110.34 55.43
CA TYR LD 32 -27.28 111.55 55.90
C TYR LD 32 -25.97 111.12 56.56
N TYR LD 33 -25.00 112.04 56.61
CA TYR LD 33 -23.69 111.71 57.20
C TYR LD 33 -23.11 112.95 57.87
N LEU LD 34 -22.31 112.71 58.93
CA LEU LD 34 -21.59 113.78 59.63
C LEU LD 34 -20.39 113.23 60.38
N PRO LD 35 -19.15 113.69 60.09
CA PRO LD 35 -17.99 113.20 60.82
C PRO LD 35 -17.58 114.07 62.00
N GLU LD 36 -16.82 113.51 62.93
CA GLU LD 36 -16.22 114.26 64.03
C GLU LD 36 -14.80 113.75 64.26
N THR LD 37 -14.15 114.32 65.28
CA THR LD 37 -12.79 113.90 65.62
C THR LD 37 -12.76 112.44 66.07
N SER LD 38 -13.70 112.03 66.91
CA SER LD 38 -13.72 110.68 67.47
C SER LD 38 -14.94 109.86 67.07
N SER LD 39 -15.88 110.44 66.33
CA SER LD 39 -17.07 109.70 65.94
C SER LD 39 -17.65 110.30 64.66
N SER LD 40 -18.50 109.52 64.01
CA SER LD 40 -19.21 109.95 62.80
C SER LD 40 -20.63 109.43 62.86
N PHE LD 41 -21.57 110.25 62.41
CA PHE LD 41 -22.98 109.93 62.49
C PHE LD 41 -23.58 109.76 61.09
N ARG LD 42 -24.53 108.83 61.00
CA ARG LD 42 -25.16 108.48 59.73
C ARG LD 42 -26.59 108.06 60.01
N ALA LD 43 -27.50 108.46 59.13
CA ALA LD 43 -28.90 108.08 59.22
C ALA LD 43 -29.37 107.65 57.84
N LYS LD 44 -30.27 106.67 57.81
CA LYS LD 44 -30.76 106.12 56.55
C LYS LD 44 -32.26 105.91 56.67
N VAL LD 45 -32.96 105.92 55.52
CA VAL LD 45 -34.40 105.72 55.48
C VAL LD 45 -34.74 104.88 54.25
N ARG LD 46 -35.57 103.85 54.42
CA ARG LD 46 -35.96 103.00 53.30
C ARG LD 46 -37.47 102.85 53.25
N HIS LD 47 -37.96 102.45 52.07
CA HIS LD 47 -39.35 102.08 51.85
C HIS LD 47 -39.34 100.86 50.94
N THR LD 48 -40.15 99.84 51.23
CA THR LD 48 -40.11 98.61 50.47
C THR LD 48 -41.48 97.97 50.34
N LYS LD 49 -41.66 97.22 49.25
CA LYS LD 49 -42.84 96.40 48.96
C LYS LD 49 -42.41 94.95 48.82
N GLU LD 50 -43.07 94.04 49.54
CA GLU LD 50 -42.70 92.62 49.53
C GLU LD 50 -42.86 91.99 48.15
N SER LD 51 -42.18 90.87 47.97
CA SER LD 51 -42.48 89.94 46.89
C SER LD 51 -43.92 89.44 47.03
N VAL LD 52 -44.60 89.33 45.91
CA VAL LD 52 -46.01 88.94 45.90
C VAL LD 52 -46.12 87.43 45.80
N LYS LD 53 -47.02 86.85 46.60
CA LYS LD 53 -47.43 85.47 46.40
C LYS LD 53 -48.91 85.48 46.06
N PRO LD 54 -49.34 84.80 44.99
CA PRO LD 54 -50.67 85.08 44.46
C PRO LD 54 -51.76 84.95 45.51
N ASN LD 55 -52.87 85.62 45.24
CA ASN LD 55 -54.10 85.59 46.04
C ASN LD 55 -53.82 85.61 47.55
N GLN LD 56 -53.21 86.70 47.99
CA GLN LD 56 -53.24 87.10 49.39
C GLN LD 56 -53.09 88.61 49.47
N VAL LD 57 -53.11 89.12 50.70
CA VAL LD 57 -53.02 90.56 50.93
C VAL LD 57 -51.59 91.05 50.61
N GLN LD 58 -51.48 92.33 50.27
CA GLN LD 58 -50.20 92.97 49.98
C GLN LD 58 -49.85 94.00 51.05
N TYR LD 59 -48.58 94.02 51.44
CA TYR LD 59 -48.11 94.78 52.58
C TYR LD 59 -47.05 95.76 52.10
N GLU LD 60 -46.58 96.64 52.99
CA GLU LD 60 -45.36 97.41 52.74
C GLU LD 60 -44.66 97.78 54.04
N ARG LD 61 -43.34 97.89 53.98
CA ARG LD 61 -42.51 98.16 55.16
C ARG LD 61 -41.90 99.54 55.05
N HIS LD 62 -41.80 100.24 56.19
CA HIS LD 62 -41.03 101.48 56.29
C HIS LD 62 -39.96 101.30 57.35
N ASN LD 63 -38.72 101.69 57.01
CA ASN LD 63 -37.56 101.44 57.85
C ASN LD 63 -36.86 102.75 58.17
N VAL LD 64 -36.42 102.89 59.42
CA VAL LD 64 -35.64 104.05 59.87
C VAL LD 64 -34.62 103.59 60.88
N GLU LD 65 -33.37 104.07 60.73
CA GLU LD 65 -32.28 103.68 61.61
C GLU LD 65 -31.37 104.87 61.88
N PHE LD 66 -30.79 104.88 63.07
CA PHE LD 66 -29.65 105.74 63.41
C PHE LD 66 -28.45 104.83 63.69
N THR LD 67 -27.27 105.23 63.22
CA THR LD 67 -26.06 104.47 63.50
C THR LD 67 -24.94 105.42 63.92
N GLU LD 68 -24.09 104.93 64.83
CA GLU LD 68 -22.98 105.72 65.37
C GLU LD 68 -21.76 104.83 65.50
N THR LD 69 -20.60 105.35 65.08
CA THR LD 69 -19.35 104.62 65.10
C THR LD 69 -18.27 105.44 65.81
N VAL LD 70 -17.39 104.74 66.52
CA VAL LD 70 -16.28 105.34 67.23
C VAL LD 70 -14.99 104.74 66.70
N TYR LD 71 -14.04 105.59 66.31
CA TYR LD 71 -12.79 105.10 65.74
C TYR LD 71 -11.90 104.52 66.83
N ALA LD 72 -10.98 103.65 66.40
CA ALA LD 72 -10.11 102.94 67.33
C ALA LD 72 -9.23 103.93 68.07
N SER LD 73 -9.15 103.76 69.39
CA SER LD 73 -8.34 104.61 70.26
C SER LD 73 -7.46 103.72 71.11
N GLY LD 74 -6.17 103.71 70.81
CA GLY LD 74 -5.26 102.82 71.53
C GLY LD 74 -5.57 101.37 71.22
N SER LD 75 -5.68 100.56 72.27
CA SER LD 75 -5.90 99.12 72.07
C SER LD 75 -7.33 98.82 71.65
N THR LD 76 -8.29 99.59 72.14
CA THR LD 76 -9.70 99.32 71.82
C THR LD 76 -9.92 99.49 70.31
N PRO LD 77 -10.47 98.50 69.62
CA PRO LD 77 -10.76 98.67 68.20
C PRO LD 77 -11.96 99.56 67.97
N GLU LD 78 -12.35 99.66 66.70
CA GLU LD 78 -13.51 100.45 66.34
C GLU LD 78 -14.77 99.81 66.91
N PHE LD 79 -15.76 100.63 67.24
CA PHE LD 79 -17.06 100.06 67.55
C PHE LD 79 -18.16 101.07 67.23
N VAL LD 80 -19.38 100.53 67.14
CA VAL LD 80 -20.49 101.14 66.42
C VAL LD 80 -21.77 100.93 67.25
N ARG LD 81 -22.77 101.77 66.98
CA ARG LD 81 -24.08 101.70 67.63
C ARG LD 81 -25.17 102.03 66.64
N GLN LD 82 -26.32 101.35 66.75
CA GLN LD 82 -27.54 101.79 66.08
C GLN LD 82 -28.77 101.70 66.97
N ALA LD 83 -29.88 102.23 66.42
CA ALA LD 83 -31.23 101.99 66.93
C ALA LD 83 -32.21 102.27 65.79
N TYR LD 84 -33.07 101.30 65.45
CA TYR LD 84 -33.88 101.40 64.25
C TYR LD 84 -35.28 100.84 64.48
N VAL LD 85 -36.21 101.28 63.63
CA VAL LD 85 -37.63 100.93 63.72
C VAL LD 85 -38.15 100.55 62.33
N VAL LD 86 -39.15 99.68 62.30
CA VAL LD 86 -39.79 99.25 61.06
C VAL LD 86 -41.30 99.18 61.30
N ILE LD 87 -42.08 99.50 60.27
CA ILE LD 87 -43.54 99.50 60.34
C ILE LD 87 -44.08 98.70 59.17
N ARG LD 88 -45.10 97.88 59.44
CA ARG LD 88 -45.73 97.02 58.45
C ARG LD 88 -47.23 97.29 58.43
N HIS LD 89 -47.80 97.32 57.22
CA HIS LD 89 -49.24 97.45 57.04
C HIS LD 89 -49.54 97.13 55.59
N LYS LD 90 -50.81 97.26 55.21
CA LYS LD 90 -51.27 96.82 53.89
C LYS LD 90 -51.62 98.01 53.01
N VAL LD 91 -51.52 97.79 51.69
CA VAL LD 91 -51.82 98.82 50.72
C VAL LD 91 -53.28 99.24 50.83
N GLY LD 92 -53.53 100.54 50.73
CA GLY LD 92 -54.87 101.05 50.84
C GLY LD 92 -55.40 101.19 52.25
N ASP LD 93 -54.58 100.91 53.26
CA ASP LD 93 -55.01 101.04 54.64
C ASP LD 93 -55.20 102.52 54.99
N VAL LD 94 -55.75 102.76 56.18
CA VAL LD 94 -55.99 104.11 56.67
C VAL LD 94 -54.75 104.59 57.39
N SER LD 95 -54.20 105.72 56.94
CA SER LD 95 -52.93 106.21 57.45
C SER LD 95 -53.01 106.58 58.92
N ALA LD 96 -54.13 107.19 59.34
CA ALA LD 96 -54.23 107.72 60.69
C ALA LD 96 -54.12 106.62 61.74
N THR LD 97 -54.71 105.45 61.47
CA THR LD 97 -54.66 104.36 62.44
C THR LD 97 -53.23 103.83 62.62
N VAL LD 98 -52.51 103.64 61.51
CA VAL LD 98 -51.12 103.22 61.61
C VAL LD 98 -50.32 104.28 62.35
N SER LD 99 -50.65 105.54 62.12
CA SER LD 99 -50.00 106.63 62.84
C SER LD 99 -50.24 106.51 64.33
N ASP LD 100 -51.47 106.19 64.74
CA ASP LD 100 -51.76 106.04 66.16
C ASP LD 100 -50.97 104.89 66.77
N LEU LD 101 -50.88 103.76 66.06
CA LEU LD 101 -50.08 102.66 66.59
C LEU LD 101 -48.62 103.08 66.75
N GLY LD 102 -48.06 103.76 65.75
CA GLY LD 102 -46.69 104.20 65.84
C GLY LD 102 -46.46 105.18 66.98
N GLU LD 103 -47.39 106.12 67.16
CA GLU LD 103 -47.26 107.09 68.23
C GLU LD 103 -47.33 106.41 69.59
N ALA LD 104 -48.20 105.41 69.73
CA ALA LD 104 -48.24 104.63 70.97
C ALA LD 104 -46.89 103.96 71.22
N LEU LD 105 -46.33 103.32 70.19
CA LEU LD 105 -45.04 102.66 70.36
C LEU LD 105 -43.97 103.66 70.80
N SER LD 106 -43.94 104.82 70.16
CA SER LD 106 -42.95 105.83 70.52
C SER LD 106 -43.17 106.33 71.94
N PHE LD 107 -44.43 106.52 72.34
CA PHE LD 107 -44.73 107.04 73.67
C PHE LD 107 -44.34 106.06 74.76
N TYR LD 108 -44.50 104.75 74.50
CA TYR LD 108 -44.15 103.76 75.51
C TYR LD 108 -42.64 103.80 75.81
N LEU LD 109 -41.82 103.89 74.77
CA LEU LD 109 -40.37 103.91 74.96
C LEU LD 109 -39.96 105.23 75.63
N ASN LD 110 -39.27 105.12 76.75
CA ASN LD 110 -38.74 106.28 77.46
C ASN LD 110 -37.47 105.86 78.18
N GLU LD 111 -36.84 106.82 78.87
CA GLU LD 111 -35.57 106.56 79.52
C GLU LD 111 -35.69 105.46 80.57
N ALA LD 112 -36.76 105.47 81.38
CA ALA LD 112 -36.88 104.46 82.41
C ALA LD 112 -36.96 103.06 81.81
N LEU LD 113 -37.80 102.89 80.79
CA LEU LD 113 -37.91 101.57 80.18
C LEU LD 113 -36.65 101.23 79.41
N TYR LD 114 -35.95 102.22 78.88
CA TYR LD 114 -34.69 101.93 78.22
C TYR LD 114 -33.67 101.40 79.21
N GLY LD 115 -33.60 102.01 80.39
CA GLY LD 115 -32.71 101.51 81.42
C GLY LD 115 -33.08 100.11 81.86
N LYS LD 116 -34.38 99.83 81.96
CA LYS LD 116 -34.81 98.47 82.26
C LYS LD 116 -34.41 97.51 81.15
N LEU LD 117 -34.60 97.89 79.90
CA LEU LD 117 -34.41 96.97 78.79
C LEU LD 117 -32.94 96.65 78.58
N ILE LD 118 -32.06 97.64 78.75
CA ILE LD 118 -30.65 97.43 78.40
C ILE LD 118 -30.04 96.37 79.30
N GLY LD 119 -30.55 96.23 80.53
CA GLY LD 119 -30.01 95.27 81.46
C GLY LD 119 -30.54 93.85 81.29
N TRP LD 120 -30.94 93.49 80.06
CA TRP LD 120 -31.45 92.16 79.78
C TRP LD 120 -32.72 91.85 80.55
N GLU LD 121 -33.27 92.83 81.25
CA GLU LD 121 -34.48 92.60 82.02
C GLU LD 121 -35.62 92.22 81.07
N SER LD 122 -36.33 91.15 81.39
CA SER LD 122 -37.43 90.69 80.58
C SER LD 122 -38.60 90.21 81.44
N ALA MD 1 65.35 -12.72 -117.13
CA ALA MD 1 65.53 -12.43 -118.58
C ALA MD 1 64.45 -11.47 -119.06
N LEU MD 2 63.89 -11.71 -120.24
CA LEU MD 2 62.80 -10.92 -120.82
C LEU MD 2 63.28 -9.54 -121.29
N GLY MD 3 64.56 -9.21 -121.13
CA GLY MD 3 65.09 -7.93 -121.54
C GLY MD 3 65.01 -6.90 -120.42
N ASP MD 4 65.79 -5.82 -120.61
CA ASP MD 4 65.81 -4.72 -119.65
C ASP MD 4 64.76 -3.67 -119.98
N THR MD 5 64.62 -3.31 -121.25
CA THR MD 5 63.66 -2.31 -121.70
C THR MD 5 62.47 -2.99 -122.38
N LEU MD 6 61.27 -2.59 -121.98
CA LEU MD 6 60.02 -3.11 -122.51
C LEU MD 6 59.37 -2.05 -123.40
N THR MD 7 58.94 -2.45 -124.59
CA THR MD 7 58.36 -1.53 -125.57
C THR MD 7 56.88 -1.83 -125.75
N ILE MD 8 56.05 -0.81 -125.58
CA ILE MD 8 54.62 -0.90 -125.85
C ILE MD 8 54.29 0.07 -126.98
N THR MD 9 53.61 -0.42 -128.00
CA THR MD 9 53.27 0.35 -129.19
C THR MD 9 51.77 0.62 -129.16
N LEU MD 10 51.39 1.79 -128.66
CA LEU MD 10 49.98 2.16 -128.65
C LEU MD 10 49.43 2.18 -130.06
N GLY MD 11 48.23 1.63 -130.24
CA GLY MD 11 47.60 1.58 -131.54
C GLY MD 11 47.97 0.40 -132.40
N GLY MD 12 48.68 -0.59 -131.87
CA GLY MD 12 49.04 -1.75 -132.65
C GLY MD 12 50.21 -1.45 -133.58
N SER MD 13 50.33 -2.28 -134.60
CA SER MD 13 51.44 -2.13 -135.55
C SER MD 13 51.43 -0.76 -136.19
N GLY MD 14 52.60 -0.15 -136.28
CA GLY MD 14 52.74 1.14 -136.91
C GLY MD 14 52.32 2.34 -136.08
N GLY MD 15 52.12 2.17 -134.78
CA GLY MD 15 51.61 3.23 -133.92
C GLY MD 15 52.71 3.99 -133.21
N THR MD 16 52.33 4.57 -132.07
CA THR MD 16 53.25 5.31 -131.21
C THR MD 16 53.99 4.33 -130.30
N ALA MD 17 55.31 4.42 -130.30
CA ALA MD 17 56.15 3.52 -129.53
C ALA MD 17 56.61 4.19 -128.24
N LYS MD 18 56.49 3.48 -127.13
CA LYS MD 18 56.97 3.94 -125.82
C LYS MD 18 57.98 2.94 -125.30
N VAL MD 19 58.87 3.39 -124.42
CA VAL MD 19 59.91 2.56 -123.85
C VAL MD 19 59.76 2.56 -122.33
N LEU MD 20 59.83 1.38 -121.73
CA LEU MD 20 59.71 1.23 -120.30
C LEU MD 20 60.98 0.62 -119.74
N ARG MD 21 61.33 1.01 -118.52
CA ARG MD 21 62.58 0.62 -117.88
C ARG MD 21 62.30 -0.18 -116.61
N LYS MD 22 63.04 -1.28 -116.43
CA LYS MD 22 62.90 -2.10 -115.23
C LYS MD 22 63.41 -1.35 -114.00
N ILE MD 23 62.66 -1.45 -112.91
CA ILE MD 23 63.00 -0.76 -111.67
C ILE MD 23 62.95 -1.67 -110.45
N ASN MD 24 62.55 -2.93 -110.60
CA ASN MD 24 62.59 -3.89 -109.51
C ASN MD 24 62.54 -5.31 -110.06
N GLN MD 25 62.83 -6.25 -109.16
CA GLN MD 25 62.32 -7.61 -109.31
C GLN MD 25 62.21 -8.18 -107.89
N ASP MD 26 60.99 -8.37 -107.42
CA ASP MD 26 60.73 -8.98 -106.12
C ASP MD 26 59.53 -9.90 -106.23
N GLY MD 27 59.49 -10.91 -105.37
CA GLY MD 27 58.31 -11.76 -105.28
C GLY MD 27 57.95 -12.42 -106.59
N TYR MD 28 58.95 -12.84 -107.36
CA TYR MD 28 58.74 -13.44 -108.68
C TYR MD 28 58.02 -12.47 -109.61
N THR MD 29 58.20 -11.17 -109.37
CA THR MD 29 57.50 -10.11 -110.06
C THR MD 29 58.49 -9.06 -110.50
N SER MD 30 58.26 -8.46 -111.67
CA SER MD 30 59.04 -7.32 -112.12
C SER MD 30 58.09 -6.31 -112.75
N GLU MD 31 58.47 -5.04 -112.66
CA GLU MD 31 57.67 -3.96 -113.23
C GLU MD 31 58.57 -2.92 -113.86
N TYR MD 32 58.01 -2.19 -114.82
CA TYR MD 32 58.72 -1.19 -115.60
C TYR MD 32 58.05 0.15 -115.37
N TYR MD 33 58.61 1.22 -115.94
CA TYR MD 33 58.08 2.56 -115.65
C TYR MD 33 58.65 3.58 -116.63
N LEU MD 34 57.86 4.64 -116.89
CA LEU MD 34 58.23 5.74 -117.79
C LEU MD 34 57.41 6.98 -117.44
N PRO MD 35 58.01 8.08 -117.00
CA PRO MD 35 57.23 9.27 -116.65
C PRO MD 35 57.01 10.22 -117.83
N GLU MD 36 55.95 11.01 -117.71
CA GLU MD 36 55.57 12.02 -118.70
C GLU MD 36 55.14 13.28 -117.97
N THR MD 37 54.81 14.31 -118.75
CA THR MD 37 54.34 15.57 -118.18
C THR MD 37 52.94 15.44 -117.61
N SER MD 38 52.06 14.70 -118.30
CA SER MD 38 50.67 14.56 -117.88
C SER MD 38 50.23 13.11 -117.73
N SER MD 39 51.16 12.17 -117.78
CA SER MD 39 50.81 10.75 -117.73
C SER MD 39 52.02 9.95 -117.31
N SER MD 40 51.85 8.64 -117.25
CA SER MD 40 52.92 7.71 -116.92
C SER MD 40 52.52 6.33 -117.45
N PHE MD 41 53.52 5.47 -117.61
CA PHE MD 41 53.28 4.11 -118.08
C PHE MD 41 53.99 3.13 -117.17
N ARG MD 42 53.26 2.09 -116.75
CA ARG MD 42 53.81 1.01 -115.94
C ARG MD 42 53.42 -0.32 -116.55
N ALA MD 43 54.31 -1.31 -116.45
CA ALA MD 43 54.04 -2.67 -116.85
C ALA MD 43 54.53 -3.62 -115.76
N LYS MD 44 53.72 -4.63 -115.45
CA LYS MD 44 54.01 -5.59 -114.38
C LYS MD 44 53.87 -7.01 -114.91
N VAL MD 45 54.71 -7.92 -114.40
CA VAL MD 45 54.64 -9.34 -114.73
C VAL MD 45 54.68 -10.13 -113.44
N ARG MD 46 53.77 -11.10 -113.30
CA ARG MD 46 53.67 -11.88 -112.07
C ARG MD 46 53.54 -13.35 -112.38
N HIS MD 47 54.03 -14.17 -111.44
CA HIS MD 47 53.90 -15.62 -111.48
C HIS MD 47 53.44 -16.11 -110.11
N THR MD 48 52.66 -17.19 -110.09
CA THR MD 48 52.10 -17.68 -108.83
C THR MD 48 51.86 -19.17 -108.91
N LYS MD 49 51.92 -19.82 -107.74
CA LYS MD 49 51.78 -21.26 -107.61
C LYS MD 49 50.74 -21.56 -106.53
N GLU MD 50 49.75 -22.39 -106.86
CA GLU MD 50 48.71 -22.73 -105.91
C GLU MD 50 49.21 -23.80 -104.95
N SER MD 51 48.71 -23.76 -103.71
CA SER MD 51 49.25 -24.61 -102.66
C SER MD 51 48.98 -26.08 -102.95
N VAL MD 52 49.92 -26.94 -102.54
CA VAL MD 52 49.76 -28.37 -102.75
C VAL MD 52 48.70 -28.92 -101.80
N LYS MD 53 47.75 -29.67 -102.35
CA LYS MD 53 46.66 -30.26 -101.59
C LYS MD 53 46.57 -31.73 -101.96
N PRO MD 54 45.94 -32.55 -101.09
CA PRO MD 54 46.32 -33.97 -101.04
C PRO MD 54 46.15 -34.73 -102.35
N ASN MD 55 44.93 -34.83 -102.89
CA ASN MD 55 44.66 -35.53 -104.15
C ASN MD 55 43.81 -34.67 -105.09
N GLN MD 56 44.48 -33.75 -105.77
CA GLN MD 56 43.90 -32.94 -106.86
C GLN MD 56 45.06 -32.54 -107.76
N VAL MD 57 44.85 -31.53 -108.59
CA VAL MD 57 45.82 -31.16 -109.62
C VAL MD 57 46.43 -29.82 -109.27
N GLN MD 58 47.75 -29.73 -109.40
CA GLN MD 58 48.47 -28.49 -109.13
C GLN MD 58 48.50 -27.62 -110.39
N TYR MD 59 48.32 -26.32 -110.19
CA TYR MD 59 48.10 -25.37 -111.28
C TYR MD 59 49.07 -24.20 -111.18
N GLU MD 60 49.17 -23.44 -112.28
CA GLU MD 60 50.01 -22.26 -112.38
C GLU MD 60 49.22 -21.08 -112.93
N ARG MD 61 49.66 -19.86 -112.59
CA ARG MD 61 49.08 -18.63 -113.12
C ARG MD 61 50.20 -17.73 -113.62
N HIS MD 62 50.06 -17.22 -114.85
CA HIS MD 62 50.92 -16.15 -115.37
C HIS MD 62 50.06 -14.95 -115.71
N ASN MD 63 50.47 -13.76 -115.24
CA ASN MD 63 49.68 -12.54 -115.37
C ASN MD 63 50.55 -11.42 -115.93
N VAL MD 64 50.03 -10.71 -116.93
CA VAL MD 64 50.73 -9.62 -117.59
C VAL MD 64 49.78 -8.43 -117.70
N GLU MD 65 50.24 -7.24 -117.29
CA GLU MD 65 49.39 -6.08 -117.09
C GLU MD 65 50.02 -4.82 -117.67
N PHE MD 66 49.20 -4.00 -118.34
CA PHE MD 66 49.56 -2.64 -118.73
C PHE MD 66 48.65 -1.66 -118.01
N THR MD 67 49.21 -0.53 -117.58
CA THR MD 67 48.45 0.48 -116.86
C THR MD 67 48.86 1.87 -117.33
N GLU MD 68 47.87 2.75 -117.48
CA GLU MD 68 48.10 4.15 -117.84
C GLU MD 68 47.29 5.02 -116.90
N THR MD 69 47.92 6.03 -116.32
CA THR MD 69 47.27 6.94 -115.39
C THR MD 69 47.45 8.38 -115.88
N VAL MD 70 46.38 9.17 -115.75
CA VAL MD 70 46.38 10.57 -116.16
C VAL MD 70 46.23 11.43 -114.92
N TYR MD 71 47.17 12.35 -114.73
CA TYR MD 71 47.15 13.18 -113.52
C TYR MD 71 45.98 14.16 -113.55
N ALA MD 72 45.61 14.63 -112.37
CA ALA MD 72 44.49 15.54 -112.25
C ALA MD 72 44.80 16.86 -112.95
N SER MD 73 43.80 17.38 -113.67
CA SER MD 73 43.92 18.65 -114.38
C SER MD 73 42.64 19.43 -114.15
N GLY MD 74 42.72 20.48 -113.34
CA GLY MD 74 41.52 21.25 -113.02
C GLY MD 74 40.51 20.39 -112.29
N SER MD 75 39.26 20.43 -112.77
CA SER MD 75 38.18 19.71 -112.09
C SER MD 75 38.33 18.21 -112.26
N THR MD 76 38.81 17.76 -113.41
CA THR MD 76 38.90 16.33 -113.67
C THR MD 76 39.84 15.66 -112.67
N PRO MD 77 39.40 14.61 -111.96
CA PRO MD 77 40.28 13.97 -110.99
C PRO MD 77 41.15 12.87 -111.60
N GLU MD 78 41.83 12.11 -110.74
CA GLU MD 78 42.69 11.04 -111.21
C GLU MD 78 41.87 9.92 -111.86
N PHE MD 79 42.43 9.29 -112.89
CA PHE MD 79 41.84 8.10 -113.48
C PHE MD 79 42.91 7.34 -114.23
N VAL MD 80 42.62 6.06 -114.50
CA VAL MD 80 43.59 5.13 -115.07
C VAL MD 80 42.94 4.37 -116.22
N ARG MD 81 43.78 3.69 -116.99
CA ARG MD 81 43.33 2.72 -118.00
C ARG MD 81 44.20 1.49 -117.90
N GLN MD 82 43.59 0.32 -117.74
CA GLN MD 82 44.29 -0.93 -117.50
C GLN MD 82 43.93 -1.95 -118.57
N ALA MD 83 44.78 -2.97 -118.70
CA ALA MD 83 44.50 -4.11 -119.57
C ALA MD 83 45.49 -5.21 -119.24
N TYR MD 84 44.99 -6.41 -118.92
CA TYR MD 84 45.88 -7.48 -118.51
C TYR MD 84 45.30 -8.83 -118.91
N VAL MD 85 46.18 -9.84 -118.94
CA VAL MD 85 45.83 -11.21 -119.32
C VAL MD 85 46.31 -12.15 -118.23
N VAL MD 86 45.72 -13.35 -118.22
CA VAL MD 86 46.09 -14.40 -117.28
C VAL MD 86 46.05 -15.74 -118.02
N ILE MD 87 47.01 -16.60 -117.72
CA ILE MD 87 47.11 -17.94 -118.30
C ILE MD 87 47.21 -18.94 -117.16
N ARG MD 88 46.41 -20.01 -117.22
CA ARG MD 88 46.42 -21.04 -116.20
C ARG MD 88 46.57 -22.40 -116.84
N HIS MD 89 47.49 -23.20 -116.29
CA HIS MD 89 47.74 -24.55 -116.76
C HIS MD 89 48.45 -25.32 -115.66
N LYS MD 90 48.49 -26.64 -115.80
CA LYS MD 90 49.06 -27.49 -114.78
C LYS MD 90 50.56 -27.62 -114.94
N VAL MD 91 51.23 -28.04 -113.87
CA VAL MD 91 52.69 -27.94 -113.80
C VAL MD 91 53.35 -28.82 -114.86
N GLY MD 92 52.85 -30.03 -115.06
CA GLY MD 92 53.44 -30.97 -115.97
C GLY MD 92 53.00 -30.86 -117.41
N ASP MD 93 52.13 -29.91 -117.75
CA ASP MD 93 51.61 -29.82 -119.10
C ASP MD 93 52.71 -29.47 -120.09
N VAL MD 94 52.47 -29.78 -121.36
CA VAL MD 94 53.42 -29.48 -122.42
C VAL MD 94 53.29 -28.02 -122.81
N SER MD 95 54.42 -27.40 -123.16
CA SER MD 95 54.46 -25.94 -123.32
C SER MD 95 53.76 -25.50 -124.60
N ALA MD 96 53.98 -26.19 -125.72
CA ALA MD 96 53.45 -25.72 -126.99
C ALA MD 96 51.92 -25.71 -126.99
N THR MD 97 51.29 -26.75 -126.46
CA THR MD 97 49.84 -26.79 -126.41
C THR MD 97 49.28 -25.67 -125.56
N VAL MD 98 49.89 -25.42 -124.40
CA VAL MD 98 49.45 -24.32 -123.55
C VAL MD 98 49.61 -23.00 -124.29
N SER MD 99 50.70 -22.87 -125.04
CA SER MD 99 50.94 -21.64 -125.77
C SER MD 99 49.90 -21.39 -126.84
N ASP MD 100 49.45 -22.44 -127.53
CA ASP MD 100 48.56 -22.26 -128.68
C ASP MD 100 47.24 -21.61 -128.27
N LEU MD 101 46.75 -21.91 -127.07
CA LEU MD 101 45.49 -21.31 -126.63
C LEU MD 101 45.62 -19.79 -126.53
N GLY MD 102 46.69 -19.32 -125.89
CA GLY MD 102 46.91 -17.89 -125.79
C GLY MD 102 47.21 -17.26 -127.15
N GLU MD 103 47.88 -18.00 -128.02
CA GLU MD 103 48.14 -17.51 -129.37
C GLU MD 103 46.85 -17.26 -130.11
N ALA MD 104 45.91 -18.21 -130.02
CA ALA MD 104 44.59 -18.03 -130.60
C ALA MD 104 43.86 -16.83 -129.98
N LEU MD 105 43.95 -16.71 -128.65
CA LEU MD 105 43.27 -15.59 -128.00
C LEU MD 105 43.81 -14.25 -128.51
N SER MD 106 45.13 -14.13 -128.63
CA SER MD 106 45.71 -12.90 -129.16
C SER MD 106 45.31 -12.66 -130.61
N PHE MD 107 45.28 -13.72 -131.42
CA PHE MD 107 44.94 -13.57 -132.82
C PHE MD 107 43.49 -13.12 -133.01
N TYR MD 108 42.59 -13.61 -132.15
CA TYR MD 108 41.17 -13.27 -132.29
C TYR MD 108 40.93 -11.78 -132.03
N LEU MD 109 41.56 -11.23 -131.00
CA LEU MD 109 41.28 -9.86 -130.60
C LEU MD 109 41.93 -8.88 -131.57
N ASN MD 110 41.15 -7.89 -132.00
CA ASN MD 110 41.65 -6.84 -132.89
C ASN MD 110 40.68 -5.66 -132.79
N GLU MD 111 40.94 -4.64 -133.60
CA GLU MD 111 40.23 -3.36 -133.48
C GLU MD 111 38.72 -3.57 -133.46
N ALA MD 112 38.20 -4.37 -134.39
CA ALA MD 112 36.77 -4.60 -134.45
C ALA MD 112 36.24 -5.20 -133.16
N LEU MD 113 36.96 -6.20 -132.62
CA LEU MD 113 36.49 -6.84 -131.40
C LEU MD 113 36.47 -5.86 -130.23
N TYR MD 114 37.52 -5.07 -130.07
CA TYR MD 114 37.53 -4.12 -128.96
C TYR MD 114 36.42 -3.10 -129.11
N GLY MD 115 36.21 -2.59 -130.32
CA GLY MD 115 35.11 -1.66 -130.53
C GLY MD 115 33.77 -2.28 -130.17
N LYS MD 116 33.54 -3.52 -130.59
CA LYS MD 116 32.28 -4.18 -130.29
C LYS MD 116 32.11 -4.41 -128.79
N LEU MD 117 33.19 -4.81 -128.10
CA LEU MD 117 33.10 -4.98 -126.65
C LEU MD 117 32.74 -3.67 -125.97
N ILE MD 118 33.35 -2.56 -126.40
CA ILE MD 118 32.92 -1.26 -125.91
C ILE MD 118 31.48 -0.99 -126.29
N GLY MD 119 30.98 -1.68 -127.32
CA GLY MD 119 29.58 -1.59 -127.67
C GLY MD 119 28.62 -2.29 -126.73
N TRP MD 120 29.11 -3.09 -125.78
CA TRP MD 120 28.35 -3.79 -124.74
C TRP MD 120 27.54 -4.96 -125.25
N GLU MD 121 27.57 -5.28 -126.55
CA GLU MD 121 26.92 -6.50 -127.01
C GLU MD 121 27.76 -7.71 -126.61
N SER MD 122 27.06 -8.78 -126.23
CA SER MD 122 27.72 -9.99 -125.76
C SER MD 122 27.83 -11.02 -126.87
N ALA ND 1 75.85 -11.74 -107.45
CA ALA ND 1 76.11 -11.34 -108.86
C ALA ND 1 76.84 -12.43 -109.63
N LEU ND 2 76.42 -13.69 -109.42
CA LEU ND 2 77.06 -14.79 -110.13
C LEU ND 2 76.84 -14.67 -111.64
N GLY ND 3 75.63 -14.31 -112.05
CA GLY ND 3 75.30 -14.22 -113.45
C GLY ND 3 73.86 -14.61 -113.71
N ASP ND 4 73.34 -14.27 -114.89
CA ASP ND 4 71.94 -14.54 -115.19
C ASP ND 4 71.67 -16.01 -115.51
N THR ND 5 72.70 -16.79 -115.85
CA THR ND 5 72.54 -18.19 -116.17
C THR ND 5 73.57 -19.02 -115.43
N LEU ND 6 73.19 -20.26 -115.11
CA LEU ND 6 74.04 -21.21 -114.41
C LEU ND 6 73.98 -22.54 -115.13
N THR ND 7 75.13 -23.19 -115.27
CA THR ND 7 75.25 -24.44 -116.01
C THR ND 7 75.46 -25.59 -115.03
N ILE ND 8 74.66 -26.64 -115.18
CA ILE ND 8 74.81 -27.87 -114.40
C ILE ND 8 75.19 -28.96 -115.40
N THR ND 9 76.39 -29.52 -115.23
CA THR ND 9 76.91 -30.55 -116.12
C THR ND 9 76.68 -31.90 -115.47
N LEU ND 10 75.58 -32.55 -115.83
CA LEU ND 10 75.27 -33.87 -115.31
C LEU ND 10 76.38 -34.87 -115.65
N GLY ND 11 76.73 -35.68 -114.66
CA GLY ND 11 77.86 -36.58 -114.81
C GLY ND 11 79.21 -35.96 -114.54
N GLY ND 12 79.24 -34.81 -113.90
CA GLY ND 12 80.51 -34.16 -113.53
C GLY ND 12 81.13 -33.45 -114.72
N SER ND 13 82.33 -33.87 -115.09
CA SER ND 13 82.99 -33.38 -116.29
C SER ND 13 82.57 -34.16 -117.53
N GLY ND 14 81.64 -35.09 -117.39
CA GLY ND 14 81.18 -35.90 -118.50
C GLY ND 14 80.49 -35.10 -119.60
N GLY ND 15 79.31 -34.56 -119.29
CA GLY ND 15 78.56 -33.83 -120.31
C GLY ND 15 77.15 -33.53 -119.84
N THR ND 16 76.23 -33.47 -120.80
CA THR ND 16 74.81 -33.26 -120.53
C THR ND 16 74.59 -31.99 -119.71
N ALA ND 17 74.97 -30.87 -120.33
CA ALA ND 17 74.88 -29.58 -119.68
C ALA ND 17 73.44 -29.05 -119.73
N LYS ND 18 72.98 -28.51 -118.60
CA LYS ND 18 71.69 -27.88 -118.48
C LYS ND 18 71.90 -26.43 -118.07
N VAL ND 19 71.21 -25.51 -118.75
CA VAL ND 19 71.41 -24.08 -118.55
C VAL ND 19 70.23 -23.54 -117.76
N LEU ND 20 70.40 -23.40 -116.45
CA LEU ND 20 69.41 -22.69 -115.64
C LEU ND 20 69.49 -21.19 -115.92
N ARG ND 21 68.40 -20.49 -115.60
CA ARG ND 21 68.33 -19.05 -115.78
C ARG ND 21 67.73 -18.39 -114.55
N LYS ND 22 68.17 -17.17 -114.25
CA LYS ND 22 67.70 -16.48 -113.06
C LYS ND 22 66.22 -16.13 -113.19
N ILE ND 23 65.49 -16.30 -112.10
CA ILE ND 23 64.06 -16.04 -112.09
C ILE ND 23 63.68 -15.15 -110.91
N ASN ND 24 64.58 -14.99 -109.95
CA ASN ND 24 64.26 -14.16 -108.81
C ASN ND 24 65.54 -13.89 -108.04
N GLN ND 25 65.52 -12.80 -107.25
CA GLN ND 25 66.66 -12.42 -106.41
C GLN ND 25 66.10 -11.55 -105.30
N ASP ND 26 66.20 -12.02 -104.05
CA ASP ND 26 65.64 -11.32 -102.90
C ASP ND 26 66.44 -11.68 -101.66
N GLY ND 27 66.64 -10.69 -100.78
CA GLY ND 27 67.23 -10.94 -99.49
C GLY ND 27 68.59 -11.61 -99.55
N TYR ND 28 69.46 -11.12 -100.43
CA TYR ND 28 70.78 -11.71 -100.63
C TYR ND 28 70.66 -13.16 -101.09
N THR ND 29 69.54 -13.49 -101.73
CA THR ND 29 69.22 -14.85 -102.14
C THR ND 29 68.98 -14.84 -103.64
N SER ND 30 69.10 -16.02 -104.26
CA SER ND 30 68.77 -16.14 -105.67
C SER ND 30 68.56 -17.61 -106.01
N GLU ND 31 67.58 -17.88 -106.87
CA GLU ND 31 67.30 -19.23 -107.34
C GLU ND 31 67.00 -19.23 -108.83
N TYR ND 32 67.44 -20.28 -109.52
CA TYR ND 32 67.36 -20.37 -110.97
C TYR ND 32 66.51 -21.58 -111.35
N TYR ND 33 65.91 -21.55 -112.55
CA TYR ND 33 64.94 -22.57 -112.92
C TYR ND 33 65.00 -22.86 -114.41
N LEU ND 34 64.63 -24.10 -114.77
CA LEU ND 34 64.57 -24.58 -116.16
C LEU ND 34 63.62 -25.76 -116.29
N PRO ND 35 62.52 -25.67 -117.05
CA PRO ND 35 61.65 -26.84 -117.23
C PRO ND 35 61.95 -27.63 -118.50
N GLU ND 36 61.53 -28.89 -118.52
CA GLU ND 36 61.59 -29.73 -119.71
C GLU ND 36 60.44 -30.73 -119.66
N THR ND 37 60.46 -31.72 -120.55
CA THR ND 37 59.29 -32.56 -120.75
C THR ND 37 58.87 -33.29 -119.49
N SER ND 38 59.82 -33.94 -118.80
CA SER ND 38 59.49 -34.84 -117.70
C SER ND 38 60.13 -34.47 -116.37
N SER ND 39 60.88 -33.38 -116.29
CA SER ND 39 61.46 -32.97 -115.02
C SER ND 39 61.75 -31.48 -115.04
N SER ND 40 62.10 -30.95 -113.87
CA SER ND 40 62.42 -29.55 -113.70
C SER ND 40 63.68 -29.41 -112.86
N PHE ND 41 64.57 -28.53 -113.30
CA PHE ND 41 65.77 -28.18 -112.53
C PHE ND 41 65.60 -26.83 -111.87
N ARG ND 42 66.05 -26.73 -110.63
CA ARG ND 42 65.96 -25.50 -109.86
C ARG ND 42 67.14 -25.47 -108.89
N ALA ND 43 67.75 -24.30 -108.73
CA ALA ND 43 68.92 -24.14 -107.87
C ALA ND 43 68.78 -22.86 -107.06
N LYS ND 44 69.37 -22.85 -105.87
CA LYS ND 44 69.30 -21.70 -104.97
C LYS ND 44 70.68 -21.40 -104.38
N VAL ND 45 70.78 -20.20 -103.81
CA VAL ND 45 71.94 -19.76 -103.05
C VAL ND 45 71.45 -18.81 -101.95
N ARG ND 46 71.96 -18.97 -100.73
CA ARG ND 46 71.62 -18.04 -99.65
C ARG ND 46 72.86 -17.68 -98.85
N HIS ND 47 72.76 -16.57 -98.10
CA HIS ND 47 73.73 -16.19 -97.07
C HIS ND 47 72.99 -15.63 -95.87
N THR ND 48 73.47 -15.92 -94.66
CA THR ND 48 72.78 -15.48 -93.45
C THR ND 48 73.76 -15.34 -92.29
N LYS ND 49 73.29 -14.65 -91.24
CA LYS ND 49 73.89 -14.66 -89.92
C LYS ND 49 73.14 -15.63 -89.02
N GLU ND 50 73.83 -16.18 -88.03
CA GLU ND 50 73.14 -16.73 -86.88
C GLU ND 50 72.98 -15.64 -85.81
N SER ND 51 72.00 -15.84 -84.93
CA SER ND 51 71.63 -14.79 -83.99
C SER ND 51 72.82 -14.44 -83.10
N VAL ND 52 72.97 -13.15 -82.83
CA VAL ND 52 74.10 -12.67 -82.03
C VAL ND 52 73.80 -12.89 -80.56
N LYS ND 53 74.79 -13.37 -79.82
CA LYS ND 53 74.67 -13.59 -78.39
C LYS ND 53 75.62 -12.67 -77.64
N PRO ND 54 75.30 -12.35 -76.38
CA PRO ND 54 76.04 -11.26 -75.72
C PRO ND 54 77.54 -11.46 -75.63
N ASN ND 55 78.02 -12.68 -75.35
CA ASN ND 55 79.44 -12.92 -75.13
C ASN ND 55 79.91 -14.20 -75.82
N GLN ND 56 79.38 -14.46 -77.02
CA GLN ND 56 79.84 -15.57 -77.85
C GLN ND 56 80.23 -15.04 -79.23
N VAL ND 57 80.82 -15.93 -80.03
CA VAL ND 57 81.33 -15.54 -81.34
C VAL ND 57 80.20 -15.55 -82.37
N GLN ND 58 80.38 -14.74 -83.41
CA GLN ND 58 79.41 -14.64 -84.50
C GLN ND 58 79.90 -15.43 -85.71
N TYR ND 59 78.94 -15.98 -86.47
CA TYR ND 59 79.25 -16.89 -87.57
C TYR ND 59 78.45 -16.50 -88.81
N GLU ND 60 78.83 -17.09 -89.94
CA GLU ND 60 78.09 -16.94 -91.19
C GLU ND 60 77.84 -18.29 -91.84
N ARG ND 61 76.77 -18.36 -92.64
CA ARG ND 61 76.39 -19.56 -93.38
C ARG ND 61 76.27 -19.24 -94.86
N HIS ND 62 76.95 -20.02 -95.70
CA HIS ND 62 76.82 -19.97 -97.15
C HIS ND 62 76.35 -21.33 -97.65
N ASN ND 63 75.23 -21.33 -98.38
CA ASN ND 63 74.52 -22.56 -98.74
C ASN ND 63 74.25 -22.62 -100.24
N VAL ND 64 74.25 -23.82 -100.79
CA VAL ND 64 73.96 -24.04 -102.21
C VAL ND 64 73.28 -25.39 -102.37
N GLU ND 65 72.11 -25.40 -103.03
CA GLU ND 65 71.37 -26.62 -103.25
C GLU ND 65 71.01 -26.79 -104.72
N PHE ND 66 71.08 -28.03 -105.19
CA PHE ND 66 70.57 -28.43 -106.49
C PHE ND 66 69.36 -29.34 -106.26
N THR ND 67 68.34 -29.18 -107.10
CA THR ND 67 67.10 -29.93 -106.93
C THR ND 67 66.56 -30.37 -108.29
N GLU ND 68 65.99 -31.57 -108.32
CA GLU ND 68 65.34 -32.11 -109.51
C GLU ND 68 63.98 -32.70 -109.11
N THR ND 69 62.96 -32.43 -109.93
CA THR ND 69 61.63 -32.96 -109.72
C THR ND 69 61.18 -33.74 -110.95
N VAL ND 70 60.64 -34.93 -110.74
CA VAL ND 70 60.17 -35.80 -111.81
C VAL ND 70 58.66 -35.93 -111.68
N TYR ND 71 57.92 -35.48 -112.71
CA TYR ND 71 56.47 -35.46 -112.63
C TYR ND 71 55.89 -36.87 -112.57
N ALA ND 72 54.77 -36.98 -111.87
CA ALA ND 72 54.10 -38.27 -111.72
C ALA ND 72 53.68 -38.81 -113.08
N SER ND 73 53.94 -40.10 -113.29
CA SER ND 73 53.63 -40.77 -114.54
C SER ND 73 53.03 -42.13 -114.24
N GLY ND 74 51.97 -42.48 -114.95
CA GLY ND 74 51.29 -43.74 -114.69
C GLY ND 74 50.82 -43.79 -113.25
N SER ND 75 51.07 -44.93 -112.61
CA SER ND 75 50.77 -45.08 -111.19
C SER ND 75 51.87 -44.56 -110.28
N THR ND 76 53.03 -44.22 -110.83
CA THR ND 76 54.13 -43.71 -110.01
C THR ND 76 53.86 -42.25 -109.64
N PRO ND 77 53.83 -41.89 -108.36
CA PRO ND 77 53.61 -40.51 -107.98
C PRO ND 77 54.84 -39.64 -108.25
N GLU ND 78 54.75 -38.39 -107.82
CA GLU ND 78 55.83 -37.44 -108.02
C GLU ND 78 56.90 -37.58 -106.94
N PHE ND 79 58.15 -37.38 -107.33
CA PHE ND 79 59.26 -37.42 -106.38
C PHE ND 79 60.34 -36.46 -106.84
N VAL ND 80 61.34 -36.25 -105.97
CA VAL ND 80 62.37 -35.25 -106.18
C VAL ND 80 63.74 -35.86 -105.88
N ARG ND 81 64.78 -35.24 -106.43
CA ARG ND 81 66.17 -35.49 -106.04
C ARG ND 81 66.83 -34.18 -105.64
N GLN ND 82 67.60 -34.23 -104.56
CA GLN ND 82 68.17 -33.04 -103.93
C GLN ND 82 69.62 -33.32 -103.55
N ALA ND 83 70.44 -32.28 -103.57
CA ALA ND 83 71.84 -32.40 -103.17
C ALA ND 83 72.38 -31.01 -102.86
N TYR ND 84 72.84 -30.79 -101.63
CA TYR ND 84 73.25 -29.45 -101.22
C TYR ND 84 74.43 -29.48 -100.26
N VAL ND 85 75.10 -28.32 -100.16
CA VAL ND 85 76.26 -28.11 -99.31
C VAL ND 85 76.14 -26.76 -98.62
N VAL ND 86 76.82 -26.60 -97.49
CA VAL ND 86 76.83 -25.34 -96.73
C VAL ND 86 78.13 -25.23 -95.97
N ILE ND 87 78.50 -23.99 -95.63
CA ILE ND 87 79.78 -23.67 -94.97
C ILE ND 87 79.51 -22.78 -93.77
N ARG ND 88 80.18 -23.05 -92.65
CA ARG ND 88 80.13 -22.20 -91.47
C ARG ND 88 81.54 -21.72 -91.14
N HIS ND 89 81.70 -20.41 -90.98
CA HIS ND 89 82.97 -19.87 -90.47
C HIS ND 89 82.70 -18.56 -89.76
N LYS ND 90 83.61 -18.19 -88.84
CA LYS ND 90 83.41 -17.00 -88.04
C LYS ND 90 83.55 -15.75 -88.90
N VAL ND 91 82.86 -14.69 -88.49
CA VAL ND 91 83.00 -13.40 -89.15
C VAL ND 91 84.40 -12.87 -88.90
N GLY ND 92 85.03 -12.34 -89.95
CA GLY ND 92 86.37 -11.81 -89.85
C GLY ND 92 87.49 -12.81 -89.97
N ASP ND 93 87.20 -14.04 -90.36
CA ASP ND 93 88.22 -15.06 -90.52
C ASP ND 93 88.98 -14.85 -91.82
N VAL ND 94 90.09 -15.57 -91.99
CA VAL ND 94 90.88 -15.47 -93.20
C VAL ND 94 90.21 -16.31 -94.29
N SER ND 95 89.95 -15.69 -95.44
CA SER ND 95 89.16 -16.33 -96.48
C SER ND 95 89.88 -17.54 -97.06
N ALA ND 96 91.20 -17.47 -97.23
CA ALA ND 96 91.91 -18.51 -97.96
C ALA ND 96 91.80 -19.85 -97.24
N THR ND 97 91.95 -19.86 -95.92
CA THR ND 97 91.81 -21.12 -95.18
C THR ND 97 90.39 -21.64 -95.26
N VAL ND 98 89.40 -20.76 -95.13
CA VAL ND 98 88.01 -21.22 -95.17
C VAL ND 98 87.68 -21.76 -96.55
N SER ND 99 88.40 -21.33 -97.57
CA SER ND 99 88.23 -21.92 -98.90
C SER ND 99 88.96 -23.25 -99.01
N ASP ND 100 90.17 -23.33 -98.46
CA ASP ND 100 90.91 -24.59 -98.47
C ASP ND 100 90.11 -25.70 -97.82
N LEU ND 101 89.60 -25.45 -96.62
CA LEU ND 101 88.47 -26.23 -96.12
C LEU ND 101 87.25 -25.95 -96.98
N GLY ND 102 86.47 -26.99 -97.27
CA GLY ND 102 85.45 -26.84 -98.27
C GLY ND 102 85.94 -27.29 -99.63
N GLU ND 103 87.05 -26.72 -100.10
CA GLU ND 103 87.63 -27.21 -101.35
C GLU ND 103 88.19 -28.61 -101.17
N ALA ND 104 88.75 -28.91 -99.99
CA ALA ND 104 89.15 -30.27 -99.70
C ALA ND 104 87.95 -31.21 -99.75
N LEU ND 105 86.81 -30.79 -99.18
CA LEU ND 105 85.60 -31.60 -99.24
C LEU ND 105 85.17 -31.82 -100.68
N SER ND 106 85.24 -30.77 -101.50
CA SER ND 106 84.88 -30.92 -102.92
C SER ND 106 85.78 -31.95 -103.60
N PHE ND 107 87.08 -31.90 -103.31
CA PHE ND 107 87.99 -32.88 -103.90
C PHE ND 107 87.69 -34.30 -103.41
N TYR ND 108 87.30 -34.43 -102.14
CA TYR ND 108 87.09 -35.77 -101.58
C TYR ND 108 86.02 -36.52 -102.36
N LEU ND 109 84.85 -35.91 -102.53
CA LEU ND 109 83.70 -36.60 -103.09
C LEU ND 109 83.92 -36.88 -104.58
N ASN ND 110 83.56 -38.08 -105.02
CA ASN ND 110 83.69 -38.47 -106.42
C ASN ND 110 82.79 -39.67 -106.66
N GLU ND 111 82.99 -40.34 -107.81
CA GLU ND 111 82.14 -41.46 -108.20
C GLU ND 111 82.11 -42.54 -107.14
N ALA ND 112 83.27 -43.04 -106.73
CA ALA ND 112 83.31 -44.20 -105.85
C ALA ND 112 82.68 -43.89 -104.50
N LEU ND 113 82.99 -42.73 -103.93
CA LEU ND 113 82.43 -42.38 -102.63
C LEU ND 113 80.90 -42.27 -102.71
N TYR ND 114 80.39 -41.62 -103.76
CA TYR ND 114 78.95 -41.51 -103.91
C TYR ND 114 78.31 -42.87 -104.08
N GLY ND 115 78.95 -43.75 -104.85
CA GLY ND 115 78.43 -45.11 -104.98
C GLY ND 115 78.39 -45.83 -103.66
N LYS ND 116 79.39 -45.62 -102.80
CA LYS ND 116 79.45 -46.32 -101.52
C LYS ND 116 78.41 -45.78 -100.54
N LEU ND 117 78.15 -44.47 -100.55
CA LEU ND 117 77.18 -43.92 -99.62
C LEU ND 117 75.79 -44.49 -99.86
N ILE ND 118 75.39 -44.65 -101.13
CA ILE ND 118 74.10 -45.26 -101.42
C ILE ND 118 74.01 -46.64 -100.82
N GLY ND 119 75.16 -47.27 -100.57
CA GLY ND 119 75.22 -48.57 -99.93
C GLY ND 119 75.20 -48.54 -98.42
N TRP ND 120 74.97 -47.38 -97.80
CA TRP ND 120 74.89 -47.23 -96.34
C TRP ND 120 76.22 -47.55 -95.66
N GLU ND 121 77.31 -47.64 -96.41
CA GLU ND 121 78.62 -47.82 -95.81
C GLU ND 121 79.01 -46.60 -94.98
N SER ND 122 79.67 -46.85 -93.86
CA SER ND 122 80.10 -45.78 -92.95
C SER ND 122 81.50 -46.08 -92.44
N ALA OD 1 67.83 -1.34 -112.93
CA ALA OD 1 68.90 -2.11 -113.63
C ALA OD 1 70.07 -1.21 -114.02
N LEU OD 2 70.73 -0.62 -113.01
CA LEU OD 2 71.90 0.22 -113.29
C LEU OD 2 73.02 -0.60 -113.91
N GLY OD 3 73.27 -1.79 -113.39
CA GLY OD 3 74.36 -2.63 -113.86
C GLY OD 3 74.93 -3.41 -112.68
N ASP OD 4 75.42 -4.62 -112.97
CA ASP OD 4 75.90 -5.50 -111.91
C ASP OD 4 77.20 -5.02 -111.29
N THR OD 5 78.10 -4.41 -112.08
CA THR OD 5 79.35 -3.88 -111.57
C THR OD 5 79.33 -2.36 -111.58
N LEU OD 6 79.74 -1.77 -110.45
CA LEU OD 6 79.79 -0.32 -110.27
C LEU OD 6 81.24 0.06 -110.02
N THR OD 7 81.77 0.97 -110.83
CA THR OD 7 83.18 1.35 -110.76
C THR OD 7 83.35 2.66 -110.00
N ILE OD 8 84.32 2.67 -109.09
CA ILE OD 8 84.70 3.85 -108.32
C ILE OD 8 86.15 4.16 -108.65
N THR OD 9 86.42 5.41 -109.00
CA THR OD 9 87.77 5.88 -109.30
C THR OD 9 88.17 6.86 -108.19
N LEU OD 10 89.04 6.41 -107.30
CA LEU OD 10 89.43 7.22 -106.16
C LEU OD 10 90.25 8.43 -106.62
N GLY OD 11 90.03 9.56 -105.95
CA GLY OD 11 90.77 10.76 -106.25
C GLY OD 11 90.52 11.32 -107.64
N GLY OD 12 89.26 11.34 -108.05
CA GLY OD 12 88.94 11.91 -109.35
C GLY OD 12 89.42 11.03 -110.48
N SER OD 13 89.35 11.59 -111.68
CA SER OD 13 89.77 10.86 -112.87
C SER OD 13 91.27 10.59 -112.83
N GLY OD 14 91.66 9.44 -113.39
CA GLY OD 14 93.05 9.08 -113.49
C GLY OD 14 93.64 8.39 -112.27
N GLY OD 15 92.81 8.05 -111.28
CA GLY OD 15 93.28 7.42 -110.07
C GLY OD 15 93.17 5.91 -110.11
N THR OD 16 93.13 5.31 -108.93
CA THR OD 16 92.95 3.87 -108.80
C THR OD 16 91.48 3.51 -109.05
N ALA OD 17 91.28 2.39 -109.75
CA ALA OD 17 89.95 1.93 -110.11
C ALA OD 17 89.52 0.80 -109.18
N LYS OD 18 88.30 0.91 -108.65
CA LYS OD 18 87.71 -0.12 -107.81
C LYS OD 18 86.39 -0.56 -108.42
N VAL OD 19 86.16 -1.87 -108.45
CA VAL OD 19 84.98 -2.45 -109.10
C VAL OD 19 84.09 -3.03 -108.02
N LEU OD 20 83.04 -2.31 -107.67
CA LEU OD 20 82.01 -2.85 -106.79
C LEU OD 20 81.15 -3.85 -107.56
N ARG OD 21 80.42 -4.67 -106.81
CA ARG OD 21 79.58 -5.74 -107.38
C ARG OD 21 78.20 -5.68 -106.76
N LYS OD 22 77.17 -5.94 -107.57
CA LYS OD 22 75.81 -5.92 -107.05
C LYS OD 22 75.58 -7.12 -106.13
N ILE OD 23 74.92 -6.86 -105.00
CA ILE OD 23 74.75 -7.86 -103.95
C ILE OD 23 73.28 -8.04 -103.59
N ASN OD 24 72.46 -7.00 -103.79
CA ASN OD 24 71.08 -7.01 -103.33
C ASN OD 24 70.37 -5.77 -103.84
N GLN OD 25 69.07 -5.92 -104.08
CA GLN OD 25 68.22 -4.79 -104.44
C GLN OD 25 66.76 -5.25 -104.38
N ASP OD 26 66.04 -4.83 -103.34
CA ASP OD 26 64.68 -5.31 -103.12
C ASP OD 26 63.64 -4.20 -103.15
N GLY OD 27 63.78 -3.17 -102.31
CA GLY OD 27 62.74 -2.18 -102.15
C GLY OD 27 62.96 -0.90 -102.93
N TYR OD 28 63.10 -1.01 -104.25
CA TYR OD 28 63.39 0.13 -105.12
C TYR OD 28 64.81 0.62 -104.87
N THR OD 29 65.56 -0.07 -104.02
CA THR OD 29 66.90 0.30 -103.64
C THR OD 29 67.88 -0.77 -104.12
N SER OD 30 69.13 -0.37 -104.31
CA SER OD 30 70.19 -1.30 -104.69
C SER OD 30 71.46 -0.97 -103.91
N GLU OD 31 72.32 -1.97 -103.77
CA GLU OD 31 73.57 -1.77 -103.06
C GLU OD 31 74.66 -2.65 -103.66
N TYR OD 32 75.90 -2.17 -103.56
CA TYR OD 32 77.08 -2.85 -104.09
C TYR OD 32 78.09 -3.07 -102.96
N TYR OD 33 79.03 -3.99 -103.15
CA TYR OD 33 79.95 -4.31 -102.07
C TYR OD 33 81.24 -4.91 -102.63
N LEU OD 34 82.35 -4.75 -101.90
CA LEU OD 34 83.65 -5.29 -102.27
C LEU OD 34 84.59 -5.33 -101.06
N PRO OD 35 85.05 -6.51 -100.61
CA PRO OD 35 86.00 -6.55 -99.50
C PRO OD 35 87.45 -6.60 -99.93
N GLU OD 36 88.36 -6.17 -99.05
CA GLU OD 36 89.79 -6.21 -99.30
C GLU OD 36 90.49 -6.54 -97.99
N THR OD 37 91.81 -6.39 -97.97
CA THR OD 37 92.59 -6.78 -96.79
C THR OD 37 92.32 -5.86 -95.61
N SER OD 38 92.38 -4.54 -95.83
CA SER OD 38 92.29 -3.59 -94.73
C SER OD 38 91.04 -2.71 -94.77
N SER OD 39 90.26 -2.76 -95.85
CA SER OD 39 89.07 -1.93 -95.92
C SER OD 39 88.10 -2.54 -96.92
N SER OD 40 86.85 -2.10 -96.84
CA SER OD 40 85.77 -2.60 -97.68
C SER OD 40 84.96 -1.43 -98.20
N PHE OD 41 84.43 -1.58 -99.40
CA PHE OD 41 83.68 -0.53 -100.07
C PHE OD 41 82.25 -0.99 -100.34
N ARG OD 42 81.33 -0.04 -100.28
CA ARG OD 42 79.90 -0.33 -100.38
C ARG OD 42 79.19 0.93 -100.89
N ALA OD 43 78.16 0.73 -101.71
CA ALA OD 43 77.38 1.82 -102.27
C ALA OD 43 75.91 1.42 -102.29
N LYS OD 44 75.03 2.39 -102.08
CA LYS OD 44 73.59 2.15 -102.04
C LYS OD 44 72.85 3.22 -102.84
N VAL OD 45 71.65 2.87 -103.32
CA VAL OD 45 70.79 3.76 -104.08
C VAL OD 45 69.37 3.62 -103.57
N ARG OD 46 68.65 4.73 -103.46
CA ARG OD 46 67.31 4.74 -102.87
C ARG OD 46 66.37 5.64 -103.66
N HIS OD 47 65.07 5.42 -103.47
CA HIS OD 47 64.01 6.28 -103.99
C HIS OD 47 62.89 6.34 -102.98
N THR OD 48 62.14 7.45 -102.98
CA THR OD 48 61.12 7.63 -101.94
C THR OD 48 60.12 8.71 -102.35
N LYS OD 49 58.94 8.65 -101.71
CA LYS OD 49 57.96 9.75 -101.70
C LYS OD 49 58.05 10.46 -100.36
N GLU OD 50 57.88 11.78 -100.36
CA GLU OD 50 57.56 12.47 -99.11
C GLU OD 50 56.08 12.29 -98.77
N SER OD 51 55.70 12.79 -97.59
CA SER OD 51 54.34 12.58 -97.10
C SER OD 51 53.35 13.27 -98.03
N VAL OD 52 52.15 12.69 -98.11
CA VAL OD 52 51.10 13.17 -99.00
C VAL OD 52 50.08 13.91 -98.15
N LYS OD 53 49.75 15.13 -98.55
CA LYS OD 53 48.77 15.94 -97.84
C LYS OD 53 47.74 16.46 -98.83
N PRO OD 54 46.52 16.72 -98.38
CA PRO OD 54 45.49 17.22 -99.30
C PRO OD 54 45.93 18.53 -99.94
N ASN OD 55 45.58 18.69 -101.21
CA ASN OD 55 45.83 19.90 -101.99
C ASN OD 55 47.21 20.51 -101.71
N GLN OD 56 48.23 19.65 -101.81
CA GLN OD 56 49.63 20.07 -101.74
C GLN OD 56 50.41 19.41 -102.87
N VAL OD 57 51.55 20.00 -103.21
CA VAL OD 57 52.39 19.47 -104.27
C VAL OD 57 53.02 18.16 -103.83
N GLN OD 58 53.21 17.26 -104.79
CA GLN OD 58 53.78 15.94 -104.53
C GLN OD 58 55.21 15.88 -105.05
N TYR OD 59 56.11 15.36 -104.21
CA TYR OD 59 57.55 15.43 -104.41
C TYR OD 59 58.12 14.02 -104.43
N GLU OD 60 59.24 13.83 -105.12
CA GLU OD 60 59.97 12.56 -105.07
C GLU OD 60 61.45 12.83 -104.88
N ARG OD 61 62.13 11.92 -104.19
CA ARG OD 61 63.49 12.11 -103.73
C ARG OD 61 64.39 11.00 -104.29
N HIS OD 62 65.67 11.31 -104.45
CA HIS OD 62 66.69 10.33 -104.81
C HIS OD 62 67.92 10.50 -103.93
N ASN OD 63 68.67 9.41 -103.76
CA ASN OD 63 69.81 9.38 -102.85
C ASN OD 63 70.86 8.41 -103.38
N VAL OD 64 72.14 8.81 -103.26
CA VAL OD 64 73.26 7.97 -103.65
C VAL OD 64 74.41 8.22 -102.68
N GLU OD 65 75.05 7.13 -102.24
CA GLU OD 65 76.10 7.21 -101.22
C GLU OD 65 77.24 6.25 -101.54
N PHE OD 66 78.45 6.66 -101.16
CA PHE OD 66 79.63 5.80 -101.13
C PHE OD 66 80.17 5.80 -99.71
N THR OD 67 80.63 4.64 -99.25
CA THR OD 67 81.16 4.51 -97.90
C THR OD 67 82.27 3.47 -97.89
N GLU OD 68 83.26 3.68 -97.03
CA GLU OD 68 84.37 2.77 -96.86
C GLU OD 68 84.64 2.54 -95.37
N THR OD 69 84.92 1.29 -95.01
CA THR OD 69 85.20 0.93 -93.63
C THR OD 69 86.62 0.42 -93.49
N VAL OD 70 87.28 0.82 -92.41
CA VAL OD 70 88.65 0.44 -92.10
C VAL OD 70 88.64 -0.35 -90.80
N TYR OD 71 89.14 -1.57 -90.85
CA TYR OD 71 89.07 -2.46 -89.70
C TYR OD 71 90.03 -2.00 -88.61
N ALA OD 72 89.65 -2.27 -87.36
CA ALA OD 72 90.45 -1.83 -86.23
C ALA OD 72 91.82 -2.50 -86.26
N SER OD 73 92.86 -1.71 -86.06
CA SER OD 73 94.24 -2.17 -86.11
C SER OD 73 94.96 -1.65 -84.88
N GLY OD 74 95.59 -2.56 -84.13
CA GLY OD 74 96.22 -2.16 -82.89
C GLY OD 74 95.19 -1.57 -81.94
N SER OD 75 95.55 -0.45 -81.32
CA SER OD 75 94.64 0.23 -80.42
C SER OD 75 93.57 1.02 -81.15
N THR OD 76 93.83 1.41 -82.40
CA THR OD 76 92.90 2.24 -83.15
C THR OD 76 91.65 1.44 -83.50
N PRO OD 77 90.45 1.88 -83.12
CA PRO OD 77 89.24 1.11 -83.42
C PRO OD 77 88.80 1.31 -84.86
N GLU OD 78 87.64 0.71 -85.17
CA GLU OD 78 87.04 0.87 -86.49
C GLU OD 78 86.56 2.30 -86.71
N PHE OD 79 86.62 2.75 -87.96
CA PHE OD 79 86.02 4.02 -88.33
C PHE OD 79 85.68 3.98 -89.82
N VAL OD 80 84.82 4.91 -90.24
CA VAL OD 80 84.23 4.89 -91.57
C VAL OD 80 84.42 6.25 -92.23
N ARG OD 81 84.34 6.25 -93.56
CA ARG OD 81 84.27 7.46 -94.36
C ARG OD 81 83.16 7.32 -95.39
N GLN OD 82 82.35 8.36 -95.52
CA GLN OD 82 81.10 8.28 -96.27
C GLN OD 82 80.79 9.64 -96.88
N ALA OD 83 80.01 9.63 -97.96
CA ALA OD 83 79.60 10.87 -98.61
C ALA OD 83 78.47 10.58 -99.59
N TYR OD 84 77.41 11.39 -99.54
CA TYR OD 84 76.21 11.09 -100.31
C TYR OD 84 75.58 12.37 -100.87
N VAL OD 85 74.70 12.17 -101.86
CA VAL OD 85 73.99 13.25 -102.52
C VAL OD 85 72.52 12.86 -102.65
N VAL OD 86 71.64 13.86 -102.78
CA VAL OD 86 70.23 13.63 -103.07
C VAL OD 86 69.73 14.64 -104.09
N ILE OD 87 68.59 14.30 -104.70
CA ILE OD 87 67.87 15.18 -105.62
C ILE OD 87 66.40 15.14 -105.25
N ARG OD 88 65.78 16.30 -105.08
CA ARG OD 88 64.35 16.38 -104.81
C ARG OD 88 63.69 17.41 -105.70
N HIS OD 89 62.64 16.97 -106.40
CA HIS OD 89 61.81 17.81 -107.24
C HIS OD 89 60.42 17.20 -107.36
N LYS OD 90 59.48 18.02 -107.79
CA LYS OD 90 58.07 17.63 -107.82
C LYS OD 90 57.78 16.65 -108.95
N VAL OD 91 56.69 15.89 -108.78
CA VAL OD 91 56.31 14.91 -109.78
C VAL OD 91 55.85 15.62 -111.05
N GLY OD 92 56.16 15.01 -112.19
CA GLY OD 92 55.80 15.57 -113.47
C GLY OD 92 56.65 16.72 -113.93
N ASP OD 93 57.76 17.00 -113.27
CA ASP OD 93 58.63 18.10 -113.67
C ASP OD 93 59.37 17.72 -114.95
N VAL OD 94 60.19 18.64 -115.44
CA VAL OD 94 60.99 18.41 -116.65
C VAL OD 94 62.33 17.84 -116.24
N SER OD 95 62.68 16.68 -116.80
CA SER OD 95 63.85 15.95 -116.35
C SER OD 95 65.14 16.73 -116.62
N ALA OD 96 65.28 17.25 -117.84
CA ALA OD 96 66.53 17.91 -118.21
C ALA OD 96 66.81 19.13 -117.32
N THR OD 97 65.76 19.87 -116.93
CA THR OD 97 65.97 21.05 -116.11
C THR OD 97 66.61 20.68 -114.77
N VAL OD 98 66.04 19.71 -114.06
CA VAL OD 98 66.61 19.35 -112.77
C VAL OD 98 67.97 18.69 -112.97
N SER OD 99 68.13 17.96 -114.07
CA SER OD 99 69.44 17.41 -114.39
C SER OD 99 70.47 18.52 -114.54
N ASP OD 100 70.06 19.69 -115.04
CA ASP OD 100 70.98 20.82 -115.16
C ASP OD 100 71.48 21.29 -113.81
N LEU OD 101 70.57 21.46 -112.84
CA LEU OD 101 70.99 21.83 -111.48
C LEU OD 101 71.89 20.75 -110.90
N GLY OD 102 71.54 19.48 -111.11
CA GLY OD 102 72.37 18.41 -110.58
C GLY OD 102 73.79 18.44 -111.13
N GLU OD 103 73.93 18.61 -112.44
CA GLU OD 103 75.27 18.63 -113.02
C GLU OD 103 76.00 19.91 -112.68
N ALA OD 104 75.27 21.01 -112.45
CA ALA OD 104 75.92 22.22 -111.97
C ALA OD 104 76.53 21.98 -110.59
N LEU OD 105 75.78 21.34 -109.69
CA LEU OD 105 76.33 21.01 -108.38
C LEU OD 105 77.52 20.07 -108.51
N SER OD 106 77.43 19.09 -109.42
CA SER OD 106 78.54 18.17 -109.61
C SER OD 106 79.79 18.91 -110.09
N PHE OD 107 79.60 19.86 -111.00
CA PHE OD 107 80.72 20.61 -111.56
C PHE OD 107 81.34 21.54 -110.54
N TYR OD 108 80.52 22.14 -109.66
CA TYR OD 108 81.05 23.10 -108.71
C TYR OD 108 82.10 22.45 -107.81
N LEU OD 109 81.83 21.24 -107.33
CA LEU OD 109 82.70 20.57 -106.37
C LEU OD 109 83.91 19.96 -107.08
N ASN OD 110 85.10 20.24 -106.57
CA ASN OD 110 86.32 19.70 -107.13
C ASN OD 110 87.36 19.58 -106.02
N GLU OD 111 88.63 19.36 -106.40
CA GLU OD 111 89.69 19.25 -105.42
C GLU OD 111 89.79 20.51 -104.57
N ALA OD 112 89.87 21.67 -105.22
CA ALA OD 112 90.06 22.91 -104.48
C ALA OD 112 88.91 23.17 -103.51
N LEU OD 113 87.67 23.01 -103.96
CA LEU OD 113 86.55 23.23 -103.07
C LEU OD 113 86.57 22.27 -101.91
N TYR OD 114 86.91 21.00 -102.15
CA TYR OD 114 86.94 20.03 -101.06
C TYR OD 114 88.00 20.39 -100.04
N GLY OD 115 89.19 20.80 -100.50
CA GLY OD 115 90.21 21.25 -99.58
C GLY OD 115 89.76 22.45 -98.77
N LYS OD 116 89.13 23.42 -99.43
CA LYS OD 116 88.61 24.58 -98.71
C LYS OD 116 87.58 24.16 -97.68
N LEU OD 117 86.71 23.22 -98.02
CA LEU OD 117 85.58 22.88 -97.18
C LEU OD 117 86.02 22.13 -95.94
N ILE OD 118 86.93 21.16 -96.10
CA ILE OD 118 87.38 20.39 -94.94
C ILE OD 118 88.05 21.29 -93.92
N GLY OD 119 88.41 22.52 -94.30
CA GLY OD 119 89.00 23.45 -93.37
C GLY OD 119 88.02 24.19 -92.48
N TRP OD 120 86.78 23.70 -92.38
CA TRP OD 120 85.74 24.33 -91.56
C TRP OD 120 85.48 25.78 -91.97
N GLU OD 121 85.62 26.07 -93.27
CA GLU OD 121 85.37 27.42 -93.74
C GLU OD 121 83.89 27.63 -94.05
N SER OD 122 83.42 28.85 -93.85
CA SER OD 122 82.04 29.21 -94.12
C SER OD 122 81.97 30.51 -94.90
N ALA PD 1 82.24 -49.65 -94.43
CA ALA PD 1 83.69 -49.78 -94.79
C ALA PD 1 84.39 -48.42 -94.75
N LEU PD 2 84.65 -47.83 -95.92
CA LEU PD 2 85.36 -46.58 -96.06
C LEU PD 2 86.80 -46.64 -95.53
N GLY PD 3 87.31 -47.85 -95.28
CA GLY PD 3 88.64 -48.00 -94.73
C GLY PD 3 88.73 -47.54 -93.29
N ASP PD 4 89.79 -47.98 -92.59
CA ASP PD 4 89.99 -47.55 -91.22
C ASP PD 4 90.54 -46.13 -91.14
N THR PD 5 91.23 -45.68 -92.18
CA THR PD 5 91.83 -44.36 -92.22
C THR PD 5 91.23 -43.51 -93.34
N LEU PD 6 91.05 -42.23 -93.04
CA LEU PD 6 90.47 -41.24 -93.95
C LEU PD 6 91.47 -40.10 -94.14
N THR PD 7 91.71 -39.74 -95.39
CA THR PD 7 92.69 -38.71 -95.72
C THR PD 7 91.98 -37.45 -96.22
N ILE PD 8 92.33 -36.31 -95.63
CA ILE PD 8 91.83 -35.00 -96.04
C ILE PD 8 93.01 -34.26 -96.67
N THR PD 9 92.94 -34.01 -97.99
CA THR PD 9 93.99 -33.30 -98.69
C THR PD 9 93.68 -31.80 -98.59
N LEU PD 10 93.97 -31.25 -97.41
CA LEU PD 10 93.53 -29.89 -97.10
C LEU PD 10 94.12 -28.91 -98.11
N GLY PD 11 93.29 -27.96 -98.53
CA GLY PD 11 93.73 -27.00 -99.54
C GLY PD 11 93.60 -27.50 -100.97
N GLY PD 12 92.70 -28.43 -101.24
CA GLY PD 12 92.49 -28.89 -102.59
C GLY PD 12 93.51 -29.93 -103.01
N SER PD 13 93.39 -30.36 -104.26
CA SER PD 13 94.31 -31.34 -104.80
C SER PD 13 95.74 -30.82 -104.77
N GLY PD 14 96.66 -31.65 -104.31
CA GLY PD 14 98.07 -31.30 -104.28
C GLY PD 14 98.51 -30.50 -103.07
N GLY PD 15 97.65 -30.33 -102.07
CA GLY PD 15 97.96 -29.54 -100.91
C GLY PD 15 98.44 -30.37 -99.73
N THR PD 16 98.25 -29.82 -98.53
CA THR PD 16 98.59 -30.52 -97.31
C THR PD 16 97.72 -31.77 -97.16
N ALA PD 17 98.32 -32.82 -96.61
CA ALA PD 17 97.63 -34.08 -96.39
C ALA PD 17 97.55 -34.39 -94.90
N LYS PD 18 96.35 -34.76 -94.45
CA LYS PD 18 96.10 -35.14 -93.07
C LYS PD 18 95.47 -36.53 -93.05
N VAL PD 19 95.72 -37.29 -91.98
CA VAL PD 19 95.22 -38.64 -91.83
C VAL PD 19 94.36 -38.71 -90.58
N LEU PD 20 93.19 -39.34 -90.72
CA LEU PD 20 92.24 -39.52 -89.63
C LEU PD 20 92.10 -41.00 -89.31
N ARG PD 21 91.63 -41.29 -88.08
CA ARG PD 21 91.46 -42.66 -87.61
C ARG PD 21 90.07 -42.86 -87.04
N LYS PD 22 89.50 -44.03 -87.30
CA LYS PD 22 88.17 -44.35 -86.78
C LYS PD 22 88.22 -44.60 -85.28
N ILE PD 23 87.22 -44.09 -84.57
CA ILE PD 23 87.17 -44.18 -83.11
C ILE PD 23 85.80 -44.54 -82.57
N ASN PD 24 84.79 -44.71 -83.42
CA ASN PD 24 83.47 -45.04 -82.91
C ASN PD 24 82.58 -45.46 -84.08
N GLN PD 25 81.47 -46.13 -83.74
CA GLN PD 25 80.40 -46.42 -84.70
C GLN PD 25 79.13 -46.68 -83.92
N ASP PD 26 78.15 -45.78 -84.02
CA ASP PD 26 76.89 -45.92 -83.31
C ASP PD 26 75.75 -45.35 -84.15
N GLY PD 27 74.64 -46.08 -84.22
CA GLY PD 27 73.47 -45.58 -84.90
C GLY PD 27 73.68 -45.25 -86.35
N TYR PD 28 74.32 -46.14 -87.10
CA TYR PD 28 74.53 -45.95 -88.54
C TYR PD 28 75.36 -44.69 -88.81
N THR PD 29 76.43 -44.52 -88.05
CA THR PD 29 77.33 -43.39 -88.25
C THR PD 29 78.74 -43.79 -87.86
N SER PD 30 79.70 -42.98 -88.28
CA SER PD 30 81.10 -43.13 -87.89
C SER PD 30 81.61 -41.81 -87.29
N GLU PD 31 82.87 -41.82 -86.89
CA GLU PD 31 83.51 -40.64 -86.33
C GLU PD 31 85.01 -40.85 -86.38
N TYR PD 32 85.73 -39.95 -87.04
CA TYR PD 32 87.18 -40.04 -87.18
C TYR PD 32 87.82 -38.82 -86.52
N TYR PD 33 89.02 -39.00 -85.97
CA TYR PD 33 89.63 -37.98 -85.12
C TYR PD 33 91.13 -37.93 -85.34
N LEU PD 34 91.72 -36.74 -85.10
CA LEU PD 34 93.17 -36.53 -85.18
C LEU PD 34 93.58 -35.31 -84.36
N PRO PD 35 94.39 -35.44 -83.33
CA PRO PD 35 94.78 -34.27 -82.52
C PRO PD 35 96.07 -33.63 -83.00
N GLU PD 36 96.20 -32.33 -82.67
CA GLU PD 36 97.38 -31.54 -82.99
C GLU PD 36 97.74 -30.71 -81.76
N THR PD 37 98.85 -29.96 -81.87
CA THR PD 37 99.22 -29.07 -80.77
C THR PD 37 98.23 -27.93 -80.62
N SER PD 38 97.77 -27.36 -81.73
CA SER PD 38 96.83 -26.24 -81.67
C SER PD 38 95.64 -26.45 -82.61
N SER PD 39 95.35 -27.68 -83.02
CA SER PD 39 94.22 -27.94 -83.91
C SER PD 39 93.74 -29.37 -83.71
N SER PD 40 92.54 -29.63 -84.22
CA SER PD 40 91.94 -30.95 -84.16
C SER PD 40 91.13 -31.17 -85.43
N PHE PD 41 91.12 -32.42 -85.91
CA PHE PD 41 90.38 -32.77 -87.12
C PHE PD 41 89.38 -33.87 -86.80
N ARG PD 42 88.13 -33.65 -87.20
CA ARG PD 42 87.05 -34.61 -86.98
C ARG PD 42 86.26 -34.76 -88.28
N ALA PD 43 85.85 -36.00 -88.57
CA ALA PD 43 85.00 -36.29 -89.72
C ALA PD 43 83.89 -37.24 -89.29
N LYS PD 44 82.68 -36.98 -89.76
CA LYS PD 44 81.51 -37.76 -89.40
C LYS PD 44 80.74 -38.15 -90.65
N VAL PD 45 80.26 -39.38 -90.70
CA VAL PD 45 79.36 -39.87 -91.75
C VAL PD 45 78.10 -40.38 -91.08
N ARG PD 46 76.95 -39.96 -91.58
CA ARG PD 46 75.66 -40.30 -90.98
C ARG PD 46 74.67 -40.76 -92.04
N HIS PD 47 73.72 -41.59 -91.60
CA HIS PD 47 72.62 -42.04 -92.44
C HIS PD 47 71.34 -42.01 -91.61
N THR PD 48 70.21 -41.76 -92.29
CA THR PD 48 68.92 -41.69 -91.63
C THR PD 48 67.83 -42.07 -92.61
N LYS PD 49 66.68 -42.46 -92.05
CA LYS PD 49 65.50 -42.81 -92.83
C LYS PD 49 64.28 -42.37 -92.04
N GLU PD 50 63.54 -41.40 -92.56
CA GLU PD 50 62.40 -40.86 -91.83
C GLU PD 50 61.30 -41.93 -91.73
N SER PD 51 60.55 -41.85 -90.63
CA SER PD 51 59.55 -42.88 -90.33
C SER PD 51 58.56 -43.01 -91.47
N VAL PD 52 58.31 -44.26 -91.89
CA VAL PD 52 57.39 -44.51 -92.99
C VAL PD 52 55.95 -44.30 -92.54
N LYS PD 53 55.13 -43.78 -93.44
CA LYS PD 53 53.70 -43.61 -93.24
C LYS PD 53 52.95 -44.56 -94.17
N PRO PD 54 51.68 -44.91 -93.84
CA PRO PD 54 51.05 -46.05 -94.51
C PRO PD 54 51.19 -46.05 -96.02
N ASN PD 55 50.80 -44.95 -96.69
CA ASN PD 55 50.90 -44.86 -98.14
C ASN PD 55 51.39 -43.46 -98.52
N GLN PD 56 52.71 -43.31 -98.57
CA GLN PD 56 53.33 -42.05 -98.99
C GLN PD 56 54.66 -42.42 -99.66
N VAL PD 57 55.52 -41.42 -99.89
CA VAL PD 57 56.85 -41.64 -100.44
C VAL PD 57 57.87 -41.54 -99.32
N GLN PD 58 58.79 -42.51 -99.27
CA GLN PD 58 59.76 -42.61 -98.18
C GLN PD 58 61.12 -42.19 -98.69
N TYR PD 59 61.79 -41.32 -97.94
CA TYR PD 59 63.05 -40.70 -98.34
C TYR PD 59 64.15 -41.08 -97.36
N GLU PD 60 65.39 -41.05 -97.85
CA GLU PD 60 66.55 -41.30 -97.00
C GLU PD 60 67.64 -40.28 -97.32
N ARG PD 61 68.45 -39.96 -96.32
CA ARG PD 61 69.45 -38.91 -96.39
C ARG PD 61 70.84 -39.48 -96.15
N HIS PD 62 71.82 -38.99 -96.90
CA HIS PD 62 73.23 -39.24 -96.65
C HIS PD 62 73.94 -37.94 -96.35
N ASN PD 63 74.76 -37.94 -95.29
CA ASN PD 63 75.40 -36.74 -94.78
C ASN PD 63 76.89 -36.99 -94.59
N VAL PD 64 77.70 -35.98 -94.91
CA VAL PD 64 79.14 -36.00 -94.65
C VAL PD 64 79.55 -34.65 -94.09
N GLU PD 65 80.43 -34.67 -93.09
CA GLU PD 65 80.74 -33.48 -92.30
C GLU PD 65 82.23 -33.42 -91.99
N PHE PD 66 82.82 -32.25 -92.19
CA PHE PD 66 84.17 -31.93 -91.73
C PHE PD 66 84.11 -30.79 -90.73
N THR PD 67 85.02 -30.84 -89.74
CA THR PD 67 85.12 -29.80 -88.72
C THR PD 67 86.58 -29.52 -88.45
N GLU PD 68 86.86 -28.27 -88.08
CA GLU PD 68 88.18 -27.84 -87.66
C GLU PD 68 88.04 -27.06 -86.36
N THR PD 69 88.84 -27.41 -85.36
CA THR PD 69 88.78 -26.77 -84.06
C THR PD 69 90.16 -26.26 -83.68
N VAL PD 70 90.23 -25.01 -83.25
CA VAL PD 70 91.47 -24.40 -82.78
C VAL PD 70 91.26 -23.95 -81.35
N TYR PD 71 92.16 -24.36 -80.46
CA TYR PD 71 91.97 -24.12 -79.04
C TYR PD 71 92.23 -22.65 -78.69
N ALA PD 72 91.61 -22.22 -77.59
CA ALA PD 72 91.73 -20.83 -77.17
C ALA PD 72 93.19 -20.47 -76.91
N SER PD 73 93.59 -19.30 -77.41
CA SER PD 73 94.95 -18.81 -77.24
C SER PD 73 94.90 -17.31 -77.01
N GLY PD 74 95.63 -16.84 -75.99
CA GLY PD 74 95.63 -15.42 -75.69
C GLY PD 74 94.23 -14.95 -75.31
N SER PD 75 93.75 -13.92 -76.02
CA SER PD 75 92.42 -13.39 -75.80
C SER PD 75 91.37 -13.94 -76.75
N THR PD 76 91.79 -14.60 -77.84
CA THR PD 76 90.85 -15.19 -78.79
C THR PD 76 90.20 -16.43 -78.19
N PRO PD 77 88.86 -16.50 -78.09
CA PRO PD 77 88.21 -17.70 -77.55
C PRO PD 77 88.15 -18.84 -78.57
N GLU PD 78 87.45 -19.91 -78.19
CA GLU PD 78 87.30 -21.08 -79.05
C GLU PD 78 86.53 -20.74 -80.32
N PHE PD 79 86.91 -21.36 -81.43
CA PHE PD 79 86.09 -21.27 -82.64
C PHE PD 79 86.45 -22.41 -83.58
N VAL PD 80 85.54 -22.67 -84.53
CA VAL PD 80 85.60 -23.86 -85.37
C VAL PD 80 85.48 -23.46 -86.84
N ARG PD 81 85.68 -24.45 -87.71
CA ARG PD 81 85.38 -24.31 -89.14
C ARG PD 81 84.77 -25.61 -89.64
N GLN PD 82 83.63 -25.50 -90.31
CA GLN PD 82 82.82 -26.65 -90.70
C GLN PD 82 82.50 -26.56 -92.19
N ALA PD 83 82.20 -27.73 -92.77
CA ALA PD 83 81.75 -27.79 -94.16
C ALA PD 83 81.17 -29.18 -94.41
N TYR PD 84 79.90 -29.26 -94.78
CA TYR PD 84 79.22 -30.55 -94.87
C TYR PD 84 78.27 -30.58 -96.05
N VAL PD 85 77.97 -31.80 -96.52
CA VAL PD 85 77.07 -32.02 -97.64
C VAL PD 85 76.00 -33.02 -97.23
N VAL PD 86 74.85 -32.94 -97.88
CA VAL PD 86 73.71 -33.81 -97.63
C VAL PD 86 73.12 -34.26 -98.96
N ILE PD 87 72.67 -35.50 -99.02
CA ILE PD 87 72.05 -36.07 -100.21
C ILE PD 87 70.73 -36.72 -99.81
N ARG PD 88 69.67 -36.47 -100.60
CA ARG PD 88 68.35 -36.99 -100.29
C ARG PD 88 67.72 -37.54 -101.56
N HIS PD 89 67.16 -38.75 -101.47
CA HIS PD 89 66.49 -39.38 -102.60
C HIS PD 89 65.59 -40.47 -102.05
N LYS PD 90 64.72 -41.00 -102.92
CA LYS PD 90 63.72 -41.96 -102.50
C LYS PD 90 64.30 -43.37 -102.44
N VAL PD 91 63.63 -44.24 -101.69
CA VAL PD 91 64.23 -45.51 -101.27
C VAL PD 91 64.56 -46.36 -102.49
N GLY PD 92 63.63 -46.48 -103.41
CA GLY PD 92 63.79 -47.34 -104.56
C GLY PD 92 64.40 -46.69 -105.78
N ASP PD 93 64.93 -45.47 -105.67
CA ASP PD 93 65.47 -44.76 -106.83
C ASP PD 93 66.61 -45.56 -107.45
N VAL PD 94 67.13 -45.06 -108.56
CA VAL PD 94 68.25 -45.68 -109.26
C VAL PD 94 69.54 -45.04 -108.76
N SER PD 95 70.52 -45.87 -108.41
CA SER PD 95 71.74 -45.39 -107.76
C SER PD 95 72.55 -44.49 -108.67
N ALA PD 96 72.71 -44.88 -109.93
CA ALA PD 96 73.58 -44.11 -110.83
C ALA PD 96 73.05 -42.70 -111.02
N THR PD 97 71.74 -42.56 -111.24
CA THR PD 97 71.17 -41.24 -111.46
C THR PD 97 71.37 -40.34 -110.25
N VAL PD 98 71.13 -40.86 -109.05
CA VAL PD 98 71.23 -40.00 -107.87
C VAL PD 98 72.69 -39.64 -107.61
N SER PD 99 73.63 -40.54 -107.91
CA SER PD 99 75.04 -40.16 -107.80
C SER PD 99 75.41 -39.11 -108.84
N ASP PD 100 74.71 -39.12 -109.99
CA ASP PD 100 75.02 -38.17 -111.05
C ASP PD 100 74.86 -36.73 -110.58
N LEU PD 101 73.78 -36.43 -109.87
CA LEU PD 101 73.55 -35.07 -109.39
C LEU PD 101 74.66 -34.64 -108.42
N GLY PD 102 75.08 -35.55 -107.54
CA GLY PD 102 76.15 -35.23 -106.62
C GLY PD 102 77.47 -34.97 -107.32
N GLU PD 103 77.78 -35.77 -108.35
CA GLU PD 103 78.98 -35.52 -109.13
C GLU PD 103 78.91 -34.16 -109.82
N ALA PD 104 77.75 -33.82 -110.37
CA ALA PD 104 77.59 -32.50 -110.98
C ALA PD 104 77.87 -31.39 -109.95
N LEU PD 105 77.27 -31.51 -108.77
CA LEU PD 105 77.47 -30.50 -107.73
C LEU PD 105 78.94 -30.40 -107.36
N SER PD 106 79.61 -31.54 -107.18
CA SER PD 106 81.02 -31.53 -106.80
C SER PD 106 81.87 -30.88 -107.88
N PHE PD 107 81.58 -31.16 -109.14
CA PHE PD 107 82.36 -30.55 -110.22
C PHE PD 107 82.14 -29.04 -110.31
N TYR PD 108 80.91 -28.58 -110.02
CA TYR PD 108 80.64 -27.15 -110.12
C TYR PD 108 81.47 -26.35 -109.15
N LEU PD 109 81.61 -26.82 -107.90
CA LEU PD 109 82.28 -26.05 -106.86
C LEU PD 109 83.78 -26.12 -107.07
N ASN PD 110 84.45 -24.97 -106.98
CA ASN PD 110 85.89 -24.88 -107.15
C ASN PD 110 86.40 -23.67 -106.39
N GLU PD 111 87.72 -23.46 -106.43
CA GLU PD 111 88.33 -22.44 -105.58
C GLU PD 111 87.77 -21.05 -105.87
N ALA PD 112 87.72 -20.67 -107.15
CA ALA PD 112 87.23 -19.34 -107.48
C ALA PD 112 85.78 -19.17 -107.06
N LEU PD 113 84.98 -20.21 -107.21
CA LEU PD 113 83.57 -20.11 -106.85
C LEU PD 113 83.41 -20.00 -105.34
N TYR PD 114 84.21 -20.74 -104.57
CA TYR PD 114 84.20 -20.57 -103.12
C TYR PD 114 84.60 -19.14 -102.74
N GLY PD 115 85.62 -18.59 -103.39
CA GLY PD 115 86.00 -17.22 -103.12
C GLY PD 115 84.87 -16.25 -103.41
N LYS PD 116 84.13 -16.52 -104.49
CA LYS PD 116 82.98 -15.68 -104.83
C LYS PD 116 81.90 -15.75 -103.76
N LEU PD 117 81.60 -16.96 -103.26
CA LEU PD 117 80.63 -17.06 -102.17
C LEU PD 117 81.10 -16.31 -100.93
N ILE PD 118 82.37 -16.47 -100.57
CA ILE PD 118 82.92 -15.69 -99.46
C ILE PD 118 82.77 -14.20 -99.75
N GLY PD 119 82.74 -13.84 -101.03
CA GLY PD 119 82.40 -12.49 -101.45
C GLY PD 119 80.92 -12.14 -101.36
N TRP PD 120 80.07 -13.05 -100.90
CA TRP PD 120 78.64 -12.83 -100.67
C TRP PD 120 77.80 -12.79 -101.94
N GLU PD 121 78.38 -12.94 -103.13
CA GLU PD 121 77.58 -12.92 -104.35
C GLU PD 121 76.51 -14.01 -104.31
N SER PD 122 75.26 -13.60 -104.58
CA SER PD 122 74.13 -14.51 -104.57
C SER PD 122 73.85 -15.06 -105.97
N ALA QD 1 81.34 -60.96 -84.28
CA ALA QD 1 82.69 -60.97 -84.92
C ALA QD 1 82.79 -62.00 -86.04
N LEU QD 2 81.68 -62.20 -86.75
CA LEU QD 2 81.66 -63.15 -87.86
C LEU QD 2 82.44 -62.63 -89.06
N GLY QD 3 82.61 -61.33 -89.17
CA GLY QD 3 83.26 -60.71 -90.32
C GLY QD 3 82.43 -59.55 -90.85
N ASP QD 4 83.07 -58.77 -91.72
CA ASP QD 4 82.44 -57.59 -92.28
C ASP QD 4 81.50 -57.91 -93.44
N THR QD 5 81.52 -59.13 -93.96
CA THR QD 5 80.62 -59.53 -95.03
C THR QD 5 79.94 -60.84 -94.67
N LEU QD 6 78.69 -60.96 -95.13
CA LEU QD 6 77.86 -62.13 -94.91
C LEU QD 6 77.30 -62.58 -96.25
N THR QD 7 77.39 -63.87 -96.54
CA THR QD 7 77.00 -64.43 -97.83
C THR QD 7 75.70 -65.19 -97.69
N ILE QD 8 74.75 -64.91 -98.59
CA ILE QD 8 73.48 -65.62 -98.66
C ILE QD 8 73.39 -66.24 -100.05
N THR QD 9 73.29 -67.56 -100.11
CA THR QD 9 73.17 -68.30 -101.36
C THR QD 9 71.72 -68.72 -101.54
N LEU QD 10 70.97 -67.97 -102.34
CA LEU QD 10 69.57 -68.29 -102.58
C LEU QD 10 69.46 -69.65 -103.27
N GLY QD 11 68.43 -70.41 -102.90
CA GLY QD 11 68.29 -71.76 -103.38
C GLY QD 11 69.09 -72.79 -102.62
N GLY QD 12 69.60 -72.45 -101.44
CA GLY QD 12 70.37 -73.40 -100.65
C GLY QD 12 71.79 -73.53 -101.16
N SER QD 13 72.17 -74.72 -101.57
CA SER QD 13 73.48 -74.99 -102.13
C SER QD 13 73.52 -74.82 -103.65
N GLY QD 14 72.43 -74.37 -104.26
CA GLY QD 14 72.39 -74.23 -105.70
C GLY QD 14 73.36 -73.18 -106.24
N GLY QD 15 73.11 -71.93 -105.91
CA GLY QD 15 73.96 -70.85 -106.40
C GLY QD 15 73.32 -69.51 -106.12
N THR QD 16 73.70 -68.52 -106.94
CA THR QD 16 73.16 -67.16 -106.84
C THR QD 16 73.45 -66.57 -105.46
N ALA QD 17 74.74 -66.40 -105.20
CA ALA QD 17 75.20 -65.89 -103.91
C ALA QD 17 75.08 -64.37 -103.86
N LYS QD 18 74.66 -63.86 -102.71
CA LYS QD 18 74.61 -62.43 -102.43
C LYS QD 18 75.55 -62.11 -101.27
N VAL QD 19 76.37 -61.08 -101.45
CA VAL QD 19 77.36 -60.73 -100.43
C VAL QD 19 76.97 -59.43 -99.73
N LEU QD 20 76.26 -59.55 -98.61
CA LEU QD 20 75.93 -58.37 -97.83
C LEU QD 20 77.17 -57.81 -97.16
N ARG QD 21 77.06 -56.59 -96.66
CA ARG QD 21 78.17 -55.88 -96.03
C ARG QD 21 77.69 -55.27 -94.72
N LYS QD 22 78.56 -55.25 -93.71
CA LYS QD 22 78.17 -54.73 -92.41
C LYS QD 22 77.90 -53.24 -92.50
N ILE QD 23 76.89 -52.78 -91.75
CA ILE QD 23 76.55 -51.36 -91.71
C ILE QD 23 76.46 -50.80 -90.31
N ASN QD 24 76.31 -51.61 -89.26
CA ASN QD 24 76.22 -51.09 -87.91
C ASN QD 24 76.46 -52.23 -86.94
N GLN QD 25 76.88 -51.88 -85.72
CA GLN QD 25 77.08 -52.88 -84.69
C GLN QD 25 76.93 -52.19 -83.33
N ASP QD 26 75.83 -52.45 -82.65
CA ASP QD 26 75.58 -51.84 -81.35
C ASP QD 26 74.80 -52.82 -80.47
N GLY QD 27 75.05 -52.72 -79.15
CA GLY QD 27 74.25 -53.43 -78.19
C GLY QD 27 74.21 -54.93 -78.45
N TYR QD 28 75.37 -55.52 -78.71
CA TYR QD 28 75.50 -56.95 -78.94
C TYR QD 28 74.76 -57.38 -80.20
N THR QD 29 74.63 -56.45 -81.15
CA THR QD 29 73.86 -56.63 -82.36
C THR QD 29 74.67 -56.13 -83.55
N SER QD 30 74.51 -56.81 -84.69
CA SER QD 30 75.07 -56.35 -85.94
C SER QD 30 74.12 -56.72 -87.07
N GLU QD 31 74.15 -55.93 -88.14
CA GLU QD 31 73.32 -56.21 -89.30
C GLU QD 31 74.06 -55.84 -90.57
N TYR QD 32 73.67 -56.49 -91.66
CA TYR QD 32 74.29 -56.33 -92.97
C TYR QD 32 73.22 -55.93 -93.97
N TYR QD 33 73.59 -55.13 -94.97
CA TYR QD 33 72.62 -54.61 -95.92
C TYR QD 33 73.19 -54.61 -97.32
N LEU QD 34 72.31 -54.78 -98.31
CA LEU QD 34 72.70 -54.79 -99.72
C LEU QD 34 71.52 -54.43 -100.62
N PRO QD 35 71.60 -53.34 -101.40
CA PRO QD 35 70.50 -53.03 -102.34
C PRO QD 35 70.70 -53.56 -103.75
N GLU QD 36 69.61 -53.68 -104.51
CA GLU QD 36 69.67 -54.10 -105.90
C GLU QD 36 68.79 -53.17 -106.73
N THR QD 37 68.60 -53.50 -108.01
CA THR QD 37 67.75 -52.67 -108.85
C THR QD 37 66.29 -52.76 -108.45
N SER QD 38 65.83 -53.94 -108.03
CA SER QD 38 64.42 -54.15 -107.72
C SER QD 38 64.16 -54.78 -106.35
N SER QD 39 65.19 -55.09 -105.57
CA SER QD 39 64.98 -55.65 -104.24
C SER QD 39 66.22 -55.38 -103.40
N SER QD 40 66.07 -55.54 -102.08
CA SER QD 40 67.15 -55.32 -101.14
C SER QD 40 67.21 -56.48 -100.16
N PHE QD 41 68.43 -56.79 -99.71
CA PHE QD 41 68.67 -57.81 -98.72
C PHE QD 41 69.25 -57.22 -97.44
N ARG QD 42 68.81 -57.77 -96.31
CA ARG QD 42 69.26 -57.32 -95.00
C ARG QD 42 69.32 -58.52 -94.08
N ALA QD 43 70.36 -58.56 -93.24
CA ALA QD 43 70.52 -59.59 -92.23
C ALA QD 43 70.90 -58.95 -90.90
N LYS QD 44 70.41 -59.55 -89.81
CA LYS QD 44 70.61 -59.04 -88.46
C LYS QD 44 70.93 -60.20 -87.54
N VAL QD 45 71.71 -59.94 -86.49
CA VAL QD 45 72.04 -60.92 -85.47
C VAL QD 45 71.86 -60.25 -84.11
N ARG QD 46 71.21 -60.95 -83.18
CA ARG QD 46 70.98 -60.38 -81.86
C ARG QD 46 71.21 -61.44 -80.79
N HIS QD 47 71.68 -60.99 -79.63
CA HIS QD 47 71.84 -61.80 -78.44
C HIS QD 47 71.05 -61.16 -77.30
N THR QD 48 70.46 -61.98 -76.44
CA THR QD 48 69.70 -61.45 -75.31
C THR QD 48 69.80 -62.37 -74.11
N LYS QD 49 69.58 -61.78 -72.93
CA LYS QD 49 69.53 -62.48 -71.67
C LYS QD 49 68.20 -62.13 -71.00
N GLU QD 50 67.40 -63.14 -70.69
CA GLU QD 50 66.11 -62.87 -70.06
C GLU QD 50 66.29 -62.34 -68.64
N SER QD 51 65.29 -61.59 -68.17
CA SER QD 51 65.35 -61.02 -66.84
C SER QD 51 65.38 -62.12 -65.79
N VAL QD 52 66.10 -61.85 -64.71
CA VAL QD 52 66.19 -62.79 -63.58
C VAL QD 52 64.91 -62.70 -62.78
N LYS QD 53 64.39 -63.86 -62.36
CA LYS QD 53 63.23 -63.95 -61.50
C LYS QD 53 63.58 -64.85 -60.32
N PRO QD 54 62.92 -64.67 -59.18
CA PRO QD 54 63.37 -65.39 -57.98
C PRO QD 54 63.17 -66.88 -58.09
N ASN QD 55 64.05 -67.62 -57.40
CA ASN QD 55 64.06 -69.07 -57.34
C ASN QD 55 63.67 -69.72 -58.67
N GLN QD 56 64.33 -69.31 -59.75
CA GLN QD 56 64.11 -69.90 -61.07
C GLN QD 56 65.41 -69.85 -61.85
N VAL QD 57 65.47 -70.64 -62.92
CA VAL QD 57 66.69 -70.73 -63.72
C VAL QD 57 66.82 -69.51 -64.62
N GLN QD 58 68.07 -69.19 -64.98
CA GLN QD 58 68.39 -68.10 -65.89
C GLN QD 58 68.68 -68.67 -67.27
N TYR QD 59 68.09 -68.08 -68.31
CA TYR QD 59 68.17 -68.60 -69.67
C TYR QD 59 68.91 -67.62 -70.57
N GLU QD 60 69.22 -68.07 -71.79
CA GLU QD 60 69.86 -67.24 -72.80
C GLU QD 60 69.22 -67.51 -74.15
N ARG QD 61 69.16 -66.47 -74.99
CA ARG QD 61 68.45 -66.54 -76.27
C ARG QD 61 69.34 -66.02 -77.41
N HIS QD 62 69.27 -66.68 -78.56
CA HIS QD 62 69.96 -66.23 -79.78
C HIS QD 62 69.02 -66.31 -80.97
N ASN QD 63 69.22 -65.42 -81.94
CA ASN QD 63 68.35 -65.35 -83.11
C ASN QD 63 69.08 -64.67 -84.26
N VAL QD 64 68.74 -65.08 -85.49
CA VAL QD 64 69.23 -64.45 -86.70
C VAL QD 64 68.13 -64.48 -87.76
N GLU QD 65 67.95 -63.37 -88.48
CA GLU QD 65 66.87 -63.26 -89.46
C GLU QD 65 67.38 -62.73 -90.80
N PHE QD 66 66.81 -63.27 -91.87
CA PHE QD 66 66.97 -62.76 -93.23
C PHE QD 66 65.65 -62.12 -93.67
N THR QD 67 65.74 -60.98 -94.35
CA THR QD 67 64.57 -60.29 -94.86
C THR QD 67 64.88 -59.75 -96.25
N GLU QD 68 63.88 -59.79 -97.12
CA GLU QD 68 63.98 -59.28 -98.48
C GLU QD 68 62.79 -58.38 -98.79
N THR QD 69 63.05 -57.22 -99.37
CA THR QD 69 62.03 -56.22 -99.65
C THR QD 69 61.96 -55.99 -101.15
N VAL QD 70 60.74 -55.99 -101.69
CA VAL QD 70 60.49 -55.75 -103.11
C VAL QD 70 59.76 -54.42 -103.24
N TYR QD 71 60.34 -53.49 -103.99
CA TYR QD 71 59.77 -52.16 -104.10
C TYR QD 71 58.49 -52.18 -104.93
N ALA QD 72 57.66 -51.16 -104.71
CA ALA QD 72 56.41 -51.05 -105.42
C ALA QD 72 56.65 -50.94 -106.92
N SER QD 73 55.87 -51.69 -107.69
CA SER QD 73 56.00 -51.72 -109.15
C SER QD 73 54.60 -51.63 -109.74
N GLY QD 74 54.28 -50.48 -110.32
CA GLY QD 74 52.97 -50.29 -110.90
C GLY QD 74 51.89 -50.36 -109.84
N SER QD 75 50.83 -51.13 -110.12
CA SER QD 75 49.70 -51.21 -109.21
C SER QD 75 50.07 -51.95 -107.93
N THR QD 76 50.90 -52.98 -108.04
CA THR QD 76 51.23 -53.83 -106.89
C THR QD 76 52.09 -53.06 -105.89
N PRO QD 77 51.70 -52.96 -104.61
CA PRO QD 77 52.55 -52.27 -103.64
C PRO QD 77 53.75 -53.09 -103.21
N GLU QD 78 54.55 -52.55 -102.30
CA GLU QD 78 55.73 -53.26 -101.81
C GLU QD 78 55.34 -54.31 -100.78
N PHE QD 79 56.20 -55.32 -100.64
CA PHE QD 79 55.99 -56.37 -99.65
C PHE QD 79 57.35 -56.92 -99.24
N VAL QD 80 57.33 -57.88 -98.30
CA VAL QD 80 58.53 -58.35 -97.64
C VAL QD 80 58.53 -59.87 -97.62
N ARG QD 81 59.73 -60.45 -97.53
CA ARG QD 81 59.92 -61.87 -97.26
C ARG QD 81 60.93 -62.00 -96.12
N GLN QD 82 60.64 -62.92 -95.20
CA GLN QD 82 61.36 -63.00 -93.94
C GLN QD 82 61.46 -64.45 -93.51
N ALA QD 83 62.41 -64.73 -92.62
CA ALA QD 83 62.62 -66.07 -92.07
C ALA QD 83 63.73 -66.01 -91.02
N TYR QD 84 63.53 -66.61 -89.85
CA TYR QD 84 64.55 -66.48 -88.80
C TYR QD 84 64.44 -67.63 -87.81
N VAL QD 85 65.50 -67.79 -87.00
CA VAL QD 85 65.63 -68.90 -86.07
C VAL QD 85 65.90 -68.35 -84.69
N VAL QD 86 65.57 -69.13 -83.66
CA VAL QD 86 65.79 -68.76 -82.26
C VAL QD 86 66.35 -69.97 -81.52
N ILE QD 87 67.32 -69.72 -80.65
CA ILE QD 87 67.93 -70.74 -79.80
C ILE QD 87 67.81 -70.28 -78.36
N ARG QD 88 67.25 -71.14 -77.50
CA ARG QD 88 67.11 -70.82 -76.09
C ARG QD 88 67.62 -71.99 -75.26
N HIS QD 89 68.43 -71.68 -74.25
CA HIS QD 89 69.03 -72.69 -73.39
C HIS QD 89 69.40 -72.02 -72.07
N LYS QD 90 70.00 -72.81 -71.17
CA LYS QD 90 70.28 -72.36 -69.82
C LYS QD 90 71.73 -71.87 -69.69
N VAL QD 91 71.90 -70.79 -68.93
CA VAL QD 91 73.24 -70.23 -68.73
C VAL QD 91 74.09 -71.24 -67.98
N GLY QD 92 75.30 -71.47 -68.48
CA GLY QD 92 76.16 -72.48 -67.91
C GLY QD 92 75.99 -73.85 -68.56
N ASP QD 93 75.07 -73.98 -69.51
CA ASP QD 93 74.81 -75.25 -70.17
C ASP QD 93 75.96 -75.63 -71.08
N VAL QD 94 76.08 -76.94 -71.30
CA VAL QD 94 77.11 -77.49 -72.18
C VAL QD 94 76.78 -77.19 -73.63
N SER QD 95 77.76 -76.64 -74.36
CA SER QD 95 77.46 -76.09 -75.68
C SER QD 95 77.29 -77.17 -76.74
N ALA QD 96 77.97 -78.31 -76.60
CA ALA QD 96 77.99 -79.30 -77.66
C ALA QD 96 76.59 -79.86 -77.94
N THR QD 97 75.87 -80.26 -76.89
CA THR QD 97 74.55 -80.81 -77.10
C THR QD 97 73.56 -79.73 -77.53
N VAL QD 98 73.72 -78.52 -76.99
CA VAL QD 98 72.87 -77.41 -77.39
C VAL QD 98 73.05 -77.10 -78.87
N SER QD 99 74.20 -77.45 -79.43
CA SER QD 99 74.38 -77.30 -80.88
C SER QD 99 73.84 -78.51 -81.63
N ASP QD 100 73.98 -79.69 -81.04
CA ASP QD 100 73.42 -80.90 -81.64
C ASP QD 100 71.94 -80.70 -81.91
N LEU QD 101 71.21 -80.27 -80.88
CA LEU QD 101 69.95 -79.59 -81.09
C LEU QD 101 70.20 -78.26 -81.78
N GLY QD 102 69.31 -77.88 -82.68
CA GLY QD 102 69.59 -76.78 -83.58
C GLY QD 102 70.15 -77.27 -84.90
N GLU QD 103 71.27 -78.02 -84.88
CA GLU QD 103 71.73 -78.57 -86.15
C GLU QD 103 70.81 -79.70 -86.62
N ALA QD 104 70.21 -80.44 -85.70
CA ALA QD 104 69.19 -81.40 -86.10
C ALA QD 104 68.03 -80.70 -86.81
N LEU QD 105 67.57 -79.58 -86.24
CA LEU QD 105 66.51 -78.82 -86.87
C LEU QD 105 66.92 -78.34 -88.25
N SER QD 106 68.15 -77.84 -88.37
CA SER QD 106 68.64 -77.41 -89.67
C SER QD 106 68.64 -78.55 -90.67
N PHE QD 107 69.04 -79.75 -90.23
CA PHE QD 107 69.03 -80.91 -91.11
C PHE QD 107 67.62 -81.26 -91.56
N TYR QD 108 66.64 -81.14 -90.66
CA TYR QD 108 65.27 -81.49 -91.01
C TYR QD 108 64.74 -80.65 -92.15
N LEU QD 109 64.91 -79.32 -92.08
CA LEU QD 109 64.35 -78.43 -93.08
C LEU QD 109 65.04 -78.62 -94.42
N ASN QD 110 64.25 -78.63 -95.49
CA ASN QD 110 64.79 -78.86 -96.83
C ASN QD 110 63.71 -78.47 -97.86
N GLU QD 111 63.95 -78.85 -99.11
CA GLU QD 111 63.02 -78.55 -100.19
C GLU QD 111 61.61 -79.03 -99.87
N ALA QD 112 61.46 -80.34 -99.68
CA ALA QD 112 60.13 -80.93 -99.59
C ALA QD 112 59.37 -80.42 -98.37
N LEU QD 113 60.05 -80.29 -97.24
CA LEU QD 113 59.35 -79.85 -96.03
C LEU QD 113 58.82 -78.44 -96.19
N TYR QD 114 59.63 -77.55 -96.78
CA TYR QD 114 59.15 -76.19 -97.04
C TYR QD 114 57.98 -76.21 -98.01
N GLY QD 115 58.09 -76.98 -99.08
CA GLY QD 115 57.00 -77.06 -100.04
C GLY QD 115 55.70 -77.52 -99.42
N LYS QD 116 55.78 -78.53 -98.56
CA LYS QD 116 54.59 -79.01 -97.86
C LYS QD 116 54.08 -77.97 -96.88
N LEU QD 117 54.99 -77.27 -96.19
CA LEU QD 117 54.58 -76.35 -95.15
C LEU QD 117 53.89 -75.12 -95.71
N ILE QD 118 54.26 -74.67 -96.90
CA ILE QD 118 53.51 -73.59 -97.54
C ILE QD 118 52.08 -74.02 -97.81
N GLY QD 119 51.86 -75.32 -98.02
CA GLY QD 119 50.54 -75.84 -98.28
C GLY QD 119 49.64 -75.97 -97.07
N TRP QD 120 49.97 -75.30 -95.97
CA TRP QD 120 49.20 -75.32 -94.73
C TRP QD 120 49.10 -76.71 -94.12
N GLU QD 121 49.92 -77.65 -94.58
CA GLU QD 121 49.90 -79.00 -94.04
C GLU QD 121 50.46 -79.01 -92.61
N SER QD 122 50.07 -80.02 -91.85
CA SER QD 122 50.54 -80.19 -90.48
C SER QD 122 50.57 -81.66 -90.10
N ALA RD 1 88.76 -50.10 -83.70
CA ALA RD 1 89.93 -49.76 -84.58
C ALA RD 1 91.15 -50.62 -84.29
N LEU RD 2 91.25 -51.14 -83.06
CA LEU RD 2 92.41 -51.94 -82.69
C LEU RD 2 92.52 -53.20 -83.54
N GLY RD 3 91.40 -53.88 -83.75
CA GLY RD 3 91.38 -55.13 -84.48
C GLY RD 3 90.31 -56.06 -83.91
N ASP RD 4 89.90 -57.03 -84.73
CA ASP RD 4 88.81 -57.92 -84.35
C ASP RD 4 89.22 -59.01 -83.36
N THR RD 5 90.49 -59.40 -83.33
CA THR RD 5 90.99 -60.33 -82.32
C THR RD 5 92.14 -59.70 -81.54
N LEU RD 6 92.12 -59.93 -80.23
CA LEU RD 6 93.16 -59.47 -79.31
C LEU RD 6 93.83 -60.67 -78.68
N THR RD 7 95.16 -60.70 -78.72
CA THR RD 7 95.94 -61.86 -78.30
C THR RD 7 96.71 -61.53 -77.04
N ILE RD 8 96.60 -62.39 -76.03
CA ILE RD 8 97.32 -62.25 -74.78
C ILE RD 8 98.11 -63.52 -74.52
N THR RD 9 99.38 -63.37 -74.17
CA THR RD 9 100.28 -64.51 -73.94
C THR RD 9 100.52 -64.62 -72.44
N LEU RD 10 99.81 -65.54 -71.79
CA LEU RD 10 100.02 -65.74 -70.36
C LEU RD 10 101.46 -66.19 -70.11
N GLY RD 11 102.10 -65.56 -69.14
CA GLY RD 11 103.50 -65.84 -68.87
C GLY RD 11 104.48 -65.02 -69.67
N GLY RD 12 104.06 -63.90 -70.25
CA GLY RD 12 104.97 -63.06 -71.01
C GLY RD 12 105.41 -63.74 -72.29
N SER RD 13 106.57 -63.30 -72.78
CA SER RD 13 107.09 -63.83 -74.03
C SER RD 13 107.40 -65.31 -73.91
N GLY RD 14 107.11 -66.06 -74.96
CA GLY RD 14 107.33 -67.49 -74.97
C GLY RD 14 106.30 -68.31 -74.24
N GLY RD 15 105.18 -67.72 -73.85
CA GLY RD 15 104.17 -68.42 -73.06
C GLY RD 15 103.06 -69.06 -73.87
N THR RD 16 101.85 -69.06 -73.32
CA THR RD 16 100.67 -69.62 -73.97
C THR RD 16 99.81 -68.49 -74.50
N ALA RD 17 99.44 -68.59 -75.78
CA ALA RD 17 98.70 -67.52 -76.44
C ALA RD 17 97.21 -67.83 -76.44
N LYS RD 18 96.42 -66.88 -75.96
CA LYS RD 18 94.96 -66.97 -75.96
C LYS RD 18 94.40 -65.87 -76.86
N VAL RD 19 93.44 -66.22 -77.72
CA VAL RD 19 92.86 -65.29 -78.68
C VAL RD 19 91.46 -64.93 -78.21
N LEU RD 20 91.22 -63.63 -78.02
CA LEU RD 20 89.91 -63.12 -77.66
C LEU RD 20 89.27 -62.47 -78.88
N ARG RD 21 87.94 -62.47 -78.91
CA ARG RD 21 87.17 -62.00 -80.05
C ARG RD 21 86.39 -60.74 -79.69
N LYS RD 22 86.33 -59.78 -80.61
CA LYS RD 22 85.54 -58.58 -80.37
C LYS RD 22 84.05 -58.91 -80.33
N ILE RD 23 83.33 -58.23 -79.44
CA ILE RD 23 81.92 -58.49 -79.22
C ILE RD 23 81.14 -57.20 -79.41
N ASN RD 24 81.47 -56.18 -78.60
CA ASN RD 24 80.72 -54.93 -78.56
C ASN RD 24 81.66 -53.75 -78.57
N GLN RD 25 81.23 -52.67 -79.23
CA GLN RD 25 81.99 -51.42 -79.22
C GLN RD 25 81.01 -50.27 -79.44
N ASP RD 26 80.55 -49.66 -78.34
CA ASP RD 26 79.51 -48.63 -78.41
C ASP RD 26 80.01 -47.25 -78.00
N GLY RD 27 80.50 -47.10 -76.77
CA GLY RD 27 80.83 -45.78 -76.26
C GLY RD 27 82.30 -45.47 -76.20
N TYR RD 28 82.98 -45.43 -77.34
CA TYR RD 28 84.43 -45.29 -77.37
C TYR RD 28 85.11 -46.42 -76.60
N THR RD 29 84.39 -47.52 -76.37
CA THR RD 29 84.80 -48.58 -75.48
C THR RD 29 84.58 -49.92 -76.17
N SER RD 30 85.54 -50.84 -76.01
CA SER RD 30 85.52 -52.11 -76.71
C SER RD 30 85.75 -53.26 -75.73
N GLU RD 31 85.24 -54.45 -76.08
CA GLU RD 31 85.45 -55.65 -75.28
C GLU RD 31 85.79 -56.83 -76.17
N TYR RD 32 86.67 -57.70 -75.66
CA TYR RD 32 87.05 -58.94 -76.32
C TYR RD 32 86.74 -60.10 -75.37
N TYR RD 33 86.35 -61.25 -75.93
CA TYR RD 33 85.93 -62.35 -75.06
C TYR RD 33 86.23 -63.70 -75.70
N LEU RD 34 86.32 -64.74 -74.85
CA LEU RD 34 86.63 -66.11 -75.24
C LEU RD 34 86.10 -67.11 -74.20
N PRO RD 35 85.24 -68.05 -74.57
CA PRO RD 35 84.81 -69.08 -73.62
C PRO RD 35 85.91 -70.13 -73.42
N GLU RD 36 85.83 -70.82 -72.29
CA GLU RD 36 86.71 -71.94 -71.99
C GLU RD 36 86.05 -72.78 -70.91
N THR RD 37 86.47 -74.05 -70.84
CA THR RD 37 85.75 -75.02 -70.01
C THR RD 37 85.81 -74.66 -68.54
N SER RD 38 87.01 -74.36 -68.02
CA SER RD 38 87.18 -74.04 -66.61
C SER RD 38 87.36 -72.56 -66.35
N SER RD 39 87.37 -71.72 -67.38
CA SER RD 39 87.48 -70.28 -67.18
C SER RD 39 87.00 -69.59 -68.44
N SER RD 40 87.19 -68.27 -68.48
CA SER RD 40 86.82 -67.45 -69.62
C SER RD 40 87.54 -66.13 -69.51
N PHE RD 41 87.79 -65.49 -70.66
CA PHE RD 41 88.62 -64.31 -70.73
C PHE RD 41 87.79 -63.12 -71.23
N ARG RD 42 88.07 -61.95 -70.64
CA ARG RD 42 87.37 -60.71 -70.97
C ARG RD 42 88.40 -59.59 -71.08
N ALA RD 43 88.09 -58.59 -71.90
CA ALA RD 43 88.91 -57.39 -72.02
C ALA RD 43 88.01 -56.18 -72.17
N LYS RD 44 88.51 -55.03 -71.71
CA LYS RD 44 87.85 -53.74 -71.85
C LYS RD 44 88.88 -52.71 -72.27
N VAL RD 45 88.45 -51.74 -73.06
CA VAL RD 45 89.26 -50.56 -73.38
C VAL RD 45 88.35 -49.35 -73.27
N ARG RD 46 88.79 -48.34 -72.52
CA ARG RD 46 87.97 -47.15 -72.29
C ARG RD 46 88.80 -45.89 -72.50
N HIS RD 47 88.13 -44.85 -73.00
CA HIS RD 47 88.64 -43.48 -73.01
C HIS RD 47 87.58 -42.57 -72.43
N THR RD 48 88.01 -41.49 -71.79
CA THR RD 48 87.06 -40.58 -71.16
C THR RD 48 87.72 -39.22 -70.92
N LYS RD 49 86.87 -38.20 -70.84
CA LYS RD 49 87.24 -36.87 -70.40
C LYS RD 49 87.06 -36.73 -68.89
N GLU RD 50 87.55 -35.63 -68.34
CA GLU RD 50 87.31 -35.30 -66.94
C GLU RD 50 86.41 -34.08 -66.84
N SER RD 51 86.07 -33.71 -65.61
CA SER RD 51 85.15 -32.61 -65.37
C SER RD 51 85.74 -31.31 -65.90
N VAL RD 52 84.88 -30.48 -66.49
CA VAL RD 52 85.29 -29.24 -67.13
C VAL RD 52 84.76 -28.08 -66.30
N LYS RD 53 85.68 -27.22 -65.84
CA LYS RD 53 85.34 -26.03 -65.08
C LYS RD 53 86.30 -24.91 -65.45
N PRO RD 54 85.91 -23.65 -65.27
CA PRO RD 54 86.71 -22.55 -65.81
C PRO RD 54 88.12 -22.52 -65.24
N ASN RD 55 89.06 -22.06 -66.07
CA ASN RD 55 90.42 -21.70 -65.65
C ASN RD 55 91.14 -22.85 -64.94
N GLN RD 56 90.92 -24.07 -65.42
CA GLN RD 56 91.73 -25.22 -65.03
C GLN RD 56 91.98 -26.09 -66.24
N VAL RD 57 93.06 -26.85 -66.19
CA VAL RD 57 93.51 -27.62 -67.35
C VAL RD 57 92.51 -28.74 -67.66
N GLN RD 58 92.45 -29.11 -68.94
CA GLN RD 58 91.55 -30.16 -69.42
C GLN RD 58 92.34 -31.46 -69.58
N TYR RD 59 91.84 -32.53 -68.97
CA TYR RD 59 92.56 -33.80 -68.88
C TYR RD 59 91.74 -34.92 -69.48
N GLU RD 60 92.43 -35.89 -70.09
CA GLU RD 60 91.79 -37.09 -70.61
C GLU RD 60 92.54 -38.33 -70.13
N ARG RD 61 91.81 -39.45 -70.05
CA ARG RD 61 92.29 -40.65 -69.39
C ARG RD 61 92.05 -41.85 -70.29
N HIS RD 62 93.00 -42.79 -70.30
CA HIS RD 62 92.85 -44.05 -71.01
C HIS RD 62 93.09 -45.21 -70.06
N ASN RD 63 92.39 -46.32 -70.32
CA ASN RD 63 92.38 -47.46 -69.40
C ASN RD 63 92.34 -48.76 -70.18
N VAL RD 64 93.02 -49.78 -69.65
CA VAL RD 64 93.03 -51.11 -70.24
C VAL RD 64 92.95 -52.14 -69.11
N GLU RD 65 92.07 -53.13 -69.28
CA GLU RD 65 91.68 -54.03 -68.19
C GLU RD 65 91.68 -55.47 -68.67
N PHE RD 66 92.19 -56.37 -67.82
CA PHE RD 66 92.22 -57.81 -68.07
C PHE RD 66 91.47 -58.51 -66.94
N THR RD 67 90.74 -59.58 -67.26
CA THR RD 67 90.03 -60.34 -66.23
C THR RD 67 90.10 -61.83 -66.51
N GLU RD 68 90.27 -62.62 -65.45
CA GLU RD 68 90.17 -64.06 -65.49
C GLU RD 68 89.16 -64.53 -64.44
N THR RD 69 88.16 -65.28 -64.88
CA THR RD 69 87.12 -65.81 -63.98
C THR RD 69 87.06 -67.31 -64.13
N VAL RD 70 87.08 -68.03 -63.01
CA VAL RD 70 87.07 -69.49 -62.99
C VAL RD 70 85.80 -69.93 -62.28
N TYR RD 71 85.05 -70.83 -62.91
CA TYR RD 71 83.74 -71.22 -62.40
C TYR RD 71 83.88 -72.01 -61.10
N ALA RD 72 82.84 -71.94 -60.27
CA ALA RD 72 82.85 -72.62 -58.99
C ALA RD 72 82.89 -74.12 -59.19
N SER RD 73 83.75 -74.80 -58.43
CA SER RD 73 83.91 -76.24 -58.49
C SER RD 73 83.87 -76.79 -57.07
N GLY RD 74 83.07 -77.83 -56.86
CA GLY RD 74 82.95 -78.38 -55.52
C GLY RD 74 82.46 -77.32 -54.55
N SER RD 75 83.12 -77.22 -53.41
CA SER RD 75 82.76 -76.24 -52.40
C SER RD 75 83.37 -74.86 -52.68
N THR RD 76 84.32 -74.76 -53.59
CA THR RD 76 84.98 -73.49 -53.86
C THR RD 76 84.09 -72.60 -54.73
N PRO RD 77 83.72 -71.41 -54.28
CA PRO RD 77 82.87 -70.55 -55.10
C PRO RD 77 83.66 -69.85 -56.21
N GLU RD 78 82.91 -69.11 -57.03
CA GLU RD 78 83.51 -68.39 -58.14
C GLU RD 78 84.45 -67.30 -57.63
N PHE RD 79 85.52 -67.05 -58.39
CA PHE RD 79 86.40 -65.93 -58.07
C PHE RD 79 87.11 -65.48 -59.35
N VAL RD 80 87.58 -64.23 -59.33
CA VAL RD 80 88.09 -63.56 -60.52
C VAL RD 80 89.48 -63.02 -60.24
N ARG RD 81 90.21 -62.73 -61.32
CA ARG RD 81 91.52 -62.11 -61.26
C ARG RD 81 91.59 -61.01 -62.31
N GLN RD 82 92.12 -59.85 -61.93
CA GLN RD 82 92.09 -58.66 -62.77
C GLN RD 82 93.47 -58.03 -62.83
N ALA RD 83 93.65 -57.17 -63.83
CA ALA RD 83 94.86 -56.36 -63.96
C ALA RD 83 94.63 -55.26 -64.98
N TYR RD 84 94.80 -53.99 -64.60
CA TYR RD 84 94.44 -52.90 -65.49
C TYR RD 84 95.45 -51.77 -65.35
N VAL RD 85 95.52 -50.94 -66.38
CA VAL RD 85 96.45 -49.81 -66.46
C VAL RD 85 95.70 -48.56 -66.88
N VAL RD 86 96.08 -47.42 -66.32
CA VAL RD 86 95.44 -46.15 -66.57
C VAL RD 86 96.51 -45.12 -66.93
N ILE RD 87 96.18 -44.24 -67.89
CA ILE RD 87 97.05 -43.13 -68.29
C ILE RD 87 96.24 -41.85 -68.22
N ARG RD 88 96.85 -40.78 -67.72
CA ARG RD 88 96.19 -39.49 -67.57
C ARG RD 88 97.14 -38.39 -68.03
N HIS RD 89 96.69 -37.57 -68.98
CA HIS RD 89 97.48 -36.46 -69.46
C HIS RD 89 96.56 -35.43 -70.11
N LYS RD 90 97.08 -34.21 -70.24
CA LYS RD 90 96.31 -33.07 -70.68
C LYS RD 90 96.10 -33.06 -72.19
N VAL RD 91 95.11 -32.30 -72.64
CA VAL RD 91 94.77 -32.22 -74.06
C VAL RD 91 95.76 -31.30 -74.76
N GLY RD 92 96.16 -31.70 -75.96
CA GLY RD 92 97.13 -30.96 -76.73
C GLY RD 92 98.58 -31.19 -76.34
N ASP RD 93 98.84 -32.09 -75.40
CA ASP RD 93 100.21 -32.36 -74.97
C ASP RD 93 100.88 -33.18 -76.08
N VAL RD 94 102.20 -33.38 -75.97
CA VAL RD 94 102.96 -34.12 -76.97
C VAL RD 94 102.83 -35.60 -76.67
N SER RD 95 102.50 -36.39 -77.69
CA SER RD 95 102.24 -37.81 -77.48
C SER RD 95 103.50 -38.55 -77.09
N ALA RD 96 104.65 -38.15 -77.65
CA ALA RD 96 105.88 -38.93 -77.47
C ALA RD 96 106.29 -39.00 -76.01
N THR RD 97 106.15 -37.90 -75.27
CA THR RD 97 106.56 -37.90 -73.87
C THR RD 97 105.70 -38.84 -73.05
N VAL RD 98 104.38 -38.78 -73.24
CA VAL RD 98 103.49 -39.68 -72.52
C VAL RD 98 103.82 -41.13 -72.88
N SER RD 99 104.12 -41.37 -74.16
CA SER RD 99 104.50 -42.71 -74.59
C SER RD 99 105.77 -43.16 -73.89
N ASP RD 100 106.75 -42.27 -73.74
CA ASP RD 100 107.99 -42.63 -73.07
C ASP RD 100 107.73 -42.97 -71.60
N LEU RD 101 106.89 -42.19 -70.92
CA LEU RD 101 106.55 -42.51 -69.54
C LEU RD 101 105.88 -43.88 -69.44
N GLY RD 102 104.93 -44.15 -70.33
CA GLY RD 102 104.27 -45.45 -70.31
C GLY RD 102 105.21 -46.60 -70.57
N GLU RD 103 106.12 -46.43 -71.53
CA GLU RD 103 107.13 -47.46 -71.79
C GLU RD 103 108.03 -47.66 -70.59
N ALA RD 104 108.38 -46.58 -69.89
CA ALA RD 104 109.16 -46.71 -68.66
C ALA RD 104 108.43 -47.56 -67.64
N LEU RD 105 107.16 -47.25 -67.40
CA LEU RD 105 106.39 -48.02 -66.44
C LEU RD 105 106.29 -49.49 -66.86
N SER RD 106 106.07 -49.74 -68.14
CA SER RD 106 105.97 -51.11 -68.63
C SER RD 106 107.28 -51.87 -68.45
N PHE RD 107 108.41 -51.22 -68.75
CA PHE RD 107 109.70 -51.87 -68.58
C PHE RD 107 110.00 -52.17 -67.11
N TYR RD 108 109.64 -51.25 -66.22
CA TYR RD 108 109.93 -51.47 -64.80
C TYR RD 108 109.21 -52.70 -64.27
N LEU RD 109 107.94 -52.89 -64.65
CA LEU RD 109 107.15 -53.97 -64.10
C LEU RD 109 107.66 -55.30 -64.63
N ASN RD 110 108.82 -55.71 -64.13
CA ASN RD 110 109.43 -56.95 -64.57
C ASN RD 110 108.72 -58.15 -63.92
N GLU RD 111 108.99 -59.33 -64.47
CA GLU RD 111 108.39 -60.54 -63.92
C GLU RD 111 108.80 -60.75 -62.47
N ALA RD 112 110.09 -60.52 -62.17
CA ALA RD 112 110.57 -60.67 -60.79
C ALA RD 112 109.91 -59.66 -59.86
N LEU RD 113 109.70 -58.43 -60.32
CA LEU RD 113 109.05 -57.42 -59.49
C LEU RD 113 107.69 -57.87 -59.02
N TYR RD 114 106.92 -58.52 -59.90
CA TYR RD 114 105.57 -58.92 -59.55
C TYR RD 114 105.56 -59.82 -58.33
N GLY RD 115 106.48 -60.78 -58.28
CA GLY RD 115 106.54 -61.65 -57.11
C GLY RD 115 106.69 -60.87 -55.82
N LYS RD 116 107.48 -59.80 -55.84
CA LYS RD 116 107.63 -58.97 -54.65
C LYS RD 116 106.37 -58.20 -54.30
N LEU RD 117 105.58 -57.79 -55.30
CA LEU RD 117 104.39 -57.01 -55.00
C LEU RD 117 103.43 -57.79 -54.09
N ILE RD 118 103.23 -59.07 -54.39
CA ILE RD 118 102.35 -59.90 -53.57
C ILE RD 118 102.93 -60.08 -52.16
N GLY RD 119 104.24 -59.93 -52.00
CA GLY RD 119 104.85 -60.05 -50.69
C GLY RD 119 104.46 -58.95 -49.72
N TRP RD 120 103.75 -57.93 -50.19
CA TRP RD 120 103.29 -56.80 -49.40
C TRP RD 120 104.40 -55.85 -49.00
N GLU RD 121 105.66 -56.17 -49.32
CA GLU RD 121 106.74 -55.30 -48.88
C GLU RD 121 106.71 -53.97 -49.62
N SER RD 122 106.83 -52.90 -48.85
CA SER RD 122 106.81 -51.53 -49.37
C SER RD 122 108.24 -51.04 -49.59
N ALA SD 1 50.04 -84.90 -95.59
CA ALA SD 1 49.59 -84.72 -94.18
C ALA SD 1 50.78 -84.62 -93.23
N LEU SD 2 51.97 -84.39 -93.79
CA LEU SD 2 53.22 -84.21 -93.06
C LEU SD 2 53.75 -85.50 -92.45
N GLY SD 3 53.04 -86.61 -92.59
CA GLY SD 3 53.47 -87.88 -92.04
C GLY SD 3 52.87 -88.15 -90.68
N ASP SD 4 52.63 -89.43 -90.40
CA ASP SD 4 52.06 -89.81 -89.11
C ASP SD 4 53.08 -89.58 -87.99
N THR SD 5 54.33 -89.99 -88.22
CA THR SD 5 55.38 -89.88 -87.22
C THR SD 5 56.48 -88.95 -87.70
N LEU SD 6 57.05 -88.21 -86.76
CA LEU SD 6 58.08 -87.21 -87.02
C LEU SD 6 59.39 -87.69 -86.40
N THR SD 7 60.45 -87.69 -87.21
CA THR SD 7 61.75 -88.19 -86.79
C THR SD 7 62.76 -87.04 -86.77
N ILE SD 8 63.49 -86.92 -85.67
CA ILE SD 8 64.52 -85.90 -85.52
C ILE SD 8 65.82 -86.60 -85.15
N THR SD 9 66.90 -86.21 -85.81
CA THR SD 9 68.21 -86.86 -85.67
C THR SD 9 69.13 -85.92 -84.89
N LEU SD 10 69.21 -86.12 -83.58
CA LEU SD 10 70.11 -85.30 -82.78
C LEU SD 10 71.53 -85.45 -83.29
N GLY SD 11 72.26 -84.34 -83.31
CA GLY SD 11 73.61 -84.36 -83.82
C GLY SD 11 73.75 -84.26 -85.31
N GLY SD 12 72.74 -83.71 -85.99
CA GLY SD 12 72.84 -83.57 -87.42
C GLY SD 12 72.81 -84.90 -88.13
N SER SD 13 73.21 -84.87 -89.39
CA SER SD 13 73.25 -86.08 -90.20
C SER SD 13 74.21 -87.10 -89.59
N GLY SD 14 73.78 -88.36 -89.56
CA GLY SD 14 74.59 -89.44 -89.04
C GLY SD 14 74.53 -89.65 -87.54
N GLY SD 15 73.65 -88.94 -86.83
CA GLY SD 15 73.56 -89.02 -85.39
C GLY SD 15 72.53 -90.03 -84.91
N THR SD 16 72.04 -89.78 -83.69
CA THR SD 16 71.02 -90.62 -83.07
C THR SD 16 69.64 -90.19 -83.56
N ALA SD 17 68.83 -91.17 -83.96
CA ALA SD 17 67.49 -90.89 -84.47
C ALA SD 17 66.45 -91.16 -83.38
N LYS SD 18 65.55 -90.21 -83.20
CA LYS SD 18 64.42 -90.32 -82.28
C LYS SD 18 63.14 -90.13 -83.07
N VAL SD 19 62.15 -91.01 -82.84
CA VAL SD 19 60.93 -91.05 -83.64
C VAL SD 19 59.75 -90.66 -82.74
N LEU SD 20 59.14 -89.52 -83.04
CA LEU SD 20 57.98 -89.06 -82.30
C LEU SD 20 56.69 -89.61 -82.92
N ARG SD 21 55.57 -89.35 -82.24
CA ARG SD 21 54.25 -89.80 -82.68
C ARG SD 21 53.26 -88.65 -82.59
N LYS SD 22 52.25 -88.68 -83.46
CA LYS SD 22 51.24 -87.63 -83.45
C LYS SD 22 50.28 -87.83 -82.29
N ILE SD 23 50.00 -86.74 -81.55
CA ILE SD 23 49.19 -86.82 -80.33
C ILE SD 23 47.89 -86.04 -80.50
N ASN SD 24 47.90 -84.97 -81.28
CA ASN SD 24 46.80 -84.03 -81.25
C ASN SD 24 46.82 -83.17 -82.50
N GLN SD 25 45.69 -82.50 -82.76
CA GLN SD 25 45.59 -81.55 -83.87
C GLN SD 25 44.43 -80.60 -83.58
N ASP SD 26 44.76 -79.35 -83.27
CA ASP SD 26 43.75 -78.32 -83.05
C ASP SD 26 44.25 -76.98 -83.52
N GLY SD 27 43.33 -76.17 -84.06
CA GLY SD 27 43.66 -74.81 -84.43
C GLY SD 27 44.79 -74.68 -85.43
N TYR SD 28 44.79 -75.54 -86.46
CA TYR SD 28 45.84 -75.51 -87.47
C TYR SD 28 47.21 -75.73 -86.83
N THR SD 29 47.26 -76.57 -85.80
CA THR SD 29 48.50 -76.93 -85.14
C THR SD 29 48.59 -78.44 -85.05
N SER SD 30 49.82 -78.93 -84.85
CA SER SD 30 50.06 -80.34 -84.61
C SER SD 30 51.10 -80.49 -83.50
N GLU SD 31 51.03 -81.62 -82.79
CA GLU SD 31 51.90 -81.91 -81.67
C GLU SD 31 52.43 -83.33 -81.78
N TYR SD 32 53.69 -83.52 -81.42
CA TYR SD 32 54.35 -84.82 -81.44
C TYR SD 32 55.00 -85.06 -80.08
N TYR SD 33 55.02 -86.32 -79.63
CA TYR SD 33 55.52 -86.62 -78.29
C TYR SD 33 56.30 -87.93 -78.29
N LEU SD 34 57.21 -88.05 -77.31
CA LEU SD 34 58.00 -89.25 -77.05
C LEU SD 34 58.45 -89.27 -75.59
N PRO SD 35 57.93 -90.18 -74.76
CA PRO SD 35 58.40 -90.23 -73.37
C PRO SD 35 59.67 -91.04 -73.20
N GLU SD 36 60.45 -90.66 -72.21
CA GLU SD 36 61.75 -91.28 -71.94
C GLU SD 36 62.06 -91.09 -70.46
N THR SD 37 62.81 -92.04 -69.89
CA THR SD 37 62.93 -92.13 -68.44
C THR SD 37 63.49 -90.85 -67.83
N SER SD 38 64.33 -90.12 -68.56
CA SER SD 38 64.97 -88.92 -68.04
C SER SD 38 64.66 -87.65 -68.81
N SER SD 39 63.94 -87.73 -69.93
CA SER SD 39 63.60 -86.55 -70.71
C SER SD 39 62.39 -86.87 -71.59
N SER SD 40 62.04 -85.92 -72.45
CA SER SD 40 60.90 -86.06 -73.34
C SER SD 40 61.15 -85.20 -74.57
N PHE SD 41 60.44 -85.52 -75.65
CA PHE SD 41 60.60 -84.84 -76.93
C PHE SD 41 59.26 -84.33 -77.41
N ARG SD 42 59.17 -83.02 -77.62
CA ARG SD 42 57.97 -82.37 -78.13
C ARG SD 42 58.33 -81.68 -79.44
N ALA SD 43 57.49 -81.87 -80.46
CA ALA SD 43 57.63 -81.13 -81.71
C ALA SD 43 56.27 -80.62 -82.13
N LYS SD 44 56.15 -79.31 -82.29
CA LYS SD 44 54.88 -78.64 -82.51
C LYS SD 44 54.94 -77.83 -83.80
N VAL SD 45 53.82 -77.80 -84.52
CA VAL SD 45 53.70 -77.09 -85.78
C VAL SD 45 52.48 -76.18 -85.71
N ARG SD 46 52.63 -74.94 -86.20
CA ARG SD 46 51.55 -73.95 -86.15
C ARG SD 46 51.43 -73.25 -87.49
N HIS SD 47 50.22 -72.75 -87.76
CA HIS SD 47 49.96 -71.82 -88.86
C HIS SD 47 49.07 -70.69 -88.36
N THR SD 48 49.13 -69.55 -89.03
CA THR SD 48 48.37 -68.39 -88.60
C THR SD 48 48.23 -67.39 -89.74
N LYS SD 49 47.14 -66.61 -89.69
CA LYS SD 49 46.88 -65.50 -90.61
C LYS SD 49 46.34 -64.34 -89.79
N GLU SD 50 47.02 -63.18 -89.84
CA GLU SD 50 46.61 -62.06 -89.02
C GLU SD 50 45.40 -61.34 -89.62
N SER SD 51 44.87 -60.37 -88.85
CA SER SD 51 43.65 -59.69 -89.24
C SER SD 51 43.85 -58.90 -90.53
N VAL SD 52 42.74 -58.53 -91.15
CA VAL SD 52 42.73 -57.76 -92.38
C VAL SD 52 42.42 -56.31 -92.05
N LYS SD 53 43.09 -55.42 -92.77
CA LYS SD 53 42.98 -53.98 -92.64
C LYS SD 53 42.49 -53.41 -93.96
N PRO SD 54 41.89 -52.21 -93.94
CA PRO SD 54 41.31 -51.67 -95.19
C PRO SD 54 42.28 -51.63 -96.37
N ASN SD 55 43.40 -50.92 -96.24
CA ASN SD 55 44.35 -50.75 -97.34
C ASN SD 55 45.79 -51.07 -96.87
N GLN SD 56 46.11 -52.36 -96.95
CA GLN SD 56 47.39 -52.90 -96.50
C GLN SD 56 47.58 -54.26 -97.16
N VAL SD 57 48.68 -54.93 -96.82
CA VAL SD 57 48.94 -56.29 -97.27
C VAL SD 57 48.89 -57.22 -96.07
N GLN SD 58 48.29 -58.40 -96.25
CA GLN SD 58 48.19 -59.40 -95.19
C GLN SD 58 49.12 -60.56 -95.49
N TYR SD 59 49.67 -61.14 -94.43
CA TYR SD 59 50.72 -62.13 -94.50
C TYR SD 59 50.27 -63.44 -93.86
N GLU SD 60 51.08 -64.47 -94.07
CA GLU SD 60 50.88 -65.78 -93.47
C GLU SD 60 52.13 -66.18 -92.69
N ARG SD 61 51.93 -66.68 -91.48
CA ARG SD 61 53.03 -67.02 -90.58
C ARG SD 61 53.01 -68.53 -90.32
N HIS SD 62 54.17 -69.18 -90.48
CA HIS SD 62 54.33 -70.59 -90.20
C HIS SD 62 55.43 -70.79 -89.18
N ASN SD 63 55.19 -71.67 -88.20
CA ASN SD 63 56.10 -71.85 -87.07
C ASN SD 63 56.25 -73.33 -86.76
N VAL SD 64 57.47 -73.76 -86.46
CA VAL SD 64 57.75 -75.12 -86.02
C VAL SD 64 58.87 -75.08 -84.98
N GLU SD 65 58.68 -75.78 -83.86
CA GLU SD 65 59.60 -75.69 -82.74
C GLU SD 65 59.94 -77.09 -82.22
N PHE SD 66 61.16 -77.23 -81.73
CA PHE SD 66 61.63 -78.43 -81.05
C PHE SD 66 61.94 -78.07 -79.60
N THR SD 67 61.46 -78.90 -78.67
CA THR SD 67 61.64 -78.63 -77.24
C THR SD 67 62.13 -79.89 -76.56
N GLU SD 68 62.99 -79.71 -75.55
CA GLU SD 68 63.62 -80.82 -74.85
C GLU SD 68 63.56 -80.52 -73.35
N THR SD 69 62.89 -81.37 -72.59
CA THR SD 69 62.77 -81.18 -71.15
C THR SD 69 63.44 -82.33 -70.41
N VAL SD 70 64.19 -81.99 -69.36
CA VAL SD 70 64.86 -82.94 -68.50
C VAL SD 70 64.25 -82.83 -67.11
N TYR SD 71 63.84 -83.95 -66.54
CA TYR SD 71 63.16 -83.93 -65.26
C TYR SD 71 64.14 -83.62 -64.13
N ALA SD 72 63.62 -83.00 -63.08
CA ALA SD 72 64.46 -82.59 -61.96
C ALA SD 72 65.15 -83.79 -61.34
N SER SD 73 66.42 -83.62 -61.01
CA SER SD 73 67.22 -84.67 -60.38
C SER SD 73 68.07 -84.04 -59.28
N GLY SD 74 67.88 -84.52 -58.05
CA GLY SD 74 68.61 -83.97 -56.93
C GLY SD 74 68.32 -82.50 -56.74
N SER SD 75 69.37 -81.70 -56.56
CA SER SD 75 69.20 -80.28 -56.31
C SER SD 75 68.84 -79.52 -57.60
N THR SD 76 69.33 -79.99 -58.74
CA THR SD 76 69.12 -79.26 -59.99
C THR SD 76 67.68 -79.43 -60.47
N PRO SD 77 66.92 -78.34 -60.64
CA PRO SD 77 65.54 -78.47 -61.10
C PRO SD 77 65.48 -78.73 -62.61
N GLU SD 78 64.25 -78.90 -63.09
CA GLU SD 78 64.05 -79.17 -64.51
C GLU SD 78 64.39 -77.94 -65.35
N PHE SD 79 64.82 -78.18 -66.58
CA PHE SD 79 65.11 -77.11 -67.52
C PHE SD 79 64.86 -77.62 -68.94
N VAL SD 80 64.70 -76.67 -69.86
CA VAL SD 80 64.25 -76.95 -71.22
C VAL SD 80 65.28 -76.47 -72.22
N ARG SD 81 65.29 -77.12 -73.38
CA ARG SD 81 66.19 -76.80 -74.49
C ARG SD 81 65.35 -76.72 -75.75
N GLN SD 82 65.39 -75.58 -76.44
CA GLN SD 82 64.40 -75.27 -77.47
C GLN SD 82 65.05 -74.56 -78.65
N ALA SD 83 64.49 -74.79 -79.84
CA ALA SD 83 64.96 -74.14 -81.06
C ALA SD 83 63.85 -74.18 -82.11
N TYR SD 84 63.59 -73.06 -82.77
CA TYR SD 84 62.45 -72.99 -83.67
C TYR SD 84 62.72 -72.04 -84.83
N VAL SD 85 61.88 -72.18 -85.86
CA VAL SD 85 61.93 -71.35 -87.07
C VAL SD 85 60.52 -70.90 -87.42
N VAL SD 86 60.43 -69.75 -88.07
CA VAL SD 86 59.15 -69.19 -88.51
C VAL SD 86 59.34 -68.50 -89.86
N ILE SD 87 58.36 -68.63 -90.75
CA ILE SD 87 58.39 -68.07 -92.10
C ILE SD 87 57.20 -67.11 -92.25
N ARG SD 88 57.45 -65.96 -92.87
CA ARG SD 88 56.39 -64.98 -93.14
C ARG SD 88 56.44 -64.57 -94.61
N HIS SD 89 55.28 -64.59 -95.26
CA HIS SD 89 55.22 -64.27 -96.68
C HIS SD 89 53.79 -63.89 -97.05
N LYS SD 90 53.65 -63.24 -98.20
CA LYS SD 90 52.37 -62.73 -98.66
C LYS SD 90 51.45 -63.86 -99.09
N VAL SD 91 50.14 -63.62 -98.99
CA VAL SD 91 49.17 -64.69 -99.22
C VAL SD 91 49.25 -65.18 -100.65
N GLY SD 92 49.27 -64.27 -101.61
CA GLY SD 92 49.33 -64.61 -103.01
C GLY SD 92 50.72 -64.80 -103.59
N ASP SD 93 51.76 -64.71 -102.77
CA ASP SD 93 53.11 -64.79 -103.28
C ASP SD 93 53.37 -66.16 -103.90
N VAL SD 94 54.43 -66.23 -104.71
CA VAL SD 94 54.85 -67.49 -105.29
C VAL SD 94 55.61 -68.30 -104.25
N SER SD 95 55.40 -69.62 -104.25
CA SER SD 95 55.97 -70.47 -103.22
C SER SD 95 57.46 -70.69 -103.40
N ALA SD 96 57.92 -70.74 -104.66
CA ALA SD 96 59.30 -71.14 -104.92
C ALA SD 96 60.30 -70.17 -104.30
N THR SD 97 60.05 -68.86 -104.41
CA THR SD 97 61.02 -67.89 -103.92
C THR SD 97 61.14 -67.93 -102.41
N VAL SD 98 60.00 -67.98 -101.70
CA VAL SD 98 60.04 -68.06 -100.26
C VAL SD 98 60.70 -69.36 -99.83
N SER SD 99 60.44 -70.44 -100.56
CA SER SD 99 61.09 -71.71 -100.25
C SER SD 99 62.60 -71.59 -100.40
N ASP SD 100 63.07 -70.93 -101.46
CA ASP SD 100 64.51 -70.77 -101.67
C ASP SD 100 65.15 -69.91 -100.58
N LEU SD 101 64.47 -68.85 -100.16
CA LEU SD 101 64.97 -68.08 -99.03
C LEU SD 101 65.12 -68.97 -97.81
N GLY SD 102 64.13 -69.85 -97.58
CA GLY SD 102 64.24 -70.81 -96.49
C GLY SD 102 65.42 -71.75 -96.63
N GLU SD 103 65.65 -72.25 -97.85
CA GLU SD 103 66.79 -73.15 -98.05
C GLU SD 103 68.10 -72.44 -97.78
N ALA SD 104 68.21 -71.19 -98.21
CA ALA SD 104 69.43 -70.43 -97.94
C ALA SD 104 69.65 -70.27 -96.44
N LEU SD 105 68.58 -69.94 -95.70
CA LEU SD 105 68.72 -69.81 -94.25
C LEU SD 105 69.17 -71.12 -93.62
N SER SD 106 68.56 -72.24 -94.04
CA SER SD 106 68.95 -73.53 -93.48
C SER SD 106 70.39 -73.87 -93.82
N PHE SD 107 70.81 -73.57 -95.05
CA PHE SD 107 72.16 -73.91 -95.50
C PHE SD 107 73.22 -73.07 -94.79
N TYR SD 108 72.89 -71.83 -94.44
CA TYR SD 108 73.87 -70.98 -93.78
C TYR SD 108 74.24 -71.53 -92.40
N LEU SD 109 73.26 -72.02 -91.65
CA LEU SD 109 73.50 -72.50 -90.30
C LEU SD 109 74.16 -73.87 -90.33
N ASN SD 110 75.15 -74.07 -89.46
CA ASN SD 110 75.84 -75.35 -89.35
C ASN SD 110 76.61 -75.36 -88.03
N GLU SD 111 77.28 -76.50 -87.77
CA GLU SD 111 77.90 -76.70 -86.47
C GLU SD 111 78.94 -75.63 -86.15
N ALA SD 112 79.80 -75.29 -87.11
CA ALA SD 112 80.80 -74.26 -86.86
C ALA SD 112 80.13 -72.93 -86.56
N LEU SD 113 79.11 -72.57 -87.33
CA LEU SD 113 78.40 -71.32 -87.10
C LEU SD 113 77.66 -71.35 -85.78
N TYR SD 114 77.04 -72.48 -85.44
CA TYR SD 114 76.36 -72.59 -84.16
C TYR SD 114 77.33 -72.41 -83.00
N GLY SD 115 78.52 -73.01 -83.11
CA GLY SD 115 79.52 -72.84 -82.08
C GLY SD 115 79.99 -71.41 -81.94
N LYS SD 116 80.17 -70.72 -83.07
CA LYS SD 116 80.53 -69.30 -83.00
C LYS SD 116 79.40 -68.49 -82.37
N LEU SD 117 78.16 -68.77 -82.75
CA LEU SD 117 77.03 -67.97 -82.28
C LEU SD 117 76.83 -68.14 -80.77
N ILE SD 118 77.00 -69.37 -80.27
CA ILE SD 118 76.91 -69.57 -78.82
C ILE SD 118 78.07 -68.90 -78.10
N GLY SD 119 79.13 -68.51 -78.80
CA GLY SD 119 80.21 -67.76 -78.21
C GLY SD 119 79.96 -66.28 -78.07
N TRP SD 120 78.74 -65.81 -78.34
CA TRP SD 120 78.32 -64.42 -78.27
C TRP SD 120 78.95 -63.55 -79.36
N GLU SD 121 79.48 -64.16 -80.41
CA GLU SD 121 80.03 -63.37 -81.51
C GLU SD 121 78.92 -62.74 -82.33
N SER SD 122 78.56 -61.49 -82.00
CA SER SD 122 77.47 -60.81 -82.67
C SER SD 122 77.76 -60.63 -84.15
N ALA TD 1 35.37 -88.33 -91.38
CA ALA TD 1 36.18 -89.53 -91.76
C ALA TD 1 36.11 -89.77 -93.27
N LEU TD 2 35.85 -88.70 -94.03
CA LEU TD 2 35.69 -88.86 -95.48
C LEU TD 2 36.97 -89.37 -96.12
N GLY TD 3 38.11 -88.86 -95.70
CA GLY TD 3 39.40 -89.26 -96.25
C GLY TD 3 40.39 -88.13 -96.17
N ASP TD 4 41.65 -88.48 -96.43
CA ASP TD 4 42.73 -87.52 -96.31
C ASP TD 4 42.80 -86.55 -97.49
N THR TD 5 42.16 -86.84 -98.61
CA THR TD 5 42.07 -85.91 -99.72
C THR TD 5 40.63 -85.84 -100.25
N LEU TD 6 40.26 -84.64 -100.70
CA LEU TD 6 38.95 -84.37 -101.28
C LEU TD 6 39.16 -83.92 -102.72
N THR TD 7 38.37 -84.45 -103.63
CA THR TD 7 38.54 -84.21 -105.05
C THR TD 7 37.39 -83.36 -105.57
N ILE TD 8 37.71 -82.27 -106.26
CA ILE TD 8 36.74 -81.40 -106.90
C ILE TD 8 37.02 -81.43 -108.40
N THR TD 9 36.01 -81.81 -109.18
CA THR TD 9 36.10 -81.88 -110.63
C THR TD 9 35.35 -80.69 -111.22
N LEU TD 10 36.09 -79.64 -111.56
CA LEU TD 10 35.44 -78.44 -112.08
C LEU TD 10 34.78 -78.74 -113.42
N GLY TD 11 33.62 -78.11 -113.64
CA GLY TD 11 32.84 -78.39 -114.82
C GLY TD 11 32.08 -79.69 -114.79
N GLY TD 12 31.65 -80.12 -113.60
CA GLY TD 12 30.88 -81.36 -113.52
C GLY TD 12 31.76 -82.56 -113.83
N SER TD 13 31.20 -83.50 -114.59
CA SER TD 13 31.90 -84.70 -115.00
C SER TD 13 32.86 -84.47 -116.16
N GLY TD 14 33.17 -83.21 -116.48
CA GLY TD 14 34.03 -82.91 -117.60
C GLY TD 14 35.48 -83.26 -117.35
N GLY TD 15 36.11 -82.57 -116.40
CA GLY TD 15 37.52 -82.80 -116.12
C GLY TD 15 38.03 -81.78 -115.13
N THR TD 16 39.34 -81.53 -115.18
CA THR TD 16 40.00 -80.52 -114.36
C THR TD 16 39.78 -80.82 -112.87
N ALA TD 17 40.34 -81.96 -112.45
CA ALA TD 17 40.21 -82.41 -111.07
C ALA TD 17 41.24 -81.73 -110.18
N LYS TD 18 40.78 -81.25 -109.03
CA LYS TD 18 41.64 -80.67 -108.00
C LYS TD 18 41.61 -81.56 -106.77
N VAL TD 19 42.74 -81.63 -106.06
CA VAL TD 19 42.90 -82.52 -104.91
C VAL TD 19 43.32 -81.66 -103.72
N LEU TD 20 42.41 -81.47 -102.78
CA LEU TD 20 42.71 -80.75 -101.55
C LEU TD 20 43.12 -81.72 -100.45
N ARG TD 21 43.73 -81.17 -99.41
CA ARG TD 21 44.25 -81.93 -98.27
C ARG TD 21 43.60 -81.41 -97.00
N LYS TD 22 43.40 -82.29 -96.02
CA LYS TD 22 42.90 -81.83 -94.74
C LYS TD 22 43.87 -80.87 -94.10
N ILE TD 23 43.33 -79.82 -93.46
CA ILE TD 23 44.10 -78.87 -92.69
C ILE TD 23 43.69 -78.98 -91.23
N ASN TD 24 42.48 -79.47 -90.98
CA ASN TD 24 41.94 -79.40 -89.63
C ASN TD 24 40.84 -80.43 -89.44
N GLN TD 25 40.61 -80.76 -88.16
CA GLN TD 25 39.43 -81.51 -87.76
C GLN TD 25 39.14 -81.15 -86.30
N ASP TD 26 38.20 -80.23 -86.10
CA ASP TD 26 37.79 -79.78 -84.77
C ASP TD 26 36.28 -79.69 -84.69
N GLY TD 27 35.71 -80.19 -83.59
CA GLY TD 27 34.32 -79.93 -83.28
C GLY TD 27 33.36 -80.37 -84.35
N TYR TD 28 33.54 -81.59 -84.86
CA TYR TD 28 32.65 -82.20 -85.84
C TYR TD 28 32.76 -81.52 -87.20
N THR TD 29 33.86 -80.79 -87.43
CA THR TD 29 34.07 -80.00 -88.63
C THR TD 29 35.37 -80.40 -89.31
N SER TD 30 35.43 -80.21 -90.62
CA SER TD 30 36.59 -80.55 -91.42
C SER TD 30 36.89 -79.43 -92.42
N GLU TD 31 38.16 -79.34 -92.81
CA GLU TD 31 38.64 -78.33 -93.76
C GLU TD 31 39.54 -78.98 -94.80
N TYR TD 32 39.50 -78.46 -96.01
CA TYR TD 32 40.37 -78.88 -97.11
C TYR TD 32 40.88 -77.63 -97.82
N TYR TD 33 42.13 -77.68 -98.31
CA TYR TD 33 42.74 -76.49 -98.91
C TYR TD 33 43.74 -76.90 -99.99
N LEU TD 34 43.95 -76.00 -100.97
CA LEU TD 34 44.92 -76.22 -102.04
C LEU TD 34 45.36 -74.90 -102.67
N PRO TD 35 46.62 -74.50 -102.56
CA PRO TD 35 47.06 -73.25 -103.20
C PRO TD 35 47.59 -73.48 -104.62
N GLU TD 36 47.53 -72.41 -105.40
CA GLU TD 36 47.95 -72.45 -106.81
C GLU TD 36 48.53 -71.09 -107.17
N THR TD 37 48.92 -70.95 -108.45
CA THR TD 37 49.63 -69.74 -108.88
C THR TD 37 48.72 -68.51 -108.81
N SER TD 38 47.46 -68.64 -109.24
CA SER TD 38 46.57 -67.49 -109.33
C SER TD 38 45.25 -67.68 -108.60
N SER TD 39 45.05 -68.78 -107.89
CA SER TD 39 43.81 -68.97 -107.14
C SER TD 39 44.02 -70.09 -106.13
N SER TD 40 42.99 -70.32 -105.31
CA SER TD 40 43.05 -71.32 -104.26
C SER TD 40 41.67 -71.93 -104.10
N PHE TD 41 41.62 -73.11 -103.48
CA PHE TD 41 40.38 -73.80 -103.20
C PHE TD 41 40.31 -74.17 -101.72
N ARG TD 42 39.08 -74.28 -101.24
CA ARG TD 42 38.81 -74.58 -99.84
C ARG TD 42 37.44 -75.24 -99.73
N ALA TD 43 37.32 -76.22 -98.84
CA ALA TD 43 36.05 -76.88 -98.57
C ALA TD 43 35.90 -77.11 -97.07
N LYS TD 44 34.66 -77.09 -96.62
CA LYS TD 44 34.33 -77.26 -95.20
C LYS TD 44 33.14 -78.19 -95.07
N VAL TD 45 33.10 -78.91 -93.94
CA VAL TD 45 32.00 -79.80 -93.61
C VAL TD 45 31.64 -79.60 -92.13
N ARG TD 46 30.36 -79.38 -91.85
CA ARG TD 46 29.91 -79.15 -90.48
C ARG TD 46 28.64 -79.95 -90.21
N HIS TD 47 28.43 -80.26 -88.92
CA HIS TD 47 27.22 -80.90 -88.43
C HIS TD 47 26.81 -80.22 -87.13
N THR TD 48 25.51 -80.02 -86.91
CA THR TD 48 25.05 -79.37 -85.69
C THR TD 48 23.60 -79.73 -85.37
N LYS TD 49 23.22 -79.51 -84.11
CA LYS TD 49 21.85 -79.57 -83.63
C LYS TD 49 21.25 -78.16 -83.60
N GLU TD 50 20.08 -78.04 -82.98
CA GLU TD 50 19.50 -76.74 -82.63
C GLU TD 50 19.30 -76.64 -81.12
N SER TD 51 19.10 -75.40 -80.66
CA SER TD 51 18.74 -75.18 -79.27
C SER TD 51 17.38 -75.79 -78.97
N VAL TD 52 17.26 -76.42 -77.80
CA VAL TD 52 16.03 -77.11 -77.43
C VAL TD 52 15.17 -76.18 -76.60
N LYS TD 53 13.86 -76.30 -76.76
CA LYS TD 53 12.93 -75.61 -75.87
C LYS TD 53 11.56 -76.28 -76.02
N PRO TD 54 10.66 -76.05 -75.06
CA PRO TD 54 9.69 -77.10 -74.70
C PRO TD 54 8.81 -77.55 -75.86
N ASN TD 55 8.44 -78.83 -75.83
CA ASN TD 55 7.47 -79.50 -76.70
C ASN TD 55 7.59 -79.10 -78.17
N GLN TD 56 8.74 -79.36 -78.78
CA GLN TD 56 8.90 -79.34 -80.23
C GLN TD 56 9.70 -80.55 -80.69
N VAL TD 57 9.65 -80.78 -82.00
CA VAL TD 57 10.55 -81.73 -82.65
C VAL TD 57 11.97 -81.19 -82.61
N GLN TD 58 12.93 -82.08 -82.46
CA GLN TD 58 14.35 -81.73 -82.45
C GLN TD 58 14.97 -82.07 -83.80
N TYR TD 59 15.88 -81.22 -84.26
CA TYR TD 59 16.31 -81.21 -85.65
C TYR TD 59 17.82 -81.40 -85.79
N GLU TD 60 18.24 -81.76 -87.00
CA GLU TD 60 19.62 -81.97 -87.38
C GLU TD 60 20.00 -81.07 -88.54
N ARG TD 61 21.29 -80.93 -88.80
CA ARG TD 61 21.79 -80.05 -89.86
C ARG TD 61 23.10 -80.59 -90.41
N HIS TD 62 23.17 -80.80 -91.73
CA HIS TD 62 24.41 -81.12 -92.41
C HIS TD 62 24.69 -80.06 -93.46
N ASN TD 63 25.91 -79.52 -93.46
CA ASN TD 63 26.28 -78.40 -94.32
C ASN TD 63 27.56 -78.73 -95.06
N VAL TD 64 27.59 -78.40 -96.36
CA VAL TD 64 28.76 -78.58 -97.21
C VAL TD 64 28.88 -77.37 -98.12
N GLU TD 65 30.09 -76.81 -98.22
CA GLU TD 65 30.31 -75.60 -99.00
C GLU TD 65 31.62 -75.69 -99.76
N PHE TD 66 31.64 -75.09 -100.94
CA PHE TD 66 32.84 -74.94 -101.76
C PHE TD 66 33.14 -73.46 -101.90
N THR TD 67 34.40 -73.08 -101.70
CA THR TD 67 34.82 -71.69 -101.75
C THR TD 67 36.02 -71.57 -102.68
N GLU TD 68 36.04 -70.50 -103.49
CA GLU TD 68 37.10 -70.27 -104.46
C GLU TD 68 37.47 -68.80 -104.43
N THR TD 69 38.77 -68.50 -104.36
CA THR TD 69 39.25 -67.12 -104.27
C THR TD 69 40.28 -66.85 -105.35
N VAL TD 70 40.28 -65.61 -105.85
CA VAL TD 70 41.19 -65.15 -106.89
C VAL TD 70 41.91 -63.92 -106.37
N TYR TD 71 43.24 -63.94 -106.45
CA TYR TD 71 44.03 -62.84 -105.90
C TYR TD 71 44.01 -61.63 -106.82
N ALA TD 72 44.33 -60.47 -106.24
CA ALA TD 72 44.26 -59.22 -106.97
C ALA TD 72 45.23 -59.23 -108.15
N SER TD 73 44.81 -58.62 -109.25
CA SER TD 73 45.61 -58.53 -110.46
C SER TD 73 45.35 -57.19 -111.12
N GLY TD 74 46.40 -56.37 -111.23
CA GLY TD 74 46.23 -55.05 -111.80
C GLY TD 74 45.29 -54.21 -110.96
N SER TD 75 44.32 -53.56 -111.62
CA SER TD 75 43.36 -52.74 -110.90
C SER TD 75 42.30 -53.56 -110.18
N THR TD 76 41.96 -54.74 -110.71
CA THR TD 76 40.88 -55.54 -110.14
C THR TD 76 41.28 -56.09 -108.79
N PRO TD 77 40.51 -55.82 -107.71
CA PRO TD 77 40.85 -56.39 -106.41
C PRO TD 77 40.45 -57.85 -106.27
N GLU TD 78 40.60 -58.40 -105.07
CA GLU TD 78 40.26 -59.79 -104.81
C GLU TD 78 38.77 -60.01 -104.94
N PHE TD 79 38.38 -61.25 -105.26
CA PHE TD 79 36.98 -61.65 -105.17
C PHE TD 79 36.90 -63.16 -105.07
N VAL TD 80 35.72 -63.64 -104.67
CA VAL TD 80 35.52 -65.03 -104.28
C VAL TD 80 34.35 -65.62 -105.04
N ARG TD 81 34.30 -66.95 -105.08
CA ARG TD 81 33.16 -67.70 -105.60
C ARG TD 81 32.82 -68.82 -104.64
N GLN TD 82 31.54 -68.99 -104.35
CA GLN TD 82 31.08 -69.88 -103.29
C GLN TD 82 29.87 -70.68 -103.78
N ALA TD 83 29.66 -71.84 -103.17
CA ALA TD 83 28.48 -72.67 -103.46
C ALA TD 83 28.33 -73.75 -102.40
N TYR TD 84 27.16 -73.83 -101.76
CA TYR TD 84 27.00 -74.69 -100.59
C TYR TD 84 25.57 -75.22 -100.52
N VAL TD 85 25.41 -76.33 -99.79
CA VAL TD 85 24.13 -76.97 -99.60
C VAL TD 85 23.93 -77.27 -98.12
N VAL TD 86 22.67 -77.24 -97.67
CA VAL TD 86 22.30 -77.52 -96.30
C VAL TD 86 21.16 -78.53 -96.30
N ILE TD 87 21.21 -79.49 -95.37
CA ILE TD 87 20.18 -80.50 -95.21
C ILE TD 87 19.69 -80.44 -93.77
N ARG TD 88 18.36 -80.41 -93.59
CA ARG TD 88 17.75 -80.35 -92.27
C ARG TD 88 16.66 -81.41 -92.18
N HIS TD 89 16.64 -82.14 -91.07
CA HIS TD 89 15.65 -83.18 -90.83
C HIS TD 89 15.69 -83.54 -89.36
N LYS TD 90 14.69 -84.30 -88.92
CA LYS TD 90 14.43 -84.49 -87.51
C LYS TD 90 15.19 -85.70 -86.97
N VAL TD 91 15.53 -85.62 -85.68
CA VAL TD 91 16.25 -86.70 -85.03
C VAL TD 91 15.40 -87.95 -85.01
N GLY TD 92 16.00 -89.08 -85.37
CA GLY TD 92 15.30 -90.34 -85.43
C GLY TD 92 14.51 -90.57 -86.69
N ASP TD 93 14.56 -89.65 -87.66
CA ASP TD 93 13.83 -89.84 -88.90
C ASP TD 93 14.47 -90.97 -89.71
N VAL TD 94 13.75 -91.40 -90.75
CA VAL TD 94 14.20 -92.50 -91.60
C VAL TD 94 15.20 -91.96 -92.62
N SER TD 95 16.38 -92.58 -92.68
CA SER TD 95 17.49 -92.03 -93.45
C SER TD 95 17.25 -92.11 -94.96
N ALA TD 96 16.65 -93.20 -95.44
CA ALA TD 96 16.54 -93.39 -96.89
C ALA TD 96 15.73 -92.28 -97.54
N THR TD 97 14.64 -91.86 -96.90
CA THR TD 97 13.84 -90.78 -97.45
C THR TD 97 14.62 -89.47 -97.43
N VAL TD 98 15.35 -89.20 -96.34
CA VAL TD 98 16.11 -87.96 -96.24
C VAL TD 98 17.20 -87.93 -97.30
N SER TD 99 17.63 -89.10 -97.79
CA SER TD 99 18.62 -89.12 -98.86
C SER TD 99 17.95 -88.99 -100.22
N ASP TD 100 16.83 -89.70 -100.43
CA ASP TD 100 16.11 -89.59 -101.70
C ASP TD 100 15.75 -88.14 -101.99
N LEU TD 101 15.21 -87.44 -100.99
CA LEU TD 101 15.24 -85.99 -101.04
C LEU TD 101 16.66 -85.53 -100.77
N GLY TD 102 17.06 -84.46 -101.44
CA GLY TD 102 18.47 -84.11 -101.47
C GLY TD 102 19.15 -84.68 -102.69
N GLU TD 103 19.08 -86.00 -102.91
CA GLU TD 103 19.60 -86.53 -104.17
C GLU TD 103 18.69 -86.15 -105.34
N ALA TD 104 17.38 -86.02 -105.10
CA ALA TD 104 16.50 -85.47 -106.12
C ALA TD 104 16.92 -84.05 -106.48
N LEU TD 105 17.22 -83.23 -105.47
CA LEU TD 105 17.68 -81.88 -105.72
C LEU TD 105 18.99 -81.89 -106.50
N SER TD 106 19.90 -82.79 -106.14
CA SER TD 106 21.15 -82.90 -106.88
C SER TD 106 20.90 -83.25 -108.34
N PHE TD 107 19.95 -84.15 -108.60
CA PHE TD 107 19.62 -84.51 -109.98
C PHE TD 107 19.02 -83.33 -110.72
N TYR TD 108 18.22 -82.50 -110.05
CA TYR TD 108 17.54 -81.40 -110.73
C TYR TD 108 18.53 -80.40 -111.32
N LEU TD 109 19.54 -80.00 -110.54
CA LEU TD 109 20.43 -78.93 -110.97
C LEU TD 109 21.40 -79.43 -112.03
N ASN TD 110 21.62 -78.61 -113.06
CA ASN TD 110 22.56 -78.93 -114.12
C ASN TD 110 22.89 -77.63 -114.88
N GLU TD 111 23.54 -77.77 -116.03
CA GLU TD 111 24.00 -76.61 -116.79
C GLU TD 111 22.87 -75.64 -117.06
N ALA TD 112 21.75 -76.14 -117.61
CA ALA TD 112 20.66 -75.25 -117.97
C ALA TD 112 20.15 -74.47 -116.76
N LEU TD 113 19.97 -75.14 -115.63
CA LEU TD 113 19.44 -74.46 -114.46
C LEU TD 113 20.37 -73.35 -114.01
N TYR TD 114 21.65 -73.64 -113.85
CA TYR TD 114 22.59 -72.60 -113.43
C TYR TD 114 22.59 -71.44 -114.40
N GLY TD 115 22.48 -71.71 -115.70
CA GLY TD 115 22.31 -70.64 -116.66
C GLY TD 115 21.09 -69.79 -116.36
N LYS TD 116 19.97 -70.45 -116.04
CA LYS TD 116 18.74 -69.71 -115.75
C LYS TD 116 18.91 -68.82 -114.54
N LEU TD 117 19.49 -69.35 -113.46
CA LEU TD 117 19.67 -68.52 -112.27
C LEU TD 117 20.60 -67.34 -112.54
N ILE TD 118 21.69 -67.56 -113.28
CA ILE TD 118 22.55 -66.44 -113.62
C ILE TD 118 21.78 -65.43 -114.48
N GLY TD 119 20.79 -65.90 -115.23
CA GLY TD 119 19.92 -65.01 -115.96
C GLY TD 119 18.85 -64.31 -115.14
N TRP TD 120 18.77 -64.60 -113.84
CA TRP TD 120 17.78 -64.07 -112.91
C TRP TD 120 16.37 -64.59 -113.15
N GLU TD 121 16.20 -65.57 -114.04
CA GLU TD 121 14.89 -66.16 -114.25
C GLU TD 121 14.45 -66.92 -113.01
N SER TD 122 13.17 -66.81 -112.67
CA SER TD 122 12.61 -67.52 -111.52
C SER TD 122 11.44 -68.40 -111.95
N ALA UD 1 46.33 -91.28 -83.01
CA ALA UD 1 46.78 -91.70 -84.38
C ALA UD 1 46.58 -93.20 -84.58
N LEU UD 2 45.56 -93.75 -83.91
CA LEU UD 2 45.34 -95.19 -83.96
C LEU UD 2 45.05 -95.66 -85.37
N GLY UD 3 44.26 -94.92 -86.11
CA GLY UD 3 43.84 -95.33 -87.44
C GLY UD 3 42.47 -94.73 -87.75
N ASP UD 4 42.06 -94.93 -89.00
CA ASP UD 4 40.82 -94.35 -89.47
C ASP UD 4 39.58 -95.16 -89.09
N THR UD 5 39.75 -96.40 -88.62
CA THR UD 5 38.64 -97.21 -88.15
C THR UD 5 39.02 -97.89 -86.84
N LEU UD 6 38.09 -98.64 -86.29
CA LEU UD 6 38.31 -99.41 -85.07
C LEU UD 6 37.32 -100.56 -85.09
N THR UD 7 37.81 -101.78 -85.01
CA THR UD 7 36.99 -102.97 -85.12
C THR UD 7 36.78 -103.60 -83.75
N ILE UD 8 35.53 -103.89 -83.43
CA ILE UD 8 35.17 -104.61 -82.21
C ILE UD 8 34.40 -105.85 -82.60
N THR UD 9 34.82 -107.00 -82.07
CA THR UD 9 34.24 -108.29 -82.39
C THR UD 9 33.41 -108.74 -81.20
N LEU UD 10 32.08 -108.59 -81.32
CA LEU UD 10 31.20 -108.98 -80.23
C LEU UD 10 31.36 -110.46 -79.93
N GLY UD 11 31.44 -110.80 -78.64
CA GLY UD 11 31.62 -112.18 -78.25
C GLY UD 11 33.04 -112.69 -78.37
N GLY UD 12 34.03 -111.81 -78.23
CA GLY UD 12 35.41 -112.24 -78.27
C GLY UD 12 35.82 -112.74 -79.64
N SER UD 13 36.84 -113.59 -79.66
CA SER UD 13 37.36 -114.11 -80.92
C SER UD 13 36.31 -114.96 -81.63
N GLY UD 14 36.31 -114.88 -82.96
CA GLY UD 14 35.38 -115.66 -83.75
C GLY UD 14 33.95 -115.16 -83.73
N GLY UD 15 33.73 -113.89 -83.40
CA GLY UD 15 32.40 -113.34 -83.22
C GLY UD 15 31.93 -112.53 -84.42
N THR UD 16 31.14 -111.49 -84.13
CA THR UD 16 30.58 -110.60 -85.12
C THR UD 16 31.34 -109.28 -85.11
N ALA UD 17 31.78 -108.83 -86.27
CA ALA UD 17 32.63 -107.65 -86.38
C ALA UD 17 31.80 -106.39 -86.62
N LYS UD 18 32.21 -105.31 -85.96
CA LYS UD 18 31.61 -103.98 -86.15
C LYS UD 18 32.74 -102.98 -86.36
N VAL UD 19 32.55 -102.08 -87.32
CA VAL UD 19 33.61 -101.15 -87.75
C VAL UD 19 33.14 -99.73 -87.48
N LEU UD 20 33.59 -99.15 -86.37
CA LEU UD 20 33.30 -97.75 -86.07
C LEU UD 20 34.13 -96.84 -86.98
N ARG UD 21 33.93 -95.53 -86.82
CA ARG UD 21 34.47 -94.54 -87.73
C ARG UD 21 34.92 -93.31 -86.95
N LYS UD 22 35.86 -92.55 -87.52
CA LYS UD 22 36.25 -91.28 -86.91
C LYS UD 22 35.10 -90.29 -86.94
N ILE UD 23 34.94 -89.55 -85.84
CA ILE UD 23 34.00 -88.45 -85.75
C ILE UD 23 34.73 -87.18 -85.33
N ASN UD 24 35.49 -87.26 -84.24
CA ASN UD 24 36.05 -86.07 -83.63
C ASN UD 24 37.21 -86.44 -82.73
N GLN UD 25 38.14 -85.49 -82.57
CA GLN UD 25 39.17 -85.62 -81.54
C GLN UD 25 39.83 -84.25 -81.35
N ASP UD 26 39.61 -83.65 -80.18
CA ASP UD 26 40.20 -82.34 -79.88
C ASP UD 26 41.15 -82.39 -78.68
N GLY UD 27 40.69 -82.84 -77.53
CA GLY UD 27 41.50 -82.76 -76.32
C GLY UD 27 42.21 -84.05 -75.96
N TYR UD 28 43.07 -84.54 -76.85
CA TYR UD 28 43.74 -85.82 -76.66
C TYR UD 28 42.74 -86.95 -76.51
N THR UD 29 41.50 -86.72 -76.97
CA THR UD 29 40.37 -87.60 -76.76
C THR UD 29 39.77 -87.94 -78.11
N SER UD 30 39.63 -89.23 -78.40
CA SER UD 30 39.07 -89.72 -79.65
C SER UD 30 37.67 -90.27 -79.40
N GLU UD 31 36.74 -90.02 -80.32
CA GLU UD 31 35.38 -90.53 -80.21
C GLU UD 31 34.94 -91.12 -81.54
N TYR UD 32 34.42 -92.34 -81.50
CA TYR UD 32 34.04 -93.11 -82.67
C TYR UD 32 32.54 -93.37 -82.63
N TYR UD 33 31.93 -93.61 -83.79
CA TYR UD 33 30.50 -93.85 -83.82
C TYR UD 33 30.14 -94.73 -85.01
N LEU UD 34 28.99 -95.39 -84.90
CA LEU UD 34 28.40 -96.21 -85.97
C LEU UD 34 26.89 -96.27 -85.73
N PRO UD 35 26.06 -95.92 -86.71
CA PRO UD 35 24.62 -96.07 -86.54
C PRO UD 35 24.10 -97.40 -87.09
N GLU UD 36 22.98 -97.83 -86.52
CA GLU UD 36 22.31 -99.05 -86.94
C GLU UD 36 20.84 -98.96 -86.52
N THR UD 37 20.01 -99.77 -87.16
CA THR UD 37 18.56 -99.63 -87.00
C THR UD 37 18.13 -99.80 -85.55
N SER UD 38 18.57 -100.89 -84.90
CA SER UD 38 18.12 -101.18 -83.55
C SER UD 38 19.05 -100.65 -82.46
N SER UD 39 20.31 -100.33 -82.78
CA SER UD 39 21.25 -99.87 -81.77
C SER UD 39 22.33 -99.04 -82.44
N SER UD 40 23.26 -98.55 -81.63
CA SER UD 40 24.37 -97.73 -82.09
C SER UD 40 25.62 -98.13 -81.33
N PHE UD 41 26.78 -97.86 -81.93
CA PHE UD 41 28.07 -98.22 -81.35
C PHE UD 41 28.94 -96.98 -81.21
N ARG UD 42 29.64 -96.86 -80.07
CA ARG UD 42 30.52 -95.73 -79.81
C ARG UD 42 31.77 -96.24 -79.09
N ALA UD 43 32.93 -95.70 -79.45
CA ALA UD 43 34.18 -95.99 -78.75
C ALA UD 43 34.93 -94.69 -78.51
N LYS UD 44 35.47 -94.53 -77.29
CA LYS UD 44 36.07 -93.28 -76.83
C LYS UD 44 37.37 -93.56 -76.10
N VAL UD 45 38.28 -92.57 -76.14
CA VAL UD 45 39.59 -92.65 -75.52
C VAL UD 45 39.91 -91.31 -74.86
N ARG UD 46 40.57 -91.35 -73.71
CA ARG UD 46 41.02 -90.14 -73.04
C ARG UD 46 42.42 -90.31 -72.49
N HIS UD 47 43.09 -89.16 -72.30
CA HIS UD 47 44.33 -89.07 -71.55
C HIS UD 47 44.27 -87.84 -70.66
N THR UD 48 44.89 -87.92 -69.49
CA THR UD 48 44.80 -86.81 -68.55
C THR UD 48 45.84 -86.95 -67.43
N LYS UD 49 46.24 -85.81 -66.87
CA LYS UD 49 47.06 -85.76 -65.66
C LYS UD 49 46.19 -85.92 -64.41
N GLU UD 50 46.82 -86.37 -63.32
CA GLU UD 50 46.24 -86.20 -62.00
C GLU UD 50 46.61 -84.84 -61.42
N SER UD 51 45.88 -84.45 -60.38
CA SER UD 51 46.06 -83.12 -59.79
C SER UD 51 47.46 -82.97 -59.22
N VAL UD 52 48.05 -81.80 -59.44
CA VAL UD 52 49.43 -81.55 -59.03
C VAL UD 52 49.45 -81.17 -57.56
N LYS UD 53 50.01 -82.03 -56.74
CA LYS UD 53 50.14 -81.82 -55.32
C LYS UD 53 51.61 -81.75 -54.98
N PRO UD 54 52.10 -80.64 -54.41
CA PRO UD 54 53.54 -80.43 -54.44
C PRO UD 54 54.30 -81.44 -53.60
N ASN UD 55 55.55 -81.66 -54.00
CA ASN UD 55 56.42 -82.72 -53.48
C ASN UD 55 55.65 -84.03 -53.33
N GLN UD 56 54.89 -84.37 -54.38
CA GLN UD 56 54.22 -85.65 -54.52
C GLN UD 56 54.50 -86.19 -55.92
N VAL UD 57 54.34 -87.50 -56.07
CA VAL UD 57 54.64 -88.17 -57.33
C VAL UD 57 53.56 -87.85 -58.36
N GLN UD 58 53.99 -87.54 -59.58
CA GLN UD 58 53.07 -87.23 -60.67
C GLN UD 58 52.60 -88.52 -61.35
N TYR UD 59 51.33 -88.54 -61.74
CA TYR UD 59 50.68 -89.73 -62.27
C TYR UD 59 49.95 -89.42 -63.57
N GLU UD 60 49.83 -90.43 -64.42
CA GLU UD 60 49.10 -90.32 -65.68
C GLU UD 60 48.05 -91.42 -65.79
N ARG UD 61 46.90 -91.06 -66.35
CA ARG UD 61 45.75 -91.95 -66.49
C ARG UD 61 45.55 -92.29 -67.97
N HIS UD 62 44.92 -93.43 -68.22
CA HIS UD 62 44.56 -93.82 -69.58
C HIS UD 62 43.24 -94.58 -69.52
N ASN UD 63 42.25 -94.12 -70.29
CA ASN UD 63 40.89 -94.65 -70.23
C ASN UD 63 40.43 -95.06 -71.62
N VAL UD 64 39.73 -96.19 -71.70
CA VAL UD 64 39.12 -96.69 -72.93
C VAL UD 64 37.73 -97.18 -72.60
N GLU UD 65 36.75 -96.81 -73.43
CA GLU UD 65 35.33 -96.99 -73.08
C GLU UD 65 34.55 -97.46 -74.28
N PHE UD 66 33.66 -98.43 -74.05
CA PHE UD 66 32.71 -98.92 -75.03
C PHE UD 66 31.30 -98.71 -74.51
N THR UD 67 30.39 -98.28 -75.38
CA THR UD 67 29.01 -98.02 -75.01
C THR UD 67 28.08 -98.54 -76.10
N GLU UD 68 26.91 -99.02 -75.70
CA GLU UD 68 25.93 -99.55 -76.65
C GLU UD 68 24.53 -99.13 -76.22
N THR UD 69 23.79 -98.51 -77.13
CA THR UD 69 22.46 -97.98 -76.83
C THR UD 69 21.44 -98.62 -77.76
N VAL UD 70 20.30 -99.03 -77.20
CA VAL UD 70 19.21 -99.62 -77.96
C VAL UD 70 18.02 -98.68 -77.89
N TYR UD 71 17.43 -98.38 -79.04
CA TYR UD 71 16.36 -97.40 -79.10
C TYR UD 71 15.06 -97.98 -78.54
N ALA UD 72 14.21 -97.09 -78.04
CA ALA UD 72 12.99 -97.52 -77.37
C ALA UD 72 12.09 -98.27 -78.35
N SER UD 73 11.48 -99.35 -77.86
CA SER UD 73 10.60 -100.19 -78.66
C SER UD 73 9.36 -100.50 -77.83
N GLY UD 74 8.20 -100.09 -78.33
CA GLY UD 74 6.97 -100.31 -77.59
C GLY UD 74 7.04 -99.63 -76.24
N SER UD 75 6.65 -100.37 -75.20
CA SER UD 75 6.66 -99.83 -73.84
C SER UD 75 8.07 -99.76 -73.24
N THR UD 76 9.01 -100.55 -73.75
CA THR UD 76 10.34 -100.61 -73.15
C THR UD 76 11.13 -99.35 -73.48
N PRO UD 77 11.59 -98.58 -72.50
CA PRO UD 77 12.40 -97.41 -72.81
C PRO UD 77 13.80 -97.78 -73.25
N GLU UD 78 14.48 -96.81 -73.87
CA GLU UD 78 15.86 -96.99 -74.29
C GLU UD 78 16.78 -97.12 -73.08
N PHE UD 79 17.80 -97.97 -73.22
CA PHE UD 79 18.76 -98.21 -72.15
C PHE UD 79 20.14 -98.40 -72.77
N VAL UD 80 21.14 -98.57 -71.91
CA VAL UD 80 22.54 -98.57 -72.32
C VAL UD 80 23.26 -99.72 -71.62
N ARG UD 81 24.37 -100.15 -72.22
CA ARG UD 81 25.26 -101.15 -71.63
C ARG UD 81 26.68 -100.80 -72.05
N GLN UD 82 27.57 -100.63 -71.08
CA GLN UD 82 28.90 -100.10 -71.35
C GLN UD 82 29.95 -100.88 -70.56
N ALA UD 83 31.21 -100.69 -70.96
CA ALA UD 83 32.34 -101.37 -70.35
C ALA UD 83 33.62 -100.61 -70.69
N TYR UD 84 34.45 -100.37 -69.68
CA TYR UD 84 35.65 -99.55 -69.87
C TYR UD 84 36.76 -100.02 -68.95
N VAL UD 85 37.99 -99.65 -69.31
CA VAL UD 85 39.20 -99.99 -68.56
C VAL UD 85 39.99 -98.72 -68.32
N VAL UD 86 40.76 -98.72 -67.23
CA VAL UD 86 41.58 -97.59 -66.82
C VAL UD 86 42.95 -98.08 -66.42
N ILE UD 87 43.98 -97.31 -66.75
CA ILE UD 87 45.37 -97.62 -66.39
C ILE UD 87 45.97 -96.39 -65.73
N ARG UD 88 46.67 -96.59 -64.62
CA ARG UD 88 47.29 -95.50 -63.87
C ARG UD 88 48.74 -95.86 -63.60
N HIS UD 89 49.65 -94.94 -63.89
CA HIS UD 89 51.06 -95.14 -63.61
C HIS UD 89 51.75 -93.79 -63.53
N LYS UD 90 52.92 -93.77 -62.89
CA LYS UD 90 53.65 -92.54 -62.65
C LYS UD 90 54.40 -92.10 -63.89
N VAL UD 91 54.82 -90.83 -63.89
CA VAL UD 91 55.50 -90.25 -65.04
C VAL UD 91 56.93 -90.73 -65.06
N GLY UD 92 57.39 -91.13 -66.24
CA GLY UD 92 58.74 -91.62 -66.42
C GLY UD 92 58.93 -93.10 -66.14
N ASP UD 93 57.88 -93.81 -65.73
CA ASP UD 93 58.02 -95.23 -65.43
C ASP UD 93 58.38 -96.02 -66.68
N VAL UD 94 58.71 -97.28 -66.47
CA VAL UD 94 59.09 -98.16 -67.58
C VAL UD 94 57.83 -98.66 -68.26
N SER UD 95 57.73 -98.45 -69.57
CA SER UD 95 56.53 -98.81 -70.30
C SER UD 95 56.32 -100.32 -70.30
N ALA UD 96 57.40 -101.09 -70.43
CA ALA UD 96 57.28 -102.54 -70.55
C ALA UD 96 56.63 -103.14 -69.31
N THR UD 97 57.03 -102.69 -68.12
CA THR UD 97 56.47 -103.24 -66.89
C THR UD 97 54.98 -102.90 -66.76
N VAL UD 98 54.63 -101.64 -67.00
CA VAL UD 98 53.23 -101.24 -66.91
C VAL UD 98 52.39 -102.04 -67.90
N SER UD 99 52.93 -102.27 -69.11
CA SER UD 99 52.24 -103.12 -70.07
C SER UD 99 52.09 -104.54 -69.54
N ASP UD 100 53.14 -105.07 -68.91
CA ASP UD 100 53.06 -106.43 -68.36
C ASP UD 100 51.93 -106.55 -67.36
N LEU UD 101 51.76 -105.54 -66.51
CA LEU UD 101 50.61 -105.54 -65.60
C LEU UD 101 49.30 -105.49 -66.36
N GLY UD 102 49.26 -104.79 -67.50
CA GLY UD 102 48.01 -104.59 -68.20
C GLY UD 102 47.42 -105.89 -68.72
N GLU UD 103 48.26 -106.74 -69.33
CA GLU UD 103 47.75 -107.98 -69.92
C GLU UD 103 47.31 -108.99 -68.88
N ALA UD 104 47.57 -108.74 -67.59
CA ALA UD 104 47.01 -109.58 -66.54
C ALA UD 104 45.48 -109.54 -66.59
N LEU UD 105 44.91 -108.34 -66.68
CA LEU UD 105 43.46 -108.21 -66.76
C LEU UD 105 42.92 -108.91 -68.00
N SER UD 106 43.57 -108.70 -69.14
CA SER UD 106 43.07 -109.28 -70.39
C SER UD 106 43.03 -110.80 -70.32
N PHE UD 107 44.10 -111.41 -69.81
CA PHE UD 107 44.13 -112.87 -69.68
C PHE UD 107 43.16 -113.36 -68.62
N TYR UD 108 43.06 -112.66 -67.49
CA TYR UD 108 42.18 -113.08 -66.42
C TYR UD 108 40.71 -113.04 -66.84
N LEU UD 109 40.29 -111.96 -67.50
CA LEU UD 109 38.89 -111.78 -67.84
C LEU UD 109 38.56 -112.63 -69.07
N ASN UD 110 37.63 -113.57 -68.91
CA ASN UD 110 37.20 -114.43 -70.00
C ASN UD 110 35.71 -114.70 -69.84
N GLU UD 111 35.18 -115.59 -70.69
CA GLU UD 111 33.75 -115.85 -70.68
C GLU UD 111 33.28 -116.31 -69.31
N ALA UD 112 33.91 -117.36 -68.78
CA ALA UD 112 33.41 -117.96 -67.54
C ALA UD 112 33.43 -116.96 -66.39
N LEU UD 113 34.53 -116.21 -66.25
CA LEU UD 113 34.61 -115.30 -65.12
C LEU UD 113 33.69 -114.10 -65.29
N TYR UD 114 33.48 -113.64 -66.53
CA TYR UD 114 32.44 -112.65 -66.77
C TYR UD 114 31.09 -113.16 -66.30
N GLY UD 115 30.76 -114.42 -66.63
CA GLY UD 115 29.53 -115.01 -66.14
C GLY UD 115 29.46 -115.04 -64.62
N LYS UD 116 30.56 -115.40 -63.96
CA LYS UD 116 30.58 -115.38 -62.50
C LYS UD 116 30.28 -113.98 -61.99
N LEU UD 117 30.90 -112.95 -62.58
CA LEU UD 117 30.68 -111.59 -62.10
C LEU UD 117 29.23 -111.17 -62.25
N ILE UD 118 28.60 -111.51 -63.40
CA ILE UD 118 27.21 -111.13 -63.59
C ILE UD 118 26.34 -111.79 -62.52
N GLY UD 119 26.80 -112.90 -61.96
CA GLY UD 119 26.07 -113.60 -60.91
C GLY UD 119 26.19 -112.97 -59.53
N TRP UD 120 26.80 -111.78 -59.45
CA TRP UD 120 27.03 -111.05 -58.21
C TRP UD 120 28.01 -111.75 -57.27
N GLU UD 121 28.67 -112.81 -57.73
CA GLU UD 121 29.65 -113.49 -56.88
C GLU UD 121 30.81 -112.57 -56.57
N SER UD 122 31.23 -112.56 -55.30
CA SER UD 122 32.30 -111.67 -54.85
C SER UD 122 33.54 -112.47 -54.46
N ALA VD 1 11.03 -66.87 -116.58
CA ALA VD 1 10.57 -68.11 -117.27
C ALA VD 1 10.63 -69.31 -116.32
N LEU VD 2 11.47 -70.30 -116.64
CA LEU VD 2 11.65 -71.52 -115.86
C LEU VD 2 10.50 -72.50 -116.00
N GLY VD 3 9.48 -72.17 -116.79
CA GLY VD 3 8.35 -73.05 -116.98
C GLY VD 3 7.28 -72.86 -115.93
N ASP VD 4 6.05 -73.26 -116.28
CA ASP VD 4 4.95 -73.17 -115.33
C ASP VD 4 5.06 -74.26 -114.28
N THR VD 5 5.42 -75.47 -114.70
CA THR VD 5 5.51 -76.62 -113.80
C THR VD 5 6.95 -76.94 -113.45
N LEU VD 6 7.14 -77.42 -112.22
CA LEU VD 6 8.43 -77.83 -111.70
C LEU VD 6 8.33 -79.29 -111.30
N THR VD 7 9.28 -80.11 -111.77
CA THR VD 7 9.25 -81.55 -111.56
C THR VD 7 10.29 -81.96 -110.53
N ILE VD 8 9.87 -82.73 -109.54
CA ILE VD 8 10.75 -83.35 -108.57
C ILE VD 8 10.68 -84.85 -108.77
N THR VD 9 11.83 -85.47 -109.01
CA THR VD 9 11.93 -86.92 -109.15
C THR VD 9 12.54 -87.45 -107.86
N LEU VD 10 11.69 -87.71 -106.87
CA LEU VD 10 12.17 -88.20 -105.58
C LEU VD 10 12.96 -89.48 -105.79
N GLY VD 11 14.10 -89.57 -105.10
CA GLY VD 11 14.99 -90.70 -105.29
C GLY VD 11 15.92 -90.58 -106.47
N GLY VD 12 16.21 -89.37 -106.92
CA GLY VD 12 17.14 -89.20 -108.01
C GLY VD 12 16.56 -89.70 -109.32
N SER VD 13 17.47 -89.92 -110.27
CA SER VD 13 17.06 -90.38 -111.60
C SER VD 13 16.44 -91.77 -111.50
N GLY VD 14 15.36 -91.97 -112.24
CA GLY VD 14 14.65 -93.24 -112.24
C GLY VD 14 13.65 -93.44 -111.12
N GLY VD 15 13.39 -92.42 -110.32
CA GLY VD 15 12.51 -92.52 -109.17
C GLY VD 15 11.08 -92.13 -109.46
N THR VD 16 10.41 -91.62 -108.43
CA THR VD 16 9.03 -91.18 -108.53
C THR VD 16 8.97 -89.70 -108.85
N ALA VD 17 8.14 -89.34 -109.83
CA ALA VD 17 8.04 -87.96 -110.32
C ALA VD 17 6.85 -87.26 -109.67
N LYS VD 18 7.09 -86.06 -109.15
CA LYS VD 18 6.05 -85.17 -108.65
C LYS VD 18 6.11 -83.87 -109.45
N VAL VD 19 4.95 -83.30 -109.75
CA VAL VD 19 4.84 -82.12 -110.61
C VAL VD 19 4.15 -81.02 -109.81
N LEU VD 20 4.92 -80.02 -109.40
CA LEU VD 20 4.36 -78.85 -108.72
C LEU VD 20 3.92 -77.81 -109.75
N ARG VD 21 3.17 -76.81 -109.26
CA ARG VD 21 2.66 -75.74 -110.10
C ARG VD 21 2.95 -74.40 -109.46
N LYS VD 22 3.28 -73.41 -110.29
CA LYS VD 22 3.50 -72.05 -109.77
C LYS VD 22 2.19 -71.45 -109.32
N ILE VD 23 2.22 -70.73 -108.20
CA ILE VD 23 1.02 -70.19 -107.58
C ILE VD 23 1.22 -68.74 -107.15
N ASN VD 24 2.46 -68.26 -107.19
CA ASN VD 24 2.75 -66.90 -106.76
C ASN VD 24 4.05 -66.44 -107.40
N GLN VD 25 4.26 -65.12 -107.39
CA GLN VD 25 5.53 -64.54 -107.81
C GLN VD 25 5.61 -63.12 -107.27
N ASP VD 26 6.54 -62.89 -106.34
CA ASP VD 26 6.71 -61.57 -105.74
C ASP VD 26 8.14 -61.40 -105.29
N GLY VD 27 8.59 -60.14 -105.33
CA GLY VD 27 9.88 -59.80 -104.75
C GLY VD 27 11.03 -60.58 -105.31
N TYR VD 28 11.02 -60.83 -106.62
CA TYR VD 28 12.11 -61.54 -107.31
C TYR VD 28 12.15 -63.02 -106.91
N THR VD 29 11.01 -63.55 -106.46
CA THR VD 29 10.91 -64.91 -105.97
C THR VD 29 9.77 -65.63 -106.67
N SER VD 30 9.86 -66.96 -106.69
CA SER VD 30 8.81 -67.82 -107.23
C SER VD 30 8.53 -68.95 -106.26
N GLU VD 31 7.30 -69.47 -106.28
CA GLU VD 31 6.88 -70.49 -105.34
C GLU VD 31 6.06 -71.54 -106.08
N TYR VD 32 6.25 -72.81 -105.73
CA TYR VD 32 5.55 -73.93 -106.36
C TYR VD 32 4.90 -74.79 -105.28
N TYR VD 33 3.77 -75.40 -105.62
CA TYR VD 33 2.95 -76.12 -104.63
C TYR VD 33 2.26 -77.32 -105.25
N LEU VD 34 1.87 -78.27 -104.38
CA LEU VD 34 1.15 -79.49 -104.74
C LEU VD 34 0.44 -80.07 -103.52
N PRO VD 35 -0.87 -80.33 -103.59
CA PRO VD 35 -1.55 -80.96 -102.45
C PRO VD 35 -1.41 -82.47 -102.42
N GLU VD 36 -1.38 -83.01 -101.21
CA GLU VD 36 -1.38 -84.45 -100.96
C GLU VD 36 -2.22 -84.72 -99.72
N THR VD 37 -2.77 -85.93 -99.65
CA THR VD 37 -3.64 -86.28 -98.53
C THR VD 37 -2.86 -86.37 -97.22
N SER VD 38 -1.59 -86.76 -97.27
CA SER VD 38 -0.79 -86.96 -96.07
C SER VD 38 0.44 -86.06 -95.97
N SER VD 39 0.76 -85.29 -97.01
CA SER VD 39 1.96 -84.46 -96.99
C SER VD 39 1.72 -83.27 -97.93
N SER VD 40 2.79 -82.55 -98.24
CA SER VD 40 2.71 -81.45 -99.20
C SER VD 40 4.11 -81.08 -99.66
N PHE VD 41 4.19 -80.52 -100.87
CA PHE VD 41 5.45 -80.12 -101.49
C PHE VD 41 5.47 -78.62 -101.71
N ARG VD 42 6.63 -78.01 -101.43
CA ARG VD 42 6.89 -76.61 -101.73
C ARG VD 42 8.13 -76.54 -102.61
N ALA VD 43 8.24 -75.46 -103.38
CA ALA VD 43 9.48 -75.13 -104.06
C ALA VD 43 9.56 -73.62 -104.20
N LYS VD 44 10.72 -73.05 -103.84
CA LYS VD 44 10.90 -71.60 -103.83
C LYS VD 44 12.22 -71.25 -104.49
N VAL VD 45 12.22 -70.18 -105.26
CA VAL VD 45 13.42 -69.62 -105.88
C VAL VD 45 13.53 -68.16 -105.48
N ARG VD 46 14.68 -67.77 -104.95
CA ARG VD 46 14.91 -66.41 -104.50
C ARG VD 46 16.19 -65.86 -105.12
N HIS VD 47 16.18 -64.56 -105.39
CA HIS VD 47 17.33 -63.82 -105.88
C HIS VD 47 17.54 -62.60 -105.00
N THR VD 48 18.80 -62.22 -104.79
CA THR VD 48 19.10 -61.06 -103.95
C THR VD 48 20.42 -60.45 -104.39
N LYS VD 49 20.53 -59.13 -104.19
CA LYS VD 49 21.73 -58.38 -104.49
C LYS VD 49 22.06 -57.45 -103.33
N GLU VD 50 23.31 -57.49 -102.86
CA GLU VD 50 23.73 -56.62 -101.78
C GLU VD 50 23.84 -55.17 -102.23
N SER VD 51 23.58 -54.26 -101.29
CA SER VD 51 23.67 -52.83 -101.59
C SER VD 51 25.11 -52.43 -101.89
N VAL VD 52 25.27 -51.17 -102.31
CA VAL VD 52 26.57 -50.63 -102.68
C VAL VD 52 27.23 -50.02 -101.45
N LYS VD 53 28.49 -50.36 -101.24
CA LYS VD 53 29.32 -49.80 -100.17
C LYS VD 53 30.43 -48.99 -100.83
N PRO VD 54 31.01 -48.02 -100.11
CA PRO VD 54 31.94 -47.09 -100.77
C PRO VD 54 33.02 -47.77 -101.57
N ASN VD 55 33.82 -48.65 -100.94
CA ASN VD 55 34.91 -49.36 -101.60
C ASN VD 55 34.85 -50.83 -101.18
N GLN VD 56 34.05 -51.62 -101.90
CA GLN VD 56 33.89 -53.04 -101.62
C GLN VD 56 33.40 -53.72 -102.88
N VAL VD 57 33.49 -55.04 -102.89
CA VAL VD 57 33.02 -55.83 -104.03
C VAL VD 57 31.55 -56.15 -103.85
N GLN VD 58 30.75 -55.91 -104.89
CA GLN VD 58 29.30 -56.12 -104.84
C GLN VD 58 28.97 -57.54 -105.27
N TYR VD 59 28.11 -58.21 -104.49
CA TYR VD 59 27.82 -59.62 -104.66
C TYR VD 59 26.31 -59.84 -104.79
N GLU VD 60 25.94 -60.97 -105.39
CA GLU VD 60 24.55 -61.38 -105.52
C GLU VD 60 24.39 -62.84 -105.13
N ARG VD 61 23.20 -63.18 -104.63
CA ARG VD 61 22.92 -64.49 -104.07
C ARG VD 61 21.80 -65.15 -104.86
N HIS VD 62 21.95 -66.45 -105.13
CA HIS VD 62 20.94 -67.26 -105.79
C HIS VD 62 20.64 -68.47 -104.92
N ASN VD 63 19.35 -68.72 -104.68
CA ASN VD 63 18.92 -69.74 -103.75
C ASN VD 63 17.82 -70.58 -104.36
N VAL VD 64 17.82 -71.87 -104.06
CA VAL VD 64 16.81 -72.81 -104.51
C VAL VD 64 16.47 -73.74 -103.35
N GLU VD 65 15.18 -73.94 -103.09
CA GLU VD 65 14.73 -74.54 -101.84
C GLU VD 65 13.65 -75.58 -102.07
N PHE VD 66 13.83 -76.74 -101.46
CA PHE VD 66 12.85 -77.82 -101.44
C PHE VD 66 12.45 -78.12 -100.00
N THR VD 67 11.16 -78.35 -99.78
CA THR VD 67 10.66 -78.62 -98.44
C THR VD 67 9.57 -79.69 -98.50
N GLU VD 68 9.52 -80.51 -97.45
CA GLU VD 68 8.52 -81.56 -97.30
C GLU VD 68 7.77 -81.34 -95.99
N THR VD 69 6.45 -81.45 -96.03
CA THR VD 69 5.62 -81.26 -94.85
C THR VD 69 4.73 -82.49 -94.67
N VAL VD 70 4.67 -83.00 -93.43
CA VAL VD 70 3.86 -84.16 -93.09
C VAL VD 70 2.91 -83.74 -91.98
N TYR VD 71 1.61 -83.87 -92.22
CA TYR VD 71 0.62 -83.44 -91.24
C TYR VD 71 0.63 -84.33 -90.01
N ALA VD 72 0.41 -83.72 -88.86
CA ALA VD 72 0.41 -84.45 -87.60
C ALA VD 72 -0.68 -85.52 -87.61
N SER VD 73 -0.31 -86.73 -87.20
CA SER VD 73 -1.25 -87.83 -87.13
C SER VD 73 -1.03 -88.58 -85.83
N GLY VD 74 -2.11 -88.83 -85.09
CA GLY VD 74 -1.99 -89.53 -83.83
C GLY VD 74 -1.11 -88.77 -82.85
N SER VD 75 -0.19 -89.49 -82.20
CA SER VD 75 0.67 -88.87 -81.21
C SER VD 75 1.78 -88.03 -81.87
N THR VD 76 2.27 -88.46 -83.02
CA THR VD 76 3.39 -87.77 -83.67
C THR VD 76 2.98 -86.37 -84.10
N PRO VD 77 3.68 -85.31 -83.66
CA PRO VD 77 3.29 -83.96 -84.07
C PRO VD 77 3.77 -83.59 -85.46
N GLU VD 78 3.59 -82.32 -85.82
CA GLU VD 78 4.00 -81.83 -87.13
C GLU VD 78 5.51 -81.89 -87.28
N PHE VD 79 5.96 -82.24 -88.48
CA PHE VD 79 7.39 -82.16 -88.79
C PHE VD 79 7.57 -82.06 -90.29
N VAL VD 80 8.76 -81.62 -90.70
CA VAL VD 80 9.07 -81.30 -92.09
C VAL VD 80 10.47 -81.78 -92.43
N ARG VD 81 10.73 -81.88 -93.74
CA ARG VD 81 12.06 -82.18 -94.27
C ARG VD 81 12.40 -81.17 -95.35
N GLN VD 82 13.68 -80.83 -95.47
CA GLN VD 82 14.10 -79.64 -96.21
C GLN VD 82 15.48 -79.89 -96.81
N ALA VD 83 15.77 -79.18 -97.91
CA ALA VD 83 17.09 -79.27 -98.53
C ALA VD 83 17.21 -78.18 -99.59
N TYR VD 84 18.29 -77.40 -99.54
CA TYR VD 84 18.40 -76.21 -100.37
C TYR VD 84 19.86 -75.91 -100.69
N VAL VD 85 20.05 -75.10 -101.73
CA VAL VD 85 21.38 -74.69 -102.19
C VAL VD 85 21.40 -73.17 -102.35
N VAL VD 86 22.61 -72.60 -102.27
CA VAL VD 86 22.84 -71.17 -102.41
C VAL VD 86 24.06 -70.94 -103.28
N ILE VD 87 24.03 -69.89 -104.09
CA ILE VD 87 25.13 -69.51 -104.96
C ILE VD 87 25.42 -68.03 -104.78
N ARG VD 88 26.70 -67.67 -104.70
CA ARG VD 88 27.09 -66.28 -104.49
C ARG VD 88 28.31 -65.96 -105.36
N HIS VD 89 28.24 -64.85 -106.07
CA HIS VD 89 29.30 -64.43 -106.98
C HIS VD 89 29.08 -62.96 -107.35
N LYS VD 90 30.14 -62.34 -107.88
CA LYS VD 90 30.16 -60.90 -108.04
C LYS VD 90 29.40 -60.46 -109.29
N VAL VD 91 29.05 -59.18 -109.32
CA VAL VD 91 28.07 -58.70 -110.30
C VAL VD 91 28.57 -58.89 -111.72
N GLY VD 92 29.84 -58.60 -111.97
CA GLY VD 92 30.36 -58.65 -113.32
C GLY VD 92 31.12 -59.91 -113.67
N ASP VD 93 31.00 -60.95 -112.85
CA ASP VD 93 31.78 -62.17 -113.07
C ASP VD 93 31.32 -62.85 -114.36
N VAL VD 94 32.10 -63.86 -114.77
CA VAL VD 94 31.78 -64.65 -115.96
C VAL VD 94 30.86 -65.80 -115.54
N SER VD 95 29.76 -65.97 -116.28
CA SER VD 95 28.75 -66.95 -115.90
C SER VD 95 29.28 -68.38 -115.98
N ALA VD 96 30.07 -68.67 -117.03
CA ALA VD 96 30.44 -70.06 -117.29
C ALA VD 96 31.24 -70.67 -116.15
N THR VD 97 32.15 -69.91 -115.55
CA THR VD 97 32.97 -70.47 -114.48
C THR VD 97 32.13 -70.76 -113.24
N VAL VD 98 31.22 -69.85 -112.88
CA VAL VD 98 30.34 -70.10 -111.76
C VAL VD 98 29.50 -71.34 -112.03
N SER VD 99 29.03 -71.48 -113.27
CA SER VD 99 28.27 -72.67 -113.64
C SER VD 99 29.12 -73.93 -113.49
N ASP VD 100 30.39 -73.88 -113.89
CA ASP VD 100 31.25 -75.04 -113.74
C ASP VD 100 31.44 -75.41 -112.27
N LEU VD 101 31.61 -74.42 -111.41
CA LEU VD 101 31.72 -74.69 -109.98
C LEU VD 101 30.44 -75.35 -109.46
N GLY VD 102 29.29 -74.85 -109.89
CA GLY VD 102 28.03 -75.45 -109.49
C GLY VD 102 27.89 -76.89 -109.97
N GLU VD 103 28.27 -77.16 -111.21
CA GLU VD 103 28.23 -78.52 -111.72
C GLU VD 103 29.14 -79.43 -110.92
N ALA VD 104 30.33 -78.94 -110.55
CA ALA VD 104 31.22 -79.73 -109.71
C ALA VD 104 30.57 -80.08 -108.39
N LEU VD 105 29.97 -79.08 -107.72
CA LEU VD 105 29.33 -79.35 -106.43
C LEU VD 105 28.20 -80.35 -106.59
N SER VD 106 27.38 -80.21 -107.62
CA SER VD 106 26.27 -81.14 -107.84
C SER VD 106 26.79 -82.55 -108.12
N PHE VD 107 27.85 -82.67 -108.91
CA PHE VD 107 28.38 -83.98 -109.27
C PHE VD 107 29.05 -84.67 -108.09
N TYR VD 108 29.64 -83.91 -107.17
CA TYR VD 108 30.26 -84.52 -106.00
C TYR VD 108 29.22 -85.18 -105.12
N LEU VD 109 28.04 -84.58 -104.98
CA LEU VD 109 26.99 -85.12 -104.12
C LEU VD 109 26.32 -86.30 -104.79
N ASN VD 110 26.05 -87.35 -104.02
CA ASN VD 110 25.35 -88.53 -104.56
C ASN VD 110 24.94 -89.44 -103.41
N GLU VD 111 24.27 -90.55 -103.77
CA GLU VD 111 23.61 -91.40 -102.78
C GLU VD 111 24.55 -91.86 -101.68
N ALA VD 112 25.68 -92.47 -102.05
CA ALA VD 112 26.58 -92.97 -101.03
C ALA VD 112 27.09 -91.82 -100.16
N LEU VD 113 27.38 -90.68 -100.78
CA LEU VD 113 27.92 -89.56 -100.00
C LEU VD 113 26.87 -88.96 -99.09
N TYR VD 114 25.61 -88.89 -99.52
CA TYR VD 114 24.57 -88.47 -98.61
C TYR VD 114 24.47 -89.45 -97.43
N GLY VD 115 24.52 -90.75 -97.72
CA GLY VD 115 24.50 -91.74 -96.65
C GLY VD 115 25.66 -91.57 -95.69
N LYS VD 116 26.81 -91.11 -96.19
CA LYS VD 116 27.94 -90.85 -95.31
C LYS VD 116 27.71 -89.58 -94.49
N LEU VD 117 27.23 -88.51 -95.12
CA LEU VD 117 27.02 -87.27 -94.39
C LEU VD 117 26.04 -87.46 -93.24
N ILE VD 118 24.99 -88.26 -93.46
CA ILE VD 118 24.09 -88.59 -92.35
C ILE VD 118 24.79 -89.43 -91.28
N GLY VD 119 26.01 -89.91 -91.54
CA GLY VD 119 26.76 -90.68 -90.56
C GLY VD 119 27.53 -89.88 -89.53
N TRP VD 120 27.49 -88.55 -89.61
CA TRP VD 120 28.11 -87.62 -88.65
C TRP VD 120 29.63 -87.59 -88.72
N GLU VD 121 30.27 -88.28 -89.66
CA GLU VD 121 31.70 -88.18 -89.80
C GLU VD 121 32.05 -86.99 -90.69
N SER VD 122 32.86 -86.08 -90.16
CA SER VD 122 33.14 -84.82 -90.83
C SER VD 122 34.12 -85.02 -91.98
N ALA WD 1 0.43 -57.02 -119.58
CA ALA WD 1 0.54 -58.30 -120.34
C ALA WD 1 1.05 -58.03 -121.75
N LEU WD 2 2.19 -57.36 -121.83
CA LEU WD 2 2.78 -56.97 -123.11
C LEU WD 2 3.41 -58.16 -123.84
N GLY WD 3 3.86 -59.18 -123.10
CA GLY WD 3 4.60 -60.29 -123.66
C GLY WD 3 5.63 -60.86 -122.71
N ASP WD 4 6.15 -62.04 -123.03
CA ASP WD 4 7.19 -62.67 -122.23
C ASP WD 4 8.59 -62.09 -122.51
N THR WD 5 8.78 -61.44 -123.65
CA THR WD 5 10.02 -60.77 -123.99
C THR WD 5 9.76 -59.35 -124.47
N LEU WD 6 10.76 -58.51 -124.26
CA LEU WD 6 10.77 -57.13 -124.72
C LEU WD 6 12.01 -56.96 -125.57
N THR WD 7 11.84 -56.41 -126.77
CA THR WD 7 12.91 -56.36 -127.74
C THR WD 7 13.41 -54.93 -127.87
N ILE WD 8 14.71 -54.76 -127.69
CA ILE WD 8 15.37 -53.46 -127.81
C ILE WD 8 16.28 -53.52 -129.02
N THR WD 9 16.07 -52.62 -129.97
CA THR WD 9 16.83 -52.58 -131.21
C THR WD 9 17.67 -51.31 -131.17
N LEU WD 10 18.93 -51.46 -130.77
CA LEU WD 10 19.80 -50.29 -130.65
C LEU WD 10 20.02 -49.66 -132.01
N GLY WD 11 20.20 -48.35 -132.02
CA GLY WD 11 20.27 -47.61 -133.27
C GLY WD 11 18.95 -47.59 -134.01
N GLY WD 12 17.84 -47.41 -133.30
CA GLY WD 12 16.55 -47.32 -133.96
C GLY WD 12 16.24 -48.57 -134.75
N SER WD 13 15.85 -48.38 -136.01
CA SER WD 13 15.56 -49.48 -136.91
C SER WD 13 16.82 -50.11 -137.50
N GLY WD 14 18.00 -49.76 -137.00
CA GLY WD 14 19.24 -50.31 -137.50
C GLY WD 14 19.36 -51.80 -137.32
N GLY WD 15 19.48 -52.25 -136.07
CA GLY WD 15 19.68 -53.67 -135.80
C GLY WD 15 20.11 -53.90 -134.37
N THR WD 16 20.81 -55.01 -134.16
CA THR WD 16 21.36 -55.39 -132.85
C THR WD 16 20.23 -55.51 -131.81
N ALA WD 17 19.36 -56.48 -132.07
CA ALA WD 17 18.21 -56.70 -131.19
C ALA WD 17 18.65 -57.39 -129.90
N LYS WD 18 18.03 -56.98 -128.79
CA LYS WD 18 18.23 -57.58 -127.47
C LYS WD 18 16.87 -58.00 -126.93
N VAL WD 19 16.78 -59.21 -126.38
CA VAL WD 19 15.51 -59.76 -125.92
C VAL WD 19 15.48 -60.00 -124.42
N LEU WD 20 14.94 -59.05 -123.66
CA LEU WD 20 14.86 -59.15 -122.21
C LEU WD 20 13.70 -60.07 -121.78
N ARG WD 21 13.76 -60.53 -120.53
CA ARG WD 21 12.86 -61.52 -119.94
C ARG WD 21 12.18 -60.91 -118.72
N LYS WD 22 11.01 -61.41 -118.30
CA LYS WD 22 10.52 -60.90 -117.03
C LYS WD 22 11.47 -61.33 -115.93
N ILE WD 23 11.68 -60.45 -114.95
CA ILE WD 23 12.35 -60.83 -113.73
C ILE WD 23 11.36 -60.63 -112.58
N ASN WD 24 10.46 -59.66 -112.72
CA ASN WD 24 9.56 -59.34 -111.62
C ASN WD 24 8.30 -58.70 -112.17
N GLN WD 25 7.25 -58.73 -111.35
CA GLN WD 25 5.99 -58.06 -111.70
C GLN WD 25 5.21 -57.84 -110.40
N ASP WD 26 5.12 -56.59 -109.95
CA ASP WD 26 4.37 -56.27 -108.75
C ASP WD 26 3.85 -54.84 -108.82
N GLY WD 27 2.65 -54.63 -108.29
CA GLY WD 27 2.08 -53.30 -108.20
C GLY WD 27 1.88 -52.61 -109.54
N TYR WD 28 1.39 -53.35 -110.54
CA TYR WD 28 1.19 -52.81 -111.88
C TYR WD 28 2.51 -52.33 -112.47
N THR WD 29 3.60 -53.04 -112.17
CA THR WD 29 4.91 -52.73 -112.69
C THR WD 29 5.54 -53.99 -113.27
N SER WD 30 6.63 -53.82 -114.01
CA SER WD 30 7.26 -54.94 -114.68
C SER WD 30 8.77 -54.73 -114.72
N GLU WD 31 9.51 -55.84 -114.63
CA GLU WD 31 10.96 -55.86 -114.71
C GLU WD 31 11.39 -56.67 -115.91
N TYR WD 32 12.32 -56.13 -116.69
CA TYR WD 32 12.96 -56.86 -117.78
C TYR WD 32 14.46 -56.73 -117.61
N TYR WD 33 15.20 -57.80 -117.91
CA TYR WD 33 16.64 -57.80 -117.70
C TYR WD 33 17.31 -58.79 -118.64
N LEU WD 34 18.58 -58.52 -118.93
CA LEU WD 34 19.42 -59.47 -119.67
C LEU WD 34 20.89 -59.08 -119.55
N PRO WD 35 21.77 -59.95 -119.02
CA PRO WD 35 23.18 -59.60 -118.90
C PRO WD 35 24.02 -60.04 -120.09
N GLU WD 36 25.14 -59.37 -120.32
CA GLU WD 36 26.08 -59.75 -121.38
C GLU WD 36 27.49 -59.84 -120.81
N THR WD 37 28.48 -60.04 -121.69
CA THR WD 37 29.85 -60.19 -121.21
C THR WD 37 30.37 -58.90 -120.57
N SER WD 38 30.04 -57.74 -121.17
CA SER WD 38 30.57 -56.48 -120.70
C SER WD 38 29.52 -55.49 -120.23
N SER WD 39 28.23 -55.79 -120.38
CA SER WD 39 27.19 -54.88 -119.92
C SER WD 39 25.88 -55.66 -119.74
N SER WD 40 24.81 -54.95 -119.40
CA SER WD 40 23.50 -55.53 -119.13
C SER WD 40 22.44 -54.50 -119.46
N PHE WD 41 21.23 -54.98 -119.72
CA PHE WD 41 20.08 -54.13 -120.04
C PHE WD 41 18.95 -54.38 -119.05
N ARG WD 42 18.22 -53.32 -118.72
CA ARG WD 42 17.10 -53.35 -117.79
C ARG WD 42 15.97 -52.49 -118.36
N ALA WD 43 14.74 -52.99 -118.27
CA ALA WD 43 13.56 -52.24 -118.72
C ALA WD 43 12.52 -52.23 -117.61
N LYS WD 44 11.79 -51.11 -117.51
CA LYS WD 44 10.88 -50.90 -116.40
C LYS WD 44 9.61 -50.25 -116.91
N VAL WD 45 8.45 -50.65 -116.36
CA VAL WD 45 7.17 -50.05 -116.69
C VAL WD 45 6.38 -49.83 -115.40
N ARG WD 46 5.76 -48.66 -115.27
CA ARG WD 46 4.96 -48.32 -114.11
C ARG WD 46 3.67 -47.63 -114.52
N HIS WD 47 2.66 -47.75 -113.66
CA HIS WD 47 1.44 -46.96 -113.71
C HIS WD 47 1.11 -46.49 -112.30
N THR WD 48 0.45 -45.33 -112.18
CA THR WD 48 0.14 -44.82 -110.85
C THR WD 48 -0.88 -43.71 -110.94
N LYS WD 49 -1.60 -43.51 -109.83
CA LYS WD 49 -2.46 -42.37 -109.59
C LYS WD 49 -1.69 -41.27 -108.87
N GLU WD 50 -2.33 -40.12 -108.72
CA GLU WD 50 -1.84 -39.06 -107.83
C GLU WD 50 -2.78 -38.92 -106.64
N SER WD 51 -2.25 -38.38 -105.55
CA SER WD 51 -3.01 -38.28 -104.32
C SER WD 51 -4.27 -37.44 -104.53
N VAL WD 52 -5.38 -37.92 -104.00
CA VAL WD 52 -6.65 -37.23 -104.19
C VAL WD 52 -6.62 -35.91 -103.44
N LYS WD 53 -7.30 -34.91 -103.99
CA LYS WD 53 -7.41 -33.59 -103.42
C LYS WD 53 -8.87 -33.20 -103.31
N PRO WD 54 -9.19 -32.23 -102.45
CA PRO WD 54 -10.62 -31.89 -102.25
C PRO WD 54 -11.35 -31.52 -103.52
N ASN WD 55 -10.84 -30.55 -104.29
CA ASN WD 55 -11.57 -30.04 -105.45
C ASN WD 55 -10.74 -29.92 -106.72
N GLN WD 56 -9.48 -30.32 -106.71
CA GLN WD 56 -8.66 -30.30 -107.92
C GLN WD 56 -8.85 -31.58 -108.72
N VAL WD 57 -8.46 -31.53 -110.00
CA VAL WD 57 -8.69 -32.65 -110.90
C VAL WD 57 -7.81 -33.84 -110.52
N GLN WD 58 -8.28 -35.03 -110.88
CA GLN WD 58 -7.55 -36.27 -110.64
C GLN WD 58 -6.84 -36.71 -111.92
N TYR WD 59 -5.59 -37.15 -111.78
CA TYR WD 59 -4.74 -37.49 -112.90
C TYR WD 59 -4.17 -38.90 -112.75
N GLU WD 60 -3.74 -39.48 -113.86
CA GLU WD 60 -3.00 -40.72 -113.87
C GLU WD 60 -1.74 -40.56 -114.70
N ARG WD 61 -0.67 -41.26 -114.29
CA ARG WD 61 0.67 -41.06 -114.82
C ARG WD 61 1.24 -42.38 -115.29
N HIS WD 62 1.92 -42.37 -116.44
CA HIS WD 62 2.60 -43.53 -116.96
C HIS WD 62 4.00 -43.15 -117.44
N ASN WD 63 4.91 -44.14 -117.43
CA ASN WD 63 6.28 -43.91 -117.84
C ASN WD 63 6.91 -45.24 -118.25
N VAL WD 64 7.94 -45.14 -119.09
CA VAL WD 64 8.74 -46.28 -119.52
C VAL WD 64 10.20 -45.85 -119.51
N GLU WD 65 11.08 -46.77 -119.11
CA GLU WD 65 12.47 -46.43 -118.85
C GLU WD 65 13.39 -47.54 -119.34
N PHE WD 66 14.47 -47.13 -120.01
CA PHE WD 66 15.55 -48.02 -120.39
C PHE WD 66 16.83 -47.62 -119.65
N THR WD 67 17.67 -48.62 -119.37
CA THR WD 67 18.90 -48.39 -118.61
C THR WD 67 19.93 -49.41 -119.04
N GLU WD 68 21.18 -48.95 -119.19
CA GLU WD 68 22.31 -49.82 -119.47
C GLU WD 68 23.45 -49.51 -118.51
N THR WD 69 24.10 -50.55 -118.01
CA THR WD 69 25.24 -50.42 -117.10
C THR WD 69 26.43 -51.15 -117.71
N VAL WD 70 27.59 -50.52 -117.67
CA VAL WD 70 28.84 -51.10 -118.18
C VAL WD 70 29.77 -51.32 -116.99
N TYR WD 71 30.24 -52.55 -116.84
CA TYR WD 71 31.05 -52.90 -115.68
C TYR WD 71 32.44 -52.26 -115.76
N ALA WD 72 32.99 -51.97 -114.59
CA ALA WD 72 34.27 -51.26 -114.51
C ALA WD 72 35.37 -52.05 -115.21
N SER WD 73 36.22 -51.32 -115.93
CA SER WD 73 37.34 -51.91 -116.65
C SER WD 73 38.56 -51.02 -116.47
N GLY WD 74 39.73 -51.64 -116.28
CA GLY WD 74 40.93 -50.87 -116.06
C GLY WD 74 40.78 -50.00 -114.84
N SER WD 75 41.15 -48.73 -114.98
CA SER WD 75 40.96 -47.74 -113.93
C SER WD 75 39.66 -46.97 -114.06
N THR WD 76 38.86 -47.25 -115.09
CA THR WD 76 37.57 -46.58 -115.26
C THR WD 76 36.53 -47.23 -114.37
N PRO WD 77 35.83 -46.47 -113.52
CA PRO WD 77 34.79 -47.07 -112.68
C PRO WD 77 33.56 -47.48 -113.49
N GLU WD 78 32.51 -47.91 -112.78
CA GLU WD 78 31.26 -48.34 -113.41
C GLU WD 78 30.38 -47.13 -113.66
N PHE WD 79 29.67 -47.14 -114.79
CA PHE WD 79 28.72 -46.09 -115.12
C PHE WD 79 27.62 -46.66 -115.99
N VAL WD 80 26.52 -45.91 -116.10
CA VAL WD 80 25.30 -46.38 -116.72
C VAL WD 80 24.80 -45.35 -117.74
N ARG WD 81 23.92 -45.82 -118.62
CA ARG WD 81 23.15 -44.95 -119.52
C ARG WD 81 21.66 -45.20 -119.32
N GLN WD 82 20.88 -44.12 -119.37
CA GLN WD 82 19.47 -44.14 -119.03
C GLN WD 82 18.67 -43.40 -120.11
N ALA WD 83 17.38 -43.73 -120.22
CA ALA WD 83 16.48 -43.02 -121.10
C ALA WD 83 15.03 -43.44 -120.83
N TYR WD 84 14.13 -42.48 -120.60
CA TYR WD 84 12.78 -42.80 -120.17
C TYR WD 84 11.79 -41.74 -120.66
N VAL WD 85 10.51 -42.12 -120.67
CA VAL WD 85 9.41 -41.28 -121.10
C VAL WD 85 8.33 -41.28 -120.02
N VAL WD 86 7.55 -40.21 -119.99
CA VAL WD 86 6.44 -40.05 -119.04
C VAL WD 86 5.23 -39.47 -119.77
N ILE WD 87 4.04 -39.89 -119.36
CA ILE WD 87 2.78 -39.35 -119.88
C ILE WD 87 1.85 -39.08 -118.71
N ARG WD 88 1.22 -37.90 -118.71
CA ARG WD 88 0.29 -37.53 -117.65
C ARG WD 88 -0.97 -36.96 -118.28
N HIS WD 89 -2.12 -37.49 -117.87
CA HIS WD 89 -3.40 -37.00 -118.37
C HIS WD 89 -4.49 -37.34 -117.36
N LYS WD 90 -5.59 -36.60 -117.45
CA LYS WD 90 -6.65 -36.68 -116.44
C LYS WD 90 -7.42 -37.99 -116.55
N VAL WD 91 -8.06 -38.37 -115.45
CA VAL WD 91 -8.82 -39.60 -115.40
C VAL WD 91 -10.08 -39.45 -116.24
N GLY WD 92 -10.36 -40.45 -117.06
CA GLY WD 92 -11.52 -40.43 -117.93
C GLY WD 92 -11.34 -39.69 -119.24
N ASP WD 93 -10.13 -39.20 -119.53
CA ASP WD 93 -9.90 -38.48 -120.77
C ASP WD 93 -10.02 -39.43 -121.97
N VAL WD 94 -10.14 -38.83 -123.16
CA VAL WD 94 -10.25 -39.62 -124.39
C VAL WD 94 -8.90 -40.25 -124.70
N SER WD 95 -8.91 -41.54 -125.02
CA SER WD 95 -7.65 -42.26 -125.23
C SER WD 95 -6.97 -41.78 -126.52
N ALA WD 96 -7.73 -41.61 -127.59
CA ALA WD 96 -7.12 -41.30 -128.89
C ALA WD 96 -6.41 -39.96 -128.87
N THR WD 97 -7.02 -38.95 -128.26
CA THR WD 97 -6.40 -37.62 -128.25
C THR WD 97 -5.10 -37.62 -127.46
N VAL WD 98 -5.06 -38.29 -126.31
CA VAL WD 98 -3.82 -38.37 -125.55
C VAL WD 98 -2.79 -39.21 -126.29
N SER WD 99 -3.25 -40.22 -127.02
CA SER WD 99 -2.34 -41.03 -127.83
C SER WD 99 -1.75 -40.24 -128.99
N ASP WD 100 -2.43 -39.21 -129.47
CA ASP WD 100 -1.85 -38.38 -130.53
C ASP WD 100 -0.56 -37.74 -130.06
N LEU WD 101 -0.58 -37.09 -128.89
CA LEU WD 101 0.63 -36.74 -128.19
C LEU WD 101 1.42 -38.00 -127.85
N GLY WD 102 2.65 -37.82 -127.39
CA GLY WD 102 3.51 -38.96 -127.15
C GLY WD 102 3.96 -39.54 -128.48
N GLU WD 103 3.00 -39.93 -129.32
CA GLU WD 103 3.34 -40.38 -130.66
C GLU WD 103 3.93 -39.23 -131.49
N ALA WD 104 3.37 -38.03 -131.37
CA ALA WD 104 3.98 -36.87 -132.03
C ALA WD 104 5.40 -36.66 -131.52
N LEU WD 105 5.60 -36.78 -130.21
CA LEU WD 105 6.94 -36.61 -129.65
C LEU WD 105 7.90 -37.65 -130.20
N SER WD 106 7.45 -38.91 -130.29
CA SER WD 106 8.31 -39.96 -130.80
C SER WD 106 8.69 -39.69 -132.25
N PHE WD 107 7.73 -39.22 -133.06
CA PHE WD 107 8.07 -38.83 -134.42
C PHE WD 107 9.04 -37.65 -134.45
N TYR WD 108 8.93 -36.72 -133.50
CA TYR WD 108 9.82 -35.57 -133.48
C TYR WD 108 11.28 -35.98 -133.27
N LEU WD 109 11.53 -36.82 -132.27
CA LEU WD 109 12.91 -37.14 -131.92
C LEU WD 109 13.47 -38.19 -132.88
N ASN WD 110 14.60 -37.85 -133.50
CA ASN WD 110 15.32 -38.75 -134.39
C ASN WD 110 16.81 -38.54 -134.16
N GLU WD 111 17.63 -39.06 -135.07
CA GLU WD 111 19.07 -39.06 -134.84
C GLU WD 111 19.64 -37.65 -134.75
N ALA WD 112 19.27 -36.78 -135.70
CA ALA WD 112 19.86 -35.45 -135.73
C ALA WD 112 19.51 -34.65 -134.49
N LEU WD 113 18.25 -34.71 -134.05
CA LEU WD 113 17.86 -33.99 -132.84
C LEU WD 113 18.57 -34.53 -131.61
N TYR WD 114 18.74 -35.85 -131.52
CA TYR WD 114 19.51 -36.41 -130.42
C TYR WD 114 20.94 -35.90 -130.44
N GLY WD 115 21.55 -35.85 -131.62
CA GLY WD 115 22.89 -35.30 -131.73
C GLY WD 115 22.95 -33.86 -131.27
N LYS WD 116 22.00 -33.04 -131.70
CA LYS WD 116 21.97 -31.65 -131.27
C LYS WD 116 21.78 -31.53 -129.76
N LEU WD 117 20.89 -32.34 -129.20
CA LEU WD 117 20.67 -32.31 -127.75
C LEU WD 117 21.95 -32.64 -127.01
N ILE WD 118 22.71 -33.63 -127.47
CA ILE WD 118 23.93 -34.01 -126.77
C ILE WD 118 24.88 -32.82 -126.72
N GLY WD 119 24.85 -31.98 -127.75
CA GLY WD 119 25.70 -30.79 -127.80
C GLY WD 119 25.20 -29.59 -127.00
N TRP WD 120 24.36 -29.81 -125.99
CA TRP WD 120 23.81 -28.74 -125.16
C TRP WD 120 23.10 -27.66 -125.98
N GLU WD 121 22.79 -27.95 -127.24
CA GLU WD 121 22.20 -26.96 -128.15
C GLU WD 121 20.72 -26.84 -127.83
N SER WD 122 20.40 -26.03 -126.83
CA SER WD 122 19.01 -25.81 -126.44
C SER WD 122 18.19 -25.32 -127.63
N ALA XD 1 -1.56 -69.35 -112.18
CA ALA XD 1 -1.05 -69.74 -113.53
C ALA XD 1 -2.22 -70.11 -114.44
N LEU XD 2 -3.30 -69.33 -114.34
CA LEU XD 2 -4.47 -69.59 -115.18
C LEU XD 2 -4.12 -69.41 -116.65
N GLY XD 3 -3.53 -68.29 -117.01
CA GLY XD 3 -3.25 -67.94 -118.40
C GLY XD 3 -3.08 -66.44 -118.52
N ASP XD 4 -2.72 -66.01 -119.74
CA ASP XD 4 -2.45 -64.60 -119.98
C ASP XD 4 -3.70 -63.80 -120.35
N THR XD 5 -4.81 -64.47 -120.66
CA THR XD 5 -6.07 -63.79 -120.94
C THR XD 5 -7.23 -64.64 -120.44
N LEU XD 6 -8.31 -63.94 -120.10
CA LEU XD 6 -9.56 -64.55 -119.64
C LEU XD 6 -10.64 -64.20 -120.64
N THR XD 7 -11.53 -65.14 -120.89
CA THR XD 7 -12.63 -64.95 -121.82
C THR XD 7 -13.95 -64.98 -121.06
N ILE XD 8 -14.73 -63.92 -121.22
CA ILE XD 8 -16.08 -63.83 -120.66
C ILE XD 8 -17.06 -63.82 -121.82
N THR XD 9 -18.03 -64.73 -121.77
CA THR XD 9 -19.07 -64.85 -122.80
C THR XD 9 -20.40 -64.41 -122.19
N LEU XD 10 -20.75 -63.15 -122.37
CA LEU XD 10 -22.00 -62.64 -121.79
C LEU XD 10 -23.18 -63.41 -122.37
N GLY XD 11 -24.13 -63.73 -121.49
CA GLY XD 11 -25.29 -64.50 -121.91
C GLY XD 11 -25.01 -65.98 -122.08
N GLY XD 12 -24.07 -66.52 -121.31
CA GLY XD 12 -23.82 -67.95 -121.38
C GLY XD 12 -23.20 -68.35 -122.70
N SER XD 13 -23.37 -69.64 -123.02
CA SER XD 13 -22.80 -70.18 -124.25
C SER XD 13 -23.44 -69.53 -125.47
N GLY XD 14 -22.63 -69.33 -126.50
CA GLY XD 14 -23.11 -68.78 -127.75
C GLY XD 14 -23.29 -67.28 -127.79
N GLY XD 15 -22.82 -66.55 -126.77
CA GLY XD 15 -23.04 -65.13 -126.66
C GLY XD 15 -21.91 -64.30 -127.23
N THR XD 16 -21.73 -63.11 -126.66
CA THR XD 16 -20.69 -62.18 -127.08
C THR XD 16 -19.42 -62.43 -126.28
N ALA XD 17 -18.29 -62.49 -126.97
CA ALA XD 17 -17.01 -62.79 -126.34
C ALA XD 17 -16.30 -61.51 -125.89
N LYS XD 18 -15.72 -61.55 -124.69
CA LYS XD 18 -14.93 -60.46 -124.13
C LYS XD 18 -13.64 -61.05 -123.60
N VAL XD 19 -12.51 -60.36 -123.81
CA VAL XD 19 -11.18 -60.87 -123.47
C VAL XD 19 -10.52 -59.92 -122.49
N LEU XD 20 -10.19 -60.43 -121.29
CA LEU XD 20 -9.49 -59.65 -120.28
C LEU XD 20 -7.97 -59.93 -120.32
N ARG XD 21 -7.22 -59.09 -119.61
CA ARG XD 21 -5.76 -59.10 -119.61
C ARG XD 21 -5.23 -59.08 -118.18
N LYS XD 22 -4.02 -59.63 -117.99
CA LYS XD 22 -3.31 -59.41 -116.73
C LYS XD 22 -3.03 -57.95 -116.46
N ILE XD 23 -3.29 -57.54 -115.22
CA ILE XD 23 -2.90 -56.24 -114.71
C ILE XD 23 -2.05 -56.37 -113.46
N ASN XD 24 -2.21 -57.46 -112.72
CA ASN XD 24 -1.61 -57.59 -111.40
C ASN XD 24 -1.89 -58.97 -110.83
N GLN XD 25 -0.98 -59.42 -109.97
CA GLN XD 25 -1.21 -60.59 -109.14
C GLN XD 25 -0.10 -60.64 -108.09
N ASP XD 26 -0.41 -60.22 -106.86
CA ASP XD 26 0.60 -60.11 -105.82
C ASP XD 26 0.36 -61.06 -104.65
N GLY XD 27 -0.78 -60.97 -103.97
CA GLY XD 27 -1.00 -61.73 -102.76
C GLY XD 27 -1.76 -63.03 -102.97
N TYR XD 28 -1.23 -63.90 -103.83
CA TYR XD 28 -1.92 -65.13 -104.24
C TYR XD 28 -3.22 -64.83 -104.99
N THR XD 29 -3.49 -63.57 -105.30
CA THR XD 29 -4.70 -63.15 -105.99
C THR XD 29 -4.37 -62.77 -107.42
N SER XD 30 -5.41 -62.56 -108.23
CA SER XD 30 -5.25 -62.05 -109.59
C SER XD 30 -6.32 -61.01 -109.85
N GLU XD 31 -6.02 -60.08 -110.76
CA GLU XD 31 -6.99 -59.06 -111.15
C GLU XD 31 -6.87 -58.77 -112.64
N TYR XD 32 -8.02 -58.63 -113.27
CA TYR XD 32 -8.16 -58.48 -114.72
C TYR XD 32 -8.88 -57.18 -115.02
N TYR XD 33 -8.72 -56.68 -116.25
CA TYR XD 33 -9.39 -55.42 -116.59
C TYR XD 33 -9.50 -55.30 -118.11
N LEU XD 34 -10.47 -54.48 -118.55
CA LEU XD 34 -10.66 -54.13 -119.96
C LEU XD 34 -11.56 -52.90 -120.05
N PRO XD 35 -11.16 -51.83 -120.73
CA PRO XD 35 -12.05 -50.67 -120.85
C PRO XD 35 -12.84 -50.65 -122.15
N GLU XD 36 -13.98 -49.94 -122.10
CA GLU XD 36 -14.87 -49.74 -123.23
C GLU XD 36 -15.37 -48.31 -123.20
N THR XD 37 -16.15 -47.95 -124.24
CA THR XD 37 -16.67 -46.59 -124.33
C THR XD 37 -17.57 -46.24 -123.16
N SER XD 38 -18.48 -47.14 -122.79
CA SER XD 38 -19.46 -46.86 -121.76
C SER XD 38 -19.37 -47.80 -120.56
N SER XD 39 -18.42 -48.73 -120.54
CA SER XD 39 -18.33 -49.68 -119.45
C SER XD 39 -16.94 -50.29 -119.41
N SER XD 40 -16.72 -51.14 -118.41
CA SER XD 40 -15.45 -51.82 -118.22
C SER XD 40 -15.71 -53.14 -117.52
N PHE XD 41 -14.85 -54.12 -117.77
CA PHE XD 41 -14.94 -55.43 -117.15
C PHE XD 41 -13.74 -55.66 -116.24
N ARG XD 42 -13.99 -56.28 -115.10
CA ARG XD 42 -12.97 -56.59 -114.11
C ARG XD 42 -13.27 -57.97 -113.55
N ALA XD 43 -12.23 -58.78 -113.41
CA ALA XD 43 -12.34 -60.11 -112.83
C ALA XD 43 -11.21 -60.30 -111.84
N LYS XD 44 -11.52 -60.91 -110.69
CA LYS XD 44 -10.53 -61.07 -109.63
C LYS XD 44 -10.67 -62.45 -109.01
N VAL XD 45 -9.52 -63.05 -108.68
CA VAL XD 45 -9.43 -64.40 -108.16
C VAL XD 45 -8.58 -64.37 -106.90
N ARG XD 46 -9.03 -65.08 -105.86
CA ARG XD 46 -8.39 -65.00 -104.55
C ARG XD 46 -8.29 -66.38 -103.92
N HIS XD 47 -7.27 -66.54 -103.08
CA HIS XD 47 -7.11 -67.72 -102.23
C HIS XD 47 -6.77 -67.27 -100.81
N THR XD 48 -7.30 -68.00 -99.82
CA THR XD 48 -7.10 -67.63 -98.43
C THR XD 48 -7.23 -68.84 -97.54
N LYS XD 49 -6.63 -68.75 -96.35
CA LYS XD 49 -6.68 -69.79 -95.33
C LYS XD 49 -7.29 -69.19 -94.07
N GLU XD 50 -8.30 -69.87 -93.50
CA GLU XD 50 -9.00 -69.33 -92.34
C GLU XD 50 -8.12 -69.37 -91.09
N SER XD 51 -8.51 -68.56 -90.11
CA SER XD 51 -7.73 -68.42 -88.89
C SER XD 51 -7.57 -69.76 -88.18
N VAL XD 52 -6.37 -69.98 -87.65
CA VAL XD 52 -6.06 -71.24 -86.97
C VAL XD 52 -6.53 -71.13 -85.52
N LYS XD 53 -7.27 -72.15 -85.06
CA LYS XD 53 -7.69 -72.26 -83.67
C LYS XD 53 -7.42 -73.68 -83.22
N PRO XD 54 -6.79 -73.88 -82.05
CA PRO XD 54 -6.27 -75.21 -81.73
C PRO XD 54 -7.39 -76.26 -81.72
N ASN XD 55 -6.97 -77.51 -81.84
CA ASN XD 55 -7.83 -78.69 -81.88
C ASN XD 55 -9.17 -78.44 -82.58
N GLN XD 56 -9.10 -77.87 -83.78
CA GLN XD 56 -10.25 -77.83 -84.68
C GLN XD 56 -9.75 -77.90 -86.12
N VAL XD 57 -10.67 -78.30 -87.02
CA VAL XD 57 -10.30 -78.52 -88.42
C VAL XD 57 -9.91 -77.20 -89.09
N GLN XD 58 -9.03 -77.29 -90.08
CA GLN XD 58 -8.62 -76.16 -90.91
C GLN XD 58 -9.33 -76.21 -92.26
N TYR XD 59 -9.70 -75.02 -92.76
CA TYR XD 59 -10.49 -74.89 -93.97
C TYR XD 59 -9.80 -73.93 -94.93
N GLU XD 60 -10.25 -73.92 -96.19
CA GLU XD 60 -9.69 -73.05 -97.22
C GLU XD 60 -10.79 -72.36 -98.01
N ARG XD 61 -10.60 -71.07 -98.27
CA ARG XD 61 -11.52 -70.28 -99.10
C ARG XD 61 -10.92 -70.12 -100.49
N HIS XD 62 -11.75 -70.31 -101.52
CA HIS XD 62 -11.43 -69.87 -102.87
C HIS XD 62 -12.57 -69.03 -103.42
N ASN XD 63 -12.23 -67.89 -104.01
CA ASN XD 63 -13.20 -66.90 -104.45
C ASN XD 63 -12.95 -66.55 -105.91
N VAL XD 64 -14.05 -66.35 -106.66
CA VAL XD 64 -13.99 -65.88 -108.03
C VAL XD 64 -15.08 -64.84 -108.21
N GLU XD 65 -14.72 -63.69 -108.79
CA GLU XD 65 -15.57 -62.50 -108.78
C GLU XD 65 -15.51 -61.79 -110.12
N PHE XD 66 -16.70 -61.45 -110.63
CA PHE XD 66 -16.86 -60.67 -111.86
C PHE XD 66 -17.54 -59.35 -111.54
N THR XD 67 -17.11 -58.27 -112.19
CA THR XD 67 -17.73 -56.97 -112.00
C THR XD 67 -17.83 -56.28 -113.36
N GLU XD 68 -18.92 -55.53 -113.55
CA GLU XD 68 -19.15 -54.73 -114.74
C GLU XD 68 -19.70 -53.38 -114.30
N THR XD 69 -19.05 -52.30 -114.73
CA THR XD 69 -19.45 -50.95 -114.36
C THR XD 69 -19.75 -50.13 -115.61
N VAL XD 70 -20.68 -49.21 -115.49
CA VAL XD 70 -21.13 -48.35 -116.59
C VAL XD 70 -20.90 -46.91 -116.18
N TYR XD 71 -20.36 -46.12 -117.10
CA TYR XD 71 -20.03 -44.73 -116.79
C TYR XD 71 -21.28 -43.86 -116.81
N ALA XD 72 -21.30 -42.86 -115.92
CA ALA XD 72 -22.47 -42.01 -115.78
C ALA XD 72 -22.72 -41.24 -117.07
N SER XD 73 -24.00 -41.10 -117.42
CA SER XD 73 -24.41 -40.39 -118.63
C SER XD 73 -25.59 -39.48 -118.26
N GLY XD 74 -25.27 -38.26 -117.85
CA GLY XD 74 -26.30 -37.30 -117.50
C GLY XD 74 -26.77 -37.49 -116.07
N SER XD 75 -28.09 -37.57 -115.88
CA SER XD 75 -28.64 -37.68 -114.54
C SER XD 75 -28.24 -38.99 -113.88
N THR XD 76 -28.24 -40.08 -114.65
CA THR XD 76 -27.96 -41.40 -114.07
C THR XD 76 -26.50 -41.48 -113.63
N PRO XD 77 -26.22 -41.74 -112.35
CA PRO XD 77 -24.82 -41.82 -111.92
C PRO XD 77 -24.21 -43.19 -112.15
N GLU XD 78 -23.01 -43.41 -111.61
CA GLU XD 78 -22.35 -44.70 -111.75
C GLU XD 78 -23.16 -45.79 -111.06
N PHE XD 79 -23.16 -46.99 -111.64
CA PHE XD 79 -23.67 -48.15 -110.94
C PHE XD 79 -23.02 -49.40 -111.51
N VAL XD 80 -22.98 -50.44 -110.68
CA VAL XD 80 -22.11 -51.59 -110.89
C VAL XD 80 -22.90 -52.86 -110.63
N ARG XD 81 -22.44 -53.95 -111.22
CA ARG XD 81 -23.15 -55.21 -111.20
C ARG XD 81 -22.16 -56.37 -111.19
N GLN XD 82 -22.20 -57.21 -110.14
CA GLN XD 82 -21.23 -58.28 -109.98
C GLN XD 82 -21.93 -59.60 -109.64
N ALA XD 83 -21.20 -60.70 -109.90
CA ALA XD 83 -21.61 -62.05 -109.50
C ALA XD 83 -20.36 -62.84 -109.13
N TYR XD 84 -20.36 -63.47 -107.96
CA TYR XD 84 -19.18 -64.16 -107.45
C TYR XD 84 -19.56 -65.49 -106.80
N VAL XD 85 -18.59 -66.40 -106.76
CA VAL XD 85 -18.75 -67.73 -106.18
C VAL XD 85 -17.68 -67.94 -105.12
N VAL XD 86 -17.98 -68.78 -104.13
CA VAL XD 86 -17.08 -69.11 -103.05
C VAL XD 86 -17.14 -70.62 -102.81
N ILE XD 87 -15.99 -71.20 -102.48
CA ILE XD 87 -15.88 -72.62 -102.18
C ILE XD 87 -15.07 -72.77 -100.89
N ARG XD 88 -15.58 -73.56 -99.94
CA ARG XD 88 -14.88 -73.82 -98.69
C ARG XD 88 -14.85 -75.30 -98.41
N HIS XD 89 -13.67 -75.79 -98.04
CA HIS XD 89 -13.40 -77.20 -97.81
C HIS XD 89 -12.24 -77.32 -96.83
N LYS XD 90 -12.12 -78.51 -96.24
CA LYS XD 90 -11.09 -78.75 -95.24
C LYS XD 90 -9.75 -79.10 -95.89
N VAL XD 91 -8.67 -78.74 -95.20
CA VAL XD 91 -7.33 -78.99 -95.72
C VAL XD 91 -7.06 -80.48 -95.77
N GLY XD 92 -6.49 -80.94 -96.87
CA GLY XD 92 -6.19 -82.34 -97.06
C GLY XD 92 -7.33 -83.18 -97.59
N ASP XD 93 -8.47 -82.57 -97.92
CA ASP XD 93 -9.61 -83.32 -98.42
C ASP XD 93 -9.29 -83.88 -99.80
N VAL XD 94 -10.28 -84.56 -100.39
CA VAL XD 94 -10.16 -85.12 -101.73
C VAL XD 94 -10.70 -84.12 -102.73
N SER XD 95 -9.91 -83.84 -103.77
CA SER XD 95 -10.29 -82.80 -104.72
C SER XD 95 -11.56 -83.16 -105.49
N ALA XD 96 -11.71 -84.44 -105.86
CA ALA XD 96 -12.79 -84.83 -106.75
C ALA XD 96 -14.16 -84.54 -106.15
N THR XD 97 -14.32 -84.79 -104.84
CA THR XD 97 -15.62 -84.57 -104.21
C THR XD 97 -16.00 -83.09 -104.23
N VAL XD 98 -15.06 -82.22 -103.86
CA VAL XD 98 -15.34 -80.78 -103.88
C VAL XD 98 -15.64 -80.33 -105.29
N SER XD 99 -14.91 -80.86 -106.27
CA SER XD 99 -15.17 -80.51 -107.66
C SER XD 99 -16.57 -80.93 -108.07
N ASP XD 100 -17.01 -82.13 -107.67
CA ASP XD 100 -18.36 -82.58 -108.02
C ASP XD 100 -19.43 -81.71 -107.39
N LEU XD 101 -19.24 -81.31 -106.13
CA LEU XD 101 -20.19 -80.42 -105.48
C LEU XD 101 -20.28 -79.09 -106.25
N GLY XD 102 -19.13 -78.54 -106.63
CA GLY XD 102 -19.14 -77.30 -107.38
C GLY XD 102 -19.80 -77.45 -108.74
N GLU XD 103 -19.56 -78.58 -109.41
CA GLU XD 103 -20.17 -78.83 -110.70
C GLU XD 103 -21.68 -78.95 -110.58
N ALA XD 104 -22.17 -79.59 -109.52
CA ALA XD 104 -23.61 -79.64 -109.27
C ALA XD 104 -24.17 -78.23 -109.09
N LEU XD 105 -23.50 -77.39 -108.30
CA LEU XD 105 -23.96 -76.01 -108.14
C LEU XD 105 -24.01 -75.29 -109.48
N SER XD 106 -22.98 -75.45 -110.30
CA SER XD 106 -22.94 -74.77 -111.60
C SER XD 106 -24.05 -75.27 -112.51
N PHE XD 107 -24.30 -76.58 -112.51
CA PHE XD 107 -25.33 -77.16 -113.38
C PHE XD 107 -26.73 -76.75 -112.95
N TYR XD 108 -26.95 -76.55 -111.65
CA TYR XD 108 -28.27 -76.12 -111.18
C TYR XD 108 -28.61 -74.73 -111.71
N LEU XD 109 -27.64 -73.83 -111.76
CA LEU XD 109 -27.88 -72.46 -112.21
C LEU XD 109 -28.05 -72.42 -113.72
N ASN XD 110 -29.09 -71.73 -114.20
CA ASN XD 110 -29.30 -71.56 -115.63
C ASN XD 110 -30.30 -70.44 -115.86
N GLU XD 111 -30.57 -70.18 -117.14
CA GLU XD 111 -31.47 -69.13 -117.58
C GLU XD 111 -32.70 -68.98 -116.68
N ALA XD 112 -33.54 -70.02 -116.67
CA ALA XD 112 -34.79 -69.94 -115.93
C ALA XD 112 -34.54 -69.65 -114.47
N LEU XD 113 -33.52 -70.27 -113.88
CA LEU XD 113 -33.31 -70.12 -112.45
C LEU XD 113 -32.83 -68.70 -112.11
N TYR XD 114 -31.96 -68.11 -112.92
CA TYR XD 114 -31.61 -66.71 -112.67
C TYR XD 114 -32.84 -65.81 -112.83
N GLY XD 115 -33.68 -66.08 -113.83
CA GLY XD 115 -34.91 -65.30 -113.95
C GLY XD 115 -35.76 -65.41 -112.69
N LYS XD 116 -35.88 -66.62 -112.15
CA LYS XD 116 -36.69 -66.82 -110.95
C LYS XD 116 -36.07 -66.10 -109.76
N LEU XD 117 -34.76 -66.23 -109.56
CA LEU XD 117 -34.11 -65.58 -108.42
C LEU XD 117 -34.26 -64.07 -108.51
N ILE XD 118 -34.10 -63.50 -109.70
CA ILE XD 118 -34.26 -62.07 -109.84
C ILE XD 118 -35.74 -61.69 -109.72
N GLY XD 119 -36.63 -62.67 -109.84
CA GLY XD 119 -38.04 -62.44 -109.54
C GLY XD 119 -38.40 -62.42 -108.08
N TRP XD 120 -37.45 -62.68 -107.18
CA TRP XD 120 -37.59 -62.59 -105.73
C TRP XD 120 -38.39 -63.72 -105.10
N GLU XD 121 -38.66 -64.81 -105.82
CA GLU XD 121 -39.41 -65.88 -105.20
C GLU XD 121 -38.49 -66.70 -104.31
N SER XD 122 -38.81 -66.78 -103.02
CA SER XD 122 -37.92 -67.44 -102.07
C SER XD 122 -38.13 -68.95 -102.13
N ALA YD 1 21.16 -22.73 -131.23
CA ALA YD 1 20.23 -22.45 -132.37
C ALA YD 1 18.99 -23.33 -132.31
N LEU YD 2 19.03 -24.50 -132.97
CA LEU YD 2 17.96 -25.49 -133.02
C LEU YD 2 16.77 -25.03 -133.83
N GLY YD 3 16.78 -23.80 -134.35
CA GLY YD 3 15.68 -23.30 -135.14
C GLY YD 3 14.84 -22.28 -134.38
N ASP YD 4 14.12 -21.47 -135.14
CA ASP YD 4 13.27 -20.44 -134.55
C ASP YD 4 11.85 -20.95 -134.32
N THR YD 5 11.33 -21.75 -135.25
CA THR YD 5 10.01 -22.35 -135.11
C THR YD 5 10.11 -23.86 -134.99
N LEU YD 6 9.32 -24.41 -134.09
CA LEU YD 6 9.22 -25.86 -133.89
C LEU YD 6 7.85 -26.32 -134.35
N THR YD 7 7.81 -27.46 -135.04
CA THR YD 7 6.58 -28.03 -135.54
C THR YD 7 6.21 -29.27 -134.75
N ILE YD 8 4.99 -29.30 -134.22
CA ILE YD 8 4.44 -30.48 -133.56
C ILE YD 8 3.36 -31.04 -134.48
N THR YD 9 3.53 -32.29 -134.88
CA THR YD 9 2.61 -32.98 -135.79
C THR YD 9 1.78 -33.96 -134.96
N LEU YD 10 0.66 -33.48 -134.43
CA LEU YD 10 -0.22 -34.35 -133.68
C LEU YD 10 -0.64 -35.53 -134.53
N GLY YD 11 -0.62 -36.72 -133.95
CA GLY YD 11 -0.94 -37.93 -134.69
C GLY YD 11 0.21 -38.52 -135.49
N GLY YD 12 1.45 -38.13 -135.20
CA GLY YD 12 2.57 -38.71 -135.88
C GLY YD 12 2.65 -38.28 -137.34
N SER YD 13 3.19 -39.15 -138.17
CA SER YD 13 3.33 -38.85 -139.58
C SER YD 13 1.98 -38.65 -140.24
N GLY YD 14 1.89 -37.64 -141.10
CA GLY YD 14 0.66 -37.37 -141.83
C GLY YD 14 -0.44 -36.71 -141.04
N GLY YD 15 -0.14 -36.16 -139.87
CA GLY YD 15 -1.14 -35.56 -139.01
C GLY YD 15 -1.29 -34.07 -139.25
N THR YD 16 -1.80 -33.38 -138.22
CA THR YD 16 -1.97 -31.94 -138.24
C THR YD 16 -0.73 -31.27 -137.64
N ALA YD 17 -0.20 -30.26 -138.33
CA ALA YD 17 1.02 -29.61 -137.91
C ALA YD 17 0.70 -28.31 -137.18
N LYS YD 18 1.29 -28.15 -136.00
CA LYS YD 18 1.23 -26.91 -135.24
C LYS YD 18 2.64 -26.34 -135.10
N VAL YD 19 2.77 -25.03 -135.28
CA VAL YD 19 4.06 -24.35 -135.31
C VAL YD 19 4.15 -23.41 -134.13
N LEU YD 20 5.21 -23.57 -133.33
CA LEU YD 20 5.47 -22.70 -132.20
C LEU YD 20 6.61 -21.73 -132.54
N ARG YD 21 6.88 -20.83 -131.59
CA ARG YD 21 7.82 -19.73 -131.80
C ARG YD 21 8.64 -19.54 -130.53
N LYS YD 22 9.88 -19.05 -130.68
CA LYS YD 22 10.66 -18.72 -129.50
C LYS YD 22 10.07 -17.55 -128.73
N ILE YD 23 10.13 -17.65 -127.41
CA ILE YD 23 9.65 -16.65 -126.48
C ILE YD 23 10.76 -16.15 -125.57
N ASN YD 24 11.48 -17.07 -124.94
CA ASN YD 24 12.44 -16.73 -123.91
C ASN YD 24 13.61 -17.71 -123.97
N GLN YD 25 14.72 -17.32 -123.35
CA GLN YD 25 15.87 -18.21 -123.25
C GLN YD 25 16.68 -17.79 -122.02
N ASP YD 26 16.46 -18.48 -120.91
CA ASP YD 26 17.16 -18.20 -119.66
C ASP YD 26 17.59 -19.50 -119.02
N GLY YD 27 18.61 -19.42 -118.18
CA GLY YD 27 18.99 -20.55 -117.35
C GLY YD 27 19.21 -21.83 -118.14
N TYR YD 28 19.83 -21.72 -119.31
CA TYR YD 28 20.23 -22.86 -120.13
C TYR YD 28 19.04 -23.58 -120.74
N THR YD 29 17.85 -22.97 -120.68
CA THR YD 29 16.64 -23.59 -121.19
C THR YD 29 15.89 -22.59 -122.07
N SER YD 30 15.11 -23.12 -123.00
CA SER YD 30 14.31 -22.32 -123.90
C SER YD 30 12.91 -22.92 -123.99
N GLU YD 31 11.93 -22.05 -124.21
CA GLU YD 31 10.53 -22.45 -124.29
C GLU YD 31 9.86 -21.81 -125.49
N TYR YD 32 8.87 -22.53 -126.03
CA TYR YD 32 8.15 -22.11 -127.24
C TYR YD 32 6.67 -21.98 -126.90
N TYR YD 33 5.95 -21.17 -127.67
CA TYR YD 33 4.55 -20.89 -127.37
C TYR YD 33 3.74 -20.75 -128.66
N LEU YD 34 2.43 -21.01 -128.55
CA LEU YD 34 1.46 -20.82 -129.62
C LEU YD 34 0.06 -20.69 -129.02
N PRO YD 35 -0.59 -19.53 -129.10
CA PRO YD 35 -1.94 -19.40 -128.53
C PRO YD 35 -3.04 -19.68 -129.54
N GLU YD 36 -4.21 -20.01 -129.01
CA GLU YD 36 -5.39 -20.32 -129.81
C GLU YD 36 -6.63 -20.02 -128.99
N THR YD 37 -7.79 -20.08 -129.65
CA THR YD 37 -9.04 -19.72 -129.00
C THR YD 37 -9.42 -20.71 -127.91
N SER YD 38 -9.34 -22.02 -128.21
CA SER YD 38 -9.81 -23.04 -127.28
C SER YD 38 -8.70 -23.73 -126.49
N SER YD 39 -7.45 -23.61 -126.92
CA SER YD 39 -6.35 -24.24 -126.21
C SER YD 39 -5.05 -23.55 -126.61
N SER YD 40 -3.93 -24.12 -126.19
CA SER YD 40 -2.61 -23.55 -126.46
C SER YD 40 -1.58 -24.66 -126.48
N PHE YD 41 -0.45 -24.39 -127.13
CA PHE YD 41 0.69 -25.30 -127.16
C PHE YD 41 1.93 -24.60 -126.63
N ARG YD 42 2.72 -25.34 -125.86
CA ARG YD 42 3.94 -24.82 -125.24
C ARG YD 42 4.98 -25.94 -125.25
N ALA YD 43 6.24 -25.58 -125.41
CA ALA YD 43 7.34 -26.53 -125.40
C ALA YD 43 8.54 -25.91 -124.70
N LYS YD 44 9.28 -26.76 -123.98
CA LYS YD 44 10.50 -26.35 -123.28
C LYS YD 44 11.59 -27.37 -123.52
N VAL YD 45 12.82 -26.89 -123.69
CA VAL YD 45 14.02 -27.73 -123.78
C VAL YD 45 15.02 -27.22 -122.77
N ARG YD 46 15.46 -28.10 -121.86
CA ARG YD 46 16.32 -27.70 -120.76
C ARG YD 46 17.49 -28.67 -120.62
N HIS YD 47 18.60 -28.15 -120.09
CA HIS YD 47 19.81 -28.91 -119.81
C HIS YD 47 20.25 -28.62 -118.38
N THR YD 48 20.84 -29.63 -117.73
CA THR YD 48 21.29 -29.45 -116.35
C THR YD 48 22.44 -30.40 -116.07
N LYS YD 49 23.19 -30.08 -115.01
CA LYS YD 49 24.38 -30.84 -114.64
C LYS YD 49 24.37 -31.03 -113.12
N GLU YD 50 24.58 -32.28 -112.66
CA GLU YD 50 24.57 -32.53 -111.23
C GLU YD 50 25.84 -32.00 -110.57
N SER YD 51 25.75 -31.80 -109.26
CA SER YD 51 26.84 -31.21 -108.50
C SER YD 51 28.04 -32.15 -108.42
N VAL YD 52 29.23 -31.55 -108.35
CA VAL YD 52 30.45 -32.33 -108.20
C VAL YD 52 30.54 -32.88 -106.78
N LYS YD 53 31.06 -34.10 -106.66
CA LYS YD 53 31.18 -34.82 -105.41
C LYS YD 53 32.59 -35.40 -105.46
N PRO YD 54 33.33 -35.38 -104.35
CA PRO YD 54 34.75 -35.75 -104.41
C PRO YD 54 35.07 -36.97 -105.29
N ASN YD 55 34.43 -38.14 -105.06
CA ASN YD 55 34.70 -39.32 -105.90
C ASN YD 55 33.43 -40.07 -106.34
N GLN YD 56 32.82 -39.62 -107.44
CA GLN YD 56 31.80 -40.40 -108.16
C GLN YD 56 31.74 -39.90 -109.60
N VAL YD 57 31.08 -40.69 -110.46
CA VAL YD 57 31.01 -40.34 -111.88
C VAL YD 57 30.12 -39.11 -112.04
N GLN YD 58 30.47 -38.26 -113.00
CA GLN YD 58 29.73 -37.04 -113.27
C GLN YD 58 28.84 -37.23 -114.49
N TYR YD 59 27.59 -36.79 -114.36
CA TYR YD 59 26.52 -37.12 -115.30
C TYR YD 59 25.90 -35.85 -115.89
N GLU YD 60 25.34 -35.99 -117.09
CA GLU YD 60 24.59 -34.92 -117.74
C GLU YD 60 23.17 -35.39 -118.04
N ARG YD 61 22.22 -34.47 -117.90
CA ARG YD 61 20.79 -34.75 -118.08
C ARG YD 61 20.23 -33.86 -119.17
N HIS YD 62 19.43 -34.44 -120.06
CA HIS YD 62 18.65 -33.69 -121.05
C HIS YD 62 17.18 -34.06 -120.91
N ASN YD 63 16.31 -33.06 -120.91
CA ASN YD 63 14.86 -33.25 -120.79
C ASN YD 63 14.14 -32.43 -121.85
N VAL YD 64 13.09 -33.02 -122.44
CA VAL YD 64 12.26 -32.35 -123.44
C VAL YD 64 10.81 -32.73 -123.20
N GLU YD 65 9.93 -31.73 -123.18
CA GLU YD 65 8.52 -31.92 -122.84
C GLU YD 65 7.61 -31.16 -123.79
N PHE YD 66 6.40 -31.68 -123.95
CA PHE YD 66 5.30 -30.99 -124.64
C PHE YD 66 4.17 -30.80 -123.64
N THR YD 67 3.54 -29.62 -123.65
CA THR YD 67 2.41 -29.32 -122.79
C THR YD 67 1.28 -28.76 -123.63
N GLU YD 68 0.06 -29.23 -123.38
CA GLU YD 68 -1.15 -28.72 -124.04
C GLU YD 68 -2.20 -28.46 -122.97
N THR YD 69 -2.76 -27.26 -122.96
CA THR YD 69 -3.76 -26.87 -121.97
C THR YD 69 -5.07 -26.51 -122.67
N VAL YD 70 -6.18 -26.85 -122.01
CA VAL YD 70 -7.52 -26.59 -122.51
C VAL YD 70 -8.22 -25.68 -121.53
N TYR YD 71 -8.72 -24.54 -122.02
CA TYR YD 71 -9.35 -23.56 -121.14
C TYR YD 71 -10.69 -24.07 -120.65
N ALA YD 72 -11.08 -23.59 -119.47
CA ALA YD 72 -12.34 -24.00 -118.87
C ALA YD 72 -13.51 -23.52 -119.72
N SER YD 73 -14.50 -24.39 -119.91
CA SER YD 73 -15.70 -24.06 -120.65
C SER YD 73 -16.89 -24.65 -119.91
N GLY YD 74 -17.86 -23.81 -119.58
CA GLY YD 74 -19.01 -24.27 -118.82
C GLY YD 74 -18.59 -24.79 -117.46
N SER YD 75 -19.10 -25.97 -117.10
CA SER YD 75 -18.77 -26.56 -115.81
C SER YD 75 -17.38 -27.20 -115.79
N THR YD 76 -16.88 -27.64 -116.94
CA THR YD 76 -15.60 -28.33 -117.00
C THR YD 76 -14.47 -27.38 -116.62
N PRO YD 77 -13.63 -27.72 -115.63
CA PRO YD 77 -12.53 -26.82 -115.27
C PRO YD 77 -11.31 -26.97 -116.16
N GLU YD 78 -10.21 -26.33 -115.77
CA GLU YD 78 -8.98 -26.44 -116.52
C GLU YD 78 -8.40 -27.85 -116.44
N PHE YD 79 -7.76 -28.29 -117.52
CA PHE YD 79 -7.02 -29.54 -117.52
C PHE YD 79 -5.97 -29.49 -118.63
N VAL YD 80 -4.97 -30.35 -118.51
CA VAL YD 80 -3.72 -30.25 -119.26
C VAL YD 80 -3.33 -31.62 -119.79
N ARG YD 81 -2.48 -31.61 -120.82
CA ARG YD 81 -1.79 -32.81 -121.28
C ARG YD 81 -0.30 -32.53 -121.43
N GLN YD 82 0.53 -33.50 -121.07
CA GLN YD 82 1.97 -33.42 -121.21
C GLN YD 82 2.53 -34.74 -121.75
N ALA YD 83 3.77 -34.68 -122.24
CA ALA YD 83 4.54 -35.88 -122.59
C ALA YD 83 6.00 -35.52 -122.80
N TYR YD 84 6.91 -36.15 -122.06
CA TYR YD 84 8.30 -35.69 -122.02
C TYR YD 84 9.24 -36.87 -121.89
N VAL YD 85 10.52 -36.62 -122.22
CA VAL YD 85 11.58 -37.62 -122.14
C VAL YD 85 12.80 -37.00 -121.46
N VAL YD 86 13.68 -37.87 -120.96
CA VAL YD 86 14.91 -37.47 -120.30
C VAL YD 86 16.03 -38.39 -120.75
N ILE YD 87 17.23 -37.84 -120.92
CA ILE YD 87 18.42 -38.58 -121.29
C ILE YD 87 19.50 -38.28 -120.28
N ARG YD 88 20.17 -39.31 -119.76
CA ARG YD 88 21.19 -39.13 -118.74
C ARG YD 88 22.41 -39.99 -119.10
N HIS YD 89 23.58 -39.36 -119.14
CA HIS YD 89 24.82 -40.05 -119.49
C HIS YD 89 25.98 -39.28 -118.89
N LYS YD 90 27.14 -39.92 -118.82
CA LYS YD 90 28.30 -39.31 -118.18
C LYS YD 90 28.96 -38.30 -119.11
N VAL YD 91 29.73 -37.40 -118.50
CA VAL YD 91 30.16 -36.19 -119.21
C VAL YD 91 31.05 -36.53 -120.39
N GLY YD 92 31.99 -37.44 -120.20
CA GLY YD 92 32.91 -37.81 -121.25
C GLY YD 92 32.47 -38.93 -122.16
N ASP YD 93 31.25 -39.43 -122.00
CA ASP YD 93 30.80 -40.58 -122.77
C ASP YD 93 30.74 -40.23 -124.26
N VAL YD 94 30.96 -41.26 -125.08
CA VAL YD 94 30.78 -41.11 -126.53
C VAL YD 94 29.31 -40.87 -126.83
N SER YD 95 29.04 -39.96 -127.77
CA SER YD 95 27.68 -39.54 -128.06
C SER YD 95 26.91 -40.55 -128.88
N ALA YD 96 27.59 -41.32 -129.74
CA ALA YD 96 26.89 -42.19 -130.68
C ALA YD 96 26.09 -43.26 -129.96
N THR YD 97 26.65 -43.85 -128.89
CA THR YD 97 25.92 -44.89 -128.17
C THR YD 97 24.68 -44.30 -127.48
N VAL YD 98 24.80 -43.12 -126.90
CA VAL YD 98 23.64 -42.48 -126.29
C VAL YD 98 22.57 -42.23 -127.34
N SER YD 99 22.99 -41.75 -128.52
CA SER YD 99 22.06 -41.54 -129.61
C SER YD 99 21.37 -42.84 -130.01
N ASP YD 100 22.12 -43.94 -130.05
CA ASP YD 100 21.54 -45.22 -130.46
C ASP YD 100 20.50 -45.68 -129.45
N LEU YD 101 20.80 -45.53 -128.16
CA LEU YD 101 19.82 -45.89 -127.13
C LEU YD 101 18.56 -45.05 -127.25
N GLY YD 102 18.72 -43.74 -127.46
CA GLY YD 102 17.57 -42.88 -127.63
C GLY YD 102 16.75 -43.25 -128.85
N GLU YD 103 17.41 -43.58 -129.95
CA GLU YD 103 16.69 -43.99 -131.15
C GLU YD 103 15.94 -45.30 -130.92
N ALA YD 104 16.53 -46.23 -130.17
CA ALA YD 104 15.81 -47.44 -129.81
C ALA YD 104 14.54 -47.11 -129.03
N LEU YD 105 14.67 -46.26 -128.01
CA LEU YD 105 13.50 -45.91 -127.21
C LEU YD 105 12.43 -45.24 -128.06
N SER YD 106 12.84 -44.37 -128.98
CA SER YD 106 11.88 -43.73 -129.88
C SER YD 106 11.20 -44.75 -130.78
N PHE YD 107 11.96 -45.70 -131.31
CA PHE YD 107 11.40 -46.69 -132.22
C PHE YD 107 10.42 -47.62 -131.51
N TYR YD 108 10.69 -47.98 -130.26
CA TYR YD 108 9.81 -48.91 -129.57
C TYR YD 108 8.40 -48.34 -129.43
N LEU YD 109 8.30 -47.08 -129.02
CA LEU YD 109 6.99 -46.48 -128.74
C LEU YD 109 6.28 -46.16 -130.04
N ASN YD 110 5.02 -46.57 -130.14
CA ASN YD 110 4.19 -46.26 -131.30
C ASN YD 110 2.73 -46.45 -130.89
N GLU YD 111 1.83 -46.32 -131.87
CA GLU YD 111 0.40 -46.24 -131.56
C GLU YD 111 -0.07 -47.46 -130.77
N ALA YD 112 0.33 -48.67 -131.20
CA ALA YD 112 -0.09 -49.87 -130.48
C ALA YD 112 0.43 -49.86 -129.05
N LEU YD 113 1.70 -49.48 -128.86
CA LEU YD 113 2.25 -49.42 -127.52
C LEU YD 113 1.52 -48.40 -126.66
N TYR YD 114 1.21 -47.22 -127.22
CA TYR YD 114 0.51 -46.22 -126.42
C TYR YD 114 -0.89 -46.70 -126.05
N GLY YD 115 -1.58 -47.35 -126.99
CA GLY YD 115 -2.90 -47.87 -126.67
C GLY YD 115 -2.84 -48.91 -125.56
N LYS YD 116 -1.91 -49.85 -125.66
CA LYS YD 116 -1.77 -50.85 -124.61
C LYS YD 116 -1.40 -50.21 -123.27
N LEU YD 117 -0.49 -49.24 -123.29
CA LEU YD 117 -0.06 -48.60 -122.07
C LEU YD 117 -1.22 -47.85 -121.40
N ILE YD 118 -2.05 -47.18 -122.19
CA ILE YD 118 -3.27 -46.58 -121.64
C ILE YD 118 -4.18 -47.67 -121.09
N GLY YD 119 -4.16 -48.84 -121.73
CA GLY YD 119 -4.90 -49.97 -121.21
C GLY YD 119 -4.41 -50.52 -119.88
N TRP YD 120 -3.38 -49.92 -119.28
CA TRP YD 120 -2.79 -50.36 -118.02
C TRP YD 120 -2.11 -51.71 -118.12
N GLU YD 121 -1.85 -52.20 -119.33
CA GLU YD 121 -1.04 -53.40 -119.48
C GLU YD 121 0.39 -53.12 -119.07
N SER YD 122 0.96 -54.03 -118.30
CA SER YD 122 2.31 -53.87 -117.76
C SER YD 122 3.28 -54.86 -118.39
N ALA ZD 1 25.57 -10.11 -129.46
CA ALA ZD 1 25.22 -9.85 -130.89
C ALA ZD 1 26.43 -10.12 -131.80
N LEU ZD 2 27.29 -11.05 -131.36
CA LEU ZD 2 28.50 -11.41 -132.09
C LEU ZD 2 28.24 -12.37 -133.25
N GLY ZD 3 27.13 -13.10 -133.20
CA GLY ZD 3 26.81 -14.11 -134.19
C GLY ZD 3 26.53 -15.46 -133.56
N ASP ZD 4 25.92 -16.32 -134.37
CA ASP ZD 4 25.44 -17.61 -133.86
C ASP ZD 4 26.60 -18.57 -133.60
N THR ZD 5 27.67 -18.48 -134.38
CA THR ZD 5 28.86 -19.30 -134.15
C THR ZD 5 30.08 -18.42 -133.98
N LEU ZD 6 31.00 -18.89 -133.12
CA LEU ZD 6 32.25 -18.22 -132.82
C LEU ZD 6 33.38 -19.15 -133.20
N THR ZD 7 34.40 -18.63 -133.86
CA THR ZD 7 35.50 -19.44 -134.38
C THR ZD 7 36.76 -19.18 -133.56
N ILE ZD 8 37.38 -20.27 -133.11
CA ILE ZD 8 38.65 -20.24 -132.39
C ILE ZD 8 39.66 -21.01 -133.21
N THR ZD 9 40.80 -20.37 -133.50
CA THR ZD 9 41.85 -20.96 -134.34
C THR ZD 9 43.06 -21.24 -133.46
N LEU ZD 10 43.22 -22.50 -133.07
CA LEU ZD 10 44.36 -22.86 -132.24
C LEU ZD 10 45.66 -22.64 -133.01
N GLY ZD 11 46.72 -22.33 -132.28
CA GLY ZD 11 48.00 -22.04 -132.90
C GLY ZD 11 48.02 -20.75 -133.70
N GLY ZD 12 47.37 -19.70 -133.21
CA GLY ZD 12 47.39 -18.43 -133.93
C GLY ZD 12 46.64 -18.54 -135.24
N SER ZD 13 47.20 -17.92 -136.27
CA SER ZD 13 46.62 -17.94 -137.61
C SER ZD 13 47.08 -19.13 -138.43
N GLY ZD 14 47.66 -20.14 -137.80
CA GLY ZD 14 48.08 -21.33 -138.50
C GLY ZD 14 46.92 -22.12 -139.08
N GLY ZD 15 46.08 -22.66 -138.21
CA GLY ZD 15 44.98 -23.49 -138.67
C GLY ZD 15 44.22 -24.05 -137.49
N THR ZD 16 43.53 -25.17 -137.73
CA THR ZD 16 42.82 -25.91 -136.69
C THR ZD 16 41.76 -25.03 -136.02
N ALA ZD 17 40.78 -24.62 -136.84
CA ALA ZD 17 39.69 -23.79 -136.37
C ALA ZD 17 38.56 -24.64 -135.78
N LYS ZD 18 37.99 -24.16 -134.66
CA LYS ZD 18 36.86 -24.81 -134.01
C LYS ZD 18 35.73 -23.79 -133.91
N VAL ZD 19 34.50 -24.23 -134.15
CA VAL ZD 19 33.35 -23.34 -134.25
C VAL ZD 19 32.39 -23.64 -133.10
N LEU ZD 20 32.30 -22.72 -132.13
CA LEU ZD 20 31.41 -22.89 -130.99
C LEU ZD 20 30.06 -22.21 -131.23
N ARG ZD 21 29.04 -22.72 -130.56
CA ARG ZD 21 27.66 -22.28 -130.71
C ARG ZD 21 27.21 -21.56 -129.45
N LYS ZD 22 26.18 -20.72 -129.57
CA LYS ZD 22 25.52 -20.22 -128.37
C LYS ZD 22 24.81 -21.33 -127.62
N ILE ZD 23 24.84 -21.22 -126.31
CA ILE ZD 23 24.12 -22.14 -125.42
C ILE ZD 23 23.21 -21.28 -124.54
N ASN ZD 24 23.61 -20.03 -124.30
CA ASN ZD 24 22.95 -19.25 -123.27
C ASN ZD 24 23.16 -17.76 -123.49
N GLN ZD 25 22.33 -16.97 -122.82
CA GLN ZD 25 22.48 -15.51 -122.82
C GLN ZD 25 21.73 -14.98 -121.59
N ASP ZD 26 22.47 -14.51 -120.59
CA ASP ZD 26 21.86 -13.96 -119.40
C ASP ZD 26 22.74 -12.85 -118.81
N GLY ZD 27 22.09 -11.78 -118.35
CA GLY ZD 27 22.78 -10.74 -117.61
C GLY ZD 27 23.93 -10.10 -118.36
N TYR ZD 28 23.74 -9.82 -119.65
CA TYR ZD 28 24.73 -9.13 -120.46
C TYR ZD 28 25.97 -10.01 -120.65
N THR ZD 29 25.77 -11.33 -120.62
CA THR ZD 29 26.85 -12.30 -120.72
C THR ZD 29 26.45 -13.37 -121.73
N SER ZD 30 27.46 -14.11 -122.21
CA SER ZD 30 27.24 -15.22 -123.12
C SER ZD 30 28.35 -16.23 -122.95
N GLU ZD 31 28.04 -17.51 -123.17
CA GLU ZD 31 29.04 -18.56 -123.19
C GLU ZD 31 28.74 -19.50 -124.35
N TYR ZD 32 29.78 -20.13 -124.86
CA TYR ZD 32 29.72 -20.93 -126.07
C TYR ZD 32 30.31 -22.30 -125.75
N TYR ZD 33 30.00 -23.30 -126.58
CA TYR ZD 33 30.44 -24.66 -126.23
C TYR ZD 33 30.53 -25.53 -127.48
N LEU ZD 34 31.41 -26.56 -127.41
CA LEU ZD 34 31.59 -27.56 -128.45
C LEU ZD 34 32.22 -28.84 -127.89
N PRO ZD 35 31.58 -30.03 -128.03
CA PRO ZD 35 32.21 -31.26 -127.56
C PRO ZD 35 32.96 -32.03 -128.65
N GLU ZD 36 34.00 -32.77 -128.26
CA GLU ZD 36 34.67 -33.71 -129.15
C GLU ZD 36 35.12 -34.91 -128.33
N THR ZD 37 35.83 -35.84 -128.98
CA THR ZD 37 36.10 -37.14 -128.38
C THR ZD 37 36.93 -37.03 -127.11
N SER ZD 38 38.01 -36.24 -127.14
CA SER ZD 38 38.95 -36.19 -126.04
C SER ZD 38 38.90 -34.90 -125.24
N SER ZD 39 38.12 -33.91 -125.66
CA SER ZD 39 37.99 -32.68 -124.89
C SER ZD 39 36.72 -31.95 -125.33
N SER ZD 40 36.59 -30.70 -124.90
CA SER ZD 40 35.50 -29.83 -125.33
C SER ZD 40 35.97 -28.39 -125.18
N PHE ZD 41 35.36 -27.49 -125.93
CA PHE ZD 41 35.77 -26.09 -125.96
C PHE ZD 41 34.66 -25.22 -125.37
N ARG ZD 42 35.06 -24.27 -124.54
CA ARG ZD 42 34.17 -23.36 -123.83
C ARG ZD 42 34.71 -21.95 -123.96
N ALA ZD 43 33.82 -21.00 -124.20
CA ALA ZD 43 34.20 -19.60 -124.37
C ALA ZD 43 33.03 -18.72 -123.94
N LYS ZD 44 33.32 -17.69 -123.14
CA LYS ZD 44 32.27 -16.81 -122.64
C LYS ZD 44 32.74 -15.36 -122.58
N VAL ZD 45 31.76 -14.47 -122.64
CA VAL ZD 45 31.95 -13.03 -122.63
C VAL ZD 45 31.10 -12.42 -121.51
N ARG ZD 46 31.64 -11.43 -120.82
CA ARG ZD 46 30.93 -10.70 -119.78
C ARG ZD 46 31.17 -9.20 -119.87
N HIS ZD 47 30.18 -8.43 -119.43
CA HIS ZD 47 30.30 -7.01 -119.14
C HIS ZD 47 29.71 -6.73 -117.76
N THR ZD 48 30.21 -5.69 -117.09
CA THR ZD 48 29.69 -5.38 -115.76
C THR ZD 48 30.09 -3.97 -115.31
N LYS ZD 49 29.23 -3.36 -114.51
CA LYS ZD 49 29.55 -2.16 -113.75
C LYS ZD 49 30.37 -2.57 -112.52
N GLU ZD 50 31.07 -1.59 -111.93
CA GLU ZD 50 31.65 -1.81 -110.61
C GLU ZD 50 30.91 -1.00 -109.56
N SER ZD 51 31.04 -1.41 -108.30
CA SER ZD 51 30.28 -0.80 -107.22
C SER ZD 51 30.57 0.70 -107.13
N VAL ZD 52 29.50 1.49 -106.95
CA VAL ZD 52 29.64 2.93 -106.75
C VAL ZD 52 30.02 3.19 -105.30
N LYS ZD 53 30.84 4.22 -105.08
CA LYS ZD 53 31.28 4.58 -103.73
C LYS ZD 53 31.32 6.11 -103.75
N PRO ZD 54 30.77 6.78 -102.71
CA PRO ZD 54 30.18 8.12 -102.90
C PRO ZD 54 30.88 9.03 -103.91
N ASN ZD 55 32.14 9.40 -103.68
CA ASN ZD 55 32.70 10.55 -104.40
C ASN ZD 55 33.96 10.19 -105.20
N GLN ZD 56 33.92 9.06 -105.91
CA GLN ZD 56 35.01 8.70 -106.80
C GLN ZD 56 34.45 8.30 -108.15
N VAL ZD 57 35.35 7.92 -109.05
CA VAL ZD 57 35.00 7.67 -110.44
C VAL ZD 57 34.38 6.29 -110.59
N GLN ZD 58 33.42 6.17 -111.51
CA GLN ZD 58 32.84 4.90 -111.90
C GLN ZD 58 33.60 4.29 -113.09
N TYR ZD 59 33.54 2.96 -113.19
CA TYR ZD 59 34.37 2.22 -114.13
C TYR ZD 59 33.57 1.09 -114.76
N GLU ZD 60 34.04 0.62 -115.91
CA GLU ZD 60 33.47 -0.53 -116.59
C GLU ZD 60 34.54 -1.56 -116.90
N ARG ZD 61 34.15 -2.84 -116.88
CA ARG ZD 61 35.03 -3.96 -117.14
C ARG ZD 61 34.45 -4.79 -118.28
N HIS ZD 62 35.31 -5.16 -119.24
CA HIS ZD 62 34.96 -6.13 -120.28
C HIS ZD 62 35.96 -7.27 -120.25
N ASN ZD 63 35.45 -8.50 -120.24
CA ASN ZD 63 36.26 -9.68 -119.98
C ASN ZD 63 35.91 -10.79 -120.96
N VAL ZD 64 36.91 -11.57 -121.35
CA VAL ZD 64 36.75 -12.68 -122.28
C VAL ZD 64 37.72 -13.79 -121.91
N GLU ZD 65 37.24 -15.04 -121.90
CA GLU ZD 65 38.07 -16.16 -121.48
C GLU ZD 65 37.88 -17.32 -122.45
N PHE ZD 66 38.94 -18.10 -122.63
CA PHE ZD 66 38.89 -19.37 -123.34
C PHE ZD 66 39.32 -20.49 -122.40
N THR ZD 67 38.67 -21.64 -122.52
CA THR ZD 67 38.90 -22.76 -121.60
C THR ZD 67 38.93 -24.06 -122.38
N GLU ZD 68 39.84 -24.95 -121.97
CA GLU ZD 68 39.92 -26.31 -122.48
C GLU ZD 68 39.93 -27.27 -121.30
N THR ZD 69 39.07 -28.28 -121.34
CA THR ZD 69 39.03 -29.34 -120.34
C THR ZD 69 39.18 -30.68 -121.04
N VAL ZD 70 40.15 -31.48 -120.60
CA VAL ZD 70 40.47 -32.74 -121.26
C VAL ZD 70 40.09 -33.87 -120.31
N TYR ZD 71 39.32 -34.84 -120.81
CA TYR ZD 71 38.75 -35.87 -119.97
C TYR ZD 71 39.83 -36.84 -119.49
N ALA ZD 72 39.57 -37.42 -118.32
CA ALA ZD 72 40.54 -38.31 -117.70
C ALA ZD 72 40.77 -39.54 -118.57
N SER ZD 73 42.03 -39.93 -118.71
CA SER ZD 73 42.42 -41.10 -119.47
C SER ZD 73 43.44 -41.89 -118.65
N GLY ZD 74 43.26 -43.20 -118.61
CA GLY ZD 74 44.11 -44.02 -117.76
C GLY ZD 74 44.01 -43.58 -116.32
N SER ZD 75 45.17 -43.43 -115.67
CA SER ZD 75 45.24 -42.95 -114.30
C SER ZD 75 45.32 -41.44 -114.19
N THR ZD 76 45.46 -40.73 -115.31
CA THR ZD 76 45.55 -39.27 -115.27
C THR ZD 76 44.17 -38.66 -115.07
N PRO ZD 77 43.98 -37.83 -114.03
CA PRO ZD 77 42.66 -37.23 -113.83
C PRO ZD 77 42.37 -36.09 -114.81
N GLU ZD 78 41.24 -35.42 -114.60
CA GLU ZD 78 40.85 -34.29 -115.45
C GLU ZD 78 41.68 -33.07 -115.15
N PHE ZD 79 41.90 -32.24 -116.17
CA PHE ZD 79 42.53 -30.94 -115.97
C PHE ZD 79 42.11 -30.01 -117.10
N VAL ZD 80 42.37 -28.71 -116.92
CA VAL ZD 80 41.85 -27.68 -117.79
C VAL ZD 80 42.98 -26.76 -118.23
N ARG ZD 81 42.74 -26.03 -119.31
CA ARG ZD 81 43.62 -24.95 -119.76
C ARG ZD 81 42.80 -23.71 -120.04
N GLN ZD 82 43.18 -22.59 -119.43
CA GLN ZD 82 42.44 -21.33 -119.49
C GLN ZD 82 43.31 -20.24 -120.08
N ALA ZD 83 42.66 -19.20 -120.59
CA ALA ZD 83 43.35 -17.97 -121.00
C ALA ZD 83 42.31 -16.88 -121.19
N TYR ZD 84 42.44 -15.78 -120.47
CA TYR ZD 84 41.42 -14.74 -120.45
C TYR ZD 84 42.06 -13.37 -120.33
N VAL ZD 85 41.30 -12.35 -120.77
CA VAL ZD 85 41.73 -10.96 -120.78
C VAL ZD 85 40.60 -10.10 -120.26
N VAL ZD 86 40.96 -8.96 -119.65
CA VAL ZD 86 39.99 -7.99 -119.18
C VAL ZD 86 40.44 -6.58 -119.55
N ILE ZD 87 39.49 -5.65 -119.58
CA ILE ZD 87 39.75 -4.25 -119.88
C ILE ZD 87 38.94 -3.40 -118.92
N ARG ZD 88 39.58 -2.40 -118.31
CA ARG ZD 88 38.93 -1.55 -117.32
C ARG ZD 88 39.16 -0.10 -117.70
N HIS ZD 89 38.08 0.67 -117.82
CA HIS ZD 89 38.18 2.08 -118.16
C HIS ZD 89 36.99 2.84 -117.56
N LYS ZD 90 37.17 4.15 -117.41
CA LYS ZD 90 36.17 4.99 -116.78
C LYS ZD 90 34.91 5.08 -117.62
N VAL ZD 91 33.78 5.33 -116.96
CA VAL ZD 91 32.52 5.49 -117.66
C VAL ZD 91 32.52 6.81 -118.42
N GLY ZD 92 32.25 6.74 -119.73
CA GLY ZD 92 32.20 7.92 -120.55
C GLY ZD 92 33.50 8.31 -121.23
N ASP ZD 93 34.44 7.38 -121.38
CA ASP ZD 93 35.73 7.68 -121.97
C ASP ZD 93 35.66 7.71 -123.49
N VAL ZD 94 36.76 8.13 -124.11
CA VAL ZD 94 36.91 8.03 -125.56
C VAL ZD 94 37.25 6.59 -125.91
N SER ZD 95 36.49 6.01 -126.83
CA SER ZD 95 36.62 4.59 -127.14
C SER ZD 95 37.92 4.28 -127.88
N ALA ZD 96 38.35 5.17 -128.77
CA ALA ZD 96 39.48 4.84 -129.65
C ALA ZD 96 40.75 4.59 -128.85
N THR ZD 97 41.06 5.44 -127.86
CA THR ZD 97 42.29 5.24 -127.11
C THR ZD 97 42.18 4.02 -126.21
N VAL ZD 98 41.00 3.77 -125.63
CA VAL ZD 98 40.84 2.60 -124.78
C VAL ZD 98 40.98 1.34 -125.61
N SER ZD 99 40.67 1.42 -126.91
CA SER ZD 99 40.94 0.30 -127.80
C SER ZD 99 42.42 0.18 -128.16
N ASP ZD 100 43.08 1.32 -128.42
CA ASP ZD 100 44.51 1.29 -128.76
C ASP ZD 100 45.32 0.67 -127.63
N LEU ZD 101 45.03 1.05 -126.40
CA LEU ZD 101 45.39 0.23 -125.27
C LEU ZD 101 44.59 -1.05 -125.32
N GLY ZD 102 45.23 -2.18 -125.07
CA GLY ZD 102 44.61 -3.46 -125.36
C GLY ZD 102 45.00 -3.99 -126.73
N GLU ZD 103 44.84 -3.18 -127.78
CA GLU ZD 103 45.40 -3.56 -129.06
C GLU ZD 103 46.93 -3.64 -128.97
N ALA ZD 104 47.53 -2.75 -128.18
CA ALA ZD 104 48.96 -2.85 -127.90
C ALA ZD 104 49.29 -4.19 -127.25
N LEU ZD 105 48.50 -4.60 -126.25
CA LEU ZD 105 48.71 -5.91 -125.63
C LEU ZD 105 48.65 -7.01 -126.67
N SER ZD 106 47.63 -6.97 -127.52
CA SER ZD 106 47.44 -8.01 -128.52
C SER ZD 106 48.64 -8.08 -129.45
N PHE ZD 107 49.18 -6.93 -129.85
CA PHE ZD 107 50.38 -6.94 -130.67
C PHE ZD 107 51.57 -7.52 -129.91
N TYR ZD 108 51.68 -7.23 -128.61
CA TYR ZD 108 52.88 -7.62 -127.87
C TYR ZD 108 52.97 -9.14 -127.74
N LEU ZD 109 51.89 -9.78 -127.30
CA LEU ZD 109 51.94 -11.20 -126.98
C LEU ZD 109 52.02 -12.04 -128.25
N ASN ZD 110 52.94 -13.01 -128.27
CA ASN ZD 110 53.15 -13.85 -129.45
C ASN ZD 110 53.92 -15.09 -129.02
N GLU ZD 111 54.50 -15.78 -130.02
CA GLU ZD 111 55.22 -17.03 -129.80
C GLU ZD 111 56.22 -16.92 -128.65
N ALA ZD 112 57.28 -16.13 -128.87
CA ALA ZD 112 58.42 -16.13 -127.96
C ALA ZD 112 58.02 -15.66 -126.57
N LEU ZD 113 57.17 -14.64 -126.49
CA LEU ZD 113 56.74 -14.16 -125.18
C LEU ZD 113 55.99 -15.25 -124.41
N TYR ZD 114 55.09 -15.97 -125.08
CA TYR ZD 114 54.39 -17.05 -124.40
C TYR ZD 114 55.36 -18.13 -123.93
N GLY ZD 115 56.33 -18.49 -124.77
CA GLY ZD 115 57.33 -19.45 -124.33
C GLY ZD 115 58.08 -18.98 -123.10
N LYS ZD 116 58.50 -17.71 -123.11
CA LYS ZD 116 59.25 -17.17 -121.99
C LYS ZD 116 58.41 -17.12 -120.72
N LEU ZD 117 57.15 -16.69 -120.83
CA LEU ZD 117 56.28 -16.69 -119.65
C LEU ZD 117 56.13 -18.09 -119.09
N ILE ZD 118 56.04 -19.10 -119.97
CA ILE ZD 118 56.06 -20.48 -119.48
C ILE ZD 118 57.40 -20.76 -118.81
N GLY ZD 119 58.46 -20.06 -119.23
CA GLY ZD 119 59.77 -20.23 -118.64
C GLY ZD 119 60.00 -19.58 -117.28
N TRP ZD 120 59.03 -18.83 -116.76
CA TRP ZD 120 59.03 -18.18 -115.45
C TRP ZD 120 59.89 -16.92 -115.38
N GLU ZD 121 60.56 -16.49 -116.46
CA GLU ZD 121 61.33 -15.27 -116.39
C GLU ZD 121 60.42 -14.06 -116.28
N SER ZD 122 60.66 -13.22 -115.27
CA SER ZD 122 59.83 -12.06 -115.03
C SER ZD 122 60.19 -10.91 -115.97
N ALA AE 1 11.71 -13.55 -130.47
CA ALA AE 1 12.57 -13.74 -131.67
C ALA AE 1 12.46 -12.54 -132.61
N LEU AE 2 12.60 -11.35 -132.03
CA LEU AE 2 12.40 -10.12 -132.79
C LEU AE 2 13.39 -10.04 -133.96
N GLY AE 3 14.64 -10.34 -133.69
CA GLY AE 3 15.71 -10.21 -134.67
C GLY AE 3 16.87 -9.52 -133.97
N ASP AE 4 18.08 -9.96 -134.29
CA ASP AE 4 19.27 -9.44 -133.61
C ASP AE 4 19.58 -7.99 -133.97
N THR AE 5 18.96 -7.41 -135.01
CA THR AE 5 19.09 -5.98 -135.30
C THR AE 5 17.72 -5.33 -135.43
N LEU AE 6 17.61 -4.14 -134.85
CA LEU AE 6 16.39 -3.32 -134.90
C LEU AE 6 16.70 -2.01 -135.62
N THR AE 7 15.88 -1.68 -136.61
CA THR AE 7 16.12 -0.50 -137.45
C THR AE 7 15.14 0.61 -137.07
N ILE AE 8 15.68 1.79 -136.80
CA ILE AE 8 14.89 2.98 -136.49
C ILE AE 8 15.17 4.00 -137.59
N THR AE 9 14.11 4.47 -138.25
CA THR AE 9 14.22 5.47 -139.31
C THR AE 9 13.63 6.78 -138.79
N LEU AE 10 14.52 7.69 -138.36
CA LEU AE 10 14.05 8.93 -137.76
C LEU AE 10 13.26 9.75 -138.77
N GLY AE 11 12.27 10.47 -138.27
CA GLY AE 11 11.46 11.33 -139.13
C GLY AE 11 10.63 10.57 -140.14
N GLY AE 12 9.99 9.48 -139.73
CA GLY AE 12 9.11 8.77 -140.62
C GLY AE 12 9.86 8.13 -141.78
N SER AE 13 9.08 7.73 -142.77
CA SER AE 13 9.65 7.10 -143.96
C SER AE 13 10.55 8.07 -144.71
N GLY AE 14 11.64 7.53 -145.26
CA GLY AE 14 12.56 8.30 -146.07
C GLY AE 14 13.62 9.09 -145.33
N GLY AE 15 13.70 8.96 -144.01
CA GLY AE 15 14.66 9.70 -143.22
C GLY AE 15 15.96 8.95 -143.05
N THR AE 16 16.73 9.38 -142.06
CA THR AE 16 17.97 8.72 -141.69
C THR AE 16 17.66 7.34 -141.12
N ALA AE 17 18.47 6.35 -141.53
CA ALA AE 17 18.28 4.97 -141.14
C ALA AE 17 19.29 4.60 -140.06
N LYS AE 18 18.78 4.19 -138.90
CA LYS AE 18 19.62 3.81 -137.75
C LYS AE 18 19.36 2.36 -137.41
N VAL AE 19 20.43 1.58 -137.25
CA VAL AE 19 20.34 0.14 -136.99
C VAL AE 19 20.82 -0.09 -135.57
N LEU AE 20 19.92 -0.59 -134.72
CA LEU AE 20 20.23 -1.02 -133.37
C LEU AE 20 20.69 -2.48 -133.35
N ARG AE 21 21.31 -2.89 -132.25
CA ARG AE 21 21.80 -4.25 -132.07
C ARG AE 21 21.25 -4.85 -130.79
N LYS AE 22 20.99 -6.16 -130.79
CA LYS AE 22 20.48 -6.81 -129.60
C LYS AE 22 21.57 -6.89 -128.52
N ILE AE 23 21.16 -6.81 -127.26
CA ILE AE 23 22.06 -6.79 -126.11
C ILE AE 23 21.70 -7.88 -125.10
N ASN AE 24 20.42 -7.94 -124.70
CA ASN AE 24 20.04 -8.84 -123.63
C ASN AE 24 18.53 -9.09 -123.67
N GLN AE 25 18.13 -10.24 -123.13
CA GLN AE 25 16.71 -10.57 -122.99
C GLN AE 25 16.58 -11.69 -121.98
N ASP AE 26 15.98 -11.41 -120.82
CA ASP AE 26 15.81 -12.42 -119.77
C ASP AE 26 14.33 -12.70 -119.48
N GLY AE 27 13.56 -11.71 -119.09
CA GLY AE 27 12.21 -11.96 -118.61
C GLY AE 27 11.12 -11.73 -119.64
N TYR AE 28 11.21 -12.38 -120.79
CA TYR AE 28 10.31 -12.15 -121.91
C TYR AE 28 10.49 -10.76 -122.51
N THR AE 29 11.56 -10.06 -122.15
CA THR AE 29 11.81 -8.69 -122.60
C THR AE 29 13.08 -8.65 -123.41
N SER AE 30 13.14 -7.70 -124.35
CA SER AE 30 14.30 -7.50 -125.20
C SER AE 30 14.89 -6.12 -124.93
N GLU AE 31 16.00 -5.83 -125.61
CA GLU AE 31 16.69 -4.57 -125.43
C GLU AE 31 17.72 -4.40 -126.54
N TYR AE 32 17.79 -3.18 -127.08
CA TYR AE 32 18.70 -2.84 -128.15
C TYR AE 32 19.43 -1.56 -127.77
N TYR AE 33 20.67 -1.41 -128.24
CA TYR AE 33 21.45 -0.24 -127.85
C TYR AE 33 22.38 0.17 -128.98
N LEU AE 34 22.70 1.47 -129.03
CA LEU AE 34 23.68 2.00 -129.96
C LEU AE 34 24.22 3.33 -129.42
N PRO AE 35 25.55 3.47 -129.21
CA PRO AE 35 26.09 4.76 -128.78
C PRO AE 35 26.59 5.62 -129.93
N GLU AE 36 26.56 6.95 -129.76
CA GLU AE 36 27.06 7.89 -130.75
C GLU AE 36 27.87 8.97 -130.04
N THR AE 37 28.38 9.93 -130.82
CA THR AE 37 29.22 10.98 -130.23
C THR AE 37 28.43 11.86 -129.28
N SER AE 38 27.21 12.25 -129.66
CA SER AE 38 26.40 13.16 -128.85
C SER AE 38 25.08 12.57 -128.39
N SER AE 39 24.74 11.33 -128.76
CA SER AE 39 23.48 10.73 -128.34
C SER AE 39 23.62 9.22 -128.39
N SER AE 40 22.65 8.53 -127.80
CA SER AE 40 22.66 7.08 -127.76
C SER AE 40 21.22 6.55 -127.80
N PHE AE 41 21.02 5.46 -128.52
CA PHE AE 41 19.68 4.98 -128.84
C PHE AE 41 19.42 3.66 -128.13
N ARG AE 42 18.21 3.51 -127.60
CA ARG AE 42 17.86 2.32 -126.85
C ARG AE 42 16.41 1.95 -127.14
N ALA AE 43 16.14 0.66 -127.29
CA ALA AE 43 14.79 0.16 -127.52
C ALA AE 43 14.52 -1.04 -126.62
N LYS AE 44 13.33 -1.07 -126.03
CA LYS AE 44 12.91 -2.11 -125.10
C LYS AE 44 11.56 -2.66 -125.53
N VAL AE 45 11.39 -3.98 -125.44
CA VAL AE 45 10.13 -4.64 -125.75
C VAL AE 45 9.77 -5.53 -124.56
N ARG AE 46 8.51 -5.47 -124.13
CA ARG AE 46 8.08 -6.13 -122.91
C ARG AE 46 6.72 -6.79 -123.10
N HIS AE 47 6.49 -7.87 -122.36
CA HIS AE 47 5.21 -8.55 -122.28
C HIS AE 47 4.88 -8.85 -120.83
N THR AE 48 3.60 -8.96 -120.51
CA THR AE 48 3.17 -9.15 -119.13
C THR AE 48 1.81 -9.82 -119.09
N LYS AE 49 1.49 -10.40 -117.92
CA LYS AE 49 0.17 -10.94 -117.63
C LYS AE 49 -0.29 -10.36 -116.31
N GLU AE 50 -1.50 -9.80 -116.29
CA GLU AE 50 -2.01 -9.15 -115.09
C GLU AE 50 -2.42 -10.15 -114.03
N SER AE 51 -2.60 -9.64 -112.81
CA SER AE 51 -2.94 -10.50 -111.68
C SER AE 51 -4.28 -11.19 -111.92
N VAL AE 52 -4.39 -12.42 -111.45
CA VAL AE 52 -5.61 -13.20 -111.60
C VAL AE 52 -6.58 -12.80 -110.50
N LYS AE 53 -7.88 -12.80 -110.83
CA LYS AE 53 -8.93 -12.53 -109.87
C LYS AE 53 -9.92 -13.67 -109.89
N PRO AE 54 -10.64 -13.91 -108.78
CA PRO AE 54 -11.51 -15.10 -108.73
C PRO AE 54 -12.57 -15.14 -109.82
N ASN AE 55 -13.15 -14.00 -110.20
CA ASN AE 55 -14.31 -14.00 -111.09
C ASN AE 55 -14.23 -12.89 -112.12
N GLN AE 56 -13.07 -12.75 -112.78
CA GLN AE 56 -12.89 -11.74 -113.80
C GLN AE 56 -12.19 -12.37 -115.01
N VAL AE 57 -12.22 -11.65 -116.13
CA VAL AE 57 -11.50 -12.09 -117.31
C VAL AE 57 -10.00 -11.84 -117.15
N GLN AE 58 -9.21 -12.59 -117.93
CA GLN AE 58 -7.76 -12.49 -117.89
C GLN AE 58 -7.26 -11.64 -119.04
N TYR AE 59 -6.37 -10.70 -118.75
CA TYR AE 59 -5.88 -9.73 -119.73
C TYR AE 59 -4.36 -9.88 -119.87
N GLU AE 60 -3.84 -9.51 -121.03
CA GLU AE 60 -2.40 -9.47 -121.26
C GLU AE 60 -2.03 -8.18 -121.98
N ARG AE 61 -0.87 -7.63 -121.60
CA ARG AE 61 -0.38 -6.36 -122.15
C ARG AE 61 0.92 -6.59 -122.90
N HIS AE 62 1.13 -5.79 -123.94
CA HIS AE 62 2.39 -5.73 -124.66
C HIS AE 62 2.82 -4.27 -124.82
N ASN AE 63 4.13 -4.02 -124.73
CA ASN AE 63 4.67 -2.67 -124.69
C ASN AE 63 5.88 -2.55 -125.61
N VAL AE 64 6.08 -1.35 -126.15
CA VAL AE 64 7.25 -1.04 -126.98
C VAL AE 64 7.69 0.38 -126.69
N GLU AE 65 9.00 0.59 -126.54
CA GLU AE 65 9.55 1.85 -126.04
C GLU AE 65 10.80 2.24 -126.83
N PHE AE 66 10.88 3.51 -127.20
CA PHE AE 66 12.05 4.11 -127.82
C PHE AE 66 12.50 5.27 -126.95
N THR AE 67 13.81 5.43 -126.80
CA THR AE 67 14.37 6.42 -125.90
C THR AE 67 15.45 7.24 -126.61
N GLU AE 68 15.61 8.47 -126.16
CA GLU AE 68 16.67 9.37 -126.61
C GLU AE 68 17.24 10.12 -125.43
N THR AE 69 18.46 9.80 -125.03
CA THR AE 69 19.19 10.59 -124.06
C THR AE 69 20.34 11.27 -124.77
N VAL AE 70 20.47 12.58 -124.58
CA VAL AE 70 21.50 13.39 -125.21
C VAL AE 70 22.49 13.75 -124.13
N TYR AE 71 23.76 13.41 -124.33
CA TYR AE 71 24.77 13.66 -123.32
C TYR AE 71 24.84 15.15 -122.99
N ALA AE 72 24.98 15.45 -121.71
CA ALA AE 72 25.06 16.83 -121.25
C ALA AE 72 26.26 17.53 -121.89
N SER AE 73 26.03 18.73 -122.39
CA SER AE 73 27.08 19.53 -123.02
C SER AE 73 26.96 20.97 -122.53
N GLY AE 74 28.08 21.54 -122.12
CA GLY AE 74 28.05 22.91 -121.61
C GLY AE 74 27.24 23.01 -120.34
N SER AE 75 26.54 24.13 -120.18
CA SER AE 75 25.72 24.33 -118.99
C SER AE 75 24.46 23.47 -119.02
N THR AE 76 24.03 23.04 -120.21
CA THR AE 76 22.80 22.28 -120.34
C THR AE 76 22.97 20.89 -119.75
N PRO AE 77 22.16 20.47 -118.77
CA PRO AE 77 22.31 19.12 -118.22
C PRO AE 77 21.75 18.03 -119.11
N GLU AE 78 21.73 16.81 -118.61
CA GLU AE 78 21.21 15.67 -119.35
C GLU AE 78 19.70 15.81 -119.54
N PHE AE 79 19.22 15.33 -120.67
CA PHE AE 79 17.78 15.26 -120.93
C PHE AE 79 17.52 14.15 -121.93
N VAL AE 80 16.26 13.70 -121.98
CA VAL AE 80 15.91 12.46 -122.67
C VAL AE 80 14.57 12.62 -123.37
N ARG AE 81 14.39 11.91 -124.49
CA ARG AE 81 13.10 11.84 -125.17
C ARG AE 81 12.66 10.38 -125.30
N GLN AE 82 11.34 10.16 -125.20
CA GLN AE 82 10.75 8.82 -125.17
C GLN AE 82 9.52 8.78 -126.07
N ALA AE 83 9.12 7.56 -126.45
CA ALA AE 83 7.86 7.34 -127.16
C ALA AE 83 7.54 5.86 -127.13
N TYR AE 84 6.39 5.49 -126.59
CA TYR AE 84 6.06 4.09 -126.38
C TYR AE 84 4.58 3.81 -126.67
N VAL AE 85 4.27 2.52 -126.79
CA VAL AE 85 2.92 2.04 -127.07
C VAL AE 85 2.58 0.90 -126.12
N VAL AE 86 1.28 0.73 -125.86
CA VAL AE 86 0.77 -0.42 -125.12
C VAL AE 86 -0.44 -0.99 -125.85
N ILE AE 87 -0.67 -2.28 -125.66
CA ILE AE 87 -1.85 -2.97 -126.17
C ILE AE 87 -2.39 -3.89 -125.08
N ARG AE 88 -3.69 -3.81 -124.83
CA ARG AE 88 -4.33 -4.57 -123.76
C ARG AE 88 -5.49 -5.35 -124.36
N HIS AE 89 -5.50 -6.67 -124.16
CA HIS AE 89 -6.58 -7.50 -124.68
C HIS AE 89 -6.64 -8.80 -123.89
N LYS AE 90 -7.78 -9.48 -123.97
CA LYS AE 90 -8.03 -10.64 -123.12
C LYS AE 90 -7.28 -11.87 -123.66
N VAL AE 91 -7.22 -12.89 -122.82
CA VAL AE 91 -6.60 -14.15 -123.20
C VAL AE 91 -7.57 -14.93 -124.08
N GLY AE 92 -7.05 -15.45 -125.20
CA GLY AE 92 -7.85 -16.22 -126.11
C GLY AE 92 -8.65 -15.43 -127.12
N ASP AE 93 -8.40 -14.14 -127.27
CA ASP AE 93 -9.12 -13.34 -128.25
C ASP AE 93 -8.68 -13.71 -129.66
N VAL AE 94 -9.27 -13.04 -130.65
CA VAL AE 94 -8.92 -13.26 -132.05
C VAL AE 94 -7.82 -12.28 -132.43
N SER AE 95 -6.73 -12.80 -132.99
CA SER AE 95 -5.53 -11.99 -133.20
C SER AE 95 -5.79 -10.83 -134.16
N ALA AE 96 -6.41 -11.12 -135.31
CA ALA AE 96 -6.56 -10.10 -136.34
C ALA AE 96 -7.41 -8.94 -135.84
N THR AE 97 -8.50 -9.24 -135.14
CA THR AE 97 -9.36 -8.17 -134.62
C THR AE 97 -8.59 -7.27 -133.66
N VAL AE 98 -7.80 -7.87 -132.75
CA VAL AE 98 -7.03 -7.07 -131.82
C VAL AE 98 -6.00 -6.22 -132.56
N SER AE 99 -5.41 -6.77 -133.61
CA SER AE 99 -4.41 -6.03 -134.37
C SER AE 99 -5.03 -4.87 -135.15
N ASP AE 100 -6.30 -5.00 -135.55
CA ASP AE 100 -6.92 -3.96 -136.38
C ASP AE 100 -6.95 -2.63 -135.64
N LEU AE 101 -7.26 -2.65 -134.35
CA LEU AE 101 -7.31 -1.41 -133.57
C LEU AE 101 -5.94 -0.74 -133.54
N GLY AE 102 -4.88 -1.51 -133.31
CA GLY AE 102 -3.55 -0.94 -133.28
C GLY AE 102 -3.14 -0.40 -134.64
N GLU AE 103 -3.51 -1.11 -135.71
CA GLU AE 103 -3.23 -0.62 -137.06
C GLU AE 103 -3.95 0.71 -137.31
N ALA AE 104 -5.21 0.82 -136.87
CA ALA AE 104 -5.93 2.08 -137.00
C ALA AE 104 -5.22 3.19 -136.24
N LEU AE 105 -4.79 2.91 -135.01
CA LEU AE 105 -4.12 3.92 -134.21
C LEU AE 105 -2.83 4.36 -134.89
N SER AE 106 -2.08 3.40 -135.46
CA SER AE 106 -0.84 3.73 -136.15
C SER AE 106 -1.12 4.59 -137.38
N PHE AE 107 -2.17 4.27 -138.13
CA PHE AE 107 -2.52 5.05 -139.31
C PHE AE 107 -2.94 6.47 -138.93
N TYR AE 108 -3.63 6.62 -137.80
CA TYR AE 108 -4.11 7.94 -137.40
C TYR AE 108 -2.95 8.90 -137.14
N LEU AE 109 -1.94 8.45 -136.40
CA LEU AE 109 -0.82 9.30 -136.06
C LEU AE 109 0.07 9.54 -137.29
N ASN AE 110 0.40 10.80 -137.52
CA ASN AE 110 1.26 11.21 -138.63
C ASN AE 110 1.92 12.53 -138.25
N GLU AE 111 2.50 13.20 -139.25
CA GLU AE 111 3.19 14.46 -138.99
C GLU AE 111 2.24 15.47 -138.33
N ALA AE 112 1.08 15.69 -138.94
CA ALA AE 112 0.18 16.73 -138.47
C ALA AE 112 -0.31 16.46 -137.06
N LEU AE 113 -0.70 15.20 -136.77
CA LEU AE 113 -1.19 14.90 -135.44
C LEU AE 113 -0.11 15.12 -134.39
N TYR AE 114 1.12 14.69 -134.68
CA TYR AE 114 2.20 14.88 -133.71
C TYR AE 114 2.48 16.35 -133.49
N GLY AE 115 2.48 17.16 -134.56
CA GLY AE 115 2.66 18.59 -134.37
C GLY AE 115 1.57 19.22 -133.52
N LYS AE 116 0.32 18.87 -133.80
CA LYS AE 116 -0.79 19.42 -133.02
C LYS AE 116 -0.73 18.96 -131.57
N LEU AE 117 -0.40 17.69 -131.33
CA LEU AE 117 -0.29 17.24 -129.94
C LEU AE 117 0.80 17.99 -129.20
N ILE AE 118 1.94 18.21 -129.85
CA ILE AE 118 2.97 19.05 -129.25
C ILE AE 118 2.45 20.47 -129.07
N GLY AE 119 1.41 20.84 -129.81
CA GLY AE 119 0.79 22.15 -129.66
C GLY AE 119 0.01 22.35 -128.37
N TRP AE 120 -0.25 21.29 -127.61
CA TRP AE 120 -0.98 21.28 -126.34
C TRP AE 120 -2.49 21.39 -126.51
N GLU AE 121 -3.03 21.45 -127.74
CA GLU AE 121 -4.46 21.57 -127.92
C GLU AE 121 -5.11 20.19 -127.81
N SER AE 122 -6.09 20.08 -126.91
CA SER AE 122 -6.76 18.82 -126.63
C SER AE 122 -7.79 18.49 -127.71
N ALA BE 1 89.27 43.91 -91.99
CA ALA BE 1 90.73 43.82 -92.21
C ALA BE 1 91.28 42.53 -91.61
N LEU BE 2 92.59 42.47 -91.37
CA LEU BE 2 93.32 41.34 -90.82
C LEU BE 2 93.43 40.18 -91.82
N GLY BE 3 92.84 40.29 -93.01
CA GLY BE 3 92.89 39.20 -93.97
C GLY BE 3 92.13 37.98 -93.49
N ASP BE 4 91.93 37.01 -94.38
CA ASP BE 4 91.28 35.76 -94.00
C ASP BE 4 92.25 34.74 -93.42
N THR BE 5 93.54 35.04 -93.40
CA THR BE 5 94.54 34.12 -92.86
C THR BE 5 95.40 34.81 -91.80
N LEU BE 6 95.66 34.10 -90.72
CA LEU BE 6 96.46 34.56 -89.59
C LEU BE 6 97.70 33.69 -89.51
N THR BE 7 98.86 34.30 -89.31
CA THR BE 7 100.12 33.59 -89.29
C THR BE 7 100.71 33.63 -87.89
N ILE BE 8 101.00 32.46 -87.33
CA ILE BE 8 101.70 32.35 -86.05
C ILE BE 8 103.01 31.61 -86.31
N THR BE 9 104.10 32.17 -85.81
CA THR BE 9 105.44 31.61 -85.96
C THR BE 9 105.89 31.10 -84.60
N LEU BE 10 105.75 29.79 -84.38
CA LEU BE 10 106.16 29.23 -83.10
C LEU BE 10 107.65 29.45 -82.88
N GLY BE 11 108.02 29.75 -81.64
CA GLY BE 11 109.41 29.95 -81.31
C GLY BE 11 109.94 31.32 -81.67
N GLY BE 12 109.09 32.33 -81.74
CA GLY BE 12 109.56 33.66 -82.05
C GLY BE 12 109.97 33.80 -83.51
N SER BE 13 110.71 34.86 -83.77
CA SER BE 13 111.18 35.14 -85.12
C SER BE 13 112.08 34.02 -85.63
N GLY BE 14 111.91 33.67 -86.90
CA GLY BE 14 112.73 32.66 -87.54
C GLY BE 14 112.35 31.23 -87.26
N GLY BE 15 111.21 30.99 -86.62
CA GLY BE 15 110.80 29.65 -86.23
C GLY BE 15 109.90 28.98 -87.26
N THR BE 16 109.07 28.07 -86.77
CA THR BE 16 108.13 27.35 -87.61
C THR BE 16 106.87 28.17 -87.81
N ALA BE 17 106.47 28.34 -89.07
CA ALA BE 17 105.30 29.14 -89.39
C ALA BE 17 104.06 28.27 -89.58
N LYS BE 18 102.96 28.69 -88.96
CA LYS BE 18 101.65 28.07 -89.12
C LYS BE 18 100.66 29.13 -89.60
N VAL BE 19 99.79 28.76 -90.52
CA VAL BE 19 98.80 29.67 -91.08
C VAL BE 19 97.42 29.21 -90.63
N LEU BE 20 96.58 30.15 -90.22
CA LEU BE 20 95.23 29.89 -89.78
C LEU BE 20 94.25 30.44 -90.82
N ARG BE 21 93.02 29.95 -90.82
CA ARG BE 21 91.97 30.47 -91.69
C ARG BE 21 90.77 30.94 -90.88
N LYS BE 22 90.09 31.98 -91.36
CA LYS BE 22 88.87 32.44 -90.70
C LYS BE 22 87.74 31.45 -90.93
N ILE BE 23 86.92 31.26 -89.89
CA ILE BE 23 85.78 30.34 -89.97
C ILE BE 23 84.49 30.95 -89.48
N ASN BE 24 84.51 32.03 -88.70
CA ASN BE 24 83.29 32.59 -88.14
C ASN BE 24 83.55 34.04 -87.74
N GLN BE 25 82.47 34.82 -87.64
CA GLN BE 25 82.58 36.21 -87.23
C GLN BE 25 81.23 36.65 -86.65
N ASP BE 26 81.11 36.60 -85.33
CA ASP BE 26 79.89 36.99 -84.63
C ASP BE 26 80.22 37.84 -83.42
N GLY BE 27 79.35 38.81 -83.15
CA GLY BE 27 79.42 39.58 -81.92
C GLY BE 27 80.74 40.30 -81.70
N TYR BE 28 81.24 40.98 -82.72
CA TYR BE 28 82.50 41.71 -82.63
C TYR BE 28 83.64 40.76 -82.27
N THR BE 29 83.62 39.56 -82.84
CA THR BE 29 84.58 38.52 -82.51
C THR BE 29 84.91 37.73 -83.76
N SER BE 30 86.13 37.22 -83.83
CA SER BE 30 86.60 36.44 -84.97
C SER BE 30 87.24 35.14 -84.48
N GLU BE 31 87.28 34.16 -85.38
CA GLU BE 31 87.86 32.85 -85.11
C GLU BE 31 88.81 32.47 -86.23
N TYR BE 32 89.87 31.75 -85.86
CA TYR BE 32 90.83 31.19 -86.80
C TYR BE 32 91.17 29.78 -86.36
N TYR BE 33 91.29 28.84 -87.30
CA TYR BE 33 91.44 27.44 -86.93
C TYR BE 33 92.25 26.68 -87.99
N LEU BE 34 92.82 25.53 -87.56
CA LEU BE 34 93.68 24.69 -88.40
C LEU BE 34 93.79 23.27 -87.85
N PRO BE 35 93.42 22.23 -88.60
CA PRO BE 35 93.56 20.86 -88.08
C PRO BE 35 94.87 20.18 -88.46
N GLU BE 36 95.26 19.23 -87.61
CA GLU BE 36 96.48 18.45 -87.81
C GLU BE 36 96.27 17.08 -87.19
N THR BE 37 97.14 16.14 -87.58
CA THR BE 37 96.94 14.75 -87.18
C THR BE 37 97.10 14.58 -85.67
N SER BE 38 97.95 15.37 -85.03
CA SER BE 38 98.21 15.23 -83.60
C SER BE 38 97.77 16.42 -82.76
N SER BE 39 97.45 17.57 -83.36
CA SER BE 39 97.08 18.74 -82.59
C SER BE 39 96.25 19.68 -83.46
N SER BE 40 95.97 20.87 -82.92
CA SER BE 40 95.14 21.87 -83.59
C SER BE 40 95.51 23.24 -83.07
N PHE BE 41 95.44 24.24 -83.94
CA PHE BE 41 95.65 25.64 -83.57
C PHE BE 41 94.35 26.41 -83.74
N ARG BE 42 94.08 27.32 -82.80
CA ARG BE 42 92.83 28.08 -82.81
C ARG BE 42 93.12 29.45 -82.19
N ALA BE 43 92.88 30.52 -82.94
CA ALA BE 43 93.11 31.88 -82.48
C ALA BE 43 91.86 32.72 -82.73
N LYS BE 44 91.44 33.45 -81.71
CA LYS BE 44 90.24 34.29 -81.80
C LYS BE 44 90.50 35.63 -81.14
N VAL BE 45 89.78 36.65 -81.62
CA VAL BE 45 89.91 38.03 -81.14
C VAL BE 45 88.52 38.57 -80.85
N ARG BE 46 88.36 39.22 -79.69
CA ARG BE 46 87.10 39.82 -79.32
C ARG BE 46 87.28 41.28 -78.94
N HIS BE 47 86.18 42.03 -79.02
CA HIS BE 47 86.09 43.40 -78.53
C HIS BE 47 84.87 43.54 -77.63
N THR BE 48 84.90 44.50 -76.72
CA THR BE 48 83.80 44.71 -75.80
C THR BE 48 83.86 46.11 -75.22
N LYS BE 49 82.71 46.61 -74.80
CA LYS BE 49 82.59 47.87 -74.06
C LYS BE 49 81.99 47.57 -72.69
N GLU BE 50 82.62 48.08 -71.63
CA GLU BE 50 82.16 47.79 -70.28
C GLU BE 50 80.87 48.54 -69.98
N SER BE 51 80.15 48.07 -68.96
CA SER BE 51 78.84 48.61 -68.64
C SER BE 51 78.94 50.09 -68.28
N VAL BE 52 77.87 50.83 -68.59
CA VAL BE 52 77.82 52.27 -68.35
C VAL BE 52 77.23 52.53 -66.97
N LYS BE 53 77.71 53.59 -66.34
CA LYS BE 53 77.30 54.02 -65.01
C LYS BE 53 76.92 55.49 -65.08
N PRO BE 54 76.11 55.99 -64.13
CA PRO BE 54 75.59 57.35 -64.26
C PRO BE 54 76.65 58.42 -64.51
N ASN BE 55 77.62 58.59 -63.60
CA ASN BE 55 78.68 59.60 -63.77
C ASN BE 55 80.05 58.94 -63.54
N GLN BE 56 80.57 58.31 -64.58
CA GLN BE 56 81.83 57.58 -64.53
C GLN BE 56 82.53 57.79 -65.87
N VAL BE 57 83.55 56.97 -66.15
CA VAL BE 57 84.28 57.02 -67.41
C VAL BE 57 84.05 55.70 -68.14
N GLN BE 58 83.64 55.79 -69.41
CA GLN BE 58 83.49 54.59 -70.23
C GLN BE 58 84.84 54.08 -70.71
N TYR BE 59 84.96 52.76 -70.78
CA TYR BE 59 86.21 52.09 -71.13
C TYR BE 59 85.97 51.08 -72.24
N GLU BE 60 87.04 50.75 -72.95
CA GLU BE 60 87.02 49.73 -74.01
C GLU BE 60 88.08 48.69 -73.73
N ARG BE 61 87.73 47.42 -73.98
CA ARG BE 61 88.60 46.28 -73.76
C ARG BE 61 88.88 45.60 -75.09
N HIS BE 62 90.12 45.18 -75.29
CA HIS BE 62 90.50 44.38 -76.45
C HIS BE 62 91.29 43.16 -75.98
N ASN BE 63 91.00 42.00 -76.55
CA ASN BE 63 91.63 40.76 -76.14
C ASN BE 63 92.04 39.95 -77.37
N VAL BE 64 93.21 39.33 -77.28
CA VAL BE 64 93.72 38.42 -78.31
C VAL BE 64 94.26 37.18 -77.61
N GLU BE 65 93.97 36.01 -78.16
CA GLU BE 65 94.24 34.74 -77.50
C GLU BE 65 94.74 33.70 -78.49
N PHE BE 66 95.80 32.99 -78.11
CA PHE BE 66 96.27 31.82 -78.84
C PHE BE 66 95.99 30.57 -78.02
N THR BE 67 95.62 29.49 -78.70
CA THR BE 67 95.31 28.24 -78.02
C THR BE 67 95.83 27.07 -78.86
N GLU BE 68 96.27 26.01 -78.18
CA GLU BE 68 96.80 24.82 -78.83
C GLU BE 68 96.40 23.61 -78.01
N THR BE 69 95.65 22.69 -78.63
CA THR BE 69 95.20 21.48 -77.95
C THR BE 69 95.89 20.26 -78.56
N VAL BE 70 96.23 19.30 -77.70
CA VAL BE 70 96.80 18.02 -78.11
C VAL BE 70 95.83 16.92 -77.72
N TYR BE 71 95.41 16.12 -78.70
CA TYR BE 71 94.41 15.11 -78.45
C TYR BE 71 94.98 13.97 -77.60
N ALA BE 72 94.12 13.37 -76.80
CA ALA BE 72 94.56 12.32 -75.88
C ALA BE 72 95.13 11.14 -76.65
N SER BE 73 96.28 10.66 -76.20
CA SER BE 73 96.91 9.46 -76.73
C SER BE 73 97.33 8.57 -75.58
N GLY BE 74 97.06 7.28 -75.70
CA GLY BE 74 97.37 6.36 -74.61
C GLY BE 74 96.65 6.76 -73.35
N SER BE 75 97.37 6.75 -72.23
CA SER BE 75 96.79 7.13 -70.95
C SER BE 75 96.77 8.64 -70.72
N THR BE 76 97.50 9.40 -71.53
CA THR BE 76 97.54 10.85 -71.36
C THR BE 76 96.23 11.48 -71.83
N PRO BE 77 95.53 12.23 -71.01
CA PRO BE 77 94.25 12.82 -71.42
C PRO BE 77 94.47 14.09 -72.23
N GLU BE 78 93.36 14.80 -72.47
CA GLU BE 78 93.41 16.08 -73.17
C GLU BE 78 94.13 17.13 -72.32
N PHE BE 79 94.87 17.99 -73.00
CA PHE BE 79 95.45 19.16 -72.33
C PHE BE 79 95.75 20.22 -73.37
N VAL BE 80 95.91 21.46 -72.90
CA VAL BE 80 95.94 22.63 -73.76
C VAL BE 80 97.08 23.56 -73.36
N ARG BE 81 97.51 24.37 -74.32
CA ARG BE 81 98.39 25.51 -74.08
C ARG BE 81 97.71 26.76 -74.58
N GLN BE 82 97.74 27.82 -73.76
CA GLN BE 82 96.98 29.03 -74.01
C GLN BE 82 97.87 30.24 -73.76
N ALA BE 83 97.53 31.37 -74.39
CA ALA BE 83 98.24 32.61 -74.16
C ALA BE 83 97.40 33.75 -74.74
N TYR BE 84 97.19 34.81 -73.96
CA TYR BE 84 96.32 35.88 -74.40
C TYR BE 84 96.78 37.22 -73.86
N VAL BE 85 96.28 38.28 -74.49
CA VAL BE 85 96.59 39.67 -74.13
C VAL BE 85 95.30 40.45 -73.99
N VAL BE 86 95.34 41.52 -73.21
CA VAL BE 86 94.19 42.40 -73.00
C VAL BE 86 94.66 43.84 -73.00
N ILE BE 87 93.89 44.72 -73.64
CA ILE BE 87 94.15 46.15 -73.69
C ILE BE 87 92.89 46.87 -73.23
N ARG BE 88 93.05 47.82 -72.30
CA ARG BE 88 91.90 48.52 -71.74
C ARG BE 88 92.21 50.02 -71.68
N HIS BE 89 91.28 50.83 -72.19
CA HIS BE 89 91.48 52.27 -72.30
C HIS BE 89 90.11 52.92 -72.46
N LYS BE 90 90.07 54.24 -72.33
CA LYS BE 90 88.81 54.95 -72.38
C LYS BE 90 88.41 55.25 -73.83
N VAL BE 91 87.14 55.62 -74.01
CA VAL BE 91 86.56 55.73 -75.35
C VAL BE 91 87.26 56.82 -76.15
N GLY BE 92 87.52 57.96 -75.54
CA GLY BE 92 88.08 59.10 -76.22
C GLY BE 92 89.59 59.26 -76.14
N ASP BE 93 90.30 58.27 -75.60
CA ASP BE 93 91.74 58.41 -75.43
C ASP BE 93 92.44 58.56 -76.77
N VAL BE 94 93.70 58.98 -76.72
CA VAL BE 94 94.52 59.10 -77.92
C VAL BE 94 95.10 57.74 -78.27
N SER BE 95 94.97 57.35 -79.54
CA SER BE 95 95.35 56.00 -79.95
C SER BE 95 96.85 55.78 -79.86
N ALA BE 96 97.66 56.76 -80.28
CA ALA BE 96 99.10 56.55 -80.37
C ALA BE 96 99.73 56.26 -79.01
N THR BE 97 99.31 56.99 -77.97
CA THR BE 97 99.85 56.73 -76.64
C THR BE 97 99.45 55.34 -76.15
N VAL BE 98 98.21 54.93 -76.43
CA VAL BE 98 97.79 53.60 -76.03
C VAL BE 98 98.65 52.56 -76.72
N SER BE 99 98.95 52.78 -78.01
CA SER BE 99 99.79 51.85 -78.74
C SER BE 99 101.21 51.81 -78.17
N ASP BE 100 101.75 52.98 -77.79
CA ASP BE 100 103.08 53.02 -77.21
C ASP BE 100 103.13 52.26 -75.89
N LEU BE 101 102.12 52.43 -75.04
CA LEU BE 101 102.06 51.66 -73.80
C LEU BE 101 101.92 50.17 -74.10
N GLY BE 102 101.13 49.81 -75.10
CA GLY BE 102 100.94 48.41 -75.43
C GLY BE 102 102.21 47.73 -75.88
N GLU BE 103 102.99 48.39 -76.75
CA GLU BE 103 104.18 47.75 -77.28
C GLU BE 103 105.30 47.63 -76.26
N ALA BE 104 105.17 48.28 -75.10
CA ALA BE 104 106.17 48.10 -74.05
C ALA BE 104 106.22 46.65 -73.60
N LEU BE 105 105.06 46.02 -73.40
CA LEU BE 105 105.04 44.61 -73.03
C LEU BE 105 105.68 43.77 -74.13
N SER BE 106 105.38 44.09 -75.38
CA SER BE 106 105.92 43.32 -76.50
C SER BE 106 107.44 43.37 -76.52
N PHE BE 107 108.01 44.55 -76.31
CA PHE BE 107 109.47 44.66 -76.24
C PHE BE 107 110.04 43.96 -75.02
N TYR BE 108 109.37 44.10 -73.87
CA TYR BE 108 109.92 43.59 -72.62
C TYR BE 108 109.93 42.07 -72.55
N LEU BE 109 108.95 41.42 -73.15
CA LEU BE 109 108.80 39.97 -73.04
C LEU BE 109 109.62 39.30 -74.13
N ASN BE 110 110.53 38.41 -73.71
CA ASN BE 110 111.38 37.66 -74.64
C ASN BE 110 111.66 36.31 -74.01
N GLU BE 111 112.67 35.62 -74.54
CA GLU BE 111 112.99 34.28 -74.04
C GLU BE 111 113.33 34.31 -72.56
N ALA BE 112 114.16 35.27 -72.14
CA ALA BE 112 114.63 35.27 -70.76
C ALA BE 112 113.48 35.48 -69.77
N LEU BE 113 112.60 36.44 -70.04
CA LEU BE 113 111.49 36.69 -69.13
C LEU BE 113 110.59 35.46 -69.05
N TYR BE 114 110.30 34.83 -70.19
CA TYR BE 114 109.44 33.66 -70.17
C TYR BE 114 110.08 32.52 -69.41
N GLY BE 115 111.38 32.30 -69.60
CA GLY BE 115 112.07 31.27 -68.85
C GLY BE 115 112.01 31.52 -67.35
N LYS BE 116 112.20 32.78 -66.94
CA LYS BE 116 112.08 33.11 -65.52
C LYS BE 116 110.66 32.90 -65.02
N LEU BE 117 109.66 33.29 -65.80
CA LEU BE 117 108.27 33.14 -65.34
C LEU BE 117 107.93 31.67 -65.13
N ILE BE 118 108.32 30.80 -66.06
CA ILE BE 118 108.06 29.37 -65.89
C ILE BE 118 108.75 28.86 -64.63
N GLY BE 119 109.86 29.49 -64.25
CA GLY BE 119 110.55 29.17 -63.02
C GLY BE 119 109.99 29.82 -61.77
N TRP BE 120 108.80 30.42 -61.82
CA TRP BE 120 108.18 31.10 -60.70
C TRP BE 120 108.96 32.30 -60.22
N GLU BE 121 110.06 32.63 -60.88
CA GLU BE 121 110.87 33.76 -60.46
C GLU BE 121 110.07 35.06 -60.58
N SER BE 122 110.08 35.85 -59.51
CA SER BE 122 109.29 37.07 -59.47
C SER BE 122 109.64 37.90 -58.23
N ALA CE 1 76.21 42.22 -98.95
CA ALA CE 1 77.45 42.16 -99.79
C ALA CE 1 77.79 43.56 -100.32
N LEU CE 2 77.55 44.57 -99.49
CA LEU CE 2 77.86 45.93 -99.92
C LEU CE 2 79.34 46.11 -100.18
N GLY CE 3 80.18 45.55 -99.31
CA GLY CE 3 81.61 45.71 -99.38
C GLY CE 3 82.17 45.98 -98.01
N ASP CE 4 83.48 45.73 -97.85
CA ASP CE 4 84.11 45.89 -96.55
C ASP CE 4 84.30 47.36 -96.18
N THR CE 5 84.21 48.28 -97.12
CA THR CE 5 84.40 49.70 -96.85
C THR CE 5 83.21 50.50 -97.37
N LEU CE 6 82.74 51.43 -96.55
CA LEU CE 6 81.64 52.33 -96.88
C LEU CE 6 82.18 53.75 -96.85
N THR CE 7 81.86 54.54 -97.87
CA THR CE 7 82.37 55.89 -98.00
C THR CE 7 81.28 56.90 -97.68
N ILE CE 8 81.58 57.83 -96.79
CA ILE CE 8 80.70 58.94 -96.44
C ILE CE 8 81.41 60.23 -96.86
N THR CE 9 80.75 61.02 -97.70
CA THR CE 9 81.32 62.24 -98.27
C THR CE 9 80.54 63.42 -97.71
N LEU CE 10 81.02 64.00 -96.62
CA LEU CE 10 80.33 65.12 -96.01
C LEU CE 10 80.31 66.30 -96.98
N GLY CE 11 79.15 66.94 -97.10
CA GLY CE 11 78.95 67.99 -98.07
C GLY CE 11 78.37 67.54 -99.39
N GLY CE 12 77.83 66.33 -99.45
CA GLY CE 12 77.29 65.84 -100.71
C GLY CE 12 78.41 65.47 -101.65
N SER CE 13 78.41 66.09 -102.83
CA SER CE 13 79.48 65.92 -103.81
C SER CE 13 80.60 66.91 -103.61
N GLY CE 14 80.58 67.69 -102.53
CA GLY CE 14 81.63 68.67 -102.28
C GLY CE 14 82.99 68.06 -102.03
N GLY CE 15 83.14 67.36 -100.90
CA GLY CE 15 84.42 66.77 -100.55
C GLY CE 15 84.41 66.12 -99.18
N THR CE 16 85.56 66.07 -98.52
CA THR CE 16 85.69 65.54 -97.17
C THR CE 16 85.12 64.12 -97.08
N ALA CE 17 85.78 63.21 -97.79
CA ALA CE 17 85.36 61.81 -97.80
C ALA CE 17 86.01 61.03 -96.67
N LYS CE 18 85.21 60.30 -95.91
CA LYS CE 18 85.68 59.38 -94.88
C LYS CE 18 85.46 57.95 -95.35
N VAL CE 19 86.35 57.05 -94.94
CA VAL CE 19 86.29 55.64 -95.34
C VAL CE 19 86.03 54.81 -94.10
N LEU CE 20 84.79 54.36 -93.94
CA LEU CE 20 84.43 53.44 -92.88
C LEU CE 20 84.87 52.02 -93.24
N ARG CE 21 84.99 51.19 -92.21
CA ARG CE 21 85.36 49.78 -92.37
C ARG CE 21 84.40 48.90 -91.59
N LYS CE 22 84.21 47.68 -92.08
CA LYS CE 22 83.23 46.78 -91.48
C LYS CE 22 83.71 46.27 -90.13
N ILE CE 23 82.77 46.16 -89.19
CA ILE CE 23 83.03 45.59 -87.88
C ILE CE 23 82.45 44.18 -87.77
N ASN CE 24 81.15 44.04 -87.98
CA ASN CE 24 80.52 42.73 -87.95
C ASN CE 24 79.22 42.77 -88.72
N GLN CE 25 78.69 41.57 -89.00
CA GLN CE 25 77.37 41.42 -89.61
C GLN CE 25 76.69 40.22 -88.97
N ASP CE 26 75.45 40.41 -88.53
CA ASP CE 26 74.71 39.35 -87.87
C ASP CE 26 73.22 39.55 -88.14
N GLY CE 27 72.54 38.47 -88.47
CA GLY CE 27 71.10 38.54 -88.68
C GLY CE 27 70.72 39.48 -89.81
N TYR CE 28 71.44 39.41 -90.93
CA TYR CE 28 71.15 40.23 -92.10
C TYR CE 28 71.31 41.71 -91.80
N THR CE 29 72.28 42.05 -90.95
CA THR CE 29 72.59 43.43 -90.60
C THR CE 29 74.10 43.65 -90.75
N SER CE 30 74.50 44.91 -90.80
CA SER CE 30 75.91 45.23 -90.95
C SER CE 30 76.22 46.50 -90.16
N GLU CE 31 77.50 46.67 -89.84
CA GLU CE 31 77.96 47.82 -89.08
C GLU CE 31 79.31 48.26 -89.63
N TYR CE 32 79.52 49.57 -89.63
CA TYR CE 32 80.77 50.17 -90.08
C TYR CE 32 81.22 51.18 -89.03
N TYR CE 33 82.54 51.33 -88.89
CA TYR CE 33 83.08 52.20 -87.85
C TYR CE 33 84.40 52.82 -88.29
N LEU CE 34 84.72 53.98 -87.70
CA LEU CE 34 86.01 54.62 -87.88
C LEU CE 34 86.21 55.67 -86.79
N PRO CE 35 87.30 55.62 -85.99
CA PRO CE 35 87.55 56.69 -85.03
C PRO CE 35 88.48 57.77 -85.54
N GLU CE 36 88.40 58.96 -84.95
CA GLU CE 36 89.22 60.10 -85.30
C GLU CE 36 89.67 60.78 -84.00
N THR CE 37 90.26 61.97 -84.12
CA THR CE 37 90.76 62.66 -82.92
C THR CE 37 89.62 63.06 -81.99
N SER CE 38 88.56 63.66 -82.53
CA SER CE 38 87.50 64.22 -81.70
C SER CE 38 86.10 63.75 -82.08
N SER CE 39 85.96 62.83 -83.02
CA SER CE 39 84.64 62.30 -83.36
C SER CE 39 84.81 60.92 -83.97
N SER CE 40 83.69 60.20 -84.06
CA SER CE 40 83.66 58.84 -84.57
C SER CE 40 82.52 58.70 -85.57
N PHE CE 41 82.76 57.94 -86.64
CA PHE CE 41 81.77 57.69 -87.67
C PHE CE 41 81.31 56.24 -87.58
N ARG CE 42 79.99 56.05 -87.59
CA ARG CE 42 79.40 54.72 -87.50
C ARG CE 42 78.25 54.65 -88.49
N ALA CE 43 78.11 53.50 -89.15
CA ALA CE 43 77.03 53.27 -90.10
C ALA CE 43 76.57 51.83 -89.99
N LYS CE 44 75.26 51.62 -90.15
CA LYS CE 44 74.69 50.29 -90.03
C LYS CE 44 73.53 50.13 -91.01
N VAL CE 45 73.28 48.87 -91.38
CA VAL CE 45 72.21 48.48 -92.29
C VAL CE 45 71.49 47.28 -91.69
N ARG CE 46 70.16 47.28 -91.80
CA ARG CE 46 69.35 46.20 -91.26
C ARG CE 46 68.20 45.88 -92.21
N HIS CE 47 67.63 44.69 -92.03
CA HIS CE 47 66.43 44.25 -92.73
C HIS CE 47 65.54 43.49 -91.76
N THR CE 48 64.25 43.42 -92.08
CA THR CE 48 63.31 42.71 -91.22
C THR CE 48 61.98 42.52 -91.95
N LYS CE 49 61.14 41.68 -91.35
CA LYS CE 49 59.75 41.47 -91.77
C LYS CE 49 58.85 41.66 -90.57
N GLU CE 50 57.75 42.39 -90.74
CA GLU CE 50 56.87 42.64 -89.61
C GLU CE 50 56.05 41.39 -89.26
N SER CE 51 55.40 41.46 -88.09
CA SER CE 51 54.71 40.29 -87.57
C SER CE 51 53.56 39.89 -88.48
N VAL CE 52 53.31 38.58 -88.55
CA VAL CE 52 52.27 38.02 -89.40
C VAL CE 52 50.96 38.03 -88.64
N LYS CE 53 49.88 38.39 -89.31
CA LYS CE 53 48.53 38.28 -88.79
C LYS CE 53 47.69 37.58 -89.84
N PRO CE 54 46.64 36.86 -89.42
CA PRO CE 54 46.02 35.86 -90.30
C PRO CE 54 45.55 36.41 -91.64
N ASN CE 55 44.98 37.61 -91.68
CA ASN CE 55 44.29 38.09 -92.88
C ASN CE 55 44.60 39.56 -93.16
N GLN CE 56 45.88 39.91 -93.17
CA GLN CE 56 46.37 41.15 -93.77
C GLN CE 56 47.55 40.80 -94.67
N VAL CE 57 48.13 41.82 -95.30
CA VAL CE 57 49.23 41.60 -96.25
C VAL CE 57 50.54 41.45 -95.49
N GLN CE 58 51.60 41.10 -96.21
CA GLN CE 58 52.93 40.92 -95.62
C GLN CE 58 53.86 42.00 -96.15
N TYR CE 59 54.55 42.68 -95.23
CA TYR CE 59 55.39 43.83 -95.53
C TYR CE 59 56.82 43.54 -95.10
N GLU CE 60 57.78 44.05 -95.87
CA GLU CE 60 59.19 43.99 -95.52
C GLU CE 60 59.80 45.39 -95.52
N ARG CE 61 60.72 45.64 -94.59
CA ARG CE 61 61.20 46.98 -94.27
C ARG CE 61 62.72 47.03 -94.38
N HIS CE 62 63.23 48.09 -95.01
CA HIS CE 62 64.66 48.37 -95.07
C HIS CE 62 64.96 49.70 -94.41
N ASN CE 63 66.07 49.74 -93.68
CA ASN CE 63 66.50 50.93 -92.93
C ASN CE 63 67.99 51.11 -93.07
N VAL CE 64 68.44 52.37 -93.02
CA VAL CE 64 69.86 52.71 -93.10
C VAL CE 64 70.12 53.86 -92.13
N GLU CE 65 71.25 53.80 -91.42
CA GLU CE 65 71.55 54.72 -90.32
C GLU CE 65 72.96 55.27 -90.43
N PHE CE 66 73.09 56.58 -90.29
CA PHE CE 66 74.35 57.27 -90.04
C PHE CE 66 74.28 57.96 -88.70
N THR CE 67 75.43 58.06 -88.02
CA THR CE 67 75.51 58.72 -86.72
C THR CE 67 76.89 59.33 -86.54
N GLU CE 68 77.00 60.24 -85.58
CA GLU CE 68 78.24 60.96 -85.31
C GLU CE 68 78.30 61.33 -83.84
N THR CE 69 79.37 60.94 -83.18
CA THR CE 69 79.61 61.23 -81.77
C THR CE 69 80.78 62.19 -81.63
N VAL CE 70 80.62 63.18 -80.75
CA VAL CE 70 81.65 64.19 -80.50
C VAL CE 70 82.01 64.12 -79.03
N TYR CE 71 83.25 63.76 -78.73
CA TYR CE 71 83.65 63.52 -77.35
C TYR CE 71 83.67 64.81 -76.54
N ALA CE 72 83.46 64.65 -75.23
CA ALA CE 72 83.33 65.79 -74.34
C ALA CE 72 84.61 66.61 -74.30
N SER CE 73 84.44 67.92 -74.15
CA SER CE 73 85.57 68.83 -74.09
C SER CE 73 85.17 70.04 -73.25
N GLY CE 74 86.09 70.51 -72.42
CA GLY CE 74 85.76 71.59 -71.50
C GLY CE 74 84.61 71.17 -70.61
N SER CE 75 83.63 72.07 -70.48
CA SER CE 75 82.41 71.78 -69.74
C SER CE 75 81.30 71.22 -70.63
N THR CE 76 81.55 71.08 -71.92
CA THR CE 76 80.54 70.56 -72.83
C THR CE 76 80.51 69.04 -72.77
N PRO CE 77 79.38 68.42 -72.46
CA PRO CE 77 79.31 66.96 -72.43
C PRO CE 77 79.28 66.36 -73.84
N GLU CE 78 79.38 65.04 -73.90
CA GLU CE 78 79.28 64.32 -75.15
C GLU CE 78 77.88 64.45 -75.73
N PHE CE 79 77.80 64.56 -77.06
CA PHE CE 79 76.52 64.59 -77.77
C PHE CE 79 76.70 63.91 -79.12
N VAL CE 80 75.58 63.74 -79.84
CA VAL CE 80 75.54 62.85 -81.00
C VAL CE 80 74.75 63.51 -82.13
N ARG CE 81 75.02 63.04 -83.34
CA ARG CE 81 74.21 63.36 -84.52
C ARG CE 81 73.96 62.11 -85.32
N GLN CE 82 72.81 62.05 -85.99
CA GLN CE 82 72.45 60.91 -86.82
C GLN CE 82 71.36 61.30 -87.80
N ALA CE 83 71.19 60.46 -88.81
CA ALA CE 83 70.16 60.64 -89.83
C ALA CE 83 69.94 59.30 -90.53
N TYR CE 84 68.68 58.94 -90.74
CA TYR CE 84 68.36 57.60 -91.24
C TYR CE 84 67.14 57.66 -92.15
N VAL CE 85 67.01 56.63 -92.99
CA VAL CE 85 65.90 56.48 -93.93
C VAL CE 85 65.36 55.06 -93.82
N VAL CE 86 64.04 54.93 -93.99
CA VAL CE 86 63.34 53.66 -93.87
C VAL CE 86 62.47 53.46 -95.10
N ILE CE 87 62.48 52.26 -95.66
CA ILE CE 87 61.64 51.88 -96.79
C ILE CE 87 60.85 50.63 -96.40
N ARG CE 88 59.55 50.64 -96.70
CA ARG CE 88 58.71 49.48 -96.42
C ARG CE 88 57.76 49.27 -97.59
N HIS CE 89 57.60 48.00 -97.98
CA HIS CE 89 56.74 47.64 -99.09
C HIS CE 89 56.32 46.18 -98.93
N LYS CE 90 55.25 45.82 -99.63
CA LYS CE 90 54.66 44.50 -99.48
C LYS CE 90 55.50 43.43 -100.19
N VAL CE 91 55.51 42.23 -99.60
CA VAL CE 91 56.28 41.13 -100.18
C VAL CE 91 55.78 40.83 -101.57
N GLY CE 92 56.71 40.63 -102.49
CA GLY CE 92 56.37 40.34 -103.87
C GLY CE 92 56.02 41.56 -104.70
N ASP CE 93 56.08 42.76 -104.13
CA ASP CE 93 55.81 43.97 -104.91
C ASP CE 93 56.82 44.09 -106.04
N VAL CE 94 56.54 45.00 -106.96
CA VAL CE 94 57.41 45.22 -108.11
C VAL CE 94 58.61 46.03 -107.66
N SER CE 95 59.81 45.47 -107.85
CA SER CE 95 61.02 46.12 -107.37
C SER CE 95 61.24 47.46 -108.06
N ALA CE 96 60.96 47.52 -109.37
CA ALA CE 96 61.19 48.75 -110.11
C ALA CE 96 60.36 49.90 -109.55
N THR CE 97 59.09 49.63 -109.20
CA THR CE 97 58.23 50.70 -108.68
C THR CE 97 58.69 51.17 -107.32
N VAL CE 98 59.04 50.24 -106.42
CA VAL CE 98 59.44 50.66 -105.09
C VAL CE 98 60.75 51.42 -105.15
N SER CE 99 61.64 51.09 -106.10
CA SER CE 99 62.83 51.89 -106.30
C SER CE 99 62.49 53.23 -106.94
N ASP CE 100 61.45 53.28 -107.77
CA ASP CE 100 60.97 54.55 -108.29
C ASP CE 100 60.58 55.48 -107.16
N LEU CE 101 59.85 54.96 -106.18
CA LEU CE 101 59.63 55.70 -104.93
C LEU CE 101 60.91 55.68 -104.09
N GLY CE 102 61.07 56.67 -103.24
CA GLY CE 102 62.26 56.79 -102.40
C GLY CE 102 63.39 57.60 -102.99
N GLU CE 103 63.81 57.26 -104.21
CA GLU CE 103 64.80 58.09 -104.88
C GLU CE 103 64.24 59.48 -105.18
N ALA CE 104 62.93 59.58 -105.41
CA ALA CE 104 62.31 60.89 -105.52
C ALA CE 104 62.44 61.67 -104.22
N LEU CE 105 62.25 60.99 -103.08
CA LEU CE 105 62.47 61.64 -101.80
C LEU CE 105 63.91 62.13 -101.69
N SER CE 106 64.87 61.29 -102.07
CA SER CE 106 66.27 61.70 -101.98
C SER CE 106 66.53 62.93 -102.84
N PHE CE 107 65.97 62.96 -104.06
CA PHE CE 107 66.13 64.12 -104.93
C PHE CE 107 65.49 65.37 -104.31
N TYR CE 108 64.33 65.21 -103.66
CA TYR CE 108 63.68 66.35 -103.02
C TYR CE 108 64.54 66.93 -101.91
N LEU CE 109 65.21 66.07 -101.15
CA LEU CE 109 66.08 66.55 -100.07
C LEU CE 109 67.33 67.19 -100.66
N ASN CE 110 67.68 68.37 -100.17
CA ASN CE 110 68.89 69.07 -100.59
C ASN CE 110 69.23 70.10 -99.52
N GLU CE 111 70.25 70.92 -99.80
CA GLU CE 111 70.76 71.83 -98.79
C GLU CE 111 69.68 72.79 -98.29
N ALA CE 112 68.99 73.46 -99.22
CA ALA CE 112 68.01 74.46 -98.82
C ALA CE 112 66.88 73.83 -98.02
N LEU CE 113 66.43 72.64 -98.42
CA LEU CE 113 65.36 71.99 -97.68
C LEU CE 113 65.81 71.64 -96.27
N TYR CE 114 67.06 71.18 -96.12
CA TYR CE 114 67.58 70.90 -94.78
C TYR CE 114 67.66 72.17 -93.94
N GLY CE 115 68.07 73.28 -94.55
CA GLY CE 115 68.04 74.55 -93.84
C GLY CE 115 66.65 74.90 -93.36
N LYS CE 116 65.65 74.71 -94.22
CA LYS CE 116 64.27 74.96 -93.81
C LYS CE 116 63.86 74.07 -92.65
N LEU CE 117 64.17 72.78 -92.72
CA LEU CE 117 63.78 71.89 -91.63
C LEU CE 117 64.43 72.29 -90.33
N ILE CE 118 65.72 72.61 -90.34
CA ILE CE 118 66.37 73.09 -89.14
C ILE CE 118 65.71 74.38 -88.67
N GLY CE 119 65.16 75.15 -89.59
CA GLY CE 119 64.35 76.30 -89.25
C GLY CE 119 62.99 76.00 -88.66
N TRP CE 120 62.60 74.73 -88.57
CA TRP CE 120 61.31 74.24 -88.08
C TRP CE 120 60.17 74.55 -89.04
N GLU CE 121 60.41 75.23 -90.15
CA GLU CE 121 59.34 75.50 -91.10
C GLU CE 121 58.70 74.21 -91.57
N SER CE 122 57.37 74.16 -91.55
CA SER CE 122 56.64 72.96 -91.92
C SER CE 122 56.02 73.13 -93.30
N ALA DE 1 84.95 32.55 -95.56
CA ALA DE 1 86.29 32.43 -96.20
C ALA DE 1 86.18 32.03 -97.66
N LEU DE 2 85.02 31.51 -98.06
CA LEU DE 2 84.84 31.04 -99.43
C LEU DE 2 84.99 32.17 -100.43
N GLY DE 3 84.35 33.32 -100.16
CA GLY DE 3 84.33 34.41 -101.12
C GLY DE 3 82.99 35.10 -101.19
N ASP DE 4 82.99 36.34 -101.68
CA ASP DE 4 81.80 37.18 -101.66
C ASP DE 4 80.79 36.84 -102.75
N THR DE 5 81.23 36.22 -103.86
CA THR DE 5 80.30 35.73 -104.86
C THR DE 5 80.54 34.25 -105.11
N LEU DE 6 79.44 33.56 -105.39
CA LEU DE 6 79.43 32.14 -105.70
C LEU DE 6 78.72 31.97 -107.02
N THR DE 7 79.25 31.09 -107.85
CA THR DE 7 78.81 30.97 -109.24
C THR DE 7 78.22 29.58 -109.47
N ILE DE 8 77.05 29.56 -110.08
CA ILE DE 8 76.39 28.33 -110.49
C ILE DE 8 76.30 28.35 -112.01
N THR DE 9 76.77 27.29 -112.64
CA THR DE 9 76.80 27.16 -114.09
C THR DE 9 75.78 26.08 -114.47
N LEU DE 10 74.54 26.50 -114.67
CA LEU DE 10 73.48 25.54 -114.94
C LEU DE 10 73.78 24.79 -116.24
N GLY DE 11 73.43 23.51 -116.26
CA GLY DE 11 73.72 22.68 -117.41
C GLY DE 11 75.15 22.24 -117.53
N GLY DE 12 75.90 22.22 -116.42
CA GLY DE 12 77.25 21.74 -116.45
C GLY DE 12 78.22 22.76 -117.01
N SER DE 13 79.42 22.29 -117.31
CA SER DE 13 80.46 23.16 -117.83
C SER DE 13 80.03 23.76 -119.16
N GLY DE 14 80.30 25.05 -119.35
CA GLY DE 14 79.95 25.72 -120.58
C GLY DE 14 78.50 26.12 -120.72
N GLY DE 15 77.78 26.23 -119.63
CA GLY DE 15 76.36 26.53 -119.64
C GLY DE 15 76.05 27.96 -119.24
N THR DE 16 74.90 28.14 -118.59
CA THR DE 16 74.44 29.45 -118.14
C THR DE 16 75.01 29.75 -116.77
N ALA DE 17 75.56 30.96 -116.61
CA ALA DE 17 76.24 31.36 -115.39
C ALA DE 17 75.34 32.24 -114.53
N LYS DE 18 75.23 31.90 -113.25
CA LYS DE 18 74.52 32.70 -112.26
C LYS DE 18 75.48 32.99 -111.11
N VAL DE 19 75.47 34.22 -110.60
CA VAL DE 19 76.44 34.67 -109.61
C VAL DE 19 75.66 35.13 -108.38
N LEU DE 20 75.77 34.38 -107.29
CA LEU DE 20 75.13 34.75 -106.03
C LEU DE 20 76.04 35.70 -105.22
N ARG DE 21 75.67 35.95 -103.97
CA ARG DE 21 76.30 36.99 -103.16
C ARG DE 21 75.84 36.80 -101.71
N LYS DE 22 76.73 37.04 -100.73
CA LYS DE 22 76.32 36.74 -99.35
C LYS DE 22 75.24 37.69 -98.85
N ILE DE 23 74.43 37.17 -97.91
CA ILE DE 23 73.54 38.00 -97.10
C ILE DE 23 73.75 37.81 -95.59
N ASN DE 24 74.31 36.72 -95.11
CA ASN DE 24 74.51 36.51 -93.67
C ASN DE 24 75.37 35.28 -93.44
N GLN DE 25 76.03 35.24 -92.27
CA GLN DE 25 76.73 34.03 -91.84
C GLN DE 25 77.00 34.14 -90.34
N ASP DE 26 76.32 33.31 -89.54
CA ASP DE 26 76.37 33.42 -88.09
C ASP DE 26 76.92 32.17 -87.42
N GLY DE 27 76.33 31.00 -87.64
CA GLY DE 27 76.73 29.81 -86.91
C GLY DE 27 77.64 28.87 -87.70
N TYR DE 28 78.78 29.39 -88.15
CA TYR DE 28 79.65 28.65 -89.06
C TYR DE 28 78.94 28.33 -90.38
N THR DE 29 77.84 29.04 -90.65
CA THR DE 29 77.02 28.79 -91.82
C THR DE 29 76.95 30.07 -92.65
N SER DE 30 76.86 29.90 -93.97
CA SER DE 30 76.78 31.04 -94.88
C SER DE 30 75.70 30.75 -95.91
N GLU DE 31 75.11 31.82 -96.46
CA GLU DE 31 74.15 31.68 -97.54
C GLU DE 31 74.33 32.78 -98.57
N TYR DE 32 73.99 32.44 -99.81
CA TYR DE 32 74.04 33.36 -100.94
C TYR DE 32 72.64 33.45 -101.54
N TYR DE 33 72.29 34.62 -102.09
CA TYR DE 33 70.94 34.84 -102.61
C TYR DE 33 71.00 35.58 -103.94
N LEU DE 34 69.98 35.36 -104.77
CA LEU DE 34 69.78 36.13 -105.99
C LEU DE 34 68.34 36.03 -106.47
N PRO DE 35 67.58 37.14 -106.48
CA PRO DE 35 66.23 37.10 -107.06
C PRO DE 35 66.21 37.45 -108.54
N GLU DE 36 65.16 36.98 -109.21
CA GLU DE 36 64.95 37.23 -110.63
C GLU DE 36 63.46 37.47 -110.86
N THR DE 37 63.08 37.53 -112.13
CA THR DE 37 61.67 37.81 -112.46
C THR DE 37 60.78 36.62 -112.13
N SER DE 38 61.17 35.42 -112.53
CA SER DE 38 60.31 34.25 -112.41
C SER DE 38 60.87 33.18 -111.46
N SER DE 39 62.06 33.38 -110.91
CA SER DE 39 62.60 32.42 -109.96
C SER DE 39 63.71 33.09 -109.16
N SER DE 40 64.24 32.34 -108.19
CA SER DE 40 65.28 32.84 -107.29
C SER DE 40 66.31 31.75 -107.08
N PHE DE 41 67.50 32.18 -106.64
CA PHE DE 41 68.60 31.27 -106.37
C PHE DE 41 69.09 31.48 -104.94
N ARG DE 42 69.36 30.37 -104.24
CA ARG DE 42 69.83 30.41 -102.87
C ARG DE 42 70.74 29.23 -102.63
N ALA DE 43 71.82 29.45 -101.88
CA ALA DE 43 72.79 28.42 -101.56
C ALA DE 43 73.26 28.57 -100.12
N LYS DE 44 73.50 27.45 -99.45
CA LYS DE 44 73.96 27.46 -98.07
C LYS DE 44 75.07 26.44 -97.88
N VAL DE 45 75.94 26.73 -96.90
CA VAL DE 45 77.00 25.81 -96.48
C VAL DE 45 76.96 25.70 -94.96
N ARG DE 46 77.16 24.49 -94.44
CA ARG DE 46 77.08 24.24 -93.00
C ARG DE 46 78.16 23.27 -92.55
N HIS DE 47 78.54 23.41 -91.27
CA HIS DE 47 79.41 22.48 -90.55
C HIS DE 47 78.84 22.22 -89.17
N THR DE 48 79.12 21.03 -88.62
CA THR DE 48 78.67 20.66 -87.29
C THR DE 48 79.45 19.43 -86.82
N LYS DE 49 79.30 19.10 -85.54
CA LYS DE 49 79.93 17.92 -84.96
C LYS DE 49 78.93 17.15 -84.11
N GLU DE 50 79.00 15.82 -84.20
CA GLU DE 50 78.15 14.96 -83.39
C GLU DE 50 78.61 14.98 -81.92
N SER DE 51 77.76 14.45 -81.04
CA SER DE 51 77.97 14.53 -79.61
C SER DE 51 79.33 13.96 -79.22
N VAL DE 52 79.81 14.39 -78.05
CA VAL DE 52 81.11 14.01 -77.51
C VAL DE 52 80.87 12.99 -76.41
N LYS DE 53 81.41 11.77 -76.59
CA LYS DE 53 81.33 10.81 -75.52
C LYS DE 53 82.60 9.98 -75.69
N PRO DE 54 83.29 9.62 -74.60
CA PRO DE 54 84.68 9.15 -74.75
C PRO DE 54 84.88 7.95 -75.66
N ASN DE 55 84.02 6.93 -75.59
CA ASN DE 55 84.43 5.63 -76.11
C ASN DE 55 84.36 5.57 -77.64
N GLN DE 56 83.36 6.21 -78.25
CA GLN DE 56 83.32 6.24 -79.70
C GLN DE 56 84.19 7.37 -80.24
N VAL DE 57 84.53 7.27 -81.53
CA VAL DE 57 85.35 8.30 -82.16
C VAL DE 57 84.48 9.50 -82.56
N GLN DE 58 85.12 10.67 -82.60
CA GLN DE 58 84.45 11.91 -82.95
C GLN DE 58 84.38 12.05 -84.46
N TYR DE 59 83.26 12.56 -84.96
CA TYR DE 59 83.00 12.64 -86.38
C TYR DE 59 82.59 14.06 -86.75
N GLU DE 60 82.77 14.41 -88.02
CA GLU DE 60 82.41 15.73 -88.53
C GLU DE 60 81.52 15.61 -89.74
N ARG DE 61 80.51 16.48 -89.83
CA ARG DE 61 79.56 16.52 -90.93
C ARG DE 61 79.64 17.87 -91.60
N HIS DE 62 79.85 17.88 -92.92
CA HIS DE 62 79.75 19.07 -93.75
C HIS DE 62 78.66 18.88 -94.78
N ASN DE 63 78.02 19.99 -95.16
CA ASN DE 63 76.88 19.95 -96.07
C ASN DE 63 76.90 21.18 -96.96
N VAL DE 64 76.53 20.99 -98.23
CA VAL DE 64 76.43 22.07 -99.21
C VAL DE 64 75.19 21.80 -100.06
N GLU DE 65 74.33 22.82 -100.21
CA GLU DE 65 73.04 22.63 -100.86
C GLU DE 65 72.77 23.77 -101.84
N PHE DE 66 71.91 23.49 -102.81
CA PHE DE 66 71.37 24.49 -103.73
C PHE DE 66 69.84 24.42 -103.70
N THR DE 67 69.18 25.53 -103.99
CA THR DE 67 67.74 25.56 -104.14
C THR DE 67 67.36 26.41 -105.35
N GLU DE 68 66.18 26.15 -105.91
CA GLU DE 68 65.64 26.92 -107.02
C GLU DE 68 64.14 27.07 -106.80
N THR DE 69 63.68 28.29 -106.57
CA THR DE 69 62.28 28.56 -106.28
C THR DE 69 61.61 29.19 -107.50
N VAL DE 70 60.49 28.61 -107.93
CA VAL DE 70 59.73 29.10 -109.07
C VAL DE 70 58.43 29.68 -108.55
N TYR DE 71 58.17 30.94 -108.85
CA TYR DE 71 57.00 31.63 -108.31
C TYR DE 71 55.73 31.08 -108.94
N ALA DE 72 54.63 31.17 -108.18
CA ALA DE 72 53.35 30.67 -108.64
C ALA DE 72 52.85 31.53 -109.80
N SER DE 73 52.51 30.86 -110.90
CA SER DE 73 52.02 31.52 -112.10
C SER DE 73 50.72 30.86 -112.54
N GLY DE 74 49.70 31.67 -112.76
CA GLY DE 74 48.41 31.12 -113.14
C GLY DE 74 47.88 30.19 -112.08
N SER DE 75 47.34 29.04 -112.52
CA SER DE 75 46.80 28.08 -111.57
C SER DE 75 47.90 27.29 -110.87
N THR DE 76 49.00 27.02 -111.57
CA THR DE 76 50.05 26.19 -111.01
C THR DE 76 50.72 26.90 -109.84
N PRO DE 77 50.77 26.30 -108.65
CA PRO DE 77 51.40 26.97 -107.51
C PRO DE 77 52.93 26.91 -107.60
N GLU DE 78 53.57 27.60 -106.67
CA GLU DE 78 55.01 27.63 -106.62
C GLU DE 78 55.58 26.27 -106.24
N PHE DE 79 56.80 26.01 -106.69
CA PHE DE 79 57.49 24.76 -106.37
C PHE DE 79 58.99 25.02 -106.46
N VAL DE 80 59.76 24.12 -105.84
CA VAL DE 80 61.17 24.34 -105.59
C VAL DE 80 61.98 23.11 -106.00
N ARG DE 81 63.27 23.34 -106.26
CA ARG DE 81 64.23 22.27 -106.53
C ARG DE 81 65.44 22.41 -105.62
N GLN DE 82 66.01 21.27 -105.23
CA GLN DE 82 67.25 21.27 -104.47
C GLN DE 82 68.20 20.17 -104.97
N ALA DE 83 69.45 20.27 -104.53
CA ALA DE 83 70.43 19.21 -104.65
C ALA DE 83 71.56 19.52 -103.67
N TYR DE 84 71.93 18.53 -102.85
CA TYR DE 84 72.91 18.81 -101.81
C TYR DE 84 73.73 17.55 -101.52
N VAL DE 85 74.88 17.77 -100.88
CA VAL DE 85 75.82 16.71 -100.55
C VAL DE 85 76.23 16.87 -99.09
N VAL DE 86 76.82 15.81 -98.53
CA VAL DE 86 77.48 15.92 -97.23
C VAL DE 86 78.78 15.13 -97.26
N ILE DE 87 79.63 15.40 -96.25
CA ILE DE 87 80.88 14.68 -96.03
C ILE DE 87 80.96 14.32 -94.56
N ARG DE 88 81.26 13.05 -94.27
CA ARG DE 88 81.36 12.56 -92.91
C ARG DE 88 82.68 11.82 -92.73
N HIS DE 89 83.54 12.33 -91.85
CA HIS DE 89 84.80 11.68 -91.54
C HIS DE 89 85.16 12.03 -90.10
N LYS DE 90 86.04 11.22 -89.52
CA LYS DE 90 86.37 11.36 -88.11
C LYS DE 90 87.47 12.40 -87.88
N VAL DE 91 87.45 13.02 -86.71
CA VAL DE 91 88.40 14.07 -86.40
C VAL DE 91 89.83 13.52 -86.46
N GLY DE 92 90.72 14.32 -87.02
CA GLY DE 92 92.12 13.94 -87.12
C GLY DE 92 92.51 13.17 -88.36
N ASP DE 93 91.56 12.83 -89.22
CA ASP DE 93 91.87 12.05 -90.41
C ASP DE 93 92.72 12.87 -91.39
N VAL DE 94 93.41 12.16 -92.27
CA VAL DE 94 94.20 12.81 -93.30
C VAL DE 94 93.28 13.35 -94.38
N SER DE 95 93.47 14.61 -94.75
CA SER DE 95 92.52 15.29 -95.62
C SER DE 95 92.54 14.73 -97.04
N ALA DE 96 93.69 14.23 -97.50
CA ALA DE 96 93.82 13.85 -98.91
C ALA DE 96 92.83 12.75 -99.27
N THR DE 97 92.76 11.68 -98.48
CA THR DE 97 91.84 10.59 -98.79
C THR DE 97 90.38 11.01 -98.65
N VAL DE 98 90.07 11.82 -97.65
CA VAL DE 98 88.69 12.26 -97.48
C VAL DE 98 88.26 13.07 -98.69
N SER DE 99 89.18 13.88 -99.22
CA SER DE 99 88.91 14.59 -100.46
C SER DE 99 88.83 13.64 -101.65
N ASP DE 100 89.65 12.59 -101.67
CA ASP DE 100 89.67 11.66 -102.79
C ASP DE 100 88.34 10.94 -102.93
N LEU DE 101 87.75 10.54 -101.81
CA LEU DE 101 86.45 9.89 -101.87
C LEU DE 101 85.41 10.82 -102.49
N GLY DE 102 85.40 12.08 -102.06
CA GLY DE 102 84.44 13.03 -102.59
C GLY DE 102 84.68 13.32 -104.06
N GLU DE 103 85.95 13.39 -104.48
CA GLU DE 103 86.25 13.58 -105.89
C GLU DE 103 85.78 12.40 -106.72
N ALA DE 104 85.94 11.18 -106.19
CA ALA DE 104 85.37 10.03 -106.87
C ALA DE 104 83.86 10.16 -107.01
N LEU DE 105 83.18 10.57 -105.94
CA LEU DE 105 81.74 10.72 -105.99
C LEU DE 105 81.34 11.75 -107.05
N SER DE 106 82.06 12.89 -107.08
CA SER DE 106 81.74 13.94 -108.04
C SER DE 106 82.00 13.48 -109.47
N PHE DE 107 83.10 12.77 -109.69
CA PHE DE 107 83.43 12.29 -111.04
C PHE DE 107 82.40 11.27 -111.53
N TYR DE 108 81.90 10.42 -110.64
CA TYR DE 108 80.96 9.39 -111.07
C TYR DE 108 79.63 9.98 -111.52
N LEU DE 109 79.26 11.15 -111.01
CA LEU DE 109 77.97 11.76 -111.32
C LEU DE 109 78.12 12.66 -112.54
N ASN DE 110 77.61 12.19 -113.67
CA ASN DE 110 77.60 12.95 -114.92
C ASN DE 110 76.17 13.05 -115.45
N GLU DE 111 76.02 13.72 -116.59
CA GLU DE 111 74.68 13.99 -117.11
C GLU DE 111 73.94 12.71 -117.46
N ALA DE 112 74.64 11.74 -118.07
CA ALA DE 112 73.98 10.49 -118.42
C ALA DE 112 73.48 9.77 -117.17
N LEU DE 113 74.30 9.74 -116.12
CA LEU DE 113 73.86 9.13 -114.87
C LEU DE 113 72.67 9.89 -114.29
N TYR DE 114 72.68 11.21 -114.35
CA TYR DE 114 71.55 11.96 -113.84
C TYR DE 114 70.28 11.64 -114.61
N GLY DE 115 70.38 11.52 -115.94
CA GLY DE 115 69.22 11.13 -116.72
C GLY DE 115 68.70 9.76 -116.35
N LYS DE 116 69.61 8.79 -116.20
CA LYS DE 116 69.18 7.45 -115.79
C LYS DE 116 68.54 7.46 -114.41
N LEU DE 117 69.14 8.22 -113.48
CA LEU DE 117 68.66 8.20 -112.10
C LEU DE 117 67.29 8.86 -111.99
N ILE DE 118 67.09 9.99 -112.68
CA ILE DE 118 65.76 10.60 -112.71
C ILE DE 118 64.76 9.65 -113.36
N GLY DE 119 65.24 8.78 -114.24
CA GLY DE 119 64.39 7.79 -114.87
C GLY DE 119 64.08 6.59 -113.99
N TRP DE 120 64.34 6.72 -112.69
CA TRP DE 120 64.01 5.69 -111.70
C TRP DE 120 64.79 4.39 -111.91
N GLU DE 121 65.94 4.45 -112.56
CA GLU DE 121 66.77 3.28 -112.68
C GLU DE 121 67.43 2.98 -111.34
N SER DE 122 67.71 1.70 -111.10
CA SER DE 122 68.29 1.28 -109.82
C SER DE 122 69.19 0.07 -110.01
N ALA EE 1 56.20 77.36 -93.92
CA ALA EE 1 56.82 77.78 -95.21
C ALA EE 1 56.69 76.66 -96.22
N LEU EE 2 57.77 76.39 -96.96
CA LEU EE 2 57.82 75.25 -97.87
C LEU EE 2 56.83 75.38 -99.01
N GLY EE 3 56.16 76.52 -99.11
CA GLY EE 3 55.19 76.75 -100.16
C GLY EE 3 53.87 76.05 -99.89
N ASP EE 4 52.87 76.39 -100.71
CA ASP EE 4 51.55 75.78 -100.61
C ASP EE 4 51.42 74.51 -101.44
N THR EE 5 52.40 74.19 -102.28
CA THR EE 5 52.39 72.96 -103.05
C THR EE 5 53.75 72.27 -102.95
N LEU EE 6 53.70 70.94 -102.87
CA LEU EE 6 54.89 70.10 -102.79
C LEU EE 6 54.94 69.23 -104.03
N THR EE 7 56.10 69.17 -104.67
CA THR EE 7 56.27 68.46 -105.92
C THR EE 7 57.08 67.19 -105.68
N ILE EE 8 56.53 66.06 -106.13
CA ILE EE 8 57.20 64.77 -106.04
C ILE EE 8 57.45 64.29 -107.47
N THR EE 9 58.71 64.05 -107.80
CA THR EE 9 59.12 63.59 -109.12
C THR EE 9 59.55 62.13 -109.01
N LEU EE 10 58.62 61.22 -109.29
CA LEU EE 10 58.95 59.81 -109.32
C LEU EE 10 60.00 59.54 -110.38
N GLY EE 11 60.94 58.65 -110.05
CA GLY EE 11 62.03 58.39 -110.97
C GLY EE 11 63.18 59.34 -110.88
N GLY EE 12 63.27 60.12 -109.81
CA GLY EE 12 64.38 61.04 -109.67
C GLY EE 12 64.23 62.23 -110.60
N SER EE 13 65.37 62.87 -110.84
CA SER EE 13 65.41 63.96 -111.80
C SER EE 13 64.99 63.45 -113.18
N GLY EE 14 64.13 64.22 -113.85
CA GLY EE 14 63.73 63.88 -115.20
C GLY EE 14 62.58 62.89 -115.33
N GLY EE 15 61.86 62.61 -114.24
CA GLY EE 15 60.78 61.64 -114.25
C GLY EE 15 59.42 62.27 -114.37
N THR EE 16 58.42 61.57 -113.83
CA THR EE 16 57.04 62.04 -113.82
C THR EE 16 56.80 62.89 -112.58
N ALA EE 17 56.31 64.10 -112.78
CA ALA EE 17 56.12 65.07 -111.70
C ALA EE 17 54.67 65.11 -111.25
N LYS EE 18 54.47 65.05 -109.93
CA LYS EE 18 53.16 65.13 -109.31
C LYS EE 18 53.14 66.31 -108.34
N VAL EE 19 52.02 67.03 -108.30
CA VAL EE 19 51.88 68.24 -107.51
C VAL EE 19 50.90 67.99 -106.37
N LEU EE 20 51.32 68.31 -105.15
CA LEU EE 20 50.50 68.20 -103.95
C LEU EE 20 50.03 69.58 -103.49
N ARG EE 21 49.18 69.59 -102.46
CA ARG EE 21 48.61 70.82 -101.92
C ARG EE 21 48.50 70.69 -100.41
N LYS EE 22 48.70 71.80 -99.68
CA LYS EE 22 48.46 71.77 -98.24
C LYS EE 22 46.98 71.56 -97.95
N ILE EE 23 46.72 70.86 -96.84
CA ILE EE 23 45.37 70.53 -96.41
C ILE EE 23 45.19 71.03 -94.98
N ASN EE 24 46.07 70.60 -94.09
CA ASN EE 24 45.91 70.84 -92.66
C ASN EE 24 47.25 71.18 -92.04
N GLN EE 25 47.20 71.78 -90.84
CA GLN EE 25 48.41 72.12 -90.08
C GLN EE 25 48.06 72.12 -88.59
N ASP EE 26 48.42 71.05 -87.89
CA ASP EE 26 48.12 70.89 -86.49
C ASP EE 26 49.33 70.34 -85.74
N GLY EE 27 49.64 70.94 -84.59
CA GLY EE 27 50.69 70.40 -83.76
C GLY EE 27 52.04 70.34 -84.44
N TYR EE 28 52.44 71.45 -85.08
CA TYR EE 28 53.77 71.55 -85.66
C TYR EE 28 53.99 70.50 -86.75
N THR EE 29 52.97 70.28 -87.58
CA THR EE 29 53.11 69.37 -88.71
C THR EE 29 52.30 69.92 -89.88
N SER EE 30 52.57 69.38 -91.06
CA SER EE 30 51.86 69.74 -92.27
C SER EE 30 51.51 68.48 -93.03
N GLU EE 31 50.41 68.52 -93.77
CA GLU EE 31 49.94 67.38 -94.55
C GLU EE 31 49.62 67.83 -95.96
N TYR EE 32 50.00 67.01 -96.93
CA TYR EE 32 49.77 67.28 -98.34
C TYR EE 32 49.01 66.10 -98.95
N TYR EE 33 48.09 66.38 -99.86
CA TYR EE 33 47.25 65.34 -100.43
C TYR EE 33 47.02 65.59 -101.92
N LEU EE 34 46.75 64.50 -102.65
CA LEU EE 34 46.41 64.53 -104.07
C LEU EE 34 45.64 63.28 -104.47
N PRO EE 35 44.38 63.39 -104.90
CA PRO EE 35 43.61 62.19 -105.26
C PRO EE 35 43.85 61.78 -106.71
N GLU EE 36 43.49 60.52 -106.99
CA GLU EE 36 43.71 59.94 -108.31
C GLU EE 36 42.62 58.90 -108.56
N THR EE 37 42.52 58.46 -109.82
CA THR EE 37 41.47 57.52 -110.19
C THR EE 37 41.69 56.15 -109.55
N SER EE 38 42.95 55.73 -109.38
CA SER EE 38 43.23 54.43 -108.79
C SER EE 38 44.23 54.48 -107.64
N SER EE 39 44.62 55.66 -107.17
CA SER EE 39 45.57 55.76 -106.08
C SER EE 39 45.44 57.13 -105.43
N SER EE 40 46.39 57.46 -104.56
CA SER EE 40 46.43 58.75 -103.89
C SER EE 40 47.83 58.96 -103.34
N PHE EE 41 48.27 60.21 -103.35
CA PHE EE 41 49.60 60.59 -102.89
C PHE EE 41 49.47 61.57 -101.74
N ARG EE 42 50.16 61.27 -100.64
CA ARG EE 42 50.09 62.04 -99.41
C ARG EE 42 51.50 62.26 -98.88
N ALA EE 43 51.74 63.44 -98.31
CA ALA EE 43 53.03 63.77 -97.71
C ALA EE 43 52.78 64.52 -96.41
N LYS EE 44 53.58 64.20 -95.40
CA LYS EE 44 53.43 64.81 -94.07
C LYS EE 44 54.81 65.24 -93.56
N VAL EE 45 54.82 66.26 -92.73
CA VAL EE 45 56.04 66.79 -92.12
C VAL EE 45 55.77 67.03 -90.64
N ARG EE 46 56.70 66.59 -89.78
CA ARG EE 46 56.57 66.74 -88.35
C ARG EE 46 57.83 67.36 -87.74
N HIS EE 47 57.65 68.06 -86.63
CA HIS EE 47 58.73 68.51 -85.77
C HIS EE 47 58.39 68.17 -84.32
N THR EE 48 59.39 67.78 -83.54
CA THR EE 48 59.16 67.35 -82.16
C THR EE 48 60.36 67.65 -81.29
N LYS EE 49 60.12 67.62 -79.97
CA LYS EE 49 61.14 67.87 -78.95
C LYS EE 49 61.00 66.81 -77.87
N GLU EE 50 62.11 66.19 -77.47
CA GLU EE 50 62.06 65.24 -76.37
C GLU EE 50 61.98 65.96 -75.02
N SER EE 51 61.44 65.26 -74.03
CA SER EE 51 61.12 65.89 -72.75
C SER EE 51 62.38 66.34 -72.02
N VAL EE 52 62.22 67.38 -71.22
CA VAL EE 52 63.33 67.90 -70.42
C VAL EE 52 63.67 66.89 -69.33
N LYS EE 53 64.96 66.60 -69.19
CA LYS EE 53 65.48 65.66 -68.22
C LYS EE 53 66.47 66.39 -67.33
N PRO EE 54 66.65 65.95 -66.06
CA PRO EE 54 67.41 66.78 -65.11
C PRO EE 54 68.84 67.10 -65.57
N ASN EE 55 69.68 66.09 -65.81
CA ASN EE 55 71.06 66.30 -66.25
C ASN EE 55 71.34 65.42 -67.47
N GLN EE 56 71.00 65.93 -68.65
CA GLN EE 56 71.20 65.23 -69.92
C GLN EE 56 71.31 66.29 -71.02
N VAL EE 57 71.19 65.87 -72.27
CA VAL EE 57 71.29 66.75 -73.42
C VAL EE 57 69.94 66.83 -74.10
N GLN EE 58 69.45 68.04 -74.32
CA GLN EE 58 68.20 68.23 -75.05
C GLN EE 58 68.43 68.09 -76.54
N TYR EE 59 67.50 67.42 -77.21
CA TYR EE 59 67.64 67.05 -78.62
C TYR EE 59 66.41 67.53 -79.39
N GLU EE 60 66.55 67.59 -80.71
CA GLU EE 60 65.43 67.86 -81.60
C GLU EE 60 65.40 66.85 -82.73
N ARG EE 61 64.18 66.53 -83.19
CA ARG EE 61 63.94 65.54 -84.23
C ARG EE 61 63.07 66.13 -85.32
N HIS EE 62 63.41 65.84 -86.59
CA HIS EE 62 62.60 66.23 -87.73
C HIS EE 62 62.33 65.02 -88.62
N ASN EE 63 61.11 64.94 -89.16
CA ASN EE 63 60.65 63.80 -89.96
C ASN EE 63 60.01 64.28 -91.25
N VAL EE 64 60.28 63.57 -92.34
CA VAL EE 64 59.64 63.80 -93.64
C VAL EE 64 59.19 62.45 -94.19
N GLU EE 65 57.93 62.36 -94.61
CA GLU EE 65 57.31 61.08 -94.96
C GLU EE 65 56.55 61.18 -96.28
N PHE EE 66 56.69 60.14 -97.11
CA PHE EE 66 55.92 59.98 -98.34
C PHE EE 66 55.10 58.70 -98.25
N THR EE 67 53.85 58.76 -98.68
CA THR EE 67 52.96 57.62 -98.65
C THR EE 67 52.33 57.42 -100.02
N GLU EE 68 52.09 56.16 -100.36
CA GLU EE 68 51.46 55.76 -101.61
C GLU EE 68 50.41 54.71 -101.31
N THR EE 69 49.16 55.01 -101.61
CA THR EE 69 48.06 54.09 -101.39
C THR EE 69 47.41 53.73 -102.72
N VAL EE 70 47.16 52.43 -102.92
CA VAL EE 70 46.44 51.94 -104.09
C VAL EE 70 45.17 51.25 -103.59
N TYR EE 71 44.03 51.63 -104.16
CA TYR EE 71 42.75 51.11 -103.69
C TYR EE 71 42.56 49.67 -104.12
N ALA EE 72 41.73 48.96 -103.36
CA ALA EE 72 41.46 47.56 -103.65
C ALA EE 72 40.88 47.40 -105.04
N SER EE 73 41.36 46.40 -105.77
CA SER EE 73 40.91 46.12 -107.13
C SER EE 73 40.71 44.61 -107.25
N GLY EE 74 39.46 44.20 -107.40
CA GLY EE 74 39.17 42.78 -107.50
C GLY EE 74 39.60 42.04 -106.25
N SER EE 75 40.27 40.89 -106.46
CA SER EE 75 40.69 40.06 -105.33
C SER EE 75 41.77 40.73 -104.50
N THR EE 76 42.72 41.40 -105.14
CA THR EE 76 43.88 41.93 -104.44
C THR EE 76 43.49 43.09 -103.52
N PRO EE 77 43.75 43.01 -102.22
CA PRO EE 77 43.35 44.10 -101.32
C PRO EE 77 44.26 45.30 -101.46
N GLU EE 78 43.84 46.40 -100.84
CA GLU EE 78 44.60 47.64 -100.88
C GLU EE 78 45.89 47.52 -100.09
N PHE EE 79 46.91 48.24 -100.55
CA PHE EE 79 48.21 48.25 -99.89
C PHE EE 79 48.86 49.60 -100.11
N VAL EE 80 50.02 49.80 -99.49
CA VAL EE 80 50.65 51.11 -99.45
C VAL EE 80 52.14 50.97 -99.79
N ARG EE 81 52.71 52.08 -100.26
CA ARG EE 81 54.16 52.20 -100.44
C ARG EE 81 54.60 53.48 -99.74
N GLN EE 82 55.66 53.37 -98.93
CA GLN EE 82 56.04 54.42 -98.00
C GLN EE 82 57.54 54.63 -98.06
N ALA EE 83 57.97 55.83 -97.65
CA ALA EE 83 59.39 56.15 -97.60
C ALA EE 83 59.58 57.44 -96.81
N TYR EE 84 60.46 57.42 -95.81
CA TYR EE 84 60.61 58.56 -94.93
C TYR EE 84 62.03 58.66 -94.40
N VAL EE 85 62.38 59.86 -93.92
CA VAL EE 85 63.69 60.17 -93.37
C VAL EE 85 63.48 60.91 -92.06
N VAL EE 86 64.50 60.85 -91.20
CA VAL EE 86 64.48 61.46 -89.87
C VAL EE 86 65.84 62.09 -89.60
N ILE EE 87 65.84 63.18 -88.84
CA ILE EE 87 67.06 63.89 -88.45
C ILE EE 87 67.00 64.17 -86.96
N ARG EE 88 68.10 63.95 -86.24
CA ARG EE 88 68.15 64.22 -84.81
C ARG EE 88 69.46 64.91 -84.46
N HIS EE 89 69.36 65.95 -83.62
CA HIS EE 89 70.54 66.71 -83.22
C HIS EE 89 70.20 67.50 -81.97
N LYS EE 90 71.24 68.08 -81.37
CA LYS EE 90 71.08 68.84 -80.13
C LYS EE 90 70.47 70.21 -80.43
N VAL EE 91 69.86 70.79 -79.39
CA VAL EE 91 69.03 71.98 -79.60
C VAL EE 91 69.88 73.15 -80.07
N GLY EE 92 71.02 73.36 -79.44
CA GLY EE 92 71.84 74.52 -79.74
C GLY EE 92 72.94 74.24 -80.74
N ASP EE 93 72.75 73.24 -81.59
CA ASP EE 93 73.81 72.84 -82.51
C ASP EE 93 74.11 73.96 -83.49
N VAL EE 94 75.09 73.70 -84.36
CA VAL EE 94 75.33 74.52 -85.54
C VAL EE 94 74.59 73.86 -86.69
N SER EE 95 73.71 74.62 -87.34
CA SER EE 95 72.82 74.05 -88.35
C SER EE 95 73.62 73.52 -89.54
N ALA EE 96 74.70 74.19 -89.91
CA ALA EE 96 75.42 73.85 -91.13
C ALA EE 96 75.93 72.41 -91.09
N THR EE 97 76.50 71.98 -89.96
CA THR EE 97 77.03 70.63 -89.88
C THR EE 97 75.93 69.59 -89.98
N VAL EE 98 74.79 69.83 -89.33
CA VAL EE 98 73.67 68.89 -89.42
C VAL EE 98 73.22 68.78 -90.87
N SER EE 99 73.09 69.93 -91.54
CA SER EE 99 72.72 69.91 -92.96
C SER EE 99 73.77 69.18 -93.79
N ASP EE 100 75.04 69.30 -93.41
CA ASP EE 100 76.11 68.60 -94.14
C ASP EE 100 75.94 67.09 -94.05
N LEU EE 101 75.69 66.59 -92.82
CA LEU EE 101 75.46 65.16 -92.67
C LEU EE 101 74.22 64.72 -93.45
N GLY EE 102 73.17 65.52 -93.40
CA GLY EE 102 71.95 65.17 -94.12
C GLY EE 102 72.18 65.08 -95.62
N GLU EE 103 72.89 66.06 -96.18
CA GLU EE 103 73.11 66.04 -97.63
C GLU EE 103 74.09 64.94 -98.02
N ALA EE 104 75.02 64.57 -97.15
CA ALA EE 104 75.85 63.40 -97.40
C ALA EE 104 74.99 62.14 -97.51
N LEU EE 105 74.08 61.95 -96.54
CA LEU EE 105 73.21 60.79 -96.59
C LEU EE 105 72.36 60.80 -97.85
N SER EE 106 71.84 61.98 -98.22
CA SER EE 106 71.05 62.08 -99.44
C SER EE 106 71.87 61.71 -100.68
N PHE EE 107 73.12 62.18 -100.73
CA PHE EE 107 73.97 61.88 -101.88
C PHE EE 107 74.29 60.40 -101.97
N TYR EE 108 74.44 59.74 -100.83
CA TYR EE 108 74.77 58.31 -100.85
C TYR EE 108 73.69 57.50 -101.56
N LEU EE 109 72.43 57.77 -101.25
CA LEU EE 109 71.33 56.98 -101.81
C LEU EE 109 71.21 57.26 -103.30
N ASN EE 110 70.94 56.22 -104.08
CA ASN EE 110 70.75 56.35 -105.53
C ASN EE 110 70.18 55.03 -106.06
N GLU EE 111 70.07 54.93 -107.38
CA GLU EE 111 69.39 53.80 -107.99
C GLU EE 111 70.05 52.48 -107.63
N ALA EE 112 71.36 52.37 -107.87
CA ALA EE 112 72.03 51.09 -107.67
C ALA EE 112 71.95 50.64 -106.21
N LEU EE 113 72.14 51.58 -105.28
CA LEU EE 113 72.07 51.20 -103.87
C LEU EE 113 70.67 50.75 -103.49
N TYR EE 114 69.63 51.44 -103.98
CA TYR EE 114 68.28 50.98 -103.72
C TYR EE 114 68.04 49.59 -104.31
N GLY EE 115 68.53 49.35 -105.53
CA GLY EE 115 68.43 48.03 -106.11
C GLY EE 115 69.07 46.96 -105.24
N LYS EE 116 70.26 47.24 -104.73
CA LYS EE 116 70.92 46.29 -103.84
C LYS EE 116 70.14 46.08 -102.55
N LEU EE 117 69.65 47.16 -101.95
CA LEU EE 117 68.89 47.01 -100.70
C LEU EE 117 67.66 46.16 -100.91
N ILE EE 118 66.98 46.29 -102.05
CA ILE EE 118 65.87 45.38 -102.34
C ILE EE 118 66.36 43.95 -102.40
N GLY EE 119 67.63 43.76 -102.75
CA GLY EE 119 68.19 42.43 -102.85
C GLY EE 119 68.67 41.87 -101.51
N TRP EE 120 68.27 42.48 -100.40
CA TRP EE 120 68.64 42.03 -99.06
C TRP EE 120 70.15 42.02 -98.84
N GLU EE 121 70.88 42.88 -99.55
CA GLU EE 121 72.27 43.09 -99.23
C GLU EE 121 72.40 43.72 -97.84
N SER EE 122 73.48 43.39 -97.16
CA SER EE 122 73.75 43.95 -95.85
C SER EE 122 75.22 44.32 -95.75
N ALA FE 1 45.82 85.64 -88.66
CA ALA FE 1 46.11 86.07 -90.06
C ALA FE 1 46.88 87.39 -90.08
N LEU FE 2 47.83 87.52 -89.15
CA LEU FE 2 48.71 88.67 -89.15
C LEU FE 2 49.68 88.67 -90.33
N GLY FE 3 49.97 87.50 -90.89
CA GLY FE 3 50.97 87.35 -91.93
C GLY FE 3 51.94 86.24 -91.61
N ASP FE 4 52.71 85.87 -92.64
CA ASP FE 4 53.67 84.78 -92.51
C ASP FE 4 54.96 85.19 -91.81
N THR FE 5 55.17 86.48 -91.56
CA THR FE 5 56.37 86.94 -90.87
C THR FE 5 56.00 87.99 -89.83
N LEU FE 6 56.81 88.05 -88.77
CA LEU FE 6 56.69 89.02 -87.69
C LEU FE 6 58.05 89.66 -87.49
N THR FE 7 58.11 90.98 -87.50
CA THR FE 7 59.37 91.71 -87.38
C THR FE 7 59.49 92.30 -85.99
N ILE FE 8 60.59 91.98 -85.31
CA ILE FE 8 60.90 92.51 -83.99
C ILE FE 8 62.18 93.30 -84.09
N THR FE 9 62.15 94.54 -83.63
CA THR FE 9 63.29 95.46 -83.70
C THR FE 9 63.78 95.71 -82.28
N LEU FE 10 64.85 95.03 -81.89
CA LEU FE 10 65.37 95.20 -80.54
C LEU FE 10 65.90 96.62 -80.37
N GLY FE 11 65.81 97.13 -79.15
CA GLY FE 11 66.22 98.50 -78.89
C GLY FE 11 65.22 99.53 -79.35
N GLY FE 12 63.95 99.17 -79.48
CA GLY FE 12 62.93 100.13 -79.87
C GLY FE 12 62.93 100.36 -81.36
N SER FE 13 62.98 101.63 -81.75
CA SER FE 13 63.08 102.01 -83.15
C SER FE 13 64.52 102.15 -83.62
N GLY FE 14 65.49 101.79 -82.79
CA GLY FE 14 66.89 101.92 -83.14
C GLY FE 14 67.27 101.12 -84.36
N GLY FE 15 67.16 99.80 -84.26
CA GLY FE 15 67.57 98.93 -85.36
C GLY FE 15 67.57 97.49 -84.94
N THR FE 16 68.37 96.69 -85.64
CA THR FE 16 68.51 95.26 -85.36
C THR FE 16 67.17 94.55 -85.51
N ALA FE 17 66.65 94.58 -86.75
CA ALA FE 17 65.40 93.90 -87.05
C ALA FE 17 65.64 92.40 -87.23
N LYS FE 18 64.69 91.61 -86.73
CA LYS FE 18 64.71 90.15 -86.90
C LYS FE 18 63.34 89.69 -87.35
N VAL FE 19 63.33 88.79 -88.33
CA VAL FE 19 62.09 88.36 -88.97
C VAL FE 19 61.79 86.92 -88.58
N LEU FE 20 60.92 86.74 -87.59
CA LEU FE 20 60.50 85.39 -87.23
C LEU FE 20 59.57 84.82 -88.29
N ARG FE 21 59.57 83.50 -88.42
CA ARG FE 21 58.73 82.78 -89.36
C ARG FE 21 57.53 82.18 -88.64
N LYS FE 22 56.40 82.11 -89.33
CA LYS FE 22 55.23 81.44 -88.77
C LYS FE 22 55.48 79.94 -88.75
N ILE FE 23 55.16 79.31 -87.62
CA ILE FE 23 55.59 77.94 -87.38
C ILE FE 23 54.39 77.03 -87.13
N ASN FE 24 53.30 77.59 -86.63
CA ASN FE 24 52.15 76.79 -86.24
C ASN FE 24 50.99 77.71 -85.92
N GLN FE 25 49.78 77.20 -86.10
CA GLN FE 25 48.57 77.93 -85.73
C GLN FE 25 47.50 76.92 -85.33
N ASP FE 26 47.18 76.85 -84.04
CA ASP FE 26 46.24 75.86 -83.53
C ASP FE 26 45.47 76.43 -82.35
N GLY FE 27 44.16 76.19 -82.35
CA GLY FE 27 43.34 76.65 -81.25
C GLY FE 27 43.31 78.16 -81.11
N TYR FE 28 43.10 78.87 -82.21
CA TYR FE 28 43.01 80.33 -82.20
C TYR FE 28 44.29 80.96 -81.64
N THR FE 29 45.41 80.26 -81.85
CA THR FE 29 46.71 80.65 -81.32
C THR FE 29 47.71 80.65 -82.46
N SER FE 30 48.74 81.49 -82.33
CA SER FE 30 49.78 81.59 -83.34
C SER FE 30 51.10 81.82 -82.64
N GLU FE 31 52.19 81.38 -83.27
CA GLU FE 31 53.51 81.64 -82.72
C GLU FE 31 54.53 81.56 -83.84
N TYR FE 32 55.66 82.23 -83.62
CA TYR FE 32 56.71 82.39 -84.62
C TYR FE 32 58.03 81.97 -83.99
N TYR FE 33 58.99 81.57 -84.83
CA TYR FE 33 60.27 81.07 -84.34
C TYR FE 33 61.40 81.53 -85.26
N LEU FE 34 62.61 81.65 -84.70
CA LEU FE 34 63.81 81.99 -85.46
C LEU FE 34 65.08 81.61 -84.70
N PRO FE 35 65.93 80.73 -85.23
CA PRO FE 35 67.18 80.41 -84.53
C PRO FE 35 68.38 81.22 -85.00
N GLU FE 36 69.37 81.31 -84.12
CA GLU FE 36 70.61 82.03 -84.36
C GLU FE 36 71.78 81.18 -83.85
N THR FE 37 72.99 81.72 -83.91
CA THR FE 37 74.16 80.97 -83.44
C THR FE 37 74.14 80.78 -81.93
N SER FE 38 73.91 81.86 -81.18
CA SER FE 38 73.92 81.79 -79.72
C SER FE 38 72.57 82.04 -79.09
N SER FE 39 71.51 82.21 -79.88
CA SER FE 39 70.17 82.38 -79.32
C SER FE 39 69.14 82.08 -80.39
N SER FE 40 67.88 82.11 -79.97
CA SER FE 40 66.74 81.93 -80.85
C SER FE 40 65.59 82.81 -80.36
N PHE FE 41 64.73 83.22 -81.28
CA PHE FE 41 63.62 84.11 -80.96
C PHE FE 41 62.30 83.42 -81.22
N ARG FE 42 61.35 83.62 -80.31
CA ARG FE 42 60.03 83.03 -80.39
C ARG FE 42 59.00 84.08 -80.03
N ALA FE 43 57.91 84.13 -80.79
CA ALA FE 43 56.79 85.03 -80.52
C ALA FE 43 55.51 84.20 -80.55
N LYS FE 44 54.57 84.56 -79.68
CA LYS FE 44 53.36 83.79 -79.47
C LYS FE 44 52.20 84.75 -79.25
N VAL FE 45 51.00 84.35 -79.68
CA VAL FE 45 49.78 85.15 -79.51
C VAL FE 45 48.64 84.23 -79.08
N ARG FE 46 47.85 84.64 -78.08
CA ARG FE 46 46.74 83.84 -77.59
C ARG FE 46 45.47 84.69 -77.42
N HIS FE 47 44.31 84.00 -77.35
CA HIS FE 47 43.00 84.62 -77.09
C HIS FE 47 42.18 83.67 -76.21
N THR FE 48 41.39 84.22 -75.28
CA THR FE 48 40.65 83.38 -74.34
C THR FE 48 39.38 84.06 -73.83
N LYS FE 49 38.39 83.23 -73.49
CA LYS FE 49 37.12 83.59 -72.86
C LYS FE 49 37.07 83.05 -71.45
N GLU FE 50 36.61 83.86 -70.51
CA GLU FE 50 36.39 83.40 -69.14
C GLU FE 50 35.23 82.40 -69.09
N SER FE 51 35.22 81.60 -68.05
CA SER FE 51 34.12 80.66 -67.82
C SER FE 51 32.83 81.44 -67.58
N VAL FE 52 31.76 81.00 -68.26
CA VAL FE 52 30.48 81.70 -68.15
C VAL FE 52 29.85 81.43 -66.79
N LYS FE 53 29.44 82.50 -66.11
CA LYS FE 53 28.86 82.43 -64.78
C LYS FE 53 27.37 82.74 -64.84
N PRO FE 54 26.58 82.17 -63.94
CA PRO FE 54 25.12 82.39 -64.03
C PRO FE 54 24.72 83.85 -63.97
N ASN FE 55 25.37 84.67 -63.13
CA ASN FE 55 24.94 86.05 -62.94
C ASN FE 55 26.12 87.02 -62.77
N GLN FE 56 27.21 86.82 -63.52
CA GLN FE 56 28.26 87.81 -63.66
C GLN FE 56 28.52 88.03 -65.14
N VAL FE 57 29.10 89.19 -65.46
CA VAL FE 57 29.38 89.53 -66.85
C VAL FE 57 30.48 88.62 -67.41
N GLN FE 58 30.47 88.46 -68.73
CA GLN FE 58 31.49 87.68 -69.42
C GLN FE 58 32.60 88.60 -69.92
N TYR FE 59 33.85 88.13 -69.78
CA TYR FE 59 35.02 88.93 -70.08
C TYR FE 59 35.85 88.29 -71.19
N GLU FE 60 36.78 89.08 -71.73
CA GLU FE 60 37.64 88.69 -72.85
C GLU FE 60 39.07 89.15 -72.59
N ARG FE 61 40.05 88.31 -72.94
CA ARG FE 61 41.46 88.63 -72.76
C ARG FE 61 42.23 88.34 -74.05
N HIS FE 62 43.22 89.18 -74.33
CA HIS FE 62 44.18 89.00 -75.42
C HIS FE 62 45.59 89.04 -74.85
N ASN FE 63 46.46 88.17 -75.36
CA ASN FE 63 47.81 88.03 -74.83
C ASN FE 63 48.81 87.96 -75.97
N VAL FE 64 49.93 88.68 -75.80
CA VAL FE 64 51.06 88.62 -76.74
C VAL FE 64 52.35 88.67 -75.94
N GLU FE 65 53.31 87.83 -76.34
CA GLU FE 65 54.56 87.68 -75.58
C GLU FE 65 55.73 87.46 -76.52
N PHE FE 66 56.86 88.07 -76.19
CA PHE FE 66 58.16 87.77 -76.81
C PHE FE 66 59.05 87.10 -75.77
N THR FE 67 59.78 86.07 -76.19
CA THR FE 67 60.68 85.35 -75.30
C THR FE 67 61.98 85.06 -76.05
N GLU FE 68 63.08 85.03 -75.30
CA GLU FE 68 64.41 84.88 -75.86
C GLU FE 68 65.24 83.99 -74.95
N THR FE 69 65.90 82.99 -75.54
CA THR FE 69 66.69 82.03 -74.80
C THR FE 69 68.14 82.07 -75.26
N VAL FE 70 69.08 82.04 -74.31
CA VAL FE 70 70.50 82.09 -74.58
C VAL FE 70 71.09 80.73 -74.26
N TYR FE 71 71.71 80.09 -75.24
CA TYR FE 71 72.25 78.75 -75.04
C TYR FE 71 73.37 78.76 -74.00
N ALA FE 72 73.47 77.65 -73.27
CA ALA FE 72 74.47 77.51 -72.23
C ALA FE 72 75.86 77.52 -72.84
N SER FE 73 76.77 78.26 -72.21
CA SER FE 73 78.14 78.38 -72.67
C SER FE 73 79.07 78.27 -71.47
N GLY FE 74 80.10 77.43 -71.58
CA GLY FE 74 81.01 77.23 -70.48
C GLY FE 74 80.26 76.71 -69.25
N SER FE 75 80.50 77.34 -68.11
CA SER FE 75 79.84 76.96 -66.87
C SER FE 75 78.47 77.60 -66.71
N THR FE 76 78.12 78.57 -67.55
CA THR FE 76 76.84 79.26 -67.43
C THR FE 76 75.72 78.42 -68.05
N PRO FE 77 74.68 78.06 -67.29
CA PRO FE 77 73.60 77.25 -67.88
C PRO FE 77 72.64 78.07 -68.72
N GLU FE 78 71.53 77.45 -69.12
CA GLU FE 78 70.51 78.13 -69.91
C GLU FE 78 69.83 79.23 -69.10
N PHE FE 79 69.39 80.27 -69.81
CA PHE FE 79 68.50 81.25 -69.21
C PHE FE 79 67.76 81.99 -70.33
N VAL FE 80 66.66 82.63 -69.97
CA VAL FE 80 65.72 83.20 -70.93
C VAL FE 80 65.38 84.62 -70.53
N ARG FE 81 64.96 85.41 -71.52
CA ARG FE 81 64.34 86.71 -71.30
C ARG FE 81 63.00 86.76 -72.01
N GLN FE 82 62.02 87.38 -71.36
CA GLN FE 82 60.63 87.29 -71.82
C GLN FE 82 59.90 88.57 -71.42
N ALA FE 83 58.87 88.90 -72.18
CA ALA FE 83 58.05 90.07 -71.88
C ALA FE 83 56.70 89.95 -72.59
N TYR FE 84 55.62 90.25 -71.87
CA TYR FE 84 54.29 90.07 -72.42
C TYR FE 84 53.32 91.08 -71.83
N VAL FE 85 52.22 91.30 -72.55
CA VAL FE 85 51.14 92.20 -72.17
C VAL FE 85 49.81 91.49 -72.36
N VAL FE 86 48.82 91.87 -71.57
CA VAL FE 86 47.48 91.31 -71.64
C VAL FE 86 46.47 92.44 -71.62
N ILE FE 87 45.42 92.33 -72.44
CA ILE FE 87 44.31 93.28 -72.48
C ILE FE 87 43.05 92.53 -72.09
N ARG FE 88 42.29 93.09 -71.14
CA ARG FE 88 41.10 92.43 -70.60
C ARG FE 88 39.94 93.41 -70.64
N HIS FE 89 38.79 92.95 -71.15
CA HIS FE 89 37.60 93.78 -71.19
C HIS FE 89 36.38 92.88 -71.32
N LYS FE 90 35.20 93.46 -71.09
CA LYS FE 90 33.98 92.68 -71.17
C LYS FE 90 33.53 92.51 -72.63
N VAL FE 91 32.76 91.44 -72.85
CA VAL FE 91 32.27 91.14 -74.19
C VAL FE 91 31.24 92.19 -74.60
N GLY FE 92 31.30 92.60 -75.86
CA GLY FE 92 30.37 93.57 -76.39
C GLY FE 92 30.72 95.01 -76.13
N ASP FE 93 31.84 95.29 -75.48
CA ASP FE 93 32.23 96.66 -75.21
C ASP FE 93 32.60 97.37 -76.50
N VAL FE 94 32.79 98.70 -76.40
CA VAL FE 94 33.13 99.51 -77.56
C VAL FE 94 34.61 99.34 -77.86
N SER FE 95 34.94 99.02 -79.12
CA SER FE 95 36.33 98.78 -79.50
C SER FE 95 37.18 100.02 -79.34
N ALA FE 96 36.64 101.20 -79.65
CA ALA FE 96 37.43 102.42 -79.65
C ALA FE 96 38.04 102.68 -78.28
N THR FE 97 37.25 102.55 -77.21
CA THR FE 97 37.76 102.90 -75.89
C THR FE 97 38.77 101.87 -75.38
N VAL FE 98 38.50 100.58 -75.58
CA VAL FE 98 39.43 99.57 -75.11
C VAL FE 98 40.75 99.69 -75.86
N SER FE 99 40.68 100.03 -77.15
CA SER FE 99 41.89 100.30 -77.90
C SER FE 99 42.60 101.55 -77.38
N ASP FE 100 41.84 102.58 -77.03
CA ASP FE 100 42.45 103.81 -76.51
C ASP FE 100 43.23 103.54 -75.23
N LEU FE 101 42.65 102.75 -74.33
CA LEU FE 101 43.40 102.20 -73.22
C LEU FE 101 44.42 101.19 -73.74
N GLY FE 102 45.55 101.09 -73.05
CA GLY FE 102 46.67 100.26 -73.49
C GLY FE 102 47.64 101.03 -74.36
N GLU FE 103 47.13 101.88 -75.25
CA GLU FE 103 48.01 102.78 -75.98
C GLU FE 103 48.71 103.74 -75.02
N ALA FE 104 48.00 104.16 -73.97
CA ALA FE 104 48.64 104.94 -72.91
C ALA FE 104 49.75 104.15 -72.25
N LEU FE 105 49.50 102.87 -71.97
CA LEU FE 105 50.53 102.01 -71.40
C LEU FE 105 51.75 101.99 -72.30
N SER FE 106 51.54 101.82 -73.60
CA SER FE 106 52.65 101.77 -74.54
C SER FE 106 53.42 103.09 -74.56
N PHE FE 107 52.71 104.22 -74.54
CA PHE FE 107 53.38 105.52 -74.57
C PHE FE 107 54.17 105.76 -73.29
N TYR FE 108 53.64 105.34 -72.14
CA TYR FE 108 54.34 105.51 -70.88
C TYR FE 108 55.61 104.66 -70.81
N LEU FE 109 55.59 103.49 -71.42
CA LEU FE 109 56.72 102.56 -71.35
C LEU FE 109 57.80 102.96 -72.35
N ASN FE 110 58.98 103.33 -71.84
CA ASN FE 110 60.10 103.77 -72.67
C ASN FE 110 61.41 103.34 -72.01
N GLU FE 111 62.52 103.88 -72.53
CA GLU FE 111 63.85 103.52 -72.00
C GLU FE 111 64.01 103.94 -70.55
N ALA FE 112 63.70 105.20 -70.23
CA ALA FE 112 63.95 105.70 -68.89
C ALA FE 112 63.13 104.93 -67.86
N LEU FE 113 61.86 104.69 -68.15
CA LEU FE 113 61.02 103.96 -67.21
C LEU FE 113 61.54 102.54 -67.02
N TYR FE 114 61.98 101.89 -68.09
CA TYR FE 114 62.48 100.53 -67.97
C TYR FE 114 63.77 100.49 -67.16
N GLY FE 115 64.68 101.43 -67.39
CA GLY FE 115 65.87 101.52 -66.57
C GLY FE 115 65.53 101.73 -65.10
N LYS FE 116 64.52 102.55 -64.83
CA LYS FE 116 64.09 102.77 -63.45
C LYS FE 116 63.47 101.52 -62.85
N LEU FE 117 62.62 100.83 -63.61
CA LEU FE 117 61.86 99.70 -63.08
C LEU FE 117 62.74 98.49 -62.85
N ILE FE 118 63.64 98.21 -63.79
CA ILE FE 118 64.47 97.00 -63.66
C ILE FE 118 65.29 97.08 -62.39
N GLY FE 119 65.56 98.30 -61.90
CA GLY FE 119 66.26 98.49 -60.65
C GLY FE 119 65.37 98.56 -59.41
N TRP FE 120 64.20 97.89 -59.45
CA TRP FE 120 63.28 97.84 -58.30
C TRP FE 120 62.53 99.13 -58.01
N GLU FE 121 62.95 100.26 -58.57
CA GLU FE 121 62.40 101.54 -58.14
C GLU FE 121 60.89 101.58 -58.33
N SER FE 122 60.17 101.90 -57.25
CA SER FE 122 58.71 101.93 -57.27
C SER FE 122 58.19 103.04 -56.35
N ALA GE 1 44.37 76.54 -97.49
CA ALA GE 1 44.98 76.71 -98.85
C ALA GE 1 44.16 77.67 -99.71
N LEU GE 2 42.93 77.96 -99.29
CA LEU GE 2 42.08 78.85 -100.08
C LEU GE 2 42.70 80.24 -100.21
N GLY GE 3 43.19 80.78 -99.10
CA GLY GE 3 43.81 82.10 -99.11
C GLY GE 3 43.55 82.82 -97.81
N ASP GE 4 44.29 83.90 -97.57
CA ASP GE 4 44.26 84.54 -96.26
C ASP GE 4 43.02 85.41 -96.05
N THR GE 5 42.33 85.79 -97.13
CA THR GE 5 41.12 86.60 -97.01
C THR GE 5 40.05 86.06 -97.95
N LEU GE 6 38.79 86.28 -97.55
CA LEU GE 6 37.61 85.83 -98.27
C LEU GE 6 36.73 87.03 -98.54
N THR GE 7 36.30 87.18 -99.80
CA THR GE 7 35.50 88.34 -100.22
C THR GE 7 34.09 87.88 -100.59
N ILE GE 8 33.10 88.57 -100.04
CA ILE GE 8 31.70 88.30 -100.32
C ILE GE 8 31.06 89.56 -100.88
N THR GE 9 30.32 89.41 -101.96
CA THR GE 9 29.65 90.52 -102.63
C THR GE 9 28.15 90.38 -102.38
N LEU GE 10 27.63 91.10 -101.39
CA LEU GE 10 26.21 91.05 -101.10
C LEU GE 10 25.43 91.52 -102.31
N GLY GE 11 24.39 90.77 -102.68
CA GLY GE 11 23.59 91.11 -103.83
C GLY GE 11 24.16 90.65 -105.16
N GLY GE 12 25.08 89.70 -105.15
CA GLY GE 12 25.61 89.16 -106.38
C GLY GE 12 26.59 90.10 -107.06
N SER GE 13 26.82 89.84 -108.34
CA SER GE 13 27.78 90.62 -109.11
C SER GE 13 27.36 92.08 -109.16
N GLY GE 14 28.33 92.97 -108.94
CA GLY GE 14 28.09 94.40 -108.93
C GLY GE 14 27.57 94.97 -107.63
N GLY GE 15 27.45 94.16 -106.58
CA GLY GE 15 26.87 94.60 -105.33
C GLY GE 15 27.90 95.20 -104.39
N THR GE 16 27.54 95.20 -103.11
CA THR GE 16 28.39 95.73 -102.05
C THR GE 16 29.50 94.72 -101.75
N ALA GE 17 30.75 95.08 -102.07
CA ALA GE 17 31.89 94.18 -101.93
C ALA GE 17 32.67 94.51 -100.65
N LYS GE 18 33.13 93.46 -99.96
CA LYS GE 18 33.78 93.63 -98.67
C LYS GE 18 34.63 92.40 -98.34
N VAL GE 19 35.84 92.63 -97.82
CA VAL GE 19 36.74 91.52 -97.48
C VAL GE 19 36.31 90.90 -96.16
N LEU GE 20 36.91 89.74 -95.86
CA LEU GE 20 36.65 89.01 -94.63
C LEU GE 20 37.80 88.02 -94.46
N ARG GE 21 38.49 88.09 -93.33
CA ARG GE 21 39.84 87.55 -93.19
C ARG GE 21 39.87 86.17 -92.53
N LYS GE 22 41.03 85.50 -92.61
CA LYS GE 22 41.18 84.17 -92.02
C LYS GE 22 41.48 84.28 -90.53
N ILE GE 23 40.95 83.31 -89.78
CA ILE GE 23 41.02 83.28 -88.33
C ILE GE 23 41.70 82.02 -87.82
N ASN GE 24 41.19 80.85 -88.21
CA ASN GE 24 41.68 79.58 -87.69
C ASN GE 24 41.40 78.44 -88.66
N GLN GE 25 42.24 77.40 -88.58
CA GLN GE 25 42.10 76.21 -89.43
C GLN GE 25 42.71 75.01 -88.73
N ASP GE 26 41.90 74.24 -87.99
CA ASP GE 26 42.40 73.14 -87.17
C ASP GE 26 41.89 71.77 -87.59
N GLY GE 27 40.58 71.54 -87.58
CA GLY GE 27 40.06 70.20 -87.74
C GLY GE 27 39.65 69.87 -89.15
N TYR GE 28 40.58 70.02 -90.09
CA TYR GE 28 40.33 69.89 -91.53
C TYR GE 28 39.42 71.00 -92.04
N THR GE 29 39.07 71.96 -91.18
CA THR GE 29 38.07 72.98 -91.44
C THR GE 29 38.69 74.36 -91.29
N SER GE 30 38.16 75.33 -92.03
CA SER GE 30 38.66 76.70 -92.01
C SER GE 30 37.55 77.66 -91.60
N GLU GE 31 37.94 78.74 -90.91
CA GLU GE 31 37.00 79.71 -90.37
C GLU GE 31 37.46 81.12 -90.74
N TYR GE 32 36.52 81.95 -91.17
CA TYR GE 32 36.77 83.35 -91.48
C TYR GE 32 35.74 84.20 -90.74
N TYR GE 33 36.14 85.39 -90.28
CA TYR GE 33 35.26 86.23 -89.47
C TYR GE 33 35.56 87.70 -89.71
N LEU GE 34 34.57 88.55 -89.43
CA LEU GE 34 34.71 90.01 -89.53
C LEU GE 34 33.64 90.74 -88.72
N PRO GE 35 34.00 91.65 -87.83
CA PRO GE 35 32.99 92.44 -87.12
C PRO GE 35 32.73 93.81 -87.76
N GLU GE 36 31.56 94.36 -87.47
CA GLU GE 36 31.20 95.71 -87.88
C GLU GE 36 30.16 96.24 -86.89
N THR GE 37 29.70 97.48 -87.13
CA THR GE 37 29.00 98.21 -86.08
C THR GE 37 27.64 97.59 -85.73
N SER GE 38 26.91 97.08 -86.71
CA SER GE 38 25.57 96.57 -86.47
C SER GE 38 25.42 95.07 -86.71
N SER GE 39 26.46 94.39 -87.15
CA SER GE 39 26.40 92.94 -87.33
C SER GE 39 27.81 92.37 -87.24
N SER GE 40 27.93 91.05 -87.45
CA SER GE 40 29.23 90.39 -87.53
C SER GE 40 29.14 89.28 -88.57
N PHE GE 41 30.28 88.92 -89.13
CA PHE GE 41 30.33 88.10 -90.33
C PHE GE 41 31.17 86.87 -90.06
N ARG GE 42 30.85 85.77 -90.76
CA ARG GE 42 31.54 84.52 -90.52
C ARG GE 42 31.43 83.63 -91.76
N ALA GE 43 32.34 82.64 -91.82
CA ALA GE 43 32.34 81.66 -92.91
C ALA GE 43 32.97 80.38 -92.39
N LYS GE 44 32.46 79.24 -92.86
CA LYS GE 44 32.95 77.91 -92.47
C LYS GE 44 33.17 77.04 -93.70
N VAL GE 45 34.16 76.15 -93.60
CA VAL GE 45 34.46 75.16 -94.63
C VAL GE 45 34.86 73.87 -93.95
N ARG GE 46 34.33 72.74 -94.43
CA ARG GE 46 34.59 71.45 -93.81
C ARG GE 46 34.61 70.34 -94.85
N HIS GE 47 35.36 69.27 -94.56
CA HIS GE 47 35.34 68.03 -95.31
C HIS GE 47 35.33 66.86 -94.34
N THR GE 48 34.66 65.76 -94.73
CA THR GE 48 34.53 64.61 -93.83
C THR GE 48 34.34 63.33 -94.63
N LYS GE 49 34.61 62.21 -93.95
CA LYS GE 49 34.33 60.87 -94.46
C LYS GE 49 33.15 60.28 -93.69
N GLU GE 50 32.21 59.68 -94.41
CA GLU GE 50 31.06 59.08 -93.74
C GLU GE 50 31.44 57.74 -93.11
N SER GE 51 30.57 57.25 -92.24
CA SER GE 51 30.85 56.00 -91.53
C SER GE 51 30.94 54.85 -92.53
N VAL GE 52 31.73 53.85 -92.19
CA VAL GE 52 32.11 52.79 -93.11
C VAL GE 52 31.40 51.51 -92.72
N LYS GE 53 30.61 50.97 -93.64
CA LYS GE 53 30.06 49.63 -93.52
C LYS GE 53 30.78 48.70 -94.49
N PRO GE 54 30.84 47.40 -94.18
CA PRO GE 54 31.55 46.47 -95.06
C PRO GE 54 30.94 46.40 -96.44
N ASN GE 55 31.79 46.21 -97.45
CA ASN GE 55 31.38 46.02 -98.85
C ASN GE 55 30.24 46.92 -99.29
N GLN GE 56 30.29 48.20 -98.93
CA GLN GE 56 29.46 49.25 -99.53
C GLN GE 56 30.32 50.44 -99.94
N VAL GE 57 29.85 51.17 -100.96
CA VAL GE 57 30.65 52.24 -101.55
C VAL GE 57 30.89 53.33 -100.53
N GLN GE 58 32.09 53.93 -100.60
CA GLN GE 58 32.51 54.94 -99.65
C GLN GE 58 32.33 56.34 -100.23
N TYR GE 59 31.85 57.27 -99.41
CA TYR GE 59 31.56 58.63 -99.83
C TYR GE 59 32.31 59.64 -98.98
N GLU GE 60 32.48 60.85 -99.54
CA GLU GE 60 33.03 61.97 -98.81
C GLU GE 60 32.20 63.22 -99.10
N ARG GE 61 32.20 64.14 -98.13
CA ARG GE 61 31.29 65.28 -98.12
C ARG GE 61 32.09 66.57 -98.01
N HIS GE 62 31.67 67.59 -98.77
CA HIS GE 62 32.22 68.94 -98.66
C HIS GE 62 31.08 69.93 -98.42
N ASN GE 63 31.28 70.81 -97.44
CA ASN GE 63 30.27 71.76 -97.00
C ASN GE 63 30.85 73.16 -96.96
N VAL GE 64 30.03 74.14 -97.32
CA VAL GE 64 30.41 75.56 -97.27
C VAL GE 64 29.23 76.33 -96.69
N GLU GE 65 29.53 77.30 -95.81
CA GLU GE 65 28.51 77.93 -94.98
C GLU GE 65 28.73 79.43 -94.91
N PHE GE 66 27.62 80.16 -94.76
CA PHE GE 66 27.63 81.60 -94.50
C PHE GE 66 26.68 81.89 -93.34
N THR GE 67 27.02 82.87 -92.52
CA THR GE 67 26.26 83.16 -91.30
C THR GE 67 26.06 84.66 -91.17
N GLU GE 68 24.88 85.04 -90.69
CA GLU GE 68 24.48 86.43 -90.48
C GLU GE 68 24.03 86.57 -89.04
N THR GE 69 24.59 87.53 -88.30
CA THR GE 69 24.12 87.80 -86.94
C THR GE 69 23.94 89.30 -86.75
N VAL GE 70 22.75 89.69 -86.29
CA VAL GE 70 22.42 91.09 -86.01
C VAL GE 70 22.18 91.22 -84.51
N TYR GE 71 22.95 92.08 -83.86
CA TYR GE 71 22.80 92.27 -82.42
C TYR GE 71 21.45 92.88 -82.08
N ALA GE 72 21.02 92.61 -80.85
CA ALA GE 72 19.74 93.14 -80.37
C ALA GE 72 19.76 94.66 -80.40
N SER GE 73 18.67 95.24 -80.90
CA SER GE 73 18.50 96.68 -80.99
C SER GE 73 17.25 97.06 -80.22
N GLY GE 74 17.43 97.46 -78.95
CA GLY GE 74 16.30 97.78 -78.11
C GLY GE 74 15.44 96.55 -77.87
N SER GE 75 14.13 96.68 -78.15
CA SER GE 75 13.20 95.59 -77.87
C SER GE 75 13.51 94.37 -78.73
N THR GE 76 13.87 94.58 -79.99
CA THR GE 76 14.09 93.48 -80.92
C THR GE 76 15.28 92.64 -80.50
N PRO GE 77 15.12 91.34 -80.26
CA PRO GE 77 16.28 90.52 -79.88
C PRO GE 77 17.18 90.21 -81.06
N GLU GE 78 18.37 89.71 -80.75
CA GLU GE 78 19.28 89.30 -81.80
C GLU GE 78 18.72 88.08 -82.52
N PHE GE 79 19.07 87.98 -83.81
CA PHE GE 79 18.63 86.85 -84.63
C PHE GE 79 19.72 86.58 -85.67
N VAL GE 80 19.50 85.53 -86.45
CA VAL GE 80 20.52 85.00 -87.34
C VAL GE 80 19.91 84.76 -88.72
N ARG GE 81 20.70 84.98 -89.75
CA ARG GE 81 20.40 84.54 -91.11
C ARG GE 81 21.55 83.66 -91.56
N GLN GE 82 21.28 82.75 -92.50
CA GLN GE 82 22.28 81.73 -92.82
C GLN GE 82 22.04 81.21 -94.23
N ALA GE 83 23.09 80.59 -94.79
CA ALA GE 83 23.00 79.96 -96.11
C ALA GE 83 24.21 79.07 -96.35
N TYR GE 84 23.99 77.82 -96.79
CA TYR GE 84 25.09 76.87 -96.91
C TYR GE 84 24.80 75.88 -98.02
N VAL GE 85 25.86 75.20 -98.46
CA VAL GE 85 25.79 74.20 -99.52
C VAL GE 85 26.57 72.96 -99.09
N VAL GE 86 26.20 71.81 -99.67
CA VAL GE 86 26.86 70.54 -99.38
C VAL GE 86 26.97 69.75 -100.68
N ILE GE 87 28.08 69.04 -100.85
CA ILE GE 87 28.31 68.17 -102.00
C ILE GE 87 28.76 66.79 -101.51
N ARG GE 88 28.32 65.75 -102.21
CA ARG GE 88 28.73 64.38 -101.92
C ARG GE 88 29.14 63.70 -103.21
N HIS GE 89 30.15 62.84 -103.13
CA HIS GE 89 30.57 62.03 -104.26
C HIS GE 89 31.53 60.96 -103.77
N LYS GE 90 31.50 59.81 -104.44
CA LYS GE 90 32.26 58.67 -103.99
C LYS GE 90 33.76 58.89 -104.20
N VAL GE 91 34.55 58.25 -103.33
CA VAL GE 91 36.00 58.40 -103.39
C VAL GE 91 36.52 57.78 -104.68
N GLY GE 92 37.39 58.52 -105.36
CA GLY GE 92 37.95 58.06 -106.61
C GLY GE 92 37.16 58.41 -107.85
N ASP GE 93 36.20 59.33 -107.75
CA ASP GE 93 35.40 59.73 -108.90
C ASP GE 93 36.17 60.71 -109.77
N VAL GE 94 35.58 61.05 -110.92
CA VAL GE 94 36.19 62.01 -111.83
C VAL GE 94 35.82 63.41 -111.39
N SER GE 95 36.83 64.27 -111.22
CA SER GE 95 36.60 65.59 -110.63
C SER GE 95 35.69 66.45 -111.51
N ALA GE 96 35.92 66.45 -112.82
CA ALA GE 96 35.13 67.31 -113.70
C ALA GE 96 33.66 66.92 -113.70
N THR GE 97 33.37 65.62 -113.70
CA THR GE 97 31.99 65.17 -113.66
C THR GE 97 31.29 65.63 -112.40
N VAL GE 98 31.94 65.51 -111.25
CA VAL GE 98 31.34 65.97 -110.00
C VAL GE 98 31.17 67.47 -110.03
N SER GE 99 32.11 68.18 -110.66
CA SER GE 99 32.04 69.63 -110.72
C SER GE 99 30.88 70.13 -111.58
N ASP GE 100 30.56 69.39 -112.65
CA ASP GE 100 29.52 69.86 -113.57
C ASP GE 100 28.17 70.01 -112.87
N LEU GE 101 27.82 69.06 -112.01
CA LEU GE 101 26.53 69.13 -111.33
C LEU GE 101 26.46 70.37 -110.44
N GLY GE 102 27.56 70.67 -109.73
CA GLY GE 102 27.58 71.87 -108.92
C GLY GE 102 27.48 73.14 -109.75
N GLU GE 103 28.15 73.17 -110.90
CA GLU GE 103 28.02 74.31 -111.79
C GLU GE 103 26.56 74.49 -112.22
N ALA GE 104 25.90 73.39 -112.56
CA ALA GE 104 24.49 73.45 -112.94
C ALA GE 104 23.65 74.04 -111.80
N LEU GE 105 23.88 73.54 -110.58
CA LEU GE 105 23.09 74.02 -109.45
C LEU GE 105 23.31 75.50 -109.22
N SER GE 106 24.57 75.95 -109.32
CA SER GE 106 24.85 77.37 -109.13
C SER GE 106 24.19 78.22 -110.22
N PHE GE 107 24.27 77.76 -111.47
CA PHE GE 107 23.70 78.54 -112.57
C PHE GE 107 22.19 78.64 -112.46
N TYR GE 108 21.54 77.56 -112.01
CA TYR GE 108 20.09 77.57 -111.86
C TYR GE 108 19.63 78.58 -110.81
N LEU GE 109 20.30 78.64 -109.66
CA LEU GE 109 19.92 79.60 -108.64
C LEU GE 109 20.21 81.02 -109.12
N ASN GE 110 19.23 81.89 -108.96
CA ASN GE 110 19.35 83.29 -109.38
C ASN GE 110 18.33 84.10 -108.61
N GLU GE 111 18.20 85.37 -108.99
CA GLU GE 111 17.46 86.31 -108.15
C GLU GE 111 16.00 85.90 -108.00
N ALA GE 112 15.32 85.66 -109.13
CA ALA GE 112 13.89 85.41 -109.06
C ALA GE 112 13.59 84.06 -108.41
N LEU GE 113 14.46 83.07 -108.62
CA LEU GE 113 14.29 81.80 -107.91
C LEU GE 113 14.40 81.98 -106.40
N TYR GE 114 15.32 82.81 -105.92
CA TYR GE 114 15.37 83.07 -104.49
C TYR GE 114 14.08 83.73 -103.99
N GLY GE 115 13.51 84.65 -104.77
CA GLY GE 115 12.23 85.21 -104.42
C GLY GE 115 11.12 84.18 -104.36
N LYS GE 116 11.11 83.26 -105.32
CA LYS GE 116 10.11 82.20 -105.29
C LYS GE 116 10.32 81.24 -104.12
N LEU GE 117 11.57 80.94 -103.77
CA LEU GE 117 11.79 80.09 -102.60
C LEU GE 117 11.29 80.78 -101.34
N ILE GE 118 11.57 82.07 -101.18
CA ILE GE 118 11.05 82.79 -100.03
C ILE GE 118 9.52 82.88 -100.10
N GLY GE 119 8.96 82.71 -101.29
CA GLY GE 119 7.50 82.70 -101.41
C GLY GE 119 6.83 81.39 -101.08
N TRP GE 120 7.57 80.36 -100.68
CA TRP GE 120 7.05 79.02 -100.36
C TRP GE 120 6.52 78.27 -101.58
N GLU GE 121 6.69 78.80 -102.79
CA GLU GE 121 6.34 78.03 -103.97
C GLU GE 121 7.16 76.74 -104.04
N SER GE 122 6.46 75.62 -104.25
CA SER GE 122 7.10 74.31 -104.33
C SER GE 122 6.92 73.72 -105.71
N ALA HE 1 60.21 105.45 -55.62
CA ALA HE 1 60.11 106.83 -56.19
C ALA HE 1 59.04 106.88 -57.29
N LEU HE 2 59.45 106.91 -58.56
CA LEU HE 2 58.54 107.07 -59.69
C LEU HE 2 57.75 108.37 -59.64
N GLY HE 3 58.12 109.29 -58.75
CA GLY HE 3 57.38 110.52 -58.58
C GLY HE 3 56.16 110.35 -57.68
N ASP HE 4 55.69 111.47 -57.15
CA ASP HE 4 54.51 111.44 -56.30
C ASP HE 4 53.25 111.22 -57.14
N THR HE 5 53.21 111.76 -58.35
CA THR HE 5 52.06 111.63 -59.23
C THR HE 5 52.44 110.89 -60.50
N LEU HE 6 51.47 110.14 -61.03
CA LEU HE 6 51.60 109.34 -62.24
C LEU HE 6 50.63 109.88 -63.27
N THR HE 7 51.11 110.09 -64.50
CA THR HE 7 50.29 110.64 -65.57
C THR HE 7 49.94 109.55 -66.57
N ILE HE 8 48.64 109.43 -66.88
CA ILE HE 8 48.14 108.48 -67.87
C ILE HE 8 47.48 109.30 -68.97
N THR HE 9 47.92 109.09 -70.21
CA THR HE 9 47.45 109.85 -71.37
C THR HE 9 46.64 108.91 -72.27
N LEU HE 10 45.31 109.01 -72.18
CA LEU HE 10 44.46 108.13 -72.97
C LEU HE 10 44.66 108.38 -74.45
N GLY HE 11 44.57 107.31 -75.23
CA GLY HE 11 44.72 107.43 -76.67
C GLY HE 11 46.14 107.70 -77.12
N GLY HE 12 47.12 107.26 -76.36
CA GLY HE 12 48.48 107.51 -76.77
C GLY HE 12 48.83 108.98 -76.65
N SER HE 13 49.82 109.38 -77.44
CA SER HE 13 50.29 110.75 -77.42
C SER HE 13 49.22 111.70 -77.96
N GLY HE 14 49.14 112.88 -77.34
CA GLY HE 14 48.27 113.93 -77.82
C GLY HE 14 46.85 113.91 -77.27
N GLY HE 15 46.49 112.89 -76.49
CA GLY HE 15 45.15 112.74 -75.98
C GLY HE 15 44.95 113.49 -74.67
N THR HE 16 43.83 113.18 -74.03
CA THR HE 16 43.53 113.74 -72.71
C THR HE 16 44.55 113.25 -71.70
N ALA HE 17 44.97 114.15 -70.82
CA ALA HE 17 45.95 113.84 -69.78
C ALA HE 17 45.27 113.81 -68.42
N LYS HE 18 45.51 112.74 -67.67
CA LYS HE 18 44.94 112.56 -66.34
C LYS HE 18 46.05 112.16 -65.38
N VAL HE 19 46.02 112.71 -64.16
CA VAL HE 19 47.07 112.53 -63.17
C VAL HE 19 46.53 111.68 -62.03
N LEU HE 20 47.30 110.66 -61.62
CA LEU HE 20 47.01 109.87 -60.43
C LEU HE 20 47.91 110.33 -59.29
N ARG HE 21 47.59 109.89 -58.08
CA ARG HE 21 48.34 110.25 -56.88
C ARG HE 21 48.65 109.00 -56.07
N LYS HE 22 49.84 108.97 -55.45
CA LYS HE 22 50.24 107.82 -54.66
C LYS HE 22 49.46 107.80 -53.34
N ILE HE 23 48.95 106.62 -52.97
CA ILE HE 23 48.14 106.48 -51.77
C ILE HE 23 48.66 105.41 -50.81
N ASN HE 24 49.42 104.43 -51.28
CA ASN HE 24 49.92 103.38 -50.41
C ASN HE 24 51.21 102.82 -50.99
N GLN HE 25 52.02 102.20 -50.13
CA GLN HE 25 53.27 101.59 -50.59
C GLN HE 25 53.65 100.52 -49.59
N ASP HE 26 53.43 99.25 -49.96
CA ASP HE 26 53.71 98.14 -49.08
C ASP HE 26 54.16 96.94 -49.91
N GLY HE 27 54.92 96.06 -49.29
CA GLY HE 27 55.19 94.77 -49.91
C GLY HE 27 55.78 94.87 -51.30
N TYR HE 28 56.74 95.77 -51.50
CA TYR HE 28 57.37 95.95 -52.80
C TYR HE 28 56.34 96.26 -53.89
N THR HE 29 55.35 97.09 -53.54
CA THR HE 29 54.37 97.54 -54.51
C THR HE 29 53.85 98.92 -54.11
N SER HE 30 53.26 99.60 -55.08
CA SER HE 30 52.73 100.95 -54.89
C SER HE 30 51.36 101.04 -55.54
N GLU HE 31 50.58 102.03 -55.08
CA GLU HE 31 49.24 102.28 -55.58
C GLU HE 31 49.11 103.74 -55.96
N TYR HE 32 48.38 103.99 -57.05
CA TYR HE 32 47.98 105.33 -57.48
C TYR HE 32 46.47 105.32 -57.68
N TYR HE 33 45.80 106.44 -57.37
CA TYR HE 33 44.35 106.48 -57.42
C TYR HE 33 43.88 107.87 -57.84
N LEU HE 34 42.66 107.92 -58.40
CA LEU HE 34 42.01 109.17 -58.77
C LEU HE 34 40.51 108.95 -58.92
N PRO HE 35 39.67 109.54 -58.08
CA PRO HE 35 38.22 109.34 -58.21
C PRO HE 35 37.55 110.36 -59.11
N GLU HE 36 36.38 109.97 -59.60
CA GLU HE 36 35.58 110.81 -60.50
C GLU HE 36 34.11 110.49 -60.28
N THR HE 37 33.24 111.31 -60.90
CA THR HE 37 31.81 111.17 -60.68
C THR HE 37 31.30 109.83 -61.20
N SER HE 38 31.74 109.43 -62.39
CA SER HE 38 31.23 108.23 -63.04
C SER HE 38 32.22 107.09 -63.12
N SER HE 39 33.50 107.31 -62.79
CA SER HE 39 34.49 106.26 -62.88
C SER HE 39 35.64 106.55 -61.92
N SER HE 40 36.64 105.67 -61.95
CA SER HE 40 37.81 105.78 -61.08
C SER HE 40 38.97 105.07 -61.75
N PHE HE 41 40.19 105.52 -61.45
CA PHE HE 41 41.39 105.03 -62.12
C PHE HE 41 42.40 104.60 -61.07
N ARG HE 42 43.04 103.45 -61.30
CA ARG HE 42 43.94 102.84 -60.32
C ARG HE 42 45.10 102.20 -61.05
N ALA HE 43 46.31 102.35 -60.49
CA ALA HE 43 47.53 101.79 -61.06
C ALA HE 43 48.36 101.13 -59.98
N LYS HE 44 49.01 100.03 -60.33
CA LYS HE 44 49.83 99.27 -59.39
C LYS HE 44 51.12 98.84 -60.06
N VAL HE 45 52.20 98.83 -59.26
CA VAL HE 45 53.50 98.30 -59.67
C VAL HE 45 53.93 97.32 -58.60
N ARG HE 46 54.30 96.10 -59.02
CA ARG HE 46 54.67 95.04 -58.09
C ARG HE 46 56.01 94.44 -58.45
N HIS HE 47 56.60 93.76 -57.45
CA HIS HE 47 57.83 93.01 -57.62
C HIS HE 47 57.73 91.71 -56.82
N THR HE 48 57.71 90.58 -57.52
CA THR HE 48 57.62 89.28 -56.86
C THR HE 48 58.64 88.36 -57.49
N LYS HE 49 59.26 87.53 -56.64
CA LYS HE 49 60.38 86.69 -57.04
C LYS HE 49 60.08 85.24 -56.70
N GLU HE 50 60.55 84.32 -57.53
CA GLU HE 50 60.30 82.90 -57.29
C GLU HE 50 61.17 82.38 -56.16
N SER HE 51 60.72 81.26 -55.57
CA SER HE 51 61.46 80.63 -54.49
C SER HE 51 62.80 80.09 -55.00
N VAL HE 52 63.81 80.15 -54.13
CA VAL HE 52 65.12 79.60 -54.47
C VAL HE 52 65.01 78.09 -54.61
N LYS HE 53 65.73 77.52 -55.56
CA LYS HE 53 65.78 76.09 -55.80
C LYS HE 53 67.21 75.59 -55.65
N PRO HE 54 67.39 74.29 -55.39
CA PRO HE 54 68.74 73.77 -55.16
C PRO HE 54 69.70 74.02 -56.31
N ASN HE 55 69.41 73.48 -57.51
CA ASN HE 55 70.27 73.66 -58.68
C ASN HE 55 69.41 74.08 -59.87
N GLN HE 56 69.16 75.39 -59.96
CA GLN HE 56 68.35 75.98 -61.02
C GLN HE 56 68.79 77.43 -61.18
N VAL HE 57 68.03 78.20 -61.95
CA VAL HE 57 68.31 79.62 -62.20
C VAL HE 57 67.27 80.46 -61.48
N GLN HE 58 67.73 81.45 -60.72
CA GLN HE 58 66.82 82.36 -60.03
C GLN HE 58 66.43 83.51 -60.95
N TYR HE 59 65.15 83.86 -60.94
CA TYR HE 59 64.57 84.79 -61.89
C TYR HE 59 63.90 85.95 -61.14
N GLU HE 60 63.60 87.03 -61.86
CA GLU HE 60 62.91 88.17 -61.29
C GLU HE 60 61.79 88.65 -62.22
N ARG HE 61 60.72 89.14 -61.62
CA ARG HE 61 59.51 89.59 -62.30
C ARG HE 61 59.27 91.07 -62.02
N HIS HE 62 58.77 91.80 -63.03
CA HIS HE 62 58.30 93.17 -62.85
C HIS HE 62 56.93 93.32 -63.51
N ASN HE 63 55.99 93.98 -62.84
CA ASN HE 63 54.60 94.04 -63.29
C ASN HE 63 54.05 95.45 -63.17
N VAL HE 64 53.16 95.82 -64.09
CA VAL HE 64 52.51 97.13 -64.12
C VAL HE 64 51.05 96.96 -64.50
N GLU HE 65 50.16 97.68 -63.79
CA GLU HE 65 48.72 97.58 -63.96
C GLU HE 65 48.12 98.95 -64.26
N PHE HE 66 47.30 99.02 -65.30
CA PHE HE 66 46.37 100.14 -65.50
C PHE HE 66 44.96 99.57 -65.43
N THR HE 67 44.09 100.24 -64.67
CA THR HE 67 42.74 99.73 -64.48
C THR HE 67 41.79 100.90 -64.28
N GLU HE 68 40.61 100.83 -64.92
CA GLU HE 68 39.56 101.80 -64.72
C GLU HE 68 38.23 101.10 -64.53
N THR HE 69 37.43 101.59 -63.58
CA THR HE 69 36.13 101.02 -63.27
C THR HE 69 35.05 102.08 -63.49
N VAL HE 70 33.88 101.63 -63.97
CA VAL HE 70 32.72 102.48 -64.15
C VAL HE 70 31.60 101.90 -63.28
N TYR HE 71 31.02 102.75 -62.43
CA TYR HE 71 30.03 102.26 -61.48
C TYR HE 71 28.71 101.94 -62.17
N ALA HE 72 27.98 101.00 -61.59
CA ALA HE 72 26.72 100.57 -62.17
C ALA HE 72 25.74 101.74 -62.24
N SER HE 73 25.14 101.93 -63.40
CA SER HE 73 24.15 102.97 -63.62
C SER HE 73 22.96 102.37 -64.34
N GLY HE 74 21.77 102.61 -63.80
CA GLY HE 74 20.58 101.99 -64.37
C GLY HE 74 20.68 100.48 -64.29
N SER HE 75 20.33 99.81 -65.39
CA SER HE 75 20.36 98.35 -65.44
C SER HE 75 21.73 97.80 -65.75
N THR HE 76 22.67 98.63 -66.17
CA THR HE 76 24.01 98.15 -66.52
C THR HE 76 24.81 97.87 -65.26
N PRO HE 77 25.30 96.66 -65.05
CA PRO HE 77 26.07 96.37 -63.84
C PRO HE 77 27.48 96.95 -63.91
N GLU HE 78 28.15 96.94 -62.76
CA GLU HE 78 29.53 97.43 -62.69
C GLU HE 78 30.46 96.55 -63.51
N PHE HE 79 31.43 97.18 -64.17
CA PHE HE 79 32.42 96.44 -64.94
C PHE HE 79 33.70 97.26 -65.01
N VAL HE 80 34.77 96.61 -65.47
CA VAL HE 80 36.12 97.14 -65.38
C VAL HE 80 36.83 96.95 -66.72
N ARG HE 81 37.81 97.84 -66.98
CA ARG HE 81 38.76 97.67 -68.08
C ARG HE 81 40.16 97.82 -67.52
N GLN HE 82 41.08 96.98 -67.99
CA GLN HE 82 42.43 96.94 -67.44
C GLN HE 82 43.40 96.42 -68.48
N ALA HE 83 44.68 96.72 -68.25
CA ALA HE 83 45.78 96.24 -69.08
C ALA HE 83 47.05 96.21 -68.25
N TYR HE 84 47.92 95.21 -68.49
CA TYR HE 84 49.13 95.07 -67.70
C TYR HE 84 50.23 94.40 -68.50
N VAL HE 85 51.47 94.63 -68.03
CA VAL HE 85 52.69 94.09 -68.62
C VAL HE 85 53.51 93.43 -67.52
N VAL HE 86 54.25 92.39 -67.89
CA VAL HE 86 55.15 91.71 -66.97
C VAL HE 86 56.48 91.48 -67.67
N ILE HE 87 57.57 91.57 -66.90
CA ILE HE 87 58.93 91.34 -67.39
C ILE HE 87 59.57 90.26 -66.52
N ARG HE 88 60.22 89.29 -67.17
CA ARG HE 88 60.85 88.17 -66.47
C ARG HE 88 62.27 87.98 -67.00
N HIS HE 89 63.22 87.80 -66.08
CA HIS HE 89 64.59 87.52 -66.47
C HIS HE 89 65.39 87.20 -65.21
N LYS HE 90 66.63 86.75 -65.40
CA LYS HE 90 67.42 86.21 -64.30
C LYS HE 90 68.04 87.34 -63.47
N VAL HE 91 68.53 86.97 -62.28
CA VAL HE 91 68.89 87.95 -61.27
C VAL HE 91 70.08 88.79 -61.73
N GLY HE 92 71.12 88.14 -62.23
CA GLY HE 92 72.36 88.85 -62.52
C GLY HE 92 72.53 89.26 -63.97
N ASP HE 93 71.43 89.32 -64.72
CA ASP HE 93 71.53 89.65 -66.14
C ASP HE 93 72.03 91.08 -66.32
N VAL HE 94 72.17 91.50 -67.57
CA VAL HE 94 72.59 92.85 -67.91
C VAL HE 94 71.35 93.70 -68.19
N SER HE 95 71.34 94.92 -67.64
CA SER HE 95 70.13 95.73 -67.65
C SER HE 95 69.73 96.16 -69.05
N ALA HE 96 70.70 96.65 -69.84
CA ALA HE 96 70.36 97.20 -71.15
C ALA HE 96 69.78 96.15 -72.08
N THR HE 97 70.36 94.94 -72.08
CA THR HE 97 69.84 93.88 -72.93
C THR HE 97 68.42 93.53 -72.56
N VAL HE 98 68.14 93.39 -71.26
CA VAL HE 98 66.78 93.05 -70.85
C VAL HE 98 65.83 94.20 -71.18
N SER HE 99 66.33 95.43 -71.19
CA SER HE 99 65.49 96.58 -71.52
C SER HE 99 65.15 96.63 -73.00
N ASP HE 100 66.07 96.23 -73.87
CA ASP HE 100 65.82 96.36 -75.31
C ASP HE 100 64.65 95.50 -75.77
N LEU HE 101 64.51 94.30 -75.20
CA LEU HE 101 63.42 93.42 -75.61
C LEU HE 101 62.08 94.07 -75.28
N GLY HE 102 61.97 94.66 -74.09
CA GLY HE 102 60.74 95.34 -73.73
C GLY HE 102 60.51 96.60 -74.55
N GLU HE 103 61.58 97.31 -74.91
CA GLU HE 103 61.42 98.47 -75.79
C GLU HE 103 60.86 98.04 -77.14
N ALA HE 104 61.35 96.92 -77.68
CA ALA HE 104 60.79 96.38 -78.91
C ALA HE 104 59.31 96.03 -78.74
N LEU HE 105 58.97 95.39 -77.62
CA LEU HE 105 57.56 95.10 -77.35
C LEU HE 105 56.73 96.37 -77.38
N SER HE 106 57.19 97.42 -76.71
CA SER HE 106 56.45 98.68 -76.68
C SER HE 106 56.33 99.29 -78.08
N PHE HE 107 57.41 99.24 -78.86
CA PHE HE 107 57.38 99.79 -80.21
C PHE HE 107 56.43 99.04 -81.13
N TYR HE 108 56.33 97.72 -80.94
CA TYR HE 108 55.46 96.91 -81.80
C TYR HE 108 54.00 97.31 -81.63
N LEU HE 109 53.57 97.56 -80.39
CA LEU HE 109 52.16 97.81 -80.11
C LEU HE 109 51.80 99.24 -80.51
N ASN HE 110 50.68 99.39 -81.22
CA ASN HE 110 50.23 100.70 -81.67
C ASN HE 110 48.75 100.62 -82.04
N GLU HE 111 48.25 101.66 -82.70
CA GLU HE 111 46.84 101.76 -83.05
C GLU HE 111 46.38 100.56 -83.87
N ALA HE 112 47.01 100.35 -85.03
CA ALA HE 112 46.53 99.31 -85.94
C ALA HE 112 46.62 97.93 -85.30
N LEU HE 113 47.70 97.65 -84.58
CA LEU HE 113 47.84 96.36 -83.94
C LEU HE 113 46.75 96.14 -82.90
N TYR HE 114 46.43 97.16 -82.10
CA TYR HE 114 45.36 97.01 -81.13
C TYR HE 114 44.03 96.78 -81.83
N GLY HE 115 43.77 97.52 -82.91
CA GLY HE 115 42.54 97.31 -83.65
C GLY HE 115 42.41 95.90 -84.18
N LYS HE 116 43.50 95.36 -84.72
CA LYS HE 116 43.47 93.99 -85.22
C LYS HE 116 43.28 92.98 -84.09
N LEU HE 117 44.06 93.12 -83.01
CA LEU HE 117 43.98 92.17 -81.92
C LEU HE 117 42.59 92.14 -81.31
N ILE HE 118 41.99 93.32 -81.09
CA ILE HE 118 40.65 93.36 -80.53
C ILE HE 118 39.64 92.89 -81.55
N GLY HE 119 40.05 92.85 -82.82
CA GLY HE 119 39.19 92.29 -83.83
C GLY HE 119 39.50 90.82 -83.98
N TRP HE 120 39.89 90.19 -82.87
CA TRP HE 120 39.98 88.75 -82.76
C TRP HE 120 40.98 88.18 -83.77
N GLU HE 121 41.84 89.04 -84.32
CA GLU HE 121 42.77 88.71 -85.39
C GLU HE 121 43.98 88.00 -84.81
N SER HE 122 44.00 86.68 -84.87
CA SER HE 122 45.11 85.94 -84.30
C SER HE 122 46.21 85.72 -85.32
N ALA IE 1 62.61 108.62 -41.26
CA ALA IE 1 62.67 109.81 -42.15
C ALA IE 1 64.10 110.17 -42.48
N LEU IE 2 64.93 109.15 -42.71
CA LEU IE 2 66.33 109.39 -43.02
C LEU IE 2 66.48 110.10 -44.36
N GLY IE 3 65.67 109.73 -45.34
CA GLY IE 3 65.75 110.32 -46.67
C GLY IE 3 65.59 109.29 -47.76
N ASP IE 4 65.30 109.75 -48.99
CA ASP IE 4 65.05 108.83 -50.08
C ASP IE 4 66.30 108.12 -50.57
N THR IE 5 67.49 108.63 -50.23
CA THR IE 5 68.75 108.04 -50.66
C THR IE 5 69.70 107.90 -49.48
N LEU IE 6 70.59 106.91 -49.59
CA LEU IE 6 71.62 106.63 -48.61
C LEU IE 6 72.95 106.50 -49.34
N THR IE 7 74.03 106.93 -48.68
CA THR IE 7 75.36 106.92 -49.27
C THR IE 7 76.28 106.03 -48.45
N ILE IE 8 76.91 105.06 -49.12
CA ILE IE 8 77.92 104.20 -48.52
C ILE IE 8 79.25 104.53 -49.17
N THR IE 9 80.19 105.04 -48.38
CA THR IE 9 81.50 105.46 -48.87
C THR IE 9 82.51 104.38 -48.49
N LEU IE 10 82.91 103.55 -49.45
CA LEU IE 10 83.84 102.48 -49.15
C LEU IE 10 85.19 103.04 -48.77
N GLY IE 11 85.84 102.35 -47.83
CA GLY IE 11 87.12 102.81 -47.31
C GLY IE 11 86.98 103.95 -46.33
N GLY IE 12 85.91 103.94 -45.52
CA GLY IE 12 85.71 105.03 -44.58
C GLY IE 12 85.59 106.34 -45.33
N SER IE 13 86.48 107.27 -45.00
CA SER IE 13 86.52 108.56 -45.67
C SER IE 13 87.32 108.53 -46.97
N GLY IE 14 87.72 107.35 -47.44
CA GLY IE 14 88.50 107.24 -48.66
C GLY IE 14 87.78 107.73 -49.89
N GLY IE 15 86.73 107.01 -50.30
CA GLY IE 15 86.02 107.36 -51.52
C GLY IE 15 85.09 106.25 -51.96
N THR IE 16 84.86 106.18 -53.28
CA THR IE 16 84.02 105.14 -53.88
C THR IE 16 82.63 105.13 -53.24
N ALA IE 17 81.94 106.25 -53.42
CA ALA IE 17 80.60 106.41 -52.86
C ALA IE 17 79.57 105.65 -53.69
N LYS IE 18 78.67 104.97 -53.00
CA LYS IE 18 77.53 104.29 -53.60
C LYS IE 18 76.26 104.91 -53.06
N VAL IE 19 75.30 105.19 -53.95
CA VAL IE 19 74.07 105.88 -53.60
C VAL IE 19 72.93 104.87 -53.69
N LEU IE 20 72.46 104.39 -52.54
CA LEU IE 20 71.30 103.52 -52.49
C LEU IE 20 70.03 104.37 -52.57
N ARG IE 21 68.93 103.73 -52.95
CA ARG IE 21 67.63 104.39 -53.07
C ARG IE 21 66.58 103.60 -52.29
N LYS IE 22 65.59 104.30 -51.74
CA LYS IE 22 64.58 103.63 -50.93
C LYS IE 22 63.73 102.69 -51.78
N ILE IE 23 63.42 101.53 -51.22
CA ILE IE 23 62.64 100.50 -51.89
C ILE IE 23 61.52 99.93 -51.04
N ASN IE 24 61.49 100.13 -49.73
CA ASN IE 24 60.40 99.55 -48.94
C ASN IE 24 60.32 100.27 -47.60
N GLN IE 25 59.14 100.23 -47.00
CA GLN IE 25 58.97 100.73 -45.64
C GLN IE 25 57.76 100.02 -45.03
N ASP IE 26 58.01 99.09 -44.13
CA ASP IE 26 56.96 98.31 -43.49
C ASP IE 26 57.34 98.03 -42.05
N GLY IE 27 56.40 98.23 -41.14
CA GLY IE 27 56.60 97.89 -39.75
C GLY IE 27 57.79 98.58 -39.13
N TYR IE 28 57.92 99.89 -39.36
CA TYR IE 28 59.00 100.69 -38.80
C TYR IE 28 60.37 100.26 -39.32
N THR IE 29 60.41 99.71 -40.54
CA THR IE 29 61.64 99.26 -41.17
C THR IE 29 61.77 99.90 -42.55
N SER IE 30 63.00 99.94 -43.06
CA SER IE 30 63.29 100.51 -44.36
C SER IE 30 64.32 99.66 -45.09
N GLU IE 31 64.32 99.76 -46.42
CA GLU IE 31 65.25 99.01 -47.26
C GLU IE 31 65.76 99.91 -48.38
N TYR IE 32 67.07 99.84 -48.61
CA TYR IE 32 67.75 100.62 -49.63
C TYR IE 32 68.58 99.66 -50.48
N TYR IE 33 68.65 99.92 -51.79
CA TYR IE 33 69.25 98.94 -52.69
C TYR IE 33 69.80 99.64 -53.93
N LEU IE 34 70.76 98.98 -54.59
CA LEU IE 34 71.32 99.49 -55.85
C LEU IE 34 72.04 98.36 -56.59
N PRO IE 35 71.74 98.09 -57.86
CA PRO IE 35 72.47 97.05 -58.58
C PRO IE 35 73.67 97.57 -59.36
N GLU IE 36 74.66 96.69 -59.51
CA GLU IE 36 75.89 96.95 -60.26
C GLU IE 36 75.95 96.01 -61.46
N THR IE 37 77.06 96.07 -62.19
CA THR IE 37 77.26 95.13 -63.30
C THR IE 37 77.59 93.74 -62.81
N SER IE 38 78.28 93.62 -61.66
CA SER IE 38 78.68 92.32 -61.14
C SER IE 38 78.46 92.20 -59.64
N SER IE 39 77.70 93.11 -59.02
CA SER IE 39 77.46 93.04 -57.59
C SER IE 39 76.21 93.85 -57.26
N SER IE 40 75.85 93.86 -55.98
CA SER IE 40 74.67 94.57 -55.51
C SER IE 40 74.93 95.12 -54.12
N PHE IE 41 74.16 96.14 -53.76
CA PHE IE 41 74.25 96.76 -52.45
C PHE IE 41 72.86 96.86 -51.84
N ARG IE 42 72.76 96.58 -50.55
CA ARG IE 42 71.48 96.56 -49.86
C ARG IE 42 71.66 97.08 -48.44
N ALA IE 43 70.57 97.57 -47.84
CA ALA IE 43 70.60 98.07 -46.48
C ALA IE 43 69.24 97.86 -45.81
N LYS IE 44 69.26 97.77 -44.49
CA LYS IE 44 68.05 97.69 -43.68
C LYS IE 44 68.22 98.58 -42.46
N VAL IE 45 67.11 99.12 -41.97
CA VAL IE 45 67.02 99.75 -40.66
C VAL IE 45 65.75 99.23 -39.99
N ARG IE 46 65.86 98.80 -38.74
CA ARG IE 46 64.73 98.23 -38.03
C ARG IE 46 64.70 98.69 -36.58
N HIS IE 47 63.49 98.67 -36.01
CA HIS IE 47 63.24 98.97 -34.61
C HIS IE 47 62.30 97.91 -34.05
N THR IE 48 62.45 97.60 -32.77
CA THR IE 48 61.61 96.58 -32.13
C THR IE 48 61.48 96.87 -30.65
N LYS IE 49 60.39 96.37 -30.07
CA LYS IE 49 60.16 96.37 -28.64
C LYS IE 49 60.16 94.92 -28.17
N GLU IE 50 61.02 94.58 -27.21
CA GLU IE 50 61.10 93.20 -26.75
C GLU IE 50 59.85 92.83 -25.95
N SER IE 51 59.54 91.53 -25.96
CA SER IE 51 58.32 91.06 -25.32
C SER IE 51 58.34 91.39 -23.84
N VAL IE 52 57.22 91.87 -23.33
CA VAL IE 52 57.10 92.29 -21.94
C VAL IE 52 56.65 91.10 -21.09
N LYS IE 53 57.27 90.96 -19.93
CA LYS IE 53 56.94 89.93 -18.96
C LYS IE 53 56.94 90.56 -17.56
N PRO IE 54 56.15 90.03 -16.63
CA PRO IE 54 55.86 90.77 -15.41
C PRO IE 54 57.11 91.10 -14.61
N ASN IE 55 57.13 92.31 -14.04
CA ASN IE 55 58.18 92.82 -13.17
C ASN IE 55 59.59 92.37 -13.61
N GLN IE 56 59.90 92.63 -14.88
CA GLN IE 56 61.28 92.80 -15.32
C GLN IE 56 61.36 93.96 -16.30
N VAL IE 57 62.58 94.49 -16.47
CA VAL IE 57 62.78 95.71 -17.24
C VAL IE 57 62.33 95.52 -18.70
N GLN IE 58 61.95 96.63 -19.32
CA GLN IE 58 61.55 96.66 -20.73
C GLN IE 58 62.67 97.27 -21.56
N TYR IE 59 63.07 96.59 -22.63
CA TYR IE 59 64.18 97.00 -23.48
C TYR IE 59 63.73 97.16 -24.93
N GLU IE 60 64.48 97.95 -25.69
CA GLU IE 60 64.24 98.14 -27.11
C GLU IE 60 65.56 98.10 -27.88
N ARG IE 61 65.48 97.65 -29.14
CA ARG IE 61 66.66 97.40 -29.96
C ARG IE 61 66.58 98.23 -31.24
N HIS IE 62 67.71 98.81 -31.64
CA HIS IE 62 67.88 99.45 -32.94
C HIS IE 62 68.99 98.76 -33.70
N ASN IE 63 68.69 98.32 -34.92
CA ASN IE 63 69.60 97.50 -35.71
C ASN IE 63 69.81 98.13 -37.08
N VAL IE 64 71.05 98.11 -37.55
CA VAL IE 64 71.42 98.60 -38.87
C VAL IE 64 72.44 97.65 -39.48
N GLU IE 65 72.29 97.36 -40.78
CA GLU IE 65 73.14 96.39 -41.45
C GLU IE 65 73.42 96.81 -42.89
N PHE IE 66 74.62 96.47 -43.35
CA PHE IE 66 75.02 96.62 -44.74
C PHE IE 66 75.29 95.23 -45.32
N THR IE 67 74.93 95.03 -46.58
CA THR IE 67 75.10 93.74 -47.24
C THR IE 67 75.56 93.95 -48.68
N GLU IE 68 76.46 93.09 -49.13
CA GLU IE 68 76.99 93.12 -50.49
C GLU IE 68 76.93 91.71 -51.07
N THR IE 69 76.51 91.61 -52.33
CA THR IE 69 76.34 90.34 -53.01
C THR IE 69 77.17 90.32 -54.29
N VAL IE 70 77.80 89.18 -54.55
CA VAL IE 70 78.64 88.98 -55.73
C VAL IE 70 78.08 87.83 -56.53
N TYR IE 71 77.81 88.07 -57.82
CA TYR IE 71 77.22 87.04 -58.66
C TYR IE 71 78.27 86.00 -59.04
N ALA IE 72 77.77 84.82 -59.39
CA ALA IE 72 78.63 83.71 -59.78
C ALA IE 72 79.37 84.07 -61.07
N SER IE 73 80.64 83.66 -61.11
CA SER IE 73 81.52 83.98 -62.25
C SER IE 73 82.29 82.71 -62.59
N GLY IE 74 81.83 82.00 -63.62
CA GLY IE 74 82.42 80.73 -64.01
C GLY IE 74 82.09 79.61 -63.05
N SER IE 75 83.11 79.12 -62.33
CA SER IE 75 82.92 78.01 -61.39
C SER IE 75 82.55 78.49 -60.00
N THR IE 76 83.08 79.64 -59.57
CA THR IE 76 82.83 80.09 -58.21
C THR IE 76 81.35 80.42 -57.99
N PRO IE 77 80.71 79.88 -56.93
CA PRO IE 77 79.28 80.16 -56.71
C PRO IE 77 79.01 81.52 -56.08
N GLU IE 78 77.76 81.77 -55.70
CA GLU IE 78 77.42 83.02 -55.04
C GLU IE 78 78.12 83.13 -53.70
N PHE IE 79 78.25 84.37 -53.24
CA PHE IE 79 78.63 84.64 -51.86
C PHE IE 79 78.35 86.10 -51.55
N VAL IE 80 78.36 86.43 -50.26
CA VAL IE 80 77.91 87.72 -49.77
C VAL IE 80 78.91 88.26 -48.77
N ARG IE 81 78.82 89.57 -48.54
CA ARG IE 81 79.57 90.24 -47.48
C ARG IE 81 78.63 91.13 -46.69
N GLN IE 82 78.62 90.97 -45.37
CA GLN IE 82 77.62 91.56 -44.50
C GLN IE 82 78.29 92.12 -43.26
N ALA IE 83 77.69 93.16 -42.68
CA ALA IE 83 78.21 93.77 -41.47
C ALA IE 83 77.11 94.63 -40.85
N TYR IE 84 76.83 94.43 -39.56
CA TYR IE 84 75.68 95.06 -38.93
C TYR IE 84 75.99 95.44 -37.50
N VAL IE 85 75.20 96.38 -36.97
CA VAL IE 85 75.34 96.86 -35.60
C VAL IE 85 73.97 96.86 -34.94
N VAL IE 86 73.98 96.63 -33.63
CA VAL IE 86 72.76 96.56 -32.81
C VAL IE 86 72.98 97.35 -31.54
N ILE IE 87 71.96 98.09 -31.12
CA ILE IE 87 71.95 98.85 -29.87
C ILE IE 87 70.69 98.51 -29.11
N ARG IE 88 70.84 98.11 -27.85
CA ARG IE 88 69.70 97.80 -27.00
C ARG IE 88 69.87 98.53 -25.67
N HIS IE 89 68.83 99.24 -25.26
CA HIS IE 89 68.92 100.07 -24.06
C HIS IE 89 67.54 100.17 -23.43
N LYS IE 90 67.52 100.54 -22.17
CA LYS IE 90 66.29 100.55 -21.39
C LYS IE 90 65.34 101.64 -21.88
N VAL IE 91 64.04 101.34 -21.83
CA VAL IE 91 63.03 102.28 -22.27
C VAL IE 91 62.98 103.46 -21.31
N GLY IE 92 62.95 104.67 -21.87
CA GLY IE 92 62.95 105.88 -21.06
C GLY IE 92 64.30 106.32 -20.54
N ASP IE 93 65.38 105.67 -20.96
CA ASP IE 93 66.70 106.06 -20.52
C ASP IE 93 67.13 107.36 -21.21
N VAL IE 94 68.17 107.99 -20.67
CA VAL IE 94 68.64 109.27 -21.19
C VAL IE 94 69.34 109.03 -22.53
N SER IE 95 68.92 109.79 -23.55
CA SER IE 95 69.38 109.51 -24.91
C SER IE 95 70.87 109.74 -25.07
N ALA IE 96 71.40 110.84 -24.50
CA ALA IE 96 72.81 111.16 -24.71
C ALA IE 96 73.71 110.08 -24.12
N THR IE 97 73.36 109.55 -22.95
CA THR IE 97 74.16 108.49 -22.34
C THR IE 97 74.19 107.25 -23.22
N VAL IE 98 73.04 106.86 -23.76
CA VAL IE 98 73.00 105.68 -24.63
C VAL IE 98 73.78 105.95 -25.90
N SER IE 99 73.83 107.21 -26.34
CA SER IE 99 74.57 107.54 -27.55
C SER IE 99 76.08 107.49 -27.36
N ASP IE 100 76.56 107.97 -26.20
CA ASP IE 100 78.00 108.02 -25.96
C ASP IE 100 78.62 106.63 -26.04
N LEU IE 101 78.01 105.65 -25.39
CA LEU IE 101 78.25 104.26 -25.76
C LEU IE 101 77.61 104.01 -27.11
N GLY IE 102 78.33 103.31 -27.96
CA GLY IE 102 77.99 103.30 -29.38
C GLY IE 102 78.85 104.27 -30.14
N GLU IE 103 78.88 105.54 -29.73
CA GLU IE 103 79.86 106.46 -30.29
C GLU IE 103 81.27 105.97 -29.99
N ALA IE 104 81.50 105.50 -28.76
CA ALA IE 104 82.80 104.94 -28.42
C ALA IE 104 83.13 103.73 -29.29
N LEU IE 105 82.17 102.83 -29.48
CA LEU IE 105 82.40 101.66 -30.32
C LEU IE 105 82.75 102.05 -31.74
N SER IE 106 82.03 103.02 -32.30
CA SER IE 106 82.32 103.48 -33.65
C SER IE 106 83.70 104.10 -33.74
N PHE IE 107 84.10 104.87 -32.73
CA PHE IE 107 85.42 105.48 -32.74
C PHE IE 107 86.51 104.41 -32.69
N TYR IE 108 86.32 103.38 -31.87
CA TYR IE 108 87.35 102.36 -31.68
C TYR IE 108 87.59 101.55 -32.95
N LEU IE 109 86.52 101.20 -33.68
CA LEU IE 109 86.70 100.42 -34.89
C LEU IE 109 87.46 101.23 -35.94
N ASN IE 110 88.47 100.61 -36.53
CA ASN IE 110 89.32 101.29 -37.50
C ASN IE 110 90.08 100.23 -38.29
N GLU IE 111 90.88 100.68 -39.26
CA GLU IE 111 91.42 99.78 -40.27
C GLU IE 111 92.19 98.63 -39.62
N ALA IE 112 93.17 98.96 -38.76
CA ALA IE 112 94.04 97.92 -38.22
C ALA IE 112 93.26 96.95 -37.35
N LEU IE 113 92.23 97.43 -36.64
CA LEU IE 113 91.40 96.52 -35.87
C LEU IE 113 90.65 95.54 -36.76
N TYR IE 114 90.11 96.00 -37.87
CA TYR IE 114 89.44 95.06 -38.78
C TYR IE 114 90.43 94.01 -39.28
N GLY IE 115 91.66 94.42 -39.61
CA GLY IE 115 92.65 93.45 -40.01
C GLY IE 115 92.99 92.45 -38.92
N LYS IE 116 93.20 92.95 -37.69
CA LYS IE 116 93.54 92.05 -36.60
C LYS IE 116 92.39 91.08 -36.31
N LEU IE 117 91.15 91.57 -36.40
CA LEU IE 117 90.00 90.69 -36.23
C LEU IE 117 89.95 89.62 -37.32
N ILE IE 118 90.19 90.00 -38.57
CA ILE IE 118 90.23 89.00 -39.64
C ILE IE 118 91.34 88.00 -39.38
N GLY IE 119 92.38 88.43 -38.67
CA GLY IE 119 93.44 87.52 -38.32
C GLY IE 119 93.08 86.54 -37.21
N TRP IE 120 91.82 86.54 -36.77
CA TRP IE 120 91.35 85.79 -35.60
C TRP IE 120 92.04 86.25 -34.31
N GLU IE 121 92.77 87.36 -34.35
CA GLU IE 121 93.39 87.87 -33.14
C GLU IE 121 92.30 88.27 -32.15
N SER IE 122 92.46 87.86 -30.90
CA SER IE 122 91.49 88.16 -29.87
C SER IE 122 92.18 88.73 -28.63
N ALA JE 1 50.20 110.77 -49.50
CA ALA JE 1 51.44 111.50 -49.95
C ALA JE 1 51.50 112.89 -49.33
N LEU JE 2 51.18 112.97 -48.04
CA LEU JE 2 51.18 114.27 -47.37
C LEU JE 2 52.59 114.87 -47.34
N GLY JE 3 53.60 114.04 -47.06
CA GLY JE 3 54.95 114.54 -46.92
C GLY JE 3 55.67 113.94 -45.74
N ASP JE 4 56.99 113.92 -45.78
CA ASP JE 4 57.77 113.31 -44.71
C ASP JE 4 57.72 114.10 -43.41
N THR JE 5 57.25 115.35 -43.44
CA THR JE 5 57.26 116.21 -42.27
C THR JE 5 55.89 116.87 -42.11
N LEU JE 6 55.41 116.90 -40.87
CA LEU JE 6 54.15 117.55 -40.53
C LEU JE 6 54.41 118.56 -39.43
N THR JE 7 53.74 119.70 -39.51
CA THR JE 7 54.00 120.84 -38.64
C THR JE 7 52.77 121.14 -37.79
N ILE JE 8 52.98 121.30 -36.49
CA ILE JE 8 51.93 121.66 -35.54
C ILE JE 8 52.32 122.98 -34.90
N THR JE 9 51.40 123.94 -34.93
CA THR JE 9 51.64 125.29 -34.40
C THR JE 9 50.71 125.48 -33.21
N LEU JE 10 51.20 125.18 -32.01
CA LEU JE 10 50.36 125.30 -30.82
C LEU JE 10 49.96 126.75 -30.62
N GLY JE 11 48.71 126.96 -30.22
CA GLY JE 11 48.20 128.30 -30.04
C GLY JE 11 47.72 128.98 -31.30
N GLY JE 12 47.45 128.21 -32.35
CA GLY JE 12 46.93 128.80 -33.58
C GLY JE 12 47.98 129.63 -34.29
N SER JE 13 47.51 130.59 -35.07
CA SER JE 13 48.40 131.45 -35.84
C SER JE 13 49.28 132.27 -34.90
N GLY JE 14 50.56 132.37 -35.24
CA GLY JE 14 51.50 133.16 -34.47
C GLY JE 14 52.03 132.53 -33.21
N GLY JE 15 51.80 131.23 -33.01
CA GLY JE 15 52.23 130.54 -31.82
C GLY JE 15 53.61 129.92 -31.97
N THR JE 16 53.84 128.87 -31.18
CA THR JE 16 55.07 128.10 -31.23
C THR JE 16 54.89 126.94 -32.20
N ALA JE 17 55.88 126.73 -33.06
CA ALA JE 17 55.81 125.70 -34.09
C ALA JE 17 56.66 124.50 -33.72
N LYS JE 18 56.14 123.31 -34.04
CA LYS JE 18 56.85 122.06 -33.85
C LYS JE 18 56.68 121.19 -35.08
N VAL JE 19 57.72 120.42 -35.41
CA VAL JE 19 57.76 119.60 -36.61
C VAL JE 19 57.84 118.14 -36.23
N LEU JE 20 56.90 117.35 -36.71
CA LEU JE 20 56.93 115.90 -36.59
C LEU JE 20 57.50 115.28 -37.86
N ARG JE 21 57.95 114.04 -37.73
CA ARG JE 21 58.59 113.32 -38.83
C ARG JE 21 57.92 111.99 -39.07
N LYS JE 22 57.74 111.63 -40.35
CA LYS JE 22 57.09 110.38 -40.68
C LYS JE 22 57.98 109.20 -40.28
N ILE JE 23 57.37 108.17 -39.70
CA ILE JE 23 58.12 106.99 -39.29
C ILE JE 23 57.48 105.68 -39.74
N ASN JE 24 56.21 105.66 -40.15
CA ASN JE 24 55.61 104.44 -40.68
C ASN JE 24 54.31 104.76 -41.39
N GLN JE 25 53.98 103.95 -42.40
CA GLN JE 25 52.67 104.00 -43.05
C GLN JE 25 52.49 102.73 -43.88
N ASP JE 26 51.56 101.86 -43.47
CA ASP JE 26 51.33 100.60 -44.17
C ASP JE 26 49.92 100.46 -44.72
N GLY JE 27 48.88 100.56 -43.88
CA GLY JE 27 47.53 100.27 -44.32
C GLY JE 27 46.72 101.51 -44.69
N TYR JE 28 47.15 102.24 -45.70
CA TYR JE 28 46.52 103.49 -46.08
C TYR JE 28 46.50 104.46 -44.90
N THR JE 29 47.47 104.31 -44.00
CA THR JE 29 47.52 105.06 -42.75
C THR JE 29 48.94 105.56 -42.55
N SER JE 30 49.08 106.78 -42.03
CA SER JE 30 50.38 107.38 -41.79
C SER JE 30 50.39 108.04 -40.42
N GLU JE 31 51.58 108.17 -39.85
CA GLU JE 31 51.72 108.64 -38.49
C GLU JE 31 53.09 109.27 -38.25
N TYR JE 32 53.11 110.34 -37.47
CA TYR JE 32 54.28 111.16 -37.21
C TYR JE 32 54.58 111.17 -35.71
N TYR JE 33 55.84 111.42 -35.35
CA TYR JE 33 56.23 111.39 -33.95
C TYR JE 33 57.40 112.34 -33.72
N LEU JE 34 57.50 112.88 -32.50
CA LEU JE 34 58.59 113.76 -32.10
C LEU JE 34 58.77 113.72 -30.58
N PRO JE 35 59.91 113.29 -30.06
CA PRO JE 35 60.11 113.29 -28.61
C PRO JE 35 60.79 114.55 -28.11
N GLU JE 36 60.59 114.80 -26.81
CA GLU JE 36 61.20 115.95 -26.13
C GLU JE 36 61.28 115.60 -24.64
N THR JE 37 61.75 116.56 -23.84
CA THR JE 37 62.08 116.27 -22.44
C THR JE 37 60.84 115.93 -21.62
N SER JE 38 59.80 116.76 -21.71
CA SER JE 38 58.65 116.64 -20.82
C SER JE 38 57.45 115.93 -21.45
N SER JE 39 57.45 115.74 -22.76
CA SER JE 39 56.28 115.17 -23.43
C SER JE 39 56.73 114.59 -24.77
N SER JE 40 55.75 114.17 -25.58
CA SER JE 40 56.01 113.65 -26.91
C SER JE 40 54.75 113.87 -27.74
N PHE JE 41 54.93 114.27 -28.98
CA PHE JE 41 53.82 114.64 -29.86
C PHE JE 41 53.68 113.62 -30.96
N ARG JE 42 52.46 113.13 -31.17
CA ARG JE 42 52.18 112.12 -32.18
C ARG JE 42 50.90 112.48 -32.93
N ALA JE 43 50.83 112.05 -34.19
CA ALA JE 43 49.68 112.30 -35.05
C ALA JE 43 49.47 111.11 -35.97
N LYS JE 44 48.21 110.85 -36.32
CA LYS JE 44 47.86 109.74 -37.20
C LYS JE 44 46.85 110.22 -38.24
N VAL JE 45 46.94 109.63 -39.44
CA VAL JE 45 46.00 109.90 -40.52
C VAL JE 45 45.47 108.56 -41.03
N ARG JE 46 44.15 108.45 -41.16
CA ARG JE 46 43.53 107.18 -41.50
C ARG JE 46 42.37 107.37 -42.48
N HIS JE 47 42.29 106.45 -43.45
CA HIS JE 47 41.19 106.36 -44.40
C HIS JE 47 40.58 104.97 -44.32
N THR JE 48 39.27 104.89 -44.56
CA THR JE 48 38.58 103.60 -44.47
C THR JE 48 37.30 103.64 -45.29
N LYS JE 49 36.72 102.47 -45.48
CA LYS JE 49 35.47 102.29 -46.22
C LYS JE 49 34.52 101.45 -45.36
N GLU JE 50 33.30 101.94 -45.15
CA GLU JE 50 32.36 101.20 -44.34
C GLU JE 50 31.80 99.99 -45.11
N SER JE 51 31.31 99.01 -44.36
CA SER JE 51 30.93 97.73 -44.93
C SER JE 51 29.77 97.89 -45.91
N VAL JE 52 29.84 97.15 -47.01
CA VAL JE 52 28.82 97.20 -48.05
C VAL JE 52 27.62 96.37 -47.64
N LYS JE 53 26.44 96.86 -47.96
CA LYS JE 53 25.19 96.15 -47.80
C LYS JE 53 24.44 96.19 -49.12
N PRO JE 54 23.59 95.19 -49.40
CA PRO JE 54 22.91 95.16 -50.69
C PRO JE 54 22.09 96.43 -50.90
N ASN JE 55 22.07 96.92 -52.14
CA ASN JE 55 21.22 98.04 -52.55
C ASN JE 55 21.16 99.15 -51.49
N GLN JE 56 22.34 99.60 -51.06
CA GLN JE 56 22.46 100.77 -50.18
C GLN JE 56 23.67 101.57 -50.62
N VAL JE 57 23.68 102.86 -50.25
CA VAL JE 57 24.71 103.78 -50.74
C VAL JE 57 26.03 103.49 -50.05
N GLN JE 58 27.10 103.43 -50.84
CA GLN JE 58 28.45 103.22 -50.31
C GLN JE 58 29.06 104.54 -49.85
N TYR JE 59 29.86 104.46 -48.78
CA TYR JE 59 30.37 105.64 -48.07
C TYR JE 59 31.86 105.47 -47.82
N GLU JE 60 32.56 106.59 -47.62
CA GLU JE 60 33.95 106.58 -47.22
C GLU JE 60 34.19 107.60 -46.10
N ARG JE 61 35.18 107.31 -45.25
CA ARG JE 61 35.47 108.09 -44.05
C ARG JE 61 36.95 108.50 -44.05
N HIS JE 62 37.22 109.69 -43.50
CA HIS JE 62 38.58 110.17 -43.31
C HIS JE 62 38.73 110.76 -41.91
N ASN JE 63 39.82 110.39 -41.24
CA ASN JE 63 40.06 110.73 -39.84
C ASN JE 63 41.47 111.28 -39.67
N VAL JE 64 41.60 112.29 -38.81
CA VAL JE 64 42.90 112.91 -38.49
C VAL JE 64 42.91 113.26 -37.01
N GLU JE 65 44.00 112.92 -36.32
CA GLU JE 65 44.08 113.07 -34.88
C GLU JE 65 45.44 113.64 -34.46
N PHE JE 66 45.42 114.52 -33.45
CA PHE JE 66 46.61 115.01 -32.78
C PHE JE 66 46.58 114.53 -31.34
N THR JE 67 47.72 114.05 -30.83
CA THR JE 67 47.83 113.63 -29.45
C THR JE 67 49.24 113.91 -28.94
N GLU JE 68 49.37 114.11 -27.64
CA GLU JE 68 50.66 114.31 -27.01
C GLU JE 68 50.60 113.80 -25.57
N THR JE 69 51.67 113.12 -25.15
CA THR JE 69 51.72 112.48 -23.84
C THR JE 69 52.60 113.29 -22.91
N VAL JE 70 52.11 113.53 -21.69
CA VAL JE 70 52.86 114.21 -20.64
C VAL JE 70 53.43 113.15 -19.70
N TYR JE 71 54.74 113.18 -19.49
CA TYR JE 71 55.40 112.16 -18.69
C TYR JE 71 55.11 112.39 -17.21
N ALA JE 72 55.33 111.34 -16.43
CA ALA JE 72 55.06 111.41 -15.01
C ALA JE 72 56.07 112.31 -14.30
N SER JE 73 55.61 112.93 -13.21
CA SER JE 73 56.46 113.82 -12.42
C SER JE 73 56.04 113.66 -10.96
N GLY JE 74 56.75 112.83 -10.22
CA GLY JE 74 56.38 112.58 -8.84
C GLY JE 74 55.06 111.83 -8.74
N SER JE 75 54.16 112.37 -7.92
CA SER JE 75 52.88 111.70 -7.69
C SER JE 75 52.03 111.65 -8.96
N THR JE 76 52.03 112.72 -9.74
CA THR JE 76 51.15 112.80 -10.90
C THR JE 76 51.57 111.80 -11.96
N PRO JE 77 50.69 110.89 -12.40
CA PRO JE 77 51.05 109.96 -13.47
C PRO JE 77 50.89 110.57 -14.85
N GLU JE 78 51.06 109.75 -15.89
CA GLU JE 78 50.93 110.23 -17.26
C GLU JE 78 49.47 110.52 -17.60
N PHE JE 79 49.28 111.50 -18.49
CA PHE JE 79 47.96 111.81 -19.03
C PHE JE 79 48.15 112.37 -20.44
N VAL JE 80 47.05 112.56 -21.15
CA VAL JE 80 47.11 112.89 -22.57
C VAL JE 80 46.17 114.04 -22.88
N ARG JE 81 46.50 114.78 -23.94
CA ARG JE 81 45.61 115.72 -24.60
C ARG JE 81 45.41 115.24 -26.03
N GLN JE 82 44.17 115.13 -26.46
CA GLN JE 82 43.87 114.53 -27.77
C GLN JE 82 42.78 115.33 -28.47
N ALA JE 83 42.83 115.29 -29.79
CA ALA JE 83 41.85 116.00 -30.61
C ALA JE 83 41.89 115.43 -32.03
N TYR JE 84 40.71 115.21 -32.62
CA TYR JE 84 40.64 114.63 -33.95
C TYR JE 84 39.36 115.05 -34.64
N VAL JE 85 39.35 114.85 -35.97
CA VAL JE 85 38.20 115.17 -36.83
C VAL JE 85 37.90 113.98 -37.73
N VAL JE 86 36.66 113.93 -38.21
CA VAL JE 86 36.19 112.85 -39.09
C VAL JE 86 35.33 113.46 -40.18
N ILE JE 87 35.48 112.95 -41.41
CA ILE JE 87 34.70 113.38 -42.56
C ILE JE 87 34.05 112.15 -43.18
N ARG JE 88 32.76 112.24 -43.49
CA ARG JE 88 32.01 111.13 -44.08
C ARG JE 88 31.24 111.63 -45.29
N HIS JE 89 31.36 110.93 -46.41
CA HIS JE 89 30.58 111.25 -47.61
C HIS JE 89 30.53 110.02 -48.51
N LYS JE 90 29.57 110.03 -49.42
CA LYS JE 90 29.32 108.87 -50.27
C LYS JE 90 30.30 108.84 -51.46
N VAL JE 91 30.37 107.68 -52.09
CA VAL JE 91 31.31 107.45 -53.18
C VAL JE 91 30.81 108.15 -54.44
N GLY JE 92 31.72 108.81 -55.15
CA GLY JE 92 31.38 109.50 -56.36
C GLY JE 92 30.81 110.89 -56.18
N ASP JE 93 30.79 111.41 -54.95
CA ASP JE 93 30.22 112.73 -54.71
C ASP JE 93 31.16 113.81 -55.24
N VAL JE 94 30.69 115.05 -55.25
CA VAL JE 94 31.47 116.19 -55.73
C VAL JE 94 32.41 116.64 -54.62
N SER JE 95 33.69 116.77 -54.95
CA SER JE 95 34.71 117.00 -53.92
C SER JE 95 34.57 118.38 -53.29
N ALA JE 96 34.39 119.41 -54.10
CA ALA JE 96 34.36 120.78 -53.57
C ALA JE 96 33.19 120.97 -52.62
N THR JE 97 32.03 120.41 -52.97
CA THR JE 97 30.86 120.54 -52.10
C THR JE 97 31.13 119.97 -50.72
N VAL JE 98 31.68 118.75 -50.66
CA VAL JE 98 31.95 118.14 -49.37
C VAL JE 98 33.03 118.93 -48.64
N SER JE 99 34.01 119.46 -49.37
CA SER JE 99 35.07 120.24 -48.72
C SER JE 99 34.50 121.48 -48.05
N ASP JE 100 33.48 122.09 -48.65
CA ASP JE 100 32.95 123.35 -48.11
C ASP JE 100 32.40 123.16 -46.69
N LEU JE 101 31.73 122.05 -46.43
CA LEU JE 101 31.16 121.82 -45.09
C LEU JE 101 32.26 121.72 -44.04
N GLY JE 102 33.32 120.97 -44.33
CA GLY JE 102 34.40 120.87 -43.38
C GLY JE 102 35.13 122.19 -43.18
N GLU JE 103 35.25 122.97 -44.25
CA GLU JE 103 35.88 124.29 -44.14
C GLU JE 103 35.06 125.19 -43.22
N ALA JE 104 33.74 125.14 -43.35
CA ALA JE 104 32.88 125.87 -42.44
C ALA JE 104 33.06 125.40 -41.00
N LEU JE 105 33.15 124.09 -40.81
CA LEU JE 105 33.41 123.57 -39.46
C LEU JE 105 34.70 124.13 -38.89
N SER JE 106 35.76 124.15 -39.70
CA SER JE 106 37.04 124.67 -39.24
C SER JE 106 36.94 126.15 -38.90
N PHE JE 107 36.22 126.91 -39.73
CA PHE JE 107 36.06 128.34 -39.46
C PHE JE 107 35.29 128.59 -38.18
N TYR JE 108 34.29 127.74 -37.90
CA TYR JE 108 33.45 127.97 -36.72
C TYR JE 108 34.26 127.89 -35.43
N LEU JE 109 35.12 126.88 -35.31
CA LEU JE 109 35.90 126.67 -34.09
C LEU JE 109 37.01 127.72 -34.00
N ASN JE 110 37.19 128.29 -32.82
CA ASN JE 110 38.24 129.29 -32.58
C ASN JE 110 38.45 129.42 -31.07
N GLU JE 111 39.13 130.49 -30.67
CA GLU JE 111 39.45 130.69 -29.26
C GLU JE 111 38.20 130.77 -28.40
N ALA JE 112 37.31 131.71 -28.70
CA ALA JE 112 36.16 131.93 -27.82
C ALA JE 112 35.27 130.70 -27.77
N LEU JE 113 35.00 130.08 -28.93
CA LEU JE 113 34.10 128.94 -28.95
C LEU JE 113 34.71 127.76 -28.19
N TYR JE 114 36.01 127.51 -28.39
CA TYR JE 114 36.67 126.42 -27.67
C TYR JE 114 36.66 126.68 -26.17
N GLY JE 115 36.96 127.92 -25.77
CA GLY JE 115 36.94 128.25 -24.36
C GLY JE 115 35.56 128.02 -23.75
N LYS JE 116 34.51 128.39 -24.48
CA LYS JE 116 33.17 128.12 -24.00
C LYS JE 116 32.90 126.63 -23.91
N LEU JE 117 33.41 125.84 -24.87
CA LEU JE 117 33.12 124.41 -24.85
C LEU JE 117 33.80 123.69 -23.69
N ILE JE 118 35.06 124.02 -23.40
CA ILE JE 118 35.71 123.31 -22.30
C ILE JE 118 34.98 123.58 -20.99
N GLY JE 119 34.24 124.68 -20.91
CA GLY JE 119 33.48 125.00 -19.72
C GLY JE 119 32.18 124.23 -19.56
N TRP JE 120 32.05 123.08 -20.21
CA TRP JE 120 30.84 122.26 -20.13
C TRP JE 120 29.59 123.03 -20.51
N GLU JE 121 29.76 124.17 -21.18
CA GLU JE 121 28.65 125.02 -21.59
C GLU JE 121 28.08 124.50 -22.91
N SER JE 122 26.83 124.05 -22.87
CA SER JE 122 26.18 123.48 -24.04
C SER JE 122 24.90 124.24 -24.37
N ALA KE 1 96.97 88.30 -29.87
CA ALA KE 1 97.41 89.35 -28.91
C ALA KE 1 96.29 90.34 -28.61
N LEU KE 2 96.16 91.35 -29.47
CA LEU KE 2 95.15 92.40 -29.33
C LEU KE 2 95.42 93.32 -28.14
N GLY KE 3 96.59 93.21 -27.52
CA GLY KE 3 96.90 94.03 -26.35
C GLY KE 3 96.46 93.37 -25.06
N ASP KE 4 97.19 93.68 -24.00
CA ASP KE 4 96.82 93.19 -22.67
C ASP KE 4 95.76 94.07 -22.01
N THR KE 5 95.45 95.22 -22.59
CA THR KE 5 94.41 96.10 -22.08
C THR KE 5 93.58 96.68 -23.22
N LEU KE 6 92.34 97.03 -22.88
CA LEU KE 6 91.38 97.59 -23.81
C LEU KE 6 90.98 98.97 -23.31
N THR KE 7 90.95 99.95 -24.20
CA THR KE 7 90.61 101.32 -23.85
C THR KE 7 89.27 101.70 -24.45
N ILE KE 8 88.41 102.31 -23.64
CA ILE KE 8 87.08 102.74 -24.04
C ILE KE 8 87.00 104.24 -23.83
N THR KE 9 86.60 104.97 -24.87
CA THR KE 9 86.49 106.43 -24.81
C THR KE 9 85.01 106.80 -24.95
N LEU KE 10 84.32 106.92 -23.82
CA LEU KE 10 82.91 107.25 -23.85
C LEU KE 10 82.70 108.61 -24.51
N GLY KE 11 81.62 108.71 -25.28
CA GLY KE 11 81.33 109.95 -25.96
C GLY KE 11 82.18 110.20 -27.19
N GLY KE 12 82.72 109.16 -27.80
CA GLY KE 12 83.53 109.33 -28.98
C GLY KE 12 84.89 109.93 -28.65
N SER KE 13 85.56 110.38 -29.71
CA SER KE 13 86.87 110.98 -29.56
C SER KE 13 86.82 112.21 -28.67
N GLY KE 14 87.83 112.34 -27.81
CA GLY KE 14 87.96 113.49 -26.93
C GLY KE 14 87.22 113.40 -25.61
N GLY KE 15 86.64 112.25 -25.29
CA GLY KE 15 85.85 112.09 -24.08
C GLY KE 15 86.61 111.52 -22.91
N THR KE 16 85.88 110.86 -22.02
CA THR KE 16 86.45 110.22 -20.84
C THR KE 16 86.98 108.85 -21.20
N ALA KE 17 88.14 108.50 -20.64
CA ALA KE 17 88.84 107.27 -20.98
C ALA KE 17 88.67 106.25 -19.86
N LYS KE 18 88.33 105.02 -20.25
CA LYS KE 18 88.22 103.89 -19.34
C LYS KE 18 89.17 102.79 -19.80
N VAL KE 19 89.80 102.11 -18.85
CA VAL KE 19 90.79 101.08 -19.14
C VAL KE 19 90.29 99.75 -18.57
N LEU KE 20 90.32 98.71 -19.40
CA LEU KE 20 89.88 97.38 -19.01
C LEU KE 20 91.05 96.40 -19.14
N ARG KE 21 91.11 95.44 -18.22
CA ARG KE 21 92.16 94.44 -18.16
C ARG KE 21 91.65 93.10 -18.70
N LYS KE 22 92.52 92.37 -19.39
CA LYS KE 22 92.17 91.01 -19.77
C LYS KE 22 92.10 90.11 -18.53
N ILE KE 23 91.05 89.29 -18.46
CA ILE KE 23 90.75 88.49 -17.28
C ILE KE 23 90.67 87.01 -17.66
N ASN KE 24 90.29 86.74 -18.92
CA ASN KE 24 89.95 85.38 -19.29
C ASN KE 24 90.12 85.24 -20.80
N GLN KE 25 90.27 83.99 -21.25
CA GLN KE 25 90.42 83.69 -22.67
C GLN KE 25 90.08 82.21 -22.86
N ASP KE 26 88.94 81.93 -23.47
CA ASP KE 26 88.48 80.56 -23.67
C ASP KE 26 87.68 80.44 -24.96
N GLY KE 27 87.81 79.31 -25.65
CA GLY KE 27 86.96 78.98 -26.77
C GLY KE 27 87.00 80.02 -27.87
N TYR KE 28 88.19 80.50 -28.21
CA TYR KE 28 88.38 81.48 -29.27
C TYR KE 28 87.76 82.82 -28.92
N THR KE 29 87.51 83.07 -27.63
CA THR KE 29 86.90 84.31 -27.15
C THR KE 29 87.85 84.99 -26.16
N SER KE 30 87.59 86.27 -25.91
CA SER KE 30 88.31 87.02 -24.89
C SER KE 30 87.33 87.91 -24.14
N GLU KE 31 87.74 88.32 -22.94
CA GLU KE 31 86.89 89.10 -22.05
C GLU KE 31 87.73 90.13 -21.32
N TYR KE 32 87.20 91.34 -21.20
CA TYR KE 32 87.85 92.46 -20.51
C TYR KE 32 86.86 93.05 -19.52
N TYR KE 33 87.36 93.47 -18.36
CA TYR KE 33 86.50 93.87 -17.25
C TYR KE 33 87.15 95.00 -16.45
N LEU KE 34 86.31 95.78 -15.75
CA LEU KE 34 86.76 96.89 -14.91
C LEU KE 34 85.73 97.20 -13.85
N PRO KE 35 86.04 97.11 -12.55
CA PRO KE 35 85.08 97.48 -11.52
C PRO KE 35 84.93 98.98 -11.37
N GLU KE 36 83.78 99.38 -10.83
CA GLU KE 36 83.50 100.78 -10.51
C GLU KE 36 82.67 100.81 -9.24
N THR KE 37 82.69 101.95 -8.54
CA THR KE 37 82.00 102.04 -7.26
C THR KE 37 80.49 101.95 -7.40
N SER KE 38 79.94 102.28 -8.58
CA SER KE 38 78.50 102.21 -8.80
C SER KE 38 78.12 101.47 -10.07
N SER KE 39 79.09 100.96 -10.83
CA SER KE 39 78.82 100.23 -12.06
C SER KE 39 80.04 99.38 -12.40
N SER KE 40 80.13 98.95 -13.65
CA SER KE 40 81.30 98.23 -14.13
C SER KE 40 81.24 98.17 -15.65
N PHE KE 41 82.40 97.95 -16.25
CA PHE KE 41 82.51 97.85 -17.71
C PHE KE 41 83.07 96.48 -18.08
N ARG KE 42 82.60 95.96 -19.21
CA ARG KE 42 82.93 94.61 -19.64
C ARG KE 42 82.91 94.54 -21.15
N ALA KE 43 83.95 93.97 -21.75
CA ALA KE 43 84.04 93.77 -23.19
C ALA KE 43 84.43 92.34 -23.49
N LYS KE 44 83.89 91.80 -24.58
CA LYS KE 44 84.19 90.44 -25.01
C LYS KE 44 84.43 90.44 -26.51
N VAL KE 45 85.21 89.45 -26.97
CA VAL KE 45 85.44 89.22 -28.39
C VAL KE 45 85.19 87.73 -28.65
N ARG KE 46 84.56 87.44 -29.79
CA ARG KE 46 84.18 86.07 -30.13
C ARG KE 46 84.44 85.83 -31.62
N HIS KE 47 84.80 84.58 -31.94
CA HIS KE 47 84.94 84.10 -33.30
C HIS KE 47 84.17 82.80 -33.47
N THR KE 48 83.67 82.57 -34.68
CA THR KE 48 82.88 81.38 -34.95
C THR KE 48 83.08 80.97 -36.41
N LYS KE 49 82.85 79.69 -36.68
CA LYS KE 49 82.98 79.11 -38.00
C LYS KE 49 81.96 77.99 -38.15
N GLU KE 50 81.17 78.03 -39.23
CA GLU KE 50 80.08 77.09 -39.39
C GLU KE 50 80.57 75.73 -39.88
N SER KE 51 79.74 74.71 -39.67
CA SER KE 51 80.10 73.34 -39.97
C SER KE 51 80.27 73.15 -41.47
N VAL KE 52 80.53 71.90 -41.85
CA VAL KE 52 80.73 71.52 -43.25
C VAL KE 52 79.45 70.90 -43.77
N LYS KE 53 78.96 71.41 -44.90
CA LYS KE 53 77.81 70.88 -45.60
C LYS KE 53 78.22 70.57 -47.03
N PRO KE 54 77.54 69.61 -47.69
CA PRO KE 54 78.09 69.03 -48.92
C PRO KE 54 78.43 70.03 -50.02
N ASN KE 55 77.44 70.80 -50.51
CA ASN KE 55 77.67 71.78 -51.60
C ASN KE 55 77.07 73.13 -51.22
N GLN KE 56 77.85 73.90 -50.46
CA GLN KE 56 77.46 75.24 -50.02
C GLN KE 56 78.74 76.04 -49.81
N VAL KE 57 78.61 77.23 -49.24
CA VAL KE 57 79.73 78.13 -49.00
C VAL KE 57 79.96 78.23 -47.49
N GLN KE 58 81.21 78.07 -47.07
CA GLN KE 58 81.56 78.20 -45.66
C GLN KE 58 81.87 79.65 -45.32
N TYR KE 59 81.29 80.13 -44.22
CA TYR KE 59 81.40 81.53 -43.81
C TYR KE 59 82.13 81.64 -42.47
N GLU KE 60 82.40 82.88 -42.08
CA GLU KE 60 83.07 83.20 -40.84
C GLU KE 60 82.42 84.41 -40.19
N ARG KE 61 82.20 84.34 -38.87
CA ARG KE 61 81.54 85.41 -38.12
C ARG KE 61 82.47 85.91 -37.03
N HIS KE 62 82.58 87.23 -36.92
CA HIS KE 62 83.45 87.89 -35.94
C HIS KE 62 82.63 88.92 -35.18
N ASN KE 63 82.68 88.89 -33.85
CA ASN KE 63 81.76 89.64 -33.01
C ASN KE 63 82.52 90.43 -31.95
N VAL KE 64 82.05 91.66 -31.69
CA VAL KE 64 82.60 92.52 -30.65
C VAL KE 64 81.47 93.31 -30.00
N GLU KE 65 81.47 93.37 -28.67
CA GLU KE 65 80.39 94.03 -27.94
C GLU KE 65 80.94 94.70 -26.69
N PHE KE 66 80.33 95.85 -26.35
CA PHE KE 66 80.56 96.56 -25.09
C PHE KE 66 79.30 96.50 -24.25
N THR KE 67 79.47 96.38 -22.94
CA THR KE 67 78.36 96.29 -21.99
C THR KE 67 78.64 97.15 -20.78
N GLU KE 68 77.60 97.85 -20.31
CA GLU KE 68 77.69 98.70 -19.14
C GLU KE 68 76.49 98.39 -18.25
N THR KE 69 76.75 97.94 -17.03
CA THR KE 69 75.71 97.54 -16.09
C THR KE 69 75.74 98.45 -14.87
N VAL KE 70 74.56 98.95 -14.48
CA VAL KE 70 74.42 99.86 -13.36
C VAL KE 70 73.73 99.10 -12.24
N TYR KE 71 74.39 99.03 -11.08
CA TYR KE 71 73.85 98.28 -9.96
C TYR KE 71 72.57 98.90 -9.45
N ALA KE 72 71.67 98.04 -8.97
CA ALA KE 72 70.39 98.51 -8.46
C ALA KE 72 70.61 99.42 -7.26
N SER KE 73 69.93 100.57 -7.28
CA SER KE 73 70.03 101.56 -6.21
C SER KE 73 68.64 102.01 -5.83
N GLY KE 74 68.36 102.02 -4.52
CA GLY KE 74 67.04 102.37 -4.05
C GLY KE 74 65.99 101.44 -4.64
N SER KE 75 64.91 102.03 -5.15
CA SER KE 75 63.84 101.26 -5.77
C SER KE 75 64.12 100.93 -7.23
N THR KE 76 65.15 101.52 -7.83
CA THR KE 76 65.46 101.25 -9.22
C THR KE 76 66.14 99.90 -9.39
N PRO KE 77 65.61 98.99 -10.19
CA PRO KE 77 66.30 97.71 -10.40
C PRO KE 77 67.49 97.86 -11.32
N GLU KE 78 68.31 96.80 -11.35
CA GLU KE 78 69.52 96.81 -12.16
C GLU KE 78 69.17 96.79 -13.65
N PHE KE 79 69.96 97.51 -14.44
CA PHE KE 79 69.78 97.53 -15.89
C PHE KE 79 71.13 97.67 -16.56
N VAL KE 80 71.13 97.49 -17.88
CA VAL KE 80 72.35 97.38 -18.67
C VAL KE 80 72.26 98.28 -19.89
N ARG KE 81 73.41 98.55 -20.48
CA ARG KE 81 73.52 99.26 -21.76
C ARG KE 81 74.67 98.65 -22.55
N GLN KE 82 74.38 98.12 -23.73
CA GLN KE 82 75.40 97.52 -24.57
C GLN KE 82 75.10 97.76 -26.04
N ALA KE 83 76.15 97.72 -26.85
CA ALA KE 83 76.05 97.89 -28.30
C ALA KE 83 77.16 97.06 -28.94
N TYR KE 84 76.83 96.35 -30.02
CA TYR KE 84 77.74 95.35 -30.54
C TYR KE 84 77.72 95.37 -32.07
N VAL KE 85 78.78 94.81 -32.66
CA VAL KE 85 78.92 94.71 -34.10
C VAL KE 85 79.31 93.29 -34.48
N VAL KE 86 78.95 92.90 -35.70
CA VAL KE 86 79.26 91.58 -36.24
C VAL KE 86 79.68 91.74 -37.70
N ILE KE 87 80.59 90.88 -38.13
CA ILE KE 87 81.06 90.84 -39.51
C ILE KE 87 80.98 89.41 -40.01
N ARG KE 88 80.58 89.24 -41.27
CA ARG KE 88 80.39 87.91 -41.84
C ARG KE 88 80.95 87.88 -43.26
N HIS KE 89 81.80 86.89 -43.53
CA HIS KE 89 82.42 86.75 -44.85
C HIS KE 89 82.87 85.30 -45.01
N LYS KE 90 83.20 84.95 -46.25
CA LYS KE 90 83.54 83.57 -46.57
C LYS KE 90 85.02 83.30 -46.29
N VAL KE 91 85.36 82.01 -46.14
CA VAL KE 91 86.66 81.64 -45.60
C VAL KE 91 87.79 82.14 -46.49
N GLY KE 92 87.66 81.93 -47.79
CA GLY KE 92 88.70 82.29 -48.72
C GLY KE 92 88.64 83.70 -49.26
N ASP KE 93 87.76 84.54 -48.74
CA ASP KE 93 87.59 85.88 -49.27
C ASP KE 93 88.86 86.70 -49.04
N VAL KE 94 88.94 87.84 -49.71
CA VAL KE 94 90.07 88.76 -49.56
C VAL KE 94 89.79 89.66 -48.37
N SER KE 95 90.80 89.82 -47.51
CA SER KE 95 90.63 90.60 -46.29
C SER KE 95 90.36 92.07 -46.58
N ALA KE 96 90.99 92.62 -47.62
CA ALA KE 96 90.91 94.06 -47.86
C ALA KE 96 89.48 94.52 -48.10
N THR KE 97 88.70 93.76 -48.88
CA THR KE 97 87.33 94.16 -49.15
C THR KE 97 86.47 94.14 -47.89
N VAL KE 98 86.63 93.10 -47.07
CA VAL KE 98 85.88 93.04 -45.81
C VAL KE 98 86.23 94.24 -44.94
N SER KE 99 87.52 94.56 -44.86
CA SER KE 99 87.95 95.72 -44.10
C SER KE 99 87.36 97.00 -44.67
N ASP KE 100 87.29 97.11 -45.99
CA ASP KE 100 86.74 98.30 -46.63
C ASP KE 100 85.26 98.48 -46.28
N LEU KE 101 84.48 97.40 -46.35
CA LEU KE 101 83.09 97.46 -45.93
C LEU KE 101 82.99 97.84 -44.46
N GLY KE 102 83.88 97.31 -43.62
CA GLY KE 102 83.86 97.65 -42.21
C GLY KE 102 84.11 99.13 -41.96
N GLU KE 103 85.12 99.70 -42.62
CA GLU KE 103 85.35 101.13 -42.48
C GLU KE 103 84.17 101.94 -43.00
N ALA KE 104 83.53 101.48 -44.08
CA ALA KE 104 82.33 102.16 -44.55
C ALA KE 104 81.28 102.24 -43.44
N LEU KE 105 80.97 101.08 -42.83
CA LEU KE 105 79.95 101.06 -41.79
C LEU KE 105 80.35 101.93 -40.61
N SER KE 106 81.62 101.84 -40.20
CA SER KE 106 82.07 102.62 -39.04
C SER KE 106 81.99 104.11 -39.31
N PHE KE 107 82.39 104.54 -40.51
CA PHE KE 107 82.37 105.96 -40.85
C PHE KE 107 80.95 106.47 -40.99
N TYR KE 108 80.01 105.61 -41.42
CA TYR KE 108 78.63 106.06 -41.55
C TYR KE 108 78.05 106.50 -40.21
N LEU KE 109 78.18 105.66 -39.18
CA LEU KE 109 77.58 105.97 -37.90
C LEU KE 109 78.25 107.17 -37.24
N ASN KE 110 77.46 107.96 -36.52
CA ASN KE 110 77.95 109.15 -35.85
C ASN KE 110 76.89 109.59 -34.84
N GLU KE 111 77.13 110.75 -34.21
CA GLU KE 111 76.25 111.18 -33.13
C GLU KE 111 74.87 111.58 -33.67
N ALA KE 112 74.85 112.30 -34.79
CA ALA KE 112 73.57 112.72 -35.35
C ALA KE 112 72.72 111.52 -35.74
N LEU KE 113 73.32 110.53 -36.39
CA LEU KE 113 72.55 109.35 -36.77
C LEU KE 113 72.09 108.58 -35.54
N TYR KE 114 72.91 108.51 -34.50
CA TYR KE 114 72.48 107.83 -33.29
C TYR KE 114 71.28 108.54 -32.67
N GLY KE 115 71.28 109.87 -32.69
CA GLY KE 115 70.11 110.62 -32.26
C GLY KE 115 68.88 110.29 -33.08
N LYS KE 116 69.03 110.26 -34.41
CA LYS KE 116 67.90 109.87 -35.25
C LYS KE 116 67.40 108.48 -34.91
N LEU KE 117 68.31 107.53 -34.71
CA LEU KE 117 67.91 106.16 -34.43
C LEU KE 117 67.13 106.08 -33.12
N ILE KE 118 67.62 106.77 -32.08
CA ILE KE 118 66.85 106.84 -30.84
C ILE KE 118 65.51 107.51 -31.11
N GLY KE 119 65.44 108.37 -32.11
CA GLY KE 119 64.19 109.00 -32.47
C GLY KE 119 63.19 108.10 -33.18
N TRP KE 120 63.52 106.82 -33.40
CA TRP KE 120 62.67 105.87 -34.09
C TRP KE 120 62.52 106.19 -35.58
N GLU KE 121 63.36 107.06 -36.10
CA GLU KE 121 63.44 107.25 -37.55
C GLU KE 121 63.83 105.94 -38.22
N SER KE 122 63.17 105.64 -39.33
CA SER KE 122 63.42 104.39 -40.04
C SER KE 122 63.88 104.66 -41.46
N ALA LE 1 104.18 77.66 -22.42
CA ALA LE 1 104.71 79.05 -22.49
C ALA LE 1 105.82 79.16 -23.53
N LEU LE 2 105.57 78.56 -24.70
CA LEU LE 2 106.55 78.63 -25.78
C LEU LE 2 106.81 80.06 -26.22
N GLY LE 3 105.80 80.93 -26.08
CA GLY LE 3 105.89 82.27 -26.59
C GLY LE 3 104.65 82.69 -27.34
N ASP LE 4 104.43 84.00 -27.47
CA ASP LE 4 103.23 84.52 -28.11
C ASP LE 4 103.22 84.34 -29.64
N THR LE 5 104.36 84.01 -30.25
CA THR LE 5 104.41 83.74 -31.68
C THR LE 5 105.25 82.49 -31.94
N LEU LE 6 104.95 81.85 -33.06
CA LEU LE 6 105.67 80.66 -33.51
C LEU LE 6 106.09 80.88 -34.95
N THR LE 7 107.23 80.31 -35.30
CA THR LE 7 107.83 80.53 -36.61
C THR LE 7 107.95 79.21 -37.36
N ILE LE 8 107.55 79.22 -38.63
CA ILE LE 8 107.68 78.07 -39.52
C ILE LE 8 108.55 78.50 -40.70
N THR LE 9 109.62 77.76 -40.94
CA THR LE 9 110.52 78.00 -42.06
C THR LE 9 110.41 76.79 -42.99
N LEU LE 10 109.46 76.85 -43.93
CA LEU LE 10 109.27 75.73 -44.84
C LEU LE 10 110.44 75.60 -45.79
N GLY LE 11 110.73 74.35 -46.17
CA GLY LE 11 111.92 74.04 -46.92
C GLY LE 11 113.18 73.83 -46.10
N GLY LE 12 113.05 73.71 -44.78
CA GLY LE 12 114.19 73.44 -43.93
C GLY LE 12 114.81 74.73 -43.41
N SER LE 13 116.13 74.84 -43.53
CA SER LE 13 116.88 76.01 -43.07
C SER LE 13 117.16 77.02 -44.17
N GLY LE 14 116.59 76.86 -45.36
CA GLY LE 14 116.85 77.76 -46.48
C GLY LE 14 116.41 79.19 -46.25
N GLY LE 15 115.11 79.41 -46.13
CA GLY LE 15 114.55 80.74 -45.96
C GLY LE 15 113.03 80.67 -45.86
N THR LE 16 112.33 81.72 -46.27
CA THR LE 16 110.87 81.72 -46.35
C THR LE 16 110.25 81.54 -44.95
N ALA LE 17 110.48 82.54 -44.12
CA ALA LE 17 110.05 82.50 -42.73
C ALA LE 17 108.62 83.01 -42.58
N LYS LE 18 107.79 82.26 -41.85
CA LYS LE 18 106.41 82.60 -41.59
C LYS LE 18 106.18 82.69 -40.09
N VAL LE 19 105.38 83.66 -39.66
CA VAL LE 19 105.19 83.96 -38.25
C VAL LE 19 103.74 83.68 -37.89
N LEU LE 20 103.51 82.66 -37.07
CA LEU LE 20 102.19 82.35 -36.53
C LEU LE 20 101.94 83.14 -35.24
N ARG LE 21 100.67 83.13 -34.78
CA ARG LE 21 100.28 83.89 -33.59
C ARG LE 21 99.23 83.13 -32.77
N LYS LE 22 99.22 83.39 -31.46
CA LYS LE 22 98.23 82.76 -30.58
C LYS LE 22 96.81 83.11 -31.02
N ILE LE 23 95.94 82.11 -31.01
CA ILE LE 23 94.51 82.28 -31.23
C ILE LE 23 93.74 81.67 -30.06
N ASN LE 24 94.36 80.70 -29.38
CA ASN LE 24 93.65 79.87 -28.42
C ASN LE 24 94.66 79.20 -27.50
N GLN LE 25 94.22 78.91 -26.28
CA GLN LE 25 95.02 78.12 -25.33
C GLN LE 25 94.08 77.56 -24.28
N ASP LE 26 93.74 76.27 -24.40
CA ASP LE 26 92.79 75.65 -23.48
C ASP LE 26 93.21 74.20 -23.24
N GLY LE 27 93.08 73.76 -22.00
CA GLY LE 27 93.28 72.38 -21.65
C GLY LE 27 94.66 71.85 -21.95
N TYR LE 28 95.70 72.59 -21.57
CA TYR LE 28 97.08 72.20 -21.85
C TYR LE 28 97.31 72.06 -23.34
N THR LE 29 96.67 72.92 -24.13
CA THR LE 29 96.79 72.90 -25.58
C THR LE 29 96.98 74.33 -26.08
N SER LE 30 97.49 74.44 -27.30
CA SER LE 30 97.77 75.76 -27.88
C SER LE 30 97.54 75.69 -29.38
N GLU LE 31 97.26 76.85 -29.96
CA GLU LE 31 96.93 76.97 -31.38
C GLU LE 31 97.59 78.22 -31.94
N TYR LE 32 97.93 78.17 -33.22
CA TYR LE 32 98.55 79.29 -33.92
C TYR LE 32 97.98 79.34 -35.32
N TYR LE 33 97.81 80.55 -35.88
CA TYR LE 33 97.25 80.64 -37.22
C TYR LE 33 97.64 81.94 -37.90
N LEU LE 34 97.66 81.91 -39.25
CA LEU LE 34 97.96 83.07 -40.09
C LEU LE 34 97.39 82.93 -41.50
N PRO LE 35 96.58 83.86 -42.00
CA PRO LE 35 96.08 83.75 -43.38
C PRO LE 35 96.91 84.49 -44.42
N GLU LE 36 96.97 83.89 -45.60
CA GLU LE 36 97.59 84.45 -46.80
C GLU LE 36 96.51 84.72 -47.85
N THR LE 37 96.93 85.11 -49.05
CA THR LE 37 95.97 85.26 -50.15
C THR LE 37 95.53 83.91 -50.69
N SER LE 38 96.39 82.89 -50.62
CA SER LE 38 96.09 81.59 -51.21
C SER LE 38 96.05 80.43 -50.22
N SER LE 39 96.55 80.61 -49.00
CA SER LE 39 96.51 79.53 -48.02
C SER LE 39 96.62 80.11 -46.61
N SER LE 40 96.36 79.27 -45.63
CA SER LE 40 96.48 79.62 -44.23
C SER LE 40 97.22 78.51 -43.50
N PHE LE 41 97.87 78.87 -42.41
CA PHE LE 41 98.78 77.97 -41.70
C PHE LE 41 98.32 77.83 -40.26
N ARG LE 42 98.34 76.60 -39.74
CA ARG LE 42 97.85 76.32 -38.40
C ARG LE 42 98.80 75.36 -37.70
N ALA LE 43 99.06 75.63 -36.42
CA ALA LE 43 99.94 74.81 -35.59
C ALA LE 43 99.24 74.49 -34.28
N LYS LE 44 99.43 73.27 -33.80
CA LYS LE 44 98.76 72.81 -32.58
C LYS LE 44 99.75 72.07 -31.70
N VAL LE 45 99.52 72.15 -30.39
CA VAL LE 45 100.31 71.46 -29.38
C VAL LE 45 99.35 70.85 -28.38
N ARG LE 46 99.60 69.60 -27.98
CA ARG LE 46 98.76 68.92 -27.02
C ARG LE 46 99.59 68.07 -26.08
N HIS LE 47 99.07 67.87 -24.86
CA HIS LE 47 99.63 66.97 -23.86
C HIS LE 47 98.51 66.13 -23.26
N THR LE 48 98.82 64.87 -22.95
CA THR LE 48 97.81 63.96 -22.42
C THR LE 48 98.46 62.96 -21.46
N LYS LE 49 97.60 62.34 -20.64
CA LYS LE 49 97.98 61.26 -19.75
C LYS LE 49 96.99 60.11 -19.96
N GLU LE 50 97.46 59.00 -20.54
CA GLU LE 50 96.56 57.90 -20.85
C GLU LE 50 96.01 57.28 -19.58
N SER LE 51 94.87 56.60 -19.72
CA SER LE 51 94.11 56.12 -18.57
C SER LE 51 94.94 55.14 -17.73
N VAL LE 52 94.89 55.32 -16.42
CA VAL LE 52 95.52 54.38 -15.50
C VAL LE 52 94.53 53.27 -15.19
N LYS LE 53 94.98 52.03 -15.38
CA LYS LE 53 94.23 50.82 -15.07
C LYS LE 53 95.10 49.93 -14.22
N PRO LE 54 94.50 49.00 -13.45
CA PRO LE 54 95.28 48.31 -12.42
C PRO LE 54 96.50 47.60 -12.98
N ASN LE 55 97.55 47.60 -12.17
CA ASN LE 55 98.78 46.81 -12.36
C ASN LE 55 99.28 46.82 -13.82
N GLN LE 56 99.53 48.04 -14.33
CA GLN LE 56 100.47 48.23 -15.42
C GLN LE 56 101.19 49.55 -15.19
N VAL LE 57 102.21 49.82 -16.01
CA VAL LE 57 102.95 51.07 -15.91
C VAL LE 57 102.20 52.20 -16.60
N GLN LE 58 102.19 53.37 -15.97
CA GLN LE 58 101.49 54.54 -16.50
C GLN LE 58 102.39 55.37 -17.41
N TYR LE 59 101.82 55.88 -18.50
CA TYR LE 59 102.60 56.47 -19.58
C TYR LE 59 102.18 57.92 -19.80
N GLU LE 60 103.06 58.68 -20.45
CA GLU LE 60 102.79 60.06 -20.84
C GLU LE 60 103.00 60.23 -22.33
N ARG LE 61 102.24 61.14 -22.92
CA ARG LE 61 102.24 61.35 -24.37
C ARG LE 61 102.27 62.84 -24.69
N HIS LE 62 103.01 63.20 -25.74
CA HIS LE 62 103.09 64.57 -26.24
C HIS LE 62 102.89 64.56 -27.75
N ASN LE 63 102.28 65.61 -28.29
CA ASN LE 63 102.02 65.71 -29.72
C ASN LE 63 102.17 67.15 -30.20
N VAL LE 64 102.69 67.31 -31.42
CA VAL LE 64 102.82 68.60 -32.07
C VAL LE 64 102.52 68.43 -33.55
N GLU LE 65 101.78 69.38 -34.13
CA GLU LE 65 101.24 69.22 -35.48
C GLU LE 65 101.35 70.51 -36.28
N PHE LE 66 101.67 70.36 -37.56
CA PHE LE 66 101.59 71.42 -38.56
C PHE LE 66 100.54 71.03 -39.59
N THR LE 67 99.84 72.04 -40.11
CA THR LE 67 98.76 71.80 -41.06
C THR LE 67 98.73 72.93 -42.08
N GLU LE 68 98.32 72.62 -43.30
CA GLU LE 68 98.13 73.58 -44.38
C GLU LE 68 96.85 73.26 -45.12
N THR LE 69 96.08 74.28 -45.49
CA THR LE 69 94.95 74.15 -46.39
C THR LE 69 95.13 75.10 -47.56
N VAL LE 70 94.82 74.62 -48.77
CA VAL LE 70 94.92 75.40 -50.00
C VAL LE 70 93.50 75.67 -50.48
N TYR LE 71 93.18 76.94 -50.70
CA TYR LE 71 91.81 77.29 -51.05
C TYR LE 71 91.45 76.80 -52.45
N ALA LE 72 90.16 76.49 -52.61
CA ALA LE 72 89.68 75.93 -53.87
C ALA LE 72 89.78 76.96 -54.98
N SER LE 73 90.24 76.50 -56.14
CA SER LE 73 90.40 77.36 -57.31
C SER LE 73 89.98 76.58 -58.55
N GLY LE 74 89.21 77.23 -59.42
CA GLY LE 74 88.73 76.55 -60.62
C GLY LE 74 87.92 75.33 -60.23
N SER LE 75 88.24 74.20 -60.86
CA SER LE 75 87.58 72.94 -60.56
C SER LE 75 88.21 72.19 -59.39
N THR LE 76 89.37 72.63 -58.91
CA THR LE 76 90.06 71.92 -57.85
C THR LE 76 89.43 72.26 -56.50
N PRO LE 77 88.95 71.28 -55.74
CA PRO LE 77 88.36 71.57 -54.43
C PRO LE 77 89.44 71.78 -53.36
N GLU LE 78 89.00 71.84 -52.12
CA GLU LE 78 89.91 72.03 -51.00
C GLU LE 78 90.80 70.81 -50.82
N PHE LE 79 92.00 71.06 -50.28
CA PHE LE 79 92.88 69.98 -49.84
C PHE LE 79 93.91 70.58 -48.88
N VAL LE 80 94.50 69.71 -48.07
CA VAL LE 80 95.36 70.15 -46.98
C VAL LE 80 96.68 69.40 -47.01
N ARG LE 81 97.67 69.95 -46.30
CA ARG LE 81 98.94 69.28 -46.05
C ARG LE 81 99.20 69.30 -44.55
N GLN LE 82 99.50 68.12 -44.00
CA GLN LE 82 99.52 67.89 -42.57
C GLN LE 82 100.79 67.15 -42.19
N ALA LE 83 101.25 67.35 -40.96
CA ALA LE 83 102.44 66.67 -40.47
C ALA LE 83 102.55 66.87 -38.98
N TYR LE 84 102.80 65.77 -38.25
CA TYR LE 84 102.86 65.82 -36.80
C TYR LE 84 103.79 64.72 -36.29
N VAL LE 85 104.28 64.91 -35.06
CA VAL LE 85 105.14 63.96 -34.38
C VAL LE 85 104.62 63.76 -32.96
N VAL LE 86 104.96 62.61 -32.37
CA VAL LE 86 104.48 62.20 -31.06
C VAL LE 86 105.64 61.62 -30.27
N ILE LE 87 105.67 61.91 -28.97
CA ILE LE 87 106.63 61.34 -28.03
C ILE LE 87 105.85 60.67 -26.91
N ARG LE 88 106.16 59.41 -26.62
CA ARG LE 88 105.48 58.65 -25.58
C ARG LE 88 106.54 58.04 -24.66
N HIS LE 89 106.37 58.25 -23.35
CA HIS LE 89 107.32 57.74 -22.38
C HIS LE 89 106.62 57.57 -21.04
N LYS LE 90 107.14 56.66 -20.22
CA LYS LE 90 106.54 56.39 -18.92
C LYS LE 90 106.76 57.56 -17.97
N VAL LE 91 105.76 57.81 -17.11
CA VAL LE 91 105.81 58.94 -16.21
C VAL LE 91 106.92 58.73 -15.18
N GLY LE 92 107.69 59.77 -14.94
CA GLY LE 92 108.81 59.67 -14.02
C GLY LE 92 110.07 59.11 -14.61
N ASP LE 93 110.08 58.82 -15.91
CA ASP LE 93 111.30 58.38 -16.56
C ASP LE 93 112.36 59.48 -16.51
N VAL LE 94 113.56 59.16 -16.98
CA VAL LE 94 114.63 60.14 -17.01
C VAL LE 94 114.45 61.04 -18.22
N SER LE 95 114.35 62.35 -17.98
CA SER LE 95 114.05 63.29 -19.05
C SER LE 95 115.16 63.32 -20.10
N ALA LE 96 116.43 63.22 -19.67
CA ALA LE 96 117.53 63.32 -20.61
C ALA LE 96 117.48 62.21 -21.65
N THR LE 97 117.19 60.98 -21.24
CA THR LE 97 117.18 59.86 -22.17
C THR LE 97 116.03 59.99 -23.17
N VAL LE 98 114.83 60.31 -22.69
CA VAL LE 98 113.69 60.43 -23.59
C VAL LE 98 113.90 61.58 -24.56
N SER LE 99 114.54 62.66 -24.10
CA SER LE 99 114.86 63.75 -25.01
C SER LE 99 115.89 63.32 -26.04
N ASP LE 100 116.91 62.58 -25.62
CA ASP LE 100 117.94 62.10 -26.53
C ASP LE 100 117.32 61.26 -27.65
N LEU LE 101 116.41 60.36 -27.29
CA LEU LE 101 115.57 59.74 -28.30
C LEU LE 101 114.58 60.78 -28.83
N GLY LE 102 114.28 60.69 -30.11
CA GLY LE 102 113.55 61.73 -30.82
C GLY LE 102 114.51 62.66 -31.53
N GLU LE 103 115.64 62.97 -30.88
CA GLU LE 103 116.70 63.71 -31.54
C GLU LE 103 117.22 62.91 -32.75
N ALA LE 104 117.33 61.59 -32.59
CA ALA LE 104 117.71 60.74 -33.71
C ALA LE 104 116.68 60.79 -34.82
N LEU LE 105 115.39 60.76 -34.48
CA LEU LE 105 114.36 60.87 -35.51
C LEU LE 105 114.47 62.18 -36.27
N SER LE 106 114.70 63.27 -35.54
CA SER LE 106 114.84 64.57 -36.18
C SER LE 106 116.05 64.61 -37.10
N PHE LE 107 117.19 64.07 -36.66
CA PHE LE 107 118.38 64.03 -37.50
C PHE LE 107 118.18 63.13 -38.72
N TYR LE 108 117.45 62.02 -38.56
CA TYR LE 108 117.25 61.08 -39.65
C TYR LE 108 116.40 61.67 -40.76
N LEU LE 109 115.45 62.53 -40.41
CA LEU LE 109 114.47 63.04 -41.37
C LEU LE 109 115.07 64.25 -42.07
N ASN LE 110 115.29 64.13 -43.39
CA ASN LE 110 115.82 65.21 -44.20
C ASN LE 110 115.14 65.16 -45.56
N GLU LE 111 115.56 66.04 -46.47
CA GLU LE 111 114.88 66.17 -47.74
C GLU LE 111 114.94 64.87 -48.54
N ALA LE 112 116.12 64.26 -48.61
CA ALA LE 112 116.26 63.03 -49.40
C ALA LE 112 115.37 61.92 -48.86
N LEU LE 113 115.38 61.73 -47.55
CA LEU LE 113 114.53 60.69 -46.97
C LEU LE 113 113.06 60.99 -47.18
N TYR LE 114 112.67 62.26 -47.09
CA TYR LE 114 111.29 62.63 -47.36
C TYR LE 114 110.90 62.29 -48.80
N GLY LE 115 111.80 62.56 -49.75
CA GLY LE 115 111.53 62.19 -51.13
C GLY LE 115 111.36 60.69 -51.30
N LYS LE 116 112.28 59.91 -50.72
CA LYS LE 116 112.13 58.45 -50.80
C LYS LE 116 110.85 57.97 -50.14
N LEU LE 117 110.48 58.55 -48.99
CA LEU LE 117 109.26 58.14 -48.33
C LEU LE 117 108.05 58.42 -49.20
N ILE LE 118 107.99 59.58 -49.86
CA ILE LE 118 106.93 59.82 -50.83
C ILE LE 118 107.06 58.86 -52.00
N GLY LE 119 108.25 58.29 -52.20
CA GLY LE 119 108.44 57.31 -53.24
C GLY LE 119 107.69 56.01 -53.03
N TRP LE 120 107.07 55.85 -51.86
CA TRP LE 120 106.23 54.72 -51.46
C TRP LE 120 107.01 53.45 -51.11
N GLU LE 121 108.34 53.42 -51.24
CA GLU LE 121 109.07 52.23 -50.87
C GLU LE 121 109.40 52.25 -49.37
N SER LE 122 109.20 51.10 -48.74
CA SER LE 122 109.45 50.95 -47.31
C SER LE 122 110.91 50.66 -47.04
N ALA ME 1 96.37 87.96 -16.96
CA ALA ME 1 97.19 89.17 -17.24
C ALA ME 1 98.35 89.28 -16.26
N LEU ME 2 98.56 88.25 -15.44
CA LEU ME 2 99.60 88.32 -14.43
C LEU ME 2 100.98 88.40 -15.08
N GLY ME 3 101.24 87.56 -16.07
CA GLY ME 3 102.52 87.55 -16.74
C GLY ME 3 102.83 86.18 -17.31
N ASP ME 4 104.07 86.06 -17.80
CA ASP ME 4 104.54 84.84 -18.44
C ASP ME 4 105.22 83.90 -17.43
N THR ME 5 106.03 84.44 -16.52
CA THR ME 5 106.73 83.65 -15.53
C THR ME 5 106.49 84.22 -14.14
N LEU ME 6 106.33 83.32 -13.17
CA LEU ME 6 106.10 83.67 -11.77
C LEU ME 6 107.36 83.33 -10.99
N THR ME 7 107.85 84.28 -10.21
CA THR ME 7 109.11 84.15 -9.50
C THR ME 7 108.83 84.00 -8.01
N ILE ME 8 109.36 82.93 -7.42
CA ILE ME 8 109.25 82.66 -5.99
C ILE ME 8 110.64 82.69 -5.41
N THR ME 9 110.83 83.48 -4.35
CA THR ME 9 112.12 83.60 -3.67
C THR ME 9 112.02 82.87 -2.34
N LEU ME 10 112.49 81.62 -2.33
CA LEU ME 10 112.40 80.81 -1.12
C LEU ME 10 113.19 81.46 0.01
N GLY ME 11 112.62 81.42 1.22
CA GLY ME 11 113.27 82.04 2.35
C GLY ME 11 113.17 83.55 2.39
N GLY ME 12 112.17 84.13 1.76
CA GLY ME 12 111.99 85.57 1.79
C GLY ME 12 112.99 86.29 0.89
N SER ME 13 113.22 87.55 1.21
CA SER ME 13 114.16 88.35 0.45
C SER ME 13 115.58 87.81 0.60
N GLY ME 14 116.33 87.85 -0.50
CA GLY ME 14 117.73 87.45 -0.49
C GLY ME 14 117.98 85.97 -0.65
N GLY ME 15 116.94 85.15 -0.81
CA GLY ME 15 117.10 83.72 -0.90
C GLY ME 15 117.19 83.21 -2.33
N THR ME 16 117.09 81.89 -2.47
CA THR ME 16 117.08 81.26 -3.77
C THR ME 16 115.83 81.64 -4.54
N ALA ME 17 115.96 81.82 -5.86
CA ALA ME 17 114.86 82.23 -6.72
C ALA ME 17 114.45 81.09 -7.63
N LYS ME 18 113.14 80.82 -7.68
CA LYS ME 18 112.55 79.82 -8.56
C LYS ME 18 111.57 80.51 -9.50
N VAL ME 19 111.68 80.22 -10.79
CA VAL ME 19 110.88 80.88 -11.83
C VAL ME 19 109.94 79.85 -12.43
N LEU ME 20 108.65 79.98 -12.18
CA LEU ME 20 107.66 79.11 -12.79
C LEU ME 20 107.24 79.71 -14.15
N ARG ME 21 106.15 79.21 -14.72
CA ARG ME 21 105.70 79.64 -16.04
C ARG ME 21 104.28 79.12 -16.24
N LYS ME 22 103.45 79.87 -16.96
CA LYS ME 22 102.06 79.42 -17.07
C LYS ME 22 102.01 78.08 -17.80
N ILE ME 23 101.07 77.26 -17.38
CA ILE ME 23 100.79 76.01 -18.07
C ILE ME 23 99.35 75.90 -18.53
N ASN ME 24 98.42 76.58 -17.88
CA ASN ME 24 97.02 76.50 -18.26
C ASN ME 24 96.23 77.56 -17.53
N GLN ME 25 95.12 77.99 -18.12
CA GLN ME 25 94.22 78.94 -17.47
C GLN ME 25 92.88 78.90 -18.20
N ASP ME 26 91.87 78.26 -17.59
CA ASP ME 26 90.58 78.07 -18.22
C ASP ME 26 89.44 78.74 -17.44
N GLY ME 27 89.27 78.39 -16.17
CA GLY ME 27 88.12 78.88 -15.42
C GLY ME 27 88.39 80.11 -14.59
N TYR ME 28 88.87 81.18 -15.21
CA TYR ME 28 89.29 82.39 -14.51
C TYR ME 28 90.46 82.12 -13.57
N THR ME 29 91.17 81.01 -13.76
CA THR ME 29 92.24 80.56 -12.89
C THR ME 29 93.53 80.44 -13.69
N SER ME 30 94.66 80.50 -12.97
CA SER ME 30 95.97 80.41 -13.60
C SER ME 30 96.81 79.34 -12.91
N GLU ME 31 97.70 78.72 -13.69
CA GLU ME 31 98.51 77.60 -13.26
C GLU ME 31 99.97 77.87 -13.59
N TYR ME 32 100.88 77.44 -12.71
CA TYR ME 32 102.31 77.58 -12.91
C TYR ME 32 102.99 76.30 -12.45
N TYR ME 33 104.11 75.93 -13.09
CA TYR ME 33 104.75 74.66 -12.79
C TYR ME 33 106.23 74.72 -13.17
N LEU ME 34 107.04 73.93 -12.44
CA LEU ME 34 108.47 73.80 -12.72
C LEU ME 34 109.03 72.53 -12.07
N PRO ME 35 109.65 71.62 -12.83
CA PRO ME 35 110.25 70.43 -12.21
C PRO ME 35 111.74 70.56 -11.96
N GLU ME 36 112.23 69.74 -11.03
CA GLU ME 36 113.66 69.62 -10.73
C GLU ME 36 113.97 68.14 -10.48
N THR ME 37 115.19 67.87 -10.02
CA THR ME 37 115.61 66.48 -9.84
C THR ME 37 114.84 65.79 -8.72
N SER ME 38 114.76 66.43 -7.55
CA SER ME 38 114.11 65.84 -6.40
C SER ME 38 112.81 66.52 -6.01
N SER ME 39 112.32 67.48 -6.77
CA SER ME 39 111.06 68.12 -6.43
C SER ME 39 110.52 68.87 -7.64
N SER ME 40 109.36 69.49 -7.45
CA SER ME 40 108.66 70.24 -8.48
C SER ME 40 107.83 71.31 -7.80
N PHE ME 41 107.82 72.51 -8.37
CA PHE ME 41 107.08 73.64 -7.82
C PHE ME 41 105.86 73.92 -8.70
N ARG ME 42 104.80 74.41 -8.05
CA ARG ME 42 103.51 74.60 -8.71
C ARG ME 42 102.77 75.73 -8.00
N ALA ME 43 102.02 76.53 -8.76
CA ALA ME 43 101.23 77.62 -8.21
C ALA ME 43 99.89 77.70 -8.92
N LYS ME 44 98.86 78.12 -8.18
CA LYS ME 44 97.49 78.23 -8.67
C LYS ME 44 96.92 79.58 -8.25
N VAL ME 45 96.07 80.16 -9.10
CA VAL ME 45 95.30 81.36 -8.79
C VAL ME 45 93.87 81.15 -9.27
N ARG ME 46 92.90 81.63 -8.50
CA ARG ME 46 91.50 81.45 -8.86
C ARG ME 46 90.66 82.58 -8.28
N HIS ME 47 89.55 82.88 -8.97
CA HIS ME 47 88.62 83.95 -8.63
C HIS ME 47 87.19 83.40 -8.64
N THR ME 48 86.35 83.83 -7.70
CA THR ME 48 85.01 83.28 -7.60
C THR ME 48 84.03 84.29 -7.01
N LYS ME 49 82.74 84.02 -7.25
CA LYS ME 49 81.61 84.66 -6.59
C LYS ME 49 80.57 83.61 -6.22
N GLU ME 50 80.15 83.58 -4.95
CA GLU ME 50 79.19 82.58 -4.49
C GLU ME 50 77.76 82.93 -4.91
N SER ME 51 76.90 81.91 -4.91
CA SER ME 51 75.46 82.13 -4.95
C SER ME 51 75.02 82.92 -3.73
N VAL ME 52 74.05 83.81 -3.91
CA VAL ME 52 73.53 84.63 -2.83
C VAL ME 52 72.02 84.51 -2.80
N LYS ME 53 71.48 84.26 -1.62
CA LYS ME 53 70.04 84.25 -1.48
C LYS ME 53 69.56 85.70 -1.54
N PRO ME 54 68.30 85.93 -1.87
CA PRO ME 54 67.89 87.32 -2.14
C PRO ME 54 67.94 88.21 -0.90
N ASN ME 55 67.81 89.53 -1.11
CA ASN ME 55 67.96 90.60 -0.12
C ASN ME 55 69.08 90.26 0.86
N GLN ME 56 70.24 89.88 0.32
CA GLN ME 56 71.48 89.71 1.07
C GLN ME 56 72.63 90.32 0.30
N VAL ME 57 73.69 90.69 1.03
CA VAL ME 57 74.87 91.26 0.41
C VAL ME 57 75.63 90.20 -0.36
N GLN ME 58 76.20 90.60 -1.50
CA GLN ME 58 76.88 89.67 -2.40
C GLN ME 58 78.39 89.85 -2.29
N TYR ME 59 79.13 88.74 -2.26
CA TYR ME 59 80.55 88.74 -1.92
C TYR ME 59 81.36 88.04 -3.00
N GLU ME 60 82.66 88.29 -3.01
CA GLU ME 60 83.58 87.59 -3.90
C GLU ME 60 84.87 87.25 -3.16
N ARG ME 61 85.50 86.15 -3.60
CA ARG ME 61 86.65 85.55 -2.92
C ARG ME 61 87.83 85.49 -3.87
N HIS ME 62 89.01 85.84 -3.36
CA HIS ME 62 90.24 85.90 -4.16
C HIS ME 62 91.31 85.06 -3.47
N ASN ME 63 91.88 84.10 -4.20
CA ASN ME 63 92.72 83.07 -3.58
C ASN ME 63 93.95 82.79 -4.45
N VAL ME 64 95.05 82.45 -3.77
CA VAL ME 64 96.29 82.02 -4.42
C VAL ME 64 97.04 81.08 -3.48
N GLU ME 65 97.67 80.05 -4.04
CA GLU ME 65 98.34 79.02 -3.25
C GLU ME 65 99.70 78.67 -3.86
N PHE ME 66 100.63 78.32 -2.98
CA PHE ME 66 101.94 77.78 -3.36
C PHE ME 66 102.08 76.38 -2.78
N THR ME 67 102.57 75.44 -3.58
CA THR ME 67 102.71 74.06 -3.15
C THR ME 67 104.05 73.50 -3.63
N GLU ME 68 104.55 72.51 -2.88
CA GLU ME 68 105.89 71.98 -3.08
C GLU ME 68 105.87 70.50 -2.76
N THR ME 69 106.17 69.65 -3.76
CA THR ME 69 106.08 68.21 -3.63
C THR ME 69 107.43 67.58 -3.90
N VAL ME 70 107.82 66.61 -3.08
CA VAL ME 70 109.12 65.95 -3.16
C VAL ME 70 108.87 64.46 -3.38
N TYR ME 71 109.56 63.89 -4.36
CA TYR ME 71 109.32 62.50 -4.75
C TYR ME 71 109.87 61.53 -3.72
N ALA ME 72 109.34 60.31 -3.73
CA ALA ME 72 109.72 59.30 -2.76
C ALA ME 72 111.19 58.94 -2.89
N SER ME 73 111.86 58.83 -1.75
CA SER ME 73 113.28 58.48 -1.69
C SER ME 73 113.44 57.32 -0.71
N GLY ME 74 113.67 56.12 -1.24
CA GLY ME 74 113.77 54.95 -0.39
C GLY ME 74 112.45 54.68 0.32
N SER ME 75 112.53 54.44 1.63
CA SER ME 75 111.33 54.11 2.40
C SER ME 75 110.36 55.28 2.46
N THR ME 76 110.88 56.50 2.55
CA THR ME 76 110.03 57.67 2.71
C THR ME 76 109.09 57.83 1.50
N PRO ME 77 107.78 57.96 1.71
CA PRO ME 77 106.90 58.22 0.58
C PRO ME 77 106.84 59.70 0.22
N GLU ME 78 105.93 60.05 -0.70
CA GLU ME 78 105.81 61.44 -1.14
C GLU ME 78 105.17 62.28 -0.04
N PHE ME 79 105.55 63.55 0.00
CA PHE ME 79 104.84 64.49 0.85
C PHE ME 79 105.01 65.90 0.30
N VAL ME 80 104.09 66.78 0.70
CA VAL ME 80 103.95 68.11 0.11
C VAL ME 80 104.06 69.15 1.22
N ARG ME 81 104.40 70.37 0.81
CA ARG ME 81 104.33 71.54 1.67
C ARG ME 81 103.58 72.63 0.92
N GLN ME 82 102.56 73.20 1.56
CA GLN ME 82 101.61 74.07 0.89
C GLN ME 82 101.26 75.25 1.79
N ALA ME 83 100.92 76.38 1.16
CA ALA ME 83 100.52 77.58 1.86
C ALA ME 83 99.72 78.48 0.93
N TYR ME 84 98.64 79.07 1.44
CA TYR ME 84 97.76 79.88 0.59
C TYR ME 84 97.12 80.99 1.40
N VAL ME 85 96.62 82.01 0.69
CA VAL ME 85 95.94 83.16 1.28
C VAL ME 85 94.59 83.35 0.60
N VAL ME 86 93.65 83.96 1.30
CA VAL ME 86 92.32 84.26 0.76
C VAL ME 86 91.88 85.65 1.20
N ILE ME 87 91.25 86.39 0.28
CA ILE ME 87 90.76 87.74 0.53
C ILE ME 87 89.28 87.81 0.15
N ARG ME 88 88.47 88.46 1.00
CA ARG ME 88 87.02 88.53 0.84
C ARG ME 88 86.55 89.97 0.94
N HIS ME 89 85.72 90.41 -0.02
CA HIS ME 89 85.07 91.71 0.06
C HIS ME 89 83.90 91.76 -0.91
N LYS ME 90 82.99 92.70 -0.68
CA LYS ME 90 81.81 92.86 -1.52
C LYS ME 90 82.15 93.59 -2.81
N VAL ME 91 81.32 93.36 -3.84
CA VAL ME 91 81.47 94.09 -5.09
C VAL ME 91 80.93 95.49 -4.88
N GLY ME 92 81.65 96.49 -5.36
CA GLY ME 92 81.30 97.87 -5.08
C GLY ME 92 81.92 98.42 -3.82
N ASP ME 93 83.02 97.82 -3.36
CA ASP ME 93 83.78 98.36 -2.25
C ASP ME 93 84.94 99.22 -2.78
N VAL ME 94 85.65 99.87 -1.87
CA VAL ME 94 86.81 100.67 -2.24
C VAL ME 94 88.04 99.80 -2.25
N SER ME 95 88.80 99.83 -3.37
CA SER ME 95 89.91 98.90 -3.54
C SER ME 95 91.02 99.15 -2.52
N ALA ME 96 91.37 100.41 -2.29
CA ALA ME 96 92.52 100.70 -1.43
C ALA ME 96 92.28 100.23 -0.01
N THR ME 97 91.08 100.43 0.52
CA THR ME 97 90.78 99.98 1.86
C THR ME 97 90.90 98.46 1.98
N VAL ME 98 90.41 97.74 0.97
CA VAL ME 98 90.52 96.29 0.98
C VAL ME 98 91.98 95.86 0.96
N SER ME 99 92.79 96.55 0.16
CA SER ME 99 94.21 96.19 0.06
C SER ME 99 94.98 96.53 1.33
N ASP ME 100 94.51 97.50 2.10
CA ASP ME 100 95.21 97.86 3.34
C ASP ME 100 95.20 96.70 4.33
N LEU ME 101 94.08 96.00 4.45
CA LEU ME 101 94.02 94.83 5.31
C LEU ME 101 95.02 93.78 4.85
N GLY ME 102 95.16 93.62 3.53
CA GLY ME 102 96.12 92.65 3.02
C GLY ME 102 97.56 93.03 3.33
N GLU ME 103 97.88 94.32 3.18
CA GLU ME 103 99.22 94.76 3.55
C GLU ME 103 99.48 94.55 5.04
N ALA ME 104 98.47 94.80 5.87
CA ALA ME 104 98.60 94.53 7.30
C ALA ME 104 98.92 93.05 7.54
N LEU ME 105 98.15 92.14 6.93
CA LEU ME 105 98.36 90.72 7.16
C LEU ME 105 99.75 90.31 6.69
N SER ME 106 100.18 90.81 5.54
CA SER ME 106 101.50 90.47 5.02
C SER ME 106 102.61 91.00 5.93
N PHE ME 107 102.45 92.22 6.43
CA PHE ME 107 103.47 92.83 7.28
C PHE ME 107 103.59 92.12 8.62
N TYR ME 108 102.46 91.66 9.17
CA TYR ME 108 102.50 90.95 10.44
C TYR ME 108 103.33 89.68 10.34
N LEU ME 109 103.11 88.89 9.30
CA LEU ME 109 103.77 87.59 9.20
C LEU ME 109 105.23 87.78 8.82
N ASN ME 110 106.12 87.08 9.52
CA ASN ME 110 107.54 87.16 9.27
C ASN ME 110 108.21 85.96 9.92
N GLU ME 111 109.54 85.96 9.94
CA GLU ME 111 110.28 84.77 10.38
C GLU ME 111 109.95 84.42 11.83
N ALA ME 112 109.92 85.43 12.70
CA ALA ME 112 109.64 85.17 14.11
C ALA ME 112 108.23 84.62 14.30
N LEU ME 113 107.23 85.29 13.72
CA LEU ME 113 105.86 84.82 13.84
C LEU ME 113 105.71 83.43 13.23
N TYR ME 114 106.34 83.18 12.09
CA TYR ME 114 106.24 81.87 11.47
C TYR ME 114 106.85 80.79 12.35
N GLY ME 115 108.01 81.08 12.96
CA GLY ME 115 108.61 80.12 13.85
C GLY ME 115 107.74 79.82 15.05
N LYS ME 116 107.13 80.86 15.63
CA LYS ME 116 106.21 80.62 16.75
C LYS ME 116 105.01 79.81 16.31
N LEU ME 117 104.42 80.16 15.17
CA LEU ME 117 103.18 79.55 14.74
C LEU ME 117 103.38 78.08 14.40
N ILE ME 118 104.48 77.77 13.70
CA ILE ME 118 104.78 76.39 13.36
C ILE ME 118 105.06 75.56 14.62
N GLY ME 119 105.40 76.21 15.73
CA GLY ME 119 105.64 75.52 16.97
C GLY ME 119 104.40 75.33 17.84
N TRP ME 120 103.23 75.33 17.21
CA TRP ME 120 101.94 75.11 17.87
C TRP ME 120 101.66 76.13 18.97
N GLU ME 121 102.36 77.26 18.98
CA GLU ME 121 102.12 78.29 19.98
C GLU ME 121 100.82 79.01 19.66
N SER ME 122 99.80 78.81 20.48
CA SER ME 122 98.48 79.39 20.22
C SER ME 122 98.22 80.61 21.09
N ALA NE 1 113.41 49.71 -51.81
CA ALA NE 1 114.80 50.22 -51.59
C ALA NE 1 114.96 50.66 -50.13
N LEU NE 2 115.47 51.88 -49.93
CA LEU NE 2 115.68 52.48 -48.61
C LEU NE 2 116.87 51.87 -47.87
N GLY NE 3 117.49 50.84 -48.41
CA GLY NE 3 118.59 50.16 -47.72
C GLY NE 3 118.09 49.05 -46.82
N ASP NE 4 118.94 48.05 -46.63
CA ASP NE 4 118.64 46.94 -45.72
C ASP NE 4 119.10 47.21 -44.29
N THR NE 5 119.80 48.31 -44.06
CA THR NE 5 120.23 48.70 -42.71
C THR NE 5 119.81 50.12 -42.43
N LEU NE 6 119.35 50.35 -41.20
CA LEU NE 6 118.87 51.64 -40.74
C LEU NE 6 119.73 52.07 -39.56
N THR NE 7 120.20 53.30 -39.57
CA THR NE 7 121.12 53.80 -38.57
C THR NE 7 120.43 54.84 -37.69
N ILE NE 8 120.49 54.62 -36.38
CA ILE NE 8 119.97 55.56 -35.39
C ILE NE 8 121.15 56.06 -34.58
N THR NE 9 121.30 57.38 -34.50
CA THR NE 9 122.38 58.02 -33.77
C THR NE 9 121.76 58.75 -32.58
N LEU NE 10 121.68 58.06 -31.44
CA LEU NE 10 121.04 58.64 -30.27
C LEU NE 10 121.73 59.94 -29.89
N GLY NE 11 120.94 60.94 -29.53
CA GLY NE 11 121.48 62.23 -29.15
C GLY NE 11 121.83 63.14 -30.31
N GLY NE 12 121.44 62.80 -31.52
CA GLY NE 12 121.67 63.67 -32.66
C GLY NE 12 123.03 63.46 -33.27
N SER NE 13 123.57 64.50 -33.91
CA SER NE 13 124.86 64.37 -34.56
C SER NE 13 125.96 64.19 -33.53
N GLY NE 14 126.84 63.22 -33.79
CA GLY NE 14 127.97 62.96 -32.92
C GLY NE 14 127.71 62.03 -31.75
N GLY NE 15 126.51 61.43 -31.66
CA GLY NE 15 126.19 60.56 -30.56
C GLY NE 15 126.56 59.11 -30.83
N THR NE 16 126.07 58.23 -29.95
CA THR NE 16 126.23 56.80 -30.14
C THR NE 16 125.46 56.34 -31.38
N ALA NE 17 126.10 55.47 -32.16
CA ALA NE 17 125.51 54.96 -33.40
C ALA NE 17 125.04 53.53 -33.21
N LYS NE 18 123.89 53.21 -33.79
CA LYS NE 18 123.32 51.87 -33.74
C LYS NE 18 122.76 51.51 -35.11
N VAL NE 19 123.02 50.28 -35.56
CA VAL NE 19 122.67 49.82 -36.89
C VAL NE 19 121.71 48.65 -36.76
N LEU NE 20 120.51 48.78 -37.32
CA LEU NE 20 119.55 47.70 -37.37
C LEU NE 20 119.56 47.04 -38.75
N ARG NE 21 119.00 45.84 -38.82
CA ARG NE 21 118.94 45.07 -40.05
C ARG NE 21 117.49 44.73 -40.39
N LYS NE 22 117.20 44.64 -41.68
CA LYS NE 22 115.86 44.28 -42.12
C LYS NE 22 115.56 42.82 -41.80
N ILE NE 23 114.32 42.56 -41.38
CA ILE NE 23 113.91 41.20 -41.03
C ILE NE 23 112.64 40.76 -41.74
N ASN NE 24 111.79 41.67 -42.19
CA ASN NE 24 110.54 41.28 -42.83
C ASN NE 24 110.03 42.46 -43.64
N GLN NE 25 109.09 42.18 -44.54
CA GLN NE 25 108.52 43.22 -45.39
C GLN NE 25 107.18 42.71 -45.91
N ASP NE 26 106.09 43.18 -45.30
CA ASP NE 26 104.75 42.78 -45.69
C ASP NE 26 103.82 43.99 -45.70
N GLY NE 27 102.82 43.94 -46.57
CA GLY NE 27 101.74 44.92 -46.55
C GLY NE 27 102.21 46.35 -46.64
N TYR NE 28 103.16 46.64 -47.51
CA TYR NE 28 103.70 47.99 -47.66
C TYR NE 28 104.33 48.47 -46.35
N THR NE 29 104.88 47.55 -45.58
CA THR NE 29 105.55 47.90 -44.33
C THR NE 29 106.88 47.18 -44.24
N SER NE 30 107.77 47.73 -43.41
CA SER NE 30 109.08 47.14 -43.19
C SER NE 30 109.47 47.37 -41.74
N GLU NE 31 110.35 46.50 -41.23
CA GLU NE 31 110.82 46.64 -39.85
C GLU NE 31 112.29 46.25 -39.77
N TYR NE 32 112.97 46.87 -38.81
CA TYR NE 32 114.37 46.61 -38.51
C TYR NE 32 114.51 46.28 -37.03
N TYR NE 33 115.47 45.42 -36.70
CA TYR NE 33 115.60 44.87 -35.36
C TYR NE 33 117.06 44.74 -34.97
N LEU NE 34 117.34 44.97 -33.68
CA LEU NE 34 118.68 44.82 -33.11
C LEU NE 34 118.62 44.43 -31.64
N PRO NE 35 119.14 43.26 -31.26
CA PRO NE 35 119.13 42.87 -29.86
C PRO NE 35 120.40 43.25 -29.10
N GLU NE 36 120.24 43.38 -27.79
CA GLU NE 36 121.37 43.54 -26.86
C GLU NE 36 120.92 43.01 -25.50
N THR NE 37 121.84 43.02 -24.53
CA THR NE 37 121.61 42.32 -23.27
C THR NE 37 120.43 42.92 -22.49
N SER NE 38 120.42 44.24 -22.30
CA SER NE 38 119.45 44.88 -21.43
C SER NE 38 118.31 45.57 -22.14
N SER NE 39 118.24 45.50 -23.47
CA SER NE 39 117.19 46.19 -24.21
C SER NE 39 117.20 45.70 -25.66
N SER NE 40 116.46 46.40 -26.51
CA SER NE 40 116.37 46.08 -27.93
C SER NE 40 115.94 47.33 -28.67
N PHE NE 41 116.12 47.31 -29.99
CA PHE NE 41 115.72 48.42 -30.86
C PHE NE 41 114.90 47.88 -32.01
N ARG NE 42 113.79 48.56 -32.31
CA ARG NE 42 112.91 48.18 -33.41
C ARG NE 42 112.45 49.45 -34.12
N ALA NE 43 112.39 49.39 -35.45
CA ALA NE 43 111.91 50.49 -36.25
C ALA NE 43 111.02 49.96 -37.36
N LYS NE 44 109.90 50.63 -37.60
CA LYS NE 44 108.91 50.20 -38.58
C LYS NE 44 108.53 51.38 -39.46
N VAL NE 45 108.33 51.12 -40.75
CA VAL NE 45 107.83 52.11 -41.70
C VAL NE 45 106.63 51.52 -42.41
N ARG NE 46 105.53 52.28 -42.47
CA ARG NE 46 104.29 51.79 -43.06
C ARG NE 46 103.70 52.82 -44.00
N HIS NE 47 102.95 52.32 -45.00
CA HIS NE 47 102.22 53.13 -45.97
C HIS NE 47 100.79 52.61 -46.05
N THR NE 48 99.85 53.51 -46.33
CA THR NE 48 98.46 53.12 -46.50
C THR NE 48 97.75 54.03 -47.49
N LYS NE 49 96.68 53.49 -48.07
CA LYS NE 49 95.92 54.11 -49.15
C LYS NE 49 94.48 54.26 -48.69
N GLU NE 50 93.98 55.49 -48.66
CA GLU NE 50 92.63 55.73 -48.16
C GLU NE 50 91.59 55.40 -49.23
N SER NE 51 90.45 54.90 -48.77
CA SER NE 51 89.43 54.39 -49.69
C SER NE 51 88.78 55.53 -50.46
N VAL NE 52 88.34 55.21 -51.68
CA VAL NE 52 87.68 56.21 -52.52
C VAL NE 52 86.29 56.50 -51.99
N LYS NE 53 85.86 57.74 -52.12
CA LYS NE 53 84.53 58.18 -51.73
C LYS NE 53 83.91 58.96 -52.88
N PRO NE 54 82.57 58.99 -52.96
CA PRO NE 54 81.93 59.49 -54.20
C PRO NE 54 82.47 60.83 -54.69
N ASN NE 55 82.36 61.89 -53.88
CA ASN NE 55 82.85 63.22 -54.24
C ASN NE 55 83.70 63.81 -53.11
N GLN NE 56 85.00 63.47 -53.13
CA GLN NE 56 85.92 63.91 -52.10
C GLN NE 56 87.32 63.90 -52.69
N VAL NE 57 88.32 64.15 -51.84
CA VAL NE 57 89.72 64.17 -52.25
C VAL NE 57 90.43 63.01 -51.56
N GLN NE 58 91.00 62.11 -52.36
CA GLN NE 58 91.64 60.92 -51.82
C GLN NE 58 93.05 61.25 -51.35
N TYR NE 59 93.47 60.62 -50.26
CA TYR NE 59 94.60 61.06 -49.46
C TYR NE 59 95.62 59.96 -49.28
N GLU NE 60 96.75 60.31 -48.63
CA GLU NE 60 97.82 59.37 -48.33
C GLU NE 60 98.38 59.58 -46.93
N ARG NE 61 98.97 58.52 -46.38
CA ARG NE 61 99.68 58.55 -45.10
C ARG NE 61 101.07 57.93 -45.27
N HIS NE 62 102.04 58.46 -44.51
CA HIS NE 62 103.34 57.81 -44.35
C HIS NE 62 103.77 57.92 -42.89
N ASN NE 63 104.11 56.79 -42.29
CA ASN NE 63 104.35 56.70 -40.86
C ASN NE 63 105.71 56.07 -40.59
N VAL NE 64 106.45 56.64 -39.64
CA VAL NE 64 107.76 56.14 -39.24
C VAL NE 64 107.88 56.24 -37.72
N GLU NE 65 108.34 55.17 -37.07
CA GLU NE 65 108.40 55.10 -35.62
C GLU NE 65 109.69 54.44 -35.15
N PHE NE 66 110.26 54.97 -34.07
CA PHE NE 66 111.38 54.37 -33.38
C PHE NE 66 110.92 53.94 -31.99
N THR NE 67 111.28 52.73 -31.57
CA THR NE 67 110.88 52.20 -30.28
C THR NE 67 112.01 51.39 -29.68
N GLU NE 68 112.21 51.54 -28.36
CA GLU NE 68 113.16 50.72 -27.62
C GLU NE 68 112.49 50.17 -26.36
N THR NE 69 112.62 48.87 -26.14
CA THR NE 69 112.07 48.19 -24.97
C THR NE 69 113.19 47.88 -23.99
N VAL NE 70 112.93 48.11 -22.71
CA VAL NE 70 113.88 47.83 -21.63
C VAL NE 70 113.36 46.63 -20.86
N TYR NE 71 114.16 45.57 -20.82
CA TYR NE 71 113.75 44.34 -20.17
C TYR NE 71 113.62 44.51 -18.66
N ALA NE 72 112.66 43.79 -18.09
CA ALA NE 72 112.39 43.91 -16.67
C ALA NE 72 113.54 43.37 -15.85
N SER NE 73 113.95 44.12 -14.83
CA SER NE 73 114.99 43.70 -13.92
C SER NE 73 114.56 44.03 -12.50
N GLY NE 74 114.62 43.04 -11.62
CA GLY NE 74 114.19 43.26 -10.25
C GLY NE 74 112.73 43.63 -10.18
N SER NE 75 112.42 44.66 -9.41
CA SER NE 75 111.03 45.08 -9.22
C SER NE 75 110.48 45.83 -10.43
N THR NE 76 111.32 46.58 -11.12
CA THR NE 76 110.86 47.38 -12.25
C THR NE 76 110.41 46.49 -13.40
N PRO NE 77 109.19 46.61 -13.89
CA PRO NE 77 108.73 45.76 -14.98
C PRO NE 77 109.14 46.32 -16.35
N GLU NE 78 108.59 45.71 -17.40
CA GLU NE 78 108.87 46.13 -18.76
C GLU NE 78 108.37 47.56 -18.99
N PHE NE 79 109.10 48.29 -19.81
CA PHE NE 79 108.61 49.58 -20.30
C PHE NE 79 109.37 49.94 -21.57
N VAL NE 80 108.78 50.83 -22.35
CA VAL NE 80 109.21 51.12 -23.71
C VAL NE 80 109.32 52.62 -23.88
N ARG NE 81 110.08 53.03 -24.89
CA ARG NE 81 110.18 54.42 -25.30
C ARG NE 81 109.97 54.50 -26.80
N GLN NE 82 109.18 55.48 -27.23
CA GLN NE 82 108.68 55.51 -28.60
C GLN NE 82 108.75 56.92 -29.14
N ALA NE 83 108.79 57.03 -30.48
CA ALA NE 83 108.78 58.32 -31.16
C ALA NE 83 108.48 58.11 -32.64
N TYR NE 84 107.48 58.81 -33.18
CA TYR NE 84 107.05 58.53 -34.55
C TYR NE 84 106.53 59.80 -35.23
N VAL NE 85 106.41 59.70 -36.55
CA VAL NE 85 105.97 60.80 -37.41
C VAL NE 85 104.94 60.24 -38.40
N VAL NE 86 104.03 61.12 -38.84
CA VAL NE 86 103.07 60.79 -39.89
C VAL NE 86 102.96 61.97 -40.83
N ILE NE 87 102.73 61.70 -42.12
CA ILE NE 87 102.59 62.72 -43.14
C ILE NE 87 101.32 62.44 -43.95
N ARG NE 88 100.51 63.45 -44.18
CA ARG NE 88 99.33 63.33 -45.03
C ARG NE 88 99.40 64.30 -46.19
N HIS NE 89 99.10 63.80 -47.40
CA HIS NE 89 99.07 64.63 -48.60
C HIS NE 89 98.18 63.94 -49.64
N LYS NE 90 97.65 64.74 -50.55
CA LYS NE 90 96.71 64.23 -51.54
C LYS NE 90 97.43 63.48 -52.65
N VAL NE 91 96.68 62.62 -53.36
CA VAL NE 91 97.29 61.64 -54.25
C VAL NE 91 98.11 62.33 -55.34
N GLY NE 92 97.54 63.35 -55.98
CA GLY NE 92 98.19 63.99 -57.09
C GLY NE 92 99.08 65.17 -56.75
N ASP NE 93 99.31 65.45 -55.47
CA ASP NE 93 100.06 66.63 -55.09
C ASP NE 93 101.49 66.56 -55.62
N VAL NE 94 102.23 67.64 -55.40
CA VAL NE 94 103.62 67.75 -55.78
C VAL NE 94 104.49 67.37 -54.59
N SER NE 95 105.57 66.63 -54.86
CA SER NE 95 106.41 66.10 -53.79
C SER NE 95 107.16 67.21 -53.06
N ALA NE 96 107.64 68.21 -53.81
CA ALA NE 96 108.56 69.18 -53.23
C ALA NE 96 107.92 69.96 -52.08
N THR NE 97 106.66 70.36 -52.23
CA THR NE 97 106.04 71.19 -51.20
C THR NE 97 105.83 70.40 -49.90
N VAL NE 98 105.33 69.17 -50.01
CA VAL NE 98 105.15 68.36 -48.81
C VAL NE 98 106.51 68.06 -48.19
N SER NE 99 107.53 67.90 -49.03
CA SER NE 99 108.88 67.73 -48.52
C SER NE 99 109.34 68.95 -47.75
N ASP NE 100 109.03 70.15 -48.25
CA ASP NE 100 109.43 71.37 -47.55
C ASP NE 100 108.71 71.50 -46.21
N LEU NE 101 107.42 71.16 -46.16
CA LEU NE 101 106.71 71.16 -44.89
C LEU NE 101 107.33 70.16 -43.91
N GLY NE 102 107.67 68.96 -44.39
CA GLY NE 102 108.32 67.99 -43.52
C GLY NE 102 109.67 68.48 -43.02
N GLU NE 103 110.44 69.11 -43.90
CA GLU NE 103 111.73 69.67 -43.51
C GLU NE 103 111.54 70.79 -42.50
N ALA NE 104 110.45 71.55 -42.61
CA ALA NE 104 110.13 72.56 -41.61
C ALA NE 104 109.94 71.93 -40.24
N LEU NE 105 109.11 70.88 -40.19
CA LEU NE 105 108.90 70.19 -38.92
C LEU NE 105 110.21 69.66 -38.37
N SER NE 106 111.01 69.04 -39.23
CA SER NE 106 112.28 68.48 -38.80
C SER NE 106 113.20 69.56 -38.24
N PHE NE 107 113.26 70.71 -38.90
CA PHE NE 107 114.15 71.79 -38.46
C PHE NE 107 113.67 72.41 -37.16
N TYR NE 108 112.35 72.44 -36.93
CA TYR NE 108 111.83 73.09 -35.74
C TYR NE 108 112.28 72.37 -34.46
N LEU NE 109 112.34 71.05 -34.49
CA LEU NE 109 112.53 70.25 -33.29
C LEU NE 109 114.01 70.15 -32.98
N ASN NE 110 114.39 70.49 -31.74
CA ASN NE 110 115.77 70.40 -31.29
C ASN NE 110 115.79 70.12 -29.79
N GLU NE 111 117.00 70.04 -29.23
CA GLU NE 111 117.13 69.69 -27.82
C GLU NE 111 116.44 70.70 -26.91
N ALA NE 112 116.63 72.00 -27.19
CA ALA NE 112 116.02 73.01 -26.33
C ALA NE 112 114.50 72.87 -26.32
N LEU NE 113 113.90 72.73 -27.50
CA LEU NE 113 112.44 72.66 -27.56
C LEU NE 113 111.93 71.34 -27.00
N TYR NE 114 112.64 70.24 -27.28
CA TYR NE 114 112.29 68.96 -26.65
C TYR NE 114 112.32 69.06 -25.13
N GLY NE 115 113.34 69.71 -24.58
CA GLY NE 115 113.35 69.95 -23.16
C GLY NE 115 112.14 70.75 -22.70
N LYS NE 116 111.76 71.76 -23.48
CA LYS NE 116 110.63 72.59 -23.08
C LYS NE 116 109.32 71.82 -23.15
N LEU NE 117 109.16 70.94 -24.13
CA LEU NE 117 107.93 70.16 -24.23
C LEU NE 117 107.71 69.26 -23.03
N ILE NE 118 108.77 68.57 -22.57
CA ILE NE 118 108.60 67.60 -21.50
C ILE NE 118 108.13 68.28 -20.23
N GLY NE 119 108.44 69.57 -20.08
CA GLY NE 119 107.91 70.34 -18.97
C GLY NE 119 106.48 70.81 -19.16
N TRP NE 120 105.77 70.23 -20.13
CA TRP NE 120 104.35 70.49 -20.39
C TRP NE 120 104.09 71.90 -20.89
N GLU NE 121 105.12 72.70 -21.12
CA GLU NE 121 104.91 74.04 -21.67
C GLU NE 121 104.17 73.94 -22.98
N SER NE 122 102.93 74.43 -22.99
CA SER NE 122 102.08 74.34 -24.17
C SER NE 122 102.15 75.61 -25.00
N ALA OE 1 112.54 37.16 -57.10
CA ALA OE 1 113.38 38.39 -57.08
C ALA OE 1 114.24 38.49 -58.35
N LEU OE 2 113.67 39.07 -59.40
CA LEU OE 2 114.29 39.13 -60.72
C LEU OE 2 114.90 40.48 -61.02
N GLY OE 3 115.05 41.34 -60.02
CA GLY OE 3 115.66 42.65 -60.19
C GLY OE 3 115.05 43.67 -59.25
N ASP OE 4 115.90 44.56 -58.73
CA ASP OE 4 115.42 45.62 -57.84
C ASP OE 4 114.76 46.76 -58.59
N THR OE 5 115.04 46.92 -59.88
CA THR OE 5 114.31 47.87 -60.70
C THR OE 5 113.76 47.16 -61.93
N LEU OE 6 112.68 47.73 -62.44
CA LEU OE 6 112.01 47.28 -63.64
C LEU OE 6 111.95 48.46 -64.59
N THR OE 7 112.30 48.24 -65.84
CA THR OE 7 112.42 49.31 -66.82
C THR OE 7 111.33 49.18 -67.86
N ILE OE 8 110.61 50.27 -68.09
CA ILE OE 8 109.56 50.33 -69.08
C ILE OE 8 109.99 51.36 -70.11
N THR OE 9 110.10 50.94 -71.37
CA THR OE 9 110.54 51.81 -72.45
C THR OE 9 109.33 52.09 -73.33
N LEU OE 10 108.72 53.27 -73.15
CA LEU OE 10 107.54 53.61 -73.92
C LEU OE 10 107.88 53.69 -75.39
N GLY OE 11 106.98 53.21 -76.23
CA GLY OE 11 107.20 53.18 -77.66
C GLY OE 11 108.01 52.01 -78.16
N GLY OE 12 108.28 51.02 -77.33
CA GLY OE 12 109.01 49.83 -77.76
C GLY OE 12 110.51 50.08 -77.68
N SER OE 13 111.21 49.82 -78.78
CA SER OE 13 112.63 50.11 -78.86
C SER OE 13 112.93 51.60 -79.04
N GLY OE 14 111.90 52.44 -79.14
CA GLY OE 14 112.10 53.86 -79.35
C GLY OE 14 112.94 54.54 -78.29
N GLY OE 15 112.41 54.61 -77.06
CA GLY OE 15 113.09 55.32 -75.99
C GLY OE 15 112.13 55.62 -74.85
N THR OE 16 112.45 56.68 -74.10
CA THR OE 16 111.62 57.13 -73.00
C THR OE 16 111.45 56.01 -71.96
N ALA OE 17 112.59 55.64 -71.37
CA ALA OE 17 112.63 54.55 -70.40
C ALA OE 17 112.27 55.08 -69.01
N LYS OE 18 111.43 54.32 -68.31
CA LYS OE 18 111.00 54.63 -66.94
C LYS OE 18 111.44 53.49 -66.03
N VAL OE 19 112.00 53.83 -64.88
CA VAL OE 19 112.65 52.85 -64.00
C VAL OE 19 111.84 52.76 -62.70
N LEU OE 20 111.05 51.70 -62.56
CA LEU OE 20 110.34 51.44 -61.32
C LEU OE 20 111.23 50.61 -60.37
N ARG OE 21 110.76 50.45 -59.13
CA ARG OE 21 111.50 49.75 -58.08
C ARG OE 21 110.52 48.96 -57.23
N LYS OE 22 110.97 47.89 -56.56
CA LYS OE 22 109.98 47.12 -55.81
C LYS OE 22 109.24 48.03 -54.85
N ILE OE 23 107.95 47.73 -54.67
CA ILE OE 23 107.16 48.40 -53.65
C ILE OE 23 106.58 47.42 -52.64
N ASN OE 24 106.60 46.12 -52.94
CA ASN OE 24 106.00 45.07 -52.14
C ASN OE 24 106.40 43.71 -52.70
N GLN OE 25 106.31 42.68 -51.87
CA GLN OE 25 106.44 41.29 -52.33
C GLN OE 25 105.74 40.40 -51.31
N ASP OE 26 104.57 39.87 -51.68
CA ASP OE 26 103.81 39.00 -50.81
C ASP OE 26 103.12 37.92 -51.64
N GLY OE 27 103.15 36.69 -51.15
CA GLY OE 27 102.42 35.60 -51.77
C GLY OE 27 102.80 35.35 -53.21
N TYR OE 28 104.09 35.30 -53.49
CA TYR OE 28 104.61 34.99 -54.83
C TYR OE 28 104.22 36.07 -55.84
N THR OE 29 104.06 37.31 -55.37
CA THR OE 29 103.72 38.44 -56.22
C THR OE 29 104.73 39.55 -55.99
N SER OE 30 104.91 40.40 -57.00
CA SER OE 30 105.83 41.53 -56.90
C SER OE 30 105.15 42.77 -57.48
N GLU OE 31 105.51 43.92 -56.93
CA GLU OE 31 104.89 45.19 -57.31
C GLU OE 31 105.97 46.24 -57.51
N TYR OE 32 105.83 47.04 -58.57
CA TYR OE 32 106.75 48.12 -58.90
C TYR OE 32 105.95 49.39 -59.08
N TYR OE 33 106.52 50.54 -58.68
CA TYR OE 33 105.79 51.81 -58.70
C TYR OE 33 106.77 52.96 -58.91
N LEU OE 34 106.27 54.06 -59.50
CA LEU OE 34 107.10 55.22 -59.78
C LEU OE 34 106.25 56.48 -59.91
N PRO OE 35 106.44 57.50 -59.06
CA PRO OE 35 105.66 58.73 -59.22
C PRO OE 35 106.28 59.68 -60.24
N GLU OE 36 105.44 60.58 -60.75
CA GLU OE 36 105.86 61.64 -61.67
C GLU OE 36 105.04 62.89 -61.35
N THR OE 37 105.17 63.91 -62.20
CA THR OE 37 104.50 65.18 -61.96
C THR OE 37 103.01 65.12 -62.33
N SER OE 38 102.67 64.43 -63.41
CA SER OE 38 101.29 64.41 -63.92
C SER OE 38 100.72 63.01 -64.06
N SER OE 39 101.50 61.96 -63.79
CA SER OE 39 100.99 60.60 -63.90
C SER OE 39 101.88 59.69 -63.06
N SER OE 40 101.67 58.38 -63.19
CA SER OE 40 102.40 57.41 -62.40
C SER OE 40 102.39 56.08 -63.14
N PHE OE 41 103.29 55.20 -62.73
CA PHE OE 41 103.42 53.89 -63.34
C PHE OE 41 103.46 52.82 -62.26
N ARG OE 42 102.91 51.65 -62.60
CA ARG OE 42 102.83 50.54 -61.66
C ARG OE 42 102.85 49.24 -62.45
N ALA OE 43 103.59 48.25 -61.94
CA ALA OE 43 103.68 46.94 -62.56
C ALA OE 43 103.51 45.87 -61.49
N LYS OE 44 102.86 44.77 -61.89
CA LYS OE 44 102.52 43.68 -60.98
C LYS OE 44 102.85 42.36 -61.64
N VAL OE 45 103.34 41.41 -60.85
CA VAL OE 45 103.62 40.05 -61.31
C VAL OE 45 102.98 39.08 -60.32
N ARG OE 46 102.30 38.07 -60.84
CA ARG OE 46 101.63 37.09 -59.98
C ARG OE 46 101.80 35.69 -60.55
N HIS OE 47 101.77 34.70 -59.66
CA HIS OE 47 101.76 33.29 -60.02
C HIS OE 47 100.66 32.59 -59.24
N THR OE 48 100.06 31.56 -59.84
CA THR OE 48 98.92 30.90 -59.22
C THR OE 48 98.80 29.46 -59.70
N LYS OE 49 98.23 28.61 -58.85
CA LYS OE 49 97.81 27.26 -59.21
C LYS OE 49 96.28 27.22 -59.21
N GLU OE 50 95.70 26.67 -60.27
CA GLU OE 50 94.24 26.59 -60.33
C GLU OE 50 93.70 25.57 -59.32
N SER OE 51 92.41 25.68 -59.05
CA SER OE 51 91.77 24.79 -58.10
C SER OE 51 91.80 23.35 -58.62
N VAL OE 52 92.04 22.42 -57.72
CA VAL OE 52 92.09 21.00 -58.07
C VAL OE 52 90.67 20.45 -58.21
N LYS OE 53 90.50 19.52 -59.14
CA LYS OE 53 89.25 18.81 -59.33
C LYS OE 53 89.49 17.32 -59.34
N PRO OE 54 88.50 16.51 -58.94
CA PRO OE 54 88.80 15.11 -58.61
C PRO OE 54 89.41 14.31 -59.75
N ASN OE 55 89.01 14.54 -61.00
CA ASN OE 55 89.46 13.73 -62.13
C ASN OE 55 89.76 14.60 -63.34
N GLN OE 56 90.53 15.66 -63.14
CA GLN OE 56 90.91 16.57 -64.20
C GLN OE 56 92.37 17.00 -64.03
N VAL OE 57 93.00 17.41 -65.14
CA VAL OE 57 94.40 17.82 -65.09
C VAL OE 57 94.54 19.15 -64.37
N GLN OE 58 95.72 19.38 -63.80
CA GLN OE 58 95.99 20.56 -62.99
C GLN OE 58 96.86 21.56 -63.76
N TYR OE 59 96.50 22.84 -63.66
CA TYR OE 59 97.09 23.90 -64.45
C TYR OE 59 97.71 24.97 -63.55
N GLU OE 60 98.70 25.68 -64.10
CA GLU OE 60 99.28 26.85 -63.45
C GLU OE 60 99.33 28.02 -64.44
N ARG OE 61 99.29 29.23 -63.89
CA ARG OE 61 99.02 30.43 -64.66
C ARG OE 61 99.98 31.52 -64.18
N HIS OE 62 100.62 32.22 -65.12
CA HIS OE 62 101.50 33.33 -64.79
C HIS OE 62 100.99 34.61 -65.43
N ASN OE 63 100.98 35.70 -64.66
CA ASN OE 63 100.35 36.94 -65.06
C ASN OE 63 101.29 38.11 -64.83
N VAL OE 64 101.27 39.08 -65.75
CA VAL OE 64 102.02 40.32 -65.63
C VAL OE 64 101.21 41.44 -66.28
N GLU OE 65 101.13 42.59 -65.61
CA GLU OE 65 100.33 43.71 -66.09
C GLU OE 65 101.07 45.02 -65.95
N PHE OE 66 100.77 45.95 -66.85
CA PHE OE 66 101.29 47.31 -66.82
C PHE OE 66 100.10 48.26 -66.65
N THR OE 67 100.22 49.22 -65.74
CA THR OE 67 99.15 50.17 -65.47
C THR OE 67 99.71 51.58 -65.45
N GLU OE 68 98.98 52.51 -66.07
CA GLU OE 68 99.37 53.92 -66.12
C GLU OE 68 98.19 54.76 -65.65
N THR OE 69 98.43 55.60 -64.65
CA THR OE 69 97.38 56.42 -64.05
C THR OE 69 97.71 57.90 -64.27
N VAL OE 70 96.75 58.64 -64.81
CA VAL OE 70 96.92 60.05 -65.12
C VAL OE 70 95.90 60.84 -64.31
N TYR OE 71 96.37 61.85 -63.58
CA TYR OE 71 95.55 62.55 -62.61
C TYR OE 71 94.60 63.55 -63.29
N ALA OE 72 93.55 63.91 -62.57
CA ALA OE 72 92.53 64.78 -63.13
C ALA OE 72 93.07 66.18 -63.31
N SER OE 73 92.73 66.80 -64.44
CA SER OE 73 93.12 68.16 -64.76
C SER OE 73 91.91 68.90 -65.30
N GLY OE 74 91.68 70.11 -64.79
CA GLY OE 74 90.50 70.85 -65.20
C GLY OE 74 89.24 70.09 -64.87
N SER OE 75 88.31 70.03 -65.84
CA SER OE 75 87.09 69.27 -65.66
C SER OE 75 87.26 67.79 -66.00
N THR OE 76 88.37 67.40 -66.60
CA THR OE 76 88.59 66.02 -66.98
C THR OE 76 88.88 65.18 -65.74
N PRO OE 77 88.11 64.12 -65.47
CA PRO OE 77 88.41 63.29 -64.30
C PRO OE 77 89.61 62.38 -64.52
N GLU OE 78 89.89 61.50 -63.56
CA GLU OE 78 91.02 60.59 -63.70
C GLU OE 78 90.69 59.47 -64.67
N PHE OE 79 91.74 58.87 -65.23
CA PHE OE 79 91.60 57.65 -66.03
C PHE OE 79 92.96 56.97 -66.05
N VAL OE 80 92.95 55.71 -66.48
CA VAL OE 80 94.16 54.89 -66.46
C VAL OE 80 94.25 54.08 -67.74
N ARG OE 81 95.47 53.64 -68.05
CA ARG OE 81 95.75 52.71 -69.14
C ARG OE 81 96.32 51.42 -68.56
N GLN OE 82 95.96 50.30 -69.19
CA GLN OE 82 96.37 48.99 -68.70
C GLN OE 82 96.75 48.11 -69.89
N ALA OE 83 97.55 47.08 -69.60
CA ALA OE 83 97.92 46.09 -70.60
C ALA OE 83 98.55 44.89 -69.88
N TYR OE 84 98.10 43.67 -70.16
CA TYR OE 84 98.60 42.52 -69.42
C TYR OE 84 98.53 41.27 -70.29
N VAL OE 85 99.32 40.27 -69.89
CA VAL OE 85 99.34 38.97 -70.56
C VAL OE 85 99.24 37.88 -69.51
N VAL OE 86 98.76 36.72 -69.95
CA VAL OE 86 98.59 35.55 -69.10
C VAL OE 86 99.05 34.33 -69.88
N ILE OE 87 99.83 33.46 -69.23
CA ILE OE 87 100.31 32.22 -69.82
C ILE OE 87 99.78 31.07 -68.97
N ARG OE 88 99.22 30.05 -69.62
CA ARG OE 88 98.57 28.96 -68.91
C ARG OE 88 98.99 27.64 -69.52
N HIS OE 89 99.49 26.73 -68.69
CA HIS OE 89 99.93 25.42 -69.15
C HIS OE 89 99.92 24.46 -67.96
N LYS OE 90 99.86 23.17 -68.27
CA LYS OE 90 99.75 22.14 -67.24
C LYS OE 90 101.05 22.03 -66.45
N VAL OE 91 100.92 21.60 -65.19
CA VAL OE 91 102.07 21.43 -64.32
C VAL OE 91 102.82 20.18 -64.74
N GLY OE 92 104.13 20.32 -64.92
CA GLY OE 92 104.93 19.23 -65.44
C GLY OE 92 105.14 19.24 -66.93
N ASP OE 93 104.79 20.32 -67.61
CA ASP OE 93 104.96 20.41 -69.05
C ASP OE 93 106.37 20.90 -69.38
N VAL OE 94 106.78 20.71 -70.63
CA VAL OE 94 108.11 21.12 -71.08
C VAL OE 94 108.17 22.64 -71.18
N SER OE 95 109.25 23.22 -70.69
CA SER OE 95 109.36 24.68 -70.60
C SER OE 95 109.57 25.31 -71.97
N ALA OE 96 110.43 24.72 -72.80
CA ALA OE 96 110.77 25.36 -74.07
C ALA OE 96 109.58 25.42 -75.01
N THR OE 97 108.79 24.34 -75.08
CA THR OE 97 107.65 24.35 -75.97
C THR OE 97 106.60 25.37 -75.54
N VAL OE 98 106.35 25.48 -74.22
CA VAL OE 98 105.36 26.45 -73.77
C VAL OE 98 105.92 27.86 -73.90
N SER OE 99 107.24 28.01 -73.95
CA SER OE 99 107.83 29.33 -74.18
C SER OE 99 107.73 29.76 -75.64
N ASP OE 100 107.87 28.81 -76.56
CA ASP OE 100 107.78 29.14 -77.99
C ASP OE 100 106.45 29.79 -78.33
N LEU OE 101 105.35 29.20 -77.85
CA LEU OE 101 104.11 29.95 -77.75
C LEU OE 101 104.28 30.97 -76.64
N GLY OE 102 103.76 32.16 -76.86
CA GLY OE 102 104.14 33.29 -76.04
C GLY OE 102 105.24 34.09 -76.69
N GLU OE 103 106.35 33.44 -77.08
CA GLU OE 103 107.31 34.13 -77.94
C GLU OE 103 106.67 34.49 -79.27
N ALA OE 104 105.86 33.58 -79.82
CA ALA OE 104 105.12 33.88 -81.05
C ALA OE 104 104.19 35.06 -80.84
N LEU OE 105 103.47 35.09 -79.71
CA LEU OE 105 102.60 36.22 -79.41
C LEU OE 105 103.39 37.51 -79.38
N SER OE 106 104.53 37.50 -78.70
CA SER OE 106 105.34 38.71 -78.61
C SER OE 106 105.80 39.17 -79.99
N PHE OE 107 106.18 38.22 -80.86
CA PHE OE 107 106.64 38.60 -82.19
C PHE OE 107 105.52 39.20 -83.03
N TYR OE 108 104.38 38.51 -83.11
CA TYR OE 108 103.31 38.98 -84.00
C TYR OE 108 102.76 40.32 -83.57
N LEU OE 109 102.40 40.44 -82.29
CA LEU OE 109 101.56 41.54 -81.86
C LEU OE 109 102.45 42.79 -81.76
N ASN OE 110 102.38 43.65 -82.77
CA ASN OE 110 103.27 44.81 -82.87
C ASN OE 110 102.47 46.08 -83.12
N GLU OE 111 103.17 47.17 -83.46
CA GLU OE 111 102.51 48.47 -83.59
C GLU OE 111 101.40 48.46 -84.63
N ALA OE 112 101.65 47.81 -85.78
CA ALA OE 112 100.67 47.83 -86.85
C ALA OE 112 99.36 47.17 -86.42
N LEU OE 113 99.45 46.02 -85.73
CA LEU OE 113 98.24 45.41 -85.19
C LEU OE 113 97.55 46.35 -84.21
N TYR OE 114 98.34 47.02 -83.36
CA TYR OE 114 97.77 47.95 -82.40
C TYR OE 114 96.99 49.06 -83.10
N GLY OE 115 97.53 49.61 -84.17
CA GLY OE 115 96.78 50.58 -84.94
C GLY OE 115 95.52 49.99 -85.53
N LYS OE 116 95.62 48.80 -86.13
CA LYS OE 116 94.44 48.11 -86.61
C LYS OE 116 93.54 47.67 -85.47
N LEU OE 117 94.12 47.08 -84.42
CA LEU OE 117 93.31 46.44 -83.38
C LEU OE 117 92.52 47.47 -82.61
N ILE OE 118 93.10 48.65 -82.35
CA ILE OE 118 92.39 49.68 -81.61
C ILE OE 118 91.20 50.19 -82.40
N GLY OE 119 91.15 49.96 -83.71
CA GLY OE 119 90.07 50.43 -84.54
C GLY OE 119 88.91 49.46 -84.69
N TRP OE 120 88.72 48.59 -83.70
CA TRP OE 120 87.62 47.63 -83.65
C TRP OE 120 87.56 46.71 -84.86
N GLU OE 121 88.64 46.63 -85.64
CA GLU OE 121 88.68 45.71 -86.77
C GLU OE 121 88.86 44.29 -86.27
N SER OE 122 87.77 43.59 -86.01
CA SER OE 122 87.83 42.23 -85.46
C SER OE 122 88.71 41.33 -86.32
N ALA PE 1 116.97 39.39 -45.20
CA ALA PE 1 118.18 40.21 -45.54
C ALA PE 1 119.36 39.32 -45.92
N LEU PE 2 119.09 38.02 -46.11
CA LEU PE 2 120.17 37.09 -46.42
C LEU PE 2 120.83 37.42 -47.76
N GLY PE 3 120.03 37.73 -48.78
CA GLY PE 3 120.56 37.99 -50.10
C GLY PE 3 119.64 37.47 -51.20
N ASP PE 4 119.92 37.84 -52.45
CA ASP PE 4 119.04 37.47 -53.55
C ASP PE 4 119.21 36.01 -53.93
N THR PE 5 120.43 35.48 -53.84
CA THR PE 5 120.71 34.11 -54.24
C THR PE 5 121.37 33.35 -53.11
N LEU PE 6 121.18 32.03 -53.15
CA LEU PE 6 121.70 31.10 -52.15
C LEU PE 6 122.47 30.02 -52.89
N THR PE 7 123.68 29.74 -52.44
CA THR PE 7 124.56 28.79 -53.10
C THR PE 7 124.64 27.50 -52.30
N ILE PE 8 124.52 26.38 -53.01
CA ILE PE 8 124.63 25.05 -52.42
C ILE PE 8 125.73 24.30 -53.17
N THR PE 9 126.68 23.76 -52.42
CA THR PE 9 127.81 23.02 -52.99
C THR PE 9 127.68 21.57 -52.56
N LEU PE 10 127.08 20.75 -53.44
CA LEU PE 10 126.90 19.35 -53.12
C LEU PE 10 128.25 18.68 -52.91
N GLY PE 11 128.29 17.77 -51.93
CA GLY PE 11 129.53 17.07 -51.64
C GLY PE 11 130.53 17.87 -50.84
N GLY PE 12 130.07 18.81 -50.02
CA GLY PE 12 131.00 19.59 -49.23
C GLY PE 12 131.81 20.52 -50.11
N SER PE 13 132.91 21.00 -49.54
CA SER PE 13 133.79 21.91 -50.25
C SER PE 13 134.41 21.24 -51.47
N GLY PE 14 134.57 22.02 -52.55
CA GLY PE 14 135.20 21.53 -53.75
C GLY PE 14 134.31 20.77 -54.71
N GLY PE 15 133.01 20.71 -54.46
CA GLY PE 15 132.08 19.94 -55.26
C GLY PE 15 131.41 20.74 -56.35
N THR PE 16 130.24 20.26 -56.76
CA THR PE 16 129.42 20.91 -57.76
C THR PE 16 128.60 22.03 -57.11
N ALA PE 17 128.53 23.18 -57.78
CA ALA PE 17 127.84 24.34 -57.25
C ALA PE 17 126.43 24.44 -57.83
N LYS PE 18 125.49 24.81 -56.96
CA LYS PE 18 124.10 25.07 -57.34
C LYS PE 18 123.70 26.42 -56.77
N VAL PE 19 123.09 27.27 -57.60
CA VAL PE 19 122.66 28.60 -57.18
C VAL PE 19 121.14 28.65 -57.17
N LEU PE 20 120.57 29.00 -56.02
CA LEU PE 20 119.14 29.13 -55.84
C LEU PE 20 118.75 30.61 -55.89
N ARG PE 21 117.52 30.88 -56.33
CA ARG PE 21 117.00 32.23 -56.44
C ARG PE 21 115.88 32.44 -55.44
N LYS PE 22 115.87 33.59 -54.76
CA LYS PE 22 114.82 33.86 -53.79
C LYS PE 22 113.46 33.92 -54.48
N ILE PE 23 112.45 33.36 -53.79
CA ILE PE 23 111.11 33.28 -54.36
C ILE PE 23 110.04 33.90 -53.47
N ASN PE 24 110.22 33.96 -52.15
CA ASN PE 24 109.20 34.56 -51.29
C ASN PE 24 109.66 34.69 -49.86
N GLN PE 25 109.05 35.61 -49.12
CA GLN PE 25 109.30 35.77 -47.69
C GLN PE 25 108.16 36.60 -47.09
N ASP PE 26 107.32 35.97 -46.28
CA ASP PE 26 106.21 36.68 -45.64
C ASP PE 26 106.31 36.69 -44.12
N GLY PE 27 106.33 35.53 -43.48
CA GLY PE 27 106.25 35.48 -42.02
C GLY PE 27 107.59 35.32 -41.36
N TYR PE 28 108.50 36.26 -41.60
CA TYR PE 28 109.88 36.18 -41.13
C TYR PE 28 110.62 34.98 -41.70
N THR PE 29 110.04 34.31 -42.69
CA THR PE 29 110.63 33.14 -43.33
C THR PE 29 111.25 33.53 -44.66
N SER PE 30 111.79 32.52 -45.36
CA SER PE 30 112.30 32.73 -46.71
C SER PE 30 112.22 31.43 -47.48
N GLU PE 31 112.27 31.55 -48.81
CA GLU PE 31 112.16 30.42 -49.71
C GLU PE 31 113.03 30.66 -50.94
N TYR PE 32 113.75 29.62 -51.36
CA TYR PE 32 114.58 29.64 -52.55
C TYR PE 32 114.25 28.41 -53.40
N TYR PE 33 114.42 28.52 -54.71
CA TYR PE 33 114.00 27.44 -55.59
C TYR PE 33 114.87 27.38 -56.84
N LEU PE 34 114.94 26.18 -57.43
CA LEU PE 34 115.63 25.94 -58.70
C LEU PE 34 115.18 24.61 -59.30
N PRO PE 35 114.66 24.60 -60.54
CA PRO PE 35 114.34 23.31 -61.17
C PRO PE 35 115.42 22.79 -62.10
N GLU PE 36 115.38 21.49 -62.40
CA GLU PE 36 116.30 20.85 -63.33
C GLU PE 36 115.53 19.85 -64.17
N THR PE 37 116.23 19.16 -65.07
CA THR PE 37 115.59 18.17 -65.93
C THR PE 37 115.07 16.98 -65.11
N SER PE 38 115.86 16.51 -64.13
CA SER PE 38 115.48 15.33 -63.35
C SER PE 38 115.47 15.56 -61.85
N SER PE 39 115.69 16.78 -61.38
CA SER PE 39 115.67 17.05 -59.95
C SER PE 39 115.30 18.52 -59.73
N SER PE 40 114.97 18.84 -58.48
CA SER PE 40 114.65 20.19 -58.07
C SER PE 40 115.27 20.48 -56.71
N PHE PE 41 115.60 21.75 -56.48
CA PHE PE 41 116.22 22.17 -55.24
C PHE PE 41 115.40 23.29 -54.59
N ARG PE 42 115.36 23.28 -53.27
CA ARG PE 42 114.57 24.23 -52.50
C ARG PE 42 115.25 24.48 -51.16
N ALA PE 43 115.01 25.66 -50.59
CA ALA PE 43 115.58 26.04 -49.31
C ALA PE 43 114.57 26.86 -48.52
N LYS PE 44 114.60 26.69 -47.19
CA LYS PE 44 113.74 27.44 -46.27
C LYS PE 44 114.58 27.99 -45.13
N VAL PE 45 114.17 29.15 -44.63
CA VAL PE 45 114.65 29.71 -43.38
C VAL PE 45 113.45 30.21 -42.60
N ARG PE 46 113.38 29.86 -41.32
CA ARG PE 46 112.28 30.27 -40.45
C ARG PE 46 112.82 30.77 -39.11
N HIS PE 47 112.11 31.75 -38.55
CA HIS PE 47 112.36 32.26 -37.21
C HIS PE 47 111.05 32.25 -36.44
N THR PE 48 111.08 31.76 -35.19
CA THR PE 48 109.87 31.63 -34.40
C THR PE 48 110.15 31.92 -32.93
N LYS PE 49 109.07 32.04 -32.17
CA LYS PE 49 109.10 32.26 -30.72
C LYS PE 49 108.16 31.27 -30.08
N GLU PE 50 108.68 30.37 -29.23
CA GLU PE 50 107.83 29.37 -28.62
C GLU PE 50 106.93 30.01 -27.56
N SER PE 51 105.81 29.35 -27.29
CA SER PE 51 104.79 29.93 -26.41
C SER PE 51 105.33 30.20 -25.02
N VAL PE 52 104.86 31.27 -24.42
CA VAL PE 52 105.34 31.76 -23.14
C VAL PE 52 104.44 31.23 -22.04
N LYS PE 53 104.99 30.45 -21.13
CA LYS PE 53 104.29 30.03 -19.92
C LYS PE 53 104.52 31.05 -18.82
N PRO PE 54 103.66 31.09 -17.81
CA PRO PE 54 103.83 32.08 -16.73
C PRO PE 54 105.15 31.90 -16.01
N ASN PE 55 105.70 33.03 -15.54
CA ASN PE 55 106.92 33.12 -14.74
C ASN PE 55 107.95 32.07 -15.14
N GLN PE 56 108.24 31.97 -16.44
CA GLN PE 56 109.28 31.10 -16.95
C GLN PE 56 110.03 31.83 -18.05
N VAL PE 57 111.24 31.34 -18.35
CA VAL PE 57 112.10 32.03 -19.30
C VAL PE 57 111.49 31.96 -20.70
N GLN PE 58 111.85 32.95 -21.52
CA GLN PE 58 111.39 33.04 -22.91
C GLN PE 58 112.51 32.67 -23.86
N TYR PE 59 112.21 31.81 -24.84
CA TYR PE 59 113.18 31.23 -25.75
C TYR PE 59 112.86 31.60 -27.19
N GLU PE 60 113.88 31.60 -28.05
CA GLU PE 60 113.69 31.78 -29.48
C GLU PE 60 114.41 30.69 -30.26
N ARG PE 61 113.83 30.31 -31.41
CA ARG PE 61 114.26 29.17 -32.21
C ARG PE 61 114.51 29.60 -33.65
N HIS PE 62 115.60 29.10 -34.24
CA HIS PE 62 115.91 29.31 -35.66
C HIS PE 62 116.15 27.98 -36.35
N ASN PE 63 115.78 27.91 -37.63
CA ASN PE 63 115.78 26.68 -38.41
C ASN PE 63 116.28 26.96 -39.82
N VAL PE 64 117.02 26.01 -40.39
CA VAL PE 64 117.50 26.08 -41.77
C VAL PE 64 117.32 24.70 -42.40
N GLU PE 65 116.79 24.67 -43.62
CA GLU PE 65 116.33 23.43 -44.23
C GLU PE 65 116.66 23.38 -45.72
N PHE PE 66 117.18 22.24 -46.16
CA PHE PE 66 117.42 21.95 -47.57
C PHE PE 66 116.60 20.74 -47.98
N THR PE 67 116.08 20.76 -49.22
CA THR PE 67 115.33 19.63 -49.77
C THR PE 67 115.74 19.41 -51.22
N GLU PE 68 115.80 18.15 -51.61
CA GLU PE 68 116.00 17.76 -53.00
C GLU PE 68 114.96 16.71 -53.36
N THR PE 69 114.40 16.84 -54.57
CA THR PE 69 113.35 15.93 -55.03
C THR PE 69 113.70 15.39 -56.40
N VAL PE 70 113.40 14.11 -56.62
CA VAL PE 70 113.65 13.43 -57.88
C VAL PE 70 112.30 13.04 -58.46
N TYR PE 71 112.01 13.53 -59.66
CA TYR PE 71 110.72 13.22 -60.29
C TYR PE 71 110.62 11.75 -60.62
N ALA PE 72 109.41 11.22 -60.49
CA ALA PE 72 109.17 9.80 -60.75
C ALA PE 72 109.58 9.47 -62.18
N SER PE 73 110.38 8.42 -62.32
CA SER PE 73 110.89 7.97 -63.61
C SER PE 73 110.52 6.50 -63.78
N GLY PE 74 109.57 6.23 -64.66
CA GLY PE 74 109.14 4.85 -64.86
C GLY PE 74 108.56 4.26 -63.60
N SER PE 75 109.07 3.10 -63.20
CA SER PE 75 108.53 2.40 -62.04
C SER PE 75 108.77 3.20 -60.74
N THR PE 76 109.92 3.83 -60.63
CA THR PE 76 110.27 4.52 -59.39
C THR PE 76 109.33 5.70 -59.15
N PRO PE 77 108.63 5.77 -58.01
CA PRO PE 77 107.81 6.95 -57.72
C PRO PE 77 108.63 8.13 -57.21
N GLU PE 78 107.94 9.17 -56.75
CA GLU PE 78 108.59 10.34 -56.19
C GLU PE 78 109.25 10.02 -54.85
N PHE PE 79 110.37 10.67 -54.58
CA PHE PE 79 111.00 10.60 -53.27
C PHE PE 79 111.89 11.82 -53.09
N VAL PE 80 112.24 12.09 -51.82
CA VAL PE 80 112.90 13.33 -51.44
C VAL PE 80 114.12 13.01 -50.59
N ARG PE 81 115.02 14.00 -50.49
CA ARG PE 81 116.15 13.95 -49.58
C ARG PE 81 116.25 15.30 -48.87
N GLN PE 82 116.26 15.27 -47.54
CA GLN PE 82 116.19 16.47 -46.71
C GLN PE 82 117.36 16.51 -45.74
N ALA PE 83 117.63 17.71 -45.21
CA ALA PE 83 118.59 17.88 -44.13
C ALA PE 83 118.45 19.27 -43.52
N TYR PE 84 118.27 19.36 -42.21
CA TYR PE 84 118.02 20.66 -41.58
C TYR PE 84 118.57 20.69 -40.17
N VAL PE 85 118.73 21.92 -39.66
CA VAL PE 85 119.27 22.18 -38.33
C VAL PE 85 118.33 23.14 -37.61
N VAL PE 86 118.37 23.10 -36.28
CA VAL PE 86 117.56 23.95 -35.42
C VAL PE 86 118.41 24.43 -34.26
N ILE PE 87 118.22 25.69 -33.87
CA ILE PE 87 118.95 26.30 -32.76
C ILE PE 87 117.94 26.88 -31.77
N ARG PE 88 118.24 26.76 -30.48
CA ARG PE 88 117.38 27.29 -29.43
C ARG PE 88 118.22 27.98 -28.38
N HIS PE 89 117.69 29.06 -27.81
CA HIS PE 89 118.38 29.80 -26.75
C HIS PE 89 117.44 30.86 -26.20
N LYS PE 90 117.77 31.33 -25.00
CA LYS PE 90 116.88 32.27 -24.31
C LYS PE 90 117.03 33.68 -24.87
N VAL PE 91 115.99 34.48 -24.66
CA VAL PE 91 115.95 35.83 -25.20
C VAL PE 91 116.88 36.73 -24.40
N GLY PE 92 117.66 37.54 -25.10
CA GLY PE 92 118.61 38.42 -24.46
C GLY PE 92 119.92 37.77 -24.07
N ASP PE 93 120.20 36.57 -24.57
CA ASP PE 93 121.44 35.88 -24.25
C ASP PE 93 122.58 36.43 -25.10
N VAL PE 94 123.81 36.02 -24.79
CA VAL PE 94 124.98 36.45 -25.54
C VAL PE 94 125.06 35.64 -26.82
N SER PE 95 125.13 36.33 -27.96
CA SER PE 95 125.11 35.66 -29.25
C SER PE 95 126.38 34.85 -29.48
N ALA PE 96 127.51 35.33 -28.97
CA ALA PE 96 128.78 34.68 -29.26
C ALA PE 96 128.81 33.24 -28.76
N THR PE 97 128.31 32.99 -27.55
CA THR PE 97 128.32 31.63 -27.02
C THR PE 97 127.45 30.69 -27.84
N VAL PE 98 126.27 31.18 -28.25
CA VAL PE 98 125.37 30.35 -29.06
C VAL PE 98 126.05 30.00 -30.38
N SER PE 99 126.68 30.99 -31.02
CA SER PE 99 127.39 30.72 -32.25
C SER PE 99 128.55 29.76 -32.01
N ASP PE 100 129.17 29.84 -30.84
CA ASP PE 100 130.24 28.91 -30.49
C ASP PE 100 129.73 27.47 -30.45
N LEU PE 101 128.61 27.25 -29.78
CA LEU PE 101 128.03 25.90 -29.73
C LEU PE 101 127.64 25.42 -31.12
N GLY PE 102 127.02 26.29 -31.91
CA GLY PE 102 126.63 25.91 -33.26
C GLY PE 102 127.83 25.57 -34.13
N GLU PE 103 128.89 26.37 -34.03
CA GLU PE 103 130.09 26.12 -34.81
C GLU PE 103 130.74 24.80 -34.40
N ALA PE 104 130.74 24.51 -33.09
CA ALA PE 104 131.22 23.21 -32.63
C ALA PE 104 130.42 22.09 -33.29
N LEU PE 105 129.09 22.18 -33.23
CA LEU PE 105 128.25 21.14 -33.84
C LEU PE 105 128.55 20.98 -35.33
N SER PE 106 128.67 22.10 -36.05
CA SER PE 106 128.93 22.02 -37.48
C SER PE 106 130.29 21.39 -37.76
N PHE PE 107 131.31 21.72 -36.96
CA PHE PE 107 132.63 21.16 -37.19
C PHE PE 107 132.66 19.66 -36.89
N TYR PE 108 131.87 19.20 -35.91
CA TYR PE 108 131.83 17.77 -35.63
C TYR PE 108 131.38 16.97 -36.85
N LEU PE 109 130.29 17.38 -37.49
CA LEU PE 109 129.75 16.63 -38.61
C LEU PE 109 130.71 16.65 -39.79
N ASN PE 110 130.82 15.51 -40.47
CA ASN PE 110 131.67 15.38 -41.65
C ASN PE 110 131.27 14.09 -42.35
N GLU PE 111 132.00 13.75 -43.41
CA GLU PE 111 131.60 12.60 -44.23
C GLU PE 111 131.62 11.31 -43.42
N ALA PE 112 132.62 11.14 -42.56
CA ALA PE 112 132.70 9.91 -41.76
C ALA PE 112 131.51 9.76 -40.84
N LEU PE 113 131.14 10.84 -40.14
CA LEU PE 113 129.98 10.76 -39.26
C LEU PE 113 128.72 10.45 -40.04
N TYR PE 114 128.55 11.08 -41.20
CA TYR PE 114 127.37 10.81 -42.02
C TYR PE 114 127.33 9.34 -42.45
N GLY PE 115 128.47 8.79 -42.86
CA GLY PE 115 128.51 7.38 -43.19
C GLY PE 115 128.11 6.51 -42.03
N LYS PE 116 128.62 6.81 -40.83
CA LYS PE 116 128.25 6.04 -39.65
C LYS PE 116 126.76 6.13 -39.38
N LEU PE 117 126.19 7.34 -39.48
CA LEU PE 117 124.77 7.50 -39.20
C LEU PE 117 123.92 6.73 -40.20
N ILE PE 118 124.24 6.82 -41.48
CA ILE PE 118 123.52 6.01 -42.47
C ILE PE 118 123.72 4.53 -42.17
N GLY PE 119 124.83 4.18 -41.52
CA GLY PE 119 125.03 2.81 -41.07
C GLY PE 119 124.23 2.41 -39.84
N TRP PE 120 123.46 3.31 -39.24
CA TRP PE 120 122.66 3.07 -38.04
C TRP PE 120 123.52 2.90 -36.80
N GLU PE 121 124.82 3.19 -36.85
CA GLU PE 121 125.64 3.12 -35.66
C GLU PE 121 125.13 4.11 -34.61
N SER PE 122 124.90 3.61 -33.40
CA SER PE 122 124.38 4.43 -32.31
C SER PE 122 125.38 4.48 -31.16
N ALA QE 1 -83.47 -47.61 93.99
CA ALA QE 1 -83.88 -47.69 95.42
C ALA QE 1 -82.67 -47.95 96.31
N LEU QE 2 -82.67 -49.08 97.03
CA LEU QE 2 -81.62 -49.44 97.98
C LEU QE 2 -81.54 -48.46 99.15
N GLY QE 3 -82.55 -47.63 99.35
CA GLY QE 3 -82.53 -46.67 100.43
C GLY QE 3 -81.68 -45.45 100.10
N ASP QE 4 -81.90 -44.39 100.89
CA ASP QE 4 -81.08 -43.19 100.78
C ASP QE 4 -79.72 -43.34 101.44
N THR QE 5 -79.60 -44.23 102.43
CA THR QE 5 -78.34 -44.50 103.09
C THR QE 5 -77.94 -45.96 102.93
N LEU QE 6 -76.63 -46.19 102.88
CA LEU QE 6 -76.05 -47.53 102.79
C LEU QE 6 -75.18 -47.76 104.02
N THR QE 7 -75.31 -48.93 104.62
CA THR QE 7 -74.55 -49.29 105.81
C THR QE 7 -73.50 -50.34 105.46
N ILE QE 8 -72.26 -50.10 105.86
CA ILE QE 8 -71.18 -51.06 105.70
C ILE QE 8 -70.60 -51.34 107.08
N THR QE 9 -70.52 -52.61 107.44
CA THR QE 9 -70.05 -53.05 108.75
C THR QE 9 -68.67 -53.68 108.55
N LEU QE 10 -67.64 -52.85 108.51
CA LEU QE 10 -66.30 -53.37 108.27
C LEU QE 10 -65.89 -54.28 109.41
N GLY QE 11 -65.22 -55.38 109.06
CA GLY QE 11 -64.95 -56.44 110.01
C GLY QE 11 -65.97 -57.56 110.02
N GLY QE 12 -66.79 -57.66 108.99
CA GLY QE 12 -67.77 -58.72 108.93
C GLY QE 12 -68.92 -58.48 109.89
N SER QE 13 -69.69 -59.54 110.13
CA SER QE 13 -70.80 -59.46 111.06
C SER QE 13 -70.32 -59.08 112.46
N GLY QE 14 -71.01 -58.12 113.08
CA GLY QE 14 -70.66 -57.66 114.41
C GLY QE 14 -69.58 -56.60 114.47
N GLY QE 15 -69.13 -56.07 113.34
CA GLY QE 15 -68.10 -55.06 113.30
C GLY QE 15 -68.60 -53.66 113.60
N THR QE 16 -67.92 -52.67 113.03
CA THR QE 16 -68.26 -51.27 113.17
C THR QE 16 -69.04 -50.81 111.95
N ALA QE 17 -70.15 -50.09 112.18
CA ALA QE 17 -71.07 -49.70 111.12
C ALA QE 17 -70.81 -48.27 110.67
N LYS QE 18 -70.68 -48.08 109.37
CA LYS QE 18 -70.55 -46.77 108.75
C LYS QE 18 -71.72 -46.57 107.79
N VAL QE 19 -72.29 -45.36 107.79
CA VAL QE 19 -73.50 -45.06 107.01
C VAL QE 19 -73.13 -44.05 105.92
N LEU QE 20 -73.33 -44.45 104.66
CA LEU QE 20 -73.13 -43.55 103.53
C LEU QE 20 -74.45 -42.93 103.09
N ARG QE 21 -74.36 -41.96 102.19
CA ARG QE 21 -75.53 -41.20 101.75
C ARG QE 21 -75.43 -40.93 100.26
N LYS QE 22 -76.59 -40.79 99.62
CA LYS QE 22 -76.62 -40.50 98.19
C LYS QE 22 -76.11 -39.10 97.90
N ILE QE 23 -75.34 -38.97 96.82
CA ILE QE 23 -74.75 -37.70 96.41
C ILE QE 23 -75.14 -37.40 94.97
N ASN QE 24 -75.41 -38.44 94.18
CA ASN QE 24 -75.52 -38.27 92.74
C ASN QE 24 -76.22 -39.47 92.14
N GLN QE 25 -76.59 -39.34 90.86
CA GLN QE 25 -77.12 -40.46 90.09
C GLN QE 25 -77.04 -40.07 88.61
N ASP QE 26 -76.09 -40.65 87.89
CA ASP QE 26 -75.94 -40.39 86.46
C ASP QE 26 -75.61 -41.68 85.72
N GLY QE 27 -76.20 -41.82 84.53
CA GLY QE 27 -75.82 -42.90 83.64
C GLY QE 27 -75.99 -44.28 84.23
N TYR QE 28 -77.10 -44.54 84.91
CA TYR QE 28 -77.38 -45.86 85.48
C TYR QE 28 -76.34 -46.23 86.54
N THR QE 29 -75.90 -45.22 87.30
CA THR QE 29 -74.92 -45.41 88.36
C THR QE 29 -75.38 -44.64 89.59
N SER QE 30 -74.86 -45.03 90.75
CA SER QE 30 -75.11 -44.35 92.00
C SER QE 30 -73.81 -44.20 92.78
N GLU QE 31 -73.74 -43.15 93.60
CA GLU QE 31 -72.55 -42.87 94.40
C GLU QE 31 -72.96 -42.59 95.84
N TYR QE 32 -72.18 -43.14 96.77
CA TYR QE 32 -72.41 -43.02 98.21
C TYR QE 32 -71.15 -42.43 98.83
N TYR QE 33 -71.29 -41.57 99.85
CA TYR QE 33 -70.11 -40.91 100.39
C TYR QE 33 -70.32 -40.59 101.87
N LEU QE 34 -69.21 -40.54 102.61
CA LEU QE 34 -69.20 -40.19 104.03
C LEU QE 34 -67.81 -39.71 104.44
N PRO QE 35 -67.66 -38.49 104.93
CA PRO QE 35 -66.33 -38.00 105.32
C PRO QE 35 -66.02 -38.21 106.80
N GLU QE 36 -64.72 -38.24 107.10
CA GLU QE 36 -64.21 -38.32 108.46
C GLU QE 36 -62.99 -37.41 108.56
N THR QE 37 -62.45 -37.28 109.78
CA THR QE 37 -61.32 -36.39 109.99
C THR QE 37 -60.07 -36.88 109.25
N SER QE 38 -59.81 -38.18 109.27
CA SER QE 38 -58.58 -38.73 108.71
C SER QE 38 -58.78 -39.51 107.42
N SER QE 39 -60.00 -39.88 107.06
CA SER QE 39 -60.23 -40.68 105.86
C SER QE 39 -61.67 -40.47 105.39
N SER QE 40 -62.05 -41.22 104.36
CA SER QE 40 -63.38 -41.09 103.76
C SER QE 40 -63.79 -42.45 103.19
N PHE QE 41 -65.10 -42.62 103.02
CA PHE QE 41 -65.67 -43.84 102.45
C PHE QE 41 -66.54 -43.49 101.25
N ARG QE 42 -66.46 -44.30 100.21
CA ARG QE 42 -67.27 -44.14 99.00
C ARG QE 42 -67.74 -45.49 98.52
N ALA QE 43 -69.00 -45.56 98.07
CA ALA QE 43 -69.53 -46.75 97.43
C ALA QE 43 -70.24 -46.35 96.15
N LYS QE 44 -69.94 -47.06 95.07
CA LYS QE 44 -70.41 -46.70 93.75
C LYS QE 44 -70.88 -47.95 93.01
N VAL QE 45 -71.97 -47.79 92.27
CA VAL QE 45 -72.63 -48.89 91.55
C VAL QE 45 -72.77 -48.51 90.09
N ARG QE 46 -72.51 -49.47 89.20
CA ARG QE 46 -72.73 -49.28 87.77
C ARG QE 46 -73.57 -50.41 87.22
N HIS QE 47 -74.34 -50.10 86.17
CA HIS QE 47 -75.01 -51.09 85.34
C HIS QE 47 -74.71 -50.76 83.89
N THR QE 48 -74.43 -51.79 83.10
CA THR QE 48 -73.95 -51.58 81.74
C THR QE 48 -74.45 -52.67 80.82
N LYS QE 49 -74.64 -52.30 79.55
CA LYS QE 49 -75.02 -53.20 78.47
C LYS QE 49 -73.84 -53.39 77.52
N GLU QE 50 -73.87 -54.48 76.77
CA GLU QE 50 -72.84 -54.80 75.80
C GLU QE 50 -73.34 -54.53 74.40
N SER QE 51 -72.43 -54.08 73.53
CA SER QE 51 -72.82 -53.64 72.20
C SER QE 51 -73.41 -54.79 71.38
N VAL QE 52 -74.49 -54.48 70.64
CA VAL QE 52 -75.13 -55.48 69.82
C VAL QE 52 -74.18 -55.91 68.69
N LYS QE 53 -74.24 -57.18 68.35
CA LYS QE 53 -73.46 -57.78 67.28
C LYS QE 53 -74.39 -58.49 66.31
N PRO QE 54 -73.96 -58.72 65.07
CA PRO QE 54 -74.87 -59.33 64.09
C PRO QE 54 -75.46 -60.66 64.55
N ASN QE 55 -74.61 -61.65 64.85
CA ASN QE 55 -75.05 -62.95 65.36
C ASN QE 55 -74.23 -63.35 66.59
N GLN QE 56 -74.64 -62.85 67.76
CA GLN QE 56 -73.96 -63.15 69.01
C GLN QE 56 -74.92 -62.92 70.17
N VAL QE 57 -74.57 -63.49 71.31
CA VAL QE 57 -75.42 -63.40 72.50
C VAL QE 57 -75.11 -62.10 73.22
N GLN QE 58 -76.16 -61.38 73.59
CA GLN QE 58 -76.02 -60.08 74.22
C GLN QE 58 -76.00 -60.25 75.74
N TYR QE 59 -75.12 -59.49 76.40
CA TYR QE 59 -74.78 -59.73 77.80
C TYR QE 59 -74.99 -58.47 78.63
N GLU QE 60 -75.02 -58.65 79.95
CA GLU QE 60 -75.25 -57.57 80.89
C GLU QE 60 -74.31 -57.69 82.07
N ARG QE 61 -73.90 -56.55 82.62
CA ARG QE 61 -72.92 -56.49 83.71
C ARG QE 61 -73.44 -55.62 84.85
N HIS QE 62 -73.25 -56.07 86.09
CA HIS QE 62 -73.49 -55.27 87.28
C HIS QE 62 -72.21 -55.22 88.13
N ASN QE 63 -71.93 -54.04 88.68
CA ASN QE 63 -70.69 -53.77 89.39
C ASN QE 63 -70.97 -53.05 90.70
N VAL QE 64 -70.23 -53.42 91.75
CA VAL QE 64 -70.32 -52.79 93.06
C VAL QE 64 -68.93 -52.70 93.66
N GLU QE 65 -68.56 -51.52 94.17
CA GLU QE 65 -67.23 -51.28 94.70
C GLU QE 65 -67.29 -50.52 96.01
N PHE QE 66 -66.40 -50.89 96.93
CA PHE QE 66 -66.14 -50.16 98.17
C PHE QE 66 -64.74 -49.58 98.10
N THR QE 67 -64.58 -48.32 98.50
CA THR QE 67 -63.30 -47.64 98.42
C THR QE 67 -63.08 -46.80 99.66
N GLU QE 68 -61.88 -46.86 100.22
CA GLU QE 68 -61.51 -46.12 101.41
C GLU QE 68 -60.14 -45.47 101.19
N THR QE 69 -60.08 -44.15 101.34
CA THR QE 69 -58.85 -43.40 101.12
C THR QE 69 -58.41 -42.74 102.41
N VAL QE 70 -57.10 -42.75 102.65
CA VAL QE 70 -56.49 -42.21 103.85
C VAL QE 70 -55.69 -40.98 103.48
N TYR QE 71 -56.00 -39.85 104.13
CA TYR QE 71 -55.36 -38.59 103.79
C TYR QE 71 -53.90 -38.60 104.19
N ALA QE 72 -53.07 -37.97 103.35
CA ALA QE 72 -51.63 -38.00 103.56
C ALA QE 72 -51.27 -37.24 104.83
N SER QE 73 -50.38 -37.83 105.62
CA SER QE 73 -49.89 -37.20 106.84
C SER QE 73 -48.40 -37.45 106.95
N GLY QE 74 -47.66 -36.40 107.33
CA GLY QE 74 -46.22 -36.52 107.40
C GLY QE 74 -45.63 -36.89 106.05
N SER QE 75 -44.71 -37.85 106.05
CA SER QE 75 -44.07 -38.28 104.81
C SER QE 75 -44.97 -39.19 103.99
N THR QE 76 -45.89 -39.89 104.63
CA THR QE 76 -46.76 -40.84 103.92
C THR QE 76 -47.66 -40.11 102.94
N PRO QE 77 -47.67 -40.49 101.67
CA PRO QE 77 -48.59 -39.86 100.71
C PRO QE 77 -49.96 -40.53 100.73
N GLU QE 78 -50.80 -40.15 99.77
CA GLU QE 78 -52.14 -40.70 99.66
C GLU QE 78 -52.09 -42.17 99.25
N PHE QE 79 -53.04 -42.95 99.77
CA PHE QE 79 -53.23 -44.32 99.33
C PHE QE 79 -54.66 -44.73 99.65
N VAL QE 80 -55.10 -45.82 99.01
CA VAL QE 80 -56.49 -46.24 99.06
C VAL QE 80 -56.56 -47.75 99.29
N ARG QE 81 -57.72 -48.20 99.75
CA ARG QE 81 -58.09 -49.61 99.76
C ARG QE 81 -59.46 -49.77 99.14
N GLN QE 82 -59.65 -50.81 98.33
CA GLN QE 82 -60.96 -51.03 97.72
C GLN QE 82 -61.11 -52.50 97.34
N ALA QE 83 -62.35 -52.91 97.14
CA ALA QE 83 -62.70 -54.25 96.69
C ALA QE 83 -64.06 -54.20 96.01
N TYR QE 84 -64.19 -54.87 94.86
CA TYR QE 84 -65.41 -54.74 94.06
C TYR QE 84 -65.75 -56.07 93.40
N VAL QE 85 -67.04 -56.21 93.05
CA VAL QE 85 -67.57 -57.44 92.47
C VAL QE 85 -68.28 -57.10 91.16
N VAL QE 86 -68.25 -58.05 90.22
CA VAL QE 86 -68.91 -57.91 88.92
C VAL QE 86 -69.63 -59.21 88.60
N ILE QE 87 -70.82 -59.09 88.01
CA ILE QE 87 -71.63 -60.23 87.60
C ILE QE 87 -72.03 -60.04 86.15
N ARG QE 88 -71.86 -61.09 85.33
CA ARG QE 88 -72.07 -61.02 83.90
C ARG QE 88 -72.99 -62.17 83.48
N HIS QE 89 -74.05 -61.85 82.74
CA HIS QE 89 -75.04 -62.83 82.34
C HIS QE 89 -75.76 -62.33 81.10
N LYS QE 90 -76.43 -63.25 80.41
CA LYS QE 90 -77.13 -62.89 79.18
C LYS QE 90 -78.45 -62.18 79.50
N VAL QE 91 -78.98 -61.48 78.50
CA VAL QE 91 -80.09 -60.55 78.75
C VAL QE 91 -81.33 -61.31 79.21
N GLY QE 92 -81.67 -62.40 78.55
CA GLY QE 92 -82.90 -63.11 78.81
C GLY QE 92 -82.80 -64.25 79.80
N ASP QE 93 -81.69 -64.36 80.54
CA ASP QE 93 -81.49 -65.48 81.43
C ASP QE 93 -82.55 -65.49 82.52
N VAL QE 94 -82.44 -66.47 83.41
CA VAL QE 94 -83.30 -66.57 84.59
C VAL QE 94 -82.54 -66.03 85.78
N SER QE 95 -83.19 -65.16 86.57
CA SER QE 95 -82.50 -64.45 87.64
C SER QE 95 -82.06 -65.39 88.76
N ALA QE 96 -82.82 -66.44 89.03
CA ALA QE 96 -82.54 -67.29 90.19
C ALA QE 96 -81.16 -67.95 90.08
N THR QE 97 -80.82 -68.47 88.91
CA THR QE 97 -79.53 -69.13 88.77
C THR QE 97 -78.38 -68.14 88.94
N VAL QE 98 -78.50 -66.95 88.37
CA VAL QE 98 -77.44 -65.95 88.52
C VAL QE 98 -77.28 -65.59 89.99
N SER QE 99 -78.40 -65.42 90.68
CA SER QE 99 -78.35 -65.13 92.11
C SER QE 99 -77.68 -66.27 92.87
N ASP QE 100 -77.97 -67.51 92.50
CA ASP QE 100 -77.39 -68.65 93.21
C ASP QE 100 -75.89 -68.70 93.01
N LEU QE 101 -75.41 -68.47 91.79
CA LEU QE 101 -73.98 -68.43 91.55
C LEU QE 101 -73.33 -67.31 92.35
N GLY QE 102 -73.96 -66.13 92.39
CA GLY QE 102 -73.41 -65.03 93.16
C GLY QE 102 -73.34 -65.33 94.64
N GLU QE 103 -74.38 -65.96 95.18
CA GLU QE 103 -74.39 -66.31 96.59
C GLU QE 103 -73.32 -67.36 96.91
N ALA QE 104 -73.11 -68.31 96.00
CA ALA QE 104 -72.01 -69.26 96.16
C ALA QE 104 -70.67 -68.52 96.25
N LEU QE 105 -70.43 -67.61 95.31
CA LEU QE 105 -69.17 -66.86 95.33
C LEU QE 105 -69.02 -66.08 96.63
N SER QE 106 -70.10 -65.45 97.09
CA SER QE 106 -70.05 -64.69 98.32
C SER QE 106 -69.78 -65.58 99.53
N PHE QE 107 -70.41 -66.75 99.58
CA PHE QE 107 -70.25 -67.67 100.70
C PHE QE 107 -68.84 -68.25 100.77
N TYR QE 108 -68.23 -68.53 99.61
CA TYR QE 108 -66.89 -69.12 99.63
C TYR QE 108 -65.93 -68.23 100.38
N LEU QE 109 -65.99 -66.92 100.14
CA LEU QE 109 -65.04 -66.00 100.72
C LEU QE 109 -65.37 -65.73 102.19
N ASN QE 110 -64.32 -65.64 103.00
CA ASN QE 110 -64.47 -65.38 104.43
C ASN QE 110 -63.10 -64.95 104.96
N GLU QE 111 -63.00 -64.84 106.29
CA GLU QE 111 -61.77 -64.31 106.88
C GLU QE 111 -60.56 -65.17 106.52
N ALA QE 112 -60.70 -66.49 106.64
CA ALA QE 112 -59.58 -67.38 106.35
C ALA QE 112 -59.15 -67.26 104.91
N LEU QE 113 -60.10 -67.25 103.97
CA LEU QE 113 -59.74 -67.12 102.57
C LEU QE 113 -59.06 -65.79 102.28
N TYR QE 114 -59.58 -64.70 102.82
CA TYR QE 114 -58.97 -63.40 102.57
C TYR QE 114 -57.55 -63.35 103.11
N GLY QE 115 -57.36 -63.85 104.33
CA GLY QE 115 -56.02 -63.89 104.89
C GLY QE 115 -55.07 -64.74 104.06
N LYS QE 116 -55.52 -65.92 103.64
CA LYS QE 116 -54.65 -66.77 102.83
C LYS QE 116 -54.31 -66.10 101.51
N LEU QE 117 -55.30 -65.53 100.83
CA LEU QE 117 -55.04 -64.82 99.58
C LEU QE 117 -54.01 -63.72 99.80
N ILE QE 118 -54.10 -63.02 100.93
CA ILE QE 118 -53.06 -62.07 101.28
C ILE QE 118 -51.73 -62.79 101.47
N GLY QE 119 -51.78 -64.10 101.78
CA GLY QE 119 -50.59 -64.92 101.90
C GLY QE 119 -49.97 -65.37 100.60
N TRP QE 120 -50.54 -65.04 99.44
CA TRP QE 120 -49.97 -65.24 98.11
C TRP QE 120 -49.98 -66.67 97.59
N GLU QE 121 -50.62 -67.62 98.27
CA GLU QE 121 -50.63 -68.98 97.73
C GLU QE 121 -51.51 -69.01 96.48
N SER QE 122 -51.03 -69.68 95.44
CA SER QE 122 -51.78 -69.73 94.19
C SER QE 122 -52.88 -70.78 94.29
N ALA RE 1 -91.11 -35.24 89.17
CA ALA RE 1 -91.50 -35.75 90.53
C ALA RE 1 -92.74 -36.63 90.46
N LEU RE 2 -92.87 -37.42 89.38
CA LEU RE 2 -94.03 -38.28 89.25
C LEU RE 2 -94.06 -39.33 90.35
N GLY RE 3 -92.91 -39.90 90.69
CA GLY RE 3 -92.84 -40.95 91.69
C GLY RE 3 -91.86 -42.02 91.28
N ASP RE 4 -91.48 -42.88 92.22
CA ASP RE 4 -90.52 -43.94 91.93
C ASP RE 4 -91.14 -45.17 91.27
N THR RE 5 -92.47 -45.25 91.20
CA THR RE 5 -93.14 -46.37 90.56
C THR RE 5 -94.22 -45.87 89.60
N LEU RE 6 -94.29 -46.54 88.45
CA LEU RE 6 -95.32 -46.30 87.44
C LEU RE 6 -96.13 -47.58 87.28
N THR RE 7 -97.45 -47.46 87.29
CA THR RE 7 -98.34 -48.61 87.15
C THR RE 7 -98.91 -48.64 85.75
N ILE RE 8 -98.67 -49.74 85.03
CA ILE RE 8 -99.23 -49.98 83.70
C ILE RE 8 -100.30 -51.04 83.86
N THR RE 9 -101.55 -50.68 83.59
CA THR RE 9 -102.69 -51.58 83.72
C THR RE 9 -103.08 -52.06 82.33
N LEU RE 10 -102.59 -53.23 81.95
CA LEU RE 10 -102.93 -53.78 80.64
C LEU RE 10 -104.44 -54.05 80.56
N GLY RE 11 -105.03 -53.69 79.42
CA GLY RE 11 -106.46 -53.77 79.27
C GLY RE 11 -107.20 -52.53 79.73
N GLY RE 12 -106.49 -51.43 79.96
CA GLY RE 12 -107.14 -50.20 80.36
C GLY RE 12 -107.57 -50.25 81.81
N SER RE 13 -108.88 -50.29 82.03
CA SER RE 13 -109.45 -50.45 83.36
C SER RE 13 -109.68 -51.91 83.73
N GLY RE 14 -109.28 -52.84 82.88
CA GLY RE 14 -109.48 -54.26 83.15
C GLY RE 14 -108.67 -54.77 84.32
N GLY RE 15 -107.36 -54.89 84.15
CA GLY RE 15 -106.50 -55.42 85.20
C GLY RE 15 -105.07 -55.64 84.74
N THR RE 16 -104.42 -56.68 85.27
CA THR RE 16 -103.05 -57.02 84.90
C THR RE 16 -102.13 -55.81 85.13
N ALA RE 17 -102.00 -55.44 86.41
CA ALA RE 17 -101.21 -54.28 86.78
C ALA RE 17 -99.73 -54.65 86.91
N LYS RE 18 -98.87 -53.88 86.27
CA LYS RE 18 -97.43 -54.03 86.36
C LYS RE 18 -96.84 -52.81 87.04
N VAL RE 19 -95.88 -53.04 87.95
CA VAL RE 19 -95.31 -51.97 88.76
C VAL RE 19 -93.87 -51.75 88.30
N LEU RE 20 -93.68 -50.75 87.45
CA LEU RE 20 -92.34 -50.36 87.01
C LEU RE 20 -91.62 -49.59 88.11
N ARG RE 21 -90.29 -49.58 88.03
CA ARG RE 21 -89.44 -48.93 89.03
C ARG RE 21 -88.45 -47.99 88.35
N LYS RE 22 -88.09 -46.92 89.03
CA LYS RE 22 -87.16 -45.94 88.47
C LYS RE 22 -85.75 -46.50 88.42
N ILE RE 23 -85.08 -46.29 87.29
CA ILE RE 23 -83.71 -46.77 87.10
C ILE RE 23 -82.77 -45.58 86.96
N ASN RE 24 -83.26 -44.48 86.41
CA ASN RE 24 -82.37 -43.40 85.99
C ASN RE 24 -83.15 -42.10 85.90
N GLN RE 25 -82.40 -40.99 85.95
CA GLN RE 25 -82.97 -39.67 85.73
C GLN RE 25 -81.84 -38.74 85.30
N ASP RE 26 -81.86 -38.31 84.04
CA ASP RE 26 -80.85 -37.40 83.52
C ASP RE 26 -81.46 -36.50 82.46
N GLY RE 27 -81.16 -35.20 82.55
CA GLY RE 27 -81.54 -34.25 81.52
C GLY RE 27 -83.03 -34.11 81.32
N TYR RE 28 -83.77 -33.97 82.41
CA TYR RE 28 -85.22 -33.78 82.35
C TYR RE 28 -85.90 -34.98 81.69
N THR RE 29 -85.33 -36.17 81.92
CA THR RE 29 -85.81 -37.42 81.36
C THR RE 29 -85.81 -38.48 82.45
N SER RE 30 -86.74 -39.42 82.37
CA SER RE 30 -86.84 -40.50 83.35
C SER RE 30 -87.10 -41.82 82.64
N GLU RE 31 -86.67 -42.91 83.26
CA GLU RE 31 -86.80 -44.26 82.71
C GLU RE 31 -87.24 -45.20 83.81
N TYR RE 32 -88.04 -46.21 83.44
CA TYR RE 32 -88.53 -47.21 84.37
C TYR RE 32 -88.44 -48.59 83.72
N TYR RE 33 -88.19 -49.63 84.52
CA TYR RE 33 -87.93 -50.95 83.98
C TYR RE 33 -88.41 -52.03 84.94
N LEU RE 34 -88.85 -53.17 84.38
CA LEU RE 34 -89.29 -54.33 85.14
C LEU RE 34 -89.15 -55.62 84.32
N PRO RE 35 -88.32 -56.58 84.74
CA PRO RE 35 -88.20 -57.83 83.95
C PRO RE 35 -89.13 -58.95 84.41
N GLU RE 36 -89.41 -59.89 83.51
CA GLU RE 36 -90.29 -61.03 83.81
C GLU RE 36 -89.67 -62.31 83.25
N THR RE 37 -90.45 -63.39 83.25
CA THR RE 37 -89.94 -64.67 82.75
C THR RE 37 -89.65 -64.60 81.25
N SER RE 38 -90.59 -64.06 80.47
CA SER RE 38 -90.46 -64.03 79.02
C SER RE 38 -90.58 -62.64 78.42
N SER RE 39 -90.76 -61.59 79.23
CA SER RE 39 -90.90 -60.25 78.68
C SER RE 39 -90.45 -59.23 79.72
N SER RE 40 -90.18 -58.02 79.25
CA SER RE 40 -89.75 -56.90 80.10
C SER RE 40 -90.49 -55.63 79.69
N PHE RE 41 -90.72 -54.76 80.66
CA PHE RE 41 -91.42 -53.50 80.45
C PHE RE 41 -90.49 -52.33 80.72
N ARG RE 42 -90.53 -51.33 79.84
CA ARG RE 42 -89.72 -50.13 79.98
C ARG RE 42 -90.57 -48.92 79.61
N ALA RE 43 -90.44 -47.84 80.38
CA ALA RE 43 -91.20 -46.61 80.14
C ALA RE 43 -90.28 -45.41 80.31
N LYS RE 44 -90.40 -44.46 79.39
CA LYS RE 44 -89.57 -43.25 79.41
C LYS RE 44 -90.45 -42.01 79.31
N VAL RE 45 -90.02 -40.95 79.99
CA VAL RE 45 -90.66 -39.63 79.92
C VAL RE 45 -89.58 -38.62 79.55
N ARG RE 46 -89.85 -37.80 78.54
CA ARG RE 46 -88.87 -36.86 78.04
C ARG RE 46 -89.51 -35.49 77.83
N HIS RE 47 -88.69 -34.44 77.97
CA HIS RE 47 -89.05 -33.07 77.64
C HIS RE 47 -87.95 -32.48 76.78
N THR RE 48 -88.33 -31.52 75.93
CA THR RE 48 -87.40 -30.96 74.98
C THR RE 48 -87.85 -29.56 74.58
N LYS RE 49 -86.90 -28.75 74.11
CA LYS RE 49 -87.16 -27.42 73.59
C LYS RE 49 -86.61 -27.34 72.17
N GLU RE 50 -87.46 -27.01 71.22
CA GLU RE 50 -87.04 -27.03 69.82
C GLU RE 50 -86.00 -25.96 69.54
N SER RE 51 -85.20 -26.19 68.51
CA SER RE 51 -84.22 -25.21 68.08
C SER RE 51 -84.93 -23.92 67.67
N VAL RE 52 -84.31 -22.79 68.00
CA VAL RE 52 -84.93 -21.48 67.85
C VAL RE 52 -84.32 -20.79 66.64
N LYS RE 53 -85.16 -20.38 65.71
CA LYS RE 53 -84.76 -19.53 64.59
C LYS RE 53 -85.14 -18.08 64.86
N PRO RE 54 -84.44 -17.14 64.24
CA PRO RE 54 -84.48 -15.75 64.74
C PRO RE 54 -85.84 -15.11 64.74
N ASN RE 55 -86.71 -15.42 63.76
CA ASN RE 55 -87.93 -14.68 63.54
C ASN RE 55 -89.14 -15.61 63.45
N GLN RE 56 -89.19 -16.59 64.35
CA GLN RE 56 -90.35 -17.48 64.49
C GLN RE 56 -90.65 -17.64 65.96
N VAL RE 57 -91.62 -18.52 66.29
CA VAL RE 57 -92.06 -18.74 67.66
C VAL RE 57 -91.33 -19.93 68.26
N GLN RE 58 -91.16 -19.91 69.58
CA GLN RE 58 -90.53 -21.02 70.30
C GLN RE 58 -91.59 -22.02 70.77
N TYR RE 59 -91.20 -23.29 70.79
CA TYR RE 59 -92.13 -24.39 71.05
C TYR RE 59 -91.49 -25.39 72.01
N GLU RE 60 -92.34 -26.17 72.68
CA GLU RE 60 -91.92 -27.22 73.58
C GLU RE 60 -92.64 -28.52 73.26
N ARG RE 61 -91.97 -29.64 73.50
CA ARG RE 61 -92.50 -30.97 73.23
C ARG RE 61 -92.49 -31.79 74.52
N HIS RE 62 -93.53 -32.60 74.70
CA HIS RE 62 -93.58 -33.60 75.76
C HIS RE 62 -93.88 -34.96 75.17
N ASN RE 63 -93.19 -36.00 75.65
CA ASN RE 63 -93.28 -37.33 75.08
C ASN RE 63 -93.40 -38.37 76.19
N VAL RE 64 -94.20 -39.40 75.94
CA VAL RE 64 -94.33 -40.55 76.84
C VAL RE 64 -94.45 -41.80 76.00
N GLU RE 65 -93.66 -42.84 76.32
CA GLU RE 65 -93.63 -44.07 75.54
C GLU RE 65 -93.70 -45.28 76.46
N PHE RE 66 -94.35 -46.33 75.97
CA PHE RE 66 -94.31 -47.66 76.57
C PHE RE 66 -93.70 -48.64 75.58
N THR RE 67 -92.80 -49.49 76.07
CA THR RE 67 -92.11 -50.49 75.25
C THR RE 67 -92.23 -51.85 75.91
N GLU RE 68 -92.45 -52.87 75.08
CA GLU RE 68 -92.54 -54.25 75.52
C GLU RE 68 -91.59 -55.10 74.70
N THR RE 69 -90.70 -55.82 75.39
CA THR RE 69 -89.67 -56.64 74.76
C THR RE 69 -89.94 -58.11 75.06
N VAL RE 70 -89.96 -58.93 74.01
CA VAL RE 70 -90.22 -60.37 74.13
C VAL RE 70 -88.97 -61.11 73.68
N TYR RE 71 -88.36 -61.88 74.58
CA TYR RE 71 -87.16 -62.61 74.26
C TYR RE 71 -87.42 -63.74 73.28
N ALA RE 72 -86.42 -64.04 72.46
CA ALA RE 72 -86.55 -65.06 71.44
C ALA RE 72 -86.71 -66.44 72.08
N SER RE 73 -87.57 -67.26 71.47
CA SER RE 73 -87.77 -68.64 71.90
C SER RE 73 -87.97 -69.49 70.66
N GLY RE 74 -87.39 -70.69 70.67
CA GLY RE 74 -87.46 -71.54 69.51
C GLY RE 74 -86.83 -70.87 68.31
N SER RE 75 -87.52 -70.94 67.17
CA SER RE 75 -87.02 -70.35 65.93
C SER RE 75 -87.47 -68.91 65.74
N THR RE 76 -88.32 -68.38 66.63
CA THR RE 76 -88.83 -67.02 66.49
C THR RE 76 -87.82 -66.03 67.07
N PRO RE 77 -87.31 -65.09 66.28
CA PRO RE 77 -86.33 -64.13 66.82
C PRO RE 77 -86.99 -63.13 67.74
N GLU RE 78 -86.13 -62.36 68.41
CA GLU RE 78 -86.59 -61.34 69.35
C GLU RE 78 -87.33 -60.23 68.59
N PHE RE 79 -88.41 -59.74 69.18
CA PHE RE 79 -89.18 -58.63 68.61
C PHE RE 79 -89.70 -57.77 69.76
N VAL RE 80 -90.25 -56.60 69.41
CA VAL RE 80 -90.60 -55.58 70.39
C VAL RE 80 -91.99 -55.03 70.07
N ARG RE 81 -92.59 -54.40 71.07
CA ARG RE 81 -93.82 -53.63 70.90
C ARG RE 81 -93.66 -52.28 71.58
N GLN RE 82 -94.29 -51.26 71.00
CA GLN RE 82 -94.07 -49.89 71.41
C GLN RE 82 -95.35 -49.10 71.21
N ALA RE 83 -95.49 -48.00 71.95
CA ALA RE 83 -96.60 -47.07 71.78
C ALA RE 83 -96.28 -45.81 72.55
N TYR RE 84 -96.29 -44.66 71.87
CA TYR RE 84 -95.93 -43.41 72.53
C TYR RE 84 -96.76 -42.26 71.97
N VAL RE 85 -96.88 -41.20 72.77
CA VAL RE 85 -97.62 -40.00 72.42
C VAL RE 85 -96.74 -38.80 72.73
N VAL RE 86 -96.99 -37.70 72.01
CA VAL RE 86 -96.20 -36.48 72.19
C VAL RE 86 -97.11 -35.27 72.04
N ILE RE 87 -96.79 -34.21 72.79
CA ILE RE 87 -97.57 -32.96 72.82
C ILE RE 87 -96.64 -31.82 72.46
N ARG RE 88 -97.05 -30.97 71.52
CA ARG RE 88 -96.26 -29.83 71.08
C ARG RE 88 -97.11 -28.58 71.17
N HIS RE 89 -96.63 -27.56 71.88
CA HIS RE 89 -97.37 -26.33 72.09
C HIS RE 89 -96.40 -25.17 72.23
N LYS RE 90 -96.91 -23.97 71.99
CA LYS RE 90 -96.08 -22.78 71.99
C LYS RE 90 -95.65 -22.41 73.40
N VAL RE 91 -94.41 -21.92 73.52
CA VAL RE 91 -93.92 -21.48 74.83
C VAL RE 91 -94.75 -20.32 75.32
N GLY RE 92 -95.13 -20.38 76.59
CA GLY RE 92 -95.95 -19.34 77.18
C GLY RE 92 -97.44 -19.46 76.89
N ASP RE 93 -97.87 -20.51 76.20
CA ASP RE 93 -99.28 -20.69 75.90
C ASP RE 93 -100.06 -20.92 77.20
N VAL RE 94 -101.38 -20.93 77.08
CA VAL RE 94 -102.26 -21.18 78.22
C VAL RE 94 -102.28 -22.68 78.50
N SER RE 95 -101.92 -23.06 79.72
CA SER RE 95 -101.79 -24.48 80.05
C SER RE 95 -103.12 -25.20 79.95
N ALA RE 96 -104.20 -24.55 80.37
CA ALA RE 96 -105.49 -25.23 80.43
C ALA RE 96 -105.94 -25.68 79.04
N THR RE 97 -105.74 -24.85 78.02
CA THR RE 97 -106.19 -25.22 76.68
C THR RE 97 -105.34 -26.34 76.10
N VAL RE 98 -104.02 -26.28 76.27
CA VAL RE 98 -103.19 -27.32 75.68
C VAL RE 98 -103.44 -28.65 76.40
N SER RE 99 -103.76 -28.62 77.70
CA SER RE 99 -104.21 -29.84 78.36
C SER RE 99 -105.60 -30.26 77.88
N ASP RE 100 -106.45 -29.29 77.54
CA ASP RE 100 -107.78 -29.62 77.01
C ASP RE 100 -107.65 -30.39 75.71
N LEU RE 101 -106.73 -29.97 74.85
CA LEU RE 101 -106.32 -30.81 73.73
C LEU RE 101 -105.46 -31.96 74.24
N GLY RE 102 -105.48 -33.07 73.52
CA GLY RE 102 -104.79 -34.28 73.98
C GLY RE 102 -105.69 -35.17 74.80
N GLU RE 103 -106.42 -34.58 75.76
CA GLU RE 103 -107.47 -35.34 76.41
C GLU RE 103 -108.51 -35.79 75.40
N ALA RE 104 -108.67 -35.03 74.32
CA ALA RE 104 -109.53 -35.47 73.22
C ALA RE 104 -109.01 -36.76 72.60
N LEU RE 105 -107.69 -36.85 72.37
CA LEU RE 105 -107.12 -38.10 71.91
C LEU RE 105 -107.40 -39.22 72.91
N SER RE 106 -107.25 -38.91 74.20
CA SER RE 106 -107.47 -39.93 75.23
C SER RE 106 -108.89 -40.49 75.15
N PHE RE 107 -109.88 -39.61 74.99
CA PHE RE 107 -111.26 -40.07 74.86
C PHE RE 107 -111.47 -40.84 73.55
N TYR RE 108 -110.88 -40.36 72.46
CA TYR RE 108 -111.15 -40.93 71.14
C TYR RE 108 -110.53 -42.30 70.94
N LEU RE 109 -109.45 -42.60 71.66
CA LEU RE 109 -108.75 -43.88 71.50
C LEU RE 109 -109.34 -44.90 72.47
N ASN RE 110 -109.79 -46.04 71.93
CA ASN RE 110 -110.38 -47.10 72.74
C ASN RE 110 -110.24 -48.42 72.00
N GLU RE 111 -110.99 -49.43 72.44
CA GLU RE 111 -110.93 -50.78 71.89
C GLU RE 111 -111.21 -50.80 70.39
N ALA RE 112 -112.41 -50.34 70.01
CA ALA RE 112 -112.84 -50.48 68.63
C ALA RE 112 -111.93 -49.70 67.69
N LEU RE 113 -111.49 -48.52 68.09
CA LEU RE 113 -110.64 -47.72 67.21
C LEU RE 113 -109.27 -48.36 67.04
N TYR RE 114 -108.71 -48.93 68.12
CA TYR RE 114 -107.45 -49.63 67.98
C TYR RE 114 -107.60 -50.84 67.06
N GLY RE 115 -108.69 -51.59 67.20
CA GLY RE 115 -108.95 -52.69 66.29
C GLY RE 115 -109.03 -52.23 64.85
N LYS RE 116 -109.68 -51.09 64.61
CA LYS RE 116 -109.73 -50.54 63.26
C LYS RE 116 -108.35 -50.17 62.75
N LEU RE 117 -107.53 -49.53 63.59
CA LEU RE 117 -106.21 -49.13 63.14
C LEU RE 117 -105.37 -50.34 62.74
N ILE RE 118 -105.41 -51.41 63.53
CA ILE RE 118 -104.66 -52.60 63.15
C ILE RE 118 -105.13 -53.11 61.79
N GLY RE 119 -106.40 -52.86 61.46
CA GLY RE 119 -106.94 -53.29 60.19
C GLY RE 119 -106.53 -52.46 58.99
N TRP RE 120 -105.71 -51.43 59.19
CA TRP RE 120 -105.25 -50.49 58.17
C TRP RE 120 -106.37 -49.61 57.65
N GLU RE 121 -107.57 -49.70 58.22
CA GLU RE 121 -108.64 -48.78 57.84
C GLU RE 121 -108.26 -47.36 58.19
N SER RE 122 -108.57 -46.43 57.28
CA SER RE 122 -108.24 -45.02 57.47
C SER RE 122 -109.27 -44.14 56.79
N ALA SE 1 -81.34 -36.25 97.64
CA ALA SE 1 -81.74 -36.91 98.93
C ALA SE 1 -82.48 -35.93 99.83
N LEU SE 2 -82.57 -34.66 99.42
CA LEU SE 2 -83.29 -33.68 100.22
C LEU SE 2 -84.76 -34.04 100.33
N GLY SE 3 -85.36 -34.51 99.23
CA GLY SE 3 -86.77 -34.84 99.23
C GLY SE 3 -87.48 -34.33 97.99
N ASP SE 4 -88.61 -34.95 97.66
CA ASP SE 4 -89.31 -34.64 96.41
C ASP SE 4 -89.98 -33.28 96.44
N THR SE 5 -90.22 -32.71 97.62
CA THR SE 5 -90.83 -31.40 97.74
C THR SE 5 -89.97 -30.50 98.62
N LEU SE 6 -89.74 -29.27 98.15
CA LEU SE 6 -89.05 -28.24 98.92
C LEU SE 6 -90.03 -27.10 99.17
N THR SE 7 -90.12 -26.67 100.41
CA THR SE 7 -91.14 -25.71 100.84
C THR SE 7 -90.50 -24.34 101.06
N ILE SE 8 -91.08 -23.32 100.44
CA ILE SE 8 -90.68 -21.93 100.63
C ILE SE 8 -91.82 -21.21 101.32
N THR SE 9 -91.52 -20.59 102.46
CA THR SE 9 -92.52 -19.87 103.26
C THR SE 9 -92.19 -18.38 103.17
N LEU SE 10 -92.75 -17.72 102.16
CA LEU SE 10 -92.48 -16.31 101.98
C LEU SE 10 -92.96 -15.52 103.19
N GLY SE 11 -92.21 -14.49 103.54
CA GLY SE 11 -92.54 -13.67 104.68
C GLY SE 11 -92.11 -14.23 106.03
N GLY SE 12 -91.17 -15.15 106.05
CA GLY SE 12 -90.70 -15.69 107.31
C GLY SE 12 -91.67 -16.69 107.90
N SER SE 13 -91.44 -17.01 109.17
CA SER SE 13 -92.29 -17.97 109.87
C SER SE 13 -93.73 -17.46 109.92
N GLY SE 14 -94.67 -18.36 109.63
CA GLY SE 14 -96.07 -18.03 109.68
C GLY SE 14 -96.65 -17.41 108.43
N GLY SE 15 -95.90 -17.38 107.33
CA GLY SE 15 -96.35 -16.73 106.10
C GLY SE 15 -97.06 -17.67 105.14
N THR SE 16 -96.97 -17.34 103.86
CA THR SE 16 -97.55 -18.15 102.80
C THR SE 16 -96.55 -19.22 102.36
N ALA SE 17 -97.06 -20.45 102.18
CA ALA SE 17 -96.23 -21.59 101.85
C ALA SE 17 -96.38 -21.97 100.38
N LYS SE 18 -95.25 -22.19 99.72
CA LYS SE 18 -95.21 -22.72 98.36
C LYS SE 18 -94.44 -24.04 98.37
N VAL SE 19 -94.84 -24.95 97.49
CA VAL SE 19 -94.23 -26.27 97.39
C VAL SE 19 -93.59 -26.40 96.02
N LEU SE 20 -92.29 -26.69 95.99
CA LEU SE 20 -91.54 -26.86 94.75
C LEU SE 20 -91.16 -28.32 94.57
N ARG SE 21 -91.23 -28.77 93.31
CA ARG SE 21 -91.04 -30.16 92.94
C ARG SE 21 -89.65 -30.33 92.33
N LYS SE 22 -88.96 -31.41 92.69
CA LYS SE 22 -87.67 -31.65 92.03
C LYS SE 22 -87.90 -31.82 90.54
N ILE SE 23 -87.01 -31.24 89.74
CA ILE SE 23 -87.10 -31.30 88.29
C ILE SE 23 -85.91 -32.04 87.69
N ASN SE 24 -84.70 -31.75 88.16
CA ASN SE 24 -83.52 -32.41 87.60
C ASN SE 24 -82.37 -32.30 88.58
N GLN SE 25 -81.44 -33.24 88.48
CA GLN SE 25 -80.22 -33.22 89.28
C GLN SE 25 -79.23 -34.18 88.65
N ASP SE 26 -78.18 -33.64 88.02
CA ASP SE 26 -77.21 -34.47 87.31
C ASP SE 26 -75.79 -34.33 87.85
N GLY SE 27 -75.24 -33.12 87.86
CA GLY SE 27 -73.84 -32.94 88.21
C GLY SE 27 -73.59 -32.51 89.63
N TYR SE 28 -73.96 -33.35 90.60
CA TYR SE 28 -73.89 -32.99 92.01
C TYR SE 28 -74.73 -31.76 92.33
N THR SE 29 -75.68 -31.42 91.46
CA THR SE 29 -76.54 -30.24 91.63
C THR SE 29 -77.99 -30.66 91.48
N SER SE 30 -78.86 -29.99 92.23
CA SER SE 30 -80.30 -30.25 92.16
C SER SE 30 -81.03 -28.92 92.10
N GLU SE 31 -82.20 -28.94 91.47
CA GLU SE 31 -82.99 -27.73 91.33
C GLU SE 31 -84.47 -28.08 91.29
N TYR SE 32 -85.30 -27.11 91.64
CA TYR SE 32 -86.74 -27.28 91.79
C TYR SE 32 -87.45 -26.30 90.86
N TYR SE 33 -88.79 -26.28 90.95
CA TYR SE 33 -89.55 -25.46 90.02
C TYR SE 33 -91.03 -25.49 90.39
N LEU SE 34 -91.70 -24.35 90.22
CA LEU SE 34 -93.14 -24.22 90.51
C LEU SE 34 -93.71 -23.07 89.70
N PRO SE 35 -94.53 -23.36 88.67
CA PRO SE 35 -95.17 -22.29 87.91
C PRO SE 35 -96.47 -21.80 88.52
N GLU SE 36 -96.81 -20.55 88.20
CA GLU SE 36 -98.07 -19.93 88.59
C GLU SE 36 -98.51 -19.01 87.46
N THR SE 37 -99.64 -18.31 87.68
CA THR SE 37 -100.20 -17.47 86.63
C THR SE 37 -99.37 -16.21 86.41
N SER SE 38 -98.98 -15.52 87.48
CA SER SE 38 -98.28 -14.24 87.35
C SER SE 38 -96.79 -14.33 87.66
N SER SE 39 -96.29 -15.45 88.16
CA SER SE 39 -94.88 -15.57 88.48
C SER SE 39 -94.52 -17.04 88.61
N SER SE 40 -93.22 -17.29 88.81
CA SER SE 40 -92.70 -18.64 88.93
C SER SE 40 -91.68 -18.69 90.06
N PHE SE 41 -91.45 -19.88 90.58
CA PHE SE 41 -90.49 -20.12 91.64
C PHE SE 41 -89.48 -21.17 91.18
N ARG SE 42 -88.22 -21.00 91.61
CA ARG SE 42 -87.18 -21.94 91.25
C ARG SE 42 -86.09 -21.90 92.31
N ALA SE 43 -85.54 -23.06 92.64
CA ALA SE 43 -84.45 -23.18 93.61
C ALA SE 43 -83.37 -24.10 93.04
N LYS SE 44 -82.11 -23.81 93.37
CA LYS SE 44 -80.99 -24.61 92.91
C LYS SE 44 -80.03 -24.82 94.07
N VAL SE 45 -79.34 -25.97 94.04
CA VAL SE 45 -78.34 -26.32 95.04
C VAL SE 45 -77.11 -26.83 94.30
N ARG SE 46 -75.92 -26.37 94.70
CA ARG SE 46 -74.68 -26.77 94.05
C ARG SE 46 -73.62 -27.11 95.08
N HIS SE 47 -72.81 -28.11 94.76
CA HIS SE 47 -71.63 -28.50 95.52
C HIS SE 47 -70.44 -28.54 94.57
N THR SE 48 -69.29 -28.04 95.01
CA THR SE 48 -68.11 -28.05 94.16
C THR SE 48 -66.83 -28.03 95.00
N LYS SE 49 -65.76 -28.55 94.41
CA LYS SE 49 -64.45 -28.64 95.04
C LYS SE 49 -63.49 -27.73 94.28
N GLU SE 50 -62.84 -26.81 95.00
CA GLU SE 50 -62.02 -25.80 94.35
C GLU SE 50 -60.76 -26.43 93.74
N SER SE 51 -60.12 -25.66 92.86
CA SER SE 51 -58.97 -26.15 92.10
C SER SE 51 -57.81 -26.50 93.03
N VAL SE 52 -57.09 -27.55 92.67
CA VAL SE 52 -55.95 -28.02 93.45
C VAL SE 52 -54.75 -27.12 93.20
N LYS SE 53 -53.99 -26.86 94.24
CA LYS SE 53 -52.72 -26.15 94.12
C LYS SE 53 -51.62 -26.99 94.76
N PRO SE 54 -50.37 -26.81 94.31
CA PRO SE 54 -49.33 -27.80 94.66
C PRO SE 54 -49.12 -28.00 96.16
N ASN SE 55 -49.16 -26.95 96.98
CA ASN SE 55 -48.86 -27.09 98.40
C ASN SE 55 -49.94 -26.55 99.34
N GLN SE 56 -50.64 -25.47 98.99
CA GLN SE 56 -51.54 -24.85 99.95
C GLN SE 56 -52.73 -25.76 100.21
N VAL SE 57 -53.67 -25.28 101.04
CA VAL SE 57 -54.75 -26.11 101.55
C VAL SE 57 -55.79 -26.36 100.45
N GLN SE 58 -56.60 -27.40 100.68
CA GLN SE 58 -57.73 -27.74 99.83
C GLN SE 58 -59.02 -27.25 100.46
N TYR SE 59 -59.87 -26.61 99.66
CA TYR SE 59 -61.12 -26.03 100.12
C TYR SE 59 -62.29 -26.55 99.29
N GLU SE 60 -63.49 -26.51 99.86
CA GLU SE 60 -64.71 -26.87 99.15
C GLU SE 60 -65.81 -25.87 99.48
N ARG SE 61 -66.74 -25.71 98.53
CA ARG SE 61 -67.71 -24.62 98.55
C ARG SE 61 -69.12 -25.18 98.37
N HIS SE 62 -70.06 -24.64 99.14
CA HIS SE 62 -71.45 -25.09 99.13
C HIS SE 62 -72.36 -23.88 98.92
N ASN SE 63 -73.46 -24.10 98.20
CA ASN SE 63 -74.28 -23.00 97.70
C ASN SE 63 -75.75 -23.41 97.67
N VAL SE 64 -76.64 -22.44 97.86
CA VAL SE 64 -78.08 -22.64 97.71
C VAL SE 64 -78.70 -21.37 97.16
N GLU SE 65 -79.68 -21.53 96.26
CA GLU SE 65 -80.22 -20.45 95.44
C GLU SE 65 -81.73 -20.37 95.56
N PHE SE 66 -82.25 -19.14 95.72
CA PHE SE 66 -83.67 -18.83 95.53
C PHE SE 66 -83.79 -17.72 94.49
N THR SE 67 -84.70 -17.90 93.53
CA THR SE 67 -84.96 -16.90 92.50
C THR SE 67 -86.47 -16.82 92.26
N GLU SE 68 -86.90 -15.65 91.79
CA GLU SE 68 -88.30 -15.39 91.53
C GLU SE 68 -88.42 -14.62 90.23
N THR SE 69 -89.30 -15.07 89.34
CA THR SE 69 -89.45 -14.48 88.01
C THR SE 69 -90.87 -13.97 87.85
N VAL SE 70 -91.01 -12.74 87.35
CA VAL SE 70 -92.29 -12.10 87.13
C VAL SE 70 -92.41 -11.82 85.64
N TYR SE 71 -93.40 -12.43 84.99
CA TYR SE 71 -93.57 -12.27 83.55
C TYR SE 71 -93.94 -10.83 83.21
N ALA SE 72 -93.58 -10.44 81.99
CA ALA SE 72 -93.88 -9.08 81.51
C ALA SE 72 -95.39 -8.87 81.48
N SER SE 73 -95.82 -7.70 81.95
CA SER SE 73 -97.23 -7.31 81.97
C SER SE 73 -97.35 -5.97 81.23
N GLY SE 74 -97.58 -6.04 79.92
CA GLY SE 74 -97.67 -4.84 79.10
C GLY SE 74 -96.36 -4.10 79.00
N SER SE 75 -96.35 -2.82 79.41
CA SER SE 75 -95.15 -2.01 79.28
C SER SE 75 -94.01 -2.56 80.13
N THR SE 76 -94.31 -2.98 81.35
CA THR SE 76 -93.29 -3.46 82.26
C THR SE 76 -92.68 -4.75 81.73
N PRO SE 77 -91.35 -4.83 81.56
CA PRO SE 77 -90.76 -6.06 81.01
C PRO SE 77 -90.44 -7.10 82.07
N GLU SE 78 -89.79 -8.18 81.62
CA GLU SE 78 -89.38 -9.26 82.53
C GLU SE 78 -88.36 -8.77 83.55
N PHE SE 79 -88.51 -9.22 84.79
CA PHE SE 79 -87.52 -8.93 85.82
C PHE SE 79 -87.58 -10.02 86.88
N VAL SE 80 -86.45 -10.19 87.57
CA VAL SE 80 -86.22 -11.35 88.42
C VAL SE 80 -85.77 -10.88 89.80
N ARG SE 81 -85.96 -11.75 90.79
CA ARG SE 81 -85.43 -11.54 92.14
C ARG SE 81 -84.66 -12.78 92.58
N GLN SE 82 -83.59 -12.58 93.34
CA GLN SE 82 -82.67 -13.65 93.70
C GLN SE 82 -82.16 -13.43 95.12
N ALA SE 83 -81.69 -14.51 95.73
CA ALA SE 83 -81.07 -14.45 97.06
C ALA SE 83 -80.40 -15.79 97.34
N TYR SE 84 -79.12 -15.76 97.69
CA TYR SE 84 -78.36 -17.00 97.84
C TYR SE 84 -77.25 -16.82 98.86
N VAL SE 85 -76.74 -17.95 99.36
CA VAL SE 85 -75.63 -17.97 100.30
C VAL SE 85 -74.66 -19.08 99.87
N VAL SE 86 -73.43 -19.00 100.40
CA VAL SE 86 -72.45 -20.07 100.21
C VAL SE 86 -71.72 -20.36 101.51
N ILE SE 87 -71.12 -21.54 101.58
CA ILE SE 87 -70.33 -22.01 102.72
C ILE SE 87 -68.99 -22.48 102.20
N ARG SE 88 -67.90 -22.05 102.86
CA ARG SE 88 -66.55 -22.40 102.43
C ARG SE 88 -65.75 -22.89 103.62
N HIS SE 89 -65.12 -24.06 103.49
CA HIS SE 89 -64.26 -24.62 104.53
C HIS SE 89 -63.31 -25.61 103.88
N LYS SE 90 -62.29 -26.01 104.65
CA LYS SE 90 -61.28 -26.92 104.13
C LYS SE 90 -61.78 -28.36 104.15
N VAL SE 91 -61.13 -29.21 103.36
CA VAL SE 91 -61.43 -30.63 103.37
C VAL SE 91 -61.02 -31.22 104.71
N GLY SE 92 -61.94 -31.97 105.33
CA GLY SE 92 -61.65 -32.65 106.58
C GLY SE 92 -61.87 -31.83 107.83
N ASP SE 93 -62.49 -30.66 107.75
CA ASP SE 93 -62.74 -29.87 108.93
C ASP SE 93 -63.84 -30.51 109.77
N VAL SE 94 -64.08 -29.94 110.95
CA VAL SE 94 -65.09 -30.45 111.87
C VAL SE 94 -66.45 -29.88 111.47
N SER SE 95 -67.42 -30.76 111.26
CA SER SE 95 -68.69 -30.36 110.65
C SER SE 95 -69.47 -29.38 111.54
N ALA SE 96 -69.63 -29.72 112.82
CA ALA SE 96 -70.50 -28.95 113.70
C ALA SE 96 -69.97 -27.53 113.88
N THR SE 97 -68.65 -27.38 114.02
CA THR SE 97 -68.07 -26.05 114.17
C THR SE 97 -68.37 -25.19 112.95
N VAL SE 98 -68.25 -25.77 111.75
CA VAL SE 98 -68.56 -25.04 110.54
C VAL SE 98 -70.03 -24.64 110.53
N SER SE 99 -70.92 -25.57 110.91
CA SER SE 99 -72.34 -25.28 110.91
C SER SE 99 -72.67 -24.16 111.89
N ASP SE 100 -71.87 -24.01 112.95
CA ASP SE 100 -72.15 -22.97 113.94
C ASP SE 100 -72.07 -21.58 113.31
N LEU SE 101 -71.06 -21.34 112.47
CA LEU SE 101 -70.93 -20.05 111.81
C LEU SE 101 -72.14 -19.76 110.93
N GLY SE 102 -72.57 -20.73 110.13
CA GLY SE 102 -73.74 -20.53 109.29
C GLY SE 102 -75.00 -20.30 110.09
N GLU SE 103 -75.14 -21.01 111.21
CA GLU SE 103 -76.29 -20.80 112.09
C GLU SE 103 -76.29 -19.38 112.63
N ALA SE 104 -75.12 -18.88 113.03
CA ALA SE 104 -75.04 -17.50 113.48
C ALA SE 104 -75.42 -16.52 112.38
N LEU SE 105 -74.94 -16.76 111.16
CA LEU SE 105 -75.30 -15.91 110.04
C LEU SE 105 -76.81 -15.89 109.82
N SER SE 106 -77.43 -17.07 109.88
CA SER SE 106 -78.88 -17.15 109.71
C SER SE 106 -79.60 -16.39 110.82
N PHE SE 107 -79.13 -16.53 112.06
CA PHE SE 107 -79.77 -15.82 113.17
C PHE SE 107 -79.66 -14.32 113.02
N TYR SE 108 -78.51 -13.84 112.52
CA TYR SE 108 -78.32 -12.40 112.36
C TYR SE 108 -79.34 -11.80 111.39
N LEU SE 109 -79.54 -12.47 110.25
CA LEU SE 109 -80.44 -11.94 109.23
C LEU SE 109 -81.88 -12.05 109.72
N ASN SE 110 -82.57 -10.90 109.83
CA ASN SE 110 -83.95 -10.89 110.27
C ASN SE 110 -84.62 -9.63 109.70
N GLU SE 111 -85.86 -9.38 110.13
CA GLU SE 111 -86.70 -8.36 109.52
C GLU SE 111 -86.01 -7.00 109.51
N ALA SE 112 -85.62 -6.52 110.68
CA ALA SE 112 -85.02 -5.19 110.77
C ALA SE 112 -83.73 -5.11 109.98
N LEU SE 113 -82.90 -6.17 110.04
CA LEU SE 113 -81.61 -6.10 109.37
C LEU SE 113 -81.78 -6.03 107.86
N TYR SE 114 -82.68 -6.84 107.29
CA TYR SE 114 -82.97 -6.70 105.86
C TYR SE 114 -83.54 -5.32 105.55
N GLY SE 115 -84.44 -4.82 106.38
CA GLY SE 115 -85.01 -3.51 106.12
C GLY SE 115 -83.93 -2.44 106.02
N LYS SE 116 -82.95 -2.50 106.93
CA LYS SE 116 -81.82 -1.58 106.86
C LYS SE 116 -80.98 -1.83 105.61
N LEU SE 117 -80.67 -3.10 105.33
CA LEU SE 117 -79.73 -3.39 104.24
C LEU SE 117 -80.26 -2.90 102.91
N ILE SE 118 -81.54 -3.17 102.62
CA ILE SE 118 -82.09 -2.75 101.33
C ILE SE 118 -82.13 -1.23 101.23
N GLY SE 119 -82.13 -0.53 102.36
CA GLY SE 119 -82.10 0.92 102.34
C GLY SE 119 -80.72 1.52 102.18
N TRP SE 120 -79.78 0.74 101.64
CA TRP SE 120 -78.42 1.22 101.36
C TRP SE 120 -77.69 1.63 102.63
N GLU SE 121 -78.12 1.09 103.77
CA GLU SE 121 -77.43 1.37 105.02
C GLU SE 121 -76.16 0.52 105.11
N SER SE 122 -75.11 1.13 105.66
CA SER SE 122 -73.80 0.47 105.68
C SER SE 122 -72.92 1.01 106.79
N ALA TE 1 -113.75 -46.46 54.84
CA ALA TE 1 -113.71 -47.16 56.15
C ALA TE 1 -113.59 -46.15 57.29
N LEU TE 2 -113.50 -46.66 58.52
CA LEU TE 2 -113.35 -45.83 59.71
C LEU TE 2 -114.57 -44.93 59.90
N GLY TE 3 -114.83 -44.04 58.94
CA GLY TE 3 -116.00 -43.18 59.01
C GLY TE 3 -115.88 -41.94 58.15
N ASP TE 4 -117.00 -41.46 57.64
CA ASP TE 4 -116.97 -40.26 56.79
C ASP TE 4 -116.57 -39.04 57.61
N THR TE 5 -117.05 -38.95 58.86
CA THR TE 5 -116.79 -37.81 59.72
C THR TE 5 -116.11 -38.27 61.00
N LEU TE 6 -115.36 -37.35 61.61
CA LEU TE 6 -114.58 -37.62 62.81
C LEU TE 6 -114.93 -36.56 63.84
N THR TE 7 -115.23 -37.00 65.06
CA THR TE 7 -115.70 -36.12 66.12
C THR TE 7 -114.59 -35.91 67.14
N ILE TE 8 -114.31 -34.65 67.44
CA ILE TE 8 -113.31 -34.27 68.43
C ILE TE 8 -114.05 -33.54 69.55
N THR TE 9 -113.93 -34.06 70.77
CA THR TE 9 -114.61 -33.49 71.94
C THR TE 9 -113.56 -32.91 72.88
N LEU TE 10 -113.25 -31.63 72.69
CA LEU TE 10 -112.31 -30.97 73.60
C LEU TE 10 -112.89 -30.97 75.01
N GLY TE 11 -112.03 -31.28 75.97
CA GLY TE 11 -112.47 -31.45 77.35
C GLY TE 11 -112.90 -32.85 77.71
N GLY TE 12 -112.65 -33.84 76.84
CA GLY TE 12 -112.99 -35.20 77.19
C GLY TE 12 -114.49 -35.41 77.26
N SER TE 13 -114.90 -36.32 78.13
CA SER TE 13 -116.33 -36.58 78.34
C SER TE 13 -117.04 -35.29 78.76
N GLY TE 14 -118.18 -35.04 78.12
CA GLY TE 14 -119.00 -33.89 78.47
C GLY TE 14 -118.51 -32.56 77.93
N GLY TE 15 -117.60 -32.55 76.98
CA GLY TE 15 -117.03 -31.32 76.47
C GLY TE 15 -117.81 -30.74 75.31
N THR TE 16 -117.11 -29.91 74.53
CA THR TE 16 -117.65 -29.33 73.30
C THR TE 16 -117.26 -30.21 72.13
N ALA TE 17 -118.24 -30.57 71.31
CA ALA TE 17 -118.04 -31.49 70.20
C ALA TE 17 -117.89 -30.70 68.89
N LYS TE 18 -116.82 -30.99 68.15
CA LYS TE 18 -116.62 -30.46 66.81
C LYS TE 18 -116.51 -31.61 65.83
N VAL TE 19 -117.19 -31.49 64.69
CA VAL TE 19 -117.27 -32.55 63.69
C VAL TE 19 -116.42 -32.15 62.49
N LEU TE 20 -115.37 -32.91 62.23
CA LEU TE 20 -114.59 -32.75 61.01
C LEU TE 20 -115.14 -33.67 59.93
N ARG TE 21 -114.75 -33.41 58.68
CA ARG TE 21 -115.28 -34.12 57.53
C ARG TE 21 -114.15 -34.47 56.57
N LYS TE 22 -114.32 -35.58 55.87
CA LYS TE 22 -113.24 -36.11 55.05
C LYS TE 22 -112.98 -35.22 53.83
N ILE TE 23 -111.70 -35.02 53.53
CA ILE TE 23 -111.27 -34.20 52.40
C ILE TE 23 -110.66 -35.06 51.31
N ASN TE 24 -109.58 -35.78 51.63
CA ASN TE 24 -108.77 -36.46 50.63
C ASN TE 24 -108.23 -37.75 51.25
N GLN TE 25 -108.02 -38.76 50.40
CA GLN TE 25 -107.42 -40.02 50.83
C GLN TE 25 -106.34 -40.38 49.81
N ASP TE 26 -105.08 -40.17 50.17
CA ASP TE 26 -103.95 -40.52 49.30
C ASP TE 26 -102.90 -41.28 50.09
N GLY TE 27 -102.26 -42.23 49.43
CA GLY TE 27 -101.10 -42.88 49.99
C GLY TE 27 -101.33 -43.49 51.35
N TYR TE 28 -102.46 -44.19 51.51
CA TYR TE 28 -102.76 -44.88 52.76
C TYR TE 28 -102.89 -43.89 53.92
N THR TE 29 -103.35 -42.67 53.60
CA THR TE 29 -103.56 -41.62 54.59
C THR TE 29 -104.95 -41.04 54.40
N SER TE 30 -105.42 -40.28 55.40
CA SER TE 30 -106.71 -39.63 55.34
C SER TE 30 -106.62 -38.25 55.97
N GLU TE 31 -107.54 -37.37 55.59
CA GLU TE 31 -107.53 -35.97 56.01
C GLU TE 31 -108.94 -35.56 56.41
N TYR TE 32 -109.05 -34.85 57.53
CA TYR TE 32 -110.31 -34.34 58.04
C TYR TE 32 -110.15 -32.86 58.35
N TYR TE 33 -111.16 -32.06 58.05
CA TYR TE 33 -111.02 -30.60 58.12
C TYR TE 33 -112.35 -29.96 58.51
N LEU TE 34 -112.26 -28.84 59.25
CA LEU TE 34 -113.41 -28.06 59.70
C LEU TE 34 -113.03 -26.61 59.97
N PRO TE 35 -113.50 -25.64 59.17
CA PRO TE 35 -113.08 -24.26 59.37
C PRO TE 35 -113.92 -23.47 60.38
N GLU TE 36 -113.26 -22.51 61.01
CA GLU TE 36 -113.88 -21.57 61.95
C GLU TE 36 -113.57 -20.15 61.51
N THR TE 37 -114.06 -19.18 62.28
CA THR TE 37 -113.73 -17.79 62.01
C THR TE 37 -112.26 -17.48 62.27
N SER TE 38 -111.71 -18.02 63.37
CA SER TE 38 -110.34 -17.70 63.77
C SER TE 38 -109.48 -18.94 63.98
N SER TE 39 -109.98 -20.13 63.66
CA SER TE 39 -109.23 -21.36 63.87
C SER TE 39 -109.72 -22.40 62.88
N SER TE 40 -108.95 -23.49 62.80
CA SER TE 40 -109.29 -24.61 61.92
C SER TE 40 -108.83 -25.90 62.57
N PHE TE 41 -109.60 -26.97 62.37
CA PHE TE 41 -109.33 -28.27 62.95
C PHE TE 41 -108.99 -29.26 61.84
N ARG TE 42 -107.87 -29.97 62.00
CA ARG TE 42 -107.42 -30.97 61.04
C ARG TE 42 -107.07 -32.26 61.78
N ALA TE 43 -107.38 -33.39 61.15
CA ALA TE 43 -107.01 -34.70 61.66
C ALA TE 43 -106.49 -35.55 60.51
N LYS TE 44 -105.37 -36.21 60.73
CA LYS TE 44 -104.69 -37.01 59.71
C LYS TE 44 -104.40 -38.39 60.27
N VAL TE 45 -104.47 -39.41 59.40
CA VAL TE 45 -104.17 -40.80 59.76
C VAL TE 45 -103.20 -41.34 58.72
N ARG TE 46 -102.16 -42.04 59.19
CA ARG TE 46 -101.16 -42.62 58.31
C ARG TE 46 -100.86 -44.06 58.68
N HIS TE 47 -100.61 -44.88 57.66
CA HIS TE 47 -100.09 -46.24 57.81
C HIS TE 47 -98.84 -46.40 56.95
N THR TE 48 -97.77 -46.91 57.54
CA THR TE 48 -96.52 -47.16 56.83
C THR TE 48 -95.94 -48.50 57.22
N LYS TE 49 -95.08 -49.02 56.34
CA LYS TE 49 -94.42 -50.31 56.52
C LYS TE 49 -92.95 -50.15 56.12
N GLU TE 50 -92.04 -50.45 57.06
CA GLU TE 50 -90.62 -50.32 56.77
C GLU TE 50 -90.18 -51.36 55.75
N SER TE 51 -89.14 -51.02 54.99
CA SER TE 51 -88.71 -51.86 53.88
C SER TE 51 -88.16 -53.20 54.38
N VAL TE 52 -88.31 -54.22 53.53
CA VAL TE 52 -87.81 -55.54 53.86
C VAL TE 52 -86.28 -55.53 53.92
N LYS TE 53 -85.74 -56.28 54.87
CA LYS TE 53 -84.31 -56.37 55.11
C LYS TE 53 -83.91 -57.83 55.20
N PRO TE 54 -82.65 -58.17 54.91
CA PRO TE 54 -82.29 -59.58 54.75
C PRO TE 54 -82.59 -60.46 55.95
N ASN TE 55 -82.01 -60.19 57.11
CA ASN TE 55 -82.17 -61.03 58.30
C ASN TE 55 -82.59 -60.12 59.45
N GLN TE 56 -83.88 -59.77 59.47
CA GLN TE 56 -84.43 -58.85 60.46
C GLN TE 56 -85.93 -59.09 60.53
N VAL TE 57 -86.63 -58.25 61.29
CA VAL TE 57 -88.07 -58.36 61.48
C VAL TE 57 -88.72 -57.11 60.90
N GLN TE 58 -89.71 -57.31 60.04
CA GLN TE 58 -90.43 -56.19 59.43
C GLN TE 58 -91.56 -55.71 60.35
N TYR TE 59 -91.83 -54.41 60.30
CA TYR TE 59 -92.68 -53.75 61.28
C TYR TE 59 -93.77 -52.95 60.58
N GLU TE 60 -94.80 -52.59 61.35
CA GLU TE 60 -95.86 -51.71 60.88
C GLU TE 60 -96.06 -50.57 61.88
N ARG TE 61 -96.37 -49.40 61.34
CA ARG TE 61 -96.50 -48.17 62.11
C ARG TE 61 -97.84 -47.52 61.80
N HIS TE 62 -98.58 -47.13 62.83
CA HIS TE 62 -99.84 -46.40 62.68
C HIS TE 62 -99.76 -45.10 63.48
N ASN TE 63 -100.18 -44.00 62.86
CA ASN TE 63 -100.07 -42.66 63.41
C ASN TE 63 -101.41 -41.95 63.35
N VAL TE 64 -101.73 -41.16 64.37
CA VAL TE 64 -102.94 -40.36 64.42
C VAL TE 64 -102.59 -38.96 64.91
N GLU TE 65 -103.01 -37.94 64.16
CA GLU TE 65 -102.60 -36.56 64.39
C GLU TE 65 -103.80 -35.65 64.60
N PHE TE 66 -103.74 -34.82 65.62
CA PHE TE 66 -104.67 -33.71 65.82
C PHE TE 66 -103.90 -32.40 65.74
N THR TE 67 -104.42 -31.45 64.98
CA THR TE 67 -103.75 -30.17 64.74
C THR TE 67 -104.72 -29.03 65.00
N GLU TE 68 -104.20 -27.94 65.54
CA GLU TE 68 -104.99 -26.76 65.88
C GLU TE 68 -104.20 -25.51 65.49
N THR TE 69 -104.66 -24.81 64.45
CA THR TE 69 -103.99 -23.62 63.95
C THR TE 69 -104.85 -22.39 64.24
N VAL TE 70 -104.21 -21.34 64.73
CA VAL TE 70 -104.88 -20.10 65.07
C VAL TE 70 -104.34 -19.00 64.16
N TYR TE 71 -105.23 -18.34 63.42
CA TYR TE 71 -104.83 -17.34 62.46
C TYR TE 71 -104.28 -16.11 63.16
N ALA TE 72 -103.41 -15.39 62.43
CA ALA TE 72 -102.76 -14.23 62.99
C ALA TE 72 -103.78 -13.16 63.37
N SER TE 73 -103.53 -12.50 64.51
CA SER TE 73 -104.41 -11.47 65.02
C SER TE 73 -103.56 -10.33 65.54
N GLY TE 74 -103.60 -9.20 64.86
CA GLY TE 74 -102.79 -8.06 65.26
C GLY TE 74 -101.32 -8.39 65.24
N SER TE 75 -100.61 -8.03 66.30
CA SER TE 75 -99.17 -8.25 66.36
C SER TE 75 -98.81 -9.71 66.65
N THR TE 76 -99.74 -10.50 67.16
CA THR TE 76 -99.45 -11.89 67.52
C THR TE 76 -99.38 -12.75 66.26
N PRO TE 77 -98.26 -13.40 65.96
CA PRO TE 77 -98.20 -14.27 64.79
C PRO TE 77 -99.04 -15.53 64.99
N GLU TE 78 -99.41 -16.13 63.86
CA GLU TE 78 -100.15 -17.37 63.88
C GLU TE 78 -99.29 -18.49 64.47
N PHE TE 79 -99.94 -19.40 65.19
CA PHE TE 79 -99.24 -20.52 65.83
C PHE TE 79 -100.12 -21.76 65.74
N VAL TE 80 -99.65 -22.86 66.33
CA VAL TE 80 -100.30 -24.15 66.17
C VAL TE 80 -100.20 -24.92 67.48
N ARG TE 81 -101.26 -25.66 67.80
CA ARG TE 81 -101.27 -26.60 68.91
C ARG TE 81 -101.53 -27.99 68.34
N GLN TE 82 -100.71 -28.96 68.75
CA GLN TE 82 -100.67 -30.26 68.12
C GLN TE 82 -100.59 -31.34 69.17
N ALA TE 83 -101.02 -32.55 68.80
CA ALA TE 83 -100.92 -33.71 69.68
C ALA TE 83 -101.20 -34.99 68.89
N TYR TE 84 -100.32 -35.98 68.97
CA TYR TE 84 -100.44 -37.18 68.14
C TYR TE 84 -99.86 -38.39 68.85
N VAL TE 85 -100.29 -39.57 68.38
CA VAL TE 85 -99.88 -40.86 68.91
C VAL TE 85 -99.46 -41.75 67.75
N VAL TE 86 -98.73 -42.83 68.08
CA VAL TE 86 -98.29 -43.79 67.07
C VAL TE 86 -98.13 -45.16 67.73
N ILE TE 87 -98.34 -46.22 66.94
CA ILE TE 87 -98.22 -47.60 67.39
C ILE TE 87 -97.29 -48.35 66.44
N ARG TE 88 -96.42 -49.18 67.01
CA ARG TE 88 -95.46 -49.96 66.22
C ARG TE 88 -95.47 -51.41 66.67
N HIS TE 89 -95.60 -52.32 65.72
CA HIS TE 89 -95.63 -53.75 66.01
C HIS TE 89 -95.26 -54.52 64.75
N LYS TE 90 -94.95 -55.80 64.93
CA LYS TE 90 -94.42 -56.62 63.84
C LYS TE 90 -95.57 -57.13 62.96
N VAL TE 91 -95.20 -57.88 61.91
CA VAL TE 91 -96.10 -58.18 60.81
C VAL TE 91 -97.24 -59.10 61.22
N GLY TE 92 -96.95 -60.27 61.77
CA GLY TE 92 -97.99 -61.21 62.11
C GLY TE 92 -98.45 -61.18 63.56
N ASP TE 93 -98.05 -60.14 64.31
CA ASP TE 93 -98.35 -60.12 65.74
C ASP TE 93 -99.84 -60.13 65.99
N VAL TE 94 -100.24 -60.76 67.08
CA VAL TE 94 -101.66 -60.85 67.42
C VAL TE 94 -102.17 -59.45 67.73
N SER TE 95 -103.30 -59.08 67.09
CA SER TE 95 -103.82 -57.73 67.23
C SER TE 95 -104.30 -57.45 68.64
N ALA TE 96 -104.80 -58.46 69.33
CA ALA TE 96 -105.39 -58.24 70.65
C ALA TE 96 -104.36 -57.67 71.63
N THR TE 97 -103.13 -58.20 71.63
CA THR TE 97 -102.13 -57.75 72.60
C THR TE 97 -101.68 -56.32 72.30
N VAL TE 98 -101.47 -56.00 71.03
CA VAL TE 98 -101.08 -54.64 70.67
C VAL TE 98 -102.17 -53.67 71.09
N SER TE 99 -103.43 -54.04 70.82
CA SER TE 99 -104.54 -53.21 71.27
C SER TE 99 -104.54 -53.07 72.78
N ASP TE 100 -104.22 -54.14 73.50
CA ASP TE 100 -104.17 -54.08 74.96
C ASP TE 100 -103.14 -53.06 75.43
N LEU TE 101 -101.95 -53.08 74.84
CA LEU TE 101 -100.94 -52.09 75.20
C LEU TE 101 -101.44 -50.67 74.89
N GLY TE 102 -102.12 -50.52 73.76
CA GLY TE 102 -102.68 -49.21 73.42
C GLY TE 102 -103.69 -48.72 74.43
N GLU TE 103 -104.59 -49.60 74.87
CA GLU TE 103 -105.56 -49.22 75.90
C GLU TE 103 -104.85 -48.85 77.19
N ALA TE 104 -103.80 -49.60 77.56
CA ALA TE 104 -103.02 -49.23 78.74
C ALA TE 104 -102.52 -47.80 78.62
N LEU TE 105 -101.91 -47.47 77.48
CA LEU TE 105 -101.35 -46.14 77.30
C LEU TE 105 -102.43 -45.08 77.36
N SER TE 106 -103.57 -45.33 76.71
CA SER TE 106 -104.65 -44.34 76.70
C SER TE 106 -105.21 -44.13 78.11
N PHE TE 107 -105.39 -45.21 78.86
CA PHE TE 107 -105.94 -45.10 80.21
C PHE TE 107 -104.97 -44.37 81.14
N TYR TE 108 -103.66 -44.57 80.96
CA TYR TE 108 -102.71 -43.88 81.83
C TYR TE 108 -102.91 -42.37 81.77
N LEU TE 109 -102.98 -41.81 80.57
CA LEU TE 109 -103.05 -40.36 80.40
C LEU TE 109 -104.41 -39.84 80.84
N ASN TE 110 -104.41 -38.74 81.59
CA ASN TE 110 -105.64 -38.07 82.00
C ASN TE 110 -105.29 -36.62 82.32
N GLU TE 111 -106.22 -35.92 82.97
CA GLU TE 111 -106.01 -34.51 83.28
C GLU TE 111 -104.77 -34.31 84.15
N ALA TE 112 -104.64 -35.12 85.20
CA ALA TE 112 -103.54 -34.92 86.14
C ALA TE 112 -102.18 -35.12 85.46
N LEU TE 113 -102.06 -36.17 84.65
CA LEU TE 113 -100.78 -36.40 83.99
C LEU TE 113 -100.41 -35.25 83.07
N TYR TE 114 -101.37 -34.76 82.28
CA TYR TE 114 -101.09 -33.64 81.39
C TYR TE 114 -100.72 -32.39 82.18
N GLY TE 115 -101.41 -32.15 83.30
CA GLY TE 115 -101.02 -31.04 84.16
C GLY TE 115 -99.58 -31.15 84.63
N LYS TE 116 -99.17 -32.36 85.01
CA LYS TE 116 -97.77 -32.57 85.41
C LYS TE 116 -96.82 -32.32 84.26
N LEU TE 117 -97.09 -32.89 83.08
CA LEU TE 117 -96.16 -32.75 81.97
C LEU TE 117 -96.02 -31.29 81.55
N ILE TE 118 -97.13 -30.54 81.51
CA ILE TE 118 -97.01 -29.11 81.24
C ILE TE 118 -96.17 -28.44 82.31
N GLY TE 119 -96.10 -29.04 83.50
CA GLY TE 119 -95.23 -28.59 84.56
C GLY TE 119 -93.80 -29.08 84.48
N TRP TE 120 -93.42 -29.78 83.41
CA TRP TE 120 -92.08 -30.33 83.21
C TRP TE 120 -91.73 -31.44 84.19
N GLU TE 121 -92.70 -31.91 84.99
CA GLU TE 121 -92.46 -33.05 85.85
C GLU TE 121 -91.85 -34.21 85.07
N SER TE 122 -90.88 -34.87 85.68
CA SER TE 122 -90.27 -36.06 85.10
C SER TE 122 -89.77 -36.98 86.20
N ALA UE 1 -115.83 -47.58 41.83
CA ALA UE 1 -117.22 -47.57 42.38
C ALA UE 1 -117.73 -48.99 42.59
N LEU UE 2 -116.80 -49.93 42.73
CA LEU UE 2 -117.19 -51.32 42.98
C LEU UE 2 -117.94 -51.44 44.30
N GLY UE 3 -117.49 -50.73 45.32
CA GLY UE 3 -118.11 -50.80 46.63
C GLY UE 3 -117.11 -50.70 47.76
N ASP UE 4 -117.61 -50.48 48.98
CA ASP UE 4 -116.72 -50.31 50.13
C ASP UE 4 -116.01 -51.63 50.48
N THR UE 5 -116.67 -52.76 50.26
CA THR UE 5 -116.10 -54.05 50.61
C THR UE 5 -116.24 -55.03 49.45
N LEU UE 6 -115.30 -55.98 49.40
CA LEU UE 6 -115.24 -57.00 48.36
C LEU UE 6 -115.25 -58.36 49.04
N THR UE 7 -116.01 -59.30 48.46
CA THR UE 7 -116.19 -60.62 49.05
C THR UE 7 -115.56 -61.66 48.13
N ILE UE 8 -114.70 -62.51 48.70
CA ILE UE 8 -114.11 -63.64 47.99
C ILE UE 8 -114.52 -64.91 48.72
N THR UE 9 -115.07 -65.86 47.98
CA THR UE 9 -115.56 -67.12 48.53
C THR UE 9 -114.57 -68.22 48.13
N LEU UE 10 -113.68 -68.58 49.04
CA LEU UE 10 -112.67 -69.58 48.72
C LEU UE 10 -113.34 -70.91 48.40
N GLY UE 11 -112.74 -71.65 47.47
CA GLY UE 11 -113.30 -72.91 47.06
C GLY UE 11 -114.39 -72.81 46.01
N GLY UE 12 -114.58 -71.63 45.43
CA GLY UE 12 -115.57 -71.46 44.37
C GLY UE 12 -116.90 -70.98 44.95
N SER UE 13 -117.98 -71.67 44.58
CA SER UE 13 -119.30 -71.39 45.11
C SER UE 13 -119.62 -72.21 46.35
N GLY UE 14 -118.66 -72.97 46.87
CA GLY UE 14 -118.88 -73.78 48.06
C GLY UE 14 -119.19 -72.97 49.29
N GLY UE 15 -118.21 -72.21 49.78
CA GLY UE 15 -118.39 -71.42 50.98
C GLY UE 15 -117.10 -70.77 51.44
N THR UE 16 -117.00 -70.50 52.74
CA THR UE 16 -115.83 -69.87 53.35
C THR UE 16 -115.60 -68.47 52.77
N ALA UE 17 -116.58 -67.60 53.03
CA ALA UE 17 -116.54 -66.23 52.53
C ALA UE 17 -115.62 -65.37 53.39
N LYS UE 18 -114.85 -64.51 52.73
CA LYS UE 18 -113.98 -63.53 53.37
C LYS UE 18 -114.36 -62.14 52.86
N VAL UE 19 -114.41 -61.17 53.77
CA VAL UE 19 -114.83 -59.81 53.45
C VAL UE 19 -113.63 -58.89 53.61
N LEU UE 20 -113.19 -58.29 52.51
CA LEU UE 20 -112.12 -57.30 52.54
C LEU UE 20 -112.68 -55.90 52.51
N ARG UE 21 -111.88 -54.96 53.01
CA ARG UE 21 -112.27 -53.56 53.15
C ARG UE 21 -111.38 -52.67 52.30
N LYS UE 22 -111.95 -51.57 51.81
CA LYS UE 22 -111.17 -50.62 51.02
C LYS UE 22 -110.13 -49.96 51.90
N ILE UE 23 -108.91 -49.84 51.39
CA ILE UE 23 -107.80 -49.28 52.15
C ILE UE 23 -107.26 -48.04 51.45
N ASN UE 24 -107.38 -47.98 50.13
CA ASN UE 24 -106.71 -46.94 49.37
C ASN UE 24 -107.32 -46.84 47.99
N GLN UE 25 -107.06 -45.69 47.34
CA GLN UE 25 -107.51 -45.48 45.96
C GLN UE 25 -106.71 -44.34 45.36
N ASP UE 26 -105.94 -44.64 44.32
CA ASP UE 26 -105.17 -43.61 43.63
C ASP UE 26 -104.96 -44.02 42.18
N GLY UE 27 -105.07 -43.05 41.28
CA GLY UE 27 -104.76 -43.26 39.88
C GLY UE 27 -105.59 -44.34 39.20
N TYR UE 28 -106.90 -44.31 39.39
CA TYR UE 28 -107.80 -45.32 38.83
C TYR UE 28 -107.41 -46.72 39.32
N THR UE 29 -106.98 -46.79 40.59
CA THR UE 29 -106.56 -48.04 41.19
C THR UE 29 -107.08 -48.10 42.61
N SER UE 30 -107.50 -49.29 43.05
CA SER UE 30 -108.05 -49.49 44.38
C SER UE 30 -107.43 -50.72 45.02
N GLU UE 31 -107.37 -50.72 46.35
CA GLU UE 31 -106.83 -51.84 47.12
C GLU UE 31 -107.77 -52.20 48.25
N TYR UE 32 -107.76 -53.50 48.60
CA TYR UE 32 -108.55 -54.06 49.69
C TYR UE 32 -107.64 -54.94 50.54
N TYR UE 33 -107.93 -55.01 51.85
CA TYR UE 33 -107.09 -55.78 52.76
C TYR UE 33 -107.94 -56.39 53.87
N LEU UE 34 -107.42 -57.46 54.49
CA LEU UE 34 -108.06 -58.13 55.60
C LEU UE 34 -107.03 -58.94 56.39
N PRO UE 35 -106.70 -58.54 57.61
CA PRO UE 35 -105.73 -59.33 58.40
C PRO UE 35 -106.41 -60.46 59.16
N GLU UE 36 -105.60 -61.47 59.49
CA GLU UE 36 -106.10 -62.68 60.14
C GLU UE 36 -104.92 -63.43 60.75
N THR UE 37 -105.20 -64.16 61.83
CA THR UE 37 -104.14 -64.58 62.75
C THR UE 37 -103.10 -65.47 62.07
N SER UE 38 -103.49 -66.21 61.02
CA SER UE 38 -102.56 -67.08 60.32
C SER UE 38 -102.24 -66.63 58.90
N SER UE 39 -102.97 -65.66 58.36
CA SER UE 39 -102.68 -65.16 57.03
C SER UE 39 -103.44 -63.86 56.82
N SER UE 40 -103.25 -63.26 55.66
CA SER UE 40 -103.92 -62.02 55.29
C SER UE 40 -104.35 -62.08 53.84
N PHE UE 41 -105.36 -61.28 53.50
CA PHE UE 41 -105.91 -61.24 52.16
C PHE UE 41 -105.78 -59.84 51.58
N ARG UE 42 -105.52 -59.77 50.27
CA ARG UE 42 -105.29 -58.50 49.58
C ARG UE 42 -105.82 -58.64 48.17
N ALA UE 43 -106.40 -57.55 47.65
CA ALA UE 43 -106.93 -57.53 46.30
C ALA UE 43 -106.82 -56.11 45.75
N LYS UE 44 -106.41 -55.99 44.49
CA LYS UE 44 -106.27 -54.69 43.84
C LYS UE 44 -106.77 -54.76 42.41
N VAL UE 45 -107.17 -53.60 41.89
CA VAL UE 45 -107.69 -53.44 40.54
C VAL UE 45 -106.97 -52.27 39.88
N ARG UE 46 -106.54 -52.46 38.63
CA ARG UE 46 -105.77 -51.44 37.92
C ARG UE 46 -106.33 -51.23 36.52
N HIS UE 47 -106.07 -50.03 35.99
CA HIS UE 47 -106.41 -49.65 34.63
C HIS UE 47 -105.23 -48.91 34.02
N THR UE 48 -105.04 -49.01 32.70
CA THR UE 48 -103.83 -48.44 32.09
C THR UE 48 -104.06 -48.13 30.62
N LYS UE 49 -103.20 -47.25 30.08
CA LYS UE 49 -103.06 -46.99 28.65
C LYS UE 49 -101.77 -47.59 28.13
N GLU UE 50 -101.82 -48.23 26.96
CA GLU UE 50 -100.60 -48.52 26.23
C GLU UE 50 -100.02 -47.24 25.63
N SER UE 51 -98.69 -47.20 25.53
CA SER UE 51 -98.01 -46.01 25.03
C SER UE 51 -98.45 -45.71 23.60
N VAL UE 52 -98.77 -44.44 23.34
CA VAL UE 52 -99.20 -44.04 22.00
C VAL UE 52 -97.97 -43.94 21.10
N LYS UE 53 -98.03 -44.62 19.96
CA LYS UE 53 -97.00 -44.52 18.94
C LYS UE 53 -97.71 -44.15 17.65
N PRO UE 54 -97.18 -43.22 16.85
CA PRO UE 54 -98.04 -42.48 15.93
C PRO UE 54 -98.86 -43.33 14.96
N ASN UE 55 -98.35 -44.45 14.48
CA ASN UE 55 -98.93 -45.13 13.32
C ASN UE 55 -99.34 -46.56 13.63
N GLN UE 56 -100.14 -46.76 14.67
CA GLN UE 56 -100.95 -47.98 14.78
C GLN UE 56 -101.97 -47.79 15.89
N VAL UE 57 -102.88 -48.77 16.00
CA VAL UE 57 -104.00 -48.67 16.94
C VAL UE 57 -103.50 -48.60 18.38
N GLN UE 58 -104.22 -47.84 19.21
CA GLN UE 58 -103.94 -47.72 20.63
C GLN UE 58 -104.86 -48.64 21.44
N TYR UE 59 -104.32 -49.17 22.53
CA TYR UE 59 -104.94 -50.26 23.26
C TYR UE 59 -105.25 -49.87 24.70
N GLU UE 60 -106.13 -50.65 25.31
CA GLU UE 60 -106.62 -50.45 26.67
C GLU UE 60 -106.52 -51.75 27.44
N ARG UE 61 -106.11 -51.66 28.71
CA ARG UE 61 -105.79 -52.82 29.52
C ARG UE 61 -106.50 -52.74 30.87
N HIS UE 62 -107.02 -53.88 31.33
CA HIS UE 62 -107.59 -54.00 32.66
C HIS UE 62 -106.97 -55.19 33.38
N ASN UE 63 -106.95 -55.13 34.70
CA ASN UE 63 -106.28 -56.13 35.52
C ASN UE 63 -107.06 -56.30 36.82
N VAL UE 64 -107.16 -57.55 37.29
CA VAL UE 64 -107.74 -57.86 38.60
C VAL UE 64 -106.90 -58.95 39.25
N GLU UE 65 -106.58 -58.76 40.53
CA GLU UE 65 -105.54 -59.52 41.21
C GLU UE 65 -105.97 -59.90 42.62
N PHE UE 66 -105.68 -61.15 43.00
CA PHE UE 66 -105.82 -61.60 44.37
C PHE UE 66 -104.49 -62.15 44.88
N THR UE 67 -104.21 -61.90 46.15
CA THR UE 67 -102.94 -62.28 46.75
C THR UE 67 -103.20 -62.91 48.11
N GLU UE 68 -102.36 -63.87 48.49
CA GLU UE 68 -102.45 -64.58 49.75
C GLU UE 68 -101.05 -64.77 50.30
N THR UE 69 -100.82 -64.42 51.57
CA THR UE 69 -99.54 -64.60 52.23
C THR UE 69 -99.72 -65.28 53.58
N VAL UE 70 -98.82 -66.21 53.89
CA VAL UE 70 -98.86 -67.00 55.11
C VAL UE 70 -97.61 -66.69 55.91
N TYR UE 71 -97.78 -66.33 57.18
CA TYR UE 71 -96.66 -65.94 58.01
C TYR UE 71 -95.78 -67.13 58.37
N ALA UE 72 -94.52 -66.83 58.68
CA ALA UE 72 -93.56 -67.87 59.01
C ALA UE 72 -93.92 -68.55 60.32
N SER UE 73 -93.83 -69.87 60.32
CA SER UE 73 -94.12 -70.68 61.50
C SER UE 73 -93.06 -71.76 61.63
N GLY UE 74 -92.40 -71.80 62.78
CA GLY UE 74 -91.33 -72.75 62.99
C GLY UE 74 -90.22 -72.56 61.97
N SER UE 75 -89.76 -73.67 61.38
CA SER UE 75 -88.69 -73.60 60.41
C SER UE 75 -89.15 -73.11 59.05
N THR UE 76 -90.45 -73.17 58.76
CA THR UE 76 -90.96 -72.81 57.45
C THR UE 76 -91.01 -71.30 57.29
N PRO UE 77 -90.33 -70.71 56.31
CA PRO UE 77 -90.45 -69.27 56.10
C PRO UE 77 -91.76 -68.89 55.44
N GLU UE 78 -92.05 -67.59 55.47
CA GLU UE 78 -93.29 -67.08 54.90
C GLU UE 78 -93.31 -67.22 53.38
N PHE UE 79 -94.51 -67.37 52.84
CA PHE UE 79 -94.70 -67.50 51.40
C PHE UE 79 -96.07 -66.92 51.04
N VAL UE 80 -96.38 -66.93 49.75
CA VAL UE 80 -97.59 -66.30 49.23
C VAL UE 80 -98.26 -67.18 48.19
N ARG UE 81 -99.57 -66.97 48.01
CA ARG UE 81 -100.32 -67.52 46.90
C ARG UE 81 -101.09 -66.40 46.21
N GLN UE 82 -101.12 -66.44 44.88
CA GLN UE 82 -101.47 -65.27 44.08
C GLN UE 82 -102.11 -65.72 42.78
N ALA UE 83 -103.05 -64.92 42.26
CA ALA UE 83 -103.73 -65.26 41.01
C ALA UE 83 -104.35 -64.00 40.41
N TYR UE 84 -104.24 -63.85 39.08
CA TYR UE 84 -104.73 -62.63 38.44
C TYR UE 84 -105.06 -62.89 36.97
N VAL UE 85 -105.88 -62.00 36.41
CA VAL UE 85 -106.25 -62.02 35.00
C VAL UE 85 -106.25 -60.58 34.48
N VAL UE 86 -105.99 -60.42 33.19
CA VAL UE 86 -106.02 -59.10 32.55
C VAL UE 86 -106.85 -59.18 31.27
N ILE UE 87 -107.31 -58.03 30.79
CA ILE UE 87 -108.05 -57.92 29.54
C ILE UE 87 -107.43 -56.80 28.73
N ARG UE 88 -107.20 -57.06 27.43
CA ARG UE 88 -106.58 -56.09 26.54
C ARG UE 88 -107.41 -55.99 25.27
N HIS UE 89 -107.81 -54.77 24.92
CA HIS UE 89 -108.58 -54.54 23.71
C HIS UE 89 -108.39 -53.10 23.27
N LYS UE 90 -108.69 -52.83 22.00
CA LYS UE 90 -108.46 -51.49 21.49
C LYS UE 90 -109.44 -50.51 22.10
N VAL UE 91 -109.12 -49.23 21.99
CA VAL UE 91 -109.97 -48.18 22.53
C VAL UE 91 -111.07 -47.91 21.51
N GLY UE 92 -112.32 -47.87 21.98
CA GLY UE 92 -113.45 -47.71 21.10
C GLY UE 92 -114.05 -48.98 20.57
N ASP UE 93 -113.59 -50.14 21.03
CA ASP UE 93 -114.18 -51.40 20.61
C ASP UE 93 -115.55 -51.58 21.25
N VAL UE 94 -116.32 -52.53 20.72
CA VAL UE 94 -117.65 -52.83 21.25
C VAL UE 94 -117.50 -53.68 22.51
N SER UE 95 -118.21 -53.27 23.56
CA SER UE 95 -118.01 -53.89 24.88
C SER UE 95 -118.58 -55.30 24.95
N ALA UE 96 -119.66 -55.58 24.22
CA ALA UE 96 -120.31 -56.88 24.34
C ALA UE 96 -119.38 -58.02 23.95
N THR UE 97 -118.68 -57.89 22.82
CA THR UE 97 -117.73 -58.92 22.41
C THR UE 97 -116.56 -59.02 23.38
N VAL UE 98 -116.04 -57.88 23.81
CA VAL UE 98 -114.90 -57.87 24.73
C VAL UE 98 -115.29 -58.57 26.03
N SER UE 99 -116.57 -58.51 26.37
CA SER UE 99 -117.06 -59.20 27.56
C SER UE 99 -117.27 -60.68 27.31
N ASP UE 100 -117.83 -61.04 26.16
CA ASP UE 100 -118.07 -62.45 25.86
C ASP UE 100 -116.76 -63.23 25.81
N LEU UE 101 -115.74 -62.65 25.18
CA LEU UE 101 -114.38 -63.07 25.49
C LEU UE 101 -114.05 -62.57 26.89
N GLY UE 102 -113.41 -63.43 27.68
CA GLY UE 102 -113.33 -63.18 29.10
C GLY UE 102 -114.39 -63.95 29.86
N GLU UE 103 -115.68 -63.80 29.51
CA GLU UE 103 -116.68 -64.68 30.09
C GLU UE 103 -116.45 -66.13 29.66
N ALA UE 104 -116.07 -66.32 28.39
CA ALA UE 104 -115.76 -67.67 27.92
C ALA UE 104 -114.58 -68.26 28.70
N LEU UE 105 -113.53 -67.46 28.89
CA LEU UE 105 -112.38 -67.91 29.66
C LEU UE 105 -112.79 -68.25 31.09
N SER UE 106 -113.58 -67.39 31.71
CA SER UE 106 -114.02 -67.64 33.09
C SER UE 106 -114.82 -68.93 33.16
N PHE UE 107 -115.63 -69.22 32.14
CA PHE UE 107 -116.36 -70.49 32.12
C PHE UE 107 -115.42 -71.67 31.98
N TYR UE 108 -114.36 -71.53 31.17
CA TYR UE 108 -113.47 -72.66 30.93
C TYR UE 108 -112.72 -73.07 32.20
N LEU UE 109 -112.21 -72.09 32.95
CA LEU UE 109 -111.34 -72.40 34.09
C LEU UE 109 -112.21 -72.89 35.24
N ASN UE 110 -112.09 -74.18 35.57
CA ASN UE 110 -112.76 -74.77 36.72
C ASN UE 110 -111.74 -75.58 37.52
N GLU UE 111 -112.21 -76.36 38.50
CA GLU UE 111 -111.29 -77.08 39.37
C GLU UE 111 -110.42 -78.05 38.57
N ALA UE 112 -111.01 -78.78 37.63
CA ALA UE 112 -110.25 -79.80 36.93
C ALA UE 112 -109.07 -79.19 36.17
N LEU UE 113 -109.31 -78.07 35.49
CA LEU UE 113 -108.22 -77.45 34.74
C LEU UE 113 -107.13 -76.96 35.68
N TYR UE 114 -107.51 -76.43 36.84
CA TYR UE 114 -106.50 -76.03 37.83
C TYR UE 114 -105.67 -77.22 38.28
N GLY UE 115 -106.33 -78.36 38.53
CA GLY UE 115 -105.58 -79.55 38.90
C GLY UE 115 -104.60 -79.97 37.81
N LYS UE 116 -105.05 -79.95 36.56
CA LYS UE 116 -104.15 -80.30 35.45
C LYS UE 116 -102.98 -79.35 35.36
N LEU UE 117 -103.23 -78.04 35.48
CA LEU UE 117 -102.13 -77.07 35.38
C LEU UE 117 -101.13 -77.28 36.51
N ILE UE 118 -101.62 -77.53 37.73
CA ILE UE 118 -100.71 -77.82 38.83
C ILE UE 118 -99.94 -79.11 38.53
N GLY UE 119 -100.54 -80.00 37.75
CA GLY UE 119 -99.84 -81.20 37.30
C GLY UE 119 -98.91 -81.01 36.12
N TRP UE 120 -98.73 -79.78 35.63
CA TRP UE 120 -97.87 -79.40 34.52
C TRP UE 120 -98.39 -79.90 33.17
N GLU UE 121 -99.58 -80.48 33.12
CA GLU UE 121 -100.10 -80.99 31.85
C GLU UE 121 -100.36 -79.85 30.88
N SER UE 122 -99.97 -80.05 29.63
CA SER UE 122 -100.19 -79.08 28.56
C SER UE 122 -100.63 -79.78 27.29
N ALA VE 1 -115.99 -36.30 49.22
CA ALA VE 1 -116.92 -37.12 50.06
C ALA VE 1 -118.38 -36.84 49.70
N LEU VE 2 -118.61 -36.48 48.44
CA LEU VE 2 -119.98 -36.24 47.98
C LEU VE 2 -120.79 -37.52 47.99
N GLY VE 3 -120.18 -38.63 47.55
CA GLY VE 3 -120.89 -39.88 47.43
C GLY VE 3 -120.42 -40.67 46.21
N ASP VE 4 -120.80 -41.94 46.13
CA ASP VE 4 -120.34 -42.78 45.04
C ASP VE 4 -121.07 -42.49 43.73
N THR VE 5 -122.18 -41.76 43.77
CA THR VE 5 -122.94 -41.44 42.57
C THR VE 5 -123.23 -39.96 42.48
N LEU VE 6 -123.30 -39.47 41.25
CA LEU VE 6 -123.66 -38.10 40.92
C LEU VE 6 -124.77 -38.15 39.89
N THR VE 7 -125.81 -37.36 40.08
CA THR VE 7 -126.99 -37.39 39.21
C THR VE 7 -127.09 -36.08 38.44
N ILE VE 8 -127.26 -36.18 37.13
CA ILE VE 8 -127.47 -35.04 36.26
C ILE VE 8 -128.83 -35.23 35.59
N THR VE 9 -129.74 -34.28 35.82
CA THR VE 9 -131.06 -34.30 35.21
C THR VE 9 -131.09 -33.24 34.12
N LEU VE 10 -130.99 -33.69 32.87
CA LEU VE 10 -130.95 -32.76 31.74
C LEU VE 10 -132.22 -31.94 31.68
N GLY VE 11 -132.07 -30.66 31.34
CA GLY VE 11 -133.22 -29.78 31.26
C GLY VE 11 -133.84 -29.48 32.61
N GLY VE 12 -133.04 -29.33 33.66
CA GLY VE 12 -133.59 -29.00 34.95
C GLY VE 12 -134.43 -30.12 35.53
N SER VE 13 -135.31 -29.73 36.43
CA SER VE 13 -136.22 -30.69 37.05
C SER VE 13 -137.17 -31.27 36.02
N GLY VE 14 -137.48 -32.55 36.16
CA GLY VE 14 -138.47 -33.22 35.32
C GLY VE 14 -137.95 -33.86 34.05
N GLY VE 15 -136.67 -33.74 33.74
CA GLY VE 15 -136.11 -34.26 32.51
C GLY VE 15 -135.50 -35.64 32.67
N THR VE 16 -134.72 -36.02 31.66
CA THR VE 16 -133.98 -37.28 31.69
C THR VE 16 -132.88 -37.23 32.74
N ALA VE 17 -132.69 -38.35 33.43
CA ALA VE 17 -131.70 -38.45 34.50
C ALA VE 17 -130.51 -39.29 34.04
N LYS VE 18 -129.31 -38.79 34.33
CA LYS VE 18 -128.06 -39.50 34.06
C LYS VE 18 -127.31 -39.68 35.37
N VAL VE 19 -126.76 -40.88 35.58
CA VAL VE 19 -126.05 -41.24 36.80
C VAL VE 19 -124.60 -41.49 36.45
N LEU VE 20 -123.70 -40.82 37.15
CA LEU VE 20 -122.27 -41.01 36.98
C LEU VE 20 -121.70 -41.71 38.20
N ARG VE 21 -120.71 -42.57 37.97
CA ARG VE 21 -120.04 -43.33 39.01
C ARG VE 21 -118.70 -42.69 39.33
N LYS VE 22 -118.36 -42.63 40.61
CA LYS VE 22 -117.05 -42.11 40.98
C LYS VE 22 -115.95 -42.97 40.40
N ILE VE 23 -114.89 -42.32 39.93
CA ILE VE 23 -113.82 -43.01 39.22
C ILE VE 23 -112.46 -42.84 39.89
N ASN VE 24 -112.21 -41.72 40.57
CA ASN VE 24 -110.90 -41.45 41.15
C ASN VE 24 -110.93 -40.17 41.98
N GLN VE 25 -110.04 -40.06 42.97
CA GLN VE 25 -109.95 -38.84 43.78
C GLN VE 25 -108.57 -38.81 44.42
N ASP VE 26 -107.67 -37.96 43.89
CA ASP VE 26 -106.32 -37.84 44.44
C ASP VE 26 -106.03 -36.44 45.00
N GLY VE 27 -106.06 -35.40 44.18
CA GLY VE 27 -105.53 -34.13 44.59
C GLY VE 27 -106.56 -33.16 45.12
N TYR VE 28 -107.32 -33.58 46.14
CA TYR VE 28 -108.49 -32.82 46.58
C TYR VE 28 -109.50 -32.66 45.45
N THR VE 29 -109.39 -33.52 44.43
CA THR VE 29 -110.22 -33.46 43.23
C THR VE 29 -111.02 -34.73 43.11
N SER VE 30 -112.23 -34.61 42.55
CA SER VE 30 -113.10 -35.76 42.31
C SER VE 30 -113.68 -35.67 40.91
N GLU VE 31 -113.85 -36.82 40.25
CA GLU VE 31 -114.45 -36.84 38.93
C GLU VE 31 -115.25 -38.11 38.70
N TYR VE 32 -116.26 -38.00 37.84
CA TYR VE 32 -117.19 -39.07 37.55
C TYR VE 32 -117.26 -39.26 36.04
N TYR VE 33 -117.69 -40.45 35.62
CA TYR VE 33 -117.68 -40.84 34.20
C TYR VE 33 -118.82 -41.80 33.94
N LEU VE 34 -119.34 -41.76 32.72
CA LEU VE 34 -120.39 -42.68 32.29
C LEU VE 34 -120.42 -42.78 30.77
N PRO VE 35 -120.12 -43.93 30.16
CA PRO VE 35 -120.16 -44.02 28.70
C PRO VE 35 -121.50 -44.50 28.17
N GLU VE 36 -121.88 -44.01 26.99
CA GLU VE 36 -123.08 -44.47 26.30
C GLU VE 36 -122.69 -44.89 24.89
N THR VE 37 -123.67 -45.26 24.06
CA THR VE 37 -123.37 -45.74 22.72
C THR VE 37 -122.77 -44.65 21.85
N SER VE 38 -123.35 -43.45 21.89
CA SER VE 38 -122.93 -42.36 21.01
C SER VE 38 -122.31 -41.18 21.75
N SER VE 39 -122.29 -41.19 23.08
CA SER VE 39 -121.76 -40.07 23.83
C SER VE 39 -121.34 -40.55 25.21
N SER VE 40 -120.55 -39.72 25.90
CA SER VE 40 -120.05 -40.02 27.22
C SER VE 40 -120.26 -38.82 28.13
N PHE VE 41 -120.42 -39.10 29.42
CA PHE VE 41 -120.64 -38.06 30.42
C PHE VE 41 -119.52 -38.08 31.43
N ARG VE 42 -119.11 -36.89 31.88
CA ARG VE 42 -118.00 -36.74 32.81
C ARG VE 42 -118.30 -35.53 33.69
N ALA VE 43 -117.98 -35.66 34.98
CA ALA VE 43 -118.06 -34.56 35.92
C ALA VE 43 -116.75 -34.51 36.71
N LYS VE 44 -116.40 -33.32 37.17
CA LYS VE 44 -115.13 -33.09 37.85
C LYS VE 44 -115.30 -31.94 38.83
N VAL VE 45 -114.61 -32.04 39.97
CA VAL VE 45 -114.68 -31.03 41.02
C VAL VE 45 -113.25 -30.74 41.49
N ARG VE 46 -113.00 -29.51 41.92
CA ARG VE 46 -111.65 -29.12 42.30
C ARG VE 46 -111.68 -28.02 43.35
N HIS VE 47 -110.71 -28.07 44.28
CA HIS VE 47 -110.43 -27.00 45.22
C HIS VE 47 -108.94 -26.65 45.14
N THR VE 48 -108.61 -25.38 45.34
CA THR VE 48 -107.22 -24.96 45.33
C THR VE 48 -107.05 -23.62 46.03
N LYS VE 49 -105.80 -23.32 46.36
CA LYS VE 49 -105.41 -22.08 47.03
C LYS VE 49 -104.33 -21.39 46.20
N GLU VE 50 -104.53 -20.13 45.85
CA GLU VE 50 -103.62 -19.45 44.96
C GLU VE 50 -102.30 -19.14 45.68
N SER VE 51 -101.34 -18.60 44.91
CA SER VE 51 -100.05 -18.23 45.49
C SER VE 51 -100.24 -17.15 46.55
N VAL VE 52 -99.43 -17.23 47.60
CA VAL VE 52 -99.49 -16.30 48.71
C VAL VE 52 -98.39 -15.26 48.54
N LYS VE 53 -98.75 -14.00 48.71
CA LYS VE 53 -97.78 -12.91 48.62
C LYS VE 53 -97.88 -12.09 49.90
N PRO VE 54 -96.81 -11.39 50.27
CA PRO VE 54 -96.75 -10.80 51.61
C PRO VE 54 -97.85 -9.79 51.87
N ASN VE 55 -98.18 -9.64 53.14
CA ASN VE 55 -99.08 -8.61 53.68
C ASN VE 55 -100.26 -8.30 52.77
N GLN VE 56 -101.08 -9.30 52.47
CA GLN VE 56 -102.37 -9.07 51.83
C GLN VE 56 -103.25 -10.31 51.99
N VAL VE 57 -104.56 -10.13 51.79
CA VAL VE 57 -105.49 -11.23 51.95
C VAL VE 57 -105.14 -12.37 51.00
N GLN VE 58 -105.56 -13.58 51.39
CA GLN VE 58 -105.38 -14.78 50.57
C GLN VE 58 -106.71 -15.51 50.44
N TYR VE 59 -106.97 -16.04 49.25
CA TYR VE 59 -108.29 -16.54 48.86
C TYR VE 59 -108.21 -18.03 48.53
N GLU VE 60 -109.37 -18.61 48.24
CA GLU VE 60 -109.42 -19.96 47.69
C GLU VE 60 -110.62 -20.09 46.76
N ARG VE 61 -110.51 -21.04 45.83
CA ARG VE 61 -111.43 -21.19 44.70
C ARG VE 61 -112.15 -22.53 44.78
N HIS VE 62 -113.38 -22.57 44.28
CA HIS VE 62 -114.14 -23.80 44.14
C HIS VE 62 -114.77 -23.86 42.76
N ASN VE 63 -114.55 -24.97 42.07
CA ASN VE 63 -114.92 -25.12 40.66
C ASN VE 63 -115.66 -26.43 40.45
N VAL VE 64 -116.68 -26.39 39.59
CA VAL VE 64 -117.43 -27.57 39.19
C VAL VE 64 -117.74 -27.47 37.70
N GLU VE 65 -117.59 -28.58 36.98
CA GLU VE 65 -117.73 -28.58 35.53
C GLU VE 65 -118.48 -29.82 35.07
N PHE VE 66 -119.27 -29.65 34.00
CA PHE VE 66 -119.92 -30.74 33.30
C PHE VE 66 -119.40 -30.77 31.87
N THR VE 67 -119.24 -31.98 31.32
CA THR VE 67 -118.69 -32.14 29.98
C THR VE 67 -119.55 -33.10 29.18
N GLU VE 68 -119.69 -32.82 27.89
CA GLU VE 68 -120.35 -33.71 26.94
C GLU VE 68 -119.37 -34.06 25.83
N THR VE 69 -119.33 -35.34 25.47
CA THR VE 69 -118.48 -35.81 24.38
C THR VE 69 -119.35 -36.62 23.42
N VAL VE 70 -119.37 -36.21 22.15
CA VAL VE 70 -120.15 -36.88 21.12
C VAL VE 70 -119.18 -37.48 20.12
N TYR VE 71 -119.19 -38.80 19.99
CA TYR VE 71 -118.22 -39.49 19.16
C TYR VE 71 -118.41 -39.15 17.69
N ALA VE 72 -117.30 -39.12 16.96
CA ALA VE 72 -117.35 -38.76 15.55
C ALA VE 72 -118.19 -39.77 14.79
N SER VE 73 -119.08 -39.25 13.92
CA SER VE 73 -119.99 -40.06 13.14
C SER VE 73 -119.89 -39.62 11.68
N GLY VE 74 -119.46 -40.52 10.81
CA GLY VE 74 -119.31 -40.17 9.41
C GLY VE 74 -118.35 -39.02 9.23
N SER VE 75 -118.75 -38.07 8.38
CA SER VE 75 -117.90 -36.92 8.11
C SER VE 75 -117.76 -36.02 9.33
N THR VE 76 -118.83 -35.84 10.10
CA THR VE 76 -118.80 -34.93 11.23
C THR VE 76 -117.75 -35.40 12.24
N PRO VE 77 -116.78 -34.57 12.59
CA PRO VE 77 -115.70 -35.04 13.47
C PRO VE 77 -116.06 -34.97 14.94
N GLU VE 78 -115.05 -35.23 15.78
CA GLU VE 78 -115.24 -35.18 17.22
C GLU VE 78 -115.54 -33.76 17.67
N PHE VE 79 -116.45 -33.62 18.64
CA PHE VE 79 -116.70 -32.33 19.29
C PHE VE 79 -117.32 -32.59 20.65
N VAL VE 80 -117.27 -31.57 21.50
CA VAL VE 80 -117.60 -31.69 22.93
C VAL VE 80 -118.43 -30.49 23.35
N ARG VE 81 -119.04 -30.61 24.54
CA ARG VE 81 -119.68 -29.47 25.19
C ARG VE 81 -119.28 -29.46 26.67
N GLN VE 82 -119.11 -28.26 27.23
CA GLN VE 82 -118.81 -28.10 28.64
C GLN VE 82 -119.67 -27.00 29.23
N ALA VE 83 -119.67 -26.93 30.56
CA ALA VE 83 -120.26 -25.82 31.30
C ALA VE 83 -119.83 -25.92 32.75
N TYR VE 84 -119.24 -24.86 33.31
CA TYR VE 84 -118.65 -24.94 34.64
C TYR VE 84 -118.78 -23.62 35.36
N VAL VE 85 -118.63 -23.69 36.69
CA VAL VE 85 -118.80 -22.54 37.58
C VAL VE 85 -117.61 -22.48 38.53
N VAL VE 86 -117.33 -21.28 39.04
CA VAL VE 86 -116.21 -21.03 39.94
C VAL VE 86 -116.66 -20.07 41.03
N ILE VE 87 -116.19 -20.30 42.25
CA ILE VE 87 -116.47 -19.44 43.40
C ILE VE 87 -115.15 -19.07 44.05
N ARG VE 88 -114.97 -17.79 44.36
CA ARG VE 88 -113.78 -17.32 45.04
C ARG VE 88 -114.16 -16.44 46.21
N HIS VE 89 -113.62 -16.75 47.39
CA HIS VE 89 -113.88 -15.96 48.59
C HIS VE 89 -112.69 -16.10 49.54
N LYS VE 90 -112.60 -15.15 50.46
CA LYS VE 90 -111.49 -15.10 51.40
C LYS VE 90 -111.59 -16.22 52.42
N VAL VE 91 -110.43 -16.64 52.93
CA VAL VE 91 -110.38 -17.68 53.94
C VAL VE 91 -110.91 -17.14 55.27
N GLY VE 92 -111.68 -17.97 55.97
CA GLY VE 92 -112.22 -17.59 57.25
C GLY VE 92 -113.41 -16.68 57.17
N ASP VE 93 -114.02 -16.56 56.00
CA ASP VE 93 -115.19 -15.71 55.83
C ASP VE 93 -116.38 -16.40 56.49
N VAL VE 94 -117.57 -15.86 56.28
CA VAL VE 94 -118.81 -16.47 56.76
C VAL VE 94 -119.43 -17.26 55.62
N SER VE 95 -119.68 -18.55 55.86
CA SER VE 95 -120.12 -19.43 54.78
C SER VE 95 -121.48 -19.02 54.23
N ALA VE 96 -122.40 -18.64 55.12
CA ALA VE 96 -123.76 -18.35 54.68
C ALA VE 96 -123.79 -17.19 53.69
N THR VE 97 -122.96 -16.17 53.91
CA THR VE 97 -122.94 -15.04 52.99
C THR VE 97 -122.51 -15.46 51.58
N VAL VE 98 -121.42 -16.21 51.47
CA VAL VE 98 -120.97 -16.62 50.14
C VAL VE 98 -122.00 -17.55 49.50
N SER VE 99 -122.61 -18.41 50.31
CA SER VE 99 -123.68 -19.24 49.78
C SER VE 99 -124.83 -18.40 49.28
N ASP VE 100 -125.05 -17.22 49.87
CA ASP VE 100 -126.14 -16.36 49.39
C ASP VE 100 -125.84 -15.83 47.98
N LEU VE 101 -124.62 -15.37 47.74
CA LEU VE 101 -124.24 -14.94 46.40
C LEU VE 101 -124.34 -16.10 45.42
N GLY VE 102 -123.92 -17.29 45.84
CA GLY VE 102 -124.03 -18.45 44.98
C GLY VE 102 -125.47 -18.81 44.65
N GLU VE 103 -126.35 -18.76 45.65
CA GLU VE 103 -127.77 -19.01 45.43
C GLU VE 103 -128.35 -18.00 44.46
N ALA VE 104 -127.97 -16.73 44.61
CA ALA VE 104 -128.47 -15.71 43.70
C ALA VE 104 -128.02 -15.98 42.26
N LEU VE 105 -126.74 -16.29 42.08
CA LEU VE 105 -126.26 -16.59 40.72
C LEU VE 105 -126.98 -17.80 40.15
N SER VE 106 -127.15 -18.84 40.96
CA SER VE 106 -127.85 -20.04 40.50
C SER VE 106 -129.29 -19.74 40.12
N PHE VE 107 -129.96 -18.93 40.95
CA PHE VE 107 -131.38 -18.63 40.74
C PHE VE 107 -131.60 -17.76 39.52
N TYR VE 108 -130.67 -16.84 39.25
CA TYR VE 108 -130.83 -15.95 38.10
C TYR VE 108 -130.83 -16.74 36.80
N LEU VE 109 -129.96 -17.74 36.67
CA LEU VE 109 -129.87 -18.48 35.42
C LEU VE 109 -131.15 -19.27 35.21
N ASN VE 110 -131.69 -19.19 33.99
CA ASN VE 110 -132.95 -19.83 33.64
C ASN VE 110 -132.89 -20.22 32.17
N GLU VE 111 -133.98 -20.85 31.70
CA GLU VE 111 -134.04 -21.25 30.30
C GLU VE 111 -133.96 -20.04 29.37
N ALA VE 112 -134.77 -19.02 29.64
CA ALA VE 112 -134.79 -17.85 28.76
C ALA VE 112 -133.44 -17.15 28.75
N LEU VE 113 -132.81 -17.02 29.92
CA LEU VE 113 -131.48 -16.41 29.95
C LEU VE 113 -130.46 -17.23 29.18
N TYR VE 114 -130.50 -18.55 29.30
CA TYR VE 114 -129.57 -19.38 28.55
C TYR VE 114 -129.78 -19.21 27.05
N GLY VE 115 -131.05 -19.14 26.61
CA GLY VE 115 -131.31 -18.85 25.22
C GLY VE 115 -130.74 -17.51 24.79
N LYS VE 116 -130.91 -16.49 25.64
CA LYS VE 116 -130.35 -15.18 25.33
C LYS VE 116 -128.83 -15.23 25.21
N LEU VE 117 -128.18 -15.90 26.16
CA LEU VE 117 -126.71 -16.01 26.11
C LEU VE 117 -126.25 -16.71 24.85
N ILE VE 118 -126.92 -17.80 24.47
CA ILE VE 118 -126.60 -18.46 23.22
C ILE VE 118 -126.87 -17.53 22.04
N GLY VE 119 -127.79 -16.59 22.21
CA GLY VE 119 -128.09 -15.62 21.18
C GLY VE 119 -127.13 -14.46 21.05
N TRP VE 120 -126.03 -14.44 21.81
CA TRP VE 120 -125.05 -13.36 21.79
C TRP VE 120 -125.60 -12.04 22.31
N GLU VE 121 -126.77 -12.05 22.93
CA GLU VE 121 -127.27 -10.84 23.58
C GLU VE 121 -126.36 -10.45 24.73
N SER VE 122 -126.05 -9.16 24.82
CA SER VE 122 -125.17 -8.66 25.88
C SER VE 122 -125.86 -7.53 26.63
N ALA WE 1 -100.93 -83.30 28.28
CA ALA WE 1 -101.91 -83.74 27.25
C ALA WE 1 -103.03 -82.71 27.09
N LEU WE 2 -103.94 -82.67 28.06
CA LEU WE 2 -105.06 -81.74 28.09
C LEU WE 2 -106.04 -81.97 26.93
N GLY WE 3 -105.89 -83.03 26.17
CA GLY WE 3 -106.77 -83.30 25.05
C GLY WE 3 -106.18 -82.82 23.74
N ASP WE 4 -106.57 -83.48 22.65
CA ASP WE 4 -106.09 -83.10 21.32
C ASP WE 4 -106.72 -81.81 20.85
N THR WE 5 -107.95 -81.51 21.27
CA THR WE 5 -108.64 -80.31 20.86
C THR WE 5 -109.21 -79.58 22.07
N LEU WE 6 -109.25 -78.25 21.95
CA LEU WE 6 -109.71 -77.35 23.00
C LEU WE 6 -111.00 -76.69 22.56
N THR WE 7 -111.98 -76.63 23.45
CA THR WE 7 -113.28 -76.04 23.14
C THR WE 7 -113.41 -74.71 23.88
N ILE WE 8 -113.61 -73.64 23.12
CA ILE WE 8 -113.87 -72.32 23.68
C ILE WE 8 -115.28 -71.91 23.27
N THR WE 9 -116.08 -71.55 24.27
CA THR WE 9 -117.49 -71.21 24.07
C THR WE 9 -117.64 -69.70 24.21
N LEU WE 10 -117.53 -68.99 23.10
CA LEU WE 10 -117.74 -67.55 23.12
C LEU WE 10 -119.12 -67.25 23.69
N GLY WE 11 -119.19 -66.26 24.57
CA GLY WE 11 -120.42 -66.00 25.29
C GLY WE 11 -120.67 -66.93 26.45
N GLY WE 12 -119.64 -67.61 26.95
CA GLY WE 12 -119.77 -68.46 28.11
C GLY WE 12 -120.75 -69.60 27.87
N SER WE 13 -121.39 -70.03 28.96
CA SER WE 13 -122.33 -71.14 28.88
C SER WE 13 -123.52 -70.78 28.00
N GLY WE 14 -123.88 -71.71 27.11
CA GLY WE 14 -124.99 -71.50 26.20
C GLY WE 14 -124.67 -70.67 24.97
N GLY WE 15 -123.40 -70.37 24.72
CA GLY WE 15 -122.99 -69.54 23.60
C GLY WE 15 -122.63 -70.32 22.37
N THR WE 16 -121.73 -69.75 21.58
CA THR WE 16 -121.25 -70.37 20.34
C THR WE 16 -119.94 -71.10 20.64
N ALA WE 17 -119.84 -72.34 20.16
CA ALA WE 17 -118.68 -73.18 20.43
C ALA WE 17 -117.70 -73.14 19.26
N LYS WE 18 -116.46 -72.78 19.56
CA LYS WE 18 -115.36 -72.86 18.61
C LYS WE 18 -114.40 -73.95 19.10
N VAL WE 19 -113.97 -74.82 18.19
CA VAL WE 19 -113.12 -75.96 18.52
C VAL WE 19 -111.72 -75.65 18.01
N LEU WE 20 -110.79 -75.44 18.94
CA LEU WE 20 -109.38 -75.31 18.60
C LEU WE 20 -108.75 -76.70 18.56
N ARG WE 21 -107.56 -76.78 17.95
CA ARG WE 21 -106.88 -78.07 17.84
C ARG WE 21 -105.38 -77.86 17.99
N LYS WE 22 -104.71 -78.90 18.49
CA LYS WE 22 -103.27 -78.80 18.78
C LYS WE 22 -102.47 -78.67 17.49
N ILE WE 23 -101.44 -77.81 17.52
CA ILE WE 23 -100.55 -77.67 16.38
C ILE WE 23 -99.08 -77.73 16.74
N ASN WE 24 -98.68 -77.44 17.98
CA ASN WE 24 -97.27 -77.40 18.32
C ASN WE 24 -97.08 -77.69 19.80
N GLN WE 25 -95.85 -78.07 20.16
CA GLN WE 25 -95.51 -78.41 21.54
C GLN WE 25 -94.00 -78.21 21.71
N ASP WE 26 -93.60 -77.14 22.39
CA ASP WE 26 -92.20 -76.87 22.63
C ASP WE 26 -92.03 -76.06 23.91
N GLY WE 27 -90.94 -76.32 24.61
CA GLY WE 27 -90.57 -75.50 25.76
C GLY WE 27 -91.65 -75.44 26.81
N TYR WE 28 -92.33 -76.56 27.05
CA TYR WE 28 -93.38 -76.64 28.07
C TYR WE 28 -94.56 -75.74 27.70
N THR WE 29 -94.77 -75.55 26.41
CA THR WE 29 -95.81 -74.67 25.90
C THR WE 29 -96.61 -75.41 24.83
N SER WE 30 -97.87 -75.00 24.69
CA SER WE 30 -98.78 -75.66 23.76
C SER WE 30 -99.47 -74.61 22.90
N GLU WE 31 -99.75 -74.98 21.66
CA GLU WE 31 -100.35 -74.08 20.67
C GLU WE 31 -101.59 -74.73 20.09
N TYR WE 32 -102.71 -74.00 20.13
CA TYR WE 32 -103.96 -74.39 19.49
C TYR WE 32 -104.36 -73.31 18.48
N TYR WE 33 -104.85 -73.73 17.32
CA TYR WE 33 -105.17 -72.81 16.23
C TYR WE 33 -106.48 -73.21 15.56
N LEU WE 34 -107.14 -72.20 14.96
CA LEU WE 34 -108.30 -72.42 14.11
C LEU WE 34 -108.48 -71.23 13.17
N PRO WE 35 -108.40 -71.41 11.85
CA PRO WE 35 -108.56 -70.29 10.94
C PRO WE 35 -110.01 -70.03 10.54
N GLU WE 36 -110.25 -68.80 10.10
CA GLU WE 36 -111.58 -68.37 9.65
C GLU WE 36 -111.42 -67.43 8.47
N THR WE 37 -112.50 -67.27 7.72
CA THR WE 37 -112.46 -66.40 6.55
C THR WE 37 -112.26 -64.95 6.92
N SER WE 38 -112.66 -64.55 8.13
CA SER WE 38 -112.54 -63.17 8.57
C SER WE 38 -111.71 -63.00 9.83
N SER WE 39 -111.30 -64.08 10.50
CA SER WE 39 -110.57 -63.97 11.75
C SER WE 39 -109.82 -65.28 12.01
N SER WE 40 -109.29 -65.42 13.22
CA SER WE 40 -108.65 -66.64 13.66
C SER WE 40 -108.64 -66.67 15.18
N PHE WE 41 -108.41 -67.85 15.73
CA PHE WE 41 -108.37 -68.06 17.18
C PHE WE 41 -107.08 -68.79 17.54
N ARG WE 42 -106.43 -68.34 18.61
CA ARG WE 42 -105.25 -68.99 19.14
C ARG WE 42 -105.38 -69.13 20.65
N ALA WE 43 -104.92 -70.26 21.17
CA ALA WE 43 -104.86 -70.50 22.60
C ALA WE 43 -103.50 -71.10 22.95
N LYS WE 44 -102.88 -70.58 24.00
CA LYS WE 44 -101.51 -70.94 24.35
C LYS WE 44 -101.41 -71.16 25.85
N VAL WE 45 -100.67 -72.20 26.24
CA VAL WE 45 -100.46 -72.56 27.64
C VAL WE 45 -98.96 -72.63 27.90
N ARG WE 46 -98.53 -72.05 29.01
CA ARG WE 46 -97.11 -71.99 29.34
C ARG WE 46 -96.87 -72.39 30.78
N HIS WE 47 -95.67 -72.94 31.02
CA HIS WE 47 -95.15 -73.18 32.36
C HIS WE 47 -93.71 -72.68 32.43
N THR WE 48 -93.33 -72.14 33.60
CA THR WE 48 -91.97 -71.69 33.81
C THR WE 48 -91.62 -71.82 35.28
N LYS WE 49 -90.31 -71.85 35.55
CA LYS WE 49 -89.79 -72.21 36.86
C LYS WE 49 -88.45 -71.48 37.01
N GLU WE 50 -88.42 -70.40 37.79
CA GLU WE 50 -87.34 -69.42 37.66
C GLU WE 50 -86.04 -69.95 38.26
N SER WE 51 -85.03 -69.08 38.27
CA SER WE 51 -83.71 -69.43 38.75
C SER WE 51 -83.74 -69.75 40.25
N VAL WE 52 -82.80 -70.60 40.67
CA VAL WE 52 -82.68 -70.96 42.07
C VAL WE 52 -81.79 -69.93 42.76
N LYS WE 53 -82.27 -69.41 43.89
CA LYS WE 53 -81.59 -68.36 44.64
C LYS WE 53 -81.01 -68.93 45.93
N PRO WE 54 -79.97 -68.29 46.50
CA PRO WE 54 -79.29 -68.90 47.66
C PRO WE 54 -80.21 -69.22 48.83
N ASN WE 55 -80.86 -68.22 49.45
CA ASN WE 55 -81.87 -68.45 50.49
C ASN WE 55 -83.11 -67.58 50.25
N GLN WE 56 -83.95 -68.01 49.31
CA GLN WE 56 -85.28 -67.45 49.12
C GLN WE 56 -86.22 -68.53 48.64
N VAL WE 57 -87.52 -68.26 48.80
CA VAL WE 57 -88.54 -69.25 48.52
C VAL WE 57 -88.74 -69.36 47.01
N GLN WE 58 -88.39 -70.51 46.46
CA GLN WE 58 -88.48 -70.73 45.03
C GLN WE 58 -89.94 -71.00 44.65
N TYR WE 59 -90.38 -70.39 43.55
CA TYR WE 59 -91.79 -70.33 43.20
C TYR WE 59 -92.02 -70.95 41.82
N GLU WE 60 -93.30 -71.15 41.50
CA GLU WE 60 -93.73 -71.72 40.23
C GLU WE 60 -94.97 -70.99 39.74
N ARG WE 61 -95.06 -70.77 38.42
CA ARG WE 61 -96.17 -70.04 37.84
C ARG WE 61 -96.74 -70.78 36.63
N HIS WE 62 -98.06 -70.65 36.45
CA HIS WE 62 -98.76 -71.18 35.29
C HIS WE 62 -99.50 -70.06 34.57
N ASN WE 63 -99.61 -70.19 33.25
CA ASN WE 63 -100.21 -69.17 32.39
C ASN WE 63 -101.10 -69.82 31.34
N VAL WE 64 -102.25 -69.19 31.07
CA VAL WE 64 -103.14 -69.58 29.98
C VAL WE 64 -103.67 -68.32 29.31
N GLU WE 65 -103.71 -68.31 27.98
CA GLU WE 65 -104.04 -67.11 27.22
C GLU WE 65 -104.93 -67.46 26.04
N PHE WE 66 -105.92 -66.60 25.79
CA PHE WE 66 -106.77 -66.67 24.60
C PHE WE 66 -106.57 -65.41 23.78
N THR WE 67 -106.46 -65.56 22.45
CA THR WE 67 -106.22 -64.44 21.56
C THR WE 67 -107.13 -64.58 20.34
N GLU WE 68 -107.66 -63.44 19.88
CA GLU WE 68 -108.53 -63.39 18.72
C GLU WE 68 -108.03 -62.29 17.79
N THR WE 69 -107.89 -62.61 16.51
CA THR WE 69 -107.33 -61.69 15.51
C THR WE 69 -108.37 -61.39 14.45
N VAL WE 70 -108.49 -60.10 14.08
CA VAL WE 70 -109.41 -59.66 13.04
C VAL WE 70 -108.58 -59.08 11.90
N TYR WE 71 -108.74 -59.65 10.71
CA TYR WE 71 -107.94 -59.25 9.56
C TYR WE 71 -108.34 -57.87 9.06
N ALA WE 72 -107.35 -57.11 8.61
CA ALA WE 72 -107.59 -55.75 8.17
C ALA WE 72 -108.57 -55.73 7.00
N SER WE 73 -109.53 -54.82 7.06
CA SER WE 73 -110.55 -54.69 6.04
C SER WE 73 -110.68 -53.21 5.66
N GLY WE 74 -110.36 -52.89 4.41
CA GLY WE 74 -110.45 -51.51 3.98
C GLY WE 74 -109.58 -50.61 4.83
N SER WE 75 -110.17 -49.53 5.32
CA SER WE 75 -109.42 -48.58 6.14
C SER WE 75 -109.05 -49.15 7.49
N THR WE 76 -109.89 -50.01 8.04
CA THR WE 76 -109.64 -50.57 9.38
C THR WE 76 -108.37 -51.42 9.37
N PRO WE 77 -107.38 -51.13 10.22
CA PRO WE 77 -106.18 -51.97 10.25
C PRO WE 77 -106.33 -53.20 11.12
N GLU WE 78 -105.23 -53.92 11.31
CA GLU WE 78 -105.23 -55.12 12.14
C GLU WE 78 -105.50 -54.76 13.61
N PHE WE 79 -106.20 -55.65 14.30
CA PHE WE 79 -106.37 -55.49 15.75
C PHE WE 79 -106.76 -56.83 16.35
N VAL WE 80 -106.58 -56.94 17.67
CA VAL WE 80 -106.65 -58.21 18.37
C VAL WE 80 -107.45 -58.04 19.65
N ARG WE 81 -107.97 -59.17 20.14
CA ARG WE 81 -108.58 -59.25 21.48
C ARG WE 81 -108.03 -60.47 22.19
N GLN WE 82 -107.60 -60.31 23.43
CA GLN WE 82 -107.05 -61.43 24.19
C GLN WE 82 -107.34 -61.27 25.67
N ALA WE 83 -107.27 -62.39 26.39
CA ALA WE 83 -107.39 -62.41 27.84
C ALA WE 83 -106.63 -63.63 28.37
N TYR WE 84 -105.97 -63.48 29.52
CA TYR WE 84 -105.12 -64.54 30.03
C TYR WE 84 -105.08 -64.52 31.55
N VAL WE 85 -104.68 -65.65 32.13
CA VAL WE 85 -104.59 -65.83 33.58
C VAL WE 85 -103.22 -66.35 33.93
N VAL WE 86 -102.74 -66.00 35.13
CA VAL WE 86 -101.48 -66.50 35.67
C VAL WE 86 -101.73 -66.96 37.09
N ILE WE 87 -101.13 -68.10 37.46
CA ILE WE 87 -101.23 -68.66 38.81
C ILE WE 87 -99.82 -68.87 39.33
N ARG WE 88 -99.59 -68.53 40.60
CA ARG WE 88 -98.25 -68.56 41.17
C ARG WE 88 -98.29 -69.17 42.57
N HIS WE 89 -97.37 -70.08 42.86
CA HIS WE 89 -97.29 -70.74 44.17
C HIS WE 89 -95.91 -71.37 44.29
N LYS WE 90 -95.70 -72.11 45.38
CA LYS WE 90 -94.38 -72.66 45.69
C LYS WE 90 -94.10 -73.89 44.82
N VAL WE 91 -93.00 -74.57 45.10
CA VAL WE 91 -92.63 -75.78 44.38
C VAL WE 91 -93.29 -77.01 45.00
N GLY WE 92 -93.40 -77.05 46.33
CA GLY WE 92 -94.00 -78.19 46.99
C GLY WE 92 -95.19 -77.85 47.86
N ASP WE 93 -96.03 -76.94 47.39
CA ASP WE 93 -97.20 -76.52 48.15
C ASP WE 93 -98.29 -77.59 48.08
N VAL WE 94 -99.47 -77.27 48.60
CA VAL WE 94 -100.63 -78.16 48.55
C VAL WE 94 -101.51 -77.71 47.40
N SER WE 95 -101.86 -78.66 46.52
CA SER WE 95 -102.61 -78.33 45.31
C SER WE 95 -104.02 -77.84 45.62
N ALA WE 96 -104.65 -78.41 46.65
CA ALA WE 96 -106.05 -78.11 46.91
C ALA WE 96 -106.26 -76.63 47.22
N THR WE 97 -105.37 -76.04 48.03
CA THR WE 97 -105.56 -74.64 48.43
C THR WE 97 -105.40 -73.70 47.24
N VAL WE 98 -104.35 -73.90 46.44
CA VAL WE 98 -104.14 -73.04 45.28
C VAL WE 98 -105.30 -73.20 44.31
N SER WE 99 -105.80 -74.44 44.15
CA SER WE 99 -106.97 -74.65 43.31
C SER WE 99 -108.18 -73.91 43.84
N ASP WE 100 -108.37 -73.91 45.16
CA ASP WE 100 -109.50 -73.21 45.75
C ASP WE 100 -109.43 -71.72 45.48
N LEU WE 101 -108.24 -71.13 45.66
CA LEU WE 101 -108.08 -69.70 45.37
C LEU WE 101 -108.36 -69.41 43.90
N GLY WE 102 -107.84 -70.26 43.01
CA GLY WE 102 -108.07 -70.04 41.58
C GLY WE 102 -109.53 -70.10 41.22
N GLU WE 103 -110.24 -71.09 41.74
CA GLU WE 103 -111.65 -71.22 41.39
C GLU WE 103 -112.49 -70.12 42.06
N ALA WE 104 -112.06 -69.62 43.22
CA ALA WE 104 -112.70 -68.44 43.77
C ALA WE 104 -112.57 -67.25 42.82
N LEU WE 105 -111.36 -67.03 42.29
CA LEU WE 105 -111.16 -65.92 41.35
C LEU WE 105 -112.01 -66.12 40.10
N SER WE 106 -112.08 -67.36 39.60
CA SER WE 106 -112.90 -67.63 38.44
C SER WE 106 -114.38 -67.37 38.72
N PHE WE 107 -114.85 -67.75 39.90
CA PHE WE 107 -116.25 -67.58 40.27
C PHE WE 107 -116.61 -66.10 40.47
N TYR WE 108 -115.67 -65.28 40.94
CA TYR WE 108 -115.97 -63.87 41.16
C TYR WE 108 -116.34 -63.16 39.86
N LEU WE 109 -115.61 -63.44 38.78
CA LEU WE 109 -115.82 -62.70 37.54
C LEU WE 109 -117.04 -63.20 36.78
N ASN WE 110 -117.83 -62.25 36.29
CA ASN WE 110 -118.99 -62.54 35.45
C ASN WE 110 -119.35 -61.27 34.71
N GLU WE 111 -120.38 -61.35 33.87
CA GLU WE 111 -120.74 -60.21 33.01
C GLU WE 111 -120.92 -58.93 33.80
N ALA WE 112 -121.50 -58.99 34.99
CA ALA WE 112 -121.59 -57.78 35.80
C ALA WE 112 -120.20 -57.18 36.01
N LEU WE 113 -119.23 -58.01 36.39
CA LEU WE 113 -117.89 -57.51 36.67
C LEU WE 113 -117.21 -57.00 35.41
N TYR WE 114 -117.24 -57.76 34.33
CA TYR WE 114 -116.57 -57.31 33.11
C TYR WE 114 -117.19 -56.01 32.61
N GLY WE 115 -118.53 -55.93 32.63
CA GLY WE 115 -119.19 -54.71 32.23
C GLY WE 115 -118.77 -53.53 33.09
N LYS WE 116 -118.59 -53.77 34.39
CA LYS WE 116 -118.13 -52.68 35.25
C LYS WE 116 -116.68 -52.28 34.93
N LEU WE 117 -115.80 -53.26 34.69
CA LEU WE 117 -114.42 -52.93 34.37
C LEU WE 117 -114.30 -52.12 33.09
N ILE WE 118 -115.03 -52.49 32.04
CA ILE WE 118 -115.10 -51.60 30.88
C ILE WE 118 -115.85 -50.31 31.24
N GLY WE 119 -116.64 -50.35 32.32
CA GLY WE 119 -117.16 -49.12 32.90
C GLY WE 119 -116.06 -48.25 33.51
N TRP WE 120 -114.85 -48.80 33.60
CA TRP WE 120 -113.62 -48.17 34.05
C TRP WE 120 -113.58 -48.00 35.57
N GLU WE 121 -114.63 -48.34 36.31
CA GLU WE 121 -114.63 -48.14 37.74
C GLU WE 121 -113.89 -49.25 38.47
N SER WE 122 -113.12 -48.84 39.48
CA SER WE 122 -112.30 -49.75 40.27
C SER WE 122 -112.65 -49.63 41.75
N ALA XE 1 -92.21 -92.15 21.07
CA ALA XE 1 -93.62 -92.64 20.99
C ALA XE 1 -93.89 -93.75 22.00
N LEU XE 2 -93.24 -93.67 23.16
CA LEU XE 2 -93.44 -94.67 24.21
C LEU XE 2 -94.87 -94.66 24.74
N GLY XE 3 -95.57 -93.53 24.59
CA GLY XE 3 -96.89 -93.39 25.18
C GLY XE 3 -96.94 -92.20 26.13
N ASP XE 4 -98.12 -91.61 26.30
CA ASP XE 4 -98.24 -90.43 27.14
C ASP XE 4 -97.99 -90.72 28.62
N THR XE 5 -97.98 -91.98 29.03
CA THR XE 5 -97.79 -92.34 30.43
C THR XE 5 -96.64 -93.33 30.59
N LEU XE 6 -95.91 -93.18 31.69
CA LEU XE 6 -94.80 -94.06 32.04
C LEU XE 6 -95.01 -94.55 33.45
N THR XE 7 -94.84 -95.86 33.66
CA THR XE 7 -95.11 -96.50 34.93
C THR XE 7 -93.82 -96.89 35.62
N ILE XE 8 -93.70 -96.53 36.90
CA ILE XE 8 -92.53 -96.85 37.71
C ILE XE 8 -93.03 -97.66 38.91
N THR XE 9 -92.48 -98.86 39.07
CA THR XE 9 -92.86 -99.77 40.14
C THR XE 9 -91.72 -99.81 41.15
N LEU XE 10 -91.85 -99.07 42.24
CA LEU XE 10 -90.79 -99.04 43.24
C LEU XE 10 -90.60 -100.41 43.85
N GLY XE 11 -89.34 -100.72 44.17
CA GLY XE 11 -89.01 -102.05 44.68
C GLY XE 11 -89.17 -103.15 43.64
N GLY XE 12 -88.78 -102.88 42.40
CA GLY XE 12 -88.83 -103.92 41.38
C GLY XE 12 -90.24 -104.42 41.15
N SER XE 13 -90.38 -105.73 41.00
CA SER XE 13 -91.67 -106.35 40.75
C SER XE 13 -92.59 -106.31 41.97
N GLY XE 14 -92.08 -105.88 43.12
CA GLY XE 14 -92.88 -105.85 44.33
C GLY XE 14 -94.22 -105.15 44.18
N GLY XE 15 -94.19 -103.83 43.99
CA GLY XE 15 -95.43 -103.08 43.86
C GLY XE 15 -95.18 -101.59 43.89
N THR XE 16 -96.18 -100.85 44.35
CA THR XE 16 -96.12 -99.40 44.47
C THR XE 16 -95.87 -98.74 43.10
N ALA XE 17 -96.84 -98.95 42.22
CA ALA XE 17 -96.77 -98.43 40.86
C ALA XE 17 -97.14 -96.95 40.83
N LYS XE 18 -96.39 -96.18 40.05
CA LYS XE 18 -96.60 -94.75 39.89
C LYS XE 18 -96.57 -94.39 38.42
N VAL XE 19 -97.45 -93.48 38.01
CA VAL XE 19 -97.63 -93.12 36.61
C VAL XE 19 -97.22 -91.68 36.41
N LEU XE 20 -96.41 -91.43 35.39
CA LEU XE 20 -95.97 -90.09 35.03
C LEU XE 20 -96.42 -89.78 33.62
N ARG XE 21 -96.89 -88.54 33.41
CA ARG XE 21 -97.47 -88.12 32.15
C ARG XE 21 -96.47 -87.29 31.36
N LYS XE 22 -96.54 -87.38 30.03
CA LYS XE 22 -95.63 -86.64 29.19
C LYS XE 22 -95.88 -85.14 29.34
N ILE XE 23 -94.80 -84.37 29.39
CA ILE XE 23 -94.88 -82.93 29.62
C ILE XE 23 -94.21 -82.19 28.48
N ASN XE 24 -93.23 -82.83 27.83
CA ASN XE 24 -92.38 -82.12 26.89
C ASN XE 24 -91.75 -83.12 25.93
N GLN XE 25 -91.33 -82.61 24.77
CA GLN XE 25 -90.62 -83.42 23.78
C GLN XE 25 -89.86 -82.48 22.86
N ASP XE 26 -88.55 -82.40 23.03
CA ASP XE 26 -87.71 -81.53 22.21
C ASP XE 26 -86.39 -82.20 21.89
N GLY XE 27 -85.96 -82.07 20.64
CA GLY XE 27 -84.65 -82.54 20.24
C GLY XE 27 -84.44 -84.02 20.47
N TYR XE 28 -85.41 -84.84 20.06
CA TYR XE 28 -85.30 -86.29 20.22
C TYR XE 28 -85.23 -86.71 21.69
N THR XE 29 -85.85 -85.92 22.56
CA THR XE 29 -85.86 -86.19 23.99
C THR XE 29 -87.30 -86.15 24.50
N SER XE 30 -87.54 -86.86 25.59
CA SER XE 30 -88.86 -86.91 26.20
C SER XE 30 -88.73 -86.86 27.72
N GLU XE 31 -89.77 -86.38 28.38
CA GLU XE 31 -89.75 -86.18 29.82
C GLU XE 31 -91.15 -86.41 30.40
N TYR XE 32 -91.20 -87.02 31.58
CA TYR XE 32 -92.43 -87.34 32.28
C TYR XE 32 -92.35 -86.82 33.70
N TYR XE 33 -93.49 -86.46 34.28
CA TYR XE 33 -93.52 -85.84 35.60
C TYR XE 33 -94.77 -86.25 36.37
N LEU XE 34 -94.65 -86.26 37.70
CA LEU XE 34 -95.75 -86.58 38.60
C LEU XE 34 -95.52 -86.00 39.98
N PRO XE 35 -96.32 -85.04 40.44
CA PRO XE 35 -96.14 -84.50 41.78
C PRO XE 35 -96.91 -85.30 42.83
N GLU XE 36 -96.46 -85.17 44.08
CA GLU XE 36 -97.00 -85.94 45.19
C GLU XE 36 -97.20 -84.99 46.37
N THR XE 37 -97.63 -85.53 47.51
CA THR XE 37 -97.85 -84.69 48.68
C THR XE 37 -96.53 -84.22 49.29
N SER XE 38 -95.51 -85.09 49.32
CA SER XE 38 -94.22 -84.72 49.88
C SER XE 38 -93.06 -85.10 48.98
N SER XE 39 -93.31 -85.39 47.70
CA SER XE 39 -92.26 -85.72 46.77
C SER XE 39 -92.82 -85.58 45.36
N SER XE 40 -92.00 -85.98 44.38
CA SER XE 40 -92.40 -85.93 42.98
C SER XE 40 -91.42 -86.76 42.17
N PHE XE 41 -91.88 -87.25 41.03
CA PHE XE 41 -91.09 -88.12 40.18
C PHE XE 41 -90.96 -87.55 38.78
N ARG XE 42 -89.77 -87.68 38.21
CA ARG XE 42 -89.47 -87.19 36.88
C ARG XE 42 -88.63 -88.22 36.14
N ALA XE 43 -88.91 -88.42 34.86
CA ALA XE 43 -88.19 -89.35 34.02
C ALA XE 43 -87.88 -88.68 32.68
N LYS XE 44 -86.68 -88.93 32.17
CA LYS XE 44 -86.23 -88.32 30.92
C LYS XE 44 -85.64 -89.40 30.02
N VAL XE 45 -85.89 -89.27 28.72
CA VAL XE 45 -85.28 -90.12 27.70
C VAL XE 45 -84.65 -89.22 26.65
N ARG XE 46 -83.42 -89.54 26.25
CA ARG XE 46 -82.69 -88.69 25.32
C ARG XE 46 -81.83 -89.56 24.41
N HIS XE 47 -81.59 -89.06 23.19
CA HIS XE 47 -80.73 -89.72 22.20
C HIS XE 47 -79.78 -88.69 21.59
N THR XE 48 -78.57 -89.13 21.23
CA THR XE 48 -77.63 -88.20 20.61
C THR XE 48 -76.60 -88.93 19.77
N LYS XE 49 -75.95 -88.17 18.88
CA LYS XE 49 -74.88 -88.63 18.01
C LYS XE 49 -73.76 -87.59 18.07
N GLU XE 50 -72.60 -87.97 18.61
CA GLU XE 50 -71.57 -86.98 18.93
C GLU XE 50 -70.86 -86.50 17.66
N SER XE 51 -70.02 -85.49 17.85
CA SER XE 51 -69.26 -84.90 16.74
C SER XE 51 -68.37 -85.95 16.09
N VAL XE 52 -68.35 -85.94 14.76
CA VAL XE 52 -67.50 -86.85 14.00
C VAL XE 52 -66.10 -86.26 13.89
N LYS XE 53 -65.12 -87.14 13.70
CA LYS XE 53 -63.73 -86.74 13.56
C LYS XE 53 -63.31 -87.53 12.32
N PRO XE 54 -62.57 -86.93 11.38
CA PRO XE 54 -62.57 -87.45 10.01
C PRO XE 54 -62.27 -88.94 9.87
N ASN XE 55 -61.33 -89.49 10.64
CA ASN XE 55 -60.87 -90.87 10.45
C ASN XE 55 -60.97 -91.67 11.74
N GLN XE 56 -62.14 -91.62 12.38
CA GLN XE 56 -62.42 -92.43 13.55
C GLN XE 56 -63.87 -92.92 13.48
N VAL XE 57 -64.13 -94.01 14.20
CA VAL XE 57 -65.45 -94.62 14.18
C VAL XE 57 -66.48 -93.68 14.83
N GLN XE 58 -67.73 -93.79 14.39
CA GLN XE 58 -68.83 -92.99 14.91
C GLN XE 58 -69.75 -93.85 15.76
N TYR XE 59 -70.14 -93.33 16.92
CA TYR XE 59 -70.98 -94.02 17.88
C TYR XE 59 -72.26 -93.23 18.13
N GLU XE 60 -73.19 -93.85 18.85
CA GLU XE 60 -74.36 -93.14 19.37
C GLU XE 60 -74.64 -93.59 20.79
N ARG XE 61 -75.27 -92.69 21.56
CA ARG XE 61 -75.53 -92.94 22.97
C ARG XE 61 -77.03 -92.84 23.22
N HIS XE 62 -77.58 -93.82 23.94
CA HIS XE 62 -78.94 -93.76 24.44
C HIS XE 62 -78.93 -93.86 25.96
N ASN XE 63 -79.58 -92.88 26.61
CA ASN XE 63 -79.57 -92.71 28.05
C ASN XE 63 -80.99 -92.49 28.55
N VAL XE 64 -81.29 -93.02 29.73
CA VAL XE 64 -82.57 -92.80 30.38
C VAL XE 64 -82.34 -92.70 31.89
N GLU XE 65 -83.10 -91.84 32.55
CA GLU XE 65 -82.82 -91.45 33.93
C GLU XE 65 -84.12 -91.34 34.72
N PHE XE 66 -84.10 -91.85 35.94
CA PHE XE 66 -85.15 -91.65 36.93
C PHE XE 66 -84.63 -90.74 38.03
N THR XE 67 -85.47 -89.80 38.47
CA THR XE 67 -85.09 -88.85 39.51
C THR XE 67 -86.23 -88.68 40.50
N GLU XE 68 -85.89 -88.57 41.78
CA GLU XE 68 -86.84 -88.39 42.86
C GLU XE 68 -86.33 -87.29 43.79
N THR XE 69 -87.21 -86.35 44.14
CA THR XE 69 -86.84 -85.23 45.00
C THR XE 69 -87.79 -85.16 46.19
N VAL XE 70 -87.23 -84.90 47.36
CA VAL XE 70 -87.97 -84.83 48.62
C VAL XE 70 -87.92 -83.38 49.10
N TYR XE 71 -89.07 -82.77 49.28
CA TYR XE 71 -89.11 -81.37 49.68
C TYR XE 71 -88.65 -81.20 51.12
N ALA XE 72 -88.14 -80.00 51.41
CA ALA XE 72 -87.64 -79.70 52.73
C ALA XE 72 -88.74 -79.81 53.76
N SER XE 73 -88.43 -80.45 54.88
CA SER XE 73 -89.38 -80.65 55.97
C SER XE 73 -88.68 -80.38 57.28
N GLY XE 74 -89.30 -79.56 58.14
CA GLY XE 74 -88.66 -79.18 59.38
C GLY XE 74 -87.34 -78.46 59.10
N SER XE 75 -86.29 -78.89 59.79
CA SER XE 75 -84.95 -78.34 59.61
C SER XE 75 -84.15 -79.05 58.54
N THR XE 76 -84.64 -80.16 58.00
CA THR XE 76 -83.90 -80.92 57.01
C THR XE 76 -84.07 -80.29 55.62
N PRO XE 77 -82.99 -79.90 54.94
CA PRO XE 77 -83.14 -79.33 53.60
C PRO XE 77 -83.54 -80.39 52.59
N GLU XE 78 -84.00 -79.92 51.44
CA GLU XE 78 -84.41 -80.81 50.37
C GLU XE 78 -83.20 -81.53 49.77
N PHE XE 79 -83.46 -82.71 49.20
CA PHE XE 79 -82.44 -83.52 48.53
C PHE XE 79 -83.11 -84.31 47.41
N VAL XE 80 -82.31 -85.13 46.72
CA VAL XE 80 -82.74 -85.79 45.49
C VAL XE 80 -82.09 -87.17 45.44
N ARG XE 81 -82.85 -88.14 44.96
CA ARG XE 81 -82.32 -89.46 44.59
C ARG XE 81 -82.49 -89.66 43.09
N GLN XE 82 -81.50 -90.30 42.47
CA GLN XE 82 -81.47 -90.39 41.01
C GLN XE 82 -80.66 -91.61 40.59
N ALA XE 83 -81.01 -92.17 39.44
CA ALA XE 83 -80.30 -93.31 38.89
C ALA XE 83 -80.59 -93.41 37.41
N TYR XE 84 -79.55 -93.73 36.62
CA TYR XE 84 -79.68 -93.70 35.17
C TYR XE 84 -78.72 -94.70 34.54
N VAL XE 85 -78.95 -94.99 33.26
CA VAL XE 85 -78.12 -95.91 32.48
C VAL XE 85 -77.80 -95.26 31.14
N VAL XE 86 -76.69 -95.71 30.54
CA VAL XE 86 -76.22 -95.19 29.27
C VAL XE 86 -75.76 -96.36 28.41
N ILE XE 87 -75.96 -96.25 27.10
CA ILE XE 87 -75.53 -97.28 26.14
C ILE XE 87 -74.81 -96.58 25.00
N ARG XE 88 -73.65 -97.11 24.60
CA ARG XE 88 -72.86 -96.55 23.51
C ARG XE 88 -72.53 -97.68 22.54
N HIS XE 89 -72.76 -97.44 21.24
CA HIS XE 89 -72.46 -98.44 20.23
C HIS XE 89 -72.26 -97.75 18.88
N LYS XE 90 -71.57 -98.43 17.98
CA LYS XE 90 -71.19 -97.84 16.70
C LYS XE 90 -72.41 -97.70 15.79
N VAL XE 91 -72.35 -96.68 14.91
CA VAL XE 91 -73.40 -96.49 13.93
C VAL XE 91 -73.43 -97.68 12.99
N GLY XE 92 -74.62 -98.24 12.77
CA GLY XE 92 -74.77 -99.35 11.88
C GLY XE 92 -74.44 -100.71 12.46
N ASP XE 93 -74.38 -100.84 13.77
CA ASP XE 93 -74.10 -102.12 14.39
C ASP XE 93 -75.32 -103.04 14.31
N VAL XE 94 -75.10 -104.30 14.64
CA VAL XE 94 -76.19 -105.28 14.68
C VAL XE 94 -76.99 -105.05 15.96
N SER XE 95 -78.30 -104.88 15.82
CA SER XE 95 -79.12 -104.47 16.96
C SER XE 95 -79.12 -105.53 18.06
N ALA XE 96 -79.26 -106.80 17.68
CA ALA XE 96 -79.35 -107.85 18.69
C ALA XE 96 -78.06 -107.97 19.50
N THR XE 97 -76.91 -107.86 18.83
CA THR XE 97 -75.64 -107.95 19.54
C THR XE 97 -75.55 -106.88 20.62
N VAL XE 98 -75.85 -105.63 20.27
CA VAL XE 98 -75.76 -104.56 21.27
C VAL XE 98 -76.83 -104.73 22.33
N SER XE 99 -78.01 -105.24 21.96
CA SER XE 99 -79.08 -105.42 22.94
C SER XE 99 -78.78 -106.54 23.93
N ASP XE 100 -77.91 -107.49 23.58
CA ASP XE 100 -77.52 -108.52 24.54
C ASP XE 100 -76.89 -107.87 25.78
N LEU XE 101 -75.93 -106.97 25.57
CA LEU XE 101 -75.46 -106.11 26.64
C LEU XE 101 -76.60 -105.18 27.08
N GLY XE 102 -76.35 -104.44 28.15
CA GLY XE 102 -77.42 -103.64 28.72
C GLY XE 102 -78.41 -104.56 29.40
N GLU XE 103 -78.99 -105.49 28.64
CA GLU XE 103 -79.87 -106.49 29.22
C GLU XE 103 -79.14 -107.43 30.16
N ALA XE 104 -77.93 -107.87 29.79
CA ALA XE 104 -77.14 -108.66 30.74
C ALA XE 104 -76.87 -107.88 32.01
N LEU XE 105 -76.53 -106.59 31.86
CA LEU XE 105 -76.27 -105.76 33.04
C LEU XE 105 -77.52 -105.64 33.91
N SER XE 106 -78.69 -105.47 33.28
CA SER XE 106 -79.94 -105.39 34.04
C SER XE 106 -80.19 -106.69 34.79
N PHE XE 107 -79.95 -107.84 34.15
CA PHE XE 107 -80.11 -109.11 34.85
C PHE XE 107 -79.14 -109.23 36.01
N TYR XE 108 -77.91 -108.72 35.84
CA TYR XE 108 -76.92 -108.77 36.91
C TYR XE 108 -77.35 -107.95 38.12
N LEU XE 109 -77.90 -106.76 37.90
CA LEU XE 109 -78.31 -105.92 39.01
C LEU XE 109 -79.47 -106.57 39.75
N ASN XE 110 -79.36 -106.61 41.08
CA ASN XE 110 -80.32 -107.34 41.90
C ASN XE 110 -80.47 -106.61 43.23
N GLU XE 111 -81.30 -107.18 44.10
CA GLU XE 111 -81.59 -106.61 45.42
C GLU XE 111 -80.32 -106.47 46.24
N ALA XE 112 -79.65 -107.59 46.52
CA ALA XE 112 -78.49 -107.56 47.42
C ALA XE 112 -77.35 -106.74 46.84
N LEU XE 113 -77.17 -106.79 45.52
CA LEU XE 113 -76.04 -106.10 44.89
C LEU XE 113 -76.10 -104.59 45.14
N TYR XE 114 -77.29 -104.01 45.04
CA TYR XE 114 -77.43 -102.59 45.31
C TYR XE 114 -76.95 -102.27 46.72
N GLY XE 115 -77.33 -103.10 47.69
CA GLY XE 115 -76.82 -102.92 49.04
C GLY XE 115 -75.32 -103.03 49.12
N LYS XE 116 -74.73 -103.96 48.35
CA LYS XE 116 -73.27 -104.07 48.34
C LYS XE 116 -72.64 -102.76 47.91
N LEU XE 117 -73.13 -102.16 46.82
CA LEU XE 117 -72.55 -100.89 46.39
C LEU XE 117 -72.82 -99.76 47.37
N ILE XE 118 -73.98 -99.75 48.02
CA ILE XE 118 -74.27 -98.67 48.97
C ILE XE 118 -73.26 -98.68 50.12
N GLY XE 119 -72.73 -99.85 50.45
CA GLY XE 119 -71.73 -99.94 51.49
C GLY XE 119 -70.32 -99.70 51.02
N TRP XE 120 -70.15 -99.13 49.82
CA TRP XE 120 -68.81 -98.84 49.29
C TRP XE 120 -68.00 -100.10 49.03
N GLU XE 121 -68.62 -101.25 49.24
CA GLU XE 121 -67.97 -102.52 48.96
C GLU XE 121 -67.73 -102.69 47.46
N SER XE 122 -66.49 -103.04 47.11
CA SER XE 122 -66.09 -103.21 45.72
C SER XE 122 -65.74 -104.66 45.42
N ALA YE 1 -100.82 -83.22 15.19
CA ALA YE 1 -101.93 -83.98 15.83
C ALA YE 1 -102.35 -85.13 14.92
N LEU YE 2 -101.44 -85.54 14.02
CA LEU YE 2 -101.80 -86.55 13.03
C LEU YE 2 -102.09 -87.90 13.68
N GLY YE 3 -101.34 -88.26 14.71
CA GLY YE 3 -101.41 -89.58 15.31
C GLY YE 3 -100.02 -90.11 15.61
N ASP YE 4 -99.98 -91.12 16.48
CA ASP YE 4 -98.72 -91.69 16.94
C ASP YE 4 -98.04 -92.59 15.91
N THR YE 5 -98.81 -93.13 14.96
CA THR YE 5 -98.23 -93.91 13.87
C THR YE 5 -98.74 -93.39 12.54
N LEU YE 6 -97.91 -93.56 11.52
CA LEU YE 6 -98.26 -93.24 10.15
C LEU YE 6 -98.01 -94.49 9.32
N THR YE 7 -98.95 -94.77 8.41
CA THR YE 7 -98.94 -96.00 7.64
C THR YE 7 -98.60 -95.70 6.18
N ILE YE 8 -97.60 -96.39 5.65
CA ILE YE 8 -97.25 -96.32 4.24
C ILE YE 8 -97.54 -97.68 3.64
N THR YE 9 -98.39 -97.69 2.62
CA THR YE 9 -98.83 -98.93 1.98
C THR YE 9 -98.27 -98.94 0.56
N LEU YE 10 -97.11 -99.58 0.39
CA LEU YE 10 -96.52 -99.65 -0.94
C LEU YE 10 -97.43 -100.47 -1.86
N GLY YE 11 -97.60 -99.97 -3.08
CA GLY YE 11 -98.47 -100.61 -4.05
C GLY YE 11 -99.90 -100.14 -4.02
N GLY YE 12 -100.19 -99.01 -3.38
CA GLY YE 12 -101.55 -98.53 -3.31
C GLY YE 12 -102.43 -99.46 -2.49
N SER YE 13 -103.70 -99.53 -2.88
CA SER YE 13 -104.64 -100.38 -2.16
C SER YE 13 -104.28 -101.85 -2.31
N GLY YE 14 -104.42 -102.59 -1.22
CA GLY YE 14 -104.15 -104.01 -1.23
C GLY YE 14 -102.69 -104.39 -1.29
N GLY YE 15 -101.79 -103.52 -0.84
CA GLY YE 15 -100.37 -103.73 -0.92
C GLY YE 15 -99.75 -104.16 0.39
N THR YE 16 -98.51 -103.76 0.61
CA THR YE 16 -97.76 -104.05 1.83
C THR YE 16 -97.70 -102.79 2.68
N ALA YE 17 -97.98 -102.94 3.98
CA ALA YE 17 -98.04 -101.81 4.90
C ALA YE 17 -96.75 -101.67 5.70
N LYS YE 18 -96.36 -100.42 5.94
CA LYS YE 18 -95.28 -100.07 6.86
C LYS YE 18 -95.80 -99.05 7.86
N VAL YE 19 -95.54 -99.28 9.15
CA VAL YE 19 -96.05 -98.43 10.23
C VAL YE 19 -94.88 -97.65 10.81
N LEU YE 20 -94.94 -96.33 10.68
CA LEU YE 20 -93.90 -95.46 11.20
C LEU YE 20 -94.27 -94.97 12.60
N ARG YE 21 -93.29 -94.40 13.29
CA ARG YE 21 -93.44 -93.91 14.65
C ARG YE 21 -92.95 -92.46 14.71
N LYS YE 22 -93.44 -91.69 15.68
CA LYS YE 22 -92.90 -90.34 15.86
C LYS YE 22 -91.54 -90.36 16.50
N ILE YE 23 -90.68 -89.42 16.09
CA ILE YE 23 -89.36 -89.24 16.68
C ILE YE 23 -89.22 -87.87 17.33
N ASN YE 24 -89.83 -86.83 16.76
CA ASN YE 24 -89.64 -85.47 17.23
C ASN YE 24 -90.66 -84.58 16.56
N GLN YE 25 -91.01 -83.48 17.21
CA GLN YE 25 -91.95 -82.52 16.60
C GLN YE 25 -91.77 -81.17 17.31
N ASP YE 26 -90.97 -80.27 16.71
CA ASP YE 26 -90.73 -78.96 17.29
C ASP YE 26 -91.22 -77.82 16.43
N GLY YE 27 -90.76 -77.68 15.19
CA GLY YE 27 -90.95 -76.44 14.47
C GLY YE 27 -92.16 -76.42 13.58
N TYR YE 28 -93.32 -76.78 14.12
CA TYR YE 28 -94.52 -76.99 13.31
C TYR YE 28 -94.28 -78.10 12.28
N THR YE 29 -93.31 -78.96 12.56
CA THR YE 29 -92.93 -80.04 11.66
C THR YE 29 -92.85 -81.34 12.46
N SER YE 30 -93.06 -82.44 11.76
CA SER YE 30 -92.96 -83.77 12.36
C SER YE 30 -92.17 -84.67 11.43
N GLU YE 31 -91.59 -85.71 12.00
CA GLU YE 31 -90.96 -86.75 11.22
C GLU YE 31 -91.18 -88.11 11.87
N TYR YE 32 -91.27 -89.14 11.04
CA TYR YE 32 -91.49 -90.51 11.47
C TYR YE 32 -90.34 -91.36 10.96
N TYR YE 33 -90.01 -92.44 11.68
CA TYR YE 33 -88.87 -93.26 11.29
C TYR YE 33 -89.14 -94.73 11.57
N LEU YE 34 -88.44 -95.60 10.83
CA LEU YE 34 -88.51 -97.06 11.01
C LEU YE 34 -87.30 -97.73 10.40
N PRO YE 35 -86.44 -98.39 11.17
CA PRO YE 35 -85.32 -99.15 10.58
C PRO YE 35 -85.68 -100.60 10.30
N GLU YE 36 -84.95 -101.18 9.34
CA GLU YE 36 -85.09 -102.58 8.99
C GLU YE 36 -83.77 -103.07 8.39
N THR YE 37 -83.76 -104.31 7.92
CA THR YE 37 -82.49 -104.97 7.60
C THR YE 37 -81.76 -104.30 6.45
N SER YE 38 -82.44 -104.10 5.32
CA SER YE 38 -81.79 -103.63 4.10
C SER YE 38 -82.05 -102.17 3.77
N SER YE 39 -82.89 -101.47 4.53
CA SER YE 39 -83.27 -100.11 4.20
C SER YE 39 -83.89 -99.47 5.42
N SER YE 40 -84.53 -98.31 5.22
CA SER YE 40 -85.22 -97.61 6.28
C SER YE 40 -86.23 -96.65 5.65
N PHE YE 41 -87.30 -96.37 6.39
CA PHE YE 41 -88.37 -95.48 5.96
C PHE YE 41 -88.41 -94.28 6.90
N ARG YE 42 -88.49 -93.08 6.32
CA ARG YE 42 -88.72 -91.87 7.10
C ARG YE 42 -89.65 -90.95 6.33
N ALA YE 43 -90.47 -90.19 7.06
CA ALA YE 43 -91.41 -89.26 6.46
C ALA YE 43 -91.52 -88.04 7.34
N LYS YE 44 -91.57 -86.86 6.72
CA LYS YE 44 -91.62 -85.59 7.43
C LYS YE 44 -92.76 -84.72 6.89
N VAL YE 45 -93.35 -83.93 7.78
CA VAL YE 45 -94.43 -83.00 7.44
C VAL YE 45 -93.98 -81.61 7.86
N ARG YE 46 -94.18 -80.62 6.99
CA ARG YE 46 -93.72 -79.27 7.26
C ARG YE 46 -94.81 -78.26 6.89
N HIS YE 47 -94.98 -77.24 7.74
CA HIS YE 47 -95.85 -76.11 7.48
C HIS YE 47 -95.02 -74.83 7.60
N THR YE 48 -95.28 -73.85 6.73
CA THR YE 48 -94.51 -72.61 6.75
C THR YE 48 -95.37 -71.45 6.26
N LYS YE 49 -94.87 -70.24 6.51
CA LYS YE 49 -95.46 -69.00 6.05
C LYS YE 49 -94.46 -68.31 5.13
N GLU YE 50 -94.91 -67.92 3.93
CA GLU YE 50 -94.00 -67.31 2.98
C GLU YE 50 -93.69 -65.86 3.36
N SER YE 51 -92.64 -65.32 2.73
CA SER YE 51 -92.11 -64.02 3.10
C SER YE 51 -93.10 -62.91 2.79
N VAL YE 52 -92.99 -61.81 3.53
CA VAL YE 52 -93.88 -60.66 3.43
C VAL YE 52 -93.17 -59.54 2.67
N LYS YE 53 -93.84 -58.98 1.67
CA LYS YE 53 -93.40 -57.75 1.04
C LYS YE 53 -94.60 -56.83 0.93
N PRO YE 54 -94.46 -55.55 1.25
CA PRO YE 54 -95.65 -54.71 1.47
C PRO YE 54 -96.57 -54.69 0.26
N ASN YE 55 -97.88 -54.63 0.54
CA ASN YE 55 -98.91 -54.52 -0.49
C ASN YE 55 -98.97 -55.78 -1.36
N GLN YE 56 -98.89 -56.94 -0.72
CA GLN YE 56 -99.00 -58.23 -1.39
C GLN YE 56 -99.89 -59.16 -0.57
N VAL YE 57 -100.49 -60.13 -1.25
CA VAL YE 57 -101.36 -61.09 -0.59
C VAL YE 57 -100.52 -62.16 0.09
N GLN YE 58 -100.84 -62.45 1.35
CA GLN YE 58 -100.06 -63.44 2.10
C GLN YE 58 -100.45 -64.86 1.67
N TYR YE 59 -99.43 -65.72 1.56
CA TYR YE 59 -99.59 -67.08 1.06
C TYR YE 59 -99.09 -68.06 2.12
N GLU YE 60 -99.52 -69.32 2.00
CA GLU YE 60 -99.11 -70.37 2.92
C GLU YE 60 -98.71 -71.62 2.14
N ARG YE 61 -97.79 -72.39 2.72
CA ARG YE 61 -97.21 -73.56 2.08
C ARG YE 61 -97.34 -74.78 2.99
N HIS YE 62 -97.71 -75.92 2.41
CA HIS YE 62 -97.73 -77.20 3.10
C HIS YE 62 -97.02 -78.25 2.26
N ASN YE 63 -96.17 -79.04 2.92
CA ASN YE 63 -95.30 -80.01 2.25
C ASN YE 63 -95.36 -81.35 2.96
N VAL YE 64 -95.28 -82.42 2.19
CA VAL YE 64 -95.21 -83.79 2.71
C VAL YE 64 -94.28 -84.58 1.81
N GLU YE 65 -93.42 -85.41 2.41
CA GLU YE 65 -92.44 -86.18 1.67
C GLU YE 65 -92.31 -87.58 2.26
N PHE YE 66 -92.04 -88.55 1.38
CA PHE YE 66 -91.63 -89.89 1.75
C PHE YE 66 -90.23 -90.15 1.23
N THR YE 67 -89.42 -90.86 2.01
CA THR YE 67 -88.03 -91.15 1.64
C THR YE 67 -87.73 -92.61 1.95
N GLU YE 68 -86.93 -93.24 1.09
CA GLU YE 68 -86.50 -94.63 1.25
C GLU YE 68 -85.00 -94.69 1.01
N THR YE 69 -84.24 -95.07 2.03
CA THR YE 69 -82.78 -95.19 1.92
C THR YE 69 -82.41 -96.67 1.87
N VAL YE 70 -81.64 -97.04 0.84
CA VAL YE 70 -81.18 -98.41 0.65
C VAL YE 70 -79.73 -98.49 1.11
N TYR YE 71 -79.45 -99.38 2.06
CA TYR YE 71 -78.12 -99.49 2.62
C TYR YE 71 -77.14 -100.03 1.58
N ALA YE 72 -75.87 -99.64 1.73
CA ALA YE 72 -74.84 -100.08 0.81
C ALA YE 72 -74.66 -101.59 0.88
N SER YE 73 -74.37 -102.19 -0.27
CA SER YE 73 -74.18 -103.64 -0.36
C SER YE 73 -73.15 -103.92 -1.43
N GLY YE 74 -71.99 -104.44 -1.02
CA GLY YE 74 -70.94 -104.74 -1.99
C GLY YE 74 -70.47 -103.49 -2.70
N SER YE 75 -70.30 -103.61 -4.02
CA SER YE 75 -69.80 -102.49 -4.81
C SER YE 75 -70.79 -101.33 -4.83
N THR YE 76 -72.08 -101.62 -4.95
CA THR YE 76 -73.08 -100.58 -5.12
C THR YE 76 -73.23 -99.78 -3.84
N PRO YE 77 -73.05 -98.46 -3.86
CA PRO YE 77 -73.22 -97.66 -2.64
C PRO YE 77 -74.69 -97.43 -2.33
N GLU YE 78 -74.92 -96.86 -1.15
CA GLU YE 78 -76.27 -96.55 -0.71
C GLU YE 78 -76.87 -95.45 -1.57
N PHE YE 79 -78.19 -95.52 -1.76
CA PHE YE 79 -78.92 -94.51 -2.52
C PHE YE 79 -80.30 -94.37 -1.89
N VAL YE 80 -81.09 -93.41 -2.40
CA VAL YE 80 -82.34 -93.02 -1.77
C VAL YE 80 -83.45 -93.01 -2.81
N ARG YE 81 -84.69 -93.06 -2.32
CA ARG YE 81 -85.87 -92.86 -3.15
C ARG YE 81 -86.84 -91.95 -2.40
N GLN YE 82 -87.33 -90.92 -3.09
CA GLN YE 82 -88.10 -89.85 -2.46
C GLN YE 82 -89.41 -89.64 -3.20
N ALA YE 83 -90.32 -88.91 -2.55
CA ALA YE 83 -91.56 -88.47 -3.18
C ALA YE 83 -92.26 -87.46 -2.29
N TYR YE 84 -92.60 -86.28 -2.81
CA TYR YE 84 -93.16 -85.24 -1.97
C TYR YE 84 -94.14 -84.36 -2.74
N VAL YE 85 -94.94 -83.60 -1.98
CA VAL YE 85 -95.95 -82.71 -2.51
C VAL YE 85 -95.82 -81.35 -1.83
N VAL YE 86 -96.38 -80.33 -2.47
CA VAL YE 86 -96.44 -78.99 -1.92
C VAL YE 86 -97.79 -78.38 -2.27
N ILE YE 87 -98.38 -77.64 -1.34
CA ILE YE 87 -99.65 -76.96 -1.53
C ILE YE 87 -99.47 -75.48 -1.17
N ARG YE 88 -99.93 -74.60 -2.05
CA ARG YE 88 -99.86 -73.16 -1.81
C ARG YE 88 -101.26 -72.57 -1.93
N HIS YE 89 -101.63 -71.73 -0.95
CA HIS YE 89 -102.89 -70.99 -1.02
C HIS YE 89 -102.76 -69.75 -0.15
N LYS YE 90 -103.60 -68.76 -0.44
CA LYS YE 90 -103.54 -67.50 0.26
C LYS YE 90 -104.24 -67.60 1.62
N VAL YE 91 -103.88 -66.67 2.51
CA VAL YE 91 -104.41 -66.69 3.86
C VAL YE 91 -105.87 -66.29 3.84
N GLY YE 92 -106.69 -67.04 4.57
CA GLY YE 92 -108.11 -66.77 4.66
C GLY YE 92 -108.97 -67.38 3.57
N ASP YE 93 -108.37 -68.08 2.62
CA ASP YE 93 -109.15 -68.73 1.56
C ASP YE 93 -110.01 -69.85 2.13
N VAL YE 94 -111.09 -70.15 1.42
CA VAL YE 94 -111.95 -71.27 1.81
C VAL YE 94 -111.18 -72.56 1.65
N SER YE 95 -111.27 -73.43 2.67
CA SER YE 95 -110.49 -74.66 2.67
C SER YE 95 -111.00 -75.67 1.64
N ALA YE 96 -112.31 -75.66 1.38
CA ALA YE 96 -112.89 -76.68 0.53
C ALA YE 96 -112.29 -76.66 -0.87
N THR YE 97 -112.13 -75.46 -1.45
CA THR YE 97 -111.65 -75.38 -2.83
C THR YE 97 -110.22 -75.85 -2.97
N VAL YE 98 -109.33 -75.38 -2.09
CA VAL YE 98 -107.92 -75.79 -2.18
C VAL YE 98 -107.80 -77.29 -1.94
N SER YE 99 -108.51 -77.80 -0.94
CA SER YE 99 -108.49 -79.24 -0.70
C SER YE 99 -109.02 -80.01 -1.90
N ASP YE 100 -110.03 -79.47 -2.58
CA ASP YE 100 -110.64 -80.16 -3.70
C ASP YE 100 -109.69 -80.21 -4.89
N LEU YE 101 -108.97 -79.11 -5.13
CA LEU YE 101 -107.88 -79.13 -6.11
C LEU YE 101 -106.85 -80.21 -5.75
N GLY YE 102 -106.51 -80.31 -4.46
CA GLY YE 102 -105.59 -81.35 -4.05
C GLY YE 102 -106.11 -82.74 -4.36
N GLU YE 103 -107.40 -82.97 -4.11
CA GLU YE 103 -107.99 -84.27 -4.42
C GLU YE 103 -107.94 -84.57 -5.90
N ALA YE 104 -108.17 -83.55 -6.74
CA ALA YE 104 -108.02 -83.74 -8.18
C ALA YE 104 -106.61 -84.19 -8.53
N LEU YE 105 -105.60 -83.49 -7.99
CA LEU YE 105 -104.23 -83.85 -8.30
C LEU YE 105 -103.94 -85.28 -7.85
N SER YE 106 -104.41 -85.64 -6.66
CA SER YE 106 -104.18 -87.00 -6.16
C SER YE 106 -104.85 -88.03 -7.07
N PHE YE 107 -106.06 -87.74 -7.54
CA PHE YE 107 -106.77 -88.67 -8.40
C PHE YE 107 -106.04 -88.86 -9.74
N TYR YE 108 -105.42 -87.80 -10.26
CA TYR YE 108 -104.82 -87.90 -11.59
C TYR YE 108 -103.71 -88.96 -11.64
N LEU YE 109 -102.93 -89.07 -10.57
CA LEU YE 109 -101.79 -89.97 -10.52
C LEU YE 109 -102.22 -91.40 -10.22
N ASN YE 110 -101.59 -92.37 -10.87
CA ASN YE 110 -101.96 -93.77 -10.72
C ASN YE 110 -100.91 -94.64 -11.42
N GLU YE 111 -101.31 -95.84 -11.79
CA GLU YE 111 -100.42 -96.83 -12.38
C GLU YE 111 -99.85 -96.35 -13.71
N ALA YE 112 -100.71 -96.21 -14.72
CA ALA YE 112 -100.20 -95.89 -16.05
C ALA YE 112 -99.54 -94.52 -16.06
N LEU YE 113 -100.11 -93.54 -15.38
CA LEU YE 113 -99.53 -92.21 -15.42
C LEU YE 113 -98.12 -92.22 -14.84
N TYR YE 114 -97.91 -92.89 -13.71
CA TYR YE 114 -96.58 -92.95 -13.12
C TYR YE 114 -95.63 -93.72 -14.03
N GLY YE 115 -96.10 -94.83 -14.61
CA GLY YE 115 -95.26 -95.59 -15.51
C GLY YE 115 -94.80 -94.77 -16.69
N LYS YE 116 -95.72 -94.01 -17.30
CA LYS YE 116 -95.35 -93.12 -18.40
C LYS YE 116 -94.42 -92.01 -17.92
N LEU YE 117 -94.69 -91.45 -16.74
CA LEU YE 117 -93.90 -90.32 -16.27
C LEU YE 117 -92.45 -90.72 -16.04
N ILE YE 118 -92.21 -91.93 -15.53
CA ILE YE 118 -90.83 -92.39 -15.38
C ILE YE 118 -90.17 -92.54 -16.75
N GLY YE 119 -90.97 -92.80 -17.78
CA GLY YE 119 -90.44 -92.99 -19.12
C GLY YE 119 -89.98 -91.73 -19.81
N TRP YE 120 -89.99 -90.60 -19.11
CA TRP YE 120 -89.53 -89.29 -19.56
C TRP YE 120 -90.50 -88.66 -20.57
N GLU YE 121 -91.64 -89.27 -20.84
CA GLU YE 121 -92.59 -88.69 -21.77
C GLU YE 121 -93.18 -87.41 -21.18
N SER YE 122 -93.18 -86.34 -21.98
CA SER YE 122 -93.61 -85.03 -21.52
C SER YE 122 -94.83 -84.55 -22.29
N ALA ZE 1 -65.49 -106.80 47.93
CA ALA ZE 1 -65.45 -108.26 47.65
C ALA ZE 1 -66.01 -108.59 46.26
N LEU ZE 2 -67.33 -108.83 46.18
CA LEU ZE 2 -67.96 -109.31 44.95
C LEU ZE 2 -67.35 -110.63 44.48
N GLY ZE 3 -66.63 -111.32 45.35
CA GLY ZE 3 -65.98 -112.56 44.99
C GLY ZE 3 -64.76 -112.32 44.11
N ASP ZE 4 -63.99 -113.39 43.91
CA ASP ZE 4 -62.80 -113.30 43.09
C ASP ZE 4 -63.12 -113.33 41.60
N THR ZE 5 -64.29 -113.82 41.21
CA THR ZE 5 -64.72 -113.83 39.82
C THR ZE 5 -66.10 -113.20 39.66
N LEU ZE 6 -66.33 -112.57 38.51
CA LEU ZE 6 -67.58 -111.92 38.17
C LEU ZE 6 -68.18 -112.64 36.97
N THR ZE 7 -69.48 -112.90 37.04
CA THR ZE 7 -70.20 -113.61 35.99
C THR ZE 7 -71.02 -112.63 35.17
N ILE ZE 8 -70.78 -112.60 33.86
CA ILE ZE 8 -71.59 -111.85 32.92
C ILE ZE 8 -72.34 -112.85 32.06
N THR ZE 9 -73.67 -112.80 32.10
CA THR ZE 9 -74.51 -113.72 31.32
C THR ZE 9 -74.98 -112.96 30.08
N LEU ZE 10 -74.17 -112.99 29.03
CA LEU ZE 10 -74.50 -112.27 27.81
C LEU ZE 10 -75.85 -112.73 27.28
N GLY ZE 11 -76.67 -111.76 26.89
CA GLY ZE 11 -77.99 -112.08 26.37
C GLY ZE 11 -79.05 -112.32 27.42
N GLY ZE 12 -78.85 -111.84 28.64
CA GLY ZE 12 -79.86 -112.00 29.67
C GLY ZE 12 -79.90 -113.41 30.22
N SER ZE 13 -80.95 -113.67 30.99
CA SER ZE 13 -81.13 -114.98 31.59
C SER ZE 13 -81.20 -116.06 30.50
N GLY ZE 14 -80.56 -117.19 30.76
CA GLY ZE 14 -80.55 -118.31 29.83
C GLY ZE 14 -79.57 -118.18 28.68
N GLY ZE 15 -78.68 -117.21 28.71
CA GLY ZE 15 -77.76 -116.95 27.63
C GLY ZE 15 -76.39 -117.57 27.84
N THR ZE 16 -75.38 -116.91 27.28
CA THR ZE 16 -73.99 -117.35 27.39
C THR ZE 16 -73.35 -116.70 28.61
N ALA ZE 17 -72.63 -117.50 29.40
CA ALA ZE 17 -72.00 -117.03 30.62
C ALA ZE 17 -70.50 -116.87 30.43
N LYS ZE 18 -69.98 -115.73 30.86
CA LYS ZE 18 -68.55 -115.44 30.86
C LYS ZE 18 -68.11 -115.10 32.28
N VAL ZE 19 -66.87 -115.44 32.60
CA VAL ZE 19 -66.30 -115.21 33.93
C VAL ZE 19 -65.10 -114.30 33.78
N LEU ZE 20 -65.03 -113.27 34.62
CA LEU ZE 20 -63.90 -112.34 34.65
C LEU ZE 20 -63.18 -112.47 35.98
N ARG ZE 21 -61.86 -112.26 35.95
CA ARG ZE 21 -61.00 -112.39 37.13
C ARG ZE 21 -60.60 -111.02 37.63
N LYS ZE 22 -60.37 -110.90 38.94
CA LYS ZE 22 -59.82 -109.67 39.49
C LYS ZE 22 -58.40 -109.42 39.02
N ILE ZE 23 -58.08 -108.15 38.79
CA ILE ZE 23 -56.73 -107.75 38.44
C ILE ZE 23 -56.25 -106.70 39.43
N ASN ZE 24 -56.91 -105.55 39.43
CA ASN ZE 24 -56.42 -104.36 40.09
C ASN ZE 24 -57.45 -103.82 41.07
N GLN ZE 25 -56.97 -103.06 42.05
CA GLN ZE 25 -57.84 -102.38 43.01
C GLN ZE 25 -57.12 -101.15 43.52
N ASP ZE 26 -57.43 -99.99 42.94
CA ASP ZE 26 -56.83 -98.72 43.33
C ASP ZE 26 -57.89 -97.64 43.40
N GLY ZE 27 -57.84 -96.81 44.44
CA GLY ZE 27 -58.70 -95.66 44.54
C GLY ZE 27 -60.18 -96.00 44.54
N TYR ZE 28 -60.57 -96.97 45.37
CA TYR ZE 28 -61.96 -97.36 45.52
C TYR ZE 28 -62.53 -97.93 44.23
N THR ZE 29 -61.65 -98.37 43.33
CA THR ZE 29 -62.04 -98.84 42.01
C THR ZE 29 -61.60 -100.29 41.84
N SER ZE 30 -62.34 -101.03 41.02
CA SER ZE 30 -61.98 -102.40 40.69
C SER ZE 30 -62.04 -102.57 39.17
N GLU ZE 31 -61.22 -103.49 38.66
CA GLU ZE 31 -61.16 -103.76 37.22
C GLU ZE 31 -61.09 -105.26 36.99
N TYR ZE 32 -61.89 -105.75 36.07
CA TYR ZE 32 -62.06 -107.17 35.77
C TYR ZE 32 -61.75 -107.40 34.29
N TYR ZE 33 -61.21 -108.57 33.96
CA TYR ZE 33 -60.78 -108.81 32.58
C TYR ZE 33 -60.93 -110.29 32.23
N LEU ZE 34 -61.09 -110.54 30.93
CA LEU ZE 34 -61.20 -111.88 30.34
C LEU ZE 34 -60.77 -111.85 28.88
N PRO ZE 35 -59.68 -112.53 28.51
CA PRO ZE 35 -59.22 -112.47 27.12
C PRO ZE 35 -59.92 -113.46 26.22
N GLU ZE 36 -59.83 -113.20 24.92
CA GLU ZE 36 -60.46 -114.02 23.89
C GLU ZE 36 -59.59 -114.00 22.63
N THR ZE 37 -59.82 -114.98 21.77
CA THR ZE 37 -59.07 -115.07 20.52
C THR ZE 37 -59.40 -113.94 19.55
N SER ZE 38 -60.55 -113.29 19.71
CA SER ZE 38 -60.94 -112.22 18.80
C SER ZE 38 -61.55 -111.00 19.48
N SER ZE 39 -61.65 -111.00 20.82
CA SER ZE 39 -62.25 -109.87 21.53
C SER ZE 39 -61.73 -109.88 22.97
N SER ZE 40 -62.37 -109.10 23.82
CA SER ZE 40 -62.00 -109.03 25.23
C SER ZE 40 -63.18 -108.49 26.02
N PHE ZE 41 -63.20 -108.82 27.31
CA PHE ZE 41 -64.24 -108.37 28.21
C PHE ZE 41 -63.61 -107.68 29.41
N ARG ZE 42 -64.16 -106.52 29.77
CA ARG ZE 42 -63.68 -105.72 30.88
C ARG ZE 42 -64.87 -105.29 31.72
N ALA ZE 43 -64.65 -105.11 33.02
CA ALA ZE 43 -65.66 -104.54 33.90
C ALA ZE 43 -64.99 -103.68 34.95
N LYS ZE 44 -65.58 -102.52 35.23
CA LYS ZE 44 -65.02 -101.55 36.16
C LYS ZE 44 -66.09 -101.15 37.16
N VAL ZE 45 -65.69 -100.97 38.41
CA VAL ZE 45 -66.57 -100.48 39.47
C VAL ZE 45 -65.87 -99.33 40.17
N ARG ZE 46 -66.58 -98.22 40.37
CA ARG ZE 46 -66.01 -97.01 40.94
C ARG ZE 46 -66.92 -96.45 42.02
N HIS ZE 47 -66.31 -95.77 42.99
CA HIS ZE 47 -67.03 -95.03 44.03
C HIS ZE 47 -66.45 -93.63 44.14
N THR ZE 48 -67.29 -92.67 44.52
CA THR ZE 48 -66.86 -91.28 44.63
C THR ZE 48 -67.75 -90.55 45.63
N LYS ZE 49 -67.15 -89.57 46.32
CA LYS ZE 49 -67.84 -88.69 47.25
C LYS ZE 49 -67.51 -87.26 46.85
N GLU ZE 50 -68.54 -86.48 46.52
CA GLU ZE 50 -68.29 -85.10 46.08
C GLU ZE 50 -67.80 -84.25 47.25
N SER ZE 51 -66.96 -83.28 46.93
CA SER ZE 51 -66.26 -82.52 47.95
C SER ZE 51 -67.21 -81.66 48.76
N VAL ZE 52 -66.87 -81.45 50.04
CA VAL ZE 52 -67.73 -80.71 50.95
C VAL ZE 52 -67.86 -79.26 50.49
N LYS ZE 53 -68.99 -78.65 50.85
CA LYS ZE 53 -69.28 -77.25 50.58
C LYS ZE 53 -69.81 -76.58 51.84
N PRO ZE 54 -69.66 -75.25 51.95
CA PRO ZE 54 -70.00 -74.57 53.20
C PRO ZE 54 -71.42 -74.87 53.67
N ASN ZE 55 -72.42 -74.54 52.85
CA ASN ZE 55 -73.82 -74.82 53.17
C ASN ZE 55 -74.59 -75.48 52.02
N GLN ZE 56 -74.35 -76.77 51.84
CA GLN ZE 56 -75.13 -77.61 50.94
C GLN ZE 56 -75.09 -79.03 51.50
N VAL ZE 57 -75.38 -80.03 50.66
CA VAL ZE 57 -75.54 -81.41 51.10
C VAL ZE 57 -74.54 -82.29 50.38
N GLN ZE 58 -73.85 -83.13 51.13
CA GLN ZE 58 -72.88 -84.06 50.53
C GLN ZE 58 -73.59 -85.15 49.75
N TYR ZE 59 -72.99 -85.54 48.63
CA TYR ZE 59 -73.51 -86.60 47.79
C TYR ZE 59 -72.40 -87.61 47.52
N GLU ZE 60 -72.80 -88.85 47.28
CA GLU ZE 60 -71.87 -89.89 46.85
C GLU ZE 60 -72.44 -90.63 45.65
N ARG ZE 61 -71.54 -91.14 44.82
CA ARG ZE 61 -71.90 -91.63 43.49
C ARG ZE 61 -71.30 -93.02 43.30
N HIS ZE 62 -72.08 -93.94 42.74
CA HIS ZE 62 -71.62 -95.28 42.41
C HIS ZE 62 -71.84 -95.55 40.94
N ASN ZE 63 -70.87 -96.25 40.33
CA ASN ZE 63 -70.87 -96.50 38.88
C ASN ZE 63 -70.47 -97.94 38.62
N VAL ZE 64 -71.08 -98.53 37.59
CA VAL ZE 64 -70.73 -99.86 37.10
C VAL ZE 64 -70.68 -99.82 35.58
N GLU ZE 65 -69.66 -100.43 34.99
CA GLU ZE 65 -69.39 -100.30 33.56
C GLU ZE 65 -69.00 -101.65 32.96
N PHE ZE 66 -69.61 -101.97 31.82
CA PHE ZE 66 -69.28 -103.16 31.04
C PHE ZE 66 -68.74 -102.72 29.68
N THR ZE 67 -67.71 -103.41 29.20
CA THR ZE 67 -67.10 -103.11 27.90
C THR ZE 67 -66.75 -104.41 27.18
N GLU ZE 68 -66.97 -104.42 25.87
CA GLU ZE 68 -66.58 -105.52 25.00
C GLU ZE 68 -65.85 -104.94 23.80
N THR ZE 69 -64.59 -105.34 23.60
CA THR ZE 69 -63.75 -104.78 22.55
C THR ZE 69 -63.51 -105.83 21.48
N VAL ZE 70 -63.67 -105.43 20.22
CA VAL ZE 70 -63.47 -106.31 19.07
C VAL ZE 70 -62.20 -105.86 18.35
N TYR ZE 71 -61.23 -106.76 18.25
CA TYR ZE 71 -59.95 -106.41 17.66
C TYR ZE 71 -60.09 -106.20 16.15
N ALA ZE 72 -59.32 -105.26 15.63
CA ALA ZE 72 -59.41 -104.91 14.22
C ALA ZE 72 -59.05 -106.12 13.36
N SER ZE 73 -59.90 -106.39 12.37
CA SER ZE 73 -59.69 -107.50 11.45
C SER ZE 73 -59.95 -107.03 10.03
N GLY ZE 74 -59.03 -107.35 9.12
CA GLY ZE 74 -59.17 -106.91 7.75
C GLY ZE 74 -59.22 -105.40 7.65
N SER ZE 75 -60.14 -104.90 6.82
CA SER ZE 75 -60.28 -103.46 6.65
C SER ZE 75 -60.96 -102.81 7.85
N THR ZE 76 -61.84 -103.54 8.51
CA THR ZE 76 -62.63 -102.95 9.59
C THR ZE 76 -61.73 -102.62 10.79
N PRO ZE 77 -61.76 -101.39 11.30
CA PRO ZE 77 -60.99 -101.07 12.50
C PRO ZE 77 -61.68 -101.58 13.76
N GLU ZE 78 -60.95 -101.47 14.87
CA GLU ZE 78 -61.46 -101.92 16.16
C GLU ZE 78 -62.55 -100.98 16.69
N PHE ZE 79 -63.46 -101.54 17.46
CA PHE ZE 79 -64.54 -100.76 18.07
C PHE ZE 79 -64.91 -101.40 19.40
N VAL ZE 80 -65.84 -100.75 20.11
CA VAL ZE 80 -66.20 -101.13 21.47
C VAL ZE 80 -67.72 -101.17 21.59
N ARG ZE 81 -68.19 -101.81 22.65
CA ARG ZE 81 -69.60 -101.75 23.04
C ARG ZE 81 -69.67 -101.70 24.56
N GLN ZE 82 -70.23 -100.61 25.10
CA GLN ZE 82 -70.24 -100.36 26.53
C GLN ZE 82 -71.67 -100.21 27.01
N ALA ZE 83 -71.84 -100.36 28.33
CA ALA ZE 83 -73.13 -100.14 28.98
C ALA ZE 83 -72.89 -100.00 30.47
N TYR ZE 84 -73.30 -98.87 31.05
CA TYR ZE 84 -72.94 -98.56 32.43
C TYR ZE 84 -74.12 -97.92 33.15
N VAL ZE 85 -74.05 -97.96 34.48
CA VAL ZE 85 -75.08 -97.41 35.36
C VAL ZE 85 -74.42 -96.50 36.38
N VAL ZE 86 -75.12 -95.45 36.77
CA VAL ZE 86 -74.67 -94.51 37.80
C VAL ZE 86 -75.81 -94.29 38.79
N ILE ZE 87 -75.45 -94.09 40.05
CA ILE ZE 87 -76.42 -93.86 41.13
C ILE ZE 87 -75.91 -92.71 41.99
N ARG ZE 88 -76.83 -91.85 42.45
CA ARG ZE 88 -76.49 -90.73 43.31
C ARG ZE 88 -77.47 -90.66 44.49
N HIS ZE 89 -76.96 -90.24 45.64
CA HIS ZE 89 -77.77 -89.99 46.84
C HIS ZE 89 -76.86 -89.35 47.88
N LYS ZE 90 -77.44 -89.01 49.04
CA LYS ZE 90 -76.67 -88.32 50.07
C LYS ZE 90 -76.03 -89.30 51.04
N VAL ZE 91 -75.10 -88.77 51.85
CA VAL ZE 91 -74.26 -89.63 52.69
C VAL ZE 91 -75.11 -90.39 53.69
N GLY ZE 92 -76.05 -89.72 54.35
CA GLY ZE 92 -76.81 -90.31 55.42
C GLY ZE 92 -78.15 -90.93 55.04
N ASP ZE 93 -78.47 -91.02 53.76
CA ASP ZE 93 -79.80 -91.48 53.37
C ASP ZE 93 -79.98 -92.95 53.74
N VAL ZE 94 -81.25 -93.35 53.89
CA VAL ZE 94 -81.58 -94.74 54.15
C VAL ZE 94 -81.34 -95.55 52.88
N SER ZE 95 -80.73 -96.72 53.04
CA SER ZE 95 -80.29 -97.51 51.89
C SER ZE 95 -81.45 -98.18 51.17
N ALA ZE 96 -82.49 -98.57 51.91
CA ALA ZE 96 -83.56 -99.36 51.32
C ALA ZE 96 -84.27 -98.62 50.20
N THR ZE 97 -84.53 -97.33 50.38
CA THR ZE 97 -85.21 -96.55 49.35
C THR ZE 97 -84.35 -96.46 48.08
N VAL ZE 98 -83.05 -96.22 48.24
CA VAL ZE 98 -82.17 -96.17 47.07
C VAL ZE 98 -82.18 -97.50 46.36
N SER ZE 99 -82.12 -98.60 47.11
CA SER ZE 99 -82.16 -99.91 46.49
C SER ZE 99 -83.47 -100.12 45.74
N ASP ZE 100 -84.58 -99.66 46.31
CA ASP ZE 100 -85.88 -99.83 45.67
C ASP ZE 100 -85.94 -99.05 44.36
N LEU ZE 101 -85.44 -97.82 44.36
CA LEU ZE 101 -85.39 -97.04 43.12
C LEU ZE 101 -84.54 -97.73 42.07
N GLY ZE 102 -83.36 -98.23 42.46
CA GLY ZE 102 -82.51 -98.91 41.51
C GLY ZE 102 -83.16 -100.18 40.96
N GLU ZE 103 -83.85 -100.92 41.82
CA GLU ZE 103 -84.55 -102.12 41.35
C GLU ZE 103 -85.66 -101.76 40.39
N ALA ZE 104 -86.36 -100.66 40.64
CA ALA ZE 104 -87.37 -100.19 39.69
C ALA ZE 104 -86.72 -99.90 38.34
N LEU ZE 105 -85.59 -99.20 38.34
CA LEU ZE 105 -84.91 -98.89 37.09
C LEU ZE 105 -84.51 -100.17 36.35
N SER ZE 106 -83.93 -101.13 37.07
CA SER ZE 106 -83.50 -102.37 36.43
C SER ZE 106 -84.69 -103.13 35.87
N PHE ZE 107 -85.79 -103.18 36.63
CA PHE ZE 107 -86.97 -103.93 36.22
C PHE ZE 107 -87.66 -103.28 35.03
N TYR ZE 108 -87.55 -101.96 34.89
CA TYR ZE 108 -88.14 -101.29 33.74
C TYR ZE 108 -87.48 -101.76 32.45
N LEU ZE 109 -86.15 -101.85 32.45
CA LEU ZE 109 -85.41 -102.22 31.26
C LEU ZE 109 -85.65 -103.69 30.91
N ASN ZE 110 -85.81 -103.98 29.62
CA ASN ZE 110 -85.97 -105.34 29.13
C ASN ZE 110 -85.84 -105.32 27.60
N GLU ZE 111 -86.15 -106.46 26.97
CA GLU ZE 111 -86.03 -106.62 25.53
C GLU ZE 111 -86.66 -105.47 24.75
N ALA ZE 112 -87.97 -105.27 24.93
CA ALA ZE 112 -88.69 -104.33 24.08
C ALA ZE 112 -88.15 -102.92 24.19
N LEU ZE 113 -87.87 -102.47 25.42
CA LEU ZE 113 -87.41 -101.11 25.60
C LEU ZE 113 -86.04 -100.90 24.95
N TYR ZE 114 -85.14 -101.87 25.09
CA TYR ZE 114 -83.85 -101.76 24.41
C TYR ZE 114 -84.04 -101.73 22.89
N GLY ZE 115 -84.89 -102.60 22.37
CA GLY ZE 115 -85.13 -102.60 20.93
C GLY ZE 115 -85.66 -101.26 20.45
N LYS ZE 116 -86.57 -100.66 21.22
CA LYS ZE 116 -87.10 -99.35 20.86
C LYS ZE 116 -86.01 -98.28 20.91
N LEU ZE 117 -85.19 -98.30 21.96
CA LEU ZE 117 -84.16 -97.27 22.11
C LEU ZE 117 -83.16 -97.33 20.97
N ILE ZE 118 -82.74 -98.53 20.56
CA ILE ZE 118 -81.80 -98.64 19.45
C ILE ZE 118 -82.39 -98.01 18.20
N GLY ZE 119 -83.70 -98.09 18.03
CA GLY ZE 119 -84.38 -97.47 16.91
C GLY ZE 119 -84.65 -95.98 17.04
N TRP ZE 120 -84.08 -95.31 18.06
CA TRP ZE 120 -84.27 -93.87 18.22
C TRP ZE 120 -85.71 -93.55 18.60
N GLU ZE 121 -86.54 -94.58 18.76
CA GLU ZE 121 -87.88 -94.41 19.30
C GLU ZE 121 -87.77 -93.84 20.69
N SER ZE 122 -88.22 -92.60 20.88
CA SER ZE 122 -88.09 -91.94 22.17
C SER ZE 122 -89.35 -92.12 23.00
N ALA AF 1 -52.58 -107.49 55.22
CA ALA AF 1 -52.92 -108.94 55.15
C ALA AF 1 -53.55 -109.40 56.46
N LEU AF 2 -54.13 -108.47 57.21
CA LEU AF 2 -54.88 -108.81 58.41
C LEU AF 2 -56.17 -109.54 58.09
N GLY AF 3 -56.63 -109.48 56.85
CA GLY AF 3 -57.92 -110.04 56.46
C GLY AF 3 -58.82 -109.00 55.84
N ASP AF 4 -59.87 -109.51 55.20
CA ASP AF 4 -60.86 -108.64 54.55
C ASP AF 4 -61.88 -108.06 55.52
N THR AF 5 -61.87 -108.47 56.79
CA THR AF 5 -62.77 -107.93 57.80
C THR AF 5 -61.99 -107.58 59.06
N LEU AF 6 -62.44 -106.51 59.73
CA LEU AF 6 -61.85 -106.04 60.96
C LEU AF 6 -62.97 -105.80 61.96
N THR AF 7 -62.78 -106.27 63.19
CA THR AF 7 -63.83 -106.27 64.20
C THR AF 7 -63.53 -105.24 65.28
N ILE AF 8 -64.53 -104.41 65.60
CA ILE AF 8 -64.45 -103.44 66.68
C ILE AF 8 -65.49 -103.82 67.72
N THR AF 9 -65.04 -103.98 68.96
CA THR AF 9 -65.89 -104.40 70.08
C THR AF 9 -65.91 -103.28 71.10
N LEU AF 10 -66.88 -102.38 70.98
CA LEU AF 10 -66.95 -101.23 71.87
C LEU AF 10 -67.17 -101.69 73.31
N GLY AF 11 -66.47 -101.04 74.24
CA GLY AF 11 -66.50 -101.44 75.63
C GLY AF 11 -65.51 -102.52 76.00
N GLY AF 12 -64.60 -102.88 75.10
CA GLY AF 12 -63.59 -103.88 75.41
C GLY AF 12 -64.13 -105.29 75.24
N SER AF 13 -64.20 -106.03 76.35
CA SER AF 13 -64.77 -107.36 76.34
C SER AF 13 -66.27 -107.35 76.64
N GLY AF 14 -66.87 -106.18 76.78
CA GLY AF 14 -68.29 -106.08 77.02
C GLY AF 14 -69.13 -106.69 75.91
N GLY AF 15 -69.11 -106.06 74.73
CA GLY AF 15 -69.90 -106.56 73.62
C GLY AF 15 -69.96 -105.56 72.48
N THR AF 16 -71.09 -105.58 71.77
CA THR AF 16 -71.35 -104.67 70.67
C THR AF 16 -70.29 -104.82 69.56
N ALA AF 17 -70.26 -106.02 68.97
CA ALA AF 17 -69.32 -106.29 67.89
C ALA AF 17 -69.77 -105.60 66.62
N LYS AF 18 -68.83 -104.93 65.94
CA LYS AF 18 -69.06 -104.31 64.65
C LYS AF 18 -68.05 -104.86 63.66
N VAL AF 19 -68.53 -105.27 62.49
CA VAL AF 19 -67.67 -105.92 61.50
C VAL AF 19 -67.49 -104.99 60.30
N LEU AF 20 -66.38 -104.27 60.29
CA LEU AF 20 -66.05 -103.47 59.11
C LEU AF 20 -65.53 -104.38 57.99
N ARG AF 21 -65.52 -103.84 56.78
CA ARG AF 21 -65.09 -104.59 55.61
C ARG AF 21 -64.11 -103.77 54.79
N LYS AF 22 -63.12 -104.45 54.23
CA LYS AF 22 -62.10 -103.75 53.46
C LYS AF 22 -62.71 -103.10 52.22
N ILE AF 23 -62.28 -101.88 51.94
CA ILE AF 23 -62.74 -101.17 50.74
C ILE AF 23 -61.59 -100.69 49.85
N ASN AF 24 -60.36 -100.59 50.36
CA ASN AF 24 -59.26 -100.13 49.53
C ASN AF 24 -57.94 -100.59 50.14
N GLN AF 25 -56.91 -100.64 49.30
CA GLN AF 25 -55.56 -101.00 49.72
C GLN AF 25 -54.58 -100.37 48.74
N ASP AF 26 -53.81 -99.39 49.19
CA ASP AF 26 -52.87 -98.70 48.32
C ASP AF 26 -51.68 -98.21 49.14
N GLY AF 27 -50.50 -98.31 48.55
CA GLY AF 27 -49.30 -97.72 49.12
C GLY AF 27 -49.01 -98.19 50.54
N TYR AF 28 -49.13 -99.50 50.78
CA TYR AF 28 -48.90 -100.06 52.10
C TYR AF 28 -49.89 -99.50 53.12
N THR AF 29 -51.10 -99.20 52.65
CA THR AF 29 -52.16 -98.68 53.51
C THR AF 29 -53.44 -99.46 53.23
N SER AF 30 -54.34 -99.43 54.20
CA SER AF 30 -55.63 -100.10 54.06
C SER AF 30 -56.64 -99.41 54.96
N GLU AF 31 -57.91 -99.54 54.60
CA GLU AF 31 -58.97 -99.04 55.48
C GLU AF 31 -60.24 -99.87 55.29
N TYR AF 32 -61.07 -99.86 56.33
CA TYR AF 32 -62.31 -100.62 56.39
C TYR AF 32 -63.48 -99.69 56.69
N TYR AF 33 -64.67 -100.07 56.24
CA TYR AF 33 -65.84 -99.21 56.32
C TYR AF 33 -67.07 -100.03 56.67
N LEU AF 34 -68.05 -99.35 57.29
CA LEU AF 34 -69.34 -99.95 57.59
C LEU AF 34 -70.37 -98.86 57.89
N PRO AF 35 -71.39 -98.67 57.05
CA PRO AF 35 -72.42 -97.68 57.36
C PRO AF 35 -73.58 -98.25 58.16
N GLU AF 36 -74.21 -97.36 58.93
CA GLU AF 36 -75.36 -97.72 59.75
C GLU AF 36 -76.42 -96.64 59.59
N THR AF 37 -77.48 -96.74 60.39
CA THR AF 37 -78.59 -95.80 60.27
C THR AF 37 -78.16 -94.39 60.67
N SER AF 38 -77.48 -94.24 61.81
CA SER AF 38 -77.15 -92.94 62.37
C SER AF 38 -75.66 -92.67 62.47
N SER AF 39 -74.81 -93.61 62.09
CA SER AF 39 -73.37 -93.40 62.18
C SER AF 39 -72.67 -94.41 61.27
N SER AF 40 -71.36 -94.20 61.11
CA SER AF 40 -70.53 -95.10 60.31
C SER AF 40 -69.17 -95.24 60.97
N PHE AF 41 -68.48 -96.31 60.61
CA PHE AF 41 -67.18 -96.65 61.19
C PHE AF 41 -66.15 -96.78 60.08
N ARG AF 42 -64.98 -96.20 60.30
CA ARG AF 42 -63.90 -96.17 59.33
C ARG AF 42 -62.59 -96.34 60.07
N ALA AF 43 -61.79 -97.33 59.65
CA ALA AF 43 -60.49 -97.61 60.24
C ALA AF 43 -59.46 -97.71 59.12
N LYS AF 44 -58.33 -97.05 59.29
CA LYS AF 44 -57.22 -97.12 58.35
C LYS AF 44 -55.98 -97.69 59.05
N VAL AF 45 -55.17 -98.44 58.29
CA VAL AF 45 -53.86 -98.90 58.73
C VAL AF 45 -52.85 -98.45 57.67
N ARG AF 46 -51.82 -97.72 58.11
CA ARG AF 46 -50.85 -97.17 57.18
C ARG AF 46 -49.45 -97.35 57.71
N HIS AF 47 -48.48 -97.43 56.79
CA HIS AF 47 -47.07 -97.63 57.11
C HIS AF 47 -46.23 -96.57 56.42
N THR AF 48 -45.14 -96.18 57.07
CA THR AF 48 -44.36 -95.04 56.61
C THR AF 48 -42.91 -95.14 57.07
N LYS AF 49 -42.01 -94.55 56.28
CA LYS AF 49 -40.60 -94.42 56.60
C LYS AF 49 -40.21 -92.95 56.45
N GLU AF 50 -39.60 -92.36 57.49
CA GLU AF 50 -39.23 -90.96 57.40
C GLU AF 50 -38.24 -90.72 56.26
N SER AF 51 -38.12 -89.45 55.87
CA SER AF 51 -37.09 -89.04 54.93
C SER AF 51 -35.71 -89.32 55.50
N VAL AF 52 -34.79 -89.74 54.64
CA VAL AF 52 -33.42 -90.02 55.08
C VAL AF 52 -32.67 -88.72 55.25
N LYS AF 53 -31.72 -88.73 56.19
CA LYS AF 53 -30.86 -87.60 56.50
C LYS AF 53 -29.40 -88.00 56.27
N PRO AF 54 -28.52 -87.02 56.04
CA PRO AF 54 -27.13 -87.39 55.72
C PRO AF 54 -26.43 -88.20 56.80
N ASN AF 55 -26.53 -87.80 58.06
CA ASN AF 55 -25.77 -88.41 59.15
C ASN AF 55 -26.63 -88.65 60.38
N GLN AF 56 -27.86 -89.12 60.18
CA GLN AF 56 -28.74 -89.48 61.29
C GLN AF 56 -29.33 -90.86 61.04
N VAL AF 57 -29.91 -91.44 62.09
CA VAL AF 57 -30.43 -92.80 62.02
C VAL AF 57 -31.81 -92.80 61.38
N GLN AF 58 -32.11 -93.84 60.61
CA GLN AF 58 -33.43 -94.00 60.01
C GLN AF 58 -34.44 -94.53 61.02
N TYR AF 59 -35.72 -94.42 60.67
CA TYR AF 59 -36.81 -94.72 61.59
C TYR AF 59 -38.00 -95.27 60.81
N GLU AF 60 -38.93 -95.89 61.55
CA GLU AF 60 -40.17 -96.38 60.98
C GLU AF 60 -41.35 -96.00 61.88
N ARG AF 61 -42.49 -95.71 61.25
CA ARG AF 61 -43.72 -95.35 61.95
C ARG AF 61 -44.81 -96.35 61.64
N HIS AF 62 -45.60 -96.68 62.65
CA HIS AF 62 -46.70 -97.63 62.49
C HIS AF 62 -47.87 -97.15 63.33
N ASN AF 63 -49.03 -96.89 62.70
CA ASN AF 63 -50.16 -96.31 63.41
C ASN AF 63 -51.47 -96.90 62.94
N VAL AF 64 -52.47 -96.86 63.83
CA VAL AF 64 -53.81 -97.40 63.57
C VAL AF 64 -54.83 -96.47 64.21
N GLU AF 65 -55.91 -96.16 63.47
CA GLU AF 65 -56.93 -95.23 63.92
C GLU AF 65 -58.30 -95.88 63.87
N PHE AF 66 -59.18 -95.47 64.79
CA PHE AF 66 -60.61 -95.76 64.74
C PHE AF 66 -61.38 -94.45 64.70
N THR AF 67 -62.42 -94.41 63.86
CA THR AF 67 -63.17 -93.18 63.61
C THR AF 67 -64.65 -93.51 63.51
N GLU AF 68 -65.49 -92.68 64.13
CA GLU AF 68 -66.94 -92.83 64.05
C GLU AF 68 -67.56 -91.46 63.79
N THR AF 69 -68.34 -91.36 62.70
CA THR AF 69 -69.02 -90.13 62.32
C THR AF 69 -70.51 -90.27 62.57
N VAL AF 70 -71.12 -89.19 63.08
CA VAL AF 70 -72.53 -89.17 63.45
C VAL AF 70 -73.24 -88.17 62.54
N TYR AF 71 -74.25 -88.63 61.80
CA TYR AF 71 -74.96 -87.77 60.88
C TYR AF 71 -75.74 -86.69 61.61
N ALA AF 72 -75.87 -85.54 60.96
CA ALA AF 72 -76.55 -84.40 61.55
C ALA AF 72 -78.04 -84.71 61.72
N SER AF 73 -78.57 -84.30 62.87
CA SER AF 73 -79.98 -84.50 63.19
C SER AF 73 -80.54 -83.22 63.78
N GLY AF 74 -81.69 -82.78 63.26
CA GLY AF 74 -82.29 -81.55 63.74
C GLY AF 74 -81.33 -80.38 63.54
N SER AF 75 -81.17 -79.58 64.58
CA SER AF 75 -80.25 -78.45 64.53
C SER AF 75 -78.81 -78.85 64.80
N THR AF 76 -78.56 -80.06 65.28
CA THR AF 76 -77.20 -80.51 65.57
C THR AF 76 -76.47 -80.82 64.26
N PRO AF 77 -75.32 -80.20 63.99
CA PRO AF 77 -74.60 -80.52 62.76
C PRO AF 77 -73.76 -81.79 62.88
N GLU AF 78 -72.97 -82.07 61.85
CA GLU AF 78 -72.11 -83.24 61.84
C GLU AF 78 -71.08 -83.15 62.96
N PHE AF 79 -70.74 -84.32 63.54
CA PHE AF 79 -69.58 -84.38 64.42
C PHE AF 79 -69.09 -85.82 64.43
N VAL AF 80 -67.80 -85.98 64.77
CA VAL AF 80 -67.07 -87.23 64.58
C VAL AF 80 -66.24 -87.52 65.82
N ARG AF 81 -65.99 -88.81 66.06
CA ARG AF 81 -65.15 -89.28 67.15
C ARG AF 81 -64.02 -90.12 66.58
N GLN AF 82 -62.81 -89.90 67.09
CA GLN AF 82 -61.61 -90.50 66.50
C GLN AF 82 -60.62 -90.83 67.60
N ALA AF 83 -59.76 -91.82 67.33
CA ALA AF 83 -58.74 -92.24 68.28
C ALA AF 83 -57.70 -93.09 67.56
N TYR AF 84 -56.42 -92.71 67.67
CA TYR AF 84 -55.39 -93.44 66.95
C TYR AF 84 -54.09 -93.47 67.74
N VAL AF 85 -53.26 -94.47 67.43
CA VAL AF 85 -51.99 -94.72 68.09
C VAL AF 85 -50.89 -94.82 67.03
N VAL AF 86 -49.64 -94.61 67.46
CA VAL AF 86 -48.49 -94.76 66.57
C VAL AF 86 -47.34 -95.39 67.36
N ILE AF 87 -46.54 -96.19 66.67
CA ILE AF 87 -45.31 -96.77 67.20
C ILE AF 87 -44.15 -96.31 66.31
N ARG AF 88 -43.09 -95.81 66.92
CA ARG AF 88 -41.93 -95.31 66.19
C ARG AF 88 -40.68 -95.99 66.71
N HIS AF 89 -39.89 -96.56 65.80
CA HIS AF 89 -38.66 -97.25 66.18
C HIS AF 89 -37.67 -97.18 65.03
N LYS AF 90 -36.39 -97.35 65.37
CA LYS AF 90 -35.33 -97.25 64.38
C LYS AF 90 -35.33 -98.49 63.48
N VAL AF 91 -34.73 -98.33 62.29
CA VAL AF 91 -34.69 -99.41 61.32
C VAL AF 91 -33.76 -100.51 61.82
N GLY AF 92 -34.24 -101.74 61.77
CA GLY AF 92 -33.44 -102.88 62.17
C GLY AF 92 -33.43 -103.20 63.65
N ASP AF 93 -34.21 -102.48 64.47
CA ASP AF 93 -34.24 -102.75 65.89
C ASP AF 93 -34.81 -104.15 66.15
N VAL AF 94 -34.74 -104.56 67.41
CA VAL AF 94 -35.23 -105.89 67.80
C VAL AF 94 -36.75 -105.84 67.90
N SER AF 95 -37.42 -106.73 67.16
CA SER AF 95 -38.87 -106.62 67.01
C SER AF 95 -39.60 -106.82 68.35
N ALA AF 96 -39.22 -107.84 69.12
CA ALA AF 96 -39.92 -108.11 70.37
C ALA AF 96 -39.61 -107.06 71.42
N THR AF 97 -38.37 -106.58 71.45
CA THR AF 97 -37.98 -105.53 72.37
C THR AF 97 -38.88 -104.32 72.18
N VAL AF 98 -39.06 -103.90 70.93
CA VAL AF 98 -39.92 -102.75 70.65
C VAL AF 98 -41.38 -103.09 70.91
N SER AF 99 -41.79 -104.31 70.57
CA SER AF 99 -43.18 -104.69 70.78
C SER AF 99 -43.55 -104.70 72.25
N ASP AF 100 -42.56 -104.81 73.14
CA ASP AF 100 -42.83 -104.70 74.57
C ASP AF 100 -43.51 -103.38 74.91
N LEU AF 101 -42.92 -102.27 74.46
CA LEU AF 101 -43.61 -101.00 74.43
C LEU AF 101 -44.77 -101.06 73.43
N GLY AF 102 -45.72 -100.16 73.62
CA GLY AF 102 -46.96 -100.26 72.88
C GLY AF 102 -47.90 -101.18 73.63
N GLU AF 103 -47.44 -102.41 73.88
CA GLU AF 103 -48.22 -103.32 74.73
C GLU AF 103 -48.29 -102.80 76.16
N ALA AF 104 -47.20 -102.25 76.68
CA ALA AF 104 -47.27 -101.63 78.00
C ALA AF 104 -48.31 -100.51 78.01
N LEU AF 105 -48.31 -99.67 76.98
CA LEU AF 105 -49.29 -98.60 76.89
C LEU AF 105 -50.71 -99.15 76.85
N SER AF 106 -50.93 -100.19 76.05
CA SER AF 106 -52.26 -100.78 75.95
C SER AF 106 -52.72 -101.30 77.30
N PHE AF 107 -51.83 -101.92 78.07
CA PHE AF 107 -52.19 -102.35 79.41
C PHE AF 107 -52.51 -101.16 80.31
N TYR AF 108 -51.78 -100.06 80.14
CA TYR AF 108 -52.06 -98.88 80.97
C TYR AF 108 -53.47 -98.33 80.74
N LEU AF 109 -53.90 -98.26 79.49
CA LEU AF 109 -55.18 -97.64 79.16
C LEU AF 109 -56.33 -98.53 79.59
N ASN AF 110 -57.30 -97.96 80.29
CA ASN AF 110 -58.46 -98.70 80.76
C ASN AF 110 -59.59 -97.70 81.05
N GLU AF 111 -60.60 -98.16 81.79
CA GLU AF 111 -61.77 -97.35 82.13
C GLU AF 111 -61.35 -96.06 82.82
N ALA AF 112 -60.72 -96.20 83.98
CA ALA AF 112 -60.50 -95.05 84.85
C ALA AF 112 -59.58 -94.03 84.20
N LEU AF 113 -58.51 -94.48 83.54
CA LEU AF 113 -57.58 -93.52 82.95
C LEU AF 113 -58.26 -92.69 81.88
N TYR AF 114 -59.09 -93.32 81.05
CA TYR AF 114 -59.86 -92.55 80.07
C TYR AF 114 -60.80 -91.58 80.77
N GLY AF 115 -61.46 -92.02 81.84
CA GLY AF 115 -62.34 -91.13 82.57
C GLY AF 115 -61.62 -89.89 83.07
N LYS AF 116 -60.43 -90.07 83.64
CA LYS AF 116 -59.63 -88.92 84.06
C LYS AF 116 -59.19 -88.07 82.87
N LEU AF 117 -58.73 -88.70 81.79
CA LEU AF 117 -58.23 -87.94 80.65
C LEU AF 117 -59.30 -87.00 80.12
N ILE AF 118 -60.54 -87.50 80.04
CA ILE AF 118 -61.64 -86.65 79.59
C ILE AF 118 -61.85 -85.51 80.58
N GLY AF 119 -61.57 -85.75 81.87
CA GLY AF 119 -61.68 -84.72 82.89
C GLY AF 119 -60.54 -83.71 82.88
N TRP AF 120 -59.63 -83.83 81.92
CA TRP AF 120 -58.48 -82.94 81.76
C TRP AF 120 -57.42 -83.18 82.82
N GLU AF 121 -57.69 -84.05 83.80
CA GLU AF 121 -56.70 -84.34 84.83
C GLU AF 121 -55.42 -84.87 84.20
N SER AF 122 -54.29 -84.32 84.64
CA SER AF 122 -52.98 -84.65 84.10
C SER AF 122 -52.12 -85.30 85.17
N ALA BF 1 -55.32 -111.46 43.40
CA ALA BF 1 -56.05 -112.65 42.85
C ALA BF 1 -55.26 -113.93 43.08
N LEU BF 2 -53.93 -113.81 43.17
CA LEU BF 2 -53.11 -115.00 43.41
C LEU BF 2 -53.44 -115.63 44.76
N GLY BF 3 -53.61 -114.82 45.79
CA GLY BF 3 -53.88 -115.31 47.13
C GLY BF 3 -53.15 -114.48 48.16
N ASP BF 4 -53.61 -114.57 49.41
CA ASP BF 4 -53.04 -113.76 50.48
C ASP BF 4 -51.66 -114.25 50.87
N THR BF 5 -51.41 -115.56 50.80
CA THR BF 5 -50.14 -116.14 51.20
C THR BF 5 -49.50 -116.90 50.03
N LEU BF 6 -48.17 -116.81 49.97
CA LEU BF 6 -47.37 -117.45 48.94
C LEU BF 6 -46.33 -118.33 49.63
N THR BF 7 -46.22 -119.58 49.21
CA THR BF 7 -45.33 -120.54 49.85
C THR BF 7 -44.14 -120.84 48.95
N ILE BF 8 -42.94 -120.80 49.55
CA ILE BF 8 -41.70 -121.15 48.89
C ILE BF 8 -41.09 -122.34 49.60
N THR BF 9 -40.80 -123.39 48.84
CA THR BF 9 -40.16 -124.59 49.37
C THR BF 9 -38.72 -124.61 48.88
N LEU BF 10 -37.79 -124.16 49.74
CA LEU BF 10 -36.40 -124.12 49.33
C LEU BF 10 -35.91 -125.51 49.01
N GLY BF 11 -35.14 -125.62 47.93
CA GLY BF 11 -34.68 -126.91 47.47
C GLY BF 11 -35.76 -127.74 46.80
N GLY BF 12 -36.82 -127.10 46.31
CA GLY BF 12 -37.84 -127.83 45.60
C GLY BF 12 -38.63 -128.74 46.54
N SER BF 13 -39.23 -129.76 45.93
CA SER BF 13 -40.14 -130.62 46.68
C SER BF 13 -39.41 -131.32 47.81
N GLY BF 14 -40.11 -131.44 48.95
CA GLY BF 14 -39.56 -132.10 50.12
C GLY BF 14 -38.71 -131.22 51.02
N GLY BF 15 -38.48 -129.95 50.65
CA GLY BF 15 -37.59 -129.09 51.40
C GLY BF 15 -38.31 -128.29 52.48
N THR BF 16 -37.58 -127.32 53.01
CA THR BF 16 -38.12 -126.40 54.00
C THR BF 16 -39.14 -125.47 53.35
N ALA BF 17 -40.20 -125.15 54.10
CA ALA BF 17 -41.28 -124.33 53.60
C ALA BF 17 -41.24 -122.93 54.21
N LYS BF 18 -41.24 -121.92 53.35
CA LYS BF 18 -41.31 -120.52 53.76
C LYS BF 18 -42.59 -119.93 53.19
N VAL BF 19 -43.37 -119.25 54.03
CA VAL BF 19 -44.64 -118.67 53.61
C VAL BF 19 -44.53 -117.16 53.69
N LEU BF 20 -44.75 -116.50 52.55
CA LEU BF 20 -44.74 -115.05 52.46
C LEU BF 20 -46.17 -114.53 52.46
N ARG BF 21 -46.35 -113.32 52.97
CA ARG BF 21 -47.67 -112.74 53.17
C ARG BF 21 -47.82 -111.45 52.38
N LYS BF 22 -49.04 -111.21 51.87
CA LYS BF 22 -49.26 -110.11 50.95
C LYS BF 22 -49.02 -108.77 51.61
N ILE BF 23 -48.41 -107.85 50.85
CA ILE BF 23 -47.97 -106.57 51.40
C ILE BF 23 -48.61 -105.40 50.66
N ASN BF 24 -48.87 -105.55 49.36
CA ASN BF 24 -49.32 -104.41 48.55
C ASN BF 24 -49.65 -104.87 47.14
N GLN BF 25 -50.56 -104.12 46.49
CA GLN BF 25 -50.84 -104.26 45.06
C GLN BF 25 -51.35 -102.91 44.55
N ASP BF 26 -50.50 -102.17 43.84
CA ASP BF 26 -50.95 -100.93 43.22
C ASP BF 26 -50.95 -100.98 41.70
N GLY BF 27 -49.80 -101.19 41.06
CA GLY BF 27 -49.71 -101.08 39.62
C GLY BF 27 -49.78 -102.40 38.87
N TYR BF 28 -50.84 -103.17 39.08
CA TYR BF 28 -51.01 -104.49 38.46
C TYR BF 28 -49.99 -105.49 38.98
N THR BF 29 -49.22 -105.14 40.00
CA THR BF 29 -48.15 -105.98 40.55
C THR BF 29 -48.51 -106.38 41.97
N SER BF 30 -47.85 -107.41 42.48
CA SER BF 30 -48.05 -107.86 43.84
C SER BF 30 -46.70 -108.03 44.52
N GLU BF 31 -46.71 -107.90 45.85
CA GLU BF 31 -45.53 -108.06 46.68
C GLU BF 31 -45.86 -108.93 47.88
N TYR BF 32 -44.97 -109.87 48.20
CA TYR BF 32 -45.04 -110.69 49.40
C TYR BF 32 -43.74 -110.52 50.17
N TYR BF 33 -43.81 -110.59 51.50
CA TYR BF 33 -42.64 -110.32 52.31
C TYR BF 33 -42.69 -111.11 53.61
N LEU BF 34 -41.51 -111.46 54.13
CA LEU BF 34 -41.36 -112.21 55.37
C LEU BF 34 -39.97 -112.01 55.97
N PRO BF 35 -39.84 -111.40 57.14
CA PRO BF 35 -38.51 -111.28 57.77
C PRO BF 35 -38.24 -112.38 58.78
N GLU BF 36 -36.97 -112.56 59.07
CA GLU BF 36 -36.50 -113.51 60.07
C GLU BF 36 -35.21 -112.98 60.70
N THR BF 37 -34.54 -113.84 61.46
CA THR BF 37 -33.41 -113.38 62.28
C THR BF 37 -32.23 -112.93 61.42
N SER BF 38 -31.82 -113.73 60.44
CA SER BF 38 -30.60 -113.48 59.69
C SER BF 38 -30.85 -113.09 58.24
N SER BF 39 -32.11 -112.98 57.81
CA SER BF 39 -32.40 -112.61 56.43
C SER BF 39 -33.88 -112.25 56.32
N SER BF 40 -34.35 -112.14 55.09
CA SER BF 40 -35.75 -111.88 54.79
C SER BF 40 -36.05 -112.31 53.37
N PHE BF 41 -37.30 -112.68 53.12
CA PHE BF 41 -37.75 -113.13 51.82
C PHE BF 41 -38.74 -112.13 51.23
N ARG BF 42 -38.78 -112.09 49.91
CA ARG BF 42 -39.60 -111.12 49.19
C ARG BF 42 -39.92 -111.69 47.81
N ALA BF 43 -41.21 -111.82 47.51
CA ALA BF 43 -41.67 -112.35 46.24
C ALA BF 43 -42.57 -111.33 45.56
N LYS BF 44 -42.36 -111.14 44.26
CA LYS BF 44 -42.98 -110.07 43.50
C LYS BF 44 -43.42 -110.57 42.14
N VAL BF 45 -44.49 -109.99 41.61
CA VAL BF 45 -44.98 -110.29 40.27
C VAL BF 45 -45.34 -108.99 39.57
N ARG BF 46 -45.19 -108.98 38.25
CA ARG BF 46 -45.51 -107.81 37.44
C ARG BF 46 -46.26 -108.26 36.19
N HIS BF 47 -47.13 -107.38 35.68
CA HIS BF 47 -47.66 -107.46 34.33
C HIS BF 47 -47.45 -106.12 33.65
N THR BF 48 -47.16 -106.15 32.34
CA THR BF 48 -46.95 -104.91 31.62
C THR BF 48 -47.18 -105.13 30.13
N LYS BF 49 -47.64 -104.07 29.47
CA LYS BF 49 -47.83 -104.05 28.02
C LYS BF 49 -46.67 -103.30 27.37
N GLU BF 50 -46.35 -103.68 26.13
CA GLU BF 50 -45.21 -103.11 25.43
C GLU BF 50 -45.64 -101.92 24.58
N SER BF 51 -44.66 -101.22 24.00
CA SER BF 51 -44.93 -99.99 23.28
C SER BF 51 -45.77 -100.28 22.03
N VAL BF 52 -46.54 -99.28 21.62
CA VAL BF 52 -47.48 -99.40 20.53
C VAL BF 52 -46.88 -98.74 19.28
N LYS BF 53 -46.83 -99.49 18.18
CA LYS BF 53 -46.37 -98.97 16.92
C LYS BF 53 -47.39 -99.27 15.83
N PRO BF 54 -47.43 -98.45 14.77
CA PRO BF 54 -48.37 -98.72 13.67
C PRO BF 54 -48.04 -100.04 13.00
N ASN BF 55 -49.10 -100.73 12.53
CA ASN BF 55 -49.00 -101.93 11.71
C ASN BF 55 -47.86 -102.86 12.14
N GLN BF 56 -47.76 -103.13 13.44
CA GLN BF 56 -46.84 -104.12 13.98
C GLN BF 56 -47.56 -104.98 15.02
N VAL BF 57 -47.07 -106.20 15.21
CA VAL BF 57 -47.72 -107.13 16.12
C VAL BF 57 -47.56 -106.67 17.56
N GLN BF 58 -48.61 -106.86 18.35
CA GLN BF 58 -48.66 -106.35 19.72
C GLN BF 58 -48.37 -107.49 20.70
N TYR BF 59 -47.60 -107.17 21.75
CA TYR BF 59 -47.00 -108.17 22.62
C TYR BF 59 -47.17 -107.77 24.09
N GLU BF 60 -47.13 -108.77 24.98
CA GLU BF 60 -47.19 -108.52 26.42
C GLU BF 60 -46.23 -109.44 27.17
N ARG BF 61 -45.81 -109.00 28.36
CA ARG BF 61 -44.77 -109.64 29.15
C ARG BF 61 -45.30 -109.97 30.53
N HIS BF 62 -44.93 -111.14 31.05
CA HIS BF 62 -45.21 -111.52 32.44
C HIS BF 62 -43.92 -111.88 33.14
N ASN BF 63 -43.74 -111.40 34.38
CA ASN BF 63 -42.49 -111.51 35.12
C ASN BF 63 -42.75 -111.98 36.54
N VAL BF 64 -41.91 -112.89 37.03
CA VAL BF 64 -41.96 -113.37 38.41
C VAL BF 64 -40.53 -113.49 38.93
N GLU BF 65 -40.28 -112.96 40.13
CA GLU BF 65 -38.95 -112.98 40.72
C GLU BF 65 -39.01 -113.39 42.18
N PHE BF 66 -37.96 -114.08 42.62
CA PHE BF 66 -37.77 -114.48 44.01
C PHE BF 66 -36.48 -113.83 44.50
N THR BF 67 -36.53 -113.18 45.66
CA THR BF 67 -35.39 -112.44 46.15
C THR BF 67 -35.07 -112.87 47.57
N GLU BF 68 -33.77 -112.95 47.88
CA GLU BF 68 -33.28 -113.35 49.19
C GLU BF 68 -32.10 -112.47 49.57
N THR BF 69 -32.26 -111.69 50.63
CA THR BF 69 -31.24 -110.75 51.09
C THR BF 69 -30.74 -111.17 52.46
N VAL BF 70 -29.41 -111.15 52.64
CA VAL BF 70 -28.78 -111.55 53.89
C VAL BF 70 -28.14 -110.31 54.53
N TYR BF 71 -28.44 -110.10 55.80
CA TYR BF 71 -27.97 -108.91 56.50
C TYR BF 71 -26.47 -108.97 56.74
N ALA BF 72 -25.87 -107.79 56.87
CA ALA BF 72 -24.44 -107.70 57.12
C ALA BF 72 -24.12 -108.29 58.49
N SER BF 73 -23.09 -109.14 58.52
CA SER BF 73 -22.63 -109.78 59.75
C SER BF 73 -21.13 -109.61 59.84
N GLY BF 74 -20.67 -108.85 60.84
CA GLY BF 74 -19.25 -108.59 60.96
C GLY BF 74 -18.71 -107.86 59.75
N SER BF 75 -17.54 -108.29 59.27
CA SER BF 75 -16.91 -107.62 58.15
C SER BF 75 -17.71 -107.78 56.87
N THR BF 76 -18.28 -108.96 56.66
CA THR BF 76 -18.97 -109.25 55.39
C THR BF 76 -20.19 -108.36 55.22
N PRO BF 77 -20.29 -107.58 54.14
CA PRO BF 77 -21.47 -106.74 53.95
C PRO BF 77 -22.67 -107.52 53.45
N GLU BF 78 -23.82 -106.88 53.52
CA GLU BF 78 -25.07 -107.50 53.10
C GLU BF 78 -25.07 -107.75 51.59
N PHE BF 79 -25.69 -108.87 51.19
CA PHE BF 79 -25.79 -109.25 49.79
C PHE BF 79 -27.15 -109.91 49.57
N VAL BF 80 -27.43 -110.25 48.32
CA VAL BF 80 -28.75 -110.73 47.91
C VAL BF 80 -28.59 -111.87 46.91
N ARG BF 81 -29.52 -112.82 46.97
CA ARG BF 81 -29.69 -113.81 45.91
C ARG BF 81 -31.09 -113.70 45.33
N GLN BF 82 -31.17 -113.93 44.01
CA GLN BF 82 -32.35 -113.54 43.25
C GLN BF 82 -32.42 -114.42 42.01
N ALA BF 83 -33.65 -114.61 41.52
CA ALA BF 83 -33.87 -115.40 40.31
C ALA BF 83 -35.28 -115.14 39.80
N TYR BF 84 -35.42 -114.97 38.49
CA TYR BF 84 -36.70 -114.55 37.94
C TYR BF 84 -36.91 -115.13 36.54
N VAL BF 85 -38.19 -115.24 36.16
CA VAL BF 85 -38.60 -115.76 34.86
C VAL BF 85 -39.52 -114.75 34.19
N VAL BF 86 -39.51 -114.75 32.85
CA VAL BF 86 -40.29 -113.82 32.04
C VAL BF 86 -40.89 -114.58 30.87
N ILE BF 87 -42.14 -114.24 30.51
CA ILE BF 87 -42.84 -114.83 29.37
C ILE BF 87 -43.32 -113.71 28.46
N ARG BF 88 -43.14 -113.88 27.15
CA ARG BF 88 -43.52 -112.89 26.17
C ARG BF 88 -44.30 -113.57 25.05
N HIS BF 89 -45.50 -113.06 24.77
CA HIS BF 89 -46.29 -113.57 23.64
C HIS BF 89 -47.26 -112.49 23.20
N LYS BF 90 -47.76 -112.64 21.98
CA LYS BF 90 -48.57 -111.61 21.33
C LYS BF 90 -49.99 -111.60 21.89
N VAL BF 91 -50.68 -110.49 21.65
CA VAL BF 91 -52.03 -110.30 22.18
C VAL BF 91 -53.00 -111.15 21.38
N GLY BF 92 -53.85 -111.89 22.10
CA GLY BF 92 -54.86 -112.71 21.45
C GLY BF 92 -54.40 -114.08 21.03
N ASP BF 93 -53.33 -114.60 21.62
CA ASP BF 93 -52.81 -115.92 21.29
C ASP BF 93 -53.60 -117.00 22.03
N VAL BF 94 -53.25 -118.26 21.75
CA VAL BF 94 -53.87 -119.39 22.42
C VAL BF 94 -53.14 -119.64 23.73
N SER BF 95 -53.88 -119.75 24.83
CA SER BF 95 -53.26 -119.84 26.15
C SER BF 95 -52.50 -121.14 26.34
N ALA BF 96 -53.05 -122.26 25.88
CA ALA BF 96 -52.41 -123.54 26.12
C ALA BF 96 -51.07 -123.64 25.38
N THR BF 97 -51.02 -123.18 24.14
CA THR BF 97 -49.78 -123.26 23.38
C THR BF 97 -48.68 -122.43 24.03
N VAL BF 98 -49.00 -121.21 24.45
CA VAL BF 98 -47.98 -120.38 25.09
C VAL BF 98 -47.61 -120.97 26.45
N SER BF 99 -48.54 -121.67 27.09
CA SER BF 99 -48.21 -122.31 28.36
C SER BF 99 -47.28 -123.51 28.18
N ASP BF 100 -47.36 -124.18 27.04
CA ASP BF 100 -46.53 -125.36 26.82
C ASP BF 100 -45.05 -125.03 26.87
N LEU BF 101 -44.66 -123.89 26.27
CA LEU BF 101 -43.25 -123.50 26.31
C LEU BF 101 -42.79 -123.28 27.74
N GLY BF 102 -43.62 -122.64 28.57
CA GLY BF 102 -43.26 -122.46 29.96
C GLY BF 102 -43.14 -123.77 30.71
N GLU BF 103 -44.05 -124.70 30.45
CA GLU BF 103 -43.94 -126.02 31.08
C GLU BF 103 -42.64 -126.70 30.68
N ALA BF 104 -42.27 -126.62 29.40
CA ALA BF 104 -41.01 -127.19 28.94
C ALA BF 104 -39.83 -126.55 29.67
N LEU BF 105 -39.83 -125.23 29.79
CA LEU BF 105 -38.72 -124.54 30.44
C LEU BF 105 -38.62 -124.96 31.91
N SER BF 106 -39.77 -125.09 32.58
CA SER BF 106 -39.76 -125.51 33.97
C SER BF 106 -39.25 -126.94 34.12
N PHE BF 107 -39.66 -127.83 33.21
CA PHE BF 107 -39.20 -129.22 33.28
C PHE BF 107 -37.70 -129.33 33.03
N TYR BF 108 -37.18 -128.58 32.06
CA TYR BF 108 -35.76 -128.68 31.74
C TYR BF 108 -34.90 -128.30 32.94
N LEU BF 109 -35.30 -127.25 33.65
CA LEU BF 109 -34.50 -126.73 34.77
C LEU BF 109 -34.62 -127.70 35.95
N ASN BF 110 -33.48 -128.16 36.47
CA ASN BF 110 -33.51 -129.13 37.57
C ASN BF 110 -32.17 -129.09 38.32
N GLU BF 111 -31.98 -130.05 39.23
CA GLU BF 111 -30.79 -130.06 40.07
C GLU BF 111 -29.50 -130.10 39.25
N ALA BF 112 -29.37 -131.12 38.40
CA ALA BF 112 -28.11 -131.32 37.70
C ALA BF 112 -27.79 -130.15 36.78
N LEU BF 113 -28.78 -129.69 36.01
CA LEU BF 113 -28.52 -128.61 35.07
C LEU BF 113 -28.20 -127.33 35.81
N TYR BF 114 -28.85 -127.08 36.96
CA TYR BF 114 -28.47 -125.93 37.77
C TYR BF 114 -27.04 -126.06 38.29
N GLY BF 115 -26.67 -127.25 38.75
CA GLY BF 115 -25.30 -127.45 39.22
C GLY BF 115 -24.28 -127.14 38.15
N LYS BF 116 -24.53 -127.60 36.93
CA LYS BF 116 -23.63 -127.28 35.82
C LYS BF 116 -23.68 -125.80 35.47
N LEU BF 117 -24.88 -125.22 35.42
CA LEU BF 117 -25.02 -123.87 34.91
C LEU BF 117 -24.37 -122.86 35.86
N ILE BF 118 -24.52 -123.07 37.16
CA ILE BF 118 -23.88 -122.17 38.12
C ILE BF 118 -22.37 -122.30 38.05
N GLY BF 119 -21.86 -123.40 37.49
CA GLY BF 119 -20.43 -123.58 37.30
C GLY BF 119 -19.87 -123.01 36.01
N TRP BF 120 -20.53 -121.98 35.48
CA TRP BF 120 -20.11 -121.26 34.26
C TRP BF 120 -20.03 -122.17 33.05
N GLU BF 121 -20.55 -123.39 33.13
CA GLU BF 121 -20.58 -124.28 31.98
C GLU BF 121 -21.44 -123.69 30.88
N SER BF 122 -21.02 -123.85 29.63
CA SER BF 122 -21.73 -123.29 28.48
C SER BF 122 -21.69 -124.22 27.28
N ALA CF 1 -54.88 -84.36 89.11
CA ALA CF 1 -54.39 -85.45 89.99
C ALA CF 1 -53.60 -86.49 89.18
N LEU CF 2 -54.22 -87.62 88.86
CA LEU CF 2 -53.63 -88.71 88.08
C LEU CF 2 -52.56 -89.47 88.86
N GLY CF 3 -52.31 -89.13 90.11
CA GLY CF 3 -51.29 -89.78 90.89
C GLY CF 3 -49.96 -89.06 90.82
N ASP CF 4 -49.17 -89.17 91.89
CA ASP CF 4 -47.85 -88.56 91.90
C ASP CF 4 -46.87 -89.38 91.05
N THR CF 5 -47.01 -90.69 91.05
CA THR CF 5 -46.12 -91.58 90.34
C THR CF 5 -46.88 -92.33 89.25
N LEU CF 6 -46.26 -92.44 88.08
CA LEU CF 6 -46.79 -93.16 86.94
C LEU CF 6 -46.06 -94.48 86.81
N THR CF 7 -46.80 -95.58 86.78
CA THR CF 7 -46.24 -96.92 86.72
C THR CF 7 -46.40 -97.50 85.33
N ILE CF 8 -45.29 -97.92 84.74
CA ILE CF 8 -45.27 -98.56 83.42
C ILE CF 8 -44.80 -99.99 83.62
N THR CF 9 -45.58 -100.95 83.12
CA THR CF 9 -45.28 -102.37 83.24
C THR CF 9 -44.86 -102.89 81.88
N LEU CF 10 -43.57 -102.81 81.59
CA LEU CF 10 -43.04 -103.30 80.32
C LEU CF 10 -43.42 -104.76 80.13
N GLY CF 11 -43.95 -105.08 78.95
CA GLY CF 11 -44.43 -106.42 78.67
C GLY CF 11 -45.87 -106.68 79.05
N GLY CF 12 -46.67 -105.64 79.24
CA GLY CF 12 -48.05 -105.86 79.62
C GLY CF 12 -48.15 -106.45 81.02
N SER CF 13 -49.25 -107.15 81.24
CA SER CF 13 -49.49 -107.77 82.55
C SER CF 13 -48.40 -108.78 82.87
N GLY CF 14 -47.96 -108.78 84.12
CA GLY CF 14 -46.96 -109.73 84.57
C GLY CF 14 -45.54 -109.41 84.15
N GLY CF 15 -45.28 -108.17 83.71
CA GLY CF 15 -43.98 -107.79 83.21
C GLY CF 15 -43.09 -107.15 84.26
N THR CF 16 -42.16 -106.33 83.78
CA THR CF 16 -41.24 -105.58 84.63
C THR CF 16 -41.81 -104.20 84.92
N ALA CF 17 -41.74 -103.78 86.18
CA ALA CF 17 -42.34 -102.53 86.62
C ALA CF 17 -41.28 -101.44 86.74
N LYS CF 18 -41.57 -100.29 86.15
CA LYS CF 18 -40.78 -99.07 86.33
C LYS CF 18 -41.69 -98.00 86.92
N VAL CF 19 -41.14 -97.17 87.79
CA VAL CF 19 -41.92 -96.18 88.54
C VAL CF 19 -41.37 -94.80 88.24
N LEU CF 20 -41.99 -94.10 87.30
CA LEU CF 20 -41.65 -92.72 87.04
C LEU CF 20 -42.32 -91.81 88.07
N ARG CF 21 -41.86 -90.56 88.14
CA ARG CF 21 -42.32 -89.62 89.14
C ARG CF 21 -42.41 -88.22 88.56
N LYS CF 22 -43.27 -87.40 89.16
CA LYS CF 22 -43.54 -86.07 88.63
C LYS CF 22 -42.32 -85.18 88.70
N ILE CF 23 -42.10 -84.42 87.63
CA ILE CF 23 -41.00 -83.48 87.54
C ILE CF 23 -41.51 -82.04 87.39
N ASN CF 24 -42.57 -81.84 86.62
CA ASN CF 24 -43.02 -80.49 86.30
C ASN CF 24 -44.39 -80.59 85.63
N GLN CF 25 -45.08 -79.45 85.57
CA GLN CF 25 -46.30 -79.35 84.78
C GLN CF 25 -46.53 -77.90 84.39
N ASP CF 26 -46.66 -77.64 83.09
CA ASP CF 26 -46.93 -76.32 82.58
C ASP CF 26 -47.89 -76.40 81.40
N GLY CF 27 -48.80 -75.43 81.33
CA GLY CF 27 -49.68 -75.34 80.18
C GLY CF 27 -50.56 -76.55 79.97
N TYR CF 28 -51.19 -77.05 81.03
CA TYR CF 28 -52.04 -78.22 80.96
C TYR CF 28 -51.25 -79.45 80.49
N THR CF 29 -49.98 -79.51 80.87
CA THR CF 29 -49.12 -80.61 80.48
C THR CF 29 -48.32 -81.06 81.70
N SER CF 30 -48.13 -82.36 81.83
CA SER CF 30 -47.39 -82.96 82.93
C SER CF 30 -46.40 -83.97 82.36
N GLU CF 31 -45.25 -84.12 83.02
CA GLU CF 31 -44.26 -85.08 82.58
C GLU CF 31 -43.60 -85.78 83.76
N TYR CF 32 -43.17 -87.01 83.52
CA TYR CF 32 -42.56 -87.89 84.51
C TYR CF 32 -41.21 -88.35 83.99
N TYR CF 33 -40.29 -88.69 84.90
CA TYR CF 33 -38.94 -89.07 84.50
C TYR CF 33 -38.38 -90.11 85.46
N LEU CF 34 -37.45 -90.93 84.93
CA LEU CF 34 -36.71 -91.93 85.71
C LEU CF 34 -35.32 -92.14 85.12
N PRO CF 35 -34.25 -91.90 85.86
CA PRO CF 35 -32.91 -92.14 85.32
C PRO CF 35 -32.41 -93.57 85.55
N GLU CF 36 -31.53 -93.99 84.64
CA GLU CF 36 -30.93 -95.33 84.69
C GLU CF 36 -29.63 -95.28 83.89
N THR CF 37 -28.72 -96.19 84.22
CA THR CF 37 -27.34 -96.08 83.72
C THR CF 37 -27.29 -96.11 82.20
N SER CF 38 -27.94 -97.09 81.58
CA SER CF 38 -27.88 -97.27 80.13
C SER CF 38 -29.09 -96.71 79.40
N SER CF 39 -30.13 -96.27 80.11
CA SER CF 39 -31.35 -95.83 79.47
C SER CF 39 -32.08 -94.87 80.41
N SER CF 40 -33.22 -94.36 79.93
CA SER CF 40 -34.04 -93.45 80.73
C SER CF 40 -35.48 -93.56 80.27
N PHE CF 41 -36.39 -93.11 81.13
CA PHE CF 41 -37.82 -93.17 80.86
C PHE CF 41 -38.43 -91.79 81.06
N ARG CF 42 -39.27 -91.37 80.12
CA ARG CF 42 -40.05 -90.15 80.24
C ARG CF 42 -41.47 -90.43 79.77
N ALA CF 43 -42.44 -89.76 80.41
CA ALA CF 43 -43.83 -89.82 79.99
C ALA CF 43 -44.48 -88.47 80.19
N LYS CF 44 -45.19 -87.99 79.18
CA LYS CF 44 -45.84 -86.69 79.20
C LYS CF 44 -47.33 -86.86 78.89
N VAL CF 45 -48.16 -86.06 79.55
CA VAL CF 45 -49.59 -85.97 79.29
C VAL CF 45 -49.92 -84.52 78.99
N ARG CF 46 -50.61 -84.28 77.88
CA ARG CF 46 -50.92 -82.93 77.43
C ARG CF 46 -52.36 -82.84 76.94
N HIS CF 47 -52.93 -81.64 77.03
CA HIS CF 47 -54.27 -81.33 76.55
C HIS CF 47 -54.23 -80.05 75.72
N THR CF 48 -55.14 -79.95 74.74
CA THR CF 48 -55.16 -78.78 73.87
C THR CF 48 -56.54 -78.58 73.29
N LYS CF 49 -56.86 -77.33 72.95
CA LYS CF 49 -58.10 -76.95 72.29
C LYS CF 49 -57.76 -76.43 70.90
N GLU CF 50 -58.45 -76.95 69.88
CA GLU CF 50 -58.13 -76.60 68.50
C GLU CF 50 -58.66 -75.20 68.15
N SER CF 51 -58.31 -74.74 66.96
CA SER CF 51 -58.58 -73.36 66.55
C SER CF 51 -60.07 -73.12 66.43
N VAL CF 52 -60.45 -71.85 66.51
CA VAL CF 52 -61.84 -71.41 66.51
C VAL CF 52 -62.15 -70.74 65.18
N LYS CF 53 -63.27 -71.15 64.59
CA LYS CF 53 -63.76 -70.65 63.32
C LYS CF 53 -65.22 -70.24 63.48
N PRO CF 54 -65.72 -69.33 62.63
CA PRO CF 54 -67.01 -68.69 62.89
C PRO CF 54 -68.15 -69.64 63.23
N ASN CF 55 -68.51 -70.56 62.32
CA ASN CF 55 -69.59 -71.52 62.56
C ASN CF 55 -69.12 -72.93 62.22
N GLN CF 56 -68.43 -73.57 63.17
CA GLN CF 56 -67.97 -74.94 63.05
C GLN CF 56 -67.98 -75.59 64.43
N VAL CF 57 -67.90 -76.91 64.46
CA VAL CF 57 -67.94 -77.67 65.71
C VAL CF 57 -66.63 -77.50 66.46
N GLN CF 58 -66.71 -77.18 67.74
CA GLN CF 58 -65.53 -77.05 68.60
C GLN CF 58 -65.07 -78.42 69.05
N TYR CF 59 -63.76 -78.67 68.95
CA TYR CF 59 -63.19 -80.00 69.16
C TYR CF 59 -62.13 -79.96 70.25
N GLU CF 60 -61.97 -81.07 70.96
CA GLU CF 60 -60.97 -81.23 72.00
C GLU CF 60 -60.08 -82.44 71.71
N ARG CF 61 -58.82 -82.35 72.15
CA ARG CF 61 -57.81 -83.36 71.83
C ARG CF 61 -57.04 -83.71 73.09
N HIS CF 62 -56.80 -85.01 73.31
CA HIS CF 62 -55.95 -85.49 74.39
C HIS CF 62 -54.86 -86.41 73.83
N ASN CF 63 -53.67 -86.31 74.44
CA ASN CF 63 -52.52 -87.08 73.99
C ASN CF 63 -51.72 -87.60 75.19
N VAL CF 64 -51.10 -88.77 75.02
CA VAL CF 64 -50.19 -89.34 76.00
C VAL CF 64 -49.14 -90.15 75.26
N GLU CF 65 -47.89 -90.08 75.70
CA GLU CF 65 -46.79 -90.71 75.00
C GLU CF 65 -45.85 -91.40 76.00
N PHE CF 66 -45.20 -92.46 75.53
CA PHE CF 66 -44.10 -93.11 76.24
C PHE CF 66 -42.85 -93.04 75.38
N THR CF 67 -41.71 -92.77 76.01
CA THR CF 67 -40.46 -92.67 75.27
C THR CF 67 -39.29 -93.11 76.13
N GLU CF 68 -38.36 -93.84 75.52
CA GLU CF 68 -37.16 -94.35 76.17
C GLU CF 68 -35.95 -93.99 75.30
N THR CF 69 -34.97 -93.35 75.91
CA THR CF 69 -33.71 -93.02 75.24
C THR CF 69 -32.64 -94.01 75.69
N VAL CF 70 -31.89 -94.53 74.73
CA VAL CF 70 -30.74 -95.39 74.99
C VAL CF 70 -29.48 -94.60 74.68
N TYR CF 71 -28.63 -94.41 75.68
CA TYR CF 71 -27.43 -93.61 75.52
C TYR CF 71 -26.47 -94.27 74.54
N ALA CF 72 -25.76 -93.42 73.79
CA ALA CF 72 -24.79 -93.91 72.82
C ALA CF 72 -23.64 -94.62 73.51
N SER CF 73 -23.24 -95.77 72.97
CA SER CF 73 -22.12 -96.53 73.51
C SER CF 73 -21.34 -97.10 72.34
N GLY CF 74 -20.02 -96.88 72.34
CA GLY CF 74 -19.20 -97.35 71.24
C GLY CF 74 -19.60 -96.70 69.94
N SER CF 75 -19.62 -97.50 68.87
CA SER CF 75 -19.95 -96.97 67.55
C SER CF 75 -21.42 -96.55 67.47
N THR CF 76 -22.30 -97.29 68.12
CA THR CF 76 -23.73 -97.05 68.00
C THR CF 76 -24.11 -95.69 68.58
N PRO CF 77 -24.76 -94.81 67.82
CA PRO CF 77 -25.12 -93.49 68.37
C PRO CF 77 -26.43 -93.50 69.15
N GLU CF 78 -26.88 -92.31 69.56
CA GLU CF 78 -28.13 -92.18 70.28
C GLU CF 78 -29.31 -92.65 69.44
N PHE CF 79 -30.27 -93.29 70.09
CA PHE CF 79 -31.52 -93.66 69.42
C PHE CF 79 -32.62 -93.79 70.45
N VAL CF 80 -33.86 -93.74 69.98
CA VAL CF 80 -35.01 -93.60 70.85
C VAL CF 80 -36.14 -94.50 70.37
N ARG CF 81 -36.86 -95.07 71.32
CA ARG CF 81 -38.14 -95.71 71.07
C ARG CF 81 -39.25 -94.94 71.73
N GLN CF 82 -40.36 -94.82 71.02
CA GLN CF 82 -41.47 -93.93 71.37
C GLN CF 82 -42.76 -94.67 71.12
N ALA CF 83 -43.84 -94.21 71.75
CA ALA CF 83 -45.17 -94.74 71.45
C ALA CF 83 -46.21 -93.85 72.09
N TYR CF 84 -47.18 -93.39 71.31
CA TYR CF 84 -48.18 -92.48 71.86
C TYR CF 84 -49.52 -92.67 71.17
N VAL CF 85 -50.58 -92.24 71.88
CA VAL CF 85 -51.95 -92.31 71.40
C VAL CF 85 -52.60 -90.95 71.66
N VAL CF 86 -53.70 -90.69 70.93
CA VAL CF 86 -54.44 -89.45 71.09
C VAL CF 86 -55.93 -89.76 71.08
N ILE CF 87 -56.72 -88.83 71.62
CA ILE CF 87 -58.18 -88.90 71.59
C ILE CF 87 -58.72 -87.53 71.21
N ARG CF 88 -59.69 -87.51 70.29
CA ARG CF 88 -60.27 -86.27 69.81
C ARG CF 88 -61.80 -86.39 69.79
N HIS CF 89 -62.48 -85.41 70.39
CA HIS CF 89 -63.93 -85.44 70.52
C HIS CF 89 -64.42 -84.01 70.72
N LYS CF 90 -65.70 -83.79 70.42
CA LYS CF 90 -66.24 -82.44 70.48
C LYS CF 90 -66.45 -81.99 71.92
N VAL CF 91 -66.55 -80.67 72.10
CA VAL CF 91 -66.41 -80.08 73.43
C VAL CF 91 -67.55 -80.53 74.34
N GLY CF 92 -68.78 -80.55 73.83
CA GLY CF 92 -69.92 -80.92 74.64
C GLY CF 92 -70.32 -82.38 74.65
N ASP CF 93 -69.53 -83.25 74.01
CA ASP CF 93 -69.96 -84.63 73.83
C ASP CF 93 -70.09 -85.34 75.17
N VAL CF 94 -70.79 -86.47 75.15
CA VAL CF 94 -70.88 -87.36 76.31
C VAL CF 94 -69.59 -88.16 76.41
N SER CF 95 -69.08 -88.29 77.63
CA SER CF 95 -67.78 -88.92 77.83
C SER CF 95 -67.84 -90.43 77.65
N ALA CF 96 -68.99 -91.06 77.93
CA ALA CF 96 -69.06 -92.51 77.94
C ALA CF 96 -68.75 -93.10 76.56
N THR CF 97 -69.29 -92.49 75.50
CA THR CF 97 -69.03 -93.02 74.16
C THR CF 97 -67.55 -92.89 73.79
N VAL CF 98 -66.94 -91.76 74.12
CA VAL CF 98 -65.52 -91.60 73.83
C VAL CF 98 -64.71 -92.65 74.59
N SER CF 99 -65.10 -92.89 75.83
CA SER CF 99 -64.43 -93.90 76.64
C SER CF 99 -64.57 -95.28 76.02
N ASP CF 100 -65.76 -95.61 75.51
CA ASP CF 100 -65.96 -96.93 74.90
C ASP CF 100 -65.12 -97.07 73.63
N LEU CF 101 -65.04 -96.02 72.82
CA LEU CF 101 -64.22 -96.09 71.61
C LEU CF 101 -62.75 -96.30 71.96
N GLY CF 102 -62.26 -95.57 72.97
CA GLY CF 102 -60.89 -95.77 73.41
C GLY CF 102 -60.67 -97.17 73.97
N GLU CF 103 -61.66 -97.69 74.69
CA GLU CF 103 -61.60 -99.05 75.21
C GLU CF 103 -61.47 -100.05 74.08
N ALA CF 104 -62.25 -99.89 73.02
CA ALA CF 104 -62.17 -100.78 71.87
C ALA CF 104 -60.79 -100.72 71.24
N LEU CF 105 -60.26 -99.51 71.04
CA LEU CF 105 -58.93 -99.37 70.45
C LEU CF 105 -57.89 -100.07 71.31
N SER CF 106 -57.98 -99.90 72.63
CA SER CF 106 -57.05 -100.57 73.53
C SER CF 106 -57.18 -102.09 73.45
N PHE CF 107 -58.42 -102.59 73.40
CA PHE CF 107 -58.63 -104.03 73.37
C PHE CF 107 -58.11 -104.67 72.08
N TYR CF 108 -58.23 -103.96 70.95
CA TYR CF 108 -57.73 -104.51 69.70
C TYR CF 108 -56.24 -104.78 69.78
N LEU CF 109 -55.49 -103.85 70.37
CA LEU CF 109 -54.04 -103.96 70.44
C LEU CF 109 -53.64 -105.02 71.46
N ASN CF 110 -52.75 -105.91 71.07
CA ASN CF 110 -52.27 -106.99 71.94
C ASN CF 110 -50.95 -107.52 71.35
N GLU CF 111 -50.44 -108.60 71.93
CA GLU CF 111 -49.17 -109.15 71.49
C GLU CF 111 -49.22 -109.54 70.01
N ALA CF 112 -50.21 -110.35 69.63
CA ALA CF 112 -50.22 -110.91 68.29
C ALA CF 112 -50.35 -109.82 67.23
N LEU CF 113 -51.26 -108.87 67.42
CA LEU CF 113 -51.43 -107.83 66.42
C LEU CF 113 -50.18 -106.96 66.34
N TYR CF 114 -49.57 -106.67 67.48
CA TYR CF 114 -48.34 -105.90 67.48
C TYR CF 114 -47.24 -106.62 66.70
N GLY CF 115 -47.14 -107.94 66.89
CA GLY CF 115 -46.15 -108.69 66.14
C GLY CF 115 -46.42 -108.66 64.64
N LYS CF 116 -47.67 -108.89 64.26
CA LYS CF 116 -48.04 -108.78 62.84
C LYS CF 116 -47.91 -107.36 62.34
N LEU CF 117 -48.23 -106.38 63.19
CA LEU CF 117 -48.18 -104.99 62.76
C LEU CF 117 -46.77 -104.59 62.32
N ILE CF 118 -45.74 -105.06 63.02
CA ILE CF 118 -44.37 -104.75 62.59
C ILE CF 118 -44.08 -105.41 61.25
N GLY CF 119 -44.91 -106.37 60.83
CA GLY CF 119 -44.68 -107.08 59.59
C GLY CF 119 -44.87 -106.28 58.32
N TRP CF 120 -45.30 -105.01 58.43
CA TRP CF 120 -45.50 -104.10 57.31
C TRP CF 120 -46.73 -104.43 56.47
N GLU CF 121 -47.51 -105.45 56.83
CA GLU CF 121 -48.74 -105.72 56.11
C GLU CF 121 -49.85 -104.82 56.61
N SER CF 122 -50.63 -104.29 55.69
CA SER CF 122 -51.73 -103.39 56.03
C SER CF 122 -53.05 -104.12 55.95
N ALA DF 1 -51.64 -72.57 96.95
CA ALA DF 1 -51.62 -73.74 97.87
C ALA DF 1 -52.96 -73.87 98.60
N LEU DF 2 -54.05 -73.56 97.90
CA LEU DF 2 -55.37 -73.71 98.48
C LEU DF 2 -55.62 -75.17 98.85
N GLY DF 3 -55.18 -76.08 97.99
CA GLY DF 3 -55.43 -77.49 98.16
C GLY DF 3 -55.51 -78.15 96.80
N ASP DF 4 -56.08 -79.36 96.78
CA ASP DF 4 -56.28 -80.09 95.54
C ASP DF 4 -57.71 -80.02 95.05
N THR DF 5 -58.68 -79.97 95.96
CA THR DF 5 -60.08 -79.82 95.61
C THR DF 5 -60.60 -78.45 96.04
N LEU DF 6 -61.36 -77.83 95.14
CA LEU DF 6 -62.06 -76.57 95.41
C LEU DF 6 -63.55 -76.86 95.38
N THR DF 7 -64.25 -76.47 96.44
CA THR DF 7 -65.68 -76.77 96.56
C THR DF 7 -66.50 -75.50 96.42
N ILE DF 8 -67.47 -75.54 95.52
CA ILE DF 8 -68.39 -74.43 95.26
C ILE DF 8 -69.79 -74.94 95.57
N THR DF 9 -70.52 -74.19 96.39
CA THR DF 9 -71.88 -74.56 96.80
C THR DF 9 -72.86 -73.58 96.16
N LEU DF 10 -73.55 -74.04 95.11
CA LEU DF 10 -74.56 -73.20 94.47
C LEU DF 10 -75.67 -72.88 95.46
N GLY DF 11 -76.14 -71.64 95.43
CA GLY DF 11 -77.19 -71.22 96.33
C GLY DF 11 -76.73 -70.83 97.70
N GLY DF 12 -75.41 -70.74 97.93
CA GLY DF 12 -74.91 -70.31 99.22
C GLY DF 12 -74.82 -71.46 100.20
N SER DF 13 -75.38 -71.27 101.39
CA SER DF 13 -75.38 -72.31 102.42
C SER DF 13 -76.43 -73.38 102.16
N GLY DF 14 -77.24 -73.24 101.12
CA GLY DF 14 -78.29 -74.19 100.84
C GLY DF 14 -77.81 -75.61 100.62
N GLY DF 15 -77.09 -75.83 99.52
CA GLY DF 15 -76.67 -77.17 99.17
C GLY DF 15 -76.20 -77.22 97.73
N THR DF 16 -76.25 -78.42 97.15
CA THR DF 16 -75.84 -78.63 95.76
C THR DF 16 -74.38 -78.22 95.57
N ALA DF 17 -73.51 -78.92 96.29
CA ALA DF 17 -72.08 -78.67 96.23
C ALA DF 17 -71.46 -79.37 95.03
N LYS DF 18 -70.51 -78.68 94.40
CA LYS DF 18 -69.73 -79.21 93.30
C LYS DF 18 -68.26 -79.18 93.70
N VAL DF 19 -67.53 -80.25 93.38
CA VAL DF 19 -66.12 -80.37 93.71
C VAL DF 19 -65.31 -80.19 92.44
N LEU DF 20 -64.44 -79.19 92.40
CA LEU DF 20 -63.64 -78.89 91.24
C LEU DF 20 -62.27 -79.55 91.36
N ARG DF 21 -61.64 -79.78 90.20
CA ARG DF 21 -60.38 -80.49 90.10
C ARG DF 21 -59.30 -79.56 89.59
N LYS DF 22 -58.15 -79.54 90.27
CA LYS DF 22 -57.03 -78.74 89.80
C LYS DF 22 -56.52 -79.24 88.46
N ILE DF 23 -56.27 -78.30 87.55
CA ILE DF 23 -55.81 -78.63 86.21
C ILE DF 23 -54.46 -78.03 85.85
N ASN DF 24 -54.06 -76.90 86.42
CA ASN DF 24 -52.84 -76.25 85.97
C ASN DF 24 -52.45 -75.20 87.01
N GLN DF 25 -51.15 -74.90 87.09
CA GLN DF 25 -50.68 -73.86 88.00
C GLN DF 25 -49.45 -73.23 87.36
N ASP DF 26 -49.61 -72.04 86.78
CA ASP DF 26 -48.52 -71.30 86.16
C ASP DF 26 -48.55 -69.85 86.64
N GLY DF 27 -47.36 -69.30 86.90
CA GLY DF 27 -47.23 -67.89 87.18
C GLY DF 27 -48.06 -67.39 88.34
N TYR DF 28 -48.02 -68.11 89.47
CA TYR DF 28 -48.80 -67.73 90.64
C TYR DF 28 -50.30 -67.72 90.34
N THR DF 29 -50.73 -68.55 89.40
CA THR DF 29 -52.13 -68.65 89.01
C THR DF 29 -52.54 -70.11 89.06
N SER DF 30 -53.83 -70.34 89.31
CA SER DF 30 -54.37 -71.70 89.35
C SER DF 30 -55.82 -71.67 88.93
N GLU DF 31 -56.26 -72.74 88.27
CA GLU DF 31 -57.67 -72.89 87.95
C GLU DF 31 -58.09 -74.34 88.11
N TYR DF 32 -59.39 -74.52 88.34
CA TYR DF 32 -59.99 -75.82 88.60
C TYR DF 32 -61.12 -76.03 87.60
N TYR DF 33 -61.38 -77.30 87.25
CA TYR DF 33 -62.35 -77.61 86.20
C TYR DF 33 -63.13 -78.86 86.57
N LEU DF 34 -64.36 -78.96 86.05
CA LEU DF 34 -65.24 -80.09 86.29
C LEU DF 34 -66.28 -80.23 85.17
N PRO DF 35 -66.28 -81.31 84.40
CA PRO DF 35 -67.32 -81.49 83.39
C PRO DF 35 -68.56 -82.18 83.95
N GLU DF 36 -69.68 -81.94 83.27
CA GLU DF 36 -70.97 -82.50 83.65
C GLU DF 36 -71.74 -82.85 82.38
N THR DF 37 -72.98 -83.31 82.52
CA THR DF 37 -73.74 -83.77 81.37
C THR DF 37 -74.25 -82.60 80.53
N SER DF 38 -74.65 -81.50 81.18
CA SER DF 38 -75.24 -80.37 80.47
C SER DF 38 -74.58 -79.04 80.77
N SER DF 39 -73.48 -79.01 81.52
CA SER DF 39 -72.78 -77.76 81.80
C SER DF 39 -71.38 -78.08 82.31
N SER DF 40 -70.61 -77.02 82.55
CA SER DF 40 -69.24 -77.14 83.01
C SER DF 40 -68.99 -76.10 84.09
N PHE DF 41 -68.03 -76.40 84.97
CA PHE DF 41 -67.66 -75.50 86.05
C PHE DF 41 -66.15 -75.25 86.01
N ARG DF 42 -65.76 -73.99 86.28
CA ARG DF 42 -64.37 -73.60 86.21
C ARG DF 42 -64.13 -72.45 87.18
N ALA DF 43 -62.97 -72.45 87.82
CA ALA DF 43 -62.60 -71.40 88.77
C ALA DF 43 -61.15 -71.01 88.53
N LYS DF 44 -60.83 -69.75 88.78
CA LYS DF 44 -59.51 -69.20 88.54
C LYS DF 44 -59.09 -68.34 89.72
N VAL DF 45 -57.78 -68.27 89.96
CA VAL DF 45 -57.21 -67.39 90.97
C VAL DF 45 -55.90 -66.84 90.42
N ARG DF 46 -55.64 -65.56 90.66
CA ARG DF 46 -54.46 -64.91 90.09
C ARG DF 46 -53.91 -63.87 91.06
N HIS DF 47 -52.61 -63.58 90.89
CA HIS DF 47 -51.86 -62.67 91.74
C HIS DF 47 -50.99 -61.78 90.85
N THR DF 48 -50.87 -60.50 91.18
CA THR DF 48 -50.20 -59.57 90.27
C THR DF 48 -49.53 -58.42 91.01
N LYS DF 49 -48.51 -57.84 90.33
CA LYS DF 49 -47.90 -56.56 90.67
C LYS DF 49 -48.32 -55.53 89.63
N GLU DF 50 -48.77 -54.37 90.09
CA GLU DF 50 -49.00 -53.27 89.16
C GLU DF 50 -47.67 -52.60 88.80
N SER DF 51 -47.67 -51.90 87.66
CA SER DF 51 -46.43 -51.37 87.11
C SER DF 51 -45.76 -50.43 88.10
N VAL DF 52 -44.46 -50.59 88.27
CA VAL DF 52 -43.68 -49.73 89.15
C VAL DF 52 -43.31 -48.46 88.39
N LYS DF 53 -43.66 -47.32 88.96
CA LYS DF 53 -43.38 -46.02 88.36
C LYS DF 53 -42.76 -45.13 89.43
N PRO DF 54 -41.80 -44.28 89.08
CA PRO DF 54 -41.11 -43.50 90.11
C PRO DF 54 -42.08 -42.74 91.00
N ASN DF 55 -41.59 -42.41 92.19
CA ASN DF 55 -42.24 -41.51 93.16
C ASN DF 55 -43.75 -41.68 93.21
N GLN DF 56 -44.22 -42.93 93.17
CA GLN DF 56 -45.64 -43.24 93.39
C GLN DF 56 -45.73 -44.59 94.10
N VAL DF 57 -46.86 -44.81 94.78
CA VAL DF 57 -47.00 -45.99 95.62
C VAL DF 57 -47.16 -47.25 94.75
N GLN DF 58 -46.76 -48.38 95.31
CA GLN DF 58 -46.94 -49.68 94.67
C GLN DF 58 -48.17 -50.37 95.23
N TYR DF 59 -48.86 -51.11 94.35
CA TYR DF 59 -50.12 -51.75 94.68
C TYR DF 59 -50.07 -53.23 94.31
N GLU DF 60 -51.01 -53.98 94.86
CA GLU DF 60 -51.07 -55.42 94.68
C GLU DF 60 -52.53 -55.85 94.55
N ARG DF 61 -52.82 -56.65 93.53
CA ARG DF 61 -54.19 -57.02 93.17
C ARG DF 61 -54.40 -58.52 93.34
N HIS DF 62 -55.57 -58.89 93.87
CA HIS DF 62 -55.93 -60.28 94.15
C HIS DF 62 -57.32 -60.58 93.61
N ASN DF 63 -57.43 -61.65 92.82
CA ASN DF 63 -58.61 -61.92 92.02
C ASN DF 63 -59.07 -63.37 92.20
N VAL DF 64 -60.39 -63.56 92.22
CA VAL DF 64 -61.01 -64.88 92.20
C VAL DF 64 -62.22 -64.83 91.25
N GLU DF 65 -62.35 -65.85 90.41
CA GLU DF 65 -63.37 -65.86 89.35
C GLU DF 65 -64.06 -67.21 89.29
N PHE DF 66 -65.37 -67.18 89.05
CA PHE DF 66 -66.18 -68.36 88.78
C PHE DF 66 -66.83 -68.24 87.40
N THR DF 67 -66.89 -69.35 86.68
CA THR DF 67 -67.50 -69.39 85.34
C THR DF 67 -68.39 -70.62 85.24
N GLU DF 68 -69.51 -70.47 84.55
CA GLU DF 68 -70.49 -71.55 84.36
C GLU DF 68 -70.93 -71.53 82.90
N THR DF 69 -70.60 -72.59 82.17
CA THR DF 69 -70.87 -72.68 80.74
C THR DF 69 -72.00 -73.68 80.48
N VAL DF 70 -72.95 -73.28 79.65
CA VAL DF 70 -74.12 -74.09 79.31
C VAL DF 70 -74.03 -74.44 77.82
N TYR DF 71 -73.98 -75.73 77.52
CA TYR DF 71 -73.85 -76.16 76.13
C TYR DF 71 -75.13 -75.90 75.34
N ALA DF 72 -74.97 -75.82 74.02
CA ALA DF 72 -76.09 -75.51 73.14
C ALA DF 72 -77.11 -76.63 73.17
N SER DF 73 -78.38 -76.25 73.05
CA SER DF 73 -79.49 -77.20 73.04
C SER DF 73 -80.53 -76.71 72.05
N GLY DF 74 -80.80 -77.51 71.02
CA GLY DF 74 -81.71 -77.07 69.98
C GLY DF 74 -81.18 -75.84 69.28
N SER DF 75 -82.05 -74.83 69.13
CA SER DF 75 -81.64 -73.58 68.49
C SER DF 75 -80.89 -72.66 69.44
N THR DF 76 -80.95 -72.90 70.75
CA THR DF 76 -80.29 -72.02 71.71
C THR DF 76 -78.78 -72.21 71.63
N PRO DF 77 -78.00 -71.14 71.40
CA PRO DF 77 -76.55 -71.28 71.27
C PRO DF 77 -75.86 -71.27 72.62
N GLU DF 78 -74.53 -71.18 72.57
CA GLU DF 78 -73.72 -71.19 73.78
C GLU DF 78 -73.92 -69.91 74.58
N PHE DF 79 -73.77 -70.01 75.90
CA PHE DF 79 -73.70 -68.84 76.76
C PHE DF 79 -73.11 -69.25 78.10
N VAL DF 80 -72.63 -68.26 78.84
CA VAL DF 80 -71.86 -68.49 80.05
C VAL DF 80 -72.38 -67.57 81.16
N ARG DF 81 -72.19 -68.01 82.41
CA ARG DF 81 -72.43 -67.20 83.58
C ARG DF 81 -71.13 -67.05 84.36
N GLN DF 82 -70.86 -65.84 84.84
CA GLN DF 82 -69.56 -65.50 85.39
C GLN DF 82 -69.75 -64.51 86.54
N ALA DF 83 -68.82 -64.58 87.51
CA ALA DF 83 -68.87 -63.70 88.67
C ALA DF 83 -67.52 -63.74 89.35
N TYR DF 84 -66.98 -62.56 89.69
CA TYR DF 84 -65.63 -62.48 90.20
C TYR DF 84 -65.48 -61.28 91.11
N VAL DF 85 -64.50 -61.35 92.01
CA VAL DF 85 -64.18 -60.27 92.92
C VAL DF 85 -62.67 -60.08 92.94
N VAL DF 86 -62.24 -58.87 93.26
CA VAL DF 86 -60.82 -58.53 93.30
C VAL DF 86 -60.55 -57.51 94.38
N ILE DF 87 -59.37 -57.60 94.98
CA ILE DF 87 -58.95 -56.76 96.11
C ILE DF 87 -57.64 -56.08 95.73
N ARG DF 88 -57.54 -54.77 96.00
CA ARG DF 88 -56.32 -54.03 95.71
C ARG DF 88 -55.89 -53.26 96.94
N HIS DF 89 -54.62 -53.40 97.30
CA HIS DF 89 -54.05 -52.67 98.43
C HIS DF 89 -52.55 -52.51 98.19
N LYS DF 90 -51.97 -51.54 98.87
CA LYS DF 90 -50.56 -51.20 98.66
C LYS DF 90 -49.66 -52.15 99.43
N VAL DF 91 -48.43 -52.30 98.94
CA VAL DF 91 -47.47 -53.20 99.55
C VAL DF 91 -47.10 -52.71 100.95
N GLY DF 92 -46.98 -53.63 101.88
CA GLY DF 92 -46.64 -53.29 103.25
C GLY DF 92 -47.80 -52.85 104.12
N ASP DF 93 -49.04 -52.95 103.64
CA ASP DF 93 -50.18 -52.57 104.44
C ASP DF 93 -50.46 -53.64 105.51
N VAL DF 94 -51.27 -53.26 106.50
CA VAL DF 94 -51.65 -54.19 107.55
C VAL DF 94 -52.68 -55.18 107.01
N SER DF 95 -52.45 -56.47 107.25
CA SER DF 95 -53.31 -57.50 106.67
C SER DF 95 -54.73 -57.42 107.23
N ALA DF 96 -54.87 -57.19 108.54
CA ALA DF 96 -56.19 -57.21 109.16
C ALA DF 96 -57.06 -56.07 108.64
N THR DF 97 -56.48 -54.88 108.46
CA THR DF 97 -57.26 -53.75 107.97
C THR DF 97 -57.81 -54.03 106.57
N VAL DF 98 -56.97 -54.56 105.68
CA VAL DF 98 -57.44 -54.86 104.33
C VAL DF 98 -58.44 -56.01 104.37
N SER DF 99 -58.28 -56.96 105.29
CA SER DF 99 -59.22 -58.06 105.40
C SER DF 99 -60.57 -57.62 105.94
N ASP DF 100 -60.63 -56.52 106.68
CA ASP DF 100 -61.93 -56.00 107.11
C ASP DF 100 -62.82 -55.67 105.92
N LEU DF 101 -62.28 -54.92 104.96
CA LEU DF 101 -62.89 -54.82 103.64
C LEU DF 101 -62.86 -56.20 102.99
N GLY DF 102 -63.65 -56.35 101.93
CA GLY DF 102 -63.82 -57.65 101.32
C GLY DF 102 -64.71 -58.51 102.19
N GLU DF 103 -64.35 -58.69 103.45
CA GLU DF 103 -65.23 -59.38 104.38
C GLU DF 103 -66.54 -58.62 104.55
N ALA DF 104 -66.46 -57.30 104.71
CA ALA DF 104 -67.67 -56.49 104.76
C ALA DF 104 -68.47 -56.62 103.48
N LEU DF 105 -67.80 -56.59 102.33
CA LEU DF 105 -68.50 -56.70 101.05
C LEU DF 105 -69.24 -58.03 100.95
N SER DF 106 -68.58 -59.12 101.35
CA SER DF 106 -69.21 -60.42 101.29
C SER DF 106 -70.41 -60.50 102.22
N PHE DF 107 -70.29 -59.93 103.42
CA PHE DF 107 -71.42 -59.93 104.35
C PHE DF 107 -72.60 -59.13 103.79
N TYR DF 108 -72.31 -58.06 103.07
CA TYR DF 108 -73.38 -57.22 102.51
C TYR DF 108 -74.19 -57.95 101.46
N LEU DF 109 -73.53 -58.62 100.52
CA LEU DF 109 -74.25 -59.27 99.42
C LEU DF 109 -74.99 -60.51 99.91
N ASN DF 110 -76.25 -60.64 99.49
CA ASN DF 110 -77.09 -61.76 99.89
C ASN DF 110 -78.24 -61.86 98.89
N GLU DF 111 -79.31 -62.57 99.29
CA GLU DF 111 -80.48 -62.72 98.44
C GLU DF 111 -80.98 -61.38 97.90
N ALA DF 112 -81.33 -60.46 98.81
CA ALA DF 112 -82.03 -59.25 98.39
C ALA DF 112 -81.15 -58.40 97.48
N LEU DF 113 -79.87 -58.25 97.81
CA LEU DF 113 -79.02 -57.40 97.00
C LEU DF 113 -78.87 -57.95 95.60
N TYR DF 114 -78.68 -59.27 95.47
CA TYR DF 114 -78.51 -59.86 94.15
C TYR DF 114 -79.81 -59.77 93.35
N GLY DF 115 -80.94 -60.02 93.99
CA GLY DF 115 -82.21 -59.89 93.29
C GLY DF 115 -82.45 -58.47 92.82
N LYS DF 116 -82.01 -57.48 93.60
CA LYS DF 116 -82.17 -56.09 93.20
C LYS DF 116 -81.23 -55.74 92.05
N LEU DF 117 -79.95 -56.12 92.16
CA LEU DF 117 -78.98 -55.76 91.13
C LEU DF 117 -79.34 -56.40 89.79
N ILE DF 118 -79.73 -57.68 89.81
CA ILE DF 118 -80.13 -58.34 88.58
C ILE DF 118 -81.34 -57.65 87.98
N GLY DF 119 -82.04 -56.83 88.76
CA GLY DF 119 -83.18 -56.09 88.27
C GLY DF 119 -82.86 -54.70 87.77
N TRP DF 120 -81.59 -54.41 87.48
CA TRP DF 120 -81.15 -53.13 86.96
C TRP DF 120 -81.49 -51.97 87.88
N GLU DF 121 -81.84 -52.25 89.13
CA GLU DF 121 -82.29 -51.24 90.08
C GLU DF 121 -81.07 -50.64 90.77
N SER DF 122 -80.37 -49.76 90.06
CA SER DF 122 -79.16 -49.14 90.57
C SER DF 122 -79.41 -48.44 91.90
N ALA EF 1 -42.46 -82.20 93.06
CA ALA EF 1 -43.32 -83.15 93.82
C ALA EF 1 -42.79 -83.38 95.24
N LEU EF 2 -42.11 -82.37 95.80
CA LEU EF 2 -41.64 -82.47 97.18
C LEU EF 2 -42.82 -82.53 98.15
N GLY EF 3 -43.82 -81.69 97.94
CA GLY EF 3 -44.94 -81.56 98.85
C GLY EF 3 -45.37 -80.10 98.89
N ASP EF 4 -46.67 -79.90 99.15
CA ASP EF 4 -47.21 -78.55 99.15
C ASP EF 4 -46.67 -77.70 100.30
N THR EF 5 -46.03 -78.30 101.30
CA THR EF 5 -45.49 -77.57 102.43
C THR EF 5 -44.05 -77.98 102.68
N LEU EF 6 -43.30 -77.05 103.29
CA LEU EF 6 -41.91 -77.26 103.64
C LEU EF 6 -41.69 -76.76 105.06
N THR EF 7 -40.81 -77.45 105.79
CA THR EF 7 -40.58 -77.15 107.20
C THR EF 7 -39.12 -76.75 107.41
N ILE EF 8 -38.92 -75.67 108.17
CA ILE EF 8 -37.59 -75.16 108.48
C ILE EF 8 -37.49 -75.06 109.99
N THR EF 9 -36.42 -75.62 110.55
CA THR EF 9 -36.18 -75.63 111.99
C THR EF 9 -34.94 -74.80 112.27
N LEU EF 10 -35.14 -73.52 112.60
CA LEU EF 10 -34.01 -72.64 112.89
C LEU EF 10 -33.25 -73.17 114.11
N GLY EF 11 -31.93 -73.12 114.02
CA GLY EF 11 -31.09 -73.60 115.10
C GLY EF 11 -30.92 -75.10 115.15
N GLY EF 12 -31.11 -75.80 114.03
CA GLY EF 12 -30.91 -77.23 114.02
C GLY EF 12 -32.00 -77.96 114.77
N SER EF 13 -31.72 -79.23 115.06
CA SER EF 13 -32.71 -80.08 115.71
C SER EF 13 -33.06 -79.54 117.09
N GLY EF 14 -34.35 -79.62 117.42
CA GLY EF 14 -34.85 -79.14 118.69
C GLY EF 14 -35.16 -77.65 118.74
N GLY EF 15 -35.10 -76.95 117.62
CA GLY EF 15 -35.27 -75.51 117.58
C GLY EF 15 -36.70 -75.09 117.32
N THR EF 16 -36.83 -73.89 116.74
CA THR EF 16 -38.13 -73.32 116.41
C THR EF 16 -38.52 -73.72 114.99
N ALA EF 17 -39.75 -74.18 114.82
CA ALA EF 17 -40.22 -74.70 113.54
C ALA EF 17 -40.92 -73.61 112.73
N LYS EF 18 -40.65 -73.59 111.43
CA LYS EF 18 -41.30 -72.70 110.48
C LYS EF 18 -41.83 -73.55 109.33
N VAL EF 19 -43.11 -73.40 109.00
CA VAL EF 19 -43.76 -74.20 107.96
C VAL EF 19 -44.11 -73.27 106.81
N LEU EF 20 -43.43 -73.46 105.68
CA LEU EF 20 -43.65 -72.66 104.48
C LEU EF 20 -44.69 -73.33 103.59
N ARG EF 21 -45.31 -72.52 102.72
CA ARG EF 21 -46.34 -73.01 101.80
C ARG EF 21 -45.85 -72.85 100.36
N LYS EF 22 -46.23 -73.80 99.51
CA LYS EF 22 -45.82 -73.75 98.10
C LYS EF 22 -46.51 -72.58 97.41
N ILE EF 23 -45.81 -72.01 96.42
CA ILE EF 23 -46.27 -70.85 95.68
C ILE EF 23 -46.34 -71.13 94.18
N ASN EF 24 -45.24 -71.63 93.61
CA ASN EF 24 -45.16 -71.75 92.16
C ASN EF 24 -44.13 -72.81 91.79
N GLN EF 25 -44.29 -73.35 90.57
CA GLN EF 25 -43.29 -74.25 89.99
C GLN EF 25 -43.55 -74.32 88.50
N ASP EF 26 -42.69 -73.68 87.70
CA ASP EF 26 -42.84 -73.70 86.25
C ASP EF 26 -41.66 -74.33 85.53
N GLY EF 27 -40.45 -73.81 85.73
CA GLY EF 27 -39.30 -74.28 84.98
C GLY EF 27 -38.47 -75.31 85.72
N TYR EF 28 -39.10 -76.42 86.11
CA TYR EF 28 -38.45 -77.45 86.91
C TYR EF 28 -38.01 -76.92 88.28
N THR EF 29 -38.53 -75.76 88.67
CA THR EF 29 -38.19 -75.12 89.94
C THR EF 29 -39.40 -75.13 90.86
N SER EF 30 -39.17 -74.79 92.12
CA SER EF 30 -40.26 -74.64 93.09
C SER EF 30 -39.97 -73.43 93.98
N GLU EF 31 -41.03 -72.82 94.49
CA GLU EF 31 -40.91 -71.67 95.37
C GLU EF 31 -41.85 -71.85 96.56
N TYR EF 32 -41.34 -71.57 97.76
CA TYR EF 32 -42.11 -71.61 99.00
C TYR EF 32 -41.98 -70.26 99.71
N TYR EF 33 -43.03 -69.86 100.42
CA TYR EF 33 -43.03 -68.53 101.05
C TYR EF 33 -43.87 -68.54 102.33
N LEU EF 34 -43.51 -67.63 103.24
CA LEU EF 34 -44.18 -67.44 104.52
C LEU EF 34 -43.95 -66.03 105.06
N PRO EF 35 -44.99 -65.23 105.30
CA PRO EF 35 -44.80 -63.90 105.87
C PRO EF 35 -44.87 -63.88 107.40
N GLU EF 36 -44.30 -62.81 107.97
CA GLU EF 36 -44.25 -62.61 109.42
C GLU EF 36 -44.41 -61.12 109.71
N THR EF 37 -44.46 -60.79 111.00
CA THR EF 37 -44.69 -59.40 111.39
C THR EF 37 -43.50 -58.51 111.01
N SER EF 38 -42.28 -59.03 111.17
CA SER EF 38 -41.09 -58.25 110.86
C SER EF 38 -40.07 -59.06 110.07
N SER EF 39 -40.51 -60.11 109.39
CA SER EF 39 -39.59 -60.97 108.64
C SER EF 39 -40.39 -61.75 107.61
N SER EF 40 -39.66 -62.47 106.76
CA SER EF 40 -40.26 -63.33 105.75
C SER EF 40 -39.30 -64.48 105.47
N PHE EF 41 -39.85 -65.67 105.26
CA PHE EF 41 -39.07 -66.84 104.92
C PHE EF 41 -39.46 -67.36 103.55
N ARG EF 42 -38.46 -67.66 102.73
CA ARG EF 42 -38.69 -68.05 101.34
C ARG EF 42 -37.67 -69.09 100.95
N ALA EF 43 -38.09 -70.08 100.17
CA ALA EF 43 -37.21 -71.14 99.71
C ALA EF 43 -37.45 -71.44 98.24
N LYS EF 44 -36.39 -71.87 97.55
CA LYS EF 44 -36.40 -72.22 96.14
C LYS EF 44 -35.65 -73.52 95.91
N VAL EF 45 -36.08 -74.28 94.91
CA VAL EF 45 -35.36 -75.45 94.42
C VAL EF 45 -35.23 -75.33 92.92
N ARG EF 46 -34.07 -75.68 92.38
CA ARG EF 46 -33.84 -75.62 90.94
C ARG EF 46 -33.15 -76.88 90.46
N HIS EF 47 -33.29 -77.16 89.17
CA HIS EF 47 -32.54 -78.21 88.49
C HIS EF 47 -32.10 -77.68 87.13
N THR EF 48 -30.96 -78.17 86.65
CA THR EF 48 -30.41 -77.68 85.39
C THR EF 48 -29.52 -78.74 84.75
N LYS EF 49 -29.43 -78.69 83.43
CA LYS EF 49 -28.52 -79.50 82.64
C LYS EF 49 -27.54 -78.58 81.93
N GLU EF 50 -26.24 -78.81 82.14
CA GLU EF 50 -25.23 -77.95 81.54
C GLU EF 50 -25.21 -78.11 80.03
N SER EF 51 -24.75 -77.06 79.35
CA SER EF 51 -24.75 -77.04 77.89
C SER EF 51 -23.89 -78.17 77.34
N VAL EF 52 -24.38 -78.85 76.32
CA VAL EF 52 -23.69 -79.99 75.74
C VAL EF 52 -22.65 -79.50 74.73
N LYS EF 53 -21.51 -80.17 74.70
CA LYS EF 53 -20.46 -79.93 73.73
C LYS EF 53 -20.09 -81.25 73.07
N PRO EF 54 -19.60 -81.22 71.83
CA PRO EF 54 -19.24 -82.48 71.17
C PRO EF 54 -18.15 -83.21 71.93
N ASN EF 55 -18.33 -84.52 72.06
CA ASN EF 55 -17.38 -85.45 72.71
C ASN EF 55 -16.72 -84.85 73.95
N GLN EF 56 -17.55 -84.34 74.87
CA GLN EF 56 -17.18 -84.22 76.27
C GLN EF 56 -18.30 -84.82 77.12
N VAL EF 57 -18.10 -84.81 78.44
CA VAL EF 57 -19.04 -85.43 79.36
C VAL EF 57 -20.17 -84.46 79.68
N GLN EF 58 -21.40 -84.96 79.63
CA GLN EF 58 -22.56 -84.17 80.02
C GLN EF 58 -22.73 -84.18 81.54
N TYR EF 59 -23.12 -83.03 82.08
CA TYR EF 59 -23.28 -82.84 83.53
C TYR EF 59 -24.62 -82.22 83.84
N GLU EF 60 -25.08 -82.42 85.08
CA GLU EF 60 -26.29 -81.79 85.58
C GLU EF 60 -26.02 -81.17 86.95
N ARG EF 61 -26.78 -80.14 87.27
CA ARG EF 61 -26.60 -79.35 88.48
C ARG EF 61 -27.91 -79.28 89.25
N HIS EF 62 -27.85 -79.43 90.58
CA HIS EF 62 -29.01 -79.24 91.45
C HIS EF 62 -28.68 -78.22 92.53
N ASN EF 63 -29.66 -77.37 92.84
CA ASN EF 63 -29.45 -76.23 93.73
C ASN EF 63 -30.63 -76.10 94.69
N VAL EF 64 -30.32 -75.74 95.94
CA VAL EF 64 -31.33 -75.53 96.97
C VAL EF 64 -30.88 -74.36 97.84
N GLU EF 65 -31.78 -73.41 98.10
CA GLU EF 65 -31.42 -72.19 98.83
C GLU EF 65 -32.52 -71.81 99.82
N PHE EF 66 -32.09 -71.28 100.96
CA PHE EF 66 -32.96 -70.64 101.94
C PHE EF 66 -32.62 -69.17 102.03
N THR EF 67 -33.64 -68.32 102.06
CA THR EF 67 -33.45 -66.88 102.10
C THR EF 67 -34.33 -66.28 103.18
N GLU EF 68 -33.79 -65.31 103.91
CA GLU EF 68 -34.49 -64.60 104.97
C GLU EF 68 -34.19 -63.12 104.83
N THR EF 69 -35.24 -62.29 104.83
CA THR EF 69 -35.11 -60.85 104.68
C THR EF 69 -35.86 -60.16 105.81
N VAL EF 70 -35.23 -59.14 106.39
CA VAL EF 70 -35.78 -58.41 107.52
C VAL EF 70 -36.21 -57.03 107.06
N TYR EF 71 -37.46 -56.67 107.34
CA TYR EF 71 -38.01 -55.42 106.85
C TYR EF 71 -37.35 -54.23 107.54
N ALA EF 72 -37.17 -53.15 106.79
CA ALA EF 72 -36.48 -51.98 107.31
C ALA EF 72 -37.24 -51.40 108.49
N SER EF 73 -36.50 -51.05 109.55
CA SER EF 73 -37.08 -50.45 110.74
C SER EF 73 -36.17 -49.32 111.20
N GLY EF 74 -36.75 -48.14 111.41
CA GLY EF 74 -35.96 -47.00 111.83
C GLY EF 74 -34.92 -46.64 110.79
N SER EF 75 -33.68 -46.45 111.23
CA SER EF 75 -32.60 -46.08 110.32
C SER EF 75 -32.12 -47.27 109.49
N THR EF 76 -32.16 -48.46 110.06
CA THR EF 76 -31.63 -49.64 109.38
C THR EF 76 -32.43 -49.97 108.13
N PRO EF 77 -31.81 -50.08 106.94
CA PRO EF 77 -32.56 -50.50 105.75
C PRO EF 77 -32.74 -52.00 105.68
N GLU EF 78 -33.21 -52.48 104.53
CA GLU EF 78 -33.42 -53.91 104.33
C GLU EF 78 -32.08 -54.66 104.37
N PHE EF 79 -32.11 -55.87 104.93
CA PHE EF 79 -30.98 -56.79 104.79
C PHE EF 79 -31.51 -58.21 104.89
N VAL EF 80 -30.73 -59.15 104.36
CA VAL EF 80 -31.19 -60.52 104.17
C VAL EF 80 -30.17 -61.51 104.72
N ARG EF 81 -30.65 -62.73 104.97
CA ARG EF 81 -29.81 -63.89 105.26
C ARG EF 81 -30.07 -64.96 104.21
N GLN EF 82 -29.01 -65.64 103.79
CA GLN EF 82 -29.09 -66.63 102.71
C GLN EF 82 -28.15 -67.79 103.01
N ALA EF 83 -28.45 -68.94 102.41
CA ALA EF 83 -27.59 -70.12 102.46
C ALA EF 83 -28.07 -71.17 101.47
N TYR EF 84 -27.19 -71.66 100.60
CA TYR EF 84 -27.63 -72.58 99.55
C TYR EF 84 -26.59 -73.66 99.31
N VAL EF 85 -27.03 -74.73 98.65
CA VAL EF 85 -26.19 -75.90 98.33
C VAL EF 85 -26.33 -76.22 96.85
N VAL EF 86 -25.24 -76.68 96.24
CA VAL EF 86 -25.20 -77.05 94.83
C VAL EF 86 -24.52 -78.40 94.68
N ILE EF 87 -25.00 -79.21 93.75
CA ILE EF 87 -24.47 -80.55 93.49
C ILE EF 87 -24.29 -80.68 91.98
N ARG EF 88 -23.13 -81.19 91.55
CA ARG EF 88 -22.88 -81.41 90.13
C ARG EF 88 -22.28 -82.80 89.92
N HIS EF 89 -22.79 -83.50 88.91
CA HIS EF 89 -22.39 -84.87 88.61
C HIS EF 89 -22.85 -85.21 87.20
N LYS EF 90 -22.22 -86.23 86.61
CA LYS EF 90 -22.45 -86.53 85.20
C LYS EF 90 -23.61 -87.50 85.02
N VAL EF 91 -24.22 -87.45 83.84
CA VAL EF 91 -25.45 -88.20 83.61
C VAL EF 91 -25.15 -89.68 83.58
N GLY EF 92 -26.01 -90.46 84.24
CA GLY EF 92 -25.85 -91.89 84.29
C GLY EF 92 -25.01 -92.40 85.44
N ASP EF 93 -24.59 -91.55 86.36
CA ASP EF 93 -23.77 -91.98 87.48
C ASP EF 93 -24.65 -92.70 88.50
N VAL EF 94 -24.00 -93.45 89.39
CA VAL EF 94 -24.71 -94.21 90.41
C VAL EF 94 -25.18 -93.24 91.49
N SER EF 95 -26.48 -93.29 91.80
CA SER EF 95 -27.08 -92.27 92.66
C SER EF 95 -26.48 -92.30 94.07
N ALA EF 96 -26.30 -93.50 94.64
CA ALA EF 96 -25.83 -93.59 96.01
C ALA EF 96 -24.42 -93.00 96.16
N THR EF 97 -23.56 -93.27 95.19
CA THR EF 97 -22.20 -92.72 95.25
C THR EF 97 -22.23 -91.19 95.27
N VAL EF 98 -23.04 -90.59 94.38
CA VAL EF 98 -23.13 -89.14 94.35
C VAL EF 98 -23.70 -88.63 95.68
N SER EF 99 -24.69 -89.31 96.23
CA SER EF 99 -25.29 -88.86 97.48
C SER EF 99 -24.31 -88.97 98.64
N ASP EF 100 -23.33 -89.87 98.55
CA ASP EF 100 -22.40 -90.05 99.65
C ASP EF 100 -21.61 -88.78 99.94
N LEU EF 101 -21.14 -88.09 98.88
CA LEU EF 101 -20.41 -86.85 99.07
C LEU EF 101 -21.27 -85.82 99.79
N GLY EF 102 -22.54 -85.67 99.37
CA GLY EF 102 -23.41 -84.71 100.00
C GLY EF 102 -23.71 -85.04 101.45
N GLU EF 103 -23.91 -86.32 101.75
CA GLU EF 103 -24.11 -86.74 103.13
C GLU EF 103 -22.90 -86.37 103.98
N ALA EF 104 -21.69 -86.62 103.46
CA ALA EF 104 -20.49 -86.26 104.20
C ALA EF 104 -20.41 -84.75 104.41
N LEU EF 105 -20.75 -83.97 103.39
CA LEU EF 105 -20.73 -82.51 103.52
C LEU EF 105 -21.71 -82.07 104.59
N SER EF 106 -22.91 -82.64 104.61
CA SER EF 106 -23.89 -82.27 105.61
C SER EF 106 -23.39 -82.61 107.01
N PHE EF 107 -22.77 -83.78 107.18
CA PHE EF 107 -22.28 -84.16 108.49
C PHE EF 107 -21.12 -83.27 108.94
N TYR EF 108 -20.27 -82.85 108.01
CA TYR EF 108 -19.12 -82.04 108.36
C TYR EF 108 -19.56 -80.72 108.99
N LEU EF 109 -20.55 -80.07 108.37
CA LEU EF 109 -21.02 -78.77 108.84
C LEU EF 109 -21.78 -78.93 110.16
N ASN EF 110 -21.43 -78.11 111.13
CA ASN EF 110 -22.10 -78.13 112.43
C ASN EF 110 -21.89 -76.78 113.09
N GLU EF 111 -22.20 -76.69 114.39
CA GLU EF 111 -22.11 -75.41 115.08
C GLU EF 111 -20.71 -74.84 115.00
N ALA EF 112 -19.71 -75.66 115.34
CA ALA EF 112 -18.34 -75.16 115.43
C ALA EF 112 -17.81 -74.70 114.07
N LEU EF 113 -18.06 -75.49 113.02
CA LEU EF 113 -17.56 -75.10 111.71
C LEU EF 113 -18.20 -73.79 111.26
N TYR EF 114 -19.50 -73.62 111.51
CA TYR EF 114 -20.17 -72.39 111.12
C TYR EF 114 -19.62 -71.19 111.90
N GLY EF 115 -19.38 -71.38 113.20
CA GLY EF 115 -18.76 -70.31 113.97
C GLY EF 115 -17.40 -69.93 113.45
N LYS EF 116 -16.58 -70.92 113.12
CA LYS EF 116 -15.26 -70.64 112.54
C LYS EF 116 -15.40 -69.92 111.19
N LEU EF 117 -16.34 -70.35 110.36
CA LEU EF 117 -16.51 -69.72 109.05
C LEU EF 117 -16.88 -68.25 109.22
N ILE EF 118 -17.80 -67.96 110.14
CA ILE EF 118 -18.10 -66.57 110.45
C ILE EF 118 -16.88 -65.86 110.99
N GLY EF 119 -15.98 -66.60 111.63
CA GLY EF 119 -14.73 -66.01 112.12
C GLY EF 119 -13.68 -65.73 111.06
N TRP EF 120 -13.96 -65.96 109.78
CA TRP EF 120 -13.03 -65.76 108.68
C TRP EF 120 -11.85 -66.74 108.72
N GLU EF 121 -11.99 -67.85 109.44
CA GLU EF 121 -10.94 -68.86 109.49
C GLU EF 121 -10.73 -69.48 108.12
N SER EF 122 -9.47 -69.73 107.78
CA SER EF 122 -9.12 -70.37 106.53
C SER EF 122 -8.12 -71.49 106.79
N ALA FF 1 -71.06 15.03 112.52
CA ALA FF 1 -72.25 14.82 113.38
C ALA FF 1 -73.53 14.96 112.56
N LEU FF 2 -74.33 15.99 112.84
CA LEU FF 2 -75.59 16.23 112.15
C LEU FF 2 -76.58 15.06 112.30
N GLY FF 3 -76.33 14.18 113.27
CA GLY FF 3 -77.17 13.02 113.46
C GLY FF 3 -76.96 11.97 112.37
N ASP FF 4 -77.83 10.97 112.40
CA ASP FF 4 -77.82 9.90 111.41
C ASP FF 4 -78.87 10.10 110.32
N THR FF 5 -80.04 10.62 110.68
CA THR FF 5 -81.11 10.87 109.74
C THR FF 5 -81.25 12.36 109.48
N LEU FF 6 -81.30 12.74 108.20
CA LEU FF 6 -81.50 14.11 107.76
C LEU FF 6 -82.93 14.25 107.24
N THR FF 7 -83.65 15.25 107.74
CA THR FF 7 -85.05 15.45 107.39
C THR FF 7 -85.21 16.73 106.59
N ILE FF 8 -85.92 16.64 105.47
CA ILE FF 8 -86.26 17.78 104.63
C ILE FF 8 -87.77 17.83 104.48
N THR FF 9 -88.34 19.01 104.70
CA THR FF 9 -89.79 19.24 104.65
C THR FF 9 -90.10 20.06 103.40
N LEU FF 10 -90.55 19.38 102.34
CA LEU FF 10 -90.91 20.12 101.13
C LEU FF 10 -92.03 21.10 101.45
N GLY FF 11 -91.90 22.31 100.92
CA GLY FF 11 -92.88 23.35 101.18
C GLY FF 11 -92.68 24.09 102.48
N GLY FF 12 -91.49 24.05 103.06
CA GLY FF 12 -91.25 24.79 104.28
C GLY FF 12 -91.95 24.17 105.47
N SER FF 13 -92.14 25.00 106.50
CA SER FF 13 -92.77 24.53 107.72
C SER FF 13 -94.22 24.11 107.44
N GLY FF 14 -94.60 22.96 107.99
CA GLY FF 14 -95.94 22.44 107.84
C GLY FF 14 -96.17 21.56 106.64
N GLY FF 15 -95.15 21.32 105.81
CA GLY FF 15 -95.31 20.56 104.58
C GLY FF 15 -95.09 19.07 104.78
N THR FF 16 -94.97 18.38 103.66
CA THR FF 16 -94.65 16.96 103.68
C THR FF 16 -93.22 16.76 104.17
N ALA FF 17 -93.04 15.80 105.07
CA ALA FF 17 -91.74 15.53 105.66
C ALA FF 17 -91.12 14.28 105.07
N LYS FF 18 -89.83 14.37 104.74
CA LYS FF 18 -89.05 13.25 104.23
C LYS FF 18 -87.83 13.05 105.12
N VAL FF 19 -87.41 11.80 105.25
CA VAL FF 19 -86.27 11.43 106.10
C VAL FF 19 -85.20 10.81 105.23
N LEU FF 20 -83.96 11.26 105.40
CA LEU FF 20 -82.82 10.73 104.66
C LEU FF 20 -81.86 10.05 105.63
N ARG FF 21 -81.30 8.92 105.21
CA ARG FF 21 -80.42 8.11 106.03
C ARG FF 21 -78.98 8.24 105.53
N LYS FF 22 -78.03 8.29 106.46
CA LYS FF 22 -76.63 8.39 106.08
C LYS FF 22 -76.18 7.13 105.34
N ILE FF 23 -75.44 7.32 104.25
CA ILE FF 23 -75.02 6.22 103.39
C ILE FF 23 -73.51 6.09 103.27
N ASN FF 24 -72.74 7.17 103.43
CA ASN FF 24 -71.31 7.13 103.19
C ASN FF 24 -70.67 8.31 103.89
N GLN FF 25 -69.34 8.28 103.98
CA GLN FF 25 -68.59 9.44 104.46
C GLN FF 25 -67.16 9.31 103.96
N ASP FF 26 -66.76 10.20 103.06
CA ASP FF 26 -65.40 10.19 102.52
C ASP FF 26 -64.94 11.61 102.24
N GLY FF 27 -63.63 11.82 102.39
CA GLY FF 27 -63.00 13.03 101.91
C GLY FF 27 -63.62 14.30 102.44
N TYR FF 28 -63.92 14.34 103.75
CA TYR FF 28 -64.54 15.50 104.37
C TYR FF 28 -65.94 15.74 103.83
N THR FF 29 -66.61 14.68 103.38
CA THR FF 29 -67.92 14.75 102.75
C THR FF 29 -68.87 13.79 103.47
N SER FF 30 -70.17 14.06 103.36
CA SER FF 30 -71.20 13.20 103.92
C SER FF 30 -72.31 13.01 102.90
N GLU FF 31 -72.98 11.87 102.98
CA GLU FF 31 -73.99 11.48 102.01
C GLU FF 31 -75.26 11.03 102.72
N TYR FF 32 -76.40 11.28 102.06
CA TYR FF 32 -77.71 10.80 102.49
C TYR FF 32 -78.51 10.36 101.27
N TYR FF 33 -79.44 9.42 101.46
CA TYR FF 33 -80.16 8.84 100.35
C TYR FF 33 -81.49 8.27 100.81
N LEU FF 34 -82.49 8.28 99.91
CA LEU FF 34 -83.78 7.65 100.17
C LEU FF 34 -84.51 7.37 98.87
N PRO FF 35 -84.81 6.11 98.54
CA PRO FF 35 -85.51 5.82 97.29
C PRO FF 35 -87.02 5.72 97.46
N GLU FF 36 -87.72 5.75 96.32
CA GLU FF 36 -89.16 5.55 96.24
C GLU FF 36 -89.46 4.83 94.94
N THR FF 37 -90.74 4.54 94.70
CA THR FF 37 -91.11 3.83 93.47
C THR FF 37 -90.97 4.72 92.25
N SER FF 38 -91.21 6.03 92.38
CA SER FF 38 -91.18 6.95 91.26
C SER FF 38 -90.05 7.96 91.31
N SER FF 39 -89.43 8.18 92.47
CA SER FF 39 -88.37 9.18 92.58
C SER FF 39 -87.45 8.83 93.74
N SER FF 40 -86.49 9.71 94.00
CA SER FF 40 -85.47 9.48 95.02
C SER FF 40 -85.04 10.83 95.58
N PHE FF 41 -84.48 10.79 96.79
CA PHE FF 41 -83.96 11.98 97.45
C PHE FF 41 -82.54 11.72 97.91
N ARG FF 42 -81.64 12.65 97.57
CA ARG FF 42 -80.22 12.52 97.84
C ARG FF 42 -79.68 13.86 98.31
N ALA FF 43 -78.85 13.83 99.35
CA ALA FF 43 -78.32 15.05 99.95
C ALA FF 43 -76.82 14.93 100.16
N LYS FF 44 -76.13 16.07 100.04
CA LYS FF 44 -74.67 16.11 100.02
C LYS FF 44 -74.16 17.28 100.85
N VAL FF 45 -73.09 17.03 101.61
CA VAL FF 45 -72.40 18.07 102.37
C VAL FF 45 -70.91 17.91 102.14
N ARG FF 46 -70.25 19.00 101.75
CA ARG FF 46 -68.83 18.95 101.42
C ARG FF 46 -68.11 20.17 101.97
N HIS FF 47 -66.84 19.98 102.34
CA HIS FF 47 -65.93 21.06 102.71
C HIS FF 47 -64.64 20.90 101.91
N THR FF 48 -64.07 22.03 101.49
CA THR FF 48 -62.87 22.03 100.66
C THR FF 48 -61.97 23.18 101.08
N LYS FF 49 -60.67 23.02 100.80
CA LYS FF 49 -59.67 24.06 100.99
C LYS FF 49 -58.98 24.31 99.67
N GLU FF 50 -58.94 25.58 99.24
CA GLU FF 50 -58.32 25.90 97.96
C GLU FF 50 -56.79 25.80 98.08
N SER FF 51 -56.13 25.77 96.92
CA SER FF 51 -54.68 25.66 96.90
C SER FF 51 -54.05 26.84 97.64
N VAL FF 52 -53.10 26.54 98.52
CA VAL FF 52 -52.38 27.59 99.23
C VAL FF 52 -51.44 28.29 98.24
N LYS FF 53 -51.53 29.61 98.18
CA LYS FF 53 -50.79 30.38 97.20
C LYS FF 53 -50.03 31.52 97.87
N PRO FF 54 -48.85 31.89 97.33
CA PRO FF 54 -47.70 32.29 98.16
C PRO FF 54 -47.97 33.23 99.32
N ASN FF 55 -48.38 34.48 99.08
CA ASN FF 55 -48.52 35.48 100.15
C ASN FF 55 -49.85 36.22 100.00
N GLN FF 56 -50.94 35.56 100.38
CA GLN FF 56 -52.30 36.10 100.32
C GLN FF 56 -53.10 35.49 101.47
N VAL FF 57 -54.43 35.62 101.40
CA VAL FF 57 -55.31 35.09 102.43
C VAL FF 57 -55.69 33.66 102.08
N GLN FF 58 -56.07 32.91 103.12
CA GLN FF 58 -56.55 31.53 103.00
C GLN FF 58 -58.04 31.50 103.33
N TYR FF 59 -58.82 30.84 102.47
CA TYR FF 59 -60.28 30.80 102.59
C TYR FF 59 -60.74 29.36 102.82
N GLU FF 60 -62.01 29.21 103.20
CA GLU FF 60 -62.67 27.92 103.28
C GLU FF 60 -64.08 28.01 102.71
N ARG FF 61 -64.54 26.90 102.13
CA ARG FF 61 -65.84 26.82 101.48
C ARG FF 61 -66.66 25.70 102.11
N HIS FF 62 -67.96 25.96 102.32
CA HIS FF 62 -68.91 24.91 102.68
C HIS FF 62 -70.15 25.01 101.81
N ASN FF 63 -70.64 23.87 101.35
CA ASN FF 63 -71.79 23.79 100.47
C ASN FF 63 -72.76 22.71 100.95
N VAL FF 64 -74.05 22.93 100.74
CA VAL FF 64 -75.10 21.95 101.02
C VAL FF 64 -76.01 21.85 99.82
N GLU FF 65 -76.34 20.62 99.42
CA GLU FF 65 -77.06 20.36 98.18
C GLU FF 65 -78.22 19.40 98.43
N PHE FF 66 -79.41 19.76 97.93
CA PHE FF 66 -80.53 18.85 97.83
C PHE FF 66 -80.77 18.51 96.36
N THR FF 67 -80.96 17.23 96.07
CA THR FF 67 -81.19 16.76 94.71
C THR FF 67 -82.38 15.81 94.71
N GLU FF 68 -83.30 16.01 93.78
CA GLU FF 68 -84.44 15.12 93.59
C GLU FF 68 -84.45 14.63 92.15
N THR FF 69 -84.48 13.31 91.96
CA THR FF 69 -84.45 12.70 90.64
C THR FF 69 -85.77 11.99 90.37
N VAL FF 70 -86.26 12.15 89.14
CA VAL FF 70 -87.49 11.52 88.68
C VAL FF 70 -87.12 10.53 87.58
N TYR FF 71 -87.51 9.27 87.76
CA TYR FF 71 -87.15 8.25 86.81
C TYR FF 71 -87.91 8.43 85.49
N ALA FF 72 -87.31 7.91 84.41
CA ALA FF 72 -87.94 8.00 83.11
C ALA FF 72 -89.26 7.23 83.11
N SER FF 73 -90.29 7.84 82.54
CA SER FF 73 -91.62 7.24 82.49
C SER FF 73 -92.18 7.47 81.10
N GLY FF 74 -92.37 6.39 80.34
CA GLY FF 74 -92.88 6.52 78.98
C GLY FF 74 -91.93 7.35 78.13
N SER FF 75 -92.48 8.32 77.40
CA SER FF 75 -91.66 9.14 76.52
C SER FF 75 -90.77 10.09 77.30
N THR FF 76 -91.23 10.57 78.46
CA THR FF 76 -90.49 11.55 79.23
C THR FF 76 -89.17 10.95 79.73
N PRO FF 77 -88.04 11.58 79.47
CA PRO FF 77 -86.75 11.02 79.90
C PRO FF 77 -86.41 11.39 81.34
N GLU FF 78 -85.19 11.05 81.73
CA GLU FF 78 -84.69 11.38 83.07
C GLU FF 78 -84.52 12.89 83.22
N PHE FF 79 -84.84 13.39 84.42
CA PHE FF 79 -84.58 14.78 84.74
C PHE FF 79 -84.56 14.93 86.26
N VAL FF 80 -83.90 15.99 86.73
CA VAL FF 80 -83.56 16.14 88.13
C VAL FF 80 -83.91 17.55 88.59
N ARG FF 81 -83.99 17.70 89.90
CA ARG FF 81 -84.08 19.01 90.53
C ARG FF 81 -83.07 19.11 91.66
N GLN FF 82 -82.39 20.25 91.72
CA GLN FF 82 -81.41 20.53 92.76
C GLN FF 82 -81.55 21.96 93.24
N ALA FF 83 -81.00 22.21 94.42
CA ALA FF 83 -80.83 23.58 94.93
C ALA FF 83 -79.77 23.54 96.02
N TYR FF 84 -78.67 24.25 95.83
CA TYR FF 84 -77.56 24.18 96.77
C TYR FF 84 -77.03 25.58 97.09
N VAL FF 85 -76.36 25.66 98.25
CA VAL FF 85 -75.84 26.89 98.82
C VAL FF 85 -74.35 26.73 99.04
N VAL FF 86 -73.63 27.85 99.07
CA VAL FF 86 -72.20 27.87 99.31
C VAL FF 86 -71.86 29.03 100.25
N ILE FF 87 -70.95 28.77 101.19
CA ILE FF 87 -70.46 29.77 102.12
C ILE FF 87 -68.94 29.78 102.03
N ARG FF 88 -68.35 30.98 101.89
CA ARG FF 88 -66.90 31.08 101.77
C ARG FF 88 -66.38 32.22 102.61
N HIS FF 89 -65.38 31.93 103.44
CA HIS FF 89 -64.80 32.89 104.37
C HIS FF 89 -63.37 32.46 104.68
N LYS FF 90 -62.68 33.27 105.48
CA LYS FF 90 -61.27 33.06 105.78
C LYS FF 90 -61.11 32.17 107.02
N VAL FF 91 -59.95 31.52 107.12
CA VAL FF 91 -59.77 30.48 108.11
C VAL FF 91 -59.89 31.05 109.53
N GLY FF 92 -59.29 32.21 109.77
CA GLY FF 92 -59.22 32.77 111.10
C GLY FF 92 -60.37 33.69 111.50
N ASP FF 93 -61.44 33.74 110.72
CA ASP FF 93 -62.48 34.73 110.96
C ASP FF 93 -63.21 34.44 112.29
N VAL FF 94 -64.15 35.33 112.61
CA VAL FF 94 -65.07 35.11 113.72
C VAL FF 94 -66.28 34.36 113.20
N SER FF 95 -66.68 33.30 113.91
CA SER FF 95 -67.74 32.42 113.42
C SER FF 95 -69.09 33.13 113.38
N ALA FF 96 -69.42 33.85 114.44
CA ALA FF 96 -70.76 34.43 114.54
C ALA FF 96 -71.02 35.44 113.43
N THR FF 97 -70.02 36.27 113.11
CA THR FF 97 -70.19 37.23 112.02
C THR FF 97 -70.44 36.52 110.70
N VAL FF 98 -69.68 35.45 110.42
CA VAL FF 98 -69.87 34.72 109.18
C VAL FF 98 -71.27 34.12 109.13
N SER FF 99 -71.76 33.65 110.28
CA SER FF 99 -73.09 33.05 110.33
C SER FF 99 -74.19 34.09 110.14
N ASP FF 100 -73.96 35.34 110.57
CA ASP FF 100 -74.99 36.36 110.44
C ASP FF 100 -75.33 36.64 108.97
N LEU FF 101 -74.31 36.71 108.11
CA LEU FF 101 -74.58 36.93 106.70
C LEU FF 101 -75.40 35.78 106.12
N GLY FF 102 -75.10 34.55 106.51
CA GLY FF 102 -75.88 33.42 106.05
C GLY FF 102 -77.31 33.47 106.55
N GLU FF 103 -77.51 33.88 107.80
CA GLU FF 103 -78.87 34.03 108.31
C GLU FF 103 -79.63 35.09 107.52
N ALA FF 104 -78.96 36.18 107.15
CA ALA FF 104 -79.59 37.18 106.29
C ALA FF 104 -80.00 36.58 104.95
N LEU FF 105 -79.09 35.81 104.33
CA LEU FF 105 -79.43 35.19 103.05
C LEU FF 105 -80.64 34.28 103.18
N SER FF 106 -80.66 33.45 104.23
CA SER FF 106 -81.77 32.53 104.43
C SER FF 106 -83.07 33.29 104.67
N PHE FF 107 -83.02 34.35 105.49
CA PHE FF 107 -84.23 35.09 105.83
C PHE FF 107 -84.81 35.81 104.62
N TYR FF 108 -83.93 36.34 103.76
CA TYR FF 108 -84.40 37.06 102.57
C TYR FF 108 -85.18 36.13 101.64
N LEU FF 109 -84.67 34.94 101.39
CA LEU FF 109 -85.36 34.01 100.49
C LEU FF 109 -86.62 33.46 101.17
N ASN FF 110 -87.72 33.49 100.43
CA ASN FF 110 -88.99 32.94 100.89
C ASN FF 110 -89.85 32.66 99.67
N GLU FF 111 -91.05 32.13 99.91
CA GLU FF 111 -91.87 31.66 98.81
C GLU FF 111 -92.12 32.76 97.78
N ALA FF 112 -92.33 33.99 98.24
CA ALA FF 112 -92.63 35.08 97.31
C ALA FF 112 -91.50 35.29 96.33
N LEU FF 113 -90.25 35.31 96.82
CA LEU FF 113 -89.12 35.61 95.94
C LEU FF 113 -88.86 34.49 94.94
N TYR FF 114 -89.10 33.24 95.33
CA TYR FF 114 -88.84 32.15 94.41
C TYR FF 114 -89.72 32.24 93.18
N GLY FF 115 -90.98 32.64 93.34
CA GLY FF 115 -91.84 32.82 92.18
C GLY FF 115 -91.28 33.85 91.23
N LYS FF 116 -90.79 34.98 91.77
CA LYS FF 116 -90.19 35.99 90.91
C LYS FF 116 -88.94 35.47 90.22
N LEU FF 117 -88.10 34.73 90.94
CA LEU FF 117 -86.89 34.20 90.32
C LEU FF 117 -87.22 33.26 89.17
N ILE FF 118 -88.21 32.37 89.37
CA ILE FF 118 -88.59 31.47 88.29
C ILE FF 118 -89.10 32.25 87.09
N GLY FF 119 -89.72 33.40 87.33
CA GLY FF 119 -90.22 34.24 86.25
C GLY FF 119 -89.21 35.17 85.62
N TRP FF 120 -87.91 34.99 85.89
CA TRP FF 120 -86.83 35.83 85.39
C TRP FF 120 -86.90 37.25 85.91
N GLU FF 121 -87.82 37.53 86.83
CA GLU FF 121 -87.91 38.85 87.42
C GLU FF 121 -86.62 39.14 88.18
N SER FF 122 -85.86 40.13 87.71
CA SER FF 122 -84.61 40.51 88.38
C SER FF 122 -84.59 42.00 88.66
N ALA GF 1 -63.33 2.33 116.35
CA ALA GF 1 -64.28 3.38 116.79
C ALA GF 1 -63.91 3.85 118.19
N LEU GF 2 -62.98 4.81 118.27
CA LEU GF 2 -62.63 5.40 119.55
C LEU GF 2 -63.82 6.14 120.17
N GLY GF 3 -64.59 6.83 119.36
CA GLY GF 3 -65.73 7.59 119.83
C GLY GF 3 -65.84 8.89 119.04
N ASP GF 4 -67.06 9.43 119.00
CA ASP GF 4 -67.30 10.59 118.16
C ASP GF 4 -66.70 11.87 118.73
N THR GF 5 -66.22 11.85 119.98
CA THR GF 5 -65.50 12.97 120.57
C THR GF 5 -64.23 12.48 121.23
N LEU GF 6 -63.15 13.25 121.07
CA LEU GF 6 -61.86 12.99 121.71
C LEU GF 6 -61.52 14.16 122.60
N THR GF 7 -61.15 13.87 123.84
CA THR GF 7 -60.96 14.89 124.86
C THR GF 7 -59.48 15.10 125.14
N ILE GF 8 -59.06 16.36 125.14
CA ILE GF 8 -57.68 16.73 125.40
C ILE GF 8 -57.66 17.63 126.63
N THR GF 9 -56.92 17.21 127.65
CA THR GF 9 -56.83 17.93 128.93
C THR GF 9 -55.45 18.59 129.00
N LEU GF 10 -55.38 19.87 128.66
CA LEU GF 10 -54.10 20.56 128.68
C LEU GF 10 -53.56 20.63 130.10
N GLY GF 11 -52.25 20.47 130.24
CA GLY GF 11 -51.65 20.40 131.56
C GLY GF 11 -51.85 19.07 132.27
N GLY GF 12 -52.06 17.99 131.52
CA GLY GF 12 -52.24 16.70 132.16
C GLY GF 12 -53.54 16.65 132.93
N SER GF 13 -53.45 16.16 134.17
CA SER GF 13 -54.63 16.05 135.03
C SER GF 13 -55.12 17.40 135.54
N GLY GF 14 -54.38 18.47 135.29
CA GLY GF 14 -54.77 19.79 135.76
C GLY GF 14 -56.20 20.16 135.42
N GLY GF 15 -56.48 20.35 134.14
CA GLY GF 15 -57.82 20.70 133.71
C GLY GF 15 -57.80 21.27 132.30
N THR GF 16 -58.80 22.11 132.02
CA THR GF 16 -58.96 22.75 130.71
C THR GF 16 -59.15 21.70 129.61
N ALA GF 17 -60.26 20.97 129.71
CA ALA GF 17 -60.58 19.93 128.74
C ALA GF 17 -61.13 20.55 127.47
N LYS GF 18 -60.62 20.10 126.33
CA LYS GF 18 -61.14 20.46 125.01
C LYS GF 18 -61.78 19.23 124.38
N VAL GF 19 -62.99 19.40 123.87
CA VAL GF 19 -63.74 18.28 123.30
C VAL GF 19 -63.69 18.36 121.78
N LEU GF 20 -62.73 17.71 121.17
CA LEU GF 20 -62.68 17.62 119.72
C LEU GF 20 -63.79 16.70 119.21
N ARG GF 21 -64.15 16.87 117.94
CA ARG GF 21 -65.22 16.08 117.33
C ARG GF 21 -64.72 15.48 116.02
N LYS GF 22 -65.19 14.27 115.73
CA LYS GF 22 -64.76 13.58 114.51
C LYS GF 22 -65.19 14.35 113.28
N ILE GF 23 -64.33 14.36 112.26
CA ILE GF 23 -64.60 15.09 111.02
C ILE GF 23 -64.52 14.14 109.84
N ASN GF 24 -63.71 13.09 109.95
CA ASN GF 24 -63.44 12.23 108.81
C ASN GF 24 -62.88 10.90 109.30
N GLN GF 25 -63.02 9.88 108.45
CA GLN GF 25 -62.47 8.55 108.75
C GLN GF 25 -62.25 7.84 107.41
N ASP GF 26 -61.00 7.77 106.96
CA ASP GF 26 -60.66 7.15 105.69
C ASP GF 26 -59.35 6.39 105.82
N GLY GF 27 -59.30 5.20 105.23
CA GLY GF 27 -58.06 4.44 105.17
C GLY GF 27 -57.47 4.08 106.52
N TYR GF 28 -58.29 3.59 107.45
CA TYR GF 28 -57.82 3.25 108.79
C TYR GF 28 -57.18 4.47 109.45
N THR GF 29 -57.75 5.65 109.19
CA THR GF 29 -57.27 6.91 109.73
C THR GF 29 -58.48 7.70 110.22
N SER GF 30 -58.27 8.51 111.26
CA SER GF 30 -59.35 9.31 111.84
C SER GF 30 -58.86 10.72 112.08
N GLU GF 31 -59.80 11.66 112.10
CA GLU GF 31 -59.52 13.08 112.32
C GLU GF 31 -60.55 13.68 113.26
N TYR GF 32 -60.09 14.54 114.16
CA TYR GF 32 -60.92 15.24 115.12
C TYR GF 32 -60.52 16.71 115.10
N TYR GF 33 -61.48 17.63 115.32
CA TYR GF 33 -61.18 19.05 115.22
C TYR GF 33 -62.17 19.88 116.03
N LEU GF 34 -61.69 21.01 116.54
CA LEU GF 34 -62.50 21.95 117.33
C LEU GF 34 -61.91 23.36 117.23
N PRO GF 35 -62.63 24.34 116.69
CA PRO GF 35 -62.08 25.69 116.58
C PRO GF 35 -62.49 26.61 117.74
N GLU GF 36 -61.69 27.64 117.94
CA GLU GF 36 -61.93 28.66 118.96
C GLU GF 36 -61.64 30.02 118.34
N THR GF 37 -61.63 31.06 119.19
CA THR GF 37 -61.45 32.42 118.69
C THR GF 37 -60.06 32.62 118.11
N SER GF 38 -59.02 32.20 118.83
CA SER GF 38 -57.65 32.48 118.43
C SER GF 38 -56.82 31.23 118.17
N SER GF 39 -57.36 30.04 118.37
CA SER GF 39 -56.65 28.83 118.02
C SER GF 39 -57.65 27.70 117.82
N SER GF 40 -57.16 26.61 117.22
CA SER GF 40 -57.98 25.44 116.97
C SER GF 40 -57.15 24.19 117.24
N PHE GF 41 -57.83 23.10 117.56
CA PHE GF 41 -57.17 21.85 117.91
C PHE GF 41 -57.58 20.76 116.93
N ARG GF 42 -56.62 19.94 116.54
CA ARG GF 42 -56.83 18.85 115.59
C ARG GF 42 -56.06 17.63 116.08
N ALA GF 43 -56.65 16.45 115.88
CA ALA GF 43 -56.01 15.20 116.27
C ALA GF 43 -56.20 14.16 115.17
N LYS GF 44 -55.22 13.27 115.02
CA LYS GF 44 -55.24 12.24 114.00
C LYS GF 44 -54.79 10.91 114.60
N VAL GF 45 -55.23 9.82 113.98
CA VAL GF 45 -54.76 8.47 114.29
C VAL GF 45 -54.55 7.72 112.98
N ARG GF 46 -53.43 7.00 112.87
CA ARG GF 46 -53.10 6.29 111.65
C ARG GF 46 -52.46 4.95 111.97
N HIS GF 47 -52.73 3.96 111.11
CA HIS GF 47 -52.17 2.61 111.19
C HIS GF 47 -51.68 2.23 109.81
N THR GF 48 -50.51 1.58 109.72
CA THR GF 48 -49.98 1.25 108.40
C THR GF 48 -49.06 0.04 108.49
N LYS GF 49 -49.07 -0.77 107.42
CA LYS GF 49 -48.11 -1.84 107.23
C LYS GF 49 -46.73 -1.25 106.91
N GLU GF 50 -45.76 -2.13 106.68
CA GLU GF 50 -44.48 -1.79 106.09
C GLU GF 50 -44.30 -2.49 104.76
N SER GF 51 -43.25 -2.10 104.03
CA SER GF 51 -42.99 -2.68 102.73
C SER GF 51 -42.59 -4.14 102.87
N VAL GF 52 -43.13 -4.98 101.98
CA VAL GF 52 -42.89 -6.42 102.03
C VAL GF 52 -41.65 -6.73 101.19
N LYS GF 53 -40.67 -7.39 101.80
CA LYS GF 53 -39.51 -7.87 101.05
C LYS GF 53 -39.25 -9.32 101.40
N PRO GF 54 -38.68 -10.09 100.47
CA PRO GF 54 -38.75 -11.56 100.58
C PRO GF 54 -38.08 -12.15 101.82
N ASN GF 55 -36.98 -11.58 102.30
CA ASN GF 55 -36.14 -12.24 103.30
C ASN GF 55 -36.04 -11.42 104.59
N GLN GF 56 -37.17 -10.94 105.10
CA GLN GF 56 -37.14 -10.26 106.39
C GLN GF 56 -38.55 -10.21 106.97
N VAL GF 57 -38.62 -10.01 108.29
CA VAL GF 57 -39.90 -10.02 108.99
C VAL GF 57 -40.62 -8.70 108.79
N GLN GF 58 -41.95 -8.75 108.88
CA GLN GF 58 -42.80 -7.60 108.59
C GLN GF 58 -43.09 -6.81 109.85
N TYR GF 59 -43.04 -5.49 109.74
CA TYR GF 59 -43.38 -4.60 110.85
C TYR GF 59 -44.65 -3.83 110.53
N GLU GF 60 -45.28 -3.31 111.60
CA GLU GF 60 -46.47 -2.49 111.50
C GLU GF 60 -46.34 -1.31 112.44
N ARG GF 61 -46.90 -0.17 112.04
CA ARG GF 61 -46.72 1.09 112.76
C ARG GF 61 -48.07 1.64 113.18
N HIS GF 62 -48.11 2.27 114.35
CA HIS GF 62 -49.28 3.00 114.82
C HIS GF 62 -48.87 4.41 115.20
N ASN GF 63 -49.65 5.39 114.78
CA ASN GF 63 -49.29 6.80 114.96
C ASN GF 63 -50.48 7.58 115.50
N VAL GF 64 -50.18 8.55 116.35
CA VAL GF 64 -51.18 9.47 116.90
C VAL GF 64 -50.51 10.80 117.15
N GLU GF 65 -51.09 11.88 116.61
CA GLU GF 65 -50.50 13.21 116.72
C GLU GF 65 -51.53 14.25 117.10
N PHE GF 66 -51.09 15.19 117.93
CA PHE GF 66 -51.85 16.36 118.34
C PHE GF 66 -51.26 17.58 117.67
N THR GF 67 -52.12 18.39 117.05
CA THR GF 67 -51.67 19.58 116.34
C THR GF 67 -52.45 20.79 116.85
N GLU GF 68 -51.73 21.89 117.04
CA GLU GF 68 -52.31 23.13 117.56
C GLU GF 68 -51.71 24.29 116.79
N THR GF 69 -52.55 24.97 116.01
CA THR GF 69 -52.14 26.10 115.19
C THR GF 69 -52.84 27.36 115.67
N VAL GF 70 -52.10 28.46 115.74
CA VAL GF 70 -52.58 29.71 116.29
C VAL GF 70 -52.55 30.76 115.18
N TYR GF 71 -53.66 31.45 114.98
CA TYR GF 71 -53.79 32.35 113.85
C TYR GF 71 -52.94 33.60 114.03
N ALA GF 72 -52.54 34.18 112.90
CA ALA GF 72 -51.66 35.33 112.91
C ALA GF 72 -52.34 36.53 113.55
N SER GF 73 -51.60 37.23 114.41
CA SER GF 73 -52.09 38.41 115.10
C SER GF 73 -51.06 39.52 115.00
N GLY GF 74 -51.50 40.71 114.64
CA GLY GF 74 -50.58 41.83 114.50
C GLY GF 74 -49.51 41.51 113.48
N SER GF 75 -48.26 41.86 113.82
CA SER GF 75 -47.14 41.60 112.93
C SER GF 75 -46.71 40.13 112.95
N THR GF 76 -46.92 39.44 114.06
CA THR GF 76 -46.47 38.06 114.19
C THR GF 76 -47.29 37.13 113.32
N PRO GF 77 -46.68 36.35 112.42
CA PRO GF 77 -47.47 35.39 111.61
C PRO GF 77 -47.96 34.21 112.43
N GLU GF 78 -48.66 33.29 111.77
CA GLU GF 78 -49.18 32.11 112.44
C GLU GF 78 -48.10 31.06 112.63
N PHE GF 79 -48.31 30.19 113.61
CA PHE GF 79 -47.39 29.09 113.88
C PHE GF 79 -48.18 27.95 114.50
N VAL GF 80 -47.50 26.82 114.74
CA VAL GF 80 -48.16 25.58 115.13
C VAL GF 80 -47.44 24.98 116.33
N ARG GF 81 -48.14 24.08 117.01
CA ARG GF 81 -47.55 23.24 118.06
C ARG GF 81 -47.98 21.80 117.83
N GLN GF 82 -47.01 20.89 117.82
CA GLN GF 82 -47.21 19.51 117.42
C GLN GF 82 -46.52 18.57 118.38
N ALA GF 83 -47.01 17.34 118.48
CA ALA GF 83 -46.39 16.31 119.31
C ALA GF 83 -47.06 14.99 119.01
N TYR GF 84 -46.26 13.94 118.77
CA TYR GF 84 -46.85 12.67 118.36
C TYR GF 84 -45.98 11.50 118.81
N VAL GF 85 -46.60 10.32 118.85
CA VAL GF 85 -45.96 9.08 119.29
C VAL GF 85 -46.14 8.03 118.21
N VAL GF 86 -45.16 7.14 118.10
CA VAL GF 86 -45.19 6.03 117.15
C VAL GF 86 -44.79 4.75 117.86
N ILE GF 87 -45.50 3.66 117.54
CA ILE GF 87 -45.21 2.33 118.07
C ILE GF 87 -44.94 1.41 116.88
N ARG GF 88 -43.83 0.67 116.92
CA ARG GF 88 -43.48 -0.27 115.86
C ARG GF 88 -43.21 -1.64 116.46
N HIS GF 89 -43.75 -2.67 115.82
CA HIS GF 89 -43.59 -4.04 116.29
C HIS GF 89 -43.98 -4.99 115.17
N LYS GF 90 -43.40 -6.19 115.19
CA LYS GF 90 -43.66 -7.15 114.11
C LYS GF 90 -45.03 -7.78 114.27
N VAL GF 91 -45.57 -8.25 113.14
CA VAL GF 91 -46.85 -8.96 113.17
C VAL GF 91 -46.73 -10.21 114.02
N GLY GF 92 -47.78 -10.47 114.80
CA GLY GF 92 -47.83 -11.66 115.63
C GLY GF 92 -47.17 -11.56 116.98
N ASP GF 93 -46.64 -10.39 117.37
CA ASP GF 93 -46.07 -10.26 118.69
C ASP GF 93 -47.15 -10.33 119.76
N VAL GF 94 -46.71 -10.47 121.01
CA VAL GF 94 -47.63 -10.52 122.15
C VAL GF 94 -48.05 -9.09 122.48
N SER GF 95 -49.36 -8.89 122.59
CA SER GF 95 -49.88 -7.54 122.79
C SER GF 95 -49.39 -6.95 124.10
N ALA GF 96 -49.34 -7.75 125.17
CA ALA GF 96 -49.04 -7.21 126.49
C ALA GF 96 -47.64 -6.61 126.55
N THR GF 97 -46.66 -7.29 125.95
CA THR GF 97 -45.30 -6.77 125.97
C THR GF 97 -45.20 -5.48 125.16
N VAL GF 98 -45.79 -5.46 123.96
CA VAL GF 98 -45.72 -4.27 123.13
C VAL GF 98 -46.44 -3.11 123.81
N SER GF 99 -47.43 -3.42 124.66
CA SER GF 99 -48.09 -2.36 125.41
C SER GF 99 -47.23 -1.87 126.58
N ASP GF 100 -46.62 -2.79 127.32
CA ASP GF 100 -45.77 -2.41 128.44
C ASP GF 100 -44.62 -1.54 127.97
N LEU GF 101 -44.00 -1.92 126.87
CA LEU GF 101 -43.19 -0.96 126.11
C LEU GF 101 -44.12 0.08 125.50
N GLY GF 102 -43.77 1.33 125.63
CA GLY GF 102 -44.75 2.39 125.34
C GLY GF 102 -45.45 2.88 126.57
N GLU GF 103 -45.99 1.97 127.39
CA GLU GF 103 -46.51 2.37 128.69
C GLU GF 103 -45.39 2.90 129.56
N ALA GF 104 -44.23 2.26 129.52
CA ALA GF 104 -43.07 2.77 130.23
C ALA GF 104 -42.68 4.14 129.72
N LEU GF 105 -42.69 4.32 128.39
CA LEU GF 105 -42.38 5.62 127.82
C LEU GF 105 -43.34 6.69 128.32
N SER GF 106 -44.63 6.38 128.32
CA SER GF 106 -45.62 7.34 128.78
C SER GF 106 -45.38 7.71 130.24
N PHE GF 107 -45.07 6.71 131.08
CA PHE GF 107 -44.79 7.01 132.49
C PHE GF 107 -43.55 7.89 132.63
N TYR GF 108 -42.54 7.65 131.81
CA TYR GF 108 -41.32 8.44 131.92
C TYR GF 108 -41.59 9.92 131.66
N LEU GF 109 -42.34 10.24 130.61
CA LEU GF 109 -42.53 11.63 130.22
C LEU GF 109 -43.39 12.34 131.26
N ASN GF 110 -42.92 13.49 131.73
CA ASN GF 110 -43.63 14.25 132.75
C ASN GF 110 -43.19 15.71 132.65
N GLU GF 111 -43.62 16.51 133.64
CA GLU GF 111 -43.41 17.94 133.63
C GLU GF 111 -41.93 18.30 133.65
N ALA GF 112 -41.19 17.79 134.64
CA ALA GF 112 -39.78 18.13 134.78
C ALA GF 112 -38.98 17.67 133.57
N LEU GF 113 -39.25 16.47 133.08
CA LEU GF 113 -38.51 15.96 131.93
C LEU GF 113 -38.76 16.82 130.70
N TYR GF 114 -40.01 17.23 130.48
CA TYR GF 114 -40.32 18.11 129.36
C TYR GF 114 -39.59 19.44 129.50
N GLY GF 115 -39.61 20.00 130.71
CA GLY GF 115 -38.92 21.27 130.92
C GLY GF 115 -37.44 21.18 130.64
N LYS GF 116 -36.79 20.12 131.11
CA LYS GF 116 -35.38 19.92 130.82
C LYS GF 116 -35.15 19.74 129.33
N LEU GF 117 -35.98 18.94 128.67
CA LEU GF 117 -35.77 18.62 127.26
C LEU GF 117 -35.89 19.86 126.40
N ILE GF 118 -36.84 20.74 126.69
CA ILE GF 118 -37.03 21.95 125.89
C ILE GF 118 -35.81 22.86 125.97
N GLY GF 119 -34.98 22.68 127.00
CA GLY GF 119 -33.81 23.53 127.17
C GLY GF 119 -32.54 23.03 126.49
N TRP GF 120 -32.67 22.11 125.54
CA TRP GF 120 -31.57 21.51 124.77
C TRP GF 120 -30.71 20.56 125.61
N GLU GF 121 -31.13 20.24 126.84
CA GLU GF 121 -30.40 19.26 127.63
C GLU GF 121 -30.47 17.88 126.99
N SER GF 122 -29.41 17.11 127.15
CA SER GF 122 -29.37 15.73 126.65
C SER GF 122 -28.61 14.85 127.63
N ALA HF 1 -74.49 2.86 108.55
CA ALA HF 1 -74.80 3.27 109.96
C ALA HF 1 -75.43 2.12 110.73
N LEU HF 2 -74.93 0.91 110.52
CA LEU HF 2 -75.43 -0.24 111.26
C LEU HF 2 -75.16 -0.07 112.75
N GLY HF 3 -73.98 0.44 113.08
CA GLY HF 3 -73.55 0.59 114.46
C GLY HF 3 -72.07 0.33 114.56
N ASP HF 4 -71.42 0.95 115.54
CA ASP HF 4 -69.99 0.77 115.72
C ASP HF 4 -69.63 -0.68 116.07
N THR HF 5 -70.51 -1.38 116.78
CA THR HF 5 -70.27 -2.75 117.20
C THR HF 5 -71.28 -3.70 116.57
N LEU HF 6 -70.78 -4.82 116.05
CA LEU HF 6 -71.61 -5.86 115.46
C LEU HF 6 -71.47 -7.13 116.30
N THR HF 7 -72.60 -7.71 116.68
CA THR HF 7 -72.63 -8.87 117.56
C THR HF 7 -72.95 -10.12 116.75
N ILE HF 8 -72.10 -11.14 116.88
CA ILE HF 8 -72.31 -12.44 116.24
C ILE HF 8 -72.40 -13.48 117.35
N THR HF 9 -73.41 -14.35 117.27
CA THR HF 9 -73.63 -15.39 118.26
C THR HF 9 -73.40 -16.74 117.59
N LEU HF 10 -72.23 -17.34 117.83
CA LEU HF 10 -71.94 -18.64 117.24
C LEU HF 10 -72.89 -19.70 117.80
N GLY HF 11 -73.24 -20.65 116.95
CA GLY HF 11 -74.18 -21.68 117.34
C GLY HF 11 -75.62 -21.22 117.40
N GLY HF 12 -75.97 -20.14 116.72
CA GLY HF 12 -77.33 -19.69 116.70
C GLY HF 12 -77.74 -19.05 118.02
N SER HF 13 -79.05 -18.95 118.21
CA SER HF 13 -79.59 -18.33 119.40
C SER HF 13 -79.17 -19.09 120.66
N GLY HF 14 -78.89 -18.35 121.73
CA GLY HF 14 -78.49 -18.94 122.99
C GLY HF 14 -77.06 -19.40 123.06
N GLY HF 15 -76.21 -19.00 122.13
CA GLY HF 15 -74.84 -19.46 122.04
C GLY HF 15 -73.84 -18.51 122.67
N THR HF 16 -72.64 -18.50 122.11
CA THR HF 16 -71.54 -17.66 122.56
C THR HF 16 -71.52 -16.37 121.74
N ALA HF 17 -71.45 -15.23 122.44
CA ALA HF 17 -71.51 -13.93 121.78
C ALA HF 17 -70.11 -13.35 121.62
N LYS HF 18 -69.83 -12.82 120.42
CA LYS HF 18 -68.60 -12.12 120.11
C LYS HF 18 -68.95 -10.74 119.56
N VAL HF 19 -68.23 -9.72 120.01
CA VAL HF 19 -68.55 -8.33 119.69
C VAL HF 19 -67.47 -7.81 118.76
N LEU HF 20 -67.78 -7.76 117.45
CA LEU HF 20 -66.89 -7.10 116.51
C LEU HF 20 -66.97 -5.60 116.68
N ARG HF 21 -65.94 -4.90 116.21
CA ARG HF 21 -65.88 -3.44 116.33
C ARG HF 21 -65.48 -2.82 115.00
N LYS HF 22 -66.02 -1.63 114.73
CA LYS HF 22 -65.83 -0.98 113.44
C LYS HF 22 -64.39 -0.51 113.26
N ILE HF 23 -63.92 -0.56 112.02
CA ILE HF 23 -62.54 -0.23 111.67
C ILE HF 23 -62.53 0.86 110.62
N ASN HF 24 -63.15 0.58 109.46
CA ASN HF 24 -63.07 1.46 108.32
C ASN HF 24 -64.31 1.29 107.46
N GLN HF 25 -64.64 2.33 106.68
CA GLN HF 25 -65.69 2.22 105.68
C GLN HF 25 -65.56 3.39 104.71
N ASP HF 26 -65.19 3.09 103.46
CA ASP HF 26 -64.98 4.14 102.46
C ASP HF 26 -65.93 4.04 101.27
N GLY HF 27 -65.94 2.93 100.55
CA GLY HF 27 -66.68 2.86 99.30
C GLY HF 27 -68.04 2.21 99.43
N TYR HF 28 -68.92 2.80 100.24
CA TYR HF 28 -70.20 2.19 100.57
C TYR HF 28 -70.01 0.83 101.24
N THR HF 29 -68.82 0.57 101.78
CA THR HF 29 -68.45 -0.72 102.32
C THR HF 29 -67.93 -0.53 103.73
N SER HF 30 -68.40 -1.36 104.66
CA SER HF 30 -68.01 -1.27 106.06
C SER HF 30 -67.11 -2.45 106.44
N GLU HF 31 -66.54 -2.39 107.64
CA GLU HF 31 -65.62 -3.43 108.11
C GLU HF 31 -65.61 -3.46 109.63
N TYR HF 32 -65.59 -4.67 110.18
CA TYR HF 32 -65.58 -4.91 111.62
C TYR HF 32 -64.51 -5.95 111.92
N TYR HF 33 -63.91 -5.87 113.11
CA TYR HF 33 -62.79 -6.77 113.38
C TYR HF 33 -62.58 -6.94 114.89
N LEU HF 34 -62.11 -8.14 115.28
CA LEU HF 34 -61.86 -8.54 116.66
C LEU HF 34 -60.82 -9.66 116.72
N PRO HF 35 -59.67 -9.46 117.36
CA PRO HF 35 -58.69 -10.55 117.46
C PRO HF 35 -58.82 -11.36 118.74
N GLU HF 36 -58.27 -12.58 118.68
CA GLU HF 36 -58.26 -13.53 119.79
C GLU HF 36 -56.89 -14.19 119.85
N THR HF 37 -56.73 -15.10 120.82
CA THR HF 37 -55.46 -15.80 120.97
C THR HF 37 -55.18 -16.72 119.79
N SER HF 38 -56.17 -17.50 119.37
CA SER HF 38 -55.97 -18.52 118.33
C SER HF 38 -56.87 -18.32 117.12
N SER HF 39 -57.60 -17.21 117.04
CA SER HF 39 -58.45 -16.96 115.89
C SER HF 39 -58.71 -15.45 115.80
N SER HF 40 -59.30 -15.04 114.68
CA SER HF 40 -59.69 -13.66 114.48
C SER HF 40 -61.06 -13.60 113.82
N PHE HF 41 -61.87 -12.65 114.25
CA PHE HF 41 -63.22 -12.47 113.75
C PHE HF 41 -63.31 -11.19 112.93
N ARG HF 42 -64.01 -11.25 111.80
CA ARG HF 42 -64.08 -10.14 110.86
C ARG HF 42 -65.40 -10.18 110.11
N ALA HF 43 -65.93 -8.99 109.78
CA ALA HF 43 -67.17 -8.88 109.03
C ALA HF 43 -67.05 -7.75 108.02
N LYS HF 44 -67.76 -7.89 106.90
CA LYS HF 44 -67.75 -6.93 105.81
C LYS HF 44 -69.18 -6.69 105.34
N VAL HF 45 -69.47 -5.49 104.86
CA VAL HF 45 -70.75 -5.15 104.24
C VAL HF 45 -70.48 -4.35 102.99
N ARG HF 46 -71.05 -4.78 101.85
CA ARG HF 46 -70.80 -4.14 100.57
C ARG HF 46 -72.11 -3.87 99.83
N HIS HF 47 -72.13 -2.77 99.07
CA HIS HF 47 -73.21 -2.45 98.15
C HIS HF 47 -72.63 -2.07 96.78
N THR HF 48 -73.39 -2.33 95.73
CA THR HF 48 -72.91 -2.09 94.37
C THR HF 48 -74.07 -1.97 93.40
N LYS HF 49 -73.74 -1.50 92.20
CA LYS HF 49 -74.67 -1.35 91.08
C LYS HF 49 -74.07 -2.03 89.86
N GLU HF 50 -74.87 -2.77 89.10
CA GLU HF 50 -74.31 -3.49 87.96
C GLU HF 50 -74.01 -2.53 86.81
N SER HF 51 -73.29 -3.05 85.81
CA SER HF 51 -73.03 -2.29 84.60
C SER HF 51 -74.34 -1.92 83.92
N VAL HF 52 -74.43 -0.67 83.46
CA VAL HF 52 -75.64 -0.18 82.81
C VAL HF 52 -75.59 -0.53 81.33
N LYS HF 53 -76.71 -1.00 80.80
CA LYS HF 53 -76.85 -1.36 79.40
C LYS HF 53 -78.06 -0.65 78.83
N PRO HF 54 -78.05 -0.33 77.54
CA PRO HF 54 -79.22 0.35 76.96
C PRO HF 54 -80.46 -0.51 77.06
N ASN HF 55 -81.60 0.15 77.26
CA ASN HF 55 -82.93 -0.47 77.30
C ASN HF 55 -82.92 -1.85 77.96
N GLN HF 56 -82.20 -1.97 79.08
CA GLN HF 56 -82.21 -3.16 79.92
C GLN HF 56 -82.59 -2.77 81.34
N VAL HF 57 -83.10 -3.74 82.10
CA VAL HF 57 -83.44 -3.49 83.50
C VAL HF 57 -82.17 -3.24 84.30
N GLN HF 58 -82.26 -2.32 85.26
CA GLN HF 58 -81.15 -1.96 86.13
C GLN HF 58 -81.32 -2.69 87.46
N TYR HF 59 -80.31 -3.47 87.85
CA TYR HF 59 -80.38 -4.34 89.01
C TYR HF 59 -79.37 -3.91 90.07
N GLU HF 60 -79.69 -4.18 91.33
CA GLU HF 60 -78.88 -3.74 92.45
C GLU HF 60 -78.58 -4.93 93.36
N ARG HF 61 -77.38 -4.93 93.94
CA ARG HF 61 -76.84 -6.09 94.65
C ARG HF 61 -76.28 -5.66 96.00
N HIS HF 62 -76.56 -6.46 97.04
CA HIS HF 62 -76.01 -6.24 98.37
C HIS HF 62 -75.37 -7.52 98.88
N ASN HF 63 -74.37 -7.36 99.75
CA ASN HF 63 -73.59 -8.48 100.23
C ASN HF 63 -73.20 -8.27 101.69
N VAL HF 64 -73.25 -9.35 102.46
CA VAL HF 64 -72.90 -9.36 103.87
C VAL HF 64 -72.00 -10.57 104.11
N GLU HF 65 -70.87 -10.38 104.80
CA GLU HF 65 -69.82 -11.38 104.82
C GLU HF 65 -69.31 -11.62 106.23
N PHE HF 66 -69.10 -12.89 106.56
CA PHE HF 66 -68.45 -13.30 107.81
C PHE HF 66 -67.27 -14.19 107.48
N THR HF 67 -66.14 -13.98 108.13
CA THR HF 67 -64.97 -14.84 107.98
C THR HF 67 -64.27 -15.02 109.31
N GLU HF 68 -63.54 -16.12 109.42
CA GLU HF 68 -62.87 -16.52 110.66
C GLU HF 68 -61.51 -17.09 110.30
N THR HF 69 -60.44 -16.54 110.89
CA THR HF 69 -59.09 -17.00 110.61
C THR HF 69 -58.55 -17.74 111.83
N VAL HF 70 -57.97 -18.91 111.60
CA VAL HF 70 -57.35 -19.73 112.64
C VAL HF 70 -55.86 -19.76 112.38
N TYR HF 71 -55.08 -19.34 113.37
CA TYR HF 71 -53.64 -19.18 113.17
C TYR HF 71 -52.95 -20.54 113.10
N ALA HF 72 -51.84 -20.57 112.38
CA ALA HF 72 -51.10 -21.81 112.21
C ALA HF 72 -50.53 -22.28 113.54
N SER HF 73 -50.63 -23.58 113.79
CA SER HF 73 -50.13 -24.20 115.01
C SER HF 73 -49.49 -25.53 114.65
N GLY HF 74 -48.29 -25.76 115.14
CA GLY HF 74 -47.59 -26.98 114.79
C GLY HF 74 -47.39 -27.06 113.28
N SER HF 75 -47.66 -28.25 112.73
CA SER HF 75 -47.51 -28.45 111.29
C SER HF 75 -48.71 -27.96 110.49
N THR HF 76 -49.83 -27.68 111.15
CA THR HF 76 -51.04 -27.27 110.44
C THR HF 76 -50.92 -25.83 109.97
N PRO HF 77 -51.05 -25.54 108.67
CA PRO HF 77 -50.92 -24.16 108.19
C PRO HF 77 -52.18 -23.32 108.41
N GLU HF 78 -52.18 -22.11 107.87
CA GLU HF 78 -53.32 -21.22 107.98
C GLU HF 78 -54.54 -21.80 107.25
N PHE HF 79 -55.73 -21.51 107.76
CA PHE HF 79 -56.97 -21.88 107.08
C PHE HF 79 -58.10 -20.97 107.51
N VAL HF 80 -59.17 -20.95 106.70
CA VAL HF 80 -60.32 -20.08 106.87
C VAL HF 80 -61.61 -20.88 106.76
N ARG HF 81 -62.66 -20.32 107.34
CA ARG HF 81 -64.02 -20.88 107.28
C ARG HF 81 -64.97 -19.69 107.14
N GLN HF 82 -65.76 -19.67 106.07
CA GLN HF 82 -66.34 -18.45 105.56
C GLN HF 82 -67.78 -18.66 105.12
N ALA HF 83 -68.57 -17.59 105.19
CA ALA HF 83 -69.96 -17.66 104.75
C ALA HF 83 -70.50 -16.25 104.55
N TYR HF 84 -71.23 -16.04 103.45
CA TYR HF 84 -71.77 -14.72 103.13
C TYR HF 84 -73.11 -14.86 102.40
N VAL HF 85 -73.84 -13.75 102.35
CA VAL HF 85 -75.16 -13.69 101.72
C VAL HF 85 -75.18 -12.56 100.69
N VAL HF 86 -76.03 -12.71 99.68
CA VAL HF 86 -76.18 -11.74 98.60
C VAL HF 86 -77.67 -11.59 98.27
N ILE HF 87 -78.08 -10.36 97.97
CA ILE HF 87 -79.46 -10.05 97.58
C ILE HF 87 -79.42 -9.21 96.32
N ARG HF 88 -80.27 -9.55 95.33
CA ARG HF 88 -80.28 -8.86 94.05
C ARG HF 88 -81.72 -8.53 93.68
N HIS HF 89 -81.97 -7.27 93.34
CA HIS HF 89 -83.30 -6.81 92.95
C HIS HF 89 -83.17 -5.56 92.11
N LYS HF 90 -84.24 -5.25 91.37
CA LYS HF 90 -84.18 -4.14 90.43
C LYS HF 90 -84.40 -2.82 91.16
N VAL HF 91 -84.00 -1.73 90.49
CA VAL HF 91 -84.14 -0.40 91.08
C VAL HF 91 -85.60 0.01 91.07
N GLY HF 92 -86.06 0.56 92.19
CA GLY HF 92 -87.42 1.01 92.31
C GLY HF 92 -88.43 -0.05 92.70
N ASP HF 93 -87.98 -1.26 93.01
CA ASP HF 93 -88.91 -2.32 93.39
C ASP HF 93 -89.51 -2.03 94.77
N VAL HF 94 -90.44 -2.89 95.18
CA VAL HF 94 -91.11 -2.77 96.47
C VAL HF 94 -90.23 -3.36 97.55
N SER HF 95 -90.09 -2.64 98.66
CA SER HF 95 -89.15 -3.04 99.70
C SER HF 95 -89.57 -4.35 100.38
N ALA HF 96 -90.82 -4.42 100.83
CA ALA HF 96 -91.24 -5.57 101.65
C ALA HF 96 -91.20 -6.86 100.84
N THR HF 97 -91.62 -6.80 99.57
CA THR HF 97 -91.62 -7.99 98.75
C THR HF 97 -90.20 -8.54 98.59
N VAL HF 98 -89.23 -7.66 98.35
CA VAL HF 98 -87.84 -8.11 98.23
C VAL HF 98 -87.36 -8.70 99.55
N SER HF 99 -87.71 -8.06 100.67
CA SER HF 99 -87.27 -8.56 101.97
C SER HF 99 -87.85 -9.93 102.29
N ASP HF 100 -89.06 -10.21 101.79
CA ASP HF 100 -89.72 -11.47 102.15
C ASP HF 100 -88.94 -12.68 101.68
N LEU HF 101 -88.39 -12.64 100.47
CA LEU HF 101 -87.61 -13.76 99.96
C LEU HF 101 -86.39 -14.03 100.84
N GLY HF 102 -85.71 -12.97 101.26
CA GLY HF 102 -84.57 -13.14 102.15
C GLY HF 102 -84.97 -13.74 103.49
N GLU HF 103 -86.10 -13.28 104.04
CA GLU HF 103 -86.56 -13.86 105.30
C GLU HF 103 -86.91 -15.33 105.14
N ALA HF 104 -87.51 -15.70 104.01
CA ALA HF 104 -87.80 -17.11 103.74
C ALA HF 104 -86.51 -17.92 103.68
N LEU HF 105 -85.49 -17.40 102.99
CA LEU HF 105 -84.23 -18.13 102.88
C LEU HF 105 -83.59 -18.29 104.26
N SER HF 106 -83.70 -17.27 105.10
CA SER HF 106 -83.17 -17.37 106.45
C SER HF 106 -83.90 -18.43 107.26
N PHE HF 107 -85.23 -18.48 107.17
CA PHE HF 107 -86.01 -19.48 107.90
C PHE HF 107 -85.69 -20.89 107.42
N TYR HF 108 -85.54 -21.10 106.12
CA TYR HF 108 -85.30 -22.44 105.62
C TYR HF 108 -84.02 -23.02 106.20
N LEU HF 109 -82.96 -22.23 106.29
CA LEU HF 109 -81.68 -22.71 106.78
C LEU HF 109 -81.69 -22.82 108.30
N ASN HF 110 -81.24 -23.96 108.81
CA ASN HF 110 -81.12 -24.19 110.24
C ASN HF 110 -80.05 -25.25 110.46
N GLU HF 111 -79.98 -25.78 111.67
CA GLU HF 111 -78.98 -26.81 111.97
C GLU HF 111 -79.10 -27.99 111.02
N ALA HF 112 -80.33 -28.49 110.83
CA ALA HF 112 -80.50 -29.71 110.04
C ALA HF 112 -80.04 -29.51 108.60
N LEU HF 113 -80.49 -28.44 107.94
CA LEU HF 113 -80.07 -28.22 106.57
C LEU HF 113 -78.57 -28.03 106.48
N TYR HF 114 -77.96 -27.32 107.42
CA TYR HF 114 -76.51 -27.14 107.36
C TYR HF 114 -75.80 -28.49 107.46
N GLY HF 115 -76.23 -29.36 108.37
CA GLY HF 115 -75.66 -30.70 108.42
C GLY HF 115 -75.82 -31.42 107.10
N LYS HF 116 -77.00 -31.33 106.49
CA LYS HF 116 -77.24 -32.00 105.22
C LYS HF 116 -76.28 -31.47 104.16
N LEU HF 117 -76.10 -30.15 104.11
CA LEU HF 117 -75.23 -29.54 103.10
C LEU HF 117 -73.80 -30.01 103.25
N ILE HF 118 -73.25 -29.95 104.47
CA ILE HF 118 -71.91 -30.48 104.67
C ILE HF 118 -71.89 -31.99 104.42
N GLY HF 119 -73.05 -32.62 104.34
CA GLY HF 119 -73.09 -34.00 103.88
C GLY HF 119 -72.86 -34.19 102.38
N TRP HF 120 -72.85 -33.11 101.60
CA TRP HF 120 -72.68 -33.06 100.14
C TRP HF 120 -73.89 -33.54 99.34
N GLU HF 121 -74.93 -34.05 99.97
CA GLU HF 121 -76.02 -34.64 99.19
C GLU HF 121 -76.76 -33.58 98.38
N SER HF 122 -77.10 -33.95 97.14
CA SER HF 122 -77.83 -33.08 96.23
C SER HF 122 -79.30 -33.48 96.18
N ALA IF 1 -27.41 17.60 130.67
CA ALA IF 1 -27.39 16.87 131.96
C ALA IF 1 -28.16 15.55 131.84
N LEU IF 2 -29.39 15.52 132.37
CA LEU IF 2 -30.23 14.33 132.30
C LEU IF 2 -29.58 13.16 133.05
N GLY IF 3 -28.50 13.43 133.78
CA GLY IF 3 -27.80 12.39 134.51
C GLY IF 3 -27.02 11.47 133.60
N ASP IF 4 -26.42 10.45 134.23
CA ASP IF 4 -25.76 9.38 133.52
C ASP IF 4 -26.66 8.15 133.38
N THR IF 5 -27.36 7.77 134.45
CA THR IF 5 -28.22 6.61 134.42
C THR IF 5 -29.66 6.98 134.08
N LEU IF 6 -30.31 6.10 133.33
CA LEU IF 6 -31.71 6.24 132.94
C LEU IF 6 -32.47 5.01 133.40
N THR IF 7 -33.66 5.20 133.94
CA THR IF 7 -34.50 4.12 134.45
C THR IF 7 -35.71 3.94 133.54
N ILE IF 8 -35.95 2.70 133.11
CA ILE IF 8 -37.15 2.32 132.39
C ILE IF 8 -37.92 1.35 133.26
N THR IF 9 -39.18 1.66 133.53
CA THR IF 9 -40.07 0.80 134.32
C THR IF 9 -41.05 0.15 133.37
N LEU IF 10 -40.70 -1.03 132.86
CA LEU IF 10 -41.58 -1.74 131.96
C LEU IF 10 -42.91 -2.02 132.65
N GLY IF 11 -43.99 -1.85 131.89
CA GLY IF 11 -45.32 -2.06 132.45
C GLY IF 11 -45.84 -0.91 133.29
N GLY IF 12 -45.35 0.29 133.07
CA GLY IF 12 -45.83 1.44 133.81
C GLY IF 12 -45.33 1.45 135.24
N SER IF 13 -46.02 2.24 136.06
CA SER IF 13 -45.65 2.36 137.46
C SER IF 13 -45.76 1.02 138.17
N GLY IF 14 -44.81 0.74 139.06
CA GLY IF 14 -44.80 -0.48 139.82
C GLY IF 14 -44.19 -1.69 139.12
N GLY IF 15 -43.66 -1.52 137.92
CA GLY IF 15 -43.14 -2.64 137.14
C GLY IF 15 -41.67 -2.90 137.38
N THR IF 16 -41.11 -3.73 136.50
CA THR IF 16 -39.70 -4.11 136.57
C THR IF 16 -38.83 -2.96 136.08
N ALA IF 17 -37.75 -2.67 136.82
CA ALA IF 17 -36.89 -1.54 136.52
C ALA IF 17 -35.65 -1.99 135.77
N LYS IF 18 -35.26 -1.19 134.77
CA LYS IF 18 -34.06 -1.43 133.99
C LYS IF 18 -33.22 -0.15 134.02
N VAL IF 19 -31.93 -0.29 134.29
CA VAL IF 19 -31.04 0.85 134.52
C VAL IF 19 -30.03 0.90 133.39
N LEU IF 20 -30.17 1.89 132.51
CA LEU IF 20 -29.29 2.06 131.38
C LEU IF 20 -28.10 2.94 131.77
N ARG IF 21 -27.03 2.85 131.00
CA ARG IF 21 -25.79 3.58 131.27
C ARG IF 21 -25.36 4.37 130.03
N LYS IF 22 -24.88 5.59 130.24
CA LYS IF 22 -24.47 6.44 129.13
C LYS IF 22 -23.14 5.97 128.56
N ILE IF 23 -23.03 5.96 127.23
CA ILE IF 23 -21.87 5.38 126.56
C ILE IF 23 -21.34 6.31 125.47
N ASN IF 24 -22.14 7.28 125.04
CA ASN IF 24 -21.76 8.12 123.93
C ASN IF 24 -22.55 9.43 123.99
N GLN IF 25 -22.04 10.43 123.28
CA GLN IF 25 -22.74 11.70 123.16
C GLN IF 25 -22.14 12.45 121.98
N ASP IF 26 -22.88 12.55 120.88
CA ASP IF 26 -22.35 13.13 119.65
C ASP IF 26 -23.44 13.88 118.91
N GLY IF 27 -23.08 15.05 118.38
CA GLY IF 27 -23.98 15.83 117.54
C GLY IF 27 -25.30 16.20 118.20
N TYR IF 28 -25.25 16.67 119.44
CA TYR IF 28 -26.46 16.99 120.21
C TYR IF 28 -27.33 15.75 120.42
N THR IF 29 -26.71 14.58 120.49
CA THR IF 29 -27.44 13.33 120.71
C THR IF 29 -26.78 12.56 121.84
N SER IF 30 -27.57 11.69 122.48
CA SER IF 30 -27.08 10.81 123.53
C SER IF 30 -27.59 9.40 123.29
N GLU IF 31 -26.81 8.42 123.73
CA GLU IF 31 -27.16 7.01 123.56
C GLU IF 31 -26.84 6.25 124.84
N TYR IF 32 -27.83 5.54 125.37
CA TYR IF 32 -27.67 4.70 126.55
C TYR IF 32 -27.89 3.25 126.17
N TYR IF 33 -27.22 2.34 126.87
CA TYR IF 33 -27.18 0.95 126.43
C TYR IF 33 -27.04 0.03 127.64
N LEU IF 34 -27.62 -1.17 127.52
CA LEU IF 34 -27.53 -2.20 128.54
C LEU IF 34 -27.66 -3.59 127.91
N PRO IF 35 -26.68 -4.47 128.07
CA PRO IF 35 -26.80 -5.82 127.52
C PRO IF 35 -27.33 -6.84 128.54
N GLU IF 36 -27.72 -8.00 128.00
CA GLU IF 36 -28.09 -9.15 128.81
C GLU IF 36 -28.04 -10.37 127.91
N THR IF 37 -28.36 -11.54 128.46
CA THR IF 37 -28.08 -12.80 127.77
C THR IF 37 -28.82 -12.89 126.44
N SER IF 38 -30.13 -12.59 126.45
CA SER IF 38 -30.98 -12.85 125.28
C SER IF 38 -31.46 -11.59 124.56
N SER IF 39 -31.17 -10.40 125.09
CA SER IF 39 -31.68 -9.18 124.48
C SER IF 39 -30.79 -8.01 124.88
N SER IF 40 -31.23 -6.80 124.55
CA SER IF 40 -30.51 -5.59 124.91
C SER IF 40 -31.46 -4.41 124.81
N PHE IF 41 -31.24 -3.41 125.66
CA PHE IF 41 -32.05 -2.20 125.70
C PHE IF 41 -31.20 -1.00 125.31
N ARG IF 42 -31.79 -0.06 124.55
CA ARG IF 42 -31.07 1.10 124.08
C ARG IF 42 -32.03 2.29 124.04
N ALA IF 43 -31.52 3.47 124.41
CA ALA IF 43 -32.31 4.70 124.45
C ALA IF 43 -31.52 5.83 123.79
N LYS IF 44 -32.22 6.68 123.05
CA LYS IF 44 -31.59 7.75 122.28
C LYS IF 44 -32.36 9.05 122.47
N VAL IF 45 -31.64 10.17 122.39
CA VAL IF 45 -32.21 11.52 122.47
C VAL IF 45 -31.55 12.39 121.41
N ARG IF 46 -32.35 13.22 120.73
CA ARG IF 46 -31.84 14.03 119.63
C ARG IF 46 -32.45 15.44 119.68
N HIS IF 47 -31.69 16.41 119.18
CA HIS IF 47 -32.14 17.77 118.91
C HIS IF 47 -31.70 18.15 117.51
N THR IF 48 -32.44 19.07 116.88
CA THR IF 48 -32.08 19.53 115.56
C THR IF 48 -32.93 20.73 115.16
N LYS IF 49 -32.44 21.47 114.16
CA LYS IF 49 -33.14 22.60 113.58
C LYS IF 49 -33.22 22.42 112.07
N GLU IF 50 -34.40 22.63 111.49
CA GLU IF 50 -34.56 22.34 110.07
C GLU IF 50 -33.92 23.43 109.23
N SER IF 51 -33.90 23.20 107.91
CA SER IF 51 -33.30 24.16 107.00
C SER IF 51 -33.99 25.51 107.09
N VAL IF 52 -33.19 26.57 107.10
CA VAL IF 52 -33.71 27.93 107.20
C VAL IF 52 -34.12 28.40 105.81
N LYS IF 53 -35.27 29.08 105.73
CA LYS IF 53 -35.84 29.55 104.49
C LYS IF 53 -35.93 31.07 104.49
N PRO IF 54 -35.96 31.70 103.32
CA PRO IF 54 -35.94 33.17 103.26
C PRO IF 54 -36.94 33.84 104.20
N ASN IF 55 -38.23 33.55 104.04
CA ASN IF 55 -39.28 34.13 104.89
C ASN IF 55 -40.22 33.01 105.34
N GLN IF 56 -39.90 32.37 106.45
CA GLN IF 56 -40.77 31.39 107.07
C GLN IF 56 -40.60 31.52 108.58
N VAL IF 57 -41.04 30.51 109.33
CA VAL IF 57 -40.88 30.48 110.78
C VAL IF 57 -39.92 29.35 111.10
N GLN IF 58 -38.91 29.65 111.93
CA GLN IF 58 -37.92 28.67 112.30
C GLN IF 58 -38.50 27.75 113.39
N TYR IF 59 -38.30 26.45 113.23
CA TYR IF 59 -38.78 25.47 114.19
C TYR IF 59 -37.63 24.58 114.65
N GLU IF 60 -37.82 23.94 115.80
CA GLU IF 60 -36.85 22.99 116.32
C GLU IF 60 -37.58 21.74 116.82
N ARG IF 61 -36.91 20.59 116.73
CA ARG IF 61 -37.50 19.29 117.04
C ARG IF 61 -36.74 18.65 118.20
N HIS IF 62 -37.47 17.93 119.05
CA HIS IF 62 -36.89 17.06 120.07
C HIS IF 62 -37.48 15.66 119.98
N ASN IF 63 -36.64 14.65 120.16
CA ASN IF 63 -37.02 13.25 120.03
C ASN IF 63 -36.54 12.45 121.23
N VAL IF 64 -37.32 11.46 121.62
CA VAL IF 64 -36.96 10.52 122.69
C VAL IF 64 -37.35 9.12 122.23
N GLU IF 65 -36.43 8.16 122.39
CA GLU IF 65 -36.55 6.87 121.72
C GLU IF 65 -36.12 5.73 122.62
N PHE IF 66 -36.98 4.71 122.74
CA PHE IF 66 -36.67 3.46 123.42
C PHE IF 66 -36.64 2.32 122.41
N THR IF 67 -35.65 1.44 122.55
CA THR IF 67 -35.52 0.29 121.67
C THR IF 67 -35.19 -0.96 122.49
N GLU IF 68 -35.76 -2.09 122.08
CA GLU IF 68 -35.48 -3.38 122.72
C GLU IF 68 -35.38 -4.45 121.64
N THR IF 69 -34.18 -5.00 121.45
CA THR IF 69 -33.93 -6.02 120.44
C THR IF 69 -33.63 -7.35 121.11
N VAL IF 70 -34.18 -8.43 120.56
CA VAL IF 70 -33.95 -9.78 121.05
C VAL IF 70 -33.18 -10.56 120.00
N TYR IF 71 -32.12 -11.24 120.42
CA TYR IF 71 -31.22 -11.91 119.51
C TYR IF 71 -31.90 -13.12 118.87
N ALA IF 72 -31.40 -13.53 117.71
CA ALA IF 72 -31.94 -14.69 117.02
C ALA IF 72 -31.73 -15.95 117.85
N SER IF 73 -32.77 -16.77 117.93
CA SER IF 73 -32.69 -18.04 118.65
C SER IF 73 -33.38 -19.10 117.80
N GLY IF 74 -32.65 -20.13 117.43
CA GLY IF 74 -33.23 -21.20 116.63
C GLY IF 74 -33.72 -20.70 115.29
N SER IF 75 -34.95 -21.03 114.95
CA SER IF 75 -35.51 -20.66 113.66
C SER IF 75 -35.90 -19.18 113.62
N THR IF 76 -36.34 -18.63 114.74
CA THR IF 76 -36.85 -17.26 114.75
C THR IF 76 -35.73 -16.26 114.51
N PRO IF 77 -35.81 -15.42 113.47
CA PRO IF 77 -34.75 -14.42 113.24
C PRO IF 77 -34.82 -13.27 114.24
N GLU IF 78 -33.75 -12.49 114.25
CA GLU IF 78 -33.66 -11.32 115.14
C GLU IF 78 -34.68 -10.25 114.72
N PHE IF 79 -35.30 -9.64 115.73
CA PHE IF 79 -36.27 -8.57 115.53
C PHE IF 79 -36.13 -7.55 116.66
N VAL IF 80 -36.99 -6.53 116.64
CA VAL IF 80 -36.89 -5.42 117.60
C VAL IF 80 -38.28 -4.88 117.88
N ARG IF 81 -38.42 -4.29 119.07
CA ARG IF 81 -39.60 -3.51 119.43
C ARG IF 81 -39.15 -2.10 119.77
N GLN IF 82 -39.98 -1.11 119.45
CA GLN IF 82 -39.54 0.28 119.43
C GLN IF 82 -40.72 1.19 119.71
N ALA IF 83 -40.41 2.39 120.21
CA ALA IF 83 -41.45 3.38 120.53
C ALA IF 83 -40.78 4.72 120.79
N TYR IF 84 -41.19 5.76 120.07
CA TYR IF 84 -40.54 7.07 120.16
C TYR IF 84 -41.55 8.20 120.05
N VAL IF 85 -41.18 9.35 120.61
CA VAL IF 85 -42.00 10.55 120.63
C VAL IF 85 -41.15 11.74 120.21
N VAL IF 86 -41.78 12.73 119.56
CA VAL IF 86 -41.08 13.91 119.06
C VAL IF 86 -41.96 15.14 119.26
N ILE IF 87 -41.31 16.30 119.34
CA ILE IF 87 -41.97 17.58 119.61
C ILE IF 87 -41.42 18.63 118.66
N ARG IF 88 -42.28 19.53 118.23
CA ARG IF 88 -41.94 20.56 117.25
C ARG IF 88 -42.57 21.88 117.68
N HIS IF 89 -41.76 22.94 117.75
CA HIS IF 89 -42.28 24.23 118.23
C HIS IF 89 -41.37 25.35 117.74
N LYS IF 90 -41.89 26.56 117.81
CA LYS IF 90 -41.18 27.74 117.33
C LYS IF 90 -40.06 28.13 118.31
N VAL IF 91 -39.07 28.85 117.77
CA VAL IF 91 -37.85 29.12 118.51
C VAL IF 91 -38.14 29.97 119.74
N GLY IF 92 -38.98 31.00 119.58
CA GLY IF 92 -39.30 31.93 120.65
C GLY IF 92 -40.54 31.64 121.46
N ASP IF 93 -41.17 30.48 121.32
CA ASP IF 93 -42.38 30.19 122.08
C ASP IF 93 -42.11 30.24 123.58
N VAL IF 94 -43.18 30.04 124.36
CA VAL IF 94 -43.11 30.00 125.81
C VAL IF 94 -43.02 28.54 126.24
N SER IF 95 -42.12 28.26 127.17
CA SER IF 95 -41.83 26.87 127.53
C SER IF 95 -43.07 26.18 128.12
N ALA IF 96 -43.77 26.85 129.03
CA ALA IF 96 -44.87 26.20 129.73
C ALA IF 96 -45.99 25.80 128.78
N THR IF 97 -46.34 26.70 127.84
CA THR IF 97 -47.42 26.42 126.92
C THR IF 97 -47.10 25.19 126.07
N VAL IF 98 -45.89 25.12 125.54
CA VAL IF 98 -45.52 23.97 124.71
C VAL IF 98 -45.44 22.71 125.56
N SER IF 99 -45.08 22.84 126.84
CA SER IF 99 -45.01 21.67 127.71
C SER IF 99 -46.40 21.14 128.05
N ASP IF 100 -47.40 22.00 128.08
CA ASP IF 100 -48.76 21.54 128.39
C ASP IF 100 -49.26 20.54 127.37
N LEU IF 101 -48.97 20.76 126.08
CA LEU IF 101 -49.39 19.82 125.06
C LEU IF 101 -48.79 18.44 125.30
N GLY IF 102 -47.49 18.40 125.62
CA GLY IF 102 -46.85 17.13 125.89
C GLY IF 102 -47.40 16.45 127.13
N GLU IF 103 -47.68 17.23 128.18
CA GLU IF 103 -48.30 16.64 129.36
C GLU IF 103 -49.65 16.04 129.02
N ALA IF 104 -50.44 16.73 128.20
CA ALA IF 104 -51.73 16.19 127.80
C ALA IF 104 -51.57 14.89 127.02
N LEU IF 105 -50.62 14.85 126.09
CA LEU IF 105 -50.41 13.64 125.31
C LEU IF 105 -49.99 12.48 126.21
N SER IF 106 -49.11 12.75 127.17
CA SER IF 106 -48.70 11.70 128.10
C SER IF 106 -49.88 11.21 128.93
N PHE IF 107 -50.71 12.13 129.41
CA PHE IF 107 -51.87 11.76 130.21
C PHE IF 107 -52.85 10.91 129.42
N TYR IF 108 -53.07 11.26 128.14
CA TYR IF 108 -54.06 10.55 127.34
C TYR IF 108 -53.69 9.09 127.16
N LEU IF 109 -52.42 8.81 126.91
CA LEU IF 109 -51.96 7.44 126.69
C LEU IF 109 -51.93 6.67 128.00
N ASN IF 110 -52.49 5.46 127.97
CA ASN IF 110 -52.49 4.57 129.12
C ASN IF 110 -52.66 3.14 128.59
N GLU IF 111 -52.55 2.18 129.51
CA GLU IF 111 -52.60 0.78 129.09
C GLU IF 111 -53.87 0.45 128.33
N ALA IF 112 -55.01 0.93 128.82
CA ALA IF 112 -56.27 0.64 128.14
C ALA IF 112 -56.26 1.18 126.72
N LEU IF 113 -55.77 2.42 126.55
CA LEU IF 113 -55.74 3.01 125.21
C LEU IF 113 -54.78 2.26 124.29
N TYR IF 114 -53.62 1.84 124.83
CA TYR IF 114 -52.70 1.06 124.01
C TYR IF 114 -53.32 -0.27 123.59
N GLY IF 115 -53.98 -0.96 124.52
CA GLY IF 115 -54.65 -2.20 124.16
C GLY IF 115 -55.69 -1.97 123.09
N LYS IF 116 -56.45 -0.88 123.21
CA LYS IF 116 -57.45 -0.57 122.20
C LYS IF 116 -56.81 -0.25 120.86
N LEU IF 117 -55.64 0.38 120.88
CA LEU IF 117 -55.02 0.82 119.63
C LEU IF 117 -54.37 -0.34 118.88
N ILE IF 118 -53.71 -1.26 119.60
CA ILE IF 118 -53.08 -2.39 118.91
C ILE IF 118 -54.13 -3.22 118.16
N GLY IF 119 -55.40 -3.06 118.51
CA GLY IF 119 -56.45 -3.72 117.77
C GLY IF 119 -56.78 -3.05 116.44
N TRP IF 120 -55.86 -2.21 115.93
CA TRP IF 120 -56.04 -1.53 114.65
C TRP IF 120 -57.34 -0.74 114.62
N GLU IF 121 -57.80 -0.32 115.79
CA GLU IF 121 -59.05 0.40 115.93
C GLU IF 121 -58.76 1.90 115.87
N SER IF 122 -59.12 2.52 114.75
CA SER IF 122 -58.78 3.91 114.50
C SER IF 122 -59.95 4.82 114.85
N ALA JF 1 -12.83 19.90 130.22
CA ALA JF 1 -13.88 19.66 131.25
C ALA JF 1 -13.95 20.80 132.26
N LEU JF 2 -14.31 21.99 131.77
CA LEU JF 2 -14.45 23.13 132.68
C LEU JF 2 -15.56 22.88 133.70
N GLY JF 3 -16.67 22.32 133.26
CA GLY JF 3 -17.78 22.05 134.16
C GLY JF 3 -19.08 21.94 133.37
N ASP JF 4 -20.14 21.63 134.10
CA ASP JF 4 -21.44 21.46 133.46
C ASP JF 4 -22.16 22.78 133.21
N THR JF 5 -21.76 23.86 133.90
CA THR JF 5 -22.32 25.18 133.67
C THR JF 5 -21.22 26.21 133.49
N LEU JF 6 -21.52 27.23 132.69
CA LEU JF 6 -20.64 28.36 132.43
C LEU JF 6 -21.40 29.63 132.74
N THR JF 7 -20.78 30.54 133.47
CA THR JF 7 -21.45 31.75 133.96
C THR JF 7 -20.94 32.98 133.23
N ILE JF 8 -21.88 33.78 132.73
CA ILE JF 8 -21.58 35.05 132.06
C ILE JF 8 -22.20 36.15 132.90
N THR JF 9 -21.37 37.11 133.33
CA THR JF 9 -21.81 38.22 134.17
C THR JF 9 -21.80 39.49 133.30
N LEU JF 10 -22.97 39.85 132.79
CA LEU JF 10 -23.05 41.02 131.92
C LEU JF 10 -22.74 42.28 132.71
N GLY JF 11 -22.05 43.22 132.05
CA GLY JF 11 -21.62 44.42 132.73
C GLY JF 11 -20.41 44.24 133.61
N GLY JF 12 -19.52 43.31 133.27
CA GLY JF 12 -18.32 43.14 134.07
C GLY JF 12 -18.64 42.64 135.47
N SER JF 13 -17.98 43.22 136.45
CA SER JF 13 -18.19 42.87 137.85
C SER JF 13 -19.51 43.39 138.40
N GLY JF 14 -20.38 43.96 137.56
CA GLY JF 14 -21.64 44.51 138.02
C GLY JF 14 -22.60 43.47 138.57
N GLY JF 15 -23.13 42.62 137.69
CA GLY JF 15 -24.12 41.65 138.09
C GLY JF 15 -24.79 41.03 136.88
N THR JF 16 -26.04 40.60 137.07
CA THR JF 16 -26.83 39.98 136.02
C THR JF 16 -26.13 38.73 135.46
N ALA JF 17 -25.92 37.77 136.36
CA ALA JF 17 -25.24 36.53 135.98
C ALA JF 17 -26.18 35.61 135.19
N LYS JF 18 -25.69 35.09 134.08
CA LYS JF 18 -26.41 34.11 133.27
C LYS JF 18 -25.67 32.78 133.34
N VAL JF 19 -26.42 31.71 133.58
CA VAL JF 19 -25.82 30.38 133.78
C VAL JF 19 -26.15 29.47 132.62
N LEU JF 20 -25.25 29.42 131.63
CA LEU JF 20 -25.44 28.54 130.49
C LEU JF 20 -25.05 27.12 130.88
N ARG JF 21 -25.50 26.16 130.07
CA ARG JF 21 -25.30 24.75 130.38
C ARG JF 21 -24.75 24.04 129.15
N LYS JF 22 -23.81 23.12 129.38
CA LYS JF 22 -23.21 22.36 128.29
C LYS JF 22 -24.27 21.56 127.55
N ILE JF 23 -24.19 21.57 126.22
CA ILE JF 23 -25.11 20.79 125.41
C ILE JF 23 -24.38 19.73 124.58
N ASN JF 24 -23.11 19.95 124.27
CA ASN JF 24 -22.40 18.89 123.53
C ASN JF 24 -20.89 19.06 123.67
N GLN JF 25 -20.19 17.96 123.34
CA GLN JF 25 -18.73 17.85 123.36
C GLN JF 25 -18.29 17.06 122.13
N ASP JF 26 -17.81 17.77 121.10
CA ASP JF 26 -17.26 17.12 119.91
C ASP JF 26 -16.11 17.94 119.36
N GLY JF 27 -15.10 17.23 118.85
CA GLY JF 27 -13.96 17.85 118.18
C GLY JF 27 -13.09 18.72 119.08
N TYR JF 28 -12.98 18.36 120.36
CA TYR JF 28 -12.27 19.20 121.33
C TYR JF 28 -12.94 20.56 121.49
N THR JF 29 -14.26 20.61 121.32
CA THR JF 29 -15.01 21.86 121.38
C THR JF 29 -16.26 21.66 122.22
N SER JF 30 -16.76 22.76 122.77
CA SER JF 30 -17.99 22.75 123.56
C SER JF 30 -18.62 24.13 123.53
N GLU JF 31 -19.95 24.17 123.49
CA GLU JF 31 -20.70 25.42 123.60
C GLU JF 31 -21.80 25.27 124.64
N TYR JF 32 -22.09 26.37 125.34
CA TYR JF 32 -23.00 26.40 126.46
C TYR JF 32 -24.19 27.28 126.06
N TYR JF 33 -25.39 26.95 126.57
CA TYR JF 33 -26.61 27.56 126.05
C TYR JF 33 -27.58 27.89 127.18
N LEU JF 34 -28.40 28.93 126.94
CA LEU JF 34 -29.47 29.35 127.83
C LEU JF 34 -30.56 30.10 127.05
N PRO JF 35 -31.77 29.59 126.96
CA PRO JF 35 -32.85 30.33 126.30
C PRO JF 35 -33.73 31.10 127.27
N GLU JF 36 -34.32 32.18 126.76
CA GLU JF 36 -35.24 33.01 127.54
C GLU JF 36 -36.32 33.55 126.60
N THR JF 37 -37.18 34.42 127.12
CA THR JF 37 -38.40 34.79 126.42
C THR JF 37 -38.11 35.51 125.11
N SER JF 38 -37.16 36.44 125.11
CA SER JF 38 -36.94 37.32 123.97
C SER JF 38 -35.60 37.11 123.28
N SER JF 39 -34.74 36.24 123.81
CA SER JF 39 -33.41 36.05 123.25
C SER JF 39 -32.82 34.77 123.81
N SER JF 40 -31.55 34.55 123.57
CA SER JF 40 -30.84 33.37 124.05
C SER JF 40 -29.35 33.67 124.06
N PHE JF 41 -28.60 32.82 124.78
CA PHE JF 41 -27.17 33.00 124.96
C PHE JF 41 -26.44 31.75 124.50
N ARG JF 42 -25.27 31.97 123.88
CA ARG JF 42 -24.44 30.86 123.39
C ARG JF 42 -22.99 31.30 123.47
N ALA JF 43 -22.15 30.45 124.06
CA ALA JF 43 -20.72 30.68 124.19
C ALA JF 43 -19.99 29.41 123.83
N LYS JF 44 -18.85 29.50 123.16
CA LYS JF 44 -18.19 28.27 122.76
C LYS JF 44 -16.68 28.42 122.81
N VAL JF 45 -16.01 27.29 123.02
CA VAL JF 45 -14.56 27.18 123.14
C VAL JF 45 -14.08 26.12 122.16
N ARG JF 46 -12.99 26.41 121.47
CA ARG JF 46 -12.43 25.47 120.51
C ARG JF 46 -10.91 25.49 120.56
N HIS JF 47 -10.33 24.30 120.46
CA HIS JF 47 -8.90 24.10 120.36
C HIS JF 47 -8.57 23.48 119.01
N THR JF 48 -7.39 23.78 118.48
CA THR JF 48 -6.97 23.19 117.23
C THR JF 48 -5.45 23.16 117.15
N LYS JF 49 -4.95 22.27 116.29
CA LYS JF 49 -3.53 22.12 116.03
C LYS JF 49 -3.28 22.46 114.57
N GLU JF 50 -2.43 23.44 114.32
CA GLU JF 50 -2.19 23.89 112.95
C GLU JF 50 -1.43 22.82 112.16
N SER JF 51 -1.51 22.92 110.83
CA SER JF 51 -0.79 22.02 109.95
C SER JF 51 0.70 22.38 109.94
N VAL JF 52 1.51 21.47 109.40
CA VAL JF 52 2.96 21.62 109.45
C VAL JF 52 3.59 21.04 108.19
N LYS JF 53 4.67 21.67 107.75
CA LYS JF 53 5.60 21.19 106.75
C LYS JF 53 6.98 21.12 107.39
N PRO JF 54 7.87 20.27 106.89
CA PRO JF 54 9.07 19.93 107.69
C PRO JF 54 9.95 21.11 108.07
N ASN JF 55 9.97 22.20 107.28
CA ASN JF 55 10.85 23.32 107.55
C ASN JF 55 10.11 24.51 108.18
N GLN JF 56 9.06 24.23 108.96
CA GLN JF 56 8.43 25.24 109.81
C GLN JF 56 8.06 24.60 111.14
N VAL JF 57 7.81 25.46 112.12
CA VAL JF 57 7.45 25.03 113.48
C VAL JF 57 5.94 24.82 113.56
N GLN JF 58 5.53 23.82 114.35
CA GLN JF 58 4.12 23.50 114.56
C GLN JF 58 3.50 24.41 115.61
N TYR JF 59 2.28 24.88 115.33
CA TYR JF 59 1.56 25.84 116.17
C TYR JF 59 0.27 25.22 116.68
N GLU JF 60 -0.16 25.66 117.86
CA GLU JF 60 -1.47 25.32 118.39
C GLU JF 60 -2.18 26.60 118.79
N ARG JF 61 -3.51 26.61 118.68
CA ARG JF 61 -4.28 27.84 118.72
C ARG JF 61 -5.45 27.69 119.68
N HIS JF 62 -5.84 28.80 120.31
CA HIS JF 62 -6.87 28.79 121.34
C HIS JF 62 -7.83 29.96 121.12
N ASN JF 63 -9.12 29.70 121.27
CA ASN JF 63 -10.15 30.70 121.03
C ASN JF 63 -11.34 30.46 121.95
N VAL JF 64 -12.03 31.56 122.30
CA VAL JF 64 -13.25 31.49 123.08
C VAL JF 64 -14.22 32.54 122.56
N GLU JF 65 -15.50 32.18 122.44
CA GLU JF 65 -16.49 32.97 121.73
C GLU JF 65 -17.75 33.13 122.56
N PHE JF 66 -18.31 34.34 122.54
CA PHE JF 66 -19.62 34.64 123.08
C PHE JF 66 -20.54 35.12 121.95
N THR JF 67 -21.77 34.61 121.95
CA THR JF 67 -22.78 35.03 120.98
C THR JF 67 -24.08 35.35 121.71
N GLU JF 68 -24.74 36.42 121.29
CA GLU JF 68 -26.05 36.81 121.79
C GLU JF 68 -26.93 37.17 120.60
N THR JF 69 -28.17 36.69 120.62
CA THR JF 69 -29.09 36.88 119.51
C THR JF 69 -30.44 37.32 120.06
N VAL JF 70 -31.04 38.32 119.42
CA VAL JF 70 -32.33 38.87 119.82
C VAL JF 70 -33.35 38.52 118.75
N TYR JF 71 -34.48 37.97 119.19
CA TYR JF 71 -35.48 37.43 118.28
C TYR JF 71 -36.21 38.57 117.58
N ALA JF 72 -36.60 38.32 116.33
CA ALA JF 72 -37.27 39.34 115.53
C ALA JF 72 -38.57 39.76 116.19
N SER JF 73 -38.80 41.08 116.25
CA SER JF 73 -40.01 41.66 116.82
C SER JF 73 -40.51 42.74 115.88
N GLY JF 74 -41.76 42.61 115.45
CA GLY JF 74 -42.34 43.59 114.54
C GLY JF 74 -41.54 43.69 113.26
N SER JF 75 -41.26 44.93 112.84
CA SER JF 75 -40.51 45.14 111.61
C SER JF 75 -39.03 44.82 111.78
N THR JF 76 -38.54 44.83 113.01
CA THR JF 76 -37.13 44.58 113.26
C THR JF 76 -36.81 43.11 113.00
N PRO JF 77 -35.90 42.79 112.08
CA PRO JF 77 -35.62 41.38 111.80
C PRO JF 77 -34.65 40.78 112.80
N GLU JF 78 -34.17 39.57 112.51
CA GLU JF 78 -33.19 38.91 113.34
C GLU JF 78 -31.85 39.61 113.27
N PHE JF 79 -31.11 39.57 114.38
CA PHE JF 79 -29.73 40.03 114.40
C PHE JF 79 -29.03 39.39 115.59
N VAL JF 80 -27.73 39.12 115.41
CA VAL JF 80 -26.94 38.36 116.36
C VAL JF 80 -25.74 39.19 116.81
N ARG JF 81 -25.36 39.00 118.07
CA ARG JF 81 -24.34 39.82 118.74
C ARG JF 81 -23.24 38.87 119.19
N GLN JF 82 -21.99 39.29 119.06
CA GLN JF 82 -20.87 38.35 119.21
C GLN JF 82 -19.59 39.08 119.59
N ALA JF 83 -18.71 38.39 120.32
CA ALA JF 83 -17.36 38.86 120.65
C ALA JF 83 -16.48 37.68 121.03
N TYR JF 84 -15.23 37.66 120.54
CA TYR JF 84 -14.34 36.53 120.81
C TYR JF 84 -12.87 36.92 120.72
N VAL JF 85 -12.01 36.07 121.30
CA VAL JF 85 -10.55 36.25 121.35
C VAL JF 85 -9.87 34.94 120.98
N VAL JF 86 -8.64 35.03 120.46
CA VAL JF 86 -7.88 33.84 120.05
C VAL JF 86 -6.41 33.98 120.47
N ILE JF 87 -5.76 32.83 120.67
CA ILE JF 87 -4.37 32.75 121.14
C ILE JF 87 -3.68 31.60 120.41
N ARG JF 88 -2.43 31.82 119.99
CA ARG JF 88 -1.68 30.80 119.27
C ARG JF 88 -0.19 30.92 119.54
N HIS JF 89 0.49 29.77 119.48
CA HIS JF 89 1.93 29.67 119.73
C HIS JF 89 2.37 28.25 119.36
N LYS JF 90 3.67 27.97 119.56
CA LYS JF 90 4.23 26.68 119.17
C LYS JF 90 3.81 25.59 120.14
N VAL JF 91 3.98 24.34 119.70
CA VAL JF 91 3.72 23.21 120.57
C VAL JF 91 4.85 23.08 121.59
N GLY JF 92 4.48 22.83 122.85
CA GLY JF 92 5.45 22.65 123.90
C GLY JF 92 6.03 23.92 124.49
N ASP JF 93 5.47 25.08 124.18
CA ASP JF 93 5.97 26.32 124.73
C ASP JF 93 5.69 26.39 126.24
N VAL JF 94 6.34 27.36 126.90
CA VAL JF 94 6.11 27.58 128.32
C VAL JF 94 4.72 28.18 128.51
N SER JF 95 3.88 27.50 129.29
CA SER JF 95 2.55 28.01 129.53
C SER JF 95 2.59 29.34 130.26
N ALA JF 96 3.58 29.53 131.13
CA ALA JF 96 3.61 30.73 131.96
C ALA JF 96 3.76 31.99 131.12
N THR JF 97 4.63 31.97 130.10
CA THR JF 97 4.86 33.19 129.34
C THR JF 97 3.67 33.54 128.46
N VAL JF 98 3.08 32.55 127.77
CA VAL JF 98 1.91 32.84 126.95
C VAL JF 98 0.75 33.29 127.83
N SER JF 99 0.65 32.72 129.04
CA SER JF 99 -0.38 33.19 129.97
C SER JF 99 -0.09 34.62 130.43
N ASP JF 100 1.18 34.97 130.61
CA ASP JF 100 1.53 36.35 130.94
C ASP JF 100 1.12 37.28 129.82
N LEU JF 101 1.26 36.83 128.58
CA LEU JF 101 0.58 37.48 127.47
C LEU JF 101 -0.92 37.17 127.55
N GLY JF 102 -1.71 38.00 126.90
CA GLY JF 102 -3.15 37.82 126.94
C GLY JF 102 -3.83 38.47 128.13
N GLU JF 103 -3.32 38.23 129.33
CA GLU JF 103 -3.89 38.93 130.48
C GLU JF 103 -3.57 40.42 130.43
N ALA JF 104 -2.52 40.80 129.70
CA ALA JF 104 -2.30 42.22 129.41
C ALA JF 104 -3.45 42.77 128.56
N LEU JF 105 -3.86 42.03 127.53
CA LEU JF 105 -5.04 42.40 126.77
C LEU JF 105 -6.25 42.53 127.68
N SER JF 106 -6.45 41.55 128.55
CA SER JF 106 -7.60 41.59 129.45
C SER JF 106 -7.58 42.85 130.31
N PHE JF 107 -6.40 43.21 130.84
CA PHE JF 107 -6.28 44.40 131.67
C PHE JF 107 -6.54 45.66 130.87
N TYR JF 108 -6.05 45.71 129.63
CA TYR JF 108 -6.25 46.90 128.79
C TYR JF 108 -7.72 47.20 128.56
N LEU JF 109 -8.51 46.20 128.17
CA LEU JF 109 -9.87 46.43 127.75
C LEU JF 109 -10.76 46.68 128.96
N ASN JF 110 -11.53 47.76 128.92
CA ASN JF 110 -12.45 48.11 129.99
C ASN JF 110 -13.49 49.07 129.45
N GLU JF 111 -14.28 49.65 130.35
CA GLU JF 111 -15.35 50.56 129.95
C GLU JF 111 -14.82 51.72 129.12
N ALA JF 112 -13.79 52.41 129.62
CA ALA JF 112 -13.25 53.54 128.88
C ALA JF 112 -12.79 53.11 127.49
N LEU JF 113 -12.02 52.04 127.41
CA LEU JF 113 -11.50 51.60 126.12
C LEU JF 113 -12.62 51.15 125.20
N TYR JF 114 -13.60 50.41 125.72
CA TYR JF 114 -14.70 49.95 124.87
C TYR JF 114 -15.48 51.12 124.31
N GLY JF 115 -15.82 52.08 125.16
CA GLY JF 115 -16.57 53.25 124.70
C GLY JF 115 -15.77 54.07 123.69
N LYS JF 116 -14.48 54.25 123.95
CA LYS JF 116 -13.63 54.99 123.04
C LYS JF 116 -13.29 54.22 121.77
N LEU JF 117 -13.51 52.90 121.75
CA LEU JF 117 -13.21 52.10 120.58
C LEU JF 117 -14.41 51.98 119.66
N ILE JF 118 -15.62 51.91 120.22
CA ILE JF 118 -16.81 51.85 119.38
C ILE JF 118 -16.95 53.10 118.52
N GLY JF 119 -16.22 54.16 118.85
CA GLY JF 119 -16.26 55.38 118.07
C GLY JF 119 -15.40 55.37 116.80
N TRP JF 120 -15.03 54.18 116.33
CA TRP JF 120 -14.24 53.98 115.11
C TRP JF 120 -12.86 54.62 115.18
N GLU JF 121 -12.38 54.96 116.38
CA GLU JF 121 -11.07 55.59 116.51
C GLU JF 121 -9.97 54.60 116.13
N SER JF 122 -8.92 55.12 115.50
CA SER JF 122 -7.78 54.30 115.10
C SER JF 122 -6.48 55.09 115.18
N ALA KF 1 -17.91 8.74 131.02
CA ALA KF 1 -18.77 8.18 132.09
C ALA KF 1 -17.93 7.70 133.27
N LEU KF 2 -16.67 7.33 132.99
CA LEU KF 2 -15.77 6.93 134.07
C LEU KF 2 -15.41 8.09 134.99
N GLY KF 3 -15.51 9.33 134.51
CA GLY KF 3 -15.19 10.49 135.31
C GLY KF 3 -14.34 11.49 134.55
N ASP KF 4 -14.47 12.76 134.94
CA ASP KF 4 -13.74 13.83 134.26
C ASP KF 4 -12.25 13.85 134.60
N THR KF 5 -11.82 13.09 135.60
CA THR KF 5 -10.40 12.94 135.92
C THR KF 5 -10.03 11.46 135.95
N LEU KF 6 -8.82 11.15 135.48
CA LEU KF 6 -8.27 9.80 135.57
C LEU KF 6 -6.92 9.86 136.28
N THR KF 7 -6.76 9.07 137.32
CA THR KF 7 -5.57 9.06 138.17
C THR KF 7 -4.75 7.82 137.89
N ILE KF 8 -3.44 7.98 137.70
CA ILE KF 8 -2.53 6.87 137.51
C ILE KF 8 -1.36 7.03 138.48
N THR KF 9 -1.03 5.96 139.20
CA THR KF 9 0.05 5.96 140.17
C THR KF 9 1.25 5.27 139.54
N LEU KF 10 2.23 6.06 139.09
CA LEU KF 10 3.43 5.47 138.53
C LEU KF 10 4.16 4.64 139.59
N GLY KF 11 4.72 3.52 139.16
CA GLY KF 11 5.40 2.65 140.10
C GLY KF 11 4.49 1.78 140.92
N GLY KF 12 3.32 1.43 140.39
CA GLY KF 12 2.42 0.55 141.11
C GLY KF 12 1.83 1.21 142.35
N SER KF 13 1.33 0.37 143.25
CA SER KF 13 0.71 0.85 144.47
C SER KF 13 1.71 1.60 145.33
N GLY KF 14 1.23 2.66 145.99
CA GLY KF 14 2.06 3.44 146.89
C GLY KF 14 3.03 4.39 146.23
N GLY KF 15 2.90 4.60 144.92
CA GLY KF 15 3.83 5.44 144.17
C GLY KF 15 3.35 6.86 143.99
N THR KF 16 3.70 7.44 142.85
CA THR KF 16 3.39 8.83 142.52
C THR KF 16 2.14 8.88 141.64
N ALA KF 17 1.15 9.66 142.05
CA ALA KF 17 -0.13 9.74 141.36
C ALA KF 17 -0.15 10.97 140.44
N LYS KF 18 -0.62 10.76 139.21
CA LYS KF 18 -0.84 11.83 138.24
C LYS KF 18 -2.30 11.79 137.81
N VAL KF 19 -2.95 12.96 137.72
CA VAL KF 19 -4.38 13.01 137.44
C VAL KF 19 -4.66 13.63 136.08
N LEU KF 20 -4.88 12.79 135.07
CA LEU KF 20 -5.22 13.27 133.74
C LEU KF 20 -6.66 13.81 133.72
N ARG KF 21 -6.93 14.68 132.75
CA ARG KF 21 -8.22 15.37 132.66
C ARG KF 21 -8.92 15.03 131.35
N LYS KF 22 -10.25 14.89 131.44
CA LYS KF 22 -11.06 14.53 130.27
C LYS KF 22 -10.98 15.62 129.22
N ILE KF 23 -10.94 15.22 127.94
CA ILE KF 23 -10.76 16.14 126.83
C ILE KF 23 -11.82 15.95 125.75
N ASN KF 24 -11.97 14.71 125.26
CA ASN KF 24 -12.74 14.45 124.05
C ASN KF 24 -13.48 13.13 124.17
N GLN KF 25 -14.57 13.01 123.43
CA GLN KF 25 -15.29 11.73 123.31
C GLN KF 25 -16.13 11.79 122.04
N ASP KF 26 -15.61 11.23 120.95
CA ASP KF 26 -16.29 11.29 119.66
C ASP KF 26 -16.74 9.93 119.16
N GLY KF 27 -15.81 8.98 118.99
CA GLY KF 27 -16.13 7.71 118.36
C GLY KF 27 -16.32 6.55 119.31
N TYR KF 28 -17.16 6.71 120.33
CA TYR KF 28 -17.33 5.71 121.40
C TYR KF 28 -16.06 5.55 122.22
N THR KF 29 -15.09 6.44 122.05
CA THR KF 29 -13.81 6.40 122.74
C THR KF 29 -13.80 7.45 123.85
N SER KF 30 -12.62 7.68 124.43
CA SER KF 30 -12.43 8.72 125.44
C SER KF 30 -11.03 9.28 125.28
N GLU KF 31 -10.74 10.34 126.05
CA GLU KF 31 -9.43 10.98 126.01
C GLU KF 31 -9.15 11.64 127.35
N TYR KF 32 -8.00 11.33 127.93
CA TYR KF 32 -7.53 11.98 129.15
C TYR KF 32 -6.09 12.42 128.91
N TYR KF 33 -5.73 13.60 129.44
CA TYR KF 33 -4.47 14.24 129.08
C TYR KF 33 -3.98 15.12 130.22
N LEU KF 34 -2.66 15.39 130.24
CA LEU KF 34 -2.07 16.23 131.29
C LEU KF 34 -0.69 16.74 130.89
N PRO KF 35 -0.47 18.06 130.85
CA PRO KF 35 0.87 18.58 130.54
C PRO KF 35 1.82 18.49 131.74
N GLU KF 36 3.11 18.56 131.43
CA GLU KF 36 4.18 18.74 132.40
C GLU KF 36 5.30 19.53 131.77
N THR KF 37 6.37 19.74 132.55
CA THR KF 37 7.51 20.51 132.06
C THR KF 37 8.29 19.74 130.99
N SER KF 38 8.57 18.46 131.22
CA SER KF 38 9.41 17.68 130.32
C SER KF 38 8.76 16.35 129.91
N SER KF 39 7.45 16.22 130.10
CA SER KF 39 6.76 14.98 129.76
C SER KF 39 5.31 15.30 129.44
N SER KF 40 4.58 14.27 129.01
CA SER KF 40 3.15 14.41 128.74
C SER KF 40 2.48 13.06 128.93
N PHE KF 41 1.33 13.07 129.59
CA PHE KF 41 0.53 11.88 129.82
C PHE KF 41 -0.71 11.90 128.94
N ARG KF 42 -1.04 10.74 128.37
CA ARG KF 42 -2.20 10.58 127.52
C ARG KF 42 -2.78 9.18 127.70
N ALA KF 43 -4.09 9.06 127.51
CA ALA KF 43 -4.79 7.80 127.68
C ALA KF 43 -5.84 7.61 126.60
N LYS KF 44 -6.13 6.35 126.26
CA LYS KF 44 -7.15 6.00 125.29
C LYS KF 44 -8.20 5.12 125.97
N VAL KF 45 -9.41 5.13 125.43
CA VAL KF 45 -10.38 4.05 125.66
C VAL KF 45 -11.14 3.84 124.36
N ARG KF 46 -11.34 2.60 123.96
CA ARG KF 46 -11.96 2.31 122.68
C ARG KF 46 -12.83 1.05 122.77
N HIS KF 47 -13.79 0.96 121.86
CA HIS KF 47 -14.64 -0.21 121.69
C HIS KF 47 -14.99 -0.35 120.22
N THR KF 48 -15.28 -1.57 119.80
CA THR KF 48 -15.58 -1.82 118.39
C THR KF 48 -16.06 -3.27 118.23
N LYS KF 49 -16.73 -3.52 117.10
CA LYS KF 49 -17.09 -4.86 116.67
C LYS KF 49 -16.10 -5.34 115.61
N GLU KF 50 -15.82 -6.63 115.60
CA GLU KF 50 -15.13 -7.22 114.47
C GLU KF 50 -16.06 -7.31 113.27
N SER KF 51 -15.48 -7.50 112.09
CA SER KF 51 -16.28 -7.61 110.89
C SER KF 51 -17.22 -8.81 111.00
N VAL KF 52 -18.30 -8.75 110.22
CA VAL KF 52 -19.38 -9.73 110.30
C VAL KF 52 -19.31 -10.62 109.06
N LYS KF 53 -19.25 -11.93 109.28
CA LYS KF 53 -19.27 -12.93 108.24
C LYS KF 53 -20.55 -13.75 108.34
N PRO KF 54 -20.97 -14.38 107.25
CA PRO KF 54 -22.12 -15.29 107.34
C PRO KF 54 -21.83 -16.41 108.32
N ASN KF 55 -22.86 -16.81 109.05
CA ASN KF 55 -22.83 -17.92 110.02
C ASN KF 55 -21.47 -18.05 110.70
N GLN KF 56 -21.03 -16.99 111.37
CA GLN KF 56 -19.85 -17.00 112.22
C GLN KF 56 -20.15 -16.25 113.50
N VAL KF 57 -19.39 -16.56 114.55
CA VAL KF 57 -19.62 -15.94 115.85
C VAL KF 57 -19.29 -14.46 115.78
N GLN KF 58 -20.04 -13.66 116.55
CA GLN KF 58 -19.92 -12.21 116.55
C GLN KF 58 -19.07 -11.80 117.74
N TYR KF 59 -17.97 -11.10 117.48
CA TYR KF 59 -17.01 -10.72 118.52
C TYR KF 59 -16.97 -9.22 118.74
N GLU KF 60 -16.78 -8.83 120.00
CA GLU KF 60 -16.59 -7.45 120.40
C GLU KF 60 -15.22 -7.28 121.04
N ARG KF 61 -14.74 -6.04 121.08
CA ARG KF 61 -13.39 -5.74 121.52
C ARG KF 61 -13.38 -4.50 122.40
N HIS KF 62 -12.39 -4.45 123.30
CA HIS KF 62 -12.17 -3.31 124.17
C HIS KF 62 -10.67 -3.04 124.27
N ASN KF 63 -10.31 -1.78 124.50
CA ASN KF 63 -8.91 -1.37 124.44
C ASN KF 63 -8.65 -0.21 125.40
N VAL KF 64 -7.46 -0.20 125.99
CA VAL KF 64 -7.00 0.86 126.87
C VAL KF 64 -5.51 1.08 126.65
N GLU KF 65 -5.09 2.33 126.51
CA GLU KF 65 -3.71 2.67 126.21
C GLU KF 65 -3.22 3.77 127.14
N PHE KF 66 -1.98 3.64 127.61
CA PHE KF 66 -1.25 4.74 128.23
C PHE KF 66 -0.12 5.16 127.31
N THR KF 67 0.46 6.32 127.60
CA THR KF 67 1.52 6.85 126.77
C THR KF 67 2.27 7.92 127.53
N GLU KF 68 3.61 7.86 127.49
CA GLU KF 68 4.47 8.85 128.12
C GLU KF 68 5.45 9.37 127.08
N THR KF 69 5.37 10.67 126.79
CA THR KF 69 6.21 11.32 125.81
C THR KF 69 7.12 12.32 126.50
N VAL KF 70 8.42 12.24 126.23
CA VAL KF 70 9.42 13.07 126.87
C VAL KF 70 9.98 14.03 125.83
N TYR KF 71 9.86 15.33 126.09
CA TYR KF 71 10.25 16.33 125.12
C TYR KF 71 11.76 16.29 124.88
N ALA KF 72 12.15 16.60 123.65
CA ALA KF 72 13.55 16.55 123.27
C ALA KF 72 14.37 17.53 124.09
N SER KF 73 15.55 17.08 124.52
CA SER KF 73 16.49 17.92 125.26
C SER KF 73 17.89 17.68 124.71
N GLY KF 74 18.58 18.77 124.39
CA GLY KF 74 19.91 18.64 123.82
C GLY KF 74 19.86 17.86 122.52
N SER KF 75 20.76 16.89 122.38
CA SER KF 75 20.83 16.08 121.18
C SER KF 75 19.84 14.93 121.16
N THR KF 76 19.22 14.60 122.29
CA THR KF 76 18.26 13.51 122.33
C THR KF 76 16.96 13.93 121.64
N PRO KF 77 16.52 13.25 120.59
CA PRO KF 77 15.25 13.59 119.95
C PRO KF 77 14.07 13.02 120.73
N GLU KF 78 12.89 13.09 120.11
CA GLU KF 78 11.67 12.60 120.74
C GLU KF 78 11.74 11.10 120.96
N PHE KF 79 11.22 10.64 122.10
CA PHE KF 79 10.97 9.22 122.31
C PHE KF 79 9.75 9.07 123.20
N VAL KF 80 9.09 7.92 123.09
CA VAL KF 80 7.82 7.68 123.74
C VAL KF 80 7.86 6.32 124.44
N ARG KF 81 6.96 6.18 125.42
CA ARG KF 81 6.75 4.92 126.11
C ARG KF 81 5.25 4.60 126.10
N GLN KF 82 4.90 3.35 125.83
CA GLN KF 82 3.51 2.94 125.75
C GLN KF 82 3.33 1.58 126.40
N ALA KF 83 2.09 1.31 126.81
CA ALA KF 83 1.71 0.01 127.35
C ALA KF 83 0.19 -0.09 127.27
N TYR KF 84 -0.34 -1.22 126.79
CA TYR KF 84 -1.78 -1.32 126.61
C TYR KF 84 -2.25 -2.76 126.68
N VAL KF 85 -3.57 -2.91 126.87
CA VAL KF 85 -4.23 -4.20 127.01
C VAL KF 85 -5.45 -4.23 126.09
N VAL KF 86 -5.83 -5.44 125.67
CA VAL KF 86 -7.00 -5.66 124.83
C VAL KF 86 -7.79 -6.83 125.39
N ILE KF 87 -9.12 -6.72 125.39
CA ILE KF 87 -10.03 -7.77 125.83
C ILE KF 87 -10.97 -8.09 124.68
N ARG KF 88 -11.14 -9.38 124.40
CA ARG KF 88 -11.95 -9.81 123.26
C ARG KF 88 -12.83 -10.98 123.70
N HIS KF 89 -14.12 -10.90 123.40
CA HIS KF 89 -15.04 -11.99 123.71
C HIS KF 89 -16.27 -11.86 122.83
N LYS KF 90 -17.05 -12.94 122.76
CA LYS KF 90 -18.25 -12.95 121.94
C LYS KF 90 -19.36 -12.13 122.61
N VAL KF 91 -20.30 -11.68 121.78
CA VAL KF 91 -21.40 -10.85 122.26
C VAL KF 91 -22.39 -11.71 123.04
N GLY KF 92 -22.82 -11.20 124.19
CA GLY KF 92 -23.76 -11.91 125.03
C GLY KF 92 -23.15 -12.86 126.03
N ASP KF 93 -21.83 -12.95 126.10
CA ASP KF 93 -21.18 -13.89 127.01
C ASP KF 93 -21.32 -13.38 128.44
N VAL KF 94 -21.16 -14.30 129.40
CA VAL KF 94 -21.30 -13.95 130.80
C VAL KF 94 -20.18 -12.99 131.20
N SER KF 95 -20.56 -11.89 131.85
CA SER KF 95 -19.60 -10.84 132.17
C SER KF 95 -18.57 -11.32 133.20
N ALA KF 96 -19.04 -11.98 134.26
CA ALA KF 96 -18.13 -12.35 135.35
C ALA KF 96 -17.05 -13.30 134.85
N THR KF 97 -17.38 -14.21 133.94
CA THR KF 97 -16.38 -15.14 133.43
C THR KF 97 -15.24 -14.40 132.75
N VAL KF 98 -15.56 -13.42 131.89
CA VAL KF 98 -14.51 -12.67 131.22
C VAL KF 98 -13.75 -11.82 132.23
N SER KF 99 -14.47 -11.22 133.19
CA SER KF 99 -13.78 -10.42 134.21
C SER KF 99 -12.80 -11.26 135.00
N ASP KF 100 -13.09 -12.55 135.19
CA ASP KF 100 -12.16 -13.41 135.91
C ASP KF 100 -10.84 -13.54 135.15
N LEU KF 101 -10.90 -13.78 133.85
CA LEU KF 101 -9.68 -13.84 133.05
C LEU KF 101 -8.95 -12.51 133.07
N GLY KF 102 -9.69 -11.41 133.02
CA GLY KF 102 -9.06 -10.10 133.07
C GLY KF 102 -8.32 -9.87 134.38
N GLU KF 103 -8.97 -10.16 135.52
CA GLU KF 103 -8.31 -10.02 136.80
C GLU KF 103 -7.11 -10.95 136.91
N ALA KF 104 -7.22 -12.16 136.36
CA ALA KF 104 -6.08 -13.09 136.41
C ALA KF 104 -4.88 -12.52 135.65
N LEU KF 105 -5.12 -12.03 134.44
CA LEU KF 105 -4.02 -11.46 133.66
C LEU KF 105 -3.44 -10.25 134.36
N SER KF 106 -4.30 -9.43 134.98
CA SER KF 106 -3.80 -8.28 135.74
C SER KF 106 -2.93 -8.72 136.91
N PHE KF 107 -3.37 -9.74 137.65
CA PHE KF 107 -2.63 -10.19 138.83
C PHE KF 107 -1.29 -10.80 138.45
N TYR KF 108 -1.25 -11.56 137.36
CA TYR KF 108 0.00 -12.23 137.01
C TYR KF 108 1.13 -11.23 136.80
N LEU KF 109 0.83 -10.11 136.16
CA LEU KF 109 1.85 -9.11 135.88
C LEU KF 109 2.23 -8.36 137.16
N ASN KF 110 3.53 -8.21 137.39
CA ASN KF 110 4.03 -7.50 138.56
C ASN KF 110 5.46 -7.06 138.27
N GLU KF 111 6.09 -6.43 139.27
CA GLU KF 111 7.39 -5.82 139.05
C GLU KF 111 8.43 -6.82 138.55
N ALA KF 112 8.59 -7.93 139.27
CA ALA KF 112 9.65 -8.87 138.92
C ALA KF 112 9.44 -9.42 137.51
N LEU KF 113 8.23 -9.87 137.21
CA LEU KF 113 7.92 -10.36 135.88
C LEU KF 113 8.09 -9.26 134.84
N TYR KF 114 7.70 -8.04 135.19
CA TYR KF 114 7.88 -6.93 134.27
C TYR KF 114 9.35 -6.79 133.88
N GLY KF 115 10.24 -6.87 134.87
CA GLY KF 115 11.67 -6.82 134.58
C GLY KF 115 12.11 -7.99 133.71
N LYS KF 116 11.61 -9.19 134.02
CA LYS KF 116 11.96 -10.34 133.18
C LYS KF 116 11.44 -10.18 131.75
N LEU KF 117 10.36 -9.44 131.54
CA LEU KF 117 9.93 -9.16 130.18
C LEU KF 117 10.87 -8.16 129.51
N ILE KF 118 11.29 -7.13 130.24
CA ILE KF 118 12.23 -6.17 129.68
C ILE KF 118 13.56 -6.84 129.38
N GLY KF 119 13.92 -7.87 130.15
CA GLY KF 119 15.17 -8.57 130.02
C GLY KF 119 15.20 -9.70 129.00
N TRP KF 120 14.15 -9.85 128.21
CA TRP KF 120 14.04 -10.84 127.13
C TRP KF 120 13.93 -12.29 127.61
N GLU KF 121 13.72 -12.52 128.90
CA GLU KF 121 13.46 -13.89 129.35
C GLU KF 121 12.20 -14.43 128.70
N SER KF 122 12.35 -15.50 127.92
CA SER KF 122 11.26 -16.07 127.15
C SER KF 122 10.83 -17.42 127.73
N ALA LF 1 -6.39 60.88 118.44
CA ALA LF 1 -6.80 59.65 119.18
C ALA LF 1 -5.70 58.60 119.16
N LEU LF 2 -5.72 57.71 120.15
CA LEU LF 2 -4.79 56.59 120.27
C LEU LF 2 -3.39 57.05 120.66
N GLY LF 3 -3.18 58.36 120.79
CA GLY LF 3 -1.89 58.87 121.23
C GLY LF 3 -0.77 58.49 120.28
N ASP LF 4 0.43 58.94 120.62
CA ASP LF 4 1.61 58.58 119.84
C ASP LF 4 2.24 57.27 120.32
N THR LF 5 1.81 56.73 121.46
CA THR LF 5 2.35 55.49 121.98
C THR LF 5 1.24 54.68 122.63
N LEU LF 6 1.39 53.36 122.57
CA LEU LF 6 0.44 52.40 123.11
C LEU LF 6 1.09 51.69 124.29
N THR LF 7 0.55 51.91 125.49
CA THR LF 7 1.12 51.31 126.68
C THR LF 7 0.55 49.91 126.90
N ILE LF 8 1.43 48.99 127.29
CA ILE LF 8 1.09 47.59 127.54
C ILE LF 8 1.81 47.13 128.79
N THR LF 9 1.07 46.49 129.69
CA THR LF 9 1.63 45.96 130.94
C THR LF 9 1.49 44.43 130.89
N LEU LF 10 2.50 43.77 130.35
CA LEU LF 10 2.47 42.32 130.25
C LEU LF 10 2.57 41.68 131.63
N GLY LF 11 1.77 40.65 131.86
CA GLY LF 11 1.63 40.07 133.17
C GLY LF 11 0.46 40.60 133.96
N GLY LF 12 -0.47 41.29 133.32
CA GLY LF 12 -1.61 41.83 134.02
C GLY LF 12 -1.24 43.05 134.84
N SER LF 13 -2.14 43.38 135.77
CA SER LF 13 -1.90 44.51 136.65
C SER LF 13 -0.63 44.31 137.45
N GLY LF 14 0.15 45.38 137.58
CA GLY LF 14 1.38 45.37 138.35
C GLY LF 14 2.61 44.83 137.64
N GLY LF 15 2.53 44.56 136.34
CA GLY LF 15 3.65 43.97 135.62
C GLY LF 15 4.62 45.02 135.09
N THR LF 16 5.54 44.56 134.25
CA THR LF 16 6.49 45.46 133.63
C THR LF 16 5.79 46.26 132.53
N ALA LF 17 6.00 47.57 132.52
CA ALA LF 17 5.31 48.47 131.62
C ALA LF 17 6.19 48.79 130.42
N LYS LF 18 5.70 48.52 129.22
CA LYS LF 18 6.36 48.91 127.98
C LYS LF 18 5.51 49.95 127.26
N VAL LF 19 6.14 50.61 126.29
CA VAL LF 19 5.48 51.68 125.53
C VAL LF 19 5.84 51.56 124.05
N LEU LF 20 4.92 51.01 123.25
CA LEU LF 20 5.14 50.91 121.81
C LEU LF 20 5.01 52.28 121.15
N ARG LF 21 5.57 52.38 119.94
CA ARG LF 21 5.62 53.65 119.22
C ARG LF 21 4.73 53.59 117.98
N LYS LF 22 4.04 54.70 117.70
CA LYS LF 22 3.22 54.81 116.49
C LYS LF 22 4.11 54.83 115.26
N ILE LF 23 3.84 53.90 114.34
CA ILE LF 23 4.74 53.68 113.20
C ILE LF 23 4.03 53.65 111.85
N ASN LF 24 2.72 53.43 111.78
CA ASN LF 24 2.04 53.37 110.49
C ASN LF 24 0.57 53.69 110.69
N GLN LF 25 -0.05 54.22 109.65
CA GLN LF 25 -1.44 54.65 109.73
C GLN LF 25 -2.03 54.73 108.32
N ASP LF 26 -3.18 54.10 108.12
CA ASP LF 26 -3.90 54.20 106.86
C ASP LF 26 -5.30 53.61 107.03
N GLY LF 27 -6.25 54.22 106.34
CA GLY LF 27 -7.61 53.71 106.26
C GLY LF 27 -8.16 53.15 107.56
N TYR LF 28 -8.25 53.98 108.59
CA TYR LF 28 -8.78 53.55 109.88
C TYR LF 28 -7.92 52.49 110.55
N THR LF 29 -6.76 52.19 109.98
CA THR LF 29 -5.84 51.23 110.57
C THR LF 29 -4.59 51.95 111.06
N SER LF 30 -4.09 51.49 112.21
CA SER LF 30 -2.86 52.02 112.79
C SER LF 30 -2.15 50.89 113.50
N GLU LF 31 -0.84 51.04 113.66
CA GLU LF 31 -0.02 49.97 114.19
C GLU LF 31 1.10 50.56 115.04
N TYR LF 32 1.49 49.83 116.08
CA TYR LF 32 2.54 50.25 117.00
C TYR LF 32 3.61 49.17 117.08
N TYR LF 33 4.86 49.60 117.24
CA TYR LF 33 5.98 48.66 117.29
C TYR LF 33 7.05 49.18 118.23
N LEU LF 34 7.87 48.26 118.72
CA LEU LF 34 9.01 48.57 119.58
C LEU LF 34 10.06 47.46 119.47
N PRO LF 35 11.30 47.77 119.16
CA PRO LF 35 12.32 46.72 119.09
C PRO LF 35 12.99 46.48 120.44
N GLU LF 36 13.38 45.23 120.66
CA GLU LF 36 14.01 44.80 121.90
C GLU LF 36 15.09 43.78 121.57
N THR LF 37 16.06 43.65 122.48
CA THR LF 37 17.29 42.92 122.17
C THR LF 37 17.01 41.47 121.82
N SER LF 38 16.15 40.80 122.59
CA SER LF 38 15.83 39.39 122.36
C SER LF 38 14.48 39.17 121.72
N SER LF 39 13.65 40.20 121.58
CA SER LF 39 12.29 40.04 121.08
C SER LF 39 11.78 41.39 120.59
N SER LF 40 10.47 41.47 120.33
CA SER LF 40 9.85 42.68 119.81
C SER LF 40 8.36 42.64 120.13
N PHE LF 41 7.74 43.83 120.16
CA PHE LF 41 6.33 43.98 120.50
C PHE LF 41 5.58 44.63 119.34
N ARG LF 42 4.44 44.04 118.97
CA ARG LF 42 3.63 44.48 117.84
C ARG LF 42 2.18 44.64 118.27
N ALA LF 43 1.59 45.79 117.95
CA ALA LF 43 0.19 46.07 118.28
C ALA LF 43 -0.43 46.89 117.16
N LYS LF 44 -1.55 46.40 116.62
CA LYS LF 44 -2.26 47.06 115.54
C LYS LF 44 -3.76 47.11 115.84
N VAL LF 45 -4.42 48.10 115.25
CA VAL LF 45 -5.86 48.31 115.40
C VAL LF 45 -6.47 48.42 114.00
N ARG LF 46 -7.55 47.67 113.77
CA ARG LF 46 -8.22 47.69 112.47
C ARG LF 46 -9.72 47.82 112.65
N HIS LF 47 -10.38 48.41 111.66
CA HIS LF 47 -11.82 48.54 111.62
C HIS LF 47 -12.32 48.15 110.24
N THR LF 48 -13.56 47.68 110.16
CA THR LF 48 -14.12 47.27 108.88
C THR LF 48 -15.64 47.19 108.98
N LYS LF 49 -16.29 47.51 107.86
CA LYS LF 49 -17.75 47.43 107.72
C LYS LF 49 -18.05 46.67 106.44
N GLU LF 50 -19.01 45.74 106.50
CA GLU LF 50 -19.31 44.92 105.33
C GLU LF 50 -20.18 45.70 104.34
N SER LF 51 -20.15 45.25 103.09
CA SER LF 51 -20.89 45.92 102.03
C SER LF 51 -22.40 45.75 102.22
N VAL LF 52 -23.16 46.59 101.55
CA VAL LF 52 -24.61 46.60 101.69
C VAL LF 52 -25.22 45.50 100.84
N LYS LF 53 -26.25 44.86 101.37
CA LYS LF 53 -26.98 43.79 100.71
C LYS LF 53 -28.45 44.17 100.59
N PRO LF 54 -29.18 43.57 99.65
CA PRO LF 54 -30.59 43.92 99.46
C PRO LF 54 -31.42 43.74 100.73
N ASN LF 55 -31.48 42.51 101.24
CA ASN LF 55 -32.25 42.18 102.45
C ASN LF 55 -31.38 41.38 103.43
N GLN LF 56 -30.61 42.10 104.25
CA GLN LF 56 -29.75 41.51 105.25
C GLN LF 56 -29.51 42.55 106.34
N VAL LF 57 -28.66 42.20 107.30
CA VAL LF 57 -28.31 43.10 108.40
C VAL LF 57 -26.88 43.60 108.19
N GLN LF 58 -26.68 44.91 108.35
CA GLN LF 58 -25.36 45.52 108.21
C GLN LF 58 -24.61 45.47 109.53
N TYR LF 59 -23.45 44.82 109.52
CA TYR LF 59 -22.64 44.58 110.71
C TYR LF 59 -21.30 45.31 110.60
N GLU LF 60 -20.66 45.50 111.74
CA GLU LF 60 -19.34 46.12 111.82
C GLU LF 60 -18.45 45.27 112.70
N ARG LF 61 -17.18 45.11 112.31
CA ARG LF 61 -16.23 44.31 113.06
C ARG LF 61 -15.02 45.16 113.43
N HIS LF 62 -14.69 45.21 114.73
CA HIS LF 62 -13.44 45.75 115.22
C HIS LF 62 -12.44 44.62 115.43
N ASN LF 63 -11.15 44.98 115.42
CA ASN LF 63 -10.10 44.02 115.72
C ASN LF 63 -8.94 44.72 116.42
N VAL LF 64 -8.38 44.04 117.42
CA VAL LF 64 -7.18 44.49 118.11
C VAL LF 64 -6.28 43.29 118.33
N GLU LF 65 -4.99 43.44 118.00
CA GLU LF 65 -4.03 42.35 118.08
C GLU LF 65 -2.75 42.80 118.77
N PHE LF 66 -2.25 41.93 119.65
CA PHE LF 66 -0.91 42.02 120.21
C PHE LF 66 -0.11 40.84 119.68
N THR LF 67 1.13 41.10 119.26
CA THR LF 67 2.00 40.06 118.72
C THR LF 67 3.39 40.19 119.31
N GLU LF 68 3.97 39.05 119.67
CA GLU LF 68 5.26 38.99 120.35
C GLU LF 68 6.12 37.89 119.76
N THR LF 69 7.31 38.23 119.29
CA THR LF 69 8.20 37.30 118.63
C THR LF 69 9.61 37.42 119.17
N VAL LF 70 10.26 36.28 119.37
CA VAL LF 70 11.62 36.21 119.91
C VAL LF 70 12.55 35.75 118.81
N TYR LF 71 13.75 36.34 118.75
CA TYR LF 71 14.69 36.03 117.69
C TYR LF 71 15.31 34.64 117.91
N ALA LF 72 15.88 34.11 116.83
CA ALA LF 72 16.45 32.78 116.86
C ALA LF 72 17.67 32.72 117.77
N SER LF 73 17.91 31.55 118.35
CA SER LF 73 19.06 31.32 119.22
C SER LF 73 19.59 29.92 118.95
N GLY LF 74 20.86 29.82 118.59
CA GLY LF 74 21.41 28.52 118.23
C GLY LF 74 20.65 27.91 117.08
N SER LF 75 20.30 26.64 117.23
CA SER LF 75 19.52 25.93 116.22
C SER LF 75 18.02 26.17 116.34
N THR LF 76 17.55 26.74 117.46
CA THR LF 76 16.12 26.99 117.63
C THR LF 76 15.69 28.14 116.74
N PRO LF 77 14.73 27.94 115.82
CA PRO LF 77 14.27 29.05 114.98
C PRO LF 77 13.42 30.04 115.78
N GLU LF 78 12.95 31.05 115.07
CA GLU LF 78 12.11 32.09 115.66
C GLU LF 78 10.67 31.59 115.80
N PHE LF 79 9.97 32.17 116.78
CA PHE LF 79 8.55 31.89 116.96
C PHE LF 79 7.88 33.14 117.53
N VAL LF 80 6.57 33.21 117.36
CA VAL LF 80 5.80 34.41 117.65
C VAL LF 80 4.61 34.03 118.53
N ARG LF 81 4.27 34.92 119.47
CA ARG LF 81 3.11 34.78 120.34
C ARG LF 81 2.20 35.98 120.13
N GLN LF 82 0.90 35.72 119.89
CA GLN LF 82 -0.03 36.79 119.60
C GLN LF 82 -1.42 36.42 120.13
N ALA LF 83 -2.24 37.44 120.37
CA ALA LF 83 -3.63 37.23 120.76
C ALA LF 83 -4.44 38.47 120.39
N TYR LF 84 -5.57 38.26 119.70
CA TYR LF 84 -6.39 39.35 119.21
C TYR LF 84 -7.86 39.07 119.50
N VAL LF 85 -8.64 40.15 119.60
CA VAL LF 85 -10.06 40.07 119.91
C VAL LF 85 -10.84 40.90 118.90
N VAL LF 86 -12.06 40.45 118.58
CA VAL LF 86 -12.93 41.14 117.65
C VAL LF 86 -14.29 41.33 118.31
N ILE LF 87 -15.03 42.31 117.81
CA ILE LF 87 -16.39 42.60 118.25
C ILE LF 87 -17.25 42.86 117.03
N ARG LF 88 -18.46 42.30 117.00
CA ARG LF 88 -19.31 42.41 115.82
C ARG LF 88 -20.75 42.72 116.25
N HIS LF 89 -21.36 43.67 115.55
CA HIS LF 89 -22.69 44.17 115.89
C HIS LF 89 -23.21 44.96 114.70
N LYS LF 90 -24.50 45.30 114.72
CA LYS LF 90 -25.07 46.04 113.60
C LYS LF 90 -24.61 47.49 113.64
N VAL LF 91 -24.91 48.20 112.54
CA VAL LF 91 -24.43 49.57 112.39
C VAL LF 91 -25.06 50.47 113.44
N GLY LF 92 -26.35 50.31 113.70
CA GLY LF 92 -27.05 51.22 114.58
C GLY LF 92 -27.32 50.70 115.97
N ASP LF 93 -26.63 49.64 116.38
CA ASP LF 93 -26.91 49.01 117.66
C ASP LF 93 -26.68 49.99 118.81
N VAL LF 94 -27.16 49.61 119.99
CA VAL LF 94 -26.92 50.40 121.19
C VAL LF 94 -25.51 50.11 121.70
N SER LF 95 -24.74 51.17 121.92
CA SER LF 95 -23.32 51.00 122.26
C SER LF 95 -23.14 50.48 123.68
N ALA LF 96 -24.00 50.89 124.61
CA ALA LF 96 -23.74 50.62 126.02
C ALA LF 96 -23.83 49.13 126.35
N THR LF 97 -24.84 48.43 125.83
CA THR LF 97 -24.94 47.02 126.17
C THR LF 97 -23.85 46.23 125.43
N VAL LF 98 -23.43 46.72 124.26
CA VAL LF 98 -22.26 46.13 123.62
C VAL LF 98 -21.06 46.27 124.54
N SER LF 99 -20.90 47.43 125.19
CA SER LF 99 -19.81 47.59 126.14
C SER LF 99 -19.97 46.63 127.30
N ASP LF 100 -21.21 46.40 127.73
CA ASP LF 100 -21.45 45.45 128.82
C ASP LF 100 -20.99 44.05 128.44
N LEU LF 101 -21.31 43.62 127.23
CA LEU LF 101 -20.88 42.31 126.77
C LEU LF 101 -19.36 42.23 126.70
N GLY LF 102 -18.72 43.30 126.23
CA GLY LF 102 -17.26 43.33 126.21
C GLY LF 102 -16.67 43.22 127.61
N GLU LF 103 -17.26 43.93 128.57
CA GLU LF 103 -16.82 43.80 129.96
C GLU LF 103 -16.97 42.37 130.45
N ALA LF 104 -18.09 41.73 130.10
CA ALA LF 104 -18.28 40.34 130.50
C ALA LF 104 -17.14 39.46 129.98
N LEU LF 105 -16.84 39.58 128.69
CA LEU LF 105 -15.81 38.72 128.10
C LEU LF 105 -14.45 39.00 128.72
N SER LF 106 -14.14 40.28 128.97
CA SER LF 106 -12.86 40.63 129.57
C SER LF 106 -12.75 40.10 131.00
N PHE LF 107 -13.82 40.24 131.78
CA PHE LF 107 -13.82 39.78 133.17
C PHE LF 107 -13.71 38.27 133.25
N TYR LF 108 -14.36 37.55 132.33
CA TYR LF 108 -14.33 36.09 132.39
C TYR LF 108 -12.90 35.57 132.27
N LEU LF 109 -12.11 36.18 131.37
CA LEU LF 109 -10.74 35.75 131.15
C LEU LF 109 -9.85 36.26 132.28
N ASN LF 110 -9.15 35.33 132.94
CA ASN LF 110 -8.18 35.67 133.97
C ASN LF 110 -7.06 34.65 133.90
N GLU LF 111 -6.01 34.88 134.69
CA GLU LF 111 -4.81 34.06 134.57
C GLU LF 111 -5.12 32.58 134.81
N ALA LF 112 -5.97 32.29 135.80
CA ALA LF 112 -6.35 30.91 136.06
C ALA LF 112 -7.04 30.31 134.84
N LEU LF 113 -7.96 31.05 134.23
CA LEU LF 113 -8.67 30.51 133.08
C LEU LF 113 -7.74 30.33 131.89
N TYR LF 114 -6.78 31.23 131.72
CA TYR LF 114 -5.78 31.03 130.66
C TYR LF 114 -4.99 29.75 130.91
N GLY LF 115 -4.60 29.51 132.15
CA GLY LF 115 -3.89 28.27 132.45
C GLY LF 115 -4.73 27.04 132.15
N LYS LF 116 -6.00 27.06 132.54
CA LYS LF 116 -6.87 25.94 132.22
C LYS LF 116 -7.02 25.78 130.71
N LEU LF 117 -7.13 26.90 129.99
CA LEU LF 117 -7.39 26.83 128.55
C LEU LF 117 -6.20 26.26 127.79
N ILE LF 118 -4.99 26.68 128.12
CA ILE LF 118 -3.84 26.20 127.37
C ILE LF 118 -3.65 24.69 127.56
N GLY LF 119 -4.16 24.14 128.65
CA GLY LF 119 -4.02 22.72 128.87
C GLY LF 119 -4.98 21.88 128.05
N TRP LF 120 -5.55 22.47 127.01
CA TRP LF 120 -6.56 21.84 126.15
C TRP LF 120 -7.78 21.36 126.94
N GLU LF 121 -7.97 21.84 128.16
CA GLU LF 121 -9.17 21.51 128.94
C GLU LF 121 -10.35 22.21 128.30
N SER LF 122 -11.19 21.44 127.62
CA SER LF 122 -12.28 22.00 126.84
C SER LF 122 -13.51 22.24 127.71
N ALA MF 1 -2.90 70.23 111.37
CA ALA MF 1 -4.01 70.81 110.55
C ALA MF 1 -4.92 71.69 111.41
N LEU MF 2 -6.19 71.81 111.01
CA LEU MF 2 -7.14 72.58 111.82
C LEU MF 2 -7.41 71.93 113.17
N GLY MF 3 -7.10 70.65 113.30
CA GLY MF 3 -7.27 69.95 114.55
C GLY MF 3 -7.75 68.54 114.30
N ASP MF 4 -8.19 67.90 115.38
CA ASP MF 4 -8.77 66.57 115.32
C ASP MF 4 -10.25 66.52 115.66
N THR MF 5 -10.84 67.63 116.10
CA THR MF 5 -12.24 67.69 116.47
C THR MF 5 -12.90 68.89 115.80
N LEU MF 6 -14.15 68.71 115.38
CA LEU MF 6 -14.95 69.74 114.75
C LEU MF 6 -16.26 69.88 115.50
N THR MF 7 -16.71 71.12 115.69
CA THR MF 7 -17.93 71.41 116.44
C THR MF 7 -19.05 71.74 115.47
N ILE MF 8 -20.17 71.02 115.60
CA ILE MF 8 -21.38 71.30 114.84
C ILE MF 8 -22.45 71.73 115.82
N THR MF 9 -22.95 72.96 115.65
CA THR MF 9 -23.97 73.53 116.52
C THR MF 9 -25.28 73.55 115.73
N LEU MF 10 -26.12 72.54 115.96
CA LEU MF 10 -27.39 72.46 115.26
C LEU MF 10 -28.27 73.65 115.65
N GLY MF 11 -29.03 74.15 114.67
CA GLY MF 11 -29.82 75.33 114.89
C GLY MF 11 -29.03 76.61 114.87
N GLY MF 12 -27.90 76.65 114.16
CA GLY MF 12 -27.12 77.86 114.07
C GLY MF 12 -26.32 78.12 115.33
N SER MF 13 -26.44 79.32 115.87
CA SER MF 13 -25.81 79.68 117.13
C SER MF 13 -26.72 79.41 118.33
N GLY MF 14 -27.89 78.80 118.11
CA GLY MF 14 -28.82 78.58 119.20
C GLY MF 14 -28.24 77.68 120.29
N GLY MF 15 -27.64 76.57 119.89
CA GLY MF 15 -27.10 75.61 120.84
C GLY MF 15 -27.01 74.22 120.21
N THR MF 16 -27.09 73.20 121.06
CA THR MF 16 -27.03 71.81 120.64
C THR MF 16 -25.72 71.52 119.92
N ALA MF 17 -24.64 71.68 120.68
CA ALA MF 17 -23.29 71.48 120.15
C ALA MF 17 -22.96 70.01 120.04
N LYS MF 18 -22.27 69.65 118.95
CA LYS MF 18 -21.85 68.29 118.68
C LYS MF 18 -20.38 68.29 118.33
N VAL MF 19 -19.63 67.30 118.84
CA VAL MF 19 -18.17 67.27 118.73
C VAL MF 19 -17.79 65.97 118.04
N LEU MF 20 -17.47 66.05 116.75
CA LEU MF 20 -16.96 64.89 116.03
C LEU MF 20 -15.48 64.69 116.30
N ARG MF 21 -14.99 63.50 115.98
CA ARG MF 21 -13.61 63.11 116.23
C ARG MF 21 -12.94 62.65 114.95
N LYS MF 22 -11.67 63.00 114.78
CA LYS MF 22 -10.97 62.65 113.56
C LYS MF 22 -10.77 61.14 113.50
N ILE MF 23 -10.98 60.57 112.31
CA ILE MF 23 -10.96 59.13 112.14
C ILE MF 23 -9.91 58.74 111.10
N ASN MF 24 -9.61 59.63 110.17
CA ASN MF 24 -8.76 59.26 109.05
C ASN MF 24 -8.16 60.51 108.42
N GLN MF 25 -7.12 60.30 107.63
CA GLN MF 25 -6.52 61.34 106.79
C GLN MF 25 -5.78 60.66 105.65
N ASP MF 26 -6.18 60.94 104.41
CA ASP MF 26 -5.55 60.34 103.22
C ASP MF 26 -5.46 61.41 102.14
N GLY MF 27 -4.30 62.03 102.02
CA GLY MF 27 -4.01 62.88 100.88
C GLY MF 27 -4.94 64.06 100.76
N TYR MF 28 -4.87 64.99 101.71
CA TYR MF 28 -5.68 66.20 101.75
C TYR MF 28 -7.16 65.88 101.94
N THR MF 29 -7.50 64.63 102.24
CA THR MF 29 -8.88 64.20 102.46
C THR MF 29 -9.03 63.84 103.93
N SER MF 30 -9.98 64.48 104.60
CA SER MF 30 -10.23 64.26 106.02
C SER MF 30 -11.71 64.07 106.25
N GLU MF 31 -12.04 63.21 107.21
CA GLU MF 31 -13.43 63.00 107.60
C GLU MF 31 -13.48 62.66 109.08
N TYR MF 32 -14.51 63.15 109.75
CA TYR MF 32 -14.70 62.94 111.18
C TYR MF 32 -16.01 62.17 111.38
N TYR MF 33 -16.11 61.44 112.50
CA TYR MF 33 -17.28 60.61 112.74
C TYR MF 33 -17.70 60.76 114.20
N LEU MF 34 -18.99 60.50 114.46
CA LEU MF 34 -19.56 60.50 115.80
C LEU MF 34 -20.84 59.68 115.81
N PRO MF 35 -20.91 58.58 116.57
CA PRO MF 35 -22.17 57.84 116.68
C PRO MF 35 -23.03 58.29 117.85
N GLU MF 36 -24.34 58.14 117.65
CA GLU MF 36 -25.35 58.52 118.63
C GLU MF 36 -26.39 57.42 118.70
N THR MF 37 -27.28 57.50 119.69
CA THR MF 37 -28.24 56.43 119.94
C THR MF 37 -29.15 56.21 118.74
N SER MF 38 -29.57 57.29 118.08
CA SER MF 38 -30.50 57.20 116.96
C SER MF 38 -30.00 57.90 115.71
N SER MF 39 -28.75 58.35 115.68
CA SER MF 39 -28.23 59.10 114.55
C SER MF 39 -26.72 58.98 114.52
N SER MF 40 -26.14 59.29 113.35
CA SER MF 40 -24.69 59.31 113.17
C SER MF 40 -24.32 60.57 112.41
N PHE MF 41 -23.27 61.25 112.88
CA PHE MF 41 -22.82 62.50 112.28
C PHE MF 41 -21.45 62.29 111.66
N ARG MF 42 -21.27 62.80 110.44
CA ARG MF 42 -20.05 62.60 109.68
C ARG MF 42 -19.80 63.85 108.83
N ALA MF 43 -18.53 64.25 108.76
CA ALA MF 43 -18.14 65.41 107.98
C ALA MF 43 -16.94 65.03 107.12
N LYS MF 44 -16.78 65.74 106.00
CA LYS MF 44 -15.71 65.44 105.06
C LYS MF 44 -15.20 66.72 104.45
N VAL MF 45 -13.89 66.76 104.20
CA VAL MF 45 -13.23 67.88 103.54
C VAL MF 45 -12.33 67.33 102.44
N ARG MF 46 -12.30 68.03 101.30
CA ARG MF 46 -11.53 67.57 100.16
C ARG MF 46 -11.01 68.76 99.37
N HIS MF 47 -9.84 68.56 98.75
CA HIS MF 47 -9.23 69.54 97.87
C HIS MF 47 -8.70 68.79 96.65
N THR MF 48 -8.72 69.43 95.48
CA THR MF 48 -8.31 68.71 94.27
C THR MF 48 -8.06 69.66 93.11
N LYS MF 49 -7.55 69.08 92.02
CA LYS MF 49 -7.20 69.78 90.78
C LYS MF 49 -8.06 69.22 89.64
N GLU MF 50 -8.37 70.04 88.64
CA GLU MF 50 -9.01 69.52 87.44
C GLU MF 50 -7.98 68.88 86.52
N SER MF 51 -8.48 68.13 85.54
CA SER MF 51 -7.61 67.57 84.51
C SER MF 51 -6.96 68.71 83.73
N VAL MF 52 -5.65 68.57 83.46
CA VAL MF 52 -4.93 69.63 82.80
C VAL MF 52 -5.31 69.69 81.33
N LYS MF 53 -5.77 70.86 80.88
CA LYS MF 53 -6.15 71.12 79.50
C LYS MF 53 -5.08 71.99 78.85
N PRO MF 54 -4.69 71.72 77.60
CA PRO MF 54 -3.49 72.37 77.06
C PRO MF 54 -3.49 73.89 77.13
N ASN MF 55 -4.61 74.57 76.90
CA ASN MF 55 -4.64 76.03 76.84
C ASN MF 55 -5.86 76.59 77.57
N GLN MF 56 -6.08 76.16 78.80
CA GLN MF 56 -7.12 76.71 79.65
C GLN MF 56 -6.56 76.92 81.04
N VAL MF 57 -7.10 77.92 81.75
CA VAL MF 57 -6.61 78.26 83.08
C VAL MF 57 -6.96 77.16 84.07
N GLN MF 58 -6.07 76.91 85.01
CA GLN MF 58 -6.29 75.90 86.03
C GLN MF 58 -7.19 76.47 87.13
N TYR MF 59 -7.90 75.58 87.81
CA TYR MF 59 -8.92 75.98 88.79
C TYR MF 59 -8.71 75.28 90.11
N GLU MF 60 -8.90 76.03 91.19
CA GLU MF 60 -8.95 75.46 92.53
C GLU MF 60 -10.34 74.90 92.82
N ARG MF 61 -10.39 73.90 93.70
CA ARG MF 61 -11.65 73.36 94.18
C ARG MF 61 -11.54 73.14 95.69
N HIS MF 62 -12.54 73.59 96.43
CA HIS MF 62 -12.70 73.23 97.83
C HIS MF 62 -14.10 72.65 98.03
N ASN MF 63 -14.17 71.57 98.82
CA ASN MF 63 -15.42 70.91 99.14
C ASN MF 63 -15.49 70.69 100.64
N VAL MF 64 -16.61 71.08 101.24
CA VAL MF 64 -16.89 70.79 102.64
C VAL MF 64 -18.27 70.15 102.70
N GLU MF 65 -18.35 68.98 103.32
CA GLU MF 65 -19.56 68.16 103.25
C GLU MF 65 -20.02 67.80 104.66
N PHE MF 66 -21.30 68.00 104.93
CA PHE MF 66 -21.97 67.51 106.12
C PHE MF 66 -23.01 66.49 105.72
N THR MF 67 -23.10 65.39 106.48
CA THR MF 67 -24.11 64.36 106.25
C THR MF 67 -24.68 63.93 107.59
N GLU MF 68 -25.82 63.25 107.53
CA GLU MF 68 -26.45 62.69 108.72
C GLU MF 68 -27.29 61.48 108.32
N THR MF 69 -27.30 60.46 109.17
CA THR MF 69 -28.09 59.25 108.95
C THR MF 69 -28.98 59.01 110.15
N VAL MF 70 -30.25 58.68 109.89
CA VAL MF 70 -31.22 58.34 110.93
C VAL MF 70 -31.52 56.86 110.81
N TYR MF 71 -31.38 56.13 111.92
CA TYR MF 71 -31.53 54.68 111.90
C TYR MF 71 -32.99 54.29 111.76
N ALA MF 72 -33.22 53.18 111.06
CA ALA MF 72 -34.58 52.72 110.80
C ALA MF 72 -35.33 52.47 112.09
N SER MF 73 -36.56 52.99 112.16
CA SER MF 73 -37.42 52.83 113.32
C SER MF 73 -38.80 52.41 112.85
N GLY MF 74 -39.38 51.42 113.53
CA GLY MF 74 -40.67 50.91 113.11
C GLY MF 74 -40.62 50.42 111.68
N SER MF 75 -41.59 50.85 110.88
CA SER MF 75 -41.62 50.54 109.46
C SER MF 75 -40.86 51.55 108.61
N THR MF 76 -40.35 52.61 109.21
CA THR MF 76 -39.64 53.65 108.45
C THR MF 76 -38.23 53.16 108.11
N PRO MF 77 -37.85 53.11 106.83
CA PRO MF 77 -36.51 52.60 106.50
C PRO MF 77 -35.41 53.62 106.73
N GLU MF 78 -34.20 53.29 106.29
CA GLU MF 78 -33.07 54.19 106.44
C GLU MF 78 -33.22 55.41 105.54
N PHE MF 79 -32.73 56.56 106.00
CA PHE MF 79 -32.68 57.75 105.18
C PHE MF 79 -31.62 58.69 105.75
N VAL MF 80 -31.19 59.64 104.92
CA VAL MF 80 -30.01 60.43 105.18
C VAL MF 80 -30.34 61.91 105.02
N ARG MF 81 -29.47 62.75 105.60
CA ARG MF 81 -29.50 64.19 105.38
C ARG MF 81 -28.07 64.68 105.18
N GLN MF 82 -27.93 65.75 104.41
CA GLN MF 82 -26.62 66.32 104.15
C GLN MF 82 -26.77 67.72 103.57
N ALA MF 83 -25.68 68.47 103.61
CA ALA MF 83 -25.61 69.80 103.02
C ALA MF 83 -24.13 70.14 102.86
N TYR MF 84 -23.75 70.57 101.65
CA TYR MF 84 -22.33 70.75 101.35
C TYR MF 84 -22.15 71.96 100.45
N VAL MF 85 -20.92 72.50 100.50
CA VAL MF 85 -20.54 73.71 99.78
C VAL MF 85 -19.37 73.39 98.86
N VAL MF 86 -19.25 74.14 97.78
CA VAL MF 86 -18.15 74.02 96.84
C VAL MF 86 -17.72 75.41 96.42
N ILE MF 87 -16.40 75.63 96.34
CA ILE MF 87 -15.81 76.90 95.95
C ILE MF 87 -14.85 76.64 94.81
N ARG MF 88 -14.92 77.46 93.76
CA ARG MF 88 -14.05 77.31 92.60
C ARG MF 88 -13.47 78.67 92.24
N HIS MF 89 -12.17 78.68 91.91
CA HIS MF 89 -11.46 79.89 91.50
C HIS MF 89 -10.11 79.46 90.95
N LYS MF 90 -9.47 80.36 90.21
CA LYS MF 90 -8.27 79.97 89.49
C LYS MF 90 -7.08 79.84 90.45
N VAL MF 91 -6.01 79.24 89.95
CA VAL MF 91 -4.81 79.02 90.74
C VAL MF 91 -4.03 80.33 90.80
N GLY MF 92 -3.67 80.74 92.01
CA GLY MF 92 -2.84 81.90 92.21
C GLY MF 92 -3.57 83.22 92.26
N ASP MF 93 -4.87 83.26 91.99
CA ASP MF 93 -5.60 84.51 92.09
C ASP MF 93 -5.69 84.94 93.55
N VAL MF 94 -6.14 86.17 93.76
CA VAL MF 94 -6.07 86.78 95.08
C VAL MF 94 -7.00 86.03 96.03
N SER MF 95 -6.45 85.57 97.16
CA SER MF 95 -7.23 84.75 98.08
C SER MF 95 -8.28 85.55 98.82
N ALA MF 96 -8.01 86.82 99.14
CA ALA MF 96 -8.95 87.58 99.97
C ALA MF 96 -10.26 87.86 99.25
N THR MF 97 -10.21 88.20 97.96
CA THR MF 97 -11.45 88.40 97.21
C THR MF 97 -12.26 87.11 97.12
N VAL MF 98 -11.58 85.98 96.90
CA VAL MF 98 -12.28 84.70 96.88
C VAL MF 98 -12.88 84.41 98.23
N SER MF 99 -12.20 84.82 99.30
CA SER MF 99 -12.77 84.67 100.63
C SER MF 99 -14.04 85.50 100.78
N ASP MF 100 -14.01 86.73 100.27
CA ASP MF 100 -15.18 87.60 100.35
C ASP MF 100 -16.35 87.00 99.58
N LEU MF 101 -16.08 86.48 98.39
CA LEU MF 101 -17.03 85.59 97.75
C LEU MF 101 -17.09 84.29 98.55
N GLY MF 102 -18.24 83.65 98.52
CA GLY MF 102 -18.45 82.52 99.43
C GLY MF 102 -18.92 82.93 100.81
N GLU MF 103 -18.20 83.84 101.47
CA GLU MF 103 -18.69 84.32 102.77
C GLU MF 103 -19.83 85.30 102.58
N ALA MF 104 -19.87 86.01 101.45
CA ALA MF 104 -21.08 86.75 101.10
C ALA MF 104 -22.27 85.80 100.98
N LEU MF 105 -22.07 84.68 100.31
CA LEU MF 105 -23.12 83.67 100.20
C LEU MF 105 -23.54 83.18 101.57
N SER MF 106 -22.57 82.84 102.40
CA SER MF 106 -22.86 82.32 103.73
C SER MF 106 -23.66 83.32 104.55
N PHE MF 107 -23.33 84.60 104.43
CA PHE MF 107 -24.14 85.62 105.10
C PHE MF 107 -25.55 85.66 104.52
N TYR MF 108 -25.69 85.48 103.21
CA TYR MF 108 -27.02 85.57 102.60
C TYR MF 108 -27.98 84.54 103.17
N LEU MF 109 -27.53 83.29 103.29
CA LEU MF 109 -28.41 82.23 103.76
C LEU MF 109 -28.73 82.41 105.24
N ASN MF 110 -29.99 82.20 105.60
CA ASN MF 110 -30.41 82.20 106.99
C ASN MF 110 -31.72 81.44 107.09
N GLU MF 111 -32.18 81.25 108.34
CA GLU MF 111 -33.30 80.37 108.60
C GLU MF 111 -34.50 80.70 107.71
N ALA MF 112 -34.84 81.98 107.60
CA ALA MF 112 -36.00 82.36 106.80
C ALA MF 112 -35.79 81.95 105.33
N LEU MF 113 -34.57 82.08 104.82
CA LEU MF 113 -34.31 81.68 103.45
C LEU MF 113 -34.52 80.17 103.28
N TYR MF 114 -34.01 79.37 104.21
CA TYR MF 114 -34.27 77.93 104.12
C TYR MF 114 -35.75 77.63 104.21
N GLY MF 115 -36.47 78.32 105.10
CA GLY MF 115 -37.91 78.13 105.18
C GLY MF 115 -38.58 78.39 103.84
N LYS MF 116 -38.17 79.45 103.16
CA LYS MF 116 -38.68 79.72 101.82
C LYS MF 116 -38.12 78.73 100.81
N LEU MF 117 -36.81 78.46 100.89
CA LEU MF 117 -36.15 77.68 99.85
C LEU MF 117 -36.69 76.25 99.80
N ILE MF 118 -36.97 75.66 100.97
CA ILE MF 118 -37.48 74.30 100.99
C ILE MF 118 -38.86 74.21 100.36
N GLY MF 119 -39.57 75.33 100.27
CA GLY MF 119 -40.89 75.35 99.67
C GLY MF 119 -40.90 75.40 98.15
N TRP MF 120 -39.84 74.88 97.54
CA TRP MF 120 -39.66 74.84 96.08
C TRP MF 120 -39.72 76.21 95.43
N GLU MF 121 -39.70 77.29 96.20
CA GLU MF 121 -39.69 78.62 95.61
C GLU MF 121 -38.40 78.83 94.82
N SER MF 122 -38.44 79.80 93.92
CA SER MF 122 -37.29 80.14 93.11
C SER MF 122 -37.24 81.64 92.88
N ALA NF 1 -42.12 83.00 94.64
CA ALA NF 1 -41.83 84.27 95.38
C ALA NF 1 -40.33 84.55 95.39
N LEU NF 2 -39.74 84.70 96.57
CA LEU NF 2 -38.31 84.94 96.77
C LEU NF 2 -37.90 86.38 96.46
N GLY NF 3 -38.84 87.24 96.10
CA GLY NF 3 -38.53 88.62 95.79
C GLY NF 3 -38.20 88.83 94.32
N ASP NF 4 -38.10 90.10 93.94
CA ASP NF 4 -37.78 90.49 92.58
C ASP NF 4 -36.30 90.78 92.40
N THR NF 5 -35.68 91.46 93.35
CA THR NF 5 -34.26 91.78 93.30
C THR NF 5 -33.50 90.96 94.34
N LEU NF 6 -32.43 90.32 93.90
CA LEU NF 6 -31.53 89.57 94.77
C LEU NF 6 -30.36 90.46 95.15
N THR NF 7 -30.04 90.50 96.43
CA THR NF 7 -28.98 91.35 96.93
C THR NF 7 -27.78 90.48 97.31
N ILE NF 8 -26.63 90.80 96.73
CA ILE NF 8 -25.35 90.21 97.11
C ILE NF 8 -24.54 91.30 97.79
N THR NF 9 -24.11 91.02 99.02
CA THR NF 9 -23.30 91.95 99.80
C THR NF 9 -21.93 91.32 100.00
N LEU NF 10 -21.03 91.55 99.05
CA LEU NF 10 -19.65 91.11 99.24
C LEU NF 10 -19.07 91.79 100.47
N GLY NF 11 -18.31 91.03 101.25
CA GLY NF 11 -17.73 91.53 102.48
C GLY NF 11 -18.55 91.25 103.72
N GLY NF 12 -19.57 90.40 103.63
CA GLY NF 12 -20.40 90.12 104.78
C GLY NF 12 -21.16 91.35 105.24
N SER NF 13 -21.49 91.37 106.52
CA SER NF 13 -22.21 92.49 107.09
C SER NF 13 -21.40 93.78 106.97
N GLY NF 14 -22.06 94.86 106.55
CA GLY NF 14 -21.41 96.14 106.42
C GLY NF 14 -20.58 96.34 105.18
N GLY NF 15 -20.67 95.43 104.20
CA GLY NF 15 -19.85 95.47 103.02
C GLY NF 15 -20.45 96.29 101.89
N THR NF 16 -20.01 95.98 100.67
CA THR NF 16 -20.52 96.61 99.47
C THR NF 16 -21.74 95.85 98.97
N ALA NF 17 -22.79 96.60 98.60
CA ALA NF 17 -24.07 96.01 98.23
C ALA NF 17 -24.22 95.98 96.72
N LYS NF 18 -24.58 94.82 96.18
CA LYS NF 18 -24.85 94.63 94.76
C LYS NF 18 -26.24 94.05 94.59
N VAL NF 19 -26.97 94.54 93.58
CA VAL NF 19 -28.38 94.20 93.37
C VAL NF 19 -28.53 93.59 91.98
N LEU NF 20 -29.14 92.41 91.92
CA LEU NF 20 -29.47 91.78 90.64
C LEU NF 20 -30.98 91.84 90.39
N ARG NF 21 -31.39 91.34 89.23
CA ARG NF 21 -32.78 91.36 88.79
C ARG NF 21 -33.13 90.02 88.17
N LYS NF 22 -34.40 89.62 88.30
CA LYS NF 22 -34.85 88.41 87.61
C LYS NF 22 -34.75 88.57 86.11
N ILE NF 23 -34.36 87.48 85.45
CA ILE NF 23 -34.16 87.44 84.00
C ILE NF 23 -35.06 86.35 83.43
N ASN NF 24 -34.81 85.10 83.84
CA ASN NF 24 -35.49 83.95 83.25
C ASN NF 24 -35.72 82.89 84.30
N GLN NF 25 -36.69 82.03 84.04
CA GLN NF 25 -37.07 80.96 84.96
C GLN NF 25 -37.71 79.84 84.16
N ASP NF 26 -37.09 78.67 84.19
CA ASP NF 26 -37.61 77.51 83.47
C ASP NF 26 -37.13 76.24 84.18
N GLY NF 27 -37.96 75.21 84.10
CA GLY NF 27 -37.60 73.97 84.78
C GLY NF 27 -37.40 74.15 86.27
N TYR NF 28 -38.28 74.91 86.92
CA TYR NF 28 -38.19 75.12 88.37
C TYR NF 28 -36.91 75.84 88.75
N THR NF 29 -36.37 76.62 87.82
CA THR NF 29 -35.09 77.31 87.98
C THR NF 29 -35.34 78.81 87.94
N SER NF 30 -34.35 79.57 88.41
CA SER NF 30 -34.43 81.02 88.36
C SER NF 30 -33.02 81.58 88.15
N GLU NF 31 -32.95 82.78 87.58
CA GLU NF 31 -31.68 83.39 87.23
C GLU NF 31 -31.72 84.88 87.55
N TYR NF 32 -30.58 85.42 87.96
CA TYR NF 32 -30.42 86.84 88.25
C TYR NF 32 -29.18 87.36 87.54
N TYR NF 33 -29.21 88.63 87.12
CA TYR NF 33 -28.12 89.19 86.33
C TYR NF 33 -27.84 90.63 86.76
N LEU NF 34 -26.60 91.07 86.50
CA LEU NF 34 -26.18 92.46 86.67
C LEU NF 34 -24.91 92.71 85.87
N PRO NF 35 -24.93 93.57 84.85
CA PRO NF 35 -23.72 93.83 84.07
C PRO NF 35 -22.88 94.97 84.60
N GLU NF 36 -21.57 94.87 84.36
CA GLU NF 36 -20.61 95.88 84.75
C GLU NF 36 -19.56 96.01 83.67
N THR NF 37 -18.79 97.10 83.75
CA THR NF 37 -17.75 97.34 82.75
C THR NF 37 -16.67 96.26 82.80
N SER NF 38 -16.26 95.85 84.00
CA SER NF 38 -15.15 94.92 84.16
C SER NF 38 -15.58 93.50 84.49
N SER NF 39 -16.81 93.30 84.96
CA SER NF 39 -17.25 91.97 85.38
C SER NF 39 -18.78 91.90 85.30
N SER NF 40 -19.35 90.82 85.84
CA SER NF 40 -20.80 90.63 85.81
C SER NF 40 -21.17 89.66 86.92
N PHE NF 41 -22.43 89.73 87.35
CA PHE NF 41 -22.94 88.88 88.42
C PHE NF 41 -24.03 87.95 87.91
N ARG NF 42 -23.88 86.66 88.21
CA ARG NF 42 -24.85 85.62 87.89
C ARG NF 42 -25.33 85.00 89.19
N ALA NF 43 -26.62 84.68 89.27
CA ALA NF 43 -27.16 83.92 90.39
C ALA NF 43 -28.27 83.02 89.87
N LYS NF 44 -28.22 81.74 90.24
CA LYS NF 44 -29.17 80.74 89.76
C LYS NF 44 -29.69 79.94 90.93
N VAL NF 45 -30.99 79.62 90.90
CA VAL NF 45 -31.63 78.78 91.90
C VAL NF 45 -32.30 77.63 91.17
N ARG NF 46 -32.03 76.40 91.61
CA ARG NF 46 -32.49 75.21 90.92
C ARG NF 46 -33.09 74.23 91.91
N HIS NF 47 -34.06 73.45 91.44
CA HIS NF 47 -34.67 72.36 92.20
C HIS NF 47 -34.73 71.12 91.33
N THR NF 48 -34.71 69.94 91.95
CA THR NF 48 -34.81 68.69 91.22
C THR NF 48 -35.25 67.58 92.16
N LYS NF 49 -35.72 66.48 91.55
CA LYS NF 49 -36.24 65.31 92.24
C LYS NF 49 -35.72 64.06 91.53
N GLU NF 50 -35.20 63.10 92.28
CA GLU NF 50 -34.62 61.92 91.64
C GLU NF 50 -35.72 61.00 91.11
N SER NF 51 -35.35 60.16 90.14
CA SER NF 51 -36.31 59.25 89.53
C SER NF 51 -36.84 58.28 90.56
N VAL NF 52 -38.16 58.07 90.54
CA VAL NF 52 -38.79 57.12 91.46
C VAL NF 52 -38.42 55.70 91.07
N LYS NF 53 -37.93 54.93 92.04
CA LYS NF 53 -37.56 53.54 91.81
C LYS NF 53 -37.87 52.77 93.09
N PRO NF 54 -38.48 51.58 92.97
CA PRO NF 54 -39.68 51.32 93.79
C PRO NF 54 -39.50 51.30 95.29
N ASN NF 55 -38.57 50.53 95.87
CA ASN NF 55 -38.57 50.33 97.32
C ASN NF 55 -37.26 50.81 97.97
N GLN NF 56 -37.15 52.12 98.03
CA GLN NF 56 -36.14 52.90 98.74
C GLN NF 56 -36.73 54.27 98.93
N VAL NF 57 -36.09 55.07 99.78
CA VAL NF 57 -36.49 56.45 99.97
C VAL NF 57 -36.28 57.27 98.69
N GLN NF 58 -37.19 58.21 98.43
CA GLN NF 58 -37.05 59.13 97.30
C GLN NF 58 -36.65 60.51 97.81
N TYR NF 59 -35.72 61.15 97.11
CA TYR NF 59 -35.05 62.33 97.65
C TYR NF 59 -35.23 63.52 96.73
N GLU NF 60 -35.26 64.72 97.32
CA GLU NF 60 -35.28 65.96 96.57
C GLU NF 60 -34.05 66.79 96.91
N ARG NF 61 -33.55 67.52 95.91
CA ARG NF 61 -32.28 68.24 96.00
C ARG NF 61 -32.50 69.71 95.64
N HIS NF 62 -31.82 70.60 96.36
CA HIS NF 62 -31.85 72.03 96.06
C HIS NF 62 -30.43 72.55 95.88
N ASN NF 63 -30.28 73.57 95.02
CA ASN NF 63 -28.98 74.12 94.68
C ASN NF 63 -29.11 75.62 94.48
N VAL NF 64 -28.14 76.37 95.00
CA VAL NF 64 -28.03 77.82 94.75
C VAL NF 64 -26.56 78.15 94.59
N GLU NF 65 -26.25 78.98 93.59
CA GLU NF 65 -24.88 79.29 93.23
C GLU NF 65 -24.72 80.77 92.93
N PHE NF 66 -23.56 81.31 93.30
CA PHE NF 66 -23.11 82.63 92.90
C PHE NF 66 -21.89 82.47 91.99
N THR NF 67 -21.89 83.21 90.88
CA THR NF 67 -20.81 83.12 89.91
C THR NF 67 -20.39 84.53 89.53
N GLU NF 68 -19.08 84.72 89.36
CA GLU NF 68 -18.51 86.01 89.02
C GLU NF 68 -17.51 85.81 87.89
N THR NF 69 -17.74 86.48 86.76
CA THR NF 69 -16.86 86.37 85.60
C THR NF 69 -16.22 87.72 85.32
N VAL NF 70 -14.96 87.67 84.91
CA VAL NF 70 -14.18 88.87 84.56
C VAL NF 70 -13.84 88.80 83.08
N TYR NF 71 -14.15 89.87 82.35
CA TYR NF 71 -13.83 89.91 80.93
C TYR NF 71 -12.33 89.97 80.72
N ALA NF 72 -11.87 89.29 79.67
CA ALA NF 72 -10.44 89.25 79.38
C ALA NF 72 -9.94 90.65 79.07
N SER NF 73 -8.80 90.99 79.64
CA SER NF 73 -8.14 92.27 79.38
C SER NF 73 -6.66 92.01 79.11
N GLY NF 74 -6.17 92.48 77.98
CA GLY NF 74 -4.80 92.21 77.60
C GLY NF 74 -4.55 90.72 77.43
N SER NF 75 -3.46 90.24 78.04
CA SER NF 75 -3.09 88.84 77.88
C SER NF 75 -3.97 87.93 78.72
N THR NF 76 -4.43 88.41 79.86
CA THR NF 76 -5.21 87.56 80.76
C THR NF 76 -6.53 87.15 80.12
N PRO NF 77 -6.82 85.85 79.98
CA PRO NF 77 -8.09 85.46 79.32
C PRO NF 77 -9.26 85.51 80.29
N GLU NF 78 -10.41 84.98 79.89
CA GLU NF 78 -11.57 84.93 80.77
C GLU NF 78 -11.30 84.02 81.95
N PHE NF 79 -11.92 84.35 83.08
CA PHE NF 79 -11.90 83.45 84.23
C PHE NF 79 -13.11 83.74 85.11
N VAL NF 80 -13.45 82.76 85.94
CA VAL NF 80 -14.67 82.77 86.71
C VAL NF 80 -14.34 82.51 88.17
N ARG NF 81 -15.26 82.93 89.05
CA ARG NF 81 -15.12 82.73 90.49
C ARG NF 81 -16.49 82.38 91.05
N GLN NF 82 -16.64 81.13 91.49
CA GLN NF 82 -17.95 80.55 91.75
C GLN NF 82 -17.95 79.87 93.10
N ALA NF 83 -19.12 79.86 93.76
CA ALA NF 83 -19.29 79.20 95.04
C ALA NF 83 -20.76 78.91 95.26
N TYR NF 84 -21.07 77.66 95.64
CA TYR NF 84 -22.45 77.21 95.68
C TYR NF 84 -22.64 76.18 96.79
N VAL NF 85 -23.92 75.95 97.14
CA VAL NF 85 -24.30 74.98 98.15
C VAL NF 85 -25.38 74.08 97.57
N VAL NF 86 -25.48 72.88 98.12
CA VAL NF 86 -26.45 71.87 97.71
C VAL NF 86 -27.08 71.26 98.95
N ILE NF 87 -28.39 71.04 98.89
CA ILE NF 87 -29.14 70.42 99.98
C ILE NF 87 -29.85 69.18 99.42
N ARG NF 88 -29.88 68.11 100.21
CA ARG NF 88 -30.55 66.88 99.81
C ARG NF 88 -31.18 66.24 101.04
N HIS NF 89 -32.44 65.83 100.91
CA HIS NF 89 -33.16 65.22 102.03
C HIS NF 89 -34.41 64.54 101.48
N LYS NF 90 -35.25 64.10 102.41
CA LYS NF 90 -36.46 63.39 102.06
C LYS NF 90 -37.55 64.41 101.70
N VAL NF 91 -38.65 63.90 101.16
CA VAL NF 91 -39.73 64.76 100.68
C VAL NF 91 -40.68 65.11 101.79
N GLY NF 92 -41.01 64.15 102.64
CA GLY NF 92 -41.93 64.36 103.73
C GLY NF 92 -41.28 64.61 105.07
N ASP NF 93 -39.95 64.65 105.11
CA ASP NF 93 -39.26 64.87 106.37
C ASP NF 93 -39.56 66.27 106.89
N VAL NF 94 -39.57 66.40 108.22
CA VAL NF 94 -39.87 67.70 108.83
C VAL NF 94 -38.81 68.71 108.40
N SER NF 95 -39.27 69.91 108.06
CA SER NF 95 -38.38 70.92 107.50
C SER NF 95 -37.48 71.56 108.56
N ALA NF 96 -37.91 71.53 109.83
CA ALA NF 96 -37.13 72.20 110.87
C ALA NF 96 -35.74 71.59 111.04
N THR NF 97 -35.65 70.26 110.99
CA THR NF 97 -34.33 69.63 111.12
C THR NF 97 -33.42 70.03 109.97
N VAL NF 98 -33.94 70.05 108.75
CA VAL NF 98 -33.11 70.44 107.61
C VAL NF 98 -32.68 71.89 107.74
N SER NF 99 -33.59 72.76 108.19
CA SER NF 99 -33.24 74.15 108.37
C SER NF 99 -32.16 74.32 109.44
N ASP NF 100 -32.23 73.52 110.50
CA ASP NF 100 -31.21 73.60 111.55
C ASP NF 100 -29.86 73.11 111.04
N LEU NF 101 -29.85 72.03 110.26
CA LEU NF 101 -28.60 71.57 109.67
C LEU NF 101 -28.00 72.64 108.76
N GLY NF 102 -28.85 73.31 107.97
CA GLY NF 102 -28.36 74.39 107.13
C GLY NF 102 -27.82 75.56 107.95
N GLU NF 103 -28.51 75.92 109.03
CA GLU NF 103 -28.00 76.97 109.90
C GLU NF 103 -26.64 76.60 110.48
N ALA NF 104 -26.48 75.34 110.87
CA ALA NF 104 -25.19 74.90 111.41
C ALA NF 104 -24.09 75.03 110.35
N LEU NF 105 -24.38 74.59 109.13
CA LEU NF 105 -23.37 74.67 108.08
C LEU NF 105 -23.02 76.12 107.79
N SER NF 106 -24.01 77.01 107.76
CA SER NF 106 -23.73 78.42 107.54
C SER NF 106 -22.88 78.99 108.67
N PHE NF 107 -23.22 78.64 109.91
CA PHE NF 107 -22.53 79.22 111.06
C PHE NF 107 -21.08 78.73 111.17
N TYR NF 108 -20.81 77.48 110.79
CA TYR NF 108 -19.44 76.99 110.78
C TYR NF 108 -18.58 77.76 109.79
N LEU NF 109 -19.09 78.00 108.59
CA LEU NF 109 -18.33 78.73 107.58
C LEU NF 109 -18.26 80.21 107.96
N ASN NF 110 -17.05 80.76 107.95
CA ASN NF 110 -16.83 82.18 108.15
C ASN NF 110 -15.45 82.53 107.63
N GLU NF 111 -15.15 83.84 107.60
CA GLU NF 111 -13.91 84.28 106.99
C GLU NF 111 -12.70 83.58 107.58
N ALA NF 112 -12.74 83.25 108.86
CA ALA NF 112 -11.62 82.51 109.45
C ALA NF 112 -11.43 81.17 108.75
N LEU NF 113 -12.52 80.43 108.54
CA LEU NF 113 -12.41 79.14 107.86
C LEU NF 113 -11.95 79.31 106.41
N TYR NF 114 -12.49 80.33 105.73
CA TYR NF 114 -12.06 80.56 104.35
C TYR NF 114 -10.58 80.85 104.28
N GLY NF 115 -10.08 81.69 105.20
CA GLY NF 115 -8.66 81.94 105.27
C GLY NF 115 -7.86 80.70 105.59
N LYS NF 116 -8.42 79.80 106.41
CA LYS NF 116 -7.67 78.60 106.78
C LYS NF 116 -7.77 77.53 105.70
N LEU NF 117 -8.97 77.33 105.15
CA LEU NF 117 -9.17 76.25 104.19
C LEU NF 117 -8.29 76.39 102.96
N ILE NF 118 -7.88 77.62 102.62
CA ILE NF 118 -7.06 77.83 101.44
C ILE NF 118 -5.74 77.08 101.51
N GLY NF 119 -5.31 76.66 102.71
CA GLY NF 119 -4.05 75.98 102.88
C GLY NF 119 -4.03 74.49 102.57
N TRP NF 120 -5.16 73.90 102.20
CA TRP NF 120 -5.26 72.47 101.91
C TRP NF 120 -4.99 71.61 103.13
N GLU NF 121 -5.10 72.16 104.33
CA GLU NF 121 -4.91 71.35 105.54
C GLU NF 121 -5.96 70.26 105.61
N SER NF 122 -5.56 69.08 106.07
CA SER NF 122 -6.46 67.95 106.22
C SER NF 122 -5.77 66.81 106.95
N ALA OF 1 -51.60 85.13 84.08
CA ALA OF 1 -51.29 86.23 85.03
C ALA OF 1 -52.45 86.43 86.03
N LEU OF 2 -52.85 85.34 86.67
CA LEU OF 2 -53.97 85.34 87.60
C LEU OF 2 -53.64 86.00 88.93
N GLY OF 3 -52.37 86.00 89.28
CA GLY OF 3 -51.90 86.45 90.56
C GLY OF 3 -50.85 85.50 91.11
N ASP OF 4 -50.09 86.00 92.08
CA ASP OF 4 -48.93 85.28 92.60
C ASP OF 4 -49.29 84.13 93.52
N THR OF 5 -50.53 84.07 93.98
CA THR OF 5 -50.97 82.98 94.84
C THR OF 5 -52.31 82.45 94.33
N LEU OF 6 -52.54 81.16 94.56
CA LEU OF 6 -53.81 80.53 94.27
C LEU OF 6 -54.37 80.00 95.59
N THR OF 7 -55.65 80.26 95.81
CA THR OF 7 -56.30 79.91 97.06
C THR OF 7 -57.25 78.74 96.85
N ILE OF 8 -57.17 77.76 97.75
CA ILE OF 8 -58.08 76.62 97.76
C ILE OF 8 -58.76 76.59 99.11
N THR OF 9 -60.09 76.57 99.11
CA THR OF 9 -60.89 76.49 100.33
C THR OF 9 -61.51 75.09 100.36
N LEU OF 10 -60.90 74.19 101.13
CA LEU OF 10 -61.44 72.84 101.23
C LEU OF 10 -62.81 72.88 101.89
N GLY OF 11 -63.67 71.95 101.45
CA GLY OF 11 -65.03 71.93 101.96
C GLY OF 11 -65.92 73.02 101.41
N GLY OF 12 -65.62 73.53 100.22
CA GLY OF 12 -66.46 74.55 99.62
C GLY OF 12 -66.28 75.91 100.26
N SER OF 13 -67.38 76.58 100.55
CA SER OF 13 -67.34 77.92 101.15
C SER OF 13 -67.29 77.89 102.66
N GLY OF 14 -67.09 76.73 103.27
CA GLY OF 14 -67.02 76.62 104.72
C GLY OF 14 -65.83 77.34 105.34
N GLY OF 15 -64.64 76.82 105.09
CA GLY OF 15 -63.42 77.35 105.67
C GLY OF 15 -62.19 76.64 105.16
N THR OF 16 -61.14 76.56 105.98
CA THR OF 16 -59.94 75.77 105.68
C THR OF 16 -59.30 76.24 104.37
N ALA OF 17 -58.84 77.49 104.40
CA ALA OF 17 -58.24 78.10 103.22
C ALA OF 17 -56.76 77.77 103.12
N LYS OF 18 -56.34 77.31 101.94
CA LYS OF 18 -54.95 77.00 101.65
C LYS OF 18 -54.47 77.92 100.51
N VAL OF 19 -53.27 78.45 100.66
CA VAL OF 19 -52.75 79.45 99.73
C VAL OF 19 -51.54 78.91 98.96
N LEU OF 20 -51.77 78.37 97.78
CA LEU OF 20 -50.68 77.79 97.00
C LEU OF 20 -49.80 78.90 96.40
N ARG OF 21 -48.56 78.55 96.08
CA ARG OF 21 -47.55 79.49 95.60
C ARG OF 21 -47.05 79.04 94.23
N LYS OF 22 -46.74 79.97 93.32
CA LYS OF 22 -46.21 79.54 92.04
C LYS OF 22 -44.83 78.90 92.19
N ILE OF 23 -44.59 77.87 91.38
CA ILE OF 23 -43.30 77.20 91.32
C ILE OF 23 -42.69 77.42 89.95
N ASN OF 24 -43.43 77.05 88.91
CA ASN OF 24 -42.94 77.04 87.54
C ASN OF 24 -43.94 77.73 86.63
N GLN OF 25 -43.46 78.12 85.44
CA GLN OF 25 -44.32 78.71 84.42
C GLN OF 25 -43.62 78.48 83.08
N ASP OF 26 -43.99 77.39 82.40
CA ASP OF 26 -43.36 77.00 81.15
C ASP OF 26 -44.42 76.51 80.17
N GLY OF 27 -44.30 76.96 78.92
CA GLY OF 27 -45.18 76.50 77.86
C GLY OF 27 -46.64 76.82 78.07
N TYR OF 28 -46.97 78.06 78.46
CA TYR OF 28 -48.37 78.44 78.66
C TYR OF 28 -49.03 77.60 79.73
N THR OF 29 -48.24 77.12 80.69
CA THR OF 29 -48.72 76.34 81.82
C THR OF 29 -48.25 77.00 83.11
N SER OF 30 -48.89 76.63 84.21
CA SER OF 30 -48.53 77.14 85.51
C SER OF 30 -48.64 76.01 86.53
N GLU OF 31 -47.86 76.14 87.60
CA GLU OF 31 -47.87 75.17 88.68
C GLU OF 31 -47.93 75.93 89.99
N TYR OF 32 -48.58 75.33 90.98
CA TYR OF 32 -48.63 75.86 92.32
C TYR OF 32 -48.34 74.73 93.29
N TYR OF 33 -47.70 75.03 94.42
CA TYR OF 33 -47.36 73.98 95.37
C TYR OF 33 -47.36 74.54 96.80
N LEU OF 34 -47.50 73.62 97.77
CA LEU OF 34 -47.41 73.96 99.20
C LEU OF 34 -47.18 72.69 100.02
N PRO OF 35 -46.19 72.64 100.91
CA PRO OF 35 -46.01 71.48 101.78
C PRO OF 35 -46.64 71.63 103.16
N GLU OF 36 -46.97 70.49 103.75
CA GLU OF 36 -47.47 70.39 105.12
C GLU OF 36 -46.82 69.20 105.81
N THR OF 37 -47.25 68.95 107.05
CA THR OF 37 -46.69 67.86 107.84
C THR OF 37 -46.97 66.50 107.20
N SER OF 38 -48.21 66.28 106.77
CA SER OF 38 -48.65 64.97 106.32
C SER OF 38 -49.10 64.91 104.86
N SER OF 39 -49.21 66.06 104.18
CA SER OF 39 -49.63 66.05 102.78
C SER OF 39 -49.16 67.35 102.12
N SER OF 40 -49.32 67.40 100.81
CA SER OF 40 -48.88 68.53 100.00
C SER OF 40 -50.01 68.92 99.06
N PHE OF 41 -50.10 70.22 98.79
CA PHE OF 41 -51.11 70.79 97.91
C PHE OF 41 -50.45 71.23 96.61
N ARG OF 42 -51.06 70.88 95.48
CA ARG OF 42 -50.51 71.13 94.16
C ARG OF 42 -51.65 71.53 93.24
N ALA OF 43 -51.41 72.50 92.36
CA ALA OF 43 -52.39 72.89 91.36
C ALA OF 43 -51.70 73.10 90.02
N LYS OF 44 -52.46 72.86 88.95
CA LYS OF 44 -51.90 72.91 87.61
C LYS OF 44 -52.96 73.43 86.66
N VAL OF 45 -52.52 74.17 85.64
CA VAL OF 45 -53.38 74.69 84.59
C VAL OF 45 -52.61 74.58 83.27
N ARG OF 46 -53.31 74.26 82.20
CA ARG OF 46 -52.65 74.18 80.90
C ARG OF 46 -53.63 74.44 79.77
N HIS OF 47 -53.09 74.82 78.62
CA HIS OF 47 -53.86 75.09 77.40
C HIS OF 47 -53.15 74.47 76.22
N THR OF 48 -53.92 74.09 75.19
CA THR OF 48 -53.28 73.52 74.00
C THR OF 48 -54.27 73.49 72.84
N LYS OF 49 -53.70 73.40 71.63
CA LYS OF 49 -54.39 73.08 70.40
C LYS OF 49 -54.43 71.56 70.19
N GLU OF 50 -55.22 71.14 69.21
CA GLU OF 50 -55.17 69.76 68.74
C GLU OF 50 -54.47 69.68 67.39
N SER OF 51 -54.02 68.47 67.07
CA SER OF 51 -53.35 68.24 65.79
C SER OF 51 -54.30 68.56 64.65
N VAL OF 52 -53.76 69.22 63.64
CA VAL OF 52 -54.56 69.63 62.50
C VAL OF 52 -54.60 68.51 61.48
N LYS OF 53 -55.78 68.21 60.99
CA LYS OF 53 -56.02 67.30 59.88
C LYS OF 53 -56.71 68.06 58.77
N PRO OF 54 -56.57 67.61 57.52
CA PRO OF 54 -56.94 68.47 56.39
C PRO OF 54 -58.39 68.90 56.37
N ASN OF 55 -59.32 68.06 56.83
CA ASN OF 55 -60.74 68.23 56.53
C ASN OF 55 -61.59 68.06 57.79
N GLN OF 56 -61.27 68.80 58.86
CA GLN OF 56 -62.15 68.84 60.02
C GLN OF 56 -62.00 70.18 60.72
N VAL OF 57 -62.91 70.44 61.67
CA VAL OF 57 -62.86 71.66 62.46
C VAL OF 57 -61.69 71.61 63.43
N GLN OF 58 -61.10 72.78 63.68
CA GLN OF 58 -59.98 72.89 64.61
C GLN OF 58 -60.51 73.29 65.98
N TYR OF 59 -59.98 72.66 67.03
CA TYR OF 59 -60.49 72.80 68.38
C TYR OF 59 -59.42 73.35 69.32
N GLU OF 60 -59.88 73.93 70.43
CA GLU OF 60 -59.01 74.42 71.49
C GLU OF 60 -59.45 73.81 72.82
N ARG OF 61 -58.47 73.42 73.63
CA ARG OF 61 -58.72 72.66 74.85
C ARG OF 61 -58.14 73.39 76.04
N HIS OF 62 -58.77 73.23 77.20
CA HIS OF 62 -58.26 73.76 78.45
C HIS OF 62 -58.41 72.70 79.54
N ASN OF 63 -57.58 72.80 80.57
CA ASN OF 63 -57.57 71.83 81.66
C ASN OF 63 -57.15 72.49 82.96
N VAL OF 64 -57.80 72.09 84.04
CA VAL OF 64 -57.44 72.50 85.40
C VAL OF 64 -57.51 71.29 86.30
N GLU OF 65 -56.50 71.10 87.15
CA GLU OF 65 -56.40 69.94 88.01
C GLU OF 65 -55.99 70.35 89.41
N PHE OF 66 -56.50 69.62 90.40
CA PHE OF 66 -56.03 69.67 91.77
C PHE OF 66 -55.44 68.31 92.11
N THR OF 67 -54.43 68.29 92.98
CA THR OF 67 -53.77 67.06 93.39
C THR OF 67 -53.48 67.13 94.87
N GLU OF 68 -53.59 65.99 95.56
CA GLU OF 68 -53.27 65.90 96.98
C GLU OF 68 -52.64 64.54 97.27
N THR OF 69 -51.41 64.54 97.77
CA THR OF 69 -50.72 63.32 98.17
C THR OF 69 -50.55 63.30 99.67
N VAL OF 70 -50.71 62.12 100.26
CA VAL OF 70 -50.62 61.92 101.70
C VAL OF 70 -49.40 61.06 101.99
N TYR OF 71 -48.51 61.56 102.85
CA TYR OF 71 -47.28 60.84 103.16
C TYR OF 71 -47.58 59.56 103.91
N ALA OF 72 -46.84 58.51 103.59
CA ALA OF 72 -47.10 57.20 104.16
C ALA OF 72 -46.92 57.23 105.68
N SER OF 73 -47.82 56.53 106.37
CA SER OF 73 -47.75 56.38 107.82
C SER OF 73 -48.05 54.93 108.18
N GLY OF 74 -47.32 54.42 109.17
CA GLY OF 74 -47.49 53.03 109.55
C GLY OF 74 -47.21 52.11 108.38
N SER OF 75 -48.11 51.15 108.16
CA SER OF 75 -48.02 50.27 107.01
C SER OF 75 -48.73 50.82 105.78
N THR OF 76 -49.45 51.92 105.91
CA THR OF 76 -50.21 52.48 104.78
C THR OF 76 -49.26 53.18 103.82
N PRO OF 77 -49.17 52.76 102.55
CA PRO OF 77 -48.24 53.42 101.63
C PRO OF 77 -48.73 54.77 101.16
N GLU OF 78 -48.07 55.31 100.14
CA GLU OF 78 -48.46 56.60 99.59
C GLU OF 78 -49.77 56.47 98.82
N PHE OF 79 -50.60 57.51 98.91
CA PHE OF 79 -51.80 57.59 98.08
C PHE OF 79 -52.14 59.05 97.83
N VAL OF 80 -52.81 59.29 96.71
CA VAL OF 80 -52.99 60.62 96.17
C VAL OF 80 -54.46 60.86 95.88
N ARG OF 81 -54.84 62.14 95.88
CA ARG OF 81 -56.17 62.56 95.46
C ARG OF 81 -56.04 63.67 94.43
N GLN OF 82 -56.90 63.62 93.41
CA GLN OF 82 -56.96 64.65 92.37
C GLN OF 82 -58.42 64.94 92.04
N ALA OF 83 -58.65 66.10 91.42
CA ALA OF 83 -59.97 66.45 90.91
C ALA OF 83 -59.78 67.51 89.85
N TYR OF 84 -60.21 67.24 88.62
CA TYR OF 84 -59.84 68.08 87.49
C TYR OF 84 -61.00 68.20 86.51
N VAL OF 85 -60.96 69.27 85.73
CA VAL OF 85 -61.98 69.54 84.72
C VAL OF 85 -61.31 69.95 83.42
N VAL OF 86 -62.02 69.77 82.30
CA VAL OF 86 -61.57 70.22 81.00
C VAL OF 86 -62.71 70.89 80.26
N ILE OF 87 -62.35 71.74 79.30
CA ILE OF 87 -63.31 72.40 78.42
C ILE OF 87 -62.79 72.30 76.98
N ARG OF 88 -63.67 71.89 76.06
CA ARG OF 88 -63.31 71.70 74.67
C ARG OF 88 -64.28 72.50 73.81
N HIS OF 89 -63.75 73.34 72.92
CA HIS OF 89 -64.59 74.15 72.06
C HIS OF 89 -63.86 74.47 70.76
N LYS OF 90 -64.65 74.82 69.75
CA LYS OF 90 -64.09 75.16 68.44
C LYS OF 90 -63.32 76.47 68.51
N VAL OF 91 -62.21 76.54 67.78
CA VAL OF 91 -61.39 77.74 67.76
C VAL OF 91 -62.18 78.89 67.16
N GLY OF 92 -62.17 80.04 67.83
CA GLY OF 92 -62.87 81.21 67.37
C GLY OF 92 -64.34 81.26 67.72
N ASP OF 93 -64.85 80.29 68.48
CA ASP OF 93 -66.25 80.31 68.88
C ASP OF 93 -66.52 81.52 69.76
N VAL OF 94 -67.79 81.69 70.13
CA VAL OF 94 -68.20 82.80 70.98
C VAL OF 94 -67.92 82.45 72.43
N SER OF 95 -67.22 83.34 73.13
CA SER OF 95 -66.72 83.01 74.47
C SER OF 95 -67.85 82.89 75.49
N ALA OF 96 -68.86 83.77 75.41
CA ALA OF 96 -69.87 83.83 76.47
C ALA OF 96 -70.67 82.53 76.56
N THR OF 97 -71.06 81.97 75.43
CA THR OF 97 -71.81 80.71 75.47
C THR OF 97 -70.92 79.57 75.94
N VAL OF 98 -69.65 79.56 75.51
CA VAL OF 98 -68.73 78.52 75.95
C VAL OF 98 -68.53 78.63 77.47
N SER OF 99 -68.68 79.83 78.01
CA SER OF 99 -68.61 80.02 79.45
C SER OF 99 -69.87 79.51 80.14
N ASP OF 100 -71.04 79.86 79.61
CA ASP OF 100 -72.30 79.45 80.23
C ASP OF 100 -72.40 77.93 80.28
N LEU OF 101 -72.02 77.26 79.19
CA LEU OF 101 -71.67 75.86 79.30
C LEU OF 101 -70.36 75.77 80.08
N GLY OF 102 -70.31 74.83 81.02
CA GLY OF 102 -69.26 74.82 82.03
C GLY OF 102 -69.67 75.53 83.30
N GLU OF 103 -70.21 76.76 83.18
CA GLU OF 103 -70.80 77.41 84.35
C GLU OF 103 -72.00 76.63 84.85
N ALA OF 104 -72.81 76.10 83.92
CA ALA OF 104 -73.91 75.24 84.30
C ALA OF 104 -73.42 74.00 85.03
N LEU OF 105 -72.36 73.38 84.51
CA LEU OF 105 -71.81 72.19 85.15
C LEU OF 105 -71.32 72.51 86.54
N SER OF 106 -70.60 73.63 86.69
CA SER OF 106 -70.11 74.02 88.01
C SER OF 106 -71.26 74.27 88.98
N PHE OF 107 -72.34 74.87 88.49
CA PHE OF 107 -73.51 75.07 89.35
C PHE OF 107 -74.13 73.74 89.75
N TYR OF 108 -74.16 72.76 88.84
CA TYR OF 108 -74.79 71.48 89.15
C TYR OF 108 -74.08 70.78 90.30
N LEU OF 109 -72.75 70.70 90.24
CA LEU OF 109 -71.99 69.92 91.21
C LEU OF 109 -72.10 70.55 92.59
N ASN OF 110 -72.53 69.77 93.57
CA ASN OF 110 -72.63 70.25 94.95
C ASN OF 110 -72.44 69.06 95.89
N GLU OF 111 -72.80 69.26 97.16
CA GLU OF 111 -72.60 68.25 98.19
C GLU OF 111 -73.29 66.93 97.86
N ALA OF 112 -74.61 66.97 97.72
CA ALA OF 112 -75.36 65.73 97.56
C ALA OF 112 -74.97 64.98 96.31
N LEU OF 113 -74.79 65.69 95.19
CA LEU OF 113 -74.41 65.02 93.96
C LEU OF 113 -73.04 64.36 94.11
N TYR OF 114 -72.09 65.04 94.76
CA TYR OF 114 -70.79 64.44 95.01
C TYR OF 114 -70.89 63.19 95.87
N GLY OF 115 -71.67 63.27 96.96
CA GLY OF 115 -71.88 62.08 97.78
C GLY OF 115 -72.46 60.94 96.97
N LYS OF 116 -73.37 61.24 96.05
CA LYS OF 116 -73.89 60.22 95.15
C LYS OF 116 -72.79 59.64 94.27
N LEU OF 117 -72.02 60.51 93.62
CA LEU OF 117 -70.96 60.00 92.73
C LEU OF 117 -70.03 59.07 93.50
N ILE OF 118 -69.83 59.32 94.79
CA ILE OF 118 -69.08 58.37 95.61
C ILE OF 118 -69.88 57.09 95.80
N GLY OF 119 -71.21 57.18 95.78
CA GLY OF 119 -72.06 56.01 95.94
C GLY OF 119 -72.14 55.08 94.74
N TRP OF 120 -71.46 55.40 93.65
CA TRP OF 120 -71.42 54.64 92.40
C TRP OF 120 -72.74 54.72 91.62
N GLU OF 121 -73.67 55.56 92.04
CA GLU OF 121 -74.89 55.75 91.26
C GLU OF 121 -74.58 56.28 89.87
N SER OF 122 -75.22 55.69 88.87
CA SER OF 122 -75.05 56.11 87.49
C SER OF 122 -76.11 57.15 87.14
N ALA PF 1 -39.49 90.85 84.28
CA ALA PF 1 -40.04 91.45 85.53
C ALA PF 1 -40.73 92.77 85.22
N LEU PF 2 -41.23 92.88 83.98
CA LEU PF 2 -41.84 94.14 83.56
C LEU PF 2 -43.08 94.44 84.39
N GLY PF 3 -43.88 93.41 84.69
CA GLY PF 3 -45.19 93.60 85.28
C GLY PF 3 -46.28 92.69 84.74
N ASP PF 4 -47.26 92.36 85.58
CA ASP PF 4 -48.39 91.57 85.10
C ASP PF 4 -49.11 92.20 83.90
N THR PF 5 -49.26 93.51 83.89
CA THR PF 5 -49.98 94.20 82.84
C THR PF 5 -49.04 95.07 82.04
N LEU PF 6 -49.37 95.20 80.77
CA LEU PF 6 -48.67 96.05 79.84
C LEU PF 6 -49.72 96.95 79.23
N THR PF 7 -49.44 98.24 79.19
CA THR PF 7 -50.42 99.21 78.77
C THR PF 7 -49.98 99.84 77.45
N ILE PF 8 -50.95 99.95 76.55
CA ILE PF 8 -50.76 100.58 75.25
C ILE PF 8 -51.78 101.69 75.15
N THR PF 9 -51.32 102.90 74.88
CA THR PF 9 -52.17 104.07 74.70
C THR PF 9 -52.19 104.39 73.21
N LEU PF 10 -53.16 103.80 72.50
CA LEU PF 10 -53.23 104.01 71.06
C LEU PF 10 -53.37 105.50 70.76
N GLY PF 11 -52.65 105.96 69.74
CA GLY PF 11 -52.68 107.37 69.41
C GLY PF 11 -51.84 108.25 70.30
N GLY PF 12 -50.75 107.72 70.84
CA GLY PF 12 -49.85 108.55 71.62
C GLY PF 12 -50.45 108.97 72.95
N SER PF 13 -49.83 109.98 73.54
CA SER PF 13 -50.25 110.46 74.86
C SER PF 13 -51.68 110.99 74.80
N GLY PF 14 -52.45 110.71 75.84
CA GLY PF 14 -53.83 111.17 75.94
C GLY PF 14 -54.83 110.35 75.16
N GLY PF 15 -54.43 109.23 74.58
CA GLY PF 15 -55.30 108.43 73.74
C GLY PF 15 -56.12 107.43 74.51
N THR PF 16 -56.41 106.30 73.86
CA THR PF 16 -57.18 105.21 74.45
C THR PF 16 -56.24 104.14 74.99
N ALA PF 17 -56.48 103.72 76.23
CA ALA PF 17 -55.58 102.78 76.92
C ALA PF 17 -56.09 101.35 76.79
N LYS PF 18 -55.20 100.45 76.35
CA LYS PF 18 -55.47 99.02 76.30
C LYS PF 18 -54.44 98.29 77.16
N VAL PF 19 -54.87 97.19 77.79
CA VAL PF 19 -54.09 96.52 78.83
C VAL PF 19 -53.87 95.06 78.44
N LEU PF 20 -52.60 94.64 78.38
CA LEU PF 20 -52.24 93.26 78.11
C LEU PF 20 -51.60 92.61 79.34
N ARG PF 21 -51.71 91.28 79.44
CA ARG PF 21 -51.35 90.46 80.59
C ARG PF 21 -50.17 89.58 80.18
N LYS PF 22 -49.41 89.00 81.12
CA LYS PF 22 -48.40 88.05 80.63
C LYS PF 22 -49.09 86.83 80.04
N ILE PF 23 -48.36 86.09 79.22
CA ILE PF 23 -48.81 84.81 78.69
C ILE PF 23 -47.78 83.72 78.97
N ASN PF 24 -46.53 83.97 78.60
CA ASN PF 24 -45.49 82.97 78.63
C ASN PF 24 -44.14 83.66 78.39
N GLN PF 25 -43.10 83.12 79.01
CA GLN PF 25 -41.75 83.64 78.83
C GLN PF 25 -40.75 82.55 79.18
N ASP PF 26 -40.08 82.02 78.15
CA ASP PF 26 -39.20 80.85 78.31
C ASP PF 26 -37.75 81.19 78.02
N GLY PF 27 -37.43 81.69 76.83
CA GLY PF 27 -36.05 81.98 76.49
C GLY PF 27 -35.68 83.44 76.71
N TYR PF 28 -35.94 83.93 77.91
CA TYR PF 28 -35.74 85.34 78.27
C TYR PF 28 -36.74 86.26 77.59
N THR PF 29 -37.69 85.71 76.84
CA THR PF 29 -38.57 86.49 75.98
C THR PF 29 -39.97 86.52 76.59
N SER PF 30 -40.49 87.72 76.81
CA SER PF 30 -41.81 87.90 77.40
C SER PF 30 -42.83 88.24 76.32
N GLU PF 31 -44.07 87.80 76.52
CA GLU PF 31 -45.12 87.95 75.53
C GLU PF 31 -46.43 88.28 76.24
N TYR PF 32 -47.21 89.18 75.65
CA TYR PF 32 -48.45 89.67 76.22
C TYR PF 32 -49.56 89.48 75.21
N TYR PF 33 -50.81 89.40 75.67
CA TYR PF 33 -51.92 89.18 74.75
C TYR PF 33 -53.20 89.80 75.31
N LEU PF 34 -54.15 90.10 74.43
CA LEU PF 34 -55.48 90.57 74.78
C LEU PF 34 -56.43 90.34 73.61
N PRO PF 35 -57.52 89.59 73.79
CA PRO PF 35 -58.50 89.43 72.70
C PRO PF 35 -59.67 90.41 72.80
N GLU PF 36 -60.22 90.73 71.63
CA GLU PF 36 -61.35 91.63 71.52
C GLU PF 36 -62.28 91.11 70.43
N THR PF 37 -63.50 91.66 70.39
CA THR PF 37 -64.48 91.18 69.41
C THR PF 37 -64.03 91.48 67.99
N SER PF 38 -63.38 92.63 67.76
CA SER PF 38 -62.97 93.02 66.42
C SER PF 38 -61.49 92.83 66.16
N SER PF 39 -60.65 92.76 67.19
CA SER PF 39 -59.22 92.57 67.02
C SER PF 39 -58.64 91.97 68.29
N SER PF 40 -57.31 91.86 68.32
CA SER PF 40 -56.59 91.32 69.47
C SER PF 40 -55.24 92.01 69.55
N PHE PF 41 -54.74 92.16 70.77
CA PHE PF 41 -53.51 92.90 71.03
C PHE PF 41 -52.45 91.92 71.51
N ARG PF 42 -51.23 92.04 70.96
CA ARG PF 42 -50.14 91.13 71.27
C ARG PF 42 -48.85 91.93 71.34
N ALA PF 43 -48.04 91.67 72.36
CA ALA PF 43 -46.74 92.31 72.54
C ALA PF 43 -45.70 91.24 72.85
N LYS PF 44 -44.47 91.51 72.41
CA LYS PF 44 -43.35 90.58 72.55
C LYS PF 44 -42.12 91.38 72.94
N VAL PF 45 -41.29 90.79 73.80
CA VAL PF 45 -39.99 91.35 74.15
C VAL PF 45 -38.95 90.25 74.02
N ARG PF 46 -37.85 90.55 73.34
CA ARG PF 46 -36.82 89.55 73.06
C ARG PF 46 -35.44 90.12 73.31
N HIS PF 47 -34.54 89.24 73.75
CA HIS PF 47 -33.11 89.53 73.88
C HIS PF 47 -32.34 88.33 73.36
N THR PF 48 -31.14 88.57 72.80
CA THR PF 48 -30.32 87.44 72.37
C THR PF 48 -28.90 87.92 72.06
N LYS PF 49 -27.97 86.97 72.15
CA LYS PF 49 -26.57 87.16 71.80
C LYS PF 49 -26.32 86.56 70.41
N GLU PF 50 -25.47 87.20 69.62
CA GLU PF 50 -25.18 86.70 68.29
C GLU PF 50 -24.11 85.60 68.34
N SER PF 51 -23.77 85.07 67.16
CA SER PF 51 -22.72 84.08 67.06
C SER PF 51 -21.40 84.68 67.51
N VAL PF 52 -20.63 83.90 68.28
CA VAL PF 52 -19.32 84.34 68.75
C VAL PF 52 -18.28 83.91 67.73
N LYS PF 53 -17.50 84.87 67.24
CA LYS PF 53 -16.44 84.65 66.27
C LYS PF 53 -15.14 85.22 66.81
N PRO PF 54 -14.00 84.56 66.54
CA PRO PF 54 -12.77 84.92 67.24
C PRO PF 54 -12.37 86.38 67.01
N ASN PF 55 -11.75 86.95 68.04
CA ASN PF 55 -11.14 88.28 68.01
C ASN PF 55 -11.89 89.29 67.15
N GLN PF 56 -13.19 89.44 67.37
CA GLN PF 56 -13.93 90.64 67.00
C GLN PF 56 -14.94 90.96 68.10
N VAL PF 57 -15.40 92.21 68.11
CA VAL PF 57 -16.26 92.68 69.18
C VAL PF 57 -17.54 91.86 69.24
N GLN PF 58 -18.03 91.67 70.46
CA GLN PF 58 -19.22 90.87 70.73
C GLN PF 58 -20.35 91.81 71.15
N TYR PF 59 -21.50 91.69 70.49
CA TYR PF 59 -22.60 92.64 70.63
C TYR PF 59 -23.82 91.96 71.23
N GLU PF 60 -24.77 92.76 71.69
CA GLU PF 60 -26.05 92.25 72.18
C GLU PF 60 -27.19 93.11 71.64
N ARG PF 61 -28.22 92.44 71.11
CA ARG PF 61 -29.32 93.11 70.45
C ARG PF 61 -30.59 92.93 71.26
N HIS PF 62 -31.45 93.95 71.22
CA HIS PF 62 -32.74 93.92 71.90
C HIS PF 62 -33.84 94.34 70.93
N ASN PF 63 -35.03 93.77 71.13
CA ASN PF 63 -36.13 93.92 70.21
C ASN PF 63 -37.44 94.08 70.97
N VAL PF 64 -38.32 94.94 70.47
CA VAL PF 64 -39.68 95.09 70.98
C VAL PF 64 -40.62 95.13 69.79
N GLU PF 65 -41.73 94.40 69.88
CA GLU PF 65 -42.61 94.16 68.74
C GLU PF 65 -44.06 94.24 69.16
N PHE PF 66 -44.86 94.98 68.38
CA PHE PF 66 -46.29 95.07 68.54
C PHE PF 66 -46.97 94.53 67.28
N THR PF 67 -48.06 93.80 67.45
CA THR PF 67 -48.86 93.31 66.34
C THR PF 67 -50.32 93.50 66.65
N GLU PF 68 -51.13 93.68 65.60
CA GLU PF 68 -52.58 93.76 65.73
C GLU PF 68 -53.19 93.11 64.50
N THR PF 69 -53.95 92.03 64.72
CA THR PF 69 -54.64 91.32 63.65
C THR PF 69 -56.13 91.59 63.81
N VAL PF 70 -56.80 91.92 62.71
CA VAL PF 70 -58.24 92.15 62.69
C VAL PF 70 -58.90 90.97 62.01
N TYR PF 71 -59.88 90.38 62.67
CA TYR PF 71 -60.52 89.19 62.15
C TYR PF 71 -61.19 89.47 60.82
N ALA PF 72 -61.10 88.51 59.90
CA ALA PF 72 -61.71 88.67 58.60
C ALA PF 72 -63.22 88.84 58.74
N SER PF 73 -63.77 89.77 57.96
CA SER PF 73 -65.20 90.07 58.01
C SER PF 73 -65.73 90.12 56.58
N GLY PF 74 -66.59 89.16 56.23
CA GLY PF 74 -67.16 89.14 54.89
C GLY PF 74 -66.09 88.96 53.84
N SER PF 75 -66.13 89.83 52.82
CA SER PF 75 -65.16 89.73 51.73
C SER PF 75 -63.74 89.98 52.22
N THR PF 76 -63.57 90.90 53.15
CA THR PF 76 -62.23 91.31 53.59
C THR PF 76 -61.47 90.16 54.22
N PRO PF 77 -60.24 89.87 53.79
CA PRO PF 77 -59.49 88.77 54.41
C PRO PF 77 -58.88 89.16 55.75
N GLU PF 78 -58.06 88.28 56.30
CA GLU PF 78 -57.28 88.62 57.48
C GLU PF 78 -56.08 89.45 57.07
N PHE PF 79 -55.72 90.41 57.92
CA PHE PF 79 -54.52 91.20 57.70
C PHE PF 79 -54.06 91.76 59.05
N VAL PF 80 -52.78 92.17 59.09
CA VAL PF 80 -52.15 92.61 60.33
C VAL PF 80 -51.42 93.92 60.12
N ARG PF 81 -51.04 94.53 61.25
CA ARG PF 81 -50.26 95.76 61.28
C ARG PF 81 -49.21 95.64 62.38
N GLN PF 82 -47.97 96.04 62.09
CA GLN PF 82 -46.85 95.76 62.97
C GLN PF 82 -46.00 97.01 63.16
N ALA PF 83 -45.27 97.05 64.27
CA ALA PF 83 -44.34 98.14 64.57
C ALA PF 83 -43.35 97.65 65.62
N TYR PF 84 -42.07 97.64 65.29
CA TYR PF 84 -41.07 97.08 66.19
C TYR PF 84 -39.79 97.90 66.17
N VAL PF 85 -39.02 97.78 67.25
CA VAL PF 85 -37.77 98.51 67.44
C VAL PF 85 -36.67 97.52 67.80
N VAL PF 86 -35.46 97.81 67.32
CA VAL PF 86 -34.28 96.99 67.57
C VAL PF 86 -33.15 97.87 68.08
N ILE PF 87 -32.42 97.37 69.05
CA ILE PF 87 -31.26 98.07 69.61
C ILE PF 87 -30.11 97.08 69.69
N ARG PF 88 -28.91 97.52 69.31
CA ARG PF 88 -27.72 96.70 69.39
C ARG PF 88 -26.53 97.53 69.84
N HIS PF 89 -25.68 96.92 70.66
CA HIS PF 89 -24.51 97.59 71.26
C HIS PF 89 -23.60 96.48 71.80
N LYS PF 90 -22.40 96.86 72.21
CA LYS PF 90 -21.40 95.87 72.57
C LYS PF 90 -21.55 95.40 74.01
N VAL PF 91 -20.92 94.27 74.32
CA VAL PF 91 -20.95 93.75 75.68
C VAL PF 91 -20.12 94.65 76.58
N GLY PF 92 -20.68 95.02 77.72
CA GLY PF 92 -19.97 95.83 78.69
C GLY PF 92 -19.94 97.32 78.39
N ASP PF 93 -20.65 97.78 77.36
CA ASP PF 93 -20.68 99.21 77.06
C ASP PF 93 -21.34 99.96 78.21
N VAL PF 94 -21.37 101.29 78.10
CA VAL PF 94 -22.00 102.14 79.09
C VAL PF 94 -23.47 102.29 78.75
N SER PF 95 -24.33 101.99 79.73
CA SER PF 95 -25.77 101.98 79.49
C SER PF 95 -26.31 103.36 79.17
N ALA PF 96 -25.79 104.39 79.84
CA ALA PF 96 -26.39 105.71 79.72
C ALA PF 96 -26.30 106.25 78.29
N THR PF 97 -25.16 106.03 77.61
CA THR PF 97 -25.02 106.54 76.25
C THR PF 97 -26.00 105.87 75.30
N VAL PF 98 -26.12 104.55 75.37
CA VAL PF 98 -27.03 103.87 74.45
C VAL PF 98 -28.46 104.26 74.76
N SER PF 99 -28.78 104.47 76.04
CA SER PF 99 -30.11 104.96 76.38
C SER PF 99 -30.35 106.35 75.82
N ASP PF 100 -29.32 107.21 75.82
CA ASP PF 100 -29.47 108.54 75.27
C ASP PF 100 -29.75 108.48 73.78
N LEU PF 101 -29.01 107.64 73.06
CA LEU PF 101 -29.24 107.49 71.63
C LEU PF 101 -30.65 106.96 71.37
N GLY PF 102 -31.07 105.94 72.12
CA GLY PF 102 -32.38 105.38 71.91
C GLY PF 102 -33.49 106.37 72.17
N GLU PF 103 -33.39 107.12 73.26
CA GLU PF 103 -34.41 108.12 73.55
C GLU PF 103 -34.37 109.27 72.55
N ALA PF 104 -33.20 109.57 71.99
CA ALA PF 104 -33.14 110.54 70.89
C ALA PF 104 -33.96 110.05 69.72
N LEU PF 105 -33.77 108.78 69.35
CA LEU PF 105 -34.57 108.20 68.28
C LEU PF 105 -36.05 108.27 68.62
N SER PF 106 -36.40 107.97 69.87
CA SER PF 106 -37.79 108.02 70.30
C SER PF 106 -38.36 109.42 70.14
N PHE PF 107 -37.57 110.43 70.51
CA PHE PF 107 -38.04 111.82 70.40
C PHE PF 107 -38.22 112.23 68.95
N TYR PF 108 -37.35 111.77 68.05
CA TYR PF 108 -37.45 112.23 66.68
C TYR PF 108 -38.79 111.86 66.06
N LEU PF 109 -39.24 110.62 66.28
CA LEU PF 109 -40.51 110.16 65.72
C LEU PF 109 -41.68 110.79 66.46
N ASN PF 110 -42.65 111.29 65.71
CA ASN PF 110 -43.86 111.87 66.28
C ASN PF 110 -44.94 111.84 65.20
N GLU PF 111 -46.02 112.58 65.43
CA GLU PF 111 -47.13 112.60 64.47
C GLU PF 111 -46.64 112.88 63.06
N ALA PF 112 -45.93 113.99 62.87
CA ALA PF 112 -45.59 114.43 61.52
C ALA PF 112 -44.68 113.43 60.83
N LEU PF 113 -43.67 112.91 61.54
CA LEU PF 113 -42.77 111.96 60.90
C LEU PF 113 -43.51 110.69 60.50
N TYR PF 114 -44.37 110.16 61.36
CA TYR PF 114 -45.14 108.99 60.98
C TYR PF 114 -46.04 109.29 59.79
N GLY PF 115 -46.69 110.45 59.79
CA GLY PF 115 -47.56 110.79 58.68
C GLY PF 115 -46.81 110.91 57.37
N LYS PF 116 -45.58 111.40 57.42
CA LYS PF 116 -44.76 111.48 56.21
C LYS PF 116 -44.29 110.09 55.77
N LEU PF 117 -43.76 109.30 56.70
CA LEU PF 117 -43.24 107.99 56.33
C LEU PF 117 -44.32 107.09 55.77
N ILE PF 118 -45.51 107.11 56.38
CA ILE PF 118 -46.59 106.27 55.89
C ILE PF 118 -46.94 106.64 54.47
N GLY PF 119 -46.70 107.89 54.08
CA GLY PF 119 -46.80 108.34 52.71
C GLY PF 119 -45.57 108.13 51.88
N TRP PF 120 -44.64 107.30 52.34
CA TRP PF 120 -43.41 106.96 51.62
C TRP PF 120 -42.41 108.11 51.61
N GLU PF 121 -42.82 109.28 52.09
CA GLU PF 121 -42.02 110.49 51.92
C GLU PF 121 -40.59 110.26 52.39
N SER PF 122 -39.62 110.43 51.49
CA SER PF 122 -38.25 110.04 51.74
C SER PF 122 -37.26 111.16 51.47
N ALA QF 1 -79.53 55.64 90.57
CA ALA QF 1 -80.44 56.67 91.16
C ALA QF 1 -80.31 57.98 90.38
N LEU QF 2 -80.12 59.10 91.08
CA LEU QF 2 -79.93 60.43 90.53
C LEU QF 2 -81.20 61.00 89.89
N GLY QF 3 -82.32 60.28 89.94
CA GLY QF 3 -83.53 60.73 89.30
C GLY QF 3 -83.58 60.37 87.82
N ASP QF 4 -84.77 60.52 87.24
CA ASP QF 4 -84.97 60.20 85.84
C ASP QF 4 -84.86 61.42 84.93
N THR QF 5 -84.88 62.62 85.49
CA THR QF 5 -84.65 63.84 84.72
C THR QF 5 -83.45 64.60 85.29
N LEU QF 6 -82.60 65.05 84.37
CA LEU QF 6 -81.41 65.83 84.69
C LEU QF 6 -81.66 67.25 84.22
N THR QF 7 -81.39 68.22 85.09
CA THR QF 7 -81.62 69.62 84.79
C THR QF 7 -80.29 70.30 84.53
N ILE QF 8 -80.19 70.94 83.36
CA ILE QF 8 -79.05 71.77 83.00
C ILE QF 8 -79.54 73.20 82.94
N THR QF 9 -78.92 74.07 83.73
CA THR QF 9 -79.28 75.48 83.80
C THR QF 9 -78.13 76.27 83.17
N LEU QF 10 -78.22 76.49 81.86
CA LEU QF 10 -77.18 77.24 81.17
C LEU QF 10 -77.06 78.63 81.78
N GLY QF 11 -75.83 79.07 81.96
CA GLY QF 11 -75.57 80.35 82.57
C GLY QF 11 -75.63 80.37 84.08
N GLY QF 12 -75.50 79.22 84.73
CA GLY QF 12 -75.52 79.19 86.18
C GLY QF 12 -76.92 79.45 86.73
N SER QF 13 -76.96 79.80 88.01
CA SER QF 13 -78.23 80.05 88.68
C SER QF 13 -78.96 81.20 88.00
N GLY QF 14 -80.28 81.04 87.85
CA GLY QF 14 -81.11 82.06 87.24
C GLY QF 14 -81.18 82.04 85.73
N GLY QF 15 -80.51 81.10 85.07
CA GLY QF 15 -80.47 81.05 83.63
C GLY QF 15 -81.59 80.24 83.02
N THR QF 16 -81.36 79.79 81.78
CA THR QF 16 -82.30 78.94 81.07
C THR QF 16 -82.13 77.49 81.49
N ALA QF 17 -83.25 76.80 81.67
CA ALA QF 17 -83.26 75.43 82.17
C ALA QF 17 -83.65 74.46 81.06
N LYS QF 18 -82.88 73.38 80.94
CA LYS QF 18 -83.19 72.25 80.06
C LYS QF 18 -83.36 70.99 80.90
N VAL QF 19 -84.19 70.08 80.40
CA VAL QF 19 -84.57 68.86 81.13
C VAL QF 19 -84.28 67.66 80.23
N LEU QF 20 -83.26 66.88 80.58
CA LEU QF 20 -82.97 65.66 79.85
C LEU QF 20 -83.59 64.46 80.56
N ARG QF 21 -83.52 63.30 79.91
CA ARG QF 21 -84.17 62.08 80.39
C ARG QF 21 -83.31 60.88 80.03
N LYS QF 22 -83.35 59.82 80.84
CA LYS QF 22 -82.57 58.62 80.49
C LYS QF 22 -83.12 57.95 79.25
N ILE QF 23 -82.22 57.33 78.48
CA ILE QF 23 -82.58 56.57 77.29
C ILE QF 23 -81.84 55.24 77.25
N ASN QF 24 -80.92 55.03 78.19
CA ASN QF 24 -80.16 53.79 78.25
C ASN QF 24 -79.36 53.77 79.55
N GLN QF 25 -78.96 52.57 79.96
CA GLN QF 25 -78.12 52.42 81.15
C GLN QF 25 -77.37 51.09 81.01
N ASP QF 26 -76.07 51.15 80.79
CA ASP QF 26 -75.25 49.97 80.59
C ASP QF 26 -73.88 50.19 81.20
N GLY QF 27 -73.11 49.11 81.28
CA GLY QF 27 -71.69 49.22 81.60
C GLY QF 27 -71.39 50.19 82.72
N TYR QF 28 -72.26 50.23 83.73
CA TYR QF 28 -72.10 51.07 84.91
C TYR QF 28 -72.25 52.54 84.59
N THR QF 29 -72.84 52.88 83.44
CA THR QF 29 -72.96 54.26 83.00
C THR QF 29 -74.39 54.54 82.60
N SER QF 30 -74.76 55.83 82.67
CA SER QF 30 -76.04 56.32 82.23
C SER QF 30 -75.83 57.56 81.38
N GLU QF 31 -76.87 57.96 80.65
CA GLU QF 31 -76.82 59.17 79.84
C GLU QF 31 -78.24 59.70 79.69
N TYR QF 32 -78.32 60.97 79.31
CA TYR QF 32 -79.58 61.68 79.16
C TYR QF 32 -79.57 62.40 77.82
N TYR QF 33 -80.75 62.58 77.24
CA TYR QF 33 -80.88 63.13 75.89
C TYR QF 33 -81.99 64.16 75.82
N LEU QF 34 -81.90 65.03 74.82
CA LEU QF 34 -82.94 66.01 74.51
C LEU QF 34 -82.75 66.53 73.08
N PRO QF 35 -83.70 66.32 72.18
CA PRO QF 35 -83.55 66.84 70.81
C PRO QF 35 -84.12 68.24 70.65
N GLU QF 36 -83.57 68.95 69.66
CA GLU QF 36 -84.01 70.30 69.33
C GLU QF 36 -84.02 70.46 67.81
N THR QF 37 -84.68 71.52 67.35
CA THR QF 37 -84.76 71.79 65.92
C THR QF 37 -83.43 72.26 65.34
N SER QF 38 -82.50 72.73 66.19
CA SER QF 38 -81.21 73.22 65.72
C SER QF 38 -80.01 72.58 66.41
N SER QF 39 -80.20 71.89 67.53
CA SER QF 39 -79.09 71.37 68.30
C SER QF 39 -79.58 70.15 69.10
N SER QF 40 -78.77 69.72 70.06
CA SER QF 40 -79.13 68.61 70.93
C SER QF 40 -78.34 68.72 72.22
N PHE QF 41 -78.92 68.21 73.30
CA PHE QF 41 -78.30 68.17 74.61
C PHE QF 41 -78.09 66.72 75.02
N ARG QF 42 -76.90 66.41 75.54
CA ARG QF 42 -76.57 65.07 76.01
C ARG QF 42 -75.80 65.19 77.31
N ALA QF 43 -76.15 64.34 78.27
CA ALA QF 43 -75.41 64.22 79.52
C ALA QF 43 -75.13 62.76 79.78
N LYS QF 44 -73.91 62.46 80.25
CA LYS QF 44 -73.43 61.10 80.41
C LYS QF 44 -72.65 61.03 81.72
N VAL QF 45 -72.78 59.91 82.44
CA VAL QF 45 -72.13 59.71 83.73
C VAL QF 45 -71.40 58.37 83.68
N ARG QF 46 -70.16 58.35 84.15
CA ARG QF 46 -69.35 57.13 84.09
C ARG QF 46 -68.65 56.89 85.41
N HIS QF 47 -68.51 55.60 85.74
CA HIS QF 47 -67.71 55.11 86.87
C HIS QF 47 -66.76 54.06 86.34
N THR QF 48 -65.51 54.09 86.78
CA THR QF 48 -64.53 53.13 86.29
C THR QF 48 -63.49 52.87 87.36
N LYS QF 49 -62.89 51.68 87.31
CA LYS QF 49 -61.87 51.25 88.24
C LYS QF 49 -60.57 51.02 87.46
N GLU QF 50 -59.49 51.64 87.90
CA GLU QF 50 -58.23 51.55 87.16
C GLU QF 50 -57.70 50.12 87.19
N SER QF 51 -56.93 49.77 86.16
CA SER QF 51 -56.46 48.40 86.00
C SER QF 51 -55.62 47.98 87.20
N VAL QF 52 -55.73 46.71 87.55
CA VAL QF 52 -55.11 46.16 88.75
C VAL QF 52 -53.67 45.75 88.44
N LYS QF 53 -52.76 46.10 89.33
CA LYS QF 53 -51.36 45.74 89.24
C LYS QF 53 -50.97 44.99 90.50
N PRO QF 54 -49.91 44.18 90.46
CA PRO QF 54 -49.69 43.18 91.52
C PRO QF 54 -49.71 43.73 92.94
N ASN QF 55 -48.83 44.68 93.28
CA ASN QF 55 -48.76 45.22 94.65
C ASN QF 55 -48.74 46.74 94.54
N GLN QF 56 -49.93 47.34 94.43
CA GLN QF 56 -50.05 48.78 94.27
C GLN QF 56 -51.44 49.19 94.74
N VAL QF 57 -51.62 50.49 94.94
CA VAL QF 57 -52.89 50.99 95.44
C VAL QF 57 -53.98 50.83 94.37
N GLN QF 58 -55.23 50.71 94.82
CA GLN QF 58 -56.38 50.55 93.94
C GLN QF 58 -57.12 51.87 93.82
N TYR QF 59 -57.43 52.26 92.58
CA TYR QF 59 -58.03 53.55 92.28
C TYR QF 59 -59.22 53.40 91.35
N GLU QF 60 -60.20 54.30 91.52
CA GLU QF 60 -61.38 54.36 90.67
C GLU QF 60 -61.61 55.81 90.24
N ARG QF 61 -62.27 55.98 89.10
CA ARG QF 61 -62.49 57.29 88.51
C ARG QF 61 -63.99 57.55 88.40
N HIS QF 62 -64.41 58.77 88.74
CA HIS QF 62 -65.77 59.23 88.50
C HIS QF 62 -65.75 60.39 87.53
N ASN QF 63 -66.50 60.25 86.43
CA ASN QF 63 -66.49 61.19 85.32
C ASN QF 63 -67.90 61.68 85.08
N VAL QF 64 -68.03 62.98 84.81
CA VAL QF 64 -69.31 63.60 84.47
C VAL QF 64 -69.08 64.55 83.30
N GLU QF 65 -69.89 64.41 82.26
CA GLU QF 65 -69.69 65.11 80.99
C GLU QF 65 -70.99 65.75 80.52
N PHE QF 66 -70.87 66.95 79.96
CA PHE QF 66 -71.94 67.59 79.19
C PHE QF 66 -71.47 67.79 77.76
N THR QF 67 -72.39 67.61 76.81
CA THR QF 67 -72.09 67.76 75.39
C THR QF 67 -73.18 68.60 74.74
N GLU QF 68 -72.79 69.46 73.80
CA GLU QF 68 -73.71 70.29 73.03
C GLU QF 68 -73.32 70.21 71.57
N THR QF 69 -74.22 69.69 70.73
CA THR QF 69 -73.97 69.52 69.30
C THR QF 69 -74.83 70.49 68.51
N VAL QF 70 -74.23 71.11 67.49
CA VAL QF 70 -74.91 72.04 66.61
C VAL QF 70 -74.88 71.46 65.20
N TYR QF 71 -76.05 71.34 64.59
CA TYR QF 71 -76.14 70.71 63.28
C TYR QF 71 -75.65 71.66 62.18
N ALA QF 72 -75.29 71.06 61.05
CA ALA QF 72 -74.76 71.85 59.95
C ALA QF 72 -75.81 72.83 59.45
N SER QF 73 -75.38 74.07 59.23
CA SER QF 73 -76.24 75.14 58.74
C SER QF 73 -75.51 75.85 57.60
N GLY QF 74 -76.05 75.74 56.39
CA GLY QF 74 -75.37 76.32 55.25
C GLY QF 74 -74.00 75.70 55.07
N SER QF 75 -72.99 76.55 54.90
CA SER QF 75 -71.63 76.06 54.70
C SER QF 75 -71.00 75.56 55.99
N THR QF 76 -71.43 76.07 57.13
CA THR QF 76 -70.81 75.71 58.41
C THR QF 76 -71.04 74.23 58.72
N PRO QF 77 -69.99 73.45 58.96
CA PRO QF 77 -70.17 72.04 59.31
C PRO QF 77 -70.55 71.90 60.78
N GLU QF 78 -70.76 70.65 61.19
CA GLU QF 78 -71.14 70.37 62.57
C GLU QF 78 -69.98 70.67 63.51
N PHE QF 79 -70.33 71.12 64.71
CA PHE QF 79 -69.34 71.32 65.76
C PHE QF 79 -70.00 71.05 67.11
N VAL QF 80 -69.16 70.84 68.12
CA VAL QF 80 -69.61 70.42 69.43
C VAL QF 80 -69.05 71.38 70.49
N ARG QF 81 -69.71 71.41 71.63
CA ARG QF 81 -69.20 72.07 72.82
C ARG QF 81 -69.27 71.09 73.98
N GLN QF 82 -68.13 70.85 74.62
CA GLN QF 82 -67.99 69.80 75.63
C GLN QF 82 -67.48 70.39 76.93
N ALA QF 83 -67.78 69.70 78.02
CA ALA QF 83 -67.21 70.03 79.33
C ALA QF 83 -67.44 68.88 80.29
N TYR QF 84 -66.37 68.33 80.86
CA TYR QF 84 -66.52 67.18 81.74
C TYR QF 84 -65.50 67.25 82.87
N VAL QF 85 -65.82 66.56 83.97
CA VAL QF 85 -64.99 66.53 85.17
C VAL QF 85 -64.78 65.07 85.55
N VAL QF 86 -63.64 64.80 86.19
CA VAL QF 86 -63.26 63.47 86.62
C VAL QF 86 -62.81 63.53 88.07
N ILE QF 87 -63.15 62.50 88.84
CA ILE QF 87 -62.74 62.37 90.23
C ILE QF 87 -62.13 60.99 90.43
N ARG QF 88 -60.94 60.94 91.00
CA ARG QF 88 -60.24 59.69 91.24
C ARG QF 88 -59.72 59.67 92.68
N HIS QF 89 -60.00 58.59 93.40
CA HIS QF 89 -59.54 58.44 94.77
C HIS QF 89 -59.50 56.96 95.11
N LYS QF 90 -58.81 56.63 96.20
CA LYS QF 90 -58.57 55.22 96.50
C LYS QF 90 -59.81 54.58 97.11
N VAL QF 91 -59.85 53.25 97.03
CA VAL QF 91 -61.10 52.51 97.27
C VAL QF 91 -61.58 52.72 98.69
N GLY QF 92 -60.69 52.58 99.67
CA GLY QF 92 -61.07 52.65 101.06
C GLY QF 92 -61.02 54.03 101.67
N ASP QF 93 -60.77 55.07 100.88
CA ASP QF 93 -60.65 56.41 101.42
C ASP QF 93 -61.96 56.83 102.11
N VAL QF 94 -61.93 58.00 102.74
CA VAL QF 94 -63.08 58.55 103.44
C VAL QF 94 -63.88 59.41 102.47
N SER QF 95 -65.21 59.25 102.49
CA SER QF 95 -66.05 59.92 101.51
C SER QF 95 -66.01 61.44 101.68
N ALA QF 96 -66.14 61.92 102.92
CA ALA QF 96 -66.26 63.37 103.14
C ALA QF 96 -64.99 64.10 102.71
N THR QF 97 -63.82 63.57 103.06
CA THR QF 97 -62.58 64.20 102.67
C THR QF 97 -62.46 64.29 101.16
N VAL QF 98 -62.82 63.21 100.46
CA VAL QF 98 -62.76 63.22 99.00
C VAL QF 98 -63.73 64.26 98.45
N SER QF 99 -64.91 64.38 99.06
CA SER QF 99 -65.90 65.33 98.58
C SER QF 99 -65.45 66.77 98.78
N ASP QF 100 -64.66 67.03 99.82
CA ASP QF 100 -64.24 68.40 100.08
C ASP QF 100 -63.40 68.97 98.94
N LEU QF 101 -62.52 68.15 98.37
CA LEU QF 101 -61.70 68.61 97.25
C LEU QF 101 -62.58 69.02 96.06
N GLY QF 102 -63.58 68.19 95.74
CA GLY QF 102 -64.48 68.54 94.65
C GLY QF 102 -65.30 69.78 94.95
N GLU QF 103 -65.73 69.92 96.21
CA GLU QF 103 -66.45 71.14 96.60
C GLU QF 103 -65.59 72.37 96.39
N ALA QF 104 -64.31 72.30 96.77
CA ALA QF 104 -63.41 73.41 96.57
C ALA QF 104 -63.23 73.70 95.08
N LEU QF 105 -63.08 72.66 94.26
CA LEU QF 105 -62.91 72.87 92.83
C LEU QF 105 -64.14 73.55 92.25
N SER QF 106 -65.33 73.15 92.70
CA SER QF 106 -66.56 73.74 92.19
C SER QF 106 -66.68 75.20 92.62
N PHE QF 107 -66.36 75.50 93.88
CA PHE QF 107 -66.42 76.89 94.35
C PHE QF 107 -65.39 77.78 93.66
N TYR QF 108 -64.22 77.24 93.35
CA TYR QF 108 -63.19 78.03 92.70
C TYR QF 108 -63.64 78.51 91.33
N LEU QF 109 -64.29 77.65 90.56
CA LEU QF 109 -64.67 77.98 89.20
C LEU QF 109 -65.95 78.81 89.20
N ASN QF 110 -65.89 79.99 88.58
CA ASN QF 110 -67.05 80.85 88.42
C ASN QF 110 -66.81 81.73 87.20
N GLU QF 111 -67.82 82.53 86.84
CA GLU QF 111 -67.82 83.21 85.55
C GLU QF 111 -66.52 83.98 85.32
N ALA QF 112 -66.01 84.65 86.35
CA ALA QF 112 -64.76 85.39 86.19
C ALA QF 112 -63.61 84.45 85.85
N LEU QF 113 -63.54 83.30 86.52
CA LEU QF 113 -62.48 82.35 86.22
C LEU QF 113 -62.60 81.83 84.80
N TYR QF 114 -63.81 81.51 84.34
CA TYR QF 114 -63.96 81.07 82.95
C TYR QF 114 -63.58 82.17 81.98
N GLY QF 115 -63.95 83.41 82.27
CA GLY QF 115 -63.59 84.51 81.39
C GLY QF 115 -62.08 84.65 81.26
N LYS QF 116 -61.38 84.62 82.38
CA LYS QF 116 -59.91 84.67 82.34
C LYS QF 116 -59.34 83.47 81.60
N LEU QF 117 -59.86 82.27 81.88
CA LEU QF 117 -59.30 81.06 81.29
C LEU QF 117 -59.46 81.05 79.78
N ILE QF 118 -60.60 81.51 79.28
CA ILE QF 118 -60.76 81.69 77.83
C ILE QF 118 -59.92 82.87 77.36
N GLY QF 119 -59.64 83.81 78.26
CA GLY QF 119 -58.63 84.80 78.00
C GLY QF 119 -57.23 84.26 77.91
N TRP QF 120 -57.09 82.93 77.96
CA TRP QF 120 -55.87 82.21 77.66
C TRP QF 120 -54.88 82.37 78.81
N GLU QF 121 -55.33 82.93 79.93
CA GLU QF 121 -54.48 83.24 81.06
C GLU QF 121 -54.02 81.96 81.77
N SER QF 122 -52.81 82.01 82.32
CA SER QF 122 -52.25 80.89 83.06
C SER QF 122 -51.65 81.37 84.37
N ALA RF 1 -87.46 43.71 87.54
CA ALA RF 1 -87.02 44.75 88.52
C ALA RF 1 -87.58 44.49 89.91
N LEU RF 2 -86.73 43.98 90.80
CA LEU RF 2 -87.12 43.79 92.20
C LEU RF 2 -87.46 45.11 92.88
N GLY RF 3 -86.82 46.20 92.45
CA GLY RF 3 -87.02 47.48 93.09
C GLY RF 3 -85.72 48.26 93.20
N ASP RF 4 -85.83 49.55 93.52
CA ASP RF 4 -84.64 50.40 93.53
C ASP RF 4 -83.70 50.10 94.68
N THR RF 5 -84.19 49.49 95.77
CA THR RF 5 -83.34 49.14 96.88
C THR RF 5 -83.66 47.73 97.38
N LEU RF 6 -82.65 47.10 97.96
CA LEU RF 6 -82.74 45.76 98.51
C LEU RF 6 -82.24 45.81 99.94
N THR RF 7 -83.00 45.23 100.87
CA THR RF 7 -82.73 45.29 102.29
C THR RF 7 -82.24 43.94 102.78
N ILE RF 8 -81.06 43.92 103.40
CA ILE RF 8 -80.51 42.72 104.01
C ILE RF 8 -80.29 43.00 105.50
N THR RF 9 -80.85 42.16 106.34
CA THR RF 9 -80.67 42.24 107.79
C THR RF 9 -79.69 41.17 108.22
N LEU RF 10 -78.45 41.55 108.52
CA LEU RF 10 -77.47 40.56 109.00
C LEU RF 10 -77.88 40.03 110.36
N GLY RF 11 -77.66 38.73 110.55
CA GLY RF 11 -78.19 38.01 111.70
C GLY RF 11 -79.69 37.79 111.64
N GLY RF 12 -80.21 37.43 110.47
CA GLY RF 12 -81.61 37.07 110.39
C GLY RF 12 -82.54 38.23 110.70
N SER RF 13 -83.71 37.90 111.22
CA SER RF 13 -84.76 38.87 111.52
C SER RF 13 -84.51 39.65 112.82
N GLY RF 14 -83.32 39.60 113.41
CA GLY RF 14 -83.09 40.34 114.65
C GLY RF 14 -83.22 41.84 114.48
N GLY RF 15 -82.63 42.37 113.43
CA GLY RF 15 -82.60 43.81 113.18
C GLY RF 15 -81.47 44.14 112.21
N THR RF 16 -80.94 45.36 112.37
CA THR RF 16 -79.68 45.76 111.76
C THR RF 16 -79.74 45.66 110.23
N ALA RF 17 -80.60 46.49 109.65
CA ALA RF 17 -80.87 46.43 108.23
C ALA RF 17 -79.89 47.28 107.42
N LYS RF 18 -79.45 46.75 106.29
CA LYS RF 18 -78.60 47.45 105.32
C LYS RF 18 -79.35 47.52 104.00
N VAL RF 19 -79.31 48.68 103.34
CA VAL RF 19 -80.14 48.91 102.17
C VAL RF 19 -79.28 49.08 100.92
N LEU RF 20 -79.10 48.02 100.14
CA LEU RF 20 -78.43 48.14 98.86
C LEU RF 20 -79.36 48.77 97.83
N ARG RF 21 -78.76 49.39 96.81
CA ARG RF 21 -79.51 50.08 95.77
C ARG RF 21 -78.88 49.79 94.41
N LYS RF 22 -79.70 49.87 93.36
CA LYS RF 22 -79.24 49.44 92.05
C LYS RF 22 -78.12 50.32 91.53
N ILE RF 23 -77.19 49.70 90.79
CA ILE RF 23 -76.09 50.40 90.15
C ILE RF 23 -76.15 50.08 88.66
N ASN RF 24 -76.36 48.81 88.34
CA ASN RF 24 -76.22 48.34 86.96
C ASN RF 24 -77.31 47.31 86.67
N GLN RF 25 -77.53 47.07 85.37
CA GLN RF 25 -78.50 46.07 84.93
C GLN RF 25 -78.15 45.70 83.49
N ASP RF 26 -77.62 44.50 83.30
CA ASP RF 26 -77.27 44.03 81.96
C ASP RF 26 -77.46 42.52 81.87
N GLY RF 27 -77.90 42.08 80.70
CA GLY RF 27 -77.96 40.67 80.39
C GLY RF 27 -78.79 39.85 81.35
N TYR RF 28 -79.97 40.34 81.72
CA TYR RF 28 -80.86 39.62 82.63
C TYR RF 28 -80.19 39.45 83.99
N THR RF 29 -79.36 40.41 84.36
CA THR RF 29 -78.63 40.37 85.62
C THR RF 29 -78.84 41.68 86.37
N SER RF 30 -78.42 41.71 87.63
CA SER RF 30 -78.49 42.94 88.41
C SER RF 30 -77.52 42.82 89.57
N GLU RF 31 -77.04 43.96 90.03
CA GLU RF 31 -76.08 44.00 91.12
C GLU RF 31 -76.19 45.33 91.86
N TYR RF 32 -76.27 45.26 93.18
CA TYR RF 32 -76.54 46.41 94.04
C TYR RF 32 -75.34 46.62 94.95
N TYR RF 33 -75.17 47.86 95.43
CA TYR RF 33 -73.94 48.21 96.13
C TYR RF 33 -74.22 49.29 97.17
N LEU RF 34 -73.36 49.34 98.19
CA LEU RF 34 -73.42 50.35 99.24
C LEU RF 34 -72.09 50.38 100.00
N PRO RF 35 -71.41 51.52 100.09
CA PRO RF 35 -70.20 51.60 100.92
C PRO RF 35 -70.48 52.17 102.31
N GLU RF 36 -69.62 51.78 103.24
CA GLU RF 36 -69.68 52.23 104.64
C GLU RF 36 -68.26 52.64 105.04
N THR RF 37 -68.06 52.87 106.35
CA THR RF 37 -66.75 53.31 106.82
C THR RF 37 -65.70 52.22 106.63
N SER RF 38 -65.99 51.00 107.09
CA SER RF 38 -64.99 49.93 107.13
C SER RF 38 -65.33 48.74 106.24
N SER RF 39 -66.48 48.73 105.58
CA SER RF 39 -66.79 47.68 104.63
C SER RF 39 -67.85 48.19 103.67
N SER RF 40 -68.06 47.43 102.60
CA SER RF 40 -69.04 47.74 101.57
C SER RF 40 -69.81 46.48 101.22
N PHE RF 41 -71.10 46.63 100.95
CA PHE RF 41 -71.99 45.51 100.67
C PHE RF 41 -72.32 45.47 99.19
N ARG RF 42 -72.27 44.27 98.62
CA ARG RF 42 -72.55 44.04 97.21
C ARG RF 42 -73.48 42.85 97.09
N ALA RF 43 -74.46 42.97 96.20
CA ALA RF 43 -75.40 41.88 95.93
C ALA RF 43 -75.56 41.74 94.43
N LYS RF 44 -75.81 40.50 93.99
CA LYS RF 44 -75.99 40.21 92.58
C LYS RF 44 -77.15 39.26 92.38
N VAL RF 45 -77.86 39.44 91.27
CA VAL RF 45 -78.88 38.50 90.80
C VAL RF 45 -78.60 38.21 89.33
N ARG RF 46 -78.53 36.93 88.98
CA ARG RF 46 -78.17 36.50 87.64
C ARG RF 46 -79.05 35.35 87.19
N HIS RF 47 -79.43 35.35 85.92
CA HIS RF 47 -80.17 34.27 85.29
C HIS RF 47 -79.40 33.76 84.08
N THR RF 48 -79.54 32.47 83.78
CA THR RF 48 -78.82 31.88 82.66
C THR RF 48 -79.54 30.65 82.14
N LYS RF 49 -79.23 30.30 80.89
CA LYS RF 49 -79.70 29.09 80.22
C LYS RF 49 -78.46 28.29 79.81
N GLU RF 50 -78.39 27.01 80.20
CA GLU RF 50 -77.24 26.20 79.81
C GLU RF 50 -77.28 25.87 78.32
N SER RF 51 -76.14 25.39 77.82
CA SER RF 51 -75.99 25.08 76.40
C SER RF 51 -76.94 23.96 75.99
N VAL RF 52 -77.37 23.99 74.73
CA VAL RF 52 -78.22 22.93 74.19
C VAL RF 52 -77.30 21.90 73.54
N LYS RF 53 -77.10 20.81 74.23
CA LYS RF 53 -76.36 19.66 73.77
C LYS RF 53 -77.33 18.67 73.11
N PRO RF 54 -76.92 17.97 72.03
CA PRO RF 54 -77.83 17.73 70.91
C PRO RF 54 -79.23 17.20 71.23
N ASN RF 55 -79.35 15.97 71.73
CA ASN RF 55 -80.67 15.35 71.87
C ASN RF 55 -80.92 14.88 73.28
N GLN RF 56 -80.57 15.71 74.26
CA GLN RF 56 -80.94 15.53 75.65
C GLN RF 56 -81.69 16.78 76.15
N VAL RF 57 -81.85 16.88 77.45
CA VAL RF 57 -82.77 17.84 78.07
C VAL RF 57 -82.11 19.21 78.18
N GLN RF 58 -82.94 20.26 78.19
CA GLN RF 58 -82.49 21.61 78.50
C GLN RF 58 -82.87 22.02 79.93
N TYR RF 59 -82.09 22.94 80.50
CA TYR RF 59 -82.22 23.33 81.91
C TYR RF 59 -82.16 24.85 82.05
N GLU RF 60 -82.73 25.35 83.14
CA GLU RF 60 -82.61 26.74 83.55
C GLU RF 60 -81.97 26.83 84.94
N ARG RF 61 -81.34 27.98 85.22
CA ARG RF 61 -80.55 28.17 86.43
C ARG RF 61 -80.79 29.57 87.00
N HIS RF 62 -80.87 29.67 88.34
CA HIS RF 62 -80.95 30.95 89.04
C HIS RF 62 -79.94 30.98 90.19
N ASN RF 63 -79.58 32.20 90.60
CA ASN RF 63 -78.64 32.37 91.70
C ASN RF 63 -78.72 33.80 92.25
N VAL RF 64 -78.35 33.94 93.52
CA VAL RF 64 -78.23 35.24 94.18
C VAL RF 64 -76.97 35.21 95.03
N GLU RF 65 -76.18 36.29 94.99
CA GLU RF 65 -74.91 36.37 95.69
C GLU RF 65 -74.91 37.54 96.65
N PHE RF 66 -74.47 37.30 97.88
CA PHE RF 66 -74.12 38.36 98.82
C PHE RF 66 -72.62 38.30 99.07
N THR RF 67 -71.97 39.46 99.00
CA THR RF 67 -70.54 39.58 99.23
C THR RF 67 -70.27 40.76 100.14
N GLU RF 68 -69.30 40.61 101.03
CA GLU RF 68 -68.93 41.64 101.98
C GLU RF 68 -67.41 41.70 102.07
N THR RF 69 -66.85 42.89 101.84
CA THR RF 69 -65.41 43.09 101.82
C THR RF 69 -65.01 44.08 102.92
N VAL RF 70 -63.97 43.73 103.67
CA VAL RF 70 -63.49 44.53 104.79
C VAL RF 70 -62.16 45.15 104.39
N TYR RF 71 -62.06 46.47 104.50
CA TYR RF 71 -60.84 47.16 104.11
C TYR RF 71 -59.67 46.77 105.00
N ALA RF 72 -58.50 46.66 104.37
CA ALA RF 72 -57.28 46.32 105.09
C ALA RF 72 -56.94 47.40 106.10
N SER RF 73 -56.59 46.98 107.31
CA SER RF 73 -56.21 47.90 108.37
C SER RF 73 -55.02 47.31 109.13
N GLY RF 74 -54.11 48.18 109.56
CA GLY RF 74 -52.92 47.69 110.25
C GLY RF 74 -52.15 46.74 109.35
N SER RF 75 -51.74 45.61 109.93
CA SER RF 75 -51.03 44.59 109.17
C SER RF 75 -51.96 43.63 108.43
N THR RF 76 -53.25 43.67 108.72
CA THR RF 76 -54.19 42.74 108.09
C THR RF 76 -54.53 43.14 106.66
N PRO RF 77 -54.36 42.26 105.67
CA PRO RF 77 -54.69 42.62 104.29
C PRO RF 77 -56.19 42.73 104.07
N GLU RF 78 -56.59 42.76 102.80
CA GLU RF 78 -58.00 42.73 102.45
C GLU RF 78 -58.56 41.31 102.60
N PHE RF 79 -59.85 41.23 102.91
CA PHE RF 79 -60.55 39.96 102.84
C PHE RF 79 -62.04 40.24 102.70
N VAL RF 80 -62.77 39.21 102.28
CA VAL RF 80 -64.18 39.34 101.93
C VAL RF 80 -64.96 38.19 102.56
N ARG RF 81 -66.26 38.39 102.70
CA ARG RF 81 -67.20 37.33 103.07
C ARG RF 81 -68.29 37.21 102.02
N GLN RF 82 -68.61 35.98 101.65
CA GLN RF 82 -69.52 35.67 100.56
C GLN RF 82 -70.51 34.60 101.00
N ALA RF 83 -71.67 34.57 100.36
CA ALA RF 83 -72.67 33.55 100.62
C ALA RF 83 -73.70 33.60 99.50
N TYR RF 84 -73.94 32.45 98.85
CA TYR RF 84 -74.84 32.43 97.70
C TYR RF 84 -75.53 31.07 97.60
N VAL RF 85 -76.67 31.09 96.92
CA VAL RF 85 -77.48 29.89 96.66
C VAL RF 85 -77.85 29.86 95.18
N VAL RF 86 -78.15 28.66 94.68
CA VAL RF 86 -78.51 28.47 93.28
C VAL RF 86 -79.79 27.65 93.21
N ILE RF 87 -80.44 27.72 92.03
CA ILE RF 87 -81.53 26.82 91.67
C ILE RF 87 -81.37 26.47 90.20
N ARG RF 88 -81.50 25.18 89.87
CA ARG RF 88 -81.50 24.73 88.48
C ARG RF 88 -82.64 23.74 88.28
N HIS RF 89 -83.41 23.92 87.21
CA HIS RF 89 -84.50 23.01 86.90
C HIS RF 89 -84.77 23.04 85.41
N LYS RF 90 -85.37 21.97 84.92
CA LYS RF 90 -85.65 21.82 83.49
C LYS RF 90 -86.63 22.89 83.02
N VAL RF 91 -86.43 23.34 81.77
CA VAL RF 91 -87.28 24.39 81.22
C VAL RF 91 -88.70 23.86 81.04
N GLY RF 92 -89.67 24.66 81.43
CA GLY RF 92 -91.07 24.29 81.32
C GLY RF 92 -91.63 23.50 82.49
N ASP RF 93 -90.85 23.29 83.54
CA ASP RF 93 -91.32 22.53 84.69
C ASP RF 93 -92.40 23.29 85.45
N VAL RF 94 -93.05 22.60 86.38
CA VAL RF 94 -94.05 23.24 87.24
C VAL RF 94 -93.33 24.12 88.26
N SER RF 95 -93.79 25.39 88.36
CA SER RF 95 -93.09 26.35 89.19
C SER RF 95 -93.26 26.05 90.68
N ALA RF 96 -94.45 25.61 91.09
CA ALA RF 96 -94.73 25.43 92.50
C ALA RF 96 -93.83 24.37 93.13
N THR RF 97 -93.65 23.24 92.44
CA THR RF 97 -92.84 22.16 93.01
C THR RF 97 -91.36 22.56 93.08
N VAL RF 98 -90.85 23.22 92.04
CA VAL RF 98 -89.46 23.67 92.07
C VAL RF 98 -89.27 24.82 93.03
N SER RF 99 -90.35 25.44 93.47
CA SER RF 99 -90.26 26.45 94.53
C SER RF 99 -90.24 25.79 95.90
N ASP RF 100 -91.10 24.79 96.13
CA ASP RF 100 -91.10 24.09 97.40
C ASP RF 100 -89.76 23.42 97.64
N LEU RF 101 -89.19 22.80 96.62
CA LEU RF 101 -87.75 22.58 96.61
C LEU RF 101 -87.06 23.93 96.55
N GLY RF 102 -86.07 24.12 97.40
CA GLY RF 102 -85.52 25.47 97.61
C GLY RF 102 -86.11 26.15 98.82
N GLU RF 103 -87.45 26.20 98.91
CA GLU RF 103 -88.07 26.71 100.13
C GLU RF 103 -87.75 25.79 101.30
N ALA RF 104 -87.73 24.47 101.06
CA ALA RF 104 -87.31 23.54 102.09
C ALA RF 104 -85.88 23.82 102.53
N LEU RF 105 -84.98 24.05 101.58
CA LEU RF 105 -83.59 24.32 101.93
C LEU RF 105 -83.48 25.59 102.76
N SER RF 106 -84.23 26.63 102.38
CA SER RF 106 -84.21 27.87 103.14
C SER RF 106 -84.71 27.63 104.57
N PHE RF 107 -85.76 26.83 104.73
CA PHE RF 107 -86.28 26.53 106.06
C PHE RF 107 -85.26 25.75 106.88
N TYR RF 108 -84.48 24.89 106.23
CA TYR RF 108 -83.56 24.00 106.95
C TYR RF 108 -82.39 24.79 107.56
N LEU RF 109 -81.82 25.72 106.81
CA LEU RF 109 -80.66 26.46 107.30
C LEU RF 109 -81.06 27.41 108.42
N ASN RF 110 -80.23 27.52 109.46
CA ASN RF 110 -80.48 28.44 110.57
C ASN RF 110 -79.18 28.62 111.35
N GLU RF 111 -79.32 29.17 112.57
CA GLU RF 111 -78.14 29.44 113.39
C GLU RF 111 -77.39 28.16 113.74
N ALA RF 112 -78.03 27.26 114.49
CA ALA RF 112 -77.32 26.10 115.00
C ALA RF 112 -76.64 25.34 113.88
N LEU RF 113 -77.33 25.20 112.74
CA LEU RF 113 -76.72 24.49 111.63
C LEU RF 113 -75.59 25.30 110.98
N TYR RF 114 -75.72 26.62 110.92
CA TYR RF 114 -74.62 27.41 110.36
C TYR RF 114 -73.36 27.25 111.21
N GLY RF 115 -73.52 27.31 112.53
CA GLY RF 115 -72.39 27.03 113.41
C GLY RF 115 -71.86 25.62 113.25
N LYS RF 116 -72.76 24.65 113.07
CA LYS RF 116 -72.34 23.27 112.88
C LYS RF 116 -71.47 23.13 111.64
N LEU RF 117 -71.91 23.70 110.52
CA LEU RF 117 -71.10 23.66 109.31
C LEU RF 117 -69.79 24.40 109.48
N ILE RF 118 -69.80 25.51 110.22
CA ILE RF 118 -68.54 26.19 110.54
C ILE RF 118 -67.62 25.26 111.33
N GLY RF 119 -68.22 24.31 112.07
CA GLY RF 119 -67.44 23.38 112.86
C GLY RF 119 -66.78 22.25 112.09
N TRP RF 120 -67.00 22.15 110.78
CA TRP RF 120 -66.43 21.17 109.87
C TRP RF 120 -67.04 19.78 110.01
N GLU RF 121 -67.95 19.54 110.94
CA GLU RF 121 -68.60 18.24 111.02
C GLU RF 121 -69.68 18.14 109.95
N SER RF 122 -69.61 17.06 109.15
CA SER RF 122 -70.57 16.82 108.08
C SER RF 122 -71.47 15.64 108.45
N ALA SF 1 -87.34 55.28 79.85
CA ALA SF 1 -87.87 55.39 81.25
C ALA SF 1 -89.39 55.31 81.26
N LEU SF 2 -89.95 54.38 80.49
CA LEU SF 2 -91.40 54.25 80.43
C LEU SF 2 -91.96 53.80 81.77
N GLY SF 3 -91.27 52.88 82.43
CA GLY SF 3 -91.70 52.34 83.71
C GLY SF 3 -91.38 50.86 83.79
N ASP SF 4 -91.29 50.36 85.02
CA ASP SF 4 -90.95 48.97 85.24
C ASP SF 4 -92.10 48.01 84.91
N THR SF 5 -93.32 48.51 84.80
CA THR SF 5 -94.49 47.68 84.50
C THR SF 5 -95.24 48.22 83.30
N LEU SF 6 -95.69 47.30 82.44
CA LEU SF 6 -96.46 47.60 81.24
C LEU SF 6 -97.80 46.91 81.36
N THR SF 7 -98.87 47.66 81.10
CA THR SF 7 -100.24 47.14 81.23
C THR SF 7 -100.83 46.92 79.84
N ILE SF 8 -101.34 45.72 79.62
CA ILE SF 8 -102.03 45.37 78.37
C ILE SF 8 -103.47 45.01 78.74
N THR SF 9 -104.42 45.70 78.12
CA THR SF 9 -105.84 45.46 78.35
C THR SF 9 -106.40 44.76 77.11
N LEU SF 10 -106.40 43.43 77.15
CA LEU SF 10 -106.89 42.67 76.02
C LEU SF 10 -108.35 43.02 75.75
N GLY SF 11 -108.69 43.14 74.47
CA GLY SF 11 -110.05 43.47 74.10
C GLY SF 11 -110.41 44.94 74.17
N GLY SF 12 -109.44 45.83 74.02
CA GLY SF 12 -109.74 47.24 73.99
C GLY SF 12 -110.16 47.78 75.35
N SER SF 13 -110.80 48.94 75.30
CA SER SF 13 -111.25 49.59 76.52
C SER SF 13 -112.23 48.69 77.28
N GLY SF 14 -112.05 48.60 78.59
CA GLY SF 14 -112.96 47.85 79.43
C GLY SF 14 -112.71 46.36 79.48
N GLY SF 15 -111.59 45.88 78.94
CA GLY SF 15 -111.33 44.47 78.82
C GLY SF 15 -110.63 43.87 80.03
N THR SF 16 -109.82 42.86 79.77
CA THR SF 16 -109.07 42.16 80.82
C THR SF 16 -107.68 42.75 80.93
N ALA SF 17 -107.30 43.13 82.15
CA ALA SF 17 -106.02 43.78 82.37
C ALA SF 17 -104.91 42.76 82.61
N LYS SF 18 -103.75 43.02 82.02
CA LYS SF 18 -102.58 42.16 82.15
C LYS SF 18 -101.38 43.05 82.45
N VAL SF 19 -100.62 42.72 83.48
CA VAL SF 19 -99.48 43.52 83.92
C VAL SF 19 -98.21 42.76 83.59
N LEU SF 20 -97.33 43.39 82.82
CA LEU SF 20 -96.04 42.82 82.49
C LEU SF 20 -94.94 43.47 83.34
N ARG SF 21 -93.86 42.74 83.56
CA ARG SF 21 -92.74 43.19 84.37
C ARG SF 21 -91.52 43.43 83.48
N LYS SF 22 -90.75 44.47 83.80
CA LYS SF 22 -89.54 44.74 83.06
C LYS SF 22 -88.46 43.71 83.40
N ILE SF 23 -87.65 43.35 82.40
CA ILE SF 23 -86.63 42.33 82.53
C ILE SF 23 -85.24 42.90 82.25
N ASN SF 24 -85.02 43.42 81.06
CA ASN SF 24 -83.68 43.81 80.61
C ASN SF 24 -83.82 44.91 79.57
N GLN SF 25 -82.82 45.79 79.53
CA GLN SF 25 -82.77 46.85 78.53
C GLN SF 25 -81.33 47.34 78.41
N ASP SF 26 -80.69 47.06 77.26
CA ASP SF 26 -79.30 47.44 77.05
C ASP SF 26 -79.13 48.41 75.89
N GLY SF 27 -79.59 48.07 74.69
CA GLY SF 27 -79.27 48.87 73.53
C GLY SF 27 -80.32 49.93 73.22
N TYR SF 28 -80.69 50.70 74.23
CA TYR SF 28 -81.79 51.65 74.15
C TYR SF 28 -83.13 50.94 74.01
N THR SF 29 -83.17 49.64 74.24
CA THR SF 29 -84.34 48.81 73.97
C THR SF 29 -84.80 48.17 75.27
N SER SF 30 -86.11 48.16 75.49
CA SER SF 30 -86.67 47.59 76.71
C SER SF 30 -87.53 46.38 76.37
N GLU SF 31 -87.62 45.44 77.32
CA GLU SF 31 -88.36 44.20 77.13
C GLU SF 31 -89.15 43.89 78.39
N TYR SF 32 -90.36 43.38 78.20
CA TYR SF 32 -91.27 43.04 79.29
C TYR SF 32 -91.72 41.60 79.11
N TYR SF 33 -92.02 40.92 80.23
CA TYR SF 33 -92.38 39.50 80.16
C TYR SF 33 -93.33 39.15 81.30
N LEU SF 34 -94.19 38.15 81.04
CA LEU SF 34 -95.15 37.64 82.02
C LEU SF 34 -95.59 36.22 81.68
N PRO SF 35 -95.30 35.23 82.52
CA PRO SF 35 -95.79 33.87 82.24
C PRO SF 35 -97.09 33.54 82.96
N GLU SF 36 -97.80 32.57 82.40
CA GLU SF 36 -99.08 32.10 82.94
C GLU SF 36 -99.20 30.60 82.66
N THR SF 37 -100.36 30.03 82.98
CA THR SF 37 -100.54 28.59 82.85
C THR SF 37 -100.44 28.14 81.40
N SER SF 38 -101.16 28.80 80.49
CA SER SF 38 -101.21 28.35 79.10
C SER SF 38 -100.77 29.41 78.11
N SER SF 39 -100.29 30.56 78.58
CA SER SF 39 -99.78 31.59 77.70
C SER SF 39 -98.82 32.48 78.48
N SER SF 40 -98.04 33.24 77.74
CA SER SF 40 -97.10 34.19 78.31
C SER SF 40 -97.03 35.42 77.44
N PHE SF 41 -96.87 36.59 78.06
CA PHE SF 41 -96.95 37.87 77.37
C PHE SF 41 -95.58 38.54 77.37
N ARG SF 42 -95.20 39.09 76.23
CA ARG SF 42 -93.90 39.73 76.06
C ARG SF 42 -94.12 41.05 75.32
N ALA SF 43 -93.38 42.09 75.70
CA ALA SF 43 -93.46 43.38 75.03
C ALA SF 43 -92.06 43.96 74.87
N LYS SF 44 -91.80 44.58 73.72
CA LYS SF 44 -90.50 45.16 73.43
C LYS SF 44 -90.70 46.55 72.83
N VAL SF 45 -89.80 47.46 73.16
CA VAL SF 45 -89.74 48.79 72.56
C VAL SF 45 -88.32 48.98 72.03
N ARG SF 46 -88.20 49.47 70.79
CA ARG SF 46 -86.90 49.61 70.14
C ARG SF 46 -86.77 50.98 69.51
N HIS SF 47 -85.54 51.47 69.47
CA HIS SF 47 -85.15 52.65 68.70
C HIS SF 47 -83.93 52.30 67.85
N THR SF 48 -83.61 53.17 66.90
CA THR SF 48 -82.45 52.96 66.04
C THR SF 48 -82.25 54.19 65.16
N LYS SF 49 -81.22 54.11 64.32
CA LYS SF 49 -80.85 55.16 63.38
C LYS SF 49 -80.40 54.51 62.08
N GLU SF 50 -81.06 54.85 60.97
CA GLU SF 50 -80.68 54.27 59.70
C GLU SF 50 -79.29 54.73 59.27
N SER SF 51 -78.67 53.95 58.40
CA SER SF 51 -77.39 54.35 57.84
C SER SF 51 -77.52 55.68 57.13
N VAL SF 52 -76.37 56.32 56.89
CA VAL SF 52 -76.32 57.66 56.33
C VAL SF 52 -75.59 57.60 54.99
N LYS SF 53 -76.18 58.24 53.99
CA LYS SF 53 -75.52 58.46 52.72
C LYS SF 53 -74.95 59.87 52.67
N PRO SF 54 -73.99 60.11 51.76
CA PRO SF 54 -73.21 61.36 51.85
C PRO SF 54 -74.06 62.63 51.86
N ASN SF 55 -75.14 62.68 51.07
CA ASN SF 55 -75.92 63.90 50.91
C ASN SF 55 -77.42 63.61 50.97
N GLN SF 56 -77.84 62.86 51.98
CA GLN SF 56 -79.24 62.53 52.19
C GLN SF 56 -79.65 62.90 53.62
N VAL SF 57 -80.95 63.07 53.82
CA VAL SF 57 -81.47 63.48 55.14
C VAL SF 57 -81.23 62.37 56.16
N GLN SF 58 -81.32 62.75 57.44
CA GLN SF 58 -81.18 61.81 58.54
C GLN SF 58 -82.54 61.45 59.10
N TYR SF 59 -82.79 60.14 59.20
CA TYR SF 59 -84.08 59.59 59.61
C TYR SF 59 -83.90 58.77 60.88
N GLU SF 60 -84.92 58.76 61.73
CA GLU SF 60 -84.94 57.90 62.92
C GLU SF 60 -86.19 57.04 62.91
N ARG SF 61 -86.07 55.84 63.49
CA ARG SF 61 -87.12 54.83 63.51
C ARG SF 61 -87.43 54.46 64.95
N HIS SF 62 -88.72 54.24 65.23
CA HIS SF 62 -89.16 53.69 66.51
C HIS SF 62 -90.16 52.57 66.28
N ASN SF 63 -90.16 51.60 67.21
CA ASN SF 63 -90.90 50.37 67.05
C ASN SF 63 -91.50 49.94 68.38
N VAL SF 64 -92.69 49.33 68.32
CA VAL SF 64 -93.36 48.77 69.48
C VAL SF 64 -94.13 47.53 69.04
N GLU SF 65 -94.01 46.45 69.80
CA GLU SF 65 -94.59 45.16 69.43
C GLU SF 65 -95.20 44.48 70.65
N PHE SF 66 -96.30 43.77 70.42
CA PHE SF 66 -96.89 42.85 71.40
C PHE SF 66 -96.92 41.46 70.80
N THR SF 67 -96.63 40.44 71.60
CA THR SF 67 -96.65 39.07 71.11
C THR SF 67 -97.22 38.14 72.18
N GLU SF 68 -97.89 37.09 71.73
CA GLU SF 68 -98.50 36.09 72.60
C GLU SF 68 -98.20 34.70 72.04
N THR SF 69 -97.76 33.80 72.91
CA THR SF 69 -97.44 32.43 72.52
C THR SF 69 -98.27 31.46 73.35
N VAL SF 70 -98.80 30.43 72.70
CA VAL SF 70 -99.62 29.41 73.36
C VAL SF 70 -98.83 28.12 73.33
N TYR SF 71 -98.57 27.55 74.50
CA TYR SF 71 -97.79 26.32 74.57
C TYR SF 71 -98.52 25.17 73.92
N ALA SF 72 -97.74 24.28 73.29
CA ALA SF 72 -98.30 23.14 72.59
C ALA SF 72 -99.08 22.27 73.56
N SER SF 73 -100.28 21.86 73.14
CA SER SF 73 -101.16 21.05 73.97
C SER SF 73 -101.77 19.97 73.08
N GLY SF 74 -101.25 18.75 73.20
CA GLY SF 74 -101.68 17.66 72.36
C GLY SF 74 -101.12 17.74 70.95
N SER SF 75 -101.97 17.49 69.95
CA SER SF 75 -101.50 17.53 68.57
C SER SF 75 -101.07 18.92 68.16
N THR SF 76 -101.78 19.95 68.62
CA THR SF 76 -101.51 21.31 68.19
C THR SF 76 -100.15 21.77 68.69
N PRO SF 77 -99.22 22.15 67.82
CA PRO SF 77 -97.89 22.57 68.29
C PRO SF 77 -97.85 24.03 68.73
N GLU SF 78 -96.63 24.53 68.97
CA GLU SF 78 -96.45 25.93 69.33
C GLU SF 78 -96.99 26.84 68.24
N PHE SF 79 -97.59 27.96 68.65
CA PHE SF 79 -97.93 29.02 67.72
C PHE SF 79 -98.04 30.32 68.50
N VAL SF 80 -97.93 31.43 67.78
CA VAL SF 80 -97.70 32.74 68.39
C VAL SF 80 -98.52 33.79 67.66
N ARG SF 81 -98.93 34.82 68.39
CA ARG SF 81 -99.64 35.97 67.84
C ARG SF 81 -98.86 37.25 68.15
N GLN SF 82 -98.84 38.16 67.18
CA GLN SF 82 -98.04 39.39 67.26
C GLN SF 82 -98.82 40.56 66.72
N ALA SF 83 -98.39 41.76 67.09
CA ALA SF 83 -98.91 43.00 66.54
C ALA SF 83 -97.97 44.13 66.93
N TYR SF 84 -97.49 44.89 65.94
CA TYR SF 84 -96.48 45.89 66.21
C TYR SF 84 -96.69 47.12 65.32
N VAL SF 85 -96.08 48.23 65.74
CA VAL SF 85 -96.16 49.51 65.05
C VAL SF 85 -94.76 50.07 64.89
N VAL SF 86 -94.51 50.75 63.77
CA VAL SF 86 -93.23 51.37 63.46
C VAL SF 86 -93.49 52.81 63.04
N ILE SF 87 -92.52 53.69 63.34
CA ILE SF 87 -92.60 55.10 62.95
C ILE SF 87 -91.27 55.51 62.35
N ARG SF 88 -91.32 56.34 61.31
CA ARG SF 88 -90.13 56.95 60.72
C ARG SF 88 -90.31 58.45 60.62
N HIS SF 89 -89.24 59.20 60.88
CA HIS SF 89 -89.26 60.64 60.74
C HIS SF 89 -87.82 61.14 60.66
N LYS SF 90 -87.66 62.36 60.16
CA LYS SF 90 -86.33 62.93 60.00
C LYS SF 90 -85.87 63.57 61.30
N VAL SF 91 -84.55 63.67 61.45
CA VAL SF 91 -83.95 64.25 62.66
C VAL SF 91 -84.26 65.74 62.68
N GLY SF 92 -84.55 66.25 63.87
CA GLY SF 92 -84.83 67.66 64.03
C GLY SF 92 -86.22 68.09 63.63
N ASP SF 93 -87.11 67.16 63.33
CA ASP SF 93 -88.47 67.51 62.96
C ASP SF 93 -89.19 68.12 64.16
N VAL SF 94 -90.47 68.44 63.97
CA VAL SF 94 -91.30 68.98 65.04
C VAL SF 94 -92.05 67.82 65.69
N SER SF 95 -91.92 67.69 67.00
CA SER SF 95 -92.43 66.51 67.69
C SER SF 95 -93.94 66.38 67.55
N ALA SF 96 -94.67 67.48 67.77
CA ALA SF 96 -96.12 67.41 67.78
C ALA SF 96 -96.66 67.01 66.41
N THR SF 97 -96.10 67.57 65.34
CA THR SF 97 -96.55 67.22 64.00
C THR SF 97 -96.36 65.74 63.72
N VAL SF 98 -95.21 65.20 64.11
CA VAL SF 98 -94.97 63.76 63.94
C VAL SF 98 -95.99 62.97 64.74
N SER SF 99 -96.27 63.39 65.98
CA SER SF 99 -97.19 62.64 66.82
C SER SF 99 -98.61 62.66 66.27
N ASP SF 100 -98.99 63.72 65.56
CA ASP SF 100 -100.35 63.83 65.06
C ASP SF 100 -100.67 62.72 64.07
N LEU SF 101 -99.74 62.40 63.18
CA LEU SF 101 -99.99 61.34 62.20
C LEU SF 101 -100.21 60.00 62.87
N GLY SF 102 -99.35 59.66 63.84
CA GLY SF 102 -99.51 58.40 64.55
C GLY SF 102 -100.78 58.35 65.36
N GLU SF 103 -101.16 59.47 65.97
CA GLU SF 103 -102.40 59.51 66.73
C GLU SF 103 -103.60 59.33 65.80
N ALA SF 104 -103.55 59.92 64.60
CA ALA SF 104 -104.60 59.69 63.62
C ALA SF 104 -104.67 58.21 63.23
N LEU SF 105 -103.51 57.59 63.02
CA LEU SF 105 -103.50 56.16 62.72
C LEU SF 105 -104.15 55.38 63.84
N SER SF 106 -103.82 55.71 65.09
CA SER SF 106 -104.43 55.02 66.22
C SER SF 106 -105.94 55.20 66.23
N PHE SF 107 -106.41 56.42 65.94
CA PHE SF 107 -107.86 56.65 65.90
C PHE SF 107 -108.53 55.84 64.80
N TYR SF 108 -107.93 55.77 63.62
CA TYR SF 108 -108.53 55.00 62.53
C TYR SF 108 -108.71 53.55 62.92
N LEU SF 109 -107.65 52.94 63.46
CA LEU SF 109 -107.70 51.51 63.76
C LEU SF 109 -108.75 51.25 64.82
N ASN SF 110 -109.63 50.29 64.55
CA ASN SF 110 -110.80 50.06 65.39
C ASN SF 110 -111.19 48.59 65.28
N GLU SF 111 -112.31 48.24 65.92
CA GLU SF 111 -112.82 46.87 65.88
C GLU SF 111 -113.16 46.47 64.45
N ALA SF 112 -113.95 47.30 63.77
CA ALA SF 112 -114.54 46.90 62.49
C ALA SF 112 -113.47 46.62 61.45
N LEU SF 113 -112.49 47.51 61.33
CA LEU SF 113 -111.50 47.30 60.29
C LEU SF 113 -110.47 46.25 60.66
N TYR SF 114 -110.30 45.94 61.95
CA TYR SF 114 -109.66 44.68 62.32
C TYR SF 114 -110.42 43.50 61.74
N GLY SF 115 -111.75 43.49 61.90
CA GLY SF 115 -112.52 42.42 61.28
C GLY SF 115 -112.30 42.36 59.78
N LYS SF 116 -112.32 43.51 59.11
CA LYS SF 116 -112.10 43.52 57.67
C LYS SF 116 -110.71 43.02 57.32
N LEU SF 117 -109.68 43.49 58.03
CA LEU SF 117 -108.31 43.14 57.68
C LEU SF 117 -108.12 41.64 57.80
N ILE SF 118 -108.65 41.04 58.86
CA ILE SF 118 -108.62 39.59 58.98
C ILE SF 118 -109.46 38.94 57.89
N GLY SF 119 -110.47 39.65 57.39
CA GLY SF 119 -111.29 39.11 56.30
C GLY SF 119 -110.58 39.02 54.96
N TRP SF 120 -109.40 39.61 54.83
CA TRP SF 120 -108.56 39.65 53.64
C TRP SF 120 -109.06 40.62 52.58
N GLU SF 121 -110.12 41.38 52.82
CA GLU SF 121 -110.60 42.31 51.80
C GLU SF 121 -109.82 43.62 51.87
N SER SF 122 -109.29 44.04 50.71
CA SER SF 122 -108.52 45.26 50.60
C SER SF 122 -109.30 46.32 49.83
N ALA TF 1 118.84 -47.80 38.55
CA ALA TF 1 119.72 -48.00 39.73
C ALA TF 1 119.69 -46.77 40.65
N LEU TF 2 120.81 -46.05 40.76
CA LEU TF 2 120.97 -44.92 41.66
C LEU TF 2 120.80 -45.32 43.12
N GLY TF 3 120.81 -46.61 43.44
CA GLY TF 3 120.66 -47.07 44.79
C GLY TF 3 119.24 -46.93 45.32
N ASP TF 4 118.97 -47.53 46.49
CA ASP TF 4 117.69 -47.33 47.15
C ASP TF 4 117.65 -46.03 47.94
N THR TF 5 118.79 -45.37 48.10
CA THR TF 5 118.87 -44.10 48.81
C THR TF 5 119.56 -43.04 47.95
N LEU TF 6 119.11 -41.80 48.11
CA LEU TF 6 119.65 -40.64 47.41
C LEU TF 6 120.14 -39.66 48.46
N THR TF 7 121.36 -39.18 48.31
CA THR TF 7 121.99 -38.30 49.28
C THR TF 7 122.01 -36.88 48.76
N ILE TF 8 121.53 -35.94 49.57
CA ILE TF 8 121.59 -34.52 49.28
C ILE TF 8 122.41 -33.86 50.37
N THR TF 9 123.43 -33.10 49.99
CA THR TF 9 124.32 -32.42 50.91
C THR TF 9 124.07 -30.92 50.81
N LEU TF 10 123.20 -30.40 51.66
CA LEU TF 10 122.93 -28.98 51.66
C LEU TF 10 124.21 -28.20 51.90
N GLY TF 11 124.36 -27.09 51.19
CA GLY TF 11 125.56 -26.28 51.33
C GLY TF 11 126.76 -26.80 50.57
N GLY TF 12 126.54 -27.60 49.53
CA GLY TF 12 127.66 -28.12 48.79
C GLY TF 12 128.46 -29.12 49.62
N SER TF 13 129.72 -29.28 49.23
CA SER TF 13 130.60 -30.20 49.93
C SER TF 13 130.83 -29.73 51.37
N GLY TF 14 130.92 -30.69 52.29
CA GLY TF 14 131.24 -30.41 53.68
C GLY TF 14 130.09 -29.92 54.52
N GLY TF 15 128.85 -30.06 54.04
CA GLY TF 15 127.68 -29.56 54.72
C GLY TF 15 126.93 -30.63 55.50
N THR TF 16 125.62 -30.48 55.58
CA THR TF 16 124.75 -31.44 56.23
C THR TF 16 124.16 -32.39 55.19
N ALA TF 17 124.19 -33.69 55.48
CA ALA TF 17 123.73 -34.70 54.56
C ALA TF 17 122.33 -35.17 54.91
N LYS TF 18 121.47 -35.24 53.90
CA LYS TF 18 120.13 -35.80 54.02
C LYS TF 18 120.05 -37.05 53.16
N VAL TF 19 119.44 -38.10 53.71
CA VAL TF 19 119.34 -39.39 53.03
C VAL TF 19 117.89 -39.60 52.63
N LEU TF 20 117.61 -39.51 51.33
CA LEU TF 20 116.27 -39.72 50.81
C LEU TF 20 116.06 -41.19 50.47
N ARG TF 21 114.81 -41.64 50.57
CA ARG TF 21 114.42 -43.03 50.30
C ARG TF 21 113.48 -43.10 49.11
N LYS TF 22 113.63 -44.15 48.30
CA LYS TF 22 112.73 -44.36 47.17
C LYS TF 22 111.31 -44.64 47.64
N ILE TF 23 110.33 -44.10 46.91
CA ILE TF 23 108.93 -44.23 47.27
C ILE TF 23 108.14 -44.90 46.17
N ASN TF 24 108.55 -44.70 44.91
CA ASN TF 24 107.67 -45.03 43.80
C ASN TF 24 108.48 -45.17 42.52
N GLN TF 25 107.83 -45.70 41.48
CA GLN TF 25 108.40 -45.77 40.14
C GLN TF 25 107.26 -45.98 39.15
N ASP TF 26 106.94 -44.93 38.39
CA ASP TF 26 105.88 -45.02 37.39
C ASP TF 26 106.27 -44.24 36.15
N GLY TF 27 106.10 -44.84 34.99
CA GLY TF 27 106.34 -44.14 33.74
C GLY TF 27 107.76 -43.65 33.55
N TYR TF 28 108.73 -44.52 33.76
CA TYR TF 28 110.14 -44.16 33.56
C TYR TF 28 110.53 -43.03 34.50
N THR TF 29 110.14 -43.15 35.77
CA THR TF 29 110.20 -42.09 36.76
C THR TF 29 110.66 -42.66 38.09
N SER TF 30 111.22 -41.80 38.93
CA SER TF 30 111.56 -42.17 40.31
C SER TF 30 111.32 -40.97 41.22
N GLU TF 31 110.94 -41.26 42.46
CA GLU TF 31 110.67 -40.24 43.46
C GLU TF 31 111.31 -40.65 44.78
N TYR TF 32 111.86 -39.67 45.49
CA TYR TF 32 112.54 -39.87 46.76
C TYR TF 32 111.98 -38.86 47.76
N TYR TF 33 111.84 -39.25 49.02
CA TYR TF 33 111.14 -38.42 50.00
C TYR TF 33 111.73 -38.60 51.39
N LEU TF 34 111.53 -37.58 52.25
CA LEU TF 34 111.99 -37.61 53.64
C LEU TF 34 111.17 -36.68 54.52
N PRO TF 35 110.49 -37.19 55.55
CA PRO TF 35 109.78 -36.30 56.48
C PRO TF 35 110.71 -35.57 57.43
N GLU TF 36 110.19 -34.46 57.97
CA GLU TF 36 110.85 -33.69 59.03
C GLU TF 36 109.78 -33.07 59.90
N THR TF 37 110.22 -32.52 61.04
CA THR TF 37 109.27 -31.89 61.95
C THR TF 37 108.65 -30.64 61.33
N SER TF 38 109.44 -29.84 60.60
CA SER TF 38 108.96 -28.58 60.04
C SER TF 38 109.15 -28.49 58.54
N SER TF 39 109.55 -29.56 57.87
CA SER TF 39 109.73 -29.54 56.43
C SER TF 39 109.80 -30.98 55.93
N SER TF 40 110.21 -31.14 54.68
CA SER TF 40 110.43 -32.44 54.08
C SER TF 40 111.18 -32.23 52.78
N PHE TF 41 111.87 -33.27 52.33
CA PHE TF 41 112.68 -33.19 51.11
C PHE TF 41 112.19 -34.23 50.13
N ARG TF 42 112.06 -33.83 48.87
CA ARG TF 42 111.63 -34.71 47.80
C ARG TF 42 112.59 -34.56 46.63
N ALA TF 43 112.94 -35.67 46.00
CA ALA TF 43 113.79 -35.65 44.81
C ALA TF 43 113.21 -36.58 43.77
N LYS TF 44 112.98 -36.06 42.57
CA LYS TF 44 112.29 -36.81 41.52
C LYS TF 44 113.10 -36.75 40.23
N VAL TF 45 112.95 -37.78 39.40
CA VAL TF 45 113.67 -37.92 38.14
C VAL TF 45 112.66 -38.16 37.03
N ARG TF 46 112.88 -37.55 35.86
CA ARG TF 46 112.04 -37.77 34.70
C ARG TF 46 112.90 -38.16 33.49
N HIS TF 47 112.30 -38.92 32.58
CA HIS TF 47 112.84 -39.11 31.24
C HIS TF 47 111.68 -39.04 30.25
N THR TF 48 111.90 -38.45 29.09
CA THR TF 48 110.83 -38.26 28.12
C THR TF 48 111.37 -38.29 26.71
N LYS TF 49 110.50 -38.69 25.78
CA LYS TF 49 110.77 -38.67 24.34
C LYS TF 49 109.76 -37.75 23.67
N GLU TF 50 110.21 -37.03 22.64
CA GLU TF 50 109.32 -36.21 21.84
C GLU TF 50 108.65 -37.07 20.76
N SER TF 51 107.49 -36.61 20.31
CA SER TF 51 106.72 -37.36 19.32
C SER TF 51 107.48 -37.42 18.00
N VAL TF 52 107.20 -38.45 17.21
CA VAL TF 52 107.87 -38.62 15.94
C VAL TF 52 107.20 -37.73 14.90
N LYS TF 53 108.00 -36.91 14.22
CA LYS TF 53 107.51 -36.05 13.13
C LYS TF 53 107.98 -36.62 11.80
N PRO TF 54 107.40 -36.20 10.67
CA PRO TF 54 107.76 -36.81 9.39
C PRO TF 54 109.26 -36.80 9.08
N ASN TF 55 109.91 -35.63 9.08
CA ASN TF 55 111.35 -35.58 8.75
C ASN TF 55 112.08 -34.54 9.59
N GLN TF 56 112.61 -34.96 10.75
CA GLN TF 56 113.62 -34.19 11.46
C GLN TF 56 114.04 -34.98 12.70
N VAL TF 57 115.12 -34.50 13.34
CA VAL TF 57 115.81 -35.29 14.35
C VAL TF 57 114.92 -35.55 15.55
N GLN TF 58 115.15 -36.69 16.20
CA GLN TF 58 114.40 -37.09 17.38
C GLN TF 58 115.30 -36.94 18.61
N TYR TF 59 114.71 -36.41 19.69
CA TYR TF 59 115.45 -35.95 20.86
C TYR TF 59 115.00 -36.70 22.10
N GLU TF 60 115.77 -36.54 23.18
CA GLU TF 60 115.35 -36.95 24.50
C GLU TF 60 115.71 -35.87 25.52
N ARG TF 61 114.92 -35.82 26.60
CA ARG TF 61 115.17 -34.92 27.71
C ARG TF 61 115.32 -35.73 28.99
N HIS TF 62 116.36 -35.43 29.77
CA HIS TF 62 116.53 -36.00 31.10
C HIS TF 62 116.55 -34.88 32.12
N ASN TF 63 115.69 -35.00 33.14
CA ASN TF 63 115.45 -33.93 34.10
C ASN TF 63 115.64 -34.45 35.51
N VAL TF 64 116.23 -33.61 36.37
CA VAL TF 64 116.46 -33.91 37.78
C VAL TF 64 116.11 -32.69 38.59
N GLU TF 65 115.31 -32.87 39.65
CA GLU TF 65 114.83 -31.74 40.43
C GLU TF 65 114.96 -32.04 41.93
N PHE TF 66 115.29 -31.01 42.69
CA PHE TF 66 115.27 -31.02 44.14
C PHE TF 66 114.16 -30.08 44.62
N THR TF 67 113.38 -30.52 45.61
CA THR TF 67 112.28 -29.72 46.14
C THR TF 67 112.34 -29.73 47.66
N GLU TF 68 112.17 -28.54 48.25
CA GLU TF 68 112.12 -28.37 49.70
C GLU TF 68 110.87 -27.54 50.03
N THR TF 69 110.07 -28.02 50.97
CA THR TF 69 108.84 -27.36 51.34
C THR TF 69 108.84 -27.05 52.83
N VAL TF 70 108.44 -25.83 53.19
CA VAL TF 70 108.38 -25.38 54.57
C VAL TF 70 106.93 -25.32 54.98
N TYR TF 71 106.58 -26.04 56.04
CA TYR TF 71 105.20 -26.08 56.48
C TYR TF 71 104.77 -24.73 57.06
N ALA TF 72 103.54 -24.34 56.75
CA ALA TF 72 103.04 -23.05 57.21
C ALA TF 72 103.00 -23.00 58.72
N SER TF 73 103.42 -21.87 59.28
CA SER TF 73 103.45 -21.69 60.72
C SER TF 73 103.07 -20.25 61.02
N GLY TF 74 102.14 -20.05 61.96
CA GLY TF 74 101.69 -18.72 62.28
C GLY TF 74 101.08 -18.05 61.05
N SER TF 75 101.45 -16.78 60.85
CA SER TF 75 100.91 -16.03 59.72
C SER TF 75 101.55 -16.46 58.40
N THR TF 76 102.81 -16.87 58.42
CA THR TF 76 103.52 -17.21 57.18
C THR TF 76 102.88 -18.41 56.52
N PRO TF 77 102.45 -18.32 55.25
CA PRO TF 77 101.80 -19.46 54.60
C PRO TF 77 102.79 -20.46 54.03
N GLU TF 78 102.28 -21.46 53.32
CA GLU TF 78 103.13 -22.45 52.68
C GLU TF 78 103.99 -21.82 51.59
N PHE TF 79 105.23 -22.29 51.50
CA PHE TF 79 106.13 -21.90 50.42
C PHE TF 79 107.19 -22.98 50.28
N VAL TF 80 107.84 -22.99 49.11
CA VAL TF 80 108.73 -24.08 48.73
C VAL TF 80 110.03 -23.52 48.18
N ARG TF 81 111.06 -24.37 48.14
CA ARG TF 81 112.28 -24.10 47.40
C ARG TF 81 112.61 -25.29 46.51
N GLN TF 82 113.14 -24.99 45.32
CA GLN TF 82 113.33 -26.01 44.30
C GLN TF 82 114.54 -25.65 43.43
N ALA TF 83 115.00 -26.64 42.68
CA ALA TF 83 116.01 -26.44 41.64
C ALA TF 83 116.16 -27.70 40.79
N TYR TF 84 116.26 -27.56 39.47
CA TYR TF 84 116.30 -28.74 38.61
C TYR TF 84 117.14 -28.46 37.37
N VAL TF 85 117.52 -29.54 36.69
CA VAL TF 85 118.38 -29.48 35.50
C VAL TF 85 117.75 -30.34 34.40
N VAL TF 86 118.00 -29.98 33.15
CA VAL TF 86 117.51 -30.72 31.98
C VAL TF 86 118.67 -30.89 31.01
N ILE TF 87 118.67 -32.02 30.29
CA ILE TF 87 119.68 -32.34 29.28
C ILE TF 87 118.97 -32.79 28.02
N ARG TF 88 119.40 -32.27 26.86
CA ARG TF 88 118.79 -32.61 25.58
C ARG TF 88 119.86 -33.04 24.59
N HIS TF 89 119.59 -34.13 23.88
CA HIS TF 89 120.49 -34.66 22.85
C HIS TF 89 119.70 -35.62 21.97
N LYS TF 90 120.26 -35.92 20.80
CA LYS TF 90 119.56 -36.77 19.84
C LYS TF 90 119.76 -38.24 20.20
N VAL TF 91 118.98 -39.10 19.53
CA VAL TF 91 118.86 -40.49 19.96
C VAL TF 91 120.19 -41.21 19.81
N GLY TF 92 120.86 -41.03 18.69
CA GLY TF 92 122.07 -41.79 18.41
C GLY TF 92 123.35 -41.04 18.69
N ASP TF 93 123.28 -39.96 19.47
CA ASP TF 93 124.46 -39.15 19.72
C ASP TF 93 125.48 -39.94 20.54
N VAL TF 94 126.71 -39.43 20.56
CA VAL TF 94 127.77 -40.01 21.37
C VAL TF 94 127.55 -39.58 22.82
N SER TF 95 127.54 -40.55 23.73
CA SER TF 95 127.24 -40.25 25.12
C SER TF 95 128.29 -39.33 25.74
N ALA TF 96 129.56 -39.53 25.40
CA ALA TF 96 130.63 -38.87 26.13
C ALA TF 96 130.56 -37.35 26.00
N THR TF 97 130.32 -36.83 24.79
CA THR TF 97 130.25 -35.38 24.63
C THR TF 97 129.01 -34.81 25.31
N VAL TF 98 127.88 -35.51 25.21
CA VAL TF 98 126.68 -35.03 25.89
C VAL TF 98 126.93 -34.93 27.39
N SER TF 99 127.70 -35.88 27.92
CA SER TF 99 128.09 -35.79 29.32
C SER TF 99 129.06 -34.64 29.56
N ASP TF 100 130.01 -34.41 28.65
CA ASP TF 100 131.02 -33.39 28.86
C ASP TF 100 130.40 -32.00 28.90
N LEU TF 101 129.39 -31.76 28.07
CA LEU TF 101 128.70 -30.47 28.12
C LEU TF 101 128.09 -30.24 29.50
N GLY TF 102 127.40 -31.25 30.03
CA GLY TF 102 126.82 -31.11 31.35
C GLY TF 102 127.86 -30.97 32.44
N GLU TF 103 128.98 -31.66 32.30
CA GLU TF 103 130.08 -31.52 33.25
C GLU TF 103 130.64 -30.10 33.24
N ALA TF 104 130.78 -29.50 32.05
CA ALA TF 104 131.15 -28.09 31.98
C ALA TF 104 130.13 -27.23 32.71
N LEU TF 105 128.84 -27.46 32.46
CA LEU TF 105 127.81 -26.67 33.13
C LEU TF 105 127.91 -26.80 34.64
N SER TF 106 128.07 -28.02 35.14
CA SER TF 106 128.13 -28.25 36.57
C SER TF 106 129.36 -27.61 37.18
N PHE TF 107 130.50 -27.72 36.49
CA PHE TF 107 131.75 -27.15 37.00
C PHE TF 107 131.68 -25.62 37.05
N TYR TF 108 131.00 -25.01 36.08
CA TYR TF 108 130.87 -23.56 36.08
C TYR TF 108 130.05 -23.05 37.27
N LEU TF 109 128.98 -23.74 37.64
CA LEU TF 109 128.16 -23.29 38.76
C LEU TF 109 128.93 -23.43 40.07
N ASN TF 110 128.81 -22.42 40.93
CA ASN TF 110 129.46 -22.40 42.24
C ASN TF 110 128.81 -21.30 43.05
N GLU TF 111 129.22 -21.18 44.31
CA GLU TF 111 128.49 -20.33 45.25
C GLU TF 111 128.45 -18.88 44.77
N ALA TF 112 129.59 -18.36 44.29
CA ALA TF 112 129.64 -16.97 43.87
C ALA TF 112 128.65 -16.70 42.73
N LEU TF 113 128.59 -17.61 41.76
CA LEU TF 113 127.64 -17.42 40.67
C LEU TF 113 126.21 -17.36 41.18
N TYR TF 114 125.85 -18.26 42.09
CA TYR TF 114 124.49 -18.22 42.66
C TYR TF 114 124.25 -16.91 43.40
N GLY TF 115 125.25 -16.41 44.11
CA GLY TF 115 125.09 -15.11 44.75
C GLY TF 115 124.77 -14.02 43.74
N LYS TF 116 125.52 -14.00 42.63
CA LYS TF 116 125.25 -13.01 41.59
C LYS TF 116 123.85 -13.19 41.01
N LEU TF 117 123.44 -14.44 40.74
CA LEU TF 117 122.10 -14.66 40.20
C LEU TF 117 121.02 -14.14 41.15
N ILE TF 118 121.15 -14.44 42.44
CA ILE TF 118 120.18 -13.92 43.40
C ILE TF 118 120.23 -12.40 43.42
N GLY TF 119 121.40 -11.83 43.14
CA GLY TF 119 121.50 -10.39 42.99
C GLY TF 119 120.90 -9.84 41.70
N TRP TF 120 120.30 -10.69 40.86
CA TRP TF 120 119.70 -10.22 39.61
C TRP TF 120 120.79 -9.73 38.66
N GLU TF 121 122.05 -9.91 39.05
CA GLU TF 121 123.15 -9.59 38.17
C GLU TF 121 123.13 -10.47 36.94
N SER TF 122 123.41 -9.87 35.78
CA SER TF 122 123.43 -10.58 34.52
C SER TF 122 124.29 -9.85 33.51
N ALA UF 1 109.98 -59.78 39.64
CA ALA UF 1 111.00 -60.28 40.60
C ALA UF 1 112.05 -61.11 39.87
N LEU UF 2 112.11 -60.92 38.55
CA LEU UF 2 113.07 -61.63 37.71
C LEU UF 2 114.50 -61.18 37.93
N GLY UF 3 114.71 -60.07 38.62
CA GLY UF 3 116.02 -59.48 38.77
C GLY UF 3 116.13 -58.16 38.02
N ASP UF 4 116.92 -57.25 38.59
CA ASP UF 4 117.06 -55.92 38.01
C ASP UF 4 117.97 -55.88 36.78
N THR UF 5 118.68 -56.97 36.46
CA THR UF 5 119.42 -57.09 35.22
C THR UF 5 118.94 -58.30 34.42
N LEU UF 6 118.93 -58.14 33.11
CA LEU UF 6 118.57 -59.21 32.17
C LEU UF 6 119.72 -59.40 31.20
N THR UF 7 120.13 -60.65 31.02
CA THR UF 7 121.26 -60.98 30.18
C THR UF 7 120.78 -61.66 28.90
N ILE UF 8 121.23 -61.14 27.76
CA ILE UF 8 120.93 -61.70 26.45
C ILE UF 8 122.25 -62.08 25.79
N THR UF 9 122.34 -63.32 25.32
CA THR UF 9 123.56 -63.86 24.72
C THR UF 9 123.32 -64.04 23.23
N LEU UF 10 123.78 -63.06 22.44
CA LEU UF 10 123.58 -63.12 21.01
C LEU UF 10 124.33 -64.32 20.43
N GLY UF 11 123.76 -64.91 19.38
CA GLY UF 11 124.36 -66.06 18.75
C GLY UF 11 124.15 -67.37 19.47
N GLY UF 12 123.25 -67.43 20.45
CA GLY UF 12 122.99 -68.67 21.14
C GLY UF 12 123.81 -68.80 22.41
N SER UF 13 124.30 -70.00 22.68
CA SER UF 13 125.14 -70.24 23.84
C SER UF 13 126.62 -70.00 23.56
N GLY UF 14 126.97 -69.51 22.37
CA GLY UF 14 128.35 -69.23 22.05
C GLY UF 14 128.99 -68.17 22.91
N GLY UF 15 128.53 -66.93 22.78
CA GLY UF 15 129.08 -65.83 23.53
C GLY UF 15 128.35 -64.52 23.26
N THR UF 16 129.07 -63.39 23.30
CA THR UF 16 128.51 -62.09 23.00
C THR UF 16 127.35 -61.76 23.94
N ALA UF 17 127.66 -61.68 25.23
CA ALA UF 17 126.68 -61.40 26.25
C ALA UF 17 126.51 -59.89 26.45
N LYS UF 18 125.26 -59.47 26.61
CA LYS UF 18 124.92 -58.08 26.90
C LYS UF 18 124.16 -58.03 28.21
N VAL UF 19 124.33 -56.94 28.95
CA VAL UF 19 123.72 -56.76 30.26
C VAL UF 19 122.79 -55.56 30.20
N LEU UF 20 121.48 -55.83 30.24
CA LEU UF 20 120.49 -54.77 30.26
C LEU UF 20 120.15 -54.39 31.70
N ARG UF 21 119.49 -53.24 31.85
CA ARG UF 21 119.17 -52.67 33.15
C ARG UF 21 117.69 -52.33 33.24
N LYS UF 22 117.09 -52.58 34.41
CA LYS UF 22 115.68 -52.27 34.59
C LYS UF 22 115.45 -50.76 34.57
N ILE UF 23 114.39 -50.34 33.90
CA ILE UF 23 114.11 -48.91 33.69
C ILE UF 23 112.79 -48.53 34.35
N ASN UF 24 111.85 -49.46 34.38
CA ASN UF 24 110.49 -49.14 34.79
C ASN UF 24 109.71 -50.43 34.96
N GLN UF 25 108.55 -50.34 35.62
CA GLN UF 25 107.63 -51.47 35.70
C GLN UF 25 106.28 -50.96 36.18
N ASP UF 26 105.23 -51.26 35.43
CA ASP UF 26 103.90 -50.78 35.75
C ASP UF 26 102.86 -51.75 35.24
N GLY UF 27 101.89 -52.08 36.08
CA GLY UF 27 100.80 -52.94 35.69
C GLY UF 27 101.27 -54.31 35.25
N TYR UF 28 102.15 -54.91 36.05
CA TYR UF 28 102.66 -56.25 35.81
C TYR UF 28 103.49 -56.28 34.51
N THR UF 29 104.32 -55.25 34.35
CA THR UF 29 105.18 -55.09 33.19
C THR UF 29 106.60 -54.77 33.67
N SER UF 30 107.55 -54.76 32.75
CA SER UF 30 108.94 -54.44 33.09
C SER UF 30 109.67 -53.97 31.84
N GLU UF 31 110.71 -53.15 32.05
CA GLU UF 31 111.57 -52.67 30.96
C GLU UF 31 113.03 -52.85 31.34
N TYR UF 32 113.82 -53.32 30.38
CA TYR UF 32 115.28 -53.40 30.46
C TYR UF 32 115.87 -52.72 29.23
N TYR UF 33 116.92 -51.92 29.43
CA TYR UF 33 117.49 -51.14 28.33
C TYR UF 33 119.00 -51.10 28.44
N LEU UF 34 119.65 -50.88 27.28
CA LEU UF 34 121.10 -50.72 27.23
C LEU UF 34 121.53 -50.00 25.95
N PRO UF 35 122.06 -48.78 26.02
CA PRO UF 35 122.54 -48.12 24.80
C PRO UF 35 123.97 -48.52 24.46
N GLU UF 36 124.28 -48.44 23.17
CA GLU UF 36 125.58 -48.83 22.63
C GLU UF 36 126.07 -47.70 21.72
N THR UF 37 127.22 -47.92 21.09
CA THR UF 37 127.76 -46.90 20.20
C THR UF 37 127.00 -46.84 18.88
N SER UF 38 126.53 -47.99 18.37
CA SER UF 38 125.82 -48.02 17.10
C SER UF 38 124.54 -48.84 17.16
N SER UF 39 124.04 -49.17 18.34
CA SER UF 39 122.77 -49.87 18.47
C SER UF 39 122.29 -49.77 19.91
N SER UF 40 121.23 -50.49 20.21
CA SER UF 40 120.66 -50.50 21.55
C SER UF 40 119.85 -51.77 21.72
N PHE UF 41 119.59 -52.12 22.98
CA PHE UF 41 118.82 -53.30 23.32
C PHE UF 41 117.72 -52.95 24.30
N ARG UF 42 116.56 -53.56 24.10
CA ARG UF 42 115.37 -53.32 24.92
C ARG UF 42 114.71 -54.67 25.19
N ALA UF 43 114.19 -54.86 26.39
CA ALA UF 43 113.53 -56.11 26.76
C ALA UF 43 112.25 -55.81 27.53
N LYS UF 44 111.20 -56.56 27.18
CA LYS UF 44 109.84 -56.32 27.65
C LYS UF 44 109.27 -57.61 28.22
N VAL UF 45 108.41 -57.49 29.22
CA VAL UF 45 107.65 -58.62 29.74
C VAL UF 45 106.24 -58.17 30.12
N ARG UF 46 105.22 -58.94 29.72
CA ARG UF 46 103.84 -58.66 30.09
C ARG UF 46 103.09 -59.89 30.56
N HIS UF 47 102.09 -59.65 31.42
CA HIS UF 47 101.02 -60.59 31.76
C HIS UF 47 99.67 -59.91 31.55
N THR UF 48 98.70 -60.63 31.00
CA THR UF 48 97.37 -60.08 30.78
C THR UF 48 96.31 -61.15 31.04
N LYS UF 49 95.09 -60.67 31.29
CA LYS UF 49 93.91 -61.52 31.41
C LYS UF 49 92.97 -61.16 30.26
N GLU UF 50 92.59 -62.16 29.47
CA GLU UF 50 91.73 -61.90 28.32
C GLU UF 50 90.35 -61.44 28.77
N SER UF 51 89.69 -60.68 27.89
CA SER UF 51 88.39 -60.12 28.21
C SER UF 51 87.40 -61.22 28.55
N VAL UF 52 86.65 -61.01 29.63
CA VAL UF 52 85.68 -61.99 30.09
C VAL UF 52 84.41 -61.85 29.26
N LYS UF 53 83.98 -62.95 28.65
CA LYS UF 53 82.81 -62.99 27.79
C LYS UF 53 81.91 -64.15 28.18
N PRO UF 54 80.60 -64.01 27.97
CA PRO UF 54 79.63 -64.67 28.86
C PRO UF 54 79.80 -66.17 28.93
N ASN UF 55 79.59 -66.69 30.14
CA ASN UF 55 79.45 -68.13 30.43
C ASN UF 55 80.36 -68.99 29.56
N GLN UF 56 81.62 -68.59 29.41
CA GLN UF 56 82.58 -69.33 28.61
C GLN UF 56 83.96 -69.15 29.23
N VAL UF 57 84.88 -70.04 28.85
CA VAL UF 57 86.14 -70.17 29.57
C VAL UF 57 86.96 -68.88 29.51
N GLN UF 58 87.80 -68.67 30.53
CA GLN UF 58 88.75 -67.58 30.58
C GLN UF 58 90.16 -68.10 30.35
N TYR UF 59 91.08 -67.18 30.05
CA TYR UF 59 92.44 -67.53 29.68
C TYR UF 59 93.42 -66.49 30.18
N GLU UF 60 94.70 -66.87 30.25
CA GLU UF 60 95.79 -65.95 30.54
C GLU UF 60 96.82 -66.00 29.40
N ARG UF 61 97.59 -64.92 29.29
CA ARG UF 61 98.56 -64.76 28.22
C ARG UF 61 99.84 -64.18 28.81
N HIS UF 62 100.99 -64.79 28.50
CA HIS UF 62 102.29 -64.27 28.90
C HIS UF 62 103.14 -64.01 27.66
N ASN UF 63 103.88 -62.90 27.67
CA ASN UF 63 104.62 -62.43 26.52
C ASN UF 63 106.03 -61.99 26.92
N VAL UF 64 106.99 -62.24 26.03
CA VAL UF 64 108.38 -61.80 26.22
C VAL UF 64 108.90 -61.25 24.91
N GLU UF 65 109.44 -60.03 24.94
CA GLU UF 65 109.86 -59.32 23.73
C GLU UF 65 111.33 -58.93 23.83
N PHE UF 66 112.07 -59.12 22.73
CA PHE UF 66 113.40 -58.56 22.53
C PHE UF 66 113.36 -57.57 21.38
N THR UF 67 114.04 -56.43 21.54
CA THR UF 67 114.15 -55.41 20.52
C THR UF 67 115.62 -55.03 20.35
N GLU UF 68 116.04 -54.83 19.12
CA GLU UF 68 117.39 -54.33 18.82
C GLU UF 68 117.27 -53.25 17.76
N THR UF 69 117.80 -52.05 18.04
CA THR UF 69 117.70 -50.93 17.12
C THR UF 69 119.06 -50.55 16.57
N VAL UF 70 119.06 -50.15 15.30
CA VAL UF 70 120.26 -49.77 14.56
C VAL UF 70 120.04 -48.36 14.04
N TYR UF 71 120.89 -47.42 14.47
CA TYR UF 71 120.71 -46.04 14.08
C TYR UF 71 121.09 -45.81 12.63
N ALA UF 72 120.52 -44.76 12.05
CA ALA UF 72 120.75 -44.45 10.65
C ALA UF 72 122.18 -44.00 10.43
N SER UF 73 122.84 -44.61 9.44
CA SER UF 73 124.20 -44.28 9.07
C SER UF 73 124.25 -44.03 7.58
N GLY UF 74 124.89 -42.93 7.18
CA GLY UF 74 124.95 -42.58 5.77
C GLY UF 74 123.55 -42.38 5.22
N SER UF 75 123.32 -42.92 4.03
CA SER UF 75 121.99 -42.83 3.41
C SER UF 75 121.03 -43.92 3.90
N THR UF 76 121.52 -44.90 4.64
CA THR UF 76 120.66 -45.96 5.16
C THR UF 76 119.83 -45.45 6.33
N PRO UF 77 118.51 -45.55 6.30
CA PRO UF 77 117.70 -45.07 7.43
C PRO UF 77 117.76 -46.02 8.61
N GLU UF 78 117.07 -45.62 9.68
CA GLU UF 78 116.98 -46.42 10.89
C GLU UF 78 116.16 -47.69 10.61
N PHE UF 79 116.54 -48.79 11.27
CA PHE UF 79 115.74 -50.01 11.20
C PHE UF 79 115.94 -50.84 12.46
N VAL UF 80 114.94 -51.66 12.77
CA VAL UF 80 114.85 -52.38 14.04
C VAL UF 80 114.81 -53.87 13.78
N ARG UF 81 115.02 -54.63 14.84
CA ARG UF 81 114.96 -56.08 14.80
C ARG UF 81 114.29 -56.59 16.07
N GLN UF 82 113.36 -57.54 15.92
CA GLN UF 82 112.51 -58.02 17.00
C GLN UF 82 112.55 -59.54 17.10
N ALA UF 83 112.11 -60.07 18.24
CA ALA UF 83 111.78 -61.49 18.37
C ALA UF 83 111.04 -61.65 19.70
N TYR UF 84 109.86 -62.25 19.67
CA TYR UF 84 109.08 -62.38 20.90
C TYR UF 84 108.17 -63.60 20.82
N VAL UF 85 107.81 -64.12 22.01
CA VAL UF 85 106.99 -65.33 22.13
C VAL UF 85 105.84 -65.05 23.08
N VAL UF 86 104.78 -65.86 22.97
CA VAL UF 86 103.58 -65.71 23.78
C VAL UF 86 103.09 -67.07 24.21
N ILE UF 87 102.55 -67.14 25.43
CA ILE UF 87 101.99 -68.36 26.00
C ILE UF 87 100.55 -68.08 26.38
N ARG UF 88 99.63 -68.96 25.93
CA ARG UF 88 98.21 -68.81 26.21
C ARG UF 88 97.67 -70.13 26.77
N HIS UF 89 97.02 -70.05 27.92
CA HIS UF 89 96.42 -71.25 28.51
C HIS UF 89 95.30 -70.82 29.44
N LYS UF 90 94.34 -71.72 29.65
CA LYS UF 90 93.15 -71.38 30.42
C LYS UF 90 93.48 -71.24 31.89
N VAL UF 91 92.67 -70.43 32.59
CA VAL UF 91 92.94 -70.11 33.98
C VAL UF 91 92.79 -71.36 34.83
N GLY UF 92 93.72 -71.55 35.77
CA GLY UF 92 93.66 -72.65 36.70
C GLY UF 92 94.18 -73.97 36.16
N ASP UF 93 94.85 -73.98 35.01
CA ASP UF 93 95.38 -75.22 34.46
C ASP UF 93 96.52 -75.75 35.34
N VAL UF 94 97.11 -76.85 34.89
CA VAL UF 94 98.26 -77.44 35.59
C VAL UF 94 99.53 -76.85 35.01
N SER UF 95 100.41 -76.37 35.89
CA SER UF 95 101.56 -75.57 35.47
C SER UF 95 102.53 -76.39 34.62
N ALA UF 96 102.87 -77.60 35.06
CA ALA UF 96 103.89 -78.38 34.38
C ALA UF 96 103.46 -78.75 32.97
N THR UF 97 102.19 -79.13 32.79
CA THR UF 97 101.72 -79.47 31.46
C THR UF 97 101.83 -78.28 30.51
N VAL UF 98 101.43 -77.09 30.97
CA VAL UF 98 101.50 -75.92 30.11
C VAL UF 98 102.95 -75.52 29.86
N SER UF 99 103.86 -75.83 30.78
CA SER UF 99 105.27 -75.56 30.54
C SER UF 99 105.85 -76.53 29.52
N ASP UF 100 105.34 -77.77 29.47
CA ASP UF 100 105.83 -78.76 28.54
C ASP UF 100 105.75 -78.24 27.10
N LEU UF 101 104.58 -77.74 26.71
CA LEU UF 101 104.51 -76.80 25.61
C LEU UF 101 105.22 -75.52 26.02
N GLY UF 102 105.91 -74.90 25.08
CA GLY UF 102 106.86 -73.87 25.45
C GLY UF 102 108.25 -74.46 25.55
N GLU UF 103 108.45 -75.45 26.41
CA GLU UF 103 109.72 -76.16 26.42
C GLU UF 103 109.96 -76.85 25.09
N ALA UF 104 108.93 -77.50 24.55
CA ALA UF 104 109.05 -78.13 23.23
C ALA UF 104 109.40 -77.10 22.17
N LEU UF 105 108.72 -75.96 22.17
CA LEU UF 105 108.95 -74.95 21.15
C LEU UF 105 110.36 -74.41 21.24
N SER UF 106 110.85 -74.22 22.47
CA SER UF 106 112.23 -73.76 22.66
C SER UF 106 113.23 -74.79 22.13
N PHE UF 107 112.99 -76.08 22.40
CA PHE UF 107 113.90 -77.10 21.91
C PHE UF 107 113.90 -77.20 20.39
N TYR UF 108 112.74 -77.02 19.76
CA TYR UF 108 112.66 -77.17 18.31
C TYR UF 108 113.51 -76.13 17.58
N LEU UF 109 113.41 -74.86 17.98
CA LEU UF 109 114.02 -73.77 17.22
C LEU UF 109 115.52 -73.74 17.49
N ASN UF 110 116.31 -74.07 16.47
CA ASN UF 110 117.76 -73.99 16.50
C ASN UF 110 118.21 -73.16 15.30
N GLU UF 111 119.51 -73.14 15.05
CA GLU UF 111 120.03 -72.34 13.96
C GLU UF 111 119.46 -72.78 12.62
N ALA UF 112 119.34 -74.09 12.39
CA ALA UF 112 118.87 -74.57 11.10
C ALA UF 112 117.45 -74.11 10.83
N LEU UF 113 116.57 -74.18 11.84
CA LEU UF 113 115.19 -73.76 11.63
C LEU UF 113 115.12 -72.27 11.31
N TYR UF 114 115.92 -71.46 12.01
CA TYR UF 114 115.92 -70.02 11.73
C TYR UF 114 116.42 -69.75 10.32
N GLY UF 115 117.48 -70.42 9.90
CA GLY UF 115 117.95 -70.25 8.53
C GLY UF 115 116.89 -70.62 7.51
N LYS UF 116 116.20 -71.74 7.73
CA LYS UF 116 115.16 -72.14 6.80
C LYS UF 116 113.99 -71.16 6.78
N LEU UF 117 113.59 -70.67 7.95
CA LEU UF 117 112.51 -69.68 7.98
C LEU UF 117 112.90 -68.43 7.21
N ILE UF 118 114.13 -67.96 7.39
CA ILE UF 118 114.61 -66.87 6.55
C ILE UF 118 114.57 -67.28 5.08
N GLY UF 119 114.72 -68.56 4.81
CA GLY UF 119 114.60 -69.08 3.46
C GLY UF 119 113.20 -69.07 2.87
N TRP UF 120 112.16 -68.82 3.67
CA TRP UF 120 110.75 -68.71 3.30
C TRP UF 120 110.10 -70.05 3.03
N GLU UF 121 110.84 -71.16 2.99
CA GLU UF 121 110.20 -72.43 2.69
C GLU UF 121 109.41 -72.91 3.89
N SER UF 122 108.16 -73.29 3.65
CA SER UF 122 107.21 -73.61 4.71
C SER UF 122 107.34 -75.06 5.14
N ALA VF 1 110.66 -50.58 47.72
CA ALA VF 1 111.72 -50.20 48.70
C ALA VF 1 111.84 -51.25 49.79
N LEU VF 2 110.74 -51.94 50.06
CA LEU VF 2 110.72 -52.93 51.13
C LEU VF 2 111.70 -54.06 50.85
N GLY VF 3 111.73 -54.54 49.62
CA GLY VF 3 112.58 -55.65 49.25
C GLY VF 3 111.91 -56.49 48.19
N ASP VF 4 112.74 -57.30 47.53
CA ASP VF 4 112.23 -58.10 46.42
C ASP VF 4 111.39 -59.28 46.90
N THR VF 5 111.60 -59.74 48.13
CA THR VF 5 110.85 -60.87 48.66
C THR VF 5 110.41 -60.59 50.09
N LEU VF 6 109.26 -61.15 50.43
CA LEU VF 6 108.65 -61.01 51.76
C LEU VF 6 108.46 -62.40 52.34
N THR VF 7 108.94 -62.61 53.56
CA THR VF 7 108.88 -63.91 54.22
C THR VF 7 107.94 -63.85 55.41
N ILE VF 8 106.97 -64.75 55.44
CA ILE VF 8 106.01 -64.86 56.53
C ILE VF 8 106.12 -66.25 57.12
N THR VF 9 106.20 -66.33 58.45
CA THR VF 9 106.40 -67.59 59.15
C THR VF 9 105.07 -67.98 59.78
N LEU VF 10 104.28 -68.77 59.05
CA LEU VF 10 102.97 -69.16 59.56
C LEU VF 10 103.13 -69.84 60.91
N GLY VF 11 102.32 -69.42 61.88
CA GLY VF 11 102.43 -69.94 63.22
C GLY VF 11 103.39 -69.19 64.12
N GLY VF 12 103.74 -67.95 63.78
CA GLY VF 12 104.61 -67.16 64.61
C GLY VF 12 106.06 -67.63 64.54
N SER VF 13 106.84 -67.13 65.50
CA SER VF 13 108.27 -67.46 65.52
C SER VF 13 108.47 -68.96 65.64
N GLY VF 14 109.40 -69.49 64.87
CA GLY VF 14 109.67 -70.91 64.85
C GLY VF 14 108.74 -71.74 63.99
N GLY VF 15 107.90 -71.11 63.17
CA GLY VF 15 106.93 -71.80 62.36
C GLY VF 15 107.46 -72.15 60.97
N THR VF 16 106.51 -72.40 60.06
CA THR VF 16 106.83 -72.70 58.67
C THR VF 16 106.97 -71.39 57.90
N ALA VF 17 108.01 -71.29 57.07
CA ALA VF 17 108.32 -70.08 56.34
C ALA VF 17 107.81 -70.16 54.92
N LYS VF 18 107.08 -69.12 54.50
CA LYS VF 18 106.62 -68.96 53.13
C LYS VF 18 107.25 -67.70 52.56
N VAL VF 19 107.83 -67.80 51.37
CA VAL VF 19 108.56 -66.69 50.76
C VAL VF 19 107.72 -66.11 49.63
N LEU VF 20 107.26 -64.88 49.80
CA LEU VF 20 106.53 -64.17 48.77
C LEU VF 20 107.50 -63.50 47.78
N ARG VF 21 106.94 -63.00 46.68
CA ARG VF 21 107.70 -62.36 45.63
C ARG VF 21 106.98 -61.10 45.16
N LYS VF 22 107.74 -60.03 44.92
CA LYS VF 22 107.16 -58.79 44.43
C LYS VF 22 106.64 -58.98 43.02
N ILE VF 23 105.46 -58.41 42.74
CA ILE VF 23 104.80 -58.63 41.46
C ILE VF 23 104.49 -57.30 40.79
N ASN VF 24 104.23 -56.26 41.57
CA ASN VF 24 103.80 -54.99 40.99
C ASN VF 24 103.72 -53.93 42.07
N GLN VF 25 103.92 -52.68 41.67
CA GLN VF 25 103.71 -51.55 42.57
C GLN VF 25 103.60 -50.28 41.73
N ASP VF 26 102.41 -49.67 41.71
CA ASP VF 26 102.21 -48.46 40.91
C ASP VF 26 101.90 -47.24 41.77
N GLY VF 27 100.84 -47.27 42.57
CA GLY VF 27 100.37 -46.08 43.25
C GLY VF 27 100.79 -45.95 44.70
N TYR VF 28 102.09 -45.97 44.96
CA TYR VF 28 102.60 -45.97 46.34
C TYR VF 28 102.19 -47.22 47.10
N THR VF 29 101.75 -48.26 46.38
CA THR VF 29 101.34 -49.51 46.98
C THR VF 29 102.15 -50.64 46.37
N SER VF 30 102.29 -51.73 47.11
CA SER VF 30 103.06 -52.88 46.67
C SER VF 30 102.23 -54.16 46.84
N GLU VF 31 102.50 -55.14 45.98
CA GLU VF 31 101.79 -56.41 46.01
C GLU VF 31 102.79 -57.55 45.89
N TYR VF 32 102.49 -58.65 46.59
CA TYR VF 32 103.31 -59.86 46.57
C TYR VF 32 102.42 -61.05 46.29
N TYR VF 33 102.95 -62.08 45.61
CA TYR VF 33 102.18 -63.26 45.25
C TYR VF 33 103.01 -64.51 45.43
N LEU VF 34 102.32 -65.62 45.71
CA LEU VF 34 102.93 -66.95 45.79
C LEU VF 34 101.87 -68.04 45.61
N PRO VF 35 101.90 -68.80 44.52
CA PRO VF 35 100.90 -69.86 44.34
C PRO VF 35 101.37 -71.21 44.84
N GLU VF 36 100.40 -72.03 45.24
CA GLU VF 36 100.63 -73.37 45.76
C GLU VF 36 99.62 -74.32 45.13
N THR VF 37 99.76 -75.60 45.45
CA THR VF 37 98.85 -76.60 44.89
C THR VF 37 97.44 -76.51 45.50
N SER VF 38 97.34 -76.22 46.81
CA SER VF 38 96.06 -76.13 47.48
C SER VF 38 95.68 -74.72 47.90
N SER VF 39 96.57 -73.75 47.79
CA SER VF 39 96.24 -72.37 48.12
C SER VF 39 97.26 -71.46 47.46
N SER VF 40 97.18 -70.18 47.82
CA SER VF 40 98.12 -69.17 47.36
C SER VF 40 98.25 -68.10 48.41
N PHE VF 41 99.40 -67.41 48.43
CA PHE VF 41 99.67 -66.37 49.41
C PHE VF 41 99.81 -65.04 48.69
N ARG VF 42 99.30 -63.98 49.32
CA ARG VF 42 99.29 -62.65 48.73
C ARG VF 42 99.35 -61.62 49.85
N ALA VF 43 100.17 -60.59 49.66
CA ALA VF 43 100.31 -59.50 50.62
C ALA VF 43 100.36 -58.18 49.88
N LYS VF 44 99.83 -57.13 50.50
CA LYS VF 44 99.76 -55.82 49.89
C LYS VF 44 100.11 -54.75 50.92
N VAL VF 45 100.78 -53.69 50.47
CA VAL VF 45 101.09 -52.52 51.27
C VAL VF 45 100.49 -51.29 50.59
N ARG VF 46 99.86 -50.42 51.38
CA ARG VF 46 99.23 -49.22 50.86
C ARG VF 46 99.60 -48.02 51.71
N HIS VF 47 99.77 -46.87 51.06
CA HIS VF 47 99.94 -45.59 51.73
C HIS VF 47 98.94 -44.59 51.14
N THR VF 48 98.40 -43.72 52.00
CA THR VF 48 97.40 -42.76 51.56
C THR VF 48 97.44 -41.52 52.44
N LYS VF 49 96.95 -40.42 51.89
CA LYS VF 49 96.71 -39.18 52.62
C LYS VF 49 95.22 -38.85 52.55
N GLU VF 50 94.62 -38.48 53.68
CA GLU VF 50 93.19 -38.24 53.71
C GLU VF 50 92.83 -36.92 53.02
N SER VF 51 91.54 -36.80 52.70
CA SER VF 51 91.04 -35.63 51.98
C SER VF 51 91.31 -34.36 52.76
N VAL VF 52 91.74 -33.32 52.05
CA VAL VF 52 92.10 -32.05 52.68
C VAL VF 52 90.85 -31.22 52.87
N LYS VF 53 90.71 -30.64 54.06
CA LYS VF 53 89.64 -29.72 54.39
C LYS VF 53 90.19 -28.48 55.08
N PRO VF 54 89.53 -27.34 54.92
CA PRO VF 54 90.09 -26.09 55.47
C PRO VF 54 90.18 -26.15 56.98
N ASN VF 55 91.18 -25.46 57.51
CA ASN VF 55 91.38 -25.22 58.95
C ASN VF 55 91.05 -26.44 59.83
N GLN VF 56 91.47 -27.63 59.42
CA GLN VF 56 91.65 -28.74 60.36
C GLN VF 56 92.92 -29.49 59.98
N VAL VF 57 93.46 -30.22 60.96
CA VAL VF 57 94.76 -30.88 60.77
C VAL VF 57 94.63 -31.94 59.68
N GLN VF 58 95.79 -32.43 59.23
CA GLN VF 58 95.86 -33.40 58.14
C GLN VF 58 96.46 -34.71 58.66
N TYR VF 59 95.96 -35.83 58.15
CA TYR VF 59 96.35 -37.16 58.61
C TYR VF 59 96.78 -38.02 57.43
N GLU VF 60 97.56 -39.06 57.72
CA GLU VF 60 97.91 -40.06 56.72
C GLU VF 60 97.80 -41.46 57.32
N ARG VF 61 97.50 -42.44 56.45
CA ARG VF 61 97.22 -43.81 56.86
C ARG VF 61 98.19 -44.75 56.15
N HIS VF 62 98.71 -45.74 56.88
CA HIS VF 62 99.53 -46.80 56.30
C HIS VF 62 98.94 -48.15 56.63
N ASN VF 63 98.76 -48.99 55.60
CA ASN VF 63 98.02 -50.24 55.71
C ASN VF 63 98.90 -51.40 55.27
N VAL VF 64 98.75 -52.53 55.95
CA VAL VF 64 99.45 -53.77 55.60
C VAL VF 64 98.43 -54.91 55.64
N GLU VF 65 98.40 -55.72 54.57
CA GLU VF 65 97.31 -56.67 54.35
C GLU VF 65 97.87 -58.03 53.97
N PHE VF 66 97.32 -59.08 54.59
CA PHE VF 66 97.65 -60.47 54.29
C PHE VF 66 96.37 -61.17 53.85
N THR VF 67 96.48 -62.04 52.85
CA THR VF 67 95.32 -62.74 52.32
C THR VF 67 95.65 -64.21 52.11
N GLU VF 68 94.65 -65.07 52.30
CA GLU VF 68 94.77 -66.51 52.13
C GLU VF 68 93.50 -67.05 51.48
N THR VF 69 93.64 -67.64 50.30
CA THR VF 69 92.52 -68.22 49.57
C THR VF 69 92.74 -69.71 49.38
N VAL VF 70 91.71 -70.49 49.65
CA VAL VF 70 91.77 -71.95 49.55
C VAL VF 70 90.95 -72.36 48.33
N TYR VF 71 91.57 -73.12 47.43
CA TYR VF 71 90.88 -73.51 46.20
C TYR VF 71 89.73 -74.47 46.51
N ALA VF 72 88.64 -74.32 45.76
CA ALA VF 72 87.45 -75.10 46.00
C ALA VF 72 87.72 -76.58 45.77
N SER VF 73 87.24 -77.41 46.69
CA SER VF 73 87.39 -78.86 46.60
C SER VF 73 86.03 -79.49 46.90
N GLY VF 74 85.58 -80.36 46.00
CA GLY VF 74 84.30 -81.01 46.20
C GLY VF 74 83.18 -79.99 46.32
N SER VF 75 82.32 -80.18 47.32
CA SER VF 75 81.21 -79.26 47.52
C SER VF 75 81.65 -77.92 48.10
N THR VF 76 82.74 -77.92 48.87
CA THR VF 76 83.19 -76.70 49.53
C THR VF 76 83.64 -75.67 48.51
N PRO VF 77 83.09 -74.45 48.52
CA PRO VF 77 83.48 -73.45 47.52
C PRO VF 77 84.75 -72.70 47.92
N GLU VF 78 85.10 -71.68 47.15
CA GLU VF 78 86.22 -70.82 47.48
C GLU VF 78 85.95 -70.09 48.78
N PHE VF 79 86.98 -69.92 49.60
CA PHE VF 79 86.88 -69.10 50.80
C PHE VF 79 88.25 -68.54 51.14
N VAL VF 80 88.24 -67.45 51.90
CA VAL VF 80 89.44 -66.65 52.14
C VAL VF 80 89.62 -66.41 53.63
N ARG VF 81 90.88 -66.39 54.07
CA ARG VF 81 91.26 -65.97 55.41
C ARG VF 81 92.20 -64.78 55.30
N GLN VF 82 91.91 -63.72 56.03
CA GLN VF 82 92.53 -62.43 55.79
C GLN VF 82 92.78 -61.72 57.11
N ALA VF 83 93.77 -60.83 57.12
CA ALA VF 83 94.03 -59.98 58.26
C ALA VF 83 94.84 -58.77 57.80
N TYR VF 84 94.51 -57.58 58.31
CA TYR VF 84 95.27 -56.39 57.95
C TYR VF 84 95.19 -55.37 59.08
N VAL VF 85 96.17 -54.45 59.06
CA VAL VF 85 96.36 -53.49 60.13
C VAL VF 85 96.69 -52.14 59.51
N VAL VF 86 96.27 -51.06 60.16
CA VAL VF 86 96.52 -49.71 59.68
C VAL VF 86 96.99 -48.84 60.84
N ILE VF 87 97.59 -47.70 60.47
CA ILE VF 87 98.03 -46.69 61.42
C ILE VF 87 97.63 -45.33 60.88
N ARG VF 88 97.11 -44.47 61.74
CA ARG VF 88 96.77 -43.10 61.34
C ARG VF 88 97.38 -42.12 62.33
N HIS VF 89 98.11 -41.14 61.79
CA HIS VF 89 98.75 -40.09 62.56
C HIS VF 89 98.90 -38.87 61.66
N LYS VF 90 99.11 -37.72 62.29
CA LYS VF 90 99.06 -36.46 61.55
C LYS VF 90 100.41 -36.17 60.87
N VAL VF 91 100.36 -35.28 59.88
CA VAL VF 91 101.55 -34.95 59.11
C VAL VF 91 102.54 -34.22 60.00
N GLY VF 92 103.81 -34.63 59.92
CA GLY VF 92 104.85 -33.98 60.68
C GLY VF 92 104.97 -34.41 62.12
N ASP VF 93 104.21 -35.40 62.55
CA ASP VF 93 104.29 -35.87 63.92
C ASP VF 93 105.62 -36.59 64.16
N VAL VF 94 105.98 -36.71 65.43
CA VAL VF 94 107.23 -37.37 65.79
C VAL VF 94 107.13 -38.85 65.49
N SER VF 95 108.14 -39.39 64.80
CA SER VF 95 108.06 -40.76 64.31
C SER VF 95 108.14 -41.77 65.45
N ALA VF 96 109.02 -41.56 66.41
CA ALA VF 96 109.25 -42.56 67.45
C ALA VF 96 108.00 -42.78 68.30
N THR VF 97 107.37 -41.69 68.75
CA THR VF 97 106.18 -41.84 69.57
C THR VF 97 105.07 -42.53 68.79
N VAL VF 98 104.92 -42.20 67.51
CA VAL VF 98 103.88 -42.82 66.70
C VAL VF 98 104.16 -44.32 66.56
N SER VF 99 105.42 -44.68 66.36
CA SER VF 99 105.80 -46.08 66.27
C SER VF 99 105.57 -46.82 67.57
N ASP VF 100 105.67 -46.13 68.71
CA ASP VF 100 105.50 -46.80 69.99
C ASP VF 100 104.11 -47.40 70.16
N LEU VF 101 103.07 -46.69 69.72
CA LEU VF 101 101.72 -47.22 69.84
C LEU VF 101 101.55 -48.48 69.01
N GLY VF 102 102.04 -48.48 67.78
CA GLY VF 102 101.97 -49.67 66.95
C GLY VF 102 102.76 -50.81 67.55
N GLU VF 103 103.91 -50.50 68.14
CA GLU VF 103 104.70 -51.51 68.83
C GLU VF 103 103.93 -52.14 69.97
N ALA VF 104 103.27 -51.31 70.78
CA ALA VF 104 102.46 -51.83 71.89
C ALA VF 104 101.33 -52.71 71.37
N LEU VF 105 100.65 -52.27 70.31
CA LEU VF 105 99.56 -53.07 69.76
C LEU VF 105 100.09 -54.42 69.28
N SER VF 106 101.22 -54.42 68.58
CA SER VF 106 101.81 -55.66 68.09
C SER VF 106 102.19 -56.58 69.24
N PHE VF 107 102.73 -56.01 70.32
CA PHE VF 107 103.16 -56.82 71.46
C PHE VF 107 101.97 -57.42 72.20
N TYR VF 108 100.86 -56.68 72.27
CA TYR VF 108 99.70 -57.15 73.02
C TYR VF 108 99.08 -58.38 72.37
N LEU VF 109 98.97 -58.37 71.04
CA LEU VF 109 98.36 -59.48 70.33
C LEU VF 109 99.25 -60.72 70.45
N ASN VF 110 98.65 -61.85 70.83
CA ASN VF 110 99.36 -63.12 70.94
C ASN VF 110 98.35 -64.25 70.81
N GLU VF 111 98.85 -65.49 70.93
CA GLU VF 111 98.03 -66.65 70.60
C GLU VF 111 96.79 -66.74 71.49
N ALA VF 112 96.96 -66.58 72.81
CA ALA VF 112 95.81 -66.73 73.70
C ALA VF 112 94.74 -65.69 73.39
N LEU VF 113 95.15 -64.44 73.17
CA LEU VF 113 94.16 -63.41 72.87
C LEU VF 113 93.62 -63.54 71.46
N TYR VF 114 94.43 -63.99 70.50
CA TYR VF 114 93.89 -64.32 69.20
C TYR VF 114 92.80 -65.38 69.31
N GLY VF 115 93.04 -66.41 70.13
CA GLY VF 115 92.03 -67.43 70.36
C GLY VF 115 90.79 -66.88 71.04
N LYS VF 116 90.97 -66.03 72.05
CA LYS VF 116 89.82 -65.42 72.71
C LYS VF 116 88.99 -64.61 71.71
N LEU VF 117 89.64 -63.83 70.86
CA LEU VF 117 88.91 -63.08 69.85
C LEU VF 117 88.15 -64.01 68.90
N ILE VF 118 88.81 -65.07 68.44
CA ILE VF 118 88.12 -66.04 67.58
C ILE VF 118 86.96 -66.67 68.31
N GLY VF 119 87.02 -66.71 69.64
CA GLY VF 119 85.94 -67.24 70.46
C GLY VF 119 84.80 -66.29 70.75
N TRP VF 120 84.74 -65.13 70.09
CA TRP VF 120 83.74 -64.08 70.31
C TRP VF 120 83.80 -63.50 71.71
N GLU VF 121 84.82 -63.82 72.50
CA GLU VF 121 84.97 -63.21 73.80
C GLU VF 121 85.13 -61.70 73.65
N SER VF 122 84.42 -60.94 74.45
CA SER VF 122 84.49 -59.48 74.39
C SER VF 122 84.52 -58.87 75.77
N MET WF 1 32.87 81.55 111.83
CA MET WF 1 32.75 82.91 112.43
C MET WF 1 31.34 83.45 112.23
N ALA WF 2 30.83 84.16 113.23
CA ALA WF 2 29.48 84.70 113.21
C ALA WF 2 29.54 86.16 112.79
N ARG WF 3 28.81 86.51 111.73
CA ARG WF 3 28.82 87.85 111.17
C ARG WF 3 27.41 88.41 111.14
N ILE WF 4 27.31 89.73 111.32
CA ILE WF 4 26.05 90.46 111.22
C ILE WF 4 26.15 91.38 110.01
N ARG WF 5 25.17 91.29 109.11
CA ARG WF 5 25.18 92.01 107.85
C ARG WF 5 23.91 92.83 107.71
N ASN WF 6 24.05 94.07 107.25
CA ASN WF 6 22.94 94.98 107.04
C ASN WF 6 22.95 95.45 105.60
N ARG WF 7 21.77 95.48 104.99
CA ARG WF 7 21.62 95.83 103.58
C ARG WF 7 20.27 96.47 103.37
N SER WF 8 20.19 97.38 102.39
CA SER WF 8 18.99 98.16 102.17
C SER WF 8 18.84 98.47 100.69
N SER WF 9 17.59 98.75 100.29
CA SER WF 9 17.26 99.16 98.95
C SER WF 9 16.26 100.32 99.01
N ILE WF 10 16.28 101.16 97.98
CA ILE WF 10 15.34 102.28 97.92
C ILE WF 10 14.03 101.79 97.31
N ALA WF 11 12.93 102.02 98.03
CA ALA WF 11 11.61 101.60 97.58
C ALA WF 11 10.95 102.67 96.73
N SER WF 12 10.90 103.90 97.23
CA SER WF 12 10.29 105.00 96.50
C SER WF 12 10.83 106.32 97.06
N SER WF 13 10.67 107.37 96.27
CA SER WF 13 10.96 108.72 96.73
C SER WF 13 10.12 109.71 95.91
N GLY WF 14 9.91 110.88 96.47
CA GLY WF 14 9.04 111.86 95.84
C GLY WF 14 9.27 113.24 96.43
N MET WF 15 8.50 114.21 95.95
CA MET WF 15 8.70 115.60 96.28
C MET WF 15 7.38 116.27 96.66
N SER WF 16 7.43 117.15 97.64
CA SER WF 16 6.28 117.93 98.10
C SER WF 16 6.72 119.36 98.33
N THR WF 17 5.95 120.32 97.80
CA THR WF 17 6.33 121.72 97.78
C THR WF 17 5.18 122.60 98.24
N PHE WF 18 5.52 123.69 98.92
CA PHE WF 18 4.58 124.71 99.36
C PHE WF 18 5.05 126.07 98.85
N TYR WF 19 4.17 126.77 98.13
CA TYR WF 19 4.47 128.08 97.58
C TYR WF 19 3.82 129.16 98.42
N LEU WF 20 4.53 130.27 98.61
CA LEU WF 20 4.00 131.47 99.23
C LEU WF 20 4.78 132.65 98.68
N PHE WF 21 4.07 133.73 98.38
CA PHE WF 21 4.67 134.88 97.70
C PHE WF 21 5.31 134.46 96.37
N GLY WF 22 4.80 133.38 95.78
CA GLY WF 22 5.38 132.87 94.55
C GLY WF 22 6.76 132.25 94.70
N THR WF 23 7.09 131.77 95.90
CA THR WF 23 8.41 131.23 96.18
C THR WF 23 8.31 129.86 96.84
N PRO WF 24 9.19 128.91 96.48
CA PRO WF 24 9.20 127.62 97.19
C PRO WF 24 9.86 127.69 98.56
N ILE WF 25 9.09 128.07 99.59
CA ILE WF 25 9.70 128.22 100.92
C ILE WF 25 10.22 126.88 101.43
N VAL WF 26 9.42 125.83 101.33
CA VAL WF 26 9.79 124.50 101.81
C VAL WF 26 9.52 123.50 100.69
N ASN WF 27 10.54 122.70 100.37
CA ASN WF 27 10.49 121.72 99.28
C ASN WF 27 11.09 120.40 99.77
N GLU WF 28 10.69 119.98 100.98
CA GLU WF 28 11.35 118.87 101.64
C GLU WF 28 11.19 117.56 100.87
N GLU WF 29 12.11 116.63 101.13
CA GLU WF 29 12.22 115.37 100.43
C GLU WF 29 11.71 114.22 101.28
N ILE WF 30 11.26 113.15 100.61
CA ILE WF 30 10.73 111.96 101.27
C ILE WF 30 11.41 110.74 100.67
N ILE WF 31 11.79 109.79 101.53
CA ILE WF 31 12.46 108.56 101.10
C ILE WF 31 11.78 107.36 101.73
N VAL WF 32 11.69 106.27 100.97
CA VAL WF 32 11.29 104.97 101.50
C VAL WF 32 12.51 104.06 101.41
N ARG WF 33 12.83 103.39 102.52
CA ARG WF 33 14.15 102.80 102.75
C ARG WF 33 13.94 101.31 102.99
N ASN WF 34 13.91 100.50 101.92
CA ASN WF 34 13.75 99.07 102.11
C ASN WF 34 14.94 98.53 102.92
N THR WF 35 14.65 97.75 103.95
CA THR WF 35 15.66 97.38 104.93
C THR WF 35 15.59 95.90 105.23
N GLU WF 36 16.76 95.28 105.38
CA GLU WF 36 16.88 93.92 105.86
C GLU WF 36 18.28 93.73 106.42
N TRP WF 37 18.38 92.86 107.42
CA TRP WF 37 19.67 92.55 108.03
C TRP WF 37 19.68 91.07 108.40
N CYS WF 38 20.84 90.43 108.25
CA CYS WF 38 20.94 88.98 108.39
C CYS WF 38 22.15 88.61 109.23
N SER WF 39 22.07 87.42 109.82
CA SER WF 39 23.16 86.83 110.58
C SER WF 39 23.39 85.41 110.08
N ASP WF 40 24.66 85.05 109.93
CA ASP WF 40 25.02 83.74 109.39
C ASP WF 40 26.42 83.39 109.85
N VAL WF 41 26.76 82.10 109.72
CA VAL WF 41 28.03 81.57 110.18
C VAL WF 41 28.70 80.84 109.01
N ILE WF 42 29.98 81.11 108.80
CA ILE WF 42 30.74 80.53 107.70
C ILE WF 42 32.08 80.04 108.24
N GLY WF 43 32.70 79.14 107.48
CA GLY WF 43 33.99 78.59 107.83
C GLY WF 43 33.93 77.29 108.58
N ASN WF 44 32.74 76.87 109.02
CA ASN WF 44 32.54 75.63 109.76
C ASN WF 44 31.72 74.67 108.92
N PRO WF 45 32.22 73.48 108.58
CA PRO WF 45 31.44 72.58 107.73
C PRO WF 45 30.13 72.15 108.36
N GLY WF 46 30.01 72.19 109.69
CA GLY WF 46 28.80 71.76 110.34
C GLY WF 46 27.67 72.76 110.17
N ASP WF 47 26.45 72.23 110.18
CA ASP WF 47 25.27 73.08 110.01
C ASP WF 47 25.18 74.09 111.14
N ASN WF 48 24.80 75.32 110.79
CA ASN WF 48 24.83 76.43 111.72
C ASN WF 48 23.48 77.13 111.77
N PRO WF 49 23.16 77.77 112.89
CA PRO WF 49 21.95 78.59 112.94
C PRO WF 49 22.07 79.83 112.08
N LEU WF 50 20.92 80.32 111.63
CA LEU WF 50 20.86 81.57 110.88
C LEU WF 50 19.45 82.12 110.98
N ASP WF 51 19.32 83.43 110.85
CA ASP WF 51 18.03 84.09 110.91
C ASP WF 51 18.05 85.31 110.01
N ILE WF 52 16.87 85.72 109.57
CA ILE WF 52 16.72 86.84 108.64
C ILE WF 52 15.57 87.73 109.11
N HIS WF 53 15.80 89.03 109.09
CA HIS WF 53 14.76 90.03 109.28
C HIS WF 53 14.69 90.87 108.01
N LYS WF 54 13.50 90.99 107.44
CA LYS WF 54 13.35 91.50 106.09
C LYS WF 54 12.03 92.25 105.96
N GLN WF 55 12.03 93.33 105.18
CA GLN WF 55 10.86 94.20 105.06
C GLN WF 55 10.89 94.93 103.72
N GLU WF 56 9.70 95.09 103.13
CA GLU WF 56 9.55 95.87 101.91
C GLU WF 56 8.29 96.72 102.01
N TRP WF 57 8.17 97.66 101.06
CA TRP WF 57 6.99 98.52 100.96
C TRP WF 57 6.46 98.50 99.53
N THR WF 58 5.23 98.99 99.39
CA THR WF 58 4.62 99.17 98.08
C THR WF 58 3.64 100.33 98.19
N ILE WF 59 3.93 101.42 97.48
CA ILE WF 59 3.28 102.70 97.69
C ILE WF 59 2.76 103.21 96.35
N LYS WF 60 1.54 103.74 96.35
CA LYS WF 60 0.99 104.44 95.20
C LYS WF 60 1.01 105.93 95.53
N PRO WF 61 1.84 106.75 94.88
CA PRO WF 61 2.03 108.13 95.35
C PRO WF 61 0.76 108.96 95.27
N LEU WF 62 0.73 110.00 96.10
CA LEU WF 62 -0.36 110.96 96.14
C LEU WF 62 -0.32 111.86 94.91
N SER WF 63 -1.38 112.68 94.76
CA SER WF 63 -1.46 113.60 93.64
C SER WF 63 -2.42 114.72 93.99
N GLY WF 64 -2.39 115.76 93.18
CA GLY WF 64 -3.28 116.90 93.33
C GLY WF 64 -2.54 118.16 93.75
N GLN WF 65 -3.29 119.26 93.80
CA GLN WF 65 -2.73 120.54 94.19
C GLN WF 65 -3.87 121.45 94.62
N ILE WF 66 -3.52 122.49 95.37
CA ILE WF 66 -4.46 123.50 95.84
C ILE WF 66 -3.79 124.87 95.73
N ILE WF 67 -4.60 125.90 95.50
CA ILE WF 67 -4.09 127.24 95.19
C ILE WF 67 -4.64 128.23 96.21
N PHE WF 68 -3.79 129.19 96.60
CA PHE WF 68 -4.16 130.29 97.47
C PHE WF 68 -3.56 131.57 96.93
N GLY WF 69 -3.78 132.67 97.65
CA GLY WF 69 -3.25 133.96 97.25
C GLY WF 69 -1.73 133.99 97.26
N SER WF 70 -1.13 134.05 96.07
CA SER WF 70 0.32 134.10 95.89
C SER WF 70 1.03 132.87 96.46
N GLY WF 71 0.29 131.81 96.78
CA GLY WF 71 0.90 130.64 97.38
C GLY WF 71 0.05 129.40 97.19
N THR WF 72 0.72 128.26 97.20
CA THR WF 72 0.10 126.96 96.95
C THR WF 72 0.86 125.91 97.74
N TYR WF 73 0.38 124.67 97.69
CA TYR WF 73 1.21 123.54 98.11
C TYR WF 73 0.78 122.29 97.34
N ARG WF 74 1.75 121.42 97.07
CA ARG WF 74 1.57 120.33 96.12
C ARG WF 74 2.36 119.13 96.59
N SER WF 75 1.81 117.94 96.35
CA SER WF 75 2.41 116.67 96.75
C SER WF 75 2.34 115.66 95.63
N LEU WF 76 2.50 116.12 94.39
CA LEU WF 76 2.39 115.26 93.23
C LEU WF 76 3.48 114.20 93.25
N GLN WF 77 3.10 112.93 93.07
CA GLN WF 77 4.05 111.82 93.10
C GLN WF 77 4.83 111.81 94.40
N CYS WF 78 4.20 112.19 95.51
CA CYS WF 78 4.89 112.24 96.80
C CYS WF 78 4.46 111.08 97.71
N PRO WF 79 5.33 110.09 97.99
CA PRO WF 79 4.94 108.99 98.86
C PRO WF 79 4.61 109.55 100.23
N PRO WF 80 3.65 108.89 100.96
CA PRO WF 80 3.25 109.44 102.26
C PRO WF 80 4.36 109.39 103.28
N GLU WF 81 4.37 110.39 104.16
CA GLU WF 81 5.40 110.47 105.21
C GLU WF 81 5.25 109.41 106.28
N TYR WF 82 4.13 108.67 106.32
CA TYR WF 82 3.96 107.63 107.33
C TYR WF 82 5.02 106.56 107.20
N CYS WF 83 5.52 106.33 105.99
CA CYS WF 83 6.52 105.30 105.76
C CYS WF 83 7.87 105.61 106.37
N ARG WF 84 8.09 106.85 106.83
CA ARG WF 84 9.39 107.20 107.39
C ARG WF 84 9.70 106.40 108.64
N GLY WF 85 8.67 105.97 109.37
CA GLY WF 85 8.88 105.12 110.54
C GLY WF 85 9.00 103.66 110.16
N ALA WF 86 7.98 103.13 109.48
CA ALA WF 86 7.99 101.78 108.93
C ALA WF 86 8.20 100.71 109.99
N SER WF 87 7.90 101.01 111.26
CA SER WF 87 8.06 100.04 112.32
C SER WF 87 6.88 99.07 112.31
N LEU WF 88 7.16 97.79 112.13
CA LEU WF 88 6.13 96.77 112.04
C LEU WF 88 6.61 95.52 112.76
N SER WF 89 5.66 94.69 113.18
CA SER WF 89 5.98 93.49 113.93
C SER WF 89 4.92 92.44 113.68
N HIS WF 90 5.30 91.18 113.89
CA HIS WF 90 4.38 90.07 113.70
C HIS WF 90 3.38 90.00 114.85
N LEU WF 91 2.23 89.39 114.56
CA LEU WF 91 1.19 89.18 115.55
C LEU WF 91 1.56 88.01 116.45
N SER WF 92 1.04 88.03 117.68
CA SER WF 92 1.28 86.94 118.61
C SER WF 92 0.59 85.68 118.13
N LEU WF 93 1.23 84.54 118.35
CA LEU WF 93 0.73 83.24 117.93
C LEU WF 93 0.93 82.26 119.05
N PRO WF 94 0.22 81.13 119.06
CA PRO WF 94 0.43 80.11 120.09
C PRO WF 94 1.87 79.61 120.08
N SER WF 95 2.39 79.32 121.28
CA SER WF 95 3.76 78.88 121.43
C SER WF 95 3.88 77.37 121.24
N GLN WF 96 4.92 76.96 120.54
CA GLN WF 96 5.24 75.54 120.40
C GLN WF 96 6.10 75.09 121.58
N SER WF 97 6.09 73.78 121.84
CA SER WF 97 6.83 73.23 122.96
C SER WF 97 7.29 71.82 122.64
N GLY WF 98 8.55 71.53 122.93
CA GLY WF 98 9.08 70.18 122.79
C GLY WF 98 9.01 69.64 121.38
N LEU WF 99 9.25 70.49 120.38
CA LEU WF 99 9.20 70.03 118.99
C LEU WF 99 10.29 68.99 118.73
N GLY WF 100 11.49 69.20 119.29
CA GLY WF 100 12.58 68.29 119.03
C GLY WF 100 12.30 66.88 119.50
N THR WF 101 11.76 66.74 120.71
CA THR WF 101 11.45 65.41 121.23
C THR WF 101 10.43 64.71 120.35
N THR WF 102 9.36 65.40 119.96
CA THR WF 102 8.33 64.79 119.14
C THR WF 102 8.90 64.38 117.78
N ALA WF 103 9.70 65.25 117.16
CA ALA WF 103 10.31 64.90 115.89
C ALA WF 103 11.19 63.67 116.01
N LEU WF 104 12.01 63.63 117.08
CA LEU WF 104 12.89 62.49 117.27
C LEU WF 104 12.11 61.21 117.50
N ALA WF 105 10.99 61.30 118.21
CA ALA WF 105 10.20 60.11 118.51
C ALA WF 105 9.50 59.59 117.26
N ARG WF 106 8.87 60.49 116.50
CA ARG WF 106 8.09 60.05 115.35
C ARG WF 106 8.99 59.59 114.21
N THR WF 107 10.21 60.12 114.14
CA THR WF 107 11.08 59.92 113.00
C THR WF 107 11.85 58.60 113.04
N ASN WF 108 11.80 57.87 114.15
CA ASN WF 108 12.67 56.70 114.31
C ASN WF 108 12.32 55.64 113.26
N PRO WF 109 13.27 55.23 112.42
CA PRO WF 109 12.96 54.25 111.36
C PRO WF 109 13.10 52.79 111.77
N SER WF 110 13.20 52.47 113.06
CA SER WF 110 13.31 51.07 113.45
C SER WF 110 12.01 50.35 113.12
N ARG WF 111 12.12 49.13 112.61
CA ARG WF 111 10.96 48.33 112.25
C ARG WF 111 11.37 46.87 112.18
N PRO WF 112 10.43 45.94 112.31
CA PRO WF 112 10.81 44.52 112.35
C PRO WF 112 11.46 44.05 111.06
N ALA WF 113 12.24 42.97 111.16
CA ALA WF 113 13.03 42.46 110.05
C ALA WF 113 12.64 41.02 109.74
N PHE WF 114 13.05 40.56 108.56
CA PHE WF 114 12.78 39.20 108.14
C PHE WF 114 13.52 38.21 109.04
N ASN WF 115 12.87 37.09 109.33
CA ASN WF 115 13.42 36.10 110.24
C ASN WF 115 14.55 35.31 109.60
N LEU WF 116 15.58 35.01 110.40
CA LEU WF 116 16.78 34.35 109.92
C LEU WF 116 16.54 32.85 109.75
N PRO WF 117 16.84 32.26 108.59
CA PRO WF 117 16.65 30.82 108.43
C PRO WF 117 17.62 30.02 109.29
N ALA WF 118 17.36 28.72 109.37
CA ALA WF 118 18.17 27.84 110.21
C ALA WF 118 19.53 27.54 109.58
N PHE WF 119 19.58 27.41 108.25
CA PHE WF 119 20.83 27.04 107.59
C PHE WF 119 21.88 28.14 107.67
N ILE WF 120 21.53 29.34 108.13
CA ILE WF 120 22.53 30.39 108.27
C ILE WF 120 23.61 29.97 109.25
N GLY WF 121 23.28 29.11 110.21
CA GLY WF 121 24.30 28.57 111.09
C GLY WF 121 25.33 27.73 110.36
N GLU WF 122 24.87 26.91 109.41
CA GLU WF 122 25.74 26.09 108.59
C GLU WF 122 26.30 26.87 107.40
N LEU WF 123 25.92 28.13 107.25
CA LEU WF 123 26.34 28.91 106.08
C LEU WF 123 27.86 28.89 105.92
N ARG WF 124 28.58 28.93 107.05
CA ARG WF 124 30.04 28.98 106.98
C ARG WF 124 30.64 27.69 106.42
N ASP WF 125 29.89 26.59 106.39
CA ASP WF 125 30.44 25.27 106.09
C ASP WF 125 30.27 24.85 104.64
N LEU WF 126 29.62 25.66 103.80
CA LEU WF 126 29.30 25.20 102.46
C LEU WF 126 30.52 24.82 101.64
N PRO WF 127 31.61 25.60 101.63
CA PRO WF 127 32.68 25.31 100.65
C PRO WF 127 33.25 23.90 100.74
N ARG WF 128 33.53 23.41 101.96
CA ARG WF 128 34.15 22.10 102.05
C ARG WF 128 33.17 21.00 101.66
N MET WF 129 31.88 21.19 101.92
CA MET WF 129 30.88 20.27 101.40
C MET WF 129 31.10 20.05 99.91
N PHE WF 130 31.10 21.14 99.13
CA PHE WF 130 31.19 21.02 97.68
C PHE WF 130 32.52 20.45 97.26
N LYS WF 131 33.60 20.93 97.88
CA LYS WF 131 34.93 20.46 97.50
C LYS WF 131 35.07 18.96 97.72
N ILE WF 132 34.67 18.49 98.90
CA ILE WF 132 34.82 17.08 99.23
C ILE WF 132 33.92 16.22 98.36
N ALA WF 133 32.69 16.68 98.11
CA ALA WF 133 31.80 15.93 97.24
C ALA WF 133 32.39 15.79 95.84
N GLY WF 134 32.84 16.90 95.26
CA GLY WF 134 33.43 16.83 93.93
C GLY WF 134 34.67 15.94 93.90
N ASP WF 135 35.52 16.03 94.92
CA ASP WF 135 36.73 15.24 94.95
C ASP WF 135 36.41 13.75 95.03
N THR WF 136 35.49 13.38 95.92
CA THR WF 136 35.14 11.97 96.06
C THR WF 136 34.51 11.44 94.77
N MET WF 137 33.64 12.23 94.15
CA MET WF 137 33.00 11.77 92.92
C MET WF 137 34.03 11.61 91.79
N LEU WF 138 34.97 12.55 91.70
CA LEU WF 138 36.01 12.43 90.67
C LEU WF 138 36.89 11.22 90.93
N ARG WF 139 37.22 10.95 92.20
CA ARG WF 139 38.06 9.81 92.52
C ARG WF 139 37.36 8.48 92.21
N LYS WF 140 36.07 8.38 92.56
CA LYS WF 140 35.33 7.13 92.39
C LYS WF 140 34.22 7.25 91.36
N GLY WF 141 34.33 8.19 90.43
CA GLY WF 141 33.36 8.31 89.36
C GLY WF 141 32.03 8.85 89.83
N ALA WF 142 31.07 8.84 88.89
CA ALA WF 142 29.74 9.40 89.13
C ALA WF 142 28.82 8.44 89.87
N ASN WF 143 29.17 7.16 89.96
CA ASN WF 143 28.29 6.20 90.60
C ASN WF 143 28.03 6.55 92.06
N ALA WF 144 28.92 7.35 92.66
CA ALA WF 144 28.72 7.74 94.04
C ALA WF 144 27.42 8.55 94.18
N PHE WF 145 26.73 8.34 95.30
CA PHE WF 145 25.51 9.05 95.68
C PHE WF 145 24.35 8.83 94.73
N LEU WF 146 24.40 7.82 93.86
CA LEU WF 146 23.19 7.42 93.15
C LEU WF 146 22.14 6.90 94.13
N SER WF 147 22.56 6.34 95.26
CA SER WF 147 21.62 5.94 96.29
C SER WF 147 20.86 7.14 96.85
N TYR WF 148 21.39 8.35 96.70
CA TYR WF 148 20.76 9.55 97.22
C TYR WF 148 20.17 10.44 96.12
N GLN WF 149 20.10 9.93 94.89
CA GLN WF 149 19.64 10.73 93.75
C GLN WF 149 20.44 12.03 93.68
N PHE WF 150 21.74 11.88 93.54
CA PHE WF 150 22.66 13.02 93.52
C PHE WF 150 23.70 12.80 92.41
N GLY WF 151 24.27 13.89 91.93
CA GLY WF 151 25.17 13.80 90.79
C GLY WF 151 25.83 15.13 90.50
N TRP WF 152 26.40 15.20 89.30
CA TRP WF 152 27.13 16.39 88.86
C TRP WF 152 26.19 17.59 88.74
N LYS WF 153 25.08 17.40 88.03
CA LYS WF 153 24.16 18.49 87.74
C LYS WF 153 23.59 19.13 89.00
N PRO WF 154 23.11 18.37 89.99
CA PRO WF 154 22.66 19.02 91.24
C PRO WF 154 23.74 19.84 91.92
N LEU WF 155 24.99 19.34 91.90
CA LEU WF 155 26.08 20.06 92.54
C LEU WF 155 26.30 21.41 91.85
N ILE WF 156 26.31 21.42 90.52
CA ILE WF 156 26.52 22.67 89.81
C ILE WF 156 25.36 23.63 90.06
N SER WF 157 24.13 23.10 90.10
CA SER WF 157 22.99 23.96 90.38
C SER WF 157 23.13 24.62 91.76
N ASP WF 158 23.53 23.82 92.76
CA ASP WF 158 23.65 24.36 94.11
C ASP WF 158 24.73 25.44 94.18
N ILE WF 159 25.88 25.18 93.55
CA ILE WF 159 26.95 26.17 93.62
C ILE WF 159 26.56 27.45 92.90
N SER WF 160 25.83 27.33 91.78
CA SER WF 160 25.34 28.53 91.10
C SER WF 160 24.40 29.32 92.00
N LYS WF 161 23.49 28.63 92.70
CA LYS WF 161 22.61 29.33 93.62
C LYS WF 161 23.40 30.07 94.68
N ALA WF 162 24.47 29.43 95.19
CA ALA WF 162 25.29 30.07 96.20
C ALA WF 162 25.98 31.32 95.66
N LEU WF 163 26.48 31.26 94.42
CA LEU WF 163 27.09 32.46 93.83
C LEU WF 163 26.06 33.57 93.68
N ASP WF 164 24.84 33.23 93.27
CA ASP WF 164 23.79 34.24 93.17
C ASP WF 164 23.55 34.90 94.52
N PHE WF 165 23.44 34.10 95.59
CA PHE WF 165 23.24 34.68 96.91
C PHE WF 165 24.42 35.56 97.29
N SER WF 166 25.64 35.11 97.02
CA SER WF 166 26.82 35.89 97.36
C SER WF 166 26.81 37.24 96.65
N ALA WF 167 26.48 37.25 95.36
CA ALA WF 167 26.45 38.53 94.65
C ALA WF 167 25.35 39.44 95.20
N THR WF 168 24.18 38.88 95.50
CA THR WF 168 23.11 39.71 96.04
C THR WF 168 23.52 40.36 97.37
N VAL WF 169 24.10 39.55 98.27
CA VAL WF 169 24.57 40.12 99.53
C VAL WF 169 25.67 41.13 99.30
N ARG WF 170 26.51 40.91 98.28
CA ARG WF 170 27.59 41.84 97.98
C ARG WF 170 27.03 43.18 97.55
N THR WF 171 26.04 43.16 96.66
CA THR WF 171 25.44 44.38 96.16
C THR WF 171 24.74 45.13 97.30
N ARG WF 172 24.06 44.39 98.17
CA ARG WF 172 23.39 45.03 99.30
C ARG WF 172 24.40 45.69 100.22
N SER WF 173 25.53 45.02 100.46
CA SER WF 173 26.61 45.61 101.27
C SER WF 173 27.15 46.87 100.62
N ASP WF 174 27.35 46.82 99.30
CA ASP WF 174 27.81 48.01 98.58
C ASP WF 174 26.84 49.17 98.80
N GLU WF 175 25.55 48.89 98.72
CA GLU WF 175 24.55 49.94 98.92
C GLU WF 175 24.61 50.51 100.32
N TRP WF 176 24.73 49.64 101.33
CA TRP WF 176 24.84 50.13 102.71
C TRP WF 176 26.06 51.04 102.88
N HIS WF 177 27.22 50.61 102.34
CA HIS WF 177 28.41 51.44 102.46
C HIS WF 177 28.26 52.77 101.74
N ARG WF 178 27.60 52.78 100.58
CA ARG WF 178 27.28 54.07 99.95
C ARG WF 178 26.42 54.92 100.88
N LEU WF 179 25.43 54.31 101.53
CA LEU WF 179 24.53 55.07 102.40
C LEU WF 179 25.27 55.69 103.58
N TYR WF 180 26.29 55.00 104.11
CA TYR WF 180 27.03 55.58 105.23
C TYR WF 180 27.53 56.97 104.88
N SER WF 181 27.93 57.18 103.62
CA SER WF 181 28.39 58.47 103.14
C SER WF 181 27.23 59.48 103.11
N ASN WF 182 27.54 60.66 102.55
CA ASN WF 182 26.59 61.75 102.29
C ASN WF 182 25.59 61.91 103.41
N GLY WF 183 26.09 61.86 104.65
CA GLY WF 183 25.32 62.28 105.81
C GLY WF 183 24.34 61.27 106.34
N GLY WF 184 24.23 60.09 105.73
CA GLY WF 184 23.27 59.11 106.19
C GLY WF 184 21.88 59.34 105.62
N LEU WF 185 20.91 58.69 106.28
CA LEU WF 185 19.52 58.75 105.86
C LEU WF 185 18.84 59.96 106.47
N LYS WF 186 18.18 60.75 105.61
CA LYS WF 186 17.47 61.96 106.04
C LYS WF 186 15.96 61.75 105.97
N ARG WF 187 15.25 62.31 106.94
CA ARG WF 187 13.80 62.26 106.99
C ARG WF 187 13.26 63.63 107.36
N ARG WF 188 12.00 63.89 107.00
CA ARG WF 188 11.36 65.17 107.25
C ARG WF 188 9.93 64.99 107.74
N ILE WF 189 9.52 65.87 108.65
CA ILE WF 189 8.15 65.91 109.17
C ILE WF 189 7.65 67.35 109.12
N ASN WF 190 6.32 67.49 109.17
CA ASN WF 190 5.66 68.79 109.21
C ASN WF 190 5.03 69.00 110.58
N LEU WF 191 5.14 70.22 111.10
CA LEU WF 191 4.73 70.53 112.46
C LEU WF 191 3.60 71.57 112.51
N GLY WF 192 2.80 71.64 111.45
CA GLY WF 192 1.60 72.46 111.45
C GLY WF 192 1.80 73.84 110.83
N VAL WF 193 0.67 74.49 110.56
CA VAL WF 193 0.63 75.85 110.04
C VAL WF 193 -0.38 76.64 110.85
N ASP WF 194 0.00 77.85 111.26
CA ASP WF 194 -0.85 78.74 112.03
C ASP WF 194 -1.16 79.98 111.20
N ILE WF 195 -2.44 80.33 111.12
CA ILE WF 195 -2.90 81.46 110.33
C ILE WF 195 -3.82 82.30 111.21
N GLU WF 196 -3.63 83.63 111.15
CA GLU WF 196 -4.41 84.55 111.97
C GLU WF 196 -4.58 85.87 111.23
N GLN WF 197 -5.76 86.47 111.36
CA GLN WF 197 -6.09 87.74 110.75
C GLN WF 197 -6.71 88.68 111.78
N LYS WF 198 -6.48 89.98 111.60
CA LYS WF 198 -7.05 90.99 112.48
C LYS WF 198 -7.39 92.22 111.63
N LYS WF 199 -8.00 93.21 112.28
CA LYS WF 199 -8.37 94.47 111.65
C LYS WF 199 -7.87 95.63 112.51
N GLU WF 200 -7.50 96.72 111.86
CA GLU WF 200 -7.10 97.93 112.55
C GLU WF 200 -7.74 99.14 111.87
N ASN WF 201 -7.89 100.22 112.63
CA ASN WF 201 -8.66 101.37 112.17
C ASN WF 201 -7.92 102.66 112.50
N ASP WF 202 -8.22 103.70 111.72
CA ASP WF 202 -7.78 105.07 112.00
C ASP WF 202 -6.25 105.15 112.06
N VAL WF 203 -5.63 104.91 110.91
CA VAL WF 203 -4.18 105.07 110.74
C VAL WF 203 -3.93 106.37 109.99
N VAL WF 204 -3.26 107.32 110.65
CA VAL WF 204 -2.94 108.59 110.02
C VAL WF 204 -1.81 108.36 109.02
N LEU WF 205 -2.03 108.74 107.76
CA LEU WF 205 -1.10 108.46 106.69
C LEU WF 205 -0.21 109.64 106.33
N HIS WF 206 -0.63 110.86 106.64
CA HIS WF 206 0.16 112.04 106.29
C HIS WF 206 -0.14 113.14 107.31
N SER WF 207 0.88 113.93 107.62
CA SER WF 207 0.79 114.96 108.65
C SER WF 207 1.19 116.35 108.15
N SER WF 208 1.38 116.52 106.84
CA SER WF 208 1.73 117.80 106.25
C SER WF 208 0.98 117.94 104.94
N ASN WF 209 0.92 119.17 104.43
CA ASN WF 209 0.19 119.45 103.20
C ASN WF 209 -1.22 118.89 103.30
N GLY WF 210 -1.82 119.09 104.47
CA GLY WF 210 -3.07 118.45 104.82
C GLY WF 210 -2.84 117.24 105.72
N PHE WF 211 -3.90 116.45 105.86
CA PHE WF 211 -3.85 115.24 106.67
C PHE WF 211 -4.56 114.12 105.94
N VAL WF 212 -4.09 112.90 106.14
CA VAL WF 212 -4.64 111.71 105.49
C VAL WF 212 -4.79 110.62 106.53
N VAL WF 213 -5.93 109.93 106.49
CA VAL WF 213 -6.23 108.80 107.36
C VAL WF 213 -6.62 107.62 106.50
N ALA WF 214 -6.16 106.43 106.89
CA ALA WF 214 -6.40 105.23 106.11
C ALA WF 214 -6.71 104.07 107.05
N SER WF 215 -7.44 103.09 106.51
CA SER WF 215 -7.74 101.87 107.24
C SER WF 215 -6.56 100.91 107.18
N HIS WF 216 -6.55 99.94 108.09
CA HIS WF 216 -5.43 99.02 108.22
C HIS WF 216 -5.93 97.60 108.47
N THR WF 217 -5.30 96.64 107.80
CA THR WF 217 -5.61 95.23 107.96
C THR WF 217 -4.31 94.46 107.96
N VAL WF 218 -4.25 93.38 108.74
CA VAL WF 218 -3.03 92.63 108.94
C VAL WF 218 -3.31 91.14 108.74
N ILE WF 219 -2.33 90.44 108.18
CA ILE WF 219 -2.40 89.01 107.95
C ILE WF 219 -1.10 88.39 108.48
N THR WF 220 -1.21 87.24 109.15
CA THR WF 220 -0.06 86.57 109.75
C THR WF 220 -0.09 85.10 109.41
N VAL WF 221 1.07 84.55 109.05
CA VAL WF 221 1.22 83.14 108.69
C VAL WF 221 2.50 82.60 109.30
N ARG WF 222 2.44 81.38 109.84
CA ARG WF 222 3.61 80.72 110.40
C ARG WF 222 3.62 79.25 109.98
N LYS WF 223 4.81 78.78 109.61
CA LYS WF 223 5.07 77.38 109.33
C LYS WF 223 6.13 76.87 110.29
N THR WF 224 6.19 75.54 110.45
CA THR WF 224 7.20 74.94 111.31
C THR WF 224 7.44 73.52 110.86
N TRP WF 225 8.71 73.15 110.70
CA TRP WF 225 9.07 71.81 110.29
C TRP WF 225 10.43 71.47 110.86
N ALA WF 226 10.77 70.17 110.84
CA ALA WF 226 12.02 69.67 111.38
C ALA WF 226 12.55 68.56 110.50
N THR WF 227 13.88 68.44 110.47
CA THR WF 227 14.55 67.37 109.73
C THR WF 227 15.67 66.80 110.58
N VAL WF 228 15.94 65.50 110.38
CA VAL WF 228 17.05 64.81 111.01
C VAL WF 228 17.63 63.81 110.03
N ARG WF 229 18.89 63.44 110.27
CA ARG WF 229 19.60 62.47 109.45
C ARG WF 229 20.01 61.29 110.31
N TRP WF 230 19.60 60.09 109.92
CA TRP WF 230 19.97 58.86 110.62
C TRP WF 230 21.11 58.20 109.84
N ARG WF 231 22.24 57.98 110.51
CA ARG WF 231 23.43 57.38 109.90
C ARG WF 231 23.83 56.11 110.63
N PRO WF 232 24.25 55.08 109.91
CA PRO WF 232 24.75 53.87 110.60
C PRO WF 232 25.94 54.20 111.49
N ASP WF 233 25.97 53.56 112.66
CA ASP WF 233 27.12 53.70 113.54
C ASP WF 233 28.34 53.03 112.94
N ALA WF 234 29.50 53.68 113.08
CA ALA WF 234 30.71 53.15 112.49
C ALA WF 234 31.05 51.79 113.08
N GLY WF 235 31.49 50.87 112.23
CA GLY WF 235 31.85 49.54 112.64
C GLY WF 235 30.73 48.53 112.59
N SER WF 236 29.48 48.97 112.52
CA SER WF 236 28.36 48.06 112.39
C SER WF 236 28.08 47.65 110.95
N LEU WF 237 28.81 48.20 109.99
CA LEU WF 237 28.54 47.91 108.59
C LEU WF 237 28.91 46.46 108.27
N PRO WF 238 28.32 45.90 107.21
CA PRO WF 238 28.66 44.53 106.81
C PRO WF 238 30.00 44.49 106.10
N PRO WF 239 30.51 43.30 105.79
CA PRO WF 239 31.71 43.19 104.95
C PRO WF 239 31.47 43.79 103.57
N ILE WF 240 32.53 44.39 103.01
CA ILE WF 240 32.39 45.16 101.77
C ILE WF 240 33.34 44.62 100.70
N THR WF 241 33.61 43.32 100.74
CA THR WF 241 34.54 42.74 99.79
C THR WF 241 34.08 42.96 98.36
N LYS WF 242 35.00 43.39 97.50
CA LYS WF 242 34.75 43.40 96.07
C LYS WF 242 34.84 41.98 95.51
N SER WF 243 34.36 41.81 94.28
CA SER WF 243 34.16 40.47 93.75
C SER WF 243 34.30 40.48 92.23
N SER WF 244 35.37 39.89 91.74
CA SER WF 244 35.49 39.50 90.35
C SER WF 244 35.74 38.01 90.18
N SER WF 245 36.00 37.29 91.28
CA SER WF 245 36.20 35.85 91.20
C SER WF 245 34.94 35.13 90.76
N GLU WF 246 33.77 35.63 91.17
CA GLU WF 246 32.52 34.97 90.78
C GLU WF 246 32.35 34.96 89.27
N LYS WF 247 32.77 36.00 88.57
CA LYS WF 247 32.72 35.97 87.12
C LYS WF 247 33.53 34.80 86.57
N HIS WF 248 34.73 34.59 87.11
CA HIS WF 248 35.57 33.48 86.69
C HIS WF 248 34.92 32.14 86.99
N ALA WF 249 34.35 31.99 88.19
CA ALA WF 249 33.70 30.74 88.56
C ALA WF 249 32.54 30.46 87.61
N ARG WF 250 31.74 31.48 87.31
CA ARG WF 250 30.63 31.29 86.38
C ARG WF 250 31.16 30.89 85.00
N ALA WF 251 32.27 31.48 84.58
CA ALA WF 251 32.86 31.11 83.31
C ALA WF 251 33.25 29.63 83.30
N LEU WF 252 33.85 29.14 84.38
CA LEU WF 252 34.19 27.72 84.46
C LEU WF 252 32.93 26.86 84.40
N LEU WF 253 31.88 27.25 85.12
CA LEU WF 253 30.67 26.44 85.15
C LEU WF 253 30.08 26.29 83.75
N GLY WF 254 30.27 27.30 82.89
CA GLY WF 254 29.73 27.21 81.54
C GLY WF 254 30.35 26.10 80.72
N LEU WF 255 31.51 25.59 81.14
CA LEU WF 255 32.17 24.52 80.39
C LEU WF 255 31.36 23.22 80.40
N GLY WF 256 30.44 23.06 81.35
CA GLY WF 256 29.64 21.85 81.42
C GLY WF 256 30.30 20.75 82.22
N VAL WF 257 29.59 19.62 82.28
CA VAL WF 257 30.09 18.47 83.02
C VAL WF 257 31.39 17.96 82.41
N GLY WF 258 31.48 17.96 81.08
CA GLY WF 258 32.68 17.47 80.43
C GLY WF 258 33.91 18.27 80.81
N GLY WF 259 33.78 19.58 80.89
CA GLY WF 259 34.92 20.40 81.29
C GLY WF 259 35.37 20.09 82.71
N LEU WF 260 34.42 20.02 83.65
CA LEU WF 260 34.79 19.73 85.04
C LEU WF 260 35.40 18.34 85.16
N ILE WF 261 34.98 17.40 84.31
CA ILE WF 261 35.63 16.09 84.29
C ILE WF 261 37.11 16.25 83.99
N GLU WF 262 37.46 17.17 83.08
CA GLU WF 262 38.84 17.50 82.81
C GLU WF 262 39.39 18.29 83.98
N GLY WF 263 40.60 18.82 83.83
CA GLY WF 263 41.27 19.54 84.90
C GLY WF 263 40.62 20.85 85.29
N ALA WF 264 39.43 21.15 84.76
CA ALA WF 264 38.82 22.46 84.97
C ALA WF 264 38.46 22.69 86.45
N TRP WF 265 37.93 21.67 87.12
CA TRP WF 265 37.46 21.86 88.49
C TRP WF 265 38.57 22.31 89.42
N GLN WF 266 39.81 21.88 89.19
CA GLN WF 266 40.89 22.31 90.06
C GLN WF 266 41.13 23.82 90.01
N LEU WF 267 40.36 24.56 89.22
CA LEU WF 267 40.51 26.00 89.12
C LEU WF 267 39.51 26.77 89.99
N MET WF 268 38.73 26.08 90.82
CA MET WF 268 37.71 26.77 91.62
C MET WF 268 38.36 27.66 92.67
N PRO WF 269 37.79 28.85 92.94
CA PRO WF 269 38.37 29.76 93.96
C PRO WF 269 37.90 29.43 95.37
N TRP WF 270 38.41 28.33 95.90
CA TRP WF 270 37.94 27.81 97.18
C TRP WF 270 38.24 28.78 98.33
N SER WF 271 39.47 29.33 98.35
CA SER WF 271 39.90 30.12 99.50
C SER WF 271 39.04 31.37 99.67
N TRP WF 272 38.81 32.09 98.57
CA TRP WF 272 37.99 33.29 98.63
C TRP WF 272 36.60 32.95 99.14
N MET WF 273 36.00 31.89 98.60
CA MET WF 273 34.66 31.50 99.02
C MET WF 273 34.62 31.17 100.50
N VAL WF 274 35.60 30.41 100.98
CA VAL WF 274 35.63 30.07 102.41
C VAL WF 274 35.71 31.34 103.24
N ASP WF 275 36.66 32.22 102.92
CA ASP WF 275 36.86 33.41 103.73
C ASP WF 275 35.59 34.25 103.78
N TRP WF 276 35.01 34.55 102.61
CA TRP WF 276 33.88 35.46 102.58
C TRP WF 276 32.62 34.83 103.16
N PHE WF 277 32.40 33.53 102.92
CA PHE WF 277 31.25 32.87 103.52
C PHE WF 277 31.37 32.88 105.04
N GLY WF 278 32.56 32.60 105.57
CA GLY WF 278 32.74 32.66 107.01
C GLY WF 278 32.50 34.05 107.56
N ASN WF 279 33.03 35.08 106.88
CA ASN WF 279 32.83 36.44 107.34
C ASN WF 279 31.36 36.80 107.35
N VAL WF 280 30.64 36.49 106.27
CA VAL WF 280 29.23 36.89 106.20
C VAL WF 280 28.40 36.12 107.22
N GLY WF 281 28.68 34.83 107.40
CA GLY WF 281 28.01 34.03 108.40
C GLY WF 281 28.19 34.53 109.83
N THR WF 282 29.43 34.84 110.19
CA THR WF 282 29.70 35.37 111.52
C THR WF 282 29.06 36.75 111.69
N PHE WF 283 29.03 37.57 110.63
CA PHE WF 283 28.36 38.87 110.74
C PHE WF 283 26.85 38.70 110.92
N LEU WF 284 26.21 37.88 110.08
CA LEU WF 284 24.77 37.71 110.17
C LEU WF 284 24.39 37.20 111.55
N GLN WF 285 25.12 36.21 112.05
CA GLN WF 285 24.80 35.66 113.38
C GLN WF 285 25.11 36.67 114.49
N ALA WF 286 26.12 37.51 114.30
CA ALA WF 286 26.42 38.53 115.29
C ALA WF 286 25.24 39.47 115.47
N SER WF 287 24.72 40.01 114.37
CA SER WF 287 23.54 40.84 114.38
C SER WF 287 22.31 39.96 114.22
N ASN WF 288 21.15 40.59 114.02
CA ASN WF 288 19.91 39.88 113.65
C ASN WF 288 19.36 40.59 112.43
N ASN WF 289 19.89 40.23 111.26
CA ASN WF 289 19.45 40.76 109.97
C ASN WF 289 19.20 42.27 110.04
N THR WF 290 20.04 43.00 110.80
CA THR WF 290 19.84 44.42 110.97
C THR WF 290 21.16 45.16 111.12
N ILE WF 291 21.15 46.44 110.74
CA ILE WF 291 22.24 47.38 110.98
C ILE WF 291 21.79 48.40 112.00
N GLY WF 292 22.65 48.68 112.98
CA GLY WF 292 22.36 49.72 113.95
C GLY WF 292 22.49 51.11 113.36
N ALA WF 293 21.93 52.08 114.07
CA ALA WF 293 21.99 53.47 113.64
C ALA WF 293 21.88 54.38 114.87
N SER WF 294 22.33 55.62 114.71
CA SER WF 294 22.26 56.63 115.75
C SER WF 294 21.83 57.96 115.13
N PRO WF 295 21.14 58.81 115.88
CA PRO WF 295 20.67 60.08 115.31
C PRO WF 295 21.66 61.21 115.47
N GLY WF 296 21.78 62.01 114.41
CA GLY WF 296 22.52 63.26 114.47
C GLY WF 296 21.69 64.33 115.15
N LEU WF 297 22.15 65.56 115.01
CA LEU WF 297 21.46 66.67 115.65
C LEU WF 297 20.10 66.90 114.99
N VAL WF 298 19.18 67.49 115.76
CA VAL WF 298 17.83 67.79 115.28
C VAL WF 298 17.71 69.30 115.11
N ASN WF 299 17.22 69.72 113.95
CA ASN WF 299 17.09 71.12 113.60
C ASN WF 299 15.62 71.46 113.36
N ILE WF 300 15.26 72.70 113.66
CA ILE WF 300 13.91 73.20 113.44
C ILE WF 300 13.99 74.54 112.73
N MET WF 301 13.15 74.71 111.70
CA MET WF 301 13.09 75.93 110.92
C MET WF 301 11.67 76.47 110.98
N THR WF 302 11.55 77.76 111.30
CA THR WF 302 10.25 78.39 111.54
C THR WF 302 10.21 79.72 110.80
N THR WF 303 9.65 79.73 109.60
CA THR WF 303 9.46 80.96 108.84
C THR WF 303 8.17 81.66 109.25
N THR WF 304 8.21 82.98 109.32
CA THR WF 304 7.07 83.78 109.74
C THR WF 304 6.96 84.99 108.81
N THR WF 305 5.74 85.28 108.35
CA THR WF 305 5.50 86.40 107.45
C THR WF 305 4.19 87.08 107.80
N THR WF 306 4.09 88.35 107.43
CA THR WF 306 2.87 89.12 107.64
C THR WF 306 2.73 90.18 106.56
N ASN WF 307 1.49 90.53 106.24
CA ASN WF 307 1.18 91.56 105.27
C ASN WF 307 0.40 92.69 105.95
N HIS WF 308 0.77 93.93 105.63
CA HIS WF 308 0.12 95.12 106.18
C HIS WF 308 -0.39 95.96 105.02
N GLN WF 309 -1.69 95.90 104.78
CA GLN WF 309 -2.32 96.59 103.65
C GLN WF 309 -3.23 97.70 104.17
N PHE WF 310 -3.26 98.82 103.43
CA PHE WF 310 -4.00 100.00 103.83
C PHE WF 310 -4.94 100.45 102.72
N SER WF 311 -6.00 101.14 103.11
CA SER WF 311 -6.92 101.77 102.17
C SER WF 311 -7.19 103.18 102.65
N VAL WF 312 -7.09 104.15 101.73
CA VAL WF 312 -7.18 105.56 102.11
C VAL WF 312 -8.61 105.90 102.49
N LYS WF 313 -8.76 106.58 103.62
CA LYS WF 313 -10.05 107.11 104.07
C LYS WF 313 -10.14 108.57 103.65
N ARG WF 314 -11.09 108.88 102.76
CA ARG WF 314 -11.16 110.20 102.16
C ARG WF 314 -11.97 111.21 102.97
N ASP WF 315 -12.56 110.80 104.09
CA ASP WF 315 -13.44 111.68 104.87
C ASP WF 315 -12.69 112.61 105.82
N LEU WF 316 -11.37 112.47 105.93
CA LEU WF 316 -10.56 113.32 106.80
C LEU WF 316 -9.35 113.85 106.05
N SER WF 317 -9.55 114.27 104.79
CA SER WF 317 -8.46 114.74 103.96
C SER WF 317 -8.91 115.95 103.17
N ASP WF 318 -7.94 116.78 102.78
CA ASP WF 318 -8.24 117.90 101.92
C ASP WF 318 -8.78 117.40 100.57
N GLY WF 319 -9.70 118.16 100.00
CA GLY WF 319 -10.36 117.69 98.79
C GLY WF 319 -9.40 117.43 97.64
N TRP WF 320 -8.34 118.24 97.53
CA TRP WF 320 -7.39 118.07 96.44
C TRP WF 320 -6.60 116.77 96.54
N ILE WF 321 -6.46 116.21 97.73
CA ILE WF 321 -5.66 115.00 97.92
C ILE WF 321 -6.37 113.83 97.25
N LYS WF 322 -5.61 113.08 96.45
CA LYS WF 322 -6.13 111.91 95.74
C LYS WF 322 -5.16 110.75 95.90
N GLY WF 323 -5.71 109.55 96.01
CA GLY WF 323 -4.88 108.36 96.10
C GLY WF 323 -4.16 108.25 97.44
N GLY WF 324 -3.06 107.53 97.42
CA GLY WF 324 -2.28 107.28 98.61
C GLY WF 324 -2.30 105.84 99.11
N ASP WF 325 -2.91 104.92 98.37
CA ASP WF 325 -2.96 103.53 98.80
C ASP WF 325 -1.55 102.95 98.83
N CYS WF 326 -1.30 102.09 99.82
CA CYS WF 326 0.02 101.50 100.01
C CYS WF 326 -0.10 100.22 100.80
N SER WF 327 0.93 99.38 100.70
CA SER WF 327 0.98 98.11 101.41
C SER WF 327 2.42 97.83 101.82
N ALA WF 328 2.57 96.99 102.83
CA ALA WF 328 3.88 96.65 103.38
C ALA WF 328 3.92 95.17 103.71
N THR WF 329 5.13 94.60 103.70
CA THR WF 329 5.34 93.19 103.99
C THR WF 329 6.56 93.03 104.88
N VAL WF 330 6.43 92.17 105.90
CA VAL WF 330 7.51 91.86 106.83
C VAL WF 330 7.67 90.35 106.87
N THR WF 331 8.90 89.88 106.70
CA THR WF 331 9.20 88.45 106.70
C THR WF 331 10.40 88.17 107.59
N SER WF 332 10.33 87.03 108.31
CA SER WF 332 11.43 86.60 109.15
C SER WF 332 11.63 85.09 108.97
N LYS WF 333 12.88 84.66 109.07
CA LYS WF 333 13.22 83.25 109.01
C LYS WF 333 14.22 82.93 110.11
N ALA WF 334 14.25 81.67 110.52
CA ALA WF 334 15.10 81.26 111.61
C ALA WF 334 15.55 79.82 111.40
N ARG WF 335 16.72 79.51 111.93
CA ARG WF 335 17.26 78.15 111.95
C ARG WF 335 17.93 77.94 113.31
N SER WF 336 17.59 76.86 113.99
CA SER WF 336 18.08 76.63 115.34
C SER WF 336 18.30 75.13 115.54
N GLN WF 337 19.12 74.81 116.53
CA GLN WF 337 19.61 73.44 116.73
C GLN WF 337 19.22 72.94 118.11
N SER WF 338 19.00 71.61 118.19
CA SER WF 338 18.67 70.96 119.44
C SER WF 338 19.18 69.52 119.37
N SER WF 339 19.24 68.87 120.53
CA SER WF 339 19.68 67.49 120.63
C SER WF 339 18.97 66.81 121.79
N GLY WF 340 18.84 65.49 121.69
CA GLY WF 340 18.10 64.73 122.67
C GLY WF 340 18.89 63.58 123.24
N PRO WF 341 18.23 62.71 124.01
CA PRO WF 341 18.92 61.56 124.59
C PRO WF 341 19.32 60.54 123.55
N THR WF 342 20.30 59.72 123.91
CA THR WF 342 20.84 58.74 122.99
C THR WF 342 19.78 57.69 122.65
N ILE WF 343 19.74 57.31 121.38
CA ILE WF 343 18.79 56.33 120.87
C ILE WF 343 19.49 55.49 119.81
N THR WF 344 19.13 54.22 119.73
CA THR WF 344 19.67 53.33 118.71
C THR WF 344 18.51 52.61 118.02
N ALA WF 345 18.60 52.51 116.70
CA ALA WF 345 17.55 51.92 115.87
C ALA WF 345 18.13 50.78 115.04
N SER WF 346 17.23 49.93 114.55
CA SER WF 346 17.62 48.78 113.74
C SER WF 346 16.84 48.78 112.43
N ILE WF 347 17.53 48.46 111.33
CA ILE WF 347 16.93 48.53 110.00
C ILE WF 347 17.18 47.20 109.29
N PRO WF 348 16.18 46.59 108.64
CA PRO WF 348 16.42 45.28 108.02
C PRO WF 348 17.44 45.37 106.89
N ASN WF 349 18.16 44.27 106.68
CA ASN WF 349 19.17 44.19 105.63
C ASN WF 349 18.63 43.48 104.40
N LEU WF 350 18.24 42.21 104.54
CA LEU WF 350 17.76 41.43 103.43
C LEU WF 350 16.42 40.79 103.79
N SER WF 351 15.56 40.63 102.79
CA SER WF 351 14.20 40.20 103.03
C SER WF 351 13.74 39.24 101.96
N GLY WF 352 13.03 38.20 102.38
CA GLY WF 352 12.35 37.31 101.45
C GLY WF 352 13.26 36.70 100.40
N ARG WF 353 13.09 37.14 99.16
CA ARG WF 353 13.81 36.52 98.04
C ARG WF 353 15.31 36.51 98.28
N GLN WF 354 15.83 37.49 99.02
CA GLN WF 354 17.26 37.50 99.31
C GLN WF 354 17.69 36.25 100.07
N LEU WF 355 16.95 35.90 101.12
CA LEU WF 355 17.33 34.78 101.97
C LEU WF 355 16.75 33.44 101.53
N SER WF 356 15.74 33.45 100.65
CA SER WF 356 15.08 32.22 100.24
C SER WF 356 15.81 31.52 99.10
N ILE WF 357 16.91 32.07 98.60
CA ILE WF 357 17.54 31.52 97.41
C ILE WF 357 18.02 30.09 97.67
N LEU WF 358 18.70 29.89 98.79
CA LEU WF 358 19.38 28.63 99.08
C LEU WF 358 18.77 27.87 100.25
N GLY WF 359 17.49 28.11 100.54
CA GLY WF 359 16.84 27.41 101.63
C GLY WF 359 16.53 25.95 101.35
N ALA WF 360 16.61 25.52 100.10
CA ALA WF 360 16.29 24.15 99.73
C ALA WF 360 17.36 23.58 98.81
N LEU WF 361 18.62 23.91 99.07
CA LEU WF 361 19.71 23.37 98.29
C LEU WF 361 19.78 21.85 98.47
N GLY WF 362 19.97 21.14 97.35
CA GLY WF 362 19.68 19.72 97.31
C GLY WF 362 20.67 18.84 98.04
N ILE WF 363 21.91 19.31 98.23
CA ILE WF 363 22.94 18.44 98.78
C ILE WF 363 22.67 18.09 100.24
N GLN WF 364 21.69 18.75 100.88
CA GLN WF 364 21.45 18.50 102.30
C GLN WF 364 20.90 17.10 102.57
N ARG WF 365 20.46 16.36 101.55
CA ARG WF 365 19.90 15.03 101.77
C ARG WF 365 20.96 13.95 101.92
N VAL WF 366 22.24 14.27 101.71
CA VAL WF 366 23.31 13.30 101.91
C VAL WF 366 23.72 13.34 103.39
N PRO WF 367 23.99 12.21 104.03
CA PRO WF 367 24.42 12.25 105.43
C PRO WF 367 25.75 12.96 105.59
N ARG WF 368 25.91 13.63 106.74
CA ARG WF 368 27.07 14.48 106.93
C ARG WF 368 28.36 13.65 107.04
N HIS WF 369 28.26 12.45 107.61
CA HIS WF 369 29.46 11.66 107.89
C HIS WF 369 30.21 11.28 106.62
N LEU WF 370 29.50 11.02 105.52
CA LEU WF 370 30.20 10.75 104.27
C LEU WF 370 31.06 11.94 103.86
N LEU WF 371 30.50 13.14 103.94
CA LEU WF 371 31.28 14.36 103.74
C LEU WF 371 32.17 14.63 104.94
N ARG WF 372 31.67 14.32 106.13
CA ARG WF 372 32.34 14.56 107.42
C ARG WF 372 32.51 13.27 108.21
CA CA XF . 98.11 -75.47 -2.05
CA CA YF . 110.06 -80.51 32.53
CA CA ZF . 110.32 -81.70 -31.69
CA CA AG . 127.17 -64.21 -22.01
CA CA BG . 94.42 -104.85 9.70
CA CA CG . 89.89 -108.65 -15.37
CA CA DG . 107.99 -45.94 -41.26
CA CA EG . 138.00 -29.31 -29.07
CA CA FG . 106.87 -66.77 -65.18
CA CA GG . 110.45 -44.21 -77.77
CA CA HG . 128.24 -23.23 -52.87
CA CA IG . 122.27 -1.26 -23.92
CA CA JG . 142.81 -12.17 4.19
CA CA KG . 132.12 12.94 -50.33
CA CA LG . 134.13 32.08 -33.09
CA CA MG . 139.24 13.74 -0.16
CA CA NG . 127.48 -22.32 51.04
CA CA OG . 120.57 -3.27 25.96
CA CA PG . 134.73 -37.11 31.04
CA CA QG . 127.57 14.84 56.89
CA CA RG . 66.53 -77.35 100.10
CA CA SG . 71.09 -91.17 78.07
CA CA TG . 91.37 -33.55 98.55
CA CA UG . 76.37 -54.68 79.33
CA CA VG . 73.13 -43.58 113.82
CA CA WG . 110.77 -47.72 70.51
CA CA XG . 60.66 -14.99 105.44
CA CA YG . 70.24 16.83 119.66
CA CA ZG . 44.42 -6.77 132.19
CA CA AH . 42.74 -32.56 132.58
CA CA BH . 14.12 -23.98 119.80
CA CA CH . 9.23 -0.07 140.74
CA CA DH . -5.65 -46.57 131.90
CA CA EH . 16.92 -59.21 129.85
CA CA FH . 0.38 -68.81 103.33
CA CA GH . 31.59 -87.39 109.41
CA CA HH . -25.89 -93.94 102.33
CA CA IH . 11.02 -99.17 98.78
CA CA JH . 39.08 -87.64 77.93
CA CA KH . 29.52 -117.42 72.43
CA CA LH . 51.87 -116.93 60.28
CA CA MH . -76.04 48.33 -112.28
CA CA NH . -90.94 29.31 -103.39
CA CA OH . -76.97 54.95 -80.54
CA CA PH . -107.68 49.15 -77.24
CA CA QH . -104.56 70.09 -63.24
CA CA RH . -75.82 87.24 -79.84
CA CA SH . -62.10 81.40 -101.57
CA CA TH . -38.89 86.87 -79.14
CA CA UH . -52.87 112.63 -66.73
CA CA VH . -28.05 120.21 -67.94
CA CA WH . -15.13 100.64 -97.14
CA CA XH . -26.91 84.26 -113.84
CA CA YH . -0.59 67.41 -104.43
CA CA ZH . -18.84 52.90 -132.68
CA CA AI . 19.47 92.09 -105.79
CA CA BI . 6.89 50.79 -131.11
CA CA CI . -39.79 7.15 -134.93
CA CA DI . -49.41 31.52 -131.83
CA CA EI . -15.05 22.68 -121.54
CA CA FI . -62.36 14.84 -106.98
CA CA GI . -107.05 48.23 -40.79
CA CA HI . -109.21 82.84 -28.70
CA CA II . -126.67 26.09 -54.81
CA CA JI . -137.36 30.31 -30.50
CA CA KI . -143.44 11.00 1.14
CA CA LI . -120.91 2.44 -26.72
CA CA MI . -130.37 -9.73 -54.61
CA CA NI . -139.58 -13.88 -5.59
CA CA OI . -121.77 1.01 23.20
CA CA PI . -136.17 34.09 30.08
CA CA QI . -129.62 17.91 49.93
CA CA RI . -107.73 45.83 40.03
CA CA SI . -126.07 67.33 16.31
CA CA TI . -111.03 77.81 35.35
CA CA UI . -98.33 74.97 0.56
CA CA VI . -126.22 65.01 -21.00
CA CA WI . -88.97 108.56 -10.31
CA CA XI . -14.94 -119.93 -30.00
CA CA YI . -44.42 -129.48 -37.04
CA CA ZI . -34.65 -123.22 -60.78
CA CA AJ . 2.24 -129.14 -56.36
CA CA BJ . 15.67 -139.00 -36.02
CA CA CJ . 32.41 -111.62 -44.07
CA CA DJ . 49.69 -133.98 -20.54
CA CA EJ . 30.33 -115.95 -75.67
CA CA FJ . 54.75 -108.78 -73.09
CA CA GJ . 63.38 -119.96 -37.89
CA CA HJ . 65.12 -121.96 26.09
CA CA IJ . 60.44 -108.33 -3.10
CA CA JJ . 45.48 -135.60 16.69
CA CA KJ . 30.59 -114.41 36.38
CA CA LJ . 9.21 -141.61 23.56
CA CA MJ . 5.51 -131.80 47.54
CA CA NJ . -8.80 -143.78 -8.73
CA CA OJ . -33.18 -136.61 -3.09
CA CA PJ . -16.01 -121.55 19.76
CA CA QJ . -31.04 -129.94 46.58
CA CA RJ . -50.43 -129.07 29.34
CA CA SJ . -66.27 -96.71 -84.45
CA CA TJ . -53.16 -98.38 -54.39
CA CA UJ . -40.90 -101.19 -88.96
CA CA VJ . -90.30 -98.14 -55.64
CA CA WJ . -77.17 -111.61 -37.38
CA CA XJ . -91.36 -78.34 -29.46
CA CA YJ . -112.85 -68.76 -58.09
CA CA ZJ . -114.48 -82.83 -1.58
CA CA AK . -120.78 -64.04 -33.32
CA CA BK . -111.17 -24.80 -83.29
CA CA CK . -103.22 -49.12 -88.41
CA CA DK . -106.11 -37.13 -53.77
CA CA EK . -132.74 -30.11 -38.44
CA CA FK . -76.42 -31.41 -93.25
CA CA GK . -69.32 -11.45 -123.41
CA CA HK . -90.72 -7.79 -108.67
CA CA IK . -61.85 -47.63 -117.57
CA CA JK . -74.38 -66.45 -104.44
CA CA KK . -43.66 -69.31 -93.94
CA CA LK . -30.17 -64.88 -122.15
CA CA MK . -16.79 -84.93 -112.37
CA CA NK . 53.24 98.23 53.71
CA CA OK . 42.67 104.68 83.55
CA CA PK . 65.01 92.56 88.27
CA CA QK . 57.86 51.04 116.21
CA CA RK . 77.72 61.13 103.29
CA CA SK . 75.49 30.55 91.14
CA CA TK . 106.27 49.50 82.30
CA CA UK . 87.62 1.28 108.59
CA CA VK . 106.93 23.54 85.88
CA CA WK . 105.41 36.98 51.50
CA CA XK . 134.63 24.13 33.99
CA CA YK . 122.66 59.36 34.39
CA CA ZK . 111.06 73.25 54.07
CA CA AL . 91.15 78.41 28.32
CA CA BL . 85.66 100.30 57.86
CA CA CL . 81.74 109.07 33.56
CA CA DL . -9.91 139.02 33.57
CA CA EL . 15.68 119.22 28.40
CA CA FL . -7.03 127.36 56.76
CA CA GL . 33.46 136.08 7.36
CA CA HL . 49.58 126.47 39.40
CA CA IL . 29.65 126.03 56.11
CA CA JL . 9.02 143.28 1.33
CA CA KL . 15.65 120.64 -21.40
CA CA LL . -15.01 140.64 -26.59
CA CA ML . 36.04 126.92 -51.20
CA CA NL . -0.79 131.89 -47.57
CA CA OL . -61.89 121.78 -31.37
CA CA PL . -30.90 113.70 -37.38
CA CA QL . -49.05 134.19 -12.50
CA CA RL . -60.04 107.77 2.54
CA CA SL . -94.34 103.45 14.48
CA CA TL . -65.93 118.67 32.74
CA CA UL . -45.75 133.62 24.97
CA CA VL . -31.36 110.93 43.41
CA CA WL . -52.88 111.38 66.72
CA CA XL . 43.33 2.58 -133.53
CA CA YL . 93.89 -21.92 -101.64
CA CA ZL . 65.03 -8.02 -105.72
CA CA AM . 78.92 -41.21 -113.90
CA CA BM . 72.77 16.28 -114.75
CA CA CM . 94.14 13.91 -105.40
CA CA DM . 79.03 -49.68 -82.18
CA CA EM . 78.32 -82.32 -83.73
CA CA FM . 65.00 -74.83 -104.80
CA CA GM . 41.34 -82.16 -83.86
CA CA HM . 18.22 -94.06 -103.39
CA CA IM . 29.91 -76.87 -118.60
CA CA JM . 3.58 -60.65 -108.83
CA CA KM . 22.88 -44.58 -135.66
CA CA LM . -3.55 -42.15 -134.52
CA CA MM . 18.32 -14.76 -122.24
CA CA NM . 53.14 -22.31 -132.94
CA CA OM . 9.32 15.62 -140.79
CA CA PM . -5.76 -6.13 -141.51
CA CA QM . 105.25 54.38 -82.18
CA CA RM . 78.54 36.95 -88.88
CA CA SM . 112.82 29.33 -78.52
CA CA TM . 64.56 54.78 -112.34
CA CA UM . 76.92 72.38 -98.08
CA CA VM . 45.95 74.78 -87.74
CA CA WM . 68.25 101.65 -75.68
CA CA XM . 33.13 72.99 -117.01
CA CA YM . 42.76 106.51 -80.78
CA CA ZM . 54.60 101.28 -46.31
CA CA AN . 45.24 131.03 -26.98
CA CA BN . 78.46 113.36 -27.45
CA CA CN . 91.34 100.89 -46.68
CA CA DN . 92.56 79.65 -21.75
CA CA EN . 114.20 71.81 -50.31
CA CA FN . 115.08 82.07 6.95
CA CA GN . 98.54 101.76 0.77
CA CA HN . 121.49 65.38 -25.88
CA CA IN . 107.30 40.04 -48.24
CA CA JN . -81.39 -68.66 96.68
CA CA KN . -61.63 -59.75 111.23
CA CA LN . -109.44 -55.58 75.90
CA CA MN . -79.34 -37.46 87.45
CA CA NN . -75.37 -25.93 117.20
CA CA ON . -92.18 -9.47 106.98
CA CA PN . -110.62 -29.80 81.63
CA CA QN . -106.90 -41.02 46.43
CA CA RN . -123.13 -61.98 27.71
CA CA SN . -112.96 -77.45 45.54
CA CA TN . -135.79 -27.19 28.29
CA CA UN . -120.70 -19.90 47.64
CA CA VN . -92.08 -80.89 20.74
CA CA WN . -86.49 -104.21 48.61
CA CA XN . -98.19 -101.83 -8.77
CA CA YN . -82.36 -111.62 23.54
CA CA ZN . -54.36 -101.60 45.53
CA CA AO . -44.37 -110.18 75.55
CA CA BO . -67.43 -98.98 79.74
CA CA CO . -27.52 -73.05 118.31
CA CA DO . -46.43 -75.02 86.72
CA CA EO . -77.11 35.02 115.62
CA CA FO . -64.93 7.08 105.45
CA CA GO . -95.52 26.34 98.80
CA CA HO . -49.32 -3.52 131.49
CA CA IO . -47.37 22.73 133.76
CA CA JO . 1.15 36.40 135.04
CA CA KO . -20.92 49.21 132.47
CA CA LO . -14.81 15.45 116.54
CA CA MO . -13.92 -12.06 140.25
CA CA NO . -34.18 76.71 113.54
CA CA OO . -13.55 90.46 104.91
CA CA PO . -40.93 80.87 82.30
CA CA QO . -31.12 110.76 80.19
CA CA RO . -73.45 84.80 82.57
CA CA SO . -68.64 69.14 103.31
CA CA TO . -79.50 48.31 81.48
CA CA UO . -114.01 42.99 71.09
CA CA VO . -102.57 66.38 69.34
CA CA WO . 106.28 -49.33 39.42
CA CA XO . 125.59 -68.91 15.00
CA CA YO . 100.19 -71.52 67.65
#